data_9HAT
#
_entry.id   9HAT
#
_cell.length_a   1.00
_cell.length_b   1.00
_cell.length_c   1.00
_cell.angle_alpha   90.00
_cell.angle_beta   90.00
_cell.angle_gamma   90.00
#
_symmetry.space_group_name_H-M   'P 1'
#
_entity_poly.entity_id   1
_entity_poly.type   'polypeptide(L)'
_entity_poly.pdbx_seq_one_letter_code
;AARSSIVLTDGTTPVTLTPVGGGVGQTLYRATAEALSAANPSLSFGYRFTDGGTNRQSLSYKQPITAVDSTTSETLVRGQ
CVVDINIVIPRVATATDRAEAIKRAFDVLNALNAELITGEGQW
;
_entity_poly.pdbx_strand_id   AA,AC,AD,AE,AG,AH,AI,AK,AL,AM,AO,AP,AQ,AS,AT,AU,AW,AX,AY,BA,BB,BC,BE,BF,BG,BI,BJ,BK,BM,BN,BO,BQ,BR,BS,BU,BV,BW,BY,BZ,CA,CC,CD,CE,CG,CH,CI,CK,CL,CM,CO,CP,CQ,CS,CT,CU,CW,CX,CY,DA,DB,DC,DE,DF,DG,DI,DJ,DK,DM,DN,DO,DQ,DR,DS,DU,DV,DW,DY,DZ,EA,EC,ED,EE,EG,EH,EI,EK,EL,EM,EO,EP,EQ,ES,ET,EU,EW,EX,EY,FA,FB,FC,FE,FF,FG,FI,FJ,FK,FM,FN,FO,FQ,FR,FS,FU,FV,FW,FY,FZ,GA,GC,GD,GE,GG,GH,GI,GK,GL,GM,GO,GP,GQ,GS,GT,GU,GW,GX,GY,HA,HB,HC,HE,HF,HG,HI,HJ,HK,HM,HN,HO,HQ,HR,HS,HU,HV,HW,HY,HZ,IA,IC,ID,IE,IG,IH,II,IK,IL,IM,IO,IP,IQ,IS,IT,IU,IW,IX,IY,JA,JB,JC,JE,JF
#
# COMPACT_ATOMS: atom_id res chain seq x y z
N ALA A 1 -13.15 23.16 127.86
CA ALA A 1 -12.13 23.54 128.83
C ALA A 1 -10.83 22.80 128.56
N ALA A 2 -9.86 22.92 129.46
CA ALA A 2 -8.61 22.21 129.30
C ALA A 2 -8.84 20.70 129.40
N ARG A 3 -8.19 19.95 128.53
CA ARG A 3 -8.34 18.51 128.49
C ARG A 3 -7.85 17.89 129.79
N SER A 4 -8.62 16.95 130.32
CA SER A 4 -8.30 16.29 131.58
C SER A 4 -8.85 14.87 131.53
N SER A 5 -8.94 14.23 132.70
CA SER A 5 -9.47 12.89 132.79
C SER A 5 -10.98 12.93 133.02
N ILE A 6 -11.64 11.84 132.63
CA ILE A 6 -13.08 11.69 132.81
C ILE A 6 -13.38 10.35 133.45
N VAL A 7 -14.52 10.28 134.14
CA VAL A 7 -14.78 9.21 135.10
C VAL A 7 -16.06 8.49 134.67
N LEU A 8 -16.23 8.33 133.35
CA LEU A 8 -17.37 7.58 132.80
C LEU A 8 -17.72 6.38 133.65
N THR A 9 -18.98 6.30 134.05
CA THR A 9 -19.44 5.28 134.99
C THR A 9 -20.83 4.82 134.61
N ASP A 10 -21.28 3.74 135.26
CA ASP A 10 -22.64 3.27 135.11
C ASP A 10 -23.22 2.90 136.47
N GLY A 11 -22.73 3.54 137.53
CA GLY A 11 -23.27 3.33 138.85
C GLY A 11 -22.49 2.37 139.71
N THR A 12 -21.88 1.36 139.09
CA THR A 12 -21.17 0.34 139.84
C THR A 12 -19.70 0.20 139.47
N THR A 13 -19.34 0.37 138.20
CA THR A 13 -17.96 0.18 137.74
C THR A 13 -17.51 1.41 136.98
N PRO A 14 -16.97 2.41 137.68
CA PRO A 14 -16.44 3.60 137.01
C PRO A 14 -15.23 3.26 136.16
N VAL A 15 -15.04 4.05 135.11
CA VAL A 15 -13.90 3.90 134.20
C VAL A 15 -13.24 5.26 134.07
N THR A 16 -11.96 5.33 134.44
CA THR A 16 -11.19 6.56 134.31
C THR A 16 -10.51 6.57 132.95
N LEU A 17 -10.80 7.58 132.15
CA LEU A 17 -10.21 7.75 130.83
C LEU A 17 -9.27 8.94 130.85
N THR A 18 -8.20 8.85 130.05
CA THR A 18 -7.20 9.89 129.96
C THR A 18 -6.98 10.25 128.50
N PRO A 19 -6.64 11.50 128.19
CA PRO A 19 -6.44 11.90 126.80
C PRO A 19 -5.10 11.44 126.27
N VAL A 20 -5.11 10.63 125.21
CA VAL A 20 -3.87 10.03 124.72
C VAL A 20 -3.67 10.36 123.24
N GLY A 21 -4.26 11.46 122.78
CA GLY A 21 -4.10 11.85 121.41
C GLY A 21 -5.16 12.86 121.00
N GLY A 22 -5.30 13.02 119.69
CA GLY A 22 -6.29 13.91 119.14
C GLY A 22 -5.73 14.90 118.15
N GLY A 23 -6.17 16.14 118.23
CA GLY A 23 -5.71 17.16 117.30
C GLY A 23 -6.49 18.45 117.50
N VAL A 24 -6.79 19.10 116.38
CA VAL A 24 -7.64 20.28 116.40
C VAL A 24 -9.07 19.83 116.13
N GLY A 25 -9.98 20.14 117.06
CA GLY A 25 -11.34 19.65 116.97
C GLY A 25 -11.45 18.16 117.13
N GLN A 26 -10.69 17.60 118.08
CA GLN A 26 -10.68 16.16 118.33
C GLN A 26 -9.91 15.90 119.61
N THR A 27 -10.34 14.89 120.36
CA THR A 27 -9.66 14.54 121.61
C THR A 27 -9.96 13.07 121.92
N LEU A 28 -9.01 12.20 121.59
CA LEU A 28 -9.15 10.79 121.93
C LEU A 28 -8.99 10.59 123.44
N TYR A 29 -9.61 9.53 123.94
CA TYR A 29 -9.47 9.12 125.33
C TYR A 29 -9.24 7.61 125.35
N ARG A 30 -8.64 7.15 126.44
CA ARG A 30 -8.49 5.71 126.62
C ARG A 30 -8.43 5.42 128.11
N ALA A 31 -8.99 4.28 128.51
CA ALA A 31 -8.93 3.89 129.90
C ALA A 31 -7.50 3.57 130.29
N THR A 32 -7.13 3.91 131.52
CA THR A 32 -5.74 3.79 131.96
C THR A 32 -5.25 2.36 131.78
N ALA A 33 -5.84 1.42 132.51
CA ALA A 33 -5.54 0.01 132.33
C ALA A 33 -6.65 -0.80 132.98
N GLU A 34 -7.40 -1.56 132.18
CA GLU A 34 -8.35 -2.50 132.76
C GLU A 34 -7.66 -3.82 133.12
N ALA A 35 -7.23 -4.57 132.10
CA ALA A 35 -6.38 -5.73 132.31
C ALA A 35 -5.30 -5.92 131.26
N LEU A 36 -5.40 -5.27 130.10
CA LEU A 36 -4.45 -5.41 129.01
C LEU A 36 -4.81 -4.34 127.97
N SER A 37 -4.08 -4.34 126.86
CA SER A 37 -4.45 -3.47 125.75
C SER A 37 -5.50 -4.16 124.89
N ALA A 38 -6.22 -3.35 124.12
CA ALA A 38 -7.37 -3.73 123.29
C ALA A 38 -8.57 -4.15 124.12
N ALA A 39 -8.45 -4.20 125.44
CA ALA A 39 -9.56 -4.45 126.34
C ALA A 39 -9.84 -3.21 127.18
N ASN A 40 -9.60 -2.04 126.60
CA ASN A 40 -9.78 -0.77 127.27
C ASN A 40 -10.74 0.11 126.46
N PRO A 41 -11.77 0.66 127.09
CA PRO A 41 -12.72 1.51 126.36
C PRO A 41 -12.08 2.82 125.91
N SER A 42 -12.67 3.40 124.87
CA SER A 42 -12.20 4.68 124.35
C SER A 42 -13.39 5.59 124.12
N LEU A 43 -13.15 6.90 124.17
CA LEU A 43 -14.19 7.92 124.13
C LEU A 43 -13.82 9.02 123.14
N SER A 44 -13.58 8.65 121.88
CA SER A 44 -13.24 9.64 120.87
C SER A 44 -14.28 10.75 120.83
N PHE A 45 -13.81 12.00 120.76
CA PHE A 45 -14.70 13.15 120.88
C PHE A 45 -14.22 14.24 119.93
N GLY A 46 -15.03 14.57 118.93
CA GLY A 46 -14.72 15.64 118.00
C GLY A 46 -15.72 16.78 118.09
N TYR A 47 -15.37 17.88 117.44
CA TYR A 47 -16.18 19.09 117.45
C TYR A 47 -15.66 20.02 116.37
N ARG A 48 -16.59 20.69 115.70
CA ARG A 48 -16.20 21.61 114.63
C ARG A 48 -17.37 22.55 114.35
N PHE A 49 -17.05 23.64 113.66
CA PHE A 49 -18.03 24.62 113.22
C PHE A 49 -18.01 24.69 111.70
N THR A 50 -19.18 24.54 111.08
CA THR A 50 -19.29 24.69 109.64
C THR A 50 -19.42 26.16 109.27
N ASP A 51 -19.90 26.44 108.05
CA ASP A 51 -20.10 27.81 107.60
C ASP A 51 -20.87 28.64 108.62
N GLY A 52 -21.98 28.10 109.11
CA GLY A 52 -22.74 28.73 110.16
C GLY A 52 -22.21 28.34 111.53
N GLY A 53 -22.93 28.74 112.56
CA GLY A 53 -22.54 28.40 113.92
C GLY A 53 -23.01 27.02 114.32
N THR A 54 -23.13 26.12 113.34
CA THR A 54 -23.62 24.77 113.58
C THR A 54 -22.58 24.02 114.41
N ASN A 55 -22.82 23.96 115.72
CA ASN A 55 -21.88 23.34 116.65
C ASN A 55 -21.89 21.82 116.50
N ARG A 56 -21.33 21.32 115.40
CA ARG A 56 -21.43 19.91 115.05
C ARG A 56 -20.44 19.10 115.88
N GLN A 57 -20.81 18.85 117.13
CA GLN A 57 -20.04 17.96 117.98
C GLN A 57 -20.32 16.50 117.64
N SER A 58 -19.41 15.63 118.04
CA SER A 58 -19.54 14.21 117.75
C SER A 58 -18.83 13.41 118.83
N LEU A 59 -19.38 12.23 119.13
CA LEU A 59 -18.80 11.36 120.13
C LEU A 59 -18.78 9.93 119.59
N SER A 60 -17.93 9.10 120.20
CA SER A 60 -17.85 7.69 119.85
C SER A 60 -17.22 6.97 121.01
N TYR A 61 -18.02 6.20 121.74
CA TYR A 61 -17.56 5.41 122.87
C TYR A 61 -17.53 3.95 122.45
N LYS A 62 -16.36 3.33 122.55
CA LYS A 62 -16.17 1.94 122.14
C LYS A 62 -15.69 1.14 123.35
N GLN A 63 -16.47 0.14 123.73
CA GLN A 63 -16.12 -0.74 124.83
C GLN A 63 -15.94 -2.14 124.30
N PRO A 64 -14.76 -2.75 124.39
CA PRO A 64 -14.53 -4.06 123.79
C PRO A 64 -14.94 -5.21 124.71
N ILE A 65 -15.46 -6.25 124.08
CA ILE A 65 -15.98 -7.42 124.77
C ILE A 65 -14.86 -8.45 124.84
N THR A 66 -14.36 -8.72 126.04
CA THR A 66 -13.25 -9.63 126.23
C THR A 66 -13.75 -10.92 126.86
N ALA A 67 -13.06 -12.02 126.54
CA ALA A 67 -13.43 -13.34 127.04
C ALA A 67 -12.20 -14.22 127.10
N VAL A 68 -12.21 -15.16 128.05
CA VAL A 68 -11.08 -16.05 128.23
C VAL A 68 -11.03 -17.07 127.10
N ASP A 69 -9.82 -17.59 126.86
CA ASP A 69 -9.55 -18.55 125.79
C ASP A 69 -8.88 -19.79 126.37
N SER A 70 -9.56 -20.40 127.36
CA SER A 70 -9.03 -21.46 128.22
C SER A 70 -8.12 -22.46 127.51
N THR A 71 -8.40 -22.79 126.25
CA THR A 71 -7.47 -23.62 125.49
C THR A 71 -6.06 -23.03 125.48
N THR A 72 -5.96 -21.70 125.53
CA THR A 72 -4.67 -21.02 125.68
C THR A 72 -4.62 -20.10 126.88
N SER A 73 -5.77 -19.77 127.48
CA SER A 73 -5.87 -18.92 128.67
C SER A 73 -5.40 -17.50 128.42
N GLU A 74 -5.53 -17.02 127.18
CA GLU A 74 -5.20 -15.64 126.82
C GLU A 74 -6.50 -14.87 126.58
N THR A 75 -6.62 -13.71 127.23
CA THR A 75 -7.88 -12.97 127.25
C THR A 75 -8.08 -12.25 125.92
N LEU A 76 -8.50 -13.04 124.92
CA LEU A 76 -8.76 -12.48 123.60
C LEU A 76 -10.03 -11.62 123.61
N VAL A 77 -10.07 -10.64 122.72
CA VAL A 77 -11.21 -9.75 122.56
C VAL A 77 -11.98 -10.16 121.31
N ARG A 78 -13.31 -10.28 121.44
CA ARG A 78 -14.16 -10.75 120.35
C ARG A 78 -14.62 -9.60 119.46
N GLY A 79 -15.33 -8.64 120.04
CA GLY A 79 -15.84 -7.49 119.30
C GLY A 79 -15.93 -6.26 120.18
N GLN A 80 -16.73 -5.27 119.80
CA GLN A 80 -16.85 -4.05 120.57
C GLN A 80 -18.27 -3.51 120.47
N CYS A 81 -18.70 -2.84 121.55
CA CYS A 81 -19.96 -2.11 121.57
C CYS A 81 -19.67 -0.64 121.30
N VAL A 82 -20.40 -0.06 120.35
CA VAL A 82 -20.13 1.28 119.85
C VAL A 82 -21.35 2.14 120.09
N VAL A 83 -21.16 3.31 120.70
CA VAL A 83 -22.22 4.28 120.91
C VAL A 83 -21.76 5.61 120.34
N ASP A 84 -22.53 6.14 119.38
CA ASP A 84 -22.21 7.41 118.75
C ASP A 84 -23.28 8.43 119.11
N ILE A 85 -22.89 9.49 119.80
CA ILE A 85 -23.83 10.55 120.13
C ILE A 85 -23.46 11.81 119.36
N ASN A 86 -24.05 11.99 118.19
CA ASN A 86 -23.80 13.20 117.41
C ASN A 86 -24.76 14.31 117.84
N ILE A 87 -24.25 15.53 117.85
CA ILE A 87 -25.01 16.69 118.28
C ILE A 87 -24.82 17.80 117.25
N VAL A 88 -25.92 18.41 116.83
CA VAL A 88 -25.87 19.54 115.91
C VAL A 88 -26.76 20.65 116.45
N ILE A 89 -26.18 21.81 116.72
CA ILE A 89 -26.91 22.97 117.20
C ILE A 89 -26.59 24.14 116.28
N PRO A 90 -27.58 24.76 115.64
CA PRO A 90 -27.28 25.83 114.68
C PRO A 90 -26.93 27.12 115.39
N ARG A 91 -26.53 28.12 114.58
CA ARG A 91 -26.19 29.42 115.14
C ARG A 91 -27.40 30.09 115.78
N VAL A 92 -28.58 29.92 115.20
CA VAL A 92 -29.78 30.64 115.61
C VAL A 92 -30.29 30.12 116.95
N ALA A 93 -29.58 29.15 117.52
CA ALA A 93 -30.03 28.50 118.74
C ALA A 93 -29.79 29.39 119.96
N THR A 94 -30.84 29.59 120.74
CA THR A 94 -30.70 30.25 122.03
C THR A 94 -29.90 29.35 122.97
N ALA A 95 -29.12 29.98 123.86
CA ALA A 95 -28.30 29.22 124.81
C ALA A 95 -29.11 28.31 125.71
N THR A 96 -30.41 28.57 125.88
CA THR A 96 -31.27 27.68 126.65
C THR A 96 -31.88 26.57 125.81
N ASP A 97 -32.01 26.77 124.51
CA ASP A 97 -32.50 25.70 123.64
C ASP A 97 -31.48 24.57 123.54
N ARG A 98 -30.19 24.92 123.49
CA ARG A 98 -29.15 23.89 123.38
C ARG A 98 -29.14 22.98 124.60
N ALA A 99 -29.18 23.57 125.80
CA ALA A 99 -29.20 22.76 127.01
C ALA A 99 -30.44 21.90 127.09
N GLU A 100 -31.59 22.48 126.74
CA GLU A 100 -32.85 21.73 126.73
C GLU A 100 -32.73 20.52 125.81
N ALA A 101 -32.28 20.74 124.58
CA ALA A 101 -32.20 19.65 123.61
C ALA A 101 -31.23 18.57 124.09
N ILE A 102 -30.05 18.97 124.57
CA ILE A 102 -29.04 17.98 124.95
C ILE A 102 -29.54 17.15 126.11
N LYS A 103 -30.06 17.78 127.16
CA LYS A 103 -30.49 17.02 128.33
C LYS A 103 -31.69 16.15 128.00
N ARG A 104 -32.63 16.65 127.21
CA ARG A 104 -33.79 15.85 126.84
C ARG A 104 -33.37 14.62 126.03
N ALA A 105 -32.50 14.81 125.04
CA ALA A 105 -32.06 13.69 124.23
C ALA A 105 -31.26 12.68 125.04
N PHE A 106 -30.53 13.14 126.06
CA PHE A 106 -29.83 12.18 126.92
C PHE A 106 -30.75 11.53 127.93
N ASP A 107 -31.94 12.08 128.16
CA ASP A 107 -32.91 11.43 129.04
C ASP A 107 -33.63 10.26 128.37
N VAL A 108 -33.26 9.91 127.13
CA VAL A 108 -33.93 8.82 126.44
C VAL A 108 -33.77 7.52 127.21
N LEU A 109 -32.54 7.22 127.65
CA LEU A 109 -32.29 5.97 128.36
C LEU A 109 -33.16 5.85 129.60
N ASN A 110 -33.38 6.96 130.30
CA ASN A 110 -34.33 6.94 131.41
C ASN A 110 -35.74 6.69 130.92
N ALA A 111 -36.11 7.29 129.78
CA ALA A 111 -37.47 7.12 129.27
C ALA A 111 -37.61 5.83 128.45
N LEU A 112 -36.88 5.73 127.35
CA LEU A 112 -37.01 4.59 126.44
C LEU A 112 -36.01 3.50 126.81
N ASN A 113 -36.18 2.97 128.02
CA ASN A 113 -35.13 2.16 128.63
C ASN A 113 -35.06 0.77 128.03
N ALA A 114 -36.14 -0.01 128.15
CA ALA A 114 -36.09 -1.45 127.94
C ALA A 114 -35.65 -1.83 126.53
N GLU A 115 -35.87 -0.98 125.54
CA GLU A 115 -35.47 -1.31 124.17
C GLU A 115 -34.00 -1.01 123.89
N LEU A 116 -33.32 -0.28 124.79
CA LEU A 116 -31.90 0.01 124.65
C LEU A 116 -31.05 -0.92 125.50
N ILE A 117 -31.37 -1.02 126.79
CA ILE A 117 -30.59 -1.85 127.71
C ILE A 117 -30.66 -3.31 127.30
N THR A 118 -31.86 -3.79 126.99
CA THR A 118 -32.07 -5.22 126.78
C THR A 118 -31.91 -5.62 125.31
N GLY A 119 -32.22 -4.73 124.38
CA GLY A 119 -32.09 -5.02 122.97
C GLY A 119 -33.32 -5.58 122.30
N GLU A 120 -34.43 -5.73 123.02
CA GLU A 120 -35.65 -6.25 122.43
C GLU A 120 -36.22 -5.28 121.40
N GLY A 121 -36.84 -5.83 120.37
CA GLY A 121 -37.47 -5.05 119.34
C GLY A 121 -38.92 -4.81 119.65
N GLN A 122 -39.27 -3.56 119.91
CA GLN A 122 -40.64 -3.23 120.30
C GLN A 122 -41.61 -3.49 119.16
N TRP A 123 -42.82 -3.92 119.53
CA TRP A 123 -43.83 -4.34 118.56
C TRP A 123 -44.97 -3.33 118.46
N ALA B 1 -0.95 11.83 136.69
CA ALA B 1 -0.18 11.91 135.46
C ALA B 1 -0.36 13.25 134.77
N ALA B 2 -0.58 14.29 135.57
CA ALA B 2 -0.63 15.66 135.06
C ALA B 2 0.78 16.19 134.88
N ARG B 3 0.89 17.24 134.06
CA ARG B 3 2.20 17.80 133.76
C ARG B 3 2.71 18.64 134.92
N SER B 4 3.89 18.28 135.42
CA SER B 4 4.53 18.99 136.51
C SER B 4 6.03 18.82 136.38
N SER B 5 6.77 19.54 137.23
CA SER B 5 8.22 19.47 137.18
C SER B 5 8.71 18.10 137.62
N ILE B 6 9.73 17.59 136.93
CA ILE B 6 10.33 16.30 137.23
C ILE B 6 11.78 16.53 137.64
N VAL B 7 12.31 15.59 138.42
CA VAL B 7 13.54 15.80 139.17
C VAL B 7 14.59 14.77 138.77
N LEU B 8 14.67 14.46 137.47
CA LEU B 8 15.71 13.60 136.93
C LEU B 8 17.04 13.81 137.63
N THR B 9 17.65 12.70 138.07
CA THR B 9 18.89 12.78 138.83
C THR B 9 19.73 11.54 138.55
N ASP B 10 21.04 11.68 138.74
CA ASP B 10 21.97 10.58 138.59
C ASP B 10 22.48 10.06 139.93
N GLY B 11 22.07 10.68 141.03
CA GLY B 11 22.57 10.29 142.34
C GLY B 11 23.35 11.41 142.98
N THR B 12 24.14 12.13 142.19
CA THR B 12 24.98 13.20 142.71
C THR B 12 24.30 14.56 142.60
N THR B 13 23.96 14.98 141.39
CA THR B 13 23.38 16.30 141.14
C THR B 13 22.01 16.14 140.49
N PRO B 14 20.92 16.47 141.18
CA PRO B 14 19.61 16.42 140.54
C PRO B 14 19.38 17.64 139.66
N VAL B 15 18.67 17.43 138.56
CA VAL B 15 18.26 18.52 137.67
C VAL B 15 16.74 18.51 137.59
N THR B 16 16.14 19.68 137.78
CA THR B 16 14.69 19.83 137.80
C THR B 16 14.24 20.37 136.45
N LEU B 17 13.51 19.57 135.70
CA LEU B 17 12.97 19.98 134.41
C LEU B 17 11.52 20.41 134.59
N THR B 18 11.17 21.58 134.05
CA THR B 18 9.80 22.05 134.10
C THR B 18 9.20 22.02 132.71
N PRO B 19 7.90 21.81 132.57
CA PRO B 19 7.30 21.77 131.24
C PRO B 19 7.42 23.13 130.54
N VAL B 20 7.65 23.08 129.24
CA VAL B 20 7.73 24.29 128.43
C VAL B 20 6.87 24.13 127.19
N GLY B 21 5.89 23.22 127.24
CA GLY B 21 4.94 23.15 126.15
C GLY B 21 4.60 21.75 125.67
N GLY B 22 4.21 21.65 124.40
CA GLY B 22 3.97 20.38 123.77
C GLY B 22 2.55 20.16 123.28
N GLY B 23 1.56 20.50 124.08
CA GLY B 23 0.19 20.24 123.68
C GLY B 23 -0.21 18.80 123.90
N VAL B 24 -1.13 18.29 123.09
CA VAL B 24 -1.64 16.92 123.23
C VAL B 24 -0.77 16.00 122.40
N GLY B 25 -0.48 14.82 122.94
CA GLY B 25 0.38 13.87 122.27
C GLY B 25 1.85 14.02 122.54
N GLN B 26 2.27 15.02 123.32
CA GLN B 26 3.68 15.19 123.64
C GLN B 26 3.79 16.16 124.81
N THR B 27 5.02 16.27 125.32
CA THR B 27 5.31 17.18 126.42
C THR B 27 6.80 17.50 126.39
N LEU B 28 7.13 18.78 126.27
CA LEU B 28 8.51 19.21 126.27
C LEU B 28 8.90 19.70 127.66
N TYR B 29 10.09 19.32 128.10
CA TYR B 29 10.59 19.75 129.40
C TYR B 29 11.89 20.52 129.19
N ARG B 30 12.26 21.30 130.20
CA ARG B 30 13.53 22.00 130.18
C ARG B 30 13.87 22.53 131.56
N ALA B 31 15.13 22.42 131.97
CA ALA B 31 15.57 22.97 133.24
C ALA B 31 15.83 24.46 133.11
N THR B 32 16.18 25.10 134.22
CA THR B 32 16.45 26.54 134.15
C THR B 32 17.88 26.80 133.70
N ALA B 33 18.86 26.47 134.55
CA ALA B 33 20.28 26.75 134.31
C ALA B 33 20.47 28.08 133.60
N GLU B 34 19.80 29.10 134.15
CA GLU B 34 19.59 30.35 133.43
C GLU B 34 20.92 31.02 133.08
N ALA B 35 20.90 31.79 131.99
CA ALA B 35 22.07 32.56 131.56
C ALA B 35 23.26 31.63 131.32
N LEU B 36 23.16 30.85 130.24
CA LEU B 36 22.28 30.98 129.09
C LEU B 36 21.02 30.13 129.24
N SER B 37 20.03 30.37 128.38
CA SER B 37 18.79 29.61 128.43
C SER B 37 18.78 28.41 127.50
N ALA B 38 19.68 28.36 126.53
CA ALA B 38 19.81 27.21 125.64
C ALA B 38 20.82 26.20 126.13
N ALA B 39 21.49 26.47 127.23
CA ALA B 39 22.48 25.56 127.81
C ALA B 39 21.91 24.83 129.02
N ASN B 40 20.86 24.04 128.81
CA ASN B 40 20.28 23.24 129.88
C ASN B 40 19.56 22.05 129.27
N PRO B 41 19.42 20.95 130.00
CA PRO B 41 18.88 19.72 129.42
C PRO B 41 17.38 19.84 129.12
N SER B 42 16.93 18.94 128.25
CA SER B 42 15.54 18.89 127.82
C SER B 42 15.12 17.44 127.65
N LEU B 43 13.81 17.19 127.76
CA LEU B 43 13.24 15.84 127.81
C LEU B 43 12.02 15.71 126.90
N SER B 44 12.19 15.99 125.61
CA SER B 44 11.06 15.89 124.69
C SER B 44 10.43 14.51 124.76
N PHE B 45 9.19 14.44 125.26
CA PHE B 45 8.50 13.19 125.51
C PHE B 45 7.18 13.16 124.76
N GLY B 46 7.03 12.23 123.83
CA GLY B 46 5.81 12.08 123.07
C GLY B 46 5.22 10.69 123.21
N TYR B 47 3.95 10.57 122.83
CA TYR B 47 3.23 9.32 122.95
C TYR B 47 2.01 9.36 122.04
N ARG B 48 1.64 8.22 121.50
CA ARG B 48 0.49 8.14 120.60
C ARG B 48 0.02 6.69 120.54
N PHE B 49 -1.19 6.50 120.03
CA PHE B 49 -1.76 5.17 119.78
C PHE B 49 -2.07 5.06 118.29
N THR B 50 -1.59 3.99 117.66
CA THR B 50 -1.78 3.79 116.24
C THR B 50 -3.18 3.21 115.98
N ASP B 51 -3.38 2.68 114.77
CA ASP B 51 -4.67 2.10 114.41
C ASP B 51 -5.13 1.06 115.43
N GLY B 52 -4.20 0.21 115.88
CA GLY B 52 -4.53 -0.73 116.93
C GLY B 52 -4.34 -0.11 118.29
N GLY B 53 -3.89 -0.91 119.26
CA GLY B 53 -3.60 -0.39 120.58
C GLY B 53 -2.10 -0.24 120.76
N THR B 54 -1.37 -0.18 119.66
CA THR B 54 0.09 -0.13 119.69
C THR B 54 0.52 1.20 120.26
N ASN B 55 0.88 1.21 121.53
CA ASN B 55 1.33 2.41 122.22
C ASN B 55 2.77 2.69 121.80
N ARG B 56 2.98 3.83 121.14
CA ARG B 56 4.31 4.20 120.65
C ARG B 56 4.80 5.40 121.44
N GLN B 57 5.45 5.13 122.56
CA GLN B 57 6.03 6.20 123.36
C GLN B 57 7.44 6.51 122.87
N SER B 58 7.89 7.73 123.14
CA SER B 58 9.18 8.17 122.67
C SER B 58 9.75 9.24 123.58
N LEU B 59 11.00 9.10 124.01
CA LEU B 59 11.65 10.10 124.83
C LEU B 59 12.96 10.50 124.17
N SER B 60 13.31 11.77 124.34
CA SER B 60 14.58 12.27 123.81
C SER B 60 15.13 13.24 124.85
N TYR B 61 16.19 12.84 125.53
CA TYR B 61 16.82 13.65 126.55
C TYR B 61 18.12 14.19 125.99
N LYS B 62 18.23 15.52 125.94
CA LYS B 62 19.42 16.18 125.43
C LYS B 62 20.05 17.01 126.54
N GLN B 63 21.35 16.81 126.75
CA GLN B 63 22.08 17.60 127.72
C GLN B 63 23.22 18.31 127.03
N PRO B 64 23.24 19.64 126.98
CA PRO B 64 24.33 20.35 126.31
C PRO B 64 25.54 20.50 127.20
N ILE B 65 26.70 20.53 126.56
CA ILE B 65 27.99 20.60 127.23
C ILE B 65 28.41 22.06 127.26
N THR B 66 28.44 22.64 128.46
CA THR B 66 28.71 24.05 128.65
C THR B 66 30.19 24.28 128.89
N ALA B 67 30.60 25.55 128.76
CA ALA B 67 31.99 25.94 128.99
C ALA B 67 31.99 27.43 129.30
N VAL B 68 32.24 27.78 130.57
CA VAL B 68 32.21 29.18 130.98
C VAL B 68 33.50 29.85 130.51
N ASP B 69 33.38 30.73 129.52
CA ASP B 69 34.52 31.42 128.93
C ASP B 69 34.92 32.56 129.87
N SER B 70 35.93 32.30 130.71
CA SER B 70 36.32 33.26 131.73
C SER B 70 36.81 34.58 131.14
N THR B 71 37.30 34.56 129.90
CA THR B 71 37.77 35.80 129.27
C THR B 71 36.63 36.78 129.09
N THR B 72 35.53 36.32 128.52
CA THR B 72 34.37 37.15 128.23
C THR B 72 33.26 37.00 129.28
N SER B 73 33.28 35.91 130.05
CA SER B 73 32.27 35.58 131.05
C SER B 73 30.91 35.35 130.39
N GLU B 74 30.91 34.44 129.43
CA GLU B 74 29.69 33.99 128.77
C GLU B 74 29.73 32.48 128.63
N THR B 75 28.57 31.85 128.71
CA THR B 75 28.48 30.41 128.60
C THR B 75 28.38 30.00 127.14
N LEU B 76 29.25 29.09 126.72
CA LEU B 76 29.28 28.61 125.36
C LEU B 76 28.82 27.16 125.31
N VAL B 77 28.14 26.79 124.24
CA VAL B 77 27.62 25.44 124.06
C VAL B 77 28.47 24.74 123.01
N ARG B 78 29.12 23.64 123.41
CA ARG B 78 30.04 22.93 122.54
C ARG B 78 29.39 21.76 121.81
N GLY B 79 28.35 21.18 122.39
CA GLY B 79 27.67 20.06 121.78
C GLY B 79 26.61 19.56 122.73
N GLN B 80 26.02 18.42 122.41
CA GLN B 80 25.01 17.86 123.30
C GLN B 80 25.03 16.33 123.26
N CYS B 81 24.90 15.75 124.44
CA CYS B 81 24.69 14.31 124.56
C CYS B 81 23.21 14.03 124.42
N VAL B 82 22.86 13.14 123.49
CA VAL B 82 21.48 12.83 123.15
C VAL B 82 21.20 11.39 123.49
N VAL B 83 20.10 11.14 124.19
CA VAL B 83 19.66 9.79 124.51
C VAL B 83 18.22 9.65 124.04
N ASP B 84 17.98 8.77 123.09
CA ASP B 84 16.64 8.48 122.60
C ASP B 84 16.17 7.14 123.17
N ILE B 85 14.91 7.08 123.55
CA ILE B 85 14.32 5.87 124.11
C ILE B 85 12.96 5.71 123.45
N ASN B 86 12.87 4.83 122.46
CA ASN B 86 11.58 4.52 121.85
C ASN B 86 11.01 3.26 122.47
N ILE B 87 9.70 3.28 122.72
CA ILE B 87 9.01 2.16 123.33
C ILE B 87 7.81 1.83 122.47
N VAL B 88 7.71 0.59 122.01
CA VAL B 88 6.58 0.12 121.25
C VAL B 88 5.91 -1.00 122.03
N ILE B 89 4.62 -0.86 122.27
CA ILE B 89 3.88 -1.89 123.00
C ILE B 89 2.71 -2.34 122.12
N PRO B 90 2.67 -3.60 121.72
CA PRO B 90 1.63 -4.04 120.77
C PRO B 90 0.25 -4.08 121.40
N ARG B 91 -0.75 -4.31 120.55
CA ARG B 91 -2.14 -4.35 120.98
C ARG B 91 -2.42 -5.49 121.95
N VAL B 92 -1.61 -6.55 121.92
CA VAL B 92 -1.91 -7.78 122.63
C VAL B 92 -1.15 -7.90 123.94
N ALA B 93 -0.51 -6.82 124.39
CA ALA B 93 0.39 -6.89 125.53
C ALA B 93 -0.39 -6.72 126.84
N THR B 94 -0.17 -7.63 127.77
CA THR B 94 -0.80 -7.55 129.08
C THR B 94 -0.21 -6.40 129.88
N ALA B 95 -0.93 -5.97 130.91
CA ALA B 95 -0.53 -4.84 131.73
C ALA B 95 0.70 -5.12 132.58
N THR B 96 1.02 -6.38 132.87
CA THR B 96 2.23 -6.71 133.60
C THR B 96 3.41 -7.01 132.70
N ASP B 97 3.15 -7.46 131.47
CA ASP B 97 4.22 -7.62 130.50
C ASP B 97 4.82 -6.27 130.13
N ARG B 98 4.00 -5.22 130.08
CA ARG B 98 4.51 -3.88 129.88
C ARG B 98 5.53 -3.52 130.95
N ALA B 99 5.17 -3.70 132.21
CA ALA B 99 6.10 -3.37 133.30
C ALA B 99 7.35 -4.23 133.21
N GLU B 100 7.19 -5.53 132.96
CA GLU B 100 8.35 -6.40 132.83
C GLU B 100 9.30 -5.89 131.76
N ALA B 101 8.77 -5.63 130.55
CA ALA B 101 9.62 -5.21 129.44
C ALA B 101 10.29 -3.89 129.73
N ILE B 102 9.54 -2.92 130.24
CA ILE B 102 10.09 -1.58 130.44
C ILE B 102 11.18 -1.61 131.50
N LYS B 103 10.88 -2.20 132.67
CA LYS B 103 11.86 -2.19 133.74
C LYS B 103 13.04 -3.12 133.46
N ARG B 104 12.88 -4.07 132.53
CA ARG B 104 14.03 -4.86 132.13
C ARG B 104 14.92 -4.10 131.15
N ALA B 105 14.31 -3.38 130.20
CA ALA B 105 15.09 -2.60 129.26
C ALA B 105 15.84 -1.48 129.97
N PHE B 106 15.18 -0.81 130.92
CA PHE B 106 15.84 0.25 131.67
C PHE B 106 16.83 -0.29 132.70
N ASP B 107 16.88 -1.60 132.91
CA ASP B 107 17.87 -2.21 133.79
C ASP B 107 19.18 -2.53 133.09
N VAL B 108 19.29 -2.19 131.80
CA VAL B 108 20.53 -2.44 131.06
C VAL B 108 21.68 -1.68 131.70
N LEU B 109 21.44 -0.44 132.11
CA LEU B 109 22.49 0.38 132.69
C LEU B 109 23.14 -0.31 133.89
N ASN B 110 22.39 -1.15 134.61
CA ASN B 110 22.97 -1.91 135.70
C ASN B 110 23.66 -3.19 135.22
N ALA B 111 23.28 -3.70 134.04
CA ALA B 111 23.91 -4.90 133.51
C ALA B 111 25.06 -4.54 132.57
N LEU B 112 24.76 -3.76 131.54
CA LEU B 112 25.76 -3.35 130.56
C LEU B 112 26.37 -2.00 130.97
N ASN B 113 26.86 -1.97 132.21
CA ASN B 113 27.20 -0.70 132.84
C ASN B 113 28.46 -0.09 132.24
N ALA B 114 29.58 -0.83 132.28
CA ALA B 114 30.85 -0.27 131.85
C ALA B 114 30.86 0.10 130.37
N GLU B 115 30.02 -0.56 129.56
CA GLU B 115 29.96 -0.23 128.15
C GLU B 115 29.18 1.05 127.87
N LEU B 116 28.51 1.62 128.88
CA LEU B 116 27.72 2.82 128.71
C LEU B 116 28.25 3.99 129.52
N ILE B 117 28.56 3.78 130.80
CA ILE B 117 29.02 4.87 131.65
C ILE B 117 30.39 5.37 131.21
N THR B 118 31.30 4.45 130.89
CA THR B 118 32.66 4.82 130.51
C THR B 118 32.88 4.87 129.01
N GLY B 119 32.09 4.14 128.23
CA GLY B 119 32.20 4.18 126.79
C GLY B 119 33.02 3.08 126.15
N GLU B 120 33.43 2.08 126.93
CA GLU B 120 34.24 0.99 126.39
C GLU B 120 33.45 0.18 125.37
N GLY B 121 34.13 -0.77 124.77
CA GLY B 121 33.46 -1.81 123.99
C GLY B 121 33.91 -3.15 124.51
N GLN B 122 32.98 -4.08 124.55
CA GLN B 122 33.28 -5.40 125.09
C GLN B 122 34.15 -6.19 124.13
N TRP B 123 35.18 -6.83 124.67
CA TRP B 123 36.16 -7.53 123.85
C TRP B 123 35.99 -9.04 123.88
N ALA C 1 33.80 -5.04 130.12
CA ALA C 1 34.45 -6.33 130.21
C ALA C 1 34.10 -7.18 128.99
N ALA C 2 34.54 -8.44 129.00
CA ALA C 2 34.30 -9.31 127.87
C ALA C 2 32.83 -9.69 127.78
N ARG C 3 32.44 -10.19 126.60
CA ARG C 3 31.07 -10.65 126.41
C ARG C 3 30.75 -11.75 127.41
N SER C 4 29.79 -11.50 128.30
CA SER C 4 29.45 -12.48 129.32
C SER C 4 27.94 -12.63 129.42
N SER C 5 27.47 -13.29 130.48
CA SER C 5 26.05 -13.46 130.71
C SER C 5 25.52 -12.32 131.56
N ILE C 6 24.51 -11.62 131.05
CA ILE C 6 23.90 -10.51 131.76
C ILE C 6 22.61 -11.00 132.42
N VAL C 7 22.20 -10.29 133.47
CA VAL C 7 21.14 -10.75 134.35
C VAL C 7 19.99 -9.73 134.35
N LEU C 8 19.69 -9.16 133.18
CA LEU C 8 18.60 -8.22 133.01
C LEU C 8 17.38 -8.62 133.81
N THR C 9 16.97 -7.76 134.73
CA THR C 9 15.89 -8.07 135.67
C THR C 9 14.95 -6.88 135.77
N ASP C 10 13.96 -6.99 136.66
CA ASP C 10 13.06 -5.89 136.94
C ASP C 10 12.76 -5.75 138.43
N GLY C 11 13.46 -6.48 139.29
CA GLY C 11 13.22 -6.48 140.71
C GLY C 11 12.53 -7.72 141.22
N THR C 12 11.74 -8.39 140.38
CA THR C 12 11.05 -9.61 140.76
C THR C 12 11.47 -10.81 139.94
N THR C 13 11.44 -10.71 138.62
CA THR C 13 11.69 -11.85 137.73
C THR C 13 12.93 -11.61 136.88
N PRO C 14 14.09 -12.12 137.28
CA PRO C 14 15.29 -11.93 136.47
C PRO C 14 15.29 -12.82 135.24
N VAL C 15 16.07 -12.39 134.25
CA VAL C 15 16.28 -13.15 133.02
C VAL C 15 17.77 -13.09 132.69
N THR C 16 18.36 -14.24 132.40
CA THR C 16 19.77 -14.33 132.08
C THR C 16 19.95 -14.48 130.58
N LEU C 17 20.80 -13.65 129.99
CA LEU C 17 21.03 -13.62 128.55
C LEU C 17 22.51 -13.86 128.26
N THR C 18 22.79 -14.77 127.33
CA THR C 18 24.15 -15.08 126.92
C THR C 18 24.35 -14.77 125.45
N PRO C 19 25.53 -14.27 125.07
CA PRO C 19 25.73 -13.80 123.69
C PRO C 19 25.49 -14.90 122.67
N VAL C 20 24.86 -14.53 121.55
CA VAL C 20 24.39 -15.49 120.57
C VAL C 20 24.95 -15.06 119.21
N GLY C 21 25.97 -14.24 119.23
CA GLY C 21 26.63 -13.90 117.99
C GLY C 21 27.03 -12.44 117.98
N GLY C 22 26.96 -11.84 116.78
CA GLY C 22 27.34 -10.46 116.61
C GLY C 22 28.57 -10.27 115.76
N GLY C 23 29.52 -9.50 116.26
CA GLY C 23 30.74 -9.20 115.52
C GLY C 23 31.59 -8.16 116.23
N VAL C 24 32.08 -7.16 115.50
CA VAL C 24 32.79 -6.04 116.08
C VAL C 24 31.84 -4.86 116.18
N GLY C 25 31.74 -4.27 117.37
CA GLY C 25 30.74 -3.25 117.60
C GLY C 25 29.34 -3.79 117.39
N GLN C 26 29.08 -4.98 117.91
CA GLN C 26 27.79 -5.64 117.80
C GLN C 26 27.79 -6.83 118.74
N THR C 27 26.66 -7.05 119.44
CA THR C 27 26.59 -8.13 120.41
C THR C 27 25.13 -8.51 120.58
N LEU C 28 24.76 -9.69 120.10
CA LEU C 28 23.43 -10.21 120.32
C LEU C 28 23.32 -10.80 121.71
N TYR C 29 22.08 -11.10 122.11
CA TYR C 29 21.82 -11.76 123.37
C TYR C 29 20.54 -12.57 123.22
N ARG C 30 20.32 -13.50 124.15
CA ARG C 30 19.08 -14.26 124.24
C ARG C 30 19.15 -15.10 125.51
N ALA C 31 17.98 -15.55 125.97
CA ALA C 31 17.85 -16.31 127.20
C ALA C 31 17.83 -17.82 126.89
N THR C 32 17.53 -18.61 127.91
CA THR C 32 17.69 -20.06 127.84
C THR C 32 16.46 -20.79 127.29
N ALA C 33 15.26 -20.29 127.55
CA ALA C 33 14.04 -20.97 127.11
C ALA C 33 13.98 -21.02 125.58
N GLU C 34 13.27 -22.00 125.04
CA GLU C 34 13.24 -22.25 123.61
C GLU C 34 11.82 -22.24 123.08
N ALA C 35 11.64 -21.67 121.90
CA ALA C 35 10.34 -21.64 121.23
C ALA C 35 10.59 -21.81 119.73
N LEU C 36 9.56 -21.51 118.93
CA LEU C 36 9.63 -21.72 117.48
C LEU C 36 9.80 -20.42 116.72
N SER C 37 8.92 -19.45 116.92
CA SER C 37 8.96 -18.19 116.18
C SER C 37 9.77 -17.13 116.91
N ALA C 38 9.35 -16.77 118.13
CA ALA C 38 10.07 -15.82 118.96
C ALA C 38 10.47 -16.52 120.24
N ALA C 39 11.78 -16.70 120.44
CA ALA C 39 12.24 -17.52 121.55
C ALA C 39 12.21 -16.75 122.86
N ASN C 40 13.01 -15.69 122.95
CA ASN C 40 13.26 -15.04 124.24
C ASN C 40 13.52 -13.55 124.05
N PRO C 41 13.72 -12.79 125.12
CA PRO C 41 14.24 -11.43 124.96
C PRO C 41 15.59 -11.43 124.28
N SER C 42 15.80 -10.46 123.38
CA SER C 42 17.00 -10.41 122.55
C SER C 42 17.54 -8.99 122.56
N LEU C 43 18.52 -8.73 123.41
CA LEU C 43 19.09 -7.40 123.61
C LEU C 43 20.28 -7.22 122.67
N SER C 44 20.06 -6.54 121.55
CA SER C 44 21.15 -6.24 120.64
C SER C 44 21.83 -4.94 121.05
N PHE C 45 23.15 -4.90 120.92
CA PHE C 45 23.98 -3.79 121.39
C PHE C 45 24.95 -3.41 120.26
N GLY C 46 24.77 -2.22 119.69
CA GLY C 46 25.44 -1.88 118.46
C GLY C 46 26.40 -0.70 118.46
N TYR C 47 27.24 -0.59 119.47
CA TYR C 47 28.13 0.57 119.61
C TYR C 47 29.08 0.68 118.43
N ARG C 48 29.50 1.92 118.16
CA ARG C 48 30.47 2.23 117.10
C ARG C 48 31.01 3.63 117.35
N PHE C 49 31.87 4.09 116.44
CA PHE C 49 32.41 5.44 116.46
C PHE C 49 32.17 6.09 115.11
N THR C 50 32.62 7.32 114.95
CA THR C 50 32.29 8.12 113.78
C THR C 50 33.51 9.00 113.46
N ASP C 51 33.29 10.05 112.67
CA ASP C 51 34.38 10.95 112.26
C ASP C 51 35.10 11.52 113.48
N GLY C 52 34.36 12.04 114.44
CA GLY C 52 34.91 12.47 115.70
C GLY C 52 34.87 11.37 116.73
N GLY C 53 34.86 11.77 117.99
CA GLY C 53 34.68 10.81 119.06
C GLY C 53 33.22 10.53 119.31
N THR C 54 32.41 10.64 118.26
CA THR C 54 30.96 10.54 118.39
C THR C 54 30.56 9.11 118.67
N ASN C 55 30.58 8.73 119.94
CA ASN C 55 30.28 7.36 120.33
C ASN C 55 28.80 7.10 120.10
N ARG C 56 28.47 6.44 118.99
CA ARG C 56 27.08 6.25 118.59
C ARG C 56 26.59 4.87 119.03
N GLN C 57 26.48 4.70 120.35
CA GLN C 57 25.95 3.47 120.88
C GLN C 57 24.47 3.32 120.52
N SER C 58 24.00 2.09 120.54
CA SER C 58 22.63 1.79 120.15
C SER C 58 22.24 0.44 120.74
N LEU C 59 21.01 0.37 121.26
CA LEU C 59 20.51 -0.82 121.90
C LEU C 59 19.13 -1.16 121.34
N SER C 60 18.71 -2.39 121.59
CA SER C 60 17.35 -2.79 121.27
C SER C 60 16.97 -4.03 122.07
N TYR C 61 16.02 -3.91 122.98
CA TYR C 61 15.60 -5.01 123.85
C TYR C 61 14.20 -5.43 123.45
N LYS C 62 14.07 -6.61 122.85
CA LYS C 62 12.77 -7.14 122.46
C LYS C 62 12.40 -8.27 123.42
N GLN C 63 11.20 -8.19 123.97
CA GLN C 63 10.65 -9.24 124.83
C GLN C 63 9.38 -9.77 124.19
N PRO C 64 9.29 -11.05 123.87
CA PRO C 64 8.12 -11.56 123.17
C PRO C 64 6.89 -11.87 124.01
N ILE C 65 5.78 -11.25 123.63
CA ILE C 65 4.49 -11.47 124.26
C ILE C 65 4.03 -12.85 123.83
N THR C 66 3.95 -13.78 124.78
CA THR C 66 3.67 -15.18 124.51
C THR C 66 2.76 -15.77 125.58
N ALA C 67 2.02 -16.81 125.21
CA ALA C 67 1.19 -17.58 126.14
C ALA C 67 1.32 -19.04 125.79
N VAL C 68 1.40 -19.90 126.80
CA VAL C 68 1.67 -21.31 126.59
C VAL C 68 0.39 -22.02 126.18
N ASP C 69 0.41 -22.66 125.02
CA ASP C 69 -0.73 -23.44 124.56
C ASP C 69 -0.90 -24.69 125.42
N SER C 70 -2.10 -25.26 125.35
CA SER C 70 -2.36 -26.52 126.03
C SER C 70 -2.08 -27.69 125.11
N THR C 71 -1.52 -28.76 125.68
CA THR C 71 -1.20 -30.02 125.02
C THR C 71 -0.07 -29.91 124.00
N THR C 72 0.46 -28.71 123.75
CA THR C 72 1.55 -28.52 122.81
C THR C 72 2.66 -27.71 123.47
N SER C 73 3.90 -28.14 123.23
CA SER C 73 5.07 -27.49 123.82
C SER C 73 5.69 -26.47 122.87
N GLU C 74 4.88 -25.50 122.44
CA GLU C 74 5.35 -24.48 121.51
C GLU C 74 5.12 -23.06 122.02
N THR C 75 4.47 -22.88 123.18
CA THR C 75 4.32 -21.61 123.88
C THR C 75 4.08 -20.45 122.91
N LEU C 76 2.95 -20.49 122.20
CA LEU C 76 2.60 -19.53 121.16
C LEU C 76 2.92 -18.10 121.56
N VAL C 77 3.64 -17.40 120.69
CA VAL C 77 4.02 -16.00 120.91
C VAL C 77 3.02 -15.10 120.18
N ARG C 78 2.67 -13.99 120.81
CA ARG C 78 1.65 -13.10 120.29
C ARG C 78 2.20 -11.77 119.79
N GLY C 79 3.33 -11.32 120.31
CA GLY C 79 3.90 -10.05 119.89
C GLY C 79 5.28 -9.82 120.45
N GLN C 80 5.69 -8.56 120.49
CA GLN C 80 7.00 -8.20 121.06
C GLN C 80 7.04 -6.75 121.51
N CYS C 81 7.56 -6.50 122.71
CA CYS C 81 7.64 -5.16 123.27
C CYS C 81 9.02 -4.59 122.96
N VAL C 82 9.15 -3.96 121.79
CA VAL C 82 10.41 -3.36 121.38
C VAL C 82 10.71 -2.15 122.24
N VAL C 83 11.97 -2.03 122.69
CA VAL C 83 12.41 -0.86 123.44
C VAL C 83 13.79 -0.44 122.95
N ASP C 84 13.85 0.56 122.07
CA ASP C 84 15.13 1.01 121.51
C ASP C 84 15.73 2.10 122.40
N ILE C 85 17.05 2.08 122.51
CA ILE C 85 17.78 3.11 123.25
C ILE C 85 19.01 3.53 122.46
N ASN C 86 18.95 4.69 121.83
CA ASN C 86 20.08 5.19 121.05
C ASN C 86 20.78 6.31 121.80
N ILE C 87 22.10 6.28 121.78
CA ILE C 87 22.93 7.23 122.52
C ILE C 87 23.93 7.85 121.57
N VAL C 88 24.06 9.18 121.63
CA VAL C 88 25.01 9.92 120.80
C VAL C 88 25.77 10.86 121.72
N ILE C 89 27.04 10.56 121.97
CA ILE C 89 27.88 11.34 122.87
C ILE C 89 28.97 12.00 122.03
N PRO C 90 29.12 13.32 122.09
CA PRO C 90 30.06 13.99 121.19
C PRO C 90 31.51 13.77 121.57
N ARG C 91 32.42 14.30 120.77
CA ARG C 91 33.84 14.19 121.05
C ARG C 91 34.26 14.97 122.29
N VAL C 92 33.61 16.10 122.57
CA VAL C 92 34.06 17.03 123.60
C VAL C 92 33.46 16.67 124.96
N ALA C 93 32.80 15.52 125.04
CA ALA C 93 32.07 15.16 126.24
C ALA C 93 33.01 14.54 127.26
N THR C 94 33.29 15.28 128.32
CA THR C 94 34.07 14.76 129.44
C THR C 94 33.36 13.56 130.04
N ALA C 95 34.13 12.56 130.46
CA ALA C 95 33.54 11.31 130.95
C ALA C 95 32.63 11.51 132.13
N THR C 96 32.79 12.59 132.89
CA THR C 96 31.81 12.93 133.92
C THR C 96 30.49 13.37 133.30
N ASP C 97 30.55 14.20 132.27
CA ASP C 97 29.33 14.65 131.60
C ASP C 97 28.60 13.48 130.95
N ARG C 98 29.33 12.54 130.35
CA ARG C 98 28.68 11.39 129.73
C ARG C 98 27.98 10.53 130.78
N ALA C 99 28.63 10.30 131.91
CA ALA C 99 28.00 9.52 132.97
C ALA C 99 26.75 10.22 133.48
N GLU C 100 26.83 11.54 133.68
CA GLU C 100 25.65 12.29 134.10
C GLU C 100 24.53 12.16 133.09
N ALA C 101 24.84 12.31 131.80
CA ALA C 101 23.81 12.24 130.78
C ALA C 101 23.14 10.87 130.75
N ILE C 102 23.94 9.81 130.80
CA ILE C 102 23.36 8.46 130.72
C ILE C 102 22.52 8.17 131.95
N LYS C 103 23.06 8.46 133.15
CA LYS C 103 22.33 8.12 134.37
C LYS C 103 21.10 8.99 134.55
N ARG C 104 21.10 10.20 133.97
CA ARG C 104 19.90 11.02 134.02
C ARG C 104 18.86 10.57 133.00
N ALA C 105 19.31 10.11 131.84
CA ALA C 105 18.35 9.60 130.85
C ALA C 105 17.69 8.33 131.35
N PHE C 106 18.44 7.46 132.02
CA PHE C 106 17.87 6.22 132.52
C PHE C 106 17.12 6.39 133.83
N ASP C 107 17.07 7.61 134.38
CA ASP C 107 16.26 7.89 135.55
C ASP C 107 14.87 8.41 135.20
N VAL C 108 14.52 8.44 133.92
CA VAL C 108 13.18 8.87 133.52
C VAL C 108 12.14 7.92 134.09
N LEU C 109 12.43 6.62 134.07
CA LEU C 109 11.47 5.63 134.56
C LEU C 109 11.05 5.89 136.00
N ASN C 110 11.94 6.47 136.80
CA ASN C 110 11.59 6.78 138.18
C ASN C 110 10.92 8.14 138.34
N ALA C 111 10.92 8.97 137.30
CA ALA C 111 10.28 10.28 137.34
C ALA C 111 9.02 10.31 136.49
N LEU C 112 9.12 9.84 135.25
CA LEU C 112 7.97 9.75 134.35
C LEU C 112 7.40 8.33 134.38
N ASN C 113 7.05 7.90 135.61
CA ASN C 113 6.80 6.49 135.86
C ASN C 113 5.47 6.03 135.30
N ALA C 114 4.38 6.67 135.72
CA ALA C 114 3.05 6.19 135.35
C ALA C 114 2.82 6.23 133.85
N GLU C 115 3.31 7.28 133.19
CA GLU C 115 3.12 7.41 131.75
C GLU C 115 3.82 6.31 130.98
N LEU C 116 4.90 5.75 131.52
CA LEU C 116 5.67 4.71 130.83
C LEU C 116 5.18 3.31 131.19
N ILE C 117 4.89 3.07 132.47
CA ILE C 117 4.44 1.75 132.90
C ILE C 117 2.97 1.54 132.51
N THR C 118 2.10 2.43 132.97
CA THR C 118 0.67 2.28 132.70
C THR C 118 0.33 2.64 131.26
N GLY C 119 0.93 3.68 130.72
CA GLY C 119 0.71 4.05 129.34
C GLY C 119 -0.41 5.05 129.14
N GLU C 120 -0.38 6.14 129.91
CA GLU C 120 -1.49 7.07 129.95
C GLU C 120 -0.99 8.42 130.43
N GLY C 121 -1.84 9.44 130.28
CA GLY C 121 -1.64 10.66 131.03
C GLY C 121 -1.25 11.89 130.24
N GLN C 122 -0.58 12.82 130.93
CA GLN C 122 -0.23 14.13 130.40
C GLN C 122 -1.49 14.90 129.99
N TRP C 123 -2.28 15.24 131.00
CA TRP C 123 -3.50 16.00 130.79
C TRP C 123 -3.16 17.47 130.63
N ALA D 1 -55.42 -60.15 101.88
CA ALA D 1 -56.55 -59.72 102.68
C ALA D 1 -56.51 -58.21 102.90
N ALA D 2 -57.40 -57.70 103.75
CA ALA D 2 -57.39 -56.29 104.06
C ALA D 2 -56.11 -55.92 104.79
N ARG D 3 -55.52 -54.79 104.40
CA ARG D 3 -54.26 -54.36 105.00
C ARG D 3 -54.46 -54.09 106.49
N SER D 4 -53.49 -54.55 107.29
CA SER D 4 -53.55 -54.40 108.73
C SER D 4 -52.12 -54.26 109.25
N SER D 5 -51.95 -54.45 110.55
CA SER D 5 -50.64 -54.40 111.17
C SER D 5 -50.00 -55.78 111.17
N ILE D 6 -48.66 -55.80 111.22
CA ILE D 6 -47.90 -57.02 111.28
C ILE D 6 -46.90 -56.94 112.41
N VAL D 7 -46.54 -58.10 112.96
CA VAL D 7 -45.92 -58.19 114.28
C VAL D 7 -44.58 -58.90 114.12
N LEU D 8 -43.88 -58.62 113.01
CA LEU D 8 -42.54 -59.18 112.76
C LEU D 8 -41.73 -59.28 114.03
N THR D 9 -41.16 -60.46 114.27
CA THR D 9 -40.42 -60.74 115.49
C THR D 9 -39.22 -61.61 115.15
N ASP D 10 -38.33 -61.75 116.14
CA ASP D 10 -37.20 -62.66 116.04
C ASP D 10 -37.07 -63.47 117.32
N GLY D 11 -38.19 -63.68 118.01
CA GLY D 11 -38.21 -64.48 119.20
C GLY D 11 -38.06 -63.69 120.49
N THR D 12 -37.42 -62.53 120.41
CA THR D 12 -37.17 -61.74 121.61
C THR D 12 -37.68 -60.31 121.53
N THR D 13 -37.57 -59.64 120.38
CA THR D 13 -37.97 -58.24 120.24
C THR D 13 -38.93 -58.10 119.07
N PRO D 14 -40.23 -58.25 119.32
CA PRO D 14 -41.21 -58.05 118.25
C PRO D 14 -41.24 -56.60 117.80
N VAL D 15 -41.63 -56.41 116.54
CA VAL D 15 -41.76 -55.09 115.93
C VAL D 15 -43.14 -55.02 115.30
N THR D 16 -43.94 -54.03 115.70
CA THR D 16 -45.26 -53.83 115.13
C THR D 16 -45.16 -52.81 114.00
N LEU D 17 -45.52 -53.24 112.80
CA LEU D 17 -45.49 -52.36 111.63
C LEU D 17 -46.92 -52.04 111.21
N THR D 18 -47.10 -50.84 110.67
CA THR D 18 -48.41 -50.35 110.25
C THR D 18 -48.31 -49.86 108.83
N PRO D 19 -49.37 -49.97 108.04
CA PRO D 19 -49.33 -49.53 106.64
C PRO D 19 -49.43 -48.02 106.51
N VAL D 20 -48.40 -47.38 105.97
CA VAL D 20 -48.36 -45.93 105.92
C VAL D 20 -48.20 -45.46 104.48
N GLY D 21 -48.71 -46.22 103.53
CA GLY D 21 -48.64 -45.82 102.14
C GLY D 21 -48.79 -47.02 101.22
N GLY D 22 -48.41 -46.80 99.97
CA GLY D 22 -48.47 -47.86 98.98
C GLY D 22 -49.16 -47.47 97.70
N GLY D 23 -49.94 -48.38 97.15
CA GLY D 23 -50.64 -48.13 95.90
C GLY D 23 -51.34 -49.36 95.40
N VAL D 24 -51.29 -49.54 94.09
CA VAL D 24 -51.85 -50.74 93.45
C VAL D 24 -50.72 -51.74 93.30
N GLY D 25 -50.86 -52.91 93.94
CA GLY D 25 -49.79 -53.88 93.95
C GLY D 25 -48.59 -53.40 94.72
N GLN D 26 -48.82 -52.79 95.88
CA GLN D 26 -47.76 -52.28 96.74
C GLN D 26 -48.36 -51.90 98.08
N THR D 27 -47.59 -52.10 99.16
CA THR D 27 -48.08 -51.76 100.49
C THR D 27 -46.86 -51.51 101.39
N LEU D 28 -46.53 -50.24 101.59
CA LEU D 28 -45.45 -49.90 102.50
C LEU D 28 -45.88 -50.14 103.94
N TYR D 29 -44.90 -50.42 104.79
CA TYR D 29 -45.10 -50.56 106.22
C TYR D 29 -44.02 -49.77 106.94
N ARG D 30 -44.29 -49.42 108.19
CA ARG D 30 -43.26 -48.79 109.00
C ARG D 30 -43.57 -49.08 110.47
N ALA D 31 -42.51 -49.22 111.26
CA ALA D 31 -42.69 -49.42 112.69
C ALA D 31 -43.29 -48.17 113.32
N THR D 32 -44.16 -48.37 114.31
CA THR D 32 -44.89 -47.25 114.91
C THR D 32 -43.93 -46.20 115.44
N ALA D 33 -43.14 -46.57 116.44
CA ALA D 33 -42.08 -45.70 116.94
C ALA D 33 -41.12 -46.54 117.76
N GLU D 34 -39.86 -46.64 117.31
CA GLU D 34 -38.85 -47.28 118.14
C GLU D 34 -38.25 -46.27 119.12
N ALA D 35 -37.51 -45.29 118.61
CA ALA D 35 -37.07 -44.15 119.42
C ALA D 35 -37.08 -42.83 118.68
N LEU D 36 -37.15 -42.82 117.36
CA LEU D 36 -37.13 -41.62 116.54
C LEU D 36 -37.47 -42.04 115.11
N SER D 37 -37.45 -41.09 114.19
CA SER D 37 -37.60 -41.41 112.78
C SER D 37 -36.24 -41.77 112.19
N ALA D 38 -36.27 -42.48 111.07
CA ALA D 38 -35.13 -43.06 110.38
C ALA D 38 -34.48 -44.20 111.16
N ALA D 39 -34.95 -44.48 112.37
CA ALA D 39 -34.51 -45.63 113.15
C ALA D 39 -35.64 -46.62 113.30
N ASN D 40 -36.51 -46.69 112.28
CA ASN D 40 -37.67 -47.55 112.28
C ASN D 40 -37.64 -48.49 111.08
N PRO D 41 -37.79 -49.79 111.29
CA PRO D 41 -37.77 -50.72 110.16
C PRO D 41 -38.97 -50.54 109.25
N SER D 42 -38.79 -50.94 107.99
CA SER D 42 -39.87 -50.87 107.01
C SER D 42 -39.93 -52.19 106.25
N LEU D 43 -41.13 -52.49 105.71
CA LEU D 43 -41.43 -53.79 105.10
C LEU D 43 -42.14 -53.59 103.76
N SER D 44 -41.50 -52.86 102.85
CA SER D 44 -42.10 -52.65 101.54
C SER D 44 -42.48 -53.98 100.90
N PHE D 45 -43.68 -54.03 100.33
CA PHE D 45 -44.22 -55.29 99.83
C PHE D 45 -45.05 -55.03 98.58
N GLY D 46 -44.60 -55.56 97.45
CA GLY D 46 -45.32 -55.44 96.20
C GLY D 46 -45.77 -56.79 95.67
N TYR D 47 -46.60 -56.74 94.64
CA TYR D 47 -47.17 -57.93 94.01
C TYR D 47 -47.79 -57.53 92.68
N ARG D 48 -47.63 -58.38 91.68
CA ARG D 48 -48.15 -58.06 90.36
C ARG D 48 -48.26 -59.35 89.55
N PHE D 49 -49.04 -59.27 88.47
CA PHE D 49 -49.22 -60.37 87.53
C PHE D 49 -48.81 -59.89 86.14
N THR D 50 -47.95 -60.66 85.48
CA THR D 50 -47.62 -60.39 84.09
C THR D 50 -48.63 -61.06 83.17
N ASP D 51 -48.27 -61.19 81.89
CA ASP D 51 -49.12 -61.83 80.89
C ASP D 51 -49.81 -63.09 81.43
N GLY D 52 -49.03 -64.05 81.91
CA GLY D 52 -49.57 -65.24 82.53
C GLY D 52 -49.82 -65.01 84.00
N GLY D 53 -50.18 -66.09 84.69
CA GLY D 53 -50.45 -66.00 86.11
C GLY D 53 -49.20 -66.00 86.96
N THR D 54 -48.13 -65.41 86.45
CA THR D 54 -46.85 -65.36 87.16
C THR D 54 -47.00 -64.43 88.36
N ASN D 55 -47.20 -65.03 89.53
CA ASN D 55 -47.47 -64.30 90.75
C ASN D 55 -46.19 -63.70 91.33
N ARG D 56 -45.64 -62.68 90.68
CA ARG D 56 -44.35 -62.11 91.09
C ARG D 56 -44.53 -61.19 92.29
N GLN D 57 -44.59 -61.80 93.47
CA GLN D 57 -44.57 -61.04 94.70
C GLN D 57 -43.14 -60.59 94.99
N SER D 58 -43.02 -59.52 95.78
CA SER D 58 -41.71 -58.96 96.10
C SER D 58 -41.76 -58.36 97.49
N LEU D 59 -40.65 -58.49 98.22
CA LEU D 59 -40.55 -57.95 99.56
C LEU D 59 -39.23 -57.20 99.70
N SER D 60 -39.19 -56.32 100.69
CA SER D 60 -37.97 -55.60 101.02
C SER D 60 -38.09 -55.11 102.45
N TYR D 61 -37.35 -55.73 103.36
CA TYR D 61 -37.34 -55.35 104.77
C TYR D 61 -36.04 -54.62 105.04
N LYS D 62 -36.14 -53.40 105.54
CA LYS D 62 -34.99 -52.56 105.82
C LYS D 62 -34.98 -52.20 107.30
N GLN D 63 -33.91 -52.57 107.99
CA GLN D 63 -33.76 -52.25 109.41
C GLN D 63 -32.52 -51.37 109.58
N PRO D 64 -32.66 -50.13 110.04
CA PRO D 64 -31.51 -49.23 110.13
C PRO D 64 -30.72 -49.43 111.41
N ILE D 65 -29.41 -49.24 111.29
CA ILE D 65 -28.46 -49.47 112.38
C ILE D 65 -28.20 -48.13 113.04
N THR D 66 -28.64 -47.98 114.29
CA THR D 66 -28.54 -46.72 115.00
C THR D 66 -27.46 -46.82 116.06
N ALA D 67 -26.84 -45.67 116.35
CA ALA D 67 -25.73 -45.61 117.29
C ALA D 67 -25.65 -44.22 117.88
N VAL D 68 -25.18 -44.15 119.13
CA VAL D 68 -25.07 -42.88 119.83
C VAL D 68 -23.89 -42.08 119.29
N ASP D 69 -23.97 -40.75 119.43
CA ASP D 69 -22.97 -39.81 118.93
C ASP D 69 -22.49 -38.93 120.07
N SER D 70 -22.02 -39.56 121.14
CA SER D 70 -21.74 -38.94 122.44
C SER D 70 -21.11 -37.56 122.37
N THR D 71 -20.31 -37.28 121.35
CA THR D 71 -19.84 -35.92 121.13
C THR D 71 -21.00 -34.93 121.02
N THR D 72 -22.15 -35.38 120.51
CA THR D 72 -23.37 -34.60 120.50
C THR D 72 -24.54 -35.29 121.19
N SER D 73 -24.43 -36.60 121.45
CA SER D 73 -25.46 -37.39 122.12
C SER D 73 -26.75 -37.49 121.30
N GLU D 74 -26.65 -37.39 119.98
CA GLU D 74 -27.80 -37.53 119.09
C GLU D 74 -27.70 -38.88 118.38
N THR D 75 -28.79 -39.65 118.43
CA THR D 75 -28.79 -41.04 117.96
C THR D 75 -28.82 -41.08 116.44
N LEU D 76 -27.66 -40.84 115.84
CA LEU D 76 -27.54 -40.88 114.39
C LEU D 76 -27.62 -42.31 113.89
N VAL D 77 -28.05 -42.45 112.64
CA VAL D 77 -28.14 -43.76 111.97
C VAL D 77 -27.02 -43.87 110.97
N ARG D 78 -26.32 -45.01 110.98
CA ARG D 78 -25.16 -45.22 110.12
C ARG D 78 -25.55 -45.79 108.76
N GLY D 79 -26.17 -46.97 108.76
CA GLY D 79 -26.60 -47.62 107.53
C GLY D 79 -27.83 -48.46 107.76
N GLN D 80 -28.10 -49.44 106.89
CA GLN D 80 -29.29 -50.26 107.03
C GLN D 80 -29.00 -51.68 106.53
N CYS D 81 -29.68 -52.64 107.14
CA CYS D 81 -29.67 -54.02 106.69
C CYS D 81 -30.89 -54.26 105.81
N VAL D 82 -30.68 -54.82 104.63
CA VAL D 82 -31.71 -54.97 103.61
C VAL D 82 -31.88 -56.44 103.32
N VAL D 83 -33.12 -56.93 103.36
CA VAL D 83 -33.44 -58.31 103.00
C VAL D 83 -34.54 -58.27 101.95
N ASP D 84 -34.26 -58.85 100.79
CA ASP D 84 -35.23 -58.89 99.69
C ASP D 84 -35.65 -60.33 99.46
N ILE D 85 -36.93 -60.62 99.64
CA ILE D 85 -37.46 -61.95 99.36
C ILE D 85 -38.38 -61.89 98.15
N ASN D 86 -37.83 -62.11 96.96
CA ASN D 86 -38.66 -62.15 95.78
C ASN D 86 -39.22 -63.55 95.57
N ILE D 87 -40.45 -63.61 95.06
CA ILE D 87 -41.14 -64.87 94.84
C ILE D 87 -41.77 -64.82 93.45
N VAL D 88 -41.58 -65.88 92.67
CA VAL D 88 -42.19 -66.00 91.35
C VAL D 88 -42.82 -67.38 91.25
N ILE D 89 -44.13 -67.42 91.03
CA ILE D 89 -44.87 -68.66 90.87
C ILE D 89 -45.62 -68.59 89.54
N PRO D 90 -45.39 -69.52 88.62
CA PRO D 90 -46.04 -69.44 87.31
C PRO D 90 -47.51 -69.84 87.41
N ARG D 91 -48.22 -69.60 86.30
CA ARG D 91 -49.65 -69.94 86.26
C ARG D 91 -49.87 -71.45 86.35
N VAL D 92 -48.95 -72.23 85.80
CA VAL D 92 -49.10 -73.68 85.70
C VAL D 92 -48.89 -74.34 87.07
N ALA D 93 -48.65 -73.53 88.09
CA ALA D 93 -48.31 -74.04 89.40
C ALA D 93 -49.55 -74.54 90.13
N THR D 94 -49.48 -75.76 90.63
CA THR D 94 -50.53 -76.28 91.49
C THR D 94 -50.55 -75.49 92.80
N ALA D 95 -51.73 -75.42 93.42
CA ALA D 95 -51.86 -74.72 94.69
C ALA D 95 -51.02 -75.34 95.80
N THR D 96 -50.60 -76.60 95.65
CA THR D 96 -49.74 -77.23 96.64
C THR D 96 -48.26 -77.06 96.33
N ASP D 97 -47.90 -76.82 95.07
CA ASP D 97 -46.51 -76.55 94.73
C ASP D 97 -46.07 -75.19 95.25
N ARG D 98 -46.97 -74.20 95.22
CA ARG D 98 -46.62 -72.87 95.69
C ARG D 98 -46.31 -72.87 97.19
N ALA D 99 -47.18 -73.48 97.98
CA ALA D 99 -46.94 -73.54 99.42
C ALA D 99 -45.67 -74.31 99.74
N GLU D 100 -45.46 -75.44 99.05
CA GLU D 100 -44.24 -76.22 99.23
C GLU D 100 -43.00 -75.39 98.96
N ALA D 101 -42.97 -74.71 97.82
CA ALA D 101 -41.81 -73.91 97.45
C ALA D 101 -41.58 -72.79 98.46
N ILE D 102 -42.64 -72.08 98.84
CA ILE D 102 -42.48 -70.94 99.73
C ILE D 102 -41.94 -71.39 101.09
N LYS D 103 -42.55 -72.41 101.68
CA LYS D 103 -42.10 -72.84 103.00
C LYS D 103 -40.71 -73.44 102.95
N ARG D 104 -40.39 -74.21 101.91
CA ARG D 104 -39.06 -74.78 101.81
C ARG D 104 -38.00 -73.69 101.68
N ALA D 105 -38.25 -72.69 100.82
CA ALA D 105 -37.28 -71.62 100.66
C ALA D 105 -37.14 -70.79 101.91
N PHE D 106 -38.21 -70.63 102.69
CA PHE D 106 -38.08 -69.90 103.95
C PHE D 106 -37.43 -70.74 105.04
N ASP D 107 -37.39 -72.07 104.88
CA ASP D 107 -36.68 -72.91 105.84
C ASP D 107 -35.17 -72.86 105.70
N VAL D 108 -34.66 -72.02 104.80
CA VAL D 108 -33.21 -71.95 104.58
C VAL D 108 -32.50 -71.53 105.87
N LEU D 109 -33.01 -70.48 106.53
CA LEU D 109 -32.37 -69.99 107.74
C LEU D 109 -32.26 -71.06 108.80
N ASN D 110 -33.26 -71.93 108.91
CA ASN D 110 -33.13 -73.07 109.80
C ASN D 110 -32.10 -74.06 109.29
N ALA D 111 -32.04 -74.27 107.97
CA ALA D 111 -31.08 -75.22 107.43
C ALA D 111 -29.69 -74.60 107.25
N LEU D 112 -29.59 -73.57 106.42
CA LEU D 112 -28.30 -72.94 106.11
C LEU D 112 -28.05 -71.76 107.04
N ASN D 113 -27.97 -72.07 108.33
CA ASN D 113 -28.04 -71.03 109.35
C ASN D 113 -26.75 -70.24 109.45
N ALA D 114 -25.64 -70.91 109.77
CA ALA D 114 -24.42 -70.23 110.20
C ALA D 114 -23.87 -69.26 109.16
N GLU D 115 -24.13 -69.47 107.88
CA GLU D 115 -23.60 -68.58 106.86
C GLU D 115 -24.45 -67.34 106.66
N LEU D 116 -25.66 -67.31 107.21
CA LEU D 116 -26.54 -66.15 107.13
C LEU D 116 -26.49 -65.30 108.39
N ILE D 117 -26.68 -65.94 109.55
CA ILE D 117 -26.70 -65.21 110.82
C ILE D 117 -25.34 -64.58 111.10
N THR D 118 -24.26 -65.33 110.88
CA THR D 118 -22.94 -64.89 111.29
C THR D 118 -22.20 -64.16 110.19
N GLY D 119 -22.41 -64.53 108.93
CA GLY D 119 -21.75 -63.87 107.82
C GLY D 119 -20.49 -64.54 107.33
N GLU D 120 -20.08 -65.66 107.91
CA GLU D 120 -18.87 -66.34 107.48
C GLU D 120 -19.05 -66.91 106.08
N GLY D 121 -17.96 -66.89 105.31
CA GLY D 121 -17.96 -67.43 103.97
C GLY D 121 -17.55 -68.89 104.00
N GLN D 122 -18.46 -69.75 103.56
CA GLN D 122 -18.20 -71.18 103.58
C GLN D 122 -17.07 -71.54 102.63
N TRP D 123 -16.25 -72.49 103.06
CA TRP D 123 -15.06 -72.89 102.31
C TRP D 123 -15.24 -74.26 101.68
N ALA E 1 -55.32 -47.85 116.09
CA ALA E 1 -55.33 -46.82 115.07
C ALA E 1 -56.08 -47.29 113.82
N ALA E 2 -57.08 -48.13 114.02
CA ALA E 2 -57.96 -48.55 112.95
C ALA E 2 -59.01 -47.49 112.70
N ARG E 3 -59.67 -47.58 111.55
CA ARG E 3 -60.67 -46.59 111.17
C ARG E 3 -61.97 -46.84 111.89
N SER E 4 -62.44 -45.84 112.63
CA SER E 4 -63.71 -45.91 113.35
C SER E 4 -64.26 -44.50 113.47
N SER E 5 -65.46 -44.40 114.02
CA SER E 5 -66.10 -43.11 114.19
C SER E 5 -65.37 -42.28 115.23
N ILE E 6 -65.26 -40.98 114.97
CA ILE E 6 -64.62 -40.04 115.89
C ILE E 6 -65.65 -39.00 116.32
N VAL E 7 -65.42 -38.41 117.48
CA VAL E 7 -66.46 -37.66 118.19
C VAL E 7 -65.99 -36.22 118.39
N LEU E 8 -65.36 -35.64 117.38
CA LEU E 8 -64.99 -34.23 117.38
C LEU E 8 -66.04 -33.37 118.08
N THR E 9 -65.60 -32.55 119.02
CA THR E 9 -66.52 -31.74 119.81
C THR E 9 -65.84 -30.44 120.21
N ASP E 10 -66.67 -29.43 120.47
CA ASP E 10 -66.20 -28.13 120.93
C ASP E 10 -66.48 -27.89 122.40
N GLY E 11 -67.14 -28.83 123.07
CA GLY E 11 -67.52 -28.65 124.46
C GLY E 11 -69.01 -28.62 124.64
N THR E 12 -69.71 -27.99 123.70
CA THR E 12 -71.17 -27.87 123.78
C THR E 12 -71.89 -28.95 122.99
N THR E 13 -71.63 -29.03 121.69
CA THR E 13 -72.33 -29.96 120.80
C THR E 13 -71.32 -30.89 120.14
N PRO E 14 -71.29 -32.17 120.51
CA PRO E 14 -70.40 -33.11 119.82
C PRO E 14 -70.96 -33.51 118.47
N VAL E 15 -70.07 -33.71 117.50
CA VAL E 15 -70.44 -34.21 116.19
C VAL E 15 -69.65 -35.49 115.94
N THR E 16 -70.36 -36.55 115.54
CA THR E 16 -69.76 -37.86 115.33
C THR E 16 -69.53 -38.06 113.84
N LEU E 17 -68.27 -38.11 113.43
CA LEU E 17 -67.90 -38.35 112.04
C LEU E 17 -67.60 -39.82 111.84
N THR E 18 -68.18 -40.42 110.81
CA THR E 18 -67.91 -41.81 110.48
C THR E 18 -67.13 -41.88 109.16
N PRO E 19 -66.28 -42.89 108.98
CA PRO E 19 -65.52 -42.98 107.73
C PRO E 19 -66.43 -43.17 106.54
N VAL E 20 -66.06 -42.56 105.41
CA VAL E 20 -66.79 -42.71 104.17
C VAL E 20 -65.81 -43.03 103.04
N GLY E 21 -64.64 -43.56 103.38
CA GLY E 21 -63.74 -44.03 102.35
C GLY E 21 -62.29 -43.63 102.52
N GLY E 22 -61.59 -43.49 101.39
CA GLY E 22 -60.23 -43.00 101.39
C GLY E 22 -59.19 -43.97 100.87
N GLY E 23 -59.24 -45.22 101.30
CA GLY E 23 -58.22 -46.17 100.89
C GLY E 23 -56.94 -46.01 101.69
N VAL E 24 -55.80 -46.34 101.08
CA VAL E 24 -54.51 -46.28 101.75
C VAL E 24 -53.92 -44.89 101.54
N GLY E 25 -53.28 -44.36 102.58
CA GLY E 25 -52.70 -43.04 102.51
C GLY E 25 -53.63 -41.90 102.84
N GLN E 26 -54.91 -42.17 103.13
CA GLN E 26 -55.84 -41.12 103.50
C GLN E 26 -57.08 -41.75 104.11
N THR E 27 -57.95 -40.91 104.63
CA THR E 27 -59.21 -41.35 105.24
C THR E 27 -60.18 -40.19 105.21
N LEU E 28 -61.35 -40.40 104.63
CA LEU E 28 -62.39 -39.38 104.61
C LEU E 28 -63.41 -39.67 105.69
N TYR E 29 -63.82 -38.63 106.41
CA TYR E 29 -64.85 -38.75 107.42
C TYR E 29 -66.03 -37.88 107.03
N ARG E 30 -67.18 -38.17 107.64
CA ARG E 30 -68.36 -37.33 107.45
C ARG E 30 -69.42 -37.68 108.48
N ALA E 31 -70.10 -36.67 109.03
CA ALA E 31 -71.17 -36.90 109.97
C ALA E 31 -72.45 -37.25 109.23
N THR E 32 -73.52 -37.55 109.97
CA THR E 32 -74.78 -37.86 109.32
C THR E 32 -75.54 -36.60 108.94
N ALA E 33 -76.03 -35.85 109.94
CA ALA E 33 -76.85 -34.66 109.75
C ALA E 33 -77.78 -34.81 108.54
N GLU E 34 -78.46 -35.94 108.51
CA GLU E 34 -79.13 -36.41 107.29
C GLU E 34 -80.19 -35.43 106.84
N ALA E 35 -80.44 -35.41 105.53
CA ALA E 35 -81.50 -34.59 104.95
C ALA E 35 -81.28 -33.11 105.26
N LEU E 36 -80.24 -32.55 104.64
CA LEU E 36 -79.52 -33.01 103.47
C LEU E 36 -78.27 -33.80 103.82
N SER E 37 -77.71 -34.53 102.86
CA SER E 37 -76.52 -35.33 103.10
C SER E 37 -75.22 -34.59 102.83
N ALA E 38 -75.27 -33.49 102.09
CA ALA E 38 -74.09 -32.66 101.83
C ALA E 38 -73.96 -31.52 102.83
N ALA E 39 -74.89 -31.39 103.76
CA ALA E 39 -74.83 -30.34 104.78
C ALA E 39 -74.37 -30.91 106.12
N ASN E 40 -73.14 -31.42 106.15
CA ASN E 40 -72.56 -31.94 107.39
C ASN E 40 -71.04 -31.88 107.28
N PRO E 41 -70.35 -31.78 108.41
CA PRO E 41 -68.89 -31.59 108.37
C PRO E 41 -68.15 -32.83 107.89
N SER E 42 -66.91 -32.60 107.46
CA SER E 42 -66.05 -33.66 106.95
C SER E 42 -64.63 -33.40 107.40
N LEU E 43 -63.82 -34.46 107.44
CA LEU E 43 -62.48 -34.43 108.03
C LEU E 43 -61.45 -35.14 107.14
N SER E 44 -61.34 -34.70 105.89
CA SER E 44 -60.38 -35.34 104.99
C SER E 44 -58.99 -35.38 105.60
N PHE E 45 -58.50 -36.57 105.92
CA PHE E 45 -57.24 -36.75 106.62
C PHE E 45 -56.31 -37.65 105.82
N GLY E 46 -55.18 -37.12 105.38
CA GLY E 46 -54.21 -37.87 104.63
C GLY E 46 -52.84 -37.86 105.30
N TYR E 47 -51.99 -38.78 104.85
CA TYR E 47 -50.66 -38.95 105.43
C TYR E 47 -49.81 -39.74 104.45
N ARG E 48 -48.50 -39.51 104.49
CA ARG E 48 -47.58 -40.22 103.61
C ARG E 48 -46.17 -40.05 104.16
N PHE E 49 -45.24 -40.80 103.57
CA PHE E 49 -43.81 -40.69 103.88
C PHE E 49 -43.06 -40.46 102.58
N THR E 50 -42.22 -39.43 102.55
CA THR E 50 -41.46 -39.10 101.36
C THR E 50 -40.23 -39.99 101.26
N ASP E 51 -39.28 -39.60 100.40
CA ASP E 51 -38.05 -40.36 100.21
C ASP E 51 -37.36 -40.64 101.54
N GLY E 52 -37.28 -39.64 102.41
CA GLY E 52 -36.74 -39.86 103.73
C GLY E 52 -37.78 -40.40 104.68
N GLY E 53 -37.75 -39.95 105.93
CA GLY E 53 -38.77 -40.32 106.89
C GLY E 53 -39.68 -39.14 107.17
N THR E 54 -39.71 -38.19 106.24
CA THR E 54 -40.47 -36.95 106.43
C THR E 54 -41.96 -37.28 106.38
N ASN E 55 -42.56 -37.36 107.56
CA ASN E 55 -43.98 -37.67 107.69
C ASN E 55 -44.77 -36.40 107.37
N ARG E 56 -45.55 -36.43 106.30
CA ARG E 56 -46.34 -35.27 105.88
C ARG E 56 -47.82 -35.58 106.08
N GLN E 57 -48.30 -35.30 107.29
CA GLN E 57 -49.71 -35.47 107.58
C GLN E 57 -50.48 -34.21 107.18
N SER E 58 -51.77 -34.38 106.92
CA SER E 58 -52.58 -33.27 106.46
C SER E 58 -54.05 -33.48 106.80
N LEU E 59 -54.67 -32.51 107.44
CA LEU E 59 -56.08 -32.60 107.78
C LEU E 59 -56.81 -31.41 107.18
N SER E 60 -58.06 -31.66 106.79
CA SER E 60 -58.91 -30.61 106.25
C SER E 60 -60.31 -30.83 106.80
N TYR E 61 -60.74 -29.97 107.69
CA TYR E 61 -62.06 -30.06 108.32
C TYR E 61 -62.95 -28.99 107.71
N LYS E 62 -64.04 -29.41 107.10
CA LYS E 62 -64.99 -28.50 106.48
C LYS E 62 -66.33 -28.61 107.18
N GLN E 63 -66.88 -27.48 107.60
CA GLN E 63 -68.20 -27.45 108.21
C GLN E 63 -69.10 -26.54 107.40
N PRO E 64 -70.16 -27.05 106.79
CA PRO E 64 -71.03 -26.19 106.00
C PRO E 64 -72.05 -25.45 106.85
N ILE E 65 -72.46 -24.29 106.37
CA ILE E 65 -73.38 -23.40 107.06
C ILE E 65 -74.76 -23.63 106.49
N THR E 66 -75.65 -24.18 107.30
CA THR E 66 -76.98 -24.56 106.87
C THR E 66 -77.98 -23.46 107.17
N ALA E 67 -79.15 -23.56 106.56
CA ALA E 67 -80.22 -22.61 106.77
C ALA E 67 -81.53 -23.28 106.37
N VAL E 68 -82.35 -23.65 107.36
CA VAL E 68 -83.59 -24.36 107.09
C VAL E 68 -84.61 -23.37 106.54
N ASP E 69 -84.93 -23.50 105.26
CA ASP E 69 -85.85 -22.58 104.58
C ASP E 69 -87.27 -22.97 104.96
N SER E 70 -87.85 -22.25 105.91
CA SER E 70 -89.18 -22.60 106.42
C SER E 70 -90.26 -22.53 105.36
N THR E 71 -90.07 -21.72 104.33
CA THR E 71 -91.07 -21.63 103.26
C THR E 71 -91.22 -22.97 102.53
N THR E 72 -90.09 -23.55 102.12
CA THR E 72 -90.09 -24.77 101.34
C THR E 72 -89.75 -26.00 102.19
N SER E 73 -89.18 -25.79 103.38
CA SER E 73 -88.77 -26.86 104.30
C SER E 73 -87.68 -27.74 103.66
N GLU E 74 -86.62 -27.07 103.23
CA GLU E 74 -85.43 -27.74 102.73
C GLU E 74 -84.20 -27.06 103.30
N THR E 75 -83.15 -27.83 103.51
CA THR E 75 -81.91 -27.28 104.04
C THR E 75 -81.05 -26.75 102.90
N LEU E 76 -80.61 -25.51 103.03
CA LEU E 76 -79.78 -24.86 102.03
C LEU E 76 -78.38 -24.67 102.58
N VAL E 77 -77.39 -24.78 101.71
CA VAL E 77 -75.99 -24.66 102.09
C VAL E 77 -75.47 -23.32 101.56
N ARG E 78 -75.06 -22.45 102.47
CA ARG E 78 -74.63 -21.10 102.11
C ARG E 78 -73.13 -20.98 101.92
N GLY E 79 -72.35 -21.83 102.58
CA GLY E 79 -70.91 -21.77 102.47
C GLY E 79 -70.32 -22.79 103.41
N GLN E 80 -68.99 -22.74 103.57
CA GLN E 80 -68.35 -23.67 104.49
C GLN E 80 -67.12 -23.04 105.12
N CYS E 81 -66.97 -23.28 106.42
CA CYS E 81 -65.76 -22.93 107.14
C CYS E 81 -64.75 -24.06 106.97
N VAL E 82 -63.56 -23.72 106.50
CA VAL E 82 -62.53 -24.69 106.18
C VAL E 82 -61.34 -24.45 107.08
N VAL E 83 -60.84 -25.52 107.70
CA VAL E 83 -59.64 -25.45 108.54
C VAL E 83 -58.67 -26.51 108.04
N ASP E 84 -57.52 -26.06 107.54
CA ASP E 84 -56.47 -26.96 107.08
C ASP E 84 -55.34 -26.99 108.09
N ILE E 85 -54.81 -28.17 108.33
CA ILE E 85 -53.75 -28.38 109.31
C ILE E 85 -52.72 -29.30 108.64
N ASN E 86 -51.63 -28.72 108.16
CA ASN E 86 -50.54 -29.52 107.61
C ASN E 86 -49.46 -29.71 108.65
N ILE E 87 -48.92 -30.93 108.72
CA ILE E 87 -47.90 -31.29 109.68
C ILE E 87 -46.75 -31.92 108.92
N VAL E 88 -45.57 -31.33 109.01
CA VAL E 88 -44.37 -31.90 108.41
C VAL E 88 -43.40 -32.26 109.51
N ILE E 89 -42.98 -33.51 109.55
CA ILE E 89 -42.03 -33.97 110.55
C ILE E 89 -40.81 -34.53 109.84
N PRO E 90 -39.63 -33.95 110.03
CA PRO E 90 -38.47 -34.39 109.27
C PRO E 90 -37.97 -35.77 109.68
N ARG E 91 -36.98 -36.27 108.94
CA ARG E 91 -36.43 -37.59 109.19
C ARG E 91 -35.69 -37.66 110.52
N VAL E 92 -35.22 -36.53 111.04
CA VAL E 92 -34.32 -36.50 112.18
C VAL E 92 -35.06 -36.21 113.49
N ALA E 93 -36.39 -36.26 113.49
CA ALA E 93 -37.17 -35.82 114.63
C ALA E 93 -37.34 -36.95 115.63
N THR E 94 -37.05 -36.66 116.89
CA THR E 94 -37.24 -37.65 117.96
C THR E 94 -38.72 -37.88 118.21
N ALA E 95 -39.01 -38.97 118.90
CA ALA E 95 -40.39 -39.35 119.17
C ALA E 95 -41.09 -38.44 120.17
N THR E 96 -40.35 -37.72 121.01
CA THR E 96 -40.95 -36.78 121.96
C THR E 96 -40.99 -35.37 121.42
N ASP E 97 -40.08 -35.01 120.51
CA ASP E 97 -40.15 -33.71 119.86
C ASP E 97 -41.38 -33.60 118.98
N ARG E 98 -41.80 -34.72 118.37
CA ARG E 98 -43.06 -34.73 117.64
C ARG E 98 -44.22 -34.34 118.55
N ALA E 99 -44.33 -34.99 119.71
CA ALA E 99 -45.42 -34.68 120.62
C ALA E 99 -45.34 -33.23 121.09
N GLU E 100 -44.13 -32.76 121.42
CA GLU E 100 -43.97 -31.38 121.83
C GLU E 100 -44.47 -30.43 120.74
N ALA E 101 -44.00 -30.61 119.51
CA ALA E 101 -44.37 -29.69 118.44
C ALA E 101 -45.86 -29.72 118.17
N ILE E 102 -46.45 -30.92 118.09
CA ILE E 102 -47.85 -31.02 117.75
C ILE E 102 -48.73 -30.43 118.85
N LYS E 103 -48.47 -30.81 120.10
CA LYS E 103 -49.32 -30.30 121.18
C LYS E 103 -49.10 -28.83 121.44
N ARG E 104 -47.93 -28.29 121.06
CA ARG E 104 -47.74 -26.85 121.18
C ARG E 104 -48.46 -26.10 120.07
N ALA E 105 -48.40 -26.61 118.84
CA ALA E 105 -49.09 -25.96 117.74
C ALA E 105 -50.61 -25.99 117.95
N PHE E 106 -51.14 -27.11 118.42
CA PHE E 106 -52.57 -27.20 118.70
C PHE E 106 -52.96 -26.46 119.97
N ASP E 107 -51.99 -25.95 120.74
CA ASP E 107 -52.29 -25.13 121.90
C ASP E 107 -52.41 -23.65 121.56
N VAL E 108 -52.32 -23.30 120.29
CA VAL E 108 -52.48 -21.90 119.88
C VAL E 108 -53.86 -21.39 120.27
N LEU E 109 -54.88 -22.21 120.05
CA LEU E 109 -56.25 -21.80 120.34
C LEU E 109 -56.41 -21.34 121.78
N ASN E 110 -55.64 -21.91 122.70
CA ASN E 110 -55.68 -21.44 124.07
C ASN E 110 -54.82 -20.20 124.30
N ALA E 111 -53.86 -19.94 123.41
CA ALA E 111 -53.03 -18.75 123.55
C ALA E 111 -53.56 -17.61 122.68
N LEU E 112 -53.68 -17.85 121.37
CA LEU E 112 -54.17 -16.85 120.43
C LEU E 112 -55.69 -17.00 120.27
N ASN E 113 -56.38 -16.94 121.41
CA ASN E 113 -57.79 -17.33 121.45
C ASN E 113 -58.68 -16.30 120.79
N ALA E 114 -58.63 -15.06 121.28
CA ALA E 114 -59.55 -14.03 120.80
C ALA E 114 -59.35 -13.72 119.32
N GLU E 115 -58.15 -13.96 118.79
CA GLU E 115 -57.91 -13.71 117.38
C GLU E 115 -58.46 -14.80 116.48
N LEU E 116 -58.96 -15.91 117.04
CA LEU E 116 -59.48 -17.01 116.25
C LEU E 116 -60.95 -17.26 116.52
N ILE E 117 -61.36 -17.31 117.78
CA ILE E 117 -62.74 -17.61 118.12
C ILE E 117 -63.67 -16.47 117.67
N THR E 118 -63.26 -15.23 117.90
CA THR E 118 -64.08 -14.08 117.55
C THR E 118 -63.69 -13.43 116.23
N GLY E 119 -62.48 -13.66 115.75
CA GLY E 119 -62.06 -13.14 114.47
C GLY E 119 -61.39 -11.79 114.50
N GLU E 120 -61.03 -11.29 115.68
CA GLU E 120 -60.38 -9.99 115.78
C GLU E 120 -59.01 -10.02 115.12
N GLY E 121 -58.38 -8.86 115.10
CA GLY E 121 -56.97 -8.76 114.77
C GLY E 121 -56.28 -8.00 115.88
N GLN E 122 -55.08 -8.46 116.23
CA GLN E 122 -54.36 -7.84 117.33
C GLN E 122 -53.83 -6.48 116.92
N TRP E 123 -53.98 -5.51 117.81
CA TRP E 123 -53.60 -4.14 117.49
C TRP E 123 -52.30 -3.71 118.16
N ALA F 1 -56.61 -9.08 121.67
CA ALA F 1 -55.93 -8.01 122.39
C ALA F 1 -54.66 -7.63 121.66
N ALA F 2 -53.87 -6.75 122.28
CA ALA F 2 -52.66 -6.26 121.64
C ALA F 2 -51.60 -7.35 121.58
N ARG F 3 -50.62 -7.16 120.70
CA ARG F 3 -49.52 -8.10 120.58
C ARG F 3 -48.81 -8.25 121.91
N SER F 4 -48.88 -9.43 122.51
CA SER F 4 -48.26 -9.67 123.81
C SER F 4 -47.42 -10.93 123.79
N SER F 5 -47.01 -11.40 124.96
CA SER F 5 -46.24 -12.63 125.07
C SER F 5 -47.18 -13.81 125.27
N ILE F 6 -47.07 -14.81 124.41
CA ILE F 6 -47.91 -16.00 124.48
C ILE F 6 -47.12 -17.14 125.11
N VAL F 7 -47.84 -18.10 125.68
CA VAL F 7 -47.26 -19.08 126.59
C VAL F 7 -47.53 -20.46 126.00
N LEU F 8 -47.41 -20.57 124.67
CA LEU F 8 -47.55 -21.83 123.95
C LEU F 8 -46.89 -22.98 124.71
N THR F 9 -47.69 -23.98 125.07
CA THR F 9 -47.24 -25.06 125.93
C THR F 9 -47.76 -26.39 125.40
N ASP F 10 -47.44 -27.47 126.12
CA ASP F 10 -47.99 -28.78 125.80
C ASP F 10 -48.41 -29.55 127.04
N GLY F 11 -48.53 -28.89 128.20
CA GLY F 11 -48.89 -29.52 129.44
C GLY F 11 -47.72 -29.79 130.36
N THR F 12 -46.51 -29.94 129.81
CA THR F 12 -45.32 -30.19 130.60
C THR F 12 -44.28 -29.10 130.45
N THR F 13 -43.91 -28.74 129.23
CA THR F 13 -42.81 -27.80 128.98
C THR F 13 -43.31 -26.58 128.24
N PRO F 14 -43.65 -25.51 128.95
CA PRO F 14 -44.12 -24.29 128.28
C PRO F 14 -42.97 -23.55 127.59
N VAL F 15 -43.35 -22.77 126.58
CA VAL F 15 -42.42 -21.89 125.87
C VAL F 15 -43.10 -20.54 125.69
N THR F 16 -42.40 -19.48 126.06
CA THR F 16 -42.93 -18.12 125.97
C THR F 16 -42.40 -17.45 124.71
N LEU F 17 -43.31 -16.88 123.92
CA LEU F 17 -42.96 -16.25 122.66
C LEU F 17 -43.35 -14.78 122.70
N THR F 18 -42.45 -13.91 122.24
CA THR F 18 -42.70 -12.49 122.20
C THR F 18 -42.58 -11.96 120.78
N PRO F 19 -43.44 -11.03 120.37
CA PRO F 19 -43.47 -10.60 118.96
C PRO F 19 -42.13 -10.03 118.52
N VAL F 20 -41.75 -10.34 117.28
CA VAL F 20 -40.40 -10.10 116.81
C VAL F 20 -40.48 -9.31 115.50
N GLY F 21 -41.68 -8.96 115.10
CA GLY F 21 -41.82 -8.17 113.89
C GLY F 21 -43.23 -8.30 113.32
N GLY F 22 -43.30 -8.22 112.00
CA GLY F 22 -44.57 -8.36 111.31
C GLY F 22 -45.03 -7.08 110.63
N GLY F 23 -46.29 -6.71 110.85
CA GLY F 23 -46.87 -5.54 110.22
C GLY F 23 -48.35 -5.43 110.50
N VAL F 24 -49.14 -5.17 109.46
CA VAL F 24 -50.60 -5.17 109.57
C VAL F 24 -51.11 -6.50 109.03
N GLY F 25 -51.92 -7.18 109.85
CA GLY F 25 -52.34 -8.53 109.50
C GLY F 25 -51.15 -9.46 109.37
N GLN F 26 -50.21 -9.36 110.31
CA GLN F 26 -49.03 -10.21 110.35
C GLN F 26 -48.35 -10.02 111.70
N THR F 27 -47.87 -11.12 112.27
CA THR F 27 -47.29 -11.06 113.62
C THR F 27 -46.34 -12.24 113.78
N LEU F 28 -45.05 -11.94 113.84
CA LEU F 28 -44.06 -12.96 114.12
C LEU F 28 -44.01 -13.24 115.62
N TYR F 29 -43.32 -14.32 115.98
CA TYR F 29 -43.08 -14.67 117.36
C TYR F 29 -41.76 -15.42 117.44
N ARG F 30 -41.20 -15.48 118.64
CA ARG F 30 -40.02 -16.29 118.91
C ARG F 30 -39.81 -16.34 120.42
N ALA F 31 -39.02 -17.32 120.86
CA ALA F 31 -38.75 -17.52 122.27
C ALA F 31 -37.43 -16.84 122.65
N THR F 32 -36.95 -17.12 123.87
CA THR F 32 -35.85 -16.36 124.45
C THR F 32 -34.48 -16.99 124.25
N ALA F 33 -34.40 -18.29 123.97
CA ALA F 33 -33.11 -18.93 123.78
C ALA F 33 -32.45 -18.45 122.49
N GLU F 34 -31.12 -18.57 122.41
CA GLU F 34 -30.35 -17.97 121.33
C GLU F 34 -29.53 -19.04 120.62
N ALA F 35 -29.56 -19.03 119.29
CA ALA F 35 -28.79 -19.99 118.50
C ALA F 35 -28.43 -19.33 117.18
N LEU F 36 -27.68 -20.05 116.35
CA LEU F 36 -27.06 -19.48 115.15
C LEU F 36 -27.94 -19.62 113.92
N SER F 37 -28.33 -20.85 113.55
CA SER F 37 -29.12 -21.07 112.35
C SER F 37 -30.62 -20.99 112.62
N ALA F 38 -31.12 -21.87 113.49
CA ALA F 38 -32.52 -21.85 113.89
C ALA F 38 -32.58 -21.58 115.38
N ALA F 39 -33.17 -20.45 115.76
CA ALA F 39 -33.12 -20.05 117.16
C ALA F 39 -34.17 -20.79 117.99
N ASN F 40 -35.44 -20.57 117.68
CA ASN F 40 -36.52 -21.00 118.57
C ASN F 40 -37.78 -21.30 117.77
N PRO F 41 -38.84 -21.78 118.41
CA PRO F 41 -40.14 -21.84 117.73
C PRO F 41 -40.59 -20.46 117.28
N SER F 42 -41.15 -20.39 116.07
CA SER F 42 -41.49 -19.12 115.44
C SER F 42 -42.92 -19.22 114.89
N LEU F 43 -43.88 -18.74 115.67
CA LEU F 43 -45.30 -18.83 115.31
C LEU F 43 -45.70 -17.60 114.53
N SER F 44 -45.72 -17.70 113.21
CA SER F 44 -46.19 -16.60 112.38
C SER F 44 -47.70 -16.65 112.24
N PHE F 45 -48.33 -15.48 112.26
CA PHE F 45 -49.79 -15.34 112.26
C PHE F 45 -50.18 -14.30 111.22
N GLY F 46 -50.86 -14.74 110.16
CA GLY F 46 -51.04 -13.90 108.99
C GLY F 46 -52.46 -13.56 108.57
N TYR F 47 -53.33 -13.21 109.52
CA TYR F 47 -54.73 -12.96 109.21
C TYR F 47 -54.90 -11.81 108.22
N ARG F 48 -56.01 -11.85 107.49
CA ARG F 48 -56.36 -10.82 106.52
C ARG F 48 -57.85 -10.98 106.18
N PHE F 49 -58.33 -10.13 105.27
CA PHE F 49 -59.69 -10.20 104.76
C PHE F 49 -59.64 -10.26 103.24
N THR F 50 -60.81 -10.32 102.62
CA THR F 50 -60.91 -10.57 101.18
C THR F 50 -62.11 -9.77 100.66
N ASP F 51 -62.57 -10.12 99.46
CA ASP F 51 -63.67 -9.40 98.82
C ASP F 51 -64.91 -9.36 99.71
N GLY F 52 -65.29 -10.52 100.25
CA GLY F 52 -66.36 -10.60 101.23
C GLY F 52 -65.81 -10.49 102.63
N GLY F 53 -66.57 -11.03 103.58
CA GLY F 53 -66.08 -11.12 104.94
C GLY F 53 -65.22 -12.35 105.13
N THR F 54 -64.56 -12.79 104.06
CA THR F 54 -63.82 -14.04 104.06
C THR F 54 -62.56 -13.89 104.90
N ASN F 55 -62.70 -14.10 106.21
CA ASN F 55 -61.58 -13.94 107.13
C ASN F 55 -60.58 -15.06 106.88
N ARG F 56 -59.54 -14.77 106.11
CA ARG F 56 -58.60 -15.80 105.68
C ARG F 56 -57.36 -15.80 106.58
N GLN F 57 -57.57 -16.26 107.81
CA GLN F 57 -56.48 -16.35 108.76
C GLN F 57 -55.50 -17.45 108.34
N SER F 58 -54.30 -17.41 108.92
CA SER F 58 -53.26 -18.35 108.56
C SER F 58 -52.20 -18.34 109.64
N LEU F 59 -51.67 -19.51 109.95
CA LEU F 59 -50.68 -19.68 111.00
C LEU F 59 -49.54 -20.55 110.49
N SER F 60 -48.44 -20.52 111.21
CA SER F 60 -47.34 -21.44 110.96
C SER F 60 -46.44 -21.54 112.19
N TYR F 61 -46.36 -22.71 112.80
CA TYR F 61 -45.57 -22.91 114.02
C TYR F 61 -44.40 -23.83 113.70
N LYS F 62 -43.20 -23.27 113.70
CA LYS F 62 -41.99 -24.05 113.45
C LYS F 62 -41.24 -24.23 114.76
N GLN F 63 -40.89 -25.46 115.08
CA GLN F 63 -40.07 -25.78 116.25
C GLN F 63 -38.79 -26.46 115.78
N PRO F 64 -37.62 -25.91 116.08
CA PRO F 64 -36.40 -26.48 115.54
C PRO F 64 -35.80 -27.69 116.27
N ILE F 65 -35.69 -28.78 115.53
CA ILE F 65 -35.08 -30.00 116.02
C ILE F 65 -33.60 -29.72 116.20
N THR F 66 -33.14 -29.71 117.45
CA THR F 66 -31.78 -29.31 117.79
C THR F 66 -31.23 -30.20 118.88
N ALA F 67 -29.90 -30.32 118.92
CA ALA F 67 -29.18 -31.02 119.98
C ALA F 67 -27.95 -30.21 120.35
N VAL F 68 -27.65 -30.13 121.64
CA VAL F 68 -26.59 -29.26 122.11
C VAL F 68 -25.24 -29.96 121.93
N ASP F 69 -24.34 -29.31 121.20
CA ASP F 69 -22.99 -29.85 121.00
C ASP F 69 -22.19 -29.76 122.30
N SER F 70 -21.13 -30.54 122.36
CA SER F 70 -20.22 -30.48 123.49
C SER F 70 -19.08 -29.51 123.22
N THR F 71 -18.69 -28.79 124.26
CA THR F 71 -17.61 -27.80 124.27
C THR F 71 -17.91 -26.55 123.45
N THR F 72 -19.04 -26.50 122.75
CA THR F 72 -19.41 -25.33 121.97
C THR F 72 -20.82 -24.90 122.33
N SER F 73 -21.03 -23.60 122.45
CA SER F 73 -22.33 -23.03 122.83
C SER F 73 -23.12 -22.61 121.60
N GLU F 74 -23.36 -23.55 120.69
CA GLU F 74 -24.10 -23.26 119.47
C GLU F 74 -25.31 -24.16 119.26
N THR F 75 -25.51 -25.15 120.12
CA THR F 75 -26.71 -26.01 120.15
C THR F 75 -27.19 -26.37 118.76
N LEU F 76 -26.36 -27.10 118.01
CA LEU F 76 -26.61 -27.47 116.62
C LEU F 76 -28.06 -27.88 116.39
N VAL F 77 -28.68 -27.28 115.37
CA VAL F 77 -30.05 -27.58 115.00
C VAL F 77 -30.04 -28.57 113.84
N ARG F 78 -30.96 -29.53 113.87
CA ARG F 78 -31.00 -30.60 112.88
C ARG F 78 -32.16 -30.49 111.92
N GLY F 79 -33.25 -29.86 112.30
CA GLY F 79 -34.40 -29.73 111.43
C GLY F 79 -35.46 -28.82 111.99
N GLN F 80 -36.69 -28.98 111.50
CA GLN F 80 -37.81 -28.19 112.02
C GLN F 80 -39.14 -28.88 111.77
N CYS F 81 -40.01 -28.92 112.79
CA CYS F 81 -41.32 -29.55 112.71
C CYS F 81 -42.35 -28.48 112.35
N VAL F 82 -42.53 -28.26 111.04
CA VAL F 82 -43.49 -27.27 110.57
C VAL F 82 -44.90 -27.76 110.83
N VAL F 83 -45.76 -26.85 111.31
CA VAL F 83 -47.17 -27.15 111.49
C VAL F 83 -48.01 -25.97 111.03
N ASP F 84 -48.53 -26.04 109.81
CA ASP F 84 -49.34 -24.95 109.26
C ASP F 84 -50.80 -25.14 109.64
N ILE F 85 -51.50 -24.04 109.87
CA ILE F 85 -52.93 -24.05 110.15
C ILE F 85 -53.60 -22.90 109.40
N ASN F 86 -54.31 -23.22 108.33
CA ASN F 86 -54.99 -22.20 107.54
C ASN F 86 -56.49 -22.27 107.79
N ILE F 87 -57.10 -21.09 107.95
CA ILE F 87 -58.51 -20.97 108.29
C ILE F 87 -59.18 -20.07 107.25
N VAL F 88 -60.32 -20.51 106.74
CA VAL F 88 -61.10 -19.73 105.79
C VAL F 88 -62.55 -19.74 106.27
N ILE F 89 -63.01 -18.61 106.77
CA ILE F 89 -64.36 -18.48 107.32
C ILE F 89 -65.16 -17.56 106.40
N PRO F 90 -66.32 -17.98 105.89
CA PRO F 90 -67.01 -17.17 104.89
C PRO F 90 -67.67 -15.95 105.50
N ARG F 91 -68.25 -15.10 104.65
CA ARG F 91 -68.93 -13.91 105.13
C ARG F 91 -70.19 -14.24 105.92
N VAL F 92 -70.90 -15.29 105.56
CA VAL F 92 -72.22 -15.59 106.11
C VAL F 92 -72.12 -16.36 107.41
N ALA F 93 -70.90 -16.51 107.93
CA ALA F 93 -70.67 -17.39 109.08
C ALA F 93 -70.97 -16.64 110.37
N THR F 94 -72.06 -17.04 111.01
CA THR F 94 -72.40 -16.51 112.33
C THR F 94 -71.28 -16.84 113.32
N ALA F 95 -71.00 -15.89 114.22
CA ALA F 95 -69.88 -16.05 115.13
C ALA F 95 -69.99 -17.29 116.01
N THR F 96 -71.20 -17.81 116.23
CA THR F 96 -71.32 -19.11 116.88
C THR F 96 -70.82 -20.23 115.99
N ASP F 97 -71.18 -20.19 114.70
CA ASP F 97 -70.71 -21.20 113.77
C ASP F 97 -69.20 -21.19 113.62
N ARG F 98 -68.60 -19.99 113.58
CA ARG F 98 -67.14 -19.93 113.49
C ARG F 98 -66.47 -20.51 114.72
N ALA F 99 -66.99 -20.19 115.91
CA ALA F 99 -66.43 -20.77 117.13
C ALA F 99 -66.55 -22.28 117.13
N GLU F 100 -67.71 -22.80 116.71
CA GLU F 100 -67.88 -24.25 116.62
C GLU F 100 -66.88 -24.85 115.65
N ALA F 101 -66.72 -24.25 114.48
CA ALA F 101 -65.82 -24.80 113.48
C ALA F 101 -64.38 -24.83 113.99
N ILE F 102 -63.93 -23.74 114.59
CA ILE F 102 -62.54 -23.68 115.05
C ILE F 102 -62.31 -24.66 116.20
N LYS F 103 -63.20 -24.67 117.18
CA LYS F 103 -62.98 -25.53 118.34
C LYS F 103 -63.14 -26.99 117.98
N ARG F 104 -63.91 -27.30 116.94
CA ARG F 104 -64.00 -28.69 116.47
C ARG F 104 -62.78 -29.08 115.67
N ALA F 105 -62.25 -28.18 114.85
CA ALA F 105 -61.05 -28.50 114.10
C ALA F 105 -59.87 -28.72 115.02
N PHE F 106 -59.75 -27.92 116.08
CA PHE F 106 -58.63 -28.08 117.00
C PHE F 106 -58.84 -29.20 118.01
N ASP F 107 -59.98 -29.89 117.95
CA ASP F 107 -60.20 -31.07 118.78
C ASP F 107 -59.80 -32.35 118.09
N VAL F 108 -59.20 -32.27 116.89
CA VAL F 108 -58.75 -33.47 116.21
C VAL F 108 -57.68 -34.17 117.02
N LEU F 109 -56.77 -33.40 117.63
CA LEU F 109 -55.67 -33.97 118.40
C LEU F 109 -56.17 -34.90 119.50
N ASN F 110 -57.35 -34.62 120.05
CA ASN F 110 -57.91 -35.48 121.09
C ASN F 110 -58.74 -36.62 120.53
N ALA F 111 -59.06 -36.60 119.24
CA ALA F 111 -59.82 -37.68 118.62
C ALA F 111 -58.95 -38.54 117.71
N LEU F 112 -58.18 -37.90 116.84
CA LEU F 112 -57.24 -38.58 115.96
C LEU F 112 -55.83 -38.53 116.57
N ASN F 113 -55.72 -39.04 117.79
CA ASN F 113 -54.55 -38.77 118.61
C ASN F 113 -53.33 -39.56 118.15
N ALA F 114 -53.44 -40.89 118.12
CA ALA F 114 -52.28 -41.74 117.85
C ALA F 114 -51.71 -41.47 116.47
N GLU F 115 -52.57 -41.27 115.48
CA GLU F 115 -52.10 -41.04 114.11
C GLU F 115 -51.30 -39.75 113.99
N LEU F 116 -51.53 -38.79 114.88
CA LEU F 116 -50.84 -37.50 114.81
C LEU F 116 -49.60 -37.46 115.69
N ILE F 117 -49.69 -38.02 116.90
CA ILE F 117 -48.56 -38.01 117.82
C ILE F 117 -47.54 -39.07 117.40
N THR F 118 -47.97 -40.32 117.32
CA THR F 118 -47.07 -41.42 116.96
C THR F 118 -46.73 -41.41 115.48
N GLY F 119 -47.71 -41.14 114.62
CA GLY F 119 -47.46 -41.05 113.19
C GLY F 119 -47.65 -42.36 112.48
N GLU F 120 -48.79 -43.02 112.71
CA GLU F 120 -48.99 -44.37 112.22
C GLU F 120 -50.48 -44.64 112.10
N GLY F 121 -50.81 -45.72 111.40
CA GLY F 121 -52.13 -46.29 111.52
C GLY F 121 -53.04 -46.18 110.31
N GLN F 122 -54.34 -46.15 110.58
CA GLN F 122 -55.39 -46.17 109.55
C GLN F 122 -55.27 -47.44 108.70
N TRP F 123 -55.54 -48.56 109.36
CA TRP F 123 -55.49 -49.87 108.70
C TRP F 123 -56.80 -50.12 107.96
N ALA G 1 40.93 -55.48 110.87
CA ALA G 1 40.88 -56.87 111.29
C ALA G 1 39.57 -57.52 110.85
N ALA G 2 39.34 -58.76 111.27
CA ALA G 2 38.09 -59.43 110.94
C ALA G 2 36.92 -58.71 111.57
N ARG G 3 35.86 -58.50 110.79
CA ARG G 3 34.71 -57.76 111.27
C ARG G 3 34.05 -58.48 112.43
N SER G 4 33.69 -57.74 113.47
CA SER G 4 33.08 -58.30 114.67
C SER G 4 32.14 -57.27 115.26
N SER G 5 31.77 -57.46 116.51
CA SER G 5 30.88 -56.53 117.20
C SER G 5 31.68 -55.45 117.89
N ILE G 6 31.04 -54.30 118.12
CA ILE G 6 31.65 -53.17 118.81
C ILE G 6 30.70 -52.69 119.89
N VAL G 7 31.27 -52.06 120.92
CA VAL G 7 30.57 -51.86 122.18
C VAL G 7 30.55 -50.36 122.46
N LEU G 8 30.34 -49.56 121.41
CA LEU G 8 30.20 -48.11 121.54
C LEU G 8 29.44 -47.73 122.79
N THR G 9 30.03 -46.86 123.61
CA THR G 9 29.49 -46.51 124.91
C THR G 9 29.71 -45.03 125.17
N ASP G 10 29.08 -44.55 126.23
CA ASP G 10 29.29 -43.17 126.70
C ASP G 10 29.42 -43.14 128.21
N GLY G 11 29.86 -44.26 128.80
CA GLY G 11 30.10 -44.30 130.23
C GLY G 11 28.98 -44.94 131.02
N THR G 12 27.74 -44.77 130.57
CA THR G 12 26.60 -45.28 131.33
C THR G 12 25.73 -46.25 130.54
N THR G 13 25.54 -46.05 129.25
CA THR G 13 24.66 -46.90 128.44
C THR G 13 25.42 -47.41 127.22
N PRO G 14 26.12 -48.53 127.36
CA PRO G 14 26.81 -49.12 126.20
C PRO G 14 25.82 -49.61 125.17
N VAL G 15 26.28 -49.60 123.91
CA VAL G 15 25.48 -50.07 122.78
C VAL G 15 26.30 -51.08 122.02
N THR G 16 25.76 -52.28 121.84
CA THR G 16 26.43 -53.34 121.09
C THR G 16 25.96 -53.27 119.64
N LEU G 17 26.90 -53.08 118.72
CA LEU G 17 26.60 -53.03 117.30
C LEU G 17 27.18 -54.26 116.63
N THR G 18 26.49 -54.73 115.59
CA THR G 18 26.89 -55.91 114.84
C THR G 18 26.92 -55.57 113.36
N PRO G 19 27.81 -56.20 112.60
CA PRO G 19 27.89 -55.91 111.16
C PRO G 19 26.78 -56.57 110.38
N VAL G 20 25.95 -55.78 109.70
CA VAL G 20 24.79 -56.33 109.01
C VAL G 20 24.80 -55.92 107.55
N GLY G 21 25.98 -55.69 107.00
CA GLY G 21 26.09 -55.32 105.60
C GLY G 21 27.44 -54.72 105.31
N GLY G 22 27.51 -54.06 104.15
CA GLY G 22 28.73 -53.40 103.75
C GLY G 22 29.18 -53.78 102.35
N GLY G 23 30.47 -53.99 102.19
CA GLY G 23 31.01 -54.34 100.88
C GLY G 23 32.52 -54.32 100.91
N VAL G 24 33.11 -53.84 99.82
CA VAL G 24 34.54 -53.65 99.73
C VAL G 24 34.84 -52.19 100.12
N GLY G 25 35.64 -52.02 101.16
CA GLY G 25 35.89 -50.69 101.69
C GLY G 25 34.66 -50.07 102.32
N GLN G 26 33.91 -50.87 103.08
CA GLN G 26 32.70 -50.41 103.75
C GLN G 26 32.24 -51.50 104.70
N THR G 27 31.66 -51.10 105.82
CA THR G 27 31.15 -52.05 106.80
C THR G 27 30.06 -51.39 107.63
N LEU G 28 28.81 -51.66 107.28
CA LEU G 28 27.69 -51.15 108.07
C LEU G 28 27.61 -51.86 109.41
N TYR G 29 27.07 -51.15 110.40
CA TYR G 29 26.80 -51.71 111.72
C TYR G 29 25.40 -51.31 112.12
N ARG G 30 24.81 -52.10 113.02
CA ARG G 30 23.53 -51.73 113.59
C ARG G 30 23.41 -52.33 114.97
N ALA G 31 22.74 -51.62 115.88
CA ALA G 31 22.52 -52.13 117.22
C ALA G 31 21.60 -53.33 117.17
N THR G 32 21.84 -54.30 118.06
CA THR G 32 21.11 -55.55 118.03
C THR G 32 19.60 -55.30 118.13
N ALA G 33 19.17 -54.77 119.27
CA ALA G 33 17.77 -54.36 119.44
C ALA G 33 17.69 -53.44 120.64
N GLU G 34 17.32 -52.18 120.42
CA GLU G 34 17.03 -51.30 121.56
C GLU G 34 15.60 -51.50 122.03
N ALA G 35 14.63 -51.09 121.23
CA ALA G 35 13.22 -51.40 121.49
C ALA G 35 12.41 -51.73 120.24
N LEU G 36 12.89 -51.39 119.06
CA LEU G 36 12.19 -51.62 117.79
C LEU G 36 13.17 -51.29 116.67
N SER G 37 12.71 -51.37 115.44
CA SER G 37 13.51 -50.92 114.31
C SER G 37 13.32 -49.42 114.11
N ALA G 38 14.28 -48.81 113.42
CA ALA G 38 14.41 -47.37 113.19
C ALA G 38 14.74 -46.61 114.46
N ALA G 39 14.80 -47.28 115.61
CA ALA G 39 15.22 -46.68 116.86
C ALA G 39 16.53 -47.32 117.31
N ASN G 40 17.36 -47.71 116.36
CA ASN G 40 18.62 -48.38 116.62
C ASN G 40 19.76 -47.61 115.98
N PRO G 41 20.82 -47.30 116.73
CA PRO G 41 21.94 -46.55 116.15
C PRO G 41 22.70 -47.37 115.13
N SER G 42 23.36 -46.67 114.20
CA SER G 42 24.17 -47.32 113.19
C SER G 42 25.52 -46.62 113.10
N LEU G 43 26.53 -47.36 112.64
CA LEU G 43 27.92 -46.91 112.64
C LEU G 43 28.59 -47.21 111.29
N SER G 44 28.01 -46.68 110.22
CA SER G 44 28.58 -46.89 108.89
C SER G 44 30.05 -46.49 108.88
N PHE G 45 30.88 -47.32 108.28
CA PHE G 45 32.33 -47.13 108.33
C PHE G 45 32.94 -47.53 106.98
N GLY G 46 33.50 -46.56 106.27
CA GLY G 46 34.16 -46.83 105.00
C GLY G 46 35.65 -46.52 105.07
N TYR G 47 36.35 -46.96 104.03
CA TYR G 47 37.79 -46.79 103.94
C TYR G 47 38.22 -47.09 102.51
N ARG G 48 39.18 -46.31 102.02
CA ARG G 48 39.66 -46.49 100.66
C ARG G 48 41.00 -45.80 100.50
N PHE G 49 41.71 -46.18 99.44
CA PHE G 49 42.99 -45.58 99.09
C PHE G 49 42.86 -44.95 97.71
N THR G 50 43.28 -43.70 97.60
CA THR G 50 43.32 -43.02 96.32
C THR G 50 44.61 -43.38 95.58
N ASP G 51 44.96 -42.60 94.55
CA ASP G 51 46.19 -42.80 93.80
C ASP G 51 47.38 -43.10 94.70
N GLY G 52 47.65 -42.20 95.65
CA GLY G 52 48.69 -42.42 96.64
C GLY G 52 48.17 -43.21 97.82
N GLY G 53 48.99 -43.30 98.86
CA GLY G 53 48.60 -44.03 100.05
C GLY G 53 47.74 -43.22 100.98
N THR G 54 46.92 -42.33 100.43
CA THR G 54 46.05 -41.48 101.23
C THR G 54 44.95 -42.33 101.84
N ASN G 55 45.13 -42.70 103.10
CA ASN G 55 44.21 -43.60 103.79
C ASN G 55 42.91 -42.89 104.13
N ARG G 56 42.07 -42.65 103.13
CA ARG G 56 40.85 -41.86 103.30
C ARG G 56 39.77 -42.70 103.95
N GLN G 57 39.87 -42.84 105.26
CA GLN G 57 38.82 -43.50 106.03
C GLN G 57 37.68 -42.52 106.28
N SER G 58 36.51 -43.08 106.62
CA SER G 58 35.33 -42.27 106.86
C SER G 58 34.40 -43.01 107.81
N LEU G 59 33.68 -42.24 108.62
CA LEU G 59 32.72 -42.80 109.56
C LEU G 59 31.43 -42.01 109.52
N SER G 60 30.37 -42.62 110.04
CA SER G 60 29.09 -41.95 110.18
C SER G 60 28.27 -42.70 111.21
N TYR G 61 28.06 -42.09 112.37
CA TYR G 61 27.27 -42.66 113.45
C TYR G 61 25.95 -41.91 113.51
N LYS G 62 24.85 -42.64 113.40
CA LYS G 62 23.52 -42.07 113.39
C LYS G 62 22.73 -42.66 114.54
N GLN G 63 22.27 -41.81 115.45
CA GLN G 63 21.46 -42.23 116.58
C GLN G 63 20.09 -41.59 116.48
N PRO G 64 19.01 -42.35 116.35
CA PRO G 64 17.70 -41.76 116.15
C PRO G 64 17.02 -41.36 117.45
N ILE G 65 16.27 -40.27 117.37
CA ILE G 65 15.61 -39.66 118.52
C ILE G 65 14.18 -40.17 118.56
N THR G 66 13.87 -40.98 119.56
CA THR G 66 12.57 -41.63 119.66
C THR G 66 11.76 -41.01 120.79
N ALA G 67 10.44 -40.99 120.61
CA ALA G 67 9.55 -40.36 121.57
C ALA G 67 8.18 -41.02 121.48
N VAL G 68 7.48 -41.05 122.62
CA VAL G 68 6.17 -41.69 122.67
C VAL G 68 5.14 -40.81 121.96
N ASP G 69 4.06 -41.46 121.50
CA ASP G 69 2.99 -40.83 120.74
C ASP G 69 1.65 -41.14 121.41
N SER G 70 1.56 -40.80 122.70
CA SER G 70 0.49 -41.20 123.62
C SER G 70 -0.91 -41.19 123.01
N THR G 71 -1.17 -40.29 122.06
CA THR G 71 -2.43 -40.34 121.33
C THR G 71 -2.62 -41.70 120.66
N THR G 72 -1.53 -42.36 120.27
CA THR G 72 -1.55 -43.73 119.77
C THR G 72 -0.66 -44.67 120.55
N SER G 73 0.24 -44.14 121.38
CA SER G 73 1.15 -44.93 122.23
C SER G 73 2.14 -45.75 121.40
N GLU G 74 2.45 -45.30 120.19
CA GLU G 74 3.42 -45.96 119.33
C GLU G 74 4.70 -45.14 119.29
N THR G 75 5.83 -45.79 119.54
CA THR G 75 7.10 -45.11 119.78
C THR G 75 7.70 -44.63 118.46
N LEU G 76 7.14 -43.54 117.95
CA LEU G 76 7.61 -42.97 116.69
C LEU G 76 8.97 -42.30 116.86
N VAL G 77 9.71 -42.22 115.76
CA VAL G 77 11.02 -41.58 115.73
C VAL G 77 10.90 -40.24 115.00
N ARG G 78 11.47 -39.19 115.60
CA ARG G 78 11.36 -37.84 115.07
C ARG G 78 12.47 -37.52 114.07
N GLY G 79 13.73 -37.59 114.52
CA GLY G 79 14.87 -37.31 113.67
C GLY G 79 16.07 -38.12 114.09
N GLN G 80 17.28 -37.69 113.72
CA GLN G 80 18.48 -38.42 114.08
C GLN G 80 19.63 -37.45 114.32
N CYS G 81 20.55 -37.86 115.19
CA CYS G 81 21.80 -37.15 115.42
C CYS G 81 22.91 -37.85 114.64
N VAL G 82 23.65 -37.08 113.86
CA VAL G 82 24.62 -37.60 112.91
C VAL G 82 26.00 -37.07 113.28
N VAL G 83 26.98 -37.96 113.40
CA VAL G 83 28.36 -37.59 113.65
C VAL G 83 29.23 -38.22 112.57
N ASP G 84 29.93 -37.40 111.80
CA ASP G 84 30.80 -37.87 110.73
C ASP G 84 32.25 -37.59 111.11
N ILE G 85 33.05 -38.63 111.24
CA ILE G 85 34.47 -38.47 111.53
C ILE G 85 35.30 -38.90 110.34
N ASN G 86 35.62 -37.97 109.45
CA ASN G 86 36.47 -38.28 108.32
C ASN G 86 37.94 -38.17 108.70
N ILE G 87 38.74 -39.08 108.15
CA ILE G 87 40.17 -39.12 108.43
C ILE G 87 40.90 -39.25 107.11
N VAL G 88 41.92 -38.42 106.91
CA VAL G 88 42.77 -38.49 105.73
C VAL G 88 44.22 -38.45 106.17
N ILE G 89 44.97 -39.50 105.86
CA ILE G 89 46.38 -39.59 106.18
C ILE G 89 47.13 -39.86 104.88
N PRO G 90 48.07 -39.00 104.49
CA PRO G 90 48.75 -39.20 103.20
C PRO G 90 49.77 -40.33 103.27
N ARG G 91 50.32 -40.67 102.10
CA ARG G 91 51.30 -41.73 102.04
C ARG G 91 52.60 -41.36 102.74
N VAL G 92 52.94 -40.07 102.75
CA VAL G 92 54.20 -39.59 103.30
C VAL G 92 54.18 -39.64 104.82
N ALA G 93 53.07 -40.08 105.39
CA ALA G 93 52.91 -40.08 106.84
C ALA G 93 53.65 -41.26 107.46
N THR G 94 54.43 -40.97 108.50
CA THR G 94 55.04 -42.06 109.27
C THR G 94 53.99 -42.71 110.15
N ALA G 95 54.38 -43.80 110.81
CA ALA G 95 53.47 -44.53 111.67
C ALA G 95 53.17 -43.79 112.97
N THR G 96 53.93 -42.75 113.30
CA THR G 96 53.71 -42.01 114.54
C THR G 96 52.92 -40.73 114.34
N ASP G 97 52.98 -40.13 113.15
CA ASP G 97 52.16 -38.97 112.87
C ASP G 97 50.68 -39.34 112.79
N ARG G 98 50.38 -40.52 112.25
CA ARG G 98 48.99 -40.93 112.11
C ARG G 98 48.33 -41.12 113.48
N ALA G 99 48.97 -41.87 114.37
CA ALA G 99 48.41 -42.08 115.70
C ALA G 99 48.31 -40.77 116.46
N GLU G 100 49.34 -39.93 116.38
CA GLU G 100 49.33 -38.63 117.02
C GLU G 100 48.13 -37.80 116.56
N ALA G 101 47.96 -37.69 115.24
CA ALA G 101 46.87 -36.88 114.71
C ALA G 101 45.51 -37.43 115.12
N ILE G 102 45.33 -38.75 115.01
CA ILE G 102 44.02 -39.34 115.30
C ILE G 102 43.67 -39.11 116.77
N LYS G 103 44.59 -39.43 117.68
CA LYS G 103 44.28 -39.29 119.09
C LYS G 103 44.09 -37.83 119.48
N ARG G 104 44.89 -36.92 118.92
CA ARG G 104 44.71 -35.51 119.25
C ARG G 104 43.36 -35.00 118.77
N ALA G 105 42.98 -35.34 117.54
CA ALA G 105 41.69 -34.88 117.03
C ALA G 105 40.53 -35.49 117.78
N PHE G 106 40.68 -36.71 118.29
CA PHE G 106 39.62 -37.29 119.10
C PHE G 106 39.62 -36.75 120.54
N ASP G 107 40.70 -36.11 120.96
CA ASP G 107 40.72 -35.45 122.27
C ASP G 107 39.97 -34.13 122.29
N VAL G 108 39.35 -33.73 121.18
CA VAL G 108 38.67 -32.45 121.12
C VAL G 108 37.54 -32.40 122.14
N LEU G 109 36.73 -33.46 122.22
CA LEU G 109 35.61 -33.46 123.14
C LEU G 109 36.07 -33.27 124.58
N ASN G 110 37.21 -33.85 124.94
CA ASN G 110 37.78 -33.57 126.26
C ASN G 110 38.21 -32.11 126.37
N ALA G 111 38.80 -31.57 125.30
CA ALA G 111 39.28 -30.18 125.35
C ALA G 111 38.15 -29.18 125.08
N LEU G 112 37.57 -29.24 123.90
CA LEU G 112 36.52 -28.29 123.48
C LEU G 112 35.14 -28.85 123.81
N ASN G 113 34.90 -29.00 125.12
CA ASN G 113 33.76 -29.80 125.57
C ASN G 113 32.45 -29.04 125.44
N ALA G 114 32.33 -27.91 126.13
CA ALA G 114 31.03 -27.29 126.35
C ALA G 114 30.32 -26.88 125.07
N GLU G 115 31.06 -26.61 123.99
CA GLU G 115 30.43 -26.20 122.74
C GLU G 115 29.92 -27.38 121.92
N LEU G 116 30.35 -28.60 122.23
CA LEU G 116 29.87 -29.80 121.54
C LEU G 116 28.74 -30.48 122.27
N ILE G 117 28.92 -30.74 123.57
CA ILE G 117 27.90 -31.44 124.34
C ILE G 117 26.64 -30.61 124.44
N THR G 118 26.79 -29.33 124.80
CA THR G 118 25.65 -28.49 125.12
C THR G 118 25.08 -27.78 123.90
N GLY G 119 25.89 -27.51 122.89
CA GLY G 119 25.43 -26.86 121.69
C GLY G 119 25.51 -25.35 121.69
N GLU G 120 26.01 -24.73 122.75
CA GLU G 120 26.11 -23.28 122.80
C GLU G 120 27.14 -22.78 121.80
N GLY G 121 26.87 -21.59 121.27
CA GLY G 121 27.75 -20.96 120.31
C GLY G 121 28.68 -20.00 121.01
N GLN G 122 29.98 -20.28 120.92
CA GLN G 122 30.96 -19.47 121.61
C GLN G 122 31.02 -18.06 121.04
N TRP G 123 31.28 -17.10 121.93
CA TRP G 123 31.28 -15.70 121.56
C TRP G 123 32.69 -15.12 121.58
N ALA H 1 26.19 -64.70 118.09
CA ALA H 1 25.73 -64.75 116.70
C ALA H 1 26.91 -64.84 115.74
N ALA H 2 27.99 -65.49 116.19
CA ALA H 2 29.13 -65.76 115.34
C ALA H 2 28.91 -67.03 114.54
N ARG H 3 29.69 -67.17 113.46
CA ARG H 3 29.51 -68.31 112.57
C ARG H 3 30.14 -69.56 113.18
N SER H 4 29.31 -70.58 113.38
CA SER H 4 29.77 -71.87 113.89
C SER H 4 28.85 -72.95 113.32
N SER H 5 29.20 -74.20 113.60
CA SER H 5 28.41 -75.32 113.09
C SER H 5 27.04 -75.35 113.74
N ILE H 6 26.02 -75.65 112.93
CA ILE H 6 24.65 -75.75 113.40
C ILE H 6 24.16 -77.18 113.20
N VAL H 7 23.18 -77.57 114.00
CA VAL H 7 22.84 -78.98 114.19
C VAL H 7 21.39 -79.24 113.79
N LEU H 8 20.94 -78.60 112.69
CA LEU H 8 19.62 -78.86 112.12
C LEU H 8 19.23 -80.32 112.25
N THR H 9 18.03 -80.57 112.79
CA THR H 9 17.58 -81.92 113.04
C THR H 9 16.07 -81.98 112.90
N ASP H 10 15.57 -83.18 112.59
CA ASP H 10 14.14 -83.43 112.49
C ASP H 10 13.61 -84.23 113.67
N GLY H 11 14.47 -84.66 114.59
CA GLY H 11 14.05 -85.47 115.71
C GLY H 11 14.68 -86.85 115.65
N THR H 12 14.82 -87.39 114.44
CA THR H 12 15.37 -88.73 114.27
C THR H 12 16.87 -88.70 113.97
N THR H 13 17.26 -88.03 112.90
CA THR H 13 18.65 -87.99 112.46
C THR H 13 19.12 -86.54 112.39
N PRO H 14 20.00 -86.10 113.28
CA PRO H 14 20.55 -84.75 113.17
C PRO H 14 21.62 -84.67 112.09
N VAL H 15 21.66 -83.52 111.41
CA VAL H 15 22.70 -83.23 110.44
C VAL H 15 23.42 -81.96 110.88
N THR H 16 24.74 -82.01 110.89
CA THR H 16 25.58 -80.91 111.35
C THR H 16 26.13 -80.16 110.14
N LEU H 17 25.70 -78.92 109.96
CA LEU H 17 26.18 -78.08 108.87
C LEU H 17 27.27 -77.16 109.39
N THR H 18 28.39 -77.12 108.67
CA THR H 18 29.48 -76.22 109.02
C THR H 18 29.60 -75.11 107.98
N PRO H 19 30.05 -73.93 108.37
CA PRO H 19 30.17 -72.84 107.38
C PRO H 19 31.18 -73.18 106.30
N VAL H 20 30.89 -72.75 105.09
CA VAL H 20 31.80 -72.93 103.96
C VAL H 20 31.96 -71.61 103.22
N GLY H 21 31.67 -70.51 103.88
CA GLY H 21 31.96 -69.22 103.29
C GLY H 21 30.87 -68.18 103.38
N GLY H 22 30.82 -67.29 102.41
CA GLY H 22 29.76 -66.30 102.31
C GLY H 22 30.19 -64.86 102.41
N GLY H 23 31.07 -64.55 103.35
CA GLY H 23 31.46 -63.16 103.54
C GLY H 23 30.43 -62.36 104.32
N VAL H 24 30.32 -61.06 104.05
CA VAL H 24 29.42 -60.18 104.77
C VAL H 24 28.07 -60.16 104.06
N GLY H 25 27.00 -60.15 104.84
CA GLY H 25 25.67 -60.16 104.28
C GLY H 25 25.13 -61.53 103.93
N GLN H 26 25.87 -62.59 104.17
CA GLN H 26 25.39 -63.95 103.90
C GLN H 26 26.30 -64.94 104.60
N THR H 27 25.87 -66.19 104.60
CA THR H 27 26.65 -67.28 105.19
C THR H 27 26.20 -68.58 104.57
N LEU H 28 27.13 -69.30 103.94
CA LEU H 28 26.84 -70.59 103.35
C LEU H 28 27.20 -71.69 104.33
N TYR H 29 26.32 -72.68 104.43
CA TYR H 29 26.57 -73.84 105.27
C TYR H 29 26.57 -75.09 104.41
N ARG H 30 27.18 -76.15 104.94
CA ARG H 30 27.16 -77.44 104.27
C ARG H 30 27.59 -78.54 105.23
N ALA H 31 26.93 -79.70 105.18
CA ALA H 31 27.33 -80.83 106.01
C ALA H 31 28.50 -81.55 105.36
N THR H 32 29.01 -82.57 106.04
CA THR H 32 30.13 -83.33 105.48
C THR H 32 29.63 -84.37 104.49
N ALA H 33 28.94 -85.41 104.99
CA ALA H 33 28.45 -86.54 104.19
C ALA H 33 29.44 -86.89 103.08
N GLU H 34 30.69 -87.02 103.48
CA GLU H 34 31.80 -87.07 102.53
C GLU H 34 31.67 -88.26 101.60
N ALA H 35 32.21 -88.10 100.39
CA ALA H 35 32.21 -89.18 99.40
C ALA H 35 30.77 -89.63 99.09
N LEU H 36 30.04 -88.74 98.42
CA LEU H 36 30.50 -87.60 97.63
C LEU H 36 30.34 -86.29 98.38
N SER H 37 31.12 -85.27 97.97
CA SER H 37 31.09 -83.97 98.63
C SER H 37 29.94 -83.09 98.19
N ALA H 38 29.34 -83.35 97.05
CA ALA H 38 28.20 -82.58 96.56
C ALA H 38 26.86 -83.18 96.96
N ALA H 39 26.87 -84.32 97.62
CA ALA H 39 25.64 -84.98 98.06
C ALA H 39 25.41 -84.78 99.56
N ASN H 40 25.21 -83.53 99.96
CA ASN H 40 24.91 -83.21 101.35
C ASN H 40 24.18 -81.88 101.41
N PRO H 41 23.35 -81.67 102.43
CA PRO H 41 22.50 -80.48 102.47
C PRO H 41 23.29 -79.19 102.67
N SER H 42 22.65 -78.08 102.31
CA SER H 42 23.24 -76.76 102.43
C SER H 42 22.17 -75.78 102.88
N LEU H 43 22.62 -74.69 103.50
CA LEU H 43 21.73 -73.72 104.17
C LEU H 43 22.11 -72.28 103.84
N SER H 44 22.12 -71.95 102.55
CA SER H 44 22.48 -70.59 102.16
C SER H 44 21.60 -69.56 102.87
N PHE H 45 22.22 -68.76 103.75
CA PHE H 45 21.49 -67.82 104.59
C PHE H 45 22.05 -66.42 104.39
N GLY H 46 21.21 -65.51 103.88
CA GLY H 46 21.60 -64.14 103.68
C GLY H 46 20.70 -63.17 104.43
N TYR H 47 21.16 -61.92 104.53
CA TYR H 47 20.47 -60.89 105.27
C TYR H 47 21.01 -59.54 104.86
N ARG H 48 20.15 -58.53 104.89
CA ARG H 48 20.55 -57.18 104.50
C ARG H 48 19.52 -56.20 105.05
N PHE H 49 19.88 -54.91 105.02
CA PHE H 49 18.99 -53.83 105.40
C PHE H 49 18.88 -52.86 104.24
N THR H 50 17.65 -52.55 103.84
CA THR H 50 17.41 -51.67 102.70
C THR H 50 17.55 -50.22 103.14
N ASP H 51 17.06 -49.30 102.30
CA ASP H 51 17.12 -47.88 102.61
C ASP H 51 16.56 -47.58 103.98
N GLY H 52 15.43 -48.20 104.34
CA GLY H 52 14.89 -48.05 105.66
C GLY H 52 15.50 -49.04 106.64
N GLY H 53 14.71 -49.52 107.58
CA GLY H 53 15.17 -50.56 108.48
C GLY H 53 14.59 -51.90 108.10
N THR H 54 14.16 -52.01 106.84
CA THR H 54 13.49 -53.21 106.36
C THR H 54 14.50 -54.35 106.30
N ASN H 55 14.45 -55.22 107.30
CA ASN H 55 15.36 -56.35 107.39
C ASN H 55 14.85 -57.44 106.46
N ARG H 56 15.62 -57.77 105.43
CA ARG H 56 15.24 -58.79 104.46
C ARG H 56 16.14 -60.00 104.63
N GLN H 57 15.74 -60.92 105.50
CA GLN H 57 16.46 -62.15 105.68
C GLN H 57 15.98 -63.19 104.68
N SER H 58 16.85 -64.16 104.37
CA SER H 58 16.53 -65.14 103.36
C SER H 58 17.28 -66.45 103.60
N LEU H 59 16.57 -67.56 103.69
CA LEU H 59 17.21 -68.85 103.88
C LEU H 59 16.83 -69.77 102.73
N SER H 60 17.77 -70.62 102.34
CA SER H 60 17.53 -71.60 101.28
C SER H 60 18.22 -72.88 101.70
N TYR H 61 17.43 -73.89 102.06
CA TYR H 61 17.93 -75.18 102.51
C TYR H 61 17.70 -76.18 101.40
N LYS H 62 18.78 -76.78 100.91
CA LYS H 62 18.71 -77.77 99.85
C LYS H 62 19.24 -79.10 100.37
N GLN H 63 18.46 -80.15 100.21
CA GLN H 63 18.88 -81.49 100.59
C GLN H 63 18.86 -82.38 99.36
N PRO H 64 20.00 -82.90 98.92
CA PRO H 64 20.01 -83.75 97.73
C PRO H 64 19.63 -85.18 98.04
N ILE H 65 19.03 -85.83 97.06
CA ILE H 65 18.53 -87.19 97.18
C ILE H 65 19.59 -88.12 96.61
N THR H 66 20.20 -88.92 97.47
CA THR H 66 21.31 -89.79 97.09
C THR H 66 20.81 -91.19 96.77
N ALA H 67 21.68 -91.96 96.13
CA ALA H 67 21.35 -93.34 95.78
C ALA H 67 22.67 -94.08 95.56
N VAL H 68 23.04 -94.95 96.50
CA VAL H 68 24.32 -95.64 96.42
C VAL H 68 24.21 -96.75 95.37
N ASP H 69 24.90 -96.56 94.26
CA ASP H 69 24.86 -97.51 93.14
C ASP H 69 25.75 -98.69 93.49
N SER H 70 25.14 -99.78 93.96
CA SER H 70 25.89 -100.93 94.44
C SER H 70 26.74 -101.58 93.36
N THR H 71 26.35 -101.45 92.08
CA THR H 71 27.13 -102.02 91.00
C THR H 71 28.52 -101.39 90.93
N THR H 72 28.57 -100.06 90.90
CA THR H 72 29.81 -99.32 90.78
C THR H 72 30.34 -98.85 92.13
N SER H 73 29.48 -98.78 93.15
CA SER H 73 29.82 -98.30 94.50
C SER H 73 30.22 -96.82 94.45
N GLU H 74 29.31 -96.02 93.90
CA GLU H 74 29.45 -94.57 93.89
C GLU H 74 28.10 -93.96 94.20
N THR H 75 28.12 -92.79 94.83
CA THR H 75 26.89 -92.11 95.20
C THR H 75 26.42 -91.23 94.04
N LEU H 76 25.16 -91.39 93.65
CA LEU H 76 24.56 -90.61 92.58
C LEU H 76 23.54 -89.66 93.17
N VAL H 77 23.43 -88.48 92.56
CA VAL H 77 22.52 -87.45 93.02
C VAL H 77 21.38 -87.35 92.02
N ARG H 78 20.15 -87.61 92.49
CA ARG H 78 18.99 -87.67 91.62
C ARG H 78 18.22 -86.36 91.56
N GLY H 79 18.33 -85.54 92.60
CA GLY H 79 17.61 -84.28 92.64
C GLY H 79 17.81 -83.66 94.00
N GLN H 80 17.07 -82.59 94.28
CA GLN H 80 17.18 -81.96 95.57
C GLN H 80 15.85 -81.36 96.01
N CYS H 81 15.53 -81.55 97.28
CA CYS H 81 14.41 -80.87 97.91
C CYS H 81 14.88 -79.50 98.37
N VAL H 82 14.18 -78.46 97.93
CA VAL H 82 14.56 -77.08 98.19
C VAL H 82 13.48 -76.42 99.04
N VAL H 83 13.88 -75.74 100.11
CA VAL H 83 12.96 -75.00 100.95
C VAL H 83 13.51 -73.58 101.09
N ASP H 84 12.75 -72.61 100.59
CA ASP H 84 13.12 -71.20 100.70
C ASP H 84 12.25 -70.54 101.75
N ILE H 85 12.86 -69.68 102.56
CA ILE H 85 12.16 -68.96 103.62
C ILE H 85 12.63 -67.51 103.55
N ASN H 86 11.81 -66.65 102.97
CA ASN H 86 12.11 -65.23 102.97
C ASN H 86 11.36 -64.54 104.09
N ILE H 87 12.07 -63.65 104.79
CA ILE H 87 11.51 -62.92 105.91
C ILE H 87 11.72 -61.44 105.65
N VAL H 88 10.63 -60.68 105.63
CA VAL H 88 10.69 -59.24 105.46
C VAL H 88 10.14 -58.60 106.73
N ILE H 89 10.92 -57.73 107.34
CA ILE H 89 10.48 -57.04 108.54
C ILE H 89 10.55 -55.54 108.30
N PRO H 90 9.45 -54.82 108.38
CA PRO H 90 9.46 -53.40 108.01
C PRO H 90 10.20 -52.54 109.02
N ARG H 91 10.35 -51.26 108.67
CA ARG H 91 11.06 -50.32 109.52
C ARG H 91 10.34 -50.06 110.83
N VAL H 92 9.03 -50.29 110.89
CA VAL H 92 8.20 -49.87 112.02
C VAL H 92 7.87 -51.03 112.95
N ALA H 93 8.58 -52.15 112.85
CA ALA H 93 8.22 -53.36 113.57
C ALA H 93 8.86 -53.37 114.95
N THR H 94 8.06 -53.60 115.97
CA THR H 94 8.56 -53.71 117.33
C THR H 94 9.38 -55.01 117.49
N ALA H 95 10.21 -55.04 118.52
CA ALA H 95 11.10 -56.16 118.74
C ALA H 95 10.37 -57.44 119.16
N THR H 96 9.17 -57.34 119.72
CA THR H 96 8.39 -58.52 120.07
C THR H 96 7.43 -58.95 118.98
N ASP H 97 7.01 -58.02 118.12
CA ASP H 97 6.20 -58.41 116.96
C ASP H 97 7.02 -59.21 115.97
N ARG H 98 8.32 -58.94 115.87
CA ARG H 98 9.20 -59.80 115.07
C ARG H 98 9.16 -61.23 115.56
N ALA H 99 9.33 -61.43 116.87
CA ALA H 99 9.30 -62.79 117.41
C ALA H 99 7.94 -63.43 117.19
N GLU H 100 6.87 -62.67 117.43
CA GLU H 100 5.52 -63.20 117.20
C GLU H 100 5.37 -63.68 115.76
N ALA H 101 5.69 -62.82 114.80
CA ALA H 101 5.49 -63.16 113.39
C ALA H 101 6.35 -64.36 112.99
N ILE H 102 7.62 -64.36 113.39
CA ILE H 102 8.52 -65.43 112.96
C ILE H 102 8.09 -66.76 113.57
N LYS H 103 7.86 -66.79 114.88
CA LYS H 103 7.50 -68.05 115.52
C LYS H 103 6.11 -68.52 115.10
N ARG H 104 5.23 -67.61 114.67
CA ARG H 104 3.95 -68.05 114.15
C ARG H 104 4.08 -68.62 112.75
N ALA H 105 4.90 -67.99 111.90
CA ALA H 105 5.09 -68.51 110.55
C ALA H 105 5.78 -69.87 110.58
N PHE H 106 6.77 -70.03 111.44
CA PHE H 106 7.44 -71.33 111.55
C PHE H 106 6.60 -72.35 112.30
N ASP H 107 5.46 -71.95 112.87
CA ASP H 107 4.56 -72.90 113.51
C ASP H 107 3.54 -73.48 112.54
N VAL H 108 3.64 -73.15 111.26
CA VAL H 108 2.74 -73.73 110.27
C VAL H 108 2.88 -75.24 110.23
N LEU H 109 4.13 -75.72 110.28
CA LEU H 109 4.38 -77.15 110.20
C LEU H 109 3.60 -77.93 111.27
N ASN H 110 3.34 -77.31 112.42
CA ASN H 110 2.51 -77.96 113.43
C ASN H 110 1.02 -77.76 113.17
N ALA H 111 0.65 -76.75 112.39
CA ALA H 111 -0.76 -76.54 112.08
C ALA H 111 -1.12 -77.19 110.75
N LEU H 112 -0.42 -76.81 109.68
CA LEU H 112 -0.67 -77.36 108.34
C LEU H 112 0.26 -78.54 108.10
N ASN H 113 0.18 -79.53 108.99
CA ASN H 113 1.17 -80.59 109.04
C ASN H 113 0.99 -81.58 107.89
N ALA H 114 -0.20 -82.18 107.78
CA ALA H 114 -0.40 -83.24 106.80
C ALA H 114 -0.26 -82.73 105.37
N GLU H 115 -0.49 -81.44 105.14
CA GLU H 115 -0.33 -80.89 103.80
C GLU H 115 1.13 -80.67 103.42
N LEU H 116 2.06 -80.83 104.35
CA LEU H 116 3.47 -80.61 104.08
C LEU H 116 4.31 -81.86 104.27
N ILE H 117 4.13 -82.58 105.37
CA ILE H 117 4.95 -83.76 105.65
C ILE H 117 4.65 -84.86 104.63
N THR H 118 3.38 -85.11 104.34
CA THR H 118 3.00 -86.18 103.43
C THR H 118 2.76 -85.70 102.00
N GLY H 119 2.44 -84.43 101.81
CA GLY H 119 2.24 -83.89 100.48
C GLY H 119 0.81 -83.86 100.00
N GLU H 120 -0.17 -84.11 100.88
CA GLU H 120 -1.57 -84.11 100.48
C GLU H 120 -1.99 -82.71 100.07
N GLY H 121 -3.23 -82.62 99.63
CA GLY H 121 -3.89 -81.33 99.46
C GLY H 121 -5.21 -81.36 100.20
N GLN H 122 -5.57 -80.22 100.78
CA GLN H 122 -6.79 -80.16 101.57
C GLN H 122 -8.00 -80.12 100.65
N TRP H 123 -9.00 -80.92 100.99
CA TRP H 123 -10.19 -81.06 100.14
C TRP H 123 -11.40 -80.32 100.69
N ALA I 1 -6.12 -82.97 105.68
CA ALA I 1 -7.55 -83.02 105.94
C ALA I 1 -8.25 -81.84 105.28
N ALA I 2 -9.55 -81.70 105.53
CA ALA I 2 -10.32 -80.66 104.89
C ALA I 2 -9.94 -79.29 105.44
N ARG I 3 -10.30 -78.26 104.69
CA ARG I 3 -10.05 -76.89 105.13
C ARG I 3 -10.74 -76.64 106.47
N SER I 4 -9.95 -76.39 107.52
CA SER I 4 -10.51 -76.15 108.83
C SER I 4 -9.85 -74.94 109.48
N SER I 5 -10.08 -74.74 110.77
CA SER I 5 -9.49 -73.62 111.49
C SER I 5 -8.15 -74.05 112.08
N ILE I 6 -7.10 -73.29 111.76
CA ILE I 6 -5.76 -73.56 112.25
C ILE I 6 -5.47 -72.63 113.42
N VAL I 7 -4.52 -73.05 114.26
CA VAL I 7 -4.33 -72.44 115.58
C VAL I 7 -2.88 -71.93 115.62
N LEU I 8 -2.42 -71.36 114.52
CA LEU I 8 -1.09 -70.77 114.43
C LEU I 8 -0.77 -69.98 115.70
N THR I 9 0.31 -70.39 116.38
CA THR I 9 0.66 -69.84 117.67
C THR I 9 2.17 -69.60 117.73
N ASP I 10 2.64 -69.16 118.90
CA ASP I 10 4.07 -69.00 119.12
C ASP I 10 4.52 -69.46 120.49
N GLY I 11 3.65 -70.12 121.26
CA GLY I 11 3.93 -70.55 122.60
C GLY I 11 3.27 -69.71 123.68
N THR I 12 2.96 -68.44 123.37
CA THR I 12 2.30 -67.55 124.32
C THR I 12 0.95 -67.06 123.81
N THR I 13 0.90 -66.52 122.59
CA THR I 13 -0.31 -65.86 122.08
C THR I 13 -0.81 -66.55 120.83
N PRO I 14 -1.73 -67.51 120.95
CA PRO I 14 -2.26 -68.18 119.76
C PRO I 14 -3.18 -67.28 118.95
N VAL I 15 -3.31 -67.62 117.67
CA VAL I 15 -4.23 -66.94 116.76
C VAL I 15 -4.93 -68.01 115.93
N THR I 16 -6.26 -67.95 115.88
CA THR I 16 -7.05 -68.92 115.13
C THR I 16 -7.44 -68.31 113.79
N LEU I 17 -7.19 -69.05 112.72
CA LEU I 17 -7.45 -68.60 111.36
C LEU I 17 -8.42 -69.55 110.68
N THR I 18 -9.45 -68.99 110.03
CA THR I 18 -10.43 -69.77 109.30
C THR I 18 -10.40 -69.40 107.82
N PRO I 19 -10.59 -70.38 106.93
CA PRO I 19 -10.43 -70.11 105.50
C PRO I 19 -11.40 -69.04 105.01
N VAL I 20 -10.91 -68.15 104.14
CA VAL I 20 -11.71 -67.03 103.66
C VAL I 20 -11.67 -66.96 102.14
N GLY I 21 -11.43 -68.07 101.49
CA GLY I 21 -11.50 -68.07 100.04
C GLY I 21 -10.52 -69.08 99.46
N GLY I 22 -10.03 -68.75 98.26
CA GLY I 22 -9.08 -69.59 97.58
C GLY I 22 -9.63 -70.28 96.35
N GLY I 23 -9.44 -71.58 96.25
CA GLY I 23 -9.88 -72.34 95.11
C GLY I 23 -9.32 -73.75 95.13
N VAL I 24 -8.81 -74.21 93.99
CA VAL I 24 -8.13 -75.50 93.91
C VAL I 24 -6.63 -75.24 93.95
N GLY I 25 -5.93 -75.93 94.84
CA GLY I 25 -4.52 -75.65 95.05
C GLY I 25 -4.31 -74.23 95.52
N GLN I 26 -5.16 -73.77 96.43
CA GLN I 26 -5.08 -72.43 97.00
C GLN I 26 -6.01 -72.37 98.19
N THR I 27 -5.57 -71.69 99.26
CA THR I 27 -6.36 -71.63 100.48
C THR I 27 -5.94 -70.38 101.25
N LEU I 28 -6.83 -69.39 101.31
CA LEU I 28 -6.58 -68.22 102.12
C LEU I 28 -6.90 -68.51 103.59
N TYR I 29 -6.50 -67.59 104.45
CA TYR I 29 -6.81 -67.68 105.87
C TYR I 29 -6.88 -66.26 106.42
N ARG I 30 -7.50 -66.14 107.59
CA ARG I 30 -7.55 -64.88 108.32
C ARG I 30 -8.15 -65.16 109.70
N ALA I 31 -7.92 -64.25 110.63
CA ALA I 31 -8.38 -64.38 112.00
C ALA I 31 -9.70 -63.61 112.19
N THR I 32 -10.12 -63.49 113.46
CA THR I 32 -11.46 -62.98 113.77
C THR I 32 -11.52 -61.46 113.91
N ALA I 33 -10.45 -60.82 114.38
CA ALA I 33 -10.49 -59.38 114.62
C ALA I 33 -10.71 -58.60 113.33
N GLU I 34 -11.30 -57.41 113.44
CA GLU I 34 -11.76 -56.65 112.29
C GLU I 34 -11.08 -55.29 112.25
N ALA I 35 -10.60 -54.91 111.07
CA ALA I 35 -9.95 -53.62 110.89
C ALA I 35 -10.23 -53.15 109.46
N LEU I 36 -9.70 -51.98 109.11
CA LEU I 36 -10.05 -51.30 107.87
C LEU I 36 -9.08 -51.62 106.74
N SER I 37 -7.79 -51.35 106.92
CA SER I 37 -6.80 -51.57 105.87
C SER I 37 -6.23 -52.98 105.91
N ALA I 38 -5.59 -53.33 107.02
CA ALA I 38 -5.04 -54.67 107.21
C ALA I 38 -5.71 -55.29 108.42
N ALA I 39 -6.50 -56.34 108.19
CA ALA I 39 -7.31 -56.89 109.26
C ALA I 39 -6.47 -57.76 110.21
N ASN I 40 -5.93 -58.86 109.69
CA ASN I 40 -5.34 -59.88 110.55
C ASN I 40 -4.21 -60.60 109.83
N PRO I 41 -3.52 -61.53 110.49
CA PRO I 41 -2.62 -62.43 109.76
C PRO I 41 -3.37 -63.21 108.69
N SER I 42 -2.73 -63.36 107.53
CA SER I 42 -3.38 -63.97 106.37
C SER I 42 -2.41 -64.97 105.74
N LEU I 43 -2.59 -66.25 106.08
CA LEU I 43 -1.69 -67.32 105.65
C LEU I 43 -2.21 -67.93 104.36
N SER I 44 -1.67 -67.49 103.23
CA SER I 44 -2.04 -68.07 101.94
C SER I 44 -1.20 -69.31 101.68
N PHE I 45 -1.83 -70.33 101.09
CA PHE I 45 -1.22 -71.65 100.88
C PHE I 45 -1.50 -72.07 99.44
N GLY I 46 -0.44 -72.16 98.63
CA GLY I 46 -0.60 -72.28 97.19
C GLY I 46 -0.05 -73.52 96.52
N TYR I 47 -0.28 -74.70 97.10
CA TYR I 47 0.28 -75.93 96.57
C TYR I 47 -0.21 -76.20 95.15
N ARG I 48 0.60 -76.96 94.40
CA ARG I 48 0.29 -77.37 93.04
C ARG I 48 1.27 -78.48 92.65
N PHE I 49 1.13 -78.97 91.41
CA PHE I 49 2.05 -79.94 90.83
C PHE I 49 2.58 -79.39 89.52
N THR I 50 3.42 -80.19 88.86
CA THR I 50 4.13 -79.72 87.68
C THR I 50 4.27 -80.90 86.71
N ASP I 51 5.19 -80.80 85.75
CA ASP I 51 5.38 -81.84 84.75
C ASP I 51 5.65 -83.19 85.41
N GLY I 52 6.56 -83.22 86.37
CA GLY I 52 6.81 -84.40 87.16
C GLY I 52 5.97 -84.41 88.41
N GLY I 53 6.46 -85.13 89.42
CA GLY I 53 5.82 -85.10 90.72
C GLY I 53 6.33 -83.94 91.54
N THR I 54 6.71 -82.86 90.85
CA THR I 54 7.35 -81.72 91.49
C THR I 54 6.34 -80.95 92.32
N ASN I 55 6.13 -81.38 93.56
CA ASN I 55 5.15 -80.76 94.43
C ASN I 55 5.64 -79.38 94.81
N ARG I 56 5.15 -78.36 94.10
CA ARG I 56 5.66 -77.00 94.24
C ARG I 56 4.77 -76.21 95.19
N GLN I 57 4.82 -76.60 96.46
CA GLN I 57 4.04 -75.90 97.48
C GLN I 57 4.59 -74.50 97.70
N SER I 58 3.78 -73.65 98.32
CA SER I 58 4.13 -72.26 98.53
C SER I 58 3.24 -71.69 99.62
N LEU I 59 3.81 -70.88 100.49
CA LEU I 59 3.09 -70.29 101.60
C LEU I 59 3.43 -68.81 101.68
N SER I 60 2.60 -68.08 102.42
CA SER I 60 2.89 -66.69 102.73
C SER I 60 2.09 -66.25 103.95
N TYR I 61 2.76 -65.93 105.05
CA TYR I 61 2.12 -65.55 106.29
C TYR I 61 2.40 -64.07 106.56
N LYS I 62 1.37 -63.24 106.46
CA LYS I 62 1.50 -61.83 106.73
C LYS I 62 0.82 -61.51 108.06
N GLN I 63 1.54 -60.82 108.93
CA GLN I 63 1.00 -60.35 110.21
C GLN I 63 1.07 -58.84 110.22
N PRO I 64 -0.04 -58.13 110.39
CA PRO I 64 -0.01 -56.69 110.29
C PRO I 64 0.43 -55.90 111.53
N ILE I 65 1.50 -55.15 111.35
CA ILE I 65 2.05 -54.30 112.40
C ILE I 65 1.05 -53.17 112.60
N THR I 66 0.42 -53.13 113.78
CA THR I 66 -0.70 -52.24 114.05
C THR I 66 -0.63 -51.74 115.49
N ALA I 67 -1.23 -50.58 115.73
CA ALA I 67 -1.39 -50.01 117.06
C ALA I 67 -2.77 -49.38 117.17
N VAL I 68 -3.41 -49.57 118.32
CA VAL I 68 -4.78 -49.15 118.49
C VAL I 68 -4.83 -47.65 118.78
N ASP I 69 -5.56 -46.91 117.95
CA ASP I 69 -5.72 -45.48 118.17
C ASP I 69 -6.61 -45.23 119.38
N SER I 70 -6.54 -44.01 119.90
CA SER I 70 -7.41 -43.60 120.99
C SER I 70 -8.66 -42.92 120.43
N THR I 71 -9.80 -43.19 121.07
CA THR I 71 -11.12 -42.65 120.77
C THR I 71 -11.68 -43.14 119.44
N THR I 72 -10.94 -43.93 118.67
CA THR I 72 -11.43 -44.46 117.40
C THR I 72 -11.21 -45.96 117.36
N SER I 73 -12.22 -46.69 116.88
CA SER I 73 -12.18 -48.14 116.80
C SER I 73 -11.68 -48.63 115.45
N GLU I 74 -10.51 -48.15 115.04
CA GLU I 74 -9.96 -48.52 113.75
C GLU I 74 -8.57 -49.15 113.83
N THR I 75 -7.97 -49.20 115.01
CA THR I 75 -6.71 -49.91 115.30
C THR I 75 -5.70 -49.77 114.16
N LEU I 76 -5.26 -48.54 113.92
CA LEU I 76 -4.37 -48.19 112.81
C LEU I 76 -3.25 -49.21 112.63
N VAL I 77 -3.08 -49.65 111.38
CA VAL I 77 -2.03 -50.60 111.01
C VAL I 77 -0.87 -49.83 110.40
N ARG I 78 0.35 -50.25 110.74
CA ARG I 78 1.55 -49.55 110.30
C ARG I 78 2.36 -50.31 109.26
N GLY I 79 2.24 -51.62 109.20
CA GLY I 79 3.00 -52.40 108.25
C GLY I 79 2.60 -53.85 108.24
N GLN I 80 3.50 -54.70 107.75
CA GLN I 80 3.25 -56.15 107.73
C GLN I 80 4.54 -56.94 107.67
N CYS I 81 4.65 -57.99 108.49
CA CYS I 81 5.83 -58.83 108.56
C CYS I 81 5.61 -60.05 107.64
N VAL I 82 5.97 -59.88 106.37
CA VAL I 82 5.81 -60.96 105.40
C VAL I 82 6.81 -62.07 105.66
N VAL I 83 6.34 -63.32 105.62
CA VAL I 83 7.21 -64.48 105.74
C VAL I 83 6.83 -65.52 104.71
N ASP I 84 7.58 -65.57 103.59
CA ASP I 84 7.29 -66.51 102.52
C ASP I 84 8.03 -67.82 102.76
N ILE I 85 7.38 -68.93 102.43
CA ILE I 85 8.00 -70.25 102.53
C ILE I 85 7.66 -71.07 101.28
N ASN I 86 8.61 -71.21 100.37
CA ASN I 86 8.40 -71.97 99.16
C ASN I 86 9.10 -73.31 99.24
N ILE I 87 8.42 -74.36 98.79
CA ILE I 87 8.90 -75.72 98.87
C ILE I 87 8.85 -76.34 97.49
N VAL I 88 9.93 -76.99 97.09
CA VAL I 88 10.01 -77.67 95.80
C VAL I 88 10.58 -79.06 96.05
N ILE I 89 9.74 -80.08 95.94
CA ILE I 89 10.10 -81.47 96.21
C ILE I 89 10.05 -82.25 94.91
N PRO I 90 11.13 -82.93 94.51
CA PRO I 90 11.15 -83.54 93.19
C PRO I 90 10.29 -84.79 93.10
N ARG I 91 10.22 -85.38 91.91
CA ARG I 91 9.45 -86.61 91.72
C ARG I 91 10.06 -87.79 92.43
N VAL I 92 11.39 -87.85 92.56
CA VAL I 92 12.09 -89.03 93.04
C VAL I 92 12.21 -89.02 94.55
N ALA I 93 11.54 -88.09 95.21
CA ALA I 93 11.71 -87.88 96.64
C ALA I 93 10.83 -88.85 97.42
N THR I 94 11.46 -89.84 98.04
CA THR I 94 10.76 -90.75 98.93
C THR I 94 10.14 -89.97 100.08
N ALA I 95 8.94 -90.38 100.51
CA ALA I 95 8.20 -89.64 101.52
C ALA I 95 8.96 -89.50 102.83
N THR I 96 9.91 -90.39 103.11
CA THR I 96 10.79 -90.18 104.25
C THR I 96 11.75 -89.02 104.01
N ASP I 97 12.32 -88.95 102.80
CA ASP I 97 13.22 -87.85 102.48
C ASP I 97 12.50 -86.51 102.52
N ARG I 98 11.26 -86.46 102.03
CA ARG I 98 10.53 -85.20 102.08
C ARG I 98 10.24 -84.77 103.51
N ALA I 99 9.85 -85.71 104.36
CA ALA I 99 9.63 -85.38 105.76
C ALA I 99 10.90 -84.87 106.41
N GLU I 100 12.03 -85.53 106.15
CA GLU I 100 13.29 -85.06 106.69
C GLU I 100 13.61 -83.66 106.21
N ALA I 101 13.44 -83.40 104.91
CA ALA I 101 13.78 -82.10 104.37
C ALA I 101 12.92 -81.00 104.99
N ILE I 102 11.61 -81.24 105.09
CA ILE I 102 10.72 -80.21 105.62
C ILE I 102 11.01 -79.97 107.10
N LYS I 103 11.13 -81.04 107.89
CA LYS I 103 11.33 -80.86 109.32
C LYS I 103 12.71 -80.29 109.63
N ARG I 104 13.70 -80.53 108.77
CA ARG I 104 15.01 -79.92 108.96
C ARG I 104 15.01 -78.46 108.54
N ALA I 105 14.29 -78.12 107.48
CA ALA I 105 14.20 -76.71 107.10
C ALA I 105 13.48 -75.90 108.16
N PHE I 106 12.43 -76.45 108.75
CA PHE I 106 11.70 -75.71 109.77
C PHE I 106 12.35 -75.77 111.14
N ASP I 107 13.49 -76.46 111.27
CA ASP I 107 14.26 -76.44 112.50
C ASP I 107 15.34 -75.37 112.49
N VAL I 108 15.38 -74.53 111.46
CA VAL I 108 16.35 -73.44 111.43
C VAL I 108 16.12 -72.49 112.59
N LEU I 109 14.86 -72.21 112.90
CA LEU I 109 14.54 -71.26 113.96
C LEU I 109 15.15 -71.66 115.30
N ASN I 110 15.34 -72.96 115.52
CA ASN I 110 15.95 -73.42 116.76
C ASN I 110 17.48 -73.50 116.69
N ALA I 111 18.06 -73.40 115.50
CA ALA I 111 19.51 -73.41 115.34
C ALA I 111 20.04 -72.04 115.01
N LEU I 112 19.44 -71.37 114.04
CA LEU I 112 19.81 -70.00 113.65
C LEU I 112 18.87 -69.01 114.33
N ASN I 113 18.80 -69.10 115.66
CA ASN I 113 17.72 -68.45 116.40
C ASN I 113 17.91 -66.94 116.49
N ALA I 114 19.05 -66.50 117.05
CA ALA I 114 19.24 -65.09 117.33
C ALA I 114 19.22 -64.26 116.06
N GLU I 115 19.83 -64.76 114.98
CA GLU I 115 19.87 -64.01 113.74
C GLU I 115 18.49 -63.78 113.15
N LEU I 116 17.53 -64.67 113.44
CA LEU I 116 16.18 -64.55 112.90
C LEU I 116 15.26 -63.76 113.81
N ILE I 117 15.34 -64.00 115.12
CA ILE I 117 14.48 -63.30 116.07
C ILE I 117 14.97 -61.87 116.25
N THR I 118 16.22 -61.71 116.68
CA THR I 118 16.76 -60.39 116.96
C THR I 118 17.08 -59.62 115.68
N GLY I 119 17.64 -60.30 114.68
CA GLY I 119 17.93 -59.66 113.40
C GLY I 119 19.32 -59.07 113.33
N GLU I 120 20.32 -59.86 113.68
CA GLU I 120 21.68 -59.36 113.82
C GLU I 120 22.67 -60.49 113.66
N GLY I 121 23.94 -60.14 113.47
CA GLY I 121 24.99 -61.10 113.69
C GLY I 121 25.77 -61.57 112.48
N GLN I 122 26.30 -62.79 112.57
CA GLN I 122 27.18 -63.38 111.57
C GLN I 122 28.44 -62.51 111.39
N TRP I 123 29.23 -62.50 112.45
CA TRP I 123 30.49 -61.77 112.45
C TRP I 123 31.58 -62.59 111.79
N ALA J 1 -41.92 -120.90 26.14
CA ALA J 1 -43.11 -121.58 25.65
C ALA J 1 -44.29 -120.62 25.58
N ALA J 2 -45.47 -121.15 25.30
CA ALA J 2 -46.65 -120.30 25.26
C ALA J 2 -46.95 -119.74 26.64
N ARG J 3 -47.32 -118.46 26.69
CA ARG J 3 -47.59 -117.79 27.96
C ARG J 3 -48.80 -118.43 28.63
N SER J 4 -48.68 -118.66 29.94
CA SER J 4 -49.74 -119.29 30.72
C SER J 4 -49.67 -118.74 32.14
N SER J 5 -50.33 -119.43 33.07
CA SER J 5 -50.33 -119.03 34.46
C SER J 5 -49.17 -119.68 35.20
N ILE J 6 -48.76 -119.05 36.29
CA ILE J 6 -47.68 -119.55 37.14
C ILE J 6 -48.14 -119.54 38.59
N VAL J 7 -47.53 -120.41 39.40
CA VAL J 7 -48.08 -120.79 40.69
C VAL J 7 -47.02 -120.46 41.76
N LEU J 8 -46.31 -119.35 41.57
CA LEU J 8 -45.32 -118.87 42.55
C LEU J 8 -45.79 -119.11 43.98
N THR J 9 -44.95 -119.77 44.76
CA THR J 9 -45.31 -120.21 46.10
C THR J 9 -44.11 -120.08 47.02
N ASP J 10 -44.36 -120.25 48.31
CA ASP J 10 -43.29 -120.31 49.30
C ASP J 10 -43.55 -121.43 50.30
N GLY J 11 -44.27 -122.46 49.87
CA GLY J 11 -44.49 -123.62 50.69
C GLY J 11 -45.84 -123.65 51.38
N THR J 12 -46.35 -122.47 51.75
CA THR J 12 -47.61 -122.40 52.49
C THR J 12 -48.70 -121.60 51.81
N THR J 13 -48.35 -120.52 51.11
CA THR J 13 -49.34 -119.63 50.49
C THR J 13 -49.01 -119.45 49.01
N PRO J 14 -49.47 -120.35 48.15
CA PRO J 14 -49.24 -120.19 46.72
C PRO J 14 -49.96 -118.97 46.17
N VAL J 15 -49.40 -118.42 45.10
CA VAL J 15 -49.96 -117.26 44.41
C VAL J 15 -50.06 -117.60 42.94
N THR J 16 -51.27 -117.55 42.40
CA THR J 16 -51.49 -117.80 40.97
C THR J 16 -51.42 -116.48 40.23
N LEU J 17 -50.50 -116.38 39.28
CA LEU J 17 -50.33 -115.18 38.47
C LEU J 17 -50.77 -115.49 37.05
N THR J 18 -51.30 -114.47 36.38
CA THR J 18 -51.78 -114.59 35.01
C THR J 18 -51.18 -113.49 34.17
N PRO J 19 -50.95 -113.73 32.88
CA PRO J 19 -50.35 -112.69 32.03
C PRO J 19 -51.36 -111.64 31.62
N VAL J 20 -51.10 -110.38 31.97
CA VAL J 20 -52.07 -109.32 31.74
C VAL J 20 -51.44 -108.19 30.92
N GLY J 21 -50.42 -108.52 30.14
CA GLY J 21 -49.80 -107.51 29.31
C GLY J 21 -48.42 -107.96 28.85
N GLY J 22 -47.66 -106.99 28.38
CA GLY J 22 -46.30 -107.26 27.93
C GLY J 22 -46.02 -106.73 26.55
N GLY J 23 -45.31 -107.52 25.75
CA GLY J 23 -44.96 -107.10 24.40
C GLY J 23 -44.02 -108.10 23.77
N VAL J 24 -43.05 -107.57 23.03
CA VAL J 24 -41.99 -108.40 22.45
C VAL J 24 -40.82 -108.38 23.41
N GLY J 25 -40.41 -109.57 23.86
CA GLY J 25 -39.38 -109.67 24.87
C GLY J 25 -39.81 -109.12 26.21
N GLN J 26 -41.05 -109.42 26.62
CA GLN J 26 -41.60 -108.94 27.87
C GLN J 26 -42.92 -109.66 28.12
N THR J 27 -43.21 -109.94 29.39
CA THR J 27 -44.46 -110.60 29.75
C THR J 27 -44.79 -110.25 31.20
N LEU J 28 -45.69 -109.28 31.38
CA LEU J 28 -46.15 -108.94 32.72
C LEU J 28 -47.05 -110.03 33.28
N TYR J 29 -47.07 -110.15 34.59
CA TYR J 29 -47.96 -111.05 35.30
C TYR J 29 -48.61 -110.30 36.44
N ARG J 30 -49.76 -110.79 36.89
CA ARG J 30 -50.39 -110.22 38.06
C ARG J 30 -51.23 -111.30 38.73
N ALA J 31 -51.27 -111.26 40.06
CA ALA J 31 -52.09 -112.21 40.79
C ALA J 31 -53.56 -111.95 40.50
N THR J 32 -54.35 -113.04 40.43
CA THR J 32 -55.74 -112.92 40.01
C THR J 32 -56.51 -111.95 40.90
N ALA J 33 -56.63 -112.29 42.19
CA ALA J 33 -57.21 -111.38 43.16
C ALA J 33 -56.83 -111.86 44.55
N GLU J 34 -56.05 -111.07 45.29
CA GLU J 34 -55.81 -111.38 46.69
C GLU J 34 -56.95 -110.85 47.56
N ALA J 35 -57.05 -109.52 47.68
CA ALA J 35 -58.21 -108.89 48.31
C ALA J 35 -58.67 -107.62 47.64
N LEU J 36 -57.86 -106.99 46.79
CA LEU J 36 -58.18 -105.74 46.13
C LEU J 36 -57.08 -105.49 45.09
N SER J 37 -57.15 -104.36 44.41
CA SER J 37 -56.07 -103.95 43.52
C SER J 37 -55.01 -103.22 44.32
N ALA J 38 -53.80 -103.18 43.75
CA ALA J 38 -52.57 -102.66 44.34
C ALA J 38 -52.08 -103.51 45.50
N ALA J 39 -52.82 -104.54 45.90
CA ALA J 39 -52.39 -105.50 46.90
C ALA J 39 -52.17 -106.87 46.26
N ASN J 40 -51.76 -106.86 45.00
CA ASN J 40 -51.54 -108.07 44.24
C ASN J 40 -50.11 -108.11 43.71
N PRO J 41 -49.37 -109.19 43.93
CA PRO J 41 -48.00 -109.27 43.44
C PRO J 41 -47.93 -109.33 41.92
N SER J 42 -46.78 -108.91 41.39
CA SER J 42 -46.55 -108.94 39.96
C SER J 42 -45.18 -109.55 39.68
N LEU J 43 -45.02 -110.14 38.50
CA LEU J 43 -43.82 -110.90 38.12
C LEU J 43 -43.35 -110.49 36.73
N SER J 44 -43.07 -109.20 36.55
CA SER J 44 -42.59 -108.72 35.26
C SER J 44 -41.37 -109.52 34.81
N PHE J 45 -41.36 -109.92 33.54
CA PHE J 45 -40.32 -110.82 33.04
C PHE J 45 -39.97 -110.42 31.61
N GLY J 46 -38.73 -109.98 31.41
CA GLY J 46 -38.24 -109.62 30.09
C GLY J 46 -37.11 -110.53 29.65
N TYR J 47 -36.77 -110.42 28.37
CA TYR J 47 -35.73 -111.24 27.75
C TYR J 47 -35.39 -110.62 26.41
N ARG J 48 -34.10 -110.67 26.07
CA ARG J 48 -33.65 -110.10 24.80
C ARG J 48 -32.28 -110.65 24.48
N PHE J 49 -31.89 -110.51 23.21
CA PHE J 49 -30.58 -110.90 22.73
C PHE J 49 -29.87 -109.66 22.20
N THR J 50 -28.65 -109.43 22.67
CA THR J 50 -27.84 -108.34 22.16
C THR J 50 -27.11 -108.77 20.89
N ASP J 51 -26.08 -108.03 20.51
CA ASP J 51 -25.28 -108.36 19.33
C ASP J 51 -24.87 -109.83 19.31
N GLY J 52 -24.33 -110.30 20.43
CA GLY J 52 -24.01 -111.71 20.58
C GLY J 52 -25.22 -112.50 21.07
N GLY J 53 -24.97 -113.76 21.40
CA GLY J 53 -26.02 -114.60 21.92
C GLY J 53 -26.23 -114.43 23.41
N THR J 54 -25.95 -113.23 23.90
CA THR J 54 -26.05 -112.93 25.32
C THR J 54 -27.52 -112.95 25.72
N ASN J 55 -27.95 -114.07 26.29
CA ASN J 55 -29.35 -114.28 26.64
C ASN J 55 -29.72 -113.44 27.86
N ARG J 56 -29.83 -112.13 27.67
CA ARG J 56 -30.00 -111.19 28.79
C ARG J 56 -31.45 -111.20 29.25
N GLN J 57 -31.80 -112.22 30.02
CA GLN J 57 -33.11 -112.29 30.64
C GLN J 57 -33.14 -111.40 31.89
N SER J 58 -34.35 -111.04 32.31
CA SER J 58 -34.52 -110.17 33.46
C SER J 58 -35.85 -110.47 34.12
N LEU J 59 -35.89 -110.34 35.44
CA LEU J 59 -37.10 -110.57 36.21
C LEU J 59 -37.29 -109.45 37.21
N SER J 60 -38.52 -109.31 37.69
CA SER J 60 -38.85 -108.33 38.71
C SER J 60 -40.13 -108.75 39.38
N TYR J 61 -40.03 -109.23 40.61
CA TYR J 61 -41.18 -109.66 41.40
C TYR J 61 -41.44 -108.62 42.47
N LYS J 62 -42.64 -108.06 42.46
CA LYS J 62 -43.03 -107.00 43.40
C LYS J 62 -44.22 -107.47 44.21
N GLN J 63 -44.04 -107.55 45.52
CA GLN J 63 -45.11 -107.94 46.43
C GLN J 63 -45.44 -106.78 47.35
N PRO J 64 -46.64 -106.23 47.32
CA PRO J 64 -46.94 -105.04 48.11
C PRO J 64 -47.37 -105.38 49.54
N ILE J 65 -46.95 -104.52 50.46
CA ILE J 65 -47.19 -104.69 51.88
C ILE J 65 -48.45 -103.93 52.24
N THR J 66 -49.51 -104.65 52.59
CA THR J 66 -50.79 -104.04 52.88
C THR J 66 -51.06 -104.10 54.39
N ALA J 67 -51.82 -103.11 54.87
CA ALA J 67 -52.12 -103.01 56.30
C ALA J 67 -53.44 -102.29 56.47
N VAL J 68 -54.14 -102.63 57.55
CA VAL J 68 -55.44 -102.02 57.81
C VAL J 68 -55.26 -100.58 58.29
N ASP J 69 -56.30 -99.78 58.09
CA ASP J 69 -56.32 -98.36 58.42
C ASP J 69 -57.51 -98.05 59.32
N SER J 70 -57.59 -98.78 60.44
CA SER J 70 -58.74 -98.84 61.34
C SER J 70 -59.47 -97.51 61.52
N THR J 71 -58.75 -96.40 61.54
CA THR J 71 -59.41 -95.10 61.56
C THR J 71 -60.40 -94.94 60.41
N THR J 72 -60.13 -95.58 59.27
CA THR J 72 -61.06 -95.64 58.16
C THR J 72 -61.39 -97.07 57.74
N SER J 73 -60.62 -98.06 58.18
CA SER J 73 -60.85 -99.48 57.89
C SER J 73 -60.69 -99.81 56.42
N GLU J 74 -59.87 -99.04 55.70
CA GLU J 74 -59.56 -99.30 54.30
C GLU J 74 -58.14 -99.85 54.18
N THR J 75 -57.99 -100.97 53.49
CA THR J 75 -56.74 -101.72 53.46
C THR J 75 -55.72 -101.01 52.56
N LEU J 76 -55.15 -99.94 53.09
CA LEU J 76 -54.14 -99.18 52.35
C LEU J 76 -52.85 -99.97 52.23
N VAL J 77 -52.11 -99.71 51.16
CA VAL J 77 -50.81 -100.34 50.91
C VAL J 77 -49.71 -99.34 51.22
N ARG J 78 -48.71 -99.78 51.98
CA ARG J 78 -47.63 -98.91 52.44
C ARG J 78 -46.48 -98.85 51.43
N GLY J 79 -45.87 -100.00 51.14
CA GLY J 79 -44.78 -100.08 50.19
C GLY J 79 -44.75 -101.42 49.49
N GLN J 80 -43.59 -101.80 48.93
CA GLN J 80 -43.50 -103.07 48.21
C GLN J 80 -42.11 -103.66 48.39
N CYS J 81 -42.05 -104.99 48.37
CA CYS J 81 -40.80 -105.74 48.36
C CYS J 81 -40.48 -106.12 46.92
N VAL J 82 -39.26 -105.83 46.49
CA VAL J 82 -38.85 -105.95 45.11
C VAL J 82 -37.68 -106.93 45.03
N VAL J 83 -37.80 -107.93 44.16
CA VAL J 83 -36.72 -108.88 43.91
C VAL J 83 -36.43 -108.90 42.42
N ASP J 84 -35.19 -108.59 42.04
CA ASP J 84 -34.79 -108.57 40.64
C ASP J 84 -33.76 -109.67 40.41
N ILE J 85 -34.09 -110.63 39.56
CA ILE J 85 -33.16 -111.69 39.22
C ILE J 85 -32.72 -111.54 37.77
N ASN J 86 -31.64 -110.81 37.54
CA ASN J 86 -31.11 -110.68 36.18
C ASN J 86 -30.20 -111.84 35.84
N ILE J 87 -30.26 -112.28 34.59
CA ILE J 87 -29.47 -113.41 34.12
C ILE J 87 -28.83 -113.03 32.79
N VAL J 88 -27.54 -113.29 32.67
CA VAL J 88 -26.81 -113.04 31.43
C VAL J 88 -25.99 -114.28 31.10
N ILE J 89 -26.26 -114.88 29.94
CA ILE J 89 -25.53 -116.06 29.46
C ILE J 89 -25.03 -115.74 28.06
N PRO J 90 -23.72 -115.80 27.81
CA PRO J 90 -23.20 -115.42 26.50
C PRO J 90 -23.44 -116.53 25.47
N ARG J 91 -23.11 -116.20 24.21
CA ARG J 91 -23.26 -117.19 23.15
C ARG J 91 -22.35 -118.40 23.35
N VAL J 92 -21.14 -118.17 23.88
CA VAL J 92 -20.12 -119.22 23.96
C VAL J 92 -20.48 -120.24 25.04
N ALA J 93 -21.63 -120.04 25.69
CA ALA J 93 -22.01 -120.88 26.81
C ALA J 93 -22.51 -122.24 26.34
N THR J 94 -21.95 -123.30 26.89
CA THR J 94 -22.48 -124.63 26.67
C THR J 94 -23.84 -124.75 27.34
N ALA J 95 -24.73 -125.54 26.74
CA ALA J 95 -26.07 -125.72 27.27
C ALA J 95 -26.09 -126.29 28.67
N THR J 96 -25.01 -126.93 29.12
CA THR J 96 -24.91 -127.42 30.49
C THR J 96 -24.35 -126.37 31.45
N ASP J 97 -23.56 -125.42 30.94
CA ASP J 97 -23.08 -124.34 31.79
C ASP J 97 -24.20 -123.42 32.22
N ARG J 98 -25.15 -123.16 31.31
CA ARG J 98 -26.27 -122.28 31.65
C ARG J 98 -27.13 -122.85 32.77
N ALA J 99 -27.49 -124.14 32.67
CA ALA J 99 -28.28 -124.76 33.72
C ALA J 99 -27.53 -124.79 35.04
N GLU J 100 -26.24 -125.12 34.99
CA GLU J 100 -25.41 -125.11 36.19
C GLU J 100 -25.43 -123.75 36.86
N ALA J 101 -25.16 -122.70 36.09
CA ALA J 101 -25.12 -121.36 36.65
C ALA J 101 -26.45 -120.96 37.25
N ILE J 102 -27.55 -121.19 36.51
CA ILE J 102 -28.86 -120.75 36.97
C ILE J 102 -29.23 -121.45 38.26
N LYS J 103 -29.11 -122.79 38.29
CA LYS J 103 -29.51 -123.52 39.49
C LYS J 103 -28.61 -123.19 40.67
N ARG J 104 -27.31 -123.05 40.45
CA ARG J 104 -26.41 -122.70 41.55
C ARG J 104 -26.75 -121.34 42.12
N ALA J 105 -26.96 -120.35 41.25
CA ALA J 105 -27.28 -119.01 41.72
C ALA J 105 -28.62 -118.97 42.44
N PHE J 106 -29.57 -119.80 42.03
CA PHE J 106 -30.84 -119.86 42.75
C PHE J 106 -30.74 -120.66 44.04
N ASP J 107 -29.70 -121.47 44.21
CA ASP J 107 -29.48 -122.17 45.47
C ASP J 107 -28.93 -121.28 46.57
N VAL J 108 -28.76 -119.98 46.31
CA VAL J 108 -28.20 -119.09 47.31
C VAL J 108 -29.08 -119.06 48.56
N LEU J 109 -30.39 -118.92 48.36
CA LEU J 109 -31.30 -118.84 49.50
C LEU J 109 -31.21 -120.08 50.38
N ASN J 110 -31.01 -121.25 49.78
CA ASN J 110 -30.75 -122.43 50.58
C ASN J 110 -29.41 -122.33 51.30
N ALA J 111 -28.40 -121.79 50.62
CA ALA J 111 -27.07 -121.68 51.25
C ALA J 111 -26.96 -120.44 52.13
N LEU J 112 -27.07 -119.25 51.54
CA LEU J 112 -26.88 -117.99 52.26
C LEU J 112 -28.22 -117.49 52.80
N ASN J 113 -28.80 -118.29 53.70
CA ASN J 113 -30.20 -118.12 54.07
C ASN J 113 -30.39 -116.93 55.01
N ALA J 114 -29.78 -116.99 56.19
CA ALA J 114 -30.15 -116.10 57.30
C ALA J 114 -29.98 -114.63 56.98
N GLU J 115 -29.06 -114.27 56.07
CA GLU J 115 -28.86 -112.87 55.73
C GLU J 115 -29.86 -112.35 54.72
N LEU J 116 -30.63 -113.22 54.07
CA LEU J 116 -31.66 -112.82 53.13
C LEU J 116 -33.05 -112.84 53.75
N ILE J 117 -33.41 -113.97 54.39
CA ILE J 117 -34.74 -114.10 54.99
C ILE J 117 -34.93 -113.09 56.11
N THR J 118 -33.92 -112.96 56.97
CA THR J 118 -34.07 -112.17 58.19
C THR J 118 -33.63 -110.72 58.01
N GLY J 119 -32.67 -110.46 57.12
CA GLY J 119 -32.22 -109.11 56.87
C GLY J 119 -31.03 -108.66 57.70
N GLU J 120 -30.50 -109.52 58.56
CA GLU J 120 -29.36 -109.13 59.39
C GLU J 120 -28.12 -108.92 58.53
N GLY J 121 -27.28 -107.98 58.97
CA GLY J 121 -26.05 -107.68 58.29
C GLY J 121 -24.90 -108.48 58.87
N GLN J 122 -24.36 -109.39 58.08
CA GLN J 122 -23.32 -110.28 58.56
C GLN J 122 -22.04 -109.50 58.88
N TRP J 123 -21.34 -109.96 59.91
CA TRP J 123 -20.17 -109.26 60.43
C TRP J 123 -18.88 -109.99 60.10
N ALA K 1 -59.56 -119.24 32.55
CA ALA K 1 -59.60 -118.02 31.75
C ALA K 1 -58.73 -118.15 30.50
N ALA K 2 -58.61 -119.36 30.00
CA ALA K 2 -57.93 -119.61 28.73
C ALA K 2 -58.86 -119.29 27.57
N ARG K 3 -58.27 -119.07 26.40
CA ARG K 3 -59.04 -118.70 25.23
C ARG K 3 -59.77 -119.90 24.66
N SER K 4 -61.09 -119.80 24.56
CA SER K 4 -61.92 -120.86 23.99
C SER K 4 -63.17 -120.22 23.40
N SER K 5 -63.96 -121.04 22.72
CA SER K 5 -65.17 -120.55 22.08
C SER K 5 -66.19 -120.12 23.13
N ILE K 6 -66.86 -118.99 22.86
CA ILE K 6 -67.89 -118.47 23.74
C ILE K 6 -69.22 -118.46 23.00
N VAL K 7 -70.31 -118.51 23.77
CA VAL K 7 -71.62 -118.88 23.24
C VAL K 7 -72.61 -117.74 23.49
N LEU K 8 -72.16 -116.50 23.31
CA LEU K 8 -73.03 -115.32 23.37
C LEU K 8 -74.40 -115.62 22.80
N THR K 9 -75.44 -115.28 23.57
CA THR K 9 -76.80 -115.58 23.15
C THR K 9 -77.74 -114.51 23.70
N ASP K 10 -78.87 -114.35 23.03
CA ASP K 10 -79.91 -113.43 23.45
C ASP K 10 -81.11 -114.14 24.07
N GLY K 11 -81.11 -115.46 24.09
CA GLY K 11 -82.24 -116.22 24.57
C GLY K 11 -82.87 -117.04 23.48
N THR K 12 -82.94 -116.49 22.27
CA THR K 12 -83.57 -117.18 21.15
C THR K 12 -82.55 -117.94 20.30
N THR K 13 -81.57 -117.24 19.75
CA THR K 13 -80.58 -117.84 18.85
C THR K 13 -79.19 -117.63 19.42
N PRO K 14 -78.51 -118.67 19.86
CA PRO K 14 -77.12 -118.52 20.32
C PRO K 14 -76.16 -118.43 19.14
N VAL K 15 -75.12 -117.63 19.31
CA VAL K 15 -74.04 -117.51 18.33
C VAL K 15 -72.75 -117.90 19.02
N THR K 16 -71.98 -118.80 18.39
CA THR K 16 -70.75 -119.31 18.95
C THR K 16 -69.57 -118.59 18.30
N LEU K 17 -68.84 -117.79 19.07
CA LEU K 17 -67.67 -117.09 18.59
C LEU K 17 -66.42 -117.86 18.97
N THR K 18 -65.54 -118.07 18.00
CA THR K 18 -64.28 -118.75 18.26
C THR K 18 -63.14 -117.75 18.13
N PRO K 19 -62.05 -117.92 18.88
CA PRO K 19 -60.94 -116.98 18.78
C PRO K 19 -60.32 -117.01 17.39
N VAL K 20 -59.92 -115.83 16.91
CA VAL K 20 -59.24 -115.72 15.63
C VAL K 20 -57.98 -114.86 15.78
N GLY K 21 -57.48 -114.77 17.01
CA GLY K 21 -56.19 -114.11 17.19
C GLY K 21 -56.10 -113.15 18.35
N GLY K 22 -55.22 -112.17 18.22
CA GLY K 22 -55.09 -111.11 19.20
C GLY K 22 -53.75 -111.02 19.90
N GLY K 23 -53.19 -112.15 20.32
CA GLY K 23 -51.95 -112.10 21.06
C GLY K 23 -52.15 -111.71 22.51
N VAL K 24 -51.14 -111.07 23.11
CA VAL K 24 -51.19 -110.70 24.52
C VAL K 24 -51.81 -109.30 24.63
N GLY K 25 -52.65 -109.11 25.64
CA GLY K 25 -53.34 -107.85 25.82
C GLY K 25 -54.64 -107.70 25.09
N GLN K 26 -55.05 -108.70 24.31
CA GLN K 26 -56.33 -108.64 23.60
C GLN K 26 -56.69 -110.03 23.10
N THR K 27 -57.91 -110.15 22.59
CA THR K 27 -58.39 -111.41 22.04
C THR K 27 -59.52 -111.09 21.07
N LEU K 28 -59.36 -111.49 19.82
CA LEU K 28 -60.39 -111.28 18.82
C LEU K 28 -61.22 -112.55 18.66
N TYR K 29 -62.52 -112.39 18.55
CA TYR K 29 -63.42 -113.52 18.36
C TYR K 29 -64.17 -113.33 17.05
N ARG K 30 -64.72 -114.43 16.53
CA ARG K 30 -65.57 -114.37 15.36
C ARG K 30 -66.35 -115.66 15.18
N ALA K 31 -67.62 -115.58 14.81
CA ALA K 31 -68.42 -116.75 14.54
C ALA K 31 -68.13 -117.27 13.14
N THR K 32 -68.74 -118.40 12.79
CA THR K 32 -68.52 -118.94 11.45
C THR K 32 -69.42 -118.26 10.42
N ALA K 33 -70.72 -118.52 10.50
CA ALA K 33 -71.72 -118.03 9.53
C ALA K 33 -71.15 -118.03 8.12
N GLU K 34 -70.55 -119.15 7.75
CA GLU K 34 -69.66 -119.22 6.60
C GLU K 34 -70.40 -118.86 5.32
N ALA K 35 -69.65 -118.31 4.35
CA ALA K 35 -70.19 -117.98 3.05
C ALA K 35 -71.35 -116.99 3.18
N LEU K 36 -71.00 -115.76 3.55
CA LEU K 36 -69.68 -115.12 3.48
C LEU K 36 -68.96 -115.22 4.82
N SER K 37 -67.66 -114.91 4.83
CA SER K 37 -66.87 -114.96 6.05
C SER K 37 -66.79 -113.62 6.77
N ALA K 38 -67.10 -112.53 6.09
CA ALA K 38 -67.13 -111.21 6.71
C ALA K 38 -68.50 -110.83 7.24
N ALA K 39 -69.50 -111.68 7.02
CA ALA K 39 -70.85 -111.43 7.50
C ALA K 39 -71.17 -112.26 8.74
N ASN K 40 -70.44 -112.02 9.82
CA ASN K 40 -70.69 -112.70 11.08
C ASN K 40 -70.15 -111.85 12.21
N PRO K 41 -70.71 -111.97 13.42
CA PRO K 41 -70.34 -111.07 14.52
C PRO K 41 -68.93 -111.31 15.03
N SER K 42 -68.40 -110.30 15.72
CA SER K 42 -67.07 -110.34 16.28
C SER K 42 -67.06 -109.64 17.62
N LEU K 43 -66.09 -110.00 18.47
CA LEU K 43 -66.05 -109.57 19.87
C LEU K 43 -64.64 -109.10 20.28
N SER K 44 -64.10 -108.13 19.56
CA SER K 44 -62.76 -107.65 19.89
C SER K 44 -62.67 -107.24 21.36
N PHE K 45 -61.89 -107.99 22.14
CA PHE K 45 -61.81 -107.81 23.58
C PHE K 45 -60.37 -107.57 23.99
N GLY K 46 -60.08 -106.39 24.54
CA GLY K 46 -58.76 -106.06 25.00
C GLY K 46 -58.74 -105.69 26.48
N TYR K 47 -57.54 -105.69 27.05
CA TYR K 47 -57.36 -105.42 28.47
C TYR K 47 -55.91 -105.04 28.71
N ARG K 48 -55.69 -104.17 29.69
CA ARG K 48 -54.33 -103.74 30.01
C ARG K 48 -54.35 -103.12 31.41
N PHE K 49 -53.16 -102.96 31.98
CA PHE K 49 -52.97 -102.30 33.26
C PHE K 49 -52.05 -101.10 33.05
N THR K 50 -52.46 -99.94 33.52
CA THR K 50 -51.70 -98.71 33.34
C THR K 50 -50.59 -98.64 34.39
N ASP K 51 -50.01 -97.45 34.55
CA ASP K 51 -48.95 -97.24 35.53
C ASP K 51 -49.35 -97.73 36.91
N GLY K 52 -50.58 -97.44 37.32
CA GLY K 52 -51.08 -97.96 38.58
C GLY K 52 -51.68 -99.34 38.40
N GLY K 53 -52.74 -99.62 39.15
CA GLY K 53 -53.46 -100.87 38.97
C GLY K 53 -54.74 -100.65 38.21
N THR K 54 -54.82 -99.54 37.49
CA THR K 54 -56.04 -99.16 36.77
C THR K 54 -56.26 -100.15 35.64
N ASN K 55 -57.16 -101.08 35.86
CA ASN K 55 -57.50 -102.09 34.86
C ASN K 55 -58.41 -101.46 33.83
N ARG K 56 -57.95 -101.37 32.59
CA ARG K 56 -58.72 -100.76 31.50
C ARG K 56 -59.14 -101.84 30.51
N GLN K 57 -60.28 -102.45 30.78
CA GLN K 57 -60.81 -103.44 29.88
C GLN K 57 -61.67 -102.77 28.81
N SER K 58 -61.80 -103.44 27.67
CA SER K 58 -62.55 -102.87 26.55
C SER K 58 -63.12 -103.97 25.68
N LEU K 59 -64.41 -103.88 25.35
CA LEU K 59 -65.03 -104.85 24.46
C LEU K 59 -65.70 -104.10 23.32
N SER K 60 -65.70 -104.73 22.15
CA SER K 60 -66.36 -104.16 20.98
C SER K 60 -67.00 -105.32 20.24
N TYR K 61 -68.32 -105.38 20.29
CA TYR K 61 -69.09 -106.44 19.63
C TYR K 61 -69.75 -105.83 18.40
N LYS K 62 -69.43 -106.38 17.24
CA LYS K 62 -69.97 -105.93 15.97
C LYS K 62 -70.78 -107.04 15.33
N GLN K 63 -72.01 -106.74 14.96
CA GLN K 63 -72.85 -107.71 14.26
C GLN K 63 -73.27 -107.13 12.92
N PRO K 64 -72.87 -107.71 11.81
CA PRO K 64 -73.25 -107.16 10.50
C PRO K 64 -74.63 -107.62 10.08
N ILE K 65 -75.29 -106.76 9.31
CA ILE K 65 -76.65 -106.96 8.85
C ILE K 65 -76.58 -107.57 7.46
N THR K 66 -76.99 -108.82 7.33
CA THR K 66 -76.89 -109.56 6.09
C THR K 66 -78.17 -109.43 5.28
N ALA K 67 -78.07 -109.80 4.01
CA ALA K 67 -79.22 -109.77 3.10
C ALA K 67 -78.94 -110.73 1.96
N VAL K 68 -79.62 -111.87 1.94
CA VAL K 68 -79.37 -112.89 0.92
C VAL K 68 -80.03 -112.44 -0.38
N ASP K 69 -79.20 -112.06 -1.36
CA ASP K 69 -79.67 -111.57 -2.65
C ASP K 69 -80.11 -112.75 -3.48
N SER K 70 -81.42 -113.04 -3.49
CA SER K 70 -81.94 -114.22 -4.15
C SER K 70 -81.68 -114.22 -5.65
N THR K 71 -81.52 -113.04 -6.26
CA THR K 71 -81.25 -112.96 -7.69
C THR K 71 -79.91 -113.61 -8.03
N THR K 72 -78.86 -113.24 -7.30
CA THR K 72 -77.52 -113.75 -7.54
C THR K 72 -77.14 -114.87 -6.58
N SER K 73 -77.83 -114.99 -5.45
CA SER K 73 -77.56 -115.96 -4.39
C SER K 73 -76.19 -115.71 -3.77
N GLU K 74 -76.01 -114.48 -3.31
CA GLU K 74 -74.81 -114.09 -2.57
C GLU K 74 -75.23 -113.24 -1.38
N THR K 75 -74.48 -113.35 -0.29
CA THR K 75 -74.79 -112.61 0.91
C THR K 75 -74.14 -111.23 0.86
N LEU K 76 -74.94 -110.20 1.07
CA LEU K 76 -74.47 -108.82 1.04
C LEU K 76 -74.50 -108.24 2.44
N VAL K 77 -73.55 -107.37 2.74
CA VAL K 77 -73.43 -106.73 4.05
C VAL K 77 -73.86 -105.28 3.90
N ARG K 78 -74.91 -104.90 4.63
CA ARG K 78 -75.47 -103.57 4.53
C ARG K 78 -74.94 -102.60 5.57
N GLY K 79 -74.51 -103.12 6.72
CA GLY K 79 -74.00 -102.28 7.79
C GLY K 79 -73.71 -103.15 8.98
N GLN K 80 -73.40 -102.52 10.11
CA GLN K 80 -73.14 -103.29 11.32
C GLN K 80 -73.59 -102.53 12.55
N CYS K 81 -74.21 -103.27 13.47
CA CYS K 81 -74.52 -102.76 14.80
C CYS K 81 -73.30 -102.94 15.69
N VAL K 82 -72.84 -101.86 16.29
CA VAL K 82 -71.62 -101.84 17.09
C VAL K 82 -71.99 -101.51 18.52
N VAL K 83 -71.47 -102.31 19.45
CA VAL K 83 -71.65 -102.06 20.88
C VAL K 83 -70.27 -102.04 21.52
N ASP K 84 -69.89 -100.89 22.08
CA ASP K 84 -68.63 -100.74 22.79
C ASP K 84 -68.91 -100.73 24.29
N ILE K 85 -68.04 -101.39 25.05
CA ILE K 85 -68.17 -101.45 26.51
C ILE K 85 -66.77 -101.23 27.07
N ASN K 86 -66.51 -100.02 27.54
CA ASN K 86 -65.24 -99.76 28.21
C ASN K 86 -65.42 -99.83 29.72
N ILE K 87 -64.45 -100.44 30.38
CA ILE K 87 -64.49 -100.63 31.82
C ILE K 87 -63.19 -100.11 32.39
N VAL K 88 -63.26 -99.17 33.32
CA VAL K 88 -62.09 -98.65 34.01
C VAL K 88 -62.24 -98.96 35.49
N ILE K 89 -61.23 -99.62 36.05
CA ILE K 89 -61.26 -99.95 37.48
C ILE K 89 -60.02 -99.35 38.13
N PRO K 90 -60.16 -98.43 39.07
CA PRO K 90 -58.98 -97.76 39.62
C PRO K 90 -58.14 -98.67 40.49
N ARG K 91 -56.98 -98.15 40.89
CA ARG K 91 -56.03 -98.91 41.70
C ARG K 91 -56.59 -99.24 43.09
N VAL K 92 -57.56 -98.47 43.57
CA VAL K 92 -58.01 -98.57 44.96
C VAL K 92 -59.30 -99.38 45.10
N ALA K 93 -59.71 -100.07 44.04
CA ALA K 93 -61.02 -100.73 44.02
C ALA K 93 -60.92 -102.12 44.65
N THR K 94 -61.82 -102.39 45.59
CA THR K 94 -61.88 -103.70 46.22
C THR K 94 -62.40 -104.74 45.23
N ALA K 95 -62.16 -106.00 45.54
CA ALA K 95 -62.54 -107.10 44.65
C ALA K 95 -64.05 -107.32 44.57
N THR K 96 -64.81 -106.86 45.56
CA THR K 96 -66.27 -106.95 45.49
C THR K 96 -66.92 -105.71 44.91
N ASP K 97 -66.27 -104.55 45.04
CA ASP K 97 -66.75 -103.36 44.36
C ASP K 97 -66.67 -103.52 42.85
N ARG K 98 -65.65 -104.22 42.35
CA ARG K 98 -65.59 -104.53 40.94
C ARG K 98 -66.83 -105.29 40.49
N ALA K 99 -67.18 -106.36 41.19
CA ALA K 99 -68.36 -107.13 40.82
C ALA K 99 -69.62 -106.28 40.92
N GLU K 100 -69.75 -105.51 42.00
CA GLU K 100 -70.92 -104.64 42.13
C GLU K 100 -71.05 -103.72 40.94
N ALA K 101 -69.98 -102.99 40.61
CA ALA K 101 -70.03 -102.01 39.53
C ALA K 101 -70.34 -102.68 38.20
N ILE K 102 -69.66 -103.79 37.90
CA ILE K 102 -69.82 -104.42 36.60
C ILE K 102 -71.23 -104.98 36.44
N LYS K 103 -71.70 -105.74 37.43
CA LYS K 103 -73.02 -106.35 37.29
C LYS K 103 -74.13 -105.33 37.43
N ARG K 104 -73.86 -104.15 38.00
CA ARG K 104 -74.86 -103.10 38.00
C ARG K 104 -74.91 -102.39 36.65
N ALA K 105 -73.75 -102.11 36.05
CA ALA K 105 -73.74 -101.48 34.74
C ALA K 105 -74.36 -102.39 33.68
N PHE K 106 -74.05 -103.68 33.73
CA PHE K 106 -74.65 -104.60 32.77
C PHE K 106 -76.10 -104.92 33.07
N ASP K 107 -76.63 -104.44 34.20
CA ASP K 107 -78.04 -104.61 34.51
C ASP K 107 -78.90 -103.48 33.95
N VAL K 108 -78.30 -102.54 33.22
CA VAL K 108 -79.05 -101.44 32.63
C VAL K 108 -80.10 -101.98 31.65
N LEU K 109 -79.71 -102.98 30.86
CA LEU K 109 -80.62 -103.54 29.87
C LEU K 109 -81.92 -104.02 30.51
N ASN K 110 -81.88 -104.44 31.77
CA ASN K 110 -83.11 -104.81 32.47
C ASN K 110 -83.82 -103.61 33.06
N ALA K 111 -83.12 -102.50 33.30
CA ALA K 111 -83.75 -101.31 33.83
C ALA K 111 -84.17 -100.35 32.72
N LEU K 112 -83.20 -99.95 31.89
CA LEU K 112 -83.45 -99.04 30.77
C LEU K 112 -83.75 -99.84 29.50
N ASN K 113 -84.73 -100.75 29.63
CA ASN K 113 -84.93 -101.76 28.60
C ASN K 113 -85.52 -101.17 27.33
N ALA K 114 -86.68 -100.53 27.44
CA ALA K 114 -87.37 -100.06 26.24
C ALA K 114 -86.58 -99.01 25.48
N GLU K 115 -85.71 -98.28 26.17
CA GLU K 115 -84.89 -97.27 25.49
C GLU K 115 -83.74 -97.89 24.71
N LEU K 116 -83.49 -99.18 24.86
CA LEU K 116 -82.38 -99.86 24.18
C LEU K 116 -82.86 -100.92 23.21
N ILE K 117 -83.77 -101.79 23.64
CA ILE K 117 -84.24 -102.87 22.78
C ILE K 117 -85.02 -102.33 21.59
N THR K 118 -85.90 -101.37 21.83
CA THR K 118 -86.75 -100.82 20.77
C THR K 118 -86.22 -99.54 20.17
N GLY K 119 -85.42 -98.77 20.90
CA GLY K 119 -84.82 -97.57 20.38
C GLY K 119 -85.53 -96.29 20.71
N GLU K 120 -86.54 -96.33 21.58
CA GLU K 120 -87.27 -95.13 21.94
C GLU K 120 -86.38 -94.14 22.67
N GLY K 121 -86.94 -92.98 22.97
CA GLY K 121 -86.34 -92.05 23.89
C GLY K 121 -87.36 -91.72 24.97
N GLN K 122 -86.87 -91.57 26.19
CA GLN K 122 -87.77 -91.31 27.30
C GLN K 122 -88.28 -89.88 27.24
N TRP K 123 -89.59 -89.72 27.46
CA TRP K 123 -90.22 -88.41 27.33
C TRP K 123 -90.53 -87.78 28.69
N ALA L 1 -90.44 -95.50 28.29
CA ALA L 1 -91.41 -94.76 29.09
C ALA L 1 -90.80 -93.45 29.58
N ALA L 2 -91.54 -92.74 30.42
CA ALA L 2 -91.08 -91.45 30.91
C ALA L 2 -89.92 -91.63 31.89
N ARG L 3 -89.19 -90.54 32.11
CA ARG L 3 -88.09 -90.56 33.08
C ARG L 3 -88.62 -90.97 34.45
N SER L 4 -88.18 -92.11 34.96
CA SER L 4 -88.65 -92.60 36.24
C SER L 4 -87.49 -93.06 37.11
N SER L 5 -87.78 -93.75 38.20
CA SER L 5 -86.75 -94.29 39.08
C SER L 5 -86.37 -95.69 38.65
N ILE L 6 -85.09 -95.90 38.38
CA ILE L 6 -84.58 -97.19 37.96
C ILE L 6 -83.97 -97.89 39.16
N VAL L 7 -83.91 -99.23 39.09
CA VAL L 7 -83.56 -100.06 40.23
C VAL L 7 -82.32 -100.88 39.92
N LEU L 8 -81.35 -100.25 39.25
CA LEU L 8 -80.08 -100.89 38.91
C LEU L 8 -79.54 -101.72 40.07
N THR L 9 -79.37 -103.02 39.83
CA THR L 9 -79.02 -103.97 40.87
C THR L 9 -77.93 -104.90 40.35
N ASP L 10 -77.55 -105.86 41.19
CA ASP L 10 -76.61 -106.90 40.78
C ASP L 10 -77.01 -108.28 41.25
N GLY L 11 -78.22 -108.44 41.80
CA GLY L 11 -78.69 -109.70 42.34
C GLY L 11 -78.71 -109.73 43.86
N THR L 12 -77.86 -108.96 44.52
CA THR L 12 -77.81 -108.90 45.97
C THR L 12 -78.15 -107.52 46.51
N THR L 13 -77.48 -106.48 46.04
CA THR L 13 -77.60 -105.14 46.60
C THR L 13 -78.16 -104.18 45.56
N PRO L 14 -79.47 -103.93 45.56
CA PRO L 14 -80.05 -102.98 44.60
C PRO L 14 -79.73 -101.54 44.96
N VAL L 15 -79.77 -100.69 43.93
CA VAL L 15 -79.61 -99.25 44.09
C VAL L 15 -80.67 -98.56 43.25
N THR L 16 -81.37 -97.60 43.84
CA THR L 16 -82.43 -96.88 43.15
C THR L 16 -81.92 -95.50 42.74
N LEU L 17 -82.11 -95.16 41.46
CA LEU L 17 -81.62 -93.90 40.90
C LEU L 17 -82.78 -93.13 40.31
N THR L 18 -82.85 -91.83 40.65
CA THR L 18 -83.89 -90.94 40.15
C THR L 18 -83.28 -89.82 39.34
N PRO L 19 -83.93 -89.39 38.26
CA PRO L 19 -83.31 -88.41 37.35
C PRO L 19 -82.95 -87.11 38.07
N VAL L 20 -81.80 -86.55 37.71
CA VAL L 20 -81.25 -85.41 38.42
C VAL L 20 -80.94 -84.32 37.39
N GLY L 21 -81.56 -84.43 36.23
CA GLY L 21 -81.42 -83.36 35.27
C GLY L 21 -81.33 -83.92 33.86
N GLY L 22 -80.53 -83.24 33.04
CA GLY L 22 -80.34 -83.64 31.66
C GLY L 22 -80.92 -82.66 30.67
N GLY L 23 -81.72 -83.16 29.73
CA GLY L 23 -82.30 -82.33 28.69
C GLY L 23 -83.03 -83.16 27.65
N VAL L 24 -82.80 -82.87 26.37
CA VAL L 24 -83.34 -83.68 25.28
C VAL L 24 -82.24 -84.60 24.78
N GLY L 25 -82.55 -85.89 24.71
CA GLY L 25 -81.52 -86.86 24.40
C GLY L 25 -80.41 -86.86 25.43
N GLN L 26 -80.80 -86.79 26.70
CA GLN L 26 -79.85 -86.78 27.81
C GLN L 26 -80.64 -86.99 29.09
N THR L 27 -80.11 -87.80 30.01
CA THR L 27 -80.82 -88.12 31.24
C THR L 27 -79.78 -88.51 32.30
N LEU L 28 -79.61 -87.66 33.30
CA LEU L 28 -78.75 -87.99 34.42
C LEU L 28 -79.49 -88.90 35.39
N TYR L 29 -78.74 -89.45 36.33
CA TYR L 29 -79.31 -90.26 37.40
C TYR L 29 -78.41 -90.13 38.62
N ARG L 30 -78.93 -90.54 39.77
CA ARG L 30 -78.17 -90.62 41.01
C ARG L 30 -79.06 -91.25 42.06
N ALA L 31 -78.44 -91.77 43.12
CA ALA L 31 -79.13 -92.46 44.19
C ALA L 31 -79.42 -91.50 45.35
N THR L 32 -79.89 -92.05 46.47
CA THR L 32 -80.40 -91.26 47.58
C THR L 32 -79.35 -90.82 48.58
N ALA L 33 -78.31 -91.64 48.82
CA ALA L 33 -77.30 -91.30 49.81
C ALA L 33 -76.54 -90.04 49.41
N GLU L 34 -75.99 -89.33 50.40
CA GLU L 34 -75.38 -88.03 50.17
C GLU L 34 -73.94 -88.02 50.67
N ALA L 35 -73.07 -87.37 49.91
CA ALA L 35 -71.68 -87.21 50.29
C ALA L 35 -71.23 -85.82 49.85
N LEU L 36 -69.91 -85.59 49.85
CA LEU L 36 -69.36 -84.28 49.54
C LEU L 36 -68.76 -84.22 48.14
N SER L 37 -67.81 -85.10 47.82
CA SER L 37 -67.13 -85.07 46.53
C SER L 37 -67.84 -85.94 45.49
N ALA L 38 -67.95 -87.23 45.76
CA ALA L 38 -68.66 -88.17 44.89
C ALA L 38 -69.80 -88.77 45.69
N ALA L 39 -71.03 -88.47 45.28
CA ALA L 39 -72.18 -88.87 46.08
C ALA L 39 -72.54 -90.33 45.86
N ASN L 40 -72.93 -90.68 44.63
CA ASN L 40 -73.54 -91.97 44.38
C ASN L 40 -73.24 -92.43 42.96
N PRO L 41 -73.68 -93.63 42.56
CA PRO L 41 -73.63 -93.99 41.14
C PRO L 41 -74.44 -93.01 40.31
N SER L 42 -73.91 -92.67 39.13
CA SER L 42 -74.51 -91.65 38.27
C SER L 42 -74.54 -92.18 36.84
N LEU L 43 -75.68 -92.72 36.43
CA LEU L 43 -75.85 -93.34 35.12
C LEU L 43 -76.34 -92.29 34.13
N SER L 44 -75.44 -91.75 33.33
CA SER L 44 -75.83 -90.81 32.29
C SER L 44 -76.20 -91.57 31.02
N PHE L 45 -77.23 -91.09 30.33
CA PHE L 45 -77.81 -91.75 29.17
C PHE L 45 -77.98 -90.72 28.05
N GLY L 46 -77.22 -90.86 26.97
CA GLY L 46 -77.09 -89.80 26.00
C GLY L 46 -77.53 -90.07 24.58
N TYR L 47 -78.69 -90.72 24.40
CA TYR L 47 -79.13 -91.11 23.07
C TYR L 47 -79.35 -89.91 22.16
N ARG L 48 -79.22 -90.14 20.86
CA ARG L 48 -79.42 -89.12 19.83
C ARG L 48 -79.57 -89.83 18.49
N PHE L 49 -79.74 -89.03 17.43
CA PHE L 49 -79.81 -89.54 16.06
C PHE L 49 -78.76 -88.80 15.22
N THR L 50 -78.71 -89.13 13.93
CA THR L 50 -77.65 -88.63 13.07
C THR L 50 -78.25 -88.42 11.68
N ASP L 51 -77.39 -88.32 10.66
CA ASP L 51 -77.83 -88.09 9.29
C ASP L 51 -78.85 -89.15 8.85
N GLY L 52 -78.51 -90.42 9.06
CA GLY L 52 -79.43 -91.50 8.82
C GLY L 52 -80.21 -91.84 10.08
N GLY L 53 -80.67 -93.08 10.14
CA GLY L 53 -81.31 -93.56 11.35
C GLY L 53 -80.28 -94.08 12.34
N THR L 54 -79.08 -93.49 12.30
CA THR L 54 -77.97 -93.99 13.10
C THR L 54 -78.20 -93.66 14.56
N ASN L 55 -78.92 -94.52 15.26
CA ASN L 55 -79.26 -94.29 16.66
C ASN L 55 -78.00 -94.42 17.48
N ARG L 56 -77.41 -93.29 17.85
CA ARG L 56 -76.11 -93.26 18.53
C ARG L 56 -76.32 -93.12 20.04
N GLN L 57 -76.88 -94.17 20.64
CA GLN L 57 -77.06 -94.19 22.07
C GLN L 57 -75.71 -94.26 22.77
N SER L 58 -75.69 -93.83 24.03
CA SER L 58 -74.46 -93.76 24.80
C SER L 58 -74.80 -93.74 26.27
N LEU L 59 -74.05 -94.49 27.06
CA LEU L 59 -74.28 -94.62 28.48
C LEU L 59 -72.98 -94.40 29.23
N SER L 60 -73.10 -94.15 30.53
CA SER L 60 -71.93 -94.09 31.40
C SER L 60 -72.37 -94.28 32.85
N TYR L 61 -71.96 -95.38 33.47
CA TYR L 61 -72.35 -95.71 34.84
C TYR L 61 -71.11 -95.59 35.73
N LYS L 62 -71.08 -94.58 36.58
CA LYS L 62 -69.98 -94.38 37.51
C LYS L 62 -70.43 -94.75 38.92
N GLN L 63 -69.67 -95.60 39.58
CA GLN L 63 -69.94 -95.98 40.96
C GLN L 63 -68.74 -95.58 41.81
N PRO L 64 -68.89 -94.73 42.81
CA PRO L 64 -67.74 -94.26 43.56
C PRO L 64 -67.20 -95.18 44.66
N ILE L 65 -65.91 -95.47 44.55
CA ILE L 65 -65.21 -96.28 45.52
C ILE L 65 -65.03 -95.40 46.75
N THR L 66 -65.68 -95.78 47.85
CA THR L 66 -65.73 -94.97 49.06
C THR L 66 -65.65 -95.86 50.30
N ALA L 67 -65.16 -95.28 51.39
CA ALA L 67 -65.14 -95.92 52.70
C ALA L 67 -65.52 -94.89 53.75
N VAL L 68 -66.31 -95.31 54.72
CA VAL L 68 -66.86 -94.39 55.71
C VAL L 68 -65.80 -94.09 56.78
N ASP L 69 -65.48 -92.81 56.94
CA ASP L 69 -64.54 -92.41 57.98
C ASP L 69 -65.16 -92.57 59.36
N SER L 70 -64.32 -92.60 60.37
CA SER L 70 -64.78 -92.65 61.74
C SER L 70 -64.92 -91.24 62.30
N THR L 71 -65.98 -91.05 63.10
CA THR L 71 -66.31 -89.81 63.79
C THR L 71 -66.74 -88.69 62.85
N THR L 72 -66.71 -88.89 61.54
CA THR L 72 -67.13 -87.87 60.59
C THR L 72 -68.12 -88.46 59.61
N SER L 73 -69.17 -87.70 59.31
CA SER L 73 -70.23 -88.14 58.40
C SER L 73 -69.99 -87.67 56.97
N GLU L 74 -68.83 -88.01 56.41
CA GLU L 74 -68.48 -87.59 55.06
C GLU L 74 -68.12 -88.75 54.15
N THR L 75 -68.06 -89.97 54.66
CA THR L 75 -67.87 -91.21 53.90
C THR L 75 -66.89 -91.03 52.74
N LEU L 76 -65.62 -90.76 53.09
CA LEU L 76 -64.57 -90.45 52.13
C LEU L 76 -64.60 -91.37 50.92
N VAL L 77 -64.58 -90.77 49.74
CA VAL L 77 -64.58 -91.50 48.47
C VAL L 77 -63.15 -91.61 47.97
N ARG L 78 -62.82 -92.77 47.40
CA ARG L 78 -61.46 -93.06 46.98
C ARG L 78 -61.29 -93.11 45.47
N GLY L 79 -62.34 -93.42 44.72
CA GLY L 79 -62.24 -93.51 43.28
C GLY L 79 -63.59 -93.65 42.62
N GLN L 80 -63.58 -94.18 41.39
CA GLN L 80 -64.82 -94.43 40.66
C GLN L 80 -64.63 -95.48 39.58
N CYS L 81 -65.55 -96.44 39.49
CA CYS L 81 -65.49 -97.52 38.51
C CYS L 81 -66.32 -97.12 37.29
N VAL L 82 -65.70 -96.40 36.36
CA VAL L 82 -66.38 -95.97 35.15
C VAL L 82 -66.68 -97.17 34.26
N VAL L 83 -67.89 -97.23 33.73
CA VAL L 83 -68.27 -98.27 32.77
C VAL L 83 -69.07 -97.65 31.63
N ASP L 84 -68.41 -97.39 30.50
CA ASP L 84 -69.07 -96.77 29.35
C ASP L 84 -69.67 -97.83 28.44
N ILE L 85 -70.82 -97.53 27.87
CA ILE L 85 -71.47 -98.42 26.91
C ILE L 85 -71.99 -97.59 25.75
N ASN L 86 -71.32 -97.63 24.61
CA ASN L 86 -71.74 -96.89 23.43
C ASN L 86 -72.34 -97.84 22.41
N ILE L 87 -73.45 -97.41 21.81
CA ILE L 87 -74.20 -98.22 20.87
C ILE L 87 -74.40 -97.43 19.59
N VAL L 88 -74.14 -98.07 18.45
CA VAL L 88 -74.33 -97.46 17.14
C VAL L 88 -75.11 -98.44 16.28
N ILE L 89 -76.37 -98.13 16.02
CA ILE L 89 -77.27 -98.99 15.25
C ILE L 89 -77.59 -98.29 13.94
N PRO L 90 -77.36 -98.92 12.79
CA PRO L 90 -77.51 -98.21 11.51
C PRO L 90 -78.96 -98.00 11.14
N ARG L 91 -79.19 -97.32 10.02
CA ARG L 91 -80.54 -97.07 9.54
C ARG L 91 -81.23 -98.35 9.08
N VAL L 92 -80.48 -99.30 8.53
CA VAL L 92 -81.06 -100.46 7.87
C VAL L 92 -81.31 -101.59 8.86
N ALA L 93 -81.14 -101.33 10.15
CA ALA L 93 -81.20 -102.37 11.16
C ALA L 93 -82.64 -102.63 11.55
N THR L 94 -83.16 -103.78 11.12
CA THR L 94 -84.48 -104.22 11.54
C THR L 94 -84.52 -104.37 13.05
N ALA L 95 -85.67 -104.02 13.65
CA ALA L 95 -85.77 -104.00 15.11
C ALA L 95 -85.50 -105.35 15.73
N THR L 96 -85.68 -106.44 14.99
CA THR L 96 -85.24 -107.74 15.48
C THR L 96 -83.72 -107.83 15.55
N ASP L 97 -83.04 -107.35 14.51
CA ASP L 97 -81.58 -107.37 14.50
C ASP L 97 -81.01 -106.50 15.62
N ARG L 98 -81.61 -105.34 15.87
CA ARG L 98 -81.12 -104.48 16.93
C ARG L 98 -81.29 -105.14 18.30
N ALA L 99 -82.43 -105.78 18.54
CA ALA L 99 -82.63 -106.47 19.79
C ALA L 99 -81.62 -107.60 19.96
N GLU L 100 -81.38 -108.37 18.89
CA GLU L 100 -80.38 -109.42 18.95
C GLU L 100 -79.01 -108.84 19.27
N ALA L 101 -78.62 -107.76 18.60
CA ALA L 101 -77.30 -107.19 18.83
C ALA L 101 -77.14 -106.72 20.26
N ILE L 102 -78.14 -106.02 20.80
CA ILE L 102 -78.02 -105.49 22.15
C ILE L 102 -77.99 -106.61 23.17
N LYS L 103 -78.90 -107.59 23.04
CA LYS L 103 -78.98 -108.65 24.04
C LYS L 103 -77.78 -109.58 23.95
N ARG L 104 -77.14 -109.67 22.77
CA ARG L 104 -75.92 -110.46 22.66
C ARG L 104 -74.72 -109.71 23.20
N ALA L 105 -74.68 -108.39 23.03
CA ALA L 105 -73.58 -107.61 23.59
C ALA L 105 -73.64 -107.62 25.12
N PHE L 106 -74.84 -107.55 25.69
CA PHE L 106 -74.95 -107.53 27.14
C PHE L 106 -74.90 -108.93 27.75
N ASP L 107 -74.75 -109.97 26.93
CA ASP L 107 -74.53 -111.33 27.42
C ASP L 107 -73.06 -111.68 27.55
N VAL L 108 -72.16 -110.74 27.29
CA VAL L 108 -70.73 -111.02 27.43
C VAL L 108 -70.41 -111.36 28.88
N LEU L 109 -71.03 -110.63 29.81
CA LEU L 109 -70.76 -110.85 31.23
C LEU L 109 -71.00 -112.28 31.66
N ASN L 110 -71.93 -112.97 31.01
CA ASN L 110 -72.20 -114.37 31.33
C ASN L 110 -71.32 -115.34 30.57
N ALA L 111 -70.59 -114.87 29.56
CA ALA L 111 -69.68 -115.72 28.79
C ALA L 111 -68.22 -115.40 29.09
N LEU L 112 -67.86 -114.12 29.05
CA LEU L 112 -66.52 -113.66 29.39
C LEU L 112 -66.48 -113.20 30.84
N ASN L 113 -66.89 -114.10 31.74
CA ASN L 113 -67.22 -113.72 33.10
C ASN L 113 -65.98 -113.42 33.94
N ALA L 114 -65.08 -114.41 34.05
CA ALA L 114 -63.94 -114.27 34.95
C ALA L 114 -63.04 -113.11 34.56
N GLU L 115 -62.83 -112.92 33.26
CA GLU L 115 -61.96 -111.84 32.80
C GLU L 115 -62.51 -110.46 33.15
N LEU L 116 -63.83 -110.32 33.28
CA LEU L 116 -64.45 -109.04 33.57
C LEU L 116 -64.62 -108.82 35.07
N ILE L 117 -65.06 -109.86 35.79
CA ILE L 117 -65.27 -109.72 37.23
C ILE L 117 -63.94 -109.73 37.97
N THR L 118 -63.15 -110.79 37.79
CA THR L 118 -61.88 -110.93 38.49
C THR L 118 -60.81 -110.00 37.92
N GLY L 119 -60.76 -109.87 36.59
CA GLY L 119 -59.82 -108.96 35.97
C GLY L 119 -58.49 -109.60 35.61
N GLU L 120 -58.56 -110.75 34.93
CA GLU L 120 -57.38 -111.56 34.68
C GLU L 120 -57.62 -112.45 33.48
N GLY L 121 -56.54 -113.05 32.99
CA GLY L 121 -56.69 -114.19 32.11
C GLY L 121 -56.28 -114.01 30.67
N GLN L 122 -56.89 -114.81 29.79
CA GLN L 122 -56.54 -114.90 28.37
C GLN L 122 -55.07 -115.29 28.21
N TRP L 123 -54.79 -116.52 28.61
CA TRP L 123 -53.44 -117.07 28.48
C TRP L 123 -53.22 -117.54 27.05
N ALA M 1 108.78 3.73 72.19
CA ALA M 1 110.09 3.16 71.92
C ALA M 1 109.93 1.79 71.27
N ALA M 2 111.03 1.06 71.17
CA ALA M 2 110.97 -0.29 70.62
C ALA M 2 110.19 -1.19 71.56
N ARG M 3 109.32 -2.02 70.99
CA ARG M 3 108.48 -2.90 71.80
C ARG M 3 109.34 -3.91 72.54
N SER M 4 109.02 -4.12 73.81
CA SER M 4 109.79 -5.03 74.66
C SER M 4 108.83 -5.66 75.66
N SER M 5 109.39 -6.24 76.72
CA SER M 5 108.60 -6.84 77.78
C SER M 5 108.31 -5.81 78.86
N ILE M 6 107.23 -6.04 79.60
CA ILE M 6 106.82 -5.16 80.69
C ILE M 6 106.53 -6.01 81.92
N VAL M 7 106.67 -5.39 83.09
CA VAL M 7 106.79 -6.14 84.34
C VAL M 7 105.67 -5.67 85.28
N LEU M 8 104.48 -5.44 84.72
CA LEU M 8 103.29 -5.06 85.49
C LEU M 8 103.24 -5.82 86.82
N THR M 9 103.09 -5.07 87.91
CA THR M 9 103.14 -5.62 89.25
C THR M 9 102.12 -4.93 90.14
N ASP M 10 101.96 -5.45 91.34
CA ASP M 10 101.15 -4.82 92.36
C ASP M 10 101.84 -4.91 93.72
N GLY M 11 103.17 -4.93 93.70
CA GLY M 11 103.94 -4.92 94.92
C GLY M 11 104.35 -6.29 95.42
N THR M 12 103.58 -7.32 95.09
CA THR M 12 103.85 -8.66 95.58
C THR M 12 103.99 -9.71 94.50
N THR M 13 103.19 -9.65 93.43
CA THR M 13 103.20 -10.66 92.39
C THR M 13 103.38 -9.99 91.02
N PRO M 14 104.63 -9.75 90.62
CA PRO M 14 104.86 -9.17 89.29
C PRO M 14 104.44 -10.12 88.19
N VAL M 15 104.09 -9.53 87.05
CA VAL M 15 103.67 -10.27 85.87
C VAL M 15 104.49 -9.78 84.69
N THR M 16 105.19 -10.68 84.03
CA THR M 16 105.98 -10.33 82.85
C THR M 16 105.13 -10.56 81.61
N LEU M 17 104.90 -9.50 80.86
CA LEU M 17 104.14 -9.57 79.62
C LEU M 17 105.08 -9.38 78.44
N THR M 18 104.76 -10.05 77.34
CA THR M 18 105.57 -10.02 76.14
C THR M 18 104.66 -9.67 74.96
N PRO M 19 105.19 -8.97 73.96
CA PRO M 19 104.36 -8.58 72.80
C PRO M 19 104.15 -9.74 71.84
N VAL M 20 102.89 -10.13 71.63
CA VAL M 20 102.60 -11.32 70.83
C VAL M 20 101.68 -10.97 69.68
N GLY M 21 101.69 -9.71 69.26
CA GLY M 21 100.86 -9.31 68.15
C GLY M 21 100.69 -7.81 68.11
N GLY M 22 99.69 -7.38 67.36
CA GLY M 22 99.38 -5.97 67.25
C GLY M 22 99.28 -5.50 65.81
N GLY M 23 99.86 -4.35 65.53
CA GLY M 23 99.81 -3.79 64.19
C GLY M 23 100.36 -2.38 64.17
N VAL M 24 99.73 -1.53 63.39
CA VAL M 24 100.06 -0.12 63.34
C VAL M 24 99.14 0.61 64.31
N GLY M 25 99.74 1.30 65.29
CA GLY M 25 98.96 1.93 66.33
C GLY M 25 98.27 0.92 67.24
N GLN M 26 98.98 -0.16 67.58
CA GLN M 26 98.45 -1.21 68.44
C GLN M 26 99.58 -2.14 68.83
N THR M 27 99.51 -2.68 70.04
CA THR M 27 100.53 -3.62 70.50
C THR M 27 99.92 -4.49 71.60
N LEU M 28 99.52 -5.70 71.24
CA LEU M 28 99.02 -6.64 72.23
C LEU M 28 100.15 -7.17 73.09
N TYR M 29 99.81 -7.55 74.32
CA TYR M 29 100.74 -8.18 75.23
C TYR M 29 100.07 -9.39 75.84
N ARG M 30 100.88 -10.33 76.33
CA ARG M 30 100.33 -11.47 77.04
C ARG M 30 101.38 -11.98 78.02
N ALA M 31 100.92 -12.46 79.17
CA ALA M 31 101.83 -13.02 80.15
C ALA M 31 102.45 -14.30 79.61
N THR M 32 103.72 -14.52 79.95
CA THR M 32 104.46 -15.64 79.39
C THR M 32 103.75 -16.96 79.65
N ALA M 33 103.65 -17.33 80.91
CA ALA M 33 102.86 -18.50 81.31
C ALA M 33 102.61 -18.42 82.81
N GLU M 34 101.34 -18.30 83.20
CA GLU M 34 101.01 -18.39 84.62
C GLU M 34 100.86 -19.86 85.03
N ALA M 35 99.81 -20.51 84.54
CA ALA M 35 99.67 -21.96 84.69
C ALA M 35 99.08 -22.66 83.47
N LEU M 36 98.46 -21.95 82.55
CA LEU M 36 97.83 -22.50 81.37
C LEU M 36 97.45 -21.33 80.47
N SER M 37 96.80 -21.62 79.34
CA SER M 37 96.26 -20.57 78.50
C SER M 37 94.87 -20.19 79.01
N ALA M 38 94.43 -18.99 78.61
CA ALA M 38 93.21 -18.33 79.05
C ALA M 38 93.25 -17.92 80.51
N ALA M 39 94.31 -18.26 81.23
CA ALA M 39 94.53 -17.81 82.59
C ALA M 39 95.72 -16.87 82.67
N ASN M 40 95.93 -16.12 81.59
CA ASN M 40 97.06 -15.22 81.47
C ASN M 40 96.57 -13.80 81.20
N PRO M 41 97.03 -12.81 81.95
CA PRO M 41 96.60 -11.44 81.72
C PRO M 41 97.12 -10.89 80.39
N SER M 42 96.40 -9.90 79.87
CA SER M 42 96.80 -9.25 78.63
C SER M 42 96.69 -7.75 78.81
N LEU M 43 97.48 -7.00 78.03
CA LEU M 43 97.63 -5.55 78.17
C LEU M 43 97.52 -4.87 76.80
N SER M 44 96.42 -5.09 76.10
CA SER M 44 96.24 -4.47 74.80
C SER M 44 96.44 -2.96 74.90
N PHE M 45 97.19 -2.41 73.95
CA PHE M 45 97.57 -1.00 74.01
C PHE M 45 97.57 -0.41 72.60
N GLY M 46 96.67 0.54 72.37
CA GLY M 46 96.59 1.23 71.09
C GLY M 46 96.92 2.71 71.23
N TYR M 47 97.11 3.33 70.08
CA TYR M 47 97.48 4.75 70.02
C TYR M 47 97.27 5.24 68.60
N ARG M 48 96.74 6.45 68.46
CA ARG M 48 96.50 7.01 67.14
C ARG M 48 96.34 8.51 67.26
N PHE M 49 96.47 9.19 66.13
CA PHE M 49 96.30 10.63 66.03
C PHE M 49 95.11 10.91 65.12
N THR M 50 94.17 11.72 65.62
CA THR M 50 93.04 12.15 64.79
C THR M 50 93.47 13.31 63.90
N ASP M 51 92.50 14.04 63.36
CA ASP M 51 92.79 15.20 62.50
C ASP M 51 93.79 16.14 63.15
N GLY M 52 93.59 16.46 64.42
CA GLY M 52 94.53 17.26 65.18
C GLY M 52 95.62 16.39 65.78
N GLY M 53 96.43 17.02 66.63
CA GLY M 53 97.48 16.30 67.33
C GLY M 53 96.96 15.63 68.58
N THR M 54 95.68 15.29 68.57
CA THR M 54 95.03 14.69 69.73
C THR M 54 95.55 13.27 69.90
N ASN M 55 96.46 13.10 70.85
CA ASN M 55 97.12 11.82 71.06
C ASN M 55 96.20 10.83 71.76
N ARG M 56 95.21 10.30 71.03
CA ARG M 56 94.23 9.38 71.60
C ARG M 56 94.84 8.01 71.83
N GLN M 57 95.56 7.89 72.94
CA GLN M 57 96.04 6.60 73.38
C GLN M 57 94.93 5.83 74.07
N SER M 58 95.08 4.51 74.14
CA SER M 58 94.08 3.66 74.76
C SER M 58 94.74 2.41 75.32
N LEU M 59 94.19 1.92 76.43
CA LEU M 59 94.71 0.72 77.08
C LEU M 59 93.56 -0.20 77.44
N SER M 60 93.89 -1.47 77.66
CA SER M 60 92.91 -2.44 78.11
C SER M 60 93.67 -3.59 78.76
N TYR M 61 93.60 -3.69 80.08
CA TYR M 61 94.22 -4.77 80.83
C TYR M 61 93.13 -5.74 81.26
N LYS M 62 93.29 -7.00 80.87
CA LYS M 62 92.32 -8.05 81.19
C LYS M 62 93.01 -9.13 81.98
N GLN M 63 92.52 -9.37 83.20
CA GLN M 63 93.06 -10.41 84.06
C GLN M 63 91.97 -11.45 84.30
N PRO M 64 92.14 -12.70 83.85
CA PRO M 64 91.09 -13.69 83.99
C PRO M 64 91.10 -14.35 85.36
N ILE M 65 89.90 -14.72 85.81
CA ILE M 65 89.67 -15.23 87.15
C ILE M 65 89.55 -16.74 87.05
N THR M 66 90.51 -17.45 87.63
CA THR M 66 90.58 -18.90 87.50
C THR M 66 90.27 -19.56 88.83
N ALA M 67 89.69 -20.76 88.76
CA ALA M 67 89.29 -21.49 89.94
C ALA M 67 89.27 -22.98 89.62
N VAL M 68 89.52 -23.80 90.65
CA VAL M 68 89.57 -25.24 90.46
C VAL M 68 88.16 -25.79 90.25
N ASP M 69 88.09 -26.95 89.59
CA ASP M 69 86.83 -27.61 89.24
C ASP M 69 86.86 -29.04 89.76
N SER M 70 87.11 -29.18 91.07
CA SER M 70 87.43 -30.43 91.75
C SER M 70 86.64 -31.64 91.27
N THR M 71 85.39 -31.44 90.84
CA THR M 71 84.65 -32.53 90.21
C THR M 71 85.41 -33.10 89.02
N THR M 72 86.20 -32.27 88.33
CA THR M 72 87.10 -32.72 87.28
C THR M 72 88.54 -32.31 87.51
N SER M 73 88.81 -31.40 88.44
CA SER M 73 90.14 -30.93 88.79
C SER M 73 90.83 -30.20 87.63
N GLU M 74 90.05 -29.58 86.75
CA GLU M 74 90.57 -28.81 85.63
C GLU M 74 90.38 -27.33 85.92
N THR M 75 91.44 -26.55 85.78
CA THR M 75 91.48 -25.17 86.24
C THR M 75 90.72 -24.27 85.25
N LEU M 76 89.40 -24.33 85.36
CA LEU M 76 88.53 -23.54 84.49
C LEU M 76 88.60 -22.06 84.85
N VAL M 77 88.29 -21.21 83.88
CA VAL M 77 88.24 -19.76 84.07
C VAL M 77 86.78 -19.32 84.03
N ARG M 78 86.38 -18.49 84.99
CA ARG M 78 85.00 -18.05 85.11
C ARG M 78 84.73 -16.76 84.34
N GLY M 79 85.45 -15.69 84.68
CA GLY M 79 85.29 -14.40 84.02
C GLY M 79 86.60 -13.64 83.97
N GLN M 80 86.55 -12.32 83.80
CA GLN M 80 87.76 -11.51 83.73
C GLN M 80 87.50 -10.12 84.28
N CYS M 81 88.55 -9.54 84.86
CA CYS M 81 88.54 -8.15 85.30
C CYS M 81 89.15 -7.29 84.21
N VAL M 82 88.45 -6.23 83.83
CA VAL M 82 88.83 -5.38 82.71
C VAL M 82 89.08 -3.97 83.23
N VAL M 83 90.22 -3.39 82.87
CA VAL M 83 90.54 -2.02 83.21
C VAL M 83 90.92 -1.30 81.93
N ASP M 84 90.20 -0.23 81.60
CA ASP M 84 90.45 0.55 80.39
C ASP M 84 90.90 1.94 80.79
N ILE M 85 92.14 2.29 80.43
CA ILE M 85 92.65 3.63 80.70
C ILE M 85 92.81 4.38 79.39
N ASN M 86 91.78 5.12 78.99
CA ASN M 86 91.87 5.94 77.79
C ASN M 86 92.48 7.29 78.12
N ILE M 87 93.26 7.82 77.19
CA ILE M 87 93.95 9.09 77.35
C ILE M 87 93.77 9.90 76.08
N VAL M 88 93.41 11.17 76.23
CA VAL M 88 93.27 12.07 75.09
C VAL M 88 93.97 13.38 75.44
N ILE M 89 94.99 13.74 74.67
CA ILE M 89 95.74 14.97 74.87
C ILE M 89 95.73 15.73 73.54
N PRO M 90 95.18 16.94 73.49
CA PRO M 90 95.07 17.65 72.21
C PRO M 90 96.42 18.21 71.78
N ARG M 91 96.43 18.72 70.53
CA ARG M 91 97.65 19.34 70.01
C ARG M 91 98.07 20.55 70.83
N VAL M 92 97.11 21.32 71.32
CA VAL M 92 97.38 22.60 71.98
C VAL M 92 98.02 22.38 73.35
N ALA M 93 98.17 21.12 73.74
CA ALA M 93 98.71 20.80 75.06
C ALA M 93 100.22 20.94 75.06
N THR M 94 100.75 21.65 76.05
CA THR M 94 102.19 21.76 76.20
C THR M 94 102.76 20.44 76.73
N ALA M 95 104.08 20.36 76.74
CA ALA M 95 104.75 19.15 77.19
C ALA M 95 104.58 18.89 78.69
N THR M 96 104.25 19.91 79.48
CA THR M 96 104.11 19.74 80.92
C THR M 96 102.68 19.48 81.36
N ASP M 97 101.70 19.91 80.57
CA ASP M 97 100.30 19.63 80.91
C ASP M 97 99.97 18.15 80.71
N ARG M 98 100.57 17.53 79.69
CA ARG M 98 100.32 16.12 79.45
C ARG M 98 100.83 15.27 80.62
N ALA M 99 102.06 15.51 81.06
CA ALA M 99 102.60 14.76 82.19
C ALA M 99 101.80 15.00 83.45
N GLU M 100 101.44 16.27 83.71
CA GLU M 100 100.62 16.61 84.87
C GLU M 100 99.31 15.84 84.85
N ALA M 101 98.60 15.88 83.73
CA ALA M 101 97.30 15.23 83.65
C ALA M 101 97.44 13.71 83.84
N ILE M 102 98.41 13.11 83.16
CA ILE M 102 98.55 11.65 83.22
C ILE M 102 98.87 11.21 84.65
N LYS M 103 99.86 11.84 85.27
CA LYS M 103 100.25 11.44 86.61
C LYS M 103 99.14 11.70 87.62
N ARG M 104 98.46 12.84 87.52
CA ARG M 104 97.38 13.13 88.45
C ARG M 104 96.26 12.12 88.32
N ALA M 105 95.85 11.82 87.09
CA ALA M 105 94.77 10.86 86.89
C ALA M 105 95.15 9.46 87.33
N PHE M 106 96.42 9.10 87.23
CA PHE M 106 96.86 7.81 87.74
C PHE M 106 97.00 7.80 89.26
N ASP M 107 97.10 8.97 89.89
CA ASP M 107 97.14 9.04 91.34
C ASP M 107 95.78 8.82 91.99
N VAL M 108 94.74 8.53 91.20
CA VAL M 108 93.41 8.34 91.75
C VAL M 108 93.39 7.18 92.74
N LEU M 109 94.00 6.05 92.37
CA LEU M 109 94.00 4.89 93.24
C LEU M 109 94.63 5.18 94.59
N ASN M 110 95.68 6.00 94.61
CA ASN M 110 96.24 6.43 95.88
C ASN M 110 95.26 7.34 96.62
N ALA M 111 94.55 8.22 95.88
CA ALA M 111 93.61 9.13 96.53
C ALA M 111 92.27 8.47 96.78
N LEU M 112 91.57 8.06 95.72
CA LEU M 112 90.23 7.50 95.81
C LEU M 112 90.30 5.98 95.92
N ASN M 113 90.92 5.52 97.01
CA ASN M 113 91.32 4.12 97.11
C ASN M 113 90.14 3.20 97.39
N ALA M 114 89.48 3.39 98.54
CA ALA M 114 88.58 2.38 99.08
C ALA M 114 87.41 2.05 98.15
N GLU M 115 87.00 2.97 97.29
CA GLU M 115 85.88 2.70 96.40
C GLU M 115 86.30 1.95 95.14
N LEU M 116 87.60 1.84 94.88
CA LEU M 116 88.11 1.07 93.75
C LEU M 116 88.58 -0.31 94.16
N ILE M 117 89.45 -0.39 95.17
CA ILE M 117 90.03 -1.66 95.59
C ILE M 117 88.93 -2.58 96.11
N THR M 118 88.05 -2.04 96.96
CA THR M 118 87.07 -2.86 97.67
C THR M 118 85.74 -2.98 96.93
N GLY M 119 85.37 -1.99 96.13
CA GLY M 119 84.14 -2.05 95.38
C GLY M 119 82.93 -1.45 96.06
N GLU M 120 83.08 -0.90 97.25
CA GLU M 120 81.95 -0.31 97.95
C GLU M 120 81.47 0.95 97.24
N GLY M 121 80.16 1.18 97.30
CA GLY M 121 79.55 2.34 96.70
C GLY M 121 79.42 3.45 97.71
N GLN M 122 80.09 4.56 97.44
CA GLN M 122 80.10 5.68 98.38
C GLN M 122 78.72 6.30 98.50
N TRP M 123 78.41 6.77 99.71
CA TRP M 123 77.09 7.32 100.01
C TRP M 123 77.16 8.83 100.21
N ALA N 1 114.16 -14.00 75.15
CA ALA N 1 113.28 -14.26 74.01
C ALA N 1 113.37 -13.14 72.98
N ALA N 2 114.44 -12.37 73.04
CA ALA N 2 114.71 -11.31 72.07
C ALA N 2 115.28 -11.91 70.80
N ARG N 3 115.24 -11.12 69.73
CA ARG N 3 115.72 -11.59 68.44
C ARG N 3 117.24 -11.54 68.38
N SER N 4 117.84 -12.69 68.10
CA SER N 4 119.29 -12.81 67.97
C SER N 4 119.59 -13.95 67.01
N SER N 5 120.86 -14.13 66.71
CA SER N 5 121.28 -15.18 65.78
C SER N 5 121.06 -16.55 66.40
N ILE N 6 120.58 -17.49 65.58
CA ILE N 6 120.36 -18.86 66.00
C ILE N 6 121.26 -19.78 65.18
N VAL N 7 121.59 -20.93 65.76
CA VAL N 7 122.71 -21.74 65.29
C VAL N 7 122.22 -23.13 64.90
N LEU N 8 121.06 -23.20 64.23
CA LEU N 8 120.53 -24.44 63.69
C LEU N 8 121.63 -25.34 63.16
N THR N 9 121.62 -26.60 63.58
CA THR N 9 122.67 -27.54 63.20
C THR N 9 122.10 -28.94 63.11
N ASP N 10 122.74 -29.77 62.30
CA ASP N 10 122.36 -31.15 62.13
C ASP N 10 123.30 -32.11 62.85
N GLY N 11 124.39 -31.60 63.42
CA GLY N 11 125.38 -32.43 64.06
C GLY N 11 126.73 -32.31 63.39
N THR N 12 126.73 -32.22 62.07
CA THR N 12 127.98 -32.13 61.31
C THR N 12 128.36 -30.68 61.01
N THR N 13 127.49 -29.95 60.32
CA THR N 13 127.80 -28.58 59.89
C THR N 13 126.74 -27.65 60.46
N PRO N 14 127.09 -26.78 61.41
CA PRO N 14 126.12 -25.79 61.90
C PRO N 14 125.99 -24.63 60.93
N VAL N 15 124.77 -24.10 60.84
CA VAL N 15 124.48 -22.92 60.05
C VAL N 15 123.92 -21.85 60.99
N THR N 16 124.48 -20.64 60.90
CA THR N 16 124.10 -19.54 61.78
C THR N 16 123.15 -18.62 61.03
N LEU N 17 121.91 -18.55 61.47
CA LEU N 17 120.91 -17.67 60.86
C LEU N 17 120.81 -16.40 61.69
N THR N 18 120.85 -15.25 61.01
CA THR N 18 120.69 -13.97 61.67
C THR N 18 119.37 -13.34 61.25
N PRO N 19 118.73 -12.55 62.11
CA PRO N 19 117.46 -11.93 61.72
C PRO N 19 117.65 -10.96 60.56
N VAL N 20 116.66 -10.92 59.67
CA VAL N 20 116.68 -9.99 58.55
C VAL N 20 115.35 -9.27 58.47
N GLY N 21 114.60 -9.24 59.57
CA GLY N 21 113.39 -8.44 59.60
C GLY N 21 112.18 -9.12 60.19
N GLY N 22 111.00 -8.70 59.74
CA GLY N 22 109.76 -9.33 60.15
C GLY N 22 108.78 -8.43 60.86
N GLY N 23 109.26 -7.63 61.82
CA GLY N 23 108.35 -6.81 62.59
C GLY N 23 107.64 -7.58 63.67
N VAL N 24 106.41 -7.18 64.01
CA VAL N 24 105.65 -7.81 65.08
C VAL N 24 104.83 -8.95 64.50
N GLY N 25 104.73 -10.04 65.24
CA GLY N 25 104.00 -11.20 64.78
C GLY N 25 104.79 -12.15 63.90
N GLN N 26 106.05 -11.86 63.61
CA GLN N 26 106.87 -12.75 62.80
C GLN N 26 108.33 -12.36 62.94
N THR N 27 109.20 -13.20 62.40
CA THR N 27 110.64 -12.94 62.40
C THR N 27 111.25 -13.78 61.29
N LEU N 28 111.91 -13.13 60.35
CA LEU N 28 112.59 -13.83 59.28
C LEU N 28 114.08 -13.93 59.59
N TYR N 29 114.65 -15.10 59.33
CA TYR N 29 116.07 -15.34 59.55
C TYR N 29 116.72 -15.65 58.21
N ARG N 30 118.04 -15.56 58.18
CA ARG N 30 118.79 -15.93 56.99
C ARG N 30 120.27 -16.03 57.33
N ALA N 31 120.95 -17.05 56.81
CA ALA N 31 122.38 -17.19 57.00
C ALA N 31 123.12 -16.30 56.02
N THR N 32 124.45 -16.24 56.15
CA THR N 32 125.23 -15.41 55.23
C THR N 32 125.48 -16.14 53.91
N ALA N 33 126.29 -17.19 53.95
CA ALA N 33 126.71 -17.96 52.77
C ALA N 33 126.90 -17.04 51.57
N GLU N 34 127.64 -15.96 51.80
CA GLU N 34 127.65 -14.82 50.91
C GLU N 34 128.16 -15.22 49.53
N ALA N 35 127.70 -14.49 48.51
CA ALA N 35 128.14 -14.70 47.13
C ALA N 35 127.86 -16.14 46.70
N LEU N 36 126.58 -16.44 46.53
CA LEU N 36 125.45 -15.53 46.33
C LEU N 36 124.68 -15.26 47.61
N SER N 37 123.88 -14.19 47.62
CA SER N 37 123.12 -13.81 48.80
C SER N 37 121.77 -14.52 48.91
N ALA N 38 121.24 -15.03 47.80
CA ALA N 38 119.98 -15.75 47.80
C ALA N 38 120.17 -17.26 47.91
N ALA N 39 121.41 -17.73 47.98
CA ALA N 39 121.70 -19.15 48.11
C ALA N 39 122.09 -19.51 49.55
N ASN N 40 121.17 -19.31 50.48
CA ASN N 40 121.40 -19.67 51.87
C ASN N 40 120.06 -19.90 52.55
N PRO N 41 120.02 -20.70 53.60
CA PRO N 41 118.75 -21.08 54.22
C PRO N 41 118.09 -19.92 54.95
N SER N 42 116.79 -20.09 55.19
CA SER N 42 115.99 -19.08 55.86
C SER N 42 114.97 -19.78 56.76
N LEU N 43 114.49 -19.07 57.77
CA LEU N 43 113.65 -19.63 58.83
C LEU N 43 112.45 -18.72 59.14
N SER N 44 111.64 -18.42 58.14
CA SER N 44 110.48 -17.56 58.37
C SER N 44 109.62 -18.10 59.50
N PHE N 45 109.57 -17.37 60.61
CA PHE N 45 108.88 -17.83 61.83
C PHE N 45 107.85 -16.79 62.25
N GLY N 46 106.58 -17.19 62.24
CA GLY N 46 105.50 -16.32 62.65
C GLY N 46 104.68 -16.91 63.80
N TYR N 47 103.87 -16.06 64.42
CA TYR N 47 103.07 -16.45 65.57
C TYR N 47 101.99 -15.42 65.79
N ARG N 48 100.87 -15.84 66.34
CA ARG N 48 99.76 -14.93 66.62
C ARG N 48 98.80 -15.61 67.59
N PHE N 49 97.86 -14.84 68.12
CA PHE N 49 96.80 -15.32 68.98
C PHE N 49 95.46 -14.92 68.37
N THR N 50 94.54 -15.87 68.25
CA THR N 50 93.24 -15.60 67.67
C THR N 50 92.30 -15.03 68.73
N ASP N 51 91.00 -15.06 68.42
CA ASP N 51 89.99 -14.57 69.36
C ASP N 51 90.14 -15.22 70.73
N GLY N 52 90.40 -16.52 70.77
CA GLY N 52 90.66 -17.19 72.02
C GLY N 52 92.12 -17.08 72.41
N GLY N 53 92.63 -18.10 73.07
CA GLY N 53 94.04 -18.16 73.39
C GLY N 53 94.77 -19.09 72.46
N THR N 54 94.15 -19.37 71.32
CA THR N 54 94.68 -20.34 70.36
C THR N 54 95.96 -19.79 69.75
N ASN N 55 97.09 -20.26 70.25
CA ASN N 55 98.40 -19.84 69.78
C ASN N 55 98.71 -20.59 68.49
N ARG N 56 98.84 -19.86 67.38
CA ARG N 56 99.13 -20.46 66.08
C ARG N 56 100.53 -20.04 65.64
N GLN N 57 101.51 -20.86 66.02
CA GLN N 57 102.86 -20.63 65.58
C GLN N 57 103.09 -21.31 64.24
N SER N 58 104.07 -20.82 63.49
CA SER N 58 104.32 -21.34 62.14
C SER N 58 105.75 -21.11 61.70
N LEU N 59 106.48 -22.17 61.40
CA LEU N 59 107.86 -22.06 60.96
C LEU N 59 107.98 -22.59 59.54
N SER N 60 108.85 -21.96 58.77
CA SER N 60 109.10 -22.40 57.41
C SER N 60 110.60 -22.27 57.17
N TYR N 61 111.27 -23.41 57.06
CA TYR N 61 112.72 -23.45 56.85
C TYR N 61 112.98 -23.86 55.42
N LYS N 62 113.68 -23.01 54.68
CA LYS N 62 114.00 -23.25 53.29
C LYS N 62 115.51 -23.32 53.12
N GLN N 63 115.99 -24.40 52.54
CA GLN N 63 117.41 -24.54 52.25
C GLN N 63 117.59 -24.70 50.74
N PRO N 64 118.25 -23.76 50.06
CA PRO N 64 118.43 -23.89 48.62
C PRO N 64 119.61 -24.78 48.28
N ILE N 65 119.51 -25.43 47.14
CA ILE N 65 120.50 -26.39 46.66
C ILE N 65 121.42 -25.66 45.70
N THR N 66 122.67 -25.47 46.10
CA THR N 66 123.64 -24.71 45.34
C THR N 66 124.47 -25.64 44.45
N ALA N 67 125.12 -25.04 43.47
CA ALA N 67 125.99 -25.78 42.55
C ALA N 67 126.98 -24.80 41.96
N VAL N 68 128.25 -24.87 42.39
CA VAL N 68 129.26 -23.92 41.95
C VAL N 68 129.67 -24.28 40.53
N ASP N 69 129.33 -23.43 39.58
CA ASP N 69 129.61 -23.66 38.16
C ASP N 69 131.06 -23.30 37.90
N SER N 70 131.93 -24.31 37.83
CA SER N 70 133.36 -24.07 37.69
C SER N 70 133.72 -23.37 36.39
N THR N 71 132.89 -23.50 35.36
CA THR N 71 133.16 -22.83 34.09
C THR N 71 133.14 -21.31 34.25
N THR N 72 132.08 -20.79 34.86
CA THR N 72 131.89 -19.37 35.03
C THR N 72 132.29 -18.89 36.43
N SER N 73 132.36 -19.80 37.40
CA SER N 73 132.64 -19.48 38.80
C SER N 73 131.56 -18.60 39.40
N GLU N 74 130.33 -19.09 39.29
CA GLU N 74 129.17 -18.45 39.92
C GLU N 74 128.30 -19.53 40.54
N THR N 75 127.61 -19.17 41.62
CA THR N 75 126.76 -20.12 42.33
C THR N 75 125.37 -20.10 41.72
N LEU N 76 124.86 -21.27 41.35
CA LEU N 76 123.54 -21.40 40.77
C LEU N 76 122.62 -22.10 41.76
N VAL N 77 121.36 -21.71 41.78
CA VAL N 77 120.36 -22.26 42.68
C VAL N 77 119.44 -23.15 41.87
N ARG N 78 119.41 -24.44 42.20
CA ARG N 78 118.65 -25.43 41.45
C ARG N 78 117.26 -25.66 42.02
N GLY N 79 117.07 -25.43 43.31
CA GLY N 79 115.79 -25.66 43.95
C GLY N 79 115.95 -25.43 45.43
N GLN N 80 114.91 -25.79 46.19
CA GLN N 80 114.99 -25.62 47.63
C GLN N 80 114.19 -26.69 48.35
N CYS N 81 114.78 -27.22 49.41
CA CYS N 81 114.06 -28.10 50.33
C CYS N 81 113.33 -27.25 51.34
N VAL N 82 112.02 -27.46 51.45
CA VAL N 82 111.14 -26.65 52.29
C VAL N 82 110.56 -27.55 53.37
N VAL N 83 110.63 -27.08 54.62
CA VAL N 83 110.03 -27.79 55.75
C VAL N 83 109.13 -26.80 56.49
N ASP N 84 107.84 -27.09 56.52
CA ASP N 84 106.87 -26.26 57.23
C ASP N 84 106.44 -26.98 58.50
N ILE N 85 106.30 -26.21 59.58
CA ILE N 85 105.91 -26.75 60.87
C ILE N 85 104.86 -25.80 61.44
N ASN N 86 103.59 -26.17 61.36
CA ASN N 86 102.54 -25.39 61.98
C ASN N 86 102.18 -25.98 63.33
N ILE N 87 101.98 -25.11 64.31
CA ILE N 87 101.68 -25.51 65.68
C ILE N 87 100.44 -24.77 66.12
N VAL N 88 99.39 -25.50 66.45
CA VAL N 88 98.16 -24.91 66.97
C VAL N 88 97.97 -25.38 68.40
N ILE N 89 97.82 -24.43 69.31
CA ILE N 89 97.62 -24.77 70.71
C ILE N 89 96.32 -24.13 71.17
N PRO N 90 95.33 -24.90 71.59
CA PRO N 90 94.02 -24.32 71.91
C PRO N 90 94.03 -23.48 73.18
N ARG N 91 92.91 -22.83 73.44
CA ARG N 91 92.77 -21.95 74.59
C ARG N 91 92.85 -22.71 75.92
N VAL N 92 92.56 -24.01 75.90
CA VAL N 92 92.40 -24.78 77.12
C VAL N 92 93.62 -25.63 77.45
N ALA N 93 94.75 -25.38 76.81
CA ALA N 93 95.92 -26.25 76.93
C ALA N 93 96.77 -25.83 78.12
N THR N 94 97.09 -26.80 78.97
CA THR N 94 97.96 -26.54 80.12
C THR N 94 99.38 -26.26 79.66
N ALA N 95 100.16 -25.65 80.55
CA ALA N 95 101.53 -25.25 80.23
C ALA N 95 102.48 -26.43 80.05
N THR N 96 102.15 -27.59 80.61
CA THR N 96 102.98 -28.79 80.42
C THR N 96 102.50 -29.66 79.28
N ASP N 97 101.20 -29.61 78.94
CA ASP N 97 100.73 -30.31 77.76
C ASP N 97 101.30 -29.71 76.49
N ARG N 98 101.53 -28.39 76.48
CA ARG N 98 102.22 -27.77 75.35
C ARG N 98 103.60 -28.38 75.16
N ALA N 99 104.38 -28.47 76.23
CA ALA N 99 105.72 -29.05 76.10
C ALA N 99 105.64 -30.50 75.68
N GLU N 100 104.72 -31.26 76.27
CA GLU N 100 104.58 -32.67 75.88
C GLU N 100 104.30 -32.79 74.39
N ALA N 101 103.30 -32.06 73.89
CA ALA N 101 102.92 -32.17 72.50
C ALA N 101 104.05 -31.74 71.58
N ILE N 102 104.70 -30.62 71.88
CA ILE N 102 105.73 -30.10 70.98
C ILE N 102 106.92 -31.05 70.95
N LYS N 103 107.43 -31.45 72.11
CA LYS N 103 108.60 -32.30 72.12
C LYS N 103 108.29 -33.71 71.62
N ARG N 104 107.03 -34.13 71.67
CA ARG N 104 106.67 -35.41 71.07
C ARG N 104 106.61 -35.31 69.55
N ALA N 105 106.01 -34.24 69.02
CA ALA N 105 105.93 -34.07 67.58
C ALA N 105 107.30 -33.92 66.97
N PHE N 106 108.19 -33.15 67.61
CA PHE N 106 109.54 -33.00 67.10
C PHE N 106 110.40 -34.23 67.33
N ASP N 107 109.89 -35.21 68.08
CA ASP N 107 110.61 -36.47 68.28
C ASP N 107 110.30 -37.49 67.19
N VAL N 108 109.50 -37.13 66.19
CA VAL N 108 109.18 -38.04 65.10
C VAL N 108 110.46 -38.43 64.36
N LEU N 109 111.34 -37.46 64.12
CA LEU N 109 112.57 -37.73 63.39
C LEU N 109 113.39 -38.85 64.03
N ASN N 110 113.29 -39.01 65.35
CA ASN N 110 113.95 -40.12 66.00
C ASN N 110 113.16 -41.41 65.90
N ALA N 111 111.85 -41.33 65.69
CA ALA N 111 111.03 -42.53 65.55
C ALA N 111 110.86 -42.91 64.08
N LEU N 112 110.33 -41.99 63.28
CA LEU N 112 110.10 -42.22 61.86
C LEU N 112 111.31 -41.76 61.04
N ASN N 113 112.48 -42.29 61.43
CA ASN N 113 113.74 -41.73 60.95
C ASN N 113 113.98 -42.07 59.48
N ALA N 114 113.98 -43.37 59.14
CA ALA N 114 114.34 -43.78 57.79
C ALA N 114 113.35 -43.27 56.75
N GLU N 115 112.09 -43.04 57.14
CA GLU N 115 111.13 -42.51 56.19
C GLU N 115 111.33 -41.03 55.89
N LEU N 116 112.20 -40.35 56.63
CA LEU N 116 112.43 -38.92 56.45
C LEU N 116 113.86 -38.62 56.03
N ILE N 117 114.85 -39.22 56.69
CA ILE N 117 116.23 -38.92 56.36
C ILE N 117 116.59 -39.45 54.98
N THR N 118 116.18 -40.66 54.66
CA THR N 118 116.52 -41.28 53.38
C THR N 118 115.42 -41.16 52.34
N GLY N 119 114.18 -40.93 52.75
CA GLY N 119 113.10 -40.74 51.82
C GLY N 119 112.33 -41.99 51.45
N GLU N 120 112.55 -43.10 52.16
CA GLU N 120 111.85 -44.35 51.87
C GLU N 120 110.36 -44.20 52.16
N GLY N 121 109.64 -45.26 51.88
CA GLY N 121 108.26 -45.39 52.34
C GLY N 121 108.09 -46.73 53.01
N GLN N 122 107.32 -46.73 54.08
CA GLN N 122 107.14 -47.95 54.85
C GLN N 122 106.26 -48.94 54.11
N TRP N 123 106.67 -50.20 54.09
CA TRP N 123 105.98 -51.22 53.33
C TRP N 123 105.16 -52.16 54.19
N ALA O 1 111.47 -48.85 57.28
CA ALA O 1 111.09 -50.23 57.54
C ALA O 1 109.57 -50.38 57.48
N ALA O 2 109.08 -51.57 57.81
CA ALA O 2 107.65 -51.82 57.73
C ALA O 2 106.90 -51.08 58.83
N ARG O 3 105.58 -50.95 58.65
CA ARG O 3 104.75 -50.31 59.64
C ARG O 3 104.86 -51.03 60.98
N SER O 4 105.40 -50.34 61.99
CA SER O 4 105.57 -50.97 63.30
C SER O 4 105.10 -50.02 64.40
N SER O 5 105.42 -50.33 65.64
CA SER O 5 105.05 -49.49 66.77
C SER O 5 106.15 -48.47 67.04
N ILE O 6 105.78 -47.20 67.04
CA ILE O 6 106.72 -46.11 67.30
C ILE O 6 106.57 -45.66 68.74
N VAL O 7 107.63 -45.06 69.28
CA VAL O 7 107.77 -44.85 70.72
C VAL O 7 107.94 -43.34 70.94
N LEU O 8 107.18 -42.55 70.17
CA LEU O 8 107.16 -41.09 70.31
C LEU O 8 107.19 -40.67 71.77
N THR O 9 108.22 -39.94 72.15
CA THR O 9 108.46 -39.56 73.55
C THR O 9 108.83 -38.09 73.64
N ASP O 10 109.12 -37.63 74.85
CA ASP O 10 109.61 -36.28 75.05
C ASP O 10 110.73 -36.22 76.08
N GLY O 11 111.31 -37.35 76.46
CA GLY O 11 112.35 -37.42 77.45
C GLY O 11 111.88 -37.90 78.81
N THR O 12 110.60 -37.70 79.12
CA THR O 12 110.04 -38.14 80.40
C THR O 12 108.90 -39.14 80.23
N THR O 13 107.90 -38.82 79.40
CA THR O 13 106.70 -39.64 79.29
C THR O 13 106.56 -40.19 77.88
N PRO O 14 107.03 -41.40 77.61
CA PRO O 14 106.87 -41.97 76.28
C PRO O 14 105.45 -42.41 76.00
N VAL O 15 105.13 -42.47 74.71
CA VAL O 15 103.84 -42.95 74.24
C VAL O 15 104.09 -43.87 73.05
N THR O 16 103.48 -45.04 73.06
CA THR O 16 103.66 -46.02 72.00
C THR O 16 102.45 -46.00 71.08
N LEU O 17 102.70 -45.86 69.78
CA LEU O 17 101.65 -45.75 68.77
C LEU O 17 101.78 -46.91 67.78
N THR O 18 100.66 -47.59 67.51
CA THR O 18 100.61 -48.68 66.56
C THR O 18 99.67 -48.34 65.42
N PRO O 19 99.99 -48.75 64.19
CA PRO O 19 99.20 -48.32 63.03
C PRO O 19 97.74 -48.77 63.13
N VAL O 20 96.83 -47.88 62.74
CA VAL O 20 95.40 -48.17 62.85
C VAL O 20 94.70 -47.95 61.52
N GLY O 21 95.45 -47.99 60.44
CA GLY O 21 94.80 -47.90 59.15
C GLY O 21 95.72 -47.23 58.13
N GLY O 22 95.09 -46.58 57.15
CA GLY O 22 95.82 -45.88 56.11
C GLY O 22 95.65 -46.50 54.75
N GLY O 23 96.76 -46.66 54.03
CA GLY O 23 96.74 -47.19 52.68
C GLY O 23 98.11 -47.18 52.05
N VAL O 24 98.22 -46.71 50.82
CA VAL O 24 99.50 -46.52 50.15
C VAL O 24 99.88 -45.05 50.23
N GLY O 25 101.09 -44.78 50.70
CA GLY O 25 101.48 -43.41 50.97
C GLY O 25 100.59 -42.78 52.02
N GLN O 26 100.29 -43.53 53.08
CA GLN O 26 99.47 -43.06 54.19
C GLN O 26 99.59 -44.06 55.32
N THR O 27 99.64 -43.56 56.55
CA THR O 27 99.82 -44.44 57.71
C THR O 27 99.29 -43.71 58.94
N LEU O 28 98.17 -44.20 59.47
CA LEU O 28 97.64 -43.66 60.71
C LEU O 28 98.40 -44.25 61.91
N TYR O 29 98.19 -43.66 63.07
CA TYR O 29 98.76 -44.16 64.31
C TYR O 29 97.81 -43.82 65.45
N ARG O 30 97.99 -44.50 66.57
CA ARG O 30 97.25 -44.21 67.79
C ARG O 30 97.85 -45.04 68.91
N ALA O 31 97.56 -44.65 70.15
CA ALA O 31 98.09 -45.29 71.33
C ALA O 31 97.09 -46.28 71.93
N THR O 32 97.40 -46.81 73.11
CA THR O 32 96.65 -47.92 73.69
C THR O 32 95.43 -47.49 74.49
N ALA O 33 95.50 -46.36 75.19
CA ALA O 33 94.39 -45.94 76.04
C ALA O 33 93.15 -45.64 75.21
N GLU O 34 91.97 -45.73 75.83
CA GLU O 34 90.71 -45.61 75.12
C GLU O 34 89.85 -44.51 75.72
N ALA O 35 89.07 -43.86 74.86
CA ALA O 35 88.14 -42.82 75.29
C ALA O 35 86.94 -42.86 74.34
N LEU O 36 86.14 -41.80 74.37
CA LEU O 36 84.91 -41.74 73.57
C LEU O 36 85.06 -40.81 72.37
N SER O 37 85.42 -39.56 72.58
CA SER O 37 85.51 -38.58 71.50
C SER O 37 86.93 -38.53 70.90
N ALA O 38 87.91 -38.18 71.72
CA ALA O 38 89.31 -38.16 71.29
C ALA O 38 90.08 -39.16 72.13
N ALA O 39 90.57 -40.22 71.49
CA ALA O 39 91.17 -41.31 72.24
C ALA O 39 92.60 -40.97 72.64
N ASN O 40 93.49 -40.79 71.67
CA ASN O 40 94.92 -40.72 71.93
C ASN O 40 95.60 -39.83 70.91
N PRO O 41 96.91 -39.58 71.05
CA PRO O 41 97.65 -38.95 69.95
C PRO O 41 97.55 -39.77 68.68
N SER O 42 97.42 -39.07 67.55
CA SER O 42 97.19 -39.73 66.26
C SER O 42 98.12 -39.11 65.22
N LEU O 43 99.25 -39.77 64.95
CA LEU O 43 100.28 -39.26 64.05
C LEU O 43 100.01 -39.79 62.65
N SER O 44 99.40 -38.97 61.80
CA SER O 44 99.19 -39.36 60.41
C SER O 44 100.40 -38.99 59.58
N PHE O 45 100.75 -39.85 58.63
CA PHE O 45 101.97 -39.73 57.82
C PHE O 45 101.59 -39.95 56.36
N GLY O 46 101.70 -38.90 55.56
CA GLY O 46 101.11 -38.90 54.23
C GLY O 46 102.03 -38.74 53.05
N TYR O 47 103.18 -39.42 53.05
CA TYR O 47 104.17 -39.25 51.98
C TYR O 47 103.61 -39.64 50.62
N ARG O 48 104.18 -39.03 49.58
CA ARG O 48 103.81 -39.28 48.20
C ARG O 48 104.91 -38.72 47.31
N PHE O 49 104.73 -38.86 45.99
CA PHE O 49 105.62 -38.29 44.99
C PHE O 49 104.81 -37.42 44.04
N THR O 50 105.48 -36.85 43.05
CA THR O 50 104.86 -35.87 42.17
C THR O 50 105.47 -36.03 40.77
N ASP O 51 105.30 -35.01 39.92
CA ASP O 51 105.80 -35.07 38.56
C ASP O 51 107.28 -35.38 38.50
N GLY O 52 108.07 -34.65 39.28
CA GLY O 52 109.48 -34.93 39.44
C GLY O 52 109.71 -35.86 40.62
N GLY O 53 110.92 -35.79 41.16
CA GLY O 53 111.22 -36.52 42.37
C GLY O 53 110.79 -35.75 43.60
N THR O 54 109.74 -34.93 43.44
CA THR O 54 109.30 -34.03 44.50
C THR O 54 108.65 -34.82 45.62
N ASN O 55 109.47 -35.32 46.54
CA ASN O 55 108.99 -36.13 47.65
C ASN O 55 108.19 -35.25 48.60
N ARG O 56 106.87 -35.28 48.49
CA ARG O 56 105.99 -34.39 49.24
C ARG O 56 105.47 -35.08 50.49
N GLN O 57 106.39 -35.32 51.42
CA GLN O 57 105.99 -35.93 52.69
C GLN O 57 105.15 -34.95 53.49
N SER O 58 104.37 -35.50 54.43
CA SER O 58 103.46 -34.69 55.22
C SER O 58 103.09 -35.46 56.48
N LEU O 59 103.05 -34.75 57.61
CA LEU O 59 102.76 -35.35 58.89
C LEU O 59 101.71 -34.52 59.61
N SER O 60 101.12 -35.14 60.63
CA SER O 60 100.22 -34.41 61.53
C SER O 60 100.09 -35.16 62.84
N TYR O 61 100.55 -34.56 63.94
CA TYR O 61 100.53 -35.19 65.25
C TYR O 61 99.55 -34.44 66.13
N LYS O 62 98.44 -35.09 66.46
CA LYS O 62 97.43 -34.50 67.34
C LYS O 62 97.48 -35.19 68.69
N GLN O 63 97.59 -34.40 69.75
CA GLN O 63 97.53 -34.91 71.11
C GLN O 63 96.32 -34.30 71.81
N PRO O 64 95.33 -35.09 72.20
CA PRO O 64 94.12 -34.53 72.78
C PRO O 64 94.36 -34.00 74.19
N ILE O 65 93.88 -32.77 74.41
CA ILE O 65 93.87 -32.15 75.72
C ILE O 65 92.67 -32.72 76.47
N THR O 66 92.94 -33.49 77.52
CA THR O 66 91.90 -34.21 78.25
C THR O 66 92.18 -34.14 79.75
N ALA O 67 91.12 -34.26 80.54
CA ALA O 67 91.19 -34.38 81.99
C ALA O 67 90.18 -35.41 82.43
N VAL O 68 90.58 -36.27 83.36
CA VAL O 68 89.74 -37.40 83.77
C VAL O 68 88.62 -36.90 84.69
N ASP O 69 87.39 -37.28 84.37
CA ASP O 69 86.26 -36.95 85.22
C ASP O 69 86.25 -37.85 86.45
N SER O 70 85.48 -37.43 87.46
CA SER O 70 85.28 -38.24 88.64
C SER O 70 84.04 -39.11 88.49
N THR O 71 84.13 -40.33 89.00
CA THR O 71 83.07 -41.33 89.04
C THR O 71 82.69 -41.86 87.66
N THR O 72 83.27 -41.35 86.58
CA THR O 72 82.97 -41.82 85.24
C THR O 72 84.27 -42.13 84.50
N SER O 73 84.28 -43.25 83.78
CA SER O 73 85.45 -43.70 83.05
C SER O 73 85.43 -43.24 81.59
N GLU O 74 85.33 -41.93 81.38
CA GLU O 74 85.29 -41.38 80.03
C GLU O 74 86.34 -40.31 79.78
N THR O 75 87.13 -39.94 80.79
CA THR O 75 88.29 -39.05 80.68
C THR O 75 88.05 -37.91 79.70
N LEU O 76 87.08 -37.05 80.03
CA LEU O 76 86.65 -35.95 79.15
C LEU O 76 87.81 -35.24 78.49
N VAL O 77 87.71 -35.08 77.17
CA VAL O 77 88.72 -34.40 76.36
C VAL O 77 88.27 -32.97 76.10
N ARG O 78 89.23 -32.04 76.16
CA ARG O 78 88.92 -30.63 76.03
C ARG O 78 89.38 -30.02 74.72
N GLY O 79 90.41 -30.56 74.10
CA GLY O 79 90.91 -30.01 72.85
C GLY O 79 91.92 -30.91 72.19
N GLN O 80 92.78 -30.30 71.36
CA GLN O 80 93.86 -31.03 70.71
C GLN O 80 94.99 -30.11 70.27
N CYS O 81 96.23 -30.50 70.52
CA CYS O 81 97.41 -29.71 70.13
C CYS O 81 97.91 -30.22 68.79
N VAL O 82 97.37 -29.65 67.71
CA VAL O 82 97.76 -30.04 66.36
C VAL O 82 99.17 -29.55 66.07
N VAL O 83 100.00 -30.41 65.49
CA VAL O 83 101.34 -30.02 65.04
C VAL O 83 101.60 -30.61 63.66
N ASP O 84 101.43 -29.80 62.62
CA ASP O 84 101.64 -30.26 61.25
C ASP O 84 103.10 -30.07 60.85
N ILE O 85 103.61 -31.00 60.05
CA ILE O 85 104.97 -30.92 59.53
C ILE O 85 104.97 -31.35 58.07
N ASN O 86 105.05 -30.40 57.15
CA ASN O 86 105.05 -30.70 55.72
C ASN O 86 106.45 -30.53 55.16
N ILE O 87 106.86 -31.49 54.32
CA ILE O 87 108.20 -31.53 53.76
C ILE O 87 108.09 -31.61 52.25
N VAL O 88 108.85 -30.77 51.55
CA VAL O 88 108.90 -30.76 50.10
C VAL O 88 110.36 -30.78 49.69
N ILE O 89 110.82 -31.91 49.16
CA ILE O 89 112.21 -32.10 48.77
C ILE O 89 112.25 -32.22 47.25
N PRO O 90 113.04 -31.41 46.55
CA PRO O 90 112.98 -31.43 45.08
C PRO O 90 113.64 -32.65 44.49
N ARG O 91 113.59 -32.76 43.16
CA ARG O 91 114.20 -33.89 42.47
C ARG O 91 115.72 -33.86 42.54
N VAL O 92 116.32 -32.66 42.57
CA VAL O 92 117.76 -32.52 42.43
C VAL O 92 118.46 -32.59 43.78
N ALA O 93 117.73 -32.95 44.83
CA ALA O 93 118.26 -32.90 46.18
C ALA O 93 119.04 -34.16 46.48
N THR O 94 120.37 -34.03 46.55
CA THR O 94 121.23 -35.12 46.96
C THR O 94 120.87 -35.57 48.38
N ALA O 95 120.94 -36.87 48.63
CA ALA O 95 120.50 -37.41 49.91
C ALA O 95 121.25 -36.84 51.09
N THR O 96 122.46 -36.31 50.88
CA THR O 96 123.12 -35.56 51.95
C THR O 96 122.41 -34.23 52.21
N ASP O 97 122.04 -33.52 51.14
CA ASP O 97 121.33 -32.26 51.30
C ASP O 97 119.99 -32.46 51.97
N ARG O 98 119.26 -33.53 51.61
CA ARG O 98 117.98 -33.77 52.25
C ARG O 98 118.14 -34.06 53.74
N ALA O 99 119.13 -34.87 54.10
CA ALA O 99 119.38 -35.14 55.52
C ALA O 99 119.71 -33.87 56.26
N GLU O 100 120.56 -33.02 55.66
CA GLU O 100 120.89 -31.75 56.29
C GLU O 100 119.64 -30.90 56.49
N ALA O 101 118.81 -30.79 55.46
CA ALA O 101 117.63 -29.95 55.55
C ALA O 101 116.69 -30.44 56.63
N ILE O 102 116.43 -31.75 56.69
CA ILE O 102 115.49 -32.28 57.66
C ILE O 102 116.05 -32.12 59.08
N LYS O 103 117.31 -32.49 59.29
CA LYS O 103 117.86 -32.43 60.64
C LYS O 103 118.05 -31.00 61.11
N ARG O 104 118.22 -30.06 60.18
CA ARG O 104 118.29 -28.65 60.57
C ARG O 104 116.90 -28.09 60.86
N ALA O 105 115.89 -28.50 60.12
CA ALA O 105 114.54 -28.04 60.41
C ALA O 105 114.06 -28.55 61.75
N PHE O 106 114.40 -29.80 62.09
CA PHE O 106 113.96 -30.36 63.35
C PHE O 106 114.85 -29.96 64.53
N ASP O 107 115.89 -29.16 64.28
CA ASP O 107 116.69 -28.60 65.35
C ASP O 107 116.21 -27.22 65.77
N VAL O 108 115.09 -26.74 65.23
CA VAL O 108 114.55 -25.46 65.64
C VAL O 108 114.18 -25.49 67.12
N LEU O 109 113.61 -26.62 67.57
CA LEU O 109 113.16 -26.73 68.95
C LEU O 109 114.29 -26.46 69.95
N ASN O 110 115.52 -26.80 69.59
CA ASN O 110 116.65 -26.55 70.47
C ASN O 110 117.25 -25.16 70.30
N ALA O 111 116.87 -24.43 69.26
CA ALA O 111 117.37 -23.08 69.03
C ALA O 111 116.31 -22.03 69.34
N LEU O 112 115.11 -22.21 68.79
CA LEU O 112 113.98 -21.32 69.05
C LEU O 112 113.09 -21.92 70.14
N ASN O 113 113.71 -22.19 71.28
CA ASN O 113 113.09 -23.05 72.28
C ASN O 113 111.96 -22.36 73.04
N ALA O 114 112.26 -21.20 73.64
CA ALA O 114 111.29 -20.54 74.51
C ALA O 114 110.05 -20.13 73.75
N GLU O 115 110.21 -19.63 72.52
CA GLU O 115 109.06 -19.20 71.73
C GLU O 115 108.13 -20.34 71.39
N LEU O 116 108.63 -21.56 71.32
CA LEU O 116 107.82 -22.71 70.94
C LEU O 116 107.22 -23.41 72.15
N ILE O 117 108.01 -23.58 73.21
CA ILE O 117 107.51 -24.26 74.40
C ILE O 117 106.61 -23.33 75.20
N THR O 118 107.13 -22.17 75.61
CA THR O 118 106.37 -21.26 76.44
C THR O 118 105.29 -20.52 75.63
N GLY O 119 105.63 -20.10 74.41
CA GLY O 119 104.66 -19.45 73.55
C GLY O 119 104.67 -17.94 73.67
N GLU O 120 105.84 -17.33 73.57
CA GLU O 120 105.99 -15.91 73.85
C GLU O 120 107.24 -15.39 73.15
N GLY O 121 107.37 -14.08 73.12
CA GLY O 121 108.66 -13.48 72.83
C GLY O 121 108.79 -12.76 71.52
N GLN O 122 110.03 -12.69 71.01
CA GLN O 122 110.39 -11.92 69.82
C GLN O 122 110.04 -10.43 70.03
N TRP O 123 110.79 -9.82 70.95
CA TRP O 123 110.62 -8.41 71.24
C TRP O 123 111.38 -7.58 70.21
N ALA P 1 -80.79 70.11 74.80
CA ALA P 1 -80.88 71.55 75.03
C ALA P 1 -79.50 72.18 75.04
N ALA P 2 -79.43 73.46 75.39
CA ALA P 2 -78.13 74.12 75.50
C ALA P 2 -77.34 73.51 76.65
N ARG P 3 -76.06 73.24 76.39
CA ARG P 3 -75.20 72.64 77.39
C ARG P 3 -75.07 73.55 78.60
N SER P 4 -75.18 72.98 79.79
CA SER P 4 -75.09 73.73 81.03
C SER P 4 -74.50 72.82 82.11
N SER P 5 -74.66 73.22 83.36
CA SER P 5 -74.17 72.45 84.48
C SER P 5 -75.22 71.45 84.96
N ILE P 6 -74.76 70.38 85.60
CA ILE P 6 -75.63 69.35 86.14
C ILE P 6 -75.24 69.07 87.57
N VAL P 7 -76.20 68.56 88.34
CA VAL P 7 -76.11 68.56 89.81
C VAL P 7 -76.23 67.11 90.29
N LEU P 8 -75.62 66.17 89.56
CA LEU P 8 -75.59 64.77 89.95
C LEU P 8 -75.42 64.61 91.46
N THR P 9 -76.33 63.87 92.07
CA THR P 9 -76.37 63.73 93.51
C THR P 9 -76.71 62.29 93.88
N ASP P 10 -76.59 61.98 95.16
CA ASP P 10 -77.00 60.69 95.70
C ASP P 10 -77.72 60.87 97.03
N GLY P 11 -78.35 62.02 97.21
CA GLY P 11 -79.15 62.27 98.40
C GLY P 11 -78.43 63.09 99.45
N THR P 12 -77.12 62.91 99.57
CA THR P 12 -76.37 63.59 100.63
C THR P 12 -75.22 64.45 100.12
N THR P 13 -74.54 64.05 99.06
CA THR P 13 -73.37 64.77 98.56
C THR P 13 -73.54 65.08 97.08
N PRO P 14 -74.21 66.19 96.75
CA PRO P 14 -74.34 66.58 95.35
C PRO P 14 -73.00 66.94 94.74
N VAL P 15 -72.91 66.72 93.44
CA VAL P 15 -71.70 67.03 92.67
C VAL P 15 -72.12 67.90 91.48
N THR P 16 -71.56 69.10 91.39
CA THR P 16 -71.83 70.00 90.28
C THR P 16 -70.80 69.76 89.19
N LEU P 17 -71.26 69.36 88.02
CA LEU P 17 -70.41 69.11 86.88
C LEU P 17 -70.62 70.22 85.84
N THR P 18 -69.55 70.55 85.12
CA THR P 18 -69.57 71.60 84.13
C THR P 18 -69.01 71.04 82.82
N PRO P 19 -69.48 71.52 81.67
CA PRO P 19 -68.98 71.01 80.39
C PRO P 19 -67.63 71.58 80.05
N VAL P 20 -66.62 70.72 79.90
CA VAL P 20 -65.26 71.19 79.68
C VAL P 20 -64.69 70.61 78.40
N GLY P 21 -65.56 70.26 77.46
CA GLY P 21 -65.10 69.73 76.20
C GLY P 21 -66.21 69.00 75.49
N GLY P 22 -65.81 68.20 74.52
CA GLY P 22 -66.75 67.40 73.76
C GLY P 22 -66.60 67.56 72.26
N GLY P 23 -67.71 67.69 71.56
CA GLY P 23 -67.68 67.82 70.11
C GLY P 23 -69.07 67.76 69.54
N VAL P 24 -69.18 67.09 68.39
CA VAL P 24 -70.47 66.85 67.76
C VAL P 24 -70.94 65.46 68.20
N GLY P 25 -72.11 65.41 68.82
CA GLY P 25 -72.61 64.17 69.38
C GLY P 25 -71.77 63.67 70.54
N GLN P 26 -71.35 64.58 71.42
CA GLN P 26 -70.51 64.25 72.55
C GLN P 26 -70.40 65.49 73.44
N THR P 27 -70.37 65.26 74.75
CA THR P 27 -70.26 66.37 75.69
C THR P 27 -69.62 65.86 76.98
N LEU P 28 -68.33 66.15 77.15
CA LEU P 28 -67.66 65.80 78.39
C LEU P 28 -68.12 66.71 79.52
N TYR P 29 -68.05 66.19 80.75
CA TYR P 29 -68.32 66.96 81.94
C TYR P 29 -67.22 66.68 82.95
N ARG P 30 -67.05 67.62 83.89
CA ARG P 30 -66.12 67.38 84.98
C ARG P 30 -66.57 68.18 86.19
N ALA P 31 -66.36 67.63 87.37
CA ALA P 31 -66.69 68.35 88.60
C ALA P 31 -65.77 69.54 88.76
N THR P 32 -66.33 70.63 89.31
CA THR P 32 -65.59 71.89 89.39
C THR P 32 -64.27 71.70 90.13
N ALA P 33 -64.34 71.36 91.41
CA ALA P 33 -63.16 71.01 92.20
C ALA P 33 -63.62 70.31 93.45
N GLU P 34 -63.23 69.04 93.60
CA GLU P 34 -63.47 68.35 94.87
C GLU P 34 -62.35 68.66 95.87
N ALA P 35 -61.15 68.16 95.60
CA ALA P 35 -59.97 68.55 96.36
C ALA P 35 -58.71 68.72 95.54
N LEU P 36 -58.67 68.20 94.32
CA LEU P 36 -57.51 68.25 93.43
C LEU P 36 -57.96 67.75 92.06
N SER P 37 -57.02 67.64 91.14
CA SER P 37 -57.31 67.02 89.86
C SER P 37 -57.11 65.51 89.95
N ALA P 38 -57.75 64.79 89.03
CA ALA P 38 -57.83 63.33 88.97
C ALA P 38 -58.67 62.75 90.09
N ALA P 39 -59.15 63.57 91.02
CA ALA P 39 -60.07 63.15 92.07
C ALA P 39 -61.43 63.79 91.85
N ASN P 40 -61.78 64.03 90.58
CA ASN P 40 -63.01 64.67 90.21
C ASN P 40 -63.81 63.78 89.27
N PRO P 41 -65.09 63.55 89.54
CA PRO P 41 -65.89 62.69 88.67
C PRO P 41 -66.13 63.32 87.32
N SER P 42 -66.40 62.47 86.33
CA SER P 42 -66.71 62.92 84.98
C SER P 42 -67.93 62.18 84.47
N LEU P 43 -68.65 62.82 83.54
CA LEU P 43 -69.94 62.33 83.04
C LEU P 43 -69.98 62.40 81.51
N SER P 44 -69.03 61.73 80.86
CA SER P 44 -69.00 61.72 79.40
C SER P 44 -70.34 61.29 78.83
N PHE P 45 -70.83 62.03 77.84
CA PHE P 45 -72.18 61.80 77.31
C PHE P 45 -72.16 61.97 75.81
N GLY P 46 -72.42 60.90 75.08
CA GLY P 46 -72.49 60.92 73.64
C GLY P 46 -73.88 60.58 73.13
N TYR P 47 -74.09 60.85 71.84
CA TYR P 47 -75.37 60.61 71.19
C TYR P 47 -75.17 60.66 69.69
N ARG P 48 -75.85 59.77 68.98
CA ARG P 48 -75.72 59.71 67.54
C ARG P 48 -76.92 58.98 66.96
N PHE P 49 -77.12 59.15 65.66
CA PHE P 49 -78.17 58.47 64.91
C PHE P 49 -77.52 57.62 63.84
N THR P 50 -77.88 56.34 63.79
CA THR P 50 -77.41 55.45 62.73
C THR P 50 -78.25 55.67 61.47
N ASP P 51 -78.17 54.71 60.55
CA ASP P 51 -78.96 54.76 59.31
C ASP P 51 -80.41 55.17 59.57
N GLY P 52 -81.08 54.45 60.47
CA GLY P 52 -82.43 54.81 60.87
C GLY P 52 -82.41 55.80 62.01
N GLY P 53 -83.60 56.03 62.57
CA GLY P 53 -83.72 56.96 63.68
C GLY P 53 -83.36 56.35 65.02
N THR P 54 -82.43 55.39 65.00
CA THR P 54 -82.02 54.69 66.21
C THR P 54 -81.23 55.64 67.10
N ASN P 55 -81.89 56.18 68.12
CA ASN P 55 -81.31 57.19 68.98
C ASN P 55 -80.27 56.58 69.92
N ARG P 56 -79.08 56.27 69.38
CA ARG P 56 -78.05 55.55 70.13
C ARG P 56 -77.31 56.50 71.06
N GLN P 57 -77.95 56.84 72.16
CA GLN P 57 -77.30 57.63 73.19
C GLN P 57 -76.37 56.76 74.02
N SER P 58 -75.42 57.39 74.70
CA SER P 58 -74.45 56.67 75.51
C SER P 58 -73.97 57.56 76.64
N LEU P 59 -73.68 56.95 77.78
CA LEU P 59 -73.19 57.67 78.94
C LEU P 59 -72.02 56.92 79.55
N SER P 60 -71.23 57.64 80.34
CA SER P 60 -70.13 57.03 81.08
C SER P 60 -69.78 57.94 82.24
N TYR P 61 -70.10 57.51 83.45
CA TYR P 61 -69.80 58.25 84.67
C TYR P 61 -68.64 57.57 85.37
N LYS P 62 -67.57 58.32 85.60
CA LYS P 62 -66.35 57.79 86.23
C LYS P 62 -66.09 58.58 87.50
N GLN P 63 -66.07 57.88 88.63
CA GLN P 63 -65.79 58.49 89.92
C GLN P 63 -64.51 57.90 90.48
N PRO P 64 -63.44 58.67 90.67
CA PRO P 64 -62.18 58.10 91.12
C PRO P 64 -62.10 57.93 92.64
N ILE P 65 -61.41 56.88 93.05
CA ILE P 65 -61.31 56.48 94.45
C ILE P 65 -60.01 57.02 95.00
N THR P 66 -60.10 58.00 95.89
CA THR P 66 -58.93 58.67 96.42
C THR P 66 -58.67 58.23 97.85
N ALA P 67 -57.39 58.23 98.22
CA ALA P 67 -56.98 57.78 99.55
C ALA P 67 -55.67 58.47 99.93
N VAL P 68 -55.51 58.70 101.23
CA VAL P 68 -54.31 59.38 101.72
C VAL P 68 -53.11 58.45 101.64
N ASP P 69 -51.92 59.06 101.56
CA ASP P 69 -50.65 58.35 101.41
C ASP P 69 -49.70 58.80 102.52
N SER P 70 -50.16 58.67 103.77
CA SER P 70 -49.56 59.25 104.97
C SER P 70 -48.02 59.19 105.00
N THR P 71 -47.42 58.16 104.40
CA THR P 71 -45.97 58.15 104.25
C THR P 71 -45.48 59.40 103.52
N THR P 72 -46.30 59.96 102.62
CA THR P 72 -46.02 61.23 101.98
C THR P 72 -47.12 62.25 102.17
N SER P 73 -48.32 61.83 102.61
CA SER P 73 -49.47 62.70 102.86
C SER P 73 -50.00 63.36 101.58
N GLU P 74 -49.85 62.69 100.45
CA GLU P 74 -50.37 63.18 99.18
C GLU P 74 -51.56 62.31 98.76
N THR P 75 -52.67 62.95 98.43
CA THR P 75 -53.94 62.27 98.21
C THR P 75 -53.93 61.57 96.85
N LEU P 76 -53.23 60.44 96.80
CA LEU P 76 -53.14 59.65 95.58
C LEU P 76 -54.49 59.00 95.26
N VAL P 77 -54.72 58.73 93.98
CA VAL P 77 -55.92 58.07 93.51
C VAL P 77 -55.57 56.65 93.11
N ARG P 78 -56.37 55.69 93.57
CA ARG P 78 -56.09 54.26 93.35
C ARG P 78 -56.71 53.76 92.05
N GLY P 79 -58.03 53.86 91.93
CA GLY P 79 -58.74 53.43 90.73
C GLY P 79 -59.98 54.25 90.50
N GLN P 80 -60.95 53.72 89.76
CA GLN P 80 -62.18 54.46 89.48
C GLN P 80 -63.35 53.50 89.36
N CYS P 81 -64.53 54.00 89.72
CA CYS P 81 -65.79 53.29 89.51
C CYS P 81 -66.43 53.83 88.24
N VAL P 82 -66.82 52.92 87.35
CA VAL P 82 -67.29 53.26 86.02
C VAL P 82 -68.72 52.74 85.86
N VAL P 83 -69.62 53.62 85.44
CA VAL P 83 -71.01 53.24 85.16
C VAL P 83 -71.34 53.68 83.74
N ASP P 84 -71.71 52.72 82.89
CA ASP P 84 -72.04 53.01 81.50
C ASP P 84 -73.53 52.73 81.29
N ILE P 85 -74.28 53.77 80.93
CA ILE P 85 -75.70 53.61 80.64
C ILE P 85 -75.94 53.84 79.16
N ASN P 86 -75.90 52.78 78.36
CA ASN P 86 -76.21 52.89 76.94
C ASN P 86 -77.70 52.81 76.72
N ILE P 87 -78.17 53.56 75.74
CA ILE P 87 -79.60 53.60 75.39
C ILE P 87 -79.72 53.51 73.88
N VAL P 88 -80.62 52.64 73.42
CA VAL P 88 -80.90 52.50 71.99
C VAL P 88 -82.42 52.48 71.82
N ILE P 89 -82.95 53.46 71.09
CA ILE P 89 -84.37 53.55 70.80
C ILE P 89 -84.52 53.61 69.28
N PRO P 90 -85.22 52.66 68.66
CA PRO P 90 -85.32 52.64 67.20
C PRO P 90 -86.25 53.74 66.69
N ARG P 91 -86.23 53.91 65.37
CA ARG P 91 -87.07 54.93 64.74
C ARG P 91 -88.56 54.62 64.92
N VAL P 92 -88.92 53.34 64.93
CA VAL P 92 -90.31 52.91 64.96
C VAL P 92 -90.91 53.12 66.35
N ALA P 93 -90.12 53.65 67.27
CA ALA P 93 -90.54 53.77 68.66
C ALA P 93 -91.48 54.95 68.86
N THR P 94 -92.63 54.68 69.46
CA THR P 94 -93.53 55.75 69.87
C THR P 94 -92.87 56.59 70.96
N ALA P 95 -93.18 57.88 70.98
CA ALA P 95 -92.61 58.79 71.96
C ALA P 95 -92.95 58.40 73.40
N THR P 96 -94.01 57.62 73.61
CA THR P 96 -94.34 57.13 74.94
C THR P 96 -93.63 55.83 75.29
N ASP P 97 -93.23 55.05 74.30
CA ASP P 97 -92.45 53.85 74.57
C ASP P 97 -91.04 54.20 75.03
N ARG P 98 -90.47 55.26 74.48
CA ARG P 98 -89.12 55.67 74.87
C ARG P 98 -89.07 56.07 76.34
N ALA P 99 -90.02 56.91 76.78
CA ALA P 99 -90.05 57.32 78.18
C ALA P 99 -90.30 56.13 79.10
N GLU P 100 -91.22 55.25 78.71
CA GLU P 100 -91.48 54.03 79.49
C GLU P 100 -90.20 53.23 79.67
N ALA P 101 -89.50 52.93 78.57
CA ALA P 101 -88.30 52.12 78.64
C ALA P 101 -87.23 52.78 79.49
N ILE P 102 -86.99 54.09 79.28
CA ILE P 102 -85.92 54.76 80.00
C ILE P 102 -86.20 54.76 81.50
N LYS P 103 -87.40 55.18 81.89
CA LYS P 103 -87.70 55.26 83.31
C LYS P 103 -87.72 53.88 83.96
N ARG P 104 -88.26 52.88 83.27
CA ARG P 104 -88.28 51.54 83.83
C ARG P 104 -86.87 51.00 84.04
N ALA P 105 -86.01 51.14 83.03
CA ALA P 105 -84.65 50.65 83.17
C ALA P 105 -83.87 51.41 84.23
N PHE P 106 -84.18 52.69 84.46
CA PHE P 106 -83.53 53.42 85.53
C PHE P 106 -84.13 53.11 86.89
N ASP P 107 -85.32 52.50 86.95
CA ASP P 107 -85.88 52.06 88.21
C ASP P 107 -85.26 50.77 88.74
N VAL P 108 -84.25 50.23 88.05
CA VAL P 108 -83.65 48.97 88.48
C VAL P 108 -83.04 49.12 89.86
N LEU P 109 -82.30 50.20 90.10
CA LEU P 109 -81.64 50.38 91.38
C LEU P 109 -82.63 50.39 92.53
N ASN P 110 -83.81 50.97 92.31
CA ASN P 110 -84.85 50.88 93.32
C ASN P 110 -85.37 49.45 93.45
N ALA P 111 -85.50 48.74 92.32
CA ALA P 111 -86.01 47.37 92.37
C ALA P 111 -84.93 46.36 92.73
N LEU P 112 -83.89 46.25 91.91
CA LEU P 112 -82.82 45.28 92.13
C LEU P 112 -81.66 45.93 92.88
N ASN P 113 -81.93 46.26 94.15
CA ASN P 113 -81.05 47.16 94.88
C ASN P 113 -79.81 46.45 95.41
N ALA P 114 -80.00 45.45 96.26
CA ALA P 114 -78.92 44.91 97.08
C ALA P 114 -77.76 44.34 96.25
N GLU P 115 -78.03 43.88 95.03
CA GLU P 115 -76.97 43.28 94.23
C GLU P 115 -76.13 44.31 93.49
N LEU P 116 -76.58 45.56 93.43
CA LEU P 116 -75.82 46.64 92.81
C LEU P 116 -75.06 47.47 93.84
N ILE P 117 -75.76 47.94 94.87
CA ILE P 117 -75.15 48.80 95.88
C ILE P 117 -74.06 48.03 96.63
N THR P 118 -74.36 46.81 97.06
CA THR P 118 -73.48 46.07 97.94
C THR P 118 -72.48 45.20 97.20
N GLY P 119 -72.81 44.78 95.98
CA GLY P 119 -71.92 43.96 95.19
C GLY P 119 -72.03 42.47 95.41
N GLU P 120 -72.93 42.02 96.27
CA GLU P 120 -73.09 40.60 96.51
C GLU P 120 -73.66 39.91 95.28
N GLY P 121 -73.25 38.65 95.09
CA GLY P 121 -73.71 37.85 93.97
C GLY P 121 -74.90 37.01 94.37
N GLN P 122 -76.00 37.20 93.67
CA GLN P 122 -77.22 36.47 93.99
C GLN P 122 -77.07 34.98 93.68
N TRP P 123 -77.70 34.17 94.51
CA TRP P 123 -77.58 32.71 94.39
C TRP P 123 -78.88 32.09 93.92
N ALA Q 1 -70.11 80.69 85.98
CA ALA Q 1 -69.10 80.64 84.92
C ALA Q 1 -69.75 80.56 83.55
N ALA Q 2 -70.92 81.17 83.42
CA ALA Q 2 -71.59 81.28 82.13
C ALA Q 2 -70.99 82.42 81.32
N ARG Q 3 -71.24 82.39 80.01
CA ARG Q 3 -70.67 83.38 79.13
C ARG Q 3 -71.43 84.70 79.24
N SER Q 4 -70.71 85.77 79.56
CA SER Q 4 -71.28 87.10 79.67
C SER Q 4 -70.19 88.12 79.36
N SER Q 5 -70.58 89.39 79.31
CA SER Q 5 -69.63 90.44 79.00
C SER Q 5 -68.63 90.60 80.14
N ILE Q 6 -67.37 90.86 79.78
CA ILE Q 6 -66.31 91.08 80.75
C ILE Q 6 -65.75 92.48 80.55
N VAL Q 7 -65.17 93.03 81.61
CA VAL Q 7 -64.89 94.46 81.69
C VAL Q 7 -63.39 94.68 81.90
N LEU Q 8 -62.56 93.90 81.20
CA LEU Q 8 -61.11 94.11 81.20
C LEU Q 8 -60.75 95.59 81.24
N THR Q 9 -59.86 95.94 82.16
CA THR Q 9 -59.49 97.33 82.34
C THR Q 9 -58.04 97.42 82.82
N ASP Q 10 -57.43 98.56 82.57
CA ASP Q 10 -56.08 98.85 83.01
C ASP Q 10 -56.02 99.82 84.18
N GLY Q 11 -57.17 100.35 84.59
CA GLY Q 11 -57.21 101.34 85.65
C GLY Q 11 -57.72 102.67 85.15
N THR Q 12 -57.36 103.02 83.91
CA THR Q 12 -57.77 104.30 83.34
C THR Q 12 -59.02 104.16 82.47
N THR Q 13 -58.96 103.31 81.45
CA THR Q 13 -60.07 103.16 80.50
C THR Q 13 -60.50 101.72 80.46
N PRO Q 14 -61.70 101.39 80.95
CA PRO Q 14 -62.19 100.02 80.84
C PRO Q 14 -62.71 99.73 79.44
N VAL Q 15 -62.52 98.49 78.99
CA VAL Q 15 -63.06 98.01 77.72
C VAL Q 15 -63.96 96.82 78.02
N THR Q 16 -65.16 96.85 77.45
CA THR Q 16 -66.18 95.82 77.70
C THR Q 16 -66.20 94.87 76.52
N LEU Q 17 -65.76 93.64 76.73
CA LEU Q 17 -65.77 92.62 75.69
C LEU Q 17 -67.02 91.77 75.84
N THR Q 18 -67.74 91.56 74.73
CA THR Q 18 -68.91 90.69 74.74
C THR Q 18 -68.63 89.44 73.93
N PRO Q 19 -69.25 88.31 74.26
CA PRO Q 19 -68.99 87.08 73.50
C PRO Q 19 -69.46 87.23 72.06
N VAL Q 20 -68.71 86.62 71.14
CA VAL Q 20 -69.08 86.61 69.73
C VAL Q 20 -68.95 85.20 69.19
N GLY Q 21 -69.01 84.20 70.06
CA GLY Q 21 -69.06 82.83 69.58
C GLY Q 21 -68.15 81.86 70.30
N GLY Q 22 -67.74 80.81 69.59
CA GLY Q 22 -66.78 79.87 70.10
C GLY Q 22 -67.25 78.44 70.22
N GLY Q 23 -68.47 78.24 70.75
CA GLY Q 23 -68.93 76.89 70.96
C GLY Q 23 -68.33 76.25 72.20
N VAL Q 24 -68.20 74.92 72.20
CA VAL Q 24 -67.69 74.19 73.36
C VAL Q 24 -66.18 74.10 73.23
N GLY Q 25 -65.49 74.24 74.36
CA GLY Q 25 -64.05 74.20 74.38
C GLY Q 25 -63.35 75.52 74.12
N GLN Q 26 -64.10 76.60 73.88
CA GLN Q 26 -63.50 77.91 73.67
C GLN Q 26 -64.58 78.98 73.79
N THR Q 27 -64.15 80.23 73.78
CA THR Q 27 -65.05 81.37 73.83
C THR Q 27 -64.33 82.57 73.26
N LEU Q 28 -64.90 83.19 72.24
CA LEU Q 28 -64.32 84.37 71.63
C LEU Q 28 -65.03 85.60 72.13
N TYR Q 29 -64.27 86.63 72.45
CA TYR Q 29 -64.83 87.89 72.91
C TYR Q 29 -64.45 88.99 71.95
N ARG Q 30 -65.16 90.11 72.03
CA ARG Q 30 -64.82 91.29 71.24
C ARG Q 30 -65.57 92.51 71.76
N ALA Q 31 -64.90 93.65 71.82
CA ALA Q 31 -65.55 94.90 72.23
C ALA Q 31 -66.34 95.47 71.06
N THR Q 32 -67.06 96.56 71.32
CA THR Q 32 -67.83 97.18 70.24
C THR Q 32 -66.95 98.10 69.39
N ALA Q 33 -66.51 99.21 69.97
CA ALA Q 33 -65.70 100.23 69.29
C ALA Q 33 -66.13 100.38 67.83
N GLU Q 34 -67.44 100.52 67.65
CA GLU Q 34 -68.06 100.37 66.34
C GLU Q 34 -67.53 101.39 65.35
N ALA Q 35 -67.50 101.01 64.08
CA ALA Q 35 -67.09 101.90 63.00
C ALA Q 35 -65.66 102.40 63.23
N LEU Q 36 -64.72 101.48 63.07
CA LEU Q 36 -64.81 100.20 62.36
C LEU Q 36 -65.01 99.03 63.32
N SER Q 37 -65.50 97.91 62.79
CA SER Q 37 -65.79 96.73 63.60
C SER Q 37 -64.59 95.82 63.79
N ALA Q 38 -63.57 95.94 62.96
CA ALA Q 38 -62.34 95.17 63.12
C ALA Q 38 -61.29 95.88 63.94
N ALA Q 39 -61.55 97.11 64.35
CA ALA Q 39 -60.61 97.89 65.15
C ALA Q 39 -61.04 97.91 66.62
N ASN Q 40 -61.06 96.73 67.24
CA ASN Q 40 -61.37 96.63 68.66
C ASN Q 40 -60.77 95.35 69.21
N PRO Q 41 -60.46 95.31 70.50
CA PRO Q 41 -59.75 94.16 71.07
C PRO Q 41 -60.59 92.91 71.13
N SER Q 42 -59.91 91.78 71.25
CA SER Q 42 -60.54 90.47 71.32
C SER Q 42 -59.78 89.60 72.32
N LEU Q 43 -60.47 88.59 72.85
CA LEU Q 43 -59.97 87.76 73.95
C LEU Q 43 -60.21 86.27 73.69
N SER Q 44 -59.70 85.76 72.57
CA SER Q 44 -59.91 84.35 72.26
C SER Q 44 -59.43 83.47 73.40
N PHE Q 45 -60.37 82.79 74.06
CA PHE Q 45 -60.09 82.01 75.26
C PHE Q 45 -60.55 80.58 75.05
N GLY Q 46 -59.61 79.63 75.09
CA GLY Q 46 -59.92 78.22 74.94
C GLY Q 46 -59.42 77.41 76.14
N TYR Q 47 -59.90 76.17 76.21
CA TYR Q 47 -59.60 75.28 77.32
C TYR Q 47 -59.98 73.87 76.93
N ARG Q 48 -59.26 72.89 77.49
CA ARG Q 48 -59.54 71.48 77.19
C ARG Q 48 -58.85 70.63 78.25
N PHE Q 49 -59.18 69.34 78.24
CA PHE Q 49 -58.56 68.35 79.11
C PHE Q 49 -58.03 67.21 78.24
N THR Q 50 -56.77 66.85 78.44
CA THR Q 50 -56.16 65.78 77.67
C THR Q 50 -56.51 64.42 78.27
N ASP Q 51 -55.77 63.38 77.86
CA ASP Q 51 -55.99 62.04 78.36
C ASP Q 51 -56.01 62.00 79.89
N GLY Q 52 -55.09 62.71 80.52
CA GLY Q 52 -55.10 62.82 81.96
C GLY Q 52 -56.03 63.93 82.43
N GLY Q 53 -55.67 64.58 83.52
CA GLY Q 53 -56.43 65.72 83.99
C GLY Q 53 -55.73 67.01 83.65
N THR Q 54 -54.82 66.95 82.68
CA THR Q 54 -53.97 68.09 82.33
C THR Q 54 -54.84 69.17 81.72
N ASN Q 55 -55.19 70.17 82.51
CA ASN Q 55 -56.01 71.29 82.07
C ASN Q 55 -55.14 72.25 81.29
N ARG Q 56 -55.41 72.39 80.00
CA ARG Q 56 -54.63 73.29 79.13
C ARG Q 56 -55.50 74.47 78.72
N GLN Q 57 -55.46 75.52 79.51
CA GLN Q 57 -56.16 76.74 79.17
C GLN Q 57 -55.26 77.63 78.31
N SER Q 58 -55.88 78.52 77.56
CA SER Q 58 -55.13 79.36 76.63
C SER Q 58 -55.88 80.64 76.32
N LEU Q 59 -55.25 81.79 76.55
CA LEU Q 59 -55.87 83.06 76.25
C LEU Q 59 -55.03 83.81 75.23
N SER Q 60 -55.71 84.55 74.37
CA SER Q 60 -55.02 85.38 73.38
C SER Q 60 -55.78 86.69 73.27
N TYR Q 61 -55.18 87.75 73.78
CA TYR Q 61 -55.77 89.08 73.79
C TYR Q 61 -55.08 89.91 72.72
N LYS Q 62 -55.86 90.37 71.74
CA LYS Q 62 -55.34 91.18 70.65
C LYS Q 62 -55.97 92.56 70.70
N GLN Q 63 -55.15 93.59 70.71
CA GLN Q 63 -55.63 94.96 70.68
C GLN Q 63 -55.08 95.66 69.45
N PRO Q 64 -55.90 96.06 68.49
CA PRO Q 64 -55.39 96.73 67.30
C PRO Q 64 -55.14 98.20 67.54
N ILE Q 65 -54.18 98.74 66.79
CA ILE Q 65 -53.76 100.12 66.92
C ILE Q 65 -54.47 100.93 65.84
N THR Q 66 -55.33 101.84 66.26
CA THR Q 66 -56.17 102.60 65.36
C THR Q 66 -55.53 103.95 65.03
N ALA Q 67 -56.04 104.58 63.97
CA ALA Q 67 -55.55 105.88 63.55
C ALA Q 67 -56.65 106.55 62.74
N VAL Q 68 -57.31 107.54 63.31
CA VAL Q 68 -58.43 108.19 62.62
C VAL Q 68 -57.88 109.13 61.56
N ASP Q 69 -58.06 108.76 60.30
CA ASP Q 69 -57.55 109.54 59.17
C ASP Q 69 -58.48 110.73 58.96
N SER Q 70 -58.07 111.89 59.48
CA SER Q 70 -58.92 113.08 59.43
C SER Q 70 -59.22 113.53 58.01
N THR Q 71 -58.35 113.20 57.05
CA THR Q 71 -58.59 113.58 55.66
C THR Q 71 -59.85 112.92 55.11
N THR Q 72 -59.93 111.60 55.27
CA THR Q 72 -61.05 110.82 54.76
C THR Q 72 -62.10 110.54 55.82
N SER Q 73 -61.74 110.64 57.11
CA SER Q 73 -62.60 110.33 58.25
C SER Q 73 -62.97 108.85 58.27
N GLU Q 74 -61.93 108.01 58.23
CA GLU Q 74 -62.09 106.57 58.36
C GLU Q 74 -61.01 106.05 59.31
N THR Q 75 -61.34 105.00 60.04
CA THR Q 75 -60.41 104.41 60.99
C THR Q 75 -59.55 103.37 60.29
N LEU Q 76 -58.23 103.52 60.41
CA LEU Q 76 -57.28 102.61 59.81
C LEU Q 76 -56.61 101.78 60.89
N VAL Q 77 -56.27 100.55 60.55
CA VAL Q 77 -55.64 99.62 61.49
C VAL Q 77 -54.19 99.42 61.08
N ARG Q 78 -53.27 99.80 61.97
CA ARG Q 78 -51.85 99.77 61.66
C ARG Q 78 -51.16 98.50 62.13
N GLY Q 79 -51.72 97.82 63.12
CA GLY Q 79 -51.12 96.62 63.65
C GLY Q 79 -51.88 96.19 64.87
N GLN Q 80 -51.35 95.21 65.59
CA GLN Q 80 -52.01 94.77 66.80
C GLN Q 80 -51.01 94.26 67.82
N CYS Q 81 -51.21 94.65 69.08
CA CYS Q 81 -50.47 94.09 70.19
C CYS Q 81 -51.15 92.79 70.62
N VAL Q 82 -50.37 91.71 70.66
CA VAL Q 82 -50.88 90.38 70.96
C VAL Q 82 -50.25 89.89 72.25
N VAL Q 83 -51.08 89.40 73.16
CA VAL Q 83 -50.61 88.82 74.42
C VAL Q 83 -51.19 87.42 74.52
N ASP Q 84 -50.34 86.41 74.53
CA ASP Q 84 -50.75 85.03 74.70
C ASP Q 84 -50.42 84.55 76.10
N ILE Q 85 -51.32 83.80 76.69
CA ILE Q 85 -51.15 83.28 78.05
C ILE Q 85 -51.59 81.82 78.01
N ASN Q 86 -50.63 80.90 77.95
CA ASN Q 86 -50.93 79.49 78.03
C ASN Q 86 -50.75 78.99 79.45
N ILE Q 87 -51.68 78.16 79.90
CA ILE Q 87 -51.66 77.63 81.26
C ILE Q 87 -51.80 76.12 81.18
N VAL Q 88 -50.82 75.40 81.69
CA VAL Q 88 -50.86 73.95 81.73
C VAL Q 88 -50.86 73.52 83.19
N ILE Q 89 -51.87 72.75 83.58
CA ILE Q 89 -51.97 72.27 84.95
C ILE Q 89 -52.00 70.75 84.92
N PRO Q 90 -51.04 70.08 85.55
CA PRO Q 90 -50.97 68.62 85.42
C PRO Q 90 -52.07 67.91 86.19
N ARG Q 91 -52.14 66.59 86.01
CA ARG Q 91 -53.16 65.78 86.64
C ARG Q 91 -53.04 65.75 88.16
N VAL Q 92 -51.84 66.01 88.69
CA VAL Q 92 -51.56 65.79 90.10
C VAL Q 92 -51.61 67.09 90.90
N ALA Q 93 -52.12 68.16 90.34
CA ALA Q 93 -52.05 69.47 90.95
C ALA Q 93 -53.22 69.68 91.90
N THR Q 94 -52.91 70.09 93.14
CA THR Q 94 -53.93 70.39 94.12
C THR Q 94 -54.70 71.65 93.72
N ALA Q 95 -55.88 71.81 94.31
CA ALA Q 95 -56.74 72.94 93.99
C ALA Q 95 -56.22 74.27 94.50
N THR Q 96 -55.31 74.26 95.48
CA THR Q 96 -54.70 75.49 95.95
C THR Q 96 -53.37 75.80 95.27
N ASP Q 97 -52.66 74.76 94.81
CA ASP Q 97 -51.46 74.99 94.02
C ASP Q 97 -51.80 75.66 92.69
N ARG Q 98 -52.96 75.35 92.13
CA ARG Q 98 -53.42 76.05 90.93
C ARG Q 98 -53.53 77.54 91.19
N ALA Q 99 -54.22 77.92 92.26
CA ALA Q 99 -54.36 79.34 92.57
C ALA Q 99 -53.01 79.98 92.83
N GLU Q 100 -52.14 79.30 93.59
CA GLU Q 100 -50.82 79.83 93.84
C GLU Q 100 -50.06 80.10 92.55
N ALA Q 101 -49.99 79.10 91.67
CA ALA Q 101 -49.23 79.24 90.44
C ALA Q 101 -49.81 80.34 89.55
N ILE Q 102 -51.13 80.35 89.38
CA ILE Q 102 -51.74 81.32 88.48
C ILE Q 102 -51.56 82.74 89.01
N LYS Q 103 -51.89 82.96 90.29
CA LYS Q 103 -51.79 84.31 90.82
C LYS Q 103 -50.35 84.77 90.96
N ARG Q 104 -49.40 83.83 91.02
CA ARG Q 104 -48.00 84.23 91.02
C ARG Q 104 -47.53 84.60 89.63
N ALA Q 105 -47.91 83.81 88.62
CA ALA Q 105 -47.51 84.11 87.25
C ALA Q 105 -48.11 85.43 86.78
N PHE Q 106 -49.38 85.68 87.11
CA PHE Q 106 -49.99 86.94 86.75
C PHE Q 106 -49.51 88.11 87.61
N ASP Q 107 -48.72 87.84 88.64
CA ASP Q 107 -48.12 88.89 89.46
C ASP Q 107 -46.80 89.39 88.90
N VAL Q 108 -46.37 88.85 87.75
CA VAL Q 108 -45.11 89.29 87.15
C VAL Q 108 -45.17 90.77 86.81
N LEU Q 109 -46.33 91.22 86.28
CA LEU Q 109 -46.47 92.61 85.90
C LEU Q 109 -46.17 93.56 87.06
N ASN Q 110 -46.42 93.13 88.29
CA ASN Q 110 -46.05 93.94 89.44
C ASN Q 110 -44.60 93.76 89.85
N ALA Q 111 -43.98 92.65 89.46
CA ALA Q 111 -42.57 92.43 89.78
C ALA Q 111 -41.67 92.91 88.65
N LEU Q 112 -41.89 92.38 87.44
CA LEU Q 112 -41.09 92.74 86.27
C LEU Q 112 -41.78 93.85 85.48
N ASN Q 113 -42.06 94.95 86.19
CA ASN Q 113 -42.96 95.96 85.66
C ASN Q 113 -42.30 96.78 84.56
N ALA Q 114 -41.12 97.34 84.83
CA ALA Q 114 -40.49 98.24 83.87
C ALA Q 114 -40.11 97.52 82.58
N GLU Q 115 -39.83 96.22 82.65
CA GLU Q 115 -39.45 95.49 81.46
C GLU Q 115 -40.65 95.16 80.57
N LEU Q 116 -41.86 95.41 81.02
CA LEU Q 116 -43.06 95.09 80.25
C LEU Q 116 -43.86 96.32 79.89
N ILE Q 117 -44.09 97.23 80.84
CA ILE Q 117 -44.91 98.40 80.57
C ILE Q 117 -44.20 99.35 79.61
N THR Q 118 -42.91 99.59 79.83
CA THR Q 118 -42.16 100.52 79.00
C THR Q 118 -41.38 99.85 77.89
N GLY Q 119 -41.03 98.57 78.04
CA GLY Q 119 -40.34 97.84 77.01
C GLY Q 119 -38.85 97.75 77.16
N GLU Q 120 -38.30 98.17 78.30
CA GLU Q 120 -36.86 98.14 78.51
C GLU Q 120 -36.34 96.70 78.52
N GLY Q 121 -35.05 96.58 78.62
CA GLY Q 121 -34.41 95.30 78.93
C GLY Q 121 -33.51 95.50 80.12
N GLN Q 122 -33.50 94.51 81.00
CA GLN Q 122 -32.71 94.62 82.22
C GLN Q 122 -31.23 94.48 81.90
N TRP Q 123 -30.43 95.35 82.48
CA TRP Q 123 -28.99 95.40 82.18
C TRP Q 123 -28.13 94.79 83.28
N ALA R 1 -34.95 97.95 85.41
CA ALA R 1 -33.68 98.15 86.09
C ALA R 1 -32.79 96.93 85.91
N ALA R 2 -31.72 96.86 86.69
CA ALA R 2 -30.78 95.76 86.57
C ALA R 2 -31.39 94.48 87.11
N ARG R 3 -30.79 93.35 86.74
CA ARG R 3 -31.24 92.06 87.25
C ARG R 3 -31.16 92.04 88.77
N SER R 4 -32.30 91.91 89.43
CA SER R 4 -32.33 91.90 90.89
C SER R 4 -33.21 90.77 91.39
N SER R 5 -33.53 90.79 92.69
CA SER R 5 -34.40 89.78 93.27
C SER R 5 -35.85 90.25 93.21
N ILE R 6 -36.70 89.42 92.62
CA ILE R 6 -38.11 89.73 92.48
C ILE R 6 -38.90 88.96 93.54
N VAL R 7 -40.08 89.46 93.87
CA VAL R 7 -40.84 89.00 95.03
C VAL R 7 -42.20 88.47 94.59
N LEU R 8 -42.23 87.75 93.46
CA LEU R 8 -43.45 87.13 92.95
C LEU R 8 -44.29 86.53 94.06
N THR R 9 -45.52 87.01 94.18
CA THR R 9 -46.39 86.64 95.29
C THR R 9 -47.80 86.39 94.76
N ASP R 10 -48.73 86.10 95.68
CA ASP R 10 -50.12 85.95 95.33
C ASP R 10 -51.06 86.59 96.34
N GLY R 11 -50.54 87.37 97.28
CA GLY R 11 -51.32 87.98 98.33
C GLY R 11 -51.16 87.33 99.68
N THR R 12 -50.81 86.04 99.70
CA THR R 12 -50.62 85.30 100.95
C THR R 12 -49.19 84.77 101.11
N THR R 13 -48.68 84.06 100.11
CA THR R 13 -47.39 83.37 100.23
C THR R 13 -46.42 83.91 99.20
N PRO R 14 -45.56 84.86 99.56
CA PRO R 14 -44.57 85.38 98.61
C PRO R 14 -43.44 84.39 98.37
N VAL R 15 -42.80 84.56 97.22
CA VAL R 15 -41.60 83.80 96.86
C VAL R 15 -40.60 84.75 96.25
N THR R 16 -39.36 84.69 96.74
CA THR R 16 -38.29 85.56 96.27
C THR R 16 -37.42 84.79 95.27
N LEU R 17 -37.21 85.37 94.10
CA LEU R 17 -36.46 84.75 93.01
C LEU R 17 -35.25 85.60 92.68
N THR R 18 -34.09 84.95 92.57
CA THR R 18 -32.86 85.64 92.22
C THR R 18 -32.26 85.08 90.94
N PRO R 19 -31.68 85.92 90.08
CA PRO R 19 -31.23 85.43 88.76
C PRO R 19 -30.21 84.32 88.88
N VAL R 20 -30.31 83.34 87.99
CA VAL R 20 -29.52 82.12 88.08
C VAL R 20 -28.83 81.90 86.74
N GLY R 21 -28.79 82.93 85.93
CA GLY R 21 -28.05 82.82 84.69
C GLY R 21 -28.75 83.58 83.57
N GLY R 22 -28.63 83.03 82.36
CA GLY R 22 -29.21 83.65 81.19
C GLY R 22 -28.18 84.20 80.23
N GLY R 23 -28.35 85.45 79.80
CA GLY R 23 -27.47 86.07 78.85
C GLY R 23 -27.94 87.45 78.44
N VAL R 24 -27.92 87.73 77.14
CA VAL R 24 -28.48 88.98 76.60
C VAL R 24 -29.87 88.68 76.07
N GLY R 25 -30.85 89.46 76.52
CA GLY R 25 -32.23 89.17 76.19
C GLY R 25 -32.64 87.81 76.71
N GLN R 26 -32.24 87.50 77.95
CA GLN R 26 -32.59 86.25 78.61
C GLN R 26 -32.22 86.38 80.08
N THR R 27 -33.08 85.88 80.96
CA THR R 27 -32.85 86.03 82.40
C THR R 27 -33.61 84.91 83.11
N LEU R 28 -32.86 83.95 83.65
CA LEU R 28 -33.47 82.91 84.46
C LEU R 28 -33.75 83.43 85.86
N TYR R 29 -34.50 82.65 86.62
CA TYR R 29 -34.79 82.96 88.01
C TYR R 29 -34.99 81.65 88.75
N ARG R 30 -34.93 81.72 90.08
CA ARG R 30 -35.23 80.58 90.95
C ARG R 30 -35.25 81.09 92.38
N ALA R 31 -35.86 80.30 93.26
CA ALA R 31 -36.01 80.64 94.66
C ALA R 31 -34.92 79.94 95.49
N THR R 32 -35.04 80.04 96.82
CA THR R 32 -33.97 79.63 97.72
C THR R 32 -34.00 78.16 98.11
N ALA R 33 -35.19 77.55 98.19
CA ALA R 33 -35.30 76.16 98.65
C ALA R 33 -34.60 75.21 97.70
N GLU R 34 -34.16 74.06 98.21
CA GLU R 34 -33.27 73.15 97.50
C GLU R 34 -33.91 71.78 97.39
N ALA R 35 -33.90 71.23 96.18
CA ALA R 35 -34.46 69.90 95.93
C ALA R 35 -33.64 69.25 94.82
N LEU R 36 -33.98 68.00 94.48
CA LEU R 36 -33.16 67.18 93.60
C LEU R 36 -33.57 67.29 92.14
N SER R 37 -34.83 67.01 91.82
CA SER R 37 -35.29 67.01 90.43
C SER R 37 -35.79 68.39 90.01
N ALA R 38 -36.81 68.90 90.70
CA ALA R 38 -37.36 70.23 90.45
C ALA R 38 -37.21 71.04 91.71
N ALA R 39 -36.38 72.08 91.66
CA ALA R 39 -36.05 72.81 92.87
C ALA R 39 -37.15 73.78 93.26
N ASN R 40 -37.41 74.78 92.41
CA ASN R 40 -38.25 75.90 92.79
C ASN R 40 -38.97 76.46 91.57
N PRO R 41 -39.85 77.44 91.74
CA PRO R 41 -40.35 78.18 90.57
C PRO R 41 -39.22 78.82 89.80
N SER R 42 -39.33 78.79 88.47
CA SER R 42 -38.24 79.26 87.59
C SER R 42 -38.85 80.14 86.50
N LEU R 43 -38.77 81.45 86.69
CA LEU R 43 -39.38 82.42 85.78
C LEU R 43 -38.36 82.83 84.73
N SER R 44 -38.43 82.22 83.56
CA SER R 44 -37.55 82.62 82.46
C SER R 44 -38.16 83.78 81.68
N PHE R 45 -37.32 84.71 81.25
CA PHE R 45 -37.73 85.96 80.62
C PHE R 45 -36.87 86.18 79.39
N GLY R 46 -37.46 86.11 78.20
CA GLY R 46 -36.71 86.03 76.96
C GLY R 46 -36.89 87.13 75.94
N TYR R 47 -36.91 88.38 76.37
CA TYR R 47 -37.20 89.50 75.46
C TYR R 47 -36.16 89.59 74.35
N ARG R 48 -36.59 90.17 73.23
CA ARG R 48 -35.73 90.39 72.07
C ARG R 48 -36.42 91.40 71.15
N PHE R 49 -35.77 91.71 70.03
CA PHE R 49 -36.32 92.57 68.99
C PHE R 49 -36.28 91.83 67.66
N THR R 50 -36.76 92.49 66.61
CA THR R 50 -36.93 91.83 65.32
C THR R 50 -36.64 92.87 64.23
N ASP R 51 -37.09 92.58 63.00
CA ASP R 51 -36.83 93.46 61.86
C ASP R 51 -37.31 94.87 62.13
N GLY R 52 -38.54 95.00 62.62
CA GLY R 52 -39.07 96.27 63.05
C GLY R 52 -38.82 96.49 64.53
N GLY R 53 -39.66 97.31 65.14
CA GLY R 53 -39.61 97.47 66.57
C GLY R 53 -40.43 96.40 67.26
N THR R 54 -40.52 95.24 66.62
CA THR R 54 -41.39 94.17 67.11
C THR R 54 -40.82 93.55 68.37
N ASN R 55 -41.16 94.12 69.51
CA ASN R 55 -40.64 93.67 70.80
C ASN R 55 -41.30 92.35 71.17
N ARG R 56 -40.61 91.24 70.90
CA ARG R 56 -41.18 89.92 71.11
C ARG R 56 -40.75 89.39 72.49
N GLN R 57 -41.31 89.99 73.53
CA GLN R 57 -41.05 89.50 74.87
C GLN R 57 -41.69 88.14 75.06
N SER R 58 -41.17 87.39 76.04
CA SER R 58 -41.62 86.03 76.27
C SER R 58 -41.27 85.63 77.68
N LEU R 59 -42.19 84.98 78.37
CA LEU R 59 -42.02 84.58 79.75
C LEU R 59 -42.39 83.11 79.90
N SER R 60 -41.97 82.53 81.02
CA SER R 60 -42.39 81.19 81.37
C SER R 60 -42.18 80.96 82.86
N TYR R 61 -43.26 80.78 83.61
CA TYR R 61 -43.19 80.62 85.06
C TYR R 61 -43.60 79.20 85.41
N LYS R 62 -42.65 78.39 85.85
CA LYS R 62 -42.91 77.02 86.25
C LYS R 62 -42.84 76.92 87.77
N GLN R 63 -43.88 76.37 88.37
CA GLN R 63 -43.92 76.10 89.81
C GLN R 63 -44.05 74.61 90.02
N PRO R 64 -43.06 73.93 90.60
CA PRO R 64 -43.13 72.49 90.73
C PRO R 64 -44.14 72.05 91.79
N ILE R 65 -44.98 71.10 91.40
CA ILE R 65 -45.92 70.44 92.31
C ILE R 65 -45.12 69.41 93.07
N THR R 66 -44.97 69.62 94.39
CA THR R 66 -44.14 68.78 95.23
C THR R 66 -44.82 68.53 96.56
N ALA R 67 -44.48 67.40 97.18
CA ALA R 67 -44.92 67.06 98.52
C ALA R 67 -43.74 66.45 99.26
N VAL R 68 -43.53 66.87 100.51
CA VAL R 68 -42.36 66.45 101.27
C VAL R 68 -42.52 65.02 101.73
N ASP R 69 -41.49 64.20 101.53
CA ASP R 69 -41.51 62.82 101.99
C ASP R 69 -41.22 62.77 103.50
N SER R 70 -41.51 61.63 104.09
CA SER R 70 -41.18 61.40 105.49
C SER R 70 -39.83 60.71 105.61
N THR R 71 -39.06 61.13 106.60
CA THR R 71 -37.74 60.60 106.96
C THR R 71 -36.67 60.91 105.93
N THR R 72 -37.00 61.54 104.80
CA THR R 72 -36.02 61.90 103.79
C THR R 72 -36.18 63.36 103.42
N SER R 73 -35.05 64.06 103.30
CA SER R 73 -35.03 65.49 102.99
C SER R 73 -34.88 65.74 101.49
N GLU R 74 -35.79 65.19 100.70
CA GLU R 74 -35.75 65.34 99.25
C GLU R 74 -37.02 65.91 98.65
N THR R 75 -38.07 66.13 99.47
CA THR R 75 -39.30 66.83 99.10
C THR R 75 -39.76 66.46 97.69
N LEU R 76 -40.11 65.19 97.49
CA LEU R 76 -40.46 64.64 96.18
C LEU R 76 -41.38 65.57 95.39
N VAL R 77 -41.01 65.84 94.15
CA VAL R 77 -41.78 66.69 93.25
C VAL R 77 -42.64 65.81 92.36
N ARG R 78 -43.87 66.24 92.11
CA ARG R 78 -44.83 65.46 91.36
C ARG R 78 -45.14 66.01 89.97
N GLY R 79 -44.99 67.30 89.77
CA GLY R 79 -45.28 67.90 88.48
C GLY R 79 -44.81 69.34 88.38
N GLN R 80 -45.42 70.09 87.46
CA GLN R 80 -45.12 71.51 87.32
C GLN R 80 -46.25 72.26 86.61
N CYS R 81 -46.64 73.42 87.14
CA CYS R 81 -47.71 74.22 86.58
C CYS R 81 -47.10 75.28 85.67
N VAL R 82 -46.90 74.91 84.40
CA VAL R 82 -46.32 75.83 83.42
C VAL R 82 -47.32 76.93 83.08
N VAL R 83 -46.83 78.17 83.05
CA VAL R 83 -47.66 79.31 82.65
C VAL R 83 -46.87 80.22 81.72
N ASP R 84 -47.06 80.07 80.42
CA ASP R 84 -46.33 80.87 79.44
C ASP R 84 -47.06 82.17 79.18
N ILE R 85 -46.30 83.24 78.94
CA ILE R 85 -46.86 84.54 78.59
C ILE R 85 -46.03 85.15 77.48
N ASN R 86 -46.54 85.15 76.25
CA ASN R 86 -45.82 85.71 75.12
C ASN R 86 -46.45 87.03 74.70
N ILE R 87 -45.60 88.02 74.45
CA ILE R 87 -46.03 89.37 74.12
C ILE R 87 -45.40 89.77 72.80
N VAL R 88 -46.21 90.33 71.91
CA VAL R 88 -45.74 90.80 70.60
C VAL R 88 -46.30 92.20 70.40
N ILE R 89 -45.45 93.20 70.48
CA ILE R 89 -45.84 94.60 70.37
C ILE R 89 -45.25 95.16 69.09
N PRO R 90 -46.04 95.72 68.19
CA PRO R 90 -45.52 96.13 66.89
C PRO R 90 -44.64 97.37 66.98
N ARG R 91 -44.06 97.78 65.86
CA ARG R 91 -43.23 98.96 65.83
C ARG R 91 -44.03 100.24 66.06
N VAL R 92 -45.27 100.30 65.56
CA VAL R 92 -46.05 101.53 65.54
C VAL R 92 -46.79 101.74 66.85
N ALA R 93 -46.50 100.91 67.85
CA ALA R 93 -47.27 100.91 69.08
C ALA R 93 -46.77 102.00 70.02
N THR R 94 -47.56 103.06 70.16
CA THR R 94 -47.26 104.11 71.11
C THR R 94 -47.20 103.55 72.53
N ALA R 95 -46.26 104.06 73.33
CA ALA R 95 -46.02 103.51 74.66
C ALA R 95 -47.26 103.54 75.54
N THR R 96 -48.20 104.46 75.29
CA THR R 96 -49.47 104.40 75.99
C THR R 96 -50.29 103.18 75.56
N ASP R 97 -50.32 102.91 74.25
CA ASP R 97 -51.04 101.75 73.75
C ASP R 97 -50.44 100.46 74.28
N ARG R 98 -49.11 100.36 74.35
CA ARG R 98 -48.50 99.14 74.87
C ARG R 98 -48.83 98.94 76.35
N ALA R 99 -48.80 100.02 77.14
CA ALA R 99 -49.16 99.91 78.55
C ALA R 99 -50.61 99.45 78.69
N GLU R 100 -51.51 100.05 77.90
CA GLU R 100 -52.90 99.64 77.94
C GLU R 100 -53.05 98.16 77.58
N ALA R 101 -52.38 97.73 76.52
CA ALA R 101 -52.51 96.34 76.09
C ALA R 101 -52.02 95.38 77.16
N ILE R 102 -50.86 95.66 77.76
CA ILE R 102 -50.31 94.75 78.76
C ILE R 102 -51.19 94.72 80.00
N LYS R 103 -51.58 95.90 80.50
CA LYS R 103 -52.34 95.93 81.74
C LYS R 103 -53.75 95.39 81.53
N ARG R 104 -54.29 95.45 80.32
CA ARG R 104 -55.58 94.83 80.04
C ARG R 104 -55.45 93.32 79.90
N ALA R 105 -54.37 92.85 79.30
CA ALA R 105 -54.17 91.40 79.19
C ALA R 105 -53.98 90.77 80.55
N PHE R 106 -53.25 91.44 81.45
CA PHE R 106 -53.02 90.88 82.77
C PHE R 106 -54.17 91.12 83.73
N ASP R 107 -55.24 91.79 83.28
CA ASP R 107 -56.45 91.93 84.08
C ASP R 107 -57.46 90.83 83.80
N VAL R 108 -57.11 89.83 82.98
CA VAL R 108 -58.03 88.74 82.71
C VAL R 108 -58.30 87.96 83.99
N LEU R 109 -57.29 87.79 84.84
CA LEU R 109 -57.44 87.02 86.06
C LEU R 109 -58.54 87.58 86.96
N ASN R 110 -58.74 88.89 86.92
CA ASN R 110 -59.79 89.51 87.72
C ASN R 110 -61.14 89.55 87.01
N ALA R 111 -61.19 89.21 85.72
CA ALA R 111 -62.44 89.18 84.98
C ALA R 111 -62.87 87.75 84.64
N LEU R 112 -61.94 86.97 84.11
CA LEU R 112 -62.19 85.55 83.81
C LEU R 112 -61.64 84.68 84.95
N ASN R 113 -62.13 84.97 86.16
CA ASN R 113 -61.48 84.48 87.37
C ASN R 113 -61.73 83.00 87.59
N ALA R 114 -63.01 82.61 87.68
CA ALA R 114 -63.35 81.24 88.07
C ALA R 114 -62.81 80.23 87.06
N GLU R 115 -62.91 80.54 85.76
CA GLU R 115 -62.45 79.62 84.74
C GLU R 115 -60.95 79.38 84.80
N LEU R 116 -60.18 80.33 85.34
CA LEU R 116 -58.73 80.20 85.42
C LEU R 116 -58.28 79.59 86.74
N ILE R 117 -58.88 80.02 87.85
CA ILE R 117 -58.50 79.48 89.14
C ILE R 117 -59.07 78.08 89.34
N THR R 118 -60.40 77.95 89.24
CA THR R 118 -61.05 76.67 89.45
C THR R 118 -60.84 75.72 88.29
N GLY R 119 -60.91 76.21 87.06
CA GLY R 119 -60.68 75.38 85.90
C GLY R 119 -61.94 74.74 85.35
N GLU R 120 -62.97 75.55 85.15
CA GLU R 120 -64.28 75.02 84.80
C GLU R 120 -65.08 76.10 84.09
N GLY R 121 -66.16 75.68 83.43
CA GLY R 121 -67.18 76.63 83.05
C GLY R 121 -67.37 76.90 81.57
N GLN R 122 -67.87 78.08 81.25
CA GLN R 122 -68.26 78.48 79.90
C GLN R 122 -69.34 77.54 79.36
N TRP R 123 -70.51 77.65 79.99
CA TRP R 123 -71.66 76.86 79.58
C TRP R 123 -72.35 77.51 78.40
N ALA S 1 98.45 -57.50 63.63
CA ALA S 1 99.88 -57.36 63.45
C ALA S 1 100.23 -57.24 61.97
N ALA S 2 101.52 -57.22 61.66
CA ALA S 2 101.93 -57.16 60.27
C ALA S 2 101.49 -58.43 59.53
N ARG S 3 100.93 -58.24 58.34
CA ARG S 3 100.41 -59.36 57.57
C ARG S 3 101.54 -60.33 57.22
N SER S 4 101.26 -61.62 57.36
CA SER S 4 102.25 -62.65 57.10
C SER S 4 101.52 -63.90 56.61
N SER S 5 102.21 -65.03 56.65
CA SER S 5 101.63 -66.30 56.24
C SER S 5 100.96 -66.98 57.43
N ILE S 6 99.99 -67.85 57.12
CA ILE S 6 99.28 -68.61 58.14
C ILE S 6 99.26 -70.07 57.71
N VAL S 7 99.14 -70.96 58.71
CA VAL S 7 99.45 -72.37 58.52
C VAL S 7 98.20 -73.18 58.88
N LEU S 8 97.03 -72.66 58.49
CA LEU S 8 95.76 -73.36 58.70
C LEU S 8 95.91 -74.87 58.47
N THR S 9 95.48 -75.64 59.46
CA THR S 9 95.70 -77.09 59.46
C THR S 9 94.47 -77.77 60.04
N ASP S 10 94.44 -79.09 59.91
CA ASP S 10 93.40 -79.91 60.53
C ASP S 10 94.01 -81.15 61.15
N GLY S 11 95.28 -81.07 61.52
CA GLY S 11 95.94 -82.17 62.21
C GLY S 11 96.80 -83.03 61.32
N THR S 12 96.42 -83.18 60.06
CA THR S 12 97.14 -84.07 59.16
C THR S 12 97.66 -83.39 57.90
N THR S 13 96.93 -82.44 57.34
CA THR S 13 97.32 -81.77 56.09
C THR S 13 97.31 -80.26 56.29
N PRO S 14 98.42 -79.69 56.77
CA PRO S 14 98.49 -78.23 56.90
C PRO S 14 98.46 -77.55 55.56
N VAL S 15 97.95 -76.32 55.56
CA VAL S 15 97.86 -75.49 54.36
C VAL S 15 98.51 -74.15 54.67
N THR S 16 99.49 -73.77 53.87
CA THR S 16 100.16 -72.48 54.04
C THR S 16 99.48 -71.46 53.14
N LEU S 17 98.96 -70.39 53.74
CA LEU S 17 98.31 -69.32 53.01
C LEU S 17 99.17 -68.06 53.08
N THR S 18 99.12 -67.28 52.00
CA THR S 18 99.91 -66.06 51.89
C THR S 18 98.98 -64.93 51.50
N PRO S 19 99.26 -63.70 51.95
CA PRO S 19 98.40 -62.57 51.61
C PRO S 19 98.63 -62.08 50.19
N VAL S 20 97.60 -62.11 49.36
CA VAL S 20 97.76 -61.77 47.95
C VAL S 20 96.77 -60.68 47.55
N GLY S 21 96.38 -59.85 48.51
CA GLY S 21 95.47 -58.77 48.21
C GLY S 21 94.85 -58.23 49.49
N GLY S 22 93.79 -57.47 49.30
CA GLY S 22 93.05 -56.90 50.42
C GLY S 22 92.83 -55.42 50.29
N GLY S 23 93.02 -54.69 51.40
CA GLY S 23 92.81 -53.26 51.39
C GLY S 23 92.87 -52.71 52.80
N VAL S 24 92.00 -51.75 53.07
CA VAL S 24 91.85 -51.19 54.42
C VAL S 24 90.71 -51.95 55.10
N GLY S 25 91.02 -52.59 56.21
CA GLY S 25 90.04 -53.45 56.88
C GLY S 25 89.69 -54.68 56.07
N GLN S 26 90.70 -55.31 55.47
CA GLN S 26 90.52 -56.51 54.67
C GLN S 26 91.89 -57.08 54.34
N THR S 27 91.96 -58.41 54.26
CA THR S 27 93.23 -59.07 53.93
C THR S 27 92.91 -60.43 53.32
N LEU S 28 92.97 -60.51 51.99
CA LEU S 28 92.78 -61.79 51.33
C LEU S 28 93.98 -62.69 51.57
N TYR S 29 93.74 -64.01 51.52
CA TYR S 29 94.78 -65.01 51.61
C TYR S 29 94.53 -66.04 50.52
N ARG S 30 95.60 -66.74 50.12
CA ARG S 30 95.44 -67.84 49.19
C ARG S 30 96.57 -68.83 49.43
N ALA S 31 96.26 -70.11 49.25
CA ALA S 31 97.28 -71.13 49.39
C ALA S 31 98.32 -71.01 48.29
N THR S 32 99.57 -71.31 48.61
CA THR S 32 100.66 -71.09 47.68
C THR S 32 100.43 -71.85 46.38
N ALA S 33 100.40 -73.18 46.45
CA ALA S 33 100.04 -74.00 45.31
C ALA S 33 99.71 -75.39 45.80
N GLU S 34 98.45 -75.83 45.63
CA GLU S 34 98.13 -77.22 45.92
C GLU S 34 98.44 -78.10 44.71
N ALA S 35 97.68 -77.94 43.62
CA ALA S 35 98.02 -78.57 42.36
C ALA S 35 97.76 -77.72 41.13
N LEU S 36 96.98 -76.65 41.25
CA LEU S 36 96.62 -75.76 40.13
C LEU S 36 95.91 -74.56 40.74
N SER S 37 95.43 -73.67 39.89
CA SER S 37 94.59 -72.57 40.34
C SER S 37 93.14 -73.04 40.39
N ALA S 38 92.33 -72.31 41.16
CA ALA S 38 90.94 -72.60 41.49
C ALA S 38 90.80 -73.84 42.37
N ALA S 39 91.89 -74.54 42.67
CA ALA S 39 91.89 -75.65 43.60
C ALA S 39 92.71 -75.30 44.83
N ASN S 40 92.70 -74.03 45.20
CA ASN S 40 93.47 -73.52 46.32
C ASN S 40 92.55 -72.83 47.32
N PRO S 41 92.62 -73.18 48.60
CA PRO S 41 91.75 -72.54 49.59
C PRO S 41 92.10 -71.07 49.80
N SER S 42 91.11 -70.31 50.23
CA SER S 42 91.30 -68.89 50.52
C SER S 42 90.68 -68.57 51.87
N LEU S 43 91.21 -67.52 52.51
CA LEU S 43 90.86 -67.15 53.88
C LEU S 43 90.59 -65.65 53.98
N SER S 44 89.63 -65.16 53.20
CA SER S 44 89.29 -63.74 53.25
C SER S 44 88.99 -63.31 54.68
N PHE S 45 89.53 -62.18 55.09
CA PHE S 45 89.43 -61.73 56.48
C PHE S 45 89.27 -60.23 56.52
N GLY S 46 88.11 -59.76 57.00
CA GLY S 46 87.85 -58.35 57.13
C GLY S 46 87.66 -57.94 58.59
N TYR S 47 87.66 -56.63 58.81
CA TYR S 47 87.53 -56.07 60.14
C TYR S 47 87.22 -54.59 60.01
N ARG S 48 86.34 -54.09 60.89
CA ARG S 48 85.95 -52.69 60.83
C ARG S 48 85.33 -52.30 62.15
N PHE S 49 85.25 -51.00 62.39
CA PHE S 49 84.62 -50.43 63.57
C PHE S 49 83.46 -49.55 63.12
N THR S 50 82.29 -49.77 63.72
CA THR S 50 81.14 -48.91 63.47
C THR S 50 81.22 -47.66 64.34
N ASP S 51 80.09 -46.96 64.47
CA ASP S 51 80.01 -45.77 65.33
C ASP S 51 80.71 -45.98 66.67
N GLY S 52 80.31 -47.01 67.41
CA GLY S 52 80.96 -47.36 68.64
C GLY S 52 82.14 -48.28 68.39
N GLY S 53 82.70 -48.80 69.48
CA GLY S 53 83.85 -49.68 69.37
C GLY S 53 83.47 -51.10 69.04
N THR S 54 82.39 -51.28 68.28
CA THR S 54 81.91 -52.61 67.90
C THR S 54 82.90 -53.23 66.92
N ASN S 55 83.78 -54.09 67.43
CA ASN S 55 84.84 -54.68 66.64
C ASN S 55 84.28 -55.74 65.69
N ARG S 56 83.61 -55.30 64.63
CA ARG S 56 82.90 -56.20 63.71
C ARG S 56 83.89 -56.86 62.76
N GLN S 57 84.59 -57.87 63.27
CA GLN S 57 85.45 -58.67 62.42
C GLN S 57 84.63 -59.69 61.63
N SER S 58 85.23 -60.21 60.56
CA SER S 58 84.54 -61.17 59.71
C SER S 58 85.57 -62.05 59.02
N LEU S 59 85.18 -63.30 58.77
CA LEU S 59 86.05 -64.25 58.10
C LEU S 59 85.26 -65.00 57.04
N SER S 60 85.99 -65.62 56.12
CA SER S 60 85.38 -66.48 55.11
C SER S 60 86.47 -67.38 54.55
N TYR S 61 86.37 -68.67 54.86
CA TYR S 61 87.31 -69.68 54.37
C TYR S 61 86.60 -70.50 53.32
N LYS S 62 87.18 -70.56 52.13
CA LYS S 62 86.59 -71.27 51.00
C LYS S 62 87.59 -72.33 50.54
N GLN S 63 87.16 -73.59 50.59
CA GLN S 63 87.99 -74.70 50.13
C GLN S 63 87.30 -75.37 48.95
N PRO S 64 87.90 -75.39 47.77
CA PRO S 64 87.22 -75.94 46.60
C PRO S 64 87.38 -77.46 46.48
N ILE S 65 86.32 -78.08 45.98
CA ILE S 65 86.23 -79.53 45.87
C ILE S 65 86.65 -79.92 44.46
N THR S 66 87.79 -80.58 44.35
CA THR S 66 88.36 -80.91 43.05
C THR S 66 88.23 -82.41 42.80
N ALA S 67 88.08 -82.77 41.53
CA ALA S 67 87.89 -84.16 41.14
C ALA S 67 88.39 -84.37 39.72
N VAL S 68 88.86 -85.58 39.44
CA VAL S 68 89.40 -85.89 38.13
C VAL S 68 88.27 -86.01 37.11
N ASP S 69 88.62 -85.78 35.84
CA ASP S 69 87.68 -85.79 34.72
C ASP S 69 88.18 -86.75 33.65
N SER S 70 88.42 -88.00 34.06
CA SER S 70 89.13 -89.03 33.30
C SER S 70 88.81 -89.06 31.81
N THR S 71 87.57 -88.70 31.42
CA THR S 71 87.27 -88.53 30.01
C THR S 71 88.22 -87.54 29.35
N THR S 72 88.69 -86.54 30.10
CA THR S 72 89.72 -85.62 29.64
C THR S 72 90.95 -85.59 30.55
N SER S 73 90.85 -86.15 31.75
CA SER S 73 91.96 -86.22 32.72
C SER S 73 92.40 -84.84 33.20
N GLU S 74 91.49 -83.86 33.17
CA GLU S 74 91.76 -82.51 33.65
C GLU S 74 91.06 -82.30 34.98
N THR S 75 91.80 -81.83 35.98
CA THR S 75 91.35 -81.81 37.37
C THR S 75 90.39 -80.64 37.58
N LEU S 76 89.16 -80.83 37.11
CA LEU S 76 88.13 -79.81 37.23
C LEU S 76 87.65 -79.68 38.67
N VAL S 77 87.15 -78.49 39.01
CA VAL S 77 86.60 -78.20 40.33
C VAL S 77 85.09 -78.14 40.24
N ARG S 78 84.41 -78.82 41.17
CA ARG S 78 82.95 -78.91 41.15
C ARG S 78 82.29 -77.76 41.92
N GLY S 79 82.60 -77.63 43.21
CA GLY S 79 82.04 -76.58 44.03
C GLY S 79 83.00 -76.18 45.13
N GLN S 80 82.50 -75.57 46.21
CA GLN S 80 83.37 -75.14 47.29
C GLN S 80 82.64 -75.26 48.63
N CYS S 81 83.41 -75.50 49.68
CA CYS S 81 82.91 -75.48 51.05
C CYS S 81 83.27 -74.14 51.67
N VAL S 82 82.27 -73.47 52.26
CA VAL S 82 82.40 -72.11 52.74
C VAL S 82 82.12 -72.09 54.24
N VAL S 83 83.03 -71.49 55.01
CA VAL S 83 82.84 -71.31 56.44
C VAL S 83 83.00 -69.83 56.76
N ASP S 84 81.97 -69.22 57.32
CA ASP S 84 81.98 -67.80 57.68
C ASP S 84 81.93 -67.68 59.19
N ILE S 85 82.98 -67.09 59.77
CA ILE S 85 83.01 -66.86 61.21
C ILE S 85 82.94 -65.38 61.49
N ASN S 86 81.73 -64.85 61.68
CA ASN S 86 81.58 -63.45 62.03
C ASN S 86 81.70 -63.26 63.53
N ILE S 87 82.33 -62.15 63.91
CA ILE S 87 82.54 -61.82 65.31
C ILE S 87 82.15 -60.37 65.53
N VAL S 88 81.34 -60.12 66.57
CA VAL S 88 80.94 -58.78 66.94
C VAL S 88 81.15 -58.61 68.44
N ILE S 89 82.01 -57.68 68.82
CA ILE S 89 82.29 -57.37 70.21
C ILE S 89 82.02 -55.89 70.43
N PRO S 90 81.11 -55.51 71.33
CA PRO S 90 80.78 -54.10 71.50
C PRO S 90 81.87 -53.35 72.25
N ARG S 91 81.72 -52.03 72.29
CA ARG S 91 82.71 -51.19 72.96
C ARG S 91 82.71 -51.43 74.47
N VAL S 92 81.56 -51.80 75.04
CA VAL S 92 81.41 -51.95 76.48
C VAL S 92 82.09 -53.23 76.97
N ALA S 93 82.68 -53.97 76.03
CA ALA S 93 83.29 -55.25 76.37
C ALA S 93 84.64 -55.05 77.03
N THR S 94 84.85 -55.75 78.15
CA THR S 94 86.17 -55.76 78.74
C THR S 94 87.10 -56.67 77.94
N ALA S 95 88.38 -56.66 78.32
CA ALA S 95 89.36 -57.47 77.61
C ALA S 95 89.22 -58.96 77.90
N THR S 96 88.46 -59.34 78.93
CA THR S 96 88.29 -60.75 79.27
C THR S 96 87.00 -61.35 78.72
N ASP S 97 85.96 -60.54 78.51
CA ASP S 97 84.76 -61.06 77.88
C ASP S 97 85.00 -61.41 76.42
N ARG S 98 85.84 -60.63 75.73
CA ARG S 98 86.10 -60.89 74.32
C ARG S 98 86.80 -62.23 74.13
N ALA S 99 87.89 -62.47 74.87
CA ALA S 99 88.61 -63.72 74.75
C ALA S 99 87.74 -64.90 75.16
N GLU S 100 86.99 -64.74 76.26
CA GLU S 100 86.07 -65.78 76.70
C GLU S 100 85.08 -66.15 75.61
N ALA S 101 84.42 -65.14 75.03
CA ALA S 101 83.42 -65.41 74.01
C ALA S 101 84.04 -66.07 72.79
N ILE S 102 85.18 -65.55 72.33
CA ILE S 102 85.78 -66.08 71.10
C ILE S 102 86.18 -67.54 71.31
N LYS S 103 86.88 -67.84 72.40
CA LYS S 103 87.33 -69.21 72.61
C LYS S 103 86.16 -70.16 72.83
N ARG S 104 85.14 -69.71 73.57
CA ARG S 104 83.99 -70.58 73.79
C ARG S 104 83.27 -70.88 72.49
N ALA S 105 83.04 -69.86 71.66
CA ALA S 105 82.36 -70.08 70.39
C ALA S 105 83.18 -70.94 69.45
N PHE S 106 84.51 -70.87 69.52
CA PHE S 106 85.33 -71.74 68.70
C PHE S 106 85.43 -73.15 69.27
N ASP S 107 85.08 -73.34 70.54
CA ASP S 107 85.03 -74.68 71.12
C ASP S 107 83.79 -75.48 70.69
N VAL S 108 82.96 -74.92 69.83
CA VAL S 108 81.74 -75.62 69.42
C VAL S 108 82.08 -76.93 68.73
N LEU S 109 83.03 -76.90 67.80
CA LEU S 109 83.37 -78.12 67.07
C LEU S 109 83.82 -79.23 68.01
N ASN S 110 84.54 -78.89 69.07
CA ASN S 110 84.87 -79.89 70.08
C ASN S 110 83.61 -80.35 70.81
N ALA S 111 82.69 -79.43 71.10
CA ALA S 111 81.48 -79.80 71.83
C ALA S 111 80.42 -80.38 70.90
N LEU S 112 79.94 -79.58 69.95
CA LEU S 112 78.86 -79.97 69.04
C LEU S 112 79.45 -80.58 67.77
N ASN S 113 80.13 -81.71 67.94
CA ASN S 113 80.99 -82.23 66.88
C ASN S 113 80.19 -82.91 65.78
N ALA S 114 79.45 -83.96 66.11
CA ALA S 114 78.92 -84.88 65.10
C ALA S 114 77.98 -84.21 64.11
N GLU S 115 77.32 -83.12 64.49
CA GLU S 115 76.40 -82.46 63.57
C GLU S 115 77.10 -81.52 62.60
N LEU S 116 78.36 -81.17 62.86
CA LEU S 116 79.13 -80.30 61.97
C LEU S 116 80.01 -81.12 61.02
N ILE S 117 80.81 -82.04 61.57
CA ILE S 117 81.72 -82.82 60.75
C ILE S 117 80.95 -83.70 59.78
N THR S 118 79.95 -84.42 60.29
CA THR S 118 79.27 -85.44 59.50
C THR S 118 78.09 -84.90 58.70
N GLY S 119 77.46 -83.83 59.17
CA GLY S 119 76.35 -83.24 58.48
C GLY S 119 74.97 -83.76 58.85
N GLU S 120 74.90 -84.70 59.79
CA GLU S 120 73.61 -85.24 60.18
C GLU S 120 72.76 -84.19 60.89
N GLY S 121 71.44 -84.28 60.70
CA GLY S 121 70.52 -83.37 61.32
C GLY S 121 69.98 -83.97 62.60
N GLN S 122 70.24 -83.29 63.71
CA GLN S 122 69.85 -83.80 65.01
C GLN S 122 68.33 -83.83 65.14
N TRP S 123 67.84 -84.84 65.86
CA TRP S 123 66.41 -85.05 66.02
C TRP S 123 65.95 -84.75 67.43
N ALA T 1 109.20 -65.80 50.61
CA ALA T 1 108.65 -64.79 49.72
C ALA T 1 108.39 -63.49 50.47
N ALA T 2 109.20 -63.21 51.48
CA ALA T 2 109.14 -61.95 52.21
C ALA T 2 109.94 -60.89 51.49
N ARG T 3 109.66 -59.64 51.83
CA ARG T 3 110.32 -58.51 51.15
C ARG T 3 111.72 -58.33 51.69
N SER T 4 112.71 -58.43 50.80
CA SER T 4 114.10 -58.21 51.13
C SER T 4 114.81 -57.67 49.89
N SER T 5 116.08 -57.31 50.05
CA SER T 5 116.84 -56.76 48.94
C SER T 5 117.08 -57.83 47.88
N ILE T 6 116.98 -57.42 46.62
CA ILE T 6 117.21 -58.31 45.48
C ILE T 6 118.39 -57.79 44.69
N VAL T 7 119.05 -58.70 43.96
CA VAL T 7 120.39 -58.45 43.45
C VAL T 7 120.39 -58.57 41.92
N LEU T 8 119.35 -58.06 41.27
CA LEU T 8 119.28 -57.98 39.81
C LEU T 8 120.65 -57.70 39.21
N THR T 9 121.04 -58.52 38.23
CA THR T 9 122.36 -58.40 37.63
C THR T 9 122.30 -58.84 36.18
N ASP T 10 123.23 -58.32 35.38
CA ASP T 10 123.36 -58.69 33.98
C ASP T 10 124.55 -59.59 33.72
N GLY T 11 125.35 -59.88 34.74
CA GLY T 11 126.55 -60.67 34.57
C GLY T 11 127.80 -59.87 34.86
N THR T 12 127.79 -58.60 34.48
CA THR T 12 128.97 -57.75 34.68
C THR T 12 128.87 -56.94 35.96
N THR T 13 127.83 -56.13 36.10
CA THR T 13 127.67 -55.23 37.25
C THR T 13 126.34 -55.53 37.94
N PRO T 14 126.35 -56.12 39.13
CA PRO T 14 125.10 -56.32 39.87
C PRO T 14 124.62 -55.03 40.51
N VAL T 15 123.31 -54.87 40.55
CA VAL T 15 122.67 -53.75 41.25
C VAL T 15 121.74 -54.33 42.30
N THR T 16 121.84 -53.81 43.52
CA THR T 16 121.06 -54.30 44.65
C THR T 16 119.91 -53.35 44.91
N LEU T 17 118.69 -53.82 44.69
CA LEU T 17 117.49 -53.03 44.94
C LEU T 17 116.93 -53.38 46.30
N THR T 18 116.62 -52.36 47.10
CA THR T 18 116.00 -52.58 48.40
C THR T 18 114.56 -52.07 48.39
N PRO T 19 113.66 -52.66 49.16
CA PRO T 19 112.28 -52.19 49.16
C PRO T 19 112.18 -50.76 49.67
N VAL T 20 111.26 -50.00 49.09
CA VAL T 20 111.00 -48.64 49.51
C VAL T 20 109.50 -48.44 49.68
N GLY T 21 108.76 -49.53 49.84
CA GLY T 21 107.35 -49.39 50.16
C GLY T 21 106.41 -50.28 49.39
N GLY T 22 105.18 -49.81 49.20
CA GLY T 22 104.21 -50.50 48.38
C GLY T 22 102.96 -50.94 49.10
N GLY T 23 103.10 -51.52 50.27
CA GLY T 23 101.94 -52.06 50.96
C GLY T 23 101.50 -53.40 50.43
N VAL T 24 100.20 -53.69 50.49
CA VAL T 24 99.67 -54.98 50.07
C VAL T 24 99.29 -54.90 48.60
N GLY T 25 99.57 -55.98 47.86
CA GLY T 25 99.29 -56.00 46.45
C GLY T 25 100.36 -55.41 45.56
N GLN T 26 101.46 -54.93 46.13
CA GLN T 26 102.56 -54.39 45.33
C GLN T 26 103.78 -54.25 46.20
N THR T 27 104.91 -53.96 45.57
CA THR T 27 106.17 -53.76 46.27
C THR T 27 107.06 -52.91 45.39
N LEU T 28 107.50 -51.76 45.90
CA LEU T 28 108.41 -50.89 45.19
C LEU T 28 109.84 -51.18 45.63
N TYR T 29 110.74 -51.23 44.66
CA TYR T 29 112.15 -51.41 44.93
C TYR T 29 112.93 -50.22 44.41
N ARG T 30 114.13 -50.04 44.94
CA ARG T 30 115.03 -49.00 44.45
C ARG T 30 116.45 -49.23 44.96
N ALA T 31 117.44 -49.01 44.10
CA ALA T 31 118.82 -49.14 44.52
C ALA T 31 119.27 -47.88 45.25
N THR T 32 120.51 -47.88 45.75
CA THR T 32 120.99 -46.69 46.44
C THR T 32 121.51 -45.64 45.45
N ALA T 33 122.63 -45.95 44.78
CA ALA T 33 123.30 -45.04 43.84
C ALA T 33 123.20 -43.60 44.31
N GLU T 34 123.54 -43.40 45.59
CA GLU T 34 123.22 -42.16 46.29
C GLU T 34 123.91 -40.98 45.64
N ALA T 35 123.28 -39.81 45.75
CA ALA T 35 123.83 -38.56 45.21
C ALA T 35 124.06 -38.69 43.70
N LEU T 36 122.95 -38.73 42.97
CA LEU T 36 121.60 -38.31 43.36
C LEU T 36 120.71 -39.49 43.72
N SER T 37 119.66 -39.24 44.49
CA SER T 37 118.76 -40.29 44.95
C SER T 37 117.72 -40.69 43.90
N ALA T 38 117.45 -39.85 42.92
CA ALA T 38 116.51 -40.16 41.85
C ALA T 38 117.17 -40.78 40.64
N ALA T 39 118.48 -40.92 40.64
CA ALA T 39 119.21 -41.51 39.53
C ALA T 39 119.63 -42.94 39.85
N ASN T 40 118.66 -43.82 40.04
CA ASN T 40 118.94 -45.23 40.29
C ASN T 40 117.73 -46.06 39.88
N PRO T 41 117.93 -47.32 39.50
CA PRO T 41 116.83 -48.12 38.96
C PRO T 41 115.79 -48.46 40.01
N SER T 42 114.60 -48.82 39.51
CA SER T 42 113.47 -49.19 40.36
C SER T 42 112.73 -50.34 39.71
N LEU T 43 112.01 -51.10 40.54
CA LEU T 43 111.39 -52.36 40.13
C LEU T 43 109.95 -52.47 40.65
N SER T 44 109.11 -51.51 40.30
CA SER T 44 107.72 -51.55 40.76
C SER T 44 107.06 -52.86 40.40
N PHE T 45 106.73 -53.67 41.41
CA PHE T 45 106.20 -55.01 41.20
C PHE T 45 104.86 -55.15 41.92
N GLY T 46 103.80 -55.37 41.16
CA GLY T 46 102.47 -55.56 41.72
C GLY T 46 101.87 -56.90 41.32
N TYR T 47 100.80 -57.27 42.03
CA TYR T 47 100.15 -58.56 41.83
C TYR T 47 98.77 -58.51 42.46
N ARG T 48 97.83 -59.24 41.87
CA ARG T 48 96.46 -59.25 42.37
C ARG T 48 95.75 -60.48 41.80
N PHE T 49 94.60 -60.79 42.38
CA PHE T 49 93.74 -61.86 41.89
C PHE T 49 92.37 -61.29 41.59
N THR T 50 91.87 -61.53 40.39
CA THR T 50 90.58 -60.99 39.95
C THR T 50 89.45 -61.84 40.51
N ASP T 51 88.25 -61.66 39.96
CA ASP T 51 87.08 -62.42 40.40
C ASP T 51 87.37 -63.92 40.39
N GLY T 52 88.02 -64.41 39.35
CA GLY T 52 88.43 -65.80 39.32
C GLY T 52 89.76 -66.02 40.02
N GLY T 53 90.57 -66.94 39.50
CA GLY T 53 91.89 -67.14 40.01
C GLY T 53 92.92 -66.53 39.10
N THR T 54 92.48 -65.60 38.26
CA THR T 54 93.35 -65.01 37.24
C THR T 54 94.38 -64.14 37.94
N ASN T 55 95.59 -64.68 38.05
CA ASN T 55 96.71 -63.99 38.70
C ASN T 55 97.29 -63.00 37.71
N ARG T 56 97.19 -61.70 38.02
CA ARG T 56 97.68 -60.65 37.14
C ARG T 56 98.89 -59.99 37.80
N GLN T 57 100.06 -60.55 37.53
CA GLN T 57 101.30 -59.96 38.03
C GLN T 57 101.80 -58.91 37.04
N SER T 58 102.58 -57.96 37.55
CA SER T 58 103.05 -56.86 36.74
C SER T 58 104.36 -56.29 37.25
N LEU T 59 105.37 -56.22 36.42
CA LEU T 59 106.66 -55.66 36.81
C LEU T 59 106.99 -54.49 35.90
N SER T 60 107.64 -53.48 36.48
CA SER T 60 108.08 -52.32 35.71
C SER T 60 109.45 -51.93 36.24
N TYR T 61 110.47 -52.16 35.43
CA TYR T 61 111.85 -51.87 35.79
C TYR T 61 112.30 -50.64 35.02
N LYS T 62 112.67 -49.59 35.73
CA LYS T 62 113.12 -48.35 35.12
C LYS T 62 114.57 -48.09 35.53
N GLN T 63 115.42 -47.86 34.55
CA GLN T 63 116.81 -47.53 34.80
C GLN T 63 117.11 -46.16 34.20
N PRO T 64 117.45 -45.16 35.01
CA PRO T 64 117.71 -43.84 34.46
C PRO T 64 119.14 -43.71 33.93
N ILE T 65 119.28 -42.87 32.92
CA ILE T 65 120.55 -42.65 32.23
C ILE T 65 121.20 -41.42 32.83
N THR T 66 122.30 -41.62 33.55
CA THR T 66 122.97 -40.56 34.27
C THR T 66 124.09 -39.96 33.43
N ALA T 67 124.55 -38.79 33.86
CA ALA T 67 125.66 -38.11 33.19
C ALA T 67 126.29 -37.15 34.17
N VAL T 68 127.48 -37.49 34.67
CA VAL T 68 128.13 -36.67 35.68
C VAL T 68 128.69 -35.41 35.02
N ASP T 69 128.08 -34.27 35.32
CA ASP T 69 128.46 -32.99 34.73
C ASP T 69 129.72 -32.50 35.43
N SER T 70 130.88 -32.72 34.81
CA SER T 70 132.15 -32.41 35.45
C SER T 70 132.33 -30.93 35.74
N THR T 71 131.66 -30.06 34.99
CA THR T 71 131.77 -28.63 35.23
C THR T 71 131.22 -28.27 36.61
N THR T 72 130.01 -28.73 36.91
CA THR T 72 129.36 -28.42 38.18
C THR T 72 129.49 -29.54 39.20
N SER T 73 129.84 -30.75 38.76
CA SER T 73 129.97 -31.94 39.61
C SER T 73 128.62 -32.29 40.24
N GLU T 74 127.62 -32.47 39.39
CA GLU T 74 126.31 -32.95 39.79
C GLU T 74 125.83 -33.96 38.77
N THR T 75 125.06 -34.94 39.23
CA THR T 75 124.54 -35.97 38.34
C THR T 75 123.25 -35.50 37.69
N LEU T 76 123.19 -35.60 36.37
CA LEU T 76 122.03 -35.19 35.59
C LEU T 76 121.35 -36.42 35.02
N VAL T 77 120.02 -36.38 34.98
CA VAL T 77 119.23 -37.50 34.49
C VAL T 77 118.66 -37.13 33.13
N ARG T 78 119.04 -37.90 32.11
CA ARG T 78 118.68 -37.59 30.74
C ARG T 78 117.43 -38.32 30.26
N GLY T 79 117.12 -39.46 30.86
CA GLY T 79 115.98 -40.24 30.45
C GLY T 79 115.98 -41.55 31.21
N GLN T 80 115.10 -42.46 30.82
CA GLN T 80 115.07 -43.76 31.48
C GLN T 80 114.65 -44.86 30.51
N CYS T 81 115.34 -45.98 30.60
CA CYS T 81 114.93 -47.20 29.91
C CYS T 81 113.91 -47.92 30.76
N VAL T 82 112.75 -48.21 30.17
CA VAL T 82 111.62 -48.80 30.87
C VAL T 82 111.34 -50.17 30.29
N VAL T 83 111.19 -51.17 31.15
CA VAL T 83 110.83 -52.52 30.72
C VAL T 83 109.62 -52.95 31.55
N ASP T 84 108.49 -53.18 30.87
CA ASP T 84 107.29 -53.65 31.53
C ASP T 84 107.09 -55.13 31.20
N ILE T 85 106.66 -55.90 32.19
CA ILE T 85 106.44 -57.33 32.05
C ILE T 85 105.11 -57.63 32.73
N ASN T 86 104.05 -57.78 31.95
CA ASN T 86 102.78 -58.18 32.51
C ASN T 86 102.58 -59.67 32.32
N ILE T 87 102.10 -60.33 33.38
CA ILE T 87 101.88 -61.76 33.38
C ILE T 87 100.44 -62.02 33.77
N VAL T 88 99.69 -62.69 32.91
CA VAL T 88 98.32 -63.07 33.18
C VAL T 88 98.24 -64.59 33.22
N ILE T 89 97.75 -65.13 34.32
CA ILE T 89 97.60 -66.57 34.44
C ILE T 89 96.14 -66.89 34.72
N PRO T 90 95.48 -67.66 33.87
CA PRO T 90 94.04 -67.86 34.04
C PRO T 90 93.70 -68.75 35.22
N ARG T 91 92.41 -68.89 35.49
CA ARG T 91 91.93 -69.68 36.61
C ARG T 91 92.23 -71.16 36.43
N VAL T 92 92.41 -71.62 35.20
CA VAL T 92 92.46 -73.04 34.89
C VAL T 92 93.89 -73.54 34.67
N ALA T 93 94.88 -72.76 35.07
CA ALA T 93 96.27 -73.06 34.73
C ALA T 93 96.89 -73.97 35.79
N THR T 94 97.50 -75.07 35.33
CA THR T 94 98.19 -75.98 36.23
C THR T 94 99.46 -75.32 36.78
N ALA T 95 99.95 -75.86 37.89
CA ALA T 95 101.11 -75.28 38.56
C ALA T 95 102.40 -75.45 37.77
N THR T 96 102.49 -76.41 36.87
CA THR T 96 103.68 -76.57 36.03
C THR T 96 103.57 -75.85 34.71
N ASP T 97 102.35 -75.63 34.21
CA ASP T 97 102.18 -74.82 33.01
C ASP T 97 102.54 -73.36 33.28
N ARG T 98 102.30 -72.88 34.50
CA ARG T 98 102.78 -71.56 34.88
C ARG T 98 104.29 -71.46 34.72
N ALA T 99 105.03 -72.41 35.28
CA ALA T 99 106.47 -72.38 35.16
C ALA T 99 106.92 -72.48 33.71
N GLU T 100 106.28 -73.37 32.94
CA GLU T 100 106.61 -73.49 31.52
C GLU T 100 106.43 -72.16 30.81
N ALA T 101 105.26 -71.54 30.96
CA ALA T 101 104.98 -70.29 30.25
C ALA T 101 105.93 -69.19 30.67
N ILE T 102 106.15 -69.04 31.97
CA ILE T 102 106.99 -67.93 32.45
C ILE T 102 108.43 -68.11 32.00
N LYS T 103 108.99 -69.31 32.21
CA LYS T 103 110.38 -69.51 31.85
C LYS T 103 110.59 -69.51 30.34
N ARG T 104 109.54 -69.82 29.56
CA ARG T 104 109.67 -69.71 28.11
C ARG T 104 109.61 -68.25 27.67
N ALA T 105 108.71 -67.47 28.26
CA ALA T 105 108.62 -66.05 27.90
C ALA T 105 109.90 -65.31 28.27
N PHE T 106 110.45 -65.59 29.45
CA PHE T 106 111.70 -64.95 29.84
C PHE T 106 112.91 -65.53 29.12
N ASP T 107 112.74 -66.59 28.34
CA ASP T 107 113.82 -67.13 27.53
C ASP T 107 113.91 -66.48 26.15
N VAL T 108 113.07 -65.48 25.88
CA VAL T 108 113.14 -64.77 24.61
C VAL T 108 114.50 -64.11 24.44
N LEU T 109 115.01 -63.52 25.51
CA LEU T 109 116.30 -62.81 25.44
C LEU T 109 117.41 -63.72 24.92
N ASN T 110 117.32 -65.02 25.18
CA ASN T 110 118.29 -65.95 24.61
C ASN T 110 117.96 -66.37 23.20
N ALA T 111 116.69 -66.24 22.79
CA ALA T 111 116.29 -66.58 21.43
C ALA T 111 116.32 -65.36 20.53
N LEU T 112 115.57 -64.33 20.89
CA LEU T 112 115.49 -63.09 20.12
C LEU T 112 116.51 -62.08 20.67
N ASN T 113 117.77 -62.51 20.69
CA ASN T 113 118.79 -61.77 21.42
C ASN T 113 119.21 -60.50 20.68
N ALA T 114 119.65 -60.64 19.43
CA ALA T 114 120.18 -59.49 18.71
C ALA T 114 119.14 -58.42 18.46
N GLU T 115 117.86 -58.79 18.43
CA GLU T 115 116.81 -57.80 18.24
C GLU T 115 116.51 -57.00 19.50
N LEU T 116 117.08 -57.38 20.64
CA LEU T 116 116.83 -56.69 21.90
C LEU T 116 118.08 -56.06 22.49
N ILE T 117 119.19 -56.80 22.55
CA ILE T 117 120.40 -56.28 23.17
C ILE T 117 120.97 -55.13 22.35
N THR T 118 121.02 -55.27 21.02
CA THR T 118 121.59 -54.25 20.16
C THR T 118 120.55 -53.31 19.56
N GLY T 119 119.30 -53.75 19.44
CA GLY T 119 118.25 -52.90 18.93
C GLY T 119 117.97 -53.05 17.45
N GLU T 120 118.52 -54.07 16.80
CA GLU T 120 118.29 -54.27 15.37
C GLU T 120 116.82 -54.60 15.12
N GLY T 121 116.51 -54.74 13.85
CA GLY T 121 115.24 -55.32 13.43
C GLY T 121 115.53 -56.44 12.46
N GLN T 122 114.72 -57.49 12.54
CA GLN T 122 114.94 -58.64 11.69
C GLN T 122 114.46 -58.35 10.26
N TRP T 123 115.29 -58.73 9.30
CA TRP T 123 115.02 -58.40 7.90
C TRP T 123 114.51 -59.60 7.10
N ALA U 1 119.24 -60.82 13.11
CA ALA U 1 119.32 -61.57 11.86
C ALA U 1 117.96 -61.72 11.23
N ALA U 2 117.88 -62.48 10.14
CA ALA U 2 116.63 -62.63 9.42
C ALA U 2 115.64 -63.46 10.22
N ARG U 3 114.37 -63.34 9.84
CA ARG U 3 113.33 -64.13 10.49
C ARG U 3 113.63 -65.61 10.35
N SER U 4 113.88 -66.28 11.47
CA SER U 4 114.19 -67.71 11.43
C SER U 4 113.39 -68.46 12.49
N SER U 5 113.74 -69.71 12.74
CA SER U 5 113.06 -70.51 13.75
C SER U 5 113.74 -70.33 15.10
N ILE U 6 112.96 -69.95 16.10
CA ILE U 6 113.47 -69.75 17.45
C ILE U 6 113.12 -70.97 18.29
N VAL U 7 113.90 -71.18 19.36
CA VAL U 7 113.90 -72.44 20.09
C VAL U 7 113.52 -72.12 21.54
N LEU U 8 112.57 -71.21 21.72
CA LEU U 8 112.04 -70.86 23.02
C LEU U 8 111.87 -72.09 23.90
N THR U 9 112.57 -72.11 25.03
CA THR U 9 112.64 -73.27 25.90
C THR U 9 112.49 -72.83 27.35
N ASP U 10 112.61 -73.81 28.26
CA ASP U 10 112.60 -73.51 29.68
C ASP U 10 113.62 -74.33 30.47
N GLY U 11 114.51 -75.06 29.79
CA GLY U 11 115.47 -75.94 30.41
C GLY U 11 115.12 -77.41 30.31
N THR U 12 113.84 -77.74 30.18
CA THR U 12 113.39 -79.12 30.05
C THR U 12 112.68 -79.39 28.74
N THR U 13 111.68 -78.59 28.39
CA THR U 13 110.82 -78.86 27.24
C THR U 13 110.91 -77.73 26.23
N PRO U 14 111.78 -77.83 25.23
CA PRO U 14 111.87 -76.77 24.21
C PRO U 14 110.68 -76.78 23.27
N VAL U 15 110.44 -75.61 22.67
CA VAL U 15 109.42 -75.45 21.65
C VAL U 15 110.01 -74.62 20.52
N THR U 16 109.87 -75.09 19.29
CA THR U 16 110.40 -74.41 18.12
C THR U 16 109.27 -73.65 17.43
N LEU U 17 109.52 -72.37 17.17
CA LEU U 17 108.52 -71.49 16.56
C LEU U 17 109.06 -70.93 15.25
N THR U 18 108.23 -70.98 14.20
CA THR U 18 108.60 -70.45 12.90
C THR U 18 107.65 -69.33 12.52
N PRO U 19 108.15 -68.28 11.85
CA PRO U 19 107.30 -67.11 11.58
C PRO U 19 106.09 -67.46 10.73
N VAL U 20 104.95 -66.88 11.07
CA VAL U 20 103.70 -67.18 10.40
C VAL U 20 102.99 -65.91 9.94
N GLY U 21 103.75 -64.86 9.73
CA GLY U 21 103.15 -63.66 9.18
C GLY U 21 103.85 -62.41 9.71
N GLY U 22 103.07 -61.34 9.81
CA GLY U 22 103.60 -60.09 10.31
C GLY U 22 103.66 -59.00 9.26
N GLY U 23 104.83 -58.36 9.15
CA GLY U 23 105.01 -57.27 8.22
C GLY U 23 106.32 -56.55 8.46
N VAL U 24 106.29 -55.23 8.47
CA VAL U 24 107.45 -54.41 8.82
C VAL U 24 107.30 -53.97 10.28
N GLY U 25 108.33 -54.20 11.08
CA GLY U 25 108.22 -53.95 12.50
C GLY U 25 107.13 -54.80 13.13
N GLN U 26 107.07 -56.07 12.73
CA GLN U 26 106.09 -57.01 13.26
C GLN U 26 106.48 -58.40 12.80
N THR U 27 106.34 -59.38 13.70
CA THR U 27 106.76 -60.75 13.38
C THR U 27 105.97 -61.70 14.27
N LEU U 28 105.06 -62.46 13.66
CA LEU U 28 104.35 -63.49 14.39
C LEU U 28 105.21 -64.74 14.52
N TYR U 29 104.76 -65.66 15.36
CA TYR U 29 105.42 -66.94 15.52
C TYR U 29 104.36 -67.97 15.92
N ARG U 30 104.71 -69.24 15.75
CA ARG U 30 103.87 -70.35 16.19
C ARG U 30 104.68 -71.64 16.04
N ALA U 31 104.24 -72.68 16.73
CA ALA U 31 104.91 -73.96 16.74
C ALA U 31 104.25 -74.92 15.74
N THR U 32 104.64 -76.19 15.78
CA THR U 32 104.27 -77.16 14.75
C THR U 32 102.94 -77.86 15.04
N ALA U 33 102.59 -78.09 16.31
CA ALA U 33 101.40 -78.85 16.63
C ALA U 33 100.14 -78.13 16.16
N GLU U 34 99.08 -78.89 15.88
CA GLU U 34 97.89 -78.38 15.22
C GLU U 34 96.66 -78.59 16.10
N ALA U 35 95.85 -77.55 16.23
CA ALA U 35 94.63 -77.63 17.02
C ALA U 35 93.59 -76.70 16.38
N LEU U 36 92.40 -76.64 16.99
CA LEU U 36 91.25 -75.97 16.38
C LEU U 36 91.11 -74.52 16.84
N SER U 37 91.00 -74.29 18.15
CA SER U 37 90.79 -72.94 18.67
C SER U 37 92.11 -72.22 18.94
N ALA U 38 92.94 -72.80 19.83
CA ALA U 38 94.25 -72.25 20.14
C ALA U 38 95.29 -73.30 19.79
N ALA U 39 96.11 -73.00 18.79
CA ALA U 39 97.03 -74.02 18.29
C ALA U 39 98.24 -74.18 19.20
N ASN U 40 99.05 -73.13 19.32
CA ASN U 40 100.35 -73.25 19.94
C ASN U 40 100.76 -71.93 20.61
N PRO U 41 101.91 -71.88 21.29
CA PRO U 41 102.45 -70.59 21.70
C PRO U 41 102.69 -69.68 20.50
N SER U 42 102.36 -68.39 20.67
CA SER U 42 102.40 -67.43 19.57
C SER U 42 103.10 -66.17 20.06
N LEU U 43 104.38 -66.04 19.77
CA LEU U 43 105.22 -64.94 20.25
C LEU U 43 105.20 -63.81 19.21
N SER U 44 104.36 -62.82 19.43
CA SER U 44 104.34 -61.66 18.55
C SER U 44 105.39 -60.65 19.00
N PHE U 45 106.04 -60.02 18.02
CA PHE U 45 107.16 -59.11 18.25
C PHE U 45 106.93 -57.84 17.45
N GLY U 46 106.73 -56.72 18.13
CA GLY U 46 106.22 -55.52 17.49
C GLY U 46 107.09 -54.27 17.53
N TYR U 47 108.38 -54.42 17.28
CA TYR U 47 109.32 -53.30 17.38
C TYR U 47 108.94 -52.17 16.41
N ARG U 48 109.35 -50.96 16.77
CA ARG U 48 109.15 -49.77 15.94
C ARG U 48 110.01 -48.66 16.50
N PHE U 49 109.93 -47.48 15.88
CA PHE U 49 110.62 -46.28 16.33
C PHE U 49 109.59 -45.16 16.50
N THR U 50 110.07 -43.99 16.89
CA THR U 50 109.18 -42.89 17.25
C THR U 50 109.86 -41.59 16.83
N ASP U 51 109.39 -40.46 17.38
CA ASP U 51 109.93 -39.15 17.02
C ASP U 51 111.44 -39.09 17.22
N GLY U 52 111.91 -39.54 18.37
CA GLY U 52 113.32 -39.67 18.63
C GLY U 52 113.82 -41.05 18.28
N GLY U 53 114.91 -41.45 18.93
CA GLY U 53 115.40 -42.80 18.77
C GLY U 53 114.70 -43.72 19.76
N THR U 54 113.45 -43.39 20.08
CA THR U 54 112.71 -44.11 21.10
C THR U 54 112.32 -45.49 20.59
N ASN U 55 113.24 -46.45 20.71
CA ASN U 55 113.01 -47.79 20.22
C ASN U 55 111.95 -48.45 21.07
N ARG U 56 110.70 -48.43 20.59
CA ARG U 56 109.56 -48.87 21.37
C ARG U 56 109.20 -50.31 21.01
N GLN U 57 110.09 -51.22 21.40
CA GLN U 57 109.86 -52.63 21.16
C GLN U 57 108.69 -53.13 22.01
N SER U 58 108.16 -54.29 21.64
CA SER U 58 107.00 -54.85 22.30
C SER U 58 106.88 -56.32 21.94
N LEU U 59 106.53 -57.14 22.92
CA LEU U 59 106.41 -58.57 22.73
C LEU U 59 105.12 -59.07 23.36
N SER U 60 104.74 -60.28 22.98
CA SER U 60 103.63 -60.96 23.64
C SER U 60 103.71 -62.45 23.38
N TYR U 61 103.88 -63.24 24.43
CA TYR U 61 104.04 -64.69 24.31
C TYR U 61 102.82 -65.35 24.95
N LYS U 62 101.98 -65.98 24.13
CA LYS U 62 100.81 -66.69 24.62
C LYS U 62 101.05 -68.18 24.50
N GLN U 63 100.83 -68.90 25.58
CA GLN U 63 100.91 -70.36 25.58
C GLN U 63 99.54 -70.91 25.96
N PRO U 64 98.92 -71.74 25.13
CA PRO U 64 97.57 -72.18 25.40
C PRO U 64 97.40 -73.36 26.37
N ILE U 65 96.68 -73.08 27.44
CA ILE U 65 96.38 -74.07 28.46
C ILE U 65 95.40 -75.05 27.83
N THR U 66 95.84 -76.29 27.64
CA THR U 66 95.10 -77.28 26.88
C THR U 66 95.24 -78.66 27.52
N ALA U 67 94.26 -79.53 27.26
CA ALA U 67 94.29 -80.91 27.68
C ALA U 67 93.72 -81.77 26.56
N VAL U 68 94.34 -82.92 26.31
CA VAL U 68 93.97 -83.76 25.18
C VAL U 68 92.73 -84.57 25.53
N ASP U 69 91.68 -84.43 24.72
CA ASP U 69 90.47 -85.21 24.92
C ASP U 69 90.70 -86.66 24.54
N SER U 70 89.82 -87.53 25.02
CA SER U 70 89.86 -88.93 24.65
C SER U 70 88.97 -89.19 23.46
N THR U 71 89.44 -90.06 22.56
CA THR U 71 88.75 -90.52 21.35
C THR U 71 88.62 -89.43 20.30
N THR U 72 89.05 -88.20 20.56
CA THR U 72 88.99 -87.12 19.59
C THR U 72 90.34 -86.44 19.49
N SER U 73 90.75 -86.14 18.26
CA SER U 73 92.04 -85.53 17.99
C SER U 73 91.95 -84.00 17.90
N GLU U 74 91.38 -83.39 18.94
CA GLU U 74 91.20 -81.94 18.96
C GLU U 74 91.86 -81.25 20.14
N THR U 75 92.44 -82.00 21.08
CA THR U 75 93.25 -81.50 22.20
C THR U 75 92.68 -80.21 22.78
N LEU U 76 91.48 -80.29 23.34
CA LEU U 76 90.74 -79.14 23.87
C LEU U 76 91.64 -78.19 24.64
N VAL U 77 91.52 -76.90 24.30
CA VAL U 77 92.27 -75.83 24.96
C VAL U 77 91.37 -75.16 25.98
N ARG U 78 91.94 -74.83 27.14
CA ARG U 78 91.17 -74.26 28.24
C ARG U 78 91.46 -72.79 28.49
N GLY U 79 92.62 -72.29 28.11
CA GLY U 79 92.95 -70.91 28.34
C GLY U 79 94.25 -70.51 27.69
N GLN U 80 94.86 -69.43 28.19
CA GLN U 80 96.15 -68.97 27.67
C GLN U 80 96.91 -68.14 28.69
N CYS U 81 98.20 -68.41 28.85
CA CYS U 81 99.05 -67.69 29.81
C CYS U 81 99.74 -66.55 29.07
N VAL U 82 99.09 -65.40 29.01
CA VAL U 82 99.65 -64.24 28.33
C VAL U 82 100.81 -63.66 29.12
N VAL U 83 101.91 -63.34 28.43
CA VAL U 83 103.05 -62.68 29.05
C VAL U 83 103.54 -61.55 28.16
N ASP U 84 103.15 -60.32 28.46
CA ASP U 84 103.55 -59.17 27.66
C ASP U 84 104.87 -58.60 28.16
N ILE U 85 105.71 -58.16 27.24
CA ILE U 85 106.97 -57.51 27.58
C ILE U 85 107.17 -56.28 26.70
N ASN U 86 106.96 -55.10 27.25
CA ASN U 86 107.14 -53.86 26.51
C ASN U 86 108.42 -53.16 26.93
N ILE U 87 109.15 -52.66 25.93
CA ILE U 87 110.44 -52.03 26.15
C ILE U 87 110.41 -50.65 25.52
N VAL U 88 110.88 -49.66 26.26
CA VAL U 88 110.97 -48.28 25.78
C VAL U 88 112.37 -47.77 26.10
N ILE U 89 113.20 -47.61 25.09
CA ILE U 89 114.59 -47.18 25.25
C ILE U 89 114.75 -45.81 24.62
N PRO U 90 115.24 -44.81 25.35
CA PRO U 90 115.26 -43.44 24.81
C PRO U 90 116.32 -43.25 23.74
N ARG U 91 116.35 -42.04 23.17
CA ARG U 91 117.35 -41.72 22.16
C ARG U 91 118.76 -41.64 22.74
N VAL U 92 118.90 -41.23 23.99
CA VAL U 92 120.21 -40.92 24.56
C VAL U 92 120.85 -42.16 25.18
N ALA U 93 120.24 -43.32 24.95
CA ALA U 93 120.66 -44.54 25.62
C ALA U 93 121.82 -45.17 24.88
N THR U 94 123.01 -45.09 25.48
CA THR U 94 124.18 -45.77 24.95
C THR U 94 123.92 -47.28 24.91
N ALA U 95 124.43 -47.93 23.85
CA ALA U 95 124.14 -49.35 23.64
C ALA U 95 124.61 -50.22 24.80
N THR U 96 125.56 -49.77 25.61
CA THR U 96 125.89 -50.48 26.85
C THR U 96 124.76 -50.33 27.87
N ASP U 97 124.21 -49.12 28.01
CA ASP U 97 123.12 -48.91 28.94
C ASP U 97 121.89 -49.72 28.55
N ARG U 98 121.58 -49.79 27.26
CA ARG U 98 120.43 -50.59 26.84
C ARG U 98 120.64 -52.07 27.14
N ALA U 99 121.84 -52.58 26.88
CA ALA U 99 122.12 -53.98 27.19
C ALA U 99 121.97 -54.24 28.69
N GLU U 100 122.51 -53.34 29.51
CA GLU U 100 122.37 -53.50 30.96
C GLU U 100 120.91 -53.49 31.37
N ALA U 101 120.14 -52.55 30.83
CA ALA U 101 118.73 -52.45 31.22
C ALA U 101 117.96 -53.70 30.85
N ILE U 102 118.16 -54.21 29.62
CA ILE U 102 117.42 -55.38 29.18
C ILE U 102 117.82 -56.61 29.98
N LYS U 103 119.13 -56.82 30.15
CA LYS U 103 119.57 -58.03 30.84
C LYS U 103 119.24 -57.98 32.33
N ARG U 104 119.14 -56.78 32.90
CA ARG U 104 118.73 -56.67 34.29
C ARG U 104 117.23 -56.87 34.44
N ALA U 105 116.44 -56.37 33.50
CA ALA U 105 115.01 -56.60 33.57
C ALA U 105 114.67 -58.07 33.41
N PHE U 106 115.39 -58.78 32.52
CA PHE U 106 115.11 -60.19 32.33
C PHE U 106 115.77 -61.08 33.37
N ASP U 107 116.49 -60.50 34.33
CA ASP U 107 117.02 -61.25 35.46
C ASP U 107 116.09 -61.23 36.66
N VAL U 108 114.89 -60.66 36.52
CA VAL U 108 113.94 -60.66 37.63
C VAL U 108 113.55 -62.09 37.98
N LEU U 109 113.37 -62.94 36.97
CA LEU U 109 112.95 -64.31 37.20
C LEU U 109 113.90 -65.06 38.13
N ASN U 110 115.18 -64.69 38.13
CA ASN U 110 116.14 -65.33 39.02
C ASN U 110 116.24 -64.67 40.38
N ALA U 111 115.68 -63.47 40.54
CA ALA U 111 115.68 -62.78 41.83
C ALA U 111 114.31 -62.80 42.48
N LEU U 112 113.27 -62.46 41.73
CA LEU U 112 111.89 -62.51 42.21
C LEU U 112 111.23 -63.81 41.77
N ASN U 113 111.87 -64.92 42.12
CA ASN U 113 111.56 -66.20 41.51
C ASN U 113 110.23 -66.77 42.01
N ALA U 114 110.11 -66.98 43.32
CA ALA U 114 108.95 -67.67 43.86
C ALA U 114 107.67 -66.91 43.59
N GLU U 115 107.69 -65.58 43.70
CA GLU U 115 106.49 -64.79 43.48
C GLU U 115 105.98 -64.90 42.05
N LEU U 116 106.86 -65.18 41.08
CA LEU U 116 106.48 -65.28 39.68
C LEU U 116 106.11 -66.71 39.29
N ILE U 117 106.88 -67.68 39.75
CA ILE U 117 106.60 -69.08 39.41
C ILE U 117 105.40 -69.58 40.19
N THR U 118 105.49 -69.53 41.52
CA THR U 118 104.42 -70.04 42.37
C THR U 118 103.21 -69.13 42.40
N GLY U 119 103.42 -67.81 42.44
CA GLY U 119 102.33 -66.87 42.41
C GLY U 119 101.82 -66.50 43.79
N GLU U 120 102.72 -66.10 44.68
CA GLU U 120 102.38 -65.89 46.08
C GLU U 120 103.39 -64.96 46.71
N GLY U 121 103.04 -64.45 47.89
CA GLY U 121 104.06 -63.88 48.75
C GLY U 121 104.00 -62.38 48.97
N GLN U 122 105.17 -61.80 49.26
CA GLN U 122 105.32 -60.40 49.63
C GLN U 122 104.52 -60.09 50.90
N TRP U 123 104.99 -60.68 51.99
CA TRP U 123 104.37 -60.49 53.29
C TRP U 123 104.89 -59.20 53.92
N ALA V 1 -23.75 88.17 93.38
CA ALA V 1 -24.52 89.40 93.29
C ALA V 1 -24.27 90.10 91.96
N ALA V 2 -24.77 91.32 91.82
CA ALA V 2 -24.54 92.07 90.59
C ALA V 2 -23.06 92.40 90.45
N ARG V 3 -22.54 92.26 89.24
CA ARG V 3 -21.13 92.52 88.98
C ARG V 3 -20.80 93.97 89.24
N SER V 4 -19.67 94.21 89.91
CA SER V 4 -19.24 95.56 90.26
C SER V 4 -17.72 95.57 90.29
N SER V 5 -17.16 96.61 90.90
CA SER V 5 -15.72 96.73 91.03
C SER V 5 -15.23 96.06 92.31
N ILE V 6 -13.96 95.67 92.30
CA ILE V 6 -13.32 95.04 93.46
C ILE V 6 -11.99 95.73 93.74
N VAL V 7 -11.56 95.66 95.00
CA VAL V 7 -10.53 96.55 95.51
C VAL V 7 -9.38 95.69 96.03
N LEU V 8 -9.09 94.59 95.32
CA LEU V 8 -7.97 93.70 95.66
C LEU V 8 -6.77 94.50 96.14
N THR V 9 -6.27 94.14 97.31
CA THR V 9 -5.20 94.88 97.97
C THR V 9 -4.26 93.92 98.67
N ASP V 10 -3.13 94.47 99.14
CA ASP V 10 -2.20 93.71 99.96
C ASP V 10 -1.72 94.57 101.13
N GLY V 11 -2.55 95.51 101.56
CA GLY V 11 -2.24 96.31 102.72
C GLY V 11 -1.66 97.67 102.40
N THR V 12 -0.90 97.77 101.32
CA THR V 12 -0.23 99.03 100.99
C THR V 12 -0.60 99.59 99.62
N THR V 13 -0.82 98.73 98.61
CA THR V 13 -1.10 99.18 97.25
C THR V 13 -2.38 98.52 96.76
N PRO V 14 -3.53 99.11 97.03
CA PRO V 14 -4.80 98.57 96.52
C PRO V 14 -4.87 98.66 95.00
N VAL V 15 -5.61 97.73 94.42
CA VAL V 15 -5.83 97.67 92.97
C VAL V 15 -7.33 97.60 92.73
N THR V 16 -7.86 98.58 92.01
CA THR V 16 -9.27 98.58 91.66
C THR V 16 -9.46 97.89 90.32
N LEU V 17 -10.25 96.83 90.31
CA LEU V 17 -10.55 96.08 89.11
C LEU V 17 -11.99 96.30 88.71
N THR V 18 -12.25 96.29 87.39
CA THR V 18 -13.57 96.50 86.85
C THR V 18 -13.90 95.38 85.88
N PRO V 19 -15.17 95.00 85.76
CA PRO V 19 -15.55 93.91 84.86
C PRO V 19 -15.56 94.35 83.41
N VAL V 20 -14.74 93.71 82.57
CA VAL V 20 -14.60 94.16 81.18
C VAL V 20 -14.90 93.01 80.22
N GLY V 21 -15.69 92.05 80.66
CA GLY V 21 -16.04 90.95 79.80
C GLY V 21 -16.59 89.78 80.61
N GLY V 22 -16.62 88.63 79.96
CA GLY V 22 -17.07 87.41 80.59
C GLY V 22 -18.14 86.68 79.81
N GLY V 23 -19.15 86.19 80.51
CA GLY V 23 -20.22 85.44 79.85
C GLY V 23 -21.15 84.85 80.89
N VAL V 24 -21.59 83.63 80.60
CA VAL V 24 -22.40 82.86 81.55
C VAL V 24 -21.46 81.98 82.35
N GLY V 25 -21.48 82.13 83.67
CA GLY V 25 -20.54 81.43 84.52
C GLY V 25 -19.11 81.88 84.32
N GLN V 26 -18.90 83.20 84.19
CA GLN V 26 -17.58 83.76 83.97
C GLN V 26 -17.68 85.27 84.11
N THR V 27 -16.62 85.89 84.64
CA THR V 27 -16.60 87.34 84.79
C THR V 27 -15.13 87.79 84.83
N LEU V 28 -14.64 88.28 83.71
CA LEU V 28 -13.29 88.83 83.66
C LEU V 28 -13.24 90.17 84.40
N TYR V 29 -12.06 90.49 84.92
CA TYR V 29 -11.80 91.77 85.55
C TYR V 29 -10.48 92.30 85.02
N ARG V 30 -10.31 93.61 85.10
CA ARG V 30 -9.03 94.21 84.74
C ARG V 30 -8.85 95.49 85.53
N ALA V 31 -7.62 95.79 85.91
CA ALA V 31 -7.34 97.03 86.61
C ALA V 31 -7.57 98.21 85.68
N THR V 32 -8.08 99.30 86.25
CA THR V 32 -8.49 100.45 85.43
C THR V 32 -7.32 100.94 84.59
N ALA V 33 -6.27 101.44 85.24
CA ALA V 33 -5.04 101.81 84.56
C ALA V 33 -3.93 101.92 85.58
N GLU V 34 -2.92 101.07 85.47
CA GLU V 34 -1.73 101.24 86.31
C GLU V 34 -0.77 102.24 85.68
N ALA V 35 -0.16 101.86 84.54
CA ALA V 35 0.61 102.80 83.74
C ALA V 35 0.46 102.61 82.24
N LEU V 36 -0.04 101.47 81.78
CA LEU V 36 -0.19 101.16 80.36
C LEU V 36 -1.01 99.88 80.27
N SER V 37 -1.21 99.40 79.05
CA SER V 37 -1.84 98.09 78.86
C SER V 37 -0.77 97.00 78.96
N ALA V 38 -1.23 95.79 79.24
CA ALA V 38 -0.43 94.59 79.51
C ALA V 38 0.34 94.69 80.81
N ALA V 39 0.27 95.81 81.51
CA ALA V 39 0.85 95.97 82.84
C ALA V 39 -0.25 96.17 83.86
N ASN V 40 -1.40 95.54 83.63
CA ASN V 40 -2.56 95.65 84.48
C ASN V 40 -2.99 94.26 84.94
N PRO V 41 -3.18 94.05 86.23
CA PRO V 41 -3.60 92.73 86.72
C PRO V 41 -5.02 92.39 86.29
N SER V 42 -5.30 91.09 86.25
CA SER V 42 -6.63 90.61 85.90
C SER V 42 -7.05 89.54 86.89
N LEU V 43 -8.36 89.38 87.06
CA LEU V 43 -8.95 88.51 88.08
C LEU V 43 -10.06 87.65 87.47
N SER V 44 -9.72 86.88 86.44
CA SER V 44 -10.72 86.01 85.81
C SER V 44 -11.39 85.13 86.85
N PHE V 45 -12.71 85.01 86.77
CA PHE V 45 -13.48 84.32 87.80
C PHE V 45 -14.62 83.56 87.13
N GLY V 46 -14.59 82.23 87.22
CA GLY V 46 -15.64 81.39 86.69
C GLY V 46 -16.36 80.62 87.78
N TYR V 47 -17.48 80.02 87.40
CA TYR V 47 -18.33 79.28 88.32
C TYR V 47 -19.32 78.47 87.51
N ARG V 48 -19.59 77.25 87.97
CA ARG V 48 -20.53 76.38 87.26
C ARG V 48 -20.97 75.28 88.20
N PHE V 49 -22.07 74.63 87.82
CA PHE V 49 -22.62 73.49 88.53
C PHE V 49 -22.61 72.28 87.61
N THR V 50 -22.03 71.18 88.08
CA THR V 50 -22.05 69.93 87.32
C THR V 50 -23.36 69.20 87.57
N ASP V 51 -23.38 67.90 87.26
CA ASP V 51 -24.57 67.08 87.48
C ASP V 51 -25.12 67.25 88.88
N GLY V 52 -24.26 67.15 89.89
CA GLY V 52 -24.63 67.41 91.25
C GLY V 52 -24.53 68.89 91.59
N GLY V 53 -24.70 69.20 92.86
CA GLY V 53 -24.59 70.58 93.31
C GLY V 53 -23.16 70.99 93.56
N THR V 54 -22.22 70.38 92.82
CA THR V 54 -20.80 70.64 93.00
C THR V 54 -20.51 72.06 92.53
N ASN V 55 -20.44 72.98 93.49
CA ASN V 55 -20.24 74.40 93.20
C ASN V 55 -18.81 74.66 92.74
N ARG V 56 -18.48 74.23 91.52
CA ARG V 56 -17.11 74.26 91.03
C ARG V 56 -16.75 75.67 90.58
N GLN V 57 -16.45 76.51 91.55
CA GLN V 57 -15.94 77.84 91.27
C GLN V 57 -14.46 77.79 90.91
N SER V 58 -13.99 78.83 90.24
CA SER V 58 -12.59 78.89 89.82
C SER V 58 -12.16 80.34 89.73
N LEU V 59 -10.88 80.58 90.04
CA LEU V 59 -10.32 81.91 89.99
C LEU V 59 -8.97 81.86 89.29
N SER V 60 -8.53 83.02 88.81
CA SER V 60 -7.22 83.15 88.18
C SER V 60 -6.82 84.61 88.23
N TYR V 61 -5.86 84.93 89.09
CA TYR V 61 -5.35 86.28 89.23
C TYR V 61 -3.97 86.34 88.58
N LYS V 62 -3.81 87.22 87.61
CA LYS V 62 -2.56 87.36 86.86
C LYS V 62 -2.05 88.78 87.04
N GLN V 63 -0.86 88.91 87.60
CA GLN V 63 -0.22 90.20 87.79
C GLN V 63 1.06 90.24 86.98
N PRO V 64 1.20 91.12 85.99
CA PRO V 64 2.38 91.10 85.13
C PRO V 64 3.55 91.89 85.70
N ILE V 65 4.74 91.37 85.45
CA ILE V 65 5.98 91.93 85.98
C ILE V 65 6.54 92.87 84.92
N THR V 66 6.55 94.16 85.20
CA THR V 66 7.00 95.16 84.25
C THR V 66 8.35 95.71 84.68
N ALA V 67 9.15 96.12 83.69
CA ALA V 67 10.49 96.64 83.95
C ALA V 67 10.87 97.60 82.84
N VAL V 68 11.70 98.58 83.19
CA VAL V 68 12.13 99.59 82.22
C VAL V 68 13.12 98.98 81.24
N ASP V 69 13.20 99.59 80.06
CA ASP V 69 14.05 99.13 78.96
C ASP V 69 14.95 100.28 78.50
N SER V 70 15.69 100.84 79.45
CA SER V 70 16.46 102.08 79.31
C SER V 70 17.11 102.28 77.94
N THR V 71 17.58 101.21 77.31
CA THR V 71 18.07 101.33 75.94
C THR V 71 17.02 101.95 75.02
N THR V 72 15.74 101.72 75.30
CA THR V 72 14.64 102.37 74.59
C THR V 72 13.70 103.12 75.52
N SER V 73 13.77 102.87 76.83
CA SER V 73 12.94 103.55 77.84
C SER V 73 11.46 103.25 77.69
N GLU V 74 11.13 102.07 77.16
CA GLU V 74 9.75 101.62 77.03
C GLU V 74 9.49 100.51 78.06
N THR V 75 8.42 100.67 78.83
CA THR V 75 8.17 99.80 79.99
C THR V 75 7.64 98.44 79.51
N LEU V 76 8.58 97.62 79.02
CA LEU V 76 8.22 96.28 78.55
C LEU V 76 7.87 95.38 79.73
N VAL V 77 7.01 94.40 79.46
CA VAL V 77 6.59 93.41 80.45
C VAL V 77 7.31 92.10 80.17
N ARG V 78 7.88 91.50 81.22
CA ARG V 78 8.68 90.28 81.08
C ARG V 78 7.81 89.03 81.18
N GLY V 79 7.13 88.85 82.31
CA GLY V 79 6.28 87.69 82.53
C GLY V 79 5.12 88.03 83.44
N GLN V 80 4.50 87.03 84.05
CA GLN V 80 3.36 87.26 84.92
C GLN V 80 3.36 86.26 86.07
N CYS V 81 2.83 86.70 87.21
CA CYS V 81 2.60 85.84 88.36
C CYS V 81 1.13 85.41 88.34
N VAL V 82 0.90 84.11 88.46
CA VAL V 82 -0.42 83.52 88.30
C VAL V 82 -0.81 82.81 89.57
N VAL V 83 -2.00 83.10 90.09
CA VAL V 83 -2.55 82.44 91.27
C VAL V 83 -3.92 81.90 90.90
N ASP V 84 -4.09 80.58 91.03
CA ASP V 84 -5.36 79.93 90.72
C ASP V 84 -5.95 79.36 92.01
N ILE V 85 -7.11 79.86 92.40
CA ILE V 85 -7.79 79.33 93.58
C ILE V 85 -9.06 78.60 93.15
N ASN V 86 -8.95 77.30 92.92
CA ASN V 86 -10.13 76.51 92.57
C ASN V 86 -10.85 76.04 93.83
N ILE V 87 -12.17 76.03 93.75
CA ILE V 87 -13.01 75.65 94.88
C ILE V 87 -14.06 74.66 94.39
N VAL V 88 -14.22 73.56 95.11
CA VAL V 88 -15.25 72.57 94.80
C VAL V 88 -15.99 72.22 96.08
N ILE V 89 -17.30 72.46 96.10
CA ILE V 89 -18.15 72.15 97.23
C ILE V 89 -19.31 71.29 96.72
N PRO V 90 -19.50 70.08 97.23
CA PRO V 90 -20.56 69.21 96.70
C PRO V 90 -21.92 69.64 97.19
N ARG V 91 -22.96 68.97 96.64
CA ARG V 91 -24.32 69.27 97.06
C ARG V 91 -24.55 68.94 98.52
N VAL V 92 -23.94 67.87 99.01
CA VAL V 92 -24.21 67.34 100.35
C VAL V 92 -23.62 68.26 101.42
N ALA V 93 -23.00 69.35 100.99
CA ALA V 93 -22.30 70.23 101.91
C ALA V 93 -23.28 71.10 102.69
N THR V 94 -23.13 71.09 104.01
CA THR V 94 -23.87 72.02 104.84
C THR V 94 -23.36 73.43 104.59
N ALA V 95 -24.26 74.42 104.70
CA ALA V 95 -23.90 75.81 104.47
C ALA V 95 -22.81 76.31 105.39
N THR V 96 -22.60 75.66 106.54
CA THR V 96 -21.51 76.02 107.44
C THR V 96 -20.21 75.30 107.11
N ASP V 97 -20.28 74.14 106.47
CA ASP V 97 -19.06 73.46 106.04
C ASP V 97 -18.37 74.22 104.93
N ARG V 98 -19.14 74.81 104.01
CA ARG V 98 -18.55 75.56 102.91
C ARG V 98 -17.77 76.77 103.41
N ALA V 99 -18.36 77.55 104.31
CA ALA V 99 -17.66 78.71 104.86
C ALA V 99 -16.43 78.29 105.63
N GLU V 100 -16.54 77.24 106.43
CA GLU V 100 -15.40 76.72 107.18
C GLU V 100 -14.26 76.37 106.24
N ALA V 101 -14.56 75.58 105.20
CA ALA V 101 -13.52 75.14 104.28
C ALA V 101 -12.88 76.33 103.56
N ILE V 102 -13.70 77.26 103.07
CA ILE V 102 -13.15 78.38 102.29
C ILE V 102 -12.25 79.23 103.17
N LYS V 103 -12.72 79.61 104.36
CA LYS V 103 -11.92 80.49 105.20
C LYS V 103 -10.66 79.79 105.69
N ARG V 104 -10.76 78.51 106.04
CA ARG V 104 -9.57 77.78 106.48
C ARG V 104 -8.53 77.69 105.37
N ALA V 105 -8.97 77.34 104.17
CA ALA V 105 -8.03 77.22 103.06
C ALA V 105 -7.42 78.57 102.69
N PHE V 106 -8.15 79.66 102.88
CA PHE V 106 -7.56 80.97 102.63
C PHE V 106 -6.67 81.43 103.77
N ASP V 107 -6.78 80.81 104.95
CA ASP V 107 -5.87 81.13 106.05
C ASP V 107 -4.49 80.50 105.90
N VAL V 108 -4.23 79.82 104.78
CA VAL V 108 -2.94 79.17 104.58
C VAL V 108 -1.82 80.21 104.61
N LEU V 109 -2.00 81.31 103.87
CA LEU V 109 -0.96 82.33 103.80
C LEU V 109 -0.61 82.87 105.18
N ASN V 110 -1.60 83.01 106.05
CA ASN V 110 -1.30 83.37 107.43
C ASN V 110 -0.55 82.26 108.14
N ALA V 111 -0.92 81.00 107.88
CA ALA V 111 -0.25 79.89 108.55
C ALA V 111 1.05 79.49 107.84
N LEU V 112 0.94 79.05 106.59
CA LEU V 112 2.10 78.54 105.85
C LEU V 112 2.74 79.67 105.05
N ASN V 113 3.23 80.66 105.78
CA ASN V 113 3.59 81.94 105.16
C ASN V 113 4.90 81.86 104.39
N ALA V 114 6.00 81.56 105.08
CA ALA V 114 7.33 81.78 104.55
C ALA V 114 7.61 81.01 103.27
N GLU V 115 6.94 79.88 103.04
CA GLU V 115 7.18 79.10 101.83
C GLU V 115 6.40 79.62 100.63
N LEU V 116 5.43 80.52 100.84
CA LEU V 116 4.67 81.12 99.76
C LEU V 116 5.19 82.51 99.41
N ILE V 117 5.33 83.38 100.41
CA ILE V 117 5.78 84.75 100.17
C ILE V 117 7.19 84.75 99.61
N THR V 118 8.08 83.96 100.20
CA THR V 118 9.50 84.04 99.87
C THR V 118 9.90 83.07 98.77
N GLY V 119 9.22 81.94 98.66
CA GLY V 119 9.52 80.96 97.63
C GLY V 119 10.51 79.89 98.01
N GLU V 120 11.01 79.89 99.25
CA GLU V 120 11.96 78.88 99.67
C GLU V 120 11.31 77.50 99.72
N GLY V 121 12.10 76.48 99.43
CA GLY V 121 11.64 75.11 99.47
C GLY V 121 11.92 74.49 100.81
N GLN V 122 10.86 74.19 101.55
CA GLN V 122 11.01 73.65 102.90
C GLN V 122 11.65 72.28 102.87
N TRP V 123 12.46 72.01 103.90
CA TRP V 123 13.26 70.79 103.96
C TRP V 123 12.73 69.82 105.02
N ALA W 1 -17.94 104.81 86.71
CA ALA W 1 -18.22 104.25 85.40
C ALA W 1 -19.38 103.25 85.45
N ALA W 2 -20.31 103.50 86.37
CA ALA W 2 -21.54 102.72 86.44
C ALA W 2 -22.53 103.22 85.40
N ARG W 3 -23.51 102.37 85.08
CA ARG W 3 -24.47 102.71 84.05
C ARG W 3 -25.50 103.70 84.58
N SER W 4 -25.61 104.85 83.90
CA SER W 4 -26.55 105.88 84.26
C SER W 4 -26.92 106.65 83.01
N SER W 5 -27.90 107.55 83.15
CA SER W 5 -28.34 108.34 82.00
C SER W 5 -27.25 109.31 81.56
N ILE W 6 -27.11 109.45 80.24
CA ILE W 6 -26.13 110.35 79.66
C ILE W 6 -26.87 111.42 78.86
N VAL W 7 -26.23 112.57 78.70
CA VAL W 7 -26.90 113.80 78.28
C VAL W 7 -26.29 114.32 76.99
N LEU W 8 -25.95 113.41 76.07
CA LEU W 8 -25.49 113.78 74.73
C LEU W 8 -26.19 115.02 74.21
N THR W 9 -25.39 115.99 73.75
CA THR W 9 -25.94 117.25 73.29
C THR W 9 -25.06 117.81 72.18
N ASP W 10 -25.68 118.66 71.34
CA ASP W 10 -24.97 119.33 70.27
C ASP W 10 -24.73 120.81 70.57
N GLY W 11 -25.22 121.30 71.70
CA GLY W 11 -25.11 122.71 72.03
C GLY W 11 -26.46 123.37 72.11
N THR W 12 -27.37 122.99 71.21
CA THR W 12 -28.69 123.60 71.16
C THR W 12 -29.72 122.79 71.94
N THR W 13 -29.92 121.54 71.58
CA THR W 13 -30.94 120.68 72.19
C THR W 13 -30.27 119.45 72.79
N PRO W 14 -30.24 119.31 74.11
CA PRO W 14 -29.69 118.09 74.70
C PRO W 14 -30.70 116.95 74.65
N VAL W 15 -30.20 115.74 74.45
CA VAL W 15 -31.02 114.53 74.49
C VAL W 15 -30.48 113.63 75.59
N THR W 16 -31.36 113.15 76.45
CA THR W 16 -30.99 112.32 77.60
C THR W 16 -31.27 110.87 77.25
N LEU W 17 -30.23 110.07 77.14
CA LEU W 17 -30.35 108.64 76.88
C LEU W 17 -30.25 107.88 78.18
N THR W 18 -31.18 106.96 78.41
CA THR W 18 -31.15 106.12 79.59
C THR W 18 -30.83 104.68 79.19
N PRO W 19 -30.17 103.91 80.04
CA PRO W 19 -29.85 102.53 79.67
C PRO W 19 -31.12 101.70 79.49
N VAL W 20 -31.09 100.81 78.51
CA VAL W 20 -32.20 99.90 78.27
C VAL W 20 -31.69 98.48 78.12
N GLY W 21 -30.50 98.21 78.66
CA GLY W 21 -30.03 96.84 78.70
C GLY W 21 -28.58 96.62 78.32
N GLY W 22 -28.29 95.43 77.81
CA GLY W 22 -26.98 95.12 77.29
C GLY W 22 -26.25 94.00 78.01
N GLY W 23 -26.26 94.00 79.33
CA GLY W 23 -25.51 92.99 80.06
C GLY W 23 -24.03 93.31 80.13
N VAL W 24 -23.19 92.28 80.20
CA VAL W 24 -21.74 92.47 80.33
C VAL W 24 -21.14 92.52 78.93
N GLY W 25 -20.17 93.41 78.75
CA GLY W 25 -19.55 93.60 77.46
C GLY W 25 -20.23 94.59 76.55
N GLN W 26 -21.35 95.18 76.96
CA GLN W 26 -22.02 96.18 76.14
C GLN W 26 -23.03 96.92 77.00
N THR W 27 -23.60 97.98 76.42
CA THR W 27 -24.61 98.78 77.10
C THR W 27 -25.43 99.50 76.03
N LEU W 28 -26.73 99.26 76.02
CA LEU W 28 -27.63 99.92 75.09
C LEU W 28 -28.29 101.11 75.77
N TYR W 29 -28.38 102.21 75.05
CA TYR W 29 -29.03 103.41 75.56
C TYR W 29 -30.20 103.77 74.65
N ARG W 30 -31.11 104.57 75.18
CA ARG W 30 -32.21 105.09 74.39
C ARG W 30 -32.89 106.24 75.11
N ALA W 31 -33.26 107.29 74.37
CA ALA W 31 -33.99 108.40 74.95
C ALA W 31 -35.47 108.06 75.04
N THR W 32 -36.26 108.97 75.62
CA THR W 32 -37.69 108.71 75.74
C THR W 32 -38.42 109.07 74.44
N ALA W 33 -38.50 110.37 74.14
CA ALA W 33 -39.24 110.90 72.99
C ALA W 33 -40.52 110.10 72.75
N GLU W 34 -41.26 109.91 73.84
CA GLU W 34 -42.31 108.90 73.89
C GLU W 34 -43.39 109.18 72.85
N ALA W 35 -44.04 108.11 72.38
CA ALA W 35 -45.15 108.23 71.44
C ALA W 35 -44.70 108.94 70.16
N LEU W 36 -43.87 108.23 69.39
CA LEU W 36 -43.63 106.78 69.38
C LEU W 36 -42.40 106.42 70.20
N SER W 37 -42.22 105.14 70.49
CA SER W 37 -41.09 104.67 71.27
C SER W 37 -39.91 104.24 70.41
N ALA W 38 -40.13 103.99 69.12
CA ALA W 38 -39.05 103.64 68.20
C ALA W 38 -38.49 104.85 67.49
N ALA W 39 -39.04 106.02 67.71
CA ALA W 39 -38.57 107.26 67.09
C ALA W 39 -37.75 108.09 68.08
N ASN W 40 -36.63 107.55 68.54
CA ASN W 40 -35.73 108.28 69.42
C ASN W 40 -34.34 107.69 69.30
N PRO W 41 -33.30 108.47 69.58
CA PRO W 41 -31.93 108.03 69.33
C PRO W 41 -31.49 106.93 70.30
N SER W 42 -30.44 106.22 69.88
CA SER W 42 -29.88 105.12 70.66
C SER W 42 -28.37 105.12 70.51
N LEU W 43 -27.69 104.55 71.50
CA LEU W 43 -26.23 104.62 71.62
C LEU W 43 -25.62 103.25 71.95
N SER W 44 -25.89 102.25 71.11
CA SER W 44 -25.34 100.92 71.38
C SER W 44 -23.83 100.98 71.56
N PHE W 45 -23.36 100.70 72.77
CA PHE W 45 -21.95 100.84 73.13
C PHE W 45 -21.43 99.52 73.67
N GLY W 46 -20.46 98.93 72.98
CA GLY W 46 -19.84 97.70 73.40
C GLY W 46 -18.34 97.83 73.58
N TYR W 47 -17.76 96.86 74.28
CA TYR W 47 -16.34 96.87 74.59
C TYR W 47 -15.91 95.46 74.96
N ARG W 48 -14.68 95.12 74.63
CA ARG W 48 -14.15 93.79 74.93
C ARG W 48 -12.63 93.85 74.87
N PHE W 49 -11.99 92.83 75.43
CA PHE W 49 -10.54 92.65 75.38
C PHE W 49 -10.25 91.33 74.68
N THR W 50 -9.38 91.37 73.67
CA THR W 50 -9.05 90.18 72.90
C THR W 50 -8.01 89.36 73.65
N ASP W 51 -7.38 88.41 72.93
CA ASP W 51 -6.36 87.56 73.54
C ASP W 51 -5.28 88.38 74.24
N GLY W 52 -4.84 89.47 73.60
CA GLY W 52 -3.90 90.36 74.26
C GLY W 52 -4.61 91.38 75.10
N GLY W 53 -4.08 92.60 75.15
CA GLY W 53 -4.74 93.68 75.85
C GLY W 53 -5.42 94.62 74.87
N THR W 54 -5.67 94.13 73.67
CA THR W 54 -6.23 94.95 72.60
C THR W 54 -7.66 95.30 72.96
N ASN W 55 -7.86 96.51 73.46
CA ASN W 55 -9.18 97.00 73.84
C ASN W 55 -9.93 97.39 72.57
N ARG W 56 -11.03 96.69 72.29
CA ARG W 56 -11.82 96.95 71.09
C ARG W 56 -13.16 97.54 71.50
N GLN W 57 -13.19 98.86 71.62
CA GLN W 57 -14.44 99.54 71.94
C GLN W 57 -15.20 99.86 70.66
N SER W 58 -16.51 100.01 70.79
CA SER W 58 -17.35 100.24 69.63
C SER W 58 -18.61 101.00 70.03
N LEU W 59 -18.93 102.07 69.31
CA LEU W 59 -20.14 102.83 69.57
C LEU W 59 -20.94 102.93 68.29
N SER W 60 -22.26 102.94 68.44
CA SER W 60 -23.16 103.10 67.29
C SER W 60 -24.31 103.98 67.75
N TYR W 61 -24.35 105.20 67.26
CA TYR W 61 -25.38 106.16 67.61
C TYR W 61 -26.31 106.29 66.42
N LYS W 62 -27.59 105.98 66.64
CA LYS W 62 -28.60 106.06 65.60
C LYS W 62 -29.66 107.08 66.01
N GLN W 63 -29.94 108.02 65.11
CA GLN W 63 -30.98 109.00 65.34
C GLN W 63 -32.02 108.90 64.24
N PRO W 64 -33.26 108.53 64.53
CA PRO W 64 -34.27 108.42 63.48
C PRO W 64 -34.89 109.76 63.14
N ILE W 65 -35.29 109.89 61.89
CA ILE W 65 -35.85 111.11 61.34
C ILE W 65 -37.37 111.00 61.41
N THR W 66 -37.98 111.82 62.26
CA THR W 66 -39.40 111.76 62.53
C THR W 66 -40.16 112.72 61.61
N ALA W 67 -41.48 112.52 61.55
CA ALA W 67 -42.35 113.37 60.74
C ALA W 67 -43.75 113.24 61.29
N VAL W 68 -44.23 114.29 61.96
CA VAL W 68 -45.55 114.24 62.58
C VAL W 68 -46.61 114.42 61.50
N ASP W 69 -47.34 113.34 61.21
CA ASP W 69 -48.35 113.33 60.16
C ASP W 69 -49.61 114.01 60.71
N SER W 70 -49.76 115.30 60.40
CA SER W 70 -50.86 116.09 60.97
C SER W 70 -52.22 115.55 60.57
N THR W 71 -52.33 114.85 59.45
CA THR W 71 -53.61 114.29 59.02
C THR W 71 -54.11 113.26 60.01
N THR W 72 -53.26 112.31 60.38
CA THR W 72 -53.62 111.24 61.29
C THR W 72 -53.14 111.49 62.72
N SER W 73 -52.17 112.39 62.90
CA SER W 73 -51.56 112.71 64.19
C SER W 73 -50.82 111.49 64.76
N GLU W 74 -49.92 110.96 63.95
CA GLU W 74 -49.04 109.87 64.35
C GLU W 74 -47.64 110.17 63.86
N THR W 75 -46.64 109.75 64.62
CA THR W 75 -45.26 109.98 64.26
C THR W 75 -44.76 108.87 63.35
N LEU W 76 -44.20 109.25 62.21
CA LEU W 76 -43.69 108.31 61.24
C LEU W 76 -42.17 108.39 61.19
N VAL W 77 -41.53 107.26 60.96
CA VAL W 77 -40.07 107.17 60.91
C VAL W 77 -39.66 106.99 59.45
N ARG W 78 -38.89 107.94 58.94
CA ARG W 78 -38.51 107.94 57.53
C ARG W 78 -37.15 107.30 57.29
N GLY W 79 -36.26 107.33 58.28
CA GLY W 79 -34.95 106.76 58.14
C GLY W 79 -34.15 107.05 59.39
N GLN W 80 -32.86 106.76 59.36
CA GLN W 80 -32.03 107.05 60.51
C GLN W 80 -30.61 107.42 60.09
N CYS W 81 -30.09 108.43 60.76
CA CYS W 81 -28.67 108.77 60.63
C CYS W 81 -27.87 107.91 61.60
N VAL W 82 -26.87 107.21 61.07
CA VAL W 82 -26.08 106.25 61.83
C VAL W 82 -24.65 106.74 61.88
N VAL W 83 -24.07 106.74 63.08
CA VAL W 83 -22.66 107.09 63.26
C VAL W 83 -22.00 105.96 64.03
N ASP W 84 -21.04 105.30 63.41
CA ASP W 84 -20.28 104.24 64.05
C ASP W 84 -18.89 104.77 64.41
N ILE W 85 -18.40 104.39 65.58
CA ILE W 85 -17.10 104.81 66.07
C ILE W 85 -16.43 103.57 66.65
N ASN W 86 -15.52 102.97 65.89
CA ASN W 86 -14.75 101.85 66.42
C ASN W 86 -13.41 102.34 66.91
N ILE W 87 -12.98 101.82 68.05
CA ILE W 87 -11.71 102.20 68.66
C ILE W 87 -10.94 100.93 68.96
N VAL W 88 -9.73 100.83 68.44
CA VAL W 88 -8.85 99.72 68.72
C VAL W 88 -7.61 100.25 69.41
N ILE W 89 -7.29 99.70 70.57
CA ILE W 89 -6.10 100.12 71.31
C ILE W 89 -5.23 98.90 71.55
N PRO W 90 -4.01 98.87 71.01
CA PRO W 90 -3.19 97.66 71.12
C PRO W 90 -2.69 97.40 72.53
N ARG W 91 -2.08 96.23 72.71
CA ARG W 91 -1.58 95.82 74.01
C ARG W 91 -0.46 96.72 74.52
N VAL W 92 0.24 97.40 73.63
CA VAL W 92 1.46 98.12 73.98
C VAL W 92 1.23 99.61 74.17
N ALA W 93 -0.02 100.04 74.23
CA ALA W 93 -0.34 101.47 74.23
C ALA W 93 -0.29 102.03 75.65
N THR W 94 0.43 103.12 75.83
CA THR W 94 0.52 103.79 77.11
C THR W 94 -0.82 104.46 77.44
N ALA W 95 -1.01 104.77 78.72
CA ALA W 95 -2.26 105.35 79.20
C ALA W 95 -2.47 106.78 78.72
N THR W 96 -1.43 107.51 78.34
CA THR W 96 -1.58 108.84 77.79
C THR W 96 -1.67 108.85 76.28
N ASP W 97 -1.09 107.85 75.61
CA ASP W 97 -1.27 107.71 74.17
C ASP W 97 -2.72 107.41 73.84
N ARG W 98 -3.41 106.65 74.69
CA ARG W 98 -4.83 106.44 74.51
C ARG W 98 -5.59 107.75 74.49
N ALA W 99 -5.36 108.60 75.48
CA ALA W 99 -6.05 109.89 75.52
C ALA W 99 -5.69 110.74 74.31
N GLU W 100 -4.40 110.78 73.95
CA GLU W 100 -4.00 111.54 72.78
C GLU W 100 -4.75 111.08 71.54
N ALA W 101 -4.73 109.77 71.27
CA ALA W 101 -5.37 109.26 70.06
C ALA W 101 -6.86 109.52 70.07
N ILE W 102 -7.53 109.26 71.18
CA ILE W 102 -8.99 109.39 71.23
C ILE W 102 -9.40 110.84 71.05
N LYS W 103 -8.80 111.74 71.83
CA LYS W 103 -9.21 113.14 71.75
C LYS W 103 -8.74 113.80 70.46
N ARG W 104 -7.75 113.22 69.77
CA ARG W 104 -7.40 113.74 68.46
C ARG W 104 -8.37 113.26 67.39
N ALA W 105 -8.77 111.99 67.45
CA ALA W 105 -9.74 111.48 66.48
C ALA W 105 -11.08 112.18 66.63
N PHE W 106 -11.52 112.39 67.87
CA PHE W 106 -12.79 113.08 68.09
C PHE W 106 -12.68 114.58 67.85
N ASP W 107 -11.49 115.11 67.60
CA ASP W 107 -11.32 116.51 67.24
C ASP W 107 -11.44 116.76 65.75
N VAL W 108 -11.73 115.71 64.97
CA VAL W 108 -11.89 115.88 63.52
C VAL W 108 -13.04 116.83 63.23
N LEU W 109 -14.14 116.70 63.97
CA LEU W 109 -15.31 117.55 63.74
C LEU W 109 -14.96 119.03 63.81
N ASN W 110 -13.95 119.39 64.59
CA ASN W 110 -13.50 120.78 64.63
C ASN W 110 -12.52 121.10 63.50
N ALA W 111 -11.85 120.09 62.94
CA ALA W 111 -10.92 120.32 61.85
C ALA W 111 -11.61 120.12 60.50
N LEU W 112 -12.18 118.94 60.29
CA LEU W 112 -12.87 118.61 59.04
C LEU W 112 -14.36 118.93 59.17
N ASN W 113 -14.63 120.18 59.57
CA ASN W 113 -15.98 120.54 60.01
C ASN W 113 -16.96 120.61 58.85
N ALA W 114 -16.66 121.45 57.84
CA ALA W 114 -17.61 121.67 56.77
C ALA W 114 -17.88 120.41 55.95
N GLU W 115 -16.92 119.48 55.93
CA GLU W 115 -17.14 118.23 55.20
C GLU W 115 -18.04 117.26 55.94
N LEU W 116 -18.39 117.54 57.19
CA LEU W 116 -19.22 116.66 57.99
C LEU W 116 -20.55 117.30 58.37
N ILE W 117 -20.52 118.54 58.87
CA ILE W 117 -21.75 119.19 59.31
C ILE W 117 -22.68 119.47 58.13
N THR W 118 -22.13 119.96 57.02
CA THR W 118 -22.93 120.32 55.86
C THR W 118 -22.97 119.23 54.80
N GLY W 119 -21.97 118.37 54.73
CA GLY W 119 -21.97 117.28 53.79
C GLY W 119 -21.20 117.51 52.51
N GLU W 120 -20.45 118.61 52.42
CA GLU W 120 -19.70 118.91 51.21
C GLU W 120 -18.61 117.86 50.98
N GLY W 121 -17.93 118.00 49.87
CA GLY W 121 -16.68 117.28 49.64
C GLY W 121 -15.61 118.28 49.28
N GLN W 122 -14.41 118.03 49.77
CA GLN W 122 -13.31 118.97 49.55
C GLN W 122 -12.84 118.89 48.10
N TRP W 123 -12.63 120.05 47.50
CA TRP W 123 -12.28 120.12 46.08
C TRP W 123 -10.81 120.43 45.85
N ALA X 1 -14.11 123.14 52.30
CA ALA X 1 -13.13 123.91 51.53
C ALA X 1 -12.15 122.97 50.84
N ALA X 2 -11.13 123.53 50.21
CA ALA X 2 -10.17 122.72 49.48
C ALA X 2 -9.29 121.94 50.44
N ARG X 3 -8.63 120.91 49.89
CA ARG X 3 -7.70 120.12 50.69
C ARG X 3 -6.62 121.02 51.26
N SER X 4 -6.56 121.13 52.59
CA SER X 4 -5.58 122.00 53.22
C SER X 4 -4.90 121.28 54.39
N SER X 5 -4.19 122.02 55.22
CA SER X 5 -3.53 121.46 56.38
C SER X 5 -4.45 121.56 57.59
N ILE X 6 -4.72 120.42 58.21
CA ILE X 6 -5.59 120.35 59.39
C ILE X 6 -4.71 120.28 60.63
N VAL X 7 -5.28 120.71 61.76
CA VAL X 7 -4.53 120.94 62.98
C VAL X 7 -5.08 120.05 64.10
N LEU X 8 -5.43 118.81 63.75
CA LEU X 8 -5.92 117.82 64.71
C LEU X 8 -5.15 117.88 66.02
N THR X 9 -5.86 118.17 67.10
CA THR X 9 -5.25 118.39 68.41
C THR X 9 -6.03 117.65 69.47
N ASP X 10 -5.62 117.83 70.73
CA ASP X 10 -6.35 117.28 71.86
C ASP X 10 -6.45 118.25 73.02
N GLY X 11 -6.06 119.51 72.83
CA GLY X 11 -6.06 120.51 73.88
C GLY X 11 -4.67 120.84 74.40
N THR X 12 -3.73 119.91 74.32
CA THR X 12 -2.37 120.13 74.76
C THR X 12 -1.35 120.02 73.64
N THR X 13 -1.37 118.94 72.89
CA THR X 13 -0.34 118.66 71.88
C THR X 13 -0.96 118.61 70.49
N PRO X 14 -0.91 119.71 69.73
CA PRO X 14 -1.47 119.68 68.37
C PRO X 14 -0.57 118.92 67.41
N VAL X 15 -1.20 118.46 66.32
CA VAL X 15 -0.50 117.80 65.23
C VAL X 15 -1.06 118.34 63.92
N THR X 16 -0.18 118.74 63.02
CA THR X 16 -0.58 119.30 61.73
C THR X 16 -0.42 118.24 60.65
N LEU X 17 -1.47 118.03 59.86
CA LEU X 17 -1.49 117.01 58.82
C LEU X 17 -1.78 117.66 57.47
N THR X 18 -0.98 117.31 56.46
CA THR X 18 -1.14 117.82 55.11
C THR X 18 -1.43 116.69 54.14
N PRO X 19 -2.29 116.92 53.15
CA PRO X 19 -2.73 115.81 52.27
C PRO X 19 -1.57 115.14 51.57
N VAL X 20 -1.63 113.82 51.45
CA VAL X 20 -0.52 113.02 50.96
C VAL X 20 -1.04 112.14 49.82
N GLY X 21 -2.18 112.52 49.27
CA GLY X 21 -2.66 111.81 48.11
C GLY X 21 -4.16 111.66 48.16
N GLY X 22 -4.63 110.52 47.65
CA GLY X 22 -6.05 110.23 47.60
C GLY X 22 -6.61 110.19 46.20
N GLY X 23 -7.70 110.92 45.98
CA GLY X 23 -8.37 110.94 44.69
C GLY X 23 -9.67 111.71 44.74
N VAL X 24 -10.74 111.14 44.18
CA VAL X 24 -12.07 111.72 44.27
C VAL X 24 -12.85 110.97 45.35
N GLY X 25 -13.42 111.70 46.30
CA GLY X 25 -14.03 111.07 47.44
C GLY X 25 -13.03 110.27 48.24
N GLN X 26 -11.85 110.84 48.45
CA GLN X 26 -10.77 110.20 49.20
C GLN X 26 -9.71 111.25 49.46
N THR X 27 -9.14 111.23 50.68
CA THR X 27 -8.16 112.24 51.05
C THR X 27 -7.30 111.67 52.17
N LEU X 28 -6.04 111.38 51.86
CA LEU X 28 -5.10 110.95 52.86
C LEU X 28 -4.58 112.14 53.64
N TYR X 29 -3.89 111.84 54.74
CA TYR X 29 -3.24 112.87 55.54
C TYR X 29 -2.02 112.24 56.21
N ARG X 30 -1.13 113.10 56.71
CA ARG X 30 0.02 112.68 57.51
C ARG X 30 0.71 113.93 58.02
N ALA X 31 1.52 113.76 59.07
CA ALA X 31 2.21 114.86 59.71
C ALA X 31 3.64 114.99 59.17
N THR X 32 4.44 115.83 59.81
CA THR X 32 5.74 116.23 59.29
C THR X 32 6.88 115.30 59.69
N ALA X 33 6.82 114.72 60.89
CA ALA X 33 7.91 113.86 61.37
C ALA X 33 8.06 112.63 60.48
N GLU X 34 9.26 112.06 60.43
CA GLU X 34 9.57 110.97 59.52
C GLU X 34 10.10 109.76 60.28
N ALA X 35 9.68 108.58 59.84
CA ALA X 35 10.15 107.32 60.42
C ALA X 35 10.30 106.32 59.28
N LEU X 36 10.43 105.04 59.64
CA LEU X 36 10.68 103.98 58.66
C LEU X 36 9.44 103.15 58.39
N SER X 37 8.84 102.56 59.43
CA SER X 37 7.69 101.68 59.26
C SER X 37 6.37 102.44 59.35
N ALA X 38 6.12 103.08 60.50
CA ALA X 38 4.93 103.89 60.70
C ALA X 38 5.38 105.31 61.00
N ALA X 39 5.07 106.23 60.09
CA ALA X 39 5.62 107.58 60.21
C ALA X 39 4.84 108.41 61.22
N ASN X 40 3.56 108.65 60.95
CA ASN X 40 2.80 109.65 61.70
C ASN X 40 1.32 109.26 61.76
N PRO X 41 0.49 110.03 62.45
CA PRO X 41 -0.96 109.84 62.30
C PRO X 41 -1.40 110.05 60.87
N SER X 42 -2.33 109.22 60.41
CA SER X 42 -2.75 109.21 59.02
C SER X 42 -4.28 109.15 58.97
N LEU X 43 -4.91 110.30 58.82
CA LEU X 43 -6.36 110.43 58.84
C LEU X 43 -6.90 110.31 57.42
N SER X 44 -7.39 109.12 57.07
CA SER X 44 -8.01 108.93 55.77
C SER X 44 -9.49 109.30 55.84
N PHE X 45 -9.99 109.92 54.76
CA PHE X 45 -11.34 110.47 54.70
C PHE X 45 -11.98 110.02 53.39
N GLY X 46 -13.00 109.17 53.47
CA GLY X 46 -13.49 108.46 52.31
C GLY X 46 -14.93 108.70 51.88
N TYR X 47 -15.38 109.94 51.89
CA TYR X 47 -16.78 110.25 51.59
C TYR X 47 -17.17 109.81 50.19
N ARG X 48 -18.46 109.52 50.01
CA ARG X 48 -19.03 109.13 48.72
C ARG X 48 -20.54 109.27 48.81
N PHE X 49 -21.23 108.92 47.72
CA PHE X 49 -22.68 108.89 47.67
C PHE X 49 -23.13 107.51 47.19
N THR X 50 -24.44 107.33 47.06
CA THR X 50 -25.00 106.01 46.81
C THR X 50 -26.24 106.22 45.91
N ASP X 51 -27.10 105.19 45.86
CA ASP X 51 -28.30 105.25 45.02
C ASP X 51 -29.15 106.47 45.35
N GLY X 52 -29.43 106.69 46.63
CA GLY X 52 -30.09 107.88 47.08
C GLY X 52 -29.10 108.95 47.46
N GLY X 53 -29.54 109.85 48.34
CA GLY X 53 -28.63 110.84 48.88
C GLY X 53 -27.87 110.30 50.07
N THR X 54 -27.64 108.99 50.06
CA THR X 54 -27.04 108.32 51.21
C THR X 54 -25.57 108.68 51.33
N ASN X 55 -25.29 109.79 51.98
CA ASN X 55 -23.92 110.29 52.11
C ASN X 55 -23.15 109.34 53.02
N ARG X 56 -22.36 108.46 52.43
CA ARG X 56 -21.67 107.41 53.18
C ARG X 56 -20.23 107.85 53.47
N GLN X 57 -20.10 108.87 54.32
CA GLN X 57 -18.79 109.31 54.73
C GLN X 57 -18.11 108.24 55.59
N SER X 58 -16.80 108.31 55.65
CA SER X 58 -16.01 107.32 56.37
C SER X 58 -14.65 107.91 56.69
N LEU X 59 -14.18 107.66 57.91
CA LEU X 59 -12.91 108.20 58.38
C LEU X 59 -12.09 107.07 58.99
N SER X 60 -10.80 107.35 59.15
CA SER X 60 -9.93 106.45 59.88
C SER X 60 -8.68 107.18 60.34
N TYR X 61 -8.50 107.35 61.64
CA TYR X 61 -7.38 108.08 62.22
C TYR X 61 -6.47 107.10 62.92
N LYS X 62 -5.28 106.86 62.36
CA LYS X 62 -4.31 105.96 62.97
C LYS X 62 -3.17 106.80 63.55
N GLN X 63 -2.86 106.55 64.80
CA GLN X 63 -1.73 107.19 65.48
C GLN X 63 -0.75 106.12 65.92
N PRO X 64 0.50 106.14 65.47
CA PRO X 64 1.42 105.07 65.80
C PRO X 64 2.10 105.13 67.16
N ILE X 65 1.94 104.06 67.91
CA ILE X 65 2.56 103.90 69.22
C ILE X 65 4.03 103.66 68.96
N THR X 66 4.88 104.60 69.36
CA THR X 66 6.31 104.58 69.06
C THR X 66 7.12 105.08 70.25
N ALA X 67 8.37 104.64 70.33
CA ALA X 67 9.33 105.11 71.31
C ALA X 67 10.67 105.27 70.64
N VAL X 68 11.39 106.34 70.97
CA VAL X 68 12.63 106.68 70.29
C VAL X 68 13.76 105.83 70.83
N ASP X 69 14.42 105.08 69.95
CA ASP X 69 15.57 104.29 70.34
C ASP X 69 16.75 105.19 70.67
N SER X 70 17.71 104.62 71.39
CA SER X 70 18.95 105.33 71.69
C SER X 70 19.99 105.05 70.62
N THR X 71 20.76 106.09 70.28
CA THR X 71 21.86 106.06 69.32
C THR X 71 21.40 105.85 67.88
N THR X 72 20.11 105.64 67.63
CA THR X 72 19.60 105.45 66.28
C THR X 72 18.42 106.39 66.05
N SER X 73 18.40 107.00 64.87
CA SER X 73 17.34 107.95 64.50
C SER X 73 16.22 107.28 63.71
N GLU X 74 15.63 106.24 64.30
CA GLU X 74 14.55 105.50 63.64
C GLU X 74 13.28 105.42 64.48
N THR X 75 13.28 105.93 65.71
CA THR X 75 12.11 106.08 66.58
C THR X 75 11.16 104.88 66.46
N LEU X 76 11.64 103.71 66.87
CA LEU X 76 10.92 102.44 66.74
C LEU X 76 9.45 102.58 67.10
N VAL X 77 8.59 102.11 66.21
CA VAL X 77 7.14 102.13 66.40
C VAL X 77 6.69 100.77 66.94
N ARG X 78 5.74 100.80 67.86
CA ARG X 78 5.29 99.59 68.53
C ARG X 78 3.89 99.16 68.15
N GLY X 79 3.04 100.08 67.73
CA GLY X 79 1.68 99.75 67.36
C GLY X 79 0.94 100.90 66.72
N GLN X 80 -0.38 100.84 66.75
CA GLN X 80 -1.21 101.92 66.20
C GLN X 80 -2.60 101.93 66.81
N CYS X 81 -3.08 103.11 67.21
CA CYS X 81 -4.40 103.25 67.83
C CYS X 81 -5.40 103.63 66.74
N VAL X 82 -5.97 102.61 66.09
CA VAL X 82 -6.95 102.83 65.04
C VAL X 82 -8.24 103.37 65.64
N VAL X 83 -8.81 104.40 65.00
CA VAL X 83 -10.10 104.94 65.41
C VAL X 83 -10.95 105.20 64.17
N ASP X 84 -11.87 104.29 63.85
CA ASP X 84 -12.71 104.44 62.66
C ASP X 84 -13.98 105.20 63.01
N ILE X 85 -14.44 106.03 62.08
CA ILE X 85 -15.70 106.75 62.24
C ILE X 85 -16.49 106.70 60.94
N ASN X 86 -17.51 105.87 60.89
CA ASN X 86 -18.34 105.75 59.69
C ASN X 86 -19.67 106.45 59.90
N ILE X 87 -20.11 107.18 58.89
CA ILE X 87 -21.32 107.98 58.95
C ILE X 87 -22.21 107.62 57.77
N VAL X 88 -23.50 107.41 58.04
CA VAL X 88 -24.48 107.09 57.01
C VAL X 88 -25.68 108.00 57.23
N ILE X 89 -25.85 108.98 56.35
CA ILE X 89 -26.93 109.96 56.45
C ILE X 89 -27.89 109.73 55.29
N PRO X 90 -29.18 109.52 55.55
CA PRO X 90 -30.09 109.15 54.45
C PRO X 90 -30.41 110.32 53.54
N ARG X 91 -31.19 110.05 52.50
CA ARG X 91 -31.60 111.10 51.57
C ARG X 91 -32.54 112.11 52.21
N VAL X 92 -33.38 111.68 53.15
CA VAL X 92 -34.46 112.51 53.67
C VAL X 92 -33.99 113.35 54.85
N ALA X 93 -32.69 113.34 55.12
CA ALA X 93 -32.16 113.98 56.31
C ALA X 93 -31.96 115.47 56.06
N THR X 94 -32.81 116.27 56.67
CA THR X 94 -32.66 117.73 56.64
C THR X 94 -31.31 118.11 57.24
N ALA X 95 -30.68 119.13 56.66
CA ALA X 95 -29.33 119.50 57.09
C ALA X 95 -29.26 119.89 58.54
N THR X 96 -30.37 120.30 59.15
CA THR X 96 -30.38 120.49 60.60
C THR X 96 -30.30 119.16 61.33
N ASP X 97 -31.04 118.16 60.87
CA ASP X 97 -30.99 116.84 61.49
C ASP X 97 -29.61 116.22 61.36
N ARG X 98 -28.96 116.38 60.21
CA ARG X 98 -27.63 115.82 60.04
C ARG X 98 -26.63 116.49 60.98
N ALA X 99 -26.70 117.81 61.12
CA ALA X 99 -25.81 118.49 62.04
C ALA X 99 -26.05 118.03 63.47
N GLU X 100 -27.31 117.89 63.86
CA GLU X 100 -27.62 117.38 65.20
C GLU X 100 -27.05 115.99 65.40
N ALA X 101 -27.23 115.10 64.41
CA ALA X 101 -26.75 113.74 64.56
C ALA X 101 -25.24 113.69 64.70
N ILE X 102 -24.53 114.45 63.86
CA ILE X 102 -23.06 114.41 63.91
C ILE X 102 -22.56 114.99 65.22
N LYS X 103 -23.08 116.16 65.61
CA LYS X 103 -22.57 116.81 66.82
C LYS X 103 -22.96 116.06 68.08
N ARG X 104 -24.06 115.29 68.03
CA ARG X 104 -24.41 114.45 69.16
C ARG X 104 -23.57 113.18 69.22
N ALA X 105 -23.23 112.63 68.06
CA ALA X 105 -22.36 111.45 68.05
C ALA X 105 -20.97 111.80 68.54
N PHE X 106 -20.46 112.97 68.16
CA PHE X 106 -19.12 113.36 68.58
C PHE X 106 -19.09 113.94 69.99
N ASP X 107 -20.24 114.03 70.66
CA ASP X 107 -20.28 114.45 72.06
C ASP X 107 -20.25 113.26 73.01
N VAL X 108 -20.09 112.05 72.51
CA VAL X 108 -19.99 110.88 73.39
C VAL X 108 -18.77 111.00 74.28
N LEU X 109 -17.66 111.47 73.73
CA LEU X 109 -16.42 111.58 74.49
C LEU X 109 -16.59 112.42 75.75
N ASN X 110 -17.49 113.40 75.72
CA ASN X 110 -17.73 114.22 76.90
C ASN X 110 -18.77 113.63 77.84
N ALA X 111 -19.50 112.60 77.41
CA ALA X 111 -20.49 111.94 78.25
C ALA X 111 -20.04 110.57 78.69
N LEU X 112 -19.56 109.75 77.75
CA LEU X 112 -19.03 108.43 78.04
C LEU X 112 -17.50 108.50 78.14
N ASN X 113 -17.04 109.38 79.04
CA ASN X 113 -15.65 109.81 79.02
C ASN X 113 -14.71 108.74 79.57
N ALA X 114 -14.95 108.31 80.81
CA ALA X 114 -14.01 107.40 81.47
C ALA X 114 -13.89 106.07 80.73
N GLU X 115 -15.01 105.56 80.23
CA GLU X 115 -14.99 104.27 79.53
C GLU X 115 -14.16 104.33 78.26
N LEU X 116 -14.05 105.50 77.63
CA LEU X 116 -13.31 105.65 76.38
C LEU X 116 -11.85 106.01 76.61
N ILE X 117 -11.59 106.93 77.55
CA ILE X 117 -10.23 107.35 77.82
C ILE X 117 -9.49 106.29 78.63
N THR X 118 -10.04 105.94 79.80
CA THR X 118 -9.38 104.97 80.67
C THR X 118 -9.52 103.55 80.14
N GLY X 119 -10.68 103.19 79.62
CA GLY X 119 -10.87 101.88 79.04
C GLY X 119 -11.40 100.85 80.01
N GLU X 120 -12.46 101.20 80.73
CA GLU X 120 -12.95 100.38 81.82
C GLU X 120 -14.41 100.70 82.08
N GLY X 121 -15.05 99.85 82.89
CA GLY X 121 -16.31 100.24 83.50
C GLY X 121 -17.55 99.52 83.03
N GLN X 122 -18.69 100.19 83.18
CA GLN X 122 -20.01 99.64 82.92
C GLN X 122 -20.26 98.42 83.82
N TRP X 123 -20.35 98.69 85.11
CA TRP X 123 -20.62 97.66 86.09
C TRP X 123 -22.11 97.35 86.10
N ALA Y 1 -90.76 -84.47 41.06
CA ALA Y 1 -91.34 -85.61 40.37
C ALA Y 1 -91.55 -85.28 38.90
N ALA Y 2 -92.26 -86.15 38.20
CA ALA Y 2 -92.58 -85.89 36.80
C ALA Y 2 -93.51 -84.69 36.70
N ARG Y 3 -93.23 -83.81 35.74
CA ARG Y 3 -94.04 -82.61 35.58
C ARG Y 3 -95.46 -82.96 35.19
N SER Y 4 -96.42 -82.29 35.80
CA SER Y 4 -97.83 -82.56 35.56
C SER Y 4 -98.60 -81.25 35.72
N SER Y 5 -99.92 -81.37 35.87
CA SER Y 5 -100.77 -80.21 36.08
C SER Y 5 -100.91 -79.93 37.57
N ILE Y 6 -101.21 -78.68 37.89
CA ILE Y 6 -101.40 -78.24 39.27
C ILE Y 6 -102.70 -77.45 39.36
N VAL Y 7 -103.29 -77.44 40.55
CA VAL Y 7 -104.69 -77.06 40.72
C VAL Y 7 -104.74 -75.90 41.72
N LEU Y 8 -103.76 -74.98 41.63
CA LEU Y 8 -103.73 -73.77 42.46
C LEU Y 8 -105.12 -73.20 42.67
N THR Y 9 -105.47 -72.98 43.93
CA THR Y 9 -106.81 -72.55 44.31
C THR Y 9 -106.74 -71.55 45.45
N ASP Y 10 -107.88 -70.97 45.77
CA ASP Y 10 -108.01 -70.11 46.94
C ASP Y 10 -109.33 -70.40 47.65
N GLY Y 11 -109.80 -71.64 47.55
CA GLY Y 11 -110.98 -72.06 48.26
C GLY Y 11 -112.26 -71.96 47.46
N THR Y 12 -112.31 -71.06 46.48
CA THR Y 12 -113.53 -70.86 45.70
C THR Y 12 -113.34 -70.99 44.20
N THR Y 13 -112.21 -70.52 43.65
CA THR Y 13 -111.99 -70.54 42.21
C THR Y 13 -110.66 -71.22 41.91
N PRO Y 14 -110.66 -72.54 41.78
CA PRO Y 14 -109.42 -73.24 41.42
C PRO Y 14 -108.97 -72.89 40.03
N VAL Y 15 -107.66 -72.99 39.82
CA VAL Y 15 -107.03 -72.70 38.54
C VAL Y 15 -106.15 -73.90 38.17
N THR Y 16 -106.41 -74.49 37.01
CA THR Y 16 -105.60 -75.61 36.54
C THR Y 16 -104.50 -75.07 35.64
N LEU Y 17 -103.26 -75.31 36.04
CA LEU Y 17 -102.09 -74.89 35.28
C LEU Y 17 -101.43 -76.11 34.65
N THR Y 18 -100.86 -75.92 33.47
CA THR Y 18 -100.22 -76.98 32.73
C THR Y 18 -98.82 -76.52 32.33
N PRO Y 19 -97.86 -77.45 32.25
CA PRO Y 19 -96.49 -77.05 31.90
C PRO Y 19 -96.33 -76.80 30.41
N VAL Y 20 -95.94 -75.58 30.04
CA VAL Y 20 -95.89 -75.21 28.63
C VAL Y 20 -94.51 -74.73 28.26
N GLY Y 21 -93.50 -75.16 29.00
CA GLY Y 21 -92.14 -74.77 28.68
C GLY Y 21 -91.23 -75.00 29.86
N GLY Y 22 -90.06 -74.36 29.79
CA GLY Y 22 -89.09 -74.46 30.86
C GLY Y 22 -87.71 -74.85 30.36
N GLY Y 23 -87.07 -75.75 31.08
CA GLY Y 23 -85.73 -76.19 30.71
C GLY Y 23 -85.14 -77.06 31.79
N VAL Y 24 -83.84 -76.88 32.02
CA VAL Y 24 -83.15 -77.57 33.09
C VAL Y 24 -83.15 -76.64 34.31
N GLY Y 25 -83.71 -77.13 35.42
CA GLY Y 25 -83.88 -76.30 36.59
C GLY Y 25 -84.88 -75.18 36.38
N GLN Y 26 -85.98 -75.48 35.69
CA GLN Y 26 -87.02 -74.50 35.41
C GLN Y 26 -88.23 -75.23 34.85
N THR Y 27 -89.42 -74.72 35.16
CA THR Y 27 -90.65 -75.32 34.64
C THR Y 27 -91.75 -74.26 34.66
N LEU Y 28 -92.00 -73.66 33.49
CA LEU Y 28 -93.09 -72.71 33.38
C LEU Y 28 -94.43 -73.42 33.42
N TYR Y 29 -95.45 -72.69 33.88
CA TYR Y 29 -96.81 -73.17 33.89
C TYR Y 29 -97.71 -72.08 33.33
N ARG Y 30 -98.88 -72.48 32.85
CA ARG Y 30 -99.86 -71.50 32.40
C ARG Y 30 -101.25 -72.10 32.54
N ALA Y 31 -102.22 -71.26 32.88
CA ALA Y 31 -103.59 -71.72 32.98
C ALA Y 31 -104.11 -72.12 31.60
N THR Y 32 -104.94 -73.16 31.58
CA THR Y 32 -105.40 -73.71 30.31
C THR Y 32 -106.07 -72.65 29.45
N ALA Y 33 -107.20 -72.14 29.93
CA ALA Y 33 -107.87 -71.00 29.29
C ALA Y 33 -108.86 -70.41 30.27
N GLU Y 34 -108.64 -69.16 30.68
CA GLU Y 34 -109.65 -68.47 31.48
C GLU Y 34 -110.72 -67.85 30.58
N ALA Y 35 -110.33 -66.83 29.82
CA ALA Y 35 -111.21 -66.29 28.77
C ALA Y 35 -110.47 -65.87 27.50
N LEU Y 36 -109.16 -65.71 27.54
CA LEU Y 36 -108.35 -65.27 26.42
C LEU Y 36 -106.88 -65.44 26.82
N SER Y 37 -105.97 -65.04 25.94
CA SER Y 37 -104.57 -65.01 26.29
C SER Y 37 -104.24 -63.69 26.97
N ALA Y 38 -103.12 -63.68 27.70
CA ALA Y 38 -102.66 -62.59 28.55
C ALA Y 38 -103.55 -62.37 29.76
N ALA Y 39 -104.65 -63.10 29.89
CA ALA Y 39 -105.51 -63.07 31.05
C ALA Y 39 -105.46 -64.41 31.78
N ASN Y 40 -104.31 -65.07 31.71
CA ASN Y 40 -104.12 -66.38 32.30
C ASN Y 40 -102.96 -66.35 33.27
N PRO Y 41 -103.14 -66.84 34.49
CA PRO Y 41 -102.04 -66.85 35.46
C PRO Y 41 -100.93 -67.81 35.07
N SER Y 42 -99.73 -67.51 35.57
CA SER Y 42 -98.58 -68.36 35.31
C SER Y 42 -97.84 -68.60 36.62
N LEU Y 43 -97.12 -69.72 36.70
CA LEU Y 43 -96.48 -70.19 37.92
C LEU Y 43 -95.03 -70.61 37.64
N SER Y 44 -94.23 -69.70 37.09
CA SER Y 44 -92.84 -70.01 36.81
C SER Y 44 -92.15 -70.56 38.05
N PHE Y 45 -91.40 -71.64 37.87
CA PHE Y 45 -90.80 -72.34 39.00
C PHE Y 45 -89.41 -72.84 38.62
N GLY Y 46 -88.39 -72.30 39.27
CA GLY Y 46 -87.02 -72.72 39.05
C GLY Y 46 -86.42 -73.37 40.29
N TYR Y 47 -85.27 -74.00 40.08
CA TYR Y 47 -84.57 -74.72 41.15
C TYR Y 47 -83.16 -75.01 40.68
N ARG Y 48 -82.19 -74.85 41.59
CA ARG Y 48 -80.80 -75.09 41.24
C ARG Y 48 -80.01 -75.30 42.51
N PHE Y 49 -78.83 -75.88 42.35
CA PHE Y 49 -77.89 -76.11 43.44
C PHE Y 49 -76.63 -75.29 43.18
N THR Y 50 -76.22 -74.50 44.17
CA THR Y 50 -74.96 -73.77 44.07
C THR Y 50 -73.80 -74.68 44.42
N ASP Y 51 -72.64 -74.10 44.73
CA ASP Y 51 -71.46 -74.87 45.10
C ASP Y 51 -71.78 -75.89 46.20
N GLY Y 52 -72.49 -75.46 47.23
CA GLY Y 52 -72.95 -76.36 48.27
C GLY Y 52 -74.27 -77.00 47.90
N GLY Y 53 -74.85 -77.70 48.87
CA GLY Y 53 -76.14 -78.33 48.66
C GLY Y 53 -77.27 -77.36 48.92
N THR Y 54 -77.00 -76.08 48.71
CA THR Y 54 -77.98 -75.03 48.97
C THR Y 54 -79.08 -75.11 47.92
N ASN Y 55 -80.21 -75.68 48.32
CA ASN Y 55 -81.31 -75.92 47.40
C ASN Y 55 -82.06 -74.63 47.09
N ARG Y 56 -81.45 -73.76 46.27
CA ARG Y 56 -82.05 -72.46 45.94
C ARG Y 56 -83.20 -72.63 44.97
N GLN Y 57 -84.35 -72.99 45.51
CA GLN Y 57 -85.57 -73.00 44.72
C GLN Y 57 -86.13 -71.59 44.59
N SER Y 58 -86.97 -71.38 43.58
CA SER Y 58 -87.55 -70.08 43.34
C SER Y 58 -88.89 -70.24 42.65
N LEU Y 59 -89.81 -69.32 42.97
CA LEU Y 59 -91.15 -69.34 42.38
C LEU Y 59 -91.52 -67.93 41.94
N SER Y 60 -92.51 -67.87 41.05
CA SER Y 60 -93.04 -66.59 40.60
C SER Y 60 -94.43 -66.85 40.04
N TYR Y 61 -95.46 -66.43 40.77
CA TYR Y 61 -96.84 -66.55 40.33
C TYR Y 61 -97.32 -65.17 39.88
N LYS Y 62 -97.78 -65.09 38.64
CA LYS Y 62 -98.26 -63.84 38.06
C LYS Y 62 -99.70 -64.01 37.64
N GLN Y 63 -100.58 -63.19 38.22
CA GLN Y 63 -101.99 -63.22 37.89
C GLN Y 63 -102.37 -61.88 37.27
N PRO Y 64 -102.78 -61.83 36.00
CA PRO Y 64 -103.07 -60.56 35.35
C PRO Y 64 -104.46 -60.05 35.66
N ILE Y 65 -104.59 -58.73 35.70
CA ILE Y 65 -105.79 -58.05 36.12
C ILE Y 65 -106.52 -57.58 34.87
N THR Y 66 -107.68 -58.15 34.61
CA THR Y 66 -108.41 -57.88 33.38
C THR Y 66 -109.68 -57.09 33.68
N ALA Y 67 -110.08 -56.26 32.72
CA ALA Y 67 -111.24 -55.40 32.88
C ALA Y 67 -111.81 -55.08 31.51
N VAL Y 68 -113.13 -54.85 31.47
CA VAL Y 68 -113.80 -54.58 30.20
C VAL Y 68 -113.45 -53.17 29.72
N ASP Y 69 -113.57 -52.98 28.40
CA ASP Y 69 -113.23 -51.72 27.73
C ASP Y 69 -114.43 -51.26 26.91
N SER Y 70 -115.58 -51.13 27.58
CA SER Y 70 -116.90 -50.94 26.99
C SER Y 70 -116.93 -50.01 25.78
N THR Y 71 -116.05 -49.00 25.75
CA THR Y 71 -115.92 -48.20 24.54
C THR Y 71 -115.61 -49.06 23.32
N THR Y 72 -114.90 -50.18 23.52
CA THR Y 72 -114.68 -51.17 22.48
C THR Y 72 -115.13 -52.56 22.87
N SER Y 73 -115.43 -52.81 24.14
CA SER Y 73 -115.90 -54.09 24.65
C SER Y 73 -114.86 -55.21 24.49
N GLU Y 74 -113.59 -54.86 24.48
CA GLU Y 74 -112.49 -55.81 24.39
C GLU Y 74 -111.83 -55.94 25.75
N THR Y 75 -111.67 -57.17 26.23
CA THR Y 75 -111.26 -57.44 27.60
C THR Y 75 -109.75 -57.21 27.76
N LEU Y 76 -109.39 -55.93 27.84
CA LEU Y 76 -107.99 -55.54 27.98
C LEU Y 76 -107.47 -55.88 29.37
N VAL Y 77 -106.16 -56.05 29.47
CA VAL Y 77 -105.48 -56.33 30.74
C VAL Y 77 -104.69 -55.09 31.14
N ARG Y 78 -104.82 -54.69 32.40
CA ARG Y 78 -104.17 -53.48 32.89
C ARG Y 78 -102.78 -53.75 33.46
N GLY Y 79 -102.70 -54.61 34.48
CA GLY Y 79 -101.43 -54.96 35.11
C GLY Y 79 -101.43 -56.38 35.62
N GLN Y 80 -100.56 -56.71 36.56
CA GLN Y 80 -100.48 -58.07 37.09
C GLN Y 80 -100.04 -58.04 38.54
N CYS Y 81 -100.53 -59.02 39.31
CA CYS Y 81 -100.08 -59.26 40.68
C CYS Y 81 -99.00 -60.32 40.66
N VAL Y 82 -97.87 -60.03 41.31
CA VAL Y 82 -96.69 -60.88 41.28
C VAL Y 82 -96.40 -61.34 42.70
N VAL Y 83 -96.21 -62.65 42.88
CA VAL Y 83 -95.82 -63.21 44.16
C VAL Y 83 -94.58 -64.07 43.93
N ASP Y 84 -93.49 -63.74 44.61
CA ASP Y 84 -92.24 -64.48 44.48
C ASP Y 84 -91.93 -65.16 45.81
N ILE Y 85 -91.90 -66.49 45.80
CA ILE Y 85 -91.53 -67.24 47.00
C ILE Y 85 -90.19 -67.91 46.78
N ASN Y 86 -89.12 -67.24 47.18
CA ASN Y 86 -87.79 -67.83 47.10
C ASN Y 86 -87.51 -68.66 48.34
N ILE Y 87 -86.79 -69.76 48.15
CA ILE Y 87 -86.44 -70.68 49.22
C ILE Y 87 -84.98 -71.04 49.10
N VAL Y 88 -84.25 -70.99 50.22
CA VAL Y 88 -82.85 -71.38 50.25
C VAL Y 88 -82.64 -72.27 51.47
N ILE Y 89 -82.22 -73.51 51.23
CA ILE Y 89 -81.95 -74.48 52.28
C ILE Y 89 -80.53 -74.99 52.08
N PRO Y 90 -79.62 -74.80 53.03
CA PRO Y 90 -78.22 -75.20 52.82
C PRO Y 90 -78.06 -76.71 52.94
N ARG Y 91 -76.85 -77.16 52.59
CA ARG Y 91 -76.54 -78.59 52.70
C ARG Y 91 -76.63 -79.08 54.13
N VAL Y 92 -76.24 -78.26 55.09
CA VAL Y 92 -76.13 -78.67 56.49
C VAL Y 92 -77.50 -78.87 57.11
N ALA Y 93 -78.55 -78.59 56.34
CA ALA Y 93 -79.91 -78.69 56.86
C ALA Y 93 -80.37 -80.13 56.89
N THR Y 94 -80.91 -80.56 58.03
CA THR Y 94 -81.47 -81.89 58.13
C THR Y 94 -82.80 -81.95 57.38
N ALA Y 95 -83.32 -83.17 57.25
CA ALA Y 95 -84.57 -83.37 56.53
C ALA Y 95 -85.78 -82.78 57.24
N THR Y 96 -85.69 -82.53 58.54
CA THR Y 96 -86.82 -81.99 59.29
C THR Y 96 -86.79 -80.48 59.43
N ASP Y 97 -85.61 -79.87 59.34
CA ASP Y 97 -85.53 -78.41 59.40
C ASP Y 97 -86.08 -77.78 58.13
N ARG Y 98 -85.87 -78.43 56.98
CA ARG Y 98 -86.39 -77.90 55.73
C ARG Y 98 -87.91 -77.86 55.75
N ALA Y 99 -88.55 -78.96 56.13
CA ALA Y 99 -90.01 -79.00 56.20
C ALA Y 99 -90.54 -77.99 57.20
N GLU Y 100 -89.91 -77.92 58.38
CA GLU Y 100 -90.30 -76.95 59.40
C GLU Y 100 -90.26 -75.53 58.85
N ALA Y 101 -89.13 -75.16 58.24
CA ALA Y 101 -88.98 -73.80 57.73
C ALA Y 101 -90.00 -73.50 56.64
N ILE Y 102 -90.17 -74.42 55.70
CA ILE Y 102 -91.07 -74.16 54.58
C ILE Y 102 -92.51 -73.99 55.08
N LYS Y 103 -92.98 -74.92 55.90
CA LYS Y 103 -94.35 -74.85 56.37
C LYS Y 103 -94.58 -73.63 57.25
N ARG Y 104 -93.63 -73.31 58.13
CA ARG Y 104 -93.79 -72.14 58.98
C ARG Y 104 -93.85 -70.87 58.16
N ALA Y 105 -92.94 -70.71 57.20
CA ALA Y 105 -92.94 -69.51 56.38
C ALA Y 105 -94.19 -69.40 55.52
N PHE Y 106 -94.76 -70.52 55.10
CA PHE Y 106 -96.01 -70.47 54.36
C PHE Y 106 -97.21 -70.23 55.27
N ASP Y 107 -97.07 -70.46 56.57
CA ASP Y 107 -98.14 -70.15 57.52
C ASP Y 107 -98.27 -68.66 57.81
N VAL Y 108 -97.48 -67.81 57.14
CA VAL Y 108 -97.53 -66.38 57.41
C VAL Y 108 -98.91 -65.83 57.09
N LEU Y 109 -99.47 -66.20 55.93
CA LEU Y 109 -100.77 -65.68 55.54
C LEU Y 109 -101.85 -66.01 56.56
N ASN Y 110 -101.78 -67.20 57.16
CA ASN Y 110 -102.70 -67.50 58.25
C ASN Y 110 -102.40 -66.64 59.47
N ALA Y 111 -101.11 -66.39 59.76
CA ALA Y 111 -100.76 -65.57 60.92
C ALA Y 111 -100.84 -64.09 60.62
N LEU Y 112 -100.02 -63.60 59.69
CA LEU Y 112 -99.93 -62.18 59.37
C LEU Y 112 -100.88 -61.83 58.23
N ASN Y 113 -102.18 -62.02 58.50
CA ASN Y 113 -103.17 -62.01 57.42
C ASN Y 113 -103.47 -60.61 56.93
N ALA Y 114 -104.00 -59.75 57.81
CA ALA Y 114 -104.64 -58.52 57.39
C ALA Y 114 -103.72 -57.58 56.62
N GLU Y 115 -102.41 -57.64 56.85
CA GLU Y 115 -101.49 -56.76 56.16
C GLU Y 115 -101.11 -57.27 54.77
N LEU Y 116 -101.43 -58.52 54.46
CA LEU Y 116 -101.19 -59.08 53.13
C LEU Y 116 -102.43 -59.07 52.26
N ILE Y 117 -103.54 -59.61 52.77
CA ILE Y 117 -104.77 -59.72 51.99
C ILE Y 117 -105.29 -58.33 51.63
N THR Y 118 -105.31 -57.43 52.62
CA THR Y 118 -105.96 -56.13 52.46
C THR Y 118 -105.00 -55.04 51.98
N GLY Y 119 -103.71 -55.15 52.30
CA GLY Y 119 -102.74 -54.17 51.86
C GLY Y 119 -102.49 -53.02 52.81
N GLU Y 120 -103.14 -53.00 53.96
CA GLU Y 120 -102.95 -51.92 54.92
C GLU Y 120 -101.54 -51.97 55.51
N GLY Y 121 -101.00 -50.79 55.80
CA GLY Y 121 -99.69 -50.67 56.38
C GLY Y 121 -99.79 -50.58 57.89
N GLN Y 122 -99.20 -51.56 58.57
CA GLN Y 122 -99.30 -51.61 60.02
C GLN Y 122 -98.56 -50.45 60.66
N TRP Y 123 -99.10 -49.98 61.79
CA TRP Y 123 -98.55 -48.81 62.47
C TRP Y 123 -97.89 -49.21 63.79
N ALA Z 1 -104.71 -84.24 28.52
CA ALA Z 1 -103.69 -83.64 27.67
C ALA Z 1 -102.33 -84.26 27.92
N ALA Z 2 -102.32 -85.45 28.52
CA ALA Z 2 -101.10 -86.21 28.75
C ALA Z 2 -100.68 -86.91 27.47
N ARG Z 3 -99.42 -87.35 27.45
CA ARG Z 3 -98.87 -88.00 26.27
C ARG Z 3 -99.34 -89.44 26.19
N SER Z 4 -99.98 -89.78 25.07
CA SER Z 4 -100.46 -91.13 24.82
C SER Z 4 -100.47 -91.37 23.32
N SER Z 5 -100.80 -92.59 22.93
CA SER Z 5 -100.82 -92.94 21.52
C SER Z 5 -101.97 -92.23 20.82
N ILE Z 6 -101.70 -91.75 19.60
CA ILE Z 6 -102.70 -91.09 18.78
C ILE Z 6 -102.91 -91.91 17.50
N VAL Z 7 -104.10 -91.78 16.93
CA VAL Z 7 -104.59 -92.73 15.94
C VAL Z 7 -104.89 -92.02 14.62
N LEU Z 8 -104.02 -91.09 14.23
CA LEU Z 8 -104.11 -90.41 12.94
C LEU Z 8 -104.60 -91.35 11.85
N THR Z 9 -105.62 -90.91 11.11
CA THR Z 9 -106.22 -91.75 10.08
C THR Z 9 -106.72 -90.88 8.94
N ASP Z 10 -106.79 -91.47 7.76
CA ASP Z 10 -107.30 -90.80 6.58
C ASP Z 10 -108.71 -91.26 6.21
N GLY Z 11 -109.24 -92.27 6.90
CA GLY Z 11 -110.53 -92.82 6.58
C GLY Z 11 -110.44 -94.27 6.20
N THR Z 12 -109.39 -94.63 5.47
CA THR Z 12 -109.21 -96.01 5.01
C THR Z 12 -108.32 -96.81 5.95
N THR Z 13 -107.08 -96.36 6.16
CA THR Z 13 -106.11 -97.10 6.97
C THR Z 13 -105.64 -96.21 8.11
N PRO Z 14 -106.01 -96.51 9.36
CA PRO Z 14 -105.48 -95.74 10.49
C PRO Z 14 -104.06 -96.15 10.82
N VAL Z 15 -103.27 -95.17 11.26
CA VAL Z 15 -101.92 -95.40 11.73
C VAL Z 15 -101.84 -94.91 13.17
N THR Z 16 -101.30 -95.76 14.05
CA THR Z 16 -101.22 -95.47 15.48
C THR Z 16 -99.81 -95.01 15.81
N LEU Z 17 -99.66 -93.75 16.19
CA LEU Z 17 -98.37 -93.19 16.57
C LEU Z 17 -98.24 -93.22 18.08
N THR Z 18 -97.11 -93.72 18.58
CA THR Z 18 -96.84 -93.73 20.01
C THR Z 18 -95.71 -92.76 20.32
N PRO Z 19 -95.70 -92.15 21.50
CA PRO Z 19 -94.61 -91.22 21.83
C PRO Z 19 -93.27 -91.94 21.87
N VAL Z 20 -92.22 -91.24 21.43
CA VAL Z 20 -90.87 -91.78 21.48
C VAL Z 20 -89.94 -90.74 22.07
N GLY Z 21 -90.49 -89.77 22.81
CA GLY Z 21 -89.64 -88.84 23.52
C GLY Z 21 -90.04 -87.39 23.41
N GLY Z 22 -89.05 -86.51 23.53
CA GLY Z 22 -89.27 -85.08 23.34
C GLY Z 22 -88.96 -84.22 24.54
N GLY Z 23 -89.40 -84.63 25.73
CA GLY Z 23 -89.21 -83.80 26.89
C GLY Z 23 -90.21 -82.66 26.98
N VAL Z 24 -89.81 -81.53 27.56
CA VAL Z 24 -90.70 -80.40 27.76
C VAL Z 24 -90.59 -79.48 26.54
N GLY Z 25 -91.73 -78.93 26.13
CA GLY Z 25 -91.76 -78.07 24.97
C GLY Z 25 -91.91 -78.78 23.65
N GLN Z 26 -91.97 -80.11 23.64
CA GLN Z 26 -92.14 -80.85 22.39
C GLN Z 26 -92.55 -82.27 22.71
N THR Z 27 -92.91 -83.01 21.67
CA THR Z 27 -93.28 -84.42 21.79
C THR Z 27 -93.13 -85.06 20.43
N LEU Z 28 -92.28 -86.07 20.33
CA LEU Z 28 -92.11 -86.80 19.09
C LEU Z 28 -92.92 -88.09 19.12
N TYR Z 29 -93.58 -88.39 18.01
CA TYR Z 29 -94.37 -89.59 17.88
C TYR Z 29 -93.77 -90.46 16.78
N ARG Z 30 -94.15 -91.73 16.77
CA ARG Z 30 -93.74 -92.63 15.71
C ARG Z 30 -94.56 -93.91 15.76
N ALA Z 31 -94.98 -94.41 14.60
CA ALA Z 31 -95.70 -95.66 14.53
C ALA Z 31 -94.74 -96.83 14.60
N THR Z 32 -95.27 -98.04 14.65
CA THR Z 32 -94.40 -99.22 14.71
C THR Z 32 -93.89 -99.60 13.32
N ALA Z 33 -94.79 -100.07 12.47
CA ALA Z 33 -94.47 -100.56 11.11
C ALA Z 33 -93.13 -101.28 11.11
N GLU Z 34 -92.96 -102.19 12.06
CA GLU Z 34 -91.66 -102.71 12.43
C GLU Z 34 -91.02 -103.43 11.25
N ALA Z 35 -89.69 -103.44 11.23
CA ALA Z 35 -88.93 -104.15 10.21
C ALA Z 35 -89.30 -103.63 8.81
N LEU Z 36 -88.88 -102.39 8.54
CA LEU Z 36 -87.83 -101.62 9.20
C LEU Z 36 -88.37 -100.65 10.24
N SER Z 37 -87.50 -100.17 11.13
CA SER Z 37 -87.91 -99.26 12.19
C SER Z 37 -87.91 -97.79 11.76
N ALA Z 38 -87.17 -97.45 10.71
CA ALA Z 38 -87.13 -96.09 10.20
C ALA Z 38 -88.11 -95.86 9.07
N ALA Z 39 -88.87 -96.88 8.67
CA ALA Z 39 -89.85 -96.75 7.61
C ALA Z 39 -91.27 -96.67 8.18
N ASN Z 40 -91.54 -95.62 8.95
CA ASN Z 40 -92.87 -95.40 9.50
C ASN Z 40 -93.04 -93.92 9.80
N PRO Z 41 -94.26 -93.42 9.81
CA PRO Z 41 -94.48 -91.98 9.95
C PRO Z 41 -94.16 -91.47 11.35
N SER Z 42 -93.97 -90.15 11.42
CA SER Z 42 -93.64 -89.49 12.68
C SER Z 42 -94.34 -88.14 12.72
N LEU Z 43 -94.54 -87.62 13.93
CA LEU Z 43 -95.36 -86.43 14.17
C LEU Z 43 -94.66 -85.46 15.14
N SER Z 44 -93.46 -85.03 14.81
CA SER Z 44 -92.74 -84.11 15.70
C SER Z 44 -93.59 -82.88 16.00
N PHE Z 45 -94.01 -82.74 17.25
CA PHE Z 45 -94.93 -81.68 17.67
C PHE Z 45 -94.31 -80.88 18.80
N GLY Z 46 -94.07 -79.59 18.55
CA GLY Z 46 -93.52 -78.70 19.55
C GLY Z 46 -94.43 -77.50 19.81
N TYR Z 47 -94.14 -76.80 20.90
CA TYR Z 47 -94.94 -75.67 21.34
C TYR Z 47 -94.15 -74.87 22.35
N ARG Z 48 -94.41 -73.57 22.41
CA ARG Z 48 -93.72 -72.70 23.36
C ARG Z 48 -94.49 -71.38 23.46
N PHE Z 49 -94.13 -70.57 24.44
CA PHE Z 49 -94.67 -69.24 24.64
C PHE Z 49 -93.52 -68.24 24.66
N THR Z 50 -93.62 -67.18 23.88
CA THR Z 50 -92.58 -66.17 23.81
C THR Z 50 -92.73 -65.17 24.95
N ASP Z 51 -92.06 -64.03 24.81
CA ASP Z 51 -92.13 -62.97 25.82
C ASP Z 51 -93.58 -62.60 26.14
N GLY Z 52 -94.42 -62.51 25.11
CA GLY Z 52 -95.82 -62.26 25.33
C GLY Z 52 -96.58 -63.56 25.57
N GLY Z 53 -97.82 -63.61 25.14
CA GLY Z 53 -98.59 -64.84 25.22
C GLY Z 53 -98.66 -65.51 23.87
N THR Z 54 -97.73 -65.15 22.99
CA THR Z 54 -97.74 -65.64 21.61
C THR Z 54 -97.43 -67.12 21.61
N ASN Z 55 -98.47 -67.93 21.48
CA ASN Z 55 -98.34 -69.38 21.46
C ASN Z 55 -97.90 -69.80 20.06
N ARG Z 56 -96.70 -70.39 19.96
CA ARG Z 56 -96.15 -70.83 18.69
C ARG Z 56 -96.09 -72.35 18.67
N GLN Z 57 -97.17 -72.97 18.20
CA GLN Z 57 -97.18 -74.40 18.04
C GLN Z 57 -96.64 -74.78 16.67
N SER Z 58 -96.14 -76.01 16.56
CA SER Z 58 -95.50 -76.44 15.32
C SER Z 58 -95.55 -77.95 15.15
N LEU Z 59 -96.17 -78.44 14.09
CA LEU Z 59 -96.26 -79.87 13.84
C LEU Z 59 -95.53 -80.20 12.56
N SER Z 60 -94.90 -81.36 12.54
CA SER Z 60 -94.21 -81.83 11.35
C SER Z 60 -94.49 -83.32 11.22
N TYR Z 61 -95.27 -83.69 10.22
CA TYR Z 61 -95.65 -85.08 9.99
C TYR Z 61 -94.89 -85.58 8.78
N LYS Z 62 -94.11 -86.63 8.97
CA LYS Z 62 -93.30 -87.22 7.92
C LYS Z 62 -93.75 -88.65 7.68
N GLN Z 63 -94.08 -88.98 6.44
CA GLN Z 63 -94.44 -90.34 6.08
C GLN Z 63 -93.46 -90.85 5.03
N PRO Z 64 -92.65 -91.86 5.33
CA PRO Z 64 -91.71 -92.36 4.33
C PRO Z 64 -92.37 -93.32 3.37
N ILE Z 65 -91.82 -93.36 2.15
CA ILE Z 65 -92.35 -94.16 1.06
C ILE Z 65 -91.54 -95.44 1.01
N THR Z 66 -92.18 -96.56 1.32
CA THR Z 66 -91.52 -97.85 1.40
C THR Z 66 -91.66 -98.61 0.09
N ALA Z 67 -90.81 -99.64 -0.06
CA ALA Z 67 -90.85 -100.48 -1.25
C ALA Z 67 -90.21 -101.81 -0.88
N VAL Z 68 -91.02 -102.85 -0.74
CA VAL Z 68 -90.52 -104.15 -0.31
C VAL Z 68 -89.80 -104.81 -1.48
N ASP Z 69 -88.48 -104.94 -1.37
CA ASP Z 69 -87.64 -105.49 -2.43
C ASP Z 69 -87.75 -107.01 -2.38
N SER Z 70 -88.57 -107.57 -3.27
CA SER Z 70 -88.84 -109.01 -3.24
C SER Z 70 -87.60 -109.84 -3.48
N THR Z 71 -86.60 -109.31 -4.18
CA THR Z 71 -85.37 -110.05 -4.44
C THR Z 71 -84.65 -110.37 -3.13
N THR Z 72 -84.44 -109.36 -2.29
CA THR Z 72 -83.71 -109.50 -1.04
C THR Z 72 -84.64 -109.64 0.16
N SER Z 73 -85.89 -109.23 0.03
CA SER Z 73 -86.88 -109.23 1.11
C SER Z 73 -86.46 -108.28 2.23
N GLU Z 74 -86.22 -107.04 1.85
CA GLU Z 74 -85.93 -105.96 2.79
C GLU Z 74 -86.69 -104.72 2.36
N THR Z 75 -87.06 -103.90 3.34
CA THR Z 75 -87.82 -102.69 3.06
C THR Z 75 -86.85 -101.54 2.78
N LEU Z 76 -87.05 -100.86 1.66
CA LEU Z 76 -86.21 -99.74 1.27
C LEU Z 76 -87.02 -98.46 1.36
N VAL Z 77 -86.37 -97.37 1.75
CA VAL Z 77 -87.01 -96.08 1.91
C VAL Z 77 -86.57 -95.19 0.76
N ARG Z 78 -87.52 -94.75 -0.05
CA ARG Z 78 -87.23 -93.97 -1.25
C ARG Z 78 -87.30 -92.48 -1.02
N GLY Z 79 -88.08 -92.04 -0.04
CA GLY Z 79 -88.24 -90.63 0.23
C GLY Z 79 -89.28 -90.45 1.31
N GLN Z 80 -89.68 -89.20 1.55
CA GLN Z 80 -90.70 -88.96 2.55
C GLN Z 80 -91.55 -87.76 2.18
N CYS Z 81 -92.86 -87.91 2.37
CA CYS Z 81 -93.79 -86.79 2.27
C CYS Z 81 -93.81 -86.06 3.60
N VAL Z 82 -93.55 -84.76 3.57
CA VAL Z 82 -93.43 -83.94 4.76
C VAL Z 82 -94.54 -82.89 4.74
N VAL Z 83 -95.25 -82.77 5.87
CA VAL Z 83 -96.28 -81.74 6.03
C VAL Z 83 -95.97 -80.97 7.30
N ASP Z 84 -95.69 -79.69 7.16
CA ASP Z 84 -95.43 -78.81 8.30
C ASP Z 84 -96.63 -77.90 8.52
N ILE Z 85 -96.97 -77.70 9.80
CA ILE Z 85 -98.11 -76.87 10.17
C ILE Z 85 -97.64 -75.99 11.33
N ASN Z 86 -97.33 -74.74 11.05
CA ASN Z 86 -97.00 -73.79 12.10
C ASN Z 86 -98.22 -72.97 12.47
N ILE Z 87 -98.41 -72.77 13.77
CA ILE Z 87 -99.55 -72.03 14.30
C ILE Z 87 -99.03 -70.95 15.22
N VAL Z 88 -99.32 -69.70 14.90
CA VAL Z 88 -98.95 -68.57 15.74
C VAL Z 88 -100.21 -67.92 16.25
N ILE Z 89 -100.32 -67.80 17.56
CA ILE Z 89 -101.50 -67.17 18.16
C ILE Z 89 -101.03 -66.00 19.02
N PRO Z 90 -101.43 -64.77 18.72
CA PRO Z 90 -100.88 -63.61 19.44
C PRO Z 90 -101.38 -63.52 20.86
N ARG Z 91 -100.81 -62.57 21.60
CA ARG Z 91 -101.15 -62.38 23.00
C ARG Z 91 -102.60 -61.93 23.20
N VAL Z 92 -103.21 -61.34 22.18
CA VAL Z 92 -104.50 -60.68 22.32
C VAL Z 92 -105.65 -61.52 21.78
N ALA Z 93 -105.42 -62.80 21.53
CA ALA Z 93 -106.41 -63.64 20.86
C ALA Z 93 -107.37 -64.24 21.86
N THR Z 94 -108.67 -64.09 21.60
CA THR Z 94 -109.69 -64.67 22.45
C THR Z 94 -109.70 -66.19 22.32
N ALA Z 95 -110.30 -66.85 23.30
CA ALA Z 95 -110.32 -68.31 23.35
C ALA Z 95 -111.18 -68.94 22.26
N THR Z 96 -112.13 -68.20 21.69
CA THR Z 96 -112.93 -68.72 20.59
C THR Z 96 -112.39 -68.34 19.23
N ASP Z 97 -111.65 -67.22 19.13
CA ASP Z 97 -110.98 -66.90 17.89
C ASP Z 97 -109.89 -67.90 17.56
N ARG Z 98 -109.24 -68.45 18.58
CA ARG Z 98 -108.28 -69.54 18.36
C ARG Z 98 -108.96 -70.72 17.68
N ALA Z 99 -110.09 -71.16 18.22
CA ALA Z 99 -110.79 -72.29 17.61
C ALA Z 99 -111.26 -71.96 16.21
N GLU Z 100 -111.80 -70.76 16.01
CA GLU Z 100 -112.23 -70.36 14.67
C GLU Z 100 -111.08 -70.44 13.68
N ALA Z 101 -109.94 -69.82 14.01
CA ALA Z 101 -108.82 -69.79 13.10
C ALA Z 101 -108.29 -71.18 12.82
N ILE Z 102 -108.12 -72.00 13.85
CA ILE Z 102 -107.52 -73.32 13.66
C ILE Z 102 -108.44 -74.20 12.83
N LYS Z 103 -109.72 -74.28 13.19
CA LYS Z 103 -110.62 -75.16 12.46
C LYS Z 103 -110.90 -74.64 11.06
N ARG Z 104 -110.73 -73.33 10.82
CA ARG Z 104 -110.86 -72.83 9.46
C ARG Z 104 -109.64 -73.17 8.62
N ALA Z 105 -108.44 -73.02 9.18
CA ALA Z 105 -107.23 -73.34 8.44
C ALA Z 105 -107.17 -74.82 8.12
N PHE Z 106 -107.54 -75.68 9.07
CA PHE Z 106 -107.55 -77.11 8.81
C PHE Z 106 -108.71 -77.54 7.93
N ASP Z 107 -109.63 -76.64 7.63
CA ASP Z 107 -110.73 -76.93 6.72
C ASP Z 107 -110.37 -76.66 5.27
N VAL Z 108 -109.13 -76.25 4.99
CA VAL Z 108 -108.71 -76.00 3.62
C VAL Z 108 -108.81 -77.28 2.79
N LEU Z 109 -108.41 -78.40 3.37
CA LEU Z 109 -108.44 -79.67 2.65
C LEU Z 109 -109.84 -79.99 2.11
N ASN Z 110 -110.88 -79.53 2.79
CA ASN Z 110 -112.23 -79.70 2.26
C ASN Z 110 -112.59 -78.66 1.23
N ALA Z 111 -111.91 -77.51 1.23
CA ALA Z 111 -112.18 -76.47 0.24
C ALA Z 111 -111.23 -76.58 -0.94
N LEU Z 112 -109.93 -76.53 -0.68
CA LEU Z 112 -108.90 -76.61 -1.71
C LEU Z 112 -108.46 -78.06 -1.91
N ASN Z 113 -109.45 -78.91 -2.15
CA ASN Z 113 -109.23 -80.36 -2.07
C ASN Z 113 -108.40 -80.87 -3.24
N ALA Z 114 -108.86 -80.62 -4.48
CA ALA Z 114 -108.20 -81.19 -5.64
C ALA Z 114 -106.78 -80.66 -5.81
N GLU Z 115 -106.50 -79.44 -5.34
CA GLU Z 115 -105.15 -78.91 -5.43
C GLU Z 115 -104.18 -79.56 -4.46
N LEU Z 116 -104.67 -80.35 -3.51
CA LEU Z 116 -103.82 -80.98 -2.50
C LEU Z 116 -103.84 -82.49 -2.60
N ILE Z 117 -105.02 -83.10 -2.72
CA ILE Z 117 -105.10 -84.55 -2.76
C ILE Z 117 -104.47 -85.10 -4.03
N THR Z 118 -104.76 -84.49 -5.17
CA THR Z 118 -104.26 -84.97 -6.46
C THR Z 118 -103.02 -84.23 -6.93
N GLY Z 119 -102.76 -83.03 -6.44
CA GLY Z 119 -101.57 -82.30 -6.80
C GLY Z 119 -101.72 -81.35 -7.97
N GLU Z 120 -102.94 -81.10 -8.44
CA GLU Z 120 -103.17 -80.20 -9.55
C GLU Z 120 -102.78 -78.77 -9.18
N GLY Z 121 -102.90 -77.90 -10.16
CA GLY Z 121 -102.82 -76.47 -9.92
C GLY Z 121 -104.01 -75.80 -10.56
N GLN Z 122 -104.56 -74.81 -9.87
CA GLN Z 122 -105.75 -74.14 -10.35
C GLN Z 122 -105.42 -73.26 -11.54
N TRP Z 123 -106.25 -73.33 -12.57
CA TRP Z 123 -105.99 -72.61 -13.81
C TRP Z 123 -106.89 -71.38 -13.98
N ALA AA 1 -109.61 -77.36 -9.83
CA ALA AA 1 -110.44 -76.57 -10.74
C ALA AA 1 -109.94 -75.14 -10.81
N ALA AA 2 -110.67 -74.29 -11.52
CA ALA AA 2 -110.25 -72.91 -11.70
C ALA AA 2 -110.40 -72.13 -10.40
N ARG AA 3 -109.73 -70.97 -10.34
CA ARG AA 3 -109.82 -70.11 -9.19
C ARG AA 3 -111.27 -69.69 -8.95
N SER AA 4 -111.84 -70.11 -7.82
CA SER AA 4 -113.23 -69.79 -7.53
C SER AA 4 -113.37 -69.31 -6.09
N SER AA 5 -114.60 -69.23 -5.60
CA SER AA 5 -114.85 -68.81 -4.22
C SER AA 5 -114.88 -70.02 -3.31
N ILE AA 6 -114.04 -70.00 -2.28
CA ILE AA 6 -113.96 -71.09 -1.31
C ILE AA 6 -114.75 -70.71 -0.07
N VAL AA 7 -115.20 -71.72 0.67
CA VAL AA 7 -116.22 -71.54 1.71
C VAL AA 7 -115.61 -72.03 3.03
N LEU AA 8 -114.32 -71.71 3.23
CA LEU AA 8 -113.61 -72.03 4.47
C LEU AA 8 -114.49 -71.79 5.69
N THR AA 9 -114.73 -72.86 6.45
CA THR AA 9 -115.66 -72.82 7.58
C THR AA 9 -115.05 -73.52 8.78
N ASP AA 10 -115.81 -73.60 9.87
CA ASP AA 10 -115.38 -74.35 11.04
C ASP AA 10 -116.52 -75.16 11.65
N GLY AA 11 -117.63 -75.32 10.96
CA GLY AA 11 -118.79 -76.02 11.44
C GLY AA 11 -119.91 -75.12 11.91
N THR AA 12 -119.59 -73.90 12.33
CA THR AA 12 -120.60 -72.94 12.79
C THR AA 12 -120.62 -71.67 11.96
N THR AA 13 -119.47 -71.02 11.75
CA THR AA 13 -119.41 -69.71 11.10
C THR AA 13 -118.60 -69.80 9.82
N PRO AA 14 -119.24 -70.00 8.67
CA PRO AA 14 -118.50 -70.04 7.41
C PRO AA 14 -118.03 -68.67 6.98
N VAL AA 15 -116.97 -68.68 6.16
CA VAL AA 15 -116.43 -67.47 5.56
C VAL AA 15 -116.13 -67.77 4.10
N THR AA 16 -116.58 -66.89 3.21
CA THR AA 16 -116.38 -67.08 1.77
C THR AA 16 -115.24 -66.19 1.30
N LEU AA 17 -114.28 -66.78 0.61
CA LEU AA 17 -113.09 -66.08 0.13
C LEU AA 17 -113.03 -66.15 -1.39
N THR AA 18 -112.81 -65.01 -2.03
CA THR AA 18 -112.68 -64.92 -3.47
C THR AA 18 -111.30 -64.42 -3.85
N PRO AA 19 -110.70 -64.92 -4.94
CA PRO AA 19 -109.32 -64.57 -5.26
C PRO AA 19 -109.13 -63.08 -5.48
N VAL AA 20 -108.02 -62.55 -4.96
CA VAL AA 20 -107.76 -61.12 -5.04
C VAL AA 20 -106.39 -60.85 -5.65
N GLY AA 21 -105.86 -61.80 -6.37
CA GLY AA 21 -104.60 -61.55 -7.05
C GLY AA 21 -103.79 -62.83 -7.19
N GLY AA 22 -102.47 -62.66 -7.24
CA GLY AA 22 -101.56 -63.78 -7.35
C GLY AA 22 -100.81 -63.80 -8.66
N GLY AA 23 -100.75 -64.98 -9.28
CA GLY AA 23 -100.02 -65.16 -10.52
C GLY AA 23 -100.03 -66.60 -10.97
N VAL AA 24 -98.87 -67.13 -11.35
CA VAL AA 24 -98.71 -68.55 -11.67
C VAL AA 24 -98.10 -69.25 -10.47
N GLY AA 25 -98.73 -70.33 -10.04
CA GLY AA 25 -98.31 -70.98 -8.82
C GLY AA 25 -98.44 -70.05 -7.63
N GLN AA 26 -99.55 -69.31 -7.57
CA GLN AA 26 -99.83 -68.39 -6.48
C GLN AA 26 -101.29 -67.96 -6.59
N THR AA 27 -101.95 -67.83 -5.45
CA THR AA 27 -103.38 -67.47 -5.45
C THR AA 27 -103.71 -66.86 -4.10
N LEU AA 28 -103.98 -65.55 -4.10
CA LEU AA 28 -104.44 -64.89 -2.89
C LEU AA 28 -105.93 -65.15 -2.67
N TYR AA 29 -106.41 -64.81 -1.49
CA TYR AA 29 -107.82 -64.91 -1.16
C TYR AA 29 -108.16 -63.82 -0.15
N ARG AA 30 -109.45 -63.53 -0.02
CA ARG AA 30 -109.94 -62.61 1.00
C ARG AA 30 -111.46 -62.68 0.98
N ALA AA 31 -112.07 -62.20 2.07
CA ALA AA 31 -113.50 -62.24 2.25
C ALA AA 31 -114.15 -60.90 1.88
N THR AA 32 -115.44 -60.76 2.16
CA THR AA 32 -116.23 -59.63 1.67
C THR AA 32 -116.17 -58.40 2.56
N ALA AA 33 -116.09 -58.58 3.88
CA ALA AA 33 -116.11 -57.43 4.79
C ALA AA 33 -114.88 -56.55 4.59
N GLU AA 34 -114.98 -55.28 4.95
CA GLU AA 34 -113.93 -54.31 4.68
C GLU AA 34 -113.47 -53.64 5.96
N ALA AA 35 -112.19 -53.29 6.00
CA ALA AA 35 -111.61 -52.57 7.13
C ALA AA 35 -110.49 -51.68 6.59
N LEU AA 36 -109.64 -51.19 7.49
CA LEU AA 36 -108.57 -50.26 7.12
C LEU AA 36 -107.20 -50.94 7.11
N SER AA 37 -106.79 -51.55 8.22
CA SER AA 37 -105.47 -52.15 8.33
C SER AA 37 -105.49 -53.63 7.93
N ALA AA 38 -106.26 -54.44 8.65
CA ALA AA 38 -106.42 -55.85 8.34
C ALA AA 38 -107.88 -56.11 8.01
N ALA AA 39 -108.15 -56.46 6.76
CA ALA AA 39 -109.54 -56.56 6.32
C ALA AA 39 -110.16 -57.88 6.76
N ASN AA 40 -109.64 -58.99 6.26
CA ASN AA 40 -110.30 -60.28 6.40
C ASN AA 40 -109.28 -61.41 6.45
N PRO AA 41 -109.71 -62.65 6.66
CA PRO AA 41 -108.79 -63.78 6.46
C PRO AA 41 -108.26 -63.80 5.04
N SER AA 42 -106.97 -64.14 4.91
CA SER AA 42 -106.28 -64.08 3.62
C SER AA 42 -105.48 -65.36 3.43
N LEU AA 43 -106.04 -66.32 2.69
CA LEU AA 43 -105.45 -67.63 2.48
C LEU AA 43 -104.59 -67.60 1.23
N SER AA 44 -103.28 -67.45 1.40
CA SER AA 44 -102.38 -67.50 0.25
C SER AA 44 -101.97 -68.94 -0.02
N PHE AA 45 -101.86 -69.28 -1.30
CA PHE AA 45 -101.61 -70.65 -1.76
C PHE AA 45 -100.50 -70.61 -2.80
N GLY AA 46 -99.34 -71.18 -2.46
CA GLY AA 46 -98.14 -70.96 -3.24
C GLY AA 46 -97.48 -72.16 -3.88
N TYR AA 47 -98.26 -73.06 -4.48
CA TYR AA 47 -97.72 -74.30 -5.04
C TYR AA 47 -96.71 -74.01 -6.15
N ARG AA 48 -95.79 -74.96 -6.32
CA ARG AA 48 -94.76 -74.90 -7.35
C ARG AA 48 -94.16 -76.30 -7.50
N PHE AA 49 -93.18 -76.42 -8.40
CA PHE AA 49 -92.42 -77.65 -8.60
C PHE AA 49 -90.94 -77.35 -8.45
N THR AA 50 -90.12 -78.37 -8.63
CA THR AA 50 -88.69 -78.26 -8.36
C THR AA 50 -87.94 -79.14 -9.37
N ASP AA 51 -86.68 -79.45 -9.07
CA ASP AA 51 -85.85 -80.24 -9.97
C ASP AA 51 -86.51 -81.57 -10.33
N GLY AA 52 -86.97 -82.30 -9.32
CA GLY AA 52 -87.75 -83.50 -9.52
C GLY AA 52 -89.23 -83.18 -9.55
N GLY AA 53 -90.02 -84.19 -9.23
CA GLY AA 53 -91.45 -83.99 -9.09
C GLY AA 53 -91.79 -83.47 -7.71
N THR AA 54 -90.85 -82.73 -7.10
CA THR AA 54 -91.00 -82.29 -5.72
C THR AA 54 -92.05 -81.20 -5.63
N ASN AA 55 -93.31 -81.61 -5.51
CA ASN AA 55 -94.42 -80.68 -5.45
C ASN AA 55 -94.37 -79.92 -4.13
N ARG AA 56 -93.84 -78.70 -4.16
CA ARG AA 56 -93.60 -77.92 -2.95
C ARG AA 56 -94.74 -76.94 -2.71
N GLN AA 57 -95.90 -77.51 -2.39
CA GLN AA 57 -97.05 -76.66 -2.07
C GLN AA 57 -96.82 -75.93 -0.77
N SER AA 58 -97.55 -74.83 -0.59
CA SER AA 58 -97.38 -73.98 0.58
C SER AA 58 -98.63 -73.13 0.76
N LEU AA 59 -99.07 -72.99 2.00
CA LEU AA 59 -100.27 -72.24 2.32
C LEU AA 59 -99.98 -71.29 3.47
N SER AA 60 -100.88 -70.33 3.63
CA SER AA 60 -100.84 -69.45 4.80
C SER AA 60 -102.19 -68.81 5.01
N TYR AA 61 -102.85 -69.11 6.13
CA TYR AA 61 -104.19 -68.61 6.43
C TYR AA 61 -104.09 -67.66 7.61
N LYS AA 62 -104.30 -66.38 7.35
CA LYS AA 62 -104.28 -65.36 8.40
C LYS AA 62 -105.70 -64.89 8.67
N GLN AA 63 -106.10 -64.93 9.94
CA GLN AA 63 -107.39 -64.41 10.37
C GLN AA 63 -107.15 -63.26 11.33
N PRO AA 64 -107.53 -62.03 11.00
CA PRO AA 64 -107.23 -60.90 11.86
C PRO AA 64 -108.08 -60.90 13.13
N ILE AA 65 -107.40 -60.71 14.26
CA ILE AA 65 -108.04 -60.53 15.55
C ILE AA 65 -108.50 -59.08 15.62
N THR AA 66 -109.81 -58.87 15.63
CA THR AA 66 -110.40 -57.54 15.56
C THR AA 66 -111.58 -57.44 16.51
N ALA AA 67 -111.87 -56.22 16.95
CA ALA AA 67 -113.05 -55.90 17.73
C ALA AA 67 -113.60 -54.58 17.23
N VAL AA 68 -114.92 -54.50 17.10
CA VAL AA 68 -115.56 -53.32 16.50
C VAL AA 68 -115.58 -52.18 17.50
N ASP AA 69 -115.12 -51.00 17.08
CA ASP AA 69 -115.18 -49.82 17.92
C ASP AA 69 -116.60 -49.27 17.96
N SER AA 70 -116.85 -48.41 18.94
CA SER AA 70 -118.12 -47.72 19.03
C SER AA 70 -118.05 -46.38 18.31
N THR AA 71 -119.14 -46.03 17.64
CA THR AA 71 -119.35 -44.78 16.93
C THR AA 71 -118.48 -44.63 15.69
N THR AA 72 -117.58 -45.57 15.42
CA THR AA 72 -116.72 -45.51 14.24
C THR AA 72 -116.80 -46.82 13.48
N SER AA 73 -116.88 -46.73 12.16
CA SER AA 73 -116.99 -47.90 11.29
C SER AA 73 -115.63 -48.36 10.77
N GLU AA 74 -114.71 -48.65 11.69
CA GLU AA 74 -113.38 -49.09 11.31
C GLU AA 74 -112.97 -50.41 11.94
N THR AA 75 -113.80 -50.98 12.81
CA THR AA 75 -113.63 -52.32 13.38
C THR AA 75 -112.18 -52.64 13.70
N LEU AA 76 -111.60 -51.87 14.64
CA LEU AA 76 -110.18 -51.96 15.01
C LEU AA 76 -109.70 -53.39 15.10
N VAL AA 77 -108.58 -53.67 14.43
CA VAL AA 77 -107.95 -54.99 14.43
C VAL AA 77 -106.81 -54.99 15.43
N ARG AA 78 -106.67 -56.11 16.15
CA ARG AA 78 -105.68 -56.22 17.21
C ARG AA 78 -104.52 -57.13 16.87
N GLY AA 79 -104.71 -58.11 16.00
CA GLY AA 79 -103.65 -59.03 15.66
C GLY AA 79 -104.00 -59.92 14.49
N GLN AA 80 -103.35 -61.08 14.42
CA GLN AA 80 -103.65 -62.07 13.39
C GLN AA 80 -103.20 -63.46 13.79
N CYS AA 81 -104.04 -64.47 13.57
CA CYS AA 81 -103.73 -65.86 13.90
C CYS AA 81 -103.17 -66.53 12.66
N VAL AA 82 -101.85 -66.45 12.48
CA VAL AA 82 -101.19 -67.05 11.33
C VAL AA 82 -101.20 -68.57 11.47
N VAL AA 83 -101.53 -69.26 10.39
CA VAL AA 83 -101.45 -70.72 10.35
C VAL AA 83 -100.83 -71.16 9.03
N ASP AA 84 -99.53 -71.47 9.05
CA ASP AA 84 -98.82 -71.90 7.85
C ASP AA 84 -98.93 -73.41 7.68
N ILE AA 85 -99.03 -73.85 6.42
CA ILE AA 85 -99.07 -75.28 6.10
C ILE AA 85 -98.21 -75.53 4.87
N ASN AA 86 -97.02 -76.07 5.07
CA ASN AA 86 -96.11 -76.36 3.96
C ASN AA 86 -96.09 -77.85 3.68
N ILE AA 87 -96.13 -78.19 2.39
CA ILE AA 87 -96.20 -79.58 1.95
C ILE AA 87 -95.07 -79.83 0.96
N VAL AA 88 -94.34 -80.93 1.17
CA VAL AA 88 -93.26 -81.35 0.29
C VAL AA 88 -93.48 -82.81 -0.05
N ILE AA 89 -93.87 -83.08 -1.28
CA ILE AA 89 -94.17 -84.43 -1.76
C ILE AA 89 -93.11 -84.82 -2.77
N PRO AA 90 -92.41 -85.93 -2.60
CA PRO AA 90 -91.29 -86.24 -3.50
C PRO AA 90 -91.76 -86.69 -4.87
N ARG AA 91 -90.79 -86.96 -5.75
CA ARG AA 91 -91.12 -87.41 -7.10
C ARG AA 91 -91.69 -88.83 -7.11
N VAL AA 92 -91.27 -89.68 -6.18
CA VAL AA 92 -91.58 -91.10 -6.23
C VAL AA 92 -92.89 -91.40 -5.50
N ALA AA 93 -93.62 -90.36 -5.11
CA ALA AA 93 -94.80 -90.53 -4.28
C ALA AA 93 -96.00 -90.86 -5.14
N THR AA 94 -96.44 -92.12 -5.06
CA THR AA 94 -97.67 -92.53 -5.72
C THR AA 94 -98.86 -91.73 -5.19
N ALA AA 95 -99.79 -91.41 -6.08
CA ALA AA 95 -100.90 -90.53 -5.71
C ALA AA 95 -101.74 -91.09 -4.58
N THR AA 96 -101.72 -92.41 -4.34
CA THR AA 96 -102.34 -92.94 -3.14
C THR AA 96 -101.55 -92.56 -1.89
N ASP AA 97 -100.21 -92.66 -1.96
CA ASP AA 97 -99.39 -92.27 -0.82
C ASP AA 97 -99.53 -90.80 -0.50
N ARG AA 98 -99.60 -89.94 -1.53
CA ARG AA 98 -99.76 -88.52 -1.27
C ARG AA 98 -101.10 -88.22 -0.60
N ALA AA 99 -102.17 -88.85 -1.08
CA ALA AA 99 -103.48 -88.66 -0.45
C ALA AA 99 -103.45 -89.11 1.00
N GLU AA 100 -102.83 -90.27 1.27
CA GLU AA 100 -102.71 -90.74 2.64
C GLU AA 100 -101.95 -89.75 3.50
N ALA AA 101 -100.82 -89.25 3.00
CA ALA AA 101 -100.01 -88.34 3.78
C ALA AA 101 -100.76 -87.06 4.10
N ILE AA 102 -101.44 -86.47 3.11
CA ILE AA 102 -102.13 -85.22 3.33
C ILE AA 102 -103.31 -85.43 4.29
N LYS AA 103 -104.12 -86.46 4.07
CA LYS AA 103 -105.30 -86.65 4.90
C LYS AA 103 -104.93 -87.07 6.31
N ARG AA 104 -103.77 -87.70 6.48
CA ARG AA 104 -103.30 -88.03 7.82
C ARG AA 104 -102.72 -86.80 8.53
N ALA AA 105 -102.03 -85.94 7.80
CA ALA AA 105 -101.52 -84.72 8.41
C ALA AA 105 -102.65 -83.80 8.85
N PHE AA 106 -103.71 -83.73 8.05
CA PHE AA 106 -104.82 -82.85 8.39
C PHE AA 106 -105.80 -83.50 9.38
N ASP AA 107 -105.53 -84.73 9.80
CA ASP AA 107 -106.31 -85.35 10.86
C ASP AA 107 -105.70 -85.15 12.24
N VAL AA 108 -104.63 -84.36 12.34
CA VAL AA 108 -104.04 -84.08 13.63
C VAL AA 108 -105.04 -83.36 14.53
N LEU AA 109 -105.80 -82.42 13.94
CA LEU AA 109 -106.74 -81.63 14.72
C LEU AA 109 -107.74 -82.50 15.48
N ASN AA 110 -108.10 -83.66 14.92
CA ASN AA 110 -109.03 -84.55 15.59
C ASN AA 110 -108.34 -85.50 16.56
N ALA AA 111 -107.01 -85.60 16.53
CA ALA AA 111 -106.27 -86.47 17.43
C ALA AA 111 -105.54 -85.67 18.51
N LEU AA 112 -104.81 -84.64 18.10
CA LEU AA 112 -104.11 -83.74 19.02
C LEU AA 112 -104.95 -82.49 19.25
N ASN AA 113 -106.18 -82.71 19.70
CA ASN AA 113 -107.20 -81.66 19.65
C ASN AA 113 -106.98 -80.60 20.73
N ALA AA 114 -106.90 -81.01 21.99
CA ALA AA 114 -106.85 -80.06 23.09
C ALA AA 114 -105.60 -79.20 23.03
N GLU AA 115 -104.46 -79.78 22.67
CA GLU AA 115 -103.22 -79.02 22.59
C GLU AA 115 -103.27 -77.94 21.53
N LEU AA 116 -104.07 -78.12 20.48
CA LEU AA 116 -104.13 -77.16 19.39
C LEU AA 116 -105.22 -76.12 19.61
N ILE AA 117 -106.39 -76.55 20.07
CA ILE AA 117 -107.49 -75.62 20.28
C ILE AA 117 -107.26 -74.81 21.54
N THR AA 118 -107.11 -75.48 22.69
CA THR AA 118 -106.96 -74.80 23.96
C THR AA 118 -105.56 -74.18 24.11
N GLY AA 119 -104.53 -74.91 23.68
CA GLY AA 119 -103.18 -74.39 23.73
C GLY AA 119 -102.43 -74.74 24.99
N GLU AA 120 -102.44 -76.02 25.36
CA GLU AA 120 -101.91 -76.46 26.64
C GLU AA 120 -101.54 -77.92 26.56
N GLY AA 121 -100.84 -78.39 27.58
CA GLY AA 121 -100.74 -79.82 27.81
C GLY AA 121 -99.39 -80.45 27.58
N GLN AA 122 -99.41 -81.76 27.27
CA GLN AA 122 -98.22 -82.58 27.13
C GLN AA 122 -97.42 -82.59 28.45
N TRP AA 123 -98.05 -83.21 29.46
CA TRP AA 123 -97.42 -83.34 30.76
C TRP AA 123 -96.45 -84.52 30.75
N ALA BA 1 -128.77 3.66 21.20
CA ALA BA 1 -129.85 4.17 20.36
C ALA BA 1 -129.41 5.44 19.64
N ALA BA 2 -130.33 6.08 18.93
CA ALA BA 2 -130.01 7.33 18.26
C ALA BA 2 -129.67 8.40 19.29
N ARG BA 3 -128.60 9.14 19.03
CA ARG BA 3 -128.14 10.15 19.97
C ARG BA 3 -129.19 11.24 20.14
N SER BA 4 -129.43 11.65 21.38
CA SER BA 4 -130.43 12.66 21.69
C SER BA 4 -129.96 13.43 22.92
N SER BA 5 -130.89 14.13 23.54
CA SER BA 5 -130.58 14.90 24.75
C SER BA 5 -130.78 14.05 25.99
N ILE BA 6 -130.09 14.41 27.06
CA ILE BA 6 -130.20 13.73 28.35
C ILE BA 6 -130.42 14.77 29.44
N VAL BA 7 -131.04 14.33 30.53
CA VAL BA 7 -131.64 15.25 31.49
C VAL BA 7 -131.01 14.96 32.86
N LEU BA 8 -129.70 14.69 32.86
CA LEU BA 8 -128.94 14.48 34.10
C LEU BA 8 -129.41 15.41 35.20
N THR BA 9 -129.75 14.84 36.35
CA THR BA 9 -130.35 15.58 37.45
C THR BA 9 -129.80 15.07 38.77
N ASP BA 10 -130.11 15.79 39.83
CA ASP BA 10 -129.77 15.37 41.18
C ASP BA 10 -130.94 15.62 42.13
N GLY BA 11 -132.16 15.64 41.58
CA GLY BA 11 -133.35 15.78 42.39
C GLY BA 11 -133.90 17.19 42.43
N THR BA 12 -133.03 18.20 42.35
CA THR BA 12 -133.48 19.57 42.47
C THR BA 12 -133.12 20.44 41.27
N THR BA 13 -131.96 20.24 40.66
CA THR BA 13 -131.52 21.08 39.54
C THR BA 13 -131.15 20.19 38.35
N PRO BA 14 -132.12 19.85 37.51
CA PRO BA 14 -131.82 19.08 36.30
C PRO BA 14 -130.96 19.87 35.35
N VAL BA 15 -130.18 19.12 34.56
CA VAL BA 15 -129.29 19.70 33.55
C VAL BA 15 -129.57 19.00 32.23
N THR BA 16 -129.91 19.77 31.20
CA THR BA 16 -130.17 19.22 29.88
C THR BA 16 -128.88 19.28 29.07
N LEU BA 17 -128.41 18.12 28.62
CA LEU BA 17 -127.21 18.03 27.81
C LEU BA 17 -127.58 17.64 26.39
N THR BA 18 -126.82 18.14 25.43
CA THR BA 18 -127.05 17.88 24.02
C THR BA 18 -125.76 17.39 23.39
N PRO BA 19 -125.85 16.53 22.38
CA PRO BA 19 -124.63 16.02 21.73
C PRO BA 19 -124.01 17.03 20.79
N VAL BA 20 -122.77 17.44 21.05
CA VAL BA 20 -122.14 18.49 20.25
C VAL BA 20 -120.82 18.00 19.69
N GLY BA 21 -120.70 16.71 19.48
CA GLY BA 21 -119.47 16.16 18.92
C GLY BA 21 -119.40 14.67 19.15
N GLY BA 22 -118.18 14.15 18.96
CA GLY BA 22 -117.94 12.74 19.17
C GLY BA 22 -117.25 12.07 18.00
N GLY BA 23 -117.71 10.88 17.66
CA GLY BA 23 -117.11 10.13 16.56
C GLY BA 23 -117.65 8.72 16.51
N VAL BA 24 -116.77 7.78 16.21
CA VAL BA 24 -117.11 6.37 16.23
C VAL BA 24 -116.70 5.82 17.60
N GLY BA 25 -117.67 5.28 18.32
CA GLY BA 25 -117.42 4.85 19.69
C GLY BA 25 -117.11 5.99 20.63
N GLN BA 26 -117.86 7.09 20.50
CA GLN BA 26 -117.69 8.27 21.34
C GLN BA 26 -118.85 9.22 21.07
N THR BA 27 -119.27 9.94 22.11
CA THR BA 27 -120.36 10.90 21.97
C THR BA 27 -120.22 11.96 23.06
N LEU BA 28 -119.67 13.11 22.69
CA LEU BA 28 -119.59 14.22 23.63
C LEU BA 28 -120.97 14.81 23.90
N TYR BA 29 -121.13 15.38 25.08
CA TYR BA 29 -122.33 16.11 25.45
C TYR BA 29 -121.92 17.42 26.09
N ARG BA 30 -122.83 18.39 26.05
CA ARG BA 30 -122.60 19.64 26.75
C ARG BA 30 -123.93 20.25 27.12
N ALA BA 31 -123.98 20.93 28.27
CA ALA BA 31 -125.20 21.59 28.69
C ALA BA 31 -125.50 22.75 27.76
N THR BA 32 -126.80 22.99 27.52
CA THR BA 32 -127.21 23.99 26.55
C THR BA 32 -126.62 25.35 26.88
N ALA BA 33 -127.03 25.91 28.02
CA ALA BA 33 -126.43 27.15 28.52
C ALA BA 33 -126.80 27.30 29.98
N GLU BA 34 -125.81 27.27 30.87
CA GLU BA 34 -126.08 27.60 32.27
C GLU BA 34 -126.04 29.11 32.48
N ALA BA 35 -124.86 29.71 32.37
CA ALA BA 35 -124.74 31.17 32.36
C ALA BA 35 -123.69 31.69 31.38
N LEU BA 36 -122.77 30.87 30.90
CA LEU BA 36 -121.70 31.26 29.99
C LEU BA 36 -121.02 29.98 29.52
N SER BA 37 -119.98 30.12 28.73
CA SER BA 37 -119.15 28.97 28.36
C SER BA 37 -118.11 28.72 29.44
N ALA BA 38 -117.59 27.50 29.44
CA ALA BA 38 -116.67 26.95 30.44
C ALA BA 38 -117.32 26.77 31.80
N ALA BA 39 -118.57 27.17 31.96
CA ALA BA 39 -119.34 26.94 33.18
C ALA BA 39 -120.49 25.99 32.88
N ASN BA 40 -120.28 25.08 31.94
CA ASN BA 40 -121.30 24.13 31.50
C ASN BA 40 -120.79 22.71 31.67
N PRO BA 41 -121.56 21.83 32.31
CA PRO BA 41 -121.10 20.44 32.50
C PRO BA 41 -121.06 19.69 31.18
N SER BA 42 -120.20 18.66 31.14
CA SER BA 42 -120.08 17.82 29.97
C SER BA 42 -120.10 16.36 30.39
N LEU BA 43 -120.52 15.48 29.48
CA LEU BA 43 -120.76 14.07 29.76
C LEU BA 43 -120.15 13.19 28.67
N SER BA 44 -118.84 13.33 28.47
CA SER BA 44 -118.16 12.52 27.46
C SER BA 44 -118.44 11.04 27.70
N PHE BA 45 -118.75 10.32 26.62
CA PHE BA 45 -119.19 8.93 26.73
C PHE BA 45 -118.62 8.13 25.57
N GLY BA 46 -117.74 7.18 25.87
CA GLY BA 46 -117.16 6.31 24.86
C GLY BA 46 -117.57 4.86 25.06
N TYR BA 47 -117.28 4.06 24.04
CA TYR BA 47 -117.63 2.64 24.05
C TYR BA 47 -116.87 1.96 22.92
N ARG BA 48 -116.41 0.74 23.19
CA ARG BA 48 -115.64 0.00 22.19
C ARG BA 48 -115.61 -1.46 22.57
N PHE BA 49 -115.28 -2.30 21.59
CA PHE BA 49 -115.13 -3.74 21.78
C PHE BA 49 -113.70 -4.12 21.46
N THR BA 50 -113.08 -4.87 22.37
CA THR BA 50 -111.74 -5.40 22.11
C THR BA 50 -111.84 -6.68 21.31
N ASP BA 51 -110.76 -7.47 21.29
CA ASP BA 51 -110.73 -8.76 20.61
C ASP BA 51 -112.01 -9.57 20.87
N GLY BA 52 -112.32 -9.81 22.14
CA GLY BA 52 -113.56 -10.47 22.50
C GLY BA 52 -114.69 -9.48 22.63
N GLY BA 53 -115.82 -9.98 23.13
CA GLY BA 53 -116.98 -9.13 23.29
C GLY BA 53 -116.94 -8.29 24.56
N THR BA 54 -115.73 -7.89 24.97
CA THR BA 54 -115.56 -7.10 26.18
C THR BA 54 -116.10 -5.70 25.93
N ASN BA 55 -117.32 -5.45 26.39
CA ASN BA 55 -118.02 -4.20 26.15
C ASN BA 55 -117.42 -3.08 26.98
N ARG BA 56 -116.23 -2.61 26.61
CA ARG BA 56 -115.49 -1.63 27.41
C ARG BA 56 -116.06 -0.24 27.20
N GLN BA 57 -117.17 0.03 27.87
CA GLN BA 57 -117.74 1.37 27.87
C GLN BA 57 -116.99 2.26 28.86
N SER BA 58 -117.14 3.57 28.68
CA SER BA 58 -116.45 4.53 29.54
C SER BA 58 -117.24 5.82 29.58
N LEU BA 59 -117.18 6.50 30.72
CA LEU BA 59 -117.86 7.77 30.89
C LEU BA 59 -116.93 8.77 31.56
N SER BA 60 -117.29 10.04 31.45
CA SER BA 60 -116.57 11.10 32.13
C SER BA 60 -117.48 12.32 32.21
N TYR BA 61 -117.94 12.65 33.42
CA TYR BA 61 -118.79 13.80 33.66
C TYR BA 61 -117.96 14.86 34.36
N LYS BA 62 -117.89 16.04 33.77
CA LYS BA 62 -117.09 17.15 34.28
C LYS BA 62 -118.01 18.32 34.55
N GLN BA 63 -118.06 18.76 35.81
CA GLN BA 63 -118.86 19.90 36.21
C GLN BA 63 -117.95 21.00 36.72
N PRO BA 64 -117.89 22.17 36.10
CA PRO BA 64 -116.95 23.19 36.52
C PRO BA 64 -117.46 24.05 37.66
N ILE BA 65 -116.54 24.46 38.52
CA ILE BA 65 -116.83 25.20 39.73
C ILE BA 65 -116.64 26.68 39.42
N THR BA 66 -117.74 27.43 39.41
CA THR BA 66 -117.70 28.83 39.02
C THR BA 66 -117.93 29.71 40.24
N ALA BA 67 -117.32 30.89 40.22
CA ALA BA 67 -117.38 31.81 41.35
C ALA BA 67 -117.19 33.23 40.84
N VAL BA 68 -117.82 34.18 41.55
CA VAL BA 68 -117.75 35.58 41.15
C VAL BA 68 -116.36 36.14 41.45
N ASP BA 69 -116.00 37.19 40.72
CA ASP BA 69 -114.69 37.84 40.82
C ASP BA 69 -114.90 39.34 41.05
N SER BA 70 -115.66 39.66 42.11
CA SER BA 70 -116.19 40.99 42.41
C SER BA 70 -115.23 42.14 42.12
N THR BA 71 -113.93 41.93 42.27
CA THR BA 71 -112.96 42.93 41.85
C THR BA 71 -113.14 43.29 40.37
N THR BA 72 -113.60 42.34 39.56
CA THR BA 72 -113.97 42.58 38.17
C THR BA 72 -115.40 42.18 37.85
N SER BA 73 -116.05 41.42 38.73
CA SER BA 73 -117.44 40.98 38.57
C SER BA 73 -117.62 40.06 37.36
N GLU BA 74 -116.57 39.35 36.97
CA GLU BA 74 -116.63 38.39 35.87
C GLU BA 74 -116.60 36.98 36.43
N THR BA 75 -117.55 36.16 36.01
CA THR BA 75 -117.80 34.86 36.63
C THR BA 75 -116.75 33.84 36.17
N LEU BA 76 -115.56 33.96 36.76
CA LEU BA 76 -114.47 33.07 36.42
C LEU BA 76 -114.70 31.66 36.98
N VAL BA 77 -114.08 30.68 36.34
CA VAL BA 77 -114.17 29.28 36.76
C VAL BA 77 -112.84 28.87 37.38
N ARG BA 78 -112.91 28.22 38.55
CA ARG BA 78 -111.72 27.85 39.30
C ARG BA 78 -111.19 26.48 38.89
N GLY BA 79 -112.00 25.43 39.04
CA GLY BA 79 -111.61 24.08 38.68
C GLY BA 79 -112.81 23.27 38.23
N GLN BA 80 -112.71 21.94 38.29
CA GLN BA 80 -113.81 21.10 37.87
C GLN BA 80 -113.86 19.83 38.71
N CYS BA 81 -115.07 19.30 38.87
CA CYS BA 81 -115.29 18.01 39.51
C CYS BA 81 -115.48 16.96 38.42
N VAL BA 82 -114.73 15.87 38.52
CA VAL BA 82 -114.65 14.86 37.48
C VAL BA 82 -115.11 13.52 38.05
N VAL BA 83 -116.05 12.87 37.37
CA VAL BA 83 -116.52 11.54 37.74
C VAL BA 83 -116.36 10.63 36.54
N ASP BA 84 -115.57 9.56 36.69
CA ASP BA 84 -115.34 8.60 35.62
C ASP BA 84 -115.97 7.27 35.99
N ILE BA 85 -116.93 6.82 35.20
CA ILE BA 85 -117.56 5.53 35.43
C ILE BA 85 -117.20 4.57 34.32
N ASN BA 86 -116.12 3.81 34.50
CA ASN BA 86 -115.74 2.81 33.53
C ASN BA 86 -116.49 1.51 33.77
N ILE BA 87 -116.86 0.85 32.67
CA ILE BA 87 -117.60 -0.41 32.73
C ILE BA 87 -116.94 -1.39 31.78
N VAL BA 88 -116.68 -2.59 32.27
CA VAL BA 88 -116.13 -3.67 31.45
C VAL BA 88 -116.95 -4.92 31.68
N ILE BA 89 -117.56 -5.43 30.61
CA ILE BA 89 -118.36 -6.65 30.66
C ILE BA 89 -117.80 -7.62 29.63
N PRO BA 90 -117.35 -8.80 30.01
CA PRO BA 90 -116.73 -9.72 29.04
C PRO BA 90 -117.78 -10.36 28.14
N ARG BA 91 -117.27 -11.07 27.13
CA ARG BA 91 -118.16 -11.73 26.18
C ARG BA 91 -118.94 -12.87 26.84
N VAL BA 92 -118.36 -13.50 27.85
CA VAL BA 92 -118.95 -14.68 28.50
C VAL BA 92 -120.11 -14.27 29.39
N ALA BA 93 -120.40 -12.97 29.44
CA ALA BA 93 -121.43 -12.46 30.33
C ALA BA 93 -122.81 -12.69 29.73
N THR BA 94 -123.71 -13.23 30.55
CA THR BA 94 -125.11 -13.33 30.13
C THR BA 94 -125.77 -11.97 30.20
N ALA BA 95 -127.01 -11.90 29.71
CA ALA BA 95 -127.73 -10.64 29.71
C ALA BA 95 -128.20 -10.22 31.10
N THR BA 96 -128.14 -11.11 32.09
CA THR BA 96 -128.59 -10.78 33.43
C THR BA 96 -127.45 -10.42 34.37
N ASP BA 97 -126.24 -10.93 34.11
CA ASP BA 97 -125.10 -10.53 34.92
C ASP BA 97 -124.72 -9.07 34.65
N ARG BA 98 -124.86 -8.62 33.40
CA ARG BA 98 -124.49 -7.25 33.07
C ARG BA 98 -125.39 -6.25 33.78
N ALA BA 99 -126.71 -6.44 33.69
CA ALA BA 99 -127.63 -5.53 34.36
C ALA BA 99 -127.44 -5.57 35.88
N GLU BA 100 -127.28 -6.77 36.43
CA GLU BA 100 -127.04 -6.93 37.86
C GLU BA 100 -125.81 -6.13 38.29
N ALA BA 101 -124.69 -6.34 37.59
CA ALA BA 101 -123.45 -5.66 37.97
C ALA BA 101 -123.59 -4.14 37.85
N ILE BA 102 -124.17 -3.66 36.74
CA ILE BA 102 -124.26 -2.22 36.53
C ILE BA 102 -125.12 -1.58 37.62
N LYS BA 103 -126.30 -2.13 37.87
CA LYS BA 103 -127.18 -1.53 38.86
C LYS BA 103 -126.60 -1.62 40.26
N ARG BA 104 -125.95 -2.74 40.59
CA ARG BA 104 -125.36 -2.86 41.92
C ARG BA 104 -124.24 -1.85 42.11
N ALA BA 105 -123.36 -1.71 41.11
CA ALA BA 105 -122.27 -0.75 41.23
C ALA BA 105 -122.76 0.68 41.27
N PHE BA 106 -123.88 0.98 40.60
CA PHE BA 106 -124.44 2.32 40.70
C PHE BA 106 -125.21 2.54 42.00
N ASP BA 107 -125.56 1.48 42.70
CA ASP BA 107 -126.19 1.62 44.02
C ASP BA 107 -125.21 1.98 45.12
N VAL BA 108 -123.93 2.19 44.79
CA VAL BA 108 -122.94 2.48 45.80
C VAL BA 108 -123.29 3.78 46.52
N LEU BA 109 -123.65 4.83 45.77
CA LEU BA 109 -123.94 6.10 46.39
C LEU BA 109 -125.08 5.99 47.40
N ASN BA 110 -126.08 5.16 47.09
CA ASN BA 110 -127.12 4.89 48.09
C ASN BA 110 -126.54 4.14 49.29
N ALA BA 111 -125.65 3.18 49.04
CA ALA BA 111 -125.09 2.39 50.14
C ALA BA 111 -123.94 3.13 50.83
N LEU BA 112 -122.87 3.39 50.09
CA LEU BA 112 -121.66 4.02 50.65
C LEU BA 112 -121.73 5.53 50.48
N ASN BA 113 -122.72 6.13 51.17
CA ASN BA 113 -123.10 7.51 50.86
C ASN BA 113 -122.11 8.51 51.46
N ALA BA 114 -121.97 8.51 52.78
CA ALA BA 114 -121.32 9.62 53.47
C ALA BA 114 -119.88 9.86 53.06
N GLU BA 115 -119.18 8.83 52.58
CA GLU BA 115 -117.79 9.00 52.17
C GLU BA 115 -117.65 9.57 50.77
N LEU BA 116 -118.70 9.56 49.97
CA LEU BA 116 -118.68 10.13 48.63
C LEU BA 116 -119.21 11.54 48.59
N ILE BA 117 -120.39 11.77 49.16
CA ILE BA 117 -121.01 13.09 49.12
C ILE BA 117 -120.18 14.08 49.92
N THR BA 118 -119.79 13.71 51.14
CA THR BA 118 -119.16 14.64 52.06
C THR BA 118 -117.65 14.69 51.91
N GLY BA 119 -117.02 13.61 51.47
CA GLY BA 119 -115.59 13.57 51.28
C GLY BA 119 -114.79 13.11 52.48
N GLU BA 120 -115.42 12.75 53.58
CA GLU BA 120 -114.70 12.30 54.76
C GLU BA 120 -114.02 10.96 54.49
N GLY BA 121 -112.87 10.78 55.13
CA GLY BA 121 -112.10 9.56 55.00
C GLY BA 121 -112.43 8.62 56.14
N GLN BA 122 -112.98 7.45 55.78
CA GLN BA 122 -113.40 6.50 56.80
C GLN BA 122 -112.21 5.95 57.57
N TRP BA 123 -112.44 5.69 58.85
CA TRP BA 123 -111.38 5.23 59.74
C TRP BA 123 -111.57 3.78 60.14
N ALA CA 1 -134.12 21.58 19.06
CA ALA CA 1 -132.94 21.67 18.20
C ALA CA 1 -132.68 20.36 17.49
N ALA CA 2 -133.76 19.63 17.18
CA ALA CA 2 -133.67 18.42 16.40
C ALA CA 2 -133.69 18.75 14.92
N ARG CA 3 -133.24 17.79 14.11
CA ARG CA 3 -133.13 18.01 12.67
C ARG CA 3 -134.50 17.89 12.02
N SER CA 4 -134.93 18.98 11.38
CA SER CA 4 -136.19 19.01 10.64
C SER CA 4 -136.04 20.00 9.49
N SER CA 5 -137.06 20.06 8.64
CA SER CA 5 -137.02 20.96 7.49
C SER CA 5 -137.04 22.40 7.93
N ILE CA 6 -136.24 23.23 7.26
CA ILE CA 6 -136.17 24.66 7.54
C ILE CA 6 -136.64 25.42 6.31
N VAL CA 7 -137.11 26.64 6.53
CA VAL CA 7 -137.91 27.36 5.55
C VAL CA 7 -137.24 28.68 5.18
N LEU CA 8 -135.90 28.67 5.04
CA LEU CA 8 -135.15 29.82 4.56
C LEU CA 8 -135.92 30.60 3.50
N THR CA 9 -136.04 31.91 3.70
CA THR CA 9 -136.82 32.73 2.79
C THR CA 9 -136.21 34.13 2.75
N ASP CA 10 -136.47 34.82 1.63
CA ASP CA 10 -136.03 36.20 1.45
C ASP CA 10 -137.17 37.20 1.56
N GLY CA 11 -138.41 36.73 1.74
CA GLY CA 11 -139.55 37.60 1.79
C GLY CA 11 -140.49 37.35 0.64
N THR CA 12 -139.93 37.06 -0.54
CA THR CA 12 -140.74 36.84 -1.73
C THR CA 12 -141.03 35.36 -1.97
N THR CA 13 -139.98 34.55 -2.11
CA THR CA 13 -140.12 33.14 -2.42
C THR CA 13 -139.43 32.31 -1.34
N PRO CA 14 -140.17 31.60 -0.50
CA PRO CA 14 -139.53 30.71 0.48
C PRO CA 14 -139.05 29.43 -0.16
N VAL CA 15 -137.92 28.93 0.33
CA VAL CA 15 -137.38 27.64 -0.09
C VAL CA 15 -137.27 26.75 1.15
N THR CA 16 -137.77 25.53 1.05
CA THR CA 16 -137.81 24.59 2.16
C THR CA 16 -136.68 23.58 1.98
N LEU CA 17 -135.70 23.62 2.88
CA LEU CA 17 -134.58 22.69 2.86
C LEU CA 17 -134.85 21.56 3.84
N THR CA 18 -134.67 20.32 3.38
CA THR CA 18 -134.83 19.16 4.24
C THR CA 18 -133.48 18.51 4.49
N PRO CA 19 -133.27 17.89 5.64
CA PRO CA 19 -131.96 17.25 5.90
C PRO CA 19 -131.69 16.12 4.92
N VAL CA 20 -130.43 15.98 4.54
CA VAL CA 20 -130.00 14.90 3.66
C VAL CA 20 -128.78 14.22 4.25
N GLY CA 21 -128.56 14.38 5.54
CA GLY CA 21 -127.50 13.63 6.19
C GLY CA 21 -126.62 14.41 7.12
N GLY CA 22 -125.37 13.98 7.25
CA GLY CA 22 -124.38 14.70 8.02
C GLY CA 22 -123.80 13.95 9.20
N GLY CA 23 -124.65 13.29 9.97
CA GLY CA 23 -124.16 12.62 11.17
C GLY CA 23 -123.94 13.58 12.33
N VAL CA 24 -122.98 13.28 13.20
CA VAL CA 24 -122.71 14.08 14.38
C VAL CA 24 -121.69 15.15 14.04
N GLY CA 25 -121.89 16.34 14.58
CA GLY CA 25 -121.01 17.45 14.30
C GLY CA 25 -121.31 18.22 13.03
N GLN CA 26 -122.35 17.85 12.29
CA GLN CA 26 -122.73 18.58 11.08
C GLN CA 26 -124.12 18.16 10.67
N THR CA 27 -124.67 18.88 9.70
CA THR CA 27 -125.99 18.57 9.16
C THR CA 27 -126.08 19.17 7.77
N LEU CA 28 -126.33 18.32 6.77
CA LEU CA 28 -126.50 18.78 5.40
C LEU CA 28 -127.98 18.97 5.11
N TYR CA 29 -128.29 20.07 4.43
CA TYR CA 29 -129.65 20.34 4.01
C TYR CA 29 -129.70 20.44 2.50
N ARG CA 30 -130.90 20.27 1.95
CA ARG CA 30 -131.11 20.45 0.52
C ARG CA 30 -132.59 20.57 0.21
N ALA CA 31 -132.96 21.47 -0.70
CA ALA CA 31 -134.35 21.59 -1.12
C ALA CA 31 -134.68 20.52 -2.14
N THR CA 32 -135.94 20.48 -2.57
CA THR CA 32 -136.33 19.48 -3.57
C THR CA 32 -135.98 19.97 -4.98
N ALA CA 33 -136.69 21.00 -5.45
CA ALA CA 33 -136.53 21.54 -6.81
C ALA CA 33 -136.25 20.43 -7.82
N GLU CA 34 -137.07 19.38 -7.75
CA GLU CA 34 -136.77 18.13 -8.41
C GLU CA 34 -136.68 18.31 -9.92
N ALA CA 35 -135.86 17.47 -10.56
CA ALA CA 35 -135.71 17.49 -12.01
C ALA CA 35 -135.23 18.87 -12.48
N LEU CA 36 -133.97 19.17 -12.15
CA LEU CA 36 -132.90 18.25 -11.74
C LEU CA 36 -132.69 18.25 -10.24
N SER CA 37 -132.09 17.17 -9.72
CA SER CA 37 -131.86 17.02 -8.29
C SER CA 37 -130.63 17.78 -7.79
N ALA CA 38 -129.70 18.11 -8.67
CA ALA CA 38 -128.50 18.86 -8.30
C ALA CA 38 -128.67 20.36 -8.45
N ALA CA 39 -129.80 20.81 -8.96
CA ALA CA 39 -130.07 22.24 -9.15
C ALA CA 39 -131.00 22.77 -8.07
N ASN CA 40 -130.54 22.74 -6.82
CA ASN CA 40 -131.31 23.29 -5.71
C ASN CA 40 -130.35 23.65 -4.58
N PRO CA 41 -130.72 24.62 -3.75
CA PRO CA 41 -129.79 25.13 -2.74
C PRO CA 41 -129.50 24.11 -1.63
N SER CA 42 -128.39 24.34 -0.94
CA SER CA 42 -127.95 23.48 0.15
C SER CA 42 -127.37 24.34 1.25
N LEU CA 43 -127.40 23.81 2.47
CA LEU CA 43 -127.05 24.55 3.69
C LEU CA 43 -126.13 23.75 4.61
N SER CA 44 -124.99 23.34 4.09
CA SER CA 44 -124.06 22.56 4.92
C SER CA 44 -123.72 23.29 6.21
N PHE CA 45 -124.16 22.73 7.34
CA PHE CA 45 -124.01 23.38 8.64
C PHE CA 45 -123.29 22.45 9.59
N GLY CA 46 -122.10 22.87 10.05
CA GLY CA 46 -121.32 22.11 10.99
C GLY CA 46 -121.03 22.89 12.26
N TYR CA 47 -120.58 22.17 13.29
CA TYR CA 47 -120.32 22.75 14.60
C TYR CA 47 -119.46 21.79 15.39
N ARG CA 48 -118.62 22.34 16.25
CA ARG CA 48 -117.72 21.53 17.06
C ARG CA 48 -117.23 22.38 18.23
N PHE CA 49 -116.62 21.71 19.21
CA PHE CA 49 -115.99 22.37 20.35
C PHE CA 49 -114.54 21.93 20.42
N THR CA 50 -113.63 22.89 20.49
CA THR CA 50 -112.20 22.62 20.50
C THR CA 50 -111.78 22.23 21.92
N ASP CA 51 -110.46 22.24 22.16
CA ASP CA 51 -109.92 21.90 23.47
C ASP CA 51 -110.60 22.69 24.57
N GLY CA 52 -110.81 23.99 24.36
CA GLY CA 52 -111.54 24.78 25.31
C GLY CA 52 -113.03 24.71 25.09
N GLY CA 53 -113.73 25.81 25.31
CA GLY CA 53 -115.15 25.87 25.02
C GLY CA 53 -115.40 26.65 23.75
N THR CA 54 -114.36 26.77 22.92
CA THR CA 54 -114.43 27.59 21.71
C THR CA 54 -115.37 26.91 20.73
N ASN CA 55 -116.59 27.43 20.64
CA ASN CA 55 -117.60 26.89 19.75
C ASN CA 55 -117.33 27.42 18.35
N ARG CA 56 -117.01 26.52 17.43
CA ARG CA 56 -116.70 26.90 16.04
C ARG CA 56 -117.83 26.40 15.14
N GLN CA 57 -118.84 27.23 14.97
CA GLN CA 57 -119.91 26.91 14.06
C GLN CA 57 -119.57 27.37 12.65
N SER CA 58 -120.18 26.73 11.65
CA SER CA 58 -119.85 27.03 10.27
C SER CA 58 -121.02 26.71 9.35
N LEU CA 59 -121.45 27.68 8.56
CA LEU CA 59 -122.53 27.47 7.61
C LEU CA 59 -122.04 27.76 6.21
N SER CA 60 -122.55 27.00 5.25
CA SER CA 60 -122.22 27.22 3.85
C SER CA 60 -123.49 27.00 3.04
N TYR CA 61 -124.04 28.08 2.50
CA TYR CA 61 -125.27 28.05 1.73
C TYR CA 61 -124.91 28.25 0.27
N LYS CA 62 -125.24 27.27 -0.56
CA LYS CA 62 -124.97 27.33 -1.98
C LYS CA 62 -126.28 27.29 -2.75
N GLN CA 63 -126.47 28.25 -3.64
CA GLN CA 63 -127.65 28.30 -4.49
C GLN CA 63 -127.21 28.23 -5.95
N PRO CA 64 -127.57 27.19 -6.69
CA PRO CA 64 -127.14 27.09 -8.08
C PRO CA 64 -128.04 27.89 -9.01
N ILE CA 65 -127.44 28.37 -10.08
CA ILE CA 65 -128.11 29.22 -11.07
C ILE CA 65 -128.57 28.33 -12.21
N THR CA 66 -129.88 28.16 -12.34
CA THR CA 66 -130.46 27.25 -13.31
C THR CA 66 -130.82 28.00 -14.58
N ALA CA 67 -131.07 27.23 -15.64
CA ALA CA 67 -131.47 27.80 -16.93
C ALA CA 67 -132.18 26.71 -17.72
N VAL CA 68 -133.49 26.81 -17.84
CA VAL CA 68 -134.27 25.78 -18.52
C VAL CA 68 -134.05 25.89 -20.02
N ASP CA 69 -133.34 24.92 -20.59
CA ASP CA 69 -133.01 24.92 -22.01
C ASP CA 69 -134.24 24.47 -22.80
N SER CA 70 -134.98 25.44 -23.34
CA SER CA 70 -136.25 25.14 -23.99
C SER CA 70 -136.09 24.25 -25.21
N THR CA 71 -134.94 24.27 -25.86
CA THR CA 71 -134.71 23.42 -27.02
C THR CA 71 -134.80 21.94 -26.64
N THR CA 72 -134.06 21.55 -25.60
CA THR CA 72 -134.01 20.16 -25.16
C THR CA 72 -134.93 19.88 -23.99
N SER CA 73 -135.38 20.92 -23.28
CA SER CA 73 -136.23 20.81 -22.09
C SER CA 73 -135.52 20.06 -20.98
N GLU CA 74 -134.34 20.57 -20.62
CA GLU CA 74 -133.58 20.07 -19.49
C GLU CA 74 -133.00 21.25 -18.74
N THR CA 75 -132.84 21.10 -17.44
CA THR CA 75 -132.31 22.17 -16.61
C THR CA 75 -130.79 22.10 -16.59
N LEU CA 76 -130.16 23.23 -16.88
CA LEU CA 76 -128.70 23.34 -16.92
C LEU CA 76 -128.23 24.19 -15.75
N VAL CA 77 -127.09 23.82 -15.17
CA VAL CA 77 -126.54 24.51 -14.03
C VAL CA 77 -125.33 25.30 -14.49
N ARG CA 78 -125.39 26.63 -14.34
CA ARG CA 78 -124.36 27.51 -14.85
C ARG CA 78 -123.32 27.88 -13.81
N GLY CA 79 -123.68 27.84 -12.53
CA GLY CA 79 -122.76 28.20 -11.47
C GLY CA 79 -123.51 28.19 -10.16
N GLN CA 80 -122.86 28.69 -9.11
CA GLN CA 80 -123.52 28.74 -7.82
C GLN CA 80 -123.06 29.94 -7.01
N CYS CA 81 -124.01 30.61 -6.37
CA CYS CA 81 -123.70 31.63 -5.39
C CYS CA 81 -123.46 30.97 -4.04
N VAL CA 82 -122.31 31.25 -3.45
CA VAL CA 82 -121.87 30.61 -2.22
C VAL CA 82 -121.76 31.67 -1.12
N VAL CA 83 -122.34 31.38 0.04
CA VAL CA 83 -122.24 32.27 1.19
C VAL CA 83 -121.74 31.43 2.37
N ASP CA 84 -120.57 31.76 2.87
CA ASP CA 84 -120.00 31.09 4.04
C ASP CA 84 -120.12 31.99 5.25
N ILE CA 85 -120.47 31.41 6.39
CA ILE CA 85 -120.62 32.14 7.64
C ILE CA 85 -119.92 31.32 8.72
N ASN CA 86 -118.72 31.73 9.09
CA ASN CA 86 -118.04 31.08 10.20
C ASN CA 86 -118.24 31.89 11.47
N ILE CA 87 -118.52 31.17 12.56
CA ILE CA 87 -118.77 31.79 13.86
C ILE CA 87 -117.83 31.16 14.85
N VAL CA 88 -117.01 31.98 15.51
CA VAL CA 88 -116.10 31.51 16.54
C VAL CA 88 -116.51 32.18 17.84
N ILE CA 89 -116.76 31.38 18.87
CA ILE CA 89 -117.13 31.92 20.16
C ILE CA 89 -116.14 31.41 21.20
N PRO CA 90 -115.41 32.27 21.88
CA PRO CA 90 -114.35 31.81 22.78
C PRO CA 90 -114.90 31.15 24.04
N ARG CA 91 -113.98 30.60 24.83
CA ARG CA 91 -114.35 29.91 26.06
C ARG CA 91 -114.94 30.85 27.10
N VAL CA 92 -114.65 32.14 27.02
CA VAL CA 92 -114.98 33.09 28.08
C VAL CA 92 -116.20 33.93 27.75
N ALA CA 93 -117.00 33.52 26.76
CA ALA CA 93 -118.09 34.35 26.26
C ALA CA 93 -119.36 34.10 27.05
N THR CA 94 -119.97 35.17 27.53
CA THR CA 94 -121.24 35.07 28.24
C THR CA 94 -122.36 34.67 27.27
N ALA CA 95 -123.45 34.15 27.82
CA ALA CA 95 -124.55 33.67 27.02
C ALA CA 95 -125.32 34.77 26.30
N THR CA 96 -125.26 36.01 26.79
CA THR CA 96 -125.90 37.14 26.10
C THR CA 96 -124.98 37.86 25.15
N ASP CA 97 -123.67 37.81 25.39
CA ASP CA 97 -122.73 38.37 24.42
C ASP CA 97 -122.71 37.56 23.14
N ARG CA 98 -122.95 36.25 23.22
CA ARG CA 98 -123.13 35.45 22.02
C ARG CA 98 -124.27 35.98 21.18
N ALA CA 99 -125.43 36.19 21.80
CA ALA CA 99 -126.58 36.70 21.06
C ALA CA 99 -126.30 38.08 20.49
N GLU CA 100 -125.67 38.95 21.29
CA GLU CA 100 -125.32 40.28 20.80
C GLU CA 100 -124.45 40.19 19.56
N ALA CA 101 -123.36 39.43 19.64
CA ALA CA 101 -122.42 39.35 18.52
C ALA CA 101 -123.08 38.75 17.29
N ILE CA 102 -123.84 37.67 17.46
CA ILE CA 102 -124.42 36.99 16.30
C ILE CA 102 -125.47 37.88 15.64
N LYS CA 103 -126.39 38.44 16.43
CA LYS CA 103 -127.44 39.25 15.84
C LYS CA 103 -126.89 40.56 15.28
N ARG CA 104 -125.75 41.04 15.78
CA ARG CA 104 -125.15 42.22 15.19
C ARG CA 104 -124.46 41.89 13.88
N ALA CA 105 -123.76 40.76 13.82
CA ALA CA 105 -123.10 40.37 12.58
C ALA CA 105 -124.11 40.08 11.48
N PHE CA 106 -125.21 39.40 11.82
CA PHE CA 106 -126.25 39.15 10.83
C PHE CA 106 -127.08 40.37 10.52
N ASP CA 107 -126.88 41.48 11.24
CA ASP CA 107 -127.57 42.72 10.93
C ASP CA 107 -126.81 43.58 9.93
N VAL CA 108 -125.69 43.08 9.40
CA VAL CA 108 -124.94 43.83 8.40
C VAL CA 108 -125.80 44.06 7.17
N LEU CA 109 -126.56 43.04 6.76
CA LEU CA 109 -127.37 43.15 5.55
C LEU CA 109 -128.33 44.33 5.63
N ASN CA 110 -128.77 44.71 6.83
CA ASN CA 110 -129.59 45.91 6.97
C ASN CA 110 -128.76 47.18 7.05
N ALA CA 111 -127.48 47.08 7.40
CA ALA CA 111 -126.63 48.25 7.45
C ALA CA 111 -125.87 48.43 6.15
N LEU CA 112 -125.10 47.41 5.76
CA LEU CA 112 -124.30 47.44 4.53
C LEU CA 112 -125.10 46.82 3.39
N ASN CA 113 -126.29 47.37 3.15
CA ASN CA 113 -127.27 46.73 2.29
C ASN CA 113 -126.89 46.86 0.82
N ALA CA 114 -126.71 48.09 0.34
CA ALA CA 114 -126.49 48.30 -1.08
C ALA CA 114 -125.18 47.68 -1.56
N GLU CA 115 -124.21 47.51 -0.67
CA GLU CA 115 -122.96 46.89 -1.05
C GLU CA 115 -123.06 45.38 -1.19
N LEU CA 116 -124.19 44.78 -0.79
CA LEU CA 116 -124.36 43.34 -0.86
C LEU CA 116 -125.49 42.92 -1.78
N ILE CA 117 -126.65 43.55 -1.66
CA ILE CA 117 -127.79 43.16 -2.47
C ILE CA 117 -127.55 43.45 -3.95
N THR CA 118 -127.01 44.64 -4.26
CA THR CA 118 -126.78 45.03 -5.64
C THR CA 118 -125.36 44.78 -6.11
N GLY CA 119 -124.39 44.71 -5.21
CA GLY CA 119 -123.03 44.43 -5.58
C GLY CA 119 -122.14 45.63 -5.77
N GLU CA 120 -122.60 46.82 -5.39
CA GLU CA 120 -121.80 48.03 -5.55
C GLU CA 120 -120.56 47.97 -4.66
N GLY CA 121 -119.74 49.00 -4.79
CA GLY CA 121 -118.67 49.24 -3.84
C GLY CA 121 -118.79 50.66 -3.35
N GLN CA 122 -118.46 50.86 -2.08
CA GLN CA 122 -118.59 52.18 -1.49
C GLN CA 122 -117.44 53.07 -1.94
N TRP CA 123 -117.78 54.30 -2.31
CA TRP CA 123 -116.81 55.22 -2.88
C TRP CA 123 -116.38 56.30 -1.90
N ALA DA 1 -123.48 53.30 -1.25
CA ALA DA 1 -123.20 54.71 -1.05
C ALA DA 1 -121.79 54.90 -0.48
N ALA DA 2 -121.45 56.14 -0.16
CA ALA DA 2 -120.12 56.44 0.32
C ALA DA 2 -119.91 55.88 1.72
N ARG DA 3 -118.64 55.76 2.10
CA ARG DA 3 -118.31 55.28 3.44
C ARG DA 3 -118.94 56.20 4.49
N SER DA 4 -119.87 55.67 5.28
CA SER DA 4 -120.53 56.46 6.30
C SER DA 4 -120.58 55.69 7.62
N SER DA 5 -121.36 56.18 8.57
CA SER DA 5 -121.49 55.52 9.87
C SER DA 5 -122.64 54.53 9.81
N ILE DA 6 -122.35 53.28 10.17
CA ILE DA 6 -123.34 52.22 10.18
C ILE DA 6 -123.82 52.00 11.62
N VAL DA 7 -125.02 51.43 11.74
CA VAL DA 7 -125.73 51.43 13.02
C VAL DA 7 -126.00 49.96 13.37
N LEU DA 8 -125.01 49.11 13.12
CA LEU DA 8 -125.09 47.69 13.47
C LEU DA 8 -125.73 47.51 14.85
N THR DA 9 -126.84 46.78 14.88
CA THR DA 9 -127.64 46.63 16.08
C THR DA 9 -128.08 45.18 16.23
N ASP DA 10 -128.88 44.92 17.26
CA ASP DA 10 -129.46 43.60 17.45
C ASP DA 10 -130.92 43.64 17.90
N GLY DA 11 -131.55 44.81 17.88
CA GLY DA 11 -132.90 44.99 18.35
C GLY DA 11 -133.01 45.67 19.70
N THR DA 12 -131.97 45.55 20.53
CA THR DA 12 -131.96 46.18 21.85
C THR DA 12 -130.83 47.19 22.00
N THR DA 13 -129.58 46.80 21.70
CA THR DA 13 -128.41 47.63 21.97
C THR DA 13 -127.68 47.96 20.68
N PRO DA 14 -127.97 49.09 20.05
CA PRO DA 14 -127.26 49.46 18.82
C PRO DA 14 -125.83 49.89 19.10
N VAL DA 15 -125.01 49.77 18.05
CA VAL DA 15 -123.62 50.23 18.09
C VAL DA 15 -123.34 50.95 16.77
N THR DA 16 -122.80 52.16 16.86
CA THR DA 16 -122.49 52.96 15.68
C THR DA 16 -121.01 52.84 15.36
N LEU DA 17 -120.69 52.52 14.11
CA LEU DA 17 -119.33 52.30 13.66
C LEU DA 17 -119.00 53.29 12.55
N THR DA 18 -117.84 53.95 12.65
CA THR DA 18 -117.37 54.88 11.64
C THR DA 18 -116.07 54.38 11.03
N PRO DA 19 -115.86 54.58 9.72
CA PRO DA 19 -114.69 54.01 9.06
C PRO DA 19 -113.39 54.52 9.67
N VAL DA 20 -112.42 53.62 9.81
CA VAL DA 20 -111.16 53.96 10.46
C VAL DA 20 -109.98 53.52 9.58
N GLY DA 21 -110.19 53.42 8.30
CA GLY DA 21 -109.08 53.13 7.42
C GLY DA 21 -109.54 52.32 6.22
N GLY DA 22 -108.63 51.48 5.73
CA GLY DA 22 -108.92 50.63 4.59
C GLY DA 22 -108.17 51.00 3.34
N GLY DA 23 -108.89 51.14 2.23
CA GLY DA 23 -108.29 51.46 0.95
C GLY DA 23 -109.29 51.30 -0.19
N VAL DA 24 -108.87 50.65 -1.27
CA VAL DA 24 -109.76 50.33 -2.37
C VAL DA 24 -110.17 48.87 -2.22
N GLY DA 25 -111.47 48.61 -2.27
CA GLY DA 25 -111.97 47.28 -1.99
C GLY DA 25 -111.62 46.83 -0.59
N GLN DA 26 -111.75 47.74 0.37
CA GLN DA 26 -111.47 47.47 1.77
C GLN DA 26 -112.00 48.63 2.60
N THR DA 27 -112.58 48.30 3.76
CA THR DA 27 -113.19 49.34 4.59
C THR DA 27 -113.23 48.82 6.03
N LEU DA 28 -112.41 49.41 6.90
CA LEU DA 28 -112.46 49.08 8.30
C LEU DA 28 -113.62 49.82 8.98
N TYR DA 29 -113.90 49.43 10.22
CA TYR DA 29 -114.91 50.10 11.02
C TYR DA 29 -114.51 49.95 12.49
N ARG DA 30 -115.11 50.78 13.33
CA ARG DA 30 -114.94 50.69 14.77
C ARG DA 30 -115.92 51.68 15.42
N ALA DA 31 -116.20 51.46 16.69
CA ALA DA 31 -117.15 52.27 17.45
C ALA DA 31 -116.40 53.35 18.24
N THR DA 32 -117.13 54.03 19.13
CA THR DA 32 -116.62 55.23 19.79
C THR DA 32 -115.86 54.93 21.08
N ALA DA 33 -116.23 53.89 21.82
CA ALA DA 33 -115.61 53.62 23.11
C ALA DA 33 -114.12 53.30 22.96
N GLU DA 34 -113.34 53.58 24.00
CA GLU DA 34 -111.89 53.53 23.93
C GLU DA 34 -111.34 52.54 24.94
N ALA DA 35 -110.41 51.70 24.50
CA ALA DA 35 -109.79 50.72 25.38
C ALA DA 35 -108.36 50.50 24.90
N LEU DA 36 -107.63 49.62 25.59
CA LEU DA 36 -106.19 49.46 25.39
C LEU DA 36 -105.86 48.36 24.40
N SER DA 37 -106.31 47.13 24.66
CA SER DA 37 -105.98 45.99 23.79
C SER DA 37 -106.99 45.83 22.67
N ALA DA 38 -108.26 45.60 23.03
CA ALA DA 38 -109.33 45.48 22.05
C ALA DA 38 -110.35 46.57 22.33
N ALA DA 39 -110.48 47.51 21.40
CA ALA DA 39 -111.31 48.67 21.66
C ALA DA 39 -112.80 48.35 21.50
N ASN DA 40 -113.21 48.00 20.29
CA ASN DA 40 -114.63 47.92 19.97
C ASN DA 40 -114.89 46.87 18.90
N PRO DA 41 -116.14 46.62 18.53
CA PRO DA 41 -116.41 45.83 17.32
C PRO DA 41 -115.77 46.46 16.10
N SER DA 42 -115.20 45.62 15.23
CA SER DA 42 -114.44 46.08 14.08
C SER DA 42 -114.87 45.27 12.86
N LEU DA 43 -115.76 45.85 12.06
CA LEU DA 43 -116.35 45.18 10.91
C LEU DA 43 -115.53 45.49 9.66
N SER DA 44 -114.62 44.59 9.30
CA SER DA 44 -113.86 44.77 8.07
C SER DA 44 -114.63 44.23 6.88
N PHE DA 45 -114.53 44.93 5.76
CA PHE DA 45 -115.32 44.64 4.55
C PHE DA 45 -114.36 44.63 3.36
N GLY DA 46 -114.20 43.47 2.73
CA GLY DA 46 -113.12 43.29 1.77
C GLY DA 46 -113.49 42.93 0.35
N TYR DA 47 -114.49 43.60 -0.22
CA TYR DA 47 -114.98 43.26 -1.55
C TYR DA 47 -113.89 43.42 -2.60
N ARG DA 48 -114.02 42.66 -3.69
CA ARG DA 48 -113.11 42.72 -4.83
C ARG DA 48 -113.78 41.99 -6.00
N PHE DA 49 -113.06 41.92 -7.12
CA PHE DA 49 -113.50 41.18 -8.30
C PHE DA 49 -112.39 40.21 -8.69
N THR DA 50 -112.62 39.46 -9.77
CA THR DA 50 -111.72 38.38 -10.15
C THR DA 50 -111.70 38.32 -11.68
N ASP DA 51 -111.24 37.19 -12.23
CA ASP DA 51 -111.12 37.03 -13.68
C ASP DA 51 -112.46 37.29 -14.36
N GLY DA 52 -113.52 36.67 -13.87
CA GLY DA 52 -114.87 36.95 -14.34
C GLY DA 52 -115.52 38.04 -13.53
N GLY DA 53 -116.84 38.01 -13.51
CA GLY DA 53 -117.59 38.92 -12.67
C GLY DA 53 -117.74 38.34 -11.27
N THR DA 54 -116.74 37.56 -10.86
CA THR DA 54 -116.82 36.82 -9.61
C THR DA 54 -116.67 37.78 -8.44
N ASN DA 55 -117.77 38.40 -8.04
CA ASN DA 55 -117.74 39.38 -6.96
C ASN DA 55 -117.45 38.67 -5.66
N ARG DA 56 -116.19 38.70 -5.25
CA ARG DA 56 -115.73 37.91 -4.11
C ARG DA 56 -115.70 38.79 -2.86
N GLN DA 57 -116.88 39.16 -2.41
CA GLN DA 57 -116.99 39.96 -1.19
C GLN DA 57 -116.57 39.15 0.02
N SER DA 58 -116.30 39.84 1.12
CA SER DA 58 -115.80 39.22 2.33
C SER DA 58 -115.98 40.18 3.49
N LEU DA 59 -116.38 39.65 4.64
CA LEU DA 59 -116.63 40.46 5.83
C LEU DA 59 -115.98 39.78 7.03
N SER DA 60 -115.85 40.55 8.10
CA SER DA 60 -115.43 40.00 9.39
C SER DA 60 -115.82 40.95 10.50
N TYR DA 61 -116.69 40.50 11.41
CA TYR DA 61 -117.20 41.33 12.49
C TYR DA 61 -116.69 40.75 13.81
N LYS DA 62 -115.79 41.48 14.47
CA LYS DA 62 -115.24 41.07 15.74
C LYS DA 62 -115.83 41.95 16.84
N GLN DA 63 -116.36 41.32 17.87
CA GLN DA 63 -116.87 42.03 19.04
C GLN DA 63 -116.07 41.59 20.26
N PRO DA 64 -115.41 42.48 20.97
CA PRO DA 64 -114.55 42.06 22.06
C PRO DA 64 -115.20 41.76 23.41
N ILE DA 65 -115.03 40.53 23.84
CA ILE DA 65 -115.55 40.07 25.12
C ILE DA 65 -114.72 40.76 26.19
N THR DA 66 -115.36 41.64 26.97
CA THR DA 66 -114.68 42.52 27.90
C THR DA 66 -115.51 42.68 29.17
N ALA DA 67 -114.84 43.02 30.27
CA ALA DA 67 -115.46 43.34 31.54
C ALA DA 67 -114.71 44.50 32.17
N VAL DA 68 -115.46 45.44 32.76
CA VAL DA 68 -114.87 46.66 33.27
C VAL DA 68 -114.24 46.39 34.64
N ASP DA 69 -112.95 46.68 34.76
CA ASP DA 69 -112.26 46.52 36.03
C ASP DA 69 -112.72 47.60 37.01
N SER DA 70 -112.46 47.34 38.29
CA SER DA 70 -112.74 48.33 39.32
C SER DA 70 -111.51 49.18 39.59
N THR DA 71 -111.74 50.48 39.82
CA THR DA 71 -110.75 51.49 40.14
C THR DA 71 -109.82 51.81 38.98
N THR DA 72 -109.94 51.13 37.84
CA THR DA 72 -109.10 51.40 36.68
C THR DA 72 -109.98 51.57 35.45
N SER DA 73 -109.67 52.58 34.63
CA SER DA 73 -110.43 52.89 33.43
C SER DA 73 -109.85 52.21 32.19
N GLU DA 74 -109.69 50.89 32.27
CA GLU DA 74 -109.12 50.14 31.16
C GLU DA 74 -110.02 49.03 30.63
N THR DA 75 -111.15 48.78 31.28
CA THR DA 75 -112.20 47.86 30.83
C THR DA 75 -111.63 46.59 30.19
N LEU DA 76 -110.91 45.80 31.00
CA LEU DA 76 -110.20 44.61 30.56
C LEU DA 76 -111.02 43.78 29.58
N VAL DA 77 -110.39 43.41 28.46
CA VAL DA 77 -111.01 42.59 27.43
C VAL DA 77 -110.53 41.15 27.60
N ARG DA 78 -111.45 40.20 27.42
CA ARG DA 78 -111.16 38.80 27.64
C ARG DA 78 -111.07 37.97 26.37
N GLY DA 79 -111.71 38.40 25.30
CA GLY DA 79 -111.70 37.65 24.06
C GLY DA 79 -112.35 38.39 22.92
N GLN DA 80 -112.77 37.64 21.90
CA GLN DA 80 -113.47 38.24 20.76
C GLN DA 80 -114.33 37.22 20.03
N CYS DA 81 -115.56 37.60 19.69
CA CYS DA 81 -116.49 36.72 19.00
C CYS DA 81 -116.40 37.00 17.50
N VAL DA 82 -115.47 36.30 16.83
CA VAL DA 82 -115.29 36.49 15.40
C VAL DA 82 -116.45 35.91 14.62
N VAL DA 83 -116.94 36.65 13.63
CA VAL DA 83 -117.99 36.16 12.74
C VAL DA 83 -117.65 36.52 11.30
N ASP DA 84 -117.10 35.56 10.55
CA ASP DA 84 -116.71 35.79 9.16
C ASP DA 84 -117.88 35.50 8.24
N ILE DA 85 -118.02 36.30 7.19
CA ILE DA 85 -119.04 36.09 6.17
C ILE DA 85 -118.44 36.30 4.79
N ASN DA 86 -118.16 35.21 4.07
CA ASN DA 86 -117.59 35.31 2.74
C ASN DA 86 -118.65 35.01 1.69
N ILE DA 87 -118.64 35.80 0.62
CA ILE DA 87 -119.64 35.72 -0.43
C ILE DA 87 -118.92 35.57 -1.76
N VAL DA 88 -119.36 34.63 -2.58
CA VAL DA 88 -118.79 34.40 -3.90
C VAL DA 88 -119.95 34.30 -4.88
N ILE DA 89 -120.12 35.30 -5.72
CA ILE DA 89 -121.24 35.39 -6.67
C ILE DA 89 -120.66 35.30 -8.07
N PRO DA 90 -121.13 34.38 -8.91
CA PRO DA 90 -120.48 34.19 -10.21
C PRO DA 90 -120.80 35.29 -11.20
N ARG DA 91 -120.21 35.20 -12.39
CA ARG DA 91 -120.47 36.18 -13.44
C ARG DA 91 -121.89 36.08 -13.98
N VAL DA 92 -122.48 34.89 -14.01
CA VAL DA 92 -123.74 34.67 -14.70
C VAL DA 92 -124.91 34.93 -13.78
N ALA DA 93 -124.66 35.48 -12.60
CA ALA DA 93 -125.68 35.63 -11.58
C ALA DA 93 -126.49 36.89 -11.83
N THR DA 94 -127.73 36.71 -12.27
CA THR DA 94 -128.66 37.82 -12.40
C THR DA 94 -128.88 38.49 -11.05
N ALA DA 95 -129.01 39.82 -11.07
CA ALA DA 95 -129.09 40.58 -9.83
C ALA DA 95 -130.27 40.17 -8.97
N THR DA 96 -131.31 39.57 -9.55
CA THR DA 96 -132.36 38.98 -8.72
C THR DA 96 -131.87 37.72 -8.01
N ASP DA 97 -131.11 36.88 -8.71
CA ASP DA 97 -130.58 35.68 -8.09
C ASP DA 97 -129.62 36.02 -6.96
N ARG DA 98 -128.77 37.03 -7.16
CA ARG DA 98 -127.85 37.41 -6.09
C ARG DA 98 -128.60 37.93 -4.87
N ALA DA 99 -129.64 38.75 -5.08
CA ALA DA 99 -130.43 39.23 -3.95
C ALA DA 99 -131.09 38.08 -3.21
N GLU DA 100 -131.66 37.12 -3.96
CA GLU DA 100 -132.25 35.95 -3.33
C GLU DA 100 -131.23 35.18 -2.52
N ALA DA 101 -130.05 34.95 -3.09
CA ALA DA 101 -129.03 34.15 -2.41
C ALA DA 101 -128.59 34.84 -1.12
N ILE DA 102 -128.33 36.15 -1.17
CA ILE DA 102 -127.85 36.85 0.01
C ILE DA 102 -128.94 36.89 1.09
N LYS DA 103 -130.17 37.25 0.71
CA LYS DA 103 -131.22 37.37 1.71
C LYS DA 103 -131.63 36.02 2.28
N ARG DA 104 -131.45 34.94 1.51
CA ARG DA 104 -131.72 33.61 2.04
C ARG DA 104 -130.60 33.14 2.95
N ALA DA 105 -129.36 33.45 2.61
CA ALA DA 105 -128.25 33.08 3.50
C ALA DA 105 -128.35 33.82 4.83
N PHE DA 106 -128.73 35.08 4.80
CA PHE DA 106 -128.84 35.84 6.05
C PHE DA 106 -130.13 35.58 6.79
N ASP DA 107 -131.01 34.72 6.27
CA ASP DA 107 -132.20 34.31 6.99
C ASP DA 107 -131.98 33.02 7.77
N VAL DA 108 -130.75 32.52 7.82
CA VAL DA 108 -130.46 31.32 8.61
C VAL DA 108 -130.73 31.59 10.08
N LEU DA 109 -130.37 32.78 10.56
CA LEU DA 109 -130.53 33.10 11.97
C LEU DA 109 -131.98 32.97 12.43
N ASN DA 110 -132.93 33.18 11.53
CA ASN DA 110 -134.34 33.03 11.88
C ASN DA 110 -134.86 31.61 11.70
N ALA DA 111 -134.11 30.74 11.02
CA ALA DA 111 -134.51 29.35 10.84
C ALA DA 111 -133.69 28.42 11.70
N LEU DA 112 -132.38 28.57 11.67
CA LEU DA 112 -131.46 27.78 12.50
C LEU DA 112 -131.09 28.57 13.75
N ASN DA 113 -132.12 28.99 14.49
CA ASN DA 113 -131.94 30.02 15.51
C ASN DA 113 -131.23 29.48 16.75
N ALA DA 114 -131.81 28.45 17.38
CA ALA DA 114 -131.31 27.99 18.66
C ALA DA 114 -129.88 27.47 18.55
N GLU DA 115 -129.56 26.76 17.47
CA GLU DA 115 -128.23 26.22 17.30
C GLU DA 115 -127.16 27.30 17.20
N LEU DA 116 -127.54 28.50 16.72
CA LEU DA 116 -126.59 29.59 16.55
C LEU DA 116 -126.51 30.48 17.79
N ILE DA 117 -127.66 30.80 18.38
CA ILE DA 117 -127.68 31.65 19.56
C ILE DA 117 -127.21 30.88 20.78
N THR DA 118 -127.88 29.78 21.10
CA THR DA 118 -127.55 29.01 22.29
C THR DA 118 -126.27 28.19 22.10
N GLY DA 119 -126.09 27.60 20.93
CA GLY DA 119 -124.88 26.85 20.65
C GLY DA 119 -124.98 25.38 21.00
N GLU DA 120 -126.04 24.73 20.53
CA GLU DA 120 -126.35 23.36 20.94
C GLU DA 120 -127.20 22.69 19.89
N GLY DA 121 -127.31 21.37 19.99
CA GLY DA 121 -128.39 20.69 19.31
C GLY DA 121 -128.01 19.78 18.16
N GLN DA 122 -128.94 19.61 17.21
CA GLN DA 122 -128.82 18.69 16.10
C GLN DA 122 -128.65 17.25 16.61
N TRP DA 123 -129.73 16.77 17.22
CA TRP DA 123 -129.77 15.41 17.74
C TRP DA 123 -130.10 14.43 16.63
N ALA EA 1 53.13 -119.20 2.55
CA ALA EA 1 53.54 -120.09 1.47
C ALA EA 1 52.55 -120.00 0.30
N ALA EA 2 52.71 -120.87 -0.69
CA ALA EA 2 51.79 -120.89 -1.80
C ALA EA 2 50.40 -121.31 -1.32
N ARG EA 3 49.37 -120.59 -1.77
CA ARG EA 3 48.02 -120.88 -1.37
C ARG EA 3 47.62 -122.28 -1.81
N SER EA 4 46.98 -123.03 -0.92
CA SER EA 4 46.55 -124.39 -1.21
C SER EA 4 45.29 -124.68 -0.40
N SER EA 5 44.95 -125.95 -0.27
CA SER EA 5 43.78 -126.37 0.48
C SER EA 5 44.14 -126.60 1.95
N ILE EA 6 43.15 -126.49 2.81
CA ILE EA 6 43.32 -126.70 4.25
C ILE EA 6 42.24 -127.65 4.73
N VAL EA 7 42.53 -128.33 5.84
CA VAL EA 7 41.76 -129.51 6.25
C VAL EA 7 41.21 -129.27 7.65
N LEU EA 8 40.77 -128.04 7.92
CA LEU EA 8 40.15 -127.69 9.19
C LEU EA 8 39.25 -128.81 9.71
N THR EA 9 39.50 -129.24 10.93
CA THR EA 9 38.81 -130.38 11.51
C THR EA 9 38.50 -130.11 12.97
N ASP EA 10 37.71 -130.98 13.57
CA ASP EA 10 37.41 -130.94 15.00
C ASP EA 10 37.45 -132.34 15.59
N GLY EA 11 38.23 -133.23 14.99
CA GLY EA 11 38.41 -134.56 15.52
C GLY EA 11 37.57 -135.61 14.82
N THR EA 12 36.37 -135.24 14.39
CA THR EA 12 35.45 -136.22 13.81
C THR EA 12 34.99 -135.87 12.40
N THR EA 13 34.80 -134.59 12.10
CA THR EA 13 34.26 -134.17 10.79
C THR EA 13 35.19 -133.14 10.16
N PRO EA 14 36.22 -133.59 9.45
CA PRO EA 14 37.11 -132.66 8.76
C PRO EA 14 36.38 -131.92 7.65
N VAL EA 15 36.85 -130.70 7.39
CA VAL EA 15 36.30 -129.85 6.33
C VAL EA 15 37.46 -129.42 5.44
N THR EA 16 37.38 -129.74 4.16
CA THR EA 16 38.40 -129.32 3.20
C THR EA 16 37.99 -128.00 2.58
N LEU EA 17 38.81 -126.97 2.77
CA LEU EA 17 38.55 -125.67 2.22
C LEU EA 17 39.53 -125.39 1.09
N THR EA 18 39.07 -124.63 0.10
CA THR EA 18 39.87 -124.30 -1.06
C THR EA 18 39.84 -122.79 -1.27
N PRO EA 19 40.93 -122.21 -1.80
CA PRO EA 19 40.96 -120.76 -2.01
C PRO EA 19 40.16 -120.34 -3.21
N VAL EA 20 39.13 -119.51 -3.02
CA VAL EA 20 38.24 -119.15 -4.11
C VAL EA 20 38.19 -117.65 -4.29
N GLY EA 21 39.25 -116.97 -3.88
CA GLY EA 21 39.30 -115.53 -4.04
C GLY EA 21 40.35 -114.92 -3.13
N GLY EA 22 40.22 -113.61 -2.95
CA GLY EA 22 41.13 -112.89 -2.08
C GLY EA 22 41.74 -111.67 -2.75
N GLY EA 23 43.04 -111.49 -2.55
CA GLY EA 23 43.72 -110.33 -3.12
C GLY EA 23 45.13 -110.24 -2.60
N VAL EA 24 45.56 -109.02 -2.35
CA VAL EA 24 46.86 -108.76 -1.73
C VAL EA 24 46.64 -108.60 -0.23
N GLY EA 25 47.31 -109.45 0.55
CA GLY EA 25 47.09 -109.47 1.99
C GLY EA 25 45.71 -109.94 2.37
N GLN EA 26 45.22 -110.97 1.69
CA GLN EA 26 43.88 -111.51 1.91
C GLN EA 26 43.75 -112.80 1.11
N THR EA 27 43.03 -113.77 1.68
CA THR EA 27 42.84 -115.05 1.00
C THR EA 27 41.55 -115.68 1.52
N LEU EA 28 40.49 -115.57 0.74
CA LEU EA 28 39.24 -116.24 1.09
C LEU EA 28 39.36 -117.74 0.90
N TYR EA 29 38.58 -118.49 1.67
CA TYR EA 29 38.48 -119.93 1.52
C TYR EA 29 37.01 -120.31 1.54
N ARG EA 30 36.71 -121.47 0.98
CA ARG EA 30 35.35 -122.00 1.08
C ARG EA 30 35.39 -123.51 0.99
N ALA EA 31 34.50 -124.17 1.71
CA ALA EA 31 34.43 -125.62 1.66
C ALA EA 31 33.94 -126.05 0.28
N THR EA 32 34.46 -127.18 -0.19
CA THR EA 32 34.18 -127.62 -1.56
C THR EA 32 32.68 -127.76 -1.79
N ALA EA 33 32.05 -128.69 -1.08
CA ALA EA 33 30.60 -128.82 -1.10
C ALA EA 33 30.17 -129.66 0.08
N GLU EA 34 29.41 -129.07 1.00
CA GLU EA 34 28.82 -129.88 2.07
C GLU EA 34 27.51 -130.51 1.59
N ALA EA 35 26.48 -129.70 1.36
CA ALA EA 35 25.25 -130.17 0.72
C ALA EA 35 24.64 -129.18 -0.25
N LEU EA 36 25.02 -127.91 -0.22
CA LEU EA 36 24.48 -126.86 -1.08
C LEU EA 36 25.35 -125.63 -0.88
N SER EA 37 24.97 -124.52 -1.50
CA SER EA 37 25.62 -123.26 -1.24
C SER EA 37 24.97 -122.56 -0.06
N ALA EA 38 25.71 -121.64 0.56
CA ALA EA 38 25.38 -120.92 1.78
C ALA EA 38 25.37 -121.83 3.00
N ALA EA 39 25.58 -123.13 2.83
CA ALA EA 39 25.74 -124.07 3.94
C ALA EA 39 27.17 -124.59 3.97
N ASN EA 40 28.12 -123.76 3.55
CA ASN EA 40 29.52 -124.13 3.47
C ASN EA 40 30.35 -123.16 4.30
N PRO EA 41 31.22 -123.66 5.17
CA PRO EA 41 32.04 -122.76 6.00
C PRO EA 41 33.07 -122.01 5.17
N SER EA 42 33.50 -120.87 5.70
CA SER EA 42 34.52 -120.06 5.04
C SER EA 42 35.56 -119.64 6.08
N LEU EA 43 36.78 -119.38 5.60
CA LEU EA 43 37.94 -119.12 6.46
C LEU EA 43 38.71 -117.89 5.95
N SER EA 44 38.02 -116.76 5.85
CA SER EA 44 38.68 -115.54 5.40
C SER EA 44 39.94 -115.26 6.21
N PHE EA 45 41.03 -114.94 5.52
CA PHE EA 45 42.32 -114.80 6.18
C PHE EA 45 43.06 -113.62 5.57
N GLY EA 46 43.29 -112.57 6.36
CA GLY EA 46 44.04 -111.42 5.93
C GLY EA 46 45.33 -111.25 6.71
N TYR EA 47 46.19 -110.37 6.19
CA TYR EA 47 47.49 -110.10 6.78
C TYR EA 47 48.04 -108.82 6.18
N ARG EA 48 48.67 -108.01 7.03
CA ARG EA 48 49.21 -106.74 6.58
C ARG EA 48 50.28 -106.28 7.56
N PHE EA 49 51.10 -105.34 7.12
CA PHE EA 49 52.11 -104.71 7.94
C PHE EA 49 51.82 -103.22 8.01
N THR EA 50 51.77 -102.68 9.23
CA THR EA 50 51.61 -101.24 9.41
C THR EA 50 52.96 -100.55 9.25
N ASP EA 51 53.05 -99.31 9.72
CA ASP EA 51 54.30 -98.54 9.66
C ASP EA 51 55.50 -99.37 10.09
N GLY EA 52 55.43 -99.99 11.27
CA GLY EA 52 56.47 -100.88 11.73
C GLY EA 52 56.22 -102.30 11.25
N GLY EA 53 57.01 -103.23 11.78
CA GLY EA 53 56.88 -104.62 11.41
C GLY EA 53 55.77 -105.32 12.16
N THR EA 54 54.71 -104.59 12.51
CA THR EA 54 53.60 -105.13 13.27
C THR EA 54 52.81 -106.09 12.39
N ASN EA 55 53.05 -107.38 12.56
CA ASN EA 55 52.45 -108.40 11.71
C ASN EA 55 50.97 -108.58 12.03
N ARG EA 56 50.14 -107.64 11.56
CA ARG EA 56 48.72 -107.61 11.91
C ARG EA 56 47.94 -108.62 11.06
N GLN EA 57 48.07 -109.89 11.41
CA GLN EA 57 47.28 -110.92 10.77
C GLN EA 57 45.86 -110.91 11.32
N SER EA 58 44.94 -111.50 10.55
CA SER EA 58 43.54 -111.54 10.94
C SER EA 58 42.87 -112.76 10.33
N LEU EA 59 41.91 -113.32 11.05
CA LEU EA 59 41.18 -114.48 10.58
C LEU EA 59 39.70 -114.28 10.85
N SER EA 60 38.89 -115.04 10.12
CA SER EA 60 37.45 -115.05 10.33
C SER EA 60 36.89 -116.34 9.78
N TYR EA 61 36.45 -117.22 10.65
CA TYR EA 61 35.86 -118.50 10.27
C TYR EA 61 34.36 -118.42 10.51
N LYS EA 62 33.58 -118.64 9.45
CA LYS EA 62 32.12 -118.56 9.52
C LYS EA 62 31.53 -119.91 9.13
N GLN EA 63 30.79 -120.51 10.06
CA GLN EA 63 30.13 -121.78 9.81
C GLN EA 63 28.62 -121.58 9.87
N PRO EA 64 27.88 -121.79 8.80
CA PRO EA 64 26.44 -121.52 8.81
C PRO EA 64 25.63 -122.68 9.39
N ILE EA 65 24.54 -122.31 10.05
CA ILE EA 65 23.70 -123.26 10.78
C ILE EA 65 22.51 -123.59 9.88
N THR EA 66 22.46 -124.81 9.39
CA THR EA 66 21.43 -125.23 8.44
C THR EA 66 20.42 -126.13 9.13
N ALA EA 67 19.18 -126.05 8.65
CA ALA EA 67 18.08 -126.81 9.24
C ALA EA 67 17.02 -127.06 8.18
N VAL EA 68 16.34 -128.20 8.30
CA VAL EA 68 15.32 -128.59 7.33
C VAL EA 68 14.08 -127.72 7.51
N ASP EA 69 13.31 -127.58 6.43
CA ASP EA 69 12.11 -126.76 6.38
C ASP EA 69 10.93 -127.60 5.90
N SER EA 70 10.70 -128.72 6.61
CA SER EA 70 9.79 -129.81 6.21
C SER EA 70 8.50 -129.35 5.55
N THR EA 71 7.97 -128.19 5.94
CA THR EA 71 6.83 -127.63 5.22
C THR EA 71 7.13 -127.47 3.74
N THR EA 72 8.39 -127.23 3.38
CA THR EA 72 8.85 -127.22 2.00
C THR EA 72 9.98 -128.19 1.73
N SER EA 73 10.64 -128.71 2.77
CA SER EA 73 11.74 -129.67 2.66
C SER EA 73 12.97 -129.08 1.97
N GLU EA 74 13.17 -127.77 2.10
CA GLU EA 74 14.35 -127.10 1.57
C GLU EA 74 15.27 -126.71 2.70
N THR EA 75 16.55 -127.07 2.59
CA THR EA 75 17.52 -126.93 3.68
C THR EA 75 17.93 -125.47 3.85
N LEU EA 76 17.03 -124.69 4.44
CA LEU EA 76 17.30 -123.28 4.68
C LEU EA 76 18.37 -123.11 5.74
N VAL EA 77 19.08 -121.99 5.68
CA VAL EA 77 20.11 -121.63 6.65
C VAL EA 77 19.58 -120.51 7.54
N ARG EA 78 19.74 -120.68 8.86
CA ARG EA 78 19.20 -119.75 9.83
C ARG EA 78 20.17 -118.61 10.15
N GLY EA 79 21.35 -118.95 10.64
CA GLY EA 79 22.37 -117.96 10.97
C GLY EA 79 23.76 -118.53 10.79
N GLN EA 80 24.76 -117.96 11.45
CA GLN EA 80 26.12 -118.44 11.33
C GLN EA 80 26.87 -118.23 12.64
N CYS EA 81 27.84 -119.11 12.88
CA CYS EA 81 28.77 -118.98 13.99
C CYS EA 81 30.07 -118.37 13.46
N VAL EA 82 30.54 -117.32 14.12
CA VAL EA 82 31.65 -116.52 13.65
C VAL EA 82 32.76 -116.56 14.70
N VAL EA 83 33.97 -116.90 14.27
CA VAL EA 83 35.14 -116.90 15.14
C VAL EA 83 36.21 -116.02 14.49
N ASP EA 84 36.64 -114.98 15.20
CA ASP EA 84 37.65 -114.06 14.70
C ASP EA 84 38.90 -114.20 15.55
N ILE EA 85 40.00 -114.61 14.93
CA ILE EA 85 41.27 -114.71 15.64
C ILE EA 85 42.23 -113.67 15.10
N ASN EA 86 42.25 -112.49 15.72
CA ASN EA 86 43.20 -111.46 15.34
C ASN EA 86 44.54 -111.68 16.04
N ILE EA 87 45.62 -111.36 15.34
CA ILE EA 87 46.96 -111.51 15.86
C ILE EA 87 47.75 -110.26 15.53
N VAL EA 88 48.46 -109.72 16.53
CA VAL EA 88 49.32 -108.56 16.33
C VAL EA 88 50.66 -108.86 17.01
N ILE EA 89 51.73 -108.87 16.22
CA ILE EA 89 53.07 -109.09 16.72
C ILE EA 89 53.93 -107.91 16.28
N PRO EA 90 54.52 -107.15 17.21
CA PRO EA 90 55.28 -105.97 16.81
C PRO EA 90 56.62 -106.33 16.19
N ARG EA 91 57.27 -105.31 15.63
CA ARG EA 91 58.57 -105.53 14.99
C ARG EA 91 59.63 -105.96 15.99
N VAL EA 92 59.55 -105.47 17.23
CA VAL EA 92 60.56 -105.71 18.24
C VAL EA 92 60.47 -107.14 18.78
N ALA EA 93 59.55 -107.93 18.24
CA ALA EA 93 59.28 -109.25 18.78
C ALA EA 93 60.31 -110.25 18.29
N THR EA 94 60.91 -110.98 19.23
CA THR EA 94 61.79 -112.08 18.89
C THR EA 94 60.97 -113.18 18.23
N ALA EA 95 61.61 -113.91 17.30
CA ALA EA 95 60.95 -114.99 16.59
C ALA EA 95 60.45 -116.09 17.52
N THR EA 96 61.00 -116.22 18.71
CA THR EA 96 60.51 -117.19 19.69
C THR EA 96 59.36 -116.65 20.53
N ASP EA 97 59.27 -115.33 20.69
CA ASP EA 97 58.13 -114.75 21.41
C ASP EA 97 56.85 -114.89 20.61
N ARG EA 98 56.94 -114.77 19.28
CA ARG EA 98 55.76 -114.89 18.43
C ARG EA 98 55.15 -116.28 18.53
N ALA EA 99 55.98 -117.32 18.41
CA ALA EA 99 55.47 -118.68 18.52
C ALA EA 99 54.89 -118.95 19.90
N GLU EA 100 55.59 -118.49 20.95
CA GLU EA 100 55.08 -118.63 22.31
C GLU EA 100 53.69 -118.02 22.43
N ALA EA 101 53.54 -116.77 22.01
CA ALA EA 101 52.26 -116.09 22.15
C ALA EA 101 51.16 -116.79 21.36
N ILE EA 102 51.46 -117.16 20.11
CA ILE EA 102 50.42 -117.76 19.27
C ILE EA 102 49.95 -119.08 19.86
N LYS EA 103 50.90 -119.97 20.19
CA LYS EA 103 50.50 -121.27 20.69
C LYS EA 103 49.81 -121.17 22.05
N ARG EA 104 50.28 -120.27 22.92
CA ARG EA 104 49.64 -120.11 24.21
C ARG EA 104 48.22 -119.60 24.07
N ALA EA 105 48.01 -118.59 23.23
CA ALA EA 105 46.67 -118.07 23.05
C ALA EA 105 45.74 -119.07 22.38
N PHE EA 106 46.29 -119.96 21.54
CA PHE EA 106 45.46 -121.00 20.95
C PHE EA 106 45.21 -122.16 21.91
N ASP EA 107 46.00 -122.27 22.99
CA ASP EA 107 45.76 -123.28 24.01
C ASP EA 107 44.61 -122.92 24.95
N VAL EA 108 43.94 -121.79 24.71
CA VAL EA 108 42.85 -121.37 25.60
C VAL EA 108 41.75 -122.41 25.63
N LEU EA 109 41.35 -122.90 24.45
CA LEU EA 109 40.24 -123.84 24.40
C LEU EA 109 40.54 -125.11 25.19
N ASN EA 110 41.79 -125.55 25.19
CA ASN EA 110 42.17 -126.65 26.08
C ASN EA 110 42.12 -126.23 27.54
N ALA EA 111 42.53 -125.00 27.84
CA ALA EA 111 42.54 -124.54 29.23
C ALA EA 111 41.16 -124.05 29.67
N LEU EA 112 40.65 -123.01 29.02
CA LEU EA 112 39.37 -122.40 29.41
C LEU EA 112 38.24 -123.00 28.55
N ASN EA 113 37.97 -124.28 28.79
CA ASN EA 113 37.16 -125.06 27.86
C ASN EA 113 35.67 -124.78 28.03
N ALA EA 114 35.14 -125.08 29.22
CA ALA EA 114 33.69 -125.17 29.40
C ALA EA 114 32.96 -123.88 29.08
N GLU EA 115 33.60 -122.72 29.22
CA GLU EA 115 32.92 -121.46 28.97
C GLU EA 115 32.87 -121.09 27.49
N LEU EA 116 33.64 -121.77 26.64
CA LEU EA 116 33.62 -121.55 25.21
C LEU EA 116 32.75 -122.56 24.48
N ILE EA 117 33.00 -123.85 24.73
CA ILE EA 117 32.26 -124.91 24.05
C ILE EA 117 30.78 -124.84 24.40
N THR EA 118 30.47 -124.70 25.69
CA THR EA 118 29.10 -124.83 26.16
C THR EA 118 28.37 -123.50 26.19
N GLY EA 119 29.08 -122.39 26.33
CA GLY EA 119 28.46 -121.09 26.34
C GLY EA 119 28.02 -120.59 27.69
N GLU EA 120 28.22 -121.37 28.75
CA GLU EA 120 27.83 -120.94 30.08
C GLU EA 120 28.66 -119.75 30.54
N GLY EA 121 28.05 -118.89 31.34
CA GLY EA 121 28.71 -117.72 31.86
C GLY EA 121 29.26 -117.99 33.24
N GLN EA 122 30.57 -117.83 33.39
CA GLN EA 122 31.22 -118.11 34.66
C GLN EA 122 30.79 -117.11 35.72
N TRP EA 123 30.69 -117.59 36.95
CA TRP EA 123 30.22 -116.78 38.07
C TRP EA 123 31.35 -116.47 39.05
N ALA FA 1 42.15 -130.31 -7.78
CA ALA FA 1 41.80 -129.11 -8.54
C ALA FA 1 42.95 -128.13 -8.59
N ALA FA 2 44.17 -128.65 -8.60
CA ALA FA 2 45.37 -127.83 -8.77
C ALA FA 2 45.57 -127.53 -10.24
N ARG FA 3 46.38 -126.50 -10.50
CA ARG FA 3 46.62 -126.08 -11.87
C ARG FA 3 47.58 -127.02 -12.56
N SER FA 4 47.15 -127.58 -13.69
CA SER FA 4 47.98 -128.47 -14.49
C SER FA 4 47.52 -128.36 -15.94
N SER FA 5 48.24 -129.03 -16.82
CA SER FA 5 47.90 -129.01 -18.24
C SER FA 5 46.59 -129.73 -18.49
N ILE FA 6 45.79 -129.17 -19.40
CA ILE FA 6 44.51 -129.78 -19.78
C ILE FA 6 44.55 -130.09 -21.27
N VAL FA 7 43.73 -131.06 -21.67
CA VAL FA 7 43.89 -131.73 -22.96
C VAL FA 7 42.61 -131.57 -23.79
N LEU FA 8 42.01 -130.38 -23.74
CA LEU FA 8 40.87 -130.03 -24.58
C LEU FA 8 40.98 -130.66 -25.97
N THR FA 9 39.92 -131.34 -26.40
CA THR FA 9 39.94 -132.03 -27.67
C THR FA 9 38.54 -132.04 -28.26
N ASP FA 10 38.49 -132.20 -29.58
CA ASP FA 10 37.23 -132.29 -30.32
C ASP FA 10 36.93 -133.71 -30.79
N GLY FA 11 37.84 -134.64 -30.57
CA GLY FA 11 37.68 -136.00 -31.04
C GLY FA 11 38.73 -136.36 -32.06
N THR FA 12 39.12 -135.40 -32.90
CA THR FA 12 40.10 -135.65 -33.94
C THR FA 12 41.51 -135.24 -33.51
N THR FA 13 41.69 -133.97 -33.15
CA THR FA 13 43.01 -133.44 -32.80
C THR FA 13 42.96 -132.84 -31.40
N PRO FA 14 43.63 -133.45 -30.42
CA PRO FA 14 43.69 -132.85 -29.09
C PRO FA 14 44.70 -131.71 -29.03
N VAL FA 15 44.37 -130.70 -28.24
CA VAL FA 15 45.27 -129.58 -27.98
C VAL FA 15 45.54 -129.53 -26.48
N THR FA 16 46.81 -129.43 -26.11
CA THR FA 16 47.22 -129.45 -24.71
C THR FA 16 47.53 -128.02 -24.27
N LEU FA 17 46.69 -127.48 -23.40
CA LEU FA 17 46.89 -126.15 -22.86
C LEU FA 17 47.60 -126.23 -21.52
N THR FA 18 48.65 -125.43 -21.36
CA THR FA 18 49.37 -125.38 -20.09
C THR FA 18 49.15 -124.03 -19.44
N PRO FA 19 49.16 -123.95 -18.11
CA PRO FA 19 48.95 -122.66 -17.44
C PRO FA 19 50.05 -121.67 -17.78
N VAL FA 20 49.68 -120.41 -17.92
CA VAL FA 20 50.64 -119.34 -18.17
C VAL FA 20 50.37 -118.18 -17.22
N GLY FA 21 49.72 -118.45 -16.10
CA GLY FA 21 49.57 -117.42 -15.09
C GLY FA 21 48.20 -117.28 -14.48
N GLY FA 22 47.87 -116.08 -14.03
CA GLY FA 22 46.54 -115.76 -13.54
C GLY FA 22 46.47 -115.34 -12.09
N GLY FA 23 47.17 -116.03 -11.20
CA GLY FA 23 47.06 -115.71 -9.80
C GLY FA 23 45.80 -116.26 -9.16
N VAL FA 24 45.29 -115.59 -8.13
CA VAL FA 24 44.11 -116.04 -7.40
C VAL FA 24 42.87 -115.46 -8.08
N GLY FA 25 41.82 -116.26 -8.17
CA GLY FA 25 40.60 -115.83 -8.80
C GLY FA 25 40.54 -116.02 -10.30
N GLN FA 26 41.59 -116.55 -10.91
CA GLN FA 26 41.57 -116.83 -12.35
C GLN FA 26 42.73 -117.75 -12.68
N THR FA 27 42.75 -118.20 -13.93
CA THR FA 27 43.82 -119.06 -14.44
C THR FA 27 43.83 -118.94 -15.95
N LEU FA 28 44.97 -118.55 -16.50
CA LEU FA 28 45.12 -118.44 -17.95
C LEU FA 28 45.85 -119.66 -18.48
N TYR FA 29 45.37 -120.19 -19.60
CA TYR FA 29 45.99 -121.32 -20.23
C TYR FA 29 46.46 -120.93 -21.62
N ARG FA 30 47.33 -121.74 -22.20
CA ARG FA 30 47.77 -121.55 -23.58
C ARG FA 30 48.52 -122.77 -24.07
N ALA FA 31 48.27 -123.17 -25.32
CA ALA FA 31 48.98 -124.29 -25.92
C ALA FA 31 50.36 -123.83 -26.39
N THR FA 32 51.17 -124.77 -26.87
CA THR FA 32 52.49 -124.40 -27.36
C THR FA 32 52.43 -123.86 -28.79
N ALA FA 33 52.12 -124.75 -29.74
CA ALA FA 33 52.07 -124.41 -31.17
C ALA FA 33 53.16 -123.41 -31.54
N GLU FA 34 54.37 -123.72 -31.11
CA GLU FA 34 55.46 -122.74 -31.09
C GLU FA 34 55.77 -122.25 -32.49
N ALA FA 35 56.24 -121.00 -32.57
CA ALA FA 35 56.67 -120.41 -33.84
C ALA FA 35 55.51 -120.41 -34.85
N LEU FA 36 54.53 -119.55 -34.57
CA LEU FA 36 54.56 -118.40 -33.69
C LEU FA 36 53.93 -118.69 -32.32
N SER FA 37 54.26 -117.87 -31.33
CA SER FA 37 53.77 -118.08 -29.97
C SER FA 37 52.41 -117.45 -29.72
N ALA FA 38 51.98 -116.51 -30.55
CA ALA FA 38 50.66 -115.90 -30.43
C ALA FA 38 49.60 -116.61 -31.27
N ALA FA 39 49.99 -117.62 -32.04
CA ALA FA 39 49.07 -118.37 -32.87
C ALA FA 39 48.74 -119.72 -32.24
N ASN FA 40 48.13 -119.69 -31.07
CA ASN FA 40 47.69 -120.92 -30.41
C ASN FA 40 46.56 -120.58 -29.46
N PRO FA 41 45.68 -121.55 -29.17
CA PRO FA 41 44.47 -121.25 -28.38
C PRO FA 41 44.79 -120.97 -26.92
N SER FA 42 43.82 -120.32 -26.27
CA SER FA 42 43.93 -119.95 -24.86
C SER FA 42 42.58 -120.14 -24.19
N LEU FA 43 42.60 -120.31 -22.87
CA LEU FA 43 41.42 -120.68 -22.08
C LEU FA 43 41.30 -119.83 -20.81
N SER FA 44 41.25 -118.51 -20.97
CA SER FA 44 41.14 -117.64 -19.80
C SER FA 44 39.96 -118.03 -18.94
N PHE FA 45 40.24 -118.53 -17.73
CA PHE FA 45 39.21 -119.08 -16.85
C PHE FA 45 39.26 -118.35 -15.51
N GLY FA 46 38.18 -117.66 -15.15
CA GLY FA 46 38.09 -116.97 -13.89
C GLY FA 46 36.88 -117.42 -13.07
N TYR FA 47 36.88 -117.04 -11.81
CA TYR FA 47 35.83 -117.45 -10.87
C TYR FA 47 35.91 -116.57 -9.63
N ARG FA 48 34.78 -116.36 -8.99
CA ARG FA 48 34.72 -115.53 -7.79
C ARG FA 48 33.40 -115.79 -7.07
N PHE FA 49 33.30 -115.28 -5.86
CA PHE FA 49 32.08 -115.34 -5.06
C PHE FA 49 31.72 -113.93 -4.62
N THR FA 50 30.46 -113.55 -4.86
CA THR FA 50 29.99 -112.22 -4.49
C THR FA 50 29.60 -112.18 -3.02
N ASP FA 51 28.87 -111.13 -2.63
CA ASP FA 51 28.42 -110.97 -1.25
C ASP FA 51 27.72 -112.23 -0.74
N GLY FA 52 26.86 -112.81 -1.57
CA GLY FA 52 26.23 -114.07 -1.22
C GLY FA 52 27.11 -115.25 -1.56
N GLY FA 53 26.50 -116.37 -1.94
CA GLY FA 53 27.24 -117.52 -2.38
C GLY FA 53 27.19 -117.64 -3.88
N THR FA 54 26.87 -116.53 -4.56
CA THR FA 54 26.68 -116.53 -6.00
C THR FA 54 28.02 -116.79 -6.67
N ASN FA 55 28.22 -118.03 -7.10
CA ASN FA 55 29.45 -118.44 -7.78
C ASN FA 55 29.37 -117.99 -9.23
N ARG FA 56 30.24 -117.05 -9.61
CA ARG FA 56 30.26 -116.54 -10.98
C ARG FA 56 31.53 -117.01 -11.68
N GLN FA 57 31.43 -118.16 -12.33
CA GLN FA 57 32.54 -118.66 -13.12
C GLN FA 57 32.46 -118.10 -14.54
N SER FA 58 33.60 -118.08 -15.22
CA SER FA 58 33.64 -117.49 -16.55
C SER FA 58 34.80 -118.06 -17.36
N LEU FA 59 34.52 -118.61 -18.53
CA LEU FA 59 35.55 -119.15 -19.40
C LEU FA 59 35.55 -118.40 -20.72
N SER FA 60 36.73 -118.25 -21.29
CA SER FA 60 36.85 -117.61 -22.59
C SER FA 60 37.92 -118.36 -23.36
N TYR FA 61 37.50 -119.11 -24.37
CA TYR FA 61 38.39 -119.93 -25.18
C TYR FA 61 38.57 -119.23 -26.52
N LYS FA 62 39.80 -118.87 -26.84
CA LYS FA 62 40.12 -118.19 -28.09
C LYS FA 62 41.03 -119.08 -28.92
N GLN FA 63 40.66 -119.32 -30.16
CA GLN FA 63 41.48 -120.09 -31.08
C GLN FA 63 41.79 -119.24 -32.30
N PRO FA 64 43.05 -118.87 -32.53
CA PRO FA 64 43.37 -118.05 -33.69
C PRO FA 64 43.48 -118.88 -34.96
N ILE FA 65 43.20 -118.23 -36.08
CA ILE FA 65 43.20 -118.87 -37.39
C ILE FA 65 44.54 -118.56 -38.05
N THR FA 66 45.33 -119.59 -38.28
CA THR FA 66 46.68 -119.46 -38.80
C THR FA 66 46.69 -119.63 -40.31
N ALA FA 67 47.79 -119.20 -40.92
CA ALA FA 67 47.98 -119.34 -42.36
C ALA FA 67 49.47 -119.29 -42.64
N VAL FA 68 50.05 -120.44 -42.99
CA VAL FA 68 51.49 -120.52 -43.22
C VAL FA 68 51.80 -119.91 -44.57
N ASP FA 69 52.43 -118.74 -44.58
CA ASP FA 69 52.78 -118.02 -45.80
C ASP FA 69 53.99 -118.69 -46.42
N SER FA 70 53.76 -119.55 -47.42
CA SER FA 70 54.84 -120.32 -48.02
C SER FA 70 55.89 -119.45 -48.70
N THR FA 71 55.52 -118.24 -49.12
CA THR FA 71 56.48 -117.34 -49.75
C THR FA 71 57.57 -116.94 -48.78
N THR FA 72 57.19 -116.47 -47.59
CA THR FA 72 58.13 -116.01 -46.58
C THR FA 72 58.41 -117.07 -45.53
N SER FA 73 57.54 -118.07 -45.39
CA SER FA 73 57.64 -119.13 -44.38
C SER FA 73 57.50 -118.54 -42.97
N GLU FA 74 56.40 -117.82 -42.78
CA GLU FA 74 56.04 -117.29 -41.47
C GLU FA 74 54.56 -117.52 -41.26
N THR FA 75 54.18 -117.71 -39.99
CA THR FA 75 52.78 -117.95 -39.65
C THR FA 75 52.08 -116.63 -39.41
N LEU FA 76 50.97 -116.41 -40.11
CA LEU FA 76 50.20 -115.19 -39.99
C LEU FA 76 48.89 -115.50 -39.28
N VAL FA 77 48.39 -114.53 -38.52
CA VAL FA 77 47.16 -114.68 -37.76
C VAL FA 77 46.09 -113.81 -38.40
N ARG FA 78 45.01 -114.45 -38.86
CA ARG FA 78 43.96 -113.77 -39.60
C ARG FA 78 42.79 -113.35 -38.72
N GLY FA 79 42.60 -114.02 -37.60
CA GLY FA 79 41.49 -113.71 -36.72
C GLY FA 79 41.43 -114.75 -35.63
N GLN FA 80 40.36 -114.71 -34.84
CA GLN FA 80 40.21 -115.71 -33.79
C GLN FA 80 38.74 -116.02 -33.54
N CYS FA 81 38.45 -117.31 -33.37
CA CYS FA 81 37.14 -117.74 -32.91
C CYS FA 81 37.12 -117.69 -31.39
N VAL FA 82 36.14 -116.98 -30.85
CA VAL FA 82 36.03 -116.74 -29.41
C VAL FA 82 34.76 -117.40 -28.91
N VAL FA 83 34.88 -118.17 -27.84
CA VAL FA 83 33.73 -118.79 -27.18
C VAL FA 83 33.75 -118.39 -25.72
N ASP FA 84 32.72 -117.67 -25.28
CA ASP FA 84 32.58 -117.26 -23.89
C ASP FA 84 31.50 -118.10 -23.22
N ILE FA 85 31.76 -118.50 -21.99
CA ILE FA 85 30.83 -119.33 -21.22
C ILE FA 85 30.78 -118.74 -19.82
N ASN FA 86 29.73 -117.97 -19.53
CA ASN FA 86 29.54 -117.46 -18.19
C ASN FA 86 28.57 -118.35 -17.43
N ILE FA 87 28.89 -118.61 -16.16
CA ILE FA 87 28.09 -119.48 -15.32
C ILE FA 87 27.79 -118.74 -14.03
N VAL FA 88 26.52 -118.52 -13.73
CA VAL FA 88 26.10 -117.88 -12.50
C VAL FA 88 25.30 -118.90 -11.69
N ILE FA 89 25.73 -119.15 -10.46
CA ILE FA 89 25.03 -120.10 -9.61
C ILE FA 89 24.61 -119.36 -8.34
N PRO FA 90 23.32 -119.27 -8.03
CA PRO FA 90 22.89 -118.46 -6.89
C PRO FA 90 23.24 -119.08 -5.55
N ARG FA 91 22.99 -118.33 -4.49
CA ARG FA 91 23.31 -118.76 -3.14
C ARG FA 91 22.48 -119.98 -2.71
N VAL FA 92 21.32 -120.18 -3.32
CA VAL FA 92 20.35 -121.17 -2.84
C VAL FA 92 20.40 -122.46 -3.64
N ALA FA 93 21.43 -122.66 -4.46
CA ALA FA 93 21.46 -123.77 -5.41
C ALA FA 93 22.05 -125.01 -4.74
N THR FA 94 21.34 -126.12 -4.84
CA THR FA 94 21.83 -127.38 -4.30
C THR FA 94 23.02 -127.87 -5.12
N ALA FA 95 23.78 -128.79 -4.51
CA ALA FA 95 24.98 -129.32 -5.14
C ALA FA 95 24.69 -130.22 -6.34
N THR FA 96 23.48 -130.76 -6.46
CA THR FA 96 23.11 -131.55 -7.62
C THR FA 96 22.42 -130.74 -8.71
N ASP FA 97 21.73 -129.66 -8.32
CA ASP FA 97 21.18 -128.75 -9.31
C ASP FA 97 22.27 -128.06 -10.12
N ARG FA 98 23.42 -127.79 -9.49
CA ARG FA 98 24.56 -127.27 -10.22
C ARG FA 98 24.98 -128.22 -11.33
N ALA FA 99 25.16 -129.50 -11.00
CA ALA FA 99 25.56 -130.47 -12.00
C ALA FA 99 24.50 -130.59 -13.09
N GLU FA 100 23.22 -130.63 -12.69
CA GLU FA 100 22.15 -130.71 -13.68
C GLU FA 100 22.22 -129.54 -14.65
N ALA FA 101 22.27 -128.31 -14.12
CA ALA FA 101 22.25 -127.13 -14.98
C ALA FA 101 23.46 -127.09 -15.89
N ILE FA 102 24.65 -127.35 -15.33
CA ILE FA 102 25.87 -127.23 -16.12
C ILE FA 102 25.90 -128.29 -17.22
N LYS FA 103 25.63 -129.55 -16.86
CA LYS FA 103 25.71 -130.61 -17.86
C LYS FA 103 24.58 -130.52 -18.88
N ARG FA 104 23.48 -129.85 -18.53
CA ARG FA 104 22.43 -129.62 -19.51
C ARG FA 104 22.79 -128.49 -20.46
N ALA FA 105 23.36 -127.40 -19.94
CA ALA FA 105 23.76 -126.29 -20.79
C ALA FA 105 24.86 -126.70 -21.75
N PHE FA 106 25.83 -127.47 -21.27
CA PHE FA 106 26.89 -127.95 -22.14
C PHE FA 106 26.44 -129.08 -23.07
N ASP FA 107 25.21 -129.57 -22.90
CA ASP FA 107 24.64 -130.56 -23.80
C ASP FA 107 23.95 -129.93 -24.99
N VAL FA 108 23.96 -128.60 -25.11
CA VAL FA 108 23.33 -127.95 -26.25
C VAL FA 108 23.99 -128.38 -27.54
N LEU FA 109 25.31 -128.50 -27.54
CA LEU FA 109 26.04 -128.89 -28.75
C LEU FA 109 25.52 -130.21 -29.32
N ASN FA 110 25.02 -131.10 -28.47
CA ASN FA 110 24.43 -132.33 -28.96
C ASN FA 110 22.98 -132.15 -29.36
N ALA FA 111 22.30 -131.11 -28.84
CA ALA FA 111 20.92 -130.86 -29.22
C ALA FA 111 20.84 -129.87 -30.39
N LEU FA 112 21.43 -128.70 -30.22
CA LEU FA 112 21.41 -127.66 -31.25
C LEU FA 112 22.68 -127.74 -32.09
N ASN FA 113 22.92 -128.93 -32.66
CA ASN FA 113 24.21 -129.24 -33.24
C ASN FA 113 24.42 -128.51 -34.56
N ALA FA 114 23.48 -128.65 -35.50
CA ALA FA 114 23.67 -128.09 -36.83
C ALA FA 114 23.74 -126.58 -36.81
N GLU FA 115 23.09 -125.94 -35.84
CA GLU FA 115 23.12 -124.48 -35.77
C GLU FA 115 24.42 -123.94 -35.21
N LEU FA 116 25.30 -124.81 -34.72
CA LEU FA 116 26.56 -124.36 -34.12
C LEU FA 116 27.77 -124.89 -34.89
N ILE FA 117 27.79 -126.17 -35.24
CA ILE FA 117 28.95 -126.74 -35.90
C ILE FA 117 29.08 -126.20 -37.33
N THR FA 118 27.98 -126.10 -38.06
CA THR FA 118 28.01 -125.64 -39.43
C THR FA 118 27.68 -124.16 -39.58
N GLY FA 119 26.95 -123.57 -38.64
CA GLY FA 119 26.64 -122.17 -38.68
C GLY FA 119 25.30 -121.81 -39.26
N GLU FA 120 24.43 -122.79 -39.51
CA GLU FA 120 23.13 -122.51 -40.09
C GLU FA 120 22.26 -121.70 -39.13
N GLY FA 121 21.10 -121.35 -39.60
CA GLY FA 121 20.05 -120.80 -38.74
C GLY FA 121 18.79 -121.61 -38.96
N GLN FA 122 18.09 -121.88 -37.88
CA GLN FA 122 16.89 -122.69 -37.97
C GLN FA 122 15.76 -121.92 -38.63
N TRP FA 123 15.07 -122.59 -39.57
CA TRP FA 123 14.05 -121.93 -40.36
C TRP FA 123 12.64 -122.30 -39.92
N ALA GA 1 18.26 -127.59 -38.72
CA ALA GA 1 16.94 -127.87 -39.25
C ALA GA 1 15.92 -126.88 -38.71
N ALA GA 2 14.64 -127.18 -38.92
CA ALA GA 2 13.58 -126.28 -38.48
C ALA GA 2 13.46 -126.30 -36.95
N ARG GA 3 12.80 -125.29 -36.42
CA ARG GA 3 12.55 -125.22 -34.99
C ARG GA 3 11.77 -126.46 -34.55
N SER GA 4 12.38 -127.28 -33.69
CA SER GA 4 11.72 -128.49 -33.23
C SER GA 4 11.87 -128.64 -31.73
N SER GA 5 11.54 -129.80 -31.19
CA SER GA 5 11.69 -130.08 -29.78
C SER GA 5 13.07 -130.67 -29.50
N ILE GA 6 13.81 -130.04 -28.60
CA ILE GA 6 15.14 -130.49 -28.24
C ILE GA 6 15.07 -131.24 -26.91
N VAL GA 7 16.06 -132.11 -26.68
CA VAL GA 7 16.01 -133.08 -25.58
C VAL GA 7 17.19 -132.86 -24.64
N LEU GA 8 17.53 -131.60 -24.38
CA LEU GA 8 18.60 -131.23 -23.45
C LEU GA 8 18.60 -132.12 -22.22
N THR GA 9 19.71 -132.82 -22.00
CA THR GA 9 19.82 -133.82 -20.94
C THR GA 9 21.16 -133.68 -20.24
N ASP GA 10 21.41 -134.57 -19.30
CA ASP GA 10 22.70 -134.63 -18.62
C ASP GA 10 23.19 -136.05 -18.40
N GLY GA 11 22.55 -137.05 -19.01
CA GLY GA 11 22.89 -138.44 -18.83
C GLY GA 11 21.93 -139.19 -17.95
N THR GA 12 21.24 -138.50 -17.03
CA THR GA 12 20.28 -139.13 -16.13
C THR GA 12 18.88 -138.59 -16.30
N THR GA 13 18.70 -137.28 -16.26
CA THR GA 13 17.37 -136.67 -16.26
C THR GA 13 17.19 -135.78 -17.47
N PRO GA 14 16.59 -136.27 -18.56
CA PRO GA 14 16.38 -135.43 -19.74
C PRO GA 14 15.24 -134.44 -19.52
N VAL GA 15 15.29 -133.37 -20.31
CA VAL GA 15 14.25 -132.35 -20.34
C VAL GA 15 13.97 -132.01 -21.80
N THR GA 16 12.70 -132.02 -22.18
CA THR GA 16 12.29 -131.71 -23.54
C THR GA 16 11.80 -130.27 -23.61
N LEU GA 17 12.35 -129.51 -24.56
CA LEU GA 17 12.04 -128.09 -24.72
C LEU GA 17 11.44 -127.85 -26.09
N THR GA 18 10.33 -127.11 -26.13
CA THR GA 18 9.68 -126.80 -27.39
C THR GA 18 9.61 -125.27 -27.58
N PRO GA 19 9.77 -124.79 -28.81
CA PRO GA 19 9.88 -123.34 -29.04
C PRO GA 19 8.63 -122.60 -28.55
N VAL GA 20 8.85 -121.43 -27.96
CA VAL GA 20 7.79 -120.70 -27.29
C VAL GA 20 7.77 -119.27 -27.84
N GLY GA 21 8.42 -119.08 -28.97
CA GLY GA 21 8.35 -117.78 -29.60
C GLY GA 21 9.68 -117.41 -30.24
N GLY GA 22 9.98 -116.13 -30.22
CA GLY GA 22 11.20 -115.62 -30.83
C GLY GA 22 10.96 -114.77 -32.05
N GLY GA 23 11.67 -115.06 -33.13
CA GLY GA 23 11.56 -114.30 -34.36
C GLY GA 23 12.56 -114.76 -35.41
N VAL GA 24 13.23 -113.81 -36.05
CA VAL GA 24 14.31 -114.12 -36.99
C VAL GA 24 15.64 -113.95 -36.26
N GLY GA 25 16.47 -114.99 -36.31
CA GLY GA 25 17.69 -114.98 -35.52
C GLY GA 25 17.39 -114.90 -34.04
N GLN GA 26 16.39 -115.65 -33.59
CA GLN GA 26 16.00 -115.71 -32.19
C GLN GA 26 15.03 -116.87 -32.02
N THR GA 27 15.20 -117.64 -30.93
CA THR GA 27 14.38 -118.83 -30.72
C THR GA 27 14.34 -119.11 -29.22
N LEU GA 28 13.18 -118.88 -28.61
CA LEU GA 28 13.00 -119.24 -27.22
C LEU GA 28 12.74 -120.74 -27.09
N TYR GA 29 12.78 -121.22 -25.86
CA TYR GA 29 12.45 -122.61 -25.55
C TYR GA 29 11.89 -122.66 -24.15
N ARG GA 30 11.23 -123.77 -23.82
CA ARG GA 30 10.75 -124.04 -22.47
C ARG GA 30 10.25 -125.47 -22.44
N ALA GA 31 10.11 -126.01 -21.23
CA ALA GA 31 9.67 -127.38 -21.02
C ALA GA 31 8.18 -127.41 -20.69
N THR GA 32 7.68 -128.58 -20.31
CA THR GA 32 6.24 -128.83 -20.20
C THR GA 32 5.66 -128.47 -18.84
N ALA GA 33 6.43 -128.60 -17.76
CA ALA GA 33 5.90 -128.36 -16.42
C ALA GA 33 5.46 -126.90 -16.25
N GLU GA 34 4.52 -126.66 -15.34
CA GLU GA 34 3.86 -125.37 -15.22
C GLU GA 34 4.04 -124.82 -13.81
N ALA GA 35 4.43 -123.55 -13.73
CA ALA GA 35 4.61 -122.88 -12.45
C ALA GA 35 4.26 -121.41 -12.63
N LEU GA 36 4.32 -120.64 -11.54
CA LEU GA 36 3.81 -119.28 -11.52
C LEU GA 36 4.87 -118.25 -11.87
N SER GA 37 5.98 -118.21 -11.13
CA SER GA 37 7.01 -117.20 -11.35
C SER GA 37 8.04 -117.66 -12.39
N ALA GA 38 8.71 -118.77 -12.13
CA ALA GA 38 9.68 -119.35 -13.05
C ALA GA 38 9.21 -120.74 -13.41
N ALA GA 39 8.85 -120.95 -14.67
CA ALA GA 39 8.22 -122.20 -15.06
C ALA GA 39 9.26 -123.30 -15.22
N ASN GA 40 10.15 -123.15 -16.19
CA ASN GA 40 11.02 -124.24 -16.60
C ASN GA 40 12.35 -123.71 -17.11
N PRO GA 41 13.29 -124.58 -17.46
CA PRO GA 41 14.48 -124.11 -18.20
C PRO GA 41 14.08 -123.43 -19.50
N SER GA 42 14.78 -122.35 -19.83
CA SER GA 42 14.44 -121.52 -20.99
C SER GA 42 15.70 -121.21 -21.77
N LEU GA 43 15.95 -121.97 -22.84
CA LEU GA 43 17.16 -121.86 -23.64
C LEU GA 43 16.92 -120.88 -24.78
N SER GA 44 17.35 -119.63 -24.60
CA SER GA 44 17.25 -118.65 -25.67
C SER GA 44 18.47 -118.74 -26.59
N PHE GA 45 18.23 -118.57 -27.89
CA PHE GA 45 19.24 -118.76 -28.93
C PHE GA 45 19.17 -117.59 -29.89
N GLY GA 46 20.21 -116.75 -29.92
CA GLY GA 46 20.12 -115.46 -30.59
C GLY GA 46 21.08 -115.18 -31.73
N TYR GA 47 21.27 -116.15 -32.63
CA TYR GA 47 22.26 -116.00 -33.69
C TYR GA 47 21.95 -114.82 -34.60
N ARG GA 48 22.99 -114.29 -35.23
CA ARG GA 48 22.89 -113.18 -36.17
C ARG GA 48 24.20 -113.10 -36.96
N PHE GA 49 24.27 -112.13 -37.87
CA PHE GA 49 25.47 -111.83 -38.63
C PHE GA 49 25.83 -110.37 -38.46
N THR GA 50 26.91 -109.95 -39.10
CA THR GA 50 27.47 -108.62 -38.86
C THR GA 50 28.05 -108.11 -40.19
N ASP GA 51 28.90 -107.10 -40.12
CA ASP GA 51 29.48 -106.49 -41.32
C ASP GA 51 30.18 -107.53 -42.19
N GLY GA 52 31.02 -108.36 -41.57
CA GLY GA 52 31.63 -109.48 -42.25
C GLY GA 52 30.79 -110.72 -42.09
N GLY GA 53 31.46 -111.88 -42.19
CA GLY GA 53 30.80 -113.13 -41.91
C GLY GA 53 30.83 -113.43 -40.43
N THR GA 54 30.87 -112.38 -39.61
CA THR GA 54 31.05 -112.53 -38.17
C THR GA 54 29.79 -113.11 -37.54
N ASN GA 55 29.72 -114.43 -37.50
CA ASN GA 55 28.55 -115.13 -36.98
C ASN GA 55 28.54 -115.01 -35.46
N ARG GA 56 27.77 -114.06 -34.94
CA ARG GA 56 27.73 -113.78 -33.52
C ARG GA 56 26.59 -114.54 -32.85
N GLN GA 57 26.74 -115.86 -32.78
CA GLN GA 57 25.75 -116.66 -32.09
C GLN GA 57 25.78 -116.36 -30.59
N SER GA 58 24.68 -116.67 -29.92
CA SER GA 58 24.54 -116.35 -28.51
C SER GA 58 23.46 -117.22 -27.91
N LEU GA 59 23.73 -117.75 -26.72
CA LEU GA 59 22.82 -118.65 -26.05
C LEU GA 59 22.63 -118.20 -24.61
N SER GA 60 21.57 -118.72 -23.99
CA SER GA 60 21.36 -118.50 -22.56
C SER GA 60 20.42 -119.57 -22.02
N TYR GA 61 20.91 -120.43 -21.14
CA TYR GA 61 20.14 -121.53 -20.59
C TYR GA 61 19.89 -121.27 -19.11
N LYS GA 62 18.65 -120.97 -18.75
CA LYS GA 62 18.28 -120.74 -17.37
C LYS GA 62 17.49 -121.93 -16.86
N GLN GA 63 17.91 -122.48 -15.73
CA GLN GA 63 17.19 -123.55 -15.05
C GLN GA 63 16.75 -123.05 -13.69
N PRO GA 64 15.46 -122.92 -13.41
CA PRO GA 64 15.03 -122.37 -12.14
C PRO GA 64 15.25 -123.34 -10.98
N ILE GA 65 15.83 -122.81 -9.91
CA ILE GA 65 16.00 -123.53 -8.66
C ILE GA 65 14.67 -123.44 -7.93
N THR GA 66 14.00 -124.58 -7.77
CA THR GA 66 12.66 -124.64 -7.21
C THR GA 66 12.54 -125.82 -6.27
N ALA GA 67 11.63 -125.71 -5.31
CA ALA GA 67 11.26 -126.79 -4.41
C ALA GA 67 9.75 -126.76 -4.23
N VAL GA 68 9.13 -127.93 -4.29
CA VAL GA 68 7.66 -128.02 -4.26
C VAL GA 68 7.17 -127.77 -2.85
N ASP GA 69 6.16 -126.91 -2.71
CA ASP GA 69 5.55 -126.65 -1.43
C ASP GA 69 4.59 -127.78 -1.06
N SER GA 70 4.22 -127.82 0.21
CA SER GA 70 3.22 -128.77 0.67
C SER GA 70 1.84 -128.14 0.65
N THR GA 71 0.85 -128.94 0.25
CA THR GA 71 -0.57 -128.60 0.18
C THR GA 71 -0.89 -127.57 -0.89
N THR GA 72 0.10 -127.04 -1.61
CA THR GA 72 -0.13 -126.07 -2.67
C THR GA 72 0.60 -126.51 -3.93
N SER GA 73 -0.07 -126.40 -5.06
CA SER GA 73 0.47 -126.81 -6.35
C SER GA 73 1.13 -125.65 -7.10
N GLU GA 74 2.10 -124.99 -6.45
CA GLU GA 74 2.77 -123.86 -7.05
C GLU GA 74 4.29 -124.01 -7.11
N THR GA 75 4.84 -125.10 -6.55
CA THR GA 75 6.25 -125.49 -6.66
C THR GA 75 7.19 -124.28 -6.58
N LEU GA 76 7.19 -123.61 -5.42
CA LEU GA 76 7.94 -122.38 -5.20
C LEU GA 76 9.34 -122.44 -5.79
N VAL GA 77 9.70 -121.42 -6.56
CA VAL GA 77 11.00 -121.31 -7.19
C VAL GA 77 11.88 -120.41 -6.33
N ARG GA 78 13.15 -120.78 -6.19
CA ARG GA 78 14.07 -120.06 -5.32
C ARG GA 78 15.13 -119.27 -6.06
N GLY GA 79 15.49 -119.67 -7.26
CA GLY GA 79 16.51 -118.96 -8.02
C GLY GA 79 16.59 -119.42 -9.46
N GLN GA 80 17.76 -119.20 -10.08
CA GLN GA 80 18.00 -119.67 -11.44
C GLN GA 80 19.48 -119.76 -11.75
N CYS GA 81 19.90 -120.87 -12.37
CA CYS GA 81 21.30 -121.11 -12.71
C CYS GA 81 21.52 -120.66 -14.15
N VAL GA 82 21.84 -119.38 -14.33
CA VAL GA 82 22.09 -118.84 -15.66
C VAL GA 82 23.40 -119.37 -16.21
N VAL GA 83 23.38 -119.80 -17.48
CA VAL GA 83 24.60 -120.24 -18.15
C VAL GA 83 24.63 -119.66 -19.57
N ASP GA 84 25.36 -118.57 -19.75
CA ASP GA 84 25.45 -117.93 -21.05
C ASP GA 84 26.57 -118.54 -21.87
N ILE GA 85 26.37 -118.63 -23.19
CA ILE GA 85 27.39 -119.12 -24.11
C ILE GA 85 27.39 -118.24 -25.35
N ASN GA 86 28.39 -117.37 -25.48
CA ASN GA 86 28.49 -116.49 -26.63
C ASN GA 86 29.60 -116.95 -27.56
N ILE GA 87 29.30 -116.97 -28.86
CA ILE GA 87 30.21 -117.45 -29.88
C ILE GA 87 30.42 -116.37 -30.91
N VAL GA 88 31.68 -116.12 -31.27
CA VAL GA 88 32.03 -115.12 -32.28
C VAL GA 88 33.01 -115.78 -33.24
N ILE GA 89 32.56 -116.08 -34.44
CA ILE GA 89 33.36 -116.76 -35.45
C ILE GA 89 33.63 -115.79 -36.59
N PRO GA 90 34.88 -115.55 -36.96
CA PRO GA 90 35.16 -114.50 -37.94
C PRO GA 90 34.76 -114.91 -39.34
N ARG GA 91 34.92 -114.00 -40.30
CA ARG GA 91 34.59 -114.29 -41.68
C ARG GA 91 35.53 -115.31 -42.29
N VAL GA 92 36.81 -115.31 -41.92
CA VAL GA 92 37.85 -116.10 -42.58
C VAL GA 92 37.90 -117.51 -42.01
N ALA GA 93 36.95 -117.85 -41.14
CA ALA GA 93 37.03 -119.11 -40.41
C ALA GA 93 36.49 -120.26 -41.27
N THR GA 94 37.40 -121.11 -41.73
CA THR GA 94 37.01 -122.31 -42.45
C THR GA 94 36.13 -123.18 -41.57
N ALA GA 95 35.13 -123.82 -42.20
CA ALA GA 95 34.15 -124.59 -41.44
C ALA GA 95 34.77 -125.70 -40.61
N THR GA 96 35.93 -126.21 -41.01
CA THR GA 96 36.66 -127.14 -40.16
C THR GA 96 37.18 -126.45 -38.90
N ASP GA 97 37.73 -125.24 -39.06
CA ASP GA 97 38.23 -124.50 -37.92
C ASP GA 97 37.09 -124.13 -36.95
N ARG GA 98 35.92 -123.76 -37.48
CA ARG GA 98 34.81 -123.44 -36.60
C ARG GA 98 34.34 -124.67 -35.82
N ALA GA 99 34.25 -125.82 -36.49
CA ALA GA 99 33.87 -127.03 -35.79
C ALA GA 99 34.88 -127.38 -34.70
N GLU GA 100 36.17 -127.27 -35.02
CA GLU GA 100 37.19 -127.51 -34.00
C GLU GA 100 37.05 -126.57 -32.83
N ALA GA 101 36.85 -125.28 -33.10
CA ALA GA 101 36.75 -124.31 -32.02
C ALA GA 101 35.56 -124.59 -31.12
N ILE GA 102 34.40 -124.88 -31.72
CA ILE GA 102 33.21 -125.11 -30.91
C ILE GA 102 33.35 -126.39 -30.10
N LYS GA 103 33.79 -127.47 -30.74
CA LYS GA 103 33.86 -128.75 -30.03
C LYS GA 103 34.96 -128.75 -28.98
N ARG GA 104 35.99 -127.92 -29.16
CA ARG GA 104 37.01 -127.78 -28.12
C ARG GA 104 36.53 -126.91 -26.98
N ALA GA 105 35.76 -125.85 -27.27
CA ALA GA 105 35.22 -125.03 -26.20
C ALA GA 105 34.24 -125.81 -25.35
N PHE GA 106 33.42 -126.65 -25.97
CA PHE GA 106 32.43 -127.42 -25.21
C PHE GA 106 33.02 -128.65 -24.57
N ASP GA 107 34.31 -128.92 -24.77
CA ASP GA 107 35.00 -130.01 -24.07
C ASP GA 107 35.64 -129.56 -22.78
N VAL GA 108 35.43 -128.31 -22.37
CA VAL GA 108 36.00 -127.84 -21.11
C VAL GA 108 35.40 -128.61 -19.95
N LEU GA 109 34.11 -128.93 -20.02
CA LEU GA 109 33.44 -129.62 -18.93
C LEU GA 109 34.09 -130.95 -18.61
N ASN GA 110 34.68 -131.61 -19.61
CA ASN GA 110 35.36 -132.87 -19.39
C ASN GA 110 36.83 -132.70 -19.00
N ALA GA 111 37.37 -131.49 -19.11
CA ALA GA 111 38.76 -131.23 -18.72
C ALA GA 111 38.84 -130.41 -17.44
N LEU GA 112 38.09 -129.31 -17.38
CA LEU GA 112 38.01 -128.47 -16.19
C LEU GA 112 36.77 -128.84 -15.37
N ASN GA 113 36.69 -130.12 -15.01
CA ASN GA 113 35.44 -130.69 -14.54
C ASN GA 113 35.10 -130.26 -13.12
N ALA GA 114 36.01 -130.53 -12.17
CA ALA GA 114 35.71 -130.30 -10.77
C ALA GA 114 35.44 -128.83 -10.48
N GLU GA 115 36.21 -127.93 -11.10
CA GLU GA 115 36.03 -126.50 -10.86
C GLU GA 115 34.69 -126.00 -11.35
N LEU GA 116 34.08 -126.68 -12.33
CA LEU GA 116 32.80 -126.24 -12.87
C LEU GA 116 31.62 -126.91 -12.17
N ILE GA 117 31.73 -128.21 -11.90
CA ILE GA 117 30.64 -128.92 -11.24
C ILE GA 117 30.62 -128.59 -9.76
N THR GA 118 31.73 -128.84 -9.06
CA THR GA 118 31.79 -128.60 -7.63
C THR GA 118 31.87 -127.12 -7.29
N GLY GA 119 32.66 -126.36 -8.04
CA GLY GA 119 32.76 -124.93 -7.82
C GLY GA 119 33.87 -124.55 -6.87
N GLU GA 120 35.08 -125.07 -7.11
CA GLU GA 120 36.17 -124.93 -6.17
C GLU GA 120 37.49 -125.08 -6.92
N GLY GA 121 38.57 -124.66 -6.26
CA GLY GA 121 39.88 -125.09 -6.69
C GLY GA 121 40.80 -124.04 -7.27
N GLN GA 122 41.72 -124.50 -8.12
CA GLN GA 122 42.80 -123.68 -8.69
C GLN GA 122 43.67 -123.11 -7.57
N TRP GA 123 44.38 -124.02 -6.92
CA TRP GA 123 45.30 -123.65 -5.85
C TRP GA 123 46.62 -123.19 -6.43
N ALA HA 1 68.79 92.54 61.39
CA ALA HA 1 69.65 93.58 60.82
C ALA HA 1 70.42 93.02 59.63
N ALA HA 2 71.36 93.80 59.11
CA ALA HA 2 72.19 93.33 58.01
C ALA HA 2 73.07 92.17 58.48
N ARG HA 3 73.17 91.14 57.65
CA ARG HA 3 73.94 89.96 57.99
C ARG HA 3 75.40 90.33 58.19
N SER HA 4 76.01 89.78 59.24
CA SER HA 4 77.41 90.06 59.56
C SER HA 4 77.99 88.81 60.22
N SER HA 5 79.13 88.98 60.87
CA SER HA 5 79.78 87.89 61.59
C SER HA 5 79.27 87.82 63.02
N ILE HA 6 79.38 86.63 63.61
CA ILE HA 6 78.97 86.41 65.00
C ILE HA 6 80.11 85.69 65.72
N VAL HA 7 80.18 85.91 67.03
CA VAL HA 7 81.39 85.63 67.79
C VAL HA 7 81.02 84.65 68.92
N LEU HA 8 80.15 83.69 68.60
CA LEU HA 8 79.76 82.64 69.54
C LEU HA 8 80.93 82.18 70.40
N THR HA 9 80.71 82.16 71.71
CA THR HA 9 81.77 81.82 72.66
C THR HA 9 81.18 81.00 73.78
N ASP HA 10 82.07 80.44 74.60
CA ASP HA 10 81.67 79.73 75.82
C ASP HA 10 82.56 80.16 76.97
N GLY HA 11 83.07 81.39 76.91
CA GLY HA 11 83.86 81.93 77.98
C GLY HA 11 85.35 81.77 77.79
N THR HA 12 85.76 80.73 77.06
CA THR HA 12 87.17 80.44 76.89
C THR HA 12 87.62 80.36 75.44
N THR HA 13 86.82 79.79 74.54
CA THR HA 13 87.21 79.59 73.14
C THR HA 13 86.15 80.19 72.23
N PRO HA 14 86.25 81.47 71.90
CA PRO HA 14 85.31 82.08 70.97
C PRO HA 14 85.45 81.48 69.57
N VAL HA 15 84.34 81.52 68.84
CA VAL HA 15 84.28 81.03 67.46
C VAL HA 15 83.66 82.13 66.62
N THR HA 16 84.38 82.56 65.59
CA THR HA 16 83.86 83.58 64.67
C THR HA 16 83.22 82.88 63.48
N LEU HA 17 81.94 83.13 63.29
CA LEU HA 17 81.18 82.56 62.18
C LEU HA 17 80.86 83.65 61.17
N THR HA 18 80.82 83.26 59.89
CA THR HA 18 80.56 84.18 58.81
C THR HA 18 79.44 83.63 57.94
N PRO HA 19 78.62 84.49 57.33
CA PRO HA 19 77.50 84.00 56.52
C PRO HA 19 77.95 83.52 55.16
N VAL HA 20 77.73 82.24 54.87
CA VAL HA 20 78.24 81.65 53.65
C VAL HA 20 77.11 81.04 52.84
N GLY HA 21 75.91 81.61 52.95
CA GLY HA 21 74.79 81.12 52.19
C GLY HA 21 73.49 81.53 52.83
N GLY HA 22 72.42 80.87 52.39
CA GLY HA 22 71.11 81.11 52.94
C GLY HA 22 70.04 81.35 51.89
N GLY HA 23 69.15 82.30 52.16
CA GLY HA 23 68.07 82.58 51.23
C GLY HA 23 67.10 83.58 51.82
N VAL HA 24 65.82 83.35 51.56
CA VAL HA 24 64.76 84.17 52.13
C VAL HA 24 64.27 83.49 53.40
N GLY HA 25 64.42 84.17 54.53
CA GLY HA 25 64.11 83.57 55.81
C GLY HA 25 65.06 82.45 56.16
N GLN HA 26 66.36 82.67 55.93
CA GLN HA 26 67.38 81.68 56.23
C GLN HA 26 68.74 82.35 56.10
N THR HA 27 69.67 81.95 56.96
CA THR HA 27 71.02 82.53 56.92
C THR HA 27 71.99 81.51 57.52
N LEU HA 28 72.66 80.75 56.67
CA LEU HA 28 73.68 79.82 57.13
C LEU HA 28 74.91 80.58 57.61
N TYR HA 29 75.63 79.96 58.53
CA TYR HA 29 76.90 80.47 59.03
C TYR HA 29 77.91 79.34 59.04
N ARG HA 30 79.18 79.70 59.05
CA ARG HA 30 80.22 78.70 59.21
C ARG HA 30 81.45 79.36 59.81
N ALA HA 31 82.18 78.61 60.64
CA ALA HA 31 83.41 79.13 61.21
C ALA HA 31 84.44 79.32 60.12
N THR HA 32 85.24 80.38 60.24
CA THR HA 32 86.18 80.74 59.19
C THR HA 32 87.12 79.59 58.88
N ALA HA 33 87.94 79.20 59.86
CA ALA HA 33 88.78 78.01 59.72
C ALA HA 33 89.26 77.61 61.11
N GLU HA 34 88.85 76.43 61.57
CA GLU HA 34 89.42 75.91 62.81
C GLU HA 34 90.73 75.19 62.53
N ALA HA 35 90.67 74.04 61.84
CA ALA HA 35 91.87 73.37 61.33
C ALA HA 35 91.69 72.75 59.96
N LEU HA 36 90.46 72.54 59.49
CA LEU HA 36 90.17 71.93 58.20
C LEU HA 36 88.68 72.10 57.96
N SER HA 37 88.19 71.56 56.84
CA SER HA 37 86.76 71.53 56.60
C SER HA 37 86.14 70.32 57.28
N ALA HA 38 84.82 70.40 57.49
CA ALA HA 38 84.01 69.44 58.23
C ALA HA 38 84.34 69.43 59.72
N ALA HA 39 85.32 70.21 60.16
CA ALA HA 39 85.63 70.38 61.57
C ALA HA 39 85.33 71.81 61.99
N ASN HA 40 84.33 72.41 61.36
CA ASN HA 40 83.96 73.79 61.59
C ASN HA 40 82.49 73.88 62.00
N PRO HA 41 82.18 74.54 63.11
CA PRO HA 41 80.78 74.65 63.54
C PRO HA 41 79.96 75.50 62.58
N SER HA 42 78.65 75.24 62.57
CA SER HA 42 77.73 75.99 61.74
C SER HA 42 76.52 76.41 62.57
N LEU HA 43 75.86 77.48 62.15
CA LEU HA 43 74.79 78.12 62.92
C LEU HA 43 73.60 78.43 62.01
N SER HA 44 73.06 77.40 61.36
CA SER HA 44 71.90 77.62 60.50
C SER HA 44 70.79 78.33 61.25
N PHE HA 45 70.19 79.33 60.61
CA PHE HA 45 69.23 80.20 61.28
C PHE HA 45 68.14 80.60 60.30
N GLY HA 46 66.91 80.18 60.57
CA GLY HA 46 65.77 80.54 59.76
C GLY HA 46 64.74 81.35 60.53
N TYR HA 47 63.78 81.88 59.80
CA TYR HA 47 62.73 82.71 60.36
C TYR HA 47 61.63 82.87 59.31
N ARG HA 48 60.38 82.85 59.77
CA ARG HA 48 59.26 82.94 58.85
C ARG HA 48 58.02 83.37 59.62
N PHE HA 49 57.02 83.83 58.88
CA PHE HA 49 55.72 84.21 59.42
C PHE HA 49 54.64 83.40 58.73
N THR HA 50 53.77 82.77 59.52
CA THR HA 50 52.60 82.10 58.97
C THR HA 50 51.46 83.09 58.80
N ASP HA 51 50.23 82.57 58.64
CA ASP HA 51 49.03 83.38 58.51
C ASP HA 51 49.03 84.58 59.45
N GLY HA 52 49.13 84.32 60.76
CA GLY HA 52 49.23 85.37 61.74
C GLY HA 52 50.67 85.80 61.93
N GLY HA 53 50.88 86.66 62.92
CA GLY HA 53 52.21 87.16 63.20
C GLY HA 53 53.05 86.19 64.00
N THR HA 54 52.85 84.89 63.78
CA THR HA 54 53.58 83.85 64.50
C THR HA 54 55.04 83.88 64.06
N ASN HA 55 55.88 84.52 64.87
CA ASN HA 55 57.28 84.72 64.54
C ASN HA 55 58.09 83.46 64.75
N ARG HA 56 57.90 82.45 63.91
CA ARG HA 56 58.54 81.15 64.11
C ARG HA 56 60.00 81.21 63.65
N GLN HA 57 60.85 81.71 64.53
CA GLN HA 57 62.28 81.64 64.31
C GLN HA 57 62.80 80.24 64.62
N SER HA 58 63.93 79.88 64.01
CA SER HA 58 64.49 78.56 64.22
C SER HA 58 66.00 78.65 64.13
N LEU HA 59 66.67 77.83 64.94
CA LEU HA 59 68.12 77.80 64.97
C LEU HA 59 68.59 76.35 64.94
N SER HA 60 69.85 76.18 64.54
CA SER HA 60 70.48 74.86 64.55
C SER HA 60 71.98 75.07 64.56
N TYR HA 61 72.61 74.81 65.69
CA TYR HA 61 74.05 74.93 65.84
C TYR HA 61 74.63 73.53 65.87
N LYS HA 62 75.57 73.27 64.95
CA LYS HA 62 76.19 71.96 64.82
C LYS HA 62 77.69 72.12 65.00
N GLN HA 63 78.24 71.41 65.99
CA GLN HA 63 79.67 71.43 66.25
C GLN HA 63 80.21 70.02 66.08
N PRO HA 64 81.10 69.78 65.13
CA PRO HA 64 81.57 68.41 64.89
C PRO HA 64 82.73 68.02 65.80
N ILE HA 65 82.75 66.74 66.15
CA ILE HA 65 83.70 66.17 67.10
C ILE HA 65 84.84 65.56 66.29
N THR HA 66 86.01 66.16 66.39
CA THR HA 66 87.16 65.74 65.61
C THR HA 66 88.15 64.99 66.49
N ALA HA 67 88.88 64.06 65.88
CA ALA HA 67 89.82 63.21 66.61
C ALA HA 67 90.90 62.73 65.66
N VAL HA 68 92.10 62.52 66.21
CA VAL HA 68 93.24 62.09 65.41
C VAL HA 68 93.09 60.61 65.05
N ASP HA 69 93.72 60.22 63.94
CA ASP HA 69 93.65 58.87 63.40
C ASP HA 69 95.07 58.33 63.22
N SER HA 70 95.84 58.35 64.31
CA SER HA 70 97.29 58.11 64.34
C SER HA 70 97.77 57.02 63.40
N THR HA 71 96.97 55.99 63.16
CA THR HA 71 97.31 55.01 62.14
C THR HA 71 97.54 55.67 60.78
N THR HA 72 96.84 56.78 60.52
CA THR HA 72 97.08 57.59 59.34
C THR HA 72 97.40 59.05 59.67
N SER HA 73 97.15 59.49 60.90
CA SER HA 73 97.42 60.85 61.36
C SER HA 73 96.58 61.90 60.63
N GLU HA 74 95.40 61.51 60.15
CA GLU HA 74 94.48 62.43 59.50
C GLU HA 74 93.31 62.71 60.44
N THR HA 75 93.02 64.00 60.66
CA THR HA 75 92.06 64.41 61.68
C THR HA 75 90.63 64.16 61.20
N LEU HA 76 90.23 62.90 61.28
CA LEU HA 76 88.87 62.52 60.89
C LEU HA 76 87.85 63.03 61.90
N VAL HA 77 86.62 63.24 61.43
CA VAL HA 77 85.52 63.68 62.27
C VAL HA 77 84.58 62.50 62.51
N ARG HA 78 84.19 62.30 63.76
CA ARG HA 78 83.38 61.15 64.14
C ARG HA 78 81.88 61.46 64.02
N GLY HA 79 81.40 62.45 64.75
CA GLY HA 79 80.01 62.85 64.72
C GLY HA 79 79.84 64.33 64.99
N GLN HA 80 78.66 64.76 65.40
CA GLN HA 80 78.42 66.18 65.66
C GLN HA 80 77.43 66.34 66.81
N CYS HA 81 77.59 67.44 67.54
CA CYS HA 81 76.65 67.85 68.57
C CYS HA 81 75.70 68.88 67.96
N VAL HA 82 74.41 68.66 68.14
CA VAL HA 82 73.36 69.46 67.49
C VAL HA 82 72.52 70.11 68.58
N VAL HA 83 72.33 71.42 68.47
CA VAL HA 83 71.46 72.15 69.39
C VAL HA 83 70.46 72.93 68.55
N ASP HA 84 69.17 72.68 68.77
CA ASP HA 84 68.10 73.34 68.04
C ASP HA 84 67.31 74.22 69.00
N ILE HA 85 67.32 75.53 68.77
CA ILE HA 85 66.54 76.44 69.59
C ILE HA 85 65.41 77.02 68.75
N ASN HA 86 64.25 76.37 68.77
CA ASN HA 86 63.09 76.91 68.08
C ASN HA 86 62.36 77.90 68.95
N ILE HA 87 61.81 78.93 68.32
CA ILE HA 87 61.09 79.99 69.02
C ILE HA 87 59.80 80.27 68.26
N VAL HA 88 58.69 80.33 68.98
CA VAL HA 88 57.40 80.68 68.39
C VAL HA 88 56.76 81.74 69.26
N ILE HA 89 56.48 82.91 68.67
CA ILE HA 89 55.83 84.01 69.36
C ILE HA 89 54.60 84.40 68.55
N PRO HA 90 53.40 84.36 69.13
CA PRO HA 90 52.20 84.67 68.34
C PRO HA 90 52.07 86.17 68.11
N ARG HA 91 51.10 86.52 67.24
CA ARG HA 91 50.88 87.92 66.91
C ARG HA 91 50.38 88.70 68.13
N VAL HA 92 49.61 88.05 69.00
CA VAL HA 92 48.96 88.71 70.13
C VAL HA 92 49.98 89.03 71.22
N ALA HA 93 51.24 88.70 70.98
CA ALA HA 93 52.27 88.86 71.99
C ALA HA 93 52.70 90.31 72.13
N THR HA 94 52.69 90.80 73.36
CA THR HA 94 53.25 92.11 73.64
C THR HA 94 54.76 92.09 73.41
N ALA HA 95 55.32 93.24 73.05
CA ALA HA 95 56.75 93.36 72.82
C ALA HA 95 57.57 93.05 74.06
N THR HA 96 56.97 93.10 75.26
CA THR HA 96 57.67 92.75 76.49
C THR HA 96 57.52 91.28 76.85
N ASP HA 97 56.46 90.62 76.39
CA ASP HA 97 56.31 89.19 76.62
C ASP HA 97 57.33 88.39 75.83
N ARG HA 98 57.63 88.83 74.60
CA ARG HA 98 58.60 88.11 73.77
C ARG HA 98 59.99 88.12 74.40
N ALA HA 99 60.46 89.28 74.83
CA ALA HA 99 61.77 89.37 75.45
C ALA HA 99 61.82 88.57 76.74
N GLU HA 100 60.77 88.66 77.55
CA GLU HA 100 60.68 87.90 78.79
C GLU HA 100 60.81 86.40 78.50
N ALA HA 101 60.01 85.90 77.57
CA ALA HA 101 60.03 84.47 77.26
C ALA HA 101 61.39 84.04 76.73
N ILE HA 102 61.97 84.82 75.81
CA ILE HA 102 63.24 84.41 75.22
C ILE HA 102 64.34 84.35 76.28
N LYS HA 103 64.47 85.41 77.07
CA LYS HA 103 65.55 85.43 78.06
C LYS HA 103 65.33 84.37 79.14
N ARG HA 104 64.08 84.17 79.57
CA ARG HA 104 63.84 83.15 80.58
C ARG HA 104 64.17 81.77 80.06
N ALA HA 105 63.75 81.45 78.83
CA ALA HA 105 64.05 80.15 78.27
C ALA HA 105 65.53 79.94 78.04
N PHE HA 106 66.27 81.01 77.72
CA PHE HA 106 67.71 80.87 77.57
C PHE HA 106 68.43 80.80 78.91
N ASP HA 107 67.78 81.22 80.00
CA ASP HA 107 68.37 81.10 81.33
C ASP HA 107 68.32 79.67 81.87
N VAL HA 108 67.83 78.71 81.08
CA VAL HA 108 67.73 77.33 81.54
C VAL HA 108 69.10 76.79 81.91
N LEU HA 109 70.09 77.00 81.04
CA LEU HA 109 71.42 76.45 81.28
C LEU HA 109 72.00 76.96 82.59
N ASN HA 110 71.71 78.22 82.94
CA ASN HA 110 72.12 78.70 84.25
C ASN HA 110 71.31 78.03 85.36
N ALA HA 111 70.02 77.79 85.13
CA ALA HA 111 69.18 77.17 86.16
C ALA HA 111 69.32 75.65 86.14
N LEU HA 112 68.95 75.01 85.05
CA LEU HA 112 68.95 73.55 84.94
C LEU HA 112 70.28 73.06 84.36
N ASN HA 113 71.36 73.35 85.09
CA ASN HA 113 72.69 73.23 84.51
C ASN HA 113 73.14 71.78 84.42
N ALA HA 114 73.22 71.09 85.56
CA ALA HA 114 73.94 69.82 85.63
C ALA HA 114 73.37 68.75 84.69
N GLU HA 115 72.09 68.81 84.35
CA GLU HA 115 71.50 67.81 83.47
C GLU HA 115 71.76 68.08 82.00
N LEU HA 116 72.23 69.27 81.65
CA LEU HA 116 72.57 69.62 80.27
C LEU HA 116 74.06 69.50 80.01
N ILE HA 117 74.88 70.14 80.85
CA ILE HA 117 76.32 70.14 80.64
C ILE HA 117 76.87 68.72 80.76
N THR HA 118 76.43 67.99 81.78
CA THR HA 118 77.03 66.69 82.10
C THR HA 118 76.33 65.53 81.42
N GLY HA 119 75.01 65.62 81.23
CA GLY HA 119 74.27 64.56 80.58
C GLY HA 119 73.62 63.56 81.51
N GLU HA 120 73.75 63.73 82.82
CA GLU HA 120 73.13 62.80 83.76
C GLU HA 120 71.62 62.91 83.71
N GLY HA 121 70.96 61.76 83.89
CA GLY HA 121 69.52 61.70 83.90
C GLY HA 121 69.00 61.88 85.32
N GLN HA 122 68.22 62.93 85.52
CA GLN HA 122 67.71 63.24 86.85
C GLN HA 122 66.76 62.15 87.31
N TRP HA 123 66.81 61.85 88.61
CA TRP HA 123 66.02 60.78 89.18
C TRP HA 123 64.92 61.32 90.06
N ALA IA 1 86.61 90.67 55.72
CA ALA IA 1 86.07 90.09 54.51
C ALA IA 1 84.71 90.70 54.17
N ALA IA 2 84.52 91.95 54.54
CA ALA IA 2 83.34 92.72 54.17
C ALA IA 2 83.48 93.21 52.74
N ARG IA 3 82.34 93.62 52.17
CA ARG IA 3 82.33 94.08 50.79
C ARG IA 3 82.84 95.51 50.69
N SER IA 4 83.90 95.70 49.89
CA SER IA 4 84.47 97.01 49.67
C SER IA 4 85.10 97.02 48.28
N SER IA 5 85.60 98.18 47.87
CA SER IA 5 86.23 98.31 46.57
C SER IA 5 87.53 97.53 46.51
N ILE IA 6 87.79 96.90 45.38
CA ILE IA 6 89.02 96.15 45.16
C ILE IA 6 89.77 96.78 43.99
N VAL IA 7 91.09 96.58 43.96
CA VAL IA 7 91.98 97.38 43.13
C VAL IA 7 92.74 96.46 42.18
N LEU IA 8 92.05 95.48 41.61
CA LEU IA 8 92.60 94.62 40.57
C LEU IA 8 93.53 95.39 39.65
N THR IA 9 94.73 94.86 39.45
CA THR IA 9 95.73 95.55 38.64
C THR IA 9 96.63 94.53 37.95
N ASP IA 10 97.21 94.95 36.83
CA ASP IA 10 98.15 94.14 36.08
C ASP IA 10 99.60 94.58 36.25
N GLY IA 11 99.82 95.67 36.98
CA GLY IA 11 101.16 96.20 37.15
C GLY IA 11 101.27 97.59 36.55
N THR IA 12 100.61 97.81 35.41
CA THR IA 12 100.69 99.10 34.73
C THR IA 12 99.51 99.99 35.09
N THR IA 13 98.28 99.54 34.83
CA THR IA 13 97.09 100.35 35.03
C THR IA 13 96.16 99.66 36.01
N PRO IA 14 96.01 100.16 37.24
CA PRO IA 14 95.06 99.58 38.17
C PRO IA 14 93.63 99.98 37.84
N VAL IA 15 92.70 99.06 38.05
CA VAL IA 15 91.28 99.31 37.89
C VAL IA 15 90.59 99.04 39.21
N THR IA 16 89.80 99.99 39.68
CA THR IA 16 89.13 99.89 40.97
C THR IA 16 87.68 99.47 40.74
N LEU IA 17 87.34 98.26 41.18
CA LEU IA 17 85.98 97.75 41.07
C LEU IA 17 85.25 97.98 42.39
N THR IA 18 84.04 98.53 42.31
CA THR IA 18 83.21 98.74 43.48
C THR IA 18 82.01 97.80 43.43
N PRO IA 19 81.49 97.38 44.59
CA PRO IA 19 80.34 96.47 44.56
C PRO IA 19 79.12 97.14 43.95
N VAL IA 20 78.33 96.34 43.23
CA VAL IA 20 77.08 96.82 42.64
C VAL IA 20 75.97 95.83 42.94
N GLY IA 21 76.14 95.05 43.99
CA GLY IA 21 75.04 94.20 44.42
C GLY IA 21 75.41 92.77 44.75
N GLY IA 22 74.44 91.87 44.55
CA GLY IA 22 74.69 90.44 44.70
C GLY IA 22 73.89 89.76 45.78
N GLY IA 23 73.79 90.36 46.96
CA GLY IA 23 73.11 89.70 48.05
C GLY IA 23 73.95 88.64 48.72
N VAL IA 24 73.31 87.61 49.27
CA VAL IA 24 74.02 86.54 49.99
C VAL IA 24 74.37 85.45 49.00
N GLY IA 25 75.56 84.88 49.15
CA GLY IA 25 76.03 83.85 48.25
C GLY IA 25 76.73 84.33 47.00
N GLN IA 26 76.83 85.64 46.80
CA GLN IA 26 77.54 86.17 45.64
C GLN IA 26 77.80 87.65 45.87
N THR IA 27 78.59 88.23 44.96
CA THR IA 27 78.91 89.65 45.01
C THR IA 27 79.29 90.09 43.61
N LEU IA 28 78.63 91.12 43.11
CA LEU IA 28 78.96 91.68 41.80
C LEU IA 28 79.80 92.93 41.98
N TYR IA 29 80.84 93.05 41.16
CA TYR IA 29 81.69 94.23 41.17
C TYR IA 29 81.61 94.90 39.81
N ARG IA 30 82.02 96.17 39.77
CA ARG IA 30 82.11 96.89 38.51
C ARG IA 30 82.89 98.18 38.70
N ALA IA 31 83.75 98.52 37.75
CA ALA IA 31 84.49 99.77 37.80
C ALA IA 31 83.61 100.92 37.32
N THR IA 32 84.14 102.14 37.36
CA THR IA 32 83.36 103.28 36.88
C THR IA 32 83.46 103.41 35.37
N ALA IA 33 84.64 103.79 34.88
CA ALA IA 33 84.90 104.04 33.44
C ALA IA 33 83.69 104.70 32.79
N GLU IA 34 83.19 105.74 33.46
CA GLU IA 34 81.87 106.28 33.18
C GLU IA 34 81.78 106.79 31.75
N ALA IA 35 80.56 106.76 31.19
CA ALA IA 35 80.29 107.30 29.87
C ALA IA 35 81.15 106.61 28.81
N LEU IA 36 80.84 105.34 28.56
CA LEU IA 36 79.60 104.63 28.87
C LEU IA 36 79.69 103.85 30.18
N SER IA 37 78.55 103.42 30.71
CA SER IA 37 78.51 102.69 31.96
C SER IA 37 78.61 101.19 31.79
N ALA IA 38 78.34 100.67 30.60
CA ALA IA 38 78.47 99.25 30.30
C ALA IA 38 79.83 98.90 29.72
N ALA IA 39 80.70 99.87 29.54
CA ALA IA 39 82.04 99.64 29.01
C ALA IA 39 83.08 99.70 30.12
N ASN IA 40 82.97 98.77 31.08
CA ASN IA 40 83.94 98.68 32.16
C ASN IA 40 83.92 97.26 32.72
N PRO IA 41 85.03 96.81 33.30
CA PRO IA 41 85.12 95.42 33.73
C PRO IA 41 84.24 95.11 34.94
N SER IA 42 83.98 93.82 35.12
CA SER IA 42 83.14 93.33 36.20
C SER IA 42 83.72 92.02 36.73
N LEU IA 43 83.39 91.70 37.98
CA LEU IA 43 84.00 90.58 38.71
C LEU IA 43 82.94 89.75 39.44
N SER IA 44 81.97 89.23 38.71
CA SER IA 44 80.93 88.42 39.35
C SER IA 44 81.54 87.29 40.16
N PHE IA 45 81.39 87.37 41.48
CA PHE IA 45 82.04 86.42 42.40
C PHE IA 45 80.98 85.76 43.27
N GLY IA 46 80.84 84.45 43.15
CA GLY IA 46 79.89 83.70 43.96
C GLY IA 46 80.58 82.59 44.74
N TYR IA 47 79.85 82.06 45.73
CA TYR IA 47 80.36 81.03 46.62
C TYR IA 47 79.19 80.38 47.32
N ARG IA 48 79.37 79.11 47.69
CA ARG IA 48 78.33 78.36 48.38
C ARG IA 48 78.96 77.12 49.01
N PHE IA 49 78.18 76.44 49.83
CA PHE IA 49 78.56 75.17 50.43
C PHE IA 49 77.48 74.15 50.14
N THR IA 50 77.88 73.00 49.60
CA THR IA 50 76.94 71.96 49.24
C THR IA 50 76.55 71.15 50.49
N ASP IA 51 75.96 69.97 50.26
CA ASP IA 51 75.54 69.10 51.35
C ASP IA 51 76.68 68.84 52.33
N GLY IA 52 77.87 68.57 51.80
CA GLY IA 52 79.04 68.41 52.65
C GLY IA 52 79.66 69.76 52.98
N GLY IA 53 80.98 69.80 53.03
CA GLY IA 53 81.70 71.05 53.23
C GLY IA 53 82.35 71.49 51.94
N THR IA 54 81.87 70.97 50.82
CA THR IA 54 82.47 71.25 49.52
C THR IA 54 82.24 72.70 49.17
N ASN IA 55 83.27 73.52 49.36
CA ASN IA 55 83.22 74.94 49.07
C ASN IA 55 83.38 75.12 47.57
N ARG IA 56 82.34 75.64 46.91
CA ARG IA 56 82.36 75.84 45.46
C ARG IA 56 82.38 77.34 45.17
N GLN IA 57 83.57 77.90 45.13
CA GLN IA 57 83.72 79.31 44.78
C GLN IA 57 83.79 79.45 43.26
N SER IA 58 83.44 80.63 42.78
CA SER IA 58 83.41 80.86 41.34
C SER IA 58 83.57 82.34 41.03
N LEU IA 59 84.52 82.67 40.15
CA LEU IA 59 84.74 84.05 39.75
C LEU IA 59 84.60 84.16 38.24
N SER IA 60 84.10 85.30 37.80
CA SER IA 60 83.97 85.57 36.38
C SER IA 60 84.31 87.04 36.17
N TYR IA 61 85.46 87.29 35.55
CA TYR IA 61 85.95 88.63 35.29
C TYR IA 61 85.76 88.92 33.81
N LYS IA 62 84.99 89.95 33.49
CA LYS IA 62 84.73 90.35 32.12
C LYS IA 62 85.27 91.75 31.89
N GLN IA 63 86.07 91.91 30.84
CA GLN IA 63 86.59 93.21 30.47
C GLN IA 63 86.16 93.53 29.05
N PRO IA 64 85.35 94.57 28.83
CA PRO IA 64 84.90 94.89 27.48
C PRO IA 64 85.94 95.69 26.72
N ILE IA 65 85.91 95.54 25.41
CA ILE IA 65 86.86 96.17 24.50
C ILE IA 65 86.19 97.41 23.92
N THR IA 66 86.68 98.58 24.28
CA THR IA 66 86.08 99.84 23.91
C THR IA 66 86.75 100.40 22.65
N ALA IA 67 86.08 101.38 22.05
CA ALA IA 67 86.61 102.04 20.86
C ALA IA 67 85.93 103.40 20.75
N VAL IA 68 86.67 104.46 21.05
CA VAL IA 68 86.08 105.80 21.04
C VAL IA 68 85.93 106.25 19.59
N ASP IA 69 84.67 106.34 19.14
CA ASP IA 69 84.35 106.71 17.77
C ASP IA 69 84.50 108.22 17.63
N SER IA 70 85.63 108.66 17.08
CA SER IA 70 85.92 110.09 17.00
C SER IA 70 84.92 110.84 16.13
N THR IA 71 84.27 110.17 15.18
CA THR IA 71 83.28 110.83 14.34
C THR IA 71 82.10 111.31 15.16
N THR IA 72 81.54 110.43 15.99
CA THR IA 72 80.35 110.73 16.78
C THR IA 72 80.68 111.06 18.23
N SER IA 73 81.88 110.69 18.69
CA SER IA 73 82.33 110.90 20.07
C SER IA 73 81.47 110.11 21.05
N GLU IA 74 81.36 108.81 20.79
CA GLU IA 74 80.70 107.89 21.69
C GLU IA 74 81.54 106.63 21.81
N THR IA 75 81.48 106.00 22.97
CA THR IA 75 82.23 104.77 23.21
C THR IA 75 81.42 103.57 22.75
N LEU IA 76 82.03 102.73 21.92
CA LEU IA 76 81.39 101.55 21.38
C LEU IA 76 82.03 100.31 21.99
N VAL IA 77 81.22 99.28 22.22
CA VAL IA 77 81.68 98.04 22.82
C VAL IA 77 81.72 96.98 21.74
N ARG IA 78 82.91 96.45 21.47
CA ARG IA 78 83.11 95.50 20.38
C ARG IA 78 83.04 94.05 20.85
N GLY IA 79 83.35 93.79 22.11
CA GLY IA 79 83.34 92.44 22.63
C GLY IA 79 83.85 92.45 24.06
N GLN IA 80 84.07 91.27 24.61
CA GLN IA 80 84.58 91.21 25.97
C GLN IA 80 85.47 89.99 26.17
N CYS IA 81 86.58 90.20 26.86
CA CYS IA 81 87.43 89.11 27.31
C CYS IA 81 86.89 88.58 28.63
N VAL IA 82 86.63 87.28 28.68
CA VAL IA 82 86.00 86.64 29.84
C VAL IA 82 86.98 85.65 30.44
N VAL IA 83 87.17 85.71 31.75
CA VAL IA 83 88.01 84.77 32.47
C VAL IA 83 87.19 84.18 33.60
N ASP IA 84 86.95 82.87 33.54
CA ASP IA 84 86.22 82.16 34.58
C ASP IA 84 87.19 81.35 35.42
N ILE IA 85 86.98 81.35 36.73
CA ILE IA 85 87.85 80.65 37.67
C ILE IA 85 86.93 79.93 38.65
N ASN IA 86 86.75 78.63 38.46
CA ASN IA 86 85.98 77.85 39.40
C ASN IA 86 86.91 77.13 40.37
N ILE IA 87 86.53 77.12 41.64
CA ILE IA 87 87.34 76.51 42.69
C ILE IA 87 86.43 75.56 43.46
N VAL IA 88 86.80 74.28 43.49
CA VAL IA 88 86.07 73.29 44.26
C VAL IA 88 87.00 72.76 45.34
N ILE IA 89 86.56 72.84 46.60
CA ILE IA 89 87.35 72.35 47.71
C ILE IA 89 86.54 71.31 48.46
N PRO IA 90 86.98 70.07 48.52
CA PRO IA 90 86.15 69.03 49.14
C PRO IA 90 86.04 69.17 50.64
N ARG IA 91 85.19 68.32 51.23
CA ARG IA 91 84.95 68.35 52.67
C ARG IA 91 86.18 67.97 53.47
N VAL IA 92 87.11 67.22 52.89
CA VAL IA 92 88.22 66.61 53.61
C VAL IA 92 89.50 67.43 53.49
N ALA IA 93 89.43 68.65 52.98
CA ALA IA 93 90.62 69.42 52.65
C ALA IA 93 91.10 70.20 53.87
N THR IA 94 92.39 70.08 54.16
CA THR IA 94 93.00 70.82 55.27
C THR IA 94 93.08 72.30 54.93
N ALA IA 95 93.28 73.12 55.96
CA ALA IA 95 93.33 74.56 55.79
C ALA IA 95 94.57 75.04 55.06
N THR IA 96 95.65 74.27 55.04
CA THR IA 96 96.85 74.64 54.31
C THR IA 96 96.91 74.05 52.91
N ASP IA 97 96.24 72.91 52.69
CA ASP IA 97 96.13 72.36 51.36
C ASP IA 97 95.31 73.27 50.45
N ARG IA 98 94.31 73.95 51.02
CA ARG IA 98 93.57 74.95 50.26
C ARG IA 98 94.50 76.04 49.75
N ALA IA 99 95.32 76.61 50.63
CA ALA IA 99 96.24 77.65 50.21
C ALA IA 99 97.23 77.14 49.19
N GLU IA 100 97.76 75.93 49.40
CA GLU IA 100 98.68 75.35 48.42
C GLU IA 100 98.02 75.24 47.05
N ALA IA 101 96.84 74.63 47.00
CA ALA IA 101 96.17 74.42 45.72
C ALA IA 101 95.86 75.73 45.03
N ILE IA 102 95.31 76.69 45.77
CA ILE IA 102 94.88 77.95 45.15
C ILE IA 102 96.09 78.73 44.66
N LYS IA 103 97.11 78.88 45.49
CA LYS IA 103 98.26 79.67 45.08
C LYS IA 103 99.07 78.98 44.00
N ARG IA 104 98.99 77.64 43.91
CA ARG IA 104 99.65 76.95 42.81
C ARG IA 104 98.88 77.11 41.51
N ALA IA 105 97.55 77.01 41.56
CA ALA IA 105 96.76 77.19 40.35
C ALA IA 105 96.88 78.60 39.81
N PHE IA 106 96.86 79.60 40.70
CA PHE IA 106 97.03 80.98 40.26
C PHE IA 106 98.46 81.31 39.89
N ASP IA 107 99.41 80.39 40.12
CA ASP IA 107 100.79 80.58 39.69
C ASP IA 107 101.03 80.07 38.28
N VAL IA 108 99.99 79.61 37.59
CA VAL IA 108 100.14 79.15 36.21
C VAL IA 108 100.63 80.29 35.33
N LEU IA 109 100.07 81.49 35.53
CA LEU IA 109 100.44 82.63 34.70
C LEU IA 109 101.94 82.89 34.73
N ASN IA 110 102.61 82.58 35.83
CA ASN IA 110 104.06 82.71 35.86
C ASN IA 110 104.78 81.51 35.25
N ALA IA 111 104.09 80.36 35.14
CA ALA IA 111 104.71 79.20 34.53
C ALA IA 111 104.31 79.09 33.06
N LEU IA 112 103.02 79.03 32.77
CA LEU IA 112 102.50 78.93 31.41
C LEU IA 112 102.24 80.32 30.85
N ASN IA 113 103.28 81.15 30.89
CA ASN IA 113 103.10 82.58 30.65
C ASN IA 113 102.87 82.88 29.17
N ALA IA 114 103.79 82.46 28.31
CA ALA IA 114 103.70 82.82 26.90
C ALA IA 114 102.46 82.23 26.23
N GLU IA 115 101.92 81.14 26.77
CA GLU IA 115 100.73 80.55 26.18
C GLU IA 115 99.45 81.28 26.58
N LEU IA 116 99.53 82.25 27.48
CA LEU IA 116 98.36 82.98 27.94
C LEU IA 116 98.45 84.47 27.63
N ILE IA 117 99.58 85.09 27.92
CA ILE IA 117 99.72 86.53 27.70
C ILE IA 117 99.70 86.85 26.21
N THR IA 118 100.41 86.06 25.39
CA THR IA 118 100.49 86.32 23.96
C THR IA 118 99.54 85.46 23.14
N GLY IA 119 99.05 84.36 23.69
CA GLY IA 119 98.08 83.53 23.00
C GLY IA 119 98.66 82.43 22.15
N GLU IA 120 99.95 82.14 22.27
CA GLU IA 120 100.57 81.08 21.47
C GLU IA 120 100.01 79.72 21.86
N GLY IA 121 100.45 78.72 21.13
CA GLY IA 121 100.25 77.34 21.53
C GLY IA 121 101.59 76.65 21.55
N GLN IA 122 101.79 75.81 22.54
CA GLN IA 122 103.06 75.13 22.69
C GLN IA 122 103.23 74.06 21.63
N TRP IA 123 104.42 74.00 21.04
CA TRP IA 123 104.67 73.09 19.92
C TRP IA 123 105.51 71.89 20.32
N ALA JA 1 106.51 78.48 24.24
CA ALA JA 1 107.61 77.60 23.85
C ALA JA 1 107.14 76.16 23.82
N ALA JA 2 108.09 75.24 23.60
CA ALA JA 2 107.73 73.83 23.48
C ALA JA 2 107.30 73.27 24.84
N ARG JA 3 106.60 72.14 24.78
CA ARG JA 3 106.17 71.47 26.00
C ARG JA 3 107.38 71.14 26.87
N SER JA 4 107.47 71.76 28.04
CA SER JA 4 108.61 71.54 28.92
C SER JA 4 108.14 71.25 30.34
N SER JA 5 109.06 71.27 31.30
CA SER JA 5 108.73 71.05 32.70
C SER JA 5 108.43 72.39 33.37
N ILE JA 6 107.25 72.49 33.97
CA ILE JA 6 106.83 73.70 34.66
C ILE JA 6 107.02 73.54 36.15
N VAL JA 7 107.14 74.66 36.86
CA VAL JA 7 107.63 74.68 38.22
C VAL JA 7 106.54 75.33 39.09
N LEU JA 8 105.28 74.99 38.78
CA LEU JA 8 104.13 75.45 39.56
C LEU JA 8 104.41 75.43 41.06
N THR JA 9 104.34 76.59 41.70
CA THR JA 9 104.74 76.75 43.08
C THR JA 9 103.72 77.62 43.81
N ASP JA 10 104.00 77.88 45.09
CA ASP JA 10 103.17 78.80 45.87
C ASP JA 10 104.01 79.71 46.75
N GLY JA 11 105.31 79.80 46.53
CA GLY JA 11 106.20 80.61 47.32
C GLY JA 11 107.00 79.83 48.35
N THR JA 12 106.49 78.68 48.79
CA THR JA 12 107.17 77.84 49.76
C THR JA 12 107.50 76.46 49.23
N THR JA 13 106.52 75.75 48.67
CA THR JA 13 106.69 74.35 48.27
C THR JA 13 106.46 74.21 46.77
N PRO JA 14 107.51 74.26 45.95
CA PRO JA 14 107.33 74.10 44.51
C PRO JA 14 107.02 72.65 44.14
N VAL JA 15 106.38 72.51 42.98
CA VAL JA 15 106.09 71.20 42.39
C VAL JA 15 106.41 71.28 40.91
N THR JA 16 107.20 70.32 40.42
CA THR JA 16 107.60 70.28 39.02
C THR JA 16 106.73 69.30 38.25
N LEU JA 17 106.18 69.75 37.13
CA LEU JA 17 105.26 68.96 36.33
C LEU JA 17 105.84 68.78 34.94
N THR JA 18 105.79 67.54 34.43
CA THR JA 18 106.29 67.23 33.10
C THR JA 18 105.17 66.66 32.24
N PRO JA 19 105.12 67.00 30.96
CA PRO JA 19 103.99 66.59 30.12
C PRO JA 19 103.84 65.07 30.05
N VAL JA 20 102.60 64.61 30.06
CA VAL JA 20 102.32 63.20 30.26
C VAL JA 20 101.40 62.73 29.12
N GLY JA 21 101.12 63.61 28.20
CA GLY JA 21 100.29 63.21 27.07
C GLY JA 21 99.66 64.42 26.41
N GLY JA 22 98.47 64.20 25.87
CA GLY JA 22 97.73 65.26 25.23
C GLY JA 22 97.57 65.08 23.73
N GLY JA 23 97.86 66.12 22.96
CA GLY JA 23 97.70 66.09 21.52
C GLY JA 23 97.93 67.45 20.90
N VAL JA 24 97.05 67.86 20.00
CA VAL JA 24 97.08 69.21 19.43
C VAL JA 24 96.06 70.06 20.17
N GLY JA 25 96.51 71.21 20.68
CA GLY JA 25 95.67 72.02 21.53
C GLY JA 25 95.24 71.27 22.77
N GLN JA 26 96.18 70.56 23.39
CA GLN JA 26 95.95 69.81 24.61
C GLN JA 26 97.29 69.40 25.18
N THR JA 27 97.42 69.47 26.50
CA THR JA 27 98.71 69.20 27.13
C THR JA 27 98.46 68.79 28.59
N LEU JA 28 98.68 67.52 28.89
CA LEU JA 28 98.59 67.06 30.27
C LEU JA 28 99.86 67.42 31.02
N TYR JA 29 99.82 67.26 32.34
CA TYR JA 29 100.98 67.44 33.19
C TYR JA 29 100.81 66.54 34.41
N ARG JA 30 101.92 66.29 35.10
CA ARG JA 30 101.91 65.57 36.37
C ARG JA 30 103.29 65.69 36.99
N ALA JA 31 103.36 65.43 38.28
CA ALA JA 31 104.59 65.53 39.05
C ALA JA 31 105.26 64.16 39.15
N THR JA 32 106.30 64.07 39.98
CA THR JA 32 107.18 62.90 39.99
C THR JA 32 106.81 61.84 41.03
N ALA JA 33 106.05 62.21 42.07
CA ALA JA 33 105.68 61.24 43.09
C ALA JA 33 104.70 60.21 42.54
N GLU JA 34 104.64 59.03 43.16
CA GLU JA 34 103.89 57.90 42.63
C GLU JA 34 102.87 57.41 43.65
N ALA JA 35 101.65 57.18 43.18
CA ALA JA 35 100.58 56.69 44.04
C ALA JA 35 99.64 55.85 43.21
N LEU JA 36 98.61 55.28 43.85
CA LEU JA 36 97.76 54.28 43.23
C LEU JA 36 96.53 54.88 42.58
N SER JA 37 95.71 55.62 43.33
CA SER JA 37 94.47 56.19 42.80
C SER JA 37 94.70 57.57 42.19
N ALA JA 38 95.15 58.52 43.00
CA ALA JA 38 95.47 59.87 42.53
C ALA JA 38 96.94 60.11 42.78
N ALA JA 39 97.70 60.29 41.71
CA ALA JA 39 99.15 60.37 41.84
C ALA JA 39 99.58 61.76 42.31
N ASN JA 40 99.33 62.77 41.49
CA ASN JA 40 99.94 64.08 41.70
C ASN JA 40 99.04 65.19 41.15
N PRO JA 41 99.39 66.46 41.33
CA PRO JA 41 98.70 67.52 40.61
C PRO JA 41 98.78 67.32 39.11
N SER JA 42 97.67 67.56 38.42
CA SER JA 42 97.56 67.29 36.98
C SER JA 42 96.96 68.50 36.30
N LEU JA 43 97.82 69.36 35.74
CA LEU JA 43 97.39 70.61 35.11
C LEU JA 43 97.13 70.36 33.63
N SER JA 44 95.86 70.16 33.28
CA SER JA 44 95.50 70.01 31.88
C SER JA 44 95.29 71.38 31.24
N PHE JA 45 95.72 71.52 29.99
CA PHE JA 45 95.72 72.78 29.27
C PHE JA 45 95.14 72.55 27.89
N GLY JA 46 93.96 73.12 27.62
CA GLY JA 46 93.19 72.75 26.44
C GLY JA 46 92.87 73.82 25.42
N TYR JA 47 93.85 74.66 25.08
CA TYR JA 47 93.61 75.78 24.18
C TYR JA 47 93.12 75.32 22.81
N ARG JA 48 92.39 76.20 22.13
CA ARG JA 48 91.86 75.95 20.79
C ARG JA 48 91.43 77.29 20.20
N PHE JA 49 90.90 77.23 18.98
CA PHE JA 49 90.35 78.39 18.29
C PHE JA 49 88.92 78.08 17.86
N THR JA 50 88.27 79.04 17.22
CA THR JA 50 86.85 78.93 16.91
C THR JA 50 86.61 79.63 15.57
N ASP JA 51 85.35 79.95 15.26
CA ASP JA 51 84.99 80.55 13.98
C ASP JA 51 85.77 81.83 13.74
N GLY JA 52 85.82 82.71 14.73
CA GLY JA 52 86.65 83.90 14.68
C GLY JA 52 88.00 83.64 15.28
N GLY JA 53 88.64 84.71 15.74
CA GLY JA 53 89.89 84.57 16.47
C GLY JA 53 89.62 84.29 17.92
N THR JA 54 88.50 83.64 18.21
CA THR JA 54 88.07 83.43 19.58
C THR JA 54 88.95 82.39 20.27
N ASN JA 55 90.07 82.85 20.82
CA ASN JA 55 91.02 81.96 21.45
C ASN JA 55 90.41 81.43 22.74
N ARG JA 56 89.86 80.22 22.68
CA ARG JA 56 89.10 79.67 23.79
C ARG JA 56 89.98 78.72 24.60
N GLN JA 57 90.94 79.32 25.31
CA GLN JA 57 91.82 78.55 26.16
C GLN JA 57 91.05 77.99 27.36
N SER JA 58 91.66 77.01 28.02
CA SER JA 58 91.01 76.33 29.13
C SER JA 58 92.06 75.58 29.93
N LEU JA 59 91.92 75.59 31.25
CA LEU JA 59 92.87 74.96 32.16
C LEU JA 59 92.11 74.16 33.19
N SER JA 60 92.84 73.28 33.87
CA SER JA 60 92.30 72.58 35.03
C SER JA 60 93.42 72.04 35.88
N TYR JA 61 93.55 72.52 37.11
CA TYR JA 61 94.63 72.12 38.01
C TYR JA 61 94.04 71.34 39.17
N LYS JA 62 94.30 70.04 39.22
CA LYS JA 62 93.83 69.19 40.29
C LYS JA 62 95.00 68.83 41.19
N GLN JA 63 94.83 69.03 42.49
CA GLN JA 63 95.83 68.64 43.48
C GLN JA 63 95.19 67.64 44.43
N PRO JA 64 95.71 66.43 44.56
CA PRO JA 64 95.06 65.42 45.38
C PRO JA 64 95.30 65.47 46.89
N ILE JA 65 94.20 65.64 47.61
CA ILE JA 65 94.21 65.64 49.06
C ILE JA 65 94.55 64.22 49.50
N THR JA 66 95.72 64.05 50.10
CA THR JA 66 96.25 62.73 50.44
C THR JA 66 96.94 62.77 51.79
N ALA JA 67 96.99 61.62 52.46
CA ALA JA 67 97.72 61.44 53.70
C ALA JA 67 98.43 60.09 53.65
N VAL JA 68 99.66 60.04 54.15
CA VAL JA 68 100.48 58.84 54.01
C VAL JA 68 100.10 57.84 55.10
N ASP JA 69 99.71 56.63 54.69
CA ASP JA 69 99.37 55.59 55.64
C ASP JA 69 100.64 55.08 56.33
N SER JA 70 100.45 54.41 57.46
CA SER JA 70 101.55 53.78 58.17
C SER JA 70 101.71 52.35 57.72
N THR JA 71 102.98 51.92 57.62
CA THR JA 71 103.40 50.57 57.25
C THR JA 71 103.11 50.22 55.79
N THR JA 72 102.44 51.09 55.04
CA THR JA 72 102.14 50.85 53.63
C THR JA 72 102.57 52.04 52.80
N SER JA 73 103.19 51.75 51.65
CA SER JA 73 103.69 52.79 50.76
C SER JA 73 102.69 53.12 49.66
N GLU JA 74 101.48 53.51 50.05
CA GLU JA 74 100.43 53.83 49.10
C GLU JA 74 99.83 55.22 49.29
N THR JA 75 100.24 55.96 50.32
CA THR JA 75 99.90 57.35 50.56
C THR JA 75 98.45 57.67 50.20
N LEU JA 76 97.52 57.04 50.92
CA LEU JA 76 96.08 57.13 50.67
C LEU JA 76 95.65 58.55 50.33
N VAL JA 77 94.92 58.69 49.23
CA VAL JA 77 94.40 59.98 48.78
C VAL JA 77 92.95 60.11 49.23
N ARG JA 78 92.59 61.30 49.68
CA ARG JA 78 91.26 61.54 50.24
C ARG JA 78 90.35 62.37 49.35
N GLY JA 79 90.91 63.20 48.48
CA GLY JA 79 90.10 64.02 47.61
C GLY JA 79 90.92 64.75 46.57
N GLN JA 80 90.37 65.84 46.03
CA GLN JA 80 91.09 66.66 45.07
C GLN JA 80 90.54 68.08 45.01
N CYS JA 81 91.44 69.07 45.03
CA CYS JA 81 91.06 70.48 44.98
C CYS JA 81 91.09 70.95 43.53
N VAL JA 82 89.97 70.77 42.83
CA VAL JA 82 89.87 71.18 41.44
C VAL JA 82 89.86 72.70 41.34
N VAL JA 83 90.61 73.23 40.37
CA VAL JA 83 90.61 74.67 40.09
C VAL JA 83 90.60 74.89 38.59
N ASP JA 84 89.43 75.15 38.02
CA ASP JA 84 89.30 75.38 36.59
C ASP JA 84 89.51 76.84 36.27
N ILE JA 85 90.12 77.11 35.11
CA ILE JA 85 90.32 78.47 34.62
C ILE JA 85 90.03 78.50 33.13
N ASN JA 86 88.89 79.06 32.74
CA ASN JA 86 88.53 79.14 31.33
C ASN JA 86 88.68 80.57 30.84
N ILE JA 87 89.24 80.72 29.65
CA ILE JA 87 89.53 82.02 29.07
C ILE JA 87 88.90 82.08 27.69
N VAL JA 88 88.21 83.19 27.40
CA VAL JA 88 87.60 83.42 26.10
C VAL JA 88 87.97 84.83 25.67
N ILE JA 89 88.85 84.94 24.68
CA ILE JA 89 89.36 86.22 24.19
C ILE JA 89 88.82 86.41 22.77
N PRO JA 90 88.14 87.52 22.48
CA PRO JA 90 87.50 87.66 21.17
C PRO JA 90 88.50 87.93 20.06
N ARG JA 91 88.01 87.96 18.82
CA ARG JA 91 88.89 88.23 17.69
C ARG JA 91 89.44 89.65 17.70
N VAL JA 92 88.66 90.62 18.18
CA VAL JA 92 89.01 92.03 18.05
C VAL JA 92 89.92 92.48 19.18
N ALA JA 93 90.39 91.53 20.00
CA ALA JA 93 91.13 91.86 21.22
C ALA JA 93 92.58 92.12 20.89
N THR JA 94 92.99 93.39 20.97
CA THR JA 94 94.39 93.75 20.82
C THR JA 94 95.23 93.06 21.89
N ALA JA 95 96.43 92.62 21.51
CA ALA JA 95 97.26 91.83 22.41
C ALA JA 95 97.60 92.57 23.70
N THR JA 96 97.55 93.90 23.71
CA THR JA 96 97.65 94.62 24.97
C THR JA 96 96.42 94.42 25.83
N ASP JA 97 95.23 94.47 25.23
CA ASP JA 97 93.99 94.25 25.97
C ASP JA 97 93.94 92.84 26.54
N ARG JA 98 94.37 91.84 25.78
CA ARG JA 98 94.38 90.48 26.29
C ARG JA 98 95.32 90.33 27.47
N ALA JA 99 96.51 90.91 27.39
CA ALA JA 99 97.45 90.85 28.51
C ALA JA 99 96.86 91.53 29.74
N GLU JA 100 96.24 92.68 29.55
CA GLU JA 100 95.59 93.37 30.67
C GLU JA 100 94.51 92.49 31.29
N ALA JA 101 93.66 91.90 30.46
CA ALA JA 101 92.56 91.09 30.97
C ALA JA 101 93.08 89.90 31.76
N ILE JA 102 94.08 89.19 31.23
CA ILE JA 102 94.59 88.01 31.91
C ILE JA 102 95.27 88.39 33.21
N LYS JA 103 96.15 89.39 33.17
CA LYS JA 103 96.90 89.74 34.38
C LYS JA 103 95.99 90.36 35.43
N ARG JA 104 94.88 90.98 35.02
CA ARG JA 104 93.93 91.47 36.00
C ARG JA 104 93.08 90.36 36.58
N ALA JA 105 92.69 89.38 35.76
CA ALA JA 105 91.92 88.27 36.29
C ALA JA 105 92.74 87.45 37.28
N PHE JA 106 94.02 87.26 37.01
CA PHE JA 106 94.87 86.48 37.90
C PHE JA 106 95.36 87.29 39.10
N ASP JA 107 95.00 88.56 39.20
CA ASP JA 107 95.30 89.37 40.37
C ASP JA 107 94.18 89.34 41.40
N VAL JA 108 93.14 88.54 41.18
CA VAL JA 108 92.07 88.44 42.16
C VAL JA 108 92.60 87.89 43.47
N LEU JA 109 93.49 86.90 43.39
CA LEU JA 109 94.03 86.27 44.60
C LEU JA 109 94.67 87.28 45.54
N ASN JA 110 95.24 88.35 44.99
CA ASN JA 110 95.85 89.37 45.83
C ASN JA 110 94.86 90.45 46.26
N ALA JA 111 93.66 90.49 45.68
CA ALA JA 111 92.65 91.45 46.07
C ALA JA 111 91.52 90.80 46.86
N LEU JA 112 90.99 89.69 46.35
CA LEU JA 112 89.96 88.91 47.03
C LEU JA 112 90.60 87.75 47.77
N ASN JA 113 91.54 88.07 48.66
CA ASN JA 113 92.45 87.07 49.20
C ASN JA 113 91.77 86.16 50.23
N ALA JA 114 91.23 86.76 51.29
CA ALA JA 114 90.71 85.97 52.40
C ALA JA 114 89.55 85.08 51.96
N GLU JA 115 88.68 85.60 51.11
CA GLU JA 115 87.53 84.82 50.65
C GLU JA 115 87.94 83.60 49.85
N LEU JA 116 89.12 83.61 49.24
CA LEU JA 116 89.58 82.49 48.41
C LEU JA 116 90.45 81.53 49.20
N ILE JA 117 91.36 82.05 50.02
CA ILE JA 117 92.25 81.20 50.80
C ILE JA 117 91.50 80.59 51.98
N THR JA 118 90.93 81.44 52.83
CA THR JA 118 90.22 80.95 54.01
C THR JA 118 88.88 80.35 53.66
N GLY JA 119 88.14 80.97 52.74
CA GLY JA 119 86.87 80.43 52.30
C GLY JA 119 85.69 80.95 53.10
N GLU JA 120 85.61 82.27 53.25
CA GLU JA 120 84.64 82.87 54.15
C GLU JA 120 84.36 84.29 53.72
N GLY JA 121 83.29 84.85 54.26
CA GLY JA 121 83.12 86.30 54.22
C GLY JA 121 82.02 86.84 53.34
N GLN JA 122 82.21 88.07 52.86
CA GLN JA 122 81.21 88.82 52.11
C GLN JA 122 79.95 89.02 52.95
N TRP JA 123 80.11 89.82 54.01
CA TRP JA 123 79.01 90.13 54.91
C TRP JA 123 78.19 91.27 54.33
N ALA KA 1 90.02 -37.91 -86.70
CA ALA KA 1 90.75 -37.11 -87.68
C ALA KA 1 89.83 -36.08 -88.30
N ALA KA 2 90.29 -35.43 -89.36
CA ALA KA 2 89.45 -34.47 -90.06
C ALA KA 2 88.28 -35.18 -90.73
N ARG KA 3 87.10 -34.60 -90.62
CA ARG KA 3 85.90 -35.20 -91.17
C ARG KA 3 86.01 -35.29 -92.69
N SER KA 4 85.60 -36.43 -93.25
CA SER KA 4 85.69 -36.67 -94.69
C SER KA 4 84.54 -37.58 -95.08
N SER KA 5 84.65 -38.16 -96.27
CA SER KA 5 83.65 -39.10 -96.76
C SER KA 5 84.02 -40.52 -96.34
N ILE KA 6 83.01 -41.37 -96.27
CA ILE KA 6 83.19 -42.77 -95.91
C ILE KA 6 82.45 -43.64 -96.92
N VAL KA 7 82.91 -44.88 -97.07
CA VAL KA 7 82.57 -45.70 -98.23
C VAL KA 7 81.93 -46.99 -97.72
N LEU KA 8 81.10 -46.88 -96.68
CA LEU KA 8 80.36 -48.02 -96.13
C LEU KA 8 79.87 -48.95 -97.24
N THR KA 9 80.18 -50.23 -97.10
CA THR KA 9 79.89 -51.21 -98.13
C THR KA 9 79.48 -52.52 -97.48
N ASP KA 10 79.02 -53.45 -98.32
CA ASP KA 10 78.73 -54.81 -97.89
C ASP KA 10 79.24 -55.81 -98.92
N GLY KA 11 80.30 -55.44 -99.64
CA GLY KA 11 80.93 -56.35 -100.58
C GLY KA 11 80.46 -56.18 -102.00
N THR KA 12 79.23 -55.71 -102.19
CA THR KA 12 78.66 -55.60 -103.54
C THR KA 12 78.17 -54.20 -103.88
N THR KA 13 77.54 -53.48 -102.94
CA THR KA 13 76.97 -52.16 -103.21
C THR KA 13 77.52 -51.16 -102.21
N PRO KA 14 78.67 -50.55 -102.51
CA PRO KA 14 79.21 -49.52 -101.62
C PRO KA 14 78.32 -48.29 -101.59
N VAL KA 15 78.39 -47.58 -100.47
CA VAL KA 15 77.61 -46.36 -100.26
C VAL KA 15 78.58 -45.28 -99.81
N THR KA 16 78.62 -44.17 -100.54
CA THR KA 16 79.46 -43.04 -100.18
C THR KA 16 78.66 -42.07 -99.34
N LEU KA 17 79.09 -41.84 -98.12
CA LEU KA 17 78.43 -40.91 -97.22
C LEU KA 17 79.31 -39.68 -97.05
N THR KA 18 78.66 -38.52 -96.87
CA THR KA 18 79.35 -37.25 -96.73
C THR KA 18 78.83 -36.56 -95.48
N PRO KA 19 79.67 -35.78 -94.80
CA PRO KA 19 79.22 -35.11 -93.58
C PRO KA 19 78.38 -33.88 -93.88
N VAL KA 20 77.13 -33.87 -93.40
CA VAL KA 20 76.21 -32.81 -93.75
C VAL KA 20 75.67 -32.13 -92.50
N GLY KA 21 76.41 -32.21 -91.40
CA GLY KA 21 75.99 -31.58 -90.18
C GLY KA 21 76.74 -32.14 -88.99
N GLY KA 22 76.17 -31.88 -87.82
CA GLY KA 22 76.74 -32.36 -86.58
C GLY KA 22 76.95 -31.28 -85.55
N GLY KA 23 78.10 -31.30 -84.89
CA GLY KA 23 78.39 -30.32 -83.87
C GLY KA 23 79.66 -30.67 -83.13
N VAL KA 24 79.64 -30.44 -81.82
CA VAL KA 24 80.75 -30.84 -80.96
C VAL KA 24 80.42 -32.21 -80.38
N GLY KA 25 81.30 -33.17 -80.63
CA GLY KA 25 81.03 -34.54 -80.24
C GLY KA 25 79.89 -35.16 -81.01
N GLN KA 26 79.82 -34.89 -82.31
CA GLN KA 26 78.78 -35.41 -83.18
C GLN KA 26 79.14 -35.12 -84.62
N THR KA 27 78.76 -36.04 -85.52
CA THR KA 27 79.04 -35.85 -86.94
C THR KA 27 78.03 -36.67 -87.74
N LEU KA 28 77.00 -36.01 -88.24
CA LEU KA 28 76.03 -36.67 -89.10
C LEU KA 28 76.65 -36.97 -90.47
N TYR KA 29 76.13 -38.00 -91.11
CA TYR KA 29 76.52 -38.37 -92.46
C TYR KA 29 75.26 -38.64 -93.26
N ARG KA 30 75.37 -38.52 -94.58
CA ARG KA 30 74.25 -38.89 -95.44
C ARG KA 30 74.80 -39.31 -96.80
N ALA KA 31 74.13 -40.28 -97.42
CA ALA KA 31 74.54 -40.72 -98.74
C ALA KA 31 74.31 -39.60 -99.74
N THR KA 32 75.19 -39.51 -100.73
CA THR KA 32 75.15 -38.40 -101.67
C THR KA 32 73.80 -38.34 -102.38
N ALA KA 33 73.48 -39.36 -103.16
CA ALA KA 33 72.17 -39.49 -103.77
C ALA KA 33 71.99 -40.92 -104.24
N GLU KA 34 71.04 -41.65 -103.66
CA GLU KA 34 70.71 -42.97 -104.19
C GLU KA 34 69.73 -42.84 -105.35
N ALA KA 35 68.49 -42.44 -105.06
CA ALA KA 35 67.54 -42.08 -106.10
C ALA KA 35 66.65 -40.89 -105.76
N LEU KA 36 66.58 -40.48 -104.50
CA LEU KA 36 65.74 -39.38 -104.04
C LEU KA 36 66.11 -39.10 -102.59
N SER KA 37 65.43 -38.16 -101.97
CA SER KA 37 65.60 -37.93 -100.54
C SER KA 37 64.70 -38.88 -99.76
N ALA KA 38 65.05 -39.07 -98.48
CA ALA KA 38 64.44 -40.02 -97.56
C ALA KA 38 64.71 -41.47 -97.94
N ALA KA 39 65.38 -41.72 -99.05
CA ALA KA 39 65.80 -43.05 -99.46
C ALA KA 39 67.32 -43.14 -99.44
N ASN KA 40 67.94 -42.40 -98.52
CA ASN KA 40 69.38 -42.32 -98.41
C ASN KA 40 69.82 -42.73 -97.01
N PRO KA 41 70.77 -43.65 -96.87
CA PRO KA 41 71.22 -44.05 -95.54
C PRO KA 41 71.96 -42.92 -94.83
N SER KA 42 71.96 -43.00 -93.49
CA SER KA 42 72.68 -42.02 -92.68
C SER KA 42 73.47 -42.77 -91.62
N LEU KA 43 74.55 -42.13 -91.14
CA LEU KA 43 75.51 -42.75 -90.24
C LEU KA 43 75.84 -41.81 -89.07
N SER KA 44 74.81 -41.38 -88.34
CA SER KA 44 75.04 -40.49 -87.22
C SER KA 44 76.08 -41.07 -86.27
N PHE KA 45 77.02 -40.22 -85.84
CA PHE KA 45 78.16 -40.70 -85.05
C PHE KA 45 78.50 -39.65 -84.00
N GLY KA 46 78.34 -40.02 -82.73
CA GLY KA 46 78.68 -39.16 -81.63
C GLY KA 46 79.80 -39.73 -80.79
N TYR KA 47 80.35 -38.88 -79.91
CA TYR KA 47 81.46 -39.25 -79.06
C TYR KA 47 81.59 -38.20 -77.97
N ARG KA 48 81.87 -38.66 -76.75
CA ARG KA 48 82.00 -37.75 -75.62
C ARG KA 48 82.75 -38.44 -74.51
N PHE KA 49 83.26 -37.64 -73.58
CA PHE KA 49 83.97 -38.12 -72.40
C PHE KA 49 83.17 -37.73 -71.17
N THR KA 50 82.89 -38.69 -70.30
CA THR KA 50 82.23 -38.42 -69.04
C THR KA 50 83.25 -37.92 -68.02
N ASP KA 51 82.91 -37.96 -66.74
CA ASP KA 51 83.82 -37.54 -65.67
C ASP KA 51 85.18 -38.20 -65.81
N GLY KA 52 85.20 -39.51 -66.04
CA GLY KA 52 86.43 -40.23 -66.29
C GLY KA 52 86.80 -40.18 -67.75
N GLY KA 53 87.82 -40.96 -68.11
CA GLY KA 53 88.24 -41.04 -69.49
C GLY KA 53 87.42 -42.05 -70.27
N THR KA 54 86.19 -42.25 -69.83
CA THR KA 54 85.30 -43.23 -70.44
C THR KA 54 84.89 -42.74 -71.82
N ASN KA 55 85.52 -43.29 -72.85
CA ASN KA 55 85.31 -42.86 -74.22
C ASN KA 55 83.98 -43.34 -74.76
N ARG KA 56 82.87 -42.76 -74.30
CA ARG KA 56 81.53 -43.18 -74.70
C ARG KA 56 81.23 -42.74 -76.12
N GLN KA 57 81.75 -43.50 -77.07
CA GLN KA 57 81.37 -43.30 -78.47
C GLN KA 57 80.01 -43.93 -78.75
N SER KA 58 79.37 -43.47 -79.81
CA SER KA 58 78.04 -43.96 -80.18
C SER KA 58 77.86 -43.85 -81.68
N LEU KA 59 77.12 -44.80 -82.24
CA LEU KA 59 76.84 -44.81 -83.67
C LEU KA 59 75.36 -45.10 -83.89
N SER KA 60 74.89 -44.74 -85.08
CA SER KA 60 73.52 -45.05 -85.48
C SER KA 60 73.45 -45.01 -87.00
N TYR KA 61 73.33 -46.17 -87.62
CA TYR KA 61 73.21 -46.29 -89.06
C TYR KA 61 71.76 -46.60 -89.38
N LYS KA 62 71.14 -45.76 -90.21
CA LYS KA 62 69.74 -45.91 -90.59
C LYS KA 62 69.66 -46.05 -92.10
N GLN KA 63 69.12 -47.18 -92.56
CA GLN KA 63 68.93 -47.42 -93.98
C GLN KA 63 67.45 -47.53 -94.26
N PRO KA 64 66.87 -46.64 -95.06
CA PRO KA 64 65.42 -46.68 -95.29
C PRO KA 64 65.04 -47.67 -96.38
N ILE KA 65 63.85 -48.24 -96.22
CA ILE KA 65 63.35 -49.31 -97.07
C ILE KA 65 62.38 -48.71 -98.06
N THR KA 66 62.73 -48.71 -99.33
CA THR KA 66 61.95 -48.05 -100.35
C THR KA 66 61.31 -49.09 -101.27
N ALA KA 67 60.13 -48.73 -101.79
CA ALA KA 67 59.37 -49.63 -102.65
C ALA KA 67 58.48 -48.81 -103.57
N VAL KA 68 58.21 -49.36 -104.75
CA VAL KA 68 57.39 -48.65 -105.74
C VAL KA 68 55.93 -48.62 -105.30
N ASP KA 69 55.20 -47.63 -105.80
CA ASP KA 69 53.80 -47.40 -105.47
C ASP KA 69 52.98 -47.33 -106.76
N SER KA 70 53.11 -48.39 -107.57
CA SER KA 70 52.62 -48.47 -108.95
C SER KA 70 51.28 -47.80 -109.20
N THR KA 71 50.38 -47.82 -108.21
CA THR KA 71 49.15 -47.05 -108.33
C THR KA 71 49.43 -45.57 -108.60
N THR KA 72 50.56 -45.06 -108.11
CA THR KA 72 51.03 -43.71 -108.43
C THR KA 72 52.44 -43.70 -109.00
N SER KA 73 53.19 -44.80 -108.90
CA SER KA 73 54.55 -44.93 -109.41
C SER KA 73 55.53 -43.99 -108.73
N GLU KA 74 55.26 -43.62 -107.49
CA GLU KA 74 56.14 -42.78 -106.70
C GLU KA 74 56.85 -43.61 -105.65
N THR KA 75 58.18 -43.50 -105.59
CA THR KA 75 59.02 -44.41 -104.81
C THR KA 75 58.92 -44.05 -103.32
N LEU KA 76 57.81 -44.46 -102.71
CA LEU KA 76 57.57 -44.19 -101.30
C LEU KA 76 58.50 -45.05 -100.43
N VAL KA 77 58.75 -44.57 -99.21
CA VAL KA 77 59.56 -45.28 -98.23
C VAL KA 77 58.64 -45.77 -97.11
N ARG KA 78 58.79 -47.05 -96.74
CA ARG KA 78 57.93 -47.66 -95.74
C ARG KA 78 58.48 -47.51 -94.32
N GLY KA 79 59.68 -48.03 -94.09
CA GLY KA 79 60.31 -47.95 -92.77
C GLY KA 79 61.81 -47.83 -92.88
N GLN KA 80 62.54 -48.18 -91.82
CA GLN KA 80 64.00 -48.10 -91.85
C GLN KA 80 64.60 -49.17 -90.95
N CYS KA 81 65.79 -49.63 -91.34
CA CYS KA 81 66.59 -50.53 -90.52
C CYS KA 81 67.59 -49.70 -89.74
N VAL KA 82 67.66 -49.94 -88.43
CA VAL KA 82 68.46 -49.14 -87.51
C VAL KA 82 69.49 -50.05 -86.85
N VAL KA 83 70.75 -49.65 -86.88
CA VAL KA 83 71.82 -50.37 -86.20
C VAL KA 83 72.56 -49.39 -85.30
N ASP KA 84 72.60 -49.67 -84.00
CA ASP KA 84 73.26 -48.81 -83.04
C ASP KA 84 74.45 -49.56 -82.44
N ILE KA 85 75.65 -49.05 -82.68
CA ILE KA 85 76.84 -49.64 -82.10
C ILE KA 85 77.42 -48.70 -81.06
N ASN KA 86 77.02 -48.87 -79.80
CA ASN KA 86 77.58 -48.08 -78.72
C ASN KA 86 78.87 -48.72 -78.21
N ILE KA 87 79.81 -47.86 -77.82
CA ILE KA 87 81.11 -48.30 -77.33
C ILE KA 87 81.45 -47.50 -76.08
N VAL KA 88 81.89 -48.19 -75.04
CA VAL KA 88 82.33 -47.54 -73.80
C VAL KA 88 83.65 -48.16 -73.39
N ILE KA 89 84.69 -47.33 -73.32
CA ILE KA 89 86.02 -47.76 -72.90
C ILE KA 89 86.47 -46.86 -71.77
N PRO KA 90 86.72 -47.38 -70.57
CA PRO KA 90 87.06 -46.53 -69.43
C PRO KA 90 88.48 -45.99 -69.53
N ARG KA 91 88.79 -45.07 -68.62
CA ARG KA 91 90.14 -44.51 -68.58
C ARG KA 91 91.19 -45.58 -68.29
N VAL KA 92 90.87 -46.54 -67.44
CA VAL KA 92 91.84 -47.53 -66.96
C VAL KA 92 92.21 -48.51 -68.07
N ALA KA 93 91.60 -48.37 -69.23
CA ALA KA 93 91.83 -49.28 -70.33
C ALA KA 93 93.15 -48.95 -71.03
N THR KA 94 93.98 -49.96 -71.23
CA THR KA 94 95.21 -49.75 -71.97
C THR KA 94 94.91 -49.61 -73.46
N ALA KA 95 95.93 -49.25 -74.23
CA ALA KA 95 95.76 -49.04 -75.66
C ALA KA 95 95.47 -50.32 -76.42
N THR KA 96 95.79 -51.49 -75.86
CA THR KA 96 95.57 -52.75 -76.56
C THR KA 96 94.25 -53.41 -76.19
N ASP KA 97 93.71 -53.12 -75.01
CA ASP KA 97 92.42 -53.69 -74.63
C ASP KA 97 91.29 -53.05 -75.43
N ARG KA 98 91.41 -51.76 -75.74
CA ARG KA 98 90.38 -51.10 -76.53
C ARG KA 98 90.29 -51.70 -77.93
N ALA KA 99 91.43 -51.87 -78.60
CA ALA KA 99 91.41 -52.46 -79.94
C ALA KA 99 90.91 -53.89 -79.90
N GLU KA 100 91.36 -54.66 -78.91
CA GLU KA 100 90.89 -56.04 -78.75
C GLU KA 100 89.37 -56.09 -78.61
N ALA KA 101 88.83 -55.28 -77.70
CA ALA KA 101 87.39 -55.30 -77.46
C ALA KA 101 86.62 -54.89 -78.71
N ILE KA 102 87.05 -53.81 -79.36
CA ILE KA 102 86.30 -53.30 -80.51
C ILE KA 102 86.30 -54.33 -81.64
N LYS KA 103 87.48 -54.86 -81.98
CA LYS KA 103 87.54 -55.81 -83.08
C LYS KA 103 86.79 -57.09 -82.76
N ARG KA 104 86.92 -57.60 -81.52
CA ARG KA 104 86.21 -58.82 -81.17
C ARG KA 104 84.71 -58.62 -81.25
N ALA KA 105 84.21 -57.51 -80.70
CA ALA KA 105 82.77 -57.27 -80.74
C ALA KA 105 82.26 -57.06 -82.14
N PHE KA 106 83.08 -56.50 -83.03
CA PHE KA 106 82.67 -56.38 -84.43
C PHE KA 106 82.78 -57.69 -85.18
N ASP KA 107 83.54 -58.66 -84.67
CA ASP KA 107 83.60 -59.98 -85.29
C ASP KA 107 82.36 -60.83 -85.02
N VAL KA 108 81.36 -60.28 -84.34
CA VAL KA 108 80.16 -61.05 -84.02
C VAL KA 108 79.47 -61.52 -85.29
N LEU KA 109 79.31 -60.62 -86.26
CA LEU KA 109 78.61 -60.97 -87.49
C LEU KA 109 79.30 -62.12 -88.21
N ASN KA 110 80.62 -62.16 -88.19
CA ASN KA 110 81.32 -63.33 -88.73
C ASN KA 110 81.06 -64.56 -87.88
N ALA KA 111 81.01 -64.41 -86.56
CA ALA KA 111 80.77 -65.56 -85.68
C ALA KA 111 79.28 -65.89 -85.57
N LEU KA 112 78.50 -64.97 -85.02
CA LEU KA 112 77.08 -65.20 -84.77
C LEU KA 112 76.24 -64.73 -85.96
N ASN KA 113 76.47 -65.37 -87.11
CA ASN KA 113 75.98 -64.84 -88.37
C ASN KA 113 74.48 -65.07 -88.54
N ALA KA 114 74.05 -66.33 -88.56
CA ALA KA 114 72.73 -66.69 -89.06
C ALA KA 114 71.59 -66.04 -88.28
N GLU KA 115 71.80 -65.71 -87.01
CA GLU KA 115 70.74 -65.09 -86.21
C GLU KA 115 70.64 -63.59 -86.42
N LEU KA 116 71.63 -62.98 -87.07
CA LEU KA 116 71.60 -61.55 -87.39
C LEU KA 116 71.17 -61.30 -88.83
N ILE KA 117 71.84 -61.95 -89.78
CA ILE KA 117 71.55 -61.72 -91.20
C ILE KA 117 70.13 -62.14 -91.52
N THR KA 118 69.72 -63.31 -91.04
CA THR KA 118 68.44 -63.89 -91.44
C THR KA 118 67.30 -63.55 -90.50
N GLY KA 119 67.58 -63.28 -89.23
CA GLY KA 119 66.55 -62.90 -88.29
C GLY KA 119 65.92 -64.04 -87.52
N GLU KA 120 66.36 -65.27 -87.74
CA GLU KA 120 65.78 -66.41 -87.03
C GLU KA 120 66.13 -66.36 -85.55
N GLY KA 121 65.21 -66.83 -84.72
CA GLY KA 121 65.40 -66.87 -83.29
C GLY KA 121 65.94 -68.21 -82.86
N GLN KA 122 67.13 -68.20 -82.29
CA GLN KA 122 67.79 -69.44 -81.90
C GLN KA 122 67.03 -70.13 -80.78
N TRP KA 123 67.04 -71.47 -80.82
CA TRP KA 123 66.31 -72.27 -79.86
C TRP KA 123 67.25 -73.00 -78.90
N ALA LA 1 83.98 -32.70 -103.70
CA ALA LA 1 83.13 -31.83 -102.91
C ALA LA 1 83.86 -31.28 -101.69
N ALA LA 2 85.18 -31.35 -101.72
CA ALA LA 2 86.02 -30.79 -100.67
C ALA LA 2 86.14 -29.29 -100.83
N ARG LA 3 86.58 -28.63 -99.76
CA ARG LA 3 86.70 -27.17 -99.77
C ARG LA 3 87.94 -26.75 -100.51
N SER LA 4 87.76 -25.92 -101.54
CA SER LA 4 88.87 -25.38 -102.32
C SER LA 4 88.45 -24.03 -102.88
N SER LA 5 89.39 -23.37 -103.55
CA SER LA 5 89.11 -22.06 -104.12
C SER LA 5 88.12 -22.16 -105.26
N ILE LA 6 87.19 -21.22 -105.33
CA ILE LA 6 86.21 -21.14 -106.39
C ILE LA 6 86.41 -19.85 -107.16
N VAL LA 7 86.00 -19.85 -108.43
CA VAL LA 7 86.43 -18.86 -109.40
C VAL LA 7 85.22 -18.11 -109.97
N LEU LA 8 84.25 -17.81 -109.12
CA LEU LA 8 83.08 -17.00 -109.49
C LEU LA 8 83.46 -15.91 -110.48
N THR LA 9 82.71 -15.84 -111.59
CA THR LA 9 83.02 -14.89 -112.64
C THR LA 9 81.73 -14.45 -113.32
N ASP LA 10 81.77 -13.24 -113.88
CA ASP LA 10 80.64 -12.69 -114.62
C ASP LA 10 80.85 -12.74 -116.12
N GLY LA 11 82.03 -13.16 -116.59
CA GLY LA 11 82.34 -13.18 -117.99
C GLY LA 11 83.51 -12.28 -118.32
N THR LA 12 83.58 -11.12 -117.66
CA THR LA 12 84.64 -10.15 -117.91
C THR LA 12 85.80 -10.31 -116.93
N THR LA 13 85.53 -10.17 -115.63
CA THR LA 13 86.57 -10.22 -114.62
C THR LA 13 86.27 -11.34 -113.63
N PRO LA 14 87.05 -12.42 -113.61
CA PRO LA 14 86.84 -13.47 -112.61
C PRO LA 14 87.41 -13.05 -111.27
N VAL LA 15 86.74 -13.49 -110.20
CA VAL LA 15 87.21 -13.28 -108.84
C VAL LA 15 87.37 -14.65 -108.19
N THR LA 16 88.53 -14.88 -107.57
CA THR LA 16 88.87 -16.16 -106.97
C THR LA 16 88.65 -16.07 -105.46
N LEU LA 17 87.66 -16.80 -104.95
CA LEU LA 17 87.38 -16.84 -103.52
C LEU LA 17 88.04 -18.07 -102.92
N THR LA 18 88.75 -17.87 -101.80
CA THR LA 18 89.36 -18.97 -101.09
C THR LA 18 88.67 -19.16 -99.75
N PRO LA 19 88.60 -20.39 -99.22
CA PRO LA 19 87.94 -20.60 -97.94
C PRO LA 19 88.67 -19.86 -96.82
N VAL LA 20 87.89 -19.34 -95.87
CA VAL LA 20 88.45 -18.66 -94.71
C VAL LA 20 87.79 -19.19 -93.45
N GLY LA 21 87.21 -20.38 -93.52
CA GLY LA 21 86.69 -21.01 -92.33
C GLY LA 21 85.31 -21.62 -92.45
N GLY LA 22 84.60 -21.66 -91.32
CA GLY LA 22 83.23 -22.11 -91.30
C GLY LA 22 82.96 -23.34 -90.46
N GLY LA 23 83.80 -24.36 -90.56
CA GLY LA 23 83.54 -25.58 -89.83
C GLY LA 23 82.50 -26.46 -90.50
N VAL LA 24 81.75 -27.22 -89.72
CA VAL LA 24 80.76 -28.15 -90.25
C VAL LA 24 79.43 -27.42 -90.38
N GLY LA 25 78.71 -27.72 -91.45
CA GLY LA 25 77.44 -27.06 -91.70
C GLY LA 25 77.52 -25.73 -92.41
N GLN LA 26 78.72 -25.25 -92.73
CA GLN LA 26 78.86 -23.99 -93.45
C GLN LA 26 80.28 -23.88 -93.99
N THR LA 27 80.49 -22.86 -94.81
CA THR LA 27 81.80 -22.58 -95.39
C THR LA 27 81.82 -21.13 -95.82
N LEU LA 28 82.75 -20.35 -95.27
CA LEU LA 28 82.90 -18.97 -95.66
C LEU LA 28 84.03 -18.82 -96.66
N TYR LA 29 83.81 -18.02 -97.69
CA TYR LA 29 84.82 -17.76 -98.70
C TYR LA 29 85.17 -16.28 -98.68
N ARG LA 30 86.30 -15.95 -99.29
CA ARG LA 30 86.70 -14.56 -99.42
C ARG LA 30 87.84 -14.44 -100.43
N ALA LA 31 87.80 -13.43 -101.28
CA ALA LA 31 88.86 -13.18 -102.23
C ALA LA 31 90.00 -12.43 -101.53
N THR LA 32 91.10 -12.23 -102.25
CA THR LA 32 92.22 -11.50 -101.65
C THR LA 32 92.01 -10.00 -101.72
N ALA LA 33 92.05 -9.45 -102.93
CA ALA LA 33 91.94 -7.99 -103.17
C ALA LA 33 92.64 -7.20 -102.07
N GLU LA 34 93.87 -7.62 -101.78
CA GLU LA 34 94.56 -7.23 -100.56
C GLU LA 34 94.75 -5.72 -100.50
N ALA LA 35 94.80 -5.19 -99.28
CA ALA LA 35 95.04 -3.77 -99.05
C ALA LA 35 93.98 -2.93 -99.75
N LEU LA 36 92.77 -3.00 -99.21
CA LEU LA 36 92.38 -3.45 -97.88
C LEU LA 36 91.90 -4.89 -97.85
N SER LA 37 91.88 -5.50 -96.66
CA SER LA 37 91.47 -6.89 -96.51
C SER LA 37 89.98 -7.07 -96.36
N ALA LA 38 89.25 -6.03 -95.95
CA ALA LA 38 87.80 -6.09 -95.82
C ALA LA 38 87.08 -5.60 -97.06
N ALA LA 39 87.80 -5.17 -98.08
CA ALA LA 39 87.21 -4.69 -99.32
C ALA LA 39 87.30 -5.74 -100.43
N ASN LA 40 86.66 -6.88 -100.22
CA ASN LA 40 86.64 -7.94 -101.22
C ASN LA 40 85.43 -8.81 -100.98
N PRO LA 41 84.92 -9.47 -102.02
CA PRO LA 41 83.66 -10.22 -101.90
C PRO LA 41 83.80 -11.46 -101.03
N SER LA 42 82.65 -11.94 -100.57
CA SER LA 42 82.58 -13.12 -99.73
C SER LA 42 81.34 -13.92 -100.10
N LEU LA 43 81.37 -15.23 -99.79
CA LEU LA 43 80.35 -16.18 -100.23
C LEU LA 43 79.91 -17.10 -99.07
N SER LA 44 79.43 -16.52 -97.98
CA SER LA 44 79.00 -17.35 -96.86
C SER LA 44 77.97 -18.38 -97.30
N PHE LA 45 78.36 -19.66 -97.24
CA PHE LA 45 77.52 -20.75 -97.75
C PHE LA 45 77.29 -21.77 -96.65
N GLY LA 46 76.03 -21.94 -96.26
CA GLY LA 46 75.67 -22.91 -95.25
C GLY LA 46 74.66 -23.93 -95.76
N TYR LA 47 74.48 -24.99 -94.99
CA TYR LA 47 73.60 -26.09 -95.37
C TYR LA 47 73.34 -26.95 -94.15
N ARG LA 48 72.17 -27.58 -94.11
CA ARG LA 48 71.80 -28.45 -93.00
C ARG LA 48 70.63 -29.31 -93.41
N PHE LA 49 70.32 -30.31 -92.60
CA PHE LA 49 69.16 -31.18 -92.77
C PHE LA 49 68.33 -31.13 -91.51
N THR LA 50 67.03 -30.90 -91.65
CA THR LA 50 66.13 -30.82 -90.51
C THR LA 50 65.68 -32.22 -90.09
N ASP LA 51 64.62 -32.27 -89.29
CA ASP LA 51 64.08 -33.55 -88.82
C ASP LA 51 63.83 -34.50 -89.97
N GLY LA 52 63.27 -33.99 -91.07
CA GLY LA 52 63.08 -34.81 -92.25
C GLY LA 52 64.33 -34.81 -93.12
N GLY LA 53 64.14 -34.91 -94.42
CA GLY LA 53 65.25 -34.81 -95.35
C GLY LA 53 65.30 -33.44 -95.99
N THR LA 54 64.65 -32.48 -95.35
CA THR LA 54 64.50 -31.13 -95.91
C THR LA 54 65.87 -30.46 -95.91
N ASN LA 55 66.50 -30.44 -97.07
CA ASN LA 55 67.81 -29.83 -97.23
C ASN LA 55 67.64 -28.33 -97.37
N ARG LA 56 68.17 -27.57 -96.41
CA ARG LA 56 68.06 -26.11 -96.42
C ARG LA 56 69.44 -25.51 -96.66
N GLN LA 57 69.76 -25.30 -97.93
CA GLN LA 57 71.00 -24.63 -98.28
C GLN LA 57 70.78 -23.13 -98.31
N SER LA 58 71.87 -22.38 -98.12
CA SER LA 58 71.76 -20.93 -98.03
C SER LA 58 73.07 -20.25 -98.42
N LEU LA 59 73.03 -19.40 -99.44
CA LEU LA 59 74.22 -18.69 -99.89
C LEU LA 59 74.01 -17.21 -99.70
N SER LA 60 75.10 -16.52 -99.36
CA SER LA 60 75.05 -15.06 -99.20
C SER LA 60 76.34 -14.52 -99.78
N TYR LA 61 76.23 -13.83 -100.91
CA TYR LA 61 77.37 -13.27 -101.62
C TYR LA 61 77.35 -11.76 -101.41
N LYS LA 62 78.42 -11.23 -100.83
CA LYS LA 62 78.55 -9.81 -100.55
C LYS LA 62 79.73 -9.25 -101.32
N GLN LA 63 79.49 -8.21 -102.10
CA GLN LA 63 80.55 -7.53 -102.82
C GLN LA 63 80.62 -6.09 -102.36
N PRO LA 64 81.70 -5.65 -101.72
CA PRO LA 64 81.78 -4.26 -101.27
C PRO LA 64 82.22 -3.34 -102.38
N ILE LA 65 81.75 -2.09 -102.29
CA ILE LA 65 82.00 -1.07 -103.29
C ILE LA 65 83.18 -0.23 -102.81
N THR LA 66 84.30 -0.34 -103.52
CA THR LA 66 85.53 0.32 -103.13
C THR LA 66 85.67 1.67 -103.85
N ALA LA 67 86.57 2.49 -103.31
CA ALA LA 67 86.83 3.80 -103.90
C ALA LA 67 88.22 4.24 -103.44
N VAL LA 68 89.19 4.20 -104.36
CA VAL LA 68 90.57 4.51 -104.00
C VAL LA 68 90.70 6.03 -103.85
N ASP LA 69 90.93 6.48 -102.62
CA ASP LA 69 91.02 7.91 -102.30
C ASP LA 69 92.42 8.38 -102.69
N SER LA 70 92.53 9.03 -103.85
CA SER LA 70 93.82 9.44 -104.36
C SER LA 70 94.54 10.43 -103.46
N THR LA 71 93.80 11.20 -102.66
CA THR LA 71 94.41 12.15 -101.76
C THR LA 71 95.28 11.46 -100.72
N THR LA 72 94.72 10.45 -100.06
CA THR LA 72 95.42 9.73 -98.99
C THR LA 72 96.01 8.41 -99.48
N SER LA 73 95.52 7.88 -100.61
CA SER LA 73 95.93 6.58 -101.16
C SER LA 73 95.56 5.45 -100.22
N GLU LA 74 94.27 5.41 -99.88
CA GLU LA 74 93.71 4.32 -99.09
C GLU LA 74 92.38 3.93 -99.69
N THR LA 75 92.02 2.66 -99.55
CA THR LA 75 90.77 2.16 -100.10
C THR LA 75 89.66 2.32 -99.09
N LEU LA 76 88.56 2.94 -99.50
CA LEU LA 76 87.41 3.17 -98.64
C LEU LA 76 86.25 2.31 -99.11
N VAL LA 77 85.46 1.83 -98.16
CA VAL LA 77 84.33 0.96 -98.45
C VAL LA 77 83.06 1.77 -98.24
N ARG LA 78 82.29 1.93 -99.32
CA ARG LA 78 81.10 2.77 -99.29
C ARG LA 78 79.83 1.99 -98.99
N GLY LA 79 79.81 0.70 -99.29
CA GLY LA 79 78.63 -0.12 -99.07
C GLY LA 79 78.88 -1.49 -99.65
N GLN LA 80 77.83 -2.30 -99.70
CA GLN LA 80 77.99 -3.63 -100.26
C GLN LA 80 76.71 -4.09 -100.94
N CYS LA 81 76.86 -4.69 -102.11
CA CYS LA 81 75.77 -5.39 -102.78
C CYS LA 81 75.67 -6.79 -102.22
N VAL LA 82 74.48 -7.15 -101.74
CA VAL LA 82 74.24 -8.42 -101.07
C VAL LA 82 73.24 -9.22 -101.90
N VAL LA 83 73.56 -10.48 -102.15
CA VAL LA 83 72.67 -11.39 -102.85
C VAL LA 83 72.51 -12.64 -101.99
N ASP LA 84 71.29 -12.90 -101.54
CA ASP LA 84 70.98 -14.08 -100.74
C ASP LA 84 70.21 -15.07 -101.60
N ILE LA 85 70.53 -16.35 -101.45
CA ILE LA 85 69.90 -17.42 -102.22
C ILE LA 85 69.61 -18.54 -101.23
N ASN LA 86 68.36 -18.65 -100.79
CA ASN LA 86 67.96 -19.77 -99.95
C ASN LA 86 67.32 -20.85 -100.80
N ILE LA 87 67.66 -22.09 -100.50
CA ILE LA 87 67.17 -23.25 -101.24
C ILE LA 87 66.60 -24.24 -100.24
N VAL LA 88 65.32 -24.54 -100.38
CA VAL LA 88 64.66 -25.53 -99.53
C VAL LA 88 64.23 -26.68 -100.41
N ILE LA 89 64.66 -27.89 -100.05
CA ILE LA 89 64.29 -29.08 -100.82
C ILE LA 89 63.62 -30.06 -99.87
N PRO LA 90 62.35 -30.41 -100.10
CA PRO LA 90 61.64 -31.24 -99.13
C PRO LA 90 62.12 -32.68 -99.10
N ARG LA 91 61.60 -33.44 -98.15
CA ARG LA 91 61.99 -34.83 -97.96
C ARG LA 91 61.61 -35.71 -99.14
N VAL LA 92 60.62 -35.30 -99.93
CA VAL LA 92 60.01 -36.16 -100.95
C VAL LA 92 60.51 -35.82 -102.35
N ALA LA 93 61.58 -35.06 -102.47
CA ALA LA 93 62.02 -34.54 -103.77
C ALA LA 93 62.95 -35.54 -104.44
N THR LA 94 62.65 -35.86 -105.70
CA THR LA 94 63.48 -36.76 -106.47
C THR LA 94 64.81 -36.09 -106.82
N ALA LA 95 65.79 -36.91 -107.19
CA ALA LA 95 67.13 -36.41 -107.47
C ALA LA 95 67.21 -35.58 -108.75
N THR LA 96 66.26 -35.74 -109.67
CA THR LA 96 66.24 -34.92 -110.88
C THR LA 96 65.34 -33.70 -110.75
N ASP LA 97 64.33 -33.75 -109.88
CA ASP LA 97 63.54 -32.56 -109.60
C ASP LA 97 64.37 -31.50 -108.91
N ARG LA 98 65.31 -31.90 -108.07
CA ARG LA 98 66.25 -30.95 -107.48
C ARG LA 98 67.00 -30.19 -108.56
N ALA LA 99 67.59 -30.92 -109.51
CA ALA LA 99 68.33 -30.25 -110.58
C ALA LA 99 67.41 -29.36 -111.40
N GLU LA 100 66.21 -29.85 -111.74
CA GLU LA 100 65.29 -29.03 -112.50
C GLU LA 100 64.98 -27.72 -111.78
N ALA LA 101 64.61 -27.81 -110.51
CA ALA LA 101 64.24 -26.61 -109.76
C ALA LA 101 65.41 -25.65 -109.63
N ILE LA 102 66.60 -26.17 -109.30
CA ILE LA 102 67.73 -25.28 -109.06
C ILE LA 102 68.15 -24.60 -110.36
N LYS LA 103 68.33 -25.37 -111.44
CA LYS LA 103 68.77 -24.76 -112.68
C LYS LA 103 67.70 -23.88 -113.30
N ARG LA 104 66.43 -24.09 -112.97
CA ARG LA 104 65.40 -23.18 -113.44
C ARG LA 104 65.41 -21.88 -112.66
N ALA LA 105 65.55 -21.96 -111.33
CA ALA LA 105 65.59 -20.75 -110.53
C ALA LA 105 66.81 -19.89 -110.86
N PHE LA 106 67.96 -20.52 -111.05
CA PHE LA 106 69.15 -19.77 -111.43
C PHE LA 106 69.13 -19.32 -112.88
N ASP LA 107 68.13 -19.75 -113.66
CA ASP LA 107 67.97 -19.28 -115.03
C ASP LA 107 67.14 -18.02 -115.12
N VAL LA 108 66.71 -17.46 -113.99
CA VAL LA 108 65.93 -16.24 -114.00
C VAL LA 108 66.73 -15.10 -114.63
N LEU LA 109 68.02 -15.02 -114.28
CA LEU LA 109 68.86 -13.95 -114.79
C LEU LA 109 68.86 -13.90 -116.32
N ASN LA 110 68.69 -15.04 -116.97
CA ASN LA 110 68.56 -15.06 -118.43
C ASN LA 110 67.16 -14.70 -118.90
N ALA LA 111 66.15 -14.88 -118.05
CA ALA LA 111 64.79 -14.53 -118.42
C ALA LA 111 64.44 -13.13 -117.96
N LEU LA 112 64.55 -12.88 -116.66
CA LEU LA 112 64.24 -11.58 -116.06
C LEU LA 112 65.49 -10.71 -116.01
N ASN LA 113 66.13 -10.56 -117.17
CA ASN LA 113 67.47 -10.00 -117.22
C ASN LA 113 67.47 -8.50 -116.94
N ALA LA 114 66.72 -7.73 -117.72
CA ALA LA 114 66.77 -6.27 -117.61
C ALA LA 114 66.29 -5.79 -116.25
N GLU LA 115 65.39 -6.54 -115.60
CA GLU LA 115 64.92 -6.14 -114.29
C GLU LA 115 65.96 -6.36 -113.19
N LEU LA 116 67.05 -7.05 -113.48
CA LEU LA 116 68.08 -7.34 -112.49
C LEU LA 116 69.42 -6.71 -112.83
N ILE LA 117 69.87 -6.82 -114.08
CA ILE LA 117 71.16 -6.28 -114.45
C ILE LA 117 71.16 -4.76 -114.40
N THR LA 118 70.10 -4.13 -114.92
CA THR LA 118 70.03 -2.67 -114.98
C THR LA 118 69.21 -2.07 -113.85
N GLY LA 119 68.34 -2.84 -113.21
CA GLY LA 119 67.57 -2.36 -112.09
C GLY LA 119 66.22 -1.78 -112.43
N GLU LA 120 65.74 -1.94 -113.67
CA GLU LA 120 64.45 -1.41 -114.06
C GLU LA 120 63.33 -2.12 -113.31
N GLY LA 121 62.12 -1.66 -113.58
CA GLY LA 121 60.93 -2.37 -113.14
C GLY LA 121 60.01 -2.54 -114.33
N GLN LA 122 59.36 -3.69 -114.40
CA GLN LA 122 58.51 -3.98 -115.53
C GLN LA 122 57.22 -3.18 -115.45
N TRP LA 123 56.83 -2.60 -116.57
CA TRP LA 123 55.66 -1.72 -116.61
C TRP LA 123 54.44 -2.38 -117.24
N ALA MA 1 61.48 -4.71 -119.55
CA ALA MA 1 60.36 -4.54 -120.46
C ALA MA 1 59.05 -4.83 -119.75
N ALA MA 2 57.95 -4.82 -120.50
CA ALA MA 2 56.64 -5.03 -119.89
C ALA MA 2 56.48 -6.47 -119.45
N ARG MA 3 55.47 -6.69 -118.59
CA ARG MA 3 55.17 -8.03 -118.12
C ARG MA 3 54.84 -8.93 -119.29
N SER MA 4 55.66 -9.95 -119.53
CA SER MA 4 55.44 -10.85 -120.66
C SER MA 4 55.59 -12.29 -120.22
N SER MA 5 55.67 -13.21 -121.17
CA SER MA 5 55.86 -14.62 -120.86
C SER MA 5 57.34 -14.95 -120.82
N ILE MA 6 57.80 -15.52 -119.71
CA ILE MA 6 59.18 -15.90 -119.53
C ILE MA 6 59.32 -17.40 -119.78
N VAL MA 7 60.54 -17.82 -120.14
CA VAL MA 7 60.76 -19.14 -120.70
C VAL MA 7 61.78 -19.85 -119.79
N LEU MA 8 61.64 -19.65 -118.48
CA LEU MA 8 62.47 -20.31 -117.48
C LEU MA 8 62.72 -21.76 -117.84
N THR MA 9 64.00 -22.11 -118.02
CA THR MA 9 64.40 -23.43 -118.50
C THR MA 9 65.56 -23.94 -117.66
N ASP MA 10 66.05 -25.12 -118.03
CA ASP MA 10 67.25 -25.67 -117.39
C ASP MA 10 68.19 -26.32 -118.39
N GLY MA 11 67.99 -26.10 -119.69
CA GLY MA 11 68.80 -26.70 -120.73
C GLY MA 11 68.13 -27.86 -121.43
N THR MA 12 67.21 -28.55 -120.76
CA THR MA 12 66.48 -29.67 -121.35
C THR MA 12 64.98 -29.45 -121.40
N THR MA 13 64.36 -29.08 -120.28
CA THR MA 13 62.90 -29.00 -120.19
C THR MA 13 62.47 -27.57 -119.88
N PRO MA 14 62.15 -26.77 -120.89
CA PRO MA 14 61.69 -25.41 -120.63
C PRO MA 14 60.28 -25.36 -120.07
N VAL MA 15 60.00 -24.28 -119.37
CA VAL MA 15 58.67 -24.01 -118.83
C VAL MA 15 58.35 -22.54 -119.09
N THR MA 16 57.16 -22.28 -119.63
CA THR MA 16 56.73 -20.93 -119.96
C THR MA 16 55.77 -20.42 -118.89
N LEU MA 17 56.06 -19.25 -118.34
CA LEU MA 17 55.28 -18.66 -117.27
C LEU MA 17 54.71 -17.32 -117.74
N THR MA 18 53.41 -17.12 -117.52
CA THR MA 18 52.73 -15.89 -117.86
C THR MA 18 52.18 -15.22 -116.60
N PRO MA 19 52.21 -13.90 -116.52
CA PRO MA 19 51.82 -13.22 -115.27
C PRO MA 19 50.37 -13.52 -114.88
N VAL MA 20 50.15 -13.73 -113.58
CA VAL MA 20 48.83 -14.10 -113.09
C VAL MA 20 48.39 -13.16 -111.97
N GLY MA 21 48.98 -11.98 -111.90
CA GLY MA 21 48.52 -11.02 -110.92
C GLY MA 21 49.65 -10.12 -110.47
N GLY MA 22 49.54 -9.65 -109.24
CA GLY MA 22 50.54 -8.79 -108.65
C GLY MA 22 50.05 -7.37 -108.39
N GLY MA 23 50.85 -6.39 -108.78
CA GLY MA 23 50.53 -4.99 -108.54
C GLY MA 23 51.65 -4.08 -108.98
N VAL MA 24 52.03 -3.12 -108.14
CA VAL MA 24 53.17 -2.26 -108.38
C VAL MA 24 54.35 -2.78 -107.55
N GLY MA 25 55.49 -2.99 -108.20
CA GLY MA 25 56.60 -3.63 -107.54
C GLY MA 25 56.25 -5.03 -107.08
N GLN MA 26 55.56 -5.77 -107.94
CA GLN MA 26 55.17 -7.14 -107.66
C GLN MA 26 54.67 -7.77 -108.95
N THR MA 27 55.00 -9.04 -109.17
CA THR MA 27 54.62 -9.71 -110.41
C THR MA 27 54.61 -11.21 -110.16
N LEU MA 28 53.41 -11.80 -110.16
CA LEU MA 28 53.30 -13.25 -110.05
C LEU MA 28 53.56 -13.89 -111.40
N TYR MA 29 53.73 -15.21 -111.39
CA TYR MA 29 53.89 -15.98 -112.60
C TYR MA 29 53.33 -17.37 -112.36
N ARG MA 30 53.05 -18.09 -113.46
CA ARG MA 30 52.63 -19.48 -113.39
C ARG MA 30 52.61 -20.03 -114.82
N ALA MA 31 52.60 -21.35 -114.93
CA ALA MA 31 52.66 -22.04 -116.21
C ALA MA 31 51.26 -22.46 -116.65
N THR MA 32 51.20 -23.25 -117.73
CA THR MA 32 49.94 -23.55 -118.40
C THR MA 32 49.20 -24.75 -117.81
N ALA MA 33 49.91 -25.77 -117.34
CA ALA MA 33 49.26 -26.97 -116.83
C ALA MA 33 48.42 -26.65 -115.59
N GLU MA 34 47.42 -27.48 -115.31
CA GLU MA 34 46.46 -27.21 -114.24
C GLU MA 34 46.41 -28.36 -113.26
N ALA MA 35 46.17 -28.04 -112.00
CA ALA MA 35 46.01 -29.04 -110.95
C ALA MA 35 45.03 -28.49 -109.92
N LEU MA 36 44.99 -29.11 -108.75
CA LEU MA 36 44.04 -28.74 -107.70
C LEU MA 36 44.71 -27.96 -106.57
N SER MA 37 45.74 -28.51 -105.95
CA SER MA 37 46.40 -27.87 -104.80
C SER MA 37 47.57 -26.99 -105.25
N ALA MA 38 48.57 -27.60 -105.88
CA ALA MA 38 49.71 -26.87 -106.41
C ALA MA 38 49.75 -27.06 -107.91
N ALA MA 39 49.52 -25.96 -108.65
CA ALA MA 39 49.38 -26.09 -110.09
C ALA MA 39 50.73 -26.20 -110.78
N ASN MA 40 51.55 -25.16 -110.67
CA ASN MA 40 52.75 -25.06 -111.49
C ASN MA 40 53.85 -24.29 -110.75
N PRO MA 41 55.04 -24.16 -111.32
CA PRO MA 41 56.02 -23.23 -110.76
C PRO MA 41 55.47 -21.81 -110.74
N SER MA 42 55.78 -21.09 -109.66
CA SER MA 42 55.22 -19.76 -109.44
C SER MA 42 56.33 -18.81 -109.01
N LEU MA 43 56.86 -18.05 -109.97
CA LEU MA 43 57.99 -17.15 -109.74
C LEU MA 43 57.47 -15.77 -109.35
N SER MA 44 57.45 -15.47 -108.06
CA SER MA 44 57.07 -14.14 -107.61
C SER MA 44 58.28 -13.22 -107.61
N PHE MA 45 58.06 -11.96 -107.99
CA PHE MA 45 59.12 -10.98 -108.19
C PHE MA 45 58.70 -9.69 -107.50
N GLY MA 46 59.40 -9.32 -106.43
CA GLY MA 46 58.92 -8.28 -105.53
C GLY MA 46 59.78 -7.04 -105.37
N TYR MA 47 60.30 -6.50 -106.47
CA TYR MA 47 61.21 -5.36 -106.40
C TYR MA 47 60.54 -4.14 -105.76
N ARG MA 48 61.36 -3.29 -105.17
CA ARG MA 48 60.92 -2.04 -104.53
C ARG MA 48 62.15 -1.17 -104.30
N PHE MA 49 61.92 0.01 -103.73
CA PHE MA 49 62.98 0.93 -103.33
C PHE MA 49 62.83 1.26 -101.85
N THR MA 50 63.73 2.11 -101.35
CA THR MA 50 63.80 2.37 -99.92
C THR MA 50 64.20 3.84 -99.74
N ASP MA 51 64.67 4.18 -98.54
CA ASP MA 51 65.04 5.57 -98.22
C ASP MA 51 66.07 6.10 -99.21
N GLY MA 52 67.13 5.34 -99.44
CA GLY MA 52 68.10 5.67 -100.46
C GLY MA 52 67.75 5.01 -101.77
N GLY MA 53 68.76 4.81 -102.60
CA GLY MA 53 68.57 4.07 -103.83
C GLY MA 53 68.67 2.59 -103.59
N THR MA 54 68.29 2.15 -102.38
CA THR MA 54 68.47 0.77 -101.97
C THR MA 54 67.48 -0.12 -102.70
N ASN MA 55 67.84 -0.56 -103.90
CA ASN MA 55 66.97 -1.37 -104.73
C ASN MA 55 66.84 -2.75 -104.09
N ARG MA 56 65.74 -2.97 -103.37
CA ARG MA 56 65.55 -4.20 -102.60
C ARG MA 56 64.72 -5.20 -103.39
N GLN MA 57 65.30 -5.71 -104.46
CA GLN MA 57 64.62 -6.72 -105.25
C GLN MA 57 64.52 -8.02 -104.47
N SER MA 58 63.55 -8.85 -104.87
CA SER MA 58 63.29 -10.10 -104.16
C SER MA 58 62.55 -11.04 -105.08
N LEU MA 59 62.91 -12.30 -105.05
CA LEU MA 59 62.32 -13.32 -105.91
C LEU MA 59 61.94 -14.53 -105.08
N SER MA 60 61.11 -15.38 -105.66
CA SER MA 60 60.80 -16.67 -105.06
C SER MA 60 60.25 -17.61 -106.13
N TYR MA 61 60.96 -18.68 -106.42
CA TYR MA 61 60.58 -19.63 -107.46
C TYR MA 61 60.21 -20.95 -106.79
N LYS MA 62 58.93 -21.30 -106.83
CA LYS MA 62 58.45 -22.56 -106.26
C LYS MA 62 58.09 -23.51 -107.39
N GLN MA 63 58.63 -24.71 -107.35
CA GLN MA 63 58.28 -25.77 -108.30
C GLN MA 63 57.65 -26.92 -107.53
N PRO MA 64 56.38 -27.23 -107.76
CA PRO MA 64 55.73 -28.27 -106.96
C PRO MA 64 56.22 -29.66 -107.33
N ILE MA 65 56.55 -30.43 -106.30
CA ILE MA 65 56.91 -31.84 -106.43
C ILE MA 65 55.61 -32.61 -106.54
N THR MA 66 55.36 -33.20 -107.71
CA THR MA 66 54.10 -33.86 -108.01
C THR MA 66 54.35 -35.15 -108.78
N ALA MA 67 53.42 -36.08 -108.65
CA ALA MA 67 53.40 -37.31 -109.43
C ALA MA 67 51.97 -37.60 -109.85
N VAL MA 68 51.78 -38.02 -111.10
CA VAL MA 68 50.45 -38.19 -111.64
C VAL MA 68 49.84 -39.48 -111.11
N ASP MA 69 48.61 -39.39 -110.60
CA ASP MA 69 47.88 -40.55 -110.14
C ASP MA 69 47.34 -41.34 -111.34
N SER MA 70 46.96 -42.58 -111.07
CA SER MA 70 46.32 -43.40 -112.09
C SER MA 70 44.81 -43.26 -111.99
N THR MA 71 44.15 -43.25 -113.16
CA THR MA 71 42.71 -43.19 -113.34
C THR MA 71 42.10 -41.86 -112.92
N THR MA 72 42.88 -40.94 -112.36
CA THR MA 72 42.37 -39.64 -111.94
C THR MA 72 43.24 -38.54 -112.53
N SER MA 73 42.59 -37.48 -113.01
CA SER MA 73 43.29 -36.36 -113.63
C SER MA 73 43.54 -35.23 -112.64
N GLU MA 74 44.23 -35.54 -111.55
CA GLU MA 74 44.53 -34.55 -110.53
C GLU MA 74 46.00 -34.43 -110.20
N THR MA 75 46.86 -35.28 -110.79
CA THR MA 75 48.32 -35.20 -110.71
C THR MA 75 48.80 -34.80 -109.31
N LEU MA 76 48.53 -35.65 -108.32
CA LEU MA 76 48.81 -35.39 -106.92
C LEU MA 76 50.18 -34.75 -106.71
N VAL MA 77 50.18 -33.65 -105.95
CA VAL MA 77 51.40 -32.92 -105.63
C VAL MA 77 51.88 -33.33 -104.25
N ARG MA 78 53.20 -33.47 -104.10
CA ARG MA 78 53.79 -33.94 -102.86
C ARG MA 78 54.52 -32.87 -102.08
N GLY MA 79 55.04 -31.86 -102.73
CA GLY MA 79 55.77 -30.80 -102.04
C GLY MA 79 56.08 -29.63 -102.93
N GLN MA 80 57.13 -28.88 -102.57
CA GLN MA 80 57.57 -27.76 -103.38
C GLN MA 80 59.03 -27.40 -103.10
N CYS MA 81 59.82 -27.18 -104.15
CA CYS MA 81 61.23 -26.82 -104.04
C CYS MA 81 61.35 -25.30 -104.06
N VAL MA 82 61.25 -24.68 -102.89
CA VAL MA 82 61.34 -23.23 -102.77
C VAL MA 82 62.78 -22.78 -103.02
N VAL MA 83 62.94 -21.73 -103.82
CA VAL MA 83 64.25 -21.12 -104.04
C VAL MA 83 64.14 -19.61 -103.99
N ASP MA 84 64.47 -19.01 -102.85
CA ASP MA 84 64.39 -17.57 -102.68
C ASP MA 84 65.67 -16.90 -103.13
N ILE MA 85 65.55 -15.72 -103.73
CA ILE MA 85 66.70 -14.93 -104.15
C ILE MA 85 66.45 -13.47 -103.81
N ASN MA 86 67.09 -12.97 -102.74
CA ASN MA 86 66.92 -11.59 -102.34
C ASN MA 86 68.16 -10.78 -102.69
N ILE MA 87 67.93 -9.58 -103.22
CA ILE MA 87 69.00 -8.72 -103.70
C ILE MA 87 68.87 -7.36 -103.04
N VAL MA 88 69.98 -6.85 -102.51
CA VAL MA 88 70.02 -5.53 -101.88
C VAL MA 88 71.19 -4.79 -102.49
N ILE MA 89 70.91 -3.80 -103.31
CA ILE MA 89 71.93 -3.00 -104.00
C ILE MA 89 71.89 -1.59 -103.44
N PRO MA 90 73.02 -1.06 -102.95
CA PRO MA 90 72.97 0.24 -102.28
C PRO MA 90 72.78 1.40 -103.24
N ARG MA 91 72.69 2.61 -102.70
CA ARG MA 91 72.53 3.79 -103.54
C ARG MA 91 73.78 4.12 -104.34
N VAL MA 92 74.96 3.80 -103.81
CA VAL MA 92 76.22 4.25 -104.40
C VAL MA 92 76.74 3.25 -105.41
N ALA MA 93 75.92 2.25 -105.76
CA ALA MA 93 76.38 1.16 -106.61
C ALA MA 93 76.27 1.55 -108.07
N THR MA 94 77.42 1.79 -108.70
CA THR MA 94 77.48 2.04 -110.13
C THR MA 94 76.92 0.84 -110.89
N ALA MA 95 76.21 1.11 -111.98
CA ALA MA 95 75.52 0.05 -112.72
C ALA MA 95 76.47 -1.03 -113.22
N THR MA 96 77.76 -0.72 -113.38
CA THR MA 96 78.73 -1.78 -113.66
C THR MA 96 78.94 -2.68 -112.45
N ASP MA 97 79.05 -2.08 -111.26
CA ASP MA 97 79.22 -2.86 -110.04
C ASP MA 97 78.01 -3.74 -109.78
N ARG MA 98 76.81 -3.21 -110.01
CA ARG MA 98 75.61 -4.02 -109.80
C ARG MA 98 75.56 -5.20 -110.76
N ALA MA 99 75.90 -4.98 -112.03
CA ALA MA 99 75.93 -6.08 -112.99
C ALA MA 99 76.95 -7.13 -112.57
N GLU MA 100 78.13 -6.69 -112.14
CA GLU MA 100 79.14 -7.63 -111.67
C GLU MA 100 78.63 -8.44 -110.49
N ALA MA 101 78.01 -7.76 -109.51
CA ALA MA 101 77.55 -8.46 -108.33
C ALA MA 101 76.49 -9.49 -108.67
N ILE MA 102 75.52 -9.13 -109.50
CA ILE MA 102 74.44 -10.06 -109.83
C ILE MA 102 74.98 -11.24 -110.64
N LYS MA 103 75.79 -10.96 -111.66
CA LYS MA 103 76.25 -12.05 -112.51
C LYS MA 103 77.25 -12.95 -111.79
N ARG MA 104 77.95 -12.41 -110.78
CA ARG MA 104 78.82 -13.26 -109.97
C ARG MA 104 78.03 -14.08 -108.96
N ALA MA 105 76.96 -13.52 -108.40
CA ALA MA 105 76.15 -14.30 -107.48
C ALA MA 105 75.44 -15.43 -108.20
N PHE MA 106 74.99 -15.20 -109.44
CA PHE MA 106 74.30 -16.25 -110.17
C PHE MA 106 75.25 -17.20 -110.87
N ASP MA 107 76.56 -17.01 -110.74
CA ASP MA 107 77.54 -17.97 -111.22
C ASP MA 107 77.96 -18.97 -110.16
N VAL MA 108 77.32 -18.94 -108.99
CA VAL MA 108 77.64 -19.92 -107.96
C VAL MA 108 77.30 -21.32 -108.45
N LEU MA 109 76.19 -21.47 -109.16
CA LEU MA 109 75.75 -22.79 -109.62
C LEU MA 109 76.82 -23.47 -110.46
N ASN MA 110 77.62 -22.72 -111.20
CA ASN MA 110 78.68 -23.31 -112.01
C ASN MA 110 79.98 -23.50 -111.24
N ALA MA 111 80.09 -22.94 -110.05
CA ALA MA 111 81.30 -23.10 -109.24
C ALA MA 111 81.05 -24.02 -108.04
N LEU MA 112 79.97 -23.78 -107.31
CA LEU MA 112 79.57 -24.62 -106.18
C LEU MA 112 78.50 -25.61 -106.63
N ASN MA 113 78.84 -26.38 -107.67
CA ASN MA 113 77.83 -27.12 -108.41
C ASN MA 113 77.32 -28.33 -107.65
N ALA MA 114 78.24 -29.22 -107.24
CA ALA MA 114 77.83 -30.49 -106.64
C ALA MA 114 77.07 -30.27 -105.34
N GLU MA 115 77.50 -29.32 -104.52
CA GLU MA 115 76.83 -29.07 -103.25
C GLU MA 115 75.40 -28.60 -103.44
N LEU MA 116 75.09 -27.94 -104.55
CA LEU MA 116 73.76 -27.40 -104.79
C LEU MA 116 72.86 -28.38 -105.52
N ILE MA 117 73.40 -29.07 -106.53
CA ILE MA 117 72.60 -30.02 -107.30
C ILE MA 117 72.40 -31.30 -106.51
N THR MA 118 73.50 -31.95 -106.12
CA THR MA 118 73.41 -33.22 -105.43
C THR MA 118 72.98 -33.04 -103.97
N GLY MA 119 73.50 -32.03 -103.30
CA GLY MA 119 73.10 -31.74 -101.94
C GLY MA 119 73.99 -32.40 -100.90
N GLU MA 120 75.30 -32.23 -101.03
CA GLU MA 120 76.25 -32.95 -100.21
C GLU MA 120 77.56 -32.19 -100.17
N GLY MA 121 78.45 -32.61 -99.28
CA GLY MA 121 79.84 -32.23 -99.40
C GLY MA 121 80.38 -31.29 -98.35
N GLN MA 122 81.42 -30.54 -98.72
CA GLN MA 122 82.18 -29.67 -97.82
C GLN MA 122 82.76 -30.49 -96.66
N TRP MA 123 83.71 -31.34 -97.02
CA TRP MA 123 84.41 -32.15 -96.04
C TRP MA 123 85.51 -31.34 -95.38
N ALA NA 1 15.59 119.61 -49.97
CA ALA NA 1 14.96 120.23 -51.12
C ALA NA 1 14.81 119.22 -52.26
N ALA NA 2 14.34 119.68 -53.42
CA ALA NA 2 14.22 118.79 -54.55
C ALA NA 2 15.60 118.29 -54.99
N ARG NA 3 15.68 116.98 -55.24
CA ARG NA 3 16.95 116.37 -55.60
C ARG NA 3 17.48 116.96 -56.90
N SER NA 4 18.77 117.25 -56.93
CA SER NA 4 19.40 117.85 -58.10
C SER NA 4 20.85 117.38 -58.15
N SER NA 5 21.66 118.08 -58.94
CA SER NA 5 23.07 117.76 -59.06
C SER NA 5 23.88 118.50 -58.01
N ILE NA 6 25.05 117.94 -57.68
CA ILE NA 6 25.96 118.55 -56.72
C ILE NA 6 27.36 118.57 -57.32
N VAL NA 7 28.17 119.51 -56.85
CA VAL NA 7 29.39 119.90 -57.56
C VAL NA 7 30.57 119.70 -56.60
N LEU NA 8 30.52 118.61 -55.82
CA LEU NA 8 31.61 118.25 -54.92
C LEU NA 8 32.98 118.54 -55.54
N THR NA 9 33.80 119.28 -54.82
CA THR NA 9 35.07 119.76 -55.34
C THR NA 9 36.11 119.72 -54.23
N ASP NA 10 37.36 119.93 -54.62
CA ASP NA 10 38.46 120.06 -53.67
C ASP NA 10 39.38 121.21 -54.06
N GLY NA 11 38.83 122.18 -54.77
CA GLY NA 11 39.59 123.37 -55.12
C GLY NA 11 40.14 123.36 -56.53
N THR NA 12 40.48 122.19 -57.05
CA THR NA 12 41.11 122.10 -58.36
C THR NA 12 40.35 121.22 -59.35
N THR NA 13 39.75 120.12 -58.90
CA THR NA 13 39.05 119.18 -59.78
C THR NA 13 37.64 118.96 -59.28
N PRO NA 14 36.69 119.80 -59.68
CA PRO NA 14 35.29 119.58 -59.29
C PRO NA 14 34.73 118.31 -59.91
N VAL NA 15 33.77 117.73 -59.22
CA VAL NA 15 33.09 116.51 -59.67
C VAL NA 15 31.59 116.78 -59.63
N THR NA 16 30.93 116.59 -60.76
CA THR NA 16 29.48 116.76 -60.84
C THR NA 16 28.81 115.42 -60.62
N LEU NA 17 27.97 115.34 -59.60
CA LEU NA 17 27.24 114.13 -59.28
C LEU NA 17 25.76 114.33 -59.57
N THR NA 18 25.10 113.26 -59.99
CA THR NA 18 23.69 113.29 -60.35
C THR NA 18 22.98 112.18 -59.60
N PRO NA 19 21.71 112.38 -59.24
CA PRO NA 19 20.97 111.35 -58.51
C PRO NA 19 20.51 110.22 -59.42
N VAL NA 20 20.95 109.00 -59.16
CA VAL NA 20 20.64 107.89 -60.05
C VAL NA 20 20.00 106.75 -59.27
N GLY NA 21 19.32 107.08 -58.19
CA GLY NA 21 18.64 106.07 -57.41
C GLY NA 21 18.28 106.59 -56.03
N GLY NA 22 17.96 105.66 -55.16
CA GLY NA 22 17.63 106.00 -53.78
C GLY NA 22 16.33 105.40 -53.32
N GLY NA 23 15.53 106.19 -52.60
CA GLY NA 23 14.26 105.71 -52.09
C GLY NA 23 13.65 106.72 -51.15
N VAL NA 24 13.05 106.21 -50.08
CA VAL NA 24 12.51 107.04 -49.01
C VAL NA 24 13.59 107.15 -47.93
N GLY NA 25 14.02 108.37 -47.65
CA GLY NA 25 15.13 108.57 -46.72
C GLY NA 25 16.44 108.05 -47.25
N GLN NA 26 16.71 108.30 -48.54
CA GLN NA 26 17.94 107.86 -49.19
C GLN NA 26 18.00 108.51 -50.56
N THR NA 27 19.22 108.82 -51.00
CA THR NA 27 19.41 109.43 -52.32
C THR NA 27 20.83 109.12 -52.79
N LEU NA 28 20.95 108.12 -53.66
CA LEU NA 28 22.24 107.81 -54.25
C LEU NA 28 22.65 108.90 -55.23
N TYR NA 29 23.97 109.06 -55.40
CA TYR NA 29 24.53 109.96 -56.39
C TYR NA 29 25.64 109.22 -57.13
N ARG NA 30 25.93 109.67 -58.34
CA ARG NA 30 27.07 109.13 -59.06
C ARG NA 30 27.58 110.19 -60.02
N ALA NA 31 28.90 110.21 -60.22
CA ALA NA 31 29.48 111.15 -61.16
C ALA NA 31 29.06 110.81 -62.58
N THR NA 32 28.88 111.84 -63.40
CA THR NA 32 28.35 111.66 -64.73
C THR NA 32 29.20 110.69 -65.54
N ALA NA 33 30.45 111.06 -65.81
CA ALA NA 33 31.41 110.17 -66.44
C ALA NA 33 32.79 110.73 -66.23
N GLU NA 34 33.65 110.01 -65.50
CA GLU NA 34 35.05 110.41 -65.43
C GLU NA 34 35.83 109.85 -66.62
N ALA NA 35 36.00 108.53 -66.67
CA ALA NA 35 36.55 107.88 -67.85
C ALA NA 35 35.90 106.54 -68.19
N LEU NA 36 35.17 105.93 -67.26
CA LEU NA 36 34.53 104.62 -67.44
C LEU NA 36 33.63 104.40 -66.24
N SER NA 37 33.01 103.23 -66.17
CA SER NA 37 32.26 102.85 -64.99
C SER NA 37 33.21 102.21 -63.98
N ALA NA 38 32.77 102.18 -62.72
CA ALA NA 38 33.51 101.74 -61.54
C ALA NA 38 34.67 102.68 -61.22
N ALA NA 39 34.93 103.69 -62.03
CA ALA NA 39 35.92 104.71 -61.74
C ALA NA 39 35.24 106.06 -61.53
N ASN NA 40 34.03 106.03 -60.98
CA ASN NA 40 33.23 107.21 -60.75
C ASN NA 40 32.85 107.31 -59.27
N PRO NA 41 33.08 108.45 -58.64
CA PRO NA 41 32.74 108.60 -57.22
C PRO NA 41 31.24 108.58 -56.99
N SER NA 42 30.85 108.18 -55.79
CA SER NA 42 29.45 108.16 -55.40
C SER NA 42 29.29 108.80 -54.04
N LEU NA 43 28.09 109.33 -53.78
CA LEU NA 43 27.79 110.14 -52.59
C LEU NA 43 26.48 109.69 -51.95
N SER NA 44 26.40 108.41 -51.58
CA SER NA 44 25.20 107.89 -50.94
C SER NA 44 24.83 108.76 -49.73
N PHE NA 45 23.56 109.09 -49.61
CA PHE NA 45 23.10 110.02 -48.58
C PHE NA 45 21.75 109.58 -48.06
N GLY NA 46 21.70 109.20 -46.77
CA GLY NA 46 20.46 108.80 -46.14
C GLY NA 46 20.08 109.75 -45.01
N TYR NA 47 18.84 109.59 -44.55
CA TYR NA 47 18.29 110.43 -43.50
C TYR NA 47 17.02 109.78 -42.98
N ARG NA 48 16.82 109.86 -41.66
CA ARG NA 48 15.66 109.24 -41.05
C ARG NA 48 15.44 109.85 -39.68
N PHE NA 49 14.24 109.66 -39.15
CA PHE NA 49 13.87 110.11 -37.81
C PHE NA 49 13.48 108.88 -36.99
N THR NA 50 14.07 108.76 -35.79
CA THR NA 50 13.68 107.71 -34.87
C THR NA 50 12.44 108.12 -34.09
N ASP NA 51 12.17 107.42 -32.98
CA ASP NA 51 11.05 107.76 -32.11
C ASP NA 51 10.93 109.26 -31.87
N GLY NA 52 11.99 109.88 -31.37
CA GLY NA 52 12.03 111.31 -31.21
C GLY NA 52 12.48 112.00 -32.48
N GLY NA 53 12.71 113.31 -32.37
CA GLY NA 53 13.13 114.08 -33.52
C GLY NA 53 14.61 113.98 -33.79
N THR NA 54 15.20 112.82 -33.49
CA THR NA 54 16.63 112.59 -33.69
C THR NA 54 16.92 112.52 -35.18
N ASN NA 55 17.38 113.63 -35.75
CA ASN NA 55 17.60 113.74 -37.18
C ASN NA 55 18.83 112.94 -37.60
N ARG NA 56 18.72 111.62 -37.63
CA ARG NA 56 19.85 110.73 -37.87
C ARG NA 56 20.17 110.69 -39.37
N GLN NA 57 20.84 111.74 -39.84
CA GLN NA 57 21.34 111.75 -41.20
C GLN NA 57 22.62 110.93 -41.31
N SER NA 58 22.95 110.54 -42.55
CA SER NA 58 24.13 109.73 -42.79
C SER NA 58 24.63 109.98 -44.20
N LEU NA 59 25.95 109.88 -44.37
CA LEU NA 59 26.56 110.07 -45.68
C LEU NA 59 27.60 108.99 -45.91
N SER NA 60 27.96 108.82 -47.17
CA SER NA 60 29.04 107.90 -47.55
C SER NA 60 29.53 108.29 -48.93
N TYR NA 61 30.75 108.81 -48.99
CA TYR NA 61 31.38 109.20 -50.25
C TYR NA 61 32.46 108.18 -50.56
N LYS NA 62 32.37 107.58 -51.73
CA LYS NA 62 33.30 106.53 -52.16
C LYS NA 62 33.97 106.99 -53.45
N GLN NA 63 35.29 107.11 -53.42
CA GLN NA 63 36.05 107.49 -54.60
C GLN NA 63 36.99 106.35 -54.97
N PRO NA 64 36.86 105.74 -56.14
CA PRO NA 64 37.68 104.58 -56.47
C PRO NA 64 39.04 104.96 -57.04
N ILE NA 65 40.02 104.13 -56.71
CA ILE NA 65 41.42 104.36 -57.07
C ILE NA 65 41.71 103.58 -58.34
N THR NA 66 41.92 104.29 -59.43
CA THR NA 66 42.10 103.66 -60.73
C THR NA 66 43.56 103.77 -61.16
N ALA NA 67 44.02 102.78 -61.92
CA ALA NA 67 45.41 102.72 -62.35
C ALA NA 67 45.50 101.92 -63.64
N VAL NA 68 46.48 102.26 -64.47
CA VAL NA 68 46.65 101.60 -65.76
C VAL NA 68 47.21 100.20 -65.56
N ASP NA 69 46.94 99.33 -66.54
CA ASP NA 69 47.34 97.93 -66.51
C ASP NA 69 48.12 97.59 -67.78
N SER NA 70 49.18 98.37 -68.02
CA SER NA 70 49.94 98.42 -69.27
C SER NA 70 50.15 97.07 -69.94
N THR NA 71 50.27 95.99 -69.15
CA THR NA 71 50.30 94.66 -69.75
C THR NA 71 49.07 94.41 -70.61
N THR NA 72 47.93 95.01 -70.26
CA THR NA 72 46.73 94.99 -71.09
C THR NA 72 46.22 96.38 -71.45
N SER NA 73 46.71 97.42 -70.79
CA SER NA 73 46.34 98.82 -71.05
C SER NA 73 44.86 99.09 -70.75
N GLU NA 74 44.28 98.32 -69.84
CA GLU NA 74 42.90 98.51 -69.41
C GLU NA 74 42.88 99.12 -68.02
N THR NA 75 42.12 100.20 -67.86
CA THR NA 75 42.19 101.04 -66.67
C THR NA 75 41.43 100.38 -65.52
N LEU NA 76 42.06 99.37 -64.93
CA LEU NA 76 41.46 98.64 -63.82
C LEU NA 76 41.44 99.49 -62.55
N VAL NA 77 40.49 99.17 -61.67
CA VAL NA 77 40.34 99.85 -60.38
C VAL NA 77 40.82 98.92 -59.28
N ARG NA 78 41.65 99.45 -58.37
CA ARG NA 78 42.24 98.65 -57.30
C ARG NA 78 41.36 98.60 -56.05
N GLY NA 79 41.07 99.76 -55.47
CA GLY NA 79 40.24 99.84 -54.28
C GLY NA 79 39.47 101.14 -54.24
N GLN NA 80 39.02 101.56 -53.06
CA GLN NA 80 38.25 102.79 -52.95
C GLN NA 80 38.55 103.48 -51.62
N CYS NA 81 38.44 104.80 -51.62
CA CYS NA 81 38.53 105.61 -50.41
C CYS NA 81 37.12 105.95 -49.96
N VAL NA 82 36.82 105.70 -48.68
CA VAL NA 82 35.48 105.80 -48.15
C VAL NA 82 35.48 106.83 -47.02
N VAL NA 83 34.56 107.79 -47.09
CA VAL NA 83 34.37 108.78 -46.03
C VAL NA 83 32.92 108.74 -45.59
N ASP NA 84 32.69 108.46 -44.32
CA ASP NA 84 31.34 108.39 -43.75
C ASP NA 84 31.16 109.53 -42.77
N ILE NA 85 30.21 110.42 -43.05
CA ILE NA 85 29.91 111.52 -42.15
C ILE NA 85 28.53 111.32 -41.56
N ASN NA 86 28.46 110.67 -40.40
CA ASN NA 86 27.19 110.51 -39.72
C ASN NA 86 26.89 111.72 -38.85
N ILE NA 87 25.61 112.09 -38.82
CA ILE NA 87 25.15 113.23 -38.04
C ILE NA 87 23.92 112.82 -37.25
N VAL NA 88 23.92 113.13 -35.95
CA VAL NA 88 22.79 112.86 -35.08
C VAL NA 88 22.47 114.12 -34.29
N ILE NA 89 21.28 114.66 -34.47
CA ILE NA 89 20.82 115.85 -33.76
C ILE NA 89 19.53 115.49 -33.05
N PRO NA 90 19.44 115.60 -31.73
CA PRO NA 90 18.23 115.19 -31.02
C PRO NA 90 17.10 116.20 -31.20
N ARG NA 91 15.92 115.81 -30.73
CA ARG NA 91 14.76 116.68 -30.86
C ARG NA 91 14.90 117.94 -30.01
N VAL NA 92 15.62 117.85 -28.89
CA VAL NA 92 15.74 118.94 -27.93
C VAL NA 92 16.66 120.03 -28.47
N ALA NA 93 17.20 119.81 -29.67
CA ALA NA 93 18.17 120.74 -30.25
C ALA NA 93 17.47 121.95 -30.81
N THR NA 94 17.98 123.14 -30.47
CA THR NA 94 17.50 124.35 -31.10
C THR NA 94 18.06 124.46 -32.51
N ALA NA 95 17.58 125.46 -33.25
CA ALA NA 95 18.03 125.66 -34.62
C ALA NA 95 19.45 126.18 -34.71
N THR NA 96 20.02 126.67 -33.61
CA THR NA 96 21.38 127.21 -33.63
C THR NA 96 22.43 126.21 -33.14
N ASP NA 97 22.05 125.26 -32.29
CA ASP NA 97 22.99 124.23 -31.89
C ASP NA 97 23.31 123.29 -33.04
N ARG NA 98 22.32 123.01 -33.90
CA ARG NA 98 22.55 122.11 -35.02
C ARG NA 98 23.56 122.68 -36.00
N ALA NA 99 23.36 123.93 -36.43
CA ALA NA 99 24.29 124.56 -37.36
C ALA NA 99 25.67 124.70 -36.75
N GLU NA 100 25.73 125.11 -35.48
CA GLU NA 100 27.00 125.22 -34.78
C GLU NA 100 27.75 123.90 -34.78
N ALA NA 101 27.08 122.82 -34.39
CA ALA NA 101 27.73 121.53 -34.32
C ALA NA 101 28.19 121.07 -35.69
N ILE NA 102 27.33 121.20 -36.71
CA ILE NA 102 27.68 120.70 -38.04
C ILE NA 102 28.89 121.45 -38.58
N LYS NA 103 28.87 122.78 -38.52
CA LYS NA 103 29.97 123.55 -39.08
C LYS NA 103 31.26 123.32 -38.29
N ARG NA 104 31.16 123.22 -36.96
CA ARG NA 104 32.37 122.98 -36.18
C ARG NA 104 32.98 121.63 -36.50
N ALA NA 105 32.15 120.58 -36.58
CA ALA NA 105 32.66 119.26 -36.89
C ALA NA 105 33.23 119.18 -38.29
N PHE NA 106 32.68 119.95 -39.24
CA PHE NA 106 33.26 119.98 -40.57
C PHE NA 106 34.50 120.85 -40.65
N ASP NA 107 34.74 121.71 -39.67
CA ASP NA 107 35.98 122.48 -39.62
C ASP NA 107 37.18 121.66 -39.14
N VAL NA 108 37.00 120.37 -38.90
CA VAL NA 108 38.10 119.55 -38.40
C VAL NA 108 39.25 119.52 -39.40
N LEU NA 109 38.94 119.31 -40.68
CA LEU NA 109 39.99 119.23 -41.69
C LEU NA 109 40.81 120.51 -41.73
N ASN NA 110 40.18 121.66 -41.55
CA ASN NA 110 40.95 122.89 -41.43
C ASN NA 110 41.79 122.89 -40.15
N ALA NA 111 41.24 122.38 -39.05
CA ALA NA 111 41.98 122.38 -37.79
C ALA NA 111 42.94 121.20 -37.70
N LEU NA 112 42.41 119.98 -37.71
CA LEU NA 112 43.21 118.76 -37.55
C LEU NA 112 43.63 118.24 -38.92
N ASN NA 113 44.45 119.04 -39.61
CA ASN NA 113 44.68 118.80 -41.03
C ASN NA 113 45.65 117.66 -41.28
N ALA NA 114 46.88 117.78 -40.77
CA ALA NA 114 47.97 116.92 -41.22
C ALA NA 114 47.73 115.45 -40.95
N GLU NA 115 46.94 115.10 -39.94
CA GLU NA 115 46.69 113.69 -39.65
C GLU NA 115 45.61 113.07 -40.53
N LEU NA 116 44.83 113.89 -41.23
CA LEU NA 116 43.79 113.39 -42.14
C LEU NA 116 44.29 113.34 -43.58
N ILE NA 117 44.85 114.45 -44.07
CA ILE NA 117 45.30 114.50 -45.46
C ILE NA 117 46.44 113.52 -45.68
N THR NA 118 47.44 113.56 -44.80
CA THR NA 118 48.68 112.81 -45.03
C THR NA 118 48.62 111.39 -44.49
N GLY NA 119 47.83 111.15 -43.45
CA GLY NA 119 47.70 109.82 -42.89
C GLY NA 119 48.66 109.49 -41.76
N GLU NA 120 49.51 110.43 -41.36
CA GLU NA 120 50.45 110.17 -40.29
C GLU NA 120 49.73 110.00 -38.96
N GLY NA 121 50.29 109.14 -38.11
CA GLY NA 121 49.73 108.88 -36.80
C GLY NA 121 50.42 109.75 -35.77
N GLN NA 122 49.63 110.60 -35.13
CA GLN NA 122 50.18 111.55 -34.17
C GLN NA 122 50.74 110.82 -32.95
N TRP NA 123 51.81 111.38 -32.40
CA TRP NA 123 52.51 110.76 -31.28
C TRP NA 123 52.31 111.55 -29.99
N ALA OA 1 20.23 117.36 -68.07
CA ALA OA 1 19.52 116.09 -67.94
C ALA OA 1 18.36 116.21 -66.96
N ALA OA 2 17.77 117.40 -66.89
CA ALA OA 2 16.57 117.62 -66.09
C ALA OA 2 15.34 117.22 -66.86
N ARG OA 3 14.25 117.01 -66.13
CA ARG OA 3 13.00 116.56 -66.75
C ARG OA 3 12.30 117.71 -67.44
N SER OA 4 12.10 117.58 -68.75
CA SER OA 4 11.38 118.55 -69.54
C SER OA 4 10.69 117.83 -70.69
N SER OA 5 9.90 118.57 -71.46
CA SER OA 5 9.18 117.97 -72.58
C SER OA 5 10.15 117.54 -73.67
N ILE OA 6 9.87 116.38 -74.26
CA ILE OA 6 10.68 115.83 -75.34
C ILE OA 6 9.81 115.72 -76.58
N VAL OA 7 10.47 115.75 -77.75
CA VAL OA 7 9.79 116.01 -79.01
C VAL OA 7 9.99 114.84 -79.97
N LEU OA 8 9.91 113.62 -79.45
CA LEU OA 8 9.94 112.40 -80.27
C LEU OA 8 9.22 112.61 -81.59
N THR OA 9 9.90 112.26 -82.69
CA THR OA 9 9.35 112.48 -84.02
C THR OA 9 9.87 111.41 -84.96
N ASP OA 10 9.09 111.16 -86.02
CA ASP OA 10 9.47 110.22 -87.06
C ASP OA 10 9.90 110.90 -88.34
N GLY OA 11 9.83 112.23 -88.40
CA GLY OA 11 10.16 112.95 -89.60
C GLY OA 11 8.96 113.68 -90.16
N THR OA 12 7.80 113.05 -90.08
CA THR OA 12 6.57 113.64 -90.63
C THR OA 12 5.78 114.40 -89.57
N THR OA 13 5.39 113.72 -88.50
CA THR OA 13 4.54 114.31 -87.46
C THR OA 13 5.25 114.21 -86.11
N PRO OA 14 5.74 115.30 -85.55
CA PRO OA 14 6.33 115.25 -84.21
C PRO OA 14 5.26 115.16 -83.12
N VAL OA 15 5.57 114.43 -82.07
CA VAL OA 15 4.72 114.33 -80.89
C VAL OA 15 5.53 114.81 -79.69
N THR OA 16 4.94 115.69 -78.89
CA THR OA 16 5.61 116.29 -77.74
C THR OA 16 5.12 115.61 -76.48
N LEU OA 17 6.00 114.88 -75.81
CA LEU OA 17 5.67 114.21 -74.56
C LEU OA 17 6.13 115.07 -73.39
N THR OA 18 5.24 115.27 -72.42
CA THR OA 18 5.59 116.01 -71.22
C THR OA 18 5.63 115.08 -70.02
N PRO OA 19 6.46 115.34 -69.02
CA PRO OA 19 6.51 114.46 -67.86
C PRO OA 19 5.18 114.45 -67.11
N VAL OA 20 4.82 113.28 -66.59
CA VAL OA 20 3.62 113.12 -65.79
C VAL OA 20 3.96 112.38 -64.51
N GLY OA 21 5.23 112.37 -64.12
CA GLY OA 21 5.58 111.81 -62.83
C GLY OA 21 6.78 110.90 -62.82
N GLY OA 22 6.78 109.95 -61.89
CA GLY OA 22 7.81 108.94 -61.83
C GLY OA 22 8.64 108.93 -60.56
N GLY OA 23 9.07 110.08 -60.09
CA GLY OA 23 9.94 110.12 -58.94
C GLY OA 23 11.38 109.79 -59.26
N VAL OA 24 12.11 109.20 -58.32
CA VAL OA 24 13.52 108.90 -58.50
C VAL OA 24 13.65 107.51 -59.09
N GLY OA 25 14.60 107.35 -60.01
CA GLY OA 25 14.80 106.08 -60.67
C GLY OA 25 13.92 105.82 -61.87
N GLN OA 26 13.04 106.76 -62.23
CA GLN OA 26 12.20 106.59 -63.41
C GLN OA 26 11.59 107.92 -63.76
N THR OA 27 10.95 107.97 -64.93
CA THR OA 27 10.28 109.18 -65.40
C THR OA 27 9.22 108.76 -66.39
N LEU OA 28 7.97 109.12 -66.12
CA LEU OA 28 6.87 108.83 -67.03
C LEU OA 28 6.61 110.05 -67.91
N TYR OA 29 6.39 109.79 -69.19
CA TYR OA 29 6.05 110.84 -70.13
C TYR OA 29 4.69 110.55 -70.74
N ARG OA 30 4.06 111.59 -71.28
CA ARG OA 30 2.80 111.43 -71.99
C ARG OA 30 2.49 112.68 -72.81
N ALA OA 31 1.98 112.50 -74.02
CA ALA OA 31 1.59 113.63 -74.84
C ALA OA 31 0.22 114.13 -74.42
N THR OA 32 -0.25 115.21 -75.05
CA THR OA 32 -1.57 115.73 -74.70
C THR OA 32 -2.67 114.96 -75.43
N ALA OA 33 -2.74 115.14 -76.76
CA ALA OA 33 -3.78 114.53 -77.60
C ALA OA 33 -5.12 114.48 -76.88
N GLU OA 34 -5.49 115.63 -76.31
CA GLU OA 34 -6.58 115.69 -75.34
C GLU OA 34 -7.88 115.26 -75.96
N ALA OA 35 -8.76 114.70 -75.12
CA ALA OA 35 -10.09 114.26 -75.55
C ALA OA 35 -9.97 113.23 -76.67
N LEU OA 36 -9.50 112.04 -76.29
CA LEU OA 36 -9.44 111.50 -74.93
C LEU OA 36 -8.04 111.58 -74.34
N SER OA 37 -7.95 111.55 -73.01
CA SER OA 37 -6.67 111.68 -72.31
C SER OA 37 -5.88 110.38 -72.27
N ALA OA 38 -6.52 109.24 -72.45
CA ALA OA 38 -5.84 107.95 -72.47
C ALA OA 38 -5.42 107.51 -73.86
N ALA OA 39 -5.76 108.28 -74.88
CA ALA OA 39 -5.41 107.95 -76.26
C ALA OA 39 -4.24 108.80 -76.74
N ASN OA 40 -3.08 108.63 -76.11
CA ASN OA 40 -1.88 109.35 -76.52
C ASN OA 40 -0.65 108.56 -76.06
N PRO OA 41 0.47 108.70 -76.77
CA PRO OA 41 1.64 107.85 -76.46
C PRO OA 41 2.27 108.20 -75.12
N SER OA 42 3.05 107.24 -74.63
CA SER OA 42 3.75 107.38 -73.35
C SER OA 42 5.12 106.74 -73.47
N LEU OA 43 6.04 107.20 -72.62
CA LEU OA 43 7.46 106.85 -72.71
C LEU OA 43 8.04 106.49 -71.34
N SER OA 44 7.46 105.50 -70.68
CA SER OA 44 7.96 105.11 -69.36
C SER OA 44 9.44 104.79 -69.42
N PHE OA 45 10.26 105.61 -68.75
CA PHE OA 45 11.71 105.50 -68.81
C PHE OA 45 12.27 105.36 -67.40
N GLY OA 46 12.90 104.23 -67.12
CA GLY OA 46 13.52 103.98 -65.83
C GLY OA 46 15.00 103.67 -65.95
N TYR OA 47 15.68 103.74 -64.81
CA TYR OA 47 17.13 103.55 -64.76
C TYR OA 47 17.53 103.26 -63.32
N ARG OA 48 18.58 102.47 -63.16
CA ARG OA 48 19.05 102.11 -61.82
C ARG OA 48 20.47 101.57 -61.95
N PHE OA 49 21.15 101.47 -60.81
CA PHE OA 49 22.47 100.88 -60.72
C PHE OA 49 22.43 99.74 -59.73
N THR OA 50 22.91 98.57 -60.14
CA THR OA 50 22.87 97.37 -59.30
C THR OA 50 24.04 97.40 -58.32
N ASP OA 51 24.33 96.26 -57.70
CA ASP OA 51 25.43 96.15 -56.75
C ASP OA 51 26.73 96.68 -57.34
N GLY OA 52 27.01 96.35 -58.60
CA GLY OA 52 28.17 96.90 -59.27
C GLY OA 52 27.86 98.24 -59.90
N GLY OA 53 28.46 98.52 -61.06
CA GLY OA 53 28.16 99.71 -61.79
C GLY OA 53 27.27 99.41 -62.97
N THR OA 54 26.60 98.25 -62.91
CA THR OA 54 25.79 97.78 -64.04
C THR OA 54 24.58 98.68 -64.18
N ASN OA 55 24.65 99.58 -65.16
CA ASN OA 55 23.58 100.54 -65.43
C ASN OA 55 22.50 99.82 -66.22
N ARG OA 56 21.31 99.69 -65.63
CA ARG OA 56 20.20 98.99 -66.27
C ARG OA 56 19.12 100.02 -66.62
N GLN OA 57 19.24 100.60 -67.81
CA GLN OA 57 18.23 101.52 -68.29
C GLN OA 57 17.13 100.75 -69.00
N SER OA 58 15.93 101.35 -69.04
CA SER OA 58 14.79 100.68 -69.62
C SER OA 58 13.77 101.67 -70.15
N LEU OA 59 13.38 101.55 -71.40
CA LEU OA 59 12.38 102.43 -71.99
C LEU OA 59 11.22 101.60 -72.50
N SER OA 60 10.02 102.16 -72.39
CA SER OA 60 8.82 101.50 -72.89
C SER OA 60 7.95 102.58 -73.51
N TYR OA 61 7.84 102.57 -74.83
CA TYR OA 61 7.06 103.54 -75.58
C TYR OA 61 5.80 102.86 -76.07
N LYS OA 62 4.65 103.37 -75.66
CA LYS OA 62 3.36 102.82 -76.06
C LYS OA 62 2.59 103.88 -76.84
N GLN OA 63 2.13 103.51 -78.01
CA GLN OA 63 1.31 104.40 -78.83
C GLN OA 63 -0.04 103.75 -79.07
N PRO OA 64 -1.14 104.31 -78.59
CA PRO OA 64 -2.44 103.69 -78.79
C PRO OA 64 -3.03 104.03 -80.15
N ILE OA 65 -3.81 103.09 -80.66
CA ILE OA 65 -4.43 103.19 -81.98
C ILE OA 65 -5.84 103.72 -81.80
N THR OA 66 -6.08 104.94 -82.24
CA THR OA 66 -7.35 105.62 -82.04
C THR OA 66 -8.26 105.43 -83.25
N ALA OA 67 -9.53 105.72 -83.05
CA ALA OA 67 -10.53 105.62 -84.12
C ALA OA 67 -11.70 106.51 -83.75
N VAL OA 68 -11.83 107.65 -84.43
CA VAL OA 68 -12.88 108.61 -84.10
C VAL OA 68 -14.21 108.07 -84.61
N ASP OA 69 -15.08 107.68 -83.69
CA ASP OA 69 -16.37 107.10 -84.01
C ASP OA 69 -17.32 108.23 -84.41
N SER OA 70 -17.49 108.44 -85.71
CA SER OA 70 -18.26 109.57 -86.21
C SER OA 70 -19.72 109.52 -85.80
N THR OA 71 -20.26 108.34 -85.53
CA THR OA 71 -21.65 108.23 -85.11
C THR OA 71 -21.87 108.92 -83.77
N THR OA 72 -21.03 108.62 -82.78
CA THR OA 72 -21.15 109.17 -81.45
C THR OA 72 -20.20 110.34 -81.21
N SER OA 73 -19.18 110.50 -82.04
CA SER OA 73 -18.15 111.54 -81.92
C SER OA 73 -17.38 111.39 -80.61
N GLU OA 74 -16.81 110.20 -80.42
CA GLU OA 74 -15.92 109.92 -79.31
C GLU OA 74 -14.76 109.10 -79.83
N THR OA 75 -13.60 109.27 -79.20
CA THR OA 75 -12.40 108.55 -79.61
C THR OA 75 -12.35 107.20 -78.91
N LEU OA 76 -12.16 106.15 -79.70
CA LEU OA 76 -12.10 104.78 -79.19
C LEU OA 76 -10.68 104.27 -79.33
N VAL OA 77 -10.24 103.49 -78.35
CA VAL OA 77 -8.89 102.94 -78.32
C VAL OA 77 -8.97 101.46 -78.63
N ARG OA 78 -8.33 101.05 -79.73
CA ARG OA 78 -8.42 99.69 -80.21
C ARG OA 78 -7.26 98.80 -79.75
N GLY OA 79 -6.13 99.40 -79.43
CA GLY OA 79 -4.97 98.64 -79.02
C GLY OA 79 -3.79 99.57 -78.88
N GLN OA 80 -2.61 99.00 -78.68
CA GLN OA 80 -1.42 99.84 -78.58
C GLN OA 80 -0.20 99.12 -79.13
N CYS OA 81 0.61 99.87 -79.88
CA CYS OA 81 1.93 99.40 -80.30
C CYS OA 81 2.92 99.69 -79.19
N VAL OA 82 3.62 98.65 -78.75
CA VAL OA 82 4.54 98.74 -77.62
C VAL OA 82 5.95 98.46 -78.11
N VAL OA 83 6.89 99.32 -77.72
CA VAL OA 83 8.30 99.12 -78.05
C VAL OA 83 9.08 99.22 -76.74
N ASP OA 84 9.73 98.12 -76.36
CA ASP OA 84 10.57 98.09 -75.17
C ASP OA 84 12.03 98.09 -75.59
N ILE OA 85 12.85 98.84 -74.86
CA ILE OA 85 14.27 98.96 -75.14
C ILE OA 85 14.99 98.84 -73.80
N ASN OA 86 15.54 97.67 -73.51
CA ASN OA 86 16.34 97.51 -72.31
C ASN OA 86 17.81 97.64 -72.65
N ILE OA 87 18.54 98.37 -71.81
CA ILE OA 87 19.95 98.62 -72.00
C ILE OA 87 20.68 98.19 -70.75
N VAL OA 88 21.62 97.27 -70.87
CA VAL OA 88 22.44 96.82 -69.76
C VAL OA 88 23.88 97.19 -70.06
N ILE OA 89 24.51 97.93 -69.16
CA ILE OA 89 25.90 98.31 -69.34
C ILE OA 89 26.70 97.80 -68.15
N PRO OA 90 27.70 96.96 -68.35
CA PRO OA 90 28.39 96.35 -67.22
C PRO OA 90 29.28 97.33 -66.47
N ARG OA 91 29.84 96.86 -65.36
CA ARG OA 91 30.69 97.68 -64.52
C ARG OA 91 31.98 98.09 -65.23
N VAL OA 92 32.41 97.32 -66.23
CA VAL OA 92 33.74 97.47 -66.81
C VAL OA 92 33.70 98.21 -68.15
N ALA OA 93 32.61 98.88 -68.46
CA ALA OA 93 32.42 99.46 -69.78
C ALA OA 93 32.99 100.87 -69.83
N THR OA 94 33.83 101.12 -70.84
CA THR OA 94 34.38 102.45 -71.05
C THR OA 94 33.29 103.42 -71.51
N ALA OA 95 33.56 104.70 -71.34
CA ALA OA 95 32.58 105.74 -71.66
C ALA OA 95 32.32 105.87 -73.16
N THR OA 96 33.24 105.45 -74.01
CA THR OA 96 33.01 105.49 -75.46
C THR OA 96 32.45 104.19 -76.00
N ASP OA 97 32.70 103.07 -75.33
CA ASP OA 97 32.06 101.81 -75.73
C ASP OA 97 30.56 101.86 -75.47
N ARG OA 98 30.14 102.57 -74.42
CA ARG OA 98 28.71 102.80 -74.22
C ARG OA 98 28.09 103.48 -75.43
N ALA OA 99 28.69 104.58 -75.89
CA ALA OA 99 28.15 105.28 -77.04
C ALA OA 99 28.17 104.40 -78.28
N GLU OA 100 29.27 103.66 -78.49
CA GLU OA 100 29.34 102.75 -79.63
C GLU OA 100 28.19 101.75 -79.60
N ALA OA 101 28.02 101.06 -78.47
CA ALA OA 101 26.99 100.03 -78.38
C ALA OA 101 25.61 100.61 -78.56
N ILE OA 102 25.31 101.72 -77.90
CA ILE OA 102 23.96 102.29 -77.96
C ILE OA 102 23.64 102.77 -79.36
N LYS OA 103 24.55 103.56 -79.97
CA LYS OA 103 24.27 104.09 -81.29
C LYS OA 103 24.28 103.01 -82.35
N ARG OA 104 24.98 101.89 -82.12
CA ARG OA 104 24.91 100.78 -83.06
C ARG OA 104 23.59 100.03 -82.92
N ALA OA 105 23.14 99.80 -81.69
CA ALA OA 105 21.87 99.10 -81.49
C ALA OA 105 20.71 99.91 -82.04
N PHE OA 106 20.72 101.23 -81.81
CA PHE OA 106 19.66 102.07 -82.35
C PHE OA 106 19.81 102.31 -83.85
N ASP OA 107 20.89 101.87 -84.46
CA ASP OA 107 21.06 101.96 -85.90
C ASP OA 107 20.49 100.76 -86.64
N VAL OA 108 19.87 99.82 -85.93
CA VAL OA 108 19.25 98.67 -86.57
C VAL OA 108 18.16 99.12 -87.54
N LEU OA 109 17.37 100.10 -87.12
CA LEU OA 109 16.26 100.58 -87.96
C LEU OA 109 16.74 101.02 -89.34
N ASN OA 110 17.98 101.51 -89.44
CA ASN OA 110 18.53 101.83 -90.75
C ASN OA 110 19.12 100.63 -91.46
N ALA OA 111 19.47 99.57 -90.72
CA ALA OA 111 20.00 98.36 -91.33
C ALA OA 111 18.90 97.35 -91.59
N LEU OA 112 18.18 96.96 -90.55
CA LEU OA 112 17.09 95.99 -90.65
C LEU OA 112 15.76 96.73 -90.83
N ASN OA 113 15.71 97.55 -91.87
CA ASN OA 113 14.62 98.51 -92.01
C ASN OA 113 13.33 97.83 -92.46
N ALA OA 114 13.36 97.12 -93.59
CA ALA OA 114 12.15 96.56 -94.14
C ALA OA 114 11.53 95.52 -93.23
N GLU OA 115 12.33 94.87 -92.39
CA GLU OA 115 11.79 93.89 -91.46
C GLU OA 115 11.08 94.52 -90.27
N LEU OA 116 11.16 95.83 -90.10
CA LEU OA 116 10.55 96.51 -88.97
C LEU OA 116 9.49 97.51 -89.40
N ILE OA 117 9.79 98.36 -90.38
CA ILE OA 117 8.84 99.39 -90.80
C ILE OA 117 7.60 98.77 -91.43
N THR OA 118 7.79 97.78 -92.31
CA THR OA 118 6.67 97.15 -93.01
C THR OA 118 6.19 95.87 -92.35
N GLY OA 119 7.05 95.19 -91.59
CA GLY OA 119 6.66 93.98 -90.90
C GLY OA 119 6.98 92.70 -91.62
N GLU OA 120 7.77 92.74 -92.69
CA GLU OA 120 8.12 91.54 -93.43
C GLU OA 120 8.96 90.60 -92.56
N GLY OA 121 9.26 89.45 -93.13
CA GLY OA 121 10.28 88.58 -92.58
C GLY OA 121 11.27 88.26 -93.67
N GLN OA 122 12.53 88.13 -93.27
CA GLN OA 122 13.58 87.86 -94.24
C GLN OA 122 13.55 86.41 -94.68
N TRP OA 123 13.66 86.19 -95.98
CA TRP OA 123 13.54 84.85 -96.54
C TRP OA 123 14.87 84.25 -96.96
N ALA PA 1 14.02 91.93 -97.16
CA ALA PA 1 14.76 91.18 -98.17
C ALA PA 1 15.41 89.96 -97.56
N ALA PA 2 16.20 89.25 -98.36
CA ALA PA 2 16.82 88.02 -97.90
C ALA PA 2 17.90 88.31 -96.87
N ARG PA 3 18.26 87.28 -96.11
CA ARG PA 3 19.33 87.42 -95.13
C ARG PA 3 20.62 87.85 -95.82
N SER PA 4 21.11 89.04 -95.49
CA SER PA 4 22.33 89.55 -96.11
C SER PA 4 23.25 90.13 -95.04
N SER PA 5 24.28 90.85 -95.46
CA SER PA 5 25.22 91.48 -94.54
C SER PA 5 24.74 92.88 -94.20
N ILE PA 6 24.60 93.15 -92.90
CA ILE PA 6 24.17 94.44 -92.42
C ILE PA 6 25.39 95.24 -91.96
N VAL PA 7 25.25 96.56 -91.94
CA VAL PA 7 26.38 97.47 -91.81
C VAL PA 7 26.14 98.32 -90.56
N LEU PA 8 25.62 97.70 -89.51
CA LEU PA 8 25.41 98.35 -88.23
C LEU PA 8 26.57 99.27 -87.88
N THR PA 9 26.28 100.56 -87.72
CA THR PA 9 27.30 101.58 -87.54
C THR PA 9 26.87 102.54 -86.44
N ASP PA 10 27.68 103.58 -86.22
CA ASP PA 10 27.34 104.62 -85.27
C ASP PA 10 27.71 106.02 -85.78
N GLY PA 11 28.11 106.16 -87.04
CA GLY PA 11 28.55 107.40 -87.60
C GLY PA 11 30.05 107.50 -87.76
N THR PA 12 30.82 106.77 -86.96
CA THR PA 12 32.28 106.78 -87.05
C THR PA 12 32.85 105.41 -87.38
N THR PA 13 32.47 104.37 -86.64
CA THR PA 13 33.09 103.05 -86.76
C THR PA 13 32.05 102.02 -87.15
N PRO PA 14 31.90 101.73 -88.44
CA PRO PA 14 30.93 100.71 -88.86
C PRO PA 14 31.41 99.31 -88.54
N VAL PA 15 30.43 98.40 -88.44
CA VAL PA 15 30.69 96.98 -88.24
C VAL PA 15 29.77 96.20 -89.16
N THR PA 16 30.33 95.27 -89.92
CA THR PA 16 29.57 94.46 -90.86
C THR PA 16 29.29 93.10 -90.24
N LEU PA 17 28.02 92.70 -90.27
CA LEU PA 17 27.59 91.44 -89.66
C LEU PA 17 26.95 90.56 -90.72
N THR PA 18 27.33 89.28 -90.75
CA THR PA 18 26.78 88.32 -91.68
C THR PA 18 26.08 87.21 -90.92
N PRO PA 19 24.97 86.69 -91.44
CA PRO PA 19 24.18 85.70 -90.67
C PRO PA 19 24.99 84.45 -90.36
N VAL PA 20 24.83 83.94 -89.15
CA VAL PA 20 25.59 82.79 -88.69
C VAL PA 20 24.68 81.71 -88.12
N GLY PA 21 23.44 81.70 -88.56
CA GLY PA 21 22.56 80.63 -88.13
C GLY PA 21 21.12 81.11 -88.03
N GLY PA 22 20.39 80.50 -87.10
CA GLY PA 22 19.00 80.86 -86.89
C GLY PA 22 18.02 79.79 -87.30
N GLY PA 23 17.02 80.18 -88.09
CA GLY PA 23 15.98 79.27 -88.52
C GLY PA 23 14.84 80.00 -89.18
N VAL PA 24 13.61 79.66 -88.82
CA VAL PA 24 12.42 80.38 -89.28
C VAL PA 24 11.98 81.32 -88.16
N GLY PA 25 11.79 82.59 -88.52
CA GLY PA 25 11.52 83.60 -87.51
C GLY PA 25 12.66 83.71 -86.52
N GLN PA 26 13.89 83.68 -87.02
CA GLN PA 26 15.09 83.79 -86.20
C GLN PA 26 16.27 84.00 -87.13
N THR PA 27 17.20 84.88 -86.72
CA THR PA 27 18.34 85.21 -87.58
C THR PA 27 19.46 85.73 -86.68
N LEU PA 28 20.52 84.93 -86.55
CA LEU PA 28 21.70 85.37 -85.83
C LEU PA 28 22.55 86.27 -86.71
N TYR PA 29 23.53 86.92 -86.10
CA TYR PA 29 24.48 87.75 -86.82
C TYR PA 29 25.80 87.73 -86.04
N ARG PA 30 26.88 88.12 -86.72
CA ARG PA 30 28.18 88.29 -86.09
C ARG PA 30 29.11 88.94 -87.12
N ALA PA 31 30.20 89.51 -86.63
CA ALA PA 31 31.16 90.21 -87.46
C ALA PA 31 32.34 89.29 -87.80
N THR PA 32 33.38 89.87 -88.39
CA THR PA 32 34.47 89.09 -88.97
C THR PA 32 35.59 88.77 -87.98
N ALA PA 33 35.85 89.63 -87.00
CA ALA PA 33 36.97 89.42 -86.09
C ALA PA 33 36.77 88.16 -85.25
N GLU PA 34 37.87 87.55 -84.81
CA GLU PA 34 37.84 86.24 -84.18
C GLU PA 34 38.43 86.31 -82.78
N ALA PA 35 37.74 85.70 -81.83
CA ALA PA 35 38.20 85.67 -80.45
C ALA PA 35 37.74 84.35 -79.82
N LEU PA 36 38.06 84.15 -78.54
CA LEU PA 36 37.88 82.87 -77.87
C LEU PA 36 36.55 82.79 -77.13
N SER PA 37 36.30 83.71 -76.19
CA SER PA 37 35.09 83.66 -75.38
C SER PA 37 33.94 84.43 -76.03
N ALA PA 38 34.13 85.73 -76.26
CA ALA PA 38 33.14 86.57 -76.92
C ALA PA 38 33.78 87.13 -78.18
N ALA PA 39 33.26 86.72 -79.33
CA ALA PA 39 33.91 87.09 -80.59
C ALA PA 39 33.59 88.52 -80.98
N ASN PA 40 32.31 88.80 -81.26
CA ASN PA 40 31.93 90.04 -81.89
C ASN PA 40 30.53 90.46 -81.46
N PRO PA 41 30.04 91.62 -81.90
CA PRO PA 41 28.62 91.92 -81.74
C PRO PA 41 27.75 90.87 -82.42
N SER PA 42 26.65 90.50 -81.75
CA SER PA 42 25.80 89.41 -82.20
C SER PA 42 24.34 89.86 -82.12
N LEU PA 43 23.79 90.31 -83.23
CA LEU PA 43 22.44 90.87 -83.29
C LEU PA 43 21.45 89.75 -83.63
N SER PA 44 20.80 89.20 -82.61
CA SER PA 44 19.78 88.19 -82.83
C SER PA 44 18.44 88.87 -83.10
N PHE PA 45 17.67 88.31 -84.03
CA PHE PA 45 16.42 88.88 -84.50
C PHE PA 45 15.35 87.79 -84.50
N GLY PA 46 14.34 87.94 -83.65
CA GLY PA 46 13.43 86.85 -83.36
C GLY PA 46 11.97 87.03 -83.68
N TYR PA 47 11.65 87.59 -84.85
CA TYR PA 47 10.27 87.90 -85.20
C TYR PA 47 9.41 86.65 -85.23
N ARG PA 48 8.10 86.85 -85.02
CA ARG PA 48 7.11 85.78 -85.06
C ARG PA 48 5.73 86.41 -85.10
N PHE PA 49 4.70 85.58 -85.14
CA PHE PA 49 3.31 86.01 -85.07
C PHE PA 49 2.62 85.30 -83.92
N THR PA 50 1.33 85.58 -83.74
CA THR PA 50 0.61 85.09 -82.57
C THR PA 50 -0.83 84.80 -83.02
N ASP PA 51 -1.74 84.69 -82.05
CA ASP PA 51 -3.14 84.37 -82.34
C ASP PA 51 -3.74 85.35 -83.35
N GLY PA 52 -3.55 86.63 -83.11
CA GLY PA 52 -3.94 87.66 -84.06
C GLY PA 52 -2.80 88.01 -84.98
N GLY PA 53 -2.86 89.22 -85.53
CA GLY PA 53 -1.75 89.72 -86.31
C GLY PA 53 -0.69 90.34 -85.43
N THR PA 54 -0.57 89.81 -84.21
CA THR PA 54 0.30 90.40 -83.21
C THR PA 54 1.75 90.14 -83.57
N ASN PA 55 2.31 90.98 -84.42
CA ASN PA 55 3.68 90.82 -84.89
C ASN PA 55 4.62 91.06 -83.73
N ARG PA 56 5.06 89.98 -83.09
CA ARG PA 56 5.83 90.08 -81.85
C ARG PA 56 7.33 89.96 -82.16
N GLN PA 57 7.84 91.00 -82.82
CA GLN PA 57 9.27 91.03 -83.15
C GLN PA 57 10.09 91.19 -81.88
N SER PA 58 11.38 90.89 -81.99
CA SER PA 58 12.28 90.91 -80.85
C SER PA 58 13.71 90.93 -81.35
N LEU PA 59 14.55 91.73 -80.70
CA LEU PA 59 15.94 91.89 -81.09
C LEU PA 59 16.82 91.78 -79.86
N SER PA 60 18.11 91.59 -80.10
CA SER PA 60 19.10 91.65 -79.03
C SER PA 60 20.48 91.87 -79.62
N TYR PA 61 21.10 93.01 -79.32
CA TYR PA 61 22.41 93.37 -79.87
C TYR PA 61 23.42 93.37 -78.73
N LYS PA 62 24.33 92.42 -78.76
CA LYS PA 62 25.39 92.33 -77.75
C LYS PA 62 26.71 92.76 -78.39
N GLN PA 63 27.41 93.67 -77.74
CA GLN PA 63 28.74 94.09 -78.16
C GLN PA 63 29.72 93.77 -77.04
N PRO PA 64 30.75 92.98 -77.29
CA PRO PA 64 31.63 92.56 -76.21
C PRO PA 64 32.74 93.53 -75.79
N ILE PA 65 32.67 93.91 -74.52
CA ILE PA 65 33.66 94.80 -73.93
C ILE PA 65 34.95 94.01 -73.82
N THR PA 66 35.96 94.42 -74.57
CA THR PA 66 37.19 93.66 -74.72
C THR PA 66 38.39 94.59 -74.79
N ALA PA 67 39.56 94.06 -74.42
CA ALA PA 67 40.83 94.77 -74.54
C ALA PA 67 41.89 93.78 -75.01
N VAL PA 68 42.75 94.22 -75.92
CA VAL PA 68 43.73 93.33 -76.53
C VAL PA 68 44.91 93.13 -75.59
N ASP PA 69 45.19 91.87 -75.25
CA ASP PA 69 46.33 91.56 -74.41
C ASP PA 69 47.62 91.76 -75.18
N SER PA 70 48.73 91.87 -74.45
CA SER PA 70 50.04 91.95 -75.05
C SER PA 70 50.66 90.58 -75.17
N THR PA 71 51.36 90.35 -76.29
CA THR PA 71 52.08 89.12 -76.62
C THR PA 71 51.17 87.94 -76.89
N THR PA 72 49.86 88.08 -76.74
CA THR PA 72 48.92 87.00 -77.01
C THR PA 72 47.81 87.50 -77.92
N SER PA 73 47.46 86.66 -78.91
CA SER PA 73 46.44 87.01 -79.89
C SER PA 73 45.05 86.50 -79.49
N GLU PA 74 44.63 86.86 -78.27
CA GLU PA 74 43.33 86.40 -77.76
C GLU PA 74 42.40 87.53 -77.37
N THR PA 75 42.84 88.79 -77.43
CA THR PA 75 42.03 89.99 -77.24
C THR PA 75 40.99 89.81 -76.13
N LEU PA 76 41.47 89.61 -74.90
CA LEU PA 76 40.63 89.33 -73.73
C LEU PA 76 39.38 90.19 -73.71
N VAL PA 77 38.23 89.53 -73.51
CA VAL PA 77 36.94 90.20 -73.40
C VAL PA 77 36.57 90.34 -71.93
N ARG PA 78 36.00 91.48 -71.57
CA ARG PA 78 35.68 91.79 -70.18
C ARG PA 78 34.20 91.78 -69.88
N GLY PA 79 33.34 91.99 -70.86
CA GLY PA 79 31.91 92.01 -70.62
C GLY PA 79 31.12 92.11 -71.90
N GLN PA 80 29.87 92.57 -71.78
CA GLN PA 80 29.02 92.75 -72.95
C GLN PA 80 27.92 93.77 -72.70
N CYS PA 81 27.70 94.68 -73.65
CA CYS PA 81 26.68 95.73 -73.52
C CYS PA 81 25.40 95.23 -74.22
N VAL PA 82 24.57 94.54 -73.46
CA VAL PA 82 23.32 94.01 -74.01
C VAL PA 82 22.33 95.14 -74.26
N VAL PA 83 21.69 95.11 -75.43
CA VAL PA 83 20.63 96.06 -75.74
C VAL PA 83 19.45 95.35 -76.37
N ASP PA 84 18.41 95.06 -75.59
CA ASP PA 84 17.24 94.35 -76.09
C ASP PA 84 16.22 95.34 -76.63
N ILE PA 85 15.56 94.96 -77.71
CA ILE PA 85 14.49 95.77 -78.30
C ILE PA 85 13.32 94.86 -78.67
N ASN PA 86 12.25 94.89 -77.89
CA ASN PA 86 11.08 94.07 -78.16
C ASN PA 86 9.95 94.94 -78.69
N ILE PA 87 9.28 94.43 -79.72
CA ILE PA 87 8.23 95.15 -80.41
C ILE PA 87 6.98 94.29 -80.42
N VAL PA 88 5.84 94.89 -80.08
CA VAL PA 88 4.55 94.20 -80.10
C VAL PA 88 3.57 95.10 -80.82
N ILE PA 89 3.18 94.72 -82.02
CA ILE PA 89 2.28 95.51 -82.86
C ILE PA 89 0.97 94.75 -83.02
N PRO PA 90 -0.17 95.35 -82.71
CA PRO PA 90 -1.43 94.58 -82.70
C PRO PA 90 -1.93 94.27 -84.10
N ARG PA 91 -3.03 93.53 -84.17
CA ARG PA 91 -3.63 93.20 -85.46
C ARG PA 91 -4.23 94.42 -86.15
N VAL PA 92 -4.74 95.39 -85.39
CA VAL PA 92 -5.53 96.49 -85.95
C VAL PA 92 -4.63 97.64 -86.36
N ALA PA 93 -3.31 97.42 -86.35
CA ALA PA 93 -2.35 98.50 -86.56
C ALA PA 93 -2.13 98.72 -88.05
N THR PA 94 -2.66 99.82 -88.56
CA THR PA 94 -2.40 100.23 -89.93
C THR PA 94 -0.91 100.43 -90.14
N ALA PA 95 -0.42 100.05 -91.33
CA ALA PA 95 1.01 100.08 -91.59
C ALA PA 95 1.60 101.48 -91.45
N THR PA 96 0.80 102.53 -91.57
CA THR PA 96 1.28 103.87 -91.24
C THR PA 96 1.49 104.03 -89.73
N ASP PA 97 0.55 103.52 -88.93
CA ASP PA 97 0.68 103.60 -87.48
C ASP PA 97 1.90 102.82 -87.00
N ARG PA 98 2.14 101.64 -87.57
CA ARG PA 98 3.32 100.88 -87.15
C ARG PA 98 4.61 101.60 -87.51
N ALA PA 99 4.68 102.20 -88.70
CA ALA PA 99 5.87 102.96 -89.07
C ALA PA 99 6.08 104.12 -88.12
N GLU PA 100 5.01 104.85 -87.79
CA GLU PA 100 5.12 105.96 -86.85
C GLU PA 100 5.62 105.47 -85.50
N ALA PA 101 5.04 104.38 -85.00
CA ALA PA 101 5.42 103.88 -83.68
C ALA PA 101 6.88 103.47 -83.64
N ILE PA 102 7.35 102.74 -84.67
CA ILE PA 102 8.73 102.28 -84.67
C ILE PA 102 9.69 103.45 -84.79
N LYS PA 103 9.42 104.36 -85.73
CA LYS PA 103 10.36 105.46 -85.95
C LYS PA 103 10.34 106.45 -84.78
N ARG PA 104 9.23 106.54 -84.06
CA ARG PA 104 9.20 107.39 -82.87
C ARG PA 104 9.91 106.72 -81.71
N ALA PA 105 9.77 105.41 -81.56
CA ALA PA 105 10.49 104.73 -80.49
C ALA PA 105 11.99 104.79 -80.70
N PHE PA 106 12.44 104.67 -81.96
CA PHE PA 106 13.87 104.72 -82.22
C PHE PA 106 14.41 106.13 -82.30
N ASP PA 107 13.57 107.15 -82.12
CA ASP PA 107 14.02 108.53 -82.02
C ASP PA 107 14.26 108.96 -80.59
N VAL PA 108 14.16 108.04 -79.62
CA VAL PA 108 14.44 108.39 -78.24
C VAL PA 108 15.90 108.81 -78.09
N LEU PA 109 16.80 108.13 -78.78
CA LEU PA 109 18.23 108.43 -78.66
C LEU PA 109 18.54 109.88 -79.00
N ASN PA 110 17.74 110.50 -79.87
CA ASN PA 110 17.96 111.90 -80.22
C ASN PA 110 17.23 112.87 -79.30
N ALA PA 111 16.30 112.38 -78.48
CA ALA PA 111 15.58 113.22 -77.53
C ALA PA 111 16.05 112.99 -76.10
N LEU PA 112 16.15 111.73 -75.69
CA LEU PA 112 16.65 111.36 -74.37
C LEU PA 112 18.12 110.97 -74.47
N ASN PA 113 18.92 111.89 -75.01
CA ASN PA 113 20.26 111.55 -75.47
C ASN PA 113 21.23 111.36 -74.31
N ALA PA 114 21.39 112.38 -73.47
CA ALA PA 114 22.42 112.35 -72.45
C ALA PA 114 22.18 111.23 -71.45
N GLU PA 115 20.93 110.99 -71.07
CA GLU PA 115 20.62 109.95 -70.10
C GLU PA 115 20.98 108.56 -70.62
N LEU PA 116 20.98 108.36 -71.94
CA LEU PA 116 21.29 107.06 -72.53
C LEU PA 116 22.77 106.90 -72.84
N ILE PA 117 23.38 107.95 -73.39
CA ILE PA 117 24.80 107.88 -73.73
C ILE PA 117 25.66 107.96 -72.48
N THR PA 118 25.50 109.05 -71.72
CA THR PA 118 26.31 109.26 -70.53
C THR PA 118 25.88 108.38 -69.38
N GLY PA 119 24.58 108.20 -69.18
CA GLY PA 119 24.09 107.33 -68.14
C GLY PA 119 23.85 108.04 -66.82
N GLU PA 120 23.11 109.15 -66.86
CA GLU PA 120 22.97 110.01 -65.70
C GLU PA 120 21.71 110.84 -65.85
N GLY PA 121 21.29 111.45 -64.74
CA GLY PA 121 20.35 112.55 -64.84
C GLY PA 121 18.96 112.31 -64.28
N GLN PA 122 17.99 113.04 -64.85
CA GLN PA 122 16.61 113.06 -64.38
C GLN PA 122 16.53 113.55 -62.93
N TRP PA 123 16.87 114.82 -62.77
CA TRP PA 123 16.83 115.46 -61.46
C TRP PA 123 15.42 115.91 -61.15
N ALA QA 1 -86.73 -18.67 -95.74
CA ALA QA 1 -86.56 -19.10 -97.13
C ALA QA 1 -85.28 -18.50 -97.71
N ALA QA 2 -85.07 -18.67 -99.01
CA ALA QA 2 -83.91 -18.08 -99.65
C ALA QA 2 -84.03 -16.56 -99.62
N ARG QA 3 -82.92 -15.90 -99.27
CA ARG QA 3 -82.91 -14.45 -99.18
C ARG QA 3 -83.21 -13.84 -100.54
N SER QA 4 -84.07 -12.83 -100.56
CA SER QA 4 -84.46 -12.15 -101.79
C SER QA 4 -84.78 -10.69 -101.46
N SER QA 5 -85.46 -10.03 -102.37
CA SER QA 5 -85.85 -8.64 -102.18
C SER QA 5 -87.21 -8.55 -101.50
N ILE QA 6 -87.45 -7.43 -100.84
CA ILE QA 6 -88.71 -7.18 -100.14
C ILE QA 6 -89.22 -5.81 -100.54
N VAL QA 7 -90.53 -5.63 -100.42
CA VAL QA 7 -91.22 -4.51 -101.06
C VAL QA 7 -91.95 -3.70 -100.00
N LEU QA 8 -91.31 -3.53 -98.83
CA LEU QA 8 -91.86 -2.72 -97.75
C LEU QA 8 -92.56 -1.47 -98.28
N THR QA 9 -93.80 -1.29 -97.89
CA THR QA 9 -94.63 -0.21 -98.41
C THR QA 9 -95.47 0.37 -97.28
N ASP QA 10 -96.12 1.49 -97.57
CA ASP QA 10 -97.07 2.11 -96.65
C ASP QA 10 -98.31 2.58 -97.40
N GLY QA 11 -98.63 1.92 -98.52
CA GLY QA 11 -99.83 2.23 -99.26
C GLY QA 11 -99.59 3.11 -100.47
N THR QA 12 -98.64 4.03 -100.38
CA THR QA 12 -98.41 4.98 -101.46
C THR QA 12 -96.99 4.98 -102.01
N THR QA 13 -95.99 4.75 -101.17
CA THR QA 13 -94.58 4.82 -101.60
C THR QA 13 -93.86 3.53 -101.22
N PRO QA 14 -93.94 2.51 -102.06
CA PRO QA 14 -93.22 1.27 -101.79
C PRO QA 14 -91.71 1.48 -101.84
N VAL QA 15 -91.01 0.67 -101.06
CA VAL QA 15 -89.55 0.70 -101.00
C VAL QA 15 -89.04 -0.71 -101.25
N THR QA 16 -88.23 -0.88 -102.28
CA THR QA 16 -87.63 -2.18 -102.59
C THR QA 16 -86.29 -2.28 -101.90
N LEU QA 17 -86.15 -3.26 -101.01
CA LEU QA 17 -84.92 -3.49 -100.29
C LEU QA 17 -84.26 -4.76 -100.81
N THR QA 18 -82.93 -4.77 -100.79
CA THR QA 18 -82.15 -5.90 -101.28
C THR QA 18 -81.16 -6.31 -100.20
N PRO QA 19 -80.82 -7.60 -100.12
CA PRO QA 19 -79.87 -8.05 -99.10
C PRO QA 19 -78.44 -7.71 -99.45
N VAL QA 20 -77.77 -6.91 -98.63
CA VAL QA 20 -76.43 -6.45 -98.96
C VAL QA 20 -75.45 -6.83 -97.87
N GLY QA 21 -75.75 -7.89 -97.15
CA GLY QA 21 -74.85 -8.34 -96.11
C GLY QA 21 -75.57 -9.25 -95.12
N GLY QA 22 -74.93 -9.42 -93.96
CA GLY QA 22 -75.51 -10.23 -92.92
C GLY QA 22 -74.55 -11.28 -92.38
N GLY QA 23 -75.05 -12.49 -92.19
CA GLY QA 23 -74.22 -13.56 -91.66
C GLY QA 23 -75.07 -14.77 -91.34
N VAL QA 24 -74.73 -15.42 -90.24
CA VAL QA 24 -75.51 -16.55 -89.74
C VAL QA 24 -76.48 -16.00 -88.69
N GLY QA 25 -77.77 -16.22 -88.91
CA GLY QA 25 -78.78 -15.65 -88.05
C GLY QA 25 -78.84 -14.14 -88.12
N GLN QA 26 -78.73 -13.59 -89.32
CA GLN QA 26 -78.72 -12.16 -89.55
C GLN QA 26 -78.79 -11.90 -91.04
N THR QA 27 -79.50 -10.84 -91.43
CA THR QA 27 -79.63 -10.51 -92.85
C THR QA 27 -79.92 -9.02 -92.97
N LEU QA 28 -78.89 -8.24 -93.30
CA LEU QA 28 -79.09 -6.82 -93.55
C LEU QA 28 -79.82 -6.60 -94.86
N TYR QA 29 -80.54 -5.48 -94.94
CA TYR QA 29 -81.19 -5.06 -96.17
C TYR QA 29 -80.90 -3.59 -96.38
N ARG QA 30 -81.02 -3.15 -97.63
CA ARG QA 30 -80.90 -1.72 -97.92
C ARG QA 30 -81.69 -1.40 -99.17
N ALA QA 31 -82.28 -0.22 -99.21
CA ALA QA 31 -83.02 0.20 -100.39
C ALA QA 31 -82.05 0.42 -101.53
N THR QA 32 -82.50 0.11 -102.75
CA THR QA 32 -81.61 0.14 -103.91
C THR QA 32 -80.99 1.52 -104.08
N ALA QA 33 -81.81 2.52 -104.35
CA ALA QA 33 -81.36 3.91 -104.39
C ALA QA 33 -82.56 4.81 -104.31
N GLU QA 34 -82.66 5.61 -103.25
CA GLU QA 34 -83.70 6.63 -103.21
C GLU QA 34 -83.24 7.89 -103.93
N ALA QA 35 -82.25 8.59 -103.38
CA ALA QA 35 -81.59 9.70 -104.07
C ALA QA 35 -80.09 9.77 -103.85
N LEU QA 36 -79.55 9.10 -102.84
CA LEU QA 36 -78.13 9.13 -102.50
C LEU QA 36 -77.91 8.05 -101.45
N SER QA 37 -76.69 7.97 -100.93
CA SER QA 37 -76.41 7.10 -99.81
C SER QA 37 -76.69 7.83 -98.50
N ALA QA 38 -76.90 7.06 -97.44
CA ALA QA 38 -77.31 7.50 -96.11
C ALA QA 38 -78.73 8.04 -96.08
N ALA QA 39 -79.40 8.13 -97.23
CA ALA QA 39 -80.81 8.50 -97.31
C ALA QA 39 -81.62 7.30 -97.78
N ASN QA 40 -81.18 6.10 -97.42
CA ASN QA 40 -81.82 4.87 -97.84
C ASN QA 40 -82.21 4.04 -96.62
N PRO QA 41 -83.45 3.58 -96.53
CA PRO QA 41 -83.86 2.79 -95.35
C PRO QA 41 -83.18 1.43 -95.32
N SER QA 42 -83.11 0.87 -94.12
CA SER QA 42 -82.52 -0.44 -93.93
C SER QA 42 -83.44 -1.27 -93.02
N LEU QA 43 -83.36 -2.59 -93.16
CA LEU QA 43 -84.27 -3.53 -92.50
C LEU QA 43 -83.48 -4.68 -91.88
N SER QA 44 -82.54 -4.35 -91.00
CA SER QA 44 -81.75 -5.39 -90.34
C SER QA 44 -82.66 -6.43 -89.70
N PHE QA 45 -82.34 -7.71 -89.92
CA PHE QA 45 -83.21 -8.79 -89.47
C PHE QA 45 -82.36 -9.93 -88.96
N GLY QA 46 -82.47 -10.22 -87.65
CA GLY QA 46 -81.76 -11.32 -87.04
C GLY QA 46 -82.71 -12.37 -86.50
N TYR QA 47 -82.13 -13.52 -86.17
CA TYR QA 47 -82.89 -14.66 -85.66
C TYR QA 47 -81.93 -15.65 -85.04
N ARG QA 48 -82.34 -16.24 -83.91
CA ARG QA 48 -81.48 -17.18 -83.22
C ARG QA 48 -82.34 -18.04 -82.30
N PHE QA 49 -81.78 -19.16 -81.87
CA PHE QA 49 -82.41 -20.06 -80.92
C PHE QA 49 -81.53 -20.14 -79.69
N THR QA 50 -82.14 -19.93 -78.52
CA THR QA 50 -81.42 -20.10 -77.26
C THR QA 50 -81.39 -21.58 -76.88
N ASP QA 51 -81.09 -21.86 -75.61
CA ASP QA 51 -81.06 -23.24 -75.11
C ASP QA 51 -82.27 -24.04 -75.57
N GLY QA 52 -83.47 -23.53 -75.34
CA GLY QA 52 -84.68 -24.15 -75.82
C GLY QA 52 -85.02 -23.68 -77.23
N GLY QA 53 -86.21 -24.05 -77.68
CA GLY QA 53 -86.65 -23.66 -79.00
C GLY QA 53 -87.22 -22.26 -79.04
N THR QA 54 -86.70 -21.37 -78.19
CA THR QA 54 -87.19 -20.00 -78.10
C THR QA 54 -86.77 -19.25 -79.36
N ASN QA 55 -87.71 -19.09 -80.29
CA ASN QA 55 -87.42 -18.49 -81.58
C ASN QA 55 -87.23 -16.98 -81.45
N ARG QA 56 -86.07 -16.56 -80.95
CA ARG QA 56 -85.81 -15.16 -80.64
C ARG QA 56 -85.45 -14.39 -81.91
N GLN QA 57 -86.47 -14.10 -82.71
CA GLN QA 57 -86.28 -13.26 -83.88
C GLN QA 57 -86.18 -11.79 -83.46
N SER QA 58 -85.61 -10.98 -84.35
CA SER QA 58 -85.43 -9.56 -84.06
C SER QA 58 -85.41 -8.78 -85.37
N LEU QA 59 -85.92 -7.56 -85.32
CA LEU QA 59 -85.96 -6.70 -86.49
C LEU QA 59 -85.52 -5.30 -86.09
N SER QA 60 -85.11 -4.53 -87.09
CA SER QA 60 -84.77 -3.13 -86.89
C SER QA 60 -84.86 -2.42 -88.22
N TYR QA 61 -85.86 -1.57 -88.37
CA TYR QA 61 -86.07 -0.78 -89.58
C TYR QA 61 -85.67 0.65 -89.30
N LYS QA 62 -84.73 1.18 -90.07
CA LYS QA 62 -84.22 2.53 -89.88
C LYS QA 62 -84.47 3.33 -91.16
N GLN QA 63 -85.23 4.41 -91.04
CA GLN QA 63 -85.51 5.28 -92.16
C GLN QA 63 -84.92 6.66 -91.89
N PRO QA 64 -83.97 7.13 -92.67
CA PRO QA 64 -83.32 8.41 -92.36
C PRO QA 64 -84.11 9.61 -92.89
N ILE QA 65 -84.02 10.70 -92.14
CA ILE QA 65 -84.79 11.91 -92.40
C ILE QA 65 -83.88 12.88 -93.15
N THR QA 66 -84.18 13.12 -94.41
CA THR QA 66 -83.33 13.94 -95.26
C THR QA 66 -83.98 15.29 -95.51
N ALA QA 67 -83.14 16.31 -95.67
CA ALA QA 67 -83.61 17.67 -95.86
C ALA QA 67 -82.58 18.46 -96.65
N VAL QA 68 -83.07 19.42 -97.44
CA VAL QA 68 -82.19 20.23 -98.28
C VAL QA 68 -81.41 21.21 -97.41
N ASP QA 69 -80.25 21.63 -97.92
CA ASP QA 69 -79.33 22.52 -97.24
C ASP QA 69 -79.02 23.72 -98.13
N SER QA 70 -80.09 24.40 -98.58
CA SER QA 70 -80.07 25.42 -99.63
C SER QA 70 -78.87 26.35 -99.61
N THR QA 71 -78.33 26.65 -98.42
CA THR QA 71 -77.07 27.39 -98.35
C THR QA 71 -75.97 26.69 -99.14
N THR QA 72 -76.01 25.36 -99.24
CA THR QA 72 -75.13 24.59 -100.09
C THR QA 72 -75.86 23.71 -101.08
N SER QA 73 -77.17 23.49 -100.90
CA SER QA 73 -78.01 22.68 -101.78
C SER QA 73 -77.59 21.21 -101.81
N GLU QA 74 -77.04 20.72 -100.70
CA GLU QA 74 -76.68 19.31 -100.55
C GLU QA 74 -77.64 18.63 -99.60
N THR QA 75 -78.21 17.50 -100.02
CA THR QA 75 -79.30 16.84 -99.30
C THR QA 75 -78.76 16.12 -98.06
N LEU QA 76 -78.45 16.92 -97.04
CA LEU QA 76 -77.95 16.36 -95.79
C LEU QA 76 -79.03 15.58 -95.06
N VAL QA 77 -78.61 14.62 -94.25
CA VAL QA 77 -79.52 13.82 -93.43
C VAL QA 77 -79.38 14.25 -91.98
N ARG QA 78 -80.52 14.47 -91.32
CA ARG QA 78 -80.55 14.99 -89.96
C ARG QA 78 -80.50 13.87 -88.92
N GLY QA 79 -81.48 12.97 -88.95
CA GLY QA 79 -81.53 11.85 -88.02
C GLY QA 79 -82.21 10.65 -88.65
N GLN QA 80 -82.74 9.74 -87.85
CA GLN QA 80 -83.39 8.56 -88.38
C GLN QA 80 -84.53 8.13 -87.46
N CYS QA 81 -85.54 7.52 -88.06
CA CYS QA 81 -86.64 6.89 -87.33
C CYS QA 81 -86.35 5.39 -87.24
N VAL QA 82 -86.44 4.85 -86.03
CA VAL QA 82 -86.04 3.49 -85.74
C VAL QA 82 -87.24 2.73 -85.19
N VAL QA 83 -87.53 1.57 -85.79
CA VAL QA 83 -88.60 0.70 -85.32
C VAL QA 83 -88.00 -0.68 -85.07
N ASP QA 84 -88.11 -1.17 -83.84
CA ASP QA 84 -87.58 -2.48 -83.47
C ASP QA 84 -88.74 -3.40 -83.13
N ILE QA 85 -88.89 -4.48 -83.89
CA ILE QA 85 -89.93 -5.46 -83.60
C ILE QA 85 -89.28 -6.76 -83.16
N ASN QA 86 -89.10 -6.92 -81.84
CA ASN QA 86 -88.58 -8.17 -81.31
C ASN QA 86 -89.70 -9.18 -81.13
N ILE QA 87 -89.38 -10.45 -81.36
CA ILE QA 87 -90.33 -11.53 -81.24
C ILE QA 87 -89.66 -12.67 -80.49
N VAL QA 88 -90.37 -13.22 -79.49
CA VAL QA 88 -89.89 -14.37 -78.74
C VAL QA 88 -91.03 -15.37 -78.63
N ILE QA 89 -90.82 -16.57 -79.18
CA ILE QA 89 -91.80 -17.64 -79.12
C ILE QA 89 -91.11 -18.85 -78.49
N PRO QA 90 -91.60 -19.37 -77.36
CA PRO QA 90 -90.91 -20.47 -76.70
C PRO QA 90 -91.12 -21.79 -77.44
N ARG QA 91 -90.36 -22.79 -77.00
CA ARG QA 91 -90.45 -24.11 -77.64
C ARG QA 91 -91.83 -24.74 -77.43
N VAL QA 92 -92.46 -24.48 -76.29
CA VAL QA 92 -93.71 -25.12 -75.91
C VAL QA 92 -94.87 -24.53 -76.71
N ALA QA 93 -94.58 -23.60 -77.62
CA ALA QA 93 -95.63 -22.88 -78.32
C ALA QA 93 -96.18 -23.71 -79.47
N THR QA 94 -97.50 -23.86 -79.50
CA THR QA 94 -98.17 -24.48 -80.63
C THR QA 94 -97.99 -23.60 -81.86
N ALA QA 95 -97.91 -24.24 -83.04
CA ALA QA 95 -97.74 -23.53 -84.29
C ALA QA 95 -98.88 -22.55 -84.57
N THR QA 96 -100.04 -22.73 -83.98
CA THR QA 96 -101.14 -21.78 -84.13
C THR QA 96 -101.08 -20.63 -83.13
N ASP QA 97 -100.44 -20.85 -81.98
CA ASP QA 97 -100.25 -19.75 -81.02
C ASP QA 97 -99.27 -18.73 -81.55
N ARG QA 98 -98.24 -19.17 -82.27
CA ARG QA 98 -97.25 -18.25 -82.81
C ARG QA 98 -97.88 -17.30 -83.83
N ALA QA 99 -98.66 -17.84 -84.77
CA ALA QA 99 -99.31 -16.99 -85.75
C ALA QA 99 -100.30 -16.04 -85.10
N GLU QA 100 -101.08 -16.55 -84.13
CA GLU QA 100 -102.00 -15.69 -83.39
C GLU QA 100 -101.27 -14.51 -82.76
N ALA QA 101 -100.20 -14.80 -82.02
CA ALA QA 101 -99.48 -13.74 -81.32
C ALA QA 101 -98.89 -12.74 -82.30
N ILE QA 102 -98.25 -13.24 -83.37
CA ILE QA 102 -97.58 -12.32 -84.30
C ILE QA 102 -98.59 -11.40 -84.96
N LYS QA 103 -99.67 -11.98 -85.52
CA LYS QA 103 -100.63 -11.15 -86.22
C LYS QA 103 -101.35 -10.19 -85.28
N ARG QA 104 -101.68 -10.64 -84.06
CA ARG QA 104 -102.34 -9.76 -83.12
C ARG QA 104 -101.45 -8.59 -82.73
N ALA QA 105 -100.18 -8.86 -82.42
CA ALA QA 105 -99.28 -7.79 -82.05
C ALA QA 105 -99.00 -6.84 -83.20
N PHE QA 106 -99.06 -7.33 -84.44
CA PHE QA 106 -98.90 -6.44 -85.58
C PHE QA 106 -100.18 -5.68 -85.91
N ASP QA 107 -101.33 -6.11 -85.38
CA ASP QA 107 -102.57 -5.38 -85.55
C ASP QA 107 -102.67 -4.16 -84.63
N VAL QA 108 -101.63 -3.88 -83.85
CA VAL QA 108 -101.69 -2.75 -82.92
C VAL QA 108 -101.89 -1.45 -83.66
N LEU QA 109 -101.13 -1.24 -84.74
CA LEU QA 109 -101.22 0.02 -85.47
C LEU QA 109 -102.63 0.26 -86.01
N ASN QA 110 -103.32 -0.80 -86.42
CA ASN QA 110 -104.73 -0.64 -86.78
C ASN QA 110 -105.58 -0.34 -85.55
N ALA QA 111 -105.27 -0.97 -84.42
CA ALA QA 111 -106.07 -0.74 -83.21
C ALA QA 111 -105.64 0.53 -82.48
N LEU QA 112 -104.39 0.58 -82.02
CA LEU QA 112 -103.89 1.73 -81.24
C LEU QA 112 -103.18 2.71 -82.18
N ASN QA 113 -103.98 3.35 -83.02
CA ASN QA 113 -103.42 4.07 -84.17
C ASN QA 113 -102.87 5.44 -83.76
N ALA QA 114 -103.74 6.30 -83.25
CA ALA QA 114 -103.42 7.73 -83.14
C ALA QA 114 -102.21 8.01 -82.26
N GLU QA 115 -101.89 7.15 -81.30
CA GLU QA 115 -100.77 7.40 -80.42
C GLU QA 115 -99.43 6.98 -81.02
N LEU QA 116 -99.44 6.22 -82.11
CA LEU QA 116 -98.23 5.82 -82.81
C LEU QA 116 -97.94 6.72 -84.01
N ILE QA 117 -98.93 6.87 -84.89
CA ILE QA 117 -98.73 7.66 -86.10
C ILE QA 117 -98.44 9.12 -85.76
N THR QA 118 -99.23 9.69 -84.85
CA THR QA 118 -99.16 11.12 -84.59
C THR QA 118 -98.20 11.48 -83.48
N GLY QA 119 -97.94 10.56 -82.56
CA GLY QA 119 -97.00 10.81 -81.48
C GLY QA 119 -97.60 11.44 -80.25
N GLU QA 120 -98.89 11.71 -80.23
CA GLU QA 120 -99.52 12.30 -79.06
C GLU QA 120 -99.50 11.33 -77.89
N GLY QA 121 -99.40 11.89 -76.68
CA GLY QA 121 -99.39 11.10 -75.47
C GLY QA 121 -100.77 11.00 -74.88
N GLN QA 122 -101.26 9.77 -74.73
CA GLN QA 122 -102.60 9.56 -74.22
C GLN QA 122 -102.69 9.97 -72.75
N TRP QA 123 -103.85 10.50 -72.38
CA TRP QA 123 -104.08 11.01 -71.03
C TRP QA 123 -105.05 10.12 -70.26
N ALA RA 1 -81.22 -8.19 -110.24
CA ALA RA 1 -79.87 -8.35 -109.73
C ALA RA 1 -79.69 -9.69 -109.05
N ALA RA 2 -80.41 -10.69 -109.53
CA ALA RA 2 -80.26 -12.06 -109.05
C ALA RA 2 -79.03 -12.70 -109.71
N ARG RA 3 -78.56 -13.78 -109.10
CA ARG RA 3 -77.38 -14.46 -109.60
C ARG RA 3 -77.71 -15.29 -110.82
N SER RA 4 -77.02 -15.03 -111.93
CA SER RA 4 -77.20 -15.78 -113.16
C SER RA 4 -75.90 -15.74 -113.93
N SER RA 5 -75.85 -16.46 -115.04
CA SER RA 5 -74.65 -16.51 -115.87
C SER RA 5 -74.40 -15.16 -116.52
N ILE RA 6 -73.12 -14.78 -116.59
CA ILE RA 6 -72.72 -13.53 -117.23
C ILE RA 6 -71.79 -13.86 -118.38
N VAL RA 7 -71.73 -12.95 -119.36
CA VAL RA 7 -71.18 -13.25 -120.68
C VAL RA 7 -70.02 -12.31 -120.99
N LEU RA 8 -69.18 -12.03 -119.98
CA LEU RA 8 -67.95 -11.27 -120.16
C LEU RA 8 -67.30 -11.56 -121.51
N THR RA 9 -66.98 -10.51 -122.24
CA THR RA 9 -66.41 -10.66 -123.57
C THR RA 9 -65.47 -9.51 -123.87
N ASP RA 10 -64.54 -9.74 -124.79
CA ASP RA 10 -63.60 -8.73 -125.24
C ASP RA 10 -63.92 -8.21 -126.63
N GLY RA 11 -64.92 -8.77 -127.29
CA GLY RA 11 -65.26 -8.39 -128.64
C GLY RA 11 -65.07 -9.53 -129.60
N THR RA 12 -64.04 -10.35 -129.37
CA THR RA 12 -63.74 -11.46 -130.25
C THR RA 12 -64.34 -12.78 -129.74
N THR RA 13 -63.97 -13.18 -128.53
CA THR RA 13 -64.40 -14.46 -127.96
C THR RA 13 -65.11 -14.21 -126.64
N PRO RA 14 -66.42 -14.44 -126.56
CA PRO RA 14 -67.11 -14.31 -125.28
C PRO RA 14 -66.88 -15.53 -124.40
N VAL RA 15 -66.81 -15.28 -123.10
CA VAL RA 15 -66.69 -16.34 -122.10
C VAL RA 15 -67.89 -16.23 -121.16
N THR RA 16 -68.56 -17.35 -120.92
CA THR RA 16 -69.77 -17.38 -120.11
C THR RA 16 -69.43 -17.92 -118.73
N LEU RA 17 -69.49 -17.05 -117.72
CA LEU RA 17 -69.22 -17.44 -116.35
C LEU RA 17 -70.53 -17.75 -115.64
N THR RA 18 -70.59 -18.90 -114.97
CA THR RA 18 -71.76 -19.26 -114.20
C THR RA 18 -71.43 -19.24 -112.71
N PRO RA 19 -72.39 -18.94 -111.84
CA PRO RA 19 -72.11 -18.90 -110.40
C PRO RA 19 -71.69 -20.27 -109.88
N VAL RA 20 -70.76 -20.27 -108.95
CA VAL RA 20 -70.32 -21.50 -108.31
C VAL RA 20 -70.29 -21.31 -106.79
N GLY RA 21 -71.06 -20.35 -106.30
CA GLY RA 21 -71.20 -20.23 -104.86
C GLY RA 21 -71.10 -18.83 -104.30
N GLY RA 22 -70.65 -18.71 -103.06
CA GLY RA 22 -70.38 -17.43 -102.44
C GLY RA 22 -71.20 -17.11 -101.22
N GLY RA 23 -72.51 -17.35 -101.26
CA GLY RA 23 -73.35 -16.98 -100.15
C GLY RA 23 -73.69 -15.51 -100.13
N VAL RA 24 -73.92 -14.94 -98.95
CA VAL RA 24 -74.30 -13.54 -98.81
C VAL RA 24 -73.03 -12.71 -98.68
N GLY RA 25 -73.03 -11.54 -99.32
CA GLY RA 25 -71.88 -10.67 -99.30
C GLY RA 25 -70.85 -10.94 -100.36
N GLN RA 26 -71.04 -11.94 -101.21
CA GLN RA 26 -70.11 -12.21 -102.30
C GLN RA 26 -70.77 -13.15 -103.29
N THR RA 27 -70.10 -13.37 -104.41
CA THR RA 27 -70.56 -14.27 -105.45
C THR RA 27 -69.37 -14.69 -106.28
N LEU RA 28 -69.13 -15.99 -106.37
CA LEU RA 28 -68.03 -16.52 -107.16
C LEU RA 28 -68.56 -17.03 -108.49
N TYR RA 29 -67.85 -16.73 -109.56
CA TYR RA 29 -68.21 -17.18 -110.89
C TYR RA 29 -67.12 -18.06 -111.44
N ARG RA 30 -67.44 -18.82 -112.48
CA ARG RA 30 -66.45 -19.62 -113.19
C ARG RA 30 -67.02 -20.13 -114.50
N ALA RA 31 -66.21 -20.11 -115.56
CA ALA RA 31 -66.63 -20.64 -116.85
C ALA RA 31 -66.51 -22.16 -116.84
N THR RA 32 -66.95 -22.80 -117.92
CA THR RA 32 -66.84 -24.25 -117.99
C THR RA 32 -65.45 -24.68 -118.44
N ALA RA 33 -65.11 -24.41 -119.70
CA ALA RA 33 -63.83 -24.80 -120.30
C ALA RA 33 -63.38 -26.17 -119.79
N GLU RA 34 -64.31 -27.12 -119.83
CA GLU RA 34 -64.16 -28.37 -119.10
C GLU RA 34 -62.94 -29.15 -119.58
N ALA RA 35 -62.36 -29.93 -118.66
CA ALA RA 35 -61.23 -30.79 -118.99
C ALA RA 35 -60.05 -29.96 -119.54
N LEU RA 36 -59.44 -29.19 -118.64
CA LEU RA 36 -59.48 -29.29 -117.20
C LEU RA 36 -60.44 -28.29 -116.56
N SER RA 37 -60.86 -28.56 -115.32
CA SER RA 37 -61.83 -27.70 -114.64
C SER RA 37 -61.18 -26.53 -113.91
N ALA RA 38 -59.89 -26.58 -113.65
CA ALA RA 38 -59.17 -25.47 -113.03
C ALA RA 38 -58.56 -24.51 -114.05
N ALA RA 39 -58.68 -24.82 -115.33
CA ALA RA 39 -58.14 -23.97 -116.38
C ALA RA 39 -59.25 -23.16 -117.06
N ASN RA 40 -59.90 -22.30 -116.29
CA ASN RA 40 -60.93 -21.42 -116.84
C ASN RA 40 -61.05 -20.21 -115.93
N PRO RA 41 -61.49 -19.07 -116.47
CA PRO RA 41 -61.50 -17.82 -115.70
C PRO RA 41 -62.55 -17.82 -114.60
N SER RA 42 -62.35 -16.91 -113.64
CA SER RA 42 -63.24 -16.76 -112.50
C SER RA 42 -63.37 -15.28 -112.17
N LEU RA 43 -64.47 -14.93 -111.50
CA LEU RA 43 -64.85 -13.53 -111.26
C LEU RA 43 -65.29 -13.32 -109.80
N SER RA 44 -64.43 -13.65 -108.85
CA SER RA 44 -64.79 -13.48 -107.45
C SER RA 44 -65.24 -12.06 -107.17
N PHE RA 45 -66.52 -11.88 -106.85
CA PHE RA 45 -67.12 -10.56 -106.69
C PHE RA 45 -67.75 -10.46 -105.31
N GLY RA 46 -67.26 -9.53 -104.48
CA GLY RA 46 -67.80 -9.31 -103.17
C GLY RA 46 -68.23 -7.86 -102.96
N TYR RA 47 -68.98 -7.64 -101.89
CA TYR RA 47 -69.54 -6.32 -101.59
C TYR RA 47 -70.01 -6.32 -100.14
N ARG RA 48 -69.98 -5.15 -99.53
CA ARG RA 48 -70.40 -5.01 -98.14
C ARG RA 48 -70.63 -3.53 -97.84
N PHE RA 49 -71.22 -3.25 -96.69
CA PHE RA 49 -71.43 -1.90 -96.19
C PHE RA 49 -70.85 -1.81 -94.79
N THR RA 50 -70.02 -0.79 -94.56
CA THR RA 50 -69.39 -0.60 -93.26
C THR RA 50 -70.34 0.12 -92.32
N ASP RA 51 -69.79 0.64 -91.21
CA ASP RA 51 -70.58 1.36 -90.22
C ASP RA 51 -71.42 2.46 -90.87
N GLY RA 52 -70.82 3.20 -91.79
CA GLY RA 52 -71.55 4.20 -92.54
C GLY RA 52 -72.26 3.60 -93.73
N GLY RA 53 -72.38 4.36 -94.81
CA GLY RA 53 -72.95 3.84 -96.03
C GLY RA 53 -71.86 3.54 -97.04
N THR RA 54 -70.63 3.39 -96.56
CA THR RA 54 -69.47 3.21 -97.42
C THR RA 54 -69.58 1.86 -98.11
N ASN RA 55 -70.01 1.88 -99.36
CA ASN RA 55 -70.17 0.66 -100.16
C ASN RA 55 -68.80 0.26 -100.68
N ARG RA 56 -68.30 -0.88 -100.22
CA ARG RA 56 -66.98 -1.38 -100.64
C ARG RA 56 -67.17 -2.62 -101.51
N GLN RA 57 -67.28 -2.40 -102.81
CA GLN RA 57 -67.35 -3.51 -103.74
C GLN RA 57 -65.94 -3.93 -104.16
N SER RA 58 -65.82 -5.17 -104.61
CA SER RA 58 -64.51 -5.69 -104.96
C SER RA 58 -64.62 -6.84 -105.96
N LEU RA 59 -63.94 -6.72 -107.09
CA LEU RA 59 -63.95 -7.76 -108.10
C LEU RA 59 -62.54 -8.28 -108.31
N SER RA 60 -62.45 -9.57 -108.60
CA SER RA 60 -61.15 -10.17 -108.89
C SER RA 60 -61.37 -11.17 -110.01
N TYR RA 61 -60.88 -10.84 -111.20
CA TYR RA 61 -61.03 -11.67 -112.38
C TYR RA 61 -59.70 -12.35 -112.65
N LYS RA 62 -59.69 -13.67 -112.63
CA LYS RA 62 -58.48 -14.46 -112.87
C LYS RA 62 -58.67 -15.29 -114.12
N GLN RA 63 -57.74 -15.19 -115.05
CA GLN RA 63 -57.77 -15.99 -116.26
C GLN RA 63 -56.48 -16.81 -116.34
N PRO RA 64 -56.54 -18.13 -116.26
CA PRO RA 64 -55.33 -18.93 -116.32
C PRO RA 64 -54.88 -19.15 -117.76
N ILE RA 65 -53.57 -19.33 -117.92
CA ILE RA 65 -52.94 -19.49 -119.21
C ILE RA 65 -52.74 -20.99 -119.44
N THR RA 66 -53.42 -21.52 -120.44
CA THR RA 66 -53.43 -22.94 -120.72
C THR RA 66 -52.39 -23.29 -121.77
N ALA RA 67 -52.08 -24.58 -121.87
CA ALA RA 67 -51.13 -25.08 -122.86
C ALA RA 67 -51.42 -26.55 -123.07
N VAL RA 68 -52.01 -26.89 -124.22
CA VAL RA 68 -52.39 -28.28 -124.50
C VAL RA 68 -51.13 -29.06 -124.85
N ASP RA 69 -50.71 -29.95 -123.96
CA ASP RA 69 -49.51 -30.76 -124.15
C ASP RA 69 -49.84 -31.88 -125.13
N SER RA 70 -49.48 -31.70 -126.40
CA SER RA 70 -49.84 -32.66 -127.43
C SER RA 70 -49.22 -34.03 -127.21
N THR RA 71 -48.10 -34.09 -126.49
CA THR RA 71 -47.46 -35.38 -126.21
C THR RA 71 -48.36 -36.26 -125.36
N THR RA 72 -48.86 -35.73 -124.25
CA THR RA 72 -49.69 -36.47 -123.32
C THR RA 72 -51.18 -36.21 -123.53
N SER RA 73 -51.53 -35.10 -124.20
CA SER RA 73 -52.91 -34.67 -124.43
C SER RA 73 -53.60 -34.33 -123.10
N GLU RA 74 -52.96 -33.44 -122.36
CA GLU RA 74 -53.52 -32.91 -121.12
C GLU RA 74 -53.28 -31.41 -121.09
N THR RA 75 -54.21 -30.69 -120.46
CA THR RA 75 -54.11 -29.25 -120.37
C THR RA 75 -53.31 -28.86 -119.13
N LEU RA 76 -52.26 -28.06 -119.33
CA LEU RA 76 -51.41 -27.62 -118.24
C LEU RA 76 -51.65 -26.14 -117.99
N VAL RA 77 -51.51 -25.72 -116.73
CA VAL RA 77 -51.74 -24.35 -116.33
C VAL RA 77 -50.40 -23.73 -115.97
N ARG RA 78 -50.02 -22.68 -116.70
CA ARG RA 78 -48.71 -22.05 -116.56
C ARG RA 78 -48.73 -20.85 -115.62
N GLY RA 79 -49.88 -20.21 -115.46
CA GLY RA 79 -49.98 -19.04 -114.63
C GLY RA 79 -51.36 -18.45 -114.78
N GLN RA 80 -51.55 -17.25 -114.22
CA GLN RA 80 -52.84 -16.60 -114.36
C GLN RA 80 -52.69 -15.09 -114.38
N CYS RA 81 -53.42 -14.45 -115.28
CA CYS RA 81 -53.55 -13.00 -115.28
C CYS RA 81 -54.66 -12.61 -114.31
N VAL RA 82 -54.33 -11.74 -113.37
CA VAL RA 82 -55.24 -11.34 -112.30
C VAL RA 82 -55.54 -9.86 -112.45
N VAL RA 83 -56.81 -9.50 -112.42
CA VAL RA 83 -57.24 -8.10 -112.45
C VAL RA 83 -58.13 -7.86 -111.25
N ASP RA 84 -57.70 -6.98 -110.35
CA ASP RA 84 -58.48 -6.60 -109.18
C ASP RA 84 -59.06 -5.21 -109.38
N ILE RA 85 -60.31 -5.04 -108.96
CA ILE RA 85 -61.01 -3.77 -109.11
C ILE RA 85 -61.73 -3.52 -107.78
N ASN RA 86 -61.15 -2.66 -106.94
CA ASN RA 86 -61.81 -2.28 -105.71
C ASN RA 86 -62.53 -0.95 -105.91
N ILE RA 87 -63.74 -0.87 -105.36
CA ILE RA 87 -64.58 0.31 -105.49
C ILE RA 87 -65.04 0.72 -104.11
N VAL RA 88 -64.69 1.93 -103.68
CA VAL RA 88 -65.12 2.47 -102.41
C VAL RA 88 -66.01 3.67 -102.68
N ILE RA 89 -67.22 3.65 -102.16
CA ILE RA 89 -68.15 4.76 -102.35
C ILE RA 89 -68.55 5.28 -100.97
N PRO RA 90 -68.27 6.54 -100.64
CA PRO RA 90 -68.53 7.02 -99.29
C PRO RA 90 -70.01 7.18 -98.99
N ARG RA 91 -70.30 7.50 -97.73
CA ARG RA 91 -71.67 7.64 -97.27
C ARG RA 91 -72.38 8.83 -97.94
N VAL RA 92 -71.63 9.82 -98.40
CA VAL RA 92 -72.19 11.09 -98.84
C VAL RA 92 -72.32 11.18 -100.36
N ALA RA 93 -72.17 10.06 -101.06
CA ALA RA 93 -72.09 10.08 -102.52
C ALA RA 93 -73.48 10.00 -103.13
N THR RA 94 -73.78 10.93 -104.03
CA THR RA 94 -75.05 10.93 -104.73
C THR RA 94 -75.13 9.74 -105.68
N ALA RA 95 -76.37 9.41 -106.08
CA ALA RA 95 -76.60 8.26 -106.95
C ALA RA 95 -76.10 8.46 -108.37
N THR RA 96 -75.88 9.70 -108.81
CA THR RA 96 -75.31 9.96 -110.12
C THR RA 96 -73.80 10.13 -110.10
N ASP RA 97 -73.25 10.59 -108.97
CA ASP RA 97 -71.80 10.63 -108.83
C ASP RA 97 -71.20 9.23 -108.83
N ARG RA 98 -71.93 8.25 -108.29
CA ARG RA 98 -71.49 6.87 -108.38
C ARG RA 98 -71.33 6.44 -109.83
N ALA RA 99 -72.35 6.68 -110.65
CA ALA RA 99 -72.27 6.30 -112.05
C ALA RA 99 -71.15 7.04 -112.76
N GLU RA 100 -71.02 8.35 -112.48
CA GLU RA 100 -69.94 9.12 -113.09
C GLU RA 100 -68.58 8.52 -112.75
N ALA RA 101 -68.32 8.29 -111.46
CA ALA RA 101 -67.01 7.80 -111.03
C ALA RA 101 -66.73 6.42 -111.62
N ILE RA 102 -67.71 5.52 -111.55
CA ILE RA 102 -67.49 4.15 -112.01
C ILE RA 102 -67.26 4.12 -113.52
N LYS RA 103 -68.13 4.78 -114.28
CA LYS RA 103 -67.99 4.72 -115.73
C LYS RA 103 -66.77 5.50 -116.22
N ARG RA 104 -66.28 6.45 -115.41
CA ARG RA 104 -65.04 7.13 -115.78
C ARG RA 104 -63.83 6.26 -115.47
N ALA RA 105 -63.82 5.59 -114.33
CA ALA RA 105 -62.69 4.72 -113.98
C ALA RA 105 -62.59 3.55 -114.96
N PHE RA 106 -63.72 2.96 -115.32
CA PHE RA 106 -63.71 1.87 -116.29
C PHE RA 106 -63.47 2.35 -117.72
N ASP RA 107 -63.44 3.66 -117.94
CA ASP RA 107 -63.11 4.22 -119.25
C ASP RA 107 -61.62 4.41 -119.43
N VAL RA 108 -60.80 4.03 -118.45
CA VAL RA 108 -59.36 4.17 -118.59
C VAL RA 108 -58.85 3.34 -119.76
N LEU RA 109 -59.38 2.13 -119.92
CA LEU RA 109 -58.95 1.26 -121.00
C LEU RA 109 -59.06 1.93 -122.36
N ASN RA 110 -60.02 2.83 -122.53
CA ASN RA 110 -60.13 3.58 -123.77
C ASN RA 110 -59.21 4.79 -123.79
N ALA RA 111 -58.79 5.28 -122.62
CA ALA RA 111 -57.87 6.41 -122.58
C ALA RA 111 -56.42 5.95 -122.50
N LEU RA 112 -56.10 5.14 -121.50
CA LEU RA 112 -54.74 4.64 -121.30
C LEU RA 112 -54.60 3.26 -121.94
N ASN RA 113 -54.92 3.19 -123.23
CA ASN RA 113 -55.11 1.92 -123.91
C ASN RA 113 -53.78 1.21 -124.14
N ALA RA 114 -52.82 1.90 -124.78
CA ALA RA 114 -51.58 1.23 -125.15
C ALA RA 114 -50.78 0.79 -123.94
N GLU RA 115 -50.92 1.48 -122.81
CA GLU RA 115 -50.18 1.10 -121.62
C GLU RA 115 -50.76 -0.11 -120.92
N LEU RA 116 -51.92 -0.60 -121.35
CA LEU RA 116 -52.57 -1.73 -120.71
C LEU RA 116 -52.71 -2.92 -121.65
N ILE RA 117 -53.16 -2.70 -122.88
CA ILE RA 117 -53.39 -3.80 -123.80
C ILE RA 117 -52.06 -4.43 -124.24
N THR RA 118 -51.07 -3.60 -124.55
CA THR RA 118 -49.78 -4.09 -125.02
C THR RA 118 -48.73 -4.19 -123.91
N GLY RA 119 -48.87 -3.42 -122.84
CA GLY RA 119 -47.96 -3.50 -121.73
C GLY RA 119 -46.84 -2.48 -121.73
N GLU RA 120 -46.88 -1.48 -122.61
CA GLU RA 120 -45.84 -0.49 -122.68
C GLU RA 120 -45.80 0.35 -121.41
N GLY RA 121 -44.83 1.24 -121.35
CA GLY RA 121 -44.81 2.29 -120.35
C GLY RA 121 -44.65 3.61 -121.05
N GLN RA 122 -45.37 4.62 -120.57
CA GLN RA 122 -45.33 5.92 -121.21
C GLN RA 122 -44.00 6.61 -120.95
N TRP RA 123 -43.43 7.18 -122.00
CA TRP RA 123 -42.11 7.77 -121.90
C TRP RA 123 -42.14 9.30 -121.85
N ALA SA 1 -47.97 5.70 -125.61
CA ALA SA 1 -47.25 6.86 -126.09
C ALA SA 1 -46.75 7.70 -124.92
N ALA SA 2 -46.31 8.91 -125.22
CA ALA SA 2 -45.77 9.78 -124.19
C ALA SA 2 -46.88 10.28 -123.27
N ARG SA 3 -46.49 10.78 -122.11
CA ARG SA 3 -47.45 11.36 -121.17
C ARG SA 3 -48.19 12.50 -121.84
N SER SA 4 -49.50 12.36 -122.01
CA SER SA 4 -50.29 13.41 -122.65
C SER SA 4 -51.55 13.67 -121.86
N SER SA 5 -52.49 14.41 -122.44
CA SER SA 5 -53.76 14.70 -121.81
C SER SA 5 -54.78 13.64 -122.18
N ILE SA 6 -55.38 13.00 -121.18
CA ILE SA 6 -56.37 11.97 -121.39
C ILE SA 6 -57.76 12.56 -121.16
N VAL SA 7 -58.77 11.92 -121.77
CA VAL SA 7 -60.11 12.48 -121.87
C VAL SA 7 -61.12 11.56 -121.19
N LEU SA 8 -60.74 10.99 -120.04
CA LEU SA 8 -61.61 10.13 -119.24
C LEU SA 8 -63.03 10.66 -119.20
N THR SA 9 -63.97 9.85 -119.68
CA THR SA 9 -65.36 10.27 -119.84
C THR SA 9 -66.29 9.16 -119.38
N ASP SA 10 -67.59 9.39 -119.52
CA ASP SA 10 -68.58 8.36 -119.22
C ASP SA 10 -69.70 8.32 -120.24
N GLY SA 11 -69.58 9.02 -121.37
CA GLY SA 11 -70.60 9.10 -122.38
C GLY SA 11 -71.34 10.42 -122.39
N THR SA 12 -71.41 11.11 -121.24
CA THR SA 12 -72.10 12.39 -121.15
C THR SA 12 -71.17 13.53 -120.75
N THR SA 13 -70.41 13.37 -119.68
CA THR SA 13 -69.61 14.46 -119.12
C THR SA 13 -68.13 14.10 -119.14
N PRO SA 14 -67.38 14.51 -120.16
CA PRO SA 14 -65.95 14.20 -120.20
C PRO SA 14 -65.16 15.06 -119.23
N VAL SA 15 -63.99 14.55 -118.86
CA VAL SA 15 -63.04 15.25 -118.01
C VAL SA 15 -61.65 15.06 -118.61
N THR SA 16 -60.92 16.16 -118.78
CA THR SA 16 -59.58 16.12 -119.34
C THR SA 16 -58.55 16.19 -118.22
N LEU SA 17 -57.61 15.25 -118.23
CA LEU SA 17 -56.60 15.13 -117.18
C LEU SA 17 -55.22 15.29 -117.79
N THR SA 18 -54.39 16.13 -117.17
CA THR SA 18 -53.03 16.34 -117.65
C THR SA 18 -52.02 15.97 -116.56
N PRO SA 19 -50.88 15.39 -116.93
CA PRO SA 19 -49.95 14.87 -115.92
C PRO SA 19 -49.46 15.96 -114.98
N VAL SA 20 -49.33 15.61 -113.70
CA VAL SA 20 -49.06 16.58 -112.65
C VAL SA 20 -47.85 16.09 -111.86
N GLY SA 21 -47.12 15.16 -112.43
CA GLY SA 21 -45.90 14.73 -111.78
C GLY SA 21 -45.68 13.24 -111.94
N GLY SA 22 -45.09 12.64 -110.93
CA GLY SA 22 -44.79 11.22 -110.96
C GLY SA 22 -43.31 10.92 -111.02
N GLY SA 23 -42.91 10.05 -111.95
CA GLY SA 23 -41.52 9.66 -112.07
C GLY SA 23 -41.33 8.58 -113.13
N VAL SA 24 -40.56 7.55 -112.81
CA VAL SA 24 -40.41 6.39 -113.68
C VAL SA 24 -41.34 5.29 -113.17
N GLY SA 25 -42.17 4.76 -114.07
CA GLY SA 25 -43.18 3.82 -113.65
C GLY SA 25 -44.14 4.45 -112.67
N GLN SA 26 -44.55 5.69 -112.94
CA GLN SA 26 -45.51 6.42 -112.11
C GLN SA 26 -45.94 7.66 -112.88
N THR SA 27 -47.23 7.97 -112.84
CA THR SA 27 -47.77 9.09 -113.60
C THR SA 27 -49.04 9.58 -112.92
N LEU SA 28 -48.96 10.76 -112.30
CA LEU SA 28 -50.15 11.36 -111.73
C LEU SA 28 -50.98 12.02 -112.83
N TYR SA 29 -52.19 12.41 -112.46
CA TYR SA 29 -53.07 13.14 -113.36
C TYR SA 29 -53.96 14.04 -112.52
N ARG SA 30 -54.59 15.01 -113.16
CA ARG SA 30 -55.59 15.87 -112.53
C ARG SA 30 -56.23 16.71 -113.62
N ALA SA 31 -57.40 17.28 -113.31
CA ALA SA 31 -58.16 18.09 -114.24
C ALA SA 31 -57.89 19.58 -113.99
N THR SA 32 -58.66 20.44 -114.66
CA THR SA 32 -58.37 21.87 -114.71
C THR SA 32 -58.99 22.66 -113.57
N ALA SA 33 -60.15 22.25 -113.06
CA ALA SA 33 -60.84 23.02 -112.02
C ALA SA 33 -60.00 23.10 -110.75
N GLU SA 34 -60.22 24.14 -109.95
CA GLU SA 34 -59.36 24.47 -108.82
C GLU SA 34 -60.18 24.51 -107.54
N ALA SA 35 -59.68 23.84 -106.51
CA ALA SA 35 -60.33 23.83 -105.21
C ALA SA 35 -59.26 23.73 -104.13
N LEU SA 36 -59.68 23.75 -102.86
CA LEU SA 36 -58.76 23.89 -101.74
C LEU SA 36 -58.30 22.55 -101.19
N SER SA 37 -59.22 21.68 -100.78
CA SER SA 37 -58.86 20.41 -100.17
C SER SA 37 -58.70 19.31 -101.21
N ALA SA 38 -59.75 19.03 -101.97
CA ALA SA 38 -59.71 18.04 -103.04
C ALA SA 38 -60.05 18.74 -104.34
N ALA SA 39 -59.09 18.82 -105.24
CA ALA SA 39 -59.27 19.62 -106.44
C ALA SA 39 -60.12 18.89 -107.47
N ASN SA 40 -59.62 17.78 -107.98
CA ASN SA 40 -60.22 17.14 -109.15
C ASN SA 40 -60.01 15.64 -109.10
N PRO SA 41 -60.56 14.89 -110.06
CA PRO SA 41 -60.17 13.47 -110.19
C PRO SA 41 -58.67 13.36 -110.43
N SER SA 42 -58.07 12.34 -109.81
CA SER SA 42 -56.61 12.16 -109.83
C SER SA 42 -56.30 10.70 -110.13
N LEU SA 43 -56.00 10.40 -111.39
CA LEU SA 43 -55.76 9.04 -111.85
C LEU SA 43 -54.27 8.73 -111.75
N SER SA 44 -53.88 8.05 -110.68
CA SER SA 44 -52.49 7.63 -110.55
C SER SA 44 -52.27 6.28 -111.24
N PHE SA 45 -51.11 6.14 -111.89
CA PHE SA 45 -50.80 4.98 -112.72
C PHE SA 45 -49.39 4.51 -112.38
N GLY SA 46 -49.28 3.32 -111.78
CA GLY SA 46 -48.03 2.91 -111.16
C GLY SA 46 -47.36 1.65 -111.68
N TYR SA 47 -47.28 1.49 -113.00
CA TYR SA 47 -46.74 0.26 -113.58
C TYR SA 47 -45.29 0.03 -113.19
N ARG SA 48 -44.89 -1.24 -113.20
CA ARG SA 48 -43.53 -1.66 -112.89
C ARG SA 48 -43.35 -3.10 -113.38
N PHE SA 49 -42.16 -3.64 -113.16
CA PHE SA 49 -41.84 -5.03 -113.46
C PHE SA 49 -41.29 -5.69 -112.21
N THR SA 50 -40.95 -6.97 -112.32
CA THR SA 50 -40.60 -7.78 -111.15
C THR SA 50 -39.52 -8.77 -111.59
N ASP SA 51 -39.31 -9.81 -110.79
CA ASP SA 51 -38.27 -10.81 -111.07
C ASP SA 51 -38.44 -11.42 -112.46
N GLY SA 52 -39.66 -11.84 -112.78
CA GLY SA 52 -39.99 -12.29 -114.11
C GLY SA 52 -40.50 -11.15 -114.96
N GLY SA 53 -41.30 -11.51 -115.96
CA GLY SA 53 -41.97 -10.50 -116.75
C GLY SA 53 -43.26 -10.08 -116.09
N THR SA 54 -43.31 -10.18 -114.76
CA THR SA 54 -44.55 -9.95 -114.02
C THR SA 54 -44.90 -8.47 -114.03
N ASN SA 55 -45.64 -8.06 -115.05
CA ASN SA 55 -46.00 -6.65 -115.23
C ASN SA 55 -47.08 -6.29 -114.21
N ARG SA 56 -46.67 -5.69 -113.10
CA ARG SA 56 -47.57 -5.37 -112.01
C ARG SA 56 -48.09 -3.94 -112.15
N GLN SA 57 -48.93 -3.73 -113.16
CA GLN SA 57 -49.55 -2.42 -113.32
C GLN SA 57 -50.52 -2.16 -112.17
N SER SA 58 -50.81 -0.88 -111.95
CA SER SA 58 -51.65 -0.48 -110.83
C SER SA 58 -52.20 0.90 -111.11
N LEU SA 59 -53.49 1.09 -110.82
CA LEU SA 59 -54.17 2.33 -111.08
C LEU SA 59 -54.93 2.75 -109.83
N SER SA 60 -55.32 4.03 -109.82
CA SER SA 60 -56.20 4.53 -108.76
C SER SA 60 -56.87 5.82 -109.22
N TYR SA 61 -58.18 5.80 -109.40
CA TYR SA 61 -58.93 6.94 -109.90
C TYR SA 61 -59.81 7.47 -108.78
N LYS SA 62 -59.48 8.65 -108.26
CA LYS SA 62 -60.26 9.27 -107.22
C LYS SA 62 -61.03 10.45 -107.81
N GLN SA 63 -62.34 10.48 -107.58
CA GLN SA 63 -63.19 11.59 -107.98
C GLN SA 63 -63.79 12.21 -106.73
N PRO SA 64 -63.47 13.46 -106.40
CA PRO SA 64 -63.97 14.04 -105.16
C PRO SA 64 -65.45 14.38 -105.24
N ILE SA 65 -66.17 13.96 -104.20
CA ILE SA 65 -67.58 14.30 -104.02
C ILE SA 65 -67.60 15.70 -103.44
N THR SA 66 -68.12 16.66 -104.21
CA THR SA 66 -68.10 18.07 -103.84
C THR SA 66 -69.42 18.71 -104.21
N ALA SA 67 -69.76 19.77 -103.48
CA ALA SA 67 -70.91 20.62 -103.77
C ALA SA 67 -70.50 22.07 -103.56
N VAL SA 68 -70.88 22.93 -104.49
CA VAL SA 68 -70.43 24.33 -104.46
C VAL SA 68 -71.19 25.08 -103.39
N ASP SA 69 -70.46 25.84 -102.56
CA ASP SA 69 -71.06 26.67 -101.55
C ASP SA 69 -71.64 27.94 -102.17
N SER SA 70 -72.48 28.62 -101.41
CA SER SA 70 -73.00 29.91 -101.83
C SER SA 70 -72.15 31.04 -101.27
N THR SA 71 -71.94 32.06 -102.09
CA THR SA 71 -71.20 33.28 -101.79
C THR SA 71 -69.70 33.06 -101.61
N THR SA 72 -69.22 31.81 -101.67
CA THR SA 72 -67.80 31.51 -101.54
C THR SA 72 -67.36 30.63 -102.70
N SER SA 73 -66.20 30.94 -103.26
CA SER SA 73 -65.65 30.22 -104.40
C SER SA 73 -64.67 29.12 -103.97
N GLU SA 74 -65.14 28.21 -103.10
CA GLU SA 74 -64.30 27.14 -102.60
C GLU SA 74 -64.88 25.75 -102.84
N THR SA 75 -66.09 25.66 -103.39
CA THR SA 75 -66.72 24.41 -103.84
C THR SA 75 -66.45 23.25 -102.89
N LEU SA 76 -66.95 23.37 -101.65
CA LEU SA 76 -66.70 22.40 -100.58
C LEU SA 76 -66.78 20.96 -101.07
N VAL SA 77 -65.76 20.18 -100.74
CA VAL SA 77 -65.69 18.77 -101.10
C VAL SA 77 -66.15 17.94 -99.91
N ARG SA 78 -66.90 16.88 -100.19
CA ARG SA 78 -67.49 16.05 -99.14
C ARG SA 78 -66.86 14.68 -99.02
N GLY SA 79 -66.31 14.14 -100.08
CA GLY SA 79 -65.70 12.82 -100.03
C GLY SA 79 -64.90 12.50 -101.27
N GLN SA 80 -64.73 11.20 -101.54
CA GLN SA 80 -64.04 10.76 -102.75
C GLN SA 80 -64.39 9.32 -103.09
N CYS SA 81 -64.68 9.06 -104.37
CA CYS SA 81 -65.05 7.72 -104.84
C CYS SA 81 -63.80 7.03 -105.37
N VAL SA 82 -63.07 6.37 -104.48
CA VAL SA 82 -61.85 5.66 -104.88
C VAL SA 82 -62.19 4.44 -105.70
N VAL SA 83 -61.47 4.25 -106.80
CA VAL SA 83 -61.63 3.05 -107.63
C VAL SA 83 -60.26 2.52 -108.04
N ASP SA 84 -59.77 1.52 -107.32
CA ASP SA 84 -58.46 0.94 -107.61
C ASP SA 84 -58.58 -0.16 -108.65
N ILE SA 85 -57.57 -0.28 -109.50
CA ILE SA 85 -57.50 -1.33 -110.51
C ILE SA 85 -56.08 -1.87 -110.57
N ASN SA 86 -55.86 -3.05 -110.01
CA ASN SA 86 -54.54 -3.66 -110.01
C ASN SA 86 -54.48 -4.81 -111.01
N ILE SA 87 -53.41 -4.85 -111.79
CA ILE SA 87 -53.23 -5.84 -112.84
C ILE SA 87 -51.92 -6.57 -112.62
N VAL SA 88 -51.96 -7.89 -112.70
CA VAL SA 88 -50.77 -8.73 -112.55
C VAL SA 88 -50.76 -9.72 -113.70
N ILE SA 89 -49.86 -9.52 -114.64
CA ILE SA 89 -49.76 -10.35 -115.85
C ILE SA 89 -48.46 -11.13 -115.78
N PRO SA 90 -48.48 -12.46 -115.88
CA PRO SA 90 -47.26 -13.23 -115.66
C PRO SA 90 -46.29 -13.10 -116.82
N ARG SA 91 -45.12 -13.73 -116.68
CA ARG SA 91 -44.13 -13.69 -117.74
C ARG SA 91 -44.57 -14.47 -118.98
N VAL SA 92 -45.30 -15.57 -118.80
CA VAL SA 92 -45.60 -16.50 -119.89
C VAL SA 92 -46.83 -16.05 -120.66
N ALA SA 93 -47.34 -14.86 -120.36
CA ALA SA 93 -48.61 -14.41 -120.92
C ALA SA 93 -48.41 -13.84 -122.31
N THR SA 94 -48.86 -14.59 -123.32
CA THR SA 94 -48.84 -14.11 -124.69
C THR SA 94 -49.68 -12.83 -124.80
N ALA SA 95 -49.21 -11.90 -125.63
CA ALA SA 95 -49.86 -10.59 -125.73
C ALA SA 95 -51.32 -10.68 -126.15
N THR SA 96 -51.71 -11.75 -126.85
CA THR SA 96 -53.13 -11.97 -127.11
C THR SA 96 -53.88 -12.32 -125.82
N ASP SA 97 -53.28 -13.18 -124.99
CA ASP SA 97 -53.90 -13.55 -123.73
C ASP SA 97 -54.03 -12.34 -122.80
N ARG SA 98 -53.01 -11.47 -122.76
CA ARG SA 98 -53.11 -10.30 -121.91
C ARG SA 98 -54.20 -9.35 -122.39
N ALA SA 99 -54.31 -9.14 -123.70
CA ALA SA 99 -55.38 -8.30 -124.22
C ALA SA 99 -56.75 -8.88 -123.89
N GLU SA 100 -56.90 -10.19 -124.06
CA GLU SA 100 -58.16 -10.83 -123.70
C GLU SA 100 -58.47 -10.64 -122.22
N ALA SA 101 -57.48 -10.85 -121.36
CA ALA SA 101 -57.72 -10.74 -119.92
C ALA SA 101 -58.14 -9.33 -119.54
N ILE SA 102 -57.44 -8.33 -120.07
CA ILE SA 102 -57.75 -6.95 -119.69
C ILE SA 102 -59.12 -6.55 -120.23
N LYS SA 103 -59.40 -6.85 -121.49
CA LYS SA 103 -60.66 -6.41 -122.08
C LYS SA 103 -61.84 -7.18 -121.50
N ARG SA 104 -61.61 -8.39 -121.00
CA ARG SA 104 -62.67 -9.12 -120.32
C ARG SA 104 -62.89 -8.61 -118.91
N ALA SA 105 -61.81 -8.23 -118.21
CA ALA SA 105 -61.97 -7.67 -116.88
C ALA SA 105 -62.70 -6.34 -116.93
N PHE SA 106 -62.40 -5.51 -117.92
CA PHE SA 106 -63.05 -4.21 -118.02
C PHE SA 106 -64.43 -4.29 -118.65
N ASP SA 107 -64.89 -5.47 -119.04
CA ASP SA 107 -66.25 -5.66 -119.52
C ASP SA 107 -67.21 -6.05 -118.41
N VAL SA 108 -66.75 -6.07 -117.16
CA VAL SA 108 -67.64 -6.41 -116.06
C VAL SA 108 -68.73 -5.36 -115.93
N LEU SA 109 -68.40 -4.09 -116.15
CA LEU SA 109 -69.37 -3.01 -116.01
C LEU SA 109 -70.57 -3.21 -116.91
N ASN SA 110 -70.39 -3.84 -118.06
CA ASN SA 110 -71.50 -4.10 -118.97
C ASN SA 110 -72.22 -5.42 -118.67
N ALA SA 111 -71.66 -6.26 -117.81
CA ALA SA 111 -72.30 -7.52 -117.44
C ALA SA 111 -72.83 -7.49 -116.01
N LEU SA 112 -72.01 -7.05 -115.07
CA LEU SA 112 -72.40 -6.89 -113.67
C LEU SA 112 -72.79 -5.44 -113.40
N ASN SA 113 -73.74 -4.94 -114.19
CA ASN SA 113 -73.98 -3.51 -114.29
C ASN SA 113 -74.68 -2.95 -113.08
N ALA SA 114 -75.87 -3.49 -112.76
CA ALA SA 114 -76.70 -2.91 -111.71
C ALA SA 114 -76.00 -2.97 -110.35
N GLU SA 115 -75.31 -4.07 -110.05
CA GLU SA 115 -74.63 -4.21 -108.77
C GLU SA 115 -73.52 -3.20 -108.60
N LEU SA 116 -72.93 -2.70 -109.70
CA LEU SA 116 -71.83 -1.75 -109.62
C LEU SA 116 -72.32 -0.31 -109.65
N ILE SA 117 -73.28 -0.01 -110.52
CA ILE SA 117 -73.78 1.34 -110.64
C ILE SA 117 -74.71 1.66 -109.47
N THR SA 118 -75.77 0.86 -109.30
CA THR SA 118 -76.74 1.10 -108.25
C THR SA 118 -76.20 0.73 -106.87
N GLY SA 119 -75.49 -0.39 -106.77
CA GLY SA 119 -74.91 -0.79 -105.50
C GLY SA 119 -75.80 -1.69 -104.68
N GLU SA 120 -76.33 -2.74 -105.30
CA GLU SA 120 -77.34 -3.56 -104.68
C GLU SA 120 -77.33 -4.94 -105.33
N GLY SA 121 -77.98 -5.89 -104.66
CA GLY SA 121 -78.36 -7.12 -105.32
C GLY SA 121 -77.66 -8.39 -104.89
N GLN SA 122 -77.60 -9.35 -105.82
CA GLN SA 122 -77.09 -10.70 -105.57
C GLN SA 122 -77.93 -11.38 -104.49
N TRP SA 123 -79.18 -11.65 -104.85
CA TRP SA 123 -80.10 -12.33 -103.96
C TRP SA 123 -79.88 -13.83 -104.01
N ALA TA 1 -45.71 116.55 -37.21
CA ALA TA 1 -45.62 117.21 -38.51
C ALA TA 1 -44.25 116.95 -39.13
N ALA TA 2 -43.96 117.67 -40.21
CA ALA TA 2 -42.64 117.54 -40.83
C ALA TA 2 -41.58 118.09 -39.89
N ARG TA 3 -40.47 117.36 -39.80
CA ARG TA 3 -39.39 117.76 -38.89
C ARG TA 3 -38.79 119.08 -39.34
N SER TA 4 -38.54 119.96 -38.38
CA SER TA 4 -38.01 121.29 -38.67
C SER TA 4 -37.14 121.72 -37.50
N SER TA 5 -36.85 123.01 -37.43
CA SER TA 5 -36.07 123.57 -36.34
C SER TA 5 -36.99 124.00 -35.20
N ILE TA 6 -36.42 124.05 -33.99
CA ILE TA 6 -37.16 124.46 -32.81
C ILE TA 6 -36.33 125.49 -32.05
N VAL TA 7 -37.02 126.34 -31.29
CA VAL TA 7 -36.43 127.59 -30.81
C VAL TA 7 -36.53 127.59 -29.28
N LEU TA 8 -36.29 126.42 -28.66
CA LEU TA 8 -36.26 126.29 -27.20
C LEU TA 8 -35.61 127.50 -26.55
N THR TA 9 -36.31 128.09 -25.59
CA THR TA 9 -35.89 129.32 -24.95
C THR TA 9 -36.22 129.29 -23.47
N ASP TA 10 -35.74 130.29 -22.75
CA ASP TA 10 -36.09 130.48 -21.35
C ASP TA 10 -36.33 131.97 -21.08
N GLY TA 11 -36.78 132.70 -22.10
CA GLY TA 11 -37.12 134.09 -21.93
C GLY TA 11 -36.01 135.06 -22.28
N THR TA 12 -34.76 134.62 -22.16
CA THR TA 12 -33.63 135.52 -22.40
C THR TA 12 -32.64 135.00 -23.43
N THR TA 13 -32.36 133.69 -23.45
CA THR TA 13 -31.36 133.13 -24.35
C THR TA 13 -31.99 131.98 -25.15
N PRO TA 14 -32.63 132.28 -26.27
CA PRO TA 14 -33.18 131.21 -27.11
C PRO TA 14 -32.09 130.35 -27.70
N VAL TA 15 -32.45 129.10 -27.98
CA VAL TA 15 -31.55 128.12 -28.56
C VAL TA 15 -32.24 127.51 -29.78
N THR TA 16 -31.60 127.61 -30.94
CA THR TA 16 -32.15 127.03 -32.16
C THR TA 16 -31.57 125.63 -32.33
N LEU TA 17 -32.44 124.63 -32.35
CA LEU TA 17 -32.04 123.25 -32.54
C LEU TA 17 -32.48 122.79 -33.92
N THR TA 18 -31.69 121.90 -34.51
CA THR TA 18 -31.94 121.39 -35.84
C THR TA 18 -31.89 119.87 -35.79
N PRO TA 19 -32.67 119.19 -36.62
CA PRO TA 19 -32.68 117.72 -36.60
C PRO TA 19 -31.47 117.13 -37.31
N VAL TA 20 -30.65 116.37 -36.59
CA VAL TA 20 -29.40 115.88 -37.15
C VAL TA 20 -29.34 114.36 -37.08
N GLY TA 21 -30.50 113.72 -37.02
CA GLY TA 21 -30.52 112.27 -36.97
C GLY TA 21 -31.86 111.77 -36.49
N GLY TA 22 -31.87 110.51 -36.08
CA GLY TA 22 -33.06 109.89 -35.57
C GLY TA 22 -33.40 108.57 -36.25
N GLY TA 23 -34.67 108.39 -36.56
CA GLY TA 23 -35.10 107.15 -37.20
C GLY TA 23 -36.60 107.09 -37.27
N VAL TA 24 -37.13 105.89 -37.06
CA VAL TA 24 -38.57 105.68 -36.99
C VAL TA 24 -38.98 105.76 -35.52
N GLY TA 25 -39.88 106.68 -35.20
CA GLY TA 25 -40.25 106.92 -33.82
C GLY TA 25 -39.11 107.52 -33.01
N GLN TA 26 -38.37 108.45 -33.60
CA GLN TA 26 -37.25 109.11 -32.94
C GLN TA 26 -36.80 110.28 -33.80
N THR TA 27 -36.33 111.34 -33.14
CA THR TA 27 -35.84 112.51 -33.87
C THR TA 27 -34.88 113.27 -32.96
N LEU TA 28 -33.58 113.06 -33.18
CA LEU TA 28 -32.58 113.81 -32.44
C LEU TA 28 -32.53 115.26 -32.90
N TYR TA 29 -32.12 116.14 -31.99
CA TYR TA 29 -31.91 117.53 -32.29
C TYR TA 29 -30.57 117.95 -31.72
N ARG TA 30 -30.01 119.03 -32.27
CA ARG TA 30 -28.79 119.58 -31.71
C ARG TA 30 -28.73 121.07 -32.03
N ALA TA 31 -28.18 121.85 -31.11
CA ALA TA 31 -28.03 123.27 -31.34
C ALA TA 31 -27.03 123.51 -32.46
N THR TA 32 -27.29 124.54 -33.26
CA THR TA 32 -26.48 124.79 -34.44
C THR TA 32 -25.01 124.94 -34.09
N ALA TA 33 -24.68 125.98 -33.33
CA ALA TA 33 -23.33 126.16 -32.79
C ALA TA 33 -23.40 127.18 -31.67
N GLU TA 34 -23.09 126.75 -30.44
CA GLU TA 34 -22.96 127.72 -29.36
C GLU TA 34 -21.55 128.34 -29.36
N ALA TA 35 -20.55 127.53 -29.03
CA ALA TA 35 -19.15 127.95 -29.19
C ALA TA 35 -18.23 126.83 -29.67
N LEU TA 36 -18.63 125.58 -29.58
CA LEU TA 36 -17.82 124.43 -29.96
C LEU TA 36 -18.74 123.20 -29.93
N SER TA 37 -18.18 122.03 -30.20
CA SER TA 37 -18.92 120.80 -30.03
C SER TA 37 -18.82 120.33 -28.59
N ALA TA 38 -19.76 119.46 -28.20
CA ALA TA 38 -19.96 118.96 -26.84
C ALA TA 38 -20.44 120.04 -25.88
N ALA TA 39 -20.54 121.29 -26.33
CA ALA TA 39 -21.10 122.38 -25.55
C ALA TA 39 -22.41 122.86 -26.17
N ASN TA 40 -23.13 121.93 -26.80
CA ASN TA 40 -24.36 122.23 -27.49
C ASN TA 40 -25.50 121.38 -26.94
N PRO TA 41 -26.63 121.98 -26.58
CA PRO TA 41 -27.74 121.21 -26.05
C PRO TA 41 -28.37 120.31 -27.11
N SER TA 42 -29.01 119.24 -26.63
CA SER TA 42 -29.69 118.32 -27.53
C SER TA 42 -31.07 118.02 -26.96
N LEU TA 43 -32.01 117.65 -27.84
CA LEU TA 43 -33.41 117.47 -27.50
C LEU TA 43 -33.95 116.15 -28.09
N SER TA 44 -33.31 115.04 -27.73
CA SER TA 44 -33.76 113.75 -28.23
C SER TA 44 -35.25 113.56 -27.94
N PHE TA 45 -35.98 113.08 -28.95
CA PHE TA 45 -37.43 112.99 -28.85
C PHE TA 45 -37.90 111.72 -29.55
N GLY TA 46 -38.46 110.79 -28.78
CA GLY TA 46 -39.01 109.56 -29.33
C GLY TA 46 -40.51 109.48 -29.11
N TYR TA 47 -41.11 108.51 -29.80
CA TYR TA 47 -42.56 108.31 -29.76
C TYR TA 47 -42.86 106.95 -30.35
N ARG TA 48 -43.81 106.24 -29.73
CA ARG TA 48 -44.17 104.91 -30.20
C ARG TA 48 -45.52 104.53 -29.64
N PHE TA 49 -46.14 103.54 -30.25
CA PHE TA 49 -47.42 103.00 -29.82
C PHE TA 49 -47.21 101.55 -29.40
N THR TA 50 -47.67 101.21 -28.20
CA THR TA 50 -47.63 99.83 -27.74
C THR TA 50 -48.82 99.06 -28.31
N ASP TA 51 -49.13 97.91 -27.72
CA ASP TA 51 -50.26 97.09 -28.17
C ASP TA 51 -51.54 97.93 -28.30
N GLY TA 52 -51.83 98.74 -27.29
CA GLY TA 52 -52.94 99.65 -27.35
C GLY TA 52 -52.55 100.96 -28.01
N GLY TA 53 -53.47 101.92 -27.95
CA GLY TA 53 -53.20 103.24 -28.50
C GLY TA 53 -52.46 104.11 -27.52
N THR TA 54 -51.69 103.48 -26.65
CA THR TA 54 -50.96 104.19 -25.60
C THR TA 54 -49.82 104.97 -26.24
N ASN TA 55 -50.04 106.28 -26.40
CA ASN TA 55 -49.09 107.14 -27.08
C ASN TA 55 -47.87 107.43 -26.21
N ARG TA 56 -46.99 106.44 -26.05
CA ARG TA 56 -45.82 106.58 -25.19
C ARG TA 56 -44.77 107.45 -25.86
N GLN TA 57 -44.97 108.76 -25.76
CA GLN TA 57 -43.95 109.70 -26.18
C GLN TA 57 -42.87 109.83 -25.11
N SER TA 58 -41.70 110.31 -25.51
CA SER TA 58 -40.59 110.46 -24.60
C SER TA 58 -39.69 111.59 -25.07
N LEU TA 59 -39.09 112.29 -24.10
CA LEU TA 59 -38.19 113.39 -24.40
C LEU TA 59 -36.94 113.28 -23.53
N SER TA 60 -35.89 113.96 -23.97
CA SER TA 60 -34.65 114.02 -23.21
C SER TA 60 -33.88 115.25 -23.68
N TYR TA 61 -33.84 116.28 -22.84
CA TYR TA 61 -33.09 117.49 -23.13
C TYR TA 61 -31.82 117.48 -22.29
N LYS TA 62 -30.68 117.58 -22.95
CA LYS TA 62 -29.37 117.55 -22.29
C LYS TA 62 -28.65 118.84 -22.60
N GLN TA 63 -28.31 119.60 -21.56
CA GLN TA 63 -27.58 120.84 -21.70
C GLN TA 63 -26.24 120.69 -21.00
N PRO TA 64 -25.11 120.75 -21.71
CA PRO TA 64 -23.82 120.53 -21.08
C PRO TA 64 -23.27 121.79 -20.42
N ILE TA 65 -22.53 121.57 -19.34
CA ILE TA 65 -22.04 122.63 -18.48
C ILE TA 65 -20.58 122.88 -18.83
N THR TA 66 -20.29 124.05 -19.38
CA THR TA 66 -18.96 124.35 -19.87
C THR TA 66 -18.30 125.41 -18.99
N ALA TA 67 -16.97 125.33 -18.90
CA ALA TA 67 -16.21 126.24 -18.06
C ALA TA 67 -14.79 126.35 -18.61
N VAL TA 68 -14.17 127.51 -18.38
CA VAL TA 68 -12.83 127.75 -18.90
C VAL TA 68 -11.81 126.94 -18.10
N ASP TA 69 -10.67 126.68 -18.74
CA ASP TA 69 -9.58 125.87 -18.17
C ASP TA 69 -8.29 126.67 -18.24
N SER TA 70 -8.32 127.88 -17.67
CA SER TA 70 -7.30 128.91 -17.81
C SER TA 70 -5.86 128.40 -17.80
N THR TA 71 -5.58 127.32 -17.07
CA THR TA 71 -4.27 126.69 -17.17
C THR TA 71 -3.95 126.31 -18.61
N THR TA 72 -4.96 125.98 -19.41
CA THR TA 72 -4.80 125.77 -20.84
C THR TA 72 -5.71 126.64 -21.69
N SER TA 73 -6.70 127.30 -21.09
CA SER TA 73 -7.63 128.19 -21.77
C SER TA 73 -8.49 127.47 -22.81
N GLU TA 74 -8.75 126.19 -22.60
CA GLU TA 74 -9.59 125.39 -23.48
C GLU TA 74 -10.92 125.13 -22.79
N THR TA 75 -12.02 125.42 -23.48
CA THR TA 75 -13.35 125.45 -22.89
C THR TA 75 -13.87 124.02 -22.68
N LEU TA 76 -13.35 123.38 -21.64
CA LEU TA 76 -13.74 122.01 -21.32
C LEU TA 76 -15.16 121.96 -20.77
N VAL TA 77 -15.79 120.81 -20.92
CA VAL TA 77 -17.14 120.56 -20.40
C VAL TA 77 -17.04 119.60 -19.22
N ARG TA 78 -17.72 119.94 -18.12
CA ARG TA 78 -17.65 119.15 -16.90
C ARG TA 78 -18.72 118.07 -16.85
N GLY TA 79 -19.99 118.46 -16.91
CA GLY TA 79 -21.11 117.52 -16.87
C GLY TA 79 -22.28 118.01 -17.70
N GLN TA 80 -23.48 117.51 -17.43
CA GLN TA 80 -24.66 117.92 -18.18
C GLN TA 80 -25.89 117.86 -17.30
N CYS TA 81 -26.84 118.76 -17.59
CA CYS TA 81 -28.16 118.75 -16.97
C CYS TA 81 -29.12 118.00 -17.88
N VAL TA 82 -29.84 117.04 -17.32
CA VAL TA 82 -30.71 116.15 -18.07
C VAL TA 82 -32.14 116.34 -17.59
N VAL TA 83 -33.07 116.54 -18.53
CA VAL TA 83 -34.48 116.64 -18.22
C VAL TA 83 -35.22 115.65 -19.10
N ASP TA 84 -35.94 114.72 -18.49
CA ASP TA 84 -36.70 113.70 -19.22
C ASP TA 84 -38.18 113.92 -18.97
N ILE TA 85 -38.92 114.23 -20.03
CA ILE TA 85 -40.37 114.38 -19.91
C ILE TA 85 -41.05 113.24 -20.65
N ASN TA 86 -41.36 112.17 -19.93
CA ASN TA 86 -42.10 111.05 -20.51
C ASN TA 86 -43.59 111.32 -20.44
N ILE TA 87 -44.31 110.87 -21.46
CA ILE TA 87 -45.75 111.06 -21.56
C ILE TA 87 -46.37 109.75 -21.99
N VAL TA 88 -47.45 109.34 -21.31
CA VAL TA 88 -48.18 108.14 -21.67
C VAL TA 88 -49.67 108.47 -21.66
N ILE TA 89 -50.32 108.33 -22.81
CA ILE TA 89 -51.75 108.59 -22.94
C ILE TA 89 -52.38 107.34 -23.55
N PRO TA 90 -53.31 106.69 -22.87
CA PRO TA 90 -53.87 105.43 -23.38
C PRO TA 90 -54.85 105.69 -24.52
N ARG TA 91 -55.27 104.58 -25.16
CA ARG TA 91 -56.25 104.69 -26.24
C ARG TA 91 -57.57 105.26 -25.75
N VAL TA 92 -57.97 104.92 -24.54
CA VAL TA 92 -59.30 105.27 -24.02
C VAL TA 92 -59.39 106.76 -23.73
N ALA TA 93 -58.29 107.48 -23.92
CA ALA TA 93 -58.25 108.90 -23.61
C ALA TA 93 -58.91 109.71 -24.71
N THR TA 94 -59.81 110.60 -24.33
CA THR TA 94 -60.43 111.49 -25.30
C THR TA 94 -59.43 112.56 -25.73
N ALA TA 95 -59.82 113.33 -26.74
CA ALA TA 95 -58.95 114.36 -27.28
C ALA TA 95 -58.73 115.52 -26.31
N THR TA 96 -59.61 115.70 -25.32
CA THR TA 96 -59.48 116.81 -24.39
C THR TA 96 -58.76 116.43 -23.11
N ASP TA 97 -58.76 115.15 -22.74
CA ASP TA 97 -58.03 114.72 -21.55
C ASP TA 97 -56.52 114.75 -21.79
N ARG TA 98 -56.09 114.44 -23.01
CA ARG TA 98 -54.68 114.47 -23.33
C ARG TA 98 -54.13 115.89 -23.21
N ALA TA 99 -54.81 116.86 -23.81
CA ALA TA 99 -54.36 118.25 -23.72
C ALA TA 99 -54.37 118.74 -22.29
N GLU TA 100 -55.44 118.42 -21.55
CA GLU TA 100 -55.53 118.80 -20.14
C GLU TA 100 -54.35 118.26 -19.36
N ALA TA 101 -54.08 116.97 -19.49
CA ALA TA 101 -53.00 116.35 -18.73
C ALA TA 101 -51.65 116.96 -19.09
N ILE TA 102 -51.39 117.11 -20.39
CA ILE TA 102 -50.08 117.61 -20.82
C ILE TA 102 -49.85 119.03 -20.30
N LYS TA 103 -50.83 119.91 -20.51
CA LYS TA 103 -50.66 121.29 -20.10
C LYS TA 103 -50.56 121.41 -18.59
N ARG TA 104 -51.38 120.66 -17.85
CA ARG TA 104 -51.32 120.74 -16.39
C ARG TA 104 -49.98 120.26 -15.88
N ALA TA 105 -49.48 119.13 -16.39
CA ALA TA 105 -48.20 118.62 -15.94
C ALA TA 105 -47.05 119.54 -16.31
N PHE TA 106 -47.16 120.25 -17.42
CA PHE TA 106 -46.13 121.23 -17.76
C PHE TA 106 -46.26 122.52 -16.95
N ASP TA 107 -47.42 122.77 -16.35
CA ASP TA 107 -47.57 123.93 -15.48
C ASP TA 107 -46.92 123.74 -14.11
N VAL TA 108 -46.24 122.62 -13.89
CA VAL TA 108 -45.62 122.36 -12.59
C VAL TA 108 -44.59 123.44 -12.27
N LEU TA 109 -43.73 123.77 -13.24
CA LEU TA 109 -42.68 124.75 -13.00
C LEU TA 109 -43.25 126.09 -12.58
N ASN TA 110 -44.39 126.48 -13.16
CA ASN TA 110 -45.05 127.69 -12.70
C ASN TA 110 -45.60 127.50 -11.28
N ALA TA 111 -46.13 126.31 -10.98
CA ALA TA 111 -46.68 126.06 -9.65
C ALA TA 111 -45.60 125.69 -8.65
N LEU TA 112 -44.92 124.56 -8.87
CA LEU TA 112 -43.93 124.04 -7.94
C LEU TA 112 -42.54 124.55 -8.31
N ASN TA 113 -42.39 125.88 -8.23
CA ASN TA 113 -41.22 126.53 -8.82
C ASN TA 113 -39.96 126.33 -7.99
N ALA TA 114 -39.97 126.83 -6.75
CA ALA TA 114 -38.74 127.01 -6.00
C ALA TA 114 -37.97 125.71 -5.76
N GLU TA 115 -38.64 124.56 -5.74
CA GLU TA 115 -37.95 123.31 -5.51
C GLU TA 115 -37.32 122.73 -6.78
N LEU TA 116 -37.66 123.27 -7.94
CA LEU TA 116 -37.06 122.86 -9.20
C LEU TA 116 -35.96 123.80 -9.66
N ILE TA 117 -36.25 125.10 -9.72
CA ILE TA 117 -35.29 126.08 -10.22
C ILE TA 117 -34.07 126.12 -9.31
N THR TA 118 -34.31 126.16 -7.99
CA THR TA 118 -33.24 126.39 -7.03
C THR TA 118 -32.61 125.10 -6.50
N GLY TA 119 -33.37 124.01 -6.46
CA GLY TA 119 -32.83 122.74 -6.01
C GLY TA 119 -33.00 122.46 -4.53
N GLU TA 120 -33.63 123.35 -3.78
CA GLU TA 120 -33.82 123.13 -2.36
C GLU TA 120 -34.79 121.98 -2.11
N GLY TA 121 -34.55 121.24 -1.03
CA GLY TA 121 -35.38 120.13 -0.65
C GLY TA 121 -36.43 120.58 0.35
N GLN TA 122 -37.69 120.45 -0.05
CA GLN TA 122 -38.78 120.92 0.80
C GLN TA 122 -38.89 120.09 2.07
N TRP TA 123 -39.28 120.76 3.15
CA TRP TA 123 -39.34 120.13 4.46
C TRP TA 123 -40.79 119.94 4.92
N ALA UA 1 -31.20 126.38 -43.92
CA ALA UA 1 -30.59 125.06 -44.01
C ALA UA 1 -31.61 124.01 -44.42
N ALA UA 2 -32.72 124.46 -45.00
CA ALA UA 2 -33.74 123.57 -45.53
C ALA UA 2 -33.33 123.03 -46.88
N ARG UA 3 -33.99 121.96 -47.30
CA ARG UA 3 -33.65 121.32 -48.57
C ARG UA 3 -34.23 122.10 -49.74
N SER UA 4 -33.35 122.51 -50.65
CA SER UA 4 -33.74 123.24 -51.85
C SER UA 4 -32.74 122.93 -52.94
N SER UA 5 -33.00 123.44 -54.13
CA SER UA 5 -32.12 123.21 -55.27
C SER UA 5 -30.80 123.92 -55.07
N ILE UA 6 -29.70 123.24 -55.45
CA ILE UA 6 -28.37 123.81 -55.37
C ILE UA 6 -27.79 123.89 -56.78
N VAL UA 7 -26.86 124.83 -56.96
CA VAL UA 7 -26.47 125.27 -58.30
C VAL UA 7 -24.98 125.05 -58.51
N LEU UA 8 -24.47 123.90 -58.06
CA LEU UA 8 -23.10 123.48 -58.30
C LEU UA 8 -22.62 123.91 -59.68
N THR UA 9 -21.46 124.56 -59.73
CA THR UA 9 -20.93 125.08 -60.98
C THR UA 9 -19.42 125.04 -60.96
N ASP UA 10 -18.83 124.96 -62.15
CA ASP UA 10 -17.39 124.97 -62.30
C ASP UA 10 -16.86 126.31 -62.82
N GLY UA 11 -17.76 127.23 -63.17
CA GLY UA 11 -17.37 128.50 -63.73
C GLY UA 11 -17.92 128.69 -65.12
N THR UA 12 -17.94 127.62 -65.91
CA THR UA 12 -18.41 127.68 -67.29
C THR UA 12 -19.89 127.29 -67.39
N THR UA 13 -20.23 126.07 -66.98
CA THR UA 13 -21.59 125.56 -67.12
C THR UA 13 -22.12 125.18 -65.75
N PRO UA 14 -23.10 125.91 -65.21
CA PRO UA 14 -23.72 125.51 -63.94
C PRO UA 14 -24.70 124.37 -64.14
N VAL UA 15 -24.76 123.49 -63.14
CA VAL UA 15 -25.72 122.41 -63.10
C VAL UA 15 -26.57 122.56 -61.85
N THR UA 16 -27.89 122.50 -62.01
CA THR UA 16 -28.83 122.71 -60.92
C THR UA 16 -29.32 121.35 -60.43
N LEU UA 17 -28.96 120.99 -59.21
CA LEU UA 17 -29.40 119.74 -58.60
C LEU UA 17 -30.60 120.01 -57.71
N THR UA 18 -31.65 119.20 -57.87
CA THR UA 18 -32.83 119.31 -57.02
C THR UA 18 -32.92 118.08 -56.12
N PRO UA 19 -33.48 118.21 -54.92
CA PRO UA 19 -33.60 117.04 -54.04
C PRO UA 19 -34.50 115.98 -54.66
N VAL UA 20 -34.15 114.72 -54.43
CA VAL UA 20 -34.97 113.61 -54.89
C VAL UA 20 -35.16 112.62 -53.76
N GLY UA 21 -34.99 113.07 -52.52
CA GLY UA 21 -35.31 112.22 -51.39
C GLY UA 21 -34.28 112.19 -50.29
N GLY UA 22 -34.23 111.08 -49.57
CA GLY UA 22 -33.22 110.87 -48.55
C GLY UA 22 -33.76 110.67 -47.15
N GLY UA 23 -34.72 111.48 -46.73
CA GLY UA 23 -35.21 111.38 -45.37
C GLY UA 23 -34.29 112.04 -44.36
N VAL UA 24 -34.25 111.53 -43.14
CA VAL UA 24 -33.45 112.12 -42.07
C VAL UA 24 -32.06 111.49 -42.09
N GLY UA 25 -31.05 112.30 -41.84
CA GLY UA 25 -29.68 111.83 -41.86
C GLY UA 25 -29.03 111.81 -43.22
N GLN UA 26 -29.73 112.20 -44.28
CA GLN UA 26 -29.14 112.24 -45.61
C GLN UA 26 -30.03 113.06 -46.52
N THR UA 27 -29.53 113.33 -47.72
CA THR UA 27 -30.27 114.06 -48.75
C THR UA 27 -29.65 113.74 -50.09
N LEU UA 28 -30.44 113.18 -51.00
CA LEU UA 28 -29.97 112.89 -52.34
C LEU UA 28 -30.42 113.99 -53.30
N TYR UA 29 -29.51 114.40 -54.17
CA TYR UA 29 -29.80 115.42 -55.16
C TYR UA 29 -29.67 114.80 -56.55
N ARG UA 30 -30.22 115.48 -57.54
CA ARG UA 30 -30.08 115.05 -58.92
C ARG UA 30 -30.52 116.16 -59.86
N ALA UA 31 -29.78 116.39 -60.94
CA ALA UA 31 -30.17 117.37 -61.94
C ALA UA 31 -31.21 116.78 -62.87
N THR UA 32 -31.73 117.59 -63.78
CA THR UA 32 -32.74 117.09 -64.72
C THR UA 32 -32.08 116.37 -65.89
N ALA UA 33 -31.38 117.12 -66.74
CA ALA UA 33 -30.75 116.61 -67.96
C ALA UA 33 -31.62 115.53 -68.61
N GLU UA 34 -32.90 115.85 -68.75
CA GLU UA 34 -33.92 114.86 -69.02
C GLU UA 34 -33.66 114.15 -70.34
N ALA UA 35 -34.11 112.90 -70.43
CA ALA UA 35 -34.00 112.10 -71.65
C ALA UA 35 -32.54 111.97 -72.07
N LEU UA 36 -31.80 111.20 -71.27
CA LEU UA 36 -32.24 110.19 -70.32
C LEU UA 36 -32.29 110.71 -68.89
N SER UA 37 -33.00 110.00 -68.01
CA SER UA 37 -33.15 110.42 -66.63
C SER UA 37 -32.02 109.93 -65.72
N ALA UA 38 -31.29 108.89 -66.12
CA ALA UA 38 -30.18 108.38 -65.36
C ALA UA 38 -28.84 108.96 -65.81
N ALA UA 39 -28.85 109.81 -66.82
CA ALA UA 39 -27.62 110.44 -67.32
C ALA UA 39 -27.51 111.89 -66.83
N ASN UA 40 -27.41 112.06 -65.52
CA ASN UA 40 -27.24 113.39 -64.94
C ASN UA 40 -26.59 113.24 -63.58
N PRO UA 41 -25.88 114.26 -63.11
CA PRO UA 41 -25.10 114.14 -61.87
C PRO UA 41 -25.99 114.06 -60.63
N SER UA 42 -25.39 113.57 -59.55
CA SER UA 42 -26.09 113.40 -58.28
C SER UA 42 -25.12 113.73 -57.15
N LEU UA 43 -25.67 114.08 -55.99
CA LEU UA 43 -24.90 114.61 -54.86
C LEU UA 43 -25.35 113.95 -53.54
N SER UA 44 -25.28 112.63 -53.46
CA SER UA 44 -25.69 111.96 -52.23
C SER UA 44 -24.94 112.51 -51.03
N PHE UA 45 -25.66 113.18 -50.13
CA PHE UA 45 -25.06 113.87 -48.99
C PHE UA 45 -25.68 113.38 -47.70
N GLY UA 46 -24.87 112.76 -46.85
CA GLY UA 46 -25.32 112.27 -45.56
C GLY UA 46 -24.54 112.88 -44.40
N TYR UA 47 -25.08 112.70 -43.20
CA TYR UA 47 -24.49 113.27 -42.00
C TYR UA 47 -25.09 112.59 -40.79
N ARG UA 48 -24.33 112.51 -39.71
CA ARG UA 48 -24.80 111.89 -38.48
C ARG UA 48 -23.88 112.30 -37.34
N PHE UA 49 -24.29 112.00 -36.12
CA PHE UA 49 -23.51 112.21 -34.91
C PHE UA 49 -23.39 110.89 -34.17
N THR UA 50 -22.17 110.52 -33.79
CA THR UA 50 -21.93 109.27 -33.09
C THR UA 50 -22.18 109.44 -31.60
N ASP UA 51 -21.68 108.49 -30.81
CA ASP UA 51 -21.83 108.54 -29.36
C ASP UA 51 -21.35 109.88 -28.80
N GLY UA 52 -20.23 110.38 -29.30
CA GLY UA 52 -19.76 111.69 -28.90
C GLY UA 52 -20.40 112.79 -29.74
N GLY UA 53 -19.66 113.86 -29.98
CA GLY UA 53 -20.13 114.90 -30.86
C GLY UA 53 -19.46 114.80 -32.21
N THR UA 54 -18.92 113.62 -32.51
CA THR UA 54 -18.15 113.41 -33.73
C THR UA 54 -19.08 113.49 -34.92
N ASN UA 55 -19.07 114.64 -35.59
CA ASN UA 55 -19.90 114.88 -36.76
C ASN UA 55 -19.24 114.23 -37.97
N ARG UA 56 -19.91 113.23 -38.55
CA ARG UA 56 -19.39 112.51 -39.71
C ARG UA 56 -20.24 112.83 -40.93
N GLN UA 57 -19.85 113.88 -41.64
CA GLN UA 57 -20.52 114.22 -42.88
C GLN UA 57 -19.89 113.46 -44.04
N SER UA 58 -20.65 113.28 -45.11
CA SER UA 58 -20.19 112.49 -46.24
C SER UA 58 -20.88 112.87 -47.53
N LEU UA 59 -20.13 113.31 -48.53
CA LEU UA 59 -20.70 113.70 -49.81
C LEU UA 59 -20.18 112.77 -50.89
N SER UA 60 -21.03 112.48 -51.86
CA SER UA 60 -20.64 111.66 -52.99
C SER UA 60 -21.27 112.26 -54.23
N TYR UA 61 -20.44 112.84 -55.09
CA TYR UA 61 -20.90 113.49 -56.31
C TYR UA 61 -20.53 112.60 -57.49
N LYS UA 62 -21.54 112.19 -58.24
CA LYS UA 62 -21.36 111.32 -59.40
C LYS UA 62 -21.81 112.04 -60.65
N GLN UA 63 -20.94 112.12 -61.64
CA GLN UA 63 -21.29 112.71 -62.92
C GLN UA 63 -21.13 111.66 -64.01
N PRO UA 64 -22.20 111.25 -64.68
CA PRO UA 64 -22.07 110.24 -65.73
C PRO UA 64 -21.64 110.85 -67.05
N ILE UA 65 -20.93 110.05 -67.83
CA ILE UA 65 -20.36 110.47 -69.11
C ILE UA 65 -21.32 110.03 -70.20
N THR UA 66 -21.96 111.00 -70.85
CA THR UA 66 -22.97 110.73 -71.85
C THR UA 66 -22.35 110.73 -73.25
N ALA UA 67 -23.09 110.16 -74.19
CA ALA UA 67 -22.65 110.10 -75.59
C ALA UA 67 -23.89 109.93 -76.45
N VAL UA 68 -24.30 110.99 -77.16
CA VAL UA 68 -25.51 110.96 -77.95
C VAL UA 68 -25.25 110.16 -79.22
N ASP UA 69 -25.88 109.00 -79.33
CA ASP UA 69 -25.67 108.09 -80.45
C ASP UA 69 -26.51 108.59 -81.62
N SER UA 70 -25.87 109.27 -82.57
CA SER UA 70 -26.60 109.89 -83.67
C SER UA 70 -27.31 108.89 -84.55
N THR UA 71 -26.84 107.64 -84.59
CA THR UA 71 -27.49 106.62 -85.40
C THR UA 71 -28.91 106.35 -84.90
N THR UA 72 -29.06 106.11 -83.61
CA THR UA 72 -30.33 105.78 -83.00
C THR UA 72 -31.00 106.99 -82.33
N SER UA 73 -30.22 108.02 -82.02
CA SER UA 73 -30.69 109.21 -81.31
C SER UA 73 -31.16 108.86 -79.90
N GLU UA 74 -30.26 108.22 -79.16
CA GLU UA 74 -30.48 107.91 -77.75
C GLU UA 74 -29.20 108.20 -76.99
N THR UA 75 -29.35 108.58 -75.72
CA THR UA 75 -28.20 108.91 -74.89
C THR UA 75 -27.70 107.65 -74.20
N LEU UA 76 -26.41 107.37 -74.33
CA LEU UA 76 -25.79 106.21 -73.72
C LEU UA 76 -24.86 106.67 -72.61
N VAL UA 77 -24.78 105.88 -71.55
CA VAL UA 77 -23.96 106.19 -70.39
C VAL UA 77 -22.76 105.26 -70.40
N ARG UA 78 -21.56 105.84 -70.51
CA ARG UA 78 -20.33 105.07 -70.63
C ARG UA 78 -19.65 104.81 -69.30
N GLY UA 79 -19.87 105.67 -68.32
CA GLY UA 79 -19.24 105.52 -67.02
C GLY UA 79 -19.58 106.73 -66.18
N GLN UA 80 -18.93 106.85 -65.03
CA GLN UA 80 -19.19 107.99 -64.17
C GLN UA 80 -17.94 108.39 -63.40
N CYS UA 81 -17.71 109.69 -63.34
CA CYS UA 81 -16.69 110.24 -62.46
C CYS UA 81 -17.28 110.42 -61.07
N VAL UA 82 -16.62 109.84 -60.07
CA VAL UA 82 -17.11 109.81 -58.70
C VAL UA 82 -16.13 110.58 -57.83
N VAL UA 83 -16.66 111.49 -57.00
CA VAL UA 83 -15.84 112.23 -56.04
C VAL UA 83 -16.48 112.06 -54.67
N ASP UA 84 -15.76 111.44 -53.76
CA ASP UA 84 -16.24 111.26 -52.38
C ASP UA 84 -15.48 112.21 -51.46
N ILE UA 85 -16.20 112.79 -50.51
CA ILE UA 85 -15.62 113.74 -49.56
C ILE UA 85 -16.18 113.37 -48.19
N ASN UA 86 -15.38 112.69 -47.38
CA ASN UA 86 -15.76 112.40 -46.01
C ASN UA 86 -15.16 113.43 -45.07
N ILE UA 87 -15.96 113.87 -44.11
CA ILE UA 87 -15.54 114.89 -43.15
C ILE UA 87 -15.82 114.36 -41.76
N VAL UA 88 -14.78 114.23 -40.95
CA VAL UA 88 -14.93 113.81 -39.56
C VAL UA 88 -14.50 114.95 -38.67
N ILE UA 89 -15.38 115.35 -37.77
CA ILE UA 89 -15.07 116.44 -36.84
C ILE UA 89 -15.24 115.92 -35.42
N PRO UA 90 -14.19 115.90 -34.61
CA PRO UA 90 -14.28 115.28 -33.29
C PRO UA 90 -15.13 116.08 -32.32
N ARG UA 91 -15.36 115.50 -31.15
CA ARG UA 91 -16.20 116.11 -30.13
C ARG UA 91 -15.58 117.40 -29.57
N VAL UA 92 -14.26 117.56 -29.69
CA VAL UA 92 -13.55 118.63 -29.02
C VAL UA 92 -13.21 119.79 -29.95
N ALA UA 93 -13.81 119.84 -31.13
CA ALA UA 93 -13.42 120.81 -32.15
C ALA UA 93 -14.17 122.11 -31.97
N THR UA 94 -13.43 123.21 -31.94
CA THR UA 94 -14.03 124.54 -31.82
C THR UA 94 -14.77 124.89 -33.11
N ALA UA 95 -15.66 125.87 -33.01
CA ALA UA 95 -16.50 126.27 -34.13
C ALA UA 95 -15.73 126.96 -35.25
N THR UA 96 -14.56 127.52 -34.96
CA THR UA 96 -13.72 128.13 -35.99
C THR UA 96 -12.68 127.18 -36.54
N ASP UA 97 -12.25 126.18 -35.76
CA ASP UA 97 -11.37 125.16 -36.29
C ASP UA 97 -12.06 124.32 -37.35
N ARG UA 98 -13.37 124.10 -37.20
CA ARG UA 98 -14.14 123.43 -38.24
C ARG UA 98 -14.04 124.20 -39.55
N ALA UA 99 -14.29 125.50 -39.52
CA ALA UA 99 -14.21 126.29 -40.75
C ALA UA 99 -12.81 126.29 -41.31
N GLU UA 100 -11.80 126.43 -40.45
CA GLU UA 100 -10.42 126.40 -40.93
C GLU UA 100 -10.13 125.10 -41.65
N ALA UA 101 -10.43 123.97 -41.02
CA ALA UA 101 -10.12 122.68 -41.60
C ALA UA 101 -10.87 122.46 -42.91
N ILE UA 102 -12.16 122.78 -42.94
CA ILE UA 102 -12.96 122.50 -44.13
C ILE UA 102 -12.50 123.38 -45.29
N LYS UA 103 -12.37 124.68 -45.07
CA LYS UA 103 -11.99 125.56 -46.15
C LYS UA 103 -10.54 125.34 -46.58
N ARG UA 104 -9.70 124.80 -45.70
CA ARG UA 104 -8.35 124.45 -46.12
C ARG UA 104 -8.33 123.18 -46.97
N ALA UA 105 -9.10 122.16 -46.56
CA ALA UA 105 -9.15 120.93 -47.34
C ALA UA 105 -9.74 121.17 -48.71
N PHE UA 106 -10.81 121.97 -48.79
CA PHE UA 106 -11.40 122.28 -50.08
C PHE UA 106 -10.57 123.25 -50.90
N ASP UA 107 -9.51 123.81 -50.31
CA ASP UA 107 -8.60 124.68 -51.04
C ASP UA 107 -7.48 123.91 -51.73
N VAL UA 108 -7.48 122.58 -51.64
CA VAL UA 108 -6.46 121.78 -52.30
C VAL UA 108 -6.51 122.00 -53.81
N LEU UA 109 -7.71 122.05 -54.37
CA LEU UA 109 -7.85 122.22 -55.81
C LEU UA 109 -7.13 123.47 -56.31
N ASN UA 110 -7.02 124.50 -55.48
CA ASN UA 110 -6.24 125.66 -55.86
C ASN UA 110 -4.76 125.48 -55.65
N ALA UA 111 -4.36 124.55 -54.77
CA ALA UA 111 -2.94 124.29 -54.54
C ALA UA 111 -2.45 123.14 -55.40
N LEU UA 112 -3.08 121.97 -55.26
CA LEU UA 112 -2.71 120.78 -56.00
C LEU UA 112 -3.52 120.68 -57.30
N ASN UA 113 -3.46 121.77 -58.07
CA ASN UA 113 -4.40 121.95 -59.18
C ASN UA 113 -4.09 121.01 -60.34
N ALA UA 114 -2.86 121.07 -60.86
CA ALA UA 114 -2.53 120.30 -62.06
C ALA UA 114 -2.61 118.80 -61.82
N GLU UA 115 -2.39 118.35 -60.58
CA GLU UA 115 -2.50 116.93 -60.29
C GLU UA 115 -3.94 116.43 -60.26
N LEU UA 116 -4.92 117.32 -60.29
CA LEU UA 116 -6.33 116.94 -60.22
C LEU UA 116 -7.09 117.32 -61.48
N ILE UA 117 -6.91 118.55 -61.97
CA ILE UA 117 -7.67 118.98 -63.14
C ILE UA 117 -7.23 118.22 -64.38
N THR UA 118 -5.93 118.04 -64.57
CA THR UA 118 -5.40 117.38 -65.76
C THR UA 118 -5.08 115.91 -65.53
N GLY UA 119 -4.87 115.49 -64.29
CA GLY UA 119 -4.61 114.11 -63.99
C GLY UA 119 -3.16 113.71 -63.94
N GLU UA 120 -2.24 114.67 -63.97
CA GLU UA 120 -0.81 114.37 -63.92
C GLU UA 120 -0.44 113.74 -62.58
N GLY UA 121 0.83 113.39 -62.48
CA GLY UA 121 1.40 113.02 -61.19
C GLY UA 121 2.68 113.80 -60.99
N GLN UA 122 2.90 114.22 -59.76
CA GLN UA 122 4.06 115.04 -59.47
C GLN UA 122 5.33 114.21 -59.50
N TRP UA 123 6.37 114.75 -60.14
CA TRP UA 123 7.61 114.02 -60.34
C TRP UA 123 8.72 114.49 -59.42
N ALA VA 1 3.24 119.59 -61.48
CA ALA VA 1 4.65 119.94 -61.38
C ALA VA 1 5.33 119.09 -60.31
N ALA VA 2 6.60 119.38 -60.03
CA ALA VA 2 7.35 118.59 -59.07
C ALA VA 2 6.86 118.86 -57.65
N ARG VA 3 7.21 117.95 -56.74
CA ARG VA 3 6.85 118.11 -55.34
C ARG VA 3 7.41 119.42 -54.80
N SER VA 4 6.53 120.34 -54.41
CA SER VA 4 6.99 121.63 -53.90
C SER VA 4 6.22 122.00 -52.64
N SER VA 5 6.32 123.25 -52.21
CA SER VA 5 5.61 123.72 -51.03
C SER VA 5 4.25 124.29 -51.44
N ILE VA 6 3.19 123.76 -50.84
CA ILE VA 6 1.83 124.20 -51.12
C ILE VA 6 1.39 125.15 -50.02
N VAL VA 7 0.43 126.02 -50.35
CA VAL VA 7 0.10 127.18 -49.53
C VAL VA 7 -1.38 127.07 -49.14
N LEU VA 8 -1.81 125.83 -48.84
CA LEU VA 8 -3.17 125.56 -48.37
C LEU VA 8 -3.65 126.63 -47.40
N THR VA 9 -4.72 127.32 -47.76
CA THR VA 9 -5.23 128.46 -47.00
C THR VA 9 -6.73 128.36 -46.86
N ASP VA 10 -7.33 129.36 -46.22
CA ASP VA 10 -8.78 129.45 -46.13
C ASP VA 10 -9.29 130.87 -46.34
N GLY VA 11 -8.46 131.78 -46.82
CA GLY VA 11 -8.81 133.16 -47.02
C GLY VA 11 -8.26 134.10 -45.96
N THR VA 12 -8.02 133.59 -44.76
CA THR VA 12 -7.48 134.40 -43.67
C THR VA 12 -6.14 133.89 -43.17
N THR VA 13 -6.03 132.60 -42.84
CA THR VA 13 -4.84 132.05 -42.20
C THR VA 13 -4.20 131.00 -43.09
N PRO VA 14 -3.22 131.35 -43.91
CA PRO VA 14 -2.56 130.36 -44.75
C PRO VA 14 -1.64 129.46 -43.95
N VAL VA 15 -1.40 128.27 -44.51
CA VAL VA 15 -0.47 127.31 -43.95
C VAL VA 15 0.36 126.74 -45.09
N THR VA 16 1.68 126.71 -44.91
CA THR VA 16 2.59 126.21 -45.94
C THR VA 16 3.04 124.81 -45.58
N LEU VA 17 2.88 123.88 -46.52
CA LEU VA 17 3.21 122.47 -46.32
C LEU VA 17 4.30 122.06 -47.31
N THR VA 18 5.34 121.40 -46.80
CA THR VA 18 6.43 120.89 -47.61
C THR VA 18 6.50 119.38 -47.51
N PRO VA 19 6.83 118.68 -48.60
CA PRO VA 19 6.78 117.22 -48.60
C PRO VA 19 7.71 116.60 -47.56
N VAL VA 20 7.22 115.57 -46.88
CA VAL VA 20 7.98 114.93 -45.81
C VAL VA 20 8.10 113.44 -46.04
N GLY VA 21 7.93 113.00 -47.26
CA GLY VA 21 8.14 111.59 -47.54
C GLY VA 21 7.25 111.13 -48.69
N GLY VA 22 6.92 109.84 -48.64
CA GLY VA 22 6.06 109.25 -49.65
C GLY VA 22 6.76 108.22 -50.50
N GLY VA 23 6.56 108.31 -51.82
CA GLY VA 23 7.14 107.36 -52.75
C GLY VA 23 6.68 107.62 -54.17
N VAL VA 24 6.27 106.58 -54.88
CA VAL VA 24 5.67 106.72 -56.21
C VAL VA 24 4.16 106.62 -56.07
N GLY VA 25 3.46 107.59 -56.63
CA GLY VA 25 2.03 107.67 -56.42
C GLY VA 25 1.69 107.85 -54.95
N GLN VA 26 2.45 108.72 -54.27
CA GLN VA 26 2.24 109.02 -52.86
C GLN VA 26 3.07 110.24 -52.51
N THR VA 27 2.52 111.12 -51.68
CA THR VA 27 3.22 112.36 -51.32
C THR VA 27 2.66 112.85 -50.00
N LEU VA 28 3.48 112.77 -48.95
CA LEU VA 28 3.09 113.33 -47.67
C LEU VA 28 3.32 114.85 -47.67
N TYR VA 29 2.78 115.51 -46.65
CA TYR VA 29 2.98 116.93 -46.46
C TYR VA 29 2.93 117.22 -44.96
N ARG VA 30 3.45 118.39 -44.58
CA ARG VA 30 3.37 118.87 -43.21
C ARG VA 30 3.88 120.30 -43.19
N ALA VA 31 3.55 121.02 -42.12
CA ALA VA 31 3.89 122.42 -41.97
C ALA VA 31 5.14 122.58 -41.09
N THR VA 32 5.47 123.83 -40.74
CA THR VA 32 6.74 124.15 -40.11
C THR VA 32 6.73 124.00 -38.60
N ALA VA 33 5.61 124.31 -37.94
CA ALA VA 33 5.56 124.26 -36.48
C ALA VA 33 5.77 122.84 -35.97
N GLU VA 34 6.23 122.70 -34.73
CA GLU VA 34 6.61 121.40 -34.18
C GLU VA 34 5.85 121.13 -32.89
N ALA VA 35 5.56 119.85 -32.67
CA ALA VA 35 4.90 119.41 -31.44
C ALA VA 35 5.41 118.00 -31.12
N LEU VA 36 4.70 117.31 -30.24
CA LEU VA 36 5.11 115.98 -29.78
C LEU VA 36 4.27 114.87 -30.39
N SER VA 37 2.95 114.92 -30.22
CA SER VA 37 2.06 113.87 -30.70
C SER VA 37 1.55 114.16 -32.12
N ALA VA 38 0.83 115.27 -32.28
CA ALA VA 38 0.34 115.70 -33.58
C ALA VA 38 0.96 117.05 -33.90
N ALA VA 39 1.81 117.08 -34.93
CA ALA VA 39 2.57 118.28 -35.20
C ALA VA 39 1.73 119.31 -35.95
N ASN VA 40 1.31 118.99 -37.16
CA ASN VA 40 0.72 119.97 -38.06
C ASN VA 40 -0.30 119.31 -38.98
N PRO VA 41 -1.00 120.08 -39.81
CA PRO VA 41 -1.80 119.46 -40.88
C PRO VA 41 -0.93 118.61 -41.79
N SER VA 42 -1.47 117.47 -42.20
CA SER VA 42 -0.71 116.48 -42.97
C SER VA 42 -1.56 116.01 -44.15
N LEU VA 43 -1.33 116.59 -45.33
CA LEU VA 43 -2.12 116.32 -46.53
C LEU VA 43 -1.45 115.20 -47.31
N SER VA 44 -1.96 113.98 -47.15
CA SER VA 44 -1.45 112.86 -47.94
C SER VA 44 -2.18 112.78 -49.27
N PHE VA 45 -1.45 112.44 -50.32
CA PHE VA 45 -1.95 112.44 -51.70
C PHE VA 45 -1.54 111.13 -52.36
N GLY VA 46 -2.51 110.28 -52.66
CA GLY VA 46 -2.23 108.91 -53.03
C GLY VA 46 -2.65 108.44 -54.40
N TYR VA 47 -2.41 109.25 -55.44
CA TYR VA 47 -2.86 108.91 -56.79
C TYR VA 47 -2.23 107.62 -57.28
N ARG VA 48 -2.95 106.96 -58.20
CA ARG VA 48 -2.51 105.72 -58.82
C ARG VA 48 -3.38 105.48 -60.05
N PHE VA 49 -3.11 104.37 -60.75
CA PHE VA 49 -3.91 103.92 -61.89
C PHE VA 49 -4.38 102.50 -61.64
N THR VA 50 -5.10 101.95 -62.60
CA THR VA 50 -5.75 100.65 -62.42
C THR VA 50 -5.74 99.92 -63.77
N ASP VA 51 -6.58 98.90 -63.90
CA ASP VA 51 -6.64 98.10 -65.12
C ASP VA 51 -6.87 98.96 -66.35
N GLY VA 52 -7.87 99.83 -66.29
CA GLY VA 52 -8.11 100.81 -67.33
C GLY VA 52 -7.39 102.11 -67.02
N GLY VA 53 -7.91 103.19 -67.58
CA GLY VA 53 -7.40 104.51 -67.26
C GLY VA 53 -8.03 105.04 -65.99
N THR VA 54 -8.41 104.13 -65.09
CA THR VA 54 -9.16 104.50 -63.89
C THR VA 54 -8.25 105.23 -62.92
N ASN VA 55 -8.12 106.53 -63.10
CA ASN VA 55 -7.26 107.35 -62.27
C ASN VA 55 -7.85 107.44 -60.87
N ARG VA 56 -7.34 106.63 -59.95
CA ARG VA 56 -7.91 106.51 -58.61
C ARG VA 56 -7.14 107.39 -57.63
N GLN VA 57 -7.29 108.70 -57.81
CA GLN VA 57 -6.65 109.63 -56.89
C GLN VA 57 -7.31 109.56 -55.53
N SER VA 58 -6.57 110.00 -54.51
CA SER VA 58 -7.04 109.92 -53.14
C SER VA 58 -6.27 110.92 -52.29
N LEU VA 59 -6.97 111.60 -51.40
CA LEU VA 59 -6.37 112.61 -50.55
C LEU VA 59 -6.81 112.39 -49.11
N SER VA 60 -6.09 113.03 -48.20
CA SER VA 60 -6.50 113.05 -46.80
C SER VA 60 -5.82 114.21 -46.09
N TYR VA 61 -6.60 115.18 -45.62
CA TYR VA 61 -6.07 116.38 -44.97
C TYR VA 61 -6.47 116.34 -43.51
N LYS VA 62 -5.50 116.15 -42.63
CA LYS VA 62 -5.73 116.14 -41.19
C LYS VA 62 -5.18 117.41 -40.58
N GLN VA 63 -6.01 118.11 -39.82
CA GLN VA 63 -5.59 119.29 -39.08
C GLN VA 63 -5.76 119.02 -37.59
N PRO VA 64 -4.69 118.98 -36.80
CA PRO VA 64 -4.83 118.62 -35.39
C PRO VA 64 -5.48 119.74 -34.58
N ILE VA 65 -6.47 119.34 -33.78
CA ILE VA 65 -7.12 120.22 -32.83
C ILE VA 65 -6.20 120.29 -31.61
N THR VA 66 -5.63 121.46 -31.37
CA THR VA 66 -4.63 121.65 -30.32
C THR VA 66 -4.88 122.97 -29.61
N ALA VA 67 -4.43 123.04 -28.35
CA ALA VA 67 -4.42 124.26 -27.56
C ALA VA 67 -3.12 124.32 -26.79
N VAL VA 68 -2.51 125.49 -26.74
CA VAL VA 68 -1.18 125.64 -26.14
C VAL VA 68 -1.30 125.62 -24.62
N ASP VA 69 -0.49 124.78 -23.97
CA ASP VA 69 -0.45 124.75 -22.52
C ASP VA 69 0.33 125.94 -21.99
N SER VA 70 0.15 126.21 -20.69
CA SER VA 70 0.92 127.24 -20.02
C SER VA 70 2.18 126.65 -19.40
N THR VA 71 3.26 127.42 -19.47
CA THR VA 71 4.57 127.12 -18.90
C THR VA 71 5.27 125.95 -19.58
N THR VA 72 4.65 125.28 -20.54
CA THR VA 72 5.26 124.17 -21.25
C THR VA 72 5.14 124.39 -22.75
N SER VA 73 6.21 124.11 -23.47
CA SER VA 73 6.26 124.29 -24.92
C SER VA 73 5.91 123.01 -25.68
N GLU VA 74 4.73 122.45 -25.40
CA GLU VA 74 4.31 121.22 -26.05
C GLU VA 74 2.95 121.33 -26.73
N THR VA 75 2.27 122.47 -26.61
CA THR VA 75 1.04 122.80 -27.34
C THR VA 75 0.11 121.60 -27.47
N LEU VA 76 -0.38 121.11 -26.32
CA LEU VA 76 -1.20 119.90 -26.25
C LEU VA 76 -2.24 119.83 -27.35
N VAL VA 77 -2.28 118.69 -28.03
CA VAL VA 77 -3.23 118.44 -29.11
C VAL VA 77 -4.39 117.62 -28.57
N ARG VA 78 -5.60 117.96 -29.03
CA ARG VA 78 -6.81 117.33 -28.52
C ARG VA 78 -7.47 116.39 -29.52
N GLY VA 79 -7.29 116.60 -30.80
CA GLY VA 79 -7.91 115.75 -31.80
C GLY VA 79 -7.40 116.02 -33.19
N GLN VA 80 -8.23 115.68 -34.19
CA GLN VA 80 -7.89 115.96 -35.58
C GLN VA 80 -9.13 115.99 -36.47
N CYS VA 81 -9.22 116.97 -37.35
CA CYS VA 81 -10.35 117.13 -38.28
C CYS VA 81 -9.98 116.47 -39.59
N VAL VA 82 -10.26 115.17 -39.70
CA VAL VA 82 -9.96 114.42 -40.91
C VAL VA 82 -10.91 114.84 -42.03
N VAL VA 83 -10.36 115.06 -43.22
CA VAL VA 83 -11.17 115.34 -44.41
C VAL VA 83 -10.64 114.55 -45.59
N ASP VA 84 -11.29 113.42 -45.89
CA ASP VA 84 -10.87 112.56 -47.00
C ASP VA 84 -11.54 113.01 -48.30
N ILE VA 85 -10.80 112.90 -49.40
CA ILE VA 85 -11.33 113.22 -50.72
C ILE VA 85 -10.85 112.17 -51.71
N ASN VA 86 -11.72 111.24 -52.09
CA ASN VA 86 -11.36 110.19 -53.04
C ASN VA 86 -11.99 110.47 -54.39
N ILE VA 87 -11.19 110.28 -55.45
CA ILE VA 87 -11.60 110.59 -56.81
C ILE VA 87 -11.40 109.35 -57.67
N VAL VA 88 -12.42 109.00 -58.45
CA VAL VA 88 -12.37 107.88 -59.37
C VAL VA 88 -12.84 108.37 -60.72
N ILE VA 89 -11.92 108.49 -61.67
CA ILE VA 89 -12.21 109.00 -63.01
C ILE VA 89 -12.03 107.85 -63.99
N PRO VA 90 -13.03 107.52 -64.81
CA PRO VA 90 -12.92 106.33 -65.66
C PRO VA 90 -11.97 106.54 -66.82
N ARG VA 91 -11.79 105.48 -67.62
CA ARG VA 91 -10.91 105.57 -68.78
C ARG VA 91 -11.49 106.46 -69.88
N VAL VA 92 -12.81 106.51 -70.01
CA VAL VA 92 -13.45 107.16 -71.15
C VAL VA 92 -13.70 108.64 -70.87
N ALA VA 93 -13.16 109.15 -69.77
CA ALA VA 93 -13.46 110.50 -69.34
C ALA VA 93 -12.58 111.49 -70.07
N THR VA 94 -13.18 112.25 -70.99
CA THR VA 94 -12.48 113.33 -71.66
C THR VA 94 -12.01 114.37 -70.64
N ALA VA 95 -10.83 114.94 -70.87
CA ALA VA 95 -10.24 115.85 -69.89
C ALA VA 95 -11.10 117.05 -69.60
N THR VA 96 -12.02 117.42 -70.51
CA THR VA 96 -13.00 118.44 -70.16
C THR VA 96 -14.01 117.92 -69.15
N ASP VA 97 -14.48 116.68 -69.34
CA ASP VA 97 -15.42 116.10 -68.38
C ASP VA 97 -14.80 115.93 -67.01
N ARG VA 98 -13.52 115.52 -66.96
CA ARG VA 98 -12.87 115.38 -65.66
C ARG VA 98 -12.74 116.72 -64.95
N ALA VA 99 -12.35 117.77 -65.68
CA ALA VA 99 -12.26 119.09 -65.08
C ALA VA 99 -13.61 119.54 -64.56
N GLU VA 100 -14.67 119.33 -65.35
CA GLU VA 100 -16.01 119.68 -64.89
C GLU VA 100 -16.37 118.93 -63.62
N ALA VA 101 -16.12 117.63 -63.59
CA ALA VA 101 -16.49 116.83 -62.44
C ALA VA 101 -15.76 117.29 -61.19
N ILE VA 102 -14.45 117.52 -61.29
CA ILE VA 102 -13.67 117.91 -60.13
C ILE VA 102 -14.10 119.30 -59.64
N LYS VA 103 -14.21 120.26 -60.56
CA LYS VA 103 -14.52 121.62 -60.14
C LYS VA 103 -15.95 121.74 -59.64
N ARG VA 104 -16.84 120.86 -60.09
CA ARG VA 104 -18.20 120.84 -59.56
C ARG VA 104 -18.26 120.17 -58.19
N ALA VA 105 -17.48 119.12 -57.99
CA ALA VA 105 -17.44 118.48 -56.68
C ALA VA 105 -16.87 119.41 -55.63
N PHE VA 106 -15.84 120.19 -55.99
CA PHE VA 106 -15.23 121.08 -55.03
C PHE VA 106 -15.98 122.41 -54.89
N ASP VA 107 -17.08 122.58 -55.63
CA ASP VA 107 -17.95 123.73 -55.43
C ASP VA 107 -19.09 123.45 -54.47
N VAL VA 108 -19.11 122.28 -53.84
CA VAL VA 108 -20.13 121.98 -52.86
C VAL VA 108 -20.05 122.96 -51.69
N LEU VA 109 -18.82 123.29 -51.27
CA LEU VA 109 -18.64 124.16 -50.12
C LEU VA 109 -19.34 125.50 -50.30
N ASN VA 110 -19.44 125.99 -51.53
CA ASN VA 110 -20.11 127.25 -51.79
C ASN VA 110 -21.61 127.10 -51.99
N ALA VA 111 -22.11 125.87 -52.15
CA ALA VA 111 -23.53 125.63 -52.33
C ALA VA 111 -24.16 125.01 -51.08
N LEU VA 112 -23.54 123.96 -50.56
CA LEU VA 112 -23.98 123.31 -49.32
C LEU VA 112 -23.17 123.83 -48.14
N ASN VA 113 -23.19 125.16 -47.98
CA ASN VA 113 -22.22 125.83 -47.12
C ASN VA 113 -22.51 125.62 -45.64
N ALA VA 114 -23.72 125.97 -45.21
CA ALA VA 114 -24.05 125.96 -43.79
C ALA VA 114 -23.96 124.55 -43.21
N GLU VA 115 -24.41 123.55 -43.95
CA GLU VA 115 -24.37 122.18 -43.45
C GLU VA 115 -22.96 121.68 -43.24
N LEU VA 116 -21.99 122.21 -43.98
CA LEU VA 116 -20.61 121.75 -43.88
C LEU VA 116 -19.81 122.56 -42.87
N ILE VA 117 -19.98 123.88 -42.86
CA ILE VA 117 -19.24 124.72 -41.93
C ILE VA 117 -19.82 124.61 -40.54
N THR VA 118 -21.11 124.94 -40.39
CA THR VA 118 -21.74 124.94 -39.08
C THR VA 118 -22.01 123.51 -38.58
N GLY VA 119 -22.45 122.62 -39.47
CA GLY VA 119 -22.68 121.24 -39.10
C GLY VA 119 -24.09 120.95 -38.65
N GLU VA 120 -25.07 121.37 -39.44
CA GLU VA 120 -26.47 121.31 -39.03
C GLU VA 120 -27.35 121.32 -40.26
N GLY VA 121 -28.62 121.04 -40.05
CA GLY VA 121 -29.62 121.37 -41.06
C GLY VA 121 -30.28 120.21 -41.76
N GLN VA 122 -30.75 120.49 -42.99
CA GLN VA 122 -31.53 119.54 -43.79
C GLN VA 122 -32.81 119.13 -43.03
N TRP VA 123 -33.69 120.13 -42.88
CA TRP VA 123 -34.97 119.91 -42.22
C TRP VA 123 -35.96 119.30 -43.21
N ALA WA 1 -58.53 -74.35 -90.05
CA ALA WA 1 -58.68 -74.10 -91.48
C ALA WA 1 -58.94 -72.63 -91.76
N ALA WA 2 -59.25 -72.29 -93.00
CA ALA WA 2 -59.56 -70.91 -93.34
C ALA WA 2 -60.85 -70.50 -92.64
N ARG WA 3 -60.85 -69.29 -92.08
CA ARG WA 3 -62.00 -68.79 -91.36
C ARG WA 3 -63.21 -68.68 -92.28
N SER WA 4 -64.37 -69.12 -91.80
CA SER WA 4 -65.59 -69.10 -92.57
C SER WA 4 -66.76 -68.89 -91.62
N SER WA 5 -67.96 -69.17 -92.09
CA SER WA 5 -69.16 -69.05 -91.27
C SER WA 5 -69.43 -70.37 -90.54
N ILE WA 6 -70.14 -70.26 -89.41
CA ILE WA 6 -70.54 -71.42 -88.62
C ILE WA 6 -72.02 -71.34 -88.34
N VAL WA 7 -72.63 -72.51 -88.15
CA VAL WA 7 -74.08 -72.65 -88.25
C VAL WA 7 -74.59 -73.22 -86.91
N LEU WA 8 -73.99 -72.77 -85.80
CA LEU WA 8 -74.42 -73.17 -84.47
C LEU WA 8 -75.93 -73.32 -84.37
N THR WA 9 -76.38 -74.45 -83.85
CA THR WA 9 -77.79 -74.78 -83.77
C THR WA 9 -78.07 -75.49 -82.47
N ASP WA 10 -79.36 -75.63 -82.17
CA ASP WA 10 -79.81 -76.43 -81.03
C ASP WA 10 -80.96 -77.33 -81.44
N GLY WA 11 -80.99 -77.70 -82.71
CA GLY WA 11 -81.99 -78.62 -83.21
C GLY WA 11 -83.19 -77.93 -83.82
N THR WA 12 -83.49 -76.71 -83.38
CA THR WA 12 -84.67 -76.02 -83.86
C THR WA 12 -84.41 -74.64 -84.45
N THR WA 13 -83.49 -73.86 -83.87
CA THR WA 13 -83.22 -72.51 -84.32
C THR WA 13 -81.73 -72.34 -84.60
N PRO WA 14 -81.29 -72.64 -85.81
CA PRO WA 14 -79.87 -72.44 -86.15
C PRO WA 14 -79.52 -70.96 -86.16
N VAL WA 15 -78.24 -70.69 -85.89
CA VAL WA 15 -77.70 -69.34 -85.88
C VAL WA 15 -76.45 -69.34 -86.76
N THR WA 16 -76.45 -68.48 -87.77
CA THR WA 16 -75.29 -68.35 -88.66
C THR WA 16 -74.40 -67.23 -88.15
N LEU WA 17 -73.16 -67.57 -87.81
CA LEU WA 17 -72.20 -66.60 -87.32
C LEU WA 17 -71.13 -66.37 -88.39
N THR WA 18 -70.61 -65.15 -88.44
CA THR WA 18 -69.62 -64.76 -89.41
C THR WA 18 -68.44 -64.11 -88.69
N PRO WA 19 -67.23 -64.26 -89.22
CA PRO WA 19 -66.06 -63.69 -88.54
C PRO WA 19 -65.94 -62.19 -88.76
N VAL WA 20 -66.00 -61.41 -87.69
CA VAL WA 20 -66.03 -59.96 -87.81
C VAL WA 20 -64.88 -59.34 -87.03
N GLY WA 21 -63.78 -60.06 -86.91
CA GLY WA 21 -62.63 -59.53 -86.21
C GLY WA 21 -61.71 -60.64 -85.75
N GLY WA 22 -60.83 -60.28 -84.83
CA GLY WA 22 -59.91 -61.24 -84.26
C GLY WA 22 -58.46 -60.80 -84.27
N GLY WA 23 -57.57 -61.73 -84.56
CA GLY WA 23 -56.14 -61.42 -84.57
C GLY WA 23 -55.33 -62.67 -84.77
N VAL WA 24 -54.20 -62.73 -84.06
CA VAL WA 24 -53.34 -63.90 -84.07
C VAL WA 24 -53.74 -64.77 -82.89
N GLY WA 25 -54.17 -66.00 -83.18
CA GLY WA 25 -54.69 -66.86 -82.15
C GLY WA 25 -55.98 -66.35 -81.55
N GLN WA 26 -56.89 -65.87 -82.40
CA GLN WA 26 -58.18 -65.35 -81.97
C GLN WA 26 -59.04 -65.15 -83.20
N THR WA 27 -60.35 -65.40 -83.04
CA THR WA 27 -61.28 -65.24 -84.16
C THR WA 27 -62.67 -64.97 -83.58
N LEU WA 28 -63.05 -63.71 -83.54
CA LEU WA 28 -64.39 -63.35 -83.10
C LEU WA 28 -65.42 -63.73 -84.16
N TYR WA 29 -66.63 -63.99 -83.69
CA TYR WA 29 -67.77 -64.27 -84.56
C TYR WA 29 -68.95 -63.45 -84.09
N ARG WA 30 -69.92 -63.24 -84.98
CA ARG WA 30 -71.15 -62.60 -84.58
C ARG WA 30 -72.26 -63.04 -85.52
N ALA WA 31 -73.47 -63.16 -84.99
CA ALA WA 31 -74.61 -63.51 -85.82
C ALA WA 31 -74.90 -62.39 -86.79
N THR WA 32 -75.31 -62.76 -88.01
CA THR WA 32 -75.50 -61.77 -89.07
C THR WA 32 -76.48 -60.69 -88.64
N ALA WA 33 -77.73 -61.08 -88.40
CA ALA WA 33 -78.73 -60.16 -87.86
C ALA WA 33 -79.88 -60.98 -87.32
N GLU WA 34 -80.11 -60.92 -86.01
CA GLU WA 34 -81.32 -61.53 -85.46
C GLU WA 34 -82.50 -60.56 -85.56
N ALA WA 35 -82.46 -59.47 -84.80
CA ALA WA 35 -83.41 -58.38 -84.95
C ALA WA 35 -82.82 -56.99 -84.78
N LEU WA 36 -81.64 -56.88 -84.18
CA LEU WA 36 -80.97 -55.60 -83.92
C LEU WA 36 -79.56 -55.92 -83.45
N SER WA 37 -78.80 -54.89 -83.12
CA SER WA 37 -77.50 -55.10 -82.50
C SER WA 37 -77.65 -55.27 -80.99
N ALA WA 38 -76.64 -55.86 -80.38
CA ALA WA 38 -76.59 -56.27 -78.97
C ALA WA 38 -77.56 -57.40 -78.66
N ALA WA 39 -78.36 -57.84 -79.63
CA ALA WA 39 -79.21 -59.01 -79.48
C ALA WA 39 -78.75 -60.12 -80.40
N ASN WA 40 -77.44 -60.19 -80.63
CA ASN WA 40 -76.83 -61.15 -81.53
C ASN WA 40 -75.77 -61.96 -80.79
N PRO WA 41 -75.83 -63.28 -80.85
CA PRO WA 41 -74.83 -64.10 -80.16
C PRO WA 41 -73.45 -63.96 -80.77
N SER WA 42 -72.44 -64.21 -79.95
CA SER WA 42 -71.05 -64.15 -80.40
C SER WA 42 -70.32 -65.39 -79.92
N LEU WA 43 -69.25 -65.76 -80.64
CA LEU WA 43 -68.53 -67.02 -80.43
C LEU WA 43 -67.01 -66.76 -80.41
N SER WA 44 -66.57 -65.89 -79.50
CA SER WA 44 -65.14 -65.61 -79.40
C SER WA 44 -64.36 -66.91 -79.25
N PHE WA 45 -63.26 -67.02 -79.99
CA PHE WA 45 -62.51 -68.29 -80.06
C PHE WA 45 -61.03 -67.98 -80.19
N GLY WA 46 -60.25 -68.37 -79.18
CA GLY WA 46 -58.82 -68.21 -79.19
C GLY WA 46 -58.09 -69.53 -79.14
N TYR WA 47 -56.78 -69.46 -79.36
CA TYR WA 47 -55.92 -70.63 -79.38
C TYR WA 47 -54.47 -70.17 -79.33
N ARG WA 48 -53.65 -70.90 -78.58
CA ARG WA 48 -52.26 -70.52 -78.41
C ARG WA 48 -51.46 -71.73 -77.95
N PHE WA 49 -50.14 -71.63 -78.10
CA PHE WA 49 -49.21 -72.65 -77.65
C PHE WA 49 -48.22 -72.01 -76.68
N THR WA 50 -48.05 -72.63 -75.51
CA THR WA 50 -47.03 -72.20 -74.58
C THR WA 50 -45.69 -72.87 -74.91
N ASP WA 51 -44.76 -72.84 -73.95
CA ASP WA 51 -43.46 -73.48 -74.11
C ASP WA 51 -43.54 -74.83 -74.81
N GLY WA 52 -44.31 -75.75 -74.24
CA GLY WA 52 -44.53 -77.04 -74.86
C GLY WA 52 -45.70 -76.98 -75.83
N GLY WA 53 -46.08 -78.15 -76.34
CA GLY WA 53 -47.18 -78.22 -77.29
C GLY WA 53 -48.54 -78.17 -76.63
N THR WA 54 -48.64 -77.43 -75.53
CA THR WA 54 -49.90 -77.33 -74.79
C THR WA 54 -50.89 -76.54 -75.62
N ASN WA 55 -51.78 -77.26 -76.30
CA ASN WA 55 -52.73 -76.67 -77.23
C ASN WA 55 -53.90 -76.01 -76.49
N ARG WA 56 -53.64 -74.89 -75.83
CA ARG WA 56 -54.67 -74.25 -74.98
C ARG WA 56 -55.63 -73.46 -75.86
N GLN WA 57 -56.61 -74.18 -76.40
CA GLN WA 57 -57.71 -73.54 -77.08
C GLN WA 57 -58.70 -72.98 -76.06
N SER WA 58 -59.47 -71.98 -76.48
CA SER WA 58 -60.42 -71.34 -75.58
C SER WA 58 -61.62 -70.87 -76.39
N LEU WA 59 -62.79 -70.95 -75.77
CA LEU WA 59 -64.02 -70.53 -76.42
C LEU WA 59 -64.83 -69.69 -75.45
N SER WA 60 -65.75 -68.90 -76.01
CA SER WA 60 -66.66 -68.10 -75.21
C SER WA 60 -67.85 -67.76 -76.09
N TYR WA 61 -68.99 -68.39 -75.82
CA TYR WA 61 -70.23 -68.14 -76.55
C TYR WA 61 -71.14 -67.32 -75.65
N LYS WA 62 -71.56 -66.16 -76.14
CA LYS WA 62 -72.41 -65.25 -75.39
C LYS WA 62 -73.70 -65.02 -76.17
N GLN WA 63 -74.83 -65.36 -75.54
CA GLN WA 63 -76.13 -65.15 -76.14
C GLN WA 63 -76.93 -64.18 -75.28
N PRO WA 64 -77.29 -63.01 -75.78
CA PRO WA 64 -77.98 -62.03 -74.95
C PRO WA 64 -79.48 -62.26 -74.87
N ILE WA 65 -80.03 -61.93 -73.71
CA ILE WA 65 -81.44 -62.18 -73.41
C ILE WA 65 -82.19 -60.88 -73.68
N THR WA 66 -83.05 -60.89 -74.69
CA THR WA 66 -83.76 -59.70 -75.12
C THR WA 66 -85.22 -59.79 -74.69
N ALA WA 67 -85.82 -58.62 -74.45
CA ALA WA 67 -87.19 -58.55 -73.95
C ALA WA 67 -87.79 -57.22 -74.36
N VAL WA 68 -89.11 -57.22 -74.58
CA VAL WA 68 -89.80 -56.01 -74.99
C VAL WA 68 -89.95 -55.06 -73.80
N ASP WA 69 -90.09 -53.77 -74.12
CA ASP WA 69 -90.18 -52.69 -73.13
C ASP WA 69 -91.43 -51.87 -73.41
N SER WA 70 -92.58 -52.55 -73.45
CA SER WA 70 -93.86 -52.04 -73.92
C SER WA 70 -94.16 -50.59 -73.52
N THR WA 71 -93.67 -50.15 -72.36
CA THR WA 71 -93.77 -48.74 -72.02
C THR WA 71 -93.14 -47.86 -73.10
N THR WA 72 -92.11 -48.37 -73.78
CA THR WA 72 -91.51 -47.71 -74.93
C THR WA 72 -91.50 -48.57 -76.18
N SER WA 73 -91.73 -49.87 -76.04
CA SER WA 73 -91.77 -50.82 -77.16
C SER WA 73 -90.42 -50.97 -77.87
N GLU WA 74 -89.33 -50.73 -77.14
CA GLU WA 74 -87.98 -50.90 -77.67
C GLU WA 74 -87.38 -52.16 -77.07
N THR WA 75 -86.84 -53.03 -77.92
CA THR WA 75 -86.40 -54.37 -77.51
C THR WA 75 -85.06 -54.27 -76.79
N LEU WA 76 -85.13 -53.87 -75.53
CA LEU WA 76 -83.94 -53.76 -74.70
C LEU WA 76 -83.41 -55.14 -74.34
N VAL WA 77 -82.11 -55.21 -74.07
CA VAL WA 77 -81.44 -56.45 -73.67
C VAL WA 77 -81.13 -56.36 -72.18
N ARG WA 78 -81.45 -57.42 -71.44
CA ARG WA 78 -81.28 -57.44 -70.00
C ARG WA 78 -79.89 -57.92 -69.59
N GLY WA 79 -79.54 -59.15 -69.97
CA GLY WA 79 -78.24 -59.72 -69.65
C GLY WA 79 -77.80 -60.69 -70.72
N GLN WA 80 -76.86 -61.59 -70.40
CA GLN WA 80 -76.38 -62.54 -71.38
C GLN WA 80 -76.03 -63.87 -70.70
N CYS WA 81 -76.20 -64.95 -71.46
CA CYS WA 81 -75.77 -66.28 -71.05
C CYS WA 81 -74.39 -66.54 -71.65
N VAL WA 82 -73.45 -66.97 -70.81
CA VAL WA 82 -72.05 -67.12 -71.18
C VAL WA 82 -71.66 -68.57 -70.98
N VAL WA 83 -71.06 -69.17 -72.02
CA VAL WA 83 -70.54 -70.54 -71.95
C VAL WA 83 -69.09 -70.51 -72.37
N ASP WA 84 -68.20 -70.94 -71.49
CA ASP WA 84 -66.76 -70.97 -71.77
C ASP WA 84 -66.31 -72.42 -71.84
N ILE WA 85 -65.81 -72.84 -72.99
CA ILE WA 85 -65.27 -74.19 -73.13
C ILE WA 85 -63.77 -74.11 -73.35
N ASN WA 86 -63.00 -74.16 -72.27
CA ASN WA 86 -61.56 -74.18 -72.38
C ASN WA 86 -61.05 -75.60 -72.59
N ILE WA 87 -60.00 -75.73 -73.39
CA ILE WA 87 -59.42 -77.01 -73.71
C ILE WA 87 -57.91 -76.90 -73.58
N VAL WA 88 -57.29 -77.86 -72.88
CA VAL WA 88 -55.84 -77.91 -72.76
C VAL WA 88 -55.39 -79.33 -73.06
N ILE WA 89 -54.55 -79.48 -74.08
CA ILE WA 89 -54.00 -80.77 -74.48
C ILE WA 89 -52.47 -80.64 -74.47
N PRO WA 90 -51.75 -81.45 -73.70
CA PRO WA 90 -50.30 -81.31 -73.65
C PRO WA 90 -49.64 -81.86 -74.90
N ARG WA 91 -48.34 -81.59 -75.00
CA ARG WA 91 -47.57 -82.06 -76.17
C ARG WA 91 -47.49 -83.58 -76.20
N VAL WA 92 -47.45 -84.22 -75.03
CA VAL WA 92 -47.25 -85.66 -74.93
C VAL WA 92 -48.50 -86.41 -75.34
N ALA WA 93 -49.54 -85.68 -75.73
CA ALA WA 93 -50.83 -86.29 -76.03
C ALA WA 93 -50.82 -86.96 -77.38
N THR WA 94 -51.25 -88.22 -77.42
CA THR WA 94 -51.45 -88.90 -78.68
C THR WA 94 -52.60 -88.25 -79.43
N ALA WA 95 -52.55 -88.35 -80.76
CA ALA WA 95 -53.61 -87.78 -81.60
C ALA WA 95 -54.97 -88.42 -81.34
N THR WA 96 -55.01 -89.62 -80.74
CA THR WA 96 -56.27 -90.26 -80.40
C THR WA 96 -56.75 -89.92 -79.00
N ASP WA 97 -55.85 -89.53 -78.10
CA ASP WA 97 -56.26 -89.10 -76.77
C ASP WA 97 -56.98 -87.75 -76.83
N ARG WA 98 -56.53 -86.86 -77.71
CA ARG WA 98 -57.15 -85.55 -77.82
C ARG WA 98 -58.60 -85.65 -78.28
N ALA WA 99 -58.84 -86.42 -79.34
CA ALA WA 99 -60.21 -86.59 -79.84
C ALA WA 99 -61.09 -87.26 -78.79
N GLU WA 100 -60.56 -88.29 -78.13
CA GLU WA 100 -61.29 -88.97 -77.07
C GLU WA 100 -61.71 -88.00 -75.99
N ALA WA 101 -60.76 -87.22 -75.49
CA ALA WA 101 -61.05 -86.29 -74.40
C ALA WA 101 -62.07 -85.25 -74.85
N ILE WA 102 -61.90 -84.67 -76.04
CA ILE WA 102 -62.79 -83.62 -76.48
C ILE WA 102 -64.21 -84.14 -76.62
N LYS WA 103 -64.39 -85.26 -77.32
CA LYS WA 103 -65.74 -85.76 -77.53
C LYS WA 103 -66.37 -86.23 -76.22
N ARG WA 104 -65.60 -86.86 -75.34
CA ARG WA 104 -66.16 -87.29 -74.07
C ARG WA 104 -66.62 -86.09 -73.24
N ALA WA 105 -65.79 -85.05 -73.16
CA ALA WA 105 -66.16 -83.87 -72.38
C ALA WA 105 -67.34 -83.16 -72.98
N PHE WA 106 -67.49 -83.17 -74.30
CA PHE WA 106 -68.67 -82.56 -74.91
C PHE WA 106 -69.91 -83.43 -74.78
N ASP WA 107 -69.75 -84.73 -74.49
CA ASP WA 107 -70.91 -85.59 -74.25
C ASP WA 107 -71.53 -85.37 -72.88
N VAL WA 108 -71.04 -84.42 -72.10
CA VAL WA 108 -71.58 -84.18 -70.77
C VAL WA 108 -73.05 -83.81 -70.84
N LEU WA 109 -73.41 -82.89 -71.74
CA LEU WA 109 -74.79 -82.44 -71.84
C LEU WA 109 -75.74 -83.60 -72.14
N ASN WA 110 -75.29 -84.56 -72.93
CA ASN WA 110 -76.10 -85.77 -73.12
C ASN WA 110 -76.15 -86.60 -71.84
N ALA WA 111 -75.03 -86.69 -71.12
CA ALA WA 111 -75.00 -87.49 -69.90
C ALA WA 111 -75.56 -86.72 -68.71
N LEU WA 112 -74.92 -85.61 -68.33
CA LEU WA 112 -75.31 -84.83 -67.16
C LEU WA 112 -76.29 -83.73 -67.55
N ASN WA 113 -77.44 -84.16 -68.07
CA ASN WA 113 -78.32 -83.22 -68.77
C ASN WA 113 -79.08 -82.32 -67.80
N ALA WA 114 -79.88 -82.91 -66.92
CA ALA WA 114 -80.88 -82.16 -66.18
C ALA WA 114 -80.30 -81.05 -65.32
N GLU WA 115 -79.05 -81.18 -64.88
CA GLU WA 115 -78.46 -80.14 -64.04
C GLU WA 115 -77.91 -78.97 -64.84
N LEU WA 116 -77.77 -79.11 -66.15
CA LEU WA 116 -77.31 -78.04 -67.02
C LEU WA 116 -78.46 -77.32 -67.70
N ILE WA 117 -79.34 -78.06 -68.35
CA ILE WA 117 -80.46 -77.47 -69.09
C ILE WA 117 -81.39 -76.73 -68.14
N THR WA 118 -81.72 -77.36 -67.01
CA THR WA 118 -82.75 -76.84 -66.12
C THR WA 118 -82.18 -75.93 -65.03
N GLY WA 119 -80.98 -76.20 -64.55
CA GLY WA 119 -80.37 -75.39 -63.53
C GLY WA 119 -80.55 -75.87 -62.11
N GLU WA 120 -81.22 -77.01 -61.91
CA GLU WA 120 -81.43 -77.52 -60.57
C GLU WA 120 -80.11 -77.98 -59.95
N GLY WA 121 -79.99 -77.79 -58.65
CA GLY WA 121 -78.81 -78.20 -57.91
C GLY WA 121 -78.99 -79.60 -57.39
N GLN WA 122 -78.13 -80.50 -57.84
CA GLN WA 122 -78.23 -81.90 -57.45
C GLN WA 122 -77.97 -82.06 -55.96
N TRP WA 123 -78.72 -82.97 -55.33
CA TRP WA 123 -78.64 -83.17 -53.90
C TRP WA 123 -77.97 -84.49 -53.57
N ALA XA 1 -71.30 -63.48 -98.57
CA ALA XA 1 -70.44 -62.36 -98.20
C ALA XA 1 -68.97 -62.77 -98.18
N ALA XA 2 -68.62 -63.73 -99.02
CA ALA XA 2 -67.24 -64.12 -99.21
C ALA XA 2 -66.53 -63.14 -100.12
N ARG XA 3 -65.21 -63.20 -100.11
CA ARG XA 3 -64.41 -62.27 -100.90
C ARG XA 3 -64.37 -62.72 -102.36
N SER XA 4 -64.81 -61.83 -103.26
CA SER XA 4 -64.80 -62.10 -104.68
C SER XA 4 -64.67 -60.76 -105.41
N SER XA 5 -64.56 -60.82 -106.73
CA SER XA 5 -64.43 -59.62 -107.53
C SER XA 5 -65.72 -58.83 -107.51
N ILE XA 6 -65.59 -57.50 -107.46
CA ILE XA 6 -66.74 -56.60 -107.48
C ILE XA 6 -66.63 -55.70 -108.70
N VAL XA 7 -67.77 -55.20 -109.16
CA VAL XA 7 -67.89 -54.62 -110.50
C VAL XA 7 -68.35 -53.18 -110.39
N LEU XA 8 -67.80 -52.44 -109.41
CA LEU XA 8 -68.04 -51.00 -109.28
C LEU XA 8 -68.15 -50.33 -110.64
N THR XA 9 -69.21 -49.56 -110.82
CA THR XA 9 -69.45 -48.92 -112.11
C THR XA 9 -70.18 -47.60 -111.89
N ASP XA 10 -70.04 -46.70 -112.87
CA ASP XA 10 -70.71 -45.41 -112.86
C ASP XA 10 -71.85 -45.34 -113.85
N GLY XA 11 -72.07 -46.39 -114.63
CA GLY XA 11 -73.09 -46.39 -115.65
C GLY XA 11 -72.50 -46.51 -117.04
N THR XA 12 -71.35 -45.87 -117.26
CA THR XA 12 -70.70 -45.89 -118.57
C THR XA 12 -69.63 -46.97 -118.65
N THR XA 13 -68.63 -46.89 -117.78
CA THR XA 13 -67.48 -47.80 -117.84
C THR XA 13 -67.38 -48.56 -116.53
N PRO XA 14 -67.67 -49.86 -116.50
CA PRO XA 14 -67.48 -50.64 -115.28
C PRO XA 14 -66.02 -50.98 -115.05
N VAL XA 15 -65.62 -50.99 -113.79
CA VAL XA 15 -64.28 -51.41 -113.39
C VAL XA 15 -64.42 -52.57 -112.43
N THR XA 16 -63.68 -53.64 -112.70
CA THR XA 16 -63.76 -54.87 -111.91
C THR XA 16 -62.58 -54.91 -110.96
N LEU XA 17 -62.85 -54.80 -109.66
CA LEU XA 17 -61.82 -54.88 -108.64
C LEU XA 17 -61.76 -56.30 -108.08
N THR XA 18 -60.55 -56.84 -107.99
CA THR XA 18 -60.35 -58.15 -107.42
C THR XA 18 -59.60 -58.04 -106.10
N PRO XA 19 -59.84 -58.93 -105.14
CA PRO XA 19 -59.13 -58.84 -103.87
C PRO XA 19 -57.63 -59.00 -104.04
N VAL XA 20 -56.87 -58.26 -103.24
CA VAL XA 20 -55.42 -58.37 -103.23
C VAL XA 20 -54.93 -58.48 -101.80
N GLY XA 21 -55.78 -58.93 -100.90
CA GLY XA 21 -55.33 -59.21 -99.55
C GLY XA 21 -56.20 -58.69 -98.43
N GLY XA 22 -55.59 -58.39 -97.30
CA GLY XA 22 -56.28 -57.77 -96.19
C GLY XA 22 -56.32 -58.58 -94.91
N GLY XA 23 -56.61 -59.86 -95.01
CA GLY XA 23 -56.75 -60.67 -93.81
C GLY XA 23 -58.08 -60.46 -93.11
N VAL XA 24 -58.12 -60.62 -91.79
CA VAL XA 24 -59.34 -60.51 -91.02
C VAL XA 24 -59.50 -59.06 -90.58
N GLY XA 25 -60.73 -58.57 -90.62
CA GLY XA 25 -61.00 -57.19 -90.25
C GLY XA 25 -60.87 -56.18 -91.37
N GLN XA 26 -60.46 -56.60 -92.56
CA GLN XA 26 -60.36 -55.68 -93.69
C GLN XA 26 -60.26 -56.49 -94.97
N THR XA 27 -60.30 -55.78 -96.09
CA THR XA 27 -60.17 -56.39 -97.41
C THR XA 27 -59.71 -55.34 -98.39
N LEU XA 28 -58.62 -55.60 -99.08
CA LEU XA 28 -58.11 -54.69 -100.10
C LEU XA 28 -58.53 -55.17 -101.47
N TYR XA 29 -58.97 -54.24 -102.30
CA TYR XA 29 -59.33 -54.55 -103.68
C TYR XA 29 -58.44 -53.77 -104.62
N ARG XA 30 -58.38 -54.21 -105.87
CA ARG XA 30 -57.66 -53.49 -106.90
C ARG XA 30 -58.01 -54.03 -108.28
N ALA XA 31 -58.18 -53.15 -109.26
CA ALA XA 31 -58.45 -53.56 -110.62
C ALA XA 31 -57.15 -53.96 -111.31
N THR XA 32 -57.25 -54.42 -112.55
CA THR XA 32 -56.05 -54.79 -113.28
C THR XA 32 -55.38 -53.58 -113.91
N ALA XA 33 -56.03 -52.99 -114.92
CA ALA XA 33 -55.49 -51.85 -115.69
C ALA XA 33 -53.98 -51.98 -115.87
N GLU XA 34 -53.58 -53.17 -116.30
CA GLU XA 34 -52.18 -53.59 -116.21
C GLU XA 34 -51.28 -52.67 -117.03
N ALA XA 35 -50.02 -52.56 -116.60
CA ALA XA 35 -49.01 -51.80 -117.33
C ALA XA 35 -49.45 -50.34 -117.49
N LEU XA 36 -49.44 -49.63 -116.37
CA LEU XA 36 -48.77 -49.90 -115.10
C LEU XA 36 -49.69 -50.60 -114.10
N SER XA 37 -49.10 -51.17 -113.04
CA SER XA 37 -49.88 -51.88 -112.04
C SER XA 37 -50.32 -50.99 -110.89
N ALA XA 38 -49.69 -49.84 -110.70
CA ALA XA 38 -50.08 -48.88 -109.68
C ALA XA 38 -51.05 -47.82 -110.19
N ALA XA 39 -51.40 -47.88 -111.47
CA ALA XA 39 -52.35 -46.93 -112.06
C ALA XA 39 -53.72 -47.57 -112.25
N ASN XA 40 -54.34 -47.97 -111.14
CA ASN XA 40 -55.68 -48.53 -111.18
C ASN XA 40 -56.35 -48.32 -109.83
N PRO XA 41 -57.67 -48.26 -109.79
CA PRO XA 41 -58.37 -47.93 -108.55
C PRO XA 41 -58.29 -49.05 -107.51
N SER XA 42 -58.54 -48.66 -106.27
CA SER XA 42 -58.49 -49.57 -105.13
C SER XA 42 -59.60 -49.22 -104.16
N LEU XA 43 -60.01 -50.21 -103.36
CA LEU XA 43 -61.19 -50.11 -102.49
C LEU XA 43 -60.90 -50.62 -101.08
N SER XA 44 -59.90 -50.07 -100.42
CA SER XA 44 -59.58 -50.53 -99.07
C SER XA 44 -60.79 -50.48 -98.17
N PHE XA 45 -61.28 -51.65 -97.76
CA PHE XA 45 -62.52 -51.78 -96.99
C PHE XA 45 -62.25 -52.50 -95.69
N GLY XA 46 -62.45 -51.82 -94.56
CA GLY XA 46 -62.26 -52.41 -93.25
C GLY XA 46 -63.53 -52.33 -92.42
N TYR XA 47 -63.54 -53.12 -91.34
CA TYR XA 47 -64.69 -53.22 -90.45
C TYR XA 47 -64.24 -53.83 -89.14
N ARG XA 48 -64.94 -53.49 -88.06
CA ARG XA 48 -64.61 -54.01 -86.74
C ARG XA 48 -65.80 -53.77 -85.82
N PHE XA 49 -65.73 -54.35 -84.63
CA PHE XA 49 -66.70 -54.14 -83.57
C PHE XA 49 -65.97 -53.73 -82.31
N THR XA 50 -66.39 -52.63 -81.71
CA THR XA 50 -65.75 -52.11 -80.51
C THR XA 50 -66.26 -52.87 -79.28
N ASP XA 51 -66.00 -52.30 -78.10
CA ASP XA 51 -66.43 -52.92 -76.85
C ASP XA 51 -67.91 -53.27 -76.87
N GLY XA 52 -68.74 -52.35 -77.36
CA GLY XA 52 -70.14 -52.64 -77.52
C GLY XA 52 -70.42 -53.35 -78.81
N GLY XA 53 -71.54 -53.03 -79.45
CA GLY XA 53 -71.85 -53.57 -80.76
C GLY XA 53 -71.67 -52.52 -81.84
N THR XA 54 -70.89 -51.49 -81.52
CA THR XA 54 -70.70 -50.35 -82.43
C THR XA 54 -69.92 -50.83 -83.64
N ASN XA 55 -70.63 -51.07 -84.73
CA ASN XA 55 -70.02 -51.52 -85.98
C ASN XA 55 -69.40 -50.31 -86.66
N ARG XA 56 -68.07 -50.31 -86.80
CA ARG XA 56 -67.36 -49.20 -87.43
C ARG XA 56 -66.79 -49.67 -88.77
N GLN XA 57 -67.60 -49.55 -89.81
CA GLN XA 57 -67.14 -49.87 -91.14
C GLN XA 57 -66.45 -48.67 -91.77
N SER XA 58 -65.58 -48.93 -92.73
CA SER XA 58 -64.81 -47.86 -93.35
C SER XA 58 -64.37 -48.25 -94.75
N LEU XA 59 -64.64 -47.40 -95.73
CA LEU XA 59 -64.23 -47.66 -97.10
C LEU XA 59 -63.38 -46.50 -97.59
N SER XA 60 -62.41 -46.82 -98.44
CA SER XA 60 -61.56 -45.80 -99.03
C SER XA 60 -61.32 -46.22 -100.47
N TYR XA 61 -61.91 -45.49 -101.41
CA TYR XA 61 -61.79 -45.76 -102.83
C TYR XA 61 -60.86 -44.73 -103.43
N LYS XA 62 -59.77 -45.19 -104.03
CA LYS XA 62 -58.78 -44.32 -104.66
C LYS XA 62 -58.73 -44.62 -106.14
N GLN XA 63 -58.85 -43.59 -106.97
CA GLN XA 63 -58.72 -43.75 -108.41
C GLN XA 63 -57.59 -42.85 -108.91
N PRO XA 64 -56.52 -43.41 -109.46
CA PRO XA 64 -55.42 -42.55 -109.92
C PRO XA 64 -55.69 -42.01 -111.32
N ILE XA 65 -55.10 -40.85 -111.57
CA ILE XA 65 -55.28 -40.13 -112.82
C ILE XA 65 -54.08 -40.43 -113.71
N THR XA 66 -54.32 -41.13 -114.80
CA THR XA 66 -53.27 -41.60 -115.68
C THR XA 66 -53.07 -40.63 -116.84
N ALA XA 67 -51.95 -40.78 -117.52
CA ALA XA 67 -51.63 -39.95 -118.68
C ALA XA 67 -50.61 -40.72 -119.53
N VAL XA 68 -51.04 -41.24 -120.66
CA VAL XA 68 -50.17 -42.05 -121.50
C VAL XA 68 -49.22 -41.11 -122.24
N ASP XA 69 -47.94 -41.15 -121.88
CA ASP XA 69 -46.92 -40.28 -122.45
C ASP XA 69 -46.54 -40.83 -123.81
N SER XA 70 -47.09 -40.25 -124.88
CA SER XA 70 -46.86 -40.77 -126.23
C SER XA 70 -45.40 -40.71 -126.65
N THR XA 71 -44.63 -39.79 -126.08
CA THR XA 71 -43.21 -39.70 -126.42
C THR XA 71 -42.45 -40.96 -126.01
N THR XA 72 -42.64 -41.39 -124.77
CA THR XA 72 -41.93 -42.55 -124.22
C THR XA 72 -42.80 -43.80 -124.20
N SER XA 73 -44.12 -43.66 -124.32
CA SER XA 73 -45.08 -44.76 -124.28
C SER XA 73 -45.04 -45.46 -122.91
N GLU XA 74 -45.22 -44.67 -121.87
CA GLU XA 74 -45.36 -45.17 -120.51
C GLU XA 74 -46.49 -44.43 -119.83
N THR XA 75 -47.17 -45.10 -118.92
CA THR XA 75 -48.27 -44.50 -118.19
C THR XA 75 -47.74 -43.79 -116.95
N LEU XA 76 -48.11 -42.52 -116.80
CA LEU XA 76 -47.67 -41.70 -115.68
C LEU XA 76 -48.85 -41.43 -114.76
N VAL XA 77 -48.59 -41.37 -113.46
CA VAL XA 77 -49.62 -41.15 -112.46
C VAL XA 77 -49.47 -39.73 -111.93
N ARG XA 78 -50.49 -38.91 -112.13
CA ARG XA 78 -50.44 -37.50 -111.77
C ARG XA 78 -51.02 -37.21 -110.39
N GLY XA 79 -51.96 -38.05 -109.94
CA GLY XA 79 -52.58 -37.84 -108.65
C GLY XA 79 -53.66 -38.89 -108.46
N GLN XA 80 -54.47 -38.72 -107.42
CA GLN XA 80 -55.55 -39.67 -107.19
C GLN XA 80 -56.73 -38.99 -106.53
N CYS XA 81 -57.92 -39.33 -107.01
CA CYS XA 81 -59.15 -38.93 -106.36
C CYS XA 81 -59.48 -39.94 -105.27
N VAL XA 82 -59.68 -39.45 -104.06
CA VAL XA 82 -59.89 -40.29 -102.88
C VAL XA 82 -61.27 -40.02 -102.33
N VAL XA 83 -62.03 -41.09 -102.06
CA VAL XA 83 -63.35 -40.98 -101.47
C VAL XA 83 -63.36 -41.88 -100.23
N ASP XA 84 -63.52 -41.29 -99.06
CA ASP XA 84 -63.61 -42.03 -97.81
C ASP XA 84 -65.06 -42.05 -97.34
N ILE XA 85 -65.49 -43.21 -96.84
CA ILE XA 85 -66.86 -43.40 -96.38
C ILE XA 85 -66.77 -44.15 -95.05
N ASN XA 86 -66.91 -43.42 -93.94
CA ASN XA 86 -66.95 -44.06 -92.64
C ASN XA 86 -68.39 -44.25 -92.19
N ILE XA 87 -68.67 -45.40 -91.61
CA ILE XA 87 -70.00 -45.75 -91.16
C ILE XA 87 -69.90 -46.20 -89.72
N VAL XA 88 -70.59 -45.52 -88.81
CA VAL XA 88 -70.64 -45.90 -87.41
C VAL XA 88 -72.07 -46.27 -87.08
N ILE XA 89 -72.27 -47.48 -86.56
CA ILE XA 89 -73.60 -47.93 -86.18
C ILE XA 89 -73.58 -48.31 -84.71
N PRO XA 90 -74.35 -47.64 -83.87
CA PRO XA 90 -74.25 -47.89 -82.42
C PRO XA 90 -74.81 -49.24 -82.03
N ARG XA 91 -74.65 -49.59 -80.75
CA ARG XA 91 -75.10 -50.86 -80.21
C ARG XA 91 -76.62 -50.98 -80.23
N VAL XA 92 -77.34 -49.87 -80.23
CA VAL XA 92 -78.78 -49.86 -80.02
C VAL XA 92 -79.55 -49.76 -81.33
N ALA XA 93 -78.88 -49.94 -82.47
CA ALA XA 93 -79.50 -49.69 -83.76
C ALA XA 93 -80.24 -50.92 -84.25
N THR XA 94 -81.49 -50.72 -84.67
CA THR XA 94 -82.28 -51.80 -85.22
C THR XA 94 -81.74 -52.20 -86.60
N ALA XA 95 -82.17 -53.38 -87.05
CA ALA XA 95 -81.70 -53.92 -88.33
C ALA XA 95 -82.25 -53.17 -89.53
N THR XA 96 -83.37 -52.46 -89.40
CA THR XA 96 -83.92 -51.67 -90.49
C THR XA 96 -83.48 -50.22 -90.45
N ASP XA 97 -83.16 -49.71 -89.27
CA ASP XA 97 -82.61 -48.37 -89.17
C ASP XA 97 -81.23 -48.29 -89.82
N ARG XA 98 -80.45 -49.37 -89.73
CA ARG XA 98 -79.20 -49.45 -90.46
C ARG XA 98 -79.41 -49.25 -91.95
N ALA XA 99 -80.34 -50.01 -92.53
CA ALA XA 99 -80.59 -49.89 -93.96
C ALA XA 99 -81.09 -48.50 -94.31
N GLU XA 100 -82.00 -47.95 -93.49
CA GLU XA 100 -82.48 -46.59 -93.74
C GLU XA 100 -81.32 -45.60 -93.76
N ALA XA 101 -80.48 -45.62 -92.72
CA ALA XA 101 -79.40 -44.65 -92.62
C ALA XA 101 -78.42 -44.79 -93.77
N ILE XA 102 -78.03 -46.03 -94.09
CA ILE XA 102 -77.02 -46.23 -95.12
C ILE XA 102 -77.56 -45.83 -96.48
N LYS XA 103 -78.75 -46.30 -96.84
CA LYS XA 103 -79.29 -45.99 -98.16
C LYS XA 103 -79.66 -44.52 -98.29
N ARG XA 104 -79.94 -43.85 -97.17
CA ARG XA 104 -80.19 -42.41 -97.25
C ARG XA 104 -78.90 -41.63 -97.42
N ALA XA 105 -77.84 -42.02 -96.69
CA ALA XA 105 -76.56 -41.33 -96.84
C ALA XA 105 -75.99 -41.52 -98.24
N PHE XA 106 -76.09 -42.73 -98.78
CA PHE XA 106 -75.61 -42.97 -100.14
C PHE XA 106 -76.54 -42.40 -101.19
N ASP XA 107 -77.70 -41.88 -100.80
CA ASP XA 107 -78.59 -41.20 -101.74
C ASP XA 107 -78.29 -39.72 -101.87
N VAL XA 108 -77.24 -39.23 -101.20
CA VAL XA 108 -76.86 -37.84 -101.32
C VAL XA 108 -76.52 -37.49 -102.76
N LEU XA 109 -75.80 -38.39 -103.43
CA LEU XA 109 -75.38 -38.14 -104.81
C LEU XA 109 -76.55 -37.83 -105.71
N ASN XA 110 -77.73 -38.41 -105.43
CA ASN XA 110 -78.91 -38.07 -106.21
C ASN XA 110 -79.57 -36.78 -105.74
N ALA XA 111 -79.29 -36.35 -104.50
CA ALA XA 111 -79.86 -35.10 -104.01
C ALA XA 111 -78.89 -33.95 -104.19
N LEU XA 112 -77.69 -34.08 -103.62
CA LEU XA 112 -76.66 -33.04 -103.71
C LEU XA 112 -75.75 -33.31 -104.91
N ASN XA 113 -76.40 -33.43 -106.08
CA ASN XA 113 -75.72 -33.96 -107.25
C ASN XA 113 -74.74 -32.96 -107.84
N ALA XA 114 -75.22 -31.76 -108.19
CA ALA XA 114 -74.38 -30.80 -108.88
C ALA XA 114 -73.22 -30.33 -108.02
N GLU XA 115 -73.35 -30.41 -106.70
CA GLU XA 115 -72.25 -30.01 -105.83
C GLU XA 115 -71.16 -31.06 -105.72
N LEU XA 116 -71.36 -32.25 -106.28
CA LEU XA 116 -70.38 -33.31 -106.20
C LEU XA 116 -69.87 -33.73 -107.57
N ILE XA 117 -70.76 -33.94 -108.53
CA ILE XA 117 -70.35 -34.39 -109.86
C ILE XA 117 -69.54 -33.31 -110.56
N THR XA 118 -69.98 -32.06 -110.50
CA THR XA 118 -69.31 -30.97 -111.18
C THR XA 118 -68.38 -30.16 -110.28
N GLY XA 119 -68.56 -30.23 -108.97
CA GLY XA 119 -67.68 -29.56 -108.05
C GLY XA 119 -68.08 -28.17 -107.66
N GLU XA 120 -69.30 -27.73 -107.99
CA GLU XA 120 -69.76 -26.40 -107.64
C GLU XA 120 -69.87 -26.24 -106.13
N GLY XA 121 -70.20 -25.03 -105.73
CA GLY XA 121 -70.63 -24.77 -104.37
C GLY XA 121 -71.97 -24.06 -104.42
N GLN XA 122 -72.84 -24.42 -103.50
CA GLN XA 122 -74.18 -23.85 -103.50
C GLN XA 122 -74.13 -22.41 -103.01
N TRP XA 123 -74.86 -21.53 -103.69
CA TRP XA 123 -74.83 -20.11 -103.41
C TRP XA 123 -76.07 -19.62 -102.68
N ALA YA 1 -76.77 -25.70 -107.41
CA ALA YA 1 -77.75 -24.63 -107.31
C ALA YA 1 -77.78 -24.06 -105.91
N ALA YA 2 -78.74 -23.16 -105.66
CA ALA YA 2 -78.81 -22.51 -104.36
C ALA YA 2 -79.26 -23.49 -103.28
N ARG YA 3 -78.98 -23.12 -102.03
CA ARG YA 3 -79.40 -23.94 -100.90
C ARG YA 3 -80.90 -24.14 -100.93
N SER YA 4 -81.35 -25.38 -101.12
CA SER YA 4 -82.76 -25.67 -101.20
C SER YA 4 -83.13 -26.84 -100.31
N SER YA 5 -84.33 -27.38 -100.46
CA SER YA 5 -84.77 -28.53 -99.69
C SER YA 5 -84.44 -29.81 -100.46
N ILE YA 6 -83.72 -30.71 -99.81
CA ILE YA 6 -83.31 -31.98 -100.40
C ILE YA 6 -84.22 -33.08 -99.89
N VAL YA 7 -84.32 -34.16 -100.66
CA VAL YA 7 -85.37 -35.16 -100.50
C VAL YA 7 -84.67 -36.51 -100.25
N LEU YA 8 -83.58 -36.47 -99.49
CA LEU YA 8 -82.85 -37.67 -99.09
C LEU YA 8 -83.79 -38.82 -98.74
N THR YA 9 -83.68 -39.92 -99.47
CA THR YA 9 -84.61 -41.03 -99.38
C THR YA 9 -83.85 -42.35 -99.39
N ASP YA 10 -84.59 -43.45 -99.35
CA ASP YA 10 -84.00 -44.77 -99.48
C ASP YA 10 -84.84 -45.69 -100.36
N GLY YA 11 -85.80 -45.16 -101.11
CA GLY YA 11 -86.68 -45.94 -101.95
C GLY YA 11 -88.05 -46.18 -101.36
N THR YA 12 -88.16 -46.15 -100.03
CA THR YA 12 -89.44 -46.36 -99.36
C THR YA 12 -89.87 -45.17 -98.54
N THR YA 13 -89.00 -44.66 -97.66
CA THR YA 13 -89.38 -43.61 -96.70
C THR YA 13 -88.52 -42.38 -96.94
N PRO YA 14 -89.00 -41.41 -97.72
CA PRO YA 14 -88.23 -40.18 -97.94
C PRO YA 14 -88.23 -39.28 -96.71
N VAL YA 15 -87.19 -38.44 -96.65
CA VAL YA 15 -87.06 -37.43 -95.61
C VAL YA 15 -86.62 -36.14 -96.28
N THR YA 16 -87.32 -35.05 -96.00
CA THR YA 16 -87.02 -33.74 -96.59
C THR YA 16 -86.22 -32.91 -95.60
N LEU YA 17 -85.10 -32.36 -96.06
CA LEU YA 17 -84.20 -31.58 -95.22
C LEU YA 17 -84.09 -30.16 -95.77
N THR YA 18 -84.18 -29.18 -94.88
CA THR YA 18 -84.06 -27.79 -95.26
C THR YA 18 -82.90 -27.12 -94.52
N PRO YA 19 -82.15 -26.24 -95.18
CA PRO YA 19 -80.93 -25.69 -94.57
C PRO YA 19 -81.24 -24.96 -93.27
N VAL YA 20 -80.35 -25.11 -92.30
CA VAL YA 20 -80.61 -24.69 -90.93
C VAL YA 20 -79.47 -23.80 -90.46
N GLY YA 21 -78.53 -23.53 -91.34
CA GLY YA 21 -77.45 -22.65 -90.97
C GLY YA 21 -76.25 -22.87 -91.89
N GLY YA 22 -75.07 -22.67 -91.31
CA GLY YA 22 -73.83 -22.86 -92.04
C GLY YA 22 -73.05 -21.57 -92.27
N GLY YA 23 -72.63 -21.35 -93.51
CA GLY YA 23 -71.84 -20.19 -93.85
C GLY YA 23 -71.35 -20.25 -95.28
N VAL YA 24 -70.06 -19.96 -95.49
CA VAL YA 24 -69.42 -20.11 -96.79
C VAL YA 24 -68.66 -21.43 -96.80
N GLY YA 25 -68.94 -22.26 -97.80
CA GLY YA 25 -68.38 -23.60 -97.81
C GLY YA 25 -68.84 -24.40 -96.62
N GLN YA 26 -70.13 -24.30 -96.28
CA GLN YA 26 -70.71 -25.02 -95.17
C GLN YA 26 -72.23 -24.91 -95.28
N THR YA 27 -72.93 -26.01 -95.00
CA THR YA 27 -74.39 -26.01 -95.18
C THR YA 27 -74.96 -27.10 -94.27
N LEU YA 28 -75.66 -26.69 -93.23
CA LEU YA 28 -76.37 -27.63 -92.39
C LEU YA 28 -77.69 -28.04 -93.05
N TYR YA 29 -78.30 -29.08 -92.49
CA TYR YA 29 -79.61 -29.54 -92.93
C TYR YA 29 -80.31 -30.16 -91.73
N ARG YA 30 -81.63 -30.29 -91.83
CA ARG YA 30 -82.42 -31.00 -90.83
C ARG YA 30 -83.83 -31.16 -91.39
N ALA YA 31 -84.57 -32.10 -90.81
CA ALA YA 31 -85.93 -32.42 -91.24
C ALA YA 31 -86.94 -31.65 -90.38
N THR YA 32 -88.22 -31.99 -90.53
CA THR YA 32 -89.30 -31.18 -89.98
C THR YA 32 -89.79 -31.65 -88.61
N ALA YA 33 -89.54 -32.91 -88.23
CA ALA YA 33 -90.01 -33.40 -86.95
C ALA YA 33 -89.23 -32.75 -85.80
N GLU YA 34 -89.81 -32.72 -84.60
CA GLU YA 34 -89.29 -31.97 -83.48
C GLU YA 34 -89.06 -32.89 -82.29
N ALA YA 35 -87.89 -32.75 -81.67
CA ALA YA 35 -87.56 -33.55 -80.50
C ALA YA 35 -86.61 -32.74 -79.61
N LEU YA 36 -86.24 -33.31 -78.46
CA LEU YA 36 -85.54 -32.57 -77.43
C LEU YA 36 -84.02 -32.68 -77.55
N SER YA 37 -83.47 -33.90 -77.55
CA SER YA 37 -82.03 -34.09 -77.60
C SER YA 37 -81.52 -34.18 -79.05
N ALA YA 38 -81.99 -35.17 -79.80
CA ALA YA 38 -81.64 -35.32 -81.20
C ALA YA 38 -82.91 -35.20 -82.02
N ALA YA 39 -82.98 -34.18 -82.85
CA ALA YA 39 -84.22 -33.90 -83.55
C ALA YA 39 -84.40 -34.81 -84.76
N ASN YA 40 -83.51 -34.69 -85.74
CA ASN YA 40 -83.72 -35.30 -87.04
C ASN YA 40 -82.40 -35.64 -87.71
N PRO YA 41 -82.40 -36.28 -88.88
CA PRO YA 41 -81.16 -36.40 -89.66
C PRO YA 41 -80.59 -35.03 -89.98
N SER YA 42 -79.27 -34.91 -89.88
CA SER YA 42 -78.60 -33.62 -90.04
C SER YA 42 -77.41 -33.81 -90.98
N LEU YA 43 -77.60 -33.49 -92.25
CA LEU YA 43 -76.59 -33.68 -93.29
C LEU YA 43 -75.75 -32.43 -93.42
N SER YA 44 -74.60 -32.41 -92.76
CA SER YA 44 -73.68 -31.29 -92.90
C SER YA 44 -72.80 -31.47 -94.13
N PHE YA 45 -72.54 -30.36 -94.83
CA PHE YA 45 -71.82 -30.37 -96.10
C PHE YA 45 -70.76 -29.29 -96.06
N GLY YA 46 -69.49 -29.68 -96.07
CA GLY YA 46 -68.41 -28.75 -95.76
C GLY YA 46 -67.35 -28.52 -96.82
N TYR YA 47 -67.75 -28.33 -98.07
CA TYR YA 47 -66.80 -28.20 -99.16
C TYR YA 47 -65.90 -26.98 -98.97
N ARG YA 48 -64.70 -27.06 -99.57
CA ARG YA 48 -63.72 -25.98 -99.53
C ARG YA 48 -62.68 -26.25 -100.61
N PHE YA 49 -61.68 -25.37 -100.70
CA PHE YA 49 -60.55 -25.52 -101.61
C PHE YA 49 -59.26 -25.43 -100.81
N THR YA 50 -58.14 -25.55 -101.51
CA THR YA 50 -56.84 -25.67 -100.85
C THR YA 50 -55.81 -24.95 -101.72
N ASP YA 51 -54.53 -25.22 -101.50
CA ASP YA 51 -53.45 -24.55 -102.22
C ASP YA 51 -53.61 -24.72 -103.72
N GLY YA 52 -53.84 -25.95 -104.16
CA GLY YA 52 -54.15 -26.23 -105.55
C GLY YA 52 -55.64 -26.19 -105.79
N GLY YA 53 -56.07 -26.90 -106.84
CA GLY YA 53 -57.49 -27.06 -107.07
C GLY YA 53 -58.04 -28.21 -106.27
N THR YA 54 -57.43 -28.48 -105.12
CA THR YA 54 -57.76 -29.64 -104.32
C THR YA 54 -59.12 -29.46 -103.67
N ASN YA 55 -60.18 -29.80 -104.39
CA ASN YA 55 -61.54 -29.63 -103.92
C ASN YA 55 -61.79 -30.62 -102.79
N ARG YA 56 -61.65 -30.17 -101.55
CA ARG YA 56 -61.70 -31.04 -100.40
C ARG YA 56 -63.11 -31.01 -99.78
N GLN YA 57 -64.05 -31.60 -100.50
CA GLN YA 57 -65.42 -31.68 -100.02
C GLN YA 57 -65.50 -32.64 -98.82
N SER YA 58 -66.61 -32.53 -98.09
CA SER YA 58 -66.79 -33.33 -96.89
C SER YA 58 -68.25 -33.33 -96.51
N LEU YA 59 -68.75 -34.48 -96.05
CA LEU YA 59 -70.14 -34.64 -95.69
C LEU YA 59 -70.24 -35.34 -94.35
N SER YA 60 -71.42 -35.28 -93.76
CA SER YA 60 -71.72 -36.07 -92.57
C SER YA 60 -73.22 -36.18 -92.38
N TYR YA 61 -73.76 -37.39 -92.47
CA TYR YA 61 -75.20 -37.63 -92.36
C TYR YA 61 -75.47 -38.40 -91.08
N LYS YA 62 -76.10 -37.74 -90.11
CA LYS YA 62 -76.46 -38.37 -88.86
C LYS YA 62 -77.97 -38.59 -88.83
N GLN YA 63 -78.37 -39.81 -88.51
CA GLN YA 63 -79.78 -40.16 -88.36
C GLN YA 63 -79.99 -40.67 -86.94
N PRO YA 64 -80.85 -40.04 -86.14
CA PRO YA 64 -80.98 -40.44 -84.75
C PRO YA 64 -81.87 -41.64 -84.44
N ILE YA 65 -81.24 -42.64 -83.84
CA ILE YA 65 -81.94 -43.85 -83.41
C ILE YA 65 -82.83 -43.43 -82.25
N THR YA 66 -84.15 -43.50 -82.47
CA THR YA 66 -85.13 -43.01 -81.52
C THR YA 66 -86.33 -43.95 -81.46
N ALA YA 67 -87.03 -43.93 -80.33
CA ALA YA 67 -88.27 -44.66 -80.14
C ALA YA 67 -89.23 -43.77 -79.36
N VAL YA 68 -90.51 -43.79 -79.74
CA VAL YA 68 -91.48 -42.87 -79.17
C VAL YA 68 -91.96 -43.41 -77.83
N ASP YA 69 -91.81 -42.62 -76.78
CA ASP YA 69 -92.29 -43.01 -75.46
C ASP YA 69 -93.82 -42.96 -75.42
N SER YA 70 -94.37 -43.64 -74.43
CA SER YA 70 -95.81 -43.61 -74.21
C SER YA 70 -96.17 -42.50 -73.23
N THR YA 71 -97.29 -41.84 -73.49
CA THR YA 71 -97.88 -40.77 -72.69
C THR YA 71 -97.06 -39.49 -72.71
N THR YA 72 -95.89 -39.47 -73.36
CA THR YA 72 -95.06 -38.27 -73.44
C THR YA 72 -94.68 -38.01 -74.88
N SER YA 73 -94.73 -36.76 -75.29
CA SER YA 73 -94.43 -36.35 -76.66
C SER YA 73 -92.98 -35.90 -76.80
N GLU YA 74 -92.04 -36.77 -76.44
CA GLU YA 74 -90.63 -36.44 -76.50
C GLU YA 74 -89.82 -37.43 -77.32
N THR YA 75 -90.42 -38.51 -77.81
CA THR YA 75 -89.83 -39.48 -78.73
C THR YA 75 -88.36 -39.75 -78.42
N LEU YA 76 -88.11 -40.32 -77.24
CA LEU YA 76 -86.77 -40.59 -76.73
C LEU YA 76 -85.83 -41.11 -77.82
N VAL YA 77 -84.66 -40.48 -77.93
CA VAL YA 77 -83.64 -40.87 -78.88
C VAL YA 77 -82.61 -41.74 -78.18
N ARG YA 78 -82.15 -42.79 -78.86
CA ARG YA 78 -81.24 -43.76 -78.27
C ARG YA 78 -79.83 -43.68 -78.81
N GLY YA 79 -79.63 -43.19 -80.02
CA GLY YA 79 -78.30 -43.09 -80.58
C GLY YA 79 -78.30 -42.33 -81.90
N GLN YA 80 -77.25 -42.57 -82.70
CA GLN YA 80 -77.17 -41.94 -84.02
C GLN YA 80 -76.27 -42.72 -84.96
N CYS YA 81 -76.71 -42.95 -86.19
CA CYS YA 81 -75.96 -43.68 -87.19
C CYS YA 81 -75.18 -42.69 -88.04
N VAL YA 82 -73.96 -42.37 -87.58
CA VAL YA 82 -73.12 -41.44 -88.31
C VAL YA 82 -72.61 -42.07 -89.60
N VAL YA 83 -72.63 -41.30 -90.69
CA VAL YA 83 -72.07 -41.75 -91.96
C VAL YA 83 -71.29 -40.62 -92.60
N ASP YA 84 -69.97 -40.62 -92.44
CA ASP YA 84 -69.13 -39.57 -93.01
C ASP YA 84 -68.73 -39.94 -94.42
N ILE YA 85 -68.60 -38.92 -95.28
CA ILE YA 85 -68.13 -39.10 -96.65
C ILE YA 85 -67.20 -37.97 -97.01
N ASN YA 86 -65.89 -38.24 -97.05
CA ASN YA 86 -64.91 -37.23 -97.39
C ASN YA 86 -64.38 -37.46 -98.79
N ILE YA 87 -64.25 -36.37 -99.54
CA ILE YA 87 -63.84 -36.41 -100.93
C ILE YA 87 -62.64 -35.49 -101.12
N VAL YA 88 -61.61 -35.98 -101.80
CA VAL YA 88 -60.42 -35.19 -102.10
C VAL YA 88 -60.12 -35.38 -103.57
N ILE YA 89 -60.36 -34.35 -104.38
CA ILE YA 89 -60.16 -34.40 -105.82
C ILE YA 89 -59.00 -33.49 -106.18
N PRO YA 90 -57.96 -33.97 -106.85
CA PRO YA 90 -56.77 -33.14 -107.08
C PRO YA 90 -57.02 -32.04 -108.10
N ARG YA 91 -56.02 -31.19 -108.29
CA ARG YA 91 -56.13 -30.11 -109.27
C ARG YA 91 -56.18 -30.63 -110.70
N VAL YA 92 -55.48 -31.72 -110.99
CA VAL YA 92 -55.28 -32.18 -112.37
C VAL YA 92 -56.44 -33.06 -112.82
N ALA YA 93 -57.49 -33.15 -112.00
CA ALA YA 93 -58.57 -34.10 -112.25
C ALA YA 93 -59.56 -33.51 -113.25
N THR YA 94 -59.57 -34.05 -114.46
CA THR YA 94 -60.55 -33.69 -115.46
C THR YA 94 -61.96 -33.99 -114.94
N ALA YA 95 -62.91 -33.12 -115.26
CA ALA YA 95 -64.26 -33.25 -114.72
C ALA YA 95 -64.91 -34.57 -115.09
N THR YA 96 -64.48 -35.22 -116.17
CA THR YA 96 -64.95 -36.58 -116.44
C THR YA 96 -64.38 -37.56 -115.43
N ASP YA 97 -63.09 -37.43 -115.09
CA ASP YA 97 -62.49 -38.31 -114.11
C ASP YA 97 -63.12 -38.14 -112.74
N ARG YA 98 -63.42 -36.90 -112.35
CA ARG YA 98 -64.06 -36.67 -111.06
C ARG YA 98 -65.45 -37.31 -111.02
N ALA YA 99 -66.23 -37.16 -112.08
CA ALA YA 99 -67.55 -37.79 -112.12
C ALA YA 99 -67.43 -39.29 -112.04
N GLU YA 100 -66.48 -39.88 -112.76
CA GLU YA 100 -66.27 -41.32 -112.68
C GLU YA 100 -65.91 -41.74 -111.26
N ALA YA 101 -64.99 -41.02 -110.62
CA ALA YA 101 -64.56 -41.39 -109.28
C ALA YA 101 -65.72 -41.33 -108.30
N ILE YA 102 -66.50 -40.26 -108.35
CA ILE YA 102 -67.60 -40.11 -107.39
C ILE YA 102 -68.67 -41.16 -107.63
N LYS YA 103 -69.08 -41.35 -108.88
CA LYS YA 103 -70.16 -42.29 -109.15
C LYS YA 103 -69.72 -43.73 -108.91
N ARG YA 104 -68.42 -44.01 -109.03
CA ARG YA 104 -67.93 -45.34 -108.70
C ARG YA 104 -67.83 -45.54 -107.20
N ALA YA 105 -67.42 -44.52 -106.46
CA ALA YA 105 -67.36 -44.65 -105.02
C ALA YA 105 -68.74 -44.85 -104.42
N PHE YA 106 -69.74 -44.14 -104.94
CA PHE YA 106 -71.09 -44.27 -104.42
C PHE YA 106 -71.82 -45.50 -104.95
N ASP YA 107 -71.18 -46.29 -105.80
CA ASP YA 107 -71.74 -47.55 -106.25
C ASP YA 107 -71.30 -48.72 -105.39
N VAL YA 108 -70.57 -48.47 -104.31
CA VAL YA 108 -70.16 -49.56 -103.43
C VAL YA 108 -71.38 -50.23 -102.82
N LEU YA 109 -72.38 -49.43 -102.43
CA LEU YA 109 -73.58 -49.96 -101.79
C LEU YA 109 -74.26 -51.03 -102.64
N ASN YA 110 -74.15 -50.92 -103.97
CA ASN YA 110 -74.75 -51.92 -104.84
C ASN YA 110 -73.81 -53.08 -105.14
N ALA YA 111 -72.53 -52.97 -104.79
CA ALA YA 111 -71.57 -54.05 -104.99
C ALA YA 111 -71.20 -54.74 -103.69
N LEU YA 112 -70.85 -53.95 -102.67
CA LEU YA 112 -70.54 -54.46 -101.34
C LEU YA 112 -71.76 -54.32 -100.44
N ASN YA 113 -72.86 -54.93 -100.88
CA ASN YA 113 -74.17 -54.63 -100.30
C ASN YA 113 -74.36 -55.26 -98.93
N ALA YA 114 -74.23 -56.58 -98.84
CA ALA YA 114 -74.55 -57.29 -97.60
C ALA YA 114 -73.64 -56.85 -96.46
N GLU YA 115 -72.36 -56.63 -96.74
CA GLU YA 115 -71.42 -56.23 -95.71
C GLU YA 115 -71.75 -54.86 -95.12
N LEU YA 116 -72.44 -54.02 -95.87
CA LEU YA 116 -72.77 -52.67 -95.41
C LEU YA 116 -74.16 -52.60 -94.78
N ILE YA 117 -75.14 -53.27 -95.39
CA ILE YA 117 -76.50 -53.24 -94.85
C ILE YA 117 -76.61 -54.15 -93.64
N THR YA 118 -76.28 -55.43 -93.82
CA THR YA 118 -76.38 -56.39 -92.72
C THR YA 118 -75.27 -56.21 -91.70
N GLY YA 119 -74.05 -55.96 -92.16
CA GLY YA 119 -72.94 -55.72 -91.25
C GLY YA 119 -72.19 -56.97 -90.88
N GLU YA 120 -71.80 -57.75 -91.89
CA GLU YA 120 -71.22 -59.06 -91.65
C GLU YA 120 -70.37 -59.47 -92.84
N GLY YA 121 -69.56 -60.50 -92.64
CA GLY YA 121 -68.98 -61.20 -93.77
C GLY YA 121 -67.49 -61.06 -93.98
N GLN YA 122 -67.07 -61.17 -95.23
CA GLN YA 122 -65.66 -61.21 -95.62
C GLN YA 122 -64.94 -62.38 -94.94
N TRP YA 123 -65.33 -63.58 -95.34
CA TRP YA 123 -64.74 -64.79 -94.82
C TRP YA 123 -63.44 -65.10 -95.55
N ALA ZA 1 118.89 6.92 -53.65
CA ALA ZA 1 119.24 7.14 -55.04
C ALA ZA 1 118.29 6.39 -55.96
N ALA ZA 2 118.59 6.37 -57.26
CA ALA ZA 2 117.76 5.64 -58.19
C ALA ZA 2 117.82 4.14 -57.90
N ARG ZA 3 116.67 3.50 -57.97
CA ARG ZA 3 116.58 2.06 -57.68
C ARG ZA 3 117.40 1.27 -58.69
N SER ZA 4 118.15 0.29 -58.20
CA SER ZA 4 119.00 -0.53 -59.04
C SER ZA 4 119.10 -1.91 -58.40
N SER ZA 5 120.08 -2.69 -58.84
CA SER ZA 5 120.31 -4.02 -58.30
C SER ZA 5 121.26 -3.96 -57.11
N ILE ZA 6 121.16 -4.97 -56.25
CA ILE ZA 6 122.01 -5.08 -55.07
C ILE ZA 6 122.59 -6.49 -55.01
N VAL ZA 7 123.74 -6.61 -54.35
CA VAL ZA 7 124.60 -7.78 -54.50
C VAL ZA 7 124.79 -8.40 -53.11
N LEU ZA 8 123.73 -8.38 -52.30
CA LEU ZA 8 123.75 -9.01 -50.97
C LEU ZA 8 124.55 -10.31 -50.98
N THR ZA 9 125.52 -10.40 -50.07
CA THR ZA 9 126.46 -11.52 -50.05
C THR ZA 9 126.78 -11.88 -48.60
N ASP ZA 10 127.46 -13.01 -48.44
CA ASP ZA 10 127.98 -13.42 -47.15
C ASP ZA 10 129.40 -13.95 -47.27
N GLY ZA 11 130.12 -13.46 -48.28
CA GLY ZA 11 131.51 -13.82 -48.44
C GLY ZA 11 131.77 -14.91 -49.46
N THR ZA 12 130.83 -15.85 -49.58
CA THR ZA 12 131.03 -16.98 -50.48
C THR ZA 12 129.96 -17.11 -51.55
N THR ZA 13 128.70 -16.79 -51.26
CA THR ZA 13 127.60 -16.97 -52.20
C THR ZA 13 126.84 -15.66 -52.34
N PRO ZA 14 127.28 -14.79 -53.24
CA PRO ZA 14 126.53 -13.54 -53.47
C PRO ZA 14 125.17 -13.81 -54.08
N VAL ZA 15 124.24 -12.89 -53.80
CA VAL ZA 15 122.88 -12.96 -54.32
C VAL ZA 15 122.57 -11.62 -54.97
N THR ZA 16 122.25 -11.63 -56.25
CA THR ZA 16 121.87 -10.42 -56.97
C THR ZA 16 120.36 -10.26 -56.90
N LEU ZA 17 119.91 -9.15 -56.34
CA LEU ZA 17 118.50 -8.84 -56.22
C LEU ZA 17 118.16 -7.68 -57.15
N THR ZA 18 116.92 -7.71 -57.67
CA THR ZA 18 116.45 -6.70 -58.59
C THR ZA 18 115.12 -6.16 -58.10
N PRO ZA 19 114.81 -4.90 -58.36
CA PRO ZA 19 113.55 -4.33 -57.88
C PRO ZA 19 112.37 -4.76 -58.74
N VAL ZA 20 111.39 -5.43 -58.14
CA VAL ZA 20 110.29 -6.00 -58.91
C VAL ZA 20 108.95 -5.49 -58.38
N GLY ZA 21 108.96 -4.32 -57.76
CA GLY ZA 21 107.72 -3.75 -57.26
C GLY ZA 21 108.00 -2.67 -56.23
N GLY ZA 22 106.96 -2.34 -55.49
CA GLY ZA 22 107.06 -1.35 -54.44
C GLY ZA 22 106.01 -0.26 -54.53
N GLY ZA 23 106.44 0.97 -54.30
CA GLY ZA 23 105.50 2.09 -54.34
C GLY ZA 23 106.18 3.35 -53.87
N VAL ZA 24 105.44 4.16 -53.12
CA VAL ZA 24 105.98 5.36 -52.50
C VAL ZA 24 106.42 4.99 -51.09
N GLY ZA 25 107.70 5.22 -50.80
CA GLY ZA 25 108.26 4.79 -49.53
C GLY ZA 25 108.31 3.28 -49.38
N GLN ZA 26 108.69 2.58 -50.44
CA GLN ZA 26 108.77 1.13 -50.45
C GLN ZA 26 109.46 0.68 -51.72
N THR ZA 27 110.24 -0.40 -51.63
CA THR ZA 27 110.93 -0.94 -52.79
C THR ZA 27 111.20 -2.42 -52.55
N LEU ZA 28 110.38 -3.27 -53.13
CA LEU ZA 28 110.59 -4.71 -53.04
C LEU ZA 28 111.79 -5.11 -53.90
N TYR ZA 29 112.44 -6.20 -53.51
CA TYR ZA 29 113.52 -6.79 -54.27
C TYR ZA 29 113.29 -8.29 -54.35
N ARG ZA 30 113.88 -8.92 -55.36
CA ARG ZA 30 113.82 -10.37 -55.45
C ARG ZA 30 115.05 -10.86 -56.20
N ALA ZA 31 115.57 -12.02 -55.80
CA ALA ZA 31 116.70 -12.59 -56.51
C ALA ZA 31 116.27 -13.00 -57.91
N THR ZA 32 117.19 -12.83 -58.87
CA THR ZA 32 116.87 -13.06 -60.27
C THR ZA 32 116.33 -14.46 -60.48
N ALA ZA 33 117.16 -15.47 -60.25
CA ALA ZA 33 116.73 -16.86 -60.28
C ALA ZA 33 117.76 -17.71 -59.56
N GLU ZA 34 117.37 -18.33 -58.45
CA GLU ZA 34 118.26 -19.31 -57.82
C GLU ZA 34 118.09 -20.67 -58.48
N ALA ZA 35 116.93 -21.30 -58.28
CA ALA ZA 35 116.58 -22.51 -59.01
C ALA ZA 35 115.12 -22.60 -59.41
N LEU ZA 36 114.24 -21.81 -58.82
CA LEU ZA 36 112.81 -21.83 -59.09
C LEU ZA 36 112.20 -20.63 -58.37
N SER ZA 37 110.88 -20.51 -58.44
CA SER ZA 37 110.18 -19.50 -57.66
C SER ZA 37 109.89 -20.02 -56.27
N ALA ZA 38 109.67 -19.11 -55.34
CA ALA ZA 38 109.50 -19.34 -53.91
C ALA ZA 38 110.77 -19.82 -53.24
N ALA ZA 39 111.85 -20.04 -53.99
CA ALA ZA 39 113.16 -20.37 -53.44
C ALA ZA 39 114.13 -19.24 -53.72
N ASN ZA 40 113.62 -18.00 -53.76
CA ASN ZA 40 114.40 -16.83 -54.04
C ASN ZA 40 114.28 -15.83 -52.90
N PRO ZA 41 115.39 -15.33 -52.37
CA PRO ZA 41 115.31 -14.36 -51.27
C PRO ZA 41 114.73 -13.03 -51.72
N SER ZA 42 114.18 -12.30 -50.75
CA SER ZA 42 113.62 -10.98 -51.02
C SER ZA 42 114.11 -10.01 -49.96
N LEU ZA 43 114.15 -8.72 -50.32
CA LEU ZA 43 114.74 -7.67 -49.49
C LEU ZA 43 113.80 -6.46 -49.43
N SER ZA 44 112.57 -6.68 -48.99
CA SER ZA 44 111.62 -5.58 -48.87
C SER ZA 44 112.21 -4.44 -48.05
N PHE ZA 45 112.04 -3.21 -48.55
CA PHE ZA 45 112.68 -2.05 -47.93
C PHE ZA 45 111.73 -0.86 -47.99
N GLY ZA 46 111.30 -0.38 -46.83
CA GLY ZA 46 110.46 0.78 -46.74
C GLY ZA 46 111.14 1.94 -46.02
N TYR ZA 47 110.51 3.11 -46.11
CA TYR ZA 47 111.04 4.32 -45.52
C TYR ZA 47 109.94 5.37 -45.52
N ARG ZA 48 109.89 6.16 -44.46
CA ARG ZA 48 108.86 7.19 -44.34
C ARG ZA 48 109.29 8.20 -43.29
N PHE ZA 49 108.64 9.36 -43.33
CA PHE ZA 49 108.84 10.41 -42.35
C PHE ZA 49 107.54 10.67 -41.63
N THR ZA 50 107.58 10.65 -40.30
CA THR ZA 50 106.40 10.98 -39.51
C THR ZA 50 106.29 12.49 -39.35
N ASP ZA 51 105.51 12.94 -38.37
CA ASP ZA 51 105.34 14.37 -38.09
C ASP ZA 51 106.69 15.08 -38.01
N GLY ZA 52 107.61 14.52 -37.23
CA GLY ZA 52 108.96 15.04 -37.16
C GLY ZA 52 109.84 14.46 -38.26
N GLY ZA 53 111.13 14.74 -38.17
CA GLY ZA 53 112.06 14.21 -39.14
C GLY ZA 53 112.52 12.81 -38.80
N THR ZA 54 111.64 12.05 -38.15
CA THR ZA 54 111.97 10.70 -37.71
C THR ZA 54 112.09 9.81 -38.94
N ASN ZA 55 113.33 9.59 -39.37
CA ASN ZA 55 113.60 8.84 -40.59
C ASN ZA 55 113.33 7.35 -40.36
N ARG ZA 56 112.06 6.98 -40.27
CA ARG ZA 56 111.67 5.62 -39.87
C ARG ZA 56 111.81 4.68 -41.06
N GLN ZA 57 113.05 4.28 -41.33
CA GLN ZA 57 113.32 3.27 -42.34
C GLN ZA 57 113.02 1.87 -41.79
N SER ZA 58 112.83 0.93 -42.69
CA SER ZA 58 112.52 -0.45 -42.30
C SER ZA 58 113.01 -1.40 -43.37
N LEU ZA 59 113.44 -2.58 -42.94
CA LEU ZA 59 113.92 -3.60 -43.85
C LEU ZA 59 113.31 -4.94 -43.47
N SER ZA 60 113.33 -5.86 -44.43
CA SER ZA 60 112.85 -7.22 -44.20
C SER ZA 60 113.47 -8.12 -45.25
N TYR ZA 61 114.43 -8.94 -44.84
CA TYR ZA 61 115.10 -9.89 -45.72
C TYR ZA 61 114.58 -11.28 -45.41
N LYS ZA 62 114.03 -11.95 -46.41
CA LYS ZA 62 113.44 -13.27 -46.25
C LYS ZA 62 114.16 -14.24 -47.18
N GLN ZA 63 114.79 -15.26 -46.60
CA GLN ZA 63 115.48 -16.29 -47.36
C GLN ZA 63 114.80 -17.62 -47.12
N PRO ZA 64 114.22 -18.25 -48.14
CA PRO ZA 64 113.47 -19.49 -47.92
C PRO ZA 64 114.35 -20.73 -47.91
N ILE ZA 65 113.98 -21.67 -47.06
CA ILE ZA 65 114.73 -22.90 -46.84
C ILE ZA 65 114.12 -23.97 -47.74
N THR ZA 66 114.88 -24.40 -48.74
CA THR ZA 66 114.40 -25.37 -49.71
C THR ZA 66 115.07 -26.71 -49.46
N ALA ZA 67 114.35 -27.78 -49.81
CA ALA ZA 67 114.83 -29.14 -49.60
C ALA ZA 67 114.20 -30.06 -50.62
N VAL ZA 68 114.93 -31.12 -50.98
CA VAL ZA 68 114.44 -32.06 -51.98
C VAL ZA 68 113.33 -32.93 -51.37
N ASP ZA 69 112.48 -33.46 -52.24
CA ASP ZA 69 111.32 -34.27 -51.87
C ASP ZA 69 111.37 -35.60 -52.61
N SER ZA 70 112.50 -36.30 -52.46
CA SER ZA 70 112.88 -37.49 -53.23
C SER ZA 70 111.73 -38.42 -53.60
N THR ZA 71 110.74 -38.57 -52.70
CA THR ZA 71 109.55 -39.33 -53.05
C THR ZA 71 108.88 -38.79 -54.31
N THR ZA 72 109.00 -37.48 -54.56
CA THR ZA 72 108.56 -36.87 -55.81
C THR ZA 72 109.66 -36.12 -56.53
N SER ZA 73 110.78 -35.83 -55.86
CA SER ZA 73 111.94 -35.13 -56.44
C SER ZA 73 111.61 -33.70 -56.85
N GLU ZA 74 110.67 -33.07 -56.18
CA GLU ZA 74 110.32 -31.68 -56.41
C GLU ZA 74 110.83 -30.83 -55.25
N THR ZA 75 111.57 -29.77 -55.56
CA THR ZA 75 112.28 -28.98 -54.56
C THR ZA 75 111.30 -28.10 -53.78
N LEU ZA 76 110.58 -28.73 -52.86
CA LEU ZA 76 109.63 -28.01 -52.03
C LEU ZA 76 110.36 -27.11 -51.03
N VAL ZA 77 109.69 -26.02 -50.65
CA VAL ZA 77 110.22 -25.09 -49.66
C VAL ZA 77 109.49 -25.30 -48.34
N ARG ZA 78 110.25 -25.39 -47.25
CA ARG ZA 78 109.69 -25.68 -45.93
C ARG ZA 78 109.26 -24.42 -45.20
N GLY ZA 79 110.21 -23.52 -44.95
CA GLY ZA 79 109.94 -22.26 -44.27
C GLY ZA 79 110.85 -21.15 -44.73
N GLN ZA 80 111.01 -20.11 -43.94
CA GLN ZA 80 111.86 -18.99 -44.33
C GLN ZA 80 112.54 -18.39 -43.11
N CYS ZA 81 113.73 -17.85 -43.32
CA CYS ZA 81 114.46 -17.09 -42.31
C CYS ZA 81 114.22 -15.61 -42.57
N VAL ZA 82 113.82 -14.89 -41.52
CA VAL ZA 82 113.38 -13.51 -41.62
C VAL ZA 82 114.28 -12.64 -40.76
N VAL ZA 83 114.82 -11.57 -41.35
CA VAL ZA 83 115.63 -10.60 -40.62
C VAL ZA 83 115.03 -9.23 -40.85
N ASP ZA 84 114.64 -8.55 -39.78
CA ASP ZA 84 114.05 -7.21 -39.86
C ASP ZA 84 114.99 -6.21 -39.20
N ILE ZA 85 115.49 -5.26 -39.98
CA ILE ZA 85 116.36 -4.22 -39.43
C ILE ZA 85 115.63 -2.89 -39.48
N ASN ZA 86 114.92 -2.54 -38.42
CA ASN ZA 86 114.25 -1.25 -38.36
C ASN ZA 86 115.21 -0.18 -37.84
N ILE ZA 87 115.08 1.01 -38.41
CA ILE ZA 87 115.94 2.13 -38.06
C ILE ZA 87 115.06 3.36 -37.83
N VAL ZA 88 115.30 4.06 -36.73
CA VAL ZA 88 114.58 5.29 -36.41
C VAL ZA 88 115.61 6.34 -36.01
N ILE ZA 89 115.66 7.45 -36.75
CA ILE ZA 89 116.56 8.56 -36.48
C ILE ZA 89 115.71 9.83 -36.41
N PRO ZA 90 115.71 10.55 -35.29
CA PRO ZA 90 114.84 11.73 -35.17
C PRO ZA 90 115.39 12.91 -35.95
N ARG ZA 91 114.60 13.99 -36.00
CA ARG ZA 91 115.04 15.19 -36.68
C ARG ZA 91 116.25 15.82 -36.01
N VAL ZA 92 116.33 15.75 -34.68
CA VAL ZA 92 117.35 16.46 -33.91
C VAL ZA 92 118.70 15.79 -34.09
N ALA ZA 93 118.75 14.73 -34.89
CA ALA ZA 93 119.97 13.95 -35.04
C ALA ZA 93 120.98 14.66 -35.92
N THR ZA 94 122.20 14.80 -35.42
CA THR ZA 94 123.29 15.29 -36.25
C THR ZA 94 123.62 14.24 -37.31
N ALA ZA 95 124.06 14.72 -38.47
CA ALA ZA 95 124.39 13.82 -39.58
C ALA ZA 95 125.49 12.83 -39.25
N THR ZA 96 126.31 13.10 -38.22
CA THR ZA 96 127.32 12.16 -37.78
C THR ZA 96 126.79 11.18 -36.74
N ASP ZA 97 125.75 11.55 -35.99
CA ASP ZA 97 125.15 10.62 -35.06
C ASP ZA 97 124.44 9.48 -35.77
N ARG ZA 98 123.79 9.78 -36.90
CA ARG ZA 98 123.09 8.75 -37.65
C ARG ZA 98 124.04 7.69 -38.18
N ALA ZA 99 125.14 8.12 -38.79
CA ALA ZA 99 126.12 7.17 -39.30
C ALA ZA 99 126.73 6.34 -38.17
N GLU ZA 100 127.07 6.99 -37.07
CA GLU ZA 100 127.60 6.29 -35.90
C GLU ZA 100 126.64 5.21 -35.43
N ALA ZA 101 125.37 5.57 -35.23
CA ALA ZA 101 124.40 4.62 -34.74
C ALA ZA 101 124.21 3.45 -35.71
N ILE ZA 102 124.08 3.75 -37.00
CA ILE ZA 102 123.81 2.69 -37.98
C ILE ZA 102 124.99 1.72 -38.03
N LYS ZA 103 126.21 2.24 -38.16
CA LYS ZA 103 127.35 1.35 -38.28
C LYS ZA 103 127.59 0.56 -37.00
N ARG ZA 104 127.42 1.20 -35.84
CA ARG ZA 104 127.61 0.48 -34.59
C ARG ZA 104 126.59 -0.64 -34.45
N ALA ZA 105 125.32 -0.35 -34.73
CA ALA ZA 105 124.30 -1.38 -34.61
C ALA ZA 105 124.49 -2.50 -35.60
N PHE ZA 106 125.05 -2.21 -36.77
CA PHE ZA 106 125.35 -3.28 -37.72
C PHE ZA 106 126.62 -4.04 -37.36
N ASP ZA 107 127.46 -3.48 -36.49
CA ASP ZA 107 128.63 -4.21 -36.02
C ASP ZA 107 128.31 -5.25 -34.96
N VAL ZA 108 127.03 -5.45 -34.65
CA VAL ZA 108 126.66 -6.43 -33.63
C VAL ZA 108 127.12 -7.82 -34.01
N LEU ZA 109 126.86 -8.21 -35.27
CA LEU ZA 109 127.23 -9.55 -35.72
C LEU ZA 109 128.72 -9.79 -35.57
N ASN ZA 110 129.54 -8.79 -35.83
CA ASN ZA 110 130.97 -8.92 -35.55
C ASN ZA 110 131.23 -9.05 -34.06
N ALA ZA 111 130.49 -8.30 -33.24
CA ALA ZA 111 130.70 -8.36 -31.79
C ALA ZA 111 129.96 -9.52 -31.15
N LEU ZA 112 128.63 -9.51 -31.22
CA LEU ZA 112 127.79 -10.51 -30.56
C LEU ZA 112 127.52 -11.67 -31.52
N ASN ZA 113 128.60 -12.35 -31.91
CA ASN ZA 113 128.53 -13.27 -33.05
C ASN ZA 113 127.84 -14.58 -32.68
N ALA ZA 114 128.41 -15.33 -31.74
CA ALA ZA 114 128.05 -16.72 -31.54
C ALA ZA 114 126.58 -16.93 -31.19
N GLU ZA 115 125.92 -15.96 -30.59
CA GLU ZA 115 124.51 -16.11 -30.24
C GLU ZA 115 123.57 -15.83 -31.40
N LEU ZA 116 124.07 -15.26 -32.49
CA LEU ZA 116 123.27 -15.00 -33.67
C LEU ZA 116 123.50 -16.05 -34.76
N ILE ZA 117 124.76 -16.31 -35.10
CA ILE ZA 117 125.08 -17.26 -36.15
C ILE ZA 117 124.62 -18.66 -35.75
N THR ZA 118 124.91 -19.06 -34.52
CA THR ZA 118 124.69 -20.44 -34.10
C THR ZA 118 123.32 -20.66 -33.47
N GLY ZA 119 122.75 -19.64 -32.83
CA GLY ZA 119 121.45 -19.76 -32.22
C GLY ZA 119 121.43 -20.19 -30.77
N GLU ZA 120 122.59 -20.39 -30.16
CA GLU ZA 120 122.64 -20.79 -28.76
C GLU ZA 120 122.13 -19.68 -27.86
N GLY ZA 121 121.50 -20.08 -26.75
CA GLY ZA 121 120.99 -19.13 -25.78
C GLY ZA 121 122.01 -18.90 -24.69
N GLN ZA 122 122.52 -17.67 -24.63
CA GLN ZA 122 123.58 -17.35 -23.67
C GLN ZA 122 123.06 -17.43 -22.24
N TRP ZA 123 123.94 -17.87 -21.35
CA TRP ZA 123 123.57 -18.12 -19.96
C TRP ZA 123 124.15 -17.08 -19.01
N ALA AB 1 119.31 -5.85 -67.50
CA ALA AB 1 117.87 -5.64 -67.56
C ALA AB 1 117.50 -4.21 -67.19
N ALA AB 2 118.39 -3.28 -67.48
CA ALA AB 2 118.12 -1.86 -67.33
C ALA AB 2 117.31 -1.35 -68.51
N ARG AB 3 116.65 -0.21 -68.30
CA ARG AB 3 115.77 0.34 -69.33
C ARG AB 3 116.61 1.00 -70.42
N SER AB 4 116.42 0.54 -71.66
CA SER AB 4 117.11 1.09 -72.82
C SER AB 4 116.23 0.89 -74.04
N SER AB 5 116.65 1.46 -75.16
CA SER AB 5 115.88 1.35 -76.39
C SER AB 5 115.89 -0.08 -76.90
N ILE AB 6 114.73 -0.53 -77.39
CA ILE AB 6 114.58 -1.86 -77.95
C ILE AB 6 114.22 -1.75 -79.41
N VAL AB 7 114.54 -2.79 -80.17
CA VAL AB 7 114.58 -2.71 -81.63
C VAL AB 7 113.62 -3.71 -82.25
N LEU AB 8 112.43 -3.86 -81.65
CA LEU AB 8 111.36 -4.68 -82.20
C LEU AB 8 111.33 -4.62 -83.71
N THR AB 9 111.30 -5.79 -84.35
CA THR AB 9 111.34 -5.84 -85.81
C THR AB 9 110.55 -7.06 -86.28
N ASP AB 10 110.08 -6.99 -87.52
CA ASP AB 10 109.38 -8.09 -88.16
C ASP AB 10 110.23 -8.80 -89.20
N GLY AB 11 111.44 -8.32 -89.45
CA GLY AB 11 112.29 -8.89 -90.48
C GLY AB 11 112.56 -7.89 -91.58
N THR AB 12 111.55 -7.10 -91.94
CA THR AB 12 111.68 -6.13 -93.03
C THR AB 12 112.05 -4.75 -92.52
N THR AB 13 111.22 -4.16 -91.66
CA THR AB 13 111.43 -2.80 -91.16
C THR AB 13 111.53 -2.83 -89.65
N PRO AB 14 112.70 -2.56 -89.07
CA PRO AB 14 112.81 -2.48 -87.62
C PRO AB 14 112.28 -1.15 -87.10
N VAL AB 15 111.65 -1.19 -85.92
CA VAL AB 15 111.20 0.01 -85.23
C VAL AB 15 111.89 0.07 -83.88
N THR AB 16 112.46 1.23 -83.56
CA THR AB 16 113.22 1.42 -82.33
C THR AB 16 112.33 2.15 -81.33
N LEU AB 17 111.97 1.46 -80.24
CA LEU AB 17 111.17 2.06 -79.18
C LEU AB 17 112.09 2.51 -78.05
N THR AB 18 111.92 3.75 -77.60
CA THR AB 18 112.69 4.25 -76.48
C THR AB 18 111.78 4.43 -75.27
N PRO AB 19 112.29 4.28 -74.05
CA PRO AB 19 111.44 4.44 -72.88
C PRO AB 19 110.92 5.86 -72.77
N VAL AB 20 109.66 5.98 -72.32
CA VAL AB 20 109.05 7.28 -72.10
C VAL AB 20 108.40 7.30 -70.73
N GLY AB 21 108.84 6.43 -69.83
CA GLY AB 21 108.38 6.52 -68.46
C GLY AB 21 107.99 5.22 -67.80
N GLY AB 22 107.08 5.30 -66.84
CA GLY AB 22 106.54 4.12 -66.20
C GLY AB 22 106.80 4.01 -64.70
N GLY AB 23 108.02 4.29 -64.28
CA GLY AB 23 108.35 4.12 -62.87
C GLY AB 23 108.60 2.67 -62.49
N VAL AB 24 108.31 2.30 -61.25
CA VAL AB 24 108.54 0.96 -60.76
C VAL AB 24 107.31 0.11 -61.02
N GLY AB 25 107.52 -1.14 -61.41
CA GLY AB 25 106.43 -2.02 -61.74
C GLY AB 25 105.94 -1.95 -63.17
N GLN AB 26 106.49 -1.08 -64.00
CA GLN AB 26 106.08 -0.99 -65.40
C GLN AB 26 107.13 -0.19 -66.16
N THR AB 27 106.97 -0.18 -67.49
CA THR AB 27 107.85 0.57 -68.36
C THR AB 27 107.11 0.84 -69.66
N LEU AB 28 106.96 2.10 -70.01
CA LEU AB 28 106.32 2.49 -71.25
C LEU AB 28 107.37 2.78 -72.31
N TYR AB 29 107.12 2.31 -73.52
CA TYR AB 29 108.01 2.55 -74.63
C TYR AB 29 107.27 3.30 -75.72
N ARG AB 30 108.03 3.94 -76.62
CA ARG AB 30 107.45 4.59 -77.78
C ARG AB 30 108.52 4.92 -78.80
N ALA AB 31 108.22 4.72 -80.09
CA ALA AB 31 109.15 5.08 -81.14
C ALA AB 31 109.04 6.57 -81.44
N THR AB 32 109.89 7.06 -82.34
CA THR AB 32 109.83 8.48 -82.68
C THR AB 32 108.76 8.75 -83.72
N ALA AB 33 108.96 8.28 -84.95
CA ALA AB 33 108.08 8.53 -86.10
C ALA AB 33 107.51 9.94 -86.04
N GLU AB 34 108.40 10.90 -85.83
CA GLU AB 34 108.01 12.24 -85.40
C GLU AB 34 107.12 12.91 -86.43
N ALA AB 35 106.25 13.81 -85.95
CA ALA AB 35 105.38 14.59 -86.82
C ALA AB 35 104.48 13.67 -87.65
N LEU AB 36 103.54 13.03 -86.97
CA LEU AB 36 102.99 13.35 -85.65
C LEU AB 36 103.66 12.53 -84.56
N SER AB 37 103.45 12.90 -83.30
CA SER AB 37 104.04 12.18 -82.17
C SER AB 37 103.12 11.11 -81.59
N ALA AB 38 101.83 11.16 -81.90
CA ALA AB 38 100.89 10.13 -81.46
C ALA AB 38 100.71 9.03 -82.48
N ALA AB 39 101.36 9.14 -83.64
CA ALA AB 39 101.27 8.12 -84.68
C ALA AB 39 102.54 7.26 -84.72
N ASN AB 40 102.80 6.55 -83.64
CA ASN AB 40 103.93 5.63 -83.59
C ASN AB 40 103.65 4.56 -82.55
N PRO AB 41 104.25 3.38 -82.69
CA PRO AB 41 103.90 2.25 -81.81
C PRO AB 41 104.40 2.45 -80.38
N SER AB 42 103.79 1.69 -79.48
CA SER AB 42 104.11 1.74 -78.06
C SER AB 42 104.04 0.34 -77.48
N LEU AB 43 104.76 0.13 -76.38
CA LEU AB 43 104.96 -1.20 -75.79
C LEU AB 43 104.76 -1.18 -74.27
N SER AB 44 103.60 -0.73 -73.82
CA SER AB 44 103.37 -0.68 -72.37
C SER AB 44 103.62 -2.04 -71.72
N PHE AB 45 104.66 -2.12 -70.90
CA PHE AB 45 105.10 -3.38 -70.31
C PHE AB 45 105.11 -3.26 -68.79
N GLY AB 46 104.28 -4.06 -68.11
CA GLY AB 46 104.23 -4.07 -66.68
C GLY AB 46 104.51 -5.45 -66.10
N TYR AB 47 104.80 -5.47 -64.80
CA TYR AB 47 105.15 -6.71 -64.11
C TYR AB 47 104.98 -6.50 -62.62
N ARG AB 48 104.61 -7.56 -61.92
CA ARG AB 48 104.40 -7.48 -60.48
C ARG AB 48 104.44 -8.90 -59.91
N PHE AB 49 104.57 -8.99 -58.59
CA PHE AB 49 104.52 -10.24 -57.86
C PHE AB 49 103.39 -10.16 -56.85
N THR AB 50 102.50 -11.15 -56.86
CA THR AB 50 101.34 -11.16 -55.97
C THR AB 50 101.77 -11.66 -54.58
N ASP AB 51 100.78 -12.02 -53.77
CA ASP AB 51 101.05 -12.50 -52.41
C ASP AB 51 102.06 -13.64 -52.43
N GLY AB 52 101.91 -14.58 -53.37
CA GLY AB 52 102.88 -15.63 -53.51
C GLY AB 52 104.03 -15.21 -54.41
N GLY AB 53 104.56 -16.14 -55.19
CA GLY AB 53 105.60 -15.80 -56.15
C GLY AB 53 105.02 -15.73 -57.55
N THR AB 54 103.70 -15.55 -57.64
CA THR AB 54 103.02 -15.55 -58.92
C THR AB 54 103.41 -14.31 -59.70
N ASN AB 55 104.33 -14.49 -60.64
CA ASN AB 55 104.82 -13.40 -61.48
C ASN AB 55 103.76 -13.12 -62.54
N ARG AB 56 103.18 -11.91 -62.50
CA ARG AB 56 102.14 -11.51 -63.45
C ARG AB 56 102.70 -10.44 -64.38
N GLN AB 57 103.31 -10.89 -65.47
CA GLN AB 57 103.81 -9.95 -66.45
C GLN AB 57 102.72 -9.63 -67.47
N SER AB 58 102.84 -8.47 -68.10
CA SER AB 58 101.83 -8.01 -69.04
C SER AB 58 102.43 -7.08 -70.07
N LEU AB 59 102.17 -7.32 -71.35
CA LEU AB 59 102.64 -6.46 -72.41
C LEU AB 59 101.47 -6.02 -73.26
N SER AB 60 101.54 -4.79 -73.76
CA SER AB 60 100.51 -4.27 -74.65
C SER AB 60 101.22 -3.46 -75.72
N TYR AB 61 101.24 -3.98 -76.93
CA TYR AB 61 101.89 -3.33 -78.07
C TYR AB 61 100.80 -2.76 -78.97
N LYS AB 62 100.83 -1.45 -79.16
CA LYS AB 62 99.85 -0.75 -80.00
C LYS AB 62 100.57 -0.10 -81.16
N GLN AB 63 100.09 -0.38 -82.37
CA GLN AB 63 100.64 0.26 -83.56
C GLN AB 63 99.54 1.02 -84.28
N PRO AB 64 99.62 2.33 -84.39
CA PRO AB 64 98.56 3.08 -85.06
C PRO AB 64 98.74 3.08 -86.57
N ILE AB 65 97.60 3.17 -87.26
CA ILE AB 65 97.55 3.10 -88.71
C ILE AB 65 97.51 4.53 -89.23
N THR AB 66 98.58 4.95 -89.90
CA THR AB 66 98.73 6.32 -90.36
C THR AB 66 98.23 6.47 -91.78
N ALA AB 67 98.03 7.72 -92.18
CA ALA AB 67 97.58 8.04 -93.54
C ALA AB 67 97.99 9.47 -93.83
N VAL AB 68 98.98 9.65 -94.70
CA VAL AB 68 99.49 10.98 -95.01
C VAL AB 68 98.50 11.67 -95.95
N ASP AB 69 97.80 12.66 -95.44
CA ASP AB 69 96.78 13.39 -96.21
C ASP AB 69 97.50 14.37 -97.12
N SER AB 70 97.70 13.98 -98.39
CA SER AB 70 98.47 14.80 -99.31
C SER AB 70 97.84 16.16 -99.57
N THR AB 71 96.53 16.29 -99.39
CA THR AB 71 95.87 17.58 -99.60
C THR AB 71 96.37 18.61 -98.60
N THR AB 72 96.38 18.27 -97.32
CA THR AB 72 96.80 19.17 -96.27
C THR AB 72 98.25 18.92 -95.81
N SER AB 73 98.79 17.74 -96.10
CA SER AB 73 100.13 17.31 -95.69
C SER AB 73 100.22 17.21 -94.17
N GLU AB 74 99.31 16.43 -93.61
CA GLU AB 74 99.30 16.12 -92.19
C GLU AB 74 99.02 14.64 -92.02
N THR AB 75 99.60 14.05 -90.98
CA THR AB 75 99.42 12.63 -90.72
C THR AB 75 98.18 12.41 -89.87
N LEU AB 76 97.29 11.54 -90.34
CA LEU AB 76 96.05 11.24 -89.64
C LEU AB 76 96.11 9.82 -89.10
N VAL AB 77 95.48 9.62 -87.94
CA VAL AB 77 95.46 8.32 -87.28
C VAL AB 77 94.07 7.73 -87.44
N ARG AB 78 93.98 6.58 -88.09
CA ARG AB 78 92.71 5.94 -88.40
C ARG AB 78 92.30 4.91 -87.37
N GLY AB 79 93.26 4.29 -86.70
CA GLY AB 79 92.97 3.27 -85.70
C GLY AB 79 94.27 2.69 -85.21
N GLN AB 80 94.17 1.62 -84.43
CA GLN AB 80 95.38 0.99 -83.94
C GLN AB 80 95.20 -0.51 -83.81
N CYS AB 81 96.23 -1.25 -84.22
CA CYS AB 81 96.30 -2.68 -83.96
C CYS AB 81 96.89 -2.89 -82.57
N VAL AB 82 96.18 -3.63 -81.74
CA VAL AB 82 96.54 -3.85 -80.35
C VAL AB 82 96.85 -5.32 -80.15
N VAL AB 83 97.98 -5.62 -79.51
CA VAL AB 83 98.34 -6.99 -79.16
C VAL AB 83 98.65 -7.02 -77.67
N ASP AB 84 97.86 -7.77 -76.91
CA ASP AB 84 98.08 -7.94 -75.48
C ASP AB 84 98.67 -9.32 -75.24
N ILE AB 85 99.62 -9.39 -74.33
CA ILE AB 85 100.29 -10.65 -73.97
C ILE AB 85 100.38 -10.68 -72.45
N ASN AB 86 99.49 -11.41 -71.81
CA ASN AB 86 99.58 -11.60 -70.37
C ASN AB 86 100.27 -12.91 -70.05
N ILE AB 87 101.14 -12.88 -69.05
CA ILE AB 87 101.91 -14.04 -68.65
C ILE AB 87 101.74 -14.22 -67.16
N VAL AB 88 101.28 -15.39 -66.74
CA VAL AB 88 101.14 -15.72 -65.33
C VAL AB 88 102.04 -16.91 -65.03
N ILE AB 89 102.91 -16.76 -64.05
CA ILE AB 89 103.80 -17.85 -63.66
C ILE AB 89 103.59 -18.15 -62.18
N PRO AB 90 103.14 -19.35 -61.83
CA PRO AB 90 102.81 -19.61 -60.44
C PRO AB 90 104.03 -19.69 -59.54
N ARG AB 91 103.78 -19.78 -58.24
CA ARG AB 91 104.84 -19.82 -57.24
C ARG AB 91 105.71 -21.08 -57.36
N VAL AB 92 105.17 -22.15 -57.94
CA VAL AB 92 105.81 -23.45 -57.92
C VAL AB 92 106.55 -23.75 -59.22
N ALA AB 93 106.73 -22.77 -60.10
CA ALA AB 93 107.25 -23.00 -61.43
C ALA AB 93 108.78 -22.98 -61.41
N THR AB 94 109.39 -24.02 -61.98
CA THR AB 94 110.84 -24.09 -62.09
C THR AB 94 111.33 -23.06 -63.10
N ALA AB 95 112.63 -22.76 -63.02
CA ALA AB 95 113.24 -21.75 -63.87
C ALA AB 95 113.33 -22.17 -65.34
N THR AB 96 113.30 -23.47 -65.63
CA THR AB 96 113.30 -23.94 -67.01
C THR AB 96 111.91 -24.15 -67.56
N ASP AB 97 110.94 -24.44 -66.69
CA ASP AB 97 109.55 -24.50 -67.13
C ASP AB 97 109.06 -23.14 -67.59
N ARG AB 98 109.53 -22.07 -66.95
CA ARG AB 98 109.22 -20.72 -67.42
C ARG AB 98 109.66 -20.53 -68.86
N ALA AB 99 110.92 -20.87 -69.16
CA ALA AB 99 111.42 -20.72 -70.52
C ALA AB 99 110.65 -21.59 -71.48
N GLU AB 100 110.37 -22.84 -71.10
CA GLU AB 100 109.61 -23.73 -71.96
C GLU AB 100 108.25 -23.11 -72.30
N ALA AB 101 107.51 -22.69 -71.27
CA ALA AB 101 106.17 -22.17 -71.50
C ALA AB 101 106.20 -20.90 -72.35
N ILE AB 102 107.11 -19.98 -72.03
CA ILE AB 102 107.13 -18.70 -72.73
C ILE AB 102 107.51 -18.90 -74.20
N LYS AB 103 108.60 -19.64 -74.45
CA LYS AB 103 109.04 -19.79 -75.84
C LYS AB 103 108.12 -20.72 -76.62
N ARG AB 104 107.30 -21.53 -75.94
CA ARG AB 104 106.31 -22.30 -76.67
C ARG AB 104 105.10 -21.45 -77.03
N ALA AB 105 104.65 -20.61 -76.09
CA ALA AB 105 103.53 -19.72 -76.39
C ALA AB 105 103.87 -18.73 -77.50
N PHE AB 106 105.08 -18.17 -77.45
CA PHE AB 106 105.50 -17.24 -78.49
C PHE AB 106 105.85 -17.94 -79.80
N ASP AB 107 105.87 -19.27 -79.82
CA ASP AB 107 106.08 -20.01 -81.06
C ASP AB 107 104.79 -20.28 -81.82
N VAL AB 108 103.66 -19.79 -81.31
CA VAL AB 108 102.38 -19.99 -82.00
C VAL AB 108 102.42 -19.35 -83.38
N LEU AB 109 103.01 -18.16 -83.48
CA LEU AB 109 103.07 -17.46 -84.76
C LEU AB 109 103.71 -18.32 -85.84
N ASN AB 110 104.63 -19.22 -85.47
CA ASN AB 110 105.20 -20.13 -86.45
C ASN AB 110 104.33 -21.37 -86.68
N ALA AB 111 103.46 -21.71 -85.73
CA ALA AB 111 102.57 -22.84 -85.90
C ALA AB 111 101.23 -22.41 -86.47
N LEU AB 112 100.55 -21.49 -85.77
CA LEU AB 112 99.25 -20.99 -86.20
C LEU AB 112 99.43 -19.73 -87.06
N ASN AB 113 100.25 -19.87 -88.09
CA ASN AB 113 100.75 -18.70 -88.81
C ASN AB 113 99.66 -18.07 -89.66
N ALA AB 114 99.06 -18.84 -90.57
CA ALA AB 114 98.11 -18.27 -91.52
C ALA AB 114 96.87 -17.72 -90.83
N GLU AB 115 96.53 -18.24 -89.66
CA GLU AB 115 95.37 -17.73 -88.93
C GLU AB 115 95.65 -16.40 -88.25
N LEU AB 116 96.90 -15.94 -88.22
CA LEU AB 116 97.26 -14.70 -87.56
C LEU AB 116 97.81 -13.67 -88.53
N ILE AB 117 98.74 -14.05 -89.39
CA ILE AB 117 99.35 -13.10 -90.31
C ILE AB 117 98.32 -12.59 -91.32
N THR AB 118 97.51 -13.49 -91.88
CA THR AB 118 96.54 -13.12 -92.90
C THR AB 118 95.14 -12.88 -92.36
N GLY AB 119 94.79 -13.48 -91.23
CA GLY AB 119 93.50 -13.26 -90.61
C GLY AB 119 92.45 -14.30 -90.92
N GLU AB 120 92.80 -15.39 -91.56
CA GLU AB 120 91.84 -16.44 -91.89
C GLU AB 120 91.28 -17.08 -90.63
N GLY AB 121 90.34 -17.97 -90.83
CA GLY AB 121 89.90 -18.87 -89.78
C GLY AB 121 90.00 -20.29 -90.30
N GLN AB 122 90.41 -21.20 -89.42
CA GLN AB 122 90.60 -22.57 -89.83
C GLN AB 122 89.26 -23.26 -90.04
N TRP AB 123 89.15 -24.00 -91.14
CA TRP AB 123 87.88 -24.62 -91.51
C TRP AB 123 87.85 -26.12 -91.23
N ALA BB 1 94.69 -22.87 -92.78
CA ALA BB 1 94.32 -24.19 -93.27
C ALA BB 1 93.37 -24.86 -92.30
N ALA BB 2 93.04 -26.13 -92.56
CA ALA BB 2 92.10 -26.84 -91.71
C ALA BB 2 92.72 -27.15 -90.35
N ARG BB 3 91.86 -27.48 -89.40
CA ARG BB 3 92.33 -27.88 -88.07
C ARG BB 3 93.24 -29.08 -88.19
N SER BB 4 94.51 -28.91 -87.82
CA SER BB 4 95.47 -30.00 -87.94
C SER BB 4 96.30 -30.11 -86.66
N SER BB 5 97.37 -30.90 -86.71
CA SER BB 5 98.27 -31.05 -85.57
C SER BB 5 99.37 -30.01 -85.64
N ILE BB 6 99.50 -29.21 -84.59
CA ILE BB 6 100.54 -28.19 -84.51
C ILE BB 6 101.70 -28.71 -83.68
N VAL BB 7 102.87 -28.12 -83.90
CA VAL BB 7 104.12 -28.66 -83.37
C VAL BB 7 104.78 -27.60 -82.48
N LEU BB 8 103.98 -26.90 -81.69
CA LEU BB 8 104.47 -25.89 -80.75
C LEU BB 8 105.73 -26.37 -80.04
N THR BB 9 106.81 -25.61 -80.22
CA THR BB 9 108.13 -25.99 -79.73
C THR BB 9 108.80 -24.80 -79.08
N ASP BB 10 110.04 -25.00 -78.64
CA ASP BB 10 110.84 -23.91 -78.10
C ASP BB 10 112.29 -23.95 -78.59
N GLY BB 11 112.61 -24.81 -79.55
CA GLY BB 11 113.95 -24.98 -80.05
C GLY BB 11 114.62 -26.26 -79.58
N THR BB 12 114.22 -26.78 -78.42
CA THR BB 12 114.78 -28.02 -77.89
C THR BB 12 113.75 -29.12 -77.75
N THR BB 13 112.63 -28.84 -77.08
CA THR BB 13 111.65 -29.87 -76.75
C THR BB 13 110.32 -29.57 -77.43
N PRO BB 14 110.03 -30.16 -78.59
CA PRO BB 14 108.75 -29.91 -79.25
C PRO BB 14 107.60 -30.62 -78.55
N VAL BB 15 106.40 -30.11 -78.78
CA VAL BB 15 105.16 -30.70 -78.29
C VAL BB 15 104.15 -30.66 -79.41
N THR BB 16 103.49 -31.77 -79.68
CA THR BB 16 102.50 -31.87 -80.75
C THR BB 16 101.11 -31.84 -80.14
N LEU BB 17 100.25 -30.96 -80.67
CA LEU BB 17 98.90 -30.77 -80.16
C LEU BB 17 97.90 -31.01 -81.28
N THR BB 18 96.86 -31.79 -80.97
CA THR BB 18 95.81 -32.10 -81.92
C THR BB 18 94.46 -31.60 -81.41
N PRO BB 19 93.59 -31.10 -82.29
CA PRO BB 19 92.35 -30.46 -81.82
C PRO BB 19 91.49 -31.42 -81.00
N VAL BB 20 90.88 -30.87 -79.95
CA VAL BB 20 90.17 -31.69 -78.98
C VAL BB 20 88.76 -31.11 -78.83
N GLY BB 21 88.35 -30.33 -79.80
CA GLY BB 21 86.98 -29.86 -79.78
C GLY BB 21 86.91 -28.42 -80.27
N GLY BB 22 85.98 -27.67 -79.67
CA GLY BB 22 85.77 -26.30 -80.03
C GLY BB 22 84.44 -26.03 -80.71
N GLY BB 23 84.47 -25.37 -81.85
CA GLY BB 23 83.25 -25.01 -82.57
C GLY BB 23 83.55 -24.11 -83.75
N VAL BB 24 82.76 -23.04 -83.91
CA VAL BB 24 83.02 -22.03 -84.92
C VAL BB 24 83.68 -20.83 -84.24
N GLY BB 25 84.81 -20.40 -84.80
CA GLY BB 25 85.61 -19.38 -84.14
C GLY BB 25 86.07 -19.84 -82.78
N GLN BB 26 86.54 -21.08 -82.70
CA GLN BB 26 87.04 -21.68 -81.47
C GLN BB 26 87.73 -22.99 -81.81
N THR BB 27 88.86 -23.25 -81.17
CA THR BB 27 89.64 -24.45 -81.49
C THR BB 27 90.48 -24.80 -80.26
N LEU BB 28 90.13 -25.89 -79.59
CA LEU BB 28 90.93 -26.39 -78.50
C LEU BB 28 92.14 -27.16 -79.04
N TYR BB 29 93.07 -27.46 -78.14
CA TYR BB 29 94.23 -28.28 -78.47
C TYR BB 29 94.66 -29.02 -77.21
N ARG BB 30 95.48 -30.04 -77.40
CA ARG BB 30 96.10 -30.77 -76.30
C ARG BB 30 97.09 -31.77 -76.90
N ALA BB 31 98.01 -32.23 -76.07
CA ALA BB 31 99.07 -33.15 -76.49
C ALA BB 31 98.67 -34.59 -76.19
N THR BB 32 99.62 -35.51 -76.36
CA THR BB 32 99.34 -36.95 -76.31
C THR BB 32 99.41 -37.55 -74.91
N ALA BB 33 100.29 -37.05 -74.05
CA ALA BB 33 100.45 -37.63 -72.71
C ALA BB 33 99.16 -37.48 -71.90
N GLU BB 34 98.95 -38.36 -70.93
CA GLU BB 34 97.71 -38.41 -70.18
C GLU BB 34 97.97 -38.30 -68.69
N ALA BB 35 97.09 -37.56 -68.02
CA ALA BB 35 97.17 -37.40 -66.56
C ALA BB 35 95.74 -37.39 -66.03
N LEU BB 36 95.59 -36.96 -64.76
CA LEU BB 36 94.30 -36.98 -64.10
C LEU BB 36 93.67 -35.59 -64.00
N SER BB 37 94.38 -34.63 -63.41
CA SER BB 37 93.84 -33.30 -63.20
C SER BB 37 94.17 -32.36 -64.36
N ALA BB 38 95.46 -32.15 -64.63
CA ALA BB 38 95.91 -31.33 -65.75
C ALA BB 38 96.74 -32.22 -66.66
N ALA BB 39 96.24 -32.46 -67.87
CA ALA BB 39 96.89 -33.42 -68.75
C ALA BB 39 98.10 -32.82 -69.44
N ASN BB 40 97.89 -31.82 -70.27
CA ASN BB 40 98.93 -31.35 -71.18
C ASN BB 40 98.77 -29.85 -71.45
N PRO BB 41 99.68 -29.25 -72.22
CA PRO BB 41 99.41 -27.90 -72.72
C PRO BB 41 98.14 -27.86 -73.55
N SER BB 42 97.36 -26.79 -73.38
CA SER BB 42 96.05 -26.67 -74.02
C SER BB 42 95.93 -25.27 -74.63
N LEU BB 43 96.20 -25.16 -75.92
CA LEU BB 43 96.21 -23.89 -76.63
C LEU BB 43 94.82 -23.63 -77.21
N SER BB 44 94.04 -22.81 -76.54
CA SER BB 44 92.73 -22.43 -77.06
C SER BB 44 92.87 -21.21 -77.97
N PHE BB 45 92.09 -21.20 -79.05
CA PHE BB 45 92.19 -20.19 -80.10
C PHE BB 45 90.79 -19.70 -80.43
N GLY BB 46 90.50 -18.44 -80.11
CA GLY BB 46 89.12 -17.96 -80.10
C GLY BB 46 88.76 -16.83 -81.04
N TYR BB 47 89.23 -16.88 -82.29
CA TYR BB 47 89.01 -15.78 -83.22
C TYR BB 47 87.52 -15.53 -83.48
N ARG BB 48 87.20 -14.30 -83.82
CA ARG BB 48 85.84 -13.89 -84.16
C ARG BB 48 85.91 -12.55 -84.88
N PHE BB 49 84.74 -12.01 -85.23
CA PHE BB 49 84.62 -10.68 -85.84
C PHE BB 49 83.64 -9.86 -85.02
N THR BB 50 83.40 -8.63 -85.46
CA THR BB 50 82.64 -7.67 -84.67
C THR BB 50 81.83 -6.81 -85.64
N ASP BB 51 81.36 -5.65 -85.16
CA ASP BB 51 80.55 -4.75 -85.98
C ASP BB 51 81.29 -4.37 -87.27
N GLY BB 52 82.54 -3.95 -87.14
CA GLY BB 52 83.39 -3.70 -88.28
C GLY BB 52 84.19 -4.93 -88.64
N GLY BB 53 85.32 -4.70 -89.29
CA GLY BB 53 86.24 -5.78 -89.57
C GLY BB 53 87.16 -6.03 -88.40
N THR BB 54 86.67 -5.76 -87.20
CA THR BB 54 87.49 -5.82 -86.00
C THR BB 54 87.80 -7.27 -85.66
N ASN BB 55 88.84 -7.82 -86.26
CA ASN BB 55 89.20 -9.22 -86.07
C ASN BB 55 89.72 -9.38 -84.65
N ARG BB 56 88.86 -9.88 -83.77
CA ARG BB 56 89.19 -9.98 -82.34
C ARG BB 56 89.68 -11.39 -82.01
N GLN BB 57 90.85 -11.72 -82.54
CA GLN BB 57 91.47 -12.99 -82.24
C GLN BB 57 91.87 -13.04 -80.76
N SER BB 58 92.02 -14.26 -80.24
CA SER BB 58 92.34 -14.46 -78.84
C SER BB 58 92.92 -15.85 -78.67
N LEU BB 59 93.96 -15.94 -77.85
CA LEU BB 59 94.66 -17.20 -77.63
C LEU BB 59 94.83 -17.41 -76.13
N SER BB 60 95.14 -18.65 -75.77
CA SER BB 60 95.50 -18.97 -74.39
C SER BB 60 96.25 -20.28 -74.35
N TYR BB 61 97.53 -20.24 -73.98
CA TYR BB 61 98.39 -21.43 -73.94
C TYR BB 61 98.71 -21.76 -72.50
N LYS BB 62 98.14 -22.85 -71.99
CA LYS BB 62 98.41 -23.28 -70.62
C LYS BB 62 99.30 -24.51 -70.65
N GLN BB 63 100.38 -24.46 -69.90
CA GLN BB 63 101.30 -25.59 -69.75
C GLN BB 63 101.33 -25.99 -68.29
N PRO BB 64 100.98 -27.21 -67.93
CA PRO BB 64 100.92 -27.59 -66.53
C PRO BB 64 102.23 -27.97 -65.85
N ILE BB 65 102.50 -27.27 -64.75
CA ILE BB 65 103.68 -27.53 -63.94
C ILE BB 65 103.40 -28.83 -63.19
N THR BB 66 104.18 -29.86 -63.51
CA THR BB 66 103.95 -31.21 -63.00
C THR BB 66 105.27 -31.90 -62.69
N ALA BB 67 105.22 -32.85 -61.76
CA ALA BB 67 106.35 -33.70 -61.43
C ALA BB 67 105.85 -35.13 -61.23
N VAL BB 68 106.60 -36.10 -61.72
CA VAL BB 68 106.15 -37.49 -61.73
C VAL BB 68 106.37 -38.09 -60.34
N ASP BB 69 105.30 -38.58 -59.73
CA ASP BB 69 105.40 -39.25 -58.45
C ASP BB 69 106.09 -40.60 -58.60
N SER BB 70 106.59 -41.12 -57.49
CA SER BB 70 107.19 -42.44 -57.47
C SER BB 70 106.13 -43.49 -57.14
N THR BB 71 106.25 -44.64 -57.82
CA THR BB 71 105.40 -45.82 -57.66
C THR BB 71 103.97 -45.61 -58.15
N THR BB 72 103.61 -44.41 -58.59
CA THR BB 72 102.26 -44.13 -59.08
C THR BB 72 102.35 -43.46 -60.44
N SER BB 73 101.49 -43.89 -61.36
CA SER BB 73 101.48 -43.37 -62.73
C SER BB 73 100.45 -42.25 -62.89
N GLU BB 74 100.57 -41.21 -62.07
CA GLU BB 74 99.64 -40.09 -62.12
C GLU BB 74 100.32 -38.74 -62.30
N THR BB 75 101.66 -38.70 -62.32
CA THR BB 75 102.46 -37.52 -62.64
C THR BB 75 101.86 -36.24 -62.08
N LEU BB 76 101.82 -36.15 -60.75
CA LEU BB 76 101.18 -35.05 -60.03
C LEU BB 76 101.51 -33.69 -60.63
N VAL BB 77 100.46 -32.90 -60.89
CA VAL BB 77 100.59 -31.57 -61.46
C VAL BB 77 100.55 -30.55 -60.32
N ARG BB 78 101.38 -29.52 -60.43
CA ARG BB 78 101.51 -28.53 -59.37
C ARG BB 78 100.94 -27.17 -59.73
N GLY BB 79 100.87 -26.83 -61.00
CA GLY BB 79 100.34 -25.54 -61.40
C GLY BB 79 100.15 -25.43 -62.89
N GLN BB 80 100.11 -24.19 -63.39
CA GLN BB 80 99.98 -23.96 -64.83
C GLN BB 80 100.48 -22.58 -65.22
N CYS BB 81 101.28 -22.50 -66.28
CA CYS BB 81 101.86 -21.24 -66.76
C CYS BB 81 100.95 -20.68 -67.85
N VAL BB 82 99.93 -19.92 -67.44
CA VAL BB 82 99.01 -19.32 -68.39
C VAL BB 82 99.71 -18.23 -69.19
N VAL BB 83 99.49 -18.22 -70.50
CA VAL BB 83 100.01 -17.16 -71.36
C VAL BB 83 98.95 -16.74 -72.36
N ASP BB 84 98.26 -15.63 -72.08
CA ASP BB 84 97.19 -15.15 -72.95
C ASP BB 84 97.75 -14.21 -74.01
N ILE BB 85 97.18 -14.28 -75.21
CA ILE BB 85 97.56 -13.38 -76.29
C ILE BB 85 96.30 -12.91 -77.00
N ASN BB 86 95.89 -11.66 -76.76
CA ASN BB 86 94.71 -11.11 -77.40
C ASN BB 86 95.11 -10.11 -78.48
N ILE BB 87 94.44 -10.20 -79.61
CA ILE BB 87 94.75 -9.38 -80.77
C ILE BB 87 93.48 -8.67 -81.22
N VAL BB 88 93.60 -7.37 -81.49
CA VAL BB 88 92.49 -6.56 -81.97
C VAL BB 88 92.99 -5.78 -83.18
N ILE BB 89 92.53 -6.14 -84.36
CA ILE BB 89 92.97 -5.52 -85.62
C ILE BB 89 91.77 -4.79 -86.20
N PRO BB 90 91.87 -3.49 -86.49
CA PRO BB 90 90.68 -2.74 -86.92
C PRO BB 90 90.28 -3.06 -88.35
N ARG BB 91 89.18 -2.45 -88.79
CA ARG BB 91 88.70 -2.65 -90.15
C ARG BB 91 89.63 -2.04 -91.19
N VAL BB 92 90.30 -0.95 -90.87
CA VAL BB 92 91.05 -0.17 -91.84
C VAL BB 92 92.48 -0.68 -91.96
N ALA BB 93 92.78 -1.80 -91.33
CA ALA BB 93 94.15 -2.30 -91.26
C ALA BB 93 94.49 -3.08 -92.51
N THR BB 94 95.34 -2.49 -93.35
CA THR BB 94 95.85 -3.17 -94.52
C THR BB 94 96.62 -4.42 -94.09
N ALA BB 95 96.51 -5.49 -94.88
CA ALA BB 95 97.08 -6.77 -94.49
C ALA BB 95 98.59 -6.70 -94.30
N THR BB 96 99.27 -5.73 -94.92
CA THR BB 96 100.67 -5.49 -94.60
C THR BB 96 100.84 -4.94 -93.19
N ASP BB 97 99.99 -3.97 -92.81
CA ASP BB 97 100.07 -3.40 -91.47
C ASP BB 97 99.77 -4.45 -90.41
N ARG BB 98 98.79 -5.32 -90.66
CA ARG BB 98 98.48 -6.36 -89.69
C ARG BB 98 99.64 -7.34 -89.52
N ALA BB 99 100.28 -7.73 -90.62
CA ALA BB 99 101.43 -8.62 -90.52
C ALA BB 99 102.57 -7.95 -89.76
N GLU BB 100 102.81 -6.68 -90.03
CA GLU BB 100 103.84 -5.94 -89.30
C GLU BB 100 103.52 -5.91 -87.81
N ALA BB 101 102.27 -5.60 -87.47
CA ALA BB 101 101.89 -5.50 -86.06
C ALA BB 101 102.07 -6.83 -85.35
N ILE BB 102 101.62 -7.93 -85.96
CA ILE BB 102 101.72 -9.22 -85.30
C ILE BB 102 103.17 -9.65 -85.15
N LYS BB 103 103.95 -9.53 -86.23
CA LYS BB 103 105.33 -10.00 -86.17
C LYS BB 103 106.19 -9.11 -85.28
N ARG BB 104 105.81 -7.85 -85.09
CA ARG BB 104 106.52 -7.00 -84.16
C ARG BB 104 106.12 -7.27 -82.72
N ALA BB 105 104.85 -7.60 -82.48
CA ALA BB 105 104.44 -7.95 -81.13
C ALA BB 105 105.07 -9.25 -80.68
N PHE BB 106 105.20 -10.23 -81.58
CA PHE BB 106 105.79 -11.51 -81.21
C PHE BB 106 107.31 -11.48 -81.23
N ASP BB 107 107.92 -10.34 -81.56
CA ASP BB 107 109.36 -10.17 -81.47
C ASP BB 107 109.80 -9.58 -80.14
N VAL BB 108 108.87 -9.37 -79.21
CA VAL BB 108 109.24 -8.84 -77.90
C VAL BB 108 110.16 -9.82 -77.19
N LEU BB 109 109.88 -11.12 -77.31
CA LEU BB 109 110.68 -12.14 -76.63
C LEU BB 109 112.15 -12.04 -76.99
N ASN BB 110 112.47 -11.61 -78.20
CA ASN BB 110 113.86 -11.46 -78.62
C ASN BB 110 114.45 -10.11 -78.24
N ALA BB 111 113.63 -9.15 -77.81
CA ALA BB 111 114.12 -7.84 -77.40
C ALA BB 111 114.01 -7.66 -75.89
N LEU BB 112 112.86 -7.97 -75.32
CA LEU BB 112 112.65 -7.91 -73.87
C LEU BB 112 112.83 -9.30 -73.27
N ASN BB 113 114.00 -9.87 -73.52
CA ASN BB 113 114.22 -11.29 -73.31
C ASN BB 113 114.36 -11.64 -71.82
N ALA BB 114 115.32 -11.02 -71.15
CA ALA BB 114 115.63 -11.41 -69.77
C ALA BB 114 114.45 -11.16 -68.85
N GLU BB 115 113.73 -10.05 -69.04
CA GLU BB 115 112.61 -9.73 -68.18
C GLU BB 115 111.48 -10.75 -68.30
N LEU BB 116 111.35 -11.42 -69.45
CA LEU BB 116 110.28 -12.38 -69.68
C LEU BB 116 110.71 -13.80 -69.30
N ILE BB 117 111.93 -14.19 -69.67
CA ILE BB 117 112.40 -15.53 -69.36
C ILE BB 117 112.78 -15.64 -67.89
N THR BB 118 113.69 -14.79 -67.43
CA THR BB 118 114.15 -14.85 -66.05
C THR BB 118 113.12 -14.31 -65.08
N GLY BB 119 112.46 -13.22 -65.44
CA GLY BB 119 111.40 -12.67 -64.59
C GLY BB 119 111.90 -11.62 -63.62
N GLU BB 120 112.65 -10.64 -64.13
CA GLU BB 120 113.32 -9.68 -63.28
C GLU BB 120 113.62 -8.42 -64.07
N GLY BB 121 114.01 -7.37 -63.35
CA GLY BB 121 114.68 -6.26 -64.00
C GLY BB 121 113.92 -4.96 -64.06
N GLN BB 122 114.26 -4.14 -65.07
CA GLN BB 122 113.75 -2.78 -65.24
C GLN BB 122 114.10 -1.93 -64.01
N TRP BB 123 115.40 -1.70 -63.85
CA TRP BB 123 115.90 -0.88 -62.77
C TRP BB 123 115.73 0.59 -63.12
N ALA CB 1 -26.75 54.85 -115.39
CA ALA CB 1 -26.93 56.25 -115.76
C ALA CB 1 -27.67 57.00 -114.66
N ALA CB 2 -28.03 58.25 -114.93
CA ALA CB 2 -28.81 59.01 -113.97
C ALA CB 2 -30.17 58.38 -113.75
N ARG CB 3 -30.58 58.25 -112.49
CA ARG CB 3 -31.86 57.64 -112.18
C ARG CB 3 -33.00 58.45 -112.78
N SER CB 4 -33.95 57.75 -113.39
CA SER CB 4 -35.09 58.40 -114.02
C SER CB 4 -36.28 57.45 -113.92
N SER CB 5 -37.31 57.73 -114.72
CA SER CB 5 -38.51 56.90 -114.74
C SER CB 5 -38.35 55.77 -115.75
N ILE CB 6 -39.11 54.69 -115.53
CA ILE CB 6 -39.09 53.53 -116.42
C ILE CB 6 -40.52 53.16 -116.76
N VAL CB 7 -40.70 52.50 -117.90
CA VAL CB 7 -42.00 52.36 -118.54
C VAL CB 7 -42.31 50.87 -118.69
N LEU CB 8 -41.96 50.07 -117.67
CA LEU CB 8 -42.27 48.65 -117.65
C LEU CB 8 -43.65 48.37 -118.23
N THR CB 9 -43.71 47.48 -119.21
CA THR CB 9 -44.93 47.23 -119.96
C THR CB 9 -45.03 45.74 -120.26
N ASP CB 10 -46.18 45.34 -120.80
CA ASP CB 10 -46.41 43.98 -121.24
C ASP CB 10 -47.19 43.97 -122.55
N GLY CB 11 -47.09 45.05 -123.31
CA GLY CB 11 -47.72 45.12 -124.61
C GLY CB 11 -49.03 45.87 -124.62
N THR CB 12 -49.78 45.81 -123.53
CA THR CB 12 -51.09 46.45 -123.49
C THR CB 12 -51.27 47.44 -122.35
N THR CB 13 -50.67 47.19 -121.18
CA THR CB 13 -50.85 48.06 -120.01
C THR CB 13 -49.49 48.48 -119.47
N PRO CB 14 -48.92 49.55 -120.01
CA PRO CB 14 -47.64 50.05 -119.48
C PRO CB 14 -47.79 50.58 -118.08
N VAL CB 15 -46.70 50.51 -117.33
CA VAL CB 15 -46.63 51.00 -115.96
C VAL CB 15 -45.44 51.93 -115.84
N THR CB 16 -45.68 53.18 -115.46
CA THR CB 16 -44.62 54.15 -115.27
C THR CB 16 -44.18 54.12 -113.82
N LEU CB 17 -42.91 53.79 -113.59
CA LEU CB 17 -42.34 53.73 -112.26
C LEU CB 17 -41.38 54.90 -112.06
N THR CB 18 -41.30 55.39 -110.83
CA THR CB 18 -40.46 56.52 -110.49
C THR CB 18 -39.60 56.14 -109.30
N PRO CB 19 -38.38 56.69 -109.22
CA PRO CB 19 -37.50 56.35 -108.09
C PRO CB 19 -37.90 57.07 -106.82
N VAL CB 20 -38.25 56.32 -105.77
CA VAL CB 20 -38.76 56.95 -104.56
C VAL CB 20 -37.91 56.54 -103.36
N GLY CB 21 -36.65 56.21 -103.60
CA GLY CB 21 -35.77 55.84 -102.52
C GLY CB 21 -34.57 55.08 -103.03
N GLY CB 22 -33.91 54.40 -102.10
CA GLY CB 22 -32.75 53.60 -102.44
C GLY CB 22 -31.55 53.90 -101.58
N GLY CB 23 -30.38 53.99 -102.22
CA GLY CB 23 -29.15 54.26 -101.49
C GLY CB 23 -27.96 54.12 -102.40
N VAL CB 24 -26.88 53.57 -101.85
CA VAL CB 24 -25.69 53.25 -102.63
C VAL CB 24 -25.78 51.80 -103.06
N GLY CB 25 -25.73 51.58 -104.37
CA GLY CB 25 -25.94 50.24 -104.92
C GLY CB 25 -27.34 49.72 -104.70
N GLN CB 26 -28.34 50.59 -104.88
CA GLN CB 26 -29.73 50.23 -104.68
C GLN CB 26 -30.59 51.39 -105.18
N THR CB 27 -31.74 51.04 -105.76
CA THR CB 27 -32.65 52.07 -106.28
C THR CB 27 -34.06 51.50 -106.30
N LEU CB 28 -34.86 51.89 -105.31
CA LEU CB 28 -36.26 51.50 -105.29
C LEU CB 28 -37.04 52.24 -106.36
N TYR CB 29 -38.12 51.63 -106.82
CA TYR CB 29 -39.04 52.25 -107.76
C TYR CB 29 -40.46 51.99 -107.27
N ARG CB 30 -41.39 52.84 -107.71
CA ARG CB 30 -42.79 52.60 -107.41
C ARG CB 30 -43.63 53.24 -108.49
N ALA CB 31 -44.75 52.60 -108.83
CA ALA CB 31 -45.66 53.17 -109.81
C ALA CB 31 -46.30 54.42 -109.25
N THR CB 32 -46.54 55.40 -110.13
CA THR CB 32 -47.02 56.70 -109.70
C THR CB 32 -48.31 56.57 -108.90
N ALA CB 33 -49.38 56.11 -109.56
CA ALA CB 33 -50.63 55.81 -108.88
C ALA CB 33 -51.47 54.94 -109.79
N GLU CB 34 -51.75 53.71 -109.38
CA GLU CB 34 -52.71 52.89 -110.13
C GLU CB 34 -54.14 53.21 -109.69
N ALA CB 35 -54.48 52.86 -108.45
CA ALA CB 35 -55.75 53.29 -107.86
C ALA CB 35 -55.67 53.65 -106.39
N LEU CB 36 -54.62 53.25 -105.68
CA LEU CB 36 -54.44 53.49 -104.25
C LEU CB 36 -53.01 53.08 -103.91
N SER CB 37 -52.67 53.14 -102.63
CA SER CB 37 -51.39 52.62 -102.17
C SER CB 37 -51.53 51.14 -101.86
N ALA CB 38 -50.38 50.45 -101.85
CA ALA CB 38 -50.25 49.00 -101.71
C ALA CB 38 -50.79 48.23 -102.90
N ALA CB 39 -51.38 48.92 -103.88
CA ALA CB 39 -51.80 48.32 -105.13
C ALA CB 39 -50.96 48.85 -106.29
N ASN CB 40 -49.70 49.16 -105.99
CA ASN CB 40 -48.77 49.73 -106.95
C ASN CB 40 -47.53 48.85 -107.07
N PRO CB 41 -47.13 48.47 -108.27
CA PRO CB 41 -45.95 47.62 -108.42
C PRO CB 41 -44.66 48.35 -108.05
N SER CB 42 -43.65 47.57 -107.69
CA SER CB 42 -42.35 48.12 -107.34
C SER CB 42 -41.27 47.32 -108.05
N LEU CB 43 -40.13 47.96 -108.29
CA LEU CB 43 -39.03 47.40 -109.09
C LEU CB 43 -37.69 47.61 -108.39
N SER CB 44 -37.58 47.10 -107.16
CA SER CB 44 -36.32 47.24 -106.42
C SER CB 44 -35.16 46.73 -107.24
N PHE CB 45 -34.07 47.51 -107.27
CA PHE CB 45 -32.94 47.20 -108.14
C PHE CB 45 -31.65 47.52 -107.40
N GLY CB 46 -30.85 46.49 -107.12
CA GLY CB 46 -29.57 46.65 -106.48
C GLY CB 46 -28.43 46.22 -107.38
N TYR CB 47 -27.22 46.58 -106.97
CA TYR CB 47 -26.01 46.28 -107.73
C TYR CB 47 -24.81 46.49 -106.82
N ARG CB 48 -23.83 45.61 -106.94
CA ARG CB 48 -22.64 45.70 -106.10
C ARG CB 48 -21.52 44.92 -106.77
N PHE CB 49 -20.30 45.19 -106.32
CA PHE CB 49 -19.10 44.47 -106.77
C PHE CB 49 -18.47 43.79 -105.57
N THR CB 50 -18.20 42.50 -105.70
CA THR CB 50 -17.49 41.76 -104.66
C THR CB 50 -15.99 42.01 -104.78
N ASP CB 51 -15.19 41.16 -104.14
CA ASP CB 51 -13.73 41.25 -104.22
C ASP CB 51 -13.25 41.49 -105.64
N GLY CB 52 -13.66 40.64 -106.58
CA GLY CB 52 -13.35 40.81 -107.98
C GLY CB 52 -14.38 41.70 -108.66
N GLY CB 53 -14.28 41.77 -109.98
CA GLY CB 53 -15.21 42.57 -110.75
C GLY CB 53 -16.52 41.86 -111.02
N THR CB 54 -16.95 41.02 -110.08
CA THR CB 54 -18.17 40.25 -110.23
C THR CB 54 -19.36 41.18 -110.11
N ASN CB 55 -19.93 41.56 -111.25
CA ASN CB 55 -21.02 42.53 -111.31
C ASN CB 55 -22.32 41.94 -110.80
N ARG CB 56 -22.44 41.80 -109.47
CA ARG CB 56 -23.58 41.12 -108.85
C ARG CB 56 -24.79 42.04 -108.80
N GLN CB 57 -25.43 42.22 -109.95
CA GLN CB 57 -26.67 42.97 -109.98
C GLN CB 57 -27.82 42.10 -109.49
N SER CB 58 -28.91 42.77 -109.08
CA SER CB 58 -30.06 42.06 -108.55
C SER CB 58 -31.32 42.89 -108.80
N LEU CB 59 -32.43 42.20 -109.03
CA LEU CB 59 -33.70 42.85 -109.27
C LEU CB 59 -34.79 42.16 -108.48
N SER CB 60 -35.88 42.88 -108.26
CA SER CB 60 -37.06 42.31 -107.61
C SER CB 60 -38.26 43.14 -107.99
N TYR CB 61 -39.14 42.57 -108.81
CA TYR CB 61 -40.37 43.22 -109.24
C TYR CB 61 -41.54 42.59 -108.50
N LYS CB 62 -42.30 43.42 -107.79
CA LYS CB 62 -43.43 42.95 -106.99
C LYS CB 62 -44.69 43.64 -107.49
N GLN CB 63 -45.65 42.84 -107.94
CA GLN CB 63 -46.93 43.36 -108.40
C GLN CB 63 -48.03 42.84 -107.50
N PRO CB 64 -48.76 43.69 -106.79
CA PRO CB 64 -49.76 43.20 -105.84
C PRO CB 64 -51.10 42.91 -106.50
N ILE CB 65 -51.77 41.89 -105.96
CA ILE CB 65 -53.02 41.37 -106.51
C ILE CB 65 -54.16 41.98 -105.73
N THR CB 66 -54.93 42.86 -106.38
CA THR CB 66 -55.99 43.59 -105.72
C THR CB 66 -57.34 43.05 -106.14
N ALA CB 67 -58.31 43.12 -105.23
CA ALA CB 67 -59.65 42.60 -105.46
C ALA CB 67 -60.65 43.37 -104.61
N VAL CB 68 -61.87 43.49 -105.14
CA VAL CB 68 -62.91 44.24 -104.44
C VAL CB 68 -63.42 43.44 -103.24
N ASP CB 69 -63.96 44.16 -102.26
CA ASP CB 69 -64.44 43.59 -101.01
C ASP CB 69 -65.89 44.02 -100.79
N SER CB 70 -66.73 43.73 -101.79
CA SER CB 70 -68.10 44.26 -101.92
C SER CB 70 -68.88 44.35 -100.62
N THR CB 71 -68.63 43.44 -99.67
CA THR CB 71 -69.22 43.58 -98.34
C THR CB 71 -68.87 44.93 -97.72
N THR CB 72 -67.71 45.48 -98.06
CA THR CB 72 -67.33 46.84 -97.67
C THR CB 72 -66.98 47.73 -98.84
N SER CB 73 -66.75 47.15 -100.03
CA SER CB 73 -66.42 47.88 -101.26
C SER CB 73 -65.08 48.60 -101.18
N GLU CB 74 -64.14 48.06 -100.39
CA GLU CB 74 -62.80 48.61 -100.28
C GLU CB 74 -61.82 47.68 -100.99
N THR CB 75 -61.00 48.24 -101.88
CA THR CB 75 -60.15 47.46 -102.77
C THR CB 75 -58.96 46.90 -102.00
N LEU CB 76 -59.23 45.85 -101.23
CA LEU CB 76 -58.19 45.20 -100.45
C LEU CB 76 -57.22 44.45 -101.37
N VAL CB 77 -55.98 44.28 -100.90
CA VAL CB 77 -54.95 43.55 -101.62
C VAL CB 77 -54.74 42.20 -100.93
N ARG CB 78 -54.71 41.13 -101.73
CA ARG CB 78 -54.61 39.77 -101.20
C ARG CB 78 -53.16 39.34 -101.02
N GLY CB 79 -52.39 39.31 -102.12
CA GLY CB 79 -51.00 38.93 -102.08
C GLY CB 79 -50.20 39.66 -103.15
N GLN CB 80 -49.06 39.10 -103.56
CA GLN CB 80 -48.23 39.74 -104.57
C GLN CB 80 -47.50 38.69 -105.40
N CYS CB 81 -47.25 39.04 -106.66
CA CYS CB 81 -46.41 38.24 -107.54
C CYS CB 81 -45.00 38.83 -107.54
N VAL CB 82 -44.01 37.97 -107.30
CA VAL CB 82 -42.63 38.39 -107.09
C VAL CB 82 -41.77 37.75 -108.18
N VAL CB 83 -40.97 38.57 -108.85
CA VAL CB 83 -40.02 38.09 -109.86
C VAL CB 83 -38.65 38.63 -109.51
N ASP CB 84 -37.70 37.73 -109.28
CA ASP CB 84 -36.33 38.11 -108.94
C ASP CB 84 -35.40 37.72 -110.08
N ILE CB 85 -34.74 38.71 -110.69
CA ILE CB 85 -33.78 38.43 -111.74
C ILE CB 85 -32.38 38.78 -111.25
N ASN CB 86 -31.69 37.80 -110.71
CA ASN CB 86 -30.31 38.01 -110.28
C ASN CB 86 -29.35 37.80 -111.44
N ILE CB 87 -28.31 38.61 -111.48
CA ILE CB 87 -27.31 38.55 -112.53
C ILE CB 87 -25.93 38.59 -111.89
N VAL CB 88 -25.05 37.68 -112.31
CA VAL CB 88 -23.67 37.65 -111.84
C VAL CB 88 -22.77 37.50 -113.06
N ILE CB 89 -21.90 38.48 -113.28
CA ILE CB 89 -20.94 38.46 -114.37
C ILE CB 89 -19.55 38.64 -113.76
N PRO CB 90 -18.64 37.70 -113.94
CA PRO CB 90 -17.32 37.81 -113.30
C PRO CB 90 -16.45 38.85 -114.00
N ARG CB 91 -15.32 39.15 -113.36
CA ARG CB 91 -14.39 40.13 -113.91
C ARG CB 91 -13.79 39.67 -115.23
N VAL CB 92 -13.58 38.37 -115.38
CA VAL CB 92 -12.89 37.80 -116.54
C VAL CB 92 -13.80 37.81 -117.76
N ALA CB 93 -15.02 38.35 -117.61
CA ALA CB 93 -16.01 38.27 -118.67
C ALA CB 93 -15.78 39.35 -119.72
N THR CB 94 -15.70 38.93 -120.97
CA THR CB 94 -15.64 39.87 -122.07
C THR CB 94 -16.96 40.65 -122.16
N ALA CB 95 -16.85 41.91 -122.58
CA ALA CB 95 -18.03 42.76 -122.70
C ALA CB 95 -19.07 42.22 -123.65
N THR CB 96 -18.70 41.35 -124.59
CA THR CB 96 -19.67 40.71 -125.48
C THR CB 96 -20.30 39.46 -124.87
N ASP CB 97 -19.61 38.81 -123.93
CA ASP CB 97 -20.19 37.66 -123.26
C ASP CB 97 -21.29 38.08 -122.30
N ARG CB 98 -21.13 39.25 -121.66
CA ARG CB 98 -22.16 39.73 -120.74
C ARG CB 98 -23.48 40.00 -121.47
N ALA CB 99 -23.42 40.70 -122.61
CA ALA CB 99 -24.62 40.97 -123.38
C ALA CB 99 -25.25 39.68 -123.88
N GLU CB 100 -24.42 38.76 -124.37
CA GLU CB 100 -24.92 37.46 -124.82
C GLU CB 100 -25.70 36.76 -123.71
N ALA CB 101 -25.08 36.65 -122.53
CA ALA CB 101 -25.72 35.94 -121.43
C ALA CB 101 -27.01 36.62 -121.01
N ILE CB 102 -26.99 37.96 -120.87
CA ILE CB 102 -28.18 38.66 -120.38
C ILE CB 102 -29.33 38.49 -121.36
N LYS CB 103 -29.08 38.76 -122.65
CA LYS CB 103 -30.18 38.67 -123.61
C LYS CB 103 -30.67 37.24 -123.78
N ARG CB 104 -29.77 36.27 -123.77
CA ARG CB 104 -30.20 34.88 -123.90
C ARG CB 104 -31.06 34.46 -122.72
N ALA CB 105 -30.64 34.79 -121.51
CA ALA CB 105 -31.43 34.40 -120.34
C ALA CB 105 -32.75 35.15 -120.27
N PHE CB 106 -32.83 36.36 -120.82
CA PHE CB 106 -34.11 37.04 -120.88
C PHE CB 106 -34.98 36.55 -122.02
N ASP CB 107 -34.42 35.84 -123.00
CA ASP CB 107 -35.22 35.23 -124.05
C ASP CB 107 -35.93 33.96 -123.61
N VAL CB 108 -35.82 33.58 -122.34
CA VAL CB 108 -36.45 32.36 -121.86
C VAL CB 108 -37.96 32.42 -122.04
N LEU CB 109 -38.56 33.55 -121.65
CA LEU CB 109 -40.01 33.66 -121.72
C LEU CB 109 -40.52 33.49 -123.15
N ASN CB 110 -39.76 33.97 -124.14
CA ASN CB 110 -40.10 33.67 -125.52
C ASN CB 110 -39.91 32.20 -125.84
N ALA CB 111 -38.85 31.59 -125.31
CA ALA CB 111 -38.59 30.18 -125.59
C ALA CB 111 -39.41 29.25 -124.72
N LEU CB 112 -39.22 29.32 -123.40
CA LEU CB 112 -39.90 28.44 -122.45
C LEU CB 112 -41.16 29.12 -121.92
N ASN CB 113 -42.12 29.31 -122.81
CA ASN CB 113 -43.23 30.22 -122.54
C ASN CB 113 -44.28 29.58 -121.63
N ALA CB 114 -44.90 28.49 -122.09
CA ALA CB 114 -46.12 27.99 -121.48
C ALA CB 114 -45.97 27.60 -120.02
N GLU CB 115 -44.76 27.23 -119.59
CA GLU CB 115 -44.57 26.81 -118.20
C GLU CB 115 -44.39 27.98 -117.24
N LEU CB 116 -44.14 29.19 -117.76
CA LEU CB 116 -44.02 30.38 -116.95
C LEU CB 116 -45.32 31.18 -116.88
N ILE CB 117 -45.88 31.50 -118.04
CA ILE CB 117 -47.10 32.30 -118.11
C ILE CB 117 -48.25 31.57 -117.44
N THR CB 118 -48.46 30.30 -117.79
CA THR CB 118 -49.64 29.58 -117.36
C THR CB 118 -49.45 28.88 -116.02
N GLY CB 119 -48.22 28.55 -115.67
CA GLY CB 119 -47.95 27.90 -114.40
C GLY CB 119 -48.03 26.39 -114.41
N GLU CB 120 -48.32 25.78 -115.55
CA GLU CB 120 -48.40 24.33 -115.62
C GLU CB 120 -47.02 23.70 -115.42
N GLY CB 121 -47.02 22.52 -114.82
CA GLY CB 121 -45.80 21.79 -114.57
C GLY CB 121 -45.53 20.79 -115.67
N GLN CB 122 -44.37 20.94 -116.30
CA GLN CB 122 -44.01 20.07 -117.42
C GLN CB 122 -43.79 18.64 -116.93
N TRP CB 123 -44.16 17.68 -117.78
CA TRP CB 123 -44.06 16.28 -117.44
C TRP CB 123 -42.98 15.58 -118.25
N ALA DB 1 -42.10 65.31 -113.05
CA ALA DB 1 -41.69 65.46 -111.66
C ALA DB 1 -40.16 65.45 -111.53
N ALA DB 2 -39.49 65.95 -112.55
CA ALA DB 2 -38.05 66.12 -112.51
C ALA DB 2 -37.69 67.37 -111.74
N ARG DB 3 -36.43 67.44 -111.30
CA ARG DB 3 -35.97 68.57 -110.51
C ARG DB 3 -35.74 69.78 -111.39
N SER DB 4 -36.42 70.89 -111.07
CA SER DB 4 -36.26 72.15 -111.78
C SER DB 4 -36.56 73.29 -110.82
N SER DB 5 -36.38 74.50 -111.29
CA SER DB 5 -36.62 75.68 -110.46
C SER DB 5 -38.11 75.83 -110.18
N ILE DB 6 -38.44 76.23 -108.96
CA ILE DB 6 -39.81 76.46 -108.55
C ILE DB 6 -39.97 77.91 -108.14
N VAL DB 7 -41.19 78.42 -108.23
CA VAL DB 7 -41.44 79.85 -108.21
C VAL DB 7 -42.38 80.21 -107.06
N LEU DB 8 -42.17 79.58 -105.90
CA LEU DB 8 -42.89 79.92 -104.67
C LEU DB 8 -43.16 81.40 -104.58
N THR DB 9 -44.41 81.76 -104.31
CA THR DB 9 -44.81 83.16 -104.26
C THR DB 9 -45.95 83.34 -103.27
N ASP DB 10 -46.07 84.56 -102.76
CA ASP DB 10 -47.14 84.92 -101.84
C ASP DB 10 -48.20 85.79 -102.50
N GLY DB 11 -48.02 86.16 -103.75
CA GLY DB 11 -48.94 87.04 -104.44
C GLY DB 11 -48.30 88.35 -104.80
N THR DB 12 -47.42 88.85 -103.94
CA THR DB 12 -46.76 90.13 -104.16
C THR DB 12 -45.38 89.96 -104.80
N THR DB 13 -44.49 89.22 -104.13
CA THR DB 13 -43.11 89.06 -104.60
C THR DB 13 -42.82 87.57 -104.77
N PRO DB 14 -42.63 87.10 -106.00
CA PRO DB 14 -42.25 85.70 -106.19
C PRO DB 14 -40.76 85.49 -105.92
N VAL DB 15 -40.43 84.32 -105.37
CA VAL DB 15 -39.05 83.92 -105.15
C VAL DB 15 -38.81 82.63 -105.91
N THR DB 16 -37.73 82.59 -106.68
CA THR DB 16 -37.40 81.45 -107.53
C THR DB 16 -36.33 80.62 -106.86
N LEU DB 17 -36.70 79.42 -106.42
CA LEU DB 17 -35.75 78.50 -105.80
C LEU DB 17 -35.24 77.52 -106.83
N THR DB 18 -33.91 77.35 -106.88
CA THR DB 18 -33.30 76.39 -107.78
C THR DB 18 -32.69 75.25 -106.98
N PRO DB 19 -32.64 74.03 -107.52
CA PRO DB 19 -32.06 72.92 -106.77
C PRO DB 19 -30.59 73.15 -106.48
N VAL DB 20 -30.14 72.71 -105.32
CA VAL DB 20 -28.75 72.79 -104.94
C VAL DB 20 -28.29 71.46 -104.37
N GLY DB 21 -28.98 70.38 -104.73
CA GLY DB 21 -28.50 69.06 -104.36
C GLY DB 21 -29.54 68.11 -103.81
N GLY DB 22 -29.09 67.19 -102.96
CA GLY DB 22 -29.99 66.29 -102.26
C GLY DB 22 -29.81 64.82 -102.56
N GLY DB 23 -29.65 64.46 -103.82
CA GLY DB 23 -29.56 63.05 -104.16
C GLY DB 23 -30.91 62.37 -104.18
N VAL DB 24 -30.93 61.06 -103.88
CA VAL DB 24 -32.16 60.28 -103.92
C VAL DB 24 -32.82 60.34 -102.54
N GLY DB 25 -34.14 60.44 -102.53
CA GLY DB 25 -34.86 60.54 -101.29
C GLY DB 25 -35.03 61.94 -100.73
N GLN DB 26 -34.49 62.95 -101.40
CA GLN DB 26 -34.66 64.33 -100.95
C GLN DB 26 -34.26 65.27 -102.07
N THR DB 27 -34.49 66.56 -101.85
CA THR DB 27 -34.13 67.59 -102.81
C THR DB 27 -34.04 68.91 -102.06
N LEU DB 28 -32.89 69.56 -102.12
CA LEU DB 28 -32.69 70.84 -101.48
C LEU DB 28 -32.81 71.95 -102.51
N TYR DB 29 -33.50 73.02 -102.14
CA TYR DB 29 -33.66 74.16 -103.01
C TYR DB 29 -33.05 75.39 -102.34
N ARG DB 30 -32.81 76.41 -103.14
CA ARG DB 30 -32.34 77.69 -102.62
C ARG DB 30 -32.45 78.78 -103.67
N ALA DB 31 -32.87 79.97 -103.28
CA ALA DB 31 -32.95 81.10 -104.19
C ALA DB 31 -31.56 81.70 -104.37
N THR DB 32 -31.46 82.69 -105.27
CA THR DB 32 -30.16 83.33 -105.47
C THR DB 32 -29.89 84.40 -104.41
N ALA DB 33 -30.66 85.50 -104.46
CA ALA DB 33 -30.50 86.65 -103.55
C ALA DB 33 -29.03 86.90 -103.23
N GLU DB 34 -28.22 86.93 -104.29
CA GLU DB 34 -26.77 86.83 -104.17
C GLU DB 34 -26.22 87.99 -103.35
N ALA DB 35 -25.11 87.73 -102.66
CA ALA DB 35 -24.41 88.76 -101.89
C ALA DB 35 -25.35 89.36 -100.83
N LEU DB 36 -25.65 88.55 -99.82
CA LEU DB 36 -24.95 87.35 -99.39
C LEU DB 36 -25.64 86.07 -99.88
N SER DB 37 -24.89 84.97 -99.90
CA SER DB 37 -25.41 83.70 -100.40
C SER DB 37 -26.15 82.89 -99.34
N ALA DB 38 -25.94 83.20 -98.06
CA ALA DB 38 -26.66 82.52 -96.98
C ALA DB 38 -27.93 83.25 -96.57
N ALA DB 39 -28.19 84.41 -97.15
CA ALA DB 39 -29.39 85.20 -96.85
C ALA DB 39 -30.44 85.04 -97.93
N ASN DB 40 -30.93 83.81 -98.12
CA ASN DB 40 -32.00 83.56 -99.07
C ASN DB 40 -32.73 82.29 -98.65
N PRO DB 41 -34.00 82.16 -99.02
CA PRO DB 41 -34.81 81.04 -98.52
C PRO DB 41 -34.41 79.71 -99.13
N SER DB 42 -34.81 78.63 -98.45
CA SER DB 42 -34.51 77.27 -98.86
C SER DB 42 -35.73 76.40 -98.59
N LEU DB 43 -35.81 75.28 -99.32
CA LEU DB 43 -36.98 74.41 -99.31
C LEU DB 43 -36.59 72.93 -99.19
N SER DB 44 -35.85 72.58 -98.15
CA SER DB 44 -35.43 71.19 -97.98
C SER DB 44 -36.64 70.25 -98.03
N PHE DB 45 -36.71 69.43 -99.07
CA PHE DB 45 -37.86 68.57 -99.32
C PHE DB 45 -37.41 67.12 -99.42
N GLY DB 46 -37.88 66.27 -98.51
CA GLY DB 46 -37.56 64.86 -98.53
C GLY DB 46 -38.81 63.99 -98.58
N TYR DB 47 -38.59 62.72 -98.88
CA TYR DB 47 -39.67 61.75 -99.04
C TYR DB 47 -39.11 60.35 -99.00
N ARG DB 48 -39.91 59.40 -98.53
CA ARG DB 48 -39.47 58.01 -98.44
C ARG DB 48 -40.69 57.13 -98.25
N PHE DB 49 -40.48 55.82 -98.38
CA PHE DB 49 -41.51 54.81 -98.14
C PHE DB 49 -40.99 53.82 -97.12
N THR DB 50 -41.77 53.56 -96.08
CA THR DB 50 -41.37 52.64 -95.03
C THR DB 50 -41.68 51.20 -95.45
N ASP DB 51 -41.66 50.29 -94.48
CA ASP DB 51 -41.94 48.88 -94.74
C ASP DB 51 -43.24 48.70 -95.51
N GLY DB 52 -44.28 49.44 -95.11
CA GLY DB 52 -45.52 49.40 -95.85
C GLY DB 52 -45.50 50.37 -97.01
N GLY DB 53 -46.65 50.95 -97.34
CA GLY DB 53 -46.71 51.97 -98.36
C GLY DB 53 -46.82 53.34 -97.75
N THR DB 54 -46.43 53.46 -96.49
CA THR DB 54 -46.57 54.70 -95.74
C THR DB 54 -45.65 55.75 -96.32
N ASN DB 55 -46.21 56.63 -97.14
CA ASN DB 55 -45.45 57.70 -97.78
C ASN DB 55 -45.24 58.81 -96.77
N ARG DB 56 -43.99 59.05 -96.37
CA ARG DB 56 -43.66 60.08 -95.40
C ARG DB 56 -42.90 61.21 -96.09
N GLN DB 57 -43.65 62.18 -96.59
CA GLN DB 57 -43.04 63.36 -97.18
C GLN DB 57 -42.78 64.41 -96.10
N SER DB 58 -41.84 65.30 -96.38
CA SER DB 58 -41.45 66.28 -95.39
C SER DB 58 -40.84 67.52 -96.04
N LEU DB 59 -41.39 68.70 -95.76
CA LEU DB 59 -40.86 69.93 -96.32
C LEU DB 59 -40.43 70.84 -95.18
N SER DB 60 -39.36 71.60 -95.44
CA SER DB 60 -38.88 72.57 -94.45
C SER DB 60 -38.46 73.80 -95.23
N TYR DB 61 -39.23 74.86 -95.10
CA TYR DB 61 -38.98 76.12 -95.80
C TYR DB 61 -38.43 77.11 -94.78
N LYS DB 62 -37.22 77.58 -95.03
CA LYS DB 62 -36.55 78.54 -94.15
C LYS DB 62 -36.33 79.84 -94.90
N GLN DB 63 -36.77 80.95 -94.32
CA GLN DB 63 -36.55 82.26 -94.90
C GLN DB 63 -35.79 83.12 -93.90
N PRO DB 64 -34.56 83.52 -94.20
CA PRO DB 64 -33.81 84.35 -93.24
C PRO DB 64 -34.20 85.80 -93.35
N ILE DB 65 -34.04 86.50 -92.23
CA ILE DB 65 -34.40 87.91 -92.10
C ILE DB 65 -33.14 88.73 -92.29
N THR DB 66 -33.11 89.51 -93.35
CA THR DB 66 -31.93 90.28 -93.73
C THR DB 66 -32.02 91.70 -93.18
N ALA DB 67 -30.86 92.37 -93.19
CA ALA DB 67 -30.79 93.75 -92.74
C ALA DB 67 -29.55 94.38 -93.36
N VAL DB 68 -29.74 95.26 -94.34
CA VAL DB 68 -28.62 95.85 -95.06
C VAL DB 68 -28.01 96.92 -94.17
N ASP DB 69 -26.81 96.67 -93.66
CA ASP DB 69 -26.11 97.59 -92.77
C ASP DB 69 -25.51 98.70 -93.61
N SER DB 70 -26.20 99.85 -93.67
CA SER DB 70 -25.78 100.94 -94.53
C SER DB 70 -24.41 101.50 -94.15
N THR DB 71 -24.00 101.35 -92.89
CA THR DB 71 -22.69 101.83 -92.46
C THR DB 71 -21.57 101.10 -93.18
N THR DB 72 -21.62 99.78 -93.17
CA THR DB 72 -20.59 98.94 -93.78
C THR DB 72 -20.98 98.45 -95.17
N SER DB 73 -22.27 98.47 -95.49
CA SER DB 73 -22.82 97.98 -96.77
C SER DB 73 -22.61 96.47 -96.90
N GLU DB 74 -23.07 95.75 -95.88
CA GLU DB 74 -23.05 94.30 -95.89
C GLU DB 74 -24.39 93.79 -95.37
N THR DB 75 -24.82 92.65 -95.87
CA THR DB 75 -26.09 92.07 -95.46
C THR DB 75 -25.89 91.18 -94.25
N LEU DB 76 -26.65 91.44 -93.19
CA LEU DB 76 -26.57 90.70 -91.95
C LEU DB 76 -27.81 89.84 -91.81
N VAL DB 77 -27.65 88.67 -91.18
CA VAL DB 77 -28.75 87.73 -90.99
C VAL DB 77 -29.11 87.71 -89.51
N ARG DB 78 -30.35 88.08 -89.20
CA ARG DB 78 -30.79 88.22 -87.82
C ARG DB 78 -31.50 86.99 -87.29
N GLY DB 79 -32.05 86.17 -88.18
CA GLY DB 79 -32.78 84.98 -87.77
C GLY DB 79 -33.44 84.37 -88.98
N GLN DB 80 -34.30 83.38 -88.74
CA GLN DB 80 -35.01 82.76 -89.85
C GLN DB 80 -36.37 82.26 -89.42
N CYS DB 81 -37.37 82.52 -90.26
CA CYS DB 81 -38.68 81.92 -90.10
C CYS DB 81 -38.67 80.54 -90.73
N VAL DB 82 -39.06 79.54 -89.94
CA VAL DB 82 -39.01 78.15 -90.35
C VAL DB 82 -40.43 77.60 -90.39
N VAL DB 83 -40.79 76.95 -91.49
CA VAL DB 83 -42.09 76.31 -91.62
C VAL DB 83 -41.85 74.85 -92.00
N ASP DB 84 -42.25 73.93 -91.13
CA ASP DB 84 -42.14 72.50 -91.38
C ASP DB 84 -43.50 71.93 -91.72
N ILE DB 85 -43.55 71.04 -92.70
CA ILE DB 85 -44.79 70.42 -93.15
C ILE DB 85 -44.49 68.93 -93.32
N ASN DB 86 -44.89 68.12 -92.35
CA ASN DB 86 -44.76 66.68 -92.48
C ASN DB 86 -46.06 66.07 -92.95
N ILE DB 87 -45.96 65.12 -93.87
CA ILE DB 87 -47.13 64.48 -94.45
C ILE DB 87 -46.93 62.97 -94.34
N VAL DB 88 -47.84 62.31 -93.64
CA VAL DB 88 -47.81 60.85 -93.51
C VAL DB 88 -49.06 60.31 -94.18
N ILE DB 89 -48.86 59.41 -95.14
CA ILE DB 89 -49.99 58.80 -95.84
C ILE DB 89 -49.90 57.28 -95.66
N PRO DB 90 -50.90 56.66 -95.04
CA PRO DB 90 -50.77 55.23 -94.74
C PRO DB 90 -50.86 54.35 -95.97
N ARG DB 91 -50.63 53.05 -95.77
CA ARG DB 91 -50.64 52.09 -96.86
C ARG DB 91 -52.01 51.93 -97.49
N VAL DB 92 -53.08 52.25 -96.76
CA VAL DB 92 -54.44 51.93 -97.17
C VAL DB 92 -55.15 53.13 -97.78
N ALA DB 93 -54.43 54.21 -98.09
CA ALA DB 93 -55.05 55.46 -98.50
C ALA DB 93 -55.29 55.47 -100.00
N THR DB 94 -56.53 55.79 -100.39
CA THR DB 94 -56.88 55.89 -101.80
C THR DB 94 -56.20 57.10 -102.42
N ALA DB 95 -56.12 57.09 -103.76
CA ALA DB 95 -55.45 58.16 -104.49
C ALA DB 95 -56.20 59.47 -104.45
N THR DB 96 -57.49 59.47 -104.15
CA THR DB 96 -58.25 60.71 -104.01
C THR DB 96 -58.34 61.20 -102.58
N ASP DB 97 -58.26 60.28 -101.61
CA ASP DB 97 -58.19 60.70 -100.22
C ASP DB 97 -56.89 61.44 -99.93
N ARG DB 98 -55.81 61.08 -100.62
CA ARG DB 98 -54.57 61.85 -100.51
C ARG DB 98 -54.78 63.30 -100.92
N ALA DB 99 -55.38 63.50 -102.10
CA ALA DB 99 -55.62 64.87 -102.55
C ALA DB 99 -56.55 65.60 -101.61
N GLU DB 100 -57.61 64.94 -101.14
CA GLU DB 100 -58.52 65.57 -100.20
C GLU DB 100 -57.77 66.03 -98.95
N ALA DB 101 -57.02 65.12 -98.33
CA ALA DB 101 -56.34 65.45 -97.07
C ALA DB 101 -55.32 66.56 -97.28
N ILE DB 102 -54.52 66.46 -98.34
CA ILE DB 102 -53.46 67.46 -98.54
C ILE DB 102 -54.05 68.83 -98.83
N LYS DB 103 -55.00 68.90 -99.76
CA LYS DB 103 -55.55 70.20 -100.12
C LYS DB 103 -56.41 70.77 -99.01
N ARG DB 104 -56.91 69.93 -98.11
CA ARG DB 104 -57.63 70.46 -96.95
C ARG DB 104 -56.67 71.00 -95.89
N ALA DB 105 -55.57 70.27 -95.64
CA ALA DB 105 -54.60 70.74 -94.66
C ALA DB 105 -53.93 72.04 -95.11
N PHE DB 106 -53.60 72.13 -96.39
CA PHE DB 106 -53.01 73.36 -96.91
C PHE DB 106 -54.04 74.48 -97.08
N ASP DB 107 -55.32 74.19 -96.86
CA ASP DB 107 -56.36 75.22 -96.88
C ASP DB 107 -56.55 75.88 -95.52
N VAL DB 108 -55.76 75.49 -94.52
CA VAL DB 108 -55.88 76.12 -93.21
C VAL DB 108 -55.60 77.60 -93.29
N LEU DB 109 -54.59 77.98 -94.07
CA LEU DB 109 -54.23 79.40 -94.19
C LEU DB 109 -55.41 80.25 -94.62
N ASN DB 110 -56.35 79.68 -95.39
CA ASN DB 110 -57.55 80.41 -95.75
C ASN DB 110 -58.62 80.34 -94.67
N ALA DB 111 -58.56 79.33 -93.79
CA ALA DB 111 -59.53 79.22 -92.72
C ALA DB 111 -59.02 79.88 -91.45
N LEU DB 112 -57.85 79.45 -90.98
CA LEU DB 112 -57.25 79.99 -89.75
C LEU DB 112 -56.26 81.10 -90.10
N ASN DB 113 -56.76 82.10 -90.84
CA ASN DB 113 -55.89 83.07 -91.48
C ASN DB 113 -55.29 84.04 -90.48
N ALA DB 114 -56.14 84.68 -89.67
CA ALA DB 114 -55.65 85.72 -88.77
C ALA DB 114 -54.70 85.17 -87.72
N GLU DB 115 -54.86 83.90 -87.34
CA GLU DB 115 -53.99 83.32 -86.33
C GLU DB 115 -52.61 82.96 -86.87
N LEU DB 116 -52.40 83.06 -88.19
CA LEU DB 116 -51.13 82.69 -88.80
C LEU DB 116 -50.45 83.87 -89.47
N ILE DB 117 -51.19 84.66 -90.25
CA ILE DB 117 -50.58 85.77 -90.97
C ILE DB 117 -50.14 86.87 -90.02
N THR DB 118 -50.99 87.21 -89.04
CA THR DB 118 -50.67 88.28 -88.10
C THR DB 118 -50.07 87.79 -86.79
N GLY DB 119 -50.34 86.55 -86.41
CA GLY DB 119 -49.76 85.98 -85.21
C GLY DB 119 -50.63 86.03 -83.99
N GLU DB 120 -51.91 86.38 -84.12
CA GLU DB 120 -52.81 86.47 -82.99
C GLU DB 120 -53.04 85.09 -82.37
N GLY DB 121 -53.76 85.08 -81.28
CA GLY DB 121 -54.30 83.86 -80.73
C GLY DB 121 -55.80 84.01 -80.56
N GLN DB 122 -56.53 82.96 -80.85
CA GLN DB 122 -57.98 83.03 -80.79
C GLN DB 122 -58.44 83.05 -79.34
N TRP DB 123 -59.38 83.95 -79.04
CA TRP DB 123 -59.83 84.16 -77.67
C TRP DB 123 -61.19 83.53 -77.39
N ALA EB 1 -59.73 85.83 -84.72
CA ALA EB 1 -60.96 86.09 -83.98
C ALA EB 1 -61.22 84.97 -82.98
N ALA EB 2 -62.42 84.93 -82.43
CA ALA EB 2 -62.75 83.94 -81.42
C ALA EB 2 -62.87 82.56 -82.04
N ARG EB 3 -62.81 81.54 -81.20
CA ARG EB 3 -62.99 80.17 -81.66
C ARG EB 3 -64.34 80.02 -82.35
N SER EB 4 -64.34 79.72 -83.64
CA SER EB 4 -65.58 79.57 -84.38
C SER EB 4 -65.55 78.31 -85.24
N SER EB 5 -66.51 78.18 -86.14
CA SER EB 5 -66.55 77.04 -87.05
C SER EB 5 -65.79 77.37 -88.33
N ILE EB 6 -64.82 76.53 -88.67
CA ILE EB 6 -64.01 76.71 -89.86
C ILE EB 6 -64.51 75.78 -90.95
N VAL EB 7 -64.21 76.14 -92.20
CA VAL EB 7 -64.82 75.50 -93.36
C VAL EB 7 -63.74 74.89 -94.25
N LEU EB 8 -62.73 74.28 -93.63
CA LEU EB 8 -61.66 73.59 -94.34
C LEU EB 8 -62.18 72.81 -95.54
N THR EB 9 -61.69 73.16 -96.73
CA THR EB 9 -62.20 72.61 -97.97
C THR EB 9 -61.03 72.27 -98.89
N ASP EB 10 -61.36 71.81 -100.10
CA ASP EB 10 -60.34 71.57 -101.11
C ASP EB 10 -60.78 72.01 -102.50
N GLY EB 11 -61.87 72.76 -102.61
CA GLY EB 11 -62.41 73.19 -103.88
C GLY EB 11 -63.65 72.42 -104.32
N THR EB 12 -63.80 71.17 -103.86
CA THR EB 12 -64.95 70.34 -104.22
C THR EB 12 -65.78 69.95 -103.01
N THR EB 13 -65.15 69.38 -101.98
CA THR EB 13 -65.87 68.81 -100.84
C THR EB 13 -65.49 69.53 -99.56
N PRO EB 14 -66.26 70.52 -99.13
CA PRO EB 14 -65.94 71.22 -97.88
C PRO EB 14 -66.27 70.38 -96.65
N VAL EB 15 -65.60 70.71 -95.55
CA VAL EB 15 -65.85 70.10 -94.26
C VAL EB 15 -65.87 71.19 -93.21
N THR EB 16 -66.90 71.21 -92.38
CA THR EB 16 -67.05 72.22 -91.33
C THR EB 16 -66.60 71.63 -90.00
N LEU EB 17 -65.71 72.34 -89.32
CA LEU EB 17 -65.13 71.88 -88.06
C LEU EB 17 -65.47 72.87 -86.95
N THR EB 18 -65.94 72.36 -85.81
CA THR EB 18 -66.27 73.20 -84.68
C THR EB 18 -65.44 72.80 -83.46
N PRO EB 19 -65.02 73.77 -82.65
CA PRO EB 19 -64.08 73.46 -81.56
C PRO EB 19 -64.66 72.44 -80.58
N VAL EB 20 -63.80 71.55 -80.10
CA VAL EB 20 -64.23 70.40 -79.32
C VAL EB 20 -63.41 70.37 -78.03
N GLY EB 21 -62.76 71.47 -77.73
CA GLY EB 21 -62.05 71.55 -76.47
C GLY EB 21 -60.77 72.33 -76.62
N GLY EB 22 -59.76 71.92 -75.86
CA GLY EB 22 -58.48 72.59 -75.86
C GLY EB 22 -58.18 73.32 -74.57
N GLY EB 23 -57.76 74.58 -74.68
CA GLY EB 23 -57.40 75.36 -73.51
C GLY EB 23 -56.85 76.73 -73.90
N VAL EB 24 -55.75 77.13 -73.29
CA VAL EB 24 -55.05 78.36 -73.66
C VAL EB 24 -53.87 77.99 -74.56
N GLY EB 25 -53.80 78.63 -75.72
CA GLY EB 25 -52.82 78.23 -76.71
C GLY EB 25 -53.02 76.80 -77.15
N GLN EB 26 -54.28 76.41 -77.38
CA GLN EB 26 -54.64 75.09 -77.84
C GLN EB 26 -56.11 75.11 -78.25
N THR EB 27 -56.41 74.46 -79.37
CA THR EB 27 -57.78 74.49 -79.90
C THR EB 27 -57.98 73.24 -80.75
N LEU EB 28 -58.79 72.31 -80.24
CA LEU EB 28 -59.16 71.15 -81.04
C LEU EB 28 -60.24 71.51 -82.04
N TYR EB 29 -60.50 70.59 -82.96
CA TYR EB 29 -61.58 70.74 -83.93
C TYR EB 29 -62.07 69.36 -84.29
N ARG EB 30 -63.25 69.30 -84.90
CA ARG EB 30 -63.81 68.07 -85.44
C ARG EB 30 -65.06 68.43 -86.23
N ALA EB 31 -65.49 67.52 -87.09
CA ALA EB 31 -66.64 67.70 -87.94
C ALA EB 31 -67.87 67.05 -87.33
N THR EB 32 -68.98 67.00 -88.08
CA THR EB 32 -70.28 66.62 -87.56
C THR EB 32 -70.55 65.12 -87.60
N ALA EB 33 -70.00 64.39 -88.59
CA ALA EB 33 -70.30 62.97 -88.73
C ALA EB 33 -69.80 62.17 -87.52
N GLU EB 34 -70.43 61.03 -87.26
CA GLU EB 34 -70.22 60.29 -86.02
C GLU EB 34 -69.76 58.87 -86.35
N ALA EB 35 -68.70 58.44 -85.67
CA ALA EB 35 -68.15 57.10 -85.85
C ALA EB 35 -67.58 56.63 -84.51
N LEU EB 36 -67.08 55.39 -84.48
CA LEU EB 36 -66.71 54.74 -83.24
C LEU EB 36 -65.24 54.95 -82.89
N SER EB 37 -64.32 54.57 -83.78
CA SER EB 37 -62.89 54.66 -83.50
C SER EB 37 -62.32 56.02 -83.90
N ALA EB 38 -62.43 56.36 -85.18
CA ALA EB 38 -61.97 57.65 -85.69
C ALA EB 38 -63.17 58.36 -86.30
N ALA EB 39 -63.57 59.47 -85.69
CA ALA EB 39 -64.82 60.11 -86.10
C ALA EB 39 -64.63 60.93 -87.36
N ASN EB 40 -63.80 61.97 -87.29
CA ASN EB 40 -63.75 62.96 -88.36
C ASN EB 40 -62.35 63.56 -88.44
N PRO EB 41 -62.08 64.44 -89.41
CA PRO EB 41 -60.86 65.24 -89.37
C PRO EB 41 -60.77 66.05 -88.08
N SER EB 42 -59.56 66.13 -87.52
CA SER EB 42 -59.36 66.78 -86.22
C SER EB 42 -58.15 67.69 -86.31
N LEU EB 43 -58.39 68.98 -86.52
CA LEU EB 43 -57.33 69.97 -86.71
C LEU EB 43 -56.94 70.57 -85.36
N SER EB 44 -55.87 70.08 -84.77
CA SER EB 44 -55.38 70.65 -83.53
C SER EB 44 -54.44 71.81 -83.83
N PHE EB 45 -54.52 72.85 -83.00
CA PHE EB 45 -53.81 74.12 -83.20
C PHE EB 45 -53.17 74.53 -81.88
N GLY EB 46 -51.85 74.52 -81.82
CA GLY EB 46 -51.16 74.62 -80.54
C GLY EB 46 -50.21 75.79 -80.34
N TYR EB 47 -50.61 76.99 -80.73
CA TYR EB 47 -49.72 78.15 -80.67
C TYR EB 47 -49.28 78.45 -79.25
N ARG EB 48 -48.12 79.08 -79.13
CA ARG EB 48 -47.54 79.50 -77.85
C ARG EB 48 -46.44 80.51 -78.13
N PHE EB 49 -45.80 80.99 -77.06
CA PHE EB 49 -44.66 81.89 -77.13
C PHE EB 49 -43.50 81.28 -76.33
N THR EB 50 -42.38 81.98 -76.32
CA THR EB 50 -41.15 81.44 -75.75
C THR EB 50 -40.39 82.58 -75.10
N ASP EB 51 -39.09 82.37 -74.84
CA ASP EB 51 -38.27 83.37 -74.18
C ASP EB 51 -38.30 84.71 -74.91
N GLY EB 52 -38.11 84.68 -76.22
CA GLY EB 52 -38.26 85.84 -77.06
C GLY EB 52 -39.68 85.94 -77.59
N GLY EB 53 -39.81 86.63 -78.72
CA GLY EB 53 -41.09 86.65 -79.41
C GLY EB 53 -41.24 85.44 -80.31
N THR EB 54 -40.60 84.35 -79.93
CA THR EB 54 -40.55 83.16 -80.78
C THR EB 54 -41.90 82.48 -80.81
N ASN EB 55 -42.74 82.91 -81.76
CA ASN EB 55 -44.10 82.39 -81.88
C ASN EB 55 -44.04 80.99 -82.46
N ARG EB 56 -44.12 79.99 -81.59
CA ARG EB 56 -43.98 78.59 -82.01
C ARG EB 56 -45.37 77.99 -82.26
N GLN EB 57 -46.01 78.44 -83.33
CA GLN EB 57 -47.28 77.85 -83.70
C GLN EB 57 -47.09 76.41 -84.16
N SER EB 58 -48.17 75.64 -84.11
CA SER EB 58 -48.09 74.23 -84.43
C SER EB 58 -49.49 73.73 -84.77
N LEU EB 59 -49.60 72.93 -85.82
CA LEU EB 59 -50.87 72.42 -86.30
C LEU EB 59 -50.76 70.92 -86.51
N SER EB 60 -51.91 70.28 -86.61
CA SER EB 60 -51.97 68.87 -86.98
C SER EB 60 -53.36 68.53 -87.49
N TYR EB 61 -53.46 68.18 -88.77
CA TYR EB 61 -54.74 67.89 -89.41
C TYR EB 61 -54.79 66.41 -89.75
N LYS EB 62 -55.63 65.66 -89.04
CA LYS EB 62 -55.80 64.24 -89.29
C LYS EB 62 -57.14 64.01 -89.97
N GLN EB 63 -57.12 63.30 -91.09
CA GLN EB 63 -58.34 62.91 -91.79
C GLN EB 63 -58.41 61.39 -91.81
N PRO EB 64 -59.38 60.77 -91.16
CA PRO EB 64 -59.41 59.31 -91.10
C PRO EB 64 -59.81 58.69 -92.44
N ILE EB 65 -59.03 57.69 -92.84
CA ILE EB 65 -59.32 56.87 -94.00
C ILE EB 65 -60.35 55.85 -93.56
N THR EB 66 -61.56 55.95 -94.10
CA THR EB 66 -62.68 55.13 -93.69
C THR EB 66 -63.49 54.69 -94.91
N ALA EB 67 -64.15 53.54 -94.78
CA ALA EB 67 -65.09 53.04 -95.77
C ALA EB 67 -66.30 52.47 -95.04
N VAL EB 68 -67.49 52.80 -95.53
CA VAL EB 68 -68.72 52.43 -94.83
C VAL EB 68 -68.99 50.94 -95.03
N ASP EB 69 -69.30 50.25 -93.93
CA ASP EB 69 -69.66 48.84 -94.00
C ASP EB 69 -71.10 48.69 -94.48
N SER EB 70 -71.43 47.47 -94.88
CA SER EB 70 -72.80 47.14 -95.25
C SER EB 70 -73.55 46.58 -94.05
N THR EB 71 -74.82 46.96 -93.93
CA THR EB 71 -75.76 46.53 -92.91
C THR EB 71 -75.42 47.04 -91.51
N THR EB 72 -74.29 47.74 -91.34
CA THR EB 72 -73.92 48.28 -90.04
C THR EB 72 -73.57 49.75 -90.18
N SER EB 73 -74.05 50.56 -89.23
CA SER EB 73 -73.84 52.00 -89.25
C SER EB 73 -72.63 52.41 -88.42
N GLU EB 74 -71.47 51.85 -88.74
CA GLU EB 74 -70.24 52.14 -88.00
C GLU EB 74 -69.10 52.64 -88.89
N THR EB 75 -69.30 52.68 -90.21
CA THR EB 75 -68.38 53.28 -91.18
C THR EB 75 -66.93 53.02 -90.84
N LEU EB 76 -66.53 51.74 -90.87
CA LEU EB 76 -65.20 51.29 -90.47
C LEU EB 76 -64.10 52.19 -91.00
N VAL EB 77 -63.21 52.61 -90.10
CA VAL EB 77 -62.08 53.46 -90.43
C VAL EB 77 -60.84 52.59 -90.61
N ARG EB 78 -60.02 52.93 -91.61
CA ARG EB 78 -58.87 52.13 -91.97
C ARG EB 78 -57.54 52.78 -91.61
N GLY EB 79 -57.48 54.09 -91.56
CA GLY EB 79 -56.24 54.77 -91.24
C GLY EB 79 -56.44 56.25 -90.98
N GLN EB 80 -55.36 57.02 -91.16
CA GLN EB 80 -55.44 58.47 -91.02
C GLN EB 80 -54.28 59.17 -91.72
N CYS EB 81 -54.59 60.22 -92.47
CA CYS EB 81 -53.59 60.99 -93.23
C CYS EB 81 -53.15 62.17 -92.38
N VAL EB 82 -52.13 61.95 -91.54
CA VAL EB 82 -51.61 63.00 -90.69
C VAL EB 82 -50.86 64.02 -91.51
N VAL EB 83 -51.11 65.30 -91.25
CA VAL EB 83 -50.39 66.39 -91.91
C VAL EB 83 -50.01 67.45 -90.88
N ASP EB 84 -48.78 67.41 -90.37
CA ASP EB 84 -48.31 68.37 -89.38
C ASP EB 84 -47.76 69.61 -90.05
N ILE EB 85 -47.98 70.77 -89.42
CA ILE EB 85 -47.43 72.03 -89.90
C ILE EB 85 -46.91 72.82 -88.71
N ASN EB 86 -45.59 72.88 -88.55
CA ASN EB 86 -44.99 73.62 -87.45
C ASN EB 86 -44.36 74.90 -87.95
N ILE EB 87 -44.60 75.98 -87.23
CA ILE EB 87 -44.14 77.31 -87.61
C ILE EB 87 -43.33 77.90 -86.46
N VAL EB 88 -42.17 78.46 -86.78
CA VAL EB 88 -41.30 79.08 -85.80
C VAL EB 88 -40.88 80.43 -86.37
N ILE EB 89 -41.41 81.50 -85.80
CA ILE EB 89 -41.16 82.86 -86.27
C ILE EB 89 -40.37 83.60 -85.20
N PRO EB 90 -39.21 84.16 -85.52
CA PRO EB 90 -38.36 84.73 -84.47
C PRO EB 90 -38.92 86.03 -83.93
N ARG EB 91 -38.25 86.59 -82.92
CA ARG EB 91 -38.68 87.86 -82.35
C ARG EB 91 -38.52 89.03 -83.32
N VAL EB 92 -37.48 89.01 -84.15
CA VAL EB 92 -37.11 90.16 -84.97
C VAL EB 92 -37.88 90.17 -86.28
N ALA EB 93 -38.87 89.28 -86.41
CA ALA EB 93 -39.55 89.10 -87.69
C ALA EB 93 -40.64 90.15 -87.85
N THR EB 94 -40.40 91.10 -88.74
CA THR EB 94 -41.41 92.09 -89.08
C THR EB 94 -42.65 91.40 -89.64
N ALA EB 95 -43.83 91.92 -89.31
CA ALA EB 95 -45.09 91.28 -89.68
C ALA EB 95 -45.23 91.11 -91.18
N THR EB 96 -44.58 91.95 -91.98
CA THR EB 96 -44.54 91.70 -93.43
C THR EB 96 -43.72 90.47 -93.75
N ASP EB 97 -42.57 90.31 -93.10
CA ASP EB 97 -41.73 89.14 -93.33
C ASP EB 97 -42.45 87.86 -92.90
N ARG EB 98 -43.17 87.89 -91.78
CA ARG EB 98 -43.88 86.70 -91.35
C ARG EB 98 -44.98 86.33 -92.34
N ALA EB 99 -45.73 87.32 -92.83
CA ALA EB 99 -46.77 87.04 -93.83
C ALA EB 99 -46.15 86.45 -95.09
N GLU EB 100 -45.04 87.02 -95.55
CA GLU EB 100 -44.36 86.47 -96.72
C GLU EB 100 -43.93 85.03 -96.49
N ALA EB 101 -43.33 84.76 -95.32
CA ALA EB 101 -42.84 83.42 -95.04
C ALA EB 101 -43.98 82.42 -95.02
N ILE EB 102 -45.09 82.75 -94.37
CA ILE EB 102 -46.20 81.81 -94.26
C ILE EB 102 -46.84 81.57 -95.63
N LYS EB 103 -47.11 82.66 -96.36
CA LYS EB 103 -47.80 82.51 -97.63
C LYS EB 103 -46.91 81.85 -98.68
N ARG EB 104 -45.58 81.97 -98.54
CA ARG EB 104 -44.68 81.26 -99.43
C ARG EB 104 -44.57 79.79 -99.06
N ALA EB 105 -44.58 79.48 -97.77
CA ALA EB 105 -44.53 78.08 -97.36
C ALA EB 105 -45.79 77.35 -97.80
N PHE EB 106 -46.95 78.00 -97.69
CA PHE EB 106 -48.19 77.34 -98.07
C PHE EB 106 -48.46 77.38 -99.56
N ASP EB 107 -47.55 77.98 -100.34
CA ASP EB 107 -47.64 77.93 -101.80
C ASP EB 107 -46.86 76.77 -102.39
N VAL EB 108 -46.30 75.90 -101.56
CA VAL EB 108 -45.57 74.74 -102.08
C VAL EB 108 -46.52 73.83 -102.85
N LEU EB 109 -47.75 73.68 -102.36
CA LEU EB 109 -48.71 72.79 -103.00
C LEU EB 109 -48.95 73.16 -104.45
N ASN EB 110 -48.86 74.44 -104.78
CA ASN EB 110 -49.05 74.87 -106.16
C ASN EB 110 -47.77 74.85 -106.98
N ALA EB 111 -46.61 74.63 -106.35
CA ALA EB 111 -45.35 74.55 -107.06
C ALA EB 111 -44.79 73.13 -107.07
N LEU EB 112 -44.77 72.48 -105.91
CA LEU EB 112 -44.34 71.09 -105.79
C LEU EB 112 -45.56 70.18 -105.77
N ASN EB 113 -46.38 70.30 -106.81
CA ASN EB 113 -47.73 69.77 -106.78
C ASN EB 113 -47.76 68.24 -106.93
N ALA EB 114 -47.19 67.73 -108.02
CA ALA EB 114 -47.30 66.31 -108.32
C ALA EB 114 -46.66 65.46 -107.24
N GLU EB 115 -45.50 65.87 -106.73
CA GLU EB 115 -44.81 65.09 -105.71
C GLU EB 115 -45.60 65.00 -104.41
N LEU EB 116 -46.50 65.96 -104.15
CA LEU EB 116 -47.27 65.97 -102.92
C LEU EB 116 -48.63 65.28 -103.09
N ILE EB 117 -49.31 65.54 -104.21
CA ILE EB 117 -50.60 64.93 -104.46
C ILE EB 117 -50.43 63.47 -104.86
N THR EB 118 -49.68 63.23 -105.93
CA THR EB 118 -49.50 61.87 -106.44
C THR EB 118 -48.57 61.05 -105.56
N GLY EB 119 -47.48 61.65 -105.09
CA GLY EB 119 -46.56 60.96 -104.21
C GLY EB 119 -45.44 60.25 -104.94
N GLU EB 120 -44.77 60.97 -105.83
CA GLU EB 120 -43.79 60.37 -106.72
C GLU EB 120 -42.82 61.43 -107.20
N GLY EB 121 -41.70 60.97 -107.76
CA GLY EB 121 -40.89 61.85 -108.57
C GLY EB 121 -39.53 62.22 -108.03
N GLN EB 122 -39.03 63.39 -108.46
CA GLN EB 122 -37.69 63.86 -108.18
C GLN EB 122 -36.65 62.88 -108.73
N TRP EB 123 -36.61 62.82 -110.05
CA TRP EB 123 -35.66 61.96 -110.75
C TRP EB 123 -34.31 62.65 -110.85
N ALA FB 1 8.22 -9.19 -130.02
CA ALA FB 1 7.27 -9.77 -130.96
C ALA FB 1 6.65 -11.04 -130.39
N ALA FB 2 5.94 -11.79 -131.22
CA ALA FB 2 5.37 -13.05 -130.78
C ALA FB 2 6.48 -14.04 -130.48
N ARG FB 3 6.35 -14.76 -129.37
CA ARG FB 3 7.37 -15.72 -128.95
C ARG FB 3 7.49 -16.83 -129.98
N SER FB 4 8.72 -17.21 -130.30
CA SER FB 4 8.99 -18.23 -131.30
C SER FB 4 10.26 -18.97 -130.90
N SER FB 5 10.84 -19.70 -131.85
CA SER FB 5 12.09 -20.39 -131.63
C SER FB 5 13.27 -19.50 -132.01
N ILE FB 6 14.42 -19.78 -131.40
CA ILE FB 6 15.64 -19.04 -131.67
C ILE FB 6 16.76 -20.03 -131.95
N VAL FB 7 17.76 -19.57 -132.69
CA VAL FB 7 18.72 -20.47 -133.36
C VAL FB 7 20.12 -20.09 -132.87
N LEU FB 8 20.24 -19.76 -131.59
CA LEU FB 8 21.55 -19.46 -130.98
C LEU FB 8 22.64 -20.36 -131.52
N THR FB 9 23.72 -19.76 -131.99
CA THR FB 9 24.78 -20.48 -132.67
C THR FB 9 26.13 -19.89 -132.28
N ASP FB 10 27.19 -20.53 -132.74
CA ASP FB 10 28.55 -20.03 -132.56
C ASP FB 10 29.37 -20.25 -133.83
N GLY FB 11 28.69 -20.46 -134.95
CA GLY FB 11 29.36 -20.61 -136.22
C GLY FB 11 29.47 -22.03 -136.72
N THR FB 12 29.46 -23.01 -135.81
CA THR FB 12 29.58 -24.40 -136.21
C THR FB 12 28.48 -25.30 -135.66
N THR FB 13 28.01 -25.05 -134.44
CA THR FB 13 27.01 -25.91 -133.80
C THR FB 13 25.82 -25.07 -133.35
N PRO FB 14 24.87 -24.82 -134.24
CA PRO FB 14 23.67 -24.07 -133.83
C PRO FB 14 22.83 -24.84 -132.84
N VAL FB 15 22.08 -24.11 -132.04
CA VAL FB 15 21.19 -24.68 -131.03
C VAL FB 15 19.82 -24.06 -131.22
N THR FB 16 18.81 -24.90 -131.41
CA THR FB 16 17.45 -24.42 -131.55
C THR FB 16 16.78 -24.46 -130.18
N LEU FB 17 16.34 -23.31 -129.70
CA LEU FB 17 15.66 -23.19 -128.43
C LEU FB 17 14.18 -22.89 -128.68
N THR FB 18 13.33 -23.40 -127.79
CA THR FB 18 11.89 -23.23 -127.90
C THR FB 18 11.37 -22.70 -126.58
N PRO FB 19 10.30 -21.90 -126.61
CA PRO FB 19 9.77 -21.34 -125.36
C PRO FB 19 8.94 -22.36 -124.59
N VAL FB 20 9.34 -22.68 -123.36
CA VAL FB 20 8.69 -23.74 -122.61
C VAL FB 20 8.19 -23.22 -121.28
N GLY FB 21 7.94 -21.91 -121.19
CA GLY FB 21 7.43 -21.34 -119.97
C GLY FB 21 7.63 -19.84 -119.95
N GLY FB 22 7.53 -19.29 -118.75
CA GLY FB 22 7.71 -17.87 -118.55
C GLY FB 22 6.57 -17.22 -117.80
N GLY FB 23 6.15 -16.05 -118.27
CA GLY FB 23 5.08 -15.33 -117.63
C GLY FB 23 4.92 -13.95 -118.23
N VAL FB 24 4.63 -12.98 -117.36
CA VAL FB 24 4.57 -11.59 -117.77
C VAL FB 24 5.94 -10.96 -117.52
N GLY FB 25 6.54 -10.42 -118.57
CA GLY FB 25 7.90 -9.91 -118.48
C GLY FB 25 8.92 -11.00 -118.24
N GLN FB 26 8.76 -12.14 -118.91
CA GLN FB 26 9.66 -13.27 -118.78
C GLN FB 26 9.33 -14.28 -119.86
N THR FB 27 10.37 -14.98 -120.35
CA THR FB 27 10.17 -16.00 -121.38
C THR FB 27 11.34 -16.98 -121.30
N LEU FB 28 11.11 -18.12 -120.67
CA LEU FB 28 12.12 -19.17 -120.63
C LEU FB 28 12.25 -19.83 -121.99
N TYR FB 29 13.43 -20.36 -122.25
CA TYR FB 29 13.71 -21.13 -123.46
C TYR FB 29 14.45 -22.39 -123.06
N ARG FB 30 14.37 -23.41 -123.91
CA ARG FB 30 15.16 -24.61 -123.69
C ARG FB 30 15.43 -25.28 -125.03
N ALA FB 31 16.60 -25.89 -125.15
CA ALA FB 31 16.94 -26.60 -126.37
C ALA FB 31 16.03 -27.81 -126.52
N THR FB 32 15.68 -28.13 -127.76
CA THR FB 32 14.71 -29.18 -128.02
C THR FB 32 15.17 -30.50 -127.42
N ALA FB 33 16.27 -31.04 -127.92
CA ALA FB 33 16.89 -32.21 -127.32
C ALA FB 33 18.31 -32.32 -127.84
N GLU FB 34 19.30 -32.20 -126.95
CA GLU FB 34 20.68 -32.48 -127.36
C GLU FB 34 20.97 -33.97 -127.29
N ALA FB 35 21.01 -34.52 -126.08
CA ALA FB 35 21.07 -35.97 -125.90
C ALA FB 35 20.25 -36.49 -124.73
N LEU FB 36 19.83 -35.64 -123.81
CA LEU FB 36 19.07 -36.02 -122.62
C LEU FB 36 18.60 -34.74 -121.95
N SER FB 37 17.93 -34.86 -120.82
CA SER FB 37 17.58 -33.69 -120.03
C SER FB 37 18.74 -33.33 -119.11
N ALA FB 38 18.73 -32.08 -118.65
CA ALA FB 38 19.78 -31.44 -117.86
C ALA FB 38 21.06 -31.22 -118.66
N ALA FB 39 21.12 -31.68 -119.90
CA ALA FB 39 22.23 -31.42 -120.81
C ALA FB 39 21.78 -30.55 -121.96
N ASN FB 40 20.82 -29.66 -121.69
CA ASN FB 40 20.24 -28.79 -122.68
C ASN FB 40 20.39 -27.34 -122.26
N PRO FB 41 20.90 -26.47 -123.12
CA PRO FB 41 21.05 -25.06 -122.76
C PRO FB 41 19.70 -24.37 -122.61
N SER FB 42 19.71 -23.29 -121.82
CA SER FB 42 18.49 -22.50 -121.62
C SER FB 42 18.85 -21.02 -121.75
N LEU FB 43 17.86 -20.21 -122.12
CA LEU FB 43 18.04 -18.80 -122.46
C LEU FB 43 16.98 -17.94 -121.76
N SER FB 44 16.91 -18.04 -120.44
CA SER FB 44 15.94 -17.25 -119.69
C SER FB 44 16.06 -15.77 -120.05
N PHE FB 45 14.92 -15.12 -120.29
CA PHE FB 45 14.91 -13.75 -120.78
C PHE FB 45 13.77 -12.99 -120.14
N GLY FB 46 14.09 -11.98 -119.33
CA GLY FB 46 13.11 -11.14 -118.71
C GLY FB 46 13.21 -9.71 -119.18
N TYR FB 47 12.17 -8.93 -118.85
CA TYR FB 47 12.08 -7.54 -119.26
C TYR FB 47 11.00 -6.87 -118.43
N ARG FB 48 11.26 -5.63 -118.02
CA ARG FB 48 10.30 -4.90 -117.21
C ARG FB 48 10.63 -3.43 -117.27
N PHE FB 49 9.65 -2.61 -116.89
CA PHE FB 49 9.79 -1.16 -116.83
C PHE FB 49 9.63 -0.73 -115.38
N THR FB 50 10.59 0.05 -114.88
CA THR FB 50 10.50 0.62 -113.55
C THR FB 50 9.62 1.86 -113.58
N ASP FB 51 9.71 2.70 -112.55
CA ASP FB 51 8.94 3.93 -112.49
C ASP FB 51 9.08 4.75 -113.76
N GLY FB 52 10.31 4.91 -114.23
CA GLY FB 52 10.56 5.58 -115.50
C GLY FB 52 10.46 4.61 -116.66
N GLY FB 53 10.85 5.09 -117.83
CA GLY FB 53 10.85 4.25 -119.01
C GLY FB 53 12.12 3.44 -119.12
N THR FB 54 12.72 3.15 -117.97
CA THR FB 54 13.99 2.43 -117.92
C THR FB 54 13.74 0.99 -118.33
N ASN FB 55 14.08 0.66 -119.56
CA ASN FB 55 13.83 -0.65 -120.13
C ASN FB 55 14.79 -1.69 -119.58
N ARG FB 56 14.61 -2.09 -118.32
CA ARG FB 56 15.49 -3.04 -117.66
C ARG FB 56 15.26 -4.45 -118.18
N GLN FB 57 15.83 -4.74 -119.34
CA GLN FB 57 15.85 -6.09 -119.85
C GLN FB 57 16.94 -6.91 -119.15
N SER FB 58 16.80 -8.23 -119.20
CA SER FB 58 17.74 -9.11 -118.54
C SER FB 58 17.78 -10.44 -119.28
N LEU FB 59 18.96 -11.06 -119.31
CA LEU FB 59 19.14 -12.34 -119.96
C LEU FB 59 19.95 -13.26 -119.05
N SER FB 60 19.85 -14.56 -119.33
CA SER FB 60 20.64 -15.56 -118.62
C SER FB 60 20.70 -16.80 -119.48
N TYR FB 61 21.86 -17.07 -120.07
CA TYR FB 61 22.10 -18.25 -120.88
C TYR FB 61 22.92 -19.23 -120.06
N LYS FB 62 22.39 -20.44 -119.89
CA LYS FB 62 23.05 -21.48 -119.09
C LYS FB 62 23.29 -22.69 -119.99
N GLN FB 63 24.56 -23.06 -120.14
CA GLN FB 63 24.92 -24.22 -120.93
C GLN FB 63 25.57 -25.25 -120.01
N PRO FB 64 24.98 -26.43 -119.83
CA PRO FB 64 25.54 -27.40 -118.89
C PRO FB 64 26.65 -28.23 -119.51
N ILE FB 65 27.59 -28.63 -118.66
CA ILE FB 65 28.82 -29.28 -119.07
C ILE FB 65 28.65 -30.77 -118.79
N THR FB 66 28.60 -31.58 -119.83
CA THR FB 66 28.32 -33.00 -119.69
C THR FB 66 29.55 -33.82 -120.02
N ALA FB 67 29.67 -34.98 -119.37
CA ALA FB 67 30.82 -35.85 -119.54
C ALA FB 67 30.41 -37.28 -119.22
N VAL FB 68 31.09 -38.22 -119.87
CA VAL FB 68 30.77 -39.64 -119.69
C VAL FB 68 31.24 -40.11 -118.31
N ASP FB 69 30.59 -41.16 -117.81
CA ASP FB 69 30.85 -41.73 -116.49
C ASP FB 69 31.15 -43.22 -116.64
N SER FB 70 32.14 -43.53 -117.50
CA SER FB 70 32.45 -44.87 -117.99
C SER FB 70 32.32 -45.99 -116.95
N THR FB 71 32.60 -45.69 -115.69
CA THR FB 71 32.32 -46.67 -114.64
C THR FB 71 30.85 -47.10 -114.65
N THR FB 72 29.95 -46.21 -115.07
CA THR FB 72 28.54 -46.55 -115.28
C THR FB 72 28.06 -46.23 -116.68
N SER FB 73 28.82 -45.45 -117.47
CA SER FB 73 28.50 -45.07 -118.84
C SER FB 73 27.23 -44.23 -118.93
N GLU FB 74 26.92 -43.48 -117.87
CA GLU FB 74 25.77 -42.58 -117.85
C GLU FB 74 26.25 -41.15 -117.96
N THR FB 75 25.68 -40.39 -118.89
CA THR FB 75 26.18 -39.08 -119.28
C THR FB 75 25.81 -38.04 -118.21
N LEU FB 76 26.54 -38.07 -117.11
CA LEU FB 76 26.30 -37.14 -116.01
C LEU FB 76 26.73 -35.73 -116.39
N VAL FB 77 26.13 -34.75 -115.72
CA VAL FB 77 26.46 -33.34 -115.91
C VAL FB 77 27.18 -32.84 -114.66
N ARG FB 78 28.29 -32.13 -114.87
CA ARG FB 78 29.13 -31.66 -113.76
C ARG FB 78 28.72 -30.27 -113.29
N GLY FB 79 28.76 -29.28 -114.18
CA GLY FB 79 28.39 -27.92 -113.84
C GLY FB 79 27.76 -27.19 -115.01
N GLN FB 80 27.79 -25.86 -115.00
CA GLN FB 80 27.19 -25.10 -116.09
C GLN FB 80 27.93 -23.78 -116.27
N CYS FB 81 27.98 -23.31 -117.51
CA CYS FB 81 28.48 -21.99 -117.86
C CYS FB 81 27.31 -21.03 -117.92
N VAL FB 82 27.43 -19.90 -117.22
CA VAL FB 82 26.35 -18.93 -117.07
C VAL FB 82 26.81 -17.61 -117.66
N VAL FB 83 25.99 -17.03 -118.53
CA VAL FB 83 26.25 -15.72 -119.10
C VAL FB 83 25.02 -14.85 -118.88
N ASP FB 84 25.20 -13.73 -118.17
CA ASP FB 84 24.11 -12.81 -117.88
C ASP FB 84 24.36 -11.51 -118.61
N ILE FB 85 23.47 -11.14 -119.53
CA ILE FB 85 23.58 -9.87 -120.23
C ILE FB 85 22.44 -8.95 -119.79
N ASN FB 86 22.68 -8.14 -118.77
CA ASN FB 86 21.68 -7.18 -118.34
C ASN FB 86 21.79 -5.89 -119.16
N ILE FB 87 20.64 -5.28 -119.42
CA ILE FB 87 20.57 -4.07 -120.22
C ILE FB 87 19.63 -3.09 -119.52
N VAL FB 88 20.06 -1.83 -119.39
CA VAL FB 88 19.24 -0.79 -118.80
C VAL FB 88 19.32 0.44 -119.70
N ILE FB 89 18.19 0.85 -120.24
CA ILE FB 89 18.09 2.03 -121.10
C ILE FB 89 17.03 2.95 -120.51
N PRO FB 90 17.37 4.17 -120.12
CA PRO FB 90 16.40 5.04 -119.46
C PRO FB 90 15.40 5.62 -120.46
N ARG FB 91 14.37 6.28 -119.92
CA ARG FB 91 13.38 6.92 -120.77
C ARG FB 91 13.98 8.00 -121.65
N VAL FB 92 14.96 8.73 -121.13
CA VAL FB 92 15.52 9.90 -121.81
C VAL FB 92 16.37 9.49 -123.00
N ALA FB 93 16.50 8.19 -123.22
CA ALA FB 93 17.35 7.69 -124.29
C ALA FB 93 16.61 7.74 -125.62
N THR FB 94 17.26 8.32 -126.62
CA THR FB 94 16.66 8.35 -127.95
C THR FB 94 16.72 6.96 -128.59
N ALA FB 95 16.06 6.83 -129.73
CA ALA FB 95 15.99 5.54 -130.42
C ALA FB 95 17.33 5.10 -131.00
N THR FB 96 18.27 6.02 -131.21
CA THR FB 96 19.55 5.68 -131.79
C THR FB 96 20.63 5.40 -130.75
N ASP FB 97 20.50 5.97 -129.55
CA ASP FB 97 21.48 5.70 -128.51
C ASP FB 97 21.32 4.30 -127.94
N ARG FB 98 20.09 3.79 -127.90
CA ARG FB 98 19.87 2.43 -127.43
C ARG FB 98 20.54 1.42 -128.36
N ALA FB 99 20.32 1.55 -129.66
CA ALA FB 99 20.95 0.64 -130.61
C ALA FB 99 22.47 0.75 -130.57
N GLU FB 100 22.97 1.98 -130.49
CA GLU FB 100 24.42 2.20 -130.39
C GLU FB 100 24.99 1.48 -129.18
N ALA FB 101 24.38 1.70 -128.00
CA ALA FB 101 24.90 1.09 -126.79
C ALA FB 101 24.85 -0.42 -126.86
N ILE FB 102 23.72 -0.98 -127.31
CA ILE FB 102 23.57 -2.43 -127.33
C ILE FB 102 24.60 -3.06 -128.26
N LYS FB 103 24.69 -2.55 -129.49
CA LYS FB 103 25.62 -3.14 -130.45
C LYS FB 103 27.07 -2.97 -130.01
N ARG FB 104 27.42 -1.81 -129.48
CA ARG FB 104 28.79 -1.60 -129.03
C ARG FB 104 29.15 -2.55 -127.89
N ALA FB 105 28.26 -2.68 -126.91
CA ALA FB 105 28.56 -3.56 -125.79
C ALA FB 105 28.60 -5.02 -126.21
N PHE FB 106 27.84 -5.41 -127.22
CA PHE FB 106 27.94 -6.77 -127.73
C PHE FB 106 29.17 -6.98 -128.60
N ASP FB 107 29.77 -5.89 -129.11
CA ASP FB 107 31.02 -6.01 -129.87
C ASP FB 107 32.24 -6.28 -128.98
N VAL FB 108 32.04 -6.43 -127.68
CA VAL FB 108 33.17 -6.65 -126.77
C VAL FB 108 33.91 -7.92 -127.14
N LEU FB 109 33.18 -9.00 -127.38
CA LEU FB 109 33.81 -10.28 -127.68
C LEU FB 109 34.69 -10.18 -128.92
N ASN FB 110 34.26 -9.41 -129.92
CA ASN FB 110 35.13 -9.17 -131.07
C ASN FB 110 36.34 -8.33 -130.66
N ALA FB 111 36.14 -7.34 -129.78
CA ALA FB 111 37.26 -6.49 -129.36
C ALA FB 111 38.08 -7.13 -128.26
N LEU FB 112 37.47 -7.37 -127.10
CA LEU FB 112 38.17 -7.89 -125.93
C LEU FB 112 38.08 -9.42 -125.91
N ASN FB 113 38.67 -10.04 -126.93
CA ASN FB 113 38.41 -11.45 -127.20
C ASN FB 113 39.16 -12.35 -126.23
N ALA FB 114 40.49 -12.29 -126.24
CA ALA FB 114 41.31 -13.34 -125.63
C ALA FB 114 41.07 -13.51 -124.14
N GLU FB 115 40.62 -12.47 -123.44
CA GLU FB 115 40.39 -12.57 -122.01
C GLU FB 115 39.03 -13.18 -121.66
N LEU FB 116 38.13 -13.29 -122.64
CA LEU FB 116 36.83 -13.92 -122.44
C LEU FB 116 36.82 -15.36 -122.90
N ILE FB 117 37.22 -15.61 -124.14
CA ILE FB 117 37.18 -16.96 -124.70
C ILE FB 117 38.10 -17.89 -123.92
N THR FB 118 39.34 -17.46 -123.69
CA THR FB 118 40.36 -18.31 -123.10
C THR FB 118 40.38 -18.28 -121.59
N GLY FB 119 39.92 -17.20 -120.98
CA GLY FB 119 39.88 -17.09 -119.53
C GLY FB 119 41.12 -16.55 -118.88
N GLU FB 120 42.15 -16.18 -119.65
CA GLU FB 120 43.37 -15.66 -119.08
C GLU FB 120 43.12 -14.30 -118.43
N GLY FB 121 43.86 -14.03 -117.36
CA GLY FB 121 43.76 -12.77 -116.65
C GLY FB 121 44.81 -11.80 -117.14
N GLN FB 122 44.34 -10.68 -117.69
CA GLN FB 122 45.25 -9.70 -118.26
C GLN FB 122 46.11 -9.06 -117.18
N TRP FB 123 47.35 -8.74 -117.54
CA TRP FB 123 48.31 -8.18 -116.61
C TRP FB 123 48.60 -6.72 -116.90
N ALA GB 1 6.38 -27.34 -134.49
CA ALA GB 1 5.82 -27.41 -133.15
C ALA GB 1 4.98 -26.17 -132.82
N ALA GB 2 4.58 -25.45 -133.86
CA ALA GB 2 3.71 -24.30 -133.70
C ALA GB 2 2.27 -24.74 -133.52
N ARG GB 3 1.45 -23.82 -133.04
CA ARG GB 3 0.04 -24.13 -132.77
C ARG GB 3 -0.76 -24.14 -134.05
N SER GB 4 -1.41 -25.26 -134.33
CA SER GB 4 -2.26 -25.41 -135.51
C SER GB 4 -3.35 -26.42 -135.19
N SER GB 5 -4.26 -26.60 -136.14
CA SER GB 5 -5.35 -27.53 -135.94
C SER GB 5 -4.85 -28.97 -135.92
N ILE GB 6 -5.40 -29.77 -135.02
CA ILE GB 6 -5.07 -31.18 -134.90
C ILE GB 6 -6.31 -32.01 -135.21
N VAL GB 7 -6.09 -33.24 -135.66
CA VAL GB 7 -7.12 -34.02 -136.33
C VAL GB 7 -7.36 -35.33 -135.57
N LEU GB 8 -7.35 -35.28 -134.25
CA LEU GB 8 -7.67 -36.42 -133.40
C LEU GB 8 -8.77 -37.28 -134.01
N THR GB 9 -8.51 -38.58 -134.10
CA THR GB 9 -9.46 -39.49 -134.73
C THR GB 9 -9.37 -40.85 -134.06
N ASP GB 10 -10.49 -41.59 -134.13
CA ASP GB 10 -10.56 -42.94 -133.59
C ASP GB 10 -10.51 -44.00 -134.68
N GLY GB 11 -10.51 -43.61 -135.95
CA GLY GB 11 -10.53 -44.54 -137.05
C GLY GB 11 -11.76 -44.38 -137.90
N THR GB 12 -12.91 -44.12 -137.26
CA THR GB 12 -14.17 -43.98 -137.97
C THR GB 12 -14.48 -42.52 -138.29
N THR GB 13 -14.58 -41.67 -137.26
CA THR GB 13 -14.96 -40.28 -137.44
C THR GB 13 -13.86 -39.38 -136.89
N PRO GB 14 -13.13 -38.66 -137.74
CA PRO GB 14 -12.13 -37.71 -137.24
C PRO GB 14 -12.79 -36.44 -136.75
N VAL GB 15 -12.20 -35.85 -135.70
CA VAL GB 15 -12.63 -34.56 -135.18
C VAL GB 15 -11.45 -33.61 -135.25
N THR GB 16 -11.67 -32.42 -135.80
CA THR GB 16 -10.63 -31.43 -136.01
C THR GB 16 -10.72 -30.39 -134.91
N LEU GB 17 -9.72 -30.34 -134.04
CA LEU GB 17 -9.65 -29.35 -132.97
C LEU GB 17 -8.77 -28.19 -133.40
N THR GB 18 -9.27 -26.97 -133.21
CA THR GB 18 -8.49 -25.78 -133.52
C THR GB 18 -8.14 -25.06 -132.23
N PRO GB 19 -7.00 -24.36 -132.17
CA PRO GB 19 -6.64 -23.66 -130.94
C PRO GB 19 -7.64 -22.56 -130.63
N VAL GB 20 -7.90 -22.37 -129.33
CA VAL GB 20 -8.79 -21.31 -128.88
C VAL GB 20 -8.13 -20.54 -127.75
N GLY GB 21 -6.81 -20.62 -127.65
CA GLY GB 21 -6.10 -19.80 -126.69
C GLY GB 21 -5.05 -20.50 -125.88
N GLY GB 22 -4.81 -20.00 -124.67
CA GLY GB 22 -3.91 -20.63 -123.74
C GLY GB 22 -2.71 -19.80 -123.33
N GLY GB 23 -2.05 -19.14 -124.28
CA GLY GB 23 -0.85 -18.40 -123.95
C GLY GB 23 0.36 -19.29 -123.79
N VAL GB 24 1.30 -18.89 -122.94
CA VAL GB 24 2.55 -19.62 -122.76
C VAL GB 24 2.34 -20.64 -121.65
N GLY GB 25 2.93 -21.83 -121.83
CA GLY GB 25 2.78 -22.89 -120.86
C GLY GB 25 1.55 -23.75 -121.02
N GLN GB 26 0.69 -23.46 -121.99
CA GLN GB 26 -0.49 -24.27 -122.23
C GLN GB 26 -1.07 -23.94 -123.59
N THR GB 27 -2.06 -24.73 -123.99
CA THR GB 27 -2.75 -24.54 -125.27
C THR GB 27 -4.09 -25.24 -125.18
N LEU GB 28 -5.17 -24.49 -125.35
CA LEU GB 28 -6.50 -25.07 -125.35
C LEU GB 28 -6.98 -25.27 -126.77
N TYR GB 29 -7.59 -26.41 -127.04
CA TYR GB 29 -8.14 -26.71 -128.34
C TYR GB 29 -9.64 -26.88 -128.22
N ARG GB 30 -10.32 -26.82 -129.36
CA ARG GB 30 -11.76 -27.06 -129.40
C ARG GB 30 -12.22 -27.25 -130.84
N ALA GB 31 -13.10 -28.21 -131.07
CA ALA GB 31 -13.66 -28.43 -132.39
C ALA GB 31 -14.80 -27.44 -132.63
N THR GB 32 -15.34 -27.45 -133.85
CA THR GB 32 -16.44 -26.54 -134.14
C THR GB 32 -17.77 -27.10 -133.65
N ALA GB 33 -18.25 -28.18 -134.27
CA ALA GB 33 -19.54 -28.79 -133.98
C ALA GB 33 -20.58 -27.74 -133.64
N GLU GB 34 -20.65 -26.72 -134.50
CA GLU GB 34 -21.32 -25.47 -134.18
C GLU GB 34 -22.80 -25.70 -133.90
N ALA GB 35 -23.38 -24.84 -133.07
CA ALA GB 35 -24.80 -24.88 -132.75
C ALA GB 35 -25.17 -26.24 -132.17
N LEU GB 36 -24.71 -26.47 -130.94
CA LEU GB 36 -24.22 -25.51 -129.95
C LEU GB 36 -22.71 -25.39 -129.94
N SER GB 37 -22.20 -24.30 -129.35
CA SER GB 37 -20.77 -24.06 -129.30
C SER GB 37 -20.07 -24.72 -128.13
N ALA GB 38 -20.81 -25.06 -127.08
CA ALA GB 38 -20.25 -25.75 -125.91
C ALA GB 38 -20.39 -27.26 -126.00
N ALA GB 39 -20.99 -27.77 -127.05
CA ALA GB 39 -21.16 -29.21 -127.25
C ALA GB 39 -20.16 -29.76 -128.25
N ASN GB 40 -18.88 -29.66 -127.93
CA ASN GB 40 -17.83 -30.20 -128.78
C ASN GB 40 -16.59 -30.46 -127.94
N PRO GB 41 -15.74 -31.40 -128.35
CA PRO GB 41 -14.61 -31.81 -127.52
C PRO GB 41 -13.55 -30.73 -127.41
N SER GB 42 -12.71 -30.88 -126.39
CA SER GB 42 -11.63 -29.95 -126.11
C SER GB 42 -10.42 -30.72 -125.60
N LEU GB 43 -9.23 -30.13 -125.77
CA LEU GB 43 -7.96 -30.80 -125.50
C LEU GB 43 -7.00 -29.90 -124.70
N SER GB 44 -7.44 -29.45 -123.53
CA SER GB 44 -6.57 -28.58 -122.73
C SER GB 44 -5.22 -29.24 -122.48
N PHE GB 45 -4.17 -28.66 -123.06
CA PHE GB 45 -2.83 -29.24 -123.01
C PHE GB 45 -1.85 -28.24 -122.42
N GLY GB 46 -1.26 -28.58 -121.28
CA GLY GB 46 -0.28 -27.74 -120.64
C GLY GB 46 1.05 -28.44 -120.44
N TYR GB 47 2.07 -27.66 -120.11
CA TYR GB 47 3.43 -28.17 -119.95
C TYR GB 47 4.25 -27.13 -119.23
N ARG GB 48 5.25 -27.59 -118.48
CA ARG GB 48 6.13 -26.69 -117.74
C ARG GB 48 7.38 -27.45 -117.32
N PHE GB 49 8.37 -26.72 -116.85
CA PHE GB 49 9.61 -27.28 -116.30
C PHE GB 49 9.79 -26.75 -114.89
N THR GB 50 10.04 -27.64 -113.94
CA THR GB 50 10.22 -27.26 -112.55
C THR GB 50 11.66 -26.81 -112.31
N ASP GB 51 12.05 -26.76 -111.03
CA ASP GB 51 13.41 -26.36 -110.66
C ASP GB 51 14.45 -27.17 -111.41
N GLY GB 52 14.22 -28.48 -111.53
CA GLY GB 52 15.12 -29.31 -112.31
C GLY GB 52 14.72 -29.31 -113.77
N GLY GB 53 14.95 -30.42 -114.45
CA GLY GB 53 14.52 -30.56 -115.83
C GLY GB 53 13.26 -31.39 -115.91
N THR GB 54 12.55 -31.49 -114.79
CA THR GB 54 11.37 -32.36 -114.68
C THR GB 54 10.26 -31.77 -115.54
N ASN GB 55 10.09 -32.35 -116.72
CA ASN GB 55 9.06 -31.91 -117.66
C ASN GB 55 7.73 -32.50 -117.23
N ARG GB 56 6.78 -31.63 -116.86
CA ARG GB 56 5.46 -32.07 -116.42
C ARG GB 56 4.42 -31.65 -117.45
N GLN GB 57 4.18 -32.53 -118.41
CA GLN GB 57 3.14 -32.29 -119.39
C GLN GB 57 1.81 -32.82 -118.86
N SER GB 58 0.72 -32.26 -119.39
CA SER GB 58 -0.61 -32.61 -118.89
C SER GB 58 -1.68 -32.37 -119.94
N LEU GB 59 -2.41 -33.42 -120.32
CA LEU GB 59 -3.46 -33.30 -121.31
C LEU GB 59 -4.79 -33.64 -120.66
N SER GB 60 -5.83 -32.94 -121.10
CA SER GB 60 -7.19 -33.21 -120.60
C SER GB 60 -8.12 -33.10 -121.80
N TYR GB 61 -8.66 -34.23 -122.22
CA TYR GB 61 -9.56 -34.30 -123.37
C TYR GB 61 -10.97 -34.53 -122.86
N LYS GB 62 -11.87 -33.61 -123.18
CA LYS GB 62 -13.26 -33.67 -122.75
C LYS GB 62 -14.16 -33.77 -123.96
N GLN GB 63 -15.00 -34.79 -123.99
CA GLN GB 63 -15.97 -34.95 -125.06
C GLN GB 63 -17.37 -34.91 -124.47
N PRO GB 64 -18.19 -33.91 -124.79
CA PRO GB 64 -19.54 -33.87 -124.23
C PRO GB 64 -20.50 -34.74 -125.00
N ILE GB 65 -21.51 -35.24 -124.28
CA ILE GB 65 -22.50 -36.16 -124.82
C ILE GB 65 -23.72 -35.34 -125.21
N THR GB 66 -23.98 -35.25 -126.51
CA THR GB 66 -25.05 -34.43 -127.04
C THR GB 66 -26.32 -35.26 -127.24
N ALA GB 67 -27.43 -34.55 -127.38
CA ALA GB 67 -28.72 -35.21 -127.62
C ALA GB 67 -29.64 -34.18 -128.27
N VAL GB 68 -29.90 -34.36 -129.57
CA VAL GB 68 -30.70 -33.39 -130.32
C VAL GB 68 -32.16 -33.59 -129.94
N ASP GB 69 -32.74 -32.60 -129.26
CA ASP GB 69 -34.12 -32.66 -128.77
C ASP GB 69 -35.03 -32.31 -129.94
N SER GB 70 -35.61 -33.34 -130.57
CA SER GB 70 -36.43 -33.13 -131.75
C SER GB 70 -37.66 -32.27 -131.50
N THR GB 71 -38.15 -32.24 -130.26
CA THR GB 71 -39.31 -31.43 -129.94
C THR GB 71 -39.02 -29.95 -130.13
N THR GB 72 -37.92 -29.48 -129.56
CA THR GB 72 -37.54 -28.07 -129.62
C THR GB 72 -36.50 -27.79 -130.69
N SER GB 73 -35.77 -28.82 -131.15
CA SER GB 73 -34.68 -28.70 -132.11
C SER GB 73 -33.53 -27.87 -131.55
N GLU GB 74 -33.06 -28.30 -130.38
CA GLU GB 74 -31.88 -27.71 -129.75
C GLU GB 74 -31.02 -28.83 -129.20
N THR GB 75 -29.71 -28.59 -129.17
CA THR GB 75 -28.77 -29.59 -128.69
C THR GB 75 -28.59 -29.44 -127.19
N LEU GB 76 -28.76 -30.54 -126.46
CA LEU GB 76 -28.62 -30.56 -125.01
C LEU GB 76 -27.38 -31.35 -124.64
N VAL GB 77 -26.70 -30.91 -123.59
CA VAL GB 77 -25.47 -31.55 -123.13
C VAL GB 77 -25.79 -32.30 -121.84
N ARG GB 78 -25.61 -33.62 -121.87
CA ARG GB 78 -25.98 -34.46 -120.75
C ARG GB 78 -24.81 -34.73 -119.81
N GLY GB 79 -23.59 -34.65 -120.30
CA GLY GB 79 -22.42 -34.92 -119.48
C GLY GB 79 -21.19 -34.90 -120.36
N GLN GB 80 -20.06 -35.31 -119.81
CA GLN GB 80 -18.85 -35.33 -120.60
C GLN GB 80 -17.93 -36.46 -120.16
N CYS GB 81 -17.36 -37.15 -121.14
CA CYS GB 81 -16.29 -38.11 -120.90
C CYS GB 81 -14.97 -37.37 -120.83
N VAL GB 82 -14.24 -37.55 -119.73
CA VAL GB 82 -13.00 -36.83 -119.47
C VAL GB 82 -11.87 -37.84 -119.41
N VAL GB 83 -10.78 -37.54 -120.13
CA VAL GB 83 -9.58 -38.36 -120.10
C VAL GB 83 -8.41 -37.45 -119.77
N ASP GB 84 -7.76 -37.70 -118.65
CA ASP GB 84 -6.58 -36.94 -118.23
C ASP GB 84 -5.35 -37.79 -118.41
N ILE GB 85 -4.27 -37.17 -118.89
CA ILE GB 85 -3.01 -37.86 -119.15
C ILE GB 85 -1.91 -36.95 -118.61
N ASN GB 86 -1.39 -37.27 -117.42
CA ASN GB 86 -0.25 -36.54 -116.90
C ASN GB 86 1.04 -37.29 -117.20
N ILE GB 87 2.06 -36.54 -117.58
CA ILE GB 87 3.35 -37.11 -117.96
C ILE GB 87 4.42 -36.38 -117.17
N VAL GB 88 5.17 -37.13 -116.36
CA VAL GB 88 6.27 -36.57 -115.60
C VAL GB 88 7.55 -37.21 -116.09
N ILE GB 89 8.51 -36.38 -116.51
CA ILE GB 89 9.79 -36.89 -116.98
C ILE GB 89 10.89 -36.26 -116.15
N PRO GB 90 11.68 -37.06 -115.42
CA PRO GB 90 12.66 -36.47 -114.50
C PRO GB 90 13.83 -35.81 -115.21
N ARG GB 91 14.67 -35.15 -114.43
CA ARG GB 91 15.82 -34.44 -114.96
C ARG GB 91 16.84 -35.36 -115.61
N VAL GB 92 16.85 -36.64 -115.24
CA VAL GB 92 17.92 -37.56 -115.62
C VAL GB 92 17.50 -38.48 -116.76
N ALA GB 93 16.42 -38.18 -117.45
CA ALA GB 93 15.85 -39.10 -118.43
C ALA GB 93 16.49 -38.86 -119.80
N THR GB 94 16.97 -39.94 -120.41
CA THR GB 94 17.55 -39.87 -121.74
C THR GB 94 16.48 -39.58 -122.78
N ALA GB 95 16.91 -39.12 -123.95
CA ALA GB 95 15.99 -38.72 -125.01
C ALA GB 95 15.25 -39.90 -125.64
N THR GB 96 15.78 -41.12 -125.52
CA THR GB 96 15.09 -42.30 -126.03
C THR GB 96 14.26 -43.00 -124.97
N ASP GB 97 14.62 -42.86 -123.70
CA ASP GB 97 13.78 -43.38 -122.64
C ASP GB 97 12.45 -42.64 -122.56
N ARG GB 98 12.45 -41.35 -122.87
CA ARG GB 98 11.20 -40.60 -122.98
C ARG GB 98 10.28 -41.24 -124.01
N ALA GB 99 10.80 -41.49 -125.22
CA ALA GB 99 9.98 -42.10 -126.26
C ALA GB 99 9.51 -43.48 -125.84
N GLU GB 100 10.41 -44.28 -125.26
CA GLU GB 100 10.01 -45.61 -124.83
C GLU GB 100 8.86 -45.54 -123.83
N ALA GB 101 9.00 -44.71 -122.80
CA ALA GB 101 7.98 -44.63 -121.76
C ALA GB 101 6.65 -44.13 -122.33
N ILE GB 102 6.70 -43.08 -123.15
CA ILE GB 102 5.46 -42.49 -123.64
C ILE GB 102 4.75 -43.45 -124.57
N LYS GB 103 5.46 -44.01 -125.55
CA LYS GB 103 4.80 -44.91 -126.49
C LYS GB 103 4.39 -46.22 -125.84
N ARG GB 104 5.02 -46.60 -124.73
CA ARG GB 104 4.55 -47.78 -124.01
C ARG GB 104 3.29 -47.49 -123.21
N ALA GB 105 3.25 -46.34 -122.54
CA ALA GB 105 2.06 -45.98 -121.78
C ALA GB 105 0.85 -45.79 -122.69
N PHE GB 106 1.04 -45.15 -123.83
CA PHE GB 106 -0.06 -44.97 -124.77
C PHE GB 106 -0.40 -46.25 -125.52
N ASP GB 107 0.40 -47.31 -125.35
CA ASP GB 107 0.09 -48.61 -125.94
C ASP GB 107 -0.79 -49.47 -125.06
N VAL GB 108 -1.22 -48.94 -123.91
CA VAL GB 108 -2.09 -49.70 -123.01
C VAL GB 108 -3.40 -50.04 -123.71
N LEU GB 109 -3.95 -49.07 -124.45
CA LEU GB 109 -5.22 -49.28 -125.13
C LEU GB 109 -5.18 -50.51 -126.04
N ASN GB 110 -4.02 -50.83 -126.60
CA ASN GB 110 -3.88 -52.04 -127.39
C ASN GB 110 -3.70 -53.29 -126.53
N ALA GB 111 -3.22 -53.13 -125.30
CA ALA GB 111 -3.04 -54.27 -124.41
C ALA GB 111 -4.25 -54.45 -123.51
N LEU GB 112 -4.60 -53.42 -122.74
CA LEU GB 112 -5.73 -53.46 -121.83
C LEU GB 112 -6.99 -52.94 -122.51
N ASN GB 113 -7.30 -53.54 -123.66
CA ASN GB 113 -8.29 -52.99 -124.57
C ASN GB 113 -9.70 -53.14 -124.02
N ALA GB 114 -10.11 -54.37 -123.74
CA ALA GB 114 -11.50 -54.62 -123.34
C ALA GB 114 -11.85 -53.94 -122.03
N GLU GB 115 -10.87 -53.73 -121.15
CA GLU GB 115 -11.14 -53.05 -119.89
C GLU GB 115 -11.36 -51.54 -120.06
N LEU GB 116 -11.09 -51.00 -121.24
CA LEU GB 116 -11.23 -49.57 -121.49
C LEU GB 116 -12.28 -49.25 -122.54
N ILE GB 117 -12.26 -49.96 -123.66
CA ILE GB 117 -13.21 -49.68 -124.74
C ILE GB 117 -14.63 -50.03 -124.31
N THR GB 118 -14.82 -51.19 -123.69
CA THR GB 118 -16.15 -51.65 -123.30
C THR GB 118 -16.49 -51.36 -121.84
N GLY GB 119 -15.49 -51.14 -121.00
CA GLY GB 119 -15.73 -50.81 -119.61
C GLY GB 119 -15.78 -51.97 -118.66
N GLU GB 120 -15.40 -53.17 -119.09
CA GLU GB 120 -15.41 -54.33 -118.22
C GLU GB 120 -14.40 -54.18 -117.09
N GLY GB 121 -14.38 -55.18 -116.23
CA GLY GB 121 -13.32 -55.31 -115.25
C GLY GB 121 -12.77 -56.72 -115.32
N GLN GB 122 -11.47 -56.84 -115.16
CA GLN GB 122 -10.83 -58.14 -115.28
C GLN GB 122 -11.13 -58.99 -114.06
N TRP GB 123 -11.48 -60.25 -114.29
CA TRP GB 123 -11.89 -61.15 -113.22
C TRP GB 123 -10.80 -62.16 -112.85
N ALA HB 1 -10.99 -59.49 -120.14
CA ALA HB 1 -10.71 -60.88 -119.80
C ALA HB 1 -10.01 -60.97 -118.46
N ALA HB 2 -9.59 -62.17 -118.08
CA ALA HB 2 -8.97 -62.36 -116.78
C ALA HB 2 -7.59 -61.74 -116.75
N ARG HB 3 -7.07 -61.56 -115.52
CA ARG HB 3 -5.74 -61.01 -115.35
C ARG HB 3 -4.71 -61.89 -116.04
N SER HB 4 -4.04 -61.38 -117.05
CA SER HB 4 -3.06 -62.16 -117.79
C SER HB 4 -1.80 -61.35 -118.01
N SER HB 5 -0.91 -61.84 -118.87
CA SER HB 5 0.33 -61.13 -119.18
C SER HB 5 0.11 -60.19 -120.36
N ILE HB 6 0.41 -58.91 -120.17
CA ILE HB 6 0.28 -57.91 -121.20
C ILE HB 6 1.64 -57.64 -121.83
N VAL HB 7 1.62 -57.15 -123.07
CA VAL HB 7 2.81 -57.14 -123.91
C VAL HB 7 3.06 -55.67 -124.31
N LEU HB 8 2.86 -54.76 -123.36
CA LEU HB 8 3.13 -53.33 -123.54
C LEU HB 8 4.41 -53.11 -124.32
N THR HB 9 4.29 -52.46 -125.48
CA THR HB 9 5.41 -52.28 -126.40
C THR HB 9 5.43 -50.84 -126.89
N ASP HB 10 6.38 -50.56 -127.78
CA ASP HB 10 6.44 -49.25 -128.43
C ASP HB 10 6.76 -49.36 -129.91
N GLY HB 11 6.70 -50.55 -130.49
CA GLY HB 11 7.03 -50.78 -131.88
C GLY HB 11 8.39 -51.41 -132.10
N THR HB 12 9.32 -51.22 -131.17
CA THR HB 12 10.65 -51.80 -131.26
C THR HB 12 10.98 -52.73 -130.10
N THR HB 13 10.80 -52.28 -128.87
CA THR HB 13 11.23 -53.03 -127.69
C THR HB 13 10.03 -53.39 -126.82
N PRO HB 14 9.45 -54.57 -126.99
CA PRO HB 14 8.32 -54.97 -126.15
C PRO HB 14 8.75 -55.32 -124.73
N VAL HB 15 7.80 -55.19 -123.82
CA VAL HB 15 7.99 -55.57 -122.42
C VAL HB 15 6.75 -56.33 -121.97
N THR HB 16 6.95 -57.48 -121.34
CA THR HB 16 5.86 -58.33 -120.87
C THR HB 16 5.67 -58.14 -119.37
N LEU HB 17 4.44 -57.84 -118.97
CA LEU HB 17 4.11 -57.57 -117.58
C LEU HB 17 3.08 -58.60 -117.10
N THR HB 18 3.34 -59.19 -115.94
CA THR HB 18 2.45 -60.15 -115.32
C THR HB 18 1.96 -59.63 -113.98
N PRO HB 19 0.70 -59.89 -113.61
CA PRO HB 19 0.14 -59.29 -112.39
C PRO HB 19 0.92 -59.71 -111.14
N VAL HB 20 1.12 -58.75 -110.24
CA VAL HB 20 1.90 -58.99 -109.04
C VAL HB 20 1.13 -58.59 -107.79
N GLY HB 21 -0.19 -58.51 -107.90
CA GLY HB 21 -0.97 -58.23 -106.71
C GLY HB 21 -2.24 -57.47 -107.07
N GLY HB 22 -2.70 -56.68 -106.11
CA GLY HB 22 -3.89 -55.88 -106.30
C GLY HB 22 -5.05 -56.30 -105.41
N GLY HB 23 -6.24 -56.41 -106.01
CA GLY HB 23 -7.44 -56.76 -105.27
C GLY HB 23 -8.66 -56.72 -106.15
N VAL HB 24 -9.74 -56.09 -105.69
CA VAL HB 24 -10.93 -55.87 -106.48
C VAL HB 24 -10.91 -54.42 -106.99
N GLY HB 25 -11.08 -54.25 -108.30
CA GLY HB 25 -10.91 -52.95 -108.90
C GLY HB 25 -9.51 -52.43 -108.70
N GLN HB 26 -8.52 -53.30 -108.89
CA GLN HB 26 -7.12 -52.95 -108.77
C GLN HB 26 -6.29 -54.09 -109.34
N THR HB 27 -5.20 -53.76 -110.04
CA THR HB 27 -4.38 -54.78 -110.68
C THR HB 27 -2.98 -54.21 -110.89
N LEU HB 28 -2.01 -54.71 -110.13
CA LEU HB 28 -0.63 -54.32 -110.34
C LEU HB 28 -0.05 -55.09 -111.53
N TYR HB 29 1.13 -54.65 -111.98
CA TYR HB 29 1.86 -55.33 -113.02
C TYR HB 29 3.34 -55.09 -112.80
N ARG HB 30 4.16 -55.93 -113.44
CA ARG HB 30 5.61 -55.76 -113.43
C ARG HB 30 6.20 -56.76 -114.42
N ALA HB 31 7.44 -56.52 -114.82
CA ALA HB 31 8.14 -57.32 -115.81
C ALA HB 31 9.05 -58.34 -115.13
N THR HB 32 9.86 -59.03 -115.93
CA THR HB 32 10.62 -60.18 -115.46
C THR HB 32 11.97 -59.83 -114.85
N ALA HB 33 12.65 -58.80 -115.35
CA ALA HB 33 13.98 -58.45 -114.85
C ALA HB 33 13.90 -58.01 -113.39
N GLU HB 34 15.02 -58.13 -112.67
CA GLU HB 34 15.05 -57.89 -111.23
C GLU HB 34 16.09 -56.84 -110.89
N ALA HB 35 15.81 -56.06 -109.86
CA ALA HB 35 16.74 -55.06 -109.35
C ALA HB 35 16.52 -54.93 -107.85
N LEU HB 36 17.05 -53.86 -107.27
CA LEU HB 36 16.99 -53.65 -105.82
C LEU HB 36 15.96 -52.59 -105.44
N SER HB 37 16.08 -51.38 -105.98
CA SER HB 37 15.19 -50.27 -105.62
C SER HB 37 13.98 -50.20 -106.55
N ALA HB 38 14.23 -49.99 -107.84
CA ALA HB 38 13.17 -49.96 -108.84
C ALA HB 38 13.41 -51.09 -109.83
N ALA HB 39 12.51 -52.07 -109.83
CA ALA HB 39 12.75 -53.26 -110.63
C ALA HB 39 12.42 -53.03 -112.10
N ASN HB 40 11.14 -52.76 -112.39
CA ASN HB 40 10.67 -52.77 -113.77
C ASN HB 40 9.53 -51.77 -113.95
N PRO HB 41 9.02 -51.59 -115.16
CA PRO HB 41 7.77 -50.84 -115.33
C PRO HB 41 6.64 -51.49 -114.54
N SER HB 42 5.80 -50.65 -113.94
CA SER HB 42 4.74 -51.12 -113.05
C SER HB 42 3.44 -50.40 -113.39
N LEU HB 43 2.59 -51.07 -114.18
CA LEU HB 43 1.34 -50.49 -114.66
C LEU HB 43 0.21 -50.82 -113.70
N SER HB 44 -0.12 -49.88 -112.82
CA SER HB 44 -1.25 -50.08 -111.93
C SER HB 44 -2.54 -49.64 -112.61
N PHE HB 45 -3.61 -50.39 -112.36
CA PHE HB 45 -4.90 -50.20 -113.03
C PHE HB 45 -5.99 -50.22 -111.97
N GLY HB 46 -6.65 -49.07 -111.76
CA GLY HB 46 -7.49 -48.89 -110.59
C GLY HB 46 -8.96 -48.60 -110.83
N TYR HB 47 -9.60 -49.33 -111.75
CA TYR HB 47 -10.99 -49.05 -112.11
C TYR HB 47 -11.92 -49.23 -110.92
N ARG HB 48 -13.04 -48.52 -110.96
CA ARG HB 48 -14.08 -48.58 -109.93
C ARG HB 48 -15.34 -47.94 -110.49
N PHE HB 49 -16.39 -47.91 -109.68
CA PHE HB 49 -17.64 -47.24 -110.01
C PHE HB 49 -17.98 -46.24 -108.92
N THR HB 50 -19.11 -45.56 -109.08
CA THR HB 50 -19.46 -44.45 -108.19
C THR HB 50 -20.99 -44.46 -108.02
N ASP HB 51 -21.54 -43.34 -107.56
CA ASP HB 51 -22.97 -43.22 -107.30
C ASP HB 51 -23.79 -43.57 -108.55
N GLY HB 52 -23.44 -42.98 -109.68
CA GLY HB 52 -24.02 -43.34 -110.96
C GLY HB 52 -23.21 -44.42 -111.64
N GLY HB 53 -23.34 -44.46 -112.96
CA GLY HB 53 -22.52 -45.36 -113.74
C GLY HB 53 -21.18 -44.73 -114.05
N THR HB 54 -20.70 -43.87 -113.15
CA THR HB 54 -19.50 -43.10 -113.38
C THR HB 54 -18.27 -44.00 -113.29
N ASN HB 55 -17.92 -44.63 -114.40
CA ASN HB 55 -16.80 -45.57 -114.43
C ASN HB 55 -15.51 -44.78 -114.29
N ARG HB 56 -14.96 -44.75 -113.08
CA ARG HB 56 -13.79 -43.93 -112.78
C ARG HB 56 -12.51 -44.76 -112.87
N GLN HB 57 -12.19 -45.16 -114.09
CA GLN HB 57 -10.96 -45.90 -114.32
C GLN HB 57 -9.75 -45.00 -114.07
N SER HB 58 -8.62 -45.64 -113.81
CA SER HB 58 -7.40 -44.91 -113.49
C SER HB 58 -6.20 -45.82 -113.73
N LEU HB 59 -5.15 -45.28 -114.31
CA LEU HB 59 -3.96 -46.03 -114.65
C LEU HB 59 -2.74 -45.26 -114.17
N SER HB 60 -1.62 -45.98 -114.10
CA SER HB 60 -0.33 -45.35 -113.83
C SER HB 60 0.80 -46.26 -114.29
N TYR HB 61 1.56 -45.82 -115.29
CA TYR HB 61 2.64 -46.61 -115.86
C TYR HB 61 3.97 -45.96 -115.51
N LYS HB 62 4.74 -46.60 -114.64
CA LYS HB 62 6.05 -46.10 -114.26
C LYS HB 62 7.12 -46.96 -114.90
N GLN HB 63 8.06 -46.31 -115.59
CA GLN HB 63 9.21 -46.99 -116.17
C GLN HB 63 10.47 -46.44 -115.52
N PRO HB 64 11.23 -47.24 -114.78
CA PRO HB 64 12.38 -46.71 -114.07
C PRO HB 64 13.53 -46.38 -115.01
N ILE HB 65 14.07 -45.18 -114.82
CA ILE HB 65 15.28 -44.73 -115.53
C ILE HB 65 16.45 -45.34 -114.80
N THR HB 66 17.15 -46.25 -115.48
CA THR HB 66 18.23 -47.02 -114.88
C THR HB 66 19.39 -47.16 -115.85
N ALA HB 67 20.59 -47.35 -115.30
CA ALA HB 67 21.78 -47.65 -116.07
C ALA HB 67 22.58 -48.71 -115.32
N VAL HB 68 23.10 -49.69 -116.04
CA VAL HB 68 23.76 -50.83 -115.41
C VAL HB 68 25.15 -50.41 -114.95
N ASP HB 69 25.47 -50.72 -113.69
CA ASP HB 69 26.80 -50.46 -113.15
C ASP HB 69 27.78 -51.50 -113.68
N SER HB 70 29.06 -51.19 -113.54
CA SER HB 70 30.11 -52.14 -113.88
C SER HB 70 30.51 -52.94 -112.64
N THR HB 71 30.79 -54.23 -112.86
CA THR HB 71 31.25 -55.19 -111.86
C THR HB 71 30.21 -55.53 -110.81
N THR HB 72 29.04 -54.89 -110.83
CA THR HB 72 27.98 -55.17 -109.87
C THR HB 72 26.68 -55.43 -110.60
N SER HB 73 25.94 -56.44 -110.14
CA SER HB 73 24.68 -56.83 -110.77
C SER HB 73 23.49 -56.20 -110.07
N GLU HB 74 23.48 -54.87 -110.00
CA GLU HB 74 22.40 -54.15 -109.36
C GLU HB 74 21.74 -53.10 -110.24
N THR HB 75 22.27 -52.87 -111.46
CA THR HB 75 21.67 -52.02 -112.49
C THR HB 75 21.05 -50.75 -111.91
N LEU HB 76 21.90 -49.90 -111.31
CA LEU HB 76 21.48 -48.69 -110.61
C LEU HB 76 20.38 -47.94 -111.35
N VAL HB 77 19.32 -47.61 -110.62
CA VAL HB 77 18.18 -46.87 -111.16
C VAL HB 77 18.33 -45.41 -110.79
N ARG HB 78 17.98 -44.52 -111.72
CA ARG HB 78 18.15 -43.09 -111.53
C ARG HB 78 16.85 -42.34 -111.34
N GLY HB 79 15.76 -42.83 -111.87
CA GLY HB 79 14.48 -42.14 -111.74
C GLY HB 79 13.32 -42.97 -112.22
N GLN HB 80 12.23 -42.30 -112.60
CA GLN HB 80 11.07 -42.98 -113.15
C GLN HB 80 10.20 -42.04 -113.99
N CYS HB 81 9.77 -42.50 -115.17
CA CYS HB 81 8.93 -41.71 -116.07
C CYS HB 81 7.47 -42.05 -115.79
N VAL HB 82 6.87 -41.33 -114.85
CA VAL HB 82 5.47 -41.56 -114.49
C VAL HB 82 4.55 -41.08 -115.61
N VAL HB 83 3.56 -41.89 -115.96
CA VAL HB 83 2.54 -41.49 -116.93
C VAL HB 83 1.17 -41.90 -116.43
N ASP HB 84 0.43 -40.96 -115.84
CA ASP HB 84 -0.89 -41.24 -115.31
C ASP HB 84 -1.95 -41.06 -116.39
N ILE HB 85 -2.97 -41.90 -116.36
CA ILE HB 85 -4.10 -41.80 -117.28
C ILE HB 85 -5.40 -42.03 -116.52
N ASN HB 86 -6.14 -40.96 -116.23
CA ASN HB 86 -7.39 -41.09 -115.51
C ASN HB 86 -8.57 -40.88 -116.46
N ILE HB 87 -9.58 -41.74 -116.31
CA ILE HB 87 -10.74 -41.75 -117.19
C ILE HB 87 -12.00 -41.64 -116.34
N VAL HB 88 -12.89 -40.74 -116.73
CA VAL HB 88 -14.18 -40.55 -116.06
C VAL HB 88 -15.25 -40.57 -117.12
N ILE HB 89 -16.04 -41.63 -117.16
CA ILE HB 89 -17.10 -41.81 -118.15
C ILE HB 89 -18.43 -41.74 -117.43
N PRO HB 90 -19.35 -40.87 -117.84
CA PRO HB 90 -20.58 -40.70 -117.07
C PRO HB 90 -21.55 -41.85 -117.23
N ARG HB 91 -22.68 -41.79 -116.52
CA ARG HB 91 -23.67 -42.84 -116.62
C ARG HB 91 -24.38 -42.87 -117.96
N VAL HB 92 -24.53 -41.71 -118.61
CA VAL HB 92 -25.36 -41.59 -119.81
C VAL HB 92 -24.55 -41.86 -121.06
N ALA HB 93 -23.32 -42.33 -120.91
CA ALA HB 93 -22.41 -42.47 -122.05
C ALA HB 93 -22.68 -43.80 -122.75
N THR HB 94 -23.26 -43.71 -123.94
CA THR HB 94 -23.44 -44.88 -124.79
C THR HB 94 -22.08 -45.48 -125.13
N ALA HB 95 -22.03 -46.82 -125.21
CA ALA HB 95 -20.75 -47.50 -125.40
C ALA HB 95 -20.05 -47.10 -126.69
N THR HB 96 -20.79 -46.59 -127.68
CA THR HB 96 -20.14 -46.01 -128.84
C THR HB 96 -19.43 -44.71 -128.49
N ASP HB 97 -20.09 -43.85 -127.72
CA ASP HB 97 -19.49 -42.59 -127.31
C ASP HB 97 -18.25 -42.83 -126.45
N ARG HB 98 -18.31 -43.82 -125.56
CA ARG HB 98 -17.14 -44.10 -124.72
C ARG HB 98 -15.97 -44.60 -125.55
N ALA HB 99 -16.21 -45.47 -126.52
CA ALA HB 99 -15.15 -45.94 -127.40
C ALA HB 99 -14.55 -44.77 -128.18
N GLU HB 100 -15.41 -43.89 -128.69
CA GLU HB 100 -14.91 -42.72 -129.40
C GLU HB 100 -14.04 -41.86 -128.50
N ALA HB 101 -14.50 -41.59 -127.28
CA ALA HB 101 -13.75 -40.74 -126.38
C ALA HB 101 -12.39 -41.33 -126.05
N ILE HB 102 -12.36 -42.63 -125.74
CA ILE HB 102 -11.09 -43.25 -125.35
C ILE HB 102 -10.12 -43.28 -126.54
N LYS HB 103 -10.62 -43.72 -127.70
CA LYS HB 103 -9.72 -43.86 -128.84
C LYS HB 103 -9.27 -42.51 -129.38
N ARG HB 104 -10.07 -41.45 -129.16
CA ARG HB 104 -9.63 -40.11 -129.54
C ARG HB 104 -8.64 -39.54 -128.54
N ALA HB 105 -8.81 -39.83 -127.25
CA ALA HB 105 -7.85 -39.36 -126.27
C ALA HB 105 -6.50 -40.03 -126.46
N PHE HB 106 -6.49 -41.32 -126.80
CA PHE HB 106 -5.23 -42.03 -127.00
C PHE HB 106 -4.64 -41.80 -128.38
N ASP HB 107 -5.29 -41.02 -129.24
CA ASP HB 107 -4.72 -40.62 -130.51
C ASP HB 107 -3.99 -39.29 -130.43
N VAL HB 108 -3.85 -38.72 -129.23
CA VAL HB 108 -3.10 -37.48 -129.09
C VAL HB 108 -1.65 -37.70 -129.49
N LEU HB 109 -1.08 -38.84 -129.12
CA LEU HB 109 0.33 -39.12 -129.40
C LEU HB 109 0.64 -39.01 -130.88
N ASN HB 110 -0.31 -39.35 -131.75
CA ASN HB 110 -0.09 -39.26 -133.19
C ASN HB 110 -0.41 -37.87 -133.75
N ALA HB 111 -1.04 -37.01 -132.97
CA ALA HB 111 -1.36 -35.66 -133.42
C ALA HB 111 -0.47 -34.61 -132.74
N LEU HB 112 -0.36 -34.69 -131.43
CA LEU HB 112 0.52 -33.81 -130.65
C LEU HB 112 1.84 -34.51 -130.36
N ASN HB 113 2.49 -34.95 -131.44
CA ASN HB 113 3.58 -35.91 -131.32
C ASN HB 113 4.86 -35.27 -130.77
N ALA HB 114 5.34 -34.21 -131.44
CA ALA HB 114 6.63 -33.65 -131.08
C ALA HB 114 6.63 -33.09 -129.67
N GLU HB 115 5.54 -32.45 -129.25
CA GLU HB 115 5.48 -31.87 -127.92
C GLU HB 115 5.55 -32.93 -126.84
N LEU HB 116 5.11 -34.15 -127.12
CA LEU HB 116 5.09 -35.22 -126.12
C LEU HB 116 6.36 -36.05 -126.14
N ILE HB 117 6.86 -36.37 -127.33
CA ILE HB 117 8.08 -37.19 -127.42
C ILE HB 117 9.30 -36.34 -127.12
N THR HB 118 9.50 -35.26 -127.87
CA THR HB 118 10.68 -34.44 -127.70
C THR HB 118 10.59 -33.56 -126.45
N GLY HB 119 9.42 -33.00 -126.18
CA GLY HB 119 9.22 -32.22 -124.97
C GLY HB 119 9.47 -30.74 -125.18
N GLU HB 120 8.86 -30.16 -126.21
CA GLU HB 120 9.15 -28.80 -126.60
C GLU HB 120 7.98 -28.23 -127.38
N GLY HB 121 8.01 -26.93 -127.61
CA GLY HB 121 7.17 -26.35 -128.64
C GLY HB 121 6.04 -25.45 -128.17
N GLN HB 122 5.00 -25.36 -129.00
CA GLN HB 122 3.87 -24.46 -128.80
C GLN HB 122 4.36 -23.00 -128.74
N TRP HB 123 4.84 -22.55 -129.89
CA TRP HB 123 5.31 -21.17 -130.03
C TRP HB 123 4.12 -20.25 -130.25
N ALA IB 1 47.36 51.02 -110.54
CA ALA IB 1 48.63 50.73 -111.21
C ALA IB 1 49.74 50.54 -110.20
N ALA IB 2 50.98 50.42 -110.67
CA ALA IB 2 52.10 50.29 -109.76
C ALA IB 2 52.26 51.56 -108.93
N ARG IB 3 52.51 51.39 -107.64
CA ARG IB 3 52.65 52.52 -106.74
C ARG IB 3 53.82 53.38 -107.16
N SER IB 4 53.63 54.70 -107.14
CA SER IB 4 54.65 55.65 -107.54
C SER IB 4 54.46 56.92 -106.72
N SER IB 5 55.08 58.01 -107.17
CA SER IB 5 54.96 59.29 -106.52
C SER IB 5 53.77 60.07 -107.10
N ILE IB 6 53.23 60.99 -106.29
CA ILE IB 6 52.12 61.84 -106.70
C ILE IB 6 52.47 63.28 -106.39
N VAL IB 7 51.88 64.20 -107.16
CA VAL IB 7 52.38 65.57 -107.25
C VAL IB 7 51.23 66.50 -106.87
N LEU IB 8 50.45 66.11 -105.86
CA LEU IB 8 49.38 66.95 -105.33
C LEU IB 8 49.77 68.42 -105.30
N THR IB 9 48.91 69.26 -105.87
CA THR IB 9 49.19 70.68 -106.02
C THR IB 9 47.91 71.47 -105.77
N ASP IB 10 48.07 72.78 -105.70
CA ASP IB 10 46.93 73.71 -105.62
C ASP IB 10 47.15 74.89 -106.55
N GLY IB 11 47.94 74.68 -107.59
CA GLY IB 11 48.16 75.72 -108.58
C GLY IB 11 49.41 76.53 -108.33
N THR IB 12 49.86 76.61 -107.08
CA THR IB 12 51.02 77.43 -106.76
C THR IB 12 52.12 76.67 -106.02
N THR IB 13 51.77 75.76 -105.10
CA THR IB 13 52.78 75.05 -104.31
C THR IB 13 52.54 73.55 -104.42
N PRO IB 14 53.13 72.90 -105.41
CA PRO IB 14 53.01 71.45 -105.52
C PRO IB 14 53.70 70.74 -104.38
N VAL IB 15 53.21 69.54 -104.07
CA VAL IB 15 53.75 68.69 -103.02
C VAL IB 15 53.98 67.31 -103.63
N THR IB 16 55.22 66.82 -103.56
CA THR IB 16 55.54 65.49 -104.05
C THR IB 16 55.47 64.51 -102.90
N LEU IB 17 54.58 63.52 -103.02
CA LEU IB 17 54.41 62.49 -102.02
C LEU IB 17 54.96 61.17 -102.54
N THR IB 18 55.49 60.37 -101.62
CA THR IB 18 56.09 59.10 -101.97
C THR IB 18 55.49 58.02 -101.07
N PRO IB 19 55.37 56.78 -101.57
CA PRO IB 19 54.77 55.71 -100.77
C PRO IB 19 55.73 55.17 -99.72
N VAL IB 20 55.38 55.29 -98.45
CA VAL IB 20 56.28 54.92 -97.37
C VAL IB 20 55.63 53.88 -96.47
N GLY IB 21 54.75 53.07 -97.02
CA GLY IB 21 54.11 52.04 -96.24
C GLY IB 21 52.82 51.58 -96.89
N GLY IB 22 52.02 50.90 -96.09
CA GLY IB 22 50.73 50.42 -96.55
C GLY IB 22 50.48 48.96 -96.29
N GLY IB 23 49.86 48.28 -97.25
CA GLY IB 23 49.54 46.87 -97.08
C GLY IB 23 48.71 46.38 -98.24
N VAL IB 24 47.75 45.52 -97.91
CA VAL IB 24 46.80 45.01 -98.90
C VAL IB 24 45.57 45.90 -98.85
N GLY IB 25 45.26 46.54 -99.97
CA GLY IB 25 44.18 47.51 -100.00
C GLY IB 25 44.47 48.73 -99.16
N GLN IB 26 45.69 49.25 -99.25
CA GLN IB 26 46.12 50.42 -98.51
C GLN IB 26 47.46 50.87 -99.06
N THR IB 27 47.68 52.19 -99.06
CA THR IB 27 48.93 52.74 -99.56
C THR IB 27 49.15 54.12 -98.92
N LEU IB 28 49.97 54.15 -97.88
CA LEU IB 28 50.32 55.42 -97.26
C LEU IB 28 51.23 56.22 -98.16
N TYR IB 29 51.17 57.54 -98.02
CA TYR IB 29 52.05 58.45 -98.72
C TYR IB 29 52.58 59.48 -97.72
N ARG IB 30 53.70 60.10 -98.05
CA ARG IB 30 54.20 61.19 -97.23
C ARG IB 30 55.05 62.10 -98.09
N ALA IB 31 55.00 63.40 -97.80
CA ALA IB 31 55.84 64.34 -98.53
C ALA IB 31 57.30 64.08 -98.21
N THR IB 32 58.15 64.26 -99.22
CA THR IB 32 59.56 63.91 -99.08
C THR IB 32 60.19 64.66 -97.90
N ALA IB 33 60.24 65.99 -98.00
CA ALA IB 33 60.69 66.82 -96.89
C ALA IB 33 60.24 68.24 -97.15
N GLU IB 34 59.37 68.77 -96.30
CA GLU IB 34 59.04 70.19 -96.38
C GLU IB 34 60.07 71.02 -95.61
N ALA IB 35 60.08 70.90 -94.28
CA ALA IB 35 61.14 71.48 -93.46
C ALA IB 35 61.57 70.61 -92.29
N LEU IB 36 60.77 69.63 -91.90
CA LEU IB 36 61.04 68.74 -90.77
C LEU IB 36 60.01 67.63 -90.81
N SER IB 37 60.06 66.74 -89.83
CA SER IB 37 59.02 65.73 -89.69
C SER IB 37 57.85 66.30 -88.90
N ALA IB 38 56.70 65.65 -89.05
CA ALA IB 38 55.40 66.07 -88.52
C ALA IB 38 54.88 67.33 -89.18
N ALA IB 39 55.64 67.95 -90.07
CA ALA IB 39 55.19 69.08 -90.86
C ALA IB 39 55.10 68.70 -92.33
N ASN IB 40 54.78 67.43 -92.59
CA ASN IB 40 54.71 66.88 -93.93
C ASN IB 40 53.33 66.29 -94.18
N PRO IB 41 52.65 66.67 -95.26
CA PRO IB 41 51.33 66.12 -95.54
C PRO IB 41 51.39 64.64 -95.87
N SER IB 42 50.27 63.96 -95.62
CA SER IB 42 50.15 62.54 -95.93
C SER IB 42 48.84 62.29 -96.66
N LEU IB 43 48.81 61.22 -97.44
CA LEU IB 43 47.70 60.92 -98.35
C LEU IB 43 47.29 59.45 -98.23
N SER IB 44 46.93 59.03 -97.02
CA SER IB 44 46.51 57.65 -96.81
C SER IB 44 45.39 57.28 -97.78
N PHE IB 45 45.50 56.10 -98.38
CA PHE IB 45 44.58 55.71 -99.46
C PHE IB 45 44.33 54.22 -99.38
N GLY IB 46 43.09 53.83 -99.11
CA GLY IB 46 42.69 52.44 -99.07
C GLY IB 46 41.65 52.11 -100.12
N TYR IB 47 41.39 50.81 -100.27
CA TYR IB 47 40.45 50.30 -101.25
C TYR IB 47 40.16 48.86 -100.92
N ARG IB 48 38.90 48.46 -101.09
CA ARG IB 48 38.48 47.10 -100.77
C ARG IB 48 37.19 46.78 -101.48
N PHE IB 49 36.89 45.48 -101.56
CA PHE IB 49 35.65 44.98 -102.15
C PHE IB 49 34.93 44.15 -101.10
N THR IB 50 33.65 44.44 -100.90
CA THR IB 50 32.82 43.60 -100.04
C THR IB 50 32.22 42.44 -100.84
N ASP IB 51 31.19 41.81 -100.30
CA ASP IB 51 30.50 40.71 -100.96
C ASP IB 51 30.30 40.95 -102.45
N GLY IB 52 29.63 42.05 -102.79
CA GLY IB 52 29.47 42.43 -104.18
C GLY IB 52 30.65 43.25 -104.66
N GLY IB 53 30.52 43.79 -105.88
CA GLY IB 53 31.58 44.59 -106.45
C GLY IB 53 31.59 46.02 -105.94
N THR IB 54 31.21 46.20 -104.68
CA THR IB 54 31.15 47.54 -104.09
C THR IB 54 32.56 48.06 -103.91
N ASN IB 55 32.99 48.90 -104.84
CA ASN IB 55 34.35 49.41 -104.89
C ASN IB 55 34.58 50.51 -103.86
N ARG IB 56 34.61 50.16 -102.58
CA ARG IB 56 34.68 51.16 -101.51
C ARG IB 56 36.12 51.65 -101.36
N GLN IB 57 36.49 52.58 -102.23
CA GLN IB 57 37.74 53.29 -102.06
C GLN IB 57 37.62 54.32 -100.95
N SER IB 58 38.76 54.68 -100.37
CA SER IB 58 38.77 55.64 -99.27
C SER IB 58 40.06 56.43 -99.32
N LEU IB 59 39.97 57.70 -98.95
CA LEU IB 59 41.12 58.58 -98.93
C LEU IB 59 41.15 59.37 -97.63
N SER IB 60 42.33 59.88 -97.30
CA SER IB 60 42.50 60.74 -96.13
C SER IB 60 43.77 61.54 -96.33
N TYR IB 61 43.61 62.83 -96.61
CA TYR IB 61 44.73 63.75 -96.79
C TYR IB 61 44.84 64.61 -95.55
N LYS IB 62 46.00 64.59 -94.91
CA LYS IB 62 46.24 65.34 -93.68
C LYS IB 62 47.40 66.29 -93.91
N GLN IB 63 47.14 67.58 -93.73
CA GLN IB 63 48.17 68.61 -93.86
C GLN IB 63 48.34 69.31 -92.54
N PRO IB 64 49.50 69.23 -91.89
CA PRO IB 64 49.66 69.83 -90.57
C PRO IB 64 50.02 71.31 -90.63
N ILE IB 65 49.51 72.04 -89.63
CA ILE IB 65 49.64 73.49 -89.56
C ILE IB 65 50.83 73.80 -88.66
N THR IB 66 51.88 74.34 -89.24
CA THR IB 66 53.12 74.60 -88.51
C THR IB 66 53.26 76.09 -88.25
N ALA IB 67 53.93 76.41 -87.15
CA ALA IB 67 54.10 77.79 -86.72
C ALA IB 67 55.35 77.92 -85.88
N VAL IB 68 55.97 79.10 -85.94
CA VAL IB 68 57.21 79.33 -85.20
C VAL IB 68 56.89 79.54 -83.72
N ASP IB 69 57.89 79.25 -82.88
CA ASP IB 69 57.77 79.31 -81.42
C ASP IB 69 58.88 80.20 -80.87
N SER IB 70 58.93 81.44 -81.38
CA SER IB 70 60.03 82.38 -81.19
C SER IB 70 60.64 82.40 -79.78
N THR IB 71 59.84 82.12 -78.75
CA THR IB 71 60.40 81.94 -77.43
C THR IB 71 61.47 80.85 -77.41
N THR IB 72 61.34 79.85 -78.28
CA THR IB 72 62.36 78.83 -78.49
C THR IB 72 62.82 78.73 -79.93
N SER IB 73 62.08 79.31 -80.87
CA SER IB 73 62.41 79.31 -82.30
C SER IB 73 62.38 77.91 -82.91
N GLU IB 74 61.58 77.01 -82.35
CA GLU IB 74 61.41 75.67 -82.88
C GLU IB 74 60.04 75.57 -83.53
N THR IB 75 60.02 75.08 -84.77
CA THR IB 75 58.81 75.11 -85.61
C THR IB 75 57.84 74.01 -85.16
N LEU IB 76 57.15 74.29 -84.07
CA LEU IB 76 56.16 73.36 -83.55
C LEU IB 76 54.93 73.31 -84.45
N VAL IB 77 54.24 72.18 -84.42
CA VAL IB 77 53.01 71.97 -85.18
C VAL IB 77 51.82 72.03 -84.22
N ARG IB 78 50.79 72.78 -84.61
CA ARG IB 78 49.63 72.99 -83.75
C ARG IB 78 48.56 71.92 -83.96
N GLY IB 79 48.05 71.81 -85.18
CA GLY IB 79 47.03 70.83 -85.51
C GLY IB 79 47.15 70.39 -86.96
N GLN IB 80 46.07 69.83 -87.52
CA GLN IB 80 46.11 69.36 -88.90
C GLN IB 80 44.74 69.55 -89.56
N CYS IB 81 44.78 69.80 -90.87
CA CYS IB 81 43.58 69.82 -91.70
C CYS IB 81 43.40 68.46 -92.33
N VAL IB 82 42.20 67.90 -92.20
CA VAL IB 82 41.91 66.54 -92.61
C VAL IB 82 40.82 66.57 -93.67
N VAL IB 83 41.04 65.91 -94.80
CA VAL IB 83 40.05 65.80 -95.86
C VAL IB 83 39.87 64.32 -96.18
N ASP IB 84 38.65 63.82 -96.03
CA ASP IB 84 38.35 62.42 -96.31
C ASP IB 84 37.43 62.35 -97.53
N ILE IB 85 37.90 61.71 -98.59
CA ILE IB 85 37.06 61.51 -99.78
C ILE IB 85 36.74 60.03 -99.92
N ASN IB 86 35.63 59.60 -99.35
CA ASN IB 86 35.19 58.22 -99.51
C ASN IB 86 34.39 58.07 -100.79
N ILE IB 87 34.54 56.91 -101.43
CA ILE IB 87 33.87 56.62 -102.67
C ILE IB 87 33.30 55.21 -102.58
N VAL IB 88 32.02 55.05 -102.95
CA VAL IB 88 31.39 53.74 -103.00
C VAL IB 88 30.67 53.61 -104.33
N ILE IB 89 31.06 52.60 -105.11
CA ILE IB 89 30.45 52.32 -106.40
C ILE IB 89 29.98 50.86 -106.38
N PRO IB 90 28.70 50.59 -106.60
CA PRO IB 90 28.22 49.21 -106.52
C PRO IB 90 28.63 48.41 -107.75
N ARG IB 91 28.40 47.10 -107.67
CA ARG IB 91 28.75 46.23 -108.79
C ARG IB 91 27.90 46.51 -110.02
N VAL IB 92 26.66 46.93 -109.83
CA VAL IB 92 25.70 47.14 -110.92
C VAL IB 92 26.04 48.41 -111.70
N ALA IB 93 27.11 49.09 -111.31
CA ALA IB 93 27.45 50.37 -111.89
C ALA IB 93 28.10 50.19 -113.25
N THR IB 94 27.57 50.91 -114.24
CA THR IB 94 28.22 50.96 -115.55
C THR IB 94 29.55 51.68 -115.43
N ALA IB 95 30.50 51.32 -116.31
CA ALA IB 95 31.80 51.96 -116.31
C ALA IB 95 31.74 53.45 -116.59
N THR IB 96 30.64 53.95 -117.17
CA THR IB 96 30.48 55.37 -117.42
C THR IB 96 29.78 56.08 -116.26
N ASP IB 97 29.00 55.37 -115.46
CA ASP IB 97 28.38 55.98 -114.30
C ASP IB 97 29.41 56.28 -113.21
N ARG IB 98 30.41 55.42 -113.06
CA ARG IB 98 31.44 55.65 -112.05
C ARG IB 98 32.24 56.90 -112.34
N ALA IB 99 32.70 57.07 -113.58
CA ALA IB 99 33.46 58.26 -113.94
C ALA IB 99 32.61 59.51 -113.79
N GLU IB 100 31.36 59.44 -114.24
CA GLU IB 100 30.44 60.57 -114.10
C GLU IB 100 30.30 60.98 -112.65
N ALA IB 101 30.02 60.02 -111.77
CA ALA IB 101 29.83 60.33 -110.36
C ALA IB 101 31.11 60.91 -109.75
N ILE IB 102 32.25 60.30 -110.03
CA ILE IB 102 33.50 60.76 -109.41
C ILE IB 102 33.81 62.18 -109.83
N LYS IB 103 33.77 62.46 -111.14
CA LYS IB 103 34.13 63.80 -111.60
C LYS IB 103 33.11 64.83 -111.13
N ARG IB 104 31.81 64.49 -111.14
CA ARG IB 104 30.82 65.44 -110.67
C ARG IB 104 31.02 65.77 -109.20
N ALA IB 105 31.24 64.75 -108.37
CA ALA IB 105 31.44 65.00 -106.96
C ALA IB 105 32.71 65.78 -106.69
N PHE IB 106 33.76 65.58 -107.49
CA PHE IB 106 34.97 66.37 -107.31
C PHE IB 106 34.82 67.79 -107.86
N ASP IB 107 33.84 68.04 -108.73
CA ASP IB 107 33.59 69.40 -109.20
C ASP IB 107 32.88 70.28 -108.16
N VAL IB 108 32.66 69.77 -106.96
CA VAL IB 108 31.96 70.54 -105.94
C VAL IB 108 32.75 71.81 -105.61
N LEU IB 109 34.06 71.68 -105.41
CA LEU IB 109 34.88 72.82 -105.04
C LEU IB 109 34.79 73.93 -106.08
N ASN IB 110 34.71 73.56 -107.36
CA ASN IB 110 34.46 74.57 -108.38
C ASN IB 110 33.06 75.15 -108.26
N ALA IB 111 32.07 74.31 -107.95
CA ALA IB 111 30.69 74.79 -107.84
C ALA IB 111 30.41 75.43 -106.47
N LEU IB 112 30.53 74.64 -105.41
CA LEU IB 112 30.20 75.10 -104.06
C LEU IB 112 31.46 75.63 -103.37
N ASN IB 113 32.03 76.68 -103.96
CA ASN IB 113 33.38 77.10 -103.61
C ASN IB 113 33.43 77.81 -102.26
N ALA IB 114 32.72 78.93 -102.15
CA ALA IB 114 32.94 79.87 -101.04
C ALA IB 114 32.69 79.26 -99.68
N GLU IB 115 31.85 78.23 -99.57
CA GLU IB 115 31.57 77.63 -98.28
C GLU IB 115 32.62 76.61 -97.86
N LEU IB 116 33.48 76.18 -98.77
CA LEU IB 116 34.55 75.24 -98.47
C LEU IB 116 35.88 75.95 -98.21
N ILE IB 117 36.30 76.80 -99.16
CA ILE IB 117 37.58 77.48 -99.05
C ILE IB 117 37.59 78.40 -97.84
N THR IB 118 36.55 79.21 -97.69
CA THR IB 118 36.54 80.26 -96.67
C THR IB 118 36.02 79.78 -95.33
N GLY IB 119 35.15 78.78 -95.32
CA GLY IB 119 34.61 78.25 -94.09
C GLY IB 119 33.35 78.90 -93.58
N GLU IB 120 32.81 79.88 -94.32
CA GLU IB 120 31.59 80.54 -93.89
C GLU IB 120 30.41 79.57 -93.94
N GLY IB 121 29.44 79.81 -93.07
CA GLY IB 121 28.24 79.00 -93.02
C GLY IB 121 27.12 79.67 -93.78
N GLN IB 122 26.63 78.98 -94.81
CA GLN IB 122 25.59 79.55 -95.65
C GLN IB 122 24.29 79.70 -94.88
N TRP IB 123 23.55 80.76 -95.19
CA TRP IB 123 22.33 81.10 -94.49
C TRP IB 123 21.11 80.88 -95.36
N ALA JB 1 64.30 58.04 -106.41
CA ALA JB 1 64.34 57.04 -105.35
C ALA JB 1 63.58 55.79 -105.74
N ALA JB 2 63.56 55.49 -107.04
CA ALA JB 2 62.99 54.25 -107.53
C ALA JB 2 63.98 53.11 -107.35
N ARG JB 3 63.47 51.90 -107.46
CA ARG JB 3 64.30 50.71 -107.24
C ARG JB 3 65.14 50.43 -108.48
N SER JB 4 66.46 50.39 -108.31
CA SER JB 4 67.38 50.09 -109.38
C SER JB 4 68.63 49.45 -108.77
N SER JB 5 69.55 49.03 -109.63
CA SER JB 5 70.77 48.40 -109.17
C SER JB 5 71.66 49.41 -108.46
N ILE JB 6 72.30 48.97 -107.38
CA ILE JB 6 73.22 49.80 -106.62
C ILE JB 6 74.60 49.16 -106.66
N VAL JB 7 75.63 49.99 -106.48
CA VAL JB 7 77.00 49.62 -106.83
C VAL JB 7 77.88 49.71 -105.59
N LEU JB 8 77.36 49.25 -104.44
CA LEU JB 8 78.14 49.14 -103.21
C LEU JB 8 79.57 48.73 -103.50
N THR JB 9 80.52 49.49 -102.94
CA THR JB 9 81.93 49.22 -103.20
C THR JB 9 82.75 49.62 -101.98
N ASP JB 10 83.93 49.01 -101.87
CA ASP JB 10 84.88 49.32 -100.81
C ASP JB 10 86.07 50.12 -101.30
N GLY JB 11 86.15 50.39 -102.59
CA GLY JB 11 87.29 51.09 -103.15
C GLY JB 11 88.06 50.22 -104.12
N THR JB 12 88.17 48.93 -103.81
CA THR JB 12 88.91 48.00 -104.65
C THR JB 12 88.00 47.25 -105.62
N THR JB 13 87.03 46.52 -105.08
CA THR JB 13 86.17 45.66 -105.90
C THR JB 13 84.72 46.09 -105.71
N PRO JB 14 84.09 46.70 -106.71
CA PRO JB 14 82.67 47.02 -106.59
C PRO JB 14 81.79 45.81 -106.80
N VAL JB 15 80.69 45.75 -106.06
CA VAL JB 15 79.69 44.71 -106.22
C VAL JB 15 78.37 45.37 -106.56
N THR JB 16 77.71 44.88 -107.61
CA THR JB 16 76.47 45.47 -108.10
C THR JB 16 75.31 44.61 -107.61
N LEU JB 17 74.49 45.17 -106.72
CA LEU JB 17 73.31 44.48 -106.22
C LEU JB 17 72.08 44.92 -107.01
N THR JB 18 71.29 43.95 -107.45
CA THR JB 18 70.06 44.24 -108.15
C THR JB 18 68.86 43.85 -107.30
N PRO JB 19 67.73 44.53 -107.42
CA PRO JB 19 66.57 44.17 -106.60
C PRO JB 19 66.08 42.77 -106.91
N VAL JB 20 65.62 42.07 -105.88
CA VAL JB 20 65.05 40.75 -106.04
C VAL JB 20 63.73 40.67 -105.29
N GLY JB 21 63.10 41.81 -105.05
CA GLY JB 21 61.77 41.79 -104.48
C GLY JB 21 61.52 42.76 -103.34
N GLY JB 22 60.62 42.39 -102.44
CA GLY JB 22 60.37 43.16 -101.24
C GLY JB 22 58.97 43.72 -101.10
N GLY JB 23 58.44 44.30 -102.16
CA GLY JB 23 57.13 44.93 -102.07
C GLY JB 23 57.19 46.29 -101.41
N VAL JB 24 56.12 46.70 -100.74
CA VAL JB 24 56.04 48.01 -100.11
C VAL JB 24 56.56 47.90 -98.68
N GLY JB 25 57.30 48.92 -98.25
CA GLY JB 25 57.88 48.91 -96.92
C GLY JB 25 59.24 48.25 -96.81
N GLN JB 26 59.76 47.68 -97.89
CA GLN JB 26 61.09 47.07 -97.85
C GLN JB 26 61.56 46.85 -99.28
N THR JB 27 62.82 46.43 -99.39
CA THR JB 27 63.42 46.14 -100.68
C THR JB 27 64.58 45.19 -100.47
N LEU JB 28 64.58 44.07 -101.16
CA LEU JB 28 65.67 43.11 -101.08
C LEU JB 28 66.59 43.28 -102.28
N TYR JB 29 67.88 43.25 -102.02
CA TYR JB 29 68.88 43.31 -103.08
C TYR JB 29 69.70 42.05 -103.08
N ARG JB 30 70.38 41.79 -104.19
CA ARG JB 30 71.30 40.68 -104.28
C ARG JB 30 72.17 40.79 -105.53
N ALA JB 31 73.45 40.49 -105.41
CA ALA JB 31 74.35 40.50 -106.56
C ALA JB 31 74.19 39.21 -107.36
N THR JB 32 74.90 39.12 -108.47
CA THR JB 32 74.83 37.90 -109.27
C THR JB 32 75.73 36.81 -108.73
N ALA JB 33 77.05 37.02 -108.84
CA ALA JB 33 78.07 36.03 -108.44
C ALA JB 33 77.61 34.61 -108.73
N GLU JB 34 77.12 34.43 -109.95
CA GLU JB 34 76.33 33.25 -110.30
C GLU JB 34 77.14 31.97 -110.12
N ALA JB 35 76.43 30.87 -109.84
CA ALA JB 35 77.05 29.55 -109.73
C ALA JB 35 78.13 29.55 -108.65
N LEU JB 36 77.68 29.65 -107.40
CA LEU JB 36 76.34 29.41 -106.89
C LEU JB 36 75.52 30.69 -106.79
N SER JB 37 74.20 30.55 -106.63
CA SER JB 37 73.32 31.71 -106.54
C SER JB 37 73.11 32.19 -105.11
N ALA JB 38 73.38 31.35 -104.11
CA ALA JB 38 73.28 31.73 -102.72
C ALA JB 38 74.59 32.23 -102.14
N ALA JB 39 75.64 32.26 -102.94
CA ALA JB 39 76.95 32.75 -102.50
C ALA JB 39 77.22 34.15 -103.05
N ASN JB 40 76.39 35.11 -102.65
CA ASN JB 40 76.58 36.49 -103.06
C ASN JB 40 75.91 37.40 -102.04
N PRO JB 41 76.39 38.63 -101.89
CA PRO JB 41 75.88 39.51 -100.83
C PRO JB 41 74.45 39.98 -101.10
N SER JB 42 73.81 40.43 -100.02
CA SER JB 42 72.43 40.90 -100.06
C SER JB 42 72.29 42.09 -99.13
N LEU JB 43 71.28 42.93 -99.41
CA LEU JB 43 71.10 44.22 -98.74
C LEU JB 43 69.65 44.43 -98.31
N SER JB 44 69.11 43.53 -97.52
CA SER JB 44 67.72 43.67 -97.08
C SER JB 44 67.49 45.02 -96.43
N PHE JB 45 66.70 45.88 -97.08
CA PHE JB 45 66.50 47.26 -96.65
C PHE JB 45 65.02 47.52 -96.44
N GLY JB 46 64.62 47.81 -95.21
CA GLY JB 46 63.24 48.12 -94.89
C GLY JB 46 63.10 49.49 -94.26
N TYR JB 47 61.85 49.97 -94.23
CA TYR JB 47 61.53 51.30 -93.71
C TYR JB 47 60.05 51.36 -93.42
N ARG JB 48 59.68 52.20 -92.45
CA ARG JB 48 58.27 52.35 -92.08
C ARG JB 48 58.13 53.63 -91.27
N PHE JB 49 56.89 54.01 -91.01
CA PHE JB 49 56.55 55.13 -90.15
C PHE JB 49 55.57 54.66 -89.09
N THR JB 50 55.88 54.93 -87.84
CA THR JB 50 55.03 54.49 -86.73
C THR JB 50 53.86 55.47 -86.55
N ASP JB 51 53.19 55.38 -85.40
CA ASP JB 51 52.06 56.25 -85.12
C ASP JB 51 52.41 57.72 -85.32
N GLY JB 52 53.58 58.14 -84.85
CA GLY JB 52 54.03 59.48 -85.10
C GLY JB 52 54.71 59.60 -86.44
N GLY JB 53 55.77 60.40 -86.52
CA GLY JB 53 56.56 60.50 -87.72
C GLY JB 53 57.89 59.80 -87.55
N THR JB 54 57.95 58.88 -86.59
CA THR JB 54 59.20 58.20 -86.24
C THR JB 54 59.57 57.28 -87.40
N ASN JB 55 60.52 57.73 -88.21
CA ASN JB 55 60.99 56.96 -89.36
C ASN JB 55 61.95 55.91 -88.85
N ARG JB 56 61.59 54.63 -89.00
CA ARG JB 56 62.43 53.53 -88.55
C ARG JB 56 62.98 52.77 -89.76
N GLN JB 57 64.11 53.24 -90.25
CA GLN JB 57 64.78 52.56 -91.34
C GLN JB 57 65.67 51.46 -90.81
N SER JB 58 65.94 50.46 -91.65
CA SER JB 58 66.73 49.32 -91.21
C SER JB 58 67.42 48.66 -92.39
N LEU JB 59 68.73 48.45 -92.30
CA LEU JB 59 69.47 47.79 -93.36
C LEU JB 59 70.18 46.58 -92.78
N SER JB 60 70.30 45.54 -93.61
CA SER JB 60 71.01 44.33 -93.21
C SER JB 60 71.78 43.86 -94.42
N TYR JB 61 73.10 43.98 -94.38
CA TYR JB 61 73.97 43.59 -95.46
C TYR JB 61 74.68 42.31 -95.06
N LYS JB 62 74.49 41.26 -95.85
CA LYS JB 62 75.09 39.95 -95.59
C LYS JB 62 76.02 39.61 -96.74
N GLN JB 63 77.26 39.26 -96.42
CA GLN JB 63 78.21 38.81 -97.42
C GLN JB 63 78.69 37.41 -97.07
N PRO JB 64 78.42 36.41 -97.90
CA PRO JB 64 78.85 35.05 -97.57
C PRO JB 64 80.30 34.81 -97.97
N ILE JB 65 80.93 33.90 -97.23
CA ILE JB 65 82.33 33.57 -97.41
C ILE JB 65 82.41 32.30 -98.25
N THR JB 66 82.93 32.44 -99.46
CA THR JB 66 82.97 31.35 -100.42
C THR JB 66 84.30 30.63 -100.37
N ALA JB 67 84.34 29.44 -100.96
CA ALA JB 67 85.56 28.65 -101.03
C ALA JB 67 85.41 27.68 -102.20
N VAL JB 68 86.13 27.93 -103.28
CA VAL JB 68 86.01 27.11 -104.48
C VAL JB 68 86.74 25.80 -104.23
N ASP JB 69 86.00 24.70 -104.11
CA ASP JB 69 86.55 23.39 -103.82
C ASP JB 69 87.14 22.83 -105.11
N SER JB 70 88.46 22.93 -105.27
CA SER JB 70 89.11 22.51 -106.51
C SER JB 70 88.94 21.03 -106.79
N THR JB 71 88.75 20.21 -105.76
CA THR JB 71 88.56 18.78 -105.97
C THR JB 71 87.28 18.50 -106.76
N THR JB 72 86.17 19.09 -106.34
CA THR JB 72 84.87 18.86 -106.96
C THR JB 72 84.47 19.99 -107.90
N SER JB 73 85.10 21.16 -107.79
CA SER JB 73 84.80 22.35 -108.59
C SER JB 73 83.37 22.83 -108.31
N GLU JB 74 83.08 23.06 -107.04
CA GLU JB 74 81.83 23.66 -106.60
C GLU JB 74 82.13 24.70 -105.54
N THR JB 75 81.31 25.73 -105.49
CA THR JB 75 81.48 26.79 -104.51
C THR JB 75 80.75 26.42 -103.22
N LEU JB 76 81.47 26.48 -102.11
CA LEU JB 76 80.92 26.14 -100.80
C LEU JB 76 80.80 27.41 -99.96
N VAL JB 77 79.76 27.48 -99.14
CA VAL JB 77 79.50 28.63 -98.30
C VAL JB 77 79.83 28.27 -96.86
N ARG JB 78 80.79 28.96 -96.28
CA ARG JB 78 81.29 28.64 -94.95
C ARG JB 78 80.61 29.46 -93.85
N GLY JB 79 80.14 30.66 -94.19
CA GLY JB 79 79.50 31.52 -93.21
C GLY JB 79 79.16 32.83 -93.87
N GLN JB 80 78.75 33.81 -93.06
CA GLN JB 80 78.44 35.11 -93.62
C GLN JB 80 78.73 36.21 -92.62
N CYS JB 81 79.33 37.29 -93.12
CA CYS JB 81 79.49 38.51 -92.34
C CYS JB 81 78.23 39.34 -92.46
N VAL JB 82 77.65 39.70 -91.32
CA VAL JB 82 76.37 40.41 -91.26
C VAL JB 82 76.59 41.77 -90.64
N VAL JB 83 76.07 42.81 -91.29
CA VAL JB 83 76.15 44.17 -90.77
C VAL JB 83 74.72 44.72 -90.73
N ASP JB 84 74.22 45.01 -89.54
CA ASP JB 84 72.90 45.60 -89.36
C ASP JB 84 73.04 47.07 -89.02
N ILE JB 85 72.18 47.90 -89.61
CA ILE JB 85 72.21 49.34 -89.41
C ILE JB 85 70.76 49.78 -89.20
N ASN JB 86 70.38 50.00 -87.94
CA ASN JB 86 69.06 50.52 -87.66
C ASN JB 86 69.13 52.04 -87.46
N ILE JB 87 68.15 52.74 -88.01
CA ILE JB 87 68.08 54.18 -87.93
C ILE JB 87 66.71 54.56 -87.42
N VAL JB 88 66.65 55.26 -86.29
CA VAL JB 88 65.40 55.76 -85.75
C VAL JB 88 65.45 57.27 -85.76
N ILE JB 89 64.46 57.89 -86.39
CA ILE JB 89 64.39 59.34 -86.44
C ILE JB 89 63.06 59.79 -85.86
N PRO JB 90 63.08 60.55 -84.77
CA PRO JB 90 61.81 60.88 -84.10
C PRO JB 90 60.96 61.85 -84.90
N ARG JB 91 59.75 62.10 -84.41
CA ARG JB 91 58.80 62.98 -85.07
C ARG JB 91 59.28 64.43 -85.09
N VAL JB 92 60.15 64.82 -84.17
CA VAL JB 92 60.51 66.22 -83.96
C VAL JB 92 61.83 66.59 -84.64
N ALA JB 93 62.35 65.72 -85.50
CA ALA JB 93 63.68 65.90 -86.06
C ALA JB 93 63.63 66.79 -87.29
N THR JB 94 64.50 67.80 -87.33
CA THR JB 94 64.59 68.68 -88.48
C THR JB 94 65.22 67.93 -89.65
N ALA JB 95 65.06 68.52 -90.85
CA ALA JB 95 65.55 67.90 -92.07
C ALA JB 95 67.07 67.91 -92.18
N THR JB 96 67.76 68.82 -91.48
CA THR JB 96 69.21 68.85 -91.49
C THR JB 96 69.83 68.08 -90.33
N ASP JB 97 69.11 67.95 -89.22
CA ASP JB 97 69.59 67.12 -88.14
C ASP JB 97 69.63 65.65 -88.54
N ARG JB 98 68.69 65.22 -89.39
CA ARG JB 98 68.75 63.89 -89.95
C ARG JB 98 70.06 63.67 -90.69
N ALA JB 99 70.41 64.58 -91.60
CA ALA JB 99 71.64 64.42 -92.35
C ALA JB 99 72.85 64.45 -91.44
N GLU JB 100 72.86 65.36 -90.46
CA GLU JB 100 73.97 65.40 -89.51
C GLU JB 100 74.13 64.06 -88.80
N ALA JB 101 73.03 63.54 -88.22
CA ALA JB 101 73.11 62.32 -87.45
C ALA JB 101 73.56 61.15 -88.32
N ILE JB 102 72.97 61.01 -89.51
CA ILE JB 102 73.28 59.87 -90.35
C ILE JB 102 74.72 59.92 -90.83
N LYS JB 103 75.15 61.07 -91.36
CA LYS JB 103 76.50 61.16 -91.88
C LYS JB 103 77.55 61.11 -90.78
N ARG JB 104 77.18 61.48 -89.55
CA ARG JB 104 78.12 61.32 -88.44
C ARG JB 104 78.22 59.87 -88.00
N ALA JB 105 77.09 59.17 -87.93
CA ALA JB 105 77.13 57.76 -87.53
C ALA JB 105 77.87 56.92 -88.57
N PHE JB 106 77.65 57.19 -89.85
CA PHE JB 106 78.37 56.47 -90.89
C PHE JB 106 79.81 56.92 -91.02
N ASP JB 107 80.22 57.97 -90.31
CA ASP JB 107 81.61 58.40 -90.30
C ASP JB 107 82.42 57.71 -89.22
N VAL JB 108 81.82 56.77 -88.49
CA VAL JB 108 82.55 56.03 -87.47
C VAL JB 108 83.70 55.26 -88.09
N LEU JB 109 83.46 54.65 -89.25
CA LEU JB 109 84.48 53.85 -89.91
C LEU JB 109 85.75 54.64 -90.15
N ASN JB 110 85.64 55.95 -90.37
CA ASN JB 110 86.83 56.78 -90.52
C ASN JB 110 87.42 57.19 -89.18
N ALA JB 111 86.63 57.13 -88.10
CA ALA JB 111 87.15 57.46 -86.78
C ALA JB 111 87.58 56.21 -86.03
N LEU JB 112 86.66 55.27 -85.84
CA LEU JB 112 86.94 54.02 -85.14
C LEU JB 112 87.37 52.94 -86.12
N ASN JB 113 88.41 53.28 -86.90
CA ASN JB 113 88.76 52.49 -88.06
C ASN JB 113 89.42 51.17 -87.68
N ALA JB 114 90.51 51.23 -86.91
CA ALA JB 114 91.28 50.03 -86.61
C ALA JB 114 90.47 49.04 -85.79
N GLU JB 115 89.48 49.51 -85.04
CA GLU JB 115 88.66 48.60 -84.25
C GLU JB 115 87.61 47.88 -85.07
N LEU JB 116 87.45 48.22 -86.34
CA LEU JB 116 86.45 47.60 -87.19
C LEU JB 116 87.07 46.89 -88.38
N ILE JB 117 87.99 47.53 -89.09
CA ILE JB 117 88.59 46.93 -90.27
C ILE JB 117 89.44 45.72 -89.88
N THR JB 118 90.24 45.83 -88.83
CA THR JB 118 91.13 44.76 -88.42
C THR JB 118 90.56 43.91 -87.28
N GLY JB 119 89.60 44.42 -86.53
CA GLY JB 119 88.97 43.66 -85.48
C GLY JB 119 89.59 43.78 -84.12
N GLU JB 120 90.51 44.72 -83.91
CA GLU JB 120 91.15 44.90 -82.63
C GLU JB 120 90.14 45.34 -81.57
N GLY JB 121 90.62 45.45 -80.35
CA GLY JB 121 89.89 46.12 -79.30
C GLY JB 121 90.79 47.18 -78.70
N GLN JB 122 90.21 48.31 -78.37
CA GLN JB 122 90.99 49.42 -77.85
C GLN JB 122 91.41 49.13 -76.41
N TRP JB 123 92.67 49.42 -76.10
CA TRP JB 123 93.23 49.10 -74.79
C TRP JB 123 93.39 50.32 -73.90
N ALA KB 1 93.84 51.33 -81.55
CA ALA KB 1 94.70 52.00 -80.60
C ALA KB 1 93.97 52.24 -79.29
N ALA KB 2 94.61 52.96 -78.37
CA ALA KB 2 94.03 53.19 -77.07
C ALA KB 2 92.82 54.13 -77.16
N ARG KB 3 91.99 54.09 -76.12
CA ARG KB 3 90.83 54.97 -76.06
C ARG KB 3 91.27 56.42 -76.17
N SER KB 4 90.88 57.10 -77.24
CA SER KB 4 91.29 58.48 -77.44
C SER KB 4 90.09 59.34 -77.81
N SER KB 5 90.33 60.56 -78.26
CA SER KB 5 89.27 61.46 -78.69
C SER KB 5 89.02 61.28 -80.19
N ILE KB 6 87.78 61.00 -80.54
CA ILE KB 6 87.38 60.80 -81.93
C ILE KB 6 86.71 62.05 -82.45
N VAL KB 7 86.72 62.22 -83.77
CA VAL KB 7 86.42 63.50 -84.40
C VAL KB 7 85.24 63.25 -85.35
N LEU KB 8 84.30 62.41 -84.92
CA LEU KB 8 83.07 62.14 -85.67
C LEU KB 8 82.51 63.40 -86.31
N THR KB 9 82.41 63.39 -87.64
CA THR KB 9 82.05 64.57 -88.42
C THR KB 9 81.07 64.19 -89.51
N ASP KB 10 80.68 65.18 -90.32
CA ASP KB 10 79.84 64.92 -91.47
C ASP KB 10 80.29 65.72 -92.70
N GLY KB 11 81.49 66.30 -92.68
CA GLY KB 11 82.00 67.10 -93.76
C GLY KB 11 81.91 68.59 -93.51
N THR KB 12 80.97 69.02 -92.68
CA THR KB 12 80.79 70.44 -92.38
C THR KB 12 80.98 70.74 -90.91
N THR KB 13 80.29 70.02 -90.01
CA THR KB 13 80.29 70.34 -88.59
C THR KB 13 80.85 69.18 -87.79
N PRO KB 14 82.14 69.18 -87.48
CA PRO KB 14 82.72 68.09 -86.67
C PRO KB 14 82.29 68.17 -85.22
N VAL KB 15 82.34 67.00 -84.57
CA VAL KB 15 82.08 66.88 -83.14
C VAL KB 15 83.14 65.97 -82.55
N THR KB 16 83.78 66.42 -81.48
CA THR KB 16 84.84 65.66 -80.81
C THR KB 16 84.28 64.95 -79.60
N LEU KB 17 84.53 63.65 -79.50
CA LEU KB 17 84.01 62.82 -78.42
C LEU KB 17 85.17 62.22 -77.63
N THR KB 18 85.07 62.27 -76.31
CA THR KB 18 86.10 61.71 -75.44
C THR KB 18 85.50 60.65 -74.53
N PRO KB 19 86.22 59.56 -74.27
CA PRO KB 19 85.63 58.43 -73.52
C PRO KB 19 85.16 58.86 -72.14
N VAL KB 20 84.03 58.31 -71.72
CA VAL KB 20 83.33 58.80 -70.54
C VAL KB 20 83.07 57.62 -69.61
N GLY KB 21 83.54 56.45 -69.98
CA GLY KB 21 83.37 55.30 -69.12
C GLY KB 21 83.52 54.02 -69.91
N GLY KB 22 82.78 53.00 -69.47
CA GLY KB 22 82.79 51.72 -70.12
C GLY KB 22 83.40 50.60 -69.29
N GLY KB 23 84.31 49.84 -69.89
CA GLY KB 23 84.93 48.72 -69.21
C GLY KB 23 85.80 47.92 -70.15
N VAL KB 24 85.65 46.59 -70.12
CA VAL KB 24 86.33 45.71 -71.06
C VAL KB 24 85.34 45.33 -72.16
N GLY KB 25 85.73 45.54 -73.40
CA GLY KB 25 84.80 45.37 -74.50
C GLY KB 25 83.62 46.30 -74.39
N GLN KB 26 83.88 47.56 -74.04
CA GLN KB 26 82.84 48.57 -73.90
C GLN KB 26 83.53 49.93 -73.80
N THR KB 27 82.96 50.93 -74.47
CA THR KB 27 83.60 52.25 -74.50
C THR KB 27 82.52 53.29 -74.78
N LEU KB 28 82.21 54.10 -73.78
CA LEU KB 28 81.30 55.21 -73.99
C LEU KB 28 82.03 56.38 -74.64
N TYR KB 29 81.26 57.36 -75.09
CA TYR KB 29 81.80 58.59 -75.65
C TYR KB 29 80.79 59.70 -75.38
N ARG KB 30 81.26 60.95 -75.47
CA ARG KB 30 80.39 62.12 -75.39
C ARG KB 30 81.22 63.33 -75.78
N ALA KB 31 80.53 64.41 -76.13
CA ALA KB 31 81.16 65.65 -76.57
C ALA KB 31 81.29 66.61 -75.39
N THR KB 32 81.67 67.85 -75.68
CA THR KB 32 82.08 68.80 -74.65
C THR KB 32 80.96 69.72 -74.17
N ALA KB 33 79.90 69.90 -74.94
CA ALA KB 33 78.82 70.78 -74.53
C ALA KB 33 78.04 70.18 -73.36
N GLU KB 34 77.36 71.02 -72.58
CA GLU KB 34 76.74 70.61 -71.32
C GLU KB 34 75.25 70.93 -71.35
N ALA KB 35 74.45 69.96 -70.92
CA ALA KB 35 73.01 70.15 -70.87
C ALA KB 35 72.45 69.28 -69.73
N LEU KB 36 71.14 69.36 -69.50
CA LEU KB 36 70.52 68.78 -68.33
C LEU KB 36 70.01 67.36 -68.57
N SER KB 37 69.15 67.16 -69.56
CA SER KB 37 68.57 65.84 -69.82
C SER KB 37 69.43 65.03 -70.80
N ALA KB 38 69.61 65.53 -72.01
CA ALA KB 38 70.47 64.89 -73.00
C ALA KB 38 71.60 65.85 -73.34
N ALA KB 39 72.82 65.44 -73.03
CA ALA KB 39 73.94 66.36 -73.17
C ALA KB 39 74.41 66.45 -74.62
N ASN KB 40 74.90 65.35 -75.17
CA ASN KB 40 75.62 65.37 -76.43
C ASN KB 40 75.46 64.05 -77.17
N PRO KB 41 75.99 63.92 -78.39
CA PRO KB 41 76.07 62.60 -79.02
C PRO KB 41 76.87 61.64 -78.16
N SER KB 42 76.40 60.40 -78.08
CA SER KB 42 77.00 59.40 -77.18
C SER KB 42 77.18 58.11 -77.97
N LEU KB 43 78.39 57.89 -78.48
CA LEU KB 43 78.71 56.73 -79.32
C LEU KB 43 79.20 55.60 -78.44
N SER KB 44 78.31 54.68 -78.09
CA SER KB 44 78.71 53.51 -77.33
C SER KB 44 79.23 52.42 -78.27
N PHE KB 45 80.27 51.72 -77.83
CA PHE KB 45 80.98 50.73 -78.65
C PHE KB 45 81.17 49.47 -77.82
N GLY KB 46 80.51 48.38 -78.21
CA GLY KB 46 80.41 47.22 -77.34
C GLY KB 46 80.96 45.90 -77.85
N TYR KB 47 82.15 45.92 -78.45
CA TYR KB 47 82.71 44.72 -79.05
C TYR KB 47 82.92 43.62 -78.02
N ARG KB 48 82.91 42.37 -78.51
CA ARG KB 48 83.13 41.19 -77.68
C ARG KB 48 83.43 40.01 -78.60
N PHE KB 49 83.63 38.84 -78.02
CA PHE KB 49 83.84 37.59 -78.75
C PHE KB 49 82.83 36.56 -78.25
N THR KB 50 82.89 35.37 -78.84
CA THR KB 50 81.87 34.35 -78.60
C THR KB 50 82.56 32.99 -78.61
N ASP KB 51 81.79 31.92 -78.76
CA ASP KB 51 82.33 30.56 -78.73
C ASP KB 51 83.42 30.37 -79.77
N GLY KB 52 83.15 30.79 -80.99
CA GLY KB 52 84.15 30.80 -82.04
C GLY KB 52 84.88 32.13 -82.08
N GLY KB 53 85.43 32.44 -83.25
CA GLY KB 53 86.02 33.75 -83.45
C GLY KB 53 84.97 34.76 -83.85
N THR KB 54 83.74 34.54 -83.39
CA THR KB 54 82.61 35.35 -83.81
C THR KB 54 82.69 36.74 -83.20
N ASN KB 55 83.43 37.63 -83.85
CA ASN KB 55 83.65 38.98 -83.35
C ASN KB 55 82.34 39.74 -83.45
N ARG KB 56 81.61 39.81 -82.34
CA ARG KB 56 80.27 40.37 -82.33
C ARG KB 56 80.31 41.83 -81.85
N GLN KB 57 80.87 42.68 -82.71
CA GLN KB 57 80.94 44.10 -82.41
C GLN KB 57 79.53 44.72 -82.43
N SER KB 58 79.43 45.91 -81.85
CA SER KB 58 78.15 46.58 -81.74
C SER KB 58 78.38 48.05 -81.43
N LEU KB 59 77.58 48.92 -82.03
CA LEU KB 59 77.70 50.35 -81.87
C LEU KB 59 76.34 50.96 -81.60
N SER KB 60 76.35 52.20 -81.14
CA SER KB 60 75.12 52.97 -81.02
C SER KB 60 75.45 54.45 -80.92
N TYR KB 61 75.03 55.23 -81.91
CA TYR KB 61 75.33 56.67 -81.95
C TYR KB 61 74.03 57.44 -81.77
N LYS KB 62 73.89 58.10 -80.63
CA LYS KB 62 72.72 58.91 -80.35
C LYS KB 62 73.11 60.38 -80.43
N GLN KB 63 72.34 61.15 -81.18
CA GLN KB 63 72.52 62.59 -81.29
C GLN KB 63 71.25 63.28 -80.82
N PRO KB 64 71.30 64.12 -79.78
CA PRO KB 64 70.07 64.69 -79.25
C PRO KB 64 69.49 65.91 -79.97
N ILE KB 65 68.26 65.72 -80.43
CA ILE KB 65 67.51 66.79 -81.08
C ILE KB 65 67.18 67.81 -80.01
N THR KB 66 67.77 69.00 -80.13
CA THR KB 66 67.68 70.03 -79.10
C THR KB 66 67.54 71.41 -79.75
N ALA KB 67 66.94 72.34 -79.02
CA ALA KB 67 66.83 73.73 -79.41
C ALA KB 67 67.07 74.60 -78.18
N VAL KB 68 67.80 75.70 -78.36
CA VAL KB 68 68.22 76.51 -77.23
C VAL KB 68 67.09 77.44 -76.83
N ASP KB 69 66.68 77.36 -75.57
CA ASP KB 69 65.64 78.23 -75.05
C ASP KB 69 66.18 79.66 -74.90
N SER KB 70 65.25 80.60 -74.81
CA SER KB 70 65.61 81.99 -74.58
C SER KB 70 65.61 82.29 -73.09
N THR KB 71 66.57 83.11 -72.66
CA THR KB 71 66.77 83.59 -71.30
C THR KB 71 67.20 82.48 -70.33
N THR KB 72 67.28 81.23 -70.78
CA THR KB 72 67.72 80.13 -69.92
C THR KB 72 68.81 79.34 -70.61
N SER KB 73 69.84 78.97 -69.86
CA SER KB 73 70.99 78.24 -70.38
C SER KB 73 70.84 76.74 -70.19
N GLU KB 74 69.75 76.17 -70.70
CA GLU KB 74 69.48 74.75 -70.56
C GLU KB 74 69.26 74.04 -71.89
N THR KB 75 69.24 74.76 -73.01
CA THR KB 75 69.19 74.22 -74.37
C THR KB 75 68.29 72.99 -74.47
N LEU KB 76 66.99 73.20 -74.22
CA LEU KB 76 65.99 72.15 -74.20
C LEU KB 76 66.18 71.13 -75.32
N VAL KB 77 66.20 69.85 -74.94
CA VAL KB 77 66.35 68.75 -75.89
C VAL KB 77 64.97 68.19 -76.20
N ARG KB 78 64.75 67.86 -77.47
CA ARG KB 78 63.44 67.40 -77.93
C ARG KB 78 63.39 65.93 -78.27
N GLY KB 79 64.51 65.32 -78.63
CA GLY KB 79 64.52 63.91 -78.96
C GLY KB 79 65.93 63.38 -79.16
N GLN KB 80 66.03 62.27 -79.89
CA GLN KB 80 67.34 61.69 -80.20
C GLN KB 80 67.30 60.82 -81.44
N CYS KB 81 68.26 60.98 -82.34
CA CYS KB 81 68.34 60.22 -83.57
C CYS KB 81 69.25 59.02 -83.34
N VAL KB 82 68.66 57.91 -82.87
CA VAL KB 82 69.42 56.71 -82.62
C VAL KB 82 69.87 56.08 -83.93
N VAL KB 83 71.12 55.62 -83.98
CA VAL KB 83 71.63 54.90 -85.14
C VAL KB 83 72.47 53.72 -84.68
N ASP KB 84 71.88 52.52 -84.64
CA ASP KB 84 72.59 51.33 -84.20
C ASP KB 84 73.32 50.69 -85.38
N ILE KB 85 74.48 50.10 -85.10
CA ILE KB 85 75.25 49.37 -86.10
C ILE KB 85 75.81 48.12 -85.46
N ASN KB 86 75.23 46.96 -85.77
CA ASN KB 86 75.71 45.70 -85.23
C ASN KB 86 76.45 44.91 -86.29
N ILE KB 87 77.57 44.32 -85.89
CA ILE KB 87 78.45 43.60 -86.79
C ILE KB 87 78.68 42.20 -86.24
N VAL KB 88 78.56 41.19 -87.10
CA VAL KB 88 78.80 39.80 -86.72
C VAL KB 88 79.70 39.20 -87.78
N ILE KB 89 80.96 38.96 -87.44
CA ILE KB 89 81.95 38.43 -88.37
C ILE KB 89 82.31 37.02 -87.92
N PRO KB 90 82.19 36.00 -88.77
CA PRO KB 90 82.40 34.63 -88.30
C PRO KB 90 83.87 34.32 -88.05
N ARG KB 91 84.13 33.13 -87.54
CA ARG KB 91 85.51 32.71 -87.27
C ARG KB 91 86.31 32.52 -88.55
N VAL KB 92 85.68 32.08 -89.63
CA VAL KB 92 86.39 31.66 -90.83
C VAL KB 92 86.66 32.86 -91.75
N ALA KB 93 86.36 34.06 -91.26
CA ALA KB 93 86.41 35.26 -92.11
C ALA KB 93 87.83 35.78 -92.20
N THR KB 94 88.44 35.62 -93.37
CA THR KB 94 89.75 36.20 -93.64
C THR KB 94 89.69 37.72 -93.49
N ALA KB 95 90.75 38.31 -92.94
CA ALA KB 95 90.74 39.73 -92.65
C ALA KB 95 90.52 40.59 -93.88
N THR KB 96 90.82 40.08 -95.07
CA THR KB 96 90.44 40.79 -96.29
C THR KB 96 88.93 40.77 -96.48
N ASP KB 97 88.29 39.61 -96.24
CA ASP KB 97 86.85 39.52 -96.38
C ASP KB 97 86.14 40.41 -95.37
N ARG KB 98 86.64 40.48 -94.14
CA ARG KB 98 86.02 41.34 -93.14
C ARG KB 98 86.13 42.81 -93.55
N ALA KB 99 87.29 43.23 -94.04
CA ALA KB 99 87.43 44.61 -94.48
C ALA KB 99 86.49 44.91 -95.63
N GLU KB 100 86.38 43.99 -96.59
CA GLU KB 100 85.45 44.17 -97.70
C GLU KB 100 84.02 44.31 -97.18
N ALA KB 101 83.61 43.42 -96.27
CA ALA KB 101 82.24 43.45 -95.77
C ALA KB 101 81.94 44.76 -95.06
N ILE KB 102 82.85 45.21 -94.21
CA ILE KB 102 82.60 46.43 -93.45
C ILE KB 102 82.57 47.64 -94.37
N LYS KB 103 83.56 47.76 -95.26
CA LYS KB 103 83.62 48.94 -96.11
C LYS KB 103 82.49 48.96 -97.13
N ARG KB 104 81.97 47.78 -97.49
CA ARG KB 104 80.80 47.75 -98.38
C ARG KB 104 79.53 48.08 -97.63
N ALA KB 105 79.39 47.62 -96.39
CA ALA KB 105 78.21 47.96 -95.62
C ALA KB 105 78.14 49.45 -95.34
N PHE KB 106 79.27 50.08 -95.05
CA PHE KB 106 79.28 51.50 -94.76
C PHE KB 106 79.26 52.36 -96.01
N ASP KB 107 79.24 51.75 -97.20
CA ASP KB 107 79.08 52.49 -98.44
C ASP KB 107 77.62 52.59 -98.87
N VAL KB 108 76.69 52.11 -98.04
CA VAL KB 108 75.28 52.23 -98.40
C VAL KB 108 74.88 53.69 -98.49
N LEU KB 109 75.38 54.51 -97.57
CA LEU KB 109 75.03 55.93 -97.54
C LEU KB 109 75.31 56.62 -98.86
N ASN KB 110 76.34 56.16 -99.59
CA ASN KB 110 76.65 56.75 -100.89
C ASN KB 110 75.91 56.10 -102.04
N ALA KB 111 75.25 54.97 -101.80
CA ALA KB 111 74.47 54.29 -102.83
C ALA KB 111 72.97 54.45 -102.60
N LEU KB 112 72.52 54.17 -101.38
CA LEU KB 112 71.12 54.34 -100.99
C LEU KB 112 70.95 55.67 -100.27
N ASN KB 113 71.33 56.75 -100.96
CA ASN KB 113 71.52 58.04 -100.31
C ASN KB 113 70.21 58.72 -99.96
N ALA KB 114 69.36 58.96 -100.96
CA ALA KB 114 68.16 59.74 -100.75
C ALA KB 114 67.21 59.07 -99.76
N GLU KB 115 67.09 57.75 -99.82
CA GLU KB 115 66.20 57.03 -98.93
C GLU KB 115 66.64 57.14 -97.47
N LEU KB 116 67.91 57.38 -97.21
CA LEU KB 116 68.44 57.46 -95.85
C LEU KB 116 68.48 58.90 -95.34
N ILE KB 117 68.92 59.83 -96.19
CA ILE KB 117 69.01 61.23 -95.77
C ILE KB 117 67.63 61.86 -95.75
N THR KB 118 66.94 61.84 -96.89
CA THR KB 118 65.62 62.46 -96.98
C THR KB 118 64.56 61.63 -96.28
N GLY KB 119 64.61 60.31 -96.42
CA GLY KB 119 63.67 59.44 -95.73
C GLY KB 119 62.43 59.15 -96.55
N GLU KB 120 62.62 58.72 -97.80
CA GLU KB 120 61.51 58.58 -98.72
C GLU KB 120 61.88 57.59 -99.81
N GLY KB 121 60.87 57.15 -100.55
CA GLY KB 121 61.13 56.51 -101.82
C GLY KB 121 60.84 55.02 -101.91
N GLN KB 122 61.57 54.34 -102.79
CA GLN KB 122 61.35 52.94 -103.12
C GLN KB 122 59.93 52.73 -103.68
N TRP KB 123 59.71 53.30 -104.85
CA TRP KB 123 58.43 53.19 -105.53
C TRP KB 123 58.35 51.87 -106.28
N ALA LB 1 92.45 61.77 -68.37
CA ALA LB 1 93.20 61.37 -69.56
C ALA LB 1 93.52 59.88 -69.50
N ALA LB 2 94.32 59.40 -70.44
CA ALA LB 2 94.73 58.01 -70.43
C ALA LB 2 95.58 57.73 -69.20
N ARG LB 3 95.30 56.62 -68.52
CA ARG LB 3 96.03 56.27 -67.32
C ARG LB 3 97.50 56.05 -67.64
N SER LB 4 98.38 56.59 -66.80
CA SER LB 4 99.82 56.49 -66.99
C SER LB 4 100.49 56.49 -65.62
N SER LB 5 101.80 56.72 -65.61
CA SER LB 5 102.55 56.77 -64.38
C SER LB 5 102.56 58.19 -63.82
N ILE LB 6 102.76 58.30 -62.51
CA ILE LB 6 102.83 59.59 -61.83
C ILE LB 6 104.07 59.62 -60.96
N VAL LB 7 104.54 60.84 -60.67
CA VAL LB 7 105.89 61.04 -60.15
C VAL LB 7 105.78 61.78 -58.81
N LEU LB 8 104.77 61.42 -58.00
CA LEU LB 8 104.61 61.98 -56.67
C LEU LB 8 105.94 62.18 -55.98
N THR LB 9 106.19 63.40 -55.51
CA THR LB 9 107.47 63.78 -54.96
C THR LB 9 107.26 64.70 -53.77
N ASP LB 10 108.35 64.99 -53.07
CA ASP LB 10 108.34 65.94 -51.96
C ASP LB 10 109.60 66.81 -51.99
N GLY LB 11 110.19 66.96 -53.17
CA GLY LB 11 111.35 67.81 -53.33
C GLY LB 11 112.67 67.07 -53.35
N THR LB 12 112.76 65.98 -52.62
CA THR LB 12 114.03 65.25 -52.51
C THR LB 12 113.93 63.78 -52.91
N THR LB 13 112.81 63.11 -52.62
CA THR LB 13 112.68 61.68 -52.90
C THR LB 13 111.42 61.43 -53.72
N PRO LB 14 111.50 61.54 -55.04
CA PRO LB 14 110.35 61.25 -55.88
C PRO LB 14 109.97 59.78 -55.83
N VAL LB 15 108.69 59.52 -56.05
CA VAL LB 15 108.14 58.17 -56.07
C VAL LB 15 107.38 57.99 -57.36
N THR LB 16 107.77 57.01 -58.16
CA THR LB 16 107.08 56.71 -59.40
C THR LB 16 106.02 55.65 -59.14
N LEU LB 17 104.77 55.99 -59.38
CA LEU LB 17 103.66 55.08 -59.20
C LEU LB 17 103.11 54.66 -60.55
N THR LB 18 102.62 53.42 -60.62
CA THR LB 18 102.09 52.86 -61.85
C THR LB 18 100.70 52.30 -61.57
N PRO LB 19 99.80 52.33 -62.57
CA PRO LB 19 98.45 51.82 -62.35
C PRO LB 19 98.40 50.31 -62.37
N VAL LB 20 97.98 49.68 -61.28
CA VAL LB 20 98.01 48.24 -61.18
C VAL LB 20 96.64 47.68 -60.87
N GLY LB 21 95.60 48.42 -61.26
CA GLY LB 21 94.25 47.95 -61.04
C GLY LB 21 93.26 49.10 -61.12
N GLY LB 22 92.07 48.84 -60.58
CA GLY LB 22 91.04 49.85 -60.56
C GLY LB 22 89.71 49.35 -61.11
N GLY LB 23 89.08 50.18 -61.93
CA GLY LB 23 87.79 49.81 -62.50
C GLY LB 23 87.18 50.98 -63.22
N VAL LB 24 85.87 51.11 -63.09
CA VAL LB 24 85.14 52.25 -63.63
C VAL LB 24 84.99 53.28 -62.51
N GLY LB 25 85.50 54.49 -62.75
CA GLY LB 25 85.52 55.51 -61.72
C GLY LB 25 86.43 55.16 -60.57
N GLN LB 26 87.60 54.61 -60.87
CA GLN LB 26 88.56 54.19 -59.87
C GLN LB 26 89.86 53.81 -60.57
N THR LB 27 90.99 54.11 -59.93
CA THR LB 27 92.28 53.79 -60.52
C THR LB 27 93.30 53.65 -59.39
N LEU LB 28 93.62 52.41 -59.04
CA LEU LB 28 94.67 52.17 -58.05
C LEU LB 28 96.04 52.47 -58.63
N TYR LB 29 96.97 52.83 -57.76
CA TYR LB 29 98.36 53.03 -58.14
C TYR LB 29 99.23 52.33 -57.11
N ARG LB 30 100.46 52.01 -57.51
CA ARG LB 30 101.42 51.47 -56.56
C ARG LB 30 102.82 51.81 -57.03
N ALA LB 31 103.71 52.06 -56.09
CA ALA LB 31 105.10 52.34 -56.43
C ALA LB 31 105.74 51.09 -57.00
N THR LB 32 106.64 51.29 -57.96
CA THR LB 32 107.22 50.16 -58.69
C THR LB 32 107.90 49.18 -57.74
N ALA LB 33 108.95 49.63 -57.06
CA ALA LB 33 109.59 48.84 -56.01
C ALA LB 33 110.45 49.76 -55.18
N GLU LB 34 110.13 49.91 -53.90
CA GLU LB 34 111.03 50.64 -53.01
C GLU LB 34 112.11 49.70 -52.47
N ALA LB 35 111.73 48.74 -51.64
CA ALA LB 35 112.63 47.67 -51.21
C ALA LB 35 111.98 46.31 -51.10
N LEU LB 36 110.66 46.22 -51.05
CA LEU LB 36 109.91 44.97 -50.89
C LEU LB 36 108.44 45.30 -51.12
N SER LB 37 107.58 44.32 -50.93
CA SER LB 37 106.15 44.56 -50.95
C SER LB 37 105.67 44.96 -49.57
N ALA LB 38 104.52 45.63 -49.53
CA ALA LB 38 103.90 46.23 -48.35
C ALA LB 38 104.68 47.42 -47.83
N ALA LB 39 105.83 47.74 -48.42
CA ALA LB 39 106.60 48.94 -48.10
C ALA LB 39 106.58 49.89 -49.30
N ASN LB 40 105.49 49.87 -50.05
CA ASN LB 40 105.34 50.67 -51.25
C ASN LB 40 104.10 51.55 -51.14
N PRO LB 41 104.21 52.85 -51.38
CA PRO LB 41 103.04 53.73 -51.27
C PRO LB 41 102.02 53.45 -52.37
N SER LB 42 100.78 53.82 -52.08
CA SER LB 42 99.70 53.66 -53.04
C SER LB 42 98.88 54.95 -53.10
N LEU LB 43 98.23 55.18 -54.23
CA LEU LB 43 97.54 56.44 -54.52
C LEU LB 43 96.15 56.16 -55.11
N SER LB 44 95.34 55.40 -54.37
CA SER LB 44 93.99 55.10 -54.83
C SER LB 44 93.24 56.37 -55.21
N PHE LB 45 92.59 56.34 -56.38
CA PHE LB 45 91.96 57.54 -56.92
C PHE LB 45 90.63 57.17 -57.55
N GLY LB 46 89.53 57.67 -56.98
CA GLY LB 46 88.21 57.44 -57.52
C GLY LB 46 87.55 58.73 -57.97
N TYR LB 47 86.46 58.57 -58.72
CA TYR LB 47 85.72 59.69 -59.27
C TYR LB 47 84.36 59.20 -59.72
N ARG LB 48 83.33 60.01 -59.49
CA ARG LB 48 81.98 59.63 -59.85
C ARG LB 48 81.12 60.88 -59.94
N PHE LB 49 79.98 60.75 -60.59
CA PHE LB 49 78.98 61.80 -60.70
C PHE LB 49 77.70 61.31 -60.06
N THR LB 50 77.15 62.12 -59.15
CA THR LB 50 75.85 61.81 -58.56
C THR LB 50 74.74 62.25 -59.50
N ASP LB 51 73.51 62.36 -58.97
CA ASP LB 51 72.37 62.81 -59.75
C ASP LB 51 72.69 64.02 -60.61
N GLY LB 52 73.23 65.08 -60.00
CA GLY LB 52 73.67 66.24 -60.72
C GLY LB 52 75.10 66.09 -61.18
N GLY LB 53 75.67 67.18 -61.69
CA GLY LB 53 77.04 67.16 -62.16
C GLY LB 53 78.05 67.33 -61.04
N THR LB 54 77.71 66.84 -59.85
CA THR LB 54 78.58 66.96 -58.69
C THR LB 54 79.79 66.05 -58.88
N ASN LB 55 80.91 66.66 -59.26
CA ASN LB 55 82.12 65.92 -59.59
C ASN LB 55 82.79 65.40 -58.33
N ARG LB 56 82.23 64.32 -57.75
CA ARG LB 56 82.69 63.81 -56.46
C ARG LB 56 83.94 62.96 -56.64
N GLN LB 57 85.07 63.63 -56.85
CA GLN LB 57 86.35 62.94 -56.90
C GLN LB 57 86.81 62.59 -55.49
N SER LB 58 87.72 61.63 -55.41
CA SER LB 58 88.23 61.17 -54.12
C SER LB 58 89.63 60.62 -54.30
N LEU LB 59 90.46 60.80 -53.28
CA LEU LB 59 91.83 60.31 -53.30
C LEU LB 59 92.16 59.66 -51.98
N SER LB 60 93.19 58.83 -51.99
CA SER LB 60 93.69 58.20 -50.77
C SER LB 60 95.12 57.77 -51.02
N TYR LB 61 96.07 58.45 -50.38
CA TYR LB 61 97.48 58.14 -50.48
C TYR LB 61 97.91 57.48 -49.19
N LYS LB 62 98.47 56.27 -49.30
CA LYS LB 62 98.90 55.50 -48.14
C LYS LB 62 100.38 55.21 -48.27
N GLN LB 63 101.16 55.68 -47.30
CA GLN LB 63 102.60 55.44 -47.27
C GLN LB 63 102.93 54.61 -46.04
N PRO LB 64 103.46 53.40 -46.20
CA PRO LB 64 103.70 52.55 -45.03
C PRO LB 64 105.04 52.84 -44.37
N ILE LB 65 105.05 52.67 -43.05
CA ILE LB 65 106.19 53.01 -42.20
C ILE LB 65 106.96 51.73 -41.93
N THR LB 66 108.15 51.62 -42.50
CA THR LB 66 108.96 50.41 -42.41
C THR LB 66 110.12 50.62 -41.46
N ALA LB 67 110.52 49.54 -40.79
CA ALA LB 67 111.58 49.59 -39.80
C ALA LB 67 112.25 48.23 -39.70
N VAL LB 68 113.54 48.24 -39.41
CA VAL LB 68 114.32 47.00 -39.32
C VAL LB 68 113.93 46.24 -38.05
N ASP LB 69 114.14 44.91 -38.10
CA ASP LB 69 113.79 44.00 -37.02
C ASP LB 69 115.02 43.19 -36.63
N SER LB 70 116.11 43.90 -36.31
CA SER LB 70 117.47 43.36 -36.14
C SER LB 70 117.53 42.01 -35.45
N THR LB 71 116.61 41.73 -34.52
CA THR LB 71 116.53 40.38 -33.96
C THR LB 71 116.35 39.33 -35.05
N THR LB 72 115.70 39.69 -36.16
CA THR LB 72 115.60 38.84 -37.33
C THR LB 72 116.12 39.50 -38.60
N SER LB 73 116.32 40.82 -38.59
CA SER LB 73 116.84 41.59 -39.72
C SER LB 73 115.89 41.57 -40.93
N GLU LB 74 114.59 41.46 -40.67
CA GLU LB 74 113.58 41.52 -41.72
C GLU LB 74 112.82 42.83 -41.62
N THR LB 75 112.71 43.54 -42.75
CA THR LB 75 112.19 44.91 -42.77
C THR LB 75 110.67 44.89 -42.62
N LEU LB 76 110.23 44.66 -41.39
CA LEU LB 76 108.80 44.65 -41.09
C LEU LB 76 108.20 46.04 -41.21
N VAL LB 77 106.91 46.10 -41.50
CA VAL LB 77 106.16 47.35 -41.60
C VAL LB 77 105.26 47.48 -40.38
N ARG LB 78 105.29 48.65 -39.74
CA ARG LB 78 104.56 48.89 -38.51
C ARG LB 78 103.14 49.38 -38.76
N GLY LB 79 103.01 50.52 -39.44
CA GLY LB 79 101.71 51.09 -39.76
C GLY LB 79 101.76 51.87 -41.07
N GLN LB 80 100.84 52.80 -41.26
CA GLN LB 80 100.82 53.58 -42.49
C GLN LB 80 100.29 54.98 -42.22
N CYS LB 81 100.75 55.94 -43.01
CA CYS LB 81 100.24 57.30 -43.01
C CYS LB 81 99.24 57.43 -44.15
N VAL LB 82 98.05 57.94 -43.84
CA VAL LB 82 96.93 57.98 -44.76
C VAL LB 82 96.53 59.43 -44.97
N VAL LB 83 96.42 59.84 -46.23
CA VAL LB 83 95.97 61.19 -46.57
C VAL LB 83 94.81 61.05 -47.56
N ASP LB 84 93.64 61.57 -47.19
CA ASP LB 84 92.46 61.51 -48.04
C ASP LB 84 92.10 62.92 -48.49
N ILE LB 85 92.14 63.15 -49.81
CA ILE LB 85 91.75 64.44 -50.35
C ILE LB 85 90.45 64.28 -51.14
N ASN LB 86 89.32 64.50 -50.49
CA ASN LB 86 88.04 64.45 -51.18
C ASN LB 86 87.72 65.80 -51.81
N ILE LB 87 87.11 65.75 -52.98
CA ILE LB 87 86.76 66.95 -53.72
C ILE LB 87 85.31 66.81 -54.20
N VAL LB 88 84.52 67.85 -53.99
CA VAL LB 88 83.14 67.89 -54.46
C VAL LB 88 82.91 69.23 -55.14
N ILE LB 89 82.58 69.21 -56.42
CA ILE LB 89 82.28 70.41 -57.19
C ILE LB 89 80.90 70.23 -57.79
N PRO LB 90 79.93 71.10 -57.50
CA PRO LB 90 78.57 70.92 -58.01
C PRO LB 90 78.48 71.25 -59.50
N ARG LB 91 77.33 70.92 -60.07
CA ARG LB 91 77.11 71.18 -61.49
C ARG LB 91 77.09 72.68 -61.79
N VAL LB 92 76.59 73.48 -60.86
CA VAL LB 92 76.40 74.91 -61.06
C VAL LB 92 77.73 75.65 -61.02
N ALA LB 93 78.82 74.92 -60.85
CA ALA LB 93 80.12 75.53 -60.65
C ALA LB 93 80.74 75.96 -61.97
N THR LB 94 81.14 77.22 -62.04
CA THR LB 94 81.88 77.71 -63.19
C THR LB 94 83.24 77.02 -63.25
N ALA LB 95 83.73 76.80 -64.48
CA ALA LB 95 85.02 76.14 -64.67
C ALA LB 95 86.18 76.89 -64.01
N THR LB 96 86.04 78.19 -63.76
CA THR LB 96 87.07 78.94 -63.05
C THR LB 96 86.94 78.84 -61.54
N ASP LB 97 85.75 78.57 -61.02
CA ASP LB 97 85.58 78.39 -59.59
C ASP LB 97 86.17 77.06 -59.13
N ARG LB 98 86.09 76.03 -59.98
CA ARG LB 98 86.66 74.73 -59.62
C ARG LB 98 88.16 74.82 -59.46
N ALA LB 99 88.85 75.45 -60.41
CA ALA LB 99 90.30 75.60 -60.31
C ALA LB 99 90.68 76.44 -59.10
N GLU LB 100 89.94 77.54 -58.87
CA GLU LB 100 90.18 78.38 -57.69
C GLU LB 100 90.09 77.55 -56.42
N ALA LB 101 89.01 76.81 -56.25
CA ALA LB 101 88.81 76.04 -55.03
C ALA LB 101 89.89 74.99 -54.86
N ILE LB 102 90.21 74.26 -55.93
CA ILE LB 102 91.17 73.16 -55.81
C ILE LB 102 92.54 73.71 -55.43
N LYS LB 103 93.03 74.72 -56.16
CA LYS LB 103 94.36 75.23 -55.88
C LYS LB 103 94.42 75.91 -54.52
N ARG LB 104 93.37 76.63 -54.13
CA ARG LB 104 93.38 77.27 -52.81
C ARG LB 104 93.43 76.23 -51.70
N ALA LB 105 92.60 75.19 -51.80
CA ALA LB 105 92.60 74.17 -50.75
C ALA LB 105 93.90 73.38 -50.73
N PHE LB 106 94.57 73.24 -51.86
CA PHE LB 106 95.87 72.58 -51.86
C PHE LB 106 96.99 73.50 -51.38
N ASP LB 107 96.76 74.81 -51.36
CA ASP LB 107 97.74 75.74 -50.80
C ASP LB 107 97.75 75.76 -49.28
N VAL LB 108 96.95 74.92 -48.63
CA VAL LB 108 96.88 74.92 -47.17
C VAL LB 108 98.25 74.59 -46.58
N LEU LB 109 98.91 73.55 -47.10
CA LEU LB 109 100.19 73.13 -46.55
C LEU LB 109 101.21 74.25 -46.61
N ASN LB 110 101.19 75.06 -47.66
CA ASN LB 110 102.04 76.24 -47.68
C ASN LB 110 101.58 77.27 -46.65
N ALA LB 111 100.27 77.42 -46.48
CA ALA LB 111 99.76 78.41 -45.51
C ALA LB 111 99.78 77.88 -44.09
N LEU LB 112 99.02 76.82 -43.83
CA LEU LB 112 98.88 76.25 -42.49
C LEU LB 112 99.88 75.10 -42.31
N ASN LB 113 101.16 75.48 -42.29
CA ASN LB 113 102.23 74.48 -42.44
C ASN LB 113 102.48 73.73 -41.14
N ALA LB 114 102.88 74.44 -40.09
CA ALA LB 114 103.48 73.80 -38.92
C ALA LB 114 102.54 72.82 -38.22
N GLU LB 115 101.23 72.99 -38.34
CA GLU LB 115 100.30 72.10 -37.66
C GLU LB 115 100.04 70.81 -38.42
N LEU LB 116 100.45 70.74 -39.69
CA LEU LB 116 100.31 69.53 -40.50
C LEU LB 116 101.60 68.72 -40.53
N ILE LB 117 102.71 69.37 -40.88
CA ILE LB 117 104.00 68.67 -41.00
C ILE LB 117 104.42 68.12 -39.65
N THR LB 118 104.38 68.95 -38.62
CA THR LB 118 104.96 68.60 -37.33
C THR LB 118 103.96 67.87 -36.42
N GLY LB 119 102.67 68.09 -36.62
CA GLY LB 119 101.66 67.43 -35.82
C GLY LB 119 101.29 68.13 -34.53
N GLU LB 120 101.87 69.28 -34.24
CA GLU LB 120 101.54 70.01 -33.02
C GLU LB 120 100.12 70.54 -33.09
N GLY LB 121 99.49 70.61 -31.92
CA GLY LB 121 98.13 71.10 -31.81
C GLY LB 121 98.13 72.56 -31.45
N GLN LB 122 97.50 73.37 -32.30
CA GLN LB 122 97.48 74.81 -32.09
C GLN LB 122 96.62 75.15 -30.86
N TRP LB 123 97.06 76.20 -30.16
CA TRP LB 123 96.40 76.61 -28.93
C TRP LB 123 95.67 77.93 -29.11
N ALA MB 1 107.25 50.33 -69.16
CA ALA MB 1 106.29 49.23 -69.05
C ALA MB 1 104.97 49.58 -69.71
N ALA MB 2 105.03 50.39 -70.75
CA ALA MB 2 103.86 50.71 -71.55
C ALA MB 2 103.57 49.56 -72.53
N ARG MB 3 102.34 49.55 -73.04
CA ARG MB 3 101.93 48.49 -73.94
C ARG MB 3 102.51 48.71 -75.33
N SER MB 4 103.24 47.72 -75.83
CA SER MB 4 103.82 47.77 -77.16
C SER MB 4 103.96 46.35 -77.67
N SER MB 5 104.38 46.21 -78.92
CA SER MB 5 104.56 44.89 -79.52
C SER MB 5 105.71 44.16 -78.86
N ILE MB 6 105.52 42.85 -78.67
CA ILE MB 6 106.55 41.99 -78.09
C ILE MB 6 106.91 40.92 -79.10
N VAL MB 7 108.13 40.39 -78.97
CA VAL MB 7 108.76 39.62 -80.04
C VAL MB 7 109.11 38.22 -79.54
N LEU MB 8 108.21 37.62 -78.76
CA LEU MB 8 108.33 36.23 -78.32
C LEU MB 8 108.95 35.35 -79.41
N THR MB 9 109.98 34.60 -79.04
CA THR MB 9 110.69 33.77 -80.00
C THR MB 9 111.22 32.54 -79.31
N ASP MB 10 111.46 31.50 -80.11
CA ASP MB 10 112.03 30.24 -79.63
C ASP MB 10 113.48 30.07 -80.05
N GLY MB 11 114.02 30.98 -80.83
CA GLY MB 11 115.37 30.86 -81.34
C GLY MB 11 115.39 30.73 -82.84
N THR MB 12 114.40 30.03 -83.40
CA THR MB 12 114.34 29.81 -84.84
C THR MB 12 113.44 30.83 -85.54
N THR MB 13 112.17 30.90 -85.13
CA THR MB 13 111.19 31.77 -85.78
C THR MB 13 110.58 32.70 -84.75
N PRO MB 14 110.86 34.00 -84.81
CA PRO MB 14 110.20 34.94 -83.89
C PRO MB 14 108.78 35.25 -84.34
N VAL MB 15 107.92 35.44 -83.35
CA VAL MB 15 106.53 35.86 -83.59
C VAL MB 15 106.31 37.19 -82.87
N THR MB 16 105.75 38.16 -83.58
CA THR MB 16 105.55 39.50 -83.05
C THR MB 16 104.09 39.66 -82.65
N LEU MB 17 103.83 39.75 -81.35
CA LEU MB 17 102.49 39.94 -80.84
C LEU MB 17 102.24 41.42 -80.59
N THR MB 18 101.12 41.93 -81.08
CA THR MB 18 100.75 43.32 -80.84
C THR MB 18 99.53 43.37 -79.93
N PRO MB 19 99.38 44.41 -79.12
CA PRO MB 19 98.21 44.50 -78.23
C PRO MB 19 96.92 44.59 -79.02
N VAL MB 20 95.88 43.95 -78.51
CA VAL MB 20 94.56 44.01 -79.11
C VAL MB 20 93.51 44.32 -78.04
N GLY MB 21 93.94 44.91 -76.94
CA GLY MB 21 92.97 45.37 -75.96
C GLY MB 21 93.30 45.06 -74.52
N GLY MB 22 92.26 44.93 -73.70
CA GLY MB 22 92.42 44.50 -72.32
C GLY MB 22 91.97 45.50 -71.28
N GLY MB 23 92.32 46.77 -71.43
CA GLY MB 23 91.99 47.74 -70.42
C GLY MB 23 92.91 47.69 -69.22
N VAL MB 24 92.41 48.05 -68.04
CA VAL MB 24 93.21 48.09 -66.82
C VAL MB 24 93.14 46.72 -66.15
N GLY MB 25 94.26 46.26 -65.62
CA GLY MB 25 94.32 44.98 -64.98
C GLY MB 25 94.61 43.81 -65.89
N GLN MB 26 94.77 44.04 -67.18
CA GLN MB 26 95.11 42.96 -68.11
C GLN MB 26 95.57 43.57 -69.42
N THR MB 27 96.05 42.71 -70.31
CA THR MB 27 96.50 43.12 -71.64
C THR MB 27 96.47 41.90 -72.53
N LEU MB 28 95.73 41.99 -73.63
CA LEU MB 28 95.65 40.90 -74.59
C LEU MB 28 96.56 41.19 -75.77
N TYR MB 29 97.28 40.17 -76.22
CA TYR MB 29 98.16 40.30 -77.36
C TYR MB 29 97.69 39.36 -78.46
N ARG MB 30 98.18 39.60 -79.67
CA ARG MB 30 97.92 38.70 -80.79
C ARG MB 30 98.82 39.03 -81.96
N ALA MB 31 99.35 38.01 -82.63
CA ALA MB 31 100.17 38.20 -83.81
C ALA MB 31 99.28 38.48 -85.02
N THR MB 32 99.90 38.79 -86.16
CA THR MB 32 99.11 39.04 -87.36
C THR MB 32 98.71 37.74 -88.05
N ALA MB 33 99.69 37.03 -88.61
CA ALA MB 33 99.47 35.79 -89.36
C ALA MB 33 98.18 35.84 -90.16
N GLU MB 34 98.01 36.94 -90.88
CA GLU MB 34 96.72 37.30 -91.44
C GLU MB 34 96.21 36.24 -92.41
N ALA MB 35 94.89 36.12 -92.50
CA ALA MB 35 94.26 35.20 -93.45
C ALA MB 35 94.72 33.76 -93.18
N LEU MB 36 94.25 33.22 -92.06
CA LEU MB 36 93.12 33.64 -91.26
C LEU MB 36 93.53 34.45 -90.03
N SER MB 37 92.59 35.21 -89.47
CA SER MB 37 92.90 36.07 -88.32
C SER MB 37 92.77 35.35 -86.99
N ALA MB 38 92.09 34.22 -86.94
CA ALA MB 38 91.98 33.43 -85.71
C ALA MB 38 93.07 32.36 -85.61
N ALA MB 39 93.91 32.22 -86.62
CA ALA MB 39 94.98 31.24 -86.62
C ALA MB 39 96.33 31.90 -86.33
N ASN MB 40 96.45 32.48 -85.14
CA ASN MB 40 97.72 33.08 -84.72
C ASN MB 40 97.75 33.12 -83.20
N PRO MB 41 98.95 33.10 -82.61
CA PRO MB 41 99.06 32.99 -81.15
C PRO MB 41 98.60 34.24 -80.43
N SER MB 42 98.31 34.06 -79.14
CA SER MB 42 97.85 35.14 -78.27
C SER MB 42 98.47 34.97 -76.90
N LEU MB 43 98.54 36.08 -76.15
CA LEU MB 43 99.27 36.14 -74.88
C LEU MB 43 98.45 36.86 -73.80
N SER MB 44 97.24 36.38 -73.53
CA SER MB 44 96.41 37.02 -72.52
C SER MB 44 97.14 37.15 -71.20
N PHE MB 45 97.45 38.38 -70.80
CA PHE MB 45 98.28 38.65 -69.63
C PHE MB 45 97.51 39.56 -68.67
N GLY MB 46 97.23 39.07 -67.46
CA GLY MB 46 96.55 39.84 -66.46
C GLY MB 46 97.35 39.93 -65.16
N TYR MB 47 96.93 40.85 -64.30
CA TYR MB 47 97.63 41.11 -63.04
C TYR MB 47 96.71 41.91 -62.13
N ARG MB 48 96.88 41.74 -60.83
CA ARG MB 48 96.07 42.44 -59.86
C ARG MB 48 96.74 42.35 -58.49
N PHE MB 49 96.24 43.13 -57.55
CA PHE MB 49 96.68 43.10 -56.16
C PHE MB 49 95.47 42.89 -55.27
N THR MB 50 95.57 41.91 -54.37
CA THR MB 50 94.47 41.60 -53.46
C THR MB 50 94.49 42.54 -52.26
N ASP MB 51 93.76 42.17 -51.21
CA ASP MB 51 93.69 42.98 -49.99
C ASP MB 51 95.08 43.31 -49.47
N GLY MB 52 95.98 42.33 -49.47
CA GLY MB 52 97.35 42.58 -49.10
C GLY MB 52 98.17 43.10 -50.26
N GLY MB 53 99.44 42.74 -50.31
CA GLY MB 53 100.28 43.10 -51.43
C GLY MB 53 100.49 41.91 -52.33
N THR MB 54 99.61 40.92 -52.23
CA THR MB 54 99.75 39.67 -52.96
C THR MB 54 99.55 39.94 -54.44
N ASN MB 55 100.66 40.02 -55.16
CA ASN MB 55 100.65 40.27 -56.60
C ASN MB 55 100.33 38.97 -57.31
N ARG MB 56 99.17 38.91 -57.96
CA ARG MB 56 98.75 37.70 -58.68
C ARG MB 56 98.78 37.97 -60.18
N GLN MB 57 99.92 37.69 -60.79
CA GLN MB 57 100.04 37.81 -62.23
C GLN MB 57 99.63 36.49 -62.90
N SER MB 58 99.24 36.59 -64.16
CA SER MB 58 98.74 35.40 -64.86
C SER MB 58 98.90 35.55 -66.36
N LEU MB 59 99.58 34.60 -67.00
CA LEU MB 59 99.77 34.62 -68.44
C LEU MB 59 99.14 33.39 -69.05
N SER MB 60 98.61 33.55 -70.25
CA SER MB 60 98.04 32.42 -70.97
C SER MB 60 98.41 32.60 -72.43
N TYR MB 61 99.31 31.76 -72.92
CA TYR MB 61 99.80 31.81 -74.29
C TYR MB 61 99.15 30.68 -75.06
N LYS MB 62 98.40 31.01 -76.09
CA LYS MB 62 97.72 30.02 -76.92
C LYS MB 62 98.27 30.10 -78.34
N GLN MB 63 98.70 28.97 -78.87
CA GLN MB 63 99.18 28.90 -80.24
C GLN MB 63 98.33 27.88 -81.00
N PRO MB 64 97.56 28.29 -82.00
CA PRO MB 64 96.73 27.35 -82.74
C PRO MB 64 97.54 26.62 -83.80
N ILE MB 65 97.09 25.41 -84.11
CA ILE MB 65 97.76 24.53 -85.06
C ILE MB 65 97.03 24.67 -86.40
N THR MB 66 97.73 25.19 -87.39
CA THR MB 66 97.15 25.50 -88.69
C THR MB 66 97.39 24.34 -89.66
N ALA MB 67 96.64 24.36 -90.75
CA ALA MB 67 96.77 23.36 -91.80
C ALA MB 67 96.22 23.95 -93.08
N VAL MB 68 97.10 24.29 -94.02
CA VAL MB 68 96.68 24.93 -95.27
C VAL MB 68 96.07 23.87 -96.17
N ASP MB 69 94.75 23.93 -96.36
CA ASP MB 69 94.03 22.96 -97.18
C ASP MB 69 94.26 23.31 -98.63
N SER MB 70 95.20 22.61 -99.29
CA SER MB 70 95.56 22.93 -100.66
C SER MB 70 94.42 22.75 -101.64
N THR MB 71 93.44 21.90 -101.31
CA THR MB 71 92.30 21.70 -102.20
C THR MB 71 91.48 22.98 -102.33
N THR MB 72 91.12 23.59 -101.21
CA THR MB 72 90.30 24.79 -101.18
C THR MB 72 91.13 26.06 -101.03
N SER MB 73 92.37 25.94 -100.53
CA SER MB 73 93.27 27.06 -100.26
C SER MB 73 92.70 27.95 -99.15
N GLU MB 74 92.40 27.31 -98.03
CA GLU MB 74 91.97 28.01 -96.83
C GLU MB 74 92.69 27.42 -95.63
N THR MB 75 92.94 28.26 -94.63
CA THR MB 75 93.64 27.82 -93.43
C THR MB 75 92.63 27.28 -92.42
N LEU MB 76 92.86 26.05 -91.96
CA LEU MB 76 91.99 25.41 -90.99
C LEU MB 76 92.70 25.33 -89.65
N VAL MB 77 91.93 25.40 -88.57
CA VAL MB 77 92.47 25.37 -87.22
C VAL MB 77 92.07 24.05 -86.58
N ARG MB 78 93.07 23.25 -86.22
CA ARG MB 78 92.85 21.90 -85.70
C ARG MB 78 92.82 21.84 -84.18
N GLY MB 79 93.45 22.80 -83.52
CA GLY MB 79 93.51 22.80 -82.07
C GLY MB 79 94.44 23.90 -81.63
N GLN MB 80 94.74 23.92 -80.33
CA GLN MB 80 95.67 24.92 -79.83
C GLN MB 80 96.46 24.39 -78.65
N CYS MB 81 97.76 24.69 -78.65
CA CYS MB 81 98.60 24.44 -77.49
C CYS MB 81 98.48 25.62 -76.54
N VAL MB 82 98.14 25.32 -75.29
CA VAL MB 82 97.88 26.34 -74.28
C VAL MB 82 98.91 26.21 -73.18
N VAL MB 83 99.54 27.32 -72.81
CA VAL MB 83 100.49 27.35 -71.70
C VAL MB 83 100.04 28.42 -70.73
N ASP MB 84 99.70 28.02 -69.51
CA ASP MB 84 99.29 28.94 -68.45
C ASP MB 84 100.42 29.08 -67.45
N ILE MB 85 100.64 30.31 -66.99
CA ILE MB 85 101.70 30.61 -66.04
C ILE MB 85 101.09 31.55 -64.99
N ASN MB 86 100.73 31.00 -63.84
CA ASN MB 86 100.25 31.83 -62.75
C ASN MB 86 101.39 32.12 -61.78
N ILE MB 87 101.45 33.36 -61.32
CA ILE MB 87 102.50 33.81 -60.42
C ILE MB 87 101.84 34.48 -59.23
N VAL MB 88 102.07 33.95 -58.03
CA VAL MB 88 101.56 34.54 -56.80
C VAL MB 88 102.74 34.99 -55.97
N ILE MB 89 102.76 36.27 -55.61
CA ILE MB 89 103.85 36.80 -54.80
C ILE MB 89 103.25 37.39 -53.53
N PRO MB 90 103.60 36.89 -52.34
CA PRO MB 90 102.94 37.35 -51.13
C PRO MB 90 103.32 38.76 -50.73
N ARG MB 91 102.65 39.27 -49.71
CA ARG MB 91 102.87 40.63 -49.24
C ARG MB 91 104.28 40.82 -48.66
N VAL MB 92 104.91 39.75 -48.20
CA VAL MB 92 106.15 39.84 -47.43
C VAL MB 92 107.38 39.56 -48.28
N ALA MB 93 107.24 39.53 -49.60
CA ALA MB 93 108.32 39.08 -50.47
C ALA MB 93 109.23 40.25 -50.83
N THR MB 94 110.53 40.07 -50.63
CA THR MB 94 111.51 41.08 -50.99
C THR MB 94 111.59 41.22 -52.50
N ALA MB 95 112.15 42.36 -52.94
CA ALA MB 95 112.25 42.65 -54.36
C ALA MB 95 113.25 41.77 -55.09
N THR MB 96 114.19 41.15 -54.39
CA THR MB 96 115.12 40.22 -55.02
C THR MB 96 114.67 38.77 -54.95
N ASP MB 97 113.88 38.43 -53.93
CA ASP MB 97 113.28 37.10 -53.88
C ASP MB 97 112.29 36.89 -55.02
N ARG MB 98 111.60 37.96 -55.43
CA ARG MB 98 110.75 37.88 -56.61
C ARG MB 98 111.55 37.47 -57.84
N ALA MB 99 112.66 38.16 -58.09
CA ALA MB 99 113.48 37.83 -59.25
C ALA MB 99 114.03 36.41 -59.15
N GLU MB 100 114.49 36.03 -57.95
CA GLU MB 100 115.00 34.67 -57.76
C GLU MB 100 113.93 33.64 -58.11
N ALA MB 101 112.74 33.78 -57.52
CA ALA MB 101 111.68 32.79 -57.72
C ALA MB 101 111.27 32.73 -59.18
N ILE MB 102 111.06 33.89 -59.80
CA ILE MB 102 110.57 33.91 -61.18
C ILE MB 102 111.61 33.33 -62.13
N LYS MB 103 112.85 33.79 -62.03
CA LYS MB 103 113.87 33.30 -62.96
C LYS MB 103 114.23 31.85 -62.70
N ARG MB 104 113.98 31.35 -61.49
CA ARG MB 104 114.19 29.93 -61.24
C ARG MB 104 113.05 29.09 -61.80
N ALA MB 105 111.81 29.54 -61.64
CA ALA MB 105 110.67 28.80 -62.18
C ALA MB 105 110.73 28.75 -63.70
N PHE MB 106 111.07 29.87 -64.33
CA PHE MB 106 111.19 29.89 -65.78
C PHE MB 106 112.45 29.19 -66.28
N ASP MB 107 113.33 28.77 -65.38
CA ASP MB 107 114.52 28.00 -65.75
C ASP MB 107 114.23 26.51 -65.79
N VAL MB 108 112.99 26.08 -65.54
CA VAL MB 108 112.67 24.67 -65.59
C VAL MB 108 112.90 24.11 -66.98
N LEU MB 109 112.55 24.88 -68.01
CA LEU MB 109 112.72 24.42 -69.39
C LEU MB 109 114.16 24.02 -69.67
N ASN MB 110 115.13 24.64 -69.01
CA ASN MB 110 116.52 24.24 -69.16
C ASN MB 110 116.88 23.07 -68.27
N ALA MB 111 116.12 22.84 -67.18
CA ALA MB 111 116.39 21.71 -66.31
C ALA MB 111 115.56 20.49 -66.71
N LEU MB 112 114.25 20.65 -66.76
CA LEU MB 112 113.34 19.56 -67.11
C LEU MB 112 113.00 19.62 -68.60
N ASN MB 113 114.06 19.61 -69.42
CA ASN MB 113 113.93 19.94 -70.83
C ASN MB 113 113.24 18.82 -71.61
N ALA MB 114 113.76 17.59 -71.50
CA ALA MB 114 113.24 16.50 -72.31
C ALA MB 114 111.80 16.17 -71.97
N GLU MB 115 111.38 16.41 -70.73
CA GLU MB 115 110.00 16.12 -70.35
C GLU MB 115 109.01 17.14 -70.86
N LEU MB 116 109.48 18.25 -71.44
CA LEU MB 116 108.59 19.30 -71.91
C LEU MB 116 108.69 19.50 -73.42
N ILE MB 117 109.91 19.55 -73.97
CA ILE MB 117 110.06 19.82 -75.39
C ILE MB 117 109.58 18.62 -76.22
N THR MB 118 109.92 17.41 -75.81
CA THR MB 118 109.55 16.21 -76.55
C THR MB 118 108.29 15.54 -76.02
N GLY MB 119 107.96 15.74 -74.75
CA GLY MB 119 106.76 15.18 -74.18
C GLY MB 119 106.93 13.88 -73.43
N GLU MB 120 108.16 13.45 -73.17
CA GLU MB 120 108.40 12.20 -72.48
C GLU MB 120 107.89 12.27 -71.04
N GLY MB 121 107.99 11.15 -70.36
CA GLY MB 121 107.82 11.12 -68.92
C GLY MB 121 109.02 10.46 -68.30
N GLN MB 122 109.47 10.99 -67.18
CA GLN MB 122 110.66 10.46 -66.54
C GLN MB 122 110.37 9.11 -65.90
N TRP MB 123 111.28 8.17 -66.11
CA TRP MB 123 111.07 6.81 -65.66
C TRP MB 123 111.89 6.46 -64.42
N ALA NB 1 114.79 11.88 -69.25
CA ALA NB 1 115.54 10.79 -68.66
C ALA NB 1 114.94 10.41 -67.31
N ALA NB 2 115.68 9.61 -66.55
CA ALA NB 2 115.20 9.14 -65.26
C ALA NB 2 115.17 10.28 -64.25
N ARG NB 3 114.44 10.08 -63.17
CA ARG NB 3 114.39 11.07 -62.09
C ARG NB 3 115.79 11.30 -61.55
N SER NB 4 116.30 12.52 -61.69
CA SER NB 4 117.65 12.83 -61.21
C SER NB 4 117.64 14.14 -60.46
N SER NB 5 118.82 14.68 -60.17
CA SER NB 5 118.95 15.95 -59.49
C SER NB 5 119.01 17.09 -60.51
N ILE NB 6 118.11 18.06 -60.37
CA ILE NB 6 118.04 19.19 -61.27
C ILE NB 6 118.69 20.40 -60.59
N VAL NB 7 119.15 21.35 -61.41
CA VAL NB 7 120.01 22.44 -60.96
C VAL NB 7 119.34 23.78 -61.22
N LEU NB 8 118.03 23.86 -61.00
CA LEU NB 8 117.25 25.09 -61.15
C LEU NB 8 118.02 26.30 -60.63
N THR NB 9 118.27 27.26 -61.51
CA THR NB 9 119.11 28.41 -61.19
C THR NB 9 118.47 29.68 -61.75
N ASP NB 10 119.17 30.79 -61.58
CA ASP NB 10 118.72 32.06 -62.16
C ASP NB 10 119.86 32.86 -62.75
N GLY NB 11 121.06 32.28 -62.89
CA GLY NB 11 122.23 32.97 -63.39
C GLY NB 11 123.23 33.32 -62.31
N THR NB 12 122.77 33.49 -61.07
CA THR NB 12 123.65 33.84 -59.95
C THR NB 12 123.65 32.78 -58.86
N THR NB 13 122.49 32.38 -58.37
CA THR NB 13 122.39 31.50 -57.21
C THR NB 13 121.68 30.20 -57.59
N PRO NB 14 122.41 29.14 -57.93
CA PRO NB 14 121.77 27.87 -58.27
C PRO NB 14 121.23 27.16 -57.04
N VAL NB 15 120.26 26.29 -57.28
CA VAL NB 15 119.67 25.43 -56.27
C VAL NB 15 119.53 24.03 -56.85
N THR NB 16 120.01 23.03 -56.12
CA THR NB 16 119.94 21.65 -56.57
C THR NB 16 118.77 20.95 -55.88
N LEU NB 17 117.92 20.31 -56.68
CA LEU NB 17 116.71 19.66 -56.19
C LEU NB 17 116.76 18.17 -56.51
N THR NB 18 116.47 17.34 -55.51
CA THR NB 18 116.47 15.90 -55.70
C THR NB 18 115.08 15.32 -55.39
N PRO NB 19 114.64 14.31 -56.14
CA PRO NB 19 113.26 13.83 -55.99
C PRO NB 19 112.99 13.33 -54.57
N VAL NB 20 111.78 13.62 -54.09
CA VAL NB 20 111.43 13.39 -52.69
C VAL NB 20 110.13 12.57 -52.66
N GLY NB 21 109.79 11.99 -53.78
CA GLY NB 21 108.64 11.12 -53.79
C GLY NB 21 107.85 11.25 -55.09
N GLY NB 22 106.55 11.11 -54.98
CA GLY NB 22 105.68 11.18 -56.14
C GLY NB 22 105.03 9.85 -56.49
N GLY NB 23 105.11 9.47 -57.76
CA GLY NB 23 104.50 8.24 -58.23
C GLY NB 23 104.63 8.08 -59.73
N VAL NB 24 103.55 7.70 -60.39
CA VAL NB 24 103.50 7.64 -61.85
C VAL NB 24 102.84 8.91 -62.37
N GLY NB 25 103.51 9.60 -63.29
CA GLY NB 25 103.04 10.89 -63.72
C GLY NB 25 102.99 11.87 -62.57
N GLN NB 26 104.02 11.87 -61.74
CA GLN NB 26 104.14 12.78 -60.61
C GLN NB 26 105.56 12.68 -60.07
N THR NB 27 106.15 13.82 -59.72
CA THR NB 27 107.54 13.84 -59.28
C THR NB 27 107.75 15.08 -58.41
N LEU NB 28 107.91 14.86 -57.10
CA LEU NB 28 108.23 15.96 -56.21
C LEU NB 28 109.72 16.29 -56.31
N TYR NB 29 110.08 17.42 -55.71
CA TYR NB 29 111.48 17.83 -55.63
C TYR NB 29 111.65 18.64 -54.36
N ARG NB 30 112.90 18.82 -53.95
CA ARG NB 30 113.25 19.69 -52.84
C ARG NB 30 114.77 19.80 -52.80
N ALA NB 31 115.26 20.83 -52.10
CA ALA NB 31 116.68 21.09 -51.97
C ALA NB 31 117.22 20.53 -50.66
N THR NB 32 118.47 20.86 -50.34
CA THR NB 32 119.20 20.21 -49.25
C THR NB 32 119.00 20.88 -47.90
N ALA NB 33 118.79 22.20 -47.86
CA ALA NB 33 118.68 22.90 -46.58
C ALA NB 33 117.47 22.42 -45.79
N GLU NB 34 117.53 22.56 -44.47
CA GLU NB 34 116.55 21.96 -43.56
C GLU NB 34 115.90 23.03 -42.71
N ALA NB 35 114.57 22.99 -42.64
CA ALA NB 35 113.81 23.94 -41.83
C ALA NB 35 112.57 23.22 -41.30
N LEU NB 36 111.78 23.93 -40.50
CA LEU NB 36 110.68 23.31 -39.75
C LEU NB 36 109.36 23.36 -40.51
N SER NB 37 108.89 24.55 -40.90
CA SER NB 37 107.60 24.69 -41.55
C SER NB 37 107.72 24.55 -43.07
N ALA NB 38 108.51 25.42 -43.70
CA ALA NB 38 108.76 25.37 -45.13
C ALA NB 38 110.24 25.18 -45.34
N ALA NB 39 110.63 24.04 -45.89
CA ALA NB 39 112.04 23.70 -45.97
C ALA NB 39 112.71 24.42 -47.12
N ASN NB 40 112.30 24.11 -48.35
CA ASN NB 40 113.04 24.54 -49.53
C ASN NB 40 112.10 24.74 -50.70
N PRO NB 41 112.60 25.21 -51.85
CA PRO NB 41 111.78 25.16 -53.07
C PRO NB 41 111.36 23.74 -53.39
N SER NB 42 110.12 23.59 -53.85
CA SER NB 42 109.52 22.27 -54.08
C SER NB 42 108.82 22.27 -55.43
N LEU NB 43 109.50 21.76 -56.46
CA LEU NB 43 109.02 21.76 -57.83
C LEU NB 43 108.25 20.47 -58.09
N SER NB 44 106.92 20.54 -58.00
CA SER NB 44 106.10 19.38 -58.33
C SER NB 44 105.80 19.35 -59.83
N PHE NB 45 105.79 18.15 -60.40
CA PHE NB 45 105.67 17.94 -61.84
C PHE NB 45 104.65 16.83 -62.07
N GLY NB 46 103.50 17.18 -62.66
CA GLY NB 46 102.37 16.27 -62.68
C GLY NB 46 101.82 15.83 -64.03
N TYR NB 47 102.71 15.46 -64.96
CA TYR NB 47 102.27 15.13 -66.31
C TYR NB 47 101.33 13.94 -66.33
N ARG NB 48 100.50 13.88 -67.37
CA ARG NB 48 99.55 12.80 -67.58
C ARG NB 48 99.06 12.87 -69.03
N PHE NB 49 98.17 11.95 -69.39
CA PHE NB 49 97.51 11.93 -70.69
C PHE NB 49 96.01 11.90 -70.48
N THR NB 50 95.26 11.88 -71.59
CA THR NB 50 93.82 12.05 -71.53
C THR NB 50 93.21 11.18 -72.64
N ASP NB 51 91.96 11.45 -72.99
CA ASP NB 51 91.25 10.66 -74.01
C ASP NB 51 92.02 10.63 -75.32
N GLY NB 52 92.46 11.80 -75.79
CA GLY NB 52 93.33 11.88 -76.94
C GLY NB 52 94.78 11.86 -76.53
N GLY NB 53 95.62 12.45 -77.37
CA GLY NB 53 97.01 12.62 -77.02
C GLY NB 53 97.20 13.88 -76.22
N THR NB 54 96.16 14.29 -75.49
CA THR NB 54 96.17 15.57 -74.79
C THR NB 54 97.12 15.52 -73.60
N ASN NB 55 98.38 15.85 -73.86
CA ASN NB 55 99.42 15.79 -72.83
C ASN NB 55 99.23 16.96 -71.87
N ARG NB 56 98.58 16.70 -70.74
CA ARG NB 56 98.26 17.74 -69.77
C ARG NB 56 99.34 17.82 -68.70
N GLN NB 57 100.52 18.30 -69.10
CA GLN NB 57 101.58 18.51 -68.13
C GLN NB 57 101.20 19.63 -67.17
N SER NB 58 101.84 19.63 -66.01
CA SER NB 58 101.52 20.59 -64.97
C SER NB 58 102.69 20.69 -64.01
N LEU NB 59 103.02 21.91 -63.62
CA LEU NB 59 104.15 22.18 -62.76
C LEU NB 59 103.72 23.09 -61.63
N SER NB 60 104.55 23.13 -60.58
CA SER NB 60 104.34 24.09 -59.50
C SER NB 60 105.64 24.27 -58.73
N TYR NB 61 106.22 25.46 -58.78
CA TYR NB 61 107.50 25.74 -58.14
C TYR NB 61 107.26 26.71 -56.99
N LYS NB 62 107.41 26.24 -55.76
CA LYS NB 62 107.24 27.07 -54.59
C LYS NB 62 108.61 27.34 -53.98
N GLN NB 63 108.91 28.61 -53.74
CA GLN NB 63 110.13 29.02 -53.06
C GLN NB 63 109.75 29.73 -51.78
N PRO NB 64 110.07 29.20 -50.60
CA PRO NB 64 109.64 29.83 -49.37
C PRO NB 64 110.41 31.11 -49.07
N ILE NB 65 109.65 32.15 -48.73
CA ILE NB 65 110.20 33.42 -48.27
C ILE NB 65 110.54 33.23 -46.81
N THR NB 66 111.84 33.28 -46.49
CA THR NB 66 112.34 33.00 -45.16
C THR NB 66 113.43 33.98 -44.80
N ALA NB 67 113.59 34.20 -43.49
CA ALA NB 67 114.69 34.99 -42.94
C ALA NB 67 115.19 34.29 -41.68
N VAL NB 68 116.50 34.20 -41.55
CA VAL NB 68 117.10 33.43 -40.45
C VAL NB 68 116.97 34.21 -39.15
N ASP NB 69 116.51 33.54 -38.10
CA ASP NB 69 116.42 34.15 -36.79
C ASP NB 69 117.80 34.21 -36.13
N SER NB 70 117.90 35.01 -35.08
CA SER NB 70 119.11 35.07 -34.29
C SER NB 70 119.01 34.12 -33.10
N THR NB 71 120.12 33.46 -32.80
CA THR NB 71 120.31 32.53 -31.69
C THR NB 71 119.53 31.24 -31.83
N THR NB 72 118.71 31.09 -32.89
CA THR NB 72 117.95 29.88 -33.12
C THR NB 72 118.17 29.39 -34.54
N SER NB 73 118.36 28.09 -34.69
CA SER NB 73 118.62 27.48 -35.99
C SER NB 73 117.34 26.95 -36.65
N GLU NB 74 116.36 27.84 -36.82
CA GLU NB 74 115.09 27.45 -37.41
C GLU NB 74 114.70 28.28 -38.63
N THR NB 75 115.49 29.30 -38.97
CA THR NB 75 115.36 30.09 -40.20
C THR NB 75 113.90 30.37 -40.56
N LEU NB 76 113.21 31.12 -39.69
CA LEU NB 76 111.78 31.40 -39.81
C LEU NB 76 111.38 31.73 -41.24
N VAL NB 77 110.34 31.05 -41.72
CA VAL NB 77 109.81 31.25 -43.06
C VAL NB 77 108.61 32.19 -42.97
N ARG NB 78 108.50 33.10 -43.94
CA ARG NB 78 107.46 34.11 -43.93
C ARG NB 78 106.39 33.91 -44.97
N GLY NB 79 106.69 33.26 -46.08
CA GLY NB 79 105.71 33.04 -47.12
C GLY NB 79 106.19 32.07 -48.18
N GLN NB 80 105.60 32.17 -49.38
CA GLN NB 80 106.03 31.34 -50.50
C GLN NB 80 105.61 31.94 -51.83
N CYS NB 81 106.53 31.96 -52.80
CA CYS NB 81 106.28 32.53 -54.12
C CYS NB 81 105.86 31.40 -55.06
N VAL NB 82 104.56 31.11 -55.08
CA VAL NB 82 104.04 30.05 -55.94
C VAL NB 82 104.10 30.47 -57.40
N VAL NB 83 104.57 29.57 -58.26
CA VAL NB 83 104.59 29.82 -59.70
C VAL NB 83 104.11 28.57 -60.44
N ASP NB 84 102.85 28.55 -60.82
CA ASP NB 84 102.28 27.41 -61.53
C ASP NB 84 102.50 27.53 -63.02
N ILE NB 85 102.72 26.40 -63.69
CA ILE NB 85 102.87 26.36 -65.14
C ILE NB 85 102.12 25.16 -65.67
N ASN NB 86 100.96 25.38 -66.29
CA ASN NB 86 100.16 24.31 -66.84
C ASN NB 86 100.25 24.30 -68.36
N ILE NB 87 100.44 23.11 -68.92
CA ILE NB 87 100.63 22.93 -70.36
C ILE NB 87 99.59 21.95 -70.86
N VAL NB 88 98.93 22.30 -71.97
CA VAL NB 88 97.93 21.44 -72.60
C VAL NB 88 98.25 21.39 -74.08
N ILE NB 89 98.75 20.27 -74.55
CA ILE NB 89 99.16 20.08 -75.94
C ILE NB 89 98.22 19.08 -76.59
N PRO NB 90 97.57 19.42 -77.70
CA PRO NB 90 96.55 18.53 -78.24
C PRO NB 90 97.14 17.30 -78.90
N ARG NB 91 96.28 16.40 -79.37
CA ARG NB 91 96.75 15.20 -80.04
C ARG NB 91 97.41 15.50 -81.38
N VAL NB 92 96.93 16.50 -82.11
CA VAL NB 92 97.33 16.75 -83.49
C VAL NB 92 98.60 17.59 -83.54
N ALA NB 93 99.21 17.84 -82.38
CA ALA NB 93 100.33 18.78 -82.30
C ALA NB 93 101.63 18.09 -82.70
N THR NB 94 102.13 18.45 -83.88
CA THR NB 94 103.42 17.96 -84.33
C THR NB 94 104.51 18.40 -83.35
N ALA NB 95 105.49 17.51 -83.14
CA ALA NB 95 106.51 17.76 -82.13
C ALA NB 95 107.29 19.04 -82.38
N THR NB 96 107.37 19.50 -83.63
CA THR NB 96 107.94 20.82 -83.89
C THR NB 96 107.05 21.93 -83.34
N ASP NB 97 105.73 21.80 -83.55
CA ASP NB 97 104.80 22.79 -83.04
C ASP NB 97 104.81 22.83 -81.51
N ARG NB 98 104.90 21.67 -80.86
CA ARG NB 98 104.95 21.67 -79.40
C ARG NB 98 106.22 22.34 -78.89
N ALA NB 99 107.36 22.06 -79.51
CA ALA NB 99 108.59 22.71 -79.10
C ALA NB 99 108.51 24.22 -79.29
N GLU NB 100 107.96 24.65 -80.42
CA GLU NB 100 107.78 26.08 -80.64
C GLU NB 100 106.88 26.70 -79.58
N ALA NB 101 105.76 26.04 -79.28
CA ALA NB 101 104.83 26.59 -78.30
C ALA NB 101 105.47 26.72 -76.93
N ILE NB 102 106.18 25.68 -76.50
CA ILE NB 102 106.77 25.72 -75.16
C ILE NB 102 107.88 26.76 -75.09
N LYS NB 103 108.76 26.78 -76.09
CA LYS NB 103 109.89 27.71 -76.02
C LYS NB 103 109.45 29.14 -76.22
N ARG NB 104 108.32 29.36 -76.89
CA ARG NB 104 107.78 30.71 -77.00
C ARG NB 104 107.07 31.13 -75.72
N ALA NB 105 106.37 30.21 -75.06
CA ALA NB 105 105.74 30.55 -73.80
C ALA NB 105 106.77 30.88 -72.74
N PHE NB 106 107.87 30.14 -72.70
CA PHE NB 106 108.90 30.39 -71.69
C PHE NB 106 109.81 31.54 -72.06
N ASP NB 107 109.62 32.17 -73.21
CA ASP NB 107 110.35 33.38 -73.58
C ASP NB 107 109.64 34.65 -73.17
N VAL NB 108 108.52 34.54 -72.45
CA VAL NB 108 107.82 35.73 -72.00
C VAL NB 108 108.69 36.52 -71.04
N LEU NB 109 109.45 35.82 -70.18
CA LEU NB 109 110.27 36.49 -69.19
C LEU NB 109 111.27 37.44 -69.82
N ASN NB 110 111.72 37.15 -71.03
CA ASN NB 110 112.66 38.02 -71.73
C ASN NB 110 111.96 39.10 -72.56
N ALA NB 111 110.64 39.01 -72.73
CA ALA NB 111 109.89 40.02 -73.47
C ALA NB 111 109.02 40.86 -72.55
N LEU NB 112 108.26 40.22 -71.67
CA LEU NB 112 107.44 40.90 -70.68
C LEU NB 112 108.17 40.96 -69.34
N ASN NB 113 109.38 41.52 -69.38
CA ASN NB 113 110.33 41.35 -68.29
C ASN NB 113 109.98 42.17 -67.07
N ALA NB 114 109.85 43.50 -67.25
CA ALA NB 114 109.68 44.39 -66.11
C ALA NB 114 108.38 44.09 -65.36
N GLU NB 115 107.30 43.80 -66.09
CA GLU NB 115 106.02 43.53 -65.46
C GLU NB 115 106.05 42.27 -64.62
N LEU NB 116 106.95 41.33 -64.92
CA LEU NB 116 107.03 40.08 -64.17
C LEU NB 116 108.02 40.15 -63.03
N ILE NB 117 109.18 40.75 -63.27
CA ILE NB 117 110.20 40.86 -62.24
C ILE NB 117 109.82 41.93 -61.23
N THR NB 118 109.63 43.17 -61.71
CA THR NB 118 109.31 44.27 -60.82
C THR NB 118 107.87 44.22 -60.31
N GLY NB 119 106.92 43.86 -61.17
CA GLY NB 119 105.54 43.73 -60.75
C GLY NB 119 104.74 45.00 -60.91
N GLU NB 120 104.81 45.60 -62.10
CA GLU NB 120 104.25 46.92 -62.32
C GLU NB 120 103.97 47.10 -63.80
N GLY NB 121 103.16 48.11 -64.12
CA GLY NB 121 103.12 48.61 -65.47
C GLY NB 121 101.84 48.39 -66.26
N GLN NB 122 101.99 48.34 -67.58
CA GLN NB 122 100.87 48.28 -68.53
C GLN NB 122 99.97 49.51 -68.37
N TRP NB 123 100.54 50.65 -68.74
CA TRP NB 123 99.82 51.91 -68.68
C TRP NB 123 98.95 52.07 -69.92
N ALA OB 1 -71.91 76.45 -77.74
CA ALA OB 1 -71.49 77.61 -78.51
C ALA OB 1 -70.49 78.45 -77.72
N ALA OB 2 -70.15 79.63 -78.25
CA ALA OB 2 -69.23 80.50 -77.54
C ALA OB 2 -69.86 80.99 -76.25
N ARG OB 3 -69.05 81.01 -75.18
CA ARG OB 3 -69.54 81.42 -73.88
C ARG OB 3 -69.98 82.88 -73.90
N SER OB 4 -71.13 83.15 -73.30
CA SER OB 4 -71.69 84.49 -73.26
C SER OB 4 -72.48 84.65 -71.96
N SER OB 5 -73.33 85.66 -71.92
CA SER OB 5 -74.16 85.92 -70.76
C SER OB 5 -75.50 85.18 -70.88
N ILE OB 6 -76.11 84.92 -69.74
CA ILE OB 6 -77.40 84.24 -69.68
C ILE OB 6 -78.33 85.03 -68.77
N VAL OB 7 -79.63 84.88 -69.00
CA VAL OB 7 -80.63 85.81 -68.49
C VAL OB 7 -81.62 85.02 -67.63
N LEU OB 8 -81.11 84.03 -66.89
CA LEU OB 8 -81.93 83.24 -65.97
C LEU OB 8 -82.98 84.11 -65.27
N THR OB 9 -84.23 83.67 -65.36
CA THR OB 9 -85.36 84.47 -64.88
C THR OB 9 -86.41 83.55 -64.28
N ASP OB 10 -87.42 84.16 -63.67
CA ASP OB 10 -88.58 83.44 -63.17
C ASP OB 10 -89.85 84.22 -63.46
N GLY OB 11 -89.84 85.03 -64.52
CA GLY OB 11 -91.02 85.75 -64.92
C GLY OB 11 -91.08 87.18 -64.42
N THR OB 12 -90.52 87.44 -63.25
CA THR OB 12 -90.60 88.77 -62.66
C THR OB 12 -89.25 89.41 -62.36
N THR OB 13 -88.25 88.63 -61.94
CA THR OB 13 -86.94 89.17 -61.56
C THR OB 13 -85.85 88.44 -62.33
N PRO OB 14 -85.52 88.89 -63.53
CA PRO OB 14 -84.43 88.28 -64.28
C PRO OB 14 -83.09 88.50 -63.61
N VAL OB 15 -82.17 87.57 -63.85
CA VAL OB 15 -80.82 87.62 -63.32
C VAL OB 15 -79.85 87.43 -64.48
N THR OB 16 -78.99 88.41 -64.72
CA THR OB 16 -77.98 88.32 -65.76
C THR OB 16 -76.71 87.73 -65.17
N LEU OB 17 -76.27 86.60 -65.71
CA LEU OB 17 -75.06 85.95 -65.27
C LEU OB 17 -73.99 86.06 -66.35
N THR OB 18 -72.74 86.14 -65.92
CA THR OB 18 -71.61 86.30 -66.82
C THR OB 18 -70.57 85.24 -66.49
N PRO OB 19 -69.82 84.76 -67.48
CA PRO OB 19 -68.82 83.72 -67.21
C PRO OB 19 -67.56 84.29 -66.56
N VAL OB 20 -67.23 83.81 -65.37
CA VAL OB 20 -66.12 84.39 -64.62
C VAL OB 20 -65.10 83.32 -64.27
N GLY OB 21 -65.06 82.25 -65.04
CA GLY OB 21 -64.09 81.20 -64.78
C GLY OB 21 -64.48 79.91 -65.49
N GLY OB 22 -63.86 78.84 -65.05
CA GLY OB 22 -64.14 77.52 -65.60
C GLY OB 22 -62.91 76.78 -66.04
N GLY OB 23 -63.00 76.12 -67.19
CA GLY OB 23 -61.87 75.35 -67.69
C GLY OB 23 -62.28 74.56 -68.92
N VAL OB 24 -61.77 73.34 -69.00
CA VAL OB 24 -62.16 72.42 -70.06
C VAL OB 24 -63.30 71.56 -69.53
N GLY OB 25 -64.43 71.59 -70.22
CA GLY OB 25 -65.61 70.91 -69.74
C GLY OB 25 -66.17 71.51 -68.47
N GLN OB 26 -66.20 72.84 -68.39
CA GLN OB 26 -66.69 73.55 -67.22
C GLN OB 26 -66.81 75.03 -67.57
N THR OB 27 -67.82 75.68 -67.01
CA THR OB 27 -68.01 77.11 -67.24
C THR OB 27 -68.80 77.70 -66.06
N LEU OB 28 -68.08 78.33 -65.14
CA LEU OB 28 -68.74 79.01 -64.04
C LEU OB 28 -69.45 80.27 -64.52
N TYR OB 29 -70.49 80.65 -63.81
CA TYR OB 29 -71.21 81.89 -64.05
C TYR OB 29 -71.43 82.59 -62.72
N ARG OB 30 -71.63 83.90 -62.78
CA ARG OB 30 -71.98 84.64 -61.58
C ARG OB 30 -72.79 85.86 -61.99
N ALA OB 31 -73.75 86.23 -61.15
CA ALA OB 31 -74.54 87.42 -61.41
C ALA OB 31 -73.66 88.66 -61.31
N THR OB 32 -73.92 89.64 -62.17
CA THR OB 32 -73.06 90.81 -62.26
C THR OB 32 -72.92 91.50 -60.90
N ALA OB 33 -74.03 92.03 -60.39
CA ALA OB 33 -74.06 92.58 -59.04
C ALA OB 33 -75.51 92.69 -58.60
N GLU OB 34 -75.89 91.95 -57.56
CA GLU OB 34 -77.21 92.16 -56.97
C GLU OB 34 -77.17 93.31 -55.96
N ALA OB 35 -76.49 93.09 -54.84
CA ALA OB 35 -76.20 94.17 -53.89
C ALA OB 35 -74.83 94.11 -53.26
N LEU OB 36 -74.14 92.98 -53.33
CA LEU OB 36 -72.82 92.79 -52.72
C LEU OB 36 -72.29 91.45 -53.21
N SER OB 37 -71.13 91.05 -52.72
CA SER OB 37 -70.61 89.72 -53.00
C SER OB 37 -71.18 88.73 -51.98
N ALA OB 38 -71.16 87.46 -52.37
CA ALA OB 38 -71.75 86.33 -51.66
C ALA OB 38 -73.27 86.38 -51.65
N ALA OB 39 -73.88 87.43 -52.19
CA ALA OB 39 -75.32 87.52 -52.36
C ALA OB 39 -75.67 87.50 -53.85
N ASN OB 40 -74.86 86.80 -54.64
CA ASN OB 40 -75.03 86.71 -56.07
C ASN OB 40 -75.16 85.25 -56.49
N PRO OB 41 -76.19 84.90 -57.26
CA PRO OB 41 -76.35 83.51 -57.69
C PRO OB 41 -75.26 83.08 -58.65
N SER OB 42 -75.04 81.77 -58.71
CA SER OB 42 -74.06 81.20 -59.63
C SER OB 42 -74.68 80.00 -60.33
N LEU OB 43 -74.16 79.71 -61.53
CA LEU OB 43 -74.73 78.70 -62.43
C LEU OB 43 -73.62 77.79 -62.98
N SER OB 44 -72.86 77.16 -62.08
CA SER OB 44 -71.79 76.26 -62.52
C SER OB 44 -72.33 75.22 -63.48
N PHE OB 45 -71.59 74.99 -64.57
CA PHE OB 45 -72.08 74.13 -65.64
C PHE OB 45 -70.91 73.34 -66.21
N GLY OB 46 -70.95 72.01 -66.05
CA GLY OB 46 -69.94 71.14 -66.59
C GLY OB 46 -70.50 70.20 -67.64
N TYR OB 47 -69.58 69.54 -68.34
CA TYR OB 47 -69.94 68.62 -69.42
C TYR OB 47 -68.71 67.81 -69.77
N ARG OB 48 -68.94 66.53 -70.08
CA ARG OB 48 -67.83 65.64 -70.42
C ARG OB 48 -68.37 64.43 -71.13
N PHE OB 49 -67.48 63.71 -71.81
CA PHE OB 49 -67.79 62.46 -72.48
C PHE OB 49 -66.96 61.35 -71.86
N THR OB 50 -67.61 60.28 -71.45
CA THR OB 50 -66.91 59.11 -70.94
C THR OB 50 -66.45 58.22 -72.09
N ASP OB 51 -66.11 56.97 -71.79
CA ASP OB 51 -65.69 56.02 -72.81
C ASP OB 51 -66.64 56.01 -74.01
N GLY OB 52 -67.93 55.90 -73.73
CA GLY OB 52 -68.94 56.00 -74.78
C GLY OB 52 -69.32 57.44 -75.03
N GLY OB 53 -70.36 57.61 -75.85
CA GLY OB 53 -70.84 58.95 -76.16
C GLY OB 53 -71.79 59.47 -75.09
N THR OB 54 -71.60 59.02 -73.86
CA THR OB 54 -72.47 59.40 -72.75
C THR OB 54 -72.26 60.87 -72.45
N ASN OB 55 -73.16 61.70 -72.97
CA ASN OB 55 -73.04 63.16 -72.85
C ASN OB 55 -73.37 63.59 -71.43
N ARG OB 56 -72.46 63.31 -70.49
CA ARG OB 56 -72.73 63.51 -69.06
C ARG OB 56 -72.57 64.99 -68.71
N GLN OB 57 -73.58 65.77 -69.05
CA GLN OB 57 -73.64 67.16 -68.64
C GLN OB 57 -74.07 67.28 -67.18
N SER OB 58 -73.76 68.41 -66.58
CA SER OB 58 -74.08 68.64 -65.18
C SER OB 58 -74.28 70.13 -64.94
N LEU OB 59 -75.18 70.46 -64.03
CA LEU OB 59 -75.46 71.84 -63.69
C LEU OB 59 -75.53 71.98 -62.18
N SER OB 60 -75.37 73.22 -61.72
CA SER OB 60 -75.49 73.53 -60.29
C SER OB 60 -75.77 75.01 -60.16
N TYR OB 61 -77.01 75.35 -59.79
CA TYR OB 61 -77.43 76.72 -59.59
C TYR OB 61 -77.56 76.96 -58.10
N LYS OB 62 -76.84 77.95 -57.59
CA LYS OB 62 -76.81 78.27 -56.18
C LYS OB 62 -77.27 79.72 -56.00
N GLN OB 63 -78.36 79.90 -55.27
CA GLN OB 63 -78.89 81.23 -54.97
C GLN OB 63 -78.82 81.46 -53.48
N PRO OB 64 -78.06 82.43 -53.00
CA PRO OB 64 -77.91 82.61 -51.55
C PRO OB 64 -79.01 83.46 -50.94
N ILE OB 65 -79.39 83.08 -49.72
CA ILE OB 65 -80.47 83.71 -48.98
C ILE OB 65 -79.87 84.78 -48.08
N THR OB 66 -80.15 86.04 -48.39
CA THR OB 66 -79.59 87.16 -47.66
C THR OB 66 -80.66 87.80 -46.77
N ALA OB 67 -80.22 88.37 -45.67
CA ALA OB 67 -81.12 88.99 -44.70
C ALA OB 67 -80.38 90.08 -43.95
N VAL OB 68 -81.13 91.09 -43.53
CA VAL OB 68 -80.54 92.22 -42.82
C VAL OB 68 -80.16 91.80 -41.40
N ASP OB 69 -79.20 92.52 -40.83
CA ASP OB 69 -78.66 92.26 -39.50
C ASP OB 69 -78.75 93.52 -38.65
N SER OB 70 -79.96 94.06 -38.54
CA SER OB 70 -80.27 95.37 -37.98
C SER OB 70 -79.41 95.77 -36.78
N THR OB 71 -79.06 94.81 -35.92
CA THR OB 71 -78.12 95.10 -34.85
C THR OB 71 -76.83 95.70 -35.37
N THR OB 72 -76.41 95.33 -36.58
CA THR OB 72 -75.28 95.94 -37.26
C THR OB 72 -75.64 96.50 -38.62
N SER OB 73 -76.79 96.14 -39.18
CA SER OB 73 -77.28 96.64 -40.47
C SER OB 73 -76.41 96.21 -41.63
N GLU OB 74 -75.73 95.07 -41.51
CA GLU OB 74 -74.93 94.49 -42.58
C GLU OB 74 -75.64 93.28 -43.16
N THR OB 75 -75.80 93.25 -44.48
CA THR OB 75 -76.63 92.26 -45.16
C THR OB 75 -75.91 90.91 -45.19
N LEU OB 76 -75.93 90.23 -44.06
CA LEU OB 76 -75.31 88.91 -43.95
C LEU OB 76 -76.12 87.88 -44.73
N VAL OB 77 -75.42 86.85 -45.20
CA VAL OB 77 -76.04 85.74 -45.92
C VAL OB 77 -76.11 84.53 -45.00
N ARG OB 78 -77.28 83.90 -44.94
CA ARG OB 78 -77.52 82.79 -44.03
C ARG OB 78 -77.13 81.44 -44.66
N GLY OB 79 -77.77 81.09 -45.77
CA GLY OB 79 -77.49 79.85 -46.48
C GLY OB 79 -77.71 79.99 -47.97
N GLN OB 80 -77.91 78.88 -48.67
CA GLN OB 80 -78.11 78.92 -50.12
C GLN OB 80 -79.06 77.82 -50.55
N CYS OB 81 -79.80 78.10 -51.62
CA CYS OB 81 -80.64 77.11 -52.29
C CYS OB 81 -79.88 76.55 -53.47
N VAL OB 82 -79.82 75.22 -53.56
CA VAL OB 82 -78.99 74.53 -54.53
C VAL OB 82 -79.88 73.67 -55.41
N VAL OB 83 -79.73 73.80 -56.72
CA VAL OB 83 -80.47 72.98 -57.68
C VAL OB 83 -79.45 72.34 -58.62
N ASP OB 84 -79.43 71.02 -58.68
CA ASP OB 84 -78.51 70.27 -59.53
C ASP OB 84 -79.30 69.53 -60.59
N ILE OB 85 -79.10 69.90 -61.85
CA ILE OB 85 -79.76 69.20 -62.95
C ILE OB 85 -78.73 68.41 -63.73
N ASN OB 86 -78.54 67.14 -63.37
CA ASN OB 86 -77.63 66.28 -64.10
C ASN OB 86 -78.34 65.64 -65.28
N ILE OB 87 -77.61 65.49 -66.38
CA ILE OB 87 -78.15 64.92 -67.61
C ILE OB 87 -77.17 63.89 -68.14
N VAL OB 88 -77.68 62.72 -68.50
CA VAL OB 88 -76.87 61.66 -69.09
C VAL OB 88 -77.59 61.13 -70.32
N ILE OB 89 -76.96 61.24 -71.48
CA ILE OB 89 -77.51 60.75 -72.75
C ILE OB 89 -76.47 59.85 -73.38
N PRO OB 90 -76.76 58.58 -73.63
CA PRO OB 90 -75.75 57.67 -74.17
C PRO OB 90 -75.51 57.91 -75.65
N ARG OB 91 -74.50 57.21 -76.18
CA ARG OB 91 -74.18 57.34 -77.60
C ARG OB 91 -75.32 56.85 -78.49
N VAL OB 92 -76.02 55.80 -78.06
CA VAL OB 92 -77.03 55.14 -78.89
C VAL OB 92 -78.28 56.00 -79.02
N ALA OB 93 -78.26 57.18 -78.41
CA ALA OB 93 -79.44 58.03 -78.36
C ALA OB 93 -79.64 58.73 -79.70
N THR OB 94 -80.85 58.61 -80.24
CA THR OB 94 -81.23 59.40 -81.40
C THR OB 94 -81.32 60.87 -81.01
N ALA OB 95 -80.99 61.75 -81.96
CA ALA OB 95 -81.01 63.19 -81.69
C ALA OB 95 -82.38 63.70 -81.30
N THR OB 96 -83.46 62.98 -81.63
CA THR OB 96 -84.79 63.36 -81.21
C THR OB 96 -85.15 62.81 -79.83
N ASP OB 97 -84.51 61.73 -79.41
CA ASP OB 97 -84.77 61.20 -78.06
C ASP OB 97 -84.14 62.09 -76.99
N ARG OB 98 -82.99 62.68 -77.29
CA ARG OB 98 -82.34 63.57 -76.32
C ARG OB 98 -83.20 64.80 -76.05
N ALA OB 99 -83.70 65.44 -77.10
CA ALA OB 99 -84.57 66.60 -76.92
C ALA OB 99 -85.84 66.23 -76.17
N GLU OB 100 -86.45 65.10 -76.54
CA GLU OB 100 -87.64 64.62 -75.84
C GLU OB 100 -87.38 64.46 -74.35
N ALA OB 101 -86.31 63.75 -74.00
CA ALA OB 101 -86.00 63.50 -72.60
C ALA OB 101 -85.75 64.80 -71.85
N ILE OB 102 -84.95 65.70 -72.43
CA ILE OB 102 -84.59 66.93 -71.73
C ILE OB 102 -85.82 67.78 -71.48
N LYS OB 103 -86.63 68.00 -72.52
CA LYS OB 103 -87.79 68.87 -72.36
C LYS OB 103 -88.82 68.25 -71.43
N ARG OB 104 -89.04 66.93 -71.53
CA ARG OB 104 -89.99 66.28 -70.63
C ARG OB 104 -89.55 66.39 -69.18
N ALA OB 105 -88.27 66.12 -68.92
CA ALA OB 105 -87.78 66.21 -67.55
C ALA OB 105 -87.83 67.63 -67.01
N PHE OB 106 -87.63 68.63 -67.87
CA PHE OB 106 -87.76 70.00 -67.40
C PHE OB 106 -89.21 70.44 -67.26
N ASP OB 107 -90.15 69.71 -67.86
CA ASP OB 107 -91.57 70.01 -67.67
C ASP OB 107 -92.11 69.53 -66.32
N VAL OB 108 -91.24 68.98 -65.46
CA VAL OB 108 -91.70 68.48 -64.17
C VAL OB 108 -92.32 69.60 -63.34
N LEU OB 109 -91.63 70.75 -63.29
CA LEU OB 109 -92.12 71.86 -62.48
C LEU OB 109 -93.51 72.31 -62.93
N ASN OB 110 -93.77 72.28 -64.23
CA ASN OB 110 -95.12 72.54 -64.69
C ASN OB 110 -96.08 71.44 -64.25
N ALA OB 111 -95.63 70.19 -64.28
CA ALA OB 111 -96.50 69.08 -63.89
C ALA OB 111 -96.53 68.88 -62.38
N LEU OB 112 -95.38 68.53 -61.79
CA LEU OB 112 -95.29 68.21 -60.36
C LEU OB 112 -94.95 69.48 -59.56
N ASN OB 113 -95.86 70.44 -59.62
CA ASN OB 113 -95.55 71.79 -59.19
C ASN OB 113 -95.53 71.92 -57.66
N ALA OB 114 -96.67 71.65 -57.02
CA ALA OB 114 -96.87 72.06 -55.63
C ALA OB 114 -95.89 71.43 -54.66
N GLU OB 115 -95.33 70.26 -54.98
CA GLU OB 115 -94.38 69.62 -54.09
C GLU OB 115 -92.96 70.16 -54.23
N LEU OB 116 -92.68 70.92 -55.27
CA LEU OB 116 -91.38 71.54 -55.47
C LEU OB 116 -91.35 72.99 -55.00
N ILE OB 117 -92.30 73.80 -55.47
CA ILE OB 117 -92.33 75.22 -55.13
C ILE OB 117 -92.55 75.39 -53.64
N THR OB 118 -93.54 74.69 -53.09
CA THR OB 118 -93.96 74.91 -51.71
C THR OB 118 -93.18 74.08 -50.71
N GLY OB 119 -92.68 72.93 -51.12
CA GLY OB 119 -91.92 72.08 -50.24
C GLY OB 119 -92.71 71.07 -49.44
N GLU OB 120 -94.03 71.01 -49.62
CA GLU OB 120 -94.84 70.07 -48.87
C GLU OB 120 -94.52 68.63 -49.29
N GLY OB 121 -94.65 67.72 -48.34
CA GLY OB 121 -94.40 66.32 -48.58
C GLY OB 121 -95.70 65.60 -48.91
N GLN OB 122 -95.79 65.13 -50.15
CA GLN OB 122 -97.02 64.50 -50.61
C GLN OB 122 -97.27 63.20 -49.87
N TRP OB 123 -98.56 62.91 -49.64
CA TRP OB 123 -98.97 61.77 -48.83
C TRP OB 123 -99.59 60.67 -49.67
N ALA PB 1 -69.58 94.12 -71.60
CA ALA PB 1 -68.29 93.65 -71.11
C ALA PB 1 -67.73 92.55 -72.02
N ALA PB 2 -68.06 92.62 -73.29
CA ALA PB 2 -67.48 91.73 -74.29
C ALA PB 2 -66.10 92.23 -74.70
N ARG PB 3 -65.30 91.33 -75.27
CA ARG PB 3 -63.95 91.66 -75.63
C ARG PB 3 -63.92 92.50 -76.90
N SER PB 4 -63.32 93.69 -76.81
CA SER PB 4 -63.20 94.59 -77.95
C SER PB 4 -61.95 95.44 -77.74
N SER PB 5 -61.61 96.22 -78.76
CA SER PB 5 -60.43 97.06 -78.69
C SER PB 5 -60.62 98.17 -77.66
N ILE PB 6 -59.56 98.44 -76.90
CA ILE PB 6 -59.57 99.49 -75.89
C ILE PB 6 -58.55 100.55 -76.27
N VAL PB 7 -58.77 101.77 -75.78
CA VAL PB 7 -58.11 102.95 -76.33
C VAL PB 7 -57.31 103.66 -75.22
N LEU PB 8 -56.65 102.87 -74.37
CA LEU PB 8 -55.74 103.40 -73.35
C LEU PB 8 -54.98 104.61 -73.86
N THR PB 9 -55.01 105.69 -73.07
CA THR PB 9 -54.38 106.94 -73.49
C THR PB 9 -53.87 107.68 -72.26
N ASP PB 10 -52.87 108.53 -72.48
CA ASP PB 10 -52.32 109.37 -71.43
C ASP PB 10 -52.75 110.82 -71.56
N GLY PB 11 -53.49 111.17 -72.59
CA GLY PB 11 -53.89 112.53 -72.84
C GLY PB 11 -53.30 113.06 -74.13
N THR PB 12 -52.05 112.68 -74.42
CA THR PB 12 -51.37 113.16 -75.62
C THR PB 12 -51.51 112.19 -76.79
N THR PB 13 -51.05 110.96 -76.62
CA THR PB 13 -51.05 109.96 -77.69
C THR PB 13 -51.86 108.75 -77.26
N PRO PB 14 -53.01 108.49 -77.84
CA PRO PB 14 -53.76 107.27 -77.52
C PRO PB 14 -53.17 106.06 -78.22
N VAL PB 15 -53.21 104.92 -77.53
CA VAL PB 15 -52.79 103.64 -78.10
C VAL PB 15 -53.98 102.70 -78.05
N THR PB 16 -54.28 102.06 -79.19
CA THR PB 16 -55.42 101.18 -79.31
C THR PB 16 -54.94 99.73 -79.21
N LEU PB 17 -55.34 99.04 -78.14
CA LEU PB 17 -55.00 97.65 -77.94
C LEU PB 17 -56.16 96.77 -78.39
N THR PB 18 -55.85 95.76 -79.19
CA THR PB 18 -56.87 94.82 -79.64
C THR PB 18 -56.63 93.47 -78.99
N PRO PB 19 -57.67 92.68 -78.72
CA PRO PB 19 -57.46 91.38 -78.10
C PRO PB 19 -56.64 90.46 -78.99
N VAL PB 20 -55.78 89.67 -78.37
CA VAL PB 20 -54.99 88.68 -79.10
C VAL PB 20 -55.08 87.33 -78.39
N GLY PB 21 -56.12 87.14 -77.60
CA GLY PB 21 -56.35 85.82 -77.03
C GLY PB 21 -56.72 85.78 -75.57
N GLY PB 22 -56.40 84.67 -74.92
CA GLY PB 22 -56.59 84.53 -73.50
C GLY PB 22 -57.54 83.43 -73.06
N GLY PB 23 -58.68 83.30 -73.74
CA GLY PB 23 -59.65 82.31 -73.31
C GLY PB 23 -60.46 82.76 -72.12
N VAL PB 24 -60.91 81.81 -71.30
CA VAL PB 24 -61.75 82.12 -70.14
C VAL PB 24 -60.84 82.37 -68.94
N GLY PB 25 -61.20 83.35 -68.12
CA GLY PB 25 -60.39 83.72 -66.98
C GLY PB 25 -59.30 84.72 -67.24
N GLN PB 26 -59.12 85.15 -68.49
CA GLN PB 26 -58.11 86.16 -68.80
C GLN PB 26 -58.37 86.72 -70.18
N THR PB 27 -57.62 87.76 -70.53
CA THR PB 27 -57.73 88.40 -71.83
C THR PB 27 -56.43 89.13 -72.10
N LEU PB 28 -55.76 88.77 -73.19
CA LEU PB 28 -54.53 89.43 -73.58
C LEU PB 28 -54.82 90.48 -74.64
N TYR PB 29 -54.19 91.63 -74.51
CA TYR PB 29 -54.35 92.71 -75.47
C TYR PB 29 -52.99 93.03 -76.08
N ARG PB 30 -53.02 93.70 -77.24
CA ARG PB 30 -51.80 94.18 -77.86
C ARG PB 30 -52.11 95.19 -78.95
N ALA PB 31 -51.33 96.26 -79.04
CA ALA PB 31 -51.50 97.24 -80.09
C ALA PB 31 -50.83 96.76 -81.37
N THR PB 32 -50.98 97.52 -82.45
CA THR PB 32 -50.34 97.12 -83.70
C THR PB 32 -48.88 97.53 -83.75
N ALA PB 33 -48.62 98.83 -83.83
CA ALA PB 33 -47.27 99.40 -83.97
C ALA PB 33 -46.40 98.51 -84.86
N GLU PB 34 -46.96 98.15 -86.01
CA GLU PB 34 -46.45 97.04 -86.81
C GLU PB 34 -45.02 97.32 -87.26
N ALA PB 35 -44.25 96.24 -87.45
CA ALA PB 35 -42.89 96.33 -87.96
C ALA PB 35 -42.03 97.19 -87.03
N LEU PB 36 -41.75 96.65 -85.85
CA LEU PB 36 -41.81 95.24 -85.45
C LEU PB 36 -43.13 94.92 -84.75
N SER PB 37 -43.43 93.64 -84.57
CA SER PB 37 -44.65 93.22 -83.91
C SER PB 37 -44.48 92.98 -82.41
N ALA PB 38 -43.25 92.82 -81.95
CA ALA PB 38 -42.98 92.67 -80.52
C ALA PB 38 -42.68 93.99 -79.83
N ALA PB 39 -42.64 95.08 -80.58
CA ALA PB 39 -42.38 96.40 -80.02
C ALA PB 39 -43.67 97.22 -79.91
N ASN PB 40 -44.61 96.75 -79.10
CA ASN PB 40 -45.85 97.47 -78.86
C ASN PB 40 -46.42 97.03 -77.53
N PRO PB 41 -47.19 97.89 -76.87
CA PRO PB 41 -47.66 97.59 -75.50
C PRO PB 41 -48.67 96.46 -75.45
N SER PB 42 -48.82 95.88 -74.26
CA SER PB 42 -49.73 94.79 -74.02
C SER PB 42 -50.36 94.94 -72.65
N LEU PB 43 -51.54 94.34 -72.48
CA LEU PB 43 -52.38 94.54 -71.29
C LEU PB 43 -52.92 93.21 -70.75
N SER PB 44 -52.03 92.27 -70.44
CA SER PB 44 -52.49 90.98 -69.93
C SER PB 44 -53.40 91.16 -68.72
N PHE PB 45 -54.68 90.82 -68.88
CA PHE PB 45 -55.69 91.07 -67.86
C PHE PB 45 -56.38 89.76 -67.50
N GLY PB 46 -56.24 89.33 -66.25
CA GLY PB 46 -56.87 88.12 -65.77
C GLY PB 46 -57.79 88.39 -64.58
N TYR PB 47 -58.64 87.41 -64.30
CA TYR PB 47 -59.62 87.52 -63.23
C TYR PB 47 -60.11 86.13 -62.86
N ARG PB 48 -60.44 85.95 -61.59
CA ARG PB 48 -60.92 84.66 -61.12
C ARG PB 48 -61.64 84.86 -59.78
N PHE PB 49 -62.39 83.85 -59.37
CA PHE PB 49 -63.06 83.83 -58.08
C PHE PB 49 -62.56 82.61 -57.31
N THR PB 50 -62.12 82.82 -56.08
CA THR PB 50 -61.58 81.75 -55.26
C THR PB 50 -62.72 80.96 -54.62
N ASP PB 51 -62.39 80.16 -53.61
CA ASP PB 51 -63.39 79.35 -52.91
C ASP PB 51 -64.55 80.20 -52.44
N GLY PB 52 -64.27 81.38 -51.89
CA GLY PB 52 -65.33 82.30 -51.51
C GLY PB 52 -65.74 83.16 -52.68
N GLY PB 53 -66.09 84.41 -52.40
CA GLY PB 53 -66.40 85.36 -53.45
C GLY PB 53 -65.25 86.31 -53.68
N THR PB 54 -64.06 85.92 -53.23
CA THR PB 54 -62.88 86.78 -53.30
C THR PB 54 -62.49 86.95 -54.76
N ASN PB 55 -62.86 88.09 -55.32
CA ASN PB 55 -62.55 88.41 -56.71
C ASN PB 55 -61.10 88.84 -56.78
N ARG PB 56 -60.28 88.07 -57.50
CA ARG PB 56 -58.85 88.36 -57.63
C ARG PB 56 -58.56 88.78 -59.07
N GLN PB 57 -58.69 90.08 -59.32
CA GLN PB 57 -58.37 90.60 -60.63
C GLN PB 57 -56.89 90.96 -60.70
N SER PB 58 -56.35 90.97 -61.91
CA SER PB 58 -54.93 91.24 -62.10
C SER PB 58 -54.68 91.83 -63.48
N LEU PB 59 -53.93 92.93 -63.54
CA LEU PB 59 -53.58 93.54 -64.81
C LEU PB 59 -52.07 93.69 -64.88
N SER PB 60 -51.54 93.55 -66.09
CA SER PB 60 -50.10 93.73 -66.31
C SER PB 60 -49.96 94.44 -67.64
N TYR PB 61 -49.57 95.71 -67.59
CA TYR PB 61 -49.38 96.53 -68.79
C TYR PB 61 -47.89 96.68 -69.02
N LYS PB 62 -47.43 96.23 -70.18
CA LYS PB 62 -46.03 96.30 -70.56
C LYS PB 62 -45.88 97.18 -71.79
N GLN PB 63 -45.00 98.16 -71.71
CA GLN PB 63 -44.72 99.02 -72.86
C GLN PB 63 -43.23 98.92 -73.19
N PRO PB 64 -42.86 98.42 -74.36
CA PRO PB 64 -41.43 98.30 -74.69
C PRO PB 64 -40.88 99.61 -75.23
N ILE PB 65 -39.59 99.81 -74.98
CA ILE PB 65 -38.88 101.02 -75.35
C ILE PB 65 -38.19 100.76 -76.68
N THR PB 66 -38.64 101.43 -77.73
CA THR PB 66 -38.15 101.22 -79.08
C THR PB 66 -37.02 102.18 -79.40
N ALA PB 67 -36.30 101.86 -80.47
CA ALA PB 67 -35.19 102.70 -80.94
C ALA PB 67 -34.96 102.38 -82.40
N VAL PB 68 -35.34 103.31 -83.29
CA VAL PB 68 -35.22 103.08 -84.73
C VAL PB 68 -33.76 103.25 -85.12
N ASP PB 69 -33.11 102.14 -85.46
CA ASP PB 69 -31.70 102.13 -85.83
C ASP PB 69 -31.57 102.64 -87.25
N SER PB 70 -31.26 103.93 -87.41
CA SER PB 70 -31.23 104.55 -88.73
C SER PB 70 -30.19 103.93 -89.65
N THR PB 71 -29.14 103.32 -89.09
CA THR PB 71 -28.11 102.69 -89.92
C THR PB 71 -28.68 101.52 -90.70
N THR PB 72 -29.40 100.63 -90.03
CA THR PB 72 -29.98 99.45 -90.65
C THR PB 72 -31.45 99.62 -90.97
N SER PB 73 -32.13 100.58 -90.34
CA SER PB 73 -33.56 100.83 -90.48
C SER PB 73 -34.38 99.65 -89.98
N GLU PB 74 -34.10 99.29 -88.73
CA GLU PB 74 -34.87 98.25 -88.04
C GLU PB 74 -35.15 98.73 -86.62
N THR PB 75 -36.29 98.33 -86.09
CA THR PB 75 -36.68 98.73 -84.75
C THR PB 75 -36.11 97.75 -83.72
N LEU PB 76 -35.41 98.29 -82.74
CA LEU PB 76 -34.79 97.50 -81.68
C LEU PB 76 -35.51 97.73 -80.37
N VAL PB 77 -35.59 96.69 -79.55
CA VAL PB 77 -36.27 96.75 -78.26
C VAL PB 77 -35.20 96.74 -77.17
N ARG PB 78 -35.18 97.81 -76.38
CA ARG PB 78 -34.16 97.97 -75.35
C ARG PB 78 -34.60 97.50 -73.98
N GLY PB 79 -35.90 97.51 -73.72
CA GLY PB 79 -36.42 97.09 -72.43
C GLY PB 79 -37.91 97.33 -72.41
N GLN PB 80 -38.52 97.17 -71.24
CA GLN PB 80 -39.94 97.42 -71.13
C GLN PB 80 -40.29 97.96 -69.76
N CYS PB 81 -41.17 98.96 -69.75
CA CYS PB 81 -41.78 99.45 -68.52
C CYS PB 81 -42.99 98.58 -68.19
N VAL PB 82 -43.00 98.02 -66.99
CA VAL PB 82 -44.02 97.08 -66.55
C VAL PB 82 -44.79 97.70 -65.41
N VAL PB 83 -46.12 97.65 -65.50
CA VAL PB 83 -46.99 98.12 -64.42
C VAL PB 83 -47.96 96.98 -64.09
N ASP PB 84 -47.87 96.47 -62.86
CA ASP PB 84 -48.78 95.44 -62.38
C ASP PB 84 -49.80 96.07 -61.44
N ILE PB 85 -51.05 95.62 -61.55
CA ILE PB 85 -52.13 96.12 -60.71
C ILE PB 85 -52.93 94.90 -60.26
N ASN PB 86 -52.70 94.46 -59.03
CA ASN PB 86 -53.51 93.38 -58.49
C ASN PB 86 -54.62 93.95 -57.62
N ILE PB 87 -55.80 93.36 -57.75
CA ILE PB 87 -56.98 93.80 -57.02
C ILE PB 87 -57.58 92.60 -56.33
N VAL PB 88 -57.73 92.66 -55.02
CA VAL PB 88 -58.38 91.61 -54.26
C VAL PB 88 -59.62 92.20 -53.59
N ILE PB 89 -60.76 91.56 -53.82
CA ILE PB 89 -62.01 92.03 -53.22
C ILE PB 89 -62.60 90.88 -52.42
N PRO PB 90 -62.75 91.02 -51.11
CA PRO PB 90 -63.21 89.89 -50.31
C PRO PB 90 -64.67 89.55 -50.54
N ARG PB 91 -65.10 88.43 -49.95
CA ARG PB 91 -66.46 87.94 -50.10
C ARG PB 91 -67.49 88.89 -49.50
N VAL PB 92 -67.09 89.73 -48.54
CA VAL PB 92 -68.03 90.52 -47.75
C VAL PB 92 -68.13 91.97 -48.24
N ALA PB 93 -67.57 92.26 -49.42
CA ALA PB 93 -67.46 93.64 -49.87
C ALA PB 93 -68.73 94.07 -50.60
N THR PB 94 -69.27 95.21 -50.20
CA THR PB 94 -70.45 95.76 -50.85
C THR PB 94 -70.10 96.26 -52.25
N ALA PB 95 -71.12 96.43 -53.08
CA ALA PB 95 -70.92 96.85 -54.46
C ALA PB 95 -70.45 98.29 -54.60
N THR PB 96 -70.68 99.14 -53.60
CA THR PB 96 -70.16 100.50 -53.64
C THR PB 96 -68.80 100.65 -52.97
N ASP PB 97 -68.49 99.78 -52.02
CA ASP PB 97 -67.15 99.75 -51.45
C ASP PB 97 -66.12 99.34 -52.50
N ARG PB 98 -66.49 98.44 -53.41
CA ARG PB 98 -65.62 98.11 -54.52
C ARG PB 98 -65.26 99.35 -55.33
N ALA PB 99 -66.27 100.12 -55.73
CA ALA PB 99 -66.00 101.33 -56.50
C ALA PB 99 -65.16 102.32 -55.71
N GLU PB 100 -65.50 102.51 -54.43
CA GLU PB 100 -64.70 103.41 -53.60
C GLU PB 100 -63.25 103.00 -53.59
N ALA PB 101 -62.97 101.73 -53.27
CA ALA PB 101 -61.60 101.26 -53.15
C ALA PB 101 -60.86 101.39 -54.47
N ILE PB 102 -61.49 100.96 -55.57
CA ILE PB 102 -60.80 100.95 -56.85
C ILE PB 102 -60.49 102.36 -57.31
N LYS PB 103 -61.49 103.25 -57.28
CA LYS PB 103 -61.26 104.60 -57.79
C LYS PB 103 -60.40 105.41 -56.83
N ARG PB 104 -60.28 105.00 -55.56
CA ARG PB 104 -59.34 105.67 -54.68
C ARG PB 104 -57.91 105.20 -54.94
N ALA PB 105 -57.72 103.89 -55.14
CA ALA PB 105 -56.38 103.39 -55.44
C ALA PB 105 -55.87 103.94 -56.76
N PHE PB 106 -56.73 103.99 -57.78
CA PHE PB 106 -56.31 104.54 -59.06
C PHE PB 106 -56.20 106.06 -59.05
N ASP PB 107 -56.60 106.71 -57.96
CA ASP PB 107 -56.42 108.15 -57.83
C ASP PB 107 -55.08 108.53 -57.23
N VAL PB 108 -54.21 107.54 -56.96
CA VAL PB 108 -52.90 107.82 -56.41
C VAL PB 108 -52.09 108.68 -57.38
N LEU PB 109 -52.19 108.38 -58.67
CA LEU PB 109 -51.43 109.13 -59.67
C LEU PB 109 -51.72 110.62 -59.59
N ASN PB 110 -52.91 111.00 -59.16
CA ASN PB 110 -53.21 112.42 -58.97
C ASN PB 110 -52.74 112.93 -57.61
N ALA PB 111 -52.56 112.05 -56.63
CA ALA PB 111 -52.07 112.47 -55.32
C ALA PB 111 -50.55 112.34 -55.22
N LEU PB 112 -50.05 111.13 -55.45
CA LEU PB 112 -48.62 110.85 -55.40
C LEU PB 112 -47.99 111.02 -56.79
N ASN PB 113 -48.25 112.19 -57.38
CA ASN PB 113 -47.96 112.38 -58.80
C ASN PB 113 -46.47 112.46 -59.07
N ALA PB 114 -45.78 113.41 -58.43
CA ALA PB 114 -44.37 113.64 -58.76
C ALA PB 114 -43.50 112.43 -58.42
N GLU PB 115 -43.92 111.61 -57.47
CA GLU PB 115 -43.15 110.42 -57.13
C GLU PB 115 -43.30 109.31 -58.16
N LEU PB 116 -44.22 109.44 -59.10
CA LEU PB 116 -44.47 108.41 -60.11
C LEU PB 116 -44.16 108.88 -61.51
N ILE PB 117 -44.65 110.06 -61.89
CA ILE PB 117 -44.43 110.55 -63.25
C ILE PB 117 -42.96 110.85 -63.50
N THR PB 118 -42.29 111.49 -62.55
CA THR PB 118 -40.90 111.88 -62.72
C THR PB 118 -39.91 110.91 -62.09
N GLY PB 119 -40.33 110.15 -61.08
CA GLY PB 119 -39.48 109.15 -60.47
C GLY PB 119 -38.76 109.57 -59.22
N GLU PB 120 -39.09 110.74 -58.67
CA GLU PB 120 -38.44 111.21 -57.46
C GLU PB 120 -38.75 110.31 -56.28
N GLY PB 121 -38.14 110.61 -55.16
CA GLY PB 121 -38.53 110.05 -53.89
C GLY PB 121 -38.80 111.18 -52.92
N GLN PB 122 -39.81 111.00 -52.08
CA GLN PB 122 -40.18 112.05 -51.15
C GLN PB 122 -39.17 112.15 -50.03
N TRP PB 123 -38.78 113.38 -49.70
CA TRP PB 123 -37.74 113.61 -48.71
C TRP PB 123 -38.30 114.07 -47.36
N ALA QB 1 -42.31 115.85 -53.73
CA ALA QB 1 -42.16 116.77 -52.61
C ALA QB 1 -42.02 116.00 -51.31
N ALA QB 2 -42.00 116.72 -50.19
CA ALA QB 2 -41.82 116.08 -48.90
C ALA QB 2 -43.07 115.29 -48.51
N ARG QB 3 -42.89 114.38 -47.55
CA ARG QB 3 -44.02 113.61 -47.03
C ARG QB 3 -45.09 114.55 -46.50
N SER QB 4 -46.26 114.55 -47.11
CA SER QB 4 -47.33 115.44 -46.70
C SER QB 4 -48.65 114.69 -46.59
N SER QB 5 -49.75 115.41 -46.47
CA SER QB 5 -51.08 114.81 -46.41
C SER QB 5 -51.66 114.70 -47.81
N ILE QB 6 -52.03 113.49 -48.21
CA ILE QB 6 -52.61 113.24 -49.51
C ILE QB 6 -54.12 113.14 -49.37
N VAL QB 7 -54.83 113.41 -50.47
CA VAL QB 7 -56.27 113.58 -50.45
C VAL QB 7 -56.93 112.55 -51.36
N LEU QB 8 -56.42 111.31 -51.33
CA LEU QB 8 -56.96 110.21 -52.10
C LEU QB 8 -58.49 110.21 -52.09
N THR QB 9 -59.08 110.32 -53.27
CA THR QB 9 -60.52 110.50 -53.41
C THR QB 9 -61.03 109.58 -54.52
N ASP QB 10 -62.32 109.69 -54.79
CA ASP QB 10 -62.92 108.97 -55.91
C ASP QB 10 -63.91 109.81 -56.70
N GLY QB 11 -63.98 111.12 -56.43
CA GLY QB 11 -64.92 112.01 -57.07
C GLY QB 11 -66.07 112.42 -56.18
N THR QB 12 -66.44 111.59 -55.20
CA THR QB 12 -67.52 111.90 -54.28
C THR QB 12 -67.05 112.00 -52.84
N THR QB 13 -66.35 110.99 -52.34
CA THR QB 13 -65.99 110.90 -50.93
C THR QB 13 -64.48 110.92 -50.77
N PRO QB 14 -63.88 112.08 -50.50
CA PRO QB 14 -62.42 112.14 -50.30
C PRO QB 14 -62.01 111.56 -48.96
N VAL QB 15 -60.75 111.13 -48.91
CA VAL QB 15 -60.13 110.65 -47.68
C VAL QB 15 -58.73 111.25 -47.59
N THR QB 16 -58.40 111.82 -46.43
CA THR QB 16 -57.11 112.45 -46.23
C THR QB 16 -56.21 111.52 -45.41
N LEU QB 17 -54.99 111.29 -45.90
CA LEU QB 17 -54.05 110.37 -45.27
C LEU QB 17 -52.76 111.11 -44.95
N THR QB 18 -52.28 110.93 -43.72
CA THR QB 18 -51.04 111.55 -43.26
C THR QB 18 -50.02 110.49 -42.90
N PRO QB 19 -48.74 110.72 -43.18
CA PRO QB 19 -47.73 109.66 -42.98
C PRO QB 19 -47.68 109.18 -41.54
N VAL QB 20 -47.50 107.87 -41.38
CA VAL QB 20 -47.60 107.24 -40.07
C VAL QB 20 -46.33 106.42 -39.85
N GLY QB 21 -45.30 106.74 -40.61
CA GLY QB 21 -44.03 106.09 -40.35
C GLY QB 21 -43.31 105.80 -41.65
N GLY QB 22 -42.60 104.67 -41.66
CA GLY QB 22 -41.85 104.25 -42.82
C GLY QB 22 -40.35 104.30 -42.61
N GLY QB 23 -39.64 104.94 -43.53
CA GLY QB 23 -38.19 105.00 -43.48
C GLY QB 23 -37.61 105.64 -44.73
N VAL QB 24 -36.56 105.03 -45.30
CA VAL QB 24 -36.00 105.46 -46.56
C VAL QB 24 -36.52 104.55 -47.65
N GLY QB 25 -37.07 105.14 -48.71
CA GLY QB 25 -37.74 104.35 -49.72
C GLY QB 25 -38.91 103.57 -49.15
N GLN QB 26 -39.70 104.24 -48.31
CA GLN QB 26 -40.86 103.63 -47.67
C GLN QB 26 -41.66 104.74 -47.02
N THR QB 27 -42.99 104.68 -47.13
CA THR QB 27 -43.84 105.73 -46.60
C THR QB 27 -45.22 105.13 -46.32
N LEU QB 28 -45.56 105.00 -45.04
CA LEU QB 28 -46.90 104.56 -44.67
C LEU QB 28 -47.87 105.72 -44.77
N TYR QB 29 -49.15 105.40 -44.67
CA TYR QB 29 -50.20 106.41 -44.63
C TYR QB 29 -51.37 105.84 -43.84
N ARG QB 30 -52.28 106.72 -43.43
CA ARG QB 30 -53.53 106.34 -42.79
C ARG QB 30 -54.36 107.60 -42.60
N ALA QB 31 -55.66 107.41 -42.40
CA ALA QB 31 -56.61 108.50 -42.26
C ALA QB 31 -56.85 108.82 -40.78
N THR QB 32 -57.83 109.67 -40.51
CA THR QB 32 -58.05 110.24 -39.18
C THR QB 32 -58.93 109.39 -38.28
N ALA QB 33 -59.93 108.69 -38.84
CA ALA QB 33 -60.85 107.91 -38.02
C ALA QB 33 -60.12 106.78 -37.31
N GLU QB 34 -60.66 106.33 -36.18
CA GLU QB 34 -59.99 105.38 -35.31
C GLU QB 34 -60.87 104.15 -35.08
N ALA QB 35 -60.24 102.98 -35.08
CA ALA QB 35 -60.93 101.73 -34.79
C ALA QB 35 -59.99 100.85 -33.98
N LEU QB 36 -60.32 99.56 -33.87
CA LEU QB 36 -59.55 98.63 -33.04
C LEU QB 36 -58.68 97.71 -33.88
N SER QB 37 -59.26 96.97 -34.82
CA SER QB 37 -58.51 96.00 -35.62
C SER QB 37 -57.96 96.62 -36.90
N ALA QB 38 -58.84 97.13 -37.75
CA ALA QB 38 -58.45 97.81 -38.99
C ALA QB 38 -58.98 99.23 -38.92
N ALA QB 39 -58.08 100.19 -38.86
CA ALA QB 39 -58.50 101.57 -38.63
C ALA QB 39 -59.01 102.22 -39.91
N ASN QB 40 -58.14 102.37 -40.91
CA ASN QB 40 -58.45 103.21 -42.06
C ASN QB 40 -57.75 102.69 -43.30
N PRO QB 41 -57.95 103.30 -44.46
CA PRO QB 41 -57.10 102.99 -45.62
C PRO QB 41 -55.64 103.29 -45.30
N SER QB 42 -54.76 102.41 -45.78
CA SER QB 42 -53.33 102.50 -45.46
C SER QB 42 -52.53 102.30 -46.75
N LEU QB 43 -52.12 103.40 -47.36
CA LEU QB 43 -51.41 103.39 -48.64
C LEU QB 43 -49.92 103.34 -48.39
N SER QB 44 -49.33 102.15 -48.49
CA SER QB 44 -47.89 102.02 -48.36
C SER QB 44 -47.22 102.24 -49.72
N PHE QB 45 -46.07 102.90 -49.70
CA PHE QB 45 -45.35 103.33 -50.89
C PHE QB 45 -43.88 102.94 -50.75
N GLY QB 46 -43.42 101.99 -51.56
CA GLY QB 46 -42.14 101.36 -51.31
C GLY QB 46 -41.06 101.49 -52.37
N TYR QB 47 -40.88 102.69 -52.93
CA TYR QB 47 -39.94 102.87 -54.02
C TYR QB 47 -38.51 102.54 -53.61
N ARG QB 48 -37.71 102.15 -54.59
CA ARG QB 48 -36.29 101.82 -54.40
C ARG QB 48 -35.63 101.81 -55.77
N PHE QB 49 -34.32 101.50 -55.77
CA PHE QB 49 -33.55 101.34 -57.00
C PHE QB 49 -32.87 99.97 -56.97
N THR QB 50 -32.10 99.68 -58.02
CA THR QB 50 -31.54 98.35 -58.21
C THR QB 50 -30.17 98.50 -58.85
N ASP QB 51 -29.65 97.43 -59.44
CA ASP QB 51 -28.33 97.43 -60.07
C ASP QB 51 -28.23 98.54 -61.12
N GLY QB 52 -29.21 98.60 -62.01
CA GLY QB 52 -29.31 99.68 -62.97
C GLY QB 52 -30.17 100.80 -62.43
N GLY QB 53 -30.74 101.56 -63.35
CA GLY QB 53 -31.69 102.59 -62.97
C GLY QB 53 -33.09 102.01 -62.83
N THR QB 54 -33.16 100.73 -62.46
CA THR QB 54 -34.43 100.02 -62.42
C THR QB 54 -35.27 100.51 -61.26
N ASN QB 55 -36.01 101.58 -61.48
CA ASN QB 55 -36.82 102.19 -60.43
C ASN QB 55 -37.96 101.25 -60.10
N ARG QB 56 -37.81 100.50 -59.01
CA ARG QB 56 -38.78 99.46 -58.64
C ARG QB 56 -39.76 100.00 -57.60
N GLN QB 57 -40.59 100.94 -58.04
CA GLN QB 57 -41.62 101.47 -57.18
C GLN QB 57 -42.67 100.39 -56.88
N SER QB 58 -43.38 100.58 -55.78
CA SER QB 58 -44.36 99.61 -55.32
C SER QB 58 -45.34 100.29 -54.40
N LEU QB 59 -46.62 99.98 -54.55
CA LEU QB 59 -47.68 100.59 -53.77
C LEU QB 59 -48.57 99.50 -53.21
N SER QB 60 -49.37 99.88 -52.22
CA SER QB 60 -50.41 98.99 -51.71
C SER QB 60 -51.45 99.81 -50.95
N TYR QB 61 -52.68 99.86 -51.47
CA TYR QB 61 -53.76 100.65 -50.87
C TYR QB 61 -54.80 99.69 -50.31
N LYS QB 62 -54.89 99.61 -48.99
CA LYS QB 62 -55.87 98.77 -48.33
C LYS QB 62 -56.97 99.64 -47.74
N GLN QB 63 -58.21 99.31 -48.05
CA GLN QB 63 -59.37 100.00 -47.50
C GLN QB 63 -60.21 98.99 -46.73
N PRO QB 64 -60.44 99.17 -45.44
CA PRO QB 64 -61.15 98.16 -44.68
C PRO QB 64 -62.68 98.16 -44.76
N ILE QB 65 -63.21 97.01 -45.13
CA ILE QB 65 -64.64 96.80 -45.22
C ILE QB 65 -65.14 96.72 -43.78
N THR QB 66 -65.95 97.70 -43.39
CA THR QB 66 -66.40 97.84 -42.01
C THR QB 66 -67.85 98.30 -41.96
N ALA QB 67 -68.53 97.98 -40.86
CA ALA QB 67 -69.88 98.44 -40.58
C ALA QB 67 -69.97 98.80 -39.10
N VAL QB 68 -70.65 99.89 -38.80
CA VAL QB 68 -70.69 100.41 -37.44
C VAL QB 68 -71.71 99.62 -36.61
N ASP QB 69 -71.23 99.03 -35.52
CA ASP QB 69 -72.12 98.31 -34.62
C ASP QB 69 -73.03 99.29 -33.87
N SER QB 70 -74.11 98.76 -33.33
CA SER QB 70 -75.02 99.54 -32.51
C SER QB 70 -74.60 99.46 -31.05
N THR QB 71 -74.73 100.60 -30.36
CA THR QB 71 -74.44 100.77 -28.93
C THR QB 71 -72.96 100.65 -28.59
N THR QB 72 -72.09 100.34 -29.55
CA THR QB 72 -70.66 100.23 -29.30
C THR QB 72 -69.90 101.07 -30.31
N SER QB 73 -68.88 101.78 -29.83
CA SER QB 73 -68.07 102.65 -30.68
C SER QB 73 -66.81 101.95 -31.18
N GLU QB 74 -66.99 100.82 -31.85
CA GLU QB 74 -65.86 100.04 -32.36
C GLU QB 74 -65.94 99.77 -33.85
N THR QB 75 -67.03 100.16 -34.52
CA THR QB 75 -67.20 100.10 -35.97
C THR QB 75 -66.58 98.85 -36.58
N LEU QB 76 -67.14 97.69 -36.22
CA LEU QB 76 -66.62 96.38 -36.62
C LEU QB 76 -66.20 96.34 -38.07
N VAL QB 77 -64.99 95.87 -38.32
CA VAL QB 77 -64.44 95.74 -39.67
C VAL QB 77 -64.63 94.31 -40.14
N ARG QB 78 -64.96 94.15 -41.42
CA ARG QB 78 -65.28 92.85 -41.98
C ARG QB 78 -64.23 92.32 -42.95
N GLY QB 79 -63.47 93.19 -43.59
CA GLY QB 79 -62.46 92.77 -44.54
C GLY QB 79 -61.57 93.90 -44.99
N GLN QB 80 -60.94 93.71 -46.15
CA GLN QB 80 -60.09 94.75 -46.72
C GLN QB 80 -59.92 94.57 -48.22
N CYS QB 81 -60.07 95.65 -48.99
CA CYS QB 81 -59.94 95.63 -50.44
C CYS QB 81 -58.51 95.99 -50.83
N VAL QB 82 -57.63 94.99 -50.85
CA VAL QB 82 -56.24 95.22 -51.21
C VAL QB 82 -56.13 95.58 -52.69
N VAL QB 83 -55.33 96.59 -52.99
CA VAL QB 83 -55.05 96.97 -54.37
C VAL QB 83 -53.57 97.27 -54.54
N ASP QB 84 -52.80 96.31 -55.05
CA ASP QB 84 -51.36 96.48 -55.22
C ASP QB 84 -51.05 97.08 -56.58
N ILE QB 85 -50.05 97.94 -56.63
CA ILE QB 85 -49.58 98.53 -57.89
C ILE QB 85 -48.06 98.52 -57.91
N ASN QB 86 -47.47 97.62 -58.66
CA ASN QB 86 -46.02 97.53 -58.77
C ASN QB 86 -45.56 98.07 -60.12
N ILE QB 87 -44.49 98.85 -60.08
CA ILE QB 87 -43.96 99.52 -61.26
C ILE QB 87 -42.49 99.18 -61.40
N VAL QB 88 -42.07 98.82 -62.61
CA VAL QB 88 -40.68 98.51 -62.91
C VAL QB 88 -40.30 99.28 -64.17
N ILE QB 89 -39.49 100.31 -64.01
CA ILE QB 89 -39.07 101.17 -65.12
C ILE QB 89 -37.58 100.96 -65.34
N PRO QB 90 -37.14 100.62 -66.55
CA PRO QB 90 -35.73 100.26 -66.76
C PRO QB 90 -34.82 101.47 -66.74
N ARG QB 91 -33.52 101.23 -66.86
CA ARG QB 91 -32.55 102.31 -66.89
C ARG QB 91 -32.66 103.16 -68.15
N VAL QB 92 -33.04 102.57 -69.28
CA VAL QB 92 -32.99 103.24 -70.56
C VAL QB 92 -34.27 104.01 -70.84
N ALA QB 93 -35.15 104.10 -69.86
CA ALA QB 93 -36.47 104.68 -70.07
C ALA QB 93 -36.40 106.19 -69.96
N THR QB 94 -36.53 106.86 -71.10
CA THR QB 94 -36.62 108.31 -71.13
C THR QB 94 -37.83 108.77 -70.34
N ALA QB 95 -37.68 109.89 -69.63
CA ALA QB 95 -38.73 110.35 -68.72
C ALA QB 95 -40.05 110.60 -69.43
N THR QB 96 -40.03 110.86 -70.74
CA THR QB 96 -41.28 110.90 -71.49
C THR QB 96 -41.91 109.52 -71.60
N ASP QB 97 -41.10 108.51 -71.88
CA ASP QB 97 -41.62 107.14 -71.98
C ASP QB 97 -42.19 106.67 -70.65
N ARG QB 98 -41.52 107.00 -69.55
CA ARG QB 98 -42.02 106.59 -68.24
C ARG QB 98 -43.35 107.25 -67.93
N ALA QB 99 -43.48 108.54 -68.23
CA ALA QB 99 -44.74 109.22 -68.00
C ALA QB 99 -45.85 108.61 -68.85
N GLU QB 100 -45.55 108.31 -70.12
CA GLU QB 100 -46.53 107.66 -70.97
C GLU QB 100 -46.95 106.31 -70.39
N ALA QB 101 -45.98 105.51 -69.96
CA ALA QB 101 -46.30 104.19 -69.44
C ALA QB 101 -47.18 104.27 -68.20
N ILE QB 102 -46.83 105.16 -67.27
CA ILE QB 102 -47.60 105.26 -66.03
C ILE QB 102 -49.00 105.77 -66.31
N LYS QB 103 -49.13 106.84 -67.11
CA LYS QB 103 -50.44 107.43 -67.34
C LYS QB 103 -51.31 106.53 -68.20
N ARG QB 104 -50.70 105.65 -69.02
CA ARG QB 104 -51.48 104.69 -69.78
C ARG QB 104 -51.90 103.51 -68.91
N ALA QB 105 -51.05 103.09 -67.98
CA ALA QB 105 -51.43 102.01 -67.08
C ALA QB 105 -52.57 102.45 -66.15
N PHE QB 106 -52.53 103.69 -65.69
CA PHE QB 106 -53.58 104.16 -64.79
C PHE QB 106 -54.83 104.61 -65.53
N ASP QB 107 -54.84 104.53 -66.86
CA ASP QB 107 -56.05 104.81 -67.65
C ASP QB 107 -56.85 103.55 -67.93
N VAL QB 108 -56.46 102.40 -67.39
CA VAL QB 108 -57.23 101.18 -67.60
C VAL QB 108 -58.62 101.33 -67.00
N LEU QB 109 -58.70 101.96 -65.82
CA LEU QB 109 -59.99 102.11 -65.15
C LEU QB 109 -61.02 102.81 -66.02
N ASN QB 110 -60.58 103.69 -66.91
CA ASN QB 110 -61.50 104.38 -67.80
C ASN QB 110 -61.78 103.61 -69.08
N ALA QB 111 -61.01 102.56 -69.36
CA ALA QB 111 -61.22 101.73 -70.56
C ALA QB 111 -61.79 100.37 -70.19
N LEU QB 112 -61.18 99.69 -69.22
CA LEU QB 112 -61.65 98.41 -68.72
C LEU QB 112 -62.50 98.61 -67.48
N ASN QB 113 -63.54 99.45 -67.62
CA ASN QB 113 -64.23 100.01 -66.48
C ASN QB 113 -65.14 98.98 -65.80
N ALA QB 114 -66.09 98.41 -66.56
CA ALA QB 114 -67.09 97.54 -65.96
C ALA QB 114 -66.47 96.31 -65.33
N GLU QB 115 -65.46 95.74 -65.98
CA GLU QB 115 -64.82 94.54 -65.45
C GLU QB 115 -64.13 94.79 -64.11
N LEU QB 116 -63.68 96.02 -63.85
CA LEU QB 116 -62.98 96.34 -62.63
C LEU QB 116 -63.92 96.83 -61.54
N ILE QB 117 -64.89 97.68 -61.90
CA ILE QB 117 -65.81 98.20 -60.90
C ILE QB 117 -66.85 97.15 -60.53
N THR QB 118 -67.58 96.64 -61.53
CA THR QB 118 -68.63 95.66 -61.28
C THR QB 118 -68.06 94.28 -60.94
N GLY QB 119 -67.02 93.86 -61.65
CA GLY QB 119 -66.38 92.60 -61.36
C GLY QB 119 -66.92 91.43 -62.16
N GLU QB 120 -67.02 91.62 -63.47
CA GLU QB 120 -67.70 90.66 -64.32
C GLU QB 120 -67.21 90.81 -65.75
N GLY QB 121 -67.55 89.83 -66.58
CA GLY QB 121 -67.47 90.04 -68.01
C GLY QB 121 -66.42 89.25 -68.76
N GLN QB 122 -65.99 89.80 -69.90
CA GLN QB 122 -65.09 89.14 -70.85
C GLN QB 122 -65.71 87.83 -71.33
N TRP QB 123 -66.79 87.98 -72.08
CA TRP QB 123 -67.47 86.83 -72.67
C TRP QB 123 -66.73 86.38 -73.92
N ALA RB 1 0.16 -68.44 -111.18
CA ALA RB 1 -0.70 -68.33 -112.35
C ALA RB 1 -2.14 -68.03 -111.94
N ALA RB 2 -3.05 -68.02 -112.90
CA ALA RB 2 -4.45 -67.79 -112.58
C ALA RB 2 -4.98 -68.94 -111.72
N ARG RB 3 -5.71 -68.58 -110.67
CA ARG RB 3 -6.21 -69.58 -109.73
C ARG RB 3 -7.18 -70.52 -110.44
N SER RB 4 -7.03 -71.82 -110.16
CA SER RB 4 -7.86 -72.84 -110.79
C SER RB 4 -8.02 -73.99 -109.80
N SER RB 5 -8.46 -75.14 -110.31
CA SER RB 5 -8.64 -76.32 -109.49
C SER RB 5 -7.34 -77.12 -109.42
N ILE RB 6 -7.20 -77.90 -108.36
CA ILE RB 6 -6.05 -78.78 -108.16
C ILE RB 6 -6.53 -80.17 -107.80
N VAL RB 7 -5.70 -81.17 -108.10
CA VAL RB 7 -6.15 -82.55 -108.16
C VAL RB 7 -5.29 -83.36 -107.18
N LEU RB 8 -5.01 -82.76 -106.02
CA LEU RB 8 -4.27 -83.44 -104.95
C LEU RB 8 -4.68 -84.90 -104.84
N THR RB 9 -3.69 -85.78 -104.88
CA THR RB 9 -3.94 -87.22 -104.94
C THR RB 9 -2.90 -87.94 -104.10
N ASP RB 10 -3.11 -89.25 -103.94
CA ASP RB 10 -2.15 -90.11 -103.26
C ASP RB 10 -2.02 -91.44 -103.99
N GLY RB 11 -2.33 -91.44 -105.29
CA GLY RB 11 -2.18 -92.63 -106.09
C GLY RB 11 -3.46 -93.40 -106.31
N THR RB 12 -4.36 -93.38 -105.33
CA THR RB 12 -5.59 -94.17 -105.42
C THR RB 12 -6.86 -93.35 -105.31
N THR RB 13 -6.88 -92.31 -104.48
CA THR RB 13 -8.09 -91.50 -104.26
C THR RB 13 -7.76 -90.03 -104.49
N PRO RB 14 -7.85 -89.55 -105.73
CA PRO RB 14 -7.63 -88.13 -106.00
C PRO RB 14 -8.71 -87.28 -105.36
N VAL RB 15 -8.33 -86.04 -105.04
CA VAL RB 15 -9.24 -85.06 -104.45
C VAL RB 15 -9.17 -83.80 -105.28
N THR RB 16 -10.31 -83.34 -105.79
CA THR RB 16 -10.38 -82.11 -106.56
C THR RB 16 -10.72 -80.96 -105.63
N LEU RB 17 -9.85 -79.97 -105.57
CA LEU RB 17 -10.05 -78.79 -104.74
C LEU RB 17 -10.29 -77.58 -105.64
N THR RB 18 -11.12 -76.66 -105.15
CA THR RB 18 -11.49 -75.47 -105.89
C THR RB 18 -11.26 -74.26 -105.00
N PRO RB 19 -10.90 -73.11 -105.57
CA PRO RB 19 -10.65 -71.92 -104.77
C PRO RB 19 -11.94 -71.25 -104.31
N VAL RB 20 -12.15 -71.15 -103.00
CA VAL RB 20 -13.41 -70.64 -102.48
C VAL RB 20 -13.14 -69.47 -101.53
N GLY RB 21 -12.06 -68.76 -101.74
CA GLY RB 21 -11.75 -67.62 -100.91
C GLY RB 21 -10.29 -67.22 -101.05
N GLY RB 22 -9.85 -66.42 -100.10
CA GLY RB 22 -8.47 -65.97 -100.08
C GLY RB 22 -8.32 -64.48 -99.96
N GLY RB 23 -7.39 -63.91 -100.73
CA GLY RB 23 -7.16 -62.48 -100.68
C GLY RB 23 -5.92 -62.12 -101.48
N VAL RB 24 -5.17 -61.17 -100.94
CA VAL RB 24 -3.88 -60.79 -101.52
C VAL RB 24 -2.80 -61.59 -100.80
N GLY RB 25 -2.05 -62.38 -101.56
CA GLY RB 25 -1.08 -63.28 -100.97
C GLY RB 25 -1.71 -64.38 -100.15
N GLN RB 26 -2.79 -64.96 -100.67
CA GLN RB 26 -3.50 -66.05 -100.01
C GLN RB 26 -4.52 -66.62 -100.98
N THR RB 27 -4.76 -67.92 -100.88
CA THR RB 27 -5.73 -68.58 -101.75
C THR RB 27 -6.23 -69.83 -101.05
N LEU RB 28 -7.41 -69.75 -100.44
CA LEU RB 28 -8.02 -70.92 -99.83
C LEU RB 28 -8.49 -71.90 -100.90
N TYR RB 29 -8.53 -73.18 -100.55
CA TYR RB 29 -9.08 -74.21 -101.39
C TYR RB 29 -9.99 -75.09 -100.56
N ARG RB 30 -10.93 -75.77 -101.22
CA ARG RB 30 -11.76 -76.73 -100.52
C ARG RB 30 -12.21 -77.79 -101.52
N ALA RB 31 -12.34 -79.02 -101.05
CA ALA RB 31 -12.82 -80.09 -101.91
C ALA RB 31 -14.28 -79.86 -102.27
N THR RB 32 -14.64 -80.23 -103.49
CA THR RB 32 -15.98 -79.93 -104.00
C THR RB 32 -17.05 -80.51 -103.08
N ALA RB 33 -17.10 -81.84 -102.97
CA ALA RB 33 -17.99 -82.50 -102.02
C ALA RB 33 -17.53 -83.93 -101.85
N GLU RB 34 -17.09 -84.29 -100.64
CA GLU RB 34 -16.82 -85.70 -100.36
C GLU RB 34 -18.09 -86.42 -99.97
N ALA RB 35 -18.64 -86.09 -98.79
CA ALA RB 35 -19.96 -86.58 -98.40
C ALA RB 35 -20.80 -85.56 -97.65
N LEU RB 36 -20.21 -84.50 -97.13
CA LEU RB 36 -20.90 -83.46 -96.36
C LEU RB 36 -19.91 -82.33 -96.14
N SER RB 37 -20.33 -81.30 -95.40
CA SER RB 37 -19.41 -80.26 -94.99
C SER RB 37 -18.67 -80.68 -93.72
N ALA RB 38 -17.54 -80.03 -93.47
CA ALA RB 38 -16.60 -80.31 -92.40
C ALA RB 38 -15.88 -81.64 -92.58
N ALA RB 39 -16.24 -82.42 -93.62
CA ALA RB 39 -15.55 -83.64 -93.96
C ALA RB 39 -14.86 -83.48 -95.32
N ASN RB 40 -14.41 -82.26 -95.61
CA ASN RB 40 -13.79 -81.93 -96.88
C ASN RB 40 -12.40 -81.35 -96.63
N PRO RB 41 -11.37 -81.85 -97.30
CA PRO RB 41 -10.03 -81.32 -97.09
C PRO RB 41 -9.89 -79.90 -97.62
N SER RB 42 -8.93 -79.17 -97.05
CA SER RB 42 -8.65 -77.81 -97.49
C SER RB 42 -7.14 -77.64 -97.66
N LEU RB 43 -6.75 -76.71 -98.52
CA LEU RB 43 -5.37 -76.51 -98.93
C LEU RB 43 -5.00 -75.02 -98.89
N SER RB 44 -5.15 -74.40 -97.72
CA SER RB 44 -4.81 -72.99 -97.58
C SER RB 44 -3.38 -72.75 -98.05
N PHE RB 45 -3.19 -71.68 -98.83
CA PHE RB 45 -1.90 -71.42 -99.47
C PHE RB 45 -1.65 -69.92 -99.49
N GLY RB 46 -0.62 -69.49 -98.77
CA GLY RB 46 -0.22 -68.10 -98.74
C GLY RB 46 1.16 -67.87 -99.33
N TYR RB 47 1.47 -66.61 -99.55
CA TYR RB 47 2.75 -66.22 -100.14
C TYR RB 47 2.92 -64.73 -99.95
N ARG RB 48 4.16 -64.31 -99.67
CA ARG RB 48 4.45 -62.91 -99.44
C ARG RB 48 5.93 -62.68 -99.58
N PHE RB 49 6.30 -61.41 -99.75
CA PHE RB 49 7.68 -60.97 -99.84
C PHE RB 49 7.96 -60.01 -98.70
N THR RB 50 9.04 -60.26 -97.96
CA THR RB 50 9.47 -59.33 -96.92
C THR RB 50 10.31 -58.22 -97.52
N ASP RB 51 11.05 -57.50 -96.69
CA ASP RB 51 11.93 -56.43 -97.14
C ASP RB 51 12.73 -56.83 -98.39
N GLY RB 52 13.46 -57.93 -98.30
CA GLY RB 52 14.17 -58.46 -99.45
C GLY RB 52 13.28 -59.38 -100.27
N GLY RB 53 13.88 -60.05 -101.24
CA GLY RB 53 13.13 -60.95 -102.09
C GLY RB 53 12.90 -62.30 -101.48
N THR RB 54 12.76 -62.34 -100.15
CA THR RB 54 12.56 -63.60 -99.43
C THR RB 54 11.16 -64.12 -99.74
N ASN RB 55 11.09 -65.07 -100.67
CA ASN RB 55 9.82 -65.60 -101.14
C ASN RB 55 9.18 -66.49 -100.10
N ARG RB 56 8.64 -65.90 -99.04
CA ARG RB 56 8.12 -66.65 -97.89
C ARG RB 56 6.74 -67.22 -98.21
N GLN RB 57 6.73 -68.29 -98.99
CA GLN RB 57 5.50 -69.02 -99.25
C GLN RB 57 5.14 -69.90 -98.04
N SER RB 58 3.87 -70.30 -97.98
CA SER RB 58 3.38 -71.11 -96.87
C SER RB 58 2.20 -71.93 -97.35
N LEU RB 59 2.05 -73.12 -96.77
CA LEU RB 59 0.94 -74.00 -97.10
C LEU RB 59 0.36 -74.59 -95.82
N SER RB 60 -0.86 -75.10 -95.94
CA SER RB 60 -1.51 -75.81 -94.84
C SER RB 60 -2.61 -76.67 -95.42
N TYR RB 61 -2.42 -77.99 -95.38
CA TYR RB 61 -3.40 -78.95 -95.86
C TYR RB 61 -4.04 -79.61 -94.65
N LYS RB 62 -5.36 -79.53 -94.55
CA LYS RB 62 -6.10 -80.08 -93.44
C LYS RB 62 -7.10 -81.10 -93.97
N GLN RB 63 -6.97 -82.33 -93.51
CA GLN RB 63 -7.89 -83.40 -93.90
C GLN RB 63 -8.62 -83.90 -92.66
N PRO RB 64 -9.94 -83.78 -92.59
CA PRO RB 64 -10.66 -84.15 -91.38
C PRO RB 64 -10.99 -85.64 -91.32
N ILE RB 65 -10.95 -86.17 -90.09
CA ILE RB 65 -11.14 -87.58 -89.82
C ILE RB 65 -12.59 -87.81 -89.46
N THR RB 66 -13.33 -88.48 -90.33
CA THR RB 66 -14.75 -88.67 -90.15
C THR RB 66 -15.05 -90.11 -89.79
N ALA RB 67 -16.11 -90.30 -89.00
CA ALA RB 67 -16.48 -91.62 -88.51
C ALA RB 67 -17.97 -91.65 -88.23
N VAL RB 68 -18.55 -92.84 -88.38
CA VAL RB 68 -19.99 -93.00 -88.17
C VAL RB 68 -20.32 -92.95 -86.68
N ASP RB 69 -21.56 -92.57 -86.39
CA ASP RB 69 -22.06 -92.40 -85.03
C ASP RB 69 -23.32 -93.24 -84.83
N SER RB 70 -23.20 -94.54 -85.13
CA SER RB 70 -24.31 -95.49 -85.27
C SER RB 70 -25.44 -95.30 -84.26
N THR RB 71 -25.11 -94.85 -83.04
CA THR RB 71 -26.18 -94.50 -82.09
C THR RB 71 -27.12 -93.45 -82.68
N THR RB 72 -26.61 -92.59 -83.55
CA THR RB 72 -27.43 -91.65 -84.31
C THR RB 72 -27.26 -91.78 -85.81
N SER RB 73 -26.23 -92.48 -86.27
CA SER RB 73 -25.95 -92.72 -87.70
C SER RB 73 -25.63 -91.42 -88.44
N GLU RB 74 -25.11 -90.42 -87.74
CA GLU RB 74 -24.70 -89.15 -88.34
C GLU RB 74 -23.18 -89.09 -88.40
N THR RB 75 -22.65 -88.79 -89.57
CA THR RB 75 -21.22 -88.92 -89.86
C THR RB 75 -20.45 -87.76 -89.24
N LEU RB 76 -20.27 -87.85 -87.93
CA LEU RB 76 -19.54 -86.81 -87.20
C LEU RB 76 -18.05 -86.86 -87.51
N VAL RB 77 -17.39 -85.71 -87.34
CA VAL RB 77 -15.96 -85.57 -87.55
C VAL RB 77 -15.27 -85.45 -86.20
N ARG RB 78 -14.20 -86.21 -86.00
CA ARG RB 78 -13.49 -86.25 -84.73
C ARG RB 78 -12.39 -85.19 -84.64
N GLY RB 79 -11.43 -85.25 -85.55
CA GLY RB 79 -10.33 -84.30 -85.57
C GLY RB 79 -9.82 -84.06 -86.98
N GLN RB 80 -8.59 -83.59 -87.14
CA GLN RB 80 -8.04 -83.34 -88.46
C GLN RB 80 -6.54 -83.60 -88.48
N CYS RB 81 -6.04 -84.00 -89.63
CA CYS RB 81 -4.62 -84.13 -89.89
C CYS RB 81 -4.14 -82.89 -90.61
N VAL RB 82 -3.09 -82.27 -90.10
CA VAL RB 82 -2.60 -80.98 -90.57
C VAL RB 82 -1.17 -81.14 -91.05
N VAL RB 83 -0.91 -80.68 -92.27
CA VAL RB 83 0.44 -80.68 -92.84
C VAL RB 83 0.77 -79.27 -93.27
N ASP RB 84 1.84 -78.69 -92.71
CA ASP RB 84 2.27 -77.34 -93.05
C ASP RB 84 3.60 -77.43 -93.78
N ILE RB 85 3.64 -76.92 -95.00
CA ILE RB 85 4.89 -76.90 -95.75
C ILE RB 85 5.32 -75.45 -95.98
N ASN RB 86 6.13 -74.92 -95.07
CA ASN RB 86 6.64 -73.57 -95.24
C ASN RB 86 7.89 -73.58 -96.10
N ILE RB 87 8.01 -72.56 -96.94
CA ILE RB 87 9.14 -72.42 -97.85
C ILE RB 87 9.67 -71.00 -97.75
N VAL RB 88 10.98 -70.86 -97.58
CA VAL RB 88 11.64 -69.56 -97.54
C VAL RB 88 12.83 -69.59 -98.47
N ILE RB 89 12.83 -68.74 -99.49
CA ILE RB 89 13.91 -68.63 -100.45
C ILE RB 89 14.37 -67.18 -100.46
N PRO RB 90 15.64 -66.89 -100.15
CA PRO RB 90 16.08 -65.50 -100.08
C PRO RB 90 16.25 -64.88 -101.46
N ARG RB 91 16.48 -63.58 -101.47
CA ARG RB 91 16.66 -62.87 -102.73
C ARG RB 91 17.93 -63.30 -103.45
N VAL RB 92 18.95 -63.70 -102.71
CA VAL RB 92 20.26 -64.03 -103.27
C VAL RB 92 20.21 -65.38 -103.97
N ALA RB 93 19.05 -66.01 -103.96
CA ALA RB 93 18.90 -67.35 -104.53
C ALA RB 93 18.82 -67.28 -106.05
N THR RB 94 19.60 -68.12 -106.70
CA THR RB 94 19.46 -68.26 -108.15
C THR RB 94 18.23 -69.08 -108.48
N ALA RB 95 17.92 -69.17 -109.76
CA ALA RB 95 16.74 -69.91 -110.19
C ALA RB 95 16.92 -71.42 -110.08
N THR RB 96 18.14 -71.90 -109.88
CA THR RB 96 18.39 -73.34 -109.78
C THR RB 96 18.50 -73.82 -108.34
N ASP RB 97 18.91 -72.96 -107.41
CA ASP RB 97 18.93 -73.35 -106.01
C ASP RB 97 17.51 -73.52 -105.47
N ARG RB 98 16.58 -72.69 -105.93
CA ARG RB 98 15.20 -72.78 -105.43
C ARG RB 98 14.56 -74.09 -105.83
N ALA RB 99 14.64 -74.45 -107.11
CA ALA RB 99 14.05 -75.72 -107.55
C ALA RB 99 14.73 -76.91 -106.90
N GLU RB 100 16.06 -76.86 -106.80
CA GLU RB 100 16.80 -77.92 -106.14
C GLU RB 100 16.33 -78.12 -104.71
N ALA RB 101 16.26 -77.03 -103.94
CA ALA RB 101 15.85 -77.11 -102.54
C ALA RB 101 14.44 -77.63 -102.42
N ILE RB 102 13.51 -77.11 -103.22
CA ILE RB 102 12.11 -77.50 -103.09
C ILE RB 102 11.93 -78.98 -103.40
N LYS RB 103 12.50 -79.43 -104.51
CA LYS RB 103 12.32 -80.84 -104.89
C LYS RB 103 13.02 -81.77 -103.90
N ARG RB 104 14.20 -81.39 -103.42
CA ARG RB 104 14.90 -82.23 -102.45
C ARG RB 104 14.10 -82.35 -101.16
N ALA RB 105 13.60 -81.23 -100.65
CA ALA RB 105 12.83 -81.26 -99.42
C ALA RB 105 11.52 -82.02 -99.58
N PHE RB 106 10.92 -81.99 -100.77
CA PHE RB 106 9.72 -82.79 -100.99
C PHE RB 106 10.03 -84.26 -101.23
N ASP RB 107 11.29 -84.60 -101.53
CA ASP RB 107 11.67 -86.00 -101.66
C ASP RB 107 11.84 -86.69 -100.32
N VAL RB 108 11.57 -86.00 -99.21
CA VAL RB 108 11.77 -86.59 -97.89
C VAL RB 108 10.89 -87.83 -97.72
N LEU RB 109 9.61 -87.70 -98.09
CA LEU RB 109 8.69 -88.82 -97.92
C LEU RB 109 9.17 -90.07 -98.66
N ASN RB 110 9.75 -89.88 -99.84
CA ASN RB 110 10.37 -91.01 -100.52
C ASN RB 110 11.57 -91.53 -99.74
N ALA RB 111 12.38 -90.62 -99.18
CA ALA RB 111 13.56 -91.04 -98.45
C ALA RB 111 13.24 -91.45 -97.02
N LEU RB 112 12.74 -90.53 -96.21
CA LEU RB 112 12.46 -90.77 -94.80
C LEU RB 112 11.01 -91.23 -94.63
N ASN RB 113 10.71 -92.39 -95.19
CA ASN RB 113 9.32 -92.79 -95.37
C ASN RB 113 8.70 -93.29 -94.07
N ALA RB 114 9.26 -94.36 -93.50
CA ALA RB 114 8.57 -95.12 -92.47
C ALA RB 114 8.24 -94.30 -91.22
N GLU RB 115 9.00 -93.25 -90.94
CA GLU RB 115 8.74 -92.45 -89.74
C GLU RB 115 7.64 -91.41 -89.95
N LEU RB 116 7.27 -91.14 -91.20
CA LEU RB 116 6.19 -90.20 -91.50
C LEU RB 116 4.86 -90.91 -91.71
N ILE RB 117 4.84 -91.90 -92.61
CA ILE RB 117 3.60 -92.60 -92.93
C ILE RB 117 3.07 -93.33 -91.70
N THR RB 118 3.94 -94.07 -91.02
CA THR RB 118 3.52 -94.96 -89.95
C THR RB 118 3.48 -94.27 -88.60
N GLY RB 119 4.27 -93.21 -88.40
CA GLY RB 119 4.28 -92.49 -87.16
C GLY RB 119 5.23 -93.02 -86.10
N GLU RB 120 6.00 -94.06 -86.41
CA GLU RB 120 6.91 -94.62 -85.42
C GLU RB 120 8.05 -93.65 -85.13
N GLY RB 121 8.54 -93.69 -83.90
CA GLY RB 121 9.65 -92.86 -83.48
C GLY RB 121 10.95 -93.60 -83.58
N GLN RB 122 11.84 -93.08 -84.42
CA GLN RB 122 13.12 -93.74 -84.67
C GLN RB 122 13.98 -93.74 -83.42
N TRP RB 123 14.76 -94.81 -83.25
CA TRP RB 123 15.58 -94.99 -82.07
C TRP RB 123 17.05 -94.85 -82.40
N ALA SB 1 -17.22 -75.35 -113.33
CA ALA SB 1 -17.61 -74.21 -112.51
C ALA SB 1 -16.71 -73.01 -112.76
N ALA SB 2 -16.22 -72.89 -114.00
CA ALA SB 2 -15.44 -71.75 -114.41
C ALA SB 2 -16.36 -70.61 -114.85
N ARG SB 3 -15.81 -69.41 -114.89
CA ARG SB 3 -16.61 -68.24 -115.23
C ARG SB 3 -16.84 -68.16 -116.73
N SER SB 4 -18.11 -68.19 -117.13
CA SER SB 4 -18.49 -68.05 -118.52
C SER SB 4 -19.86 -67.38 -118.57
N SER SB 5 -20.32 -67.09 -119.78
CA SER SB 5 -21.60 -66.44 -119.95
C SER SB 5 -22.75 -67.36 -119.55
N ILE SB 6 -23.74 -66.80 -118.87
CA ILE SB 6 -24.91 -67.53 -118.43
C ILE SB 6 -26.14 -66.95 -119.12
N VAL SB 7 -27.17 -67.78 -119.25
CA VAL SB 7 -28.27 -67.51 -120.16
C VAL SB 7 -29.59 -67.44 -119.41
N LEU SB 8 -29.58 -66.81 -118.23
CA LEU SB 8 -30.80 -66.55 -117.47
C LEU SB 8 -31.99 -66.23 -118.37
N THR SB 9 -33.09 -66.93 -118.16
CA THR SB 9 -34.26 -66.77 -119.02
C THR SB 9 -35.52 -67.02 -118.21
N ASP SB 10 -36.62 -66.44 -118.68
CA ASP SB 10 -37.92 -66.63 -118.06
C ASP SB 10 -38.83 -67.53 -118.88
N GLY SB 11 -38.38 -67.97 -120.06
CA GLY SB 11 -39.20 -68.78 -120.92
C GLY SB 11 -39.50 -68.06 -122.22
N THR SB 12 -39.71 -66.75 -122.16
CA THR SB 12 -40.04 -65.97 -123.34
C THR SB 12 -38.80 -65.33 -123.98
N THR SB 13 -38.09 -64.51 -123.21
CA THR SB 13 -36.94 -63.77 -123.72
C THR SB 13 -35.71 -64.10 -122.88
N PRO SB 14 -34.74 -64.85 -123.43
CA PRO SB 14 -33.50 -65.10 -122.69
C PRO SB 14 -32.59 -63.88 -122.70
N VAL SB 15 -31.88 -63.69 -121.60
CA VAL SB 15 -30.85 -62.65 -121.49
C VAL SB 15 -29.54 -63.32 -121.16
N THR SB 16 -28.49 -62.97 -121.88
CA THR SB 16 -27.17 -63.58 -121.73
C THR SB 16 -26.29 -62.62 -120.95
N LEU SB 17 -25.90 -63.03 -119.74
CA LEU SB 17 -25.02 -62.23 -118.90
C LEU SB 17 -23.60 -62.74 -119.04
N THR SB 18 -22.65 -61.82 -119.27
CA THR SB 18 -21.25 -62.18 -119.35
C THR SB 18 -20.50 -61.62 -118.15
N PRO SB 19 -19.44 -62.29 -117.70
CA PRO SB 19 -18.70 -61.78 -116.54
C PRO SB 19 -18.08 -60.42 -116.83
N VAL SB 20 -18.05 -59.57 -115.82
CA VAL SB 20 -17.42 -58.26 -115.93
C VAL SB 20 -16.52 -58.04 -114.73
N GLY SB 21 -16.10 -59.11 -114.08
CA GLY SB 21 -15.11 -58.97 -113.03
C GLY SB 21 -15.39 -59.72 -111.75
N GLY SB 22 -14.90 -59.18 -110.64
CA GLY SB 22 -15.19 -59.72 -109.33
C GLY SB 22 -13.99 -60.23 -108.55
N GLY SB 23 -13.09 -60.96 -109.20
CA GLY SB 23 -11.98 -61.54 -108.49
C GLY SB 23 -12.34 -62.78 -107.72
N VAL SB 24 -11.67 -63.03 -106.59
CA VAL SB 24 -11.89 -64.24 -105.81
C VAL SB 24 -12.97 -63.96 -104.76
N GLY SB 25 -13.84 -64.94 -104.54
CA GLY SB 25 -14.92 -64.78 -103.60
C GLY SB 25 -16.16 -64.11 -104.16
N GLN SB 26 -16.18 -63.74 -105.42
CA GLN SB 26 -17.36 -63.13 -106.03
C GLN SB 26 -17.20 -63.16 -107.54
N THR SB 27 -18.29 -62.82 -108.22
CA THR SB 27 -18.29 -62.76 -109.69
C THR SB 27 -19.42 -61.82 -110.11
N LEU SB 28 -19.07 -60.77 -110.84
CA LEU SB 28 -20.06 -59.85 -111.36
C LEU SB 28 -20.43 -60.23 -112.79
N TYR SB 29 -21.73 -60.19 -113.08
CA TYR SB 29 -22.20 -60.45 -114.43
C TYR SB 29 -22.93 -59.23 -114.95
N ARG SB 30 -23.06 -59.16 -116.27
CA ARG SB 30 -23.83 -58.09 -116.90
C ARG SB 30 -24.13 -58.44 -118.35
N ALA SB 31 -25.33 -58.14 -118.82
CA ALA SB 31 -25.67 -58.37 -120.21
C ALA SB 31 -25.14 -57.23 -121.07
N THR SB 32 -25.34 -57.34 -122.38
CA THR SB 32 -24.88 -56.25 -123.26
C THR SB 32 -25.89 -55.12 -123.31
N ALA SB 33 -27.06 -55.37 -123.92
CA ALA SB 33 -28.11 -54.37 -124.12
C ALA SB 33 -27.52 -53.00 -124.41
N GLU SB 34 -26.57 -52.98 -125.35
CA GLU SB 34 -25.68 -51.83 -125.53
C GLU SB 34 -26.48 -50.59 -125.92
N ALA SB 35 -25.95 -49.43 -125.53
CA ALA SB 35 -26.57 -48.14 -125.87
C ALA SB 35 -28.00 -48.09 -125.31
N LEU SB 36 -28.08 -48.00 -123.99
CA LEU SB 36 -27.04 -47.58 -123.04
C LEU SB 36 -26.39 -48.77 -122.34
N SER SB 37 -25.17 -48.59 -121.84
CA SER SB 37 -24.44 -49.65 -121.18
C SER SB 37 -24.85 -49.89 -119.73
N ALA SB 38 -25.49 -48.90 -119.10
CA ALA SB 38 -25.96 -49.05 -117.73
C ALA SB 38 -27.39 -49.54 -117.63
N ALA SB 39 -28.07 -49.71 -118.76
CA ALA SB 39 -29.44 -50.18 -118.80
C ALA SB 39 -29.51 -51.65 -119.19
N ASN SB 40 -28.94 -52.52 -118.36
CA ASN SB 40 -29.01 -53.96 -118.59
C ASN SB 40 -28.83 -54.68 -117.26
N PRO SB 41 -29.38 -55.89 -117.14
CA PRO SB 41 -29.37 -56.58 -115.84
C PRO SB 41 -27.98 -57.02 -115.42
N SER SB 42 -27.85 -57.27 -114.12
CA SER SB 42 -26.60 -57.70 -113.52
C SER SB 42 -26.89 -58.74 -112.45
N LEU SB 43 -25.89 -59.58 -112.17
CA LEU SB 43 -26.05 -60.76 -111.31
C LEU SB 43 -24.90 -60.88 -110.30
N SER SB 44 -24.68 -59.85 -109.50
CA SER SB 44 -23.60 -59.90 -108.52
C SER SB 44 -23.71 -61.15 -107.65
N PHE SB 45 -22.75 -62.06 -107.78
CA PHE SB 45 -22.79 -63.35 -107.10
C PHE SB 45 -21.51 -63.53 -106.28
N GLY SB 46 -21.66 -63.62 -104.96
CA GLY SB 46 -20.53 -63.84 -104.07
C GLY SB 46 -20.70 -65.09 -103.24
N TYR SB 47 -19.60 -65.51 -102.62
CA TYR SB 47 -19.57 -66.74 -101.84
C TYR SB 47 -18.33 -66.72 -100.96
N ARG SB 48 -18.43 -67.34 -99.80
CA ARG SB 48 -17.32 -67.37 -98.85
C ARG SB 48 -17.58 -68.49 -97.84
N PHE SB 49 -16.54 -68.84 -97.09
CA PHE SB 49 -16.63 -69.82 -96.01
C PHE SB 49 -16.15 -69.15 -94.73
N THR SB 50 -16.96 -69.23 -93.68
CA THR SB 50 -16.63 -68.59 -92.41
C THR SB 50 -15.67 -69.48 -91.62
N ASP SB 51 -15.53 -69.19 -90.33
CA ASP SB 51 -14.64 -69.96 -89.46
C ASP SB 51 -14.93 -71.45 -89.57
N GLY SB 52 -16.20 -71.83 -89.58
CA GLY SB 52 -16.56 -73.21 -89.79
C GLY SB 52 -16.66 -73.56 -91.25
N GLY SB 53 -17.59 -74.44 -91.61
CA GLY SB 53 -17.82 -74.74 -93.00
C GLY SB 53 -19.07 -74.05 -93.50
N THR SB 54 -19.49 -73.00 -92.79
CA THR SB 54 -20.73 -72.32 -93.10
C THR SB 54 -20.58 -71.58 -94.42
N ASN SB 55 -21.12 -72.17 -95.47
CA ASN SB 55 -21.06 -71.61 -96.81
C ASN SB 55 -22.11 -70.51 -96.92
N ARG SB 56 -21.67 -69.27 -97.11
CA ARG SB 56 -22.57 -68.13 -97.21
C ARG SB 56 -22.55 -67.60 -98.64
N GLN SB 57 -23.41 -68.16 -99.47
CA GLN SB 57 -23.55 -67.68 -100.83
C GLN SB 57 -24.54 -66.53 -100.88
N SER SB 58 -24.40 -65.68 -101.90
CA SER SB 58 -25.25 -64.50 -102.00
C SER SB 58 -25.39 -64.05 -103.45
N LEU SB 59 -26.62 -63.90 -103.91
CA LEU SB 59 -26.87 -63.43 -105.27
C LEU SB 59 -27.70 -62.17 -105.22
N SER SB 60 -27.43 -61.27 -106.16
CA SER SB 60 -28.20 -60.04 -106.27
C SER SB 60 -28.39 -59.77 -107.75
N TYR SB 61 -29.63 -59.91 -108.23
CA TYR SB 61 -29.97 -59.72 -109.63
C TYR SB 61 -30.75 -58.42 -109.74
N LYS SB 62 -30.21 -57.49 -110.51
CA LYS SB 62 -30.84 -56.19 -110.72
C LYS SB 62 -31.20 -56.04 -112.19
N GLN SB 63 -32.45 -55.71 -112.47
CA GLN SB 63 -32.90 -55.46 -113.83
C GLN SB 63 -33.42 -54.04 -113.92
N PRO SB 64 -32.81 -53.15 -114.70
CA PRO SB 64 -33.29 -51.78 -114.79
C PRO SB 64 -34.43 -51.64 -115.77
N ILE SB 65 -35.30 -50.68 -115.48
CA ILE SB 65 -36.50 -50.42 -116.25
C ILE SB 65 -36.19 -49.29 -117.23
N THR SB 66 -36.14 -49.62 -118.51
CA THR SB 66 -35.76 -48.68 -119.55
C THR SB 66 -36.99 -48.02 -120.16
N ALA SB 67 -36.73 -46.93 -120.89
CA ALA SB 67 -37.80 -46.21 -121.57
C ALA SB 67 -37.17 -45.40 -122.69
N VAL SB 68 -37.38 -45.84 -123.94
CA VAL SB 68 -36.74 -45.18 -125.08
C VAL SB 68 -37.47 -43.87 -125.35
N ASP SB 69 -36.81 -42.76 -125.07
CA ASP SB 69 -37.38 -41.43 -125.23
C ASP SB 69 -37.36 -41.07 -126.72
N SER SB 70 -38.49 -41.25 -127.39
CA SER SB 70 -38.55 -41.07 -128.84
C SER SB 70 -38.25 -39.64 -129.27
N THR SB 71 -38.48 -38.65 -128.41
CA THR SB 71 -38.19 -37.28 -128.75
C THR SB 71 -36.69 -37.07 -128.99
N THR SB 72 -35.87 -37.53 -128.05
CA THR SB 72 -34.43 -37.37 -128.12
C THR SB 72 -33.72 -38.61 -128.65
N SER SB 73 -34.39 -39.77 -128.62
CA SER SB 73 -33.83 -41.05 -129.04
C SER SB 73 -32.65 -41.45 -128.16
N GLU SB 74 -32.91 -41.48 -126.85
CA GLU SB 74 -31.95 -41.97 -125.88
C GLU SB 74 -32.69 -42.82 -124.86
N THR SB 75 -31.99 -43.81 -124.31
CA THR SB 75 -32.59 -44.71 -123.34
C THR SB 75 -32.47 -44.12 -121.94
N LEU SB 76 -33.59 -44.05 -121.24
CA LEU SB 76 -33.64 -43.50 -119.88
C LEU SB 76 -33.91 -44.63 -118.90
N VAL SB 77 -33.28 -44.55 -117.73
CA VAL SB 77 -33.40 -45.56 -116.70
C VAL SB 77 -34.27 -44.99 -115.58
N ARG SB 78 -35.40 -45.64 -115.33
CA ARG SB 78 -36.38 -45.15 -114.37
C ARG SB 78 -36.24 -45.76 -112.99
N GLY SB 79 -35.67 -46.96 -112.91
CA GLY SB 79 -35.52 -47.65 -111.65
C GLY SB 79 -34.99 -49.04 -111.90
N GLN SB 80 -34.97 -49.87 -110.86
CA GLN SB 80 -34.51 -51.24 -111.04
C GLN SB 80 -35.24 -52.18 -110.10
N CYS SB 81 -35.62 -53.34 -110.64
CA CYS SB 81 -36.13 -54.44 -109.84
C CYS SB 81 -34.96 -55.23 -109.29
N VAL SB 82 -34.91 -55.40 -107.98
CA VAL SB 82 -33.80 -56.04 -107.30
C VAL SB 82 -34.30 -57.31 -106.63
N VAL SB 83 -33.57 -58.41 -106.83
CA VAL SB 83 -33.89 -59.68 -106.19
C VAL SB 83 -32.62 -60.17 -105.50
N ASP SB 84 -32.65 -60.27 -104.18
CA ASP SB 84 -31.53 -60.80 -103.41
C ASP SB 84 -31.86 -62.20 -102.94
N ILE SB 85 -30.86 -63.08 -102.99
CA ILE SB 85 -31.01 -64.48 -102.59
C ILE SB 85 -29.79 -64.81 -101.74
N ASN SB 86 -29.95 -64.82 -100.43
CA ASN SB 86 -28.88 -65.26 -99.56
C ASN SB 86 -29.07 -66.70 -99.16
N ILE SB 87 -27.99 -67.47 -99.21
CA ILE SB 87 -28.02 -68.88 -98.88
C ILE SB 87 -26.98 -69.14 -97.81
N VAL SB 88 -27.42 -69.68 -96.67
CA VAL SB 88 -26.52 -70.04 -95.59
C VAL SB 88 -26.61 -71.54 -95.40
N ILE SB 89 -25.46 -72.21 -95.45
CA ILE SB 89 -25.42 -73.65 -95.26
C ILE SB 89 -24.48 -73.95 -94.10
N PRO SB 90 -24.96 -74.58 -93.04
CA PRO SB 90 -24.12 -74.76 -91.85
C PRO SB 90 -23.01 -75.78 -92.06
N ARG SB 91 -22.14 -75.91 -91.07
CA ARG SB 91 -21.01 -76.82 -91.13
C ARG SB 91 -21.46 -78.28 -91.16
N VAL SB 92 -22.66 -78.58 -90.66
CA VAL SB 92 -23.08 -79.96 -90.42
C VAL SB 92 -24.03 -80.46 -91.51
N ALA SB 93 -24.12 -79.77 -92.64
CA ALA SB 93 -25.12 -80.07 -93.65
C ALA SB 93 -24.61 -81.13 -94.61
N THR SB 94 -25.40 -82.18 -94.82
CA THR SB 94 -25.07 -83.22 -95.77
C THR SB 94 -25.17 -82.67 -97.20
N ALA SB 95 -24.50 -83.37 -98.12
CA ALA SB 95 -24.46 -82.93 -99.51
C ALA SB 95 -25.79 -83.03 -100.23
N THR SB 96 -26.71 -83.87 -99.77
CA THR SB 96 -28.03 -83.96 -100.38
C THR SB 96 -29.06 -83.07 -99.69
N ASP SB 97 -28.86 -82.75 -98.42
CA ASP SB 97 -29.72 -81.79 -97.76
C ASP SB 97 -29.53 -80.40 -98.33
N ARG SB 98 -28.31 -80.07 -98.77
CA ARG SB 98 -28.09 -78.82 -99.50
C ARG SB 98 -28.99 -78.74 -100.73
N ALA SB 99 -28.97 -79.79 -101.55
CA ALA SB 99 -29.78 -79.78 -102.76
C ALA SB 99 -31.26 -79.72 -102.42
N GLU SB 100 -31.69 -80.48 -101.41
CA GLU SB 100 -33.08 -80.43 -100.98
C GLU SB 100 -33.48 -79.01 -100.60
N ALA SB 101 -32.71 -78.37 -99.72
CA ALA SB 101 -33.07 -77.04 -99.23
C ALA SB 101 -33.08 -76.03 -100.38
N ILE SB 102 -32.05 -76.05 -101.22
CA ILE SB 102 -31.95 -75.05 -102.28
C ILE SB 102 -33.07 -75.22 -103.29
N LYS SB 103 -33.29 -76.45 -103.77
CA LYS SB 103 -34.32 -76.65 -104.78
C LYS SB 103 -35.71 -76.47 -104.21
N ARG SB 104 -35.89 -76.64 -102.89
CA ARG SB 104 -37.19 -76.34 -102.30
C ARG SB 104 -37.40 -74.84 -102.16
N ALA SB 105 -36.37 -74.11 -101.76
CA ALA SB 105 -36.51 -72.66 -101.63
C ALA SB 105 -36.75 -72.01 -102.99
N PHE SB 106 -36.05 -72.46 -104.02
CA PHE SB 106 -36.26 -71.92 -105.35
C PHE SB 106 -37.55 -72.43 -105.99
N ASP SB 107 -38.24 -73.38 -105.35
CA ASP SB 107 -39.53 -73.84 -105.85
C ASP SB 107 -40.69 -73.03 -105.30
N VAL SB 108 -40.42 -71.97 -104.54
CA VAL SB 108 -41.48 -71.11 -104.04
C VAL SB 108 -42.24 -70.49 -105.19
N LEU SB 109 -41.52 -70.04 -106.22
CA LEU SB 109 -42.15 -69.39 -107.36
C LEU SB 109 -43.23 -70.26 -107.99
N ASN SB 110 -43.09 -71.57 -107.92
CA ASN SB 110 -44.15 -72.45 -108.40
C ASN SB 110 -45.24 -72.68 -107.36
N ALA SB 111 -44.95 -72.45 -106.09
CA ALA SB 111 -45.95 -72.60 -105.05
C ALA SB 111 -46.63 -71.27 -104.74
N LEU SB 112 -45.84 -70.28 -104.36
CA LEU SB 112 -46.35 -68.95 -104.03
C LEU SB 112 -46.30 -68.05 -105.26
N ASN SB 113 -46.94 -68.52 -106.33
CA ASN SB 113 -46.76 -67.91 -107.64
C ASN SB 113 -47.48 -66.58 -107.75
N ALA SB 114 -48.79 -66.57 -107.51
CA ALA SB 114 -49.57 -65.35 -107.73
C ALA SB 114 -49.15 -64.22 -106.81
N GLU SB 115 -48.58 -64.55 -105.65
CA GLU SB 115 -48.13 -63.50 -104.74
C GLU SB 115 -46.82 -62.86 -105.17
N LEU SB 116 -46.16 -63.40 -106.19
CA LEU SB 116 -44.88 -62.88 -106.65
C LEU SB 116 -44.94 -62.36 -108.08
N ILE SB 117 -45.52 -63.15 -109.00
CA ILE SB 117 -45.54 -62.76 -110.40
C ILE SB 117 -46.41 -61.52 -110.61
N THR SB 118 -47.59 -61.50 -109.98
CA THR SB 118 -48.52 -60.39 -110.15
C THR SB 118 -48.43 -59.35 -109.04
N GLY SB 119 -47.95 -59.72 -107.86
CA GLY SB 119 -47.79 -58.79 -106.78
C GLY SB 119 -48.93 -58.74 -105.79
N GLU SB 120 -49.87 -59.67 -105.86
CA GLU SB 120 -51.00 -59.69 -104.94
C GLU SB 120 -50.52 -59.93 -103.51
N GLY SB 121 -51.47 -59.90 -102.60
CA GLY SB 121 -51.25 -60.38 -101.25
C GLY SB 121 -52.34 -61.38 -100.91
N GLN SB 122 -51.97 -62.39 -100.15
CA GLN SB 122 -52.92 -63.44 -99.81
C GLN SB 122 -53.88 -62.95 -98.74
N TRP SB 123 -55.17 -63.22 -98.93
CA TRP SB 123 -56.20 -62.72 -98.04
C TRP SB 123 -56.75 -63.78 -97.11
N ALA TB 1 -54.05 -65.91 -104.03
CA ALA TB 1 -55.23 -66.51 -103.43
C ALA TB 1 -55.11 -66.53 -101.91
N ALA TB 2 -56.09 -67.13 -101.25
CA ALA TB 2 -56.10 -67.14 -99.80
C ALA TB 2 -54.99 -68.03 -99.25
N ARG TB 3 -54.66 -67.83 -97.98
CA ARG TB 3 -53.66 -68.66 -97.32
C ARG TB 3 -54.09 -70.12 -97.37
N SER TB 4 -53.30 -70.95 -98.07
CA SER TB 4 -53.63 -72.36 -98.20
C SER TB 4 -52.39 -73.20 -97.95
N SER TB 5 -52.46 -74.49 -98.26
CA SER TB 5 -51.34 -75.40 -98.09
C SER TB 5 -50.49 -75.42 -99.36
N ILE TB 6 -49.20 -75.14 -99.22
CA ILE TB 6 -48.28 -75.14 -100.34
C ILE TB 6 -47.51 -76.45 -100.35
N VAL TB 7 -46.98 -76.81 -101.52
CA VAL TB 7 -46.47 -78.16 -101.77
C VAL TB 7 -45.01 -78.01 -102.18
N LEU TB 8 -44.30 -77.10 -101.52
CA LEU TB 8 -42.86 -76.91 -101.75
C LEU TB 8 -42.14 -78.24 -101.91
N THR TB 9 -41.52 -78.42 -103.08
CA THR TB 9 -40.92 -79.69 -103.45
C THR TB 9 -39.55 -79.44 -104.09
N ASP TB 10 -38.92 -80.52 -104.54
CA ASP TB 10 -37.66 -80.41 -105.26
C ASP TB 10 -37.59 -81.36 -106.46
N GLY TB 11 -38.68 -82.03 -106.82
CA GLY TB 11 -38.70 -83.00 -107.88
C GLY TB 11 -38.76 -84.43 -107.39
N THR TB 12 -38.26 -84.70 -106.19
CA THR TB 12 -38.28 -86.04 -105.61
C THR TB 12 -39.07 -86.12 -104.32
N THR TB 13 -38.81 -85.24 -103.35
CA THR TB 13 -39.39 -85.34 -102.02
C THR TB 13 -40.21 -84.09 -101.70
N PRO TB 14 -41.51 -84.08 -101.96
CA PRO TB 14 -42.32 -82.91 -101.64
C PRO TB 14 -42.54 -82.76 -100.14
N VAL TB 15 -42.83 -81.52 -99.75
CA VAL TB 15 -43.18 -81.19 -98.37
C VAL TB 15 -44.37 -80.24 -98.40
N THR TB 16 -45.40 -80.55 -97.63
CA THR TB 16 -46.61 -79.74 -97.58
C THR TB 16 -46.57 -78.85 -96.34
N LEU TB 17 -46.80 -77.57 -96.53
CA LEU TB 17 -46.74 -76.58 -95.46
C LEU TB 17 -48.08 -75.87 -95.34
N THR TB 18 -48.58 -75.77 -94.10
CA THR TB 18 -49.83 -75.08 -93.83
C THR TB 18 -49.58 -73.89 -92.92
N PRO TB 19 -50.30 -72.78 -93.13
CA PRO TB 19 -50.00 -71.55 -92.37
C PRO TB 19 -50.17 -71.75 -90.87
N VAL TB 20 -49.24 -71.18 -90.10
CA VAL TB 20 -49.22 -71.36 -88.65
C VAL TB 20 -49.14 -70.02 -87.94
N GLY TB 21 -49.62 -68.97 -88.58
CA GLY TB 21 -49.67 -67.69 -87.90
C GLY TB 21 -49.45 -66.56 -88.89
N GLY TB 22 -48.86 -65.47 -88.37
CA GLY TB 22 -48.57 -64.32 -89.18
C GLY TB 22 -49.41 -63.10 -88.83
N GLY TB 23 -50.02 -62.50 -89.83
CA GLY TB 23 -50.82 -61.30 -89.64
C GLY TB 23 -51.19 -60.66 -90.96
N VAL TB 24 -51.05 -59.34 -91.07
CA VAL TB 24 -51.24 -58.63 -92.31
C VAL TB 24 -49.88 -58.36 -92.93
N GLY TB 25 -49.72 -58.74 -94.20
CA GLY TB 25 -48.41 -58.67 -94.83
C GLY TB 25 -47.41 -59.55 -94.13
N GLN TB 26 -47.83 -60.75 -93.75
CA GLN TB 26 -46.98 -61.72 -93.08
C GLN TB 26 -47.71 -63.06 -93.07
N THR TB 27 -46.96 -64.14 -93.29
CA THR TB 27 -47.58 -65.47 -93.38
C THR TB 27 -46.50 -66.51 -93.03
N LEU TB 28 -46.65 -67.13 -91.88
CA LEU TB 28 -45.76 -68.23 -91.53
C LEU TB 28 -46.20 -69.51 -92.22
N TYR TB 29 -45.35 -70.52 -92.15
CA TYR TB 29 -45.65 -71.84 -92.69
C TYR TB 29 -44.89 -72.87 -91.87
N ARG TB 30 -45.31 -74.12 -91.97
CA ARG TB 30 -44.62 -75.25 -91.36
C ARG TB 30 -45.29 -76.53 -91.86
N ALA TB 31 -44.56 -77.64 -91.73
CA ALA TB 31 -45.02 -78.93 -92.20
C ALA TB 31 -45.64 -79.73 -91.05
N THR TB 32 -45.92 -81.00 -91.29
CA THR TB 32 -46.71 -81.82 -90.37
C THR TB 32 -45.87 -82.51 -89.29
N ALA TB 33 -44.63 -82.89 -89.59
CA ALA TB 33 -43.81 -83.65 -88.65
C ALA TB 33 -43.53 -82.84 -87.39
N GLU TB 34 -43.31 -83.52 -86.27
CA GLU TB 34 -43.24 -82.88 -84.96
C GLU TB 34 -41.89 -83.16 -84.31
N ALA TB 35 -41.28 -82.12 -83.77
CA ALA TB 35 -40.00 -82.26 -83.09
C ALA TB 35 -39.93 -81.23 -81.96
N LEU TB 36 -38.81 -81.20 -81.24
CA LEU TB 36 -38.70 -80.42 -80.01
C LEU TB 36 -38.09 -79.05 -80.24
N SER TB 37 -36.89 -78.98 -80.81
CA SER TB 37 -36.20 -77.70 -81.02
C SER TB 37 -36.56 -77.08 -82.36
N ALA TB 38 -36.27 -77.78 -83.45
CA ALA TB 38 -36.61 -77.32 -84.79
C ALA TB 38 -37.53 -78.35 -85.43
N ALA TB 39 -38.77 -77.96 -85.67
CA ALA TB 39 -39.75 -78.94 -86.12
C ALA TB 39 -39.58 -79.25 -87.61
N ASN TB 40 -39.79 -78.25 -88.46
CA ASN TB 40 -39.91 -78.49 -89.89
C ASN TB 40 -39.42 -77.29 -90.69
N PRO TB 41 -39.40 -77.37 -92.02
CA PRO TB 41 -39.19 -76.15 -92.82
C PRO TB 41 -40.26 -75.11 -92.51
N SER TB 42 -39.83 -73.84 -92.43
CA SER TB 42 -40.70 -72.75 -92.02
C SER TB 42 -40.51 -71.58 -92.98
N LEU TB 43 -41.40 -71.46 -93.95
CA LEU TB 43 -41.30 -70.46 -95.01
C LEU TB 43 -42.06 -69.21 -94.61
N SER TB 44 -41.36 -68.22 -94.07
CA SER TB 44 -42.00 -66.96 -93.72
C SER TB 44 -42.05 -66.05 -94.95
N PHE TB 45 -43.15 -65.32 -95.09
CA PHE TB 45 -43.42 -64.48 -96.26
C PHE TB 45 -43.88 -63.12 -95.78
N GLY TB 46 -43.07 -62.08 -96.06
CA GLY TB 46 -43.26 -60.80 -95.42
C GLY TB 46 -43.55 -59.60 -96.31
N TYR TB 47 -44.44 -59.75 -97.29
CA TYR TB 47 -44.70 -58.68 -98.24
C TYR TB 47 -45.24 -57.43 -97.55
N ARG TB 48 -45.03 -56.29 -98.18
CA ARG TB 48 -45.52 -55.00 -97.71
C ARG TB 48 -45.36 -53.99 -98.85
N PHE TB 49 -45.75 -52.74 -98.58
CA PHE TB 49 -45.58 -51.63 -99.51
C PHE TB 49 -44.83 -50.51 -98.80
N THR TB 50 -44.60 -49.42 -99.52
CA THR TB 50 -43.75 -48.35 -99.03
C THR TB 50 -44.33 -47.02 -99.52
N ASP TB 51 -43.51 -45.96 -99.50
CA ASP TB 51 -43.96 -44.64 -99.91
C ASP TB 51 -44.55 -44.65 -101.32
N GLY TB 52 -43.82 -45.26 -102.26
CA GLY TB 52 -44.32 -45.47 -103.60
C GLY TB 52 -45.00 -46.81 -103.72
N GLY TB 53 -45.04 -47.32 -104.94
CA GLY TB 53 -45.53 -48.66 -105.18
C GLY TB 53 -44.43 -49.68 -104.96
N THR TB 54 -43.50 -49.36 -104.06
CA THR TB 54 -42.31 -50.18 -103.86
C THR TB 54 -42.68 -51.46 -103.15
N ASN TB 55 -43.13 -52.45 -103.91
CA ASN TB 55 -43.58 -53.71 -103.34
C ASN TB 55 -42.37 -54.44 -102.78
N ARG TB 56 -42.17 -54.31 -101.47
CA ARG TB 56 -40.96 -54.81 -100.82
C ARG TB 56 -41.22 -56.18 -100.21
N GLN TB 57 -41.42 -57.16 -101.09
CA GLN TB 57 -41.65 -58.53 -100.63
C GLN TB 57 -40.38 -59.09 -99.99
N SER TB 58 -40.55 -60.17 -99.24
CA SER TB 58 -39.45 -60.78 -98.51
C SER TB 58 -39.84 -62.18 -98.10
N LEU TB 59 -38.91 -63.11 -98.20
CA LEU TB 59 -39.15 -64.51 -97.87
C LEU TB 59 -38.01 -65.03 -97.01
N SER TB 60 -38.25 -66.17 -96.39
CA SER TB 60 -37.20 -66.89 -95.68
C SER TB 60 -37.60 -68.34 -95.48
N TYR TB 61 -36.86 -69.27 -96.08
CA TYR TB 61 -37.17 -70.69 -96.03
C TYR TB 61 -36.08 -71.39 -95.22
N LYS TB 62 -36.43 -71.87 -94.03
CA LYS TB 62 -35.50 -72.60 -93.20
C LYS TB 62 -35.86 -74.07 -93.20
N GLN TB 63 -34.88 -74.92 -93.48
CA GLN TB 63 -35.06 -76.37 -93.42
C GLN TB 63 -34.10 -76.92 -92.37
N PRO TB 64 -34.60 -77.61 -91.34
CA PRO TB 64 -33.72 -78.04 -90.27
C PRO TB 64 -32.92 -79.33 -90.49
N ILE TB 65 -31.60 -79.16 -90.42
CA ILE TB 65 -30.67 -80.27 -90.56
C ILE TB 65 -30.83 -81.12 -89.32
N THR TB 66 -31.32 -82.35 -89.48
CA THR TB 66 -31.70 -83.21 -88.37
C THR TB 66 -31.36 -84.66 -88.68
N ALA TB 67 -31.17 -85.45 -87.63
CA ALA TB 67 -30.95 -86.89 -87.73
C ALA TB 67 -31.72 -87.58 -86.61
N VAL TB 68 -32.35 -88.70 -86.92
CA VAL TB 68 -33.22 -89.36 -85.96
C VAL TB 68 -32.38 -90.19 -84.98
N ASP TB 69 -32.53 -89.90 -83.70
CA ASP TB 69 -31.82 -90.66 -82.67
C ASP TB 69 -32.41 -92.06 -82.56
N SER TB 70 -31.65 -92.95 -81.95
CA SER TB 70 -32.11 -94.29 -81.67
C SER TB 70 -32.73 -94.36 -80.28
N THR TB 71 -33.81 -95.14 -80.16
CA THR TB 71 -34.55 -95.40 -78.94
C THR TB 71 -35.30 -94.18 -78.41
N THR TB 72 -35.16 -93.02 -79.03
CA THR TB 72 -35.86 -91.82 -78.59
C THR TB 72 -36.56 -91.17 -79.77
N SER TB 73 -37.80 -90.74 -79.55
CA SER TB 73 -38.62 -90.13 -80.60
C SER TB 73 -38.49 -88.61 -80.60
N GLU TB 74 -37.26 -88.11 -80.69
CA GLU TB 74 -37.02 -86.68 -80.67
C GLU TB 74 -36.26 -86.16 -81.89
N THR TB 75 -35.82 -87.06 -82.78
CA THR TB 75 -35.22 -86.72 -84.08
C THR TB 75 -34.31 -85.49 -84.00
N LEU TB 76 -33.23 -85.61 -83.22
CA LEU TB 76 -32.29 -84.52 -82.94
C LEU TB 76 -31.99 -83.70 -84.19
N VAL TB 77 -32.10 -82.38 -84.05
CA VAL TB 77 -31.80 -81.43 -85.12
C VAL TB 77 -30.41 -80.86 -84.91
N ARG TB 78 -29.66 -80.70 -86.00
CA ARG TB 78 -28.28 -80.25 -85.92
C ARG TB 78 -28.07 -78.84 -86.44
N GLY TB 79 -28.93 -78.35 -87.30
CA GLY TB 79 -28.76 -77.00 -87.83
C GLY TB 79 -29.94 -76.57 -88.67
N GLN TB 80 -29.71 -75.58 -89.55
CA GLN TB 80 -30.75 -75.11 -90.45
C GLN TB 80 -30.17 -74.44 -91.68
N CYS TB 81 -30.70 -74.77 -92.86
CA CYS TB 81 -30.25 -74.20 -94.12
C CYS TB 81 -31.12 -73.00 -94.47
N VAL TB 82 -30.73 -71.83 -93.98
CA VAL TB 82 -31.49 -70.61 -94.24
C VAL TB 82 -31.33 -70.19 -95.69
N VAL TB 83 -32.44 -69.81 -96.33
CA VAL TB 83 -32.41 -69.28 -97.68
C VAL TB 83 -33.33 -68.06 -97.77
N ASP TB 84 -32.75 -66.86 -97.71
CA ASP TB 84 -33.53 -65.63 -97.76
C ASP TB 84 -33.70 -65.18 -99.20
N ILE TB 85 -34.87 -64.64 -99.52
CA ILE TB 85 -35.14 -64.10 -100.84
C ILE TB 85 -35.88 -62.77 -100.69
N ASN TB 86 -35.19 -61.66 -100.90
CA ASN TB 86 -35.80 -60.34 -100.79
C ASN TB 86 -36.01 -59.75 -102.16
N ILE TB 87 -37.18 -59.15 -102.36
CA ILE TB 87 -37.59 -58.59 -103.64
C ILE TB 87 -37.99 -57.14 -103.44
N VAL TB 88 -37.49 -56.26 -104.31
CA VAL TB 88 -37.82 -54.85 -104.27
C VAL TB 88 -38.18 -54.43 -105.69
N ILE TB 89 -39.45 -54.16 -105.92
CA ILE TB 89 -39.96 -53.81 -107.25
C ILE TB 89 -40.45 -52.37 -107.20
N PRO TB 90 -39.98 -51.49 -108.08
CA PRO TB 90 -40.33 -50.08 -107.95
C PRO TB 90 -41.76 -49.78 -108.37
N ARG TB 91 -42.15 -48.51 -108.22
CA ARG TB 91 -43.49 -48.09 -108.62
C ARG TB 91 -43.69 -48.13 -110.13
N VAL TB 92 -42.64 -47.89 -110.91
CA VAL TB 92 -42.77 -47.70 -112.35
C VAL TB 92 -42.68 -49.03 -113.09
N ALA TB 93 -42.68 -50.13 -112.35
CA ALA TB 93 -42.43 -51.44 -112.93
C ALA TB 93 -43.71 -52.01 -113.51
N THR TB 94 -43.79 -52.04 -114.84
CA THR TB 94 -44.89 -52.69 -115.52
C THR TB 94 -44.94 -54.17 -115.14
N ALA TB 95 -46.16 -54.71 -115.01
CA ALA TB 95 -46.33 -56.07 -114.53
C ALA TB 95 -45.64 -57.10 -115.42
N THR TB 96 -45.38 -56.78 -116.69
CA THR TB 96 -44.56 -57.65 -117.50
C THR TB 96 -43.10 -57.60 -117.05
N ASP TB 97 -42.59 -56.40 -116.75
CA ASP TB 97 -41.21 -56.28 -116.29
C ASP TB 97 -41.01 -56.99 -114.96
N ARG TB 98 -41.98 -56.89 -114.05
CA ARG TB 98 -41.84 -57.58 -112.77
C ARG TB 98 -41.83 -59.10 -112.96
N ALA TB 99 -42.70 -59.62 -113.83
CA ALA TB 99 -42.70 -61.05 -114.09
C ALA TB 99 -41.37 -61.49 -114.68
N GLU TB 100 -40.84 -60.72 -115.63
CA GLU TB 100 -39.55 -61.05 -116.21
C GLU TB 100 -38.46 -61.05 -115.14
N ALA TB 101 -38.44 -60.04 -114.29
CA ALA TB 101 -37.40 -59.93 -113.28
C ALA TB 101 -37.46 -61.10 -112.30
N ILE TB 102 -38.66 -61.45 -111.84
CA ILE TB 102 -38.78 -62.54 -110.86
C ILE TB 102 -38.40 -63.87 -111.50
N LYS TB 103 -38.94 -64.15 -112.69
CA LYS TB 103 -38.68 -65.44 -113.30
C LYS TB 103 -37.23 -65.57 -113.76
N ARG TB 104 -36.57 -64.45 -114.06
CA ARG TB 104 -35.16 -64.51 -114.40
C ARG TB 104 -34.30 -64.68 -113.16
N ALA TB 105 -34.67 -64.04 -112.06
CA ALA TB 105 -33.92 -64.23 -110.82
C ALA TB 105 -34.02 -65.66 -110.31
N PHE TB 106 -35.21 -66.26 -110.44
CA PHE TB 106 -35.38 -67.63 -109.97
C PHE TB 106 -34.88 -68.67 -110.97
N ASP TB 107 -34.37 -68.24 -112.12
CA ASP TB 107 -33.73 -69.15 -113.07
C ASP TB 107 -32.23 -69.25 -112.85
N VAL TB 108 -31.70 -68.63 -111.80
CA VAL TB 108 -30.27 -68.74 -111.51
C VAL TB 108 -29.91 -70.19 -111.22
N LEU TB 109 -30.77 -70.89 -110.49
CA LEU TB 109 -30.48 -72.27 -110.12
C LEU TB 109 -30.24 -73.16 -111.32
N ASN TB 110 -30.84 -72.85 -112.46
CA ASN TB 110 -30.62 -73.62 -113.67
C ASN TB 110 -29.43 -73.14 -114.49
N ALA TB 111 -28.90 -71.95 -114.20
CA ALA TB 111 -27.73 -71.43 -114.90
C ALA TB 111 -26.47 -71.50 -114.03
N LEU TB 112 -26.57 -71.04 -112.79
CA LEU TB 112 -25.47 -71.10 -111.83
C LEU TB 112 -25.65 -72.30 -110.92
N ASN TB 113 -25.77 -73.47 -111.54
CA ASN TB 113 -26.27 -74.66 -110.84
C ASN TB 113 -25.23 -75.24 -109.89
N ALA TB 114 -24.06 -75.60 -110.42
CA ALA TB 114 -23.08 -76.33 -109.62
C ALA TB 114 -22.60 -75.50 -108.44
N GLU TB 115 -22.39 -74.20 -108.64
CA GLU TB 115 -21.91 -73.33 -107.56
C GLU TB 115 -22.90 -73.25 -106.40
N LEU TB 116 -24.19 -73.43 -106.67
CA LEU TB 116 -25.22 -73.34 -105.64
C LEU TB 116 -25.50 -74.69 -104.99
N ILE TB 117 -25.60 -75.74 -105.80
CA ILE TB 117 -25.88 -77.07 -105.25
C ILE TB 117 -24.65 -77.63 -104.56
N THR TB 118 -23.54 -77.75 -105.30
CA THR TB 118 -22.32 -78.34 -104.74
C THR TB 118 -21.62 -77.39 -103.79
N GLY TB 119 -21.55 -76.10 -104.12
CA GLY TB 119 -20.94 -75.13 -103.25
C GLY TB 119 -19.46 -74.92 -103.51
N GLU TB 120 -19.11 -74.68 -104.77
CA GLU TB 120 -17.71 -74.63 -105.18
C GLU TB 120 -17.59 -73.83 -106.45
N GLY TB 121 -16.35 -73.46 -106.78
CA GLY TB 121 -16.06 -73.04 -108.13
C GLY TB 121 -15.70 -71.58 -108.34
N GLN TB 122 -15.98 -71.08 -109.54
CA GLN TB 122 -15.61 -69.74 -109.98
C GLN TB 122 -14.09 -69.57 -109.94
N TRP TB 123 -13.44 -70.32 -110.83
CA TRP TB 123 -11.98 -70.27 -110.95
C TRP TB 123 -11.59 -69.09 -111.82
N ALA UB 1 -90.55 92.58 17.13
CA ALA UB 1 -90.53 93.73 18.02
C ALA UB 1 -89.88 93.37 19.35
N ALA UB 2 -89.92 94.29 20.31
CA ALA UB 2 -89.37 94.00 21.62
C ALA UB 2 -90.17 92.90 22.29
N ARG UB 3 -89.46 91.96 22.92
CA ARG UB 3 -90.11 90.82 23.56
C ARG UB 3 -91.02 91.30 24.68
N SER UB 4 -92.22 90.72 24.76
CA SER UB 4 -93.20 91.10 25.76
C SER UB 4 -94.02 89.85 26.10
N SER UB 5 -95.16 90.08 26.74
CA SER UB 5 -96.07 88.99 27.09
C SER UB 5 -97.06 88.74 25.96
N ILE UB 6 -97.57 87.51 25.90
CA ILE UB 6 -98.56 87.12 24.91
C ILE UB 6 -99.73 86.45 25.61
N VAL UB 7 -100.91 86.53 25.00
CA VAL UB 7 -102.17 86.29 25.69
C VAL UB 7 -102.91 85.18 24.94
N LEU UB 8 -102.16 84.18 24.47
CA LEU UB 8 -102.75 83.00 23.83
C LEU UB 8 -104.06 82.58 24.48
N THR UB 9 -105.08 82.42 23.66
CA THR UB 9 -106.42 82.12 24.14
C THR UB 9 -107.09 81.13 23.20
N ASP UB 10 -108.26 80.64 23.63
CA ASP UB 10 -109.09 79.80 22.79
C ASP UB 10 -110.55 80.23 22.92
N GLY UB 11 -110.77 81.49 23.25
CA GLY UB 11 -112.12 82.02 23.33
C GLY UB 11 -112.69 82.00 24.73
N THR UB 12 -112.23 81.07 25.57
CA THR UB 12 -112.78 80.94 26.91
C THR UB 12 -111.74 81.02 28.02
N THR UB 13 -110.55 80.45 27.83
CA THR UB 13 -109.53 80.41 28.88
C THR UB 13 -108.22 80.98 28.34
N PRO UB 14 -108.03 82.29 28.43
CA PRO UB 14 -106.76 82.88 27.99
C PRO UB 14 -105.60 82.44 28.87
N VAL UB 15 -104.41 82.43 28.28
CA VAL UB 15 -103.18 82.08 28.97
C VAL UB 15 -102.18 83.19 28.71
N THR UB 16 -101.66 83.78 29.77
CA THR UB 16 -100.64 84.82 29.65
C THR UB 16 -99.26 84.18 29.77
N LEU UB 17 -98.46 84.32 28.72
CA LEU UB 17 -97.11 83.78 28.69
C LEU UB 17 -96.11 84.93 28.77
N THR UB 18 -94.97 84.65 29.41
CA THR UB 18 -93.93 85.65 29.60
C THR UB 18 -92.61 85.06 29.13
N PRO UB 19 -91.69 85.91 28.62
CA PRO UB 19 -90.41 85.40 28.12
C PRO UB 19 -89.44 85.08 29.25
N VAL UB 20 -89.05 83.82 29.37
CA VAL UB 20 -88.22 83.39 30.48
C VAL UB 20 -86.93 82.76 29.97
N GLY UB 21 -86.45 83.20 28.83
CA GLY UB 21 -85.21 82.68 28.30
C GLY UB 21 -85.13 82.90 26.80
N GLY UB 22 -84.21 82.17 26.18
CA GLY UB 22 -84.03 82.25 24.75
C GLY UB 22 -82.59 82.48 24.32
N GLY UB 23 -82.42 83.31 23.30
CA GLY UB 23 -81.08 83.57 22.78
C GLY UB 23 -81.14 84.41 21.54
N VAL UB 24 -80.27 84.09 20.59
CA VAL UB 24 -80.25 84.75 19.29
C VAL UB 24 -81.10 83.92 18.34
N GLY UB 25 -82.17 84.50 17.81
CA GLY UB 25 -83.10 83.76 16.99
C GLY UB 25 -83.84 82.70 17.78
N GLN UB 26 -84.29 83.05 18.98
CA GLN UB 26 -85.04 82.15 19.85
C GLN UB 26 -85.62 82.95 20.99
N THR UB 27 -86.81 82.55 21.45
CA THR UB 27 -87.46 83.26 22.55
C THR UB 27 -88.43 82.28 23.23
N LEU UB 28 -88.00 81.70 24.34
CA LEU UB 28 -88.87 80.83 25.11
C LEU UB 28 -89.94 81.65 25.82
N TYR UB 29 -91.08 81.02 26.06
CA TYR UB 29 -92.16 81.61 26.83
C TYR UB 29 -92.65 80.57 27.84
N ARG UB 30 -93.30 81.05 28.88
CA ARG UB 30 -93.93 80.14 29.83
C ARG UB 30 -95.09 80.86 30.50
N ALA UB 31 -96.14 80.11 30.81
CA ALA UB 31 -97.26 80.68 31.53
C ALA UB 31 -96.83 81.08 32.94
N THR UB 32 -97.38 82.19 33.42
CA THR UB 32 -96.96 82.74 34.70
C THR UB 32 -97.11 81.71 35.82
N ALA UB 33 -98.35 81.32 36.10
CA ALA UB 33 -98.62 80.24 37.03
C ALA UB 33 -100.05 79.76 36.81
N GLU UB 34 -100.20 78.50 36.39
CA GLU UB 34 -101.54 77.92 36.34
C GLU UB 34 -101.93 77.35 37.70
N ALA UB 35 -101.27 76.28 38.13
CA ALA UB 35 -101.40 75.78 39.50
C ALA UB 35 -100.11 75.27 40.10
N LEU UB 36 -99.08 74.99 39.31
CA LEU UB 36 -97.80 74.47 39.76
C LEU UB 36 -96.84 74.53 38.58
N SER UB 37 -95.62 74.05 38.77
CA SER UB 37 -94.69 73.91 37.67
C SER UB 37 -94.93 72.59 36.95
N ALA UB 38 -94.46 72.51 35.71
CA ALA UB 38 -94.66 71.42 34.77
C ALA UB 38 -96.11 71.30 34.31
N ALA UB 39 -97.02 72.12 34.84
CA ALA UB 39 -98.39 72.19 34.39
C ALA UB 39 -98.66 73.54 33.75
N ASN UB 40 -97.62 74.11 33.12
CA ASN UB 40 -97.69 75.42 32.50
C ASN UB 40 -97.31 75.33 31.03
N PRO UB 41 -98.14 75.85 30.13
CA PRO UB 41 -97.82 75.78 28.71
C PRO UB 41 -96.60 76.64 28.36
N SER UB 42 -95.92 76.25 27.28
CA SER UB 42 -94.77 76.99 26.79
C SER UB 42 -94.93 77.21 25.29
N LEU UB 43 -94.28 78.26 24.78
CA LEU UB 43 -94.43 78.72 23.40
C LEU UB 43 -93.06 78.99 22.78
N SER UB 44 -92.18 77.99 22.76
CA SER UB 44 -90.87 78.17 22.18
C SER UB 44 -90.98 78.70 20.75
N PHE UB 45 -90.17 79.69 20.42
CA PHE UB 45 -90.30 80.40 19.14
C PHE UB 45 -88.91 80.79 18.65
N GLY UB 46 -88.50 80.22 17.51
CA GLY UB 46 -87.24 80.56 16.88
C GLY UB 46 -87.43 81.18 15.51
N TYR UB 47 -86.32 81.68 14.97
CA TYR UB 47 -86.31 82.35 13.68
C TYR UB 47 -84.87 82.49 13.23
N ARG UB 48 -84.64 82.31 11.94
CA ARG UB 48 -83.29 82.39 11.41
C ARG UB 48 -83.35 82.61 9.91
N PHE UB 49 -82.22 83.05 9.35
CA PHE UB 49 -82.05 83.26 7.92
C PHE UB 49 -80.89 82.41 7.44
N THR UB 50 -81.12 81.64 6.37
CA THR UB 50 -80.04 80.91 5.73
C THR UB 50 -79.35 81.80 4.69
N ASP UB 51 -78.59 81.17 3.79
CA ASP UB 51 -77.90 81.88 2.72
C ASP UB 51 -78.76 82.97 2.09
N GLY UB 52 -79.92 82.61 1.58
CA GLY UB 52 -80.86 83.57 1.04
C GLY UB 52 -81.76 84.12 2.13
N GLY UB 53 -82.75 84.90 1.71
CA GLY UB 53 -83.67 85.49 2.66
C GLY UB 53 -84.76 84.53 3.11
N THR UB 54 -84.42 83.25 3.21
CA THR UB 54 -85.38 82.22 3.61
C THR UB 54 -85.72 82.43 5.09
N ASN UB 55 -86.86 83.06 5.33
CA ASN UB 55 -87.28 83.44 6.67
C ASN UB 55 -87.83 82.23 7.43
N ARG UB 56 -86.98 81.29 7.82
CA ARG UB 56 -87.43 80.05 8.44
C ARG UB 56 -87.76 80.28 9.90
N GLN UB 57 -88.95 80.81 10.14
CA GLN UB 57 -89.48 80.89 11.49
C GLN UB 57 -89.94 79.52 11.96
N SER UB 58 -89.99 79.33 13.27
CA SER UB 58 -90.39 78.05 13.83
C SER UB 58 -91.08 78.28 15.16
N LEU UB 59 -92.08 77.46 15.44
CA LEU UB 59 -92.82 77.56 16.69
C LEU UB 59 -92.99 76.17 17.29
N SER UB 60 -93.27 76.15 18.59
CA SER UB 60 -93.55 74.92 19.30
C SER UB 60 -94.32 75.27 20.56
N TYR UB 61 -95.61 74.97 20.58
CA TYR UB 61 -96.46 75.20 21.73
C TYR UB 61 -96.72 73.87 22.41
N LYS UB 62 -96.38 73.78 23.69
CA LYS UB 62 -96.54 72.55 24.46
C LYS UB 62 -97.45 72.84 25.64
N GLN UB 63 -98.56 72.11 25.72
CA GLN UB 63 -99.50 72.23 26.83
C GLN UB 63 -99.58 70.91 27.55
N PRO UB 64 -99.19 70.84 28.83
CA PRO UB 64 -99.17 69.56 29.53
C PRO UB 64 -100.53 69.19 30.12
N ILE UB 65 -100.80 67.89 30.12
CA ILE UB 65 -102.07 67.34 30.56
C ILE UB 65 -101.92 66.91 32.01
N THR UB 66 -102.62 67.60 32.91
CA THR UB 66 -102.50 67.36 34.33
C THR UB 66 -103.73 66.63 34.84
N ALA UB 67 -103.54 65.84 35.89
CA ALA UB 67 -104.61 65.02 36.45
C ALA UB 67 -104.31 64.74 37.91
N VAL UB 68 -105.38 64.60 38.70
CA VAL UB 68 -105.24 64.35 40.12
C VAL UB 68 -104.81 62.90 40.36
N ASP UB 69 -104.15 62.68 41.51
CA ASP UB 69 -103.60 61.38 41.90
C ASP UB 69 -104.13 61.00 43.27
N SER UB 70 -105.47 60.99 43.39
CA SER UB 70 -106.20 60.90 44.65
C SER UB 70 -105.60 59.94 45.68
N THR UB 71 -104.96 58.86 45.23
CA THR UB 71 -104.21 58.02 46.15
C THR UB 71 -103.17 58.82 46.93
N THR UB 72 -102.63 59.89 46.33
CA THR UB 72 -101.75 60.83 47.00
C THR UB 72 -102.25 62.26 46.93
N SER UB 73 -103.21 62.56 46.05
CA SER UB 73 -103.79 63.90 45.89
C SER UB 73 -102.77 64.92 45.38
N GLU UB 74 -101.75 64.47 44.65
CA GLU UB 74 -100.76 65.35 44.06
C GLU UB 74 -101.01 65.43 42.56
N THR UB 75 -101.09 66.65 42.03
CA THR UB 75 -101.50 66.89 40.65
C THR UB 75 -100.36 66.55 39.69
N LEU UB 76 -100.19 65.25 39.46
CA LEU UB 76 -99.16 64.78 38.54
C LEU UB 76 -99.54 65.09 37.10
N VAL UB 77 -98.53 65.22 36.25
CA VAL UB 77 -98.72 65.47 34.82
C VAL UB 77 -98.42 64.20 34.05
N ARG UB 78 -99.31 63.84 33.12
CA ARG UB 78 -99.19 62.60 32.37
C ARG UB 78 -98.35 62.76 31.10
N GLY UB 79 -98.79 63.65 30.21
CA GLY UB 79 -98.07 63.91 28.97
C GLY UB 79 -98.27 65.33 28.50
N GLN UB 80 -98.06 65.61 27.22
CA GLN UB 80 -98.20 66.96 26.71
C GLN UB 80 -98.70 66.93 25.27
N CYS UB 81 -99.47 67.95 24.91
CA CYS UB 81 -99.89 68.19 23.54
C CYS UB 81 -98.93 69.17 22.90
N VAL UB 82 -98.41 68.81 21.73
CA VAL UB 82 -97.36 69.55 21.06
C VAL UB 82 -97.89 70.01 19.70
N VAL UB 83 -97.74 71.31 19.41
CA VAL UB 83 -98.13 71.86 18.11
C VAL UB 83 -96.93 72.61 17.56
N ASP UB 84 -96.47 72.22 16.39
CA ASP UB 84 -95.32 72.86 15.74
C ASP UB 84 -95.81 73.56 14.47
N ILE UB 85 -95.66 74.87 14.43
CA ILE UB 85 -96.00 75.64 13.23
C ILE UB 85 -94.74 76.18 12.59
N ASN UB 86 -94.15 75.43 11.67
CA ASN UB 86 -92.99 75.92 10.94
C ASN UB 86 -93.41 76.75 9.75
N ILE UB 87 -92.64 77.78 9.46
CA ILE UB 87 -92.91 78.69 8.36
C ILE UB 87 -91.62 78.92 7.60
N VAL UB 88 -91.69 78.81 6.27
CA VAL UB 88 -90.54 79.08 5.40
C VAL UB 88 -91.01 80.00 4.28
N ILE UB 89 -90.41 81.17 4.18
CA ILE UB 89 -90.71 82.14 3.14
C ILE UB 89 -89.40 82.49 2.43
N PRO UB 90 -89.30 82.28 1.12
CA PRO UB 90 -88.04 82.55 0.43
C PRO UB 90 -87.81 84.05 0.25
N ARG UB 91 -86.60 84.38 -0.19
CA ARG UB 91 -86.25 85.77 -0.41
C ARG UB 91 -87.07 86.39 -1.55
N VAL UB 92 -87.43 85.60 -2.55
CA VAL UB 92 -88.10 86.08 -3.75
C VAL UB 92 -89.56 86.40 -3.45
N ALA UB 93 -89.97 86.21 -2.20
CA ALA UB 93 -91.37 86.36 -1.83
C ALA UB 93 -91.75 87.83 -1.72
N THR UB 94 -92.84 88.21 -2.38
CA THR UB 94 -93.39 89.53 -2.21
C THR UB 94 -93.94 89.67 -0.80
N ALA UB 95 -93.95 90.90 -0.29
CA ALA UB 95 -94.48 91.17 1.04
C ALA UB 95 -95.95 90.83 1.17
N THR UB 96 -96.69 90.72 0.08
CA THR UB 96 -98.09 90.33 0.12
C THR UB 96 -98.29 88.83 -0.01
N ASP UB 97 -97.33 88.11 -0.60
CA ASP UB 97 -97.42 86.66 -0.67
C ASP UB 97 -97.21 86.04 0.70
N ARG UB 98 -96.31 86.61 1.51
CA ARG UB 98 -96.05 86.05 2.83
C ARG UB 98 -97.29 86.14 3.72
N ALA UB 99 -97.93 87.30 3.77
CA ALA UB 99 -99.13 87.45 4.59
C ALA UB 99 -100.24 86.55 4.10
N GLU UB 100 -100.41 86.46 2.77
CA GLU UB 100 -101.42 85.58 2.20
C GLU UB 100 -101.19 84.14 2.62
N ALA UB 101 -99.97 83.65 2.47
CA ALA UB 101 -99.66 82.27 2.82
C ALA UB 101 -99.88 82.02 4.31
N ILE UB 102 -99.39 82.93 5.16
CA ILE UB 102 -99.51 82.71 6.60
C ILE UB 102 -100.96 82.65 7.02
N LYS UB 103 -101.75 83.64 6.61
CA LYS UB 103 -103.14 83.66 7.06
C LYS UB 103 -103.94 82.50 6.47
N ARG UB 104 -103.68 82.15 5.21
CA ARG UB 104 -104.40 81.00 4.62
C ARG UB 104 -104.06 79.71 5.36
N ALA UB 105 -102.79 79.48 5.65
CA ALA UB 105 -102.41 78.26 6.34
C ALA UB 105 -102.95 78.23 7.76
N PHE UB 106 -103.06 79.38 8.42
CA PHE UB 106 -103.66 79.40 9.75
C PHE UB 106 -105.17 79.28 9.71
N ASP UB 107 -105.81 79.54 8.56
CA ASP UB 107 -107.25 79.34 8.44
C ASP UB 107 -107.64 77.88 8.31
N VAL UB 108 -106.69 76.95 8.40
CA VAL UB 108 -106.99 75.53 8.24
C VAL UB 108 -107.97 75.08 9.33
N LEU UB 109 -107.71 75.47 10.58
CA LEU UB 109 -108.56 75.04 11.67
C LEU UB 109 -110.00 75.47 11.47
N ASN UB 110 -110.21 76.65 10.89
CA ASN UB 110 -111.57 77.05 10.53
C ASN UB 110 -112.10 76.20 9.39
N ALA UB 111 -111.25 75.87 8.41
CA ALA UB 111 -111.70 75.08 7.27
C ALA UB 111 -111.71 73.58 7.59
N LEU UB 112 -110.54 73.01 7.90
CA LEU UB 112 -110.41 71.58 8.13
C LEU UB 112 -110.55 71.27 9.62
N ASN UB 113 -111.72 71.60 10.15
CA ASN UB 113 -111.90 71.66 11.60
C ASN UB 113 -111.98 70.27 12.23
N ALA UB 114 -112.99 69.49 11.83
CA ALA UB 114 -113.36 68.29 12.58
C ALA UB 114 -112.24 67.27 12.69
N GLU UB 115 -111.31 67.24 11.74
CA GLU UB 115 -110.23 66.27 11.80
C GLU UB 115 -109.08 66.69 12.71
N LEU UB 116 -109.04 67.95 13.11
CA LEU UB 116 -108.01 68.45 14.02
C LEU UB 116 -108.50 68.49 15.47
N ILE UB 117 -109.64 69.12 15.71
CA ILE UB 117 -110.17 69.27 17.06
C ILE UB 117 -110.49 67.90 17.66
N THR UB 118 -111.21 67.07 16.89
CA THR UB 118 -111.74 65.82 17.43
C THR UB 118 -110.77 64.67 17.29
N GLY UB 119 -109.88 64.70 16.30
CA GLY UB 119 -108.91 63.65 16.11
C GLY UB 119 -109.35 62.51 15.23
N GLU UB 120 -110.56 62.55 14.68
CA GLU UB 120 -111.03 61.48 13.83
C GLU UB 120 -110.24 61.44 12.53
N GLY UB 121 -110.12 60.24 11.96
CA GLY UB 121 -109.41 60.05 10.71
C GLY UB 121 -110.38 60.03 9.55
N GLN UB 122 -110.20 60.96 8.62
CA GLN UB 122 -111.10 61.07 7.49
C GLN UB 122 -110.98 59.86 6.58
N TRP UB 123 -112.11 59.43 6.03
CA TRP UB 123 -112.18 58.24 5.20
C TRP UB 123 -112.40 58.60 3.74
N ALA VB 1 -94.50 92.93 35.51
CA ALA VB 1 -93.15 92.43 35.70
C ALA VB 1 -92.21 92.93 34.62
N ALA VB 2 -92.47 94.13 34.12
CA ALA VB 2 -91.59 94.80 33.19
C ALA VB 2 -90.43 95.44 33.94
N ARG VB 3 -89.39 95.79 33.20
CA ARG VB 3 -88.20 96.37 33.81
C ARG VB 3 -88.42 97.84 34.11
N SER VB 4 -88.26 98.21 35.38
CA SER VB 4 -88.39 99.59 35.83
C SER VB 4 -87.51 99.78 37.04
N SER VB 5 -87.44 101.01 37.53
CA SER VB 5 -86.63 101.33 38.68
C SER VB 5 -87.21 100.68 39.94
N ILE VB 6 -86.33 100.19 40.80
CA ILE VB 6 -86.73 99.59 42.07
C ILE VB 6 -86.11 100.39 43.21
N VAL VB 7 -86.74 100.31 44.37
CA VAL VB 7 -86.50 101.27 45.45
C VAL VB 7 -86.02 100.52 46.69
N LEU VB 8 -85.15 99.53 46.50
CA LEU VB 8 -84.51 98.82 47.60
C LEU VB 8 -84.18 99.77 48.76
N THR VB 9 -84.59 99.38 49.96
CA THR VB 9 -84.42 100.23 51.13
C THR VB 9 -84.24 99.37 52.36
N ASP VB 10 -83.58 99.94 53.37
CA ASP VB 10 -83.37 99.29 54.66
C ASP VB 10 -84.25 99.86 55.75
N GLY VB 11 -85.04 100.89 55.45
CA GLY VB 11 -85.86 101.54 56.46
C GLY VB 11 -85.45 102.97 56.67
N THR VB 12 -84.14 103.23 56.63
CA THR VB 12 -83.62 104.59 56.86
C THR VB 12 -83.37 105.33 55.55
N THR VB 13 -82.52 104.78 54.69
CA THR VB 13 -82.13 105.45 53.45
C THR VB 13 -82.50 104.58 52.26
N PRO VB 14 -83.50 104.97 51.47
CA PRO VB 14 -83.81 104.21 50.25
C PRO VB 14 -82.82 104.50 49.15
N VAL VB 15 -82.51 103.47 48.36
CA VAL VB 15 -81.67 103.61 47.18
C VAL VB 15 -82.47 103.14 45.98
N THR VB 16 -82.50 103.97 44.93
CA THR VB 16 -83.28 103.69 43.73
C THR VB 16 -82.35 103.15 42.66
N LEU VB 17 -82.52 101.89 42.30
CA LEU VB 17 -81.73 101.26 41.25
C LEU VB 17 -82.51 101.30 39.94
N THR VB 18 -81.86 101.74 38.87
CA THR VB 18 -82.47 101.75 37.56
C THR VB 18 -81.79 100.71 36.66
N PRO VB 19 -82.52 100.13 35.71
CA PRO VB 19 -81.89 99.12 34.83
C PRO VB 19 -80.78 99.73 34.01
N VAL VB 20 -79.72 98.94 33.79
CA VAL VB 20 -78.61 99.35 32.95
C VAL VB 20 -78.28 98.23 31.96
N GLY VB 21 -79.25 97.36 31.68
CA GLY VB 21 -79.05 96.38 30.64
C GLY VB 21 -79.47 94.97 30.98
N GLY VB 22 -78.79 94.00 30.37
CA GLY VB 22 -78.99 92.60 30.68
C GLY VB 22 -79.51 91.75 29.55
N GLY VB 23 -80.50 92.22 28.81
CA GLY VB 23 -81.08 91.41 27.77
C GLY VB 23 -82.04 90.37 28.31
N VAL VB 24 -82.17 89.23 27.62
CA VAL VB 24 -83.10 88.18 28.00
C VAL VB 24 -82.38 87.23 28.94
N GLY VB 25 -83.09 86.76 29.96
CA GLY VB 25 -82.52 85.86 30.94
C GLY VB 25 -81.80 86.52 32.09
N GLN VB 26 -81.72 87.86 32.11
CA GLN VB 26 -81.09 88.55 33.23
C GLN VB 26 -81.47 90.03 33.16
N THR VB 27 -81.08 90.75 34.19
CA THR VB 27 -81.34 92.20 34.27
C THR VB 27 -80.33 92.80 35.22
N LEU VB 28 -79.60 93.80 34.78
CA LEU VB 28 -78.65 94.50 35.62
C LEU VB 28 -79.27 95.80 36.10
N TYR VB 29 -79.08 96.10 37.39
CA TYR VB 29 -79.55 97.35 37.96
C TYR VB 29 -78.36 98.13 38.48
N ARG VB 30 -78.57 99.43 38.68
CA ARG VB 30 -77.55 100.27 39.30
C ARG VB 30 -78.15 101.61 39.70
N ALA VB 31 -77.76 102.13 40.87
CA ALA VB 31 -78.22 103.42 41.32
C ALA VB 31 -77.40 104.52 40.65
N THR VB 32 -77.75 105.78 40.92
CA THR VB 32 -76.98 106.88 40.35
C THR VB 32 -75.73 107.17 41.15
N ALA VB 33 -75.90 107.69 42.38
CA ALA VB 33 -74.80 108.10 43.25
C ALA VB 33 -73.65 108.70 42.45
N GLU VB 34 -74.01 109.62 41.57
CA GLU VB 34 -73.12 110.06 40.49
C GLU VB 34 -71.86 110.69 41.05
N ALA VB 35 -70.77 110.59 40.29
CA ALA VB 35 -69.50 111.22 40.63
C ALA VB 35 -69.00 110.72 41.99
N LEU VB 36 -68.58 109.45 42.01
CA LEU VB 36 -68.21 108.60 40.88
C LEU VB 36 -69.36 107.72 40.41
N SER VB 37 -69.23 107.14 39.22
CA SER VB 37 -70.27 106.29 38.67
C SER VB 37 -70.12 104.82 39.02
N ALA VB 38 -68.94 104.41 39.44
CA ALA VB 38 -68.70 103.03 39.88
C ALA VB 38 -68.87 102.86 41.38
N ALA VB 39 -69.17 103.94 42.10
CA ALA VB 39 -69.38 103.88 43.55
C ALA VB 39 -70.87 103.92 43.89
N ASN VB 40 -71.60 102.91 43.44
CA ASN VB 40 -73.03 102.81 43.75
C ASN VB 40 -73.45 101.35 43.65
N PRO VB 41 -74.49 100.96 44.37
CA PRO VB 41 -74.87 99.54 44.43
C PRO VB 41 -75.46 99.05 43.11
N SER VB 42 -75.45 97.72 42.97
CA SER VB 42 -75.95 97.05 41.77
C SER VB 42 -76.65 95.77 42.18
N LEU VB 43 -77.56 95.30 41.32
CA LEU VB 43 -78.45 94.19 41.63
C LEU VB 43 -78.54 93.19 40.47
N SER VB 44 -77.39 92.65 40.06
CA SER VB 44 -77.40 91.70 38.95
C SER VB 44 -78.38 90.56 39.22
N PHE VB 45 -79.45 90.49 38.44
CA PHE VB 45 -80.53 89.53 38.66
C PHE VB 45 -80.75 88.69 37.41
N GLY VB 46 -80.52 87.39 37.51
CA GLY VB 46 -80.72 86.49 36.40
C GLY VB 46 -81.70 85.37 36.74
N TYR VB 47 -82.17 84.70 35.70
CA TYR VB 47 -83.17 83.65 35.84
C TYR VB 47 -83.17 82.81 34.57
N ARG VB 48 -83.54 81.54 34.72
CA ARG VB 48 -83.59 80.64 33.57
C ARG VB 48 -84.41 79.42 33.96
N PHE VB 49 -84.71 78.58 32.97
CA PHE VB 49 -85.38 77.30 33.16
C PHE VB 49 -84.55 76.22 32.51
N THR VB 50 -84.25 75.16 33.26
CA THR VB 50 -83.44 74.07 32.76
C THR VB 50 -84.29 73.12 31.94
N ASP VB 51 -83.76 71.92 31.67
CA ASP VB 51 -84.47 70.91 30.89
C ASP VB 51 -85.87 70.68 31.44
N GLY VB 52 -86.01 70.56 32.76
CA GLY VB 52 -87.31 70.44 33.35
C GLY VB 52 -87.96 71.80 33.56
N GLY VB 53 -88.66 71.97 34.67
CA GLY VB 53 -89.23 73.25 35.02
C GLY VB 53 -88.46 73.87 36.17
N THR VB 54 -87.23 73.42 36.36
CA THR VB 54 -86.42 73.87 37.49
C THR VB 54 -86.04 75.33 37.28
N ASN VB 55 -86.76 76.21 37.97
CA ASN VB 55 -86.52 77.65 37.87
C ASN VB 55 -85.30 77.98 38.73
N ARG VB 56 -84.23 78.45 38.10
CA ARG VB 56 -83.00 78.79 38.81
C ARG VB 56 -82.80 80.30 38.76
N GLN VB 57 -83.38 80.98 39.74
CA GLN VB 57 -83.20 82.41 39.86
C GLN VB 57 -81.93 82.71 40.65
N SER VB 58 -81.37 83.89 40.43
CA SER VB 58 -80.12 84.25 41.08
C SER VB 58 -79.97 85.76 41.19
N LEU VB 59 -79.70 86.26 42.39
CA LEU VB 59 -79.51 87.69 42.60
C LEU VB 59 -78.14 87.92 43.21
N SER VB 60 -77.54 89.05 42.84
CA SER VB 60 -76.26 89.43 43.39
C SER VB 60 -76.30 90.94 43.62
N TYR VB 61 -76.34 91.35 44.86
CA TYR VB 61 -76.40 92.76 45.24
C TYR VB 61 -75.04 93.16 45.78
N LYS VB 62 -74.42 94.13 45.13
CA LYS VB 62 -73.11 94.64 45.52
C LYS VB 62 -73.23 96.09 45.93
N GLN VB 63 -72.73 96.42 47.11
CA GLN VB 63 -72.70 97.81 47.58
C GLN VB 63 -71.27 98.21 47.85
N PRO VB 64 -70.71 99.18 47.13
CA PRO VB 64 -69.33 99.57 47.38
C PRO VB 64 -69.21 100.55 48.54
N ILE VB 65 -68.06 100.52 49.19
CA ILE VB 65 -67.76 101.32 50.36
C ILE VB 65 -66.98 102.53 49.90
N THR VB 66 -67.58 103.70 50.01
CA THR VB 66 -66.99 104.94 49.52
C THR VB 66 -66.26 105.67 50.63
N ALA VB 67 -65.43 106.62 50.23
CA ALA VB 67 -64.69 107.45 51.18
C ALA VB 67 -64.30 108.74 50.47
N VAL VB 68 -64.96 109.84 50.82
CA VAL VB 68 -64.71 111.11 50.16
C VAL VB 68 -63.39 111.67 50.67
N ASP VB 69 -62.38 111.69 49.80
CA ASP VB 69 -61.03 112.15 50.15
C ASP VB 69 -61.03 113.67 50.15
N SER VB 70 -61.14 114.26 51.34
CA SER VB 70 -61.26 115.72 51.45
C SER VB 70 -60.04 116.45 50.91
N THR VB 71 -58.87 115.80 50.92
CA THR VB 71 -57.67 116.44 50.39
C THR VB 71 -57.81 116.74 48.90
N THR VB 72 -58.22 115.73 48.13
CA THR VB 72 -58.31 115.85 46.68
C THR VB 72 -59.75 116.06 46.20
N SER VB 73 -60.74 115.77 47.06
CA SER VB 73 -62.16 115.89 46.75
C SER VB 73 -62.55 114.94 45.61
N GLU VB 74 -62.23 113.66 45.82
CA GLU VB 74 -62.65 112.60 44.92
C GLU VB 74 -63.13 111.42 45.75
N THR VB 75 -64.09 110.68 45.21
CA THR VB 75 -64.62 109.52 45.90
C THR VB 75 -63.77 108.29 45.59
N LEU VB 76 -63.34 107.60 46.62
CA LEU VB 76 -62.52 106.41 46.49
C LEU VB 76 -63.32 105.19 46.90
N VAL VB 77 -63.08 104.08 46.23
CA VAL VB 77 -63.79 102.83 46.48
C VAL VB 77 -62.84 101.88 47.20
N ARG VB 78 -63.18 101.50 48.42
CA ARG VB 78 -62.31 100.67 49.25
C ARG VB 78 -62.64 99.18 49.14
N GLY VB 79 -63.87 98.84 48.83
CA GLY VB 79 -64.27 97.45 48.73
C GLY VB 79 -65.75 97.39 48.46
N GLN VB 80 -66.31 96.18 48.53
CA GLN VB 80 -67.75 96.04 48.32
C GLN VB 80 -68.31 94.90 49.13
N CYS VB 81 -69.48 95.15 49.73
CA CYS VB 81 -70.25 94.11 50.37
C CYS VB 81 -71.10 93.41 49.33
N VAL VB 82 -70.98 92.09 49.24
CA VAL VB 82 -71.64 91.29 48.23
C VAL VB 82 -72.62 90.35 48.90
N VAL VB 83 -73.85 90.30 48.41
CA VAL VB 83 -74.87 89.38 48.91
C VAL VB 83 -75.42 88.61 47.71
N ASP VB 84 -75.20 87.30 47.70
CA ASP VB 84 -75.72 86.43 46.66
C ASP VB 84 -76.90 85.64 47.19
N ILE VB 85 -77.93 85.51 46.37
CA ILE VB 85 -79.15 84.81 46.74
C ILE VB 85 -79.52 83.92 45.56
N ASN VB 86 -79.22 82.63 45.67
CA ASN VB 86 -79.63 81.68 44.63
C ASN VB 86 -80.91 80.98 45.06
N ILE VB 87 -81.82 80.81 44.11
CA ILE VB 87 -83.11 80.18 44.35
C ILE VB 87 -83.29 79.08 43.33
N VAL VB 88 -83.45 77.85 43.79
CA VAL VB 88 -83.73 76.72 42.91
C VAL VB 88 -85.10 76.19 43.25
N ILE VB 89 -85.97 76.12 42.25
CA ILE VB 89 -87.32 75.60 42.45
C ILE VB 89 -87.52 74.42 41.51
N PRO VB 90 -87.77 73.22 42.02
CA PRO VB 90 -87.84 72.06 41.14
C PRO VB 90 -89.10 72.05 40.28
N ARG VB 91 -89.16 71.07 39.37
CA ARG VB 91 -90.28 70.95 38.45
C ARG VB 91 -91.58 70.61 39.17
N VAL VB 92 -91.51 70.02 40.35
CA VAL VB 92 -92.67 69.45 41.03
C VAL VB 92 -93.24 70.39 42.09
N ALA VB 93 -92.79 71.65 42.12
CA ALA VB 93 -93.13 72.55 43.20
C ALA VB 93 -94.46 73.25 42.92
N THR VB 94 -95.35 73.23 43.90
CA THR VB 94 -96.63 73.91 43.78
C THR VB 94 -96.43 75.43 43.82
N ALA VB 95 -97.46 76.15 43.39
CA ALA VB 95 -97.38 77.60 43.33
C ALA VB 95 -97.38 78.27 44.69
N THR VB 96 -97.88 77.61 45.74
CA THR VB 96 -97.86 78.16 47.09
C THR VB 96 -96.65 77.71 47.89
N ASP VB 97 -96.09 76.54 47.56
CA ASP VB 97 -94.86 76.11 48.21
C ASP VB 97 -93.70 77.01 47.82
N ARG VB 98 -93.71 77.54 46.59
CA ARG VB 98 -92.72 78.54 46.21
C ARG VB 98 -92.78 79.75 47.12
N ALA VB 99 -93.98 80.30 47.32
CA ALA VB 99 -94.10 81.47 48.18
C ALA VB 99 -93.69 81.15 49.61
N GLU VB 100 -94.10 79.98 50.12
CA GLU VB 100 -93.70 79.58 51.46
C GLU VB 100 -92.18 79.54 51.58
N ALA VB 101 -91.52 78.83 50.66
CA ALA VB 101 -90.07 78.67 50.75
C ALA VB 101 -89.36 80.01 50.65
N ILE VB 102 -89.76 80.84 49.68
CA ILE VB 102 -89.05 82.10 49.47
C ILE VB 102 -89.25 83.04 50.65
N LYS VB 103 -90.49 83.21 51.09
CA LYS VB 103 -90.73 84.14 52.19
C LYS VB 103 -90.19 83.62 53.51
N ARG VB 104 -90.01 82.30 53.65
CA ARG VB 104 -89.37 81.78 54.84
C ARG VB 104 -87.87 81.99 54.81
N ALA VB 105 -87.24 81.76 53.65
CA ALA VB 105 -85.81 81.97 53.54
C ALA VB 105 -85.45 83.44 53.72
N PHE VB 106 -86.24 84.34 53.14
CA PHE VB 106 -85.99 85.76 53.32
C PHE VB 106 -86.40 86.26 54.70
N ASP VB 107 -87.04 85.42 55.51
CA ASP VB 107 -87.36 85.78 56.89
C ASP VB 107 -86.24 85.43 57.86
N VAL VB 108 -85.11 84.93 57.36
CA VAL VB 108 -83.98 84.63 58.23
C VAL VB 108 -83.50 85.89 58.94
N LEU VB 109 -83.43 86.99 58.21
CA LEU VB 109 -82.93 88.24 58.78
C LEU VB 109 -83.71 88.64 60.03
N ASN VB 110 -84.99 88.29 60.11
CA ASN VB 110 -85.75 88.55 61.31
C ASN VB 110 -85.54 87.49 62.39
N ALA VB 111 -85.06 86.31 62.00
CA ALA VB 111 -84.80 85.26 62.98
C ALA VB 111 -83.33 85.25 63.39
N LEU VB 112 -82.43 85.10 62.41
CA LEU VB 112 -81.00 85.07 62.66
C LEU VB 112 -80.42 86.48 62.53
N ASN VB 113 -81.00 87.40 63.29
CA ASN VB 113 -80.75 88.82 63.08
C ASN VB 113 -79.37 89.23 63.56
N ALA VB 114 -79.07 88.98 64.83
CA ALA VB 114 -77.81 89.46 65.40
C ALA VB 114 -76.60 88.83 64.73
N GLU VB 115 -76.75 87.64 64.16
CA GLU VB 115 -75.63 87.00 63.49
C GLU VB 115 -75.36 87.56 62.11
N LEU VB 116 -76.22 88.45 61.60
CA LEU VB 116 -76.05 89.02 60.27
C LEU VB 116 -75.88 90.53 60.32
N ILE VB 117 -76.71 91.24 61.06
CA ILE VB 117 -76.64 92.69 61.11
C ILE VB 117 -75.35 93.14 61.79
N THR VB 118 -74.98 92.50 62.89
CA THR VB 118 -73.79 92.89 63.63
C THR VB 118 -72.57 92.04 63.32
N GLY VB 119 -72.76 90.85 62.79
CA GLY VB 119 -71.65 90.00 62.40
C GLY VB 119 -71.17 89.03 63.44
N GLU VB 120 -71.91 88.86 64.54
CA GLU VB 120 -71.49 87.95 65.60
C GLU VB 120 -71.50 86.52 65.11
N GLY VB 121 -71.06 85.63 65.97
CA GLY VB 121 -71.27 84.21 65.77
C GLY VB 121 -71.94 83.65 67.01
N GLN VB 122 -72.86 82.73 66.81
CA GLN VB 122 -73.60 82.17 67.92
C GLN VB 122 -72.72 81.22 68.72
N TRP VB 123 -72.80 81.34 70.05
CA TRP VB 123 -71.94 80.55 70.93
C TRP VB 123 -72.66 79.40 71.61
N ALA WB 1 -76.77 85.68 69.69
CA ALA WB 1 -76.94 84.96 70.94
C ALA WB 1 -76.64 83.48 70.74
N ALA WB 2 -76.89 82.67 71.77
CA ALA WB 2 -76.57 81.26 71.71
C ALA WB 2 -77.51 80.54 70.75
N ARG WB 3 -77.08 79.35 70.31
CA ARG WB 3 -77.90 78.53 69.44
C ARG WB 3 -79.24 78.24 70.09
N SER WB 4 -80.32 78.75 69.52
CA SER WB 4 -81.64 78.56 70.09
C SER WB 4 -82.63 78.09 69.03
N SER WB 5 -83.91 78.13 69.35
CA SER WB 5 -84.95 77.75 68.40
C SER WB 5 -85.43 78.98 67.64
N ILE WB 6 -85.37 78.90 66.31
CA ILE WB 6 -85.78 80.01 65.46
C ILE WB 6 -87.17 79.72 64.90
N VAL WB 7 -87.88 80.79 64.52
CA VAL WB 7 -89.31 80.72 64.27
C VAL WB 7 -89.54 81.18 62.82
N LEU WB 8 -88.63 80.75 61.93
CA LEU WB 8 -88.74 81.03 60.50
C LEU WB 8 -90.18 80.89 60.02
N THR WB 9 -90.73 81.98 59.48
CA THR WB 9 -92.14 82.06 59.13
C THR WB 9 -92.29 82.75 57.78
N ASP WB 10 -93.55 82.91 57.34
CA ASP WB 10 -93.84 83.67 56.14
C ASP WB 10 -95.05 84.57 56.30
N GLY WB 11 -95.51 84.80 57.54
CA GLY WB 11 -96.67 85.61 57.81
C GLY WB 11 -97.93 84.82 58.09
N THR WB 12 -98.02 83.59 57.58
CA THR WB 12 -99.18 82.73 57.79
C THR WB 12 -98.83 81.45 58.51
N THR WB 13 -97.84 80.71 58.04
CA THR WB 13 -97.52 79.38 58.57
C THR WB 13 -96.11 79.35 59.12
N PRO WB 14 -95.93 79.57 60.41
CA PRO WB 14 -94.58 79.53 61.00
C PRO WB 14 -94.06 78.10 61.10
N VAL WB 15 -92.73 78.01 61.13
CA VAL WB 15 -92.04 76.73 61.34
C VAL WB 15 -90.92 76.98 62.34
N THR WB 16 -90.85 76.15 63.37
CA THR WB 16 -89.85 76.28 64.42
C THR WB 16 -88.71 75.29 64.16
N LEU WB 17 -87.48 75.80 64.18
CA LEU WB 17 -86.30 75.00 63.90
C LEU WB 17 -85.38 75.00 65.11
N THR WB 18 -84.86 73.82 65.47
CA THR WB 18 -83.96 73.68 66.59
C THR WB 18 -82.64 73.08 66.13
N PRO WB 19 -81.51 73.55 66.67
CA PRO WB 19 -80.20 73.11 66.15
C PRO WB 19 -80.02 71.60 66.26
N VAL WB 20 -79.40 71.02 65.25
CA VAL WB 20 -79.38 69.57 65.08
C VAL WB 20 -77.93 69.12 64.92
N GLY WB 21 -77.01 70.06 65.01
CA GLY WB 21 -75.62 69.69 64.92
C GLY WB 21 -74.76 70.88 64.53
N GLY WB 22 -73.69 70.60 63.80
CA GLY WB 22 -72.80 71.65 63.34
C GLY WB 22 -71.42 71.59 63.96
N GLY WB 23 -70.93 72.72 64.46
CA GLY WB 23 -69.61 72.81 65.03
C GLY WB 23 -69.24 74.24 65.37
N VAL WB 24 -68.03 74.65 64.99
CA VAL WB 24 -67.60 76.03 65.13
C VAL WB 24 -67.75 76.72 63.78
N GLY WB 25 -68.46 77.85 63.77
CA GLY WB 25 -68.79 78.50 62.52
C GLY WB 25 -69.63 77.59 61.64
N GLN WB 26 -70.62 76.92 62.24
CA GLN WB 26 -71.53 76.04 61.53
C GLN WB 26 -72.68 75.70 62.46
N THR WB 27 -73.89 75.68 61.91
CA THR WB 27 -75.08 75.46 62.75
C THR WB 27 -76.19 74.91 61.86
N LEU WB 28 -76.53 73.64 62.06
CA LEU WB 28 -77.66 73.05 61.37
C LEU WB 28 -78.96 73.45 62.06
N TYR WB 29 -80.07 73.16 61.39
CA TYR WB 29 -81.39 73.38 61.94
C TYR WB 29 -82.33 72.36 61.32
N ARG WB 30 -83.47 72.15 61.97
CA ARG WB 30 -84.54 71.32 61.43
C ARG WB 30 -85.77 71.52 62.30
N ALA WB 31 -86.92 71.14 61.75
CA ALA WB 31 -88.20 71.29 62.43
C ALA WB 31 -88.57 69.99 63.13
N THR WB 32 -89.82 69.91 63.62
CA THR WB 32 -90.22 68.84 64.52
C THR WB 32 -90.90 67.66 63.83
N ALA WB 33 -91.44 67.85 62.62
CA ALA WB 33 -92.11 66.76 61.93
C ALA WB 33 -91.10 65.70 61.49
N GLU WB 34 -91.57 64.47 61.28
CA GLU WB 34 -90.70 63.33 61.05
C GLU WB 34 -91.05 62.65 59.73
N ALA WB 35 -90.03 62.34 58.94
CA ALA WB 35 -90.24 61.67 57.66
C ALA WB 35 -89.01 60.83 57.35
N LEU WB 36 -89.05 60.11 56.24
CA LEU WB 36 -88.04 59.09 55.93
C LEU WB 36 -86.88 59.64 55.12
N SER WB 37 -87.15 60.22 53.94
CA SER WB 37 -86.09 60.71 53.08
C SER WB 37 -85.72 62.16 53.38
N ALA WB 38 -86.68 63.07 53.25
CA ALA WB 38 -86.48 64.48 53.58
C ALA WB 38 -87.44 64.83 54.70
N ALA WB 39 -86.89 65.19 55.86
CA ALA WB 39 -87.74 65.40 57.02
C ALA WB 39 -88.40 66.77 57.00
N ASN WB 40 -87.60 67.83 57.05
CA ASN WB 40 -88.13 69.17 57.30
C ASN WB 40 -87.24 70.22 56.65
N PRO WB 41 -87.62 71.49 56.71
CA PRO WB 41 -86.68 72.56 56.32
C PRO WB 41 -85.41 72.50 57.16
N SER WB 42 -84.27 72.70 56.51
CA SER WB 42 -82.97 72.55 57.16
C SER WB 42 -82.11 73.76 56.82
N LEU WB 43 -82.08 74.74 57.72
CA LEU WB 43 -81.37 76.00 57.51
C LEU WB 43 -79.95 75.87 58.03
N SER WB 44 -79.00 75.58 57.15
CA SER WB 44 -77.60 75.53 57.54
C SER WB 44 -76.99 76.92 57.49
N PHE WB 45 -76.14 77.21 58.47
CA PHE WB 45 -75.54 78.54 58.66
C PHE WB 45 -74.05 78.38 58.87
N GLY WB 46 -73.25 78.86 57.92
CA GLY WB 46 -71.84 78.52 57.88
C GLY WB 46 -70.83 79.66 57.97
N TYR WB 47 -71.05 80.61 58.87
CA TYR WB 47 -70.18 81.78 58.96
C TYR WB 47 -68.74 81.40 59.28
N ARG WB 48 -67.82 82.26 58.86
CA ARG WB 48 -66.39 82.09 59.10
C ARG WB 48 -65.70 83.44 58.85
N PHE WB 49 -64.38 83.44 58.99
CA PHE WB 49 -63.54 84.60 58.71
C PHE WB 49 -62.45 84.19 57.73
N THR WB 50 -61.61 85.15 57.37
CA THR WB 50 -60.62 84.94 56.30
C THR WB 50 -59.37 85.72 56.68
N ASP WB 51 -58.49 85.95 55.70
CA ASP WB 51 -57.22 86.63 55.94
C ASP WB 51 -57.43 88.00 56.58
N GLY WB 52 -58.35 88.79 56.01
CA GLY WB 52 -58.75 90.05 56.59
C GLY WB 52 -59.94 89.86 57.50
N GLY WB 53 -60.69 90.94 57.69
CA GLY WB 53 -61.94 90.85 58.42
C GLY WB 53 -63.06 90.40 57.51
N THR WB 54 -62.73 89.63 56.48
CA THR WB 54 -63.69 89.26 55.46
C THR WB 54 -64.68 88.26 56.02
N ASN WB 55 -65.74 88.76 56.65
CA ASN WB 55 -66.74 87.91 57.27
C ASN WB 55 -67.53 87.20 56.18
N ARG WB 56 -67.15 85.97 55.89
CA ARG WB 56 -67.73 85.24 54.77
C ARG WB 56 -68.84 84.30 55.25
N GLN WB 57 -69.95 84.92 55.64
CA GLN WB 57 -71.11 84.16 56.08
C GLN WB 57 -71.74 83.43 54.91
N SER WB 58 -72.58 82.45 55.23
CA SER WB 58 -73.20 81.61 54.21
C SER WB 58 -74.38 80.90 54.82
N LEU WB 59 -75.46 80.78 54.05
CA LEU WB 59 -76.69 80.16 54.50
C LEU WB 59 -77.19 79.18 53.44
N SER WB 60 -78.10 78.33 53.85
CA SER WB 60 -78.81 77.48 52.91
C SER WB 60 -80.11 76.96 53.53
N TYR WB 61 -81.24 77.34 52.96
CA TYR WB 61 -82.55 76.96 53.51
C TYR WB 61 -83.23 76.03 52.52
N LYS WB 62 -83.36 74.76 52.90
CA LYS WB 62 -84.03 73.77 52.07
C LYS WB 62 -85.38 73.44 52.69
N GLN WB 63 -86.42 73.51 51.88
CA GLN WB 63 -87.77 73.12 52.29
C GLN WB 63 -88.24 71.98 51.40
N PRO WB 64 -88.58 70.82 51.95
CA PRO WB 64 -88.92 69.69 51.12
C PRO WB 64 -90.35 69.62 50.57
N ILE WB 65 -90.43 69.61 49.25
CA ILE WB 65 -91.70 69.47 48.55
C ILE WB 65 -92.20 68.06 48.80
N THR WB 66 -93.30 67.94 49.54
CA THR WB 66 -93.81 66.66 49.99
C THR WB 66 -95.32 66.64 49.93
N ALA WB 67 -95.89 65.44 49.79
CA ALA WB 67 -97.33 65.21 49.83
C ALA WB 67 -97.59 63.95 50.63
N VAL WB 68 -98.63 63.97 51.46
CA VAL WB 68 -98.88 62.88 52.39
C VAL WB 68 -99.61 61.75 51.65
N ASP WB 69 -99.01 60.55 51.67
CA ASP WB 69 -99.63 59.39 51.05
C ASP WB 69 -100.85 58.95 51.87
N SER WB 70 -101.71 58.16 51.23
CA SER WB 70 -102.84 57.58 51.92
C SER WB 70 -102.50 56.20 52.46
N THR WB 71 -103.03 55.92 53.65
CA THR WB 71 -102.87 54.66 54.38
C THR WB 71 -101.45 54.42 54.88
N THR WB 72 -100.50 55.29 54.57
CA THR WB 72 -99.12 55.14 55.03
C THR WB 72 -98.66 56.44 55.67
N SER WB 73 -97.96 56.33 56.79
CA SER WB 73 -97.47 57.49 57.54
C SER WB 73 -96.03 57.82 57.16
N GLU WB 74 -95.78 58.05 55.88
CA GLU WB 74 -94.43 58.36 55.41
C GLU WB 74 -94.35 59.66 54.63
N THR WB 75 -95.48 60.33 54.37
CA THR WB 75 -95.56 61.67 53.77
C THR WB 75 -94.53 61.87 52.67
N LEU WB 76 -94.67 61.08 51.59
CA LEU WB 76 -93.74 61.07 50.47
C LEU WB 76 -93.28 62.47 50.08
N VAL WB 77 -91.96 62.64 49.97
CA VAL WB 77 -91.36 63.91 49.58
C VAL WB 77 -91.03 63.85 48.09
N ARG WB 78 -91.27 64.96 47.40
CA ARG WB 78 -91.10 65.03 45.95
C ARG WB 78 -89.90 65.84 45.52
N GLY WB 79 -89.46 66.80 46.30
CA GLY WB 79 -88.32 67.62 45.93
C GLY WB 79 -87.87 68.51 47.06
N GLN WB 80 -87.16 69.59 46.69
CA GLN WB 80 -86.71 70.56 47.70
C GLN WB 80 -86.44 71.91 47.07
N CYS WB 81 -86.93 72.99 47.70
CA CYS WB 81 -86.75 74.35 47.22
C CYS WB 81 -85.52 74.95 47.90
N VAL WB 82 -84.35 74.74 47.30
CA VAL WB 82 -83.11 75.26 47.85
C VAL WB 82 -83.07 76.77 47.69
N VAL WB 83 -82.63 77.46 48.75
CA VAL WB 83 -82.43 78.91 48.70
C VAL WB 83 -81.13 79.27 49.39
N ASP WB 84 -80.07 79.47 48.63
CA ASP WB 84 -78.77 79.82 49.20
C ASP WB 84 -78.64 81.32 49.36
N ILE WB 85 -77.96 81.75 50.41
CA ILE WB 85 -77.67 83.16 50.64
C ILE WB 85 -76.24 83.31 51.13
N ASN WB 86 -75.35 83.78 50.26
CA ASN WB 86 -73.95 83.96 50.63
C ASN WB 86 -73.65 85.44 50.81
N ILE WB 87 -72.90 85.75 51.87
CA ILE WB 87 -72.59 87.12 52.25
C ILE WB 87 -71.07 87.26 52.37
N VAL WB 88 -70.53 88.31 51.77
CA VAL WB 88 -69.10 88.60 51.85
C VAL WB 88 -68.96 90.07 52.21
N ILE WB 89 -68.55 90.35 53.44
CA ILE WB 89 -68.42 91.71 53.94
C ILE WB 89 -66.93 91.99 54.15
N PRO WB 90 -66.37 93.05 53.57
CA PRO WB 90 -64.92 93.25 53.64
C PRO WB 90 -64.48 93.70 55.02
N ARG WB 91 -63.16 93.82 55.21
CA ARG WB 91 -62.62 94.27 56.47
C ARG WB 91 -62.95 95.73 56.76
N VAL WB 92 -63.01 96.57 55.74
CA VAL WB 92 -63.13 98.02 55.91
C VAL WB 92 -64.58 98.44 56.08
N ALA WB 93 -65.47 97.47 56.21
CA ALA WB 93 -66.91 97.76 56.21
C ALA WB 93 -67.36 98.18 57.60
N THR WB 94 -67.68 99.46 57.74
CA THR WB 94 -68.26 99.97 58.97
C THR WB 94 -69.59 99.26 59.25
N ALA WB 95 -69.84 98.99 60.54
CA ALA WB 95 -71.01 98.20 60.91
C ALA WB 95 -72.32 98.85 60.46
N THR WB 96 -72.35 100.16 60.25
CA THR WB 96 -73.51 100.77 59.63
C THR WB 96 -73.64 100.37 58.16
N ASP WB 97 -72.52 100.36 57.43
CA ASP WB 97 -72.54 99.95 56.03
C ASP WB 97 -72.96 98.50 55.88
N ARG WB 98 -72.48 97.62 56.77
CA ARG WB 98 -72.89 96.22 56.69
C ARG WB 98 -74.37 96.05 56.94
N ALA WB 99 -74.91 96.76 57.94
CA ALA WB 99 -76.35 96.68 58.19
C ALA WB 99 -77.15 97.18 57.00
N GLU WB 100 -76.70 98.29 56.40
CA GLU WB 100 -77.38 98.79 55.21
C GLU WB 100 -77.34 97.77 54.09
N ALA WB 101 -76.18 97.18 53.84
CA ALA WB 101 -76.05 96.22 52.75
C ALA WB 101 -76.95 95.02 52.96
N ILE WB 102 -76.96 94.47 54.17
CA ILE WB 102 -77.77 93.27 54.42
C ILE WB 102 -79.26 93.59 54.33
N LYS WB 103 -79.69 94.67 54.97
CA LYS WB 103 -81.12 94.98 54.97
C LYS WB 103 -81.60 95.41 53.60
N ARG WB 104 -80.71 95.95 52.76
CA ARG WB 104 -81.10 96.27 51.39
C ARG WB 104 -81.14 95.03 50.53
N ALA WB 105 -80.21 94.10 50.72
CA ALA WB 105 -80.25 92.86 49.95
C ALA WB 105 -81.48 92.05 50.26
N PHE WB 106 -81.88 92.00 51.54
CA PHE WB 106 -83.05 91.23 51.91
C PHE WB 106 -84.36 91.96 51.65
N ASP WB 107 -84.30 93.19 51.13
CA ASP WB 107 -85.50 93.90 50.70
C ASP WB 107 -85.83 93.67 49.24
N VAL WB 108 -85.10 92.80 48.55
CA VAL WB 108 -85.40 92.51 47.16
C VAL WB 108 -86.79 91.89 47.04
N LEU WB 109 -87.13 91.00 47.97
CA LEU WB 109 -88.42 90.31 47.93
C LEU WB 109 -89.59 91.29 47.90
N ASN WB 110 -89.43 92.46 48.51
CA ASN WB 110 -90.49 93.45 48.49
C ASN WB 110 -90.41 94.39 47.29
N ALA WB 111 -89.32 94.36 46.54
CA ALA WB 111 -89.18 95.19 45.34
C ALA WB 111 -89.27 94.36 44.07
N LEU WB 112 -88.54 93.26 44.00
CA LEU WB 112 -88.58 92.33 42.88
C LEU WB 112 -89.51 91.16 43.22
N ASN WB 113 -90.75 91.49 43.55
CA ASN WB 113 -91.64 90.54 44.20
C ASN WB 113 -92.16 89.48 43.23
N ALA WB 114 -92.83 89.92 42.17
CA ALA WB 114 -93.51 88.98 41.27
C ALA WB 114 -92.52 88.03 40.60
N GLU WB 115 -91.36 88.54 40.21
CA GLU WB 115 -90.37 87.70 39.54
C GLU WB 115 -89.84 86.60 40.45
N LEU WB 116 -89.90 86.79 41.76
CA LEU WB 116 -89.38 85.79 42.70
C LEU WB 116 -90.46 84.85 43.20
N ILE WB 117 -91.65 85.38 43.50
CA ILE WB 117 -92.73 84.55 44.00
C ILE WB 117 -93.37 83.76 42.86
N THR WB 118 -93.84 84.47 41.83
CA THR WB 118 -94.50 83.81 40.70
C THR WB 118 -93.50 83.12 39.79
N GLY WB 119 -92.36 83.75 39.54
CA GLY WB 119 -91.32 83.13 38.72
C GLY WB 119 -91.44 83.47 37.26
N GLU WB 120 -91.57 84.76 36.94
CA GLU WB 120 -91.88 85.17 35.58
C GLU WB 120 -91.42 86.60 35.37
N GLY WB 121 -91.37 87.00 34.11
CA GLY WB 121 -91.30 88.41 33.80
C GLY WB 121 -90.02 88.93 33.20
N GLN WB 122 -89.74 90.21 33.46
CA GLN WB 122 -88.61 90.93 32.88
C GLN WB 122 -88.71 90.93 31.34
N TRP WB 123 -89.74 91.64 30.87
CA TRP WB 123 -89.98 91.76 29.43
C TRP WB 123 -89.10 92.86 28.85
N ALA XB 1 -35.69 -120.23 -36.19
CA ALA XB 1 -36.91 -120.99 -35.92
C ALA XB 1 -37.41 -120.71 -34.51
N ALA XB 2 -38.43 -121.45 -34.08
CA ALA XB 2 -38.93 -121.30 -32.72
C ALA XB 2 -37.86 -121.73 -31.72
N ARG XB 3 -37.67 -120.92 -30.68
CA ARG XB 3 -36.67 -121.23 -29.67
C ARG XB 3 -36.99 -122.54 -28.98
N SER XB 4 -35.97 -123.38 -28.80
CA SER XB 4 -36.13 -124.67 -28.17
C SER XB 4 -34.83 -125.02 -27.44
N SER XB 5 -34.68 -126.28 -27.09
CA SER XB 5 -33.48 -126.76 -26.41
C SER XB 5 -32.43 -127.18 -27.42
N ILE XB 6 -31.17 -127.16 -27.00
CA ILE XB 6 -30.05 -127.56 -27.82
C ILE XB 6 -29.17 -128.53 -27.05
N VAL XB 7 -28.43 -129.35 -27.78
CA VAL XB 7 -27.81 -130.55 -27.20
C VAL XB 7 -26.30 -130.47 -27.44
N LEU XB 8 -25.73 -129.27 -27.31
CA LEU XB 8 -24.29 -129.07 -27.42
C LEU XB 8 -23.52 -130.22 -26.79
N THR XB 9 -22.61 -130.81 -27.58
CA THR XB 9 -21.88 -131.99 -27.16
C THR XB 9 -20.44 -131.90 -27.64
N ASP XB 10 -19.62 -132.82 -27.16
CA ASP XB 10 -18.24 -132.94 -27.61
C ASP XB 10 -17.88 -134.41 -27.81
N GLY XB 11 -18.88 -135.24 -28.11
CA GLY XB 11 -18.64 -136.63 -28.39
C GLY XB 11 -18.91 -137.56 -27.23
N THR XB 12 -18.64 -137.10 -26.02
CA THR XB 12 -18.79 -137.96 -24.84
C THR XB 12 -19.73 -137.42 -23.78
N THR XB 13 -19.79 -136.10 -23.58
CA THR XB 13 -20.60 -135.50 -22.52
C THR XB 13 -21.50 -134.43 -23.11
N PRO XB 14 -22.67 -134.82 -23.61
CA PRO XB 14 -23.62 -133.83 -24.13
C PRO XB 14 -24.15 -132.93 -23.02
N VAL XB 15 -24.49 -131.71 -23.40
CA VAL XB 15 -25.04 -130.72 -22.49
C VAL XB 15 -26.34 -130.21 -23.10
N THR XB 16 -27.44 -130.36 -22.37
CA THR XB 16 -28.73 -129.86 -22.81
C THR XB 16 -28.94 -128.46 -22.27
N LEU XB 17 -29.08 -127.49 -23.17
CA LEU XB 17 -29.31 -126.11 -22.80
C LEU XB 17 -30.74 -125.72 -23.12
N THR XB 18 -31.30 -124.82 -22.30
CA THR XB 18 -32.67 -124.38 -22.45
C THR XB 18 -32.68 -122.86 -22.48
N PRO XB 19 -33.62 -122.25 -23.20
CA PRO XB 19 -33.68 -120.79 -23.26
C PRO XB 19 -34.28 -120.18 -22.01
N VAL XB 20 -33.52 -119.36 -21.30
CA VAL XB 20 -33.98 -118.84 -20.02
C VAL XB 20 -33.96 -117.31 -20.04
N GLY XB 21 -34.09 -116.72 -21.22
CA GLY XB 21 -34.11 -115.28 -21.31
C GLY XB 21 -33.80 -114.83 -22.72
N GLY XB 22 -33.44 -113.55 -22.82
CA GLY XB 22 -33.09 -112.98 -24.10
C GLY XB 22 -33.84 -111.71 -24.42
N GLY XB 23 -34.30 -111.59 -25.66
CA GLY XB 23 -35.02 -110.40 -26.07
C GLY XB 23 -35.27 -110.42 -27.56
N VAL XB 24 -35.16 -109.25 -28.18
CA VAL XB 24 -35.25 -109.12 -29.62
C VAL XB 24 -33.83 -109.15 -30.19
N GLY XB 25 -33.57 -110.11 -31.07
CA GLY XB 25 -32.23 -110.31 -31.59
C GLY XB 25 -31.26 -110.78 -30.53
N GLN XB 26 -31.70 -111.70 -29.67
CA GLN XB 26 -30.89 -112.22 -28.58
C GLN XB 26 -31.64 -113.39 -27.95
N THR XB 27 -30.88 -114.40 -27.52
CA THR XB 27 -31.49 -115.57 -26.91
C THR XB 27 -30.46 -116.23 -25.99
N LEU XB 28 -30.59 -115.99 -24.68
CA LEU XB 28 -29.73 -116.65 -23.72
C LEU XB 28 -30.10 -118.11 -23.59
N TYR XB 29 -29.12 -118.93 -23.21
CA TYR XB 29 -29.33 -120.34 -22.93
C TYR XB 29 -28.61 -120.67 -21.63
N ARG XB 30 -29.05 -121.74 -20.98
CA ARG XB 30 -28.35 -122.22 -19.81
C ARG XB 30 -28.59 -123.71 -19.66
N ALA XB 31 -27.58 -124.43 -19.19
CA ALA XB 31 -27.74 -125.86 -18.95
C ALA XB 31 -28.71 -126.10 -17.82
N THR XB 32 -29.49 -127.17 -17.93
CA THR XB 32 -30.56 -127.42 -16.97
C THR XB 32 -30.03 -127.47 -15.55
N ALA XB 33 -29.19 -128.47 -15.27
CA ALA XB 33 -28.50 -128.55 -13.98
C ALA XB 33 -27.34 -129.52 -14.12
N GLU XB 34 -26.12 -129.03 -13.97
CA GLU XB 34 -24.97 -129.95 -13.90
C GLU XB 34 -24.79 -130.48 -12.48
N ALA XB 35 -24.41 -129.59 -11.56
CA ALA XB 35 -24.39 -129.93 -10.14
C ALA XB 35 -24.83 -128.81 -9.21
N LEU XB 36 -24.87 -127.57 -9.68
CA LEU XB 36 -25.23 -126.40 -8.89
C LEU XB 36 -25.37 -125.24 -9.86
N SER XB 37 -25.62 -124.05 -9.32
CA SER XB 37 -25.61 -122.84 -10.13
C SER XB 37 -24.19 -122.29 -10.21
N ALA XB 38 -23.95 -121.48 -11.24
CA ALA XB 38 -22.65 -120.92 -11.63
C ALA XB 38 -21.68 -121.97 -12.13
N ALA XB 39 -22.06 -123.25 -12.11
CA ALA XB 39 -21.28 -124.32 -12.70
C ALA XB 39 -22.01 -124.90 -13.90
N ASN XB 40 -22.77 -124.05 -14.59
CA ASN XB 40 -23.58 -124.44 -15.74
C ASN XB 40 -23.19 -123.63 -16.96
N PRO XB 41 -22.91 -124.26 -18.10
CA PRO XB 41 -22.53 -123.51 -19.29
C PRO XB 41 -23.69 -122.69 -19.84
N SER XB 42 -23.33 -121.65 -20.58
CA SER XB 42 -24.33 -120.79 -21.22
C SER XB 42 -23.92 -120.54 -22.67
N LEU XB 43 -24.91 -120.26 -23.51
CA LEU XB 43 -24.73 -120.15 -24.96
C LEU XB 43 -25.43 -118.90 -25.49
N SER XB 44 -25.07 -117.73 -24.95
CA SER XB 44 -25.67 -116.49 -25.42
C SER XB 44 -25.57 -116.37 -26.93
N PHE XB 45 -26.68 -115.99 -27.57
CA PHE XB 45 -26.74 -115.97 -29.03
C PHE XB 45 -27.54 -114.75 -29.47
N GLY XB 46 -26.86 -113.83 -30.16
CA GLY XB 46 -27.50 -112.65 -30.70
C GLY XB 46 -27.46 -112.62 -32.22
N TYR XB 47 -28.24 -111.72 -32.79
CA TYR XB 47 -28.36 -111.57 -34.23
C TYR XB 47 -29.02 -110.24 -34.53
N ARG XB 48 -28.54 -109.57 -35.57
CA ARG XB 48 -29.08 -108.27 -35.93
C ARG XB 48 -28.72 -107.98 -37.37
N PHE XB 49 -29.42 -107.01 -37.96
CA PHE XB 49 -29.15 -106.52 -39.31
C PHE XB 49 -28.80 -105.05 -39.22
N THR XB 50 -27.68 -104.67 -39.83
CA THR XB 50 -27.31 -103.27 -39.92
C THR XB 50 -28.05 -102.60 -41.06
N ASP XB 51 -27.58 -101.43 -41.49
CA ASP XB 51 -28.17 -100.71 -42.62
C ASP XB 51 -28.49 -101.63 -43.78
N GLY XB 52 -27.50 -102.38 -44.25
CA GLY XB 52 -27.70 -103.36 -45.29
C GLY XB 52 -28.13 -104.70 -44.71
N GLY XB 53 -28.16 -105.71 -45.57
CA GLY XB 53 -28.54 -107.04 -45.14
C GLY XB 53 -27.40 -107.80 -44.48
N THR XB 54 -26.51 -107.08 -43.81
CA THR XB 54 -25.34 -107.68 -43.17
C THR XB 54 -25.81 -108.48 -41.97
N ASN XB 55 -25.90 -109.80 -42.13
CA ASN XB 55 -26.42 -110.69 -41.11
C ASN XB 55 -25.43 -110.85 -39.96
N ARG XB 56 -25.33 -109.84 -39.10
CA ARG XB 56 -24.33 -109.80 -38.04
C ARG XB 56 -24.77 -110.66 -36.86
N GLN XB 57 -24.64 -111.97 -37.03
CA GLN XB 57 -24.91 -112.88 -35.93
C GLN XB 57 -23.71 -112.90 -34.97
N SER XB 58 -23.97 -113.36 -33.75
CA SER XB 58 -22.93 -113.40 -32.72
C SER XB 58 -23.26 -114.50 -31.73
N LEU XB 59 -22.20 -115.13 -31.20
CA LEU XB 59 -22.36 -116.19 -30.23
C LEU XB 59 -21.37 -115.99 -29.09
N SER XB 60 -21.66 -116.62 -27.96
CA SER XB 60 -20.75 -116.60 -26.82
C SER XB 60 -21.09 -117.78 -25.94
N TYR XB 61 -20.19 -118.77 -25.91
CA TYR XB 61 -20.35 -119.96 -25.09
C TYR XB 61 -19.39 -119.85 -23.92
N LYS XB 62 -19.92 -119.92 -22.71
CA LYS XB 62 -19.13 -119.80 -21.48
C LYS XB 62 -19.31 -121.06 -20.66
N GLN XB 63 -18.20 -121.75 -20.41
CA GLN XB 63 -18.20 -122.96 -19.60
C GLN XB 63 -17.37 -122.72 -18.35
N PRO XB 64 -17.95 -122.77 -17.16
CA PRO XB 64 -17.18 -122.45 -15.95
C PRO XB 64 -16.41 -123.64 -15.41
N ILE XB 65 -15.25 -123.33 -14.84
CA ILE XB 65 -14.30 -124.33 -14.37
C ILE XB 65 -14.51 -124.50 -12.88
N THR XB 66 -15.02 -125.66 -12.47
CA THR XB 66 -15.36 -125.91 -11.08
C THR XB 66 -14.35 -126.86 -10.46
N ALA XB 67 -14.13 -126.68 -9.16
CA ALA XB 67 -13.15 -127.48 -8.42
C ALA XB 67 -13.57 -127.55 -6.96
N VAL XB 68 -13.22 -128.68 -6.33
CA VAL XB 68 -13.59 -128.89 -4.93
C VAL XB 68 -12.72 -128.02 -4.02
N ASP XB 69 -13.26 -127.72 -2.84
CA ASP XB 69 -12.63 -126.86 -1.85
C ASP XB 69 -12.53 -127.60 -0.51
N SER XB 70 -11.91 -128.78 -0.56
CA SER XB 70 -11.91 -129.77 0.52
C SER XB 70 -11.79 -129.20 1.92
N THR XB 71 -11.08 -128.08 2.08
CA THR XB 71 -11.07 -127.39 3.37
C THR XB 71 -12.49 -127.05 3.82
N THR XB 72 -13.40 -126.81 2.88
CA THR XB 72 -14.82 -126.64 3.17
C THR XB 72 -15.71 -127.60 2.41
N SER XB 73 -15.19 -128.27 1.37
CA SER XB 73 -15.92 -129.25 0.57
C SER XB 73 -17.07 -128.62 -0.22
N GLU XB 74 -16.94 -127.34 -0.58
CA GLU XB 74 -17.93 -126.65 -1.39
C GLU XB 74 -17.37 -126.43 -2.79
N THR XB 75 -18.14 -126.82 -3.81
CA THR XB 75 -17.66 -126.86 -5.19
C THR XB 75 -17.60 -125.44 -5.76
N LEU XB 76 -16.56 -124.72 -5.35
CA LEU XB 76 -16.36 -123.36 -5.83
C LEU XB 76 -15.96 -123.36 -7.30
N VAL XB 77 -16.26 -122.26 -7.99
CA VAL XB 77 -15.90 -122.07 -9.39
C VAL XB 77 -14.76 -121.07 -9.47
N ARG XB 78 -13.73 -121.41 -10.24
CA ARG XB 78 -12.52 -120.59 -10.34
C ARG XB 78 -12.64 -119.53 -11.43
N GLY XB 79 -12.82 -119.97 -12.68
CA GLY XB 79 -12.96 -119.07 -13.81
C GLY XB 79 -13.86 -119.66 -14.87
N GLN XB 80 -13.73 -119.21 -16.12
CA GLN XB 80 -14.57 -119.71 -17.20
C GLN XB 80 -13.80 -119.69 -18.51
N CYS XB 81 -14.15 -120.64 -19.38
CA CYS XB 81 -13.65 -120.67 -20.75
C CYS XB 81 -14.70 -120.05 -21.66
N VAL XB 82 -14.26 -119.11 -22.49
CA VAL XB 82 -15.15 -118.29 -23.31
C VAL XB 82 -14.80 -118.50 -24.76
N VAL XB 83 -15.81 -118.82 -25.58
CA VAL XB 83 -15.64 -118.97 -27.02
C VAL XB 83 -16.65 -118.06 -27.70
N ASP XB 84 -16.16 -117.12 -28.52
CA ASP XB 84 -17.01 -116.19 -29.23
C ASP XB 84 -16.92 -116.47 -30.73
N ILE XB 85 -18.03 -116.84 -31.34
CA ILE XB 85 -18.06 -117.07 -32.77
C ILE XB 85 -18.91 -116.00 -33.44
N ASN XB 86 -18.27 -114.91 -33.87
CA ASN XB 86 -18.97 -113.87 -34.60
C ASN XB 86 -19.06 -114.23 -36.08
N ILE XB 87 -20.18 -113.85 -36.69
CA ILE XB 87 -20.42 -114.12 -38.11
C ILE XB 87 -20.97 -112.86 -38.75
N VAL XB 88 -20.42 -112.49 -39.89
CA VAL XB 88 -20.90 -111.34 -40.66
C VAL XB 88 -21.02 -111.76 -42.12
N ILE XB 89 -22.23 -111.71 -42.66
CA ILE XB 89 -22.50 -112.03 -44.05
C ILE XB 89 -23.18 -110.84 -44.68
N PRO XB 90 -22.62 -110.22 -45.71
CA PRO XB 90 -23.22 -109.02 -46.29
C PRO XB 90 -24.46 -109.34 -47.10
N ARG XB 91 -25.17 -108.29 -47.49
CA ARG XB 91 -26.39 -108.46 -48.28
C ARG XB 91 -26.09 -109.06 -49.64
N VAL XB 92 -24.95 -108.73 -50.23
CA VAL XB 92 -24.60 -109.13 -51.59
C VAL XB 92 -24.23 -110.61 -51.64
N ALA XB 93 -24.31 -111.29 -50.51
CA ALA XB 93 -23.84 -112.66 -50.41
C ALA XB 93 -24.86 -113.62 -50.98
N THR XB 94 -24.42 -114.48 -51.90
CA THR XB 94 -25.26 -115.56 -52.37
C THR XB 94 -25.53 -116.55 -51.24
N ALA XB 95 -26.72 -117.16 -51.27
CA ALA XB 95 -27.10 -118.12 -50.25
C ALA XB 95 -26.17 -119.32 -50.17
N THR XB 96 -25.41 -119.61 -51.23
CA THR XB 96 -24.43 -120.68 -51.19
C THR XB 96 -23.07 -120.22 -50.66
N ASP XB 97 -22.76 -118.94 -50.78
CA ASP XB 97 -21.52 -118.42 -50.20
C ASP XB 97 -21.59 -118.41 -48.69
N ARG XB 98 -22.76 -118.12 -48.13
CA ARG XB 98 -22.91 -118.09 -46.68
C ARG XB 98 -22.66 -119.46 -46.06
N ALA XB 99 -23.27 -120.50 -46.63
CA ALA XB 99 -23.06 -121.85 -46.11
C ALA XB 99 -21.60 -122.28 -46.27
N GLU XB 100 -21.01 -121.98 -47.43
CA GLU XB 100 -19.60 -122.27 -47.64
C GLU XB 100 -18.73 -121.64 -46.56
N ALA XB 101 -18.91 -120.34 -46.34
CA ALA XB 101 -18.07 -119.64 -45.36
C ALA XB 101 -18.28 -120.20 -43.96
N ILE XB 102 -19.54 -120.42 -43.56
CA ILE XB 102 -19.81 -120.86 -42.19
C ILE XB 102 -19.19 -122.23 -41.96
N LYS XB 103 -19.45 -123.19 -42.86
CA LYS XB 103 -18.94 -124.53 -42.64
C LYS XB 103 -17.43 -124.58 -42.72
N ARG XB 104 -16.83 -123.81 -43.64
CA ARG XB 104 -15.37 -123.81 -43.74
C ARG XB 104 -14.74 -123.24 -42.47
N ALA XB 105 -15.26 -122.12 -41.98
CA ALA XB 105 -14.70 -121.53 -40.78
C ALA XB 105 -14.92 -122.40 -39.56
N PHE XB 106 -16.00 -123.20 -39.53
CA PHE XB 106 -16.18 -124.13 -38.43
C PHE XB 106 -15.34 -125.39 -38.58
N ASP XB 107 -14.82 -125.66 -39.78
CA ASP XB 107 -13.92 -126.79 -39.98
C ASP XB 107 -12.51 -126.52 -39.47
N VAL XB 108 -12.26 -125.35 -38.88
CA VAL XB 108 -10.92 -125.00 -38.43
C VAL XB 108 -10.44 -126.01 -37.38
N LEU XB 109 -11.29 -126.33 -36.41
CA LEU XB 109 -10.89 -127.22 -35.33
C LEU XB 109 -10.46 -128.58 -35.87
N ASN XB 110 -11.13 -129.06 -36.92
CA ASN XB 110 -10.66 -130.28 -37.57
C ASN XB 110 -9.34 -130.05 -38.28
N ALA XB 111 -9.17 -128.88 -38.91
CA ALA XB 111 -7.94 -128.61 -39.64
C ALA XB 111 -6.82 -128.13 -38.71
N LEU XB 112 -7.02 -127.00 -38.05
CA LEU XB 112 -6.00 -126.40 -37.17
C LEU XB 112 -6.23 -126.85 -35.73
N ASN XB 113 -6.00 -128.14 -35.49
CA ASN XB 113 -6.48 -128.76 -34.26
C ASN XB 113 -5.56 -128.47 -33.08
N ALA XB 114 -4.30 -128.90 -33.18
CA ALA XB 114 -3.43 -128.96 -32.00
C ALA XB 114 -3.21 -127.62 -31.33
N GLU XB 115 -3.31 -126.51 -32.06
CA GLU XB 115 -3.07 -125.21 -31.47
C GLU XB 115 -4.27 -124.65 -30.74
N LEU XB 116 -5.45 -125.23 -30.92
CA LEU XB 116 -6.66 -124.82 -30.22
C LEU XB 116 -6.94 -125.71 -29.02
N ILE XB 117 -6.98 -127.03 -29.23
CA ILE XB 117 -7.29 -127.96 -28.16
C ILE XB 117 -6.25 -127.89 -27.06
N THR XB 118 -4.97 -127.92 -27.44
CA THR XB 118 -3.90 -128.05 -26.47
C THR XB 118 -3.38 -126.72 -25.97
N GLY XB 119 -3.51 -125.66 -26.76
CA GLY XB 119 -3.07 -124.34 -26.35
C GLY XB 119 -1.63 -124.02 -26.68
N GLU XB 120 -0.89 -124.93 -27.31
CA GLU XB 120 0.49 -124.66 -27.66
C GLU XB 120 0.58 -123.57 -28.72
N GLY XB 121 1.65 -122.79 -28.66
CA GLY XB 121 1.88 -121.72 -29.60
C GLY XB 121 2.78 -122.19 -30.73
N GLN XB 122 2.26 -122.10 -31.95
CA GLN XB 122 3.01 -122.56 -33.11
C GLN XB 122 4.24 -121.69 -33.35
N TRP XB 123 5.30 -122.32 -33.82
CA TRP XB 123 6.57 -121.65 -34.04
C TRP XB 123 6.87 -121.51 -35.53
N ALA YB 1 -40.17 -129.54 -20.57
CA ALA YB 1 -40.52 -128.25 -20.00
C ALA YB 1 -41.06 -127.30 -21.07
N ALA YB 2 -41.71 -127.87 -22.07
CA ALA YB 2 -42.38 -127.08 -23.09
C ALA YB 2 -43.72 -126.58 -22.58
N ARG YB 3 -44.25 -125.56 -23.25
CA ARG YB 3 -45.51 -124.97 -22.82
C ARG YB 3 -46.67 -125.85 -23.23
N SER YB 4 -47.48 -126.24 -22.25
CA SER YB 4 -48.68 -127.05 -22.48
C SER YB 4 -49.69 -126.74 -21.39
N SER YB 5 -50.87 -127.32 -21.51
CA SER YB 5 -51.92 -127.09 -20.53
C SER YB 5 -51.55 -127.74 -19.20
N ILE YB 6 -51.87 -127.05 -18.11
CA ILE YB 6 -51.63 -127.54 -16.76
C ILE YB 6 -52.95 -127.68 -16.03
N VAL YB 7 -52.99 -128.55 -15.04
CA VAL YB 7 -54.24 -129.04 -14.48
C VAL YB 7 -54.30 -128.74 -12.98
N LEU YB 8 -53.84 -127.55 -12.60
CA LEU YB 8 -53.97 -127.05 -11.23
C LEU YB 8 -55.27 -127.51 -10.58
N THR YB 9 -55.18 -128.09 -9.39
CA THR YB 9 -56.35 -128.62 -8.71
C THR YB 9 -56.16 -128.51 -7.21
N ASP YB 10 -57.29 -128.48 -6.50
CA ASP YB 10 -57.29 -128.44 -5.04
C ASP YB 10 -57.69 -129.77 -4.42
N GLY YB 11 -58.04 -130.76 -5.23
CA GLY YB 11 -58.50 -132.04 -4.74
C GLY YB 11 -59.94 -132.30 -5.11
N THR YB 12 -60.76 -131.25 -5.12
CA THR YB 12 -62.18 -131.39 -5.43
C THR YB 12 -62.47 -131.10 -6.91
N THR YB 13 -62.13 -129.89 -7.36
CA THR YB 13 -62.44 -129.45 -8.72
C THR YB 13 -61.14 -129.05 -9.41
N PRO YB 14 -60.70 -129.79 -10.42
CA PRO YB 14 -59.52 -129.37 -11.18
C PRO YB 14 -59.87 -128.29 -12.19
N VAL YB 15 -58.92 -127.37 -12.40
CA VAL YB 15 -59.04 -126.32 -13.41
C VAL YB 15 -57.89 -126.47 -14.37
N THR YB 16 -58.19 -126.47 -15.67
CA THR YB 16 -57.20 -126.67 -16.72
C THR YB 16 -56.83 -125.33 -17.32
N LEU YB 17 -55.60 -124.88 -17.08
CA LEU YB 17 -55.11 -123.63 -17.64
C LEU YB 17 -54.32 -123.92 -18.90
N THR YB 18 -54.63 -123.18 -19.98
CA THR YB 18 -53.90 -123.31 -21.22
C THR YB 18 -53.09 -122.05 -21.48
N PRO YB 19 -51.94 -122.14 -22.16
CA PRO YB 19 -51.15 -120.94 -22.41
C PRO YB 19 -51.90 -119.96 -23.29
N VAL YB 20 -51.71 -118.67 -23.03
CA VAL YB 20 -52.30 -117.62 -23.83
C VAL YB 20 -51.24 -116.58 -24.16
N GLY YB 21 -49.97 -116.97 -24.13
CA GLY YB 21 -48.93 -116.07 -24.60
C GLY YB 21 -47.70 -115.97 -23.73
N GLY YB 22 -47.05 -114.82 -23.78
CA GLY YB 22 -45.92 -114.53 -22.90
C GLY YB 22 -44.60 -114.29 -23.58
N GLY YB 23 -44.25 -115.11 -24.56
CA GLY YB 23 -42.95 -114.98 -25.18
C GLY YB 23 -41.84 -115.56 -24.35
N VAL YB 24 -40.62 -115.01 -24.48
CA VAL YB 24 -39.46 -115.52 -23.77
C VAL YB 24 -39.35 -114.81 -22.43
N GLY YB 25 -38.98 -115.56 -21.40
CA GLY YB 25 -38.89 -115.00 -20.07
C GLY YB 25 -40.17 -115.01 -19.26
N GLN YB 26 -41.26 -115.50 -19.81
CA GLN YB 26 -42.51 -115.58 -19.08
C GLN YB 26 -43.47 -116.49 -19.82
N THR YB 27 -44.61 -116.77 -19.18
CA THR YB 27 -45.65 -117.60 -19.78
C THR YB 27 -46.95 -117.28 -19.07
N LEU YB 28 -47.96 -116.86 -19.81
CA LEU YB 28 -49.26 -116.57 -19.24
C LEU YB 28 -50.21 -117.73 -19.50
N TYR YB 29 -50.98 -118.10 -18.49
CA TYR YB 29 -51.94 -119.16 -18.61
C TYR YB 29 -53.34 -118.60 -18.36
N ARG YB 30 -54.34 -119.37 -18.77
CA ARG YB 30 -55.73 -119.02 -18.48
C ARG YB 30 -56.65 -120.19 -18.77
N ALA YB 31 -57.64 -120.42 -17.91
CA ALA YB 31 -58.61 -121.46 -18.12
C ALA YB 31 -59.66 -121.00 -19.13
N THR YB 32 -60.57 -121.90 -19.51
CA THR YB 32 -61.62 -121.51 -20.45
C THR YB 32 -62.76 -120.79 -19.74
N ALA YB 33 -63.51 -121.53 -18.92
CA ALA YB 33 -64.69 -121.02 -18.19
C ALA YB 33 -65.46 -120.02 -19.05
N GLU YB 34 -65.72 -120.41 -20.29
CA GLU YB 34 -66.15 -119.48 -21.33
C GLU YB 34 -67.47 -118.83 -20.95
N ALA YB 35 -67.66 -117.59 -21.44
CA ALA YB 35 -68.92 -116.87 -21.23
C ALA YB 35 -69.19 -116.70 -19.74
N LEU YB 36 -68.38 -115.85 -19.11
CA LEU YB 36 -67.53 -114.82 -19.68
C LEU YB 36 -66.07 -115.26 -19.77
N SER YB 37 -65.30 -114.59 -20.63
CA SER YB 37 -63.91 -114.94 -20.85
C SER YB 37 -62.95 -114.31 -19.86
N ALA YB 38 -63.37 -113.26 -19.16
CA ALA YB 38 -62.55 -112.63 -18.13
C ALA YB 38 -62.80 -113.19 -16.75
N ALA YB 39 -63.76 -114.09 -16.61
CA ALA YB 39 -64.09 -114.72 -15.33
C ALA YB 39 -63.51 -116.12 -15.23
N ASN YB 40 -62.18 -116.22 -15.28
CA ASN YB 40 -61.52 -117.50 -15.12
C ASN YB 40 -60.10 -117.26 -14.63
N PRO YB 41 -59.50 -118.22 -13.92
CA PRO YB 41 -58.20 -117.99 -13.29
C PRO YB 41 -57.07 -117.91 -14.30
N SER YB 42 -55.96 -117.32 -13.85
CA SER YB 42 -54.77 -117.14 -14.67
C SER YB 42 -53.54 -117.37 -13.81
N LEU YB 43 -52.42 -117.71 -14.47
CA LEU YB 43 -51.20 -118.13 -13.80
C LEU YB 43 -49.96 -117.44 -14.40
N SER YB 44 -49.95 -116.12 -14.40
CA SER YB 44 -48.81 -115.40 -14.96
C SER YB 44 -47.50 -115.87 -14.32
N PHE YB 45 -46.65 -116.53 -15.11
CA PHE YB 45 -45.43 -117.15 -14.60
C PHE YB 45 -44.23 -116.61 -15.37
N GLY YB 46 -43.32 -115.93 -14.67
CA GLY YB 46 -42.12 -115.41 -15.29
C GLY YB 46 -40.86 -115.91 -14.59
N TYR YB 47 -39.73 -115.71 -15.25
CA TYR YB 47 -38.44 -116.19 -14.78
C TYR YB 47 -37.33 -115.48 -15.53
N ARG YB 48 -36.19 -115.32 -14.88
CA ARG YB 48 -35.05 -114.65 -15.51
C ARG YB 48 -33.80 -114.96 -14.69
N PHE YB 49 -32.65 -114.61 -15.25
CA PHE YB 49 -31.36 -114.73 -14.58
C PHE YB 49 -30.67 -113.38 -14.61
N THR YB 50 -30.20 -112.92 -13.45
CA THR YB 50 -29.54 -111.63 -13.34
C THR YB 50 -28.06 -111.77 -13.73
N ASP YB 51 -27.27 -110.76 -13.38
CA ASP YB 51 -25.84 -110.77 -13.68
C ASP YB 51 -25.18 -112.05 -13.21
N GLY YB 52 -25.52 -112.50 -12.01
CA GLY YB 52 -25.01 -113.76 -11.53
C GLY YB 52 -25.86 -114.92 -12.01
N GLY YB 53 -25.98 -115.96 -11.19
CA GLY YB 53 -26.85 -117.07 -11.51
C GLY YB 53 -28.13 -116.99 -10.72
N THR YB 54 -28.44 -115.80 -10.21
CA THR YB 54 -29.59 -115.60 -9.33
C THR YB 54 -30.87 -115.82 -10.13
N ASN YB 55 -31.45 -117.00 -9.98
CA ASN YB 55 -32.68 -117.36 -10.68
C ASN YB 55 -33.85 -116.73 -9.94
N ARG YB 56 -34.53 -115.78 -10.58
CA ARG YB 56 -35.66 -115.09 -9.98
C ARG YB 56 -36.95 -115.50 -10.69
N GLN YB 57 -37.57 -116.56 -10.18
CA GLN YB 57 -38.85 -116.99 -10.71
C GLN YB 57 -39.98 -116.26 -9.99
N SER YB 58 -41.13 -116.19 -10.64
CA SER YB 58 -42.24 -115.43 -10.08
C SER YB 58 -43.57 -115.93 -10.63
N LEU YB 59 -44.50 -116.31 -9.75
CA LEU YB 59 -45.80 -116.77 -10.18
C LEU YB 59 -46.87 -115.86 -9.59
N SER YB 60 -47.94 -115.67 -10.35
CA SER YB 60 -49.06 -114.87 -9.88
C SER YB 60 -50.32 -115.56 -10.36
N TYR YB 61 -51.05 -116.16 -9.43
CA TYR YB 61 -52.28 -116.89 -9.73
C TYR YB 61 -53.45 -116.03 -9.28
N LYS YB 62 -54.31 -115.67 -10.23
CA LYS YB 62 -55.48 -114.85 -9.95
C LYS YB 62 -56.73 -115.66 -10.25
N GLN YB 63 -57.65 -115.72 -9.28
CA GLN YB 63 -58.92 -116.40 -9.48
C GLN YB 63 -60.04 -115.40 -9.23
N PRO YB 64 -60.83 -115.05 -10.23
CA PRO YB 64 -61.92 -114.09 -10.01
C PRO YB 64 -63.14 -114.76 -9.42
N ILE YB 65 -63.90 -113.96 -8.69
CA ILE YB 65 -65.10 -114.42 -7.98
C ILE YB 65 -66.30 -114.08 -8.84
N THR YB 66 -66.99 -115.11 -9.31
CA THR YB 66 -68.10 -114.94 -10.24
C THR YB 66 -69.42 -114.92 -9.49
N ALA YB 67 -70.45 -114.46 -10.19
CA ALA YB 67 -71.80 -114.41 -9.63
C ALA YB 67 -72.79 -114.38 -10.78
N VAL YB 68 -73.49 -115.48 -11.01
CA VAL YB 68 -74.40 -115.58 -12.14
C VAL YB 68 -75.67 -114.81 -11.80
N ASP YB 69 -75.88 -113.68 -12.45
CA ASP YB 69 -77.03 -112.82 -12.21
C ASP YB 69 -78.24 -113.43 -12.90
N SER YB 70 -79.06 -114.16 -12.13
CA SER YB 70 -80.19 -114.88 -12.70
C SER YB 70 -81.22 -113.96 -13.35
N THR YB 71 -81.29 -112.70 -12.93
CA THR YB 71 -82.22 -111.75 -13.54
C THR YB 71 -81.89 -111.52 -15.00
N THR YB 72 -80.65 -111.20 -15.29
CA THR YB 72 -80.19 -110.90 -16.65
C THR YB 72 -79.52 -112.10 -17.32
N SER YB 73 -79.07 -113.07 -16.54
CA SER YB 73 -78.35 -114.27 -17.02
C SER YB 73 -77.01 -113.86 -17.64
N GLU YB 74 -76.23 -113.13 -16.86
CA GLU YB 74 -74.87 -112.76 -17.24
C GLU YB 74 -73.96 -112.96 -16.04
N THR YB 75 -72.71 -113.31 -16.30
CA THR YB 75 -71.75 -113.54 -15.24
C THR YB 75 -71.05 -112.24 -14.88
N LEU YB 76 -71.08 -111.89 -13.60
CA LEU YB 76 -70.48 -110.68 -13.10
C LEU YB 76 -69.25 -111.03 -12.28
N VAL YB 77 -68.25 -110.14 -12.32
CA VAL YB 77 -66.99 -110.37 -11.61
C VAL YB 77 -66.92 -109.39 -10.45
N ARG YB 78 -66.84 -109.93 -9.23
CA ARG YB 78 -66.89 -109.11 -8.02
C ARG YB 78 -65.52 -108.77 -7.47
N GLY YB 79 -64.51 -109.57 -7.81
CA GLY YB 79 -63.17 -109.34 -7.31
C GLY YB 79 -62.30 -110.51 -7.69
N GLN YB 80 -61.08 -110.55 -7.15
CA GLN YB 80 -60.20 -111.66 -7.45
C GLN YB 80 -59.27 -111.95 -6.28
N CYS YB 81 -59.12 -113.24 -5.98
CA CYS YB 81 -58.10 -113.69 -5.04
C CYS YB 81 -56.78 -113.82 -5.78
N VAL YB 82 -55.75 -113.17 -5.25
CA VAL YB 82 -54.45 -113.11 -5.89
C VAL YB 82 -53.43 -113.79 -4.98
N VAL YB 83 -52.64 -114.69 -5.54
CA VAL YB 83 -51.57 -115.35 -4.80
C VAL YB 83 -50.28 -115.15 -5.58
N ASP YB 84 -49.32 -114.44 -4.98
CA ASP YB 84 -48.01 -114.22 -5.57
C ASP YB 84 -46.98 -115.10 -4.89
N ILE YB 85 -46.08 -115.68 -5.68
CA ILE YB 85 -45.04 -116.56 -5.17
C ILE YB 85 -43.75 -116.15 -5.87
N ASN YB 86 -42.90 -115.39 -5.19
CA ASN YB 86 -41.60 -115.06 -5.72
C ASN YB 86 -40.54 -116.00 -5.18
N ILE YB 87 -39.64 -116.43 -6.05
CA ILE YB 87 -38.60 -117.38 -5.69
C ILE YB 87 -37.26 -116.80 -6.14
N VAL YB 88 -36.36 -116.58 -5.20
CA VAL YB 88 -35.02 -116.09 -5.51
C VAL YB 88 -34.03 -117.17 -5.11
N ILE YB 89 -33.21 -117.59 -6.07
CA ILE YB 89 -32.20 -118.62 -5.80
C ILE YB 89 -30.83 -118.04 -6.13
N PRO YB 90 -29.93 -117.94 -5.16
CA PRO YB 90 -28.65 -117.27 -5.43
C PRO YB 90 -27.74 -118.08 -6.33
N ARG YB 91 -26.62 -117.46 -6.71
CA ARG YB 91 -25.65 -118.08 -7.61
C ARG YB 91 -24.99 -119.31 -7.00
N VAL YB 92 -24.95 -119.40 -5.67
CA VAL YB 92 -24.15 -120.39 -4.98
C VAL YB 92 -24.99 -121.58 -4.50
N ALA YB 93 -26.23 -121.70 -4.96
CA ALA YB 93 -27.16 -122.68 -4.43
C ALA YB 93 -27.01 -124.01 -5.16
N THR YB 94 -26.84 -125.08 -4.38
CA THR YB 94 -26.74 -126.42 -4.95
C THR YB 94 -28.08 -126.85 -5.54
N ALA YB 95 -28.03 -127.86 -6.41
CA ALA YB 95 -29.22 -128.34 -7.09
C ALA YB 95 -30.19 -129.06 -6.17
N THR YB 96 -29.74 -129.53 -5.02
CA THR YB 96 -30.64 -130.16 -4.05
C THR YB 96 -31.14 -129.20 -2.99
N ASP YB 97 -30.37 -128.15 -2.69
CA ASP YB 97 -30.85 -127.11 -1.80
C ASP YB 97 -32.03 -126.36 -2.42
N ARG YB 98 -32.03 -126.21 -3.74
CA ARG YB 98 -33.19 -125.63 -4.42
C ARG YB 98 -34.45 -126.45 -4.15
N ALA YB 99 -34.36 -127.76 -4.36
CA ALA YB 99 -35.53 -128.61 -4.11
C ALA YB 99 -35.94 -128.56 -2.66
N GLU YB 100 -34.98 -128.60 -1.73
CA GLU YB 100 -35.29 -128.52 -0.32
C GLU YB 100 -36.05 -127.23 -0.01
N ALA YB 101 -35.50 -126.09 -0.42
CA ALA YB 101 -36.11 -124.81 -0.09
C ALA YB 101 -37.50 -124.69 -0.70
N ILE YB 102 -37.64 -125.06 -1.98
CA ILE YB 102 -38.93 -124.88 -2.65
C ILE YB 102 -39.99 -125.79 -2.04
N LYS YB 103 -39.66 -127.07 -1.87
CA LYS YB 103 -40.67 -127.99 -1.35
C LYS YB 103 -40.96 -127.74 0.12
N ARG YB 104 -40.03 -127.08 0.84
CA ARG YB 104 -40.34 -126.70 2.21
C ARG YB 104 -41.24 -125.47 2.26
N ALA YB 105 -40.96 -124.47 1.41
CA ALA YB 105 -41.80 -123.28 1.39
C ALA YB 105 -43.22 -123.59 0.94
N PHE YB 106 -43.35 -124.45 -0.07
CA PHE YB 106 -44.68 -124.85 -0.52
C PHE YB 106 -45.35 -125.83 0.43
N ASP YB 107 -44.65 -126.30 1.46
CA ASP YB 107 -45.24 -127.15 2.49
C ASP YB 107 -45.86 -126.35 3.62
N VAL YB 108 -45.83 -125.02 3.54
CA VAL YB 108 -46.44 -124.20 4.58
C VAL YB 108 -47.93 -124.48 4.70
N LEU YB 109 -48.59 -124.65 3.55
CA LEU YB 109 -50.03 -124.91 3.56
C LEU YB 109 -50.39 -126.12 4.40
N ASN YB 110 -49.49 -127.10 4.50
CA ASN YB 110 -49.73 -128.23 5.38
C ASN YB 110 -49.33 -127.95 6.82
N ALA YB 111 -48.46 -126.97 7.05
CA ALA YB 111 -48.07 -126.63 8.41
C ALA YB 111 -48.94 -125.50 8.96
N LEU YB 112 -48.98 -124.37 8.26
CA LEU YB 112 -49.76 -123.21 8.68
C LEU YB 112 -51.13 -123.22 8.00
N ASN YB 113 -51.84 -124.34 8.18
CA ASN YB 113 -53.02 -124.61 7.38
C ASN YB 113 -54.19 -123.73 7.78
N ALA YB 114 -54.54 -123.71 9.07
CA ALA YB 114 -55.73 -123.00 9.51
C ALA YB 114 -55.60 -121.50 9.29
N GLU YB 115 -54.39 -120.97 9.33
CA GLU YB 115 -54.21 -119.54 9.13
C GLU YB 115 -54.33 -119.11 7.69
N LEU YB 116 -54.42 -120.06 6.75
CA LEU YB 116 -54.50 -119.74 5.34
C LEU YB 116 -55.81 -120.20 4.70
N ILE YB 117 -56.24 -121.42 4.98
CA ILE YB 117 -57.45 -121.95 4.36
C ILE YB 117 -58.69 -121.23 4.90
N THR YB 118 -58.75 -121.01 6.20
CA THR YB 118 -59.91 -120.36 6.81
C THR YB 118 -59.73 -118.87 7.03
N GLY YB 119 -58.50 -118.40 7.15
CA GLY YB 119 -58.24 -116.98 7.30
C GLY YB 119 -58.04 -116.51 8.71
N GLU YB 120 -57.91 -117.41 9.68
CA GLU YB 120 -57.74 -117.03 11.07
C GLU YB 120 -56.40 -116.32 11.27
N GLY YB 121 -56.20 -115.85 12.48
CA GLY YB 121 -54.89 -115.40 12.91
C GLY YB 121 -54.52 -116.14 14.19
N GLN YB 122 -53.26 -116.51 14.29
CA GLN YB 122 -52.81 -117.28 15.44
C GLN YB 122 -52.75 -116.39 16.67
N TRP YB 123 -53.27 -116.90 17.78
CA TRP YB 123 -53.38 -116.12 19.01
C TRP YB 123 -52.33 -116.49 20.05
N ALA ZB 1 -54.61 -122.07 15.08
CA ALA ZB 1 -54.45 -122.24 16.51
C ALA ZB 1 -53.37 -121.30 17.04
N ALA ZB 2 -52.94 -121.52 18.27
CA ALA ZB 2 -51.95 -120.65 18.88
C ALA ZB 2 -50.58 -120.86 18.25
N ARG ZB 3 -49.69 -119.90 18.46
CA ARG ZB 3 -48.33 -120.02 17.97
C ARG ZB 3 -47.67 -121.27 18.53
N SER ZB 4 -47.33 -122.22 17.67
CA SER ZB 4 -46.71 -123.45 18.13
C SER ZB 4 -45.50 -123.80 17.26
N SER ZB 5 -44.99 -125.01 17.40
CA SER ZB 5 -43.87 -125.47 16.60
C SER ZB 5 -44.37 -126.15 15.33
N ILE ZB 6 -43.91 -125.66 14.18
CA ILE ZB 6 -44.31 -126.20 12.90
C ILE ZB 6 -43.20 -127.10 12.37
N VAL ZB 7 -43.57 -128.03 11.48
CA VAL ZB 7 -42.70 -129.12 11.07
C VAL ZB 7 -42.46 -129.07 9.57
N LEU ZB 8 -42.28 -127.86 9.03
CA LEU ZB 8 -41.98 -127.66 7.62
C LEU ZB 8 -41.01 -128.70 7.09
N THR ZB 9 -41.44 -129.46 6.08
CA THR ZB 9 -40.68 -130.59 5.57
C THR ZB 9 -40.74 -130.58 4.04
N ASP ZB 10 -40.12 -131.60 3.44
CA ASP ZB 10 -40.20 -131.78 2.00
C ASP ZB 10 -40.39 -133.24 1.61
N GLY ZB 11 -40.69 -134.12 2.54
CA GLY ZB 11 -40.84 -135.54 2.29
C GLY ZB 11 -39.66 -136.37 2.76
N THR ZB 12 -38.47 -135.78 2.84
CA THR ZB 12 -37.27 -136.49 3.28
C THR ZB 12 -36.67 -135.89 4.55
N THR ZB 13 -36.41 -134.58 4.55
CA THR ZB 13 -35.69 -133.93 5.64
C THR ZB 13 -36.57 -132.88 6.32
N PRO ZB 14 -37.24 -133.22 7.41
CA PRO ZB 14 -38.07 -132.24 8.10
C PRO ZB 14 -37.23 -131.23 8.88
N VAL ZB 15 -37.83 -130.07 9.13
CA VAL ZB 15 -37.24 -129.03 9.95
C VAL ZB 15 -38.32 -128.49 10.88
N THR ZB 16 -38.01 -128.40 12.17
CA THR ZB 16 -38.96 -127.92 13.17
C THR ZB 16 -38.63 -126.46 13.49
N LEU ZB 17 -39.65 -125.60 13.41
CA LEU ZB 17 -39.50 -124.17 13.62
C LEU ZB 17 -40.35 -123.74 14.80
N THR ZB 18 -39.77 -122.96 15.71
CA THR ZB 18 -40.50 -122.46 16.86
C THR ZB 18 -40.48 -120.93 16.88
N PRO ZB 19 -41.58 -120.30 17.30
CA PRO ZB 19 -41.68 -118.83 17.18
C PRO ZB 19 -40.57 -118.12 17.95
N VAL ZB 20 -40.07 -117.04 17.37
CA VAL ZB 20 -38.89 -116.37 17.88
C VAL ZB 20 -39.22 -114.88 18.04
N GLY ZB 21 -40.49 -114.56 18.01
CA GLY ZB 21 -40.89 -113.19 18.26
C GLY ZB 21 -42.06 -112.80 17.39
N GLY ZB 22 -42.06 -111.53 17.00
CA GLY ZB 22 -43.15 -111.00 16.20
C GLY ZB 22 -44.01 -109.99 16.93
N GLY ZB 23 -45.32 -110.16 16.87
CA GLY ZB 23 -46.24 -109.24 17.50
C GLY ZB 23 -47.69 -109.59 17.19
N VAL ZB 24 -48.49 -108.60 16.83
CA VAL ZB 24 -49.86 -108.81 16.39
C VAL ZB 24 -49.89 -108.78 14.87
N GLY ZB 25 -50.45 -109.83 14.26
CA GLY ZB 25 -50.37 -109.97 12.83
C GLY ZB 25 -48.94 -110.07 12.35
N GLN ZB 26 -48.12 -110.84 13.07
CA GLN ZB 26 -46.73 -111.07 12.73
C GLN ZB 26 -46.21 -112.21 13.58
N THR ZB 27 -45.44 -113.10 12.97
CA THR ZB 27 -44.96 -114.29 13.69
C THR ZB 27 -43.67 -114.76 13.01
N LEU ZB 28 -42.55 -114.57 13.70
CA LEU ZB 28 -41.29 -115.11 13.20
C LEU ZB 28 -41.19 -116.59 13.50
N TYR ZB 29 -40.19 -117.24 12.91
CA TYR ZB 29 -39.90 -118.64 13.16
C TYR ZB 29 -38.41 -118.85 12.97
N ARG ZB 30 -37.91 -119.96 13.48
CA ARG ZB 30 -36.54 -120.40 13.26
C ARG ZB 30 -36.39 -121.81 13.82
N ALA ZB 31 -35.34 -122.49 13.39
CA ALA ZB 31 -35.06 -123.85 13.79
C ALA ZB 31 -34.04 -123.88 14.92
N THR ZB 32 -33.57 -125.08 15.28
CA THR ZB 32 -32.78 -125.28 16.49
C THR ZB 32 -31.28 -125.09 16.29
N ALA ZB 33 -30.75 -125.38 15.10
CA ALA ZB 33 -29.31 -125.30 14.88
C ALA ZB 33 -28.80 -123.87 15.04
N GLU ZB 34 -27.53 -123.71 15.38
CA GLU ZB 34 -26.98 -122.42 15.79
C GLU ZB 34 -25.80 -122.07 14.89
N ALA ZB 35 -25.80 -120.84 14.39
CA ALA ZB 35 -24.73 -120.33 13.54
C ALA ZB 35 -24.57 -118.84 13.80
N LEU ZB 36 -23.59 -118.22 13.13
CA LEU ZB 36 -23.18 -116.86 13.44
C LEU ZB 36 -23.91 -115.83 12.60
N SER ZB 37 -23.83 -115.93 11.27
CA SER ZB 37 -24.44 -114.93 10.39
C SER ZB 37 -25.89 -115.29 10.06
N ALA ZB 38 -26.10 -116.45 9.44
CA ALA ZB 38 -27.44 -116.92 9.12
C ALA ZB 38 -27.64 -118.25 9.82
N ALA ZB 39 -28.57 -118.27 10.78
CA ALA ZB 39 -28.71 -119.45 11.63
C ALA ZB 39 -29.48 -120.56 10.92
N ASN ZB 40 -30.74 -120.30 10.60
CA ASN ZB 40 -31.63 -121.37 10.16
C ASN ZB 40 -32.68 -120.82 9.21
N PRO ZB 41 -33.55 -121.66 8.64
CA PRO ZB 41 -34.73 -121.15 7.94
C PRO ZB 41 -35.58 -120.29 8.86
N SER ZB 42 -36.11 -119.20 8.31
CA SER ZB 42 -36.86 -118.22 9.11
C SER ZB 42 -38.13 -117.85 8.37
N LEU ZB 43 -39.24 -118.47 8.75
CA LEU ZB 43 -40.53 -118.30 8.08
C LEU ZB 43 -41.30 -117.16 8.76
N SER ZB 44 -41.25 -115.97 8.18
CA SER ZB 44 -42.03 -114.86 8.71
C SER ZB 44 -43.43 -114.87 8.12
N PHE ZB 45 -44.42 -114.53 8.95
CA PHE ZB 45 -45.84 -114.61 8.59
C PHE ZB 45 -46.52 -113.33 9.03
N GLY ZB 46 -46.97 -112.53 8.06
CA GLY ZB 46 -47.38 -111.16 8.34
C GLY ZB 46 -48.82 -110.78 8.05
N TYR ZB 47 -49.79 -111.61 8.41
CA TYR ZB 47 -51.18 -111.37 8.06
C TYR ZB 47 -51.69 -110.07 8.67
N ARG ZB 48 -52.71 -109.49 8.03
CA ARG ZB 48 -53.36 -108.26 8.48
C ARG ZB 48 -54.68 -108.14 7.72
N PHE ZB 49 -55.40 -107.06 8.02
CA PHE ZB 49 -56.65 -106.71 7.34
C PHE ZB 49 -56.53 -105.28 6.80
N THR ZB 50 -57.58 -104.82 6.13
CA THR ZB 50 -57.53 -103.55 5.42
C THR ZB 50 -58.91 -102.91 5.52
N ASP ZB 51 -59.19 -101.93 4.65
CA ASP ZB 51 -60.44 -101.20 4.68
C ASP ZB 51 -61.64 -102.13 4.60
N GLY ZB 52 -61.62 -103.05 3.64
CA GLY ZB 52 -62.61 -104.09 3.56
C GLY ZB 52 -62.17 -105.33 4.31
N GLY ZB 53 -62.70 -106.47 3.90
CA GLY ZB 53 -62.24 -107.73 4.44
C GLY ZB 53 -61.01 -108.22 3.71
N THR ZB 54 -60.22 -107.28 3.18
CA THR ZB 54 -59.08 -107.62 2.34
C THR ZB 54 -57.98 -108.25 3.16
N ASN ZB 55 -58.04 -109.56 3.32
CA ASN ZB 55 -57.07 -110.29 4.14
C ASN ZB 55 -55.75 -110.37 3.41
N ARG ZB 56 -54.84 -109.46 3.73
CA ARG ZB 56 -53.56 -109.37 3.03
C ARG ZB 56 -52.49 -110.17 3.78
N GLN ZB 57 -52.64 -111.49 3.73
CA GLN ZB 57 -51.62 -112.35 4.32
C GLN ZB 57 -50.32 -112.25 3.52
N SER ZB 58 -49.22 -112.58 4.18
CA SER ZB 58 -47.91 -112.45 3.57
C SER ZB 58 -46.93 -113.37 4.29
N LEU ZB 59 -46.08 -114.04 3.53
CA LEU ZB 59 -45.13 -114.99 4.07
C LEU ZB 59 -43.76 -114.72 3.49
N SER ZB 60 -42.75 -115.28 4.14
CA SER ZB 60 -41.40 -115.26 3.60
C SER ZB 60 -40.56 -116.34 4.25
N TYR ZB 61 -40.12 -117.32 3.47
CA TYR ZB 61 -39.36 -118.46 3.96
C TYR ZB 61 -37.94 -118.39 3.43
N LYS ZB 62 -36.99 -118.10 4.30
CA LYS ZB 62 -35.59 -118.04 3.93
C LYS ZB 62 -34.87 -119.25 4.47
N GLN ZB 63 -34.16 -119.95 3.60
CA GLN ZB 63 -33.31 -121.08 3.98
C GLN ZB 63 -31.87 -120.75 3.64
N PRO ZB 64 -30.98 -120.61 4.62
CA PRO ZB 64 -29.61 -120.22 4.31
C PRO ZB 64 -28.82 -121.33 3.65
N ILE ZB 65 -28.14 -120.97 2.56
CA ILE ZB 65 -27.22 -121.85 1.88
C ILE ZB 65 -25.91 -121.81 2.66
N THR ZB 66 -25.55 -122.93 3.27
CA THR ZB 66 -24.41 -123.02 4.16
C THR ZB 66 -23.65 -124.32 3.91
N ALA ZB 67 -22.35 -124.29 4.21
CA ALA ZB 67 -21.49 -125.47 4.19
C ALA ZB 67 -20.58 -125.41 5.40
N VAL ZB 68 -20.44 -126.55 6.08
CA VAL ZB 68 -19.70 -126.58 7.34
C VAL ZB 68 -18.20 -126.51 7.05
N ASP ZB 69 -17.51 -125.64 7.78
CA ASP ZB 69 -16.06 -125.53 7.65
C ASP ZB 69 -15.38 -126.66 8.41
N SER ZB 70 -14.10 -126.86 8.11
CA SER ZB 70 -13.30 -127.83 8.84
C SER ZB 70 -12.57 -127.14 9.99
N THR ZB 71 -12.49 -127.86 11.11
CA THR ZB 71 -11.80 -127.46 12.34
C THR ZB 71 -12.48 -126.29 13.05
N THR ZB 72 -13.53 -125.71 12.49
CA THR ZB 72 -14.24 -124.61 13.13
C THR ZB 72 -15.73 -124.90 13.15
N SER ZB 73 -16.37 -124.62 14.29
CA SER ZB 73 -17.78 -124.88 14.48
C SER ZB 73 -18.64 -123.65 14.18
N GLU ZB 74 -18.51 -123.13 12.96
CA GLU ZB 74 -19.26 -121.94 12.56
C GLU ZB 74 -20.07 -122.14 11.29
N THR ZB 75 -19.97 -123.30 10.65
CA THR ZB 75 -20.81 -123.72 9.51
C THR ZB 75 -21.09 -122.57 8.56
N LEU ZB 76 -20.04 -122.05 7.93
CA LEU ZB 76 -20.11 -120.88 7.05
C LEU ZB 76 -21.31 -120.92 6.12
N VAL ZB 77 -22.06 -119.82 6.11
CA VAL ZB 77 -23.23 -119.67 5.27
C VAL ZB 77 -22.85 -118.91 4.00
N ARG ZB 78 -23.41 -119.34 2.87
CA ARG ZB 78 -23.04 -118.78 1.58
C ARG ZB 78 -24.14 -117.92 0.95
N GLY ZB 79 -25.39 -118.18 1.27
CA GLY ZB 79 -26.49 -117.41 0.70
C GLY ZB 79 -27.80 -117.69 1.37
N GLN ZB 80 -28.90 -117.43 0.65
CA GLN ZB 80 -30.24 -117.73 1.16
C GLN ZB 80 -31.26 -117.83 0.04
N CYS ZB 81 -32.09 -118.86 0.07
CA CYS ZB 81 -33.12 -119.10 -0.95
C CYS ZB 81 -34.42 -118.49 -0.47
N VAL ZB 82 -34.62 -117.20 -0.79
CA VAL ZB 82 -35.83 -116.50 -0.39
C VAL ZB 82 -37.01 -117.00 -1.21
N VAL ZB 83 -38.13 -117.25 -0.53
CA VAL ZB 83 -39.37 -117.65 -1.20
C VAL ZB 83 -40.55 -116.90 -0.60
N ASP ZB 84 -40.97 -115.81 -1.23
CA ASP ZB 84 -42.08 -115.00 -0.74
C ASP ZB 84 -43.40 -115.55 -1.25
N ILE ZB 85 -44.43 -115.46 -0.41
CA ILE ZB 85 -45.78 -115.86 -0.80
C ILE ZB 85 -46.77 -114.83 -0.27
N ASN ZB 86 -47.30 -113.98 -1.15
CA ASN ZB 86 -48.26 -112.97 -0.75
C ASN ZB 86 -49.65 -113.34 -1.22
N ILE ZB 87 -50.62 -113.18 -0.32
CA ILE ZB 87 -52.00 -113.56 -0.56
C ILE ZB 87 -52.89 -112.35 -0.34
N VAL ZB 88 -53.81 -112.11 -1.26
CA VAL ZB 88 -54.75 -111.00 -1.17
C VAL ZB 88 -56.13 -111.57 -1.49
N ILE ZB 89 -56.97 -111.68 -0.48
CA ILE ZB 89 -58.31 -112.26 -0.61
C ILE ZB 89 -59.33 -111.16 -0.37
N PRO ZB 90 -60.25 -110.92 -1.30
CA PRO ZB 90 -61.14 -109.76 -1.16
C PRO ZB 90 -62.18 -109.97 -0.08
N ARG ZB 91 -63.00 -108.95 0.17
CA ARG ZB 91 -64.06 -109.05 1.16
C ARG ZB 91 -65.16 -110.02 0.74
N VAL ZB 92 -65.47 -110.10 -0.56
CA VAL ZB 92 -66.62 -110.83 -1.05
C VAL ZB 92 -66.30 -112.30 -1.25
N ALA ZB 93 -65.11 -112.72 -0.82
CA ALA ZB 93 -64.63 -114.08 -1.12
C ALA ZB 93 -65.21 -115.07 -0.13
N THR ZB 94 -66.14 -115.90 -0.62
CA THR ZB 94 -66.69 -116.98 0.19
C THR ZB 94 -65.58 -117.93 0.61
N ALA ZB 95 -65.67 -118.44 1.83
CA ALA ZB 95 -64.60 -119.27 2.39
C ALA ZB 95 -64.31 -120.50 1.54
N THR ZB 96 -65.28 -120.99 0.78
CA THR ZB 96 -64.99 -122.05 -0.19
C THR ZB 96 -64.11 -121.54 -1.32
N ASP ZB 97 -64.40 -120.33 -1.82
CA ASP ZB 97 -63.58 -119.76 -2.88
C ASP ZB 97 -62.16 -119.50 -2.41
N ARG ZB 98 -62.00 -119.01 -1.18
CA ARG ZB 98 -60.65 -118.78 -0.68
C ARG ZB 98 -59.86 -120.07 -0.54
N ALA ZB 99 -60.51 -121.13 -0.03
CA ALA ZB 99 -59.83 -122.42 0.07
C ALA ZB 99 -59.43 -122.93 -1.30
N GLU ZB 100 -60.33 -122.82 -2.28
CA GLU ZB 100 -60.00 -123.24 -3.64
C GLU ZB 100 -58.82 -122.43 -4.18
N ALA ZB 101 -58.83 -121.12 -3.99
CA ALA ZB 101 -57.77 -120.29 -4.53
C ALA ZB 101 -56.43 -120.65 -3.91
N ILE ZB 102 -56.38 -120.82 -2.59
CA ILE ZB 102 -55.11 -121.12 -1.93
C ILE ZB 102 -54.61 -122.49 -2.34
N LYS ZB 103 -55.48 -123.50 -2.30
CA LYS ZB 103 -55.03 -124.86 -2.59
C LYS ZB 103 -54.68 -125.02 -4.07
N ARG ZB 104 -55.27 -124.21 -4.95
CA ARG ZB 104 -54.87 -124.24 -6.35
C ARG ZB 104 -53.56 -123.51 -6.58
N ALA ZB 105 -53.33 -122.41 -5.86
CA ALA ZB 105 -52.07 -121.71 -6.00
C ALA ZB 105 -50.91 -122.56 -5.50
N PHE ZB 106 -51.12 -123.28 -4.40
CA PHE ZB 106 -50.05 -124.10 -3.86
C PHE ZB 106 -49.91 -125.44 -4.56
N ASP ZB 107 -50.74 -125.72 -5.56
CA ASP ZB 107 -50.60 -126.91 -6.39
C ASP ZB 107 -49.76 -126.65 -7.63
N VAL ZB 108 -49.18 -125.45 -7.77
CA VAL ZB 108 -48.33 -125.18 -8.92
C VAL ZB 108 -47.10 -126.07 -8.91
N LEU ZB 109 -46.55 -126.33 -7.72
CA LEU ZB 109 -45.35 -127.14 -7.60
C LEU ZB 109 -45.53 -128.52 -8.21
N ASN ZB 110 -46.75 -129.06 -8.16
CA ASN ZB 110 -47.01 -130.37 -8.75
C ASN ZB 110 -47.39 -130.30 -10.22
N ALA ZB 111 -47.64 -129.10 -10.76
CA ALA ZB 111 -47.97 -128.94 -12.16
C ALA ZB 111 -46.83 -128.29 -12.95
N LEU ZB 112 -46.30 -127.19 -12.42
CA LEU ZB 112 -45.16 -126.50 -13.02
C LEU ZB 112 -43.88 -126.93 -12.31
N ASN ZB 113 -43.65 -128.24 -12.30
CA ASN ZB 113 -42.67 -128.83 -11.39
C ASN ZB 113 -41.23 -128.58 -11.84
N ALA ZB 114 -40.90 -129.00 -13.07
CA ALA ZB 114 -39.52 -128.93 -13.52
C ALA ZB 114 -39.00 -127.50 -13.56
N GLU ZB 115 -39.82 -126.56 -14.02
CA GLU ZB 115 -39.39 -125.17 -14.11
C GLU ZB 115 -39.10 -124.56 -12.76
N LEU ZB 116 -39.69 -125.09 -11.68
CA LEU ZB 116 -39.49 -124.55 -10.35
C LEU ZB 116 -38.36 -125.26 -9.61
N ILE ZB 117 -38.30 -126.59 -9.71
CA ILE ZB 117 -37.26 -127.34 -9.04
C ILE ZB 117 -35.93 -127.21 -9.77
N THR ZB 118 -35.92 -127.57 -11.05
CA THR ZB 118 -34.68 -127.53 -11.83
C THR ZB 118 -34.30 -126.11 -12.21
N GLY ZB 119 -35.27 -125.29 -12.59
CA GLY ZB 119 -34.99 -123.90 -12.92
C GLY ZB 119 -34.69 -123.68 -14.39
N GLU ZB 120 -35.55 -124.20 -15.25
CA GLU ZB 120 -35.28 -124.21 -16.68
C GLU ZB 120 -36.59 -124.32 -17.44
N GLY ZB 121 -36.53 -124.02 -18.74
CA GLY ZB 121 -37.59 -124.44 -19.62
C GLY ZB 121 -38.45 -123.36 -20.23
N GLN ZB 122 -39.69 -123.72 -20.57
CA GLN ZB 122 -40.63 -122.87 -21.30
C GLN ZB 122 -40.05 -122.48 -22.66
N TRP ZB 123 -39.94 -123.49 -23.51
CA TRP ZB 123 -39.43 -123.30 -24.86
C TRP ZB 123 -40.55 -122.81 -25.77
N ALA AC 1 126.35 28.24 17.19
CA ALA AC 1 127.43 27.36 17.61
C ALA AC 1 126.95 26.41 18.70
N ALA AC 2 127.88 25.67 19.29
CA ALA AC 2 127.51 24.76 20.37
C ALA AC 2 127.02 25.55 21.57
N ARG AC 3 125.95 25.06 22.20
CA ARG AC 3 125.36 25.75 23.34
C ARG AC 3 126.34 25.77 24.50
N SER AC 4 126.45 26.93 25.15
CA SER AC 4 127.37 27.13 26.26
C SER AC 4 126.76 28.15 27.21
N SER AC 5 127.58 28.69 28.10
CA SER AC 5 127.14 29.70 29.04
C SER AC 5 127.29 31.09 28.46
N ILE AC 6 126.50 32.03 28.97
CA ILE AC 6 126.54 33.42 28.55
C ILE AC 6 126.62 34.32 29.77
N VAL AC 7 127.18 35.51 29.58
CA VAL AC 7 127.65 36.33 30.69
C VAL AC 7 126.91 37.68 30.63
N LEU AC 8 125.64 37.64 30.26
CA LEU AC 8 124.79 38.84 30.22
C LEU AC 8 125.10 39.77 31.38
N THR AC 9 125.39 41.03 31.06
CA THR AC 9 125.85 42.00 32.04
C THR AC 9 125.25 43.36 31.72
N ASP AC 10 125.44 44.30 32.65
CA ASP AC 10 125.06 45.68 32.44
C ASP AC 10 126.15 46.62 32.96
N GLY AC 11 127.38 46.14 32.97
CA GLY AC 11 128.50 46.97 33.35
C GLY AC 11 128.97 46.77 34.78
N THR AC 12 128.03 46.48 35.68
CA THR AC 12 128.37 46.35 37.10
C THR AC 12 128.04 45.01 37.71
N THR AC 13 126.95 44.37 37.30
CA THR AC 13 126.50 43.10 37.88
C THR AC 13 126.30 42.07 36.78
N PRO AC 14 127.35 41.36 36.38
CA PRO AC 14 127.19 40.31 35.38
C PRO AC 14 126.33 39.17 35.89
N VAL AC 15 125.68 38.49 34.96
CA VAL AC 15 124.82 37.34 35.26
C VAL AC 15 125.25 36.20 34.35
N THR AC 16 125.67 35.09 34.95
CA THR AC 16 126.05 33.90 34.18
C THR AC 16 124.83 33.01 34.01
N LEU AC 17 124.47 32.75 32.76
CA LEU AC 17 123.33 31.90 32.44
C LEU AC 17 123.85 30.60 31.83
N THR AC 18 123.11 29.52 32.08
CA THR AC 18 123.48 28.20 31.59
C THR AC 18 122.28 27.58 30.90
N PRO AC 19 122.48 26.75 29.88
CA PRO AC 19 121.35 26.14 29.17
C PRO AC 19 120.74 25.00 29.95
N VAL AC 20 119.45 25.09 30.28
CA VAL AC 20 118.82 24.11 31.13
C VAL AC 20 117.59 23.52 30.44
N GLY AC 21 117.57 23.55 29.12
CA GLY AC 21 116.46 22.98 28.40
C GLY AC 21 116.42 23.49 26.98
N GLY AC 22 115.27 23.30 26.36
CA GLY AC 22 115.06 23.76 24.99
C GLY AC 22 114.54 22.69 24.07
N GLY AC 23 115.08 22.65 22.86
CA GLY AC 23 114.62 21.67 21.88
C GLY AC 23 115.26 21.94 20.53
N VAL AC 24 114.47 21.76 19.49
CA VAL AC 24 114.89 22.09 18.13
C VAL AC 24 114.41 23.50 17.83
N GLY AC 25 115.36 24.38 17.50
CA GLY AC 25 115.03 25.78 17.31
C GLY AC 25 114.60 26.46 18.59
N GLN AC 26 115.30 26.18 19.69
CA GLN AC 26 114.98 26.74 20.99
C GLN AC 26 116.10 26.39 21.96
N THR AC 27 116.40 27.31 22.87
CA THR AC 27 117.44 27.07 23.87
C THR AC 27 117.15 27.95 25.09
N LEU AC 28 116.55 27.35 26.12
CA LEU AC 28 116.33 28.07 27.36
C LEU AC 28 117.63 28.29 28.11
N TYR AC 29 117.68 29.35 28.89
CA TYR AC 29 118.80 29.64 29.77
C TYR AC 29 118.27 30.00 31.14
N ARG AC 30 119.11 29.84 32.15
CA ARG AC 30 118.74 30.28 33.48
C ARG AC 30 120.01 30.62 34.26
N ALA AC 31 119.92 31.64 35.11
CA ALA AC 31 121.06 32.00 35.93
C ALA AC 31 121.35 30.89 36.93
N THR AC 32 122.64 30.67 37.20
CA THR AC 32 123.05 29.54 38.03
C THR AC 32 122.36 29.58 39.39
N ALA AC 33 122.66 30.62 40.17
CA ALA AC 33 121.96 30.83 41.44
C ALA AC 33 122.20 32.27 41.87
N GLU AC 34 121.14 33.08 41.93
CA GLU AC 34 121.28 34.41 42.52
C GLU AC 34 121.14 34.33 44.05
N ALA AC 35 119.93 34.03 44.52
CA ALA AC 35 119.71 33.73 45.94
C ALA AC 35 118.72 32.62 46.20
N LEU AC 36 117.90 32.24 45.23
CA LEU AC 36 116.87 31.22 45.38
C LEU AC 36 116.31 30.94 43.99
N SER AC 37 115.31 30.07 43.91
CA SER AC 37 114.60 29.86 42.65
C SER AC 37 113.50 30.89 42.52
N ALA AC 38 113.06 31.11 41.27
CA ALA AC 38 112.12 32.12 40.84
C ALA AC 38 112.67 33.53 40.96
N ALA AC 39 113.87 33.69 41.50
CA ALA AC 39 114.56 34.97 41.54
C ALA AC 39 115.80 34.93 40.65
N ASN AC 40 115.72 34.16 39.57
CA ASN AC 40 116.81 33.99 38.64
C ASN AC 40 116.37 34.37 37.23
N PRO AC 41 117.11 35.23 36.54
CA PRO AC 41 116.72 35.62 35.19
C PRO AC 41 116.83 34.47 34.20
N SER AC 42 116.06 34.59 33.11
CA SER AC 42 116.09 33.58 32.06
C SER AC 42 116.18 34.28 30.71
N LEU AC 43 116.74 33.58 29.72
CA LEU AC 43 117.05 34.14 28.40
C LEU AC 43 116.57 33.20 27.30
N SER AC 44 115.28 32.88 27.30
CA SER AC 44 114.73 31.99 26.28
C SER AC 44 115.07 32.52 24.89
N PHE AC 45 115.51 31.62 24.00
CA PHE AC 45 116.01 32.03 22.70
C PHE AC 45 115.58 30.99 21.66
N GLY AC 46 114.75 31.41 20.71
CA GLY AC 46 114.31 30.54 19.64
C GLY AC 46 114.78 31.05 18.28
N TYR AC 47 114.62 30.19 17.29
CA TYR AC 47 115.06 30.48 15.92
C TYR AC 47 114.43 29.45 14.99
N ARG AC 48 114.04 29.91 13.81
CA ARG AC 48 113.41 29.01 12.84
C ARG AC 48 113.46 29.66 11.47
N PHE AC 49 113.26 28.83 10.45
CA PHE AC 49 113.19 29.28 9.07
C PHE AC 49 111.81 28.93 8.52
N THR AC 50 111.13 29.92 7.95
CA THR AC 50 109.85 29.69 7.30
C THR AC 50 110.07 29.20 5.87
N ASP AC 51 109.03 29.28 5.05
CA ASP AC 51 109.12 28.87 3.65
C ASP AC 51 110.35 29.46 2.96
N GLY AC 52 110.55 30.76 3.11
CA GLY AC 52 111.74 31.42 2.61
C GLY AC 52 112.87 31.34 3.62
N GLY AC 53 113.95 32.06 3.31
CA GLY AC 53 115.08 32.10 4.21
C GLY AC 53 114.91 33.12 5.32
N THR AC 54 113.66 33.36 5.70
CA THR AC 54 113.35 34.36 6.72
C THR AC 54 113.86 33.86 8.06
N ASN AC 55 115.03 34.35 8.46
CA ASN AC 55 115.71 33.91 9.67
C ASN AC 55 114.98 34.47 10.90
N ARG AC 56 113.81 33.92 11.20
CA ARG AC 56 112.93 34.47 12.24
C ARG AC 56 113.43 34.04 13.61
N GLN AC 57 114.47 34.71 14.08
CA GLN AC 57 114.96 34.50 15.44
C GLN AC 57 114.07 35.24 16.44
N SER AC 58 114.14 34.81 17.69
CA SER AC 58 113.33 35.41 18.74
C SER AC 58 114.05 35.27 20.07
N LEU AC 59 113.86 36.27 20.93
CA LEU AC 59 114.47 36.26 22.25
C LEU AC 59 113.43 36.67 23.29
N SER AC 60 113.72 36.32 24.54
CA SER AC 60 112.86 36.71 25.65
C SER AC 60 113.67 36.63 26.92
N TYR AC 61 114.02 37.78 27.47
CA TYR AC 61 114.79 37.88 28.71
C TYR AC 61 113.84 38.32 29.81
N LYS AC 62 113.75 37.51 30.86
CA LYS AC 62 112.84 37.76 31.98
C LYS AC 62 113.67 37.87 33.26
N GLN AC 63 113.61 39.03 33.90
CA GLN AC 63 114.30 39.25 35.16
C GLN AC 63 113.28 39.51 36.25
N PRO AC 64 113.20 38.68 37.28
CA PRO AC 64 112.15 38.84 38.28
C PRO AC 64 112.54 39.82 39.39
N ILE AC 65 111.54 40.56 39.85
CA ILE AC 65 111.71 41.60 40.85
C ILE AC 65 111.42 40.99 42.21
N THR AC 66 112.45 40.86 43.04
CA THR AC 66 112.33 40.23 44.34
C THR AC 66 112.39 41.29 45.44
N ALA AC 67 111.71 41.00 46.55
CA ALA AC 67 111.65 41.94 47.67
C ALA AC 67 111.43 41.16 48.95
N VAL AC 68 111.94 41.71 50.05
CA VAL AC 68 111.82 41.05 51.35
C VAL AC 68 110.38 41.16 51.86
N ASP AC 69 110.01 40.22 52.72
CA ASP AC 69 108.67 40.11 53.29
C ASP AC 69 108.76 40.09 54.81
N SER AC 70 109.41 41.11 55.37
CA SER AC 70 109.82 41.21 56.77
C SER AC 70 108.83 40.61 57.77
N THR AC 71 107.53 40.74 57.51
CA THR AC 71 106.55 40.06 58.35
C THR AC 71 106.82 38.56 58.43
N THR AC 72 107.38 37.97 57.38
CA THR AC 72 107.83 36.58 57.39
C THR AC 72 109.30 36.43 57.03
N SER AC 73 109.92 37.46 56.47
CA SER AC 73 111.35 37.47 56.10
C SER AC 73 111.68 36.47 55.01
N GLU AC 74 110.71 36.16 54.14
CA GLU AC 74 110.91 35.29 52.99
C GLU AC 74 110.93 36.12 51.72
N THR AC 75 111.97 35.94 50.90
CA THR AC 75 112.23 36.80 49.75
C THR AC 75 111.25 36.47 48.62
N LEU AC 76 110.02 36.94 48.77
CA LEU AC 76 108.99 36.72 47.76
C LEU AC 76 109.29 37.54 46.52
N VAL AC 77 108.83 37.03 45.37
CA VAL AC 77 108.98 37.72 44.08
C VAL AC 77 107.64 38.32 43.69
N ARG AC 78 107.66 39.59 43.29
CA ARG AC 78 106.44 40.32 42.97
C ARG AC 78 106.03 40.15 41.50
N GLY AC 79 106.90 40.55 40.58
CA GLY AC 79 106.64 40.42 39.16
C GLY AC 79 107.92 40.22 38.38
N GLN AC 80 107.90 40.51 37.07
CA GLN AC 80 109.09 40.32 36.25
C GLN AC 80 109.14 41.38 35.16
N CYS AC 81 110.36 41.74 34.77
CA CYS AC 81 110.62 42.61 33.63
C CYS AC 81 110.94 41.74 32.42
N VAL AC 82 110.26 42.01 31.31
CA VAL AC 82 110.31 41.17 30.13
C VAL AC 82 110.81 42.00 28.96
N VAL AC 83 111.83 41.50 28.27
CA VAL AC 83 112.35 42.15 27.07
C VAL AC 83 112.34 41.13 25.94
N ASP AC 84 111.64 41.44 24.86
CA ASP AC 84 111.55 40.55 23.70
C ASP AC 84 112.22 41.22 22.51
N ILE AC 85 113.28 40.60 22.00
CA ILE AC 85 113.96 41.12 20.83
C ILE AC 85 113.74 40.17 19.66
N ASN AC 86 112.70 40.40 18.88
CA ASN AC 86 112.46 39.58 17.70
C ASN AC 86 113.24 40.12 16.51
N ILE AC 87 113.73 39.20 15.69
CA ILE AC 87 114.54 39.55 14.52
C ILE AC 87 114.02 38.76 13.33
N VAL AC 88 113.82 39.45 12.21
CA VAL AC 88 113.40 38.81 10.97
C VAL AC 88 114.28 39.31 9.85
N ILE AC 89 114.99 38.40 9.19
CA ILE AC 89 115.87 38.72 8.06
C ILE AC 89 115.47 37.81 6.91
N PRO AC 90 115.07 38.35 5.76
CA PRO AC 90 114.60 37.50 4.66
C PRO AC 90 115.77 36.84 3.94
N ARG AC 91 115.42 35.94 3.01
CA ARG AC 91 116.45 35.26 2.23
C ARG AC 91 117.25 36.23 1.36
N VAL AC 92 116.59 37.26 0.83
CA VAL AC 92 117.20 38.16 -0.15
C VAL AC 92 118.22 39.08 0.52
N ALA AC 93 118.41 38.90 1.82
CA ALA AC 93 119.27 39.79 2.59
C ALA AC 93 120.74 39.49 2.34
N THR AC 94 121.50 40.51 1.98
CA THR AC 94 122.94 40.38 1.92
C THR AC 94 123.50 40.18 3.32
N ALA AC 95 124.59 39.42 3.42
CA ALA AC 95 125.20 39.14 4.71
C ALA AC 95 125.66 40.39 5.44
N THR AC 96 125.86 41.51 4.73
CA THR AC 96 126.21 42.77 5.37
C THR AC 96 124.98 43.57 5.79
N ASP AC 97 123.84 43.37 5.13
CA ASP AC 97 122.62 44.03 5.55
C ASP AC 97 122.13 43.52 6.89
N ARG AC 98 122.27 42.20 7.12
CA ARG AC 98 121.82 41.62 8.39
C ARG AC 98 122.60 42.19 9.57
N ALA AC 99 123.94 42.23 9.45
CA ALA AC 99 124.75 42.78 10.54
C ALA AC 99 124.43 44.25 10.76
N GLU AC 100 124.29 45.02 9.68
CA GLU AC 100 123.93 46.43 9.79
C GLU AC 100 122.63 46.60 10.56
N ALA AC 101 121.59 45.87 10.14
CA ALA AC 101 120.29 46.00 10.79
C ALA AC 101 120.36 45.62 12.26
N ILE AC 102 121.00 44.49 12.57
CA ILE AC 102 121.03 44.02 13.96
C ILE AC 102 121.75 45.02 14.84
N LYS AC 103 122.95 45.45 14.43
CA LYS AC 103 123.71 46.36 15.28
C LYS AC 103 123.03 47.71 15.40
N ARG AC 104 122.44 48.22 14.32
CA ARG AC 104 121.75 49.50 14.40
C ARG AC 104 120.56 49.42 15.34
N ALA AC 105 119.75 48.36 15.22
CA ALA AC 105 118.60 48.22 16.08
C ALA AC 105 118.99 48.03 17.54
N PHE AC 106 120.13 47.40 17.80
CA PHE AC 106 120.59 47.28 19.18
C PHE AC 106 121.24 48.56 19.69
N ASP AC 107 121.61 49.48 18.80
CA ASP AC 107 122.13 50.78 19.23
C ASP AC 107 121.04 51.73 19.70
N VAL AC 108 119.78 51.28 19.74
CA VAL AC 108 118.70 52.16 20.15
C VAL AC 108 118.91 52.65 21.58
N LEU AC 109 119.26 51.74 22.49
CA LEU AC 109 119.45 52.11 23.88
C LEU AC 109 120.52 53.18 24.04
N ASN AC 110 121.58 53.11 23.23
CA ASN AC 110 122.55 54.19 23.23
C ASN AC 110 121.94 55.48 22.68
N ALA AC 111 121.11 55.36 21.64
CA ALA AC 111 120.51 56.57 21.05
C ALA AC 111 119.27 57.01 21.80
N LEU AC 112 118.23 56.18 21.83
CA LEU AC 112 116.95 56.53 22.44
C LEU AC 112 116.92 56.09 23.91
N ASN AC 113 117.83 56.69 24.68
CA ASN AC 113 118.14 56.16 26.01
C ASN AC 113 117.04 56.50 27.02
N ALA AC 114 116.82 57.79 27.26
CA ALA AC 114 116.07 58.24 28.44
C ALA AC 114 114.64 57.70 28.48
N GLU AC 115 114.04 57.40 27.33
CA GLU AC 115 112.68 56.89 27.32
C GLU AC 115 112.60 55.39 27.59
N LEU AC 116 113.72 54.68 27.56
CA LEU AC 116 113.76 53.26 27.87
C LEU AC 116 114.24 52.99 29.29
N ILE AC 117 115.38 53.58 29.66
CA ILE AC 117 115.94 53.35 31.00
C ILE AC 117 115.00 53.88 32.07
N THR AC 118 114.48 55.09 31.86
CA THR AC 118 113.73 55.77 32.92
C THR AC 118 112.23 55.50 32.84
N GLY AC 119 111.70 55.27 31.65
CA GLY AC 119 110.29 54.97 31.49
C GLY AC 119 109.40 56.17 31.22
N GLU AC 120 109.97 57.37 31.12
CA GLU AC 120 109.16 58.56 30.86
C GLU AC 120 108.57 58.51 29.46
N GLY AC 121 107.38 59.09 29.32
CA GLY AC 121 106.70 59.15 28.06
C GLY AC 121 107.01 60.45 27.35
N GLN AC 122 107.71 60.36 26.23
CA GLN AC 122 108.15 61.54 25.51
C GLN AC 122 106.95 62.30 24.94
N TRP AC 123 107.08 63.62 24.92
CA TRP AC 123 105.99 64.50 24.53
C TRP AC 123 106.23 65.15 23.17
N ALA BC 1 130.69 23.12 34.79
CA ALA BC 1 129.61 22.15 34.64
C ALA BC 1 129.49 21.68 33.20
N ALA BC 2 130.61 21.66 32.49
CA ALA BC 2 130.66 21.09 31.15
C ALA BC 2 130.76 19.57 31.22
N ARG BC 3 130.40 18.91 30.12
CA ARG BC 3 130.39 17.47 30.09
C ARG BC 3 131.80 16.92 29.99
N SER BC 4 132.18 16.08 30.95
CA SER BC 4 133.49 15.44 30.97
C SER BC 4 133.37 14.12 31.70
N SER BC 5 134.45 13.35 31.69
CA SER BC 5 134.45 12.04 32.33
C SER BC 5 134.35 12.20 33.84
N ILE BC 6 133.56 11.34 34.47
CA ILE BC 6 133.38 11.33 35.91
C ILE BC 6 133.88 10.01 36.47
N VAL BC 7 134.27 10.02 37.74
CA VAL BC 7 135.11 8.97 38.31
C VAL BC 7 134.38 8.32 39.50
N LEU BC 8 133.07 8.12 39.36
CA LEU BC 8 132.27 7.39 40.35
C LEU BC 8 133.06 6.25 40.96
N THR BC 9 133.08 6.20 42.29
CA THR BC 9 133.86 5.18 43.00
C THR BC 9 133.16 4.83 44.31
N ASP BC 10 133.44 3.63 44.79
CA ASP BC 10 132.93 3.15 46.07
C ASP BC 10 133.98 3.16 47.16
N GLY BC 11 135.21 3.51 46.85
CA GLY BC 11 136.30 3.46 47.80
C GLY BC 11 137.35 2.46 47.40
N THR BC 12 136.92 1.32 46.86
CA THR BC 12 137.85 0.26 46.48
C THR BC 12 138.24 0.34 45.01
N THR BC 13 137.27 0.27 44.11
CA THR BC 13 137.53 0.25 42.66
C THR BC 13 136.81 1.42 42.01
N PRO BC 14 137.52 2.42 41.51
CA PRO BC 14 136.86 3.51 40.78
C PRO BC 14 136.51 3.09 39.36
N VAL BC 15 135.38 3.59 38.88
CA VAL BC 15 134.94 3.39 37.51
C VAL BC 15 134.81 4.75 36.85
N THR BC 16 135.41 4.90 35.67
CA THR BC 16 135.42 6.16 34.95
C THR BC 16 134.37 6.11 33.84
N LEU BC 17 133.33 6.93 33.97
CA LEU BC 17 132.28 7.01 32.97
C LEU BC 17 132.54 8.20 32.06
N THR BC 18 132.48 7.97 30.75
CA THR BC 18 132.65 9.05 29.79
C THR BC 18 131.33 9.33 29.10
N PRO BC 19 131.06 10.58 28.69
CA PRO BC 19 129.80 10.87 28.03
C PRO BC 19 129.68 10.11 26.71
N VAL BC 20 128.46 9.66 26.42
CA VAL BC 20 128.19 9.00 25.15
C VAL BC 20 126.93 9.59 24.51
N GLY BC 21 126.60 10.82 24.90
CA GLY BC 21 125.52 11.51 24.21
C GLY BC 21 124.53 12.23 25.08
N GLY BC 22 123.31 12.37 24.59
CA GLY BC 22 122.22 12.96 25.35
C GLY BC 22 121.62 14.22 24.79
N GLY BC 23 122.47 15.15 24.34
CA GLY BC 23 121.94 16.41 23.86
C GLY BC 23 121.57 17.36 24.99
N VAL BC 24 120.59 18.23 24.76
CA VAL BC 24 120.18 19.22 25.75
C VAL BC 24 119.09 18.61 26.63
N GLY BC 25 119.15 18.90 27.92
CA GLY BC 25 118.21 18.34 28.86
C GLY BC 25 118.57 17.00 29.44
N GLN BC 26 119.69 16.41 29.02
CA GLN BC 26 120.12 15.13 29.57
C GLN BC 26 121.57 14.88 29.19
N THR BC 27 122.14 13.83 29.77
CA THR BC 27 123.52 13.44 29.49
C THR BC 27 123.67 11.97 29.83
N LEU BC 28 124.05 11.17 28.85
CA LEU BC 28 124.28 9.75 29.07
C LEU BC 28 125.76 9.49 29.28
N TYR BC 29 126.08 8.64 30.24
CA TYR BC 29 127.46 8.28 30.51
C TYR BC 29 127.61 6.77 30.33
N ARG BC 30 128.87 6.34 30.16
CA ARG BC 30 129.17 4.92 30.09
C ARG BC 30 130.66 4.68 30.25
N ALA BC 31 131.05 3.66 31.01
CA ALA BC 31 132.44 3.31 31.15
C ALA BC 31 132.90 2.48 29.96
N THR BC 32 134.19 2.16 29.91
CA THR BC 32 134.69 1.36 28.79
C THR BC 32 134.43 -0.13 29.02
N ALA BC 33 135.14 -0.73 29.99
CA ALA BC 33 135.07 -2.17 30.28
C ALA BC 33 134.94 -2.97 28.99
N GLU BC 34 135.80 -2.65 28.03
CA GLU BC 34 135.61 -3.05 26.64
C GLU BC 34 135.59 -4.57 26.51
N ALA BC 35 134.87 -5.06 25.50
CA ALA BC 35 134.82 -6.49 25.20
C ALA BC 35 134.30 -7.27 26.40
N LEU BC 36 133.01 -7.10 26.66
CA LEU BC 36 131.96 -6.58 25.80
C LEU BC 36 131.72 -5.09 26.04
N SER BC 37 130.97 -4.45 25.14
CA SER BC 37 130.67 -3.02 25.28
C SER BC 37 129.36 -2.75 25.99
N ALA BC 38 128.48 -3.74 26.08
CA ALA BC 38 127.23 -3.60 26.81
C ALA BC 38 127.33 -4.04 28.26
N ALA BC 39 128.49 -4.54 28.67
CA ALA BC 39 128.71 -4.98 30.04
C ALA BC 39 129.53 -3.96 30.82
N ASN BC 40 128.99 -2.76 30.99
CA ASN BC 40 129.65 -1.72 31.77
C ASN BC 40 128.60 -0.75 32.27
N PRO BC 41 128.85 -0.07 33.39
CA PRO BC 41 127.82 0.78 34.01
C PRO BC 41 127.52 2.03 33.20
N SER BC 42 126.35 2.61 33.47
CA SER BC 42 125.88 3.80 32.80
C SER BC 42 125.16 4.69 33.78
N LEU BC 43 125.11 5.99 33.48
CA LEU BC 43 124.62 7.02 34.40
C LEU BC 43 123.67 8.00 33.70
N SER BC 44 122.60 7.48 33.10
CA SER BC 44 121.66 8.37 32.42
C SER BC 44 121.17 9.48 33.34
N PHE BC 45 121.56 10.72 33.04
CA PHE BC 45 121.29 11.86 33.90
C PHE BC 45 120.53 12.92 33.12
N GLY BC 46 119.30 13.21 33.54
CA GLY BC 46 118.50 14.23 32.90
C GLY BC 46 118.07 15.32 33.88
N TYR BC 47 117.61 16.43 33.33
CA TYR BC 47 117.22 17.59 34.12
C TYR BC 47 116.34 18.49 33.26
N ARG BC 48 115.40 19.17 33.91
CA ARG BC 48 114.50 20.06 33.20
C ARG BC 48 113.86 21.01 34.21
N PHE BC 49 113.25 22.08 33.70
CA PHE BC 49 112.50 23.03 34.50
C PHE BC 49 111.07 23.07 33.97
N THR BC 50 110.10 22.91 34.86
CA THR BC 50 108.70 22.89 34.48
C THR BC 50 108.18 24.31 34.31
N ASP BC 51 106.86 24.45 34.27
CA ASP BC 51 106.24 25.77 34.11
C ASP BC 51 106.77 26.76 35.13
N GLY BC 52 106.90 26.34 36.38
CA GLY BC 52 107.50 27.19 37.39
C GLY BC 52 109.01 27.06 37.39
N GLY BC 53 109.61 27.14 38.57
CA GLY BC 53 111.04 26.92 38.70
C GLY BC 53 111.33 25.55 39.25
N THR BC 54 110.36 24.65 39.15
CA THR BC 54 110.47 23.31 39.73
C THR BC 54 111.53 22.54 38.96
N ASN BC 55 112.71 22.45 39.54
CA ASN BC 55 113.83 21.73 38.94
C ASN BC 55 113.61 20.25 39.15
N ARG BC 56 113.43 19.50 38.07
CA ARG BC 56 113.19 18.06 38.15
C ARG BC 56 114.40 17.32 37.59
N GLN BC 57 115.36 17.05 38.47
CA GLN BC 57 116.52 16.29 38.07
C GLN BC 57 116.25 14.80 38.24
N SER BC 58 116.98 13.99 37.48
CA SER BC 58 116.77 12.55 37.50
C SER BC 58 118.05 11.82 37.12
N LEU BC 59 118.43 10.82 37.92
CA LEU BC 59 119.61 10.02 37.60
C LEU BC 59 119.21 8.55 37.61
N SER BC 60 119.86 7.79 36.74
CA SER BC 60 119.62 6.35 36.66
C SER BC 60 120.96 5.70 36.41
N TYR BC 61 121.49 5.03 37.42
CA TYR BC 61 122.78 4.34 37.34
C TYR BC 61 122.51 2.85 37.23
N LYS BC 62 122.97 2.24 36.15
CA LYS BC 62 122.81 0.82 35.91
C LYS BC 62 124.16 0.16 35.85
N GLN BC 63 124.34 -0.90 36.62
CA GLN BC 63 125.58 -1.67 36.59
C GLN BC 63 125.25 -3.12 36.23
N PRO BC 64 125.72 -3.63 35.11
CA PRO BC 64 125.41 -5.01 34.74
C PRO BC 64 126.34 -6.00 35.41
N ILE BC 65 125.81 -7.19 35.66
CA ILE BC 65 126.51 -8.26 36.36
C ILE BC 65 127.12 -9.17 35.30
N THR BC 66 128.45 -9.18 35.22
CA THR BC 66 129.17 -9.92 34.21
C THR BC 66 129.54 -11.30 34.72
N ALA BC 67 129.92 -12.16 33.77
CA ALA BC 67 130.35 -13.53 34.10
C ALA BC 67 131.20 -14.03 32.95
N VAL BC 68 132.51 -14.13 33.17
CA VAL BC 68 133.43 -14.55 32.10
C VAL BC 68 133.30 -16.05 31.92
N ASP BC 69 132.71 -16.47 30.80
CA ASP BC 69 132.48 -17.87 30.50
C ASP BC 69 133.79 -18.48 30.02
N SER BC 70 134.52 -19.13 30.93
CA SER BC 70 135.84 -19.65 30.62
C SER BC 70 135.82 -20.71 29.52
N THR BC 71 134.70 -21.38 29.32
CA THR BC 71 134.61 -22.39 28.27
C THR BC 71 134.76 -21.76 26.89
N THR BC 72 134.01 -20.69 26.63
CA THR BC 72 134.03 -20.01 25.35
C THR BC 72 134.88 -18.75 25.37
N SER BC 73 135.18 -18.21 26.55
CA SER BC 73 135.94 -16.97 26.74
C SER BC 73 135.19 -15.78 26.15
N GLU BC 74 133.95 -15.63 26.60
CA GLU BC 74 133.12 -14.48 26.25
C GLU BC 74 132.42 -13.98 27.50
N THR BC 75 132.20 -12.68 27.57
CA THR BC 75 131.54 -12.08 28.71
C THR BC 75 130.03 -12.11 28.54
N LEU BC 76 129.34 -12.66 29.53
CA LEU BC 76 127.89 -12.77 29.51
C LEU BC 76 127.28 -11.82 30.52
N VAL BC 77 126.11 -11.28 30.20
CA VAL BC 77 125.41 -10.33 31.07
C VAL BC 77 124.22 -11.06 31.67
N ARG BC 78 124.20 -11.16 32.99
CA ARG BC 78 123.15 -11.89 33.69
C ARG BC 78 122.01 -11.02 34.17
N GLY BC 79 122.28 -9.74 34.41
CA GLY BC 79 121.26 -8.82 34.88
C GLY BC 79 121.91 -7.49 35.17
N GLN BC 80 121.14 -6.58 35.78
CA GLN BC 80 121.71 -5.29 36.12
C GLN BC 80 121.10 -4.76 37.41
N CYS BC 81 121.95 -4.19 38.25
CA CYS BC 81 121.51 -3.43 39.41
C CYS BC 81 121.21 -2.00 38.99
N VAL BC 82 120.00 -1.55 39.28
CA VAL BC 82 119.51 -0.25 38.85
C VAL BC 82 119.26 0.60 40.08
N VAL BC 83 119.77 1.84 40.05
CA VAL BC 83 119.53 2.80 41.12
C VAL BC 83 118.99 4.07 40.48
N ASP BC 84 117.75 4.43 40.82
CA ASP BC 84 117.13 5.66 40.34
C ASP BC 84 117.13 6.69 41.46
N ILE BC 85 117.41 7.94 41.10
CA ILE BC 85 117.43 9.03 42.07
C ILE BC 85 116.70 10.21 41.41
N ASN BC 86 115.45 10.41 41.80
CA ASN BC 86 114.73 11.58 41.32
C ASN BC 86 114.78 12.69 42.35
N ILE BC 87 114.97 13.91 41.87
CA ILE BC 87 115.08 15.08 42.73
C ILE BC 87 114.11 16.12 42.22
N VAL BC 88 113.21 16.58 43.08
CA VAL BC 88 112.27 17.64 42.74
C VAL BC 88 112.54 18.81 43.68
N ILE BC 89 112.77 19.98 43.09
CA ILE BC 89 113.01 21.18 43.90
C ILE BC 89 111.98 22.23 43.51
N PRO BC 90 111.12 22.66 44.41
CA PRO BC 90 110.05 23.58 44.03
C PRO BC 90 110.55 24.97 43.70
N ARG BC 91 109.64 25.80 43.19
CA ARG BC 91 109.97 27.16 42.78
C ARG BC 91 110.40 28.03 43.96
N VAL BC 92 110.00 27.68 45.18
CA VAL BC 92 110.18 28.55 46.34
C VAL BC 92 111.38 28.16 47.19
N ALA BC 93 112.24 27.27 46.68
CA ALA BC 93 113.31 26.70 47.50
C ALA BC 93 114.54 27.60 47.46
N THR BC 94 115.06 27.92 48.64
CA THR BC 94 116.27 28.72 48.74
C THR BC 94 117.48 27.90 48.27
N ALA BC 95 118.56 28.61 47.95
CA ALA BC 95 119.76 27.97 47.43
C ALA BC 95 120.50 27.13 48.46
N THR BC 96 120.30 27.38 49.76
CA THR BC 96 120.90 26.54 50.79
C THR BC 96 120.00 25.40 51.24
N ASP BC 97 118.68 25.56 51.11
CA ASP BC 97 117.77 24.46 51.36
C ASP BC 97 117.97 23.35 50.35
N ARG BC 98 118.29 23.69 49.10
CA ARG BC 98 118.64 22.69 48.12
C ARG BC 98 119.81 21.83 48.59
N ALA BC 99 120.89 22.47 49.01
CA ALA BC 99 122.05 21.73 49.48
C ALA BC 99 121.70 20.89 50.71
N GLU BC 100 120.96 21.47 51.65
CA GLU BC 100 120.56 20.71 52.83
C GLU BC 100 119.80 19.46 52.44
N ALA BC 101 118.76 19.60 51.61
CA ALA BC 101 117.93 18.47 51.24
C ALA BC 101 118.74 17.41 50.50
N ILE BC 102 119.54 17.84 49.52
CA ILE BC 102 120.26 16.87 48.70
C ILE BC 102 121.29 16.11 49.52
N LYS BC 103 122.11 16.83 50.29
CA LYS BC 103 123.15 16.14 51.05
C LYS BC 103 122.58 15.37 52.22
N ARG BC 104 121.36 15.68 52.66
CA ARG BC 104 120.73 14.86 53.68
C ARG BC 104 120.16 13.58 53.08
N ALA BC 105 119.52 13.68 51.91
CA ALA BC 105 118.99 12.48 51.26
C ALA BC 105 120.11 11.53 50.86
N PHE BC 106 121.21 12.07 50.33
CA PHE BC 106 122.33 11.21 49.96
C PHE BC 106 123.13 10.73 51.17
N ASP BC 107 122.81 11.21 52.37
CA ASP BC 107 123.44 10.71 53.58
C ASP BC 107 122.73 9.51 54.17
N VAL BC 108 121.67 9.02 53.51
CA VAL BC 108 120.94 7.86 53.99
C VAL BC 108 121.87 6.64 54.05
N LEU BC 109 122.71 6.48 53.02
CA LEU BC 109 123.61 5.33 52.97
C LEU BC 109 124.48 5.25 54.22
N ASN BC 110 124.79 6.37 54.85
CA ASN BC 110 125.53 6.34 56.11
C ASN BC 110 124.63 6.11 57.31
N ALA BC 111 123.34 6.41 57.19
CA ALA BC 111 122.41 6.17 58.30
C ALA BC 111 121.73 4.81 58.17
N LEU BC 112 121.05 4.59 57.05
CA LEU BC 112 120.35 3.34 56.78
C LEU BC 112 121.28 2.37 56.03
N ASN BC 113 122.46 2.16 56.62
CA ASN BC 113 123.53 1.49 55.90
C ASN BC 113 123.26 0.01 55.72
N ALA BC 114 123.06 -0.72 56.82
CA ALA BC 114 122.93 -2.17 56.73
C ALA BC 114 121.70 -2.60 55.93
N GLU BC 115 120.68 -1.76 55.88
CA GLU BC 115 119.49 -2.10 55.10
C GLU BC 115 119.70 -1.92 53.60
N LEU BC 116 120.81 -1.34 53.18
CA LEU BC 116 121.09 -1.09 51.77
C LEU BC 116 122.30 -1.85 51.27
N ILE BC 117 123.41 -1.79 52.01
CA ILE BC 117 124.63 -2.46 51.56
C ILE BC 117 124.46 -3.97 51.57
N THR BC 118 123.86 -4.52 52.61
CA THR BC 118 123.71 -5.97 52.74
C THR BC 118 122.35 -6.48 52.30
N GLY BC 119 121.32 -5.65 52.34
CA GLY BC 119 120.01 -6.04 51.87
C GLY BC 119 119.05 -6.50 52.93
N GLU BC 120 119.39 -6.35 54.21
CA GLU BC 120 118.51 -6.78 55.28
C GLU BC 120 117.23 -5.95 55.30
N GLY BC 121 116.34 -6.33 56.19
CA GLY BC 121 115.21 -5.50 56.53
C GLY BC 121 115.20 -5.29 58.03
N GLN BC 122 114.83 -4.09 58.45
CA GLN BC 122 114.84 -3.78 59.86
C GLN BC 122 113.68 -4.47 60.57
N TRP BC 123 113.98 -5.06 61.73
CA TRP BC 123 113.00 -5.85 62.46
C TRP BC 123 112.44 -5.10 63.67
N ALA CC 1 119.64 -3.41 61.42
CA ALA CC 1 119.26 -3.50 62.82
C ALA CC 1 117.79 -3.11 63.00
N ALA CC 2 117.34 -3.03 64.24
CA ALA CC 2 115.95 -2.71 64.52
C ALA CC 2 115.66 -1.25 64.19
N ARG CC 3 114.37 -0.94 64.05
CA ARG CC 3 113.95 0.44 63.81
C ARG CC 3 114.45 1.33 64.94
N SER CC 4 115.32 2.27 64.62
CA SER CC 4 115.88 3.15 65.64
C SER CC 4 115.85 4.60 65.18
N SER CC 5 116.55 5.48 65.88
CA SER CC 5 116.64 6.88 65.51
C SER CC 5 117.84 7.11 64.61
N ILE CC 6 117.60 7.66 63.42
CA ILE CC 6 118.65 7.94 62.47
C ILE CC 6 119.02 9.41 62.55
N VAL CC 7 120.25 9.73 62.13
CA VAL CC 7 120.84 11.03 62.36
C VAL CC 7 121.18 11.69 61.03
N LEU CC 8 120.29 11.53 60.04
CA LEU CC 8 120.46 12.13 58.72
C LEU CC 8 120.99 13.55 58.81
N THR CC 9 122.15 13.78 58.21
CA THR CC 9 122.86 15.05 58.34
C THR CC 9 123.37 15.48 56.97
N ASP CC 10 124.09 16.59 56.95
CA ASP CC 10 124.75 17.06 55.74
C ASP CC 10 126.16 17.56 55.98
N GLY CC 11 126.71 17.36 57.18
CA GLY CC 11 128.01 17.86 57.55
C GLY CC 11 127.98 19.05 58.48
N THR CC 12 126.91 19.85 58.43
CA THR CC 12 126.77 21.01 59.29
C THR CC 12 125.57 20.91 60.22
N THR CC 13 124.39 20.64 59.69
CA THR CC 13 123.15 20.68 60.46
C THR CC 13 122.50 19.30 60.49
N PRO CC 14 122.73 18.51 61.54
CA PRO CC 14 122.10 17.18 61.63
C PRO CC 14 120.62 17.28 61.96
N VAL CC 15 119.90 16.22 61.59
CA VAL CC 15 118.49 16.08 61.92
C VAL CC 15 118.26 14.64 62.38
N THR CC 16 117.58 14.48 63.51
CA THR CC 16 117.32 13.16 64.07
C THR CC 16 115.87 12.77 63.78
N LEU CC 17 115.69 11.57 63.24
CA LEU CC 17 114.37 11.07 62.84
C LEU CC 17 114.09 9.76 63.55
N THR CC 18 112.88 9.66 64.14
CA THR CC 18 112.45 8.46 64.84
C THR CC 18 111.22 7.88 64.16
N PRO CC 19 111.11 6.55 64.11
CA PRO CC 19 110.02 5.92 63.34
C PRO CC 19 108.65 6.36 63.83
N VAL CC 20 107.74 6.57 62.88
CA VAL CC 20 106.44 7.15 63.18
C VAL CC 20 105.37 6.23 62.60
N GLY CC 21 105.75 4.99 62.33
CA GLY CC 21 104.75 4.03 61.91
C GLY CC 21 105.32 3.11 60.85
N GLY CC 22 104.44 2.73 59.91
CA GLY CC 22 104.82 1.85 58.84
C GLY CC 22 104.16 0.49 58.92
N GLY CC 23 104.96 -0.57 58.83
CA GLY CC 23 104.45 -1.93 58.84
C GLY CC 23 105.53 -2.94 58.55
N VAL CC 24 105.26 -3.91 57.67
CA VAL CC 24 106.26 -4.86 57.21
C VAL CC 24 106.75 -4.41 55.85
N GLY CC 25 108.07 -4.31 55.71
CA GLY CC 25 108.63 -3.74 54.50
C GLY CC 25 108.18 -2.31 54.30
N GLN CC 26 108.19 -1.53 55.38
CA GLN CC 26 107.79 -0.13 55.34
C GLN CC 26 108.19 0.50 56.67
N THR CC 27 108.71 1.73 56.62
CA THR CC 27 109.20 2.39 57.81
C THR CC 27 109.14 3.90 57.58
N LEU CC 28 108.23 4.57 58.27
CA LEU CC 28 108.18 6.02 58.22
C LEU CC 28 109.23 6.61 59.14
N TYR CC 29 109.44 7.91 59.01
CA TYR CC 29 110.34 8.65 59.88
C TYR CC 29 109.83 10.08 59.98
N ARG CC 30 110.34 10.81 60.97
CA ARG CC 30 110.08 12.24 61.13
C ARG CC 30 110.93 12.73 62.28
N ALA CC 31 111.14 14.05 62.32
CA ALA CC 31 111.97 14.70 63.33
C ALA CC 31 111.11 15.21 64.49
N THR CC 32 111.73 15.98 65.38
CA THR CC 32 111.12 16.37 66.64
C THR CC 32 110.28 17.64 66.57
N ALA CC 33 110.67 18.60 65.72
CA ALA CC 33 109.94 19.87 65.65
C ALA CC 33 108.52 19.65 65.15
N GLU CC 34 107.61 20.55 65.51
CA GLU CC 34 106.19 20.38 65.24
C GLU CC 34 105.65 21.58 64.46
N ALA CC 35 104.78 21.29 63.50
CA ALA CC 35 104.12 22.32 62.72
C ALA CC 35 102.68 21.87 62.47
N LEU CC 36 102.00 22.53 61.53
CA LEU CC 36 100.59 22.27 61.26
C LEU CC 36 100.40 21.48 59.97
N SER CC 37 100.91 21.97 58.84
CA SER CC 37 100.70 21.32 57.55
C SER CC 37 101.83 20.32 57.23
N ALA CC 38 103.06 20.80 57.16
CA ALA CC 38 104.23 19.96 56.93
C ALA CC 38 105.15 20.11 58.13
N ALA CC 39 105.32 19.03 58.88
CA ALA CC 39 106.06 19.13 60.13
C ALA CC 39 107.57 19.12 59.90
N ASN CC 40 108.09 18.03 59.37
CA ASN CC 40 109.53 17.81 59.35
C ASN CC 40 109.93 16.98 58.14
N PRO CC 41 111.22 16.72 57.94
CA PRO CC 41 111.62 15.71 56.94
C PRO CC 41 111.03 14.35 57.30
N SER CC 42 110.59 13.63 56.26
CA SER CC 42 109.90 12.36 56.45
C SER CC 42 110.48 11.34 55.47
N LEU CC 43 111.40 10.52 55.94
CA LEU CC 43 112.11 9.54 55.12
C LEU CC 43 111.36 8.22 55.16
N SER CC 44 110.58 7.95 54.12
CA SER CC 44 109.90 6.67 54.02
C SER CC 44 110.80 5.65 53.33
N PHE CC 45 110.75 4.41 53.81
CA PHE CC 45 111.63 3.33 53.39
C PHE CC 45 110.79 2.09 53.09
N GLY CC 46 110.71 1.70 51.82
CA GLY CC 46 109.73 0.72 51.41
C GLY CC 46 110.21 -0.58 50.81
N TYR CC 47 111.23 -1.20 51.41
CA TYR CC 47 111.83 -2.39 50.84
C TYR CC 47 110.83 -3.54 50.75
N ARG CC 48 111.07 -4.43 49.80
CA ARG CC 48 110.24 -5.63 49.58
C ARG CC 48 111.03 -6.59 48.71
N PHE CC 49 110.40 -7.73 48.39
CA PHE CC 49 110.97 -8.72 47.48
C PHE CC 49 109.95 -9.00 46.37
N THR CC 50 110.31 -9.91 45.46
CA THR CC 50 109.51 -10.13 44.27
C THR CC 50 109.60 -11.62 43.92
N ASP CC 51 109.26 -11.98 42.69
CA ASP CC 51 109.27 -13.37 42.24
C ASP CC 51 110.64 -14.01 42.47
N GLY CC 52 111.70 -13.33 42.03
CA GLY CC 52 113.06 -13.75 42.31
C GLY CC 52 113.57 -13.10 43.57
N GLY CC 53 114.89 -12.99 43.65
CA GLY CC 53 115.50 -12.27 44.75
C GLY CC 53 115.58 -10.78 44.44
N THR CC 54 114.61 -10.30 43.66
CA THR CC 54 114.64 -8.92 43.18
C THR CC 54 114.33 -7.97 44.32
N ASN CC 55 115.35 -7.60 45.08
CA ASN CC 55 115.18 -6.74 46.24
C ASN CC 55 114.81 -5.35 45.76
N ARG CC 56 113.53 -5.02 45.81
CA ARG CC 56 113.01 -3.77 45.26
C ARG CC 56 112.87 -2.72 46.37
N GLN CC 57 114.02 -2.30 46.89
CA GLN CC 57 114.03 -1.26 47.89
C GLN CC 57 113.57 0.07 47.28
N SER CC 58 113.10 0.97 48.14
CA SER CC 58 112.56 2.24 47.69
C SER CC 58 112.59 3.21 48.85
N LEU CC 59 112.98 4.45 48.58
CA LEU CC 59 113.11 5.48 49.58
C LEU CC 59 112.40 6.73 49.11
N SER CC 60 112.14 7.63 50.06
CA SER CC 60 111.63 8.96 49.72
C SER CC 60 111.88 9.91 50.88
N TYR CC 61 112.73 10.91 50.67
CA TYR CC 61 113.10 11.87 51.72
C TYR CC 61 112.51 13.23 51.36
N LYS CC 62 111.51 13.66 52.10
CA LYS CC 62 110.89 14.96 51.89
C LYS CC 62 111.32 15.92 52.99
N GLN CC 63 111.81 17.08 52.61
CA GLN CC 63 112.18 18.12 53.55
C GLN CC 63 111.34 19.36 53.26
N PRO CC 64 110.55 19.85 54.20
CA PRO CC 64 109.67 20.96 53.90
C PRO CC 64 110.27 22.36 53.93
N ILE CC 65 110.09 23.06 52.82
CA ILE CC 65 110.55 24.43 52.68
C ILE CC 65 109.60 25.28 53.51
N THR CC 66 110.13 25.89 54.57
CA THR CC 66 109.33 26.62 55.55
C THR CC 66 110.06 27.86 56.02
N ALA CC 67 109.29 28.86 56.46
CA ALA CC 67 109.82 30.07 57.07
C ALA CC 67 108.93 30.43 58.26
N VAL CC 68 109.55 30.87 59.34
CA VAL CC 68 108.83 31.11 60.59
C VAL CC 68 108.12 32.47 60.51
N ASP CC 69 106.80 32.45 60.69
CA ASP CC 69 106.05 33.69 60.71
C ASP CC 69 106.34 34.48 61.98
N SER CC 70 106.02 35.76 61.95
CA SER CC 70 106.16 36.61 63.12
C SER CC 70 104.86 36.61 63.92
N THR CC 71 105.01 36.61 65.25
CA THR CC 71 103.93 36.66 66.23
C THR CC 71 103.09 35.39 66.27
N THR CC 72 103.33 34.42 65.39
CA THR CC 72 102.58 33.17 65.39
C THR CC 72 103.54 32.00 65.39
N SER CC 73 103.21 30.99 66.19
CA SER CC 73 104.05 29.79 66.33
C SER CC 73 103.59 28.67 65.40
N GLU CC 74 103.53 28.95 64.10
CA GLU CC 74 103.09 27.97 63.12
C GLU CC 74 104.09 27.74 62.00
N THR CC 75 105.19 28.49 61.96
CA THR CC 75 106.32 28.30 61.05
C THR CC 75 105.86 27.89 59.65
N LEU CC 76 105.14 28.80 58.98
CA LEU CC 76 104.54 28.55 57.67
C LEU CC 76 105.46 27.80 56.73
N VAL CC 77 104.96 26.72 56.14
CA VAL CC 77 105.71 25.90 55.20
C VAL CC 77 105.34 26.33 53.79
N ARG CC 78 106.33 26.35 52.90
CA ARG CC 78 106.14 26.84 51.55
C ARG CC 78 106.22 25.75 50.49
N GLY CC 79 106.91 24.67 50.75
CA GLY CC 79 107.03 23.59 49.78
C GLY CC 79 107.68 22.36 50.35
N GLN CC 80 108.23 21.53 49.46
CA GLN CC 80 108.94 20.33 49.90
C GLN CC 80 109.92 19.84 48.83
N CYS CC 81 111.14 19.51 49.24
CA CYS CC 81 112.18 19.03 48.33
C CYS CC 81 112.17 17.51 48.31
N VAL CC 82 111.32 16.93 47.46
CA VAL CC 82 111.23 15.49 47.34
C VAL CC 82 112.50 14.92 46.72
N VAL CC 83 113.01 13.84 47.30
CA VAL CC 83 114.16 13.14 46.74
C VAL CC 83 113.93 11.63 46.81
N ASP CC 84 113.51 11.03 45.69
CA ASP CC 84 113.23 9.60 45.65
C ASP CC 84 114.48 8.82 45.28
N ILE CC 85 114.64 7.65 45.88
CA ILE CC 85 115.74 6.75 45.56
C ILE CC 85 115.22 5.33 45.46
N ASN CC 86 115.08 4.82 44.25
CA ASN CC 86 114.60 3.46 44.04
C ASN CC 86 115.75 2.56 43.63
N ILE CC 87 115.77 1.36 44.21
CA ILE CC 87 116.85 0.40 44.00
C ILE CC 87 116.25 -0.92 43.57
N VAL CC 88 116.82 -1.52 42.52
CA VAL CC 88 116.37 -2.82 42.02
C VAL CC 88 117.61 -3.68 41.84
N ILE CC 89 117.78 -4.67 42.71
CA ILE CC 89 118.95 -5.55 42.70
C ILE CC 89 118.47 -6.95 42.33
N PRO CC 90 119.04 -7.57 41.29
CA PRO CC 90 118.50 -8.85 40.81
C PRO CC 90 118.83 -10.00 41.73
N ARG CC 91 118.33 -11.19 41.40
CA ARG CC 91 118.61 -12.38 42.19
C ARG CC 91 120.07 -12.80 42.11
N VAL CC 92 120.73 -12.58 40.97
CA VAL CC 92 122.05 -13.13 40.71
C VAL CC 92 123.14 -12.20 41.22
N ALA CC 93 122.76 -11.15 41.94
CA ALA CC 93 123.70 -10.12 42.34
C ALA CC 93 124.44 -10.54 43.59
N THR CC 94 125.71 -10.87 43.44
CA THR CC 94 126.57 -11.16 44.58
C THR CC 94 126.65 -9.95 45.49
N ALA CC 95 126.69 -10.20 46.80
CA ALA CC 95 126.63 -9.11 47.77
C ALA CC 95 127.77 -8.12 47.61
N THR CC 96 128.89 -8.53 47.02
CA THR CC 96 129.92 -7.56 46.66
C THR CC 96 129.46 -6.65 45.54
N ASP CC 97 128.83 -7.21 44.52
CA ASP CC 97 128.33 -6.40 43.40
C ASP CC 97 127.26 -5.43 43.86
N ARG CC 98 126.38 -5.86 44.76
CA ARG CC 98 125.34 -4.96 45.26
C ARG CC 98 125.95 -3.80 46.05
N ALA CC 99 126.94 -4.08 46.89
CA ALA CC 99 127.59 -3.02 47.63
C ALA CC 99 128.27 -2.05 46.69
N GLU CC 100 128.96 -2.57 45.67
CA GLU CC 100 129.59 -1.70 44.69
C GLU CC 100 128.55 -0.82 43.99
N ALA CC 101 127.44 -1.42 43.56
CA ALA CC 101 126.43 -0.65 42.85
C ALA CC 101 125.85 0.46 43.72
N ILE CC 102 125.52 0.15 44.97
CA ILE CC 102 124.92 1.15 45.84
C ILE CC 102 125.90 2.26 46.15
N LYS CC 103 127.14 1.90 46.52
CA LYS CC 103 128.10 2.92 46.91
C LYS CC 103 128.56 3.75 45.72
N ARG CC 104 128.48 3.19 44.50
CA ARG CC 104 128.79 3.98 43.32
C ARG CC 104 127.64 4.88 42.93
N ALA CC 105 126.40 4.44 43.12
CA ALA CC 105 125.25 5.29 42.83
C ALA CC 105 125.20 6.47 43.80
N PHE CC 106 125.52 6.24 45.07
CA PHE CC 106 125.48 7.33 46.04
C PHE CC 106 126.73 8.19 46.02
N ASP CC 107 127.69 7.89 45.14
CA ASP CC 107 128.86 8.75 44.95
C ASP CC 107 128.66 9.75 43.82
N VAL CC 108 127.48 9.81 43.22
CA VAL CC 108 127.23 10.78 42.16
C VAL CC 108 127.35 12.19 42.72
N LEU CC 109 126.84 12.41 43.93
CA LEU CC 109 126.88 13.74 44.53
C LEU CC 109 128.28 14.31 44.62
N ASN CC 110 129.29 13.45 44.75
CA ASN CC 110 130.67 13.91 44.80
C ASN CC 110 131.30 14.05 43.43
N ALA CC 111 130.66 13.53 42.38
CA ALA CC 111 131.18 13.63 41.02
C ALA CC 111 130.34 14.60 40.18
N LEU CC 112 129.03 14.45 40.21
CA LEU CC 112 128.11 15.34 39.52
C LEU CC 112 127.58 16.40 40.48
N ASN CC 113 128.52 17.11 41.11
CA ASN CC 113 128.21 17.91 42.28
C ASN CC 113 127.45 19.19 41.93
N ALA CC 114 128.04 20.03 41.07
CA ALA CC 114 127.47 21.34 40.79
C ALA CC 114 126.09 21.23 40.17
N GLU CC 115 125.90 20.27 39.27
CA GLU CC 115 124.61 20.10 38.61
C GLU CC 115 123.50 19.73 39.58
N LEU CC 116 123.83 19.07 40.69
CA LEU CC 116 122.83 18.63 41.65
C LEU CC 116 122.61 19.67 42.75
N ILE CC 117 123.70 20.26 43.25
CA ILE CC 117 123.57 21.24 44.32
C ILE CC 117 123.07 22.57 43.77
N THR CC 118 123.79 23.13 42.80
CA THR CC 118 123.43 24.43 42.23
C THR CC 118 122.22 24.33 41.31
N GLY CC 119 122.15 23.28 40.50
CA GLY CC 119 121.00 23.08 39.64
C GLY CC 119 121.15 23.68 38.26
N GLU CC 120 122.28 23.40 37.61
CA GLU CC 120 122.63 24.06 36.36
C GLU CC 120 123.61 23.21 35.59
N GLY CC 121 123.82 23.57 34.34
CA GLY CC 121 124.99 23.08 33.63
C GLY CC 121 124.74 22.12 32.48
N GLN CC 122 125.76 21.29 32.21
CA GLN CC 122 125.79 20.38 31.06
C GLN CC 122 125.64 21.16 29.76
N TRP CC 123 126.67 21.95 29.48
CA TRP CC 123 126.72 22.73 28.25
C TRP CC 123 127.15 21.84 27.10
N ALA DC 1 94.88 -84.92 -29.21
CA ALA DC 1 94.78 -86.19 -29.91
C ALA DC 1 93.51 -86.93 -29.51
N ALA DC 2 93.37 -88.17 -29.95
CA ALA DC 2 92.21 -88.96 -29.56
C ALA DC 2 92.24 -89.22 -28.06
N ARG DC 3 91.08 -89.09 -27.43
CA ARG DC 3 90.97 -89.28 -25.99
C ARG DC 3 91.35 -90.70 -25.62
N SER DC 4 92.14 -90.86 -24.55
CA SER DC 4 92.60 -92.15 -24.10
C SER DC 4 92.76 -92.09 -22.58
N SER DC 5 93.48 -93.06 -22.04
CA SER DC 5 93.74 -93.10 -20.61
C SER DC 5 95.03 -92.35 -20.29
N ILE DC 6 95.12 -91.87 -19.04
CA ILE DC 6 96.30 -91.17 -18.55
C ILE DC 6 96.74 -91.79 -17.24
N VAL DC 7 98.03 -91.68 -16.96
CA VAL DC 7 98.69 -92.52 -15.96
C VAL DC 7 99.32 -91.60 -14.91
N LEU DC 8 98.63 -90.50 -14.58
CA LEU DC 8 99.09 -89.58 -13.54
C LEU DC 8 99.75 -90.31 -12.38
N THR DC 9 100.94 -89.85 -12.01
CA THR DC 9 101.75 -90.49 -10.98
C THR DC 9 102.44 -89.43 -10.16
N ASP DC 10 103.01 -89.87 -9.03
CA ASP DC 10 103.85 -89.02 -8.20
C ASP DC 10 105.12 -89.75 -7.82
N GLY DC 11 105.55 -90.68 -8.66
CA GLY DC 11 106.79 -91.39 -8.44
C GLY DC 11 106.60 -92.72 -7.73
N THR DC 12 105.54 -92.84 -6.93
CA THR DC 12 105.34 -94.05 -6.15
C THR DC 12 103.99 -94.72 -6.37
N THR DC 13 102.91 -93.95 -6.52
CA THR DC 13 101.57 -94.51 -6.65
C THR DC 13 100.90 -93.95 -7.91
N PRO DC 14 101.09 -94.59 -9.05
CA PRO DC 14 100.42 -94.12 -10.27
C PRO DC 14 98.91 -94.31 -10.17
N VAL DC 15 98.19 -93.46 -10.90
CA VAL DC 15 96.75 -93.49 -10.97
C VAL DC 15 96.35 -93.50 -12.44
N THR DC 16 95.60 -94.52 -12.85
CA THR DC 16 95.12 -94.61 -14.22
C THR DC 16 93.73 -94.00 -14.31
N LEU DC 17 93.59 -92.96 -15.12
CA LEU DC 17 92.32 -92.28 -15.30
C LEU DC 17 91.78 -92.60 -16.70
N THR DC 18 90.46 -92.67 -16.82
CA THR DC 18 89.80 -92.98 -18.06
C THR DC 18 88.74 -91.91 -18.34
N PRO DC 19 88.47 -91.63 -19.61
CA PRO DC 19 87.50 -90.58 -19.94
C PRO DC 19 86.07 -91.08 -19.79
N VAL DC 20 85.30 -90.46 -18.90
CA VAL DC 20 83.96 -90.94 -18.59
C VAL DC 20 82.94 -89.84 -18.82
N GLY DC 21 83.22 -88.95 -19.76
CA GLY DC 21 82.28 -87.90 -20.07
C GLY DC 21 82.97 -86.74 -20.76
N GLY DC 22 82.27 -85.61 -20.77
CA GLY DC 22 82.81 -84.41 -21.36
C GLY DC 22 81.89 -83.73 -22.35
N GLY DC 23 82.46 -83.22 -23.43
CA GLY DC 23 81.67 -82.52 -24.43
C GLY DC 23 82.55 -81.91 -25.49
N VAL DC 24 82.17 -80.71 -25.91
CA VAL DC 24 82.97 -79.94 -26.87
C VAL DC 24 83.86 -79.01 -26.07
N GLY DC 25 85.17 -79.17 -26.22
CA GLY DC 25 86.11 -78.41 -25.42
C GLY DC 25 86.06 -78.78 -23.95
N GLN DC 26 85.97 -80.08 -23.67
CA GLN DC 26 85.92 -80.59 -22.31
C GLN DC 26 86.11 -82.09 -22.35
N THR DC 27 86.76 -82.63 -21.32
CA THR DC 27 87.00 -84.07 -21.26
C THR DC 27 87.20 -84.46 -19.79
N LEU DC 28 86.15 -84.97 -19.17
CA LEU DC 28 86.26 -85.47 -17.81
C LEU DC 28 87.06 -86.75 -17.77
N TYR DC 29 87.71 -86.99 -16.64
CA TYR DC 29 88.43 -88.22 -16.38
C TYR DC 29 88.06 -88.73 -14.99
N ARG DC 30 88.25 -90.02 -14.76
CA ARG DC 30 88.07 -90.55 -13.42
C ARG DC 30 88.92 -91.79 -13.27
N ALA DC 31 89.43 -92.01 -12.07
CA ALA DC 31 90.21 -93.21 -11.80
C ALA DC 31 89.31 -94.43 -11.89
N THR DC 32 89.87 -95.53 -12.41
CA THR DC 32 89.07 -96.72 -12.66
C THR DC 32 88.38 -97.21 -11.40
N ALA DC 33 89.17 -97.61 -10.41
CA ALA DC 33 88.64 -97.96 -9.10
C ALA DC 33 89.78 -97.97 -8.10
N GLU DC 34 89.74 -97.08 -7.12
CA GLU DC 34 90.70 -97.15 -6.03
C GLU DC 34 90.22 -98.13 -4.96
N ALA DC 35 89.15 -97.78 -4.25
CA ALA DC 35 88.47 -98.71 -3.35
C ALA DC 35 86.96 -98.59 -3.35
N LEU DC 36 86.40 -97.50 -3.84
CA LEU DC 36 84.96 -97.25 -3.87
C LEU DC 36 84.74 -96.01 -4.73
N SER DC 37 83.49 -95.59 -4.84
CA SER DC 37 83.19 -94.33 -5.50
C SER DC 37 83.33 -93.17 -4.51
N ALA DC 38 83.49 -91.97 -5.05
CA ALA DC 38 83.78 -90.73 -4.33
C ALA DC 38 85.16 -90.73 -3.70
N ALA DC 39 85.91 -91.82 -3.79
CA ALA DC 39 87.29 -91.89 -3.35
C ALA DC 39 88.21 -92.08 -4.54
N ASN DC 40 87.82 -91.52 -5.69
CA ASN DC 40 88.55 -91.65 -6.93
C ASN DC 40 88.90 -90.27 -7.48
N PRO DC 41 90.16 -90.01 -7.80
CA PRO DC 41 90.53 -88.70 -8.34
C PRO DC 41 89.95 -88.46 -9.72
N SER DC 42 89.78 -87.19 -10.04
CA SER DC 42 89.26 -86.79 -11.35
C SER DC 42 90.14 -85.69 -11.92
N LEU DC 43 90.14 -85.57 -13.25
CA LEU DC 43 91.05 -84.69 -13.99
C LEU DC 43 90.27 -83.89 -15.05
N SER DC 44 89.26 -83.15 -14.62
CA SER DC 44 88.49 -82.35 -15.56
C SER DC 44 89.41 -81.46 -16.39
N PHE DC 45 89.18 -81.42 -17.70
CA PHE DC 45 90.09 -80.73 -18.61
C PHE DC 45 89.29 -80.09 -19.73
N GLY DC 46 89.31 -78.76 -19.79
CA GLY DC 46 88.65 -78.02 -20.85
C GLY DC 46 89.65 -77.24 -21.70
N TYR DC 47 89.12 -76.70 -22.80
CA TYR DC 47 89.92 -75.94 -23.76
C TYR DC 47 88.98 -75.21 -24.70
N ARG DC 48 89.33 -73.98 -25.05
CA ARG DC 48 88.47 -73.18 -25.91
C ARG DC 48 89.29 -72.06 -26.53
N PHE DC 49 88.74 -71.47 -27.59
CA PHE DC 49 89.34 -70.34 -28.27
C PHE DC 49 88.35 -69.19 -28.27
N THR DC 50 88.80 -68.01 -27.84
CA THR DC 50 87.99 -66.81 -27.94
C THR DC 50 88.16 -66.16 -29.31
N ASP DC 51 87.76 -64.90 -29.43
CA ASP DC 51 87.90 -64.14 -30.67
C ASP DC 51 89.22 -64.39 -31.37
N GLY DC 52 90.33 -64.13 -30.67
CA GLY DC 52 91.64 -64.42 -31.21
C GLY DC 52 92.05 -65.85 -30.90
N GLY DC 53 93.30 -66.17 -31.22
CA GLY DC 53 93.81 -67.51 -30.98
C GLY DC 53 94.20 -67.75 -29.54
N THR DC 54 93.50 -67.13 -28.61
CA THR DC 54 93.80 -67.26 -27.19
C THR DC 54 93.46 -68.68 -26.75
N ASN DC 55 94.48 -69.53 -26.66
CA ASN DC 55 94.32 -70.94 -26.37
C ASN DC 55 94.07 -71.17 -24.88
N ARG DC 56 92.90 -70.78 -24.39
CA ARG DC 56 92.61 -70.85 -22.95
C ARG DC 56 92.27 -72.28 -22.54
N GLN DC 57 93.32 -73.06 -22.32
CA GLN DC 57 93.15 -74.38 -21.74
C GLN DC 57 92.91 -74.26 -20.24
N SER DC 58 92.27 -75.27 -19.67
CA SER DC 58 91.96 -75.25 -18.24
C SER DC 58 91.99 -76.67 -17.71
N LEU DC 59 92.45 -76.81 -16.47
CA LEU DC 59 92.53 -78.11 -15.83
C LEU DC 59 91.97 -78.01 -14.42
N SER DC 60 91.60 -79.16 -13.87
CA SER DC 60 91.13 -79.24 -12.50
C SER DC 60 91.28 -80.68 -12.05
N TYR DC 61 92.25 -80.93 -11.18
CA TYR DC 61 92.50 -82.25 -10.63
C TYR DC 61 92.00 -82.26 -9.19
N LYS DC 62 91.09 -83.18 -8.89
CA LYS DC 62 90.50 -83.29 -7.56
C LYS DC 62 90.78 -84.68 -7.00
N GLN DC 63 91.47 -84.71 -5.85
CA GLN DC 63 91.76 -85.97 -5.19
C GLN DC 63 91.09 -85.97 -3.82
N PRO DC 64 90.15 -86.87 -3.55
CA PRO DC 64 89.44 -86.84 -2.28
C PRO DC 64 90.17 -87.55 -1.17
N ILE DC 65 90.01 -87.03 0.04
CA ILE DC 65 90.72 -87.50 1.22
C ILE DC 65 89.78 -88.47 1.95
N THR DC 66 90.16 -89.74 1.98
CA THR DC 66 89.31 -90.77 2.56
C THR DC 66 89.89 -91.22 3.89
N ALA DC 67 89.00 -91.66 4.78
CA ALA DC 67 89.38 -92.04 6.13
C ALA DC 67 88.37 -93.04 6.67
N VAL DC 68 88.86 -93.94 7.54
CA VAL DC 68 87.99 -94.96 8.11
C VAL DC 68 87.09 -94.34 9.19
N ASP DC 69 85.95 -94.99 9.42
CA ASP DC 69 84.93 -94.54 10.35
C ASP DC 69 84.61 -95.66 11.34
N SER DC 70 85.66 -96.15 12.00
CA SER DC 70 85.66 -97.36 12.82
C SER DC 70 84.39 -97.59 13.64
N THR DC 71 83.74 -96.51 14.10
CA THR DC 71 82.45 -96.66 14.73
C THR DC 71 81.45 -97.38 13.81
N THR DC 72 81.60 -97.22 12.50
CA THR DC 72 80.83 -97.96 11.52
C THR DC 72 81.70 -98.73 10.54
N SER DC 73 82.99 -98.42 10.46
CA SER DC 73 83.95 -99.09 9.58
C SER DC 73 83.65 -98.86 8.09
N GLU DC 74 83.01 -97.74 7.77
CA GLU DC 74 82.72 -97.38 6.39
C GLU DC 74 83.65 -96.24 5.98
N THR DC 75 84.32 -96.40 4.85
CA THR DC 75 85.39 -95.49 4.42
C THR DC 75 84.79 -94.19 3.88
N LEU DC 76 84.37 -93.34 4.80
CA LEU DC 76 83.80 -92.05 4.43
C LEU DC 76 84.89 -91.12 3.91
N VAL DC 77 84.48 -90.17 3.07
CA VAL DC 77 85.38 -89.17 2.50
C VAL DC 77 85.10 -87.83 3.19
N ARG DC 78 86.17 -87.16 3.62
CA ARG DC 78 86.05 -85.92 4.36
C ARG DC 78 85.99 -84.70 3.45
N GLY DC 79 87.04 -84.49 2.64
CA GLY DC 79 87.09 -83.37 1.71
C GLY DC 79 87.90 -83.73 0.48
N GLN DC 80 88.39 -82.73 -0.25
CA GLN DC 80 89.16 -83.00 -1.46
C GLN DC 80 90.24 -81.93 -1.63
N CYS DC 81 91.35 -82.35 -2.24
CA CYS DC 81 92.42 -81.44 -2.65
C CYS DC 81 92.21 -81.09 -4.12
N VAL DC 82 92.24 -79.79 -4.42
CA VAL DC 82 91.90 -79.28 -5.74
C VAL DC 82 93.10 -78.53 -6.28
N VAL DC 83 93.51 -78.87 -7.51
CA VAL DC 83 94.60 -78.18 -8.20
C VAL DC 83 94.08 -77.72 -9.55
N ASP DC 84 94.13 -76.41 -9.79
CA ASP DC 84 93.66 -75.84 -11.05
C ASP DC 84 94.86 -75.27 -11.80
N ILE DC 85 95.14 -75.80 -12.98
CA ILE DC 85 96.21 -75.27 -13.81
C ILE DC 85 95.62 -74.63 -15.05
N ASN DC 86 95.34 -73.33 -14.99
CA ASN DC 86 94.85 -72.62 -16.15
C ASN DC 86 96.01 -72.15 -17.01
N ILE DC 87 95.80 -72.16 -18.32
CA ILE DC 87 96.81 -71.76 -19.28
C ILE DC 87 96.16 -70.85 -20.31
N VAL DC 88 96.81 -69.71 -20.59
CA VAL DC 88 96.34 -68.80 -21.62
C VAL DC 88 97.52 -68.43 -22.50
N ILE DC 89 97.42 -68.73 -23.79
CA ILE DC 89 98.45 -68.41 -24.77
C ILE DC 89 97.79 -67.60 -25.89
N PRO DC 90 98.25 -66.38 -26.16
CA PRO DC 90 97.60 -65.57 -27.19
C PRO DC 90 97.95 -66.05 -28.59
N ARG DC 91 97.24 -65.48 -29.57
CA ARG DC 91 97.47 -65.87 -30.96
C ARG DC 91 98.86 -65.45 -31.43
N VAL DC 92 99.39 -64.35 -30.91
CA VAL DC 92 100.66 -63.79 -31.37
C VAL DC 92 101.82 -64.62 -30.85
N ALA DC 93 101.53 -65.69 -30.13
CA ALA DC 93 102.57 -66.49 -29.49
C ALA DC 93 103.26 -67.38 -30.49
N THR DC 94 104.59 -67.33 -30.50
CA THR DC 94 105.37 -68.27 -31.28
C THR DC 94 105.21 -69.67 -30.71
N ALA DC 95 105.35 -70.67 -31.58
CA ALA DC 95 105.24 -72.06 -31.15
C ALA DC 95 106.30 -72.44 -30.13
N THR DC 96 107.40 -71.69 -30.03
CA THR DC 96 108.43 -71.95 -29.03
C THR DC 96 108.21 -71.20 -27.74
N ASP DC 97 107.47 -70.08 -27.77
CA ASP DC 97 107.15 -69.37 -26.55
C ASP DC 97 106.15 -70.15 -25.71
N ARG DC 98 105.20 -70.83 -26.36
CA ARG DC 98 104.20 -71.60 -25.63
C ARG DC 98 104.83 -72.74 -24.84
N ALA DC 99 105.70 -73.52 -25.49
CA ALA DC 99 106.36 -74.62 -24.81
C ALA DC 99 107.24 -74.11 -23.67
N GLU DC 100 107.98 -73.03 -23.93
CA GLU DC 100 108.83 -72.43 -22.90
C GLU DC 100 108.01 -72.04 -21.69
N ALA DC 101 106.92 -71.32 -21.91
CA ALA DC 101 106.09 -70.86 -20.80
C ALA DC 101 105.50 -72.04 -20.04
N ILE DC 102 104.97 -73.04 -20.75
CA ILE DC 102 104.32 -74.15 -20.08
C ILE DC 102 105.31 -74.91 -19.22
N LYS DC 103 106.46 -75.28 -19.79
CA LYS DC 103 107.42 -76.07 -19.02
C LYS DC 103 108.01 -75.26 -17.87
N ARG DC 104 108.28 -73.98 -18.07
CA ARG DC 104 108.81 -73.18 -16.99
C ARG DC 104 107.81 -73.07 -15.84
N ALA DC 105 106.54 -72.81 -16.16
CA ALA DC 105 105.53 -72.70 -15.11
C ALA DC 105 105.31 -74.02 -14.40
N PHE DC 106 105.44 -75.14 -15.10
CA PHE DC 106 105.33 -76.43 -14.42
C PHE DC 106 106.57 -76.79 -13.63
N ASP DC 107 107.71 -76.15 -13.90
CA ASP DC 107 108.91 -76.38 -13.10
C ASP DC 107 108.86 -75.69 -11.74
N VAL DC 108 107.75 -75.05 -11.39
CA VAL DC 108 107.65 -74.35 -10.12
C VAL DC 108 107.83 -75.31 -8.96
N LEU DC 109 107.14 -76.46 -9.01
CA LEU DC 109 107.21 -77.42 -7.92
C LEU DC 109 108.65 -77.88 -7.67
N ASN DC 110 109.43 -78.02 -8.73
CA ASN DC 110 110.85 -78.31 -8.54
C ASN DC 110 111.57 -77.12 -7.94
N ALA DC 111 111.22 -75.90 -8.36
CA ALA DC 111 111.90 -74.71 -7.84
C ALA DC 111 111.32 -74.27 -6.51
N LEU DC 112 110.04 -73.90 -6.48
CA LEU DC 112 109.39 -73.39 -5.28
C LEU DC 112 108.71 -74.52 -4.50
N ASN DC 113 109.55 -75.47 -4.06
CA ASN DC 113 109.03 -76.75 -3.59
C ASN DC 113 108.40 -76.63 -2.20
N ALA DC 114 109.19 -76.22 -1.20
CA ALA DC 114 108.80 -76.38 0.19
C ALA DC 114 107.51 -75.66 0.55
N GLU DC 115 107.17 -74.58 -0.16
CA GLU DC 115 105.94 -73.86 0.16
C GLU DC 115 104.70 -74.48 -0.44
N LEU DC 116 104.85 -75.41 -1.38
CA LEU DC 116 103.73 -76.12 -1.99
C LEU DC 116 103.50 -77.47 -1.35
N ILE DC 117 104.55 -78.29 -1.27
CA ILE DC 117 104.43 -79.65 -0.73
C ILE DC 117 104.02 -79.60 0.74
N THR DC 118 104.66 -78.72 1.51
CA THR DC 118 104.49 -78.72 2.96
C THR DC 118 103.38 -77.78 3.43
N GLY DC 119 103.18 -76.66 2.74
CA GLY DC 119 102.15 -75.72 3.11
C GLY DC 119 102.60 -74.57 3.98
N GLU DC 120 103.88 -74.49 4.33
CA GLU DC 120 104.37 -73.42 5.17
C GLU DC 120 104.30 -72.08 4.44
N GLY DC 121 104.00 -71.03 5.19
CA GLY DC 121 103.93 -69.69 4.64
C GLY DC 121 105.28 -69.01 4.74
N GLN DC 122 105.84 -68.67 3.59
CA GLN DC 122 107.16 -68.06 3.56
C GLN DC 122 107.14 -66.69 4.22
N TRP DC 123 108.22 -66.38 4.94
CA TRP DC 123 108.31 -65.15 5.70
C TRP DC 123 109.29 -64.17 5.06
N ALA EC 1 89.68 -101.49 -22.03
CA ALA EC 1 88.31 -101.01 -22.18
C ALA EC 1 88.18 -100.07 -23.37
N ALA EC 2 89.00 -100.30 -24.39
CA ALA EC 2 88.88 -99.58 -25.64
C ALA EC 2 87.76 -100.17 -26.49
N ARG EC 3 87.35 -99.41 -27.49
CA ARG EC 3 86.24 -99.83 -28.34
C ARG EC 3 86.72 -100.86 -29.36
N SER EC 4 86.10 -102.04 -29.36
CA SER EC 4 86.42 -103.09 -30.30
C SER EC 4 85.17 -103.94 -30.50
N SER EC 5 85.25 -104.90 -31.41
CA SER EC 5 84.13 -105.77 -31.69
C SER EC 5 83.84 -106.68 -30.50
N ILE EC 6 82.55 -106.90 -30.23
CA ILE EC 6 82.12 -107.78 -29.16
C ILE EC 6 81.30 -108.92 -29.76
N VAL EC 7 81.26 -110.04 -29.05
CA VAL EC 7 80.84 -111.31 -29.63
C VAL EC 7 79.64 -111.85 -28.85
N LEU EC 8 78.71 -110.96 -28.49
CA LEU EC 8 77.44 -111.35 -27.87
C LEU EC 8 76.93 -112.66 -28.44
N THR EC 9 76.59 -113.59 -27.56
CA THR EC 9 76.14 -114.91 -28.00
C THR EC 9 75.16 -115.47 -26.99
N ASP EC 10 74.32 -116.39 -27.46
CA ASP EC 10 73.35 -117.09 -26.63
C ASP EC 10 73.74 -118.53 -26.35
N GLY EC 11 74.84 -119.00 -26.93
CA GLY EC 11 75.25 -120.37 -26.77
C GLY EC 11 75.23 -121.11 -28.09
N THR EC 12 74.24 -120.82 -28.93
CA THR EC 12 74.10 -121.49 -30.22
C THR EC 12 74.73 -120.69 -31.35
N THR EC 13 74.26 -119.46 -31.56
CA THR EC 13 74.71 -118.64 -32.68
C THR EC 13 75.31 -117.35 -32.16
N PRO EC 14 76.63 -117.16 -32.25
CA PRO EC 14 77.22 -115.89 -31.85
C PRO EC 14 77.01 -114.81 -32.89
N VAL EC 15 76.82 -113.59 -32.42
CA VAL EC 15 76.71 -112.42 -33.29
C VAL EC 15 77.79 -111.44 -32.90
N THR EC 16 78.55 -110.97 -33.89
CA THR EC 16 79.69 -110.08 -33.66
C THR EC 16 79.25 -108.66 -33.98
N LEU EC 17 79.18 -107.81 -32.96
CA LEU EC 17 78.83 -106.41 -33.14
C LEU EC 17 80.11 -105.57 -33.20
N THR EC 18 80.18 -104.69 -34.20
CA THR EC 18 81.31 -103.79 -34.33
C THR EC 18 80.86 -102.36 -34.06
N PRO EC 19 81.73 -101.51 -33.53
CA PRO EC 19 81.33 -100.13 -33.26
C PRO EC 19 80.96 -99.40 -34.53
N VAL EC 20 79.96 -98.53 -34.44
CA VAL EC 20 79.55 -97.69 -35.55
C VAL EC 20 79.40 -96.25 -35.09
N GLY EC 21 80.07 -95.90 -34.00
CA GLY EC 21 80.11 -94.51 -33.60
C GLY EC 21 79.87 -94.24 -32.13
N GLY EC 22 79.31 -93.08 -31.83
CA GLY EC 22 78.92 -92.74 -30.48
C GLY EC 22 79.62 -91.54 -29.88
N GLY EC 23 80.93 -91.45 -30.03
CA GLY EC 23 81.67 -90.37 -29.40
C GLY EC 23 81.90 -90.61 -27.92
N VAL EC 24 82.00 -89.54 -27.14
CA VAL EC 24 82.28 -89.64 -25.71
C VAL EC 24 80.96 -89.74 -24.96
N GLY EC 25 80.94 -90.59 -23.94
CA GLY EC 25 79.73 -90.79 -23.16
C GLY EC 25 78.80 -91.86 -23.69
N GLN EC 26 79.11 -92.48 -24.83
CA GLN EC 26 78.28 -93.55 -25.36
C GLN EC 26 79.06 -94.30 -26.42
N THR EC 27 78.47 -95.39 -26.89
CA THR EC 27 79.07 -96.21 -27.94
C THR EC 27 77.97 -96.99 -28.62
N LEU EC 28 77.86 -96.87 -29.93
CA LEU EC 28 76.89 -97.64 -30.70
C LEU EC 28 77.57 -98.83 -31.34
N TYR EC 29 76.90 -99.97 -31.28
CA TYR EC 29 77.38 -101.18 -31.92
C TYR EC 29 76.38 -101.63 -32.97
N ARG EC 30 76.85 -102.48 -33.88
CA ARG EC 30 75.97 -103.08 -34.87
C ARG EC 30 76.67 -104.23 -35.58
N ALA EC 31 75.96 -105.32 -35.82
CA ALA EC 31 76.52 -106.45 -36.55
C ALA EC 31 76.46 -106.17 -38.05
N THR EC 32 77.00 -107.10 -38.84
CA THR EC 32 76.96 -106.91 -40.28
C THR EC 32 75.62 -107.35 -40.87
N ALA EC 33 75.35 -108.66 -40.84
CA ALA EC 33 74.14 -109.26 -41.43
C ALA EC 33 73.74 -108.54 -42.72
N GLU EC 34 74.73 -108.35 -43.58
CA GLU EC 34 74.62 -107.40 -44.68
C GLU EC 34 73.49 -107.78 -45.63
N ALA EC 35 72.92 -106.78 -46.28
CA ALA EC 35 71.89 -107.00 -47.30
C ALA EC 35 70.69 -107.73 -46.70
N LEU EC 36 69.96 -107.02 -45.84
CA LEU EC 36 69.91 -105.57 -45.65
C LEU EC 36 70.84 -105.10 -44.53
N SER EC 37 71.10 -103.80 -44.48
CA SER EC 37 71.99 -103.25 -43.45
C SER EC 37 71.26 -102.81 -42.20
N ALA EC 38 69.95 -102.61 -42.27
CA ALA EC 38 69.14 -102.26 -41.11
C ALA EC 38 68.52 -103.47 -40.44
N ALA EC 39 68.76 -104.66 -40.96
CA ALA EC 39 68.25 -105.89 -40.37
C ALA EC 39 69.34 -106.64 -39.61
N ASN EC 40 69.87 -106.01 -38.56
CA ASN EC 40 70.88 -106.64 -37.72
C ASN EC 40 70.84 -105.99 -36.35
N PRO EC 41 71.24 -106.71 -35.31
CA PRO EC 41 71.11 -106.19 -33.94
C PRO EC 41 72.08 -105.04 -33.65
N SER EC 42 71.74 -104.30 -32.61
CA SER EC 42 72.52 -103.13 -32.19
C SER EC 42 72.53 -103.07 -30.67
N LEU EC 43 73.55 -102.41 -30.12
CA LEU EC 43 73.83 -102.40 -28.68
C LEU EC 43 74.14 -100.99 -28.17
N SER EC 44 73.23 -100.06 -28.39
CA SER EC 44 73.47 -98.69 -27.93
C SER EC 44 73.81 -98.66 -26.45
N PHE EC 45 75.05 -98.31 -26.13
CA PHE EC 45 75.56 -98.35 -24.76
C PHE EC 45 76.08 -96.99 -24.35
N GLY EC 46 75.45 -96.38 -23.35
CA GLY EC 46 75.87 -95.08 -22.84
C GLY EC 46 76.20 -95.14 -21.36
N TYR EC 47 76.88 -94.09 -20.89
CA TYR EC 47 77.34 -94.01 -19.51
C TYR EC 47 77.68 -92.57 -19.21
N ARG EC 48 77.55 -92.18 -17.94
CA ARG EC 48 77.85 -90.82 -17.52
C ARG EC 48 77.99 -90.81 -16.00
N PHE EC 49 78.45 -89.68 -15.48
CA PHE EC 49 78.54 -89.44 -14.04
C PHE EC 49 77.83 -88.13 -13.73
N THR EC 50 76.92 -88.17 -12.77
CA THR EC 50 76.15 -87.00 -12.40
C THR EC 50 76.97 -86.11 -11.45
N ASP EC 51 76.29 -85.17 -10.79
CA ASP EC 51 76.95 -84.26 -9.87
C ASP EC 51 77.80 -85.02 -8.84
N GLY EC 52 77.26 -86.10 -8.29
CA GLY EC 52 78.03 -86.92 -7.40
C GLY EC 52 78.87 -87.92 -8.15
N GLY EC 53 79.00 -89.13 -7.62
CA GLY EC 53 79.68 -90.20 -8.32
C GLY EC 53 78.69 -91.23 -8.84
N THR EC 54 77.44 -90.80 -8.98
CA THR EC 54 76.36 -91.71 -9.39
C THR EC 54 76.59 -92.11 -10.83
N ASN EC 55 77.12 -93.31 -11.02
CA ASN EC 55 77.39 -93.85 -12.35
C ASN EC 55 76.08 -94.35 -12.93
N ARG EC 56 75.61 -93.73 -14.02
CA ARG EC 56 74.37 -94.12 -14.66
C ARG EC 56 74.67 -94.74 -16.02
N GLN EC 57 74.90 -96.04 -16.01
CA GLN EC 57 75.11 -96.76 -17.25
C GLN EC 57 73.78 -97.18 -17.84
N SER EC 58 73.76 -97.40 -19.16
CA SER EC 58 72.52 -97.73 -19.84
C SER EC 58 72.80 -98.50 -21.12
N LEU EC 59 72.16 -99.65 -21.29
CA LEU EC 59 72.33 -100.44 -22.50
C LEU EC 59 70.97 -100.65 -23.15
N SER EC 60 70.98 -100.70 -24.48
CA SER EC 60 69.75 -100.96 -25.23
C SER EC 60 70.13 -101.86 -26.38
N TYR EC 61 69.71 -103.11 -26.33
CA TYR EC 61 70.00 -104.11 -27.35
C TYR EC 61 68.74 -104.34 -28.16
N LYS EC 62 68.81 -104.09 -29.45
CA LYS EC 62 67.68 -104.26 -30.36
C LYS EC 62 68.03 -105.33 -31.39
N GLN EC 63 67.16 -106.31 -31.53
CA GLN EC 63 67.33 -107.34 -32.54
C GLN EC 63 66.12 -107.34 -33.47
N PRO EC 64 66.29 -107.04 -34.75
CA PRO EC 64 65.13 -107.02 -35.65
C PRO EC 64 64.79 -108.41 -36.16
N ILE EC 65 63.51 -108.58 -36.47
CA ILE EC 65 62.96 -109.85 -36.91
C ILE EC 65 62.87 -109.81 -38.43
N THR EC 66 63.67 -110.64 -39.09
CA THR EC 66 63.78 -110.64 -40.53
C THR EC 66 62.86 -111.69 -41.14
N ALA EC 67 62.64 -111.57 -42.44
CA ALA EC 67 61.82 -112.52 -43.18
C ALA EC 67 62.21 -112.43 -44.65
N VAL EC 68 62.92 -113.43 -45.15
CA VAL EC 68 63.41 -113.41 -46.52
C VAL EC 68 62.23 -113.71 -47.45
N ASP EC 69 61.81 -112.71 -48.21
CA ASP EC 69 60.66 -112.81 -49.10
C ASP EC 69 61.12 -113.54 -50.36
N SER EC 70 60.82 -114.84 -50.44
CA SER EC 70 61.31 -115.64 -51.56
C SER EC 70 60.75 -115.19 -52.90
N THR EC 71 59.59 -114.54 -52.91
CA THR EC 71 59.01 -114.05 -54.16
C THR EC 71 59.91 -112.99 -54.80
N THR EC 72 60.31 -111.99 -54.02
CA THR EC 72 61.12 -110.88 -54.50
C THR EC 72 62.60 -111.02 -54.16
N SER EC 73 62.93 -111.88 -53.20
CA SER EC 73 64.30 -112.10 -52.72
C SER EC 73 64.86 -110.82 -52.10
N GLU EC 74 64.13 -110.30 -51.13
CA GLU EC 74 64.57 -109.17 -50.33
C GLU EC 74 64.25 -109.44 -48.87
N THR EC 75 65.07 -108.92 -47.98
CA THR EC 75 64.86 -109.11 -46.55
C THR EC 75 63.94 -108.01 -46.02
N LEU EC 76 62.88 -108.42 -45.34
CA LEU EC 76 61.90 -107.50 -44.78
C LEU EC 76 62.01 -107.50 -43.27
N VAL EC 77 61.80 -106.33 -42.65
CA VAL EC 77 61.90 -106.17 -41.22
C VAL EC 77 60.49 -106.03 -40.65
N ARG EC 78 60.10 -106.96 -39.80
CA ARG EC 78 58.74 -107.01 -39.26
C ARG EC 78 58.61 -106.31 -37.91
N GLY EC 79 59.70 -106.26 -37.15
CA GLY EC 79 59.65 -105.63 -35.84
C GLY EC 79 61.00 -105.81 -35.17
N GLN EC 80 61.08 -105.48 -33.89
CA GLN EC 80 62.33 -105.66 -33.18
C GLN EC 80 62.08 -105.96 -31.71
N CYS EC 81 62.85 -106.92 -31.19
CA CYS EC 81 62.88 -107.18 -29.77
C CYS EC 81 63.88 -106.25 -29.11
N VAL EC 82 63.42 -105.51 -28.10
CA VAL EC 82 64.21 -104.48 -27.44
C VAL EC 82 64.42 -104.88 -26.00
N VAL EC 83 65.68 -104.82 -25.53
CA VAL EC 83 66.01 -105.10 -24.15
C VAL EC 83 66.79 -103.91 -23.62
N ASP EC 84 66.23 -103.21 -22.64
CA ASP EC 84 66.89 -102.08 -21.99
C ASP EC 84 67.40 -102.51 -20.62
N ILE EC 85 68.60 -102.06 -20.28
CA ILE EC 85 69.25 -102.40 -19.01
C ILE EC 85 69.84 -101.11 -18.46
N ASN EC 86 69.15 -100.50 -17.50
CA ASN EC 86 69.69 -99.32 -16.85
C ASN EC 86 70.35 -99.72 -15.53
N ILE EC 87 71.50 -99.12 -15.26
CA ILE EC 87 72.27 -99.41 -14.06
C ILE EC 87 72.58 -98.09 -13.38
N VAL EC 88 72.14 -97.94 -12.14
CA VAL EC 88 72.44 -96.76 -11.34
C VAL EC 88 73.27 -97.19 -10.16
N ILE EC 89 74.44 -96.58 -10.00
CA ILE EC 89 75.31 -96.90 -8.88
C ILE EC 89 75.58 -95.63 -8.09
N PRO EC 90 75.19 -95.56 -6.83
CA PRO EC 90 75.31 -94.29 -6.09
C PRO EC 90 76.75 -93.95 -5.77
N ARG EC 91 76.94 -92.76 -5.21
CA ARG EC 91 78.27 -92.26 -4.86
C ARG EC 91 78.92 -93.08 -3.75
N VAL EC 92 78.13 -93.76 -2.93
CA VAL EC 92 78.62 -94.40 -1.71
C VAL EC 92 78.87 -95.90 -1.90
N ALA EC 93 78.86 -96.38 -3.14
CA ALA EC 93 78.91 -97.81 -3.40
C ALA EC 93 80.35 -98.30 -3.45
N THR EC 94 80.62 -99.37 -2.71
CA THR EC 94 81.95 -99.97 -2.72
C THR EC 94 82.20 -100.66 -4.06
N ALA EC 95 83.48 -100.96 -4.31
CA ALA EC 95 83.88 -101.57 -5.57
C ALA EC 95 83.44 -103.02 -5.71
N THR EC 96 83.17 -103.71 -4.60
CA THR EC 96 82.68 -105.09 -4.65
C THR EC 96 81.17 -105.18 -4.60
N ASP EC 97 80.51 -104.20 -3.99
CA ASP EC 97 79.06 -104.16 -4.01
C ASP EC 97 78.54 -103.93 -5.42
N ARG EC 98 79.27 -103.15 -6.23
CA ARG EC 98 78.94 -103.01 -7.63
C ARG EC 98 78.91 -104.36 -8.33
N ALA EC 99 79.97 -105.15 -8.17
CA ALA EC 99 80.02 -106.45 -8.82
C ALA EC 99 78.92 -107.35 -8.30
N GLU EC 100 78.68 -107.35 -6.99
CA GLU EC 100 77.59 -108.15 -6.44
C GLU EC 100 76.27 -107.78 -7.08
N ALA EC 101 75.93 -106.49 -7.08
CA ALA EC 101 74.64 -106.06 -7.59
C ALA EC 101 74.49 -106.39 -9.07
N ILE EC 102 75.52 -106.11 -9.87
CA ILE EC 102 75.41 -106.32 -11.30
C ILE EC 102 75.29 -107.80 -11.63
N LYS EC 103 76.18 -108.62 -11.06
CA LYS EC 103 76.14 -110.04 -11.37
C LYS EC 103 74.91 -110.73 -10.80
N ARG EC 104 74.32 -110.17 -9.74
CA ARG EC 104 73.07 -110.73 -9.25
C ARG EC 104 71.90 -110.35 -10.13
N ALA EC 105 71.85 -109.09 -10.58
CA ALA EC 105 70.76 -108.67 -11.46
C ALA EC 105 70.81 -109.41 -12.79
N PHE EC 106 72.00 -109.59 -13.35
CA PHE EC 106 72.13 -110.34 -14.59
C PHE EC 106 71.98 -111.84 -14.39
N ASP EC 107 71.88 -112.31 -13.15
CA ASP EC 107 71.61 -113.71 -12.87
C ASP EC 107 70.13 -114.02 -12.81
N VAL EC 108 69.27 -113.04 -13.08
CA VAL EC 108 67.84 -113.28 -13.08
C VAL EC 108 67.47 -114.32 -14.13
N LEU EC 109 68.09 -114.22 -15.31
CA LEU EC 109 67.78 -115.14 -16.40
C LEU EC 109 67.96 -116.59 -15.98
N ASN EC 110 68.89 -116.87 -15.07
CA ASN EC 110 69.04 -118.23 -14.57
C ASN EC 110 68.04 -118.55 -13.46
N ALA EC 111 67.48 -117.52 -12.81
CA ALA EC 111 66.48 -117.76 -11.77
C ALA EC 111 65.07 -117.66 -12.33
N LEU EC 112 64.74 -116.51 -12.92
CA LEU EC 112 63.42 -116.28 -13.49
C LEU EC 112 63.41 -116.66 -14.96
N ASN EC 113 63.81 -117.91 -15.22
CA ASN EC 113 64.13 -118.33 -16.57
C ASN EC 113 62.87 -118.51 -17.42
N ALA EC 114 61.95 -119.36 -16.97
CA ALA EC 114 60.78 -119.69 -17.78
C ALA EC 114 59.90 -118.48 -18.02
N GLU EC 115 59.95 -117.48 -17.14
CA GLU EC 115 59.13 -116.29 -17.34
C GLU EC 115 59.72 -115.33 -18.35
N LEU EC 116 60.93 -115.58 -18.84
CA LEU EC 116 61.58 -114.71 -19.80
C LEU EC 116 61.86 -115.40 -21.12
N ILE EC 117 62.43 -116.60 -21.09
CA ILE EC 117 62.77 -117.31 -22.31
C ILE EC 117 61.51 -117.69 -23.08
N THR EC 118 60.50 -118.21 -22.40
CA THR EC 118 59.28 -118.66 -23.05
C THR EC 118 58.15 -117.63 -23.00
N GLY EC 119 58.21 -116.67 -22.08
CA GLY EC 119 57.22 -115.63 -22.02
C GLY EC 119 56.04 -115.89 -21.13
N GLU EC 120 56.08 -116.94 -20.30
CA GLU EC 120 54.99 -117.26 -19.41
C GLU EC 120 54.79 -116.17 -18.37
N GLY EC 121 53.76 -116.34 -17.57
CA GLY EC 121 53.59 -115.56 -16.36
C GLY EC 121 53.41 -116.53 -15.21
N GLN EC 122 54.00 -116.19 -14.08
CA GLN EC 122 53.94 -117.07 -12.92
C GLN EC 122 52.55 -117.02 -12.30
N TRP EC 123 52.02 -118.20 -11.95
CA TRP EC 123 50.67 -118.31 -11.44
C TRP EC 123 50.61 -118.55 -9.94
N ALA FC 1 56.79 -121.15 -13.81
CA ALA FC 1 56.14 -121.88 -12.74
C ALA FC 1 55.54 -120.93 -11.72
N ALA FC 2 55.02 -121.49 -10.63
CA ALA FC 2 54.37 -120.67 -9.62
C ALA FC 2 55.39 -119.81 -8.87
N ARG FC 3 54.88 -118.76 -8.23
CA ARG FC 3 55.73 -117.89 -7.43
C ARG FC 3 56.45 -118.69 -6.37
N SER FC 4 57.78 -118.77 -6.46
CA SER FC 4 58.55 -119.55 -5.51
C SER FC 4 59.73 -118.74 -4.99
N SER FC 5 60.66 -119.39 -4.31
CA SER FC 5 61.86 -118.74 -3.80
C SER FC 5 62.98 -118.84 -4.84
N ILE FC 6 63.52 -117.69 -5.21
CA ILE FC 6 64.59 -117.62 -6.19
C ILE FC 6 65.92 -117.43 -5.48
N VAL FC 7 67.01 -117.82 -6.14
CA VAL FC 7 68.30 -118.02 -5.50
C VAL FC 7 69.30 -117.09 -6.21
N LEU FC 8 68.84 -115.90 -6.57
CA LEU FC 8 69.68 -114.87 -7.17
C LEU FC 8 71.06 -114.82 -6.54
N THR FC 9 72.09 -115.06 -7.35
CA THR FC 9 73.46 -115.22 -6.86
C THR FC 9 74.42 -114.47 -7.78
N ASP FC 10 75.71 -114.57 -7.46
CA ASP FC 10 76.74 -114.01 -8.32
C ASP FC 10 77.94 -114.94 -8.46
N GLY FC 11 77.83 -116.20 -8.05
CA GLY FC 11 78.90 -117.16 -8.10
C GLY FC 11 79.58 -117.38 -6.76
N THR FC 12 79.53 -116.41 -5.87
CA THR FC 12 80.14 -116.53 -4.55
C THR FC 12 79.13 -116.42 -3.43
N THR FC 13 78.30 -115.37 -3.41
CA THR FC 13 77.41 -115.09 -2.29
C THR FC 13 75.96 -115.11 -2.77
N PRO FC 14 75.27 -116.24 -2.64
CA PRO FC 14 73.86 -116.30 -3.05
C PRO FC 14 72.96 -115.56 -2.08
N VAL FC 15 71.80 -115.14 -2.62
CA VAL FC 15 70.75 -114.51 -1.82
C VAL FC 15 69.43 -115.12 -2.24
N THR FC 16 68.64 -115.57 -1.27
CA THR FC 16 67.35 -116.20 -1.52
C THR FC 16 66.24 -115.18 -1.32
N LEU FC 17 65.35 -115.07 -2.30
CA LEU FC 17 64.26 -114.10 -2.28
C LEU FC 17 62.93 -114.83 -2.34
N THR FC 18 61.99 -114.43 -1.49
CA THR FC 18 60.67 -115.02 -1.46
C THR FC 18 59.60 -113.96 -1.72
N PRO FC 19 58.55 -114.29 -2.46
CA PRO FC 19 57.57 -113.27 -2.87
C PRO FC 19 56.93 -112.60 -1.67
N VAL FC 20 56.71 -111.30 -1.79
CA VAL FC 20 56.34 -110.46 -0.65
C VAL FC 20 55.08 -109.69 -1.00
N GLY FC 21 54.54 -109.93 -2.18
CA GLY FC 21 53.31 -109.26 -2.55
C GLY FC 21 53.14 -109.27 -4.06
N GLY FC 22 52.51 -108.21 -4.56
CA GLY FC 22 52.28 -108.05 -5.98
C GLY FC 22 50.82 -108.13 -6.38
N GLY FC 23 50.53 -108.94 -7.40
CA GLY FC 23 49.18 -109.07 -7.91
C GLY FC 23 49.14 -109.91 -9.17
N VAL FC 24 48.43 -109.43 -10.19
CA VAL FC 24 48.41 -110.07 -11.50
C VAL FC 24 49.38 -109.32 -12.41
N GLY FC 25 50.30 -110.06 -13.02
CA GLY FC 25 51.36 -109.42 -13.78
C GLY FC 25 52.20 -108.52 -12.91
N GLN FC 26 52.55 -109.00 -11.71
CA GLN FC 26 53.37 -108.25 -10.77
C GLN FC 26 53.81 -109.21 -9.67
N THR FC 27 55.07 -109.10 -9.25
CA THR FC 27 55.59 -110.05 -8.26
C THR FC 27 56.77 -109.37 -7.55
N LEU FC 28 56.57 -109.04 -6.28
CA LEU FC 28 57.66 -108.52 -5.48
C LEU FC 28 58.54 -109.67 -4.98
N TYR FC 29 59.70 -109.30 -4.44
CA TYR FC 29 60.61 -110.26 -3.83
C TYR FC 29 61.38 -109.54 -2.74
N ARG FC 30 61.97 -110.32 -1.83
CA ARG FC 30 62.86 -109.78 -0.80
C ARG FC 30 63.54 -110.96 -0.12
N ALA FC 31 64.65 -110.68 0.55
CA ALA FC 31 65.44 -111.69 1.24
C ALA FC 31 65.04 -111.77 2.71
N THR FC 32 65.81 -112.51 3.50
CA THR FC 32 65.41 -112.87 4.85
C THR FC 32 65.96 -111.94 5.94
N ALA FC 33 67.02 -111.19 5.66
CA ALA FC 33 67.58 -110.30 6.67
C ALA FC 33 66.64 -109.12 6.94
N GLU FC 34 66.75 -108.51 8.11
CA GLU FC 34 65.80 -107.51 8.59
C GLU FC 34 66.52 -106.21 8.91
N ALA FC 35 65.94 -105.11 8.44
CA ALA FC 35 66.51 -103.79 8.70
C ALA FC 35 65.37 -102.77 8.73
N LEU FC 36 65.71 -101.51 9.00
CA LEU FC 36 64.72 -100.48 9.29
C LEU FC 36 64.30 -99.71 8.04
N SER FC 37 65.24 -99.10 7.32
CA SER FC 37 64.91 -98.30 6.16
C SER FC 37 64.89 -99.14 4.87
N ALA FC 38 66.02 -99.74 4.52
CA ALA FC 38 66.11 -100.62 3.37
C ALA FC 38 66.50 -102.00 3.86
N ALA FC 39 65.60 -102.96 3.67
CA ALA FC 39 65.82 -104.28 4.25
C ALA FC 39 66.80 -105.10 3.42
N ASN FC 40 66.43 -105.41 2.18
CA ASN FC 40 67.14 -106.41 1.39
C ASN FC 40 67.02 -106.12 -0.10
N PRO FC 41 67.68 -106.88 -0.96
CA PRO FC 41 67.40 -106.78 -2.40
C PRO FC 41 65.93 -107.07 -2.68
N SER FC 42 65.35 -106.29 -3.59
CA SER FC 42 63.91 -106.37 -3.87
C SER FC 42 63.72 -106.41 -5.38
N LEU FC 43 63.56 -107.61 -5.93
CA LEU FC 43 63.44 -107.82 -7.37
C LEU FC 43 61.97 -107.78 -7.76
N SER FC 44 61.52 -106.62 -8.23
CA SER FC 44 60.15 -106.51 -8.72
C SER FC 44 60.08 -106.95 -10.18
N PHE FC 45 58.99 -107.64 -10.53
CA PHE FC 45 58.81 -108.25 -11.84
C PHE FC 45 57.42 -107.91 -12.35
N GLY FC 46 57.34 -107.10 -13.41
CA GLY FC 46 56.07 -106.50 -13.80
C GLY FC 46 55.54 -106.81 -15.18
N TYR FC 47 55.57 -108.07 -15.60
CA TYR FC 47 55.17 -108.44 -16.94
C TYR FC 47 53.70 -108.10 -17.20
N ARG FC 48 53.38 -107.89 -18.48
CA ARG FC 48 52.03 -107.59 -18.93
C ARG FC 48 51.97 -107.80 -20.44
N PHE FC 49 50.80 -107.54 -21.03
CA PHE FC 49 50.59 -107.61 -22.47
C PHE FC 49 50.00 -106.27 -22.93
N THR FC 50 49.76 -106.18 -24.23
CA THR FC 50 49.38 -104.90 -24.85
C THR FC 50 48.38 -105.21 -25.96
N ASP FC 51 48.18 -104.25 -26.87
CA ASP FC 51 47.21 -104.40 -27.95
C ASP FC 51 47.51 -105.63 -28.79
N GLY FC 52 48.76 -105.80 -29.19
CA GLY FC 52 49.20 -107.00 -29.87
C GLY FC 52 49.70 -108.02 -28.88
N GLY FC 53 50.57 -108.91 -29.36
CA GLY FC 53 51.23 -109.84 -28.48
C GLY FC 53 52.47 -109.22 -27.87
N THR FC 54 52.43 -107.90 -27.70
CA THR FC 54 53.60 -107.16 -27.25
C THR FC 54 53.87 -107.43 -25.79
N ASN FC 55 54.60 -108.51 -25.52
CA ASN FC 55 54.90 -108.93 -24.16
C ASN FC 55 55.85 -107.93 -23.53
N ARG FC 56 55.32 -106.99 -22.77
CA ARG FC 56 56.09 -105.87 -22.25
C ARG FC 56 56.53 -106.17 -20.81
N GLN FC 57 57.45 -107.12 -20.68
CA GLN FC 57 57.98 -107.47 -19.38
C GLN FC 57 58.83 -106.32 -18.83
N SER FC 58 59.09 -106.38 -17.52
CA SER FC 58 59.84 -105.33 -16.86
C SER FC 58 60.34 -105.84 -15.52
N LEU FC 59 61.56 -105.46 -15.16
CA LEU FC 59 62.18 -105.90 -13.93
C LEU FC 59 62.80 -104.72 -13.21
N SER FC 60 63.13 -104.92 -11.95
CA SER FC 60 63.91 -103.94 -11.20
C SER FC 60 64.53 -104.60 -9.98
N TYR FC 61 65.86 -104.65 -9.94
CA TYR FC 61 66.58 -105.31 -8.85
C TYR FC 61 67.33 -104.25 -8.05
N LYS FC 62 66.89 -104.00 -6.83
CA LYS FC 62 67.54 -103.04 -5.95
C LYS FC 62 68.27 -103.80 -4.86
N GLN FC 63 69.54 -103.46 -4.66
CA GLN FC 63 70.35 -104.03 -3.59
C GLN FC 63 70.83 -102.89 -2.70
N PRO FC 64 70.50 -102.89 -1.41
CA PRO FC 64 70.85 -101.76 -0.57
C PRO FC 64 72.27 -101.71 -0.01
N ILE FC 65 72.95 -100.63 -0.37
CA ILE FC 65 74.30 -100.36 0.12
C ILE FC 65 74.17 -100.05 1.60
N THR FC 66 74.71 -100.94 2.44
CA THR FC 66 74.54 -100.85 3.88
C THR FC 66 75.84 -101.23 4.59
N ALA FC 67 76.01 -100.72 5.80
CA ALA FC 67 77.12 -101.08 6.68
C ALA FC 67 76.59 -101.21 8.09
N VAL FC 68 77.07 -102.22 8.82
CA VAL FC 68 76.53 -102.54 10.13
C VAL FC 68 77.14 -101.61 11.17
N ASP FC 69 76.29 -100.89 11.89
CA ASP FC 69 76.75 -100.02 12.96
C ASP FC 69 77.24 -100.84 14.14
N SER FC 70 78.02 -100.19 15.00
CA SER FC 70 78.49 -100.82 16.22
C SER FC 70 77.53 -100.53 17.37
N THR FC 71 77.32 -101.53 18.22
CA THR FC 71 76.49 -101.49 19.42
C THR FC 71 75.00 -101.37 19.11
N THR FC 72 74.61 -101.24 17.84
CA THR FC 72 73.20 -101.15 17.46
C THR FC 72 72.90 -102.15 16.36
N SER FC 73 71.76 -102.83 16.47
CA SER FC 73 71.35 -103.84 15.52
C SER FC 73 70.42 -103.27 14.45
N GLU FC 74 70.88 -102.24 13.74
CA GLU FC 74 70.08 -101.59 12.72
C GLU FC 74 70.76 -101.54 11.36
N THR FC 75 72.01 -101.98 11.25
CA THR FC 75 72.76 -102.14 10.00
C THR FC 75 72.47 -101.01 9.01
N LEU FC 76 72.86 -99.79 9.40
CA LEU FC 76 72.61 -98.58 8.63
C LEU FC 76 72.82 -98.78 7.13
N VAL FC 77 71.83 -98.38 6.34
CA VAL FC 77 71.88 -98.48 4.89
C VAL FC 77 72.29 -97.13 4.33
N ARG FC 78 73.14 -97.15 3.31
CA ARG FC 78 73.70 -95.93 2.73
C ARG FC 78 73.15 -95.59 1.37
N GLY FC 79 72.69 -96.57 0.60
CA GLY FC 79 72.15 -96.30 -0.72
C GLY FC 79 71.52 -97.54 -1.33
N GLN FC 80 71.41 -97.53 -2.67
CA GLN FC 80 70.86 -98.69 -3.37
C GLN FC 80 71.33 -98.74 -4.82
N CYS FC 81 71.76 -99.90 -5.28
CA CYS FC 81 72.24 -100.09 -6.64
C CYS FC 81 71.08 -100.58 -7.50
N VAL FC 82 70.32 -99.63 -8.06
CA VAL FC 82 69.19 -99.97 -8.91
C VAL FC 82 69.68 -100.56 -10.23
N VAL FC 83 69.02 -101.62 -10.68
CA VAL FC 83 69.31 -102.21 -11.99
C VAL FC 83 68.01 -102.57 -12.69
N ASP FC 84 67.53 -101.71 -13.58
CA ASP FC 84 66.29 -101.96 -14.30
C ASP FC 84 66.56 -102.77 -15.55
N ILE FC 85 65.62 -103.64 -15.91
CA ILE FC 85 65.69 -104.42 -17.15
C ILE FC 85 64.32 -104.47 -17.78
N ASN FC 86 64.12 -103.71 -18.86
CA ASN FC 86 62.84 -103.70 -19.55
C ASN FC 86 62.94 -104.45 -20.86
N ILE FC 87 61.92 -105.25 -21.14
CA ILE FC 87 61.89 -106.12 -22.31
C ILE FC 87 60.61 -105.83 -23.09
N VAL FC 88 60.74 -105.68 -24.41
CA VAL FC 88 59.60 -105.46 -25.29
C VAL FC 88 59.75 -106.41 -26.46
N ILE FC 89 58.92 -107.44 -26.51
CA ILE FC 89 58.97 -108.47 -27.55
C ILE FC 89 57.72 -108.34 -28.41
N PRO FC 90 57.84 -108.17 -29.72
CA PRO FC 90 56.66 -107.90 -30.54
C PRO FC 90 55.78 -109.13 -30.71
N ARG FC 91 54.64 -108.95 -31.36
CA ARG FC 91 53.72 -110.06 -31.60
C ARG FC 91 54.30 -111.09 -32.57
N VAL FC 92 55.08 -110.65 -33.55
CA VAL FC 92 55.51 -111.51 -34.64
C VAL FC 92 56.77 -112.29 -34.27
N ALA FC 93 57.18 -112.20 -33.00
CA ALA FC 93 58.46 -112.76 -32.57
C ALA FC 93 58.32 -114.25 -32.28
N THR FC 94 58.89 -115.07 -33.15
CA THR FC 94 58.95 -116.50 -32.93
C THR FC 94 59.71 -116.79 -31.63
N ALA FC 95 59.25 -117.80 -30.89
CA ALA FC 95 59.81 -118.08 -29.58
C ALA FC 95 61.29 -118.40 -29.64
N THR FC 96 61.81 -118.85 -30.78
CA THR FC 96 63.26 -118.98 -30.93
C THR FC 96 63.92 -117.61 -30.99
N ASP FC 97 63.33 -116.67 -31.73
CA ASP FC 97 63.88 -115.33 -31.81
C ASP FC 97 63.87 -114.64 -30.46
N ARG FC 98 62.80 -114.81 -29.68
CA ARG FC 98 62.75 -114.20 -28.36
C ARG FC 98 63.83 -114.78 -27.44
N ALA FC 99 64.02 -116.09 -27.47
CA ALA FC 99 65.07 -116.69 -26.65
C ALA FC 99 66.44 -116.18 -27.06
N GLU FC 100 66.69 -116.08 -28.37
CA GLU FC 100 67.95 -115.53 -28.85
C GLU FC 100 68.14 -114.10 -28.35
N ALA FC 101 67.11 -113.27 -28.48
CA ALA FC 101 67.24 -111.87 -28.08
C ALA FC 101 67.53 -111.75 -26.60
N ILE FC 102 66.82 -112.49 -25.77
CA ILE FC 102 67.01 -112.38 -24.32
C ILE FC 102 68.39 -112.89 -23.92
N LYS FC 103 68.77 -114.07 -24.42
CA LYS FC 103 70.04 -114.63 -24.00
C LYS FC 103 71.22 -113.84 -24.55
N ARG FC 104 71.03 -113.15 -25.68
CA ARG FC 104 72.08 -112.27 -26.18
C ARG FC 104 72.16 -110.98 -25.39
N ALA FC 105 71.02 -110.42 -25.00
CA ALA FC 105 71.04 -109.21 -24.20
C ALA FC 105 71.68 -109.45 -22.85
N PHE FC 106 71.41 -110.60 -22.23
CA PHE FC 106 71.98 -110.90 -20.93
C PHE FC 106 73.40 -111.41 -21.00
N ASP FC 107 73.97 -111.54 -22.21
CA ASP FC 107 75.37 -111.88 -22.37
C ASP FC 107 76.26 -110.65 -22.47
N VAL FC 108 75.70 -109.45 -22.31
CA VAL FC 108 76.53 -108.26 -22.35
C VAL FC 108 77.56 -108.28 -21.23
N LEU FC 109 77.14 -108.73 -20.04
CA LEU FC 109 78.03 -108.75 -18.88
C LEU FC 109 79.31 -109.52 -19.15
N ASN FC 110 79.24 -110.55 -20.01
CA ASN FC 110 80.44 -111.31 -20.35
C ASN FC 110 81.20 -110.74 -21.52
N ALA FC 111 80.63 -109.78 -22.25
CA ALA FC 111 81.31 -109.13 -23.36
C ALA FC 111 81.75 -107.72 -23.02
N LEU FC 112 80.83 -106.92 -22.48
CA LEU FC 112 81.13 -105.56 -22.03
C LEU FC 112 81.38 -105.56 -20.53
N ASN FC 113 82.37 -106.36 -20.11
CA ASN FC 113 82.52 -106.71 -18.70
C ASN FC 113 83.11 -105.56 -17.88
N ALA FC 114 84.29 -105.09 -18.26
CA ALA FC 114 84.99 -104.10 -17.45
C ALA FC 114 84.20 -102.80 -17.32
N GLU FC 115 83.56 -102.37 -18.40
CA GLU FC 115 82.80 -101.13 -18.38
C GLU FC 115 81.61 -101.20 -17.43
N LEU FC 116 81.10 -102.39 -17.16
CA LEU FC 116 79.93 -102.56 -16.29
C LEU FC 116 80.33 -102.84 -14.85
N ILE FC 117 81.33 -103.70 -14.65
CA ILE FC 117 81.75 -104.03 -13.29
C ILE FC 117 82.58 -102.90 -12.70
N THR FC 118 83.67 -102.53 -13.37
CA THR FC 118 84.55 -101.48 -12.87
C THR FC 118 83.93 -100.10 -13.04
N GLY FC 119 83.29 -99.85 -14.18
CA GLY FC 119 82.62 -98.58 -14.40
C GLY FC 119 83.51 -97.55 -15.06
N GLU FC 120 84.15 -97.93 -16.17
CA GLU FC 120 85.16 -97.09 -16.78
C GLU FC 120 85.30 -97.46 -18.25
N GLY FC 121 85.97 -96.59 -18.99
CA GLY FC 121 86.48 -96.99 -20.29
C GLY FC 121 85.83 -96.36 -21.51
N GLN FC 122 85.86 -97.09 -22.62
CA GLN FC 122 85.41 -96.61 -23.92
C GLN FC 122 86.21 -95.37 -24.34
N TRP FC 123 87.49 -95.61 -24.59
CA TRP FC 123 88.39 -94.55 -25.02
C TRP FC 123 88.26 -94.33 -26.53
N ALA GC 1 31.51 124.67 22.59
CA ALA GC 1 32.81 125.33 22.53
C ALA GC 1 33.90 124.42 23.08
N ALA GC 2 35.12 124.94 23.20
CA ALA GC 2 36.20 124.16 23.78
C ALA GC 2 35.90 123.82 25.23
N ARG GC 3 36.13 122.57 25.60
CA ARG GC 3 35.82 122.12 26.95
C ARG GC 3 36.66 122.86 27.97
N SER GC 4 36.04 123.29 29.06
CA SER GC 4 36.71 124.05 30.10
C SER GC 4 36.05 123.73 31.43
N SER GC 5 36.30 124.57 32.42
CA SER GC 5 35.71 124.39 33.74
C SER GC 5 34.37 125.10 33.83
N ILE GC 6 33.52 124.63 34.74
CA ILE GC 6 32.21 125.23 34.98
C ILE GC 6 32.05 125.44 36.48
N VAL GC 7 31.20 126.41 36.83
CA VAL GC 7 31.19 126.98 38.18
C VAL GC 7 29.78 126.80 38.74
N LEU GC 8 29.17 125.65 38.45
CA LEU GC 8 27.85 125.31 39.00
C LEU GC 8 27.70 125.78 40.44
N THR GC 9 26.64 126.53 40.70
CA THR GC 9 26.43 127.18 41.98
C THR GC 9 24.96 127.13 42.35
N ASP GC 10 24.67 127.50 43.59
CA ASP GC 10 23.29 127.63 44.06
C ASP GC 10 23.13 128.90 44.89
N GLY GC 11 23.99 129.89 44.64
CA GLY GC 11 23.87 131.17 45.31
C GLY GC 11 24.82 131.34 46.47
N THR GC 12 25.13 130.25 47.18
CA THR GC 12 25.96 130.35 48.37
C THR GC 12 27.22 129.49 48.31
N THR GC 13 27.16 128.31 47.71
CA THR GC 13 28.31 127.40 47.67
C THR GC 13 28.59 126.99 46.23
N PRO GC 14 29.38 127.77 45.50
CA PRO GC 14 29.75 127.38 44.14
C PRO GC 14 30.61 126.13 44.14
N VAL GC 15 30.51 125.39 43.03
CA VAL GC 15 31.28 124.17 42.82
C VAL GC 15 31.98 124.28 41.49
N THR GC 16 33.30 124.14 41.49
CA THR GC 16 34.09 124.19 40.26
C THR GC 16 34.27 122.77 39.75
N LEU GC 17 33.81 122.51 38.53
CA LEU GC 17 33.94 121.21 37.91
C LEU GC 17 34.93 121.30 36.75
N THR GC 18 35.66 120.22 36.52
CA THR GC 18 36.67 120.15 35.48
C THR GC 18 36.41 118.91 34.64
N PRO GC 19 36.73 118.96 33.35
CA PRO GC 19 36.50 117.78 32.48
C PRO GC 19 37.55 116.72 32.68
N VAL GC 20 37.15 115.52 33.10
CA VAL GC 20 38.11 114.47 33.42
C VAL GC 20 37.79 113.21 32.62
N GLY GC 21 37.19 113.37 31.45
CA GLY GC 21 36.88 112.23 30.62
C GLY GC 21 35.85 112.60 29.57
N GLY GC 22 35.28 111.54 28.98
CA GLY GC 22 34.25 111.73 27.98
C GLY GC 22 34.52 110.97 26.70
N GLY GC 23 34.27 111.61 25.57
CA GLY GC 23 34.48 110.96 24.28
C GLY GC 23 33.93 111.82 23.16
N VAL GC 24 33.32 111.16 22.18
CA VAL GC 24 32.64 111.84 21.09
C VAL GC 24 31.16 111.94 21.47
N GLY GC 25 30.66 113.16 21.54
CA GLY GC 25 29.30 113.39 22.01
C GLY GC 25 29.12 113.04 23.47
N GLN GC 26 30.09 113.43 24.30
CA GLN GC 26 30.06 113.18 25.74
C GLN GC 26 31.19 113.95 26.38
N THR GC 27 30.96 114.42 27.61
CA THR GC 27 31.98 115.16 28.35
C THR GC 27 31.70 115.04 29.84
N LEU GC 28 32.42 114.13 30.50
CA LEU GC 28 32.29 114.01 31.95
C LEU GC 28 32.91 115.21 32.65
N TYR GC 29 32.39 115.52 33.83
CA TYR GC 29 32.93 116.55 34.70
C TYR GC 29 33.04 115.99 36.10
N ARG GC 30 33.93 116.59 36.89
CA ARG GC 30 34.01 116.22 38.30
C ARG GC 30 34.54 117.41 39.08
N ALA GC 31 34.06 117.57 40.31
CA ALA GC 31 34.55 118.65 41.16
C ALA GC 31 35.99 118.40 41.53
N THR GC 32 36.77 119.49 41.64
CA THR GC 32 38.20 119.38 41.86
C THR GC 32 38.49 118.56 43.12
N ALA GC 33 38.09 119.09 44.27
CA ALA GC 33 38.19 118.34 45.53
C ALA GC 33 37.30 119.02 46.56
N GLU GC 34 36.26 118.32 47.01
CA GLU GC 34 35.48 118.84 48.14
C GLU GC 34 36.15 118.47 49.46
N ALA GC 35 36.15 117.19 49.81
CA ALA GC 35 36.92 116.70 50.95
C ALA GC 35 37.58 115.34 50.72
N LEU GC 36 37.16 114.58 49.72
CA LEU GC 36 37.69 113.25 49.43
C LEU GC 36 37.09 112.82 48.09
N SER GC 37 37.39 111.61 47.67
CA SER GC 37 36.75 111.04 46.49
C SER GC 37 35.43 110.40 46.89
N ALA GC 38 34.56 110.22 45.90
CA ALA GC 38 33.18 109.75 46.02
C ALA GC 38 32.28 110.74 46.74
N ALA GC 39 32.83 111.86 47.22
CA ALA GC 39 32.06 112.94 47.81
C ALA GC 39 32.16 114.18 46.94
N ASN GC 40 32.29 113.98 45.64
CA ASN GC 40 32.46 115.06 44.67
C ASN GC 40 31.36 114.99 43.62
N PRO GC 41 30.66 116.09 43.35
CA PRO GC 41 29.59 116.06 42.34
C PRO GC 41 30.15 115.88 40.95
N SER GC 42 29.31 115.34 40.06
CA SER GC 42 29.68 115.14 38.68
C SER GC 42 28.56 115.65 37.78
N LEU GC 43 28.91 116.03 36.55
CA LEU GC 43 28.01 116.68 35.61
C LEU GC 43 28.12 116.06 34.22
N SER GC 44 27.89 114.75 34.14
CA SER GC 44 27.95 114.07 32.85
C SER GC 44 27.06 114.77 31.84
N PHE GC 45 27.58 114.97 30.63
CA PHE GC 45 26.89 115.76 29.62
C PHE GC 45 27.11 115.14 28.24
N GLY GC 46 26.05 114.64 27.63
CA GLY GC 46 26.13 114.07 26.29
C GLY GC 46 25.31 114.87 25.29
N TYR GC 47 25.53 114.54 24.02
CA TYR GC 47 24.87 115.23 22.92
C TYR GC 47 25.07 114.41 21.65
N ARG GC 48 24.03 114.36 20.83
CA ARG GC 48 24.11 113.58 19.60
C ARG GC 48 23.00 114.02 18.66
N PHE GC 49 23.15 113.67 17.38
CA PHE GC 49 22.16 113.95 16.35
C PHE GC 49 21.69 112.63 15.78
N THR GC 50 20.37 112.47 15.71
CA THR GC 50 19.79 111.29 15.05
C THR GC 50 19.72 111.51 13.56
N ASP GC 51 18.92 110.69 12.87
CA ASP GC 51 18.71 110.83 11.43
C ASP GC 51 18.52 112.29 11.01
N GLY GC 52 17.53 112.96 11.60
CA GLY GC 52 17.33 114.37 11.37
C GLY GC 52 18.18 115.22 12.29
N GLY GC 53 17.93 116.52 12.26
CA GLY GC 53 18.69 117.43 13.10
C GLY GC 53 18.18 117.49 14.53
N THR GC 54 17.67 116.37 15.03
CA THR GC 54 17.14 116.31 16.38
C THR GC 54 18.29 116.40 17.37
N ASN GC 55 18.51 117.59 17.91
CA ASN GC 55 19.63 117.86 18.79
C ASN GC 55 19.41 117.22 20.15
N ARG GC 56 19.54 115.90 20.24
CA ARG GC 56 19.21 115.16 21.46
C ARG GC 56 20.35 115.29 22.46
N GLN GC 57 20.38 116.42 23.15
CA GLN GC 57 21.32 116.62 24.24
C GLN GC 57 20.81 115.94 25.50
N SER GC 58 21.72 115.70 26.44
CA SER GC 58 21.36 115.03 27.69
C SER GC 58 22.33 115.45 28.78
N LEU GC 59 21.82 115.50 30.00
CA LEU GC 59 22.64 115.86 31.16
C LEU GC 59 22.36 114.90 32.30
N SER GC 60 23.27 114.89 33.26
CA SER GC 60 23.09 114.12 34.48
C SER GC 60 24.03 114.68 35.54
N TYR GC 61 23.46 115.32 36.56
CA TYR GC 61 24.22 115.88 37.66
C TYR GC 61 23.99 115.01 38.88
N LYS GC 62 25.06 114.50 39.46
CA LYS GC 62 25.00 113.61 40.61
C LYS GC 62 25.77 114.23 41.75
N GLN GC 63 25.08 114.49 42.86
CA GLN GC 63 25.70 115.04 44.05
C GLN GC 63 25.60 114.03 45.19
N PRO GC 64 26.70 113.53 45.73
CA PRO GC 64 26.62 112.49 46.75
C PRO GC 64 26.42 113.04 48.15
N ILE GC 65 25.67 112.29 48.94
CA ILE GC 65 25.27 112.68 50.28
C ILE GC 65 26.25 112.05 51.26
N THR GC 66 27.07 112.88 51.90
CA THR GC 66 28.12 112.39 52.78
C THR GC 66 27.77 112.69 54.22
N ALA GC 67 28.23 111.81 55.12
CA ALA GC 67 27.90 111.92 56.53
C ALA GC 67 29.00 111.25 57.34
N VAL GC 68 29.23 111.77 58.56
CA VAL GC 68 30.28 111.25 59.42
C VAL GC 68 29.87 109.89 59.98
N ASP GC 69 30.87 109.10 60.34
CA ASP GC 69 30.70 107.74 60.85
C ASP GC 69 31.42 107.61 62.19
N SER GC 70 31.07 108.50 63.13
CA SER GC 70 31.77 108.73 64.39
C SER GC 70 32.29 107.47 65.08
N THR GC 71 31.59 106.35 64.93
CA THR GC 71 32.13 105.08 65.42
C THR GC 71 33.50 104.79 64.81
N THR GC 72 33.75 105.26 63.59
CA THR GC 72 35.06 105.19 62.96
C THR GC 72 35.59 106.55 62.53
N SER GC 73 34.73 107.57 62.49
CA SER GC 73 35.10 108.94 62.12
C SER GC 73 35.56 109.05 60.66
N GLU GC 74 35.10 108.15 59.80
CA GLU GC 74 35.41 108.17 58.38
C GLU GC 74 34.20 108.64 57.60
N THR GC 75 34.40 109.63 56.74
CA THR GC 75 33.30 110.35 56.10
C THR GC 75 32.71 109.51 54.96
N LEU GC 76 31.91 108.52 55.35
CA LEU GC 76 31.29 107.64 54.38
C LEU GC 76 30.17 108.36 53.62
N VAL GC 77 29.89 107.87 52.42
CA VAL GC 77 28.83 108.41 51.57
C VAL GC 77 27.66 107.43 51.55
N ARG GC 78 26.45 107.95 51.75
CA ARG GC 78 25.26 107.12 51.85
C ARG GC 78 24.62 106.87 50.48
N GLY GC 79 24.21 107.94 49.79
CA GLY GC 79 23.60 107.82 48.48
C GLY GC 79 23.91 109.03 47.63
N GLN GC 80 23.09 109.30 46.60
CA GLN GC 80 23.33 110.43 45.74
C GLN GC 80 22.01 111.02 45.25
N CYS GC 81 22.02 112.32 44.99
CA CYS GC 81 20.90 113.01 44.37
C CYS GC 81 21.21 113.18 42.88
N VAL GC 82 20.26 112.79 42.04
CA VAL GC 82 20.46 112.71 40.59
C VAL GC 82 19.45 113.62 39.92
N VAL GC 83 19.94 114.49 39.03
CA VAL GC 83 19.09 115.36 38.23
C VAL GC 83 19.43 115.14 36.77
N ASP GC 84 18.45 114.71 35.97
CA ASP GC 84 18.64 114.47 34.55
C ASP GC 84 17.85 115.50 33.76
N ILE GC 85 18.53 116.31 32.97
CA ILE GC 85 17.87 117.28 32.12
C ILE GC 85 18.04 116.91 30.66
N ASN GC 86 17.10 116.15 30.11
CA ASN GC 86 17.15 115.80 28.71
C ASN GC 86 16.51 116.89 27.86
N ILE GC 87 17.11 117.13 26.70
CA ILE GC 87 16.63 118.15 25.77
C ILE GC 87 16.56 117.55 24.39
N VAL GC 88 15.44 117.74 23.71
CA VAL GC 88 15.26 117.29 22.34
C VAL GC 88 14.69 118.43 21.52
N ILE GC 89 15.42 118.87 20.50
CA ILE GC 89 14.99 119.93 19.61
C ILE GC 89 15.04 119.39 18.19
N PRO GC 90 13.93 119.37 17.46
CA PRO GC 90 13.94 118.79 16.11
C PRO GC 90 14.63 119.70 15.10
N ARG GC 91 14.83 119.16 13.90
CA ARG GC 91 15.48 119.91 12.85
C ARG GC 91 14.63 121.10 12.39
N VAL GC 92 13.31 120.97 12.47
CA VAL GC 92 12.39 121.98 11.96
C VAL GC 92 12.35 123.19 12.89
N ALA GC 93 13.13 123.14 13.97
CA ALA GC 93 13.11 124.20 14.97
C ALA GC 93 13.92 125.40 14.49
N THR GC 94 13.32 126.58 14.61
CA THR GC 94 14.08 127.80 14.34
C THR GC 94 15.01 128.09 15.50
N ALA GC 95 15.86 129.11 15.33
CA ALA GC 95 16.81 129.46 16.36
C ALA GC 95 16.16 130.14 17.56
N THR GC 96 14.90 130.56 17.46
CA THR GC 96 14.23 131.23 18.55
C THR GC 96 13.32 130.31 19.35
N ASP GC 97 12.80 129.25 18.73
CA ASP GC 97 12.02 128.28 19.48
C ASP GC 97 12.89 127.49 20.45
N ARG GC 98 14.13 127.19 20.05
CA ARG GC 98 15.01 126.42 20.91
C ARG GC 98 15.35 127.18 22.19
N ALA GC 99 15.77 128.44 22.06
CA ALA GC 99 16.10 129.23 23.24
C ALA GC 99 14.87 129.45 24.11
N GLU GC 100 13.72 129.74 23.49
CA GLU GC 100 12.48 129.91 24.22
C GLU GC 100 12.16 128.67 25.05
N ALA GC 101 12.18 127.50 24.40
CA ALA GC 101 11.84 126.27 25.10
C ALA GC 101 12.81 125.98 26.24
N ILE GC 102 14.12 126.13 25.98
CA ILE GC 102 15.11 125.79 27.00
C ILE GC 102 14.94 126.70 28.21
N LYS GC 103 14.87 128.01 27.99
CA LYS GC 103 14.77 128.93 29.11
C LYS GC 103 13.46 128.75 29.86
N ARG GC 104 12.36 128.52 29.14
CA ARG GC 104 11.08 128.33 29.83
C ARG GC 104 11.10 127.07 30.68
N ALA GC 105 11.62 125.96 30.14
CA ALA GC 105 11.68 124.73 30.91
C ALA GC 105 12.61 124.84 32.09
N PHE GC 106 13.68 125.64 31.98
CA PHE GC 106 14.54 125.84 33.14
C PHE GC 106 13.96 126.84 34.14
N ASP GC 107 12.96 127.61 33.74
CA ASP GC 107 12.28 128.49 34.69
C ASP GC 107 11.30 127.76 35.59
N VAL GC 108 11.21 126.43 35.49
CA VAL GC 108 10.26 125.68 36.29
C VAL GC 108 10.55 125.86 37.77
N LEU GC 109 11.83 125.74 38.16
CA LEU GC 109 12.18 125.85 39.57
C LEU GC 109 11.76 127.19 40.15
N ASN GC 110 11.88 128.26 39.36
CA ASN GC 110 11.35 129.55 39.80
C ASN GC 110 9.82 129.50 39.91
N ALA GC 111 9.16 128.85 38.95
CA ALA GC 111 7.70 128.80 38.96
C ALA GC 111 7.18 127.71 39.90
N LEU GC 112 7.50 126.46 39.61
CA LEU GC 112 7.00 125.31 40.38
C LEU GC 112 7.99 124.95 41.49
N ASN GC 113 8.16 125.89 42.43
CA ASN GC 113 9.28 125.82 43.35
C ASN GC 113 9.04 124.79 44.46
N ALA GC 114 7.99 124.99 45.25
CA ALA GC 114 7.86 124.28 46.52
C ALA GC 114 7.79 122.77 46.38
N GLU GC 115 7.34 122.26 45.24
CA GLU GC 115 7.25 120.81 45.05
C GLU GC 115 8.57 120.18 44.64
N LEU GC 116 9.54 120.97 44.20
CA LEU GC 116 10.86 120.47 43.84
C LEU GC 116 11.86 120.59 44.97
N ILE GC 117 11.97 121.79 45.55
CA ILE GC 117 12.95 122.02 46.61
C ILE GC 117 12.61 121.18 47.84
N THR GC 118 11.34 121.22 48.26
CA THR GC 118 10.95 120.63 49.53
C THR GC 118 10.54 119.17 49.39
N GLY GC 119 10.06 118.75 48.24
CA GLY GC 119 9.68 117.37 48.02
C GLY GC 119 8.23 117.04 48.33
N GLU GC 120 7.43 118.00 48.75
CA GLU GC 120 6.04 117.73 49.07
C GLU GC 120 5.25 117.37 47.81
N GLY GC 121 4.27 116.50 47.99
CA GLY GC 121 3.42 116.07 46.91
C GLY GC 121 2.15 116.89 46.87
N GLN GC 122 1.97 117.62 45.76
CA GLN GC 122 0.83 118.50 45.65
C GLN GC 122 -0.48 117.72 45.61
N TRP GC 123 -1.51 118.33 46.20
CA TRP GC 123 -2.81 117.68 46.32
C TRP GC 123 -3.85 118.32 45.42
N ALA HC 1 44.95 124.56 35.77
CA ALA HC 1 45.23 123.23 35.26
C ALA HC 1 44.95 123.14 33.77
N ALA HC 2 45.15 124.25 33.07
CA ALA HC 2 45.04 124.28 31.62
C ALA HC 2 46.35 123.85 30.98
N ARG HC 3 46.26 123.47 29.71
CA ARG HC 3 47.44 122.95 29.01
C ARG HC 3 48.35 124.10 28.59
N SER HC 4 49.58 124.06 29.09
CA SER HC 4 50.60 125.05 28.72
C SER HC 4 51.96 124.36 28.80
N SER HC 5 53.00 125.09 28.40
CA SER HC 5 54.35 124.54 28.40
C SER HC 5 54.82 124.30 29.82
N ILE HC 6 55.50 123.17 30.03
CA ILE HC 6 56.06 122.81 31.32
C ILE HC 6 57.58 122.75 31.21
N VAL HC 7 58.25 122.93 32.33
CA VAL HC 7 59.67 123.25 32.35
C VAL HC 7 60.45 122.20 33.13
N LEU HC 8 60.07 120.92 32.97
CA LEU HC 8 60.81 119.80 33.55
C LEU HC 8 62.30 120.05 33.56
N THR HC 9 62.93 119.89 34.73
CA THR HC 9 64.34 120.17 34.87
C THR HC 9 64.94 119.24 35.92
N ASP HC 10 66.25 119.03 35.81
CA ASP HC 10 67.00 118.22 36.76
C ASP HC 10 67.87 119.06 37.68
N GLY HC 11 67.91 120.38 37.48
CA GLY HC 11 68.76 121.24 38.27
C GLY HC 11 69.83 121.89 37.42
N THR HC 12 70.35 121.15 36.44
CA THR HC 12 71.41 121.66 35.59
C THR HC 12 70.87 122.25 34.28
N THR HC 13 70.16 121.44 33.50
CA THR HC 13 69.67 121.85 32.20
C THR HC 13 68.15 121.69 32.16
N PRO HC 14 67.38 122.77 32.15
CA PRO HC 14 65.93 122.64 32.01
C PRO HC 14 65.53 122.36 30.58
N VAL HC 15 64.48 121.55 30.42
CA VAL HC 15 63.89 121.28 29.12
C VAL HC 15 62.43 121.71 29.15
N THR HC 16 62.00 122.46 28.15
CA THR HC 16 60.66 123.01 28.08
C THR HC 16 59.83 122.17 27.12
N LEU HC 17 58.83 121.47 27.64
CA LEU HC 17 57.94 120.66 26.83
C LEU HC 17 56.67 121.44 26.55
N THR HC 18 56.27 121.48 25.28
CA THR HC 18 55.03 122.13 24.89
C THR HC 18 54.00 121.10 24.45
N PRO HC 19 52.72 121.35 24.65
CA PRO HC 19 51.71 120.36 24.23
C PRO HC 19 51.72 120.15 22.73
N VAL HC 20 51.49 118.91 22.32
CA VAL HC 20 51.40 118.56 20.90
C VAL HC 20 50.15 117.74 20.66
N GLY HC 21 49.19 117.82 21.55
CA GLY HC 21 47.91 117.18 21.30
C GLY HC 21 47.32 116.39 22.44
N GLY HC 22 46.55 115.37 22.11
CA GLY HC 22 46.02 114.45 23.09
C GLY HC 22 44.51 114.40 23.19
N GLY HC 23 43.86 115.55 23.18
CA GLY HC 23 42.41 115.56 23.35
C GLY HC 23 42.00 115.41 24.80
N VAL HC 24 40.83 114.80 25.04
CA VAL HC 24 40.29 114.65 26.38
C VAL HC 24 40.78 113.34 26.97
N GLY HC 25 41.11 113.36 28.25
CA GLY HC 25 41.62 112.18 28.91
C GLY HC 25 43.11 111.95 28.77
N GLN HC 26 43.83 112.82 28.08
CA GLN HC 26 45.27 112.69 27.95
C GLN HC 26 45.85 114.00 27.43
N THR HC 27 47.17 114.08 27.45
CA THR HC 27 47.88 115.26 26.95
C THR HC 27 49.28 114.84 26.58
N LEU HC 28 49.65 115.04 25.32
CA LEU HC 28 51.00 114.74 24.85
C LEU HC 28 51.85 116.00 24.90
N TYR HC 29 53.08 115.85 25.38
CA TYR HC 29 54.03 116.94 25.41
C TYR HC 29 55.24 116.58 24.58
N ARG HC 30 55.98 117.61 24.17
CA ARG HC 30 57.24 117.39 23.46
C ARG HC 30 58.06 118.67 23.44
N ALA HC 31 59.37 118.57 23.62
CA ALA HC 31 60.25 119.72 23.54
C ALA HC 31 60.54 120.05 22.08
N THR HC 32 61.28 121.13 21.85
CA THR HC 32 61.63 121.49 20.48
C THR HC 32 62.83 120.70 19.99
N ALA HC 33 64.01 120.97 20.55
CA ALA HC 33 65.28 120.36 20.16
C ALA HC 33 65.33 120.12 18.65
N GLU HC 34 64.98 121.16 17.91
CA GLU HC 34 64.68 121.04 16.49
C GLU HC 34 65.89 120.52 15.72
N ALA HC 35 65.62 119.82 14.62
CA ALA HC 35 66.67 119.31 13.75
C ALA HC 35 67.62 118.38 14.54
N LEU HC 36 67.08 117.22 14.89
CA LEU HC 36 65.90 116.57 14.36
C LEU HC 36 64.68 116.73 15.26
N SER HC 37 63.49 116.58 14.69
CA SER HC 37 62.24 116.76 15.43
C SER HC 37 61.85 115.55 16.25
N ALA HC 38 62.37 114.38 15.94
CA ALA HC 38 62.08 113.16 16.70
C ALA HC 38 63.09 112.89 17.80
N ALA HC 39 64.12 113.71 17.91
CA ALA HC 39 65.15 113.55 18.94
C ALA HC 39 64.96 114.56 20.07
N ASN HC 40 63.84 114.45 20.78
CA ASN HC 40 63.57 115.30 21.93
C ASN HC 40 62.59 114.60 22.85
N PRO HC 41 62.63 114.90 24.15
CA PRO HC 41 61.81 114.16 25.12
C PRO HC 41 60.32 114.42 24.96
N SER HC 42 59.53 113.50 25.51
CA SER HC 42 58.08 113.59 25.46
C SER HC 42 57.52 113.10 26.78
N LEU HC 43 56.31 113.57 27.11
CA LEU HC 43 55.69 113.36 28.42
C LEU HC 43 54.22 112.93 28.30
N SER HC 44 53.98 111.84 27.59
CA SER HC 44 52.60 111.38 27.42
C SER HC 44 51.91 111.20 28.77
N PHE HC 45 50.90 112.03 29.04
CA PHE HC 45 50.23 112.06 30.33
C PHE HC 45 48.74 111.85 30.14
N GLY HC 46 48.21 110.75 30.69
CA GLY HC 46 46.80 110.46 30.62
C GLY HC 46 46.18 110.31 31.99
N TYR HC 47 44.85 110.33 32.02
CA TYR HC 47 44.08 110.27 33.26
C TYR HC 47 42.65 109.90 32.94
N ARG HC 48 42.01 109.19 33.85
CA ARG HC 48 40.63 108.76 33.65
C ARG HC 48 40.05 108.38 35.01
N PHE HC 49 38.72 108.22 35.04
CA PHE HC 49 38.01 107.75 36.22
C PHE HC 49 37.20 106.53 35.84
N THR HC 50 37.36 105.45 36.60
CA THR HC 50 36.69 104.19 36.31
C THR HC 50 35.26 104.25 36.84
N ASP HC 51 34.62 103.08 36.93
CA ASP HC 51 33.25 102.99 37.42
C ASP HC 51 33.10 103.69 38.76
N GLY HC 52 34.06 103.51 39.66
CA GLY HC 52 34.04 104.22 40.91
C GLY HC 52 34.69 105.59 40.80
N GLY HC 53 35.38 106.01 41.85
CA GLY HC 53 36.14 107.25 41.79
C GLY HC 53 37.61 106.97 41.65
N THR HC 54 37.94 105.76 41.19
CA THR HC 54 39.32 105.31 41.10
C THR HC 54 40.03 106.11 40.02
N ASN HC 55 40.81 107.10 40.44
CA ASN HC 55 41.54 107.96 39.53
C ASN HC 55 42.79 107.22 39.08
N ARG HC 56 42.87 106.92 37.79
CA ARG HC 56 44.02 106.19 37.23
C ARG HC 56 44.82 107.14 36.35
N GLN HC 57 45.77 107.84 36.96
CA GLN HC 57 46.65 108.69 36.21
C GLN HC 57 47.85 107.90 35.70
N SER HC 58 48.47 108.38 34.62
CA SER HC 58 49.55 107.65 34.00
C SER HC 58 50.49 108.59 33.25
N LEU HC 59 51.77 108.55 33.56
CA LEU HC 59 52.75 109.38 32.87
C LEU HC 59 53.80 108.49 32.23
N SER HC 60 54.28 108.92 31.07
CA SER HC 60 55.34 108.20 30.37
C SER HC 60 56.27 109.24 29.78
N TYR HC 61 57.47 109.35 30.33
CA TYR HC 61 58.48 110.31 29.91
C TYR HC 61 59.55 109.56 29.16
N LYS HC 62 59.75 109.91 27.90
CA LYS HC 62 60.77 109.29 27.06
C LYS HC 62 61.78 110.33 26.64
N GLN HC 63 63.06 110.04 26.87
CA GLN HC 63 64.13 110.91 26.45
C GLN HC 63 65.04 110.16 25.49
N PRO HC 64 65.15 110.57 24.23
CA PRO HC 64 66.00 109.85 23.29
C PRO HC 64 67.46 110.25 23.41
N ILE HC 65 68.32 109.30 23.10
CA ILE HC 65 69.77 109.47 23.21
C ILE HC 65 70.29 109.84 21.83
N THR HC 66 70.78 111.06 21.69
CA THR HC 66 71.21 111.60 20.41
C THR HC 66 72.71 111.42 20.24
N ALA HC 67 73.17 111.59 19.00
CA ALA HC 67 74.59 111.49 18.69
C ALA HC 67 74.83 112.23 17.38
N VAL HC 68 75.45 113.41 17.46
CA VAL HC 68 75.66 114.24 16.27
C VAL HC 68 76.78 113.61 15.44
N ASP HC 69 76.43 113.07 14.29
CA ASP HC 69 77.38 112.40 13.40
C ASP HC 69 78.15 113.47 12.64
N SER HC 70 79.36 113.78 13.12
CA SER HC 70 80.14 114.87 12.55
C SER HC 70 80.51 114.65 11.09
N THR HC 71 80.60 113.39 10.65
CA THR HC 71 80.90 113.11 9.26
C THR HC 71 79.83 113.66 8.33
N THR HC 72 78.58 113.33 8.60
CA THR HC 72 77.45 113.73 7.78
C THR HC 72 76.74 114.98 8.32
N SER HC 73 76.94 115.29 9.61
CA SER HC 73 76.30 116.43 10.28
C SER HC 73 74.78 116.23 10.33
N GLU HC 74 74.38 115.09 10.88
CA GLU HC 74 72.98 114.79 11.13
C GLU HC 74 72.87 114.13 12.49
N THR HC 75 71.73 114.35 13.15
CA THR HC 75 71.51 113.78 14.48
C THR HC 75 70.92 112.38 14.34
N LEU HC 76 71.53 111.42 15.02
CA LEU HC 76 71.08 110.04 15.02
C LEU HC 76 70.52 109.69 16.38
N VAL HC 77 69.49 108.85 16.39
CA VAL HC 77 68.82 108.45 17.61
C VAL HC 77 69.18 107.00 17.89
N ARG HC 78 69.83 106.76 19.03
CA ARG HC 78 70.34 105.44 19.37
C ARG HC 78 69.40 104.64 20.24
N GLY HC 79 68.54 105.31 20.99
CA GLY HC 79 67.61 104.62 21.88
C GLY HC 79 66.89 105.65 22.71
N GLN HC 80 66.14 105.19 23.71
CA GLN HC 80 65.44 106.12 24.57
C GLN HC 80 65.33 105.58 25.98
N CYS HC 81 65.55 106.45 26.95
CA CYS HC 81 65.28 106.16 28.34
C CYS HC 81 63.80 106.44 28.61
N VAL HC 82 63.11 105.44 29.14
CA VAL HC 82 61.67 105.50 29.36
C VAL HC 82 61.39 105.41 30.84
N VAL HC 83 60.56 106.30 31.36
CA VAL HC 83 60.15 106.28 32.76
C VAL HC 83 58.62 106.32 32.78
N ASP HC 84 58.00 105.27 33.29
CA ASP HC 84 56.55 105.20 33.44
C ASP HC 84 56.18 105.38 34.89
N ILE HC 85 55.13 106.14 35.14
CA ILE HC 85 54.64 106.41 36.49
C ILE HC 85 53.13 106.24 36.46
N ASN HC 86 52.65 105.11 36.94
CA ASN HC 86 51.21 104.91 37.07
C ASN HC 86 50.77 105.21 38.49
N ILE HC 87 49.65 105.93 38.60
CA ILE HC 87 49.11 106.33 39.89
C ILE HC 87 47.67 105.86 39.95
N VAL HC 88 47.34 105.05 40.95
CA VAL HC 88 45.99 104.58 41.15
C VAL HC 88 45.52 105.12 42.50
N ILE HC 89 44.39 105.81 42.50
CA ILE HC 89 43.85 106.35 43.74
C ILE HC 89 42.43 105.81 43.91
N PRO HC 90 42.14 105.08 44.97
CA PRO HC 90 40.83 104.43 45.09
C PRO HC 90 39.71 105.43 45.36
N ARG HC 91 38.48 104.91 45.36
CA ARG HC 91 37.31 105.74 45.58
C ARG HC 91 37.25 106.31 46.99
N VAL HC 92 37.92 105.69 47.95
CA VAL HC 92 37.77 106.02 49.36
C VAL HC 92 38.91 106.87 49.89
N ALA HC 93 39.72 107.47 49.01
CA ALA HC 93 40.94 108.15 49.42
C ALA HC 93 40.65 109.60 49.77
N THR HC 94 41.09 110.02 50.94
CA THR HC 94 40.95 111.40 51.36
C THR HC 94 41.86 112.31 50.51
N ALA HC 95 41.54 113.60 50.50
CA ALA HC 95 42.27 114.55 49.68
C ALA HC 95 43.69 114.80 50.16
N THR HC 96 43.99 114.56 51.44
CA THR HC 96 45.36 114.70 51.94
C THR HC 96 46.15 113.42 51.89
N ASP HC 97 45.48 112.27 51.93
CA ASP HC 97 46.18 111.00 51.73
C ASP HC 97 46.70 110.87 50.31
N ARG HC 98 45.99 111.44 49.34
CA ARG HC 98 46.52 111.52 47.98
C ARG HC 98 47.85 112.24 47.95
N ALA HC 99 47.91 113.43 48.56
CA ALA HC 99 49.16 114.18 48.57
C ALA HC 99 50.25 113.42 49.30
N GLU HC 100 49.91 112.82 50.45
CA GLU HC 100 50.89 112.03 51.19
C GLU HC 100 51.47 110.93 50.31
N ALA HC 101 50.60 110.12 49.70
CA ALA HC 101 51.07 108.99 48.91
C ALA HC 101 51.90 109.45 47.72
N ILE HC 102 51.44 110.47 47.00
CA ILE HC 102 52.14 110.90 45.79
C ILE HC 102 53.51 111.48 46.16
N LYS HC 103 53.54 112.40 47.12
CA LYS HC 103 54.81 113.03 47.47
C LYS HC 103 55.76 112.04 48.14
N ARG HC 104 55.25 110.98 48.77
CA ARG HC 104 56.14 109.97 49.30
C ARG HC 104 56.70 109.08 48.21
N ALA HC 105 55.87 108.70 47.24
CA ALA HC 105 56.35 107.87 46.14
C ALA HC 105 57.38 108.61 45.30
N PHE HC 106 57.13 109.90 45.03
CA PHE HC 106 58.11 110.68 44.28
C PHE HC 106 59.32 111.07 45.11
N ASP HC 107 59.31 110.79 46.41
CA ASP HC 107 60.48 111.04 47.25
C ASP HC 107 61.44 109.85 47.28
N VAL HC 108 61.16 108.80 46.50
CA VAL HC 108 62.07 107.67 46.44
C VAL HC 108 63.43 108.10 45.93
N LEU HC 109 63.44 108.96 44.91
CA LEU HC 109 64.70 109.40 44.31
C LEU HC 109 65.64 110.01 45.34
N ASN HC 110 65.10 110.62 46.39
CA ASN HC 110 65.94 111.12 47.47
C ASN HC 110 66.30 110.04 48.48
N ALA HC 111 65.52 108.96 48.55
CA ALA HC 111 65.83 107.88 49.47
C ALA HC 111 66.64 106.80 48.77
N LEU HC 112 66.10 106.24 47.69
CA LEU HC 112 66.77 105.18 46.93
C LEU HC 112 67.56 105.80 45.78
N ASN HC 113 68.46 106.71 46.14
CA ASN HC 113 69.10 107.57 45.16
C ASN HC 113 70.15 106.81 44.35
N ALA HC 114 71.13 106.22 45.02
CA ALA HC 114 72.24 105.60 44.31
C ALA HC 114 71.80 104.41 43.46
N GLU HC 115 70.69 103.77 43.82
CA GLU HC 115 70.19 102.67 43.03
C GLU HC 115 69.49 103.11 41.75
N LEU HC 116 69.26 104.41 41.58
CA LEU HC 116 68.57 104.93 40.41
C LEU HC 116 69.44 105.85 39.57
N ILE HC 117 70.10 106.81 40.21
CA ILE HC 117 70.90 107.78 39.46
C ILE HC 117 72.10 107.11 38.78
N THR HC 118 72.79 106.22 39.51
CA THR HC 118 73.97 105.56 38.97
C THR HC 118 73.69 104.18 38.41
N GLY HC 119 72.62 103.52 38.85
CA GLY HC 119 72.26 102.22 38.33
C GLY HC 119 72.77 101.04 39.12
N GLU HC 120 73.30 101.26 40.32
CA GLU HC 120 73.81 100.17 41.14
C GLU HC 120 72.67 99.25 41.56
N GLY HC 121 73.05 98.19 42.26
CA GLY HC 121 72.08 97.37 42.97
C GLY HC 121 72.54 97.24 44.40
N GLN HC 122 71.57 97.20 45.31
CA GLN HC 122 71.91 97.13 46.72
C GLN HC 122 72.34 95.72 47.10
N TRP HC 123 73.42 95.63 47.86
CA TRP HC 123 74.01 94.35 48.20
C TRP HC 123 73.73 93.92 49.63
N ALA IC 1 74.07 101.47 48.01
CA ALA IC 1 74.61 100.90 49.24
C ALA IC 1 73.79 99.68 49.66
N ALA IC 2 74.11 99.13 50.82
CA ALA IC 2 73.44 97.93 51.28
C ALA IC 2 72.00 98.23 51.68
N ARG IC 3 71.20 97.17 51.74
CA ARG IC 3 69.81 97.31 52.16
C ARG IC 3 69.75 97.93 53.56
N SER IC 4 69.19 99.13 53.67
CA SER IC 4 69.09 99.80 54.95
C SER IC 4 67.69 100.38 55.14
N SER IC 5 67.52 101.22 56.15
CA SER IC 5 66.23 101.84 56.43
C SER IC 5 66.12 103.15 55.66
N ILE IC 6 65.06 103.28 54.87
CA ILE IC 6 64.82 104.49 54.09
C ILE IC 6 63.78 105.34 54.82
N VAL IC 7 63.79 106.64 54.51
CA VAL IC 7 63.08 107.63 55.32
C VAL IC 7 62.09 108.35 54.38
N LEU IC 8 61.46 107.58 53.50
CA LEU IC 8 60.44 108.09 52.60
C LEU IC 8 59.53 109.08 53.32
N THR IC 9 59.50 110.32 52.82
CA THR IC 9 58.79 111.40 53.47
C THR IC 9 58.03 112.22 52.44
N ASP IC 10 57.39 113.29 52.90
CA ASP IC 10 56.72 114.22 52.00
C ASP IC 10 56.92 115.68 52.38
N GLY IC 11 57.80 115.97 53.34
CA GLY IC 11 58.02 117.30 53.83
C GLY IC 11 57.42 117.57 55.19
N THR IC 12 56.36 116.83 55.55
CA THR IC 12 55.71 116.99 56.85
C THR IC 12 55.76 115.72 57.68
N THR IC 13 55.33 114.58 57.13
CA THR IC 13 55.17 113.34 57.88
C THR IC 13 56.07 112.25 57.32
N PRO IC 14 57.27 112.07 57.85
CA PRO IC 14 58.16 111.01 57.36
C PRO IC 14 57.68 109.63 57.79
N VAL IC 15 58.11 108.64 57.02
CA VAL IC 15 57.85 107.23 57.33
C VAL IC 15 59.14 106.45 57.09
N THR IC 16 59.56 105.66 58.08
CA THR IC 16 60.78 104.88 57.98
C THR IC 16 60.42 103.44 57.61
N LEU IC 17 61.08 102.92 56.58
CA LEU IC 17 60.82 101.58 56.06
C LEU IC 17 62.09 100.75 56.15
N THR IC 18 61.96 99.52 56.67
CA THR IC 18 63.08 98.59 56.77
C THR IC 18 62.80 97.35 55.94
N PRO IC 19 63.83 96.78 55.29
CA PRO IC 19 63.59 95.67 54.38
C PRO IC 19 62.96 94.48 55.08
N VAL IC 20 62.01 93.83 54.40
CA VAL IC 20 61.27 92.73 54.99
C VAL IC 20 61.27 91.52 54.06
N GLY IC 21 62.26 91.42 53.21
CA GLY IC 21 62.36 90.23 52.38
C GLY IC 21 62.98 90.57 51.04
N GLY IC 22 62.57 89.82 50.03
CA GLY IC 22 63.05 90.01 48.68
C GLY IC 22 63.94 88.91 48.17
N GLY IC 23 65.11 89.26 47.65
CA GLY IC 23 66.04 88.31 47.09
C GLY IC 23 67.16 88.99 46.33
N VAL IC 24 67.46 88.50 45.13
CA VAL IC 24 68.43 89.13 44.25
C VAL IC 24 67.66 89.93 43.21
N GLY IC 25 68.01 91.20 43.05
CA GLY IC 25 67.24 92.07 42.19
C GLY IC 25 65.81 92.20 42.66
N GLN IC 26 65.63 92.34 43.97
CA GLN IC 26 64.33 92.49 44.59
C GLN IC 26 64.53 92.90 46.04
N THR IC 27 63.68 93.82 46.52
CA THR IC 27 63.84 94.33 47.88
C THR IC 27 62.48 94.86 48.35
N LEU IC 28 61.87 94.17 49.30
CA LEU IC 28 60.65 94.65 49.89
C LEU IC 28 60.96 95.71 50.95
N TYR IC 29 59.91 96.38 51.41
CA TYR IC 29 60.03 97.36 52.48
C TYR IC 29 58.70 97.39 53.23
N ARG IC 30 58.74 97.94 54.43
CA ARG IC 30 57.54 98.18 55.23
C ARG IC 30 57.94 99.00 56.45
N ALA IC 31 56.96 99.64 57.07
CA ALA IC 31 57.17 100.50 58.22
C ALA IC 31 56.91 99.73 59.52
N THR IC 32 56.88 100.47 60.64
CA THR IC 32 56.86 99.85 61.96
C THR IC 32 55.46 99.54 62.47
N ALA IC 33 54.45 100.34 62.11
CA ALA IC 33 53.11 100.14 62.65
C ALA IC 33 52.53 98.80 62.23
N GLU IC 34 51.62 98.26 63.03
CA GLU IC 34 51.13 96.89 62.87
C GLU IC 34 49.63 96.89 62.68
N ALA IC 35 49.16 96.13 61.70
CA ALA IC 35 47.74 96.01 61.42
C ALA IC 35 47.47 94.61 60.88
N LEU IC 36 46.21 94.33 60.56
CA LEU IC 36 45.77 92.98 60.24
C LEU IC 36 45.78 92.70 58.74
N SER IC 37 45.07 93.49 57.95
CA SER IC 37 44.97 93.26 56.51
C SER IC 37 46.08 93.97 55.75
N ALA IC 38 46.14 95.30 55.85
CA ALA IC 38 47.18 96.09 55.22
C ALA IC 38 47.93 96.83 56.31
N ALA IC 39 49.21 96.48 56.49
CA ALA IC 39 49.95 97.02 57.62
C ALA IC 39 50.41 98.46 57.35
N ASN IC 40 51.27 98.62 56.35
CA ASN IC 40 51.98 99.89 56.17
C ASN IC 40 52.29 100.13 54.70
N PRO IC 41 52.88 101.27 54.35
CA PRO IC 41 53.44 101.42 53.00
C PRO IC 41 54.49 100.36 52.72
N SER IC 42 54.47 99.82 51.50
CA SER IC 42 55.33 98.71 51.12
C SER IC 42 55.95 99.00 49.77
N LEU IC 43 57.19 99.50 49.79
CA LEU IC 43 57.89 99.92 48.58
C LEU IC 43 58.72 98.77 48.03
N SER IC 44 58.17 98.06 47.05
CA SER IC 44 58.92 96.99 46.41
C SER IC 44 59.79 97.56 45.30
N PHE IC 45 61.00 97.00 45.16
CA PHE IC 45 62.02 97.51 44.24
C PHE IC 45 62.58 96.32 43.47
N GLY IC 46 62.36 96.30 42.15
CA GLY IC 46 62.60 95.10 41.37
C GLY IC 46 63.60 95.18 40.24
N TYR IC 47 64.75 95.80 40.48
CA TYR IC 47 65.74 96.01 39.43
C TYR IC 47 66.24 94.69 38.85
N ARG IC 48 66.68 94.73 37.60
CA ARG IC 48 67.25 93.59 36.91
C ARG IC 48 67.96 94.10 35.65
N PHE IC 49 68.52 93.17 34.88
CA PHE IC 49 69.15 93.46 33.60
C PHE IC 49 68.52 92.57 32.54
N THR IC 50 69.00 92.71 31.30
CA THR IC 50 68.37 92.05 30.16
C THR IC 50 69.48 91.67 29.19
N ASP IC 51 69.11 91.39 27.93
CA ASP IC 51 70.06 90.96 26.91
C ASP IC 51 71.20 91.97 26.78
N GLY IC 52 70.86 93.24 26.65
CA GLY IC 52 71.84 94.31 26.65
C GLY IC 52 72.07 94.84 28.04
N GLY IC 53 72.51 96.09 28.10
CA GLY IC 53 72.64 96.76 29.37
C GLY IC 53 71.32 97.40 29.77
N THR IC 54 70.22 96.78 29.34
CA THR IC 54 68.89 97.35 29.53
C THR IC 54 68.49 97.26 30.99
N ASN IC 55 68.92 98.23 31.78
CA ASN IC 55 68.65 98.22 33.21
C ASN IC 55 67.17 98.45 33.42
N ARG IC 56 66.43 97.38 33.62
CA ARG IC 56 64.97 97.43 33.67
C ARG IC 56 64.50 97.49 35.12
N GLN IC 57 64.79 98.62 35.75
CA GLN IC 57 64.35 98.82 37.14
C GLN IC 57 62.84 98.94 37.21
N SER IC 58 62.30 98.78 38.41
CA SER IC 58 60.86 98.78 38.62
C SER IC 58 60.58 98.99 40.09
N LEU IC 59 59.57 99.79 40.40
CA LEU IC 59 59.20 100.11 41.77
C LEU IC 59 57.70 99.98 41.93
N SER IC 60 57.27 99.94 43.18
CA SER IC 60 55.85 100.00 43.51
C SER IC 60 55.67 100.40 44.96
N TYR IC 61 55.05 101.56 45.20
CA TYR IC 61 54.87 102.09 46.54
C TYR IC 61 53.38 102.09 46.86
N LYS IC 62 52.96 101.23 47.78
CA LYS IC 62 51.58 101.15 48.20
C LYS IC 62 51.45 101.75 49.60
N GLN IC 63 50.51 102.66 49.76
CA GLN IC 63 50.20 103.25 51.06
C GLN IC 63 48.76 102.92 51.40
N PRO IC 64 48.48 102.26 52.51
CA PRO IC 64 47.13 101.83 52.79
C PRO IC 64 46.17 102.86 53.41
N ILE IC 65 45.10 103.11 52.69
CA ILE IC 65 44.06 104.04 53.12
C ILE IC 65 43.35 103.36 54.28
N THR IC 66 43.48 103.92 55.48
CA THR IC 66 43.02 103.30 56.71
C THR IC 66 42.44 104.35 57.66
N ALA IC 67 41.57 103.91 58.55
CA ALA IC 67 41.01 104.73 59.61
C ALA IC 67 40.91 103.90 60.88
N VAL IC 68 41.25 104.50 62.01
CA VAL IC 68 41.33 103.77 63.26
C VAL IC 68 39.93 103.59 63.85
N ASP IC 69 39.54 102.34 64.08
CA ASP IC 69 38.25 102.06 64.69
C ASP IC 69 38.28 102.46 66.16
N SER IC 70 37.08 102.60 66.73
CA SER IC 70 36.95 102.88 68.15
C SER IC 70 36.78 101.57 68.92
N THR IC 71 37.41 101.52 70.10
CA THR IC 71 37.38 100.41 71.05
C THR IC 71 38.10 99.17 70.55
N THR IC 72 38.63 99.17 69.32
CA THR IC 72 39.36 98.03 68.79
C THR IC 72 40.68 98.50 68.22
N SER IC 73 41.75 97.75 68.51
CA SER IC 73 43.10 98.08 68.06
C SER IC 73 43.45 97.40 66.74
N GLU IC 74 42.61 97.60 65.73
CA GLU IC 74 42.83 96.98 64.44
C GLU IC 74 42.92 97.98 63.28
N THR IC 75 42.70 99.26 63.54
CA THR IC 75 42.90 100.36 62.59
C THR IC 75 42.47 99.99 61.17
N LEU IC 76 41.17 99.72 61.00
CA LEU IC 76 40.59 99.25 59.75
C LEU IC 76 41.16 99.98 58.53
N VAL IC 77 41.58 99.20 57.53
CA VAL IC 77 42.12 99.74 56.28
C VAL IC 77 41.02 99.70 55.22
N ARG IC 78 40.96 100.75 54.41
CA ARG IC 78 39.91 100.89 53.42
C ARG IC 78 40.38 100.70 51.98
N GLY IC 79 41.65 100.92 51.71
CA GLY IC 79 42.16 100.79 50.36
C GLY IC 79 43.66 100.93 50.29
N GLN IC 80 44.17 101.26 49.10
CA GLN IC 80 45.61 101.47 48.92
C GLN IC 80 45.89 102.34 47.71
N CYS IC 81 46.79 103.32 47.87
CA CYS IC 81 47.16 104.24 46.80
C CYS IC 81 48.41 103.71 46.11
N VAL IC 82 48.20 102.85 45.10
CA VAL IC 82 49.32 102.27 44.37
C VAL IC 82 49.99 103.31 43.50
N VAL IC 83 51.32 103.33 43.51
CA VAL IC 83 52.09 104.21 42.63
C VAL IC 83 53.26 103.44 42.03
N ASP IC 84 53.10 102.98 40.78
CA ASP IC 84 54.14 102.22 40.11
C ASP IC 84 55.08 103.15 39.37
N ILE IC 85 56.37 102.81 39.38
CA ILE IC 85 57.38 103.56 38.64
C ILE IC 85 58.33 102.60 37.94
N ASN IC 86 58.17 102.44 36.63
CA ASN IC 86 59.02 101.55 35.86
C ASN IC 86 60.02 102.35 35.04
N ILE IC 87 61.26 101.88 35.03
CA ILE IC 87 62.36 102.56 34.37
C ILE IC 87 63.03 101.59 33.41
N VAL IC 88 63.28 102.04 32.19
CA VAL IC 88 63.95 101.23 31.18
C VAL IC 88 65.04 102.10 30.56
N ILE IC 89 66.29 101.80 30.86
CA ILE IC 89 67.44 102.58 30.41
C ILE IC 89 68.25 101.71 29.45
N PRO IC 90 68.54 102.17 28.24
CA PRO IC 90 69.18 101.28 27.27
C PRO IC 90 70.65 101.06 27.55
N ARG IC 91 71.29 100.23 26.73
CA ARG IC 91 72.71 99.96 26.88
C ARG IC 91 73.57 101.17 26.55
N VAL IC 92 73.13 102.02 25.62
CA VAL IC 92 73.98 103.08 25.09
C VAL IC 92 73.85 104.35 25.92
N ALA IC 93 73.18 104.26 27.06
CA ALA IC 93 72.85 105.44 27.85
C ALA IC 93 74.03 105.81 28.74
N THR IC 94 74.69 106.90 28.40
CA THR IC 94 75.74 107.46 29.25
C THR IC 94 75.17 107.82 30.61
N ALA IC 95 75.96 107.60 31.66
CA ALA IC 95 75.48 107.80 33.02
C ALA IC 95 75.02 109.22 33.28
N THR IC 96 75.48 110.20 32.50
CA THR IC 96 74.91 111.54 32.59
C THR IC 96 73.51 111.58 32.01
N ASP IC 97 73.29 110.91 30.87
CA ASP IC 97 71.97 110.87 30.26
C ASP IC 97 70.97 110.17 31.17
N ARG IC 98 71.38 109.07 31.81
CA ARG IC 98 70.46 108.38 32.71
C ARG IC 98 70.10 109.26 33.91
N ALA IC 99 71.07 109.97 34.48
CA ALA IC 99 70.77 110.87 35.59
C ALA IC 99 69.81 111.96 35.16
N GLU IC 100 70.04 112.55 33.98
CA GLU IC 100 69.13 113.56 33.47
C GLU IC 100 67.72 113.00 33.29
N ALA IC 101 67.62 111.81 32.69
CA ALA IC 101 66.30 111.24 32.43
C ALA IC 101 65.55 110.97 33.74
N ILE IC 102 66.23 110.39 34.72
CA ILE IC 102 65.55 110.06 35.98
C ILE IC 102 65.15 111.33 36.71
N LYS IC 103 66.06 112.29 36.84
CA LYS IC 103 65.75 113.50 37.60
C LYS IC 103 64.72 114.36 36.89
N ARG IC 104 64.64 114.28 35.56
CA ARG IC 104 63.60 115.00 34.84
C ARG IC 104 62.26 114.30 34.96
N ALA IC 105 62.24 112.98 34.94
CA ALA IC 105 60.98 112.27 35.12
C ALA IC 105 60.42 112.50 36.52
N PHE IC 106 61.28 112.53 37.53
CA PHE IC 106 60.79 112.75 38.89
C PHE IC 106 60.54 114.20 39.20
N ASP IC 107 60.77 115.11 38.26
CA ASP IC 107 60.42 116.51 38.42
C ASP IC 107 59.04 116.83 37.87
N VAL IC 108 58.29 115.82 37.44
CA VAL IC 108 56.93 116.06 36.95
C VAL IC 108 56.07 116.61 38.07
N LEU IC 109 56.24 116.09 39.28
CA LEU IC 109 55.41 116.51 40.40
C LEU IC 109 55.50 118.01 40.66
N ASN IC 110 56.63 118.62 40.32
CA ASN IC 110 56.78 120.06 40.50
C ASN IC 110 56.32 120.87 39.29
N ALA IC 111 56.08 120.22 38.15
CA ALA IC 111 55.59 120.90 36.96
C ALA IC 111 54.13 120.59 36.69
N LEU IC 112 53.77 119.31 36.73
CA LEU IC 112 52.39 118.86 36.56
C LEU IC 112 51.75 118.63 37.93
N ASN IC 113 51.80 119.66 38.76
CA ASN IC 113 51.53 119.49 40.19
C ASN IC 113 50.04 119.28 40.48
N ALA IC 114 49.21 120.24 40.07
CA ALA IC 114 47.81 120.21 40.46
C ALA IC 114 47.10 118.98 39.91
N GLU IC 115 47.41 118.60 38.67
CA GLU IC 115 46.76 117.45 38.07
C GLU IC 115 47.06 116.15 38.81
N LEU IC 116 48.22 116.07 39.49
CA LEU IC 116 48.62 114.87 40.20
C LEU IC 116 48.15 114.88 41.65
N ILE IC 117 48.28 116.02 42.32
CA ILE IC 117 47.88 116.12 43.72
C ILE IC 117 46.36 116.18 43.82
N THR IC 118 45.75 117.17 43.18
CA THR IC 118 44.31 117.35 43.28
C THR IC 118 43.55 116.32 42.45
N GLY IC 119 44.04 116.00 41.25
CA GLY IC 119 43.41 114.99 40.42
C GLY IC 119 42.36 115.55 39.47
N GLU IC 120 42.73 116.59 38.73
CA GLU IC 120 41.77 117.33 37.91
C GLU IC 120 42.50 118.03 36.79
N GLY IC 121 41.73 118.50 35.81
CA GLY IC 121 42.24 119.50 34.91
C GLY IC 121 42.47 119.09 33.47
N GLN IC 122 43.42 119.77 32.81
CA GLN IC 122 43.71 119.62 31.40
C GLN IC 122 42.47 119.95 30.56
N TRP IC 123 42.12 121.23 30.60
CA TRP IC 123 40.99 121.74 29.84
C TRP IC 123 41.40 122.02 28.42
N ALA JC 1 -123.22 -29.39 -31.78
CA ALA JC 1 -124.36 -28.50 -31.99
C ALA JC 1 -124.33 -27.36 -30.99
N ALA JC 2 -125.42 -26.59 -30.93
CA ALA JC 2 -125.51 -25.53 -29.95
C ALA JC 2 -125.57 -26.10 -28.55
N ARG JC 3 -124.82 -25.50 -27.64
CA ARG JC 3 -124.76 -26.00 -26.26
C ARG JC 3 -126.12 -25.89 -25.60
N SER JC 4 -126.52 -26.92 -24.88
CA SER JC 4 -127.82 -26.98 -24.23
C SER JC 4 -127.68 -27.79 -22.95
N SER JC 5 -128.81 -28.22 -22.40
CA SER JC 5 -128.82 -29.06 -21.22
C SER JC 5 -128.78 -30.53 -21.60
N ILE JC 6 -128.29 -31.36 -20.68
CA ILE JC 6 -128.20 -32.80 -20.88
C ILE JC 6 -128.80 -33.49 -19.67
N VAL JC 7 -129.27 -34.72 -19.89
CA VAL JC 7 -130.17 -35.37 -18.94
C VAL JC 7 -129.54 -36.70 -18.52
N LEU JC 8 -128.22 -36.69 -18.32
CA LEU JC 8 -127.49 -37.87 -17.84
C LEU JC 8 -128.28 -38.63 -16.79
N THR JC 9 -128.43 -39.93 -17.00
CA THR JC 9 -129.28 -40.76 -16.16
C THR JC 9 -128.64 -42.14 -15.99
N ASP JC 10 -129.22 -42.92 -15.10
CA ASP JC 10 -128.84 -44.32 -14.94
C ASP JC 10 -130.07 -45.20 -14.77
N GLY JC 11 -131.18 -44.76 -15.38
CA GLY JC 11 -132.39 -45.56 -15.38
C GLY JC 11 -133.37 -45.20 -14.27
N THR JC 12 -132.87 -44.68 -13.16
CA THR JC 12 -133.73 -44.37 -12.03
C THR JC 12 -133.65 -42.93 -11.55
N THR JC 13 -132.46 -42.31 -11.55
CA THR JC 13 -132.28 -40.96 -11.04
C THR JC 13 -131.61 -40.09 -12.11
N PRO JC 14 -132.38 -39.50 -13.00
CA PRO JC 14 -131.78 -38.61 -14.01
C PRO JC 14 -131.20 -37.36 -13.36
N VAL JC 15 -130.20 -36.81 -14.03
CA VAL JC 15 -129.51 -35.60 -13.58
C VAL JC 15 -129.50 -34.62 -14.74
N THR JC 16 -130.05 -33.43 -14.52
CA THR JC 16 -130.05 -32.39 -15.54
C THR JC 16 -128.83 -31.50 -15.34
N LEU JC 17 -127.97 -31.45 -16.34
CA LEU JC 17 -126.77 -30.62 -16.30
C LEU JC 17 -126.96 -29.44 -17.26
N THR JC 18 -126.36 -28.31 -16.89
CA THR JC 18 -126.47 -27.09 -17.66
C THR JC 18 -125.07 -26.54 -17.90
N PRO JC 19 -124.83 -25.89 -19.03
CA PRO JC 19 -123.49 -25.36 -19.32
C PRO JC 19 -123.20 -24.08 -18.55
N VAL JC 20 -122.18 -24.09 -17.70
CA VAL JC 20 -121.91 -22.96 -16.83
C VAL JC 20 -120.49 -22.44 -17.04
N GLY JC 21 -119.94 -22.68 -18.21
CA GLY JC 21 -118.61 -22.20 -18.51
C GLY JC 21 -118.01 -22.93 -19.69
N GLY JC 22 -116.69 -22.81 -19.80
CA GLY JC 22 -115.96 -23.47 -20.85
C GLY JC 22 -115.07 -22.53 -21.65
N GLY JC 23 -115.08 -22.68 -22.96
CA GLY JC 23 -114.25 -21.84 -23.81
C GLY JC 23 -114.29 -22.33 -25.24
N VAL JC 24 -113.14 -22.26 -25.88
CA VAL JC 24 -112.98 -22.80 -27.23
C VAL JC 24 -112.45 -24.23 -27.10
N GLY JC 25 -113.19 -25.18 -27.65
CA GLY JC 25 -112.85 -26.58 -27.49
C GLY JC 25 -113.00 -27.06 -26.06
N GLN JC 26 -114.06 -26.62 -25.39
CA GLN JC 26 -114.33 -27.00 -24.01
C GLN JC 26 -115.74 -26.53 -23.64
N THR JC 27 -116.40 -27.31 -22.79
CA THR JC 27 -117.75 -26.95 -22.35
C THR JC 27 -118.01 -27.62 -21.00
N LEU JC 28 -117.87 -26.87 -19.93
CA LEU JC 28 -118.19 -27.39 -18.61
C LEU JC 28 -119.70 -27.52 -18.44
N TYR JC 29 -120.09 -28.45 -17.58
CA TYR JC 29 -121.48 -28.65 -17.22
C TYR JC 29 -121.58 -28.77 -15.71
N ARG JC 30 -122.75 -28.49 -15.16
CA ARG JC 30 -122.97 -28.70 -13.74
C ARG JC 30 -124.45 -28.97 -13.51
N ALA JC 31 -124.74 -29.83 -12.54
CA ALA JC 31 -126.13 -30.11 -12.20
C ALA JC 31 -126.77 -28.87 -11.60
N THR JC 32 -128.05 -28.66 -11.90
CA THR JC 32 -128.74 -27.44 -11.49
C THR JC 32 -128.67 -27.25 -9.99
N ALA JC 33 -129.27 -28.15 -9.24
CA ALA JC 33 -129.15 -28.17 -7.78
C ALA JC 33 -129.61 -29.52 -7.26
N GLU JC 34 -128.70 -30.28 -6.66
CA GLU JC 34 -129.13 -31.50 -5.99
C GLU JC 34 -129.62 -31.20 -4.58
N ALA JC 35 -128.72 -30.79 -3.70
CA ALA JC 35 -129.10 -30.28 -2.38
C ALA JC 35 -128.26 -29.10 -1.90
N LEU JC 36 -127.09 -28.87 -2.49
CA LEU JC 36 -126.17 -27.80 -2.09
C LEU JC 36 -125.09 -27.72 -3.16
N SER JC 37 -124.12 -26.85 -2.97
CA SER JC 37 -122.95 -26.81 -3.83
C SER JC 37 -121.91 -27.82 -3.35
N ALA JC 38 -121.02 -28.19 -4.26
CA ALA JC 38 -120.00 -29.23 -4.10
C ALA JC 38 -120.60 -30.62 -4.02
N ALA JC 39 -121.93 -30.75 -4.01
CA ALA JC 39 -122.61 -32.03 -4.07
C ALA JC 39 -123.35 -32.18 -5.38
N ASN JC 40 -122.81 -31.58 -6.44
CA ASN JC 40 -123.43 -31.57 -7.74
C ASN JC 40 -122.48 -32.16 -8.78
N PRO JC 41 -122.92 -33.12 -9.58
CA PRO JC 41 -122.03 -33.71 -10.59
C PRO JC 41 -121.68 -32.71 -11.69
N SER JC 42 -120.55 -32.95 -12.33
CA SER JC 42 -120.11 -32.12 -13.44
C SER JC 42 -119.66 -33.02 -14.59
N LEU JC 43 -119.72 -32.49 -15.81
CA LEU JC 43 -119.48 -33.25 -17.04
C LEU JC 43 -118.56 -32.46 -17.98
N SER JC 44 -117.38 -32.11 -17.49
CA SER JC 44 -116.43 -31.38 -18.32
C SER JC 44 -116.20 -32.11 -19.63
N PHE JC 45 -116.21 -31.36 -20.73
CA PHE JC 45 -116.15 -31.97 -22.06
C PHE JC 45 -115.31 -31.08 -22.97
N GLY JC 46 -114.17 -31.61 -23.42
CA GLY JC 46 -113.31 -30.90 -24.35
C GLY JC 46 -113.20 -31.61 -25.68
N TYR JC 47 -112.64 -30.90 -26.65
CA TYR JC 47 -112.49 -31.41 -28.01
C TYR JC 47 -111.52 -30.52 -28.75
N ARG JC 48 -110.66 -31.14 -29.55
CA ARG JC 48 -109.67 -30.38 -30.30
C ARG JC 48 -109.14 -31.24 -31.44
N PHE JC 49 -108.52 -30.58 -32.41
CA PHE JC 49 -107.90 -31.24 -33.55
C PHE JC 49 -106.41 -30.98 -33.51
N THR JC 50 -105.61 -32.04 -33.59
CA THR JC 50 -104.17 -31.90 -33.68
C THR JC 50 -103.77 -31.57 -35.11
N ASP JC 51 -102.49 -31.77 -35.43
CA ASP JC 51 -101.99 -31.52 -36.79
C ASP JC 51 -102.85 -32.20 -37.84
N GLY JC 52 -103.17 -33.48 -37.62
CA GLY JC 52 -104.07 -34.20 -38.49
C GLY JC 52 -105.52 -33.97 -38.10
N GLY JC 53 -106.41 -34.72 -38.73
CA GLY JC 53 -107.82 -34.64 -38.41
C GLY JC 53 -108.17 -35.51 -37.23
N THR JC 54 -107.20 -35.73 -36.35
CA THR JC 54 -107.37 -36.60 -35.20
C THR JC 54 -108.31 -35.92 -34.21
N ASN JC 55 -109.56 -36.35 -34.20
CA ASN JC 55 -110.60 -35.73 -33.39
C ASN JC 55 -110.44 -36.11 -31.91
N ARG JC 56 -109.43 -35.55 -31.25
CA ARG JC 56 -109.15 -35.88 -29.84
C ARG JC 56 -110.19 -35.24 -28.93
N GLN JC 57 -111.34 -35.89 -28.83
CA GLN JC 57 -112.33 -35.49 -27.84
C GLN JC 57 -111.95 -36.04 -26.47
N SER JC 58 -112.51 -35.43 -25.42
CA SER JC 58 -112.20 -35.83 -24.06
C SER JC 58 -113.39 -35.51 -23.17
N LEU JC 59 -113.60 -36.36 -22.17
CA LEU JC 59 -114.69 -36.18 -21.21
C LEU JC 59 -114.17 -36.39 -19.80
N SER JC 60 -114.92 -35.87 -18.84
CA SER JC 60 -114.61 -36.07 -17.43
C SER JC 60 -115.88 -35.83 -16.63
N TYR JC 61 -116.47 -36.90 -16.11
CA TYR JC 61 -117.66 -36.83 -15.28
C TYR JC 61 -117.25 -37.05 -13.84
N LYS JC 62 -117.56 -36.09 -12.98
CA LYS JC 62 -117.21 -36.14 -11.57
C LYS JC 62 -118.49 -36.08 -10.74
N GLN JC 63 -118.72 -37.13 -9.94
CA GLN JC 63 -119.87 -37.18 -9.06
C GLN JC 63 -119.39 -37.20 -7.62
N PRO JC 64 -119.70 -36.20 -6.81
CA PRO JC 64 -119.18 -36.15 -5.44
C PRO JC 64 -120.02 -36.97 -4.49
N ILE JC 65 -119.34 -37.53 -3.48
CA ILE JC 65 -119.92 -38.47 -2.54
C ILE JC 65 -120.23 -37.71 -1.26
N THR JC 66 -121.51 -37.55 -0.94
CA THR JC 66 -121.93 -36.75 0.18
C THR JC 66 -122.49 -37.64 1.28
N ALA JC 67 -122.34 -37.17 2.53
CA ALA JC 67 -122.78 -37.93 3.68
C ALA JC 67 -123.04 -36.97 4.83
N VAL JC 68 -123.97 -37.36 5.71
CA VAL JC 68 -124.35 -36.50 6.82
C VAL JC 68 -123.23 -36.49 7.88
N ASP JC 69 -123.21 -35.41 8.67
CA ASP JC 69 -122.20 -35.18 9.69
C ASP JC 69 -122.90 -34.92 11.03
N SER JC 70 -123.76 -35.87 11.42
CA SER JC 70 -124.71 -35.74 12.52
C SER JC 70 -124.19 -35.02 13.75
N THR JC 71 -122.90 -35.12 14.03
CA THR JC 71 -122.31 -34.29 15.09
C THR JC 71 -122.55 -32.81 14.85
N THR JC 72 -122.64 -32.40 13.57
CA THR JC 72 -123.02 -31.05 13.21
C THR JC 72 -124.22 -31.00 12.27
N SER JC 73 -124.60 -32.14 11.67
CA SER JC 73 -125.75 -32.25 10.76
C SER JC 73 -125.55 -31.43 9.48
N GLU JC 74 -124.31 -31.22 9.06
CA GLU JC 74 -123.99 -30.51 7.83
C GLU JC 74 -123.52 -31.50 6.79
N THR JC 75 -124.13 -31.44 5.60
CA THR JC 75 -123.95 -32.47 4.57
C THR JC 75 -122.59 -32.30 3.89
N LEU JC 76 -121.56 -32.75 4.59
CA LEU JC 76 -120.20 -32.65 4.07
C LEU JC 76 -119.99 -33.64 2.92
N VAL JC 77 -119.02 -33.34 2.06
CA VAL JC 77 -118.64 -34.20 0.94
C VAL JC 77 -117.27 -34.80 1.24
N ARG JC 78 -117.14 -36.11 1.04
CA ARG JC 78 -115.91 -36.83 1.36
C ARG JC 78 -114.95 -36.88 0.17
N GLY JC 79 -115.39 -37.45 -0.95
CA GLY JC 79 -114.58 -37.56 -2.15
C GLY JC 79 -115.40 -37.49 -3.40
N GLN JC 80 -114.89 -37.99 -4.52
CA GLN JC 80 -115.63 -37.96 -5.78
C GLN JC 80 -115.26 -39.15 -6.64
N CYS JC 81 -116.23 -39.60 -7.44
CA CYS JC 81 -116.02 -40.62 -8.45
C CYS JC 81 -115.76 -39.94 -9.78
N VAL JC 82 -114.69 -40.34 -10.46
CA VAL JC 82 -114.23 -39.70 -11.68
C VAL JC 82 -114.26 -40.72 -12.80
N VAL JC 83 -114.88 -40.35 -13.92
CA VAL JC 83 -114.90 -41.20 -15.11
C VAL JC 83 -114.40 -40.36 -16.28
N ASP JC 84 -113.32 -40.82 -16.93
CA ASP JC 84 -112.73 -40.11 -18.06
C ASP JC 84 -112.89 -40.97 -19.30
N ILE JC 85 -113.64 -40.47 -20.28
CA ILE JC 85 -113.80 -41.16 -21.55
C ILE JC 85 -113.10 -40.39 -22.65
N ASN JC 86 -111.83 -40.71 -22.90
CA ASN JC 86 -111.11 -40.08 -23.99
C ASN JC 86 -111.37 -40.82 -25.30
N ILE JC 87 -111.43 -40.05 -26.38
CA ILE JC 87 -111.70 -40.59 -27.71
C ILE JC 87 -110.72 -39.97 -28.69
N VAL JC 88 -110.11 -40.80 -29.52
CA VAL JC 88 -109.19 -40.34 -30.56
C VAL JC 88 -109.56 -41.04 -31.87
N ILE JC 89 -109.94 -40.27 -32.87
CA ILE JC 89 -110.29 -40.79 -34.19
C ILE JC 89 -109.44 -40.06 -35.22
N PRO JC 90 -108.59 -40.74 -35.97
CA PRO JC 90 -107.70 -40.05 -36.91
C PRO JC 90 -108.44 -39.56 -38.14
N ARG JC 91 -107.73 -38.76 -38.95
CA ARG JC 91 -108.31 -38.26 -40.19
C ARG JC 91 -108.69 -39.39 -41.14
N VAL JC 92 -107.89 -40.46 -41.18
CA VAL JC 92 -108.05 -41.53 -42.16
C VAL JC 92 -109.28 -42.37 -41.86
N ALA JC 93 -109.96 -42.05 -40.77
CA ALA JC 93 -111.12 -42.82 -40.35
C ALA JC 93 -112.35 -42.45 -41.17
N THR JC 94 -113.03 -43.45 -41.70
CA THR JC 94 -114.26 -43.20 -42.41
C THR JC 94 -115.38 -42.85 -41.43
N ALA JC 95 -116.51 -42.43 -41.98
CA ALA JC 95 -117.64 -42.02 -41.15
C ALA JC 95 -118.28 -43.19 -40.40
N THR JC 96 -118.07 -44.42 -40.84
CA THR JC 96 -118.67 -45.59 -40.20
C THR JC 96 -117.76 -46.25 -39.18
N ASP JC 97 -116.45 -46.09 -39.32
CA ASP JC 97 -115.53 -46.65 -38.33
C ASP JC 97 -115.59 -45.89 -37.02
N ARG JC 98 -115.80 -44.57 -37.09
CA ARG JC 98 -115.91 -43.77 -35.87
C ARG JC 98 -117.12 -44.19 -35.05
N ALA JC 99 -118.29 -44.30 -35.69
CA ALA JC 99 -119.48 -44.72 -34.97
C ALA JC 99 -119.33 -46.13 -34.41
N GLU JC 100 -118.77 -47.04 -35.21
CA GLU JC 100 -118.54 -48.40 -34.75
C GLU JC 100 -117.67 -48.42 -33.51
N ALA JC 101 -116.53 -47.72 -33.56
CA ALA JC 101 -115.61 -47.72 -32.43
C ALA JC 101 -116.26 -47.13 -31.19
N ILE JC 102 -116.94 -45.98 -31.34
CA ILE JC 102 -117.50 -45.31 -30.18
C ILE JC 102 -118.57 -46.19 -29.52
N LYS JC 103 -119.51 -46.71 -30.33
CA LYS JC 103 -120.58 -47.51 -29.75
C LYS JC 103 -120.04 -48.80 -29.15
N ARG JC 104 -119.09 -49.47 -29.81
CA ARG JC 104 -118.55 -50.70 -29.26
C ARG JC 104 -117.85 -50.44 -27.94
N ALA JC 105 -117.02 -49.40 -27.88
CA ALA JC 105 -116.31 -49.10 -26.64
C ALA JC 105 -117.26 -48.69 -25.52
N PHE JC 106 -118.38 -48.05 -25.85
CA PHE JC 106 -119.35 -47.74 -24.82
C PHE JC 106 -120.19 -48.96 -24.42
N ASP JC 107 -120.21 -50.00 -25.24
CA ASP JC 107 -120.90 -51.23 -24.87
C ASP JC 107 -120.14 -52.06 -23.85
N VAL JC 108 -119.00 -51.57 -23.37
CA VAL JC 108 -118.20 -52.33 -22.42
C VAL JC 108 -119.00 -52.61 -21.14
N LEU JC 109 -119.67 -51.59 -20.61
CA LEU JC 109 -120.41 -51.75 -19.37
C LEU JC 109 -121.48 -52.84 -19.50
N ASN JC 110 -122.12 -52.91 -20.66
CA ASN JC 110 -123.05 -54.02 -20.89
C ASN JC 110 -122.30 -55.35 -20.96
N ALA JC 111 -121.13 -55.37 -21.59
CA ALA JC 111 -120.37 -56.61 -21.70
C ALA JC 111 -119.55 -56.91 -20.45
N LEU JC 112 -118.60 -56.05 -20.12
CA LEU JC 112 -117.70 -56.25 -19.00
C LEU JC 112 -118.26 -55.60 -17.73
N ASN JC 113 -119.42 -56.10 -17.30
CA ASN JC 113 -120.21 -55.40 -16.30
C ASN JC 113 -119.63 -55.56 -14.90
N ALA JC 114 -119.56 -56.79 -14.40
CA ALA JC 114 -119.36 -57.03 -12.98
C ALA JC 114 -118.06 -56.45 -12.44
N GLU JC 115 -117.03 -56.29 -13.28
CA GLU JC 115 -115.77 -55.75 -12.80
C GLU JC 115 -115.75 -54.23 -12.76
N LEU JC 116 -116.75 -53.57 -13.35
CA LEU JC 116 -116.87 -52.12 -13.29
C LEU JC 116 -117.86 -51.67 -12.25
N ILE JC 117 -119.09 -52.21 -12.29
CA ILE JC 117 -120.14 -51.79 -11.37
C ILE JC 117 -119.75 -52.12 -9.94
N THR JC 118 -119.25 -53.32 -9.71
CA THR JC 118 -119.00 -53.82 -8.35
C THR JC 118 -117.59 -53.55 -7.86
N GLY JC 119 -116.62 -53.46 -8.76
CA GLY JC 119 -115.25 -53.17 -8.36
C GLY JC 119 -114.38 -54.38 -8.09
N GLU JC 120 -114.90 -55.59 -8.25
CA GLU JC 120 -114.11 -56.78 -7.99
C GLU JC 120 -113.01 -56.94 -9.03
N GLY JC 121 -111.88 -57.48 -8.59
CA GLY JC 121 -110.75 -57.71 -9.46
C GLY JC 121 -110.78 -59.12 -10.01
N GLN JC 122 -110.88 -59.22 -11.33
CA GLN JC 122 -111.00 -60.52 -11.96
C GLN JC 122 -109.71 -61.33 -11.79
N TRP JC 123 -109.89 -62.64 -11.67
CA TRP JC 123 -108.77 -63.54 -11.42
C TRP JC 123 -108.48 -64.40 -12.65
N ALA KC 1 -134.34 -21.83 -18.68
CA ALA KC 1 -133.16 -21.04 -18.41
C ALA KC 1 -132.42 -20.69 -19.69
N ALA KC 2 -133.13 -20.78 -20.82
CA ALA KC 2 -132.57 -20.40 -22.11
C ALA KC 2 -132.64 -18.89 -22.28
N ARG KC 3 -131.87 -18.39 -23.24
CA ARG KC 3 -131.80 -16.96 -23.47
C ARG KC 3 -133.02 -16.47 -24.23
N SER KC 4 -133.74 -15.51 -23.64
CA SER KC 4 -134.91 -14.92 -24.26
C SER KC 4 -135.05 -13.50 -23.75
N SER KC 5 -136.04 -12.78 -24.29
CA SER KC 5 -136.25 -11.41 -23.91
C SER KC 5 -136.76 -11.32 -22.47
N ILE KC 6 -136.26 -10.35 -21.73
CA ILE KC 6 -136.68 -10.10 -20.35
C ILE KC 6 -137.33 -8.72 -20.27
N VAL KC 7 -138.20 -8.56 -19.28
CA VAL KC 7 -139.16 -7.46 -19.28
C VAL KC 7 -138.98 -6.61 -18.01
N LEU KC 8 -137.73 -6.38 -17.63
CA LEU KC 8 -137.40 -5.49 -16.51
C LEU KC 8 -138.34 -4.30 -16.44
N THR KC 9 -138.91 -4.06 -15.27
CA THR KC 9 -139.88 -2.99 -15.10
C THR KC 9 -139.76 -2.43 -13.70
N ASP KC 10 -140.16 -1.16 -13.56
CA ASP KC 10 -140.18 -0.48 -12.28
C ASP KC 10 -141.59 -0.35 -11.71
N GLY KC 11 -142.61 -0.74 -12.47
CA GLY KC 11 -143.98 -0.59 -12.05
C GLY KC 11 -144.75 0.31 -12.98
N THR KC 12 -144.11 1.36 -13.46
CA THR KC 12 -144.77 2.33 -14.35
C THR KC 12 -144.53 2.00 -15.82
N THR KC 13 -143.26 1.98 -16.23
CA THR KC 13 -142.90 1.77 -17.64
C THR KC 13 -142.01 0.54 -17.75
N PRO KC 14 -142.50 -0.55 -18.34
CA PRO KC 14 -141.63 -1.71 -18.56
C PRO KC 14 -140.70 -1.50 -19.75
N VAL KC 15 -139.50 -2.04 -19.65
CA VAL KC 15 -138.54 -2.04 -20.74
C VAL KC 15 -138.19 -3.48 -21.08
N THR KC 16 -138.25 -3.82 -22.37
CA THR KC 16 -138.03 -5.19 -22.83
C THR KC 16 -136.61 -5.28 -23.39
N LEU KC 17 -135.75 -6.04 -22.72
CA LEU KC 17 -134.39 -6.25 -23.17
C LEU KC 17 -134.31 -7.57 -23.93
N THR KC 18 -133.68 -7.54 -25.11
CA THR KC 18 -133.48 -8.73 -25.90
C THR KC 18 -132.00 -9.08 -25.93
N PRO KC 19 -131.63 -10.36 -26.02
CA PRO KC 19 -130.21 -10.71 -26.06
C PRO KC 19 -129.54 -10.14 -27.31
N VAL KC 20 -128.29 -9.72 -27.15
CA VAL KC 20 -127.51 -9.22 -28.27
C VAL KC 20 -126.14 -9.89 -28.27
N GLY KC 21 -126.03 -11.04 -27.61
CA GLY KC 21 -124.80 -11.79 -27.70
C GLY KC 21 -124.27 -12.34 -26.40
N GLY KC 22 -122.94 -12.51 -26.33
CA GLY KC 22 -122.29 -12.91 -25.10
C GLY KC 22 -121.55 -14.23 -25.17
N GLY KC 23 -122.15 -15.25 -25.77
CA GLY KC 23 -121.51 -16.55 -25.78
C GLY KC 23 -121.65 -17.29 -24.47
N VAL KC 24 -120.67 -18.13 -24.13
CA VAL KC 24 -120.73 -18.95 -22.93
C VAL KC 24 -120.10 -18.17 -21.78
N GLY KC 25 -120.69 -18.29 -20.60
CA GLY KC 25 -120.21 -17.58 -19.44
C GLY KC 25 -120.75 -16.16 -19.28
N GLN KC 26 -121.56 -15.69 -20.21
CA GLN KC 26 -122.14 -14.35 -20.10
C GLN KC 26 -123.30 -14.23 -21.06
N THR KC 27 -124.02 -13.11 -20.93
CA THR KC 27 -125.14 -12.80 -21.82
C THR KC 27 -125.39 -11.31 -21.75
N LEU KC 28 -125.31 -10.64 -22.89
CA LEU KC 28 -125.59 -9.22 -22.96
C LEU KC 28 -126.99 -8.98 -23.47
N TYR KC 29 -127.69 -8.05 -22.85
CA TYR KC 29 -129.04 -7.70 -23.24
C TYR KC 29 -129.05 -6.25 -23.70
N ARG KC 30 -130.11 -5.88 -24.41
CA ARG KC 30 -130.30 -4.50 -24.81
C ARG KC 30 -131.72 -4.29 -25.32
N ALA KC 31 -132.33 -3.17 -24.95
CA ALA KC 31 -133.66 -2.84 -25.44
C ALA KC 31 -133.56 -2.23 -26.83
N THR KC 32 -134.71 -1.96 -27.46
CA THR KC 32 -134.68 -1.37 -28.79
C THR KC 32 -134.49 0.14 -28.70
N ALA KC 33 -135.50 0.85 -28.20
CA ALA KC 33 -135.51 2.32 -28.12
C ALA KC 33 -134.84 2.94 -29.34
N GLU KC 34 -135.25 2.45 -30.52
CA GLU KC 34 -134.50 2.66 -31.75
C GLU KC 34 -134.41 4.14 -32.07
N ALA KC 35 -133.33 4.50 -32.77
CA ALA KC 35 -133.13 5.88 -33.22
C ALA KC 35 -133.11 6.84 -32.02
N LEU KC 36 -132.05 6.74 -31.24
CA LEU KC 36 -130.74 6.14 -31.52
C LEU KC 36 -130.62 4.71 -31.00
N SER KC 37 -129.64 3.97 -31.51
CA SER KC 37 -129.44 2.58 -31.10
C SER KC 37 -128.59 2.43 -29.85
N ALA KC 38 -127.77 3.43 -29.53
CA ALA KC 38 -126.94 3.41 -28.33
C ALA KC 38 -127.60 4.07 -27.14
N ALA KC 39 -128.80 4.61 -27.31
CA ALA KC 39 -129.53 5.27 -26.22
C ALA KC 39 -130.63 4.36 -25.67
N ASN KC 40 -130.23 3.22 -25.11
CA ASN KC 40 -131.19 2.31 -24.50
C ASN KC 40 -130.45 1.45 -23.49
N PRO KC 41 -131.16 0.95 -22.47
CA PRO KC 41 -130.49 0.23 -21.38
C PRO KC 41 -129.94 -1.11 -21.80
N SER KC 42 -129.02 -1.62 -20.98
CA SER KC 42 -128.36 -2.89 -21.24
C SER KC 42 -128.14 -3.60 -19.90
N LEU KC 43 -128.01 -4.93 -19.97
CA LEU KC 43 -127.97 -5.79 -18.78
C LEU KC 43 -126.85 -6.83 -18.87
N SER KC 44 -125.62 -6.37 -19.05
CA SER KC 44 -124.51 -7.33 -19.16
C SER KC 44 -124.47 -8.26 -17.96
N PHE KC 45 -124.73 -9.55 -18.20
CA PHE KC 45 -124.87 -10.53 -17.13
C PHE KC 45 -123.89 -11.68 -17.37
N GLY KC 46 -122.94 -11.87 -16.46
CA GLY KC 46 -121.99 -12.95 -16.55
C GLY KC 46 -122.03 -13.85 -15.32
N TYR KC 47 -121.38 -15.00 -15.45
CA TYR KC 47 -121.37 -16.01 -14.40
C TYR KC 47 -120.26 -17.01 -14.69
N ARG KC 48 -119.71 -17.60 -13.64
CA ARG KC 48 -118.65 -18.59 -13.79
C ARG KC 48 -118.51 -19.35 -12.48
N PHE KC 49 -117.74 -20.44 -12.53
CA PHE KC 49 -117.40 -21.23 -11.36
C PHE KC 49 -115.88 -21.33 -11.27
N THR KC 50 -115.35 -21.04 -10.09
CA THR KC 50 -113.91 -21.07 -9.88
C THR KC 50 -113.45 -22.50 -9.58
N ASP KC 51 -112.23 -22.62 -9.04
CA ASP KC 51 -111.68 -23.93 -8.69
C ASP KC 51 -112.65 -24.72 -7.81
N GLY KC 52 -113.26 -24.06 -6.84
CA GLY KC 52 -114.25 -24.70 -6.02
C GLY KC 52 -115.62 -24.64 -6.66
N GLY KC 53 -116.67 -24.55 -5.86
CA GLY KC 53 -118.01 -24.38 -6.38
C GLY KC 53 -118.45 -22.94 -6.23
N THR KC 54 -117.48 -22.05 -6.06
CA THR KC 54 -117.76 -20.64 -5.79
C THR KC 54 -118.38 -20.02 -7.03
N ASN KC 55 -119.70 -19.86 -7.01
CA ASN KC 55 -120.44 -19.28 -8.12
C ASN KC 55 -120.33 -17.78 -8.04
N ARG KC 56 -119.69 -17.17 -9.05
CA ARG KC 56 -119.51 -15.71 -9.08
C ARG KC 56 -120.35 -15.13 -10.21
N GLN KC 57 -121.58 -14.78 -9.88
CA GLN KC 57 -122.44 -14.10 -10.84
C GLN KC 57 -122.20 -12.59 -10.79
N SER KC 58 -122.52 -11.93 -11.89
CA SER KC 58 -122.25 -10.49 -11.98
C SER KC 58 -123.17 -9.81 -12.98
N LEU KC 59 -123.94 -8.84 -12.53
CA LEU KC 59 -124.86 -8.12 -13.40
C LEU KC 59 -124.45 -6.66 -13.46
N SER KC 60 -124.63 -6.06 -14.62
CA SER KC 60 -124.33 -4.64 -14.79
C SER KC 60 -125.43 -4.07 -15.67
N TYR KC 61 -126.29 -3.23 -15.08
CA TYR KC 61 -127.41 -2.61 -15.78
C TYR KC 61 -127.08 -1.15 -16.01
N LYS KC 62 -127.06 -0.74 -17.26
CA LYS KC 62 -126.75 0.62 -17.65
C LYS KC 62 -127.94 1.24 -18.34
N GLN KC 63 -128.40 2.38 -17.85
CA GLN KC 63 -129.48 3.12 -18.48
C GLN KC 63 -128.98 4.48 -18.90
N PRO KC 64 -128.93 4.80 -20.19
CA PRO KC 64 -128.45 6.11 -20.61
C PRO KC 64 -129.54 7.17 -20.53
N ILE KC 65 -129.10 8.40 -20.29
CA ILE KC 65 -129.99 9.53 -20.11
C ILE KC 65 -130.10 10.27 -21.44
N THR KC 66 -131.27 10.21 -22.05
CA THR KC 66 -131.49 10.78 -23.37
C THR KC 66 -132.04 12.19 -23.26
N ALA KC 67 -131.96 12.91 -24.37
CA ALA KC 67 -132.47 14.28 -24.44
C ALA KC 67 -132.74 14.60 -25.90
N VAL KC 68 -134.00 14.65 -26.29
CA VAL KC 68 -134.36 14.88 -27.69
C VAL KC 68 -134.15 16.35 -28.01
N ASP KC 69 -133.17 16.63 -28.86
CA ASP KC 69 -132.80 17.99 -29.22
C ASP KC 69 -133.78 18.47 -30.29
N SER KC 70 -134.77 19.26 -29.88
CA SER KC 70 -135.83 19.70 -30.79
C SER KC 70 -135.31 20.53 -31.94
N THR KC 71 -134.18 21.22 -31.76
CA THR KC 71 -133.62 22.03 -32.83
C THR KC 71 -133.22 21.18 -34.02
N THR KC 72 -132.46 20.11 -33.77
CA THR KC 72 -131.97 19.24 -34.82
C THR KC 72 -132.81 17.97 -34.97
N SER KC 73 -133.59 17.61 -33.96
CA SER KC 73 -134.40 16.39 -33.92
C SER KC 73 -133.50 15.14 -33.96
N GLU KC 74 -132.57 15.10 -33.01
CA GLU KC 74 -131.72 13.95 -32.80
C GLU KC 74 -131.60 13.67 -31.32
N THR KC 75 -131.43 12.41 -30.96
CA THR KC 75 -131.32 12.02 -29.56
C THR KC 75 -129.87 12.09 -29.12
N LEU KC 76 -129.63 12.80 -28.02
CA LEU KC 76 -128.29 12.96 -27.47
C LEU KC 76 -128.20 12.21 -26.15
N VAL KC 77 -127.03 11.63 -25.88
CA VAL KC 77 -126.80 10.85 -24.69
C VAL KC 77 -125.91 11.67 -23.76
N ARG KC 78 -126.44 11.99 -22.58
CA ARG KC 78 -125.74 12.85 -21.64
C ARG KC 78 -124.91 12.08 -20.62
N GLY KC 79 -125.30 10.84 -20.33
CA GLY KC 79 -124.59 10.05 -19.35
C GLY KC 79 -125.34 8.75 -19.15
N GLN KC 80 -124.94 7.98 -18.15
CA GLN KC 80 -125.63 6.73 -17.88
C GLN KC 80 -125.62 6.41 -16.39
N CYS KC 81 -126.76 5.96 -15.90
CA CYS KC 81 -126.85 5.39 -14.56
C CYS KC 81 -126.46 3.93 -14.61
N VAL KC 82 -125.49 3.56 -13.79
CA VAL KC 82 -124.92 2.22 -13.79
C VAL KC 82 -125.19 1.57 -12.45
N VAL KC 83 -125.69 0.34 -12.48
CA VAL KC 83 -125.95 -0.44 -11.27
C VAL KC 83 -125.25 -1.79 -11.44
N ASP KC 84 -124.26 -2.06 -10.59
CA ASP KC 84 -123.55 -3.32 -10.61
C ASP KC 84 -123.98 -4.18 -9.42
N ILE KC 85 -124.15 -5.46 -9.66
CA ILE KC 85 -124.59 -6.41 -8.63
C ILE KC 85 -123.70 -7.64 -8.76
N ASN KC 86 -122.71 -7.76 -7.88
CA ASN KC 86 -121.90 -8.97 -7.85
C ASN KC 86 -122.40 -9.92 -6.77
N ILE KC 87 -122.44 -11.19 -7.10
CA ILE KC 87 -122.94 -12.23 -6.20
C ILE KC 87 -121.89 -13.32 -6.11
N VAL KC 88 -121.39 -13.56 -4.91
CA VAL KC 88 -120.43 -14.63 -4.66
C VAL KC 88 -121.08 -15.64 -3.75
N ILE KC 89 -121.11 -16.89 -4.19
CA ILE KC 89 -121.68 -17.96 -3.38
C ILE KC 89 -120.63 -19.04 -3.17
N PRO KC 90 -120.23 -19.31 -1.94
CA PRO KC 90 -119.12 -20.24 -1.71
C PRO KC 90 -119.48 -21.68 -2.02
N ARG KC 91 -118.46 -22.54 -1.96
CA ARG KC 91 -118.63 -23.95 -2.27
C ARG KC 91 -119.54 -24.66 -1.26
N VAL KC 92 -119.69 -24.12 -0.06
CA VAL KC 92 -120.34 -24.82 1.04
C VAL KC 92 -121.76 -24.32 1.27
N ALA KC 93 -122.34 -23.58 0.33
CA ALA KC 93 -123.62 -22.92 0.55
C ALA KC 93 -124.77 -23.85 0.17
N THR KC 94 -125.72 -24.01 1.07
CA THR KC 94 -126.89 -24.83 0.82
C THR KC 94 -127.79 -24.15 -0.23
N ALA KC 95 -128.67 -24.95 -0.83
CA ALA KC 95 -129.54 -24.47 -1.89
C ALA KC 95 -130.60 -23.48 -1.41
N THR KC 96 -130.93 -23.48 -0.12
CA THR KC 96 -131.88 -22.52 0.42
C THR KC 96 -131.21 -21.29 1.02
N ASP KC 97 -129.97 -21.43 1.48
CA ASP KC 97 -129.22 -20.27 1.91
C ASP KC 97 -128.93 -19.32 0.76
N ARG KC 98 -128.71 -19.87 -0.44
CA ARG KC 98 -128.59 -19.02 -1.63
C ARG KC 98 -129.82 -18.16 -1.81
N ALA KC 99 -131.01 -18.77 -1.79
CA ALA KC 99 -132.22 -18.00 -1.97
C ALA KC 99 -132.39 -16.98 -0.85
N GLU KC 100 -132.13 -17.38 0.39
CA GLU KC 100 -132.25 -16.44 1.50
C GLU KC 100 -131.35 -15.23 1.28
N ALA KC 101 -130.07 -15.46 0.98
CA ALA KC 101 -129.13 -14.37 0.83
C ALA KC 101 -129.51 -13.47 -0.33
N ILE KC 102 -129.87 -14.06 -1.48
CA ILE KC 102 -130.15 -13.24 -2.66
C ILE KC 102 -131.41 -12.41 -2.45
N LYS KC 103 -132.50 -13.05 -2.00
CA LYS KC 103 -133.74 -12.30 -1.83
C LYS KC 103 -133.65 -11.31 -0.68
N ARG KC 104 -132.75 -11.53 0.28
CA ARG KC 104 -132.55 -10.53 1.32
C ARG KC 104 -131.76 -9.34 0.80
N ALA KC 105 -130.70 -9.59 0.03
CA ALA KC 105 -129.91 -8.50 -0.51
C ALA KC 105 -130.73 -7.65 -1.47
N PHE KC 106 -131.53 -8.28 -2.32
CA PHE KC 106 -132.37 -7.54 -3.24
C PHE KC 106 -133.56 -6.89 -2.55
N ASP KC 107 -133.79 -7.18 -1.26
CA ASP KC 107 -134.84 -6.54 -0.49
C ASP KC 107 -134.38 -5.25 0.16
N VAL KC 108 -133.14 -4.84 -0.08
CA VAL KC 108 -132.65 -3.59 0.50
C VAL KC 108 -133.47 -2.41 0.00
N LEU KC 109 -133.81 -2.42 -1.29
CA LEU KC 109 -134.57 -1.31 -1.87
C LEU KC 109 -135.87 -1.07 -1.12
N ASN KC 110 -136.46 -2.12 -0.54
CA ASN KC 110 -137.66 -1.94 0.27
C ASN KC 110 -137.32 -1.48 1.68
N ALA KC 111 -136.10 -1.73 2.16
CA ALA KC 111 -135.71 -1.29 3.49
C ALA KC 111 -135.00 0.05 3.44
N LEU KC 112 -133.91 0.13 2.67
CA LEU KC 112 -133.13 1.35 2.54
C LEU KC 112 -133.62 2.16 1.34
N ASN KC 113 -134.92 2.44 1.35
CA ASN KC 113 -135.59 2.96 0.16
C ASN KC 113 -135.20 4.41 -0.12
N ALA KC 114 -135.43 5.29 0.84
CA ALA KC 114 -135.22 6.72 0.61
C ALA KC 114 -133.76 7.04 0.32
N GLU KC 115 -132.83 6.25 0.84
CA GLU KC 115 -131.42 6.49 0.57
C GLU KC 115 -131.01 6.09 -0.85
N LEU KC 116 -131.88 5.41 -1.60
CA LEU KC 116 -131.57 4.97 -2.94
C LEU KC 116 -132.46 5.59 -3.99
N ILE KC 117 -133.77 5.62 -3.75
CA ILE KC 117 -134.70 6.16 -4.75
C ILE KC 117 -134.50 7.66 -4.90
N THR KC 118 -134.37 8.39 -3.80
CA THR KC 118 -134.24 9.84 -3.84
C THR KC 118 -132.80 10.33 -3.74
N GLY KC 119 -131.89 9.50 -3.24
CA GLY KC 119 -130.50 9.87 -3.16
C GLY KC 119 -130.05 10.53 -1.88
N GLU KC 120 -130.89 10.54 -0.84
CA GLU KC 120 -130.54 11.16 0.42
C GLU KC 120 -129.40 10.41 1.09
N GLY KC 121 -128.98 10.92 2.22
CA GLY KC 121 -128.09 10.21 3.11
C GLY KC 121 -128.66 10.22 4.50
N GLN KC 122 -128.51 9.11 5.20
CA GLN KC 122 -129.08 9.00 6.53
C GLN KC 122 -128.29 9.82 7.53
N TRP KC 123 -129.01 10.56 8.37
CA TRP KC 123 -128.38 11.47 9.32
C TRP KC 123 -128.38 10.95 10.74
N ALA LC 1 -134.10 8.71 6.00
CA ALA LC 1 -134.30 9.02 7.40
C ALA LC 1 -133.06 8.69 8.21
N ALA LC 2 -133.16 8.83 9.53
CA ALA LC 2 -132.01 8.59 10.38
C ALA LC 2 -131.68 7.10 10.45
N ARG LC 3 -130.46 6.82 10.91
CA ARG LC 3 -130.03 5.43 11.06
C ARG LC 3 -130.97 4.70 12.02
N SER LC 4 -131.68 3.70 11.52
CA SER LC 4 -132.62 2.95 12.35
C SER LC 4 -132.45 1.46 12.13
N SER LC 5 -133.40 0.67 12.62
CA SER LC 5 -133.37 -0.77 12.44
C SER LC 5 -134.10 -1.16 11.17
N ILE LC 6 -133.42 -1.88 10.27
CA ILE LC 6 -134.00 -2.32 9.02
C ILE LC 6 -134.43 -3.78 9.15
N VAL LC 7 -135.38 -4.19 8.33
CA VAL LC 7 -136.10 -5.44 8.53
C VAL LC 7 -135.90 -6.29 7.27
N LEU LC 8 -134.68 -6.26 6.72
CA LEU LC 8 -134.30 -7.06 5.57
C LEU LC 8 -134.87 -8.46 5.66
N THR LC 9 -135.70 -8.83 4.68
CA THR LC 9 -136.44 -10.09 4.69
C THR LC 9 -136.34 -10.75 3.33
N ASP LC 10 -137.01 -11.88 3.18
CA ASP LC 10 -137.11 -12.55 1.90
C ASP LC 10 -138.51 -13.10 1.63
N GLY LC 11 -139.51 -12.70 2.42
CA GLY LC 11 -140.86 -13.19 2.29
C GLY LC 11 -141.24 -14.23 3.32
N THR LC 12 -140.27 -14.96 3.85
CA THR LC 12 -140.52 -15.98 4.87
C THR LC 12 -139.80 -15.69 6.18
N THR LC 13 -138.49 -15.46 6.13
CA THR LC 13 -137.67 -15.34 7.33
C THR LC 13 -137.06 -13.95 7.42
N PRO LC 14 -137.68 -13.02 8.12
CA PRO LC 14 -137.11 -11.68 8.26
C PRO LC 14 -135.91 -11.67 9.21
N VAL LC 15 -135.06 -10.67 9.01
CA VAL LC 15 -133.91 -10.43 9.87
C VAL LC 15 -133.84 -8.94 10.15
N THR LC 16 -133.69 -8.57 11.41
CA THR LC 16 -133.62 -7.17 11.82
C THR LC 16 -132.17 -6.77 12.08
N LEU LC 17 -131.74 -5.69 11.45
CA LEU LC 17 -130.37 -5.21 11.54
C LEU LC 17 -130.35 -3.81 12.13
N THR LC 18 -129.50 -3.60 13.13
CA THR LC 18 -129.34 -2.30 13.78
C THR LC 18 -127.92 -1.80 13.58
N PRO LC 19 -127.73 -0.49 13.39
CA PRO LC 19 -126.40 0.03 13.05
C PRO LC 19 -125.38 -0.26 14.14
N VAL LC 20 -124.17 -0.63 13.71
CA VAL LC 20 -123.11 -1.02 14.64
C VAL LC 20 -121.84 -0.22 14.39
N GLY LC 21 -121.96 0.92 13.74
CA GLY LC 21 -120.80 1.76 13.57
C GLY LC 21 -120.89 2.56 12.27
N GLY LC 22 -119.72 2.87 11.73
CA GLY LC 22 -119.65 3.62 10.49
C GLY LC 22 -119.04 5.00 10.66
N GLY LC 23 -119.68 6.00 10.06
CA GLY LC 23 -119.17 7.36 10.09
C GLY LC 23 -120.03 8.29 9.25
N VAL LC 24 -119.40 9.11 8.43
CA VAL LC 24 -120.10 9.96 7.47
C VAL LC 24 -120.02 9.29 6.10
N GLY LC 25 -121.17 9.14 5.45
CA GLY LC 25 -121.21 8.39 4.22
C GLY LC 25 -120.78 6.95 4.43
N GLN LC 26 -121.24 6.34 5.52
CA GLN LC 26 -120.94 4.96 5.85
C GLN LC 26 -121.86 4.52 6.97
N THR LC 27 -122.34 3.29 6.91
CA THR LC 27 -123.28 2.79 7.91
C THR LC 27 -123.20 1.27 7.93
N LEU LC 28 -122.65 0.72 9.02
CA LEU LC 28 -122.65 -0.71 9.20
C LEU LC 28 -124.00 -1.20 9.71
N TYR LC 29 -124.20 -2.51 9.67
CA TYR LC 29 -125.40 -3.12 10.20
C TYR LC 29 -125.04 -4.52 10.70
N ARG LC 30 -125.91 -5.07 11.54
CA ARG LC 30 -125.78 -6.45 12.01
C ARG LC 30 -127.05 -6.80 12.77
N ALA LC 31 -127.27 -8.09 12.96
CA ALA LC 31 -128.47 -8.61 13.60
C ALA LC 31 -128.19 -8.94 15.07
N THR LC 32 -129.17 -9.57 15.73
CA THR LC 32 -129.14 -9.74 17.18
C THR LC 32 -128.37 -10.98 17.64
N ALA LC 33 -128.43 -12.07 16.89
CA ALA LC 33 -127.77 -13.31 17.31
C ALA LC 33 -126.26 -13.12 17.40
N GLU LC 34 -125.59 -13.95 18.20
CA GLU LC 34 -124.17 -13.78 18.48
C GLU LC 34 -123.41 -15.06 18.15
N ALA LC 35 -122.18 -14.89 17.71
CA ALA LC 35 -121.29 -16.01 17.42
C ALA LC 35 -119.86 -15.57 17.72
N LEU LC 36 -118.88 -16.33 17.22
CA LEU LC 36 -117.48 -16.06 17.50
C LEU LC 36 -116.76 -15.46 16.30
N SER LC 37 -116.79 -16.12 15.15
CA SER LC 37 -116.08 -15.66 13.96
C SER LC 37 -116.95 -14.77 13.08
N ALA LC 38 -118.06 -15.32 12.58
CA ALA LC 38 -119.01 -14.57 11.78
C ALA LC 38 -120.34 -14.56 12.51
N ALA LC 39 -120.76 -13.38 12.96
CA ALA LC 39 -121.94 -13.31 13.81
C ALA LC 39 -123.22 -13.38 12.98
N ASN LC 40 -123.44 -12.39 12.13
CA ASN LC 40 -124.74 -12.22 11.48
C ASN LC 40 -124.57 -11.59 10.10
N PRO LC 41 -125.65 -11.43 9.34
CA PRO LC 41 -125.57 -10.60 8.12
C PRO LC 41 -125.14 -9.19 8.46
N SER LC 42 -124.30 -8.62 7.60
CA SER LC 42 -123.69 -7.32 7.85
C SER LC 42 -123.80 -6.46 6.59
N LEU LC 43 -124.80 -5.60 6.53
CA LEU LC 43 -125.08 -4.78 5.35
C LEU LC 43 -124.37 -3.45 5.49
N SER LC 44 -123.22 -3.31 4.83
CA SER LC 44 -122.51 -2.05 4.83
C SER LC 44 -123.02 -1.17 3.69
N PHE LC 45 -123.14 0.13 3.96
CA PHE LC 45 -123.73 1.10 3.04
C PHE LC 45 -122.80 2.30 2.94
N GLY LC 46 -122.20 2.50 1.78
CA GLY LC 46 -121.09 3.44 1.65
C GLY LC 46 -121.26 4.62 0.72
N TYR LC 47 -122.41 5.28 0.75
CA TYR LC 47 -122.69 6.37 -0.18
C TYR LC 47 -121.70 7.51 -0.01
N ARG LC 48 -121.51 8.26 -1.11
CA ARG LC 48 -120.64 9.43 -1.14
C ARG LC 48 -120.97 10.22 -2.40
N PHE LC 49 -120.24 11.32 -2.60
CA PHE LC 49 -120.35 12.15 -3.80
C PHE LC 49 -118.97 12.29 -4.43
N THR LC 50 -118.90 13.03 -5.52
CA THR LC 50 -117.68 13.12 -6.32
C THR LC 50 -117.59 14.53 -6.89
N ASP LC 51 -116.75 14.70 -7.92
CA ASP LC 51 -116.53 16.01 -8.52
C ASP LC 51 -117.84 16.64 -8.99
N GLY LC 52 -118.64 15.88 -9.72
CA GLY LC 52 -119.98 16.31 -10.08
C GLY LC 52 -121.00 15.84 -9.07
N GLY LC 53 -122.23 15.72 -9.52
CA GLY LC 53 -123.26 15.14 -8.68
C GLY LC 53 -123.24 13.63 -8.75
N THR LC 54 -122.07 13.06 -8.98
CA THR LC 54 -121.92 11.62 -9.20
C THR LC 54 -122.14 10.87 -7.90
N ASN LC 55 -123.40 10.59 -7.59
CA ASN LC 55 -123.76 9.91 -6.35
C ASN LC 55 -123.28 8.47 -6.42
N ARG LC 56 -122.13 8.19 -5.80
CA ARG LC 56 -121.49 6.89 -5.90
C ARG LC 56 -121.84 6.02 -4.70
N GLN LC 57 -123.11 5.64 -4.64
CA GLN LC 57 -123.55 4.76 -3.56
C GLN LC 57 -122.94 3.37 -3.74
N SER LC 58 -122.88 2.63 -2.63
CA SER LC 58 -122.27 1.32 -2.64
C SER LC 58 -122.78 0.53 -1.44
N LEU LC 59 -123.05 -0.75 -1.66
CA LEU LC 59 -123.59 -1.62 -0.63
C LEU LC 59 -122.81 -2.91 -0.61
N SER LC 60 -122.97 -3.66 0.48
CA SER LC 60 -122.43 -5.00 0.58
C SER LC 60 -123.15 -5.78 1.66
N TYR LC 61 -123.86 -6.83 1.29
CA TYR LC 61 -124.65 -7.63 2.23
C TYR LC 61 -124.02 -9.00 2.33
N LYS LC 62 -123.44 -9.30 3.49
CA LYS LC 62 -122.85 -10.60 3.75
C LYS LC 62 -123.73 -11.38 4.70
N GLN LC 63 -124.07 -12.60 4.32
CA GLN LC 63 -124.81 -13.52 5.18
C GLN LC 63 -123.95 -14.74 5.46
N PRO LC 64 -123.54 -14.97 6.71
CA PRO LC 64 -122.63 -16.09 6.98
C PRO LC 64 -123.33 -17.44 6.87
N ILE LC 65 -122.68 -18.34 6.14
CA ILE LC 65 -123.11 -19.73 6.02
C ILE LC 65 -122.63 -20.43 7.28
N THR LC 66 -123.57 -20.86 8.12
CA THR LC 66 -123.26 -21.44 9.42
C THR LC 66 -124.17 -22.62 9.70
N ALA LC 67 -123.67 -23.54 10.54
CA ALA LC 67 -124.46 -24.65 11.05
C ALA LC 67 -124.12 -24.84 12.51
N VAL LC 68 -125.15 -25.08 13.33
CA VAL LC 68 -124.97 -25.14 14.78
C VAL LC 68 -124.33 -26.47 15.16
N ASP LC 69 -123.27 -26.39 15.96
CA ASP LC 69 -122.62 -27.58 16.48
C ASP LC 69 -123.45 -28.20 17.60
N SER LC 70 -123.16 -29.45 17.92
CA SER LC 70 -123.78 -30.11 19.05
C SER LC 70 -122.94 -29.94 20.30
N THR LC 71 -123.61 -29.75 21.43
CA THR LC 71 -123.04 -29.62 22.77
C THR LC 71 -122.24 -28.34 22.97
N THR LC 72 -122.08 -27.52 21.93
CA THR LC 72 -121.34 -26.27 22.05
C THR LC 72 -122.16 -25.13 21.48
N SER LC 73 -122.16 -24.00 22.18
CA SER LC 73 -122.94 -22.83 21.78
C SER LC 73 -122.11 -21.84 20.96
N GLU LC 74 -121.53 -22.32 19.86
CA GLU LC 74 -120.70 -21.48 19.01
C GLU LC 74 -121.15 -21.45 17.56
N THR LC 75 -122.16 -22.25 17.18
CA THR LC 75 -122.81 -22.23 15.87
C THR LC 75 -121.82 -22.03 14.74
N LEU LC 76 -120.92 -22.99 14.57
CA LEU LC 76 -119.81 -22.92 13.60
C LEU LC 76 -120.27 -22.35 12.26
N VAL LC 77 -119.50 -21.37 11.78
CA VAL LC 77 -119.77 -20.72 10.50
C VAL LC 77 -118.86 -21.32 9.44
N ARG LC 78 -119.40 -21.52 8.24
CA ARG LC 78 -118.67 -22.18 7.17
C ARG LC 78 -118.25 -21.23 6.05
N GLY LC 79 -118.98 -20.16 5.82
CA GLY LC 79 -118.65 -19.24 4.76
C GLY LC 79 -119.46 -17.97 4.82
N GLN LC 80 -119.60 -17.31 3.67
CA GLN LC 80 -120.43 -16.10 3.57
C GLN LC 80 -120.87 -15.84 2.14
N CYS LC 81 -122.15 -15.49 1.95
CA CYS LC 81 -122.72 -15.20 0.63
C CYS LC 81 -122.66 -13.70 0.41
N VAL LC 82 -121.53 -13.24 -0.14
CA VAL LC 82 -121.35 -11.81 -0.41
C VAL LC 82 -122.23 -11.39 -1.57
N VAL LC 83 -122.91 -10.25 -1.42
CA VAL LC 83 -123.69 -9.67 -2.50
C VAL LC 83 -123.45 -8.17 -2.56
N ASP LC 84 -122.58 -7.73 -3.47
CA ASP LC 84 -122.25 -6.32 -3.62
C ASP LC 84 -123.22 -5.64 -4.57
N ILE LC 85 -123.56 -4.39 -4.28
CA ILE LC 85 -124.41 -3.59 -5.15
C ILE LC 85 -123.86 -2.17 -5.24
N ASN LC 86 -123.22 -1.84 -6.35
CA ASN LC 86 -122.65 -0.51 -6.54
C ASN LC 86 -123.50 0.29 -7.51
N ILE LC 87 -123.72 1.55 -7.16
CA ILE LC 87 -124.60 2.43 -7.92
C ILE LC 87 -123.82 3.70 -8.26
N VAL LC 88 -123.87 4.10 -9.54
CA VAL LC 88 -123.23 5.32 -10.01
C VAL LC 88 -124.26 6.10 -10.80
N ILE LC 89 -124.74 7.20 -10.24
CA ILE LC 89 -125.77 8.03 -10.85
C ILE LC 89 -125.12 9.37 -11.23
N PRO LC 90 -125.22 9.80 -12.49
CA PRO LC 90 -124.49 11.00 -12.90
C PRO LC 90 -125.12 12.27 -12.37
N ARG LC 91 -124.49 13.41 -12.67
CA ARG LC 91 -125.02 14.69 -12.23
C ARG LC 91 -126.30 15.07 -12.94
N VAL LC 92 -126.47 14.67 -14.20
CA VAL LC 92 -127.55 15.13 -15.05
C VAL LC 92 -128.79 14.26 -14.89
N ALA LC 93 -128.77 13.35 -13.93
CA ALA LC 93 -129.84 12.35 -13.81
C ALA LC 93 -131.01 12.94 -13.03
N THR LC 94 -132.10 13.22 -13.74
CA THR LC 94 -133.34 13.64 -13.11
C THR LC 94 -133.82 12.57 -12.14
N ALA LC 95 -134.39 13.01 -11.01
CA ALA LC 95 -134.78 12.07 -9.96
C ALA LC 95 -135.79 11.04 -10.43
N THR LC 96 -136.53 11.32 -11.50
CA THR LC 96 -137.37 10.28 -12.10
C THR LC 96 -136.50 9.22 -12.80
N ASP LC 97 -135.49 9.66 -13.54
CA ASP LC 97 -134.60 8.72 -14.20
C ASP LC 97 -133.84 7.85 -13.21
N ARG LC 98 -133.39 8.44 -12.09
CA ARG LC 98 -132.69 7.65 -11.09
C ARG LC 98 -133.61 6.61 -10.46
N ALA LC 99 -134.85 6.98 -10.15
CA ALA LC 99 -135.79 6.01 -9.60
C ALA LC 99 -136.04 4.88 -10.60
N GLU LC 100 -136.23 5.23 -11.88
CA GLU LC 100 -136.41 4.20 -12.89
C GLU LC 100 -135.22 3.27 -12.96
N ALA LC 101 -134.01 3.83 -12.96
CA ALA LC 101 -132.81 3.00 -13.09
C ALA LC 101 -132.67 2.06 -11.90
N ILE LC 102 -132.88 2.56 -10.68
CA ILE LC 102 -132.71 1.72 -9.51
C ILE LC 102 -133.78 0.63 -9.47
N LYS LC 103 -135.04 1.00 -9.68
CA LYS LC 103 -136.11 0.03 -9.57
C LYS LC 103 -136.07 -0.99 -10.71
N ARG LC 104 -135.50 -0.62 -11.85
CA ARG LC 104 -135.32 -1.58 -12.93
C ARG LC 104 -134.15 -2.50 -12.66
N ALA LC 105 -133.07 -1.98 -12.07
CA ALA LC 105 -131.94 -2.85 -11.74
C ALA LC 105 -132.32 -3.86 -10.67
N PHE LC 106 -133.13 -3.45 -9.70
CA PHE LC 106 -133.52 -4.37 -8.64
C PHE LC 106 -134.69 -5.26 -9.03
N ASP LC 107 -135.21 -5.13 -10.26
CA ASP LC 107 -136.22 -6.05 -10.77
C ASP LC 107 -135.60 -7.20 -11.56
N VAL LC 108 -134.27 -7.29 -11.59
CA VAL LC 108 -133.63 -8.41 -12.28
C VAL LC 108 -134.02 -9.72 -11.62
N LEU LC 109 -134.09 -9.74 -10.29
CA LEU LC 109 -134.40 -10.96 -9.56
C LEU LC 109 -135.71 -11.58 -10.00
N ASN LC 110 -136.68 -10.76 -10.41
CA ASN LC 110 -137.96 -11.28 -10.87
C ASN LC 110 -137.98 -11.61 -12.35
N ALA LC 111 -136.94 -11.21 -13.10
CA ALA LC 111 -136.86 -11.51 -14.53
C ALA LC 111 -135.81 -12.57 -14.81
N LEU LC 112 -134.60 -12.39 -14.27
CA LEU LC 112 -133.52 -13.36 -14.39
C LEU LC 112 -133.46 -14.24 -13.15
N ASN LC 113 -134.59 -14.88 -12.86
CA ASN LC 113 -134.81 -15.49 -11.56
C ASN LC 113 -134.01 -16.78 -11.37
N ALA LC 114 -134.20 -17.74 -12.28
CA ALA LC 114 -133.60 -19.06 -12.11
C ALA LC 114 -132.08 -18.99 -12.11
N GLU LC 115 -131.50 -18.16 -12.97
CA GLU LC 115 -130.05 -18.06 -13.04
C GLU LC 115 -129.45 -17.51 -11.76
N LEU LC 116 -130.19 -16.71 -11.00
CA LEU LC 116 -129.68 -16.09 -9.78
C LEU LC 116 -129.96 -16.95 -8.56
N ILE LC 117 -131.17 -17.52 -8.46
CA ILE LC 117 -131.51 -18.33 -7.30
C ILE LC 117 -130.85 -19.70 -7.40
N THR LC 118 -131.14 -20.42 -8.47
CA THR LC 118 -130.61 -21.78 -8.62
C THR LC 118 -129.13 -21.77 -8.98
N GLY LC 119 -128.71 -20.87 -9.87
CA GLY LC 119 -127.30 -20.74 -10.21
C GLY LC 119 -126.92 -21.56 -11.43
N GLU LC 120 -127.68 -21.42 -12.52
CA GLU LC 120 -127.50 -22.27 -13.68
C GLU LC 120 -128.06 -21.56 -14.90
N GLY LC 121 -127.77 -22.14 -16.07
CA GLY LC 121 -128.53 -21.79 -17.25
C GLY LC 121 -127.81 -21.01 -18.32
N GLN LC 122 -128.58 -20.25 -19.11
CA GLN LC 122 -128.10 -19.53 -20.28
C GLN LC 122 -127.48 -20.50 -21.29
N TRP LC 123 -128.33 -21.33 -21.85
CA TRP LC 123 -127.92 -22.30 -22.86
C TRP LC 123 -127.82 -21.60 -24.22
N ALA MC 1 -45.61 21.60 -120.47
CA ALA MC 1 -45.87 20.64 -121.53
C ALA MC 1 -44.78 19.57 -121.56
N ALA MC 2 -44.81 18.72 -122.58
CA ALA MC 2 -43.78 17.70 -122.71
C ALA MC 2 -42.42 18.34 -122.95
N ARG MC 3 -41.40 17.81 -122.28
CA ARG MC 3 -40.05 18.35 -122.40
C ARG MC 3 -39.54 18.21 -123.83
N SER MC 4 -38.92 19.26 -124.35
CA SER MC 4 -38.40 19.28 -125.70
C SER MC 4 -37.18 20.20 -125.73
N SER MC 5 -36.79 20.60 -126.93
CA SER MC 5 -35.64 21.48 -127.11
C SER MC 5 -36.10 22.93 -127.08
N ILE MC 6 -35.17 23.82 -126.74
CA ILE MC 6 -35.43 25.26 -126.69
C ILE MC 6 -34.33 25.99 -127.44
N VAL MC 7 -34.66 27.18 -127.95
CA VAL MC 7 -33.86 27.83 -128.98
C VAL MC 7 -33.42 29.19 -128.44
N LEU MC 8 -33.09 29.24 -127.14
CA LEU MC 8 -32.57 30.46 -126.51
C LEU MC 8 -31.65 31.22 -127.45
N THR MC 9 -31.94 32.51 -127.64
CA THR MC 9 -31.25 33.32 -128.62
C THR MC 9 -31.08 34.74 -128.09
N ASP MC 10 -30.33 35.54 -128.82
CA ASP MC 10 -30.19 36.97 -128.54
C ASP MC 10 -30.22 37.77 -129.83
N GLY MC 11 -30.88 37.24 -130.85
CA GLY MC 11 -31.03 37.98 -132.09
C GLY MC 11 -30.03 37.60 -133.16
N THR MC 12 -28.82 37.21 -132.75
CA THR MC 12 -27.77 36.91 -133.72
C THR MC 12 -27.19 35.50 -133.59
N THR MC 13 -27.06 34.98 -132.38
CA THR MC 13 -26.45 33.66 -132.17
C THR MC 13 -27.39 32.78 -131.34
N PRO MC 14 -28.31 32.09 -131.99
CA PRO MC 14 -29.20 31.18 -131.26
C PRO MC 14 -28.44 30.01 -130.67
N VAL MC 15 -28.99 29.48 -129.57
CA VAL MC 15 -28.41 28.33 -128.88
C VAL MC 15 -29.52 27.31 -128.70
N THR MC 16 -29.32 26.11 -129.24
CA THR MC 16 -30.28 25.03 -129.08
C THR MC 16 -29.91 24.21 -127.86
N LEU MC 17 -30.82 24.13 -126.90
CA LEU MC 17 -30.61 23.35 -125.69
C LEU MC 17 -31.52 22.14 -125.70
N THR MC 18 -31.03 21.05 -125.11
CA THR MC 18 -31.77 19.80 -125.06
C THR MC 18 -31.81 19.30 -123.62
N PRO MC 19 -32.88 18.61 -123.23
CA PRO MC 19 -32.99 18.14 -121.84
C PRO MC 19 -32.13 16.92 -121.58
N VAL MC 20 -31.19 17.02 -120.64
CA VAL MC 20 -30.23 15.95 -120.42
C VAL MC 20 -30.26 15.49 -118.97
N GLY MC 21 -31.39 15.69 -118.30
CA GLY MC 21 -31.51 15.27 -116.92
C GLY MC 21 -32.67 15.96 -116.24
N GLY MC 22 -32.65 15.89 -114.92
CA GLY MC 22 -33.67 16.52 -114.11
C GLY MC 22 -34.31 15.59 -113.10
N GLY MC 23 -35.62 15.69 -112.98
CA GLY MC 23 -36.33 14.86 -112.01
C GLY MC 23 -37.78 15.29 -111.93
N VAL MC 24 -38.30 15.26 -110.71
CA VAL MC 24 -39.65 15.75 -110.43
C VAL MC 24 -39.54 17.21 -110.00
N GLY MC 25 -40.22 18.09 -110.73
CA GLY MC 25 -40.08 19.51 -110.50
C GLY MC 25 -38.70 20.05 -110.82
N GLN MC 26 -38.13 19.59 -111.93
CA GLN MC 26 -36.79 20.00 -112.36
C GLN MC 26 -36.55 19.49 -113.76
N THR MC 27 -35.82 20.27 -114.56
CA THR MC 27 -35.50 19.87 -115.93
C THR MC 27 -34.23 20.58 -116.35
N LEU MC 28 -33.11 19.89 -116.29
CA LEU MC 28 -31.85 20.44 -116.77
C LEU MC 28 -31.85 20.52 -118.29
N TYR MC 29 -31.08 21.47 -118.82
CA TYR MC 29 -30.87 21.61 -120.24
C TYR MC 29 -29.38 21.80 -120.49
N ARG MC 30 -28.95 21.49 -121.71
CA ARG MC 30 -27.57 21.76 -122.08
C ARG MC 30 -27.51 21.97 -123.59
N ALA MC 31 -26.63 22.87 -124.03
CA ALA MC 31 -26.46 23.08 -125.45
C ALA MC 31 -25.85 21.84 -126.08
N THR MC 32 -26.28 21.54 -127.32
CA THR MC 32 -25.88 20.31 -127.98
C THR MC 32 -24.37 20.20 -128.05
N ALA MC 33 -23.74 21.10 -128.79
CA ALA MC 33 -22.28 21.19 -128.83
C ALA MC 33 -21.89 22.55 -129.39
N GLU MC 34 -21.23 23.38 -128.58
CA GLU MC 34 -20.66 24.61 -129.11
C GLU MC 34 -19.30 24.35 -129.72
N ALA MC 35 -18.31 24.02 -128.88
CA ALA MC 35 -17.01 23.55 -129.37
C ALA MC 35 -16.40 22.45 -128.53
N LEU MC 36 -16.86 22.23 -127.31
CA LEU MC 36 -16.31 21.23 -126.40
C LEU MC 36 -17.26 21.15 -125.20
N SER MC 37 -16.90 20.33 -124.22
CA SER MC 37 -17.65 20.31 -122.97
C SER MC 37 -17.12 21.39 -122.03
N ALA MC 38 -17.95 21.77 -121.07
CA ALA MC 38 -17.75 22.87 -120.13
C ALA MC 38 -17.79 24.22 -120.81
N ALA MC 39 -17.92 24.28 -122.13
CA ALA MC 39 -18.11 25.52 -122.87
C ALA MC 39 -19.49 25.55 -123.49
N ASN MC 40 -20.46 24.93 -122.81
CA ASN MC 40 -21.82 24.84 -123.28
C ASN MC 40 -22.77 25.42 -122.25
N PRO MC 41 -23.65 26.33 -122.63
CA PRO MC 41 -24.59 26.91 -121.67
C PRO MC 41 -25.60 25.90 -121.16
N SER MC 42 -26.14 26.17 -119.98
CA SER MC 42 -27.16 25.32 -119.39
C SER MC 42 -28.31 26.19 -118.87
N LEU MC 43 -29.50 25.59 -118.81
CA LEU MC 43 -30.74 26.31 -118.48
C LEU MC 43 -31.54 25.53 -117.43
N SER MC 44 -30.92 25.26 -116.29
CA SER MC 44 -31.62 24.53 -115.23
C SER MC 44 -32.93 25.22 -114.89
N PHE MC 45 -33.99 24.42 -114.75
CA PHE MC 45 -35.34 24.98 -114.57
C PHE MC 45 -36.11 24.10 -113.60
N GLY MC 46 -36.47 24.66 -112.44
CA GLY MC 46 -37.26 23.96 -111.46
C GLY MC 46 -38.62 24.62 -111.25
N TYR MC 47 -39.48 23.90 -110.53
CA TYR MC 47 -40.84 24.35 -110.27
C TYR MC 47 -41.43 23.48 -109.18
N ARG MC 48 -42.20 24.09 -108.29
CA ARG MC 48 -42.81 23.35 -107.20
C ARG MC 48 -43.96 24.16 -106.62
N PHE MC 49 -44.81 23.48 -105.87
CA PHE MC 49 -45.92 24.10 -105.16
C PHE MC 49 -45.74 23.88 -103.68
N THR MC 50 -45.80 24.96 -102.91
CA THR MC 50 -45.74 24.85 -101.45
C THR MC 50 -47.12 24.54 -100.90
N ASP MC 51 -47.31 24.77 -99.60
CA ASP MC 51 -48.60 24.53 -98.95
C ASP MC 51 -49.75 25.16 -99.73
N GLY MC 52 -49.59 26.43 -100.10
CA GLY MC 52 -50.56 27.10 -100.94
C GLY MC 52 -50.27 26.86 -102.40
N GLY MC 53 -50.99 27.57 -103.26
CA GLY MC 53 -50.78 27.45 -104.69
C GLY MC 53 -49.65 28.33 -105.17
N THR MC 54 -48.67 28.56 -104.30
CA THR MC 54 -47.54 29.43 -104.62
C THR MC 54 -46.69 28.75 -105.69
N ASN MC 55 -46.89 29.16 -106.94
CA ASN MC 55 -46.22 28.53 -108.07
C ASN MC 55 -44.76 28.94 -108.11
N ARG MC 56 -43.96 28.40 -107.18
CA ARG MC 56 -42.58 28.85 -106.99
C ARG MC 56 -41.68 28.22 -108.05
N GLN MC 57 -41.73 28.79 -109.26
CA GLN MC 57 -40.83 28.40 -110.32
C GLN MC 57 -39.46 29.03 -110.12
N SER MC 58 -38.45 28.44 -110.75
CA SER MC 58 -37.09 28.93 -110.61
C SER MC 58 -36.31 28.60 -111.88
N LEU MC 59 -35.38 29.47 -112.23
CA LEU MC 59 -34.55 29.28 -113.41
C LEU MC 59 -33.10 29.59 -113.05
N SER MC 60 -32.19 29.06 -113.88
CA SER MC 60 -30.77 29.34 -113.72
C SER MC 60 -30.09 29.08 -115.05
N TYR MC 61 -29.68 30.14 -115.72
CA TYR MC 61 -28.99 30.06 -117.00
C TYR MC 61 -27.53 30.37 -116.76
N LYS MC 62 -26.65 29.45 -117.13
CA LYS MC 62 -25.21 29.58 -116.93
C LYS MC 62 -24.52 29.49 -118.28
N GLN MC 63 -23.82 30.55 -118.65
CA GLN MC 63 -23.06 30.59 -119.89
C GLN MC 63 -21.59 30.74 -119.58
N PRO MC 64 -20.74 29.78 -119.92
CA PRO MC 64 -19.32 29.86 -119.52
C PRO MC 64 -18.49 30.66 -120.50
N ILE MC 65 -17.52 31.38 -119.93
CA ILE MC 65 -16.64 32.28 -120.68
C ILE MC 65 -15.39 31.51 -121.03
N THR MC 66 -15.20 31.24 -122.32
CA THR MC 66 -14.07 30.44 -122.79
C THR MC 66 -13.06 31.36 -123.49
N ALA MC 67 -11.80 30.95 -123.42
CA ALA MC 67 -10.71 31.73 -123.99
C ALA MC 67 -9.57 30.79 -124.36
N VAL MC 68 -8.82 31.19 -125.40
CA VAL MC 68 -7.71 30.37 -125.87
C VAL MC 68 -6.54 30.46 -124.89
N ASP MC 69 -5.70 29.43 -124.91
CA ASP MC 69 -4.56 29.29 -124.01
C ASP MC 69 -3.29 29.07 -124.83
N SER MC 70 -3.04 29.99 -125.77
CA SER MC 70 -2.02 29.89 -126.83
C SER MC 70 -0.73 29.20 -126.41
N THR MC 71 -0.29 29.40 -125.16
CA THR MC 71 0.86 28.66 -124.66
C THR MC 71 0.65 27.15 -124.79
N THR MC 72 -0.60 26.69 -124.70
CA THR MC 72 -0.94 25.30 -124.98
C THR MC 72 -1.99 25.14 -126.06
N SER MC 73 -2.70 26.22 -126.42
CA SER MC 73 -3.72 26.23 -127.47
C SER MC 73 -4.92 25.36 -127.12
N GLU MC 74 -5.22 25.20 -125.84
CA GLU MC 74 -6.38 24.48 -125.37
C GLU MC 74 -7.42 25.47 -124.83
N THR MC 75 -8.65 25.35 -125.31
CA THR MC 75 -9.69 26.35 -125.04
C THR MC 75 -10.21 26.19 -123.60
N LEU MC 76 -9.42 26.68 -122.66
CA LEU MC 76 -9.80 26.63 -121.26
C LEU MC 76 -10.94 27.60 -120.98
N VAL MC 77 -11.75 27.26 -119.97
CA VAL MC 77 -12.86 28.10 -119.53
C VAL MC 77 -12.47 28.79 -118.23
N ARG MC 78 -12.72 30.10 -118.17
CA ARG MC 78 -12.31 30.91 -117.02
C ARG MC 78 -13.38 30.93 -115.94
N GLY MC 79 -14.57 31.42 -116.28
CA GLY MC 79 -15.68 31.49 -115.34
C GLY MC 79 -17.01 31.35 -116.04
N GLN MC 80 -18.10 31.82 -115.42
CA GLN MC 80 -19.42 31.68 -116.01
C GLN MC 80 -20.28 32.88 -115.63
N CYS MC 81 -21.19 33.24 -116.52
CA CYS MC 81 -22.22 34.24 -116.27
C CYS MC 81 -23.50 33.54 -115.86
N VAL MC 82 -24.08 33.95 -114.75
CA VAL MC 82 -25.21 33.26 -114.13
C VAL MC 82 -26.39 34.23 -114.07
N VAL MC 83 -27.54 33.79 -114.55
CA VAL MC 83 -28.78 34.57 -114.47
C VAL MC 83 -29.85 33.70 -113.82
N ASP MC 84 -30.41 34.17 -112.71
CA ASP MC 84 -31.43 33.44 -111.98
C ASP MC 84 -32.73 34.23 -112.03
N ILE MC 85 -33.74 33.66 -112.68
CA ILE MC 85 -35.05 34.30 -112.73
C ILE MC 85 -36.04 33.52 -111.88
N ASN MC 86 -36.17 33.88 -110.61
CA ASN MC 86 -37.13 33.24 -109.74
C ASN MC 86 -38.51 33.90 -109.89
N ILE MC 87 -39.55 33.07 -109.83
CA ILE MC 87 -40.92 33.54 -109.98
C ILE MC 87 -41.76 32.93 -108.87
N VAL MC 88 -42.56 33.75 -108.21
CA VAL MC 88 -43.48 33.29 -107.17
C VAL MC 88 -44.85 33.91 -107.43
N ILE MC 89 -45.85 33.07 -107.65
CA ILE MC 89 -47.22 33.50 -107.88
C ILE MC 89 -48.11 32.76 -106.88
N PRO MC 90 -48.85 33.46 -106.02
CA PRO MC 90 -49.65 32.77 -105.00
C PRO MC 90 -50.91 32.18 -105.59
N ARG MC 91 -51.62 31.42 -104.76
CA ARG MC 91 -52.88 30.81 -105.21
C ARG MC 91 -53.92 31.85 -105.56
N VAL MC 92 -53.96 32.97 -104.82
CA VAL MC 92 -55.02 33.96 -104.95
C VAL MC 92 -54.86 34.75 -106.25
N ALA MC 93 -53.86 34.41 -107.04
CA ALA MC 93 -53.54 35.17 -108.24
C ALA MC 93 -54.51 34.83 -109.36
N THR MC 94 -55.10 35.87 -109.94
CA THR MC 94 -55.89 35.70 -111.16
C THR MC 94 -54.97 35.31 -112.31
N ALA MC 95 -55.50 34.49 -113.22
CA ALA MC 95 -54.71 34.03 -114.35
C ALA MC 95 -54.21 35.15 -115.24
N THR MC 96 -54.83 36.33 -115.19
CA THR MC 96 -54.35 37.49 -115.92
C THR MC 96 -53.30 38.29 -115.16
N ASP MC 97 -53.29 38.19 -113.84
CA ASP MC 97 -52.27 38.88 -113.05
C ASP MC 97 -50.92 38.20 -113.19
N ARG MC 98 -50.92 36.86 -113.30
CA ARG MC 98 -49.66 36.14 -113.47
C ARG MC 98 -48.97 36.51 -114.77
N ALA MC 99 -49.72 36.54 -115.87
CA ALA MC 99 -49.14 36.91 -117.16
C ALA MC 99 -48.65 38.35 -117.13
N GLU MC 100 -49.44 39.25 -116.54
CA GLU MC 100 -49.03 40.65 -116.41
C GLU MC 100 -47.71 40.76 -115.68
N ALA MC 101 -47.61 40.13 -114.51
CA ALA MC 101 -46.40 40.21 -113.71
C ALA MC 101 -45.20 39.65 -114.46
N ILE MC 102 -45.36 38.47 -115.07
CA ILE MC 102 -44.22 37.82 -115.73
C ILE MC 102 -43.73 38.68 -116.89
N LYS MC 103 -44.63 39.13 -117.76
CA LYS MC 103 -44.21 39.88 -118.92
C LYS MC 103 -43.63 41.24 -118.52
N ARG MC 104 -44.23 41.90 -117.52
CA ARG MC 104 -43.68 43.18 -117.08
C ARG MC 104 -42.29 43.02 -116.50
N ALA MC 105 -42.09 42.01 -115.66
CA ALA MC 105 -40.78 41.81 -115.07
C ALA MC 105 -39.74 41.42 -116.11
N PHE MC 106 -40.14 40.71 -117.16
CA PHE MC 106 -39.19 40.40 -118.22
C PHE MC 106 -38.95 41.58 -119.15
N ASP MC 107 -39.82 42.59 -119.13
CA ASP MC 107 -39.59 43.80 -119.91
C ASP MC 107 -38.55 44.73 -119.29
N VAL MC 108 -37.94 44.32 -118.17
CA VAL MC 108 -36.95 45.18 -117.52
C VAL MC 108 -35.78 45.47 -118.45
N LEU MC 109 -35.27 44.44 -119.12
CA LEU MC 109 -34.12 44.62 -119.99
C LEU MC 109 -34.42 45.62 -121.09
N ASN MC 110 -35.65 45.63 -121.62
CA ASN MC 110 -36.04 46.66 -122.55
C ASN MC 110 -36.08 48.02 -121.88
N ALA MC 111 -36.57 48.08 -120.64
CA ALA MC 111 -36.67 49.37 -119.94
C ALA MC 111 -35.35 49.75 -119.27
N LEU MC 112 -34.88 48.95 -118.31
CA LEU MC 112 -33.69 49.27 -117.54
C LEU MC 112 -32.46 48.65 -118.20
N ASN MC 113 -32.18 49.10 -119.42
CA ASN MC 113 -31.24 48.40 -120.28
C ASN MC 113 -29.80 48.64 -119.88
N ALA MC 114 -29.35 49.90 -119.92
CA ALA MC 114 -27.93 50.20 -119.88
C ALA MC 114 -27.22 49.72 -118.61
N GLU MC 115 -27.94 49.59 -117.50
CA GLU MC 115 -27.32 49.14 -116.27
C GLU MC 115 -27.18 47.63 -116.18
N LEU MC 116 -27.85 46.89 -117.05
CA LEU MC 116 -27.73 45.43 -117.09
C LEU MC 116 -26.75 44.96 -118.15
N ILE MC 117 -26.93 45.43 -119.39
CA ILE MC 117 -26.07 45.00 -120.49
C ILE MC 117 -24.63 45.42 -120.24
N THR MC 118 -24.43 46.69 -119.87
CA THR MC 118 -23.08 47.25 -119.79
C THR MC 118 -22.45 47.05 -118.43
N GLY MC 119 -23.25 46.95 -117.37
CA GLY MC 119 -22.72 46.74 -116.04
C GLY MC 119 -22.40 48.00 -115.26
N GLU MC 120 -22.65 49.17 -115.82
CA GLU MC 120 -22.36 50.42 -115.11
C GLU MC 120 -23.27 50.58 -113.91
N GLY MC 121 -22.74 51.22 -112.87
CA GLY MC 121 -23.50 51.47 -111.67
C GLY MC 121 -24.13 52.84 -111.71
N GLN MC 122 -25.46 52.86 -111.76
CA GLN MC 122 -26.18 54.13 -111.88
C GLN MC 122 -26.00 54.99 -110.65
N TRP MC 123 -25.95 56.30 -110.88
CA TRP MC 123 -25.65 57.26 -109.81
C TRP MC 123 -26.88 58.07 -109.42
N ALA NC 1 -33.10 14.10 -132.41
CA ALA NC 1 -32.78 13.20 -131.31
C ALA NC 1 -34.00 12.92 -130.45
N ALA NC 2 -35.17 12.95 -131.06
CA ALA NC 2 -36.41 12.56 -130.40
C ALA NC 2 -36.54 11.05 -130.38
N ARG NC 3 -37.38 10.55 -129.47
CA ARG NC 3 -37.53 9.12 -129.30
C ARG NC 3 -38.38 8.55 -130.43
N SER NC 4 -37.82 7.58 -131.15
CA SER NC 4 -38.52 6.90 -132.24
C SER NC 4 -37.96 5.50 -132.37
N SER NC 5 -38.58 4.70 -133.22
CA SER NC 5 -38.14 3.32 -133.42
C SER NC 5 -36.78 3.28 -134.09
N ILE NC 6 -35.93 2.37 -133.63
CA ILE NC 6 -34.60 2.18 -134.19
C ILE NC 6 -34.50 0.79 -134.77
N VAL NC 7 -33.60 0.63 -135.74
CA VAL NC 7 -33.62 -0.52 -136.64
C VAL NC 7 -32.30 -1.29 -136.53
N LEU NC 8 -31.78 -1.43 -135.31
CA LEU NC 8 -30.60 -2.25 -135.05
C LEU NC 8 -30.57 -3.49 -135.93
N THR NC 9 -29.44 -3.71 -136.59
CA THR NC 9 -29.32 -4.83 -137.52
C THR NC 9 -27.88 -5.33 -137.52
N ASP NC 10 -27.71 -6.59 -137.90
CA ASP NC 10 -26.40 -7.21 -138.03
C ASP NC 10 -25.99 -7.38 -139.48
N GLY NC 11 -26.85 -7.03 -140.43
CA GLY NC 11 -26.56 -7.24 -141.83
C GLY NC 11 -27.54 -8.21 -142.45
N THR NC 12 -27.90 -9.26 -141.71
CA THR NC 12 -28.79 -10.29 -142.23
C THR NC 12 -30.24 -10.04 -141.85
N THR NC 13 -30.54 -9.96 -140.55
CA THR NC 13 -31.91 -9.80 -140.07
C THR NC 13 -32.00 -8.54 -139.23
N PRO NC 14 -32.70 -7.50 -139.70
CA PRO NC 14 -32.89 -6.31 -138.88
C PRO NC 14 -33.97 -6.53 -137.83
N VAL NC 15 -33.77 -5.93 -136.66
CA VAL NC 15 -34.77 -5.94 -135.59
C VAL NC 15 -35.14 -4.50 -135.28
N THR NC 16 -36.44 -4.23 -135.22
CA THR NC 16 -36.95 -2.88 -135.00
C THR NC 16 -37.37 -2.76 -133.54
N LEU NC 17 -36.66 -1.93 -132.78
CA LEU NC 17 -37.00 -1.68 -131.39
C LEU NC 17 -37.79 -0.39 -131.28
N THR NC 18 -38.92 -0.44 -130.57
CA THR NC 18 -39.72 0.74 -130.34
C THR NC 18 -39.63 1.15 -128.87
N PRO NC 19 -39.73 2.44 -128.56
CA PRO NC 19 -39.64 2.86 -127.16
C PRO NC 19 -40.79 2.29 -126.35
N VAL NC 20 -40.49 1.92 -125.10
CA VAL NC 20 -41.49 1.43 -124.18
C VAL NC 20 -41.36 2.15 -122.84
N GLY NC 21 -40.75 3.33 -122.86
CA GLY NC 21 -40.74 4.13 -121.65
C GLY NC 21 -39.43 4.77 -121.28
N GLY NC 22 -39.23 5.01 -119.99
CA GLY NC 22 -37.97 5.52 -119.49
C GLY NC 22 -38.04 6.88 -118.80
N GLY NC 23 -38.75 7.82 -119.40
CA GLY NC 23 -38.78 9.16 -118.83
C GLY NC 23 -37.54 9.96 -119.15
N VAL NC 24 -37.16 10.88 -118.27
CA VAL NC 24 -36.01 11.75 -118.49
C VAL NC 24 -34.77 11.07 -117.93
N GLY NC 25 -33.66 11.19 -118.64
CA GLY NC 25 -32.43 10.55 -118.24
C GLY NC 25 -32.24 9.13 -118.71
N GLN NC 26 -33.21 8.56 -119.41
CA GLN NC 26 -33.07 7.20 -119.94
C GLN NC 26 -34.15 6.97 -120.99
N THR NC 27 -34.03 5.83 -121.67
CA THR NC 27 -35.01 5.43 -122.68
C THR NC 27 -34.92 3.92 -122.84
N LEU NC 28 -36.03 3.25 -122.63
CA LEU NC 28 -36.10 1.81 -122.80
C LEU NC 28 -36.69 1.48 -124.16
N TYR NC 29 -36.09 0.49 -124.83
CA TYR NC 29 -36.58 0.05 -126.12
C TYR NC 29 -36.96 -1.42 -126.03
N ARG NC 30 -37.77 -1.87 -126.99
CA ARG NC 30 -38.11 -3.27 -127.09
C ARG NC 30 -38.75 -3.57 -128.44
N ALA NC 31 -38.39 -4.71 -129.04
CA ALA NC 31 -39.00 -5.11 -130.29
C ALA NC 31 -40.34 -5.80 -130.02
N THR NC 32 -41.04 -6.16 -131.08
CA THR NC 32 -42.33 -6.83 -130.89
C THR NC 32 -42.15 -8.32 -130.65
N ALA NC 33 -41.72 -9.06 -131.67
CA ALA NC 33 -41.58 -10.52 -131.63
C ALA NC 33 -42.70 -11.15 -130.81
N GLU NC 34 -43.92 -10.73 -131.12
CA GLU NC 34 -45.06 -10.95 -130.23
C GLU NC 34 -45.32 -12.43 -130.01
N ALA NC 35 -45.87 -12.76 -128.84
CA ALA NC 35 -46.25 -14.13 -128.51
C ALA NC 35 -45.02 -15.05 -128.57
N LEU NC 36 -44.13 -14.87 -127.61
CA LEU NC 36 -44.31 -14.21 -126.31
C LEU NC 36 -43.84 -12.76 -126.36
N SER NC 37 -44.17 -11.98 -125.34
CA SER NC 37 -43.77 -10.57 -125.28
C SER NC 37 -42.47 -10.36 -124.51
N ALA NC 38 -42.05 -11.33 -123.71
CA ALA NC 38 -40.78 -11.24 -122.99
C ALA NC 38 -39.63 -11.86 -123.76
N ALA NC 39 -39.90 -12.45 -124.92
CA ALA NC 39 -38.87 -13.07 -125.74
C ALA NC 39 -38.51 -12.18 -126.94
N ASN NC 40 -37.99 -11.00 -126.65
CA ASN NC 40 -37.54 -10.10 -127.71
C ASN NC 40 -36.49 -9.15 -127.14
N PRO NC 41 -35.60 -8.63 -127.97
CA PRO NC 41 -34.46 -7.85 -127.45
C PRO NC 41 -34.90 -6.48 -126.92
N SER NC 42 -34.02 -5.91 -126.09
CA SER NC 42 -34.26 -4.63 -125.46
C SER NC 42 -32.96 -3.85 -125.41
N LEU NC 43 -33.07 -2.52 -125.33
CA LEU NC 43 -31.94 -1.61 -125.46
C LEU NC 43 -31.97 -0.51 -124.38
N SER NC 44 -32.00 -0.91 -123.12
CA SER NC 44 -32.03 0.09 -122.05
C SER NC 44 -30.89 1.09 -122.19
N PHE NC 45 -31.22 2.34 -122.49
CA PHE NC 45 -30.24 3.37 -122.78
C PHE NC 45 -30.43 4.54 -121.83
N GLY NC 46 -29.43 4.83 -121.00
CA GLY NC 46 -29.48 5.94 -120.09
C GLY NC 46 -28.32 6.90 -120.30
N TYR NC 47 -28.47 8.10 -119.74
CA TYR NC 47 -27.47 9.15 -119.89
C TYR NC 47 -27.68 10.19 -118.80
N ARG NC 48 -26.60 10.81 -118.36
CA ARG NC 48 -26.68 11.81 -117.31
C ARG NC 48 -25.40 12.65 -117.35
N PHE NC 49 -25.43 13.79 -116.67
CA PHE NC 49 -24.28 14.66 -116.50
C PHE NC 49 -24.01 14.81 -115.01
N THR NC 50 -22.77 14.57 -114.60
CA THR NC 50 -22.40 14.64 -113.19
C THR NC 50 -22.16 16.10 -112.79
N ASP NC 51 -21.52 16.29 -111.64
CA ASP NC 51 -21.23 17.63 -111.14
C ASP NC 51 -20.52 18.47 -112.20
N GLY NC 52 -19.54 17.88 -112.89
CA GLY NC 52 -18.90 18.57 -113.98
C GLY NC 52 -19.65 18.39 -115.28
N GLY NC 53 -18.93 18.30 -116.39
CA GLY NC 53 -19.56 18.03 -117.67
C GLY NC 53 -19.35 16.58 -118.06
N THR NC 54 -19.05 15.74 -117.08
CA THR NC 54 -18.73 14.34 -117.35
C THR NC 54 -19.99 13.62 -117.81
N ASN NC 55 -20.10 13.44 -119.11
CA ASN NC 55 -21.24 12.76 -119.72
C ASN NC 55 -21.08 11.26 -119.50
N ARG NC 56 -22.01 10.67 -118.73
CA ARG NC 56 -21.96 9.24 -118.42
C ARG NC 56 -23.11 8.54 -119.14
N GLN NC 57 -22.85 8.12 -120.37
CA GLN NC 57 -23.85 7.38 -121.12
C GLN NC 57 -23.71 5.89 -120.83
N SER NC 58 -24.80 5.16 -121.01
CA SER NC 58 -24.82 3.75 -120.70
C SER NC 58 -25.85 3.02 -121.55
N LEU NC 59 -25.46 1.92 -122.19
CA LEU NC 59 -26.38 1.13 -122.98
C LEU NC 59 -26.33 -0.31 -122.50
N SER NC 60 -27.48 -0.98 -122.55
CA SER NC 60 -27.56 -2.39 -122.19
C SER NC 60 -28.50 -3.05 -123.17
N TYR NC 61 -27.96 -3.87 -124.05
CA TYR NC 61 -28.74 -4.57 -125.06
C TYR NC 61 -28.84 -6.03 -124.64
N LYS NC 62 -30.07 -6.50 -124.46
CA LYS NC 62 -30.32 -7.88 -124.05
C LYS NC 62 -31.12 -8.57 -125.13
N GLN NC 63 -30.63 -9.73 -125.58
CA GLN NC 63 -31.36 -10.53 -126.56
C GLN NC 63 -31.64 -11.90 -125.97
N PRO NC 64 -32.89 -12.28 -125.77
CA PRO NC 64 -33.19 -13.59 -125.19
C PRO NC 64 -33.17 -14.69 -126.24
N ILE NC 65 -32.81 -15.88 -125.79
CA ILE NC 65 -32.66 -17.05 -126.64
C ILE NC 65 -33.95 -17.84 -126.57
N THR NC 66 -34.68 -17.89 -127.68
CA THR NC 66 -35.99 -18.51 -127.73
C THR NC 66 -35.88 -19.96 -128.17
N ALA NC 67 -36.96 -20.70 -127.95
CA ALA NC 67 -37.02 -22.11 -128.36
C ALA NC 67 -38.48 -22.48 -128.49
N VAL NC 68 -38.95 -22.67 -129.72
CA VAL NC 68 -40.36 -22.97 -129.95
C VAL NC 68 -40.61 -24.44 -129.61
N ASP NC 69 -41.32 -24.67 -128.52
CA ASP NC 69 -41.59 -26.03 -128.04
C ASP NC 69 -42.72 -26.61 -128.89
N SER NC 70 -42.36 -27.40 -129.90
CA SER NC 70 -43.34 -27.91 -130.84
C SER NC 70 -44.38 -28.82 -130.19
N THR NC 71 -44.05 -29.43 -129.05
CA THR NC 71 -45.01 -30.29 -128.37
C THR NC 71 -46.20 -29.49 -127.88
N THR NC 72 -45.95 -28.38 -127.19
CA THR NC 72 -47.00 -27.54 -126.64
C THR NC 72 -47.30 -26.31 -127.52
N SER NC 73 -46.37 -25.94 -128.40
CA SER NC 73 -46.47 -24.76 -129.26
C SER NC 73 -46.49 -23.48 -128.44
N GLU NC 74 -45.47 -23.34 -127.60
CA GLU NC 74 -45.25 -22.14 -126.81
C GLU NC 74 -43.77 -21.79 -126.87
N THR NC 75 -43.48 -20.50 -126.83
CA THR NC 75 -42.11 -20.03 -126.89
C THR NC 75 -41.51 -19.99 -125.49
N LEU NC 76 -40.36 -20.63 -125.32
CA LEU NC 76 -39.67 -20.69 -124.04
C LEU NC 76 -38.40 -19.86 -124.11
N VAL NC 77 -38.05 -19.24 -122.99
CA VAL NC 77 -36.86 -18.40 -122.89
C VAL NC 77 -35.82 -19.15 -122.09
N ARG NC 78 -34.67 -19.42 -122.71
CA ARG NC 78 -33.61 -20.21 -122.09
C ARG NC 78 -32.55 -19.36 -121.42
N GLY NC 79 -32.35 -18.13 -121.89
CA GLY NC 79 -31.35 -17.25 -121.32
C GLY NC 79 -31.30 -15.99 -122.15
N GLN NC 80 -30.30 -15.15 -121.86
CA GLN NC 80 -30.17 -13.93 -122.64
C GLN NC 80 -28.71 -13.54 -122.80
N CYS NC 81 -28.35 -13.11 -124.01
CA CYS NC 81 -27.06 -12.51 -124.26
C CYS NC 81 -27.14 -11.03 -123.92
N VAL NC 82 -26.25 -10.57 -123.06
CA VAL NC 82 -26.24 -9.21 -122.55
C VAL NC 82 -24.99 -8.51 -123.02
N VAL NC 83 -25.14 -7.30 -123.56
CA VAL NC 83 -24.01 -6.47 -123.97
C VAL NC 83 -24.17 -5.12 -123.30
N ASP NC 84 -23.23 -4.76 -122.43
CA ASP NC 84 -23.22 -3.46 -121.77
C ASP NC 84 -22.16 -2.59 -122.41
N ILE NC 85 -22.48 -1.32 -122.60
CA ILE NC 85 -21.56 -0.35 -123.20
C ILE NC 85 -21.64 0.92 -122.35
N ASN NC 86 -20.67 1.11 -121.47
CA ASN NC 86 -20.61 2.35 -120.72
C ASN NC 86 -19.65 3.32 -121.37
N ILE NC 87 -20.04 4.59 -121.42
CA ILE NC 87 -19.24 5.63 -122.04
C ILE NC 87 -19.09 6.76 -121.05
N VAL NC 88 -17.86 7.14 -120.74
CA VAL NC 88 -17.58 8.26 -119.86
C VAL NC 88 -16.80 9.30 -120.66
N ILE NC 89 -17.29 10.52 -120.68
CA ILE NC 89 -16.62 11.60 -121.39
C ILE NC 89 -16.34 12.73 -120.41
N PRO NC 90 -15.08 13.06 -120.15
CA PRO NC 90 -14.79 14.05 -119.12
C PRO NC 90 -15.19 15.46 -119.52
N ARG NC 91 -15.09 16.38 -118.56
CA ARG NC 91 -15.48 17.77 -118.77
C ARG NC 91 -14.60 18.47 -119.81
N VAL NC 92 -13.39 17.98 -120.03
CA VAL NC 92 -12.40 18.68 -120.82
C VAL NC 92 -12.31 18.14 -122.25
N ALA NC 93 -13.24 17.30 -122.66
CA ALA NC 93 -13.13 16.59 -123.93
C ALA NC 93 -13.70 17.44 -125.06
N THR NC 94 -12.92 17.60 -126.13
CA THR NC 94 -13.35 18.33 -127.30
C THR NC 94 -14.44 17.54 -128.03
N ALA NC 95 -15.18 18.25 -128.88
CA ALA NC 95 -16.30 17.65 -129.61
C ALA NC 95 -15.85 16.65 -130.67
N THR NC 96 -14.61 16.73 -131.15
CA THR NC 96 -14.10 15.76 -132.11
C THR NC 96 -13.38 14.60 -131.45
N ASP NC 97 -12.82 14.83 -130.26
CA ASP NC 97 -12.25 13.73 -129.49
C ASP NC 97 -13.32 12.75 -129.07
N ARG NC 98 -14.52 13.24 -128.76
CA ARG NC 98 -15.64 12.35 -128.48
C ARG NC 98 -15.90 11.41 -129.64
N ALA NC 99 -16.02 11.96 -130.85
CA ALA NC 99 -16.26 11.12 -132.02
C ALA NC 99 -15.12 10.14 -132.24
N GLU NC 100 -13.88 10.61 -132.12
CA GLU NC 100 -12.74 9.73 -132.28
C GLU NC 100 -12.82 8.56 -131.31
N ALA NC 101 -13.00 8.85 -130.02
CA ALA NC 101 -13.00 7.80 -129.01
C ALA NC 101 -14.15 6.82 -129.24
N ILE NC 102 -15.35 7.34 -129.50
CA ILE NC 102 -16.52 6.47 -129.63
C ILE NC 102 -16.38 5.57 -130.86
N LYS NC 103 -16.07 6.16 -132.01
CA LYS NC 103 -16.01 5.34 -133.22
C LYS NC 103 -14.77 4.45 -133.24
N ARG NC 104 -13.76 4.74 -132.41
CA ARG NC 104 -12.65 3.81 -132.29
C ARG NC 104 -13.00 2.64 -131.39
N ALA NC 105 -13.68 2.92 -130.27
CA ALA NC 105 -14.09 1.83 -129.39
C ALA NC 105 -15.08 0.90 -130.07
N PHE NC 106 -16.03 1.46 -130.81
CA PHE NC 106 -17.00 0.63 -131.53
C PHE NC 106 -16.40 -0.04 -132.76
N ASP NC 107 -15.16 0.30 -133.12
CA ASP NC 107 -14.48 -0.38 -134.22
C ASP NC 107 -13.73 -1.63 -133.77
N VAL NC 108 -13.82 -1.97 -132.49
CA VAL NC 108 -13.14 -3.17 -131.99
C VAL NC 108 -13.69 -4.41 -132.70
N LEU NC 109 -14.99 -4.47 -132.91
CA LEU NC 109 -15.60 -5.62 -133.56
C LEU NC 109 -14.97 -5.91 -134.92
N ASN NC 110 -14.47 -4.88 -135.60
CA ASN NC 110 -13.77 -5.10 -136.86
C ASN NC 110 -12.30 -5.45 -136.65
N ALA NC 111 -11.72 -5.10 -135.50
CA ALA NC 111 -10.34 -5.44 -135.23
C ALA NC 111 -10.24 -6.75 -134.45
N LEU NC 112 -10.89 -6.80 -133.28
CA LEU NC 112 -10.88 -7.99 -132.43
C LEU NC 112 -12.08 -8.89 -132.78
N ASN NC 113 -12.18 -9.21 -134.06
CA ASN NC 113 -13.41 -9.81 -134.58
C ASN NC 113 -13.57 -11.24 -134.11
N ALA NC 114 -12.59 -12.11 -134.42
CA ALA NC 114 -12.74 -13.53 -134.13
C ALA NC 114 -12.85 -13.81 -132.64
N GLU NC 115 -12.31 -12.93 -131.80
CA GLU NC 115 -12.41 -13.13 -130.36
C GLU NC 115 -13.79 -12.77 -129.82
N LEU NC 116 -14.66 -12.17 -130.63
CA LEU NC 116 -15.99 -11.76 -130.19
C LEU NC 116 -17.09 -12.49 -130.93
N ILE NC 117 -17.01 -12.56 -132.26
CA ILE NC 117 -18.06 -13.21 -133.03
C ILE NC 117 -18.13 -14.70 -132.75
N THR NC 118 -16.97 -15.36 -132.69
CA THR NC 118 -16.92 -16.80 -132.49
C THR NC 118 -16.67 -17.21 -131.05
N GLY NC 119 -16.05 -16.36 -130.25
CA GLY NC 119 -15.84 -16.63 -128.85
C GLY NC 119 -14.48 -17.20 -128.49
N GLU NC 120 -13.54 -17.23 -129.44
CA GLU NC 120 -12.22 -17.77 -129.17
C GLU NC 120 -11.49 -16.91 -128.14
N GLY NC 121 -10.31 -17.37 -127.78
CA GLY NC 121 -9.37 -16.55 -127.03
C GLY NC 121 -8.05 -16.54 -127.78
N GLN NC 122 -7.39 -15.39 -127.78
CA GLN NC 122 -6.16 -15.26 -128.51
C GLN NC 122 -5.03 -15.99 -127.80
N TRP NC 123 -4.25 -16.74 -128.57
CA TRP NC 123 -3.20 -17.58 -128.00
C TRP NC 123 -1.80 -16.99 -128.18
N ALA OC 1 -7.17 -15.26 -133.47
CA ALA OC 1 -5.78 -15.51 -133.81
C ALA OC 1 -4.86 -15.09 -132.68
N ALA OC 2 -3.55 -15.16 -132.91
CA ALA OC 2 -2.60 -14.83 -131.86
C ALA OC 2 -2.60 -13.33 -131.58
N ARG OC 3 -2.04 -12.97 -130.43
CA ARG OC 3 -1.91 -11.56 -130.08
C ARG OC 3 -1.10 -10.84 -131.14
N SER OC 4 -1.73 -9.89 -131.84
CA SER OC 4 -1.04 -9.17 -132.90
C SER OC 4 -1.29 -7.67 -132.78
N SER OC 5 -0.94 -6.92 -133.81
CA SER OC 5 -1.17 -5.48 -133.84
C SER OC 5 -2.53 -5.19 -134.45
N ILE OC 6 -3.37 -4.48 -133.71
CA ILE OC 6 -4.70 -4.10 -134.18
C ILE OC 6 -4.67 -2.67 -134.68
N VAL OC 7 -5.62 -2.34 -135.56
CA VAL OC 7 -5.59 -1.10 -136.31
C VAL OC 7 -6.86 -0.29 -136.01
N LEU OC 8 -7.27 -0.29 -134.74
CA LEU OC 8 -8.43 0.47 -134.29
C LEU OC 8 -8.47 1.85 -134.93
N THR OC 9 -9.55 2.12 -135.66
CA THR OC 9 -9.69 3.33 -136.45
C THR OC 9 -11.07 3.92 -136.27
N ASP OC 10 -11.35 5.01 -136.98
CA ASP OC 10 -12.68 5.59 -136.99
C ASP OC 10 -13.12 6.02 -138.39
N GLY OC 11 -12.38 5.66 -139.43
CA GLY OC 11 -12.67 6.05 -140.78
C GLY OC 11 -11.74 7.12 -141.33
N THR OC 12 -11.17 7.95 -140.45
CA THR OC 12 -10.24 8.99 -140.86
C THR OC 12 -8.86 8.81 -140.27
N THR OC 13 -8.75 8.65 -138.95
CA THR OC 13 -7.46 8.63 -138.27
C THR OC 13 -7.24 7.28 -137.60
N PRO OC 14 -6.53 6.35 -138.23
CA PRO OC 14 -6.27 5.06 -137.61
C PRO OC 14 -5.24 5.15 -136.50
N VAL OC 15 -5.28 4.18 -135.60
CA VAL OC 15 -4.31 4.03 -134.52
C VAL OC 15 -3.94 2.56 -134.43
N THR OC 16 -2.65 2.27 -134.37
CA THR OC 16 -2.16 0.90 -134.30
C THR OC 16 -1.72 0.61 -132.87
N LEU OC 17 -2.21 -0.51 -132.33
CA LEU OC 17 -1.95 -0.90 -130.95
C LEU OC 17 -1.31 -2.29 -130.93
N THR OC 18 -0.22 -2.42 -130.16
CA THR OC 18 0.49 -3.68 -130.03
C THR OC 18 0.47 -4.15 -128.57
N PRO OC 19 0.35 -5.45 -128.33
CA PRO OC 19 0.17 -5.93 -126.95
C PRO OC 19 1.32 -5.52 -126.04
N VAL OC 20 0.98 -5.16 -124.80
CA VAL OC 20 1.93 -4.57 -123.89
C VAL OC 20 1.88 -5.38 -122.59
N GLY OC 21 1.35 -6.58 -122.68
CA GLY OC 21 1.39 -7.45 -121.51
C GLY OC 21 0.10 -8.24 -121.39
N GLY OC 22 -0.30 -8.47 -120.14
CA GLY OC 22 -1.49 -9.22 -119.86
C GLY OC 22 -1.23 -10.56 -119.20
N GLY OC 23 -1.80 -11.62 -119.75
CA GLY OC 23 -1.67 -12.95 -119.18
C GLY OC 23 -2.55 -13.95 -119.89
N VAL OC 24 -3.27 -14.79 -119.13
CA VAL OC 24 -4.25 -15.70 -119.68
C VAL OC 24 -5.64 -15.10 -119.47
N GLY OC 25 -6.41 -15.03 -120.56
CA GLY OC 25 -7.67 -14.33 -120.50
C GLY OC 25 -7.48 -12.87 -120.14
N GLN OC 26 -6.49 -12.23 -120.75
CA GLN OC 26 -6.17 -10.83 -120.53
C GLN OC 26 -5.18 -10.39 -121.59
N THR OC 27 -5.37 -9.18 -122.11
CA THR OC 27 -4.51 -8.70 -123.20
C THR OC 27 -4.54 -7.17 -123.18
N LEU OC 28 -3.43 -6.56 -122.78
CA LEU OC 28 -3.30 -5.12 -122.84
C LEU OC 28 -2.99 -4.68 -124.27
N TYR OC 29 -3.08 -3.38 -124.50
CA TYR OC 29 -2.71 -2.79 -125.78
C TYR OC 29 -2.24 -1.37 -125.52
N ARG OC 30 -1.56 -0.80 -126.52
CA ARG OC 30 -1.16 0.60 -126.50
C ARG OC 30 -0.54 0.92 -127.86
N ALA OC 31 -0.49 2.21 -128.17
CA ALA OC 31 0.03 2.70 -129.45
C ALA OC 31 1.50 3.09 -129.33
N THR OC 32 2.02 3.72 -130.37
CA THR OC 32 3.47 3.96 -130.50
C THR OC 32 3.93 5.26 -129.85
N ALA OC 33 3.11 6.30 -129.87
CA ALA OC 33 3.52 7.60 -129.32
C ALA OC 33 3.79 7.49 -127.82
N GLU OC 34 4.64 8.37 -127.29
CA GLU OC 34 5.09 8.28 -125.91
C GLU OC 34 4.81 9.58 -125.17
N ALA OC 35 4.39 9.44 -123.91
CA ALA OC 35 4.14 10.59 -123.05
C ALA OC 35 4.61 10.23 -121.65
N LEU OC 36 4.20 11.04 -120.66
CA LEU OC 36 4.64 10.85 -119.28
C LEU OC 36 3.56 10.23 -118.40
N SER OC 37 2.38 10.85 -118.34
CA SER OC 37 1.31 10.38 -117.47
C SER OC 37 0.38 9.39 -118.19
N ALA OC 38 -0.26 9.85 -119.27
CA ALA OC 38 -1.12 9.00 -120.09
C ALA OC 38 -0.54 8.97 -121.49
N ALA OC 39 -0.07 7.79 -121.91
CA ALA OC 39 0.65 7.70 -123.17
C ALA OC 39 -0.31 7.67 -124.36
N ASN OC 40 -1.13 6.64 -124.45
CA ASN OC 40 -1.89 6.38 -125.67
C ASN OC 40 -3.21 5.70 -125.34
N PRO OC 41 -4.06 5.43 -126.34
CA PRO OC 41 -5.20 4.54 -126.10
C PRO OC 41 -4.75 3.17 -125.63
N SER OC 42 -5.48 2.60 -124.68
CA SER OC 42 -5.10 1.34 -124.05
C SER OC 42 -6.32 0.43 -123.98
N LEU OC 43 -6.45 -0.47 -124.94
CA LEU OC 43 -7.61 -1.35 -125.06
C LEU OC 43 -7.33 -2.65 -124.30
N SER OC 44 -7.86 -2.76 -123.09
CA SER OC 44 -7.72 -3.99 -122.33
C SER OC 44 -8.86 -4.94 -122.68
N PHE OC 45 -8.54 -6.24 -122.75
CA PHE OC 45 -9.47 -7.28 -123.21
C PHE OC 45 -9.40 -8.43 -122.23
N GLY OC 46 -10.49 -8.66 -121.50
CA GLY OC 46 -10.46 -9.54 -120.34
C GLY OC 46 -11.34 -10.77 -120.35
N TYR OC 47 -11.40 -11.49 -121.47
CA TYR OC 47 -12.30 -12.62 -121.60
C TYR OC 47 -11.98 -13.72 -120.58
N ARG OC 48 -13.00 -14.49 -120.23
CA ARG OC 48 -12.89 -15.61 -119.31
C ARG OC 48 -14.13 -16.48 -119.46
N PHE OC 49 -14.20 -17.55 -118.67
CA PHE OC 49 -15.36 -18.43 -118.61
C PHE OC 49 -15.83 -18.53 -117.16
N THR OC 50 -16.87 -19.33 -116.94
CA THR OC 50 -17.53 -19.37 -115.64
C THR OC 50 -18.01 -20.80 -115.41
N ASP OC 51 -18.94 -20.98 -114.46
CA ASP OC 51 -19.46 -22.31 -114.14
C ASP OC 51 -20.00 -23.01 -115.38
N GLY OC 52 -20.85 -22.33 -116.14
CA GLY OC 52 -21.32 -22.83 -117.41
C GLY OC 52 -20.43 -22.35 -118.54
N GLY OC 53 -21.01 -22.29 -119.73
CA GLY OC 53 -20.30 -21.72 -120.86
C GLY OC 53 -20.47 -20.22 -120.90
N THR OC 54 -20.62 -19.62 -119.72
CA THR OC 54 -20.91 -18.20 -119.61
C THR OC 54 -19.69 -17.38 -120.01
N ASN OC 55 -19.52 -17.17 -121.30
CA ASN OC 55 -18.36 -16.47 -121.82
C ASN OC 55 -18.44 -15.01 -121.41
N ARG OC 56 -17.72 -14.65 -120.35
CA ARG OC 56 -17.82 -13.32 -119.76
C ARG OC 56 -16.70 -12.42 -120.29
N GLN OC 57 -16.79 -12.11 -121.58
CA GLN OC 57 -15.83 -11.20 -122.19
C GLN OC 57 -16.00 -9.80 -121.62
N SER OC 58 -14.93 -9.01 -121.70
CA SER OC 58 -14.93 -7.67 -121.14
C SER OC 58 -13.85 -6.86 -121.82
N LEU OC 59 -14.17 -5.60 -122.12
CA LEU OC 59 -13.25 -4.71 -122.81
C LEU OC 59 -13.19 -3.38 -122.08
N SER OC 60 -12.17 -2.60 -122.41
CA SER OC 60 -12.09 -1.23 -121.94
C SER OC 60 -11.12 -0.44 -122.81
N TYR OC 61 -11.63 0.56 -123.53
CA TYR OC 61 -10.82 1.36 -124.45
C TYR OC 61 -10.70 2.76 -123.89
N LYS OC 62 -9.51 3.14 -123.43
CA LYS OC 62 -9.27 4.47 -122.91
C LYS OC 62 -8.44 5.25 -123.91
N GLN OC 63 -8.90 6.44 -124.26
CA GLN OC 63 -8.17 7.36 -125.14
C GLN OC 63 -7.89 8.64 -124.37
N PRO OC 64 -6.64 9.04 -124.19
CA PRO OC 64 -6.34 10.21 -123.39
C PRO OC 64 -6.48 11.57 -124.06
N ILE OC 65 -7.30 12.41 -123.43
CA ILE OC 65 -7.51 13.77 -123.89
C ILE OC 65 -6.24 14.54 -123.55
N THR OC 66 -5.53 14.98 -124.59
CA THR OC 66 -4.22 15.60 -124.44
C THR OC 66 -4.06 16.76 -125.43
N ALA OC 67 -3.20 17.70 -125.06
CA ALA OC 67 -2.82 18.81 -125.93
C ALA OC 67 -1.33 19.06 -125.78
N VAL OC 68 -0.66 19.33 -126.90
CA VAL OC 68 0.80 19.43 -126.90
C VAL OC 68 1.22 20.80 -126.38
N ASP OC 69 2.02 20.82 -125.33
CA ASP OC 69 2.54 22.06 -124.79
C ASP OC 69 3.56 22.66 -125.74
N SER OC 70 3.81 23.96 -125.58
CA SER OC 70 4.84 24.64 -126.35
C SER OC 70 6.17 24.58 -125.61
N THR OC 71 7.24 24.40 -126.40
CA THR OC 71 8.63 24.36 -125.96
C THR OC 71 8.97 23.13 -125.13
N THR OC 72 8.00 22.26 -124.82
CA THR OC 72 8.24 21.06 -124.04
C THR OC 72 7.65 19.86 -124.76
N SER OC 73 8.41 18.77 -124.78
CA SER OC 73 7.99 17.54 -125.46
C SER OC 73 7.33 16.56 -124.51
N GLU OC 74 6.26 17.01 -123.84
CA GLU OC 74 5.55 16.18 -122.89
C GLU OC 74 4.06 16.06 -123.18
N THR OC 75 3.55 16.78 -124.19
CA THR OC 75 2.18 16.66 -124.69
C THR OC 75 1.16 16.45 -123.58
N LEU OC 76 1.03 17.47 -122.71
CA LEU OC 76 0.19 17.40 -121.52
C LEU OC 76 -1.16 16.76 -121.79
N VAL OC 77 -1.52 15.77 -120.96
CA VAL OC 77 -2.78 15.06 -121.07
C VAL OC 77 -3.78 15.68 -120.09
N ARG OC 78 -5.03 15.79 -120.52
CA ARG OC 78 -6.06 16.44 -119.73
C ARG OC 78 -7.11 15.51 -119.18
N GLY OC 79 -7.33 14.37 -119.81
CA GLY OC 79 -8.33 13.43 -119.34
C GLY OC 79 -8.28 12.12 -120.07
N GLN OC 80 -9.40 11.38 -120.03
CA GLN OC 80 -9.49 10.11 -120.75
C GLN OC 80 -10.94 9.73 -121.01
N CYS OC 81 -11.24 9.31 -122.24
CA CYS OC 81 -12.59 8.93 -122.66
C CYS OC 81 -12.74 7.41 -122.49
N VAL OC 82 -13.11 6.99 -121.29
CA VAL OC 82 -13.30 5.57 -121.02
C VAL OC 82 -14.52 5.05 -121.76
N VAL OC 83 -14.38 3.88 -122.39
CA VAL OC 83 -15.51 3.22 -123.04
C VAL OC 83 -15.48 1.73 -122.74
N ASP OC 84 -16.29 1.29 -121.77
CA ASP OC 84 -16.31 -0.11 -121.37
C ASP OC 84 -17.33 -0.88 -122.20
N ILE OC 85 -17.00 -2.13 -122.52
CA ILE OC 85 -17.92 -3.01 -123.24
C ILE OC 85 -17.88 -4.39 -122.60
N ASN OC 86 -18.91 -4.74 -121.83
CA ASN OC 86 -18.97 -6.04 -121.20
C ASN OC 86 -19.98 -6.92 -121.89
N ILE OC 87 -19.61 -8.18 -122.10
CA ILE OC 87 -20.42 -9.13 -122.84
C ILE OC 87 -20.62 -10.37 -121.98
N VAL OC 88 -21.86 -10.85 -121.91
CA VAL OC 88 -22.20 -12.05 -121.16
C VAL OC 88 -23.04 -12.93 -122.07
N ILE OC 89 -22.47 -14.03 -122.54
CA ILE OC 89 -23.14 -14.94 -123.46
C ILE OC 89 -23.37 -16.26 -122.74
N PRO OC 90 -24.60 -16.76 -122.67
CA PRO OC 90 -24.87 -17.95 -121.84
C PRO OC 90 -24.34 -19.23 -122.48
N ARG OC 91 -24.49 -20.34 -121.77
CA ARG OC 91 -24.08 -21.63 -122.28
C ARG OC 91 -24.93 -22.10 -123.46
N VAL OC 92 -26.21 -21.74 -123.50
CA VAL OC 92 -27.14 -22.29 -124.46
C VAL OC 92 -27.16 -21.47 -125.74
N ALA OC 93 -26.25 -20.51 -125.86
CA ALA OC 93 -26.27 -19.56 -126.97
C ALA OC 93 -25.60 -20.18 -128.19
N THR OC 94 -26.41 -20.54 -129.18
CA THR OC 94 -25.88 -20.99 -130.46
C THR OC 94 -25.01 -19.91 -131.09
N ALA OC 95 -23.92 -20.33 -131.74
CA ALA OC 95 -22.96 -19.38 -132.28
C ALA OC 95 -23.58 -18.40 -133.26
N THR OC 96 -24.67 -18.77 -133.91
CA THR OC 96 -25.40 -17.80 -134.72
C THR OC 96 -26.06 -16.74 -133.85
N ASP OC 97 -26.67 -17.15 -132.73
CA ASP OC 97 -27.30 -16.19 -131.83
C ASP OC 97 -26.28 -15.25 -131.22
N ARG OC 98 -25.10 -15.76 -130.84
CA ARG OC 98 -24.07 -14.88 -130.29
C ARG OC 98 -23.59 -13.87 -131.32
N ALA OC 99 -23.38 -14.30 -132.56
CA ALA OC 99 -22.98 -13.37 -133.60
C ALA OC 99 -24.04 -12.30 -133.82
N GLU OC 100 -25.30 -12.70 -133.86
CA GLU OC 100 -26.38 -11.73 -134.00
C GLU OC 100 -26.38 -10.74 -132.85
N ALA OC 101 -26.25 -11.24 -131.63
CA ALA OC 101 -26.29 -10.35 -130.46
C ALA OC 101 -25.15 -9.35 -130.49
N ILE OC 102 -23.94 -9.81 -130.80
CA ILE OC 102 -22.79 -8.91 -130.79
C ILE OC 102 -22.91 -7.87 -131.91
N LYS OC 103 -23.25 -8.32 -133.12
CA LYS OC 103 -23.29 -7.40 -134.24
C LYS OC 103 -24.47 -6.43 -134.13
N ARG OC 104 -25.53 -6.82 -133.41
CA ARG OC 104 -26.63 -5.90 -133.17
C ARG OC 104 -26.30 -4.92 -132.06
N ALA OC 105 -25.56 -5.35 -131.04
CA ALA OC 105 -25.16 -4.41 -130.00
C ALA OC 105 -24.19 -3.37 -130.53
N PHE OC 106 -23.28 -3.77 -131.42
CA PHE OC 106 -22.31 -2.82 -131.96
C PHE OC 106 -22.88 -2.00 -133.11
N ASP OC 107 -24.14 -2.22 -133.49
CA ASP OC 107 -24.81 -1.39 -134.47
C ASP OC 107 -25.58 -0.24 -133.85
N VAL OC 108 -25.50 -0.07 -132.53
CA VAL OC 108 -26.19 1.04 -131.88
C VAL OC 108 -25.64 2.36 -132.39
N LEU OC 109 -24.33 2.44 -132.58
CA LEU OC 109 -23.70 3.68 -133.02
C LEU OC 109 -24.28 4.19 -134.32
N ASN OC 110 -24.73 3.29 -135.19
CA ASN OC 110 -25.34 3.69 -136.45
C ASN OC 110 -26.83 3.98 -136.33
N ALA OC 111 -27.47 3.62 -135.21
CA ALA OC 111 -28.88 3.88 -135.01
C ALA OC 111 -29.09 4.97 -133.96
N LEU OC 112 -28.43 4.87 -132.83
CA LEU OC 112 -28.48 5.88 -131.77
C LEU OC 112 -27.28 6.81 -131.89
N ASN OC 113 -27.15 7.41 -133.07
CA ASN OC 113 -25.91 8.06 -133.46
C ASN OC 113 -25.71 9.40 -132.75
N ALA OC 114 -26.66 10.31 -132.91
CA ALA OC 114 -26.49 11.67 -132.40
C ALA OC 114 -26.35 11.69 -130.89
N GLU OC 115 -27.12 10.85 -130.19
CA GLU OC 115 -27.07 10.83 -128.74
C GLU OC 115 -25.71 10.37 -128.21
N LEU OC 116 -24.98 9.56 -128.99
CA LEU OC 116 -23.69 9.03 -128.56
C LEU OC 116 -22.54 9.93 -129.01
N ILE OC 117 -22.59 10.41 -130.25
CA ILE OC 117 -21.51 11.26 -130.75
C ILE OC 117 -21.62 12.66 -130.17
N THR OC 118 -22.77 13.32 -130.36
CA THR OC 118 -22.94 14.68 -129.89
C THR OC 118 -23.13 14.74 -128.39
N GLY OC 119 -23.90 13.81 -127.83
CA GLY OC 119 -24.09 13.75 -126.39
C GLY OC 119 -25.29 14.53 -125.90
N GLU OC 120 -26.45 14.30 -126.54
CA GLU OC 120 -27.63 15.10 -126.28
C GLU OC 120 -28.86 14.32 -126.67
N GLY OC 121 -30.02 14.84 -126.27
CA GLY OC 121 -31.26 14.41 -126.89
C GLY OC 121 -32.21 13.61 -126.03
N GLN OC 122 -33.04 12.79 -126.70
CA GLN OC 122 -34.12 12.03 -126.07
C GLN OC 122 -35.10 12.98 -125.37
N TRP OC 123 -35.78 13.77 -126.21
CA TRP OC 123 -36.78 14.69 -125.72
C TRP OC 123 -38.08 13.95 -125.44
N ALA PC 1 45.83 -10.60 -121.79
CA ALA PC 1 47.08 -10.12 -122.37
C ALA PC 1 47.44 -8.75 -121.80
N ALA PC 2 48.49 -8.15 -122.33
CA ALA PC 2 48.87 -6.81 -121.88
C ALA PC 2 47.78 -5.81 -122.24
N ARG PC 3 47.44 -4.96 -121.28
CA ARG PC 3 46.36 -4.00 -121.47
C ARG PC 3 46.71 -3.03 -122.60
N SER PC 4 45.73 -2.77 -123.47
CA SER PC 4 45.92 -1.90 -124.61
C SER PC 4 44.61 -1.20 -124.91
N SER PC 5 44.50 -0.63 -126.11
CA SER PC 5 43.29 0.04 -126.54
C SER PC 5 42.34 -0.95 -127.21
N ILE PC 6 41.06 -0.62 -127.18
CA ILE PC 6 40.02 -1.42 -127.82
C ILE PC 6 39.14 -0.52 -128.68
N VAL PC 7 38.52 -1.12 -129.70
CA VAL PC 7 37.96 -0.36 -130.80
C VAL PC 7 36.47 -0.71 -130.89
N LEU PC 8 35.83 -0.84 -129.73
CA LEU PC 8 34.38 -1.09 -129.66
C LEU PC 8 33.64 -0.30 -130.73
N THR PC 9 32.83 -1.01 -131.50
CA THR PC 9 32.16 -0.44 -132.66
C THR PC 9 30.77 -1.01 -132.78
N ASP PC 10 29.99 -0.44 -133.71
CA ASP PC 10 28.67 -0.95 -134.03
C ASP PC 10 28.43 -0.92 -135.54
N GLY PC 11 29.52 -0.95 -136.31
CA GLY PC 11 29.41 -0.99 -137.75
C GLY PC 11 29.60 0.35 -138.42
N THR PC 12 29.19 1.43 -137.76
CA THR PC 12 29.26 2.75 -138.38
C THR PC 12 30.08 3.76 -137.59
N THR PC 13 30.04 3.72 -136.26
CA THR PC 13 30.75 4.70 -135.43
C THR PC 13 31.62 3.96 -134.42
N PRO PC 14 32.85 3.61 -134.79
CA PRO PC 14 33.76 2.98 -133.83
C PRO PC 14 34.13 3.93 -132.71
N VAL PC 15 34.45 3.34 -131.56
CA VAL PC 15 34.87 4.09 -130.38
C VAL PC 15 36.17 3.49 -129.89
N THR PC 16 37.20 4.32 -129.77
CA THR PC 16 38.49 3.88 -129.26
C THR PC 16 38.55 4.14 -127.76
N LEU PC 17 38.74 3.08 -126.99
CA LEU PC 17 38.85 3.18 -125.54
C LEU PC 17 40.27 2.87 -125.12
N THR PC 18 40.71 3.53 -124.04
CA THR PC 18 42.06 3.39 -123.53
C THR PC 18 41.98 3.09 -122.04
N PRO PC 19 42.92 2.32 -121.50
CA PRO PC 19 42.89 1.99 -120.08
C PRO PC 19 43.37 3.14 -119.20
N VAL PC 20 42.50 3.63 -118.32
CA VAL PC 20 42.84 4.81 -117.52
C VAL PC 20 42.68 4.50 -116.04
N GLY PC 21 42.85 3.25 -115.66
CA GLY PC 21 42.75 2.89 -114.28
C GLY PC 21 42.56 1.39 -114.12
N GLY PC 22 42.13 1.01 -112.92
CA GLY PC 22 41.88 -0.39 -112.63
C GLY PC 22 42.57 -0.88 -111.38
N GLY PC 23 43.12 -2.08 -111.45
CA GLY PC 23 43.80 -2.66 -110.30
C GLY PC 23 44.16 -4.10 -110.57
N VAL PC 24 44.02 -4.91 -109.53
CA VAL PC 24 44.21 -6.36 -109.64
C VAL PC 24 42.85 -6.98 -109.90
N GLY PC 25 42.72 -7.67 -111.03
CA GLY PC 25 41.43 -8.20 -111.43
C GLY PC 25 40.43 -7.12 -111.77
N GLN PC 26 40.88 -6.10 -112.49
CA GLN PC 26 40.02 -4.99 -112.91
C GLN PC 26 40.80 -4.14 -113.90
N THR PC 27 40.09 -3.56 -114.86
CA THR PC 27 40.72 -2.70 -115.86
C THR PC 27 39.68 -1.74 -116.40
N LEU PC 28 39.68 -0.51 -115.90
CA LEU PC 28 38.79 0.51 -116.43
C LEU PC 28 39.22 0.93 -117.83
N TYR PC 29 38.26 1.38 -118.63
CA TYR PC 29 38.52 1.95 -119.93
C TYR PC 29 37.72 3.23 -120.07
N ARG PC 30 38.18 4.11 -120.96
CA ARG PC 30 37.41 5.31 -121.25
C ARG PC 30 37.73 5.75 -122.67
N ALA PC 31 36.74 6.30 -123.36
CA ALA PC 31 36.97 6.80 -124.70
C ALA PC 31 37.88 8.02 -124.66
N THR PC 32 38.72 8.15 -125.68
CA THR PC 32 39.75 9.19 -125.68
C THR PC 32 39.11 10.57 -125.53
N ALA PC 33 38.31 10.98 -126.51
CA ALA PC 33 37.54 12.22 -126.41
C ALA PC 33 36.46 12.20 -127.46
N GLU PC 34 35.20 12.18 -127.03
CA GLU PC 34 34.11 12.35 -128.00
C GLU PC 34 33.86 13.83 -128.26
N ALA PC 35 33.35 14.55 -127.26
CA ALA PC 35 33.24 16.00 -127.34
C ALA PC 35 33.54 16.71 -126.04
N LEU PC 36 33.53 16.03 -124.90
CA LEU PC 36 33.77 16.60 -123.58
C LEU PC 36 33.88 15.45 -122.60
N SER PC 37 34.04 15.76 -121.32
CA SER PC 37 33.98 14.73 -120.29
C SER PC 37 32.54 14.48 -119.89
N ALA PC 38 32.31 13.32 -119.28
CA ALA PC 38 31.01 12.77 -118.90
C ALA PC 38 30.16 12.40 -120.11
N ALA PC 39 30.64 12.67 -121.33
CA ALA PC 39 29.97 12.25 -122.55
C ALA PC 39 30.84 11.23 -123.28
N ASN PC 40 31.58 10.42 -122.52
CA ASN PC 40 32.50 9.44 -123.06
C ASN PC 40 32.14 8.06 -122.52
N PRO PC 41 32.00 7.05 -123.38
CA PRO PC 41 31.66 5.72 -122.90
C PRO PC 41 32.80 5.09 -122.11
N SER PC 42 32.44 4.16 -121.24
CA SER PC 42 33.43 3.44 -120.43
C SER PC 42 33.11 1.95 -120.48
N LEU PC 43 34.15 1.13 -120.28
CA LEU PC 43 34.07 -0.32 -120.45
C LEU PC 43 34.74 -1.03 -119.27
N SER PC 44 34.26 -0.75 -118.06
CA SER PC 44 34.81 -1.40 -116.88
C SER PC 44 34.80 -2.92 -117.04
N PHE PC 45 35.91 -3.56 -116.68
CA PHE PC 45 36.08 -4.98 -116.93
C PHE PC 45 36.83 -5.61 -115.77
N GLY PC 46 36.17 -6.50 -115.04
CA GLY PC 46 36.78 -7.21 -113.94
C GLY PC 46 36.85 -8.71 -114.19
N TYR PC 47 37.61 -9.38 -113.34
CA TYR PC 47 37.83 -10.82 -113.46
C TYR PC 47 38.45 -11.32 -112.17
N ARG PC 48 38.03 -12.50 -111.74
CA ARG PC 48 38.53 -13.08 -110.50
C ARG PC 48 38.24 -14.56 -110.48
N PHE PC 49 38.95 -15.26 -109.60
CA PHE PC 49 38.76 -16.69 -109.38
C PHE PC 49 38.33 -16.91 -107.94
N THR PC 50 37.26 -17.67 -107.74
CA THR PC 50 36.84 -18.05 -106.40
C THR PC 50 37.61 -19.26 -105.93
N ASP PC 51 37.12 -19.93 -104.89
CA ASP PC 51 37.75 -21.14 -104.36
C ASP PC 51 38.18 -22.09 -105.48
N GLY PC 52 37.25 -22.47 -106.34
CA GLY PC 52 37.57 -23.29 -107.49
C GLY PC 52 37.99 -22.43 -108.67
N GLY PC 53 38.14 -23.06 -109.82
CA GLY PC 53 38.55 -22.35 -111.02
C GLY PC 53 37.42 -21.64 -111.70
N THR PC 54 36.45 -21.17 -110.92
CA THR PC 54 35.28 -20.47 -111.47
C THR PC 54 35.72 -19.11 -111.99
N ASN PC 55 35.91 -19.03 -113.31
CA ASN PC 55 36.43 -17.83 -113.95
C ASN PC 55 35.37 -16.74 -113.99
N ARG PC 56 35.09 -16.13 -112.85
CA ARG PC 56 33.99 -15.17 -112.72
C ARG PC 56 34.41 -13.81 -113.29
N GLN PC 57 34.40 -13.72 -114.61
CA GLN PC 57 34.62 -12.45 -115.28
C GLN PC 57 33.36 -11.59 -115.23
N SER PC 58 33.54 -10.29 -115.44
CA SER PC 58 32.43 -9.35 -115.39
C SER PC 58 32.75 -8.15 -116.26
N LEU PC 59 31.71 -7.57 -116.84
CA LEU PC 59 31.85 -6.39 -117.68
C LEU PC 59 30.78 -5.37 -117.34
N SER PC 60 31.01 -4.14 -117.76
CA SER PC 60 30.02 -3.07 -117.61
C SER PC 60 30.37 -1.97 -118.59
N TYR PC 61 29.54 -1.81 -119.62
CA TYR PC 61 29.72 -0.77 -120.62
C TYR PC 61 28.66 0.30 -120.38
N LYS PC 62 29.10 1.54 -120.18
CA LYS PC 62 28.22 2.65 -119.90
C LYS PC 62 28.41 3.71 -120.98
N GLN PC 63 27.33 4.02 -121.69
CA GLN PC 63 27.35 5.05 -122.72
C GLN PC 63 26.40 6.17 -122.33
N PRO PC 64 26.88 7.39 -122.13
CA PRO PC 64 26.01 8.46 -121.64
C PRO PC 64 25.26 9.16 -122.77
N ILE PC 65 24.03 9.57 -122.44
CA ILE PC 65 23.11 10.17 -123.39
C ILE PC 65 23.22 11.68 -123.27
N THR PC 66 23.77 12.32 -124.29
CA THR PC 66 24.03 13.74 -124.26
C THR PC 66 23.06 14.47 -125.17
N ALA PC 67 22.74 15.71 -124.78
CA ALA PC 67 21.77 16.51 -125.51
C ALA PC 67 22.06 17.99 -125.29
N VAL PC 68 21.73 18.79 -126.29
CA VAL PC 68 21.99 20.23 -126.22
C VAL PC 68 21.01 20.90 -125.25
N ASP PC 69 21.44 22.03 -124.71
CA ASP PC 69 20.68 22.80 -123.72
C ASP PC 69 20.52 24.24 -124.20
N SER PC 70 19.98 24.38 -125.41
CA SER PC 70 19.95 25.63 -126.19
C SER PC 70 19.69 26.89 -125.37
N THR PC 71 18.90 26.77 -124.29
CA THR PC 71 18.76 27.91 -123.38
C THR PC 71 20.12 28.38 -122.86
N THR PC 72 21.08 27.46 -122.73
CA THR PC 72 22.45 27.81 -122.41
C THR PC 72 23.46 27.30 -123.43
N SER PC 73 23.05 26.40 -124.32
CA SER PC 73 23.89 25.85 -125.39
C SER PC 73 25.06 25.03 -124.83
N GLU PC 74 24.90 24.46 -123.64
CA GLU PC 74 25.91 23.61 -123.01
C GLU PC 74 25.45 22.16 -123.09
N THR PC 75 26.32 21.29 -123.58
CA THR PC 75 25.96 19.92 -123.94
C THR PC 75 25.86 19.06 -122.69
N LEU PC 76 24.76 19.24 -121.97
CA LEU PC 76 24.53 18.48 -120.74
C LEU PC 76 24.21 17.02 -121.05
N VAL PC 77 24.49 16.16 -120.06
CA VAL PC 77 24.22 14.73 -120.17
C VAL PC 77 23.03 14.40 -119.28
N ARG PC 78 22.08 13.63 -119.82
CA ARG PC 78 20.84 13.31 -119.12
C ARG PC 78 20.97 12.03 -118.28
N GLY PC 79 21.29 10.91 -118.93
CA GLY PC 79 21.44 9.64 -118.25
C GLY PC 79 22.45 8.76 -118.94
N GLN PC 80 22.40 7.45 -118.73
CA GLN PC 80 23.35 6.54 -119.37
C GLN PC 80 22.68 5.20 -119.66
N CYS PC 81 23.15 4.55 -120.71
CA CYS PC 81 22.77 3.19 -121.04
C CYS PC 81 23.83 2.24 -120.52
N VAL PC 82 23.42 1.23 -119.77
CA VAL PC 82 24.32 0.33 -119.06
C VAL PC 82 24.09 -1.09 -119.56
N VAL PC 83 25.17 -1.76 -119.94
CA VAL PC 83 25.13 -3.15 -120.36
C VAL PC 83 26.12 -3.93 -119.52
N ASP PC 84 25.63 -4.93 -118.79
CA ASP PC 84 26.49 -5.76 -117.95
C ASP PC 84 26.51 -7.17 -118.52
N ILE PC 85 27.70 -7.65 -118.87
CA ILE PC 85 27.84 -9.01 -119.37
C ILE PC 85 28.66 -9.83 -118.39
N ASN PC 86 27.98 -10.50 -117.46
CA ASN PC 86 28.69 -11.35 -116.51
C ASN PC 86 28.89 -12.74 -117.11
N ILE PC 87 30.04 -13.32 -116.82
CA ILE PC 87 30.40 -14.64 -117.32
C ILE PC 87 30.93 -15.47 -116.16
N VAL PC 88 30.42 -16.69 -116.02
CA VAL PC 88 30.87 -17.62 -114.99
C VAL PC 88 31.13 -18.96 -115.65
N ILE PC 89 32.38 -19.43 -115.59
CA ILE PC 89 32.78 -20.71 -116.15
C ILE PC 89 33.43 -21.51 -115.03
N PRO PC 90 32.91 -22.70 -114.68
CA PRO PC 90 33.47 -23.44 -113.55
C PRO PC 90 34.79 -24.10 -113.92
N ARG PC 91 35.44 -24.66 -112.90
CA ARG PC 91 36.72 -25.32 -113.11
C ARG PC 91 36.58 -26.58 -113.96
N VAL PC 92 35.44 -27.24 -113.88
CA VAL PC 92 35.22 -28.51 -114.55
C VAL PC 92 35.01 -28.31 -116.04
N ALA PC 93 35.06 -27.06 -116.48
CA ALA PC 93 34.80 -26.71 -117.87
C ALA PC 93 36.01 -27.04 -118.74
N THR PC 94 35.77 -27.73 -119.84
CA THR PC 94 36.82 -27.92 -120.82
C THR PC 94 37.06 -26.64 -121.61
N ALA PC 95 38.08 -26.65 -122.44
CA ALA PC 95 38.42 -25.47 -123.23
C ALA PC 95 37.43 -25.23 -124.36
N THR PC 96 36.59 -26.20 -124.69
CA THR PC 96 35.63 -26.03 -125.78
C THR PC 96 34.23 -25.66 -125.30
N ASP PC 97 33.87 -26.03 -124.07
CA ASP PC 97 32.59 -25.59 -123.53
C ASP PC 97 32.59 -24.09 -123.26
N ARG PC 98 33.71 -23.55 -122.84
CA ARG PC 98 33.78 -22.11 -122.53
C ARG PC 98 33.58 -21.27 -123.78
N ALA PC 99 34.32 -21.58 -124.85
CA ALA PC 99 34.16 -20.81 -126.09
C ALA PC 99 32.77 -20.99 -126.67
N GLU PC 100 32.25 -22.22 -126.65
CA GLU PC 100 30.89 -22.47 -127.12
C GLU PC 100 29.88 -21.63 -126.38
N ALA PC 101 29.93 -21.65 -125.05
CA ALA PC 101 28.97 -20.89 -124.25
C ALA PC 101 29.09 -19.40 -124.51
N ILE PC 102 30.31 -18.87 -124.54
CA ILE PC 102 30.49 -17.43 -124.68
C ILE PC 102 29.97 -16.97 -126.04
N LYS PC 103 30.36 -17.66 -127.11
CA LYS PC 103 29.92 -17.23 -128.43
C LYS PC 103 28.42 -17.40 -128.61
N ARG PC 104 27.85 -18.49 -128.08
CA ARG PC 104 26.40 -18.67 -128.20
C ARG PC 104 25.65 -17.58 -127.46
N ALA PC 105 26.06 -17.27 -126.24
CA ALA PC 105 25.38 -16.23 -125.48
C ALA PC 105 25.54 -14.86 -126.11
N PHE PC 106 26.68 -14.60 -126.78
CA PHE PC 106 26.82 -13.33 -127.48
C PHE PC 106 26.08 -13.31 -128.80
N ASP PC 107 25.67 -14.47 -129.33
CA ASP PC 107 24.86 -14.51 -130.53
C ASP PC 107 23.40 -14.16 -130.27
N VAL PC 108 23.05 -13.80 -129.04
CA VAL PC 108 21.65 -13.50 -128.72
C VAL PC 108 21.15 -12.32 -129.54
N LEU PC 109 21.95 -11.25 -129.61
CA LEU PC 109 21.52 -10.06 -130.34
C LEU PC 109 21.23 -10.38 -131.80
N ASN PC 110 22.01 -11.27 -132.40
CA ASN PC 110 21.68 -11.73 -133.74
C ASN PC 110 20.38 -12.53 -133.75
N ALA PC 111 20.18 -13.37 -132.72
CA ALA PC 111 18.97 -14.18 -132.68
C ALA PC 111 17.78 -13.42 -132.12
N LEU PC 112 17.87 -12.98 -130.87
CA LEU PC 112 16.76 -12.31 -130.19
C LEU PC 112 16.89 -10.80 -130.37
N ASN PC 113 16.78 -10.36 -131.62
CA ASN PC 113 17.18 -9.00 -131.98
C ASN PC 113 16.14 -7.97 -131.54
N ALA PC 114 14.93 -8.08 -132.07
CA ALA PC 114 13.97 -6.98 -132.02
C ALA PC 114 13.60 -6.57 -130.59
N GLU PC 115 13.70 -7.48 -129.62
CA GLU PC 115 13.34 -7.14 -128.25
C GLU PC 115 14.45 -6.43 -127.50
N LEU PC 116 15.68 -6.46 -128.02
CA LEU PC 116 16.81 -5.77 -127.40
C LEU PC 116 17.04 -4.40 -128.02
N ILE PC 117 17.18 -4.36 -129.35
CA ILE PC 117 17.47 -3.10 -130.03
C ILE PC 117 16.33 -2.11 -129.84
N THR PC 118 15.09 -2.56 -130.06
CA THR PC 118 13.95 -1.67 -130.09
C THR PC 118 13.32 -1.48 -128.72
N GLY PC 119 13.48 -2.43 -127.81
CA GLY PC 119 12.94 -2.32 -126.48
C GLY PC 119 11.52 -2.80 -126.30
N GLU PC 120 10.89 -3.33 -127.36
CA GLU PC 120 9.52 -3.79 -127.25
C GLU PC 120 9.44 -5.04 -126.36
N GLY PC 121 8.31 -5.17 -125.68
CA GLY PC 121 8.07 -6.31 -124.82
C GLY PC 121 7.28 -7.37 -125.54
N GLN PC 122 7.88 -8.55 -125.68
CA GLN PC 122 7.25 -9.63 -126.42
C GLN PC 122 6.00 -10.12 -125.71
N TRP PC 123 5.01 -10.53 -126.50
CA TRP PC 123 3.73 -10.96 -125.96
C TRP PC 123 3.53 -12.45 -126.13
N ALA QC 1 49.75 6.85 -127.65
CA ALA QC 1 49.91 7.13 -126.23
C ALA QC 1 50.45 5.92 -125.48
N ALA QC 2 51.27 5.12 -126.16
CA ALA QC 2 51.94 4.00 -125.55
C ALA QC 2 53.23 4.46 -124.87
N ARG QC 3 53.73 3.63 -123.96
CA ARG QC 3 54.91 3.99 -123.20
C ARG QC 3 56.17 3.81 -124.04
N SER QC 4 56.90 4.91 -124.24
CA SER QC 4 58.17 4.88 -124.95
C SER QC 4 59.06 5.98 -124.38
N SER QC 5 60.30 6.03 -124.86
CA SER QC 5 61.24 7.02 -124.38
C SER QC 5 60.82 8.42 -124.80
N ILE QC 6 60.97 9.38 -123.89
CA ILE QC 6 60.65 10.77 -124.15
C ILE QC 6 61.92 11.59 -124.04
N VAL QC 7 61.93 12.74 -124.72
CA VAL QC 7 63.15 13.47 -125.00
C VAL QC 7 63.09 14.87 -124.42
N LEU QC 8 62.55 15.00 -123.21
CA LEU QC 8 62.55 16.26 -122.47
C LEU QC 8 63.83 17.06 -122.71
N THR QC 9 63.67 18.32 -123.08
CA THR QC 9 64.82 19.16 -123.41
C THR QC 9 64.52 20.61 -123.05
N ASP QC 10 65.58 21.36 -122.81
CA ASP QC 10 65.47 22.78 -122.52
C ASP QC 10 65.91 23.65 -123.68
N GLY QC 11 66.39 23.06 -124.77
CA GLY QC 11 66.89 23.81 -125.89
C GLY QC 11 68.37 23.58 -126.10
N THR QC 12 69.12 23.46 -125.01
CA THR QC 12 70.56 23.27 -125.09
C THR QC 12 70.96 21.79 -125.04
N THR QC 13 70.59 21.11 -123.96
CA THR QC 13 70.97 19.72 -123.74
C THR QC 13 69.72 18.87 -123.56
N PRO QC 14 69.38 18.01 -124.54
CA PRO QC 14 68.24 17.11 -124.35
C PRO QC 14 68.60 15.94 -123.44
N VAL QC 15 67.63 15.50 -122.66
CA VAL QC 15 67.76 14.31 -121.82
C VAL QC 15 66.68 13.34 -122.22
N THR QC 16 67.05 12.09 -122.44
CA THR QC 16 66.13 11.04 -122.90
C THR QC 16 65.76 10.17 -121.71
N LEU QC 17 64.49 10.22 -121.32
CA LEU QC 17 63.98 9.41 -120.22
C LEU QC 17 63.30 8.17 -120.79
N THR QC 18 63.65 7.00 -120.25
CA THR QC 18 63.02 5.76 -120.66
C THR QC 18 62.16 5.22 -119.53
N PRO QC 19 61.07 4.50 -119.83
CA PRO QC 19 60.22 3.98 -118.77
C PRO QC 19 60.97 2.98 -117.90
N VAL QC 20 60.67 2.99 -116.61
CA VAL QC 20 61.26 2.04 -115.68
C VAL QC 20 60.16 1.44 -114.82
N GLY QC 21 58.93 1.49 -115.29
CA GLY QC 21 57.86 0.79 -114.60
C GLY QC 21 56.58 1.56 -114.40
N GLY QC 22 55.87 1.25 -113.32
CA GLY QC 22 54.68 1.98 -112.94
C GLY QC 22 53.39 1.18 -112.94
N GLY QC 23 53.16 0.37 -113.95
CA GLY QC 23 51.91 -0.35 -114.04
C GLY QC 23 50.77 0.50 -114.54
N VAL QC 24 49.55 0.22 -114.09
CA VAL QC 24 48.36 0.93 -114.56
C VAL QC 24 48.11 2.13 -113.64
N GLY QC 25 47.71 3.24 -114.24
CA GLY QC 25 47.47 4.45 -113.49
C GLY QC 25 48.70 5.30 -113.23
N GLN QC 26 49.87 4.90 -113.70
CA GLN QC 26 51.08 5.70 -113.53
C GLN QC 26 52.14 5.18 -114.47
N THR QC 27 53.23 5.95 -114.56
CA THR QC 27 54.37 5.56 -115.40
C THR QC 27 55.60 6.27 -114.86
N LEU QC 28 56.61 5.50 -114.49
CA LEU QC 28 57.87 6.06 -114.02
C LEU QC 28 58.86 6.14 -115.17
N TYR QC 29 59.57 7.26 -115.24
CA TYR QC 29 60.60 7.44 -116.25
C TYR QC 29 61.93 7.68 -115.56
N ARG QC 30 63.01 7.45 -116.29
CA ARG QC 30 64.35 7.74 -115.79
C ARG QC 30 65.35 7.74 -116.93
N ALA QC 31 66.29 8.67 -116.92
CA ALA QC 31 67.34 8.70 -117.92
C ALA QC 31 68.43 7.70 -117.57
N THR QC 32 69.43 7.58 -118.44
CA THR QC 32 70.53 6.66 -118.14
C THR QC 32 71.55 7.30 -117.22
N ALA QC 33 72.29 8.30 -117.73
CA ALA QC 33 73.36 8.98 -117.00
C ALA QC 33 74.13 8.01 -116.12
N GLU QC 34 74.52 6.88 -116.72
CA GLU QC 34 74.97 5.72 -115.97
C GLU QC 34 76.24 6.05 -115.19
N ALA QC 35 76.40 5.36 -114.06
CA ALA QC 35 77.59 5.52 -113.21
C ALA QC 35 77.70 6.98 -112.75
N LEU QC 36 76.78 7.36 -111.87
CA LEU QC 36 75.93 6.52 -111.02
C LEU QC 36 74.52 6.40 -111.57
N SER QC 37 73.81 5.34 -111.19
CA SER QC 37 72.46 5.09 -111.67
C SER QC 37 71.39 5.90 -110.96
N ALA QC 38 71.68 6.40 -109.75
CA ALA QC 38 70.73 7.22 -109.02
C ALA QC 38 70.90 8.71 -109.27
N ALA QC 39 71.89 9.10 -110.06
CA ALA QC 39 72.13 10.50 -110.38
C ALA QC 39 71.64 10.84 -111.78
N ASN QC 40 70.34 10.73 -111.99
CA ASN QC 40 69.74 11.10 -113.27
C ASN QC 40 68.28 11.45 -113.04
N PRO QC 41 67.70 12.30 -113.90
CA PRO QC 41 66.34 12.79 -113.65
C PRO QC 41 65.29 11.72 -113.82
N SER QC 42 64.12 11.98 -113.24
CA SER QC 42 62.99 11.07 -113.28
C SER QC 42 61.71 11.87 -113.44
N LEU QC 43 60.68 11.22 -113.99
CA LEU QC 43 59.43 11.89 -114.40
C LEU QC 43 58.21 11.10 -113.94
N SER QC 44 58.09 10.84 -112.65
CA SER QC 44 56.95 10.08 -112.15
C SER QC 44 55.63 10.72 -112.60
N PHE QC 45 54.90 10.02 -113.45
CA PHE QC 45 53.67 10.56 -114.06
C PHE QC 45 52.51 9.62 -113.78
N GLY QC 46 51.51 10.11 -113.04
CA GLY QC 46 50.33 9.33 -112.73
C GLY QC 46 49.06 10.02 -113.21
N TYR QC 47 47.97 9.26 -113.22
CA TYR QC 47 46.69 9.73 -113.73
C TYR QC 47 45.61 8.79 -113.24
N ARG QC 48 44.42 9.34 -113.02
CA ARG QC 48 43.30 8.55 -112.53
C ARG QC 48 42.01 9.32 -112.79
N PHE QC 49 40.88 8.63 -112.67
CA PHE QC 49 39.56 9.23 -112.77
C PHE QC 49 38.80 8.94 -111.50
N THR QC 50 38.25 9.97 -110.88
CA THR QC 50 37.53 9.83 -109.62
C THR QC 50 36.10 9.34 -109.89
N ASP QC 51 35.24 9.47 -108.88
CA ASP QC 51 33.84 9.05 -109.02
C ASP QC 51 33.20 9.67 -110.25
N GLY QC 52 33.45 10.95 -110.49
CA GLY QC 52 32.96 11.59 -111.69
C GLY QC 52 33.91 11.40 -112.85
N GLY QC 53 34.02 12.40 -113.72
CA GLY QC 53 34.98 12.35 -114.79
C GLY QC 53 36.18 13.22 -114.48
N THR QC 54 36.38 13.52 -113.20
CA THR QC 54 37.43 14.43 -112.77
C THR QC 54 38.78 13.76 -113.00
N ASN QC 55 39.43 14.16 -114.08
CA ASN QC 55 40.74 13.63 -114.45
C ASN QC 55 41.80 14.30 -113.59
N ARG QC 56 42.47 13.53 -112.74
CA ARG QC 56 43.49 14.05 -111.85
C ARG QC 56 44.86 13.54 -112.30
N GLN QC 57 45.48 14.27 -113.21
CA GLN QC 57 46.81 13.94 -113.65
C GLN QC 57 47.85 14.56 -112.71
N SER QC 58 49.04 13.96 -112.67
CA SER QC 58 50.06 14.43 -111.75
C SER QC 58 51.45 14.08 -112.26
N LEU QC 59 52.32 15.08 -112.36
CA LEU QC 59 53.69 14.85 -112.80
C LEU QC 59 54.65 15.32 -111.73
N SER QC 60 55.76 14.60 -111.60
CA SER QC 60 56.80 14.98 -110.65
C SER QC 60 58.13 14.72 -111.32
N TYR QC 61 58.84 15.79 -111.66
CA TYR QC 61 60.13 15.71 -112.34
C TYR QC 61 61.21 16.08 -111.34
N LYS QC 62 62.12 15.15 -111.10
CA LYS QC 62 63.21 15.36 -110.16
C LYS QC 62 64.54 15.28 -110.91
N GLN QC 63 65.37 16.30 -110.75
CA GLN QC 63 66.69 16.31 -111.36
C GLN QC 63 67.73 16.42 -110.26
N PRO QC 64 68.59 15.42 -110.07
CA PRO QC 64 69.59 15.50 -109.01
C PRO QC 64 70.81 16.29 -109.43
N ILE QC 65 71.43 16.93 -108.44
CA ILE QC 65 72.58 17.79 -108.65
C ILE QC 65 73.83 16.96 -108.37
N THR QC 66 74.60 16.68 -109.41
CA THR QC 66 75.77 15.83 -109.31
C THR QC 66 77.03 16.65 -109.09
N ALA QC 67 78.09 15.95 -108.69
CA ALA QC 67 79.38 16.60 -108.47
C ALA QC 67 80.46 15.52 -108.55
N VAL QC 68 81.23 15.52 -109.64
CA VAL QC 68 82.22 14.47 -109.84
C VAL QC 68 83.41 14.75 -108.93
N ASP QC 69 83.58 13.91 -107.92
CA ASP QC 69 84.65 14.07 -106.93
C ASP QC 69 85.96 13.59 -107.55
N SER QC 70 86.76 14.52 -108.04
CA SER QC 70 87.98 14.16 -108.77
C SER QC 70 88.99 13.41 -107.92
N THR QC 71 88.97 13.60 -106.60
CA THR QC 71 89.88 12.89 -105.73
C THR QC 71 89.65 11.38 -105.80
N THR QC 72 88.39 10.96 -105.63
CA THR QC 72 88.04 9.56 -105.62
C THR QC 72 87.49 9.08 -106.97
N SER QC 73 87.06 10.01 -107.83
CA SER QC 73 86.47 9.71 -109.13
C SER QC 73 85.17 8.92 -108.97
N GLU QC 74 84.26 9.50 -108.19
CA GLU QC 74 82.91 8.97 -108.04
C GLU QC 74 81.94 10.13 -108.06
N THR QC 75 80.73 9.87 -108.54
CA THR QC 75 79.71 10.91 -108.64
C THR QC 75 78.94 10.99 -107.32
N LEU QC 76 78.84 12.20 -106.78
CA LEU QC 76 78.14 12.45 -105.52
C LEU QC 76 76.87 13.23 -105.80
N VAL QC 77 75.81 12.91 -105.06
CA VAL QC 77 74.52 13.54 -105.23
C VAL QC 77 74.30 14.49 -104.06
N ARG QC 78 74.14 15.78 -104.36
CA ARG QC 78 74.05 16.81 -103.33
C ARG QC 78 72.61 17.17 -102.99
N GLY QC 79 71.69 16.97 -103.92
CA GLY QC 79 70.30 17.32 -103.71
C GLY QC 79 69.54 17.12 -104.99
N GLN QC 80 68.29 17.57 -105.02
CA GLN QC 80 67.50 17.44 -106.23
C GLN QC 80 66.53 18.60 -106.38
N CYS QC 81 66.42 19.11 -107.60
CA CYS QC 81 65.39 20.07 -107.95
C CYS QC 81 64.12 19.32 -108.32
N VAL QC 82 63.03 19.64 -107.65
CA VAL QC 82 61.76 18.93 -107.81
C VAL QC 82 60.73 19.90 -108.38
N VAL QC 83 60.02 19.45 -109.42
CA VAL QC 83 58.94 20.22 -110.01
C VAL QC 83 57.71 19.34 -110.05
N ASP QC 84 56.66 19.72 -109.33
CA ASP QC 84 55.40 19.01 -109.33
C ASP QC 84 54.38 19.78 -110.14
N ILE QC 85 53.58 19.06 -110.93
CA ILE QC 85 52.55 19.66 -111.78
C ILE QC 85 51.30 18.81 -111.60
N ASN QC 86 50.37 19.30 -110.80
CA ASN QC 86 49.09 18.62 -110.67
C ASN QC 86 48.05 19.27 -111.57
N ILE QC 87 47.28 18.44 -112.26
CA ILE QC 87 46.26 18.91 -113.18
C ILE QC 87 44.94 18.28 -112.79
N VAL QC 88 43.95 19.11 -112.50
CA VAL QC 88 42.61 18.63 -112.17
C VAL QC 88 41.67 19.14 -113.24
N ILE QC 89 40.93 18.23 -113.87
CA ILE QC 89 39.97 18.60 -114.89
C ILE QC 89 38.60 18.09 -114.48
N PRO QC 90 37.62 18.97 -114.30
CA PRO QC 90 36.33 18.52 -113.77
C PRO QC 90 35.53 17.70 -114.77
N ARG QC 91 34.40 17.16 -114.31
CA ARG QC 91 33.55 16.33 -115.13
C ARG QC 91 32.91 17.11 -116.29
N VAL QC 92 32.80 18.43 -116.16
CA VAL QC 92 32.01 19.24 -117.08
C VAL QC 92 32.88 19.98 -118.09
N ALA QC 93 34.15 19.60 -118.22
CA ALA QC 93 35.09 20.36 -119.02
C ALA QC 93 35.05 19.91 -120.47
N THR QC 94 34.91 20.87 -121.39
CA THR QC 94 34.93 20.58 -122.81
C THR QC 94 36.35 20.18 -123.24
N ALA QC 95 36.42 19.50 -124.39
CA ALA QC 95 37.69 19.00 -124.88
C ALA QC 95 38.65 20.09 -125.33
N THR QC 96 38.17 21.28 -125.67
CA THR QC 96 39.04 22.38 -126.04
C THR QC 96 39.38 23.29 -124.86
N ASP QC 97 38.53 23.34 -123.85
CA ASP QC 97 38.87 24.07 -122.63
C ASP QC 97 40.00 23.39 -121.89
N ARG QC 98 40.09 22.06 -121.96
CA ARG QC 98 41.25 21.36 -121.42
C ARG QC 98 42.54 21.86 -122.07
N ALA QC 99 42.57 21.90 -123.40
CA ALA QC 99 43.77 22.36 -124.08
C ALA QC 99 44.07 23.81 -123.75
N GLU QC 100 43.03 24.66 -123.71
CA GLU QC 100 43.23 26.05 -123.34
C GLU QC 100 43.88 26.16 -121.96
N ALA QC 101 43.29 25.50 -120.96
CA ALA QC 101 43.79 25.61 -119.60
C ALA QC 101 45.22 25.08 -119.48
N ILE QC 102 45.48 23.92 -120.07
CA ILE QC 102 46.80 23.30 -119.92
C ILE QC 102 47.86 24.14 -120.61
N LYS QC 103 47.62 24.53 -121.87
CA LYS QC 103 48.63 25.30 -122.58
C LYS QC 103 48.79 26.70 -122.02
N ARG QC 104 47.77 27.24 -121.35
CA ARG QC 104 47.95 28.51 -120.68
C ARG QC 104 48.75 28.37 -119.40
N ALA QC 105 48.49 27.32 -118.62
CA ALA QC 105 49.24 27.11 -117.39
C ALA QC 105 50.71 26.84 -117.69
N PHE QC 106 50.99 26.03 -118.71
CA PHE QC 106 52.37 25.76 -119.08
C PHE QC 106 53.02 26.94 -119.81
N ASP QC 107 52.26 27.99 -120.13
CA ASP QC 107 52.83 29.18 -120.73
C ASP QC 107 53.28 30.20 -119.70
N VAL QC 108 53.20 29.86 -118.41
CA VAL QC 108 53.67 30.76 -117.36
C VAL QC 108 55.15 31.02 -117.53
N LEU QC 109 55.92 29.98 -117.84
CA LEU QC 109 57.36 30.12 -117.98
C LEU QC 109 57.74 31.19 -119.00
N ASN QC 110 56.91 31.41 -120.01
CA ASN QC 110 57.15 32.50 -120.94
C ASN QC 110 56.63 33.84 -120.43
N ALA QC 111 55.69 33.83 -119.49
CA ALA QC 111 55.18 35.07 -118.92
C ALA QC 111 55.93 35.44 -117.64
N LEU QC 112 55.91 34.54 -116.67
CA LEU QC 112 56.58 34.76 -115.39
C LEU QC 112 57.99 34.18 -115.43
N ASN QC 113 58.76 34.63 -116.41
CA ASN QC 113 60.02 33.98 -116.74
C ASN QC 113 61.10 34.28 -115.71
N ALA QC 114 61.39 35.56 -115.49
CA ALA QC 114 62.50 35.92 -114.61
C ALA QC 114 62.28 35.48 -113.18
N GLU QC 115 61.03 35.32 -112.76
CA GLU QC 115 60.76 34.86 -111.41
C GLU QC 115 60.98 33.36 -111.24
N LEU QC 116 61.22 32.63 -112.31
CA LEU QC 116 61.40 31.18 -112.25
C LEU QC 116 62.78 30.75 -112.71
N ILE QC 117 63.24 31.26 -113.85
CA ILE QC 117 64.53 30.84 -114.39
C ILE QC 117 65.67 31.29 -113.49
N THR QC 118 65.63 32.54 -113.03
CA THR QC 118 66.70 33.08 -112.21
C THR QC 118 66.41 33.01 -110.71
N GLY QC 119 65.15 32.95 -110.32
CA GLY QC 119 64.79 32.83 -108.93
C GLY QC 119 64.48 34.13 -108.23
N GLU QC 120 64.34 35.23 -108.97
CA GLU QC 120 64.04 36.52 -108.35
C GLU QC 120 62.66 36.49 -107.70
N GLY QC 121 62.32 37.59 -107.07
CA GLY QC 121 60.96 37.86 -106.65
C GLY QC 121 60.54 39.20 -107.18
N GLN QC 122 59.27 39.32 -107.54
CA GLN QC 122 58.78 40.56 -108.10
C GLN QC 122 58.57 41.60 -107.02
N TRP QC 123 59.02 42.82 -107.29
CA TRP QC 123 59.00 43.88 -106.29
C TRP QC 123 57.90 44.90 -106.54
N ALA RC 1 60.98 41.18 -112.58
CA ALA RC 1 60.61 42.59 -112.62
C ALA RC 1 59.42 42.86 -111.72
N ALA RC 2 58.93 44.09 -111.74
CA ALA RC 2 57.84 44.47 -110.87
C ALA RC 2 56.54 43.80 -111.30
N ARG RC 3 55.57 43.76 -110.38
CA ARG RC 3 54.26 43.20 -110.70
C ARG RC 3 53.64 43.96 -111.87
N SER RC 4 53.44 43.26 -112.99
CA SER RC 4 52.86 43.89 -114.17
C SER RC 4 51.77 43.01 -114.75
N SER RC 5 51.32 43.32 -115.96
CA SER RC 5 50.29 42.55 -116.63
C SER RC 5 50.94 41.45 -117.47
N ILE RC 6 50.53 40.21 -117.23
CA ILE RC 6 51.05 39.06 -117.95
C ILE RC 6 50.06 38.67 -119.04
N VAL RC 7 50.56 37.98 -120.06
CA VAL RC 7 49.81 37.79 -121.31
C VAL RC 7 49.70 36.27 -121.52
N LEU RC 8 49.44 35.55 -120.43
CA LEU RC 8 49.22 34.10 -120.49
C LEU RC 8 48.35 33.72 -121.69
N THR RC 9 48.91 32.89 -122.57
CA THR RC 9 48.27 32.56 -123.84
C THR RC 9 48.41 31.07 -124.09
N ASP RC 10 47.93 30.64 -125.27
CA ASP RC 10 48.09 29.25 -125.68
C ASP RC 10 48.44 29.12 -127.16
N GLY RC 11 48.72 30.22 -127.86
CA GLY RC 11 48.99 30.23 -129.27
C GLY RC 11 47.85 30.76 -130.10
N THR RC 12 46.62 30.67 -129.61
CA THR RC 12 45.45 31.17 -130.32
C THR RC 12 44.72 32.26 -129.56
N THR RC 13 44.38 32.02 -128.29
CA THR RC 13 43.53 32.93 -127.53
C THR RC 13 44.27 33.46 -126.30
N PRO RC 14 44.92 34.61 -126.38
CA PRO RC 14 45.62 35.15 -125.21
C PRO RC 14 44.65 35.69 -124.18
N VAL RC 15 45.14 35.74 -122.94
CA VAL RC 15 44.41 36.33 -121.82
C VAL RC 15 45.38 37.19 -121.03
N THR RC 16 44.99 38.43 -120.75
CA THR RC 16 45.83 39.36 -120.01
C THR RC 16 45.37 39.42 -118.56
N LEU RC 17 46.32 39.26 -117.64
CA LEU RC 17 46.03 39.21 -116.21
C LEU RC 17 46.80 40.32 -115.51
N THR RC 18 46.10 41.06 -114.64
CA THR RC 18 46.72 42.13 -113.87
C THR RC 18 46.61 41.82 -112.38
N PRO RC 19 47.63 42.16 -111.59
CA PRO RC 19 47.63 41.76 -110.18
C PRO RC 19 46.45 42.34 -109.42
N VAL RC 20 45.86 41.52 -108.55
CA VAL RC 20 44.66 41.91 -107.81
C VAL RC 20 44.85 41.67 -106.31
N GLY RC 21 46.08 41.69 -105.85
CA GLY RC 21 46.29 41.58 -104.42
C GLY RC 21 47.58 40.84 -104.12
N GLY RC 22 47.59 40.14 -102.99
CA GLY RC 22 48.74 39.38 -102.58
C GLY RC 22 49.44 39.94 -101.36
N GLY RC 23 50.75 40.11 -101.46
CA GLY RC 23 51.55 40.59 -100.35
C GLY RC 23 53.03 40.45 -100.63
N VAL RC 24 53.79 39.96 -99.65
CA VAL RC 24 55.19 39.64 -99.83
C VAL RC 24 55.32 38.14 -100.07
N GLY RC 25 56.02 37.77 -101.15
CA GLY RC 25 56.07 36.38 -101.54
C GLY RC 25 54.70 35.84 -101.87
N GLN RC 26 53.90 36.64 -102.57
CA GLN RC 26 52.55 36.26 -102.97
C GLN RC 26 52.06 37.28 -103.99
N THR RC 27 51.36 36.80 -105.02
CA THR RC 27 50.91 37.69 -106.09
C THR RC 27 49.70 37.04 -106.77
N LEU RC 28 48.53 37.63 -106.55
CA LEU RC 28 47.34 37.16 -107.26
C LEU RC 28 47.31 37.72 -108.67
N TYR RC 29 46.40 37.20 -109.48
CA TYR RC 29 46.18 37.69 -110.83
C TYR RC 29 44.72 37.44 -111.19
N ARG RC 30 44.26 38.13 -112.22
CA ARG RC 30 42.93 37.92 -112.78
C ARG RC 30 42.83 38.75 -114.06
N ALA RC 31 41.86 38.38 -114.90
CA ALA RC 31 41.66 39.03 -116.19
C ALA RC 31 40.57 40.09 -116.09
N THR RC 32 40.14 40.62 -117.23
CA THR RC 32 39.27 41.79 -117.28
C THR RC 32 37.79 41.46 -117.22
N ALA RC 33 37.37 40.31 -117.76
CA ALA RC 33 35.94 39.98 -117.83
C ALA RC 33 35.34 39.83 -116.44
N GLU RC 34 34.05 40.08 -116.31
CA GLU RC 34 33.39 40.18 -115.01
C GLU RC 34 32.26 39.15 -114.92
N ALA RC 35 32.21 38.45 -113.79
CA ALA RC 35 31.17 37.46 -113.56
C ALA RC 35 30.87 37.42 -112.06
N LEU RC 36 29.95 36.55 -111.65
CA LEU RC 36 29.41 36.55 -110.30
C LEU RC 36 30.13 35.57 -109.38
N SER RC 37 30.18 34.30 -109.73
CA SER RC 37 30.80 33.28 -108.89
C SER RC 37 32.28 33.12 -109.19
N ALA RC 38 32.62 32.75 -110.42
CA ALA RC 38 34.00 32.62 -110.86
C ALA RC 38 34.23 33.57 -112.01
N ALA RC 39 35.07 34.57 -111.78
CA ALA RC 39 35.22 35.63 -112.78
C ALA RC 39 36.11 35.18 -113.94
N ASN RC 40 37.37 34.90 -113.65
CA ASN RC 40 38.36 34.72 -114.71
C ASN RC 40 39.45 33.75 -114.26
N PRO RC 41 40.41 33.42 -115.13
CA PRO RC 41 41.61 32.72 -114.66
C PRO RC 41 42.33 33.52 -113.60
N SER RC 42 42.82 32.82 -112.57
CA SER RC 42 43.43 33.46 -111.41
C SER RC 42 44.73 32.74 -111.07
N LEU RC 43 45.85 33.30 -111.52
CA LEU RC 43 47.17 32.69 -111.38
C LEU RC 43 47.82 33.18 -110.10
N SER RC 44 47.71 32.41 -109.03
CA SER RC 44 48.38 32.77 -107.78
C SER RC 44 49.82 32.28 -107.80
N PHE RC 45 50.72 33.09 -107.25
CA PHE RC 45 52.17 32.84 -107.29
C PHE RC 45 52.72 33.04 -105.89
N GLY RC 46 53.22 31.96 -105.28
CA GLY RC 46 53.51 31.97 -103.86
C GLY RC 46 54.94 31.71 -103.43
N TYR RC 47 55.91 32.32 -104.10
CA TYR RC 47 57.32 32.06 -103.81
C TYR RC 47 57.67 32.42 -102.38
N ARG RC 48 58.72 31.77 -101.87
CA ARG RC 48 59.25 32.02 -100.54
C ARG RC 48 60.61 31.33 -100.44
N PHE RC 49 61.24 31.45 -99.27
CA PHE RC 49 62.50 30.78 -98.97
C PHE RC 49 62.31 29.96 -97.69
N THR RC 50 63.39 29.30 -97.27
CA THR RC 50 63.31 28.34 -96.16
C THR RC 50 64.62 28.43 -95.39
N ASP RC 51 64.90 27.40 -94.58
CA ASP RC 51 66.10 27.38 -93.74
C ASP RC 51 67.36 27.58 -94.59
N GLY RC 52 67.48 26.82 -95.67
CA GLY RC 52 68.55 27.01 -96.63
C GLY RC 52 68.13 27.95 -97.73
N GLY RC 53 68.79 27.81 -98.88
CA GLY RC 53 68.40 28.55 -100.05
C GLY RC 53 67.28 27.84 -100.79
N THR RC 54 66.46 27.12 -100.03
CA THR RC 54 65.42 26.27 -100.62
C THR RC 54 64.31 27.12 -101.19
N ASN RC 55 64.49 27.58 -102.42
CA ASN RC 55 63.52 28.46 -103.06
C ASN RC 55 62.26 27.66 -103.35
N ARG RC 56 61.28 27.77 -102.47
CA ARG RC 56 60.08 26.94 -102.52
C ARG RC 56 58.96 27.68 -103.22
N GLN RC 57 59.14 27.90 -104.53
CA GLN RC 57 58.13 28.58 -105.31
C GLN RC 57 56.89 27.69 -105.45
N SER RC 58 55.77 28.31 -105.83
CA SER RC 58 54.50 27.62 -105.92
C SER RC 58 53.55 28.45 -106.76
N LEU RC 59 52.78 27.78 -107.62
CA LEU RC 59 51.85 28.45 -108.52
C LEU RC 59 50.51 27.72 -108.47
N SER RC 60 49.49 28.41 -108.98
CA SER RC 60 48.19 27.78 -109.16
C SER RC 60 47.38 28.57 -110.17
N TYR RC 61 47.07 27.97 -111.31
CA TYR RC 61 46.34 28.64 -112.40
C TYR RC 61 44.97 28.00 -112.51
N LYS RC 62 43.93 28.75 -112.16
CA LYS RC 62 42.56 28.27 -112.27
C LYS RC 62 41.89 28.98 -113.44
N GLN RC 63 41.26 28.21 -114.32
CA GLN RC 63 40.48 28.76 -115.43
C GLN RC 63 39.04 28.27 -115.27
N PRO RC 64 38.07 29.17 -115.17
CA PRO RC 64 36.71 28.73 -114.91
C PRO RC 64 35.88 28.25 -116.10
N ILE RC 65 35.45 26.99 -116.00
CA ILE RC 65 34.62 26.37 -117.01
C ILE RC 65 33.26 27.04 -116.92
N THR RC 66 32.88 27.77 -117.97
CA THR RC 66 31.70 28.63 -117.96
C THR RC 66 31.01 28.60 -119.31
N ALA RC 67 29.72 28.89 -119.31
CA ALA RC 67 28.91 29.03 -120.52
C ALA RC 67 27.96 30.20 -120.34
N VAL RC 68 27.79 31.00 -121.39
CA VAL RC 68 27.01 32.22 -121.29
C VAL RC 68 25.52 31.88 -121.39
N ASP RC 69 24.76 32.28 -120.38
CA ASP RC 69 23.32 32.07 -120.39
C ASP RC 69 22.67 33.00 -121.40
N SER RC 70 21.44 32.66 -121.78
CA SER RC 70 20.65 33.51 -122.65
C SER RC 70 19.78 34.45 -121.83
N THR RC 71 19.65 35.69 -122.31
CA THR RC 71 18.84 36.76 -121.74
C THR RC 71 19.38 37.28 -120.41
N THR RC 72 20.44 36.69 -119.87
CA THR RC 72 21.03 37.15 -118.62
C THR RC 72 22.52 37.35 -118.79
N SER RC 73 23.03 38.45 -118.24
CA SER RC 73 24.45 38.80 -118.35
C SER RC 73 25.25 38.29 -117.16
N GLU RC 74 25.16 37.00 -116.88
CA GLU RC 74 25.85 36.41 -115.74
C GLU RC 74 26.79 35.26 -116.12
N THR RC 75 26.81 34.85 -117.39
CA THR RC 75 27.76 33.89 -117.95
C THR RC 75 28.06 32.74 -116.97
N LEU RC 76 27.03 31.95 -116.65
CA LEU RC 76 27.09 30.87 -115.67
C LEU RC 76 28.39 30.07 -115.79
N VAL RC 77 29.04 29.87 -114.65
CA VAL RC 77 30.27 29.08 -114.57
C VAL RC 77 29.93 27.69 -114.06
N ARG RC 78 30.58 26.68 -114.63
CA ARG RC 78 30.29 25.30 -114.30
C ARG RC 78 31.38 24.61 -113.51
N GLY RC 79 32.61 25.07 -113.59
CA GLY RC 79 33.70 24.44 -112.86
C GLY RC 79 34.99 25.22 -112.97
N GLN RC 80 36.11 24.53 -112.73
CA GLN RC 80 37.42 25.16 -112.85
C GLN RC 80 38.52 24.14 -113.10
N CYS RC 81 39.41 24.43 -114.04
CA CYS RC 81 40.51 23.54 -114.39
C CYS RC 81 41.75 23.96 -113.60
N VAL RC 82 41.89 23.43 -112.40
CA VAL RC 82 43.03 23.75 -111.54
C VAL RC 82 44.30 23.14 -112.10
N VAL RC 83 45.39 23.92 -112.13
CA VAL RC 83 46.69 23.41 -112.53
C VAL RC 83 47.75 23.94 -111.57
N ASP RC 84 48.17 23.11 -110.61
CA ASP RC 84 49.17 23.51 -109.63
C ASP RC 84 50.56 23.19 -110.14
N ILE RC 85 51.51 24.08 -109.84
CA ILE RC 85 52.91 23.86 -110.20
C ILE RC 85 53.79 24.25 -109.02
N ASN RC 86 54.31 23.27 -108.30
CA ASN RC 86 55.18 23.53 -107.16
C ASN RC 86 56.62 23.23 -107.51
N ILE RC 87 57.52 24.13 -107.09
CA ILE RC 87 58.93 24.04 -107.41
C ILE RC 87 59.73 24.09 -106.11
N VAL RC 88 60.69 23.19 -105.97
CA VAL RC 88 61.56 23.15 -104.81
C VAL RC 88 62.99 23.02 -105.32
N ILE RC 89 63.77 24.09 -105.18
CA ILE RC 89 65.14 24.14 -105.68
C ILE RC 89 66.07 24.24 -104.49
N PRO RC 90 67.06 23.37 -104.35
CA PRO RC 90 67.87 23.35 -103.13
C PRO RC 90 68.85 24.51 -103.07
N ARG RC 91 69.58 24.59 -101.96
CA ARG RC 91 70.59 25.63 -101.80
C ARG RC 91 71.78 25.46 -102.73
N VAL RC 92 72.13 24.22 -103.07
CA VAL RC 92 73.36 23.93 -103.79
C VAL RC 92 73.15 23.99 -105.29
N ALA RC 93 71.99 24.47 -105.72
CA ALA RC 93 71.61 24.41 -107.13
C ALA RC 93 72.19 25.62 -107.87
N THR RC 94 73.19 25.36 -108.69
CA THR RC 94 73.74 26.39 -109.57
C THR RC 94 72.65 26.90 -110.50
N ALA RC 95 72.68 28.21 -110.78
CA ALA RC 95 71.62 28.83 -111.56
C ALA RC 95 71.48 28.24 -112.95
N THR RC 96 72.52 27.59 -113.48
CA THR RC 96 72.36 26.84 -114.71
C THR RC 96 71.53 25.58 -114.47
N ASP RC 97 71.79 24.87 -113.37
CA ASP RC 97 71.02 23.67 -113.06
C ASP RC 97 69.56 23.99 -112.83
N ARG RC 98 69.26 25.10 -112.15
CA ARG RC 98 67.87 25.47 -111.93
C ARG RC 98 67.18 25.79 -113.25
N ALA RC 99 67.85 26.53 -114.14
CA ALA RC 99 67.25 26.82 -115.44
C ALA RC 99 66.98 25.54 -116.21
N GLU RC 100 67.94 24.61 -116.21
CA GLU RC 100 67.73 23.35 -116.89
C GLU RC 100 66.55 22.60 -116.30
N ALA RC 101 66.46 22.54 -114.98
CA ALA RC 101 65.39 21.79 -114.33
C ALA RC 101 64.02 22.38 -114.67
N ILE RC 102 63.90 23.71 -114.60
CA ILE RC 102 62.61 24.35 -114.86
C ILE RC 102 62.22 24.18 -116.32
N LYS RC 103 63.15 24.45 -117.24
CA LYS RC 103 62.81 24.38 -118.65
C LYS RC 103 62.56 22.95 -119.10
N ARG RC 104 63.18 21.97 -118.44
CA ARG RC 104 62.90 20.58 -118.76
C ARG RC 104 61.57 20.13 -118.19
N ALA RC 105 61.22 20.59 -116.99
CA ALA RC 105 59.92 20.25 -116.43
C ALA RC 105 58.79 20.84 -117.25
N PHE RC 106 58.97 22.06 -117.74
CA PHE RC 106 57.92 22.69 -118.53
C PHE RC 106 57.92 22.24 -119.99
N ASP RC 107 58.85 21.36 -120.37
CA ASP RC 107 58.83 20.76 -121.70
C ASP RC 107 58.08 19.44 -121.73
N VAL RC 108 57.44 19.04 -120.63
CA VAL RC 108 56.66 17.82 -120.62
C VAL RC 108 55.51 17.92 -121.61
N LEU RC 109 54.87 19.08 -121.68
CA LEU RC 109 53.72 19.26 -122.56
C LEU RC 109 54.05 18.96 -124.01
N ASN RC 110 55.30 19.15 -124.42
CA ASN RC 110 55.70 18.84 -125.78
C ASN RC 110 56.17 17.40 -125.96
N ALA RC 111 56.42 16.68 -124.87
CA ALA RC 111 56.82 15.28 -124.95
C ALA RC 111 55.69 14.34 -124.54
N LEU RC 112 55.05 14.62 -123.41
CA LEU RC 112 53.90 13.85 -122.94
C LEU RC 112 52.61 14.56 -123.32
N ASN RC 113 52.47 14.81 -124.62
CA ASN RC 113 51.46 15.75 -125.12
C ASN RC 113 50.05 15.17 -125.05
N ALA RC 114 49.84 14.04 -125.72
CA ALA RC 114 48.49 13.50 -125.86
C ALA RC 114 47.89 13.14 -124.51
N GLU RC 115 48.69 12.56 -123.62
CA GLU RC 115 48.19 12.16 -122.30
C GLU RC 115 47.71 13.36 -121.48
N LEU RC 116 48.26 14.54 -121.72
CA LEU RC 116 47.91 15.74 -120.96
C LEU RC 116 46.76 16.51 -121.63
N ILE RC 117 46.82 16.66 -122.94
CA ILE RC 117 45.78 17.40 -123.65
C ILE RC 117 44.51 16.56 -123.75
N THR RC 118 44.60 15.38 -124.34
CA THR RC 118 43.43 14.53 -124.53
C THR RC 118 42.99 13.87 -123.24
N GLY RC 119 43.93 13.40 -122.42
CA GLY RC 119 43.59 12.80 -121.16
C GLY RC 119 43.39 11.30 -121.23
N GLU RC 120 44.34 10.59 -121.82
CA GLU RC 120 44.19 9.17 -122.11
C GLU RC 120 45.55 8.53 -122.25
N GLY RC 121 45.56 7.20 -122.22
CA GLY RC 121 46.71 6.48 -122.72
C GLY RC 121 47.54 5.72 -121.71
N GLN RC 122 48.83 5.56 -122.03
CA GLN RC 122 49.77 4.76 -121.25
C GLN RC 122 49.30 3.31 -121.18
N TRP RC 123 49.32 2.66 -122.35
CA TRP RC 123 48.93 1.26 -122.46
C TRP RC 123 50.10 0.37 -122.07
N ALA SC 1 27.32 81.55 -98.34
CA ALA SC 1 26.50 82.61 -98.89
C ALA SC 1 25.04 82.19 -98.94
N ALA SC 2 24.20 83.01 -99.57
CA ALA SC 2 22.79 82.64 -99.71
C ALA SC 2 22.65 81.41 -100.58
N ARG SC 3 21.79 80.49 -100.16
CA ARG SC 3 21.59 79.24 -100.88
C ARG SC 3 21.06 79.52 -102.28
N SER SC 4 21.61 78.83 -103.28
CA SER SC 4 21.22 79.01 -104.66
C SER SC 4 21.37 77.68 -105.38
N SER SC 5 21.39 77.73 -106.70
CA SER SC 5 21.57 76.53 -107.51
C SER SC 5 23.06 76.30 -107.78
N ILE SC 6 23.40 75.04 -108.04
CA ILE SC 6 24.77 74.65 -108.35
C ILE SC 6 24.76 73.81 -109.62
N VAL SC 7 25.88 73.83 -110.34
CA VAL SC 7 25.92 73.42 -111.73
C VAL SC 7 26.97 72.30 -111.86
N LEU SC 8 27.04 71.43 -110.86
CA LEU SC 8 27.94 70.27 -110.89
C LEU SC 8 28.03 69.66 -112.28
N THR SC 9 29.26 69.48 -112.75
CA THR SC 9 29.52 69.01 -114.10
C THR SC 9 30.70 68.06 -114.09
N ASP SC 10 30.93 67.42 -115.23
CA ASP SC 10 32.10 66.59 -115.43
C ASP SC 10 32.70 66.86 -116.81
N GLY SC 11 32.49 68.06 -117.32
CA GLY SC 11 33.07 68.44 -118.59
C GLY SC 11 32.14 68.24 -119.77
N THR SC 12 31.22 67.29 -119.66
CA THR SC 12 30.34 66.98 -120.78
C THR SC 12 28.86 67.06 -120.44
N THR SC 13 28.44 66.62 -119.25
CA THR SC 13 27.03 66.58 -118.89
C THR SC 13 26.82 67.32 -117.56
N PRO SC 14 26.60 68.63 -117.60
CA PRO SC 14 26.34 69.37 -116.37
C PRO SC 14 25.00 68.97 -115.76
N VAL SC 15 24.93 69.14 -114.44
CA VAL SC 15 23.72 68.83 -113.67
C VAL SC 15 23.41 70.05 -112.82
N THR SC 16 22.21 70.59 -112.97
CA THR SC 16 21.77 71.73 -112.17
C THR SC 16 21.01 71.22 -110.96
N LEU SC 17 21.50 71.52 -109.77
CA LEU SC 17 20.88 71.12 -108.53
C LEU SC 17 20.27 72.34 -107.85
N THR SC 18 19.16 72.13 -107.15
CA THR SC 18 18.44 73.19 -106.48
C THR SC 18 18.21 72.78 -105.03
N PRO SC 19 18.16 73.75 -104.11
CA PRO SC 19 17.97 73.41 -102.70
C PRO SC 19 16.53 73.09 -102.36
N VAL SC 20 16.27 71.86 -101.91
CA VAL SC 20 14.90 71.42 -101.69
C VAL SC 20 14.72 70.96 -100.26
N GLY SC 21 15.46 71.56 -99.34
CA GLY SC 21 15.32 71.21 -97.95
C GLY SC 21 16.57 71.57 -97.17
N GLY SC 22 16.66 71.00 -95.98
CA GLY SC 22 17.81 71.22 -95.13
C GLY SC 22 17.46 71.62 -93.71
N GLY SC 23 18.22 72.55 -93.16
CA GLY SC 23 17.99 72.99 -91.79
C GLY SC 23 19.08 73.94 -91.34
N VAL SC 24 19.48 73.79 -90.08
CA VAL SC 24 20.57 74.57 -89.52
C VAL SC 24 21.84 73.75 -89.66
N GLY SC 25 22.81 74.27 -90.40
CA GLY SC 25 24.01 73.52 -90.71
C GLY SC 25 23.73 72.33 -91.60
N GLN SC 26 22.91 72.53 -92.62
CA GLN SC 26 22.56 71.48 -93.58
C GLN SC 26 21.83 72.11 -94.74
N THR SC 27 22.05 71.56 -95.93
CA THR SC 27 21.39 72.09 -97.13
C THR SC 27 21.32 70.98 -98.17
N LEU SC 28 20.16 70.33 -98.26
CA LEU SC 28 19.97 69.32 -99.29
C LEU SC 28 19.86 69.96 -100.66
N TYR SC 29 20.23 69.20 -101.68
CA TYR SC 29 20.09 69.61 -103.07
C TYR SC 29 19.50 68.45 -103.85
N ARG SC 30 18.90 68.77 -104.99
CA ARG SC 30 18.43 67.71 -105.88
C ARG SC 30 18.39 68.25 -107.30
N ALA SC 31 18.67 67.38 -108.27
CA ALA SC 31 18.60 67.78 -109.66
C ALA SC 31 17.15 68.07 -110.03
N THR SC 32 16.97 69.08 -110.89
CA THR SC 32 15.63 69.54 -111.21
C THR SC 32 14.78 68.41 -111.77
N ALA SC 33 15.17 67.87 -112.92
CA ALA SC 33 14.53 66.69 -113.48
C ALA SC 33 15.44 66.10 -114.53
N GLU SC 34 15.94 64.88 -114.30
CA GLU SC 34 16.66 64.18 -115.35
C GLU SC 34 15.70 63.45 -116.28
N ALA SC 35 15.03 62.41 -115.78
CA ALA SC 35 13.93 61.78 -116.50
C ALA SC 35 12.78 61.34 -115.62
N LEU SC 36 12.96 61.25 -114.31
CA LEU SC 36 11.95 60.80 -113.36
C LEU SC 36 12.49 61.06 -111.97
N SER SC 37 11.73 60.68 -110.95
CA SER SC 37 12.22 60.74 -109.59
C SER SC 37 13.00 59.47 -109.27
N ALA SC 38 13.85 59.56 -108.24
CA ALA SC 38 14.80 58.54 -107.81
C ALA SC 38 15.92 58.32 -108.83
N ALA SC 39 15.89 59.00 -109.96
CA ALA SC 39 16.97 58.98 -110.94
C ALA SC 39 17.62 60.36 -111.02
N ASN SC 40 17.62 61.08 -109.91
CA ASN SC 40 18.14 62.43 -109.83
C ASN SC 40 19.23 62.51 -108.77
N PRO SC 41 20.41 63.03 -109.10
CA PRO SC 41 21.48 63.12 -108.11
C PRO SC 41 21.15 64.12 -107.01
N SER SC 42 21.76 63.90 -105.85
CA SER SC 42 21.59 64.79 -104.71
C SER SC 42 22.95 65.13 -104.12
N LEU SC 43 23.03 66.28 -103.45
CA LEU SC 43 24.28 66.85 -102.96
C LEU SC 43 24.14 67.32 -101.52
N SER SC 44 23.74 66.40 -100.63
CA SER SC 44 23.59 66.76 -99.22
C SER SC 44 24.86 67.41 -98.70
N PHE SC 45 24.71 68.50 -97.95
CA PHE SC 45 25.85 69.30 -97.53
C PHE SC 45 25.58 69.88 -96.14
N GLY SC 46 26.38 69.46 -95.16
CA GLY SC 46 26.28 69.96 -93.81
C GLY SC 46 27.54 70.69 -93.37
N TYR SC 47 27.44 71.34 -92.22
CA TYR SC 47 28.53 72.13 -91.66
C TYR SC 47 28.20 72.45 -90.22
N ARG SC 48 29.21 72.41 -89.36
CA ARG SC 48 28.98 72.66 -87.94
C ARG SC 48 30.31 73.02 -87.29
N PHE SC 49 30.21 73.61 -86.10
CA PHE SC 49 31.36 73.97 -85.29
C PHE SC 49 31.23 73.29 -83.93
N THR SC 50 32.28 72.60 -83.51
CA THR SC 50 32.33 72.04 -82.16
C THR SC 50 32.85 73.07 -81.18
N ASP SC 51 33.28 72.62 -80.00
CA ASP SC 51 33.84 73.49 -78.96
C ASP SC 51 34.77 74.54 -79.53
N GLY SC 52 35.81 74.12 -80.23
CA GLY SC 52 36.71 75.03 -80.91
C GLY SC 52 36.19 75.39 -82.29
N GLY SC 53 37.03 76.11 -83.04
CA GLY SC 53 36.65 76.51 -84.38
C GLY SC 53 36.84 75.42 -85.40
N THR SC 54 36.62 74.17 -85.00
CA THR SC 54 36.78 73.03 -85.90
C THR SC 54 35.67 73.06 -86.93
N ASN SC 55 36.01 73.55 -88.12
CA ASN SC 55 35.04 73.76 -89.19
C ASN SC 55 34.70 72.45 -89.89
N ARG SC 56 33.98 71.56 -89.22
CA ARG SC 56 33.70 70.23 -89.75
C ARG SC 56 32.59 70.29 -90.79
N GLN SC 57 32.97 70.68 -92.00
CA GLN SC 57 32.06 70.58 -93.12
C GLN SC 57 31.93 69.13 -93.58
N SER SC 58 30.82 68.82 -94.24
CA SER SC 58 30.58 67.46 -94.69
C SER SC 58 29.77 67.50 -95.97
N LEU SC 59 30.05 66.57 -96.87
CA LEU SC 59 29.33 66.48 -98.13
C LEU SC 59 28.95 65.04 -98.40
N SER SC 60 27.97 64.87 -99.27
CA SER SC 60 27.53 63.55 -99.70
C SER SC 60 26.81 63.71 -101.02
N TYR SC 61 27.44 63.28 -102.11
CA TYR SC 61 26.86 63.34 -103.44
C TYR SC 61 26.45 61.93 -103.83
N LYS SC 62 25.17 61.75 -104.16
CA LYS SC 62 24.63 60.44 -104.52
C LYS SC 62 24.05 60.53 -105.92
N GLN SC 63 24.56 59.69 -106.81
CA GLN SC 63 24.07 59.62 -108.18
C GLN SC 63 23.52 58.23 -108.44
N PRO SC 64 22.22 58.08 -108.72
CA PRO SC 64 21.65 56.75 -108.89
C PRO SC 64 21.83 56.20 -110.30
N ILE SC 65 22.00 54.88 -110.36
CA ILE SC 65 22.28 54.17 -111.60
C ILE SC 65 20.97 53.63 -112.14
N THR SC 66 20.52 54.17 -113.25
CA THR SC 66 19.23 53.82 -113.82
C THR SC 66 19.43 52.92 -115.04
N ALA SC 67 18.45 52.06 -115.29
CA ALA SC 67 18.52 51.09 -116.38
C ALA SC 67 17.12 50.71 -116.81
N VAL SC 68 16.98 50.39 -118.10
CA VAL SC 68 15.68 50.02 -118.65
C VAL SC 68 15.31 48.62 -118.21
N ASP SC 69 14.00 48.35 -118.18
CA ASP SC 69 13.43 47.09 -117.72
C ASP SC 69 12.52 46.53 -118.82
N SER SC 70 13.08 46.37 -120.02
CA SER SC 70 12.36 46.09 -121.26
C SER SC 70 11.20 45.11 -121.12
N THR SC 71 11.31 44.14 -120.20
CA THR SC 71 10.16 43.30 -119.91
C THR SC 71 8.94 44.12 -119.50
N THR SC 72 9.16 45.28 -118.87
CA THR SC 72 8.10 46.23 -118.58
C THR SC 72 8.37 47.62 -119.15
N SER SC 73 9.60 47.90 -119.57
CA SER SC 73 9.99 49.18 -120.16
C SER SC 73 9.88 50.34 -119.18
N GLU SC 74 10.02 50.06 -117.89
CA GLU SC 74 10.01 51.08 -116.86
C GLU SC 74 11.43 51.27 -116.33
N THR SC 75 11.88 52.53 -116.30
CA THR SC 75 13.28 52.85 -116.01
C THR SC 75 13.55 52.71 -114.52
N LEU SC 76 13.71 51.46 -114.09
CA LEU SC 76 14.00 51.18 -112.69
C LEU SC 76 15.43 51.60 -112.35
N VAL SC 77 15.66 51.90 -111.08
CA VAL SC 77 16.99 52.26 -110.57
C VAL SC 77 17.54 51.10 -109.77
N ARG SC 78 18.80 50.74 -110.03
CA ARG SC 78 19.43 49.59 -109.40
C ARG SC 78 20.10 49.95 -108.08
N GLY SC 79 21.07 50.87 -108.12
CA GLY SC 79 21.78 51.31 -106.93
C GLY SC 79 22.23 52.74 -107.07
N GLN SC 80 23.23 53.16 -106.27
CA GLN SC 80 23.70 54.53 -106.32
C GLN SC 80 25.19 54.59 -106.05
N CYS SC 81 25.86 55.57 -106.66
CA CYS SC 81 27.25 55.88 -106.39
C CYS SC 81 27.29 57.01 -105.36
N VAL SC 82 28.05 56.81 -104.30
CA VAL SC 82 28.09 57.71 -103.15
C VAL SC 82 29.51 58.24 -103.01
N VAL SC 83 29.64 59.56 -102.90
CA VAL SC 83 30.94 60.20 -102.67
C VAL SC 83 30.80 61.11 -101.46
N ASP SC 84 31.60 60.87 -100.43
CA ASP SC 84 31.56 61.68 -99.21
C ASP SC 84 32.88 62.44 -99.10
N ILE SC 85 32.80 63.76 -99.11
CA ILE SC 85 33.98 64.59 -98.92
C ILE SC 85 33.88 65.31 -97.59
N ASN SC 86 34.42 64.71 -96.54
CA ASN SC 86 34.45 65.37 -95.24
C ASN SC 86 35.66 66.27 -95.13
N ILE SC 87 35.49 67.39 -94.44
CA ILE SC 87 36.55 68.37 -94.26
C ILE SC 87 36.57 68.79 -92.80
N VAL SC 88 37.74 68.79 -92.19
CA VAL SC 88 37.91 69.25 -90.82
C VAL SC 88 39.08 70.22 -90.78
N ILE SC 89 38.84 71.45 -90.37
CA ILE SC 89 39.85 72.48 -90.24
C ILE SC 89 39.81 73.01 -88.81
N PRO SC 90 40.89 72.94 -88.06
CA PRO SC 90 40.85 73.39 -86.66
C PRO SC 90 40.85 74.91 -86.57
N ARG SC 91 40.62 75.40 -85.35
CA ARG SC 91 40.59 76.84 -85.12
C ARG SC 91 41.96 77.47 -85.35
N VAL SC 92 43.03 76.74 -85.06
CA VAL SC 92 44.38 77.27 -85.12
C VAL SC 92 44.85 77.42 -86.56
N ALA SC 93 43.98 77.08 -87.51
CA ALA SC 93 44.35 77.06 -88.91
C ALA SC 93 44.39 78.47 -89.49
N THR SC 94 45.50 78.79 -90.13
CA THR SC 94 45.59 80.05 -90.88
C THR SC 94 44.63 80.00 -92.06
N ALA SC 95 44.16 81.18 -92.47
CA ALA SC 95 43.27 81.27 -93.62
C ALA SC 95 43.89 80.77 -94.91
N THR SC 96 45.22 80.70 -94.98
CA THR SC 96 45.89 80.17 -96.17
C THR SC 96 46.14 78.67 -96.08
N ASP SC 97 46.21 78.12 -94.87
CA ASP SC 97 46.36 76.67 -94.73
C ASP SC 97 45.08 75.94 -95.14
N ARG SC 98 43.92 76.53 -94.83
CA ARG SC 98 42.67 75.88 -95.19
C ARG SC 98 42.51 75.76 -96.70
N ALA SC 99 42.75 76.86 -97.43
CA ALA SC 99 42.63 76.81 -98.88
C ALA SC 99 43.64 75.85 -99.48
N GLU SC 100 44.88 75.87 -98.98
CA GLU SC 100 45.91 74.96 -99.44
C GLU SC 100 45.47 73.51 -99.28
N ALA SC 101 45.01 73.15 -98.07
CA ALA SC 101 44.60 71.79 -97.81
C ALA SC 101 43.43 71.38 -98.69
N ILE SC 102 42.42 72.24 -98.82
CA ILE SC 102 41.24 71.88 -99.58
C ILE SC 102 41.59 71.64 -101.04
N LYS SC 103 42.31 72.59 -101.65
CA LYS SC 103 42.63 72.44 -103.07
C LYS SC 103 43.57 71.26 -103.31
N ARG SC 104 44.54 71.05 -102.43
CA ARG SC 104 45.45 69.91 -102.60
C ARG SC 104 44.69 68.60 -102.52
N ALA SC 105 43.81 68.46 -101.52
CA ALA SC 105 43.06 67.22 -101.39
C ALA SC 105 42.11 67.01 -102.55
N PHE SC 106 41.55 68.08 -103.12
CA PHE SC 106 40.70 67.92 -104.28
C PHE SC 106 41.49 67.66 -105.56
N ASP SC 107 42.79 67.96 -105.57
CA ASP SC 107 43.63 67.64 -106.73
C ASP SC 107 43.98 66.16 -106.81
N VAL SC 108 43.46 65.33 -105.91
CA VAL SC 108 43.79 63.90 -105.92
C VAL SC 108 43.36 63.27 -107.23
N LEU SC 109 42.13 63.56 -107.67
CA LEU SC 109 41.62 62.95 -108.90
C LEU SC 109 42.51 63.26 -110.09
N ASN SC 110 43.07 64.47 -110.14
CA ASN SC 110 44.05 64.77 -111.17
C ASN SC 110 45.33 63.98 -110.96
N ALA SC 111 45.76 63.82 -109.71
CA ALA SC 111 47.00 63.09 -109.44
C ALA SC 111 46.78 61.59 -109.41
N LEU SC 112 45.95 61.11 -108.48
CA LEU SC 112 45.72 59.67 -108.30
C LEU SC 112 44.51 59.22 -109.12
N ASN SC 113 44.63 59.38 -110.43
CA ASN SC 113 43.46 59.29 -111.31
C ASN SC 113 43.01 57.85 -111.50
N ALA SC 114 43.88 57.01 -112.07
CA ALA SC 114 43.46 55.72 -112.61
C ALA SC 114 42.84 54.80 -111.57
N GLU SC 115 43.19 54.95 -110.29
CA GLU SC 115 42.63 54.08 -109.26
C GLU SC 115 41.27 54.53 -108.78
N LEU SC 116 40.85 55.74 -109.11
CA LEU SC 116 39.53 56.26 -108.74
C LEU SC 116 38.51 56.11 -109.86
N ILE SC 117 38.87 56.61 -111.05
CA ILE SC 117 37.94 56.57 -112.18
C ILE SC 117 37.64 55.14 -112.58
N THR SC 118 38.69 54.32 -112.72
CA THR SC 118 38.53 52.98 -113.27
C THR SC 118 38.20 51.94 -112.23
N GLY SC 119 38.61 52.15 -110.97
CA GLY SC 119 38.32 51.22 -109.91
C GLY SC 119 39.34 50.12 -109.70
N GLU SC 120 40.42 50.10 -110.49
CA GLU SC 120 41.44 49.07 -110.34
C GLU SC 120 42.16 49.22 -109.01
N GLY SC 121 42.62 48.10 -108.47
CA GLY SC 121 43.36 48.08 -107.23
C GLY SC 121 44.84 48.07 -107.49
N GLN SC 122 45.53 49.10 -107.01
CA GLN SC 122 46.95 49.22 -107.25
C GLN SC 122 47.73 48.12 -106.54
N TRP SC 123 48.80 47.67 -107.17
CA TRP SC 123 49.60 46.56 -106.66
C TRP SC 123 50.95 47.03 -106.18
N ALA TC 1 13.37 79.81 -110.81
CA ALA TC 1 12.54 79.41 -109.68
C ALA TC 1 12.99 80.11 -108.40
N ALA TC 2 13.52 81.32 -108.54
CA ALA TC 2 13.86 82.15 -107.39
C ALA TC 2 12.61 82.82 -106.86
N ARG TC 3 12.73 83.35 -105.64
CA ARG TC 3 11.58 83.98 -104.98
C ARG TC 3 11.39 85.39 -105.52
N SER TC 4 10.19 85.64 -106.06
CA SER TC 4 9.82 86.96 -106.57
C SER TC 4 8.32 87.12 -106.43
N SER TC 5 7.83 88.31 -106.77
CA SER TC 5 6.41 88.58 -106.68
C SER TC 5 5.64 87.77 -107.72
N ILE TC 6 4.47 87.28 -107.32
CA ILE TC 6 3.59 86.54 -108.21
C ILE TC 6 2.27 87.28 -108.33
N VAL TC 7 1.57 87.04 -109.44
CA VAL TC 7 0.49 87.91 -109.88
C VAL TC 7 -0.80 87.10 -109.99
N LEU TC 8 -1.03 86.21 -109.01
CA LEU TC 8 -2.29 85.48 -108.90
C LEU TC 8 -3.48 86.34 -109.33
N THR TC 9 -4.30 85.80 -110.22
CA THR TC 9 -5.43 86.55 -110.75
C THR TC 9 -6.57 85.60 -111.09
N ASP TC 10 -7.78 86.15 -111.10
CA ASP TC 10 -8.97 85.40 -111.46
C ASP TC 10 -9.50 85.78 -112.84
N GLY TC 11 -8.88 86.75 -113.50
CA GLY TC 11 -9.37 87.22 -114.78
C GLY TC 11 -9.80 88.67 -114.71
N THR TC 12 -10.43 89.05 -113.61
CA THR TC 12 -10.94 90.41 -113.44
C THR TC 12 -9.95 91.30 -112.69
N THR TC 13 -9.61 90.92 -111.46
CA THR TC 13 -8.76 91.73 -110.60
C THR TC 13 -7.51 90.95 -110.22
N PRO TC 14 -6.34 91.30 -110.74
CA PRO TC 14 -5.11 90.63 -110.31
C PRO TC 14 -4.65 91.12 -108.95
N VAL TC 15 -4.09 90.21 -108.17
CA VAL TC 15 -3.50 90.53 -106.88
C VAL TC 15 -2.03 90.11 -106.91
N THR TC 16 -1.15 91.01 -106.53
CA THR TC 16 0.30 90.77 -106.59
C THR TC 16 0.78 90.43 -105.18
N LEU TC 17 1.21 89.19 -104.99
CA LEU TC 17 1.75 88.74 -103.72
C LEU TC 17 3.27 88.83 -103.75
N THR TC 18 3.85 89.42 -102.71
CA THR TC 18 5.30 89.50 -102.59
C THR TC 18 5.77 88.62 -101.44
N PRO TC 19 6.98 88.06 -101.51
CA PRO TC 19 7.45 87.21 -100.43
C PRO TC 19 7.59 87.99 -99.12
N VAL TC 20 7.28 87.33 -98.02
CA VAL TC 20 7.44 87.93 -96.69
C VAL TC 20 8.17 86.93 -95.79
N GLY TC 21 8.92 86.01 -96.37
CA GLY TC 21 9.76 85.15 -95.56
C GLY TC 21 9.72 83.68 -95.90
N GLY TC 22 9.94 82.85 -94.89
CA GLY TC 22 9.81 81.41 -95.05
C GLY TC 22 11.08 80.61 -94.82
N GLY TC 23 12.20 81.06 -95.37
CA GLY TC 23 13.42 80.29 -95.26
C GLY TC 23 13.47 79.12 -96.21
N VAL TC 24 14.17 78.06 -95.84
CA VAL TC 24 14.33 76.88 -96.70
C VAL TC 24 13.19 75.92 -96.41
N GLY TC 25 12.68 75.29 -97.47
CA GLY TC 25 11.58 74.36 -97.33
C GLY TC 25 10.20 74.98 -97.38
N GLN TC 26 10.09 76.31 -97.48
CA GLN TC 26 8.79 76.96 -97.58
C GLN TC 26 8.99 78.39 -98.06
N THR TC 27 7.88 79.05 -98.34
CA THR TC 27 7.89 80.45 -98.77
C THR TC 27 6.55 81.05 -98.46
N LEU TC 28 6.53 82.16 -97.74
CA LEU TC 28 5.30 82.87 -97.43
C LEU TC 28 5.15 84.05 -98.36
N TYR TC 29 3.94 84.24 -98.87
CA TYR TC 29 3.63 85.38 -99.71
C TYR TC 29 2.57 86.22 -99.05
N ARG TC 30 2.45 87.47 -99.49
CA ARG TC 30 1.39 88.35 -99.02
C ARG TC 30 1.29 89.58 -99.91
N ALA TC 31 0.07 90.02 -100.22
CA ALA TC 31 -0.14 91.22 -101.00
C ALA TC 31 0.00 92.44 -100.10
N THR TC 32 -0.11 93.63 -100.70
CA THR TC 32 -0.03 94.85 -99.90
C THR TC 32 -1.37 95.18 -99.25
N ALA TC 33 -2.35 95.57 -100.07
CA ALA TC 33 -3.68 96.00 -99.61
C ALA TC 33 -3.58 96.78 -98.31
N GLU TC 34 -2.66 97.75 -98.29
CA GLU TC 34 -2.19 98.35 -97.06
C GLU TC 34 -3.33 99.05 -96.32
N ALA TC 35 -3.19 99.12 -95.00
CA ALA TC 35 -4.15 99.84 -94.16
C ALA TC 35 -5.56 99.27 -94.33
N LEU TC 36 -5.73 98.05 -93.82
CA LEU TC 36 -4.92 97.34 -92.83
C LEU TC 36 -3.92 96.41 -93.48
N SER TC 37 -2.93 95.95 -92.70
CA SER TC 37 -1.90 95.06 -93.23
C SER TC 37 -2.24 93.59 -93.09
N ALA TC 38 -3.19 93.25 -92.21
CA ALA TC 38 -3.63 91.87 -92.05
C ALA TC 38 -4.85 91.54 -92.91
N ALA TC 39 -5.36 92.51 -93.66
CA ALA TC 39 -6.49 92.31 -94.54
C ALA TC 39 -6.04 92.18 -96.00
N ASN TC 40 -5.26 91.14 -96.29
CA ASN TC 40 -4.82 90.88 -97.65
C ASN TC 40 -4.47 89.40 -97.78
N PRO TC 41 -4.56 88.84 -98.97
CA PRO TC 41 -4.37 87.40 -99.14
C PRO TC 41 -2.93 86.97 -98.94
N SER TC 42 -2.75 85.68 -98.69
CA SER TC 42 -1.45 85.08 -98.44
C SER TC 42 -1.42 83.70 -99.08
N LEU TC 43 -0.20 83.23 -99.39
CA LEU TC 43 0.01 82.01 -100.17
C LEU TC 43 1.10 81.12 -99.53
N SER TC 44 0.90 80.74 -98.29
CA SER TC 44 1.89 79.89 -97.63
C SER TC 44 2.19 78.64 -98.44
N PHE TC 45 3.40 78.55 -98.98
CA PHE TC 45 3.78 77.47 -99.90
C PHE TC 45 5.00 76.75 -99.36
N GLY TC 46 4.84 75.46 -99.04
CA GLY TC 46 5.93 74.64 -98.55
C GLY TC 46 6.16 73.42 -99.43
N TYR TC 47 7.32 72.80 -99.23
CA TYR TC 47 7.73 71.65 -100.03
C TYR TC 47 8.86 70.94 -99.29
N ARG TC 48 8.97 69.64 -99.52
CA ARG TC 48 10.00 68.84 -98.87
C ARG TC 48 10.11 67.52 -99.62
N PHE TC 49 11.15 66.75 -99.28
CA PHE TC 49 11.36 65.40 -99.79
C PHE TC 49 11.54 64.47 -98.61
N THR TC 50 10.78 63.38 -98.59
CA THR TC 50 10.84 62.42 -97.50
C THR TC 50 12.02 61.48 -97.70
N ASP TC 51 12.02 60.36 -96.97
CA ASP TC 51 13.08 59.37 -97.08
C ASP TC 51 13.32 58.96 -98.51
N GLY TC 52 12.26 58.71 -99.26
CA GLY TC 52 12.39 58.41 -100.67
C GLY TC 52 12.49 59.67 -101.49
N GLY TC 53 11.87 59.67 -102.68
CA GLY TC 53 11.81 60.85 -103.50
C GLY TC 53 10.42 61.44 -103.48
N THR TC 54 9.65 61.09 -102.46
CA THR TC 54 8.25 61.50 -102.36
C THR TC 54 8.19 63.00 -102.14
N ASN TC 55 7.93 63.75 -103.19
CA ASN TC 55 7.84 65.20 -103.13
C ASN TC 55 6.48 65.57 -102.56
N ARG TC 56 6.48 66.19 -101.37
CA ARG TC 56 5.24 66.59 -100.71
C ARG TC 56 5.13 68.10 -100.71
N GLN TC 57 4.55 68.63 -101.78
CA GLN TC 57 4.31 70.06 -101.86
C GLN TC 57 2.98 70.40 -101.20
N SER TC 58 2.86 71.64 -100.76
CA SER TC 58 1.66 72.06 -100.05
C SER TC 58 1.44 73.56 -100.18
N LEU TC 59 0.25 73.96 -100.60
CA LEU TC 59 -0.08 75.38 -100.72
C LEU TC 59 -1.29 75.69 -99.86
N SER TC 60 -1.32 76.89 -99.32
CA SER TC 60 -2.45 77.34 -98.53
C SER TC 60 -2.67 78.81 -98.86
N TYR TC 61 -3.75 79.10 -99.57
CA TYR TC 61 -4.10 80.45 -99.98
C TYR TC 61 -5.25 80.93 -99.13
N LYS TC 62 -5.02 82.02 -98.40
CA LYS TC 62 -6.04 82.60 -97.53
C LYS TC 62 -6.37 84.00 -98.03
N GLN TC 63 -7.66 84.27 -98.22
CA GLN TC 63 -8.13 85.59 -98.61
C GLN TC 63 -9.10 86.10 -97.56
N PRO TC 64 -8.78 87.19 -96.85
CA PRO TC 64 -9.70 87.69 -95.82
C PRO TC 64 -10.79 88.56 -96.43
N ILE TC 65 -11.93 88.57 -95.74
CA ILE TC 65 -13.12 89.29 -96.18
C ILE TC 65 -13.16 90.60 -95.42
N THR TC 66 -12.98 91.70 -96.14
CA THR TC 66 -12.89 93.03 -95.55
C THR TC 66 -14.25 93.71 -95.57
N ALA TC 67 -14.34 94.78 -94.78
CA ALA TC 67 -15.57 95.57 -94.71
C ALA TC 67 -15.19 96.96 -94.20
N VAL TC 68 -15.20 97.95 -95.08
CA VAL TC 68 -14.79 99.31 -94.70
C VAL TC 68 -15.91 99.94 -93.88
N ASP TC 69 -15.67 100.13 -92.60
CA ASP TC 69 -16.66 100.68 -91.67
C ASP TC 69 -16.71 102.19 -91.87
N SER TC 70 -17.70 102.65 -92.63
CA SER TC 70 -17.78 104.08 -92.96
C SER TC 70 -17.95 104.97 -91.74
N THR TC 71 -18.52 104.45 -90.65
CA THR TC 71 -18.68 105.24 -89.44
C THR TC 71 -17.33 105.65 -88.86
N THR TC 72 -16.43 104.69 -88.71
CA THR TC 72 -15.13 104.93 -88.10
C THR TC 72 -14.01 105.05 -89.13
N SER TC 73 -14.25 104.59 -90.36
CA SER TC 73 -13.27 104.60 -91.45
C SER TC 73 -12.06 103.72 -91.10
N GLU TC 74 -12.36 102.47 -90.77
CA GLU TC 74 -11.34 101.46 -90.54
C GLU TC 74 -11.77 100.17 -91.22
N THR TC 75 -10.81 99.39 -91.68
CA THR TC 75 -11.09 98.13 -92.33
C THR TC 75 -11.21 97.02 -91.29
N LEU TC 76 -12.30 96.28 -91.34
CA LEU TC 76 -12.56 95.19 -90.40
C LEU TC 76 -12.47 93.87 -91.14
N VAL TC 77 -11.97 92.85 -90.46
CA VAL TC 77 -11.79 91.52 -91.04
C VAL TC 77 -12.86 90.61 -90.44
N ARG TC 78 -13.73 90.08 -91.29
CA ARG TC 78 -14.85 89.27 -90.85
C ARG TC 78 -14.55 87.77 -90.87
N GLY TC 79 -13.65 87.35 -91.75
CA GLY TC 79 -13.32 85.94 -91.86
C GLY TC 79 -12.35 85.76 -93.00
N GLN TC 80 -12.08 84.51 -93.36
CA GLN TC 80 -11.18 84.26 -94.47
C GLN TC 80 -11.57 82.99 -95.22
N CYS TC 81 -11.51 83.07 -96.55
CA CYS TC 81 -11.65 81.90 -97.39
C CYS TC 81 -10.30 81.23 -97.53
N VAL TC 82 -10.24 79.94 -97.21
CA VAL TC 82 -9.01 79.18 -97.18
C VAL TC 82 -9.07 78.09 -98.22
N VAL TC 83 -8.02 77.97 -99.04
CA VAL TC 83 -7.91 76.92 -100.04
C VAL TC 83 -6.59 76.21 -99.82
N ASP TC 84 -6.64 74.93 -99.46
CA ASP TC 84 -5.45 74.12 -99.28
C ASP TC 84 -5.29 73.18 -100.46
N ILE TC 85 -4.06 73.03 -100.92
CA ILE TC 85 -3.75 72.18 -102.08
C ILE TC 85 -2.51 71.37 -101.69
N ASN TC 86 -2.72 70.11 -101.32
CA ASN TC 86 -1.58 69.23 -101.05
C ASN TC 86 -1.29 68.38 -102.27
N ILE TC 87 0.00 68.21 -102.56
CA ILE TC 87 0.44 67.43 -103.70
C ILE TC 87 1.47 66.43 -103.22
N VAL TC 88 1.18 65.14 -103.43
CA VAL TC 88 2.12 64.09 -103.09
C VAL TC 88 2.53 63.39 -104.37
N ILE TC 89 3.83 63.33 -104.62
CA ILE TC 89 4.35 62.67 -105.80
C ILE TC 89 5.30 61.57 -105.38
N PRO TC 90 5.03 60.32 -105.68
CA PRO TC 90 5.86 59.23 -105.15
C PRO TC 90 7.23 59.18 -105.81
N ARG TC 91 8.09 58.30 -105.30
CA ARG TC 91 9.44 58.14 -105.79
C ARG TC 91 9.48 57.63 -107.22
N VAL TC 92 8.44 56.93 -107.67
CA VAL TC 92 8.46 56.20 -108.93
C VAL TC 92 7.79 56.99 -110.06
N ALA TC 93 7.50 58.26 -109.85
CA ALA TC 93 6.70 59.03 -110.80
C ALA TC 93 7.59 59.62 -111.88
N THR TC 94 7.19 59.42 -113.13
CA THR TC 94 7.90 59.98 -114.26
C THR TC 94 7.71 61.50 -114.30
N ALA TC 95 8.58 62.17 -115.07
CA ALA TC 95 8.55 63.62 -115.16
C ALA TC 95 7.34 64.15 -115.93
N THR TC 96 6.71 63.35 -116.77
CA THR TC 96 5.51 63.78 -117.49
C THR TC 96 4.23 63.36 -116.79
N ASP TC 97 4.27 62.29 -116.01
CA ASP TC 97 3.11 61.93 -115.20
C ASP TC 97 2.84 62.97 -114.13
N ARG TC 98 3.89 63.59 -113.60
CA ARG TC 98 3.70 64.72 -112.69
C ARG TC 98 2.89 65.83 -113.34
N ALA TC 99 3.30 66.24 -114.53
CA ALA TC 99 2.58 67.30 -115.22
C ALA TC 99 1.15 66.90 -115.52
N GLU TC 100 0.95 65.66 -115.98
CA GLU TC 100 -0.40 65.17 -116.24
C GLU TC 100 -1.26 65.26 -114.99
N ALA TC 101 -0.77 64.70 -113.87
CA ALA TC 101 -1.57 64.69 -112.65
C ALA TC 101 -1.88 66.08 -112.16
N ILE TC 102 -0.87 66.96 -112.14
CA ILE TC 102 -1.07 68.30 -111.59
C ILE TC 102 -2.04 69.09 -112.46
N LYS TC 103 -1.80 69.11 -113.78
CA LYS TC 103 -2.66 69.91 -114.64
C LYS TC 103 -4.06 69.32 -114.74
N ARG TC 104 -4.23 68.02 -114.50
CA ARG TC 104 -5.56 67.45 -114.47
C ARG TC 104 -6.29 67.81 -113.18
N ALA TC 105 -5.59 67.74 -112.05
CA ALA TC 105 -6.21 68.09 -110.77
C ALA TC 105 -6.61 69.56 -110.75
N PHE TC 106 -5.74 70.44 -111.25
CA PHE TC 106 -6.07 71.86 -111.32
C PHE TC 106 -7.07 72.18 -112.41
N ASP TC 107 -7.43 71.21 -113.25
CA ASP TC 107 -8.47 71.41 -114.25
C ASP TC 107 -9.86 71.09 -113.73
N VAL TC 108 -9.97 70.75 -112.44
CA VAL TC 108 -11.29 70.47 -111.86
C VAL TC 108 -12.18 71.70 -111.94
N LEU TC 109 -11.62 72.88 -111.67
CA LEU TC 109 -12.40 74.10 -111.70
C LEU TC 109 -13.11 74.31 -113.02
N ASN TC 110 -12.52 73.84 -114.12
CA ASN TC 110 -13.20 73.91 -115.41
C ASN TC 110 -14.20 72.78 -115.62
N ALA TC 111 -14.06 71.68 -114.87
CA ALA TC 111 -15.01 70.58 -114.98
C ALA TC 111 -16.09 70.68 -113.91
N LEU TC 112 -15.69 70.69 -112.65
CA LEU TC 112 -16.61 70.79 -111.52
C LEU TC 112 -16.84 72.24 -111.14
N ASN TC 113 -17.24 73.03 -112.14
CA ASN TC 113 -17.23 74.49 -112.00
C ASN TC 113 -18.35 74.98 -111.10
N ALA TC 114 -19.59 74.64 -111.43
CA ALA TC 114 -20.73 75.18 -110.70
C ALA TC 114 -20.74 74.73 -109.24
N GLU TC 115 -20.12 73.60 -108.94
CA GLU TC 115 -20.08 73.13 -107.56
C GLU TC 115 -19.03 73.85 -106.72
N LEU TC 116 -18.20 74.68 -107.33
CA LEU TC 116 -17.15 75.39 -106.60
C LEU TC 116 -17.32 76.89 -106.66
N ILE TC 117 -17.58 77.45 -107.85
CA ILE TC 117 -17.70 78.89 -107.99
C ILE TC 117 -18.95 79.40 -107.26
N THR TC 118 -20.07 78.70 -107.41
CA THR TC 118 -21.32 79.14 -106.80
C THR TC 118 -21.64 78.42 -105.49
N GLY TC 119 -21.03 77.28 -105.23
CA GLY TC 119 -21.21 76.58 -103.98
C GLY TC 119 -22.34 75.57 -103.96
N GLU TC 120 -22.91 75.23 -105.10
CA GLU TC 120 -24.01 74.27 -105.16
C GLU TC 120 -23.53 72.89 -104.73
N GLY TC 121 -24.47 71.98 -104.66
CA GLY TC 121 -24.15 70.56 -104.56
C GLY TC 121 -24.87 69.83 -105.68
N GLN TC 122 -24.20 68.85 -106.25
CA GLN TC 122 -24.77 68.13 -107.37
C GLN TC 122 -25.87 67.19 -106.88
N TRP TC 123 -26.98 67.18 -107.61
CA TRP TC 123 -28.15 66.41 -107.20
C TRP TC 123 -28.33 65.14 -108.02
N ALA UC 1 -24.83 71.14 -111.42
CA ALA UC 1 -25.81 70.28 -112.09
C ALA UC 1 -25.75 68.87 -111.54
N ALA UC 2 -26.48 67.96 -112.16
CA ALA UC 2 -26.54 66.59 -111.67
C ALA UC 2 -25.22 65.88 -111.91
N ARG UC 3 -25.02 64.77 -111.18
CA ARG UC 3 -23.82 63.97 -111.35
C ARG UC 3 -23.71 63.49 -112.79
N SER UC 4 -22.68 63.96 -113.50
CA SER UC 4 -22.52 63.58 -114.89
C SER UC 4 -21.09 63.13 -115.16
N SER UC 5 -20.73 63.00 -116.43
CA SER UC 5 -19.37 62.61 -116.81
C SER UC 5 -18.51 63.86 -117.01
N ILE UC 6 -17.39 63.92 -116.29
CA ILE UC 6 -16.49 65.05 -116.37
C ILE UC 6 -15.30 64.68 -117.25
N VAL UC 7 -14.66 65.70 -117.81
CA VAL UC 7 -13.71 65.53 -118.92
C VAL UC 7 -12.37 66.09 -118.45
N LEU UC 8 -12.03 65.85 -117.19
CA LEU UC 8 -10.75 66.24 -116.61
C LEU UC 8 -9.60 66.01 -117.59
N THR UC 9 -8.91 67.08 -117.95
CA THR UC 9 -7.90 67.06 -119.00
C THR UC 9 -6.68 67.86 -118.55
N ASP UC 10 -5.68 67.94 -119.44
CA ASP UC 10 -4.52 68.77 -119.19
C ASP UC 10 -4.08 69.54 -120.44
N GLY UC 11 -4.92 69.62 -121.47
CA GLY UC 11 -4.61 70.28 -122.70
C GLY UC 11 -4.20 69.35 -123.82
N THR UC 12 -3.66 68.17 -123.49
CA THR UC 12 -3.24 67.19 -124.49
C THR UC 12 -4.00 65.88 -124.38
N THR UC 13 -4.07 65.28 -123.19
CA THR UC 13 -4.63 63.95 -123.01
C THR UC 13 -5.82 64.00 -122.06
N PRO UC 14 -7.04 64.12 -122.57
CA PRO UC 14 -8.21 64.15 -121.69
C PRO UC 14 -8.51 62.78 -121.10
N VAL UC 15 -9.20 62.80 -119.97
CA VAL UC 15 -9.68 61.60 -119.31
C VAL UC 15 -11.12 61.85 -118.86
N THR UC 16 -12.02 60.93 -119.21
CA THR UC 16 -13.43 61.07 -118.87
C THR UC 16 -13.75 60.22 -117.65
N LEU UC 17 -14.39 60.83 -116.66
CA LEU UC 17 -14.71 60.18 -115.39
C LEU UC 17 -16.21 60.16 -115.19
N THR UC 18 -16.75 59.01 -114.79
CA THR UC 18 -18.16 58.85 -114.54
C THR UC 18 -18.41 58.42 -113.09
N PRO UC 19 -19.45 58.93 -112.45
CA PRO UC 19 -19.65 58.67 -111.01
C PRO UC 19 -19.78 57.19 -110.73
N VAL UC 20 -19.19 56.77 -109.61
CA VAL UC 20 -19.01 55.35 -109.32
C VAL UC 20 -19.57 55.06 -107.94
N GLY UC 21 -20.15 56.06 -107.31
CA GLY UC 21 -20.75 55.84 -106.01
C GLY UC 21 -20.89 57.14 -105.25
N GLY UC 22 -20.78 57.04 -103.93
CA GLY UC 22 -20.86 58.19 -103.07
C GLY UC 22 -22.09 58.21 -102.18
N GLY UC 23 -22.79 59.33 -102.16
CA GLY UC 23 -23.95 59.50 -101.30
C GLY UC 23 -24.48 60.92 -101.33
N VAL UC 24 -24.77 61.47 -100.16
CA VAL UC 24 -25.15 62.87 -100.02
C VAL UC 24 -23.93 63.66 -99.59
N GLY UC 25 -23.61 64.72 -100.33
CA GLY UC 25 -22.38 65.44 -100.09
C GLY UC 25 -21.16 64.55 -100.27
N GLN UC 26 -21.16 63.74 -101.33
CA GLN UC 26 -20.07 62.84 -101.65
C GLN UC 26 -20.28 62.31 -103.06
N THR UC 27 -19.21 62.22 -103.83
CA THR UC 27 -19.33 61.82 -105.23
C THR UC 27 -18.00 61.24 -105.68
N LEU UC 28 -17.96 59.93 -105.90
CA LEU UC 28 -16.78 59.30 -106.46
C LEU UC 28 -16.73 59.51 -107.97
N TYR UC 29 -15.59 59.18 -108.56
CA TYR UC 29 -15.41 59.22 -110.01
C TYR UC 29 -14.37 58.18 -110.37
N ARG UC 30 -14.36 57.81 -111.65
CA ARG UC 30 -13.33 56.93 -112.19
C ARG UC 30 -13.48 56.92 -113.71
N ALA UC 31 -12.41 56.50 -114.39
CA ALA UC 31 -12.36 56.46 -115.84
C ALA UC 31 -12.75 55.07 -116.34
N THR UC 32 -12.55 54.83 -117.64
CA THR UC 32 -13.09 53.64 -118.30
C THR UC 32 -12.11 52.47 -118.39
N ALA UC 33 -10.81 52.72 -118.28
CA ALA UC 33 -9.83 51.65 -118.37
C ALA UC 33 -9.92 50.73 -117.16
N GLU UC 34 -9.47 49.48 -117.29
CA GLU UC 34 -9.66 48.46 -116.28
C GLU UC 34 -8.32 47.88 -115.86
N ALA UC 35 -8.13 47.75 -114.55
CA ALA UC 35 -6.90 47.18 -114.01
C ALA UC 35 -7.22 46.48 -112.69
N LEU UC 36 -6.21 45.87 -112.07
CA LEU UC 36 -6.41 44.99 -110.94
C LEU UC 36 -6.31 45.71 -109.60
N SER UC 37 -5.18 46.37 -109.33
CA SER UC 37 -4.97 47.05 -108.05
C SER UC 37 -5.47 48.49 -108.08
N ALA UC 38 -4.91 49.31 -108.95
CA ALA UC 38 -5.34 50.69 -109.13
C ALA UC 38 -5.84 50.85 -110.55
N ALA UC 39 -7.13 51.15 -110.69
CA ALA UC 39 -7.72 51.16 -112.01
C ALA UC 39 -7.41 52.47 -112.75
N ASN UC 40 -7.90 53.59 -112.23
CA ASN UC 40 -7.90 54.83 -112.98
C ASN UC 40 -7.80 56.03 -112.03
N PRO UC 41 -7.71 57.25 -112.55
CA PRO UC 41 -7.88 58.43 -111.69
C PRO UC 41 -9.25 58.41 -111.00
N SER UC 42 -9.26 58.79 -109.73
CA SER UC 42 -10.46 58.70 -108.90
C SER UC 42 -10.64 60.01 -108.16
N LEU UC 43 -11.46 60.89 -108.70
CA LEU UC 43 -11.67 62.24 -108.14
C LEU UC 43 -12.83 62.19 -107.16
N SER UC 44 -12.53 62.08 -105.87
CA SER UC 44 -13.57 62.12 -104.86
C SER UC 44 -13.88 63.56 -104.49
N PHE UC 45 -15.16 63.85 -104.26
CA PHE UC 45 -15.66 65.20 -104.02
C PHE UC 45 -16.59 65.17 -102.82
N GLY UC 46 -16.18 65.81 -101.72
CA GLY UC 46 -16.84 65.61 -100.44
C GLY UC 46 -17.45 66.83 -99.76
N TYR UC 47 -18.17 67.66 -100.52
CA TYR UC 47 -18.71 68.90 -99.97
C TYR UC 47 -19.69 68.63 -98.83
N ARG UC 48 -19.82 69.61 -97.95
CA ARG UC 48 -20.73 69.56 -96.81
C ARG UC 48 -20.91 70.97 -96.27
N PHE UC 49 -21.69 71.09 -95.21
CA PHE UC 49 -21.90 72.35 -94.49
C PHE UC 49 -21.58 72.13 -93.01
N THR UC 50 -21.72 73.20 -92.23
CA THR UC 50 -21.28 73.18 -90.84
C THR UC 50 -22.26 74.05 -90.03
N ASP UC 51 -21.86 74.45 -88.83
CA ASP UC 51 -22.72 75.22 -87.94
C ASP UC 51 -23.21 76.50 -88.62
N GLY UC 52 -22.30 77.24 -89.22
CA GLY UC 52 -22.64 78.39 -90.02
C GLY UC 52 -22.82 78.01 -91.46
N GLY UC 53 -22.65 79.00 -92.34
CA GLY UC 53 -22.66 78.72 -93.76
C GLY UC 53 -21.29 78.26 -94.24
N THR UC 54 -20.54 77.62 -93.34
CA THR UC 54 -19.17 77.24 -93.62
C THR UC 54 -19.12 76.11 -94.62
N ASN UC 55 -19.16 76.45 -95.90
CA ASN UC 55 -19.17 75.45 -96.97
C ASN UC 55 -17.80 74.78 -97.01
N ARG UC 56 -17.71 73.62 -96.39
CA ARG UC 56 -16.42 72.94 -96.23
C ARG UC 56 -16.24 71.88 -97.31
N GLN UC 57 -16.06 72.34 -98.55
CA GLN UC 57 -15.84 71.44 -99.66
C GLN UC 57 -14.48 70.75 -99.52
N SER UC 58 -14.30 69.67 -100.28
CA SER UC 58 -13.09 68.88 -100.21
C SER UC 58 -13.00 68.01 -101.44
N LEU UC 59 -11.79 67.86 -101.97
CA LEU UC 59 -11.55 67.08 -103.17
C LEU UC 59 -10.35 66.17 -102.95
N SER UC 60 -10.21 65.20 -103.84
CA SER UC 60 -9.02 64.37 -103.87
C SER UC 60 -8.89 63.68 -105.21
N TYR UC 61 -7.85 64.00 -105.98
CA TYR UC 61 -7.65 63.45 -107.32
C TYR UC 61 -6.43 62.54 -107.30
N LYS UC 62 -6.65 61.25 -107.43
CA LYS UC 62 -5.56 60.28 -107.47
C LYS UC 62 -5.41 59.76 -108.90
N GLN UC 63 -4.19 59.80 -109.40
CA GLN UC 63 -3.87 59.25 -110.72
C GLN UC 63 -2.82 58.16 -110.54
N PRO UC 64 -3.09 56.93 -110.94
CA PRO UC 64 -2.16 55.85 -110.69
C PRO UC 64 -0.97 55.70 -111.65
N ILE UC 65 0.21 55.80 -111.06
CA ILE UC 65 1.46 55.62 -111.79
C ILE UC 65 1.53 54.14 -112.16
N THR UC 66 1.45 53.86 -113.46
CA THR UC 66 1.35 52.48 -113.95
C THR UC 66 2.17 52.34 -115.23
N ALA UC 67 2.61 51.10 -115.49
CA ALA UC 67 3.30 50.74 -116.72
C ALA UC 67 2.78 49.38 -117.17
N VAL UC 68 2.58 49.23 -118.48
CA VAL UC 68 1.94 48.03 -119.01
C VAL UC 68 2.98 46.91 -119.12
N ASP UC 69 2.70 45.79 -118.48
CA ASP UC 69 3.59 44.64 -118.56
C ASP UC 69 3.50 44.00 -119.94
N SER UC 70 4.50 43.20 -120.27
CA SER UC 70 4.50 42.46 -121.52
C SER UC 70 3.91 41.08 -121.31
N THR UC 71 3.14 40.62 -122.30
CA THR UC 71 2.48 39.33 -122.37
C THR UC 71 1.34 39.18 -121.37
N THR UC 72 1.11 40.16 -120.50
CA THR UC 72 0.03 40.10 -119.53
C THR UC 72 -0.80 41.37 -119.60
N SER UC 73 -2.11 41.22 -119.54
CA SER UC 73 -3.05 42.35 -119.63
C SER UC 73 -3.45 42.85 -118.26
N GLU UC 74 -2.47 43.22 -117.44
CA GLU UC 74 -2.75 43.71 -116.09
C GLU UC 74 -2.15 45.08 -115.80
N THR UC 75 -1.39 45.66 -116.73
CA THR UC 75 -0.88 47.03 -116.68
C THR UC 75 -0.44 47.42 -115.27
N LEU UC 76 0.59 46.73 -114.76
CA LEU UC 76 1.10 46.92 -113.41
C LEU UC 76 1.16 48.38 -113.00
N VAL UC 77 0.59 48.69 -111.84
CA VAL UC 77 0.58 50.03 -111.28
C VAL UC 77 1.71 50.15 -110.27
N ARG UC 78 2.39 51.29 -110.28
CA ARG UC 78 3.55 51.50 -109.43
C ARG UC 78 3.31 52.48 -108.29
N GLY UC 79 2.37 53.38 -108.42
CA GLY UC 79 2.09 54.34 -107.36
C GLY UC 79 0.87 55.17 -107.63
N GLN UC 80 0.79 56.33 -106.99
CA GLN UC 80 -0.33 57.25 -107.21
C GLN UC 80 0.03 58.68 -106.85
N CYS UC 81 -0.31 59.63 -107.71
CA CYS UC 81 -0.03 61.05 -107.49
C CYS UC 81 -1.25 61.69 -106.85
N VAL UC 82 -1.31 61.64 -105.52
CA VAL UC 82 -2.41 62.24 -104.79
C VAL UC 82 -2.35 63.76 -104.88
N VAL UC 83 -3.50 64.38 -105.11
CA VAL UC 83 -3.60 65.84 -105.10
C VAL UC 83 -4.88 66.26 -104.37
N ASP UC 84 -4.75 66.62 -103.10
CA ASP UC 84 -5.90 67.04 -102.30
C ASP UC 84 -6.15 68.53 -102.47
N ILE UC 85 -7.42 68.91 -102.45
CA ILE UC 85 -7.81 70.32 -102.50
C ILE UC 85 -8.95 70.56 -101.53
N ASN UC 86 -8.67 71.19 -100.40
CA ASN UC 86 -9.69 71.47 -99.41
C ASN UC 86 -10.04 72.95 -99.42
N ILE UC 87 -11.35 73.23 -99.34
CA ILE UC 87 -11.87 74.59 -99.42
C ILE UC 87 -12.74 74.85 -98.20
N VAL UC 88 -12.53 76.00 -97.57
CA VAL UC 88 -13.32 76.41 -96.42
C VAL UC 88 -13.75 77.86 -96.66
N ILE UC 89 -15.02 78.06 -96.95
CA ILE UC 89 -15.58 79.37 -97.25
C ILE UC 89 -16.51 79.77 -96.12
N PRO UC 90 -16.32 80.92 -95.48
CA PRO UC 90 -17.11 81.25 -94.30
C PRO UC 90 -18.54 81.62 -94.64
N ARG UC 91 -19.37 81.84 -93.62
CA ARG UC 91 -20.75 82.22 -93.84
C ARG UC 91 -20.88 83.61 -94.46
N VAL UC 92 -19.99 84.54 -94.11
CA VAL UC 92 -20.13 85.94 -94.48
C VAL UC 92 -19.57 86.21 -95.88
N ALA UC 93 -19.20 85.15 -96.59
CA ALA UC 93 -18.49 85.30 -97.86
C ALA UC 93 -19.48 85.55 -98.98
N THR UC 94 -19.48 86.77 -99.50
CA THR UC 94 -20.27 87.11 -100.67
C THR UC 94 -19.83 86.25 -101.84
N ALA UC 95 -20.81 85.83 -102.67
CA ALA UC 95 -20.53 84.91 -103.76
C ALA UC 95 -19.51 85.46 -104.74
N THR UC 96 -19.35 86.78 -104.83
CA THR UC 96 -18.25 87.35 -105.61
C THR UC 96 -16.91 87.06 -104.95
N ASP UC 97 -16.84 87.23 -103.62
CA ASP UC 97 -15.59 86.95 -102.90
C ASP UC 97 -15.21 85.48 -103.00
N ARG UC 98 -16.18 84.59 -102.91
CA ARG UC 98 -15.87 83.16 -103.03
C ARG UC 98 -15.33 82.83 -104.42
N ALA UC 99 -15.95 83.39 -105.47
CA ALA UC 99 -15.46 83.14 -106.82
C ALA UC 99 -14.04 83.68 -106.97
N GLU UC 100 -13.78 84.87 -106.46
CA GLU UC 100 -12.43 85.42 -106.52
C GLU UC 100 -11.45 84.52 -105.80
N ALA UC 101 -11.80 84.06 -104.60
CA ALA UC 101 -10.88 83.23 -103.82
C ALA UC 101 -10.57 81.93 -104.55
N ILE UC 102 -11.59 81.27 -105.09
CA ILE UC 102 -11.37 79.98 -105.75
C ILE UC 102 -10.55 80.17 -107.02
N LYS UC 103 -10.93 81.14 -107.86
CA LYS UC 103 -10.23 81.30 -109.13
C LYS UC 103 -8.81 81.82 -108.92
N ARG UC 104 -8.55 82.52 -107.81
CA ARG UC 104 -7.19 82.91 -107.52
C ARG UC 104 -6.37 81.77 -106.96
N ALA UC 105 -6.97 80.91 -106.14
CA ALA UC 105 -6.24 79.76 -105.63
C ALA UC 105 -5.87 78.80 -106.75
N PHE UC 106 -6.78 78.61 -107.71
CA PHE UC 106 -6.49 77.69 -108.81
C PHE UC 106 -5.63 78.32 -109.89
N ASP UC 107 -5.25 79.58 -109.75
CA ASP UC 107 -4.31 80.21 -110.65
C ASP UC 107 -2.87 80.10 -110.19
N VAL UC 108 -2.61 79.36 -109.10
CA VAL UC 108 -1.24 79.18 -108.65
C VAL UC 108 -0.43 78.44 -109.71
N LEU UC 109 -1.04 77.43 -110.35
CA LEU UC 109 -0.33 76.64 -111.34
C LEU UC 109 0.25 77.50 -112.45
N ASN UC 110 -0.40 78.61 -112.78
CA ASN UC 110 0.11 79.50 -113.82
C ASN UC 110 1.08 80.55 -113.28
N ALA UC 111 1.19 80.70 -111.96
CA ALA UC 111 2.12 81.63 -111.35
C ALA UC 111 3.30 80.92 -110.71
N LEU UC 112 3.02 79.91 -109.90
CA LEU UC 112 4.05 79.09 -109.27
C LEU UC 112 4.26 77.81 -110.07
N ASN UC 113 4.58 77.98 -111.35
CA ASN UC 113 4.49 76.90 -112.31
C ASN UC 113 5.63 75.89 -112.16
N ALA UC 114 6.88 76.37 -112.26
CA ALA UC 114 8.02 75.45 -112.29
C ALA UC 114 8.13 74.67 -110.98
N GLU UC 115 7.88 75.32 -109.85
CA GLU UC 115 7.99 74.65 -108.57
C GLU UC 115 6.98 73.51 -108.41
N LEU UC 116 5.86 73.57 -109.13
CA LEU UC 116 4.82 72.55 -109.02
C LEU UC 116 4.97 71.47 -110.07
N ILE UC 117 5.28 71.86 -111.32
CA ILE UC 117 5.41 70.88 -112.38
C ILE UC 117 6.75 70.15 -112.26
N THR UC 118 7.85 70.90 -112.27
CA THR UC 118 9.17 70.29 -112.19
C THR UC 118 9.48 69.78 -110.80
N GLY UC 119 9.12 70.54 -109.77
CA GLY UC 119 9.32 70.10 -108.40
C GLY UC 119 10.64 70.56 -107.82
N GLU UC 120 10.94 71.85 -107.95
CA GLU UC 120 12.25 72.35 -107.59
C GLU UC 120 12.16 73.84 -107.28
N GLY UC 121 13.21 74.36 -106.67
CA GLY UC 121 13.40 75.80 -106.64
C GLY UC 121 13.26 76.48 -105.31
N GLN UC 122 12.86 77.75 -105.35
CA GLN UC 122 12.78 78.63 -104.18
C GLN UC 122 14.16 78.76 -103.53
N TRP UC 123 15.05 79.41 -104.25
CA TRP UC 123 16.41 79.64 -103.77
C TRP UC 123 16.43 80.86 -102.87
N ALA VC 1 100.68 76.14 -33.55
CA ALA VC 1 101.10 77.40 -32.96
C ALA VC 1 99.90 78.26 -32.58
N ALA VC 2 100.14 79.50 -32.18
CA ALA VC 2 99.04 80.40 -31.85
C ALA VC 2 98.21 80.69 -33.09
N ARG VC 3 96.89 80.70 -32.93
CA ARG VC 3 95.99 80.93 -34.04
C ARG VC 3 96.18 82.34 -34.60
N SER VC 4 96.22 82.44 -35.93
CA SER VC 4 96.43 83.72 -36.59
C SER VC 4 95.70 83.68 -37.93
N SER VC 5 96.05 84.60 -38.82
CA SER VC 5 95.45 84.67 -40.14
C SER VC 5 96.25 83.82 -41.12
N ILE VC 6 95.57 83.39 -42.19
CA ILE VC 6 96.19 82.60 -43.24
C ILE VC 6 95.83 83.20 -44.60
N VAL VC 7 96.70 82.95 -45.58
CA VAL VC 7 96.72 83.73 -46.81
C VAL VC 7 96.50 82.77 -47.98
N LEU VC 8 95.63 81.77 -47.78
CA LEU VC 8 95.27 80.82 -48.84
C LEU VC 8 95.16 81.51 -50.19
N THR VC 9 95.88 80.98 -51.17
CA THR VC 9 95.99 81.61 -52.48
C THR VC 9 96.04 80.55 -53.56
N ASP VC 10 95.99 80.99 -54.81
CA ASP VC 10 96.17 80.13 -55.96
C ASP VC 10 97.02 80.81 -57.02
N GLY VC 11 97.90 81.70 -56.59
CA GLY VC 11 98.82 82.36 -57.50
C GLY VC 11 98.37 83.72 -57.98
N THR VC 12 97.06 83.91 -58.10
CA THR VC 12 96.55 85.17 -58.64
C THR VC 12 95.59 85.89 -57.71
N THR VC 13 94.76 85.19 -56.95
CA THR VC 13 93.77 85.82 -56.08
C THR VC 13 93.90 85.26 -54.67
N PRO VC 14 94.77 85.86 -53.85
CA PRO VC 14 94.90 85.42 -52.46
C PRO VC 14 93.64 85.71 -51.67
N VAL VC 15 93.42 84.89 -50.63
CA VAL VC 15 92.28 85.02 -49.75
C VAL VC 15 92.81 85.03 -48.32
N THR VC 16 92.54 86.11 -47.59
CA THR VC 16 92.95 86.21 -46.19
C THR VC 16 91.82 85.70 -45.31
N LEU VC 17 92.11 84.66 -44.53
CA LEU VC 17 91.14 84.09 -43.61
C LEU VC 17 91.55 84.42 -42.18
N THR VC 18 90.55 84.58 -41.32
CA THR VC 18 90.76 84.92 -39.92
C THR VC 18 89.98 83.93 -39.06
N PRO VC 19 90.48 83.62 -37.87
CA PRO VC 19 89.79 82.66 -36.99
C PRO VC 19 88.57 83.28 -36.30
N VAL VC 20 87.39 82.73 -36.54
CA VAL VC 20 86.17 83.35 -36.03
C VAL VC 20 85.39 82.34 -35.19
N GLY VC 21 86.07 81.36 -34.63
CA GLY VC 21 85.40 80.38 -33.79
C GLY VC 21 86.26 79.15 -33.62
N GLY VC 22 85.59 78.09 -33.16
CA GLY VC 22 86.26 76.81 -32.97
C GLY VC 22 86.04 76.23 -31.59
N GLY VC 23 87.11 75.69 -31.02
CA GLY VC 23 87.00 75.07 -29.70
C GLY VC 23 88.30 74.37 -29.35
N VAL VC 24 88.16 73.22 -28.71
CA VAL VC 24 89.30 72.36 -28.40
C VAL VC 24 89.44 71.35 -29.53
N GLY VC 25 90.59 71.33 -30.17
CA GLY VC 25 90.80 70.50 -31.35
C GLY VC 25 89.95 70.93 -32.53
N GLN VC 26 89.86 72.24 -32.75
CA GLN VC 26 89.07 72.79 -33.85
C GLN VC 26 89.37 74.27 -33.97
N THR VC 27 89.37 74.77 -35.21
CA THR VC 27 89.63 76.19 -35.44
C THR VC 27 88.97 76.58 -36.76
N LEU VC 28 87.80 77.20 -36.69
CA LEU VC 28 87.15 77.70 -37.88
C LEU VC 28 87.88 78.93 -38.41
N TYR VC 29 87.77 79.14 -39.72
CA TYR VC 29 88.30 80.32 -40.37
C TYR VC 29 87.24 80.87 -41.30
N ARG VC 30 87.35 82.17 -41.62
CA ARG VC 30 86.46 82.75 -42.60
C ARG VC 30 87.17 83.92 -43.26
N ALA VC 31 86.92 84.12 -44.55
CA ALA VC 31 87.50 85.25 -45.25
C ALA VC 31 86.92 86.54 -44.69
N THR VC 32 87.77 87.57 -44.63
CA THR VC 32 87.38 88.83 -43.99
C THR VC 32 86.11 89.40 -44.63
N ALA VC 33 86.20 89.76 -45.91
CA ALA VC 33 85.03 90.19 -46.67
C ALA VC 33 85.38 90.12 -48.15
N GLU VC 34 84.69 89.25 -48.89
CA GLU VC 34 84.84 89.28 -50.35
C GLU VC 34 83.89 90.32 -50.95
N ALA VC 35 82.58 90.07 -50.89
CA ALA VC 35 81.60 91.08 -51.25
C ALA VC 35 80.36 91.09 -50.37
N LEU VC 36 80.11 90.04 -49.60
CA LEU VC 36 78.93 89.92 -48.75
C LEU VC 36 79.14 88.69 -47.87
N SER VC 37 78.15 88.37 -47.06
CA SER VC 37 78.18 87.12 -46.30
C SER VC 37 77.61 85.99 -47.16
N ALA VC 38 77.98 84.77 -46.79
CA ALA VC 38 77.70 83.52 -47.51
C ALA VC 38 78.44 83.43 -48.83
N ALA VC 39 79.18 84.46 -49.22
CA ALA VC 39 80.05 84.43 -50.39
C ALA VC 39 81.51 84.52 -49.96
N ASN VC 40 81.81 83.97 -48.78
CA ASN VC 40 83.14 84.00 -48.21
C ASN VC 40 83.62 82.58 -47.93
N PRO VC 41 84.81 82.21 -48.39
CA PRO VC 41 85.31 80.85 -48.14
C PRO VC 41 85.61 80.62 -46.67
N SER VC 42 85.60 79.34 -46.29
CA SER VC 42 85.92 78.96 -44.91
C SER VC 42 86.88 77.78 -44.94
N LEU VC 43 87.67 77.65 -43.88
CA LEU VC 43 88.75 76.67 -43.79
C LEU VC 43 88.71 75.93 -42.45
N SER VC 44 87.57 75.30 -42.16
CA SER VC 44 87.45 74.56 -40.90
C SER VC 44 88.59 73.56 -40.76
N PHE VC 45 89.17 73.50 -39.56
CA PHE VC 45 90.37 72.70 -39.33
C PHE VC 45 90.30 72.09 -37.95
N GLY VC 46 90.23 70.75 -37.89
CA GLY VC 46 90.22 70.03 -36.64
C GLY VC 46 91.45 69.15 -36.49
N TYR VC 47 91.61 68.63 -35.27
CA TYR VC 47 92.76 67.80 -34.93
C TYR VC 47 92.48 67.14 -33.59
N ARG VC 48 92.89 65.87 -33.47
CA ARG VC 48 92.67 65.14 -32.23
C ARG VC 48 93.59 63.94 -32.20
N PHE VC 49 93.75 63.38 -31.00
CA PHE VC 49 94.54 62.18 -30.77
C PHE VC 49 93.62 61.10 -30.22
N THR VC 50 93.62 59.93 -30.85
CA THR VC 50 92.87 58.79 -30.35
C THR VC 50 93.67 58.08 -29.27
N ASP VC 51 93.28 56.83 -28.98
CA ASP VC 51 93.98 56.03 -27.97
C ASP VC 51 95.50 56.03 -28.21
N GLY VC 52 95.91 55.79 -29.44
CA GLY VC 52 97.31 55.88 -29.81
C GLY VC 52 97.68 57.30 -30.19
N GLY VC 53 98.90 57.44 -30.71
CA GLY VC 53 99.35 58.74 -31.14
C GLY VC 53 98.89 59.07 -32.55
N THR VC 54 97.74 58.53 -32.94
CA THR VC 54 97.21 58.72 -34.28
C THR VC 54 96.80 60.18 -34.44
N ASN VC 55 97.67 60.97 -35.06
CA ASN VC 55 97.45 62.40 -35.21
C ASN VC 55 96.37 62.67 -36.24
N ARG VC 56 95.11 62.39 -35.89
CA ARG VC 56 94.00 62.43 -36.84
C ARG VC 56 93.57 63.88 -37.07
N GLN VC 57 94.35 64.58 -37.89
CA GLN VC 57 93.98 65.93 -38.31
C GLN VC 57 92.92 65.86 -39.41
N SER VC 58 92.21 66.96 -39.58
CA SER VC 58 91.15 67.03 -40.58
C SER VC 58 90.99 68.46 -41.06
N LEU VC 59 90.64 68.62 -42.33
CA LEU VC 59 90.44 69.93 -42.92
C LEU VC 59 89.17 69.93 -43.74
N SER VC 60 88.64 71.12 -43.99
CA SER VC 60 87.45 71.28 -44.83
C SER VC 60 87.43 72.71 -45.34
N TYR VC 61 87.73 72.89 -46.61
CA TYR VC 61 87.72 74.20 -47.26
C TYR VC 61 86.49 74.28 -48.13
N LYS VC 62 85.66 75.29 -47.88
CA LYS VC 62 84.40 75.48 -48.61
C LYS VC 62 84.43 76.85 -49.27
N GLN VC 63 84.33 76.85 -50.59
CA GLN VC 63 84.30 78.10 -51.35
C GLN VC 63 82.96 78.20 -52.08
N PRO VC 64 82.13 79.19 -51.78
CA PRO VC 64 80.80 79.24 -52.38
C PRO VC 64 80.79 79.92 -53.74
N ILE VC 65 79.94 79.39 -54.61
CA ILE VC 65 79.82 79.85 -56.00
C ILE VC 65 78.71 80.89 -56.05
N THR VC 66 79.07 82.14 -56.31
CA THR VC 66 78.12 83.23 -56.33
C THR VC 66 77.87 83.68 -57.76
N ALA VC 67 76.66 84.18 -58.00
CA ALA VC 67 76.26 84.62 -59.33
C ALA VC 67 75.21 85.70 -59.20
N VAL VC 68 75.19 86.60 -60.20
CA VAL VC 68 74.24 87.71 -60.18
C VAL VC 68 72.83 87.20 -60.50
N ASP VC 69 71.84 87.95 -60.04
CA ASP VC 69 70.42 87.61 -60.19
C ASP VC 69 69.69 88.78 -60.85
N SER VC 70 70.18 89.19 -62.02
CA SER VC 70 69.81 90.41 -62.73
C SER VC 70 68.32 90.77 -62.64
N THR VC 71 67.44 89.77 -62.63
CA THR VC 71 66.03 90.05 -62.40
C THR VC 71 65.81 90.81 -61.09
N THR VC 72 66.67 90.59 -60.09
CA THR VC 72 66.67 91.37 -58.87
C THR VC 72 68.01 92.03 -58.58
N SER VC 73 69.08 91.61 -59.25
CA SER VC 73 70.43 92.18 -59.10
C SER VC 73 71.01 91.94 -57.71
N GLU VC 74 70.60 90.86 -57.05
CA GLU VC 74 71.15 90.47 -55.76
C GLU VC 74 72.05 89.26 -55.94
N THR VC 75 73.28 89.34 -55.41
CA THR VC 75 74.31 88.33 -55.67
C THR VC 75 74.03 87.07 -54.85
N LEU VC 76 73.07 86.28 -55.34
CA LEU VC 76 72.72 85.04 -54.69
C LEU VC 76 73.82 84.00 -54.88
N VAL VC 77 73.92 83.09 -53.91
CA VAL VC 77 74.89 82.00 -53.94
C VAL VC 77 74.17 80.71 -54.31
N ARG VC 78 74.72 79.97 -55.26
CA ARG VC 78 74.08 78.75 -55.76
C ARG VC 78 74.49 77.52 -54.95
N GLY VC 79 75.78 77.22 -54.90
CA GLY VC 79 76.29 76.07 -54.16
C GLY VC 79 77.68 76.33 -53.64
N GLN VC 80 78.43 75.28 -53.32
CA GLN VC 80 79.78 75.43 -52.78
C GLN VC 80 80.67 74.29 -53.25
N CYS VC 81 81.96 74.60 -53.39
CA CYS VC 81 82.98 73.60 -53.67
C CYS VC 81 83.65 73.23 -52.36
N VAL VC 82 83.74 71.93 -52.09
CA VAL VC 82 84.18 71.40 -50.80
C VAL VC 82 85.42 70.55 -51.04
N VAL VC 83 86.49 70.82 -50.28
CA VAL VC 83 87.70 70.02 -50.32
C VAL VC 83 88.04 69.58 -48.90
N ASP VC 84 88.11 68.26 -48.69
CA ASP VC 84 88.41 67.70 -47.38
C ASP VC 84 89.76 66.99 -47.44
N ILE VC 85 90.73 67.48 -46.71
CA ILE VC 85 92.04 66.83 -46.64
C ILE VC 85 92.22 66.22 -45.27
N ASN VC 86 91.85 64.94 -45.12
CA ASN VC 86 92.07 64.25 -43.86
C ASN VC 86 93.46 63.65 -43.82
N ILE VC 87 94.06 63.68 -42.63
CA ILE VC 87 95.41 63.18 -42.42
C ILE VC 87 95.42 62.30 -41.18
N VAL VC 88 96.02 61.12 -41.29
CA VAL VC 88 96.17 60.21 -40.16
C VAL VC 88 97.60 59.74 -40.11
N ILE VC 89 98.29 60.01 -39.01
CA ILE VC 89 99.67 59.58 -38.80
C ILE VC 89 99.73 58.84 -37.47
N PRO VC 90 100.14 57.58 -37.44
CA PRO VC 90 100.13 56.82 -36.18
C PRO VC 90 101.29 57.23 -35.27
N ARG VC 91 101.27 56.68 -34.06
CA ARG VC 91 102.33 56.97 -33.11
C ARG VC 91 103.68 56.45 -33.59
N VAL VC 92 103.70 55.31 -34.27
CA VAL VC 92 104.94 54.63 -34.64
C VAL VC 92 105.65 55.39 -35.76
N ALA VC 93 105.07 56.49 -36.20
CA ALA VC 93 105.59 57.23 -37.34
C ALA VC 93 106.83 58.02 -36.96
N THR VC 94 107.91 57.84 -37.72
CA THR VC 94 109.07 58.69 -37.57
C THR VC 94 108.73 60.10 -38.04
N ALA VC 95 109.35 61.09 -37.39
CA ALA VC 95 109.09 62.49 -37.72
C ALA VC 95 109.41 62.83 -39.17
N THR VC 96 110.26 62.05 -39.83
CA THR VC 96 110.55 62.25 -41.25
C THR VC 96 109.56 61.56 -42.16
N ASP VC 97 108.90 60.50 -41.68
CA ASP VC 97 107.89 59.83 -42.48
C ASP VC 97 106.62 60.68 -42.60
N ARG VC 98 106.28 61.39 -41.53
CA ARG VC 98 105.09 62.24 -41.57
C ARG VC 98 105.24 63.35 -42.60
N ALA VC 99 106.38 64.04 -42.60
CA ALA VC 99 106.61 65.09 -43.58
C ALA VC 99 106.62 64.53 -45.00
N GLU VC 100 107.27 63.38 -45.19
CA GLU VC 100 107.28 62.74 -46.50
C GLU VC 100 105.87 62.47 -46.99
N ALA VC 101 105.06 61.83 -46.15
CA ALA VC 101 103.70 61.49 -46.54
C ALA VC 101 102.89 62.73 -46.86
N ILE VC 102 102.95 63.75 -45.99
CA ILE VC 102 102.12 64.93 -46.19
C ILE VC 102 102.50 65.64 -47.49
N LYS VC 103 103.80 65.89 -47.70
CA LYS VC 103 104.20 66.61 -48.89
C LYS VC 103 103.93 65.81 -50.16
N ARG VC 104 104.17 64.49 -50.12
CA ARG VC 104 103.90 63.68 -51.30
C ARG VC 104 102.41 63.69 -51.64
N ALA VC 105 101.55 63.53 -50.64
CA ALA VC 105 100.12 63.53 -50.91
C ALA VC 105 99.63 64.88 -51.39
N PHE VC 106 100.24 65.97 -50.94
CA PHE VC 106 99.86 67.28 -51.44
C PHE VC 106 100.45 67.56 -52.82
N ASP VC 107 101.46 66.80 -53.25
CA ASP VC 107 101.99 66.95 -54.60
C ASP VC 107 101.11 66.30 -55.66
N VAL VC 108 99.95 65.76 -55.27
CA VAL VC 108 99.08 65.09 -56.24
C VAL VC 108 98.64 66.07 -57.31
N LEU VC 109 98.20 67.26 -56.90
CA LEU VC 109 97.71 68.25 -57.85
C LEU VC 109 98.78 68.59 -58.89
N ASN VC 110 100.04 68.67 -58.47
CA ASN VC 110 101.10 68.84 -59.44
C ASN VC 110 101.24 67.62 -60.35
N ALA VC 111 101.08 66.42 -59.78
CA ALA VC 111 101.22 65.21 -60.58
C ALA VC 111 99.92 64.86 -61.32
N LEU VC 112 98.86 64.58 -60.58
CA LEU VC 112 97.59 64.14 -61.16
C LEU VC 112 96.68 65.34 -61.43
N ASN VC 113 97.16 66.22 -62.31
CA ASN VC 113 96.57 67.55 -62.43
C ASN VC 113 95.24 67.53 -63.17
N ALA VC 114 95.27 67.11 -64.44
CA ALA VC 114 94.15 67.35 -65.35
C ALA VC 114 92.84 66.74 -64.88
N GLU VC 115 92.88 65.67 -64.10
CA GLU VC 115 91.65 65.03 -63.65
C GLU VC 115 91.04 65.71 -62.43
N LEU VC 116 91.79 66.60 -61.76
CA LEU VC 116 91.28 67.35 -60.62
C LEU VC 116 90.82 68.75 -61.02
N ILE VC 117 91.68 69.51 -61.70
CA ILE VC 117 91.35 70.88 -62.08
C ILE VC 117 90.16 70.89 -63.04
N THR VC 118 90.20 70.04 -64.07
CA THR VC 118 89.21 70.11 -65.13
C THR VC 118 87.98 69.26 -64.85
N GLY VC 119 88.12 68.19 -64.07
CA GLY VC 119 87.00 67.34 -63.73
C GLY VC 119 86.74 66.20 -64.69
N GLU VC 120 87.56 66.03 -65.71
CA GLU VC 120 87.35 64.95 -66.66
C GLU VC 120 87.60 63.60 -66.00
N GLY VC 121 86.87 62.59 -66.46
CA GLY VC 121 87.00 61.25 -65.95
C GLY VC 121 87.96 60.45 -66.81
N GLN VC 122 89.09 60.08 -66.22
CA GLN VC 122 90.13 59.38 -66.96
C GLN VC 122 89.66 57.99 -67.39
N TRP VC 123 90.11 57.57 -68.57
CA TRP VC 123 89.66 56.33 -69.17
C TRP VC 123 90.73 55.26 -69.15
N ALA WC 1 93.61 93.30 -36.84
CA ALA WC 1 92.57 92.92 -35.90
C ALA WC 1 93.10 91.97 -34.84
N ALA WC 2 94.38 92.12 -34.49
CA ALA WC 2 94.98 91.38 -33.40
C ALA WC 2 94.62 92.05 -32.08
N ARG WC 3 94.75 91.28 -30.99
CA ARG WC 3 94.38 91.78 -29.67
C ARG WC 3 95.44 92.73 -29.15
N SER WC 4 95.02 93.96 -28.83
CA SER WC 4 95.91 94.97 -28.28
C SER WC 4 95.08 95.91 -27.42
N SER WC 5 95.77 96.82 -26.72
CA SER WC 5 95.09 97.75 -25.85
C SER WC 5 94.26 98.73 -26.66
N ILE WC 6 93.07 99.04 -26.15
CA ILE WC 6 92.16 99.98 -26.80
C ILE WC 6 91.94 101.16 -25.86
N VAL WC 7 91.59 102.31 -26.45
CA VAL WC 7 91.69 103.58 -25.77
C VAL WC 7 90.31 104.25 -25.71
N LEU WC 8 89.27 103.46 -25.46
CA LEU WC 8 87.92 103.99 -25.25
C LEU WC 8 87.94 105.31 -24.50
N THR WC 9 87.24 106.30 -25.05
CA THR WC 9 87.24 107.63 -24.47
C THR WC 9 85.89 108.29 -24.73
N ASP WC 10 85.56 109.26 -23.87
CA ASP WC 10 84.35 110.05 -24.02
C ASP WC 10 84.63 111.46 -24.51
N GLY WC 11 85.89 111.83 -24.69
CA GLY WC 11 86.25 113.17 -25.08
C GLY WC 11 87.06 113.86 -24.00
N THR WC 12 86.70 113.64 -22.74
CA THR WC 12 87.38 114.29 -21.63
C THR WC 12 88.49 113.42 -21.05
N THR WC 13 88.16 112.22 -20.57
CA THR WC 13 89.12 111.33 -19.93
C THR WC 13 89.18 110.01 -20.67
N PRO WC 14 90.28 109.71 -21.34
CA PRO WC 14 90.41 108.40 -22.00
C PRO WC 14 90.76 107.31 -20.99
N VAL WC 15 90.22 106.11 -21.21
CA VAL WC 15 90.55 104.95 -20.41
C VAL WC 15 91.13 103.90 -21.34
N THR WC 16 92.28 103.33 -20.94
CA THR WC 16 92.99 102.36 -21.75
C THR WC 16 92.70 100.96 -21.21
N LEU WC 17 92.01 100.15 -21.99
CA LEU WC 17 91.70 98.77 -21.61
C LEU WC 17 92.71 97.85 -22.28
N THR WC 18 93.28 96.94 -21.49
CA THR WC 18 94.20 95.95 -22.03
C THR WC 18 93.56 94.57 -21.96
N PRO WC 19 93.89 93.67 -22.88
CA PRO WC 19 93.28 92.34 -22.85
C PRO WC 19 93.68 91.59 -21.59
N VAL WC 20 92.73 90.83 -21.04
CA VAL WC 20 93.00 89.99 -19.88
C VAL WC 20 92.48 88.59 -20.13
N GLY WC 21 92.32 88.22 -21.40
CA GLY WC 21 91.99 86.84 -21.70
C GLY WC 21 90.91 86.62 -22.73
N GLY WC 22 90.22 85.50 -22.63
CA GLY WC 22 89.09 85.21 -23.49
C GLY WC 22 89.23 83.99 -24.36
N GLY WC 23 90.38 83.81 -25.00
CA GLY WC 23 90.53 82.70 -25.92
C GLY WC 23 89.89 82.96 -27.26
N VAL WC 24 89.44 81.90 -27.94
CA VAL WC 24 88.84 82.01 -29.26
C VAL WC 24 87.34 82.24 -29.10
N GLY WC 25 86.78 83.11 -29.94
CA GLY WC 25 85.38 83.44 -29.86
C GLY WC 25 85.02 84.56 -28.92
N GLN WC 26 86.00 85.13 -28.20
CA GLN WC 26 85.72 86.24 -27.30
C GLN WC 26 87.04 86.91 -26.93
N THR WC 27 86.93 88.04 -26.25
CA THR WC 27 88.09 88.78 -25.77
C THR WC 27 87.65 89.65 -24.61
N LEU WC 28 88.28 89.47 -23.46
CA LEU WC 28 87.98 90.28 -22.29
C LEU WC 28 89.00 91.39 -22.16
N TYR WC 29 88.53 92.58 -21.83
CA TYR WC 29 89.41 93.71 -21.62
C TYR WC 29 89.25 94.23 -20.20
N ARG WC 30 90.24 94.99 -19.75
CA ARG WC 30 90.15 95.64 -18.46
C ARG WC 30 91.22 96.71 -18.32
N ALA WC 31 90.87 97.85 -17.73
CA ALA WC 31 91.84 98.92 -17.49
C ALA WC 31 92.62 98.61 -16.22
N THR WC 32 93.61 99.45 -15.91
CA THR WC 32 94.39 99.22 -14.70
C THR WC 32 93.68 99.78 -13.48
N ALA WC 33 93.58 101.11 -13.37
CA ALA WC 33 93.01 101.81 -12.22
C ALA WC 33 93.38 101.09 -10.92
N GLU WC 34 94.66 100.78 -10.79
CA GLU WC 34 95.13 99.81 -9.81
C GLU WC 34 94.80 100.27 -8.39
N ALA WC 35 94.62 99.29 -7.50
CA ALA WC 35 94.37 99.56 -6.08
C ALA WC 35 93.11 100.41 -5.91
N LEU WC 36 91.97 99.78 -6.18
CA LEU WC 36 91.70 98.34 -6.25
C LEU WC 36 91.77 97.83 -7.69
N SER WC 37 91.80 96.52 -7.87
CA SER WC 37 91.86 95.93 -9.20
C SER WC 37 90.49 95.56 -9.75
N ALA WC 38 89.47 95.48 -8.90
CA ALA WC 38 88.10 95.22 -9.34
C ALA WC 38 87.31 96.50 -9.60
N ALA WC 39 87.91 97.65 -9.34
CA ALA WC 39 87.26 98.94 -9.56
C ALA WC 39 87.78 99.62 -10.83
N ASN WC 40 87.56 98.97 -11.97
CA ASN WC 40 87.94 99.55 -13.26
C ASN WC 40 87.09 98.94 -14.35
N PRO WC 41 86.87 99.66 -15.46
CA PRO WC 41 85.93 99.19 -16.47
C PRO WC 41 86.44 97.98 -17.23
N SER WC 42 85.49 97.28 -17.86
CA SER WC 42 85.78 96.07 -18.63
C SER WC 42 84.90 96.05 -19.88
N LEU WC 43 85.36 95.32 -20.89
CA LEU WC 43 84.74 95.32 -22.22
C LEU WC 43 84.59 93.91 -22.78
N SER WC 44 83.91 93.04 -22.05
CA SER WC 44 83.74 91.67 -22.54
C SER WC 44 83.14 91.65 -23.94
N PHE WC 45 83.93 91.21 -24.91
CA PHE WC 45 83.55 91.25 -26.32
C PHE WC 45 83.62 89.85 -26.91
N GLY WC 46 82.48 89.33 -27.36
CA GLY WC 46 82.42 88.02 -27.98
C GLY WC 46 81.84 88.09 -29.39
N TYR WC 47 82.05 87.01 -30.14
CA TYR WC 47 81.62 86.94 -31.52
C TYR WC 47 81.59 85.48 -31.95
N ARG WC 48 80.66 85.15 -32.83
CA ARG WC 48 80.53 83.77 -33.31
C ARG WC 48 79.73 83.80 -34.61
N PHE WC 49 79.79 82.68 -35.33
CA PHE WC 49 78.99 82.47 -36.54
C PHE WC 49 78.12 81.24 -36.34
N THR WC 50 76.83 81.37 -36.59
CA THR WC 50 75.89 80.29 -36.38
C THR WC 50 75.93 79.35 -37.58
N ASP WC 51 74.91 78.48 -37.69
CA ASP WC 51 74.83 77.52 -38.78
C ASP WC 51 74.98 78.21 -40.14
N GLY WC 52 74.32 79.35 -40.32
CA GLY WC 52 74.49 80.12 -41.52
C GLY WC 52 75.68 81.05 -41.42
N GLY WC 53 75.58 82.24 -42.02
CA GLY WC 53 76.61 83.24 -41.89
C GLY WC 53 76.20 84.31 -40.92
N THR WC 54 75.23 83.99 -40.06
CA THR WC 54 74.67 84.97 -39.13
C THR WC 54 75.73 85.30 -38.09
N ASN WC 55 76.37 86.46 -38.28
CA ASN WC 55 77.40 86.93 -37.37
C ASN WC 55 76.73 87.51 -36.13
N ARG WC 56 76.96 86.89 -34.97
CA ARG WC 56 76.35 87.32 -33.72
C ARG WC 56 77.44 87.90 -32.82
N GLN WC 57 77.68 89.19 -32.98
CA GLN WC 57 78.65 89.87 -32.12
C GLN WC 57 77.95 90.38 -30.86
N SER WC 58 78.74 90.55 -29.80
CA SER WC 58 78.18 90.97 -28.52
C SER WC 58 79.22 91.70 -27.69
N LEU WC 59 78.86 92.87 -27.17
CA LEU WC 59 79.77 93.62 -26.32
C LEU WC 59 79.06 93.92 -25.01
N SER WC 60 79.85 93.94 -23.93
CA SER WC 60 79.33 94.28 -22.62
C SER WC 60 80.39 95.13 -21.92
N TYR WC 61 80.11 96.41 -21.77
CA TYR WC 61 81.01 97.35 -21.13
C TYR WC 61 80.47 97.66 -19.75
N LYS WC 62 81.26 97.37 -18.73
CA LYS WC 62 80.88 97.61 -17.34
C LYS WC 62 81.85 98.61 -16.72
N GLN WC 63 81.31 99.66 -16.12
CA GLN WC 63 82.13 100.64 -15.43
C GLN WC 63 81.68 100.72 -13.98
N PRO WC 64 82.52 100.36 -13.02
CA PRO WC 64 82.11 100.42 -11.62
C PRO WC 64 82.25 101.81 -11.04
N ILE WC 65 81.38 102.10 -10.08
CA ILE WC 65 81.31 103.42 -9.44
C ILE WC 65 82.12 103.34 -8.16
N THR WC 66 83.23 104.06 -8.12
CA THR WC 66 84.16 104.02 -7.00
C THR WC 66 83.84 105.11 -5.99
N ALA WC 67 84.42 104.96 -4.80
CA ALA WC 67 84.25 105.94 -3.73
C ALA WC 67 85.42 105.79 -2.78
N VAL WC 68 86.33 106.75 -2.78
CA VAL WC 68 87.53 106.68 -1.95
C VAL WC 68 87.13 107.02 -0.51
N ASP WC 69 87.14 106.02 0.36
CA ASP WC 69 86.75 106.17 1.75
C ASP WC 69 87.91 106.82 2.50
N SER WC 70 87.85 108.14 2.67
CA SER WC 70 88.96 108.88 3.28
C SER WC 70 89.24 108.45 4.71
N THR WC 71 88.25 107.90 5.41
CA THR WC 71 88.48 107.45 6.78
C THR WC 71 89.49 106.31 6.83
N THR WC 72 89.30 105.29 6.00
CA THR WC 72 90.15 104.12 5.96
C THR WC 72 91.17 104.18 4.81
N SER WC 73 90.93 105.01 3.80
CA SER WC 73 91.76 105.15 2.61
C SER WC 73 91.77 103.84 1.80
N GLU WC 74 90.56 103.39 1.47
CA GLU WC 74 90.37 102.23 0.61
C GLU WC 74 89.28 102.54 -0.39
N THR WC 75 89.39 101.98 -1.58
CA THR WC 75 88.42 102.22 -2.64
C THR WC 75 87.28 101.22 -2.51
N LEU WC 76 86.05 101.73 -2.47
CA LEU WC 76 84.86 100.90 -2.34
C LEU WC 76 84.08 100.94 -3.65
N VAL WC 77 83.45 99.83 -3.98
CA VAL WC 77 82.66 99.70 -5.21
C VAL WC 77 81.19 99.70 -4.83
N ARG WC 78 80.45 100.68 -5.33
CA ARG WC 78 79.06 100.85 -4.98
C ARG WC 78 78.10 100.20 -5.98
N GLY WC 79 78.52 100.07 -7.23
CA GLY WC 79 77.68 99.49 -8.25
C GLY WC 79 78.39 99.58 -9.57
N GLN WC 80 77.69 99.25 -10.65
CA GLN WC 80 78.30 99.36 -11.97
C GLN WC 80 77.27 99.73 -13.02
N CYS WC 81 77.67 100.64 -13.90
CA CYS WC 81 76.89 100.94 -15.09
C CYS WC 81 77.24 99.94 -16.17
N VAL WC 82 76.22 99.27 -16.71
CA VAL WC 82 76.38 98.20 -17.68
C VAL WC 82 75.76 98.64 -19.00
N VAL WC 83 76.50 98.47 -20.09
CA VAL WC 83 75.99 98.75 -21.43
C VAL WC 83 76.21 97.51 -22.28
N ASP WC 84 75.14 96.90 -22.74
CA ASP WC 84 75.21 95.74 -23.62
C ASP WC 84 74.88 96.17 -25.04
N ILE WC 85 75.61 95.62 -26.00
CA ILE WC 85 75.41 95.94 -27.42
C ILE WC 85 75.47 94.61 -28.17
N ASN WC 86 74.30 94.08 -28.52
CA ASN WC 86 74.26 92.88 -29.34
C ASN WC 86 74.05 93.26 -30.79
N ILE WC 87 74.78 92.58 -31.67
CA ILE WC 87 74.71 92.83 -33.11
C ILE WC 87 74.46 91.52 -33.81
N VAL WC 88 73.40 91.45 -34.60
CA VAL WC 88 73.10 90.27 -35.39
C VAL WC 88 73.12 90.68 -36.86
N ILE WC 89 73.91 89.96 -37.65
CA ILE WC 89 73.99 90.25 -39.07
C ILE WC 89 73.64 88.98 -39.84
N PRO WC 90 72.58 88.98 -40.63
CA PRO WC 90 72.14 87.74 -41.28
C PRO WC 90 73.08 87.28 -42.38
N ARG WC 91 72.82 86.08 -42.89
CA ARG WC 91 73.65 85.48 -43.93
C ARG WC 91 73.61 86.28 -45.23
N VAL WC 92 72.56 87.05 -45.46
CA VAL WC 92 72.31 87.67 -46.75
C VAL WC 92 72.74 89.13 -46.79
N ALA WC 93 73.47 89.59 -45.78
CA ALA WC 93 73.76 91.01 -45.63
C ALA WC 93 75.01 91.38 -46.42
N THR WC 94 74.90 92.42 -47.24
CA THR WC 94 76.04 92.92 -48.01
C THR WC 94 77.05 93.57 -47.07
N ALA WC 95 78.28 93.73 -47.57
CA ALA WC 95 79.36 94.29 -46.78
C ALA WC 95 79.20 95.77 -46.48
N THR WC 96 78.42 96.50 -47.27
CA THR WC 96 78.14 97.91 -46.99
C THR WC 96 76.88 98.12 -46.17
N ASP WC 97 75.93 97.20 -46.26
CA ASP WC 97 74.77 97.24 -45.38
C ASP WC 97 75.18 97.04 -43.93
N ARG WC 98 76.18 96.19 -43.68
CA ARG WC 98 76.72 96.05 -42.34
C ARG WC 98 77.20 97.38 -41.79
N ALA WC 99 78.02 98.09 -42.56
CA ALA WC 99 78.53 99.39 -42.10
C ALA WC 99 77.38 100.37 -41.90
N GLU WC 100 76.43 100.41 -42.84
CA GLU WC 100 75.29 101.31 -42.69
C GLU WC 100 74.56 101.03 -41.38
N ALA WC 101 74.19 99.78 -41.14
CA ALA WC 101 73.43 99.44 -39.95
C ALA WC 101 74.19 99.75 -38.68
N ILE WC 102 75.47 99.36 -38.63
CA ILE WC 102 76.24 99.54 -37.40
C ILE WC 102 76.44 101.01 -37.10
N LYS WC 103 76.89 101.80 -38.08
CA LYS WC 103 77.15 103.20 -37.81
C LYS WC 103 75.88 104.00 -37.65
N ARG WC 104 74.73 103.48 -38.10
CA ARG WC 104 73.47 104.16 -37.82
C ARG WC 104 73.00 103.85 -36.41
N ALA WC 105 73.13 102.60 -35.97
CA ALA WC 105 72.73 102.25 -34.62
C ALA WC 105 73.60 102.96 -33.59
N PHE WC 106 74.91 103.03 -33.84
CA PHE WC 106 75.79 103.73 -32.92
C PHE WC 106 75.68 105.24 -33.03
N ASP WC 107 74.91 105.76 -33.98
CA ASP WC 107 74.66 107.18 -34.09
C ASP WC 107 73.45 107.62 -33.26
N VAL WC 108 72.82 106.71 -32.54
CA VAL WC 108 71.68 107.06 -31.70
C VAL WC 108 72.08 108.08 -30.64
N LEU WC 109 73.27 107.89 -30.04
CA LEU WC 109 73.73 108.80 -29.00
C LEU WC 109 73.75 110.24 -29.48
N ASN WC 110 73.97 110.47 -30.78
CA ASN WC 110 73.89 111.82 -31.30
C ASN WC 110 72.48 112.26 -31.63
N ALA WC 111 71.57 111.31 -31.84
CA ALA WC 111 70.17 111.65 -32.13
C ALA WC 111 69.33 111.65 -30.85
N LEU WC 112 69.32 110.52 -30.14
CA LEU WC 112 68.57 110.38 -28.91
C LEU WC 112 69.46 110.73 -27.71
N ASN WC 113 70.05 111.92 -27.78
CA ASN WC 113 71.13 112.28 -26.87
C ASN WC 113 70.63 112.52 -25.46
N ALA WC 114 69.70 113.47 -25.30
CA ALA WC 114 69.27 113.86 -23.96
C ALA WC 114 68.58 112.72 -23.22
N GLU WC 115 68.00 111.77 -23.95
CA GLU WC 115 67.36 110.64 -23.28
C GLU WC 115 68.36 109.61 -22.77
N LEU WC 116 69.63 109.75 -23.11
CA LEU WC 116 70.65 108.78 -22.70
C LEU WC 116 71.70 109.42 -21.81
N ILE WC 117 72.24 110.58 -22.18
CA ILE WC 117 73.29 111.22 -21.40
C ILE WC 117 72.75 111.67 -20.05
N THR WC 118 71.57 112.29 -20.02
CA THR WC 118 71.02 112.81 -18.79
C THR WC 118 70.01 111.88 -18.13
N GLY WC 119 69.37 111.00 -18.88
CA GLY WC 119 68.46 110.04 -18.32
C GLY WC 119 67.00 110.41 -18.37
N GLU WC 120 66.64 111.48 -19.07
CA GLU WC 120 65.26 111.90 -19.17
C GLU WC 120 64.43 110.87 -19.91
N GLY WC 121 63.14 111.12 -19.96
CA GLY WC 121 62.25 110.40 -20.86
C GLY WC 121 61.50 111.40 -21.70
N GLN WC 122 61.30 111.06 -22.96
CA GLN WC 122 60.64 111.97 -23.88
C GLN WC 122 59.15 112.06 -23.58
N TRP WC 123 58.64 113.29 -23.56
CA TRP WC 123 57.25 113.53 -23.18
C TRP WC 123 56.36 113.81 -24.38
N ALA XC 1 63.81 115.77 -24.93
CA ALA XC 1 62.74 116.60 -25.47
C ALA XC 1 61.56 115.73 -25.90
N ALA XC 2 60.56 116.34 -26.53
CA ALA XC 2 59.37 115.60 -26.92
C ALA XC 2 59.69 114.67 -28.07
N ARG XC 3 58.79 113.69 -28.29
CA ARG XC 3 58.94 112.78 -29.41
C ARG XC 3 58.98 113.56 -30.71
N SER XC 4 60.09 113.50 -31.43
CA SER XC 4 60.24 114.24 -32.67
C SER XC 4 60.83 113.36 -33.75
N SER XC 5 61.26 113.97 -34.86
CA SER XC 5 61.89 113.23 -35.95
C SER XC 5 63.39 113.20 -35.74
N ILE XC 6 63.96 112.00 -35.71
CA ILE XC 6 65.39 111.83 -35.54
C ILE XC 6 66.02 111.57 -36.91
N VAL XC 7 67.31 111.86 -37.00
CA VAL XC 7 68.02 111.90 -38.28
C VAL XC 7 69.16 110.89 -38.27
N LEU XC 8 68.93 109.72 -37.68
CA LEU XC 8 69.90 108.64 -37.64
C LEU XC 8 70.66 108.50 -38.95
N THR XC 9 71.97 108.67 -38.90
CA THR XC 9 72.80 108.70 -40.08
C THR XC 9 74.05 107.86 -39.87
N ASP XC 10 74.93 107.87 -40.85
CA ASP XC 10 76.22 107.19 -40.73
C ASP XC 10 77.37 108.02 -41.30
N GLY XC 11 77.13 109.27 -41.66
CA GLY XC 11 78.12 110.12 -42.27
C GLY XC 11 77.91 110.35 -43.76
N THR XC 12 77.27 109.39 -44.44
CA THR XC 12 77.01 109.51 -45.87
C THR XC 12 75.52 109.52 -46.19
N THR XC 13 74.77 108.54 -45.70
CA THR XC 13 73.37 108.36 -46.07
C THR XC 13 72.48 108.51 -44.85
N PRO XC 14 71.90 109.68 -44.61
CA PRO XC 14 71.01 109.86 -43.47
C PRO XC 14 69.66 109.20 -43.69
N VAL XC 15 69.00 108.91 -42.58
CA VAL XC 15 67.64 108.37 -42.58
C VAL XC 15 66.85 109.09 -41.51
N THR XC 16 65.66 109.57 -41.85
CA THR XC 16 64.81 110.30 -40.93
C THR XC 16 63.69 109.39 -40.44
N LEU XC 17 63.52 109.33 -39.12
CA LEU XC 17 62.54 108.45 -38.50
C LEU XC 17 61.59 109.27 -37.65
N THR XC 18 60.28 109.03 -37.80
CA THR XC 18 59.25 109.72 -37.05
C THR XC 18 58.45 108.72 -36.21
N PRO XC 19 58.05 109.10 -35.00
CA PRO XC 19 57.41 108.13 -34.10
C PRO XC 19 56.16 107.53 -34.69
N VAL XC 20 55.97 106.23 -34.45
CA VAL XC 20 54.91 105.47 -35.11
C VAL XC 20 54.11 104.76 -34.01
N GLY XC 21 54.24 105.24 -32.80
CA GLY XC 21 53.41 104.71 -31.74
C GLY XC 21 54.18 104.60 -30.44
N GLY XC 22 53.87 103.55 -29.69
CA GLY XC 22 54.52 103.32 -28.41
C GLY XC 22 53.58 103.48 -27.22
N GLY XC 23 54.01 104.27 -26.25
CA GLY XC 23 53.23 104.46 -25.03
C GLY XC 23 54.00 105.27 -24.01
N VAL XC 24 54.00 104.82 -22.75
CA VAL XC 24 54.80 105.42 -21.70
C VAL XC 24 56.03 104.57 -21.48
N GLY XC 25 57.20 105.19 -21.51
CA GLY XC 25 58.44 104.44 -21.49
C GLY XC 25 58.55 103.50 -22.67
N GLN XC 26 58.19 104.01 -23.85
CA GLN XC 26 58.25 103.24 -25.10
C GLN XC 26 58.05 104.21 -26.25
N THR XC 27 58.80 104.02 -27.33
CA THR XC 27 58.74 104.94 -28.46
C THR XC 27 59.21 104.19 -29.71
N LEU XC 28 58.28 103.91 -30.60
CA LEU XC 28 58.64 103.32 -31.88
C LEU XC 28 59.17 104.39 -32.83
N TYR XC 29 59.73 103.93 -33.94
CA TYR XC 29 60.19 104.83 -34.99
C TYR XC 29 60.10 104.08 -36.32
N ARG XC 30 60.17 104.82 -37.41
CA ARG XC 30 60.25 104.26 -38.75
C ARG XC 30 60.46 105.42 -39.72
N ALA XC 31 60.94 105.09 -40.92
CA ALA XC 31 61.26 106.07 -41.94
C ALA XC 31 60.09 106.22 -42.93
N THR XC 32 60.32 106.95 -44.01
CA THR XC 32 59.26 107.37 -44.92
C THR XC 32 58.95 106.36 -46.01
N ALA XC 33 59.96 105.63 -46.50
CA ALA XC 33 59.74 104.69 -47.60
C ALA XC 33 58.79 103.57 -47.18
N GLU XC 34 58.09 102.97 -48.14
CA GLU XC 34 57.04 102.00 -47.86
C GLU XC 34 57.32 100.69 -48.58
N ALA XC 35 57.04 99.59 -47.89
CA ALA XC 35 57.18 98.25 -48.46
C ALA XC 35 56.03 97.39 -47.94
N LEU XC 36 56.15 96.08 -48.11
CA LEU XC 36 55.08 95.15 -47.75
C LEU XC 36 55.39 94.39 -46.46
N SER XC 37 56.53 93.70 -46.39
CA SER XC 37 56.88 92.89 -45.24
C SER XC 37 57.69 93.67 -44.22
N ALA XC 38 58.86 94.17 -44.62
CA ALA XC 38 59.70 94.99 -43.77
C ALA XC 38 59.87 96.35 -44.44
N ALA XC 39 59.33 97.38 -43.81
CA ALA XC 39 59.29 98.68 -44.46
C ALA XC 39 60.63 99.39 -44.36
N ASN XC 40 61.06 99.72 -43.14
CA ASN XC 40 62.18 100.63 -42.94
C ASN XC 40 62.92 100.29 -41.65
N PRO XC 41 64.01 100.99 -41.35
CA PRO XC 41 64.59 100.87 -40.01
C PRO XC 41 63.59 101.28 -38.93
N SER XC 42 63.59 100.54 -37.83
CA SER XC 42 62.59 100.73 -36.77
C SER XC 42 63.32 100.72 -35.43
N LEU XC 43 63.60 101.91 -34.91
CA LEU XC 43 64.36 102.09 -33.68
C LEU XC 43 63.40 102.16 -32.50
N SER XC 44 63.23 101.04 -31.79
CA SER XC 44 62.41 101.04 -30.60
C SER XC 44 63.23 101.45 -29.38
N PHE XC 45 62.61 102.22 -28.48
CA PHE XC 45 63.29 102.82 -27.33
C PHE XC 45 62.44 102.56 -26.10
N GLY XC 46 62.94 101.74 -25.18
CA GLY XC 46 62.10 101.21 -24.11
C GLY XC 46 62.48 101.54 -22.67
N TYR XC 47 62.84 102.79 -22.41
CA TYR XC 47 63.31 103.17 -21.08
C TYR XC 47 62.25 102.93 -20.01
N ARG XC 48 62.71 102.72 -18.78
CA ARG XC 48 61.85 102.51 -17.62
C ARG XC 48 62.70 102.69 -16.36
N PHE XC 49 62.07 102.51 -15.21
CA PHE XC 49 62.74 102.53 -13.91
C PHE XC 49 62.43 101.25 -13.17
N THR XC 50 62.96 101.12 -11.96
CA THR XC 50 62.88 99.87 -11.21
C THR XC 50 62.76 100.23 -9.73
N ASP XC 51 63.04 99.25 -8.85
CA ASP XC 51 62.93 99.45 -7.41
C ASP XC 51 63.75 100.65 -6.95
N GLY XC 52 65.01 100.71 -7.35
CA GLY XC 52 65.84 101.85 -7.11
C GLY XC 52 65.78 102.83 -8.25
N GLY XC 53 66.84 103.62 -8.40
CA GLY XC 53 66.95 104.50 -9.54
C GLY XC 53 67.54 103.77 -10.73
N THR XC 54 67.29 102.47 -10.80
CA THR XC 54 67.90 101.62 -11.81
C THR XC 54 67.31 101.92 -13.18
N ASN XC 55 67.84 102.95 -13.84
CA ASN XC 55 67.33 103.38 -15.13
C ASN XC 55 67.64 102.33 -16.17
N ARG XC 56 66.65 101.50 -16.48
CA ARG XC 56 66.85 100.34 -17.37
C ARG XC 56 66.44 100.68 -18.79
N GLN XC 57 67.20 101.58 -19.40
CA GLN XC 57 66.95 101.93 -20.79
C GLN XC 57 67.25 100.75 -21.69
N SER XC 58 66.63 100.76 -22.87
CA SER XC 58 66.76 99.66 -23.81
C SER XC 58 66.41 100.15 -25.20
N LEU XC 59 67.19 99.72 -26.19
CA LEU XC 59 67.03 100.15 -27.56
C LEU XC 59 67.03 98.93 -28.47
N SER XC 60 66.55 99.14 -29.70
CA SER XC 60 66.66 98.11 -30.73
C SER XC 60 66.50 98.75 -32.10
N TYR XC 61 67.56 98.73 -32.91
CA TYR XC 61 67.55 99.36 -34.23
C TYR XC 61 67.62 98.25 -35.28
N LYS XC 62 66.53 98.05 -36.01
CA LYS XC 62 66.47 97.06 -37.07
C LYS XC 62 66.49 97.77 -38.41
N GLN XC 63 67.38 97.35 -39.30
CA GLN XC 63 67.46 97.87 -40.66
C GLN XC 63 67.25 96.71 -41.62
N PRO XC 64 66.23 96.75 -42.47
CA PRO XC 64 65.97 95.61 -43.34
C PRO XC 64 66.79 95.48 -44.61
N ILE XC 65 67.42 94.32 -44.73
CA ILE XC 65 68.22 93.98 -45.91
C ILE XC 65 67.24 93.72 -47.03
N THR XC 66 67.26 94.57 -48.05
CA THR XC 66 66.28 94.55 -49.13
C THR XC 66 66.95 94.86 -50.46
N ALA XC 67 66.35 94.37 -51.54
CA ALA XC 67 66.77 94.67 -52.90
C ALA XC 67 65.52 94.89 -53.75
N VAL XC 68 65.57 95.87 -54.64
CA VAL XC 68 64.39 96.26 -55.40
C VAL XC 68 64.21 95.31 -56.57
N ASP XC 69 63.04 94.67 -56.64
CA ASP XC 69 62.73 93.78 -57.75
C ASP XC 69 62.51 94.59 -59.02
N SER XC 70 62.60 93.92 -60.16
CA SER XC 70 62.31 94.53 -61.44
C SER XC 70 60.84 94.35 -61.78
N THR XC 71 60.26 95.40 -62.38
CA THR XC 71 58.89 95.47 -62.86
C THR XC 71 57.85 95.46 -61.74
N THR XC 72 58.26 95.33 -60.48
CA THR XC 72 57.33 95.33 -59.35
C THR XC 72 57.80 96.33 -58.30
N SER XC 73 56.86 97.08 -57.75
CA SER XC 73 57.16 98.11 -56.76
C SER XC 73 56.99 97.58 -55.33
N GLU XC 74 57.69 96.49 -55.01
CA GLU XC 74 57.59 95.88 -53.69
C GLU XC 74 58.93 95.74 -52.99
N THR XC 75 60.04 96.09 -53.65
CA THR XC 75 61.39 96.15 -53.07
C THR XC 75 61.65 95.02 -52.09
N LEU XC 76 61.65 93.78 -52.60
CA LEU XC 76 61.78 92.57 -51.79
C LEU XC 76 62.83 92.71 -50.70
N VAL XC 77 62.46 92.38 -49.47
CA VAL XC 77 63.35 92.43 -48.32
C VAL XC 77 63.90 91.04 -48.07
N ARG XC 78 65.18 90.97 -47.70
CA ARG XC 78 65.86 89.70 -47.53
C ARG XC 78 66.20 89.37 -46.09
N GLY XC 79 66.34 90.37 -45.23
CA GLY XC 79 66.68 90.13 -43.84
C GLY XC 79 66.60 91.37 -43.00
N GLN XC 80 67.28 91.36 -41.86
CA GLN XC 80 67.33 92.53 -40.98
C GLN XC 80 68.54 92.50 -40.06
N CYS XC 81 69.24 93.63 -39.95
CA CYS XC 81 70.43 93.75 -39.13
C CYS XC 81 70.04 94.28 -37.76
N VAL XC 82 69.66 93.39 -36.86
CA VAL XC 82 69.27 93.78 -35.52
C VAL XC 82 70.48 94.27 -34.74
N VAL XC 83 70.32 95.39 -34.03
CA VAL XC 83 71.36 95.91 -33.15
C VAL XC 83 70.75 96.37 -31.84
N ASP XC 84 70.84 95.54 -30.81
CA ASP XC 84 70.26 95.86 -29.51
C ASP XC 84 71.27 96.61 -28.65
N ILE XC 85 70.78 97.56 -27.86
CA ILE XC 85 71.61 98.31 -26.93
C ILE XC 85 70.88 98.45 -25.61
N ASN XC 86 71.26 97.67 -24.60
CA ASN XC 86 70.64 97.73 -23.30
C ASN XC 86 71.55 98.44 -22.30
N ILE XC 87 70.95 99.31 -21.50
CA ILE XC 87 71.69 100.14 -20.56
C ILE XC 87 71.09 99.95 -19.17
N VAL XC 88 71.94 99.75 -18.18
CA VAL XC 88 71.53 99.60 -16.79
C VAL XC 88 72.39 100.51 -15.95
N ILE XC 89 71.81 101.59 -15.44
CA ILE XC 89 72.53 102.59 -14.65
C ILE XC 89 71.99 102.55 -13.24
N PRO XC 90 72.84 102.37 -12.22
CA PRO XC 90 72.31 102.17 -10.87
C PRO XC 90 71.80 103.46 -10.24
N ARG XC 91 71.27 103.35 -9.03
CA ARG XC 91 70.77 104.52 -8.32
C ARG XC 91 71.89 105.47 -7.90
N VAL XC 92 73.08 104.95 -7.61
CA VAL XC 92 74.15 105.73 -7.00
C VAL XC 92 75.00 106.40 -8.06
N ALA XC 93 74.58 106.31 -9.32
CA ALA XC 93 75.41 106.78 -10.44
C ALA XC 93 75.23 108.28 -10.61
N THR XC 94 76.26 109.03 -10.26
CA THR XC 94 76.28 110.46 -10.51
C THR XC 94 76.17 110.73 -12.01
N ALA XC 95 75.45 111.79 -12.36
CA ALA XC 95 75.17 112.06 -13.77
C ALA XC 95 76.44 112.25 -14.59
N THR XC 96 77.56 112.63 -13.97
CA THR XC 96 78.83 112.62 -14.67
C THR XC 96 79.27 111.20 -14.99
N ASP XC 97 79.14 110.28 -14.03
CA ASP XC 97 79.53 108.89 -14.25
C ASP XC 97 78.68 108.25 -15.33
N ARG XC 98 77.37 108.52 -15.33
CA ARG XC 98 76.52 107.96 -16.37
C ARG XC 98 76.90 108.47 -17.75
N ALA XC 99 77.18 109.77 -17.86
CA ALA XC 99 77.59 110.31 -19.15
C ALA XC 99 78.89 109.67 -19.61
N GLU XC 100 79.86 109.52 -18.70
CA GLU XC 100 81.11 108.86 -19.04
C GLU XC 100 80.86 107.43 -19.51
N ALA XC 101 80.03 106.69 -18.79
CA ALA XC 101 79.79 105.29 -19.14
C ALA XC 101 79.15 105.18 -20.52
N ILE XC 102 78.14 106.01 -20.80
CA ILE XC 102 77.46 105.92 -22.09
C ILE XC 102 78.38 106.33 -23.22
N LYS XC 103 79.09 107.44 -23.06
CA LYS XC 103 79.93 107.92 -24.15
C LYS XC 103 81.14 107.02 -24.37
N ARG XC 104 81.58 106.30 -23.33
CA ARG XC 104 82.65 105.33 -23.51
C ARG XC 104 82.15 104.04 -24.14
N ALA XC 105 80.93 103.62 -23.81
CA ALA XC 105 80.38 102.44 -24.45
C ALA XC 105 80.13 102.67 -25.92
N PHE XC 106 79.67 103.86 -26.30
CA PHE XC 106 79.40 104.15 -27.70
C PHE XC 106 80.65 104.55 -28.47
N ASP XC 107 81.81 104.59 -27.82
CA ASP XC 107 83.08 104.81 -28.50
C ASP XC 107 83.77 103.53 -28.89
N VAL XC 108 83.15 102.37 -28.66
CA VAL XC 108 83.75 101.10 -29.07
C VAL XC 108 83.92 101.06 -30.58
N LEU XC 109 82.92 101.57 -31.32
CA LEU XC 109 82.98 101.53 -32.77
C LEU XC 109 84.22 102.21 -33.32
N ASN XC 110 84.75 103.22 -32.63
CA ASN XC 110 85.95 103.89 -33.07
C ASN XC 110 87.22 103.21 -32.57
N ALA XC 111 87.12 102.27 -31.64
CA ALA XC 111 88.29 101.55 -31.13
C ALA XC 111 88.30 100.11 -31.61
N LEU XC 112 87.18 99.41 -31.49
CA LEU XC 112 87.03 98.05 -31.97
C LEU XC 112 86.36 98.05 -33.35
N ASN XC 113 86.98 98.80 -34.26
CA ASN XC 113 86.32 99.17 -35.51
C ASN XC 113 86.22 98.01 -36.49
N ALA XC 114 87.37 97.42 -36.85
CA ALA XC 114 87.39 96.41 -37.91
C ALA XC 114 86.57 95.19 -37.53
N GLU XC 115 86.64 94.77 -36.26
CA GLU XC 115 85.90 93.60 -35.82
C GLU XC 115 84.39 93.79 -35.90
N LEU XC 116 83.91 95.03 -35.81
CA LEU XC 116 82.48 95.31 -35.84
C LEU XC 116 81.99 95.60 -37.26
N ILE XC 117 82.76 96.37 -38.03
CA ILE XC 117 82.34 96.72 -39.38
C ILE XC 117 82.57 95.54 -40.32
N THR XC 118 83.82 95.05 -40.38
CA THR XC 118 84.15 93.95 -41.29
C THR XC 118 83.63 92.62 -40.79
N GLY XC 119 83.73 92.37 -39.49
CA GLY XC 119 83.20 91.15 -38.91
C GLY XC 119 84.21 90.02 -38.84
N GLU XC 120 85.38 90.32 -38.31
CA GLU XC 120 86.49 89.37 -38.34
C GLU XC 120 87.47 89.70 -37.24
N GLY XC 121 88.40 88.79 -37.00
CA GLY XC 121 89.59 89.14 -36.25
C GLY XC 121 89.75 88.52 -34.88
N GLN XC 122 90.50 89.21 -34.02
CA GLN XC 122 90.89 88.73 -32.70
C GLN XC 122 91.66 87.42 -32.81
N TRP XC 123 92.85 87.53 -33.40
CA TRP XC 123 93.74 86.38 -33.55
C TRP XC 123 94.46 86.13 -32.24
N ALA YC 1 -99.16 66.98 -52.15
CA ALA YC 1 -100.59 66.70 -52.17
C ALA YC 1 -100.85 65.21 -52.34
N ALA YC 2 -102.11 64.83 -52.53
CA ALA YC 2 -102.42 63.43 -52.77
C ALA YC 2 -101.83 62.97 -54.09
N ARG YC 3 -101.21 61.79 -54.07
CA ARG YC 3 -100.56 61.26 -55.27
C ARG YC 3 -101.59 61.03 -56.36
N SER YC 4 -101.26 61.44 -57.58
CA SER YC 4 -102.15 61.30 -58.71
C SER YC 4 -101.30 61.11 -59.97
N SER YC 5 -101.93 61.29 -61.13
CA SER YC 5 -101.24 61.17 -62.40
C SER YC 5 -100.63 62.50 -62.81
N ILE YC 6 -99.60 62.44 -63.64
CA ILE YC 6 -98.91 63.62 -64.15
C ILE YC 6 -98.78 63.49 -65.66
N VAL YC 7 -98.66 64.64 -66.32
CA VAL YC 7 -98.86 64.74 -67.76
C VAL YC 7 -97.58 65.30 -68.40
N LEU YC 8 -96.42 64.88 -67.88
CA LEU YC 8 -95.14 65.27 -68.45
C LEU YC 8 -95.18 65.33 -69.97
N THR YC 9 -94.80 66.48 -70.52
CA THR YC 9 -94.91 66.74 -71.94
C THR YC 9 -93.70 67.50 -72.43
N ASP YC 10 -93.61 67.66 -73.75
CA ASP YC 10 -92.58 68.47 -74.36
C ASP YC 10 -93.14 69.28 -75.52
N GLY YC 11 -94.43 69.56 -75.47
CA GLY YC 11 -95.07 70.39 -76.47
C GLY YC 11 -95.81 69.62 -77.54
N THR YC 12 -95.33 68.44 -77.88
CA THR YC 12 -95.95 67.66 -78.95
C THR YC 12 -96.38 66.27 -78.54
N THR YC 13 -95.64 65.60 -77.65
CA THR YC 13 -95.94 64.21 -77.26
C THR YC 13 -96.05 64.12 -75.75
N PRO YC 14 -97.22 64.40 -75.19
CA PRO YC 14 -97.40 64.25 -73.74
C PRO YC 14 -97.30 62.81 -73.31
N VAL YC 15 -96.87 62.62 -72.06
CA VAL YC 15 -96.74 61.29 -71.46
C VAL YC 15 -97.50 61.31 -70.14
N THR YC 16 -98.48 60.43 -69.99
CA THR YC 16 -99.23 60.31 -68.75
C THR YC 16 -98.57 59.26 -67.87
N LEU YC 17 -98.12 59.67 -66.70
CA LEU YC 17 -97.49 58.78 -65.74
C LEU YC 17 -98.43 58.56 -64.56
N THR YC 18 -98.37 57.36 -63.98
CA THR YC 18 -99.20 56.97 -62.87
C THR YC 18 -98.33 56.44 -61.76
N PRO YC 19 -98.73 56.62 -60.50
CA PRO YC 19 -97.92 56.13 -59.38
C PRO YC 19 -98.06 54.64 -59.18
N VAL YC 20 -96.97 53.90 -59.31
CA VAL YC 20 -97.03 52.44 -59.25
C VAL YC 20 -96.13 51.90 -58.16
N GLY YC 21 -95.88 52.71 -57.14
CA GLY YC 21 -95.06 52.26 -56.04
C GLY YC 21 -94.52 53.45 -55.24
N GLY YC 22 -93.50 53.17 -54.46
CA GLY YC 22 -92.86 54.19 -53.66
C GLY YC 22 -92.73 53.82 -52.20
N GLY YC 23 -93.03 54.76 -51.33
CA GLY YC 23 -92.92 54.52 -49.90
C GLY YC 23 -93.12 55.80 -49.12
N VAL YC 24 -92.34 55.94 -48.06
CA VAL YC 24 -92.33 57.17 -47.27
C VAL YC 24 -91.19 58.04 -47.78
N GLY YC 25 -91.54 59.25 -48.22
CA GLY YC 25 -90.57 60.13 -48.84
C GLY YC 25 -90.06 59.61 -50.17
N GLN YC 26 -90.96 59.07 -50.97
CA GLN YC 26 -90.61 58.49 -52.27
C GLN YC 26 -91.90 58.16 -53.00
N THR YC 27 -91.89 58.34 -54.33
CA THR YC 27 -93.07 58.05 -55.13
C THR YC 27 -92.62 57.73 -56.56
N LEU YC 28 -92.59 56.45 -56.89
CA LEU YC 28 -92.29 56.04 -58.26
C LEU YC 28 -93.46 56.38 -59.18
N TYR YC 29 -93.13 56.59 -60.45
CA TYR YC 29 -94.13 56.79 -61.49
C TYR YC 29 -93.74 55.93 -62.69
N ARG YC 30 -94.73 55.63 -63.52
CA ARG YC 30 -94.45 54.93 -64.77
C ARG YC 30 -95.52 55.28 -65.78
N ALA YC 31 -95.13 55.39 -67.05
CA ALA YC 31 -96.09 55.66 -68.10
C ALA YC 31 -97.02 54.48 -68.26
N THR YC 32 -98.29 54.77 -68.58
CA THR YC 32 -99.31 53.73 -68.63
C THR YC 32 -98.92 52.61 -69.58
N ALA YC 33 -98.81 52.94 -70.87
CA ALA YC 33 -98.31 51.99 -71.86
C ALA YC 33 -97.94 52.78 -73.11
N GLU YC 34 -96.66 52.77 -73.47
CA GLU YC 34 -96.26 53.34 -74.76
C GLU YC 34 -96.43 52.31 -75.88
N ALA YC 35 -95.62 51.25 -75.86
CA ALA YC 35 -95.81 50.12 -76.75
C ALA YC 35 -95.52 48.77 -76.11
N LEU YC 36 -94.82 48.73 -74.99
CA LEU YC 36 -94.43 47.49 -74.31
C LEU YC 36 -93.86 47.90 -72.95
N SER YC 37 -93.36 46.93 -72.20
CA SER YC 37 -92.65 47.21 -70.98
C SER YC 37 -91.17 47.45 -71.29
N ALA YC 38 -90.50 48.14 -70.36
CA ALA YC 38 -89.12 48.61 -70.47
C ALA YC 38 -88.95 49.70 -71.51
N ALA YC 39 -90.00 50.05 -72.25
CA ALA YC 39 -90.00 51.17 -73.17
C ALA YC 39 -90.92 52.27 -72.67
N ASN YC 40 -91.03 52.39 -71.35
CA ASN YC 40 -91.91 53.33 -70.70
C ASN YC 40 -91.10 54.23 -69.77
N PRO YC 41 -91.25 55.55 -69.87
CA PRO YC 41 -90.49 56.45 -68.98
C PRO YC 41 -90.95 56.34 -67.54
N SER YC 42 -90.04 56.72 -66.64
CA SER YC 42 -90.35 56.71 -65.21
C SER YC 42 -89.86 58.03 -64.60
N LEU YC 43 -90.50 58.43 -63.50
CA LEU YC 43 -90.29 59.74 -62.87
C LEU YC 43 -90.12 59.57 -61.35
N SER YC 44 -89.15 58.76 -60.95
CA SER YC 44 -88.90 58.56 -59.52
C SER YC 44 -88.74 59.90 -58.81
N PHE YC 45 -89.41 60.04 -57.67
CA PHE YC 45 -89.46 61.33 -56.97
C PHE YC 45 -89.37 61.07 -55.47
N GLY YC 46 -88.29 61.53 -54.84
CA GLY YC 46 -88.11 61.41 -53.42
C GLY YC 46 -88.06 62.78 -52.74
N TYR YC 47 -88.16 62.75 -51.42
CA TYR YC 47 -88.15 63.96 -50.61
C TYR YC 47 -87.92 63.57 -49.17
N ARG YC 48 -87.12 64.38 -48.47
CA ARG YC 48 -86.81 64.10 -47.08
C ARG YC 48 -86.32 65.38 -46.41
N PHE YC 49 -86.33 65.36 -45.09
CA PHE YC 49 -85.83 66.46 -44.27
C PHE YC 49 -84.68 65.94 -43.43
N THR YC 50 -83.54 66.63 -43.47
CA THR YC 50 -82.41 66.29 -42.61
C THR YC 50 -82.63 66.89 -41.23
N ASP YC 51 -81.55 66.97 -40.43
CA ASP YC 51 -81.61 67.55 -39.10
C ASP YC 51 -82.40 68.86 -39.07
N GLY YC 52 -82.03 69.80 -39.93
CA GLY YC 52 -82.77 71.04 -40.07
C GLY YC 52 -83.89 70.90 -41.07
N GLY YC 53 -84.51 72.02 -41.41
CA GLY YC 53 -85.60 72.02 -42.37
C GLY YC 53 -85.13 72.01 -43.80
N THR YC 54 -83.98 71.37 -44.04
CA THR YC 54 -83.40 71.31 -45.38
C THR YC 54 -84.25 70.41 -46.26
N ASN YC 55 -85.09 71.02 -47.09
CA ASN YC 55 -86.05 70.30 -47.92
C ASN YC 55 -85.34 69.59 -49.07
N ARG YC 56 -84.67 68.47 -48.77
CA ARG YC 56 -83.84 67.77 -49.74
C ARG YC 56 -84.71 66.92 -50.66
N GLN YC 57 -85.37 67.58 -51.61
CA GLN YC 57 -86.12 66.86 -52.62
C GLN YC 57 -85.17 66.31 -53.68
N SER YC 58 -85.65 65.31 -54.41
CA SER YC 58 -84.83 64.68 -55.45
C SER YC 58 -85.74 64.11 -56.52
N LEU YC 59 -85.26 64.13 -57.76
CA LEU YC 59 -86.02 63.61 -58.89
C LEU YC 59 -85.09 62.78 -59.77
N SER YC 60 -85.71 61.92 -60.57
CA SER YC 60 -84.96 61.12 -61.55
C SER YC 60 -85.94 60.68 -62.63
N TYR YC 61 -85.79 61.25 -63.82
CA TYR YC 61 -86.62 60.90 -64.97
C TYR YC 61 -85.77 60.06 -65.92
N LYS YC 62 -86.26 58.86 -66.24
CA LYS YC 62 -85.55 57.93 -67.10
C LYS YC 62 -86.43 57.61 -68.29
N GLN YC 63 -85.94 57.93 -69.49
CA GLN YC 63 -86.66 57.63 -70.72
C GLN YC 63 -85.86 56.65 -71.54
N PRO YC 64 -86.35 55.45 -71.81
CA PRO YC 64 -85.56 54.45 -72.52
C PRO YC 64 -85.62 54.60 -74.03
N ILE YC 65 -84.51 54.27 -74.67
CA ILE YC 65 -84.32 54.46 -76.10
C ILE YC 65 -84.60 53.13 -76.79
N THR YC 66 -85.69 53.07 -77.53
CA THR YC 66 -86.13 51.82 -78.16
C THR YC 66 -85.86 51.86 -79.65
N ALA YC 67 -85.59 50.69 -80.23
CA ALA YC 67 -85.27 50.59 -81.64
C ALA YC 67 -85.65 49.20 -82.12
N VAL YC 68 -86.04 49.13 -83.40
CA VAL YC 68 -86.47 47.86 -83.99
C VAL YC 68 -85.26 46.96 -84.22
N ASP YC 69 -85.53 45.65 -84.26
CA ASP YC 69 -84.50 44.61 -84.40
C ASP YC 69 -84.87 43.72 -85.58
N SER YC 70 -85.06 44.34 -86.75
CA SER YC 70 -85.65 43.74 -87.95
C SER YC 70 -85.21 42.31 -88.22
N THR YC 71 -83.98 41.94 -87.85
CA THR YC 71 -83.59 40.53 -87.93
C THR YC 71 -84.53 39.64 -87.15
N THR YC 72 -85.14 40.17 -86.07
CA THR YC 72 -86.18 39.47 -85.33
C THR YC 72 -87.46 40.27 -85.22
N SER YC 73 -87.43 41.58 -85.52
CA SER YC 73 -88.59 42.47 -85.48
C SER YC 73 -89.15 42.64 -84.07
N GLU YC 74 -88.30 42.54 -83.05
CA GLU YC 74 -88.69 42.76 -81.67
C GLU YC 74 -88.10 44.07 -81.18
N THR YC 75 -88.94 44.93 -80.61
CA THR YC 75 -88.57 46.30 -80.27
C THR YC 75 -87.69 46.31 -79.01
N LEU YC 76 -86.43 45.94 -79.22
CA LEU YC 76 -85.46 45.93 -78.13
C LEU YC 76 -85.13 47.36 -77.69
N VAL YC 77 -84.74 47.49 -76.42
CA VAL YC 77 -84.33 48.77 -75.84
C VAL YC 77 -82.81 48.78 -75.68
N ARG YC 78 -82.17 49.86 -76.13
CA ARG YC 78 -80.71 49.95 -76.13
C ARG YC 78 -80.19 50.52 -74.81
N GLY YC 79 -80.59 51.74 -74.48
CA GLY YC 79 -80.17 52.39 -73.25
C GLY YC 79 -81.23 53.33 -72.73
N GLN YC 80 -80.86 54.31 -71.92
CA GLN YC 80 -81.83 55.24 -71.36
C GLN YC 80 -81.19 56.61 -71.17
N CYS YC 81 -82.02 57.65 -71.28
CA CYS YC 81 -81.63 59.02 -70.95
C CYS YC 81 -82.10 59.32 -69.54
N VAL YC 82 -81.19 59.82 -68.71
CA VAL YC 82 -81.43 60.02 -67.29
C VAL YC 82 -81.27 61.51 -66.98
N VAL YC 83 -82.26 62.08 -66.30
CA VAL YC 83 -82.20 63.47 -65.86
C VAL YC 83 -82.48 63.50 -64.37
N ASP YC 84 -81.54 64.01 -63.58
CA ASP YC 84 -81.68 64.09 -62.13
C ASP YC 84 -81.76 65.56 -61.73
N ILE YC 85 -82.88 65.95 -61.13
CA ILE YC 85 -83.04 67.31 -60.65
C ILE YC 85 -83.09 67.30 -59.13
N ASN YC 86 -81.93 67.48 -58.49
CA ASN YC 86 -81.89 67.56 -57.04
C ASN YC 86 -82.15 68.99 -56.58
N ILE YC 87 -82.87 69.12 -55.47
CA ILE YC 87 -83.21 70.41 -54.91
C ILE YC 87 -82.92 70.38 -53.41
N VAL YC 88 -82.24 71.41 -52.92
CA VAL YC 88 -81.95 71.55 -51.49
C VAL YC 88 -82.28 72.97 -51.09
N ILE YC 89 -83.23 73.13 -50.17
CA ILE YC 89 -83.63 74.43 -49.65
C ILE YC 89 -83.48 74.38 -48.13
N PRO YC 90 -82.66 75.24 -47.53
CA PRO YC 90 -82.44 75.16 -46.08
C PRO YC 90 -83.63 75.69 -45.30
N ARG YC 91 -83.59 75.46 -43.99
CA ARG YC 91 -84.67 75.92 -43.13
C ARG YC 91 -84.78 77.43 -43.10
N VAL YC 92 -83.65 78.13 -43.20
CA VAL YC 92 -83.60 79.57 -43.07
C VAL YC 92 -84.15 80.26 -44.32
N ALA YC 93 -84.63 79.48 -45.27
CA ALA YC 93 -85.04 80.02 -46.56
C ALA YC 93 -86.45 80.59 -46.48
N THR YC 94 -86.59 81.84 -46.91
CA THR YC 94 -87.91 82.45 -47.03
C THR YC 94 -88.70 81.73 -48.12
N ALA YC 95 -90.02 81.65 -47.92
CA ALA YC 95 -90.90 80.99 -48.88
C ALA YC 95 -90.84 81.60 -50.27
N THR YC 96 -90.42 82.86 -50.39
CA THR YC 96 -90.26 83.48 -51.71
C THR YC 96 -88.90 83.19 -52.33
N ASP YC 97 -87.90 82.89 -51.52
CA ASP YC 97 -86.58 82.53 -52.06
C ASP YC 97 -86.61 81.14 -52.68
N ARG YC 98 -87.39 80.23 -52.09
CA ARG YC 98 -87.50 78.88 -52.64
C ARG YC 98 -88.10 78.90 -54.04
N ALA YC 99 -89.21 79.63 -54.22
CA ALA YC 99 -89.82 79.70 -55.54
C ALA YC 99 -88.89 80.37 -56.54
N GLU YC 100 -88.23 81.46 -56.11
CA GLU YC 100 -87.25 82.12 -56.98
C GLU YC 100 -86.19 81.15 -57.46
N ALA YC 101 -85.57 80.42 -56.52
CA ALA YC 101 -84.49 79.51 -56.89
C ALA YC 101 -84.99 78.42 -57.81
N ILE YC 102 -86.14 77.81 -57.48
CA ILE YC 102 -86.62 76.69 -58.28
C ILE YC 102 -86.93 77.13 -59.71
N LYS YC 103 -87.70 78.21 -59.85
CA LYS YC 103 -88.07 78.64 -61.20
C LYS YC 103 -86.86 79.13 -61.99
N ARG YC 104 -85.93 79.83 -61.34
CA ARG YC 104 -84.74 80.30 -62.05
C ARG YC 104 -83.92 79.12 -62.54
N ALA YC 105 -83.68 78.13 -61.69
CA ALA YC 105 -82.89 76.99 -62.10
C ALA YC 105 -83.58 76.15 -63.15
N PHE YC 106 -84.92 76.14 -63.17
CA PHE YC 106 -85.61 75.44 -64.24
C PHE YC 106 -85.68 76.25 -65.52
N ASP YC 107 -85.41 77.56 -65.46
CA ASP YC 107 -85.34 78.38 -66.66
C ASP YC 107 -84.03 78.20 -67.43
N VAL YC 108 -83.15 77.31 -66.98
CA VAL YC 108 -81.86 77.12 -67.64
C VAL YC 108 -82.07 76.68 -69.08
N LEU YC 109 -82.95 75.69 -69.29
CA LEU YC 109 -83.15 75.16 -70.63
C LEU YC 109 -83.60 76.24 -71.60
N ASN YC 110 -84.42 77.18 -71.14
CA ASN YC 110 -84.75 78.33 -71.97
C ASN YC 110 -83.53 79.23 -72.18
N ALA YC 111 -82.71 79.40 -71.15
CA ALA YC 111 -81.55 80.28 -71.27
C ALA YC 111 -80.37 79.56 -71.93
N LEU YC 112 -79.87 78.50 -71.30
CA LEU YC 112 -78.71 77.77 -71.79
C LEU YC 112 -79.16 76.58 -72.64
N ASN YC 113 -79.74 76.90 -73.79
CA ASN YC 113 -80.49 75.90 -74.54
C ASN YC 113 -79.58 74.97 -75.34
N ALA YC 114 -78.81 75.54 -76.27
CA ALA YC 114 -78.15 74.73 -77.30
C ALA YC 114 -77.18 73.71 -76.74
N GLU YC 115 -76.61 73.93 -75.56
CA GLU YC 115 -75.65 72.99 -75.02
C GLU YC 115 -76.30 71.82 -74.30
N LEU YC 116 -77.60 71.89 -74.01
CA LEU YC 116 -78.34 70.81 -73.39
C LEU YC 116 -79.09 69.97 -74.41
N ILE YC 117 -79.89 70.62 -75.25
CA ILE YC 117 -80.70 69.90 -76.24
C ILE YC 117 -79.80 69.16 -77.23
N THR YC 118 -78.81 69.86 -77.78
CA THR YC 118 -78.02 69.32 -78.87
C THR YC 118 -76.82 68.52 -78.39
N GLY YC 119 -76.31 68.81 -77.20
CA GLY YC 119 -75.18 68.08 -76.66
C GLY YC 119 -73.82 68.62 -77.04
N GLU YC 120 -73.76 69.71 -77.80
CA GLU YC 120 -72.47 70.28 -78.17
C GLU YC 120 -71.76 70.86 -76.96
N GLY YC 121 -70.44 70.80 -76.99
CA GLY YC 121 -69.62 71.32 -75.92
C GLY YC 121 -69.17 72.73 -76.23
N GLN YC 122 -69.52 73.66 -75.34
CA GLN YC 122 -69.18 75.05 -75.55
C GLN YC 122 -67.67 75.27 -75.46
N TRP YC 123 -67.18 76.20 -76.27
CA TRP YC 123 -65.75 76.46 -76.35
C TRP YC 123 -65.41 77.82 -75.75
N ALA ZC 1 -108.31 55.23 -63.51
CA ALA ZC 1 -107.84 54.16 -62.65
C ALA ZC 1 -107.72 54.63 -61.20
N ALA ZC 2 -108.58 55.57 -60.81
CA ALA ZC 2 -108.65 56.03 -59.44
C ALA ZC 2 -109.46 55.04 -58.61
N ARG ZC 3 -109.29 55.13 -57.29
CA ARG ZC 3 -109.96 54.21 -56.39
C ARG ZC 3 -111.42 54.59 -56.23
N SER ZC 4 -112.31 53.65 -56.53
CA SER ZC 4 -113.74 53.84 -56.37
C SER ZC 4 -114.38 52.49 -56.11
N SER ZC 5 -115.69 52.52 -55.86
CA SER ZC 5 -116.41 51.27 -55.58
C SER ZC 5 -116.49 50.42 -56.83
N ILE ZC 6 -116.35 49.11 -56.65
CA ILE ZC 6 -116.45 48.14 -57.74
C ILE ZC 6 -117.61 47.21 -57.46
N VAL ZC 7 -118.16 46.63 -58.52
CA VAL ZC 7 -119.47 45.98 -58.47
C VAL ZC 7 -119.34 44.51 -58.89
N LEU ZC 8 -118.27 43.84 -58.44
CA LEU ZC 8 -118.10 42.41 -58.63
C LEU ZC 8 -119.43 41.67 -58.56
N THR ZC 9 -119.69 40.83 -59.56
CA THR ZC 9 -120.95 40.12 -59.63
C THR ZC 9 -120.74 38.78 -60.32
N ASP ZC 10 -121.64 37.84 -60.02
CA ASP ZC 10 -121.63 36.53 -60.64
C ASP ZC 10 -122.74 36.35 -61.67
N GLY ZC 11 -123.60 37.35 -61.84
CA GLY ZC 11 -124.71 37.25 -62.75
C GLY ZC 11 -126.04 37.31 -62.02
N THR ZC 12 -126.08 36.72 -60.82
CA THR ZC 12 -127.32 36.69 -60.04
C THR ZC 12 -127.37 37.82 -59.01
N THR ZC 13 -126.38 37.87 -58.11
CA THR ZC 13 -126.37 38.85 -57.03
C THR ZC 13 -125.08 39.67 -57.10
N PRO ZC 14 -125.16 40.96 -57.42
CA PRO ZC 14 -123.95 41.79 -57.40
C PRO ZC 14 -123.59 42.20 -55.98
N VAL ZC 15 -122.29 42.29 -55.73
CA VAL ZC 15 -121.77 42.79 -54.46
C VAL ZC 15 -120.90 44.01 -54.74
N THR ZC 16 -121.14 45.08 -54.00
CA THR ZC 16 -120.47 46.35 -54.20
C THR ZC 16 -119.37 46.50 -53.15
N LEU ZC 17 -118.12 46.44 -53.58
CA LEU ZC 17 -116.98 46.61 -52.68
C LEU ZC 17 -116.51 48.05 -52.74
N THR ZC 18 -116.32 48.66 -51.57
CA THR ZC 18 -115.80 50.01 -51.49
C THR ZC 18 -114.40 49.99 -50.89
N PRO ZC 19 -113.53 50.93 -51.26
CA PRO ZC 19 -112.17 50.92 -50.69
C PRO ZC 19 -112.20 51.16 -49.18
N VAL ZC 20 -111.30 50.49 -48.48
CA VAL ZC 20 -111.15 50.68 -47.05
C VAL ZC 20 -109.69 50.88 -46.69
N GLY ZC 21 -108.89 51.32 -47.67
CA GLY ZC 21 -107.51 51.68 -47.36
C GLY ZC 21 -106.46 51.17 -48.31
N GLY ZC 22 -105.26 50.96 -47.80
CA GLY ZC 22 -104.19 50.37 -48.58
C GLY ZC 22 -102.97 51.23 -48.80
N GLY ZC 23 -103.17 52.50 -49.14
CA GLY ZC 23 -102.03 53.35 -49.44
C GLY ZC 23 -101.46 53.10 -50.82
N VAL ZC 24 -100.16 53.32 -51.00
CA VAL ZC 24 -99.51 53.18 -52.30
C VAL ZC 24 -99.03 51.75 -52.44
N GLY ZC 25 -99.16 51.18 -53.64
CA GLY ZC 25 -98.77 49.82 -53.88
C GLY ZC 25 -99.81 48.77 -53.57
N GLN ZC 26 -100.99 49.17 -53.10
CA GLN ZC 26 -102.05 48.21 -52.84
C GLN ZC 26 -103.36 48.97 -52.65
N THR ZC 27 -104.44 48.20 -52.54
CA THR ZC 27 -105.77 48.77 -52.33
C THR ZC 27 -106.65 47.68 -51.74
N LEU ZC 28 -107.22 47.93 -50.57
CA LEU ZC 28 -108.10 46.97 -49.93
C LEU ZC 28 -109.54 47.39 -50.16
N TYR ZC 29 -110.38 46.41 -50.47
CA TYR ZC 29 -111.80 46.66 -50.68
C TYR ZC 29 -112.60 45.88 -49.65
N ARG ZC 30 -113.86 46.26 -49.50
CA ARG ZC 30 -114.78 45.52 -48.64
C ARG ZC 30 -116.21 45.97 -48.88
N ALA ZC 31 -117.14 45.03 -48.91
CA ALA ZC 31 -118.56 45.35 -49.06
C ALA ZC 31 -119.13 45.81 -47.72
N THR ZC 32 -120.38 46.24 -47.73
CA THR ZC 32 -121.00 46.67 -46.47
C THR ZC 32 -121.52 45.48 -45.67
N ALA ZC 33 -122.57 44.82 -46.18
CA ALA ZC 33 -123.22 43.69 -45.50
C ALA ZC 33 -123.24 43.89 -43.99
N GLU ZC 34 -123.68 45.07 -43.60
CA GLU ZC 34 -123.49 45.55 -42.23
C GLU ZC 34 -124.17 44.63 -41.23
N ALA ZC 35 -123.61 44.57 -40.02
CA ALA ZC 35 -124.19 43.80 -38.92
C ALA ZC 35 -124.34 42.33 -39.32
N LEU ZC 36 -123.19 41.66 -39.42
CA LEU ZC 36 -121.88 42.01 -38.86
C LEU ZC 36 -120.96 42.65 -39.90
N SER ZC 37 -119.93 43.36 -39.45
CA SER ZC 37 -119.01 44.05 -40.34
C SER ZC 37 -117.87 43.17 -40.83
N ALA ZC 38 -117.59 42.06 -40.15
CA ALA ZC 38 -116.57 41.13 -40.58
C ALA ZC 38 -117.11 40.02 -41.48
N ALA ZC 39 -118.42 39.98 -41.69
CA ALA ZC 39 -119.04 38.98 -42.54
C ALA ZC 39 -119.41 39.55 -43.90
N ASN ZC 40 -118.39 39.97 -44.65
CA ASN ZC 40 -118.60 40.46 -46.00
C ASN ZC 40 -117.30 40.31 -46.79
N PRO ZC 41 -117.39 40.17 -48.12
CA PRO ZC 41 -116.21 39.87 -48.91
C PRO ZC 41 -115.23 41.04 -49.00
N SER ZC 42 -114.00 40.71 -49.36
CA SER ZC 42 -112.92 41.68 -49.49
C SER ZC 42 -112.05 41.31 -50.68
N LEU ZC 43 -111.35 42.31 -51.22
CA LEU ZC 43 -110.61 42.18 -52.47
C LEU ZC 43 -109.21 42.78 -52.36
N SER ZC 44 -108.42 42.30 -51.40
CA SER ZC 44 -107.07 42.84 -51.23
C SER ZC 44 -106.28 42.78 -52.54
N PHE ZC 45 -105.98 43.94 -53.11
CA PHE ZC 45 -105.35 44.02 -54.43
C PHE ZC 45 -104.07 44.83 -54.33
N GLY ZC 46 -102.93 44.20 -54.62
CA GLY ZC 46 -101.65 44.85 -54.61
C GLY ZC 46 -100.93 44.75 -55.94
N TYR ZC 47 -99.88 45.56 -56.09
CA TYR ZC 47 -99.13 45.63 -57.34
C TYR ZC 47 -97.81 46.34 -57.07
N ARG ZC 48 -96.79 45.99 -57.84
CA ARG ZC 48 -95.47 46.60 -57.68
C ARG ZC 48 -94.65 46.31 -58.92
N PHE ZC 49 -93.50 46.97 -59.03
CA PHE ZC 49 -92.53 46.76 -60.09
C PHE ZC 49 -91.18 46.46 -59.46
N THR ZC 50 -90.54 45.37 -59.90
CA THR ZC 50 -89.25 44.98 -59.36
C THR ZC 50 -88.13 45.76 -60.06
N ASP ZC 51 -86.90 45.29 -59.90
CA ASP ZC 51 -85.74 45.94 -60.52
C ASP ZC 51 -85.95 46.15 -62.01
N GLY ZC 52 -86.50 45.15 -62.69
CA GLY ZC 52 -86.83 45.30 -64.10
C GLY ZC 52 -88.20 45.94 -64.27
N GLY ZC 53 -88.91 45.55 -65.32
CA GLY ZC 53 -90.27 46.02 -65.52
C GLY ZC 53 -91.26 44.95 -65.15
N THR ZC 54 -90.82 43.99 -64.35
CA THR ZC 54 -91.63 42.83 -63.99
C THR ZC 54 -92.79 43.29 -63.12
N ASN ZC 55 -93.96 43.45 -63.74
CA ASN ZC 55 -95.16 43.88 -63.05
C ASN ZC 55 -95.74 42.68 -62.30
N ARG ZC 56 -95.74 42.75 -60.96
CA ARG ZC 56 -96.26 41.66 -60.14
C ARG ZC 56 -97.54 42.11 -59.45
N GLN ZC 57 -98.66 41.89 -60.12
CA GLN ZC 57 -99.95 42.18 -59.52
C GLN ZC 57 -100.43 40.97 -58.72
N SER ZC 58 -101.32 41.24 -57.76
CA SER ZC 58 -101.79 40.18 -56.88
C SER ZC 58 -103.15 40.51 -56.30
N LEU ZC 59 -104.12 39.62 -56.48
CA LEU ZC 59 -105.45 39.83 -55.94
C LEU ZC 59 -105.78 38.70 -54.98
N SER ZC 60 -106.54 39.03 -53.94
CA SER ZC 60 -106.99 38.03 -52.98
C SER ZC 60 -108.41 38.39 -52.61
N TYR ZC 61 -109.36 37.59 -53.07
CA TYR ZC 61 -110.78 37.80 -52.83
C TYR ZC 61 -111.22 36.79 -51.78
N LYS ZC 62 -111.71 37.28 -50.66
CA LYS ZC 62 -112.19 36.44 -49.57
C LYS ZC 62 -113.66 36.67 -49.35
N GLN ZC 63 -114.44 35.60 -49.35
CA GLN ZC 63 -115.87 35.69 -49.08
C GLN ZC 63 -116.20 34.82 -47.89
N PRO ZC 64 -116.63 35.38 -46.76
CA PRO ZC 64 -116.96 34.56 -45.60
C PRO ZC 64 -118.34 33.96 -45.71
N ILE ZC 65 -118.49 32.80 -45.06
CA ILE ZC 65 -119.73 32.03 -45.08
C ILE ZC 65 -120.50 32.37 -43.81
N THR ZC 66 -121.66 33.00 -43.98
CA THR ZC 66 -122.46 33.47 -42.86
C THR ZC 66 -123.52 32.46 -42.49
N ALA ZC 67 -124.09 32.64 -41.30
CA ALA ZC 67 -125.15 31.77 -40.81
C ALA ZC 67 -125.92 32.54 -39.74
N VAL ZC 68 -127.14 32.97 -40.08
CA VAL ZC 68 -127.94 33.78 -39.17
C VAL ZC 68 -128.52 32.87 -38.10
N ASP ZC 69 -128.02 32.99 -36.87
CA ASP ZC 69 -128.45 32.16 -35.75
C ASP ZC 69 -129.79 32.68 -35.26
N SER ZC 70 -130.88 32.04 -35.69
CA SER ZC 70 -132.21 32.53 -35.37
C SER ZC 70 -132.50 32.51 -33.87
N THR ZC 71 -131.82 31.66 -33.11
CA THR ZC 71 -132.03 31.61 -31.66
C THR ZC 71 -131.62 32.93 -31.01
N THR ZC 72 -130.41 33.40 -31.30
CA THR ZC 72 -129.87 34.61 -30.72
C THR ZC 72 -130.03 35.82 -31.64
N SER ZC 73 -130.24 35.60 -32.93
CA SER ZC 73 -130.34 36.65 -33.96
C SER ZC 73 -129.02 37.41 -34.10
N GLU ZC 74 -127.96 36.64 -34.33
CA GLU ZC 74 -126.64 37.19 -34.60
C GLU ZC 74 -126.02 36.42 -35.77
N THR ZC 75 -125.21 37.12 -36.54
CA THR ZC 75 -124.57 36.50 -37.70
C THR ZC 75 -123.24 35.88 -37.29
N LEU ZC 76 -123.07 34.59 -37.59
CA LEU ZC 76 -121.87 33.86 -37.25
C LEU ZC 76 -121.08 33.58 -38.51
N VAL ZC 77 -119.77 33.55 -38.39
CA VAL ZC 77 -118.87 33.32 -39.52
C VAL ZC 77 -118.24 31.94 -39.37
N ARG ZC 78 -118.51 31.07 -40.34
CA ARG ZC 78 -118.09 29.68 -40.27
C ARG ZC 78 -116.76 29.42 -40.98
N GLY ZC 79 -116.41 30.26 -41.95
CA GLY ZC 79 -115.20 30.08 -42.72
C GLY ZC 79 -115.17 31.08 -43.84
N GLN ZC 80 -114.21 30.92 -44.75
CA GLN ZC 80 -114.15 31.82 -45.89
C GLN ZC 80 -113.58 31.12 -47.11
N CYS ZC 81 -114.20 31.36 -48.25
CA CYS ZC 81 -113.65 30.95 -49.53
C CYS ZC 81 -112.65 31.98 -50.00
N VAL ZC 82 -111.43 31.55 -50.29
CA VAL ZC 82 -110.33 32.43 -50.65
C VAL ZC 82 -109.91 32.13 -52.08
N VAL ZC 83 -109.80 33.16 -52.91
CA VAL ZC 83 -109.32 33.02 -54.28
C VAL ZC 83 -108.15 33.97 -54.47
N ASP ZC 84 -106.97 33.42 -54.73
CA ASP ZC 84 -105.78 34.22 -54.98
C ASP ZC 84 -105.47 34.19 -56.47
N ILE ZC 85 -105.06 35.34 -57.01
CA ILE ZC 85 -104.74 35.48 -58.42
C ILE ZC 85 -103.45 36.29 -58.49
N ASN ZC 86 -102.32 35.62 -58.70
CA ASN ZC 86 -101.06 36.31 -58.89
C ASN ZC 86 -100.77 36.44 -60.38
N ILE ZC 87 -100.29 37.61 -60.78
CA ILE ZC 87 -99.99 37.90 -62.17
C ILE ZC 87 -98.57 38.43 -62.25
N VAL ZC 88 -97.71 37.75 -62.98
CA VAL ZC 88 -96.34 38.19 -63.20
C VAL ZC 88 -96.17 38.48 -64.67
N ILE ZC 89 -95.75 39.70 -64.99
CA ILE ZC 89 -95.54 40.09 -66.38
C ILE ZC 89 -94.08 40.53 -66.54
N PRO ZC 90 -93.30 39.87 -67.37
CA PRO ZC 90 -91.87 40.19 -67.44
C PRO ZC 90 -91.59 41.53 -68.09
N ARG ZC 91 -90.32 41.93 -68.07
CA ARG ZC 91 -89.90 43.21 -68.63
C ARG ZC 91 -90.09 43.27 -70.14
N VAL ZC 92 -90.10 42.13 -70.82
CA VAL ZC 92 -90.06 42.08 -72.27
C VAL ZC 92 -91.43 41.88 -72.90
N ALA ZC 93 -92.50 42.01 -72.12
CA ALA ZC 93 -93.83 41.65 -72.59
C ALA ZC 93 -94.48 42.82 -73.31
N THR ZC 94 -94.98 42.57 -74.51
CA THR ZC 94 -95.67 43.59 -75.28
C THR ZC 94 -97.01 43.93 -74.62
N ALA ZC 95 -97.55 45.09 -74.99
CA ALA ZC 95 -98.80 45.56 -74.41
C ALA ZC 95 -100.02 44.76 -74.84
N THR ZC 96 -99.94 44.00 -75.93
CA THR ZC 96 -101.04 43.14 -76.34
C THR ZC 96 -100.88 41.71 -75.86
N ASP ZC 97 -99.64 41.26 -75.64
CA ASP ZC 97 -99.43 39.96 -75.02
C ASP ZC 97 -99.95 39.94 -73.59
N ARG ZC 98 -99.85 41.07 -72.89
CA ARG ZC 98 -100.45 41.16 -71.55
C ARG ZC 98 -101.94 40.89 -71.61
N ALA ZC 99 -102.65 41.57 -72.51
CA ALA ZC 99 -104.08 41.36 -72.62
C ALA ZC 99 -104.40 39.93 -73.02
N GLU ZC 100 -103.64 39.38 -73.97
CA GLU ZC 100 -103.86 38.00 -74.38
C GLU ZC 100 -103.72 37.05 -73.18
N ALA ZC 101 -102.61 37.15 -72.46
CA ALA ZC 101 -102.36 36.24 -71.35
C ALA ZC 101 -103.41 36.38 -70.27
N ILE ZC 102 -103.73 37.62 -69.89
CA ILE ZC 102 -104.67 37.83 -68.78
C ILE ZC 102 -106.06 37.34 -69.16
N LYS ZC 103 -106.55 37.74 -70.33
CA LYS ZC 103 -107.90 37.34 -70.71
C LYS ZC 103 -108.00 35.86 -71.03
N ARG ZC 104 -106.88 35.22 -71.36
CA ARG ZC 104 -106.90 33.77 -71.53
C ARG ZC 104 -106.91 33.05 -70.18
N ALA ZC 105 -106.10 33.52 -69.24
CA ALA ZC 105 -106.07 32.89 -67.92
C ALA ZC 105 -107.41 33.03 -67.20
N PHE ZC 106 -108.02 34.22 -67.30
CA PHE ZC 106 -109.32 34.42 -66.69
C PHE ZC 106 -110.45 33.75 -67.48
N ASP ZC 107 -110.15 33.19 -68.64
CA ASP ZC 107 -111.13 32.42 -69.41
C ASP ZC 107 -111.18 30.96 -69.00
N VAL ZC 108 -110.38 30.56 -68.02
CA VAL ZC 108 -110.39 29.16 -67.57
C VAL ZC 108 -111.76 28.79 -67.05
N LEU ZC 109 -112.40 29.70 -66.31
CA LEU ZC 109 -113.71 29.41 -65.73
C LEU ZC 109 -114.72 29.01 -66.81
N ASN ZC 110 -114.57 29.51 -68.03
CA ASN ZC 110 -115.43 29.07 -69.12
C ASN ZC 110 -114.95 27.79 -69.76
N ALA ZC 111 -113.67 27.45 -69.61
CA ALA ZC 111 -113.15 26.20 -70.18
C ALA ZC 111 -113.21 25.08 -69.15
N LEU ZC 112 -112.57 25.28 -68.00
CA LEU ZC 112 -112.53 24.28 -66.94
C LEU ZC 112 -113.64 24.54 -65.92
N ASN ZC 113 -114.87 24.60 -66.44
CA ASN ZC 113 -115.98 25.11 -65.66
C ASN ZC 113 -116.42 24.13 -64.58
N ALA ZC 114 -116.70 22.88 -64.97
CA ALA ZC 114 -117.24 21.92 -64.01
C ALA ZC 114 -116.26 21.60 -62.90
N GLU ZC 115 -114.96 21.69 -63.17
CA GLU ZC 115 -113.97 21.39 -62.14
C GLU ZC 115 -113.83 22.51 -61.12
N LEU ZC 116 -114.45 23.66 -61.34
CA LEU ZC 116 -114.32 24.80 -60.45
C LEU ZC 116 -115.64 25.18 -59.81
N ILE ZC 117 -116.71 25.27 -60.60
CA ILE ZC 117 -117.99 25.70 -60.05
C ILE ZC 117 -118.58 24.65 -59.12
N THR ZC 118 -118.51 23.38 -59.51
CA THR ZC 118 -119.09 22.30 -58.70
C THR ZC 118 -118.06 21.61 -57.81
N GLY ZC 119 -116.79 21.65 -58.17
CA GLY ZC 119 -115.75 21.07 -57.35
C GLY ZC 119 -115.31 19.67 -57.75
N GLU ZC 120 -115.75 19.17 -58.90
CA GLU ZC 120 -115.38 17.84 -59.33
C GLU ZC 120 -113.89 17.75 -59.60
N GLY ZC 121 -113.46 16.55 -59.93
CA GLY ZC 121 -112.13 16.34 -60.48
C GLY ZC 121 -112.26 15.55 -61.76
N GLN ZC 122 -111.47 15.93 -62.76
CA GLN ZC 122 -111.56 15.29 -64.05
C GLN ZC 122 -111.00 13.88 -63.99
N TRP ZC 123 -111.72 12.93 -64.59
CA TRP ZC 123 -111.35 11.52 -64.50
C TRP ZC 123 -110.73 11.00 -65.79
N ALA AD 1 -115.82 16.89 -66.42
CA ALA AD 1 -115.79 15.71 -67.26
C ALA AD 1 -114.36 15.18 -67.39
N ALA AD 2 -114.15 14.27 -68.32
CA ALA AD 2 -112.85 13.65 -68.49
C ALA AD 2 -111.86 14.66 -69.07
N ARG AD 3 -110.58 14.34 -68.94
CA ARG AD 3 -109.54 15.18 -69.52
C ARG AD 3 -109.74 15.29 -71.03
N SER AD 4 -110.01 16.50 -71.51
CA SER AD 4 -110.24 16.70 -72.94
C SER AD 4 -109.46 17.92 -73.44
N SER AD 5 -109.76 18.37 -74.64
CA SER AD 5 -109.12 19.54 -75.21
C SER AD 5 -109.91 20.80 -74.86
N ILE AD 6 -109.25 21.77 -74.24
CA ILE AD 6 -109.88 23.01 -73.85
C ILE AD 6 -109.51 24.10 -74.85
N VAL AD 7 -110.34 25.12 -74.93
CA VAL AD 7 -110.28 26.11 -76.00
C VAL AD 7 -110.04 27.50 -75.42
N LEU AD 8 -109.19 27.59 -74.40
CA LEU AD 8 -108.82 28.86 -73.77
C LEU AD 8 -108.64 29.96 -74.80
N THR AD 9 -109.42 31.03 -74.68
CA THR AD 9 -109.47 32.10 -75.66
C THR AD 9 -109.50 33.44 -74.96
N ASP AD 10 -109.61 34.51 -75.75
CA ASP AD 10 -109.76 35.85 -75.19
C ASP AD 10 -110.77 36.69 -75.97
N GLY AD 11 -111.53 36.08 -76.87
CA GLY AD 11 -112.48 36.79 -77.70
C GLY AD 11 -112.02 36.98 -79.14
N THR AD 12 -110.70 37.00 -79.37
CA THR AD 12 -110.15 37.17 -80.71
C THR AD 12 -109.31 35.98 -81.16
N THR AD 13 -108.34 35.56 -80.35
CA THR AD 13 -107.38 34.53 -80.74
C THR AD 13 -107.49 33.33 -79.83
N PRO AD 14 -108.23 32.29 -80.20
CA PRO AD 14 -108.33 31.10 -79.36
C PRO AD 14 -107.06 30.25 -79.43
N VAL AD 15 -106.88 29.45 -78.38
CA VAL AD 15 -105.78 28.49 -78.30
C VAL AD 15 -106.36 27.19 -77.76
N THR AD 16 -106.06 26.08 -78.43
CA THR AD 16 -106.54 24.77 -78.02
C THR AD 16 -105.43 24.03 -77.29
N LEU AD 17 -105.75 23.53 -76.10
CA LEU AD 17 -104.79 22.86 -75.24
C LEU AD 17 -105.24 21.43 -74.99
N THR AD 18 -104.31 20.48 -75.14
CA THR AD 18 -104.61 19.07 -74.91
C THR AD 18 -103.71 18.52 -73.82
N PRO AD 19 -104.23 17.63 -72.97
CA PRO AD 19 -103.45 17.17 -71.81
C PRO AD 19 -102.15 16.51 -72.22
N VAL AD 20 -101.10 16.76 -71.44
CA VAL AD 20 -99.74 16.36 -71.80
C VAL AD 20 -99.15 15.60 -70.62
N GLY AD 21 -100.00 15.18 -69.71
CA GLY AD 21 -99.51 14.35 -68.63
C GLY AD 21 -100.23 14.69 -67.33
N GLY AD 22 -99.49 14.57 -66.24
CA GLY AD 22 -100.05 14.81 -64.93
C GLY AD 22 -100.15 13.57 -64.07
N GLY AD 23 -101.32 13.35 -63.48
CA GLY AD 23 -101.54 12.22 -62.60
C GLY AD 23 -102.91 12.23 -61.97
N VAL AD 24 -102.98 11.98 -60.67
CA VAL AD 24 -104.22 12.11 -59.90
C VAL AD 24 -104.21 13.45 -59.19
N GLY AD 25 -105.27 14.23 -59.38
CA GLY AD 25 -105.29 15.59 -58.88
C GLY AD 25 -104.18 16.42 -59.50
N GLN AD 26 -103.97 16.27 -60.80
CA GLN AD 26 -102.98 17.02 -61.54
C GLN AD 26 -103.23 16.81 -63.03
N THR AD 27 -103.12 17.87 -63.81
CA THR AD 27 -103.43 17.79 -65.24
C THR AD 27 -102.66 18.89 -65.96
N LEU AD 28 -101.65 18.51 -66.72
CA LEU AD 28 -100.93 19.47 -67.54
C LEU AD 28 -101.73 19.76 -68.81
N TYR AD 29 -101.28 20.79 -69.53
CA TYR AD 29 -101.87 21.14 -70.81
C TYR AD 29 -100.79 21.78 -71.66
N ARG AD 30 -101.05 21.87 -72.96
CA ARG AD 30 -100.18 22.57 -73.89
C ARG AD 30 -100.89 22.62 -75.24
N ALA AD 31 -100.43 23.53 -76.10
CA ALA AD 31 -101.02 23.74 -77.41
C ALA AD 31 -100.21 22.99 -78.47
N THR AD 32 -100.53 23.24 -79.74
CA THR AD 32 -100.02 22.43 -80.85
C THR AD 32 -98.68 22.93 -81.41
N ALA AD 33 -98.41 24.23 -81.38
CA ALA AD 33 -97.19 24.77 -81.97
C ALA AD 33 -95.96 24.24 -81.27
N GLU AD 34 -94.83 24.20 -81.98
CA GLU AD 34 -93.62 23.51 -81.52
C GLU AD 34 -92.45 24.49 -81.48
N ALA AD 35 -91.74 24.49 -80.36
CA ALA AD 35 -90.57 25.34 -80.18
C ALA AD 35 -89.57 24.61 -79.30
N LEU AD 36 -88.42 25.23 -79.07
CA LEU AD 36 -87.28 24.56 -78.45
C LEU AD 36 -87.26 24.75 -76.93
N SER AD 37 -87.25 26.00 -76.45
CA SER AD 37 -87.16 26.26 -75.02
C SER AD 37 -88.54 26.32 -74.37
N ALA AD 38 -89.39 27.23 -74.82
CA ALA AD 38 -90.76 27.36 -74.32
C ALA AD 38 -91.70 27.15 -75.49
N ALA AD 39 -92.47 26.07 -75.44
CA ALA AD 39 -93.27 25.70 -76.60
C ALA AD 39 -94.53 26.54 -76.68
N ASN AD 40 -95.42 26.41 -75.69
CA ASN AD 40 -96.76 26.96 -75.80
C ASN AD 40 -97.29 27.35 -74.42
N PRO AD 41 -98.47 27.93 -74.32
CA PRO AD 41 -99.12 28.07 -73.02
C PRO AD 41 -99.33 26.72 -72.36
N SER AD 42 -99.11 26.67 -71.05
CA SER AD 42 -99.14 25.41 -70.30
C SER AD 42 -99.96 25.62 -69.03
N LEU AD 43 -101.22 25.21 -69.07
CA LEU AD 43 -102.16 25.40 -67.97
C LEU AD 43 -102.13 24.19 -67.04
N SER AD 44 -101.38 24.29 -65.95
CA SER AD 44 -101.37 23.21 -64.97
C SER AD 44 -102.50 23.39 -63.97
N PHE AD 45 -103.10 22.26 -63.58
CA PHE AD 45 -104.31 22.25 -62.73
C PHE AD 45 -104.12 21.21 -61.64
N GLY AD 46 -104.00 21.67 -60.39
CA GLY AD 46 -103.55 20.81 -59.31
C GLY AD 46 -104.47 20.57 -58.14
N TYR AD 47 -105.75 20.29 -58.41
CA TYR AD 47 -106.74 20.16 -57.34
C TYR AD 47 -106.39 19.00 -56.41
N ARG AD 48 -106.89 19.11 -55.17
CA ARG AD 48 -106.70 18.10 -54.13
C ARG AD 48 -107.68 18.37 -53.01
N PHE AD 49 -107.64 17.53 -51.98
CA PHE AD 49 -108.43 17.70 -50.76
C PHE AD 49 -107.51 17.69 -49.56
N THR AD 50 -108.09 17.85 -48.38
CA THR AD 50 -107.30 18.04 -47.16
C THR AD 50 -108.04 17.36 -46.01
N ASP AD 51 -107.69 17.71 -44.77
CA ASP AD 51 -108.29 17.09 -43.60
C ASP AD 51 -109.80 17.19 -43.62
N GLY AD 52 -110.31 18.39 -43.87
CA GLY AD 52 -111.73 18.60 -44.07
C GLY AD 52 -112.10 18.48 -45.53
N GLY AD 53 -113.19 19.13 -45.89
CA GLY AD 53 -113.56 19.22 -47.29
C GLY AD 53 -112.86 20.37 -47.97
N THR AD 54 -111.66 20.70 -47.46
CA THR AD 54 -110.94 21.88 -47.93
C THR AD 54 -110.41 21.65 -49.32
N ASN AD 55 -111.22 21.96 -50.33
CA ASN AD 55 -110.87 21.74 -51.73
C ASN AD 55 -109.83 22.77 -52.14
N ARG AD 56 -108.55 22.39 -52.11
CA ARG AD 56 -107.46 23.32 -52.41
C ARG AD 56 -107.07 23.22 -53.87
N GLN AD 57 -107.96 23.71 -54.74
CA GLN AD 57 -107.63 23.75 -56.15
C GLN AD 57 -106.52 24.76 -56.41
N SER AD 58 -105.83 24.59 -57.54
CA SER AD 58 -104.68 25.42 -57.85
C SER AD 58 -104.44 25.36 -59.35
N LEU AD 59 -104.15 26.51 -59.95
CA LEU AD 59 -103.94 26.62 -61.37
C LEU AD 59 -102.66 27.39 -61.64
N SER AD 60 -102.18 27.27 -62.87
CA SER AD 60 -101.05 28.10 -63.31
C SER AD 60 -101.02 28.13 -64.83
N TYR AD 61 -101.24 29.29 -65.42
CA TYR AD 61 -101.30 29.45 -66.87
C TYR AD 61 -100.10 30.27 -67.32
N LYS AD 62 -99.16 29.63 -68.00
CA LYS AD 62 -97.98 30.31 -68.52
C LYS AD 62 -98.11 30.45 -70.03
N GLN AD 63 -97.94 31.67 -70.52
CA GLN AD 63 -97.92 31.95 -71.95
C GLN AD 63 -96.56 32.51 -72.32
N PRO AD 64 -95.76 31.81 -73.12
CA PRO AD 64 -94.41 32.30 -73.42
C PRO AD 64 -94.42 33.50 -74.35
N ILE AD 65 -93.66 34.52 -73.95
CA ILE AD 65 -93.42 35.70 -74.76
C ILE AD 65 -92.35 35.31 -75.77
N THR AD 66 -92.72 35.27 -77.05
CA THR AD 66 -91.85 34.80 -78.11
C THR AD 66 -91.98 35.69 -79.34
N ALA AD 67 -90.92 35.74 -80.14
CA ALA AD 67 -90.92 36.42 -81.43
C ALA AD 67 -90.15 35.55 -82.41
N VAL AD 68 -90.69 35.39 -83.61
CA VAL AD 68 -90.13 34.46 -84.59
C VAL AD 68 -88.87 35.07 -85.20
N ASP AD 69 -87.79 34.29 -85.25
CA ASP AD 69 -86.56 34.73 -85.87
C ASP AD 69 -86.67 34.65 -87.39
N SER AD 70 -85.75 35.32 -88.07
CA SER AD 70 -85.67 35.23 -89.52
C SER AD 70 -84.69 34.14 -89.92
N THR AD 71 -85.04 33.42 -90.98
CA THR AD 71 -84.26 32.34 -91.61
C THR AD 71 -84.13 31.11 -90.72
N THR AD 72 -84.63 31.12 -89.49
CA THR AD 72 -84.57 29.97 -88.60
C THR AD 72 -85.95 29.67 -88.05
N SER AD 73 -86.30 28.39 -88.02
CA SER AD 73 -87.62 27.95 -87.55
C SER AD 73 -87.59 27.55 -86.08
N GLU AD 74 -87.16 28.48 -85.22
CA GLU AD 74 -87.08 28.22 -83.79
C GLU AD 74 -87.84 29.21 -82.94
N THR AD 75 -88.45 30.24 -83.55
CA THR AD 75 -89.36 31.19 -82.90
C THR AD 75 -88.91 31.56 -81.49
N LEU AD 76 -87.75 32.21 -81.38
CA LEU AD 76 -87.11 32.54 -80.11
C LEU AD 76 -88.11 33.07 -79.10
N VAL AD 77 -88.07 32.50 -77.90
CA VAL AD 77 -88.94 32.89 -76.80
C VAL AD 77 -88.18 33.84 -75.89
N ARG AD 78 -88.87 34.86 -75.39
CA ARG AD 78 -88.23 35.91 -74.60
C ARG AD 78 -88.63 35.88 -73.13
N GLY AD 79 -89.79 35.37 -72.79
CA GLY AD 79 -90.23 35.32 -71.41
C GLY AD 79 -91.46 34.48 -71.22
N GLN AD 80 -92.19 34.75 -70.14
CA GLN AD 80 -93.45 34.06 -69.88
C GLN AD 80 -94.34 34.84 -68.91
N CYS AD 81 -95.62 34.96 -69.24
CA CYS AD 81 -96.58 35.69 -68.41
C CYS AD 81 -97.28 34.71 -67.49
N VAL AD 82 -96.68 34.46 -66.32
CA VAL AD 82 -97.26 33.55 -65.35
C VAL AD 82 -98.51 34.16 -64.73
N VAL AD 83 -99.57 33.35 -64.63
CA VAL AD 83 -100.79 33.79 -63.96
C VAL AD 83 -101.32 32.66 -63.07
N ASP AD 84 -101.02 32.73 -61.77
CA ASP AD 84 -101.45 31.70 -60.83
C ASP AD 84 -102.84 32.01 -60.30
N ILE AD 85 -103.62 30.97 -60.07
CA ILE AD 85 -104.95 31.11 -59.48
C ILE AD 85 -105.15 30.01 -58.44
N ASN AD 86 -105.08 30.35 -57.16
CA ASN AD 86 -105.26 29.38 -56.10
C ASN AD 86 -106.61 29.57 -55.43
N ILE AD 87 -107.30 28.46 -55.21
CA ILE AD 87 -108.65 28.46 -54.65
C ILE AD 87 -108.66 27.58 -53.41
N VAL AD 88 -109.26 28.10 -52.33
CA VAL AD 88 -109.38 27.37 -51.08
C VAL AD 88 -110.83 27.50 -50.62
N ILE AD 89 -111.58 26.42 -50.71
CA ILE AD 89 -113.00 26.40 -50.38
C ILE AD 89 -113.18 25.52 -49.14
N PRO AD 90 -113.78 26.02 -48.07
CA PRO AD 90 -113.83 25.25 -46.83
C PRO AD 90 -114.80 24.09 -46.92
N ARG AD 91 -114.86 23.29 -45.85
CA ARG AD 91 -115.79 22.16 -45.81
C ARG AD 91 -117.24 22.62 -45.75
N VAL AD 92 -117.53 23.72 -45.07
CA VAL AD 92 -118.90 24.13 -44.77
C VAL AD 92 -119.49 24.93 -45.92
N ALA AD 93 -118.79 25.01 -47.04
CA ALA AD 93 -119.18 25.90 -48.13
C ALA AD 93 -120.24 25.22 -48.99
N THR AD 94 -121.47 25.71 -48.88
CA THR AD 94 -122.55 25.24 -49.74
C THR AD 94 -122.22 25.51 -51.19
N ALA AD 95 -122.60 24.57 -52.07
CA ALA AD 95 -122.22 24.66 -53.48
C ALA AD 95 -122.70 25.94 -54.14
N THR AD 96 -123.78 26.55 -53.65
CA THR AD 96 -124.15 27.87 -54.14
C THR AD 96 -123.13 28.92 -53.72
N ASP AD 97 -122.67 28.87 -52.48
CA ASP AD 97 -121.67 29.82 -52.01
C ASP AD 97 -120.36 29.67 -52.78
N ARG AD 98 -119.96 28.42 -53.06
CA ARG AD 98 -118.72 28.23 -53.82
C ARG AD 98 -118.84 28.78 -55.23
N ALA AD 99 -119.99 28.55 -55.89
CA ALA AD 99 -120.19 29.11 -57.23
C ALA AD 99 -120.15 30.62 -57.20
N GLU AD 100 -120.82 31.22 -56.21
CA GLU AD 100 -120.78 32.68 -56.08
C GLU AD 100 -119.36 33.17 -55.88
N ALA AD 101 -118.60 32.52 -55.00
CA ALA AD 101 -117.25 32.97 -54.71
C ALA AD 101 -116.38 32.90 -55.95
N ILE AD 102 -116.45 31.79 -56.70
CA ILE AD 102 -115.59 31.63 -57.86
C ILE AD 102 -115.98 32.63 -58.96
N LYS AD 103 -117.28 32.74 -59.24
CA LYS AD 103 -117.70 33.61 -60.32
C LYS AD 103 -117.51 35.08 -59.98
N ARG AD 104 -117.52 35.42 -58.68
CA ARG AD 104 -117.21 36.79 -58.29
C ARG AD 104 -115.71 37.06 -58.35
N ALA AD 105 -114.88 36.09 -57.99
CA ALA AD 105 -113.44 36.28 -58.09
C ALA AD 105 -113.01 36.44 -59.54
N PHE AD 106 -113.60 35.66 -60.44
CA PHE AD 106 -113.22 35.75 -61.84
C PHE AD 106 -113.89 36.91 -62.57
N ASP AD 107 -114.73 37.69 -61.88
CA ASP AD 107 -115.29 38.90 -62.45
C ASP AD 107 -114.46 40.13 -62.15
N VAL AD 108 -113.29 39.97 -61.53
CA VAL AD 108 -112.43 41.11 -61.26
C VAL AD 108 -111.97 41.74 -62.56
N LEU AD 109 -111.67 40.92 -63.56
CA LEU AD 109 -111.17 41.42 -64.83
C LEU AD 109 -112.13 42.42 -65.47
N ASN AD 110 -113.42 42.26 -65.24
CA ASN AD 110 -114.40 43.19 -65.79
C ASN AD 110 -114.66 44.39 -64.88
N ALA AD 111 -114.16 44.37 -63.65
CA ALA AD 111 -114.33 45.49 -62.73
C ALA AD 111 -113.02 46.23 -62.50
N LEU AD 112 -111.95 45.51 -62.22
CA LEU AD 112 -110.62 46.08 -62.06
C LEU AD 112 -109.83 45.94 -63.35
N ASN AD 113 -110.42 46.47 -64.43
CA ASN AD 113 -109.97 46.13 -65.77
C ASN AD 113 -108.66 46.80 -66.15
N ALA AD 114 -108.62 48.14 -66.08
CA ALA AD 114 -107.47 48.87 -66.56
C ALA AD 114 -106.21 48.52 -65.78
N GLU AD 115 -106.33 48.38 -64.46
CA GLU AD 115 -105.16 48.06 -63.64
C GLU AD 115 -104.57 46.70 -63.96
N LEU AD 116 -105.37 45.78 -64.51
CA LEU AD 116 -104.89 44.44 -64.82
C LEU AD 116 -104.39 44.33 -66.25
N ILE AD 117 -105.13 44.93 -67.20
CA ILE AD 117 -104.73 44.86 -68.60
C ILE AD 117 -103.57 45.81 -68.87
N THR AD 118 -103.77 47.10 -68.57
CA THR AD 118 -102.74 48.10 -68.84
C THR AD 118 -101.59 48.03 -67.84
N GLY AD 119 -101.89 47.81 -66.57
CA GLY AD 119 -100.85 47.68 -65.56
C GLY AD 119 -100.48 48.98 -64.91
N GLU AD 120 -101.47 49.73 -64.44
CA GLU AD 120 -101.25 51.08 -63.96
C GLU AD 120 -102.38 51.45 -63.00
N GLY AD 121 -102.15 52.52 -62.24
CA GLY AD 121 -103.24 53.20 -61.59
C GLY AD 121 -103.31 53.13 -60.08
N GLN AD 122 -104.52 53.24 -59.55
CA GLN AD 122 -104.78 53.34 -58.12
C GLN AD 122 -104.08 54.56 -57.53
N TRP AD 123 -104.58 55.72 -57.94
CA TRP AD 123 -104.05 57.00 -57.46
C TRP AD 123 -104.66 57.33 -56.12
N ALA BD 1 12.56 -96.17 -87.47
CA ALA BD 1 13.48 -97.29 -87.47
C ALA BD 1 14.86 -96.86 -86.98
N ALA BD 2 15.85 -97.72 -87.13
CA ALA BD 2 17.21 -97.36 -86.75
C ALA BD 2 17.72 -96.25 -87.66
N ARG BD 3 18.39 -95.27 -87.07
CA ARG BD 3 18.89 -94.13 -87.82
C ARG BD 3 19.94 -94.59 -88.82
N SER BD 4 19.88 -94.07 -90.03
CA SER BD 4 20.80 -94.45 -91.10
C SER BD 4 21.01 -93.25 -92.00
N SER BD 5 21.54 -93.50 -93.19
CA SER BD 5 21.73 -92.45 -94.18
C SER BD 5 20.51 -92.32 -95.07
N ILE BD 6 20.33 -91.13 -95.64
CA ILE BD 6 19.22 -90.85 -96.54
C ILE BD 6 19.77 -90.21 -97.80
N VAL BD 7 19.02 -90.36 -98.89
CA VAL BD 7 19.56 -90.13 -100.24
C VAL BD 7 18.68 -89.06 -100.91
N LEU BD 8 18.27 -88.05 -100.14
CA LEU BD 8 17.49 -86.93 -100.68
C LEU BD 8 17.98 -86.52 -102.05
N THR BD 9 17.06 -86.45 -103.00
CA THR BD 9 17.39 -86.22 -104.40
C THR BD 9 16.34 -85.31 -105.03
N ASP BD 10 16.59 -84.93 -106.27
CA ASP BD 10 15.64 -84.16 -107.06
C ASP BD 10 15.62 -84.65 -108.50
N GLY BD 11 16.12 -85.86 -108.72
CA GLY BD 11 16.09 -86.46 -110.04
C GLY BD 11 17.40 -86.44 -110.78
N THR BD 12 18.27 -85.47 -110.46
CA THR BD 12 19.55 -85.37 -111.15
C THR BD 12 20.75 -85.31 -110.21
N THR BD 13 20.62 -84.67 -109.05
CA THR BD 13 21.74 -84.50 -108.12
C THR BD 13 21.34 -85.01 -106.75
N PRO BD 14 21.50 -86.31 -106.50
CA PRO BD 14 21.20 -86.84 -105.17
C PRO BD 14 22.17 -86.32 -104.13
N VAL BD 15 21.70 -86.29 -102.89
CA VAL BD 15 22.50 -85.84 -101.75
C VAL BD 15 22.41 -86.91 -100.68
N THR BD 16 23.56 -87.41 -100.24
CA THR BD 16 23.61 -88.39 -99.17
C THR BD 16 23.81 -87.66 -97.85
N LEU BD 17 22.85 -87.82 -96.94
CA LEU BD 17 22.92 -87.23 -95.62
C LEU BD 17 23.17 -88.32 -94.59
N THR BD 18 23.90 -87.95 -93.53
CA THR BD 18 24.26 -88.88 -92.47
C THR BD 18 23.88 -88.26 -91.15
N PRO BD 19 23.51 -89.08 -90.16
CA PRO BD 19 23.11 -88.52 -88.86
C PRO BD 19 24.31 -88.11 -88.02
N VAL BD 20 24.40 -86.84 -87.66
CA VAL BD 20 25.58 -86.33 -86.98
C VAL BD 20 25.21 -85.69 -85.65
N GLY BD 21 24.07 -86.09 -85.09
CA GLY BD 21 23.65 -85.55 -83.82
C GLY BD 21 22.18 -85.80 -83.58
N GLY BD 22 21.64 -85.05 -82.64
CA GLY BD 22 20.24 -85.15 -82.30
C GLY BD 22 19.99 -85.35 -80.82
N GLY BD 23 19.08 -86.26 -80.50
CA GLY BD 23 18.74 -86.53 -79.12
C GLY BD 23 17.54 -87.44 -79.02
N VAL BD 24 16.70 -87.15 -78.03
CA VAL BD 24 15.44 -87.87 -77.89
C VAL BD 24 14.35 -87.07 -78.61
N GLY BD 25 13.69 -87.71 -79.56
CA GLY BD 25 12.73 -87.01 -80.40
C GLY BD 25 13.38 -85.98 -81.30
N GLN BD 26 14.53 -86.31 -81.87
CA GLN BD 26 15.26 -85.42 -82.75
C GLN BD 26 16.38 -86.20 -83.42
N THR BD 27 16.69 -85.84 -84.67
CA THR BD 27 17.77 -86.50 -85.40
C THR BD 27 18.27 -85.55 -86.48
N LEU BD 28 19.38 -84.88 -86.21
CA LEU BD 28 20.00 -84.02 -87.21
C LEU BD 28 20.65 -84.86 -88.30
N TYR BD 29 20.74 -84.28 -89.49
CA TYR BD 29 21.42 -84.89 -90.62
C TYR BD 29 22.32 -83.84 -91.25
N ARG BD 30 23.34 -84.30 -91.96
CA ARG BD 30 24.18 -83.38 -92.72
C ARG BD 30 24.77 -84.13 -93.91
N ALA BD 31 24.94 -83.41 -95.02
CA ALA BD 31 25.55 -84.01 -96.19
C ALA BD 31 27.01 -84.33 -95.90
N THR BD 32 27.49 -85.43 -96.47
CA THR BD 32 28.83 -85.91 -96.16
C THR BD 32 29.87 -84.84 -96.47
N ALA BD 33 30.01 -84.48 -97.74
CA ALA BD 33 30.86 -83.37 -98.14
C ALA BD 33 30.48 -82.96 -99.55
N GLU BD 34 29.98 -81.74 -99.73
CA GLU BD 34 29.77 -81.23 -101.09
C GLU BD 34 31.06 -80.64 -101.64
N ALA BD 35 31.49 -79.51 -101.07
CA ALA BD 35 32.82 -78.97 -101.37
C ALA BD 35 33.53 -78.36 -100.17
N LEU BD 36 32.83 -78.08 -99.08
CA LEU BD 36 33.40 -77.46 -97.88
C LEU BD 36 32.32 -77.52 -96.80
N SER BD 37 32.61 -76.96 -95.64
CA SER BD 37 31.61 -76.83 -94.61
C SER BD 37 30.81 -75.55 -94.83
N ALA BD 38 29.62 -75.51 -94.23
CA ALA BD 38 28.62 -74.46 -94.38
C ALA BD 38 28.00 -74.44 -95.78
N ALA BD 39 28.47 -75.28 -96.69
CA ALA BD 39 27.89 -75.44 -98.01
C ALA BD 39 27.29 -76.83 -98.15
N ASN BD 40 26.78 -77.37 -97.04
CA ASN BD 40 26.23 -78.70 -96.99
C ASN BD 40 24.80 -78.66 -96.48
N PRO BD 41 23.85 -79.28 -97.17
CA PRO BD 41 22.46 -79.26 -96.71
C PRO BD 41 22.29 -80.08 -95.43
N SER BD 42 21.24 -79.71 -94.69
CA SER BD 42 20.91 -80.43 -93.45
C SER BD 42 19.42 -80.71 -93.43
N LEU BD 43 19.03 -81.76 -92.71
CA LEU BD 43 17.66 -82.28 -92.70
C LEU BD 43 17.20 -82.54 -91.25
N SER BD 44 17.24 -81.50 -90.42
CA SER BD 44 16.81 -81.65 -89.04
C SER BD 44 15.40 -82.25 -88.98
N PHE BD 45 15.22 -83.23 -88.10
CA PHE BD 45 13.97 -83.97 -88.05
C PHE BD 45 13.63 -84.29 -86.61
N GLY BD 46 12.53 -83.73 -86.11
CA GLY BD 46 12.05 -83.99 -84.78
C GLY BD 46 10.70 -84.68 -84.78
N TYR BD 47 10.33 -85.19 -83.60
CA TYR BD 47 9.08 -85.92 -83.44
C TYR BD 47 8.80 -86.03 -81.95
N ARG BD 48 7.52 -85.87 -81.59
CA ARG BD 48 7.14 -85.95 -80.19
C ARG BD 48 5.65 -86.19 -80.10
N PHE BD 49 5.21 -86.64 -78.93
CA PHE BD 49 3.80 -86.88 -78.63
C PHE BD 49 3.38 -85.93 -77.53
N THR BD 50 2.29 -85.20 -77.75
CA THR BD 50 1.72 -84.34 -76.73
C THR BD 50 0.87 -85.17 -75.78
N ASP BD 51 0.00 -84.51 -75.00
CA ASP BD 51 -0.88 -85.21 -74.08
C ASP BD 51 -1.63 -86.34 -74.76
N GLY BD 52 -2.19 -86.08 -75.93
CA GLY BD 52 -2.84 -87.11 -76.72
C GLY BD 52 -1.84 -87.84 -77.59
N GLY BD 53 -2.36 -88.68 -78.48
CA GLY BD 53 -1.51 -89.40 -79.40
C GLY BD 53 -1.19 -88.58 -80.63
N THR BD 54 -1.20 -87.26 -80.46
CA THR BD 54 -0.97 -86.33 -81.57
C THR BD 54 0.48 -86.43 -81.99
N ASN BD 55 0.73 -87.13 -83.07
CA ASN BD 55 2.08 -87.39 -83.56
C ASN BD 55 2.68 -86.16 -84.21
N ARG BD 56 3.05 -85.16 -83.40
CA ARG BD 56 3.59 -83.90 -83.91
C ARG BD 56 5.02 -84.08 -84.41
N GLN BD 57 5.14 -84.62 -85.62
CA GLN BD 57 6.43 -84.66 -86.27
C GLN BD 57 6.77 -83.30 -86.87
N SER BD 58 8.05 -83.08 -87.13
CA SER BD 58 8.51 -81.81 -87.66
C SER BD 58 9.78 -82.04 -88.47
N LEU BD 59 9.94 -81.25 -89.53
CA LEU BD 59 11.11 -81.34 -90.38
C LEU BD 59 11.63 -79.93 -90.68
N SER BD 60 12.90 -79.88 -91.09
CA SER BD 60 13.51 -78.62 -91.51
C SER BD 60 14.70 -78.96 -92.39
N TYR BD 61 14.57 -78.71 -93.69
CA TYR BD 61 15.63 -78.92 -94.66
C TYR BD 61 16.22 -77.57 -95.02
N LYS BD 62 17.52 -77.42 -94.82
CA LYS BD 62 18.22 -76.16 -95.09
C LYS BD 62 19.31 -76.43 -96.13
N GLN BD 63 19.22 -75.76 -97.27
CA GLN BD 63 20.22 -75.88 -98.31
C GLN BD 63 20.90 -74.54 -98.50
N PRO BD 64 22.20 -74.42 -98.24
CA PRO BD 64 22.86 -73.12 -98.33
C PRO BD 64 23.28 -72.79 -99.75
N ILE BD 65 23.27 -71.49 -100.05
CA ILE BD 65 23.47 -70.96 -101.39
C ILE BD 65 24.90 -70.45 -101.46
N THR BD 66 25.74 -71.10 -102.26
CA THR BD 66 27.16 -70.79 -102.32
C THR BD 66 27.50 -70.15 -103.65
N ALA BD 67 28.50 -69.28 -103.64
CA ALA BD 67 28.92 -68.55 -104.83
C ALA BD 67 30.38 -68.16 -104.69
N VAL BD 68 31.06 -68.07 -105.83
CA VAL BD 68 32.49 -67.74 -105.83
C VAL BD 68 32.68 -66.26 -105.46
N ASP BD 69 33.88 -65.96 -104.93
CA ASP BD 69 34.24 -64.63 -104.48
C ASP BD 69 35.54 -64.20 -105.16
N SER BD 70 35.52 -64.25 -106.50
CA SER BD 70 36.69 -64.13 -107.38
C SER BD 70 37.73 -63.10 -106.92
N THR BD 71 37.28 -62.01 -106.29
CA THR BD 71 38.24 -61.09 -105.69
C THR BD 71 39.16 -61.80 -104.69
N THR BD 72 38.67 -62.86 -104.05
CA THR BD 72 39.50 -63.72 -103.21
C THR BD 72 39.44 -65.18 -103.61
N SER BD 73 38.49 -65.58 -104.46
CA SER BD 73 38.32 -66.94 -104.96
C SER BD 73 37.98 -67.93 -103.85
N GLU BD 74 37.34 -67.45 -102.79
CA GLU BD 74 36.90 -68.30 -101.68
C GLU BD 74 35.40 -68.48 -101.75
N THR BD 75 34.94 -69.74 -101.69
CA THR BD 75 33.56 -70.10 -101.98
C THR BD 75 32.67 -69.72 -100.79
N LEU BD 76 32.38 -68.43 -100.68
CA LEU BD 76 31.54 -67.94 -99.60
C LEU BD 76 30.09 -68.35 -99.80
N VAL BD 77 29.35 -68.41 -98.69
CA VAL BD 77 27.93 -68.73 -98.70
C VAL BD 77 27.14 -67.47 -98.37
N ARG BD 78 26.09 -67.20 -99.15
CA ARG BD 78 25.30 -65.98 -98.99
C ARG BD 78 24.12 -66.18 -98.05
N GLY BD 79 23.23 -67.12 -98.37
CA GLY BD 79 22.07 -67.40 -97.55
C GLY BD 79 21.68 -68.86 -97.60
N GLN BD 80 20.42 -69.18 -97.29
CA GLN BD 80 19.98 -70.57 -97.30
C GLN BD 80 18.50 -70.63 -97.64
N CYS BD 81 18.11 -71.71 -98.31
CA CYS BD 81 16.71 -72.04 -98.56
C CYS BD 81 16.23 -72.99 -97.48
N VAL BD 82 15.10 -72.65 -96.86
CA VAL BD 82 14.57 -73.38 -95.72
C VAL BD 82 13.20 -73.93 -96.09
N VAL BD 83 13.00 -75.22 -95.86
CA VAL BD 83 11.71 -75.86 -96.07
C VAL BD 83 11.32 -76.58 -94.79
N ASP BD 84 10.18 -76.21 -94.21
CA ASP BD 84 9.68 -76.82 -92.99
C ASP BD 84 8.42 -77.59 -93.30
N ILE BD 85 8.44 -78.91 -93.08
CA ILE BD 85 7.25 -79.72 -93.27
C ILE BD 85 6.77 -80.24 -91.92
N ASN BD 86 5.87 -79.51 -91.28
CA ASN BD 86 5.30 -79.96 -90.03
C ASN BD 86 4.11 -80.88 -90.28
N ILE BD 87 3.96 -81.88 -89.42
CA ILE BD 87 2.89 -82.86 -89.55
C ILE BD 87 2.27 -83.07 -88.17
N VAL BD 88 0.94 -83.05 -88.10
CA VAL BD 88 0.22 -83.30 -86.86
C VAL BD 88 -0.90 -84.29 -87.16
N ILE BD 89 -0.86 -85.45 -86.53
CA ILE BD 89 -1.88 -86.48 -86.68
C ILE BD 89 -2.40 -86.83 -85.30
N PRO BD 90 -3.68 -86.65 -85.01
CA PRO BD 90 -4.18 -86.88 -83.66
C PRO BD 90 -4.32 -88.38 -83.37
N ARG BD 91 -4.60 -88.68 -82.10
CA ARG BD 91 -4.80 -90.07 -81.71
C ARG BD 91 -5.98 -90.71 -82.42
N VAL BD 92 -7.03 -89.94 -82.67
CA VAL BD 92 -8.29 -90.47 -83.21
C VAL BD 92 -8.15 -90.84 -84.68
N ALA BD 93 -6.97 -90.61 -85.23
CA ALA BD 93 -6.74 -90.86 -86.65
C ALA BD 93 -6.46 -92.33 -86.89
N THR BD 94 -7.17 -92.92 -87.84
CA THR BD 94 -6.92 -94.31 -88.19
C THR BD 94 -5.61 -94.43 -88.97
N ALA BD 95 -5.18 -95.67 -89.20
CA ALA BD 95 -3.93 -95.92 -89.88
C ALA BD 95 -3.96 -95.53 -91.35
N THR BD 96 -5.14 -95.41 -91.96
CA THR BD 96 -5.24 -95.08 -93.37
C THR BD 96 -5.42 -93.58 -93.62
N ASP BD 97 -5.96 -92.84 -92.65
CA ASP BD 97 -6.12 -91.41 -92.83
C ASP BD 97 -4.79 -90.69 -92.71
N ARG BD 98 -3.88 -91.21 -91.88
CA ARG BD 98 -2.55 -90.61 -91.77
C ARG BD 98 -1.79 -90.72 -93.09
N ALA BD 99 -1.77 -91.91 -93.69
CA ALA BD 99 -1.09 -92.08 -94.97
C ALA BD 99 -1.73 -91.23 -96.06
N GLU BD 100 -3.07 -91.21 -96.08
CA GLU BD 100 -3.79 -90.38 -97.06
C GLU BD 100 -3.37 -88.92 -96.93
N ALA BD 101 -3.43 -88.38 -95.71
CA ALA BD 101 -3.11 -86.98 -95.51
C ALA BD 101 -1.67 -86.67 -95.89
N ILE BD 102 -0.73 -87.52 -95.46
CA ILE BD 102 0.68 -87.24 -95.72
C ILE BD 102 0.95 -87.26 -97.21
N LYS BD 103 0.51 -88.31 -97.90
CA LYS BD 103 0.78 -88.40 -99.34
C LYS BD 103 0.09 -87.29 -100.12
N ARG BD 104 -1.15 -86.97 -99.77
CA ARG BD 104 -1.85 -85.91 -100.48
C ARG BD 104 -1.16 -84.57 -100.29
N ALA BD 105 -0.77 -84.25 -99.06
CA ALA BD 105 -0.11 -82.98 -98.82
C ALA BD 105 1.26 -82.91 -99.48
N PHE BD 106 1.95 -84.04 -99.62
CA PHE BD 106 3.21 -84.04 -100.34
C PHE BD 106 3.01 -84.00 -101.85
N ASP BD 107 1.82 -84.34 -102.34
CA ASP BD 107 1.53 -84.22 -103.78
C ASP BD 107 1.30 -82.78 -104.22
N VAL BD 108 1.44 -81.81 -103.32
CA VAL BD 108 1.20 -80.41 -103.67
C VAL BD 108 2.14 -79.97 -104.77
N LEU BD 109 3.43 -80.29 -104.64
CA LEU BD 109 4.41 -79.85 -105.62
C LEU BD 109 4.07 -80.38 -107.01
N ASN BD 110 3.56 -81.60 -107.11
CA ASN BD 110 3.09 -82.09 -108.39
C ASN BD 110 1.85 -81.31 -108.84
N ALA BD 111 0.95 -80.98 -107.91
CA ALA BD 111 -0.26 -80.24 -108.29
C ALA BD 111 0.00 -78.75 -108.40
N LEU BD 112 0.37 -78.11 -107.29
CA LEU BD 112 0.55 -76.66 -107.24
C LEU BD 112 2.01 -76.30 -107.55
N ASN BD 113 2.44 -76.63 -108.77
CA ASN BD 113 3.85 -76.62 -109.09
C ASN BD 113 4.38 -75.21 -109.29
N ALA BD 114 3.86 -74.49 -110.28
CA ALA BD 114 4.51 -73.29 -110.79
C ALA BD 114 4.68 -72.20 -109.75
N GLU BD 115 3.82 -72.16 -108.73
CA GLU BD 115 3.93 -71.13 -107.70
C GLU BD 115 4.96 -71.45 -106.62
N LEU BD 116 5.43 -72.70 -106.56
CA LEU BD 116 6.47 -73.10 -105.62
C LEU BD 116 7.85 -73.11 -106.26
N ILE BD 117 8.00 -73.80 -107.37
CA ILE BD 117 9.30 -73.92 -108.02
C ILE BD 117 9.80 -72.56 -108.48
N THR BD 118 8.96 -71.80 -109.16
CA THR BD 118 9.36 -70.55 -109.78
C THR BD 118 9.25 -69.35 -108.88
N GLY BD 119 8.36 -69.40 -107.89
CA GLY BD 119 8.20 -68.30 -106.95
C GLY BD 119 7.22 -67.23 -107.35
N GLU BD 120 6.56 -67.37 -108.50
CA GLU BD 120 5.61 -66.37 -108.94
C GLU BD 120 4.39 -66.34 -108.02
N GLY BD 121 3.82 -65.15 -107.87
CA GLY BD 121 2.65 -64.96 -107.04
C GLY BD 121 1.39 -65.02 -107.89
N GLN BD 122 0.54 -66.00 -107.59
CA GLN BD 122 -0.67 -66.19 -108.38
C GLN BD 122 -1.63 -65.02 -108.20
N TRP BD 123 -2.34 -64.71 -109.28
CA TRP BD 123 -3.25 -63.58 -109.30
C TRP BD 123 -4.70 -64.02 -109.33
N ALA CD 1 30.40 -96.11 -93.34
CA ALA CD 1 30.59 -95.34 -92.13
C ALA CD 1 29.71 -95.86 -90.99
N ALA CD 2 29.23 -97.09 -91.14
CA ALA CD 2 28.45 -97.74 -90.10
C ALA CD 2 29.36 -98.28 -89.02
N ARG CD 3 28.77 -98.59 -87.87
CA ARG CD 3 29.54 -99.08 -86.72
C ARG CD 3 29.90 -100.53 -86.90
N SER CD 4 31.19 -100.83 -86.86
CA SER CD 4 31.69 -102.20 -86.97
C SER CD 4 33.00 -102.29 -86.21
N SER CD 5 33.54 -103.50 -86.14
CA SER CD 5 34.79 -103.72 -85.44
C SER CD 5 35.95 -103.05 -86.16
N ILE CD 6 36.86 -102.44 -85.40
CA ILE CD 6 38.04 -101.81 -85.93
C ILE CD 6 39.27 -102.52 -85.39
N VAL CD 7 40.37 -102.45 -86.14
CA VAL CD 7 41.50 -103.35 -85.96
C VAL CD 7 42.77 -102.55 -85.66
N LEU CD 8 42.64 -101.51 -84.84
CA LEU CD 8 43.78 -100.72 -84.37
C LEU CD 8 45.00 -101.60 -84.13
N THR CD 9 46.13 -101.19 -84.71
CA THR CD 9 47.35 -101.99 -84.60
C THR CD 9 48.56 -101.06 -84.60
N ASP CD 10 49.64 -101.55 -83.99
CA ASP CD 10 50.90 -100.82 -83.94
C ASP CD 10 51.93 -101.38 -84.91
N GLY CD 11 51.63 -102.49 -85.58
CA GLY CD 11 52.57 -103.13 -86.47
C GLY CD 11 52.90 -104.53 -86.01
N THR CD 12 53.02 -104.72 -84.70
CA THR CD 12 53.38 -106.02 -84.14
C THR CD 12 52.14 -106.82 -83.73
N THR CD 13 51.33 -106.28 -82.82
CA THR CD 13 50.17 -106.98 -82.30
C THR CD 13 48.91 -106.17 -82.57
N PRO CD 14 48.03 -106.62 -83.46
CA PRO CD 14 46.76 -105.91 -83.67
C PRO CD 14 45.78 -106.21 -82.55
N VAL CD 15 44.97 -105.21 -82.21
CA VAL CD 15 43.89 -105.36 -81.25
C VAL CD 15 42.58 -105.00 -81.94
N THR CD 16 41.59 -105.86 -81.81
CA THR CD 16 40.30 -105.70 -82.49
C THR CD 16 39.30 -105.14 -81.48
N LEU CD 17 38.86 -103.91 -81.70
CA LEU CD 17 37.85 -103.28 -80.85
C LEU CD 17 36.48 -103.43 -81.49
N THR CD 18 35.51 -103.87 -80.69
CA THR CD 18 34.14 -103.98 -81.16
C THR CD 18 33.27 -102.94 -80.46
N PRO CD 19 32.22 -102.44 -81.11
CA PRO CD 19 31.36 -101.45 -80.46
C PRO CD 19 30.68 -102.04 -79.24
N VAL CD 20 30.52 -101.20 -78.21
CA VAL CD 20 29.82 -101.61 -77.00
C VAL CD 20 28.81 -100.54 -76.62
N GLY CD 21 28.41 -99.71 -77.57
CA GLY CD 21 27.35 -98.77 -77.31
C GLY CD 21 27.59 -97.36 -77.79
N GLY CD 22 26.97 -96.40 -77.11
CA GLY CD 22 27.19 -95.00 -77.38
C GLY CD 22 25.97 -94.22 -77.83
N GLY CD 23 25.18 -94.78 -78.74
CA GLY CD 23 24.04 -94.04 -79.26
C GLY CD 23 24.43 -93.01 -80.30
N VAL CD 24 23.68 -91.92 -80.39
CA VAL CD 24 23.92 -90.90 -81.40
C VAL CD 24 24.89 -89.87 -80.83
N GLY CD 25 25.79 -89.39 -81.68
CA GLY CD 25 26.79 -88.44 -81.24
C GLY CD 25 28.03 -89.03 -80.62
N GLN CD 26 28.11 -90.35 -80.49
CA GLN CD 26 29.31 -90.98 -79.95
C GLN CD 26 29.27 -92.47 -80.26
N THR CD 27 30.38 -93.13 -79.96
CA THR CD 27 30.51 -94.57 -80.17
C THR CD 27 31.63 -95.07 -79.27
N LEU CD 28 31.32 -95.99 -78.38
CA LEU CD 28 32.33 -96.58 -77.52
C LEU CD 28 32.77 -97.93 -78.07
N TYR CD 29 34.06 -98.18 -78.06
CA TYR CD 29 34.61 -99.45 -78.51
C TYR CD 29 35.29 -100.14 -77.35
N ARG CD 30 35.53 -101.44 -77.52
CA ARG CD 30 36.27 -102.20 -76.51
C ARG CD 30 36.69 -103.54 -77.09
N ALA CD 31 37.91 -103.97 -76.80
CA ALA CD 31 38.38 -105.27 -77.24
C ALA CD 31 37.87 -106.35 -76.29
N THR CD 32 38.13 -107.61 -76.62
CA THR CD 32 37.68 -108.68 -75.74
C THR CD 32 38.64 -108.88 -74.57
N ALA CD 33 39.85 -109.37 -74.87
CA ALA CD 33 40.87 -109.69 -73.86
C ALA CD 33 40.24 -110.28 -72.61
N GLU CD 34 39.36 -111.25 -72.83
CA GLU CD 34 38.41 -111.69 -71.81
C GLU CD 34 39.13 -112.24 -70.59
N ALA CD 35 38.49 -112.11 -69.43
CA ALA CD 35 39.02 -112.64 -68.18
C ALA CD 35 40.40 -112.03 -67.88
N LEU CD 36 40.38 -110.74 -67.55
CA LEU CD 36 39.26 -109.93 -67.06
C LEU CD 36 38.60 -109.12 -68.17
N SER CD 37 37.38 -108.64 -67.92
CA SER CD 37 36.64 -107.88 -68.91
C SER CD 37 36.95 -106.39 -68.89
N ALA CD 38 37.48 -105.88 -67.78
CA ALA CD 38 37.86 -104.48 -67.67
C ALA CD 38 39.33 -104.23 -67.99
N ALA CD 39 40.08 -105.28 -68.31
CA ALA CD 39 41.48 -105.16 -68.66
C ALA CD 39 41.70 -105.26 -70.17
N ASN CD 40 41.13 -104.32 -70.91
CA ASN CD 40 41.31 -104.28 -72.35
C ASN CD 40 41.08 -102.86 -72.84
N PRO CD 41 41.67 -102.47 -73.96
CA PRO CD 41 41.61 -101.08 -74.41
C PRO CD 41 40.22 -100.68 -74.88
N SER CD 42 40.01 -99.37 -74.92
CA SER CD 42 38.75 -98.79 -75.34
C SER CD 42 39.02 -97.52 -76.14
N LEU CD 43 38.05 -97.14 -76.98
CA LEU CD 43 38.22 -96.05 -77.95
C LEU CD 43 36.99 -95.12 -77.96
N SER CD 44 36.67 -94.54 -76.81
CA SER CD 44 35.51 -93.65 -76.76
C SER CD 44 35.63 -92.54 -77.79
N PHE CD 45 34.74 -92.56 -78.79
CA PHE CD 45 34.82 -91.63 -79.92
C PHE CD 45 33.50 -90.88 -80.04
N GLY CD 46 33.56 -89.56 -79.88
CA GLY CD 46 32.38 -88.72 -80.01
C GLY CD 46 32.56 -87.65 -81.07
N TYR CD 47 31.45 -87.02 -81.44
CA TYR CD 47 31.45 -86.01 -82.50
C TYR CD 47 30.14 -85.25 -82.42
N ARG CD 48 30.18 -83.98 -82.84
CA ARG CD 48 28.99 -83.14 -82.83
C ARG CD 48 29.24 -81.93 -83.70
N PHE CD 49 28.18 -81.18 -83.98
CA PHE CD 49 28.24 -79.92 -84.72
C PHE CD 49 27.60 -78.83 -83.87
N THR CD 50 28.30 -77.72 -83.71
CA THR CD 50 27.80 -76.61 -82.90
C THR CD 50 26.86 -75.73 -83.73
N ASP CD 51 26.61 -74.53 -83.23
CA ASP CD 51 25.74 -73.58 -83.93
C ASP CD 51 26.17 -73.39 -85.37
N GLY CD 52 27.47 -73.28 -85.60
CA GLY CD 52 27.98 -73.19 -86.96
C GLY CD 52 28.19 -74.57 -87.55
N GLY CD 53 29.19 -74.69 -88.41
CA GLY CD 53 29.55 -75.99 -88.96
C GLY CD 53 30.77 -76.54 -88.26
N THR CD 54 31.05 -76.02 -87.07
CA THR CD 54 32.27 -76.36 -86.34
C THR CD 54 32.16 -77.82 -85.88
N ASN CD 55 32.82 -78.69 -86.61
CA ASN CD 55 32.82 -80.12 -86.29
C ASN CD 55 33.82 -80.38 -85.18
N ARG CD 56 33.33 -80.83 -84.02
CA ARG CD 56 34.19 -81.09 -82.87
C ARG CD 56 34.21 -82.60 -82.60
N GLN CD 57 35.17 -83.27 -83.23
CA GLN CD 57 35.37 -84.68 -82.98
C GLN CD 57 36.30 -84.87 -81.78
N SER CD 58 36.19 -86.03 -81.14
CA SER CD 58 36.96 -86.28 -79.93
C SER CD 58 37.17 -87.76 -79.70
N LEU CD 59 38.42 -88.20 -79.64
CA LEU CD 59 38.74 -89.60 -79.42
C LEU CD 59 39.49 -89.74 -78.11
N SER CD 60 39.23 -90.84 -77.42
CA SER CD 60 39.93 -91.13 -76.16
C SER CD 60 40.22 -92.62 -76.15
N TYR CD 61 41.49 -92.97 -76.29
CA TYR CD 61 41.93 -94.36 -76.33
C TYR CD 61 42.62 -94.67 -75.01
N LYS CD 62 42.09 -95.66 -74.29
CA LYS CD 62 42.62 -96.08 -73.00
C LYS CD 62 43.10 -97.51 -73.09
N GLN CD 63 44.35 -97.75 -72.73
CA GLN CD 63 44.89 -99.09 -72.68
C GLN CD 63 45.32 -99.41 -71.26
N PRO CD 64 44.70 -100.36 -70.57
CA PRO CD 64 45.10 -100.68 -69.21
C PRO CD 64 46.29 -101.61 -69.17
N ILE CD 65 47.07 -101.47 -68.11
CA ILE CD 65 48.32 -102.22 -67.91
C ILE CD 65 48.00 -103.41 -67.02
N THR CD 66 48.09 -104.60 -67.59
CA THR CD 66 47.73 -105.82 -66.90
C THR CD 66 48.96 -106.47 -66.26
N ALA CD 67 48.70 -107.39 -65.34
CA ALA CD 67 49.77 -108.13 -64.67
C ALA CD 67 49.17 -109.42 -64.14
N VAL CD 68 49.49 -110.54 -64.77
CA VAL CD 68 48.92 -111.83 -64.38
C VAL CD 68 49.60 -112.29 -63.09
N ASP CD 69 48.84 -112.31 -62.01
CA ASP CD 69 49.36 -112.67 -60.69
C ASP CD 69 49.42 -114.19 -60.62
N SER CD 70 50.62 -114.75 -60.81
CA SER CD 70 50.78 -116.20 -60.87
C SER CD 70 50.39 -116.89 -59.57
N THR CD 71 50.48 -116.20 -58.44
CA THR CD 71 50.11 -116.79 -57.16
C THR CD 71 48.64 -117.15 -57.13
N THR CD 72 47.77 -116.21 -57.50
CA THR CD 72 46.33 -116.40 -57.47
C THR CD 72 45.75 -116.75 -58.83
N SER CD 73 46.48 -116.44 -59.92
CA SER CD 73 46.04 -116.63 -61.30
C SER CD 73 44.83 -115.76 -61.61
N GLU CD 74 45.00 -114.46 -61.37
CA GLU CD 74 44.00 -113.46 -61.72
C GLU CD 74 44.71 -112.26 -62.33
N THR CD 75 44.02 -111.58 -63.23
CA THR CD 75 44.60 -110.42 -63.89
C THR CD 75 44.32 -109.17 -63.09
N LEU CD 76 45.37 -108.41 -62.79
CA LEU CD 76 45.25 -107.17 -62.02
C LEU CD 76 45.54 -105.99 -62.92
N VAL CD 77 44.84 -104.89 -62.69
CA VAL CD 77 44.97 -103.69 -63.50
C VAL CD 77 45.72 -102.66 -62.66
N ARG CD 78 46.89 -102.24 -63.14
CA ARG CD 78 47.75 -101.34 -62.40
C ARG CD 78 47.53 -99.88 -62.76
N GLY CD 79 47.07 -99.60 -63.98
CA GLY CD 79 46.87 -98.24 -64.42
C GLY CD 79 46.44 -98.27 -65.88
N GLN CD 80 46.39 -97.10 -66.49
CA GLN CD 80 46.02 -97.05 -67.90
C GLN CD 80 46.73 -95.90 -68.60
N CYS CD 81 47.23 -96.19 -69.81
CA CYS CD 81 47.74 -95.17 -70.70
C CYS CD 81 46.58 -94.57 -71.47
N VAL CD 82 46.43 -93.25 -71.40
CA VAL CD 82 45.31 -92.53 -71.99
C VAL CD 82 45.85 -91.60 -73.07
N VAL CD 83 45.22 -91.64 -74.24
CA VAL CD 83 45.56 -90.75 -75.34
C VAL CD 83 44.28 -90.07 -75.80
N ASP CD 84 44.22 -88.76 -75.67
CA ASP CD 84 43.08 -87.97 -76.11
C ASP CD 84 43.45 -87.21 -77.36
N ILE CD 85 42.52 -87.15 -78.31
CA ILE CD 85 42.73 -86.48 -79.59
C ILE CD 85 41.46 -85.67 -79.87
N ASN CD 86 41.51 -84.37 -79.61
CA ASN CD 86 40.40 -83.50 -79.97
C ASN CD 86 40.66 -82.84 -81.31
N ILE CD 87 39.63 -82.77 -82.13
CA ILE CD 87 39.72 -82.20 -83.47
C ILE CD 87 38.62 -81.17 -83.62
N VAL CD 88 39.00 -79.92 -83.88
CA VAL CD 88 38.05 -78.85 -84.11
C VAL CD 88 38.22 -78.37 -85.53
N ILE CD 89 37.13 -78.38 -86.30
CA ILE CD 89 37.19 -77.92 -87.68
C ILE CD 89 36.17 -76.81 -87.85
N PRO CD 90 36.59 -75.59 -88.20
CA PRO CD 90 35.65 -74.47 -88.23
C PRO CD 90 34.66 -74.55 -89.38
N ARG CD 91 33.71 -73.63 -89.38
CA ARG CD 91 32.66 -73.60 -90.39
C ARG CD 91 33.19 -73.31 -91.78
N VAL CD 92 34.36 -72.69 -91.88
CA VAL CD 92 34.87 -72.16 -93.15
C VAL CD 92 35.94 -73.06 -93.76
N ALA CD 93 36.08 -74.28 -93.28
CA ALA CD 93 37.19 -75.15 -93.68
C ALA CD 93 36.81 -75.93 -94.94
N THR CD 94 37.68 -75.88 -95.94
CA THR CD 94 37.48 -76.63 -97.17
C THR CD 94 37.65 -78.13 -96.92
N ALA CD 95 37.12 -78.93 -97.84
CA ALA CD 95 37.13 -80.38 -97.69
C ALA CD 95 38.53 -80.98 -97.81
N THR CD 96 39.47 -80.29 -98.44
CA THR CD 96 40.85 -80.77 -98.53
C THR CD 96 41.74 -80.21 -97.43
N ASP CD 97 41.41 -79.04 -96.90
CA ASP CD 97 42.14 -78.54 -95.75
C ASP CD 97 41.91 -79.40 -94.52
N ARG CD 98 40.72 -79.98 -94.38
CA ARG CD 98 40.47 -80.95 -93.32
C ARG CD 98 41.45 -82.11 -93.41
N ALA CD 99 41.56 -82.71 -94.60
CA ALA CD 99 42.47 -83.84 -94.76
C ALA CD 99 43.91 -83.42 -94.50
N GLU CD 100 44.31 -82.26 -95.03
CA GLU CD 100 45.67 -81.79 -94.79
C GLU CD 100 45.96 -81.66 -93.31
N ALA CD 101 45.08 -80.98 -92.58
CA ALA CD 101 45.31 -80.74 -91.16
C ALA CD 101 45.33 -82.05 -90.37
N ILE CD 102 44.38 -82.94 -90.65
CA ILE CD 102 44.29 -84.17 -89.86
C ILE CD 102 45.50 -85.06 -90.13
N LYS CD 103 45.82 -85.30 -91.41
CA LYS CD 103 46.94 -86.18 -91.70
C LYS CD 103 48.28 -85.56 -91.33
N ARG CD 104 48.35 -84.23 -91.22
CA ARG CD 104 49.58 -83.62 -90.73
C ARG CD 104 49.71 -83.76 -89.23
N ALA CD 105 48.61 -83.55 -88.50
CA ALA CD 105 48.66 -83.69 -87.05
C ALA CD 105 48.96 -85.13 -86.64
N PHE CD 106 48.35 -86.09 -87.31
CA PHE CD 106 48.62 -87.49 -87.01
C PHE CD 106 49.98 -87.95 -87.53
N ASP CD 107 50.68 -87.10 -88.29
CA ASP CD 107 52.03 -87.41 -88.75
C ASP CD 107 53.09 -86.98 -87.76
N VAL CD 108 52.70 -86.44 -86.61
CA VAL CD 108 53.66 -86.02 -85.60
C VAL CD 108 54.48 -87.21 -85.12
N LEU CD 109 53.80 -88.35 -84.91
CA LEU CD 109 54.49 -89.54 -84.42
C LEU CD 109 55.67 -89.93 -85.31
N ASN CD 110 55.59 -89.64 -86.60
CA ASN CD 110 56.72 -89.89 -87.49
C ASN CD 110 57.77 -88.79 -87.42
N ALA CD 111 57.39 -87.59 -86.99
CA ALA CD 111 58.34 -86.50 -86.87
C ALA CD 111 58.89 -86.41 -85.46
N LEU CD 112 58.01 -86.25 -84.48
CA LEU CD 112 58.40 -86.15 -83.07
C LEU CD 112 58.39 -87.52 -82.41
N ASN CD 113 59.13 -88.44 -83.03
CA ASN CD 113 59.00 -89.85 -82.69
C ASN CD 113 59.62 -90.16 -81.34
N ALA CD 114 60.90 -89.85 -81.16
CA ALA CD 114 61.60 -90.25 -79.94
C ALA CD 114 61.02 -89.58 -78.70
N GLU CD 115 60.43 -88.39 -78.85
CA GLU CD 115 59.83 -87.72 -77.71
C GLU CD 115 58.51 -88.36 -77.28
N LEU CD 116 57.97 -89.28 -78.06
CA LEU CD 116 56.69 -89.91 -77.74
C LEU CD 116 56.83 -91.41 -77.52
N ILE CD 117 57.55 -92.11 -78.39
CA ILE CD 117 57.66 -93.56 -78.26
C ILE CD 117 58.47 -93.93 -77.02
N THR CD 118 59.59 -93.23 -76.79
CA THR CD 118 60.46 -93.55 -75.66
C THR CD 118 60.24 -92.65 -74.45
N GLY CD 119 59.64 -91.49 -74.63
CA GLY CD 119 59.33 -90.60 -73.53
C GLY CD 119 60.38 -89.58 -73.20
N GLU CD 120 61.39 -89.41 -74.06
CA GLU CD 120 62.45 -88.43 -73.81
C GLU CD 120 61.88 -87.01 -73.85
N GLY CD 121 62.76 -86.06 -73.59
CA GLY CD 121 62.46 -84.67 -73.81
C GLY CD 121 63.59 -84.04 -74.61
N GLN CD 122 63.22 -83.19 -75.55
CA GLN CD 122 64.22 -82.60 -76.42
C GLN CD 122 65.06 -81.58 -75.67
N TRP CD 123 66.37 -81.63 -75.87
CA TRP CD 123 67.29 -80.78 -75.14
C TRP CD 123 67.84 -79.64 -75.97
N ALA DD 1 65.81 -86.19 -79.60
CA ALA DD 1 66.98 -85.41 -79.95
C ALA DD 1 66.75 -83.94 -79.68
N ALA DD 2 67.70 -83.10 -80.07
CA ALA DD 2 67.59 -81.68 -79.80
C ALA DD 2 66.52 -81.04 -80.66
N ARG DD 3 66.10 -79.83 -80.26
CA ARG DD 3 65.11 -79.09 -81.03
C ARG DD 3 65.61 -78.85 -82.44
N SER DD 4 64.95 -79.41 -83.43
CA SER DD 4 65.37 -79.26 -84.82
C SER DD 4 64.18 -78.93 -85.70
N SER DD 5 64.37 -79.00 -87.02
CA SER DD 5 63.28 -78.74 -87.96
C SER DD 5 62.55 -80.03 -88.27
N ILE DD 6 61.23 -80.04 -88.06
CA ILE DD 6 60.40 -81.19 -88.34
C ILE DD 6 59.70 -81.00 -89.68
N VAL DD 7 59.31 -82.12 -90.30
CA VAL DD 7 58.93 -82.13 -91.70
C VAL DD 7 57.49 -82.68 -91.76
N LEU DD 8 56.66 -82.27 -90.80
CA LEU DD 8 55.24 -82.63 -90.76
C LEU DD 8 54.62 -82.59 -92.15
N THR DD 9 54.12 -83.74 -92.60
CA THR DD 9 53.60 -83.89 -93.96
C THR DD 9 52.28 -84.63 -93.91
N ASP DD 10 51.73 -84.89 -95.10
CA ASP DD 10 50.52 -85.70 -95.20
C ASP DD 10 50.58 -86.67 -96.38
N GLY DD 11 51.75 -86.86 -96.99
CA GLY DD 11 51.92 -87.73 -98.13
C GLY DD 11 52.05 -86.98 -99.44
N THR DD 12 51.49 -85.78 -99.53
CA THR DD 12 51.56 -84.96 -100.74
C THR DD 12 52.26 -83.63 -100.52
N THR DD 13 51.83 -82.86 -99.51
CA THR DD 13 52.32 -81.50 -99.32
C THR DD 13 53.03 -81.39 -97.98
N PRO DD 14 54.35 -81.54 -97.94
CA PRO DD 14 55.07 -81.39 -96.67
C PRO DD 14 55.17 -79.94 -96.22
N VAL DD 15 55.35 -79.78 -94.92
CA VAL DD 15 55.56 -78.47 -94.31
C VAL DD 15 56.68 -78.61 -93.29
N THR DD 16 57.65 -77.70 -93.35
CA THR DD 16 58.80 -77.72 -92.45
C THR DD 16 58.62 -76.69 -91.35
N LEU DD 17 58.75 -77.13 -90.10
CA LEU DD 17 58.54 -76.28 -88.94
C LEU DD 17 59.84 -76.20 -88.14
N THR DD 18 60.24 -74.99 -87.78
CA THR DD 18 61.42 -74.75 -86.97
C THR DD 18 61.04 -74.09 -85.65
N PRO DD 19 61.70 -74.43 -84.55
CA PRO DD 19 61.28 -73.93 -83.23
C PRO DD 19 61.32 -72.40 -83.16
N VAL DD 20 60.31 -71.82 -82.52
CA VAL DD 20 60.20 -70.37 -82.45
C VAL DD 20 60.03 -69.91 -81.00
N GLY DD 21 60.42 -70.75 -80.06
CA GLY DD 21 60.37 -70.31 -78.67
C GLY DD 21 60.14 -71.49 -77.75
N GLY DD 22 59.51 -71.19 -76.62
CA GLY DD 22 59.19 -72.20 -75.63
C GLY DD 22 59.95 -72.04 -74.33
N GLY DD 23 60.50 -73.13 -73.82
CA GLY DD 23 61.21 -73.13 -72.55
C GLY DD 23 61.65 -74.52 -72.16
N VAL DD 24 61.42 -74.90 -70.91
CA VAL DD 24 61.67 -76.25 -70.44
C VAL DD 24 60.34 -77.01 -70.40
N GLY DD 25 60.32 -78.18 -71.02
CA GLY DD 25 59.07 -78.89 -71.19
C GLY DD 25 58.08 -78.09 -72.00
N GLN DD 26 58.55 -77.48 -73.07
CA GLN DD 26 57.72 -76.69 -73.97
C GLN DD 26 58.53 -76.39 -75.23
N THR DD 27 57.87 -76.43 -76.39
CA THR DD 27 58.57 -76.22 -77.65
C THR DD 27 57.55 -75.76 -78.69
N LEU DD 28 57.64 -74.50 -79.09
CA LEU DD 28 56.80 -74.00 -80.16
C LEU DD 28 57.37 -74.42 -81.51
N TYR DD 29 56.57 -74.23 -82.56
CA TYR DD 29 57.00 -74.49 -83.92
C TYR DD 29 56.25 -73.55 -84.84
N ARG DD 30 56.77 -73.39 -86.06
CA ARG DD 30 56.10 -72.62 -87.10
C ARG DD 30 56.88 -72.83 -88.40
N ALA DD 31 56.24 -72.51 -89.51
CA ALA DD 31 56.79 -72.70 -90.84
C ALA DD 31 57.39 -71.40 -91.37
N THR DD 32 57.79 -71.41 -92.64
CA THR DD 32 58.57 -70.32 -93.22
C THR DD 32 57.73 -69.18 -93.78
N ALA DD 33 56.56 -69.47 -94.34
CA ALA DD 33 55.73 -68.43 -94.95
C ALA DD 33 55.27 -67.42 -93.89
N GLU DD 34 54.95 -66.20 -94.32
CA GLU DD 34 54.65 -65.11 -93.42
C GLU DD 34 53.28 -64.52 -93.73
N ALA DD 35 52.59 -64.06 -92.70
CA ALA DD 35 51.30 -63.39 -92.84
C ALA DD 35 51.18 -62.36 -91.73
N LEU DD 36 49.96 -61.88 -91.51
CA LEU DD 36 49.71 -60.82 -90.53
C LEU DD 36 49.06 -61.35 -89.26
N SER DD 37 47.92 -62.02 -89.37
CA SER DD 37 47.18 -62.51 -88.20
C SER DD 37 47.59 -63.94 -87.84
N ALA DD 38 47.38 -64.88 -88.76
CA ALA DD 38 47.77 -66.27 -88.56
C ALA DD 38 48.79 -66.63 -89.62
N ALA DD 39 50.03 -66.88 -89.19
CA ALA DD 39 51.10 -67.07 -90.15
C ALA DD 39 51.08 -68.48 -90.74
N ASN DD 40 51.29 -69.49 -89.89
CA ASN DD 40 51.54 -70.84 -90.37
C ASN DD 40 51.02 -71.87 -89.37
N PRO DD 41 51.10 -73.16 -89.67
CA PRO DD 41 50.84 -74.17 -88.65
C PRO DD 41 51.80 -74.02 -87.48
N SER DD 42 51.29 -74.22 -86.27
CA SER DD 42 52.05 -73.98 -85.05
C SER DD 42 51.86 -75.15 -84.10
N LEU DD 43 52.82 -76.08 -84.10
CA LEU DD 43 52.75 -77.30 -83.31
C LEU DD 43 53.41 -77.08 -81.96
N SER DD 44 52.60 -76.81 -80.94
CA SER DD 44 53.13 -76.68 -79.59
C SER DD 44 53.22 -78.04 -78.92
N PHE DD 45 54.28 -78.25 -78.15
CA PHE DD 45 54.60 -79.54 -77.54
C PHE DD 45 54.94 -79.30 -76.08
N GLY DD 46 54.09 -79.79 -75.17
CA GLY DD 46 54.16 -79.37 -73.78
C GLY DD 46 54.42 -80.45 -72.74
N TYR DD 47 55.37 -81.35 -73.01
CA TYR DD 47 55.62 -82.48 -72.11
C TYR DD 47 56.06 -82.00 -70.72
N ARG DD 48 55.79 -82.84 -69.73
CA ARG DD 48 56.16 -82.58 -68.33
C ARG DD 48 56.04 -83.90 -67.57
N PHE DD 49 56.33 -83.83 -66.27
CA PHE DD 49 56.17 -84.96 -65.36
C PHE DD 49 55.29 -84.53 -64.19
N THR DD 50 55.07 -85.46 -63.26
CA THR DD 50 54.11 -85.23 -62.19
C THR DD 50 54.64 -85.94 -60.94
N ASP DD 51 53.76 -86.16 -59.95
CA ASP DD 51 54.16 -86.78 -58.69
C ASP DD 51 54.84 -88.13 -58.91
N GLY DD 52 54.22 -88.98 -59.72
CA GLY DD 52 54.83 -90.23 -60.13
C GLY DD 52 55.57 -90.06 -61.42
N GLY DD 53 55.73 -91.16 -62.14
CA GLY DD 53 56.32 -91.10 -63.46
C GLY DD 53 55.28 -90.76 -64.50
N THR DD 54 54.25 -89.99 -64.09
CA THR DD 54 53.12 -89.70 -64.95
C THR DD 54 53.53 -88.73 -66.04
N ASN DD 55 54.06 -89.26 -67.14
CA ASN DD 55 54.54 -88.45 -68.24
C ASN DD 55 53.34 -87.82 -68.94
N ARG DD 56 53.06 -86.56 -68.62
CA ARG DD 56 51.87 -85.88 -69.11
C ARG DD 56 52.20 -85.04 -70.34
N GLN DD 57 52.53 -85.73 -71.43
CA GLN DD 57 52.80 -85.03 -72.67
C GLN DD 57 51.53 -84.40 -73.22
N SER DD 58 51.71 -83.39 -74.08
CA SER DD 58 50.58 -82.65 -74.62
C SER DD 58 51.01 -81.95 -75.88
N LEU DD 59 50.16 -81.96 -76.89
CA LEU DD 59 50.45 -81.36 -78.19
C LEU DD 59 49.29 -80.49 -78.62
N SER DD 60 49.55 -79.65 -79.60
CA SER DD 60 48.50 -78.88 -80.24
C SER DD 60 48.97 -78.39 -81.61
N TYR DD 61 48.34 -78.86 -82.67
CA TYR DD 61 48.74 -78.52 -84.03
C TYR DD 61 47.63 -77.67 -84.66
N LYS DD 62 47.92 -76.40 -84.89
CA LYS DD 62 46.97 -75.49 -85.51
C LYS DD 62 47.42 -75.19 -86.93
N GLN DD 63 46.52 -75.38 -87.89
CA GLN DD 63 46.78 -75.03 -89.29
C GLN DD 63 45.79 -73.95 -89.70
N PRO DD 64 46.23 -72.74 -90.02
CA PRO DD 64 45.29 -71.67 -90.33
C PRO DD 64 44.62 -71.87 -91.68
N ILE DD 65 43.30 -71.72 -91.67
CA ILE DD 65 42.49 -71.73 -92.90
C ILE DD 65 42.61 -70.35 -93.50
N THR DD 66 43.25 -70.26 -94.66
CA THR DD 66 43.56 -68.99 -95.30
C THR DD 66 43.33 -69.09 -96.81
N ALA DD 67 43.05 -67.95 -97.42
CA ALA DD 67 42.96 -67.81 -98.87
C ALA DD 67 43.62 -66.51 -99.27
N VAL DD 68 44.40 -66.54 -100.35
CA VAL DD 68 45.19 -65.39 -100.75
C VAL DD 68 44.29 -64.35 -101.42
N ASP DD 69 44.39 -63.10 -100.97
CA ASP DD 69 43.65 -62.01 -101.58
C ASP DD 69 44.31 -61.61 -102.90
N SER DD 70 43.56 -60.87 -103.70
CA SER DD 70 44.09 -60.31 -104.94
C SER DD 70 44.63 -58.92 -104.68
N THR DD 71 45.75 -58.60 -105.35
CA THR DD 71 46.43 -57.31 -105.34
C THR DD 71 47.06 -56.97 -103.99
N THR DD 72 46.87 -57.80 -102.96
CA THR DD 72 47.46 -57.55 -101.65
C THR DD 72 48.21 -58.78 -101.18
N SER DD 73 49.39 -58.57 -100.60
CA SER DD 73 50.23 -59.67 -100.13
C SER DD 73 50.02 -59.94 -98.65
N GLU DD 74 48.78 -60.22 -98.27
CA GLU DD 74 48.45 -60.50 -96.88
C GLU DD 74 47.75 -61.82 -96.66
N THR DD 75 47.42 -62.56 -97.73
CA THR DD 75 46.89 -63.92 -97.70
C THR DD 75 45.89 -64.13 -96.56
N LEU DD 76 44.77 -63.40 -96.62
CA LEU DD 76 43.75 -63.39 -95.58
C LEU DD 76 43.47 -64.78 -95.01
N VAL DD 77 43.50 -64.87 -93.68
CA VAL DD 77 43.24 -66.11 -92.97
C VAL DD 77 41.80 -66.11 -92.48
N ARG DD 78 41.15 -67.27 -92.57
CA ARG DD 78 39.73 -67.39 -92.23
C ARG DD 78 39.48 -68.14 -90.94
N GLY DD 79 40.35 -69.05 -90.56
CA GLY DD 79 40.16 -69.83 -89.34
C GLY DD 79 41.37 -70.64 -88.97
N GLN DD 80 41.14 -71.72 -88.21
CA GLN DD 80 42.22 -72.62 -87.84
C GLN DD 80 41.69 -74.01 -87.46
N CYS DD 81 42.33 -75.06 -87.97
CA CYS DD 81 41.94 -76.45 -87.68
C CYS DD 81 42.76 -76.95 -86.50
N VAL DD 82 42.26 -76.71 -85.29
CA VAL DD 82 42.94 -77.14 -84.08
C VAL DD 82 42.87 -78.67 -83.95
N VAL DD 83 44.00 -79.28 -83.62
CA VAL DD 83 44.04 -80.72 -83.34
C VAL DD 83 44.88 -80.98 -82.10
N ASP DD 84 44.23 -81.16 -80.95
CA ASP DD 84 44.93 -81.40 -79.70
C ASP DD 84 45.19 -82.89 -79.52
N ILE DD 85 46.34 -83.22 -78.93
CA ILE DD 85 46.69 -84.60 -78.62
C ILE DD 85 47.33 -84.66 -77.24
N ASN DD 86 46.57 -85.11 -76.24
CA ASN DD 86 47.09 -85.20 -74.88
C ASN DD 86 47.37 -86.66 -74.52
N ILE DD 87 48.52 -86.88 -73.88
CA ILE DD 87 48.98 -88.22 -73.55
C ILE DD 87 49.28 -88.28 -72.06
N VAL DD 88 48.78 -89.31 -71.40
CA VAL DD 88 49.01 -89.53 -69.97
C VAL DD 88 49.47 -90.97 -69.81
N ILE DD 89 50.74 -91.16 -69.51
CA ILE DD 89 51.34 -92.49 -69.36
C ILE DD 89 51.71 -92.67 -67.89
N PRO DD 90 51.24 -93.73 -67.23
CA PRO DD 90 51.47 -93.85 -65.79
C PRO DD 90 52.90 -94.21 -65.45
N ARG DD 91 53.20 -94.30 -64.16
CA ARG DD 91 54.54 -94.66 -63.72
C ARG DD 91 54.88 -96.11 -64.01
N VAL DD 92 53.89 -97.00 -64.00
CA VAL DD 92 54.14 -98.44 -64.07
C VAL DD 92 54.17 -98.92 -65.51
N ALA DD 93 54.17 -97.99 -66.47
CA ALA DD 93 54.04 -98.35 -67.88
C ALA DD 93 55.40 -98.72 -68.44
N THR DD 94 55.59 -100.01 -68.70
CA THR DD 94 56.79 -100.49 -69.38
C THR DD 94 56.89 -99.85 -70.76
N ALA DD 95 58.12 -99.53 -71.17
CA ALA DD 95 58.33 -98.80 -72.42
C ALA DD 95 57.78 -99.54 -73.63
N THR DD 96 57.62 -100.87 -73.55
CA THR DD 96 56.90 -101.57 -74.61
C THR DD 96 55.41 -101.23 -74.60
N ASP DD 97 54.81 -101.20 -73.40
CA ASP DD 97 53.39 -100.85 -73.30
C ASP DD 97 53.14 -99.43 -73.77
N ARG DD 98 54.03 -98.49 -73.43
CA ARG DD 98 53.85 -97.12 -73.88
C ARG DD 98 53.93 -97.01 -75.39
N ALA DD 99 54.89 -97.70 -76.01
CA ALA DD 99 54.99 -97.69 -77.46
C ALA DD 99 53.74 -98.27 -78.09
N GLU DD 100 53.24 -99.38 -77.55
CA GLU DD 100 52.01 -99.97 -78.07
C GLU DD 100 50.85 -98.98 -77.96
N ALA DD 101 50.71 -98.34 -76.79
CA ALA DD 101 49.59 -97.43 -76.61
C ALA DD 101 49.65 -96.26 -77.57
N ILE DD 102 50.82 -95.66 -77.74
CA ILE DD 102 50.94 -94.50 -78.62
C ILE DD 102 50.70 -94.91 -80.07
N LYS DD 103 51.34 -95.98 -80.52
CA LYS DD 103 51.22 -96.36 -81.92
C LYS DD 103 49.82 -96.88 -82.25
N ARG DD 104 49.11 -97.41 -81.25
CA ARG DD 104 47.72 -97.81 -81.47
C ARG DD 104 46.78 -96.61 -81.47
N ALA DD 105 47.04 -95.61 -80.63
CA ALA DD 105 46.22 -94.43 -80.64
C ALA DD 105 46.37 -93.66 -81.94
N PHE DD 106 47.60 -93.60 -82.48
CA PHE DD 106 47.82 -92.88 -83.73
C PHE DD 106 47.48 -93.70 -84.95
N ASP DD 107 47.02 -94.94 -84.79
CA ASP DD 107 46.51 -95.73 -85.90
C ASP DD 107 45.00 -95.60 -86.07
N VAL DD 108 44.36 -94.72 -85.30
CA VAL DD 108 42.93 -94.51 -85.47
C VAL DD 108 42.64 -93.96 -86.86
N LEU DD 109 43.49 -93.07 -87.35
CA LEU DD 109 43.26 -92.43 -88.65
C LEU DD 109 43.13 -93.46 -89.76
N ASN DD 110 43.83 -94.59 -89.65
CA ASN DD 110 43.74 -95.64 -90.67
C ASN DD 110 42.59 -96.61 -90.42
N ALA DD 111 41.97 -96.56 -89.26
CA ALA DD 111 40.84 -97.44 -88.96
C ALA DD 111 39.51 -96.68 -88.94
N LEU DD 112 39.48 -95.55 -88.25
CA LEU DD 112 38.30 -94.67 -88.22
C LEU DD 112 38.47 -93.54 -89.22
N ASN DD 113 38.71 -93.91 -90.47
CA ASN DD 113 39.22 -92.97 -91.46
C ASN DD 113 38.15 -91.99 -91.93
N ALA DD 114 37.02 -92.52 -92.43
CA ALA DD 114 36.02 -91.67 -93.06
C ALA DD 114 35.42 -90.69 -92.05
N GLU DD 115 35.18 -91.12 -90.82
CA GLU DD 115 34.60 -90.25 -89.82
C GLU DD 115 35.50 -89.08 -89.48
N LEU DD 116 36.82 -89.24 -89.62
CA LEU DD 116 37.77 -88.19 -89.27
C LEU DD 116 38.09 -87.28 -90.45
N ILE DD 117 38.28 -87.87 -91.63
CA ILE DD 117 38.62 -87.06 -92.80
C ILE DD 117 37.38 -86.36 -93.33
N THR DD 118 36.34 -87.12 -93.67
CA THR DD 118 35.14 -86.54 -94.25
C THR DD 118 34.30 -85.82 -93.20
N GLY DD 119 34.17 -86.40 -92.02
CA GLY DD 119 33.45 -85.75 -90.94
C GLY DD 119 31.98 -86.16 -90.88
N GLU DD 120 31.71 -87.46 -90.89
CA GLU DD 120 30.36 -87.95 -91.01
C GLU DD 120 30.29 -89.36 -90.46
N GLY DD 121 29.07 -89.86 -90.30
CA GLY DD 121 28.88 -91.28 -90.14
C GLY DD 121 28.41 -91.77 -88.79
N GLN DD 122 28.75 -93.03 -88.48
CA GLN DD 122 28.29 -93.73 -87.28
C GLN DD 122 26.75 -93.78 -87.25
N TRP DD 123 26.22 -94.54 -88.20
CA TRP DD 123 24.78 -94.74 -88.28
C TRP DD 123 24.34 -95.80 -87.30
N ALA ED 1 -113.98 63.24 8.62
CA ALA ED 1 -115.21 63.00 7.89
C ALA ED 1 -114.91 62.63 6.44
N ALA ED 2 -115.94 62.54 5.62
CA ALA ED 2 -115.74 62.25 4.20
C ALA ED 2 -114.99 63.40 3.54
N ARG ED 3 -114.02 63.06 2.70
CA ARG ED 3 -113.20 64.06 2.03
C ARG ED 3 -114.07 64.94 1.14
N SER ED 4 -113.83 66.24 1.17
CA SER ED 4 -114.60 67.20 0.40
C SER ED 4 -113.67 68.36 0.04
N SER ED 5 -114.27 69.47 -0.37
CA SER ED 5 -113.52 70.67 -0.71
C SER ED 5 -113.35 71.55 0.53
N ILE ED 6 -112.30 72.37 0.53
CA ILE ED 6 -112.02 73.31 1.60
C ILE ED 6 -111.79 74.69 1.02
N VAL ED 7 -112.07 75.72 1.82
CA VAL ED 7 -112.28 77.07 1.31
C VAL ED 7 -111.27 77.98 2.02
N LEU ED 8 -110.06 77.49 2.24
CA LEU ED 8 -108.98 78.29 2.83
C LEU ED 8 -109.02 79.73 2.34
N THR ED 9 -108.99 80.66 3.28
CA THR ED 9 -109.12 82.08 2.98
C THR ED 9 -108.20 82.87 3.89
N ASP ED 10 -108.09 84.17 3.60
CA ASP ED 10 -107.37 85.10 4.47
C ASP ED 10 -108.16 86.39 4.62
N GLY ED 11 -109.48 86.29 4.48
CA GLY ED 11 -110.34 87.44 4.67
C GLY ED 11 -110.68 88.17 3.39
N THR ED 12 -109.81 88.07 2.38
CA THR ED 12 -110.03 88.80 1.14
C THR ED 12 -110.03 87.92 -0.10
N THR ED 13 -109.15 86.92 -0.17
CA THR ED 13 -109.02 86.08 -1.37
C THR ED 13 -109.14 84.61 -0.97
N PRO ED 14 -110.37 84.07 -0.93
CA PRO ED 14 -110.54 82.65 -0.63
C PRO ED 14 -109.96 81.78 -1.73
N VAL ED 15 -109.57 80.57 -1.34
CA VAL ED 15 -109.02 79.58 -2.25
C VAL ED 15 -109.79 78.28 -2.02
N THR ED 16 -110.39 77.74 -3.08
CA THR ED 16 -111.11 76.48 -3.00
C THR ED 16 -110.16 75.35 -3.40
N LEU ED 17 -109.92 74.43 -2.49
CA LEU ED 17 -109.07 73.28 -2.74
C LEU ED 17 -109.92 72.02 -2.84
N THR ED 18 -109.48 71.08 -3.67
CA THR ED 18 -110.19 69.84 -3.91
C THR ED 18 -109.23 68.68 -3.72
N PRO ED 19 -109.71 67.53 -3.26
CA PRO ED 19 -108.82 66.39 -3.04
C PRO ED 19 -108.45 65.68 -4.33
N VAL ED 20 -107.17 65.65 -4.66
CA VAL ED 20 -106.73 65.11 -5.93
C VAL ED 20 -105.72 64.00 -5.73
N GLY ED 21 -105.83 63.28 -4.61
CA GLY ED 21 -104.94 62.18 -4.35
C GLY ED 21 -104.90 61.86 -2.88
N GLY ED 22 -103.88 61.09 -2.50
CA GLY ED 22 -103.67 60.74 -1.13
C GLY ED 22 -103.46 59.25 -0.90
N GLY ED 23 -104.05 58.74 0.17
CA GLY ED 23 -103.88 57.33 0.50
C GLY ED 23 -104.50 57.00 1.84
N VAL ED 24 -103.82 56.14 2.59
CA VAL ED 24 -104.25 55.80 3.94
C VAL ED 24 -103.51 56.72 4.91
N GLY ED 25 -104.25 57.51 5.65
CA GLY ED 25 -103.65 58.51 6.51
C GLY ED 25 -102.96 59.60 5.73
N GLN ED 26 -103.61 60.08 4.67
CA GLN ED 26 -103.06 61.14 3.83
C GLN ED 26 -104.16 61.62 2.90
N THR ED 27 -104.16 62.92 2.61
CA THR ED 27 -105.17 63.48 1.72
C THR ED 27 -104.60 64.76 1.10
N LEU ED 28 -104.08 64.64 -0.12
CA LEU ED 28 -103.60 65.81 -0.83
C LEU ED 28 -104.76 66.68 -1.29
N TYR ED 29 -104.49 67.97 -1.43
CA TYR ED 29 -105.44 68.93 -1.95
C TYR ED 29 -104.74 69.79 -2.98
N ARG ED 30 -105.53 70.41 -3.85
CA ARG ED 30 -104.96 71.37 -4.78
C ARG ED 30 -106.05 72.37 -5.18
N ALA ED 31 -105.65 73.61 -5.42
CA ALA ED 31 -106.60 74.61 -5.87
C ALA ED 31 -107.08 74.27 -7.27
N THR ED 32 -108.36 74.54 -7.52
CA THR ED 32 -108.98 74.14 -8.78
C THR ED 32 -108.22 74.71 -9.97
N ALA ED 33 -108.19 76.03 -10.09
CA ALA ED 33 -107.37 76.70 -11.10
C ALA ED 33 -107.24 78.16 -10.72
N GLU ED 34 -106.02 78.59 -10.43
CA GLU ED 34 -105.80 80.03 -10.24
C GLU ED 34 -105.57 80.72 -11.58
N ALA ED 35 -104.45 80.43 -12.24
CA ALA ED 35 -104.21 80.86 -13.61
C ALA ED 35 -103.50 79.83 -14.47
N LEU ED 36 -102.86 78.83 -13.88
CA LEU ED 36 -102.10 77.81 -14.60
C LEU ED 36 -101.73 76.74 -13.59
N SER ED 37 -100.98 75.73 -14.02
CA SER ED 37 -100.45 74.75 -13.10
C SER ED 37 -99.12 75.24 -12.52
N ALA ED 38 -98.75 74.67 -11.38
CA ALA ED 38 -97.60 75.04 -10.56
C ALA ED 38 -97.78 76.40 -9.90
N ALA ED 39 -98.88 77.10 -10.18
CA ALA ED 39 -99.22 78.35 -9.51
C ALA ED 39 -100.48 78.15 -8.68
N ASN ED 40 -100.66 76.95 -8.16
CA ASN ED 40 -101.83 76.58 -7.39
C ASN ED 40 -101.41 76.07 -6.01
N PRO ED 41 -101.98 76.61 -4.93
CA PRO ED 41 -101.61 76.14 -3.60
C PRO ED 41 -102.06 74.71 -3.35
N SER ED 42 -101.35 74.04 -2.44
CA SER ED 42 -101.69 72.68 -2.05
C SER ED 42 -101.70 72.58 -0.54
N LEU ED 43 -102.46 71.60 -0.02
CA LEU ED 43 -102.72 71.47 1.42
C LEU ED 43 -102.54 70.01 1.85
N SER ED 44 -101.36 69.45 1.60
CA SER ED 44 -101.11 68.06 1.99
C SER ED 44 -101.41 67.87 3.47
N PHE ED 45 -102.11 66.77 3.78
CA PHE ED 45 -102.61 66.55 5.14
C PHE ED 45 -102.55 65.06 5.46
N GLY ED 46 -101.73 64.70 6.44
CA GLY ED 46 -101.62 63.33 6.89
C GLY ED 46 -102.05 63.17 8.35
N TYR ED 47 -102.17 61.91 8.75
CA TYR ED 47 -102.60 61.56 10.10
C TYR ED 47 -102.31 60.09 10.33
N ARG ED 48 -101.87 59.76 11.55
CA ARG ED 48 -101.51 58.39 11.86
C ARG ED 48 -101.51 58.21 13.36
N PHE ED 49 -101.55 56.95 13.78
CA PHE ED 49 -101.48 56.56 15.19
C PHE ED 49 -100.30 55.62 15.38
N THR ED 50 -99.45 55.92 16.36
CA THR ED 50 -98.38 55.01 16.74
C THR ED 50 -98.89 53.99 17.75
N ASP ED 51 -97.96 53.32 18.44
CA ASP ED 51 -98.29 52.34 19.47
C ASP ED 51 -99.46 52.78 20.35
N GLY ED 52 -99.32 53.94 21.00
CA GLY ED 52 -100.39 54.51 21.78
C GLY ED 52 -101.32 55.34 20.91
N GLY ED 53 -102.24 56.03 21.58
CA GLY ED 53 -103.19 56.86 20.86
C GLY ED 53 -102.62 58.21 20.48
N THR ED 54 -101.33 58.25 20.17
CA THR ED 54 -100.66 59.49 19.80
C THR ED 54 -101.17 59.94 18.44
N ASN ED 55 -102.10 60.88 18.46
CA ASN ED 55 -102.78 61.35 17.25
C ASN ED 55 -101.89 62.29 16.45
N ARG ED 56 -100.84 61.77 15.83
CA ARG ED 56 -99.86 62.62 15.15
C ARG ED 56 -100.40 63.05 13.78
N GLN ED 57 -101.25 64.08 13.80
CA GLN ED 57 -101.66 64.71 12.57
C GLN ED 57 -100.54 65.60 12.03
N SER ED 58 -100.59 65.85 10.72
CA SER ED 58 -99.55 66.65 10.09
C SER ED 58 -100.16 67.40 8.91
N LEU ED 59 -99.67 68.61 8.70
CA LEU ED 59 -100.15 69.45 7.61
C LEU ED 59 -98.97 70.05 6.88
N SER ED 60 -99.22 70.48 5.65
CA SER ED 60 -98.23 71.18 4.85
C SER ED 60 -98.95 71.96 3.77
N TYR ED 61 -98.99 73.28 3.92
CA TYR ED 61 -99.62 74.16 2.95
C TYR ED 61 -98.51 74.86 2.17
N LYS ED 62 -98.55 74.72 0.85
CA LYS ED 62 -97.54 75.29 -0.04
C LYS ED 62 -98.22 76.23 -1.01
N GLN ED 63 -97.82 77.50 -0.99
CA GLN ED 63 -98.35 78.49 -1.91
C GLN ED 63 -97.22 79.01 -2.78
N PRO ED 64 -97.26 78.82 -4.09
CA PRO ED 64 -96.14 79.24 -4.94
C PRO ED 64 -96.23 80.69 -5.36
N ILE ED 65 -95.05 81.31 -5.47
CA ILE ED 65 -94.91 82.73 -5.76
C ILE ED 65 -94.70 82.88 -7.26
N THR ED 66 -95.68 83.46 -7.93
CA THR ED 66 -95.65 83.58 -9.38
C THR ED 66 -95.35 85.02 -9.78
N ALA ED 67 -94.70 85.18 -10.94
CA ALA ED 67 -94.28 86.49 -11.41
C ALA ED 67 -94.17 86.46 -12.92
N VAL ED 68 -94.42 87.62 -13.54
CA VAL ED 68 -94.38 87.72 -15.00
C VAL ED 68 -92.92 87.73 -15.47
N ASP ED 69 -92.72 87.31 -16.72
CA ASP ED 69 -91.41 87.17 -17.34
C ASP ED 69 -91.40 87.96 -18.65
N SER ED 70 -91.74 89.24 -18.57
CA SER ED 70 -92.04 90.12 -19.70
C SER ED 70 -91.14 89.93 -20.91
N THR ED 71 -89.88 89.56 -20.70
CA THR ED 71 -89.03 89.18 -21.83
C THR ED 71 -89.66 88.07 -22.66
N THR ED 72 -90.43 87.19 -22.01
CA THR ED 72 -91.22 86.17 -22.72
C THR ED 72 -92.70 86.25 -22.38
N SER ED 73 -93.08 86.96 -21.33
CA SER ED 73 -94.48 87.14 -20.92
C SER ED 73 -95.13 85.83 -20.47
N GLU ED 74 -94.32 84.90 -19.97
CA GLU ED 74 -94.82 83.63 -19.43
C GLU ED 74 -94.71 83.66 -17.91
N THR ED 75 -95.82 83.34 -17.24
CA THR ED 75 -95.93 83.52 -15.79
C THR ED 75 -95.17 82.41 -15.07
N LEU ED 76 -93.85 82.57 -15.03
CA LEU ED 76 -93.00 81.61 -14.35
C LEU ED 76 -93.17 81.71 -12.83
N VAL ED 77 -92.90 80.61 -12.14
CA VAL ED 77 -92.97 80.54 -10.68
C VAL ED 77 -91.55 80.52 -10.13
N ARG ED 78 -91.29 81.35 -9.13
CA ARG ED 78 -89.95 81.49 -8.56
C ARG ED 78 -89.70 80.49 -7.44
N GLY ED 79 -90.51 80.55 -6.37
CA GLY ED 79 -90.38 79.66 -5.24
C GLY ED 79 -91.72 79.40 -4.59
N GLN ED 80 -91.73 78.96 -3.33
CA GLN ED 80 -92.98 78.67 -2.64
C GLN ED 80 -92.84 78.99 -1.16
N CYS ED 81 -93.96 79.39 -0.56
CA CYS ED 81 -94.07 79.57 0.88
C CYS ED 81 -94.67 78.31 1.48
N VAL ED 82 -94.00 77.78 2.49
CA VAL ED 82 -94.34 76.48 3.09
C VAL ED 82 -94.70 76.70 4.54
N VAL ED 83 -95.85 76.18 4.96
CA VAL ED 83 -96.28 76.23 6.35
C VAL ED 83 -96.61 74.81 6.81
N ASP ED 84 -95.93 74.34 7.84
CA ASP ED 84 -96.14 73.00 8.37
C ASP ED 84 -96.74 73.11 9.77
N ILE ED 85 -97.95 72.60 9.95
CA ILE ED 85 -98.57 72.59 11.26
C ILE ED 85 -98.68 71.15 11.75
N ASN ED 86 -97.66 70.69 12.47
CA ASN ED 86 -97.72 69.36 13.06
C ASN ED 86 -98.43 69.39 14.40
N ILE ED 87 -99.18 68.34 14.68
CA ILE ED 87 -99.94 68.21 15.92
C ILE ED 87 -99.71 66.83 16.49
N VAL ED 88 -99.41 66.77 17.79
CA VAL ED 88 -99.25 65.49 18.48
C VAL ED 88 -100.06 65.56 19.77
N ILE ED 89 -101.01 64.65 19.91
CA ILE ED 89 -101.85 64.55 21.10
C ILE ED 89 -101.74 63.13 21.63
N PRO ED 90 -101.31 62.93 22.87
CA PRO ED 90 -101.13 61.56 23.38
C PRO ED 90 -102.48 60.92 23.71
N ARG ED 91 -102.42 59.62 23.99
CA ARG ED 91 -103.63 58.87 24.32
C ARG ED 91 -104.25 59.35 25.63
N VAL ED 92 -103.42 59.79 26.57
CA VAL ED 92 -103.86 60.16 27.91
C VAL ED 92 -104.58 61.50 27.89
N ALA ED 93 -104.71 62.09 26.71
CA ALA ED 93 -105.26 63.43 26.58
C ALA ED 93 -106.78 63.41 26.70
N THR ED 94 -107.30 64.26 27.58
CA THR ED 94 -108.74 64.46 27.66
C THR ED 94 -109.23 65.11 26.38
N ALA ED 95 -110.50 64.84 26.03
CA ALA ED 95 -111.09 65.43 24.84
C ALA ED 95 -111.16 66.94 24.89
N THR ED 96 -111.07 67.54 26.09
CA THR ED 96 -111.06 68.99 26.21
C THR ED 96 -109.65 69.58 26.18
N ASP ED 97 -108.63 68.79 26.53
CA ASP ED 97 -107.26 69.26 26.43
C ASP ED 97 -106.82 69.40 24.98
N ARG ED 98 -107.28 68.48 24.13
CA ARG ED 98 -106.89 68.54 22.72
C ARG ED 98 -107.43 69.80 22.05
N ALA ED 99 -108.70 70.10 22.25
CA ALA ED 99 -109.28 71.31 21.65
C ALA ED 99 -108.62 72.56 22.20
N GLU ED 100 -108.37 72.59 23.51
CA GLU ED 100 -107.69 73.72 24.14
C GLU ED 100 -106.33 73.95 23.49
N ALA ED 101 -105.53 72.89 23.40
CA ALA ED 101 -104.18 73.02 22.84
C ALA ED 101 -104.24 73.47 21.39
N ILE ED 102 -105.11 72.87 20.59
CA ILE ED 102 -105.16 73.20 19.17
C ILE ED 102 -105.54 74.66 18.97
N LYS ED 103 -106.62 75.10 19.62
CA LYS ED 103 -107.06 76.47 19.42
C LYS ED 103 -106.06 77.48 19.96
N ARG ED 104 -105.46 77.19 21.12
CA ARG ED 104 -104.47 78.10 21.67
C ARG ED 104 -103.26 78.22 20.75
N ALA ED 105 -102.76 77.11 20.24
CA ALA ED 105 -101.61 77.16 19.34
C ALA ED 105 -101.94 77.85 18.04
N PHE ED 106 -103.18 77.72 17.54
CA PHE ED 106 -103.56 78.45 16.34
C PHE ED 106 -103.81 79.93 16.60
N ASP ED 107 -104.04 80.32 17.85
CA ASP ED 107 -104.20 81.73 18.18
C ASP ED 107 -102.88 82.50 18.19
N VAL ED 108 -101.77 81.84 17.85
CA VAL ED 108 -100.47 82.50 17.87
C VAL ED 108 -100.45 83.69 16.92
N LEU ED 109 -100.95 83.49 15.70
CA LEU ED 109 -100.93 84.55 14.70
C LEU ED 109 -101.68 85.78 15.18
N ASN ED 110 -102.77 85.59 15.92
CA ASN ED 110 -103.44 86.73 16.54
C ASN ED 110 -102.58 87.33 17.64
N ALA ED 111 -101.89 86.49 18.42
CA ALA ED 111 -101.07 87.01 19.51
C ALA ED 111 -99.70 87.47 19.03
N LEU ED 112 -98.91 86.54 18.48
CA LEU ED 112 -97.54 86.83 18.05
C LEU ED 112 -97.52 87.23 16.57
N ASN ED 113 -98.21 88.33 16.28
CA ASN ED 113 -98.55 88.65 14.89
C ASN ED 113 -97.34 89.18 14.12
N ALA ED 114 -96.78 90.31 14.58
CA ALA ED 114 -95.85 91.08 13.76
C ALA ED 114 -94.61 90.31 13.35
N GLU ED 115 -94.20 89.31 14.12
CA GLU ED 115 -93.00 88.55 13.79
C GLU ED 115 -93.26 87.45 12.78
N LEU ED 116 -94.52 87.12 12.51
CA LEU ED 116 -94.88 86.11 11.52
C LEU ED 116 -95.26 86.74 10.18
N ILE ED 117 -96.20 87.68 10.21
CA ILE ED 117 -96.68 88.31 8.97
C ILE ED 117 -95.55 89.06 8.29
N THR ED 118 -94.82 89.88 9.04
CA THR ED 118 -93.85 90.79 8.46
C THR ED 118 -92.48 90.16 8.29
N GLY ED 119 -92.13 89.19 9.13
CA GLY ED 119 -90.85 88.53 9.03
C GLY ED 119 -89.73 89.15 9.83
N GLU ED 120 -89.99 90.23 10.56
CA GLU ED 120 -88.95 90.86 11.34
C GLU ED 120 -88.51 89.97 12.48
N GLY ED 121 -87.24 90.11 12.88
CA GLY ED 121 -86.68 89.34 13.95
C GLY ED 121 -86.71 90.15 15.24
N GLN ED 122 -87.41 89.61 16.23
CA GLN ED 122 -87.56 90.31 17.49
C GLN ED 122 -86.24 90.41 18.23
N TRP ED 123 -86.05 91.53 18.92
CA TRP ED 123 -84.80 91.81 19.60
C TRP ED 123 -84.96 91.74 21.11
N ALA FD 1 -118.21 69.11 -8.73
CA ALA FD 1 -117.42 67.98 -9.20
C ALA FD 1 -117.50 66.81 -8.22
N ALA FD 2 -118.62 66.68 -7.54
CA ALA FD 2 -118.89 65.54 -6.70
C ALA FD 2 -119.33 64.35 -7.53
N ARG FD 3 -119.29 63.17 -6.92
CA ARG FD 3 -119.64 61.95 -7.63
C ARG FD 3 -121.14 61.80 -7.73
N SER FD 4 -121.65 61.70 -8.96
CA SER FD 4 -123.07 61.51 -9.20
C SER FD 4 -123.23 60.75 -10.52
N SER FD 5 -124.47 60.41 -10.85
CA SER FD 5 -124.74 59.69 -12.08
C SER FD 5 -124.48 60.58 -13.29
N ILE FD 6 -123.92 59.98 -14.34
CA ILE FD 6 -123.64 60.66 -15.59
C ILE FD 6 -124.43 59.99 -16.70
N VAL FD 7 -124.70 60.76 -17.76
CA VAL FD 7 -125.72 60.39 -18.74
C VAL FD 7 -125.08 60.29 -20.12
N LEU FD 8 -123.88 59.71 -20.19
CA LEU FD 8 -123.22 59.41 -21.45
C LEU FD 8 -124.22 58.99 -22.53
N THR FD 9 -124.14 59.64 -23.69
CA THR FD 9 -125.09 59.37 -24.76
C THR FD 9 -124.41 59.59 -26.10
N ASP FD 10 -124.94 58.93 -27.12
CA ASP FD 10 -124.46 59.08 -28.49
C ASP FD 10 -125.42 59.89 -29.37
N GLY FD 11 -126.56 60.30 -28.82
CA GLY FD 11 -127.54 61.02 -29.60
C GLY FD 11 -128.85 60.27 -29.69
N THR FD 12 -128.76 58.95 -29.83
CA THR FD 12 -129.95 58.11 -29.97
C THR FD 12 -130.39 57.52 -28.64
N THR FD 13 -129.52 56.75 -27.99
CA THR FD 13 -129.87 56.05 -26.77
C THR FD 13 -128.95 56.49 -25.64
N PRO FD 14 -129.43 57.25 -24.66
CA PRO FD 14 -128.60 57.60 -23.52
C PRO FD 14 -128.45 56.44 -22.55
N VAL FD 15 -127.27 56.33 -21.95
CA VAL FD 15 -127.00 55.35 -20.90
C VAL FD 15 -126.57 56.09 -19.66
N THR FD 16 -127.20 55.78 -18.54
CA THR FD 16 -126.94 56.46 -17.27
C THR FD 16 -126.02 55.58 -16.42
N LEU FD 17 -124.80 56.05 -16.21
CA LEU FD 17 -123.84 55.34 -15.37
C LEU FD 17 -123.86 55.92 -13.96
N THR FD 18 -123.95 55.05 -12.96
CA THR FD 18 -123.91 55.46 -11.57
C THR FD 18 -122.61 55.00 -10.93
N PRO FD 19 -122.09 55.73 -9.94
CA PRO FD 19 -120.83 55.31 -9.32
C PRO FD 19 -121.00 53.97 -8.60
N VAL FD 20 -119.94 53.17 -8.65
CA VAL FD 20 -119.91 51.89 -7.95
C VAL FD 20 -118.61 51.76 -7.18
N GLY FD 21 -117.99 52.89 -6.86
CA GLY FD 21 -116.83 52.84 -5.98
C GLY FD 21 -115.64 53.66 -6.42
N GLY FD 22 -114.45 53.20 -6.04
CA GLY FD 22 -113.22 53.82 -6.49
C GLY FD 22 -112.35 54.41 -5.40
N GLY FD 23 -112.95 55.13 -4.46
CA GLY FD 23 -112.14 55.79 -3.45
C GLY FD 23 -111.48 57.05 -3.94
N VAL FD 24 -110.33 57.40 -3.38
CA VAL FD 24 -109.61 58.63 -3.75
C VAL FD 24 -108.67 58.32 -4.89
N GLY FD 25 -108.56 59.24 -5.84
CA GLY FD 25 -107.72 59.05 -6.99
C GLY FD 25 -108.35 58.33 -8.16
N GLN FD 26 -109.60 57.88 -8.03
CA GLN FD 26 -110.28 57.23 -9.14
C GLN FD 26 -111.77 57.18 -8.83
N THR FD 27 -112.54 56.74 -9.82
CA THR FD 27 -113.99 56.60 -9.68
C THR FD 27 -114.46 55.59 -10.71
N LEU FD 28 -115.16 54.56 -10.26
CA LEU FD 28 -115.73 53.57 -11.16
C LEU FD 28 -117.20 53.86 -11.38
N TYR FD 29 -117.63 53.76 -12.62
CA TYR FD 29 -119.04 53.93 -12.97
C TYR FD 29 -119.56 52.64 -13.56
N ARG FD 30 -120.89 52.51 -13.58
CA ARG FD 30 -121.53 51.38 -14.22
C ARG FD 30 -123.02 51.64 -14.38
N ALA FD 31 -123.60 51.27 -15.52
CA ALA FD 31 -125.02 51.41 -15.73
C ALA FD 31 -125.76 50.24 -15.08
N THR FD 32 -127.09 50.27 -15.14
CA THR FD 32 -127.85 49.16 -14.56
C THR FD 32 -127.94 47.98 -15.52
N ALA FD 33 -128.68 48.15 -16.62
CA ALA FD 33 -128.93 47.09 -17.61
C ALA FD 33 -129.09 45.74 -16.93
N GLU FD 34 -129.92 45.73 -15.89
CA GLU FD 34 -129.94 44.64 -14.93
C GLU FD 34 -130.31 43.32 -15.60
N ALA FD 35 -129.82 42.21 -15.03
CA ALA FD 35 -130.16 40.88 -15.49
C ALA FD 35 -129.76 40.70 -16.96
N LEU FD 36 -128.45 40.65 -17.19
CA LEU FD 36 -127.37 40.39 -16.25
C LEU FD 36 -126.74 41.67 -15.72
N SER FD 37 -125.97 41.57 -14.64
CA SER FD 37 -125.33 42.73 -14.04
C SER FD 37 -123.95 43.02 -14.60
N ALA FD 38 -123.32 42.06 -15.24
CA ALA FD 38 -122.02 42.26 -15.88
C ALA FD 38 -122.14 42.64 -17.34
N ALA FD 39 -123.35 42.73 -17.87
CA ALA FD 39 -123.57 43.11 -19.25
C ALA FD 39 -124.05 44.56 -19.35
N ASN FD 40 -123.20 45.49 -18.92
CA ASN FD 40 -123.52 46.91 -19.01
C ASN FD 40 -122.21 47.70 -19.01
N PRO FD 41 -122.21 48.89 -19.61
CA PRO FD 41 -120.97 49.64 -19.77
C PRO FD 41 -120.43 50.19 -18.45
N SER FD 42 -119.14 50.51 -18.47
CA SER FD 42 -118.45 51.03 -17.30
C SER FD 42 -117.46 52.10 -17.74
N LEU FD 43 -117.11 52.99 -16.81
CA LEU FD 43 -116.32 54.19 -17.10
C LEU FD 43 -115.21 54.40 -16.08
N SER FD 44 -114.34 53.41 -15.92
CA SER FD 44 -113.25 53.55 -14.95
C SER FD 44 -112.45 54.82 -15.20
N PHE FD 45 -112.54 55.76 -14.27
CA PHE FD 45 -111.93 57.09 -14.44
C PHE FD 45 -110.99 57.36 -13.27
N GLY FD 46 -109.71 57.52 -13.56
CA GLY FD 46 -108.71 57.83 -12.55
C GLY FD 46 -107.96 59.11 -12.87
N TYR FD 47 -107.26 59.62 -11.85
CA TYR FD 47 -106.53 60.88 -11.96
C TYR FD 47 -105.54 60.95 -10.81
N ARG FD 48 -104.44 61.66 -11.04
CA ARG FD 48 -103.41 61.82 -10.03
C ARG FD 48 -102.51 62.98 -10.43
N PHE FD 49 -101.64 63.38 -9.51
CA PHE FD 49 -100.62 64.39 -9.75
C PHE FD 49 -99.27 63.82 -9.37
N THR FD 50 -98.31 63.90 -10.29
CA THR FD 50 -96.98 63.37 -10.05
C THR FD 50 -96.16 64.34 -9.22
N ASP FD 51 -94.84 64.13 -9.20
CA ASP FD 51 -93.93 64.99 -8.44
C ASP FD 51 -94.15 66.46 -8.77
N GLY FD 52 -94.29 66.77 -10.06
CA GLY FD 52 -94.59 68.13 -10.46
C GLY FD 52 -96.09 68.39 -10.39
N GLY FD 53 -96.59 69.16 -11.35
CA GLY FD 53 -98.02 69.39 -11.45
C GLY FD 53 -98.60 68.63 -12.61
N THR FD 54 -97.89 67.60 -13.06
CA THR FD 54 -98.29 66.83 -14.23
C THR FD 54 -99.55 66.06 -13.92
N ASN FD 55 -100.68 66.57 -14.37
CA ASN FD 55 -101.98 65.94 -14.14
C ASN FD 55 -102.13 64.79 -15.13
N ARG FD 56 -102.20 63.57 -14.62
CA ARG FD 56 -102.33 62.38 -15.48
C ARG FD 56 -103.71 61.78 -15.29
N GLN FD 57 -104.67 62.27 -16.07
CA GLN FD 57 -106.00 61.71 -16.04
C GLN FD 57 -106.09 60.52 -16.97
N SER FD 58 -107.05 59.64 -16.71
CA SER FD 58 -107.18 58.43 -17.50
C SER FD 58 -108.60 57.88 -17.45
N LEU FD 59 -109.19 57.64 -18.61
CA LEU FD 59 -110.54 57.10 -18.67
C LEU FD 59 -110.52 55.79 -19.45
N SER FD 60 -111.37 54.87 -19.06
CA SER FD 60 -111.50 53.60 -19.76
C SER FD 60 -112.98 53.25 -19.78
N TYR FD 61 -113.59 53.34 -20.96
CA TYR FD 61 -115.00 53.06 -21.15
C TYR FD 61 -115.13 51.71 -21.84
N LYS FD 62 -115.80 50.76 -21.18
CA LYS FD 62 -116.01 49.43 -21.72
C LYS FD 62 -117.50 49.19 -21.92
N GLN FD 63 -117.87 48.76 -23.12
CA GLN FD 63 -119.25 48.43 -23.41
C GLN FD 63 -119.33 46.98 -23.87
N PRO FD 64 -119.99 46.10 -23.13
CA PRO FD 64 -120.06 44.70 -23.54
C PRO FD 64 -121.14 44.46 -24.58
N ILE FD 65 -120.92 43.45 -25.40
CA ILE FD 65 -121.80 43.09 -26.50
C ILE FD 65 -122.69 41.95 -26.03
N THR FD 66 -123.97 42.21 -25.89
CA THR FD 66 -124.92 41.26 -25.35
C THR FD 66 -125.61 40.49 -26.48
N ALA FD 67 -126.26 39.39 -26.10
CA ALA FD 67 -127.00 38.58 -27.05
C ALA FD 67 -128.02 37.77 -26.26
N VAL FD 68 -129.29 38.14 -26.37
CA VAL FD 68 -130.34 37.47 -25.60
C VAL FD 68 -130.62 36.12 -26.23
N ASP FD 69 -130.25 35.05 -25.56
CA ASP FD 69 -130.40 33.69 -26.05
C ASP FD 69 -131.85 33.27 -25.87
N SER FD 70 -132.63 33.36 -26.95
CA SER FD 70 -134.07 33.08 -26.86
C SER FD 70 -134.37 31.65 -26.44
N THR FD 71 -133.47 30.71 -26.70
CA THR FD 71 -133.69 29.33 -26.30
C THR FD 71 -133.77 29.20 -24.78
N THR FD 72 -132.79 29.77 -24.09
CA THR FD 72 -132.69 29.66 -22.63
C THR FD 72 -133.19 30.91 -21.92
N SER FD 73 -133.30 32.03 -22.63
CA SER FD 73 -133.72 33.33 -22.09
C SER FD 73 -132.73 33.83 -21.03
N GLU FD 74 -131.46 33.90 -21.44
CA GLU FD 74 -130.42 34.47 -20.62
C GLU FD 74 -129.54 35.35 -21.50
N THR FD 75 -128.99 36.40 -20.91
CA THR FD 75 -128.13 37.32 -21.64
C THR FD 75 -126.69 36.81 -21.61
N LEU FD 76 -126.08 36.70 -22.78
CA LEU FD 76 -124.72 36.22 -22.92
C LEU FD 76 -123.83 37.37 -23.34
N VAL FD 77 -122.59 37.37 -22.85
CA VAL FD 77 -121.63 38.42 -23.14
C VAL FD 77 -120.59 37.85 -24.10
N ARG FD 78 -120.50 38.44 -25.29
CA ARG FD 78 -119.63 37.92 -26.34
C ARG FD 78 -118.27 38.62 -26.37
N GLY FD 79 -118.21 39.86 -25.90
CA GLY FD 79 -116.97 40.61 -25.91
C GLY FD 79 -117.24 42.02 -25.42
N GLN FD 80 -116.24 42.88 -25.55
CA GLN FD 80 -116.44 44.26 -25.13
C GLN FD 80 -115.62 45.22 -25.97
N CYS FD 81 -116.24 46.33 -26.35
CA CYS FD 81 -115.54 47.43 -26.99
C CYS FD 81 -114.93 48.32 -25.91
N VAL FD 82 -113.63 48.56 -26.01
CA VAL FD 82 -112.88 49.28 -25.01
C VAL FD 82 -112.33 50.56 -25.64
N VAL FD 83 -112.53 51.68 -24.96
CA VAL FD 83 -112.00 52.97 -25.38
C VAL FD 83 -111.20 53.55 -24.23
N ASP FD 84 -109.89 53.70 -24.42
CA ASP FD 84 -109.02 54.30 -23.41
C ASP FD 84 -108.65 55.71 -23.84
N ILE FD 85 -108.66 56.63 -22.88
CA ILE FD 85 -108.36 58.04 -23.13
C ILE FD 85 -107.41 58.48 -22.03
N ASN FD 86 -106.12 58.56 -22.34
CA ASN FD 86 -105.17 59.09 -21.37
C ASN FD 86 -104.88 60.54 -21.67
N ILE FD 87 -104.79 61.34 -20.61
CA ILE FD 87 -104.56 62.77 -20.73
C ILE FD 87 -103.40 63.13 -19.82
N VAL FD 88 -102.33 63.67 -20.40
CA VAL FD 88 -101.19 64.14 -19.63
C VAL FD 88 -101.08 65.64 -19.81
N ILE FD 89 -101.08 66.36 -18.70
CA ILE FD 89 -100.95 67.82 -18.74
C ILE FD 89 -99.73 68.22 -17.94
N PRO FD 90 -98.72 68.83 -18.55
CA PRO FD 90 -97.49 69.12 -17.82
C PRO FD 90 -97.66 70.22 -16.78
N ARG FD 91 -96.61 70.42 -15.98
CA ARG FD 91 -96.62 71.41 -14.93
C ARG FD 91 -96.75 72.83 -15.46
N VAL FD 92 -96.33 73.08 -16.70
CA VAL FD 92 -96.19 74.43 -17.24
C VAL FD 92 -97.40 74.83 -18.08
N ALA FD 93 -98.49 74.09 -18.01
CA ALA FD 93 -99.62 74.29 -18.92
C ALA FD 93 -100.58 75.32 -18.35
N THR FD 94 -100.93 76.31 -19.17
CA THR FD 94 -101.88 77.33 -18.78
C THR FD 94 -103.29 76.73 -18.69
N ALA FD 95 -104.19 77.46 -18.02
CA ALA FD 95 -105.54 76.99 -17.80
C ALA FD 95 -106.39 76.98 -19.06
N THR FD 96 -106.03 77.74 -20.09
CA THR FD 96 -106.78 77.72 -21.35
C THR FD 96 -106.16 76.79 -22.38
N ASP FD 97 -104.84 76.55 -22.29
CA ASP FD 97 -104.21 75.56 -23.14
C ASP FD 97 -104.73 74.16 -22.83
N ARG FD 98 -105.02 73.87 -21.56
CA ARG FD 98 -105.68 72.61 -21.21
C ARG FD 98 -106.99 72.46 -21.97
N ALA FD 99 -107.86 73.47 -21.91
CA ALA FD 99 -109.14 73.38 -22.58
C ALA FD 99 -108.95 73.24 -24.09
N GLU FD 100 -108.03 74.00 -24.67
CA GLU FD 100 -107.76 73.89 -26.10
C GLU FD 100 -107.36 72.47 -26.46
N ALA FD 101 -106.37 71.91 -25.74
CA ALA FD 101 -105.87 70.58 -26.08
C ALA FD 101 -106.96 69.53 -25.93
N ILE FD 102 -107.70 69.57 -24.82
CA ILE FD 102 -108.70 68.54 -24.57
C ILE FD 102 -109.83 68.62 -25.59
N LYS FD 103 -110.37 69.82 -25.80
CA LYS FD 103 -111.50 69.93 -26.73
C LYS FD 103 -111.08 69.71 -28.16
N ARG FD 104 -109.80 69.89 -28.48
CA ARG FD 104 -109.33 69.58 -29.83
C ARG FD 104 -109.14 68.08 -30.01
N ALA FD 105 -108.57 67.40 -29.00
CA ALA FD 105 -108.39 65.96 -29.09
C ALA FD 105 -109.74 65.24 -29.15
N PHE FD 106 -110.71 65.69 -28.35
CA PHE FD 106 -112.03 65.08 -28.40
C PHE FD 106 -112.83 65.50 -29.62
N ASP FD 107 -112.32 66.43 -30.42
CA ASP FD 107 -112.95 66.81 -31.68
C ASP FD 107 -112.49 65.96 -32.84
N VAL FD 108 -111.65 64.95 -32.59
CA VAL FD 108 -111.20 64.06 -33.65
C VAL FD 108 -112.39 63.33 -34.28
N LEU FD 109 -113.31 62.88 -33.44
CA LEU FD 109 -114.47 62.13 -33.93
C LEU FD 109 -115.24 62.92 -34.98
N ASN FD 110 -115.25 64.25 -34.89
CA ASN FD 110 -115.89 65.04 -35.93
C ASN FD 110 -114.99 65.27 -37.13
N ALA FD 111 -113.68 65.09 -36.98
CA ALA FD 111 -112.77 65.24 -38.10
C ALA FD 111 -112.45 63.88 -38.74
N LEU FD 112 -111.92 62.97 -37.94
CA LEU FD 112 -111.57 61.62 -38.41
C LEU FD 112 -112.75 60.68 -38.21
N ASN FD 113 -113.90 61.08 -38.76
CA ASN FD 113 -115.16 60.43 -38.41
C ASN FD 113 -115.28 59.05 -39.06
N ALA FD 114 -115.17 58.98 -40.38
CA ALA FD 114 -115.40 57.72 -41.07
C ALA FD 114 -114.38 56.66 -40.70
N GLU FD 115 -113.19 57.06 -40.24
CA GLU FD 115 -112.19 56.08 -39.85
C GLU FD 115 -112.44 55.51 -38.46
N LEU FD 116 -113.42 56.03 -37.72
CA LEU FD 116 -113.72 55.54 -36.38
C LEU FD 116 -115.13 54.97 -36.27
N ILE FD 117 -116.13 55.67 -36.80
CA ILE FD 117 -117.51 55.20 -36.68
C ILE FD 117 -117.72 53.93 -37.49
N THR FD 118 -117.19 53.87 -38.71
CA THR FD 118 -117.38 52.73 -39.58
C THR FD 118 -116.21 51.76 -39.57
N GLY FD 119 -115.03 52.20 -39.14
CA GLY FD 119 -113.88 51.33 -39.04
C GLY FD 119 -113.00 51.26 -40.26
N GLU FD 120 -113.20 52.14 -41.24
CA GLU FD 120 -112.39 52.12 -42.46
C GLU FD 120 -110.94 52.47 -42.14
N GLY FD 121 -110.11 52.39 -43.17
CA GLY FD 121 -108.78 52.96 -43.11
C GLY FD 121 -108.62 53.90 -44.29
N GLN FD 122 -107.94 55.00 -44.05
CA GLN FD 122 -107.76 56.00 -45.09
C GLN FD 122 -106.76 55.52 -46.12
N TRP FD 123 -107.11 55.71 -47.40
CA TRP FD 123 -106.28 55.20 -48.49
C TRP FD 123 -105.48 56.29 -49.18
N ALA GD 1 -112.20 58.27 -45.90
CA ALA GD 1 -111.75 58.79 -47.18
C ALA GD 1 -110.23 58.88 -47.22
N ALA GD 2 -109.69 59.45 -48.28
CA ALA GD 2 -108.25 59.53 -48.45
C ALA GD 2 -107.64 60.51 -47.44
N ARG GD 3 -106.33 60.37 -47.23
CA ARG GD 3 -105.62 61.27 -46.33
C ARG GD 3 -105.79 62.71 -46.80
N SER GD 4 -106.46 63.53 -46.00
CA SER GD 4 -106.70 64.92 -46.38
C SER GD 4 -106.34 65.85 -45.24
N SER GD 5 -106.74 67.11 -45.34
CA SER GD 5 -106.49 68.09 -44.29
C SER GD 5 -107.66 68.12 -43.32
N ILE GD 6 -107.37 67.91 -42.04
CA ILE GD 6 -108.40 67.90 -41.01
C ILE GD 6 -108.38 69.25 -40.29
N VAL GD 7 -109.52 69.58 -39.67
CA VAL GD 7 -109.78 70.94 -39.21
C VAL GD 7 -110.04 70.86 -37.69
N LEU GD 8 -109.28 70.01 -37.02
CA LEU GD 8 -109.34 69.87 -35.56
C LEU GD 8 -109.50 71.21 -34.87
N THR GD 9 -110.59 71.38 -34.14
CA THR GD 9 -110.96 72.67 -33.56
C THR GD 9 -111.44 72.46 -32.13
N ASP GD 10 -111.85 73.56 -31.49
CA ASP GD 10 -112.46 73.49 -30.17
C ASP GD 10 -113.65 74.42 -30.03
N GLY GD 11 -114.18 74.95 -31.14
CA GLY GD 11 -115.29 75.86 -31.12
C GLY GD 11 -114.90 77.32 -31.29
N THR GD 12 -113.68 77.67 -30.92
CA THR GD 12 -113.18 79.03 -31.06
C THR GD 12 -111.98 79.14 -31.98
N THR GD 13 -110.94 78.34 -31.76
CA THR GD 13 -109.68 78.47 -32.47
C THR GD 13 -109.38 77.19 -33.25
N PRO GD 14 -109.75 77.11 -34.53
CA PRO GD 14 -109.46 75.92 -35.31
C PRO GD 14 -107.99 75.80 -35.66
N VAL GD 15 -107.57 74.58 -35.92
CA VAL GD 15 -106.22 74.28 -36.38
C VAL GD 15 -106.31 73.27 -37.52
N THR GD 16 -105.67 73.55 -38.64
CA THR GD 16 -105.71 72.68 -39.80
C THR GD 16 -104.44 71.85 -39.85
N LEU GD 17 -104.61 70.53 -40.00
CA LEU GD 17 -103.50 69.59 -40.00
C LEU GD 17 -103.46 68.85 -41.33
N THR GD 18 -102.26 68.73 -41.91
CA THR GD 18 -102.08 68.03 -43.17
C THR GD 18 -101.10 66.89 -42.99
N PRO GD 19 -101.34 65.75 -43.65
CA PRO GD 19 -100.51 64.56 -43.41
C PRO GD 19 -99.04 64.82 -43.72
N VAL GD 20 -98.17 64.24 -42.89
CA VAL GD 20 -96.76 64.61 -42.91
C VAL GD 20 -95.94 63.32 -43.03
N GLY GD 21 -96.61 62.21 -43.16
CA GLY GD 21 -95.89 60.96 -43.32
C GLY GD 21 -96.76 59.78 -42.95
N GLY GD 22 -96.10 58.74 -42.43
CA GLY GD 22 -96.80 57.55 -42.00
C GLY GD 22 -96.49 56.32 -42.83
N GLY GD 23 -97.53 55.61 -43.26
CA GLY GD 23 -97.37 54.39 -44.01
C GLY GD 23 -98.69 53.69 -44.24
N VAL GD 24 -98.71 52.37 -44.00
CA VAL GD 24 -99.94 51.60 -44.04
C VAL GD 24 -100.43 51.40 -42.61
N GLY GD 25 -101.68 51.75 -42.35
CA GLY GD 25 -102.18 51.75 -41.00
C GLY GD 25 -101.39 52.70 -40.11
N GLN GD 26 -101.10 53.89 -40.63
CA GLN GD 26 -100.37 54.91 -39.89
C GLN GD 26 -100.48 56.22 -40.66
N THR GD 27 -100.69 57.32 -39.93
CA THR GD 27 -100.92 58.60 -40.59
C THR GD 27 -100.53 59.71 -39.62
N LEU GD 28 -99.43 60.40 -39.92
CA LEU GD 28 -99.06 61.56 -39.12
C LEU GD 28 -99.88 62.78 -39.54
N TYR GD 29 -99.77 63.83 -38.75
CA TYR GD 29 -100.40 65.11 -39.06
C TYR GD 29 -99.56 66.21 -38.43
N ARG GD 30 -99.77 67.44 -38.90
CA ARG GD 30 -99.16 68.61 -38.31
C ARG GD 30 -99.79 69.85 -38.95
N ALA GD 31 -99.63 70.98 -38.27
CA ALA GD 31 -100.21 72.24 -38.72
C ALA GD 31 -99.17 73.04 -39.51
N THR GD 32 -99.49 74.31 -39.80
CA THR GD 32 -98.72 75.09 -40.76
C THR GD 32 -97.66 75.98 -40.11
N ALA GD 33 -97.77 76.30 -38.82
CA ALA GD 33 -96.79 77.16 -38.18
C ALA GD 33 -95.45 76.43 -38.03
N GLU GD 34 -94.37 77.18 -37.86
CA GLU GD 34 -93.02 76.63 -37.92
C GLU GD 34 -92.26 77.00 -36.64
N ALA GD 35 -91.59 76.02 -36.06
CA ALA GD 35 -90.79 76.23 -34.86
C ALA GD 35 -89.63 75.26 -34.86
N LEU GD 36 -88.77 75.36 -33.85
CA LEU GD 36 -87.49 74.64 -33.84
C LEU GD 36 -87.59 73.28 -33.16
N SER GD 37 -88.02 73.24 -31.90
CA SER GD 37 -88.07 71.98 -31.15
C SER GD 37 -89.41 71.27 -31.34
N ALA GD 38 -90.51 71.92 -30.95
CA ALA GD 38 -91.85 71.37 -31.14
C ALA GD 38 -92.63 72.33 -32.01
N ALA GD 39 -93.01 71.85 -33.20
CA ALA GD 39 -93.61 72.76 -34.17
C ALA GD 39 -95.08 73.02 -33.88
N ASN GD 40 -95.90 71.98 -33.94
CA ASN GD 40 -97.35 72.16 -33.97
C ASN GD 40 -98.06 70.97 -33.36
N PRO GD 41 -99.39 71.00 -33.25
CA PRO GD 41 -100.13 69.78 -32.91
C PRO GD 41 -99.87 68.68 -33.93
N SER GD 42 -99.70 67.46 -33.43
CA SER GD 42 -99.30 66.32 -34.26
C SER GD 42 -100.16 65.12 -33.90
N LEU GD 43 -101.20 64.88 -34.68
CA LEU GD 43 -102.18 63.81 -34.41
C LEU GD 43 -101.80 62.56 -35.19
N SER GD 44 -101.19 61.60 -34.51
CA SER GD 44 -100.88 60.33 -35.15
C SER GD 44 -102.08 59.39 -35.08
N PHE GD 45 -102.23 58.55 -36.09
CA PHE GD 45 -103.38 57.65 -36.22
C PHE GD 45 -102.87 56.28 -36.66
N GLY GD 46 -102.95 55.30 -35.77
CA GLY GD 46 -102.26 54.03 -35.98
C GLY GD 46 -103.10 52.78 -36.08
N TYR GD 47 -104.22 52.85 -36.81
CA TYR GD 47 -105.14 51.72 -36.90
C TYR GD 47 -104.46 50.49 -37.49
N ARG GD 48 -104.99 49.32 -37.12
CA ARG GD 48 -104.49 48.02 -37.59
C ARG GD 48 -105.56 46.97 -37.29
N PHE GD 49 -105.25 45.73 -37.65
CA PHE GD 49 -106.11 44.58 -37.35
C PHE GD 49 -105.28 43.53 -36.62
N THR GD 50 -105.91 42.42 -36.27
CA THR GD 50 -105.29 41.42 -35.41
C THR GD 50 -105.79 40.05 -35.88
N ASP GD 51 -105.63 39.03 -35.03
CA ASP GD 51 -106.01 37.67 -35.38
C ASP GD 51 -107.48 37.59 -35.80
N GLY GD 52 -108.35 38.19 -35.01
CA GLY GD 52 -109.75 38.32 -35.37
C GLY GD 52 -110.01 39.61 -36.10
N GLY GD 53 -111.26 40.06 -36.03
CA GLY GD 53 -111.60 41.36 -36.57
C GLY GD 53 -111.32 42.45 -35.56
N THR GD 54 -110.32 42.23 -34.70
CA THR GD 54 -110.05 43.12 -33.59
C THR GD 54 -109.43 44.41 -34.10
N ASN GD 55 -110.28 45.35 -34.49
CA ASN GD 55 -109.83 46.62 -35.04
C ASN GD 55 -109.18 47.43 -33.93
N ARG GD 56 -107.85 47.39 -33.86
CA ARG GD 56 -107.12 47.99 -32.76
C ARG GD 56 -106.59 49.36 -33.16
N GLN GD 57 -107.52 50.31 -33.28
CA GLN GD 57 -107.15 51.67 -33.62
C GLN GD 57 -106.42 52.33 -32.46
N SER GD 58 -105.75 53.44 -32.75
CA SER GD 58 -104.94 54.13 -31.77
C SER GD 58 -104.67 55.54 -32.24
N LEU GD 59 -104.67 56.49 -31.31
CA LEU GD 59 -104.48 57.90 -31.62
C LEU GD 59 -103.53 58.52 -30.62
N SER GD 60 -103.05 59.71 -30.94
CA SER GD 60 -102.24 60.50 -30.02
C SER GD 60 -102.19 61.95 -30.49
N TYR GD 61 -102.72 62.88 -29.71
CA TYR GD 61 -102.77 64.28 -30.10
C TYR GD 61 -101.90 65.08 -29.13
N LYS GD 62 -100.72 65.48 -29.59
CA LYS GD 62 -99.81 66.28 -28.79
C LYS GD 62 -99.92 67.74 -29.21
N GLN GD 63 -100.13 68.63 -28.27
CA GLN GD 63 -100.16 70.06 -28.54
C GLN GD 63 -99.06 70.74 -27.74
N PRO GD 64 -98.01 71.26 -28.39
CA PRO GD 64 -96.90 71.82 -27.63
C PRO GD 64 -97.27 73.11 -26.92
N ILE GD 65 -96.71 73.28 -25.73
CA ILE GD 65 -96.98 74.45 -24.90
C ILE GD 65 -95.92 75.48 -25.28
N THR GD 66 -96.34 76.59 -25.89
CA THR GD 66 -95.40 77.54 -26.48
C THR GD 66 -95.76 78.96 -26.09
N ALA GD 67 -94.73 79.79 -25.90
CA ALA GD 67 -94.86 81.23 -25.71
C ALA GD 67 -93.80 81.91 -26.56
N VAL GD 68 -94.19 82.96 -27.26
CA VAL GD 68 -93.31 83.59 -28.24
C VAL GD 68 -92.30 84.48 -27.53
N ASP GD 69 -91.02 84.23 -27.76
CA ASP GD 69 -89.97 85.06 -27.20
C ASP GD 69 -89.95 86.42 -27.87
N SER GD 70 -89.33 87.39 -27.20
CA SER GD 70 -89.16 88.72 -27.74
C SER GD 70 -87.84 88.82 -28.50
N THR GD 71 -87.88 89.54 -29.62
CA THR GD 71 -86.76 89.82 -30.51
C THR GD 71 -86.26 88.59 -31.25
N THR GD 72 -86.80 87.40 -30.99
CA THR GD 72 -86.39 86.18 -31.67
C THR GD 72 -87.62 85.45 -32.21
N SER GD 73 -87.52 84.95 -33.43
CA SER GD 73 -88.62 84.26 -34.09
C SER GD 73 -88.52 82.74 -33.91
N GLU GD 74 -88.47 82.29 -32.66
CA GLU GD 74 -88.35 80.87 -32.36
C GLU GD 74 -89.45 80.34 -31.46
N THR GD 75 -90.34 81.21 -30.96
CA THR GD 75 -91.54 80.85 -30.22
C THR GD 75 -91.31 79.68 -29.26
N LEU GD 76 -90.45 79.90 -28.27
CA LEU GD 76 -90.02 78.88 -27.31
C LEU GD 76 -91.18 78.01 -26.84
N VAL GD 77 -90.99 76.70 -26.91
CA VAL GD 77 -91.99 75.73 -26.46
C VAL GD 77 -91.59 75.21 -25.09
N ARG GD 78 -92.58 74.95 -24.25
CA ARG GD 78 -92.34 74.59 -22.86
C ARG GD 78 -92.75 73.16 -22.52
N GLY GD 79 -93.71 72.60 -23.20
CA GLY GD 79 -94.16 71.24 -22.94
C GLY GD 79 -95.06 70.74 -24.03
N GLN GD 80 -95.93 69.78 -23.67
CA GLN GD 80 -96.89 69.22 -24.61
C GLN GD 80 -98.03 68.52 -23.88
N CYS GD 81 -99.27 68.78 -24.28
CA CYS GD 81 -100.45 68.18 -23.67
C CYS GD 81 -100.81 66.93 -24.45
N VAL GD 82 -100.17 65.81 -24.08
CA VAL GD 82 -100.44 64.53 -24.75
C VAL GD 82 -101.85 64.06 -24.43
N VAL GD 83 -102.56 63.58 -25.45
CA VAL GD 83 -103.88 62.99 -25.26
C VAL GD 83 -104.01 61.73 -26.11
N ASP GD 84 -103.82 60.56 -25.50
CA ASP GD 84 -103.90 59.30 -26.22
C ASP GD 84 -105.33 58.78 -26.21
N ILE GD 85 -105.76 58.20 -27.33
CA ILE GD 85 -107.07 57.58 -27.43
C ILE GD 85 -106.96 56.24 -28.12
N ASN GD 86 -106.91 55.16 -27.37
CA ASN GD 86 -106.81 53.82 -27.93
C ASN GD 86 -108.18 53.15 -27.96
N ILE GD 87 -108.44 52.44 -29.05
CA ILE GD 87 -109.74 51.81 -29.29
C ILE GD 87 -109.50 50.35 -29.62
N VAL GD 88 -110.28 49.46 -29.00
CA VAL GD 88 -110.22 48.03 -29.27
C VAL GD 88 -111.65 47.55 -29.47
N ILE GD 89 -112.00 47.19 -30.70
CA ILE GD 89 -113.34 46.75 -31.05
C ILE GD 89 -113.27 45.29 -31.46
N PRO GD 90 -114.05 44.40 -30.85
CA PRO GD 90 -113.89 42.98 -31.13
C PRO GD 90 -114.43 42.58 -32.49
N ARG GD 91 -114.23 41.32 -32.87
CA ARG GD 91 -114.72 40.84 -34.15
C ARG GD 91 -116.25 40.79 -34.20
N VAL GD 92 -116.90 40.49 -33.08
CA VAL GD 92 -118.35 40.22 -33.06
C VAL GD 92 -119.13 41.51 -32.95
N ALA GD 93 -118.46 42.65 -33.04
CA ALA GD 93 -119.09 43.94 -32.77
C ALA GD 93 -119.83 44.42 -34.01
N THR GD 94 -121.16 44.37 -33.96
CA THR GD 94 -121.98 44.92 -35.02
C THR GD 94 -121.69 46.41 -35.18
N ALA GD 95 -121.68 46.88 -36.42
CA ALA GD 95 -121.31 48.27 -36.70
C ALA GD 95 -122.24 49.26 -36.01
N THR GD 96 -123.46 48.86 -35.66
CA THR GD 96 -124.29 49.71 -34.82
C THR GD 96 -123.75 49.78 -33.40
N ASP GD 97 -123.26 48.66 -32.86
CA ASP GD 97 -122.66 48.67 -31.53
C ASP GD 97 -121.38 49.47 -31.49
N ARG GD 98 -120.57 49.39 -32.54
CA ARG GD 98 -119.32 50.14 -32.56
C ARG GD 98 -119.58 51.64 -32.59
N ALA GD 99 -120.59 52.08 -33.35
CA ALA GD 99 -120.93 53.50 -33.38
C ALA GD 99 -121.36 53.99 -32.00
N GLU GD 100 -122.14 53.17 -31.29
CA GLU GD 100 -122.54 53.54 -29.93
C GLU GD 100 -121.33 53.61 -29.01
N ALA GD 101 -120.42 52.65 -29.11
CA ALA GD 101 -119.28 52.60 -28.20
C ALA GD 101 -118.38 53.80 -28.40
N ILE GD 102 -118.11 54.18 -29.65
CA ILE GD 102 -117.20 55.29 -29.92
C ILE GD 102 -117.84 56.61 -29.54
N LYS GD 103 -119.10 56.82 -29.94
CA LYS GD 103 -119.73 58.11 -29.69
C LYS GD 103 -120.02 58.31 -28.21
N ARG GD 104 -120.33 57.24 -27.48
CA ARG GD 104 -120.53 57.36 -26.05
C ARG GD 104 -119.24 57.67 -25.31
N ALA GD 105 -118.13 57.06 -25.74
CA ALA GD 105 -116.85 57.33 -25.08
C ALA GD 105 -116.43 58.77 -25.28
N PHE GD 106 -116.66 59.33 -26.47
CA PHE GD 106 -116.28 60.70 -26.75
C PHE GD 106 -117.29 61.71 -26.20
N ASP GD 107 -118.38 61.24 -25.58
CA ASP GD 107 -119.30 62.13 -24.88
C ASP GD 107 -118.93 62.31 -23.42
N VAL GD 108 -117.80 61.75 -22.98
CA VAL GD 108 -117.37 61.96 -21.60
C VAL GD 108 -117.10 63.44 -21.36
N LEU GD 109 -116.48 64.11 -22.32
CA LEU GD 109 -116.13 65.52 -22.17
C LEU GD 109 -117.36 66.36 -21.84
N ASN GD 110 -118.53 65.98 -22.32
CA ASN GD 110 -119.75 66.71 -22.01
C ASN GD 110 -120.44 66.23 -20.74
N ALA GD 111 -120.01 65.10 -20.18
CA ALA GD 111 -120.58 64.59 -18.94
C ALA GD 111 -119.61 64.76 -17.78
N LEU GD 112 -118.37 64.35 -17.97
CA LEU GD 112 -117.32 64.51 -16.96
C LEU GD 112 -116.48 65.75 -17.28
N ASN GD 113 -117.18 66.89 -17.38
CA ASN GD 113 -116.59 68.08 -17.98
C ASN GD 113 -115.57 68.76 -17.05
N ALA GD 114 -116.02 69.14 -15.86
CA ALA GD 114 -115.17 69.93 -14.98
C ALA GD 114 -113.90 69.19 -14.60
N GLU GD 115 -114.00 67.88 -14.36
CA GLU GD 115 -112.84 67.10 -13.97
C GLU GD 115 -111.78 67.02 -15.07
N LEU GD 116 -112.18 67.17 -16.33
CA LEU GD 116 -111.26 67.05 -17.45
C LEU GD 116 -110.69 68.39 -17.88
N ILE GD 117 -111.55 69.42 -17.95
CA ILE GD 117 -111.08 70.74 -18.35
C ILE GD 117 -110.30 71.41 -17.22
N THR GD 118 -110.95 71.55 -16.07
CA THR GD 118 -110.31 72.22 -14.93
C THR GD 118 -109.26 71.33 -14.27
N GLY GD 119 -109.53 70.05 -14.12
CA GLY GD 119 -108.56 69.14 -13.55
C GLY GD 119 -108.68 68.99 -12.06
N GLU GD 120 -109.89 68.72 -11.57
CA GLU GD 120 -110.16 68.74 -10.14
C GLU GD 120 -111.36 67.89 -9.84
N GLY GD 121 -111.54 67.57 -8.56
CA GLY GD 121 -112.83 67.10 -8.10
C GLY GD 121 -112.90 65.65 -7.67
N GLN GD 122 -114.09 65.06 -7.80
CA GLN GD 122 -114.40 63.72 -7.31
C GLN GD 122 -114.18 63.63 -5.79
N TRP GD 123 -115.04 64.36 -5.08
CA TRP GD 123 -114.99 64.38 -3.63
C TRP GD 123 -115.73 63.18 -3.07
N ALA HD 1 2.30 -126.25 -33.38
CA ALA HD 1 3.34 -126.99 -34.07
C ALA HD 1 3.97 -126.14 -35.17
N ALA HD 2 4.81 -126.75 -35.99
CA ALA HD 2 5.42 -126.02 -37.09
C ALA HD 2 4.35 -125.62 -38.10
N ARG HD 3 4.45 -124.39 -38.61
CA ARG HD 3 3.47 -123.88 -39.55
C ARG HD 3 3.50 -124.69 -40.84
N SER HD 4 2.32 -125.02 -41.35
CA SER HD 4 2.19 -125.82 -42.57
C SER HD 4 0.91 -125.41 -43.27
N SER HD 5 0.46 -126.24 -44.20
CA SER HD 5 -0.76 -125.97 -44.94
C SER HD 5 -1.96 -126.57 -44.22
N ILE HD 6 -3.14 -125.99 -44.47
CA ILE HD 6 -4.38 -126.46 -43.89
C ILE HD 6 -5.42 -126.63 -45.00
N VAL HD 7 -6.38 -127.51 -44.77
CA VAL HD 7 -7.22 -128.05 -45.83
C VAL HD 7 -8.68 -127.73 -45.49
N LEU HD 8 -8.91 -126.53 -44.94
CA LEU HD 8 -10.26 -126.05 -44.65
C LEU HD 8 -11.25 -126.48 -45.72
N THR HD 9 -12.34 -127.11 -45.30
CA THR HD 9 -13.29 -127.72 -46.22
C THR HD 9 -14.70 -127.58 -45.65
N ASP HD 10 -15.67 -127.95 -46.47
CA ASP HD 10 -17.06 -128.01 -46.05
C ASP HD 10 -17.74 -129.26 -46.61
N GLY HD 11 -16.95 -130.29 -46.87
CA GLY HD 11 -17.50 -131.55 -47.32
C GLY HD 11 -17.46 -131.75 -48.82
N THR HD 12 -17.54 -130.66 -49.58
CA THR HD 12 -17.57 -130.76 -51.03
C THR HD 12 -16.48 -129.99 -51.75
N THR HD 13 -16.09 -128.81 -51.24
CA THR HD 13 -15.09 -127.97 -51.90
C THR HD 13 -13.99 -127.62 -50.92
N PRO HD 14 -12.97 -128.46 -50.78
CA PRO HD 14 -11.85 -128.15 -49.90
C PRO HD 14 -11.05 -126.95 -50.40
N VAL HD 15 -10.43 -126.26 -49.45
CA VAL HD 15 -9.60 -125.09 -49.74
C VAL HD 15 -8.26 -125.30 -49.05
N THR HD 16 -7.18 -125.24 -49.81
CA THR HD 16 -5.83 -125.38 -49.26
C THR HD 16 -5.25 -124.00 -49.00
N LEU HD 17 -4.87 -123.74 -47.76
CA LEU HD 17 -4.29 -122.47 -47.37
C LEU HD 17 -2.82 -122.68 -46.99
N THR HD 18 -2.00 -121.66 -47.24
CA THR HD 18 -0.57 -121.75 -47.01
C THR HD 18 -0.10 -120.51 -46.25
N PRO HD 19 0.82 -120.67 -45.29
CA PRO HD 19 1.24 -119.52 -44.48
C PRO HD 19 2.05 -118.52 -45.28
N VAL HD 20 1.53 -117.31 -45.46
CA VAL HD 20 2.19 -116.33 -46.33
C VAL HD 20 2.51 -115.07 -45.55
N GLY HD 21 2.70 -115.20 -44.24
CA GLY HD 21 3.05 -114.05 -43.44
C GLY HD 21 2.77 -114.31 -41.97
N GLY HD 22 2.76 -113.21 -41.21
CA GLY HD 22 2.46 -113.28 -39.80
C GLY HD 22 3.52 -112.62 -38.95
N GLY HD 23 3.87 -113.26 -37.84
CA GLY HD 23 4.86 -112.70 -36.93
C GLY HD 23 4.97 -113.54 -35.68
N VAL HD 24 5.12 -112.85 -34.55
CA VAL HD 24 5.12 -113.52 -33.25
C VAL HD 24 3.70 -113.48 -32.71
N GLY HD 25 3.14 -114.65 -32.44
CA GLY HD 25 1.75 -114.75 -32.04
C GLY HD 25 0.79 -114.37 -33.16
N GLN HD 26 1.07 -114.83 -34.38
CA GLN HD 26 0.25 -114.54 -35.54
C GLN HD 26 0.72 -115.41 -36.70
N THR HD 27 -0.24 -115.81 -37.54
CA THR HD 27 0.09 -116.63 -38.71
C THR HD 27 -1.01 -116.44 -39.75
N LEU HD 28 -0.75 -115.61 -40.74
CA LEU HD 28 -1.70 -115.43 -41.83
C LEU HD 28 -1.70 -116.63 -42.75
N TYR HD 29 -2.82 -116.85 -43.43
CA TYR HD 29 -2.96 -117.89 -44.43
C TYR HD 29 -3.65 -117.29 -45.64
N ARG HD 30 -3.55 -117.98 -46.76
CA ARG HD 30 -4.25 -117.57 -47.98
C ARG HD 30 -4.35 -118.76 -48.91
N ALA HD 31 -5.48 -118.90 -49.58
CA ALA HD 31 -5.64 -119.99 -50.53
C ALA HD 31 -4.66 -119.84 -51.68
N THR HD 32 -4.14 -120.97 -52.16
CA THR HD 32 -3.08 -120.93 -53.16
C THR HD 32 -3.49 -120.14 -54.38
N ALA HD 33 -4.53 -120.61 -55.08
CA ALA HD 33 -5.12 -119.85 -56.18
C ALA HD 33 -6.49 -120.43 -56.47
N GLU HD 34 -7.54 -119.64 -56.26
CA GLU HD 34 -8.86 -120.05 -56.70
C GLU HD 34 -9.08 -119.71 -58.16
N ALA HD 35 -9.17 -118.42 -58.48
CA ALA HD 35 -9.17 -117.95 -59.86
C ALA HD 35 -8.39 -116.67 -60.09
N LEU HD 36 -8.09 -115.90 -59.06
CA LEU HD 36 -7.40 -114.62 -59.16
C LEU HD 36 -7.05 -114.19 -57.74
N SER HD 37 -6.48 -113.00 -57.62
CA SER HD 37 -6.26 -112.42 -56.30
C SER HD 37 -7.50 -111.66 -55.86
N ALA HD 38 -7.60 -111.45 -54.54
CA ALA HD 38 -8.74 -110.86 -53.85
C ALA HD 38 -9.97 -111.75 -53.88
N ALA HD 39 -9.91 -112.89 -54.56
CA ALA HD 39 -10.96 -113.90 -54.54
C ALA HD 39 -10.47 -115.17 -53.89
N ASN HD 40 -9.58 -115.01 -52.91
CA ASN HD 40 -8.98 -116.13 -52.21
C ASN HD 40 -9.22 -115.99 -50.71
N PRO HD 41 -9.72 -117.03 -50.05
CA PRO HD 41 -9.96 -116.94 -48.61
C PRO HD 41 -8.66 -116.87 -47.81
N SER HD 42 -8.77 -116.33 -46.60
CA SER HD 42 -7.65 -116.20 -45.70
C SER HD 42 -8.07 -116.63 -44.30
N LEU HD 43 -7.10 -117.06 -43.50
CA LEU HD 43 -7.35 -117.62 -42.17
C LEU HD 43 -6.37 -117.03 -41.15
N SER HD 44 -6.31 -115.71 -41.06
CA SER HD 44 -5.53 -115.05 -40.02
C SER HD 44 -5.77 -115.69 -38.67
N PHE HD 45 -4.69 -115.98 -37.95
CA PHE HD 45 -4.77 -116.74 -36.70
C PHE HD 45 -3.73 -116.22 -35.74
N GLY HD 46 -4.18 -115.56 -34.66
CA GLY HD 46 -3.31 -115.08 -33.62
C GLY HD 46 -3.40 -115.91 -32.35
N TYR HD 47 -2.53 -115.58 -31.40
CA TYR HD 47 -2.47 -116.24 -30.11
C TYR HD 47 -1.52 -115.47 -29.22
N ARG HD 48 -1.86 -115.37 -27.94
CA ARG HD 48 -1.01 -114.64 -27.00
C ARG HD 48 -1.40 -115.02 -25.57
N PHE HD 49 -0.50 -114.74 -24.65
CA PHE HD 49 -0.70 -114.96 -23.23
C PHE HD 49 -0.63 -113.61 -22.51
N THR HD 50 -1.64 -113.32 -21.70
CA THR HD 50 -1.63 -112.11 -20.88
C THR HD 50 -0.87 -112.35 -19.59
N ASP HD 51 -1.08 -111.47 -18.61
CA ASP HD 51 -0.48 -111.61 -17.29
C ASP HD 51 -0.63 -113.02 -16.75
N GLY HD 52 -1.85 -113.54 -16.76
CA GLY HD 52 -2.11 -114.92 -16.38
C GLY HD 52 -1.93 -115.85 -17.56
N GLY HD 53 -2.29 -117.10 -17.35
CA GLY HD 53 -2.19 -118.09 -18.41
C GLY HD 53 -3.38 -118.05 -19.35
N THR HD 54 -4.01 -116.88 -19.47
CA THR HD 54 -5.18 -116.72 -20.31
C THR HD 54 -4.77 -116.85 -21.76
N ASN HD 55 -4.94 -118.05 -22.31
CA ASN HD 55 -4.51 -118.34 -23.68
C ASN HD 55 -5.46 -117.70 -24.68
N ARG HD 56 -5.39 -116.38 -24.83
CA ARG HD 56 -6.33 -115.64 -25.66
C ARG HD 56 -5.99 -115.84 -27.13
N GLN HD 57 -6.41 -116.98 -27.65
CA GLN HD 57 -6.30 -117.24 -29.09
C GLN HD 57 -7.40 -116.48 -29.83
N SER HD 58 -7.20 -116.32 -31.14
CA SER HD 58 -8.14 -115.61 -31.98
C SER HD 58 -8.07 -116.18 -33.38
N LEU HD 59 -9.14 -115.98 -34.16
CA LEU HD 59 -9.19 -116.43 -35.53
C LEU HD 59 -10.01 -115.45 -36.35
N SER HD 60 -9.87 -115.54 -37.66
CA SER HD 60 -10.64 -114.71 -38.58
C SER HD 60 -10.55 -115.33 -39.97
N TYR HD 61 -11.68 -115.81 -40.47
CA TYR HD 61 -11.75 -116.42 -41.79
C TYR HD 61 -12.57 -115.53 -42.69
N LYS HD 62 -11.97 -115.05 -43.78
CA LYS HD 62 -12.60 -114.10 -44.68
C LYS HD 62 -12.68 -114.72 -46.07
N GLN HD 63 -13.89 -115.12 -46.46
CA GLN HD 63 -14.12 -115.66 -47.79
C GLN HD 63 -14.81 -114.60 -48.63
N PRO HD 64 -14.19 -114.09 -49.68
CA PRO HD 64 -14.79 -112.99 -50.45
C PRO HD 64 -15.78 -113.46 -51.50
N ILE HD 65 -16.80 -112.64 -51.70
CA ILE HD 65 -17.92 -112.96 -52.59
C ILE HD 65 -17.61 -112.37 -53.96
N THR HD 66 -17.37 -113.22 -54.94
CA THR HD 66 -17.01 -112.79 -56.28
C THR HD 66 -18.18 -113.02 -57.23
N ALA HD 67 -18.23 -112.19 -58.27
CA ALA HD 67 -19.32 -112.26 -59.25
C ALA HD 67 -18.83 -111.70 -60.57
N VAL HD 68 -19.39 -112.21 -61.67
CA VAL HD 68 -19.00 -111.77 -62.99
C VAL HD 68 -19.55 -110.37 -63.27
N ASP HD 69 -18.88 -109.65 -64.18
CA ASP HD 69 -19.20 -108.28 -64.54
C ASP HD 69 -19.39 -108.18 -66.05
N SER HD 70 -20.29 -109.01 -66.57
CA SER HD 70 -20.50 -109.26 -68.00
C SER HD 70 -20.34 -108.04 -68.90
N THR HD 71 -20.74 -106.86 -68.42
CA THR HD 71 -20.49 -105.64 -69.17
C THR HD 71 -19.01 -105.47 -69.48
N THR HD 72 -18.13 -105.97 -68.60
CA THR HD 72 -16.69 -106.02 -68.86
C THR HD 72 -16.12 -107.42 -68.76
N SER HD 73 -16.85 -108.37 -68.18
CA SER HD 73 -16.44 -109.77 -68.06
C SER HD 73 -15.22 -109.94 -67.15
N GLU HD 74 -15.04 -109.04 -66.19
CA GLU HD 74 -13.97 -109.14 -65.21
C GLU HD 74 -14.56 -109.53 -63.86
N THR HD 75 -14.00 -110.58 -63.25
CA THR HD 75 -14.58 -111.19 -62.05
C THR HD 75 -14.32 -110.30 -60.83
N LEU HD 76 -15.09 -109.22 -60.74
CA LEU HD 76 -14.98 -108.31 -59.61
C LEU HD 76 -15.51 -108.96 -58.34
N VAL HD 77 -14.96 -108.55 -57.20
CA VAL HD 77 -15.37 -109.06 -55.89
C VAL HD 77 -16.26 -108.02 -55.23
N ARG HD 78 -17.44 -108.46 -54.76
CA ARG HD 78 -18.41 -107.56 -54.15
C ARG HD 78 -18.12 -107.35 -52.66
N GLY HD 79 -18.07 -108.43 -51.89
CA GLY HD 79 -17.82 -108.35 -50.47
C GLY HD 79 -17.24 -109.63 -49.91
N GLN HD 80 -17.15 -109.73 -48.58
CA GLN HD 80 -16.53 -110.89 -47.94
C GLN HD 80 -17.38 -111.33 -46.76
N CYS HD 81 -17.29 -112.61 -46.44
CA CYS HD 81 -17.94 -113.18 -45.27
C CYS HD 81 -16.90 -113.41 -44.18
N VAL HD 82 -17.13 -112.85 -43.01
CA VAL HD 82 -16.14 -112.83 -41.93
C VAL HD 82 -16.64 -113.68 -40.78
N VAL HD 83 -15.81 -114.61 -40.33
CA VAL HD 83 -16.11 -115.45 -39.17
C VAL HD 83 -14.95 -115.31 -38.20
N ASP HD 84 -15.24 -114.86 -36.98
CA ASP HD 84 -14.21 -114.68 -35.95
C ASP HD 84 -14.50 -115.64 -34.81
N ILE HD 85 -13.56 -116.56 -34.54
CA ILE HD 85 -13.70 -117.49 -33.44
C ILE HD 85 -12.66 -117.16 -32.38
N ASN HD 86 -13.02 -116.32 -31.42
CA ASN HD 86 -12.12 -116.00 -30.33
C ASN HD 86 -12.25 -117.05 -29.21
N ILE HD 87 -11.11 -117.37 -28.60
CA ILE HD 87 -11.06 -118.36 -27.54
C ILE HD 87 -10.24 -117.78 -26.39
N VAL HD 88 -10.77 -117.90 -25.17
CA VAL HD 88 -10.06 -117.47 -23.97
C VAL HD 88 -10.15 -118.58 -22.94
N ILE HD 89 -9.00 -119.08 -22.51
CA ILE HD 89 -8.91 -120.13 -21.50
C ILE HD 89 -7.97 -119.64 -20.40
N PRO HD 90 -8.41 -119.56 -19.15
CA PRO HD 90 -7.55 -119.03 -18.09
C PRO HD 90 -6.51 -120.07 -17.66
N ARG HD 91 -5.58 -119.61 -16.82
CA ARG HD 91 -4.55 -120.51 -16.31
C ARG HD 91 -5.14 -121.64 -15.48
N VAL HD 92 -6.20 -121.37 -14.72
CA VAL HD 92 -6.75 -122.31 -13.76
C VAL HD 92 -7.47 -123.46 -14.46
N ALA HD 93 -7.46 -123.45 -15.79
CA ALA HD 93 -8.21 -124.42 -16.56
C ALA HD 93 -7.51 -125.76 -16.60
N THR HD 94 -8.23 -126.82 -16.23
CA THR HD 94 -7.72 -128.17 -16.42
C THR HD 94 -7.63 -128.48 -17.92
N ALA HD 95 -6.63 -129.28 -18.28
CA ALA HD 95 -6.42 -129.63 -19.67
C ALA HD 95 -7.61 -130.34 -20.29
N THR HD 96 -8.48 -130.96 -19.50
CA THR HD 96 -9.70 -131.56 -20.01
C THR HD 96 -10.86 -130.58 -20.10
N ASP HD 97 -10.83 -129.51 -19.30
CA ASP HD 97 -11.87 -128.48 -19.41
C ASP HD 97 -11.68 -127.66 -20.68
N ARG HD 98 -10.43 -127.50 -21.12
CA ARG HD 98 -10.18 -126.80 -22.38
C ARG HD 98 -10.70 -127.61 -23.56
N ALA HD 99 -10.46 -128.92 -23.56
CA ALA HD 99 -10.94 -129.75 -24.65
C ALA HD 99 -12.46 -129.79 -24.68
N GLU HD 100 -13.10 -129.76 -23.51
CA GLU HD 100 -14.56 -129.74 -23.45
C GLU HD 100 -15.13 -128.45 -24.03
N ALA HD 101 -14.57 -127.32 -23.62
CA ALA HD 101 -15.12 -126.03 -24.04
C ALA HD 101 -14.95 -125.82 -25.54
N ILE HD 102 -13.77 -126.15 -26.08
CA ILE HD 102 -13.50 -125.86 -27.48
C ILE HD 102 -14.37 -126.72 -28.39
N LYS HD 103 -14.46 -128.02 -28.09
CA LYS HD 103 -15.21 -128.91 -28.95
C LYS HD 103 -16.71 -128.65 -28.85
N ARG HD 104 -17.20 -128.28 -27.67
CA ARG HD 104 -18.62 -128.01 -27.51
C ARG HD 104 -19.04 -126.76 -28.28
N ALA HD 105 -18.29 -125.67 -28.11
CA ALA HD 105 -18.64 -124.43 -28.78
C ALA HD 105 -18.55 -124.55 -30.29
N PHE HD 106 -17.68 -125.41 -30.80
CA PHE HD 106 -17.63 -125.67 -32.23
C PHE HD 106 -18.75 -126.61 -32.69
N ASP HD 107 -19.47 -127.22 -31.74
CA ASP HD 107 -20.61 -128.06 -32.07
C ASP HD 107 -21.90 -127.28 -32.18
N VAL HD 108 -21.83 -125.95 -32.11
CA VAL HD 108 -23.04 -125.14 -32.23
C VAL HD 108 -23.67 -125.33 -33.60
N LEU HD 109 -22.86 -125.31 -34.65
CA LEU HD 109 -23.38 -125.40 -36.00
C LEU HD 109 -24.18 -126.69 -36.22
N ASN HD 110 -23.80 -127.77 -35.54
CA ASN HD 110 -24.58 -129.00 -35.64
C ASN HD 110 -25.92 -128.86 -34.93
N ALA HD 111 -25.98 -128.10 -33.84
CA ALA HD 111 -27.21 -127.97 -33.08
C ALA HD 111 -27.98 -126.71 -33.49
N LEU HD 112 -27.38 -125.55 -33.34
CA LEU HD 112 -28.02 -124.28 -33.68
C LEU HD 112 -27.81 -123.97 -35.16
N ASN HD 113 -28.27 -124.90 -36.00
CA ASN HD 113 -27.86 -124.90 -37.41
C ASN HD 113 -28.61 -123.84 -38.20
N ALA HD 114 -29.94 -123.95 -38.27
CA ALA HD 114 -30.72 -123.19 -39.25
C ALA HD 114 -30.59 -121.68 -39.10
N GLU HD 115 -30.25 -121.19 -37.91
CA GLU HD 115 -30.11 -119.75 -37.71
C GLU HD 115 -28.75 -119.23 -38.14
N LEU HD 116 -27.78 -120.11 -38.37
CA LEU HD 116 -26.45 -119.72 -38.85
C LEU HD 116 -26.31 -119.90 -40.35
N ILE HD 117 -26.62 -121.10 -40.84
CA ILE HD 117 -26.46 -121.39 -42.27
C ILE HD 117 -27.38 -120.50 -43.10
N THR HD 118 -28.65 -120.43 -42.71
CA THR HD 118 -29.65 -119.75 -43.53
C THR HD 118 -29.77 -118.27 -43.22
N GLY HD 119 -29.45 -117.85 -42.01
CA GLY HD 119 -29.51 -116.45 -41.64
C GLY HD 119 -30.83 -115.98 -41.10
N GLU HD 120 -31.81 -116.86 -40.95
CA GLU HD 120 -33.12 -116.46 -40.43
C GLU HD 120 -33.01 -116.05 -38.97
N GLY HD 121 -33.85 -115.09 -38.58
CA GLY HD 121 -33.88 -114.62 -37.22
C GLY HD 121 -34.94 -115.36 -36.43
N GLN HD 122 -34.48 -116.13 -35.45
CA GLN HD 122 -35.40 -116.95 -34.66
C GLN HD 122 -36.34 -116.10 -33.83
N TRP HD 123 -37.57 -116.58 -33.68
CA TRP HD 123 -38.62 -115.81 -33.01
C TRP HD 123 -38.97 -116.39 -31.65
N ALA ID 1 5.51 -126.88 -51.94
CA ALA ID 1 6.18 -125.60 -51.74
C ALA ID 1 6.83 -125.53 -50.36
N ALA ID 2 7.25 -126.67 -49.85
CA ALA ID 2 8.01 -126.72 -48.61
C ALA ID 2 9.47 -126.40 -48.88
N ARG ID 3 10.18 -126.02 -47.82
CA ARG ID 3 11.57 -125.60 -47.96
C ARG ID 3 12.46 -126.82 -48.15
N SER ID 4 13.20 -126.84 -49.26
CA SER ID 4 14.14 -127.92 -49.55
C SER ID 4 15.27 -127.36 -50.40
N SER ID 5 16.27 -128.19 -50.68
CA SER ID 5 17.40 -127.77 -51.47
C SER ID 5 16.99 -127.51 -52.91
N ILE ID 6 17.53 -126.44 -53.49
CA ILE ID 6 17.26 -126.08 -54.88
C ILE ID 6 18.56 -126.15 -55.66
N VAL ID 7 18.45 -126.37 -56.96
CA VAL ID 7 19.57 -126.79 -57.79
C VAL ID 7 19.83 -125.79 -58.90
N LEU ID 8 19.71 -124.50 -58.59
CA LEU ID 8 20.04 -123.43 -59.53
C LEU ID 8 21.24 -123.79 -60.39
N THR ID 9 21.08 -123.63 -61.71
CA THR ID 9 22.12 -124.00 -62.65
C THR ID 9 22.07 -123.09 -63.86
N ASP ID 10 23.21 -122.97 -64.53
CA ASP ID 10 23.31 -122.19 -65.76
C ASP ID 10 23.41 -123.07 -67.00
N GLY ID 11 23.48 -124.39 -66.82
CA GLY ID 11 23.65 -125.29 -67.94
C GLY ID 11 24.93 -126.08 -67.82
N THR ID 12 25.99 -125.42 -67.36
CA THR ID 12 27.30 -126.06 -67.26
C THR ID 12 27.55 -126.64 -65.87
N THR ID 13 27.51 -125.80 -64.84
CA THR ID 13 27.82 -126.22 -63.48
C THR ID 13 26.63 -125.93 -62.58
N PRO ID 14 25.93 -126.95 -62.09
CA PRO ID 14 24.84 -126.71 -61.14
C PRO ID 14 25.38 -126.41 -59.75
N VAL ID 15 24.68 -125.53 -59.03
CA VAL ID 15 24.98 -125.23 -57.64
C VAL ID 15 23.76 -125.55 -56.81
N THR ID 16 23.95 -126.29 -55.73
CA THR ID 16 22.86 -126.74 -54.87
C THR ID 16 22.83 -125.84 -53.64
N LEU ID 17 21.72 -125.12 -53.46
CA LEU ID 17 21.54 -124.26 -52.30
C LEU ID 17 20.59 -124.94 -51.32
N THR ID 18 20.98 -124.99 -50.05
CA THR ID 18 20.16 -125.56 -49.01
C THR ID 18 19.70 -124.47 -48.05
N PRO ID 19 18.49 -124.55 -47.51
CA PRO ID 19 18.00 -123.47 -46.65
C PRO ID 19 18.88 -123.31 -45.41
N VAL ID 20 19.08 -122.06 -45.01
CA VAL ID 20 19.85 -121.78 -43.80
C VAL ID 20 19.07 -120.80 -42.92
N GLY ID 21 17.76 -120.76 -43.06
CA GLY ID 21 16.96 -119.99 -42.13
C GLY ID 21 15.86 -119.16 -42.75
N GLY ID 22 15.49 -118.09 -42.05
CA GLY ID 22 14.54 -117.13 -42.56
C GLY ID 22 13.26 -116.98 -41.76
N GLY ID 23 12.67 -118.09 -41.34
CA GLY ID 23 11.40 -118.01 -40.65
C GLY ID 23 10.23 -117.79 -41.58
N VAL ID 24 9.20 -117.10 -41.10
CA VAL ID 24 7.98 -116.85 -41.89
C VAL ID 24 8.16 -115.55 -42.65
N GLY ID 25 7.70 -115.53 -43.90
CA GLY ID 25 7.84 -114.36 -44.74
C GLY ID 25 9.13 -114.28 -45.52
N GLN ID 26 10.04 -115.23 -45.37
CA GLN ID 26 11.28 -115.23 -46.12
C GLN ID 26 11.94 -116.59 -46.01
N THR ID 27 13.00 -116.77 -46.78
CA THR ID 27 13.77 -118.02 -46.75
C THR ID 27 15.17 -117.72 -47.26
N LEU ID 28 16.18 -118.07 -46.48
CA LEU ID 28 17.57 -117.91 -46.89
C LEU ID 28 18.10 -119.23 -47.43
N TYR ID 29 18.96 -119.12 -48.43
CA TYR ID 29 19.62 -120.28 -49.01
C TYR ID 29 21.12 -120.02 -49.05
N ARG ID 30 21.89 -121.10 -49.15
CA ARG ID 30 23.33 -120.99 -49.29
C ARG ID 30 23.94 -122.34 -49.67
N ALA ID 31 24.83 -122.35 -50.66
CA ALA ID 31 25.49 -123.57 -51.06
C ALA ID 31 26.57 -123.93 -50.05
N THR ID 32 27.22 -125.07 -50.24
CA THR ID 32 28.28 -125.47 -49.32
C THR ID 32 29.60 -124.79 -49.67
N ALA ID 33 30.19 -125.19 -50.80
CA ALA ID 33 31.50 -124.70 -51.25
C ALA ID 33 32.44 -124.51 -50.05
N GLU ID 34 32.49 -125.53 -49.21
CA GLU ID 34 33.04 -125.41 -47.87
C GLU ID 34 34.51 -125.01 -47.92
N ALA ID 35 34.94 -124.29 -46.87
CA ALA ID 35 36.34 -123.88 -46.74
C ALA ID 35 36.77 -123.03 -47.93
N LEU ID 36 36.22 -121.82 -47.97
CA LEU ID 36 35.60 -121.05 -46.89
C LEU ID 36 34.08 -121.20 -46.91
N SER ID 37 33.41 -120.78 -45.84
CA SER ID 37 31.96 -120.86 -45.75
C SER ID 37 31.26 -119.60 -46.22
N ALA ID 38 31.96 -118.47 -46.27
CA ALA ID 38 31.40 -117.23 -46.78
C ALA ID 38 31.60 -117.05 -48.26
N ALA ID 39 32.32 -117.96 -48.91
CA ALA ID 39 32.58 -117.90 -50.34
C ALA ID 39 31.70 -118.88 -51.11
N ASN ID 40 30.39 -118.67 -51.05
CA ASN ID 40 29.46 -119.49 -51.80
C ASN ID 40 28.17 -118.69 -52.02
N PRO ID 41 27.41 -119.01 -53.06
CA PRO ID 41 26.24 -118.18 -53.41
C PRO ID 41 25.10 -118.33 -52.41
N SER ID 42 24.19 -117.36 -52.46
CA SER ID 42 23.05 -117.31 -51.56
C SER ID 42 21.84 -116.79 -52.32
N LEU ID 43 20.65 -117.11 -51.81
CA LEU ID 43 19.39 -116.78 -52.49
C LEU ID 43 18.34 -116.24 -51.52
N SER ID 44 18.67 -115.20 -50.77
CA SER ID 44 17.68 -114.56 -49.90
C SER ID 44 16.39 -114.29 -50.66
N PHE ID 45 15.32 -114.97 -50.27
CA PHE ID 45 14.04 -114.90 -50.97
C PHE ID 45 12.94 -114.55 -49.98
N GLY ID 46 12.30 -113.40 -50.17
CA GLY ID 46 11.21 -112.97 -49.33
C GLY ID 46 9.89 -112.91 -50.08
N TYR ID 47 8.82 -112.68 -49.33
CA TYR ID 47 7.47 -112.57 -49.88
C TYR ID 47 6.53 -112.10 -48.79
N ARG ID 48 5.55 -111.30 -49.17
CA ARG ID 48 4.58 -110.77 -48.21
C ARG ID 48 3.35 -110.30 -48.97
N PHE ID 49 2.26 -110.08 -48.24
CA PHE ID 49 1.03 -109.51 -48.78
C PHE ID 49 0.72 -108.24 -48.04
N THR ID 50 0.49 -107.16 -48.78
CA THR ID 50 0.22 -105.86 -48.17
C THR ID 50 -1.25 -105.78 -47.76
N ASP ID 51 -1.73 -104.56 -47.49
CA ASP ID 51 -3.11 -104.35 -47.10
C ASP ID 51 -4.08 -105.00 -48.08
N GLY ID 52 -3.83 -104.85 -49.38
CA GLY ID 52 -4.62 -105.52 -50.37
C GLY ID 52 -4.12 -106.93 -50.62
N GLY ID 53 -4.20 -107.38 -51.86
CA GLY ID 53 -3.67 -108.68 -52.22
C GLY ID 53 -2.34 -108.53 -52.96
N THR ID 54 -1.71 -107.37 -52.80
CA THR ID 54 -0.49 -107.06 -53.52
C THR ID 54 0.63 -107.96 -53.03
N ASN ID 55 0.91 -109.01 -53.79
CA ASN ID 55 1.94 -109.99 -53.44
C ASN ID 55 3.30 -109.41 -53.81
N ARG ID 56 4.04 -108.93 -52.81
CA ARG ID 56 5.34 -108.29 -53.03
C ARG ID 56 6.45 -109.30 -52.80
N GLN ID 57 6.66 -110.18 -53.77
CA GLN ID 57 7.77 -111.10 -53.70
C GLN ID 57 9.08 -110.35 -53.95
N SER ID 58 10.18 -110.99 -53.56
CA SER ID 58 11.49 -110.37 -53.66
C SER ID 58 12.61 -111.38 -53.52
N LEU ID 59 13.56 -111.39 -54.46
CA LEU ID 59 14.69 -112.30 -54.43
C LEU ID 59 15.97 -111.51 -54.44
N SER ID 60 17.07 -112.19 -54.12
CA SER ID 60 18.38 -111.57 -54.15
C SER ID 60 19.42 -112.68 -54.20
N TYR ID 61 20.10 -112.83 -55.33
CA TYR ID 61 21.08 -113.88 -55.52
C TYR ID 61 22.46 -113.25 -55.57
N LYS ID 62 23.27 -113.53 -54.56
CA LYS ID 62 24.64 -113.02 -54.48
C LYS ID 62 25.61 -114.18 -54.67
N GLN ID 63 26.55 -114.01 -55.59
CA GLN ID 63 27.59 -115.00 -55.82
C GLN ID 63 28.95 -114.35 -55.62
N PRO ID 64 29.70 -114.73 -54.59
CA PRO ID 64 30.99 -114.10 -54.35
C PRO ID 64 32.06 -114.63 -55.30
N ILE ID 65 33.02 -113.75 -55.60
CA ILE ID 65 34.10 -114.06 -56.52
C ILE ID 65 35.30 -114.52 -55.72
N THR ID 66 35.69 -115.77 -55.89
CA THR ID 66 36.73 -116.39 -55.09
C THR ID 66 38.07 -116.34 -55.82
N ALA ID 67 39.14 -116.59 -55.06
CA ALA ID 67 40.48 -116.61 -55.62
C ALA ID 67 41.36 -117.42 -54.69
N VAL ID 68 41.75 -118.62 -55.12
CA VAL ID 68 42.54 -119.51 -54.27
C VAL ID 68 43.98 -119.00 -54.25
N ASP ID 69 44.42 -118.49 -53.11
CA ASP ID 69 45.76 -117.93 -52.94
C ASP ID 69 46.74 -119.07 -52.76
N SER ID 70 47.41 -119.48 -53.84
CA SER ID 70 48.29 -120.63 -53.80
C SER ID 70 49.47 -120.45 -52.85
N THR ID 71 49.86 -119.22 -52.56
CA THR ID 71 50.96 -118.98 -51.63
C THR ID 71 50.62 -119.46 -50.23
N THR ID 72 49.45 -119.07 -49.73
CA THR ID 72 49.01 -119.42 -48.39
C THR ID 72 48.02 -120.59 -48.39
N SER ID 73 47.40 -120.87 -49.53
CA SER ID 73 46.37 -121.92 -49.69
C SER ID 73 45.14 -121.60 -48.85
N GLU ID 74 44.61 -120.40 -49.08
CA GLU ID 74 43.37 -119.96 -48.46
C GLU ID 74 42.52 -119.29 -49.52
N THR ID 75 41.20 -119.42 -49.39
CA THR ID 75 40.29 -118.82 -50.35
C THR ID 75 39.97 -117.40 -49.94
N LEU ID 76 40.17 -116.46 -50.85
CA LEU ID 76 39.91 -115.05 -50.62
C LEU ID 76 38.69 -114.61 -51.41
N VAL ID 77 37.91 -113.70 -50.84
CA VAL ID 77 36.70 -113.19 -51.45
C VAL ID 77 36.98 -111.79 -51.95
N ARG ID 78 36.89 -111.59 -53.26
CA ARG ID 78 37.19 -110.30 -53.87
C ARG ID 78 35.97 -109.42 -54.04
N GLY ID 79 34.81 -110.01 -54.30
CA GLY ID 79 33.58 -109.26 -54.45
C GLY ID 79 32.46 -110.20 -54.80
N GLN ID 80 31.26 -109.65 -54.95
CA GLN ID 80 30.09 -110.47 -55.22
C GLN ID 80 29.24 -109.85 -56.30
N CYS ID 81 28.71 -110.71 -57.18
CA CYS ID 81 27.74 -110.29 -58.17
C CYS ID 81 26.35 -110.42 -57.58
N VAL ID 82 25.59 -109.34 -57.59
CA VAL ID 82 24.28 -109.27 -56.95
C VAL ID 82 23.21 -109.13 -58.03
N VAL ID 83 22.18 -109.95 -57.94
CA VAL ID 83 21.06 -109.90 -58.87
C VAL ID 83 19.78 -109.85 -58.05
N ASP ID 84 19.13 -108.68 -58.02
CA ASP ID 84 17.86 -108.52 -57.33
C ASP ID 84 16.72 -108.67 -58.31
N ILE ID 85 15.66 -109.34 -57.90
CA ILE ID 85 14.48 -109.57 -58.72
C ILE ID 85 13.26 -109.28 -57.86
N ASN ID 86 12.77 -108.04 -57.91
CA ASN ID 86 11.54 -107.71 -57.21
C ASN ID 86 10.34 -107.96 -58.09
N ILE ID 87 9.29 -108.51 -57.49
CA ILE ID 87 8.06 -108.84 -58.20
C ILE ID 87 6.89 -108.23 -57.43
N VAL ID 88 6.06 -107.46 -58.10
CA VAL ID 88 4.85 -106.91 -57.52
C VAL ID 88 3.67 -107.36 -58.35
N ILE ID 89 2.66 -107.92 -57.69
CA ILE ID 89 1.47 -108.40 -58.40
C ILE ID 89 0.26 -107.78 -57.71
N PRO ID 90 -0.50 -106.92 -58.38
CA PRO ID 90 -1.57 -106.20 -57.70
C PRO ID 90 -2.73 -107.09 -57.31
N ARG ID 91 -3.66 -106.51 -56.53
CA ARG ID 91 -4.81 -107.24 -56.02
C ARG ID 91 -5.73 -107.74 -57.13
N VAL ID 92 -5.72 -107.07 -58.29
CA VAL ID 92 -6.69 -107.32 -59.35
C VAL ID 92 -6.15 -108.28 -60.41
N ALA ID 93 -5.01 -108.90 -60.17
CA ALA ID 93 -4.31 -109.67 -61.20
C ALA ID 93 -4.86 -111.09 -61.24
N THR ID 94 -5.26 -111.52 -62.44
CA THR ID 94 -5.73 -112.89 -62.63
C THR ID 94 -4.56 -113.87 -62.48
N ALA ID 95 -4.90 -115.12 -62.20
CA ALA ID 95 -3.90 -116.15 -62.00
C ALA ID 95 -3.13 -116.50 -63.27
N THR ID 96 -3.63 -116.10 -64.44
CA THR ID 96 -2.90 -116.32 -65.69
C THR ID 96 -2.13 -115.09 -66.13
N ASP ID 97 -2.45 -113.91 -65.61
CA ASP ID 97 -1.61 -112.75 -65.85
C ASP ID 97 -0.33 -112.82 -65.04
N ARG ID 98 -0.37 -113.50 -63.90
CA ARG ID 98 0.85 -113.73 -63.13
C ARG ID 98 1.84 -114.57 -63.93
N ALA ID 99 1.38 -115.68 -64.48
CA ALA ID 99 2.27 -116.52 -65.28
C ALA ID 99 2.77 -115.78 -66.52
N GLU ID 100 1.88 -115.03 -67.18
CA GLU ID 100 2.30 -114.28 -68.36
C GLU ID 100 3.35 -113.24 -68.00
N ALA ID 101 3.15 -112.52 -66.90
CA ALA ID 101 4.08 -111.46 -66.53
C ALA ID 101 5.41 -112.01 -66.09
N ILE ID 102 5.40 -113.01 -65.21
CA ILE ID 102 6.64 -113.51 -64.62
C ILE ID 102 7.51 -114.18 -65.67
N LYS ID 103 6.93 -115.09 -66.46
CA LYS ID 103 7.75 -115.83 -67.41
C LYS ID 103 8.21 -114.95 -68.57
N ARG ID 104 7.52 -113.84 -68.83
CA ARG ID 104 7.99 -112.92 -69.86
C ARG ID 104 9.17 -112.10 -69.36
N ALA ID 105 9.10 -111.61 -68.12
CA ALA ID 105 10.21 -110.84 -67.57
C ALA ID 105 11.48 -111.69 -67.46
N PHE ID 106 11.33 -112.93 -67.03
CA PHE ID 106 12.47 -113.84 -66.95
C PHE ID 106 12.93 -114.32 -68.33
N ASP ID 107 12.18 -114.02 -69.38
CA ASP ID 107 12.61 -114.31 -70.74
C ASP ID 107 13.46 -113.20 -71.34
N VAL ID 108 13.75 -112.16 -70.57
CA VAL ID 108 14.61 -111.08 -71.07
C VAL ID 108 15.99 -111.62 -71.40
N LEU ID 109 16.51 -112.50 -70.55
CA LEU ID 109 17.84 -113.05 -70.77
C LEU ID 109 17.96 -113.72 -72.14
N ASN ID 110 16.85 -114.24 -72.66
CA ASN ID 110 16.87 -114.79 -74.01
C ASN ID 110 16.66 -113.74 -75.09
N ALA ID 111 16.07 -112.60 -74.74
CA ALA ID 111 15.89 -111.52 -75.70
C ALA ID 111 17.02 -110.51 -75.63
N LEU ID 112 17.25 -109.94 -74.46
CA LEU ID 112 18.31 -108.96 -74.24
C LEU ID 112 19.59 -109.67 -73.77
N ASN ID 113 19.99 -110.67 -74.55
CA ASN ID 113 21.02 -111.60 -74.10
C ASN ID 113 22.39 -110.96 -74.06
N ALA ID 114 22.87 -110.44 -75.19
CA ALA ID 114 24.23 -109.93 -75.26
C ALA ID 114 24.45 -108.75 -74.34
N GLU ID 115 23.40 -107.99 -74.02
CA GLU ID 115 23.55 -106.87 -73.11
C GLU ID 115 23.66 -107.29 -71.66
N LEU ID 116 23.45 -108.57 -71.34
CA LEU ID 116 23.52 -109.06 -69.97
C LEU ID 116 24.62 -110.07 -69.78
N ILE ID 117 24.74 -111.06 -70.66
CA ILE ID 117 25.75 -112.10 -70.50
C ILE ID 117 27.15 -111.52 -70.65
N THR ID 118 27.35 -110.67 -71.66
CA THR ID 118 28.67 -110.12 -71.93
C THR ID 118 28.90 -108.73 -71.34
N GLY ID 119 27.83 -107.97 -71.12
CA GLY ID 119 27.94 -106.67 -70.49
C GLY ID 119 27.97 -105.50 -71.44
N GLU ID 120 27.72 -105.71 -72.73
CA GLU ID 120 27.73 -104.63 -73.70
C GLU ID 120 26.62 -103.63 -73.41
N GLY ID 121 26.61 -102.57 -74.18
CA GLY ID 121 25.48 -101.67 -74.25
C GLY ID 121 25.05 -101.54 -75.69
N GLN ID 122 23.74 -101.46 -75.90
CA GLN ID 122 23.22 -101.40 -77.24
C GLN ID 122 23.47 -100.02 -77.84
N TRP ID 123 23.93 -100.01 -79.09
CA TRP ID 123 24.32 -98.76 -79.74
C TRP ID 123 23.28 -98.28 -80.76
N ALA JD 1 23.84 -105.88 -79.49
CA ALA JD 1 23.60 -105.33 -80.82
C ALA JD 1 22.83 -104.02 -80.70
N ALA JD 2 22.44 -103.46 -81.85
CA ALA JD 2 21.74 -102.19 -81.85
C ALA JD 2 20.33 -102.34 -81.30
N ARG JD 3 19.73 -101.22 -80.94
CA ARG JD 3 18.35 -101.22 -80.46
C ARG JD 3 17.44 -101.80 -81.54
N SER JD 4 16.81 -102.94 -81.25
CA SER JD 4 15.96 -103.58 -82.23
C SER JD 4 14.64 -104.01 -81.60
N SER JD 5 13.87 -104.82 -82.29
CA SER JD 5 12.61 -105.34 -81.77
C SER JD 5 12.85 -106.65 -81.04
N ILE JD 6 12.44 -106.72 -79.78
CA ILE JD 6 12.59 -107.91 -78.98
C ILE JD 6 11.27 -108.66 -78.95
N VAL JD 7 11.34 -109.96 -78.69
CA VAL JD 7 10.20 -110.86 -78.86
C VAL JD 7 9.88 -111.53 -77.52
N LEU JD 8 9.96 -110.76 -76.43
CA LEU JD 8 9.64 -111.24 -75.10
C LEU JD 8 8.40 -112.13 -75.10
N THR JD 9 8.57 -113.37 -74.67
CA THR JD 9 7.52 -114.38 -74.75
C THR JD 9 7.46 -115.15 -73.44
N ASP JD 10 6.58 -116.14 -73.40
CA ASP JD 10 6.50 -117.03 -72.25
C ASP JD 10 6.32 -118.49 -72.66
N GLY JD 11 6.46 -118.82 -73.94
CA GLY JD 11 6.26 -120.15 -74.45
C GLY JD 11 4.97 -120.33 -75.21
N THR JD 12 3.94 -119.54 -74.90
CA THR JD 12 2.65 -119.61 -75.58
C THR JD 12 2.30 -118.33 -76.32
N THR JD 13 2.35 -117.18 -75.63
CA THR JD 13 1.88 -115.91 -76.19
C THR JD 13 3.04 -114.92 -76.29
N PRO JD 14 3.67 -114.80 -77.45
CA PRO JD 14 4.76 -113.83 -77.59
C PRO JD 14 4.25 -112.41 -77.67
N VAL JD 15 5.14 -111.48 -77.34
CA VAL JD 15 4.88 -110.05 -77.45
C VAL JD 15 6.11 -109.39 -78.04
N THR JD 16 5.91 -108.55 -79.05
CA THR JD 16 7.02 -107.87 -79.72
C THR JD 16 7.07 -106.43 -79.26
N LEU JD 17 8.25 -105.99 -78.84
CA LEU JD 17 8.45 -104.65 -78.30
C LEU JD 17 9.52 -103.92 -79.11
N THR JD 18 9.22 -102.68 -79.50
CA THR JD 18 10.14 -101.86 -80.27
C THR JD 18 10.50 -100.60 -79.49
N PRO JD 19 11.75 -100.14 -79.58
CA PRO JD 19 12.19 -99.02 -78.73
C PRO JD 19 11.35 -97.77 -78.94
N VAL JD 20 11.07 -97.07 -77.84
CA VAL JD 20 10.14 -95.96 -77.85
C VAL JD 20 10.85 -94.75 -77.23
N GLY JD 21 12.16 -94.81 -77.18
CA GLY JD 21 12.88 -93.65 -76.72
C GLY JD 21 14.08 -94.06 -75.87
N GLY JD 22 14.35 -93.24 -74.87
CA GLY JD 22 15.48 -93.49 -73.98
C GLY JD 22 16.60 -92.47 -74.13
N GLY JD 23 17.82 -92.96 -74.29
CA GLY JD 23 18.98 -92.10 -74.39
C GLY JD 23 20.27 -92.89 -74.40
N VAL JD 24 21.26 -92.46 -73.62
CA VAL JD 24 22.50 -93.22 -73.44
C VAL JD 24 22.40 -93.96 -72.11
N GLY JD 25 22.66 -95.27 -72.15
CA GLY JD 25 22.45 -96.09 -70.98
C GLY JD 25 20.99 -96.07 -70.55
N GLN JD 26 20.09 -96.16 -71.51
CA GLN JD 26 18.65 -96.17 -71.27
C GLN JD 26 17.96 -96.59 -72.55
N THR JD 27 16.93 -97.41 -72.43
CA THR JD 27 16.23 -97.92 -73.60
C THR JD 27 14.81 -98.32 -73.19
N LEU JD 28 13.83 -97.55 -73.63
CA LEU JD 28 12.44 -97.90 -73.41
C LEU JD 28 12.00 -98.96 -74.40
N TYR JD 29 10.83 -99.53 -74.15
CA TYR JD 29 10.21 -100.48 -75.07
C TYR JD 29 8.71 -100.38 -74.91
N ARG JD 30 7.98 -100.94 -75.88
CA ARG JD 30 6.53 -101.06 -75.82
C ARG JD 30 6.09 -101.88 -77.02
N ALA JD 31 4.88 -102.42 -76.94
CA ALA JD 31 4.32 -103.28 -77.97
C ALA JD 31 3.43 -102.47 -78.91
N THR JD 32 2.71 -103.16 -79.79
CA THR JD 32 2.00 -102.53 -80.90
C THR JD 32 0.58 -102.08 -80.54
N ALA JD 33 -0.12 -102.81 -79.67
CA ALA JD 33 -1.50 -102.47 -79.33
C ALA JD 33 -1.58 -101.11 -78.65
N GLU JD 34 -2.73 -100.45 -78.71
CA GLU JD 34 -2.88 -99.09 -78.23
C GLU JD 34 -4.04 -98.99 -77.25
N ALA JD 35 -3.84 -98.19 -76.21
CA ALA JD 35 -4.85 -97.93 -75.21
C ALA JD 35 -4.76 -96.47 -74.79
N LEU JD 36 -5.42 -96.12 -73.69
CA LEU JD 36 -5.48 -94.73 -73.23
C LEU JD 36 -4.56 -94.48 -72.03
N SER JD 37 -4.72 -95.24 -70.95
CA SER JD 37 -3.95 -95.01 -69.73
C SER JD 37 -2.66 -95.85 -69.72
N ALA JD 38 -2.81 -97.17 -69.78
CA ALA JD 38 -1.66 -98.07 -69.84
C ALA JD 38 -1.76 -98.87 -71.12
N ALA JD 39 -0.80 -98.65 -72.03
CA ALA JD 39 -0.91 -99.22 -73.36
C ALA JD 39 -0.50 -100.70 -73.38
N ASN JD 40 0.77 -100.97 -73.07
CA ASN JD 40 1.34 -102.29 -73.34
C ASN JD 40 2.44 -102.60 -72.34
N PRO JD 41 3.03 -103.80 -72.41
CA PRO JD 41 4.27 -104.04 -71.66
C PRO JD 41 5.36 -103.05 -72.05
N SER JD 42 6.09 -102.58 -71.04
CA SER JD 42 7.11 -101.53 -71.24
C SER JD 42 8.36 -101.91 -70.46
N LEU JD 43 9.34 -102.45 -71.17
CA LEU JD 43 10.58 -102.96 -70.56
C LEU JD 43 11.67 -101.89 -70.65
N SER JD 44 11.93 -101.21 -69.55
CA SER JD 44 13.02 -100.24 -69.52
C SER JD 44 14.33 -100.94 -69.19
N PHE JD 45 15.44 -100.41 -69.73
CA PHE JD 45 16.75 -101.02 -69.59
C PHE JD 45 17.75 -99.91 -69.29
N GLY JD 46 18.27 -99.88 -68.06
CA GLY JD 46 19.01 -98.73 -67.59
C GLY JD 46 20.47 -98.92 -67.24
N TYR JD 47 21.21 -99.65 -68.07
CA TYR JD 47 22.60 -99.97 -67.76
C TYR JD 47 23.46 -98.71 -67.66
N ARG JD 48 24.51 -98.81 -66.85
CA ARG JD 48 25.47 -97.73 -66.65
C ARG JD 48 26.73 -98.32 -66.03
N PHE JD 49 27.70 -97.46 -65.75
CA PHE JD 49 28.93 -97.83 -65.07
C PHE JD 49 29.12 -96.92 -63.86
N THR JD 50 30.21 -97.11 -63.14
CA THR JD 50 30.42 -96.44 -61.86
C THR JD 50 31.91 -96.16 -61.72
N ASP JD 51 32.36 -95.89 -60.49
CA ASP JD 51 33.76 -95.59 -60.23
C ASP JD 51 34.67 -96.70 -60.75
N GLY JD 52 34.36 -97.94 -60.43
CA GLY JD 52 35.04 -99.09 -60.97
C GLY JD 52 34.34 -99.61 -62.21
N GLY JD 53 34.55 -100.88 -62.49
CA GLY JD 53 33.84 -101.53 -63.56
C GLY JD 53 32.50 -102.03 -63.09
N THR JD 54 31.91 -101.34 -62.11
CA THR JD 54 30.68 -101.80 -61.48
C THR JD 54 29.51 -101.63 -62.44
N ASN JD 55 29.31 -102.62 -63.30
CA ASN JD 55 28.25 -102.56 -64.30
C ASN JD 55 26.91 -102.64 -63.61
N ARG JD 56 26.26 -101.49 -63.42
CA ARG JD 56 25.03 -101.41 -62.66
C ARG JD 56 23.82 -101.42 -63.59
N GLN JD 57 23.61 -102.57 -64.22
CA GLN JD 57 22.44 -102.73 -65.07
C GLN JD 57 21.17 -102.73 -64.24
N SER JD 58 20.05 -102.44 -64.90
CA SER JD 58 18.77 -102.30 -64.22
C SER JD 58 17.66 -102.47 -65.23
N LEU JD 59 16.61 -103.20 -64.84
CA LEU JD 59 15.49 -103.51 -65.72
C LEU JD 59 14.19 -103.23 -64.98
N SER JD 60 13.11 -103.18 -65.76
CA SER JD 60 11.76 -103.08 -65.20
C SER JD 60 10.75 -103.44 -66.27
N TYR JD 61 10.01 -104.52 -66.07
CA TYR JD 61 9.03 -105.00 -67.06
C TYR JD 61 7.65 -104.88 -66.45
N LYS JD 62 6.90 -103.86 -66.88
CA LYS JD 62 5.54 -103.66 -66.40
C LYS JD 62 4.56 -104.16 -67.44
N GLN JD 63 3.64 -105.03 -67.02
CA GLN JD 63 2.59 -105.54 -67.90
C GLN JD 63 1.25 -105.12 -67.34
N PRO JD 64 0.50 -104.25 -68.00
CA PRO JD 64 -0.77 -103.79 -67.43
C PRO JD 64 -1.84 -104.87 -67.49
N ILE JD 65 -2.64 -104.92 -66.44
CA ILE JD 65 -3.76 -105.86 -66.34
C ILE JD 65 -4.97 -105.18 -66.97
N THR JD 66 -5.44 -105.71 -68.10
CA THR JD 66 -6.48 -105.06 -68.87
C THR JD 66 -7.57 -106.05 -69.24
N ALA JD 67 -8.81 -105.55 -69.26
CA ALA JD 67 -9.96 -106.29 -69.76
C ALA JD 67 -10.73 -105.38 -70.70
N VAL JD 68 -11.16 -105.92 -71.83
CA VAL JD 68 -11.76 -105.11 -72.88
C VAL JD 68 -13.21 -104.82 -72.52
N ASP JD 69 -13.54 -103.53 -72.44
CA ASP JD 69 -14.92 -103.12 -72.18
C ASP JD 69 -15.80 -103.44 -73.39
N SER JD 70 -17.10 -103.49 -73.14
CA SER JD 70 -18.06 -103.71 -74.21
C SER JD 70 -18.51 -102.38 -74.79
N THR JD 71 -18.68 -102.37 -76.11
CA THR JD 71 -19.14 -101.24 -76.91
C THR JD 71 -18.15 -100.07 -76.97
N THR JD 72 -17.03 -100.15 -76.26
CA THR JD 72 -16.02 -99.10 -76.27
C THR JD 72 -14.66 -99.70 -76.56
N SER JD 73 -13.89 -99.02 -77.41
CA SER JD 73 -12.57 -99.49 -77.82
C SER JD 73 -11.47 -98.86 -76.97
N GLU JD 74 -11.55 -99.02 -75.65
CA GLU JD 74 -10.57 -98.46 -74.75
C GLU JD 74 -9.92 -99.49 -73.84
N THR JD 75 -10.36 -100.75 -73.88
CA THR JD 75 -9.74 -101.88 -73.19
C THR JD 75 -9.24 -101.51 -71.80
N LEU JD 76 -10.17 -101.16 -70.92
CA LEU JD 76 -9.87 -100.67 -69.56
C LEU JD 76 -8.79 -101.50 -68.89
N VAL JD 77 -7.78 -100.81 -68.36
CA VAL JD 77 -6.67 -101.43 -67.65
C VAL JD 77 -6.92 -101.31 -66.15
N ARG JD 78 -6.50 -102.33 -65.40
CA ARG JD 78 -6.80 -102.41 -63.99
C ARG JD 78 -5.58 -102.30 -63.08
N GLY JD 79 -4.42 -102.70 -63.54
CA GLY JD 79 -3.20 -102.62 -62.75
C GLY JD 79 -1.98 -102.83 -63.59
N GLN JD 80 -0.90 -103.27 -62.96
CA GLN JD 80 0.34 -103.57 -63.65
C GLN JD 80 1.24 -104.49 -62.83
N CYS JD 81 1.77 -105.54 -63.46
CA CYS JD 81 2.63 -106.51 -62.78
C CYS JD 81 4.08 -106.09 -62.96
N VAL JD 82 4.55 -105.21 -62.05
CA VAL JD 82 5.92 -104.73 -62.10
C VAL JD 82 6.88 -105.86 -61.76
N VAL JD 83 7.95 -105.98 -62.54
CA VAL JD 83 9.00 -106.96 -62.26
C VAL JD 83 10.37 -106.32 -62.47
N ASP JD 84 11.01 -105.88 -61.38
CA ASP JD 84 12.31 -105.22 -61.47
C ASP JD 84 13.43 -106.25 -61.38
N ILE JD 85 14.47 -106.04 -62.19
CA ILE JD 85 15.65 -106.91 -62.16
C ILE JD 85 16.91 -106.05 -62.16
N ASN JD 86 17.48 -105.81 -61.00
CA ASN JD 86 18.70 -105.02 -60.88
C ASN JD 86 19.91 -105.93 -60.77
N ILE JD 87 20.98 -105.55 -61.44
CA ILE JD 87 22.20 -106.34 -61.50
C ILE JD 87 23.38 -105.45 -61.13
N VAL JD 88 24.28 -105.97 -60.29
CA VAL JD 88 25.49 -105.27 -59.88
C VAL JD 88 26.65 -106.24 -60.02
N ILE JD 89 27.51 -106.01 -61.00
CA ILE JD 89 28.64 -106.88 -61.29
C ILE JD 89 29.92 -106.10 -61.00
N PRO JD 90 30.82 -106.59 -60.17
CA PRO JD 90 31.98 -105.78 -59.77
C PRO JD 90 33.02 -105.68 -60.86
N ARG JD 91 34.08 -104.92 -60.59
CA ARG JD 91 35.17 -104.76 -61.55
C ARG JD 91 35.97 -106.05 -61.74
N VAL JD 92 36.08 -106.87 -60.70
CA VAL JD 92 36.99 -108.02 -60.73
C VAL JD 92 36.29 -109.25 -61.28
N ALA JD 93 35.08 -109.08 -61.81
CA ALA JD 93 34.25 -110.22 -62.22
C ALA JD 93 34.66 -110.65 -63.62
N THR JD 94 35.35 -111.78 -63.71
CA THR JD 94 35.67 -112.40 -64.99
C THR JD 94 34.39 -112.70 -65.75
N ALA JD 95 34.42 -112.48 -67.07
CA ALA JD 95 33.22 -112.64 -67.88
C ALA JD 95 32.64 -114.05 -67.80
N THR JD 96 33.45 -115.05 -67.47
CA THR JD 96 32.91 -116.37 -67.18
C THR JD 96 32.10 -116.37 -65.90
N ASP JD 97 32.58 -115.67 -64.87
CA ASP JD 97 31.83 -115.58 -63.62
C ASP JD 97 30.55 -114.79 -63.80
N ARG JD 98 30.58 -113.72 -64.60
CA ARG JD 98 29.38 -112.93 -64.80
C ARG JD 98 28.31 -113.72 -65.54
N ALA JD 99 28.70 -114.55 -66.51
CA ALA JD 99 27.73 -115.38 -67.21
C ALA JD 99 27.06 -116.36 -66.25
N GLU JD 100 27.84 -116.94 -65.34
CA GLU JD 100 27.27 -117.85 -64.35
C GLU JD 100 26.32 -117.12 -63.42
N ALA JD 101 26.69 -115.93 -62.97
CA ALA JD 101 25.86 -115.21 -62.02
C ALA JD 101 24.52 -114.82 -62.62
N ILE JD 102 24.52 -114.36 -63.87
CA ILE JD 102 23.28 -113.94 -64.51
C ILE JD 102 22.40 -115.13 -64.84
N LYS JD 103 22.98 -116.18 -65.41
CA LYS JD 103 22.17 -117.32 -65.83
C LYS JD 103 21.66 -118.12 -64.63
N ARG JD 104 22.42 -118.16 -63.54
CA ARG JD 104 21.94 -118.84 -62.34
C ARG JD 104 20.82 -118.06 -61.67
N ALA JD 105 20.88 -116.73 -61.69
CA ALA JD 105 19.82 -115.94 -61.09
C ALA JD 105 18.52 -116.10 -61.85
N PHE JD 106 18.59 -116.16 -63.18
CA PHE JD 106 17.39 -116.31 -64.00
C PHE JD 106 16.90 -117.74 -64.06
N ASP JD 107 17.60 -118.68 -63.43
CA ASP JD 107 17.12 -120.05 -63.30
C ASP JD 107 16.30 -120.26 -62.05
N VAL JD 108 16.05 -119.21 -61.27
CA VAL JD 108 15.22 -119.34 -60.08
C VAL JD 108 13.81 -119.76 -60.47
N LEU JD 109 13.29 -119.19 -61.56
CA LEU JD 109 11.95 -119.50 -62.01
C LEU JD 109 11.74 -120.99 -62.25
N ASN JD 110 12.80 -121.70 -62.64
CA ASN JD 110 12.70 -123.14 -62.86
C ASN JD 110 12.95 -123.95 -61.59
N ALA JD 111 13.46 -123.32 -60.53
CA ALA JD 111 13.70 -124.00 -59.26
C ALA JD 111 12.71 -123.58 -58.18
N LEU JD 112 12.52 -122.28 -58.03
CA LEU JD 112 11.54 -121.73 -57.10
C LEU JD 112 10.25 -121.40 -57.83
N ASN JD 113 9.71 -122.42 -58.51
CA ASN JD 113 8.67 -122.20 -59.51
C ASN JD 113 7.31 -121.89 -58.88
N ALA JD 114 6.82 -122.80 -58.04
CA ALA JD 114 5.47 -122.66 -57.51
C ALA JD 114 5.31 -121.38 -56.69
N GLU JD 115 6.33 -121.01 -55.93
CA GLU JD 115 6.24 -119.83 -55.10
C GLU JD 115 6.16 -118.54 -55.92
N LEU JD 116 6.71 -118.55 -57.14
CA LEU JD 116 6.73 -117.34 -57.97
C LEU JD 116 5.50 -117.27 -58.88
N ILE JD 117 5.14 -118.39 -59.50
CA ILE JD 117 3.99 -118.40 -60.40
C ILE JD 117 2.69 -118.34 -59.61
N THR JD 118 2.50 -119.30 -58.70
CA THR JD 118 1.26 -119.38 -57.93
C THR JD 118 1.19 -118.30 -56.85
N GLY JD 119 2.30 -118.06 -56.16
CA GLY JD 119 2.34 -117.02 -55.16
C GLY JD 119 2.02 -117.50 -53.76
N GLU JD 120 2.67 -118.58 -53.33
CA GLU JD 120 2.32 -119.24 -52.09
C GLU JD 120 3.51 -120.04 -51.60
N GLY JD 121 3.41 -120.50 -50.35
CA GLY JD 121 4.28 -121.56 -49.90
C GLY JD 121 5.32 -121.20 -48.86
N GLN JD 122 6.41 -121.98 -48.85
CA GLN JD 122 7.47 -121.89 -47.84
C GLN JD 122 6.89 -122.13 -46.44
N TRP JD 123 6.44 -123.36 -46.23
CA TRP JD 123 5.90 -123.77 -44.94
C TRP JD 123 7.05 -124.07 -44.00
N ALA KD 1 111.44 62.53 26.65
CA ALA KD 1 111.81 63.93 26.49
C ALA KD 1 111.20 64.50 25.22
N ALA KD 2 111.58 65.73 24.87
CA ALA KD 2 111.09 66.32 23.64
C ALA KD 2 111.62 65.55 22.44
N ARG KD 3 110.74 65.27 21.48
CA ARG KD 3 111.11 64.51 20.30
C ARG KD 3 112.18 65.25 19.51
N SER KD 4 113.21 64.53 19.08
CA SER KD 4 114.30 65.11 18.33
C SER KD 4 114.84 64.06 17.38
N SER KD 5 116.03 64.30 16.86
CA SER KD 5 116.68 63.37 15.94
C SER KD 5 117.51 62.35 16.72
N ILE KD 6 117.71 61.18 16.11
CA ILE KD 6 118.51 60.12 16.70
C ILE KD 6 119.54 59.66 15.68
N VAL KD 7 120.63 59.08 16.18
CA VAL KD 7 121.84 58.88 15.39
C VAL KD 7 122.19 57.39 15.38
N LEU KD 8 121.15 56.55 15.30
CA LEU KD 8 121.35 55.10 15.20
C LEU KD 8 122.54 54.75 14.32
N THR KD 9 123.45 53.97 14.87
CA THR KD 9 124.71 53.66 14.21
C THR KD 9 125.08 52.20 14.46
N ASP KD 10 126.14 51.77 13.79
CA ASP KD 10 126.68 50.43 13.99
C ASP KD 10 128.21 50.46 13.98
N GLY KD 11 128.78 51.62 14.30
CA GLY KD 11 130.22 51.75 14.37
C GLY KD 11 130.85 52.38 13.16
N THR KD 12 130.28 52.13 11.98
CA THR KD 12 130.88 52.64 10.75
C THR KD 12 129.94 53.51 9.91
N THR KD 13 128.65 53.20 9.89
CA THR KD 13 127.70 53.94 9.05
C THR KD 13 126.54 54.43 9.89
N PRO KD 14 126.68 55.61 10.51
CA PRO KD 14 125.57 56.17 11.29
C PRO KD 14 124.41 56.56 10.40
N VAL KD 15 123.22 56.53 10.99
CA VAL KD 15 121.98 56.89 10.31
C VAL KD 15 121.26 57.91 11.17
N THR KD 16 120.91 59.05 10.60
CA THR KD 16 120.18 60.09 11.30
C THR KD 16 118.70 59.97 10.97
N LEU KD 17 117.88 59.78 11.99
CA LEU KD 17 116.44 59.66 11.83
C LEU KD 17 115.77 60.89 12.43
N THR KD 18 114.64 61.27 11.84
CA THR KD 18 113.92 62.47 12.25
C THR KD 18 112.45 62.15 12.45
N PRO KD 19 111.81 62.71 13.46
CA PRO KD 19 110.40 62.38 13.73
C PRO KD 19 109.46 62.94 12.67
N VAL KD 20 108.84 62.06 11.89
CA VAL KD 20 108.03 62.49 10.76
C VAL KD 20 106.58 62.03 10.94
N GLY KD 21 106.16 61.86 12.18
CA GLY KD 21 104.79 61.46 12.42
C GLY KD 21 104.65 60.86 13.81
N GLY KD 22 103.53 60.17 14.00
CA GLY KD 22 103.27 59.52 15.26
C GLY KD 22 101.91 59.85 15.84
N GLY KD 23 101.88 60.11 17.15
CA GLY KD 23 100.62 60.43 17.81
C GLY KD 23 100.82 60.49 19.31
N VAL KD 24 99.83 59.97 20.02
CA VAL KD 24 99.92 59.85 21.48
C VAL KD 24 100.40 58.43 21.79
N GLY KD 25 101.51 58.33 22.50
CA GLY KD 25 102.12 57.04 22.76
C GLY KD 25 102.66 56.39 21.50
N GLN KD 26 103.29 57.17 20.63
CA GLN KD 26 103.84 56.68 19.37
C GLN KD 26 104.67 57.79 18.75
N THR KD 27 105.76 57.39 18.08
CA THR KD 27 106.63 58.38 17.43
C THR KD 27 107.37 57.68 16.29
N LEU KD 28 106.91 57.90 15.07
CA LEU KD 28 107.58 57.36 13.90
C LEU KD 28 108.88 58.13 13.65
N TYR KD 29 109.83 57.45 13.00
CA TYR KD 29 111.07 58.05 12.56
C TYR KD 29 111.35 57.61 11.13
N ARG KD 30 112.24 58.33 10.46
CA ARG KD 30 112.67 57.95 9.13
C ARG KD 30 113.98 58.64 8.82
N ALA KD 31 114.89 57.94 8.17
CA ALA KD 31 116.17 58.53 7.80
C ALA KD 31 115.95 59.66 6.81
N THR KD 32 116.78 60.70 6.92
CA THR KD 32 116.58 61.91 6.13
C THR KD 32 116.55 61.58 4.64
N ALA KD 33 117.66 61.09 4.11
CA ALA KD 33 117.71 60.61 2.73
C ALA KD 33 118.95 59.76 2.57
N GLU KD 34 118.77 58.47 2.30
CA GLU KD 34 119.91 57.63 1.94
C GLU KD 34 120.24 57.77 0.46
N ALA KD 35 119.36 57.27 -0.41
CA ALA KD 35 119.46 57.51 -1.85
C ALA KD 35 118.13 57.74 -2.54
N LEU KD 36 117.02 57.38 -1.92
CA LEU KD 36 115.68 57.50 -2.50
C LEU KD 36 114.68 57.20 -1.38
N SER KD 37 113.40 57.18 -1.73
CA SER KD 37 112.39 56.74 -0.79
C SER KD 37 112.23 55.23 -0.86
N ALA KD 38 111.66 54.65 0.20
CA ALA KD 38 111.50 53.22 0.44
C ALA KD 38 112.83 52.52 0.66
N ALA KD 39 113.95 53.22 0.57
CA ALA KD 39 115.27 52.68 0.90
C ALA KD 39 115.83 53.40 2.11
N ASN KD 40 114.94 53.82 3.02
CA ASN KD 40 115.31 54.58 4.19
C ASN KD 40 114.81 53.85 5.45
N PRO KD 41 115.67 53.64 6.44
CA PRO KD 41 115.24 52.96 7.66
C PRO KD 41 114.27 53.80 8.47
N SER KD 42 113.48 53.11 9.30
CA SER KD 42 112.50 53.74 10.17
C SER KD 42 112.60 53.12 11.55
N LEU KD 43 112.19 53.88 12.57
CA LEU KD 43 112.31 53.46 13.97
C LEU KD 43 111.01 53.75 14.73
N SER KD 44 109.89 53.26 14.21
CA SER KD 44 108.63 53.34 14.93
C SER KD 44 108.80 52.99 16.40
N PHE KD 45 108.27 53.85 17.28
CA PHE KD 45 108.49 53.71 18.71
C PHE KD 45 107.21 54.08 19.44
N GLY KD 46 106.57 53.09 20.05
CA GLY KD 46 105.39 53.31 20.86
C GLY KD 46 105.67 53.17 22.35
N TYR KD 47 104.66 53.50 23.15
CA TYR KD 47 104.73 53.41 24.60
C TYR KD 47 103.34 53.63 25.16
N ARG KD 48 102.99 52.87 26.19
CA ARG KD 48 101.67 52.99 26.79
C ARG KD 48 101.71 52.38 28.19
N PHE KD 49 100.70 52.72 28.98
CA PHE KD 49 100.52 52.18 30.32
C PHE KD 49 99.19 51.45 30.35
N THR KD 50 99.22 50.20 30.83
CA THR KD 50 97.98 49.44 31.01
C THR KD 50 97.32 49.84 32.33
N ASP KD 51 96.40 49.01 32.82
CA ASP KD 51 95.72 49.25 34.08
C ASP KD 51 96.70 49.67 35.18
N GLY KD 52 97.74 48.88 35.41
CA GLY KD 52 98.78 49.22 36.35
C GLY KD 52 99.85 50.08 35.70
N GLY KD 53 100.94 50.26 36.43
CA GLY KD 53 102.05 51.05 35.92
C GLY KD 53 102.96 50.26 35.00
N THR KD 54 102.40 49.26 34.32
CA THR KD 54 103.17 48.39 33.44
C THR KD 54 103.60 49.18 32.21
N ASN KD 55 104.85 49.63 32.22
CA ASN KD 55 105.36 50.50 31.17
C ASN KD 55 105.60 49.72 29.87
N ARG KD 56 104.53 49.41 29.15
CA ARG KD 56 104.61 48.57 27.95
C ARG KD 56 105.14 49.39 26.77
N GLN KD 57 106.45 49.57 26.74
CA GLN KD 57 107.09 50.20 25.60
C GLN KD 57 107.26 49.19 24.47
N SER KD 58 107.49 49.70 23.26
CA SER KD 58 107.66 48.86 22.09
C SER KD 58 108.54 49.59 21.09
N LEU KD 59 109.15 48.81 20.19
CA LEU KD 59 109.99 49.38 19.15
C LEU KD 59 109.88 48.51 17.90
N SER KD 60 110.32 49.07 16.78
CA SER KD 60 110.36 48.35 15.52
C SER KD 60 111.28 49.10 14.58
N TYR KD 61 112.40 48.48 14.22
CA TYR KD 61 113.35 49.08 13.29
C TYR KD 61 113.33 48.28 12.00
N LYS KD 62 113.03 48.95 10.90
CA LYS KD 62 112.89 48.30 9.59
C LYS KD 62 113.90 48.91 8.63
N GLN KD 63 114.92 48.14 8.29
CA GLN KD 63 115.92 48.56 7.32
C GLN KD 63 115.68 47.82 6.03
N PRO KD 64 115.33 48.50 4.93
CA PRO KD 64 114.99 47.80 3.69
C PRO KD 64 116.21 47.44 2.87
N ILE KD 65 116.09 46.32 2.16
CA ILE KD 65 117.20 45.75 1.39
C ILE KD 65 117.07 46.21 -0.04
N THR KD 66 118.04 46.99 -0.51
CA THR KD 66 117.99 47.58 -1.84
C THR KD 66 119.05 46.96 -2.73
N ALA KD 67 118.75 46.89 -4.02
CA ALA KD 67 119.66 46.28 -4.98
C ALA KD 67 119.40 46.88 -6.36
N VAL KD 68 120.47 46.96 -7.16
CA VAL KD 68 120.36 47.54 -8.50
C VAL KD 68 119.61 46.59 -9.42
N ASP KD 69 119.01 47.16 -10.46
CA ASP KD 69 118.18 46.43 -11.43
C ASP KD 69 118.70 46.72 -12.83
N SER KD 70 119.99 46.45 -13.04
CA SER KD 70 120.78 46.84 -14.20
C SER KD 70 120.04 46.73 -15.53
N THR KD 71 119.12 45.77 -15.67
CA THR KD 71 118.27 45.73 -16.85
C THR KD 71 117.52 47.04 -17.03
N THR KD 72 117.20 47.74 -15.94
CA THR KD 72 116.63 49.07 -15.99
C THR KD 72 117.44 50.11 -15.21
N SER KD 73 118.38 49.67 -14.36
CA SER KD 73 119.25 50.54 -13.57
C SER KD 73 118.49 51.37 -12.55
N GLU KD 74 117.35 50.86 -12.08
CA GLU KD 74 116.57 51.52 -11.04
C GLU KD 74 116.73 50.75 -9.74
N THR KD 75 117.06 51.48 -8.67
CA THR KD 75 117.44 50.86 -7.39
C THR KD 75 116.18 50.34 -6.68
N LEU KD 76 115.69 49.21 -7.16
CA LEU KD 76 114.52 48.59 -6.56
C LEU KD 76 114.87 48.02 -5.18
N VAL KD 77 113.87 47.96 -4.31
CA VAL KD 77 114.02 47.40 -2.98
C VAL KD 77 113.39 46.01 -2.94
N ARG KD 78 114.15 45.03 -2.44
CA ARG KD 78 113.71 43.65 -2.41
C ARG KD 78 112.89 43.34 -1.16
N GLY KD 79 113.48 43.55 0.02
CA GLY KD 79 112.81 43.29 1.27
C GLY KD 79 113.34 44.15 2.39
N GLN KD 80 112.97 43.84 3.63
CA GLN KD 80 113.39 44.63 4.78
C GLN KD 80 113.76 43.71 5.94
N CYS KD 81 114.63 44.21 6.81
CA CYS KD 81 115.00 43.52 8.03
C CYS KD 81 114.27 44.18 9.20
N VAL KD 82 113.55 43.37 9.97
CA VAL KD 82 112.67 43.86 11.03
C VAL KD 82 113.22 43.43 12.37
N VAL KD 83 113.40 44.39 13.28
CA VAL KD 83 113.83 44.11 14.64
C VAL KD 83 112.82 44.76 15.58
N ASP KD 84 112.19 43.95 16.43
CA ASP KD 84 111.20 44.44 17.38
C ASP KD 84 111.73 44.24 18.79
N ILE KD 85 111.89 45.33 19.53
CA ILE KD 85 112.33 45.25 20.91
C ILE KD 85 111.20 45.68 21.83
N ASN KD 86 110.39 44.72 22.28
CA ASN KD 86 109.33 45.01 23.23
C ASN KD 86 109.87 45.00 24.65
N ILE KD 87 109.36 45.92 25.47
CA ILE KD 87 109.76 46.06 26.85
C ILE KD 87 108.52 46.15 27.72
N VAL KD 88 108.47 45.37 28.79
CA VAL KD 88 107.37 45.42 29.76
C VAL KD 88 107.97 45.47 31.15
N ILE KD 89 107.70 46.54 31.88
CA ILE KD 89 108.17 46.70 33.25
C ILE KD 89 106.95 46.96 34.13
N PRO KD 90 106.68 46.13 35.13
CA PRO KD 90 105.48 46.32 35.94
C PRO KD 90 105.63 47.50 36.90
N ARG KD 91 104.51 47.86 37.52
CA ARG KD 91 104.50 48.97 38.45
C ARG KD 91 105.36 48.68 39.69
N VAL KD 92 105.42 47.42 40.10
CA VAL KD 92 106.09 47.03 41.34
C VAL KD 92 107.60 47.06 41.17
N ALA KD 93 108.08 47.41 39.98
CA ALA KD 93 109.50 47.39 39.70
C ALA KD 93 110.17 48.65 40.22
N THR KD 94 111.20 48.47 41.04
CA THR KD 94 111.99 49.61 41.49
C THR KD 94 112.77 50.19 40.32
N ALA KD 95 113.20 51.44 40.47
CA ALA KD 95 113.89 52.14 39.40
C ALA KD 95 115.20 51.47 38.99
N THR KD 96 115.81 50.67 39.86
CA THR KD 96 117.08 50.01 39.53
C THR KD 96 116.91 48.66 38.85
N ASP KD 97 115.81 47.96 39.11
CA ASP KD 97 115.55 46.72 38.39
C ASP KD 97 115.16 46.98 36.95
N ARG KD 98 114.50 48.11 36.68
CA ARG KD 98 114.21 48.49 35.31
C ARG KD 98 115.49 48.80 34.54
N ALA KD 99 116.42 49.50 35.18
CA ALA KD 99 117.70 49.78 34.52
C ALA KD 99 118.54 48.52 34.39
N GLU KD 100 118.42 47.60 35.34
CA GLU KD 100 119.15 46.33 35.25
C GLU KD 100 118.64 45.49 34.09
N ALA KD 101 117.31 45.40 33.95
CA ALA KD 101 116.74 44.51 32.93
C ALA KD 101 117.02 45.04 31.53
N ILE KD 102 116.86 46.35 31.31
CA ILE KD 102 116.97 46.90 29.96
C ILE KD 102 118.40 46.76 29.45
N LYS KD 103 119.39 47.13 30.27
CA LYS KD 103 120.77 47.09 29.80
C LYS KD 103 121.26 45.66 29.63
N ARG KD 104 120.75 44.73 30.44
CA ARG KD 104 121.19 43.34 30.32
C ARG KD 104 120.67 42.71 29.05
N ALA KD 105 119.37 42.86 28.78
CA ALA KD 105 118.78 42.25 27.59
C ALA KD 105 119.34 42.85 26.32
N PHE KD 106 119.79 44.11 26.36
CA PHE KD 106 120.45 44.71 25.21
C PHE KD 106 121.90 44.28 25.09
N ASP KD 107 122.43 43.61 26.12
CA ASP KD 107 123.78 43.06 26.08
C ASP KD 107 123.83 41.67 25.46
N VAL KD 108 122.70 41.18 24.95
CA VAL KD 108 122.67 39.85 24.35
C VAL KD 108 123.60 39.79 23.15
N LEU KD 109 123.55 40.82 22.30
CA LEU KD 109 124.32 40.81 21.06
C LEU KD 109 125.82 40.68 21.33
N ASN KD 110 126.29 41.25 22.44
CA ASN KD 110 127.70 41.09 22.79
C ASN KD 110 128.00 39.67 23.24
N ALA KD 111 127.04 39.01 23.89
CA ALA KD 111 127.27 37.66 24.41
C ALA KD 111 126.82 36.59 23.42
N LEU KD 112 125.53 36.60 23.08
CA LEU KD 112 124.98 35.62 22.13
C LEU KD 112 125.11 36.18 20.70
N ASN KD 113 126.37 36.35 20.29
CA ASN KD 113 126.65 37.15 19.10
C ASN KD 113 126.42 36.35 17.82
N ALA KD 114 127.17 35.26 17.64
CA ALA KD 114 127.26 34.60 16.34
C ALA KD 114 125.92 34.09 15.83
N GLU KD 115 124.97 33.80 16.71
CA GLU KD 115 123.68 33.30 16.27
C GLU KD 115 122.73 34.39 15.82
N LEU KD 116 123.02 35.65 16.12
CA LEU KD 116 122.22 36.77 15.68
C LEU KD 116 122.79 37.43 14.44
N ILE KD 117 124.07 37.80 14.48
CA ILE KD 117 124.71 38.50 13.36
C ILE KD 117 124.72 37.60 12.12
N THR KD 118 125.17 36.35 12.29
CA THR KD 118 125.41 35.48 11.14
C THR KD 118 124.18 34.68 10.75
N GLY KD 119 123.27 34.44 11.68
CA GLY KD 119 122.06 33.70 11.37
C GLY KD 119 122.16 32.20 11.50
N GLU KD 120 123.31 31.67 11.90
CA GLU KD 120 123.46 30.23 12.05
C GLU KD 120 122.62 29.73 13.21
N GLY KD 121 122.14 28.50 13.07
CA GLY KD 121 121.33 27.87 14.09
C GLY KD 121 122.18 27.01 15.00
N GLN KD 122 122.16 27.32 16.29
CA GLN KD 122 122.97 26.60 17.25
C GLN KD 122 122.48 25.16 17.40
N TRP KD 123 123.44 24.26 17.62
CA TRP KD 123 123.14 22.84 17.71
C TRP KD 123 123.32 22.33 19.13
N ALA LD 1 116.73 71.21 10.93
CA ALA LD 1 115.32 71.26 10.58
C ALA LD 1 114.45 71.39 11.82
N ALA LD 2 114.97 72.05 12.85
CA ALA LD 2 114.21 72.34 14.05
C ALA LD 2 113.33 73.56 13.82
N ARG LD 3 112.32 73.70 14.67
CA ARG LD 3 111.37 74.80 14.53
C ARG LD 3 111.98 76.10 15.01
N SER LD 4 112.00 77.10 14.13
CA SER LD 4 112.50 78.42 14.45
C SER LD 4 111.79 79.44 13.57
N SER LD 5 112.08 80.71 13.80
CA SER LD 5 111.45 81.78 13.03
C SER LD 5 111.94 81.74 11.58
N ILE LD 6 111.02 81.99 10.65
CA ILE LD 6 111.33 82.05 9.23
C ILE LD 6 111.00 83.45 8.73
N VAL LD 7 111.68 83.84 7.65
CA VAL LD 7 111.74 85.24 7.23
C VAL LD 7 111.20 85.39 5.82
N LEU LD 8 110.11 84.68 5.52
CA LEU LD 8 109.39 84.83 4.24
C LEU LD 8 109.40 86.28 3.77
N THR LD 9 109.78 86.48 2.51
CA THR LD 9 109.88 87.82 1.96
C THR LD 9 109.60 87.78 0.48
N ASP LD 10 109.17 88.93 -0.06
CA ASP LD 10 108.92 89.09 -1.48
C ASP LD 10 109.98 89.92 -2.18
N GLY LD 11 110.95 90.45 -1.43
CA GLY LD 11 111.98 91.30 -2.00
C GLY LD 11 111.93 92.70 -1.44
N THR LD 12 110.72 93.19 -1.17
CA THR LD 12 110.55 94.55 -0.65
C THR LD 12 110.42 94.57 0.87
N THR LD 13 109.42 93.87 1.40
CA THR LD 13 109.14 93.88 2.84
C THR LD 13 109.19 92.44 3.37
N PRO LD 14 110.19 92.10 4.19
CA PRO LD 14 110.20 90.77 4.80
C PRO LD 14 109.22 90.69 5.96
N VAL LD 15 108.64 89.50 6.14
CA VAL LD 15 107.77 89.21 7.27
C VAL LD 15 108.34 88.02 8.02
N THR LD 16 108.46 88.16 9.34
CA THR LD 16 109.08 87.14 10.19
C THR LD 16 107.98 86.35 10.88
N LEU LD 17 107.87 85.07 10.54
CA LEU LD 17 106.89 84.19 11.15
C LEU LD 17 107.57 83.35 12.23
N THR LD 18 106.97 83.29 13.41
CA THR LD 18 107.48 82.49 14.51
C THR LD 18 106.50 81.36 14.82
N PRO LD 19 106.97 80.19 15.23
CA PRO LD 19 106.06 79.07 15.48
C PRO LD 19 105.07 79.41 16.58
N VAL LD 20 103.84 78.93 16.42
CA VAL LD 20 102.82 79.11 17.44
C VAL LD 20 102.12 77.79 17.71
N GLY LD 21 102.81 76.67 17.46
CA GLY LD 21 102.27 75.39 17.85
C GLY LD 21 102.36 74.30 16.83
N GLY LD 22 101.43 73.34 16.91
CA GLY LD 22 101.31 72.30 15.90
C GLY LD 22 101.53 70.90 16.40
N GLY LD 23 102.56 70.69 17.22
CA GLY LD 23 102.87 69.33 17.65
C GLY LD 23 103.56 68.53 16.58
N VAL LD 24 103.37 67.21 16.58
CA VAL LD 24 104.03 66.32 15.63
C VAL LD 24 103.17 66.20 14.38
N GLY LD 25 103.81 66.19 13.23
CA GLY LD 25 103.10 66.11 11.97
C GLY LD 25 102.65 67.42 11.38
N GLN LD 26 102.92 68.55 12.05
CA GLN LD 26 102.57 69.85 11.51
C GLN LD 26 103.31 70.92 12.29
N THR LD 27 103.18 72.16 11.82
CA THR LD 27 103.79 73.30 12.48
C THR LD 27 103.04 74.55 12.05
N LEU LD 28 102.60 75.34 13.01
CA LEU LD 28 101.91 76.59 12.73
C LEU LD 28 102.85 77.76 12.93
N TYR LD 29 102.75 78.74 12.04
CA TYR LD 29 103.54 79.96 12.15
C TYR LD 29 102.60 81.15 12.16
N ARG LD 30 103.10 82.29 12.64
CA ARG LD 30 102.34 83.52 12.62
C ARG LD 30 103.23 84.71 12.93
N ALA LD 31 103.17 85.76 12.12
CA ALA LD 31 103.94 86.95 12.37
C ALA LD 31 103.38 87.71 13.57
N THR LD 32 104.07 88.76 14.00
CA THR LD 32 103.58 89.52 15.14
C THR LD 32 102.50 90.51 14.71
N ALA LD 33 102.90 91.54 13.95
CA ALA LD 33 102.00 92.62 13.51
C ALA LD 33 100.99 92.97 14.58
N GLU LD 34 101.50 93.16 15.80
CA GLU LD 34 100.66 93.19 17.00
C GLU LD 34 99.65 94.33 16.92
N ALA LD 35 98.50 94.10 17.56
CA ALA LD 35 97.45 95.12 17.65
C ALA LD 35 96.99 95.52 16.25
N LEU LD 36 96.29 94.59 15.60
CA LEU LD 36 95.60 93.43 16.14
C LEU LD 36 96.41 92.15 15.96
N SER LD 37 96.10 91.12 16.75
CA SER LD 37 96.84 89.86 16.70
C SER LD 37 96.32 88.89 15.65
N ALA LD 38 95.10 89.08 15.17
CA ALA LD 38 94.55 88.25 14.10
C ALA LD 38 94.80 88.82 12.72
N ALA LD 39 95.40 90.01 12.63
CA ALA LD 39 95.70 90.64 11.36
C ALA LD 39 97.18 90.49 11.01
N ASN LD 40 97.62 89.25 10.82
CA ASN LD 40 98.99 88.99 10.41
C ASN LD 40 99.05 87.63 9.73
N PRO LD 41 100.01 87.40 8.84
CA PRO LD 41 100.04 86.17 8.05
C PRO LD 41 100.40 84.95 8.88
N SER LD 42 100.08 83.79 8.32
CA SER LD 42 100.32 82.50 8.96
C SER LD 42 100.78 81.50 7.92
N LEU LD 43 101.45 80.44 8.38
CA LEU LD 43 102.03 79.43 7.49
C LEU LD 43 101.80 78.01 8.01
N SER LD 44 100.54 77.66 8.25
CA SER LD 44 100.22 76.28 8.61
C SER LD 44 100.88 75.30 7.66
N PHE LD 45 101.81 74.49 8.17
CA PHE LD 45 102.62 73.58 7.36
C PHE LD 45 102.54 72.19 7.94
N GLY LD 46 102.00 71.24 7.16
CA GLY LD 46 101.88 69.87 7.60
C GLY LD 46 102.72 68.93 6.75
N TYR LD 47 102.78 67.67 7.20
CA TYR LD 47 103.55 66.64 6.52
C TYR LD 47 103.26 65.30 7.18
N ARG LD 48 103.29 64.23 6.40
CA ARG LD 48 103.05 62.89 6.93
C ARG LD 48 103.52 61.87 5.91
N PHE LD 49 103.54 60.61 6.31
CA PHE LD 49 103.87 59.48 5.45
C PHE LD 49 102.76 58.45 5.55
N THR LD 50 102.26 58.01 4.39
CA THR LD 50 101.19 57.03 4.35
C THR LD 50 101.76 55.62 4.46
N ASP LD 51 100.93 54.63 4.12
CA ASP LD 51 101.36 53.23 4.18
C ASP LD 51 102.67 53.01 3.43
N GLY LD 52 102.81 53.63 2.26
CA GLY LD 52 104.07 53.56 1.54
C GLY LD 52 105.03 54.62 2.02
N GLY LD 53 105.85 55.14 1.12
CA GLY LD 53 106.74 56.22 1.45
C GLY LD 53 106.22 57.54 0.89
N THR LD 54 104.92 57.58 0.63
CA THR LD 54 104.31 58.74 -0.02
C THR LD 54 104.33 59.91 0.95
N ASN LD 55 105.30 60.80 0.75
CA ASN LD 55 105.49 61.97 1.60
C ASN LD 55 104.52 63.05 1.16
N ARG LD 56 103.39 63.18 1.88
CA ARG LD 56 102.36 64.15 1.52
C ARG LD 56 102.52 65.41 2.37
N GLN LD 57 103.44 66.27 1.94
CA GLN LD 57 103.58 67.56 2.59
C GLN LD 57 102.43 68.48 2.18
N SER LD 58 102.27 69.57 2.92
CA SER LD 58 101.15 70.48 2.68
C SER LD 58 101.37 71.81 3.39
N LEU LD 59 101.24 72.91 2.66
CA LEU LD 59 101.40 74.24 3.22
C LEU LD 59 100.13 75.05 3.00
N SER LD 60 100.01 76.16 3.71
CA SER LD 60 98.87 77.05 3.53
C SER LD 60 99.26 78.40 4.11
N TYR LD 61 99.47 79.38 3.25
CA TYR LD 61 99.89 80.72 3.67
C TYR LD 61 98.73 81.67 3.49
N LYS LD 62 98.16 82.12 4.62
CA LYS LD 62 97.05 83.07 4.61
C LYS LD 62 97.56 84.42 5.07
N GLN LD 63 97.30 85.45 4.28
CA GLN LD 63 97.66 86.82 4.63
C GLN LD 63 96.41 87.66 4.68
N PRO LD 64 95.99 88.16 5.85
CA PRO LD 64 94.77 88.95 5.92
C PRO LD 64 95.00 90.37 5.42
N ILE LD 65 93.92 90.95 4.90
CA ILE LD 65 93.94 92.30 4.34
C ILE LD 65 93.46 93.26 5.42
N THR LD 66 94.33 94.16 5.83
CA THR LD 66 94.05 95.07 6.94
C THR LD 66 93.60 96.43 6.41
N ALA LD 67 93.01 97.22 7.31
CA ALA LD 67 92.55 98.56 6.98
C ALA LD 67 92.45 99.36 8.27
N VAL LD 68 93.38 100.29 8.48
CA VAL LD 68 93.41 101.06 9.72
C VAL LD 68 92.31 102.11 9.67
N ASP LD 69 91.29 101.95 10.51
CA ASP LD 69 90.14 102.84 10.56
C ASP LD 69 90.53 104.08 11.35
N SER LD 70 90.88 105.15 10.63
CA SER LD 70 91.37 106.36 11.29
C SER LD 70 90.34 107.00 12.21
N THR LD 71 89.05 106.78 11.95
CA THR LD 71 88.01 107.34 12.80
C THR LD 71 88.09 106.80 14.22
N THR LD 72 88.16 105.48 14.35
CA THR LD 72 88.20 104.81 15.64
C THR LD 72 89.62 104.42 16.05
N SER LD 73 90.55 104.35 15.10
CA SER LD 73 91.93 103.93 15.32
C SER LD 73 91.98 102.47 15.77
N GLU LD 74 91.36 101.62 14.97
CA GLU LD 74 91.41 100.17 15.17
C GLU LD 74 91.64 99.50 13.83
N THR LD 75 92.34 98.37 13.85
CA THR LD 75 92.64 97.65 12.63
C THR LD 75 91.52 96.67 12.32
N LEU LD 76 90.95 96.78 11.12
CA LEU LD 76 89.88 95.91 10.68
C LEU LD 76 90.40 94.93 9.66
N VAL LD 77 89.83 93.74 9.63
CA VAL LD 77 90.25 92.68 8.73
C VAL LD 77 89.16 92.49 7.68
N ARG LD 78 89.50 92.75 6.42
CA ARG LD 78 88.53 92.70 5.34
C ARG LD 78 88.49 91.35 4.64
N GLY LD 79 89.62 90.64 4.61
CA GLY LD 79 89.66 89.34 3.97
C GLY LD 79 91.08 88.83 3.98
N GLN LD 80 91.28 87.63 3.45
CA GLN LD 80 92.61 87.03 3.45
C GLN LD 80 92.88 86.37 2.11
N CYS LD 81 94.12 86.53 1.64
CA CYS LD 81 94.60 85.80 0.47
C CYS LD 81 95.19 84.47 0.91
N VAL LD 82 94.71 83.39 0.33
CA VAL LD 82 95.10 82.04 0.73
C VAL LD 82 95.86 81.39 -0.41
N VAL LD 83 97.01 80.81 -0.09
CA VAL LD 83 97.84 80.11 -1.07
C VAL LD 83 98.15 78.72 -0.51
N ASP LD 84 97.53 77.69 -1.06
CA ASP LD 84 97.78 76.32 -0.67
C ASP LD 84 98.78 75.69 -1.63
N ILE LD 85 99.70 74.91 -1.08
CA ILE LD 85 100.74 74.24 -1.86
C ILE LD 85 100.82 72.81 -1.35
N ASN LD 86 100.08 71.91 -1.99
CA ASN LD 86 100.17 70.50 -1.64
C ASN LD 86 101.27 69.84 -2.45
N ILE LD 87 102.00 68.93 -1.80
CA ILE LD 87 103.10 68.22 -2.41
C ILE LD 87 102.93 66.74 -2.13
N VAL LD 88 102.91 65.92 -3.17
CA VAL LD 88 102.85 64.48 -3.03
C VAL LD 88 104.07 63.89 -3.72
N ILE LD 89 104.82 63.07 -3.00
CA ILE LD 89 106.02 62.45 -3.55
C ILE LD 89 105.90 60.94 -3.37
N PRO LD 90 105.82 60.17 -4.44
CA PRO LD 90 105.54 58.73 -4.29
C PRO LD 90 106.68 57.96 -3.66
N ARG LD 91 106.42 56.69 -3.35
CA ARG LD 91 107.39 55.84 -2.69
C ARG LD 91 108.63 55.60 -3.55
N VAL LD 92 108.51 55.69 -4.86
CA VAL LD 92 109.56 55.29 -5.79
C VAL LD 92 110.41 56.46 -6.26
N ALA LD 93 110.28 57.62 -5.62
CA ALA LD 93 110.90 58.84 -6.12
C ALA LD 93 112.33 58.97 -5.59
N THR LD 94 113.27 59.16 -6.50
CA THR LD 94 114.65 59.37 -6.13
C THR LD 94 114.81 60.71 -5.41
N ALA LD 95 115.88 60.81 -4.61
CA ALA LD 95 116.14 62.02 -3.85
C ALA LD 95 116.52 63.21 -4.73
N THR LD 96 116.89 62.98 -5.98
CA THR LD 96 117.18 64.07 -6.90
C THR LD 96 116.00 64.43 -7.79
N ASP LD 97 115.00 63.54 -7.91
CA ASP LD 97 113.77 63.90 -8.59
C ASP LD 97 112.90 64.78 -7.73
N ARG LD 98 113.00 64.65 -6.41
CA ARG LD 98 112.28 65.53 -5.50
C ARG LD 98 112.72 66.98 -5.69
N ALA LD 99 114.03 67.21 -5.72
CA ALA LD 99 114.53 68.56 -5.94
C ALA LD 99 114.13 69.08 -7.31
N GLU LD 100 114.18 68.23 -8.33
CA GLU LD 100 113.77 68.65 -9.67
C GLU LD 100 112.30 69.01 -9.70
N ALA LD 101 111.45 68.18 -9.10
CA ALA LD 101 110.01 68.44 -9.16
C ALA LD 101 109.63 69.67 -8.35
N ILE LD 102 110.13 69.76 -7.11
CA ILE LD 102 109.73 70.85 -6.23
C ILE LD 102 110.22 72.19 -6.77
N LYS LD 103 111.51 72.26 -7.12
CA LYS LD 103 112.05 73.54 -7.55
C LYS LD 103 111.49 73.97 -8.90
N ARG LD 104 111.03 73.03 -9.71
CA ARG LD 104 110.39 73.40 -10.98
C ARG LD 104 108.99 73.94 -10.75
N ALA LD 105 108.21 73.30 -9.87
CA ALA LD 105 106.86 73.77 -9.60
C ALA LD 105 106.88 75.16 -8.98
N PHE LD 106 107.81 75.42 -8.06
CA PHE LD 106 107.94 76.74 -7.47
C PHE LD 106 108.57 77.74 -8.42
N ASP LD 107 109.04 77.30 -9.58
CA ASP LD 107 109.53 78.21 -10.61
C ASP LD 107 108.43 78.71 -11.53
N VAL LD 108 107.18 78.31 -11.29
CA VAL LD 108 106.07 78.77 -12.11
C VAL LD 108 105.95 80.29 -12.01
N LEU LD 109 106.10 80.83 -10.81
CA LEU LD 109 105.98 82.26 -10.61
C LEU LD 109 106.93 83.05 -11.52
N ASN LD 110 108.07 82.46 -11.87
CA ASN LD 110 108.96 83.11 -12.83
C ASN LD 110 108.57 82.83 -14.27
N ALA LD 111 107.81 81.76 -14.52
CA ALA LD 111 107.37 81.47 -15.87
C ALA LD 111 105.98 82.05 -16.14
N LEU LD 112 105.01 81.68 -15.32
CA LEU LD 112 103.63 82.15 -15.46
C LEU LD 112 103.41 83.39 -14.59
N ASN LD 113 104.29 84.38 -14.77
CA ASN LD 113 104.38 85.49 -13.84
C ASN LD 113 103.17 86.41 -13.95
N ALA LD 114 102.87 86.89 -15.15
CA ALA LD 114 101.82 87.90 -15.31
C ALA LD 114 100.45 87.35 -14.95
N GLU LD 115 100.25 86.04 -15.10
CA GLU LD 115 98.95 85.46 -14.77
C GLU LD 115 98.74 85.29 -13.27
N LEU LD 116 99.78 85.52 -12.46
CA LEU LD 116 99.67 85.34 -11.01
C LEU LD 116 99.88 86.63 -10.26
N ILE LD 117 100.89 87.42 -10.62
CA ILE LD 117 101.18 88.64 -9.88
C ILE LD 117 100.09 89.69 -10.11
N THR LD 118 99.65 89.85 -11.36
CA THR LD 118 98.65 90.85 -11.69
C THR LD 118 97.23 90.30 -11.75
N GLY LD 119 97.07 89.01 -12.01
CA GLY LD 119 95.78 88.39 -12.03
C GLY LD 119 95.15 88.24 -13.39
N GLU LD 120 95.90 88.48 -14.46
CA GLU LD 120 95.35 88.37 -15.80
C GLU LD 120 94.98 86.92 -16.12
N GLY LD 121 94.40 86.75 -17.30
CA GLY LD 121 94.24 85.43 -17.87
C GLY LD 121 94.83 85.43 -19.25
N GLN LD 122 95.49 84.34 -19.61
CA GLN LD 122 96.15 84.28 -20.90
C GLN LD 122 95.12 84.12 -22.01
N TRP LD 123 95.31 84.89 -23.07
CA TRP LD 123 94.33 84.92 -24.16
C TRP LD 123 94.79 84.14 -25.39
N ALA MD 1 100.33 87.24 -20.84
CA ALA MD 1 100.30 87.31 -22.29
C ALA MD 1 99.59 86.08 -22.86
N ALA MD 2 99.72 85.89 -24.17
CA ALA MD 2 99.04 84.77 -24.82
C ALA MD 2 99.69 83.46 -24.43
N ARG MD 3 98.96 82.37 -24.67
CA ARG MD 3 99.50 81.04 -24.40
C ARG MD 3 100.77 80.82 -25.22
N SER MD 4 101.89 80.64 -24.54
CA SER MD 4 103.16 80.45 -25.24
C SER MD 4 103.93 79.29 -24.61
N SER MD 5 105.20 79.15 -24.97
CA SER MD 5 106.05 78.10 -24.42
C SER MD 5 106.76 78.62 -23.17
N ILE MD 6 106.60 77.90 -22.06
CA ILE MD 6 107.22 78.27 -20.80
C ILE MD 6 108.44 77.40 -20.57
N VAL MD 7 109.36 77.90 -19.76
CA VAL MD 7 110.70 77.33 -19.64
C VAL MD 7 110.94 76.90 -18.19
N LEU MD 8 109.93 76.33 -17.55
CA LEU MD 8 110.03 75.82 -16.18
C LEU MD 8 111.35 75.12 -15.94
N THR MD 9 112.12 75.61 -14.98
CA THR MD 9 113.47 75.13 -14.73
C THR MD 9 113.69 75.01 -13.22
N ASP MD 10 114.92 74.63 -12.85
CA ASP MD 10 115.29 74.57 -11.45
C ASP MD 10 116.71 75.09 -11.20
N GLY MD 11 117.33 75.73 -12.19
CA GLY MD 11 118.68 76.23 -12.09
C GLY MD 11 119.70 75.39 -12.84
N THR MD 12 119.42 74.10 -13.03
CA THR MD 12 120.33 73.21 -13.75
C THR MD 12 119.71 72.62 -15.00
N THR MD 13 118.53 72.03 -14.89
CA THR MD 13 117.92 71.29 -16.00
C THR MD 13 116.59 71.91 -16.39
N PRO MD 14 116.57 72.79 -17.40
CA PRO MD 14 115.31 73.39 -17.83
C PRO MD 14 114.44 72.41 -18.61
N VAL MD 15 113.15 72.71 -18.61
CA VAL MD 15 112.17 71.95 -19.38
C VAL MD 15 111.24 72.95 -20.06
N THR MD 16 111.03 72.78 -21.36
CA THR MD 16 110.16 73.67 -22.13
C THR MD 16 108.81 73.00 -22.33
N LEU MD 17 107.74 73.73 -21.99
CA LEU MD 17 106.38 73.22 -22.04
C LEU MD 17 105.56 74.06 -23.00
N THR MD 18 104.82 73.40 -23.89
CA THR MD 18 103.98 74.10 -24.86
C THR MD 18 102.53 73.67 -24.68
N PRO MD 19 101.58 74.59 -24.84
CA PRO MD 19 100.17 74.27 -24.55
C PRO MD 19 99.65 73.13 -25.39
N VAL MD 20 98.84 72.27 -24.76
CA VAL MD 20 98.41 71.02 -25.37
C VAL MD 20 96.89 70.95 -25.29
N GLY MD 21 96.27 72.08 -25.03
CA GLY MD 21 94.82 72.11 -25.05
C GLY MD 21 94.29 73.01 -23.96
N GLY MD 22 93.13 72.63 -23.43
CA GLY MD 22 92.48 73.42 -22.41
C GLY MD 22 91.18 74.05 -22.87
N GLY MD 23 91.03 75.35 -22.63
CA GLY MD 23 89.82 76.06 -22.98
C GLY MD 23 89.84 77.50 -22.50
N VAL MD 24 88.74 77.94 -21.90
CA VAL MD 24 88.67 79.26 -21.28
C VAL MD 24 88.87 79.09 -19.78
N GLY MD 25 89.83 79.83 -19.23
CA GLY MD 25 90.21 79.62 -17.84
C GLY MD 25 90.73 78.22 -17.63
N GLN MD 26 91.56 77.74 -18.55
CA GLN MD 26 92.16 76.42 -18.48
C GLN MD 26 93.27 76.35 -19.53
N THR MD 27 94.41 75.78 -19.16
CA THR MD 27 95.55 75.73 -20.07
C THR MD 27 96.43 74.56 -19.67
N LEU MD 28 96.45 73.52 -20.49
CA LEU MD 28 97.34 72.40 -20.26
C LEU MD 28 98.75 72.75 -20.75
N TYR MD 29 99.71 71.91 -20.40
CA TYR MD 29 101.08 72.04 -20.86
C TYR MD 29 101.68 70.66 -20.93
N ARG MD 30 102.80 70.55 -21.65
CA ARG MD 30 103.58 69.32 -21.71
C ARG MD 30 104.88 69.63 -22.44
N ALA MD 31 105.87 68.76 -22.27
CA ALA MD 31 107.18 68.92 -22.88
C ALA MD 31 107.28 68.10 -24.16
N THR MD 32 108.49 68.02 -24.71
CA THR MD 32 108.70 67.47 -26.05
C THR MD 32 108.91 65.96 -26.08
N ALA MD 33 109.52 65.38 -25.04
CA ALA MD 33 109.84 63.95 -25.04
C ALA MD 33 108.57 63.10 -25.11
N GLU MD 34 108.69 61.87 -25.61
CA GLU MD 34 107.55 61.04 -25.94
C GLU MD 34 107.64 59.71 -25.19
N ALA MD 35 106.54 59.33 -24.56
CA ALA MD 35 106.47 58.07 -23.83
C ALA MD 35 105.04 57.53 -23.93
N LEU MD 36 104.81 56.36 -23.36
CA LEU MD 36 103.56 55.62 -23.56
C LEU MD 36 102.52 55.94 -22.50
N SER MD 37 102.84 55.73 -21.22
CA SER MD 37 101.87 55.92 -20.14
C SER MD 37 101.90 57.36 -19.63
N ALA MD 38 103.05 57.81 -19.12
CA ALA MD 38 103.21 59.18 -18.64
C ALA MD 38 104.32 59.82 -19.45
N ALA MD 39 103.97 60.83 -20.24
CA ALA MD 39 104.94 61.38 -21.19
C ALA MD 39 105.91 62.33 -20.51
N ASN MD 40 105.41 63.44 -19.99
CA ASN MD 40 106.27 64.54 -19.57
C ASN MD 40 105.65 65.29 -18.40
N PRO MD 41 106.34 66.30 -17.86
CA PRO MD 41 105.67 67.22 -16.95
C PRO MD 41 104.46 67.89 -17.60
N SER MD 42 103.40 68.06 -16.83
CA SER MD 42 102.13 68.57 -17.35
C SER MD 42 101.55 69.57 -16.36
N LEU MD 43 101.75 70.85 -16.64
CA LEU MD 43 101.35 71.94 -15.75
C LEU MD 43 99.98 72.47 -16.17
N SER MD 44 98.93 72.08 -15.45
CA SER MD 44 97.61 72.62 -15.72
C SER MD 44 97.42 73.93 -14.97
N PHE MD 45 96.61 74.82 -15.55
CA PHE MD 45 96.39 76.16 -15.01
C PHE MD 45 94.92 76.50 -15.15
N GLY MD 46 94.21 76.56 -14.02
CA GLY MD 46 92.75 76.60 -14.06
C GLY MD 46 92.07 77.83 -13.48
N TYR MD 47 92.58 79.02 -13.80
CA TYR MD 47 92.06 80.24 -13.20
C TYR MD 47 90.59 80.45 -13.57
N ARG MD 48 89.89 81.18 -12.71
CA ARG MD 48 88.48 81.51 -12.90
C ARG MD 48 88.14 82.65 -11.93
N PHE MD 49 86.88 83.08 -11.97
CA PHE MD 49 86.34 84.09 -11.07
C PHE MD 49 85.10 83.52 -10.38
N THR MD 50 84.50 84.32 -9.51
CA THR MD 50 83.41 83.83 -8.66
C THR MD 50 82.43 84.99 -8.47
N ASP MD 51 81.57 84.87 -7.45
CA ASP MD 51 80.55 85.89 -7.19
C ASP MD 51 81.17 87.27 -7.03
N GLY MD 52 82.21 87.38 -6.22
CA GLY MD 52 82.97 88.60 -6.10
C GLY MD 52 84.14 88.60 -7.07
N GLY MD 53 85.17 89.36 -6.73
CA GLY MD 53 86.39 89.33 -7.50
C GLY MD 53 87.29 88.21 -7.02
N THR MD 54 86.68 87.13 -6.52
CA THR MD 54 87.42 86.05 -5.91
C THR MD 54 88.18 85.26 -6.97
N ASN MD 55 89.39 85.68 -7.28
CA ASN MD 55 90.20 85.07 -8.32
C ASN MD 55 90.72 83.73 -7.81
N ARG MD 56 90.04 82.64 -8.17
CA ARG MD 56 90.39 81.31 -7.68
C ARG MD 56 91.30 80.59 -8.68
N GLN MD 57 92.53 81.07 -8.76
CA GLN MD 57 93.51 80.40 -9.60
C GLN MD 57 93.86 79.04 -9.02
N SER MD 58 94.37 78.16 -9.88
CA SER MD 58 94.67 76.79 -9.47
C SER MD 58 95.69 76.20 -10.42
N LEU MD 59 96.63 75.45 -9.87
CA LEU MD 59 97.72 74.88 -10.64
C LEU MD 59 97.90 73.42 -10.25
N SER MD 60 98.65 72.69 -11.07
CA SER MD 60 99.03 71.32 -10.78
C SER MD 60 100.18 70.91 -11.68
N TYR MD 61 101.35 70.64 -11.11
CA TYR MD 61 102.54 70.30 -11.87
C TYR MD 61 102.92 68.86 -11.56
N LYS MD 62 102.64 67.95 -12.47
CA LYS MD 62 102.97 66.55 -12.32
C LYS MD 62 104.22 66.23 -13.12
N GLN MD 63 105.23 65.68 -12.47
CA GLN MD 63 106.45 65.23 -13.13
C GLN MD 63 106.58 63.73 -12.98
N PRO MD 64 106.44 62.95 -14.04
CA PRO MD 64 106.49 61.49 -13.90
C PRO MD 64 107.88 61.00 -13.54
N ILE MD 65 107.92 59.95 -12.72
CA ILE MD 65 109.16 59.31 -12.31
C ILE MD 65 109.47 58.23 -13.33
N THR MD 66 110.52 58.43 -14.12
CA THR MD 66 110.80 57.54 -15.24
C THR MD 66 112.25 57.11 -15.22
N ALA MD 67 112.49 55.87 -15.63
CA ALA MD 67 113.82 55.33 -15.85
C ALA MD 67 113.79 54.53 -17.15
N VAL MD 68 114.76 54.78 -18.02
CA VAL MD 68 114.74 54.21 -19.36
C VAL MD 68 115.09 52.73 -19.30
N ASP MD 69 114.28 51.91 -19.96
CA ASP MD 69 114.56 50.49 -20.06
C ASP MD 69 115.69 50.22 -21.05
N SER MD 70 116.25 49.03 -20.97
CA SER MD 70 117.27 48.62 -21.92
C SER MD 70 116.62 47.87 -23.09
N THR MD 71 117.14 48.13 -24.29
CA THR MD 71 116.73 47.53 -25.55
C THR MD 71 115.33 47.94 -26.01
N THR MD 72 114.60 48.72 -25.21
CA THR MD 72 113.26 49.18 -25.59
C THR MD 72 113.16 50.68 -25.41
N SER MD 73 112.56 51.34 -26.38
CA SER MD 73 112.42 52.80 -26.38
C SER MD 73 111.07 53.24 -25.80
N GLU MD 74 110.80 52.83 -24.56
CA GLU MD 74 109.55 53.17 -23.91
C GLU MD 74 109.73 53.85 -22.56
N THR MD 75 110.97 54.01 -22.09
CA THR MD 75 111.34 54.79 -20.91
C THR MD 75 110.33 54.64 -19.77
N LEU MD 76 110.21 53.41 -19.25
CA LEU MD 76 109.24 53.05 -18.22
C LEU MD 76 109.12 54.11 -17.15
N VAL MD 77 107.88 54.49 -16.84
CA VAL MD 77 107.58 55.48 -15.81
C VAL MD 77 107.08 54.76 -14.57
N ARG MD 78 107.44 55.30 -13.41
CA ARG MD 78 107.15 54.63 -12.13
C ARG MD 78 106.16 55.37 -11.26
N GLY MD 79 106.10 56.68 -11.33
CA GLY MD 79 105.17 57.44 -10.53
C GLY MD 79 105.03 58.85 -11.04
N GLN MD 80 104.68 59.78 -10.15
CA GLN MD 80 104.54 61.18 -10.49
C GLN MD 80 104.56 62.06 -9.25
N CYS MD 81 105.36 63.13 -9.27
CA CYS MD 81 105.49 64.04 -8.14
C CYS MD 81 104.49 65.18 -8.31
N VAL MD 82 103.26 64.96 -7.85
CA VAL MD 82 102.22 65.97 -7.97
C VAL MD 82 102.52 67.15 -7.04
N VAL MD 83 102.36 68.36 -7.55
CA VAL MD 83 102.53 69.56 -6.75
C VAL MD 83 101.42 70.56 -7.06
N ASP MD 84 100.36 70.59 -6.24
CA ASP MD 84 99.24 71.48 -6.46
C ASP MD 84 99.50 72.83 -5.81
N ILE MD 85 99.08 73.90 -6.48
CA ILE MD 85 99.19 75.25 -5.94
C ILE MD 85 97.89 76.00 -6.19
N ASN MD 86 97.03 76.06 -5.19
CA ASN MD 86 95.76 76.76 -5.30
C ASN MD 86 95.86 78.15 -4.67
N ILE MD 87 95.26 79.12 -5.32
CA ILE MD 87 95.33 80.52 -4.91
C ILE MD 87 93.91 81.06 -4.84
N VAL MD 88 93.60 81.78 -3.75
CA VAL MD 88 92.29 82.40 -3.55
C VAL MD 88 92.54 83.83 -3.10
N ILE MD 89 92.27 84.79 -3.96
CA ILE MD 89 92.50 86.20 -3.70
C ILE MD 89 91.15 86.90 -3.64
N PRO MD 90 90.83 87.60 -2.56
CA PRO MD 90 89.49 88.16 -2.42
C PRO MD 90 89.25 89.34 -3.34
N ARG MD 91 88.03 89.87 -3.32
CA ARG MD 91 87.70 91.03 -4.13
C ARG MD 91 88.42 92.29 -3.67
N VAL MD 92 88.61 92.45 -2.36
CA VAL MD 92 89.10 93.70 -1.79
C VAL MD 92 90.62 93.76 -1.81
N ALA MD 93 91.25 92.79 -2.46
CA ALA MD 93 92.70 92.65 -2.41
C ALA MD 93 93.34 93.61 -3.41
N THR MD 94 93.95 94.68 -2.90
CA THR MD 94 94.71 95.61 -3.72
C THR MD 94 95.85 94.85 -4.41
N ALA MD 95 96.10 95.21 -5.67
CA ALA MD 95 97.10 94.51 -6.47
C ALA MD 95 98.49 94.54 -5.83
N THR MD 96 98.78 95.54 -5.01
CA THR MD 96 100.01 95.50 -4.23
C THR MD 96 99.97 94.41 -3.18
N ASP MD 97 98.81 94.21 -2.53
CA ASP MD 97 98.69 93.14 -1.55
C ASP MD 97 98.75 91.77 -2.22
N ARG MD 98 98.15 91.63 -3.41
CA ARG MD 98 98.19 90.33 -4.08
C ARG MD 98 99.62 89.96 -4.50
N ALA MD 99 100.40 90.94 -4.94
CA ALA MD 99 101.79 90.66 -5.31
C ALA MD 99 102.57 90.17 -4.10
N GLU MD 100 102.36 90.80 -2.94
CA GLU MD 100 103.03 90.36 -1.72
C GLU MD 100 102.59 88.95 -1.33
N ALA MD 101 101.29 88.67 -1.43
CA ALA MD 101 100.79 87.37 -0.98
C ALA MD 101 101.35 86.24 -1.82
N ILE MD 102 101.42 86.43 -3.14
CA ILE MD 102 101.91 85.36 -4.01
C ILE MD 102 103.41 85.19 -3.85
N LYS MD 103 104.15 86.30 -3.86
CA LYS MD 103 105.61 86.19 -3.82
C LYS MD 103 106.10 85.69 -2.46
N ARG MD 104 105.39 86.05 -1.38
CA ARG MD 104 105.75 85.53 -0.08
C ARG MD 104 105.45 84.05 0.05
N ALA MD 105 104.35 83.60 -0.55
CA ALA MD 105 104.02 82.18 -0.50
C ALA MD 105 105.05 81.35 -1.26
N PHE MD 106 105.51 81.83 -2.40
CA PHE MD 106 106.49 81.10 -3.20
C PHE MD 106 107.91 81.26 -2.68
N ASP MD 107 108.11 82.04 -1.62
CA ASP MD 107 109.40 82.12 -0.96
C ASP MD 107 109.55 81.11 0.16
N VAL MD 108 108.57 80.23 0.34
CA VAL MD 108 108.68 79.19 1.35
C VAL MD 108 109.84 78.26 1.02
N LEU MD 109 110.03 77.96 -0.26
CA LEU MD 109 111.09 77.05 -0.67
C LEU MD 109 112.46 77.53 -0.22
N ASN MD 110 112.65 78.84 -0.13
CA ASN MD 110 113.93 79.37 0.33
C ASN MD 110 114.00 79.55 1.84
N ALA MD 111 112.87 79.42 2.55
CA ALA MD 111 112.85 79.52 4.00
C ALA MD 111 112.64 78.16 4.66
N LEU MD 112 111.65 77.42 4.20
CA LEU MD 112 111.38 76.07 4.69
C LEU MD 112 112.00 75.04 3.75
N ASN MD 113 113.31 75.19 3.54
CA ASN MD 113 113.98 74.52 2.43
C ASN MD 113 114.18 73.04 2.70
N ALA MD 114 114.87 72.70 3.80
CA ALA MD 114 115.25 71.32 4.06
C ALA MD 114 114.02 70.42 4.16
N GLU MD 115 112.96 70.89 4.82
CA GLU MD 115 111.77 70.08 5.01
C GLU MD 115 111.06 69.78 3.69
N LEU MD 116 111.22 70.63 2.68
CA LEU MD 116 110.54 70.43 1.40
C LEU MD 116 111.37 69.62 0.42
N ILE MD 117 112.67 69.93 0.31
CA ILE MD 117 113.54 69.20 -0.61
C ILE MD 117 113.84 67.82 -0.07
N THR MD 118 114.40 67.76 1.15
CA THR MD 118 114.80 66.48 1.73
C THR MD 118 113.60 65.67 2.21
N GLY MD 119 112.64 66.32 2.85
CA GLY MD 119 111.44 65.64 3.30
C GLY MD 119 111.54 65.12 4.71
N GLU MD 120 111.96 65.99 5.64
CA GLU MD 120 112.28 65.56 7.00
C GLU MD 120 112.16 66.75 7.94
N GLY MD 121 112.10 66.45 9.22
CA GLY MD 121 112.37 67.48 10.22
C GLY MD 121 111.22 67.92 11.08
N GLN MD 122 111.29 69.17 11.56
CA GLN MD 122 110.36 69.74 12.52
C GLN MD 122 110.35 68.92 13.81
N TRP MD 123 111.48 68.99 14.51
CA TRP MD 123 111.64 68.29 15.78
C TRP MD 123 111.03 69.12 16.89
N ALA ND 1 109.65 -70.91 3.46
CA ALA ND 1 110.95 -70.55 4.00
C ALA ND 1 111.27 -69.09 3.72
N ALA ND 2 112.49 -68.66 4.03
CA ALA ND 2 112.89 -67.29 3.74
C ALA ND 2 112.92 -67.06 2.24
N ARG ND 3 112.40 -65.92 1.82
CA ARG ND 3 112.33 -65.60 0.40
C ARG ND 3 113.73 -65.53 -0.19
N SER ND 4 113.91 -66.12 -1.37
CA SER ND 4 115.19 -66.15 -2.06
C SER ND 4 114.94 -66.14 -3.55
N SER ND 5 115.96 -66.49 -4.32
CA SER ND 5 115.84 -66.57 -5.77
C SER ND 5 115.39 -67.95 -6.20
N ILE ND 6 114.76 -68.02 -7.37
CA ILE ND 6 114.30 -69.28 -7.95
C ILE ND 6 114.80 -69.38 -9.38
N VAL ND 7 114.96 -70.61 -9.85
CA VAL ND 7 115.76 -70.89 -11.04
C VAL ND 7 114.86 -71.61 -12.05
N LEU ND 8 113.59 -71.17 -12.13
CA LEU ND 8 112.64 -71.69 -13.11
C LEU ND 8 113.31 -71.98 -14.45
N THR ND 9 113.12 -73.20 -14.94
CA THR ND 9 113.79 -73.66 -16.13
C THR ND 9 112.84 -74.53 -16.95
N ASP ND 10 113.29 -74.88 -18.15
CA ASP ND 10 112.56 -75.83 -19.00
C ASP ND 10 113.54 -76.80 -19.65
N GLY ND 11 114.67 -77.03 -18.99
CA GLY ND 11 115.64 -77.99 -19.48
C GLY ND 11 116.74 -77.38 -20.33
N THR ND 12 116.46 -76.25 -20.97
CA THR ND 12 117.44 -75.63 -21.86
C THR ND 12 117.76 -74.18 -21.51
N THR ND 13 116.76 -73.38 -21.12
CA THR ND 13 116.97 -71.96 -20.84
C THR ND 13 116.45 -71.62 -19.46
N PRO ND 14 117.29 -71.76 -18.42
CA PRO ND 14 116.87 -71.39 -17.08
C PRO ND 14 116.64 -69.89 -16.95
N VAL ND 15 115.78 -69.54 -16.01
CA VAL ND 15 115.45 -68.14 -15.71
C VAL ND 15 115.59 -67.96 -14.21
N THR ND 16 116.36 -66.95 -13.80
CA THR ND 16 116.53 -66.64 -12.39
C THR ND 16 115.60 -65.48 -12.02
N LEU ND 17 114.75 -65.72 -11.03
CA LEU ND 17 113.80 -64.72 -10.55
C LEU ND 17 114.18 -64.31 -9.14
N THR ND 18 113.93 -63.05 -8.81
CA THR ND 18 114.30 -62.49 -7.52
C THR ND 18 113.14 -61.75 -6.90
N PRO ND 19 112.93 -61.87 -5.59
CA PRO ND 19 111.75 -61.25 -4.97
C PRO ND 19 111.82 -59.74 -4.96
N VAL ND 20 110.95 -59.08 -5.72
CA VAL ND 20 111.02 -57.64 -5.88
C VAL ND 20 109.74 -56.98 -5.40
N GLY ND 21 109.10 -57.58 -4.41
CA GLY ND 21 107.89 -57.00 -3.86
C GLY ND 21 107.06 -58.05 -3.16
N GLY ND 22 105.81 -57.67 -2.90
CA GLY ND 22 104.87 -58.58 -2.28
C GLY ND 22 104.16 -58.00 -1.08
N GLY ND 23 104.01 -58.80 -0.03
CA GLY ND 23 103.30 -58.36 1.16
C GLY ND 23 103.10 -59.51 2.11
N VAL ND 24 101.92 -59.52 2.74
CA VAL ND 24 101.54 -60.60 3.63
C VAL ND 24 100.74 -61.62 2.82
N GLY ND 25 101.26 -62.84 2.73
CA GLY ND 25 100.65 -63.84 1.88
C GLY ND 25 100.76 -63.50 0.40
N GLN ND 26 101.95 -63.05 -0.01
CA GLN ND 26 102.21 -62.70 -1.40
C GLN ND 26 103.70 -62.48 -1.56
N THR ND 27 104.22 -62.85 -2.75
CA THR ND 27 105.65 -62.69 -3.01
C THR ND 27 105.84 -62.59 -4.53
N LEU ND 28 105.98 -61.37 -5.03
CA LEU ND 28 106.24 -61.17 -6.44
C LEU ND 28 107.67 -61.58 -6.78
N TYR ND 29 107.88 -61.93 -8.04
CA TYR ND 29 109.20 -62.25 -8.57
C TYR ND 29 109.34 -61.58 -9.93
N ARG ND 30 110.57 -61.50 -10.41
CA ARG ND 30 110.83 -60.98 -11.74
C ARG ND 30 112.23 -61.41 -12.16
N ALA ND 31 112.39 -61.72 -13.44
CA ALA ND 31 113.70 -62.10 -13.95
C ALA ND 31 114.64 -60.92 -13.85
N THR ND 32 115.91 -61.20 -13.53
CA THR ND 32 116.88 -60.15 -13.28
C THR ND 32 116.97 -59.20 -14.47
N ALA ND 33 117.42 -59.72 -15.62
CA ALA ND 33 117.40 -58.95 -16.85
C ALA ND 33 117.54 -59.92 -18.01
N GLU ND 34 116.51 -60.01 -18.86
CA GLU ND 34 116.65 -60.78 -20.09
C GLU ND 34 117.29 -59.93 -21.19
N ALA ND 35 116.57 -58.92 -21.66
CA ALA ND 35 117.14 -57.92 -22.55
C ALA ND 35 116.64 -56.50 -22.30
N LEU ND 36 115.53 -56.33 -21.59
CA LEU ND 36 114.93 -55.02 -21.31
C LEU ND 36 113.83 -55.26 -20.28
N SER ND 37 113.11 -54.21 -19.93
CA SER ND 37 111.95 -54.35 -19.07
C SER ND 37 110.72 -54.66 -19.93
N ALA ND 38 109.69 -55.20 -19.27
CA ALA ND 38 108.46 -55.71 -19.86
C ALA ND 38 108.69 -56.96 -20.70
N ALA ND 39 109.94 -57.41 -20.84
CA ALA ND 39 110.27 -58.66 -21.51
C ALA ND 39 110.88 -59.62 -20.51
N ASN ND 40 110.45 -59.53 -19.26
CA ASN ND 40 110.98 -60.34 -18.17
C ASN ND 40 109.85 -61.12 -17.51
N PRO ND 41 109.99 -62.43 -17.34
CA PRO ND 41 108.94 -63.21 -16.69
C PRO ND 41 108.80 -62.87 -15.21
N SER ND 42 107.61 -63.13 -14.69
CA SER ND 42 107.31 -62.89 -13.29
C SER ND 42 106.58 -64.10 -12.72
N LEU ND 43 106.67 -64.28 -11.40
CA LEU ND 43 106.13 -65.46 -10.73
C LEU ND 43 105.36 -65.06 -9.47
N SER ND 44 104.39 -64.15 -9.62
CA SER ND 44 103.50 -63.80 -8.52
C SER ND 44 103.01 -65.05 -7.79
N PHE ND 45 103.08 -65.01 -6.46
CA PHE ND 45 102.81 -66.21 -5.66
C PHE ND 45 102.19 -65.77 -4.33
N GLY ND 46 100.90 -66.09 -4.15
CA GLY ND 46 100.21 -65.81 -2.91
C GLY ND 46 99.95 -67.07 -2.11
N TYR ND 47 99.37 -66.87 -0.92
CA TYR ND 47 99.01 -67.95 -0.01
C TYR ND 47 98.21 -67.36 1.14
N ARG ND 48 97.19 -68.09 1.57
CA ARG ND 48 96.33 -67.59 2.63
C ARG ND 48 95.58 -68.75 3.26
N PHE ND 49 95.03 -68.52 4.44
CA PHE ND 49 94.21 -69.48 5.17
C PHE ND 49 92.85 -68.84 5.44
N THR ND 50 91.78 -69.55 5.11
CA THR ND 50 90.44 -69.11 5.48
C THR ND 50 90.09 -69.62 6.87
N ASP ND 51 88.79 -69.60 7.20
CA ASP ND 51 88.30 -70.08 8.49
C ASP ND 51 89.00 -71.36 8.94
N GLY ND 52 88.91 -72.41 8.12
CA GLY ND 52 89.60 -73.64 8.40
C GLY ND 52 91.02 -73.60 7.87
N GLY ND 53 91.68 -74.75 7.94
CA GLY ND 53 93.06 -74.85 7.47
C GLY ND 53 93.16 -74.99 5.97
N THR ND 54 92.22 -74.40 5.24
CA THR ND 54 92.20 -74.48 3.78
C THR ND 54 93.37 -73.67 3.25
N ASN ND 55 94.46 -74.36 2.92
CA ASN ND 55 95.70 -73.70 2.52
C ASN ND 55 95.62 -73.29 1.05
N ARG ND 56 94.87 -72.23 0.76
CA ARG ND 56 94.63 -71.80 -0.62
C ARG ND 56 95.84 -71.06 -1.15
N GLN ND 57 96.82 -71.82 -1.61
CA GLN ND 57 97.95 -71.23 -2.33
C GLN ND 57 97.52 -70.86 -3.74
N SER ND 58 98.29 -69.97 -4.36
CA SER ND 58 97.98 -69.52 -5.71
C SER ND 58 99.30 -69.17 -6.41
N LEU ND 59 99.27 -69.20 -7.73
CA LEU ND 59 100.44 -68.87 -8.53
C LEU ND 59 99.99 -68.19 -9.81
N SER ND 60 100.93 -67.51 -10.45
CA SER ND 60 100.69 -66.90 -11.75
C SER ND 60 102.03 -66.61 -12.39
N TYR ND 61 102.35 -67.30 -13.48
CA TYR ND 61 103.60 -67.10 -14.19
C TYR ND 61 103.28 -66.46 -15.53
N LYS ND 62 103.83 -65.27 -15.77
CA LYS ND 62 103.55 -64.51 -16.98
C LYS ND 62 104.85 -64.31 -17.75
N GLN ND 63 104.98 -64.98 -18.89
CA GLN ND 63 106.13 -64.81 -19.76
C GLN ND 63 105.71 -64.02 -20.98
N PRO ND 64 106.23 -62.81 -21.18
CA PRO ND 64 105.77 -61.98 -22.30
C PRO ND 64 106.46 -62.31 -23.61
N ILE ND 65 105.72 -62.11 -24.69
CA ILE ND 65 106.15 -62.52 -26.04
C ILE ND 65 106.73 -61.31 -26.73
N THR ND 66 108.02 -61.36 -27.03
CA THR ND 66 108.73 -60.23 -27.62
C THR ND 66 109.25 -60.59 -29.01
N ALA ND 67 109.35 -59.56 -29.86
CA ALA ND 67 109.83 -59.71 -31.21
C ALA ND 67 110.36 -58.36 -31.69
N VAL ND 68 111.15 -58.40 -32.77
CA VAL ND 68 111.75 -57.17 -33.28
C VAL ND 68 110.71 -56.36 -34.06
N ASP ND 69 110.98 -55.05 -34.18
CA ASP ND 69 110.12 -54.10 -34.87
C ASP ND 69 110.94 -53.36 -35.93
N SER ND 70 111.56 -54.13 -36.81
CA SER ND 70 112.59 -53.69 -37.76
C SER ND 70 112.35 -52.31 -38.39
N THR ND 71 111.08 -51.93 -38.60
CA THR ND 71 110.80 -50.58 -39.04
C THR ND 71 111.38 -49.54 -38.09
N THR ND 72 111.46 -49.87 -36.79
CA THR ND 72 112.14 -49.04 -35.80
C THR ND 72 113.25 -49.78 -35.07
N SER ND 73 113.30 -51.12 -35.16
CA SER ND 73 114.32 -51.95 -34.53
C SER ND 73 114.26 -51.89 -33.01
N GLU ND 74 113.07 -51.63 -32.45
CA GLU ND 74 112.87 -51.62 -31.00
C GLU ND 74 112.08 -52.87 -30.62
N THR ND 75 112.58 -53.60 -29.62
CA THR ND 75 112.04 -54.91 -29.27
C THR ND 75 110.73 -54.76 -28.49
N LEU ND 76 109.67 -54.45 -29.23
CA LEU ND 76 108.36 -54.30 -28.64
C LEU ND 76 107.82 -55.66 -28.17
N VAL ND 77 106.94 -55.62 -27.17
CA VAL ND 77 106.30 -56.82 -26.64
C VAL ND 77 104.86 -56.86 -27.12
N ARG ND 78 104.45 -58.00 -27.67
CA ARG ND 78 103.10 -58.17 -28.20
C ARG ND 78 102.12 -58.69 -27.16
N GLY ND 79 102.44 -59.80 -26.50
CA GLY ND 79 101.56 -60.36 -25.50
C GLY ND 79 102.28 -61.22 -24.49
N GLN ND 80 101.53 -61.88 -23.61
CA GLN ND 80 102.13 -62.68 -22.54
C GLN ND 80 101.39 -64.01 -22.42
N CYS ND 81 102.12 -65.03 -21.98
CA CYS ND 81 101.56 -66.33 -21.70
C CYS ND 81 101.35 -66.48 -20.20
N VAL ND 82 100.12 -66.77 -19.79
CA VAL ND 82 99.72 -66.75 -18.39
C VAL ND 82 99.41 -68.18 -17.96
N VAL ND 83 100.04 -68.62 -16.87
CA VAL ND 83 99.80 -69.93 -16.30
C VAL ND 83 99.45 -69.73 -14.82
N ASP ND 84 98.26 -70.16 -14.42
CA ASP ND 84 97.81 -70.03 -13.04
C ASP ND 84 97.69 -71.42 -12.43
N ILE ND 85 98.46 -71.69 -11.38
CA ILE ND 85 98.35 -72.96 -10.68
C ILE ND 85 97.79 -72.72 -9.29
N ASN ND 86 96.46 -72.79 -9.16
CA ASN ND 86 95.85 -72.65 -7.85
C ASN ND 86 95.81 -73.99 -7.13
N ILE ND 87 95.99 -73.94 -5.82
CA ILE ND 87 96.01 -75.13 -4.99
C ILE ND 87 95.13 -74.87 -3.78
N VAL ND 88 94.25 -75.82 -3.47
CA VAL ND 88 93.41 -75.75 -2.28
C VAL ND 88 93.49 -77.07 -1.56
N ILE ND 89 93.94 -77.05 -0.31
CA ILE ND 89 94.06 -78.24 0.52
C ILE ND 89 93.31 -77.99 1.82
N PRO ND 90 92.32 -78.79 2.17
CA PRO ND 90 91.54 -78.52 3.38
C PRO ND 90 92.32 -78.89 4.64
N ARG ND 91 91.76 -78.49 5.78
CA ARG ND 91 92.41 -78.78 7.05
C ARG ND 91 92.45 -80.28 7.35
N VAL ND 92 91.45 -81.02 6.89
CA VAL ND 92 91.32 -82.44 7.20
C VAL ND 92 92.32 -83.27 6.41
N ALA ND 93 93.16 -82.60 5.62
CA ALA ND 93 94.07 -83.29 4.73
C ALA ND 93 95.27 -83.83 5.49
N THR ND 94 95.56 -85.12 5.29
CA THR ND 94 96.77 -85.71 5.83
C THR ND 94 97.98 -85.11 5.13
N ALA ND 95 99.11 -85.09 5.83
CA ALA ND 95 100.35 -84.58 5.26
C ALA ND 95 100.82 -85.38 4.06
N THR ND 96 100.35 -86.62 3.90
CA THR ND 96 100.69 -87.42 2.73
C THR ND 96 99.68 -87.28 1.60
N ASP ND 97 98.43 -86.98 1.93
CA ASP ND 97 97.44 -86.72 0.88
C ASP ND 97 97.74 -85.43 0.14
N ARG ND 98 98.24 -84.42 0.85
CA ARG ND 98 98.61 -83.17 0.19
C ARG ND 98 99.78 -83.37 -0.75
N ALA ND 99 100.80 -84.12 -0.32
CA ALA ND 99 101.95 -84.37 -1.19
C ALA ND 99 101.55 -85.22 -2.39
N GLU ND 100 100.59 -86.13 -2.20
CA GLU ND 100 100.11 -86.95 -3.32
C GLU ND 100 99.40 -86.08 -4.35
N ALA ND 101 98.54 -85.17 -3.90
CA ALA ND 101 97.75 -84.36 -4.82
C ALA ND 101 98.62 -83.39 -5.61
N ILE ND 102 99.58 -82.75 -4.94
CA ILE ND 102 100.38 -81.72 -5.59
C ILE ND 102 101.24 -82.33 -6.68
N LYS ND 103 101.95 -83.41 -6.37
CA LYS ND 103 102.87 -83.99 -7.34
C LYS ND 103 102.12 -84.64 -8.50
N ARG ND 104 100.94 -85.19 -8.25
CA ARG ND 104 100.18 -85.82 -9.33
C ARG ND 104 99.67 -84.79 -10.32
N ALA ND 105 99.05 -83.72 -9.82
CA ALA ND 105 98.51 -82.70 -10.70
C ALA ND 105 99.60 -81.99 -11.50
N PHE ND 106 100.81 -81.90 -10.96
CA PHE ND 106 101.92 -81.35 -11.71
C PHE ND 106 102.50 -82.35 -12.69
N ASP ND 107 102.09 -83.61 -12.62
CA ASP ND 107 102.52 -84.63 -13.56
C ASP ND 107 101.62 -84.69 -14.79
N VAL ND 108 100.67 -83.76 -14.91
CA VAL ND 108 99.79 -83.74 -16.07
C VAL ND 108 100.60 -83.54 -17.34
N LEU ND 109 101.53 -82.58 -17.32
CA LEU ND 109 102.29 -82.23 -18.52
C LEU ND 109 103.05 -83.42 -19.07
N ASN ND 110 103.50 -84.32 -18.19
CA ASN ND 110 104.16 -85.53 -18.67
C ASN ND 110 103.16 -86.49 -19.32
N ALA ND 111 101.93 -86.51 -18.81
CA ALA ND 111 100.93 -87.45 -19.32
C ALA ND 111 100.07 -86.81 -20.39
N LEU ND 112 99.37 -85.73 -20.06
CA LEU ND 112 98.51 -85.04 -21.02
C LEU ND 112 99.32 -83.98 -21.76
N ASN ND 113 100.33 -84.45 -22.47
CA ASN ND 113 101.37 -83.55 -22.98
C ASN ND 113 100.91 -82.78 -24.22
N ALA ND 114 100.58 -83.52 -25.28
CA ALA ND 114 100.42 -82.90 -26.60
C ALA ND 114 99.33 -81.85 -26.65
N GLU ND 115 98.33 -81.92 -25.78
CA GLU ND 115 97.26 -80.93 -25.79
C GLU ND 115 97.62 -79.65 -25.05
N LEU ND 116 98.70 -79.66 -24.26
CA LEU ND 116 99.17 -78.47 -23.56
C LEU ND 116 100.31 -77.78 -24.31
N ILE ND 117 101.35 -78.52 -24.65
CA ILE ND 117 102.52 -77.94 -25.31
C ILE ND 117 102.13 -77.39 -26.68
N THR ND 118 101.41 -78.19 -27.47
CA THR ND 118 101.14 -77.85 -28.85
C THR ND 118 99.88 -77.00 -29.02
N GLY ND 119 98.93 -77.13 -28.12
CA GLY ND 119 97.71 -76.37 -28.19
C GLY ND 119 96.58 -76.99 -28.99
N GLU ND 120 96.78 -78.18 -29.54
CA GLU ND 120 95.74 -78.83 -30.31
C GLU ND 120 94.56 -79.21 -29.43
N GLY ND 121 93.38 -79.23 -30.01
CA GLY ND 121 92.17 -79.60 -29.32
C GLY ND 121 91.83 -81.05 -29.56
N GLN ND 122 91.80 -81.83 -28.49
CA GLN ND 122 91.55 -83.25 -28.61
C GLN ND 122 90.12 -83.52 -29.10
N TRP ND 123 89.97 -84.56 -29.90
CA TRP ND 123 88.69 -84.90 -30.51
C TRP ND 123 88.11 -86.16 -29.91
N ALA OD 1 123.04 -60.55 -4.75
CA ALA OD 1 122.26 -59.39 -4.34
C ALA OD 1 121.51 -59.67 -3.03
N ALA OD 2 122.10 -60.51 -2.19
CA ALA OD 2 121.58 -60.75 -0.85
C ALA OD 2 121.99 -59.62 0.08
N ARG OD 3 121.32 -59.55 1.23
CA ARG OD 3 121.58 -58.49 2.18
C ARG OD 3 122.84 -58.79 2.98
N SER OD 4 123.81 -57.87 2.92
CA SER OD 4 125.05 -58.00 3.67
C SER OD 4 125.58 -56.60 3.97
N SER OD 5 126.67 -56.54 4.71
CA SER OD 5 127.26 -55.26 5.06
C SER OD 5 127.85 -54.59 3.83
N ILE OD 6 127.70 -53.27 3.76
CA ILE OD 6 128.25 -52.47 2.67
C ILE OD 6 129.23 -51.46 3.25
N VAL OD 7 130.17 -51.03 2.43
CA VAL OD 7 131.37 -50.35 2.91
C VAL OD 7 131.46 -48.97 2.27
N LEU OD 8 130.32 -48.28 2.17
CA LEU OD 8 130.27 -46.89 1.72
C LEU OD 8 131.49 -46.10 2.20
N THR OD 9 132.15 -45.42 1.27
CA THR OD 9 133.36 -44.68 1.61
C THR OD 9 133.49 -43.47 0.70
N ASP OD 10 134.22 -42.48 1.19
CA ASP OD 10 134.50 -41.27 0.42
C ASP OD 10 135.94 -41.21 -0.08
N GLY OD 11 136.77 -42.19 0.29
CA GLY OD 11 138.16 -42.19 -0.09
C GLY OD 11 139.06 -42.13 1.12
N THR OD 12 138.66 -41.36 2.14
CA THR OD 12 139.48 -41.20 3.33
C THR OD 12 139.05 -42.16 4.44
N THR OD 13 137.79 -42.08 4.87
CA THR OD 13 137.30 -42.86 5.99
C THR OD 13 136.14 -43.73 5.54
N PRO OD 14 136.31 -45.04 5.44
CA PRO OD 14 135.18 -45.92 5.10
C PRO OD 14 134.27 -46.14 6.29
N VAL OD 15 132.98 -46.22 6.01
CA VAL OD 15 131.97 -46.54 7.02
C VAL OD 15 131.26 -47.81 6.58
N THR OD 16 131.14 -48.77 7.49
CA THR OD 16 130.54 -50.06 7.19
C THR OD 16 129.11 -50.07 7.74
N LEU OD 17 128.14 -50.19 6.85
CA LEU OD 17 126.73 -50.25 7.23
C LEU OD 17 126.27 -51.70 7.18
N THR OD 18 125.62 -52.15 8.25
CA THR OD 18 125.06 -53.49 8.32
C THR OD 18 123.54 -53.42 8.34
N PRO OD 19 122.85 -54.39 7.73
CA PRO OD 19 121.38 -54.32 7.69
C PRO OD 19 120.78 -54.32 9.08
N VAL OD 20 119.71 -53.56 9.26
CA VAL OD 20 118.98 -53.54 10.52
C VAL OD 20 117.49 -53.72 10.26
N GLY OD 21 117.14 -54.35 9.15
CA GLY OD 21 115.75 -54.70 8.92
C GLY OD 21 115.20 -54.38 7.56
N GLY OD 22 113.90 -54.13 7.49
CA GLY OD 22 113.27 -53.69 6.27
C GLY OD 22 112.21 -54.62 5.71
N GLY OD 23 112.49 -55.91 5.68
CA GLY OD 23 111.56 -56.83 5.07
C GLY OD 23 111.61 -56.81 3.55
N VAL OD 24 110.49 -57.10 2.89
CA VAL OD 24 110.43 -57.17 1.45
C VAL OD 24 110.09 -55.79 0.90
N GLY OD 25 110.72 -55.41 -0.20
CA GLY OD 25 110.50 -54.11 -0.78
C GLY OD 25 111.36 -52.99 -0.25
N GLN OD 26 112.21 -53.27 0.74
CA GLN OD 26 113.11 -52.24 1.27
C GLN OD 26 114.19 -52.91 2.09
N THR OD 27 115.16 -52.11 2.52
CA THR OD 27 116.26 -52.60 3.35
C THR OD 27 116.83 -51.41 4.10
N LEU OD 28 116.95 -51.54 5.42
CA LEU OD 28 117.55 -50.50 6.23
C LEU OD 28 118.97 -50.88 6.58
N TYR OD 29 119.84 -49.88 6.62
CA TYR OD 29 121.23 -50.07 7.01
C TYR OD 29 121.56 -49.10 8.13
N ARG OD 30 122.63 -49.41 8.86
CA ARG OD 30 123.12 -48.50 9.90
C ARG OD 30 124.50 -48.94 10.37
N ALA OD 31 125.43 -48.00 10.50
CA ALA OD 31 126.75 -48.32 10.99
C ALA OD 31 126.72 -48.54 12.50
N THR OD 32 127.85 -48.90 13.08
CA THR OD 32 127.89 -49.10 14.53
C THR OD 32 128.06 -47.78 15.25
N ALA OD 33 129.25 -47.17 15.13
CA ALA OD 33 129.60 -45.92 15.82
C ALA OD 33 129.01 -45.89 17.23
N GLU OD 34 129.21 -46.99 17.94
CA GLU OD 34 128.45 -47.28 19.15
C GLU OD 34 128.68 -46.21 20.20
N ALA OD 35 127.68 -46.03 21.05
CA ALA OD 35 127.77 -45.10 22.18
C ALA OD 35 128.08 -43.68 21.70
N LEU OD 36 127.08 -43.08 21.04
CA LEU OD 36 125.66 -43.41 21.04
C LEU OD 36 125.28 -44.28 19.84
N SER OD 37 124.09 -44.89 19.90
CA SER OD 37 123.63 -45.77 18.83
C SER OD 37 122.83 -45.03 17.76
N ALA OD 38 122.31 -43.85 18.07
CA ALA OD 38 121.58 -43.04 17.10
C ALA OD 38 122.49 -42.03 16.39
N ALA OD 39 123.77 -42.00 16.73
CA ALA OD 39 124.72 -41.10 16.10
C ALA OD 39 125.59 -41.85 15.09
N ASN OD 40 124.96 -42.40 14.05
CA ASN OD 40 125.70 -43.09 13.01
C ASN OD 40 124.86 -43.08 11.74
N PRO OD 41 125.49 -43.17 10.57
CA PRO OD 41 124.75 -43.03 9.30
C PRO OD 41 123.84 -44.21 9.02
N SER OD 42 122.90 -43.98 8.11
CA SER OD 42 121.91 -44.98 7.73
C SER OD 42 121.64 -44.87 6.23
N LEU OD 43 121.15 -45.96 5.64
CA LEU OD 43 120.95 -46.05 4.20
C LEU OD 43 119.61 -46.69 3.84
N SER OD 44 118.51 -46.16 4.37
CA SER OD 44 117.19 -46.65 3.98
C SER OD 44 117.06 -46.73 2.47
N PHE OD 45 116.92 -47.96 1.96
CA PHE OD 45 116.92 -48.23 0.53
C PHE OD 45 115.67 -49.01 0.17
N GLY OD 46 114.82 -48.43 -0.67
CA GLY OD 46 113.60 -49.08 -1.11
C GLY OD 46 113.61 -49.36 -2.61
N TYR OD 47 112.61 -50.13 -3.03
CA TYR OD 47 112.44 -50.50 -4.43
C TYR OD 47 111.09 -51.18 -4.59
N ARG OD 48 110.49 -51.00 -5.75
CA ARG OD 48 109.18 -51.60 -6.03
C ARG OD 48 108.93 -51.54 -7.53
N PHE OD 49 107.93 -52.29 -7.98
CA PHE OD 49 107.48 -52.27 -9.37
C PHE OD 49 106.00 -51.92 -9.39
N THR OD 50 105.63 -50.95 -10.22
CA THR OD 50 104.25 -50.52 -10.31
C THR OD 50 103.47 -51.41 -11.28
N ASP OD 51 102.30 -50.93 -11.71
CA ASP OD 51 101.46 -51.69 -12.62
C ASP OD 51 102.23 -52.14 -13.85
N GLY OD 52 103.04 -51.25 -14.42
CA GLY OD 52 103.89 -51.64 -15.52
C GLY OD 52 105.18 -52.28 -15.04
N GLY OD 53 106.29 -51.95 -15.69
CA GLY OD 53 107.58 -52.41 -15.24
C GLY OD 53 108.38 -51.27 -14.67
N THR OD 54 107.70 -50.21 -14.25
CA THR OD 54 108.35 -49.00 -13.76
C THR OD 54 109.03 -49.31 -12.44
N ASN OD 55 110.34 -49.53 -12.49
CA ASN OD 55 111.13 -49.84 -11.31
C ASN OD 55 111.43 -48.56 -10.56
N ARG OD 56 110.69 -48.30 -9.48
CA ARG OD 56 110.85 -47.07 -8.71
C ARG OD 56 111.75 -47.32 -7.51
N GLN OD 57 113.05 -47.38 -7.76
CA GLN OD 57 114.00 -47.47 -6.67
C GLN OD 57 114.09 -46.14 -5.92
N SER OD 58 114.63 -46.19 -4.72
CA SER OD 58 114.70 -45.01 -3.86
C SER OD 58 115.67 -45.22 -2.72
N LEU OD 59 116.59 -44.28 -2.52
CA LEU OD 59 117.57 -44.35 -1.45
C LEU OD 59 117.47 -43.11 -0.59
N SER OD 60 118.07 -43.18 0.60
CA SER OD 60 118.11 -42.04 1.51
C SER OD 60 119.23 -42.27 2.49
N TYR OD 61 120.29 -41.48 2.39
CA TYR OD 61 121.46 -41.62 3.24
C TYR OD 61 121.50 -40.45 4.21
N LYS OD 62 121.31 -40.74 5.49
CA LYS OD 62 121.34 -39.74 6.55
C LYS OD 62 122.60 -39.94 7.38
N GLN OD 63 123.36 -38.87 7.55
CA GLN OD 63 124.55 -38.91 8.39
C GLN OD 63 124.41 -37.87 9.49
N PRO OD 64 124.31 -38.27 10.76
CA PRO OD 64 124.15 -37.28 11.82
C PRO OD 64 125.46 -36.62 12.18
N ILE OD 65 125.35 -35.39 12.66
CA ILE OD 65 126.50 -34.57 13.02
C ILE OD 65 126.69 -34.67 14.53
N THR OD 66 127.80 -35.25 14.95
CA THR OD 66 128.07 -35.53 16.35
C THR OD 66 128.96 -34.45 16.96
N ALA OD 67 129.00 -34.43 18.28
CA ALA OD 67 129.83 -33.48 19.01
C ALA OD 67 130.08 -34.06 20.40
N VAL OD 68 131.29 -34.53 20.65
CA VAL OD 68 131.62 -35.16 21.93
C VAL OD 68 131.76 -34.07 22.98
N ASP OD 69 130.83 -34.04 23.93
CA ASP OD 69 130.79 -33.02 24.99
C ASP OD 69 131.78 -33.42 26.06
N SER OD 70 132.96 -32.78 26.04
CA SER OD 70 134.03 -33.15 26.97
C SER OD 70 133.66 -32.92 28.42
N THR OD 71 132.75 -31.98 28.70
CA THR OD 71 132.34 -31.73 30.07
C THR OD 71 131.66 -32.95 30.68
N THR OD 72 130.69 -33.51 29.96
CA THR OD 72 129.90 -34.63 30.46
C THR OD 72 130.35 -35.97 29.87
N SER OD 73 131.10 -35.94 28.77
CA SER OD 73 131.59 -37.13 28.06
C SER OD 73 130.42 -37.95 27.51
N GLU OD 74 129.56 -37.26 26.76
CA GLU OD 74 128.48 -37.90 26.03
C GLU OD 74 128.43 -37.33 24.63
N THR OD 75 128.01 -38.16 23.68
CA THR OD 75 127.91 -37.73 22.29
C THR OD 75 126.55 -37.09 22.05
N LEU OD 76 126.55 -35.88 21.51
CA LEU OD 76 125.33 -35.14 21.23
C LEU OD 76 125.13 -35.07 19.72
N VAL OD 77 123.87 -35.13 19.30
CA VAL OD 77 123.52 -35.10 17.89
C VAL OD 77 122.93 -33.73 17.57
N ARG OD 78 123.62 -32.98 16.71
CA ARG OD 78 123.23 -31.63 16.38
C ARG OD 78 122.31 -31.56 15.16
N GLY OD 79 122.50 -32.46 14.21
CA GLY OD 79 121.69 -32.47 13.01
C GLY OD 79 122.16 -33.57 12.09
N GLN OD 80 121.52 -33.69 10.93
CA GLN OD 80 121.88 -34.73 9.99
C GLN OD 80 121.84 -34.22 8.56
N CYS OD 81 122.82 -34.67 7.77
CA CYS OD 81 122.84 -34.39 6.35
C CYS OD 81 122.08 -35.49 5.62
N VAL OD 82 121.12 -35.12 4.80
CA VAL OD 82 120.23 -36.07 4.14
C VAL OD 82 120.46 -35.99 2.64
N VAL OD 83 120.63 -37.14 2.00
CA VAL OD 83 120.83 -37.23 0.56
C VAL OD 83 119.85 -38.26 0.00
N ASP OD 84 118.80 -37.79 -0.66
CA ASP OD 84 117.81 -38.66 -1.28
C ASP OD 84 118.14 -38.85 -2.74
N ILE OD 85 118.07 -40.10 -3.21
CA ILE OD 85 118.38 -40.44 -4.60
C ILE OD 85 117.22 -41.29 -5.11
N ASN OD 86 116.23 -40.65 -5.72
CA ASN OD 86 115.14 -41.39 -6.33
C ASN OD 86 115.49 -41.77 -7.76
N ILE OD 87 115.12 -42.98 -8.14
CA ILE OD 87 115.39 -43.51 -9.48
C ILE OD 87 114.09 -44.06 -10.03
N VAL OD 88 113.72 -43.61 -11.23
CA VAL OD 88 112.55 -44.12 -11.93
C VAL OD 88 113.01 -44.64 -13.27
N ILE OD 89 112.65 -45.87 -13.59
CA ILE OD 89 113.02 -46.49 -14.85
C ILE OD 89 111.77 -47.02 -15.53
N PRO OD 90 111.35 -46.46 -16.66
CA PRO OD 90 110.06 -46.84 -17.23
C PRO OD 90 110.04 -48.27 -17.76
N ARG OD 91 108.84 -48.72 -18.14
CA ARG OD 91 108.65 -50.07 -18.64
C ARG OD 91 109.41 -50.34 -19.92
N VAL OD 92 109.68 -49.31 -20.72
CA VAL OD 92 110.22 -49.47 -22.06
C VAL OD 92 111.74 -49.31 -22.10
N ALA OD 93 112.40 -49.32 -20.95
CA ALA OD 93 113.82 -49.00 -20.87
C ALA OD 93 114.65 -50.25 -21.10
N THR OD 94 115.59 -50.16 -22.03
CA THR OD 94 116.50 -51.26 -22.30
C THR OD 94 117.45 -51.45 -21.12
N ALA OD 95 118.06 -52.64 -21.05
CA ALA OD 95 118.98 -52.95 -19.97
C ALA OD 95 120.28 -52.17 -20.03
N THR OD 96 120.60 -51.57 -21.17
CA THR OD 96 121.80 -50.75 -21.29
C THR OD 96 121.52 -49.26 -21.14
N ASP OD 97 120.26 -48.85 -21.29
CA ASP OD 97 119.91 -47.47 -20.98
C ASP OD 97 119.86 -47.24 -19.48
N ARG OD 98 119.55 -48.27 -18.71
CA ARG OD 98 119.60 -48.17 -17.25
C ARG OD 98 121.01 -47.87 -16.78
N ALA OD 99 122.00 -48.62 -17.26
CA ALA OD 99 123.37 -48.37 -16.87
C ALA OD 99 123.84 -47.00 -17.32
N GLU OD 100 123.46 -46.59 -18.53
CA GLU OD 100 123.83 -45.26 -19.01
C GLU OD 100 123.20 -44.18 -18.15
N ALA OD 101 121.92 -44.33 -17.82
CA ALA OD 101 121.23 -43.29 -17.06
C ALA OD 101 121.76 -43.20 -15.64
N ILE OD 102 121.89 -44.34 -14.97
CA ILE OD 102 122.27 -44.33 -13.56
C ILE OD 102 123.71 -43.85 -13.40
N LYS OD 103 124.63 -44.41 -14.18
CA LYS OD 103 126.04 -44.05 -14.01
C LYS OD 103 126.31 -42.62 -14.42
N ARG OD 104 125.51 -42.06 -15.33
CA ARG OD 104 125.68 -40.66 -15.71
C ARG OD 104 125.18 -39.73 -14.61
N ALA OD 105 124.02 -40.05 -14.02
CA ALA OD 105 123.49 -39.21 -12.95
C ALA OD 105 124.42 -39.21 -11.74
N PHE OD 106 124.97 -40.37 -11.39
CA PHE OD 106 125.93 -40.46 -10.29
C PHE OD 106 127.28 -39.88 -10.67
N ASP OD 107 127.50 -39.53 -11.92
CA ASP OD 107 128.72 -38.85 -12.34
C ASP OD 107 128.63 -37.34 -12.20
N VAL OD 108 127.50 -36.83 -11.70
CA VAL OD 108 127.36 -35.39 -11.49
C VAL OD 108 128.42 -34.90 -10.51
N LEU OD 109 128.66 -35.65 -9.45
CA LEU OD 109 129.63 -35.24 -8.44
C LEU OD 109 131.00 -34.97 -9.04
N ASN OD 110 131.35 -35.67 -10.13
CA ASN OD 110 132.60 -35.39 -10.81
C ASN OD 110 132.49 -34.22 -11.78
N ALA OD 111 131.26 -33.88 -12.21
CA ALA OD 111 131.07 -32.73 -13.10
C ALA OD 111 130.71 -31.49 -12.32
N LEU OD 112 129.62 -31.55 -11.56
CA LEU OD 112 129.15 -30.42 -10.75
C LEU OD 112 129.76 -30.49 -9.35
N ASN OD 113 131.09 -30.56 -9.32
CA ASN OD 113 131.78 -30.92 -8.09
C ASN OD 113 131.78 -29.77 -7.09
N ALA OD 114 132.28 -28.60 -7.49
CA ALA OD 114 132.42 -27.50 -6.54
C ALA OD 114 131.08 -27.01 -6.03
N GLU OD 115 130.01 -27.22 -6.77
CA GLU OD 115 128.69 -26.79 -6.31
C GLU OD 115 128.08 -27.74 -5.29
N LEU OD 116 128.72 -28.89 -5.04
CA LEU OD 116 128.19 -29.87 -4.09
C LEU OD 116 129.13 -30.10 -2.92
N ILE OD 117 130.43 -30.28 -3.19
CA ILE OD 117 131.37 -30.58 -2.13
C ILE OD 117 131.55 -29.37 -1.22
N THR OD 118 131.67 -28.18 -1.79
CA THR OD 118 131.89 -26.96 -1.02
C THR OD 118 130.62 -26.16 -0.77
N GLY OD 119 129.58 -26.38 -1.55
CA GLY OD 119 128.31 -25.72 -1.34
C GLY OD 119 128.13 -24.41 -2.07
N GLU OD 120 129.01 -24.07 -3.00
CA GLU OD 120 128.91 -22.82 -3.74
C GLU OD 120 127.65 -22.80 -4.60
N GLY OD 121 127.42 -21.67 -5.23
CA GLY OD 121 126.45 -21.58 -6.31
C GLY OD 121 127.13 -21.00 -7.51
N GLN OD 122 126.79 -21.54 -8.68
CA GLN OD 122 127.43 -21.09 -9.90
C GLN OD 122 126.93 -19.71 -10.29
N TRP OD 123 127.87 -18.85 -10.69
CA TRP OD 123 127.55 -17.46 -10.99
C TRP OD 123 127.52 -17.17 -12.48
N ALA PD 1 132.19 -22.80 -9.98
CA ALA PD 1 132.56 -21.86 -11.01
C ALA PD 1 131.33 -21.42 -11.80
N ALA PD 2 131.56 -20.65 -12.87
CA ALA PD 2 130.45 -20.13 -13.65
C ALA PD 2 129.77 -21.24 -14.43
N ARG PD 3 128.54 -20.97 -14.87
CA ARG PD 3 127.79 -21.92 -15.67
C ARG PD 3 128.57 -22.27 -16.93
N SER PD 4 129.01 -23.52 -17.05
CA SER PD 4 129.79 -23.93 -18.20
C SER PD 4 129.23 -25.21 -18.80
N SER PD 5 129.98 -25.85 -19.69
CA SER PD 5 129.58 -27.11 -20.30
C SER PD 5 130.12 -28.27 -19.47
N ILE PD 6 129.22 -29.15 -19.04
CA ILE PD 6 129.59 -30.31 -18.24
C ILE PD 6 129.63 -31.54 -19.14
N VAL PD 7 130.39 -32.55 -18.70
CA VAL PD 7 130.80 -33.64 -19.56
C VAL PD 7 130.28 -34.94 -18.91
N LEU PD 8 129.08 -34.87 -18.35
CA LEU PD 8 128.41 -36.03 -17.76
C LEU PD 8 128.62 -37.29 -18.59
N THR PD 9 129.24 -38.30 -18.00
CA THR PD 9 129.65 -39.50 -18.70
C THR PD 9 129.34 -40.73 -17.86
N ASP PD 10 129.69 -41.90 -18.39
CA ASP PD 10 129.56 -43.14 -17.64
C ASP PD 10 130.77 -44.05 -17.82
N GLY PD 11 131.88 -43.55 -18.34
CA GLY PD 11 133.07 -44.33 -18.59
C GLY PD 11 133.25 -44.75 -20.03
N THR PD 12 132.16 -44.86 -20.78
CA THR PD 12 132.21 -45.25 -22.18
C THR PD 12 131.67 -44.18 -23.12
N THR PD 13 130.47 -43.67 -22.86
CA THR PD 13 129.80 -42.76 -23.78
C THR PD 13 129.53 -41.42 -23.10
N PRO PD 14 130.42 -40.44 -23.25
CA PRO PD 14 130.18 -39.13 -22.64
C PRO PD 14 129.09 -38.36 -23.35
N VAL PD 15 128.49 -37.43 -22.60
CA VAL PD 15 127.49 -36.51 -23.13
C VAL PD 15 127.81 -35.12 -22.59
N THR PD 16 127.87 -34.13 -23.48
CA THR PD 16 128.19 -32.77 -23.09
C THR PD 16 126.91 -31.96 -23.00
N LEU PD 17 126.73 -31.26 -21.88
CA LEU PD 17 125.53 -30.48 -21.61
C LEU PD 17 125.89 -29.02 -21.42
N THR PD 18 125.15 -28.13 -22.09
CA THR PD 18 125.37 -26.70 -21.98
C THR PD 18 124.14 -26.00 -21.42
N PRO PD 19 124.30 -25.00 -20.56
CA PRO PD 19 123.15 -24.39 -19.89
C PRO PD 19 122.15 -23.83 -20.89
N VAL PD 20 120.86 -23.98 -20.56
CA VAL PD 20 119.80 -23.72 -21.53
C VAL PD 20 118.79 -22.77 -20.88
N GLY PD 21 119.09 -22.32 -19.68
CA GLY PD 21 118.19 -21.39 -19.04
C GLY PD 21 118.38 -21.40 -17.54
N GLY PD 22 117.29 -21.14 -16.82
CA GLY PD 22 117.31 -21.13 -15.38
C GLY PD 22 117.08 -19.78 -14.76
N GLY PD 23 117.94 -19.40 -13.82
CA GLY PD 23 117.79 -18.14 -13.11
C GLY PD 23 118.78 -18.01 -11.98
N VAL PD 24 118.32 -17.59 -10.80
CA VAL PD 24 119.13 -17.55 -9.59
C VAL PD 24 118.79 -18.79 -8.77
N GLY PD 25 119.83 -19.55 -8.40
CA GLY PD 25 119.60 -20.82 -7.75
C GLY PD 25 118.82 -21.76 -8.63
N GLN PD 26 119.17 -21.82 -9.91
CA GLN PD 26 118.52 -22.70 -10.87
C GLN PD 26 119.37 -22.71 -12.14
N THR PD 27 119.53 -23.89 -12.73
CA THR PD 27 120.40 -24.03 -13.90
C THR PD 27 119.95 -25.24 -14.70
N LEU PD 28 119.38 -25.00 -15.88
CA LEU PD 28 119.04 -26.09 -16.77
C LEU PD 28 120.27 -26.56 -17.53
N TYR PD 29 120.14 -27.69 -18.21
CA TYR PD 29 121.19 -28.22 -19.06
C TYR PD 29 120.52 -29.02 -20.17
N ARG PD 30 121.27 -29.27 -21.24
CA ARG PD 30 120.83 -30.14 -22.32
C ARG PD 30 122.02 -30.38 -23.24
N ALA PD 31 121.92 -31.43 -24.05
CA ALA PD 31 122.98 -31.83 -24.96
C ALA PD 31 122.72 -31.25 -26.36
N THR PD 32 123.50 -31.70 -27.34
CA THR PD 32 123.54 -31.05 -28.64
C THR PD 32 122.62 -31.69 -29.68
N ALA PD 33 122.20 -32.93 -29.49
CA ALA PD 33 121.33 -33.58 -30.46
C ALA PD 33 119.94 -32.96 -30.44
N GLU PD 34 119.18 -33.13 -31.53
CA GLU PD 34 117.91 -32.44 -31.72
C GLU PD 34 116.80 -33.45 -31.98
N ALA PD 35 115.68 -33.26 -31.30
CA ALA PD 35 114.52 -34.13 -31.49
C ALA PD 35 113.26 -33.31 -31.22
N LEU PD 36 112.09 -33.95 -31.40
CA LEU PD 36 110.82 -33.25 -31.40
C LEU PD 36 110.17 -33.20 -30.01
N SER PD 37 109.94 -34.34 -29.38
CA SER PD 37 109.27 -34.39 -28.09
C SER PD 37 110.26 -34.28 -26.94
N ALA PD 38 111.17 -35.25 -26.84
CA ALA PD 38 112.22 -35.24 -25.81
C ALA PD 38 113.56 -35.18 -26.52
N ALA PD 39 114.29 -34.09 -26.31
CA ALA PD 39 115.51 -33.88 -27.08
C ALA PD 39 116.68 -34.69 -26.52
N ASN PD 40 117.09 -34.39 -25.29
CA ASN PD 40 118.36 -34.88 -24.78
C ASN PD 40 118.31 -35.03 -23.27
N PRO PD 41 119.37 -35.54 -22.64
CA PRO PD 41 119.47 -35.46 -21.18
C PRO PD 41 119.39 -34.01 -20.70
N SER PD 42 118.66 -33.79 -19.61
CA SER PD 42 118.38 -32.45 -19.10
C SER PD 42 118.57 -32.44 -17.60
N LEU PD 43 119.73 -31.98 -17.15
CA LEU PD 43 120.10 -31.99 -15.74
C LEU PD 43 119.78 -30.64 -15.12
N SER PD 44 118.67 -30.57 -14.38
CA SER PD 44 118.34 -29.34 -13.68
C SER PD 44 119.03 -29.32 -12.32
N PHE PD 45 119.37 -28.11 -11.84
CA PHE PD 45 120.12 -27.93 -10.62
C PHE PD 45 119.50 -26.77 -9.85
N GLY PD 46 118.86 -27.06 -8.72
CA GLY PD 46 118.01 -26.09 -8.06
C GLY PD 46 118.39 -25.66 -6.66
N TYR PD 47 119.67 -25.40 -6.42
CA TYR PD 47 120.15 -25.08 -5.09
C TYR PD 47 119.50 -23.80 -4.56
N ARG PD 48 119.42 -23.72 -3.23
CA ARG PD 48 118.84 -22.56 -2.54
C ARG PD 48 119.28 -22.63 -1.07
N PHE PD 49 118.82 -21.65 -0.29
CA PHE PD 49 119.05 -21.61 1.15
C PHE PD 49 117.71 -21.48 1.86
N THR PD 50 117.75 -21.42 3.18
CA THR PD 50 116.54 -21.47 3.99
C THR PD 50 116.76 -20.59 5.21
N ASP PD 51 115.92 -20.76 6.24
CA ASP PD 51 115.99 -19.94 7.44
C ASP PD 51 117.39 -19.99 8.07
N GLY PD 52 117.93 -21.19 8.22
CA GLY PD 52 119.31 -21.36 8.66
C GLY PD 52 120.24 -21.45 7.48
N GLY PD 53 121.38 -22.09 7.71
CA GLY PD 53 122.30 -22.36 6.62
C GLY PD 53 121.92 -23.63 5.90
N THR PD 54 120.62 -23.94 5.89
CA THR PD 54 120.13 -25.21 5.36
C THR PD 54 120.25 -25.22 3.84
N ASN PD 55 121.42 -25.59 3.34
CA ASN PD 55 121.68 -25.59 1.90
C ASN PD 55 120.86 -26.71 1.27
N ARG PD 56 119.71 -26.35 0.72
CA ARG PD 56 118.76 -27.34 0.21
C ARG PD 56 118.91 -27.50 -1.30
N GLN PD 57 120.03 -28.11 -1.69
CA GLN PD 57 120.28 -28.37 -3.10
C GLN PD 57 119.32 -29.43 -3.63
N SER PD 58 119.23 -29.51 -4.95
CA SER PD 58 118.30 -30.42 -5.60
C SER PD 58 118.72 -30.61 -7.04
N LEU PD 59 118.56 -31.83 -7.54
CA LEU PD 59 118.97 -32.19 -8.90
C LEU PD 59 117.88 -33.03 -9.55
N SER PD 60 118.00 -33.20 -10.86
CA SER PD 60 117.13 -34.09 -11.61
C SER PD 60 117.74 -34.35 -12.98
N TYR PD 61 118.09 -35.60 -13.27
CA TYR PD 61 118.74 -35.98 -14.53
C TYR PD 61 117.79 -36.89 -15.29
N LYS PD 62 117.14 -36.35 -16.31
CA LYS PD 62 116.24 -37.12 -17.16
C LYS PD 62 116.96 -37.49 -18.45
N GLN PD 63 116.97 -38.77 -18.78
CA GLN PD 63 117.54 -39.24 -20.04
C GLN PD 63 116.45 -39.92 -20.85
N PRO PD 64 116.03 -39.36 -21.98
CA PRO PD 64 114.93 -39.96 -22.73
C PRO PD 64 115.35 -41.24 -23.44
N ILE PD 65 114.44 -42.21 -23.45
CA ILE PD 65 114.66 -43.48 -24.12
C ILE PD 65 114.19 -43.30 -25.56
N THR PD 66 115.13 -43.36 -26.50
CA THR PD 66 114.84 -43.05 -27.89
C THR PD 66 115.38 -44.14 -28.81
N ALA PD 67 114.64 -44.41 -29.88
CA ALA PD 67 115.08 -45.29 -30.95
C ALA PD 67 114.80 -44.59 -32.27
N VAL PD 68 115.78 -44.62 -33.17
CA VAL PD 68 115.71 -43.84 -34.41
C VAL PD 68 114.80 -44.56 -35.39
N ASP PD 69 113.76 -43.86 -35.85
CA ASP PD 69 112.86 -44.41 -36.85
C ASP PD 69 113.57 -44.50 -38.20
N SER PD 70 113.01 -45.34 -39.08
CA SER PD 70 113.53 -45.46 -40.43
C SER PD 70 112.81 -44.49 -41.36
N THR PD 71 113.59 -43.91 -42.27
CA THR PD 71 113.16 -42.97 -43.30
C THR PD 71 112.71 -41.63 -42.74
N THR PD 72 112.70 -41.45 -41.42
CA THR PD 72 112.31 -40.18 -40.82
C THR PD 72 113.37 -39.76 -39.80
N SER PD 73 113.70 -38.47 -39.81
CA SER PD 73 114.72 -37.93 -38.92
C SER PD 73 114.11 -37.33 -37.66
N GLU PD 74 113.35 -38.14 -36.93
CA GLU PD 74 112.70 -37.67 -35.71
C GLU PD 74 113.03 -38.50 -34.47
N THR PD 75 113.79 -39.58 -34.63
CA THR PD 75 114.34 -40.38 -33.53
C THR PD 75 113.35 -40.56 -32.38
N LEU PD 76 112.23 -41.23 -32.67
CA LEU PD 76 111.14 -41.42 -31.72
C LEU PD 76 111.63 -41.75 -30.32
N VAL PD 77 111.13 -41.01 -29.33
CA VAL PD 77 111.47 -41.22 -27.92
C VAL PD 77 110.34 -41.99 -27.26
N ARG PD 78 110.70 -42.87 -26.33
CA ARG PD 78 109.74 -43.78 -25.71
C ARG PD 78 109.48 -43.49 -24.24
N GLY PD 79 110.44 -42.94 -23.52
CA GLY PD 79 110.26 -42.64 -22.12
C GLY PD 79 111.37 -41.76 -21.61
N GLN PD 80 111.64 -41.85 -20.31
CA GLN PD 80 112.71 -41.09 -19.68
C GLN PD 80 113.10 -41.70 -18.34
N CYS PD 81 114.40 -41.87 -18.11
CA CYS PD 81 114.92 -42.45 -16.87
C CYS PD 81 115.22 -41.31 -15.90
N VAL PD 82 114.20 -40.90 -15.16
CA VAL PD 82 114.36 -39.83 -14.18
C VAL PD 82 115.24 -40.29 -13.03
N VAL PD 83 116.17 -39.43 -12.61
CA VAL PD 83 117.01 -39.70 -11.45
C VAL PD 83 117.14 -38.44 -10.61
N ASP PD 84 116.35 -38.33 -9.54
CA ASP PD 84 116.39 -37.16 -8.67
C ASP PD 84 117.41 -37.34 -7.56
N ILE PD 85 118.12 -36.27 -7.24
CA ILE PD 85 119.08 -36.29 -6.14
C ILE PD 85 118.91 -35.03 -5.30
N ASN PD 86 118.19 -35.13 -4.19
CA ASN PD 86 117.98 -34.00 -3.30
C ASN PD 86 118.94 -34.07 -2.12
N ILE PD 87 119.44 -32.91 -1.72
CA ILE PD 87 120.44 -32.80 -0.67
C ILE PD 87 119.97 -31.75 0.34
N VAL PD 88 120.07 -32.08 1.62
CA VAL PD 88 119.72 -31.16 2.70
C VAL PD 88 120.87 -31.19 3.70
N ILE PD 89 121.63 -30.11 3.78
CA ILE PD 89 122.78 -30.01 4.66
C ILE PD 89 122.48 -28.95 5.72
N PRO PD 90 122.58 -29.27 7.00
CA PRO PD 90 122.15 -28.31 8.03
C PRO PD 90 123.12 -27.15 8.18
N ARG PD 91 122.75 -26.19 9.02
CA ARG PD 91 123.63 -25.05 9.27
C ARG PD 91 124.91 -25.43 10.00
N VAL PD 92 124.83 -26.40 10.90
CA VAL PD 92 125.94 -26.72 11.80
C VAL PD 92 126.93 -27.67 11.13
N ALA PD 93 126.75 -27.92 9.85
CA ALA PD 93 127.54 -28.95 9.15
C ALA PD 93 128.88 -28.36 8.72
N THR PD 94 129.93 -28.78 9.40
CA THR PD 94 131.29 -28.42 9.00
C THR PD 94 131.56 -28.90 7.58
N ALA PD 95 132.27 -28.08 6.81
CA ALA PD 95 132.51 -28.41 5.40
C ALA PD 95 133.24 -29.72 5.21
N THR PD 96 133.99 -30.18 6.22
CA THR PD 96 134.53 -31.53 6.17
C THR PD 96 133.43 -32.58 6.29
N ASP PD 97 132.44 -32.35 7.15
CA ASP PD 97 131.34 -33.28 7.28
C ASP PD 97 130.49 -33.32 6.03
N ARG PD 98 130.27 -32.16 5.39
CA ARG PD 98 129.46 -32.13 4.18
C ARG PD 98 130.15 -32.89 3.05
N ALA PD 99 131.46 -32.77 2.92
CA ALA PD 99 132.18 -33.52 1.90
C ALA PD 99 132.04 -35.02 2.12
N GLU PD 100 132.12 -35.46 3.37
CA GLU PD 100 131.92 -36.87 3.68
C GLU PD 100 130.51 -37.32 3.34
N ALA PD 101 129.51 -36.50 3.68
CA ALA PD 101 128.13 -36.90 3.46
C ALA PD 101 127.82 -37.04 1.98
N ILE PD 102 128.29 -36.09 1.17
CA ILE PD 102 127.99 -36.13 -0.27
C ILE PD 102 128.75 -37.27 -0.94
N LYS PD 103 130.03 -37.40 -0.65
CA LYS PD 103 130.84 -38.41 -1.35
C LYS PD 103 130.45 -39.82 -0.92
N ARG PD 104 130.04 -40.01 0.33
CA ARG PD 104 129.58 -41.32 0.76
C ARG PD 104 128.24 -41.68 0.13
N ALA PD 105 127.34 -40.72 -0.01
CA ALA PD 105 126.05 -41.00 -0.62
C ALA PD 105 126.21 -41.40 -2.09
N PHE PD 106 127.13 -40.75 -2.80
CA PHE PD 106 127.35 -41.05 -4.20
C PHE PD 106 128.23 -42.29 -4.40
N ASP PD 107 128.71 -42.90 -3.32
CA ASP PD 107 129.41 -44.17 -3.40
C ASP PD 107 128.46 -45.36 -3.30
N VAL PD 108 127.16 -45.13 -3.22
CA VAL PD 108 126.21 -46.24 -3.17
C VAL PD 108 126.31 -47.06 -4.45
N LEU PD 109 126.46 -46.39 -5.59
CA LEU PD 109 126.51 -47.09 -6.87
C LEU PD 109 127.63 -48.12 -6.90
N ASN PD 110 128.71 -47.89 -6.17
CA ASN PD 110 129.81 -48.86 -6.12
C ASN PD 110 129.64 -49.88 -5.01
N ALA PD 111 128.70 -49.68 -4.10
CA ALA PD 111 128.43 -50.64 -3.03
C ALA PD 111 127.14 -51.41 -3.26
N LEU PD 112 126.06 -50.68 -3.56
CA LEU PD 112 124.76 -51.28 -3.88
C LEU PD 112 124.60 -51.35 -5.40
N ASN PD 113 125.55 -52.02 -6.05
CA ASN PD 113 125.69 -51.91 -7.50
C ASN PD 113 124.62 -52.70 -8.24
N ALA PD 114 124.56 -54.01 -7.99
CA ALA PD 114 123.68 -54.87 -8.78
C ALA PD 114 122.22 -54.45 -8.64
N GLU PD 115 121.81 -54.04 -7.44
CA GLU PD 115 120.42 -53.67 -7.21
C GLU PD 115 120.03 -52.41 -7.97
N LEU PD 116 120.99 -51.54 -8.29
CA LEU PD 116 120.70 -50.28 -8.97
C LEU PD 116 120.83 -50.40 -10.48
N ILE PD 117 121.88 -51.07 -10.96
CA ILE PD 117 122.06 -51.22 -12.39
C ILE PD 117 121.09 -52.24 -12.96
N THR PD 118 121.13 -53.47 -12.42
CA THR PD 118 120.26 -54.54 -12.93
C THR PD 118 118.81 -54.34 -12.49
N GLY PD 119 118.59 -53.96 -11.24
CA GLY PD 119 117.25 -53.71 -10.76
C GLY PD 119 116.60 -54.91 -10.12
N GLU PD 120 117.31 -55.55 -9.19
CA GLU PD 120 116.87 -56.82 -8.65
C GLU PD 120 117.48 -57.03 -7.28
N GLY PD 121 116.94 -57.99 -6.55
CA GLY PD 121 117.65 -58.53 -5.41
C GLY PD 121 117.07 -58.23 -4.04
N GLN PD 122 117.95 -58.19 -3.04
CA GLN PD 122 117.59 -58.04 -1.63
C GLN PD 122 116.67 -59.20 -1.20
N TRP PD 123 117.27 -60.39 -1.18
CA TRP PD 123 116.56 -61.59 -0.78
C TRP PD 123 116.55 -61.70 0.75
N ALA QD 1 1.89 121.82 47.06
CA ALA QD 1 0.79 122.63 47.56
C ALA QD 1 -0.45 122.42 46.71
N ALA QD 2 -1.47 123.26 46.91
CA ALA QD 2 -2.67 123.16 46.09
C ALA QD 2 -2.35 123.55 44.66
N ARG QD 3 -2.88 122.78 43.71
CA ARG QD 3 -2.61 123.02 42.30
C ARG QD 3 -3.16 124.38 41.89
N SER QD 4 -2.37 125.12 41.12
CA SER QD 4 -2.76 126.46 40.68
C SER QD 4 -2.15 126.69 39.30
N SER QD 5 -2.11 127.95 38.89
CA SER QD 5 -1.51 128.33 37.63
C SER QD 5 -0.03 128.64 37.82
N ILE QD 6 0.74 128.47 36.75
CA ILE QD 6 2.17 128.75 36.76
C ILE QD 6 2.50 129.66 35.58
N VAL QD 7 3.57 130.43 35.71
CA VAL QD 7 3.83 131.58 34.87
C VAL QD 7 5.18 131.38 34.18
N LEU QD 8 5.47 130.14 33.79
CA LEU QD 8 6.69 129.83 33.04
C LEU QD 8 7.05 130.93 32.05
N THR QD 9 8.28 131.41 32.14
CA THR QD 9 8.73 132.55 31.35
C THR QD 9 10.16 132.33 30.90
N ASP QD 10 10.64 133.26 30.08
CA ASP QD 10 12.03 133.27 29.65
C ASP QD 10 12.57 134.70 29.63
N GLY QD 11 11.91 135.60 30.34
CA GLY QD 11 12.37 136.96 30.45
C GLY QD 11 11.62 137.95 29.58
N THR QD 12 11.06 137.49 28.47
CA THR QD 12 10.34 138.38 27.58
C THR QD 12 8.91 137.94 27.26
N THR QD 13 8.66 136.64 27.15
CA THR QD 13 7.35 136.13 26.78
C THR QD 13 6.88 135.12 27.81
N PRO QD 14 6.25 135.57 28.89
CA PRO QD 14 5.72 134.63 29.88
C PRO QD 14 4.57 133.80 29.30
N VAL QD 15 4.39 132.62 29.89
CA VAL QD 15 3.34 131.69 29.48
C VAL QD 15 2.60 131.27 30.74
N THR QD 16 1.28 131.43 30.74
CA THR QD 16 0.45 131.02 31.86
C THR QD 16 -0.12 129.63 31.57
N LEU QD 17 0.16 128.68 32.45
CA LEU QD 17 -0.34 127.33 32.34
C LEU QD 17 -1.33 127.05 33.46
N THR QD 18 -2.33 126.22 33.17
CA THR QD 18 -3.41 125.93 34.10
C THR QD 18 -3.61 124.43 34.20
N PRO QD 19 -3.89 123.91 35.39
CA PRO QD 19 -4.03 122.45 35.54
C PRO QD 19 -5.28 121.92 34.88
N VAL QD 20 -5.12 121.11 33.83
CA VAL QD 20 -6.26 120.66 33.05
C VAL QD 20 -6.36 119.14 33.07
N GLY QD 21 -5.82 118.51 34.10
CA GLY QD 21 -5.90 117.08 34.20
C GLY QD 21 -4.85 116.55 35.16
N GLY QD 22 -4.65 115.24 35.07
CA GLY QD 22 -3.66 114.58 35.90
C GLY QD 22 -4.21 113.38 36.65
N GLY QD 23 -3.86 113.28 37.92
CA GLY QD 23 -4.31 112.16 38.73
C GLY QD 23 -3.63 112.15 40.07
N VAL QD 24 -3.29 110.95 40.53
CA VAL QD 24 -2.52 110.79 41.76
C VAL QD 24 -1.05 110.70 41.37
N GLY QD 25 -0.24 111.60 41.91
CA GLY QD 25 1.16 111.69 41.52
C GLY QD 25 1.34 112.13 40.08
N GLN QD 26 0.56 113.12 39.65
CA GLN QD 26 0.61 113.65 38.29
C GLN QD 26 -0.23 114.91 38.22
N THR QD 27 0.21 115.85 37.40
CA THR QD 27 -0.55 117.10 37.21
C THR QD 27 -0.18 117.69 35.85
N LEU QD 28 -1.05 117.51 34.88
CA LEU QD 28 -0.83 118.09 33.57
C LEU QD 28 -1.10 119.58 33.60
N TYR QD 29 -0.48 120.31 32.68
CA TYR QD 29 -0.70 121.73 32.50
C TYR QD 29 -0.85 122.01 31.02
N ARG QD 30 -1.37 123.19 30.69
CA ARG QD 30 -1.47 123.61 29.31
C ARG QD 30 -1.68 125.12 29.28
N ALA QD 31 -1.08 125.77 28.30
CA ALA QD 31 -1.23 127.21 28.17
C ALA QD 31 -2.68 127.54 27.84
N THR QD 32 -3.16 128.66 28.38
CA THR QD 32 -4.57 129.01 28.25
C THR QD 32 -4.98 129.07 26.78
N ALA QD 33 -4.39 130.00 26.03
CA ALA QD 33 -4.59 130.06 24.60
C ALA QD 33 -3.49 130.93 24.01
N GLU QD 34 -2.63 130.34 23.18
CA GLU QD 34 -1.66 131.15 22.45
C GLU QD 34 -2.29 131.71 21.16
N ALA QD 35 -2.59 130.83 20.21
CA ALA QD 35 -3.39 131.21 19.05
C ALA QD 35 -4.37 130.14 18.59
N LEU QD 36 -4.21 128.90 19.01
CA LEU QD 36 -5.05 127.78 18.61
C LEU QD 36 -4.68 126.60 19.51
N SER QD 37 -5.29 125.44 19.26
CA SER QD 37 -4.90 124.23 19.94
C SER QD 37 -3.76 123.56 19.18
N ALA QD 38 -3.05 122.69 19.88
CA ALA QD 38 -1.83 122.00 19.44
C ALA QD 38 -0.66 122.95 19.29
N ALA QD 39 -0.85 124.25 19.50
CA ALA QD 39 0.22 125.24 19.49
C ALA QD 39 0.37 125.84 20.88
N ASN QD 40 0.09 125.04 21.91
CA ASN QD 40 0.12 125.49 23.29
C ASN QD 40 1.08 124.62 24.09
N PRO QD 41 2.00 125.20 24.84
CA PRO QD 41 2.93 124.40 25.65
C PRO QD 41 2.23 123.70 26.79
N SER QD 42 2.85 122.61 27.25
CA SER QD 42 2.33 121.83 28.35
C SER QD 42 3.47 121.50 29.30
N LEU QD 43 3.15 121.26 30.57
CA LEU QD 43 4.14 121.03 31.62
C LEU QD 43 3.73 119.83 32.49
N SER QD 44 3.50 118.70 31.85
CA SER QD 44 3.26 117.45 32.59
C SER QD 44 4.26 117.29 33.72
N PHE QD 45 3.75 116.97 34.91
CA PHE QD 45 4.59 116.94 36.12
C PHE QD 45 4.11 115.81 37.01
N GLY QD 46 4.91 114.76 37.13
CA GLY QD 46 4.62 113.65 38.01
C GLY QD 46 5.51 113.66 39.25
N TYR QD 47 5.20 112.74 40.16
CA TYR QD 47 5.94 112.59 41.41
C TYR QD 47 5.46 111.32 42.09
N ARG QD 48 6.39 110.59 42.69
CA ARG QD 48 6.04 109.34 43.35
C ARG QD 48 7.17 108.95 44.27
N PHE QD 49 6.86 108.03 45.20
CA PHE QD 49 7.82 107.50 46.15
C PHE QD 49 7.93 106.00 45.90
N THR QD 50 9.17 105.52 45.74
CA THR QD 50 9.42 104.10 45.61
C THR QD 50 9.42 103.44 46.98
N ASP QD 51 9.98 102.24 47.07
CA ASP QD 51 10.07 101.52 48.35
C ASP QD 51 10.68 102.41 49.43
N GLY QD 52 11.78 103.08 49.13
CA GLY QD 52 12.38 104.03 50.03
C GLY QD 52 11.74 105.40 49.90
N GLY QD 53 12.35 106.38 50.57
CA GLY QD 53 11.86 107.74 50.49
C GLY QD 53 12.42 108.46 49.28
N THR QD 54 12.74 107.69 48.25
CA THR QD 54 13.34 108.23 47.03
C THR QD 54 12.28 109.04 46.29
N ASN QD 55 12.36 110.36 46.43
CA ASN QD 55 11.36 111.25 45.86
C ASN QD 55 11.53 111.39 44.36
N ARG QD 56 11.17 110.35 43.60
CA ARG QD 56 11.35 110.34 42.15
C ARG QD 56 10.34 111.27 41.49
N GLN QD 57 10.66 112.56 41.51
CA GLN QD 57 9.88 113.52 40.74
C GLN QD 57 10.29 113.47 39.26
N SER QD 58 9.42 114.00 38.41
CA SER QD 58 9.66 114.02 36.97
C SER QD 58 8.97 115.22 36.38
N LEU QD 59 9.44 115.63 35.20
CA LEU QD 59 8.86 116.75 34.48
C LEU QD 59 8.96 116.50 32.98
N SER QD 60 8.19 117.25 32.22
CA SER QD 60 8.25 117.21 30.77
C SER QD 60 7.58 118.46 30.21
N TYR QD 61 8.35 119.33 29.58
CA TYR QD 61 7.84 120.54 28.98
C TYR QD 61 7.92 120.42 27.47
N LYS QD 62 6.77 120.50 26.80
CA LYS QD 62 6.69 120.31 25.36
C LYS QD 62 6.16 121.59 24.73
N GLN QD 63 7.02 122.30 24.01
CA GLN QD 63 6.63 123.51 23.30
C GLN QD 63 6.56 123.21 21.81
N PRO QD 64 5.38 123.25 21.19
CA PRO QD 64 5.27 122.89 19.77
C PRO QD 64 5.68 124.03 18.84
N ILE QD 65 6.14 123.62 17.66
CA ILE QD 65 6.79 124.52 16.72
C ILE QD 65 5.79 124.83 15.61
N THR QD 66 5.38 126.08 15.50
CA THR QD 66 4.34 126.48 14.57
C THR QD 66 4.83 127.53 13.60
N ALA QD 67 4.27 127.53 12.40
CA ALA QD 67 4.57 128.49 11.36
C ALA QD 67 3.44 128.48 10.34
N VAL QD 68 3.38 129.52 9.51
CA VAL QD 68 2.28 129.68 8.56
C VAL QD 68 2.41 128.65 7.44
N ASP QD 69 1.28 128.39 6.77
CA ASP QD 69 1.18 127.46 5.65
C ASP QD 69 0.54 128.19 4.46
N SER QD 70 1.15 129.31 4.07
CA SER QD 70 0.60 130.31 3.15
C SER QD 70 -0.17 129.74 1.97
N THR QD 71 0.22 128.56 1.46
CA THR QD 71 -0.57 127.91 0.42
C THR QD 71 -2.01 127.70 0.87
N THR QD 72 -2.24 127.50 2.17
CA THR QD 72 -3.57 127.45 2.75
C THR QD 72 -3.77 128.47 3.87
N SER QD 73 -2.69 129.06 4.40
CA SER QD 73 -2.73 130.08 5.45
C SER QD 73 -3.28 129.52 6.77
N GLU QD 74 -3.11 128.23 7.01
CA GLU QD 74 -3.50 127.59 8.26
C GLU QD 74 -2.26 127.28 9.08
N THR QD 75 -2.25 127.69 10.34
CA THR QD 75 -1.06 127.64 11.18
C THR QD 75 -0.79 126.21 11.63
N LEU QD 76 -0.24 125.43 10.72
CA LEU QD 76 0.11 124.05 11.00
C LEU QD 76 1.29 123.98 11.97
N VAL QD 77 1.37 122.87 12.71
CA VAL QD 77 2.46 122.61 13.64
C VAL QD 77 3.35 121.51 13.07
N ARG QD 78 4.66 121.76 13.03
CA ARG QD 78 5.61 120.78 12.52
C ARG QD 78 6.16 119.84 13.59
N GLY QD 79 6.68 120.39 14.67
CA GLY QD 79 7.25 119.58 15.72
C GLY QD 79 7.19 120.22 17.09
N GLN QD 80 7.84 119.62 18.08
CA GLN QD 80 7.81 120.13 19.45
C GLN QD 80 9.19 119.98 20.07
N CYS QD 81 9.50 120.88 21.01
CA CYS QD 81 10.73 120.83 21.78
C CYS QD 81 10.44 120.25 23.14
N VAL QD 82 11.14 119.18 23.50
CA VAL QD 82 10.86 118.39 24.69
C VAL QD 82 12.01 118.58 25.67
N VAL QD 83 11.69 118.95 26.90
CA VAL QD 83 12.66 119.06 27.98
C VAL QD 83 12.16 118.23 29.14
N ASP QD 84 12.96 117.25 29.56
CA ASP QD 84 12.59 116.37 30.67
C ASP QD 84 13.57 116.61 31.82
N ILE QD 85 13.06 117.06 32.95
CA ILE QD 85 13.90 117.25 34.13
C ILE QD 85 13.52 116.24 35.19
N ASN QD 86 14.18 115.09 35.20
CA ASN QD 86 13.93 114.10 36.23
C ASN QD 86 14.77 114.38 37.46
N ILE QD 87 14.20 114.09 38.62
CA ILE QD 87 14.85 114.33 39.90
C ILE QD 87 14.67 113.11 40.78
N VAL QD 88 15.75 112.66 41.41
CA VAL QD 88 15.70 111.51 42.32
C VAL QD 88 16.50 111.89 43.57
N ILE QD 89 15.82 111.95 44.71
CA ILE QD 89 16.43 112.27 45.98
C ILE QD 89 16.11 111.14 46.96
N PRO QD 90 17.10 110.43 47.49
CA PRO QD 90 16.82 109.28 48.35
C PRO QD 90 16.35 109.71 49.74
N ARG QD 91 15.89 108.72 50.52
CA ARG QD 91 15.46 109.00 51.88
C ARG QD 91 16.59 109.55 52.73
N VAL QD 92 17.82 109.07 52.52
CA VAL QD 92 18.95 109.40 53.38
C VAL QD 92 19.41 110.83 53.16
N ALA QD 93 18.76 111.53 52.25
CA ALA QD 93 19.15 112.90 51.92
C ALA QD 93 18.59 113.88 52.94
N THR QD 94 19.46 114.73 53.48
CA THR QD 94 18.99 115.74 54.41
C THR QD 94 18.23 116.84 53.66
N ALA QD 95 17.64 117.75 54.42
CA ALA QD 95 16.84 118.82 53.84
C ALA QD 95 17.68 119.83 53.07
N THR QD 96 18.98 119.93 53.34
CA THR QD 96 19.83 120.91 52.67
C THR QD 96 20.55 120.33 51.45
N ASP QD 97 20.79 119.02 51.43
CA ASP QD 97 21.41 118.40 50.27
C ASP QD 97 20.43 118.32 49.10
N ARG QD 98 19.14 118.20 49.39
CA ARG QD 98 18.15 118.26 48.33
C ARG QD 98 18.08 119.65 47.70
N ALA QD 99 18.10 120.69 48.53
CA ALA QD 99 18.07 122.04 48.01
C ALA QD 99 19.35 122.37 47.27
N GLU QD 100 20.49 121.85 47.73
CA GLU QD 100 21.76 122.07 47.04
C GLU QD 100 21.76 121.42 45.67
N ALA QD 101 21.32 120.17 45.58
CA ALA QD 101 21.37 119.45 44.32
C ALA QD 101 20.42 120.06 43.28
N ILE QD 102 19.20 120.37 43.70
CA ILE QD 102 18.20 120.85 42.74
C ILE QD 102 18.60 122.21 42.18
N LYS QD 103 19.04 123.11 43.04
CA LYS QD 103 19.39 124.45 42.58
C LYS QD 103 20.64 124.44 41.73
N ARG QD 104 21.61 123.58 42.05
CA ARG QD 104 22.84 123.55 41.28
C ARG QD 104 22.61 123.01 39.88
N ALA QD 105 21.90 121.88 39.76
CA ALA QD 105 21.67 121.29 38.45
C ALA QD 105 20.83 122.18 37.56
N PHE QD 106 19.98 123.03 38.14
CA PHE QD 106 19.25 124.00 37.36
C PHE QD 106 20.10 125.21 36.99
N ASP QD 107 21.29 125.32 37.57
CA ASP QD 107 22.22 126.39 37.22
C ASP QD 107 23.11 126.02 36.05
N VAL QD 108 22.86 124.87 35.42
CA VAL QD 108 23.67 124.46 34.27
C VAL QD 108 23.54 125.47 33.15
N LEU QD 109 22.31 125.90 32.85
CA LEU QD 109 22.07 126.78 31.73
C LEU QD 109 22.84 128.09 31.86
N ASN QD 110 23.06 128.56 33.09
CA ASN QD 110 23.86 129.76 33.29
C ASN QD 110 25.34 129.48 33.01
N ALA QD 111 25.81 128.27 33.33
CA ALA QD 111 27.22 127.94 33.14
C ALA QD 111 27.46 127.27 31.80
N LEU QD 112 26.83 126.12 31.56
CA LEU QD 112 26.99 125.38 30.31
C LEU QD 112 25.99 125.89 29.27
N ASN QD 113 26.10 127.18 28.96
CA ASN QD 113 25.06 127.87 28.22
C ASN QD 113 25.10 127.54 26.73
N ALA QD 114 26.22 127.87 26.08
CA ALA QD 114 26.26 127.91 24.62
C ALA QD 114 25.96 126.57 23.97
N GLU QD 115 26.21 125.46 24.67
CA GLU QD 115 25.95 124.14 24.09
C GLU QD 115 24.49 123.72 24.23
N LEU QD 116 23.71 124.41 25.04
CA LEU QD 116 22.28 124.13 25.19
C LEU QD 116 21.42 125.08 24.36
N ILE QD 117 21.62 126.38 24.53
CA ILE QD 117 20.80 127.37 23.82
C ILE QD 117 21.00 127.24 22.32
N THR QD 118 22.24 127.20 21.88
CA THR QD 118 22.57 127.25 20.46
C THR QD 118 22.60 125.88 19.80
N GLY QD 119 22.87 124.82 20.54
CA GLY QD 119 22.88 123.49 20.00
C GLY QD 119 24.21 123.02 19.45
N GLU QD 120 25.25 123.84 19.52
CA GLU QD 120 26.55 123.44 19.01
C GLU QD 120 27.14 122.30 19.83
N GLY QD 121 27.91 121.44 19.16
CA GLY QD 121 28.55 120.32 19.81
C GLY QD 121 29.96 120.68 20.18
N GLN QD 122 30.25 120.64 21.49
CA GLN QD 122 31.57 121.03 21.96
C GLN QD 122 32.63 120.05 21.50
N TRP QD 123 33.82 120.58 21.24
CA TRP QD 123 34.93 119.79 20.72
C TRP QD 123 36.02 119.59 21.76
N ALA RD 1 -10.20 131.95 36.87
CA ALA RD 1 -10.70 130.63 36.51
C ALA RD 1 -10.65 129.68 37.70
N ALA RD 2 -10.56 130.23 38.90
CA ALA RD 2 -10.58 129.45 40.13
C ALA RD 2 -12.01 129.08 40.48
N ARG RD 3 -12.14 128.09 41.37
CA ARG RD 3 -13.46 127.60 41.76
C ARG RD 3 -14.10 128.55 42.75
N SER RD 4 -15.28 129.05 42.41
CA SER RD 4 -16.05 129.94 43.27
C SER RD 4 -17.53 129.74 42.97
N SER RD 5 -18.37 130.46 43.71
CA SER RD 5 -19.80 130.35 43.53
C SER RD 5 -20.24 130.96 42.21
N ILE RD 6 -21.16 130.29 41.54
CA ILE RD 6 -21.72 130.77 40.28
C ILE RD 6 -23.21 131.02 40.47
N VAL RD 7 -23.75 131.94 39.67
CA VAL RD 7 -25.05 132.55 39.95
C VAL RD 7 -26.00 132.30 38.78
N LEU RD 8 -25.97 131.08 38.23
CA LEU RD 8 -26.91 130.66 37.20
C LEU RD 8 -28.30 131.25 37.42
N THR RD 9 -28.85 131.86 36.38
CA THR RD 9 -30.15 132.51 36.49
C THR RD 9 -30.88 132.43 35.16
N ASP RD 10 -32.21 132.47 35.23
CA ASP RD 10 -33.06 132.48 34.05
C ASP RD 10 -33.64 133.85 33.75
N GLY RD 11 -33.39 134.83 34.61
CA GLY RD 11 -33.96 136.16 34.44
C GLY RD 11 -34.86 136.53 35.59
N THR RD 12 -35.63 135.57 36.09
CA THR RD 12 -36.57 135.82 37.18
C THR RD 12 -35.98 135.50 38.54
N THR RD 13 -35.56 134.25 38.74
CA THR RD 13 -35.07 133.79 40.04
C THR RD 13 -33.64 133.27 39.87
N PRO RD 14 -32.63 133.96 40.38
CA PRO RD 14 -31.26 133.43 40.33
C PRO RD 14 -31.04 132.35 41.37
N VAL RD 15 -30.24 131.36 41.02
CA VAL RD 15 -29.83 130.30 41.94
C VAL RD 15 -28.31 130.33 42.04
N THR RD 16 -27.80 130.31 43.27
CA THR RD 16 -26.36 130.41 43.52
C THR RD 16 -25.82 129.03 43.82
N LEU RD 17 -24.95 128.52 42.96
CA LEU RD 17 -24.33 127.22 43.16
C LEU RD 17 -22.92 127.43 43.71
N THR RD 18 -22.58 126.70 44.77
CA THR RD 18 -21.26 126.73 45.37
C THR RD 18 -20.57 125.40 45.18
N PRO RD 19 -19.25 125.38 45.00
CA PRO RD 19 -18.57 124.10 44.76
C PRO RD 19 -18.73 123.15 45.93
N VAL RD 20 -18.87 121.87 45.64
CA VAL RD 20 -18.97 120.85 46.68
C VAL RD 20 -18.01 119.72 46.37
N GLY RD 21 -16.97 119.99 45.59
CA GLY RD 21 -15.93 119.00 45.40
C GLY RD 21 -15.49 118.80 43.97
N GLY RD 22 -15.01 117.59 43.67
CA GLY RD 22 -14.65 117.22 42.32
C GLY RD 22 -13.19 116.86 42.12
N GLY RD 23 -12.28 117.65 42.68
CA GLY RD 23 -10.87 117.40 42.45
C GLY RD 23 -10.40 117.90 41.10
N VAL RD 24 -9.42 117.23 40.51
CA VAL RD 24 -8.85 117.64 39.23
C VAL RD 24 -9.61 116.98 38.10
N GLY RD 25 -9.84 117.72 37.02
CA GLY RD 25 -10.58 117.21 35.91
C GLY RD 25 -12.09 117.36 36.01
N GLN RD 26 -12.61 117.91 37.10
CA GLN RD 26 -14.05 118.10 37.24
C GLN RD 26 -14.30 119.05 38.38
N THR RD 27 -15.57 119.44 38.52
CA THR RD 27 -16.00 120.33 39.60
C THR RD 27 -17.49 120.14 39.80
N LEU RD 28 -17.91 119.85 41.03
CA LEU RD 28 -19.31 119.71 41.35
C LEU RD 28 -19.82 120.98 42.01
N TYR RD 29 -21.05 121.35 41.69
CA TYR RD 29 -21.70 122.49 42.29
C TYR RD 29 -23.03 122.04 42.88
N ARG RD 30 -23.55 122.84 43.80
CA ARG RD 30 -24.86 122.57 44.39
C ARG RD 30 -25.35 123.77 45.17
N ALA RD 31 -26.59 124.20 44.93
CA ALA RD 31 -27.15 125.30 45.67
C ALA RD 31 -27.49 124.86 47.09
N THR RD 32 -27.90 125.80 47.92
CA THR RD 32 -28.25 125.44 49.30
C THR RD 32 -29.66 124.87 49.37
N ALA RD 33 -30.67 125.70 49.13
CA ALA RD 33 -32.09 125.33 49.24
C ALA RD 33 -32.31 124.38 50.41
N GLU RD 34 -31.76 124.77 51.56
CA GLU RD 34 -31.57 123.84 52.67
C GLU RD 34 -32.90 123.30 53.16
N ALA RD 35 -32.86 122.09 53.70
CA ALA RD 35 -34.06 121.45 54.27
C ALA RD 35 -35.16 121.33 53.22
N LEU RD 36 -34.92 120.44 52.26
CA LEU RD 36 -33.97 119.33 52.25
C LEU RD 36 -32.66 119.66 51.55
N SER RD 37 -31.62 118.87 51.80
CA SER RD 37 -30.30 119.11 51.21
C SER RD 37 -30.15 118.48 49.84
N ALA RD 38 -30.94 117.47 49.51
CA ALA RD 38 -30.90 116.83 48.20
C ALA RD 38 -31.90 117.43 47.22
N ALA RD 39 -32.69 118.41 47.64
CA ALA RD 39 -33.67 119.06 46.78
C ALA RD 39 -33.17 120.43 46.30
N ASN RD 40 -32.08 120.42 45.55
CA ASN RD 40 -31.54 121.67 45.00
C ASN RD 40 -30.70 121.33 43.77
N PRO RD 41 -30.55 122.28 42.85
CA PRO RD 41 -29.86 121.98 41.60
C PRO RD 41 -28.36 121.76 41.77
N SER RD 42 -27.77 121.14 40.76
CA SER RD 42 -26.36 120.81 40.75
C SER RD 42 -25.80 120.99 39.34
N LEU RD 43 -24.49 121.20 39.25
CA LEU RD 43 -23.83 121.51 37.97
C LEU RD 43 -22.52 120.71 37.80
N SER RD 44 -22.59 119.40 37.92
CA SER RD 44 -21.42 118.57 37.63
C SER RD 44 -20.78 118.97 36.31
N PHE RD 45 -19.55 119.48 36.37
CA PHE RD 45 -18.86 120.01 35.20
C PHE RD 45 -17.49 119.36 35.09
N GLY RD 46 -17.25 118.65 33.99
CA GLY RD 46 -15.98 117.99 33.75
C GLY RD 46 -15.26 118.56 32.55
N TYR RD 47 -14.01 118.12 32.39
CA TYR RD 47 -13.16 118.54 31.28
C TYR RD 47 -11.89 117.71 31.30
N ARG RD 48 -11.34 117.47 30.11
CA ARG RD 48 -10.10 116.70 29.99
C ARG RD 48 -9.53 116.93 28.59
N PHE RD 49 -8.30 116.45 28.40
CA PHE RD 49 -7.64 116.49 27.10
C PHE RD 49 -7.18 115.08 26.76
N THR RD 50 -7.50 114.63 25.56
CA THR RD 50 -7.14 113.29 25.12
C THR RD 50 -5.72 113.28 24.58
N ASP RD 51 -5.37 112.21 23.86
CA ASP RD 51 -4.05 112.09 23.25
C ASP RD 51 -3.69 113.32 22.43
N GLY RD 52 -4.65 113.84 21.68
CA GLY RD 52 -4.43 115.07 20.95
C GLY RD 52 -4.72 116.28 21.81
N GLY RD 53 -5.21 117.35 21.19
CA GLY RD 53 -5.62 118.52 21.94
C GLY RD 53 -7.13 118.56 22.07
N THR RD 54 -7.77 117.42 21.88
CA THR RD 54 -9.22 117.33 21.86
C THR RD 54 -9.75 117.62 23.25
N ASN RD 55 -10.23 118.83 23.46
CA ASN RD 55 -10.76 119.29 24.74
C ASN RD 55 -12.20 118.81 24.86
N ARG RD 56 -12.41 117.73 25.63
CA ARG RD 56 -13.74 117.15 25.80
C ARG RD 56 -14.36 117.67 27.09
N GLN RD 57 -14.89 118.88 27.04
CA GLN RD 57 -15.64 119.40 28.17
C GLN RD 57 -16.99 118.71 28.26
N SER RD 58 -17.62 118.82 29.43
CA SER RD 58 -18.87 118.13 29.68
C SER RD 58 -19.59 118.71 30.89
N LEU RD 59 -20.85 119.08 30.74
CA LEU RD 59 -21.64 119.64 31.82
C LEU RD 59 -22.89 118.80 32.02
N SER RD 60 -23.51 118.98 33.19
CA SER RD 60 -24.74 118.26 33.50
C SER RD 60 -25.45 119.02 34.60
N TYR RD 61 -26.57 119.64 34.27
CA TYR RD 61 -27.33 120.45 35.22
C TYR RD 61 -28.62 119.73 35.55
N LYS RD 62 -28.74 119.28 36.79
CA LYS RD 62 -29.94 118.59 37.26
C LYS RD 62 -30.67 119.48 38.26
N GLN RD 63 -31.95 119.71 38.02
CA GLN RD 63 -32.79 120.48 38.92
C GLN RD 63 -33.91 119.59 39.42
N PRO RD 64 -33.97 119.24 40.70
CA PRO RD 64 -35.03 118.37 41.19
C PRO RD 64 -36.33 119.14 41.39
N ILE RD 65 -37.43 118.42 41.23
CA ILE RD 65 -38.77 118.98 41.32
C ILE RD 65 -39.28 118.72 42.73
N THR RD 66 -39.48 119.79 43.49
CA THR RD 66 -39.86 119.70 44.89
C THR RD 66 -41.37 119.87 45.04
N ALA RD 67 -41.86 119.47 46.21
CA ALA RD 67 -43.28 119.60 46.53
C ALA RD 67 -43.42 119.58 48.05
N VAL RD 68 -43.73 120.74 48.64
CA VAL RD 68 -43.80 120.85 50.09
C VAL RD 68 -45.11 120.20 50.55
N ASP RD 69 -44.99 119.08 51.25
CA ASP RD 69 -46.14 118.32 51.72
C ASP RD 69 -46.68 118.99 52.98
N SER RD 70 -47.74 119.77 52.84
CA SER RD 70 -48.27 120.55 53.95
C SER RD 70 -48.76 119.70 55.10
N THR RD 71 -49.18 118.46 54.83
CA THR RD 71 -49.65 117.58 55.89
C THR RD 71 -48.55 117.29 56.90
N THR RD 72 -47.38 116.88 56.42
CA THR RD 72 -46.25 116.53 57.26
C THR RD 72 -45.24 117.66 57.39
N SER RD 73 -45.26 118.61 56.47
CA SER RD 73 -44.31 119.74 56.41
C SER RD 73 -42.88 119.22 56.16
N GLU RD 74 -42.75 118.45 55.09
CA GLU RD 74 -41.47 117.97 54.62
C GLU RD 74 -41.40 118.12 53.12
N THR RD 75 -40.22 118.36 52.59
CA THR RD 75 -40.03 118.54 51.16
C THR RD 75 -39.83 117.18 50.50
N LEU RD 76 -40.63 116.91 49.47
CA LEU RD 76 -40.56 115.65 48.73
C LEU RD 76 -40.02 115.92 47.34
N VAL RD 77 -39.18 115.00 46.86
CA VAL RD 77 -38.55 115.14 45.55
C VAL RD 77 -39.25 114.18 44.60
N ARG RD 78 -39.89 114.74 43.57
CA ARG RD 78 -40.66 113.95 42.62
C ARG RD 78 -39.85 113.52 41.41
N GLY RD 79 -38.89 114.33 40.99
CA GLY RD 79 -38.07 113.99 39.85
C GLY RD 79 -37.14 115.14 39.55
N GLN RD 80 -36.31 114.97 38.53
CA GLN RD 80 -35.33 115.99 38.20
C GLN RD 80 -35.26 116.20 36.70
N CYS RD 81 -35.13 117.46 36.30
CA CYS RD 81 -34.87 117.81 34.92
C CYS RD 81 -33.37 117.83 34.68
N VAL RD 82 -32.91 117.09 33.68
CA VAL RD 82 -31.50 116.92 33.40
C VAL RD 82 -31.17 117.55 32.06
N VAL RD 83 -30.11 118.35 32.02
CA VAL RD 83 -29.67 119.01 30.80
C VAL RD 83 -28.17 118.75 30.66
N ASP RD 84 -27.79 117.86 29.76
CA ASP RD 84 -26.38 117.56 29.49
C ASP RD 84 -25.90 118.38 28.31
N ILE RD 85 -24.68 118.90 28.41
CA ILE RD 85 -24.09 119.72 27.35
C ILE RD 85 -22.66 119.22 27.16
N ASN RD 86 -22.47 118.30 26.23
CA ASN RD 86 -21.12 117.85 25.90
C ASN RD 86 -20.51 118.73 24.82
N ILE RD 87 -19.23 119.04 24.99
CA ILE RD 87 -18.51 119.89 24.06
C ILE RD 87 -17.23 119.18 23.67
N VAL RD 88 -17.02 119.01 22.37
CA VAL RD 88 -15.79 118.44 21.83
C VAL RD 88 -15.15 119.46 20.91
N ILE RD 89 -13.88 119.76 21.15
CA ILE RD 89 -13.16 120.71 20.32
C ILE RD 89 -11.89 120.05 19.82
N PRO RD 90 -11.74 119.81 18.52
CA PRO RD 90 -10.61 119.02 18.05
C PRO RD 90 -9.27 119.73 18.21
N ARG RD 91 -8.20 118.99 17.92
CA ARG RD 91 -6.84 119.51 18.07
C ARG RD 91 -6.55 120.67 17.14
N VAL RD 92 -7.24 120.75 16.01
CA VAL RD 92 -6.91 121.71 14.95
C VAL RD 92 -7.77 122.96 15.00
N ALA RD 93 -8.49 123.19 16.10
CA ALA RD 93 -9.47 124.25 16.18
C ALA RD 93 -8.82 125.55 16.62
N THR RD 94 -9.02 126.61 15.85
CA THR RD 94 -8.50 127.92 16.20
C THR RD 94 -9.22 128.47 17.42
N ALA RD 95 -8.58 129.42 18.11
CA ALA RD 95 -9.13 130.00 19.32
C ALA RD 95 -10.38 130.84 19.05
N THR RD 96 -10.64 131.22 17.81
CA THR RD 96 -11.86 131.95 17.47
C THR RD 96 -12.96 131.06 16.92
N ASP RD 97 -12.61 129.85 16.46
CA ASP RD 97 -13.64 128.89 16.09
C ASP RD 97 -14.29 128.28 17.33
N ARG RD 98 -13.56 128.23 18.43
CA ARG RD 98 -14.15 127.79 19.70
C ARG RD 98 -15.25 128.75 20.12
N ALA RD 99 -14.97 130.05 20.12
CA ALA RD 99 -15.97 131.02 20.52
C ALA RD 99 -17.15 131.01 19.56
N GLU RD 100 -16.89 130.90 18.26
CA GLU RD 100 -17.98 130.87 17.29
C GLU RD 100 -18.86 129.64 17.50
N ALA RD 101 -18.25 128.48 17.72
CA ALA RD 101 -19.02 127.26 17.85
C ALA RD 101 -19.82 127.24 19.15
N ILE RD 102 -19.18 127.59 20.27
CA ILE RD 102 -19.84 127.46 21.56
C ILE RD 102 -20.99 128.45 21.69
N LYS RD 103 -20.75 129.71 21.35
CA LYS RD 103 -21.81 130.71 21.52
C LYS RD 103 -22.94 130.52 20.51
N ARG RD 104 -22.67 129.87 19.38
CA ARG RD 104 -23.74 129.58 18.44
C ARG RD 104 -24.62 128.44 18.94
N ALA RD 105 -24.02 127.38 19.47
CA ALA RD 105 -24.80 126.27 19.98
C ALA RD 105 -25.67 126.70 21.16
N PHE RD 106 -25.12 127.50 22.06
CA PHE RD 106 -25.89 128.02 23.18
C PHE RD 106 -26.90 129.08 22.75
N ASP RD 107 -26.85 129.53 21.50
CA ASP RD 107 -27.85 130.45 20.96
C ASP RD 107 -29.06 129.72 20.40
N VAL RD 108 -29.09 128.39 20.49
CA VAL RD 108 -30.24 127.63 20.01
C VAL RD 108 -31.49 128.04 20.77
N LEU RD 109 -31.37 128.20 22.09
CA LEU RD 109 -32.52 128.56 22.91
C LEU RD 109 -33.18 129.84 22.42
N ASN RD 110 -32.42 130.74 21.81
CA ASN RD 110 -33.02 131.93 21.21
C ASN RD 110 -33.59 131.67 19.83
N ALA RD 111 -33.12 130.64 19.14
CA ALA RD 111 -33.65 130.31 17.82
C ALA RD 111 -34.75 129.26 17.93
N LEU RD 112 -34.42 128.11 18.51
CA LEU RD 112 -35.37 127.01 18.68
C LEU RD 112 -36.08 127.11 20.02
N ASN RD 113 -36.68 128.28 20.25
CA ASN RD 113 -37.15 128.63 21.58
C ASN RD 113 -38.39 127.84 21.97
N ALA RD 114 -39.45 127.94 21.17
CA ALA RD 114 -40.73 127.31 21.55
C ALA RD 114 -40.62 125.79 21.63
N GLU RD 115 -39.70 125.19 20.89
CA GLU RD 115 -39.54 123.75 20.96
C GLU RD 115 -38.84 123.29 22.23
N LEU RD 116 -38.29 124.22 23.01
CA LEU RD 116 -37.56 123.87 24.23
C LEU RD 116 -38.22 124.43 25.48
N ILE RD 117 -38.62 125.70 25.46
CA ILE RD 117 -39.21 126.32 26.64
C ILE RD 117 -40.58 125.70 26.95
N THR RD 118 -41.41 125.51 25.92
CA THR RD 118 -42.75 124.98 26.12
C THR RD 118 -42.87 123.49 25.85
N GLY RD 119 -41.94 122.91 25.11
CA GLY RD 119 -41.94 121.49 24.86
C GLY RD 119 -42.65 121.04 23.62
N GLU RD 120 -43.04 121.97 22.74
CA GLU RD 120 -43.75 121.61 21.52
C GLU RD 120 -42.84 120.80 20.59
N GLY RD 121 -43.41 120.40 19.48
CA GLY RD 121 -42.64 119.83 18.39
C GLY RD 121 -43.02 120.54 17.11
N GLN RD 122 -42.03 120.80 16.28
CA GLN RD 122 -42.28 121.54 15.05
C GLN RD 122 -43.02 120.68 14.04
N TRP RD 123 -44.03 121.27 13.42
CA TRP RD 123 -44.90 120.53 12.51
C TRP RD 123 -44.62 120.83 11.04
N ALA SD 1 -43.18 126.35 16.32
CA ALA SD 1 -43.76 126.63 15.02
C ALA SD 1 -43.25 125.63 13.98
N ALA SD 2 -43.62 125.84 12.72
CA ALA SD 2 -43.24 124.91 11.67
C ALA SD 2 -41.75 125.00 11.39
N ARG SD 3 -41.23 123.98 10.70
CA ARG SD 3 -39.83 123.96 10.31
C ARG SD 3 -39.52 125.17 9.45
N SER SD 4 -38.66 126.07 9.93
CA SER SD 4 -38.32 127.26 9.18
C SER SD 4 -36.82 127.49 9.19
N SER SD 5 -36.38 128.66 8.77
CA SER SD 5 -34.96 129.00 8.76
C SER SD 5 -34.58 129.66 10.09
N ILE SD 6 -33.58 129.09 10.75
CA ILE SD 6 -33.10 129.62 12.03
C ILE SD 6 -31.84 130.43 11.78
N VAL SD 7 -31.57 131.36 12.69
CA VAL SD 7 -30.58 132.43 12.46
C VAL SD 7 -29.53 132.31 13.56
N LEU SD 8 -29.16 131.07 13.90
CA LEU SD 8 -28.11 130.79 14.88
C LEU SD 8 -26.94 131.73 14.72
N THR SD 9 -26.64 132.50 15.76
CA THR SD 9 -25.63 133.54 15.72
C THR SD 9 -24.77 133.47 16.97
N ASP SD 10 -23.81 134.40 17.07
CA ASP SD 10 -23.01 134.52 18.28
C ASP SD 10 -22.79 135.97 18.68
N GLY SD 11 -23.54 136.91 18.12
CA GLY SD 11 -23.39 138.32 18.40
C GLY SD 11 -22.67 139.10 17.32
N THR SD 12 -21.80 138.44 16.55
CA THR SD 12 -21.06 139.07 15.48
C THR SD 12 -21.36 138.46 14.12
N THR SD 13 -21.24 137.14 13.97
CA THR SD 13 -21.34 136.48 12.68
C THR SD 13 -22.53 135.52 12.66
N PRO SD 14 -23.69 135.95 12.19
CA PRO SD 14 -24.85 135.05 12.12
C PRO SD 14 -24.70 134.03 11.01
N VAL SD 15 -25.42 132.92 11.19
CA VAL SD 15 -25.48 131.85 10.21
C VAL SD 15 -26.94 131.40 10.09
N THR SD 16 -27.45 131.31 8.88
CA THR SD 16 -28.83 130.92 8.63
C THR SD 16 -28.88 129.47 8.20
N LEU SD 17 -29.71 128.68 8.88
CA LEU SD 17 -29.83 127.25 8.62
C LEU SD 17 -31.26 126.92 8.21
N THR SD 18 -31.40 126.17 7.12
CA THR SD 18 -32.70 125.74 6.62
C THR SD 18 -32.79 124.22 6.66
N PRO SD 19 -33.96 123.66 6.96
CA PRO SD 19 -34.07 122.21 7.15
C PRO SD 19 -33.70 121.45 5.88
N VAL SD 20 -32.98 120.34 6.07
CA VAL SD 20 -32.48 119.55 4.94
C VAL SD 20 -32.90 118.09 5.09
N GLY SD 21 -33.90 117.82 5.89
CA GLY SD 21 -34.38 116.46 5.98
C GLY SD 21 -34.96 116.17 7.35
N GLY SD 22 -34.88 114.90 7.73
CA GLY SD 22 -35.38 114.48 9.03
C GLY SD 22 -36.57 113.54 8.93
N GLY SD 23 -37.60 113.80 9.74
CA GLY SD 23 -38.78 112.96 9.79
C GLY SD 23 -39.74 113.42 10.86
N VAL SD 24 -40.24 112.49 11.67
CA VAL SD 24 -41.07 112.81 12.82
C VAL SD 24 -40.21 112.74 14.07
N GLY SD 25 -40.25 113.81 14.87
CA GLY SD 25 -39.33 113.91 15.98
C GLY SD 25 -37.89 113.91 15.54
N GLN SD 26 -37.60 114.65 14.47
CA GLN SD 26 -36.26 114.77 13.92
C GLN SD 26 -36.25 115.91 12.91
N THR SD 27 -35.18 116.69 12.92
CA THR SD 27 -35.11 117.85 12.02
C THR SD 27 -33.63 118.20 11.81
N LEU SD 28 -33.15 117.97 10.59
CA LEU SD 28 -31.80 118.38 10.25
C LEU SD 28 -31.77 119.86 9.91
N TYR SD 29 -30.56 120.40 9.81
CA TYR SD 29 -30.36 121.78 9.41
C TYR SD 29 -29.03 121.88 8.69
N ARG SD 30 -28.85 122.96 7.94
CA ARG SD 30 -27.58 123.26 7.28
C ARG SD 30 -27.68 124.67 6.71
N ALA SD 31 -26.53 125.25 6.40
CA ALA SD 31 -26.43 126.61 5.90
C ALA SD 31 -26.29 126.62 4.37
N THR SD 32 -26.03 127.80 3.80
CA THR SD 32 -26.10 128.00 2.36
C THR SD 32 -24.79 127.65 1.63
N ALA SD 33 -23.63 127.91 2.24
CA ALA SD 33 -22.36 127.68 1.57
C ALA SD 33 -22.17 126.20 1.27
N GLU SD 34 -21.33 125.87 0.29
CA GLU SD 34 -21.17 124.51 -0.18
C GLU SD 34 -19.71 124.09 -0.14
N ALA SD 35 -19.49 122.81 0.12
CA ALA SD 35 -18.14 122.23 0.13
C ALA SD 35 -18.25 120.79 -0.33
N LEU SD 36 -17.21 120.00 -0.10
CA LEU SD 36 -17.14 118.62 -0.56
C LEU SD 36 -17.35 117.62 0.58
N SER SD 37 -16.55 117.70 1.63
CA SER SD 37 -16.62 116.74 2.73
C SER SD 37 -17.55 117.22 3.84
N ALA SD 38 -17.23 118.36 4.45
CA ALA SD 38 -18.06 118.98 5.48
C ALA SD 38 -18.52 120.33 4.98
N ALA SD 39 -19.82 120.47 4.75
CA ALA SD 39 -20.32 121.68 4.11
C ALA SD 39 -20.44 122.83 5.10
N ASN SD 40 -21.31 122.68 6.10
CA ASN SD 40 -21.70 123.80 6.93
C ASN SD 40 -22.05 123.34 8.35
N PRO SD 41 -22.39 124.26 9.25
CA PRO SD 41 -23.00 123.85 10.52
C PRO SD 41 -24.28 123.05 10.29
N SER SD 42 -24.48 122.01 11.10
CA SER SD 42 -25.58 121.08 10.92
C SER SD 42 -26.19 120.77 12.29
N LEU SD 43 -27.30 121.42 12.61
CA LEU SD 43 -27.95 121.30 13.91
C LEU SD 43 -29.08 120.29 13.83
N SER SD 44 -28.85 119.10 14.34
CA SER SD 44 -29.92 118.09 14.40
C SER SD 44 -30.73 118.27 15.67
N PHE SD 45 -32.03 117.96 15.58
CA PHE SD 45 -32.97 118.16 16.68
C PHE SD 45 -33.83 116.92 16.78
N GLY SD 46 -33.65 116.14 17.85
CA GLY SD 46 -34.22 114.81 17.92
C GLY SD 46 -35.23 114.54 19.02
N TYR SD 47 -36.16 115.48 19.23
CA TYR SD 47 -37.13 115.35 20.31
C TYR SD 47 -38.00 114.11 20.14
N ARG SD 48 -38.48 113.59 21.27
CA ARG SD 48 -39.36 112.43 21.31
C ARG SD 48 -40.00 112.36 22.69
N PHE SD 49 -40.85 111.36 22.90
CA PHE SD 49 -41.47 111.09 24.19
C PHE SD 49 -41.15 109.66 24.60
N THR SD 50 -41.67 109.25 25.76
CA THR SD 50 -41.31 107.97 26.34
C THR SD 50 -42.54 107.43 27.07
N ASP SD 51 -42.33 106.46 27.97
CA ASP SD 51 -43.43 105.83 28.69
C ASP SD 51 -44.29 106.86 29.41
N GLY SD 52 -43.64 107.75 30.17
CA GLY SD 52 -44.32 108.87 30.77
C GLY SD 52 -44.29 110.08 29.88
N GLY SD 53 -44.41 111.25 30.50
CA GLY SD 53 -44.25 112.49 29.76
C GLY SD 53 -42.80 112.87 29.64
N THR SD 54 -41.92 111.87 29.61
CA THR SD 54 -40.48 112.10 29.63
C THR SD 54 -40.02 112.68 28.31
N ASN SD 55 -40.11 113.99 28.16
CA ASN SD 55 -39.75 114.67 26.92
C ASN SD 55 -38.25 114.60 26.74
N ARG SD 56 -37.79 113.66 25.92
CA ARG SD 56 -36.36 113.38 25.77
C ARG SD 56 -35.81 114.10 24.53
N GLN SD 57 -35.77 115.42 24.62
CA GLN SD 57 -35.20 116.20 23.53
C GLN SD 57 -33.70 115.97 23.43
N SER SD 58 -33.15 116.26 22.26
CA SER SD 58 -31.74 116.01 22.00
C SER SD 58 -31.29 116.88 20.84
N LEU SD 59 -30.08 117.41 20.94
CA LEU SD 59 -29.54 118.32 19.94
C LEU SD 59 -28.10 117.92 19.63
N SER SD 60 -27.58 118.46 18.53
CA SER SD 60 -26.18 118.32 18.18
C SER SD 60 -25.81 119.35 17.12
N TYR SD 61 -24.91 120.27 17.46
CA TYR SD 61 -24.52 121.35 16.57
C TYR SD 61 -23.06 121.16 16.20
N LYS SD 62 -22.80 120.69 14.98
CA LYS SD 62 -21.45 120.48 14.49
C LYS SD 62 -21.08 121.64 13.58
N GLN SD 63 -19.94 122.27 13.86
CA GLN SD 63 -19.42 123.34 13.01
C GLN SD 63 -18.07 122.92 12.47
N PRO SD 64 -17.93 122.67 11.17
CA PRO SD 64 -16.65 122.19 10.63
C PRO SD 64 -15.59 123.27 10.64
N ILE SD 65 -14.37 122.88 10.97
CA ILE SD 65 -13.22 123.78 10.96
C ILE SD 65 -12.64 123.75 9.56
N THR SD 66 -12.74 124.87 8.85
CA THR SD 66 -12.36 124.93 7.45
C THR SD 66 -11.47 126.14 7.20
N ALA SD 67 -10.50 125.95 6.29
CA ALA SD 67 -9.67 127.02 5.78
C ALA SD 67 -9.62 126.90 4.27
N VAL SD 68 -9.80 128.03 3.57
CA VAL SD 68 -9.95 128.00 2.12
C VAL SD 68 -8.58 127.79 1.49
N ASP SD 69 -8.50 126.79 0.61
CA ASP SD 69 -7.27 126.55 -0.15
C ASP SD 69 -7.09 127.63 -1.20
N SER SD 70 -5.86 127.74 -1.69
CA SER SD 70 -5.56 128.66 -2.78
C SER SD 70 -5.71 127.95 -4.12
N THR SD 71 -6.25 128.68 -5.10
CA THR SD 71 -6.45 128.26 -6.49
C THR SD 71 -7.50 127.17 -6.64
N THR SD 72 -8.08 126.66 -5.56
CA THR SD 72 -9.10 125.62 -5.63
C THR SD 72 -10.31 126.04 -4.79
N SER SD 73 -11.49 125.82 -5.34
CA SER SD 73 -12.74 126.19 -4.68
C SER SD 73 -13.34 125.03 -3.89
N GLU SD 74 -12.56 124.48 -2.95
CA GLU SD 74 -13.02 123.35 -2.15
C GLU SD 74 -12.92 123.61 -0.65
N THR SD 75 -12.38 124.76 -0.23
CA THR SD 75 -12.37 125.22 1.16
C THR SD 75 -12.13 124.09 2.15
N LEU SD 76 -10.95 123.47 2.06
CA LEU SD 76 -10.58 122.30 2.87
C LEU SD 76 -11.02 122.43 4.31
N VAL SD 77 -11.69 121.38 4.80
CA VAL SD 77 -12.17 121.32 6.18
C VAL SD 77 -11.22 120.44 6.99
N ARG SD 78 -11.04 120.79 8.26
CA ARG SD 78 -10.05 120.13 9.10
C ARG SD 78 -10.64 119.34 10.26
N GLY SD 79 -11.81 119.72 10.75
CA GLY SD 79 -12.44 119.01 11.84
C GLY SD 79 -13.86 119.49 12.04
N GLN SD 80 -14.35 119.35 13.27
CA GLN SD 80 -15.70 119.80 13.61
C GLN SD 80 -15.86 119.98 15.12
N CYS SD 81 -16.44 121.10 15.53
CA CYS SD 81 -16.66 121.41 16.94
C CYS SD 81 -18.04 120.90 17.35
N VAL SD 82 -18.11 119.63 17.74
CA VAL SD 82 -19.38 119.03 18.14
C VAL SD 82 -19.83 119.61 19.47
N VAL SD 83 -21.11 119.95 19.56
CA VAL SD 83 -21.71 120.41 20.81
C VAL SD 83 -23.07 119.75 21.01
N ASP SD 84 -23.12 118.71 21.84
CA ASP SD 84 -24.36 117.99 22.09
C ASP SD 84 -25.10 118.60 23.26
N ILE SD 85 -26.43 118.69 23.15
CA ILE SD 85 -27.26 119.19 24.24
C ILE SD 85 -28.47 118.29 24.41
N ASN SD 86 -28.40 117.37 25.36
CA ASN SD 86 -29.50 116.45 25.62
C ASN SD 86 -30.32 116.93 26.80
N ILE SD 87 -31.64 116.80 26.68
CA ILE SD 87 -32.58 117.29 27.69
C ILE SD 87 -33.53 116.17 28.07
N VAL SD 88 -33.74 115.98 29.36
CA VAL SD 88 -34.66 114.97 29.88
C VAL SD 88 -35.55 115.66 30.91
N ILE SD 89 -36.82 115.86 30.58
CA ILE SD 89 -37.77 116.54 31.44
C ILE SD 89 -38.83 115.53 31.87
N PRO SD 90 -39.06 115.34 33.17
CA PRO SD 90 -39.96 114.27 33.61
C PRO SD 90 -41.42 114.59 33.34
N ARG SD 91 -42.29 113.64 33.65
CA ARG SD 91 -43.73 113.84 33.46
C ARG SD 91 -44.29 114.88 34.41
N VAL SD 92 -43.76 114.99 35.63
CA VAL SD 92 -44.35 115.80 36.68
C VAL SD 92 -43.84 117.24 36.63
N ALA SD 93 -43.12 117.58 35.57
CA ALA SD 93 -42.45 118.88 35.49
C ALA SD 93 -43.44 119.93 34.99
N THR SD 94 -43.87 120.80 35.89
CA THR SD 94 -44.71 121.93 35.52
C THR SD 94 -43.96 122.82 34.54
N ALA SD 95 -44.70 123.35 33.56
CA ALA SD 95 -44.07 124.13 32.50
C ALA SD 95 -43.33 125.35 33.03
N THR SD 96 -43.67 125.83 34.21
CA THR SD 96 -42.85 126.86 34.85
C THR SD 96 -41.51 126.29 35.29
N ASP SD 97 -41.50 125.07 35.84
CA ASP SD 97 -40.25 124.45 36.24
C ASP SD 97 -39.38 124.12 35.03
N ARG SD 98 -40.00 123.67 33.94
CA ARG SD 98 -39.21 123.33 32.76
C ARG SD 98 -38.55 124.57 32.16
N ALA SD 99 -39.24 125.70 32.16
CA ALA SD 99 -38.64 126.93 31.66
C ALA SD 99 -37.43 127.32 32.49
N GLU SD 100 -37.52 127.16 33.81
CA GLU SD 100 -36.38 127.46 34.68
C GLU SD 100 -35.22 126.51 34.39
N ALA SD 101 -35.51 125.23 34.24
CA ALA SD 101 -34.43 124.25 34.06
C ALA SD 101 -33.68 124.49 32.77
N ILE SD 102 -34.39 124.79 31.68
CA ILE SD 102 -33.73 124.99 30.39
C ILE SD 102 -32.95 126.30 30.39
N LYS SD 103 -33.57 127.38 30.86
CA LYS SD 103 -32.92 128.68 30.78
C LYS SD 103 -31.75 128.78 31.75
N ARG SD 104 -31.81 128.10 32.89
CA ARG SD 104 -30.69 128.08 33.80
C ARG SD 104 -29.53 127.27 33.26
N ALA SD 105 -29.82 126.16 32.57
CA ALA SD 105 -28.74 125.36 32.01
C ALA SD 105 -28.02 126.11 30.91
N PHE SD 106 -28.75 126.88 30.10
CA PHE SD 106 -28.14 127.64 29.02
C PHE SD 106 -27.53 128.94 29.49
N ASP SD 107 -27.64 129.27 30.77
CA ASP SD 107 -26.93 130.40 31.34
C ASP SD 107 -25.56 130.02 31.88
N VAL SD 108 -25.14 128.78 31.70
CA VAL SD 108 -23.80 128.38 32.12
C VAL SD 108 -22.75 129.19 31.36
N LEU SD 109 -22.98 129.42 30.07
CA LEU SD 109 -22.02 130.14 29.25
C LEU SD 109 -21.69 131.51 29.81
N ASN SD 110 -22.65 132.15 30.47
CA ASN SD 110 -22.42 133.45 31.07
C ASN SD 110 -21.87 133.38 32.49
N ALA SD 111 -21.88 132.20 33.10
CA ALA SD 111 -21.35 132.03 34.45
C ALA SD 111 -20.03 131.27 34.44
N LEU SD 112 -19.99 130.15 33.74
CA LEU SD 112 -18.76 129.37 33.59
C LEU SD 112 -18.10 129.71 32.25
N ASN SD 113 -17.83 131.00 32.07
CA ASN SD 113 -17.50 131.53 30.74
C ASN SD 113 -16.09 131.16 30.32
N ALA SD 114 -15.09 131.49 31.15
CA ALA SD 114 -13.70 131.32 30.75
C ALA SD 114 -13.37 129.85 30.47
N GLU SD 115 -13.91 128.95 31.30
CA GLU SD 115 -13.61 127.52 31.13
C GLU SD 115 -14.16 126.96 29.83
N LEU SD 116 -15.25 127.54 29.30
CA LEU SD 116 -15.89 127.01 28.11
C LEU SD 116 -15.34 127.63 26.83
N ILE SD 117 -15.15 128.95 26.83
CA ILE SD 117 -14.63 129.63 25.64
C ILE SD 117 -13.15 129.35 25.49
N THR SD 118 -12.35 129.70 26.50
CA THR SD 118 -10.91 129.54 26.41
C THR SD 118 -10.48 128.09 26.54
N GLY SD 119 -11.09 127.34 27.46
CA GLY SD 119 -10.80 125.93 27.61
C GLY SD 119 -9.72 125.64 28.64
N GLU SD 120 -9.87 126.21 29.84
CA GLU SD 120 -8.83 126.15 30.85
C GLU SD 120 -9.46 126.34 32.22
N GLY SD 121 -8.66 126.07 33.25
CA GLY SD 121 -9.01 126.57 34.57
C GLY SD 121 -9.39 125.53 35.60
N GLN SD 122 -10.18 125.96 36.58
CA GLN SD 122 -10.57 125.16 37.74
C GLN SD 122 -9.32 124.70 38.51
N TRP SD 123 -8.66 125.69 39.10
CA TRP SD 123 -7.48 125.43 39.91
C TRP SD 123 -7.89 124.99 41.30
N ALA TD 1 -114.59 -61.39 -12.13
CA ALA TD 1 -114.89 -62.81 -12.20
C ALA TD 1 -113.83 -63.54 -13.02
N ALA TD 2 -114.03 -64.83 -13.27
CA ALA TD 2 -113.10 -65.57 -14.09
C ALA TD 2 -113.09 -65.03 -15.50
N ARG TD 3 -111.90 -64.85 -16.05
CA ARG TD 3 -111.75 -64.27 -17.39
C ARG TD 3 -112.41 -65.16 -18.43
N SER TD 4 -113.15 -64.54 -19.34
CA SER TD 4 -113.87 -65.27 -20.38
C SER TD 4 -113.93 -64.38 -21.62
N SER TD 5 -114.82 -64.73 -22.54
CA SER TD 5 -115.01 -63.97 -23.76
C SER TD 5 -116.03 -62.86 -23.53
N ILE TD 6 -115.95 -61.81 -24.35
CA ILE TD 6 -116.87 -60.70 -24.30
C ILE TD 6 -117.37 -60.41 -25.71
N VAL TD 7 -118.56 -59.83 -25.80
CA VAL TD 7 -119.32 -59.81 -27.05
C VAL TD 7 -119.60 -58.35 -27.40
N LEU TD 8 -118.61 -57.49 -27.18
CA LEU TD 8 -118.69 -56.07 -27.56
C LEU TD 8 -119.41 -55.91 -28.89
N THR TD 9 -120.43 -55.06 -28.89
CA THR TD 9 -121.31 -54.90 -30.03
C THR TD 9 -121.70 -53.43 -30.18
N ASP TD 10 -122.37 -53.13 -31.28
CA ASP TD 10 -122.92 -51.81 -31.51
C ASP TD 10 -124.31 -51.91 -32.14
N GLY TD 11 -124.98 -53.03 -31.92
CA GLY TD 11 -126.33 -53.20 -32.40
C GLY TD 11 -126.45 -53.99 -33.68
N THR TD 12 -125.43 -53.91 -34.54
CA THR TD 12 -125.49 -54.58 -35.83
C THR TD 12 -124.35 -55.54 -36.08
N THR TD 13 -123.13 -55.23 -35.62
CA THR TD 13 -121.96 -56.08 -35.87
C THR TD 13 -121.27 -56.40 -34.56
N PRO TD 14 -121.70 -57.46 -33.87
CA PRO TD 14 -121.01 -57.85 -32.64
C PRO TD 14 -119.60 -58.34 -32.91
N VAL TD 15 -118.75 -58.18 -31.90
CA VAL TD 15 -117.35 -58.60 -31.96
C VAL TD 15 -117.08 -59.46 -30.74
N THR TD 16 -116.56 -60.66 -30.96
CA THR TD 16 -116.20 -61.56 -29.87
C THR TD 16 -114.72 -61.40 -29.57
N LEU TD 17 -114.40 -61.08 -28.34
CA LEU TD 17 -113.02 -60.93 -27.90
C LEU TD 17 -112.68 -62.02 -26.89
N THR TD 18 -111.43 -62.46 -26.89
CA THR TD 18 -110.98 -63.55 -26.05
C THR TD 18 -109.70 -63.14 -25.32
N PRO TD 19 -109.53 -63.55 -24.07
CA PRO TD 19 -108.35 -63.13 -23.31
C PRO TD 19 -107.08 -63.81 -23.81
N VAL TD 20 -106.15 -63.05 -24.36
CA VAL TD 20 -104.96 -63.62 -24.97
C VAL TD 20 -103.71 -63.07 -24.31
N GLY TD 21 -103.81 -62.69 -23.04
CA GLY TD 21 -102.67 -62.18 -22.33
C GLY TD 21 -103.09 -61.39 -21.11
N GLY TD 22 -102.14 -60.66 -20.56
CA GLY TD 22 -102.40 -59.83 -19.40
C GLY TD 22 -101.39 -60.03 -18.28
N GLY TD 23 -101.89 -60.10 -17.05
CA GLY TD 23 -101.01 -60.26 -15.91
C GLY TD 23 -101.80 -60.12 -14.62
N VAL TD 24 -101.17 -59.47 -13.65
CA VAL TD 24 -101.82 -59.13 -12.40
C VAL TD 24 -102.35 -57.71 -12.51
N GLY TD 25 -103.66 -57.55 -12.36
CA GLY TD 25 -104.29 -56.26 -12.60
C GLY TD 25 -104.23 -55.83 -14.05
N GLN TD 26 -104.50 -56.76 -14.97
CA GLN TD 26 -104.50 -56.49 -16.39
C GLN TD 26 -105.05 -57.70 -17.11
N THR TD 27 -105.74 -57.45 -18.23
CA THR TD 27 -106.31 -58.55 -19.02
C THR TD 27 -106.49 -58.05 -20.45
N LEU TD 28 -105.58 -58.45 -21.33
CA LEU TD 28 -105.71 -58.11 -22.74
C LEU TD 28 -106.82 -58.93 -23.38
N TYR TD 29 -107.38 -58.38 -24.45
CA TYR TD 29 -108.37 -59.07 -25.28
C TYR TD 29 -108.02 -58.84 -26.74
N ARG TD 30 -108.55 -59.69 -27.60
CA ARG TD 30 -108.39 -59.52 -29.04
C ARG TD 30 -109.48 -60.29 -29.74
N ALA TD 31 -110.01 -59.72 -30.82
CA ALA TD 31 -111.05 -60.40 -31.59
C ALA TD 31 -110.49 -61.67 -32.20
N THR TD 32 -111.33 -62.70 -32.29
CA THR TD 32 -110.89 -64.01 -32.74
C THR TD 32 -110.24 -63.93 -34.12
N ALA TD 33 -111.02 -63.55 -35.12
CA ALA TD 33 -110.49 -63.29 -36.46
C ALA TD 33 -111.52 -62.49 -37.24
N GLU TD 34 -111.18 -61.26 -37.60
CA GLU TD 34 -112.05 -60.53 -38.52
C GLU TD 34 -111.74 -60.89 -39.96
N ALA TD 35 -110.56 -60.49 -40.45
CA ALA TD 35 -110.09 -60.96 -41.75
C ALA TD 35 -108.59 -61.24 -41.79
N LEU TD 36 -107.81 -60.76 -40.84
CA LEU TD 36 -106.36 -60.92 -40.80
C LEU TD 36 -105.90 -60.40 -39.43
N SER TD 37 -104.60 -60.41 -39.21
CA SER TD 37 -104.04 -59.79 -38.02
C SER TD 37 -103.82 -58.29 -38.28
N ALA TD 38 -103.69 -57.54 -37.19
CA ALA TD 38 -103.60 -56.09 -37.15
C ALA TD 38 -104.89 -55.41 -37.57
N ALA TD 39 -105.89 -56.16 -37.99
CA ALA TD 39 -107.22 -55.63 -38.30
C ALA TD 39 -108.24 -56.20 -37.33
N ASN TD 40 -107.83 -56.41 -36.09
CA ASN TD 40 -108.67 -57.00 -35.06
C ASN TD 40 -108.72 -56.09 -33.84
N PRO TD 41 -109.90 -55.76 -33.35
CA PRO TD 41 -110.00 -54.89 -32.18
C PRO TD 41 -109.48 -55.56 -30.92
N SER TD 42 -109.06 -54.72 -29.97
CA SER TD 42 -108.54 -55.20 -28.70
C SER TD 42 -109.16 -54.37 -27.58
N LEU TD 43 -109.23 -54.96 -26.38
CA LEU TD 43 -109.89 -54.35 -25.23
C LEU TD 43 -109.02 -54.49 -23.97
N SER TD 44 -107.77 -54.03 -24.05
CA SER TD 44 -106.92 -53.96 -22.87
C SER TD 44 -107.69 -53.38 -21.67
N PHE TD 45 -107.55 -54.04 -20.52
CA PHE TD 45 -108.35 -53.71 -19.34
C PHE TD 45 -107.51 -53.94 -18.09
N GLY TD 46 -107.12 -52.85 -17.42
CA GLY TD 46 -106.40 -52.93 -16.18
C GLY TD 46 -107.26 -52.57 -14.98
N TYR TD 47 -106.67 -52.74 -13.80
CA TYR TD 47 -107.33 -52.45 -12.54
C TYR TD 47 -106.30 -52.56 -11.42
N ARG TD 48 -106.38 -51.66 -10.45
CA ARG TD 48 -105.42 -51.66 -9.36
C ARG TD 48 -105.97 -50.83 -8.21
N PHE TD 49 -105.40 -51.06 -7.02
CA PHE TD 49 -105.75 -50.33 -5.81
C PHE TD 49 -104.53 -49.60 -5.31
N THR TD 50 -104.67 -48.31 -5.04
CA THR TD 50 -103.60 -47.53 -4.44
C THR TD 50 -103.59 -47.69 -2.93
N ASP TD 51 -102.90 -46.78 -2.24
CA ASP TD 51 -102.86 -46.77 -0.77
C ASP TD 51 -104.24 -47.02 -0.16
N GLY TD 52 -105.21 -46.18 -0.52
CA GLY TD 52 -106.57 -46.38 -0.09
C GLY TD 52 -107.31 -47.31 -1.04
N GLY TD 53 -108.61 -47.43 -0.82
CA GLY TD 53 -109.42 -48.30 -1.66
C GLY TD 53 -109.82 -47.66 -2.97
N THR TD 54 -108.96 -46.78 -3.50
CA THR TD 54 -109.24 -46.09 -4.75
C THR TD 54 -109.17 -47.09 -5.90
N ASN TD 55 -110.32 -47.59 -6.32
CA ASN TD 55 -110.39 -48.63 -7.34
C ASN TD 55 -110.09 -48.07 -8.72
N ARG TD 56 -108.83 -47.74 -8.98
CA ARG TD 56 -108.44 -47.09 -10.23
C ARG TD 56 -108.41 -48.11 -11.36
N GLN TD 57 -109.59 -48.39 -11.90
CA GLN TD 57 -109.69 -49.21 -13.10
C GLN TD 57 -109.38 -48.37 -14.34
N SER TD 58 -109.12 -49.07 -15.44
CA SER TD 58 -108.79 -48.41 -16.70
C SER TD 58 -109.23 -49.31 -17.85
N LEU TD 59 -109.39 -48.70 -19.03
CA LEU TD 59 -109.75 -49.45 -20.22
C LEU TD 59 -109.10 -48.78 -21.43
N SER TD 60 -109.09 -49.52 -22.53
CA SER TD 60 -108.58 -49.00 -23.80
C SER TD 60 -109.07 -49.92 -24.90
N TYR TD 61 -109.92 -49.39 -25.79
CA TYR TD 61 -110.44 -50.15 -26.92
C TYR TD 61 -109.87 -49.56 -28.19
N LYS TD 62 -109.16 -50.38 -28.97
CA LYS TD 62 -108.48 -49.93 -30.18
C LYS TD 62 -109.03 -50.71 -31.37
N GLN TD 63 -109.79 -50.02 -32.22
CA GLN TD 63 -110.32 -50.62 -33.43
C GLN TD 63 -109.55 -50.08 -34.62
N PRO TD 64 -108.81 -50.91 -35.35
CA PRO TD 64 -107.98 -50.40 -36.44
C PRO TD 64 -108.74 -50.21 -37.74
N ILE TD 65 -108.31 -49.19 -38.49
CA ILE TD 65 -108.99 -48.76 -39.71
C ILE TD 65 -108.28 -49.43 -40.88
N THR TD 66 -108.99 -50.33 -41.55
CA THR TD 66 -108.42 -51.10 -42.65
C THR TD 66 -109.03 -50.65 -43.97
N ALA TD 67 -108.23 -50.75 -45.03
CA ALA TD 67 -108.66 -50.33 -46.35
C ALA TD 67 -107.88 -51.12 -47.40
N VAL TD 68 -108.53 -51.32 -48.55
CA VAL TD 68 -107.91 -52.09 -49.63
C VAL TD 68 -106.80 -51.27 -50.29
N ASP TD 69 -105.84 -51.97 -50.89
CA ASP TD 69 -104.67 -51.39 -51.53
C ASP TD 69 -104.58 -51.88 -52.97
N SER TD 70 -105.67 -51.68 -53.72
CA SER TD 70 -105.91 -52.26 -55.04
C SER TD 70 -104.69 -52.33 -55.95
N THR TD 71 -103.77 -51.37 -55.84
CA THR TD 71 -102.50 -51.49 -56.55
C THR TD 71 -101.78 -52.79 -56.21
N THR TD 72 -101.96 -53.30 -54.99
CA THR TD 72 -101.47 -54.61 -54.59
C THR TD 72 -102.56 -55.53 -54.09
N SER TD 73 -103.74 -55.01 -53.77
CA SER TD 73 -104.90 -55.77 -53.30
C SER TD 73 -104.65 -56.42 -51.94
N GLU TD 74 -103.77 -55.83 -51.13
CA GLU TD 74 -103.51 -56.31 -49.78
C GLU TD 74 -104.15 -55.36 -48.77
N THR TD 75 -104.93 -55.92 -47.84
CA THR TD 75 -105.76 -55.12 -46.94
C THR TD 75 -104.90 -54.49 -45.84
N LEU TD 76 -104.13 -53.49 -46.24
CA LEU TD 76 -103.29 -52.78 -45.29
C LEU TD 76 -104.15 -51.94 -44.35
N VAL TD 77 -103.64 -51.73 -43.13
CA VAL TD 77 -104.34 -50.97 -42.11
C VAL TD 77 -103.77 -49.56 -42.06
N ARG TD 78 -104.65 -48.57 -42.09
CA ARG TD 78 -104.26 -47.15 -42.07
C ARG TD 78 -103.98 -46.67 -40.65
N GLY TD 79 -104.97 -46.74 -39.77
CA GLY TD 79 -104.83 -46.27 -38.40
C GLY TD 79 -105.80 -46.95 -37.47
N GLN TD 80 -105.94 -46.45 -36.25
CA GLN TD 80 -106.81 -47.06 -35.25
C GLN TD 80 -107.59 -45.98 -34.51
N CYS TD 81 -108.75 -46.36 -34.01
CA CYS TD 81 -109.58 -45.51 -33.16
C CYS TD 81 -109.45 -45.96 -31.72
N VAL TD 82 -109.08 -45.03 -30.84
CA VAL TD 82 -108.74 -45.35 -29.46
C VAL TD 82 -109.77 -44.72 -28.53
N VAL TD 83 -110.33 -45.54 -27.65
CA VAL TD 83 -111.26 -45.07 -26.62
C VAL TD 83 -110.76 -45.54 -25.28
N ASP TD 84 -110.49 -44.60 -24.38
CA ASP TD 84 -110.00 -44.90 -23.04
C ASP TD 84 -111.05 -44.51 -22.02
N ILE TD 85 -111.52 -45.47 -21.24
CA ILE TD 85 -112.49 -45.19 -20.19
C ILE TD 85 -111.86 -45.43 -18.84
N ASN TD 86 -111.28 -44.39 -18.25
CA ASN TD 86 -110.70 -44.51 -16.92
C ASN TD 86 -111.76 -44.29 -15.85
N ILE TD 87 -111.68 -45.08 -14.79
CA ILE TD 87 -112.62 -45.01 -13.68
C ILE TD 87 -111.84 -44.94 -12.39
N VAL TD 88 -112.19 -43.99 -11.52
CA VAL TD 88 -111.57 -43.86 -10.21
C VAL TD 88 -112.67 -43.72 -9.18
N ILE TD 89 -112.74 -44.66 -8.25
CA ILE TD 89 -113.74 -44.65 -7.18
C ILE TD 89 -112.98 -44.73 -5.85
N PRO TD 90 -113.14 -43.76 -4.95
CA PRO TD 90 -112.37 -43.77 -3.70
C PRO TD 90 -112.91 -44.81 -2.73
N ARG TD 91 -112.16 -44.99 -1.64
CA ARG TD 91 -112.57 -45.96 -0.62
C ARG TD 91 -113.84 -45.52 0.10
N VAL TD 92 -114.06 -44.21 0.22
CA VAL TD 92 -115.18 -43.66 0.98
C VAL TD 92 -116.48 -43.85 0.22
N ALA TD 93 -116.41 -44.45 -0.96
CA ALA TD 93 -117.57 -44.61 -1.82
C ALA TD 93 -118.45 -45.76 -1.32
N THR TD 94 -119.75 -45.50 -1.21
CA THR TD 94 -120.68 -46.57 -0.92
C THR TD 94 -120.91 -47.41 -2.17
N ALA TD 95 -121.64 -48.50 -2.00
CA ALA TD 95 -121.92 -49.39 -3.12
C ALA TD 95 -122.91 -48.81 -4.11
N THR TD 96 -123.61 -47.73 -3.76
CA THR TD 96 -124.59 -47.13 -4.65
C THR TD 96 -124.07 -45.91 -5.38
N ASP TD 97 -123.13 -45.17 -4.79
CA ASP TD 97 -122.50 -44.07 -5.51
C ASP TD 97 -121.66 -44.59 -6.66
N ARG TD 98 -120.98 -45.72 -6.47
CA ARG TD 98 -120.18 -46.30 -7.54
C ARG TD 98 -121.06 -46.75 -8.70
N ALA TD 99 -122.18 -47.39 -8.40
CA ALA TD 99 -123.09 -47.81 -9.46
C ALA TD 99 -123.75 -46.61 -10.12
N GLU TD 100 -124.04 -45.57 -9.35
CA GLU TD 100 -124.63 -44.35 -9.91
C GLU TD 100 -123.67 -43.66 -10.86
N ALA TD 101 -122.40 -43.54 -10.47
CA ALA TD 101 -121.43 -42.80 -11.27
C ALA TD 101 -121.12 -43.53 -12.58
N ILE TD 102 -120.90 -44.84 -12.50
CA ILE TD 102 -120.46 -45.59 -13.69
C ILE TD 102 -121.55 -45.58 -14.74
N LYS TD 103 -122.80 -45.85 -14.34
CA LYS TD 103 -123.88 -45.93 -15.32
C LYS TD 103 -124.20 -44.57 -15.91
N ARG TD 104 -124.06 -43.50 -15.12
CA ARG TD 104 -124.37 -42.17 -15.62
C ARG TD 104 -123.34 -41.72 -16.65
N ALA TD 105 -122.06 -41.87 -16.34
CA ALA TD 105 -121.02 -41.45 -17.27
C ALA TD 105 -121.03 -42.25 -18.55
N PHE TD 106 -121.48 -43.50 -18.50
CA PHE TD 106 -121.64 -44.28 -19.72
C PHE TD 106 -122.92 -43.92 -20.47
N ASP TD 107 -123.77 -43.11 -19.88
CA ASP TD 107 -124.97 -42.61 -20.55
C ASP TD 107 -124.72 -41.33 -21.33
N VAL TD 108 -123.46 -40.89 -21.40
CA VAL TD 108 -123.15 -39.67 -22.13
C VAL TD 108 -123.51 -39.83 -23.60
N LEU TD 109 -123.14 -40.96 -24.20
CA LEU TD 109 -123.36 -41.16 -25.63
C LEU TD 109 -124.82 -41.05 -26.00
N ASN TD 110 -125.72 -41.45 -25.10
CA ASN TD 110 -127.15 -41.27 -25.36
C ASN TD 110 -127.54 -39.80 -25.31
N ALA TD 111 -126.91 -39.02 -24.43
CA ALA TD 111 -127.27 -37.62 -24.27
C ALA TD 111 -126.40 -36.71 -25.13
N LEU TD 112 -125.09 -36.75 -24.94
CA LEU TD 112 -124.16 -35.93 -25.70
C LEU TD 112 -123.74 -36.67 -26.98
N ASN TD 113 -124.75 -36.99 -27.80
CA ASN TD 113 -124.55 -37.94 -28.88
C ASN TD 113 -123.80 -37.31 -30.05
N ALA TD 114 -124.38 -36.28 -30.66
CA ALA TD 114 -123.93 -35.80 -31.96
C ALA TD 114 -122.48 -35.33 -31.96
N GLU TD 115 -121.94 -34.91 -30.82
CA GLU TD 115 -120.56 -34.45 -30.79
C GLU TD 115 -119.56 -35.58 -30.66
N LEU TD 116 -120.00 -36.78 -30.31
CA LEU TD 116 -119.13 -37.95 -30.22
C LEU TD 116 -119.17 -38.79 -31.48
N ILE TD 117 -120.38 -39.19 -31.90
CA ILE TD 117 -120.52 -40.05 -33.07
C ILE TD 117 -120.01 -39.35 -34.32
N THR TD 118 -120.44 -38.11 -34.53
CA THR TD 118 -120.16 -37.41 -35.78
C THR TD 118 -118.85 -36.65 -35.74
N GLY TD 119 -118.38 -36.26 -34.57
CA GLY TD 119 -117.13 -35.55 -34.44
C GLY TD 119 -117.22 -34.04 -34.57
N GLU TD 120 -118.40 -33.48 -34.75
CA GLU TD 120 -118.55 -32.04 -34.89
C GLU TD 120 -118.22 -31.34 -33.58
N GLY TD 121 -117.67 -30.13 -33.71
CA GLY TD 121 -117.32 -29.32 -32.56
C GLY TD 121 -118.44 -28.35 -32.23
N GLN TD 122 -118.98 -28.49 -31.03
CA GLN TD 122 -120.11 -27.66 -30.64
C GLN TD 122 -119.68 -26.20 -30.50
N TRP TD 123 -120.61 -25.30 -30.83
CA TRP TD 123 -120.34 -23.87 -30.83
C TRP TD 123 -121.07 -23.16 -29.70
N ALA UD 1 -113.17 -72.59 -27.19
CA ALA UD 1 -111.75 -72.56 -26.89
C ALA UD 1 -111.49 -72.45 -25.40
N ALA UD 2 -112.40 -73.03 -24.61
CA ALA UD 2 -112.22 -73.11 -23.17
C ALA UD 2 -111.37 -74.31 -22.80
N ARG UD 3 -110.83 -74.28 -21.59
CA ARG UD 3 -109.93 -75.34 -21.14
C ARG UD 3 -110.73 -76.58 -20.74
N SER UD 4 -110.47 -77.69 -21.42
CA SER UD 4 -111.08 -78.96 -21.11
C SER UD 4 -110.11 -80.07 -21.47
N SER UD 5 -110.50 -81.30 -21.19
CA SER UD 5 -109.64 -82.45 -21.47
C SER UD 5 -109.49 -82.65 -22.97
N ILE UD 6 -108.27 -82.97 -23.39
CA ILE UD 6 -107.97 -83.25 -24.79
C ILE UD 6 -107.51 -84.70 -24.92
N VAL UD 7 -107.70 -85.26 -26.11
CA VAL UD 7 -107.65 -86.70 -26.31
C VAL UD 7 -106.57 -87.05 -27.33
N LEU UD 8 -105.43 -86.38 -27.26
CA LEU UD 8 -104.26 -86.70 -28.08
C LEU UD 8 -104.12 -88.19 -28.30
N THR UD 9 -103.99 -88.60 -29.56
CA THR UD 9 -103.92 -90.01 -29.90
C THR UD 9 -103.05 -90.19 -31.14
N ASP UD 10 -102.48 -91.39 -31.26
CA ASP UD 10 -101.68 -91.76 -32.42
C ASP UD 10 -102.42 -92.71 -33.35
N GLY UD 11 -103.61 -93.16 -32.98
CA GLY UD 11 -104.36 -94.11 -33.77
C GLY UD 11 -104.57 -95.41 -33.04
N THR UD 12 -103.58 -95.83 -32.25
CA THR UD 12 -103.66 -97.09 -31.52
C THR UD 12 -104.16 -96.88 -30.09
N THR UD 13 -103.45 -96.08 -29.30
CA THR UD 13 -103.77 -95.87 -27.90
C THR UD 13 -103.98 -94.39 -27.64
N PRO UD 14 -105.22 -93.94 -27.39
CA PRO UD 14 -105.44 -92.54 -27.04
C PRO UD 14 -105.04 -92.26 -25.61
N VAL UD 15 -104.52 -91.06 -25.37
CA VAL UD 15 -104.20 -90.58 -24.04
C VAL UD 15 -104.97 -89.29 -23.80
N THR UD 16 -105.64 -89.21 -22.66
CA THR UD 16 -106.49 -88.08 -22.32
C THR UD 16 -105.74 -87.17 -21.35
N LEU UD 17 -105.47 -85.95 -21.78
CA LEU UD 17 -104.80 -84.96 -20.94
C LEU UD 17 -105.83 -83.99 -20.38
N THR UD 18 -105.78 -83.75 -19.07
CA THR UD 18 -106.65 -82.80 -18.41
C THR UD 18 -105.84 -81.62 -17.90
N PRO UD 19 -106.41 -80.41 -17.91
CA PRO UD 19 -105.63 -79.24 -17.48
C PRO UD 19 -105.19 -79.37 -16.03
N VAL UD 20 -103.99 -78.89 -15.74
CA VAL UD 20 -103.48 -78.88 -14.38
C VAL UD 20 -102.94 -77.50 -14.04
N GLY UD 21 -103.41 -76.47 -14.74
CA GLY UD 21 -103.06 -75.13 -14.36
C GLY UD 21 -102.65 -74.21 -15.49
N GLY UD 22 -101.81 -73.23 -15.17
CA GLY UD 22 -101.23 -72.35 -16.16
C GLY UD 22 -101.58 -70.88 -16.01
N GLY UD 23 -102.85 -70.58 -15.76
CA GLY UD 23 -103.26 -69.19 -15.70
C GLY UD 23 -103.45 -68.58 -17.07
N VAL UD 24 -103.20 -67.27 -17.19
CA VAL UD 24 -103.40 -66.55 -18.44
C VAL UD 24 -102.12 -66.60 -19.25
N GLY UD 25 -102.25 -66.78 -20.56
CA GLY UD 25 -101.10 -66.87 -21.43
C GLY UD 25 -100.48 -68.24 -21.55
N GLN UD 26 -101.03 -69.25 -20.88
CA GLN UD 26 -100.52 -70.61 -21.00
C GLN UD 26 -101.54 -71.58 -20.42
N THR UD 27 -101.29 -72.86 -20.63
CA THR UD 27 -102.16 -73.92 -20.11
C THR UD 27 -101.35 -75.19 -20.01
N LEU UD 28 -101.30 -75.77 -18.82
CA LEU UD 28 -100.61 -77.03 -18.61
C LEU UD 28 -101.60 -78.18 -18.71
N TYR UD 29 -101.15 -79.30 -19.24
CA TYR UD 29 -101.95 -80.51 -19.32
C TYR UD 29 -101.15 -81.66 -18.75
N ARG UD 30 -101.86 -82.71 -18.33
CA ARG UD 30 -101.20 -83.91 -17.86
C ARG UD 30 -102.20 -85.06 -17.76
N ALA UD 31 -101.85 -86.23 -18.29
CA ALA UD 31 -102.72 -87.39 -18.21
C ALA UD 31 -102.72 -87.93 -16.78
N THR UD 32 -103.54 -88.94 -16.53
CA THR UD 32 -103.59 -89.53 -15.19
C THR UD 32 -102.44 -90.53 -14.99
N ALA UD 33 -102.51 -91.66 -15.70
CA ALA UD 33 -101.54 -92.76 -15.58
C ALA UD 33 -101.06 -92.92 -14.13
N GLU UD 34 -102.04 -92.95 -13.23
CA GLU UD 34 -101.77 -92.79 -11.81
C GLU UD 34 -100.86 -93.90 -11.30
N ALA UD 35 -100.08 -93.58 -10.27
CA ALA UD 35 -99.17 -94.54 -9.64
C ALA UD 35 -98.18 -95.09 -10.67
N LEU UD 36 -97.27 -94.22 -11.09
CA LEU UD 36 -96.86 -92.98 -10.46
C LEU UD 36 -97.46 -91.76 -11.13
N SER UD 37 -97.54 -90.65 -10.40
CA SER UD 37 -98.14 -89.42 -10.91
C SER UD 37 -97.21 -88.61 -11.81
N ALA UD 38 -95.90 -88.83 -11.73
CA ALA UD 38 -94.94 -88.13 -12.57
C ALA UD 38 -94.61 -88.89 -13.84
N ALA UD 39 -95.14 -90.10 -14.01
CA ALA UD 39 -94.90 -90.91 -15.19
C ALA UD 39 -96.09 -90.87 -16.15
N ASN UD 40 -96.38 -89.68 -16.69
CA ASN UD 40 -97.46 -89.52 -17.66
C ASN UD 40 -97.18 -88.29 -18.51
N PRO UD 41 -97.68 -88.25 -19.74
CA PRO UD 41 -97.33 -87.16 -20.65
C PRO UD 41 -97.94 -85.83 -20.22
N SER UD 42 -97.37 -84.75 -20.77
CA SER UD 42 -97.79 -83.40 -20.47
C SER UD 42 -97.74 -82.57 -21.74
N LEU UD 43 -98.52 -81.49 -21.77
CA LEU UD 43 -98.67 -80.65 -22.96
C LEU UD 43 -98.63 -79.16 -22.62
N SER UD 44 -97.57 -78.72 -21.95
CA SER UD 44 -97.40 -77.28 -21.71
C SER UD 44 -97.59 -76.48 -22.99
N PHE UD 45 -98.63 -75.65 -23.02
CA PHE UD 45 -99.01 -74.91 -24.21
C PHE UD 45 -99.13 -73.43 -23.86
N GLY UD 46 -98.29 -72.60 -24.47
CA GLY UD 46 -98.32 -71.17 -24.26
C GLY UD 46 -98.75 -70.40 -25.49
N TYR UD 47 -98.94 -69.10 -25.31
CA TYR UD 47 -99.34 -68.20 -26.37
C TYR UD 47 -99.29 -66.78 -25.85
N ARG UD 48 -98.96 -65.84 -26.73
CA ARG UD 48 -98.85 -64.43 -26.35
C ARG UD 48 -98.85 -63.60 -27.62
N PHE UD 49 -99.03 -62.28 -27.46
CA PHE UD 49 -98.96 -61.33 -28.54
C PHE UD 49 -97.93 -60.27 -28.18
N THR UD 50 -96.98 -60.04 -29.08
CA THR UD 50 -95.91 -59.08 -28.85
C THR UD 50 -96.41 -57.66 -29.13
N ASP UD 51 -95.47 -56.72 -29.26
CA ASP UD 51 -95.81 -55.33 -29.55
C ASP UD 51 -96.73 -55.24 -30.77
N GLY UD 52 -96.44 -56.01 -31.81
CA GLY UD 52 -97.30 -56.05 -32.97
C GLY UD 52 -98.42 -57.06 -32.78
N GLY UD 53 -98.81 -57.73 -33.87
CA GLY UD 53 -99.79 -58.78 -33.78
C GLY UD 53 -99.13 -60.14 -33.88
N THR UD 54 -97.83 -60.19 -33.60
CA THR UD 54 -97.05 -61.40 -33.76
C THR UD 54 -97.48 -62.41 -32.71
N ASN UD 55 -98.29 -63.37 -33.13
CA ASN UD 55 -98.84 -64.38 -32.25
C ASN UD 55 -97.81 -65.48 -32.07
N ARG UD 56 -97.10 -65.47 -30.94
CA ARG UD 56 -96.03 -66.43 -30.68
C ARG UD 56 -96.57 -67.58 -29.83
N GLN UD 57 -97.28 -68.49 -30.49
CA GLN UD 57 -97.71 -69.70 -29.80
C GLN UD 57 -96.53 -70.62 -29.56
N SER UD 58 -96.71 -71.57 -28.65
CA SER UD 58 -95.63 -72.46 -28.26
C SER UD 58 -96.14 -73.68 -27.52
N LEU UD 59 -95.77 -74.88 -27.97
CA LEU UD 59 -96.19 -76.11 -27.35
C LEU UD 59 -94.97 -76.91 -26.94
N SER UD 60 -95.19 -77.88 -26.05
CA SER UD 60 -94.12 -78.75 -25.60
C SER UD 60 -94.75 -80.01 -25.03
N TYR UD 61 -94.59 -81.13 -25.71
CA TYR UD 61 -95.19 -82.39 -25.32
C TYR UD 61 -94.08 -83.33 -24.86
N LYS UD 62 -94.07 -83.64 -23.58
CA LYS UD 62 -93.10 -84.55 -23.00
C LYS UD 62 -93.79 -85.83 -22.59
N GLN UD 63 -93.28 -86.96 -23.05
CA GLN UD 63 -93.80 -88.27 -22.69
C GLN UD 63 -92.71 -89.06 -21.98
N PRO UD 64 -92.85 -89.37 -20.70
CA PRO UD 64 -91.79 -90.09 -20.00
C PRO UD 64 -91.81 -91.58 -20.32
N ILE UD 65 -90.63 -92.18 -20.26
CA ILE UD 65 -90.44 -93.58 -20.58
C ILE UD 65 -90.45 -94.36 -19.27
N THR UD 66 -91.46 -95.20 -19.09
CA THR UD 66 -91.67 -95.93 -17.85
C THR UD 66 -91.11 -97.34 -17.95
N ALA UD 67 -90.97 -97.97 -16.79
CA ALA UD 67 -90.48 -99.35 -16.72
C ALA UD 67 -90.91 -99.92 -15.38
N VAL UD 68 -91.90 -100.82 -15.42
CA VAL UD 68 -92.44 -101.39 -14.18
C VAL UD 68 -91.44 -102.39 -13.62
N ASP UD 69 -90.85 -102.07 -12.48
CA ASP UD 69 -89.82 -102.90 -11.85
C ASP UD 69 -90.53 -104.02 -11.09
N SER UD 70 -90.58 -105.20 -11.71
CA SER UD 70 -91.35 -106.31 -11.14
C SER UD 70 -90.81 -106.78 -9.80
N THR UD 71 -89.52 -106.57 -9.53
CA THR UD 71 -88.95 -106.98 -8.25
C THR UD 71 -89.60 -106.21 -7.10
N THR UD 72 -89.65 -104.89 -7.22
CA THR UD 72 -90.19 -104.02 -6.19
C THR UD 72 -91.64 -103.63 -6.45
N SER UD 73 -92.10 -103.74 -7.71
CA SER UD 73 -93.45 -103.36 -8.13
C SER UD 73 -93.66 -101.85 -7.95
N GLU UD 74 -92.76 -101.10 -8.56
CA GLU UD 74 -92.86 -99.64 -8.63
C GLU UD 74 -92.49 -99.19 -10.02
N THR UD 75 -93.08 -98.09 -10.47
CA THR UD 75 -92.82 -97.57 -11.80
C THR UD 75 -91.60 -96.65 -11.76
N LEU UD 76 -90.64 -96.92 -12.63
CA LEU UD 76 -89.41 -96.13 -12.72
C LEU UD 76 -89.43 -95.32 -14.00
N VAL UD 77 -88.95 -94.10 -13.92
CA VAL UD 77 -88.92 -93.18 -15.06
C VAL UD 77 -87.49 -93.11 -15.56
N ARG UD 78 -87.28 -93.54 -16.80
CA ARG UD 78 -85.94 -93.61 -17.38
C ARG UD 78 -85.58 -92.37 -18.18
N GLY UD 79 -86.56 -91.72 -18.79
CA GLY UD 79 -86.32 -90.54 -19.59
C GLY UD 79 -87.60 -90.09 -20.24
N GLN UD 80 -87.51 -89.01 -21.00
CA GLN UD 80 -88.70 -88.46 -21.63
C GLN UD 80 -88.41 -88.01 -23.06
N CYS UD 81 -89.35 -88.28 -23.95
CA CYS UD 81 -89.29 -87.77 -25.31
C CYS UD 81 -89.96 -86.42 -25.37
N VAL UD 82 -89.23 -85.41 -25.85
CA VAL UD 82 -89.69 -84.03 -25.86
C VAL UD 82 -89.91 -83.59 -27.29
N VAL UD 83 -91.08 -82.98 -27.55
CA VAL UD 83 -91.41 -82.46 -28.86
C VAL UD 83 -91.88 -81.02 -28.70
N ASP UD 84 -91.05 -80.07 -29.09
CA ASP UD 84 -91.41 -78.66 -29.05
C ASP UD 84 -91.91 -78.21 -30.40
N ILE UD 85 -92.96 -77.40 -30.40
CA ILE UD 85 -93.56 -76.88 -31.63
C ILE UD 85 -93.79 -75.39 -31.43
N ASN UD 86 -92.82 -74.58 -31.84
CA ASN UD 86 -93.00 -73.14 -31.77
C ASN UD 86 -93.64 -72.62 -33.04
N ILE UD 87 -94.61 -71.72 -32.89
CA ILE UD 87 -95.33 -71.14 -34.01
C ILE UD 87 -95.24 -69.64 -33.90
N VAL UD 88 -94.76 -68.98 -34.96
CA VAL UD 88 -94.71 -67.53 -35.03
C VAL UD 88 -95.54 -67.11 -36.23
N ILE UD 89 -96.47 -66.17 -36.01
CA ILE UD 89 -97.32 -65.67 -37.07
C ILE UD 89 -97.22 -64.16 -37.09
N PRO UD 90 -96.72 -63.55 -38.16
CA PRO UD 90 -96.46 -62.11 -38.13
C PRO UD 90 -97.72 -61.27 -38.10
N ARG UD 91 -97.54 -59.96 -37.93
CA ARG UD 91 -98.65 -59.03 -37.85
C ARG UD 91 -99.43 -58.95 -39.16
N VAL UD 92 -98.82 -59.28 -40.28
CA VAL UD 92 -99.39 -59.04 -41.60
C VAL UD 92 -100.01 -60.30 -42.20
N ALA UD 93 -100.21 -61.34 -41.40
CA ALA UD 93 -100.62 -62.64 -41.91
C ALA UD 93 -102.14 -62.71 -42.01
N THR UD 94 -102.62 -63.06 -43.20
CA THR UD 94 -104.04 -63.25 -43.41
C THR UD 94 -104.54 -64.47 -42.63
N ALA UD 95 -105.83 -64.50 -42.34
CA ALA UD 95 -106.42 -65.58 -41.57
C ALA UD 95 -106.41 -66.91 -42.31
N THR UD 96 -106.25 -66.91 -43.63
CA THR UD 96 -106.16 -68.14 -44.40
C THR UD 96 -104.73 -68.59 -44.65
N ASP UD 97 -103.76 -67.68 -44.50
CA ASP UD 97 -102.36 -68.09 -44.55
C ASP UD 97 -101.94 -68.79 -43.27
N ARG UD 98 -102.58 -68.46 -42.15
CA ARG UD 98 -102.32 -69.18 -40.91
C ARG UD 98 -102.67 -70.65 -41.05
N ALA UD 99 -103.85 -70.93 -41.60
CA ALA UD 99 -104.25 -72.32 -41.80
C ALA UD 99 -103.33 -73.01 -42.80
N GLU UD 100 -102.94 -72.31 -43.87
CA GLU UD 100 -102.05 -72.91 -44.84
C GLU UD 100 -100.71 -73.25 -44.22
N ALA UD 101 -100.15 -72.32 -43.43
CA ALA UD 101 -98.83 -72.54 -42.85
C ALA UD 101 -98.87 -73.65 -41.80
N ILE UD 102 -99.84 -73.58 -40.88
CA ILE UD 102 -99.85 -74.51 -39.75
C ILE UD 102 -100.12 -75.93 -40.23
N LYS UD 103 -101.16 -76.12 -41.05
CA LYS UD 103 -101.48 -77.48 -41.48
C LYS UD 103 -100.43 -78.06 -42.40
N ARG UD 104 -99.68 -77.22 -43.11
CA ARG UD 104 -98.58 -77.74 -43.92
C ARG UD 104 -97.41 -78.16 -43.05
N ALA UD 105 -97.08 -77.37 -42.04
CA ALA UD 105 -95.98 -77.75 -41.15
C ALA UD 105 -96.28 -79.03 -40.40
N PHE UD 106 -97.51 -79.19 -39.93
CA PHE UD 106 -97.91 -80.41 -39.25
C PHE UD 106 -98.11 -81.58 -40.22
N ASP UD 107 -98.05 -81.32 -41.53
CA ASP UD 107 -98.12 -82.39 -42.51
C ASP UD 107 -96.75 -82.96 -42.85
N VAL UD 108 -95.69 -82.50 -42.16
CA VAL UD 108 -94.37 -83.06 -42.38
C VAL UD 108 -94.35 -84.54 -42.02
N LEU UD 109 -95.01 -84.90 -40.93
CA LEU UD 109 -95.02 -86.29 -40.48
C LEU UD 109 -95.54 -87.22 -41.57
N ASN UD 110 -96.42 -86.74 -42.43
CA ASN UD 110 -96.87 -87.55 -43.56
C ASN UD 110 -95.91 -87.47 -44.74
N ALA UD 111 -95.09 -86.44 -44.82
CA ALA UD 111 -94.11 -86.32 -45.90
C ALA UD 111 -92.77 -86.88 -45.48
N LEU UD 112 -92.20 -86.35 -44.41
CA LEU UD 112 -90.90 -86.79 -43.89
C LEU UD 112 -91.11 -87.85 -42.81
N ASN UD 113 -91.81 -88.92 -43.21
CA ASN UD 113 -92.32 -89.88 -42.23
C ASN UD 113 -91.21 -90.78 -41.69
N ALA UD 114 -90.50 -91.48 -42.58
CA ALA UD 114 -89.51 -92.45 -42.15
C ALA UD 114 -88.36 -91.80 -41.38
N GLU UD 115 -88.08 -90.52 -41.64
CA GLU UD 115 -87.03 -89.84 -40.91
C GLU UD 115 -87.43 -89.45 -39.50
N LEU UD 116 -88.69 -89.61 -39.13
CA LEU UD 116 -89.18 -89.23 -37.80
C LEU UD 116 -89.71 -90.41 -37.03
N ILE UD 117 -90.55 -91.24 -37.63
CA ILE UD 117 -91.16 -92.36 -36.91
C ILE UD 117 -90.10 -93.39 -36.52
N THR UD 118 -89.20 -93.72 -37.45
CA THR UD 118 -88.18 -94.72 -37.18
C THR UD 118 -86.84 -94.15 -36.75
N GLY UD 119 -86.56 -92.90 -37.10
CA GLY UD 119 -85.34 -92.26 -36.69
C GLY UD 119 -84.20 -92.31 -37.69
N GLU UD 120 -84.47 -92.74 -38.92
CA GLU UD 120 -83.42 -92.82 -39.93
C GLU UD 120 -82.89 -91.43 -40.27
N GLY UD 121 -81.90 -91.41 -41.12
CA GLY UD 121 -81.46 -90.18 -41.76
C GLY UD 121 -81.43 -90.41 -43.26
N GLN UD 122 -81.81 -89.39 -44.01
CA GLN UD 122 -81.89 -89.52 -45.46
C GLN UD 122 -80.50 -89.50 -46.06
N TRP UD 123 -80.26 -90.42 -46.99
CA TRP UD 123 -78.93 -90.60 -47.57
C TRP UD 123 -78.82 -90.03 -48.98
N ALA VD 1 -85.69 -92.64 -46.55
CA ALA VD 1 -85.20 -92.83 -47.91
C ALA VD 1 -84.32 -91.67 -48.33
N ALA VD 2 -83.89 -91.68 -49.60
CA ALA VD 2 -82.99 -90.66 -50.08
C ALA VD 2 -83.70 -89.32 -50.21
N ARG VD 3 -82.90 -88.26 -50.27
CA ARG VD 3 -83.45 -86.92 -50.45
C ARG VD 3 -84.28 -86.86 -51.73
N SER VD 4 -85.58 -86.64 -51.59
CA SER VD 4 -86.46 -86.58 -52.76
C SER VD 4 -87.38 -85.37 -52.66
N SER VD 5 -88.39 -85.32 -53.51
CA SER VD 5 -89.36 -84.23 -53.50
C SER VD 5 -90.52 -84.56 -52.58
N ILE VD 6 -90.78 -83.69 -51.62
CA ILE VD 6 -91.87 -83.87 -50.67
C ILE VD 6 -93.06 -83.04 -51.12
N VAL VD 7 -94.25 -83.43 -50.67
CA VAL VD 7 -95.50 -82.94 -51.23
C VAL VD 7 -96.29 -82.30 -50.08
N LEU VD 8 -95.58 -81.59 -49.20
CA LEU VD 8 -96.19 -80.86 -48.10
C LEU VD 8 -97.47 -80.17 -48.53
N THR VD 9 -98.59 -80.54 -47.89
CA THR VD 9 -99.92 -80.08 -48.29
C THR VD 9 -100.72 -79.72 -47.04
N ASP VD 10 -101.98 -79.34 -47.26
CA ASP VD 10 -102.88 -79.07 -46.15
C ASP VD 10 -104.29 -79.60 -46.41
N GLY VD 11 -104.49 -80.41 -47.46
CA GLY VD 11 -105.78 -80.93 -47.81
C GLY VD 11 -106.39 -80.25 -49.03
N THR VD 12 -106.02 -79.01 -49.30
CA THR VD 12 -106.54 -78.26 -50.45
C THR VD 12 -105.44 -77.86 -51.43
N THR VD 13 -104.38 -77.22 -50.95
CA THR VD 13 -103.36 -76.64 -51.82
C THR VD 13 -102.01 -77.26 -51.54
N PRO VD 14 -101.61 -78.29 -52.27
CA PRO VD 14 -100.30 -78.91 -52.06
C PRO VD 14 -99.17 -78.03 -52.57
N VAL VD 15 -97.98 -78.26 -52.00
CA VAL VD 15 -96.76 -77.60 -52.43
C VAL VD 15 -95.66 -78.64 -52.49
N THR VD 16 -94.95 -78.70 -53.61
CA THR VD 16 -93.87 -79.66 -53.81
C THR VD 16 -92.53 -78.97 -53.56
N LEU VD 17 -91.71 -79.59 -52.72
CA LEU VD 17 -90.42 -79.03 -52.34
C LEU VD 17 -89.31 -80.01 -52.72
N THR VD 18 -88.26 -79.49 -53.35
CA THR VD 18 -87.12 -80.29 -53.75
C THR VD 18 -85.86 -79.79 -53.03
N PRO VD 19 -84.96 -80.69 -52.64
CA PRO VD 19 -83.80 -80.26 -51.83
C PRO VD 19 -82.93 -79.25 -52.56
N VAL VD 20 -82.46 -78.25 -51.83
CA VAL VD 20 -81.68 -77.17 -52.42
C VAL VD 20 -80.38 -76.95 -51.65
N GLY VD 21 -79.90 -77.98 -50.98
CA GLY VD 21 -78.62 -77.86 -50.33
C GLY VD 21 -78.57 -78.70 -49.06
N GLY VD 22 -77.78 -78.22 -48.11
CA GLY VD 22 -77.65 -78.90 -46.84
C GLY VD 22 -76.28 -79.51 -46.62
N GLY VD 23 -76.25 -80.78 -46.25
CA GLY VD 23 -75.01 -81.47 -45.96
C GLY VD 23 -75.26 -82.81 -45.31
N VAL VD 24 -74.51 -83.13 -44.25
CA VAL VD 24 -74.74 -84.32 -43.46
C VAL VD 24 -75.52 -83.92 -42.21
N GLY VD 25 -76.61 -84.62 -41.95
CA GLY VD 25 -77.51 -84.22 -40.88
C GLY VD 25 -78.07 -82.84 -41.12
N GLN VD 26 -78.45 -82.55 -42.36
CA GLN VD 26 -79.03 -81.27 -42.74
C GLN VD 26 -79.60 -81.40 -44.14
N THR VD 27 -80.77 -80.80 -44.37
CA THR VD 27 -81.44 -80.92 -45.66
C THR VD 27 -82.36 -79.72 -45.83
N LEU VD 28 -81.99 -78.83 -46.76
CA LEU VD 28 -82.87 -77.72 -47.10
C LEU VD 28 -83.96 -78.18 -48.05
N TYR VD 29 -84.94 -77.31 -48.26
CA TYR VD 29 -86.02 -77.56 -49.21
C TYR VD 29 -86.50 -76.21 -49.73
N ARG VD 30 -87.21 -76.26 -50.85
CA ARG VD 30 -87.86 -75.08 -51.42
C ARG VD 30 -88.74 -75.54 -52.58
N ALA VD 31 -89.70 -74.70 -52.96
CA ALA VD 31 -90.65 -75.00 -54.00
C ALA VD 31 -90.19 -74.39 -55.33
N THR VD 32 -91.06 -74.43 -56.34
CA THR VD 32 -90.70 -74.08 -57.71
C THR VD 32 -90.83 -72.61 -58.04
N ALA VD 33 -91.79 -71.90 -57.43
CA ALA VD 33 -92.02 -70.51 -57.78
C ALA VD 33 -90.82 -69.63 -57.44
N GLU VD 34 -90.68 -68.50 -58.12
CA GLU VD 34 -89.48 -67.68 -58.05
C GLU VD 34 -89.82 -66.27 -57.62
N ALA VD 35 -89.05 -65.74 -56.68
CA ALA VD 35 -89.25 -64.38 -56.19
C ALA VD 35 -87.90 -63.80 -55.79
N LEU VD 36 -87.90 -62.56 -55.31
CA LEU VD 36 -86.67 -61.81 -55.09
C LEU VD 36 -86.16 -61.93 -53.66
N SER VD 37 -86.97 -61.55 -52.67
CA SER VD 37 -86.54 -61.57 -51.28
C SER VD 37 -86.81 -62.91 -50.61
N ALA VD 38 -88.08 -63.32 -50.56
CA ALA VD 38 -88.47 -64.60 -50.01
C ALA VD 38 -89.17 -65.39 -51.10
N ALA VD 39 -88.56 -66.50 -51.52
CA ALA VD 39 -89.08 -67.22 -52.68
C ALA VD 39 -90.28 -68.07 -52.33
N ASN VD 40 -90.08 -69.07 -51.46
CA ASN VD 40 -91.07 -70.12 -51.28
C ASN VD 40 -91.02 -70.69 -49.87
N PRO VD 41 -91.89 -71.63 -49.53
CA PRO VD 41 -91.70 -72.39 -48.30
C PRO VD 41 -90.36 -73.12 -48.31
N SER VD 42 -89.68 -73.11 -47.15
CA SER VD 42 -88.33 -73.63 -47.03
C SER VD 42 -88.24 -74.46 -45.75
N LEU VD 43 -88.33 -75.78 -45.88
CA LEU VD 43 -88.37 -76.69 -44.74
C LEU VD 43 -86.97 -77.24 -44.48
N SER VD 44 -86.29 -76.71 -43.47
CA SER VD 44 -84.98 -77.23 -43.10
C SER VD 44 -85.14 -78.40 -42.13
N PHE VD 45 -84.23 -79.37 -42.22
CA PHE VD 45 -84.30 -80.59 -41.44
C PHE VD 45 -82.90 -80.88 -40.89
N GLY VD 46 -82.75 -80.78 -39.57
CA GLY VD 46 -81.43 -80.75 -38.97
C GLY VD 46 -81.09 -81.87 -38.01
N TYR VD 47 -81.44 -83.10 -38.35
CA TYR VD 47 -81.23 -84.24 -37.46
C TYR VD 47 -79.73 -84.43 -37.15
N ARG VD 48 -79.47 -85.01 -35.98
CA ARG VD 48 -78.12 -85.33 -35.52
C ARG VD 48 -78.23 -86.28 -34.33
N PHE VD 49 -77.08 -86.65 -33.78
CA PHE VD 49 -77.00 -87.48 -32.59
C PHE VD 49 -76.14 -86.77 -31.55
N THR VD 50 -75.96 -87.41 -30.40
CA THR VD 50 -75.31 -86.76 -29.26
C THR VD 50 -74.51 -87.84 -28.52
N ASP VD 51 -74.14 -87.55 -27.27
CA ASP VD 51 -73.34 -88.48 -26.47
C ASP VD 51 -74.00 -89.85 -26.40
N GLY VD 52 -75.28 -89.88 -26.07
CA GLY VD 52 -76.07 -91.10 -26.10
C GLY VD 52 -76.73 -91.29 -27.45
N GLY VD 53 -77.81 -92.06 -27.44
CA GLY VD 53 -78.62 -92.19 -28.64
C GLY VD 53 -79.62 -91.06 -28.73
N THR VD 54 -79.24 -89.89 -28.20
CA THR VD 54 -80.15 -88.76 -28.12
C THR VD 54 -80.40 -88.18 -29.49
N ASN VD 55 -81.35 -88.76 -30.23
CA ASN VD 55 -81.63 -88.33 -31.58
C ASN VD 55 -82.27 -86.95 -31.53
N ARG VD 56 -81.45 -85.93 -31.75
CA ARG VD 56 -81.87 -84.54 -31.56
C ARG VD 56 -82.28 -83.92 -32.90
N GLN VD 57 -83.39 -84.41 -33.43
CA GLN VD 57 -83.90 -83.89 -34.68
C GLN VD 57 -84.42 -82.46 -34.50
N SER VD 58 -84.58 -81.76 -35.62
CA SER VD 58 -84.98 -80.36 -35.59
C SER VD 58 -85.51 -79.98 -36.96
N LEU VD 59 -86.55 -79.15 -36.98
CA LEU VD 59 -87.20 -78.73 -38.21
C LEU VD 59 -87.49 -77.24 -38.15
N SER VD 60 -87.82 -76.68 -39.31
CA SER VD 60 -88.26 -75.30 -39.41
C SER VD 60 -88.92 -75.07 -40.76
N TYR VD 61 -90.21 -74.75 -40.77
CA TYR VD 61 -90.97 -74.55 -41.99
C TYR VD 61 -91.41 -73.10 -42.07
N LYS VD 62 -90.75 -72.32 -42.91
CA LYS VD 62 -91.09 -70.92 -43.11
C LYS VD 62 -91.90 -70.78 -44.39
N GLN VD 63 -93.05 -70.12 -44.30
CA GLN VD 63 -93.88 -69.83 -45.47
C GLN VD 63 -94.01 -68.33 -45.62
N PRO VD 64 -93.45 -67.71 -46.65
CA PRO VD 64 -93.50 -66.25 -46.76
C PRO VD 64 -94.90 -65.76 -47.06
N ILE VD 65 -95.22 -64.59 -46.51
CA ILE VD 65 -96.51 -63.94 -46.72
C ILE VD 65 -96.35 -63.02 -47.93
N THR VD 66 -96.96 -63.40 -49.05
CA THR VD 66 -96.72 -62.70 -50.30
C THR VD 66 -98.03 -62.29 -50.95
N ALA VD 67 -98.01 -61.13 -51.60
CA ALA VD 67 -99.11 -60.65 -52.42
C ALA VD 67 -98.53 -60.13 -53.72
N VAL VD 68 -99.16 -60.47 -54.83
CA VAL VD 68 -98.60 -60.17 -56.15
C VAL VD 68 -98.88 -58.72 -56.49
N ASP VD 69 -97.81 -57.97 -56.77
CA ASP VD 69 -97.96 -56.59 -57.20
C ASP VD 69 -98.54 -56.52 -58.61
N SER VD 70 -99.09 -55.35 -58.94
CA SER VD 70 -99.60 -55.12 -60.28
C SER VD 70 -98.51 -54.53 -61.16
N THR VD 71 -98.49 -54.96 -62.42
CA THR VD 71 -97.59 -54.52 -63.48
C THR VD 71 -96.15 -54.95 -63.25
N THR VD 72 -95.83 -55.59 -62.14
CA THR VD 72 -94.47 -56.05 -61.86
C THR VD 72 -94.50 -57.51 -61.45
N SER VD 73 -93.55 -58.28 -61.97
CA SER VD 73 -93.45 -59.71 -61.70
C SER VD 73 -92.50 -60.01 -60.55
N GLU VD 74 -92.77 -59.42 -59.39
CA GLU VD 74 -91.91 -59.61 -58.23
C GLU VD 74 -92.64 -60.11 -56.99
N THR VD 75 -93.98 -60.23 -57.06
CA THR VD 75 -94.82 -60.84 -56.03
C THR VD 75 -94.35 -60.49 -54.61
N LEU VD 76 -94.41 -59.20 -54.27
CA LEU VD 76 -93.93 -58.66 -53.00
C LEU VD 76 -94.31 -59.55 -51.82
N VAL VD 77 -93.32 -59.86 -50.99
CA VAL VD 77 -93.50 -60.67 -49.79
C VAL VD 77 -93.52 -59.76 -48.58
N ARG VD 78 -94.35 -60.11 -47.60
CA ARG VD 78 -94.58 -59.25 -46.44
C ARG VD 78 -94.05 -59.82 -45.13
N GLY VD 79 -93.99 -61.12 -44.98
CA GLY VD 79 -93.49 -61.73 -43.77
C GLY VD 79 -93.21 -63.20 -43.97
N GLN VD 80 -93.29 -63.96 -42.87
CA GLN VD 80 -93.09 -65.40 -42.92
C GLN VD 80 -93.64 -66.08 -41.67
N CYS VD 81 -94.39 -67.17 -41.86
CA CYS VD 81 -94.99 -67.91 -40.75
C CYS VD 81 -94.03 -69.03 -40.34
N VAL VD 82 -93.11 -68.70 -39.45
CA VAL VD 82 -92.14 -69.68 -38.97
C VAL VD 82 -92.82 -70.72 -38.09
N VAL VD 83 -92.51 -71.98 -38.32
CA VAL VD 83 -93.02 -73.06 -37.47
C VAL VD 83 -91.89 -74.04 -37.15
N ASP VD 84 -91.30 -73.92 -35.97
CA ASP VD 84 -90.20 -74.78 -35.57
C ASP VD 84 -90.73 -76.03 -34.87
N ILE VD 85 -90.12 -77.17 -35.16
CA ILE VD 85 -90.48 -78.43 -34.52
C ILE VD 85 -89.23 -79.17 -34.10
N ASN VD 86 -88.84 -79.05 -32.84
CA ASN VD 86 -87.65 -79.72 -32.32
C ASN VD 86 -88.05 -80.99 -31.58
N ILE VD 87 -87.27 -82.04 -31.79
CA ILE VD 87 -87.53 -83.35 -31.21
C ILE VD 87 -86.29 -83.84 -30.49
N VAL VD 88 -86.46 -84.35 -29.28
CA VAL VD 88 -85.37 -84.91 -28.49
C VAL VD 88 -85.84 -86.25 -27.97
N ILE VD 89 -85.25 -87.33 -28.47
CA ILE VD 89 -85.63 -88.70 -28.12
C ILE VD 89 -84.45 -89.35 -27.42
N PRO VD 90 -84.63 -89.90 -26.22
CA PRO VD 90 -83.47 -90.39 -25.47
C PRO VD 90 -82.93 -91.70 -26.00
N ARG VD 91 -81.84 -92.18 -25.40
CA ARG VD 91 -81.25 -93.44 -25.81
C ARG VD 91 -82.14 -94.63 -25.47
N VAL VD 92 -82.90 -94.57 -24.39
CA VAL VD 92 -83.63 -95.72 -23.87
C VAL VD 92 -85.00 -95.84 -24.51
N ALA VD 93 -85.26 -95.04 -25.53
CA ALA VD 93 -86.59 -94.94 -26.12
C ALA VD 93 -86.78 -96.06 -27.13
N THR VD 94 -87.58 -97.05 -26.75
CA THR VD 94 -87.98 -98.10 -27.67
C THR VD 94 -88.70 -97.51 -28.87
N ALA VD 95 -88.44 -98.06 -30.05
CA ALA VD 95 -88.99 -97.50 -31.28
C ALA VD 95 -90.51 -97.48 -31.29
N THR VD 96 -91.16 -98.32 -30.49
CA THR VD 96 -92.59 -98.20 -30.30
C THR VD 96 -92.94 -96.94 -29.51
N ASP VD 97 -92.15 -96.65 -28.47
CA ASP VD 97 -92.39 -95.43 -27.68
C ASP VD 97 -92.15 -94.18 -28.52
N ARG VD 98 -91.11 -94.19 -29.36
CA ARG VD 98 -90.84 -93.01 -30.19
C ARG VD 98 -91.96 -92.78 -31.19
N ALA VD 99 -92.51 -93.84 -31.76
CA ALA VD 99 -93.62 -93.69 -32.68
C ALA VD 99 -94.82 -93.04 -32.01
N GLU VD 100 -95.11 -93.45 -30.78
CA GLU VD 100 -96.21 -92.84 -30.03
C GLU VD 100 -95.93 -91.38 -29.74
N ALA VD 101 -94.71 -91.06 -29.30
CA ALA VD 101 -94.40 -89.69 -28.91
C ALA VD 101 -94.50 -88.73 -30.08
N ILE VD 102 -94.01 -89.14 -31.25
CA ILE VD 102 -94.05 -88.25 -32.42
C ILE VD 102 -95.47 -88.10 -32.93
N LYS VD 103 -96.20 -89.20 -33.04
CA LYS VD 103 -97.54 -89.13 -33.61
C LYS VD 103 -98.52 -88.44 -32.67
N ARG VD 104 -98.35 -88.64 -31.36
CA ARG VD 104 -99.21 -87.94 -30.39
C ARG VD 104 -98.93 -86.44 -30.38
N ALA VD 105 -97.68 -86.05 -30.52
CA ALA VD 105 -97.36 -84.62 -30.54
C ALA VD 105 -97.95 -83.94 -31.77
N PHE VD 106 -97.91 -84.61 -32.92
CA PHE VD 106 -98.45 -84.04 -34.14
C PHE VD 106 -99.97 -84.16 -34.23
N ASP VD 107 -100.61 -84.80 -33.25
CA ASP VD 107 -102.05 -84.82 -33.18
C ASP VD 107 -102.61 -83.64 -32.38
N VAL VD 108 -101.76 -82.73 -31.93
CA VAL VD 108 -102.24 -81.55 -31.23
C VAL VD 108 -103.15 -80.74 -32.14
N LEU VD 109 -102.79 -80.62 -33.41
CA LEU VD 109 -103.57 -79.82 -34.35
C LEU VD 109 -105.01 -80.28 -34.44
N ASN VD 110 -105.27 -81.57 -34.21
CA ASN VD 110 -106.62 -82.09 -34.23
C ASN VD 110 -107.32 -82.01 -32.87
N ALA VD 111 -106.57 -81.76 -31.80
CA ALA VD 111 -107.16 -81.62 -30.46
C ALA VD 111 -107.19 -80.18 -30.00
N LEU VD 112 -106.07 -79.48 -30.13
CA LEU VD 112 -105.98 -78.05 -29.80
C LEU VD 112 -106.13 -77.22 -31.07
N ASN VD 113 -107.24 -77.46 -31.77
CA ASN VD 113 -107.37 -76.98 -33.14
C ASN VD 113 -107.62 -75.48 -33.20
N ALA VD 114 -108.69 -75.01 -32.55
CA ALA VD 114 -109.10 -73.62 -32.70
C ALA VD 114 -108.02 -72.66 -32.22
N GLU VD 115 -107.33 -73.00 -31.13
CA GLU VD 115 -106.31 -72.12 -30.59
C GLU VD 115 -105.12 -71.96 -31.52
N LEU VD 116 -104.85 -72.95 -32.38
CA LEU VD 116 -103.70 -72.92 -33.28
C LEU VD 116 -104.05 -72.29 -34.62
N ILE VD 117 -105.18 -72.67 -35.20
CA ILE VD 117 -105.58 -72.11 -36.48
C ILE VD 117 -106.03 -70.66 -36.33
N THR VD 118 -107.04 -70.43 -35.48
CA THR VD 118 -107.59 -69.10 -35.31
C THR VD 118 -106.67 -68.19 -34.49
N GLY VD 119 -106.08 -68.72 -33.43
CA GLY VD 119 -105.16 -67.94 -32.63
C GLY VD 119 -105.81 -67.21 -31.47
N GLU VD 120 -106.58 -67.94 -30.68
CA GLU VD 120 -107.41 -67.32 -29.65
C GLU VD 120 -107.71 -68.35 -28.57
N GLY VD 121 -108.21 -67.86 -27.44
CA GLY VD 121 -108.90 -68.73 -26.52
C GLY VD 121 -108.22 -69.00 -25.19
N GLN VD 122 -108.51 -70.18 -24.62
CA GLN VD 122 -108.06 -70.57 -23.29
C GLN VD 122 -108.57 -69.59 -22.23
N TRP VD 123 -109.88 -69.60 -22.06
CA TRP VD 123 -110.54 -68.75 -21.08
C TRP VD 123 -110.48 -69.40 -19.71
N ALA WD 1 -40.92 -3.31 123.91
CA ALA WD 1 -42.24 -3.55 124.47
C ALA WD 1 -43.32 -2.93 123.60
N ALA WD 2 -44.56 -2.94 124.08
CA ALA WD 2 -45.63 -2.30 123.33
C ALA WD 2 -45.41 -0.81 123.27
N ARG WD 3 -45.60 -0.23 122.08
CA ARG WD 3 -45.39 1.20 121.90
C ARG WD 3 -46.35 1.99 122.76
N SER WD 4 -45.83 3.02 123.42
CA SER WD 4 -46.64 3.86 124.30
C SER WD 4 -46.05 5.27 124.29
N SER WD 5 -46.43 6.08 125.26
CA SER WD 5 -45.94 7.44 125.37
C SER WD 5 -44.67 7.48 126.20
N ILE WD 6 -43.85 8.51 125.96
CA ILE WD 6 -42.61 8.71 126.68
C ILE WD 6 -42.56 10.14 127.20
N VAL WD 7 -41.79 10.35 128.27
CA VAL WD 7 -41.90 11.55 129.08
C VAL WD 7 -40.53 12.23 129.10
N LEU WD 8 -39.84 12.23 127.96
CA LEU WD 8 -38.56 12.93 127.82
C LEU WD 8 -38.56 14.25 128.56
N THR WD 9 -37.57 14.43 129.44
CA THR WD 9 -37.52 15.58 130.32
C THR WD 9 -36.08 16.05 130.45
N ASP WD 10 -35.92 17.18 131.13
CA ASP WD 10 -34.60 17.72 131.44
C ASP WD 10 -34.58 18.31 132.85
N GLY WD 11 -35.46 17.83 133.71
CA GLY WD 11 -35.49 18.25 135.08
C GLY WD 11 -36.54 19.30 135.39
N THR WD 12 -36.84 20.17 134.43
CA THR WD 12 -37.79 21.24 134.67
C THR WD 12 -38.96 21.28 133.70
N THR WD 13 -38.76 20.92 132.43
CA THR WD 13 -39.82 20.99 131.42
C THR WD 13 -39.96 19.65 130.73
N PRO WD 14 -40.75 18.74 131.30
CA PRO WD 14 -40.98 17.45 130.64
C PRO WD 14 -41.75 17.62 129.34
N VAL WD 15 -41.53 16.66 128.44
CA VAL WD 15 -42.20 16.63 127.14
C VAL WD 15 -42.79 15.25 126.95
N THR WD 16 -44.09 15.18 126.67
CA THR WD 16 -44.76 13.92 126.43
C THR WD 16 -44.85 13.68 124.93
N LEU WD 17 -44.28 12.58 124.47
CA LEU WD 17 -44.31 12.20 123.06
C LEU WD 17 -45.20 10.98 122.88
N THR WD 18 -45.84 10.90 121.72
CA THR WD 18 -46.79 9.84 121.42
C THR WD 18 -46.48 9.23 120.07
N PRO WD 19 -46.60 7.92 119.92
CA PRO WD 19 -46.24 7.29 118.65
C PRO WD 19 -47.22 7.62 117.54
N VAL WD 20 -46.78 8.36 116.54
CA VAL WD 20 -47.68 8.84 115.49
C VAL WD 20 -47.25 8.32 114.13
N GLY WD 21 -46.59 7.16 114.11
CA GLY WD 21 -46.18 6.59 112.86
C GLY WD 21 -45.06 5.58 113.06
N GLY WD 22 -44.40 5.25 111.96
CA GLY WD 22 -43.29 4.33 112.01
C GLY WD 22 -43.42 3.20 111.02
N GLY WD 23 -43.11 1.98 111.46
CA GLY WD 23 -43.17 0.83 110.59
C GLY WD 23 -42.59 -0.39 111.27
N VAL WD 24 -41.86 -1.18 110.50
CA VAL WD 24 -41.14 -2.33 111.04
C VAL WD 24 -39.70 -1.89 111.30
N GLY WD 25 -39.26 -2.02 112.55
CA GLY WD 25 -37.97 -1.52 112.95
C GLY WD 25 -37.87 -0.01 112.90
N GLN WD 26 -38.92 0.68 113.35
CA GLN WD 26 -38.98 2.12 113.34
C GLN WD 26 -40.20 2.56 114.12
N THR WD 27 -40.09 3.69 114.83
CA THR WD 27 -41.21 4.20 115.60
C THR WD 27 -41.02 5.71 115.77
N LEU WD 28 -41.76 6.48 114.99
CA LEU WD 28 -41.73 7.93 115.13
C LEU WD 28 -42.47 8.36 116.39
N TYR WD 29 -42.10 9.51 116.92
CA TYR WD 29 -42.77 10.14 118.04
C TYR WD 29 -42.96 11.62 117.73
N ARG WD 30 -43.85 12.26 118.48
CA ARG WD 30 -44.04 13.69 118.36
C ARG WD 30 -44.75 14.19 119.60
N ALA WD 31 -44.35 15.36 120.09
CA ALA WD 31 -44.98 15.93 121.26
C ALA WD 31 -46.43 16.27 120.95
N THR WD 32 -47.29 16.11 121.96
CA THR WD 32 -48.73 16.25 121.75
C THR WD 32 -49.06 17.61 121.16
N ALA WD 33 -48.79 18.68 121.92
CA ALA WD 33 -48.92 20.03 121.41
C ALA WD 33 -48.16 20.96 122.35
N GLU WD 34 -47.11 21.61 121.83
CA GLU WD 34 -46.46 22.65 122.60
C GLU WD 34 -47.19 23.99 122.45
N ALA WD 35 -47.13 24.56 121.25
CA ALA WD 35 -47.96 25.72 120.91
C ALA WD 35 -48.51 25.72 119.50
N LEU WD 36 -47.97 24.90 118.61
CA LEU WD 36 -48.38 24.84 117.20
C LEU WD 36 -47.68 23.63 116.59
N SER WD 37 -47.85 23.44 115.30
CA SER WD 37 -47.11 22.42 114.58
C SER WD 37 -45.77 22.98 114.12
N ALA WD 38 -44.83 22.09 113.83
CA ALA WD 38 -43.44 22.36 113.48
C ALA WD 38 -42.65 22.94 114.65
N ALA WD 39 -43.28 23.18 115.79
CA ALA WD 39 -42.60 23.60 117.00
C ALA WD 39 -42.72 22.52 118.07
N ASN WD 40 -42.76 21.27 117.63
CA ASN WD 40 -42.94 20.12 118.50
C ASN WD 40 -41.78 19.15 118.32
N PRO WD 41 -41.14 18.72 119.40
CA PRO WD 41 -40.02 17.77 119.27
C PRO WD 41 -40.48 16.40 118.80
N SER WD 42 -39.55 15.67 118.22
CA SER WD 42 -39.80 14.32 117.73
C SER WD 42 -38.64 13.41 118.15
N LEU WD 43 -38.92 12.11 118.26
CA LEU WD 43 -37.96 11.13 118.75
C LEU WD 43 -37.97 9.89 117.86
N SER WD 44 -37.77 10.08 116.56
CA SER WD 44 -37.61 8.95 115.64
C SER WD 44 -36.66 7.91 116.22
N PHE WD 45 -37.10 6.65 116.19
CA PHE WD 45 -36.37 5.57 116.84
C PHE WD 45 -36.45 4.32 115.97
N GLY WD 46 -35.32 3.93 115.39
CA GLY WD 46 -35.24 2.71 114.61
C GLY WD 46 -34.47 1.62 115.34
N TYR WD 47 -34.48 0.44 114.73
CA TYR WD 47 -33.78 -0.73 115.26
C TYR WD 47 -33.81 -1.82 114.20
N ARG WD 48 -32.70 -2.54 114.07
CA ARG WD 48 -32.61 -3.60 113.08
C ARG WD 48 -31.48 -4.54 113.45
N PHE WD 49 -31.50 -5.72 112.85
CA PHE WD 49 -30.46 -6.72 113.02
C PHE WD 49 -29.82 -6.99 111.66
N THR WD 50 -28.50 -6.92 111.60
CA THR WD 50 -27.78 -7.26 110.38
C THR WD 50 -27.61 -8.77 110.28
N ASP WD 51 -26.71 -9.23 109.42
CA ASP WD 51 -26.42 -10.65 109.27
C ASP WD 51 -26.30 -11.37 110.61
N GLY WD 52 -25.45 -10.86 111.49
CA GLY WD 52 -25.32 -11.39 112.83
C GLY WD 52 -26.31 -10.74 113.77
N GLY WD 53 -26.14 -11.02 115.06
CA GLY WD 53 -27.02 -10.45 116.07
C GLY WD 53 -26.65 -9.04 116.44
N THR WD 54 -26.05 -8.31 115.51
CA THR WD 54 -25.59 -6.94 115.77
C THR WD 54 -26.81 -6.03 115.91
N ASN WD 55 -27.17 -5.73 117.15
CA ASN WD 55 -28.38 -4.97 117.44
C ASN WD 55 -28.19 -3.49 117.08
N ARG WD 56 -28.26 -3.16 115.80
CA ARG WD 56 -28.00 -1.81 115.31
C ARG WD 56 -29.21 -0.93 115.57
N GLN WD 57 -29.33 -0.46 116.81
CA GLN WD 57 -30.36 0.51 117.13
C GLN WD 57 -29.90 1.92 116.73
N SER WD 58 -30.87 2.83 116.64
CA SER WD 58 -30.59 4.20 116.24
C SER WD 58 -31.62 5.11 116.88
N LEU WD 59 -31.28 6.39 116.98
CA LEU WD 59 -32.18 7.39 117.53
C LEU WD 59 -31.92 8.72 116.84
N SER WD 60 -32.88 9.62 116.99
CA SER WD 60 -32.75 10.98 116.46
C SER WD 60 -33.79 11.85 117.15
N TYR WD 61 -33.34 12.81 117.95
CA TYR WD 61 -34.22 13.73 118.64
C TYR WD 61 -34.04 15.12 118.03
N LYS WD 62 -35.13 15.68 117.52
CA LYS WD 62 -35.10 16.98 116.83
C LYS WD 62 -36.00 17.94 117.57
N GLN WD 63 -35.40 18.92 118.25
CA GLN WD 63 -36.15 19.96 118.93
C GLN WD 63 -36.03 21.25 118.14
N PRO WD 64 -37.11 21.78 117.59
CA PRO WD 64 -37.01 22.96 116.72
C PRO WD 64 -36.98 24.26 117.51
N ILE WD 65 -36.27 25.23 116.95
CA ILE WD 65 -36.02 26.50 117.60
C ILE WD 65 -37.05 27.50 117.09
N THR WD 66 -37.91 27.97 117.99
CA THR WD 66 -39.00 28.85 117.61
C THR WD 66 -38.77 30.25 118.19
N ALA WD 67 -39.26 31.26 117.46
CA ALA WD 67 -39.07 32.64 117.86
C ALA WD 67 -40.20 33.49 117.29
N VAL WD 68 -40.56 34.53 118.03
CA VAL WD 68 -41.65 35.42 117.61
C VAL WD 68 -41.21 36.26 116.42
N ASP WD 69 -42.19 36.69 115.62
CA ASP WD 69 -41.97 37.47 114.40
C ASP WD 69 -42.79 38.76 114.48
N SER WD 70 -42.57 39.52 115.55
CA SER WD 70 -43.39 40.66 115.96
C SER WD 70 -43.87 41.54 114.82
N THR WD 71 -43.09 41.67 113.74
CA THR WD 71 -43.59 42.35 112.55
C THR WD 71 -44.90 41.74 112.05
N THR WD 72 -45.08 40.43 112.26
CA THR WD 72 -46.33 39.75 111.98
C THR WD 72 -46.91 39.03 113.19
N SER WD 73 -46.12 38.82 114.24
CA SER WD 73 -46.54 38.16 115.48
C SER WD 73 -46.90 36.70 115.28
N GLU WD 74 -46.29 36.05 114.28
CA GLU WD 74 -46.48 34.63 114.03
C GLU WD 74 -45.24 33.87 114.46
N THR WD 75 -45.43 32.83 115.27
CA THR WD 75 -44.32 32.12 115.91
C THR WD 75 -43.60 31.24 114.90
N LEU WD 76 -42.81 31.88 114.05
CA LEU WD 76 -42.03 31.15 113.06
C LEU WD 76 -40.93 30.34 113.72
N VAL WD 77 -40.56 29.24 113.07
CA VAL WD 77 -39.48 28.37 113.54
C VAL WD 77 -38.24 28.63 112.71
N ARG WD 78 -37.10 28.85 113.38
CA ARG WD 78 -35.85 29.18 112.71
C ARG WD 78 -35.07 27.92 112.32
N GLY WD 79 -34.76 27.07 113.29
CA GLY WD 79 -34.02 25.85 113.04
C GLY WD 79 -34.32 24.78 114.06
N GLN WD 80 -33.53 23.70 114.06
CA GLN WD 80 -33.75 22.60 114.98
C GLN WD 80 -32.42 22.10 115.53
N CYS WD 81 -32.47 21.52 116.72
CA CYS WD 81 -31.32 20.88 117.33
C CYS WD 81 -31.45 19.37 117.18
N VAL WD 82 -30.43 18.74 116.60
CA VAL WD 82 -30.48 17.33 116.23
C VAL WD 82 -29.49 16.57 117.10
N VAL WD 83 -29.97 15.51 117.76
CA VAL WD 83 -29.13 14.63 118.55
C VAL WD 83 -29.36 13.21 118.06
N ASP WD 84 -28.30 12.55 117.60
CA ASP WD 84 -28.39 11.18 117.09
C ASP WD 84 -27.60 10.27 118.02
N ILE WD 85 -28.27 9.29 118.61
CA ILE WD 85 -27.60 8.32 119.46
C ILE WD 85 -27.65 6.95 118.81
N ASN WD 86 -26.63 6.62 118.03
CA ASN WD 86 -26.55 5.31 117.42
C ASN WD 86 -25.92 4.31 118.38
N ILE WD 87 -26.44 3.08 118.36
CA ILE WD 87 -25.95 2.02 119.22
C ILE WD 87 -25.74 0.77 118.37
N VAL WD 88 -24.58 0.14 118.53
CA VAL WD 88 -24.28 -1.11 117.84
C VAL WD 88 -23.70 -2.09 118.87
N ILE WD 89 -24.38 -3.20 119.07
CA ILE WD 89 -23.94 -4.24 119.99
C ILE WD 89 -23.86 -5.54 119.20
N PRO WD 90 -22.69 -6.19 119.12
CA PRO WD 90 -22.57 -7.41 118.32
C PRO WD 90 -23.23 -8.59 119.01
N ARG WD 91 -23.36 -9.68 118.24
CA ARG WD 91 -23.97 -10.90 118.76
C ARG WD 91 -23.16 -11.50 119.90
N VAL WD 92 -21.83 -11.35 119.85
CA VAL WD 92 -20.94 -11.99 120.80
C VAL WD 92 -20.97 -11.30 122.15
N ALA WD 93 -21.77 -10.24 122.26
CA ALA WD 93 -21.81 -9.45 123.48
C ALA WD 93 -22.71 -10.09 124.52
N THR WD 94 -22.15 -10.34 125.70
CA THR WD 94 -22.96 -10.83 126.80
C THR WD 94 -23.95 -9.77 127.25
N ALA WD 95 -25.00 -10.20 127.94
CA ALA WD 95 -26.06 -9.28 128.37
C ALA WD 95 -25.57 -8.20 129.30
N THR WD 96 -24.45 -8.39 130.00
CA THR WD 96 -23.94 -7.39 130.93
C THR WD 96 -23.01 -6.37 130.29
N ASP WD 97 -22.30 -6.75 129.22
CA ASP WD 97 -21.49 -5.78 128.50
C ASP WD 97 -22.35 -4.80 127.72
N ARG WD 98 -23.51 -5.26 127.24
CA ARG WD 98 -24.45 -4.35 126.59
C ARG WD 98 -24.99 -3.32 127.58
N ALA WD 99 -25.32 -3.76 128.79
CA ALA WD 99 -25.80 -2.83 129.81
C ALA WD 99 -24.68 -1.92 130.29
N GLU WD 100 -23.44 -2.43 130.32
CA GLU WD 100 -22.30 -1.61 130.71
C GLU WD 100 -22.05 -0.51 129.69
N ALA WD 101 -22.08 -0.85 128.41
CA ALA WD 101 -21.74 0.12 127.37
C ALA WD 101 -22.79 1.21 127.26
N ILE WD 102 -24.06 0.84 127.30
CA ILE WD 102 -25.12 1.82 127.06
C ILE WD 102 -25.16 2.86 128.19
N LYS WD 103 -25.11 2.40 129.44
CA LYS WD 103 -25.21 3.33 130.55
C LYS WD 103 -23.96 4.20 130.67
N ARG WD 104 -22.79 3.67 130.29
CA ARG WD 104 -21.57 4.45 130.38
C ARG WD 104 -21.55 5.56 129.35
N ALA WD 105 -21.85 5.24 128.10
CA ALA WD 105 -21.83 6.25 127.04
C ALA WD 105 -22.88 7.32 127.26
N PHE WD 106 -23.99 6.99 127.93
CA PHE WD 106 -24.98 7.99 128.28
C PHE WD 106 -24.57 8.80 129.49
N ASP WD 107 -23.51 8.39 130.20
CA ASP WD 107 -22.98 9.14 131.32
C ASP WD 107 -21.97 10.19 130.89
N VAL WD 108 -21.78 10.38 129.58
CA VAL WD 108 -20.83 11.37 129.10
C VAL WD 108 -21.25 12.77 129.55
N LEU WD 109 -22.54 13.09 129.42
CA LEU WD 109 -23.00 14.43 129.72
C LEU WD 109 -22.73 14.82 131.17
N ASN WD 110 -22.76 13.86 132.08
CA ASN WD 110 -22.41 14.15 133.47
C ASN WD 110 -20.91 14.42 133.62
N ALA WD 111 -20.08 13.75 132.82
CA ALA WD 111 -18.64 13.90 132.94
C ALA WD 111 -18.10 14.96 131.98
N LEU WD 112 -18.29 14.75 130.68
CA LEU WD 112 -17.84 15.71 129.67
C LEU WD 112 -18.93 16.76 129.42
N ASN WD 113 -19.21 17.52 130.48
CA ASN WD 113 -20.42 18.35 130.51
C ASN WD 113 -20.24 19.64 129.72
N ALA WD 114 -19.30 20.48 130.13
CA ALA WD 114 -19.23 21.86 129.66
C ALA WD 114 -19.04 21.97 128.15
N GLU WD 115 -18.45 20.96 127.51
CA GLU WD 115 -18.22 21.03 126.08
C GLU WD 115 -19.45 20.65 125.26
N LEU WD 116 -20.45 20.03 125.87
CA LEU WD 116 -21.70 19.68 125.21
C LEU WD 116 -22.79 20.71 125.45
N ILE WD 117 -23.05 21.02 126.72
CA ILE WD 117 -24.12 21.95 127.08
C ILE WD 117 -23.82 23.33 126.50
N THR WD 118 -22.60 23.83 126.73
CA THR WD 118 -22.28 25.22 126.41
C THR WD 118 -21.78 25.38 124.98
N GLY WD 119 -21.21 24.34 124.40
CA GLY WD 119 -20.72 24.41 123.04
C GLY WD 119 -19.29 24.90 122.88
N GLU WD 120 -18.61 25.20 123.97
CA GLU WD 120 -17.23 25.67 123.89
C GLU WD 120 -16.31 24.55 123.39
N GLY WD 121 -15.27 24.94 122.66
CA GLY WD 121 -14.31 24.00 122.13
C GLY WD 121 -13.12 23.88 123.05
N GLN WD 122 -12.87 22.66 123.51
CA GLN WD 122 -11.78 22.44 124.44
C GLN WD 122 -10.43 22.66 123.76
N TRP WD 123 -9.48 23.16 124.54
CA TRP WD 123 -8.16 23.50 124.01
C TRP WD 123 -7.09 22.56 124.55
N ALA XD 1 -55.16 8.78 125.29
CA ALA XD 1 -55.41 8.51 123.88
C ALA XD 1 -55.03 7.08 123.52
N ALA XD 2 -55.18 6.17 124.46
CA ALA XD 2 -54.99 4.75 124.22
C ALA XD 2 -56.22 4.16 123.56
N ARG XD 3 -56.03 3.00 122.94
CA ARG XD 3 -57.12 2.35 122.23
C ARG XD 3 -58.08 1.69 123.21
N SER XD 4 -59.36 2.07 123.13
CA SER XD 4 -60.40 1.51 123.96
C SER XD 4 -61.72 1.59 123.21
N SER XD 5 -62.76 1.03 123.80
CA SER XD 5 -64.08 1.06 123.17
C SER XD 5 -64.63 2.47 123.13
N ILE XD 6 -65.29 2.81 122.02
CA ILE XD 6 -65.92 4.11 121.85
C ILE XD 6 -67.42 3.90 121.66
N VAL XD 7 -68.20 4.92 122.00
CA VAL XD 7 -69.63 4.77 122.20
C VAL XD 7 -70.39 5.71 121.26
N LEU XD 8 -69.92 5.81 120.01
CA LEU XD 8 -70.62 6.57 118.96
C LEU XD 8 -72.12 6.43 119.09
N THR XD 9 -72.83 7.56 119.07
CA THR XD 9 -74.27 7.56 119.24
C THR XD 9 -74.87 8.73 118.48
N ASP XD 10 -76.14 8.59 118.13
CA ASP XD 10 -76.90 9.63 117.46
C ASP XD 10 -77.90 10.32 118.37
N GLY XD 11 -78.03 9.86 119.62
CA GLY XD 11 -78.99 10.42 120.54
C GLY XD 11 -80.02 9.39 120.96
N THR XD 12 -80.41 8.53 120.02
CA THR XD 12 -81.43 7.52 120.31
C THR XD 12 -80.81 6.18 120.69
N THR XD 13 -80.00 5.60 119.81
CA THR XD 13 -79.42 4.29 120.04
C THR XD 13 -77.90 4.38 119.97
N PRO XD 14 -77.20 4.20 121.10
CA PRO XD 14 -75.73 4.18 121.05
C PRO XD 14 -75.21 2.86 120.51
N VAL XD 15 -74.09 2.93 119.81
CA VAL XD 15 -73.40 1.75 119.31
C VAL XD 15 -71.98 1.77 119.86
N THR XD 16 -71.54 0.65 120.44
CA THR XD 16 -70.24 0.55 121.08
C THR XD 16 -69.28 -0.16 120.15
N LEU XD 17 -68.26 0.57 119.68
CA LEU XD 17 -67.24 -0.01 118.81
C LEU XD 17 -66.01 -0.33 119.64
N THR XD 18 -65.49 -1.54 119.46
CA THR XD 18 -64.27 -1.99 120.13
C THR XD 18 -63.17 -2.20 119.11
N PRO XD 19 -61.91 -1.92 119.46
CA PRO XD 19 -60.83 -2.07 118.48
C PRO XD 19 -60.71 -3.50 117.99
N VAL XD 20 -60.40 -3.66 116.71
CA VAL XD 20 -60.19 -4.98 116.13
C VAL XD 20 -58.89 -4.99 115.32
N GLY XD 21 -57.97 -4.09 115.66
CA GLY XD 21 -56.66 -4.16 115.04
C GLY XD 21 -56.09 -2.85 114.57
N GLY XD 22 -55.24 -2.91 113.55
CA GLY XD 22 -54.71 -1.72 112.91
C GLY XD 22 -53.21 -1.54 113.00
N GLY XD 23 -52.64 -1.76 114.18
CA GLY XD 23 -51.22 -1.50 114.35
C GLY XD 23 -50.90 -0.03 114.48
N VAL XD 24 -49.73 0.39 114.04
CA VAL XD 24 -49.28 1.77 114.16
C VAL XD 24 -49.73 2.54 112.93
N GLY XD 25 -50.18 3.78 113.15
CA GLY XD 25 -50.65 4.59 112.06
C GLY XD 25 -52.11 4.43 111.71
N GLN XD 26 -52.84 3.55 112.40
CA GLN XD 26 -54.28 3.39 112.14
C GLN XD 26 -54.88 2.60 113.29
N THR XD 27 -56.21 2.51 113.26
CA THR XD 27 -56.95 1.75 114.26
C THR XD 27 -58.29 1.35 113.67
N LEU XD 28 -58.62 0.08 113.73
CA LEU XD 28 -59.90 -0.41 113.24
C LEU XD 28 -60.84 -0.66 114.41
N TYR XD 29 -62.10 -0.31 114.22
CA TYR XD 29 -63.13 -0.55 115.22
C TYR XD 29 -64.24 -1.36 114.59
N ARG XD 30 -65.05 -1.99 115.43
CA ARG XD 30 -66.22 -2.72 114.96
C ARG XD 30 -67.12 -3.11 116.12
N ALA XD 31 -68.42 -2.83 116.00
CA ALA XD 31 -69.37 -3.19 117.03
C ALA XD 31 -69.57 -4.70 117.05
N THR XD 32 -70.32 -5.19 118.04
CA THR XD 32 -70.55 -6.63 118.11
C THR XD 32 -71.68 -7.05 117.17
N ALA XD 33 -72.91 -6.64 117.48
CA ALA XD 33 -74.11 -7.00 116.72
C ALA XD 33 -74.03 -8.43 116.21
N GLU XD 34 -73.67 -9.33 117.11
CA GLU XD 34 -73.23 -10.67 116.75
C GLU XD 34 -74.33 -11.42 116.01
N ALA XD 35 -73.91 -12.33 115.11
CA ALA XD 35 -74.83 -13.17 114.37
C ALA XD 35 -75.81 -12.32 113.56
N LEU XD 36 -75.27 -11.68 112.52
CA LEU XD 36 -74.01 -11.97 111.84
C LEU XD 36 -72.89 -11.03 112.28
N SER XD 37 -71.64 -11.43 112.05
CA SER XD 37 -70.49 -10.65 112.46
C SER XD 37 -70.07 -9.60 111.45
N ALA XD 38 -70.50 -9.72 110.20
CA ALA XD 38 -70.22 -8.72 109.18
C ALA XD 38 -71.31 -7.67 109.07
N ALA XD 39 -72.38 -7.81 109.83
CA ALA XD 39 -73.48 -6.85 109.81
C ALA XD 39 -73.43 -5.93 111.03
N ASN XD 40 -72.36 -5.14 111.13
CA ASN XD 40 -72.25 -4.18 112.21
C ASN XD 40 -71.29 -3.08 111.76
N PRO XD 41 -71.41 -1.87 112.32
CA PRO XD 41 -70.63 -0.73 111.84
C PRO XD 41 -69.16 -0.84 112.21
N SER XD 42 -68.35 -0.05 111.50
CA SER XD 42 -66.90 -0.03 111.69
C SER XD 42 -66.42 1.41 111.57
N LEU XD 43 -65.24 1.67 112.14
CA LEU XD 43 -64.67 3.03 112.19
C LEU XD 43 -63.17 3.02 111.86
N SER XD 44 -62.80 2.47 110.72
CA SER XD 44 -61.41 2.55 110.27
C SER XD 44 -60.89 3.98 110.37
N PHE XD 45 -59.91 4.19 111.24
CA PHE XD 45 -59.39 5.53 111.54
C PHE XD 45 -57.88 5.52 111.38
N GLY XD 46 -57.37 6.32 110.44
CA GLY XD 46 -55.96 6.43 110.21
C GLY XD 46 -55.41 7.82 110.53
N TYR XD 47 -54.09 7.94 110.49
CA TYR XD 47 -53.40 9.18 110.77
C TYR XD 47 -51.92 9.00 110.46
N ARG XD 48 -51.28 10.08 110.02
CA ARG XD 48 -49.84 10.04 109.71
C ARG XD 48 -49.34 11.47 109.62
N PHE XD 49 -48.01 11.59 109.51
CA PHE XD 49 -47.34 12.87 109.32
C PHE XD 49 -46.42 12.76 108.13
N THR XD 50 -46.53 13.70 107.19
CA THR XD 50 -45.69 13.69 105.99
C THR XD 50 -44.35 14.34 106.28
N ASP XD 51 -43.61 14.69 105.22
CA ASP XD 51 -42.30 15.32 105.36
C ASP XD 51 -42.36 16.53 106.28
N GLY XD 52 -43.40 17.34 106.14
CA GLY XD 52 -43.60 18.46 107.05
C GLY XD 52 -44.31 18.03 108.30
N GLY XD 53 -45.13 18.92 108.87
CA GLY XD 53 -45.95 18.57 110.00
C GLY XD 53 -47.38 18.35 109.60
N THR XD 54 -47.59 18.07 108.32
CA THR XD 54 -48.94 17.93 107.76
C THR XD 54 -49.60 16.69 108.34
N ASN XD 55 -50.45 16.90 109.34
CA ASN XD 55 -51.14 15.81 110.02
C ASN XD 55 -52.35 15.41 109.19
N ARG XD 56 -52.21 14.34 108.42
CA ARG XD 56 -53.29 13.88 107.53
C ARG XD 56 -54.06 12.76 108.21
N GLN XD 57 -54.99 13.14 109.08
CA GLN XD 57 -55.89 12.18 109.68
C GLN XD 57 -56.94 11.75 108.66
N SER XD 58 -57.62 10.64 108.96
CA SER XD 58 -58.59 10.08 108.04
C SER XD 58 -59.50 9.07 108.73
N LEU XD 59 -60.81 9.22 108.58
CA LEU XD 59 -61.77 8.31 109.17
C LEU XD 59 -62.65 7.73 108.09
N SER XD 60 -63.36 6.66 108.43
CA SER XD 60 -64.30 6.04 107.49
C SER XD 60 -65.26 5.19 108.30
N TYR XD 61 -66.50 5.64 108.40
CA TYR XD 61 -67.53 4.95 109.20
C TYR XD 61 -68.50 4.29 108.24
N LYS XD 62 -68.47 2.97 108.18
CA LYS XD 62 -69.37 2.20 107.34
C LYS XD 62 -70.39 1.50 108.23
N GLN XD 63 -71.67 1.69 107.93
CA GLN XD 63 -72.74 1.02 108.65
C GLN XD 63 -73.55 0.18 107.66
N PRO XD 64 -73.52 -1.15 107.77
CA PRO XD 64 -74.27 -1.97 106.82
C PRO XD 64 -75.75 -2.00 107.14
N ILE XD 65 -76.54 -2.18 106.08
CA ILE XD 65 -77.99 -2.20 106.19
C ILE XD 65 -78.43 -3.65 106.28
N THR XD 66 -79.05 -4.01 107.39
CA THR XD 66 -79.42 -5.39 107.68
C THR XD 66 -80.89 -5.63 107.35
N ALA XD 67 -81.25 -6.90 107.27
CA ALA XD 67 -82.64 -7.30 106.99
C ALA XD 67 -82.81 -8.72 107.48
N VAL XD 68 -83.54 -8.90 108.59
CA VAL XD 68 -83.72 -10.22 109.18
C VAL XD 68 -84.74 -10.99 108.35
N ASP XD 69 -84.27 -12.03 107.66
CA ASP XD 69 -85.11 -12.84 106.78
C ASP XD 69 -85.90 -13.82 107.65
N SER XD 70 -87.15 -13.49 107.95
CA SER XD 70 -87.96 -14.30 108.85
C SER XD 70 -88.20 -15.71 108.33
N THR XD 71 -88.16 -15.90 107.01
CA THR XD 71 -88.36 -17.23 106.44
C THR XD 71 -87.27 -18.18 106.88
N THR XD 72 -86.01 -17.79 106.73
CA THR XD 72 -84.86 -18.61 107.06
C THR XD 72 -84.27 -18.28 108.42
N SER XD 73 -84.57 -17.09 108.96
CA SER XD 73 -84.03 -16.58 110.22
C SER XD 73 -82.52 -16.40 110.14
N GLU XD 74 -82.10 -15.65 109.13
CA GLU XD 74 -80.72 -15.26 108.96
C GLU XD 74 -80.67 -13.79 108.60
N THR XD 75 -79.60 -13.12 109.03
CA THR XD 75 -79.43 -11.70 108.77
C THR XD 75 -78.72 -11.51 107.43
N LEU XD 76 -79.35 -10.75 106.54
CA LEU XD 76 -78.80 -10.46 105.23
C LEU XD 76 -78.31 -9.02 105.19
N VAL XD 77 -77.26 -8.78 104.42
CA VAL XD 77 -76.66 -7.46 104.30
C VAL XD 77 -76.98 -6.92 102.91
N ARG XD 78 -77.72 -5.82 102.86
CA ARG XD 78 -78.17 -5.26 101.60
C ARG XD 78 -77.23 -4.19 101.06
N GLY XD 79 -76.57 -3.46 101.95
CA GLY XD 79 -75.64 -2.42 101.53
C GLY XD 79 -75.12 -1.69 102.75
N GLN XD 80 -74.24 -0.73 102.52
CA GLN XD 80 -73.64 0.00 103.62
C GLN XD 80 -73.58 1.49 103.31
N CYS XD 81 -73.87 2.30 104.33
CA CYS XD 81 -73.70 3.74 104.24
C CYS XD 81 -72.29 4.10 104.67
N VAL XD 82 -71.56 4.80 103.82
CA VAL XD 82 -70.15 5.11 104.05
C VAL XD 82 -70.01 6.61 104.25
N VAL XD 83 -69.29 7.00 105.31
CA VAL XD 83 -69.03 8.40 105.61
C VAL XD 83 -67.54 8.56 105.82
N ASP XD 84 -66.86 9.18 104.85
CA ASP XD 84 -65.44 9.46 104.95
C ASP XD 84 -65.22 10.88 105.43
N ILE XD 85 -64.24 11.06 106.32
CA ILE XD 85 -63.93 12.37 106.89
C ILE XD 85 -62.41 12.51 106.85
N ASN XD 86 -61.89 13.09 105.77
CA ASN XD 86 -60.47 13.36 105.70
C ASN XD 86 -60.14 14.71 106.32
N ILE XD 87 -59.03 14.77 107.03
CA ILE XD 87 -58.59 15.98 107.71
C ILE XD 87 -57.14 16.23 107.36
N VAL XD 88 -56.84 17.40 106.83
CA VAL XD 88 -55.47 17.81 106.55
C VAL XD 88 -55.18 19.07 107.33
N ILE XD 89 -54.10 19.05 108.10
CA ILE XD 89 -53.71 20.20 108.91
C ILE XD 89 -52.27 20.56 108.56
N PRO XD 90 -52.02 21.73 107.98
CA PRO XD 90 -50.67 22.03 107.49
C PRO XD 90 -49.65 22.22 108.60
N ARG XD 91 -48.39 22.33 108.21
CA ARG XD 91 -47.29 22.46 109.17
C ARG XD 91 -47.38 23.75 109.98
N VAL XD 92 -48.03 24.78 109.45
CA VAL XD 92 -48.00 26.12 110.03
C VAL XD 92 -49.23 26.40 110.89
N ALA XD 93 -50.02 25.38 111.21
CA ALA XD 93 -51.31 25.58 111.86
C ALA XD 93 -51.14 25.63 113.37
N THR XD 94 -51.67 26.69 113.98
CA THR XD 94 -51.63 26.83 115.43
C THR XD 94 -52.54 25.78 116.07
N ALA XD 95 -52.25 25.47 117.33
CA ALA XD 95 -53.03 24.48 118.07
C ALA XD 95 -54.45 24.92 118.35
N THR XD 96 -54.76 26.21 118.23
CA THR XD 96 -56.13 26.69 118.41
C THR XD 96 -56.86 26.85 117.10
N ASP XD 97 -56.15 26.92 115.97
CA ASP XD 97 -56.81 26.89 114.68
C ASP XD 97 -57.29 25.49 114.32
N ARG XD 98 -56.60 24.47 114.84
CA ARG XD 98 -57.06 23.10 114.64
C ARG XD 98 -58.43 22.89 115.27
N ALA XD 99 -58.61 23.32 116.51
CA ALA XD 99 -59.90 23.19 117.16
C ALA XD 99 -60.97 24.01 116.45
N GLU XD 100 -60.61 25.20 115.99
CA GLU XD 100 -61.57 26.03 115.25
C GLU XD 100 -61.98 25.35 113.95
N ALA XD 101 -61.00 24.83 113.20
CA ALA XD 101 -61.32 24.24 111.90
C ALA XD 101 -62.12 22.95 112.06
N ILE XD 102 -61.66 22.06 112.95
CA ILE XD 102 -62.30 20.76 113.08
C ILE XD 102 -63.71 20.91 113.62
N LYS XD 103 -63.88 21.66 114.71
CA LYS XD 103 -65.20 21.76 115.32
C LYS XD 103 -66.18 22.53 114.44
N ARG XD 104 -65.68 23.39 113.55
CA ARG XD 104 -66.57 24.07 112.61
C ARG XD 104 -67.02 23.15 111.51
N ALA XD 105 -66.11 22.35 110.95
CA ALA XD 105 -66.48 21.42 109.89
C ALA XD 105 -67.48 20.38 110.38
N PHE XD 106 -67.28 19.87 111.60
CA PHE XD 106 -68.23 18.93 112.17
C PHE XD 106 -69.52 19.60 112.63
N ASP XD 107 -69.59 20.92 112.59
CA ASP XD 107 -70.82 21.65 112.89
C ASP XD 107 -71.70 21.81 111.66
N VAL XD 108 -71.28 21.29 110.51
CA VAL XD 108 -72.10 21.37 109.30
C VAL XD 108 -73.44 20.68 109.51
N LEU XD 109 -73.42 19.52 110.16
CA LEU XD 109 -74.65 18.78 110.40
C LEU XD 109 -75.69 19.61 111.13
N ASN XD 110 -75.26 20.57 111.95
CA ASN XD 110 -76.21 21.47 112.58
C ASN XD 110 -76.58 22.65 111.68
N ALA XD 111 -75.74 22.98 110.70
CA ALA XD 111 -76.06 24.05 109.78
C ALA XD 111 -76.77 23.53 108.53
N LEU XD 112 -76.12 22.60 107.82
CA LEU XD 112 -76.68 22.03 106.60
C LEU XD 112 -77.44 20.74 106.92
N ASN XD 113 -78.37 20.87 107.87
CA ASN XD 113 -78.99 19.70 108.48
C ASN XD 113 -79.92 18.98 107.51
N ALA XD 114 -80.87 19.72 106.93
CA ALA XD 114 -81.89 19.07 106.11
C ALA XD 114 -81.30 18.44 104.86
N GLU XD 115 -80.19 18.98 104.35
CA GLU XD 115 -79.58 18.42 103.15
C GLU XD 115 -78.81 17.14 103.42
N LEU XD 116 -78.63 16.76 104.69
CA LEU XD 116 -77.87 15.57 105.04
C LEU XD 116 -78.71 14.52 105.73
N ILE XD 117 -79.54 14.91 106.70
CA ILE XD 117 -80.33 13.95 107.45
C ILE XD 117 -81.41 13.35 106.58
N THR XD 118 -82.10 14.16 105.78
CA THR XD 118 -83.19 13.68 104.94
C THR XD 118 -82.77 13.41 103.51
N GLY XD 119 -81.72 14.05 103.03
CA GLY XD 119 -81.22 13.80 101.70
C GLY XD 119 -81.68 14.76 100.64
N GLU XD 120 -82.32 15.86 101.02
CA GLU XD 120 -82.81 16.84 100.05
C GLU XD 120 -81.64 17.50 99.32
N GLY XD 121 -81.99 18.33 98.36
CA GLY XD 121 -81.03 19.25 97.77
C GLY XD 121 -81.60 20.65 97.84
N GLN XD 122 -80.73 21.61 98.14
CA GLN XD 122 -81.19 22.97 98.32
C GLN XD 122 -81.55 23.58 96.96
N TRP XD 123 -82.68 24.28 96.93
CA TRP XD 123 -83.21 24.80 95.68
C TRP XD 123 -83.01 26.31 95.54
N ALA YD 1 -83.68 23.41 102.76
CA ALA YD 1 -84.34 24.61 102.27
C ALA YD 1 -83.50 25.28 101.19
N ALA YD 2 -83.86 26.50 100.84
CA ALA YD 2 -83.16 27.21 99.78
C ALA YD 2 -81.77 27.62 100.25
N ARG YD 3 -80.91 27.95 99.29
CA ARG YD 3 -79.58 28.44 99.61
C ARG YD 3 -79.67 29.68 100.47
N SER YD 4 -79.17 29.61 101.70
CA SER YD 4 -79.23 30.75 102.60
C SER YD 4 -77.89 30.95 103.30
N SER YD 5 -77.86 31.79 104.32
CA SER YD 5 -76.65 32.04 105.08
C SER YD 5 -76.56 31.06 106.25
N ILE YD 6 -75.46 30.33 106.33
CA ILE YD 6 -75.24 29.36 107.39
C ILE YD 6 -74.30 29.96 108.43
N VAL YD 7 -74.37 29.43 109.64
CA VAL YD 7 -73.74 30.05 110.80
C VAL YD 7 -72.74 29.09 111.43
N LEU YD 8 -71.99 28.36 110.59
CA LEU YD 8 -70.96 27.43 111.04
C LEU YD 8 -70.16 28.00 112.20
N THR YD 9 -70.18 27.30 113.32
CA THR YD 9 -69.58 27.78 114.56
C THR YD 9 -68.83 26.64 115.24
N ASP YD 10 -68.27 26.93 116.42
CA ASP YD 10 -67.62 25.91 117.22
C ASP YD 10 -67.93 26.03 118.71
N GLY YD 11 -68.90 26.88 119.08
CA GLY YD 11 -69.25 27.12 120.46
C GLY YD 11 -68.76 28.46 120.99
N THR YD 12 -67.69 28.99 120.41
CA THR YD 12 -67.14 30.28 120.84
C THR YD 12 -67.15 31.32 119.74
N THR YD 13 -66.62 31.00 118.57
CA THR YD 13 -66.44 31.98 117.50
C THR YD 13 -67.23 31.58 116.26
N PRO YD 14 -68.44 32.09 116.08
CA PRO YD 14 -69.23 31.75 114.89
C PRO YD 14 -68.69 32.44 113.64
N VAL YD 15 -69.01 31.84 112.51
CA VAL YD 15 -68.69 32.40 111.19
C VAL YD 15 -69.92 32.24 110.31
N THR YD 16 -70.32 33.33 109.65
CA THR YD 16 -71.48 33.32 108.77
C THR YD 16 -71.02 33.21 107.32
N LEU YD 17 -71.58 32.25 106.60
CA LEU YD 17 -71.20 31.97 105.22
C LEU YD 17 -72.40 32.15 104.31
N THR YD 18 -72.21 32.88 103.21
CA THR YD 18 -73.27 33.11 102.25
C THR YD 18 -72.88 32.57 100.88
N PRO YD 19 -73.83 32.00 100.13
CA PRO YD 19 -73.47 31.32 98.87
C PRO YD 19 -72.79 32.27 97.89
N VAL YD 20 -71.80 31.75 97.18
CA VAL YD 20 -70.94 32.58 96.34
C VAL YD 20 -70.91 31.94 94.94
N GLY YD 21 -71.85 31.06 94.68
CA GLY YD 21 -71.94 30.51 93.33
C GLY YD 21 -72.33 29.06 93.38
N GLY YD 22 -71.80 28.31 92.41
CA GLY YD 22 -72.12 26.90 92.30
C GLY YD 22 -72.94 26.56 91.07
N GLY YD 23 -74.02 25.81 91.26
CA GLY YD 23 -74.87 25.38 90.17
C GLY YD 23 -75.97 24.44 90.63
N VAL YD 24 -76.18 23.36 89.90
CA VAL YD 24 -77.11 22.31 90.30
C VAL YD 24 -76.31 21.19 90.95
N GLY YD 25 -76.71 20.80 92.16
CA GLY YD 25 -75.93 19.86 92.92
C GLY YD 25 -74.54 20.40 93.21
N GLN YD 26 -74.46 21.67 93.58
CA GLN YD 26 -73.21 22.34 93.90
C GLN YD 26 -73.54 23.67 94.55
N THR YD 27 -72.81 24.01 95.62
CA THR YD 27 -73.11 25.23 96.37
C THR YD 27 -71.83 25.67 97.09
N LEU YD 28 -71.24 26.75 96.62
CA LEU YD 28 -70.10 27.31 97.31
C LEU YD 28 -70.56 28.14 98.50
N TYR YD 29 -69.61 28.52 99.34
CA TYR YD 29 -69.87 29.39 100.48
C TYR YD 29 -68.62 30.20 100.75
N ARG YD 30 -68.77 31.27 101.53
CA ARG YD 30 -67.65 32.08 101.99
C ARG YD 30 -68.19 33.07 103.00
N ALA YD 31 -67.27 33.63 103.81
CA ALA YD 31 -67.62 34.58 104.84
C ALA YD 31 -67.40 36.01 104.36
N THR YD 32 -67.51 36.97 105.28
CA THR YD 32 -67.57 38.39 104.91
C THR YD 32 -66.20 39.05 104.81
N ALA YD 33 -65.21 38.62 105.60
CA ALA YD 33 -63.91 39.28 105.61
C ALA YD 33 -63.22 39.17 104.26
N GLU YD 34 -62.31 40.10 103.96
CA GLU YD 34 -61.73 40.25 102.64
C GLU YD 34 -60.21 40.14 102.70
N ALA YD 35 -59.65 39.33 101.83
CA ALA YD 35 -58.20 39.16 101.75
C ALA YD 35 -57.82 38.90 100.30
N LEU YD 36 -56.52 38.76 100.05
CA LEU YD 36 -55.99 38.73 98.68
C LEU YD 36 -55.88 37.32 98.14
N SER YD 37 -55.14 36.43 98.81
CA SER YD 37 -54.91 35.09 98.31
C SER YD 37 -56.00 34.12 98.79
N ALA YD 38 -56.14 33.96 100.10
CA ALA YD 38 -57.18 33.12 100.68
C ALA YD 38 -58.05 33.99 101.57
N ALA YD 39 -59.31 34.15 101.18
CA ALA YD 39 -60.16 35.11 101.86
C ALA YD 39 -60.70 34.56 103.17
N ASN YD 40 -61.50 33.51 103.09
CA ASN YD 40 -62.29 33.08 104.25
C ASN YD 40 -62.53 31.57 104.21
N PRO YD 41 -63.19 31.00 105.22
CA PRO YD 41 -63.66 29.62 105.08
C PRO YD 41 -64.59 29.47 103.88
N SER YD 42 -64.47 28.34 103.19
CA SER YD 42 -65.20 28.12 101.94
C SER YD 42 -65.71 26.68 101.93
N LEU YD 43 -66.99 26.51 102.26
CA LEU YD 43 -67.62 25.20 102.40
C LEU YD 43 -68.33 24.84 101.12
N SER YD 44 -67.72 23.98 100.30
CA SER YD 44 -68.38 23.50 99.10
C SER YD 44 -69.27 22.31 99.42
N PHE YD 45 -70.35 22.15 98.65
CA PHE YD 45 -71.35 21.11 98.90
C PHE YD 45 -71.78 20.54 97.55
N GLY YD 46 -71.39 19.30 97.28
CA GLY YD 46 -71.50 18.76 95.94
C GLY YD 46 -72.40 17.55 95.74
N TYR YD 47 -73.59 17.56 96.34
CA TYR YD 47 -74.48 16.41 96.29
C TYR YD 47 -74.88 16.08 94.85
N ARG YD 48 -75.21 14.81 94.63
CA ARG YD 48 -75.65 14.31 93.34
C ARG YD 48 -76.30 12.94 93.56
N PHE YD 49 -76.75 12.33 92.47
CA PHE YD 49 -77.31 10.98 92.47
C PHE YD 49 -76.56 10.15 91.44
N THR YD 50 -76.94 8.88 91.32
CA THR YD 50 -76.19 7.93 90.51
C THR YD 50 -77.20 6.96 89.89
N ASP YD 51 -76.72 5.82 89.41
CA ASP YD 51 -77.56 4.83 88.75
C ASP YD 51 -78.74 4.42 89.64
N GLY YD 52 -78.44 4.08 90.90
CA GLY YD 52 -79.47 3.83 91.88
C GLY YD 52 -79.82 5.08 92.64
N GLY YD 53 -80.33 4.90 93.85
CA GLY YD 53 -80.57 6.04 94.72
C GLY YD 53 -79.32 6.40 95.48
N THR YD 54 -78.16 6.14 94.88
CA THR YD 54 -76.88 6.31 95.56
C THR YD 54 -76.58 7.78 95.74
N ASN YD 55 -77.05 8.35 96.84
CA ASN YD 55 -76.89 9.77 97.13
C ASN YD 55 -75.44 10.03 97.52
N ARG YD 56 -74.64 10.49 96.56
CA ARG YD 56 -73.21 10.70 96.78
C ARG YD 56 -72.94 12.16 97.15
N GLN YD 57 -73.34 12.53 98.36
CA GLN YD 57 -73.05 13.85 98.85
C GLN YD 57 -71.55 14.01 99.10
N SER YD 58 -71.10 15.25 99.11
CA SER YD 58 -69.68 15.53 99.26
C SER YD 58 -69.50 16.95 99.77
N LEU YD 59 -68.55 17.13 100.68
CA LEU YD 59 -68.29 18.40 101.33
C LEU YD 59 -66.81 18.68 101.33
N SER YD 60 -66.47 19.94 101.60
CA SER YD 60 -65.07 20.35 101.79
C SER YD 60 -65.04 21.70 102.48
N TYR YD 61 -64.50 21.76 103.69
CA TYR YD 61 -64.46 22.99 104.47
C TYR YD 61 -63.00 23.40 104.65
N LYS YD 62 -62.57 24.41 103.90
CA LYS YD 62 -61.22 24.93 103.99
C LYS YD 62 -61.22 26.20 104.81
N GLN YD 63 -60.40 26.24 105.85
CA GLN YD 63 -60.23 27.43 106.67
C GLN YD 63 -58.79 27.90 106.55
N PRO YD 64 -58.53 29.05 105.92
CA PRO YD 64 -57.15 29.50 105.73
C PRO YD 64 -56.49 29.90 107.04
N ILE YD 65 -55.20 29.62 107.13
CA ILE YD 65 -54.40 29.98 108.30
C ILE YD 65 -53.84 31.36 108.03
N THR YD 66 -54.30 32.35 108.77
CA THR YD 66 -53.95 33.75 108.50
C THR YD 66 -53.49 34.45 109.76
N ALA YD 67 -52.52 35.34 109.60
CA ALA YD 67 -52.06 36.24 110.65
C ALA YD 67 -51.89 37.62 110.04
N VAL YD 68 -52.43 38.64 110.70
CA VAL YD 68 -52.50 39.97 110.12
C VAL YD 68 -51.10 40.61 110.17
N ASP YD 69 -50.67 41.17 109.05
CA ASP YD 69 -49.41 41.88 108.99
C ASP YD 69 -49.54 43.25 109.66
N SER YD 70 -48.40 43.84 109.97
CA SER YD 70 -48.38 45.19 110.51
C SER YD 70 -48.22 46.21 109.38
N THR YD 71 -48.94 47.32 109.51
CA THR YD 71 -48.94 48.46 108.60
C THR YD 71 -49.55 48.15 107.24
N THR YD 72 -49.96 46.91 106.98
CA THR YD 72 -50.58 46.55 105.71
C THR YD 72 -51.88 45.81 105.98
N SER YD 73 -52.92 46.15 105.22
CA SER YD 73 -54.24 45.55 105.38
C SER YD 73 -54.45 44.39 104.42
N GLU YD 74 -53.57 43.39 104.49
CA GLU YD 74 -53.66 42.22 103.62
C GLU YD 74 -53.71 40.90 104.36
N THR YD 75 -53.60 40.91 105.70
CA THR YD 75 -53.79 39.77 106.58
C THR YD 75 -53.22 38.48 105.99
N LEU YD 76 -51.90 38.45 105.82
CA LEU YD 76 -51.18 37.34 105.19
C LEU YD 76 -51.70 35.99 105.64
N VAL YD 77 -51.98 35.12 104.68
CA VAL YD 77 -52.45 33.77 104.93
C VAL YD 77 -51.30 32.79 104.74
N ARG YD 78 -51.28 31.75 105.56
CA ARG YD 78 -50.16 30.82 105.59
C ARG YD 78 -50.50 29.41 105.10
N GLY YD 79 -51.73 28.96 105.28
CA GLY YD 79 -52.12 27.64 104.83
C GLY YD 79 -53.63 27.51 104.81
N GLN YD 80 -54.10 26.26 104.96
CA GLN YD 80 -55.53 25.98 104.99
C GLN YD 80 -55.80 24.60 105.59
N CYS YD 81 -56.74 24.53 106.53
CA CYS YD 81 -57.09 23.28 107.20
C CYS YD 81 -58.25 22.63 106.45
N VAL YD 82 -57.90 21.85 105.42
CA VAL YD 82 -58.91 21.17 104.62
C VAL YD 82 -59.58 20.06 105.43
N VAL YD 83 -60.90 19.99 105.36
CA VAL YD 83 -61.65 18.92 106.01
C VAL YD 83 -62.73 18.40 105.08
N ASP YD 84 -62.46 17.30 104.38
CA ASP YD 84 -63.41 16.72 103.45
C ASP YD 84 -64.35 15.75 104.16
N ILE YD 85 -65.61 15.78 103.76
CA ILE YD 85 -66.60 14.85 104.30
C ILE YD 85 -67.45 14.28 103.17
N ASN YD 86 -67.12 13.09 102.71
CA ASN YD 86 -67.86 12.44 101.64
C ASN YD 86 -68.84 11.42 102.21
N ILE YD 87 -70.04 11.39 101.63
CA ILE YD 87 -71.12 10.53 102.10
C ILE YD 87 -71.65 9.73 100.92
N VAL YD 88 -71.85 8.43 101.13
CA VAL YD 88 -72.39 7.54 100.12
C VAL YD 88 -73.48 6.71 100.77
N ILE YD 89 -74.72 6.99 100.42
CA ILE YD 89 -75.89 6.33 101.00
C ILE YD 89 -76.56 5.50 99.92
N PRO YD 90 -76.75 4.20 100.11
CA PRO YD 90 -77.25 3.36 99.02
C PRO YD 90 -78.72 3.60 98.73
N ARG YD 91 -79.25 2.93 97.72
CA ARG YD 91 -80.66 3.06 97.37
C ARG YD 91 -81.57 2.46 98.43
N VAL YD 92 -81.16 1.37 99.07
CA VAL YD 92 -82.03 0.61 99.96
C VAL YD 92 -82.04 1.19 101.36
N ALA YD 93 -81.39 2.35 101.54
CA ALA YD 93 -81.20 2.91 102.87
C ALA YD 93 -82.46 3.64 103.32
N THR YD 94 -83.18 3.03 104.26
CA THR YD 94 -84.33 3.68 104.88
C THR YD 94 -83.90 4.98 105.55
N ALA YD 95 -84.74 6.00 105.43
CA ALA YD 95 -84.39 7.32 105.96
C ALA YD 95 -84.09 7.30 107.44
N THR YD 96 -84.65 6.35 108.19
CA THR YD 96 -84.24 6.18 109.58
C THR YD 96 -82.80 5.68 109.68
N ASP YD 97 -82.40 4.77 108.78
CA ASP YD 97 -81.03 4.28 108.78
C ASP YD 97 -80.05 5.38 108.36
N ARG YD 98 -80.44 6.21 107.38
CA ARG YD 98 -79.55 7.28 106.94
C ARG YD 98 -79.33 8.30 108.04
N ALA YD 99 -80.38 8.63 108.81
CA ALA YD 99 -80.21 9.56 109.91
C ALA YD 99 -79.23 9.02 110.95
N GLU YD 100 -79.33 7.73 111.25
CA GLU YD 100 -78.39 7.12 112.19
C GLU YD 100 -76.97 7.14 111.64
N ALA YD 101 -76.81 6.83 110.35
CA ALA YD 101 -75.47 6.74 109.78
C ALA YD 101 -74.76 8.10 109.81
N ILE YD 102 -75.49 9.16 109.46
CA ILE YD 102 -74.86 10.48 109.42
C ILE YD 102 -74.58 10.99 110.83
N LYS YD 103 -75.56 10.88 111.73
CA LYS YD 103 -75.39 11.43 113.06
C LYS YD 103 -74.35 10.65 113.86
N ARG YD 104 -74.25 9.34 113.64
CA ARG YD 104 -73.21 8.56 114.30
C ARG YD 104 -71.83 8.90 113.77
N ALA YD 105 -71.71 9.15 112.48
CA ALA YD 105 -70.41 9.51 111.92
C ALA YD 105 -69.93 10.84 112.45
N PHE YD 106 -70.83 11.81 112.59
CA PHE YD 106 -70.47 13.13 113.09
C PHE YD 106 -70.33 13.17 114.60
N ASP YD 107 -70.59 12.07 115.29
CA ASP YD 107 -70.33 11.97 116.72
C ASP YD 107 -68.94 11.46 117.03
N VAL YD 108 -68.11 11.26 116.01
CA VAL YD 108 -66.74 10.83 116.24
C VAL YD 108 -65.99 11.90 117.03
N LEU YD 109 -66.24 13.17 116.72
CA LEU YD 109 -65.54 14.26 117.38
C LEU YD 109 -65.73 14.22 118.89
N ASN YD 110 -66.87 13.73 119.35
CA ASN YD 110 -67.11 13.62 120.79
C ASN YD 110 -66.63 12.31 121.38
N ALA YD 111 -66.27 11.34 120.55
CA ALA YD 111 -65.75 10.06 121.04
C ALA YD 111 -64.25 9.92 120.79
N LEU YD 112 -63.81 10.21 119.58
CA LEU YD 112 -62.40 10.20 119.23
C LEU YD 112 -61.84 11.62 119.30
N ASN YD 113 -62.00 12.24 120.46
CA ASN YD 113 -61.82 13.68 120.58
C ASN YD 113 -60.36 14.08 120.57
N ALA YD 114 -59.57 13.54 121.50
CA ALA YD 114 -58.20 13.98 121.67
C ALA YD 114 -57.37 13.76 120.40
N GLU YD 115 -57.58 12.63 119.73
CA GLU YD 115 -56.81 12.32 118.53
C GLU YD 115 -57.12 13.27 117.38
N LEU YD 116 -58.30 13.87 117.37
CA LEU YD 116 -58.69 14.77 116.27
C LEU YD 116 -58.34 16.22 116.56
N ILE YD 117 -58.61 16.69 117.78
CA ILE YD 117 -58.30 18.07 118.13
C ILE YD 117 -56.79 18.24 118.33
N THR YD 118 -56.21 17.46 119.24
CA THR YD 118 -54.79 17.59 119.54
C THR YD 118 -53.91 17.02 118.44
N GLY YD 119 -54.27 15.87 117.88
CA GLY YD 119 -53.51 15.28 116.79
C GLY YD 119 -52.44 14.32 117.25
N GLU YD 120 -52.83 13.38 118.12
CA GLU YD 120 -51.86 12.51 118.78
C GLU YD 120 -52.56 11.23 119.21
N GLY YD 121 -51.74 10.23 119.53
CA GLY YD 121 -52.25 9.11 120.30
C GLY YD 121 -52.34 7.77 119.61
N GLN YD 122 -53.26 6.94 120.08
CA GLN YD 122 -53.42 5.55 119.64
C GLN YD 122 -52.13 4.75 119.90
N TRP YD 123 -51.85 4.57 121.19
CA TRP YD 123 -50.70 3.82 121.62
C TRP YD 123 -51.00 2.33 121.58
N ALA ZD 1 -19.28 -72.40 107.01
CA ALA ZD 1 -18.58 -73.61 107.43
C ALA ZD 1 -18.27 -74.50 106.23
N ALA ZD 2 -17.78 -75.70 106.48
CA ALA ZD 2 -17.50 -76.63 105.40
C ALA ZD 2 -18.80 -77.04 104.72
N ARG ZD 3 -18.78 -77.07 103.39
CA ARG ZD 3 -19.97 -77.40 102.63
C ARG ZD 3 -20.43 -78.82 102.96
N SER ZD 4 -21.74 -78.98 103.13
CA SER ZD 4 -22.32 -80.27 103.47
C SER ZD 4 -23.71 -80.34 102.86
N SER ZD 5 -24.52 -81.29 103.33
CA SER ZD 5 -25.88 -81.43 102.87
C SER ZD 5 -26.83 -80.59 103.71
N ILE ZD 6 -27.96 -80.22 103.12
CA ILE ZD 6 -29.00 -79.45 103.80
C ILE ZD 6 -30.34 -80.14 103.62
N VAL ZD 7 -31.24 -79.92 104.57
CA VAL ZD 7 -32.40 -80.77 104.75
C VAL ZD 7 -33.64 -79.89 104.65
N LEU ZD 8 -33.61 -78.93 103.72
CA LEU ZD 8 -34.75 -78.05 103.45
C LEU ZD 8 -36.07 -78.81 103.52
N THR ZD 9 -37.00 -78.28 104.31
CA THR ZD 9 -38.26 -78.95 104.59
C THR ZD 9 -39.38 -77.93 104.66
N ASP ZD 10 -40.61 -78.43 104.74
CA ASP ZD 10 -41.77 -77.59 104.96
C ASP ZD 10 -42.71 -78.24 105.98
N GLY ZD 11 -42.13 -79.06 106.86
CA GLY ZD 11 -42.91 -79.67 107.92
C GLY ZD 11 -43.42 -81.06 107.58
N THR ZD 12 -43.59 -81.35 106.30
CA THR ZD 12 -44.13 -82.65 105.89
C THR ZD 12 -43.25 -83.40 104.91
N THR ZD 13 -42.62 -82.73 103.95
CA THR ZD 13 -41.81 -83.40 102.93
C THR ZD 13 -40.42 -82.77 102.88
N PRO ZD 14 -39.50 -83.28 103.69
CA PRO ZD 14 -38.12 -82.78 103.64
C PRO ZD 14 -37.45 -83.10 102.32
N VAL ZD 15 -36.47 -82.26 101.97
CA VAL ZD 15 -35.69 -82.42 100.75
C VAL ZD 15 -34.22 -82.33 101.15
N THR ZD 16 -33.43 -83.32 100.75
CA THR ZD 16 -31.99 -83.32 101.03
C THR ZD 16 -31.25 -82.84 99.79
N LEU ZD 17 -30.47 -81.78 99.95
CA LEU ZD 17 -29.69 -81.20 98.88
C LEU ZD 17 -28.21 -81.41 99.15
N THR ZD 18 -27.42 -81.60 98.09
CA THR ZD 18 -26.01 -81.90 98.20
C THR ZD 18 -25.21 -80.99 97.29
N PRO ZD 19 -24.05 -80.50 97.74
CA PRO ZD 19 -23.29 -79.55 96.94
C PRO ZD 19 -22.70 -80.17 95.68
N VAL ZD 20 -23.18 -79.77 94.51
CA VAL ZD 20 -22.78 -80.41 93.27
C VAL ZD 20 -22.14 -79.40 92.33
N GLY ZD 21 -21.48 -78.40 92.89
CA GLY ZD 21 -20.80 -77.41 92.08
C GLY ZD 21 -20.59 -76.13 92.85
N GLY ZD 22 -20.26 -75.08 92.09
CA GLY ZD 22 -20.08 -73.76 92.67
C GLY ZD 22 -18.77 -73.10 92.28
N GLY ZD 23 -18.13 -72.46 93.25
CA GLY ZD 23 -16.88 -71.76 92.97
C GLY ZD 23 -16.45 -70.96 94.18
N VAL ZD 24 -15.92 -69.78 93.91
CA VAL ZD 24 -15.52 -68.84 94.95
C VAL ZD 24 -16.70 -67.91 95.21
N GLY ZD 25 -17.23 -67.93 96.43
CA GLY ZD 25 -18.42 -67.17 96.73
C GLY ZD 25 -19.64 -67.69 96.01
N GLN ZD 26 -19.81 -69.01 95.98
CA GLN ZD 26 -20.94 -69.65 95.33
C GLN ZD 26 -20.96 -71.12 95.73
N THR ZD 27 -22.16 -71.68 95.86
CA THR ZD 27 -22.28 -73.09 96.23
C THR ZD 27 -23.64 -73.59 95.73
N LEU ZD 28 -23.62 -74.28 94.59
CA LEU ZD 28 -24.84 -74.86 94.07
C LEU ZD 28 -25.27 -76.07 94.91
N TYR ZD 29 -26.55 -76.38 94.87
CA TYR ZD 29 -27.11 -77.56 95.51
C TYR ZD 29 -28.10 -78.21 94.56
N ARG ZD 30 -28.46 -79.44 94.85
CA ARG ZD 30 -29.48 -80.13 94.08
C ARG ZD 30 -29.97 -81.32 94.88
N ALA ZD 31 -31.27 -81.60 94.80
CA ALA ZD 31 -31.82 -82.75 95.49
C ALA ZD 31 -31.24 -84.03 94.91
N THR ZD 32 -31.01 -85.00 95.80
CA THR ZD 32 -30.33 -86.23 95.39
C THR ZD 32 -31.06 -86.90 94.24
N ALA ZD 33 -32.29 -87.33 94.48
CA ALA ZD 33 -33.15 -87.84 93.42
C ALA ZD 33 -34.59 -87.83 93.91
N GLU ZD 34 -35.44 -87.04 93.28
CA GLU ZD 34 -36.87 -87.12 93.59
C GLU ZD 34 -37.53 -88.23 92.77
N ALA ZD 35 -37.62 -88.03 91.45
CA ALA ZD 35 -38.02 -89.11 90.55
C ALA ZD 35 -37.28 -89.13 89.23
N LEU ZD 36 -36.60 -88.05 88.86
CA LEU ZD 36 -35.87 -87.94 87.60
C LEU ZD 36 -35.05 -86.66 87.67
N SER ZD 37 -34.35 -86.32 86.59
CA SER ZD 37 -33.67 -85.05 86.51
C SER ZD 37 -34.63 -83.99 85.98
N ALA ZD 38 -34.27 -82.72 86.22
CA ALA ZD 38 -35.06 -81.53 85.94
C ALA ZD 38 -36.30 -81.44 86.82
N ALA ZD 39 -36.56 -82.42 87.67
CA ALA ZD 39 -37.64 -82.39 88.65
C ALA ZD 39 -37.06 -82.40 90.05
N ASN ZD 40 -35.88 -81.80 90.21
CA ASN ZD 40 -35.16 -81.76 91.47
C ASN ZD 40 -34.90 -80.32 91.87
N PRO ZD 41 -35.24 -79.92 93.09
CA PRO ZD 41 -34.98 -78.54 93.53
C PRO ZD 41 -33.49 -78.26 93.67
N SER ZD 42 -33.15 -76.98 93.56
CA SER ZD 42 -31.78 -76.52 93.70
C SER ZD 42 -31.76 -75.30 94.62
N LEU ZD 43 -30.61 -75.06 95.24
CA LEU ZD 43 -30.45 -73.99 96.23
C LEU ZD 43 -29.16 -73.20 95.98
N SER ZD 44 -29.00 -72.70 94.76
CA SER ZD 44 -27.88 -71.80 94.46
C SER ZD 44 -27.71 -70.76 95.55
N PHE ZD 45 -26.47 -70.56 95.99
CA PHE ZD 45 -26.19 -69.72 97.15
C PHE ZD 45 -24.83 -69.06 96.97
N GLY ZD 46 -24.83 -67.74 96.75
CA GLY ZD 46 -23.61 -66.97 96.64
C GLY ZD 46 -23.36 -66.11 97.86
N TYR ZD 47 -22.21 -65.43 97.84
CA TYR ZD 47 -21.81 -64.53 98.91
C TYR ZD 47 -20.55 -63.79 98.45
N ARG ZD 48 -20.47 -62.51 98.78
CA ARG ZD 48 -19.34 -61.71 98.35
C ARG ZD 48 -19.24 -60.46 99.22
N PHE ZD 49 -18.07 -59.84 99.19
CA PHE ZD 49 -17.81 -58.58 99.90
C PHE ZD 49 -17.36 -57.54 98.89
N THR ZD 50 -17.99 -56.37 98.93
CA THR ZD 50 -17.54 -55.25 98.12
C THR ZD 50 -16.45 -54.47 98.85
N ASP ZD 51 -16.20 -53.23 98.41
CA ASP ZD 51 -15.21 -52.36 99.03
C ASP ZD 51 -15.26 -52.41 100.56
N GLY ZD 52 -16.42 -52.12 101.14
CA GLY ZD 52 -16.61 -52.23 102.57
C GLY ZD 52 -17.02 -53.64 102.95
N GLY ZD 53 -17.36 -53.79 104.23
CA GLY ZD 53 -17.77 -55.09 104.72
C GLY ZD 53 -19.21 -55.42 104.39
N THR ZD 54 -19.70 -54.93 103.25
CA THR ZD 54 -21.08 -55.18 102.83
C THR ZD 54 -21.20 -56.64 102.46
N ASN ZD 55 -21.73 -57.44 103.38
CA ASN ZD 55 -21.79 -58.88 103.22
C ASN ZD 55 -22.99 -59.25 102.35
N ARG ZD 56 -22.89 -59.02 101.04
CA ARG ZD 56 -24.02 -59.23 100.13
C ARG ZD 56 -24.17 -60.71 99.83
N GLN ZD 57 -24.84 -61.41 100.74
CA GLN ZD 57 -25.24 -62.79 100.47
C GLN ZD 57 -26.43 -62.82 99.52
N SER ZD 58 -26.62 -63.96 98.87
CA SER ZD 58 -27.70 -64.12 97.92
C SER ZD 58 -28.17 -65.57 97.95
N LEU ZD 59 -29.39 -65.80 97.52
CA LEU ZD 59 -29.95 -67.13 97.46
C LEU ZD 59 -30.91 -67.23 96.27
N SER ZD 60 -31.19 -68.47 95.88
CA SER ZD 60 -32.16 -68.73 94.83
C SER ZD 60 -32.59 -70.18 94.94
N TYR ZD 61 -33.84 -70.42 95.29
CA TYR ZD 61 -34.38 -71.76 95.41
C TYR ZD 61 -35.39 -71.98 94.30
N LYS ZD 62 -35.13 -72.97 93.45
CA LYS ZD 62 -35.97 -73.23 92.28
C LYS ZD 62 -36.54 -74.64 92.40
N GLN ZD 63 -37.85 -74.72 92.64
CA GLN ZD 63 -38.54 -76.00 92.69
C GLN ZD 63 -39.38 -76.15 91.44
N PRO ZD 64 -39.09 -77.11 90.57
CA PRO ZD 64 -39.82 -77.23 89.31
C PRO ZD 64 -41.13 -77.99 89.45
N ILE ZD 65 -42.08 -77.60 88.62
CA ILE ZD 65 -43.46 -78.10 88.69
C ILE ZD 65 -43.61 -79.22 87.68
N THR ZD 66 -43.86 -80.42 88.17
CA THR ZD 66 -43.94 -81.60 87.32
C THR ZD 66 -45.33 -82.21 87.36
N ALA ZD 67 -45.72 -82.85 86.26
CA ALA ZD 67 -47.01 -83.50 86.14
C ALA ZD 67 -46.92 -84.56 85.07
N VAL ZD 68 -47.89 -85.49 85.07
CA VAL ZD 68 -47.88 -86.58 84.11
C VAL ZD 68 -48.33 -86.09 82.74
N ASP ZD 69 -47.94 -86.85 81.71
CA ASP ZD 69 -48.25 -86.56 80.31
C ASP ZD 69 -48.90 -87.78 79.67
N SER ZD 70 -49.99 -88.24 80.30
CA SER ZD 70 -50.65 -89.52 80.03
C SER ZD 70 -50.71 -89.93 78.56
N THR ZD 71 -50.82 -88.97 77.65
CA THR ZD 71 -50.71 -89.30 76.23
C THR ZD 71 -49.41 -90.03 75.91
N THR ZD 72 -48.34 -89.73 76.65
CA THR ZD 72 -47.09 -90.46 76.57
C THR ZD 72 -46.64 -91.05 77.90
N SER ZD 73 -47.23 -90.61 79.02
CA SER ZD 73 -46.93 -91.10 80.36
C SER ZD 73 -45.51 -90.77 80.79
N GLU ZD 74 -44.93 -89.69 80.26
CA GLU ZD 74 -43.61 -89.22 80.64
C GLU ZD 74 -43.76 -87.96 81.49
N THR ZD 75 -43.10 -87.95 82.65
CA THR ZD 75 -43.29 -86.91 83.65
C THR ZD 75 -42.57 -85.63 83.23
N LEU ZD 76 -43.18 -84.92 82.28
CA LEU ZD 76 -42.64 -83.67 81.80
C LEU ZD 76 -42.74 -82.59 82.88
N VAL ZD 77 -41.85 -81.61 82.81
CA VAL ZD 77 -41.83 -80.48 83.73
C VAL ZD 77 -42.36 -79.24 83.00
N ARG ZD 78 -43.32 -78.56 83.62
CA ARG ZD 78 -43.93 -77.37 83.02
C ARG ZD 78 -43.20 -76.09 83.39
N GLY ZD 79 -43.01 -75.83 84.68
CA GLY ZD 79 -42.33 -74.63 85.12
C GLY ZD 79 -41.70 -74.77 86.48
N GLN ZD 80 -41.16 -73.68 87.02
CA GLN ZD 80 -40.47 -73.70 88.30
C GLN ZD 80 -40.89 -72.53 89.16
N CYS ZD 81 -40.83 -72.72 90.47
CA CYS ZD 81 -41.11 -71.66 91.44
C CYS ZD 81 -39.78 -71.13 91.96
N VAL ZD 82 -39.56 -69.83 91.83
CA VAL ZD 82 -38.29 -69.20 92.12
C VAL ZD 82 -38.44 -68.31 93.33
N VAL ZD 83 -37.58 -68.50 94.32
CA VAL ZD 83 -37.56 -67.68 95.52
C VAL ZD 83 -36.13 -67.15 95.70
N ASP ZD 84 -35.98 -65.84 95.71
CA ASP ZD 84 -34.67 -65.20 95.86
C ASP ZD 84 -34.65 -64.45 97.18
N ILE ZD 85 -33.75 -64.84 98.07
CA ILE ZD 85 -33.59 -64.14 99.33
C ILE ZD 85 -32.24 -63.45 99.35
N ASN ZD 86 -32.20 -62.20 98.91
CA ASN ZD 86 -30.97 -61.43 98.96
C ASN ZD 86 -30.81 -60.77 100.32
N ILE ZD 87 -29.58 -60.69 100.79
CA ILE ZD 87 -29.26 -60.09 102.07
C ILE ZD 87 -28.08 -59.16 101.89
N VAL ZD 88 -28.20 -57.95 102.43
CA VAL ZD 88 -27.11 -56.97 102.40
C VAL ZD 88 -26.94 -56.41 103.79
N ILE ZD 89 -25.76 -56.59 104.38
CA ILE ZD 89 -25.44 -56.10 105.71
C ILE ZD 89 -24.17 -55.26 105.61
N PRO ZD 90 -24.20 -53.98 105.99
CA PRO ZD 90 -23.01 -53.15 105.85
C PRO ZD 90 -21.96 -53.47 106.90
N ARG ZD 91 -20.79 -52.88 106.71
CA ARG ZD 91 -19.69 -53.12 107.64
C ARG ZD 91 -19.98 -52.54 109.02
N VAL ZD 92 -20.74 -51.45 109.08
CA VAL ZD 92 -21.00 -50.73 110.33
C VAL ZD 92 -22.00 -51.50 111.19
N ALA ZD 93 -22.44 -52.65 110.71
CA ALA ZD 93 -23.49 -53.40 111.38
C ALA ZD 93 -22.94 -54.13 112.59
N THR ZD 94 -23.60 -53.96 113.73
CA THR ZD 94 -23.27 -54.74 114.91
C THR ZD 94 -23.65 -56.19 114.70
N ALA ZD 95 -22.94 -57.09 115.37
CA ALA ZD 95 -23.23 -58.51 115.28
C ALA ZD 95 -24.63 -58.87 115.75
N THR ZD 96 -25.27 -58.02 116.55
CA THR ZD 96 -26.63 -58.26 116.98
C THR ZD 96 -27.67 -57.61 116.07
N ASP ZD 97 -27.30 -56.52 115.40
CA ASP ZD 97 -28.21 -55.93 114.42
C ASP ZD 97 -28.38 -56.83 113.21
N ARG ZD 98 -27.33 -57.52 112.80
CA ARG ZD 98 -27.43 -58.45 111.67
C ARG ZD 98 -28.34 -59.63 112.03
N ALA ZD 99 -28.19 -60.18 113.23
CA ALA ZD 99 -29.04 -61.30 113.63
C ALA ZD 99 -30.48 -60.86 113.80
N GLU ZD 100 -30.70 -59.61 114.21
CA GLU ZD 100 -32.05 -59.08 114.33
C GLU ZD 100 -32.72 -58.96 112.96
N ALA ZD 101 -31.98 -58.44 111.99
CA ALA ZD 101 -32.56 -58.20 110.67
C ALA ZD 101 -32.88 -59.51 109.95
N ILE ZD 102 -31.97 -60.48 110.03
CA ILE ZD 102 -32.15 -61.72 109.27
C ILE ZD 102 -33.35 -62.49 109.79
N LYS ZD 103 -33.45 -62.66 111.11
CA LYS ZD 103 -34.53 -63.48 111.66
C LYS ZD 103 -35.89 -62.79 111.52
N ARG ZD 104 -35.91 -61.45 111.57
CA ARG ZD 104 -37.17 -60.75 111.43
C ARG ZD 104 -37.71 -60.86 110.01
N ALA ZD 105 -36.87 -60.60 109.01
CA ALA ZD 105 -37.32 -60.67 107.64
C ALA ZD 105 -37.74 -62.07 107.23
N PHE ZD 106 -37.15 -63.10 107.84
CA PHE ZD 106 -37.59 -64.46 107.59
C PHE ZD 106 -38.86 -64.80 108.35
N ASP ZD 107 -39.28 -63.94 109.27
CA ASP ZD 107 -40.54 -64.13 109.99
C ASP ZD 107 -41.72 -63.54 109.26
N VAL ZD 108 -41.52 -63.04 108.04
CA VAL ZD 108 -42.63 -62.47 107.28
C VAL ZD 108 -43.69 -63.53 107.02
N LEU ZD 109 -43.26 -64.73 106.61
CA LEU ZD 109 -44.21 -65.78 106.23
C LEU ZD 109 -45.14 -66.14 107.38
N ASN ZD 110 -44.65 -66.04 108.62
CA ASN ZD 110 -45.53 -66.28 109.76
C ASN ZD 110 -46.53 -65.15 109.94
N ALA ZD 111 -46.12 -63.92 109.61
CA ALA ZD 111 -46.98 -62.76 109.82
C ALA ZD 111 -47.77 -62.43 108.56
N LEU ZD 112 -47.09 -62.14 107.46
CA LEU ZD 112 -47.75 -61.79 106.20
C LEU ZD 112 -47.98 -63.08 105.40
N ASN ZD 113 -48.78 -63.96 105.99
CA ASN ZD 113 -48.87 -65.33 105.50
C ASN ZD 113 -49.74 -65.44 104.25
N ALA ZD 114 -51.01 -65.08 104.37
CA ALA ZD 114 -52.00 -65.41 103.36
C ALA ZD 114 -51.68 -64.83 101.98
N GLU ZD 115 -50.95 -63.73 101.91
CA GLU ZD 115 -50.63 -63.13 100.62
C GLU ZD 115 -49.44 -63.79 99.94
N LEU ZD 116 -48.67 -64.61 100.66
CA LEU ZD 116 -47.56 -65.34 100.08
C LEU ZD 116 -47.94 -66.77 99.72
N ILE ZD 117 -48.48 -67.52 100.68
CA ILE ZD 117 -48.83 -68.91 100.46
C ILE ZD 117 -49.90 -69.04 99.37
N THR ZD 118 -50.96 -68.24 99.49
CA THR ZD 118 -52.12 -68.40 98.63
C THR ZD 118 -52.00 -67.60 97.33
N GLY ZD 119 -51.26 -66.50 97.34
CA GLY ZD 119 -51.09 -65.70 96.16
C GLY ZD 119 -52.11 -64.60 95.95
N GLU ZD 120 -53.07 -64.44 96.86
CA GLU ZD 120 -54.07 -63.40 96.72
C GLU ZD 120 -53.44 -62.03 96.85
N GLY ZD 121 -54.05 -61.05 96.17
CA GLY ZD 121 -53.59 -59.69 96.20
C GLY ZD 121 -54.39 -58.90 97.21
N GLN ZD 122 -53.70 -58.36 98.21
CA GLN ZD 122 -54.37 -57.63 99.26
C GLN ZD 122 -54.97 -56.33 98.73
N TRP ZD 123 -56.12 -55.97 99.30
CA TRP ZD 123 -56.85 -54.80 98.83
C TRP ZD 123 -56.82 -53.67 99.86
N ALA AE 1 -22.35 -90.00 101.13
CA ALA AE 1 -21.55 -89.64 99.96
C ALA AE 1 -20.48 -88.61 100.31
N ALA AE 2 -20.01 -88.67 101.55
CA ALA AE 2 -18.89 -87.84 101.98
C ALA AE 2 -17.58 -88.46 101.50
N ARG AE 3 -16.52 -87.65 101.55
CA ARG AE 3 -15.22 -88.09 101.06
C ARG AE 3 -14.54 -88.97 102.11
N SER AE 4 -14.21 -90.20 101.72
CA SER AE 4 -13.51 -91.14 102.60
C SER AE 4 -12.69 -92.07 101.73
N SER AE 5 -11.94 -92.95 102.39
CA SER AE 5 -11.09 -93.89 101.67
C SER AE 5 -11.95 -94.91 100.94
N ILE AE 6 -11.52 -95.28 99.73
CA ILE AE 6 -12.20 -96.30 98.93
C ILE AE 6 -11.23 -97.44 98.67
N VAL AE 7 -11.78 -98.62 98.43
CA VAL AE 7 -11.04 -99.87 98.52
C VAL AE 7 -11.09 -100.59 97.17
N LEU AE 8 -10.97 -99.83 96.09
CA LEU AE 8 -10.86 -100.40 94.74
C LEU AE 8 -10.06 -101.69 94.74
N THR AE 9 -10.63 -102.73 94.14
CA THR AE 9 -9.98 -104.04 94.13
C THR AE 9 -10.37 -104.78 92.87
N ASP AE 10 -9.50 -105.72 92.48
CA ASP AE 10 -9.73 -106.58 91.32
C ASP AE 10 -10.11 -108.00 91.71
N GLY AE 11 -10.12 -108.31 93.01
CA GLY AE 11 -10.40 -109.65 93.46
C GLY AE 11 -9.23 -110.26 94.20
N THR AE 12 -8.02 -109.98 93.72
CA THR AE 12 -6.81 -110.55 94.31
C THR AE 12 -6.17 -109.59 95.31
N THR AE 13 -5.79 -108.39 94.86
CA THR AE 13 -5.07 -107.44 95.68
C THR AE 13 -5.88 -106.14 95.79
N PRO AE 14 -6.46 -105.84 96.94
CA PRO AE 14 -7.16 -104.56 97.10
C PRO AE 14 -6.17 -103.41 97.29
N VAL AE 15 -6.52 -102.26 96.73
CA VAL AE 15 -5.75 -101.04 96.91
C VAL AE 15 -6.67 -100.00 97.53
N THR AE 16 -6.21 -99.35 98.60
CA THR AE 16 -7.00 -98.38 99.34
C THR AE 16 -6.56 -96.98 98.94
N LEU AE 17 -7.47 -96.22 98.33
CA LEU AE 17 -7.20 -94.86 97.93
C LEU AE 17 -7.82 -93.91 98.94
N THR AE 18 -7.03 -92.93 99.40
CA THR AE 18 -7.51 -91.92 100.33
C THR AE 18 -7.52 -90.56 99.64
N PRO AE 19 -8.47 -89.69 99.97
CA PRO AE 19 -8.55 -88.40 99.28
C PRO AE 19 -7.29 -87.58 99.49
N VAL AE 20 -6.89 -86.85 98.45
CA VAL AE 20 -5.74 -85.95 98.55
C VAL AE 20 -6.11 -84.59 97.99
N GLY AE 21 -7.39 -84.25 98.01
CA GLY AE 21 -7.79 -82.90 97.65
C GLY AE 21 -8.95 -82.79 96.70
N GLY AE 22 -8.98 -81.72 95.92
CA GLY AE 22 -9.96 -81.55 94.88
C GLY AE 22 -10.88 -80.35 95.04
N GLY AE 23 -11.39 -80.13 96.24
CA GLY AE 23 -12.34 -79.06 96.42
C GLY AE 23 -13.73 -79.40 95.93
N VAL AE 24 -14.50 -78.41 95.49
CA VAL AE 24 -15.87 -78.62 95.05
C VAL AE 24 -15.85 -78.92 93.55
N GLY AE 25 -16.70 -79.86 93.13
CA GLY AE 25 -16.75 -80.25 91.75
C GLY AE 25 -15.80 -81.35 91.35
N GLN AE 26 -14.95 -81.82 92.25
CA GLN AE 26 -14.04 -82.91 91.93
C GLN AE 26 -13.49 -83.48 93.23
N THR AE 27 -12.75 -84.58 93.09
CA THR AE 27 -12.12 -85.23 94.24
C THR AE 27 -10.95 -86.05 93.73
N LEU AE 28 -9.78 -85.84 94.32
CA LEU AE 28 -8.60 -86.62 93.96
C LEU AE 28 -8.36 -87.71 95.00
N TYR AE 29 -7.91 -88.86 94.53
CA TYR AE 29 -7.57 -89.97 95.40
C TYR AE 29 -6.14 -90.42 95.09
N ARG AE 30 -5.54 -91.13 96.03
CA ARG AE 30 -4.22 -91.71 95.82
C ARG AE 30 -3.90 -92.70 96.92
N ALA AE 31 -3.38 -93.87 96.56
CA ALA AE 31 -2.99 -94.86 97.55
C ALA AE 31 -1.69 -94.44 98.21
N THR AE 32 -1.24 -95.23 99.19
CA THR AE 32 0.02 -94.91 99.85
C THR AE 32 1.21 -95.41 99.04
N ALA AE 33 1.37 -96.74 98.98
CA ALA AE 33 2.50 -97.40 98.31
C ALA AE 33 3.79 -96.60 98.49
N GLU AE 34 4.03 -96.23 99.74
CA GLU AE 34 5.01 -95.19 100.07
C GLU AE 34 6.40 -95.60 99.62
N ALA AE 35 7.22 -94.59 99.31
CA ALA AE 35 8.62 -94.80 98.95
C ALA AE 35 8.72 -95.69 97.71
N LEU AE 36 8.31 -95.14 96.58
CA LEU AE 36 8.12 -93.73 96.25
C LEU AE 36 6.67 -93.30 96.43
N SER AE 37 6.43 -91.99 96.48
CA SER AE 37 5.09 -91.44 96.67
C SER AE 37 4.35 -91.20 95.36
N ALA AE 38 5.06 -91.11 94.24
CA ALA AE 38 4.45 -90.95 92.94
C ALA AE 38 4.21 -92.28 92.23
N ALA AE 39 4.60 -93.38 92.84
CA ALA AE 39 4.40 -94.71 92.28
C ALA AE 39 3.21 -95.41 92.94
N ASN AE 40 2.02 -94.85 92.80
CA ASN AE 40 0.82 -95.45 93.34
C ASN AE 40 -0.38 -94.94 92.56
N PRO AE 41 -1.47 -95.71 92.51
CA PRO AE 41 -2.61 -95.34 91.67
C PRO AE 41 -3.36 -94.14 92.20
N SER AE 42 -4.16 -93.54 91.31
CA SER AE 42 -4.93 -92.35 91.62
C SER AE 42 -6.28 -92.43 90.92
N LEU AE 43 -7.27 -91.70 91.44
CA LEU AE 43 -8.64 -91.76 90.94
C LEU AE 43 -9.28 -90.38 90.82
N SER AE 44 -8.62 -89.48 90.08
CA SER AE 44 -9.22 -88.18 89.81
C SER AE 44 -10.66 -88.32 89.34
N PHE AE 45 -11.60 -87.84 90.15
CA PHE AE 45 -13.03 -88.02 89.90
C PHE AE 45 -13.72 -86.66 89.92
N GLY AE 46 -14.30 -86.26 88.79
CA GLY AE 46 -15.00 -85.01 88.69
C GLY AE 46 -16.49 -85.20 88.43
N TYR AE 47 -17.22 -84.09 88.53
CA TYR AE 47 -18.66 -84.07 88.30
C TYR AE 47 -19.12 -82.62 88.26
N ARG AE 48 -20.16 -82.37 87.47
CA ARG AE 48 -20.69 -81.02 87.33
C ARG AE 48 -22.06 -81.11 86.69
N PHE AE 49 -22.81 -80.01 86.76
CA PHE AE 49 -24.11 -79.87 86.09
C PHE AE 49 -24.05 -78.67 85.17
N THR AE 50 -24.47 -78.85 83.93
CA THR AE 50 -24.44 -77.78 82.94
C THR AE 50 -25.70 -76.93 83.05
N ASP AE 51 -25.96 -76.13 82.01
CA ASP AE 51 -27.13 -75.26 82.00
C ASP AE 51 -28.41 -76.03 82.30
N GLY AE 52 -28.56 -77.21 81.70
CA GLY AE 52 -29.69 -78.06 82.02
C GLY AE 52 -29.43 -78.88 83.26
N GLY AE 53 -29.87 -80.15 83.23
CA GLY AE 53 -29.57 -81.06 84.31
C GLY AE 53 -28.57 -82.11 83.87
N THR AE 54 -27.82 -81.79 82.82
CA THR AE 54 -26.87 -82.74 82.23
C THR AE 54 -25.75 -82.98 83.22
N ASN AE 55 -25.82 -84.10 83.93
CA ASN AE 55 -24.82 -84.47 84.93
C ASN AE 55 -23.63 -85.07 84.21
N ARG AE 56 -22.56 -84.29 84.04
CA ARG AE 56 -21.37 -84.74 83.32
C ARG AE 56 -20.32 -85.23 84.31
N GLN AE 57 -20.51 -86.44 84.81
CA GLN AE 57 -19.51 -87.05 85.64
C GLN AE 57 -18.31 -87.47 84.80
N SER AE 58 -17.19 -87.72 85.48
CA SER AE 58 -15.95 -88.05 84.79
C SER AE 58 -14.92 -88.64 85.75
N LEU AE 59 -14.34 -89.78 85.40
CA LEU AE 59 -13.35 -90.44 86.23
C LEU AE 59 -12.08 -90.64 85.42
N SER AE 60 -10.99 -90.93 86.13
CA SER AE 60 -9.72 -91.20 85.47
C SER AE 60 -8.84 -91.95 86.47
N TYR AE 61 -8.59 -93.22 86.21
CA TYR AE 61 -7.81 -94.07 87.11
C TYR AE 61 -6.47 -94.35 86.45
N LYS AE 62 -5.41 -93.81 87.03
CA LYS AE 62 -4.04 -94.01 86.55
C LYS AE 62 -3.30 -94.91 87.52
N GLN AE 63 -2.70 -95.98 87.00
CA GLN AE 63 -1.88 -96.87 87.80
C GLN AE 63 -0.48 -96.93 87.23
N PRO AE 64 0.53 -96.43 87.93
CA PRO AE 64 1.88 -96.44 87.38
C PRO AE 64 2.52 -97.81 87.50
N ILE AE 65 3.44 -98.08 86.56
CA ILE AE 65 4.13 -99.36 86.48
C ILE AE 65 5.49 -99.20 87.15
N THR AE 66 5.70 -99.91 88.24
CA THR AE 66 6.90 -99.77 89.04
C THR AE 66 7.91 -100.86 88.70
N ALA AE 67 9.14 -100.65 89.14
CA ALA AE 67 10.21 -101.62 88.93
C ALA AE 67 11.29 -101.35 89.98
N VAL AE 68 11.39 -102.24 90.97
CA VAL AE 68 12.33 -102.04 92.07
C VAL AE 68 13.73 -102.37 91.56
N ASP AE 69 14.57 -101.35 91.46
CA ASP AE 69 15.93 -101.48 90.93
C ASP AE 69 16.82 -102.04 92.03
N SER AE 70 17.10 -103.35 91.98
CA SER AE 70 17.85 -103.99 93.04
C SER AE 70 19.27 -103.46 93.17
N THR AE 71 19.84 -102.94 92.09
CA THR AE 71 21.20 -102.39 92.15
C THR AE 71 21.26 -101.20 93.10
N THR AE 72 20.35 -100.25 92.93
CA THR AE 72 20.34 -99.02 93.72
C THR AE 72 19.31 -99.05 94.84
N SER AE 73 18.33 -99.95 94.77
CA SER AE 73 17.25 -100.09 95.75
C SER AE 73 16.38 -98.83 95.76
N GLU AE 74 15.91 -98.46 94.58
CA GLU AE 74 14.95 -97.38 94.42
C GLU AE 74 13.86 -97.82 93.47
N THR AE 75 12.66 -97.31 93.67
CA THR AE 75 11.54 -97.65 92.81
C THR AE 75 11.50 -96.70 91.61
N LEU AE 76 11.46 -97.25 90.42
CA LEU AE 76 11.43 -96.49 89.18
C LEU AE 76 10.07 -96.62 88.54
N VAL AE 77 9.60 -95.54 87.93
CA VAL AE 77 8.29 -95.50 87.29
C VAL AE 77 8.50 -95.55 85.79
N ARG AE 78 8.01 -96.61 85.15
CA ARG AE 78 8.21 -96.82 83.72
C ARG AE 78 7.07 -96.27 82.89
N GLY AE 79 5.85 -96.28 83.41
CA GLY AE 79 4.70 -95.77 82.68
C GLY AE 79 3.46 -95.97 83.51
N GLN AE 80 2.32 -95.58 82.95
CA GLN AE 80 1.06 -95.69 83.68
C GLN AE 80 -0.06 -96.13 82.75
N CYS AE 81 -0.91 -97.01 83.28
CA CYS AE 81 -2.13 -97.40 82.58
C CYS AE 81 -3.25 -96.45 82.97
N VAL AE 82 -3.91 -95.87 81.97
CA VAL AE 82 -4.92 -94.84 82.18
C VAL AE 82 -6.26 -95.37 81.71
N VAL AE 83 -7.28 -95.22 82.56
CA VAL AE 83 -8.64 -95.65 82.23
C VAL AE 83 -9.58 -94.49 82.51
N ASP AE 84 -10.06 -93.84 81.46
CA ASP AE 84 -11.01 -92.75 81.58
C ASP AE 84 -12.43 -93.25 81.40
N ILE AE 85 -13.33 -92.81 82.26
CA ILE AE 85 -14.73 -93.24 82.23
C ILE AE 85 -15.58 -91.98 82.29
N ASN AE 86 -15.93 -91.43 81.13
CA ASN AE 86 -16.82 -90.29 81.10
C ASN AE 86 -18.28 -90.73 81.09
N ILE AE 87 -19.10 -90.03 81.83
CA ILE AE 87 -20.52 -90.34 81.95
C ILE AE 87 -21.30 -89.06 81.69
N VAL AE 88 -22.25 -89.12 80.75
CA VAL AE 88 -23.14 -88.01 80.47
C VAL AE 88 -24.56 -88.50 80.66
N ILE AE 89 -25.35 -87.77 81.44
CA ILE AE 89 -26.73 -88.13 81.71
C ILE AE 89 -27.60 -86.92 81.40
N PRO AE 90 -28.45 -86.97 80.38
CA PRO AE 90 -29.19 -85.76 79.98
C PRO AE 90 -30.21 -85.32 81.00
N ARG AE 91 -30.79 -84.15 80.75
CA ARG AE 91 -31.77 -83.56 81.65
C ARG AE 91 -33.04 -84.40 81.78
N VAL AE 92 -33.36 -85.20 80.76
CA VAL AE 92 -34.63 -85.88 80.67
C VAL AE 92 -34.55 -87.32 81.16
N ALA AE 93 -33.47 -87.69 81.82
CA ALA AE 93 -33.21 -89.08 82.16
C ALA AE 93 -33.86 -89.42 83.50
N THR AE 94 -34.65 -90.49 83.52
CA THR AE 94 -35.28 -90.96 84.74
C THR AE 94 -34.22 -91.52 85.68
N ALA AE 95 -34.58 -91.61 86.96
CA ALA AE 95 -33.67 -92.11 87.97
C ALA AE 95 -33.38 -93.60 87.84
N THR AE 96 -34.19 -94.34 87.09
CA THR AE 96 -33.94 -95.76 86.85
C THR AE 96 -33.24 -96.03 85.53
N ASP AE 97 -33.27 -95.07 84.59
CA ASP AE 97 -32.47 -95.20 83.39
C ASP AE 97 -31.00 -94.95 83.67
N ARG AE 98 -30.70 -94.14 84.68
CA ARG AE 98 -29.31 -93.94 85.09
C ARG AE 98 -28.70 -95.24 85.58
N ALA AE 99 -29.40 -95.94 86.47
CA ALA AE 99 -28.88 -97.21 86.97
C ALA AE 99 -28.75 -98.23 85.85
N GLU AE 100 -29.73 -98.28 84.95
CA GLU AE 100 -29.64 -99.20 83.81
C GLU AE 100 -28.46 -98.87 82.92
N ALA AE 101 -28.28 -97.58 82.62
CA ALA AE 101 -27.20 -97.19 81.70
C ALA AE 101 -25.84 -97.43 82.32
N ILE AE 102 -25.64 -97.00 83.56
CA ILE AE 102 -24.32 -97.08 84.18
C ILE AE 102 -23.93 -98.53 84.43
N LYS AE 103 -24.83 -99.31 85.03
CA LYS AE 103 -24.48 -100.67 85.37
C LYS AE 103 -24.31 -101.54 84.14
N ARG AE 104 -24.96 -101.19 83.02
CA ARG AE 104 -24.76 -101.95 81.79
C ARG AE 104 -23.42 -101.63 81.15
N ALA AE 105 -23.04 -100.34 81.13
CA ALA AE 105 -21.75 -99.97 80.56
C ALA AE 105 -20.60 -100.57 81.35
N PHE AE 106 -20.69 -100.56 82.67
CA PHE AE 106 -19.67 -101.19 83.50
C PHE AE 106 -19.74 -102.71 83.46
N ASP AE 107 -20.77 -103.28 82.84
CA ASP AE 107 -20.84 -104.72 82.64
C ASP AE 107 -20.14 -105.17 81.37
N VAL AE 108 -19.52 -104.24 80.63
CA VAL AE 108 -18.79 -104.61 79.42
C VAL AE 108 -17.65 -105.56 79.77
N LEU AE 109 -16.94 -105.29 80.86
CA LEU AE 109 -15.81 -106.13 81.25
C LEU AE 109 -16.22 -107.59 81.41
N ASN AE 110 -17.47 -107.86 81.78
CA ASN AE 110 -17.94 -109.24 81.84
C ASN AE 110 -18.40 -109.75 80.48
N ALA AE 111 -18.71 -108.86 79.54
CA ALA AE 111 -19.12 -109.29 78.21
C ALA AE 111 -17.92 -109.27 77.25
N LEU AE 112 -17.29 -108.11 77.10
CA LEU AE 112 -16.13 -107.94 76.21
C LEU AE 112 -14.85 -108.19 76.99
N ASN AE 113 -14.79 -109.37 77.62
CA ASN AE 113 -13.75 -109.63 78.62
C ASN AE 113 -12.39 -109.85 77.97
N ALA AE 114 -12.30 -110.83 77.07
CA ALA AE 114 -10.99 -111.18 76.51
C ALA AE 114 -10.39 -110.05 75.70
N GLU AE 115 -11.20 -109.13 75.18
CA GLU AE 115 -10.67 -108.02 74.42
C GLU AE 115 -10.11 -106.91 75.31
N LEU AE 116 -10.30 -107.00 76.63
CA LEU AE 116 -9.81 -105.98 77.55
C LEU AE 116 -8.78 -106.52 78.53
N ILE AE 117 -9.06 -107.68 79.14
CA ILE AE 117 -8.13 -108.22 80.13
C ILE AE 117 -6.83 -108.66 79.48
N THR AE 118 -6.90 -109.32 78.33
CA THR AE 118 -5.71 -109.83 77.66
C THR AE 118 -5.23 -108.92 76.54
N GLY AE 119 -6.08 -108.05 76.02
CA GLY AE 119 -5.68 -107.10 75.00
C GLY AE 119 -5.86 -107.57 73.57
N GLU AE 120 -6.55 -108.67 73.35
CA GLU AE 120 -6.77 -109.18 72.00
C GLU AE 120 -7.61 -108.22 71.18
N GLY AE 121 -7.77 -108.55 69.92
CA GLY AE 121 -8.77 -107.91 69.08
C GLY AE 121 -9.64 -108.98 68.47
N GLN AE 122 -10.93 -108.71 68.40
CA GLN AE 122 -11.87 -109.69 67.89
C GLN AE 122 -11.71 -109.84 66.39
N TRP AE 123 -11.72 -111.08 65.91
CA TRP AE 123 -11.47 -111.37 64.50
C TRP AE 123 -12.74 -111.74 63.75
N ALA BE 1 -12.39 -113.38 71.30
CA ALA BE 1 -12.97 -114.27 70.31
C ALA BE 1 -13.58 -113.48 69.17
N ALA BE 2 -14.26 -114.18 68.26
CA ALA BE 2 -14.83 -113.52 67.09
C ALA BE 2 -16.01 -112.64 67.49
N ARG BE 3 -16.35 -111.71 66.60
CA ARG BE 3 -17.48 -110.84 66.83
C ARG BE 3 -18.75 -111.66 67.03
N SER BE 4 -19.32 -111.61 68.23
CA SER BE 4 -20.51 -112.40 68.53
C SER BE 4 -21.57 -111.53 69.18
N SER BE 5 -22.60 -112.15 69.75
CA SER BE 5 -23.66 -111.43 70.43
C SER BE 5 -23.33 -111.32 71.92
N ILE BE 6 -23.30 -110.09 72.43
CA ILE BE 6 -22.99 -109.84 73.82
C ILE BE 6 -24.29 -109.60 74.58
N VAL BE 7 -24.23 -109.82 75.90
CA VAL BE 7 -25.43 -109.95 76.72
C VAL BE 7 -25.34 -108.87 77.81
N LEU BE 8 -24.85 -107.70 77.43
CA LEU BE 8 -24.78 -106.55 78.34
C LEU BE 8 -26.01 -106.43 79.21
N THR BE 9 -25.83 -106.50 80.52
CA THR BE 9 -26.91 -106.56 81.48
C THR BE 9 -26.62 -105.66 82.66
N ASP BE 10 -27.55 -105.64 83.63
CA ASP BE 10 -27.32 -104.92 84.87
C ASP BE 10 -27.80 -105.70 86.08
N GLY BE 11 -28.04 -107.01 85.96
CA GLY BE 11 -28.51 -107.85 87.03
C GLY BE 11 -29.99 -108.13 86.99
N THR BE 12 -30.78 -107.25 86.37
CA THR BE 12 -32.23 -107.43 86.26
C THR BE 12 -32.70 -107.53 84.82
N THR BE 13 -32.32 -106.56 83.97
CA THR BE 13 -32.85 -106.47 82.61
C THR BE 13 -31.73 -106.60 81.60
N PRO BE 14 -31.45 -107.79 81.09
CA PRO BE 14 -30.40 -107.95 80.09
C PRO BE 14 -30.79 -107.39 78.74
N VAL BE 15 -29.78 -107.04 77.96
CA VAL BE 15 -29.96 -106.58 76.58
C VAL BE 15 -28.92 -107.28 75.71
N THR BE 16 -29.35 -107.89 74.62
CA THR BE 16 -28.46 -108.61 73.72
C THR BE 16 -28.12 -107.72 72.53
N LEU BE 17 -26.83 -107.61 72.24
CA LEU BE 17 -26.34 -106.75 71.16
C LEU BE 17 -25.59 -107.59 70.14
N THR BE 18 -25.89 -107.38 68.85
CA THR BE 18 -25.23 -108.10 67.78
C THR BE 18 -24.51 -107.12 66.85
N PRO BE 19 -23.32 -107.48 66.35
CA PRO BE 19 -22.53 -106.52 65.59
C PRO BE 19 -23.26 -106.02 64.35
N VAL BE 20 -23.08 -104.74 64.06
CA VAL BE 20 -23.92 -104.06 63.07
C VAL BE 20 -23.00 -103.37 62.06
N GLY BE 21 -21.71 -103.56 62.20
CA GLY BE 21 -20.79 -102.98 61.25
C GLY BE 21 -19.40 -102.86 61.84
N GLY BE 22 -18.69 -101.82 61.39
CA GLY BE 22 -17.36 -101.57 61.88
C GLY BE 22 -16.28 -101.74 60.84
N GLY BE 23 -15.22 -102.47 61.18
CA GLY BE 23 -14.10 -102.67 60.30
C GLY BE 23 -12.96 -103.40 60.98
N VAL BE 24 -11.74 -102.90 60.81
CA VAL BE 24 -10.58 -103.41 61.52
C VAL BE 24 -10.30 -102.50 62.70
N GLY BE 25 -10.20 -103.08 63.89
CA GLY BE 25 -10.10 -102.28 65.09
C GLY BE 25 -11.31 -101.38 65.27
N GLN BE 26 -12.49 -101.93 65.04
CA GLN BE 26 -13.75 -101.20 65.19
C GLN BE 26 -14.89 -102.20 65.14
N THR BE 27 -15.88 -102.02 66.01
CA THR BE 27 -16.96 -103.00 66.10
C THR BE 27 -18.19 -102.30 66.68
N LEU BE 28 -19.20 -102.10 65.85
CA LEU BE 28 -20.46 -101.56 66.34
C LEU BE 28 -21.29 -102.65 67.00
N TYR BE 29 -22.35 -102.24 67.67
CA TYR BE 29 -23.30 -103.15 68.28
C TYR BE 29 -24.66 -102.47 68.30
N ARG BE 30 -25.70 -103.28 68.48
CA ARG BE 30 -27.06 -102.76 68.67
C ARG BE 30 -27.94 -103.93 69.07
N ALA BE 31 -29.10 -103.60 69.65
CA ALA BE 31 -30.05 -104.59 70.12
C ALA BE 31 -31.12 -104.84 69.06
N THR BE 32 -32.17 -105.58 69.45
CA THR BE 32 -33.13 -106.11 68.48
C THR BE 32 -34.37 -105.23 68.30
N ALA BE 33 -34.70 -104.36 69.24
CA ALA BE 33 -35.88 -103.51 69.11
C ALA BE 33 -35.68 -102.48 68.01
N GLU BE 34 -36.78 -101.94 67.47
CA GLU BE 34 -36.73 -101.09 66.30
C GLU BE 34 -37.41 -99.75 66.58
N ALA BE 35 -36.76 -98.67 66.19
CA ALA BE 35 -37.31 -97.33 66.37
C ALA BE 35 -36.81 -96.44 65.25
N LEU BE 36 -37.26 -95.19 65.24
CA LEU BE 36 -37.04 -94.28 64.11
C LEU BE 36 -35.77 -93.45 64.26
N SER BE 37 -35.64 -92.68 65.34
CA SER BE 37 -34.49 -91.81 65.52
C SER BE 37 -33.34 -92.52 66.23
N ALA BE 38 -33.58 -92.98 67.46
CA ALA BE 38 -32.59 -93.72 68.22
C ALA BE 38 -33.17 -95.10 68.50
N ALA BE 39 -32.52 -96.14 67.96
CA ALA BE 39 -33.11 -97.46 68.04
C ALA BE 39 -32.85 -98.11 69.39
N ASN BE 40 -31.58 -98.35 69.71
CA ASN BE 40 -31.24 -99.22 70.83
C ASN BE 40 -29.91 -98.83 71.44
N PRO BE 41 -29.47 -99.49 72.52
CA PRO BE 41 -28.09 -99.32 72.97
C PRO BE 41 -27.10 -99.69 71.88
N SER BE 42 -26.04 -98.90 71.75
CA SER BE 42 -25.07 -99.04 70.66
C SER BE 42 -23.67 -98.93 71.24
N LEU BE 43 -23.03 -100.07 71.48
CA LEU BE 43 -21.72 -100.12 72.12
C LEU BE 43 -20.65 -100.21 71.04
N SER BE 44 -19.98 -99.09 70.76
CA SER BE 44 -18.87 -99.10 69.81
C SER BE 44 -17.58 -99.48 70.53
N PHE BE 45 -16.68 -100.14 69.81
CA PHE BE 45 -15.44 -100.66 70.38
C PHE BE 45 -14.31 -100.38 69.38
N GLY BE 46 -13.41 -99.47 69.74
CA GLY BE 46 -12.46 -98.93 68.78
C GLY BE 46 -10.99 -99.16 69.03
N TYR BE 47 -10.62 -100.37 69.45
CA TYR BE 47 -9.24 -100.67 69.80
C TYR BE 47 -8.29 -100.44 68.62
N ARG BE 48 -7.04 -100.14 68.95
CA ARG BE 48 -5.98 -99.91 67.97
C ARG BE 48 -4.64 -100.00 68.69
N PHE BE 49 -3.56 -99.79 67.93
CA PHE BE 49 -2.20 -99.74 68.47
C PHE BE 49 -1.56 -98.43 68.03
N THR BE 50 -0.31 -98.23 68.44
CA THR BE 50 0.36 -96.95 68.24
C THR BE 50 1.84 -97.25 67.99
N ASP BE 51 2.69 -96.23 68.12
CA ASP BE 51 4.12 -96.37 67.86
C ASP BE 51 4.73 -97.49 68.70
N GLY BE 52 4.44 -97.50 69.98
CA GLY BE 52 4.83 -98.59 70.85
C GLY BE 52 3.75 -99.64 70.93
N GLY BE 53 3.77 -100.40 72.02
CA GLY BE 53 2.70 -101.34 72.28
C GLY BE 53 1.54 -100.66 72.95
N THR BE 54 1.34 -99.38 72.67
CA THR BE 54 0.35 -98.57 73.36
C THR BE 54 -1.04 -98.96 72.91
N ASN BE 55 -1.60 -99.97 73.55
CA ASN BE 55 -2.92 -100.49 73.18
C ASN BE 55 -3.96 -99.46 73.58
N ARG BE 56 -4.39 -98.65 72.61
CA ARG BE 56 -5.27 -97.53 72.88
C ARG BE 56 -6.72 -97.89 72.58
N GLN BE 57 -7.27 -98.75 73.44
CA GLN BE 57 -8.65 -99.17 73.30
C GLN BE 57 -9.60 -98.01 73.63
N SER BE 58 -10.84 -98.15 73.21
CA SER BE 58 -11.84 -97.09 73.38
C SER BE 58 -13.23 -97.68 73.24
N LEU BE 59 -14.16 -97.18 74.05
CA LEU BE 59 -15.52 -97.68 74.06
C LEU BE 59 -16.49 -96.51 74.11
N SER BE 60 -17.76 -96.82 73.86
CA SER BE 60 -18.84 -95.84 74.01
C SER BE 60 -20.18 -96.56 74.03
N TYR BE 61 -20.90 -96.47 75.14
CA TYR BE 61 -22.17 -97.16 75.31
C TYR BE 61 -23.27 -96.12 75.44
N LYS BE 62 -24.03 -95.92 74.37
CA LYS BE 62 -25.15 -94.98 74.36
C LYS BE 62 -26.45 -95.75 74.55
N GLN BE 63 -27.24 -95.35 75.54
CA GLN BE 63 -28.56 -95.94 75.75
C GLN BE 63 -29.62 -94.85 75.60
N PRO BE 64 -30.46 -94.91 74.58
CA PRO BE 64 -31.43 -93.82 74.37
C PRO BE 64 -32.56 -93.86 75.39
N ILE BE 65 -32.97 -92.68 75.84
CA ILE BE 65 -34.08 -92.54 76.78
C ILE BE 65 -35.35 -92.47 75.96
N THR BE 66 -36.20 -93.48 76.09
CA THR BE 66 -37.38 -93.60 75.25
C THR BE 66 -38.61 -93.86 76.08
N ALA BE 67 -39.74 -93.30 75.66
CA ALA BE 67 -41.05 -93.57 76.23
C ALA BE 67 -42.01 -93.85 75.09
N VAL BE 68 -42.81 -94.90 75.23
CA VAL BE 68 -43.66 -95.37 74.12
C VAL BE 68 -44.89 -94.46 74.02
N ASP BE 69 -45.09 -93.87 72.84
CA ASP BE 69 -46.26 -93.04 72.60
C ASP BE 69 -47.51 -93.91 72.53
N SER BE 70 -48.66 -93.27 72.72
CA SER BE 70 -49.94 -93.96 72.59
C SER BE 70 -50.45 -93.86 71.17
N THR BE 71 -51.04 -94.94 70.69
CA THR BE 71 -51.65 -95.11 69.37
C THR BE 71 -50.64 -95.10 68.24
N THR BE 72 -49.35 -94.89 68.51
CA THR BE 72 -48.33 -94.89 67.48
C THR BE 72 -47.19 -95.81 67.90
N SER BE 73 -46.68 -96.60 66.96
CA SER BE 73 -45.61 -97.56 67.22
C SER BE 73 -44.24 -96.98 66.87
N GLU BE 74 -43.90 -95.84 67.47
CA GLU BE 74 -42.64 -95.18 67.21
C GLU BE 74 -41.80 -94.93 68.46
N THR BE 75 -42.32 -95.25 69.65
CA THR BE 75 -41.60 -95.23 70.92
C THR BE 75 -40.63 -94.05 71.02
N LEU BE 76 -41.20 -92.84 71.03
CA LEU BE 76 -40.44 -91.60 71.04
C LEU BE 76 -39.26 -91.65 72.00
N VAL BE 77 -38.08 -91.28 71.48
CA VAL BE 77 -36.85 -91.22 72.27
C VAL BE 77 -36.58 -89.78 72.67
N ARG BE 78 -36.04 -89.60 73.87
CA ARG BE 78 -35.85 -88.28 74.44
C ARG BE 78 -34.40 -87.86 74.59
N GLY BE 79 -33.49 -88.79 74.75
CA GLY BE 79 -32.08 -88.47 74.89
C GLY BE 79 -31.23 -89.71 74.78
N GLN BE 80 -30.05 -89.66 75.39
CA GLN BE 80 -29.13 -90.79 75.41
C GLN BE 80 -28.11 -90.67 76.54
N CYS BE 81 -27.92 -91.73 77.30
CA CYS BE 81 -26.97 -91.74 78.42
C CYS BE 81 -25.63 -92.25 77.90
N VAL BE 82 -24.82 -91.33 77.37
CA VAL BE 82 -23.51 -91.69 76.85
C VAL BE 82 -22.58 -92.09 77.99
N VAL BE 83 -21.84 -93.17 77.79
CA VAL BE 83 -20.82 -93.60 78.75
C VAL BE 83 -19.56 -94.03 78.02
N ASP BE 84 -18.56 -93.14 77.95
CA ASP BE 84 -17.32 -93.44 77.26
C ASP BE 84 -16.33 -94.09 78.22
N ILE BE 85 -15.58 -95.06 77.71
CA ILE BE 85 -14.53 -95.72 78.49
C ILE BE 85 -13.29 -95.87 77.63
N ASN BE 86 -12.33 -94.97 77.79
CA ASN BE 86 -11.09 -95.02 77.04
C ASN BE 86 -9.98 -95.64 77.89
N ILE BE 87 -9.15 -96.45 77.25
CA ILE BE 87 -8.09 -97.19 77.91
C ILE BE 87 -6.78 -96.96 77.17
N VAL BE 88 -5.72 -96.67 77.91
CA VAL BE 88 -4.39 -96.49 77.35
C VAL BE 88 -3.43 -97.32 78.18
N ILE BE 89 -2.91 -98.40 77.61
CA ILE BE 89 -2.01 -99.31 78.30
C ILE BE 89 -0.65 -99.23 77.62
N PRO BE 90 0.43 -98.95 78.36
CA PRO BE 90 1.72 -98.71 77.71
C PRO BE 90 2.34 -99.99 77.19
N ARG BE 91 3.47 -99.86 76.50
CA ARG BE 91 4.17 -101.03 75.97
C ARG BE 91 4.75 -101.90 77.08
N VAL BE 92 5.21 -101.30 78.18
CA VAL BE 92 5.97 -102.01 79.21
C VAL BE 92 5.04 -102.69 80.19
N ALA BE 93 3.73 -102.68 79.92
CA ALA BE 93 2.74 -103.14 80.87
C ALA BE 93 2.61 -104.66 80.80
N THR BE 94 3.13 -105.33 81.82
CA THR BE 94 2.96 -106.77 81.94
C THR BE 94 1.47 -107.12 82.00
N ALA BE 95 1.10 -108.22 81.35
CA ALA BE 95 -0.31 -108.59 81.25
C ALA BE 95 -0.96 -108.80 82.62
N THR BE 96 -0.17 -109.11 83.65
CA THR BE 96 -0.71 -109.11 85.00
C THR BE 96 -1.04 -107.71 85.47
N ASP BE 97 -0.20 -106.73 85.15
CA ASP BE 97 -0.49 -105.34 85.51
C ASP BE 97 -1.70 -104.80 84.77
N ARG BE 98 -1.84 -105.16 83.50
CA ARG BE 98 -2.98 -104.68 82.74
C ARG BE 98 -4.29 -105.23 83.29
N ALA BE 99 -4.30 -106.50 83.70
CA ALA BE 99 -5.51 -107.07 84.29
C ALA BE 99 -5.89 -106.34 85.57
N GLU BE 100 -4.89 -106.01 86.39
CA GLU BE 100 -5.16 -105.24 87.61
C GLU BE 100 -5.70 -103.86 87.27
N ALA BE 101 -5.12 -103.19 86.29
CA ALA BE 101 -5.52 -101.83 85.97
C ALA BE 101 -6.95 -101.78 85.46
N ILE BE 102 -7.34 -102.73 84.60
CA ILE BE 102 -8.68 -102.72 84.03
C ILE BE 102 -9.71 -103.11 85.08
N LYS BE 103 -9.44 -104.18 85.84
CA LYS BE 103 -10.43 -104.66 86.78
C LYS BE 103 -10.60 -103.69 87.96
N ARG BE 104 -9.52 -103.01 88.36
CA ARG BE 104 -9.65 -102.02 89.42
C ARG BE 104 -10.43 -100.80 88.96
N ALA BE 105 -10.22 -100.37 87.72
CA ALA BE 105 -10.95 -99.21 87.22
C ALA BE 105 -12.45 -99.50 87.13
N PHE BE 106 -12.81 -100.71 86.73
CA PHE BE 106 -14.22 -101.07 86.63
C PHE BE 106 -14.83 -101.45 87.97
N ASP BE 107 -14.06 -101.43 89.04
CA ASP BE 107 -14.59 -101.61 90.38
C ASP BE 107 -14.98 -100.30 91.04
N VAL BE 108 -14.88 -99.19 90.31
CA VAL BE 108 -15.29 -97.90 90.87
C VAL BE 108 -16.79 -97.94 91.19
N LEU BE 109 -17.58 -98.54 90.30
CA LEU BE 109 -19.02 -98.59 90.50
C LEU BE 109 -19.41 -99.22 91.83
N ASN BE 110 -18.60 -100.14 92.32
CA ASN BE 110 -18.87 -100.76 93.61
C ASN BE 110 -18.24 -100.02 94.78
N ALA BE 111 -17.37 -99.05 94.52
CA ALA BE 111 -16.75 -98.26 95.58
C ALA BE 111 -17.31 -96.84 95.60
N LEU BE 112 -17.36 -96.19 94.44
CA LEU BE 112 -17.94 -94.86 94.30
C LEU BE 112 -19.37 -94.97 93.78
N ASN BE 113 -20.18 -95.72 94.53
CA ASN BE 113 -21.47 -96.17 94.02
C ASN BE 113 -22.50 -95.05 94.00
N ALA BE 114 -22.77 -94.45 95.16
CA ALA BE 114 -23.87 -93.48 95.26
C ALA BE 114 -23.65 -92.29 94.35
N GLU BE 115 -22.40 -91.83 94.23
CA GLU BE 115 -22.10 -90.67 93.39
C GLU BE 115 -22.34 -90.94 91.92
N LEU BE 116 -22.27 -92.20 91.49
CA LEU BE 116 -22.42 -92.53 90.07
C LEU BE 116 -23.86 -92.90 89.72
N ILE BE 117 -24.50 -93.69 90.57
CA ILE BE 117 -25.89 -94.09 90.30
C ILE BE 117 -26.84 -92.93 90.57
N THR BE 118 -26.81 -92.40 91.80
CA THR BE 118 -27.72 -91.32 92.17
C THR BE 118 -27.30 -90.00 91.55
N GLY BE 119 -26.01 -89.69 91.54
CA GLY BE 119 -25.52 -88.47 90.93
C GLY BE 119 -25.42 -87.31 91.89
N GLU BE 120 -24.78 -87.54 93.03
CA GLU BE 120 -24.78 -86.56 94.10
C GLU BE 120 -23.56 -86.77 94.99
N GLY BE 121 -23.29 -85.78 95.83
CA GLY BE 121 -22.41 -86.00 96.95
C GLY BE 121 -21.06 -85.32 96.91
N GLN BE 122 -20.08 -85.94 97.57
CA GLN BE 122 -18.74 -85.39 97.76
C GLN BE 122 -18.82 -84.04 98.50
N TRP BE 123 -19.23 -84.14 99.76
CA TRP BE 123 -19.34 -82.96 100.61
C TRP BE 123 -17.98 -82.62 101.21
N ALA CE 1 31.36 -20.96 125.05
CA ALA CE 1 31.82 -20.01 126.05
C ALA CE 1 32.79 -19.01 125.43
N ALA CE 2 33.45 -18.22 126.27
CA ALA CE 2 34.45 -17.28 125.76
C ALA CE 2 35.63 -18.04 125.18
N ARG CE 3 36.11 -17.58 124.02
CA ARG CE 3 37.20 -18.25 123.34
C ARG CE 3 38.46 -18.19 124.19
N SER CE 4 39.17 -19.30 124.27
CA SER CE 4 40.39 -19.39 125.09
C SER CE 4 41.34 -20.37 124.41
N SER CE 5 42.33 -20.82 125.15
CA SER CE 5 43.29 -21.80 124.66
C SER CE 5 42.79 -23.21 124.94
N ILE CE 6 43.23 -24.16 124.11
CA ILE CE 6 42.87 -25.56 124.27
C ILE CE 6 44.14 -26.39 124.25
N VAL CE 7 44.09 -27.56 124.89
CA VAL CE 7 45.28 -28.30 125.27
C VAL CE 7 45.21 -29.68 124.63
N LEU CE 8 44.72 -29.74 123.38
CA LEU CE 8 44.67 -30.99 122.62
C LEU CE 8 45.90 -31.85 122.87
N THR CE 9 45.67 -33.10 123.25
CA THR CE 9 46.73 -34.00 123.64
C THR CE 9 46.45 -35.40 123.12
N ASP CE 10 47.41 -36.29 123.34
CA ASP CE 10 47.25 -37.70 123.01
C ASP CE 10 47.87 -38.58 124.09
N GLY CE 11 48.06 -38.00 125.28
CA GLY CE 11 48.58 -38.75 126.40
C GLY CE 11 50.04 -38.53 126.70
N THR CE 12 50.82 -38.16 125.69
CA THR CE 12 52.24 -37.94 125.89
C THR CE 12 52.74 -36.57 125.42
N THR CE 13 52.19 -36.04 124.33
CA THR CE 13 52.66 -34.77 123.77
C THR CE 13 51.48 -33.83 123.62
N PRO CE 14 51.14 -33.07 124.67
CA PRO CE 14 50.06 -32.09 124.55
C PRO CE 14 50.44 -30.96 123.61
N VAL CE 15 49.41 -30.34 123.04
CA VAL CE 15 49.57 -29.23 122.11
C VAL CE 15 48.65 -28.11 122.58
N THR CE 16 49.20 -26.92 122.78
CA THR CE 16 48.42 -25.75 123.18
C THR CE 16 48.07 -24.95 121.93
N LEU CE 17 46.78 -24.74 121.70
CA LEU CE 17 46.29 -23.96 120.59
C LEU CE 17 45.65 -22.68 121.10
N THR CE 18 45.76 -21.61 120.32
CA THR CE 18 45.28 -20.30 120.71
C THR CE 18 44.44 -19.71 119.59
N PRO CE 19 43.36 -19.01 119.92
CA PRO CE 19 42.49 -18.47 118.86
C PRO CE 19 43.13 -17.33 118.10
N VAL CE 20 43.42 -17.54 116.81
CA VAL CE 20 44.16 -16.55 116.05
C VAL CE 20 43.34 -16.07 114.86
N GLY CE 21 42.03 -16.16 114.96
CA GLY CE 21 41.18 -15.70 113.88
C GLY CE 21 39.79 -16.30 113.99
N GLY CE 22 39.06 -16.18 112.89
CA GLY CE 22 37.73 -16.72 112.82
C GLY CE 22 36.69 -15.72 112.36
N GLY CE 23 35.55 -15.70 113.03
CA GLY CE 23 34.48 -14.79 112.65
C GLY CE 23 33.22 -15.09 113.42
N VAL CE 24 32.09 -14.98 112.74
CA VAL CE 24 30.80 -15.36 113.31
C VAL CE 24 30.52 -16.81 112.93
N GLY CE 25 30.33 -17.66 113.93
CA GLY CE 25 30.19 -19.08 113.69
C GLY CE 25 31.45 -19.72 113.15
N GLN CE 26 32.60 -19.35 113.71
CA GLN CE 26 33.89 -19.88 113.31
C GLN CE 26 34.94 -19.43 114.31
N THR CE 27 35.93 -20.29 114.53
CA THR CE 27 37.03 -19.95 115.45
C THR CE 27 38.25 -20.78 115.07
N LEU CE 28 39.19 -20.16 114.38
CA LEU CE 28 40.43 -20.84 114.03
C LEU CE 28 41.32 -20.96 115.26
N TYR CE 29 42.20 -21.96 115.24
CA TYR CE 29 43.21 -22.16 116.27
C TYR CE 29 44.53 -22.47 115.59
N ARG CE 30 45.61 -22.36 116.36
CA ARG CE 30 46.92 -22.72 115.86
C ARG CE 30 47.86 -22.91 117.04
N ALA CE 31 48.74 -23.89 116.94
CA ALA CE 31 49.69 -24.14 118.01
C ALA CE 31 50.64 -22.96 118.14
N THR CE 32 51.01 -22.66 119.39
CA THR CE 32 51.80 -21.46 119.66
C THR CE 32 53.09 -21.46 118.84
N ALA CE 33 53.96 -22.43 119.09
CA ALA CE 33 55.15 -22.63 118.28
C ALA CE 33 55.69 -24.03 118.54
N GLU CE 34 55.68 -24.88 117.53
CA GLU CE 34 56.34 -26.18 117.67
C GLU CE 34 57.84 -26.05 117.37
N ALA CE 35 58.18 -25.79 116.11
CA ALA CE 35 59.55 -25.43 115.75
C ALA CE 35 59.64 -24.36 114.67
N LEU CE 36 58.59 -24.09 113.94
CA LEU CE 36 58.56 -23.11 112.85
C LEU CE 36 57.10 -22.94 112.44
N SER CE 37 56.86 -22.13 111.41
CA SER CE 37 55.53 -22.02 110.84
C SER CE 37 55.34 -23.11 109.79
N ALA CE 38 54.07 -23.37 109.48
CA ALA CE 38 53.60 -24.45 108.61
C ALA CE 38 53.83 -25.82 109.20
N ALA CE 39 54.46 -25.92 110.37
CA ALA CE 39 54.63 -27.17 111.10
C ALA CE 39 53.86 -27.11 112.41
N ASN CE 40 52.74 -26.39 112.41
CA ASN CE 40 51.94 -26.19 113.60
C ASN CE 40 50.51 -26.66 113.35
N PRO CE 41 49.95 -27.48 114.22
CA PRO CE 41 48.57 -27.95 114.03
C PRO CE 41 47.56 -26.82 114.21
N SER CE 42 46.39 -27.01 113.58
CA SER CE 42 45.31 -26.06 113.67
C SER CE 42 44.01 -26.80 113.92
N LEU CE 43 43.04 -26.12 114.51
CA LEU CE 43 41.77 -26.73 114.92
C LEU CE 43 40.60 -25.82 114.52
N SER CE 44 40.53 -25.47 113.25
CA SER CE 44 39.37 -24.75 112.72
C SER CE 44 38.07 -25.36 113.22
N PHE CE 45 37.18 -24.51 113.72
CA PHE CE 45 35.96 -24.98 114.39
C PHE CE 45 34.83 -24.02 114.06
N GLY CE 46 33.87 -24.47 113.26
CA GLY CE 46 32.69 -23.70 112.93
C GLY CE 46 31.45 -24.21 113.64
N TYR CE 47 30.36 -23.46 113.48
CA TYR CE 47 29.08 -23.80 114.08
C TYR CE 47 28.03 -22.86 113.51
N ARG CE 48 26.85 -23.40 113.25
CA ARG CE 48 25.78 -22.58 112.68
C ARG CE 48 24.46 -23.31 112.87
N PHE CE 49 23.37 -22.55 112.72
CA PHE CE 49 22.02 -23.08 112.82
C PHE CE 49 21.33 -22.86 111.48
N THR CE 50 20.76 -23.94 110.94
CA THR CE 50 19.97 -23.84 109.72
C THR CE 50 18.58 -23.33 110.03
N ASP CE 51 17.65 -23.53 109.10
CA ASP CE 51 16.25 -23.11 109.30
C ASP CE 51 15.71 -23.64 110.63
N GLY CE 52 15.93 -24.90 110.92
CA GLY CE 52 15.56 -25.48 112.19
C GLY CE 52 16.64 -25.27 113.23
N GLY CE 53 16.47 -25.92 114.38
CA GLY CE 53 17.45 -25.82 115.44
C GLY CE 53 18.57 -26.83 115.24
N THR CE 54 18.80 -27.20 113.99
CA THR CE 54 19.81 -28.20 113.65
C THR CE 54 21.19 -27.61 113.90
N ASN CE 55 21.79 -27.98 115.03
CA ASN CE 55 23.06 -27.42 115.44
C ASN CE 55 24.22 -27.99 114.63
N ARG CE 56 24.33 -27.57 113.36
CA ARG CE 56 25.36 -28.10 112.46
C ARG CE 56 26.73 -27.56 112.85
N GLN CE 57 27.32 -28.18 113.87
CA GLN CE 57 28.70 -27.89 114.20
C GLN CE 57 29.64 -28.63 113.25
N SER CE 58 30.89 -28.17 113.20
CA SER CE 58 31.89 -28.75 112.32
C SER CE 58 33.26 -28.57 112.95
N LEU CE 59 34.21 -29.40 112.54
CA LEU CE 59 35.58 -29.33 113.01
C LEU CE 59 36.53 -29.74 111.90
N SER CE 60 37.79 -29.40 112.08
CA SER CE 60 38.84 -29.81 111.15
C SER CE 60 40.19 -29.63 111.84
N TYR CE 61 40.87 -30.74 112.10
CA TYR CE 61 42.18 -30.71 112.74
C TYR CE 61 43.22 -31.13 111.71
N LYS CE 62 44.17 -30.26 111.44
CA LYS CE 62 45.20 -30.49 110.42
C LYS CE 62 46.56 -30.48 111.08
N GLN CE 63 47.19 -31.65 111.15
CA GLN CE 63 48.54 -31.76 111.70
C GLN CE 63 49.52 -31.99 110.56
N PRO CE 64 50.42 -31.06 110.28
CA PRO CE 64 51.33 -31.22 109.14
C PRO CE 64 52.52 -32.12 109.45
N ILE CE 65 53.02 -32.75 108.39
CA ILE CE 65 54.00 -33.83 108.49
C ILE CE 65 55.36 -33.25 108.12
N THR CE 66 56.28 -33.21 109.07
CA THR CE 66 57.57 -32.56 108.86
C THR CE 66 58.71 -33.54 109.09
N ALA CE 67 59.81 -33.32 108.38
CA ALA CE 67 61.02 -34.10 108.50
C ALA CE 67 62.19 -33.29 107.93
N VAL CE 68 63.41 -33.72 108.26
CA VAL CE 68 64.60 -32.97 107.87
C VAL CE 68 64.84 -33.11 106.36
N ASP CE 69 65.59 -32.14 105.81
CA ASP CE 69 65.96 -32.10 104.40
C ASP CE 69 67.48 -31.99 104.28
N SER CE 70 68.18 -32.94 104.91
CA SER CE 70 69.62 -32.91 105.17
C SER CE 70 70.48 -32.35 104.04
N THR CE 71 70.06 -32.54 102.78
CA THR CE 71 70.77 -31.89 101.67
C THR CE 71 70.82 -30.38 101.86
N THR CE 72 69.81 -29.79 102.50
CA THR CE 72 69.81 -28.39 102.88
C THR CE 72 69.60 -28.18 104.38
N SER CE 73 69.15 -29.21 105.11
CA SER CE 73 68.94 -29.16 106.56
C SER CE 73 67.83 -28.18 106.95
N GLU CE 74 66.87 -27.95 106.06
CA GLU CE 74 65.71 -27.11 106.34
C GLU CE 74 64.49 -27.99 106.52
N THR CE 75 63.76 -27.78 107.62
CA THR CE 75 62.68 -28.67 108.02
C THR CE 75 61.45 -28.44 107.15
N LEU CE 76 61.51 -28.99 105.94
CA LEU CE 76 60.41 -28.89 105.00
C LEU CE 76 59.22 -29.73 105.47
N VAL CE 77 58.02 -29.34 105.03
CA VAL CE 77 56.79 -30.06 105.33
C VAL CE 77 56.30 -30.75 104.07
N ARG CE 78 56.00 -32.05 104.18
CA ARG CE 78 55.51 -32.82 103.04
C ARG CE 78 54.00 -32.82 102.92
N GLY CE 79 53.30 -33.18 103.99
CA GLY CE 79 51.85 -33.25 103.95
C GLY CE 79 51.19 -33.01 105.29
N GLN CE 80 49.88 -33.22 105.38
CA GLN CE 80 49.15 -32.98 106.62
C GLN CE 80 48.11 -34.07 106.80
N CYS CE 81 47.79 -34.35 108.07
CA CYS CE 81 46.75 -35.29 108.44
C CYS CE 81 45.50 -34.53 108.82
N VAL CE 82 44.40 -34.82 108.15
CA VAL CE 82 43.16 -34.07 108.26
C VAL CE 82 42.12 -34.94 108.94
N VAL CE 83 41.51 -34.43 110.00
CA VAL CE 83 40.42 -35.10 110.70
C VAL CE 83 39.26 -34.13 110.77
N ASP CE 84 38.11 -34.51 110.21
CA ASP CE 84 36.92 -33.67 110.20
C ASP CE 84 35.84 -34.36 111.04
N ILE CE 85 35.42 -33.72 112.11
CA ILE CE 85 34.34 -34.25 112.93
C ILE CE 85 33.11 -33.37 112.80
N ASN CE 86 32.23 -33.69 111.85
CA ASN CE 86 30.99 -32.95 111.71
C ASN CE 86 29.93 -33.50 112.64
N ILE CE 87 29.09 -32.61 113.14
CA ILE CE 87 28.03 -32.95 114.07
C ILE CE 87 26.76 -32.25 113.65
N VAL CE 88 25.65 -32.99 113.61
CA VAL CE 88 24.34 -32.42 113.27
C VAL CE 88 23.33 -32.95 114.28
N ILE CE 89 22.75 -32.04 115.05
CA ILE CE 89 21.74 -32.38 116.05
C ILE CE 89 20.50 -31.55 115.76
N PRO CE 90 19.36 -32.15 115.48
CA PRO CE 90 18.17 -31.38 115.10
C PRO CE 90 17.53 -30.71 116.31
N ARG CE 91 16.55 -29.84 116.02
CA ARG CE 91 15.84 -29.16 117.09
C ARG CE 91 15.10 -30.15 117.99
N VAL CE 92 14.56 -31.22 117.41
CA VAL CE 92 13.69 -32.15 118.13
C VAL CE 92 14.48 -33.00 119.11
N ALA CE 93 15.79 -32.80 119.15
CA ALA CE 93 16.66 -33.59 120.01
C ALA CE 93 16.64 -33.06 121.44
N THR CE 94 16.39 -33.95 122.39
CA THR CE 94 16.41 -33.54 123.79
C THR CE 94 17.86 -33.30 124.25
N ALA CE 95 17.99 -32.79 125.46
CA ALA CE 95 19.31 -32.46 125.99
C ALA CE 95 20.15 -33.69 126.28
N THR CE 96 19.55 -34.86 126.46
CA THR CE 96 20.30 -36.07 126.78
C THR CE 96 20.64 -36.90 125.54
N ASP CE 97 19.84 -36.80 124.48
CA ASP CE 97 20.16 -37.51 123.25
C ASP CE 97 21.34 -36.87 122.53
N ARG CE 98 21.51 -35.56 122.68
CA ARG CE 98 22.69 -34.91 122.13
C ARG CE 98 23.95 -35.35 122.86
N ALA CE 99 23.90 -35.44 124.18
CA ALA CE 99 25.06 -35.89 124.94
C ALA CE 99 25.35 -37.36 124.68
N GLU CE 100 24.30 -38.16 124.49
CA GLU CE 100 24.50 -39.58 124.18
C GLU CE 100 25.17 -39.77 122.83
N ALA CE 101 24.70 -39.05 121.81
CA ALA CE 101 25.24 -39.24 120.47
C ALA CE 101 26.69 -38.76 120.37
N ILE CE 102 26.98 -37.59 120.94
CA ILE CE 102 28.32 -37.02 120.79
C ILE CE 102 29.36 -37.88 121.50
N LYS CE 103 29.05 -38.31 122.72
CA LYS CE 103 30.02 -39.09 123.49
C LYS CE 103 30.22 -40.47 122.89
N ARG CE 104 29.15 -41.08 122.35
CA ARG CE 104 29.28 -42.41 121.79
C ARG CE 104 30.12 -42.41 120.52
N ALA CE 105 29.83 -41.49 119.60
CA ALA CE 105 30.58 -41.45 118.35
C ALA CE 105 32.03 -41.11 118.56
N PHE CE 106 32.37 -40.39 119.63
CA PHE CE 106 33.75 -40.15 119.96
C PHE CE 106 34.41 -41.35 120.65
N ASP CE 107 33.61 -42.35 121.03
CA ASP CE 107 34.13 -43.58 121.61
C ASP CE 107 34.50 -44.60 120.56
N VAL CE 108 34.42 -44.24 119.28
CA VAL CE 108 34.77 -45.17 118.22
C VAL CE 108 36.23 -45.59 118.34
N LEU CE 109 37.12 -44.62 118.57
CA LEU CE 109 38.55 -44.91 118.60
C LEU CE 109 38.89 -45.93 119.67
N ASN CE 110 38.15 -45.94 120.78
CA ASN CE 110 38.38 -46.95 121.81
C ASN CE 110 37.92 -48.32 121.34
N ALA CE 111 36.85 -48.38 120.55
CA ALA CE 111 36.31 -49.66 120.10
C ALA CE 111 36.86 -50.05 118.74
N LEU CE 112 36.63 -49.23 117.72
CA LEU CE 112 37.10 -49.51 116.36
C LEU CE 112 38.52 -48.96 116.19
N ASN CE 113 39.42 -49.48 117.03
CA ASN CE 113 40.73 -48.85 117.17
C ASN CE 113 41.66 -49.19 116.01
N ALA CE 114 41.94 -50.48 115.82
CA ALA CE 114 43.05 -50.89 114.95
C ALA CE 114 42.90 -50.43 113.52
N GLU CE 115 41.67 -50.21 113.04
CA GLU CE 115 41.47 -49.78 111.67
C GLU CE 115 41.65 -48.27 111.49
N LEU CE 116 41.70 -47.51 112.57
CA LEU CE 116 41.93 -46.08 112.51
C LEU CE 116 43.38 -45.71 112.80
N ILE CE 117 43.91 -46.19 113.93
CA ILE CE 117 45.27 -45.85 114.33
C ILE CE 117 46.27 -46.38 113.30
N THR CE 118 46.14 -47.64 112.93
CA THR CE 118 47.12 -48.32 112.09
C THR CE 118 46.85 -48.16 110.61
N GLY CE 119 45.60 -47.96 110.21
CA GLY CE 119 45.27 -47.77 108.82
C GLY CE 119 44.96 -49.03 108.04
N GLU CE 120 44.99 -50.19 108.68
CA GLU CE 120 44.70 -51.43 107.98
C GLU CE 120 43.24 -51.49 107.56
N GLY CE 121 43.00 -52.15 106.43
CA GLY CE 121 41.66 -52.30 105.89
C GLY CE 121 41.08 -53.62 106.33
N GLN CE 122 39.97 -53.56 107.08
CA GLN CE 122 39.36 -54.76 107.60
C GLN CE 122 38.79 -55.62 106.49
N TRP CE 123 38.86 -56.94 106.69
CA TRP CE 123 38.43 -57.89 105.69
C TRP CE 123 37.15 -58.61 106.10
N ALA DE 1 48.92 -14.79 127.52
CA ALA DE 1 48.64 -14.07 126.29
C ALA DE 1 47.20 -13.58 126.25
N ALA DE 2 46.57 -13.51 127.41
CA ALA DE 2 45.22 -12.98 127.54
C ALA DE 2 45.25 -11.47 127.53
N ARG DE 3 44.08 -10.87 127.30
CA ARG DE 3 43.98 -9.41 127.22
C ARG DE 3 43.99 -8.81 128.61
N SER DE 4 44.94 -7.92 128.86
CA SER DE 4 45.05 -7.21 130.13
C SER DE 4 45.69 -5.85 129.87
N SER DE 5 45.83 -5.07 130.93
CA SER DE 5 46.40 -3.74 130.81
C SER DE 5 47.90 -3.82 130.51
N ILE DE 6 48.36 -2.96 129.62
CA ILE DE 6 49.77 -2.87 129.27
C ILE DE 6 50.29 -1.50 129.66
N VAL DE 7 51.59 -1.43 129.93
CA VAL DE 7 52.18 -0.30 130.65
C VAL DE 7 53.26 0.36 129.80
N LEU DE 8 52.99 0.51 128.50
CA LEU DE 8 53.86 1.23 127.58
C LEU DE 8 54.51 2.43 128.26
N THR DE 9 55.83 2.53 128.14
CA THR DE 9 56.56 3.61 128.79
C THR DE 9 57.79 3.97 127.96
N ASP DE 10 58.22 5.22 128.10
CA ASP DE 10 59.42 5.72 127.43
C ASP DE 10 60.60 5.85 128.37
N GLY DE 11 60.42 5.57 129.66
CA GLY DE 11 61.48 5.72 130.64
C GLY DE 11 61.13 6.76 131.68
N THR DE 12 60.49 7.85 131.26
CA THR DE 12 60.15 8.93 132.17
C THR DE 12 58.73 8.81 132.71
N THR DE 13 57.74 8.78 131.82
CA THR DE 13 56.34 8.76 132.22
C THR DE 13 55.67 7.52 131.63
N PRO DE 14 55.32 6.53 132.43
CA PRO DE 14 54.58 5.38 131.91
C PRO DE 14 53.12 5.70 131.68
N VAL DE 15 52.55 5.12 130.63
CA VAL DE 15 51.12 5.23 130.33
C VAL DE 15 50.52 3.83 130.33
N THR DE 16 49.41 3.67 131.04
CA THR DE 16 48.77 2.36 131.20
C THR DE 16 47.58 2.29 130.26
N LEU DE 17 47.65 1.39 129.29
CA LEU DE 17 46.55 1.19 128.34
C LEU DE 17 45.75 -0.05 128.76
N THR DE 18 44.43 0.09 128.81
CA THR DE 18 43.53 -1.00 129.13
C THR DE 18 42.69 -1.35 127.93
N PRO DE 19 42.35 -2.63 127.73
CA PRO DE 19 41.58 -3.00 126.54
C PRO DE 19 40.23 -2.31 126.50
N VAL DE 20 39.79 -1.93 125.31
CA VAL DE 20 38.48 -1.32 125.15
C VAL DE 20 37.74 -2.01 124.01
N GLY DE 21 38.11 -3.23 123.70
CA GLY DE 21 37.34 -4.00 122.74
C GLY DE 21 38.15 -4.73 121.69
N GLY DE 22 37.54 -4.94 120.53
CA GLY DE 22 38.23 -5.53 119.39
C GLY DE 22 37.66 -6.85 118.91
N GLY DE 23 37.35 -7.76 119.83
CA GLY DE 23 36.89 -9.07 119.41
C GLY DE 23 38.02 -9.97 118.96
N VAL DE 24 37.75 -10.86 118.02
CA VAL DE 24 38.74 -11.82 117.54
C VAL DE 24 39.49 -11.23 116.37
N GLY DE 25 40.80 -11.47 116.31
CA GLY DE 25 41.62 -10.92 115.27
C GLY DE 25 42.16 -9.53 115.53
N GLN DE 26 41.82 -8.91 116.66
CA GLN DE 26 42.33 -7.58 116.97
C GLN DE 26 42.09 -7.30 118.43
N THR DE 27 42.64 -6.18 118.89
CA THR DE 27 42.48 -5.73 120.27
C THR DE 27 42.75 -4.24 120.32
N LEU DE 28 41.81 -3.47 120.86
CA LEU DE 28 41.98 -2.04 121.02
C LEU DE 28 42.37 -1.73 122.45
N TYR DE 29 43.25 -0.75 122.62
CA TYR DE 29 43.66 -0.29 123.93
C TYR DE 29 43.44 1.22 124.00
N ARG DE 30 43.37 1.74 125.22
CA ARG DE 30 43.24 3.17 125.43
C ARG DE 30 43.48 3.52 126.89
N ALA DE 31 44.34 4.51 127.14
CA ALA DE 31 44.59 4.94 128.50
C ALA DE 31 43.40 5.73 129.02
N THR DE 32 43.44 6.08 130.30
CA THR DE 32 42.32 6.84 130.87
C THR DE 32 42.45 8.32 130.53
N ALA DE 33 43.45 8.99 131.10
CA ALA DE 33 43.67 10.44 130.95
C ALA DE 33 42.34 11.18 130.92
N GLU DE 34 41.49 10.85 131.89
CA GLU DE 34 40.07 11.19 131.82
C GLU DE 34 39.87 12.70 131.76
N ALA DE 35 38.77 13.11 131.13
CA ALA DE 35 38.42 14.53 131.03
C ALA DE 35 39.53 15.32 130.35
N LEU DE 36 39.68 15.08 129.05
CA LEU DE 36 38.73 14.48 128.12
C LEU DE 36 38.98 12.99 127.88
N SER DE 37 37.99 12.29 127.36
CA SER DE 37 38.10 10.85 127.11
C SER DE 37 38.73 10.52 125.78
N ALA DE 38 38.70 11.43 124.82
CA ALA DE 38 39.32 11.23 123.51
C ALA DE 38 40.74 11.76 123.44
N ALA DE 39 41.24 12.36 124.52
CA ALA DE 39 42.60 12.89 124.56
C ALA DE 39 43.54 11.96 125.33
N ASN DE 40 43.72 10.75 124.82
CA ASN DE 40 44.63 9.79 125.44
C ASN DE 40 45.07 8.79 124.38
N PRO DE 41 46.24 8.17 124.57
CA PRO DE 41 46.78 7.29 123.53
C PRO DE 41 46.00 5.99 123.38
N SER DE 42 46.21 5.35 122.24
CA SER DE 42 45.54 4.10 121.90
C SER DE 42 46.50 3.19 121.16
N LEU DE 43 46.23 1.89 121.20
CA LEU DE 43 47.12 0.87 120.63
C LEU DE 43 46.35 -0.19 119.83
N SER DE 44 45.55 0.23 118.86
CA SER DE 44 44.90 -0.72 117.97
C SER DE 44 45.89 -1.75 117.45
N PHE DE 45 45.69 -3.01 117.83
CA PHE DE 45 46.63 -4.09 117.50
C PHE DE 45 45.87 -5.23 116.84
N GLY DE 46 46.21 -5.55 115.60
CA GLY DE 46 45.58 -6.62 114.87
C GLY DE 46 46.54 -7.74 114.55
N TYR DE 47 45.98 -8.84 114.04
CA TYR DE 47 46.76 -10.02 113.65
C TYR DE 47 45.83 -10.98 112.94
N ARG DE 48 46.40 -11.74 112.00
CA ARG DE 48 45.62 -12.73 111.25
C ARG DE 48 46.60 -13.67 110.55
N PHE DE 49 46.05 -14.74 109.99
CA PHE DE 49 46.82 -15.70 109.20
C PHE DE 49 46.13 -15.86 107.85
N THR DE 50 46.90 -15.74 106.78
CA THR DE 50 46.36 -15.84 105.43
C THR DE 50 46.26 -17.31 105.02
N ASP DE 51 46.09 -17.54 103.71
CA ASP DE 51 46.01 -18.90 103.18
C ASP DE 51 47.19 -19.75 103.64
N GLY DE 52 48.38 -19.18 103.64
CA GLY DE 52 49.53 -19.88 104.17
C GLY DE 52 49.66 -19.70 105.66
N GLY DE 53 50.89 -19.67 106.16
CA GLY DE 53 51.12 -19.40 107.57
C GLY DE 53 51.58 -17.97 107.76
N THR DE 54 51.31 -17.13 106.77
CA THR DE 54 51.80 -15.75 106.77
C THR DE 54 51.09 -14.98 107.87
N ASN DE 55 51.78 -14.79 108.98
CA ASN DE 55 51.25 -14.09 110.15
C ASN DE 55 51.40 -12.59 109.92
N ARG DE 56 50.30 -11.92 109.54
CA ARG DE 56 50.32 -10.49 109.26
C ARG DE 56 49.85 -9.72 110.48
N GLN DE 57 50.75 -9.55 111.44
CA GLN DE 57 50.45 -8.70 112.58
C GLN DE 57 50.48 -7.24 112.15
N SER DE 58 49.88 -6.38 112.99
CA SER DE 58 49.75 -4.97 112.66
C SER DE 58 49.41 -4.15 113.90
N LEU DE 59 50.18 -3.10 114.15
CA LEU DE 59 49.95 -2.24 115.30
C LEU DE 59 49.77 -0.81 114.82
N SER DE 60 49.22 0.02 115.71
CA SER DE 60 49.01 1.43 115.39
C SER DE 60 48.86 2.18 116.70
N TYR DE 61 49.85 2.98 117.05
CA TYR DE 61 49.84 3.72 118.31
C TYR DE 61 49.65 5.19 118.01
N LYS DE 62 48.51 5.73 118.41
CA LYS DE 62 48.20 7.14 118.22
C LYS DE 62 48.19 7.85 119.56
N GLN DE 63 48.96 8.93 119.67
CA GLN DE 63 49.00 9.75 120.87
C GLN DE 63 48.53 11.14 120.52
N PRO DE 64 47.39 11.60 121.03
CA PRO DE 64 46.91 12.94 120.69
C PRO DE 64 47.65 14.01 121.50
N ILE DE 65 47.76 15.18 120.88
CA ILE DE 65 48.47 16.31 121.46
C ILE DE 65 47.45 17.21 122.13
N THR DE 66 47.54 17.32 123.46
CA THR DE 66 46.56 18.04 124.25
C THR DE 66 47.07 19.45 124.56
N ALA DE 67 46.15 20.30 124.98
CA ALA DE 67 46.48 21.67 125.35
C ALA DE 67 45.37 22.19 126.26
N VAL DE 68 45.68 22.33 127.56
CA VAL DE 68 44.67 22.73 128.53
C VAL DE 68 44.43 24.23 128.37
N ASP DE 69 43.23 24.59 127.89
CA ASP DE 69 42.87 25.97 127.64
C ASP DE 69 42.48 26.62 128.96
N SER DE 70 43.39 27.38 129.55
CA SER DE 70 43.18 27.95 130.87
C SER DE 70 42.01 28.91 130.92
N THR DE 71 41.67 29.55 129.80
CA THR DE 71 40.56 30.48 129.77
C THR DE 71 39.24 29.78 130.10
N THR DE 72 38.97 28.67 129.42
CA THR DE 72 37.74 27.92 129.59
C THR DE 72 37.91 26.72 130.51
N SER DE 73 39.14 26.26 130.71
CA SER DE 73 39.47 25.07 131.51
C SER DE 73 38.87 23.81 130.88
N GLU DE 74 39.20 23.62 129.61
CA GLU DE 74 38.84 22.42 128.88
C GLU DE 74 40.03 21.94 128.08
N THR DE 75 40.14 20.64 127.89
CA THR DE 75 41.25 20.07 127.15
C THR DE 75 40.93 20.06 125.66
N LEU DE 76 41.84 20.61 124.86
CA LEU DE 76 41.67 20.69 123.42
C LEU DE 76 42.68 19.76 122.75
N VAL DE 77 42.24 19.10 121.69
CA VAL DE 77 43.08 18.14 120.97
C VAL DE 77 43.51 18.80 119.67
N ARG DE 78 44.82 19.00 119.52
CA ARG DE 78 45.37 19.68 118.36
C ARG DE 78 45.76 18.73 117.24
N GLY DE 79 46.19 17.53 117.58
CA GLY DE 79 46.57 16.56 116.57
C GLY DE 79 47.11 15.32 117.25
N GLN DE 80 47.49 14.33 116.45
CA GLN DE 80 47.95 13.08 117.01
C GLN DE 80 49.17 12.58 116.26
N CYS DE 81 50.13 12.03 117.01
CA CYS DE 81 51.27 11.36 116.44
C CYS DE 81 50.94 9.89 116.23
N VAL DE 82 51.12 9.40 115.00
CA VAL DE 82 50.73 8.06 114.63
C VAL DE 82 51.97 7.26 114.30
N VAL DE 83 52.07 6.05 114.85
CA VAL DE 83 53.21 5.16 114.60
C VAL DE 83 52.64 3.80 114.24
N ASP DE 84 52.69 3.44 112.97
CA ASP DE 84 52.23 2.14 112.49
C ASP DE 84 53.40 1.18 112.39
N ILE DE 85 53.18 -0.06 112.80
CA ILE DE 85 54.23 -1.09 112.78
C ILE DE 85 53.59 -2.35 112.19
N ASN DE 86 53.72 -2.53 110.88
CA ASN DE 86 53.24 -3.75 110.26
C ASN DE 86 54.32 -4.81 110.27
N ILE DE 87 53.91 -6.05 110.55
CA ILE DE 87 54.83 -7.17 110.62
C ILE DE 87 54.28 -8.28 109.75
N VAL DE 88 55.10 -8.77 108.82
CA VAL DE 88 54.75 -9.90 107.97
C VAL DE 88 55.79 -10.99 108.19
N ILE DE 89 55.32 -12.19 108.51
CA ILE DE 89 56.22 -13.31 108.72
C ILE DE 89 55.78 -14.46 107.82
N PRO DE 90 56.57 -14.86 106.84
CA PRO DE 90 56.09 -15.84 105.86
C PRO DE 90 55.90 -17.23 106.45
N ARG DE 91 55.32 -18.11 105.64
CA ARG DE 91 55.02 -19.47 106.06
C ARG DE 91 56.26 -20.27 106.41
N VAL DE 92 57.40 -19.93 105.82
CA VAL DE 92 58.61 -20.75 105.92
C VAL DE 92 59.57 -20.25 106.99
N ALA DE 93 59.12 -19.37 107.87
CA ALA DE 93 60.00 -18.70 108.82
C ALA DE 93 60.16 -19.53 110.08
N THR DE 94 61.40 -19.81 110.46
CA THR DE 94 61.68 -20.53 111.68
C THR DE 94 61.31 -19.69 112.90
N ALA DE 95 61.09 -20.36 114.03
CA ALA DE 95 60.70 -19.69 115.26
C ALA DE 95 61.81 -18.81 115.83
N THR DE 96 63.05 -18.97 115.39
CA THR DE 96 64.14 -18.10 115.82
C THR DE 96 64.45 -16.99 114.85
N ASP DE 97 64.00 -17.12 113.59
CA ASP DE 97 64.11 -16.01 112.65
C ASP DE 97 63.07 -14.94 112.96
N ARG DE 98 61.95 -15.33 113.55
CA ARG DE 98 60.96 -14.35 114.00
C ARG DE 98 61.56 -13.46 115.08
N ALA DE 99 62.18 -14.05 116.10
CA ALA DE 99 62.78 -13.26 117.16
C ALA DE 99 63.91 -12.40 116.63
N GLU DE 100 64.74 -12.94 115.74
CA GLU DE 100 65.83 -12.16 115.18
C GLU DE 100 65.31 -10.97 114.38
N ALA DE 101 64.28 -11.19 113.57
CA ALA DE 101 63.78 -10.12 112.72
C ALA DE 101 63.07 -9.04 113.53
N ILE DE 102 62.19 -9.46 114.45
CA ILE DE 102 61.38 -8.48 115.18
C ILE DE 102 62.24 -7.62 116.09
N LYS DE 103 63.11 -8.25 116.88
CA LYS DE 103 63.91 -7.48 117.83
C LYS DE 103 64.96 -6.63 117.13
N ARG DE 104 65.36 -7.00 115.91
CA ARG DE 104 66.28 -6.16 115.16
C ARG DE 104 65.59 -4.92 114.61
N ALA DE 105 64.39 -5.08 114.07
CA ALA DE 105 63.66 -3.94 113.53
C ALA DE 105 63.32 -2.95 114.63
N PHE DE 106 62.89 -3.44 115.79
CA PHE DE 106 62.61 -2.56 116.92
C PHE DE 106 63.88 -2.00 117.55
N ASP DE 107 65.05 -2.48 117.15
CA ASP DE 107 66.32 -1.91 117.60
C ASP DE 107 66.76 -0.73 116.75
N VAL DE 108 65.97 -0.35 115.75
CA VAL DE 108 66.32 0.80 114.92
C VAL DE 108 66.42 2.06 115.76
N LEU DE 109 65.46 2.23 116.68
CA LEU DE 109 65.45 3.42 117.53
C LEU DE 109 66.77 3.59 118.28
N ASN DE 110 67.46 2.50 118.59
CA ASN DE 110 68.78 2.60 119.20
C ASN DE 110 69.87 2.86 118.19
N ALA DE 111 69.66 2.51 116.92
CA ALA DE 111 70.65 2.76 115.89
C ALA DE 111 70.38 4.08 115.18
N LEU DE 112 69.19 4.21 114.61
CA LEU DE 112 68.79 5.42 113.88
C LEU DE 112 68.08 6.40 114.82
N ASN DE 113 68.77 6.71 115.92
CA ASN DE 113 68.13 7.40 117.03
C ASN DE 113 67.83 8.85 116.71
N ALA DE 114 68.86 9.62 116.35
CA ALA DE 114 68.69 11.06 116.15
C ALA DE 114 67.74 11.37 115.00
N GLU DE 115 67.64 10.48 114.01
CA GLU DE 115 66.73 10.71 112.90
C GLU DE 115 65.28 10.49 113.28
N LEU DE 116 65.00 9.94 114.46
CA LEU DE 116 63.64 9.66 114.89
C LEU DE 116 63.24 10.44 116.12
N ILE DE 117 64.10 10.49 117.14
CA ILE DE 117 63.76 11.18 118.37
C ILE DE 117 63.67 12.69 118.15
N THR DE 118 64.63 13.26 117.42
CA THR DE 118 64.66 14.69 117.19
C THR DE 118 64.08 15.11 115.85
N GLY DE 119 63.99 14.21 114.89
CA GLY DE 119 63.39 14.51 113.61
C GLY DE 119 64.33 14.98 112.54
N GLU DE 120 65.64 14.89 112.76
CA GLU DE 120 66.61 15.33 111.77
C GLU DE 120 66.54 14.45 110.52
N GLY DE 121 67.36 14.81 109.56
CA GLY DE 121 67.60 13.96 108.41
C GLY DE 121 69.09 13.82 108.21
N GLN DE 122 69.51 12.62 107.86
CA GLN DE 122 70.93 12.35 107.71
C GLN DE 122 71.48 13.01 106.46
N TRP DE 123 72.63 13.65 106.60
CA TRP DE 123 73.21 14.42 105.50
C TRP DE 123 74.39 13.72 104.84
N ALA EE 1 72.96 12.29 112.35
CA ALA EE 1 74.30 12.44 111.81
C ALA EE 1 74.35 11.96 110.35
N ALA EE 2 75.54 11.93 109.77
CA ALA EE 2 75.69 11.55 108.39
C ALA EE 2 75.42 10.06 108.20
N ARG EE 3 75.19 9.66 106.95
CA ARG EE 3 74.98 8.26 106.63
C ARG EE 3 76.20 7.45 107.04
N SER EE 4 76.03 6.54 108.00
CA SER EE 4 77.13 5.72 108.47
C SER EE 4 76.72 4.27 108.58
N SER EE 5 77.53 3.46 109.23
CA SER EE 5 77.23 2.04 109.42
C SER EE 5 76.46 1.86 110.72
N ILE EE 6 75.28 1.23 110.63
CA ILE EE 6 74.45 0.97 111.80
C ILE EE 6 74.64 -0.48 112.22
N VAL EE 7 74.37 -0.74 113.50
CA VAL EE 7 74.79 -1.99 114.15
C VAL EE 7 73.52 -2.67 114.67
N LEU EE 8 72.45 -2.61 113.87
CA LEU EE 8 71.19 -3.28 114.19
C LEU EE 8 71.41 -4.65 114.78
N THR EE 9 70.95 -4.87 116.01
CA THR EE 9 71.20 -6.08 116.75
C THR EE 9 69.92 -6.55 117.41
N ASP EE 10 70.01 -7.66 118.16
CA ASP EE 10 68.89 -8.14 118.95
C ASP EE 10 69.31 -8.61 120.33
N GLY EE 11 70.52 -8.29 120.77
CA GLY EE 11 71.04 -8.72 122.04
C GLY EE 11 72.03 -9.86 121.97
N THR EE 12 71.93 -10.69 120.94
CA THR EE 12 72.83 -11.82 120.74
C THR EE 12 73.62 -11.73 119.45
N THR EE 13 72.96 -11.53 118.31
CA THR EE 13 73.61 -11.59 117.00
C THR EE 13 73.51 -10.25 116.30
N PRO EE 14 74.51 -9.39 116.41
CA PRO EE 14 74.48 -8.10 115.72
C PRO EE 14 74.69 -8.26 114.23
N VAL EE 15 74.19 -7.26 113.50
CA VAL EE 15 74.37 -7.17 112.05
C VAL EE 15 74.72 -5.73 111.71
N THR EE 16 75.77 -5.53 110.92
CA THR EE 16 76.22 -4.21 110.54
C THR EE 16 75.76 -3.90 109.12
N LEU EE 17 75.10 -2.75 108.96
CA LEU EE 17 74.54 -2.34 107.68
C LEU EE 17 75.18 -1.02 107.24
N THR EE 18 75.64 -0.97 105.99
CA THR EE 18 76.23 0.22 105.41
C THR EE 18 75.39 0.71 104.23
N PRO EE 19 75.27 2.02 104.04
CA PRO EE 19 74.36 2.54 103.01
C PRO EE 19 74.76 2.07 101.62
N VAL EE 20 73.75 1.72 100.81
CA VAL EE 20 73.99 1.18 99.48
C VAL EE 20 73.21 1.97 98.43
N GLY EE 21 72.82 3.18 98.75
CA GLY EE 21 72.17 3.99 97.76
C GLY EE 21 71.18 4.95 98.39
N GLY EE 22 70.16 5.29 97.61
CA GLY EE 22 69.12 6.20 98.09
C GLY EE 22 69.10 7.53 97.35
N GLY EE 23 69.00 8.62 98.11
CA GLY EE 23 68.90 9.95 97.53
C GLY EE 23 68.70 11.00 98.60
N VAL EE 24 67.75 11.90 98.37
CA VAL EE 24 67.36 12.88 99.37
C VAL EE 24 66.07 12.41 100.04
N GLY EE 25 66.07 12.38 101.36
CA GLY EE 25 64.96 11.78 102.07
C GLY EE 25 64.78 10.32 101.72
N GLN EE 26 65.89 9.59 101.65
CA GLN EE 26 65.91 8.17 101.34
C GLN EE 26 67.29 7.62 101.63
N THR EE 27 67.35 6.42 102.20
CA THR EE 27 68.64 5.83 102.57
C THR EE 27 68.47 4.32 102.64
N LEU EE 28 69.09 3.62 101.69
CA LEU EE 28 69.10 2.17 101.73
C LEU EE 28 70.17 1.68 102.71
N TYR EE 29 70.12 0.39 103.01
CA TYR EE 29 71.11 -0.26 103.85
C TYR EE 29 71.23 -1.70 103.42
N ARG EE 30 72.34 -2.33 103.81
CA ARG EE 30 72.55 -3.76 103.58
C ARG EE 30 73.80 -4.17 104.35
N ALA EE 31 73.95 -5.47 104.57
CA ALA EE 31 75.04 -6.04 105.33
C ALA EE 31 76.15 -6.55 104.40
N THR EE 32 77.14 -7.23 104.98
CA THR EE 32 78.37 -7.59 104.26
C THR EE 32 78.27 -8.90 103.48
N ALA EE 33 77.54 -9.89 104.00
CA ALA EE 33 77.46 -11.19 103.33
C ALA EE 33 76.80 -11.06 101.97
N GLU EE 34 77.06 -12.02 101.07
CA GLU EE 34 76.61 -11.94 99.70
C GLU EE 34 75.83 -13.19 99.32
N ALA EE 35 74.85 -13.00 98.44
CA ALA EE 35 74.04 -14.10 97.93
C ALA EE 35 73.63 -13.75 96.51
N LEU EE 36 72.65 -14.47 95.97
CA LEU EE 36 72.20 -14.29 94.59
C LEU EE 36 70.87 -13.56 94.50
N SER EE 37 69.83 -14.07 95.16
CA SER EE 37 68.50 -13.48 95.07
C SER EE 37 68.26 -12.45 96.18
N ALA EE 38 68.32 -12.89 97.43
CA ALA EE 38 68.17 -12.02 98.59
C ALA EE 38 69.47 -12.06 99.38
N ALA EE 39 70.17 -10.94 99.42
CA ALA EE 39 71.50 -10.94 100.02
C ALA EE 39 71.43 -10.86 101.54
N ASN EE 40 70.91 -9.76 102.07
CA ASN EE 40 71.04 -9.48 103.49
C ASN EE 40 69.84 -8.68 104.00
N PRO EE 41 69.79 -8.37 105.29
CA PRO EE 41 68.82 -7.38 105.77
C PRO EE 41 69.01 -6.04 105.07
N SER EE 42 67.89 -5.39 104.75
CA SER EE 42 67.90 -4.16 103.96
C SER EE 42 66.91 -3.17 104.58
N LEU EE 43 67.42 -2.22 105.34
CA LEU EE 43 66.60 -1.26 106.08
C LEU EE 43 66.50 0.04 105.28
N SER EE 44 65.37 0.26 104.63
CA SER EE 44 65.15 1.52 103.93
C SER EE 44 64.58 2.56 104.88
N PHE EE 45 64.93 3.82 104.66
CA PHE EE 45 64.55 4.93 105.53
C PHE EE 45 64.08 6.07 104.66
N GLY EE 46 62.79 6.37 104.68
CA GLY EE 46 62.20 7.26 103.69
C GLY EE 46 61.58 8.55 104.20
N TYR EE 47 62.26 9.23 105.12
CA TYR EE 47 61.72 10.44 105.73
C TYR EE 47 61.47 11.53 104.68
N ARG EE 48 60.50 12.39 104.98
CA ARG EE 48 60.14 13.52 104.13
C ARG EE 48 59.28 14.47 104.96
N PHE EE 49 58.87 15.57 104.33
CA PHE EE 49 57.97 16.54 104.94
C PHE EE 49 56.75 16.72 104.04
N THR EE 50 55.84 17.59 104.45
CA THR EE 50 54.56 17.73 103.77
C THR EE 50 54.15 19.20 103.84
N ASP EE 51 52.86 19.48 103.61
CA ASP EE 51 52.35 20.85 103.60
C ASP EE 51 52.68 21.56 104.91
N GLY EE 52 52.37 20.92 106.04
CA GLY EE 52 52.78 21.42 107.33
C GLY EE 52 54.12 20.86 107.74
N GLY EE 53 54.34 20.83 109.05
CA GLY EE 53 55.53 20.18 109.58
C GLY EE 53 55.31 18.70 109.73
N THR EE 54 54.48 18.13 108.87
CA THR EE 54 54.07 16.73 108.99
C THR EE 54 55.23 15.82 108.62
N ASN EE 55 56.10 15.53 109.58
CA ASN EE 55 57.28 14.72 109.34
C ASN EE 55 56.85 13.28 109.10
N ARG EE 56 56.79 12.89 107.83
CA ARG EE 56 56.24 11.59 107.45
C ARG EE 56 57.38 10.58 107.23
N GLN EE 57 58.03 10.22 108.33
CA GLN EE 57 59.08 9.23 108.26
C GLN EE 57 58.50 7.86 107.94
N SER EE 58 59.35 6.98 107.42
CA SER EE 58 58.91 5.66 107.00
C SER EE 58 60.11 4.72 106.96
N LEU EE 59 59.90 3.48 107.37
CA LEU EE 59 60.96 2.49 107.46
C LEU EE 59 60.47 1.18 106.88
N SER EE 60 61.42 0.28 106.61
CA SER EE 60 61.11 -1.08 106.21
C SER EE 60 62.34 -1.95 106.36
N TYR EE 61 62.28 -2.94 107.25
CA TYR EE 61 63.41 -3.81 107.55
C TYR EE 61 63.07 -5.21 107.09
N LYS EE 62 63.63 -5.65 105.97
CA LYS EE 62 63.41 -6.97 105.43
C LYS EE 62 64.61 -7.85 105.77
N GLN EE 63 64.34 -8.99 106.39
CA GLN EE 63 65.40 -9.97 106.69
C GLN EE 63 65.09 -11.26 105.96
N PRO EE 64 65.88 -11.65 104.96
CA PRO EE 64 65.57 -12.85 104.19
C PRO EE 64 65.79 -14.13 105.00
N ILE EE 65 64.89 -15.08 104.82
CA ILE EE 65 64.99 -16.38 105.47
C ILE EE 65 65.83 -17.27 104.56
N THR EE 66 67.02 -17.64 105.02
CA THR EE 66 67.98 -18.36 104.20
C THR EE 66 68.52 -19.56 104.96
N ALA EE 67 68.76 -20.64 104.21
CA ALA EE 67 69.44 -21.83 104.70
C ALA EE 67 70.50 -22.21 103.69
N VAL EE 68 71.71 -22.51 104.17
CA VAL EE 68 72.85 -22.73 103.27
C VAL EE 68 72.73 -24.11 102.65
N ASP EE 69 72.80 -24.16 101.32
CA ASP EE 69 72.80 -25.43 100.60
C ASP EE 69 74.13 -26.14 100.81
N SER EE 70 74.13 -27.43 100.53
CA SER EE 70 75.36 -28.23 100.58
C SER EE 70 76.02 -28.24 99.22
N THR EE 71 77.35 -28.17 99.23
CA THR EE 71 78.24 -28.22 98.07
C THR EE 71 78.12 -27.00 97.17
N THR EE 72 77.23 -26.06 97.44
CA THR EE 72 77.07 -24.86 96.64
C THR EE 72 77.10 -23.63 97.54
N SER EE 73 77.80 -22.60 97.09
CA SER EE 73 77.95 -21.37 97.86
C SER EE 73 76.92 -20.31 97.44
N GLU EE 74 75.64 -20.66 97.54
CA GLU EE 74 74.57 -19.75 97.16
C GLU EE 74 73.55 -19.53 98.27
N THR EE 75 73.67 -20.22 99.40
CA THR EE 75 72.88 -20.00 100.61
C THR EE 75 71.42 -19.69 100.31
N LEU EE 76 70.73 -20.66 99.70
CA LEU EE 76 69.34 -20.50 99.24
C LEU EE 76 68.48 -19.76 100.24
N VAL EE 77 67.77 -18.74 99.74
CA VAL EE 77 66.87 -17.94 100.56
C VAL EE 77 65.43 -18.40 100.30
N ARG EE 78 64.61 -18.33 101.34
CA ARG EE 78 63.26 -18.88 101.28
C ARG EE 78 62.16 -17.84 101.39
N GLY EE 79 62.41 -16.72 102.05
CA GLY EE 79 61.41 -15.68 102.18
C GLY EE 79 62.03 -14.43 102.76
N GLN EE 80 61.20 -13.62 103.42
CA GLN EE 80 61.67 -12.39 104.05
C GLN EE 80 60.68 -11.91 105.12
N CYS EE 81 61.20 -11.55 106.29
CA CYS EE 81 60.39 -11.07 107.40
C CYS EE 81 60.29 -9.55 107.32
N VAL EE 82 59.31 -9.06 106.56
CA VAL EE 82 59.12 -7.62 106.39
C VAL EE 82 58.60 -7.01 107.68
N VAL EE 83 59.18 -5.88 108.07
CA VAL EE 83 58.70 -5.13 109.23
C VAL EE 83 58.67 -3.65 108.90
N ASP EE 84 57.49 -3.12 108.58
CA ASP EE 84 57.33 -1.72 108.23
C ASP EE 84 57.05 -0.89 109.47
N ILE EE 85 57.65 0.30 109.53
CA ILE EE 85 57.40 1.22 110.64
C ILE EE 85 57.20 2.62 110.09
N ASN EE 86 55.95 3.04 109.93
CA ASN EE 86 55.63 4.36 109.42
C ASN EE 86 55.30 5.30 110.57
N ILE EE 87 55.78 6.54 110.46
CA ILE EE 87 55.63 7.54 111.51
C ILE EE 87 55.05 8.81 110.90
N VAL EE 88 54.05 9.38 111.54
CA VAL EE 88 53.43 10.62 111.11
C VAL EE 88 53.34 11.54 112.33
N ILE EE 89 54.15 12.59 112.35
CA ILE EE 89 54.21 13.52 113.47
C ILE EE 89 53.71 14.87 112.98
N PRO EE 90 52.70 15.46 113.64
CA PRO EE 90 52.10 16.69 113.10
C PRO EE 90 52.99 17.90 113.27
N ARG EE 91 52.54 19.04 112.74
CA ARG EE 91 53.30 20.28 112.87
C ARG EE 91 53.36 20.78 114.30
N VAL EE 92 52.31 20.56 115.10
CA VAL EE 92 52.17 21.17 116.41
C VAL EE 92 52.83 20.31 117.49
N ALA EE 93 53.57 19.29 117.08
CA ALA EE 93 54.11 18.32 118.03
C ALA EE 93 55.41 18.84 118.61
N THR EE 94 55.37 19.25 119.87
CA THR EE 94 56.57 19.65 120.59
C THR EE 94 57.54 18.48 120.65
N ALA EE 95 58.84 18.79 120.52
CA ALA EE 95 59.85 17.74 120.46
C ALA EE 95 59.86 16.87 121.71
N THR EE 96 59.36 17.36 122.83
CA THR EE 96 59.15 16.49 123.98
C THR EE 96 58.03 15.50 123.73
N ASP EE 97 56.94 15.94 123.10
CA ASP EE 97 55.85 15.03 122.78
C ASP EE 97 56.27 14.00 121.74
N ARG EE 98 57.06 14.42 120.75
CA ARG EE 98 57.49 13.47 119.73
C ARG EE 98 58.40 12.39 120.31
N ALA EE 99 59.27 12.75 121.24
CA ALA EE 99 60.11 11.75 121.89
C ALA EE 99 59.27 10.72 122.63
N GLU EE 100 58.23 11.18 123.31
CA GLU EE 100 57.34 10.26 124.02
C GLU EE 100 56.62 9.34 123.03
N ALA EE 101 56.12 9.90 121.93
CA ALA EE 101 55.33 9.10 120.99
C ALA EE 101 56.18 8.01 120.36
N ILE EE 102 57.41 8.32 119.97
CA ILE EE 102 58.26 7.33 119.31
C ILE EE 102 58.72 6.28 120.31
N LYS EE 103 59.17 6.70 121.48
CA LYS EE 103 59.73 5.74 122.44
C LYS EE 103 58.64 4.86 123.04
N ARG EE 104 57.42 5.38 123.19
CA ARG EE 104 56.33 4.56 123.68
C ARG EE 104 55.88 3.55 122.64
N ALA EE 105 55.88 3.93 121.36
CA ALA EE 105 55.48 2.99 120.33
C ALA EE 105 56.48 1.84 120.21
N PHE EE 106 57.76 2.13 120.37
CA PHE EE 106 58.79 1.10 120.28
C PHE EE 106 58.94 0.31 121.57
N ASP EE 107 58.19 0.65 122.62
CA ASP EE 107 58.14 -0.15 123.82
C ASP EE 107 57.04 -1.20 123.78
N VAL EE 108 56.34 -1.32 122.66
CA VAL EE 108 55.33 -2.37 122.52
C VAL EE 108 55.98 -3.74 122.65
N LEU EE 109 57.16 -3.92 122.06
CA LEU EE 109 57.84 -5.20 122.08
C LEU EE 109 58.06 -5.71 123.49
N ASN EE 110 58.26 -4.81 124.45
CA ASN EE 110 58.44 -5.21 125.84
C ASN EE 110 57.14 -5.35 126.61
N ALA EE 111 56.03 -4.89 126.05
CA ALA EE 111 54.73 -5.00 126.70
C ALA EE 111 53.85 -6.05 126.03
N LEU EE 112 53.74 -5.97 124.71
CA LEU EE 112 52.99 -6.96 123.93
C LEU EE 112 53.96 -8.00 123.36
N ASN EE 113 54.71 -8.62 124.26
CA ASN EE 113 55.89 -9.40 123.85
C ASN EE 113 55.50 -10.73 123.23
N ALA EE 114 54.71 -11.54 123.94
CA ALA EE 114 54.43 -12.90 123.49
C ALA EE 114 53.70 -12.89 122.14
N GLU EE 115 52.77 -11.96 121.95
CA GLU EE 115 52.01 -11.92 120.71
C GLU EE 115 52.87 -11.58 119.51
N LEU EE 116 53.97 -10.85 119.70
CA LEU EE 116 54.80 -10.42 118.59
C LEU EE 116 55.92 -11.40 118.27
N ILE EE 117 56.58 -11.92 119.31
CA ILE EE 117 57.67 -12.87 119.09
C ILE EE 117 57.11 -14.23 118.70
N THR EE 118 56.25 -14.81 119.55
CA THR EE 118 55.73 -16.14 119.30
C THR EE 118 54.67 -16.13 118.21
N GLY EE 119 53.78 -15.15 118.20
CA GLY EE 119 52.78 -15.02 117.16
C GLY EE 119 51.47 -15.69 117.50
N GLU EE 120 50.93 -15.40 118.68
CA GLU EE 120 49.77 -16.10 119.19
C GLU EE 120 49.06 -15.22 120.21
N GLY EE 121 47.85 -15.64 120.58
CA GLY EE 121 47.26 -15.11 121.79
C GLY EE 121 46.04 -14.23 121.62
N GLN EE 122 45.82 -13.36 122.60
CA GLN EE 122 44.63 -12.50 122.68
C GLN EE 122 43.36 -13.35 122.73
N TRP EE 123 43.23 -14.07 123.83
CA TRP EE 123 42.06 -14.91 124.06
C TRP EE 123 40.91 -14.07 124.58
N ALA FE 1 -24.79 -113.32 59.86
CA ALA FE 1 -24.03 -114.06 60.85
C ALA FE 1 -22.53 -113.96 60.57
N ALA FE 2 -21.72 -114.71 61.31
CA ALA FE 2 -20.29 -114.71 61.06
C ALA FE 2 -20.01 -115.31 59.69
N ARG FE 3 -19.13 -114.65 58.93
CA ARG FE 3 -18.79 -115.10 57.59
C ARG FE 3 -18.16 -116.49 57.64
N SER FE 4 -18.59 -117.38 56.75
CA SER FE 4 -18.09 -118.73 56.70
C SER FE 4 -18.16 -119.21 55.26
N SER FE 5 -18.05 -120.51 55.07
CA SER FE 5 -18.10 -121.11 53.75
C SER FE 5 -19.55 -121.44 53.37
N ILE FE 6 -19.80 -121.48 52.06
CA ILE FE 6 -21.12 -121.81 51.53
C ILE FE 6 -20.97 -122.90 50.49
N VAL FE 7 -22.05 -123.65 50.29
CA VAL FE 7 -21.99 -124.93 49.58
C VAL FE 7 -22.93 -124.87 48.38
N LEU FE 8 -22.97 -123.72 47.71
CA LEU FE 8 -23.77 -123.56 46.49
C LEU FE 8 -23.72 -124.80 45.62
N THR FE 9 -24.90 -125.31 45.28
CA THR FE 9 -25.01 -126.58 44.57
C THR FE 9 -26.13 -126.49 43.55
N ASP FE 10 -26.25 -127.53 42.74
CA ASP FE 10 -27.34 -127.65 41.77
C ASP FE 10 -27.84 -129.09 41.71
N GLY FE 11 -27.64 -129.84 42.79
CA GLY FE 11 -28.14 -131.19 42.87
C GLY FE 11 -27.10 -132.25 42.59
N THR FE 12 -26.14 -131.95 41.71
CA THR FE 12 -25.15 -132.95 41.34
C THR FE 12 -23.70 -132.50 41.56
N THR FE 13 -23.40 -131.22 41.38
CA THR FE 13 -22.02 -130.73 41.50
C THR FE 13 -21.97 -129.57 42.46
N PRO FE 14 -21.84 -129.84 43.76
CA PRO FE 14 -21.72 -128.75 44.74
C PRO FE 14 -20.43 -127.98 44.57
N VAL FE 15 -20.47 -126.72 44.97
CA VAL FE 15 -19.32 -125.83 44.91
C VAL FE 15 -19.15 -125.20 46.27
N THR FE 16 -17.96 -125.31 46.85
CA THR FE 16 -17.66 -124.71 48.14
C THR FE 16 -16.95 -123.38 47.92
N LEU FE 17 -17.53 -122.31 48.44
CA LEU FE 17 -16.97 -120.97 48.32
C LEU FE 17 -16.51 -120.51 49.70
N THR FE 18 -15.45 -119.70 49.70
CA THR FE 18 -14.85 -119.22 50.93
C THR FE 18 -14.66 -117.72 50.88
N PRO FE 19 -14.88 -117.02 51.98
CA PRO FE 19 -14.76 -115.55 51.95
C PRO FE 19 -13.32 -115.08 51.79
N VAL FE 20 -13.00 -114.47 50.66
CA VAL FE 20 -11.63 -114.11 50.36
C VAL FE 20 -11.51 -112.59 50.17
N GLY FE 21 -12.38 -111.84 50.82
CA GLY FE 21 -12.31 -110.40 50.72
C GLY FE 21 -13.64 -109.77 51.09
N GLY FE 22 -13.77 -108.50 50.72
CA GLY FE 22 -14.99 -107.78 50.99
C GLY FE 22 -14.76 -106.44 51.68
N GLY FE 23 -15.59 -106.15 52.68
CA GLY FE 23 -15.47 -104.89 53.40
C GLY FE 23 -16.63 -104.72 54.34
N VAL FE 24 -17.11 -103.49 54.42
CA VAL FE 24 -18.31 -103.18 55.20
C VAL FE 24 -19.49 -103.18 54.24
N GLY FE 25 -20.48 -104.01 54.54
CA GLY FE 25 -21.61 -104.20 53.64
C GLY FE 25 -21.21 -104.84 52.33
N GLN FE 26 -20.34 -105.85 52.38
CA GLN FE 26 -19.86 -106.56 51.21
C GLN FE 26 -19.07 -107.77 51.66
N THR FE 27 -19.17 -108.85 50.88
CA THR FE 27 -18.44 -110.08 51.22
C THR FE 27 -18.23 -110.88 49.94
N LEU FE 28 -17.02 -110.81 49.40
CA LEU FE 28 -16.68 -111.60 48.23
C LEU FE 28 -16.53 -113.07 48.61
N TYR FE 29 -16.75 -113.94 47.63
CA TYR FE 29 -16.52 -115.37 47.77
C TYR FE 29 -15.79 -115.87 46.54
N ARG FE 30 -15.19 -117.05 46.66
CA ARG FE 30 -14.55 -117.70 45.52
C ARG FE 30 -14.40 -119.17 45.82
N ALA FE 31 -14.62 -120.01 44.81
CA ALA FE 31 -14.47 -121.44 44.99
C ALA FE 31 -13.01 -121.77 45.30
N THR FE 32 -12.82 -122.78 46.15
CA THR FE 32 -11.48 -123.10 46.63
C THR FE 32 -10.52 -123.36 45.47
N ALA FE 33 -10.79 -124.41 44.70
CA ALA FE 33 -10.04 -124.68 43.48
C ALA FE 33 -10.83 -125.66 42.64
N GLU FE 34 -11.27 -125.23 41.46
CA GLU FE 34 -11.87 -126.18 40.52
C GLU FE 34 -10.79 -126.89 39.71
N ALA FE 35 -10.10 -126.16 38.84
CA ALA FE 35 -8.92 -126.68 38.15
C ALA FE 35 -7.80 -125.67 37.98
N LEU FE 36 -8.08 -124.38 38.13
CA LEU FE 36 -7.10 -123.30 37.94
C LEU FE 36 -7.76 -122.02 38.43
N SER FE 37 -7.05 -120.90 38.28
CA SER FE 37 -7.65 -119.61 38.55
C SER FE 37 -8.38 -119.10 37.32
N ALA FE 38 -9.30 -118.15 37.54
CA ALA FE 38 -10.21 -117.58 36.55
C ALA FE 38 -11.24 -118.58 36.07
N ALA FE 39 -11.18 -119.83 36.50
CA ALA FE 39 -12.18 -120.84 36.21
C ALA FE 39 -12.90 -121.25 37.49
N ASN FE 40 -13.03 -120.30 38.42
CA ASN FE 40 -13.63 -120.54 39.71
C ASN FE 40 -14.81 -119.57 39.92
N PRO FE 41 -15.97 -120.08 40.31
CA PRO FE 41 -17.12 -119.20 40.54
C PRO FE 41 -16.92 -118.29 41.75
N SER FE 42 -17.65 -117.17 41.74
CA SER FE 42 -17.61 -116.21 42.83
C SER FE 42 -19.03 -115.79 43.17
N LEU FE 43 -19.23 -115.35 44.41
CA LEU FE 43 -20.56 -115.01 44.92
C LEU FE 43 -20.52 -113.68 45.68
N SER FE 44 -20.00 -112.63 45.04
CA SER FE 44 -20.05 -111.29 45.60
C SER FE 44 -21.41 -111.00 46.21
N PHE FE 45 -21.41 -110.50 47.46
CA PHE FE 45 -22.65 -110.31 48.21
C PHE FE 45 -22.54 -109.03 49.01
N GLY FE 46 -23.33 -108.02 48.63
CA GLY FE 46 -23.40 -106.77 49.36
C GLY FE 46 -24.69 -106.63 50.14
N TYR FE 47 -24.76 -105.57 50.94
CA TYR FE 47 -25.93 -105.24 51.74
C TYR FE 47 -25.73 -103.86 52.32
N ARG FE 48 -26.81 -103.09 52.37
CA ARG FE 48 -26.73 -101.73 52.90
C ARG FE 48 -28.13 -101.26 53.26
N PHE FE 49 -28.19 -100.21 54.07
CA PHE FE 49 -29.43 -99.57 54.46
C PHE FE 49 -29.40 -98.13 53.97
N THR FE 50 -30.45 -97.72 53.27
CA THR FE 50 -30.58 -96.33 52.85
C THR FE 50 -31.12 -95.48 54.00
N ASP FE 51 -31.62 -94.29 53.68
CA ASP FE 51 -32.20 -93.40 54.68
C ASP FE 51 -33.14 -94.14 55.63
N GLY FE 52 -34.12 -94.85 55.08
CA GLY FE 52 -35.01 -95.67 55.87
C GLY FE 52 -34.42 -97.06 56.10
N GLY FE 53 -35.25 -97.95 56.63
CA GLY FE 53 -34.83 -99.30 56.89
C GLY FE 53 -34.89 -100.18 55.65
N THR FE 54 -34.74 -99.58 54.48
CA THR FE 54 -34.82 -100.30 53.22
C THR FE 54 -33.61 -101.20 53.08
N ASN FE 55 -33.80 -102.49 53.37
CA ASN FE 55 -32.72 -103.45 53.39
C ASN FE 55 -32.25 -103.80 51.97
N ARG FE 56 -31.51 -102.90 51.34
CA ARG FE 56 -31.09 -103.07 49.95
C ARG FE 56 -29.94 -104.06 49.85
N GLN FE 57 -30.27 -105.34 49.91
CA GLN FE 57 -29.29 -106.38 49.68
C GLN FE 57 -29.06 -106.57 48.18
N SER FE 58 -27.95 -107.22 47.84
CA SER FE 58 -27.59 -107.45 46.45
C SER FE 58 -26.75 -108.72 46.38
N LEU FE 59 -26.72 -109.31 45.19
CA LEU FE 59 -25.91 -110.50 44.95
C LEU FE 59 -25.41 -110.49 43.52
N SER FE 60 -24.41 -111.33 43.26
CA SER FE 60 -23.87 -111.49 41.91
C SER FE 60 -23.08 -112.78 41.89
N TYR FE 61 -23.54 -113.76 41.13
CA TYR FE 61 -22.85 -115.03 40.98
C TYR FE 61 -22.31 -115.13 39.57
N LYS FE 62 -21.00 -115.30 39.45
CA LYS FE 62 -20.32 -115.33 38.15
C LYS FE 62 -19.62 -116.67 37.99
N GLN FE 63 -20.16 -117.51 37.12
CA GLN FE 63 -19.54 -118.79 36.81
C GLN FE 63 -18.89 -118.71 35.45
N PRO FE 64 -17.57 -118.83 35.34
CA PRO FE 64 -16.90 -118.65 34.05
C PRO FE 64 -16.91 -119.90 33.20
N ILE FE 65 -16.95 -119.68 31.89
CA ILE FE 65 -17.08 -120.76 30.91
C ILE FE 65 -15.70 -121.11 30.41
N THR FE 66 -15.25 -122.34 30.70
CA THR FE 66 -13.91 -122.77 30.36
C THR FE 66 -13.95 -123.83 29.28
N ALA FE 67 -12.92 -123.85 28.44
CA ALA FE 67 -12.85 -124.79 27.33
C ALA FE 67 -11.39 -125.04 26.99
N VAL FE 68 -11.12 -126.27 26.51
CA VAL FE 68 -9.75 -126.65 26.16
C VAL FE 68 -9.32 -125.94 24.88
N ASP FE 69 -8.00 -125.78 24.74
CA ASP FE 69 -7.38 -125.06 23.62
C ASP FE 69 -6.35 -125.97 22.96
N SER FE 70 -6.81 -127.16 22.55
CA SER FE 70 -5.99 -128.29 22.12
C SER FE 70 -4.78 -127.91 21.26
N THR FE 71 -4.89 -126.84 20.46
CA THR FE 71 -3.72 -126.33 19.76
C THR FE 71 -2.59 -126.00 20.73
N THR FE 72 -2.92 -125.61 21.96
CA THR FE 72 -1.94 -125.43 23.02
C THR FE 72 -2.24 -126.26 24.27
N SER FE 73 -3.45 -126.81 24.39
CA SER FE 73 -3.87 -127.65 25.51
C SER FE 73 -3.91 -126.89 26.83
N GLU FE 74 -4.15 -125.58 26.77
CA GLU FE 74 -4.29 -124.75 27.97
C GLU FE 74 -5.75 -124.39 28.15
N THR FE 75 -6.28 -124.61 29.35
CA THR FE 75 -7.71 -124.48 29.62
C THR FE 75 -8.09 -123.00 29.71
N LEU FE 76 -8.18 -122.38 28.54
CA LEU FE 76 -8.57 -120.97 28.48
C LEU FE 76 -10.04 -120.81 28.84
N VAL FE 77 -10.38 -119.64 29.38
CA VAL FE 77 -11.75 -119.30 29.74
C VAL FE 77 -12.33 -118.36 28.69
N ARG FE 78 -13.51 -118.69 28.18
CA ARG FE 78 -14.14 -117.92 27.12
C ARG FE 78 -14.98 -116.76 27.68
N GLY FE 79 -15.95 -117.07 28.53
CA GLY FE 79 -16.80 -116.07 29.13
C GLY FE 79 -17.36 -116.50 30.46
N GLN FE 80 -18.34 -115.76 30.99
CA GLN FE 80 -18.91 -116.07 32.28
C GLN FE 80 -20.42 -115.89 32.24
N CYS FE 81 -21.11 -116.61 33.12
CA CYS FE 81 -22.54 -116.48 33.30
C CYS FE 81 -22.80 -115.67 34.57
N VAL FE 82 -23.58 -114.59 34.43
CA VAL FE 82 -23.79 -113.64 35.51
C VAL FE 82 -25.23 -113.70 35.95
N VAL FE 83 -25.45 -113.89 37.25
CA VAL FE 83 -26.78 -113.87 37.84
C VAL FE 83 -26.78 -112.86 38.97
N ASP FE 84 -27.64 -111.86 38.88
CA ASP FE 84 -27.75 -110.82 39.90
C ASP FE 84 -29.10 -110.91 40.57
N ILE FE 85 -29.11 -111.15 41.88
CA ILE FE 85 -30.35 -111.19 42.63
C ILE FE 85 -30.41 -110.02 43.59
N ASN FE 86 -31.00 -108.90 43.15
CA ASN FE 86 -31.17 -107.75 44.01
C ASN FE 86 -32.44 -107.90 44.84
N ILE FE 87 -32.37 -107.45 46.09
CA ILE FE 87 -33.48 -107.51 47.02
C ILE FE 87 -33.64 -106.16 47.68
N VAL FE 88 -34.86 -105.65 47.72
CA VAL FE 88 -35.17 -104.39 48.40
C VAL FE 88 -36.41 -104.61 49.25
N ILE FE 89 -36.27 -104.45 50.56
CA ILE FE 89 -37.38 -104.58 51.50
C ILE FE 89 -37.47 -103.29 52.30
N PRO FE 90 -38.59 -102.58 52.27
CA PRO FE 90 -38.68 -101.30 52.97
C PRO FE 90 -38.79 -101.51 54.48
N ARG FE 91 -38.66 -100.39 55.20
CA ARG FE 91 -38.75 -100.43 56.65
C ARG FE 91 -40.14 -100.85 57.13
N VAL FE 92 -41.17 -100.48 56.37
CA VAL FE 92 -42.56 -100.70 56.78
C VAL FE 92 -42.95 -102.16 56.62
N ALA FE 93 -42.03 -102.99 56.15
CA ALA FE 93 -42.33 -104.39 55.89
C ALA FE 93 -42.26 -105.21 57.17
N THR FE 94 -43.34 -105.92 57.47
CA THR FE 94 -43.32 -106.83 58.60
C THR FE 94 -42.40 -108.00 58.31
N ALA FE 95 -41.97 -108.68 59.37
CA ALA FE 95 -41.03 -109.77 59.24
C ALA FE 95 -41.55 -110.93 58.39
N THR FE 96 -42.86 -111.07 58.25
CA THR FE 96 -43.42 -112.17 57.46
C THR FE 96 -43.60 -111.85 55.99
N ASP FE 97 -43.80 -110.58 55.65
CA ASP FE 97 -43.85 -110.19 54.24
C ASP FE 97 -42.48 -110.26 53.59
N ARG FE 98 -41.42 -110.00 54.36
CA ARG FE 98 -40.07 -110.17 53.85
C ARG FE 98 -39.77 -111.63 53.56
N ALA FE 99 -40.20 -112.52 54.45
CA ALA FE 99 -39.99 -113.95 54.21
C ALA FE 99 -40.89 -114.45 53.08
N GLU FE 100 -42.08 -113.86 52.93
CA GLU FE 100 -42.97 -114.25 51.83
C GLU FE 100 -42.38 -113.85 50.49
N ALA FE 101 -41.86 -112.62 50.40
CA ALA FE 101 -41.37 -112.12 49.11
C ALA FE 101 -40.13 -112.86 48.67
N ILE FE 102 -39.18 -113.10 49.58
CA ILE FE 102 -37.90 -113.68 49.19
C ILE FE 102 -38.09 -115.11 48.70
N LYS FE 103 -38.86 -115.92 49.43
CA LYS FE 103 -39.01 -117.31 49.05
C LYS FE 103 -39.85 -117.46 47.78
N ARG FE 104 -40.79 -116.54 47.56
CA ARG FE 104 -41.63 -116.63 46.37
C ARG FE 104 -40.84 -116.29 45.12
N ALA FE 105 -40.09 -115.19 45.15
CA ALA FE 105 -39.33 -114.78 43.97
C ALA FE 105 -38.23 -115.78 43.64
N PHE FE 106 -37.72 -116.51 44.64
CA PHE FE 106 -36.76 -117.57 44.38
C PHE FE 106 -37.42 -118.84 43.89
N ASP FE 107 -38.76 -118.91 43.96
CA ASP FE 107 -39.51 -120.04 43.43
C ASP FE 107 -39.83 -119.89 41.95
N VAL FE 108 -39.32 -118.83 41.31
CA VAL FE 108 -39.59 -118.62 39.90
C VAL FE 108 -39.05 -119.78 39.07
N LEU FE 109 -37.82 -120.20 39.36
CA LEU FE 109 -37.16 -121.23 38.56
C LEU FE 109 -37.96 -122.53 38.55
N ASN FE 110 -38.65 -122.83 39.65
CA ASN FE 110 -39.50 -124.02 39.66
C ASN FE 110 -40.73 -123.83 38.79
N ALA FE 111 -41.25 -122.60 38.72
CA ALA FE 111 -42.47 -122.35 37.95
C ALA FE 111 -42.16 -121.90 36.53
N LEU FE 112 -41.44 -120.78 36.39
CA LEU FE 112 -41.07 -120.26 35.07
C LEU FE 112 -39.74 -120.88 34.64
N ASN FE 113 -39.77 -122.20 34.46
CA ASN FE 113 -38.53 -122.96 34.35
C ASN FE 113 -37.93 -122.87 32.95
N ALA FE 114 -38.66 -123.34 31.94
CA ALA FE 114 -38.08 -123.58 30.62
C ALA FE 114 -37.50 -122.32 29.98
N GLU FE 115 -37.99 -121.15 30.34
CA GLU FE 115 -37.48 -119.92 29.74
C GLU FE 115 -36.21 -119.42 30.38
N LEU FE 116 -35.83 -119.94 31.54
CA LEU FE 116 -34.60 -119.58 32.21
C LEU FE 116 -33.50 -120.60 31.95
N ILE FE 117 -33.78 -121.88 32.20
CA ILE FE 117 -32.77 -122.93 32.04
C ILE FE 117 -32.35 -123.03 30.57
N THR FE 118 -33.32 -123.09 29.66
CA THR FE 118 -33.02 -123.38 28.26
C THR FE 118 -32.73 -122.13 27.45
N GLY FE 119 -33.25 -120.98 27.88
CA GLY FE 119 -33.00 -119.74 27.17
C GLY FE 119 -33.96 -119.42 26.05
N GLU FE 120 -34.96 -120.26 25.81
CA GLU FE 120 -35.92 -120.00 24.76
C GLU FE 120 -36.78 -118.79 25.11
N GLY FE 121 -37.19 -118.06 24.07
CA GLY FE 121 -38.02 -116.89 24.23
C GLY FE 121 -39.48 -117.24 24.06
N GLN FE 122 -40.27 -116.97 25.10
CA GLN FE 122 -41.68 -117.30 25.06
C GLN FE 122 -42.42 -116.45 24.04
N TRP FE 123 -43.42 -117.06 23.41
CA TRP FE 123 -44.17 -116.39 22.35
C TRP FE 123 -45.59 -116.08 22.80
N ALA GE 1 -9.99 -124.41 56.92
CA ALA GE 1 -9.20 -123.19 56.82
C ALA GE 1 -9.76 -122.10 57.72
N ALA GE 2 -10.36 -122.50 58.83
CA ALA GE 2 -10.83 -121.56 59.84
C ALA GE 2 -9.67 -121.11 60.71
N ARG GE 3 -9.88 -119.99 61.40
CA ARG GE 3 -8.83 -119.41 62.22
C ARG GE 3 -8.68 -120.20 63.52
N SER GE 4 -7.47 -120.69 63.78
CA SER GE 4 -7.16 -121.41 64.99
C SER GE 4 -5.68 -121.23 65.30
N SER GE 5 -5.25 -121.76 66.43
CA SER GE 5 -3.86 -121.64 66.84
C SER GE 5 -2.96 -122.45 65.91
N ILE GE 6 -1.80 -121.88 65.59
CA ILE GE 6 -0.80 -122.54 64.76
C ILE GE 6 0.47 -122.72 65.57
N VAL GE 7 1.26 -123.72 65.19
CA VAL GE 7 2.32 -124.24 66.05
C VAL GE 7 3.67 -124.13 65.34
N LEU GE 8 3.89 -123.00 64.65
CA LEU GE 8 5.18 -122.69 64.03
C LEU GE 8 6.34 -123.19 64.89
N THR GE 9 7.27 -123.91 64.27
CA THR GE 9 8.39 -124.48 65.00
C THR GE 9 9.59 -124.58 64.08
N ASP GE 10 10.78 -124.61 64.68
CA ASP GE 10 12.03 -124.77 63.96
C ASP GE 10 12.63 -126.15 64.14
N GLY GE 11 12.03 -127.00 64.96
CA GLY GE 11 12.56 -128.32 65.23
C GLY GE 11 12.93 -128.49 66.69
N THR GE 12 13.43 -127.42 67.30
CA THR GE 12 13.86 -127.47 68.71
C THR GE 12 12.76 -126.97 69.64
N THR GE 13 12.32 -125.73 69.47
CA THR GE 13 11.34 -125.11 70.37
C THR GE 13 10.13 -124.66 69.55
N PRO GE 14 8.97 -125.30 69.72
CA PRO GE 14 7.77 -124.82 69.04
C PRO GE 14 7.20 -123.59 69.73
N VAL GE 15 6.61 -122.71 68.93
CA VAL GE 15 5.90 -121.53 69.43
C VAL GE 15 4.47 -121.58 68.92
N THR GE 16 3.52 -121.39 69.82
CA THR GE 16 2.09 -121.50 69.49
C THR GE 16 1.52 -120.10 69.34
N LEU GE 17 1.11 -119.75 68.13
CA LEU GE 17 0.50 -118.46 67.85
C LEU GE 17 -1.02 -118.62 67.81
N THR GE 18 -1.73 -117.75 68.51
CA THR GE 18 -3.18 -117.74 68.52
C THR GE 18 -3.69 -116.46 67.86
N PRO GE 19 -4.82 -116.50 67.16
CA PRO GE 19 -5.30 -115.30 66.47
C PRO GE 19 -5.59 -114.19 67.46
N VAL GE 20 -5.30 -112.96 67.05
CA VAL GE 20 -5.61 -111.79 67.86
C VAL GE 20 -6.30 -110.74 67.02
N GLY GE 21 -6.97 -111.16 65.95
CA GLY GE 21 -7.79 -110.23 65.20
C GLY GE 21 -7.66 -110.29 63.70
N GLY GE 22 -7.91 -109.16 63.04
CA GLY GE 22 -7.70 -109.04 61.61
C GLY GE 22 -8.93 -108.76 60.79
N GLY GE 23 -10.03 -109.46 61.07
CA GLY GE 23 -11.21 -109.30 60.24
C GLY GE 23 -11.09 -110.01 58.91
N VAL GE 24 -11.75 -109.50 57.88
CA VAL GE 24 -11.76 -110.12 56.56
C VAL GE 24 -10.59 -109.60 55.75
N GLY GE 25 -9.95 -110.49 55.01
CA GLY GE 25 -8.80 -110.12 54.22
C GLY GE 25 -7.47 -110.18 54.93
N GLN GE 26 -7.44 -110.56 56.21
CA GLN GE 26 -6.19 -110.69 56.93
C GLN GE 26 -6.44 -111.46 58.22
N THR GE 27 -5.36 -111.77 58.92
CA THR GE 27 -5.44 -112.47 60.19
C THR GE 27 -4.15 -112.19 60.97
N LEU GE 28 -4.29 -111.73 62.20
CA LEU GE 28 -3.14 -111.48 63.05
C LEU GE 28 -2.97 -112.61 64.05
N TYR GE 29 -1.73 -112.99 64.30
CA TYR GE 29 -1.41 -114.01 65.28
C TYR GE 29 -0.42 -113.43 66.29
N ARG GE 30 -0.33 -114.07 67.45
CA ARG GE 30 0.64 -113.67 68.46
C ARG GE 30 0.74 -114.73 69.54
N ALA GE 31 1.96 -115.14 69.89
CA ALA GE 31 2.15 -116.11 70.94
C ALA GE 31 1.87 -115.47 72.29
N THR GE 32 1.88 -116.28 73.36
CA THR GE 32 1.61 -115.73 74.69
C THR GE 32 2.87 -115.09 75.27
N ALA GE 33 3.87 -115.90 75.60
CA ALA GE 33 5.12 -115.45 76.22
C ALA GE 33 4.87 -114.32 77.21
N GLU GE 34 3.88 -114.55 78.08
CA GLU GE 34 3.29 -113.48 78.87
C GLU GE 34 4.33 -112.83 79.77
N ALA GE 35 4.13 -111.54 80.05
CA ALA GE 35 5.00 -110.80 80.97
C ALA GE 35 6.44 -110.82 80.46
N LEU GE 36 6.67 -110.10 79.36
CA LEU GE 36 5.85 -109.02 78.80
C LEU GE 36 4.99 -109.49 77.64
N SER GE 37 3.94 -108.74 77.32
CA SER GE 37 3.01 -109.13 76.26
C SER GE 37 3.44 -108.66 74.88
N ALA GE 38 4.35 -107.69 74.79
CA ALA GE 38 4.89 -107.23 73.52
C ALA GE 38 6.16 -107.96 73.13
N ALA GE 39 6.67 -108.84 73.97
CA ALA GE 39 7.87 -109.60 73.69
C ALA GE 39 7.53 -111.03 73.28
N ASN GE 40 6.83 -111.17 72.16
CA ASN GE 40 6.51 -112.49 71.63
C ASN GE 40 6.25 -112.37 70.13
N PRO GE 41 6.45 -113.43 69.36
CA PRO GE 41 6.36 -113.34 67.90
C PRO GE 41 4.93 -113.16 67.42
N SER GE 42 4.82 -112.70 66.17
CA SER GE 42 3.54 -112.44 65.54
C SER GE 42 3.60 -112.88 64.08
N LEU GE 43 2.44 -113.12 63.49
CA LEU GE 43 2.34 -113.63 62.11
C LEU GE 43 1.24 -112.92 61.32
N SER GE 44 1.31 -111.60 61.25
CA SER GE 44 0.39 -110.85 60.39
C SER GE 44 0.33 -111.46 59.00
N PHE GE 45 -0.83 -112.00 58.63
CA PHE GE 45 -1.01 -112.72 57.37
C PHE GE 45 -2.19 -112.15 56.62
N GLY GE 46 -1.94 -111.60 55.43
CA GLY GE 46 -2.98 -111.03 54.61
C GLY GE 46 -3.16 -111.79 53.31
N TYR GE 47 -4.22 -111.41 52.58
CA TYR GE 47 -4.55 -112.04 51.31
C TYR GE 47 -5.69 -111.26 50.66
N ARG GE 48 -5.71 -111.21 49.34
CA ARG GE 48 -6.76 -110.51 48.61
C ARG GE 48 -6.72 -110.95 47.16
N PHE GE 49 -7.73 -110.55 46.40
CA PHE GE 49 -7.83 -110.79 44.97
C PHE GE 49 -8.08 -109.47 44.27
N THR GE 50 -7.27 -109.17 43.25
CA THR GE 50 -7.41 -107.93 42.50
C THR GE 50 -8.47 -108.08 41.42
N ASP GE 51 -8.47 -107.14 40.47
CA ASP GE 51 -9.45 -107.17 39.37
C ASP GE 51 -9.47 -108.53 38.68
N GLY GE 52 -8.29 -109.10 38.45
CA GLY GE 52 -8.23 -110.44 37.89
C GLY GE 52 -8.34 -111.49 38.96
N GLY GE 53 -7.66 -112.62 38.79
CA GLY GE 53 -7.62 -113.64 39.80
C GLY GE 53 -6.29 -113.63 40.53
N THR GE 54 -5.61 -112.49 40.47
CA THR GE 54 -4.27 -112.37 41.04
C THR GE 54 -4.35 -112.46 42.55
N ASN GE 55 -4.06 -113.63 43.08
CA ASN GE 55 -4.12 -113.90 44.52
C ASN GE 55 -2.84 -113.37 45.16
N ARG GE 56 -2.91 -112.17 45.76
CA ARG GE 56 -1.74 -111.55 46.36
C ARG GE 56 -1.74 -111.81 47.87
N GLN GE 57 -1.26 -112.99 48.24
CA GLN GE 57 -1.09 -113.29 49.65
C GLN GE 57 0.14 -112.55 50.18
N SER GE 58 0.24 -112.49 51.51
CA SER GE 58 1.32 -111.74 52.15
C SER GE 58 1.44 -112.10 53.62
N LEU GE 59 2.65 -112.44 54.06
CA LEU GE 59 2.91 -112.79 55.44
C LEU GE 59 3.97 -111.86 56.01
N SER GE 60 4.09 -111.86 57.33
CA SER GE 60 5.12 -111.07 57.99
C SER GE 60 5.30 -111.63 59.39
N TYR GE 61 6.42 -112.29 59.64
CA TYR GE 61 6.69 -112.92 60.93
C TYR GE 61 7.76 -112.11 61.64
N LYS GE 62 7.36 -111.42 62.70
CA LYS GE 62 8.29 -110.62 63.51
C LYS GE 62 8.51 -111.33 64.84
N GLN GE 63 9.77 -111.54 65.19
CA GLN GE 63 10.14 -112.15 66.46
C GLN GE 63 11.01 -111.17 67.23
N PRO GE 64 10.55 -110.62 68.35
CA PRO GE 64 11.36 -109.67 69.09
C PRO GE 64 12.45 -110.36 69.90
N ILE GE 65 13.54 -109.64 70.10
CA ILE GE 65 14.71 -110.14 70.83
C ILE GE 65 14.60 -109.66 72.27
N THR GE 66 14.48 -110.60 73.19
CA THR GE 66 14.25 -110.29 74.60
C THR GE 66 15.55 -110.34 75.38
N ALA GE 67 15.51 -109.77 76.59
CA ALA GE 67 16.67 -109.77 77.47
C ALA GE 67 16.18 -109.55 78.89
N VAL GE 68 16.21 -110.60 79.71
CA VAL GE 68 15.69 -110.52 81.07
C VAL GE 68 16.70 -109.77 81.93
N ASP GE 69 16.33 -108.57 82.37
CA ASP GE 69 17.20 -107.71 83.16
C ASP GE 69 17.15 -108.19 84.61
N SER GE 70 18.16 -108.97 85.00
CA SER GE 70 18.17 -109.57 86.33
C SER GE 70 18.19 -108.54 87.45
N THR GE 71 18.72 -107.34 87.19
CA THR GE 71 18.75 -106.30 88.21
C THR GE 71 17.36 -105.88 88.63
N THR GE 72 16.51 -105.58 87.65
CA THR GE 72 15.15 -105.12 87.92
C THR GE 72 14.12 -106.24 87.78
N SER GE 73 14.47 -107.33 87.10
CA SER GE 73 13.59 -108.46 86.82
C SER GE 73 12.41 -108.03 85.93
N GLU GE 74 12.77 -107.43 84.81
CA GLU GE 74 11.80 -107.06 83.78
C GLU GE 74 12.36 -107.44 82.43
N THR GE 75 11.46 -107.80 81.51
CA THR GE 75 11.88 -108.20 80.17
C THR GE 75 11.97 -106.98 79.26
N LEU GE 76 13.13 -106.79 78.65
CA LEU GE 76 13.36 -105.67 77.76
C LEU GE 76 13.41 -106.17 76.33
N VAL GE 77 12.96 -105.34 75.41
CA VAL GE 77 12.91 -105.69 73.99
C VAL GE 77 13.98 -104.88 73.26
N ARG GE 78 14.95 -105.58 72.69
CA ARG GE 78 16.08 -104.94 72.04
C ARG GE 78 15.87 -104.73 70.55
N GLY GE 79 15.11 -105.61 69.90
CA GLY GE 79 14.86 -105.47 68.49
C GLY GE 79 14.06 -106.67 68.01
N GLN GE 80 13.73 -106.68 66.73
CA GLN GE 80 12.93 -107.77 66.18
C GLN GE 80 13.47 -108.20 64.83
N CYS GE 81 13.48 -109.51 64.60
CA CYS GE 81 13.79 -110.07 63.30
C CYS GE 81 12.51 -110.18 62.48
N VAL GE 82 12.52 -109.59 61.29
CA VAL GE 82 11.33 -109.51 60.44
C VAL GE 82 11.56 -110.34 59.19
N VAL GE 83 10.59 -111.19 58.87
CA VAL GE 83 10.65 -112.03 57.68
C VAL GE 83 9.35 -111.83 56.90
N ASP GE 84 9.42 -111.12 55.78
CA ASP GE 84 8.27 -110.91 54.91
C ASP GE 84 8.29 -111.93 53.78
N ILE GE 85 7.12 -112.45 53.45
CA ILE GE 85 6.97 -113.45 52.39
C ILE GE 85 5.77 -113.03 51.56
N ASN GE 86 6.01 -112.27 50.50
CA ASN GE 86 4.94 -111.91 49.58
C ASN GE 86 4.79 -112.97 48.51
N ILE GE 87 3.54 -113.26 48.15
CA ILE GE 87 3.22 -114.26 47.16
C ILE GE 87 2.24 -113.65 46.17
N VAL GE 88 2.58 -113.68 44.88
CA VAL GE 88 1.70 -113.23 43.83
C VAL GE 88 1.46 -114.40 42.88
N ILE GE 89 0.20 -114.70 42.63
CA ILE GE 89 -0.16 -115.80 41.74
C ILE GE 89 -1.08 -115.27 40.66
N PRO GE 90 -0.67 -115.26 39.40
CA PRO GE 90 -1.48 -114.60 38.37
C PRO GE 90 -2.79 -115.31 38.08
N ARG GE 91 -3.64 -114.66 37.28
CA ARG GE 91 -4.95 -115.19 36.95
C ARG GE 91 -4.87 -116.50 36.17
N VAL GE 92 -3.79 -116.74 35.46
CA VAL GE 92 -3.69 -117.85 34.51
C VAL GE 92 -2.98 -119.06 35.11
N ALA GE 93 -2.77 -119.07 36.43
CA ALA GE 93 -1.94 -120.09 37.06
C ALA GE 93 -2.77 -121.32 37.40
N THR GE 94 -2.31 -122.48 36.96
CA THR GE 94 -2.97 -123.73 37.28
C THR GE 94 -2.83 -124.04 38.76
N ALA GE 95 -3.74 -124.86 39.28
CA ALA GE 95 -3.74 -125.22 40.68
C ALA GE 95 -2.55 -126.10 41.07
N THR GE 96 -1.87 -126.70 40.10
CA THR GE 96 -0.67 -127.48 40.40
C THR GE 96 0.62 -126.69 40.21
N ASP GE 97 0.56 -125.56 39.48
CA ASP GE 97 1.71 -124.68 39.41
C ASP GE 97 1.86 -123.87 40.68
N ARG GE 98 0.75 -123.60 41.37
CA ARG GE 98 0.82 -122.92 42.67
C ARG GE 98 1.60 -123.75 43.67
N ALA GE 99 1.30 -125.04 43.77
CA ALA GE 99 2.03 -125.91 44.69
C ALA GE 99 3.49 -126.01 44.29
N GLU GE 100 3.77 -126.09 42.99
CA GLU GE 100 5.16 -126.16 42.53
C GLU GE 100 5.91 -124.88 42.87
N ALA GE 101 5.29 -123.72 42.62
CA ALA GE 101 5.98 -122.46 42.87
C ALA GE 101 6.19 -122.22 44.36
N ILE GE 102 5.13 -122.39 45.15
CA ILE GE 102 5.21 -122.07 46.57
C ILE GE 102 6.19 -123.02 47.28
N LYS GE 103 6.04 -124.33 47.06
CA LYS GE 103 6.88 -125.26 47.78
C LYS GE 103 8.33 -125.19 47.33
N ARG GE 104 8.59 -124.71 46.12
CA ARG GE 104 9.97 -124.53 45.67
C ARG GE 104 10.60 -123.31 46.32
N ALA GE 105 9.85 -122.20 46.38
CA ALA GE 105 10.38 -120.99 46.99
C ALA GE 105 10.68 -121.20 48.47
N PHE GE 106 9.80 -121.91 49.19
CA PHE GE 106 10.04 -122.22 50.58
C PHE GE 106 11.09 -123.30 50.77
N ASP GE 107 11.56 -123.91 49.69
CA ASP GE 107 12.66 -124.86 49.76
C ASP GE 107 14.02 -124.19 49.65
N VAL GE 108 14.06 -122.86 49.55
CA VAL GE 108 15.33 -122.14 49.48
C VAL GE 108 16.13 -122.39 50.75
N LEU GE 109 15.47 -122.37 51.89
CA LEU GE 109 16.16 -122.58 53.16
C LEU GE 109 16.94 -123.89 53.18
N ASN GE 110 16.49 -124.90 52.44
CA ASN GE 110 17.25 -126.13 52.32
C ASN GE 110 18.32 -126.05 51.25
N ALA GE 111 18.18 -125.13 50.28
CA ALA GE 111 19.20 -124.99 49.26
C ALA GE 111 20.21 -123.91 49.63
N LEU GE 112 19.73 -122.70 49.88
CA LEU GE 112 20.59 -121.57 50.25
C LEU GE 112 20.70 -121.46 51.77
N ASN GE 113 21.07 -122.57 52.39
CA ASN GE 113 20.94 -122.71 53.84
C ASN GE 113 21.97 -121.85 54.56
N ALA GE 114 23.25 -121.99 54.23
CA ALA GE 114 24.30 -121.30 54.99
C ALA GE 114 24.20 -119.79 54.85
N GLU GE 115 23.66 -119.30 53.73
CA GLU GE 115 23.55 -117.86 53.54
C GLU GE 115 22.40 -117.25 54.32
N LEU GE 116 21.55 -118.07 54.94
CA LEU GE 116 20.40 -117.56 55.68
C LEU GE 116 20.47 -117.89 57.15
N ILE GE 117 20.82 -119.13 57.51
CA ILE GE 117 20.84 -119.53 58.91
C ILE GE 117 21.98 -118.84 59.66
N THR GE 118 23.16 -118.78 59.05
CA THR GE 118 24.32 -118.18 59.70
C THR GE 118 24.57 -116.73 59.30
N GLY GE 119 24.10 -116.32 58.13
CA GLY GE 119 24.23 -114.96 57.69
C GLY GE 119 25.39 -114.67 56.78
N GLU GE 120 26.07 -115.70 56.28
CA GLU GE 120 27.21 -115.50 55.41
C GLU GE 120 26.79 -114.87 54.09
N GLY GE 121 27.77 -114.57 53.27
CA GLY GE 121 27.53 -114.22 51.88
C GLY GE 121 28.37 -115.11 51.01
N GLN GE 122 27.80 -115.55 49.90
CA GLN GE 122 28.50 -116.48 49.04
C GLN GE 122 29.61 -115.75 48.29
N TRP GE 123 30.78 -116.39 48.22
CA TRP GE 123 31.96 -115.77 47.64
C TRP GE 123 32.30 -116.30 46.26
N ALA HE 1 28.63 -121.12 51.19
CA ALA HE 1 29.77 -121.48 50.36
C ALA HE 1 29.77 -120.65 49.08
N ALA HE 2 30.60 -121.05 48.13
CA ALA HE 2 30.71 -120.30 46.89
C ALA HE 2 29.45 -120.46 46.04
N ARG HE 3 29.30 -119.57 45.07
CA ARG HE 3 28.17 -119.66 44.15
C ARG HE 3 28.22 -121.00 43.42
N SER HE 4 27.21 -121.84 43.63
CA SER HE 4 27.18 -123.15 42.98
C SER HE 4 25.79 -123.41 42.41
N SER HE 5 25.54 -124.66 42.01
CA SER HE 5 24.24 -125.04 41.47
C SER HE 5 23.34 -125.52 42.60
N ILE HE 6 22.16 -124.91 42.71
CA ILE HE 6 21.20 -125.27 43.74
C ILE HE 6 20.11 -126.13 43.12
N VAL HE 7 19.45 -126.92 43.96
CA VAL HE 7 18.57 -127.99 43.51
C VAL HE 7 17.15 -127.75 44.04
N LEU HE 8 16.71 -126.49 44.03
CA LEU HE 8 15.36 -126.11 44.46
C LEU HE 8 14.33 -127.11 43.97
N THR HE 9 13.60 -127.72 44.90
CA THR HE 9 12.67 -128.79 44.61
C THR HE 9 11.39 -128.59 45.41
N ASP HE 10 10.47 -129.54 45.27
CA ASP HE 10 9.24 -129.52 46.06
C ASP HE 10 8.85 -130.92 46.55
N GLY HE 11 9.73 -131.91 46.42
CA GLY HE 11 9.44 -133.27 46.80
C GLY HE 11 9.19 -134.20 45.63
N THR HE 12 8.72 -133.66 44.51
CA THR HE 12 8.44 -134.46 43.32
C THR HE 12 9.28 -134.05 42.12
N THR HE 13 9.29 -132.77 41.78
CA THR HE 13 9.93 -132.28 40.55
C THR HE 13 11.04 -131.30 40.88
N PRO HE 14 12.29 -131.76 40.97
CA PRO HE 14 13.39 -130.84 41.25
C PRO HE 14 13.75 -129.98 40.04
N VAL HE 15 14.37 -128.84 40.34
CA VAL HE 15 14.88 -127.93 39.32
C VAL HE 15 16.27 -127.48 39.75
N THR HE 16 17.23 -127.57 38.85
CA THR HE 16 18.60 -127.18 39.13
C THR HE 16 18.86 -125.80 38.55
N LEU HE 17 19.39 -124.90 39.39
CA LEU HE 17 19.63 -123.51 39.02
C LEU HE 17 21.10 -123.21 39.15
N THR HE 18 21.67 -122.57 38.13
CA THR HE 18 23.08 -122.20 38.14
C THR HE 18 23.23 -120.69 37.98
N PRO HE 19 24.19 -120.08 38.66
CA PRO HE 19 24.29 -118.61 38.67
C PRO HE 19 24.47 -118.04 37.28
N VAL HE 20 23.81 -116.91 37.02
CA VAL HE 20 23.73 -116.34 35.68
C VAL HE 20 24.17 -114.89 35.75
N GLY HE 21 24.82 -114.53 36.84
CA GLY HE 21 25.36 -113.19 36.92
C GLY HE 21 25.23 -112.65 38.34
N GLY HE 22 25.03 -111.33 38.42
CA GLY HE 22 24.92 -110.67 39.69
C GLY HE 22 26.08 -109.73 39.98
N GLY HE 23 26.67 -109.86 41.16
CA GLY HE 23 27.76 -109.00 41.58
C GLY HE 23 28.18 -109.26 43.01
N VAL HE 24 28.37 -108.20 43.79
CA VAL HE 24 28.65 -108.31 45.21
C VAL HE 24 27.36 -108.08 45.98
N GLY HE 25 27.01 -109.03 46.85
CA GLY HE 25 25.71 -108.98 47.50
C GLY HE 25 24.59 -109.06 46.49
N GLN HE 26 24.73 -109.94 45.51
CA GLN HE 26 23.73 -110.15 44.48
C GLN HE 26 24.09 -111.43 43.73
N THR HE 27 23.10 -112.26 43.44
CA THR HE 27 23.36 -113.54 42.79
C THR HE 27 22.09 -113.97 42.05
N LEU HE 28 22.13 -113.93 40.73
CA LEU HE 28 21.02 -114.42 39.94
C LEU HE 28 21.09 -115.94 39.84
N TYR HE 29 20.02 -116.53 39.34
CA TYR HE 29 19.96 -117.96 39.09
C TYR HE 29 19.03 -118.19 37.92
N ARG HE 30 19.12 -119.39 37.34
CA ARG HE 30 18.20 -119.83 36.29
C ARG HE 30 18.47 -121.30 36.02
N ALA HE 31 17.51 -121.96 35.38
CA ALA HE 31 17.60 -123.37 35.07
C ALA HE 31 18.06 -123.58 33.63
N THR HE 32 18.01 -124.83 33.17
CA THR HE 32 18.64 -125.22 31.91
C THR HE 32 17.75 -125.04 30.69
N ALA HE 33 16.44 -125.20 30.82
CA ALA HE 33 15.53 -125.14 29.67
C ALA HE 33 15.56 -123.76 29.03
N GLU HE 34 15.22 -123.68 27.74
CA GLU HE 34 15.40 -122.49 26.94
C GLU HE 34 14.07 -122.04 26.34
N ALA HE 35 13.78 -120.76 26.48
CA ALA HE 35 12.55 -120.19 25.92
C ALA HE 35 12.83 -118.74 25.52
N LEU HE 36 11.83 -118.09 24.94
CA LEU HE 36 12.01 -116.78 24.30
C LEU HE 36 11.76 -115.63 25.25
N SER HE 37 10.56 -115.56 25.85
CA SER HE 37 10.20 -114.43 26.71
C SER HE 37 10.60 -114.69 28.16
N ALA HE 38 10.06 -115.75 28.76
CA ALA HE 38 10.40 -116.13 30.13
C ALA HE 38 10.98 -117.54 30.09
N ALA HE 39 12.25 -117.66 30.43
CA ALA HE 39 12.93 -118.94 30.23
C ALA HE 39 12.61 -119.92 31.34
N ASN HE 40 13.00 -119.60 32.57
CA ASN HE 40 12.99 -120.59 33.65
C ASN HE 40 12.75 -119.91 34.99
N PRO HE 41 12.66 -120.67 36.08
CA PRO HE 41 12.72 -120.05 37.40
C PRO HE 41 14.00 -119.25 37.60
N SER HE 42 13.89 -118.11 38.26
CA SER HE 42 15.01 -117.18 38.41
C SER HE 42 15.03 -116.65 39.84
N LEU HE 43 15.88 -117.23 40.67
CA LEU HE 43 15.95 -116.91 42.10
C LEU HE 43 17.04 -115.88 42.34
N SER HE 44 16.66 -114.62 42.52
CA SER HE 44 17.63 -113.59 42.85
C SER HE 44 17.86 -113.55 44.35
N PHE HE 45 19.07 -113.16 44.75
CA PHE HE 45 19.48 -113.17 46.15
C PHE HE 45 20.30 -111.91 46.41
N GLY HE 46 19.73 -110.98 47.19
CA GLY HE 46 20.29 -109.64 47.27
C GLY HE 46 20.78 -109.18 48.63
N TYR HE 47 21.49 -110.03 49.36
CA TYR HE 47 21.91 -109.71 50.72
C TYR HE 47 22.83 -108.48 50.74
N ARG HE 48 22.82 -107.80 51.87
CA ARG HE 48 23.65 -106.62 52.10
C ARG HE 48 23.67 -106.34 53.61
N PHE HE 49 24.39 -105.28 53.99
CA PHE HE 49 24.45 -104.81 55.36
C PHE HE 49 24.06 -103.33 55.40
N THR HE 50 24.06 -102.76 56.59
CA THR HE 50 23.53 -101.41 56.77
C THR HE 50 24.37 -100.73 57.86
N ASP HE 51 23.84 -99.65 58.44
CA ASP HE 51 24.58 -98.88 59.45
C ASP HE 51 25.00 -99.77 60.61
N GLY HE 52 24.08 -100.57 61.14
CA GLY HE 52 24.40 -101.57 62.13
C GLY HE 52 24.72 -102.90 61.48
N GLY HE 53 24.52 -103.97 62.24
CA GLY HE 53 24.65 -105.29 61.69
C GLY HE 53 23.35 -105.73 61.03
N THR HE 54 22.59 -104.76 60.52
CA THR HE 54 21.27 -105.02 59.99
C THR HE 54 21.36 -105.79 58.68
N ASN HE 55 21.41 -107.11 58.77
CA ASN HE 55 21.56 -107.98 57.61
C ASN HE 55 20.25 -107.99 56.83
N ARG HE 56 20.16 -107.17 55.78
CA ARG HE 56 18.93 -107.04 55.01
C ARG HE 56 18.96 -107.95 53.79
N GLN HE 57 18.86 -109.25 54.05
CA GLN HE 57 18.77 -110.20 52.96
C GLN HE 57 17.46 -110.03 52.21
N SER HE 58 17.44 -110.50 50.96
CA SER HE 58 16.26 -110.33 50.11
C SER HE 58 16.30 -111.38 49.01
N LEU HE 59 15.13 -111.93 48.70
CA LEU HE 59 15.01 -112.99 47.72
C LEU HE 59 13.84 -112.69 46.79
N SER HE 60 13.80 -113.41 45.68
CA SER HE 60 12.68 -113.34 44.75
C SER HE 60 12.73 -114.54 43.82
N TYR HE 61 11.73 -115.41 43.89
CA TYR HE 61 11.70 -116.64 43.09
C TYR HE 61 10.53 -116.55 42.12
N LYS HE 62 10.81 -116.28 40.86
CA LYS HE 62 9.80 -116.19 39.82
C LYS HE 62 9.80 -117.48 39.02
N GLN HE 63 8.64 -118.12 38.92
CA GLN HE 63 8.46 -119.31 38.10
C GLN HE 63 7.47 -119.01 37.00
N PRO HE 64 7.88 -118.95 35.74
CA PRO HE 64 6.95 -118.59 34.67
C PRO HE 64 5.92 -119.67 34.43
N ILE HE 65 4.70 -119.24 34.08
CA ILE HE 65 3.60 -120.13 33.77
C ILE HE 65 3.66 -120.40 32.27
N THR HE 66 4.00 -121.63 31.89
CA THR HE 66 4.25 -121.95 30.50
C THR HE 66 3.48 -123.19 30.09
N ALA HE 67 3.02 -123.20 28.84
CA ALA HE 67 2.42 -124.37 28.21
C ALA HE 67 2.97 -124.45 26.79
N VAL HE 68 3.42 -125.64 26.41
CA VAL HE 68 4.12 -125.82 25.15
C VAL HE 68 3.13 -125.75 23.99
N ASP HE 69 3.46 -124.95 22.98
CA ASP HE 69 2.65 -124.88 21.78
C ASP HE 69 2.85 -126.11 20.91
N SER HE 70 1.93 -126.32 19.98
CA SER HE 70 2.06 -127.40 19.02
C SER HE 70 2.75 -126.89 17.76
N THR HE 71 3.63 -127.74 17.21
CA THR HE 71 4.38 -127.53 15.98
C THR HE 71 5.45 -126.43 16.10
N THR HE 72 5.54 -125.75 17.25
CA THR HE 72 6.55 -124.71 17.45
C THR HE 72 7.28 -124.96 18.76
N SER HE 73 8.60 -124.81 18.72
CA SER HE 73 9.45 -125.05 19.89
C SER HE 73 9.73 -123.75 20.66
N GLU HE 74 8.67 -123.08 21.10
CA GLU HE 74 8.80 -121.85 21.84
C GLU HE 74 8.10 -121.85 23.18
N THR HE 75 7.40 -122.93 23.53
CA THR HE 75 6.81 -123.17 24.85
C THR HE 75 6.22 -121.90 25.47
N LEU HE 76 5.19 -121.36 24.81
CA LEU HE 76 4.56 -120.09 25.20
C LEU HE 76 4.38 -119.98 26.71
N VAL HE 77 4.80 -118.85 27.26
CA VAL HE 77 4.68 -118.56 28.68
C VAL HE 77 3.51 -117.60 28.90
N ARG HE 78 2.81 -117.78 30.01
CA ARG HE 78 1.59 -117.03 30.27
C ARG HE 78 1.68 -116.06 31.44
N GLY HE 79 2.49 -116.36 32.44
CA GLY HE 79 2.64 -115.48 33.58
C GLY HE 79 3.85 -115.85 34.39
N GLN HE 80 3.82 -115.52 35.68
CA GLN HE 80 4.90 -115.84 36.60
C GLN HE 80 4.44 -115.77 38.05
N CYS HE 81 4.76 -116.79 38.84
CA CYS HE 81 4.37 -116.86 40.24
C CYS HE 81 5.49 -116.26 41.09
N VAL HE 82 5.46 -114.94 41.27
CA VAL HE 82 6.47 -114.25 42.05
C VAL HE 82 6.31 -114.60 43.53
N VAL HE 83 7.43 -114.89 44.19
CA VAL HE 83 7.43 -115.16 45.62
C VAL HE 83 8.61 -114.45 46.28
N ASP HE 84 8.38 -113.27 46.85
CA ASP HE 84 9.44 -112.50 47.49
C ASP HE 84 9.60 -112.92 48.94
N ILE HE 85 10.85 -112.97 49.40
CA ILE HE 85 11.15 -113.28 50.79
C ILE HE 85 12.22 -112.32 51.31
N ASN HE 86 11.80 -111.27 52.01
CA ASN HE 86 12.71 -110.30 52.56
C ASN HE 86 12.97 -110.59 54.04
N ILE HE 87 14.22 -110.44 54.45
CA ILE HE 87 14.66 -110.75 55.80
C ILE HE 87 15.41 -109.54 56.35
N VAL HE 88 15.09 -109.17 57.59
CA VAL HE 88 15.75 -108.05 58.27
C VAL HE 88 16.11 -108.54 59.67
N ILE HE 89 17.39 -108.74 59.91
CA ILE HE 89 17.89 -109.25 61.18
C ILE HE 89 18.71 -108.16 61.85
N PRO HE 90 18.40 -107.77 63.08
CA PRO HE 90 19.08 -106.61 63.67
C PRO HE 90 20.51 -106.92 64.07
N ARG HE 91 21.21 -105.92 64.57
CA ARG HE 91 22.59 -106.11 65.01
C ARG HE 91 22.69 -106.98 66.25
N VAL HE 92 21.72 -106.87 67.16
CA VAL HE 92 21.81 -107.50 68.47
C VAL HE 92 21.33 -108.94 68.42
N ALA HE 93 21.06 -109.45 67.23
CA ALA HE 93 20.43 -110.76 67.07
C ALA HE 93 21.49 -111.85 67.20
N THR HE 94 21.47 -112.56 68.32
CA THR HE 94 22.33 -113.71 68.52
C THR HE 94 22.04 -114.76 67.44
N ALA HE 95 23.11 -115.40 66.94
CA ALA HE 95 22.96 -116.36 65.85
C ALA HE 95 22.01 -117.49 66.18
N THR HE 96 21.83 -117.82 67.46
CA THR HE 96 20.79 -118.77 67.84
C THR HE 96 19.41 -118.19 67.61
N ASP HE 97 19.22 -116.89 67.91
CA ASP HE 97 17.93 -116.26 67.66
C ASP HE 97 17.66 -116.14 66.17
N ARG HE 98 18.68 -115.84 65.37
CA ARG HE 98 18.46 -115.72 63.93
C ARG HE 98 18.07 -117.06 63.31
N ALA HE 99 18.67 -118.15 63.77
CA ALA HE 99 18.30 -119.46 63.25
C ALA HE 99 16.84 -119.77 63.56
N GLU HE 100 16.39 -119.44 64.77
CA GLU HE 100 14.99 -119.65 65.13
C GLU HE 100 14.07 -118.78 64.27
N ALA HE 101 14.45 -117.52 64.06
CA ALA HE 101 13.57 -116.61 63.33
C ALA HE 101 13.38 -117.06 61.89
N ILE HE 102 14.45 -117.50 61.24
CA ILE HE 102 14.34 -117.90 59.83
C ILE HE 102 13.60 -119.23 59.72
N LYS HE 103 13.96 -120.20 60.55
CA LYS HE 103 13.35 -121.52 60.41
C LYS HE 103 11.88 -121.51 60.82
N ARG HE 104 11.51 -120.68 61.80
CA ARG HE 104 10.11 -120.55 62.16
C ARG HE 104 9.31 -119.86 61.07
N ALA HE 105 9.89 -118.87 60.41
CA ALA HE 105 9.18 -118.19 59.34
C ALA HE 105 8.93 -119.12 58.16
N PHE HE 106 9.90 -119.97 57.82
CA PHE HE 106 9.75 -120.89 56.71
C PHE HE 106 8.94 -122.13 57.08
N ASP HE 107 8.51 -122.25 58.33
CA ASP HE 107 7.60 -123.32 58.73
C ASP HE 107 6.14 -122.92 58.59
N VAL HE 108 5.87 -121.73 58.06
CA VAL HE 108 4.49 -121.32 57.84
C VAL HE 108 3.81 -122.25 56.85
N LEU HE 109 4.55 -122.67 55.82
CA LEU HE 109 3.97 -123.53 54.79
C LEU HE 109 3.42 -124.82 55.37
N ASN HE 110 4.01 -125.31 56.46
CA ASN HE 110 3.50 -126.52 57.10
C ASN HE 110 2.44 -126.25 58.15
N ALA HE 111 2.23 -124.99 58.53
CA ALA HE 111 1.20 -124.63 59.50
C ALA HE 111 0.03 -123.93 58.83
N LEU HE 112 0.31 -122.92 58.01
CA LEU HE 112 -0.71 -122.21 57.26
C LEU HE 112 -0.79 -122.77 55.84
N ASN HE 113 -1.01 -124.08 55.76
CA ASN HE 113 -0.79 -124.81 54.52
C ASN HE 113 -1.88 -124.56 53.50
N ALA HE 114 -3.13 -124.83 53.86
CA ALA HE 114 -4.23 -124.77 52.90
C ALA HE 114 -4.37 -123.37 52.32
N GLU HE 115 -4.24 -122.33 53.15
CA GLU HE 115 -4.41 -120.97 52.68
C GLU HE 115 -3.33 -120.56 51.68
N LEU HE 116 -2.15 -121.18 51.73
CA LEU HE 116 -1.06 -120.82 50.83
C LEU HE 116 -1.06 -121.63 49.56
N ILE HE 117 -1.27 -122.95 49.66
CA ILE HE 117 -1.29 -123.81 48.48
C ILE HE 117 -2.57 -123.60 47.70
N THR HE 118 -3.71 -123.81 48.36
CA THR HE 118 -5.00 -123.71 47.67
C THR HE 118 -5.39 -122.26 47.39
N GLY HE 119 -5.17 -121.37 48.34
CA GLY HE 119 -5.46 -119.96 48.14
C GLY HE 119 -6.85 -119.57 48.59
N GLU HE 120 -7.23 -119.95 49.81
CA GLU HE 120 -8.59 -119.80 50.28
C GLU HE 120 -8.60 -119.76 51.80
N GLY HE 121 -9.71 -119.30 52.35
CA GLY HE 121 -9.99 -119.57 53.75
C GLY HE 121 -9.98 -118.39 54.69
N GLN HE 122 -9.68 -118.65 55.96
CA GLN HE 122 -9.76 -117.68 57.05
C GLN HE 122 -11.19 -117.14 57.19
N TRP HE 123 -12.07 -118.04 57.60
CA TRP HE 123 -13.47 -117.69 57.82
C TRP HE 123 -13.64 -117.06 59.18
N ALA IE 1 82.91 5.16 100.73
CA ALA IE 1 82.77 5.81 102.02
C ALA IE 1 82.06 7.14 101.88
N ALA IE 2 81.96 7.90 102.97
CA ALA IE 2 81.34 9.21 102.90
C ALA IE 2 82.16 10.13 102.01
N ARG IE 3 81.47 10.86 101.13
CA ARG IE 3 82.16 11.73 100.17
C ARG IE 3 82.92 12.82 100.90
N SER IE 4 84.15 13.06 100.46
CA SER IE 4 85.01 14.06 101.07
C SER IE 4 85.92 14.65 99.99
N SER IE 5 86.97 15.31 100.41
CA SER IE 5 87.93 15.90 99.49
C SER IE 5 89.00 14.89 99.12
N ILE IE 6 89.62 15.09 97.96
CA ILE IE 6 90.71 14.25 97.49
C ILE IE 6 91.87 15.14 97.05
N VAL IE 7 93.06 14.59 97.09
CA VAL IE 7 94.29 15.39 97.05
C VAL IE 7 95.12 14.91 95.86
N LEU IE 8 94.44 14.60 94.75
CA LEU IE 8 95.11 14.23 93.50
C LEU IE 8 96.38 15.03 93.29
N THR IE 9 97.49 14.32 93.06
CA THR IE 9 98.80 14.95 93.00
C THR IE 9 99.62 14.25 91.91
N ASP IE 10 100.79 14.83 91.64
CA ASP IE 10 101.75 14.22 90.72
C ASP IE 10 103.16 14.38 91.27
N GLY IE 11 103.29 14.53 92.58
CA GLY IE 11 104.59 14.60 93.20
C GLY IE 11 105.05 16.01 93.52
N THR IE 12 104.62 16.99 92.71
CA THR IE 12 105.09 18.36 92.91
C THR IE 12 103.96 19.36 93.09
N THR IE 13 102.83 19.20 92.41
CA THR IE 13 101.73 20.15 92.49
C THR IE 13 100.44 19.42 92.83
N PRO IE 14 100.15 19.22 94.12
CA PRO IE 14 98.90 18.59 94.51
C PRO IE 14 97.70 19.46 94.16
N VAL IE 15 96.56 18.80 93.94
CA VAL IE 15 95.31 19.47 93.61
C VAL IE 15 94.25 18.94 94.58
N THR IE 16 93.56 19.85 95.26
CA THR IE 16 92.49 19.48 96.18
C THR IE 16 91.16 19.61 95.45
N LEU IE 17 90.41 18.51 95.40
CA LEU IE 17 89.11 18.48 94.77
C LEU IE 17 88.03 18.27 95.83
N THR IE 18 86.85 18.85 95.61
CA THR IE 18 85.76 18.80 96.56
C THR IE 18 84.48 18.39 95.85
N PRO IE 19 83.64 17.59 96.49
CA PRO IE 19 82.42 17.11 95.83
C PRO IE 19 81.40 18.22 95.65
N VAL IE 20 81.11 18.59 94.41
CA VAL IE 20 80.23 19.72 94.14
C VAL IE 20 79.04 19.29 93.30
N GLY IE 21 78.65 18.02 93.42
CA GLY IE 21 77.51 17.53 92.68
C GLY IE 21 77.53 16.03 92.61
N GLY IE 22 76.69 15.50 91.72
CA GLY IE 22 76.61 14.08 91.51
C GLY IE 22 75.20 13.53 91.55
N GLY IE 23 75.01 12.41 92.22
CA GLY IE 23 73.70 11.79 92.29
C GLY IE 23 73.79 10.42 92.93
N VAL IE 24 73.01 9.49 92.39
CA VAL IE 24 73.07 8.10 92.80
C VAL IE 24 73.99 7.37 91.84
N GLY IE 25 75.06 6.78 92.36
CA GLY IE 25 76.06 6.18 91.51
C GLY IE 25 76.83 7.19 90.69
N GLN IE 26 77.20 8.31 91.30
CA GLN IE 26 77.95 9.36 90.63
C GLN IE 26 78.39 10.38 91.69
N THR IE 27 79.56 10.98 91.45
CA THR IE 27 80.08 11.98 92.39
C THR IE 27 81.05 12.89 91.63
N LEU IE 28 80.58 14.07 91.26
CA LEU IE 28 81.44 15.04 90.60
C LEU IE 28 82.43 15.63 91.60
N TYR IE 29 83.56 16.09 91.09
CA TYR IE 29 84.56 16.81 91.86
C TYR IE 29 85.01 18.02 91.06
N ARG IE 30 85.62 18.98 91.76
CA ARG IE 30 86.20 20.13 91.09
C ARG IE 30 87.22 20.77 92.03
N ALA IE 31 88.32 21.24 91.48
CA ALA IE 31 89.34 21.88 92.28
C ALA IE 31 88.79 23.17 92.89
N THR IE 32 89.23 23.47 94.11
CA THR IE 32 88.68 24.59 94.85
C THR IE 32 88.81 25.89 94.06
N ALA IE 33 90.04 26.31 93.80
CA ALA IE 33 90.30 27.45 92.92
C ALA IE 33 91.76 27.42 92.51
N GLU IE 34 92.02 27.24 91.22
CA GLU IE 34 93.38 27.39 90.73
C GLU IE 34 93.70 28.85 90.45
N ALA IE 35 93.06 29.42 89.42
CA ALA IE 35 93.12 30.86 89.18
C ALA IE 35 91.82 31.47 88.71
N LEU IE 36 90.87 30.68 88.23
CA LEU IE 36 89.59 31.15 87.70
C LEU IE 36 88.72 29.92 87.48
N SER IE 37 87.53 30.12 86.94
CA SER IE 37 86.70 29.00 86.53
C SER IE 37 87.08 28.58 85.11
N ALA IE 38 86.68 27.35 84.76
CA ALA IE 38 87.01 26.66 83.52
C ALA IE 38 88.49 26.30 83.43
N ALA IE 39 89.30 26.70 84.40
CA ALA IE 39 90.70 26.32 84.48
C ALA IE 39 90.94 25.48 85.73
N ASN IE 40 89.94 24.68 86.09
CA ASN IE 40 89.99 23.86 87.29
C ASN IE 40 89.74 22.40 86.93
N PRO IE 41 90.60 21.48 87.36
CA PRO IE 41 90.39 20.07 87.04
C PRO IE 41 89.16 19.50 87.74
N SER IE 42 88.61 18.45 87.15
CA SER IE 42 87.44 17.76 87.68
C SER IE 42 87.68 16.26 87.63
N LEU IE 43 87.01 15.53 88.52
CA LEU IE 43 87.20 14.08 88.67
C LEU IE 43 85.85 13.36 88.77
N SER IE 44 84.99 13.58 87.79
CA SER IE 44 83.75 12.81 87.69
C SER IE 44 83.99 11.34 87.94
N PHE IE 45 83.14 10.73 88.77
CA PHE IE 45 83.36 9.35 89.22
C PHE IE 45 82.01 8.68 89.41
N GLY IE 46 81.69 7.73 88.54
CA GLY IE 46 80.48 6.95 88.63
C GLY IE 46 80.75 5.52 89.11
N TYR IE 47 79.65 4.80 89.34
CA TYR IE 47 79.70 3.41 89.79
C TYR IE 47 78.29 2.85 89.74
N ARG IE 48 78.17 1.59 89.33
CA ARG IE 48 76.86 0.97 89.22
C ARG IE 48 77.02 -0.53 89.14
N PHE IE 49 75.94 -1.24 89.43
CA PHE IE 49 75.88 -2.69 89.37
C PHE IE 49 74.84 -3.10 88.33
N THR IE 50 75.22 -3.98 87.41
CA THR IE 50 74.27 -4.52 86.45
C THR IE 50 73.52 -5.70 87.05
N ASP IE 51 72.88 -6.49 86.18
CA ASP IE 51 72.17 -7.70 86.61
C ASP IE 51 72.96 -8.51 87.64
N GLY IE 52 74.18 -8.89 87.29
CA GLY IE 52 75.07 -9.55 88.23
C GLY IE 52 75.84 -8.54 89.05
N GLY IE 53 76.79 -9.05 89.83
CA GLY IE 53 77.59 -8.18 90.67
C GLY IE 53 78.73 -7.52 89.92
N THR IE 54 78.52 -7.23 88.63
CA THR IE 54 79.55 -6.62 87.81
C THR IE 54 79.72 -5.17 88.24
N ASN IE 55 80.74 -4.93 89.07
CA ASN IE 55 80.97 -3.61 89.65
C ASN IE 55 81.52 -2.65 88.62
N ARG IE 56 80.68 -2.21 87.68
CA ARG IE 56 81.14 -1.37 86.58
C ARG IE 56 81.33 0.07 87.06
N GLN IE 57 82.49 0.30 87.68
CA GLN IE 57 82.90 1.65 88.04
C GLN IE 57 83.46 2.38 86.82
N SER IE 58 83.56 3.69 86.94
CA SER IE 58 84.07 4.52 85.86
C SER IE 58 84.70 5.77 86.45
N LEU IE 59 85.55 6.42 85.66
CA LEU IE 59 86.20 7.65 86.07
C LEU IE 59 86.42 8.53 84.86
N SER IE 60 86.70 9.80 85.12
CA SER IE 60 87.04 10.75 84.06
C SER IE 60 87.68 11.96 84.71
N TYR IE 61 88.95 12.20 84.40
CA TYR IE 61 89.68 13.34 84.93
C TYR IE 61 89.99 14.29 83.79
N LYS IE 62 89.51 15.52 83.89
CA LYS IE 62 89.66 16.52 82.83
C LYS IE 62 90.44 17.70 83.37
N GLN IE 63 91.67 17.86 82.89
CA GLN IE 63 92.50 19.00 83.27
C GLN IE 63 92.59 19.95 82.10
N PRO IE 64 92.06 21.17 82.22
CA PRO IE 64 92.01 22.08 81.07
C PRO IE 64 93.31 22.84 80.87
N ILE IE 65 93.62 23.10 79.59
CA ILE IE 65 94.87 23.71 79.18
C ILE IE 65 94.64 25.21 79.04
N THR IE 66 95.26 25.98 79.92
CA THR IE 66 95.08 27.42 79.95
C THR IE 66 96.34 28.13 79.47
N ALA IE 67 96.14 29.30 78.85
CA ALA IE 67 97.24 30.06 78.29
C ALA IE 67 96.85 31.53 78.26
N VAL IE 68 97.87 32.39 78.37
CA VAL IE 68 97.62 33.84 78.39
C VAL IE 68 97.25 34.32 76.99
N ASP IE 69 96.53 35.45 76.95
CA ASP IE 69 96.02 36.04 75.71
C ASP IE 69 96.47 37.50 75.63
N SER IE 70 97.79 37.70 75.75
CA SER IE 70 98.43 39.00 75.94
C SER IE 70 97.82 40.15 75.15
N THR IE 71 97.29 39.86 73.95
CA THR IE 71 96.53 40.89 73.24
C THR IE 71 95.39 41.44 74.09
N THR IE 72 94.82 40.62 74.97
CA THR IE 72 93.84 41.06 75.95
C THR IE 72 94.23 40.75 77.38
N SER IE 73 95.22 39.88 77.59
CA SER IE 73 95.73 39.52 78.92
C SER IE 73 94.70 38.77 79.76
N GLU IE 74 93.78 38.08 79.11
CA GLU IE 74 92.77 37.26 79.79
C GLU IE 74 93.13 35.78 79.61
N THR IE 75 93.17 35.05 80.72
CA THR IE 75 93.68 33.68 80.73
C THR IE 75 92.64 32.72 80.14
N LEU IE 76 92.48 32.81 78.83
CA LEU IE 76 91.55 31.93 78.14
C LEU IE 76 92.06 30.50 78.13
N VAL IE 77 91.14 29.55 78.10
CA VAL IE 77 91.47 28.12 78.10
C VAL IE 77 91.39 27.58 76.68
N ARG IE 78 92.44 26.87 76.26
CA ARG IE 78 92.51 26.32 74.92
C ARG IE 78 91.75 24.99 74.82
N GLY IE 79 92.16 23.99 75.61
CA GLY IE 79 91.55 22.68 75.57
C GLY IE 79 91.72 21.94 76.88
N GLN IE 80 91.41 20.64 76.90
CA GLN IE 80 91.48 19.85 78.12
C GLN IE 80 92.10 18.50 77.81
N CYS IE 81 92.73 17.91 78.83
CA CYS IE 81 93.27 16.56 78.76
C CYS IE 81 92.36 15.62 79.52
N VAL IE 82 91.91 14.56 78.85
CA VAL IE 82 90.89 13.66 79.37
C VAL IE 82 91.50 12.30 79.62
N VAL IE 83 91.32 11.78 80.83
CA VAL IE 83 91.76 10.44 81.20
C VAL IE 83 90.56 9.69 81.76
N ASP IE 84 90.20 8.57 81.13
CA ASP IE 84 89.07 7.76 81.56
C ASP IE 84 89.59 6.41 82.04
N ILE IE 85 89.33 6.09 83.30
CA ILE IE 85 89.74 4.80 83.84
C ILE IE 85 88.50 3.97 84.16
N ASN IE 86 88.05 3.17 83.20
CA ASN IE 86 86.92 2.29 83.44
C ASN IE 86 87.37 0.98 84.08
N ILE IE 87 86.57 0.51 85.03
CA ILE IE 87 86.86 -0.72 85.75
C ILE IE 87 85.61 -1.59 85.72
N VAL IE 88 85.78 -2.87 85.37
CA VAL IE 88 84.70 -3.83 85.37
C VAL IE 88 85.18 -5.08 86.08
N ILE IE 89 84.53 -5.43 87.18
CA ILE IE 89 84.85 -6.63 87.97
C ILE IE 89 83.59 -7.46 88.09
N PRO IE 90 83.58 -8.71 87.64
CA PRO IE 90 82.35 -9.51 87.67
C PRO IE 90 82.04 -9.98 89.07
N ARG IE 91 80.85 -10.59 89.21
CA ARG IE 91 80.43 -11.10 90.51
C ARG IE 91 81.28 -12.27 90.96
N VAL IE 92 81.79 -13.05 90.02
CA VAL IE 92 82.53 -14.27 90.33
C VAL IE 92 83.92 -13.94 90.86
N ALA IE 93 84.23 -12.66 90.96
CA ALA IE 93 85.56 -12.22 91.37
C ALA IE 93 85.71 -12.35 92.88
N THR IE 94 86.82 -12.95 93.30
CA THR IE 94 87.15 -12.96 94.73
C THR IE 94 87.67 -11.59 95.14
N ALA IE 95 87.88 -11.43 96.44
CA ALA IE 95 88.37 -10.16 96.97
C ALA IE 95 89.83 -9.91 96.64
N THR IE 96 90.56 -10.92 96.18
CA THR IE 96 91.97 -10.76 95.87
C THR IE 96 92.24 -10.58 94.39
N ASP IE 97 91.41 -11.15 93.52
CA ASP IE 97 91.54 -10.88 92.09
C ASP IE 97 91.22 -9.42 91.77
N ARG IE 98 90.23 -8.84 92.46
CA ARG IE 98 89.90 -7.45 92.23
C ARG IE 98 91.03 -6.53 92.66
N ALA IE 99 91.64 -6.81 93.82
CA ALA IE 99 92.78 -6.01 94.26
C ALA IE 99 93.98 -6.21 93.37
N GLU IE 100 94.17 -7.44 92.87
CA GLU IE 100 95.29 -7.72 91.97
C GLU IE 100 95.14 -6.97 90.66
N ALA IE 101 93.93 -6.98 90.08
CA ALA IE 101 93.73 -6.38 88.77
C ALA IE 101 93.86 -4.86 88.83
N ILE IE 102 93.25 -4.24 89.84
CA ILE IE 102 93.22 -2.78 89.89
C ILE IE 102 94.62 -2.21 90.08
N LYS IE 103 95.39 -2.80 90.99
CA LYS IE 103 96.72 -2.26 91.27
C LYS IE 103 97.68 -2.52 90.11
N ARG IE 104 97.50 -3.64 89.40
CA ARG IE 104 98.38 -3.94 88.28
C ARG IE 104 98.15 -2.99 87.12
N ALA IE 105 96.88 -2.81 86.74
CA ALA IE 105 96.58 -1.93 85.61
C ALA IE 105 96.95 -0.49 85.89
N PHE IE 106 96.93 -0.07 87.15
CA PHE IE 106 97.40 1.26 87.50
C PHE IE 106 98.92 1.34 87.57
N ASP IE 107 99.60 0.20 87.48
CA ASP IE 107 101.06 0.18 87.43
C ASP IE 107 101.59 0.28 86.00
N VAL IE 108 100.72 0.51 85.03
CA VAL IE 108 101.16 0.63 83.64
C VAL IE 108 102.10 1.81 83.49
N LEU IE 109 101.73 2.96 84.08
CA LEU IE 109 102.52 4.17 83.91
C LEU IE 109 103.95 4.00 84.39
N ASN IE 110 104.16 3.17 85.41
CA ASN IE 110 105.52 2.88 85.85
C ASN IE 110 106.26 2.03 84.83
N ALA IE 111 105.56 1.11 84.16
CA ALA IE 111 106.20 0.20 83.22
C ALA IE 111 106.14 0.75 81.79
N LEU IE 112 104.95 1.00 81.27
CA LEU IE 112 104.78 1.52 79.92
C LEU IE 112 104.80 3.05 79.95
N ASN IE 113 105.92 3.58 80.43
CA ASN IE 113 105.99 4.99 80.80
C ASN IE 113 106.10 5.89 79.57
N ALA IE 114 107.17 5.73 78.80
CA ALA IE 114 107.55 6.72 77.79
C ALA IE 114 106.47 6.93 76.72
N GLU IE 115 105.62 5.94 76.47
CA GLU IE 115 104.59 6.10 75.45
C GLU IE 115 103.36 6.83 75.96
N LEU IE 116 103.21 6.99 77.28
CA LEU IE 116 102.09 7.71 77.86
C LEU IE 116 102.47 9.15 78.20
N ILE IE 117 103.54 9.33 78.96
CA ILE IE 117 103.96 10.67 79.39
C ILE IE 117 104.33 11.52 78.18
N THR IE 118 105.15 10.98 77.29
CA THR IE 118 105.72 11.76 76.19
C THR IE 118 104.83 11.76 74.96
N GLY IE 119 104.01 10.74 74.77
CA GLY IE 119 103.11 10.67 73.64
C GLY IE 119 103.69 10.04 72.39
N GLU IE 120 104.94 9.57 72.43
CA GLU IE 120 105.54 8.96 71.26
C GLU IE 120 104.86 7.64 70.92
N GLY IE 121 104.82 7.33 69.62
CA GLY IE 121 104.24 6.11 69.14
C GLY IE 121 105.30 5.04 68.96
N GLN IE 122 105.16 3.95 69.70
CA GLN IE 122 106.16 2.89 69.65
C GLN IE 122 106.17 2.21 68.29
N TRP IE 123 107.37 1.79 67.88
CA TRP IE 123 107.56 1.19 66.57
C TRP IE 123 107.85 -0.30 66.67
N ALA JE 1 85.44 23.38 104.73
CA ALA JE 1 84.13 23.54 104.13
C ALA JE 1 83.25 22.32 104.38
N ALA JE 2 83.45 21.67 105.53
CA ALA JE 2 82.63 20.56 105.95
C ALA JE 2 81.38 21.08 106.66
N ARG JE 3 80.37 20.23 106.76
CA ARG JE 3 79.11 20.63 107.35
C ARG JE 3 79.21 20.65 108.87
N SER JE 4 78.98 21.81 109.47
CA SER JE 4 78.98 21.98 110.91
C SER JE 4 78.01 23.09 111.26
N SER JE 5 77.84 23.32 112.56
CA SER JE 5 76.91 24.35 113.01
C SER JE 5 77.43 25.73 112.65
N ILE JE 6 76.52 26.60 112.22
CA ILE JE 6 76.84 27.98 111.88
C ILE JE 6 76.09 28.91 112.83
N VAL JE 7 76.63 30.10 113.01
CA VAL JE 7 76.25 30.98 114.12
C VAL JE 7 75.72 32.31 113.60
N LEU JE 8 74.93 32.26 112.53
CA LEU JE 8 74.26 33.44 111.99
C LEU JE 8 73.80 34.38 113.11
N THR JE 9 74.16 35.65 112.99
CA THR JE 9 73.84 36.62 114.03
C THR JE 9 73.64 37.99 113.39
N ASP JE 10 72.88 38.83 114.08
CA ASP JE 10 72.65 40.21 113.66
C ASP JE 10 73.40 41.21 114.50
N GLY JE 11 74.09 40.76 115.55
CA GLY JE 11 74.79 41.65 116.44
C GLY JE 11 74.25 41.59 117.84
N THR JE 12 72.93 41.42 117.97
CA THR JE 12 72.29 41.40 119.28
C THR JE 12 72.10 39.97 119.78
N THR JE 13 71.37 39.15 119.02
CA THR JE 13 71.04 37.79 119.43
C THR JE 13 71.55 36.80 118.38
N PRO JE 14 72.58 36.03 118.67
CA PRO JE 14 73.02 35.00 117.71
C PRO JE 14 72.10 33.79 117.73
N VAL JE 15 71.92 33.19 116.57
CA VAL JE 15 71.16 31.95 116.42
C VAL JE 15 72.09 30.91 115.80
N THR JE 16 72.13 29.72 116.38
CA THR JE 16 73.02 28.65 115.95
C THR JE 16 72.21 27.64 115.14
N LEU JE 17 72.54 27.50 113.87
CA LEU JE 17 71.88 26.54 113.00
C LEU JE 17 72.77 25.31 112.84
N THR JE 18 72.18 24.13 113.02
CA THR JE 18 72.88 22.87 112.85
C THR JE 18 72.32 22.12 111.64
N PRO JE 19 73.15 21.39 110.90
CA PRO JE 19 72.66 20.71 109.70
C PRO JE 19 71.57 19.70 110.05
N VAL JE 20 70.58 19.59 109.18
CA VAL JE 20 69.52 18.61 109.35
C VAL JE 20 69.32 17.83 108.06
N GLY JE 21 70.35 17.79 107.21
CA GLY JE 21 70.27 16.94 106.05
C GLY JE 21 70.73 17.56 104.75
N GLY JE 22 70.17 17.08 103.64
CA GLY JE 22 70.41 17.66 102.33
C GLY JE 22 71.08 16.73 101.33
N GLY JE 23 72.10 16.00 101.75
CA GLY JE 23 72.83 15.18 100.81
C GLY JE 23 73.81 15.97 99.96
N VAL JE 24 74.04 15.53 98.73
CA VAL JE 24 75.01 16.17 97.85
C VAL JE 24 74.31 17.24 97.04
N GLY JE 25 74.97 18.36 96.84
CA GLY JE 25 74.40 19.47 96.12
C GLY JE 25 73.54 20.41 96.93
N GLN JE 26 73.38 20.17 98.23
CA GLN JE 26 72.60 21.06 99.08
C GLN JE 26 72.90 20.73 100.53
N THR JE 27 72.40 21.59 101.41
CA THR JE 27 72.57 21.40 102.86
C THR JE 27 71.48 22.16 103.57
N LEU JE 28 70.70 21.47 104.38
CA LEU JE 28 69.66 22.10 105.18
C LEU JE 28 70.19 22.42 106.56
N TYR JE 29 69.73 23.53 107.12
CA TYR JE 29 70.08 23.93 108.47
C TYR JE 29 68.80 24.23 109.22
N ARG JE 30 68.89 24.18 110.56
CA ARG JE 30 67.77 24.56 111.40
C ARG JE 30 68.20 24.73 112.85
N ALA JE 31 67.82 25.82 113.49
CA ALA JE 31 68.16 26.03 114.87
C ALA JE 31 67.34 25.11 115.76
N THR JE 32 67.60 25.14 117.07
CA THR JE 32 66.83 24.29 117.98
C THR JE 32 65.50 24.94 118.34
N ALA JE 33 65.55 26.04 119.09
CA ALA JE 33 64.35 26.75 119.58
C ALA JE 33 63.24 25.78 119.93
N GLU JE 34 63.61 24.74 120.69
CA GLU JE 34 62.77 23.58 120.88
C GLU JE 34 61.44 23.95 121.53
N ALA JE 35 60.41 23.18 121.21
CA ALA JE 35 59.07 23.38 121.78
C ALA JE 35 58.57 24.80 121.46
N LEU JE 36 58.26 25.00 120.18
CA LEU JE 36 57.99 24.01 119.16
C LEU JE 36 59.18 23.80 118.21
N SER JE 37 59.22 22.65 117.55
CA SER JE 37 60.32 22.31 116.66
C SER JE 37 60.22 22.95 115.29
N ALA JE 38 59.02 23.36 114.87
CA ALA JE 38 58.83 24.02 113.59
C ALA JE 38 58.91 25.54 113.68
N ALA JE 39 59.08 26.08 114.87
CA ALA JE 39 59.19 27.52 115.06
C ALA JE 39 60.64 27.94 115.29
N ASN JE 40 61.48 27.74 114.27
CA ASN JE 40 62.87 28.16 114.36
C ASN JE 40 63.41 28.35 112.94
N PRO JE 41 64.41 29.21 112.77
CA PRO JE 41 64.88 29.55 111.43
C PRO JE 41 65.57 28.39 110.73
N SER JE 42 65.68 28.51 109.41
CA SER JE 42 66.30 27.49 108.57
C SER JE 42 67.08 28.16 107.46
N LEU JE 43 68.07 27.44 106.93
CA LEU JE 43 69.00 27.99 105.94
C LEU JE 43 69.25 27.01 104.79
N SER JE 44 68.19 26.56 104.13
CA SER JE 44 68.36 25.73 102.94
C SER JE 44 69.35 26.37 101.98
N PHE JE 45 70.47 25.68 101.76
CA PHE JE 45 71.57 26.20 100.95
C PHE JE 45 71.95 25.18 99.89
N GLY JE 46 71.78 25.54 98.62
CA GLY JE 46 72.12 24.67 97.51
C GLY JE 46 73.28 25.21 96.70
N TYR JE 47 73.74 24.38 95.77
CA TYR JE 47 74.84 24.72 94.88
C TYR JE 47 74.98 23.62 93.83
N ARG JE 48 75.39 24.01 92.63
CA ARG JE 48 75.55 23.06 91.53
C ARG JE 48 76.38 23.72 90.45
N PHE JE 49 76.85 22.91 89.50
CA PHE JE 49 77.57 23.38 88.34
C PHE JE 49 76.86 22.88 87.09
N THR JE 50 76.56 23.80 86.18
CA THR JE 50 75.85 23.47 84.95
C THR JE 50 76.81 22.89 83.93
N ASP JE 51 76.37 22.83 82.67
CA ASP JE 51 77.21 22.31 81.59
C ASP JE 51 78.57 23.00 81.56
N GLY JE 52 78.58 24.32 81.74
CA GLY JE 52 79.84 25.04 81.83
C GLY JE 52 80.38 25.03 83.25
N GLY JE 53 81.01 26.13 83.65
CA GLY JE 53 81.47 26.28 85.01
C GLY JE 53 80.57 27.19 85.80
N THR JE 54 79.34 27.36 85.31
CA THR JE 54 78.39 28.31 85.90
C THR JE 54 77.97 27.78 87.26
N ASN JE 55 78.56 28.34 88.31
CA ASN JE 55 78.31 27.94 89.68
C ASN JE 55 77.03 28.62 90.17
N ARG JE 56 75.92 27.88 90.17
CA ARG JE 56 74.62 28.44 90.55
C ARG JE 56 74.34 28.12 92.02
N GLN JE 57 74.97 28.89 92.90
CA GLN JE 57 74.65 28.76 94.32
C GLN JE 57 73.27 29.36 94.60
N SER JE 58 72.72 28.98 95.75
CA SER JE 58 71.36 29.40 96.10
C SER JE 58 71.10 29.22 97.58
N LEU JE 59 70.64 30.27 98.26
CA LEU JE 59 70.33 30.22 99.68
C LEU JE 59 68.89 30.62 99.89
N SER JE 60 68.37 30.27 101.07
CA SER JE 60 67.00 30.62 101.43
C SER JE 60 66.89 30.56 102.94
N TYR JE 61 66.74 31.71 103.58
CA TYR JE 61 66.69 31.81 105.04
C TYR JE 61 65.27 32.20 105.44
N LYS JE 62 64.56 31.28 106.08
CA LYS JE 62 63.21 31.52 106.55
C LYS JE 62 63.23 31.58 108.07
N GLN JE 63 62.67 32.65 108.62
CA GLN JE 63 62.56 32.82 110.06
C GLN JE 63 61.09 32.93 110.43
N PRO JE 64 60.51 31.97 111.14
CA PRO JE 64 59.09 32.04 111.46
C PRO JE 64 58.81 33.00 112.60
N ILE JE 65 57.62 33.60 112.57
CA ILE JE 65 57.19 34.58 113.55
C ILE JE 65 56.37 33.86 114.60
N THR JE 66 56.87 33.82 115.83
CA THR JE 66 56.25 33.06 116.91
C THR JE 66 55.42 33.98 117.79
N ALA JE 67 54.56 33.36 118.59
CA ALA JE 67 53.72 34.09 119.53
C ALA JE 67 53.29 33.14 120.62
N VAL JE 68 53.84 33.30 121.81
CA VAL JE 68 53.56 32.38 122.92
C VAL JE 68 52.16 32.69 123.45
N ASP JE 69 51.23 31.76 123.26
CA ASP JE 69 49.85 31.94 123.67
C ASP JE 69 49.74 31.64 125.15
N SER JE 70 49.73 32.69 125.98
CA SER JE 70 49.77 32.52 127.42
C SER JE 70 48.56 31.78 127.97
N THR JE 71 47.42 31.85 127.28
CA THR JE 71 46.23 31.14 127.74
C THR JE 71 46.46 29.63 127.76
N THR JE 72 46.95 29.09 126.65
CA THR JE 72 47.17 27.66 126.51
C THR JE 72 48.62 27.26 126.77
N SER JE 73 49.55 28.22 126.70
CA SER JE 73 50.99 28.00 126.88
C SER JE 73 51.53 27.09 125.78
N GLU JE 74 51.28 27.49 124.54
CA GLU JE 74 51.83 26.82 123.37
C GLU JE 74 52.30 27.88 122.39
N THR JE 75 53.33 27.55 121.62
CA THR JE 75 53.89 28.48 120.66
C THR JE 75 53.14 28.38 119.34
N LEU JE 76 52.65 29.51 118.85
CA LEU JE 76 51.92 29.58 117.60
C LEU JE 76 52.76 30.25 116.53
N VAL JE 77 52.69 29.74 115.32
CA VAL JE 77 53.47 30.26 114.20
C VAL JE 77 52.53 31.07 113.31
N ARG JE 78 52.82 32.36 113.19
CA ARG JE 78 51.95 33.27 112.45
C ARG JE 78 52.39 33.46 111.00
N GLY JE 79 53.69 33.37 110.74
CA GLY JE 79 54.19 33.54 109.40
C GLY JE 79 55.70 33.49 109.43
N GLN JE 80 56.31 33.62 108.26
CA GLN JE 80 57.76 33.54 108.16
C GLN JE 80 58.31 34.61 107.22
N CYS JE 81 59.44 35.18 107.61
CA CYS JE 81 60.17 36.10 106.74
C CYS JE 81 61.16 35.30 105.91
N VAL JE 82 61.08 35.44 104.59
CA VAL JE 82 61.87 34.65 103.66
C VAL JE 82 62.86 35.57 102.96
N VAL JE 83 64.12 35.16 102.91
CA VAL JE 83 65.17 35.90 102.24
C VAL JE 83 65.92 34.94 101.32
N ASP JE 84 65.69 35.05 100.02
CA ASP JE 84 66.38 34.24 99.02
C ASP JE 84 67.57 35.01 98.47
N ILE JE 85 68.68 34.31 98.29
CA ILE JE 85 69.92 34.92 97.77
C ILE JE 85 70.44 33.97 96.70
N ASN JE 86 70.08 34.21 95.45
CA ASN JE 86 70.62 33.41 94.36
C ASN JE 86 71.90 34.05 93.84
N ILE JE 87 72.89 33.20 93.59
CA ILE JE 87 74.20 33.63 93.10
C ILE JE 87 74.52 32.85 91.85
N VAL JE 88 74.81 33.57 90.76
CA VAL JE 88 75.24 32.95 89.51
C VAL JE 88 76.61 33.50 89.17
N ILE JE 89 77.55 32.61 88.90
CA ILE JE 89 78.92 33.00 88.56
C ILE JE 89 79.28 32.32 87.25
N PRO JE 90 79.55 33.08 86.19
CA PRO JE 90 79.75 32.44 84.88
C PRO JE 90 81.02 31.64 84.78
N ARG JE 91 81.19 30.94 83.66
CA ARG JE 91 82.36 30.10 83.44
C ARG JE 91 83.64 30.91 83.34
N VAL JE 92 83.55 32.18 82.97
CA VAL JE 92 84.72 32.99 82.64
C VAL JE 92 85.14 33.90 83.79
N ALA JE 93 84.62 33.67 84.99
CA ALA JE 93 84.82 34.59 86.10
C ALA JE 93 86.12 34.26 86.84
N THR JE 94 86.97 35.27 86.99
CA THR JE 94 88.20 35.11 87.75
C THR JE 94 87.87 34.90 89.23
N ALA JE 95 88.81 34.29 89.95
CA ALA JE 95 88.62 33.98 91.36
C ALA JE 95 88.56 35.24 92.23
N THR JE 96 89.05 36.38 91.74
CA THR JE 96 88.96 37.63 92.49
C THR JE 96 87.76 38.46 92.11
N ASP JE 97 87.15 38.20 90.96
CA ASP JE 97 85.89 38.86 90.63
C ASP JE 97 84.74 38.24 91.41
N ARG JE 98 84.83 36.96 91.77
CA ARG JE 98 83.83 36.35 92.62
C ARG JE 98 83.76 37.06 93.97
N ALA JE 99 84.91 37.30 94.58
CA ALA JE 99 84.92 38.01 95.86
C ALA JE 99 84.42 39.44 95.69
N GLU JE 100 84.81 40.11 94.61
CA GLU JE 100 84.33 41.48 94.39
C GLU JE 100 82.82 41.51 94.23
N ALA JE 101 82.26 40.58 93.45
CA ALA JE 101 80.84 40.59 93.19
C ALA JE 101 80.05 40.23 94.44
N ILE JE 102 80.44 39.15 95.13
CA ILE JE 102 79.65 38.65 96.25
C ILE JE 102 79.68 39.64 97.40
N LYS JE 103 80.87 40.10 97.80
CA LYS JE 103 80.94 41.00 98.94
C LYS JE 103 80.32 42.36 98.65
N ARG JE 104 80.27 42.77 97.39
CA ARG JE 104 79.59 44.02 97.05
C ARG JE 104 78.08 43.85 97.13
N ALA JE 105 77.55 42.73 96.62
CA ALA JE 105 76.12 42.49 96.69
C ALA JE 105 75.63 42.40 98.13
N PHE JE 106 76.39 41.71 98.98
CA PHE JE 106 76.05 41.62 100.39
C PHE JE 106 76.32 42.91 101.15
N ASP JE 107 76.97 43.89 100.52
CA ASP JE 107 77.17 45.19 101.13
C ASP JE 107 76.00 46.15 100.86
N VAL JE 108 74.95 45.67 100.20
CA VAL JE 108 73.77 46.50 99.97
C VAL JE 108 73.16 46.92 101.30
N LEU JE 109 73.08 45.98 102.24
CA LEU JE 109 72.48 46.27 103.54
C LEU JE 109 73.14 47.46 104.22
N ASN JE 110 74.42 47.68 103.97
CA ASN JE 110 75.08 48.87 104.50
C ASN JE 110 74.86 50.10 103.63
N ALA JE 111 74.51 49.91 102.36
CA ALA JE 111 74.24 51.05 101.48
C ALA JE 111 72.75 51.37 101.44
N LEU JE 112 71.93 50.39 101.06
CA LEU JE 112 70.49 50.56 100.99
C LEU JE 112 69.84 50.10 102.29
N ASN JE 113 70.29 50.73 103.38
CA ASN JE 113 69.97 50.23 104.72
C ASN JE 113 68.53 50.53 105.10
N ALA JE 114 68.15 51.81 105.08
CA ALA JE 114 66.83 52.20 105.56
C ALA JE 114 65.71 51.60 104.72
N GLU JE 115 65.98 51.29 103.45
CA GLU JE 115 64.96 50.68 102.61
C GLU JE 115 64.75 49.21 102.91
N LEU JE 116 65.59 48.60 103.75
CA LEU JE 116 65.48 47.18 104.07
C LEU JE 116 65.21 46.93 105.53
N ILE JE 117 65.95 47.59 106.43
CA ILE JE 117 65.78 47.33 107.86
C ILE JE 117 64.42 47.81 108.34
N THR JE 118 64.00 49.00 107.91
CA THR JE 118 62.73 49.56 108.35
C THR JE 118 61.59 49.32 107.37
N GLY JE 119 61.89 49.11 106.10
CA GLY JE 119 60.86 48.83 105.13
C GLY JE 119 60.37 50.01 104.33
N GLU JE 120 61.04 51.16 104.43
CA GLU JE 120 60.62 52.35 103.70
C GLU JE 120 60.76 52.13 102.20
N GLY JE 121 60.32 53.13 101.46
CA GLY JE 121 60.62 53.21 100.04
C GLY JE 121 61.23 54.57 99.76
N GLN JE 122 62.20 54.58 98.86
CA GLN JE 122 62.90 55.82 98.56
C GLN JE 122 62.03 56.73 97.71
N TRP JE 123 62.00 58.01 98.07
CA TRP JE 123 61.11 58.96 97.42
C TRP JE 123 61.84 59.90 96.47
N ALA KE 1 65.65 57.07 102.57
CA ALA KE 1 65.83 58.44 102.09
C ALA KE 1 65.64 58.51 100.60
N ALA KE 2 65.86 59.69 100.01
CA ALA KE 2 65.63 59.88 98.59
C ALA KE 2 66.68 59.13 97.78
N ARG KE 3 66.37 58.92 96.50
CA ARG KE 3 67.32 58.27 95.60
C ARG KE 3 68.62 59.06 95.55
N SER KE 4 69.71 58.45 96.02
CA SER KE 4 70.99 59.13 96.01
C SER KE 4 72.08 58.21 95.47
N SER KE 5 73.34 58.59 95.64
CA SER KE 5 74.45 57.77 95.19
C SER KE 5 74.89 56.83 96.30
N ILE KE 6 74.92 55.53 95.99
CA ILE KE 6 75.34 54.51 96.94
C ILE KE 6 76.78 54.13 96.66
N VAL KE 7 77.44 53.60 97.68
CA VAL KE 7 78.89 53.45 97.69
C VAL KE 7 79.20 51.96 97.87
N LEU KE 8 78.41 51.11 97.23
CA LEU KE 8 78.62 49.67 97.24
C LEU KE 8 80.10 49.32 97.14
N THR KE 9 80.62 48.63 98.16
CA THR KE 9 82.03 48.35 98.28
C THR KE 9 82.23 46.91 98.74
N ASP KE 10 83.50 46.54 98.94
CA ASP KE 10 83.82 45.23 99.48
C ASP KE 10 84.95 45.28 100.50
N GLY KE 11 85.36 46.46 100.94
CA GLY KE 11 86.46 46.62 101.87
C GLY KE 11 87.74 47.13 101.23
N THR KE 12 87.92 46.87 99.93
CA THR KE 12 89.10 47.32 99.20
C THR KE 12 88.77 48.26 98.06
N THR KE 13 87.85 47.88 97.18
CA THR KE 13 87.58 48.63 95.95
C THR KE 13 86.13 49.09 95.92
N PRO KE 14 85.84 50.31 96.37
CA PRO KE 14 84.47 50.81 96.33
C PRO KE 14 84.02 51.15 94.92
N VAL KE 15 82.71 51.14 94.73
CA VAL KE 15 82.09 51.54 93.47
C VAL KE 15 80.89 52.42 93.81
N THR KE 16 80.81 53.59 93.19
CA THR KE 16 79.72 54.52 93.42
C THR KE 16 78.68 54.40 92.30
N LEU KE 17 77.42 54.23 92.68
CA LEU KE 17 76.33 54.04 91.73
C LEU KE 17 75.30 55.14 91.90
N THR KE 18 74.87 55.73 90.79
CA THR KE 18 73.86 56.77 90.79
C THR KE 18 72.63 56.32 90.02
N PRO KE 19 71.43 56.68 90.46
CA PRO KE 19 70.22 56.16 89.82
C PRO KE 19 70.14 56.55 88.35
N VAL KE 20 69.70 55.60 87.52
CA VAL KE 20 69.64 55.81 86.08
C VAL KE 20 68.27 55.45 85.53
N GLY KE 21 67.25 55.53 86.37
CA GLY KE 21 65.91 55.31 85.86
C GLY KE 21 65.03 54.68 86.93
N GLY KE 22 64.07 53.88 86.45
CA GLY KE 22 63.17 53.19 87.34
C GLY KE 22 61.75 53.71 87.28
N GLY KE 23 61.17 54.02 88.43
CA GLY KE 23 59.79 54.47 88.51
C GLY KE 23 59.30 54.50 89.94
N VAL KE 24 58.09 53.98 90.17
CA VAL KE 24 57.55 53.82 91.51
C VAL KE 24 57.74 52.37 91.93
N GLY KE 25 58.33 52.16 93.10
CA GLY KE 25 58.69 50.82 93.52
C GLY KE 25 59.68 50.19 92.55
N GLN KE 26 60.66 50.97 92.12
CA GLN KE 26 61.70 50.51 91.20
C GLN KE 26 62.79 51.56 91.15
N THR KE 27 64.04 51.11 91.13
CA THR KE 27 65.17 52.05 91.15
C THR KE 27 66.37 51.35 90.53
N LEU KE 28 66.78 51.81 89.34
CA LEU KE 28 67.99 51.30 88.72
C LEU KE 28 69.21 51.99 89.32
N TYR KE 29 70.38 51.46 88.99
CA TYR KE 29 71.64 52.04 89.41
C TYR KE 29 72.69 51.70 88.37
N ARG KE 30 73.79 52.44 88.39
CA ARG KE 30 74.95 52.16 87.55
C ARG KE 30 76.08 53.07 87.98
N ALA KE 31 77.30 52.71 87.61
CA ALA KE 31 78.50 53.44 87.99
C ALA KE 31 78.92 54.38 86.86
N THR KE 32 80.11 54.97 86.98
CA THR KE 32 80.54 56.07 86.12
C THR KE 32 81.24 55.59 84.84
N ALA KE 33 81.96 54.47 84.89
CA ALA KE 33 82.74 54.03 83.74
C ALA KE 33 81.83 53.69 82.56
N GLU KE 34 82.38 53.76 81.35
CA GLU KE 34 81.58 53.67 80.13
C GLU KE 34 82.09 52.54 79.24
N ALA KE 35 81.16 51.74 78.74
CA ALA KE 35 81.51 50.63 77.86
C ALA KE 35 80.36 50.43 76.87
N LEU KE 36 80.51 49.44 75.98
CA LEU KE 36 79.60 49.26 74.85
C LEU KE 36 78.47 48.28 75.15
N SER KE 37 78.81 47.05 75.53
CA SER KE 37 77.79 46.02 75.76
C SER KE 37 77.31 46.03 77.21
N ALA KE 38 78.22 45.81 78.15
CA ALA KE 38 77.90 45.84 79.57
C ALA KE 38 78.77 46.92 80.22
N ALA KE 39 78.12 47.96 80.73
CA ALA KE 39 78.88 49.11 81.20
C ALA KE 39 79.46 48.87 82.58
N ASN KE 40 78.60 48.69 83.59
CA ASN KE 40 79.04 48.74 84.97
C ASN KE 40 78.15 47.86 85.86
N PRO KE 41 78.45 47.76 87.14
CA PRO KE 41 77.48 47.16 88.07
C PRO KE 41 76.15 47.90 88.03
N SER KE 42 75.06 47.14 88.06
CA SER KE 42 73.71 47.70 87.91
C SER KE 42 72.79 47.04 88.94
N LEU KE 43 72.54 47.75 90.03
CA LEU KE 43 71.76 47.23 91.16
C LEU KE 43 70.32 47.69 91.05
N SER KE 44 69.44 46.80 90.59
CA SER KE 44 68.02 47.13 90.53
C SER KE 44 67.35 46.83 91.87
N PHE KE 45 66.36 47.63 92.22
CA PHE KE 45 65.67 47.55 93.51
C PHE KE 45 64.18 47.63 93.26
N GLY KE 46 63.46 46.54 93.51
CA GLY KE 46 62.08 46.43 93.06
C GLY KE 46 61.02 46.26 94.12
N TYR KE 47 61.10 47.03 95.20
CA TYR KE 47 60.17 46.88 96.31
C TYR KE 47 58.74 47.16 95.88
N ARG KE 48 57.80 46.54 96.60
CA ARG KE 48 56.37 46.71 96.36
C ARG KE 48 55.63 46.15 97.57
N PHE KE 49 54.30 46.20 97.50
CA PHE KE 49 53.42 45.63 98.52
C PHE KE 49 52.43 44.69 97.85
N THR KE 50 51.56 44.09 98.65
CA THR KE 50 50.67 43.04 98.16
C THR KE 50 49.34 43.17 98.90
N ASP KE 51 48.53 42.11 98.88
CA ASP KE 51 47.22 42.12 99.52
C ASP KE 51 47.32 42.51 100.98
N GLY KE 52 48.25 41.88 101.71
CA GLY KE 52 48.54 42.25 103.08
C GLY KE 52 49.67 43.25 103.13
N GLY KE 53 50.34 43.29 104.28
CA GLY KE 53 51.53 44.10 104.40
C GLY KE 53 52.75 43.36 103.90
N THR KE 54 52.53 42.48 102.92
CA THR KE 54 53.58 41.60 102.43
C THR KE 54 54.61 42.39 101.64
N ASN KE 55 55.55 42.99 102.34
CA ASN KE 55 56.57 43.83 101.71
C ASN KE 55 57.47 42.94 100.87
N ARG KE 56 57.21 42.88 99.58
CA ARG KE 56 57.87 41.95 98.68
C ARG KE 56 59.02 42.65 97.95
N GLN KE 57 60.05 42.99 98.71
CA GLN KE 57 61.22 43.63 98.13
C GLN KE 57 61.98 42.65 97.24
N SER KE 58 62.84 43.19 96.40
CA SER KE 58 63.59 42.39 95.43
C SER KE 58 64.77 43.18 94.94
N LEU KE 59 65.90 42.50 94.74
CA LEU KE 59 67.14 43.12 94.31
C LEU KE 59 67.80 42.29 93.23
N SER KE 60 68.77 42.89 92.56
CA SER KE 60 69.60 42.18 91.59
C SER KE 60 70.85 43.00 91.29
N TYR KE 61 72.02 42.47 91.62
CA TYR KE 61 73.29 43.17 91.45
C TYR KE 61 74.12 42.41 90.42
N LYS KE 62 74.20 42.94 89.21
CA LYS KE 62 74.99 42.34 88.15
C LYS KE 62 76.31 43.09 88.02
N GLN KE 63 77.40 42.36 88.04
CA GLN KE 63 78.73 42.95 87.82
C GLN KE 63 79.36 42.32 86.59
N PRO KE 64 79.55 43.05 85.50
CA PRO KE 64 80.09 42.44 84.28
C PRO KE 64 81.54 42.04 84.43
N ILE KE 65 81.89 40.93 83.79
CA ILE KE 65 83.26 40.42 83.79
C ILE KE 65 83.96 41.04 82.59
N THR KE 66 84.88 41.96 82.83
CA THR KE 66 85.47 42.75 81.76
C THR KE 66 86.99 42.69 81.84
N ALA KE 67 87.62 42.68 80.66
CA ALA KE 67 89.06 42.80 80.52
C ALA KE 67 89.34 43.81 79.42
N VAL KE 68 90.28 44.72 79.66
CA VAL KE 68 90.52 45.84 78.75
C VAL KE 68 91.34 45.34 77.56
N ASP KE 69 90.81 45.54 76.36
CA ASP KE 69 91.54 45.18 75.15
C ASP KE 69 92.70 46.16 74.93
N SER KE 70 93.65 45.72 74.12
CA SER KE 70 94.78 46.57 73.76
C SER KE 70 94.46 47.34 72.49
N THR KE 71 94.91 48.59 72.45
CA THR KE 71 94.79 49.53 71.34
C THR KE 71 93.35 49.97 71.09
N THR KE 72 92.37 49.44 71.81
CA THR KE 72 90.97 49.83 71.65
C THR KE 72 90.37 50.18 73.00
N SER KE 73 89.59 51.26 73.02
CA SER KE 73 88.97 51.74 74.26
C SER KE 73 87.55 51.21 74.42
N GLU KE 74 87.40 49.89 74.40
CA GLU KE 74 86.08 49.27 74.52
C GLU KE 74 85.98 48.26 75.66
N THR KE 75 87.08 47.97 76.35
CA THR KE 75 87.12 47.16 77.57
C THR KE 75 86.17 45.96 77.50
N LEU KE 76 86.45 45.05 76.56
CA LEU KE 76 85.61 43.89 76.28
C LEU KE 76 85.11 43.22 77.55
N VAL KE 77 83.80 42.98 77.60
CA VAL KE 77 83.16 42.31 78.73
C VAL KE 77 82.87 40.86 78.35
N ARG KE 78 83.00 39.97 79.33
CA ARG KE 78 82.91 38.53 79.08
C ARG KE 78 81.69 37.87 79.70
N GLY KE 79 81.18 38.40 80.81
CA GLY KE 79 80.02 37.81 81.45
C GLY KE 79 79.44 38.76 82.47
N GLN KE 80 78.77 38.19 83.48
CA GLN KE 80 78.19 38.98 84.56
C GLN KE 80 77.87 38.09 85.77
N CYS KE 81 78.25 38.54 86.96
CA CYS KE 81 78.03 37.80 88.20
C CYS KE 81 76.71 38.27 88.80
N VAL KE 82 75.61 37.65 88.37
CA VAL KE 82 74.29 38.00 88.88
C VAL KE 82 74.14 37.56 90.33
N VAL KE 83 73.62 38.45 91.17
CA VAL KE 83 73.32 38.11 92.56
C VAL KE 83 71.94 38.64 92.94
N ASP KE 84 70.93 37.78 92.92
CA ASP KE 84 69.57 38.18 93.25
C ASP KE 84 69.31 38.03 94.74
N ILE KE 85 68.61 39.00 95.32
CA ILE KE 85 68.24 38.95 96.72
C ILE KE 85 66.77 39.33 96.89
N ASN KE 86 65.90 38.34 96.98
CA ASN KE 86 64.48 38.58 97.15
C ASN KE 86 64.08 38.44 98.61
N ILE KE 87 63.22 39.35 99.05
CA ILE KE 87 62.77 39.41 100.44
C ILE KE 87 61.26 39.41 100.48
N VAL KE 88 60.69 38.60 101.36
CA VAL KE 88 59.25 38.53 101.56
C VAL KE 88 58.99 38.60 103.05
N ILE KE 89 58.42 39.70 103.52
CA ILE KE 89 58.17 39.94 104.93
C ILE KE 89 56.66 40.02 105.14
N PRO KE 90 56.08 39.24 106.04
CA PRO KE 90 54.62 39.18 106.14
C PRO KE 90 54.03 40.42 106.82
N ARG KE 91 52.70 40.47 106.89
CA ARG KE 91 52.03 41.58 107.54
C ARG KE 91 52.26 41.60 109.05
N VAL KE 92 52.41 40.44 109.67
CA VAL KE 92 52.43 40.33 111.12
C VAL KE 92 53.84 40.52 111.67
N ALA KE 93 54.77 40.91 110.81
CA ALA KE 93 56.18 40.96 111.18
C ALA KE 93 56.48 42.27 111.89
N THR KE 94 56.68 42.19 113.20
CA THR KE 94 57.12 43.34 113.98
C THR KE 94 58.46 43.83 113.44
N ALA KE 95 58.63 45.16 113.42
CA ALA KE 95 59.83 45.74 112.83
C ALA KE 95 61.10 45.29 113.52
N THR KE 96 61.02 44.84 114.78
CA THR KE 96 62.17 44.19 115.40
C THR KE 96 62.46 42.83 114.76
N ASP KE 97 61.40 42.06 114.47
CA ASP KE 97 61.59 40.78 113.82
C ASP KE 97 62.16 40.94 112.40
N ARG KE 98 61.68 41.94 111.67
CA ARG KE 98 62.19 42.16 110.31
C ARG KE 98 63.65 42.55 110.33
N ALA KE 99 64.07 43.37 111.31
CA ALA KE 99 65.47 43.73 111.41
C ALA KE 99 66.35 42.50 111.64
N GLU KE 100 65.89 41.59 112.49
CA GLU KE 100 66.63 40.36 112.73
C GLU KE 100 66.71 39.51 111.47
N ALA KE 101 65.59 39.36 110.78
CA ALA KE 101 65.54 38.47 109.62
C ALA KE 101 66.46 38.96 108.50
N ILE KE 102 66.48 40.26 108.26
CA ILE KE 102 67.31 40.80 107.18
C ILE KE 102 68.78 40.73 107.56
N LYS KE 103 69.11 41.13 108.79
CA LYS KE 103 70.52 41.17 109.18
C LYS KE 103 71.09 39.77 109.35
N ARG KE 104 70.28 38.83 109.84
CA ARG KE 104 70.75 37.45 109.96
C ARG KE 104 70.97 36.82 108.59
N ALA KE 105 70.11 37.11 107.63
CA ALA KE 105 70.28 36.55 106.30
C ALA KE 105 71.54 37.07 105.63
N PHE KE 106 71.85 38.35 105.81
CA PHE KE 106 73.03 38.94 105.22
C PHE KE 106 74.30 38.62 106.00
N ASP KE 107 74.19 37.92 107.13
CA ASP KE 107 75.36 37.43 107.84
C ASP KE 107 75.80 36.06 107.38
N VAL KE 108 75.15 35.51 106.36
CA VAL KE 108 75.57 34.21 105.81
C VAL KE 108 76.99 34.31 105.28
N LEU KE 109 77.33 35.42 104.63
CA LEU KE 109 78.65 35.58 104.04
C LEU KE 109 79.76 35.45 105.08
N ASN KE 110 79.48 35.79 106.33
CA ASN KE 110 80.46 35.65 107.39
C ASN KE 110 80.43 34.28 108.07
N ALA KE 111 79.38 33.49 107.84
CA ALA KE 111 79.29 32.16 108.42
C ALA KE 111 79.53 31.08 107.37
N LEU KE 112 78.87 31.19 106.23
CA LEU KE 112 79.05 30.28 105.11
C LEU KE 112 80.02 30.88 104.09
N ASN KE 113 81.19 31.25 104.59
CA ASN KE 113 82.10 32.12 103.84
C ASN KE 113 82.77 31.37 102.69
N ALA KE 114 83.50 30.30 103.00
CA ALA KE 114 84.32 29.63 101.99
C ALA KE 114 83.48 29.11 100.84
N GLU KE 115 82.29 28.57 101.14
CA GLU KE 115 81.45 28.01 100.10
C GLU KE 115 80.95 29.06 99.12
N LEU KE 116 80.82 30.32 99.56
CA LEU KE 116 80.30 31.38 98.71
C LEU KE 116 81.41 32.10 97.94
N ILE KE 117 82.51 32.42 98.61
CA ILE KE 117 83.61 33.11 97.94
C ILE KE 117 84.33 32.16 96.99
N THR KE 118 84.85 31.06 97.54
CA THR KE 118 85.63 30.11 96.74
C THR KE 118 84.75 29.29 95.81
N GLY KE 119 83.60 28.82 96.30
CA GLY KE 119 82.68 28.06 95.46
C GLY KE 119 82.91 26.57 95.52
N GLU KE 120 82.97 26.02 96.73
CA GLU KE 120 83.35 24.63 96.91
C GLU KE 120 82.81 24.13 98.25
N GLY KE 121 82.83 22.82 98.42
CA GLY KE 121 82.71 22.26 99.74
C GLY KE 121 81.44 21.49 100.05
N GLN KE 122 81.08 21.49 101.34
CA GLN KE 122 79.97 20.71 101.87
C GLN KE 122 80.18 19.20 101.61
N TRP KE 123 81.20 18.69 102.30
CA TRP KE 123 81.54 17.27 102.20
C TRP KE 123 80.65 16.47 103.13
N ALA LE 1 -78.91 38.43 96.72
CA ALA LE 1 -79.78 37.63 97.55
C ALA LE 1 -80.45 36.53 96.73
N ALA LE 2 -81.40 35.83 97.33
CA ALA LE 2 -82.12 34.80 96.60
C ALA LE 2 -82.94 35.42 95.48
N ARG LE 3 -82.93 34.77 94.32
CA ARG LE 3 -83.66 35.29 93.16
C ARG LE 3 -85.15 35.31 93.43
N SER LE 4 -85.81 36.40 93.06
CA SER LE 4 -87.23 36.57 93.28
C SER LE 4 -87.78 37.45 92.15
N SER LE 5 -88.97 37.98 92.37
CA SER LE 5 -89.60 38.86 91.38
C SER LE 5 -89.22 40.30 91.62
N ILE LE 6 -89.28 41.10 90.56
CA ILE LE 6 -88.97 42.53 90.62
C ILE LE 6 -90.11 43.31 89.97
N VAL LE 7 -90.26 44.56 90.39
CA VAL LE 7 -91.49 45.31 90.15
C VAL LE 7 -91.11 46.58 89.37
N LEU LE 8 -90.16 46.46 88.45
CA LEU LE 8 -89.76 47.56 87.57
C LEU LE 8 -90.96 48.41 87.16
N THR LE 9 -90.86 49.71 87.39
CA THR LE 9 -91.97 50.62 87.20
C THR LE 9 -91.46 51.96 86.67
N ASP LE 10 -92.40 52.82 86.30
CA ASP LE 10 -92.09 54.19 85.92
C ASP LE 10 -93.11 55.16 86.50
N GLY LE 11 -93.72 54.77 87.63
CA GLY LE 11 -94.64 55.65 88.31
C GLY LE 11 -96.10 55.41 88.00
N THR LE 12 -96.38 54.91 86.80
CA THR LE 12 -97.77 54.71 86.39
C THR LE 12 -98.07 53.28 85.95
N THR LE 13 -97.15 52.58 85.29
CA THR LE 13 -97.39 51.23 84.79
C THR LE 13 -96.30 50.30 85.26
N PRO LE 14 -96.46 49.71 86.45
CA PRO LE 14 -95.47 48.75 86.94
C PRO LE 14 -95.45 47.49 86.10
N VAL LE 15 -94.29 46.85 86.09
CA VAL LE 15 -94.07 45.60 85.36
C VAL LE 15 -93.45 44.61 86.32
N THR LE 16 -94.09 43.45 86.47
CA THR LE 16 -93.57 42.39 87.33
C THR LE 16 -92.79 41.40 86.49
N LEU LE 17 -91.53 41.19 86.85
CA LEU LE 17 -90.65 40.27 86.15
C LEU LE 17 -90.33 39.10 87.06
N THR LE 18 -90.13 37.93 86.46
CA THR LE 18 -89.89 36.70 87.20
C THR LE 18 -88.69 35.96 86.61
N PRO LE 19 -87.84 35.38 87.44
CA PRO LE 19 -86.64 34.72 86.92
C PRO LE 19 -86.96 33.46 86.15
N VAL LE 20 -86.69 33.45 84.85
CA VAL LE 20 -87.08 32.31 84.00
C VAL LE 20 -85.86 31.70 83.33
N GLY LE 21 -84.70 31.84 83.95
CA GLY LE 21 -83.51 31.24 83.39
C GLY LE 21 -82.26 31.88 83.97
N GLY LE 22 -81.15 31.64 83.29
CA GLY LE 22 -79.88 32.19 83.70
C GLY LE 22 -78.79 31.15 83.86
N GLY LE 23 -78.00 31.30 84.92
CA GLY LE 23 -76.90 30.37 85.16
C GLY LE 23 -76.07 30.83 86.33
N VAL LE 24 -74.76 30.66 86.19
CA VAL LE 24 -73.81 31.15 87.18
C VAL LE 24 -73.36 32.54 86.73
N GLY LE 25 -73.57 33.53 87.57
CA GLY LE 25 -73.31 34.91 87.21
C GLY LE 25 -74.24 35.42 86.12
N GLN LE 26 -75.52 35.09 86.22
CA GLN LE 26 -76.51 35.51 85.24
C GLN LE 26 -77.91 35.19 85.79
N THR LE 27 -78.88 36.04 85.46
CA THR LE 27 -80.25 35.81 85.90
C THR LE 27 -81.18 36.55 84.93
N LEU LE 28 -81.77 35.79 84.01
CA LEU LE 28 -82.74 36.38 83.09
C LEU LE 28 -84.06 36.65 83.82
N TYR LE 29 -84.81 37.61 83.30
CA TYR LE 29 -86.13 37.93 83.80
C TYR LE 29 -87.06 38.10 82.60
N ARG LE 30 -88.36 38.05 82.85
CA ARG LE 30 -89.34 38.29 81.81
C ARG LE 30 -90.66 38.64 82.48
N ALA LE 31 -91.39 39.59 81.89
CA ALA LE 31 -92.68 39.96 82.43
C ALA LE 31 -93.64 38.78 82.33
N THR LE 32 -94.50 38.65 83.35
CA THR LE 32 -95.37 37.47 83.44
C THR LE 32 -96.22 37.32 82.18
N ALA LE 33 -97.08 38.29 81.92
CA ALA LE 33 -97.83 38.33 80.67
C ALA LE 33 -98.38 39.74 80.48
N GLU LE 34 -97.91 40.44 79.44
CA GLU LE 34 -98.54 41.71 79.10
C GLU LE 34 -99.77 41.48 78.23
N ALA LE 35 -99.57 41.02 77.00
CA ALA LE 35 -100.68 40.58 76.15
C ALA LE 35 -100.37 39.36 75.31
N LEU LE 36 -99.11 39.00 75.13
CA LEU LE 36 -98.68 37.87 74.30
C LEU LE 36 -97.19 37.67 74.54
N SER LE 37 -96.59 36.73 73.83
CA SER LE 37 -95.16 36.57 73.87
C SER LE 37 -94.50 37.50 72.85
N ALA LE 38 -93.21 37.77 73.06
CA ALA LE 38 -92.40 38.72 72.31
C ALA LE 38 -92.81 40.16 72.55
N ALA LE 39 -93.87 40.40 73.32
CA ALA LE 39 -94.28 41.74 73.72
C ALA LE 39 -94.14 41.88 75.23
N ASN LE 40 -93.15 41.21 75.79
CA ASN LE 40 -92.90 41.22 77.22
C ASN LE 40 -91.48 41.68 77.50
N PRO LE 41 -91.28 42.65 78.38
CA PRO LE 41 -89.93 43.11 78.69
C PRO LE 41 -89.12 42.07 79.43
N SER LE 42 -87.79 42.20 79.32
CA SER LE 42 -86.86 41.31 79.99
C SER LE 42 -85.75 42.12 80.63
N LEU LE 43 -85.14 41.56 81.67
CA LEU LE 43 -84.13 42.26 82.47
C LEU LE 43 -82.93 41.35 82.73
N SER LE 44 -82.34 40.82 81.66
CA SER LE 44 -81.09 40.07 81.77
C SER LE 44 -80.10 40.80 82.66
N PHE LE 45 -79.50 40.06 83.60
CA PHE LE 45 -78.64 40.66 84.62
C PHE LE 45 -77.50 39.70 84.94
N GLY LE 46 -76.28 40.07 84.55
CA GLY LE 46 -75.10 39.30 84.85
C GLY LE 46 -74.25 39.96 85.93
N TYR LE 47 -73.21 39.23 86.32
CA TYR LE 47 -72.27 39.68 87.34
C TYR LE 47 -71.10 38.69 87.38
N ARG LE 48 -69.90 39.21 87.58
CA ARG LE 48 -68.73 38.36 87.63
C ARG LE 48 -67.58 39.13 88.26
N PHE LE 49 -66.56 38.38 88.69
CA PHE LE 49 -65.34 38.93 89.27
C PHE LE 49 -64.17 38.50 88.40
N THR LE 50 -63.35 39.46 87.99
CA THR LE 50 -62.13 39.16 87.25
C THR LE 50 -61.00 38.82 88.19
N ASP LE 51 -59.76 38.87 87.68
CA ASP LE 51 -58.58 38.63 88.50
C ASP LE 51 -58.63 39.40 89.81
N GLY LE 52 -58.88 40.70 89.73
CA GLY LE 52 -59.06 41.53 90.91
C GLY LE 52 -60.51 41.48 91.39
N GLY LE 53 -60.80 42.32 92.36
CA GLY LE 53 -62.16 42.39 92.89
C GLY LE 53 -63.07 43.26 92.05
N THR LE 54 -62.75 43.38 90.76
CA THR LE 54 -63.51 44.22 89.85
C THR LE 54 -64.89 43.60 89.66
N ASN LE 55 -65.86 44.11 90.41
CA ASN LE 55 -67.21 43.56 90.38
C ASN LE 55 -67.94 43.99 89.12
N ARG LE 56 -67.56 43.40 87.98
CA ARG LE 56 -68.09 43.81 86.68
C ARG LE 56 -69.52 43.29 86.51
N GLN LE 57 -70.46 44.00 87.14
CA GLN LE 57 -71.86 43.71 86.92
C GLN LE 57 -72.31 44.29 85.57
N SER LE 58 -73.45 43.79 85.09
CA SER LE 58 -73.99 44.22 83.81
C SER LE 58 -75.51 44.09 83.87
N LEU LE 59 -76.18 44.83 83.00
CA LEU LE 59 -77.63 44.78 82.89
C LEU LE 59 -78.04 45.00 81.45
N SER LE 60 -79.29 44.65 81.16
CA SER LE 60 -79.85 44.85 79.82
C SER LE 60 -81.36 44.74 79.93
N TYR LE 61 -82.05 45.84 79.70
CA TYR LE 61 -83.51 45.87 79.75
C TYR LE 61 -84.04 46.12 78.35
N LYS LE 62 -84.83 45.17 77.84
CA LYS LE 62 -85.32 45.22 76.47
C LYS LE 62 -86.84 45.26 76.50
N GLN LE 63 -87.42 46.42 76.22
CA GLN LE 63 -88.86 46.58 76.12
C GLN LE 63 -89.26 46.65 74.66
N PRO LE 64 -90.01 45.68 74.14
CA PRO LE 64 -90.32 45.67 72.71
C PRO LE 64 -91.52 46.54 72.35
N ILE LE 65 -91.43 47.13 71.16
CA ILE LE 65 -92.43 48.08 70.68
C ILE LE 65 -93.44 47.31 69.84
N THR LE 66 -94.66 47.22 70.35
CA THR LE 66 -95.72 46.47 69.68
C THR LE 66 -96.74 47.43 69.07
N ALA LE 67 -97.38 46.97 68.00
CA ALA LE 67 -98.36 47.78 67.29
C ALA LE 67 -99.34 46.87 66.58
N VAL LE 68 -100.58 47.37 66.41
CA VAL LE 68 -101.61 46.58 65.76
C VAL LE 68 -101.35 46.51 64.26
N ASP LE 69 -101.89 45.45 63.63
CA ASP LE 69 -101.71 45.16 62.22
C ASP LE 69 -103.08 45.00 61.55
N SER LE 70 -103.92 46.03 61.72
CA SER LE 70 -105.35 46.03 61.37
C SER LE 70 -105.70 45.26 60.10
N THR LE 71 -104.83 45.29 59.09
CA THR LE 71 -105.05 44.45 57.91
C THR LE 71 -105.20 42.98 58.30
N THR LE 72 -104.55 42.54 59.37
CA THR LE 72 -104.74 41.21 59.92
C THR LE 72 -105.16 41.22 61.39
N SER LE 73 -105.03 42.36 62.07
CA SER LE 73 -105.42 42.53 63.47
C SER LE 73 -104.60 41.67 64.43
N GLU LE 74 -103.36 41.35 64.06
CA GLU LE 74 -102.45 40.61 64.92
C GLU LE 74 -101.38 41.56 65.44
N THR LE 75 -101.18 41.56 66.76
CA THR LE 75 -100.33 42.55 67.43
C THR LE 75 -98.86 42.21 67.20
N LEU LE 76 -98.41 42.53 65.99
CA LEU LE 76 -97.01 42.31 65.64
C LEU LE 76 -96.11 43.28 66.39
N VAL LE 77 -94.88 42.85 66.65
CA VAL LE 77 -93.87 43.67 67.34
C VAL LE 77 -92.90 44.22 66.30
N ARG LE 78 -92.69 45.54 66.35
CA ARG LE 78 -91.82 46.21 65.38
C ARG LE 78 -90.36 46.16 65.82
N GLY LE 79 -90.05 46.66 67.00
CA GLY LE 79 -88.69 46.69 67.51
C GLY LE 79 -88.64 46.75 69.02
N GLN LE 80 -87.45 46.96 69.58
CA GLN LE 80 -87.27 46.95 71.03
C GLN LE 80 -86.39 48.12 71.44
N CYS LE 81 -86.58 48.58 72.67
CA CYS LE 81 -85.75 49.61 73.27
C CYS LE 81 -84.79 48.96 74.26
N VAL LE 82 -83.50 49.20 74.07
CA VAL LE 82 -82.45 48.50 74.82
C VAL LE 82 -81.74 49.49 75.72
N VAL LE 83 -81.64 49.17 77.00
CA VAL LE 83 -80.91 49.97 77.97
C VAL LE 83 -79.90 49.06 78.66
N ASP LE 84 -78.62 49.40 78.57
CA ASP LE 84 -77.56 48.61 79.18
C ASP LE 84 -76.89 49.44 80.26
N ILE LE 85 -76.95 48.99 81.50
CA ILE LE 85 -76.29 49.68 82.60
C ILE LE 85 -75.15 48.82 83.11
N ASN LE 86 -73.95 49.02 82.56
CA ASN LE 86 -72.78 48.29 83.03
C ASN LE 86 -72.15 49.02 84.22
N ILE LE 87 -71.66 48.22 85.17
CA ILE LE 87 -71.06 48.75 86.39
C ILE LE 87 -69.74 48.02 86.62
N VAL LE 88 -68.69 48.78 86.91
CA VAL LE 88 -67.38 48.21 87.23
C VAL LE 88 -66.86 48.91 88.47
N ILE LE 89 -66.61 48.14 89.52
CA ILE LE 89 -66.08 48.65 90.78
C ILE LE 89 -64.84 47.82 91.13
N PRO LE 90 -63.66 48.43 91.28
CA PRO LE 90 -62.45 47.66 91.56
C PRO LE 90 -62.41 47.19 93.01
N ARG LE 91 -61.42 46.33 93.29
CA ARG LE 91 -61.25 45.84 94.65
C ARG LE 91 -60.93 46.95 95.63
N VAL LE 92 -60.17 47.97 95.20
CA VAL LE 92 -59.67 49.00 96.09
C VAL LE 92 -60.78 49.94 96.53
N ALA LE 93 -62.00 49.67 96.09
CA ALA LE 93 -63.12 50.57 96.33
C ALA LE 93 -63.63 50.42 97.76
N THR LE 94 -63.74 51.54 98.46
CA THR LE 94 -64.40 51.55 99.76
C THR LE 94 -65.89 51.29 99.56
N ALA LE 95 -66.49 50.61 100.54
CA ALA LE 95 -67.91 50.28 100.46
C ALA LE 95 -68.80 51.50 100.36
N THR LE 96 -68.33 52.67 100.79
CA THR LE 96 -69.09 53.91 100.61
C THR LE 96 -68.84 54.58 99.27
N ASP LE 97 -67.70 54.31 98.64
CA ASP LE 97 -67.45 54.83 97.31
C ASP LE 97 -68.29 54.11 96.26
N ARG LE 98 -68.59 52.84 96.51
CA ARG LE 98 -69.49 52.11 95.60
C ARG LE 98 -70.90 52.64 95.68
N ALA LE 99 -71.39 52.92 96.88
CA ALA LE 99 -72.74 53.46 97.03
C ALA LE 99 -72.85 54.84 96.42
N GLU LE 100 -71.78 55.64 96.51
CA GLU LE 100 -71.78 56.96 95.91
C GLU LE 100 -71.84 56.88 94.39
N ALA LE 101 -71.01 56.04 93.79
CA ALA LE 101 -70.93 55.98 92.34
C ALA LE 101 -72.22 55.45 91.73
N ILE LE 102 -72.80 54.40 92.32
CA ILE LE 102 -73.97 53.76 91.73
C ILE LE 102 -75.17 54.70 91.80
N LYS LE 103 -75.39 55.33 92.96
CA LYS LE 103 -76.57 56.17 93.11
C LYS LE 103 -76.45 57.45 92.30
N ARG LE 104 -75.22 57.99 92.17
CA ARG LE 104 -75.03 59.21 91.40
C ARG LE 104 -75.28 58.98 89.91
N ALA LE 105 -74.69 57.93 89.36
CA ALA LE 105 -74.84 57.65 87.94
C ALA LE 105 -76.28 57.32 87.58
N PHE LE 106 -77.05 56.76 88.50
CA PHE LE 106 -78.47 56.53 88.27
C PHE LE 106 -79.28 57.80 88.45
N ASP LE 107 -78.68 58.86 88.98
CA ASP LE 107 -79.35 60.14 89.11
C ASP LE 107 -79.21 61.01 87.86
N VAL LE 108 -78.63 60.46 86.80
CA VAL LE 108 -78.48 61.23 85.56
C VAL LE 108 -79.85 61.61 85.01
N LEU LE 109 -80.78 60.66 84.98
CA LEU LE 109 -82.09 60.91 84.40
C LEU LE 109 -82.80 62.06 85.08
N ASN LE 110 -82.57 62.25 86.38
CA ASN LE 110 -83.16 63.40 87.05
C ASN LE 110 -82.51 64.71 86.61
N ALA LE 111 -81.22 64.68 86.31
CA ALA LE 111 -80.52 65.90 85.93
C ALA LE 111 -80.45 66.06 84.40
N LEU LE 112 -79.84 65.10 83.72
CA LEU LE 112 -79.70 65.15 82.27
C LEU LE 112 -80.94 64.55 81.60
N ASN LE 113 -82.09 65.15 81.92
CA ASN LE 113 -83.37 64.51 81.62
C ASN LE 113 -83.73 64.64 80.15
N ALA LE 114 -83.89 65.87 79.66
CA ALA LE 114 -84.54 66.11 78.38
C ALA LE 114 -83.82 65.45 77.21
N GLU LE 115 -82.52 65.20 77.32
CA GLU LE 115 -81.79 64.57 76.23
C GLU LE 115 -81.92 63.05 76.22
N LEU LE 116 -82.44 62.47 77.29
CA LEU LE 116 -82.67 61.02 77.36
C LEU LE 116 -84.12 60.66 77.08
N ILE LE 117 -85.05 61.30 77.80
CA ILE LE 117 -86.47 60.98 77.63
C ILE LE 117 -86.93 61.32 76.22
N THR LE 118 -86.59 62.53 75.76
CA THR LE 118 -87.14 63.03 74.50
C THR LE 118 -86.29 62.63 73.30
N GLY LE 119 -85.00 62.42 73.48
CA GLY LE 119 -84.13 62.03 72.39
C GLY LE 119 -83.49 63.16 71.62
N GLU LE 120 -83.75 64.41 72.00
CA GLU LE 120 -83.16 65.54 71.29
C GLU LE 120 -81.65 65.57 71.47
N GLY LE 121 -80.96 66.06 70.44
CA GLY LE 121 -79.52 66.18 70.47
C GLY LE 121 -79.12 67.56 70.92
N GLN LE 122 -78.49 67.63 72.09
CA GLN LE 122 -78.13 68.92 72.67
C GLN LE 122 -77.06 69.61 71.81
N TRP LE 123 -77.16 70.94 71.76
CA TRP LE 123 -76.30 71.74 70.90
C TRP LE 123 -75.27 72.54 71.69
N ALA ME 1 -96.15 32.12 92.46
CA ALA ME 1 -95.45 31.08 91.73
C ALA ME 1 -94.12 30.74 92.38
N ALA ME 2 -94.07 30.88 93.71
CA ALA ME 2 -92.91 30.45 94.48
C ALA ME 2 -92.98 28.95 94.72
N ARG ME 3 -91.83 28.38 95.05
CA ARG ME 3 -91.74 26.93 95.24
C ARG ME 3 -92.34 26.54 96.58
N SER ME 4 -93.34 25.66 96.54
CA SER ME 4 -93.98 25.15 97.74
C SER ME 4 -94.50 23.76 97.45
N SER ME 5 -95.04 23.12 98.49
CA SER ME 5 -95.56 21.77 98.34
C SER ME 5 -96.81 21.76 97.47
N ILE ME 6 -96.91 20.76 96.60
CA ILE ME 6 -98.07 20.59 95.73
C ILE ME 6 -98.75 19.29 96.08
N VAL ME 7 -100.05 19.23 95.78
CA VAL ME 7 -100.93 18.20 96.34
C VAL ME 7 -101.57 17.39 95.23
N LEU ME 8 -100.79 17.06 94.19
CA LEU ME 8 -101.23 16.18 93.11
C LEU ME 8 -102.12 15.07 93.63
N THR ME 9 -103.28 14.89 93.00
CA THR ME 9 -104.24 13.89 93.44
C THR ME 9 -105.02 13.37 92.24
N ASP ME 10 -105.55 12.16 92.39
CA ASP ME 10 -106.38 11.54 91.37
C ASP ME 10 -107.85 11.53 91.75
N GLY ME 11 -108.19 12.00 92.94
CA GLY ME 11 -109.57 11.97 93.41
C GLY ME 11 -109.70 11.12 94.66
N THR ME 12 -108.97 10.00 94.70
CA THR ME 12 -109.08 9.07 95.82
C THR ME 12 -108.00 9.33 96.87
N THR ME 13 -106.73 9.25 96.48
CA THR ME 13 -105.62 9.39 97.42
C THR ME 13 -104.73 10.55 96.97
N PRO ME 14 -104.69 11.65 97.70
CA PRO ME 14 -103.77 12.74 97.36
C PRO ME 14 -102.36 12.42 97.79
N VAL ME 15 -101.39 12.86 97.00
CA VAL ME 15 -99.97 12.74 97.33
C VAL ME 15 -99.38 14.14 97.36
N THR ME 16 -98.66 14.44 98.43
CA THR ME 16 -98.07 15.77 98.63
C THR ME 16 -96.60 15.70 98.26
N LEU ME 17 -96.21 16.46 97.25
CA LEU ME 17 -94.82 16.55 96.82
C LEU ME 17 -94.21 17.85 97.34
N THR ME 18 -93.03 17.76 97.96
CA THR ME 18 -92.33 18.92 98.44
C THR ME 18 -91.04 19.11 97.65
N PRO ME 19 -90.62 20.35 97.39
CA PRO ME 19 -89.44 20.56 96.55
C PRO ME 19 -88.21 19.95 97.19
N VAL ME 20 -87.34 19.38 96.35
CA VAL ME 20 -86.09 18.82 96.83
C VAL ME 20 -84.94 19.33 95.98
N GLY ME 21 -85.12 20.48 95.35
CA GLY ME 21 -83.99 21.10 94.67
C GLY ME 21 -84.28 21.66 93.30
N GLY ME 22 -83.25 21.73 92.47
CA GLY ME 22 -83.40 22.14 91.09
C GLY ME 22 -82.65 23.39 90.70
N GLY ME 23 -82.71 24.43 91.52
CA GLY ME 23 -82.09 25.69 91.16
C GLY ME 23 -82.91 26.48 90.17
N VAL ME 24 -82.25 27.26 89.31
CA VAL ME 24 -82.94 28.11 88.34
C VAL ME 24 -83.13 27.32 87.05
N GLY ME 25 -84.30 27.49 86.43
CA GLY ME 25 -84.62 26.76 85.23
C GLY ME 25 -85.27 25.41 85.44
N GLN ME 26 -85.44 24.96 86.68
CA GLN ME 26 -86.09 23.69 86.95
C GLN ME 26 -86.48 23.62 88.41
N THR ME 27 -87.22 22.57 88.75
CA THR ME 27 -87.63 22.35 90.13
C THR ME 27 -87.93 20.87 90.30
N LEU ME 28 -87.31 20.24 91.28
CA LEU ME 28 -87.56 18.84 91.58
C LEU ME 28 -88.54 18.74 92.74
N TYR ME 29 -89.39 17.73 92.68
CA TYR ME 29 -90.33 17.44 93.75
C TYR ME 29 -90.21 15.98 94.15
N ARG ME 30 -90.69 15.66 95.35
CA ARG ME 30 -90.72 14.29 95.82
C ARG ME 30 -91.56 14.17 97.08
N ALA ME 31 -92.43 13.17 97.13
CA ALA ME 31 -93.24 12.94 98.32
C ALA ME 31 -92.40 12.29 99.41
N THR ME 32 -92.99 12.10 100.58
CA THR ME 32 -92.23 11.47 101.67
C THR ME 32 -92.25 9.95 101.52
N ALA ME 33 -93.42 9.33 101.73
CA ALA ME 33 -93.59 7.88 101.72
C ALA ME 33 -92.38 7.19 102.35
N GLU ME 34 -91.99 7.69 103.51
CA GLU ME 34 -90.68 7.40 104.08
C GLU ME 34 -90.51 5.91 104.33
N ALA ME 35 -89.26 5.45 104.26
CA ALA ME 35 -88.92 4.06 104.55
C ALA ME 35 -89.67 3.12 103.60
N LEU ME 36 -89.27 3.16 102.34
CA LEU ME 36 -88.01 3.64 101.80
C LEU ME 36 -88.14 5.07 101.28
N SER ME 37 -87.02 5.73 101.00
CA SER ME 37 -87.04 7.10 100.49
C SER ME 37 -87.01 7.18 98.96
N ALA ME 38 -86.60 6.11 98.30
CA ALA ME 38 -86.61 6.06 96.84
C ALA ME 38 -87.92 5.51 96.28
N ALA ME 39 -88.83 5.07 97.14
CA ALA ME 39 -90.12 4.53 96.72
C ALA ME 39 -91.23 5.55 96.92
N ASN ME 40 -91.15 6.68 96.21
CA ASN ME 40 -92.20 7.68 96.27
C ASN ME 40 -92.15 8.50 94.99
N PRO ME 41 -93.26 9.11 94.59
CA PRO ME 41 -93.32 9.79 93.30
C PRO ME 41 -92.50 11.08 93.28
N SER ME 42 -92.21 11.54 92.05
CA SER ME 42 -91.41 12.72 91.83
C SER ME 42 -91.97 13.49 90.63
N LEU ME 43 -91.67 14.78 90.57
CA LEU ME 43 -92.22 15.67 89.55
C LEU ME 43 -91.16 16.61 88.97
N SER ME 44 -90.06 16.07 88.47
CA SER ME 44 -89.06 16.89 87.81
C SER ME 44 -89.71 17.82 86.79
N PHE ME 45 -89.64 19.12 87.04
CA PHE ME 45 -90.32 20.13 86.22
C PHE ME 45 -89.33 21.19 85.79
N GLY ME 46 -89.09 21.30 84.48
CA GLY ME 46 -88.19 22.29 83.94
C GLY ME 46 -88.92 23.31 83.09
N TYR ME 47 -88.18 24.35 82.70
CA TYR ME 47 -88.72 25.43 81.86
C TYR ME 47 -87.56 26.31 81.43
N ARG ME 48 -87.65 26.84 80.21
CA ARG ME 48 -86.60 27.70 79.67
C ARG ME 48 -87.18 28.50 78.51
N PHE ME 49 -86.46 29.54 78.12
CA PHE ME 49 -86.80 30.34 76.95
C PHE ME 49 -85.63 30.30 75.98
N THR ME 50 -85.91 29.96 74.72
CA THR ME 50 -84.88 29.84 73.71
C THR ME 50 -84.53 31.22 73.17
N ASP ME 51 -83.83 31.25 72.03
CA ASP ME 51 -83.44 32.51 71.39
C ASP ME 51 -84.64 33.43 71.22
N GLY ME 52 -85.77 32.89 70.77
CA GLY ME 52 -86.98 33.67 70.67
C GLY ME 52 -87.72 33.70 71.99
N GLY ME 53 -89.05 33.69 71.94
CA GLY ME 53 -89.85 33.62 73.14
C GLY ME 53 -90.42 32.23 73.31
N THR ME 54 -89.80 31.25 72.65
CA THR ME 54 -90.31 29.88 72.67
C THR ME 54 -90.13 29.30 74.05
N ASN ME 55 -91.23 29.28 74.81
CA ASN ME 55 -91.23 28.78 76.18
C ASN ME 55 -91.30 27.26 76.14
N ARG ME 56 -90.16 26.61 76.38
CA ARG ME 56 -90.08 25.16 76.30
C ARG ME 56 -90.19 24.56 77.70
N GLN ME 57 -91.42 24.52 78.20
CA GLN ME 57 -91.65 23.86 79.47
C GLN ME 57 -91.55 22.34 79.32
N SER ME 58 -91.39 21.66 80.44
CA SER ME 58 -91.18 20.22 80.42
C SER ME 58 -91.40 19.61 81.80
N LEU ME 59 -92.23 18.57 81.89
CA LEU ME 59 -92.51 17.90 83.14
C LEU ME 59 -92.17 16.43 83.01
N SER ME 60 -92.07 15.75 84.15
CA SER ME 60 -91.81 14.32 84.16
C SER ME 60 -92.24 13.78 85.52
N TYR ME 61 -93.30 13.00 85.55
CA TYR ME 61 -93.85 12.47 86.80
C TYR ME 61 -93.59 10.97 86.82
N LYS ME 62 -92.73 10.53 87.73
CA LYS ME 62 -92.41 9.12 87.90
C LYS ME 62 -92.99 8.64 89.22
N GLN ME 63 -93.74 7.54 89.17
CA GLN ME 63 -94.28 6.93 90.36
C GLN ME 63 -93.79 5.49 90.45
N PRO ME 64 -92.95 5.15 91.43
CA PRO ME 64 -92.44 3.78 91.52
C PRO ME 64 -93.46 2.83 92.09
N ILE ME 65 -93.37 1.57 91.66
CA ILE ME 65 -94.30 0.53 92.06
C ILE ME 65 -93.66 -0.23 93.22
N THR ME 66 -94.29 -0.15 94.38
CA THR ME 66 -93.75 -0.72 95.61
C THR ME 66 -94.35 -2.08 95.88
N ALA ME 67 -93.71 -2.81 96.79
CA ALA ME 67 -94.16 -4.14 97.18
C ALA ME 67 -93.58 -4.45 98.55
N VAL ME 68 -94.41 -4.45 99.58
CA VAL ME 68 -93.94 -4.67 100.94
C VAL ME 68 -93.67 -6.16 101.12
N ASP ME 69 -92.40 -6.52 101.26
CA ASP ME 69 -91.98 -7.91 101.40
C ASP ME 69 -92.20 -8.34 102.84
N SER ME 70 -93.33 -9.02 103.09
CA SER ME 70 -93.70 -9.38 104.45
C SER ME 70 -92.70 -10.32 105.12
N THR ME 71 -91.94 -11.08 104.33
CA THR ME 71 -90.96 -11.99 104.90
C THR ME 71 -89.86 -11.22 105.64
N THR ME 72 -89.29 -10.22 104.97
CA THR ME 72 -88.20 -9.42 105.53
C THR ME 72 -88.69 -8.09 106.11
N SER ME 73 -89.88 -7.64 105.70
CA SER ME 73 -90.47 -6.36 106.11
C SER ME 73 -89.62 -5.19 105.60
N GLU ME 74 -89.40 -5.20 104.29
CA GLU ME 74 -88.72 -4.12 103.61
C GLU ME 74 -89.48 -3.80 102.32
N THR ME 75 -89.46 -2.54 101.93
CA THR ME 75 -90.15 -2.12 100.73
C THR ME 75 -89.24 -2.27 99.52
N LEU ME 76 -89.73 -2.98 98.51
CA LEU ME 76 -88.98 -3.23 97.29
C LEU ME 76 -89.60 -2.44 96.15
N VAL ME 77 -88.74 -1.97 95.24
CA VAL ME 77 -89.18 -1.17 94.09
C VAL ME 77 -89.08 -2.05 92.86
N ARG ME 78 -90.23 -2.29 92.22
CA ARG ME 78 -90.29 -3.16 91.06
C ARG ME 78 -90.15 -2.41 89.74
N GLY ME 79 -90.68 -1.20 89.68
CA GLY ME 79 -90.57 -0.40 88.48
C GLY ME 79 -91.30 0.91 88.69
N GLN ME 80 -91.28 1.76 87.67
CA GLN ME 80 -91.89 3.07 87.79
C GLN ME 80 -92.69 3.41 86.54
N CYS ME 81 -93.84 4.04 86.76
CA CYS ME 81 -94.65 4.57 85.66
C CYS ME 81 -94.21 6.00 85.39
N VAL ME 82 -93.83 6.27 84.15
CA VAL ME 82 -93.27 7.56 83.76
C VAL ME 82 -94.26 8.27 82.85
N VAL ME 83 -94.53 9.54 83.12
CA VAL ME 83 -95.42 10.35 82.31
C VAL ME 83 -94.70 11.66 82.00
N ASP ME 84 -94.25 11.81 80.76
CA ASP ME 84 -93.60 13.04 80.31
C ASP ME 84 -94.62 13.94 79.64
N ILE ME 85 -94.53 15.23 79.90
CA ILE ME 85 -95.43 16.23 79.33
C ILE ME 85 -94.57 17.39 78.85
N ASN ME 86 -94.17 17.38 77.59
CA ASN ME 86 -93.44 18.49 77.02
C ASN ME 86 -94.41 19.51 76.44
N ILE ME 87 -94.11 20.77 76.67
CA ILE ME 87 -94.94 21.88 76.19
C ILE ME 87 -94.05 22.85 75.46
N VAL ME 88 -94.41 23.19 74.23
CA VAL ME 88 -93.70 24.20 73.44
C VAL ME 88 -94.70 25.28 73.06
N ILE ME 89 -94.35 26.54 73.33
CA ILE ME 89 -95.22 27.65 73.00
C ILE ME 89 -94.41 28.67 72.20
N PRO ME 90 -94.74 28.89 70.94
CA PRO ME 90 -93.88 29.73 70.09
C PRO ME 90 -93.90 31.19 70.49
N ARG ME 91 -93.00 31.96 69.88
CA ARG ME 91 -92.86 33.38 70.18
C ARG ME 91 -94.11 34.18 69.84
N VAL ME 92 -94.93 33.71 68.90
CA VAL ME 92 -96.04 34.48 68.36
C VAL ME 92 -97.36 34.13 69.04
N ALA ME 93 -97.33 33.37 70.13
CA ALA ME 93 -98.55 32.83 70.73
C ALA ME 93 -99.16 33.85 71.69
N THR ME 94 -100.44 34.14 71.49
CA THR ME 94 -101.15 35.03 72.39
C THR ME 94 -101.33 34.37 73.75
N ALA ME 95 -101.57 35.20 74.76
CA ALA ME 95 -101.73 34.71 76.12
C ALA ME 95 -103.01 33.90 76.32
N THR ME 96 -103.97 33.97 75.39
CA THR ME 96 -105.17 33.15 75.45
C THR ME 96 -105.09 31.90 74.61
N ASP ME 97 -104.16 31.86 73.63
CA ASP ME 97 -103.90 30.62 72.93
C ASP ME 97 -103.12 29.64 73.79
N ARG ME 98 -102.33 30.14 74.73
CA ARG ME 98 -101.66 29.28 75.69
C ARG ME 98 -102.67 28.54 76.55
N ALA ME 99 -103.64 29.26 77.12
CA ALA ME 99 -104.65 28.61 77.93
C ALA ME 99 -105.50 27.65 77.10
N GLU ME 100 -105.86 28.04 75.89
CA GLU ME 100 -106.64 27.16 75.03
C GLU ME 100 -105.87 25.88 74.71
N ALA ME 101 -104.59 26.01 74.38
CA ALA ME 101 -103.80 24.85 73.99
C ALA ME 101 -103.54 23.92 75.16
N ILE ME 102 -103.12 24.48 76.30
CA ILE ME 102 -102.71 23.66 77.43
C ILE ME 102 -103.90 22.91 78.01
N LYS ME 103 -104.99 23.62 78.28
CA LYS ME 103 -106.13 22.97 78.93
C LYS ME 103 -106.85 22.00 78.00
N ARG ME 104 -106.69 22.16 76.68
CA ARG ME 104 -107.27 21.19 75.76
C ARG ME 104 -106.44 19.90 75.73
N ALA ME 105 -105.12 20.02 75.70
CA ALA ME 105 -104.27 18.83 75.70
C ALA ME 105 -104.44 18.04 76.97
N PHE ME 106 -104.52 18.71 78.11
CA PHE ME 106 -104.75 18.04 79.38
C PHE ME 106 -106.18 17.53 79.52
N ASP ME 107 -107.06 17.89 78.60
CA ASP ME 107 -108.42 17.35 78.58
C ASP ME 107 -108.52 16.04 77.81
N VAL ME 108 -107.39 15.54 77.29
CA VAL ME 108 -107.41 14.27 76.58
C VAL ME 108 -107.86 13.14 77.51
N LEU ME 109 -107.39 13.16 78.75
CA LEU ME 109 -107.75 12.12 79.70
C LEU ME 109 -109.26 12.00 79.86
N ASN ME 110 -110.00 13.09 79.67
CA ASN ME 110 -111.45 13.02 79.70
C ASN ME 110 -112.04 12.60 78.35
N ALA ME 111 -111.31 12.79 77.26
CA ALA ME 111 -111.79 12.36 75.95
C ALA ME 111 -111.30 10.97 75.60
N LEU ME 112 -109.98 10.78 75.59
CA LEU ME 112 -109.37 9.50 75.29
C LEU ME 112 -109.15 8.69 76.57
N ASN ME 113 -110.24 8.54 77.32
CA ASN ME 113 -110.13 8.05 78.69
C ASN ME 113 -109.79 6.57 78.74
N ALA ME 114 -110.62 5.73 78.12
CA ALA ME 114 -110.44 4.29 78.25
C ALA ME 114 -109.12 3.83 77.64
N GLU ME 115 -108.59 4.56 76.67
CA GLU ME 115 -107.31 4.19 76.08
C GLU ME 115 -106.12 4.51 76.97
N LEU ME 116 -106.33 5.25 78.06
CA LEU ME 116 -105.25 5.64 78.96
C LEU ME 116 -105.40 5.05 80.35
N ILE ME 117 -106.60 5.14 80.93
CA ILE ME 117 -106.80 4.65 82.29
C ILE ME 117 -106.67 3.12 82.34
N THR ME 118 -107.26 2.42 81.37
CA THR ME 118 -107.25 0.96 81.36
C THR ME 118 -106.17 0.37 80.47
N GLY ME 119 -105.71 1.10 79.46
CA GLY ME 119 -104.64 0.63 78.63
C GLY ME 119 -105.06 -0.02 77.33
N GLU ME 120 -106.34 0.04 76.97
CA GLU ME 120 -106.82 -0.57 75.75
C GLU ME 120 -106.22 0.13 74.53
N GLY ME 121 -106.53 -0.42 73.37
CA GLY ME 121 -106.29 0.27 72.11
C GLY ME 121 -107.59 0.33 71.34
N GLN ME 122 -107.80 1.45 70.68
CA GLN ME 122 -109.05 1.63 69.95
C GLN ME 122 -109.06 0.78 68.69
N TRP ME 123 -110.19 0.12 68.45
CA TRP ME 123 -110.30 -0.83 67.35
C TRP ME 123 -111.11 -0.27 66.18
N ALA NE 1 -112.81 2.31 73.26
CA ALA NE 1 -113.83 2.06 72.25
C ALA NE 1 -113.27 2.30 70.85
N ALA NE 2 -114.12 2.21 69.84
CA ALA NE 2 -113.66 2.37 68.47
C ALA NE 2 -113.29 3.82 68.20
N ARG NE 3 -112.53 4.01 67.11
CA ARG NE 3 -112.16 5.36 66.70
C ARG NE 3 -113.42 6.19 66.45
N SER NE 4 -113.61 7.24 67.24
CA SER NE 4 -114.80 8.07 67.11
C SER NE 4 -114.42 9.54 67.12
N SER NE 5 -115.42 10.41 67.27
CA SER NE 5 -115.18 11.85 67.35
C SER NE 5 -115.00 12.26 68.80
N ILE NE 6 -113.88 12.90 69.10
CA ILE NE 6 -113.58 13.36 70.44
C ILE NE 6 -113.90 14.86 70.52
N VAL NE 7 -114.15 15.32 71.74
CA VAL NE 7 -114.70 16.66 71.97
C VAL NE 7 -113.73 17.46 72.84
N LEU NE 8 -112.43 17.31 72.59
CA LEU NE 8 -111.39 18.04 73.30
C LEU NE 8 -111.78 19.50 73.53
N THR NE 9 -111.86 19.89 74.79
CA THR NE 9 -112.36 21.20 75.18
C THR NE 9 -111.44 21.79 76.25
N ASP NE 10 -111.82 22.98 76.73
CA ASP NE 10 -111.10 23.61 77.83
C ASP NE 10 -112.04 24.22 78.86
N GLY NE 11 -113.35 23.98 78.76
CA GLY NE 11 -114.33 24.55 79.64
C GLY NE 11 -115.17 25.65 79.00
N THR NE 12 -114.62 26.34 78.00
CA THR NE 12 -115.33 27.40 77.30
C THR NE 12 -115.52 27.10 75.82
N THR NE 13 -114.46 26.76 75.10
CA THR NE 13 -114.51 26.60 73.65
C THR NE 13 -114.18 25.18 73.26
N PRO NE 14 -115.17 24.33 73.04
CA PRO NE 14 -114.90 22.95 72.63
C PRO NE 14 -114.45 22.87 71.18
N VAL NE 15 -113.74 21.78 70.88
CA VAL NE 15 -113.31 21.47 69.52
C VAL NE 15 -113.55 19.98 69.28
N THR NE 16 -114.18 19.65 68.17
CA THR NE 16 -114.49 18.27 67.82
C THR NE 16 -113.50 17.77 66.78
N LEU NE 17 -112.90 16.61 67.04
CA LEU NE 17 -111.88 16.03 66.17
C LEU NE 17 -112.32 14.64 65.73
N THR NE 18 -112.21 14.38 64.43
CA THR NE 18 -112.56 13.08 63.86
C THR NE 18 -111.36 12.44 63.21
N PRO NE 19 -111.21 11.12 63.31
CA PRO NE 19 -109.97 10.47 62.83
C PRO NE 19 -109.73 10.72 61.36
N VAL NE 20 -108.46 10.93 61.01
CA VAL NE 20 -108.08 11.36 59.67
C VAL NE 20 -107.02 10.39 59.16
N GLY NE 21 -106.94 9.23 59.77
CA GLY NE 21 -106.04 8.23 59.25
C GLY NE 21 -105.37 7.47 60.37
N GLY NE 22 -104.11 7.11 60.12
CA GLY NE 22 -103.33 6.35 61.09
C GLY NE 22 -103.05 4.93 60.65
N GLY NE 23 -103.33 3.97 61.53
CA GLY NE 23 -103.05 2.57 61.26
C GLY NE 23 -103.31 1.70 62.47
N VAL NE 24 -102.38 0.79 62.77
CA VAL NE 24 -102.44 -0.01 63.98
C VAL NE 24 -101.51 0.61 65.02
N GLY NE 25 -102.03 0.85 66.21
CA GLY NE 25 -101.27 1.58 67.20
C GLY NE 25 -100.93 2.97 66.73
N GLN NE 26 -101.90 3.65 66.10
CA GLN NE 26 -101.73 5.00 65.60
C GLN NE 26 -103.09 5.54 65.23
N THR NE 27 -103.35 6.81 65.54
CA THR NE 27 -104.66 7.40 65.29
C THR NE 27 -104.48 8.91 65.17
N LEU NE 28 -104.63 9.43 63.95
CA LEU NE 28 -104.62 10.85 63.75
C LEU NE 28 -105.97 11.46 64.14
N TYR NE 29 -106.00 12.78 64.21
CA TYR NE 29 -107.23 13.52 64.46
C TYR NE 29 -107.11 14.88 63.79
N ARG NE 30 -108.25 15.55 63.64
CA ARG NE 30 -108.31 16.93 63.15
C ARG NE 30 -109.74 17.40 63.26
N ALA NE 31 -109.93 18.72 63.23
CA ALA NE 31 -111.23 19.34 63.39
C ALA NE 31 -111.82 19.67 62.02
N THR NE 32 -112.94 20.41 62.01
CA THR NE 32 -113.75 20.61 60.81
C THR NE 32 -113.29 21.79 59.96
N ALA NE 33 -112.80 22.86 60.58
CA ALA NE 33 -112.42 24.06 59.82
C ALA NE 33 -111.27 23.75 58.86
N GLU NE 34 -111.13 24.55 57.80
CA GLU NE 34 -110.18 24.27 56.74
C GLU NE 34 -109.27 25.47 56.50
N ALA NE 35 -108.00 25.19 56.26
CA ALA NE 35 -107.03 26.22 55.94
C ALA NE 35 -106.08 25.66 54.89
N LEU NE 36 -104.95 26.34 54.67
CA LEU NE 36 -104.01 25.97 53.64
C LEU NE 36 -102.76 25.29 54.19
N SER NE 37 -102.06 25.92 55.13
CA SER NE 37 -100.82 25.38 55.67
C SER NE 37 -101.06 24.52 56.91
N ALA NE 38 -101.63 25.13 57.96
CA ALA NE 38 -101.98 24.42 59.17
C ALA NE 38 -103.48 24.55 59.38
N ALA NE 39 -104.19 23.42 59.30
CA ALA NE 39 -105.65 23.48 59.30
C ALA NE 39 -106.20 23.65 60.70
N ASN NE 40 -105.97 22.66 61.57
CA ASN NE 40 -106.69 22.58 62.83
C ASN NE 40 -105.85 21.90 63.90
N PRO NE 41 -106.34 21.79 65.12
CA PRO NE 41 -105.69 20.91 66.10
C PRO NE 41 -105.63 19.47 65.59
N SER NE 42 -104.48 18.82 65.84
CA SER NE 42 -104.23 17.48 65.30
C SER NE 42 -103.60 16.63 66.41
N LEU NE 43 -104.42 15.80 67.05
CA LEU NE 43 -104.00 14.99 68.19
C LEU NE 43 -103.64 13.60 67.71
N SER NE 44 -102.34 13.31 67.62
CA SER NE 44 -101.90 11.97 67.26
C SER NE 44 -101.81 11.09 68.51
N PHE NE 45 -102.06 9.81 68.34
CA PHE NE 45 -102.11 8.85 69.45
C PHE NE 45 -101.36 7.60 69.03
N GLY NE 46 -100.21 7.35 69.64
CA GLY NE 46 -99.29 6.35 69.12
C GLY NE 46 -98.99 5.16 70.02
N TYR NE 47 -99.99 4.60 70.66
CA TYR NE 47 -99.78 3.52 71.63
C TYR NE 47 -99.17 2.30 70.96
N ARG NE 48 -98.41 1.54 71.74
CA ARG NE 48 -97.77 0.29 71.29
C ARG NE 48 -97.38 -0.50 72.52
N PHE NE 49 -96.75 -1.66 72.29
CA PHE NE 49 -96.21 -2.50 73.35
C PHE NE 49 -94.73 -2.78 73.05
N THR NE 50 -94.10 -3.55 73.92
CA THR NE 50 -92.65 -3.74 73.85
C THR NE 50 -92.36 -5.17 74.29
N ASP NE 51 -91.10 -5.43 74.66
CA ASP NE 51 -90.67 -6.77 75.07
C ASP NE 51 -91.55 -7.29 76.22
N GLY NE 52 -91.73 -6.49 77.25
CA GLY NE 52 -92.64 -6.79 78.33
C GLY NE 52 -94.00 -6.20 78.07
N GLY NE 53 -94.73 -5.97 79.15
CA GLY NE 53 -96.01 -5.29 79.05
C GLY NE 53 -95.82 -3.78 79.05
N THR NE 54 -94.68 -3.33 78.53
CA THR NE 54 -94.31 -1.93 78.60
C THR NE 54 -95.18 -1.11 77.67
N ASN NE 55 -96.36 -0.73 78.13
CA ASN NE 55 -97.32 0.00 77.33
C ASN NE 55 -96.78 1.40 77.07
N ARG NE 56 -96.20 1.59 75.88
CA ARG NE 56 -95.52 2.84 75.55
C ARG NE 56 -96.44 3.76 74.74
N GLN NE 57 -97.46 4.26 75.42
CA GLN NE 57 -98.37 5.20 74.79
C GLN NE 57 -97.66 6.52 74.54
N SER NE 58 -98.20 7.30 73.60
CA SER NE 58 -97.57 8.54 73.18
C SER NE 58 -98.62 9.41 72.52
N LEU NE 59 -98.57 10.71 72.81
CA LEU NE 59 -99.54 11.67 72.32
C LEU NE 59 -98.82 12.89 71.78
N SER NE 60 -99.55 13.71 71.04
CA SER NE 60 -99.06 14.99 70.57
C SER NE 60 -100.23 15.84 70.08
N TYR NE 61 -100.48 16.96 70.75
CA TYR NE 61 -101.61 17.83 70.43
C TYR NE 61 -101.06 19.17 69.94
N LYS NE 62 -101.10 19.38 68.64
CA LYS NE 62 -100.64 20.63 68.05
C LYS NE 62 -101.83 21.50 67.72
N GLN NE 63 -101.82 22.74 68.21
CA GLN NE 63 -102.87 23.72 67.91
C GLN NE 63 -102.24 24.89 67.19
N PRO NE 64 -102.56 25.12 65.91
CA PRO NE 64 -101.91 26.21 65.18
C PRO NE 64 -102.41 27.57 65.62
N ILE NE 65 -101.50 28.54 65.69
CA ILE NE 65 -101.81 29.91 66.03
C ILE NE 65 -102.18 30.62 64.75
N THR NE 66 -103.45 31.02 64.63
CA THR NE 66 -103.95 31.58 63.38
C THR NE 66 -104.72 32.87 63.65
N ALA NE 67 -104.61 33.80 62.70
CA ALA NE 67 -105.40 35.03 62.68
C ALA NE 67 -105.94 35.20 61.28
N VAL NE 68 -107.22 35.57 61.18
CA VAL NE 68 -107.90 35.61 59.89
C VAL NE 68 -107.52 36.89 59.16
N ASP NE 69 -106.97 36.73 57.95
CA ASP NE 69 -106.63 37.87 57.13
C ASP NE 69 -107.90 38.55 56.62
N SER NE 70 -107.75 39.79 56.21
CA SER NE 70 -108.85 40.54 55.63
C SER NE 70 -108.90 40.35 54.13
N THR NE 71 -110.13 40.23 53.61
CA THR NE 71 -110.46 40.08 52.19
C THR NE 71 -110.03 38.74 51.61
N THR NE 72 -109.35 37.89 52.38
CA THR NE 72 -108.92 36.58 51.90
C THR NE 72 -109.36 35.50 52.89
N SER NE 73 -109.85 34.39 52.35
CA SER NE 73 -110.34 33.29 53.16
C SER NE 73 -109.28 32.21 53.37
N GLU NE 74 -108.13 32.61 53.92
CA GLU NE 74 -107.04 31.68 54.14
C GLU NE 74 -106.56 31.65 55.59
N THR NE 75 -107.09 32.51 56.46
CA THR NE 75 -106.87 32.51 57.91
C THR NE 75 -105.42 32.19 58.26
N LEU NE 76 -104.51 33.07 57.86
CA LEU NE 76 -103.07 32.89 58.03
C LEU NE 76 -102.71 32.35 59.41
N VAL NE 77 -101.92 31.28 59.42
CA VAL NE 77 -101.45 30.64 60.64
C VAL NE 77 -100.04 31.11 60.94
N ARG NE 78 -99.71 31.25 62.22
CA ARG NE 78 -98.45 31.83 62.63
C ARG NE 78 -97.52 30.86 63.34
N GLY NE 79 -98.05 29.86 64.02
CA GLY NE 79 -97.23 28.89 64.71
C GLY NE 79 -98.05 27.70 65.13
N GLN NE 80 -97.59 27.00 66.17
CA GLN NE 80 -98.29 25.85 66.71
C GLN NE 80 -97.84 25.55 68.14
N CYS NE 81 -98.80 25.32 69.03
CA CYS NE 81 -98.52 25.05 70.44
C CYS NE 81 -98.45 23.53 70.63
N VAL NE 82 -97.26 22.97 70.38
CA VAL NE 82 -97.07 21.53 70.54
C VAL NE 82 -97.13 21.14 72.01
N VAL NE 83 -97.86 20.06 72.30
CA VAL NE 83 -97.93 19.52 73.66
C VAL NE 83 -97.82 18.01 73.62
N ASP NE 84 -96.62 17.47 73.88
CA ASP NE 84 -96.39 16.04 73.83
C ASP NE 84 -96.66 15.42 75.20
N ILE NE 85 -97.28 14.24 75.19
CA ILE NE 85 -97.54 13.50 76.43
C ILE NE 85 -97.17 12.04 76.23
N ASN NE 86 -95.97 11.65 76.65
CA ASN NE 86 -95.52 10.28 76.53
C ASN NE 86 -95.70 9.54 77.85
N ILE NE 87 -96.13 8.29 77.75
CA ILE NE 87 -96.44 7.47 78.90
C ILE NE 87 -95.71 6.14 78.78
N VAL NE 88 -95.09 5.69 79.87
CA VAL NE 88 -94.40 4.41 79.90
C VAL NE 88 -94.85 3.69 81.17
N ILE NE 89 -95.62 2.63 81.01
CA ILE NE 89 -96.18 1.87 82.12
C ILE NE 89 -95.56 0.48 82.09
N PRO NE 90 -94.94 0.01 83.16
CA PRO NE 90 -94.22 -1.26 83.10
C PRO NE 90 -95.14 -2.46 83.09
N ARG NE 91 -94.56 -3.66 82.98
CA ARG NE 91 -95.34 -4.88 82.98
C ARG NE 91 -95.98 -5.17 84.34
N VAL NE 92 -95.33 -4.76 85.43
CA VAL NE 92 -95.75 -5.16 86.77
C VAL NE 92 -96.76 -4.19 87.34
N ALA NE 93 -97.23 -3.25 86.51
CA ALA NE 93 -98.08 -2.16 86.99
C ALA NE 93 -99.52 -2.64 87.06
N THR NE 94 -100.01 -2.86 88.28
CA THR NE 94 -101.40 -3.17 88.51
C THR NE 94 -102.28 -2.05 87.97
N ALA NE 95 -103.42 -2.41 87.37
CA ALA NE 95 -104.27 -1.42 86.73
C ALA NE 95 -104.77 -0.36 87.71
N THR NE 96 -104.81 -0.66 89.00
CA THR NE 96 -105.06 0.39 89.98
C THR NE 96 -103.90 1.36 90.07
N ASP NE 97 -102.67 0.87 90.01
CA ASP NE 97 -101.51 1.75 90.03
C ASP NE 97 -101.42 2.59 88.76
N ARG NE 98 -101.75 2.01 87.61
CA ARG NE 98 -101.70 2.78 86.37
C ARG NE 98 -102.73 3.90 86.36
N ALA NE 99 -103.92 3.64 86.90
CA ALA NE 99 -104.93 4.69 86.98
C ALA NE 99 -104.45 5.84 87.84
N GLU NE 100 -103.81 5.54 88.96
CA GLU NE 100 -103.27 6.59 89.82
C GLU NE 100 -102.17 7.38 89.11
N ALA NE 101 -101.27 6.68 88.40
CA ALA NE 101 -100.16 7.36 87.77
C ALA NE 101 -100.62 8.32 86.68
N ILE NE 102 -101.60 7.90 85.88
CA ILE NE 102 -102.07 8.73 84.78
C ILE NE 102 -102.87 9.92 85.32
N LYS NE 103 -103.77 9.67 86.27
CA LYS NE 103 -104.63 10.74 86.76
C LYS NE 103 -103.85 11.74 87.60
N ARG NE 104 -102.83 11.28 88.32
CA ARG NE 104 -102.00 12.20 89.09
C ARG NE 104 -101.13 13.06 88.19
N ALA NE 105 -100.63 12.50 87.08
CA ALA NE 105 -99.82 13.29 86.16
C ALA NE 105 -100.64 14.38 85.50
N PHE NE 106 -101.89 14.08 85.15
CA PHE NE 106 -102.75 15.06 84.50
C PHE NE 106 -103.37 16.03 85.49
N ASP NE 107 -103.12 15.86 86.78
CA ASP NE 107 -103.54 16.84 87.78
C ASP NE 107 -102.50 17.90 88.03
N VAL NE 108 -101.39 17.89 87.30
CA VAL NE 108 -100.39 18.93 87.46
C VAL NE 108 -100.96 20.29 87.09
N LEU NE 109 -101.78 20.33 86.03
CA LEU NE 109 -102.37 21.59 85.58
C LEU NE 109 -103.16 22.27 86.68
N ASN NE 110 -103.75 21.50 87.59
CA ASN NE 110 -104.50 22.08 88.70
C ASN NE 110 -103.63 22.40 89.91
N ALA NE 111 -102.38 21.92 89.93
CA ALA NE 111 -101.47 22.20 91.03
C ALA NE 111 -100.36 23.16 90.61
N LEU NE 112 -99.72 22.87 89.48
CA LEU NE 112 -98.69 23.74 88.92
C LEU NE 112 -99.30 24.65 87.85
N ASN NE 113 -100.34 25.38 88.27
CA ASN NE 113 -101.21 26.04 87.31
C ASN NE 113 -100.58 27.28 86.70
N ALA NE 114 -100.17 28.23 87.54
CA ALA NE 114 -99.68 29.51 87.03
C ALA NE 114 -98.45 29.35 86.15
N GLU NE 115 -97.56 28.42 86.52
CA GLU NE 115 -96.34 28.22 85.75
C GLU NE 115 -96.62 27.66 84.37
N LEU NE 116 -97.71 26.93 84.19
CA LEU NE 116 -98.03 26.29 82.91
C LEU NE 116 -98.89 27.20 82.03
N ILE NE 117 -99.91 27.83 82.62
CA ILE NE 117 -100.79 28.70 81.85
C ILE NE 117 -100.09 30.01 81.52
N THR NE 118 -99.63 30.72 82.55
CA THR NE 118 -99.00 32.03 82.35
C THR NE 118 -97.60 31.89 81.78
N GLY NE 119 -96.82 30.94 82.26
CA GLY NE 119 -95.49 30.70 81.73
C GLY NE 119 -94.41 31.46 82.47
N GLU NE 120 -94.39 31.35 83.79
CA GLU NE 120 -93.51 32.16 84.62
C GLU NE 120 -93.31 31.47 85.95
N GLY NE 121 -92.34 31.97 86.71
CA GLY NE 121 -92.29 31.66 88.13
C GLY NE 121 -91.15 30.78 88.60
N GLN NE 122 -91.38 30.10 89.71
CA GLN NE 122 -90.38 29.30 90.41
C GLN NE 122 -89.20 30.18 90.83
N TRP NE 123 -89.50 31.09 91.76
CA TRP NE 123 -88.49 31.98 92.32
C TRP NE 123 -87.68 31.24 93.36
N ALA OE 1 72.64 -86.00 66.22
CA ALA OE 1 72.23 -87.03 67.17
C ALA OE 1 71.09 -86.51 68.04
N ALA OE 2 70.75 -87.26 69.09
CA ALA OE 2 69.74 -86.80 70.02
C ALA OE 2 70.22 -85.58 70.77
N ARG OE 3 69.35 -84.59 70.92
CA ARG OE 3 69.72 -83.35 71.58
C ARG OE 3 70.07 -83.61 73.03
N SER OE 4 71.15 -82.98 73.51
CA SER OE 4 71.61 -83.18 74.87
C SER OE 4 72.27 -81.88 75.34
N SER OE 5 73.03 -81.96 76.41
CA SER OE 5 73.74 -80.82 76.93
C SER OE 5 75.13 -80.72 76.29
N ILE OE 6 75.66 -79.49 76.24
CA ILE OE 6 76.98 -79.23 75.69
C ILE OE 6 77.78 -78.43 76.70
N VAL OE 7 79.10 -78.56 76.63
CA VAL OE 7 79.98 -78.14 77.72
C VAL OE 7 80.97 -77.12 77.16
N LEU OE 8 80.48 -76.23 76.29
CA LEU OE 8 81.29 -75.14 75.75
C LEU OE 8 82.22 -74.56 76.80
N THR OE 9 83.51 -74.50 76.47
CA THR OE 9 84.54 -74.10 77.40
C THR OE 9 85.58 -73.24 76.69
N ASP OE 10 86.51 -72.72 77.48
CA ASP OE 10 87.65 -71.98 76.95
C ASP OE 10 88.92 -72.34 77.71
N GLY OE 11 88.90 -73.48 78.39
CA GLY OE 11 90.08 -73.95 79.09
C GLY OE 11 90.06 -73.72 80.59
N THR OE 12 89.33 -72.71 81.04
CA THR OE 12 89.29 -72.42 82.47
C THR OE 12 87.87 -72.35 83.04
N THR OE 13 86.91 -71.83 82.28
CA THR OE 13 85.53 -71.66 82.77
C THR OE 13 84.56 -72.33 81.82
N PRO OE 14 84.31 -73.62 82.00
CA PRO OE 14 83.32 -74.31 81.15
C PRO OE 14 81.92 -73.79 81.41
N VAL OE 15 81.08 -73.92 80.39
CA VAL OE 15 79.68 -73.50 80.45
C VAL OE 15 78.83 -74.66 79.97
N THR OE 16 77.84 -75.06 80.78
CA THR OE 16 76.92 -76.12 80.42
C THR OE 16 75.66 -75.51 79.84
N LEU OE 17 75.32 -75.88 78.61
CA LEU OE 17 74.12 -75.41 77.95
C LEU OE 17 73.15 -76.57 77.77
N THR OE 18 71.87 -76.26 77.83
CA THR OE 18 70.81 -77.27 77.77
C THR OE 18 69.77 -76.86 76.74
N PRO OE 19 69.23 -77.81 75.98
CA PRO OE 19 68.27 -77.46 74.93
C PRO OE 19 66.94 -76.99 75.50
N VAL OE 20 66.61 -75.72 75.29
CA VAL OE 20 65.41 -75.15 75.92
C VAL OE 20 64.45 -74.63 74.87
N GLY OE 21 64.52 -75.18 73.67
CA GLY OE 21 63.61 -74.78 72.62
C GLY OE 21 64.14 -75.17 71.25
N GLY OE 22 63.55 -74.56 70.24
CA GLY OE 22 63.96 -74.82 68.88
C GLY OE 22 62.81 -75.18 67.97
N GLY OE 23 63.02 -76.20 67.13
CA GLY OE 23 61.99 -76.62 66.20
C GLY OE 23 62.54 -77.65 65.24
N VAL OE 24 62.11 -77.54 63.99
CA VAL OE 24 62.64 -78.38 62.91
C VAL OE 24 63.78 -77.62 62.25
N GLY OE 25 64.96 -78.22 62.24
CA GLY OE 25 66.14 -77.54 61.74
C GLY OE 25 66.55 -76.37 62.61
N GLN OE 26 66.50 -76.55 63.93
CA GLN OE 26 66.86 -75.52 64.88
C GLN OE 26 66.91 -76.13 66.27
N THR OE 27 67.83 -75.61 67.10
CA THR OE 27 67.95 -76.11 68.47
C THR OE 27 68.60 -75.01 69.32
N LEU OE 28 67.78 -74.29 70.08
CA LEU OE 28 68.32 -73.27 70.97
C LEU OE 28 68.98 -73.92 72.18
N TYR OE 29 69.90 -73.20 72.79
CA TYR OE 29 70.56 -73.62 74.02
C TYR OE 29 70.61 -72.41 74.96
N ARG OE 30 70.88 -72.70 76.23
CA ARG OE 30 71.05 -71.63 77.21
C ARG OE 30 71.76 -72.21 78.42
N ALA OE 31 72.65 -71.42 79.02
CA ALA OE 31 73.36 -71.86 80.20
C ALA OE 31 72.38 -72.06 81.34
N THR OE 32 72.64 -73.08 82.17
CA THR OE 32 71.70 -73.46 83.21
C THR OE 32 71.41 -72.28 84.13
N ALA OE 33 72.44 -71.79 84.83
CA ALA OE 33 72.32 -70.57 85.62
C ALA OE 33 73.72 -70.08 85.93
N GLU OE 34 74.09 -68.90 85.42
CA GLU OE 34 75.35 -68.29 85.83
C GLU OE 34 75.17 -67.52 87.13
N ALA OE 35 74.42 -66.41 87.08
CA ALA OE 35 73.99 -65.71 88.30
C ALA OE 35 72.58 -65.17 88.24
N LEU OE 36 71.98 -65.06 87.07
CA LEU OE 36 70.64 -64.50 86.88
C LEU OE 36 70.25 -64.78 85.43
N SER OE 37 69.08 -64.30 85.03
CA SER OE 37 68.69 -64.36 83.64
C SER OE 37 69.21 -63.15 82.89
N ALA OE 38 69.27 -63.27 81.57
CA ALA OE 38 69.86 -62.31 80.63
C ALA OE 38 71.38 -62.22 80.78
N ALA OE 39 71.97 -62.92 81.73
CA ALA OE 39 73.41 -63.01 81.88
C ALA OE 39 73.89 -64.43 81.62
N ASN OE 40 73.19 -65.13 80.73
CA ASN OE 40 73.47 -66.51 80.42
C ASN OE 40 73.73 -66.67 78.93
N PRO OE 41 74.82 -67.32 78.53
CA PRO OE 41 75.11 -67.51 77.10
C PRO OE 41 74.11 -68.47 76.45
N SER OE 42 73.98 -68.31 75.13
CA SER OE 42 73.10 -69.16 74.34
C SER OE 42 73.83 -69.59 73.08
N LEU OE 43 73.41 -70.72 72.51
CA LEU OE 43 74.08 -71.32 71.35
C LEU OE 43 73.04 -71.77 70.31
N SER OE 44 72.18 -70.84 69.90
CA SER OE 44 71.26 -71.11 68.80
C SER OE 44 71.97 -71.80 67.64
N PHE OE 45 71.37 -72.89 67.15
CA PHE OE 45 72.02 -73.73 66.16
C PHE OE 45 70.97 -74.25 65.19
N GLY OE 46 71.01 -73.77 63.95
CA GLY OE 46 70.12 -74.23 62.90
C GLY OE 46 70.84 -75.11 61.89
N TYR OE 47 70.05 -75.67 60.99
CA TYR OE 47 70.55 -76.55 59.93
C TYR OE 47 69.40 -76.81 58.96
N ARG OE 48 69.73 -76.83 57.68
CA ARG OE 48 68.72 -77.06 56.66
C ARG OE 48 69.39 -77.46 55.36
N PHE OE 49 68.61 -78.04 54.46
CA PHE OE 49 69.06 -78.44 53.14
C PHE OE 49 68.28 -77.64 52.10
N THR OE 50 69.00 -77.00 51.18
CA THR OE 50 68.37 -76.30 50.08
C THR OE 50 67.99 -77.30 48.99
N ASP OE 51 67.73 -76.79 47.78
CA ASP OE 51 67.39 -77.65 46.65
C ASP OE 51 68.39 -78.79 46.48
N GLY OE 52 69.68 -78.47 46.53
CA GLY OE 52 70.71 -79.48 46.50
C GLY OE 52 70.99 -80.02 47.87
N GLY OE 53 72.05 -80.82 47.97
CA GLY OE 53 72.46 -81.37 49.25
C GLY OE 53 73.34 -80.41 50.02
N THR OE 54 73.16 -79.12 49.76
CA THR OE 54 73.97 -78.07 50.37
C THR OE 54 73.59 -77.98 51.84
N ASN OE 55 74.41 -78.57 52.70
CA ASN OE 55 74.13 -78.64 54.12
C ASN OE 55 74.37 -77.30 54.80
N ARG OE 56 73.47 -76.34 54.57
CA ARG OE 56 73.61 -74.99 55.12
C ARG OE 56 73.34 -74.99 56.63
N GLN OE 57 74.35 -75.40 57.38
CA GLN OE 57 74.28 -75.26 58.83
C GLN OE 57 74.59 -73.82 59.23
N SER OE 58 74.20 -73.47 60.45
CA SER OE 58 74.42 -72.14 60.98
C SER OE 58 74.57 -72.21 62.49
N LEU OE 59 75.19 -71.19 63.06
CA LEU OE 59 75.37 -71.10 64.50
C LEU OE 59 75.34 -69.64 64.93
N SER OE 60 75.15 -69.43 66.23
CA SER OE 60 75.17 -68.10 66.81
C SER OE 60 75.36 -68.24 68.31
N TYR OE 61 76.50 -67.78 68.82
CA TYR OE 61 76.81 -67.83 70.24
C TYR OE 61 76.79 -66.41 70.78
N LYS OE 62 75.92 -66.14 71.73
CA LYS OE 62 75.75 -64.80 72.29
C LYS OE 62 76.07 -64.84 73.78
N GLN OE 63 77.19 -64.22 74.16
CA GLN OE 63 77.58 -64.14 75.56
C GLN OE 63 77.36 -62.72 76.04
N PRO OE 64 76.43 -62.48 76.96
CA PRO OE 64 76.14 -61.11 77.40
C PRO OE 64 77.14 -60.58 78.42
N ILE OE 65 77.28 -59.26 78.41
CA ILE OE 65 78.34 -58.57 79.15
C ILE OE 65 77.72 -57.94 80.39
N THR OE 66 78.12 -58.42 81.55
CA THR OE 66 77.51 -57.99 82.81
C THR OE 66 78.54 -57.39 83.75
N ALA OE 67 78.08 -56.45 84.57
CA ALA OE 67 78.90 -55.79 85.58
C ALA OE 67 77.96 -55.17 86.62
N VAL OE 68 78.54 -54.83 87.77
CA VAL OE 68 77.74 -54.31 88.89
C VAL OE 68 77.25 -52.90 88.58
N ASP OE 69 76.19 -52.50 89.28
CA ASP OE 69 75.57 -51.19 89.16
C ASP OE 69 75.48 -50.55 90.55
N SER OE 70 76.64 -50.45 91.22
CA SER OE 70 76.78 -50.14 92.64
C SER OE 70 75.82 -49.06 93.17
N THR OE 71 75.46 -48.08 92.33
CA THR OE 71 74.44 -47.12 92.74
C THR OE 71 73.14 -47.82 93.14
N THR OE 72 72.84 -48.97 92.54
CA THR OE 72 71.73 -49.81 92.95
C THR OE 72 72.16 -51.24 93.29
N SER OE 73 73.37 -51.64 92.92
CA SER OE 73 73.92 -52.97 93.20
C SER OE 73 73.16 -54.09 92.50
N GLU OE 74 72.54 -53.79 91.37
CA GLU OE 74 71.84 -54.77 90.55
C GLU OE 74 72.66 -55.07 89.31
N THR OE 75 72.89 -56.35 89.04
CA THR OE 75 73.83 -56.79 88.00
C THR OE 75 73.21 -56.60 86.62
N LEU OE 76 73.20 -55.34 86.17
CA LEU OE 76 72.67 -55.01 84.86
C LEU OE 76 73.58 -55.54 83.76
N VAL OE 77 73.00 -55.77 82.59
CA VAL OE 77 73.72 -56.24 81.40
C VAL OE 77 73.80 -55.09 80.40
N ARG OE 78 75.01 -54.82 79.91
CA ARG OE 78 75.22 -53.75 78.92
C ARG OE 78 75.10 -54.23 77.48
N GLY OE 79 75.84 -55.27 77.12
CA GLY OE 79 75.83 -55.76 75.76
C GLY OE 79 76.14 -57.24 75.65
N GLN OE 80 76.32 -57.74 74.43
CA GLN OE 80 76.58 -59.15 74.20
C GLN OE 80 77.61 -59.30 73.09
N CYS OE 81 78.38 -60.37 73.17
CA CYS OE 81 79.35 -60.74 72.15
C CYS OE 81 78.76 -61.83 71.26
N VAL OE 82 78.70 -61.56 69.97
CA VAL OE 82 78.02 -62.42 69.01
C VAL OE 82 79.05 -63.06 68.10
N VAL OE 83 79.01 -64.39 67.99
CA VAL OE 83 79.85 -65.14 67.08
C VAL OE 83 78.95 -66.01 66.22
N ASP OE 84 79.01 -65.83 64.90
CA ASP OE 84 78.20 -66.60 63.96
C ASP OE 84 79.13 -67.44 63.11
N ILE OE 85 78.98 -68.77 63.20
CA ILE OE 85 79.77 -69.67 62.37
C ILE OE 85 78.86 -70.35 61.36
N ASN OE 86 78.72 -69.77 60.18
CA ASN OE 86 77.93 -70.39 59.13
C ASN OE 86 78.78 -71.38 58.35
N ILE OE 87 78.14 -72.46 57.92
CA ILE OE 87 78.80 -73.53 57.18
C ILE OE 87 77.93 -73.92 56.00
N VAL OE 88 78.53 -74.03 54.82
CA VAL OE 88 77.83 -74.45 53.61
C VAL OE 88 78.68 -75.49 52.91
N ILE OE 89 78.16 -76.71 52.80
CA ILE OE 89 78.85 -77.81 52.13
C ILE OE 89 77.92 -78.36 51.05
N PRO OE 90 78.30 -78.32 49.78
CA PRO OE 90 77.40 -78.74 48.72
C PRO OE 90 77.25 -80.26 48.65
N ARG OE 91 76.30 -80.70 47.83
CA ARG OE 91 76.12 -82.15 47.65
C ARG OE 91 77.35 -82.82 47.07
N VAL OE 92 78.07 -82.13 46.18
CA VAL OE 92 79.16 -82.73 45.43
C VAL OE 92 80.38 -82.94 46.32
N ALA OE 93 80.28 -82.55 47.59
CA ALA OE 93 81.39 -82.65 48.51
C ALA OE 93 81.50 -84.06 49.07
N THR OE 94 82.69 -84.63 48.99
CA THR OE 94 82.92 -85.95 49.55
C THR OE 94 82.94 -85.88 51.08
N ALA OE 95 82.99 -87.05 51.70
CA ALA OE 95 82.98 -87.12 53.16
C ALA OE 95 84.25 -86.58 53.80
N THR OE 96 85.36 -86.53 53.06
CA THR OE 96 86.62 -86.06 53.62
C THR OE 96 86.87 -84.58 53.37
N ASP OE 97 86.30 -84.02 52.31
CA ASP OE 97 86.45 -82.59 52.06
C ASP OE 97 85.62 -81.77 53.03
N ARG OE 98 84.50 -82.33 53.49
CA ARG OE 98 83.73 -81.65 54.52
C ARG OE 98 84.49 -81.62 55.85
N ALA OE 99 85.11 -82.73 56.22
CA ALA OE 99 85.89 -82.77 57.45
C ALA OE 99 87.13 -81.88 57.35
N GLU OE 100 87.73 -81.81 56.16
CA GLU OE 100 88.90 -80.96 55.96
C GLU OE 100 88.53 -79.49 56.11
N ALA OE 101 87.43 -79.07 55.47
CA ALA OE 101 87.05 -77.66 55.49
C ALA OE 101 86.65 -77.21 56.88
N ILE OE 102 85.84 -78.00 57.57
CA ILE OE 102 85.31 -77.58 58.86
C ILE OE 102 86.43 -77.46 59.89
N LYS OE 103 87.32 -78.46 59.93
CA LYS OE 103 88.39 -78.45 60.92
C LYS OE 103 89.41 -77.35 60.65
N ARG OE 104 89.68 -77.07 59.36
CA ARG OE 104 90.67 -76.06 59.03
C ARG OE 104 90.17 -74.66 59.40
N ALA OE 105 88.94 -74.33 59.00
CA ALA OE 105 88.41 -73.01 59.28
C ALA OE 105 88.25 -72.75 60.76
N PHE OE 106 88.05 -73.80 61.56
CA PHE OE 106 88.03 -73.64 63.01
C PHE OE 106 89.43 -73.53 63.60
N ASP OE 107 90.47 -73.78 62.80
CA ASP OE 107 91.84 -73.62 63.23
C ASP OE 107 92.35 -72.20 63.02
N VAL OE 108 91.48 -71.29 62.60
CA VAL OE 108 91.90 -69.91 62.39
C VAL OE 108 92.40 -69.30 63.70
N LEU OE 109 91.65 -69.51 64.77
CA LEU OE 109 91.99 -68.88 66.05
C LEU OE 109 93.37 -69.28 66.53
N ASN OE 110 93.81 -70.50 66.20
CA ASN OE 110 95.17 -70.90 66.57
C ASN OE 110 96.20 -70.18 65.71
N ALA OE 111 95.87 -69.89 64.45
CA ALA OE 111 96.82 -69.24 63.55
C ALA OE 111 96.64 -67.73 63.54
N LEU OE 112 95.46 -67.27 63.15
CA LEU OE 112 95.16 -65.84 63.08
C LEU OE 112 94.65 -65.34 64.44
N ASN OE 113 95.50 -65.52 65.44
CA ASN OE 113 95.05 -65.37 66.82
C ASN OE 113 94.91 -63.92 67.23
N ALA OE 114 96.01 -63.16 67.18
CA ALA OE 114 96.07 -61.86 67.83
C ALA OE 114 95.04 -60.87 67.31
N GLU OE 115 94.60 -61.01 66.06
CA GLU OE 115 93.61 -60.09 65.51
C GLU OE 115 92.18 -60.43 65.91
N LEU OE 116 91.95 -61.62 66.45
CA LEU OE 116 90.63 -62.02 66.93
C LEU OE 116 90.49 -61.84 68.44
N ILE OE 117 91.42 -62.41 69.21
CA ILE OE 117 91.33 -62.35 70.66
C ILE OE 117 91.42 -60.91 71.14
N THR OE 118 92.42 -60.18 70.65
CA THR OE 118 92.72 -58.84 71.15
C THR OE 118 91.93 -57.74 70.45
N GLY OE 119 91.53 -57.96 69.19
CA GLY OE 119 90.76 -56.98 68.46
C GLY OE 119 91.56 -55.97 67.67
N GLU OE 120 92.89 -56.07 67.69
CA GLU OE 120 93.72 -55.13 66.95
C GLU OE 120 93.53 -55.30 65.45
N GLY OE 121 93.64 -54.19 64.72
CA GLY OE 121 93.51 -54.19 63.29
C GLY OE 121 94.86 -54.30 62.63
N GLN OE 122 95.06 -55.37 61.87
CA GLN OE 122 96.35 -55.61 61.24
C GLN OE 122 96.65 -54.55 60.19
N TRP OE 123 97.92 -54.21 60.05
CA TRP OE 123 98.36 -53.17 59.14
C TRP OE 123 99.12 -53.75 57.96
N ALA PE 1 68.82 -83.70 84.45
CA ALA PE 1 67.64 -83.02 83.93
C ALA PE 1 67.12 -83.72 82.68
N ALA PE 2 67.51 -84.97 82.50
CA ALA PE 2 67.03 -85.79 81.40
C ALA PE 2 65.65 -86.34 81.72
N ARG PE 3 64.97 -86.82 80.68
CA ARG PE 3 63.62 -87.33 80.85
C ARG PE 3 63.65 -88.72 81.43
N SER PE 4 62.97 -88.90 82.56
CA SER PE 4 62.87 -90.20 83.22
C SER PE 4 61.57 -90.24 83.99
N SER PE 5 61.29 -91.38 84.62
CA SER PE 5 60.06 -91.55 85.37
C SER PE 5 60.08 -90.70 86.63
N ILE PE 6 58.94 -90.09 86.94
CA ILE PE 6 58.77 -89.28 88.14
C ILE PE 6 57.71 -89.93 89.02
N VAL PE 7 57.82 -89.69 90.32
CA VAL PE 7 57.12 -90.50 91.32
C VAL PE 7 56.21 -89.61 92.16
N LEU PE 8 55.53 -88.66 91.52
CA LEU PE 8 54.52 -87.82 92.17
C LEU PE 8 53.73 -88.60 93.22
N THR PE 9 53.65 -88.03 94.42
CA THR PE 9 52.97 -88.70 95.52
C THR PE 9 52.34 -87.67 96.44
N ASP PE 10 51.30 -88.09 97.14
CA ASP PE 10 50.62 -87.26 98.12
C ASP PE 10 50.95 -87.64 99.55
N GLY PE 11 51.72 -88.70 99.75
CA GLY PE 11 52.03 -89.18 101.08
C GLY PE 11 51.52 -90.58 101.31
N THR PE 12 50.33 -90.87 100.79
CA THR PE 12 49.71 -92.17 100.99
C THR PE 12 50.00 -93.13 99.84
N THR PE 13 49.59 -92.75 98.62
CA THR PE 13 49.74 -93.61 97.45
C THR PE 13 50.57 -92.90 96.40
N PRO PE 14 51.80 -93.35 96.14
CA PRO PE 14 52.60 -92.76 95.06
C PRO PE 14 52.14 -93.24 93.70
N VAL PE 15 52.22 -92.36 92.71
CA VAL PE 15 51.93 -92.69 91.33
C VAL PE 15 53.17 -92.39 90.50
N THR PE 16 53.57 -93.35 89.68
CA THR PE 16 54.79 -93.24 88.88
C THR PE 16 54.41 -92.89 87.45
N LEU PE 17 54.82 -91.70 87.01
CA LEU PE 17 54.58 -91.24 85.66
C LEU PE 17 55.83 -91.44 84.82
N THR PE 18 55.67 -92.04 83.64
CA THR PE 18 56.76 -92.25 82.71
C THR PE 18 56.53 -91.42 81.46
N PRO PE 19 57.59 -90.90 80.83
CA PRO PE 19 57.40 -90.05 79.66
C PRO PE 19 56.71 -90.80 78.52
N VAL PE 20 55.84 -90.09 77.81
CA VAL PE 20 55.16 -90.68 76.66
C VAL PE 20 55.28 -89.75 75.46
N GLY PE 21 56.29 -88.89 75.47
CA GLY PE 21 56.54 -88.08 74.29
C GLY PE 21 56.80 -86.62 74.54
N GLY PE 22 56.48 -85.80 73.55
CA GLY PE 22 56.57 -84.35 73.69
C GLY PE 22 57.54 -83.67 72.76
N GLY PE 23 58.73 -84.22 72.60
CA GLY PE 23 59.73 -83.55 71.79
C GLY PE 23 60.41 -82.40 72.51
N VAL PE 24 60.82 -81.38 71.77
CA VAL PE 24 61.54 -80.24 72.34
C VAL PE 24 60.53 -79.18 72.76
N GLY PE 25 60.78 -78.55 73.90
CA GLY PE 25 59.88 -77.55 74.42
C GLY PE 25 58.75 -78.08 75.27
N GLN PE 26 58.64 -79.40 75.45
CA GLN PE 26 57.59 -79.97 76.28
C GLN PE 26 57.94 -81.41 76.60
N THR PE 27 57.13 -82.00 77.48
CA THR PE 27 57.30 -83.40 77.87
C THR PE 27 55.98 -83.88 78.43
N LEU PE 28 55.47 -84.99 77.90
CA LEU PE 28 54.25 -85.59 78.39
C LEU PE 28 54.57 -86.78 79.27
N TYR PE 29 53.80 -86.93 80.34
CA TYR PE 29 53.93 -88.06 81.24
C TYR PE 29 52.59 -88.77 81.35
N ARG PE 30 52.64 -90.02 81.79
CA ARG PE 30 51.42 -90.78 82.02
C ARG PE 30 51.71 -92.05 82.80
N ALA PE 31 50.97 -92.30 83.87
CA ALA PE 31 51.15 -93.52 84.63
C ALA PE 31 50.60 -94.71 83.86
N THR PE 32 50.82 -95.92 84.38
CA THR PE 32 50.33 -97.10 83.69
C THR PE 32 48.84 -97.32 83.98
N ALA PE 33 48.52 -97.67 85.23
CA ALA PE 33 47.15 -97.99 85.66
C ALA PE 33 46.40 -98.75 84.57
N GLU PE 34 47.07 -99.77 84.03
CA GLU PE 34 46.68 -100.38 82.77
C GLU PE 34 45.27 -100.97 82.87
N ALA PE 35 44.58 -101.01 81.73
CA ALA PE 35 43.25 -101.60 81.64
C ALA PE 35 42.29 -100.89 82.61
N LEU PE 36 41.98 -99.64 82.26
CA LEU PE 36 42.09 -99.00 80.95
C LEU PE 36 43.35 -98.15 80.82
N SER PE 37 43.73 -97.82 79.59
CA SER PE 37 44.94 -97.03 79.33
C SER PE 37 44.71 -95.53 79.41
N ALA PE 38 43.47 -95.08 79.25
CA ALA PE 38 43.14 -93.66 79.34
C ALA PE 38 42.68 -93.26 80.73
N ALA PE 39 42.62 -94.20 81.67
CA ALA PE 39 42.20 -93.91 83.04
C ALA PE 39 43.41 -93.86 83.98
N ASN PE 40 44.30 -92.90 83.74
CA ASN PE 40 45.47 -92.73 84.60
C ASN PE 40 45.95 -91.29 84.46
N PRO PE 41 46.64 -90.77 85.48
CA PRO PE 41 47.03 -89.35 85.47
C PRO PE 41 48.10 -89.05 84.44
N SER PE 42 48.23 -87.76 84.14
CA SER PE 42 49.18 -87.27 83.16
C SER PE 42 49.75 -85.94 83.62
N LEU PE 43 50.94 -85.59 83.13
CA LEU PE 43 51.65 -84.38 83.57
C LEU PE 43 52.25 -83.61 82.38
N SER PE 44 51.43 -83.25 81.41
CA SER PE 44 51.89 -82.39 80.33
C SER PE 44 52.64 -81.19 80.87
N PHE PE 45 53.94 -81.11 80.56
CA PHE PE 45 54.82 -80.08 81.11
C PHE PE 45 55.55 -79.39 79.97
N GLY PE 46 55.33 -78.09 79.81
CA GLY PE 46 55.97 -77.31 78.78
C GLY PE 46 56.90 -76.25 79.35
N TYR PE 47 57.65 -75.62 78.44
CA TYR PE 47 58.60 -74.57 78.80
C TYR PE 47 59.13 -73.95 77.53
N ARG PE 48 59.45 -72.67 77.59
CA ARG PE 48 60.01 -71.96 76.44
C ARG PE 48 60.60 -70.65 76.92
N PHE PE 49 61.33 -69.98 76.02
CA PHE PE 49 61.90 -68.66 76.28
C PHE PE 49 61.45 -67.72 75.17
N THR PE 50 60.93 -66.56 75.54
CA THR PE 50 60.43 -65.60 74.58
C THR PE 50 61.58 -64.73 74.07
N ASP PE 51 61.23 -63.61 73.43
CA ASP PE 51 62.24 -62.69 72.92
C ASP PE 51 63.25 -62.31 73.99
N GLY PE 52 62.78 -62.06 75.20
CA GLY PE 52 63.69 -61.80 76.31
C GLY PE 52 64.16 -63.09 76.95
N GLY PE 53 64.39 -63.06 78.25
CA GLY PE 53 64.74 -64.26 78.99
C GLY PE 53 63.55 -64.78 79.76
N THR PE 54 62.35 -64.36 79.35
CA THR PE 54 61.13 -64.68 80.06
C THR PE 54 60.86 -66.18 79.92
N ASN PE 55 61.19 -66.92 80.97
CA ASN PE 55 61.01 -68.37 80.99
C ASN PE 55 59.56 -68.68 81.35
N ARG PE 56 58.76 -69.03 80.34
CA ARG PE 56 57.34 -69.30 80.55
C ARG PE 56 57.12 -70.81 80.67
N GLN PE 57 57.42 -71.34 81.85
CA GLN PE 57 57.12 -72.74 82.12
C GLN PE 57 55.61 -72.91 82.28
N SER PE 58 55.15 -74.16 82.18
CA SER PE 58 53.73 -74.46 82.23
C SER PE 58 53.49 -75.94 82.48
N LEU PE 59 52.68 -76.26 83.48
CA LEU PE 59 52.37 -77.64 83.81
C LEU PE 59 50.86 -77.84 83.77
N SER PE 60 50.45 -79.10 83.71
CA SER PE 60 49.03 -79.43 83.70
C SER PE 60 48.90 -80.89 84.13
N TYR PE 61 48.35 -81.11 85.31
CA TYR PE 61 48.21 -82.44 85.88
C TYR PE 61 46.74 -82.81 85.88
N LYS PE 62 46.36 -83.79 85.07
CA LYS PE 62 45.00 -84.27 84.99
C LYS PE 62 44.92 -85.67 85.57
N GLN PE 63 44.02 -85.86 86.52
CA GLN PE 63 43.78 -87.17 87.12
C GLN PE 63 42.34 -87.59 86.84
N PRO PE 64 42.10 -88.62 86.04
CA PRO PE 64 40.72 -89.02 85.75
C PRO PE 64 40.11 -89.81 86.90
N ILE PE 65 38.80 -89.68 87.04
CA ILE PE 65 38.04 -90.32 88.10
C ILE PE 65 37.47 -91.62 87.55
N THR PE 66 37.93 -92.74 88.10
CA THR PE 66 37.56 -94.05 87.60
C THR PE 66 36.43 -94.64 88.44
N ALA PE 67 35.80 -95.67 87.90
CA ALA PE 67 34.72 -96.37 88.59
C ALA PE 67 34.60 -97.76 87.99
N VAL PE 68 35.02 -98.78 88.72
CA VAL PE 68 35.01 -100.15 88.18
C VAL PE 68 33.58 -100.67 88.19
N ASP PE 69 33.01 -100.85 87.01
CA ASP PE 69 31.63 -101.29 86.85
C ASP PE 69 31.59 -102.80 87.05
N SER PE 70 31.18 -103.23 88.24
CA SER PE 70 31.21 -104.64 88.60
C SER PE 70 30.30 -105.48 87.72
N THR PE 71 29.23 -104.90 87.17
CA THR PE 71 28.33 -105.65 86.31
C THR PE 71 29.06 -106.16 85.07
N THR PE 72 29.77 -105.29 84.38
CA THR PE 72 30.48 -105.62 83.15
C THR PE 72 31.96 -105.88 83.37
N SER PE 73 32.51 -105.41 84.49
CA SER PE 73 33.93 -105.52 84.83
C SER PE 73 34.78 -104.75 83.82
N GLU PE 74 34.44 -103.47 83.66
CA GLU PE 74 35.21 -102.56 82.85
C GLU PE 74 35.35 -101.23 83.60
N THR PE 75 36.47 -100.55 83.37
CA THR PE 75 36.72 -99.28 84.05
C THR PE 75 36.09 -98.15 83.27
N LEU PE 76 35.29 -97.34 83.94
CA LEU PE 76 34.62 -96.20 83.33
C LEU PE 76 35.21 -94.91 83.85
N VAL PE 77 35.36 -93.93 82.97
CA VAL PE 77 35.95 -92.65 83.31
C VAL PE 77 34.84 -91.63 83.41
N ARG PE 78 34.65 -91.07 84.62
CA ARG PE 78 33.56 -90.14 84.87
C ARG PE 78 33.97 -88.69 84.67
N GLY PE 79 35.22 -88.36 84.95
CA GLY PE 79 35.70 -87.00 84.78
C GLY PE 79 37.13 -86.91 85.26
N GLN PE 80 37.71 -85.73 85.14
CA GLN PE 80 39.10 -85.55 85.52
C GLN PE 80 39.29 -84.26 86.31
N CYS PE 81 40.14 -84.34 87.33
CA CYS PE 81 40.55 -83.15 88.07
C CYS PE 81 41.79 -82.57 87.39
N VAL PE 82 41.73 -81.28 87.06
CA VAL PE 82 42.77 -80.61 86.32
C VAL PE 82 43.41 -79.55 87.21
N VAL PE 83 44.74 -79.53 87.25
CA VAL PE 83 45.49 -78.57 88.03
C VAL PE 83 46.56 -77.96 87.13
N ASP PE 84 46.35 -76.73 86.68
CA ASP PE 84 47.31 -76.02 85.84
C ASP PE 84 48.19 -75.13 86.71
N ILE PE 85 49.48 -75.10 86.40
CA ILE PE 85 50.45 -74.31 87.15
C ILE PE 85 51.31 -73.58 86.12
N ASN PE 86 50.94 -72.36 85.78
CA ASN PE 86 51.76 -71.56 84.88
C ASN PE 86 52.77 -70.75 85.68
N ILE PE 87 53.99 -70.69 85.16
CA ILE PE 87 55.09 -69.99 85.81
C ILE PE 87 55.71 -69.04 84.80
N VAL PE 88 55.79 -67.76 85.15
CA VAL PE 88 56.44 -66.75 84.32
C VAL PE 88 57.56 -66.13 85.14
N ILE PE 89 58.77 -66.13 84.59
CA ILE PE 89 59.92 -65.56 85.26
C ILE PE 89 60.56 -64.54 84.33
N PRO PE 90 60.56 -63.25 84.67
CA PRO PE 90 61.01 -62.25 83.71
C PRO PE 90 62.51 -62.30 83.46
N ARG PE 91 62.95 -61.50 82.49
CA ARG PE 91 64.35 -61.48 82.08
C ARG PE 91 65.27 -60.99 83.19
N VAL PE 92 64.76 -60.17 84.11
CA VAL PE 92 65.59 -59.50 85.10
C VAL PE 92 65.62 -60.22 86.43
N ALA PE 93 65.18 -61.48 86.48
CA ALA PE 93 65.00 -62.18 87.74
C ALA PE 93 66.29 -62.89 88.13
N THR PE 94 66.76 -62.63 89.36
CA THR PE 94 67.94 -63.29 89.88
C THR PE 94 67.66 -64.77 90.10
N ALA PE 95 68.74 -65.55 90.15
CA ALA PE 95 68.63 -66.99 90.32
C ALA PE 95 68.11 -67.39 91.70
N THR PE 96 68.13 -66.48 92.67
CA THR PE 96 67.57 -66.76 93.99
C THR PE 96 66.16 -66.22 94.18
N ASP PE 97 65.74 -65.28 93.32
CA ASP PE 97 64.34 -64.87 93.33
C ASP PE 97 63.45 -65.91 92.68
N ARG PE 98 64.01 -66.71 91.76
CA ARG PE 98 63.26 -67.82 91.19
C ARG PE 98 62.93 -68.84 92.27
N ALA PE 99 63.92 -69.24 93.06
CA ALA PE 99 63.67 -70.21 94.12
C ALA PE 99 62.71 -69.65 95.16
N GLU PE 100 62.88 -68.38 95.52
CA GLU PE 100 61.98 -67.78 96.51
C GLU PE 100 60.55 -67.74 95.99
N ALA PE 101 60.36 -67.37 94.72
CA ALA PE 101 59.01 -67.24 94.19
C ALA PE 101 58.35 -68.60 94.02
N ILE PE 102 59.07 -69.55 93.43
CA ILE PE 102 58.46 -70.85 93.11
C ILE PE 102 58.09 -71.61 94.38
N LYS PE 103 59.03 -71.72 95.31
CA LYS PE 103 58.76 -72.49 96.52
C LYS PE 103 57.74 -71.82 97.42
N ARG PE 104 57.59 -70.50 97.31
CA ARG PE 104 56.54 -69.82 98.09
C ARG PE 104 55.16 -70.08 97.50
N ALA PE 105 55.03 -70.02 96.18
CA ALA PE 105 53.74 -70.28 95.56
C ALA PE 105 53.28 -71.71 95.80
N PHE PE 106 54.20 -72.67 95.69
CA PHE PE 106 53.87 -74.05 95.98
C PHE PE 106 53.66 -74.31 97.46
N ASP PE 107 53.98 -73.35 98.32
CA ASP PE 107 53.70 -73.46 99.75
C ASP PE 107 52.31 -73.00 100.11
N VAL PE 108 51.50 -72.60 99.12
CA VAL PE 108 50.13 -72.19 99.40
C VAL PE 108 49.35 -73.35 100.00
N LEU PE 109 49.54 -74.55 99.47
CA LEU PE 109 48.82 -75.72 99.97
C LEU PE 109 49.03 -75.92 101.47
N ASN PE 110 50.18 -75.51 101.99
CA ASN PE 110 50.39 -75.56 103.43
C ASN PE 110 49.77 -74.37 104.16
N ALA PE 111 49.56 -73.26 103.47
CA ALA PE 111 48.94 -72.10 104.09
C ALA PE 111 47.43 -72.09 103.87
N LEU PE 112 47.02 -72.12 102.60
CA LEU PE 112 45.61 -72.09 102.24
C LEU PE 112 45.09 -73.53 102.08
N ASN PE 113 45.29 -74.31 103.14
CA ASN PE 113 45.10 -75.76 103.05
C ASN PE 113 43.63 -76.13 102.95
N ALA PE 114 42.83 -75.73 103.94
CA ALA PE 114 41.44 -76.16 103.98
C ALA PE 114 40.63 -75.67 102.79
N GLU PE 115 41.02 -74.53 102.20
CA GLU PE 115 40.31 -74.02 101.03
C GLU PE 115 40.62 -74.82 99.78
N LEU PE 116 41.59 -75.72 99.80
CA LEU PE 116 41.97 -76.50 98.64
C LEU PE 116 41.76 -77.99 98.83
N ILE PE 117 42.17 -78.53 99.97
CA ILE PE 117 42.05 -79.97 100.20
C ILE PE 117 40.58 -80.37 100.32
N THR PE 118 39.80 -79.60 101.09
CA THR PE 118 38.40 -79.93 101.32
C THR PE 118 37.44 -79.18 100.42
N GLY PE 119 37.86 -78.06 99.84
CA GLY PE 119 37.03 -77.32 98.92
C GLY PE 119 36.18 -76.23 99.53
N GLU PE 120 36.41 -75.88 100.80
CA GLU PE 120 35.64 -74.85 101.46
C GLU PE 120 35.91 -73.49 100.81
N GLY PE 121 35.22 -72.49 101.31
CA GLY PE 121 35.53 -71.10 101.00
C GLY PE 121 35.64 -70.33 102.28
N GLN PE 122 36.59 -69.40 102.31
CA GLN PE 122 36.83 -68.65 103.53
C GLN PE 122 35.73 -67.62 103.75
N TRP PE 123 35.25 -67.54 104.99
CA TRP PE 123 34.12 -66.67 105.31
C TRP PE 123 34.54 -65.41 106.04
N ALA QE 1 38.90 -71.77 106.91
CA ALA QE 1 38.60 -70.85 108.01
C ALA QE 1 38.44 -69.44 107.47
N ALA QE 2 38.27 -68.48 108.38
CA ALA QE 2 38.04 -67.11 107.98
C ALA QE 2 39.31 -66.49 107.39
N ARG QE 3 39.12 -65.37 106.68
CA ARG QE 3 40.26 -64.67 106.10
C ARG QE 3 41.22 -64.24 107.21
N SER QE 4 42.44 -64.79 107.19
CA SER QE 4 43.41 -64.45 108.21
C SER QE 4 44.77 -64.16 107.58
N SER QE 5 45.82 -64.10 108.39
CA SER QE 5 47.16 -63.85 107.89
C SER QE 5 47.85 -65.18 107.58
N ILE QE 6 48.32 -65.31 106.33
CA ILE QE 6 49.00 -66.52 105.90
C ILE QE 6 50.51 -66.26 105.93
N VAL QE 7 51.27 -67.36 106.06
CA VAL QE 7 52.68 -67.28 106.42
C VAL QE 7 53.47 -67.94 105.28
N LEU QE 8 53.04 -67.71 104.04
CA LEU QE 8 53.72 -68.21 102.85
C LEU QE 8 55.24 -68.10 102.99
N THR QE 9 55.91 -69.24 102.92
CA THR QE 9 57.34 -69.33 103.17
C THR QE 9 58.00 -70.20 102.10
N ASP QE 10 59.32 -70.38 102.22
CA ASP QE 10 60.03 -71.30 101.35
C ASP QE 10 61.06 -72.14 102.11
N GLY QE 11 61.01 -72.16 103.44
CA GLY QE 11 61.95 -72.89 104.25
C GLY QE 11 62.99 -72.01 104.92
N THR QE 12 63.31 -70.87 104.32
CA THR QE 12 64.29 -69.94 104.88
C THR QE 12 63.70 -68.57 105.20
N THR QE 13 63.02 -67.95 104.24
CA THR QE 13 62.55 -66.57 104.39
C THR QE 13 61.04 -66.52 104.33
N PRO QE 14 60.35 -66.54 105.46
CA PRO QE 14 58.88 -66.46 105.45
C PRO QE 14 58.40 -65.05 105.12
N VAL QE 15 57.18 -65.00 104.62
CA VAL QE 15 56.50 -63.73 104.33
C VAL QE 15 55.06 -63.85 104.81
N THR QE 16 54.60 -62.86 105.56
CA THR QE 16 53.26 -62.86 106.11
C THR QE 16 52.36 -61.94 105.28
N LEU QE 17 51.22 -62.48 104.84
CA LEU QE 17 50.29 -61.77 103.98
C LEU QE 17 48.95 -61.65 104.68
N THR QE 18 48.39 -60.43 104.69
CA THR QE 18 47.09 -60.17 105.29
C THR QE 18 46.13 -59.66 104.23
N PRO QE 19 44.85 -60.04 104.29
CA PRO QE 19 43.91 -59.70 103.22
C PRO QE 19 43.77 -58.20 103.03
N VAL QE 20 43.70 -57.78 101.77
CA VAL QE 20 43.65 -56.36 101.45
C VAL QE 20 42.46 -56.06 100.54
N GLY QE 21 41.48 -56.93 100.51
CA GLY QE 21 40.29 -56.63 99.75
C GLY QE 21 39.65 -57.91 99.22
N GLY QE 22 38.97 -57.78 98.09
CA GLY QE 22 38.30 -58.90 97.47
C GLY QE 22 36.80 -58.78 97.46
N GLY QE 23 36.12 -59.87 97.83
CA GLY QE 23 34.67 -59.91 97.82
C GLY QE 23 34.15 -61.29 98.18
N VAL QE 24 33.20 -61.79 97.41
CA VAL QE 24 32.71 -63.16 97.56
C VAL QE 24 33.36 -64.02 96.51
N GLY QE 25 33.95 -65.14 96.94
CA GLY QE 25 34.74 -65.95 96.03
C GLY QE 25 35.91 -65.17 95.47
N GLN QE 26 36.58 -64.41 96.33
CA GLN QE 26 37.75 -63.62 95.96
C GLN QE 26 38.42 -63.13 97.23
N THR QE 27 39.76 -63.14 97.24
CA THR QE 27 40.50 -62.75 98.43
C THR QE 27 41.89 -62.30 98.01
N LEU QE 28 42.15 -61.01 98.13
CA LEU QE 28 43.48 -60.49 97.87
C LEU QE 28 44.38 -60.73 99.08
N TYR QE 29 45.68 -60.52 98.88
CA TYR QE 29 46.65 -60.61 99.95
C TYR QE 29 47.79 -59.66 99.64
N ARG QE 30 48.58 -59.34 100.67
CA ARG QE 30 49.79 -58.54 100.51
C ARG QE 30 50.53 -58.55 101.84
N ALA QE 31 51.81 -58.20 101.79
CA ALA QE 31 52.69 -58.22 102.95
C ALA QE 31 52.81 -56.82 103.56
N THR QE 32 53.72 -56.67 104.53
CA THR QE 32 53.79 -55.47 105.36
C THR QE 32 54.65 -54.36 104.75
N ALA QE 33 55.74 -54.70 104.06
CA ALA QE 33 56.63 -53.69 103.51
C ALA QE 33 55.92 -52.83 102.47
N GLU QE 34 56.42 -51.62 102.23
CA GLU QE 34 55.75 -50.65 101.39
C GLU QE 34 56.69 -50.17 100.28
N ALA QE 35 56.12 -49.87 99.13
CA ALA QE 35 56.86 -49.32 98.00
C ALA QE 35 55.93 -48.41 97.21
N LEU QE 36 56.32 -48.07 95.99
CA LEU QE 36 55.56 -47.14 95.16
C LEU QE 36 54.80 -47.84 94.05
N SER QE 37 55.50 -48.61 93.20
CA SER QE 37 54.87 -49.26 92.05
C SER QE 37 54.39 -50.67 92.40
N ALA QE 38 55.33 -51.54 92.79
CA ALA QE 38 55.00 -52.90 93.20
C ALA QE 38 55.43 -53.07 94.65
N ALA QE 39 54.46 -53.25 95.54
CA ALA QE 39 54.77 -53.24 96.96
C ALA QE 39 55.33 -54.59 97.41
N ASN QE 40 54.53 -55.65 97.32
CA ASN QE 40 54.87 -56.91 97.97
C ASN QE 40 54.31 -58.08 97.19
N PRO QE 41 54.57 -59.32 97.63
CA PRO QE 41 53.82 -60.46 97.08
C PRO QE 41 52.33 -60.30 97.28
N SER QE 42 51.56 -60.69 96.27
CA SER QE 42 50.11 -60.48 96.26
C SER QE 42 49.43 -61.75 95.74
N LEU QE 43 48.90 -62.55 96.66
CA LEU QE 43 48.32 -63.85 96.33
C LEU QE 43 46.80 -63.70 96.22
N SER QE 44 46.28 -63.66 95.01
CA SER QE 44 44.84 -63.61 94.81
C SER QE 44 44.26 -65.03 94.81
N PHE QE 45 43.05 -65.17 95.31
CA PHE QE 45 42.39 -66.47 95.45
C PHE QE 45 40.95 -66.34 94.96
N GLY QE 46 40.65 -66.96 93.84
CA GLY QE 46 39.40 -66.68 93.13
C GLY QE 46 38.42 -67.83 92.99
N TYR QE 47 38.21 -68.60 94.05
CA TYR QE 47 37.34 -69.77 93.99
C TYR QE 47 35.91 -69.39 93.62
N ARG QE 48 35.21 -70.33 93.00
CA ARG QE 48 33.82 -70.17 92.60
C ARG QE 48 33.27 -71.55 92.27
N PHE QE 49 31.99 -71.59 91.89
CA PHE QE 49 31.32 -72.81 91.45
C PHE QE 49 30.73 -72.58 90.07
N THR QE 50 30.08 -73.60 89.53
CA THR QE 50 29.61 -73.57 88.15
C THR QE 50 28.29 -74.34 88.08
N ASP QE 51 27.89 -74.73 86.87
CA ASP QE 51 26.64 -75.43 86.67
C ASP QE 51 26.54 -76.68 87.54
N GLY QE 52 27.58 -77.50 87.52
CA GLY QE 52 27.69 -78.64 88.41
C GLY QE 52 28.42 -78.26 89.68
N GLY QE 53 29.01 -79.27 90.31
CA GLY QE 53 29.87 -79.02 91.46
C GLY QE 53 31.27 -78.68 91.04
N THR QE 54 31.40 -78.06 89.86
CA THR QE 54 32.71 -77.80 89.27
C THR QE 54 33.42 -76.70 90.02
N ASN QE 55 34.12 -77.07 91.09
CA ASN QE 55 34.81 -76.09 91.93
C ASN QE 55 35.99 -75.51 91.16
N ARG QE 56 35.81 -74.33 90.60
CA ARG QE 56 36.80 -73.72 89.72
C ARG QE 56 37.67 -72.73 90.49
N GLN QE 57 38.48 -73.28 91.39
CA GLN QE 57 39.40 -72.45 92.14
C GLN QE 57 40.49 -71.89 91.23
N SER QE 58 41.11 -70.81 91.67
CA SER QE 58 42.10 -70.12 90.87
C SER QE 58 42.98 -69.28 91.77
N LEU QE 59 44.28 -69.26 91.50
CA LEU QE 59 45.26 -68.56 92.31
C LEU QE 59 46.19 -67.77 91.41
N SER QE 60 46.92 -66.84 92.02
CA SER QE 60 47.97 -66.11 91.33
C SER QE 60 48.89 -65.45 92.35
N TYR QE 61 50.15 -65.86 92.40
CA TYR QE 61 51.11 -65.36 93.38
C TYR QE 61 52.18 -64.58 92.63
N LYS QE 62 52.12 -63.25 92.69
CA LYS QE 62 53.09 -62.38 92.06
C LYS QE 62 54.08 -61.90 93.10
N GLN QE 63 55.36 -62.08 92.84
CA GLN QE 63 56.42 -61.59 93.72
C GLN QE 63 57.27 -60.60 92.94
N PRO QE 64 57.24 -59.30 93.27
CA PRO QE 64 58.00 -58.33 92.49
C PRO QE 64 59.50 -58.45 92.71
N ILE QE 65 60.25 -58.29 91.64
CA ILE QE 65 61.70 -58.31 91.69
C ILE QE 65 62.16 -56.89 92.00
N THR QE 66 62.75 -56.70 93.17
CA THR QE 66 63.10 -55.37 93.64
C THR QE 66 64.53 -55.34 94.16
N ALA QE 67 65.21 -54.23 93.92
CA ALA QE 67 66.52 -53.94 94.49
C ALA QE 67 66.49 -52.53 95.05
N VAL QE 68 67.00 -52.36 96.27
CA VAL QE 68 66.88 -51.10 96.98
C VAL QE 68 67.86 -50.09 96.40
N ASP QE 69 67.35 -48.92 96.02
CA ASP QE 69 68.21 -47.85 95.53
C ASP QE 69 69.00 -47.24 96.69
N SER QE 70 70.06 -46.53 96.35
CA SER QE 70 70.84 -45.81 97.33
C SER QE 70 70.30 -44.40 97.49
N THR QE 71 70.30 -43.93 98.74
CA THR QE 71 69.91 -42.59 99.17
C THR QE 71 68.42 -42.32 99.00
N THR QE 72 67.65 -43.25 98.45
CA THR QE 72 66.21 -43.08 98.27
C THR QE 72 65.48 -44.29 98.83
N SER QE 73 64.38 -44.02 99.53
CA SER QE 73 63.58 -45.07 100.17
C SER QE 73 62.42 -45.51 99.29
N GLU QE 74 62.72 -45.94 98.07
CA GLU QE 74 61.69 -46.37 97.13
C GLU QE 74 61.90 -47.78 96.60
N THR QE 75 63.01 -48.44 96.95
CA THR QE 75 63.30 -49.84 96.67
C THR QE 75 62.82 -50.26 95.28
N LEU QE 76 63.41 -49.65 94.24
CA LEU QE 76 63.03 -49.84 92.85
C LEU QE 76 62.73 -51.30 92.52
N VAL QE 77 61.58 -51.53 91.90
CA VAL QE 77 61.14 -52.86 91.49
C VAL QE 77 61.40 -53.03 90.00
N ARG QE 78 61.74 -54.24 89.60
CA ARG QE 78 62.16 -54.50 88.22
C ARG QE 78 61.21 -55.40 87.45
N GLY QE 79 60.49 -56.28 88.11
CA GLY QE 79 59.55 -57.17 87.44
C GLY QE 79 58.67 -57.87 88.44
N GLN QE 80 58.19 -59.06 88.05
CA GLN QE 80 57.36 -59.87 88.93
C GLN QE 80 57.34 -61.32 88.47
N CYS QE 81 57.50 -62.25 89.40
CA CYS QE 81 57.51 -63.69 89.11
C CYS QE 81 56.09 -64.22 89.30
N VAL QE 82 55.29 -64.13 88.24
CA VAL QE 82 53.91 -64.59 88.29
C VAL QE 82 53.87 -66.12 88.35
N VAL QE 83 53.03 -66.65 89.23
CA VAL QE 83 52.82 -68.09 89.32
C VAL QE 83 51.33 -68.38 89.47
N ASP QE 84 50.67 -68.75 88.38
CA ASP QE 84 49.24 -69.02 88.40
C ASP QE 84 48.99 -70.50 88.70
N ILE QE 85 47.97 -70.77 89.51
CA ILE QE 85 47.59 -72.14 89.83
C ILE QE 85 46.07 -72.27 89.73
N ASN QE 86 45.57 -72.77 88.61
CA ASN QE 86 44.15 -72.95 88.40
C ASN QE 86 43.76 -74.40 88.65
N ILE QE 87 42.62 -74.59 89.30
CA ILE QE 87 42.14 -75.91 89.71
C ILE QE 87 40.71 -76.07 89.22
N VAL QE 88 40.43 -77.23 88.62
CA VAL QE 88 39.08 -77.56 88.15
C VAL QE 88 38.77 -78.96 88.65
N ILE QE 89 37.86 -79.07 89.61
CA ILE QE 89 37.48 -80.33 90.21
C ILE QE 89 36.02 -80.62 89.85
N PRO QE 90 35.72 -81.77 89.26
CA PRO QE 90 34.36 -82.01 88.76
C PRO QE 90 33.38 -82.26 89.88
N ARG QE 91 32.10 -82.42 89.51
CA ARG QE 91 31.06 -82.69 90.50
C ARG QE 91 31.20 -84.07 91.12
N VAL QE 92 31.70 -85.05 90.38
CA VAL QE 92 31.69 -86.45 90.80
C VAL QE 92 32.93 -86.79 91.59
N ALA QE 93 33.73 -85.78 91.94
CA ALA QE 93 35.03 -86.01 92.57
C ALA QE 93 34.86 -86.20 94.07
N THR QE 94 34.99 -87.44 94.52
CA THR QE 94 34.99 -87.74 95.94
C THR QE 94 36.12 -86.99 96.64
N ALA QE 95 35.84 -86.49 97.85
CA ALA QE 95 36.82 -85.67 98.56
C ALA QE 95 38.13 -86.39 98.81
N THR QE 96 38.13 -87.73 98.82
CA THR QE 96 39.38 -88.46 98.84
C THR QE 96 40.15 -88.30 97.53
N ASP QE 97 39.44 -88.36 96.40
CA ASP QE 97 40.08 -88.17 95.11
C ASP QE 97 40.60 -86.75 94.96
N ARG QE 98 39.85 -85.76 95.44
CA ARG QE 98 40.28 -84.37 95.31
C ARG QE 98 41.55 -84.11 96.12
N ALA QE 99 41.65 -84.70 97.30
CA ALA QE 99 42.86 -84.53 98.10
C ALA QE 99 44.07 -85.11 97.38
N GLU QE 100 43.90 -86.25 96.72
CA GLU QE 100 44.99 -86.85 95.96
C GLU QE 100 45.37 -85.95 94.78
N ALA QE 101 44.38 -85.42 94.07
CA ALA QE 101 44.67 -84.62 92.88
C ALA QE 101 45.44 -83.36 93.22
N ILE QE 102 45.05 -82.68 94.31
CA ILE QE 102 45.70 -81.43 94.68
C ILE QE 102 47.09 -81.70 95.22
N LYS QE 103 47.23 -82.68 96.11
CA LYS QE 103 48.52 -82.92 96.75
C LYS QE 103 49.53 -83.51 95.78
N ARG QE 104 49.06 -84.30 94.81
CA ARG QE 104 49.97 -84.83 93.80
C ARG QE 104 50.43 -83.75 92.84
N ALA QE 105 49.55 -82.80 92.50
CA ALA QE 105 49.95 -81.72 91.61
C ALA QE 105 50.99 -80.82 92.26
N PHE QE 106 50.85 -80.57 93.56
CA PHE QE 106 51.79 -79.72 94.28
C PHE QE 106 53.05 -80.46 94.69
N ASP QE 107 53.14 -81.76 94.41
CA ASP QE 107 54.38 -82.50 94.60
C ASP QE 107 55.27 -82.49 93.36
N VAL QE 108 54.88 -81.77 92.32
CA VAL QE 108 55.73 -81.65 91.15
C VAL QE 108 57.05 -80.99 91.51
N LEU QE 109 57.01 -79.98 92.38
CA LEU QE 109 58.22 -79.26 92.76
C LEU QE 109 59.28 -80.19 93.33
N ASN QE 110 58.87 -81.25 94.00
CA ASN QE 110 59.82 -82.20 94.56
C ASN QE 110 60.22 -83.30 93.58
N ALA QE 111 59.52 -83.43 92.46
CA ALA QE 111 59.84 -84.43 91.45
C ALA QE 111 60.47 -83.81 90.22
N LEU QE 112 59.86 -82.76 89.70
CA LEU QE 112 60.38 -82.01 88.56
C LEU QE 112 61.13 -80.78 89.05
N ASN QE 113 62.10 -81.01 89.93
CA ASN QE 113 62.69 -79.94 90.72
C ASN QE 113 63.61 -79.06 89.90
N ALA QE 114 64.61 -79.66 89.26
CA ALA QE 114 65.64 -78.88 88.57
C ALA QE 114 65.05 -78.03 87.46
N GLU QE 115 64.08 -78.57 86.72
CA GLU QE 115 63.50 -77.82 85.61
C GLU QE 115 62.72 -76.59 86.08
N LEU QE 116 62.19 -76.61 87.30
CA LEU QE 116 61.36 -75.52 87.78
C LEU QE 116 62.17 -74.47 88.52
N ILE QE 117 63.10 -74.89 89.37
CA ILE QE 117 63.92 -73.94 90.12
C ILE QE 117 64.96 -73.31 89.21
N THR QE 118 65.80 -74.14 88.58
CA THR QE 118 66.89 -73.64 87.76
C THR QE 118 66.38 -73.11 86.43
N GLY QE 119 65.45 -73.82 85.80
CA GLY QE 119 64.86 -73.36 84.55
C GLY QE 119 65.55 -73.91 83.31
N GLU QE 120 65.76 -75.21 83.27
CA GLU QE 120 66.55 -75.84 82.22
C GLU QE 120 66.16 -77.30 82.08
N GLY QE 121 66.64 -77.91 81.02
CA GLY QE 121 66.64 -79.36 80.96
C GLY QE 121 65.72 -80.01 79.95
N GLN QE 122 65.33 -81.25 80.24
CA GLN QE 122 64.54 -82.09 79.34
C GLN QE 122 65.29 -82.30 78.02
N TRP QE 123 66.40 -83.01 78.12
CA TRP QE 123 67.20 -83.34 76.95
C TRP QE 123 66.59 -84.53 76.23
N ALA RE 1 10.99 76.38 105.28
CA ALA RE 1 11.65 76.16 106.56
C ALA RE 1 11.50 74.71 107.00
N ALA RE 2 11.92 74.40 108.22
CA ALA RE 2 11.75 73.06 108.73
C ALA RE 2 10.27 72.75 108.90
N ARG RE 3 9.86 71.56 108.47
CA ARG RE 3 8.46 71.16 108.56
C ARG RE 3 8.01 71.11 110.00
N SER RE 4 6.84 71.66 110.28
CA SER RE 4 6.29 71.70 111.62
C SER RE 4 4.77 71.66 111.53
N SER RE 5 4.10 72.01 112.61
CA SER RE 5 2.65 72.03 112.64
C SER RE 5 2.12 73.38 112.20
N ILE RE 6 0.88 73.38 111.69
CA ILE RE 6 0.21 74.58 111.25
C ILE RE 6 -1.16 74.66 111.89
N VAL RE 7 -1.69 75.88 112.01
CA VAL RE 7 -2.82 76.16 112.88
C VAL RE 7 -3.94 76.76 112.03
N LEU RE 8 -4.12 76.24 110.82
CA LEU RE 8 -5.22 76.66 109.94
C LEU RE 8 -6.49 76.91 110.73
N THR RE 9 -7.06 78.11 110.56
CA THR RE 9 -8.19 78.54 111.35
C THR RE 9 -9.15 79.32 110.46
N ASP RE 10 -10.30 79.66 111.03
CA ASP RE 10 -11.28 80.50 110.36
C ASP RE 10 -11.92 81.48 111.35
N GLY RE 11 -11.20 81.80 112.41
CA GLY RE 11 -11.66 82.76 113.38
C GLY RE 11 -12.28 82.16 114.62
N THR RE 12 -12.93 81.00 114.48
CA THR RE 12 -13.62 80.40 115.61
C THR RE 12 -13.18 78.98 115.91
N THR RE 13 -12.85 78.17 114.90
CA THR RE 13 -12.50 76.77 115.10
C THR RE 13 -11.15 76.48 114.45
N PRO RE 14 -10.06 76.72 115.17
CA PRO RE 14 -8.73 76.40 114.62
C PRO RE 14 -8.55 74.91 114.45
N VAL RE 15 -7.69 74.55 113.50
CA VAL RE 15 -7.36 73.16 113.20
C VAL RE 15 -5.85 73.04 113.19
N THR RE 16 -5.31 72.11 113.98
CA THR RE 16 -3.88 71.87 114.02
C THR RE 16 -3.54 70.69 113.12
N LEU RE 17 -2.69 70.92 112.14
CA LEU RE 17 -2.26 69.89 111.21
C LEU RE 17 -0.79 69.57 111.46
N THR RE 18 -0.43 68.30 111.22
CA THR RE 18 0.91 67.81 111.49
C THR RE 18 1.44 67.07 110.28
N PRO RE 19 2.72 67.22 109.95
CA PRO RE 19 3.25 66.56 108.75
C PRO RE 19 3.34 65.06 108.91
N VAL RE 20 2.55 64.33 108.14
CA VAL RE 20 2.47 62.88 108.31
C VAL RE 20 2.88 62.16 107.03
N GLY RE 21 3.73 62.81 106.23
CA GLY RE 21 4.19 62.19 105.01
C GLY RE 21 4.72 63.23 104.04
N GLY RE 22 4.86 62.80 102.79
CA GLY RE 22 5.32 63.69 101.76
C GLY RE 22 6.47 63.12 100.96
N GLY RE 23 7.48 63.95 100.70
CA GLY RE 23 8.62 63.53 99.92
C GLY RE 23 9.52 64.69 99.60
N VAL RE 24 10.04 64.69 98.37
CA VAL RE 24 10.84 65.81 97.87
C VAL RE 24 9.90 66.70 97.06
N GLY RE 25 9.80 67.97 97.46
CA GLY RE 25 8.86 68.87 96.84
C GLY RE 25 7.41 68.51 97.12
N GLN RE 26 7.12 68.10 98.36
CA GLN RE 26 5.79 67.70 98.76
C GLN RE 26 5.77 67.53 100.27
N THR RE 27 4.64 67.86 100.89
CA THR RE 27 4.52 67.73 102.34
C THR RE 27 3.04 67.58 102.68
N LEU RE 28 2.61 66.35 102.95
CA LEU RE 28 1.24 66.11 103.38
C LEU RE 28 1.04 66.60 104.81
N TYR RE 29 -0.20 66.92 105.13
CA TYR RE 29 -0.61 67.28 106.48
C TYR RE 29 -1.91 66.56 106.81
N ARG RE 30 -2.23 66.49 108.09
CA ARG RE 30 -3.49 65.93 108.52
C ARG RE 30 -3.78 66.39 109.94
N ALA RE 31 -5.03 66.71 110.22
CA ALA RE 31 -5.41 67.14 111.55
C ALA RE 31 -5.20 66.01 112.54
N THR RE 32 -4.79 66.37 113.77
CA THR RE 32 -4.41 65.37 114.76
C THR RE 32 -5.53 64.37 114.99
N ALA RE 33 -6.66 64.85 115.52
CA ALA RE 33 -7.85 64.03 115.64
C ALA RE 33 -9.04 64.96 115.87
N GLU RE 34 -9.99 64.97 114.93
CA GLU RE 34 -11.23 65.67 115.17
C GLU RE 34 -12.21 64.80 115.96
N ALA RE 35 -12.71 63.74 115.33
CA ALA RE 35 -13.49 62.72 116.04
C ALA RE 35 -13.21 61.30 115.60
N LEU RE 36 -12.59 61.09 114.45
CA LEU RE 36 -12.32 59.77 113.88
C LEU RE 36 -11.40 59.98 112.68
N SER RE 37 -11.09 58.91 111.98
CA SER RE 37 -10.36 59.01 110.72
C SER RE 37 -11.34 59.24 109.58
N ALA RE 38 -10.82 59.77 108.48
CA ALA RE 38 -11.55 60.18 107.28
C ALA RE 38 -12.43 61.41 107.53
N ALA RE 39 -12.49 61.90 108.76
CA ALA RE 39 -13.19 63.13 109.10
C ALA RE 39 -12.19 64.18 109.56
N ASN RE 40 -10.98 64.13 109.01
CA ASN RE 40 -9.90 65.01 109.39
C ASN RE 40 -9.39 65.76 108.16
N PRO RE 41 -9.27 67.08 108.23
CA PRO RE 41 -8.77 67.84 107.07
C PRO RE 41 -7.30 67.56 106.79
N SER RE 42 -6.92 67.81 105.54
CA SER RE 42 -5.55 67.62 105.10
C SER RE 42 -5.13 68.82 104.26
N LEU RE 43 -3.82 69.09 104.21
CA LEU RE 43 -3.27 70.26 103.53
C LEU RE 43 -2.06 69.87 102.69
N SER RE 44 -2.24 68.89 101.80
CA SER RE 44 -1.20 68.55 100.83
C SER RE 44 -0.58 69.79 100.21
N PHE RE 45 0.75 69.85 100.21
CA PHE RE 45 1.47 71.04 99.78
C PHE RE 45 2.71 70.63 99.00
N GLY RE 46 2.70 70.89 97.69
CA GLY RE 46 3.85 70.62 96.86
C GLY RE 46 4.56 71.91 96.44
N TYR RE 47 5.70 71.72 95.79
CA TYR RE 47 6.52 72.83 95.29
C TYR RE 47 7.60 72.24 94.40
N ARG RE 48 7.90 72.94 93.30
CA ARG RE 48 8.90 72.47 92.36
C ARG RE 48 9.36 73.63 91.51
N PHE RE 49 10.50 73.45 90.86
CA PHE RE 49 11.05 74.41 89.92
C PHE RE 49 11.15 73.76 88.55
N THR RE 50 10.62 74.42 87.54
CA THR RE 50 10.75 73.94 86.16
C THR RE 50 12.11 74.34 85.60
N ASP RE 51 12.27 74.28 84.28
CA ASP RE 51 13.50 74.68 83.62
C ASP RE 51 14.06 75.99 84.17
N GLY RE 52 13.23 77.03 84.18
CA GLY RE 52 13.62 78.29 84.77
C GLY RE 52 13.31 78.33 86.25
N GLY RE 53 13.44 79.52 86.83
CA GLY RE 53 13.17 79.69 88.25
C GLY RE 53 11.70 79.83 88.55
N THR RE 54 10.85 79.24 87.72
CA THR RE 54 9.40 79.34 87.87
C THR RE 54 8.97 78.55 89.10
N ASN RE 55 8.75 79.25 90.20
CA ASN RE 55 8.45 78.63 91.48
C ASN RE 55 7.03 78.07 91.50
N ARG RE 56 6.81 76.93 90.85
CA ARG RE 56 5.49 76.35 90.69
C ARG RE 56 5.07 75.65 91.98
N GLN RE 57 4.61 76.45 92.95
CA GLN RE 57 4.05 75.89 94.16
C GLN RE 57 2.59 75.46 93.93
N SER RE 58 2.09 74.63 94.82
CA SER RE 58 0.73 74.11 94.72
C SER RE 58 0.21 73.82 96.11
N LEU RE 59 -1.11 73.77 96.24
CA LEU RE 59 -1.75 73.45 97.50
C LEU RE 59 -3.05 72.71 97.22
N SER RE 60 -3.56 72.06 98.26
CA SER RE 60 -4.85 71.37 98.18
C SER RE 60 -5.33 71.12 99.60
N TYR RE 61 -6.43 71.75 99.99
CA TYR RE 61 -7.02 71.58 101.30
C TYR RE 61 -8.34 70.85 101.14
N LYS RE 62 -8.45 69.70 101.79
CA LYS RE 62 -9.64 68.84 101.68
C LYS RE 62 -10.26 68.67 103.04
N GLN RE 63 -11.42 69.30 103.25
CA GLN RE 63 -12.17 69.16 104.49
C GLN RE 63 -13.37 68.28 104.24
N PRO RE 64 -13.45 67.10 104.85
CA PRO RE 64 -14.54 66.17 104.55
C PRO RE 64 -15.81 66.48 105.33
N ILE RE 65 -16.94 66.18 104.70
CA ILE RE 65 -18.25 66.51 105.22
C ILE RE 65 -18.79 65.29 105.95
N THR RE 66 -18.97 65.40 107.25
CA THR RE 66 -19.40 64.28 108.07
C THR RE 66 -20.81 64.50 108.60
N ALA RE 67 -21.54 63.40 108.78
CA ALA RE 67 -22.92 63.47 109.22
C ALA RE 67 -23.29 62.18 109.94
N VAL RE 68 -24.17 62.29 110.92
CA VAL RE 68 -24.59 61.13 111.70
C VAL RE 68 -25.47 60.22 110.86
N ASP RE 69 -25.49 58.94 111.23
CA ASP RE 69 -26.23 57.89 110.51
C ASP RE 69 -27.14 57.17 111.51
N SER RE 70 -27.99 57.94 112.18
CA SER RE 70 -28.79 57.53 113.34
C SER RE 70 -29.38 56.13 113.23
N THR RE 71 -29.72 55.68 112.02
CA THR RE 71 -30.12 54.29 111.84
C THR RE 71 -29.06 53.32 112.37
N THR RE 72 -27.78 53.72 112.30
CA THR RE 72 -26.69 52.97 112.90
C THR RE 72 -25.87 53.80 113.89
N SER RE 73 -26.02 55.12 113.89
CA SER RE 73 -25.32 56.04 114.79
C SER RE 73 -23.81 56.05 114.57
N GLU RE 74 -23.37 55.76 113.35
CA GLU RE 74 -21.96 55.82 112.98
C GLU RE 74 -21.72 57.04 112.12
N THR RE 75 -20.72 57.84 112.49
CA THR RE 75 -20.48 59.15 111.87
C THR RE 75 -19.86 58.96 110.49
N LEU RE 76 -20.69 58.57 109.53
CA LEU RE 76 -20.24 58.40 108.16
C LEU RE 76 -19.90 59.74 107.54
N VAL RE 77 -18.97 59.71 106.58
CA VAL RE 77 -18.56 60.90 105.83
C VAL RE 77 -19.20 60.87 104.46
N ARG RE 78 -19.84 61.97 104.06
CA ARG RE 78 -20.55 62.05 102.80
C ARG RE 78 -19.63 62.49 101.66
N GLY RE 79 -19.00 63.64 101.80
CA GLY RE 79 -18.11 64.17 100.78
C GLY RE 79 -17.06 65.09 101.36
N GLN RE 80 -16.33 65.80 100.50
CA GLN RE 80 -15.27 66.69 100.94
C GLN RE 80 -15.31 67.98 100.15
N CYS RE 81 -14.81 69.05 100.77
CA CYS RE 81 -14.65 70.34 100.11
C CYS RE 81 -13.18 70.53 99.74
N VAL RE 82 -12.93 70.79 98.46
CA VAL RE 82 -11.57 70.83 97.92
C VAL RE 82 -11.25 72.27 97.51
N VAL RE 83 -10.13 72.79 98.01
CA VAL RE 83 -9.65 74.11 97.63
C VAL RE 83 -8.21 73.95 97.15
N ASP RE 84 -7.94 74.34 95.91
CA ASP RE 84 -6.60 74.24 95.33
C ASP RE 84 -6.09 75.64 95.06
N ILE RE 85 -4.96 75.98 95.69
CA ILE RE 85 -4.34 77.27 95.45
C ILE RE 85 -3.01 77.08 94.75
N ASN RE 86 -3.02 77.11 93.42
CA ASN RE 86 -1.79 77.00 92.67
C ASN RE 86 -1.13 78.37 92.52
N ILE RE 87 0.20 78.38 92.59
CA ILE RE 87 0.98 79.60 92.48
C ILE RE 87 2.11 79.36 91.50
N VAL RE 88 2.29 80.29 90.56
CA VAL RE 88 3.38 80.23 89.60
C VAL RE 88 4.04 81.61 89.55
N ILE RE 89 5.31 81.68 89.90
CA ILE RE 89 6.07 82.92 89.87
C ILE RE 89 7.30 82.67 89.00
N PRO RE 90 7.49 83.42 87.91
CA PRO RE 90 8.64 83.16 87.03
C PRO RE 90 9.94 83.64 87.65
N ARG RE 91 11.04 83.23 87.01
CA ARG RE 91 12.37 83.62 87.47
C ARG RE 91 12.58 85.13 87.41
N VAL RE 92 11.98 85.79 86.41
CA VAL RE 92 12.21 87.20 86.15
C VAL RE 92 11.50 88.07 87.17
N ALA RE 93 10.79 87.45 88.11
CA ALA RE 93 10.00 88.19 89.07
C ALA RE 93 10.87 88.68 90.22
N THR RE 94 10.83 89.99 90.46
CA THR RE 94 11.53 90.54 91.62
C THR RE 94 10.85 90.07 92.90
N ALA RE 95 11.59 90.15 94.00
CA ALA RE 95 11.08 89.67 95.29
C ALA RE 95 9.85 90.41 95.76
N THR RE 96 9.60 91.62 95.29
CA THR RE 96 8.44 92.39 95.72
C THR RE 96 7.19 92.13 94.89
N ASP RE 97 7.35 91.78 93.61
CA ASP RE 97 6.19 91.42 92.80
C ASP RE 97 5.62 90.07 93.23
N ARG RE 98 6.49 89.16 93.69
CA ARG RE 98 6.00 87.90 94.24
C ARG RE 98 5.18 88.12 95.50
N ALA RE 99 5.64 89.01 96.37
CA ALA RE 99 4.89 89.31 97.58
C ALA RE 99 3.62 90.09 97.26
N GLU RE 100 3.66 90.92 96.22
CA GLU RE 100 2.47 91.65 95.80
C GLU RE 100 1.40 90.71 95.27
N ALA RE 101 1.80 89.76 94.43
CA ALA RE 101 0.83 88.88 93.78
C ALA RE 101 0.19 87.94 94.78
N ILE RE 102 0.98 87.35 95.67
CA ILE RE 102 0.45 86.33 96.58
C ILE RE 102 -0.56 86.94 97.54
N LYS RE 103 -0.22 88.07 98.15
CA LYS RE 103 -1.11 88.66 99.13
C LYS RE 103 -2.37 89.23 98.48
N ARG RE 104 -2.27 89.71 97.24
CA ARG RE 104 -3.44 90.26 96.57
C ARG RE 104 -4.43 89.17 96.21
N ALA RE 105 -3.95 88.09 95.59
CA ALA RE 105 -4.85 87.01 95.19
C ALA RE 105 -5.49 86.33 96.38
N PHE RE 106 -4.82 86.33 97.54
CA PHE RE 106 -5.42 85.80 98.75
C PHE RE 106 -6.39 86.79 99.38
N ASP RE 107 -6.42 88.04 98.91
CA ASP RE 107 -7.37 89.03 99.38
C ASP RE 107 -8.68 88.98 98.62
N VAL RE 108 -8.85 88.00 97.73
CA VAL RE 108 -10.08 87.89 96.97
C VAL RE 108 -11.27 87.67 97.91
N LEU RE 109 -11.11 86.76 98.88
CA LEU RE 109 -12.22 86.40 99.75
C LEU RE 109 -12.75 87.60 100.52
N ASN RE 110 -11.89 88.56 100.85
CA ASN RE 110 -12.36 89.77 101.51
C ASN RE 110 -13.15 90.66 100.54
N ALA RE 111 -12.77 90.65 99.26
CA ALA RE 111 -13.43 91.51 98.28
C ALA RE 111 -14.56 90.78 97.56
N LEU RE 112 -14.23 89.69 96.87
CA LEU RE 112 -15.23 88.90 96.15
C LEU RE 112 -15.81 87.83 97.09
N ASN RE 113 -16.48 88.32 98.12
CA ASN RE 113 -16.83 87.46 99.26
C ASN RE 113 -18.06 86.61 98.97
N ALA RE 114 -19.19 87.25 98.72
CA ALA RE 114 -20.48 86.56 98.73
C ALA RE 114 -20.57 85.44 97.70
N GLU RE 115 -19.81 85.52 96.61
CA GLU RE 115 -19.87 84.49 95.59
C GLU RE 115 -19.04 83.26 95.92
N LEU RE 116 -18.14 83.34 96.89
CA LEU RE 116 -17.34 82.21 97.34
C LEU RE 116 -17.93 81.54 98.57
N ILE RE 117 -18.20 82.33 99.62
CA ILE RE 117 -18.71 81.78 100.87
C ILE RE 117 -20.07 81.14 100.64
N THR RE 118 -20.97 81.87 99.99
CA THR RE 118 -22.37 81.43 99.90
C THR RE 118 -22.63 80.54 98.70
N GLY RE 119 -21.82 80.66 97.65
CA GLY RE 119 -21.99 79.84 96.47
C GLY RE 119 -22.94 80.38 95.42
N GLU RE 120 -23.52 81.54 95.65
CA GLU RE 120 -24.44 82.12 94.67
C GLU RE 120 -23.69 82.52 93.40
N GLY RE 121 -24.38 82.42 92.27
CA GLY RE 121 -23.82 82.77 90.98
C GLY RE 121 -24.18 84.18 90.62
N GLN RE 122 -23.15 85.00 90.40
CA GLN RE 122 -23.38 86.40 90.08
C GLN RE 122 -24.02 86.56 88.71
N TRP RE 123 -24.87 87.57 88.59
CA TRP RE 123 -25.63 87.79 87.37
C TRP RE 123 -25.15 89.05 86.65
N ALA SE 1 4.65 66.51 119.88
CA ALA SE 1 5.07 65.32 119.15
C ALA SE 1 6.29 65.60 118.28
N ALA SE 2 7.15 66.51 118.74
CA ALA SE 2 8.41 66.78 118.09
C ALA SE 2 9.44 65.73 118.47
N ARG SE 3 10.49 65.63 117.66
CA ARG SE 3 11.51 64.63 117.89
C ARG SE 3 12.42 65.04 119.04
N SER SE 4 12.52 64.18 120.05
CA SER SE 4 13.37 64.40 121.20
C SER SE 4 13.79 63.05 121.76
N SER SE 5 14.65 63.09 122.77
CA SER SE 5 15.13 61.86 123.38
C SER SE 5 14.00 61.15 124.13
N ILE SE 6 13.98 59.83 124.04
CA ILE SE 6 13.00 59.01 124.74
C ILE SE 6 13.73 58.08 125.70
N VAL SE 7 13.03 57.66 126.75
CA VAL SE 7 13.67 57.06 127.91
C VAL SE 7 13.11 55.66 128.14
N LEU SE 8 12.92 54.90 127.06
CA LEU SE 8 12.51 53.49 127.14
C LEU SE 8 13.17 52.80 128.32
N THR SE 9 12.36 52.10 129.12
CA THR SE 9 12.86 51.43 130.31
C THR SE 9 12.02 50.20 130.59
N ASP SE 10 12.62 49.26 131.31
CA ASP SE 10 11.95 48.04 131.73
C ASP SE 10 11.60 48.04 133.21
N GLY SE 11 12.02 49.06 133.95
CA GLY SE 11 11.79 49.12 135.38
C GLY SE 11 13.09 49.14 136.15
N THR SE 12 14.08 48.41 135.66
CA THR SE 12 15.37 48.32 136.35
C THR SE 12 16.38 49.31 135.78
N THR SE 13 16.68 49.21 134.48
CA THR SE 13 17.69 50.04 133.85
C THR SE 13 17.07 50.81 132.69
N PRO SE 14 16.93 52.14 132.81
CA PRO SE 14 16.44 52.92 131.67
C PRO SE 14 17.51 53.11 130.62
N VAL SE 15 17.09 53.16 129.36
CA VAL SE 15 17.98 53.45 128.24
C VAL SE 15 17.42 54.67 127.51
N THR SE 16 18.28 55.66 127.25
CA THR SE 16 17.88 56.91 126.64
C THR SE 16 18.26 56.89 125.16
N LEU SE 17 17.25 56.89 124.30
CA LEU SE 17 17.47 56.91 122.85
C LEU SE 17 17.29 58.33 122.34
N THR SE 18 18.25 58.79 121.54
CA THR SE 18 18.20 60.11 120.93
C THR SE 18 18.06 59.97 119.41
N PRO SE 19 17.34 60.87 118.75
CA PRO SE 19 17.15 60.73 117.30
C PRO SE 19 18.47 60.78 116.56
N VAL SE 20 18.57 59.97 115.50
CA VAL SE 20 19.77 59.96 114.66
C VAL SE 20 19.36 60.04 113.20
N GLY SE 21 18.18 60.59 112.92
CA GLY SE 21 17.81 60.85 111.54
C GLY SE 21 16.41 60.46 111.15
N GLY SE 22 16.22 60.13 109.88
CA GLY SE 22 14.96 59.62 109.39
C GLY SE 22 14.26 60.47 108.36
N GLY SE 23 14.20 61.78 108.59
CA GLY SE 23 13.44 62.64 107.69
C GLY SE 23 11.95 62.54 107.90
N VAL SE 24 11.17 62.74 106.85
CA VAL SE 24 9.71 62.73 106.93
C VAL SE 24 9.21 61.31 106.72
N GLY SE 25 8.21 60.92 107.50
CA GLY SE 25 7.67 59.58 107.40
C GLY SE 25 8.36 58.54 108.24
N GLN SE 26 9.40 58.90 108.99
CA GLN SE 26 10.07 57.95 109.88
C GLN SE 26 10.96 58.72 110.84
N THR SE 27 11.52 57.99 111.80
CA THR SE 27 12.43 58.56 112.77
C THR SE 27 13.30 57.46 113.32
N LEU SE 28 14.61 57.64 113.29
CA LEU SE 28 15.55 56.67 113.84
C LEU SE 28 16.04 57.15 115.19
N TYR SE 29 16.18 56.20 116.11
CA TYR SE 29 16.72 56.48 117.44
C TYR SE 29 17.90 55.57 117.69
N ARG SE 30 18.73 55.96 118.65
CA ARG SE 30 19.85 55.12 119.06
C ARG SE 30 20.46 55.63 120.35
N ALA SE 31 20.67 54.75 121.33
CA ALA SE 31 21.29 55.13 122.58
C ALA SE 31 22.77 55.42 122.37
N THR SE 32 23.43 55.92 123.41
CA THR SE 32 24.86 56.21 123.27
C THR SE 32 25.71 54.95 123.44
N ALA SE 33 25.73 54.41 124.66
CA ALA SE 33 26.53 53.22 125.01
C ALA SE 33 27.87 53.24 124.28
N GLU SE 34 28.54 54.38 124.34
CA GLU SE 34 29.66 54.67 123.45
C GLU SE 34 30.78 53.66 123.64
N ALA SE 35 31.52 53.42 122.55
CA ALA SE 35 32.69 52.53 122.59
C ALA SE 35 32.27 51.13 123.05
N LEU SE 36 31.54 50.45 122.16
CA LEU SE 36 31.40 50.68 120.72
C LEU SE 36 30.10 51.41 120.39
N SER SE 37 30.05 52.02 119.20
CA SER SE 37 28.90 52.80 118.78
C SER SE 37 27.82 51.96 118.12
N ALA SE 38 28.15 50.75 117.65
CA ALA SE 38 27.17 49.85 117.06
C ALA SE 38 26.58 48.89 118.09
N ALA SE 39 27.04 48.93 119.32
CA ALA SE 39 26.54 48.06 120.38
C ALA SE 39 25.60 48.82 121.31
N ASN SE 40 24.48 49.29 120.76
CA ASN SE 40 23.48 49.97 121.57
C ASN SE 40 22.14 49.87 120.85
N PRO SE 41 21.03 49.93 121.59
CA PRO SE 41 19.71 49.69 120.99
C PRO SE 41 19.27 50.83 120.08
N SER SE 42 18.29 50.52 119.24
CA SER SE 42 17.75 51.46 118.27
C SER SE 42 16.24 51.27 118.19
N LEU SE 43 15.54 52.31 117.71
CA LEU SE 43 14.08 52.32 117.65
C LEU SE 43 13.58 52.89 116.32
N SER SE 44 14.02 52.33 115.21
CA SER SE 44 13.47 52.72 113.91
C SER SE 44 11.95 52.73 113.94
N PHE SE 45 11.36 53.91 113.78
CA PHE SE 45 9.92 54.09 113.91
C PHE SE 45 9.40 54.81 112.67
N GLY SE 46 8.51 54.14 111.92
CA GLY SE 46 7.93 54.71 110.74
C GLY SE 46 6.42 54.92 110.87
N TYR SE 47 5.85 55.59 109.87
CA TYR SE 47 4.42 55.88 109.84
C TYR SE 47 4.09 56.49 108.48
N ARG SE 48 2.88 56.23 108.01
CA ARG SE 48 2.42 56.79 106.73
C ARG SE 48 0.92 56.63 106.65
N PHE SE 49 0.34 57.25 105.62
CA PHE SE 49 -1.09 57.14 105.31
C PHE SE 49 -1.25 56.74 103.87
N THR SE 50 -2.04 55.70 103.61
CA THR SE 50 -2.26 55.22 102.25
C THR SE 50 -3.36 56.02 101.58
N ASP SE 51 -3.88 55.50 100.47
CA ASP SE 51 -4.94 56.17 99.72
C ASP SE 51 -6.10 56.56 100.63
N GLY SE 52 -6.49 55.67 101.53
CA GLY SE 52 -7.51 55.99 102.52
C GLY SE 52 -6.92 56.70 103.71
N GLY SE 53 -7.49 56.47 104.89
CA GLY SE 53 -6.94 57.01 106.11
C GLY SE 53 -6.20 55.95 106.89
N THR SE 54 -5.80 54.89 106.20
CA THR SE 54 -5.17 53.74 106.84
C THR SE 54 -3.81 54.14 107.38
N ASN SE 55 -3.75 54.41 108.68
CA ASN SE 55 -2.53 54.85 109.34
C ASN SE 55 -1.68 53.62 109.65
N ARG SE 56 -0.69 53.35 108.81
CA ARG SE 56 0.16 52.17 108.97
C ARG SE 56 1.45 52.57 109.68
N GLN SE 57 1.37 52.65 111.00
CA GLN SE 57 2.56 52.87 111.80
C GLN SE 57 3.39 51.59 111.87
N SER SE 58 4.64 51.74 112.29
CA SER SE 58 5.56 50.60 112.31
C SER SE 58 6.79 50.91 113.17
N LEU SE 59 7.12 50.02 114.10
CA LEU SE 59 8.28 50.19 114.95
C LEU SE 59 9.19 48.99 114.82
N SER SE 60 10.42 49.14 115.29
CA SER SE 60 11.37 48.04 115.28
C SER SE 60 12.47 48.36 116.28
N TYR SE 61 12.49 47.64 117.39
CA TYR SE 61 13.45 47.87 118.47
C TYR SE 61 14.46 46.74 118.47
N LYS SE 62 15.69 47.05 118.07
CA LYS SE 62 16.77 46.09 118.05
C LYS SE 62 17.73 46.40 119.17
N GLN SE 63 18.03 45.41 120.01
CA GLN SE 63 18.99 45.55 121.08
C GLN SE 63 20.11 44.54 120.88
N PRO SE 64 21.34 44.98 120.59
CA PRO SE 64 22.42 44.02 120.37
C PRO SE 64 22.95 43.45 121.68
N ILE SE 65 23.46 42.23 121.59
CA ILE SE 65 23.98 41.51 122.74
C ILE SE 65 25.50 41.70 122.76
N THR SE 66 25.99 42.34 123.81
CA THR SE 66 27.39 42.71 123.93
C THR SE 66 28.15 41.70 124.77
N ALA SE 67 29.47 41.76 124.68
CA ALA SE 67 30.34 40.87 125.45
C ALA SE 67 31.71 41.52 125.53
N VAL SE 68 32.07 42.04 126.70
CA VAL SE 68 33.34 42.75 126.86
C VAL SE 68 34.46 41.72 126.93
N ASP SE 69 35.30 41.70 125.91
CA ASP SE 69 36.40 40.74 125.81
C ASP SE 69 37.55 41.24 126.68
N SER SE 70 37.67 40.70 127.89
CA SER SE 70 38.66 41.17 128.84
C SER SE 70 40.09 40.99 128.34
N THR SE 71 40.33 40.01 127.46
CA THR SE 71 41.67 39.78 126.94
C THR SE 71 42.15 40.99 126.14
N THR SE 72 41.34 41.45 125.20
CA THR SE 72 41.69 42.57 124.34
C THR SE 72 41.10 43.89 124.80
N SER SE 73 40.06 43.85 125.65
CA SER SE 73 39.34 45.02 126.14
C SER SE 73 38.64 45.75 124.99
N GLU SE 74 37.84 44.99 124.26
CA GLU SE 74 37.00 45.52 123.21
C GLU SE 74 35.62 44.89 123.32
N THR SE 75 34.60 45.65 122.95
CA THR SE 75 33.22 45.17 123.01
C THR SE 75 32.87 44.45 121.71
N LEU SE 76 32.43 43.21 121.83
CA LEU SE 76 32.04 42.40 120.70
C LEU SE 76 30.52 42.28 120.67
N VAL SE 77 29.96 42.19 119.46
CA VAL SE 77 28.52 42.09 119.28
C VAL SE 77 28.21 40.67 118.80
N ARG SE 78 27.44 39.94 119.61
CA ARG SE 78 27.14 38.55 119.32
C ARG SE 78 25.84 38.37 118.56
N GLY SE 79 24.88 39.26 118.78
CA GLY SE 79 23.60 39.18 118.08
C GLY SE 79 22.67 40.24 118.61
N GLN SE 80 21.47 40.30 118.05
CA GLN SE 80 20.52 41.32 118.46
C GLN SE 80 19.13 40.73 118.60
N CYS SE 81 18.42 41.17 119.64
CA CYS SE 81 17.02 40.83 119.81
C CYS SE 81 16.17 41.87 119.10
N VAL SE 82 15.29 41.42 118.21
CA VAL SE 82 14.50 42.30 117.37
C VAL SE 82 13.03 42.16 117.76
N VAL SE 83 12.36 43.30 117.95
CA VAL SE 83 10.94 43.32 118.29
C VAL SE 83 10.25 44.27 117.33
N ASP SE 84 9.49 43.72 116.39
CA ASP SE 84 8.73 44.51 115.45
C ASP SE 84 7.29 44.66 115.93
N ILE SE 85 6.73 45.86 115.77
CA ILE SE 85 5.37 46.15 116.21
C ILE SE 85 4.71 46.93 115.08
N ASN SE 86 4.04 46.21 114.18
CA ASN SE 86 3.28 46.88 113.13
C ASN SE 86 1.88 47.21 113.61
N ILE SE 87 1.39 48.37 113.22
CA ILE SE 87 0.07 48.84 113.60
C ILE SE 87 -0.66 49.31 112.35
N VAL SE 88 -1.83 48.75 112.10
CA VAL SE 88 -2.68 49.19 110.99
C VAL SE 88 -4.00 49.64 111.57
N ILE SE 89 -4.41 50.86 111.21
CA ILE SE 89 -5.66 51.42 111.70
C ILE SE 89 -6.48 51.85 110.50
N PRO SE 90 -7.64 51.24 110.25
CA PRO SE 90 -8.37 51.52 109.01
C PRO SE 90 -8.96 52.92 108.96
N ARG SE 91 -9.49 53.28 107.80
CA ARG SE 91 -10.05 54.61 107.59
C ARG SE 91 -11.27 54.88 108.47
N VAL SE 92 -11.97 53.83 108.90
CA VAL SE 92 -13.26 53.97 109.57
C VAL SE 92 -13.14 53.90 111.09
N ALA SE 93 -11.93 53.98 111.62
CA ALA SE 93 -11.69 53.72 113.03
C ALA SE 93 -11.88 55.00 113.83
N THR SE 94 -12.72 54.92 114.87
CA THR SE 94 -12.93 56.05 115.76
C THR SE 94 -11.66 56.33 116.57
N ALA SE 95 -11.54 57.57 117.04
CA ALA SE 95 -10.39 57.97 117.82
C ALA SE 95 -10.30 57.30 119.18
N THR SE 96 -11.40 56.71 119.66
CA THR SE 96 -11.37 55.97 120.92
C THR SE 96 -11.20 54.48 120.72
N ASP SE 97 -11.45 53.96 119.51
CA ASP SE 97 -11.12 52.58 119.22
C ASP SE 97 -9.63 52.39 119.02
N ARG SE 98 -8.94 53.43 118.55
CA ARG SE 98 -7.48 53.37 118.44
C ARG SE 98 -6.84 53.16 119.80
N ALA SE 99 -7.25 53.94 120.79
CA ALA SE 99 -6.70 53.78 122.13
C ALA SE 99 -7.05 52.41 122.71
N GLU SE 100 -8.27 51.94 122.46
CA GLU SE 100 -8.66 50.62 122.94
C GLU SE 100 -7.82 49.52 122.29
N ALA SE 101 -7.64 49.60 120.97
CA ALA SE 101 -6.91 48.55 120.27
C ALA SE 101 -5.43 48.56 120.65
N ILE SE 102 -4.81 49.74 120.62
CA ILE SE 102 -3.37 49.82 120.85
C ILE SE 102 -3.04 49.44 122.28
N LYS SE 103 -3.74 50.02 123.25
CA LYS SE 103 -3.41 49.74 124.65
C LYS SE 103 -3.73 48.31 125.04
N ARG SE 104 -4.66 47.66 124.35
CA ARG SE 104 -4.93 46.25 124.62
C ARG SE 104 -3.85 45.36 124.06
N ALA SE 105 -3.39 45.63 122.83
CA ALA SE 105 -2.35 44.81 122.23
C ALA SE 105 -1.04 44.92 123.02
N PHE SE 106 -0.70 46.12 123.49
CA PHE SE 106 0.48 46.29 124.31
C PHE SE 106 0.29 45.77 125.73
N ASP SE 107 -0.92 45.36 126.09
CA ASP SE 107 -1.18 44.73 127.38
C ASP SE 107 -0.96 43.23 127.34
N VAL SE 108 -0.55 42.68 126.19
CA VAL SE 108 -0.28 41.24 126.10
C VAL SE 108 0.83 40.85 127.06
N LEU SE 109 1.87 41.67 127.15
CA LEU SE 109 2.98 41.37 128.04
C LEU SE 109 2.53 41.15 129.47
N ASN SE 110 1.45 41.80 129.89
CA ASN SE 110 0.90 41.54 131.21
C ASN SE 110 -0.02 40.33 131.24
N ALA SE 111 -0.57 39.92 130.09
CA ALA SE 111 -1.41 38.75 130.05
C ALA SE 111 -0.61 37.50 129.69
N LEU SE 112 0.06 37.53 128.54
CA LEU SE 112 0.86 36.40 128.07
C LEU SE 112 2.32 36.56 128.52
N ASN SE 113 2.47 36.77 129.83
CA ASN SE 113 3.76 37.20 130.37
C ASN SE 113 4.80 36.10 130.31
N ALA SE 114 4.48 34.93 130.86
CA ALA SE 114 5.49 33.87 130.97
C ALA SE 114 5.93 33.37 129.60
N GLU SE 115 5.07 33.45 128.59
CA GLU SE 115 5.44 32.98 127.26
C GLU SE 115 6.35 33.94 126.52
N LEU SE 116 6.58 35.15 127.06
CA LEU SE 116 7.40 36.15 126.40
C LEU SE 116 8.64 36.49 127.19
N ILE SE 117 8.51 36.70 128.51
CA ILE SE 117 9.65 37.11 129.31
C ILE SE 117 10.66 35.96 129.45
N THR SE 118 10.17 34.75 129.70
CA THR SE 118 11.05 33.60 129.89
C THR SE 118 11.23 32.77 128.63
N GLY SE 119 10.28 32.81 127.70
CA GLY SE 119 10.42 32.09 126.45
C GLY SE 119 9.73 30.76 126.40
N GLU SE 120 8.91 30.42 127.39
CA GLU SE 120 8.22 29.14 127.42
C GLU SE 120 7.22 29.03 126.26
N GLY SE 121 6.62 27.87 126.15
CA GLY SE 121 5.46 27.69 125.30
C GLY SE 121 4.35 27.09 126.13
N GLN SE 122 3.14 27.56 125.89
CA GLN SE 122 2.01 27.09 126.67
C GLN SE 122 1.65 25.67 126.28
N TRP SE 123 1.41 24.84 127.29
CA TRP SE 123 1.15 23.41 127.06
C TRP SE 123 -0.32 23.04 127.20
N ALA TE 1 2.24 29.14 131.37
CA ALA TE 1 1.39 28.07 131.87
C ALA TE 1 0.52 27.51 130.74
N ALA TE 2 -0.47 26.71 131.11
CA ALA TE 2 -1.33 26.09 130.11
C ALA TE 2 -2.23 27.13 129.46
N ARG TE 3 -2.79 26.76 128.30
CA ARG TE 3 -3.73 27.63 127.62
C ARG TE 3 -4.91 27.94 128.52
N SER TE 4 -5.08 29.22 128.87
CA SER TE 4 -6.17 29.60 129.75
C SER TE 4 -6.87 30.84 129.22
N SER TE 5 -7.72 31.46 130.02
CA SER TE 5 -8.41 32.67 129.64
C SER TE 5 -7.60 33.89 130.04
N ILE TE 6 -7.30 34.75 129.07
CA ILE TE 6 -6.53 35.96 129.31
C ILE TE 6 -7.48 37.15 129.38
N VAL TE 7 -7.03 38.21 130.04
CA VAL TE 7 -7.89 39.32 130.42
C VAL TE 7 -7.38 40.62 129.81
N LEU TE 8 -6.92 40.55 128.55
CA LEU TE 8 -6.44 41.72 127.81
C LEU TE 8 -7.31 42.94 128.06
N THR TE 9 -6.71 43.99 128.58
CA THR TE 9 -7.44 45.19 129.00
C THR TE 9 -6.67 46.43 128.56
N ASP TE 10 -7.20 47.60 128.93
CA ASP TE 10 -6.52 48.85 128.67
C ASP TE 10 -6.61 49.82 129.84
N GLY TE 11 -7.07 49.37 131.00
CA GLY TE 11 -7.25 50.21 132.17
C GLY TE 11 -8.70 50.56 132.45
N THR TE 12 -9.55 50.56 131.43
CA THR TE 12 -10.96 50.88 131.60
C THR TE 12 -11.87 49.73 131.20
N THR TE 13 -11.70 49.18 130.01
CA THR TE 13 -12.63 48.18 129.47
C THR TE 13 -11.90 46.87 129.21
N PRO TE 14 -11.94 45.92 130.14
CA PRO TE 14 -11.28 44.63 129.93
C PRO TE 14 -12.06 43.76 128.94
N VAL TE 15 -11.32 42.83 128.34
CA VAL TE 15 -11.89 41.83 127.44
C VAL TE 15 -11.26 40.49 127.79
N THR TE 16 -12.10 39.47 127.97
CA THR TE 16 -11.63 38.13 128.30
C THR TE 16 -11.62 37.27 127.05
N LEU TE 17 -10.49 36.63 126.79
CA LEU TE 17 -10.28 35.81 125.60
C LEU TE 17 -9.98 34.38 126.00
N THR TE 18 -10.67 33.43 125.37
CA THR TE 18 -10.46 32.02 125.64
C THR TE 18 -10.02 31.29 124.38
N PRO TE 19 -9.11 30.32 124.49
CA PRO TE 19 -8.54 29.69 123.28
C PRO TE 19 -9.61 29.04 122.42
N VAL TE 20 -9.45 29.16 121.10
CA VAL TE 20 -10.47 28.77 120.15
C VAL TE 20 -9.82 27.84 119.13
N GLY TE 21 -8.65 27.33 119.45
CA GLY TE 21 -8.04 26.36 118.57
C GLY TE 21 -6.54 26.54 118.53
N GLY TE 22 -5.97 26.26 117.35
CA GLY TE 22 -4.54 26.35 117.17
C GLY TE 22 -3.87 25.01 116.96
N GLY TE 23 -2.80 24.75 117.70
CA GLY TE 23 -2.04 23.53 117.57
C GLY TE 23 -0.80 23.52 118.44
N VAL TE 24 0.33 23.10 117.88
CA VAL TE 24 1.61 23.17 118.57
C VAL TE 24 2.35 24.41 118.08
N GLY TE 25 2.78 25.24 119.02
CA GLY TE 25 3.35 26.53 118.66
C GLY TE 25 2.34 27.38 117.92
N GLN TE 26 1.10 27.40 118.40
CA GLN TE 26 0.02 28.18 117.83
C GLN TE 26 -1.14 28.18 118.80
N THR TE 27 -1.77 29.34 118.99
CA THR TE 27 -2.85 29.45 119.97
C THR TE 27 -3.74 30.62 119.55
N LEU TE 28 -4.94 30.30 119.10
CA LEU TE 28 -5.91 31.34 118.79
C LEU TE 28 -6.58 31.82 120.08
N TYR TE 29 -7.31 32.92 119.96
CA TYR TE 29 -8.09 33.45 121.07
C TYR TE 29 -9.31 34.16 120.49
N ARG TE 30 -10.29 34.42 121.34
CA ARG TE 30 -11.47 35.20 120.98
C ARG TE 30 -12.26 35.45 122.25
N ALA TE 31 -13.14 36.45 122.19
CA ALA TE 31 -13.97 36.84 123.32
C ALA TE 31 -15.36 36.21 123.22
N THR TE 32 -16.26 36.63 124.10
CA THR TE 32 -17.54 35.95 124.28
C THR TE 32 -18.65 36.46 123.35
N ALA TE 33 -18.63 37.74 122.98
CA ALA TE 33 -19.71 38.30 122.17
C ALA TE 33 -19.78 37.64 120.80
N GLU TE 34 -20.95 37.68 120.17
CA GLU TE 34 -21.22 36.91 118.97
C GLU TE 34 -21.66 37.83 117.83
N ALA TE 35 -21.06 37.65 116.67
CA ALA TE 35 -21.40 38.44 115.49
C ALA TE 35 -21.22 37.57 114.26
N LEU TE 36 -21.54 38.13 113.09
CA LEU TE 36 -21.63 37.34 111.86
C LEU TE 36 -20.32 37.33 111.08
N SER TE 37 -19.78 38.50 110.72
CA SER TE 37 -18.58 38.57 109.90
C SER TE 37 -17.32 38.59 110.76
N ALA TE 38 -17.19 39.60 111.63
CA ALA TE 38 -16.07 39.70 112.56
C ALA TE 38 -16.62 39.70 113.97
N ALA TE 39 -16.30 38.65 114.73
CA ALA TE 39 -16.93 38.47 116.02
C ALA TE 39 -16.30 39.35 117.09
N ASN TE 40 -15.03 39.11 117.38
CA ASN TE 40 -14.41 39.70 118.57
C ASN TE 40 -12.92 39.92 118.34
N PRO TE 41 -12.20 40.50 119.31
CA PRO TE 41 -10.74 40.48 119.24
C PRO TE 41 -10.21 39.05 119.18
N SER TE 42 -9.16 38.86 118.38
CA SER TE 42 -8.63 37.52 118.11
C SER TE 42 -7.11 37.60 118.14
N LEU TE 43 -6.52 37.19 119.26
CA LEU TE 43 -5.07 37.29 119.49
C LEU TE 43 -4.42 35.97 119.15
N SER TE 44 -3.79 35.88 117.99
CA SER TE 44 -3.04 34.68 117.63
C SER TE 44 -1.63 34.74 118.20
N PHE TE 45 -1.07 33.58 118.50
CA PHE TE 45 0.24 33.48 119.15
C PHE TE 45 1.00 32.33 118.51
N GLY TE 46 2.04 32.64 117.74
CA GLY TE 46 2.65 31.65 116.88
C GLY TE 46 4.11 31.31 117.13
N TYR TE 47 4.49 31.11 118.39
CA TYR TE 47 5.88 30.88 118.74
C TYR TE 47 6.41 29.61 118.10
N ARG TE 48 7.72 29.57 117.89
CA ARG TE 48 8.42 28.43 117.31
C ARG TE 48 9.90 28.59 117.59
N PHE TE 49 10.70 27.62 117.11
CA PHE TE 49 12.15 27.66 117.19
C PHE TE 49 12.72 27.47 115.80
N THR TE 50 14.04 27.49 115.70
CA THR TE 50 14.71 27.50 114.40
C THR TE 50 16.00 26.70 114.54
N ASP TE 51 16.93 26.88 113.60
CA ASP TE 51 18.18 26.14 113.59
C ASP TE 51 18.93 26.29 114.91
N GLY TE 52 19.08 27.53 115.36
CA GLY TE 52 19.63 27.82 116.67
C GLY TE 52 18.54 27.90 117.71
N GLY TE 53 18.83 28.63 118.78
CA GLY TE 53 17.81 28.90 119.77
C GLY TE 53 16.98 30.11 119.39
N THR TE 54 16.85 30.34 118.08
CA THR TE 54 16.21 31.53 117.57
C THR TE 54 14.71 31.46 117.83
N ASN TE 55 14.29 31.94 118.99
CA ASN TE 55 12.89 31.90 119.40
C ASN TE 55 12.11 32.94 118.62
N ARG TE 56 11.45 32.51 117.54
CA ARG TE 56 10.74 33.43 116.65
C ARG TE 56 9.26 33.49 117.04
N GLN TE 57 9.01 34.13 118.17
CA GLN TE 57 7.63 34.35 118.59
C GLN TE 57 6.95 35.34 117.65
N SER TE 58 5.62 35.28 117.62
CA SER TE 58 4.85 36.11 116.71
C SER TE 58 3.44 36.27 117.24
N LEU TE 59 2.89 37.46 117.11
CA LEU TE 59 1.58 37.78 117.64
C LEU TE 59 0.78 38.55 116.59
N SER TE 60 -0.52 38.63 116.82
CA SER TE 60 -1.41 39.45 115.98
C SER TE 60 -2.72 39.66 116.71
N TYR TE 61 -3.03 40.91 117.06
CA TYR TE 61 -4.23 41.24 117.80
C TYR TE 61 -5.15 42.08 116.92
N LYS TE 62 -6.19 41.47 116.40
CA LYS TE 62 -7.17 42.16 115.56
C LYS TE 62 -8.40 42.48 116.38
N GLN TE 63 -8.77 43.76 116.40
CA GLN TE 63 -10.00 44.20 117.08
C GLN TE 63 -10.94 44.78 116.03
N PRO TE 64 -12.06 44.13 115.74
CA PRO TE 64 -12.96 44.63 114.70
C PRO TE 64 -13.64 45.93 115.09
N ILE TE 65 -13.84 46.80 114.11
CA ILE TE 65 -14.52 48.07 114.30
C ILE TE 65 -16.00 47.82 114.06
N THR TE 66 -16.80 47.90 115.11
CA THR TE 66 -18.20 47.52 115.02
C THR TE 66 -19.09 48.60 115.63
N ALA TE 67 -20.26 48.78 115.02
CA ALA TE 67 -21.32 49.64 115.54
C ALA TE 67 -22.64 48.90 115.38
N VAL TE 68 -23.43 48.86 116.44
CA VAL TE 68 -24.62 48.03 116.48
C VAL TE 68 -25.72 48.68 115.62
N ASP TE 69 -26.33 47.89 114.75
CA ASP TE 69 -27.43 48.36 113.94
C ASP TE 69 -28.70 48.46 114.79
N SER TE 70 -29.68 49.19 114.27
CA SER TE 70 -30.97 49.30 114.92
C SER TE 70 -31.92 48.23 114.37
N THR TE 71 -32.71 47.65 115.27
CA THR TE 71 -33.73 46.64 115.00
C THR TE 71 -33.15 45.30 114.55
N THR TE 72 -31.83 45.18 114.40
CA THR TE 72 -31.21 43.92 114.01
C THR TE 72 -30.07 43.60 114.96
N SER TE 73 -29.98 42.34 115.37
CA SER TE 73 -28.96 41.88 116.31
C SER TE 73 -27.75 41.30 115.59
N GLU TE 74 -27.14 42.10 114.73
CA GLU TE 74 -25.97 41.66 113.97
C GLU TE 74 -24.75 42.56 114.12
N THR TE 75 -24.88 43.67 114.86
CA THR TE 75 -23.79 44.56 115.26
C THR TE 75 -22.75 44.74 114.14
N LEU TE 76 -23.18 45.34 113.03
CA LEU TE 76 -22.37 45.52 111.83
C LEU TE 76 -20.94 45.93 112.16
N VAL TE 77 -19.98 45.23 111.57
CA VAL TE 77 -18.57 45.51 111.74
C VAL TE 77 -18.05 46.25 110.51
N ARG TE 78 -17.13 47.18 110.73
CA ARG TE 78 -16.65 48.06 109.67
C ARG TE 78 -15.20 47.84 109.28
N GLY TE 79 -14.35 47.41 110.20
CA GLY TE 79 -12.95 47.18 109.89
C GLY TE 79 -12.30 46.36 110.98
N GLN TE 80 -10.98 46.53 111.12
CA GLN TE 80 -10.21 45.84 112.14
C GLN TE 80 -8.86 46.52 112.37
N CYS TE 81 -8.50 46.76 113.63
CA CYS TE 81 -7.25 47.41 113.99
C CYS TE 81 -6.20 46.35 114.24
N VAL TE 82 -5.54 45.92 113.16
CA VAL TE 82 -4.50 44.89 113.26
C VAL TE 82 -3.28 45.45 113.98
N VAL TE 83 -2.74 44.68 114.92
CA VAL TE 83 -1.51 45.05 115.60
C VAL TE 83 -0.59 43.85 115.73
N ASP TE 84 0.38 43.73 114.82
CA ASP TE 84 1.31 42.61 114.83
C ASP TE 84 2.50 42.90 115.72
N ILE TE 85 2.95 41.87 116.44
CA ILE TE 85 4.13 41.99 117.29
C ILE TE 85 5.02 40.77 117.09
N ASN TE 86 6.05 40.90 116.26
CA ASN TE 86 6.97 39.80 116.01
C ASN TE 86 8.24 39.97 116.84
N ILE TE 87 8.72 38.85 117.38
CA ILE TE 87 9.87 38.84 118.27
C ILE TE 87 10.87 37.81 117.75
N VAL TE 88 12.15 38.21 117.70
CA VAL TE 88 13.22 37.33 117.27
C VAL TE 88 14.35 37.45 118.28
N ILE TE 89 14.54 36.41 119.08
CA ILE TE 89 15.55 36.39 120.14
C ILE TE 89 16.61 35.38 119.78
N PRO TE 90 17.89 35.75 119.72
CA PRO TE 90 18.90 34.83 119.22
C PRO TE 90 19.21 33.72 120.22
N ARG TE 91 20.08 32.80 119.83
CA ARG TE 91 20.48 31.71 120.71
C ARG TE 91 21.30 32.19 121.89
N VAL TE 92 22.14 33.21 121.70
CA VAL TE 92 23.11 33.62 122.71
C VAL TE 92 22.50 34.57 123.71
N ALA TE 93 21.18 34.79 123.62
CA ALA TE 93 20.52 35.80 124.43
C ALA TE 93 20.25 35.28 125.83
N THR TE 94 21.03 35.77 126.79
CA THR TE 94 20.80 35.46 128.20
C THR TE 94 19.39 35.89 128.60
N ALA TE 95 18.74 35.08 129.43
CA ALA TE 95 17.35 35.35 129.80
C ALA TE 95 17.19 36.71 130.48
N THR TE 96 18.24 37.23 131.12
CA THR TE 96 18.18 38.60 131.61
C THR TE 96 18.13 39.60 130.45
N ASP TE 97 18.89 39.36 129.38
CA ASP TE 97 18.86 40.24 128.22
C ASP TE 97 17.52 40.15 127.51
N ARG TE 98 16.94 38.95 127.42
CA ARG TE 98 15.65 38.83 126.75
C ARG TE 98 14.55 39.56 127.51
N ALA TE 99 14.57 39.51 128.84
CA ALA TE 99 13.58 40.24 129.62
C ALA TE 99 13.69 41.73 129.38
N GLU TE 100 14.92 42.25 129.31
CA GLU TE 100 15.10 43.68 129.02
C GLU TE 100 14.61 44.02 127.63
N ALA TE 101 14.90 43.18 126.64
CA ALA TE 101 14.54 43.49 125.26
C ALA TE 101 13.03 43.54 125.09
N ILE TE 102 12.30 42.61 125.70
CA ILE TE 102 10.85 42.57 125.53
C ILE TE 102 10.20 43.71 126.29
N LYS TE 103 10.62 43.93 127.54
CA LYS TE 103 9.97 44.94 128.36
C LYS TE 103 10.28 46.35 127.87
N ARG TE 104 11.49 46.56 127.34
CA ARG TE 104 11.82 47.86 126.77
C ARG TE 104 11.04 48.11 125.49
N ALA TE 105 10.83 47.09 124.67
CA ALA TE 105 10.07 47.28 123.44
C ALA TE 105 8.62 47.62 123.74
N PHE TE 106 8.03 46.99 124.75
CA PHE TE 106 6.64 47.25 125.10
C PHE TE 106 6.47 48.51 125.92
N ASP TE 107 7.56 49.19 126.26
CA ASP TE 107 7.49 50.49 126.91
C ASP TE 107 7.45 51.64 125.92
N VAL TE 108 7.40 51.34 124.63
CA VAL TE 108 7.30 52.40 123.63
C VAL TE 108 6.00 53.17 123.81
N LEU TE 109 4.92 52.46 124.13
CA LEU TE 109 3.62 53.10 124.28
C LEU TE 109 3.64 54.20 125.33
N ASN TE 110 4.48 54.06 126.34
CA ASN TE 110 4.59 55.09 127.37
C ASN TE 110 5.61 56.16 127.04
N ALA TE 111 6.44 55.95 126.02
CA ALA TE 111 7.42 56.95 125.61
C ALA TE 111 7.03 57.62 124.30
N LEU TE 112 6.67 56.83 123.29
CA LEU TE 112 6.21 57.34 122.02
C LEU TE 112 4.68 57.34 121.99
N ASN TE 113 4.10 58.01 122.97
CA ASN TE 113 2.68 57.84 123.28
C ASN TE 113 1.79 58.54 122.26
N ALA TE 114 1.97 59.85 122.10
CA ALA TE 114 1.06 60.63 121.28
C ALA TE 114 1.04 60.14 119.83
N GLU TE 115 2.21 59.78 119.29
CA GLU TE 115 2.29 59.34 117.91
C GLU TE 115 1.57 58.01 117.68
N LEU TE 116 1.42 57.19 118.72
CA LEU TE 116 0.78 55.88 118.57
C LEU TE 116 -0.71 55.94 118.84
N ILE TE 117 -1.12 56.63 119.90
CA ILE TE 117 -2.54 56.74 120.23
C ILE TE 117 -3.24 57.68 119.25
N THR TE 118 -2.76 58.92 119.17
CA THR TE 118 -3.40 59.91 118.32
C THR TE 118 -3.13 59.67 116.84
N GLY TE 119 -1.89 59.33 116.49
CA GLY TE 119 -1.56 59.04 115.11
C GLY TE 119 -1.05 60.24 114.34
N GLU TE 120 -0.09 60.95 114.92
CA GLU TE 120 0.35 62.22 114.38
C GLU TE 120 1.77 62.51 114.84
N GLY TE 121 2.40 63.47 114.17
CA GLY TE 121 3.58 64.08 114.74
C GLY TE 121 4.90 63.83 114.05
N GLN TE 122 5.98 63.90 114.83
CA GLN TE 122 7.36 63.82 114.33
C GLN TE 122 7.63 64.94 113.32
N TRP TE 123 7.63 66.16 113.85
CA TRP TE 123 7.91 67.34 113.05
C TRP TE 123 9.40 67.52 112.88
N ALA UE 1 -102.35 -53.52 60.89
CA ALA UE 1 -102.91 -53.23 62.20
C ALA UE 1 -101.82 -52.94 63.20
N ALA UE 2 -102.18 -52.76 64.47
CA ALA UE 2 -101.18 -52.53 65.50
C ALA UE 2 -100.29 -53.76 65.65
N ARG UE 3 -98.99 -53.52 65.73
CA ARG UE 3 -98.02 -54.62 65.80
C ARG UE 3 -98.24 -55.43 67.07
N SER UE 4 -98.20 -56.75 66.92
CA SER UE 4 -98.42 -57.66 68.04
C SER UE 4 -97.60 -58.92 67.80
N SER UE 5 -97.92 -59.98 68.53
CA SER UE 5 -97.24 -61.25 68.38
C SER UE 5 -97.90 -62.09 67.31
N ILE UE 6 -97.13 -63.00 66.73
CA ILE UE 6 -97.62 -63.93 65.72
C ILE UE 6 -97.21 -65.34 66.10
N VAL UE 7 -97.97 -66.31 65.62
CA VAL UE 7 -97.92 -67.67 66.17
C VAL UE 7 -97.59 -68.62 65.01
N LEU UE 8 -96.68 -68.19 64.14
CA LEU UE 8 -96.18 -69.03 63.05
C LEU UE 8 -96.03 -70.48 63.48
N THR UE 9 -96.64 -71.38 62.73
CA THR UE 9 -96.71 -72.78 63.11
C THR UE 9 -96.56 -73.65 61.86
N ASP UE 10 -96.45 -74.95 62.09
CA ASP UE 10 -96.44 -75.93 61.00
C ASP UE 10 -97.26 -77.15 61.38
N GLY UE 11 -98.21 -76.98 62.29
CA GLY UE 11 -99.10 -78.05 62.66
C GLY UE 11 -98.72 -78.76 63.94
N THR UE 12 -97.42 -78.82 64.25
CA THR UE 12 -96.97 -79.55 65.43
C THR UE 12 -96.15 -78.70 66.40
N THR UE 13 -95.33 -77.78 65.92
CA THR UE 13 -94.47 -76.97 66.77
C THR UE 13 -94.69 -75.49 66.47
N PRO UE 14 -95.66 -74.85 67.11
CA PRO UE 14 -95.86 -73.43 66.92
C PRO UE 14 -94.69 -72.61 67.45
N VAL UE 15 -94.49 -71.44 66.86
CA VAL UE 15 -93.44 -70.52 67.25
C VAL UE 15 -94.08 -69.16 67.48
N THR UE 16 -93.85 -68.57 68.65
CA THR UE 16 -94.37 -67.25 68.97
C THR UE 16 -93.28 -66.22 68.70
N LEU UE 17 -93.58 -65.25 67.84
CA LEU UE 17 -92.66 -64.19 67.50
C LEU UE 17 -93.20 -62.86 68.04
N THR UE 18 -92.29 -61.96 68.43
CA THR UE 18 -92.65 -60.69 69.02
C THR UE 18 -91.90 -59.57 68.33
N PRO UE 19 -92.52 -58.42 68.13
CA PRO UE 19 -91.86 -57.33 67.42
C PRO UE 19 -90.75 -56.70 68.24
N VAL UE 20 -89.50 -56.84 67.79
CA VAL UE 20 -88.37 -56.37 68.57
C VAL UE 20 -87.55 -55.35 67.78
N GLY UE 21 -88.21 -54.64 66.87
CA GLY UE 21 -87.52 -53.63 66.09
C GLY UE 21 -88.30 -53.29 64.86
N GLY UE 22 -87.63 -52.59 63.94
CA GLY UE 22 -88.24 -52.21 62.69
C GLY UE 22 -88.06 -50.75 62.36
N GLY UE 23 -89.13 -50.11 61.89
CA GLY UE 23 -89.06 -48.72 61.51
C GLY UE 23 -90.33 -48.29 60.81
N VAL UE 24 -90.17 -47.46 59.78
CA VAL UE 24 -91.27 -47.06 58.93
C VAL UE 24 -91.27 -47.98 57.71
N GLY UE 25 -92.38 -48.69 57.51
CA GLY UE 25 -92.42 -49.69 56.46
C GLY UE 25 -91.51 -50.87 56.72
N GLN UE 26 -91.47 -51.35 57.96
CA GLN UE 26 -90.66 -52.48 58.35
C GLN UE 26 -91.04 -52.89 59.77
N THR UE 27 -90.95 -54.19 60.04
CA THR UE 27 -91.28 -54.70 61.39
C THR UE 27 -90.55 -56.02 61.59
N LEU UE 28 -89.45 -55.98 62.33
CA LEU UE 28 -88.72 -57.19 62.65
C LEU UE 28 -89.50 -58.02 63.68
N TYR UE 29 -89.25 -59.32 63.67
CA TYR UE 29 -89.79 -60.24 64.65
C TYR UE 29 -88.68 -61.18 65.10
N ARG UE 30 -88.89 -61.81 66.25
CA ARG UE 30 -87.95 -62.81 66.73
C ARG UE 30 -88.66 -63.69 67.75
N ALA UE 31 -88.37 -64.98 67.73
CA ALA UE 31 -88.99 -65.89 68.68
C ALA UE 31 -88.54 -65.55 70.09
N THR UE 32 -89.44 -65.74 71.05
CA THR UE 32 -89.18 -65.32 72.42
C THR UE 32 -87.91 -65.97 72.96
N ALA UE 33 -87.92 -67.29 73.06
CA ALA UE 33 -86.72 -68.04 73.43
C ALA UE 33 -86.94 -69.50 73.08
N GLU UE 34 -86.17 -70.02 72.13
CA GLU UE 34 -86.19 -71.46 71.88
C GLU UE 34 -85.28 -72.19 72.86
N ALA UE 35 -83.96 -72.01 72.71
CA ALA UE 35 -83.00 -72.48 73.71
C ALA UE 35 -81.85 -71.54 73.97
N LEU UE 36 -81.60 -70.57 73.11
CA LEU UE 36 -80.49 -69.63 73.23
C LEU UE 36 -80.69 -68.57 72.16
N SER UE 37 -79.75 -67.63 72.06
CA SER UE 37 -79.77 -66.68 70.97
C SER UE 37 -79.07 -67.28 69.74
N ALA UE 38 -79.35 -66.69 68.59
CA ALA UE 38 -78.91 -67.12 67.26
C ALA UE 38 -79.56 -68.44 66.84
N ALA UE 39 -80.35 -69.06 67.71
CA ALA UE 39 -81.12 -70.25 67.38
C ALA UE 39 -82.61 -69.95 67.47
N ASN UE 40 -82.98 -68.72 67.10
CA ASN UE 40 -84.35 -68.25 67.18
C ASN UE 40 -84.81 -67.74 65.82
N PRO UE 41 -85.94 -68.20 65.30
CA PRO UE 41 -86.41 -67.73 64.00
C PRO UE 41 -86.82 -66.26 64.04
N SER UE 42 -86.76 -65.63 62.87
CA SER UE 42 -87.13 -64.22 62.72
C SER UE 42 -88.00 -64.08 61.48
N LEU UE 43 -88.85 -63.04 61.48
CA LEU UE 43 -89.83 -62.81 60.42
C LEU UE 43 -89.83 -61.35 59.97
N SER UE 44 -88.66 -60.84 59.60
CA SER UE 44 -88.57 -59.51 58.99
C SER UE 44 -89.66 -59.31 57.96
N PHE UE 45 -90.33 -58.15 58.03
CA PHE UE 45 -91.51 -57.89 57.20
C PHE UE 45 -91.55 -56.41 56.85
N GLY UE 46 -91.31 -56.09 55.58
CA GLY UE 46 -91.38 -54.73 55.09
C GLY UE 46 -92.63 -54.50 54.24
N TYR UE 47 -92.81 -53.24 53.86
CA TYR UE 47 -93.94 -52.82 53.03
C TYR UE 47 -93.71 -51.37 52.64
N ARG UE 48 -94.06 -51.04 51.39
CA ARG UE 48 -93.86 -49.68 50.90
C ARG UE 48 -94.69 -49.47 49.65
N PHE UE 49 -94.92 -48.20 49.32
CA PHE UE 49 -95.66 -47.80 48.14
C PHE UE 49 -94.73 -46.99 47.25
N THR UE 50 -94.66 -47.34 45.97
CA THR UE 50 -93.90 -46.57 45.00
C THR UE 50 -94.74 -45.41 44.47
N ASP UE 51 -94.30 -44.83 43.35
CA ASP UE 51 -95.04 -43.75 42.69
C ASP UE 51 -96.54 -44.02 42.64
N GLY UE 52 -96.92 -45.15 42.06
CA GLY UE 52 -98.31 -45.58 42.06
C GLY UE 52 -98.64 -46.36 43.32
N GLY UE 53 -99.84 -46.91 43.33
CA GLY UE 53 -100.28 -47.68 44.49
C GLY UE 53 -99.75 -49.09 44.49
N THR UE 54 -98.55 -49.30 43.95
CA THR UE 54 -97.95 -50.62 43.89
C THR UE 54 -97.53 -51.04 45.29
N ASN UE 55 -98.38 -51.84 45.93
CA ASN UE 55 -98.17 -52.25 47.31
C ASN UE 55 -97.06 -53.27 47.42
N ARG UE 56 -95.81 -52.83 47.25
CA ARG UE 56 -94.67 -53.75 47.22
C ARG UE 56 -94.31 -54.18 48.63
N GLN UE 57 -95.06 -55.16 49.14
CA GLN UE 57 -94.73 -55.80 50.40
C GLN UE 57 -93.60 -56.81 50.21
N SER UE 58 -93.00 -57.21 51.32
CA SER UE 58 -91.90 -58.17 51.29
C SER UE 58 -91.88 -58.92 52.60
N LEU UE 59 -91.22 -60.08 52.60
CA LEU UE 59 -91.09 -60.90 53.79
C LEU UE 59 -89.75 -61.63 53.74
N SER UE 60 -89.35 -62.15 54.89
CA SER UE 60 -88.14 -62.97 54.98
C SER UE 60 -88.19 -63.72 56.30
N TYR UE 61 -88.28 -65.04 56.23
CA TYR UE 61 -88.30 -65.88 57.42
C TYR UE 61 -87.02 -66.69 57.46
N LYS UE 62 -86.25 -66.54 58.53
CA LYS UE 62 -84.95 -67.19 58.67
C LYS UE 62 -84.97 -68.09 59.89
N GLN UE 63 -84.96 -69.40 59.66
CA GLN UE 63 -84.91 -70.37 60.75
C GLN UE 63 -83.53 -70.98 60.79
N PRO UE 64 -82.75 -70.78 61.85
CA PRO UE 64 -81.37 -71.25 61.87
C PRO UE 64 -81.25 -72.71 62.29
N ILE UE 65 -80.25 -73.38 61.70
CA ILE UE 65 -80.04 -74.80 61.87
C ILE UE 65 -79.03 -75.00 62.99
N THR UE 66 -79.48 -75.56 64.10
CA THR UE 66 -78.64 -75.75 65.28
C THR UE 66 -78.33 -77.23 65.47
N ALA UE 67 -77.15 -77.50 66.04
CA ALA UE 67 -76.70 -78.86 66.24
C ALA UE 67 -75.72 -78.88 67.40
N VAL UE 68 -75.69 -80.01 68.11
CA VAL UE 68 -74.81 -80.15 69.27
C VAL UE 68 -73.36 -80.28 68.83
N ASP UE 69 -72.45 -79.90 69.73
CA ASP UE 69 -71.01 -79.89 69.47
C ASP UE 69 -70.30 -80.70 70.56
N SER UE 70 -70.74 -81.95 70.72
CA SER UE 70 -70.39 -82.84 71.83
C SER UE 70 -68.95 -82.76 72.30
N THR UE 71 -68.01 -82.48 71.37
CA THR UE 71 -66.64 -82.22 71.80
C THR UE 71 -66.57 -81.08 72.81
N THR UE 72 -67.49 -80.11 72.72
CA THR UE 72 -67.64 -79.06 73.71
C THR UE 72 -69.02 -78.99 74.32
N SER UE 73 -70.01 -79.65 73.71
CA SER UE 73 -71.39 -79.70 74.20
C SER UE 73 -72.08 -78.34 74.17
N GLU UE 74 -71.65 -77.46 73.28
CA GLU UE 74 -72.26 -76.14 73.10
C GLU UE 74 -73.07 -76.14 71.80
N THR UE 75 -74.33 -75.72 71.89
CA THR UE 75 -75.27 -75.85 70.78
C THR UE 75 -74.99 -74.78 69.72
N LEU UE 76 -73.90 -74.98 69.00
CA LEU UE 76 -73.53 -74.06 67.93
C LEU UE 76 -74.50 -74.17 66.77
N VAL UE 77 -74.68 -73.08 66.04
CA VAL UE 77 -75.59 -73.02 64.89
C VAL UE 77 -74.79 -73.16 63.61
N ARG UE 78 -75.23 -74.07 62.74
CA ARG UE 78 -74.56 -74.33 61.47
C ARG UE 78 -74.95 -73.31 60.40
N GLY UE 79 -76.24 -73.24 60.07
CA GLY UE 79 -76.72 -72.34 59.04
C GLY UE 79 -78.18 -71.99 59.24
N GLN UE 80 -78.80 -71.36 58.24
CA GLN UE 80 -80.19 -70.92 58.35
C GLN UE 80 -80.93 -71.23 57.06
N CYS UE 81 -82.24 -71.42 57.18
CA CYS UE 81 -83.13 -71.60 56.04
C CYS UE 81 -83.90 -70.32 55.80
N VAL UE 82 -83.82 -69.80 54.58
CA VAL UE 82 -84.35 -68.48 54.24
C VAL UE 82 -85.52 -68.64 53.28
N VAL UE 83 -86.65 -68.04 53.61
CA VAL UE 83 -87.82 -68.02 52.75
C VAL UE 83 -88.24 -66.57 52.55
N ASP UE 84 -88.26 -66.11 51.31
CA ASP UE 84 -88.63 -64.73 50.98
C ASP UE 84 -89.92 -64.76 50.18
N ILE UE 85 -90.96 -64.12 50.70
CA ILE UE 85 -92.23 -64.04 49.99
C ILE UE 85 -92.49 -62.59 49.59
N ASN UE 86 -92.05 -62.20 48.39
CA ASN UE 86 -92.32 -60.87 47.91
C ASN UE 86 -93.69 -60.79 47.23
N ILE UE 87 -94.38 -59.69 47.47
CA ILE UE 87 -95.71 -59.46 46.92
C ILE UE 87 -95.73 -58.08 46.28
N VAL UE 88 -96.23 -58.01 45.04
CA VAL UE 88 -96.38 -56.75 44.34
C VAL UE 88 -97.79 -56.71 43.76
N ILE UE 89 -98.58 -55.73 44.18
CA ILE UE 89 -99.94 -55.53 43.69
C ILE UE 89 -100.05 -54.11 43.17
N PRO UE 90 -100.40 -53.89 41.91
CA PRO UE 90 -100.43 -52.54 41.36
C PRO UE 90 -101.65 -51.78 41.85
N ARG UE 91 -101.66 -50.48 41.52
CA ARG UE 91 -102.78 -49.62 41.93
C ARG UE 91 -104.07 -50.01 41.23
N VAL UE 92 -103.97 -50.53 40.01
CA VAL UE 92 -105.14 -50.83 39.19
C VAL UE 92 -105.85 -52.08 39.70
N ALA UE 93 -105.32 -52.67 40.76
CA ALA UE 93 -105.86 -53.91 41.29
C ALA UE 93 -107.12 -53.65 42.10
N THR UE 94 -108.17 -54.42 41.82
CA THR UE 94 -109.36 -54.37 42.66
C THR UE 94 -109.10 -55.11 43.97
N ALA UE 95 -110.07 -55.02 44.88
CA ALA UE 95 -109.93 -55.67 46.17
C ALA UE 95 -110.07 -57.17 46.10
N THR UE 96 -110.53 -57.72 44.98
CA THR UE 96 -110.71 -59.15 44.85
C THR UE 96 -109.58 -59.82 44.07
N ASP UE 97 -108.95 -59.11 43.14
CA ASP UE 97 -107.77 -59.67 42.48
C ASP UE 97 -106.61 -59.82 43.45
N ARG UE 98 -106.46 -58.87 44.38
CA ARG UE 98 -105.40 -58.97 45.36
C ARG UE 98 -105.61 -60.15 46.29
N ALA UE 99 -106.85 -60.36 46.74
CA ALA UE 99 -107.14 -61.51 47.59
C ALA UE 99 -107.02 -62.81 46.82
N GLU UE 100 -107.39 -62.80 45.54
CA GLU UE 100 -107.25 -64.00 44.71
C GLU UE 100 -105.80 -64.38 44.51
N ALA UE 101 -104.94 -63.39 44.22
CA ALA UE 101 -103.55 -63.69 43.91
C ALA UE 101 -102.80 -64.18 45.14
N ILE UE 102 -103.00 -63.52 46.28
CA ILE UE 102 -102.21 -63.84 47.47
C ILE UE 102 -102.54 -65.25 47.96
N LYS UE 103 -103.83 -65.59 48.01
CA LYS UE 103 -104.20 -66.90 48.53
C LYS UE 103 -103.81 -68.02 47.57
N ARG UE 104 -103.84 -67.75 46.26
CA ARG UE 104 -103.47 -68.77 45.30
C ARG UE 104 -101.99 -69.09 45.36
N ALA UE 105 -101.15 -68.05 45.34
CA ALA UE 105 -99.71 -68.27 45.36
C ALA UE 105 -99.25 -68.91 46.66
N PHE UE 106 -99.97 -68.69 47.76
CA PHE UE 106 -99.65 -69.38 49.00
C PHE UE 106 -100.20 -70.79 49.02
N ASP UE 107 -101.00 -71.17 48.03
CA ASP UE 107 -101.49 -72.53 47.90
C ASP UE 107 -100.55 -73.42 47.10
N VAL UE 108 -99.38 -72.90 46.73
CA VAL UE 108 -98.42 -73.69 45.96
C VAL UE 108 -97.99 -74.91 46.75
N LEU UE 109 -97.66 -74.71 48.04
CA LEU UE 109 -97.14 -75.80 48.85
C LEU UE 109 -98.11 -76.97 48.93
N ASN UE 110 -99.41 -76.70 48.89
CA ASN UE 110 -100.38 -77.79 48.85
C ASN UE 110 -100.35 -78.52 47.52
N ALA UE 111 -100.10 -77.79 46.42
CA ALA UE 111 -100.12 -78.40 45.09
C ALA UE 111 -98.72 -78.84 44.67
N LEU UE 112 -97.77 -77.92 44.62
CA LEU UE 112 -96.40 -78.23 44.21
C LEU UE 112 -95.58 -78.63 45.44
N ASN UE 113 -96.04 -79.70 46.10
CA ASN UE 113 -95.57 -80.02 47.43
C ASN UE 113 -94.18 -80.67 47.39
N ALA UE 114 -94.07 -81.82 46.74
CA ALA UE 114 -92.89 -82.67 46.89
C ALA UE 114 -91.59 -81.99 46.47
N GLU UE 115 -91.65 -81.01 45.57
CA GLU UE 115 -90.43 -80.34 45.13
C GLU UE 115 -89.97 -79.25 46.09
N LEU UE 116 -90.83 -78.82 47.02
CA LEU UE 116 -90.47 -77.82 48.01
C LEU UE 116 -90.06 -78.45 49.34
N ILE UE 117 -90.91 -79.31 49.88
CA ILE UE 117 -90.64 -79.93 51.18
C ILE UE 117 -89.39 -80.79 51.11
N THR UE 118 -89.31 -81.65 50.09
CA THR UE 118 -88.25 -82.65 50.02
C THR UE 118 -87.00 -82.12 49.31
N GLY UE 119 -87.14 -81.15 48.43
CA GLY UE 119 -86.01 -80.58 47.74
C GLY UE 119 -85.62 -81.27 46.45
N GLU UE 120 -86.35 -82.31 46.04
CA GLU UE 120 -86.02 -83.01 44.81
C GLU UE 120 -86.25 -82.12 43.59
N GLY UE 121 -85.43 -82.33 42.56
CA GLY UE 121 -85.54 -81.60 41.33
C GLY UE 121 -86.37 -82.36 40.32
N GLN UE 122 -87.49 -81.77 39.91
CA GLN UE 122 -88.39 -82.44 38.99
C GLN UE 122 -87.74 -82.63 37.62
N TRP UE 123 -88.09 -83.74 36.97
CA TRP UE 123 -87.50 -84.09 35.70
C TRP UE 123 -88.50 -83.96 34.56
N ALA VE 1 -96.16 -59.51 77.63
CA ALA VE 1 -95.16 -58.48 77.46
C ALA VE 1 -95.71 -57.28 76.70
N ALA VE 2 -97.01 -57.02 76.87
CA ALA VE 2 -97.65 -55.86 76.29
C ALA VE 2 -97.46 -54.65 77.20
N ARG VE 3 -97.65 -53.47 76.63
CA ARG VE 3 -97.43 -52.24 77.38
C ARG VE 3 -98.60 -51.96 78.31
N SER VE 4 -98.33 -51.89 79.60
CA SER VE 4 -99.32 -51.57 80.61
C SER VE 4 -98.62 -50.86 81.76
N SER VE 5 -99.41 -50.43 82.74
CA SER VE 5 -98.85 -49.71 83.88
C SER VE 5 -98.00 -50.64 84.73
N ILE VE 6 -96.87 -50.12 85.21
CA ILE VE 6 -95.96 -50.86 86.07
C ILE VE 6 -95.90 -50.15 87.42
N VAL VE 7 -95.57 -50.92 88.46
CA VAL VE 7 -95.79 -50.50 89.84
C VAL VE 7 -94.47 -50.48 90.61
N LEU VE 8 -93.40 -50.00 89.96
CA LEU VE 8 -92.11 -49.80 90.61
C LEU VE 8 -92.27 -49.33 92.05
N THR VE 9 -91.60 -50.02 92.97
CA THR VE 9 -91.74 -49.72 94.39
C THR VE 9 -90.43 -50.04 95.10
N ASP VE 10 -90.21 -49.36 96.22
CA ASP VE 10 -89.05 -49.60 97.07
C ASP VE 10 -89.40 -50.35 98.33
N GLY VE 11 -90.68 -50.61 98.57
CA GLY VE 11 -91.11 -51.27 99.79
C GLY VE 11 -92.01 -50.41 100.62
N THR VE 12 -91.73 -49.10 100.64
CA THR VE 12 -92.51 -48.16 101.44
C THR VE 12 -93.60 -47.49 100.62
N THR VE 13 -93.23 -46.79 99.56
CA THR VE 13 -94.17 -46.04 98.74
C THR VE 13 -94.11 -46.53 97.30
N PRO VE 14 -95.12 -47.23 96.80
CA PRO VE 14 -95.12 -47.61 95.38
C PRO VE 14 -95.48 -46.44 94.48
N VAL VE 15 -94.88 -46.41 93.31
CA VAL VE 15 -95.19 -45.42 92.28
C VAL VE 15 -95.62 -46.18 91.03
N THR VE 16 -96.73 -45.77 90.44
CA THR VE 16 -97.31 -46.44 89.28
C THR VE 16 -96.97 -45.63 88.03
N LEU VE 17 -96.21 -46.22 87.12
CA LEU VE 17 -95.86 -45.58 85.88
C LEU VE 17 -96.73 -46.13 84.76
N THR VE 18 -97.32 -45.24 83.96
CA THR VE 18 -98.13 -45.62 82.82
C THR VE 18 -97.44 -45.21 81.53
N PRO VE 19 -97.58 -45.98 80.45
CA PRO VE 19 -96.88 -45.65 79.21
C PRO VE 19 -97.31 -44.29 78.68
N VAL VE 20 -96.36 -43.55 78.11
CA VAL VE 20 -96.67 -42.27 77.49
C VAL VE 20 -96.05 -42.21 76.10
N GLY VE 21 -95.80 -43.37 75.51
CA GLY VE 21 -95.37 -43.38 74.13
C GLY VE 21 -94.21 -44.29 73.80
N GLY VE 22 -93.43 -43.92 72.78
CA GLY VE 22 -92.22 -44.62 72.43
C GLY VE 22 -92.21 -45.26 71.05
N GLY VE 23 -93.29 -45.92 70.68
CA GLY VE 23 -93.30 -46.63 69.41
C GLY VE 23 -92.57 -47.95 69.47
N VAL VE 24 -91.96 -48.37 68.36
CA VAL VE 24 -91.29 -49.66 68.28
C VAL VE 24 -89.84 -49.48 68.68
N GLY VE 25 -89.30 -50.44 69.41
CA GLY VE 25 -87.94 -50.37 69.88
C GLY VE 25 -87.73 -49.59 71.17
N GLN VE 26 -88.79 -49.06 71.77
CA GLN VE 26 -88.65 -48.34 73.04
C GLN VE 26 -90.04 -48.17 73.64
N THR VE 27 -90.05 -47.71 74.89
CA THR VE 27 -91.30 -47.46 75.60
C THR VE 27 -91.03 -46.45 76.70
N LEU VE 28 -91.75 -45.34 76.68
CA LEU VE 28 -91.64 -44.33 77.72
C LEU VE 28 -92.69 -44.56 78.78
N TYR VE 29 -92.33 -44.28 80.03
CA TYR VE 29 -93.25 -44.36 81.15
C TYR VE 29 -93.20 -43.06 81.92
N ARG VE 30 -94.27 -42.80 82.68
CA ARG VE 30 -94.29 -41.63 83.55
C ARG VE 30 -95.45 -41.72 84.54
N ALA VE 31 -95.19 -41.47 85.81
CA ALA VE 31 -96.23 -41.50 86.81
C ALA VE 31 -97.13 -40.28 86.66
N THR VE 32 -98.19 -40.21 87.46
CA THR VE 32 -99.07 -39.04 87.38
C THR VE 32 -98.51 -37.87 88.19
N ALA VE 33 -98.49 -38.01 89.52
CA ALA VE 33 -98.05 -36.95 90.44
C ALA VE 33 -98.45 -35.58 89.94
N GLU VE 34 -99.73 -35.47 89.56
CA GLU VE 34 -100.22 -34.34 88.79
C GLU VE 34 -100.04 -33.03 89.55
N ALA VE 35 -99.86 -31.95 88.80
CA ALA VE 35 -99.70 -30.61 89.39
C ALA VE 35 -98.50 -30.58 90.33
N LEU VE 36 -97.31 -30.66 89.74
CA LEU VE 36 -97.00 -30.41 88.34
C LEU VE 36 -96.82 -31.71 87.54
N SER VE 37 -96.97 -31.62 86.22
CA SER VE 37 -96.88 -32.79 85.35
C SER VE 37 -95.45 -33.20 85.03
N ALA VE 38 -94.49 -32.29 85.18
CA ALA VE 38 -93.09 -32.60 84.92
C ALA VE 38 -92.34 -33.03 86.17
N ALA VE 39 -93.00 -33.04 87.32
CA ALA VE 39 -92.39 -33.46 88.57
C ALA VE 39 -92.84 -34.86 88.97
N ASN VE 40 -92.48 -35.85 88.15
CA ASN VE 40 -92.80 -37.23 88.45
C ASN VE 40 -91.82 -38.14 87.72
N PRO VE 41 -91.56 -39.34 88.24
CA PRO VE 41 -90.53 -40.19 87.67
C PRO VE 41 -90.89 -40.72 86.29
N SER VE 42 -89.87 -41.18 85.59
CA SER VE 42 -90.02 -41.71 84.23
C SER VE 42 -89.09 -42.90 84.05
N LEU VE 43 -89.44 -43.77 83.10
CA LEU VE 43 -88.71 -45.02 82.88
C LEU VE 43 -88.47 -45.30 81.40
N SER VE 44 -87.86 -44.35 80.69
CA SER VE 44 -87.48 -44.60 79.31
C SER VE 44 -86.75 -45.93 79.17
N PHE VE 45 -87.36 -46.86 78.44
CA PHE VE 45 -86.85 -48.22 78.30
C PHE VE 45 -86.75 -48.58 76.83
N GLY VE 46 -85.53 -48.83 76.36
CA GLY VE 46 -85.30 -49.21 74.98
C GLY VE 46 -84.80 -50.63 74.85
N TYR VE 47 -84.72 -51.08 73.60
CA TYR VE 47 -84.25 -52.42 73.26
C TYR VE 47 -84.12 -52.53 71.76
N ARG VE 48 -83.14 -53.31 71.31
CA ARG VE 48 -82.89 -53.50 69.88
C ARG VE 48 -82.01 -54.71 69.70
N PHE VE 49 -81.91 -55.18 68.46
CA PHE VE 49 -81.03 -56.27 68.09
C PHE VE 49 -80.11 -55.79 66.97
N THR VE 50 -78.81 -55.98 67.16
CA THR VE 50 -77.82 -55.53 66.19
C THR VE 50 -77.71 -56.54 65.06
N ASP VE 51 -76.63 -56.43 64.28
CA ASP VE 51 -76.41 -57.35 63.16
C ASP VE 51 -76.48 -58.80 63.62
N GLY VE 52 -75.89 -59.10 64.77
CA GLY VE 52 -76.01 -60.44 65.33
C GLY VE 52 -77.27 -60.59 66.16
N GLY VE 53 -77.18 -61.35 67.24
CA GLY VE 53 -78.29 -61.48 68.16
C GLY VE 53 -78.06 -60.67 69.41
N THR VE 54 -77.16 -59.70 69.31
CA THR VE 54 -76.75 -58.90 70.47
C THR VE 54 -77.92 -58.03 70.90
N ASN VE 55 -78.61 -58.46 71.96
CA ASN VE 55 -79.78 -57.78 72.48
C ASN VE 55 -79.31 -56.64 73.38
N ARG VE 56 -79.33 -55.41 72.86
CA ARG VE 56 -78.85 -54.24 73.59
C ARG VE 56 -80.04 -53.54 74.25
N GLN VE 57 -80.50 -54.09 75.36
CA GLN VE 57 -81.52 -53.41 76.13
C GLN VE 57 -80.92 -52.21 76.86
N SER VE 58 -81.79 -51.30 77.29
CA SER VE 58 -81.35 -50.06 77.90
C SER VE 58 -82.47 -49.39 78.68
N LEU VE 59 -82.24 -49.06 79.94
CA LEU VE 59 -83.22 -48.40 80.78
C LEU VE 59 -82.66 -47.10 81.30
N SER VE 60 -83.56 -46.23 81.77
CA SER VE 60 -83.15 -44.96 82.34
C SER VE 60 -84.29 -44.46 83.21
N TYR VE 61 -84.07 -44.45 84.52
CA TYR VE 61 -85.10 -44.07 85.49
C TYR VE 61 -84.68 -42.74 86.12
N LYS VE 62 -85.43 -41.68 85.82
CA LYS VE 62 -85.18 -40.36 86.36
C LYS VE 62 -86.29 -40.01 87.34
N GLN VE 63 -85.92 -39.62 88.55
CA GLN VE 63 -86.87 -39.20 89.56
C GLN VE 63 -86.56 -37.77 89.95
N PRO VE 64 -87.43 -36.80 89.65
CA PRO VE 64 -87.13 -35.41 89.98
C PRO VE 64 -87.36 -35.12 91.45
N ILE VE 65 -86.58 -34.16 91.96
CA ILE VE 65 -86.63 -33.77 93.36
C ILE VE 65 -87.53 -32.55 93.46
N THR VE 66 -88.66 -32.70 94.15
CA THR VE 66 -89.67 -31.66 94.24
C THR VE 66 -89.53 -30.90 95.55
N ALA VE 67 -90.18 -29.73 95.59
CA ALA VE 67 -90.18 -28.90 96.79
C ALA VE 67 -91.38 -27.98 96.71
N VAL VE 68 -92.39 -28.24 97.54
CA VAL VE 68 -93.63 -27.46 97.50
C VAL VE 68 -93.36 -26.10 98.14
N ASP VE 69 -93.40 -25.04 97.34
CA ASP VE 69 -93.12 -23.69 97.79
C ASP VE 69 -94.38 -23.14 98.47
N SER VE 70 -94.41 -23.19 99.79
CA SER VE 70 -95.61 -22.83 100.54
C SER VE 70 -96.00 -21.37 100.35
N THR VE 71 -95.04 -20.49 100.05
CA THR VE 71 -95.36 -19.09 99.83
C THR VE 71 -96.29 -18.92 98.63
N THR VE 72 -95.93 -19.52 97.50
CA THR VE 72 -96.70 -19.40 96.28
C THR VE 72 -97.62 -20.59 96.05
N SER VE 73 -97.37 -21.71 96.71
CA SER VE 73 -98.14 -22.96 96.56
C SER VE 73 -98.01 -23.51 95.14
N GLU VE 74 -96.76 -23.69 94.72
CA GLU VE 74 -96.44 -24.32 93.45
C GLU VE 74 -95.28 -25.28 93.67
N THR VE 75 -95.25 -26.35 92.89
CA THR VE 75 -94.20 -27.35 93.01
C THR VE 75 -93.00 -26.95 92.17
N LEU VE 76 -91.83 -26.91 92.79
CA LEU VE 76 -90.59 -26.55 92.13
C LEU VE 76 -89.72 -27.78 91.97
N VAL VE 77 -89.06 -27.88 90.83
CA VAL VE 77 -88.19 -29.02 90.53
C VAL VE 77 -86.75 -28.58 90.68
N ARG VE 78 -86.04 -29.20 91.61
CA ARG VE 78 -84.67 -28.81 91.93
C ARG VE 78 -83.64 -29.63 91.18
N GLY VE 79 -83.95 -30.89 90.87
CA GLY VE 79 -83.02 -31.74 90.17
C GLY VE 79 -83.60 -33.13 90.07
N GLN VE 80 -82.86 -34.03 89.43
CA GLN VE 80 -83.35 -35.38 89.23
C GLN VE 80 -82.23 -36.40 89.47
N CYS VE 81 -82.61 -37.51 90.11
CA CYS VE 81 -81.70 -38.64 90.27
C CYS VE 81 -81.87 -39.57 89.08
N VAL VE 82 -80.77 -39.86 88.39
CA VAL VE 82 -80.79 -40.63 87.16
C VAL VE 82 -80.10 -41.97 87.41
N VAL VE 83 -80.74 -43.05 86.99
CA VAL VE 83 -80.19 -44.39 87.11
C VAL VE 83 -80.29 -45.07 85.75
N ASP VE 84 -79.17 -45.21 85.06
CA ASP VE 84 -79.11 -45.90 83.78
C ASP VE 84 -78.69 -47.34 83.99
N ILE VE 85 -79.34 -48.25 83.27
CA ILE VE 85 -79.04 -49.69 83.37
C ILE VE 85 -78.95 -50.21 81.93
N ASN VE 86 -77.74 -50.24 81.39
CA ASN VE 86 -77.55 -50.82 80.06
C ASN VE 86 -77.27 -52.31 80.19
N ILE VE 87 -77.89 -53.08 79.31
CA ILE VE 87 -77.75 -54.53 79.29
C ILE VE 87 -77.34 -54.95 77.89
N VAL VE 88 -76.23 -55.67 77.78
CA VAL VE 88 -75.78 -56.23 76.51
C VAL VE 88 -75.70 -57.74 76.67
N ILE VE 89 -76.33 -58.45 75.74
CA ILE VE 89 -76.34 -59.92 75.78
C ILE VE 89 -75.85 -60.41 74.42
N PRO VE 90 -74.73 -61.12 74.36
CA PRO VE 90 -74.17 -61.47 73.06
C PRO VE 90 -74.98 -62.48 72.29
N ARG VE 91 -74.59 -62.74 71.05
CA ARG VE 91 -75.30 -63.68 70.19
C ARG VE 91 -75.23 -65.11 70.70
N VAL VE 92 -74.21 -65.44 71.49
CA VAL VE 92 -73.93 -66.82 71.87
C VAL VE 92 -74.44 -67.15 73.26
N ALA VE 93 -75.29 -66.31 73.84
CA ALA VE 93 -75.69 -66.45 75.23
C ALA VE 93 -76.89 -67.39 75.35
N THR VE 94 -76.74 -68.41 76.20
CA THR VE 94 -77.83 -69.32 76.47
C THR VE 94 -78.95 -68.59 77.22
N ALA VE 95 -80.17 -69.14 77.12
CA ALA VE 95 -81.33 -68.53 77.74
C ALA VE 95 -81.27 -68.57 79.27
N THR VE 96 -80.45 -69.45 79.85
CA THR VE 96 -80.29 -69.49 81.30
C THR VE 96 -79.11 -68.68 81.80
N ASP VE 97 -78.17 -68.33 80.92
CA ASP VE 97 -77.11 -67.40 81.31
C ASP VE 97 -77.63 -65.97 81.36
N ARG VE 98 -78.65 -65.64 80.56
CA ARG VE 98 -79.27 -64.34 80.64
C ARG VE 98 -79.87 -64.11 82.03
N ALA VE 99 -80.61 -65.10 82.53
CA ALA VE 99 -81.18 -64.97 83.87
C ALA VE 99 -80.09 -64.91 84.93
N GLU VE 100 -79.04 -65.71 84.78
CA GLU VE 100 -77.95 -65.67 85.76
C GLU VE 100 -77.27 -64.30 85.76
N ALA VE 101 -77.00 -63.75 84.58
CA ALA VE 101 -76.30 -62.48 84.51
C ALA VE 101 -77.17 -61.34 85.02
N ILE VE 102 -78.42 -61.26 84.56
CA ILE VE 102 -79.26 -60.12 84.89
C ILE VE 102 -79.60 -60.10 86.37
N LYS VE 103 -80.06 -61.23 86.92
CA LYS VE 103 -80.44 -61.24 88.32
C LYS VE 103 -79.25 -61.08 89.25
N ARG VE 104 -78.06 -61.45 88.81
CA ARG VE 104 -76.87 -61.21 89.63
C ARG VE 104 -76.49 -59.75 89.63
N ALA VE 105 -76.54 -59.10 88.46
CA ALA VE 105 -76.22 -57.68 88.39
C ALA VE 105 -77.18 -56.84 89.22
N PHE VE 106 -78.47 -57.16 89.15
CA PHE VE 106 -79.47 -56.46 89.95
C PHE VE 106 -79.42 -56.86 91.41
N ASP VE 107 -78.63 -57.87 91.77
CA ASP VE 107 -78.44 -58.23 93.17
C ASP VE 107 -77.30 -57.45 93.82
N VAL VE 108 -76.69 -56.52 93.10
CA VAL VE 108 -75.64 -55.69 93.68
C VAL VE 108 -76.20 -54.89 94.86
N LEU VE 109 -77.39 -54.34 94.69
CA LEU VE 109 -78.00 -53.52 95.73
C LEU VE 109 -78.09 -54.27 97.05
N ASN VE 110 -78.23 -55.59 97.01
CA ASN VE 110 -78.20 -56.37 98.24
C ASN VE 110 -76.79 -56.70 98.70
N ALA VE 111 -75.81 -56.65 97.80
CA ALA VE 111 -74.42 -56.91 98.18
C ALA VE 111 -73.69 -55.60 98.49
N LEU VE 112 -73.66 -54.68 97.53
CA LEU VE 112 -73.00 -53.40 97.68
C LEU VE 112 -74.01 -52.34 98.16
N ASN VE 113 -74.65 -52.66 99.29
CA ASN VE 113 -75.81 -51.90 99.72
C ASN VE 113 -75.42 -50.53 100.27
N ALA VE 114 -74.56 -50.51 101.29
CA ALA VE 114 -74.24 -49.25 101.96
C ALA VE 114 -73.54 -48.26 101.03
N GLU VE 115 -72.87 -48.75 100.00
CA GLU VE 115 -72.20 -47.85 99.06
C GLU VE 115 -73.17 -47.20 98.09
N LEU VE 116 -74.43 -47.63 98.07
CA LEU VE 116 -75.43 -47.09 97.15
C LEU VE 116 -76.57 -46.40 97.85
N ILE VE 117 -77.15 -47.04 98.87
CA ILE VE 117 -78.31 -46.46 99.55
C ILE VE 117 -77.93 -45.19 100.29
N THR VE 118 -76.80 -45.20 101.01
CA THR VE 118 -76.37 -44.05 101.78
C THR VE 118 -75.37 -43.17 101.07
N GLY VE 119 -74.63 -43.71 100.10
CA GLY VE 119 -73.68 -42.92 99.34
C GLY VE 119 -72.26 -42.97 99.83
N GLU VE 120 -71.93 -43.86 100.76
CA GLU VE 120 -70.57 -43.95 101.28
C GLU VE 120 -69.61 -44.40 100.18
N GLY VE 121 -68.35 -44.44 100.54
CA GLY VE 121 -67.34 -45.10 99.73
C GLY VE 121 -66.61 -46.08 100.61
N GLN VE 122 -66.24 -47.21 100.02
CA GLN VE 122 -65.57 -48.25 100.79
C GLN VE 122 -64.11 -47.89 101.03
N TRP VE 123 -63.67 -48.08 102.28
CA TRP VE 123 -62.34 -47.66 102.69
C TRP VE 123 -61.36 -48.83 102.80
N ALA WE 1 -68.88 -50.14 104.07
CA ALA WE 1 -67.82 -50.77 104.86
C ALA WE 1 -66.58 -50.97 104.01
N ALA WE 2 -65.57 -51.64 104.58
CA ALA WE 2 -64.32 -51.83 103.88
C ALA WE 2 -64.49 -52.83 102.74
N ARG WE 3 -63.53 -52.80 101.81
CA ARG WE 3 -63.55 -53.74 100.69
C ARG WE 3 -63.53 -55.17 101.22
N SER WE 4 -64.60 -55.92 100.97
CA SER WE 4 -64.68 -57.29 101.43
C SER WE 4 -65.17 -58.21 100.32
N SER WE 5 -65.53 -59.44 100.66
CA SER WE 5 -66.03 -60.39 99.68
C SER WE 5 -67.54 -60.28 99.58
N ILE WE 6 -68.04 -60.05 98.36
CA ILE WE 6 -69.47 -59.94 98.11
C ILE WE 6 -69.98 -61.27 97.56
N VAL WE 7 -71.28 -61.49 97.73
CA VAL WE 7 -71.88 -62.81 97.53
C VAL WE 7 -72.95 -62.67 96.45
N LEU WE 8 -72.65 -61.87 95.42
CA LEU WE 8 -73.54 -61.70 94.28
C LEU WE 8 -74.18 -63.02 93.86
N THR WE 9 -75.51 -63.07 93.91
CA THR WE 9 -76.26 -64.30 93.69
C THR WE 9 -77.47 -64.00 92.81
N ASP WE 10 -78.28 -65.04 92.57
CA ASP WE 10 -79.53 -64.87 91.85
C ASP WE 10 -80.67 -65.68 92.45
N GLY WE 11 -80.49 -66.26 93.63
CA GLY WE 11 -81.49 -67.09 94.26
C GLY WE 11 -81.17 -68.57 94.20
N THR WE 12 -80.40 -69.01 93.20
CA THR WE 12 -80.02 -70.40 93.06
C THR WE 12 -78.52 -70.62 93.12
N THR WE 13 -77.74 -69.88 92.33
CA THR WE 13 -76.31 -70.13 92.19
C THR WE 13 -75.52 -68.90 92.63
N PRO WE 14 -75.08 -68.83 93.88
CA PRO WE 14 -74.29 -67.68 94.32
C PRO WE 14 -72.87 -67.71 93.76
N VAL WE 15 -72.27 -66.53 93.71
CA VAL WE 15 -70.89 -66.37 93.29
C VAL WE 15 -70.23 -65.38 94.25
N THR WE 16 -69.08 -65.76 94.81
CA THR WE 16 -68.35 -64.92 95.75
C THR WE 16 -67.22 -64.21 95.02
N LEU WE 17 -67.15 -62.89 95.19
CA LEU WE 17 -66.16 -62.05 94.52
C LEU WE 17 -65.31 -61.33 95.55
N THR WE 18 -64.00 -61.36 95.37
CA THR WE 18 -63.06 -60.68 96.25
C THR WE 18 -62.30 -59.61 95.48
N PRO WE 19 -62.01 -58.47 96.10
CA PRO WE 19 -61.39 -57.37 95.36
C PRO WE 19 -60.03 -57.75 94.78
N VAL WE 20 -59.78 -57.31 93.55
CA VAL WE 20 -58.56 -57.67 92.84
C VAL WE 20 -57.86 -56.44 92.30
N GLY WE 21 -58.08 -55.30 92.92
CA GLY WE 21 -57.35 -54.12 92.51
C GLY WE 21 -58.20 -52.87 92.70
N GLY WE 22 -57.93 -51.89 91.83
CA GLY WE 22 -58.67 -50.64 91.88
C GLY WE 22 -57.83 -49.46 92.32
N GLY WE 23 -58.33 -48.71 93.30
CA GLY WE 23 -57.65 -47.52 93.78
C GLY WE 23 -58.54 -46.71 94.69
N VAL WE 24 -58.58 -45.40 94.48
CA VAL WE 24 -59.48 -44.51 95.20
C VAL WE 24 -60.67 -44.21 94.30
N GLY WE 25 -61.88 -44.42 94.81
CA GLY WE 25 -63.06 -44.31 93.98
C GLY WE 25 -63.03 -45.32 92.84
N GLN WE 26 -62.62 -46.55 93.15
CA GLN WE 26 -62.55 -47.62 92.17
C GLN WE 26 -62.31 -48.92 92.92
N THR WE 27 -62.98 -49.99 92.48
CA THR WE 27 -62.88 -51.27 93.18
C THR WE 27 -63.22 -52.37 92.18
N LEU WE 28 -62.22 -53.16 91.80
CA LEU WE 28 -62.46 -54.32 90.96
C LEU WE 28 -62.96 -55.49 91.81
N TYR WE 29 -63.42 -56.53 91.12
CA TYR WE 29 -63.86 -57.75 91.77
C TYR WE 29 -63.63 -58.91 90.81
N ARG WE 30 -63.63 -60.12 91.35
CA ARG WE 30 -63.56 -61.34 90.56
C ARG WE 30 -63.77 -62.52 91.48
N ALA WE 31 -64.13 -63.65 90.91
CA ALA WE 31 -64.43 -64.87 91.65
C ALA WE 31 -63.21 -65.79 91.69
N THR WE 32 -63.40 -67.01 92.18
CA THR WE 32 -62.29 -67.91 92.49
C THR WE 32 -61.84 -68.77 91.30
N ALA WE 33 -62.75 -69.14 90.41
CA ALA WE 33 -62.40 -70.05 89.31
C ALA WE 33 -61.38 -69.41 88.38
N GLU WE 34 -60.62 -70.23 87.67
CA GLU WE 34 -59.47 -69.77 86.90
C GLU WE 34 -59.61 -70.18 85.44
N ALA WE 35 -59.35 -69.24 84.55
CA ALA WE 35 -59.41 -69.51 83.11
C ALA WE 35 -58.38 -68.63 82.41
N LEU WE 36 -58.31 -68.73 81.08
CA LEU WE 36 -57.24 -68.12 80.31
C LEU WE 36 -57.61 -66.75 79.77
N SER WE 37 -58.69 -66.65 79.00
CA SER WE 37 -59.08 -65.38 78.38
C SER WE 37 -60.00 -64.57 79.30
N ALA WE 38 -61.15 -65.13 79.65
CA ALA WE 38 -62.09 -64.48 80.55
C ALA WE 38 -62.28 -65.40 81.75
N ALA WE 39 -61.86 -64.94 82.92
CA ALA WE 39 -61.85 -65.82 84.08
C ALA WE 39 -63.23 -65.96 84.69
N ASN WE 40 -63.78 -64.86 85.21
CA ASN WE 40 -64.95 -64.93 86.07
C ASN WE 40 -65.79 -63.66 85.96
N PRO WE 41 -66.93 -63.58 86.64
CA PRO WE 41 -67.61 -62.30 86.78
C PRO WE 41 -66.71 -61.25 87.41
N SER WE 42 -66.77 -60.03 86.88
CA SER WE 42 -65.87 -58.95 87.31
C SER WE 42 -66.68 -57.67 87.46
N LEU WE 43 -67.02 -57.34 88.70
CA LEU WE 43 -67.89 -56.20 89.01
C LEU WE 43 -67.04 -55.00 89.39
N SER WE 44 -66.87 -54.06 88.46
CA SER WE 44 -66.15 -52.84 88.75
C SER WE 44 -67.09 -51.80 89.36
N PHE WE 45 -66.55 -50.99 90.26
CA PHE WE 45 -67.33 -50.01 91.02
C PHE WE 45 -66.57 -48.69 91.01
N GLY WE 46 -67.11 -47.68 90.33
CA GLY WE 46 -66.34 -46.48 90.04
C GLY WE 46 -66.86 -45.18 90.61
N TYR WE 47 -67.28 -45.18 91.88
CA TYR WE 47 -67.87 -44.00 92.48
C TYR WE 47 -66.88 -42.83 92.51
N ARG WE 48 -67.44 -41.62 92.51
CA ARG WE 48 -66.66 -40.38 92.57
C ARG WE 48 -67.61 -39.25 92.90
N PHE WE 49 -67.07 -38.04 92.98
CA PHE WE 49 -67.85 -36.82 93.19
C PHE WE 49 -67.52 -35.82 92.09
N THR WE 50 -68.14 -34.65 92.14
CA THR WE 50 -68.04 -33.69 91.06
C THR WE 50 -68.06 -32.29 91.68
N ASP WE 51 -68.35 -31.27 90.87
CA ASP WE 51 -68.35 -29.90 91.34
C ASP WE 51 -69.28 -29.71 92.53
N GLY WE 52 -70.50 -30.23 92.42
CA GLY WE 52 -71.42 -30.26 93.53
C GLY WE 52 -71.31 -31.55 94.31
N GLY WE 53 -72.39 -31.90 94.99
CA GLY WE 53 -72.47 -33.19 95.66
C GLY WE 53 -72.92 -34.26 94.69
N THR WE 54 -72.58 -34.08 93.41
CA THR WE 54 -73.09 -34.97 92.36
C THR WE 54 -72.41 -36.31 92.46
N ASN WE 55 -72.95 -37.20 93.29
CA ASN WE 55 -72.37 -38.51 93.53
C ASN WE 55 -72.54 -39.35 92.27
N ARG WE 56 -71.50 -39.39 91.45
CA ARG WE 56 -71.58 -40.00 90.12
C ARG WE 56 -71.04 -41.43 90.17
N GLN WE 57 -71.79 -42.29 90.85
CA GLN WE 57 -71.41 -43.70 90.95
C GLN WE 57 -71.55 -44.37 89.59
N SER WE 58 -70.93 -45.54 89.46
CA SER WE 58 -70.90 -46.27 88.20
C SER WE 58 -70.52 -47.70 88.47
N LEU WE 59 -71.14 -48.63 87.74
CA LEU WE 59 -70.91 -50.05 87.92
C LEU WE 59 -70.79 -50.73 86.56
N SER WE 60 -70.29 -51.95 86.58
CA SER WE 60 -70.25 -52.79 85.39
C SER WE 60 -70.01 -54.24 85.79
N TYR WE 61 -70.97 -55.12 85.51
CA TYR WE 61 -70.89 -56.53 85.89
C TYR WE 61 -70.83 -57.36 84.62
N LYS WE 62 -69.66 -57.88 84.30
CA LYS WE 62 -69.46 -58.72 83.14
C LYS WE 62 -69.42 -60.18 83.59
N GLN WE 63 -70.22 -61.01 82.96
CA GLN WE 63 -70.20 -62.46 83.22
C GLN WE 63 -69.85 -63.19 81.94
N PRO WE 64 -68.69 -63.83 81.85
CA PRO WE 64 -68.30 -64.48 80.60
C PRO WE 64 -69.15 -65.70 80.29
N ILE WE 65 -69.40 -65.91 79.01
CA ILE WE 65 -70.16 -67.05 78.53
C ILE WE 65 -69.16 -68.17 78.25
N THR WE 66 -69.16 -69.20 79.08
CA THR WE 66 -68.13 -70.22 79.03
C THR WE 66 -68.75 -71.61 78.95
N ALA WE 67 -68.09 -72.49 78.19
CA ALA WE 67 -68.43 -73.90 78.13
C ALA WE 67 -67.13 -74.69 78.24
N VAL WE 68 -67.15 -75.74 79.07
CA VAL WE 68 -65.93 -76.48 79.38
C VAL WE 68 -65.60 -77.42 78.22
N ASP WE 69 -64.40 -77.27 77.68
CA ASP WE 69 -63.93 -78.17 76.62
C ASP WE 69 -63.64 -79.55 77.20
N SER WE 70 -63.60 -80.54 76.31
CA SER WE 70 -63.26 -81.89 76.70
C SER WE 70 -61.77 -82.11 76.56
N THR WE 71 -61.20 -82.85 77.51
CA THR WE 71 -59.80 -83.26 77.58
C THR WE 71 -58.86 -82.09 77.85
N THR WE 72 -59.35 -80.86 77.93
CA THR WE 72 -58.52 -79.70 78.21
C THR WE 72 -59.14 -78.89 79.34
N SER WE 73 -58.28 -78.43 80.25
CA SER WE 73 -58.72 -77.66 81.42
C SER WE 73 -58.63 -76.16 81.17
N GLU WE 74 -59.30 -75.68 80.12
CA GLU WE 74 -59.27 -74.27 79.76
C GLU WE 74 -60.65 -73.63 79.67
N THR WE 75 -61.72 -74.41 79.80
CA THR WE 75 -63.10 -73.93 79.89
C THR WE 75 -63.38 -72.76 78.95
N LEU WE 76 -63.27 -73.03 77.65
CA LEU WE 76 -63.41 -72.02 76.59
C LEU WE 76 -64.57 -71.06 76.86
N VAL WE 77 -64.27 -69.76 76.77
CA VAL WE 77 -65.26 -68.71 76.96
C VAL WE 77 -65.68 -68.17 75.60
N ARG WE 78 -66.96 -67.82 75.48
CA ARG WE 78 -67.53 -67.43 74.19
C ARG WE 78 -67.94 -65.96 74.11
N GLY WE 79 -68.30 -65.35 75.23
CA GLY WE 79 -68.70 -63.96 75.22
C GLY WE 79 -68.74 -63.40 76.62
N GLN WE 80 -69.58 -62.37 76.81
CA GLN WE 80 -69.76 -61.76 78.12
C GLN WE 80 -71.04 -60.94 78.17
N CYS WE 81 -71.82 -61.11 79.23
CA CYS WE 81 -73.09 -60.40 79.40
C CYS WE 81 -72.82 -59.13 80.22
N VAL WE 82 -72.46 -58.06 79.52
CA VAL WE 82 -72.18 -56.79 80.18
C VAL WE 82 -73.46 -56.17 80.72
N VAL WE 83 -73.41 -55.70 81.96
CA VAL WE 83 -74.55 -54.98 82.55
C VAL WE 83 -74.05 -53.74 83.28
N ASP WE 84 -74.16 -52.58 82.64
CA ASP WE 84 -73.70 -51.33 83.22
C ASP WE 84 -74.82 -50.68 84.03
N ILE WE 85 -74.47 -50.12 85.18
CA ILE WE 85 -75.43 -49.42 86.02
C ILE WE 85 -74.82 -48.10 86.49
N ASN WE 86 -75.13 -47.01 85.81
CA ASN WE 86 -74.62 -45.70 86.18
C ASN WE 86 -75.66 -44.92 86.98
N ILE WE 87 -75.19 -44.24 88.01
CA ILE WE 87 -76.05 -43.50 88.93
C ILE WE 87 -75.54 -42.07 89.04
N VAL WE 88 -76.45 -41.11 88.96
CA VAL WE 88 -76.12 -39.69 89.10
C VAL WE 88 -77.13 -39.10 90.07
N ILE WE 89 -76.67 -38.73 91.26
CA ILE WE 89 -77.51 -38.20 92.32
C ILE WE 89 -77.09 -36.76 92.59
N PRO WE 90 -78.00 -35.80 92.56
CA PRO WE 90 -77.59 -34.39 92.64
C PRO WE 90 -77.21 -33.99 94.06
N ARG WE 91 -76.76 -32.73 94.21
CA ARG WE 91 -76.40 -32.23 95.53
C ARG WE 91 -77.60 -32.07 96.45
N VAL WE 92 -78.77 -31.76 95.90
CA VAL WE 92 -79.93 -31.39 96.71
C VAL WE 92 -80.74 -32.61 97.10
N ALA WE 93 -80.21 -33.79 96.84
CA ALA WE 93 -80.95 -35.03 97.02
C ALA WE 93 -80.87 -35.47 98.48
N THR WE 94 -81.96 -35.30 99.21
CA THR WE 94 -82.07 -35.82 100.56
C THR WE 94 -81.87 -37.32 100.56
N ALA WE 95 -81.18 -37.83 101.59
CA ALA WE 95 -80.84 -39.24 101.63
C ALA WE 95 -82.05 -40.14 101.62
N THR WE 96 -83.22 -39.64 102.03
CA THR WE 96 -84.45 -40.39 101.83
C THR WE 96 -84.82 -40.47 100.36
N ASP WE 97 -84.65 -39.38 99.62
CA ASP WE 97 -84.94 -39.39 98.20
C ASP WE 97 -83.99 -40.30 97.44
N ARG WE 98 -82.71 -40.30 97.81
CA ARG WE 98 -81.76 -41.17 97.13
C ARG WE 98 -82.08 -42.64 97.37
N ALA WE 99 -82.50 -42.98 98.59
CA ALA WE 99 -82.87 -44.37 98.87
C ALA WE 99 -84.03 -44.81 97.99
N GLU WE 100 -85.02 -43.94 97.82
CA GLU WE 100 -86.14 -44.26 96.94
C GLU WE 100 -85.70 -44.43 95.50
N ALA WE 101 -84.85 -43.52 95.02
CA ALA WE 101 -84.46 -43.54 93.61
C ALA WE 101 -83.67 -44.80 93.28
N ILE WE 102 -82.77 -45.21 94.16
CA ILE WE 102 -81.95 -46.39 93.89
C ILE WE 102 -82.80 -47.65 93.98
N LYS WE 103 -83.62 -47.76 95.03
CA LYS WE 103 -84.39 -48.98 95.23
C LYS WE 103 -85.49 -49.12 94.19
N ARG WE 104 -86.10 -48.00 93.78
CA ARG WE 104 -87.12 -48.06 92.73
C ARG WE 104 -86.52 -48.44 91.39
N ALA WE 105 -85.33 -47.95 91.08
CA ALA WE 105 -84.69 -48.31 89.82
C ALA WE 105 -84.35 -49.79 89.76
N PHE WE 106 -83.88 -50.35 90.87
CA PHE WE 106 -83.53 -51.76 90.92
C PHE WE 106 -84.74 -52.66 91.07
N ASP WE 107 -85.94 -52.10 91.21
CA ASP WE 107 -87.16 -52.89 91.19
C ASP WE 107 -87.73 -53.07 89.80
N VAL WE 108 -87.04 -52.57 88.78
CA VAL WE 108 -87.49 -52.77 87.39
C VAL WE 108 -87.54 -54.26 87.08
N LEU WE 109 -86.55 -55.02 87.54
CA LEU WE 109 -86.48 -56.45 87.24
C LEU WE 109 -87.73 -57.19 87.71
N ASN WE 110 -88.39 -56.70 88.75
CA ASN WE 110 -89.61 -57.32 89.23
C ASN WE 110 -90.87 -56.77 88.56
N ALA WE 111 -90.76 -55.65 87.85
CA ALA WE 111 -91.90 -55.07 87.15
C ALA WE 111 -91.80 -55.29 85.65
N LEU WE 112 -90.64 -54.98 85.08
CA LEU WE 112 -90.37 -55.20 83.66
C LEU WE 112 -89.61 -56.51 83.47
N ASN WE 113 -90.20 -57.58 84.01
CA ASN WE 113 -89.47 -58.84 84.19
C ASN WE 113 -89.25 -59.56 82.87
N ALA WE 114 -90.34 -59.90 82.17
CA ALA WE 114 -90.24 -60.74 80.98
C ALA WE 114 -89.36 -60.11 79.92
N GLU WE 115 -89.47 -58.79 79.73
CA GLU WE 115 -88.70 -58.13 78.69
C GLU WE 115 -87.20 -58.17 78.97
N LEU WE 116 -86.79 -58.26 80.23
CA LEU WE 116 -85.37 -58.26 80.59
C LEU WE 116 -84.78 -59.66 80.63
N ILE WE 117 -85.50 -60.60 81.23
CA ILE WE 117 -85.01 -61.98 81.32
C ILE WE 117 -85.07 -62.65 79.95
N THR WE 118 -86.28 -62.71 79.38
CA THR WE 118 -86.47 -63.41 78.10
C THR WE 118 -85.92 -62.60 76.93
N GLY WE 119 -86.14 -61.29 76.92
CA GLY WE 119 -85.61 -60.45 75.86
C GLY WE 119 -86.56 -60.26 74.70
N GLU WE 120 -87.79 -59.88 75.00
CA GLU WE 120 -88.83 -59.83 73.98
C GLU WE 120 -89.93 -58.87 74.43
N GLY WE 121 -90.79 -58.51 73.49
CA GLY WE 121 -92.06 -57.92 73.86
C GLY WE 121 -92.27 -56.47 73.51
N GLN WE 122 -93.12 -55.81 74.30
CA GLN WE 122 -93.56 -54.44 74.06
C GLN WE 122 -94.27 -54.32 72.71
N TRP WE 123 -95.43 -54.97 72.66
CA TRP WE 123 -96.26 -54.95 71.46
C TRP WE 123 -97.09 -53.69 71.43
N ALA XE 1 -116.95 7.37 57.68
CA ALA XE 1 -117.34 6.95 59.02
C ALA XE 1 -116.66 5.64 59.39
N ALA XE 2 -117.09 5.02 60.49
CA ALA XE 2 -116.54 3.73 60.87
C ALA XE 2 -116.94 2.67 59.86
N ARG XE 3 -115.98 1.82 59.49
CA ARG XE 3 -116.23 0.80 58.49
C ARG XE 3 -117.28 -0.18 58.99
N SER XE 4 -118.21 -0.54 58.12
CA SER XE 4 -119.30 -1.45 58.48
C SER XE 4 -119.66 -2.26 57.24
N SER XE 5 -120.83 -2.89 57.28
CA SER XE 5 -121.33 -3.65 56.15
C SER XE 5 -122.15 -2.75 55.23
N ILE XE 6 -122.21 -3.13 53.95
CA ILE XE 6 -122.98 -2.40 52.95
C ILE XE 6 -123.87 -3.39 52.22
N VAL XE 7 -124.98 -2.88 51.68
CA VAL XE 7 -126.11 -3.71 51.27
C VAL XE 7 -126.36 -3.45 49.78
N LEU XE 8 -125.28 -3.29 49.01
CA LEU XE 8 -125.38 -3.12 47.56
C LEU XE 8 -126.48 -3.99 46.96
N THR XE 9 -127.37 -3.36 46.21
CA THR XE 9 -128.55 -4.02 45.68
C THR XE 9 -128.83 -3.53 44.27
N ASP XE 10 -129.83 -4.15 43.64
CA ASP XE 10 -130.30 -3.72 42.34
C ASP XE 10 -131.82 -3.81 42.27
N GLY XE 11 -132.47 -3.83 43.43
CA GLY XE 11 -133.91 -3.85 43.49
C GLY XE 11 -134.52 -5.20 43.78
N THR XE 12 -133.84 -6.27 43.41
CA THR XE 12 -134.37 -7.61 43.64
C THR XE 12 -133.44 -8.54 44.41
N THR XE 13 -132.12 -8.43 44.20
CA THR XE 13 -131.17 -9.33 44.84
C THR XE 13 -130.11 -8.51 45.56
N PRO XE 14 -130.36 -8.11 46.81
CA PRO XE 14 -129.35 -7.39 47.57
C PRO XE 14 -128.15 -8.27 47.88
N VAL XE 15 -127.01 -7.60 48.08
CA VAL XE 15 -125.75 -8.27 48.39
C VAL XE 15 -125.16 -7.58 49.61
N THR XE 16 -124.84 -8.35 50.64
CA THR XE 16 -124.22 -7.82 51.85
C THR XE 16 -122.71 -8.01 51.75
N LEU XE 17 -121.97 -6.91 51.84
CA LEU XE 17 -120.52 -6.93 51.81
C LEU XE 17 -119.98 -6.53 53.17
N THR XE 18 -118.83 -7.10 53.53
CA THR XE 18 -118.23 -6.88 54.84
C THR XE 18 -116.76 -6.53 54.67
N PRO XE 19 -116.24 -5.62 55.48
CA PRO XE 19 -114.84 -5.21 55.31
C PRO XE 19 -113.86 -6.28 55.72
N VAL XE 20 -113.11 -6.82 54.76
CA VAL XE 20 -112.25 -7.96 55.03
C VAL XE 20 -110.79 -7.61 54.73
N GLY XE 21 -110.45 -6.34 54.80
CA GLY XE 21 -109.08 -5.94 54.55
C GLY XE 21 -109.01 -4.46 54.22
N GLY XE 22 -107.86 -4.08 53.68
CA GLY XE 22 -107.64 -2.72 53.28
C GLY XE 22 -106.36 -2.12 53.84
N GLY XE 23 -106.46 -0.89 54.33
CA GLY XE 23 -105.29 -0.21 54.88
C GLY XE 23 -105.59 1.23 55.18
N VAL XE 24 -104.62 2.08 54.91
CA VAL XE 24 -104.81 3.53 55.03
C VAL XE 24 -105.22 4.06 53.66
N GLY XE 25 -106.38 4.71 53.60
CA GLY XE 25 -106.94 5.14 52.33
C GLY XE 25 -107.33 3.99 51.44
N GLN XE 26 -107.96 2.96 52.01
CA GLN XE 26 -108.40 1.79 51.28
C GLN XE 26 -109.27 0.94 52.19
N THR XE 27 -110.27 0.29 51.59
CA THR XE 27 -111.16 -0.59 52.36
C THR XE 27 -111.77 -1.61 51.40
N LEU XE 28 -111.23 -2.82 51.42
CA LEU XE 28 -111.78 -3.89 50.61
C LEU XE 28 -113.09 -4.39 51.21
N TYR XE 29 -113.94 -4.96 50.36
CA TYR XE 29 -115.18 -5.59 50.78
C TYR XE 29 -115.31 -6.91 50.05
N ARG XE 30 -116.21 -7.76 50.54
CA ARG XE 30 -116.49 -9.02 49.89
C ARG XE 30 -117.83 -9.54 50.40
N ALA XE 31 -118.60 -10.15 49.52
CA ALA XE 31 -119.88 -10.71 49.92
C ALA XE 31 -119.66 -11.86 50.89
N THR XE 32 -120.57 -11.97 51.86
CA THR XE 32 -120.39 -12.95 52.93
C THR XE 32 -120.22 -14.36 52.37
N ALA XE 33 -121.26 -14.86 51.70
CA ALA XE 33 -121.17 -16.13 50.99
C ALA XE 33 -122.34 -16.20 50.02
N GLU XE 34 -122.04 -16.23 48.72
CA GLU XE 34 -123.10 -16.48 47.75
C GLU XE 34 -123.34 -17.99 47.59
N ALA XE 35 -122.36 -18.69 47.01
CA ALA XE 35 -122.38 -20.15 47.01
C ALA XE 35 -121.00 -20.78 47.19
N LEU XE 36 -119.92 -20.05 47.02
CA LEU XE 36 -118.56 -20.54 47.13
C LEU XE 36 -117.63 -19.33 47.10
N SER XE 37 -116.32 -19.57 47.12
CA SER XE 37 -115.37 -18.50 46.93
C SER XE 37 -115.10 -18.30 45.45
N ALA XE 38 -114.58 -17.13 45.12
CA ALA XE 38 -114.34 -16.63 43.76
C ALA XE 38 -115.64 -16.35 43.02
N ALA XE 39 -116.79 -16.62 43.62
CA ALA XE 39 -118.09 -16.28 43.06
C ALA XE 39 -118.78 -15.25 43.94
N ASN XE 40 -117.99 -14.39 44.57
CA ASN XE 40 -118.49 -13.39 45.50
C ASN XE 40 -118.06 -12.00 45.05
N PRO XE 41 -118.97 -11.04 44.96
CA PRO XE 41 -118.59 -9.69 44.54
C PRO XE 41 -117.75 -8.99 45.60
N SER XE 42 -116.97 -8.00 45.13
CA SER XE 42 -116.13 -7.22 45.99
C SER XE 42 -116.27 -5.75 45.63
N LEU XE 43 -115.99 -4.86 46.58
CA LEU XE 43 -116.19 -3.42 46.41
C LEU XE 43 -114.97 -2.66 46.95
N SER XE 44 -113.79 -3.00 46.46
CA SER XE 44 -112.59 -2.23 46.77
C SER XE 44 -112.84 -0.74 46.66
N PHE XE 45 -112.44 0.00 47.69
CA PHE XE 45 -112.76 1.43 47.78
C PHE XE 45 -111.59 2.16 48.40
N GLY XE 46 -110.90 2.96 47.60
CA GLY XE 46 -109.81 3.79 48.08
C GLY XE 46 -110.19 5.26 48.17
N TYR XE 47 -109.27 6.04 48.73
CA TYR XE 47 -109.46 7.48 48.89
C TYR XE 47 -108.14 8.07 49.35
N ARG XE 48 -107.81 9.25 48.82
CA ARG XE 48 -106.55 9.90 49.18
C ARG XE 48 -106.64 11.36 48.79
N PHE XE 49 -105.72 12.15 49.36
CA PHE XE 49 -105.61 13.57 49.07
C PHE XE 49 -104.24 13.82 48.46
N THR XE 50 -104.22 14.49 47.31
CA THR XE 50 -102.97 14.90 46.69
C THR XE 50 -102.44 16.15 47.36
N ASP XE 51 -101.51 16.84 46.69
CA ASP XE 51 -100.94 18.08 47.21
C ASP XE 51 -102.04 19.06 47.64
N GLY XE 52 -103.04 19.25 46.79
CA GLY XE 52 -104.19 20.06 47.13
C GLY XE 52 -105.23 19.26 47.87
N GLY XE 53 -106.40 19.87 48.07
CA GLY XE 53 -107.49 19.19 48.73
C GLY XE 53 -108.30 18.36 47.75
N THR XE 54 -107.64 17.92 46.69
CA THR XE 54 -108.29 17.14 45.63
C THR XE 54 -108.64 15.76 46.18
N ASN XE 55 -109.91 15.59 46.54
CA ASN XE 55 -110.36 14.36 47.17
C ASN XE 55 -110.47 13.22 46.16
N ARG XE 56 -109.33 12.69 45.71
CA ARG XE 56 -109.30 11.64 44.70
C ARG XE 56 -109.78 10.32 45.29
N GLN XE 57 -111.10 10.18 45.38
CA GLN XE 57 -111.68 8.90 45.75
C GLN XE 57 -111.70 7.96 44.53
N SER XE 58 -111.85 6.68 44.80
CA SER XE 58 -111.87 5.66 43.75
C SER XE 58 -112.72 4.50 44.21
N LEU XE 59 -113.20 3.72 43.24
CA LEU XE 59 -114.00 2.55 43.52
C LEU XE 59 -113.73 1.48 42.47
N SER XE 60 -114.12 0.26 42.78
CA SER XE 60 -114.02 -0.85 41.84
C SER XE 60 -114.92 -1.98 42.32
N TYR XE 61 -115.97 -2.27 41.58
CA TYR XE 61 -116.90 -3.34 41.90
C TYR XE 61 -116.73 -4.46 40.89
N LYS XE 62 -116.36 -5.65 41.37
CA LYS XE 62 -116.09 -6.79 40.51
C LYS XE 62 -117.06 -7.91 40.85
N GLN XE 63 -117.99 -8.18 39.94
CA GLN XE 63 -118.94 -9.27 40.10
C GLN XE 63 -118.56 -10.42 39.18
N PRO XE 64 -118.15 -11.57 39.70
CA PRO XE 64 -117.70 -12.66 38.83
C PRO XE 64 -118.85 -13.46 38.24
N ILE XE 65 -118.58 -14.03 37.08
CA ILE XE 65 -119.60 -14.65 36.24
C ILE XE 65 -119.48 -16.16 36.39
N THR XE 66 -120.49 -16.79 36.95
CA THR XE 66 -120.44 -18.21 37.27
C THR XE 66 -121.55 -18.97 36.58
N ALA XE 67 -121.28 -20.24 36.26
CA ALA XE 67 -122.24 -21.14 35.65
C ALA XE 67 -121.77 -22.57 35.88
N VAL XE 68 -122.69 -23.53 35.68
CA VAL XE 68 -122.39 -24.93 35.97
C VAL XE 68 -121.42 -25.49 34.94
N ASP XE 69 -120.73 -26.58 35.32
CA ASP XE 69 -119.78 -27.29 34.48
C ASP XE 69 -120.17 -28.77 34.42
N SER XE 70 -121.41 -29.02 34.01
CA SER XE 70 -122.10 -30.31 34.11
C SER XE 70 -121.23 -31.53 33.83
N THR XE 71 -120.25 -31.41 32.94
CA THR XE 71 -119.30 -32.51 32.74
C THR XE 71 -118.62 -32.90 34.04
N THR XE 72 -118.43 -31.94 34.96
CA THR XE 72 -117.94 -32.21 36.30
C THR XE 72 -118.88 -31.70 37.39
N SER XE 73 -119.84 -30.83 37.04
CA SER XE 73 -120.83 -30.27 37.96
C SER XE 73 -120.19 -29.39 39.04
N GLU XE 74 -119.05 -28.78 38.73
CA GLU XE 74 -118.39 -27.84 39.63
C GLU XE 74 -118.58 -26.43 39.11
N THR XE 75 -119.03 -25.52 39.98
CA THR XE 75 -119.45 -24.18 39.58
C THR XE 75 -118.23 -23.32 39.29
N LEU XE 76 -117.65 -23.54 38.12
CA LEU XE 76 -116.49 -22.77 37.68
C LEU XE 76 -116.89 -21.33 37.37
N VAL XE 77 -115.92 -20.42 37.47
CA VAL XE 77 -116.12 -19.01 37.15
C VAL XE 77 -115.37 -18.68 35.86
N ARG XE 78 -116.07 -18.05 34.91
CA ARG XE 78 -115.46 -17.68 33.63
C ARG XE 78 -114.83 -16.30 33.64
N GLY XE 79 -115.59 -15.29 34.04
CA GLY XE 79 -115.09 -13.93 34.04
C GLY XE 79 -115.74 -13.04 35.08
N GLN XE 80 -115.46 -11.74 35.04
CA GLN XE 80 -116.00 -10.81 36.03
C GLN XE 80 -116.38 -9.51 35.32
N CYS XE 81 -117.37 -8.83 35.89
CA CYS XE 81 -117.81 -7.53 35.42
C CYS XE 81 -117.23 -6.45 36.32
N VAL XE 82 -116.50 -5.51 35.74
CA VAL XE 82 -115.73 -4.52 36.48
C VAL XE 82 -116.36 -3.16 36.25
N VAL XE 83 -116.66 -2.45 37.33
CA VAL XE 83 -117.17 -1.09 37.28
C VAL XE 83 -116.28 -0.23 38.16
N ASP XE 84 -115.66 0.79 37.57
CA ASP XE 84 -114.77 1.69 38.30
C ASP XE 84 -115.40 3.09 38.31
N ILE XE 85 -115.70 3.59 39.50
CA ILE XE 85 -116.24 4.93 39.63
C ILE XE 85 -115.21 5.82 40.31
N ASN XE 86 -114.37 6.49 39.53
CA ASN XE 86 -113.41 7.42 40.09
C ASN XE 86 -114.04 8.79 40.28
N ILE XE 87 -113.63 9.47 41.34
CA ILE XE 87 -114.15 10.78 41.69
C ILE XE 87 -112.99 11.68 42.06
N VAL XE 88 -112.98 12.90 41.51
CA VAL XE 88 -111.95 13.89 41.81
C VAL XE 88 -112.64 15.22 42.07
N ILE XE 89 -112.52 15.73 43.29
CA ILE XE 89 -113.10 17.00 43.67
C ILE XE 89 -111.98 17.88 44.23
N PRO XE 90 -111.70 19.03 43.63
CA PRO XE 90 -110.57 19.85 44.08
C PRO XE 90 -110.88 20.58 45.38
N ARG XE 91 -109.84 21.20 45.95
CA ARG XE 91 -110.02 21.96 47.17
C ARG XE 91 -110.98 23.13 46.97
N VAL XE 92 -110.95 23.76 45.80
CA VAL XE 92 -111.70 24.99 45.55
C VAL XE 92 -113.19 24.71 45.43
N ALA XE 93 -113.57 23.45 45.54
CA ALA XE 93 -114.96 23.05 45.39
C ALA XE 93 -115.74 23.30 46.68
N THR XE 94 -116.87 23.99 46.57
CA THR XE 94 -117.70 24.22 47.74
C THR XE 94 -118.42 22.92 48.13
N ALA XE 95 -119.10 22.97 49.26
CA ALA XE 95 -119.78 21.79 49.78
C ALA XE 95 -120.98 21.39 48.94
N THR XE 96 -121.55 22.29 48.15
CA THR XE 96 -122.72 21.98 47.34
C THR XE 96 -122.37 21.57 45.92
N ASP XE 97 -121.24 22.01 45.39
CA ASP XE 97 -120.81 21.59 44.07
C ASP XE 97 -120.33 20.15 44.07
N ARG XE 98 -119.78 19.69 45.20
CA ARG XE 98 -119.42 18.29 45.31
C ARG XE 98 -120.67 17.40 45.33
N ALA XE 99 -121.69 17.81 46.08
CA ALA XE 99 -122.92 17.03 46.12
C ALA XE 99 -123.64 17.07 44.79
N GLU XE 100 -123.57 18.20 44.08
CA GLU XE 100 -124.19 18.30 42.76
C GLU XE 100 -123.52 17.38 41.76
N ALA XE 101 -122.18 17.38 41.73
CA ALA XE 101 -121.47 16.59 40.74
C ALA XE 101 -121.64 15.09 40.98
N ILE XE 102 -121.52 14.66 42.23
CA ILE XE 102 -121.57 13.23 42.52
C ILE XE 102 -122.95 12.66 42.22
N LYS XE 103 -123.99 13.36 42.64
CA LYS XE 103 -125.35 12.85 42.44
C LYS XE 103 -125.73 12.86 40.97
N ARG XE 104 -125.29 13.87 40.21
CA ARG XE 104 -125.65 13.96 38.81
C ARG XE 104 -124.99 12.85 38.00
N ALA XE 105 -123.69 12.66 38.18
CA ALA XE 105 -122.98 11.64 37.42
C ALA XE 105 -123.46 10.24 37.73
N PHE XE 106 -123.99 10.02 38.94
CA PHE XE 106 -124.60 8.74 39.26
C PHE XE 106 -126.01 8.61 38.69
N ASP XE 107 -126.57 9.71 38.18
CA ASP XE 107 -127.88 9.67 37.53
C ASP XE 107 -127.78 9.33 36.06
N VAL XE 108 -126.59 8.99 35.57
CA VAL XE 108 -126.43 8.63 34.16
C VAL XE 108 -127.26 7.41 33.83
N LEU XE 109 -127.21 6.39 34.69
CA LEU XE 109 -127.90 5.13 34.40
C LEU XE 109 -129.39 5.34 34.23
N ASN XE 110 -129.98 6.32 34.93
CA ASN XE 110 -131.39 6.61 34.75
C ASN XE 110 -131.64 7.27 33.40
N ALA XE 111 -130.69 8.09 32.93
CA ALA XE 111 -130.87 8.81 31.67
C ALA XE 111 -130.26 8.05 30.50
N LEU XE 112 -128.95 7.81 30.55
CA LEU XE 112 -128.25 7.09 29.48
C LEU XE 112 -128.32 5.59 29.73
N ASN XE 113 -129.55 5.08 29.78
CA ASN XE 113 -129.78 3.74 30.29
C ASN XE 113 -129.41 2.67 29.27
N ALA XE 114 -130.08 2.68 28.12
CA ALA XE 114 -130.05 1.54 27.22
C ALA XE 114 -128.66 1.20 26.71
N GLU XE 115 -127.75 2.17 26.66
CA GLU XE 115 -126.40 1.90 26.18
C GLU XE 115 -125.50 1.31 27.25
N LEU XE 116 -125.91 1.34 28.51
CA LEU XE 116 -125.15 0.75 29.61
C LEU XE 116 -125.68 -0.63 29.99
N ILE XE 117 -126.98 -0.72 30.27
CA ILE XE 117 -127.58 -1.98 30.71
C ILE XE 117 -127.45 -3.04 29.61
N THR XE 118 -127.82 -2.68 28.39
CA THR XE 118 -127.91 -3.64 27.30
C THR XE 118 -126.61 -3.80 26.53
N GLY XE 119 -125.75 -2.79 26.52
CA GLY XE 119 -124.49 -2.87 25.84
C GLY XE 119 -124.49 -2.45 24.39
N GLU XE 120 -125.62 -2.03 23.85
CA GLU XE 120 -125.69 -1.61 22.46
C GLU XE 120 -124.87 -0.34 22.23
N GLY XE 121 -124.31 -0.23 21.04
CA GLY XE 121 -123.52 0.92 20.66
C GLY XE 121 -124.37 1.91 19.91
N GLN XE 122 -124.51 3.11 20.48
CA GLN XE 122 -125.36 4.12 19.87
C GLN XE 122 -124.80 4.60 18.54
N TRP XE 123 -125.70 4.91 17.62
CA TRP XE 123 -125.32 5.31 16.27
C TRP XE 123 -125.58 6.79 16.03
N ALA YE 1 -121.60 -9.98 63.15
CA ALA YE 1 -120.17 -10.21 62.98
C ALA YE 1 -119.36 -9.00 63.42
N ALA YE 2 -119.98 -8.14 64.22
CA ALA YE 2 -119.30 -6.98 64.79
C ALA YE 2 -118.47 -7.39 65.99
N ARG YE 3 -117.55 -6.52 66.38
CA ARG YE 3 -116.65 -6.81 67.49
C ARG YE 3 -117.36 -6.62 68.81
N SER YE 4 -117.39 -7.67 69.62
CA SER YE 4 -118.00 -7.64 70.94
C SER YE 4 -117.27 -8.65 71.83
N SER YE 5 -117.69 -8.71 73.09
CA SER YE 5 -117.07 -9.62 74.03
C SER YE 5 -117.41 -11.06 73.71
N ILE YE 6 -116.42 -11.94 73.83
CA ILE YE 6 -116.61 -13.36 73.61
C ILE YE 6 -116.33 -14.11 74.91
N VAL YE 7 -116.96 -15.27 75.06
CA VAL YE 7 -117.08 -15.92 76.36
C VAL YE 7 -116.45 -17.31 76.31
N LEU YE 8 -115.29 -17.43 75.65
CA LEU YE 8 -114.52 -18.65 75.62
C LEU YE 8 -114.59 -19.40 76.95
N THR YE 9 -114.90 -20.68 76.89
CA THR YE 9 -115.06 -21.48 78.10
C THR YE 9 -114.66 -22.92 77.82
N ASP YE 10 -114.23 -23.61 78.87
CA ASP YE 10 -113.87 -25.02 78.80
C ASP YE 10 -114.93 -25.93 79.40
N GLY YE 11 -115.98 -25.36 79.98
CA GLY YE 11 -117.01 -26.15 80.64
C GLY YE 11 -117.10 -25.83 82.11
N THR YE 12 -115.96 -25.61 82.75
CA THR YE 12 -115.92 -25.34 84.19
C THR YE 12 -115.90 -23.84 84.49
N THR YE 13 -114.89 -23.14 83.98
CA THR YE 13 -114.71 -21.72 84.28
C THR YE 13 -114.72 -20.93 82.97
N PRO YE 14 -115.75 -20.15 82.69
CA PRO YE 14 -115.73 -19.29 81.50
C PRO YE 14 -114.86 -18.07 81.70
N VAL YE 15 -114.20 -17.65 80.63
CA VAL YE 15 -113.40 -16.42 80.61
C VAL YE 15 -113.96 -15.51 79.53
N THR YE 16 -114.20 -14.25 79.89
CA THR YE 16 -114.81 -13.28 78.99
C THR YE 16 -113.72 -12.39 78.42
N LEU YE 17 -113.51 -12.46 77.11
CA LEU YE 17 -112.53 -11.62 76.44
C LEU YE 17 -113.25 -10.46 75.76
N THR YE 18 -112.74 -9.25 75.96
CA THR YE 18 -113.27 -8.05 75.35
C THR YE 18 -112.26 -7.48 74.37
N PRO YE 19 -112.70 -6.89 73.26
CA PRO YE 19 -111.73 -6.37 72.29
C PRO YE 19 -110.85 -5.29 72.88
N VAL YE 20 -109.58 -5.28 72.49
CA VAL YE 20 -108.66 -4.25 72.94
C VAL YE 20 -107.92 -3.67 71.74
N GLY YE 21 -108.50 -3.78 70.56
CA GLY YE 21 -107.93 -3.11 69.41
C GLY YE 21 -107.82 -3.94 68.15
N GLY YE 22 -106.85 -3.61 67.31
CA GLY YE 22 -106.56 -4.38 66.12
C GLY YE 22 -106.73 -3.64 64.81
N GLY YE 23 -107.82 -2.89 64.66
CA GLY YE 23 -108.07 -2.23 63.39
C GLY YE 23 -108.63 -3.17 62.35
N VAL YE 24 -108.32 -2.93 61.08
CA VAL YE 24 -108.84 -3.73 59.98
C VAL YE 24 -107.89 -4.87 59.70
N GLY YE 25 -108.44 -6.05 59.40
CA GLY YE 25 -107.64 -7.21 59.16
C GLY YE 25 -107.26 -8.00 60.39
N GLN YE 26 -107.65 -7.57 61.58
CA GLN YE 26 -107.32 -8.30 62.80
C GLN YE 26 -108.18 -7.78 63.93
N THR YE 27 -108.11 -8.47 65.06
CA THR YE 27 -108.84 -8.08 66.27
C THR YE 27 -108.15 -8.70 67.46
N LEU YE 28 -107.79 -7.89 68.45
CA LEU YE 28 -107.19 -8.37 69.67
C LEU YE 28 -108.22 -8.45 70.77
N TYR YE 29 -108.13 -9.49 71.60
CA TYR YE 29 -109.00 -9.66 72.74
C TYR YE 29 -108.14 -9.81 73.99
N ARG YE 30 -108.74 -9.57 75.14
CA ARG YE 30 -108.06 -9.77 76.42
C ARG YE 30 -109.05 -9.72 77.56
N ALA YE 31 -109.00 -10.71 78.45
CA ALA YE 31 -109.88 -10.72 79.60
C ALA YE 31 -109.41 -9.66 80.61
N THR YE 32 -110.19 -9.47 81.67
CA THR YE 32 -109.80 -8.48 82.67
C THR YE 32 -108.77 -9.06 83.64
N ALA YE 33 -109.20 -10.02 84.46
CA ALA YE 33 -108.35 -10.62 85.50
C ALA YE 33 -107.44 -9.58 86.14
N GLU YE 34 -108.05 -8.47 86.51
CA GLU YE 34 -107.32 -7.24 86.82
C GLU YE 34 -106.37 -7.46 88.00
N ALA YE 35 -105.27 -6.69 88.00
CA ALA YE 35 -104.29 -6.75 89.08
C ALA YE 35 -103.74 -8.17 89.23
N LEU YE 36 -102.94 -8.56 88.24
CA LEU YE 36 -102.24 -7.75 87.25
C LEU YE 36 -102.98 -7.67 85.92
N SER YE 37 -102.62 -6.69 85.09
CA SER YE 37 -103.27 -6.49 83.79
C SER YE 37 -102.66 -7.33 82.69
N ALA YE 38 -101.42 -7.79 82.84
CA ALA YE 38 -100.77 -8.63 81.85
C ALA YE 38 -100.92 -10.11 82.15
N ALA YE 39 -101.58 -10.46 83.25
CA ALA YE 39 -101.80 -11.86 83.63
C ALA YE 39 -103.23 -12.30 83.30
N ASN YE 40 -103.57 -12.29 82.02
CA ASN YE 40 -104.89 -12.75 81.60
C ASN YE 40 -104.80 -13.17 80.13
N PRO YE 41 -105.70 -14.06 79.70
CA PRO YE 41 -105.60 -14.60 78.34
C PRO YE 41 -105.93 -13.58 77.26
N SER YE 42 -105.50 -13.89 76.05
CA SER YE 42 -105.70 -13.03 74.89
C SER YE 42 -105.99 -13.89 73.66
N LEU YE 43 -106.64 -13.29 72.67
CA LEU YE 43 -107.09 -14.01 71.47
C LEU YE 43 -106.80 -13.22 70.18
N SER YE 44 -105.56 -12.83 69.98
CA SER YE 44 -105.18 -12.19 68.72
C SER YE 44 -105.71 -12.99 67.53
N PHE YE 45 -106.62 -12.39 66.77
CA PHE YE 45 -107.31 -13.07 65.67
C PHE YE 45 -107.17 -12.24 64.40
N GLY YE 46 -106.53 -12.79 63.38
CA GLY YE 46 -106.35 -12.11 62.12
C GLY YE 46 -107.07 -12.80 60.99
N TYR YE 47 -107.10 -12.13 59.83
CA TYR YE 47 -107.73 -12.65 58.62
C TYR YE 47 -107.41 -11.71 57.48
N ARG YE 48 -107.32 -12.29 56.28
CA ARG YE 48 -107.03 -11.50 55.07
C ARG YE 48 -107.36 -12.36 53.85
N PHE YE 49 -107.35 -11.71 52.69
CA PHE YE 49 -107.55 -12.38 51.41
C PHE YE 49 -106.38 -12.03 50.50
N THR YE 50 -105.77 -13.05 49.90
CA THR YE 50 -104.63 -12.86 49.03
C THR YE 50 -105.10 -12.49 47.62
N ASP YE 51 -104.18 -12.60 46.66
CA ASP YE 51 -104.50 -12.32 45.26
C ASP YE 51 -105.74 -13.08 44.81
N GLY YE 52 -105.84 -14.34 45.19
CA GLY YE 52 -107.03 -15.11 44.90
C GLY YE 52 -108.10 -14.90 45.94
N GLY YE 53 -108.89 -15.93 46.20
CA GLY YE 53 -109.89 -15.87 47.26
C GLY YE 53 -109.40 -16.61 48.49
N THR YE 54 -108.10 -16.82 48.57
CA THR YE 54 -107.50 -17.62 49.63
C THR YE 54 -107.66 -16.88 50.95
N ASN YE 55 -108.63 -17.30 51.74
CA ASN YE 55 -108.94 -16.69 53.03
C ASN YE 55 -107.98 -17.27 54.07
N ARG YE 56 -106.94 -16.51 54.43
CA ARG YE 56 -105.94 -16.96 55.39
C ARG YE 56 -106.27 -16.41 56.77
N GLN YE 57 -107.22 -17.05 57.44
CA GLN YE 57 -107.50 -16.70 58.82
C GLN YE 57 -106.38 -17.20 59.72
N SER YE 58 -106.33 -16.66 60.94
CA SER YE 58 -105.25 -16.98 61.86
C SER YE 58 -105.60 -16.56 63.28
N LEU YE 59 -105.49 -17.48 64.23
CA LEU YE 59 -105.80 -17.20 65.62
C LEU YE 59 -104.58 -17.51 66.47
N SER YE 60 -104.59 -16.98 67.70
CA SER YE 60 -103.50 -17.23 68.63
C SER YE 60 -104.02 -16.95 70.03
N TYR YE 61 -104.19 -17.99 70.83
CA TYR YE 61 -104.73 -17.86 72.18
C TYR YE 61 -103.61 -18.13 73.17
N LYS YE 62 -103.21 -17.10 73.90
CA LYS YE 62 -102.17 -17.22 74.92
C LYS YE 62 -102.80 -17.05 76.30
N GLN YE 63 -102.55 -18.01 77.18
CA GLN YE 63 -103.02 -17.96 78.55
C GLN YE 63 -101.82 -17.96 79.47
N PRO YE 64 -101.54 -16.89 80.21
CA PRO YE 64 -100.38 -16.87 81.09
C PRO YE 64 -100.65 -17.62 82.38
N ILE YE 65 -99.58 -18.18 82.93
CA ILE YE 65 -99.64 -18.99 84.14
C ILE YE 65 -99.29 -18.10 85.32
N THR YE 66 -100.25 -17.87 86.20
CA THR YE 66 -100.11 -16.95 87.31
C THR YE 66 -99.74 -17.70 88.58
N ALA YE 67 -99.26 -16.95 89.57
CA ALA YE 67 -98.89 -17.51 90.86
C ALA YE 67 -98.90 -16.39 91.88
N VAL YE 68 -99.91 -16.38 92.76
CA VAL YE 68 -100.07 -15.30 93.73
C VAL YE 68 -99.03 -15.49 94.83
N ASP YE 69 -98.06 -14.58 94.89
CA ASP YE 69 -96.96 -14.66 95.85
C ASP YE 69 -97.46 -14.13 97.18
N SER YE 70 -97.81 -15.03 98.09
CA SER YE 70 -98.41 -14.64 99.36
C SER YE 70 -97.50 -13.79 100.22
N THR YE 71 -96.18 -13.92 100.06
CA THR YE 71 -95.24 -13.12 100.85
C THR YE 71 -95.42 -11.63 100.55
N THR YE 72 -95.44 -11.27 99.27
CA THR YE 72 -95.54 -9.88 98.85
C THR YE 72 -96.96 -9.50 98.44
N SER YE 73 -97.81 -10.48 98.13
CA SER YE 73 -99.18 -10.29 97.67
C SER YE 73 -99.19 -9.57 96.31
N GLU YE 74 -98.46 -10.15 95.37
CA GLU YE 74 -98.44 -9.68 94.00
C GLU YE 74 -98.52 -10.88 93.07
N THR YE 75 -99.14 -10.69 91.91
CA THR YE 75 -99.30 -11.77 90.96
C THR YE 75 -98.06 -11.85 90.06
N LEU YE 76 -97.47 -13.03 89.97
CA LEU YE 76 -96.28 -13.26 89.16
C LEU YE 76 -96.65 -14.13 87.97
N VAL YE 77 -96.07 -13.82 86.82
CA VAL YE 77 -96.34 -14.54 85.58
C VAL YE 77 -95.16 -15.44 85.29
N ARG YE 78 -95.40 -16.75 85.29
CA ARG YE 78 -94.34 -17.73 85.09
C ARG YE 78 -94.15 -18.13 83.64
N GLY YE 79 -95.23 -18.14 82.87
CA GLY YE 79 -95.14 -18.50 81.47
C GLY YE 79 -96.53 -18.52 80.88
N GLN YE 80 -96.61 -18.82 79.58
CA GLN YE 80 -97.89 -18.80 78.90
C GLN YE 80 -98.03 -20.00 77.99
N CYS YE 81 -99.24 -20.57 77.96
CA CYS YE 81 -99.58 -21.61 77.02
C CYS YE 81 -100.12 -20.97 75.75
N VAL YE 82 -99.53 -21.32 74.61
CA VAL YE 82 -99.86 -20.71 73.33
C VAL YE 82 -100.49 -21.76 72.43
N VAL YE 83 -101.61 -21.40 71.81
CA VAL YE 83 -102.32 -22.29 70.89
C VAL YE 83 -102.60 -21.51 69.62
N ASP YE 84 -101.86 -21.78 68.56
CA ASP YE 84 -102.06 -21.14 67.26
C ASP YE 84 -102.93 -22.01 66.38
N ILE YE 85 -103.85 -21.40 65.66
CA ILE YE 85 -104.77 -22.11 64.77
C ILE YE 85 -104.80 -21.35 63.45
N ASN YE 86 -103.96 -21.75 62.51
CA ASN YE 86 -103.99 -21.15 61.19
C ASN YE 86 -104.97 -21.89 60.29
N ILE YE 87 -105.72 -21.12 59.51
CA ILE YE 87 -106.73 -21.67 58.61
C ILE YE 87 -106.49 -21.10 57.23
N VAL YE 88 -106.34 -21.97 56.24
CA VAL YE 88 -106.21 -21.56 54.84
C VAL YE 88 -107.34 -22.21 54.06
N ILE YE 89 -108.08 -21.38 53.32
CA ILE YE 89 -109.18 -21.88 52.51
C ILE YE 89 -108.99 -21.40 51.08
N PRO YE 90 -108.75 -22.29 50.12
CA PRO YE 90 -108.38 -21.84 48.78
C PRO YE 90 -109.53 -21.16 48.05
N ARG YE 91 -109.20 -20.60 46.89
CA ARG YE 91 -110.17 -19.86 46.08
C ARG YE 91 -111.31 -20.73 45.59
N VAL YE 92 -111.09 -22.03 45.44
CA VAL YE 92 -112.04 -22.93 44.79
C VAL YE 92 -112.91 -23.69 45.78
N ALA YE 93 -112.92 -23.27 47.05
CA ALA YE 93 -113.58 -24.02 48.10
C ALA YE 93 -115.04 -23.64 48.20
N THR YE 94 -115.92 -24.63 48.15
CA THR YE 94 -117.35 -24.41 48.30
C THR YE 94 -117.67 -23.97 49.73
N ALA YE 95 -118.81 -23.31 49.89
CA ALA YE 95 -119.23 -22.81 51.19
C ALA YE 95 -119.56 -23.93 52.18
N THR YE 96 -119.76 -25.15 51.72
CA THR YE 96 -119.99 -26.28 52.61
C THR YE 96 -118.75 -27.10 52.89
N ASP YE 97 -117.71 -26.97 52.04
CA ASP YE 97 -116.43 -27.59 52.35
C ASP YE 97 -115.70 -26.81 53.44
N ARG YE 98 -115.96 -25.52 53.55
CA ARG YE 98 -115.41 -24.73 54.65
C ARG YE 98 -115.94 -25.24 55.98
N ALA YE 99 -117.26 -25.42 56.09
CA ALA YE 99 -117.83 -25.91 57.33
C ALA YE 99 -117.36 -27.32 57.63
N GLU YE 100 -117.28 -28.18 56.62
CA GLU YE 100 -116.81 -29.54 56.84
C GLU YE 100 -115.37 -29.55 57.33
N ALA YE 101 -114.51 -28.74 56.71
CA ALA YE 101 -113.10 -28.75 57.07
C ALA YE 101 -112.87 -28.16 58.46
N ILE YE 102 -113.48 -27.01 58.74
CA ILE YE 102 -113.20 -26.32 59.99
C ILE YE 102 -113.71 -27.11 61.19
N LYS YE 103 -114.97 -27.56 61.12
CA LYS YE 103 -115.53 -28.27 62.26
C LYS YE 103 -114.90 -29.64 62.46
N ARG YE 104 -114.33 -30.23 61.40
CA ARG YE 104 -113.63 -31.49 61.57
C ARG YE 104 -112.28 -31.29 62.25
N ALA YE 105 -111.54 -30.27 61.85
CA ALA YE 105 -110.25 -30.02 62.47
C ALA YE 105 -110.40 -29.67 63.95
N PHE YE 106 -111.40 -28.86 64.28
CA PHE YE 106 -111.67 -28.53 65.68
C PHE YE 106 -112.27 -29.70 66.44
N ASP YE 107 -112.65 -30.78 65.76
CA ASP YE 107 -113.12 -31.99 66.42
C ASP YE 107 -111.99 -32.92 66.80
N VAL YE 108 -110.74 -32.53 66.54
CA VAL YE 108 -109.60 -33.36 66.93
C VAL YE 108 -109.57 -33.55 68.44
N LEU YE 109 -109.84 -32.48 69.19
CA LEU YE 109 -109.81 -32.56 70.64
C LEU YE 109 -110.75 -33.64 71.17
N ASN YE 110 -111.83 -33.93 70.45
CA ASN YE 110 -112.70 -35.04 70.83
C ASN YE 110 -112.18 -36.38 70.36
N ALA YE 111 -111.34 -36.40 69.32
CA ALA YE 111 -110.78 -37.66 68.84
C ALA YE 111 -109.42 -37.92 69.47
N LEU YE 112 -108.49 -36.98 69.30
CA LEU YE 112 -107.13 -37.10 69.83
C LEU YE 112 -107.05 -36.45 71.21
N ASN YE 113 -107.94 -36.89 72.10
CA ASN YE 113 -108.18 -36.19 73.35
C ASN YE 113 -107.02 -36.37 74.32
N ALA YE 114 -106.69 -37.62 74.66
CA ALA YE 114 -105.68 -37.87 75.69
C ALA YE 114 -104.30 -37.35 75.28
N GLU YE 115 -104.02 -37.28 73.98
CA GLU YE 115 -102.74 -36.77 73.54
C GLU YE 115 -102.63 -35.25 73.68
N LEU YE 116 -103.73 -34.57 73.97
CA LEU YE 116 -103.73 -33.11 74.07
C LEU YE 116 -104.08 -32.63 75.47
N ILE YE 117 -105.13 -33.19 76.07
CA ILE YE 117 -105.55 -32.74 77.39
C ILE YE 117 -104.51 -33.09 78.46
N THR YE 118 -103.99 -34.32 78.41
CA THR YE 118 -103.03 -34.77 79.41
C THR YE 118 -101.58 -34.67 78.96
N GLY YE 119 -101.33 -34.59 77.67
CA GLY YE 119 -99.99 -34.43 77.16
C GLY YE 119 -99.25 -35.70 76.83
N GLU YE 120 -99.93 -36.84 76.82
CA GLU YE 120 -99.28 -38.11 76.52
C GLU YE 120 -98.80 -38.14 75.07
N GLY YE 121 -98.17 -39.24 74.72
CA GLY YE 121 -97.85 -39.53 73.34
C GLY YE 121 -98.31 -40.93 73.03
N GLN YE 122 -98.86 -41.11 71.84
CA GLN YE 122 -99.40 -42.41 71.47
C GLN YE 122 -98.28 -43.40 71.20
N TRP YE 123 -98.44 -44.60 71.73
CA TRP YE 123 -97.39 -45.62 71.64
C TRP YE 123 -97.70 -46.70 70.62
N ALA ZE 1 -103.64 -43.12 74.12
CA ALA ZE 1 -103.63 -44.55 73.84
C ALA ZE 1 -102.82 -44.84 72.58
N ALA ZE 2 -102.82 -46.09 72.14
CA ALA ZE 2 -102.03 -46.48 70.99
C ALA ZE 2 -102.62 -45.90 69.71
N ARG ZE 3 -101.82 -45.90 68.65
CA ARG ZE 3 -102.28 -45.42 67.35
C ARG ZE 3 -103.47 -46.25 66.90
N SER ZE 4 -104.64 -45.62 66.77
CA SER ZE 4 -105.83 -46.32 66.35
C SER ZE 4 -106.57 -45.54 65.28
N SER ZE 5 -107.80 -45.93 64.99
CA SER ZE 5 -108.62 -45.24 64.00
C SER ZE 5 -109.43 -44.14 64.69
N ILE ZE 6 -109.29 -42.91 64.19
CA ILE ZE 6 -110.02 -41.78 64.74
C ILE ZE 6 -111.21 -41.48 63.84
N VAL ZE 7 -112.23 -40.84 64.42
CA VAL ZE 7 -113.56 -40.75 63.81
C VAL ZE 7 -113.88 -39.26 63.65
N LEU ZE 8 -112.87 -38.48 63.27
CA LEU ZE 8 -113.03 -37.05 63.00
C LEU ZE 8 -114.31 -36.76 62.26
N THR ZE 9 -115.20 -35.97 62.86
CA THR ZE 9 -116.52 -35.71 62.33
C THR ZE 9 -116.83 -34.22 62.43
N ASP ZE 10 -118.04 -33.84 62.00
CA ASP ZE 10 -118.50 -32.47 62.16
C ASP ZE 10 -119.95 -32.40 62.60
N GLY ZE 11 -120.53 -33.50 63.06
CA GLY ZE 11 -121.91 -33.56 63.47
C GLY ZE 11 -122.84 -34.21 62.46
N THR ZE 12 -122.49 -34.17 61.18
CA THR ZE 12 -123.29 -34.77 60.13
C THR ZE 12 -122.54 -35.86 59.37
N THR ZE 13 -121.34 -35.57 58.87
CA THR ZE 13 -120.62 -36.49 57.99
C THR ZE 13 -119.30 -36.91 58.63
N PRO ZE 14 -119.27 -38.04 59.33
CA PRO ZE 14 -118.02 -38.51 59.93
C PRO ZE 14 -117.05 -39.04 58.89
N VAL ZE 15 -115.78 -39.02 59.26
CA VAL ZE 15 -114.70 -39.56 58.45
C VAL ZE 15 -113.77 -40.34 59.36
N THR ZE 16 -113.43 -41.57 58.99
CA THR ZE 16 -112.57 -42.43 59.78
C THR ZE 16 -111.17 -42.43 59.19
N LEU ZE 17 -110.18 -42.15 60.03
CA LEU ZE 17 -108.79 -42.06 59.61
C LEU ZE 17 -107.95 -43.09 60.36
N THR ZE 18 -107.14 -43.84 59.61
CA THR ZE 18 -106.26 -44.85 60.18
C THR ZE 18 -104.80 -44.49 59.89
N PRO ZE 19 -103.89 -44.75 60.82
CA PRO ZE 19 -102.50 -44.29 60.65
C PRO ZE 19 -101.85 -44.90 59.41
N VAL ZE 20 -101.08 -44.07 58.70
CA VAL ZE 20 -100.46 -44.49 57.45
C VAL ZE 20 -98.96 -44.23 57.48
N GLY ZE 21 -98.40 -44.08 58.65
CA GLY ZE 21 -96.96 -43.93 58.73
C GLY ZE 21 -96.56 -43.09 59.92
N GLY ZE 22 -95.42 -42.42 59.78
CA GLY ZE 22 -94.92 -41.56 60.84
C GLY ZE 22 -93.61 -42.06 61.45
N GLY ZE 23 -93.54 -42.06 62.77
CA GLY ZE 23 -92.34 -42.45 63.48
C GLY ZE 23 -92.49 -42.26 64.97
N VAL ZE 24 -91.48 -41.66 65.61
CA VAL ZE 24 -91.56 -41.29 67.01
C VAL ZE 24 -91.86 -39.80 67.11
N GLY ZE 25 -92.88 -39.46 67.89
CA GLY ZE 25 -93.35 -38.10 67.90
C GLY ZE 25 -93.84 -37.65 66.54
N GLN ZE 26 -94.58 -38.52 65.86
CA GLN ZE 26 -95.14 -38.24 64.55
C GLN ZE 26 -96.15 -39.33 64.21
N THR ZE 27 -97.26 -38.94 63.61
CA THR ZE 27 -98.33 -39.90 63.30
C THR ZE 27 -99.15 -39.33 62.15
N LEU ZE 28 -99.05 -39.98 60.99
CA LEU ZE 28 -99.89 -39.61 59.86
C LEU ZE 28 -101.27 -40.23 60.01
N TYR ZE 29 -102.20 -39.78 59.17
CA TYR ZE 29 -103.53 -40.34 59.12
C TYR ZE 29 -104.05 -40.19 57.70
N ARG ZE 30 -105.09 -40.97 57.38
CA ARG ZE 30 -105.79 -40.86 56.10
C ARG ZE 30 -107.04 -41.73 56.18
N ALA ZE 31 -107.97 -41.48 55.27
CA ALA ZE 31 -109.25 -42.17 55.23
C ALA ZE 31 -109.22 -43.31 54.20
N THR ZE 32 -110.38 -43.91 53.95
CA THR ZE 32 -110.47 -45.14 53.18
C THR ZE 32 -110.57 -44.91 51.67
N ALA ZE 33 -111.26 -43.85 51.23
CA ALA ZE 33 -111.45 -43.61 49.80
C ALA ZE 33 -110.12 -43.38 49.11
N GLU ZE 34 -110.06 -43.60 47.79
CA GLU ZE 34 -108.82 -43.54 47.05
C GLU ZE 34 -108.95 -42.59 45.87
N ALA ZE 35 -107.84 -41.94 45.54
CA ALA ZE 35 -107.78 -41.04 44.39
C ALA ZE 35 -106.37 -41.10 43.83
N LEU ZE 36 -106.01 -40.13 42.98
CA LEU ZE 36 -104.72 -40.11 42.31
C LEU ZE 36 -103.78 -39.07 42.91
N SER ZE 37 -104.18 -37.81 42.96
CA SER ZE 37 -103.32 -36.74 43.44
C SER ZE 37 -103.50 -36.49 44.94
N ALA ZE 38 -104.71 -36.12 45.35
CA ALA ZE 38 -105.05 -35.92 46.76
C ALA ZE 38 -106.13 -36.92 47.13
N ALA ZE 39 -105.78 -37.86 48.01
CA ALA ZE 39 -106.70 -38.94 48.30
C ALA ZE 39 -107.78 -38.52 49.29
N ASN ZE 40 -107.39 -38.17 50.51
CA ASN ZE 40 -108.35 -38.02 51.59
C ASN ZE 40 -107.87 -36.97 52.60
N PRO ZE 41 -108.65 -36.68 53.63
CA PRO ZE 41 -108.12 -35.90 54.76
C PRO ZE 41 -106.91 -36.59 55.38
N SER ZE 42 -105.91 -35.79 55.77
CA SER ZE 42 -104.65 -36.32 56.26
C SER ZE 42 -104.22 -35.49 57.47
N LEU ZE 43 -104.44 -36.01 58.67
CA LEU ZE 43 -104.18 -35.31 59.91
C LEU ZE 43 -102.82 -35.75 60.47
N SER ZE 44 -101.82 -34.91 60.30
CA SER ZE 44 -100.51 -35.20 60.89
C SER ZE 44 -100.45 -34.69 62.32
N PHE ZE 45 -99.70 -35.40 63.16
CA PHE ZE 45 -99.61 -35.10 64.60
C PHE ZE 45 -98.16 -35.18 65.00
N GLY ZE 46 -97.55 -34.04 65.32
CA GLY ZE 46 -96.11 -33.96 65.45
C GLY ZE 46 -95.56 -33.58 66.81
N TYR ZE 47 -96.11 -34.17 67.88
CA TYR ZE 47 -95.71 -33.81 69.23
C TYR ZE 47 -94.23 -34.12 69.47
N ARG ZE 48 -93.64 -33.35 70.39
CA ARG ZE 48 -92.24 -33.51 70.79
C ARG ZE 48 -92.03 -32.75 72.09
N PHE ZE 49 -90.81 -32.81 72.60
CA PHE ZE 49 -90.41 -32.06 73.79
C PHE ZE 49 -89.20 -31.19 73.45
N THR ZE 50 -88.70 -30.46 74.44
CA THR ZE 50 -87.66 -29.47 74.20
C THR ZE 50 -86.76 -29.44 75.43
N ASP ZE 51 -85.98 -28.37 75.58
CA ASP ZE 51 -85.03 -28.24 76.69
C ASP ZE 51 -85.73 -28.40 78.03
N GLY ZE 52 -86.83 -27.67 78.22
CA GLY ZE 52 -87.67 -27.85 79.38
C GLY ZE 52 -88.77 -28.86 79.12
N GLY ZE 53 -89.85 -28.73 79.88
CA GLY ZE 53 -91.02 -29.54 79.62
C GLY ZE 53 -91.89 -28.93 78.55
N THR ZE 54 -91.26 -28.22 77.62
CA THR ZE 54 -91.99 -27.45 76.61
C THR ZE 54 -92.61 -28.40 75.60
N ASN ZE 55 -93.81 -28.90 75.90
CA ASN ZE 55 -94.50 -29.85 75.05
C ASN ZE 55 -94.96 -29.15 73.79
N ARG ZE 56 -94.20 -29.30 72.71
CA ARG ZE 56 -94.43 -28.56 71.48
C ARG ZE 56 -95.23 -29.42 70.49
N GLN ZE 57 -96.49 -29.66 70.84
CA GLN ZE 57 -97.36 -30.41 69.95
C GLN ZE 57 -97.67 -29.60 68.70
N SER ZE 58 -98.07 -30.29 67.64
CA SER ZE 58 -98.32 -29.65 66.36
C SER ZE 58 -99.23 -30.55 65.53
N LEU ZE 59 -100.16 -29.93 64.81
CA LEU ZE 59 -101.15 -30.65 64.03
C LEU ZE 59 -101.27 -30.00 62.65
N SER ZE 60 -101.90 -30.73 61.73
CA SER ZE 60 -102.23 -30.19 60.43
C SER ZE 60 -103.27 -31.08 59.76
N TYR ZE 61 -104.47 -30.55 59.52
CA TYR ZE 61 -105.57 -31.31 58.95
C TYR ZE 61 -105.89 -30.75 57.58
N LYS ZE 62 -105.48 -31.45 56.53
CA LYS ZE 62 -105.73 -31.04 55.16
C LYS ZE 62 -106.90 -31.85 54.61
N GLN ZE 63 -107.90 -31.16 54.09
CA GLN ZE 63 -109.04 -31.82 53.45
C GLN ZE 63 -109.10 -31.39 51.99
N PRO ZE 64 -108.84 -32.27 51.04
CA PRO ZE 64 -108.82 -31.88 49.63
C PRO ZE 64 -110.21 -31.56 49.10
N ILE ZE 65 -110.29 -30.51 48.29
CA ILE ZE 65 -111.53 -30.11 47.64
C ILE ZE 65 -111.64 -30.90 46.35
N THR ZE 66 -112.61 -31.80 46.27
CA THR ZE 66 -112.73 -32.72 45.15
C THR ZE 66 -114.15 -32.73 44.62
N ALA ZE 67 -114.28 -32.87 43.30
CA ALA ZE 67 -115.54 -33.08 42.63
C ALA ZE 67 -115.36 -34.22 41.65
N VAL ZE 68 -116.32 -35.16 41.64
CA VAL ZE 68 -116.16 -36.39 40.86
C VAL ZE 68 -116.42 -36.08 39.40
N ASP ZE 69 -115.47 -36.47 38.55
CA ASP ZE 69 -115.63 -36.33 37.11
C ASP ZE 69 -116.65 -37.34 36.60
N SER ZE 70 -117.16 -37.08 35.40
CA SER ZE 70 -118.07 -38.01 34.74
C SER ZE 70 -117.28 -38.97 33.86
N THR ZE 71 -117.72 -40.23 33.86
CA THR ZE 71 -117.19 -41.33 33.06
C THR ZE 71 -115.79 -41.76 33.49
N THR ZE 72 -115.16 -41.09 34.45
CA THR ZE 72 -113.84 -41.45 34.92
C THR ZE 72 -113.84 -41.56 36.44
N SER ZE 73 -113.19 -42.59 36.95
CA SER ZE 73 -113.13 -42.86 38.38
C SER ZE 73 -111.87 -42.27 39.02
N GLU ZE 74 -111.69 -40.96 38.87
CA GLU ZE 74 -110.51 -40.29 39.42
C GLU ZE 74 -110.87 -39.11 40.32
N THR ZE 75 -112.15 -38.76 40.45
CA THR ZE 75 -112.66 -37.78 41.41
C THR ZE 75 -111.75 -36.57 41.55
N LEU ZE 76 -111.57 -35.83 40.45
CA LEU ZE 76 -110.65 -34.69 40.36
C LEU ZE 76 -110.69 -33.82 41.60
N VAL ZE 77 -109.50 -33.54 42.14
CA VAL ZE 77 -109.35 -32.70 43.33
C VAL ZE 77 -108.91 -31.31 42.88
N ARG ZE 78 -109.37 -30.29 43.61
CA ARG ZE 78 -109.15 -28.91 43.21
C ARG ZE 78 -108.26 -28.12 44.16
N GLY ZE 79 -108.23 -28.47 45.43
CA GLY ZE 79 -107.40 -27.77 46.39
C GLY ZE 79 -107.36 -28.53 47.70
N GLN ZE 80 -107.12 -27.79 48.79
CA GLN ZE 80 -107.08 -28.38 50.12
C GLN ZE 80 -107.27 -27.31 51.20
N CYS ZE 81 -108.13 -27.60 52.17
CA CYS ZE 81 -108.42 -26.68 53.27
C CYS ZE 81 -107.48 -26.99 54.43
N VAL ZE 82 -106.29 -26.40 54.41
CA VAL ZE 82 -105.30 -26.63 55.46
C VAL ZE 82 -105.75 -25.97 56.75
N VAL ZE 83 -105.63 -26.70 57.85
CA VAL ZE 83 -105.91 -26.15 59.18
C VAL ZE 83 -104.83 -26.58 60.16
N ASP ZE 84 -103.88 -25.70 60.44
CA ASP ZE 84 -102.78 -26.00 61.35
C ASP ZE 84 -103.15 -25.63 62.77
N ILE ZE 85 -102.76 -26.48 63.72
CA ILE ZE 85 -102.99 -26.21 65.14
C ILE ZE 85 -101.73 -26.51 65.93
N ASN ZE 86 -100.94 -25.49 66.22
CA ASN ZE 86 -99.71 -25.66 66.98
C ASN ZE 86 -99.93 -25.29 68.44
N ILE ZE 87 -99.34 -26.09 69.33
CA ILE ZE 87 -99.52 -25.93 70.77
C ILE ZE 87 -98.15 -25.87 71.43
N VAL ZE 88 -97.97 -24.92 72.33
CA VAL ZE 88 -96.74 -24.77 73.09
C VAL ZE 88 -97.12 -24.61 74.56
N ILE ZE 89 -96.84 -25.63 75.36
CA ILE ZE 89 -97.18 -25.65 76.77
C ILE ZE 89 -95.89 -25.64 77.58
N PRO ZE 90 -95.71 -24.69 78.49
CA PRO ZE 90 -94.40 -24.57 79.17
C PRO ZE 90 -94.18 -25.66 80.19
N ARG ZE 91 -92.99 -25.67 80.79
CA ARG ZE 91 -92.67 -26.66 81.82
C ARG ZE 91 -93.49 -26.48 83.08
N VAL ZE 92 -93.84 -25.25 83.44
CA VAL ZE 92 -94.45 -24.95 84.73
C VAL ZE 92 -95.97 -25.07 84.67
N ALA ZE 93 -96.48 -25.60 83.57
CA ALA ZE 93 -97.93 -25.62 83.35
C ALA ZE 93 -98.54 -26.83 84.05
N THR ZE 94 -99.24 -26.58 85.14
CA THR ZE 94 -99.99 -27.63 85.83
C THR ZE 94 -101.03 -28.22 84.89
N ALA ZE 95 -101.21 -29.54 84.99
CA ALA ZE 95 -102.11 -30.23 84.07
C ALA ZE 95 -103.53 -29.71 84.13
N THR ZE 96 -103.93 -29.08 85.23
CA THR ZE 96 -105.21 -28.38 85.26
C THR ZE 96 -105.18 -27.15 84.37
N ASP ZE 97 -104.07 -26.40 84.40
CA ASP ZE 97 -103.95 -25.23 83.54
C ASP ZE 97 -103.89 -25.62 82.06
N ARG ZE 98 -103.19 -26.71 81.76
CA ARG ZE 98 -103.09 -27.13 80.36
C ARG ZE 98 -104.44 -27.55 79.81
N ALA ZE 99 -105.26 -28.22 80.62
CA ALA ZE 99 -106.60 -28.60 80.17
C ALA ZE 99 -107.43 -27.37 79.85
N GLU ZE 100 -107.32 -26.33 80.68
CA GLU ZE 100 -108.05 -25.09 80.43
C GLU ZE 100 -107.56 -24.43 79.14
N ALA ZE 101 -106.25 -24.39 78.95
CA ALA ZE 101 -105.70 -23.68 77.78
C ALA ZE 101 -106.13 -24.35 76.49
N ILE ZE 102 -106.10 -25.68 76.43
CA ILE ZE 102 -106.45 -26.39 75.20
C ILE ZE 102 -107.95 -26.29 74.95
N LYS ZE 103 -108.76 -26.53 75.97
CA LYS ZE 103 -110.20 -26.57 75.76
C LYS ZE 103 -110.76 -25.18 75.49
N ARG ZE 104 -110.16 -24.14 76.06
CA ARG ZE 104 -110.59 -22.79 75.76
C ARG ZE 104 -110.21 -22.36 74.36
N ALA ZE 105 -109.04 -22.79 73.88
CA ALA ZE 105 -108.64 -22.44 72.53
C ALA ZE 105 -109.54 -23.10 71.50
N PHE ZE 106 -109.96 -24.34 71.75
CA PHE ZE 106 -110.82 -25.05 70.83
C PHE ZE 106 -112.28 -24.67 70.98
N ASP ZE 107 -112.62 -23.80 71.92
CA ASP ZE 107 -113.95 -23.24 72.02
C ASP ZE 107 -114.11 -21.96 71.21
N VAL ZE 108 -113.09 -21.56 70.48
CA VAL ZE 108 -113.21 -20.38 69.62
C VAL ZE 108 -114.30 -20.60 68.57
N LEU ZE 109 -114.37 -21.81 68.02
CA LEU ZE 109 -115.33 -22.11 66.97
C LEU ZE 109 -116.76 -21.84 67.42
N ASN ZE 110 -117.05 -22.01 68.70
CA ASN ZE 110 -118.39 -21.73 69.21
C ASN ZE 110 -118.58 -20.29 69.64
N ALA ZE 111 -117.51 -19.51 69.73
CA ALA ZE 111 -117.61 -18.10 70.10
C ALA ZE 111 -117.37 -17.18 68.91
N LEU ZE 112 -116.30 -17.43 68.18
CA LEU ZE 112 -115.99 -16.67 66.96
C LEU ZE 112 -116.48 -17.46 65.73
N ASN ZE 113 -117.77 -17.77 65.75
CA ASN ZE 113 -118.30 -18.78 64.82
C ASN ZE 113 -118.44 -18.24 63.41
N ALA ZE 114 -119.14 -17.12 63.25
CA ALA ZE 114 -119.45 -16.62 61.91
C ALA ZE 114 -118.18 -16.28 61.13
N GLU ZE 115 -117.20 -15.69 61.81
CA GLU ZE 115 -115.96 -15.30 61.12
C GLU ZE 115 -115.17 -16.49 60.61
N LEU ZE 116 -115.30 -17.66 61.25
CA LEU ZE 116 -114.52 -18.82 60.88
C LEU ZE 116 -115.22 -19.70 59.85
N ILE ZE 117 -116.52 -19.92 60.03
CA ILE ZE 117 -117.27 -20.75 59.09
C ILE ZE 117 -117.53 -19.98 57.80
N THR ZE 118 -118.19 -18.82 57.90
CA THR ZE 118 -118.55 -18.06 56.73
C THR ZE 118 -117.35 -17.35 56.12
N GLY ZE 119 -116.49 -16.76 56.95
CA GLY ZE 119 -115.28 -16.12 56.46
C GLY ZE 119 -115.44 -14.64 56.21
N GLU ZE 120 -115.98 -13.92 57.19
CA GLU ZE 120 -116.35 -12.52 57.01
C GLU ZE 120 -116.37 -11.84 58.36
N GLY ZE 121 -116.46 -10.51 58.32
CA GLY ZE 121 -116.87 -9.78 59.50
C GLY ZE 121 -115.82 -8.91 60.16
N GLN ZE 122 -116.00 -8.68 61.46
CA GLN ZE 122 -115.17 -7.77 62.25
C GLN ZE 122 -115.23 -6.35 61.67
N TRP ZE 123 -116.41 -5.77 61.78
CA TRP ZE 123 -116.63 -4.41 61.31
C TRP ZE 123 -116.15 -3.42 62.36
N ALA AF 1 31.93 -121.81 34.65
CA ALA AF 1 32.03 -122.38 35.99
C ALA AF 1 32.65 -121.37 36.96
N ALA AF 2 32.95 -121.82 38.17
CA ALA AF 2 33.58 -120.94 39.14
C ALA AF 2 34.98 -120.55 38.66
N ARG AF 3 35.32 -119.28 38.83
CA ARG AF 3 36.61 -118.77 38.39
C ARG AF 3 37.74 -119.46 39.15
N SER AF 4 38.78 -119.86 38.44
CA SER AF 4 39.92 -120.54 39.03
C SER AF 4 41.16 -120.19 38.22
N SER AF 5 42.22 -120.97 38.40
CA SER AF 5 43.46 -120.75 37.67
C SER AF 5 43.46 -121.53 36.36
N ILE AF 6 44.24 -121.04 35.40
CA ILE AF 6 44.38 -121.67 34.10
C ILE AF 6 45.86 -121.84 33.78
N VAL AF 7 46.17 -122.83 32.94
CA VAL AF 7 47.52 -123.35 32.82
C VAL AF 7 47.95 -123.20 31.35
N LEU AF 8 47.54 -122.08 30.72
CA LEU AF 8 47.95 -121.77 29.35
C LEU AF 8 49.39 -122.18 29.09
N THR AF 9 49.58 -122.96 28.03
CA THR AF 9 50.88 -123.56 27.74
C THR AF 9 51.09 -123.60 26.23
N ASP AF 10 52.30 -123.99 25.83
CA ASP AF 10 52.62 -124.23 24.44
C ASP AF 10 53.49 -125.47 24.30
N GLY AF 11 53.35 -126.40 25.24
CA GLY AF 11 54.06 -127.66 25.15
C GLY AF 11 55.36 -127.70 25.94
N THR AF 12 56.01 -126.56 26.12
CA THR AF 12 57.29 -126.53 26.81
C THR AF 12 57.34 -125.59 28.00
N THR AF 13 56.66 -124.45 27.94
CA THR AF 13 56.71 -123.46 29.02
C THR AF 13 55.29 -123.09 29.43
N PRO AF 14 54.69 -123.85 30.35
CA PRO AF 14 53.36 -123.51 30.84
C PRO AF 14 53.36 -122.20 31.62
N VAL AF 15 52.21 -121.53 31.60
CA VAL AF 15 52.00 -120.28 32.31
C VAL AF 15 50.75 -120.42 33.15
N THR AF 16 50.86 -120.19 34.45
CA THR AF 16 49.71 -120.25 35.35
C THR AF 16 49.15 -118.85 35.54
N LEU AF 17 47.88 -118.68 35.23
CA LEU AF 17 47.20 -117.39 35.39
C LEU AF 17 46.15 -117.50 36.48
N THR AF 18 45.92 -116.39 37.17
CA THR AF 18 45.02 -116.36 38.31
C THR AF 18 44.08 -115.16 38.17
N PRO AF 19 42.80 -115.31 38.52
CA PRO AF 19 41.85 -114.22 38.34
C PRO AF 19 42.10 -113.06 39.30
N VAL AF 20 42.48 -111.91 38.79
CA VAL AF 20 42.87 -110.79 39.65
C VAL AF 20 41.98 -109.58 39.38
N GLY AF 21 40.77 -109.81 38.92
CA GLY AF 21 39.86 -108.71 38.68
C GLY AF 21 38.74 -109.13 37.75
N GLY AF 22 38.06 -108.11 37.22
CA GLY AF 22 36.98 -108.35 36.30
C GLY AF 22 35.69 -107.67 36.70
N GLY AF 23 34.58 -108.37 36.53
CA GLY AF 23 33.28 -107.81 36.86
C GLY AF 23 32.17 -108.74 36.45
N VAL AF 24 31.09 -108.16 35.94
CA VAL AF 24 29.99 -108.93 35.39
C VAL AF 24 30.23 -109.08 33.89
N GLY AF 25 30.31 -110.33 33.42
CA GLY AF 25 30.67 -110.59 32.05
C GLY AF 25 32.10 -110.20 31.73
N GLN AF 26 33.03 -110.52 32.63
CA GLN AF 26 34.44 -110.19 32.45
C GLN AF 26 35.24 -110.91 33.53
N THR AF 27 36.45 -111.33 33.17
CA THR AF 27 37.32 -112.00 34.14
C THR AF 27 38.77 -111.82 33.67
N LEU AF 28 39.47 -110.88 34.28
CA LEU AF 28 40.89 -110.68 33.97
C LEU AF 28 41.72 -111.80 34.59
N TYR AF 29 42.88 -112.05 33.98
CA TYR AF 29 43.85 -113.00 34.49
C TYR AF 29 45.22 -112.36 34.41
N ARG AF 30 46.17 -112.93 35.14
CA ARG AF 30 47.55 -112.48 35.08
C ARG AF 30 48.45 -113.58 35.61
N ALA AF 31 49.61 -113.76 34.99
CA ALA AF 31 50.54 -114.77 35.45
C ALA AF 31 51.04 -114.41 36.84
N THR AF 32 51.23 -115.44 37.66
CA THR AF 32 51.56 -115.22 39.07
C THR AF 32 52.81 -114.35 39.21
N ALA AF 33 53.94 -114.86 38.72
CA ALA AF 33 55.16 -114.06 38.66
C ALA AF 33 56.12 -114.73 37.69
N GLU AF 34 56.44 -114.06 36.58
CA GLU AF 34 57.48 -114.57 35.71
C GLU AF 34 58.86 -114.11 36.21
N ALA AF 35 59.13 -112.80 36.12
CA ALA AF 35 60.31 -112.23 36.74
C ALA AF 35 60.08 -110.85 37.35
N LEU AF 36 59.01 -110.16 37.01
CA LEU AF 36 58.71 -108.81 37.49
C LEU AF 36 57.29 -108.48 37.03
N SER AF 37 56.85 -107.27 37.31
CA SER AF 37 55.58 -106.79 36.78
C SER AF 37 55.80 -106.19 35.40
N ALA AF 38 54.71 -106.11 34.64
CA ALA AF 38 54.66 -105.70 33.24
C ALA AF 38 55.33 -106.71 32.32
N ALA AF 39 55.92 -107.77 32.84
CA ALA AF 39 56.47 -108.86 32.05
C ALA AF 39 55.69 -110.14 32.32
N ASN AF 40 54.40 -110.00 32.59
CA ASN AF 40 53.53 -111.10 32.90
C ASN AF 40 52.34 -111.14 31.94
N PRO AF 41 52.06 -112.27 31.31
CA PRO AF 41 50.93 -112.35 30.39
C PRO AF 41 49.58 -112.22 31.11
N SER AF 42 48.58 -111.80 30.34
CA SER AF 42 47.23 -111.65 30.86
C SER AF 42 46.25 -112.24 29.86
N LEU AF 43 45.08 -112.66 30.36
CA LEU AF 43 44.08 -113.36 29.56
C LEU AF 43 42.68 -112.78 29.82
N SER AF 44 42.54 -111.47 29.67
CA SER AF 44 41.23 -110.84 29.74
C SER AF 44 40.19 -111.62 28.94
N PHE AF 45 39.04 -111.87 29.56
CA PHE AF 45 38.02 -112.75 28.97
C PHE AF 45 36.65 -112.23 29.33
N GLY AF 46 35.92 -111.72 28.33
CA GLY AF 46 34.57 -111.25 28.52
C GLY AF 46 33.54 -112.20 27.91
N TYR AF 47 32.28 -111.88 28.14
CA TYR AF 47 31.15 -112.65 27.64
C TYR AF 47 29.88 -111.87 27.93
N ARG AF 48 28.93 -111.93 27.00
CA ARG AF 48 27.67 -111.22 27.17
C ARG AF 48 26.65 -111.76 26.19
N PHE AF 49 25.39 -111.47 26.47
CA PHE AF 49 24.26 -111.85 25.62
C PHE AF 49 23.56 -110.57 25.16
N THR AF 50 23.36 -110.45 23.85
CA THR AF 50 22.61 -109.32 23.31
C THR AF 50 21.12 -109.61 23.35
N ASP AF 51 20.34 -108.84 22.58
CA ASP AF 51 18.90 -109.06 22.48
C ASP AF 51 18.55 -110.53 22.26
N GLY AF 52 19.19 -111.15 21.28
CA GLY AF 52 19.04 -112.57 21.04
C GLY AF 52 20.00 -113.38 21.90
N GLY AF 53 20.04 -114.67 21.64
CA GLY AF 53 20.94 -115.54 22.37
C GLY AF 53 22.35 -115.53 21.82
N THR AF 54 22.72 -114.42 21.18
CA THR AF 54 24.03 -114.30 20.55
C THR AF 54 25.09 -114.25 21.66
N ASN AF 55 25.70 -115.39 21.93
CA ASN AF 55 26.67 -115.52 23.00
C ASN AF 55 27.99 -114.88 22.60
N ARG AF 56 28.04 -113.55 22.56
CA ARG AF 56 29.20 -112.83 22.06
C ARG AF 56 30.31 -112.86 23.11
N GLN AF 57 31.02 -113.99 23.16
CA GLN AF 57 32.21 -114.10 23.98
C GLN AF 57 33.38 -113.38 23.30
N SER AF 58 34.41 -113.09 24.10
CA SER AF 58 35.59 -112.39 23.61
C SER AF 58 36.78 -112.82 24.44
N LEU AF 59 37.97 -112.65 23.88
CA LEU AF 59 39.20 -112.97 24.56
C LEU AF 59 40.29 -112.00 24.13
N SER AF 60 41.36 -111.95 24.91
CA SER AF 60 42.51 -111.12 24.59
C SER AF 60 43.69 -111.60 25.42
N TYR AF 61 44.70 -112.14 24.76
CA TYR AF 61 45.90 -112.63 25.43
C TYR AF 61 47.07 -111.74 25.04
N LYS AF 62 47.69 -111.10 26.04
CA LYS AF 62 48.75 -110.13 25.82
C LYS AF 62 50.02 -110.62 26.51
N GLN AF 63 50.97 -111.11 25.72
CA GLN AF 63 52.26 -111.54 26.24
C GLN AF 63 53.29 -110.48 25.92
N PRO AF 64 53.88 -109.81 26.91
CA PRO AF 64 54.81 -108.71 26.63
C PRO AF 64 56.22 -109.18 26.35
N ILE AF 65 56.88 -108.44 25.46
CA ILE AF 65 58.21 -108.79 24.99
C ILE AF 65 59.23 -108.04 25.84
N THR AF 66 59.99 -108.77 26.65
CA THR AF 66 60.96 -108.18 27.55
C THR AF 66 62.37 -108.43 27.05
N ALA AF 67 63.27 -107.52 27.40
CA ALA AF 67 64.65 -107.61 26.96
C ALA AF 67 65.54 -106.87 27.97
N VAL AF 68 66.79 -107.33 28.07
CA VAL AF 68 67.73 -106.73 29.02
C VAL AF 68 68.19 -105.37 28.50
N ASP AF 69 68.62 -104.52 29.43
CA ASP AF 69 69.04 -103.15 29.15
C ASP AF 69 70.45 -102.93 29.71
N SER AF 70 71.38 -103.80 29.31
CA SER AF 70 72.72 -103.93 29.87
C SER AF 70 73.38 -102.62 30.28
N THR AF 71 73.13 -101.53 29.54
CA THR AF 71 73.61 -100.23 29.98
C THR AF 71 73.14 -99.89 31.39
N THR AF 72 71.96 -100.38 31.78
CA THR AF 72 71.46 -100.27 33.14
C THR AF 72 71.14 -101.62 33.77
N SER AF 73 71.03 -102.68 32.98
CA SER AF 73 70.76 -104.04 33.45
C SER AF 73 69.37 -104.18 34.08
N GLU AF 74 68.43 -103.36 33.64
CA GLU AF 74 67.04 -103.44 34.10
C GLU AF 74 66.19 -104.02 32.97
N THR AF 75 65.41 -105.05 33.29
CA THR AF 75 64.69 -105.82 32.28
C THR AF 75 63.47 -105.04 31.79
N LEU AF 76 63.74 -104.05 30.95
CA LEU AF 76 62.68 -103.24 30.37
C LEU AF 76 61.86 -104.06 29.37
N VAL AF 77 60.59 -103.70 29.23
CA VAL AF 77 59.68 -104.36 28.30
C VAL AF 77 59.51 -103.48 27.06
N ARG AF 78 59.71 -104.07 25.89
CA ARG AF 78 59.63 -103.33 24.63
C ARG AF 78 58.19 -103.23 24.13
N GLY AF 79 57.54 -104.37 23.92
CA GLY AF 79 56.18 -104.40 23.42
C GLY AF 79 55.44 -105.66 23.82
N GLN AF 80 54.26 -105.88 23.26
CA GLN AF 80 53.43 -107.03 23.62
C GLN AF 80 52.84 -107.66 22.36
N CYS AF 81 52.57 -108.95 22.45
CA CYS AF 81 51.89 -109.69 21.39
C CYS AF 81 50.45 -109.91 21.79
N VAL AF 82 49.52 -109.49 20.93
CA VAL AF 82 48.11 -109.46 21.25
C VAL AF 82 47.38 -110.47 20.37
N VAL AF 83 46.61 -111.35 20.98
CA VAL AF 83 45.78 -112.32 20.27
C VAL AF 83 44.35 -112.17 20.77
N ASP AF 84 43.43 -111.86 19.87
CA ASP AF 84 42.02 -111.68 20.21
C ASP AF 84 41.20 -112.77 19.53
N ILE AF 85 40.54 -113.60 20.33
CA ILE AF 85 39.68 -114.64 19.78
C ILE AF 85 38.23 -114.32 20.11
N ASN AF 86 37.55 -113.61 19.22
CA ASN AF 86 36.15 -113.32 19.42
C ASN AF 86 35.29 -114.46 18.90
N ILE AF 87 34.20 -114.73 19.61
CA ILE AF 87 33.28 -115.81 19.27
C ILE AF 87 31.86 -115.26 19.33
N VAL AF 88 31.08 -115.54 18.30
CA VAL AF 88 29.67 -115.16 18.25
C VAL AF 88 28.85 -116.36 17.81
N ILE AF 89 27.92 -116.79 18.66
CA ILE AF 89 27.04 -117.91 18.37
C ILE AF 89 25.61 -117.45 18.59
N PRO AF 90 24.74 -117.52 17.57
CA PRO AF 90 23.37 -117.02 17.73
C PRO AF 90 22.52 -117.98 18.55
N ARG AF 91 21.31 -117.52 18.88
CA ARG AF 91 20.38 -118.36 19.63
C ARG AF 91 20.00 -119.61 18.85
N VAL AF 92 19.86 -119.51 17.54
CA VAL AF 92 19.33 -120.59 16.71
C VAL AF 92 20.34 -121.73 16.58
N ALA AF 93 21.48 -121.60 17.24
CA ALA AF 93 22.56 -122.56 17.10
C ALA AF 93 22.28 -123.82 17.90
N THR AF 94 22.37 -124.96 17.24
CA THR AF 94 22.32 -126.23 17.93
C THR AF 94 23.57 -126.40 18.78
N ALA AF 95 23.42 -127.06 19.93
CA ALA AF 95 24.53 -127.26 20.85
C ALA AF 95 25.69 -128.02 20.22
N THR AF 96 25.45 -128.79 19.16
CA THR AF 96 26.52 -129.46 18.43
C THR AF 96 27.15 -128.58 17.35
N ASP AF 97 26.40 -127.60 16.84
CA ASP AF 97 26.98 -126.67 15.88
C ASP AF 97 27.96 -125.72 16.55
N ARG AF 98 27.72 -125.40 17.83
CA ARG AF 98 28.66 -124.57 18.57
C ARG AF 98 29.97 -125.31 18.82
N ALA AF 99 29.89 -126.58 19.18
CA ALA AF 99 31.10 -127.35 19.41
C ALA AF 99 31.89 -127.54 18.13
N GLU AF 100 31.19 -127.66 16.99
CA GLU AF 100 31.87 -127.81 15.71
C GLU AF 100 32.61 -126.52 15.34
N ALA AF 101 31.95 -125.38 15.47
CA ALA AF 101 32.54 -124.11 15.04
C ALA AF 101 33.74 -123.75 15.90
N ILE AF 102 33.63 -123.92 17.21
CA ILE AF 102 34.70 -123.48 18.11
C ILE AF 102 35.94 -124.33 17.91
N LYS AF 103 35.78 -125.65 17.86
CA LYS AF 103 36.93 -126.53 17.75
C LYS AF 103 37.58 -126.42 16.38
N ARG AF 104 36.79 -126.21 15.33
CA ARG AF 104 37.35 -126.09 13.98
C ARG AF 104 38.19 -124.82 13.84
N ALA AF 105 37.63 -123.69 14.26
CA ALA AF 105 38.35 -122.43 14.13
C ALA AF 105 39.61 -122.39 14.96
N PHE AF 106 39.65 -123.12 16.07
CA PHE AF 106 40.87 -123.24 16.85
C PHE AF 106 41.85 -124.24 16.23
N ASP AF 107 41.41 -125.00 15.24
CA ASP AF 107 42.29 -125.92 14.52
C ASP AF 107 43.01 -125.24 13.37
N VAL AF 108 42.87 -123.94 13.21
CA VAL AF 108 43.55 -123.22 12.13
C VAL AF 108 45.06 -123.36 12.28
N LEU AF 109 45.56 -123.16 13.50
CA LEU AF 109 47.00 -123.17 13.73
C LEU AF 109 47.63 -124.50 13.32
N ASN AF 110 46.88 -125.60 13.45
CA ASN AF 110 47.40 -126.89 12.98
C ASN AF 110 47.46 -126.94 11.46
N ALA AF 111 46.51 -126.30 10.78
CA ALA AF 111 46.47 -126.35 9.32
C ALA AF 111 47.16 -125.14 8.69
N LEU AF 112 46.69 -123.94 8.99
CA LEU AF 112 47.26 -122.72 8.43
C LEU AF 112 48.43 -122.25 9.31
N ASN AF 113 49.42 -123.14 9.45
CA ASN AF 113 50.43 -122.97 10.48
C ASN AF 113 51.47 -121.92 10.10
N ALA AF 114 52.19 -122.15 9.00
CA ALA AF 114 53.39 -121.38 8.72
C ALA AF 114 53.15 -119.89 8.56
N GLU AF 115 51.94 -119.47 8.19
CA GLU AF 115 51.65 -118.05 8.04
C GLU AF 115 51.32 -117.37 9.36
N LEU AF 116 51.07 -118.13 10.42
CA LEU AF 116 50.80 -117.57 11.74
C LEU AF 116 52.04 -117.60 12.64
N ILE AF 117 52.67 -118.76 12.77
CA ILE AF 117 53.83 -118.91 13.63
C ILE AF 117 54.97 -118.03 13.14
N THR AF 118 55.27 -118.12 11.84
CA THR AF 118 56.45 -117.47 11.29
C THR AF 118 56.20 -116.04 10.86
N GLY AF 119 54.98 -115.71 10.48
CA GLY AF 119 54.64 -114.36 10.07
C GLY AF 119 54.82 -114.07 8.60
N GLU AF 120 55.21 -115.05 7.79
CA GLU AF 120 55.40 -114.82 6.37
C GLU AF 120 54.06 -114.54 5.69
N GLY AF 121 54.11 -113.71 4.65
CA GLY AF 121 52.94 -113.37 3.89
C GLY AF 121 52.80 -114.28 2.69
N GLN AF 122 51.75 -115.09 2.69
CA GLN AF 122 51.56 -116.07 1.63
C GLN AF 122 51.28 -115.38 0.30
N TRP AF 123 51.78 -116.00 -0.78
CA TRP AF 123 51.70 -115.40 -2.10
C TRP AF 123 50.72 -116.13 -3.00
N ALA BF 1 46.41 -120.41 46.64
CA ALA BF 1 45.86 -119.09 46.95
C ALA BF 1 44.35 -119.08 46.82
N ALA BF 2 43.73 -120.23 47.08
CA ALA BF 2 42.28 -120.33 47.13
C ALA BF 2 41.78 -119.83 48.47
N ARG BF 3 40.49 -119.49 48.52
CA ARG BF 3 39.90 -118.94 49.73
C ARG BF 3 39.66 -120.04 50.75
N SER BF 4 40.25 -119.89 51.94
CA SER BF 4 40.07 -120.83 53.02
C SER BF 4 40.23 -120.09 54.34
N SER BF 5 39.99 -120.80 55.44
CA SER BF 5 40.11 -120.19 56.76
C SER BF 5 41.55 -119.84 57.07
N ILE BF 6 41.75 -118.67 57.69
CA ILE BF 6 43.06 -118.23 58.10
C ILE BF 6 43.09 -118.09 59.61
N VAL BF 7 44.30 -118.19 60.18
CA VAL BF 7 44.45 -118.44 61.61
C VAL BF 7 45.26 -117.31 62.24
N LEU BF 8 45.00 -116.08 61.82
CA LEU BF 8 45.62 -114.89 62.44
C LEU BF 8 45.78 -115.06 63.94
N THR BF 9 46.99 -114.80 64.42
CA THR BF 9 47.29 -114.98 65.84
C THR BF 9 48.34 -113.97 66.26
N ASP BF 10 48.35 -113.68 67.56
CA ASP BF 10 49.34 -112.78 68.15
C ASP BF 10 50.38 -113.53 68.96
N GLY BF 11 50.25 -114.84 69.10
CA GLY BF 11 51.16 -115.62 69.91
C GLY BF 11 50.44 -116.29 71.07
N THR BF 12 49.49 -115.58 71.66
CA THR BF 12 48.77 -116.10 72.83
C THR BF 12 47.46 -116.78 72.43
N THR BF 13 46.57 -116.04 71.79
CA THR BF 13 45.25 -116.55 71.43
C THR BF 13 45.05 -116.45 69.93
N PRO BF 14 45.02 -117.58 69.21
CA PRO BF 14 44.73 -117.53 67.78
C PRO BF 14 43.24 -117.33 67.51
N VAL BF 15 42.94 -116.58 66.46
CA VAL BF 15 41.58 -116.39 66.00
C VAL BF 15 41.48 -116.90 64.57
N THR BF 16 40.46 -117.72 64.30
CA THR BF 16 40.29 -118.34 63.00
C THR BF 16 39.21 -117.57 62.24
N LEU BF 17 39.58 -116.98 61.12
CA LEU BF 17 38.64 -116.25 60.27
C LEU BF 17 38.29 -117.10 59.07
N THR BF 18 37.00 -117.23 58.78
CA THR BF 18 36.52 -117.98 57.63
C THR BF 18 35.88 -117.03 56.64
N PRO BF 19 36.03 -117.27 55.33
CA PRO BF 19 35.48 -116.33 54.35
C PRO BF 19 33.98 -116.20 54.47
N VAL BF 20 33.48 -114.98 54.28
CA VAL BF 20 32.05 -114.73 54.32
C VAL BF 20 31.63 -113.93 53.09
N GLY BF 21 32.42 -114.00 52.03
CA GLY BF 21 31.99 -113.41 50.79
C GLY BF 21 33.04 -112.62 50.03
N GLY BF 22 32.59 -111.66 49.24
CA GLY BF 22 33.47 -110.74 48.54
C GLY BF 22 33.40 -110.80 47.03
N GLY BF 23 33.38 -111.99 46.45
CA GLY BF 23 33.41 -112.10 45.01
C GLY BF 23 34.79 -111.90 44.43
N VAL BF 24 34.87 -111.36 43.22
CA VAL BF 24 36.15 -111.17 42.54
C VAL BF 24 36.68 -109.78 42.88
N GLY BF 25 37.98 -109.70 43.10
CA GLY BF 25 38.60 -108.45 43.48
C GLY BF 25 38.63 -108.17 44.97
N GLN BF 26 38.08 -109.04 45.80
CA GLN BF 26 38.12 -108.85 47.25
C GLN BF 26 37.73 -110.15 47.93
N THR BF 27 37.87 -110.16 49.25
CA THR BF 27 37.51 -111.31 50.06
C THR BF 27 37.24 -110.84 51.47
N LEU BF 28 36.07 -111.17 52.00
CA LEU BF 28 35.73 -110.84 53.37
C LEU BF 28 35.98 -112.03 54.27
N TYR BF 29 36.41 -111.75 55.49
CA TYR BF 29 36.61 -112.80 56.49
C TYR BF 29 35.89 -112.40 57.77
N ARG BF 30 35.63 -113.38 58.62
CA ARG BF 30 35.03 -113.12 59.92
C ARG BF 30 35.11 -114.36 60.80
N ALA BF 31 35.52 -114.19 62.05
CA ALA BF 31 35.57 -115.31 62.98
C ALA BF 31 34.16 -115.65 63.46
N THR BF 32 34.05 -116.72 64.25
CA THR BF 32 32.73 -117.09 64.76
C THR BF 32 32.36 -116.25 65.99
N ALA BF 33 33.05 -116.48 67.10
CA ALA BF 33 32.76 -115.83 68.39
C ALA BF 33 31.26 -115.66 68.59
N GLU BF 34 30.54 -116.76 68.34
CA GLU BF 34 29.09 -116.70 68.15
C GLU BF 34 28.39 -116.15 69.38
N ALA BF 35 27.24 -115.51 69.16
CA ALA BF 35 26.41 -114.99 70.24
C ALA BF 35 27.21 -113.98 71.08
N LEU BF 36 27.47 -112.82 70.47
CA LEU BF 36 26.82 -112.24 69.31
C LEU BF 36 27.60 -112.53 68.03
N SER BF 37 27.00 -112.28 66.88
CA SER BF 37 27.65 -112.50 65.60
C SER BF 37 28.37 -111.27 65.05
N ALA BF 38 28.02 -110.08 65.54
CA ALA BF 38 28.70 -108.86 65.14
C ALA BF 38 29.88 -108.52 66.04
N ALA BF 39 30.11 -109.30 67.08
CA ALA BF 39 31.21 -109.07 68.00
C ALA BF 39 32.36 -110.05 67.74
N ASN BF 40 32.95 -109.97 66.56
CA ASN BF 40 34.09 -110.81 66.23
C ASN BF 40 34.89 -110.13 65.13
N PRO BF 41 36.19 -110.41 65.03
CA PRO BF 41 37.05 -109.68 64.09
C PRO BF 41 36.75 -110.03 62.64
N SER BF 42 37.22 -109.15 61.74
CA SER BF 42 37.01 -109.29 60.32
C SER BF 42 38.25 -108.81 59.58
N LEU BF 43 38.42 -109.30 58.34
CA LEU BF 43 39.63 -109.03 57.56
C LEU BF 43 39.29 -108.68 56.10
N SER BF 44 38.45 -107.68 55.88
CA SER BF 44 38.17 -107.22 54.53
C SER BF 44 39.46 -107.01 53.76
N PHE BF 45 39.68 -107.81 52.72
CA PHE BF 45 40.93 -107.81 51.95
C PHE BF 45 40.60 -107.66 50.47
N GLY BF 46 41.05 -106.56 49.87
CA GLY BF 46 40.85 -106.32 48.46
C GLY BF 46 42.16 -106.31 47.69
N TYR BF 47 42.03 -106.26 46.37
CA TYR BF 47 43.18 -106.24 45.47
C TYR BF 47 42.68 -105.95 44.06
N ARG BF 48 43.49 -105.22 43.29
CA ARG BF 48 43.12 -104.88 41.92
C ARG BF 48 44.38 -104.45 41.18
N PHE BF 49 44.28 -104.41 39.86
CA PHE BF 49 45.34 -103.92 38.99
C PHE BF 49 44.82 -102.75 38.19
N THR BF 50 45.53 -101.63 38.21
CA THR BF 50 45.10 -100.43 37.52
C THR BF 50 45.48 -100.53 36.04
N ASP BF 51 45.44 -99.39 35.35
CA ASP BF 51 45.78 -99.35 33.92
C ASP BF 51 47.14 -100.00 33.66
N GLY BF 52 48.13 -99.70 34.50
CA GLY BF 52 49.41 -100.35 34.38
C GLY BF 52 49.42 -101.67 35.12
N GLY BF 53 50.55 -102.02 35.72
CA GLY BF 53 50.64 -103.22 36.53
C GLY BF 53 50.61 -102.87 38.00
N THR BF 54 50.12 -101.68 38.32
CA THR BF 54 50.13 -101.19 39.70
C THR BF 54 49.17 -102.02 40.52
N ASN BF 55 49.72 -102.97 41.28
CA ASN BF 55 48.94 -103.86 42.12
C ASN BF 55 48.55 -103.13 43.40
N ARG BF 56 47.30 -102.68 43.48
CA ARG BF 56 46.83 -101.89 44.62
C ARG BF 56 46.11 -102.81 45.60
N GLN BF 57 46.88 -103.57 46.37
CA GLN BF 57 46.29 -104.38 47.41
C GLN BF 57 45.82 -103.51 48.57
N SER BF 58 44.96 -104.06 49.40
CA SER BF 58 44.38 -103.30 50.50
C SER BF 58 43.73 -104.22 51.53
N LEU BF 59 44.07 -104.05 52.80
CA LEU BF 59 43.51 -104.85 53.87
C LEU BF 59 42.85 -103.94 54.90
N SER BF 60 42.05 -104.54 55.76
CA SER BF 60 41.40 -103.80 56.84
C SER BF 60 40.96 -104.80 57.89
N TYR BF 61 41.60 -104.78 59.04
CA TYR BF 61 41.31 -105.71 60.13
C TYR BF 61 40.64 -104.94 61.26
N LYS BF 62 39.38 -105.23 61.50
CA LYS BF 62 38.61 -104.61 62.57
C LYS BF 62 38.33 -105.65 63.65
N GLN BF 63 38.65 -105.31 64.89
CA GLN BF 63 38.37 -106.17 66.02
C GLN BF 63 37.48 -105.41 67.00
N PRO BF 64 36.23 -105.81 67.20
CA PRO BF 64 35.35 -105.09 68.12
C PRO BF 64 35.67 -105.42 69.57
N ILE BF 65 35.41 -104.44 70.43
CA ILE BF 65 35.69 -104.55 71.86
C ILE BF 65 34.40 -104.97 72.54
N THR BF 66 34.40 -106.16 73.12
CA THR BF 66 33.20 -106.75 73.72
C THR BF 66 33.17 -106.50 75.21
N ALA BF 67 31.99 -106.71 75.79
CA ALA BF 67 31.81 -106.54 77.23
C ALA BF 67 30.58 -107.36 77.63
N VAL BF 68 30.80 -108.46 78.34
CA VAL BF 68 29.70 -109.36 78.72
C VAL BF 68 28.95 -108.71 79.89
N ASP BF 69 27.72 -108.28 79.63
CA ASP BF 69 26.89 -107.60 80.63
C ASP BF 69 26.28 -108.66 81.54
N SER BF 70 26.90 -108.90 82.69
CA SER BF 70 26.46 -109.96 83.58
C SER BF 70 25.04 -109.77 84.10
N THR BF 71 24.55 -108.53 84.14
CA THR BF 71 23.20 -108.28 84.61
C THR BF 71 22.17 -108.93 83.68
N THR BF 72 22.30 -108.69 82.38
CA THR BF 72 21.37 -109.20 81.38
C THR BF 72 21.90 -110.45 80.69
N SER BF 73 23.22 -110.69 80.75
CA SER BF 73 23.89 -111.80 80.08
C SER BF 73 23.77 -111.68 78.56
N GLU BF 74 24.19 -110.52 78.06
CA GLU BF 74 24.27 -110.27 76.64
C GLU BF 74 25.59 -109.58 76.34
N THR BF 75 26.15 -109.85 75.16
CA THR BF 75 27.41 -109.26 74.77
C THR BF 75 27.16 -107.91 74.10
N LEU BF 76 27.82 -106.88 74.61
CA LEU BF 76 27.70 -105.53 74.08
C LEU BF 76 28.98 -105.14 73.36
N VAL BF 77 28.84 -104.37 72.30
CA VAL BF 77 29.97 -103.91 71.49
C VAL BF 77 30.21 -102.45 71.80
N ARG BF 78 31.39 -102.14 72.33
CA ARG BF 78 31.71 -100.78 72.73
C ARG BF 78 32.45 -100.00 71.64
N GLY BF 79 33.27 -100.68 70.86
CA GLY BF 79 33.99 -100.04 69.78
C GLY BF 79 34.88 -101.05 69.10
N GLN BF 80 35.59 -100.59 68.07
CA GLN BF 80 36.43 -101.50 67.30
C GLN BF 80 37.78 -100.86 67.02
N CYS BF 81 38.83 -101.68 67.11
CA CYS BF 81 40.16 -101.27 66.70
C CYS BF 81 40.35 -101.59 65.22
N VAL BF 82 40.70 -100.58 64.44
CA VAL BF 82 40.80 -100.69 63.00
C VAL BF 82 42.26 -100.57 62.60
N VAL BF 83 42.72 -101.48 61.75
CA VAL BF 83 44.09 -101.46 61.24
C VAL BF 83 44.02 -101.60 59.72
N ASP BF 84 44.27 -100.52 59.00
CA ASP BF 84 44.31 -100.53 57.55
C ASP BF 84 45.74 -100.70 57.08
N ILE BF 85 45.93 -101.51 56.03
CA ILE BF 85 47.24 -101.76 55.46
C ILE BF 85 47.09 -101.67 53.94
N ASN BF 86 47.34 -100.49 53.39
CA ASN BF 86 47.33 -100.35 51.94
C ASN BF 86 48.70 -100.62 51.38
N ILE BF 87 48.73 -101.33 50.25
CA ILE BF 87 49.97 -101.69 49.58
C ILE BF 87 49.86 -101.29 48.12
N VAL BF 88 50.83 -100.54 47.64
CA VAL BF 88 50.91 -100.16 46.23
C VAL BF 88 52.24 -100.64 45.69
N ILE BF 89 52.20 -101.35 44.57
CA ILE BF 89 53.41 -101.87 43.94
C ILE BF 89 53.41 -101.44 42.48
N PRO BF 90 54.34 -100.59 42.06
CA PRO BF 90 54.26 -100.04 40.71
C PRO BF 90 54.52 -101.08 39.62
N ARG BF 91 54.29 -100.67 38.38
CA ARG BF 91 54.46 -101.54 37.23
C ARG BF 91 55.90 -102.01 37.04
N VAL BF 92 56.87 -101.25 37.53
CA VAL BF 92 58.27 -101.50 37.24
C VAL BF 92 58.96 -102.29 38.36
N ALA BF 93 58.20 -102.83 39.31
CA ALA BF 93 58.77 -103.43 40.50
C ALA BF 93 59.13 -104.88 40.24
N THR BF 94 60.38 -105.23 40.54
CA THR BF 94 60.83 -106.61 40.42
C THR BF 94 60.14 -107.49 41.46
N ALA BF 95 60.11 -108.79 41.19
CA ALA BF 95 59.47 -109.73 42.10
C ALA BF 95 60.20 -109.89 43.42
N THR BF 96 61.44 -109.44 43.52
CA THR BF 96 62.17 -109.46 44.78
C THR BF 96 62.13 -108.13 45.52
N ASP BF 97 61.80 -107.04 44.82
CA ASP BF 97 61.55 -105.78 45.52
C ASP BF 97 60.21 -105.81 46.24
N ARG BF 98 59.26 -106.60 45.73
CA ARG BF 98 58.00 -106.77 46.43
C ARG BF 98 58.22 -107.44 47.78
N ALA BF 99 58.97 -108.53 47.81
CA ALA BF 99 59.24 -109.21 49.06
C ALA BF 99 60.04 -108.32 50.00
N GLU BF 100 61.03 -107.59 49.48
CA GLU BF 100 61.82 -106.70 50.32
C GLU BF 100 60.94 -105.60 50.91
N ALA BF 101 60.07 -105.02 50.10
CA ALA BF 101 59.26 -103.90 50.58
C ALA BF 101 58.22 -104.37 51.59
N ILE BF 102 57.50 -105.45 51.27
CA ILE BF 102 56.38 -105.87 52.12
C ILE BF 102 56.89 -106.34 53.47
N LYS BF 103 57.89 -107.23 53.47
CA LYS BF 103 58.33 -107.80 54.75
C LYS BF 103 59.07 -106.78 55.59
N ARG BF 104 59.61 -105.72 54.99
CA ARG BF 104 60.23 -104.66 55.78
C ARG BF 104 59.18 -103.79 56.46
N ALA BF 105 58.13 -103.43 55.72
CA ALA BF 105 57.07 -102.61 56.31
C ALA BF 105 56.37 -103.34 57.44
N PHE BF 106 56.11 -104.63 57.27
CA PHE BF 106 55.50 -105.43 58.33
C PHE BF 106 56.48 -105.73 59.45
N ASP BF 107 57.76 -105.40 59.29
CA ASP BF 107 58.73 -105.53 60.36
C ASP BF 107 58.78 -104.30 61.26
N VAL BF 108 57.95 -103.29 60.99
CA VAL BF 108 57.91 -102.10 61.84
C VAL BF 108 57.53 -102.48 63.26
N LEU BF 109 56.56 -103.38 63.41
CA LEU BF 109 56.10 -103.78 64.74
C LEU BF 109 57.25 -104.30 65.58
N ASN BF 110 58.27 -104.88 64.96
CA ASN BF 110 59.46 -105.30 65.72
C ASN BF 110 60.46 -104.17 65.93
N ALA BF 111 60.41 -103.13 65.10
CA ALA BF 111 61.30 -101.99 65.27
C ALA BF 111 60.63 -100.89 66.09
N LEU BF 112 59.49 -100.41 65.63
CA LEU BF 112 58.74 -99.35 66.31
C LEU BF 112 57.72 -99.97 67.27
N ASN BF 113 58.23 -100.86 68.13
CA ASN BF 113 57.36 -101.73 68.91
C ASN BF 113 56.61 -100.97 69.99
N ALA BF 114 57.34 -100.30 70.89
CA ALA BF 114 56.69 -99.67 72.04
C ALA BF 114 55.75 -98.55 71.62
N GLU BF 115 55.98 -97.94 70.46
CA GLU BF 115 55.08 -96.89 69.99
C GLU BF 115 53.77 -97.44 69.44
N LEU BF 116 53.65 -98.74 69.27
CA LEU BF 116 52.44 -99.36 68.71
C LEU BF 116 51.75 -100.28 69.70
N ILE BF 117 52.50 -101.16 70.36
CA ILE BF 117 51.89 -102.10 71.29
C ILE BF 117 51.31 -101.38 72.50
N THR BF 118 52.04 -100.43 73.06
CA THR BF 118 51.61 -99.73 74.26
C THR BF 118 50.94 -98.40 73.97
N GLY BF 119 51.25 -97.76 72.85
CA GLY BF 119 50.61 -96.52 72.48
C GLY BF 119 51.37 -95.27 72.81
N GLU BF 120 52.62 -95.38 73.25
CA GLU BF 120 53.42 -94.22 73.60
C GLU BF 120 53.69 -93.37 72.38
N GLY BF 121 54.33 -92.24 72.62
CA GLY BF 121 54.92 -91.45 71.55
C GLY BF 121 56.37 -91.22 71.87
N GLN BF 122 57.20 -91.25 70.84
CA GLN BF 122 58.64 -91.11 71.05
C GLN BF 122 58.99 -89.66 71.37
N TRP BF 123 59.83 -89.49 72.38
CA TRP BF 123 60.17 -88.16 72.88
C TRP BF 123 61.54 -87.69 72.42
N ALA CF 1 60.42 -95.29 73.26
CA ALA CF 1 61.67 -94.64 73.63
C ALA CF 1 61.91 -93.43 72.74
N ALA CF 2 63.08 -92.80 72.90
CA ALA CF 2 63.39 -91.60 72.14
C ALA CF 2 63.63 -91.95 70.68
N ARG CF 3 63.57 -90.92 69.83
CA ARG CF 3 63.85 -91.10 68.41
C ARG CF 3 65.25 -91.67 68.24
N SER CF 4 65.36 -92.88 67.69
CA SER CF 4 66.66 -93.50 67.52
C SER CF 4 66.77 -94.11 66.13
N SER CF 5 67.79 -94.94 65.92
CA SER CF 5 67.99 -95.61 64.65
C SER CF 5 67.28 -96.96 64.66
N ILE CF 6 66.39 -97.18 63.70
CA ILE CF 6 65.66 -98.43 63.58
C ILE CF 6 66.32 -99.29 62.52
N VAL CF 7 66.11 -100.60 62.63
CA VAL CF 7 66.85 -101.59 61.84
C VAL CF 7 65.87 -102.39 61.00
N LEU CF 8 64.87 -101.73 60.44
CA LEU CF 8 63.88 -102.37 59.56
C LEU CF 8 64.54 -103.35 58.61
N THR CF 9 64.12 -104.61 58.70
CA THR CF 9 64.75 -105.71 57.97
C THR CF 9 63.67 -106.60 57.38
N ASP CF 10 64.11 -107.67 56.72
CA ASP CF 10 63.18 -108.67 56.20
C ASP CF 10 63.66 -110.10 56.44
N GLY CF 11 64.72 -110.28 57.22
CA GLY CF 11 65.31 -111.57 57.48
C GLY CF 11 66.63 -111.80 56.76
N THR CF 12 66.84 -111.14 55.63
CA THR CF 12 68.07 -111.28 54.87
C THR CF 12 68.84 -109.97 54.75
N THR CF 13 68.19 -108.90 54.32
CA THR CF 13 68.86 -107.63 54.02
C THR CF 13 68.34 -106.53 54.93
N PRO CF 14 69.02 -106.24 56.04
CA PRO CF 14 68.57 -105.16 56.93
C PRO CF 14 68.85 -103.79 56.34
N VAL CF 15 68.08 -102.82 56.81
CA VAL CF 15 68.26 -101.41 56.46
C VAL CF 15 68.14 -100.59 57.73
N THR CF 16 69.08 -99.69 57.96
CA THR CF 16 69.09 -98.85 59.14
C THR CF 16 68.62 -97.45 58.78
N LEU CF 17 67.65 -96.94 59.54
CA LEU CF 17 67.03 -95.65 59.27
C LEU CF 17 67.18 -94.74 60.49
N THR CF 18 67.62 -93.51 60.27
CA THR CF 18 67.80 -92.54 61.32
C THR CF 18 66.90 -91.33 61.10
N PRO CF 19 66.34 -90.74 62.15
CA PRO CF 19 65.35 -89.67 61.96
C PRO CF 19 65.91 -88.50 61.19
N VAL CF 20 65.07 -87.93 60.33
CA VAL CF 20 65.52 -86.91 59.38
C VAL CF 20 64.58 -85.71 59.53
N GLY CF 21 63.88 -85.65 60.64
CA GLY CF 21 63.09 -84.47 60.89
C GLY CF 21 61.76 -84.84 61.55
N GLY CF 22 60.73 -84.09 61.18
CA GLY CF 22 59.42 -84.31 61.75
C GLY CF 22 58.96 -83.19 62.65
N GLY CF 23 58.50 -83.54 63.85
CA GLY CF 23 57.97 -82.58 64.80
C GLY CF 23 57.36 -83.24 66.01
N VAL CF 24 56.18 -82.78 66.42
CA VAL CF 24 55.43 -83.42 67.50
C VAL CF 24 54.36 -84.30 66.86
N GLY CF 25 54.31 -85.56 67.27
CA GLY CF 25 53.43 -86.50 66.62
C GLY CF 25 53.78 -86.67 65.16
N GLN CF 26 55.07 -86.75 64.86
CA GLN CF 26 55.57 -86.92 63.50
C GLN CF 26 57.04 -87.28 63.58
N THR CF 27 57.48 -88.21 62.74
CA THR CF 27 58.86 -88.68 62.79
C THR CF 27 59.22 -89.24 61.41
N LEU CF 28 60.08 -88.52 60.68
CA LEU CF 28 60.58 -89.03 59.43
C LEU CF 28 61.70 -90.04 59.67
N TYR CF 29 62.09 -90.74 58.61
CA TYR CF 29 63.21 -91.65 58.66
C TYR CF 29 63.83 -91.71 57.27
N ARG CF 30 65.04 -92.24 57.19
CA ARG CF 30 65.72 -92.50 55.92
C ARG CF 30 67.02 -93.24 56.25
N ALA CF 31 67.56 -93.90 55.22
CA ALA CF 31 68.77 -94.71 55.37
C ALA CF 31 70.00 -93.90 54.96
N THR CF 32 71.14 -94.58 54.86
CA THR CF 32 72.44 -93.92 54.70
C THR CF 32 72.82 -93.64 53.25
N ALA CF 33 72.44 -94.52 52.32
CA ALA CF 33 72.83 -94.33 50.92
C ALA CF 33 72.22 -93.06 50.35
N GLU CF 34 72.83 -92.52 49.29
CA GLU CF 34 72.46 -91.22 48.75
C GLU CF 34 72.17 -91.33 47.26
N ALA CF 35 71.15 -90.61 46.83
CA ALA CF 35 70.78 -90.54 45.42
C ALA CF 35 70.32 -89.13 45.11
N LEU CF 36 69.68 -88.94 43.95
CA LEU CF 36 69.27 -87.62 43.50
C LEU CF 36 67.77 -87.39 43.66
N SER CF 37 66.94 -88.26 43.09
CA SER CF 37 65.48 -88.08 43.13
C SER CF 37 64.86 -88.78 44.33
N ALA CF 38 65.03 -90.10 44.42
CA ALA CF 38 64.54 -90.88 45.54
C ALA CF 38 65.73 -91.55 46.20
N ALA CF 39 66.02 -91.17 47.44
CA ALA CF 39 67.25 -91.62 48.07
C ALA CF 39 67.11 -93.04 48.62
N ASN CF 40 66.22 -93.22 49.60
CA ASN CF 40 66.21 -94.44 50.39
C ASN CF 40 64.80 -94.75 50.89
N PRO CF 41 64.61 -95.86 51.59
CA PRO CF 41 63.36 -96.05 52.32
C PRO CF 41 63.11 -94.94 53.32
N SER CF 42 61.86 -94.49 53.40
CA SER CF 42 61.48 -93.34 54.22
C SER CF 42 60.21 -93.66 54.98
N LEU CF 43 60.34 -94.05 56.25
CA LEU CF 43 59.21 -94.48 57.08
C LEU CF 43 58.72 -93.32 57.91
N SER CF 44 57.61 -92.72 57.52
CA SER CF 44 57.00 -91.66 58.31
C SER CF 44 56.08 -92.26 59.37
N PHE CF 45 55.99 -91.57 60.52
CA PHE CF 45 55.23 -92.07 61.66
C PHE CF 45 54.43 -90.90 62.23
N GLY CF 46 53.11 -90.93 62.08
CA GLY CF 46 52.29 -89.76 62.33
C GLY CF 46 51.26 -89.86 63.44
N TYR CF 47 51.64 -90.43 64.57
CA TYR CF 47 50.69 -90.65 65.67
C TYR CF 47 50.13 -89.33 66.19
N ARG CF 48 48.91 -89.39 66.71
CA ARG CF 48 48.22 -88.25 67.30
C ARG CF 48 47.07 -88.77 68.15
N PHE CF 49 46.32 -87.85 68.75
CA PHE CF 49 45.13 -88.16 69.52
C PHE CF 49 43.96 -87.35 68.97
N THR CF 50 42.79 -87.51 69.58
CA THR CF 50 41.57 -86.94 69.04
C THR CF 50 40.68 -86.54 70.22
N ASP CF 51 39.39 -86.34 69.97
CA ASP CF 51 38.45 -85.93 71.00
C ASP CF 51 38.48 -86.89 72.20
N GLY CF 52 38.39 -88.19 71.92
CA GLY CF 52 38.55 -89.20 72.94
C GLY CF 52 39.99 -89.68 73.00
N GLY CF 53 40.16 -90.89 73.49
CA GLY CF 53 41.47 -91.52 73.49
C GLY CF 53 41.75 -92.17 72.15
N THR CF 54 41.18 -91.61 71.08
CA THR CF 54 41.26 -92.24 69.76
C THR CF 54 42.66 -92.10 69.21
N ASN CF 55 43.53 -93.02 69.58
CA ASN CF 55 44.93 -92.99 69.19
C ASN CF 55 45.03 -93.27 67.70
N ARG CF 56 45.15 -92.21 66.89
CA ARG CF 56 45.10 -92.32 65.44
C ARG CF 56 46.51 -92.36 64.86
N GLN CF 57 47.21 -93.46 65.14
CA GLN CF 57 48.53 -93.66 64.58
C GLN CF 57 48.45 -93.86 63.08
N SER CF 58 49.58 -93.60 62.40
CA SER CF 58 49.61 -93.66 60.95
C SER CF 58 51.05 -93.84 60.51
N LEU CF 59 51.26 -94.68 59.50
CA LEU CF 59 52.59 -95.01 59.01
C LEU CF 59 52.59 -94.94 57.49
N SER CF 60 53.80 -94.92 56.93
CA SER CF 60 53.99 -95.00 55.49
C SER CF 60 55.43 -95.34 55.18
N TYR CF 61 55.67 -96.50 54.58
CA TYR CF 61 57.01 -96.98 54.28
C TYR CF 61 57.19 -97.04 52.77
N LYS CF 62 57.89 -96.08 52.21
CA LYS CF 62 58.14 -96.04 50.78
C LYS CF 62 59.56 -96.54 50.51
N GLN CF 63 59.69 -97.53 49.64
CA GLN CF 63 60.98 -98.05 49.22
C GLN CF 63 61.15 -97.83 47.73
N PRO CF 64 62.08 -96.97 47.29
CA PRO CF 64 62.20 -96.68 45.86
C PRO CF 64 62.83 -97.85 45.11
N ILE CF 65 62.31 -98.08 43.90
CA ILE CF 65 62.82 -99.12 43.01
C ILE CF 65 63.95 -98.50 42.21
N THR CF 66 65.17 -98.97 42.43
CA THR CF 66 66.34 -98.34 41.82
C THR CF 66 67.24 -99.40 41.19
N ALA CF 67 67.85 -99.03 40.07
CA ALA CF 67 68.88 -99.82 39.42
C ALA CF 67 70.05 -98.91 39.09
N VAL CF 68 71.27 -99.38 39.36
CA VAL CF 68 72.45 -98.53 39.25
C VAL CF 68 72.86 -98.41 37.78
N ASP CF 69 72.91 -97.17 37.29
CA ASP CF 69 73.35 -96.93 35.93
C ASP CF 69 74.85 -97.21 35.81
N SER CF 70 75.29 -97.41 34.58
CA SER CF 70 76.70 -97.62 34.29
C SER CF 70 77.39 -96.29 34.03
N THR CF 71 78.61 -96.17 34.52
CA THR CF 71 79.50 -95.01 34.38
C THR CF 71 79.01 -93.77 35.11
N THR CF 72 77.84 -93.81 35.74
CA THR CF 72 77.31 -92.66 36.47
C THR CF 72 76.90 -93.10 37.88
N SER CF 73 77.24 -92.28 38.85
CA SER CF 73 76.95 -92.57 40.26
C SER CF 73 75.64 -91.92 40.71
N GLU CF 74 74.54 -92.22 40.02
CA GLU CF 74 73.25 -91.65 40.34
C GLU CF 74 72.17 -92.70 40.59
N THR CF 75 72.47 -93.98 40.39
CA THR CF 75 71.60 -95.11 40.73
C THR CF 75 70.13 -94.83 40.42
N LEU CF 76 69.82 -94.64 39.14
CA LEU CF 76 68.49 -94.26 38.67
C LEU CF 76 67.39 -95.04 39.38
N VAL CF 77 66.41 -94.31 39.91
CA VAL CF 77 65.26 -94.89 40.59
C VAL CF 77 64.08 -94.93 39.63
N ARG CF 78 63.26 -95.97 39.75
CA ARG CF 78 62.18 -96.21 38.80
C ARG CF 78 60.79 -96.06 39.40
N GLY CF 79 60.62 -96.32 40.68
CA GLY CF 79 59.32 -96.19 41.31
C GLY CF 79 59.45 -96.19 42.81
N GLN CF 80 58.37 -96.60 43.49
CA GLN CF 80 58.37 -96.71 44.95
C GLN CF 80 57.24 -97.61 45.43
N CYS CF 81 57.56 -98.53 46.33
CA CYS CF 81 56.57 -99.48 46.86
C CYS CF 81 55.98 -98.91 48.14
N VAL CF 82 54.94 -98.08 47.98
CA VAL CF 82 54.28 -97.48 49.13
C VAL CF 82 53.54 -98.53 49.93
N VAL CF 83 53.68 -98.48 51.25
CA VAL CF 83 52.95 -99.38 52.15
C VAL CF 83 52.42 -98.59 53.34
N ASP CF 84 51.15 -98.20 53.31
CA ASP CF 84 50.55 -97.41 54.37
C ASP CF 84 49.96 -98.32 55.44
N ILE CF 85 50.12 -97.95 56.70
CA ILE CF 85 49.54 -98.70 57.81
C ILE CF 85 48.89 -97.73 58.79
N ASN CF 86 47.58 -97.55 58.68
CA ASN CF 86 46.85 -96.65 59.57
C ASN CF 86 46.17 -97.45 60.67
N ILE CF 87 46.21 -96.91 61.89
CA ILE CF 87 45.68 -97.57 63.06
C ILE CF 87 44.74 -96.61 63.79
N VAL CF 88 43.59 -97.12 64.20
CA VAL CF 88 42.60 -96.34 64.95
C VAL CF 88 42.18 -97.18 66.15
N ILE CF 89 42.59 -96.78 67.34
CA ILE CF 89 42.29 -97.50 68.57
C ILE CF 89 41.38 -96.63 69.43
N PRO CF 90 40.23 -97.12 69.85
CA PRO CF 90 39.27 -96.25 70.55
C PRO CF 90 39.70 -95.95 71.97
N ARG CF 91 38.91 -95.12 72.66
CA ARG CF 91 39.20 -94.77 74.04
C ARG CF 91 39.01 -95.95 74.99
N VAL CF 92 38.08 -96.85 74.69
CA VAL CF 92 37.69 -97.90 75.63
C VAL CF 92 38.56 -99.13 75.47
N ALA CF 93 39.60 -99.03 74.65
CA ALA CF 93 40.41 -100.19 74.30
C ALA CF 93 41.44 -100.45 75.39
N THR CF 94 41.20 -101.50 76.17
CA THR CF 94 42.17 -101.96 77.16
C THR CF 94 43.49 -102.31 76.46
N ALA CF 95 44.60 -101.97 77.11
CA ALA CF 95 45.91 -102.17 76.49
C ALA CF 95 46.17 -103.62 76.14
N THR CF 96 45.51 -104.57 76.81
CA THR CF 96 45.58 -105.96 76.36
C THR CF 96 44.87 -106.15 75.03
N ASP CF 97 43.72 -105.49 74.85
CA ASP CF 97 43.01 -105.58 73.58
C ASP CF 97 43.78 -104.91 72.45
N ARG CF 98 44.42 -103.77 72.74
CA ARG CF 98 45.18 -103.09 71.70
C ARG CF 98 46.37 -103.93 71.25
N ALA CF 99 47.04 -104.60 72.18
CA ALA CF 99 48.16 -105.46 71.81
C ALA CF 99 47.69 -106.58 70.89
N GLU CF 100 46.54 -107.17 71.19
CA GLU CF 100 45.99 -108.22 70.33
C GLU CF 100 45.66 -107.68 68.95
N ALA CF 101 45.03 -106.51 68.88
CA ALA CF 101 44.59 -105.97 67.61
C ALA CF 101 45.78 -105.65 66.70
N ILE CF 102 46.84 -105.07 67.26
CA ILE CF 102 48.00 -104.71 66.44
C ILE CF 102 48.76 -105.95 66.00
N LYS CF 103 49.00 -106.88 66.92
CA LYS CF 103 49.80 -108.06 66.59
C LYS CF 103 49.06 -109.00 65.65
N ARG CF 104 47.73 -109.07 65.77
CA ARG CF 104 46.96 -109.90 64.86
C ARG CF 104 46.90 -109.30 63.46
N ALA CF 105 46.85 -107.98 63.35
CA ALA CF 105 46.83 -107.35 62.04
C ALA CF 105 48.14 -107.56 61.31
N PHE CF 106 49.26 -107.49 62.04
CA PHE CF 106 50.57 -107.68 61.42
C PHE CF 106 50.92 -109.13 61.22
N ASP CF 107 50.06 -110.06 61.63
CA ASP CF 107 50.23 -111.47 61.34
C ASP CF 107 49.56 -111.88 60.04
N VAL CF 108 48.97 -110.93 59.31
CA VAL CF 108 48.36 -111.26 58.03
C VAL CF 108 49.42 -111.76 57.06
N LEU CF 109 50.61 -111.16 57.08
CA LEU CF 109 51.68 -111.54 56.18
C LEU CF 109 52.03 -113.03 56.31
N ASN CF 110 51.86 -113.59 57.50
CA ASN CF 110 52.15 -115.00 57.71
C ASN CF 110 50.96 -115.89 57.41
N ALA CF 111 49.77 -115.32 57.24
CA ALA CF 111 48.57 -116.09 56.91
C ALA CF 111 48.12 -115.86 55.48
N LEU CF 112 48.04 -114.61 55.07
CA LEU CF 112 47.70 -114.25 53.69
C LEU CF 112 48.97 -113.97 52.90
N ASN CF 113 49.87 -114.97 52.91
CA ASN CF 113 51.24 -114.75 52.47
C ASN CF 113 51.36 -114.65 50.96
N ALA CF 114 50.90 -115.67 50.23
CA ALA CF 114 51.12 -115.71 48.79
C ALA CF 114 50.45 -114.53 48.09
N GLU CF 115 49.27 -114.14 48.54
CA GLU CF 115 48.56 -113.05 47.91
C GLU CF 115 49.26 -111.72 48.07
N LEU CF 116 50.05 -111.54 49.15
CA LEU CF 116 50.71 -110.28 49.42
C LEU CF 116 52.11 -110.23 48.81
N ILE CF 117 52.87 -111.32 48.94
CA ILE CF 117 54.22 -111.36 48.39
C ILE CF 117 54.18 -111.50 46.87
N THR CF 118 53.53 -112.56 46.38
CA THR CF 118 53.49 -112.82 44.95
C THR CF 118 52.54 -111.87 44.23
N GLY CF 119 51.38 -111.57 44.80
CA GLY CF 119 50.46 -110.64 44.21
C GLY CF 119 49.42 -111.28 43.31
N GLU CF 120 48.77 -112.32 43.81
CA GLU CF 120 47.89 -113.13 42.98
C GLU CF 120 46.89 -113.85 43.86
N GLY CF 121 45.88 -114.43 43.23
CA GLY CF 121 45.09 -115.44 43.90
C GLY CF 121 43.66 -115.09 44.23
N GLN CF 122 43.13 -115.75 45.25
CA GLN CF 122 41.72 -115.65 45.65
C GLN CF 122 40.81 -116.07 44.50
N TRP CF 123 40.90 -117.36 44.18
CA TRP CF 123 40.06 -117.94 43.14
C TRP CF 123 38.68 -118.22 43.69
N ALA DF 1 70.37 65.34 88.56
CA ALA DF 1 70.32 65.24 90.02
C ALA DF 1 68.89 65.06 90.50
N ALA DF 2 68.69 65.09 91.81
CA ALA DF 2 67.35 64.98 92.35
C ALA DF 2 66.51 66.18 91.93
N ARG DF 3 65.26 65.91 91.53
CA ARG DF 3 64.38 66.97 91.06
C ARG DF 3 64.13 67.98 92.18
N SER DF 4 64.17 69.26 91.83
CA SER DF 4 63.98 70.34 92.78
C SER DF 4 63.33 71.51 92.05
N SER DF 5 63.37 72.68 92.67
CA SER DF 5 62.82 73.89 92.07
C SER DF 5 63.89 74.59 91.24
N ILE DF 6 63.44 75.37 90.26
CA ILE DF 6 64.32 76.15 89.40
C ILE DF 6 63.82 77.58 89.36
N VAL DF 7 64.75 78.51 89.12
CA VAL DF 7 64.54 79.92 89.41
C VAL DF 7 64.73 80.70 88.10
N LEU DF 8 64.24 80.13 87.00
CA LEU DF 8 64.27 80.79 85.69
C LEU DF 8 64.00 82.27 85.81
N THR DF 9 64.89 83.07 85.23
CA THR DF 9 64.85 84.52 85.37
C THR DF 9 65.25 85.17 84.05
N ASP DF 10 65.09 86.48 83.99
CA ASP DF 10 65.56 87.29 82.87
C ASP DF 10 66.21 88.56 83.36
N GLY DF 11 66.73 88.53 84.58
CA GLY DF 11 67.44 89.67 85.13
C GLY DF 11 66.59 90.58 85.98
N THR DF 12 65.28 90.59 85.73
CA THR DF 12 64.39 91.48 86.46
C THR DF 12 63.22 90.77 87.15
N THR DF 13 62.63 89.77 86.52
CA THR DF 13 61.46 89.09 87.08
C THR DF 13 61.72 87.58 87.12
N PRO DF 14 62.30 87.09 88.22
CA PRO DF 14 62.51 85.64 88.34
C PRO DF 14 61.20 84.89 88.46
N VAL DF 15 61.24 83.63 88.04
CA VAL DF 15 60.08 82.73 88.11
C VAL DF 15 60.54 81.45 88.77
N THR DF 16 59.83 81.02 89.82
CA THR DF 16 60.14 79.78 90.50
C THR DF 16 59.23 78.68 90.00
N LEU DF 17 59.81 77.60 89.49
CA LEU DF 17 59.06 76.47 88.97
C LEU DF 17 59.30 75.26 89.86
N THR DF 18 58.28 74.42 89.99
CA THR DF 18 58.33 73.27 90.87
C THR DF 18 57.87 72.02 90.14
N PRO DF 19 58.51 70.88 90.36
CA PRO DF 19 58.17 69.68 89.60
C PRO DF 19 56.80 69.13 89.96
N VAL DF 20 55.85 69.18 89.03
CA VAL DF 20 54.48 68.82 89.33
C VAL DF 20 54.03 67.67 88.43
N GLY DF 21 54.96 66.81 88.04
CA GLY DF 21 54.61 65.67 87.23
C GLY DF 21 55.82 65.15 86.48
N GLY DF 22 55.53 64.32 85.49
CA GLY DF 22 56.57 63.77 84.65
C GLY DF 22 56.52 62.27 84.51
N GLY DF 23 57.69 61.63 84.56
CA GLY DF 23 57.75 60.19 84.38
C GLY DF 23 59.19 59.72 84.29
N VAL DF 24 59.42 58.76 83.41
CA VAL DF 24 60.76 58.25 83.14
C VAL DF 24 61.30 59.02 81.94
N GLY DF 25 62.40 59.74 82.14
CA GLY DF 25 62.91 60.61 81.10
C GLY DF 25 62.00 61.77 80.79
N GLN DF 26 61.47 62.40 81.83
CA GLN DF 26 60.57 63.54 81.68
C GLN DF 26 60.37 64.18 83.05
N THR DF 27 60.23 65.51 83.06
CA THR DF 27 60.04 66.22 84.32
C THR DF 27 59.32 67.53 84.02
N LEU DF 28 58.01 67.55 84.22
CA LEU DF 28 57.25 68.78 84.04
C LEU DF 28 57.55 69.77 85.17
N TYR DF 29 57.34 71.05 84.88
CA TYR DF 29 57.46 72.11 85.85
C TYR DF 29 56.29 73.07 85.66
N ARG DF 30 56.06 73.91 86.66
CA ARG DF 30 55.05 74.95 86.56
C ARG DF 30 55.32 75.99 87.63
N ALA DF 31 55.08 77.26 87.29
CA ALA DF 31 55.26 78.32 88.26
C ALA DF 31 54.27 78.16 89.39
N THR DF 32 54.71 78.49 90.61
CA THR DF 32 53.90 78.25 91.79
C THR DF 32 52.55 78.94 91.68
N ALA DF 33 52.56 80.26 91.60
CA ALA DF 33 51.34 81.02 91.33
C ALA DF 33 51.75 82.41 90.88
N GLU DF 34 51.44 82.77 89.64
CA GLU DF 34 51.63 84.16 89.21
C GLU DF 34 50.42 85.01 89.61
N ALA DF 35 49.27 84.76 88.97
CA ALA DF 35 48.01 85.36 89.41
C ALA DF 35 46.82 84.43 89.31
N LEU DF 36 46.91 83.34 88.55
CA LEU DF 36 45.82 82.38 88.35
C LEU DF 36 46.42 81.18 87.63
N SER DF 37 45.57 80.22 87.28
CA SER DF 37 46.01 79.11 86.46
C SER DF 37 45.89 79.48 84.98
N ALA DF 38 46.61 78.73 84.15
CA ALA DF 38 46.77 78.95 82.71
C ALA DF 38 47.56 80.21 82.41
N ALA DF 39 47.96 80.98 83.42
CA ALA DF 39 48.83 82.13 83.27
C ALA DF 39 50.16 81.88 83.98
N ASN DF 40 50.58 80.62 84.01
CA ASN DF 40 51.78 80.21 84.70
C ASN DF 40 52.72 79.50 83.72
N PRO DF 41 53.98 79.91 83.64
CA PRO DF 41 54.91 79.24 82.74
C PRO DF 41 55.22 77.81 83.17
N SER DF 42 55.63 77.01 82.18
CA SER DF 42 55.99 75.62 82.42
C SER DF 42 57.30 75.32 81.71
N LEU DF 43 58.02 74.30 82.18
CA LEU DF 43 59.35 73.96 81.68
C LEU DF 43 59.47 72.45 81.46
N SER DF 44 58.55 71.87 80.70
CA SER DF 44 58.65 70.47 80.30
C SER DF 44 60.06 70.14 79.86
N PHE DF 45 60.60 69.02 80.36
CA PHE DF 45 62.01 68.68 80.14
C PHE DF 45 62.14 67.17 80.10
N GLY DF 46 62.44 66.64 78.91
CA GLY DF 46 62.68 65.22 78.73
C GLY DF 46 64.16 64.91 78.51
N TYR DF 47 64.45 63.61 78.41
CA TYR DF 47 65.79 63.11 78.17
C TYR DF 47 65.69 61.62 77.92
N ARG DF 48 66.50 61.12 76.98
CA ARG DF 48 66.46 59.71 76.64
C ARG DF 48 67.73 59.33 75.91
N PHE DF 49 68.00 58.03 75.85
CA PHE DF 49 69.14 57.47 75.15
C PHE DF 49 68.63 56.48 74.11
N THR DF 50 69.07 56.62 72.88
CA THR DF 50 68.78 55.63 71.85
C THR DF 50 69.81 54.50 71.88
N ASP DF 51 69.88 53.72 70.79
CA ASP DF 51 70.83 52.62 70.67
C ASP DF 51 72.21 52.98 71.21
N GLY DF 52 72.82 54.04 70.66
CA GLY DF 52 74.08 54.53 71.15
C GLY DF 52 73.89 55.50 72.29
N GLY DF 53 74.98 56.12 72.71
CA GLY DF 53 74.92 57.08 73.80
C GLY DF 53 74.43 58.44 73.36
N THR DF 54 73.56 58.47 72.37
CA THR DF 54 73.02 59.74 71.86
C THR DF 54 72.10 60.33 72.92
N ASN DF 55 72.63 61.28 73.68
CA ASN DF 55 71.92 61.85 74.83
C ASN DF 55 70.93 62.90 74.35
N ARG DF 56 69.81 62.47 73.76
CA ARG DF 56 68.85 63.39 73.17
C ARG DF 56 67.99 64.02 74.26
N GLN DF 57 68.54 65.07 74.87
CA GLN DF 57 67.75 65.88 75.78
C GLN DF 57 66.81 66.78 74.99
N SER DF 58 65.77 67.26 75.66
CA SER DF 58 64.78 68.13 75.03
C SER DF 58 64.24 69.08 76.08
N LEU DF 59 63.71 70.20 75.60
CA LEU DF 59 63.11 71.20 76.48
C LEU DF 59 61.95 71.86 75.78
N SER DF 60 61.10 72.51 76.57
CA SER DF 60 59.98 73.29 76.03
C SER DF 60 59.52 74.23 77.12
N TYR DF 61 59.70 75.52 76.92
CA TYR DF 61 59.27 76.53 77.88
C TYR DF 61 58.12 77.31 77.27
N LYS DF 62 56.97 77.29 77.93
CA LYS DF 62 55.75 77.92 77.41
C LYS DF 62 55.31 78.99 78.40
N GLN DF 63 55.44 80.24 78.01
CA GLN DF 63 54.97 81.36 78.82
C GLN DF 63 53.72 81.94 78.18
N PRO DF 64 52.56 81.85 78.83
CA PRO DF 64 51.32 82.32 78.20
C PRO DF 64 51.11 83.82 78.35
N ILE DF 65 50.44 84.38 77.34
CA ILE DF 65 50.27 85.82 77.20
C ILE DF 65 48.90 86.18 77.76
N THR DF 66 48.88 86.95 78.84
CA THR DF 66 47.65 87.29 79.52
C THR DF 66 47.40 88.80 79.46
N ALA DF 67 46.12 89.17 79.48
CA ALA DF 67 45.71 90.56 79.45
C ALA DF 67 44.31 90.66 80.04
N VAL DF 68 43.93 91.89 80.41
CA VAL DF 68 42.62 92.10 81.02
C VAL DF 68 41.51 92.06 79.97
N ASP DF 69 40.30 91.78 80.43
CA ASP DF 69 39.10 91.68 79.60
C ASP DF 69 38.02 92.60 80.14
N SER DF 70 38.38 93.89 80.28
CA SER DF 70 37.62 94.90 81.00
C SER DF 70 36.10 94.83 80.83
N THR DF 71 35.62 94.39 79.68
CA THR DF 71 34.19 94.14 79.53
C THR DF 71 33.67 93.17 80.58
N THR DF 72 34.52 92.24 81.02
CA THR DF 72 34.20 91.35 82.14
C THR DF 72 35.23 91.43 83.26
N SER DF 73 36.40 92.02 83.02
CA SER DF 73 37.47 92.19 84.00
C SER DF 73 38.06 90.86 84.47
N GLU DF 74 37.99 89.84 83.61
CA GLU DF 74 38.58 88.53 83.89
C GLU DF 74 39.84 88.36 83.05
N THR DF 75 40.94 87.99 83.70
CA THR DF 75 42.26 87.97 83.06
C THR DF 75 42.39 86.76 82.14
N LEU DF 76 41.75 86.87 80.98
CA LEU DF 76 41.82 85.80 79.99
C LEU DF 76 43.22 85.72 79.39
N VAL DF 77 43.57 84.51 78.91
CA VAL DF 77 44.85 84.27 78.26
C VAL DF 77 44.63 84.14 76.76
N ARG DF 78 45.41 84.88 75.98
CA ARG DF 78 45.29 84.87 74.52
C ARG DF 78 46.16 83.81 73.86
N GLY DF 79 47.45 83.79 74.16
CA GLY DF 79 48.34 82.81 73.56
C GLY DF 79 49.58 82.55 74.40
N GLN DF 80 50.52 81.77 73.87
CA GLN DF 80 51.71 81.40 74.62
C GLN DF 80 52.93 81.51 73.72
N CYS DF 81 54.08 81.78 74.34
CA CYS DF 81 55.36 81.82 73.66
C CYS DF 81 56.10 80.53 73.94
N VAL DF 82 56.49 79.82 72.88
CA VAL DF 82 57.04 78.48 72.98
C VAL DF 82 58.50 78.53 72.56
N VAL DF 83 59.38 78.01 73.41
CA VAL DF 83 60.81 77.92 73.12
C VAL DF 83 61.22 76.47 73.33
N ASP DF 84 61.74 75.84 72.28
CA ASP DF 84 62.17 74.45 72.35
C ASP DF 84 63.69 74.39 72.16
N ILE DF 85 64.39 73.91 73.17
CA ILE DF 85 65.84 73.74 73.05
C ILE DF 85 66.18 72.26 73.03
N ASN DF 86 66.24 71.68 71.85
CA ASN DF 86 66.64 70.28 71.73
C ASN DF 86 68.15 70.17 71.68
N ILE DF 87 68.66 69.11 72.29
CA ILE DF 87 70.09 68.84 72.35
C ILE DF 87 70.33 67.39 71.98
N VAL DF 88 71.29 67.15 71.09
CA VAL DF 88 71.67 65.79 70.72
C VAL DF 88 73.19 65.70 70.77
N ILE DF 89 73.70 64.81 71.60
CA ILE DF 89 75.14 64.60 71.76
C ILE DF 89 75.42 63.12 71.55
N PRO DF 90 76.26 62.74 70.58
CA PRO DF 90 76.49 61.32 70.33
C PRO DF 90 77.38 60.70 71.39
N ARG DF 91 77.48 59.37 71.33
CA ARG DF 91 78.30 58.65 72.29
C ARG DF 91 79.78 58.97 72.13
N VAL DF 92 80.22 59.26 70.92
CA VAL DF 92 81.63 59.47 70.61
C VAL DF 92 82.09 60.83 71.13
N ALA DF 93 81.18 61.57 71.76
CA ALA DF 93 81.48 62.93 72.18
C ALA DF 93 82.35 62.94 73.43
N THR DF 94 83.44 63.70 73.38
CA THR DF 94 84.25 63.92 74.56
C THR DF 94 83.46 64.77 75.57
N ALA DF 95 83.79 64.58 76.84
CA ALA DF 95 83.14 65.36 77.90
C ALA DF 95 83.38 66.85 77.78
N THR DF 96 84.42 67.26 77.05
CA THR DF 96 84.67 68.69 76.82
C THR DF 96 84.03 69.21 75.55
N ASP DF 97 83.83 68.34 74.55
CA ASP DF 97 83.13 68.74 73.35
C ASP DF 97 81.66 69.01 73.64
N ARG DF 98 81.06 68.22 74.53
CA ARG DF 98 79.67 68.45 74.89
C ARG DF 98 79.50 69.77 75.63
N ALA DF 99 80.40 70.08 76.56
CA ALA DF 99 80.31 71.34 77.28
C ALA DF 99 80.58 72.52 76.36
N GLU DF 100 81.43 72.33 75.35
CA GLU DF 100 81.68 73.40 74.37
C GLU DF 100 80.43 73.68 73.55
N ALA DF 101 79.76 72.63 73.09
CA ALA DF 101 78.61 72.81 72.21
C ALA DF 101 77.44 73.45 72.94
N ILE DF 102 77.18 73.00 74.17
CA ILE DF 102 76.00 73.48 74.89
C ILE DF 102 76.13 74.96 75.21
N LYS DF 103 77.27 75.37 75.75
CA LYS DF 103 77.44 76.75 76.17
C LYS DF 103 77.50 77.70 74.98
N ARG DF 104 78.06 77.23 73.85
CA ARG DF 104 78.15 78.09 72.68
C ARG DF 104 76.78 78.35 72.08
N ALA DF 105 75.99 77.29 71.88
CA ALA DF 105 74.67 77.46 71.29
C ALA DF 105 73.75 78.28 72.17
N PHE DF 106 73.94 78.25 73.49
CA PHE DF 106 73.17 79.10 74.37
C PHE DF 106 73.69 80.53 74.39
N ASP DF 107 74.86 80.78 73.78
CA ASP DF 107 75.40 82.12 73.66
C ASP DF 107 74.89 82.84 72.42
N VAL DF 108 73.97 82.23 71.68
CA VAL DF 108 73.42 82.87 70.49
C VAL DF 108 72.74 84.18 70.86
N LEU DF 109 71.92 84.16 71.91
CA LEU DF 109 71.14 85.33 72.28
C LEU DF 109 72.03 86.53 72.58
N ASN DF 110 73.22 86.30 73.10
CA ASN DF 110 74.15 87.41 73.31
C ASN DF 110 74.71 87.93 72.00
N ALA DF 111 74.89 87.04 71.02
CA ALA DF 111 75.49 87.43 69.74
C ALA DF 111 74.41 87.78 68.72
N LEU DF 112 73.54 86.83 68.39
CA LEU DF 112 72.48 87.05 67.42
C LEU DF 112 71.24 87.59 68.13
N ASN DF 113 71.41 88.77 68.74
CA ASN DF 113 70.44 89.25 69.71
C ASN DF 113 69.21 89.84 69.02
N ALA DF 114 69.40 90.89 68.22
CA ALA DF 114 68.29 91.71 67.76
C ALA DF 114 67.26 90.94 66.94
N GLU DF 115 67.65 89.85 66.29
CA GLU DF 115 66.70 89.09 65.49
C GLU DF 115 65.87 88.11 66.32
N LEU DF 116 66.25 87.87 67.57
CA LEU DF 116 65.49 87.01 68.47
C LEU DF 116 64.59 87.81 69.41
N ILE DF 117 65.17 88.78 70.12
CA ILE DF 117 64.41 89.57 71.09
C ILE DF 117 63.33 90.37 70.38
N THR DF 118 63.69 91.06 69.30
CA THR DF 118 62.78 92.01 68.66
C THR DF 118 61.90 91.35 67.61
N GLY DF 119 62.36 90.27 66.99
CA GLY DF 119 61.58 89.58 65.99
C GLY DF 119 61.77 90.06 64.57
N GLU DF 120 62.63 91.05 64.34
CA GLU DF 120 62.85 91.55 62.99
C GLU DF 120 63.53 90.48 62.14
N GLY DF 121 63.25 90.54 60.83
CA GLY DF 121 63.83 89.62 59.89
C GLY DF 121 65.04 90.24 59.22
N GLN DF 122 66.19 89.59 59.38
CA GLN DF 122 67.42 90.13 58.82
C GLN DF 122 67.39 90.09 57.31
N TRP DF 123 67.98 91.12 56.70
CA TRP DF 123 67.96 91.28 55.25
C TRP DF 123 69.34 91.02 54.66
N ALA EF 1 58.09 73.53 100.23
CA ALA EF 1 57.19 72.45 99.86
C ALA EF 1 57.95 71.17 99.56
N ALA EF 2 59.09 70.99 100.21
CA ALA EF 2 59.84 69.75 100.13
C ALA EF 2 59.23 68.70 101.04
N ARG EF 3 59.62 67.45 100.82
CA ARG EF 3 59.06 66.34 101.57
C ARG EF 3 59.72 66.26 102.94
N SER EF 4 58.91 66.33 104.00
CA SER EF 4 59.39 66.23 105.37
C SER EF 4 58.26 65.66 106.22
N SER EF 5 58.57 65.42 107.49
CA SER EF 5 57.58 64.88 108.40
C SER EF 5 56.47 65.89 108.67
N ILE EF 6 55.24 65.40 108.76
CA ILE EF 6 54.09 66.23 109.07
C ILE EF 6 53.46 65.74 110.35
N VAL EF 7 52.75 66.63 111.04
CA VAL EF 7 52.40 66.43 112.45
C VAL EF 7 50.88 66.49 112.58
N LEU EF 8 50.16 65.89 111.64
CA LEU EF 8 48.71 65.73 111.71
C LEU EF 8 48.25 65.48 113.14
N THR EF 9 47.28 66.27 113.58
CA THR EF 9 46.79 66.18 114.96
C THR EF 9 45.32 66.55 115.01
N ASP EF 10 44.65 66.05 116.04
CA ASP EF 10 43.25 66.34 116.28
C ASP EF 10 43.04 67.29 117.45
N GLY EF 11 44.11 67.67 118.15
CA GLY EF 11 44.02 68.51 119.31
C GLY EF 11 44.51 67.83 120.56
N THR EF 12 44.22 66.53 120.68
CA THR EF 12 44.61 65.76 121.85
C THR EF 12 45.93 65.01 121.64
N THR EF 13 45.97 64.14 120.63
CA THR EF 13 47.14 63.29 120.40
C THR EF 13 47.68 63.56 119.01
N PRO EF 14 48.85 64.21 118.88
CA PRO EF 14 49.45 64.39 117.56
C PRO EF 14 50.10 63.11 117.06
N VAL EF 15 50.02 62.88 115.76
CA VAL EF 15 50.69 61.76 115.11
C VAL EF 15 51.61 62.34 114.04
N THR EF 16 52.87 61.88 114.05
CA THR EF 16 53.89 62.38 113.14
C THR EF 16 54.07 61.38 112.02
N LEU EF 17 53.76 61.81 110.79
CA LEU EF 17 53.92 60.97 109.61
C LEU EF 17 55.20 61.37 108.89
N THR EF 18 56.02 60.39 108.54
CA THR EF 18 57.24 60.63 107.80
C THR EF 18 57.13 59.99 106.41
N PRO EF 19 57.73 60.60 105.38
CA PRO EF 19 57.57 60.05 104.03
C PRO EF 19 58.14 58.65 103.93
N VAL EF 20 57.47 57.80 103.14
CA VAL EF 20 57.96 56.45 102.89
C VAL EF 20 57.94 56.17 101.40
N GLY EF 21 58.03 57.22 100.58
CA GLY EF 21 58.20 57.00 99.16
C GLY EF 21 57.31 57.83 98.27
N GLY EF 22 57.01 57.30 97.09
CA GLY EF 22 56.06 57.93 96.19
C GLY EF 22 56.63 58.34 94.85
N GLY EF 23 57.81 58.96 94.84
CA GLY EF 23 58.35 59.45 93.59
C GLY EF 23 57.70 60.75 93.14
N VAL EF 24 57.65 60.99 91.84
CA VAL EF 24 57.09 62.22 91.30
C VAL EF 24 55.60 62.03 91.06
N GLY EF 25 54.82 63.07 91.36
CA GLY EF 25 53.38 62.99 91.22
C GLY EF 25 52.63 62.46 92.41
N GLN EF 26 53.32 62.04 93.46
CA GLN EF 26 52.66 61.55 94.67
C GLN EF 26 53.66 61.52 95.81
N THR EF 27 53.15 61.23 97.00
CA THR EF 27 53.98 61.13 98.19
C THR EF 27 53.25 60.27 99.20
N LEU EF 28 53.91 59.25 99.72
CA LEU EF 28 53.34 58.40 100.75
C LEU EF 28 53.89 58.80 102.11
N TYR EF 29 53.04 58.72 103.12
CA TYR EF 29 53.44 58.98 104.49
C TYR EF 29 53.04 57.80 105.36
N ARG EF 30 53.66 57.71 106.52
CA ARG EF 30 53.30 56.69 107.50
C ARG EF 30 53.96 56.97 108.84
N ALA EF 31 53.19 56.87 109.93
CA ALA EF 31 53.74 57.09 111.25
C ALA EF 31 54.57 55.87 111.67
N THR EF 32 55.20 55.95 112.84
CA THR EF 32 55.98 54.81 113.31
C THR EF 32 55.09 53.76 113.97
N ALA EF 33 54.53 54.10 115.13
CA ALA EF 33 53.70 53.19 115.94
C ALA EF 33 54.24 51.76 115.87
N GLU EF 34 55.55 51.64 116.07
CA GLU EF 34 56.28 50.44 115.71
C GLU EF 34 55.77 49.24 116.48
N ALA EF 35 55.91 48.05 115.88
CA ALA EF 35 55.54 46.80 116.52
C ALA EF 35 54.05 46.81 116.91
N LEU EF 36 53.21 46.75 115.89
CA LEU EF 36 53.44 46.33 114.51
C LEU EF 36 53.72 47.52 113.60
N SER EF 37 54.25 47.24 112.41
CA SER EF 37 54.57 48.30 111.45
C SER EF 37 53.43 48.62 110.51
N ALA EF 38 52.46 47.72 110.36
CA ALA EF 38 51.29 47.97 109.53
C ALA EF 38 50.12 48.54 110.32
N ALA EF 39 50.28 48.72 111.62
CA ALA EF 39 49.24 49.30 112.47
C ALA EF 39 49.54 50.75 112.79
N ASN EF 40 49.58 51.60 111.76
CA ASN EF 40 49.79 53.02 111.96
C ASN EF 40 49.21 53.77 110.77
N PRO EF 41 48.83 55.03 110.94
CA PRO EF 41 48.14 55.77 109.87
C PRO EF 41 49.07 56.11 108.71
N SER EF 42 48.44 56.43 107.58
CA SER EF 42 49.14 56.75 106.35
C SER EF 42 48.41 57.86 105.63
N LEU EF 43 49.13 58.59 104.77
CA LEU EF 43 48.59 59.77 104.08
C LEU EF 43 48.98 59.79 102.61
N SER EF 44 48.67 58.73 101.87
CA SER EF 44 48.89 58.73 100.43
C SER EF 44 48.34 60.00 99.80
N PHE EF 45 49.24 60.83 99.26
CA PHE EF 45 48.88 62.14 98.73
C PHE EF 45 49.39 62.26 97.30
N GLY EF 46 48.47 62.42 96.35
CA GLY EF 46 48.82 62.57 94.96
C GLY EF 46 48.45 63.95 94.41
N TYR EF 47 48.92 64.22 93.21
CA TYR EF 47 48.66 65.47 92.51
C TYR EF 47 49.16 65.35 91.08
N ARG EF 48 48.49 66.03 90.17
CA ARG EF 48 48.86 65.99 88.75
C ARG EF 48 48.17 67.14 88.04
N PHE EF 49 48.62 67.42 86.82
CA PHE EF 49 48.01 68.41 85.95
C PHE EF 49 47.62 67.74 84.65
N THR EF 50 46.37 67.95 84.22
CA THR EF 50 45.87 67.33 82.99
C THR EF 50 46.24 68.18 81.79
N ASP EF 51 45.59 67.91 80.65
CA ASP EF 51 45.86 68.65 79.42
C ASP EF 51 45.79 70.16 79.65
N GLY EF 52 44.78 70.61 80.38
CA GLY EF 52 44.70 72.02 80.73
C GLY EF 52 45.54 72.34 81.94
N GLY EF 53 45.02 73.19 82.82
CA GLY EF 53 45.68 73.47 84.08
C GLY EF 53 44.91 72.88 85.23
N THR EF 54 44.10 71.86 84.94
CA THR EF 54 43.23 71.25 85.94
C THR EF 54 44.10 70.50 86.94
N ASN EF 55 44.32 71.12 88.09
CA ASN EF 55 45.14 70.55 89.16
C ASN EF 55 44.29 69.55 89.93
N ARG EF 56 44.49 68.26 89.66
CA ARG EF 56 43.69 67.21 90.29
C ARG EF 56 44.47 66.63 91.48
N GLN EF 57 44.46 67.36 92.58
CA GLN EF 57 45.05 66.83 93.80
C GLN EF 57 44.15 65.74 94.38
N SER EF 58 44.73 64.95 95.28
CA SER EF 58 44.02 63.81 95.85
C SER EF 58 44.73 63.28 97.09
N LEU EF 59 43.99 63.12 98.18
CA LEU EF 59 44.56 62.62 99.43
C LEU EF 59 43.78 61.38 99.86
N SER EF 60 44.37 60.64 100.80
CA SER EF 60 43.71 59.46 101.35
C SER EF 60 44.39 59.14 102.68
N TYR EF 61 43.67 59.34 103.77
CA TYR EF 61 44.20 59.12 105.11
C TYR EF 61 43.55 57.88 105.70
N LYS EF 62 44.34 56.82 105.88
CA LYS EF 62 43.87 55.57 106.45
C LYS EF 62 44.45 55.42 107.84
N GLN EF 63 43.60 55.18 108.82
CA GLN EF 63 44.02 54.93 110.19
C GLN EF 63 43.54 53.56 110.63
N PRO EF 64 44.41 52.60 110.87
CA PRO EF 64 43.97 51.26 111.27
C PRO EF 64 43.56 51.22 112.73
N ILE EF 65 42.64 50.31 113.03
CA ILE EF 65 42.10 50.14 114.37
C ILE EF 65 42.84 48.98 115.02
N THR EF 66 43.58 49.27 116.08
CA THR EF 66 44.43 48.28 116.73
C THR EF 66 43.74 47.70 117.96
N ALA EF 67 44.29 46.58 118.44
CA ALA EF 67 43.77 45.94 119.64
C ALA EF 67 44.87 45.07 120.21
N VAL EF 68 45.47 45.50 121.33
CA VAL EF 68 46.58 44.78 121.93
C VAL EF 68 46.04 43.53 122.61
N ASP EF 69 46.37 42.36 122.07
CA ASP EF 69 45.89 41.09 122.59
C ASP EF 69 46.73 40.71 123.79
N SER EF 70 46.20 40.93 124.99
CA SER EF 70 46.96 40.69 126.21
C SER EF 70 47.35 39.23 126.39
N THR EF 71 46.57 38.30 125.83
CA THR EF 71 46.90 36.88 125.95
C THR EF 71 48.24 36.56 125.28
N THR EF 72 48.41 37.01 124.04
CA THR EF 72 49.60 36.71 123.27
C THR EF 72 50.59 37.88 123.22
N SER EF 73 50.13 39.09 123.56
CA SER EF 73 50.93 40.32 123.54
C SER EF 73 51.40 40.63 122.12
N GLU EF 74 50.42 40.70 121.22
CA GLU EF 74 50.65 41.12 119.85
C GLU EF 74 49.55 42.10 119.45
N THR EF 75 49.88 43.04 118.58
CA THR EF 75 48.91 44.01 118.11
C THR EF 75 48.18 43.45 116.90
N LEU EF 76 46.84 43.47 116.97
CA LEU EF 76 46.01 42.97 115.89
C LEU EF 76 45.30 44.13 115.22
N VAL EF 77 45.13 44.03 113.91
CA VAL EF 77 44.49 45.08 113.12
C VAL EF 77 43.10 44.62 112.75
N ARG EF 78 42.08 45.33 113.24
CA ARG EF 78 40.69 44.95 113.03
C ARG EF 78 40.09 45.62 111.80
N GLY EF 79 40.51 46.83 111.48
CA GLY EF 79 39.99 47.53 110.33
C GLY EF 79 40.63 48.89 110.25
N GLN EF 80 40.22 49.68 109.25
CA GLN EF 80 40.80 51.00 109.07
C GLN EF 80 39.73 52.00 108.66
N CYS EF 81 39.83 53.21 109.21
CA CYS EF 81 39.00 54.32 108.81
C CYS EF 81 39.67 55.06 107.67
N VAL EF 82 38.94 55.25 106.57
CA VAL EF 82 39.48 55.82 105.35
C VAL EF 82 38.79 57.15 105.08
N VAL EF 83 39.58 58.18 104.80
CA VAL EF 83 39.06 59.51 104.49
C VAL EF 83 39.73 59.98 103.20
N ASP EF 84 38.98 59.98 102.11
CA ASP EF 84 39.48 60.45 100.82
C ASP EF 84 39.04 61.89 100.61
N ILE EF 85 39.97 62.71 100.14
CA ILE EF 85 39.72 64.14 99.90
C ILE EF 85 40.23 64.45 98.50
N ASN EF 86 39.35 64.33 97.50
CA ASN EF 86 39.73 64.72 96.15
C ASN EF 86 39.48 66.20 95.93
N ILE EF 87 40.41 66.83 95.22
CA ILE EF 87 40.34 68.26 94.93
C ILE EF 87 40.54 68.44 93.44
N VAL EF 88 39.62 69.14 92.78
CA VAL EF 88 39.75 69.48 91.37
C VAL EF 88 39.67 70.99 91.25
N ILE EF 89 40.65 71.57 90.57
CA ILE EF 89 40.69 73.02 90.39
C ILE EF 89 40.83 73.30 88.89
N PRO EF 90 39.84 73.89 88.24
CA PRO EF 90 39.90 74.02 86.79
C PRO EF 90 40.96 75.00 86.32
N ARG EF 91 41.17 75.03 85.00
CA ARG EF 91 42.18 75.88 84.39
C ARG EF 91 41.91 77.37 84.62
N VAL EF 92 40.65 77.76 84.82
CA VAL EF 92 40.26 79.16 84.83
C VAL EF 92 40.17 79.70 86.25
N ALA EF 93 40.68 78.99 87.24
CA ALA EF 93 40.48 79.34 88.63
C ALA EF 93 41.55 80.32 89.09
N THR EF 94 41.13 81.44 89.66
CA THR EF 94 42.05 82.43 90.21
C THR EF 94 42.76 81.85 91.43
N ALA EF 95 43.88 82.47 91.78
CA ALA EF 95 44.67 82.02 92.93
C ALA EF 95 43.99 82.28 94.26
N THR EF 96 42.98 83.15 94.30
CA THR EF 96 42.23 83.40 95.53
C THR EF 96 40.93 82.62 95.61
N ASP EF 97 40.43 82.11 94.47
CA ASP EF 97 39.30 81.19 94.52
C ASP EF 97 39.72 79.82 95.02
N ARG EF 98 40.98 79.44 94.79
CA ARG EF 98 41.50 78.19 95.34
C ARG EF 98 41.47 78.21 96.85
N ALA EF 99 41.99 79.28 97.46
CA ALA EF 99 42.00 79.38 98.91
C ALA EF 99 40.57 79.43 99.45
N GLU EF 100 39.68 80.16 98.78
CA GLU EF 100 38.29 80.20 99.23
C GLU EF 100 37.64 78.83 99.14
N ALA EF 101 37.86 78.12 98.04
CA ALA EF 101 37.20 76.83 97.85
C ALA EF 101 37.74 75.80 98.84
N ILE EF 102 39.07 75.70 98.95
CA ILE EF 102 39.67 74.65 99.77
C ILE EF 102 39.36 74.88 101.25
N LYS EF 103 39.58 76.11 101.73
CA LYS EF 103 39.38 76.36 103.15
C LYS EF 103 37.91 76.29 103.55
N ARG EF 104 37.00 76.53 102.61
CA ARG EF 104 35.58 76.40 102.93
C ARG EF 104 35.17 74.93 103.01
N ALA EF 105 35.65 74.11 102.07
CA ALA EF 105 35.33 72.69 102.10
C ALA EF 105 35.87 72.03 103.36
N PHE EF 106 37.09 72.36 103.75
CA PHE EF 106 37.67 71.83 104.98
C PHE EF 106 37.04 72.45 106.22
N ASP EF 107 36.21 73.47 106.07
CA ASP EF 107 35.47 74.03 107.20
C ASP EF 107 34.15 73.32 107.45
N VAL EF 108 33.86 72.27 106.68
CA VAL EF 108 32.63 71.51 106.89
C VAL EF 108 32.63 70.90 108.29
N LEU EF 109 33.78 70.37 108.72
CA LEU EF 109 33.85 69.74 110.03
C LEU EF 109 33.42 70.68 111.15
N ASN EF 110 33.62 71.98 110.97
CA ASN EF 110 33.12 72.94 111.96
C ASN EF 110 31.66 73.27 111.76
N ALA EF 111 31.12 73.05 110.56
CA ALA EF 111 29.71 73.30 110.31
C ALA EF 111 28.88 72.04 110.47
N LEU EF 112 29.22 71.00 109.72
CA LEU EF 112 28.50 69.72 109.76
C LEU EF 112 29.18 68.79 110.77
N ASN EF 113 29.32 69.30 112.00
CA ASN EF 113 30.18 68.66 112.98
C ASN EF 113 29.56 67.37 113.52
N ALA EF 114 28.36 67.47 114.09
CA ALA EF 114 27.75 66.32 114.75
C ALA EF 114 27.47 65.18 113.77
N GLU EF 115 27.31 65.48 112.49
CA GLU EF 115 27.06 64.43 111.52
C GLU EF 115 28.32 63.69 111.11
N LEU EF 116 29.49 64.14 111.55
CA LEU EF 116 30.74 63.51 111.19
C LEU EF 116 31.49 62.97 112.40
N ILE EF 117 31.60 63.76 113.47
CA ILE EF 117 32.35 63.33 114.64
C ILE EF 117 31.64 62.18 115.34
N THR EF 118 30.32 62.27 115.49
CA THR EF 118 29.56 61.24 116.19
C THR EF 118 28.89 60.25 115.26
N GLY EF 119 28.70 60.60 113.99
CA GLY EF 119 28.13 59.68 113.02
C GLY EF 119 26.64 59.73 112.87
N GLU EF 120 25.98 60.74 113.44
CA GLU EF 120 24.53 60.85 113.34
C GLU EF 120 24.11 61.10 111.90
N GLY EF 121 22.81 61.13 111.70
CA GLY EF 121 22.23 61.63 110.46
C GLY EF 121 21.22 62.70 110.81
N GLN EF 122 21.22 63.75 110.00
CA GLN EF 122 20.33 64.87 110.28
C GLN EF 122 18.89 64.50 109.96
N TRP EF 123 17.98 64.87 110.86
CA TRP EF 123 16.58 64.48 110.73
C TRP EF 123 15.69 65.62 110.27
N ALA FF 1 22.04 67.38 114.31
CA ALA FF 1 20.76 68.05 114.50
C ALA FF 1 19.99 68.09 113.19
N ALA FF 2 18.86 68.79 113.19
CA ALA FF 2 18.01 68.83 112.01
C ALA FF 2 18.66 69.65 110.91
N ARG FF 3 18.18 69.44 109.68
CA ARG FF 3 18.68 70.19 108.54
C ARG FF 3 18.50 71.68 108.78
N SER FF 4 19.60 72.41 108.89
CA SER FF 4 19.53 73.85 109.16
C SER FF 4 20.42 74.61 108.20
N SER FF 5 20.65 75.90 108.47
CA SER FF 5 21.52 76.72 107.65
C SER FF 5 22.94 76.66 108.20
N ILE FF 6 23.89 76.27 107.33
CA ILE FF 6 25.29 76.17 107.71
C ILE FF 6 26.03 77.41 107.21
N VAL FF 7 27.15 77.70 107.86
CA VAL FF 7 27.81 79.00 107.75
C VAL FF 7 29.23 78.73 107.23
N LEU FF 8 29.36 77.77 106.31
CA LEU FF 8 30.63 77.46 105.67
C LEU FF 8 31.43 78.71 105.34
N THR FF 9 32.63 78.81 105.91
CA THR FF 9 33.43 80.01 105.82
C THR FF 9 34.89 79.64 105.57
N ASP FF 10 35.74 80.66 105.50
CA ASP FF 10 37.18 80.43 105.39
C ASP FF 10 37.98 81.39 106.25
N GLY FF 11 37.36 82.07 107.22
CA GLY FF 11 38.01 83.02 108.08
C GLY FF 11 37.79 84.47 107.68
N THR FF 12 37.54 84.73 106.41
CA THR FF 12 37.31 86.08 105.92
C THR FF 12 35.92 86.27 105.32
N THR FF 13 35.51 85.40 104.39
CA THR FF 13 34.28 85.58 103.64
C THR FF 13 33.34 84.41 103.89
N PRO FF 14 32.42 84.50 104.85
CA PRO FF 14 31.48 83.41 105.09
C PRO FF 14 30.43 83.31 103.99
N VAL FF 15 29.88 82.10 103.87
CA VAL FF 15 28.77 81.82 102.95
C VAL FF 15 27.76 80.96 103.69
N THR FF 16 26.50 81.38 103.65
CA THR FF 16 25.43 80.67 104.34
C THR FF 16 24.68 79.79 103.34
N LEU FF 17 24.51 78.52 103.69
CA LEU FF 17 23.87 77.54 102.81
C LEU FF 17 22.63 76.98 103.50
N THR FF 18 21.52 76.92 102.77
CA THR FF 18 20.28 76.38 103.29
C THR FF 18 19.83 75.18 102.47
N PRO FF 19 19.28 74.14 103.10
CA PRO FF 19 18.97 72.91 102.38
C PRO FF 19 17.99 73.16 101.23
N VAL FF 20 18.21 72.46 100.13
CA VAL FF 20 17.52 72.76 98.87
C VAL FF 20 16.89 71.49 98.34
N GLY FF 21 17.00 70.41 99.10
CA GLY FF 21 16.38 69.18 98.66
C GLY FF 21 17.04 67.99 99.34
N GLY FF 22 17.04 66.87 98.61
CA GLY FF 22 17.66 65.65 99.12
C GLY FF 22 16.66 64.54 99.37
N GLY FF 23 16.75 63.92 100.54
CA GLY FF 23 15.90 62.80 100.89
C GLY FF 23 16.31 62.17 102.21
N VAL FF 24 16.38 60.84 102.25
CA VAL FF 24 16.89 60.11 103.40
C VAL FF 24 18.36 59.76 103.13
N GLY FF 25 19.23 60.12 104.05
CA GLY FF 25 20.65 59.96 103.82
C GLY FF 25 21.11 60.75 102.61
N GLN FF 26 20.64 61.99 102.50
CA GLN FF 26 20.99 62.89 101.42
C GLN FF 26 20.52 64.28 101.77
N THR FF 27 21.35 65.28 101.49
CA THR FF 27 21.02 66.66 101.89
C THR FF 27 21.77 67.61 100.97
N LEU FF 28 21.04 68.30 100.11
CA LEU FF 28 21.63 69.34 99.28
C LEU FF 28 21.80 70.63 100.09
N TYR FF 29 22.53 71.56 99.51
CA TYR FF 29 22.70 72.89 100.10
C TYR FF 29 22.93 73.86 98.95
N ARG FF 30 22.74 75.16 99.25
CA ARG FF 30 23.06 76.23 98.31
C ARG FF 30 22.94 77.55 99.06
N ALA FF 31 23.56 78.58 98.50
CA ALA FF 31 23.58 79.90 99.09
C ALA FF 31 22.46 80.76 98.50
N THR FF 32 22.49 82.07 98.81
CA THR FF 32 21.35 82.94 98.55
C THR FF 32 21.46 83.71 97.23
N ALA FF 33 22.66 83.85 96.66
CA ALA FF 33 22.80 84.59 95.41
C ALA FF 33 22.19 83.81 94.25
N GLU FF 34 21.86 84.50 93.16
CA GLU FF 34 21.10 83.92 92.06
C GLU FF 34 21.85 84.09 90.74
N ALA FF 35 21.92 83.01 89.98
CA ALA FF 35 22.58 83.05 88.68
C ALA FF 35 21.90 82.04 87.76
N LEU FF 36 22.36 81.99 86.50
CA LEU FF 36 21.67 81.24 85.45
C LEU FF 36 22.17 79.81 85.33
N SER FF 37 23.47 79.61 85.10
CA SER FF 37 24.01 78.27 84.90
C SER FF 37 24.45 77.63 86.22
N ALA FF 38 25.40 78.27 86.91
CA ALA FF 38 25.86 77.79 88.21
C ALA FF 38 25.57 78.87 89.22
N ALA FF 39 24.71 78.58 90.19
CA ALA FF 39 24.25 79.61 91.10
C ALA FF 39 25.26 79.88 92.20
N ASN FF 40 25.51 78.89 93.05
CA ASN FF 40 26.22 79.12 94.29
C ASN FF 40 27.00 77.88 94.72
N PRO FF 41 27.77 77.95 95.80
CA PRO FF 41 28.31 76.72 96.39
C PRO FF 41 27.18 75.75 96.76
N SER FF 42 27.43 74.47 96.49
CA SER FF 42 26.39 73.43 96.66
C SER FF 42 27.03 72.22 97.34
N LEU FF 43 26.85 72.11 98.65
CA LEU FF 43 27.47 71.07 99.46
C LEU FF 43 26.49 69.91 99.62
N SER FF 44 26.68 68.85 98.86
CA SER FF 44 25.85 67.66 99.02
C SER FF 44 26.42 66.77 100.12
N PHE FF 45 25.54 66.05 100.82
CA PHE FF 45 25.93 65.23 101.96
C PHE FF 45 25.16 63.91 101.86
N GLY FF 46 25.88 62.82 101.59
CA GLY FF 46 25.23 61.58 101.21
C GLY FF 46 25.44 60.37 102.11
N TYR FF 47 25.37 60.57 103.43
CA TYR FF 47 25.65 59.49 104.37
C TYR FF 47 24.69 58.33 104.19
N ARG FF 48 25.16 57.14 104.57
CA ARG FF 48 24.37 55.90 104.49
C ARG FF 48 25.07 54.86 105.36
N PHE FF 49 24.49 53.65 105.39
CA PHE FF 49 25.07 52.52 106.09
C PHE FF 49 25.18 51.35 105.11
N THR FF 50 25.69 50.22 105.60
CA THR FF 50 26.03 49.10 104.73
C THR FF 50 25.75 47.82 105.52
N ASP FF 51 26.30 46.69 105.05
CA ASP FF 51 26.06 45.40 105.68
C ASP FF 51 26.42 45.43 107.16
N GLY FF 52 27.60 45.94 107.48
CA GLY FF 52 28.00 46.16 108.86
C GLY FF 52 27.62 47.54 109.32
N GLY FF 53 28.35 48.03 110.32
CA GLY FF 53 28.18 49.40 110.76
C GLY FF 53 29.00 50.34 109.92
N THR FF 54 29.23 49.97 108.66
CA THR FF 54 30.14 50.71 107.78
C THR FF 54 29.51 52.03 107.39
N ASN FF 55 29.69 53.04 108.23
CA ASN FF 55 29.11 54.36 107.99
C ASN FF 55 29.82 55.00 106.80
N ARG FF 56 29.22 54.89 105.63
CA ARG FF 56 29.86 55.33 104.39
C ARG FF 56 29.38 56.72 104.00
N GLN FF 57 29.82 57.70 104.78
CA GLN FF 57 29.48 59.09 104.50
C GLN FF 57 30.18 59.57 103.24
N SER FF 58 29.69 60.69 102.70
CA SER FF 58 30.21 61.21 101.45
C SER FF 58 29.80 62.67 101.32
N LEU FF 59 30.69 63.49 100.78
CA LEU FF 59 30.46 64.92 100.62
C LEU FF 59 30.91 65.37 99.25
N SER FF 60 30.51 66.59 98.89
CA SER FF 60 30.97 67.23 97.67
C SER FF 60 30.66 68.71 97.72
N TYR FF 61 31.69 69.55 97.71
CA TYR FF 61 31.52 71.00 97.81
C TYR FF 61 32.00 71.64 96.52
N LYS FF 62 31.06 72.04 95.67
CA LYS FF 62 31.37 72.70 94.42
C LYS FF 62 31.19 74.20 94.58
N GLN FF 63 32.22 74.97 94.23
CA GLN FF 63 32.14 76.43 94.25
C GLN FF 63 32.37 76.95 92.84
N PRO FF 64 31.37 77.54 92.19
CA PRO FF 64 31.55 77.98 90.81
C PRO FF 64 32.43 79.21 90.71
N ILE FF 65 33.27 79.23 89.68
CA ILE FF 65 34.16 80.36 89.41
C ILE FF 65 33.38 81.34 88.54
N THR FF 66 33.07 82.51 89.09
CA THR FF 66 32.20 83.46 88.42
C THR FF 66 32.82 84.84 88.40
N ALA FF 67 32.59 85.58 87.31
CA ALA FF 67 32.95 86.97 87.19
C ALA FF 67 31.76 87.73 86.64
N VAL FF 68 31.45 88.87 87.24
CA VAL FF 68 30.22 89.59 86.91
C VAL FF 68 30.42 90.35 85.61
N ASP FF 69 29.55 90.08 84.63
CA ASP FF 69 29.59 90.79 83.36
C ASP FF 69 29.14 92.24 83.55
N SER FF 70 29.52 93.08 82.59
CA SER FF 70 29.09 94.47 82.60
C SER FF 70 27.79 94.61 81.82
N THR FF 71 26.90 95.47 82.34
CA THR FF 71 25.60 95.83 81.78
C THR FF 71 24.60 94.69 81.82
N THR FF 72 24.98 93.49 82.28
CA THR FF 72 24.07 92.35 82.37
C THR FF 72 24.16 91.74 83.76
N SER FF 73 23.01 91.41 84.32
CA SER FF 73 22.93 90.84 85.66
C SER FF 73 22.88 89.31 85.63
N GLU FF 74 23.89 88.70 85.01
CA GLU FF 74 23.95 87.24 84.90
C GLU FF 74 25.23 86.64 85.45
N THR FF 75 26.19 87.46 85.90
CA THR FF 75 27.39 87.05 86.61
C THR FF 75 27.99 85.76 86.04
N LEU FF 76 28.44 85.82 84.78
CA LEU FF 76 28.96 84.67 84.05
C LEU FF 76 29.87 83.80 84.91
N VAL FF 77 29.58 82.50 84.91
CA VAL FF 77 30.37 81.51 85.65
C VAL FF 77 31.30 80.81 84.67
N ARG FF 78 32.50 80.49 85.14
CA ARG FF 78 33.55 79.94 84.29
C ARG FF 78 33.90 78.49 84.60
N GLY FF 79 33.73 78.04 85.82
CA GLY FF 79 34.05 76.67 86.18
C GLY FF 79 33.51 76.34 87.55
N GLN FF 80 34.15 75.37 88.20
CA GLN FF 80 33.76 74.97 89.55
C GLN FF 80 34.90 74.21 90.24
N CYS FF 81 35.20 74.59 91.48
CA CYS FF 81 36.26 73.94 92.25
C CYS FF 81 35.65 72.81 93.08
N VAL FF 82 35.55 71.63 92.45
CA VAL FF 82 34.99 70.47 93.14
C VAL FF 82 35.93 70.01 94.24
N VAL FF 83 35.36 69.69 95.40
CA VAL FF 83 36.13 69.12 96.51
C VAL FF 83 35.34 67.99 97.15
N ASP FF 84 35.65 66.75 96.80
CA ASP FF 84 34.96 65.59 97.35
C ASP FF 84 35.63 65.12 98.63
N ILE FF 85 34.82 64.70 99.60
CA ILE FF 85 35.33 64.16 100.85
C ILE FF 85 34.54 62.91 101.21
N ASN FF 86 35.07 61.74 100.90
CA ASN FF 86 34.41 60.48 101.21
C ASN FF 86 35.00 59.88 102.48
N ILE FF 87 34.14 59.30 103.30
CA ILE FF 87 34.51 58.75 104.59
C ILE FF 87 33.96 57.33 104.69
N VAL FF 88 34.80 56.40 105.15
CA VAL FF 88 34.41 55.02 105.37
C VAL FF 88 34.91 54.61 106.75
N ILE FF 89 33.99 54.44 107.68
CA ILE FF 89 34.31 54.09 109.06
C ILE FF 89 33.78 52.69 109.34
N PRO FF 90 34.61 51.75 109.79
CA PRO FF 90 34.15 50.37 109.92
C PRO FF 90 33.21 50.18 111.09
N ARG FF 91 32.67 48.98 111.23
CA ARG FF 91 31.77 48.67 112.33
C ARG FF 91 32.48 48.68 113.68
N VAL FF 92 33.75 48.25 113.73
CA VAL FF 92 34.46 48.04 114.98
C VAL FF 92 35.07 49.32 115.49
N ALA FF 93 34.76 50.45 114.85
CA ALA FF 93 35.43 51.71 115.14
C ALA FF 93 34.77 52.37 116.35
N THR FF 94 35.47 52.36 117.47
CA THR FF 94 35.03 53.08 118.66
C THR FF 94 34.89 54.56 118.35
N ALA FF 95 33.85 55.19 118.91
CA ALA FF 95 33.58 56.58 118.59
C ALA FF 95 34.72 57.51 118.96
N THR FF 96 35.59 57.11 119.88
CA THR FF 96 36.82 57.87 120.11
C THR FF 96 37.78 57.74 118.94
N ASP FF 97 37.88 56.55 118.35
CA ASP FF 97 38.74 56.36 117.19
C ASP FF 97 38.21 57.11 115.98
N ARG FF 98 36.89 57.13 115.80
CA ARG FF 98 36.32 57.85 114.66
C ARG FF 98 36.56 59.34 114.76
N ALA FF 99 36.46 59.91 115.97
CA ALA FF 99 36.73 61.33 116.14
C ALA FF 99 38.18 61.65 115.79
N GLU FF 100 39.11 60.78 116.19
CA GLU FF 100 40.51 60.98 115.84
C GLU FF 100 40.71 60.88 114.33
N ALA FF 101 40.08 59.91 113.69
CA ALA FF 101 40.28 59.72 112.25
C ALA FF 101 39.77 60.90 111.45
N ILE FF 102 38.61 61.42 111.81
CA ILE FF 102 38.03 62.53 111.04
C ILE FF 102 38.80 63.82 111.29
N LYS FF 103 39.11 64.11 112.56
CA LYS FF 103 39.76 65.37 112.87
C LYS FF 103 41.19 65.40 112.37
N ARG FF 104 41.87 64.25 112.38
CA ARG FF 104 43.23 64.20 111.83
C ARG FF 104 43.24 64.36 110.33
N ALA FF 105 42.26 63.77 109.63
CA ALA FF 105 42.21 63.91 108.19
C ALA FF 105 41.97 65.35 107.77
N PHE FF 106 41.11 66.06 108.51
CA PHE FF 106 40.82 67.45 108.20
C PHE FF 106 41.89 68.41 108.69
N ASP FF 107 42.92 67.90 109.37
CA ASP FF 107 44.07 68.72 109.74
C ASP FF 107 45.16 68.71 108.68
N VAL FF 108 44.92 68.06 107.55
CA VAL FF 108 45.90 68.08 106.46
C VAL FF 108 46.12 69.50 105.98
N LEU FF 109 45.04 70.27 105.87
CA LEU FF 109 45.14 71.64 105.36
C LEU FF 109 46.12 72.47 106.18
N ASN FF 110 46.26 72.18 107.46
CA ASN FF 110 47.20 72.91 108.30
C ASN FF 110 48.58 72.29 108.32
N ALA FF 111 48.75 71.09 107.78
CA ALA FF 111 50.06 70.44 107.71
C ALA FF 111 50.60 70.43 106.28
N LEU FF 112 49.77 70.00 105.34
CA LEU FF 112 50.13 70.01 103.92
C LEU FF 112 49.55 71.24 103.24
N ASN FF 113 49.92 72.40 103.78
CA ASN FF 113 49.22 73.65 103.46
C ASN FF 113 49.58 74.16 102.07
N ALA FF 114 50.87 74.41 101.83
CA ALA FF 114 51.29 75.06 100.59
C ALA FF 114 50.91 74.24 99.37
N GLU FF 115 51.02 72.91 99.48
CA GLU FF 115 50.71 72.05 98.33
C GLU FF 115 49.24 72.07 97.97
N LEU FF 116 48.35 72.40 98.93
CA LEU FF 116 46.92 72.38 98.67
C LEU FF 116 46.40 73.75 98.27
N ILE FF 117 46.84 74.81 98.95
CA ILE FF 117 46.39 76.15 98.63
C ILE FF 117 47.05 76.63 97.34
N THR FF 118 48.37 76.66 97.30
CA THR FF 118 49.10 77.15 96.13
C THR FF 118 49.05 76.16 94.98
N GLY FF 119 49.21 74.86 95.26
CA GLY FF 119 49.13 73.86 94.23
C GLY FF 119 50.47 73.51 93.61
N GLU FF 120 51.46 73.23 94.44
CA GLU FF 120 52.83 73.08 93.97
C GLU FF 120 53.60 72.24 94.95
N GLY FF 121 54.78 71.77 94.50
CA GLY FF 121 55.77 71.28 95.43
C GLY FF 121 56.03 69.79 95.40
N GLN FF 122 56.46 69.27 96.56
CA GLN FF 122 56.90 67.88 96.72
C GLN FF 122 58.09 67.60 95.79
N TRP FF 123 59.20 68.25 96.11
CA TRP FF 123 60.43 68.08 95.35
C TRP FF 123 61.17 66.84 95.84
N ALA GF 1 69.76 -70.63 -84.81
CA ALA GF 1 70.01 -72.07 -84.84
C ALA GF 1 70.22 -72.60 -83.44
N ALA GF 2 70.57 -73.88 -83.33
CA ALA GF 2 70.84 -74.46 -82.02
C ALA GF 2 72.05 -73.78 -81.39
N ARG GF 3 71.92 -73.44 -80.10
CA ARG GF 3 72.98 -72.73 -79.41
C ARG GF 3 74.25 -73.58 -79.35
N SER GF 4 75.39 -72.95 -79.62
CA SER GF 4 76.67 -73.64 -79.62
C SER GF 4 77.74 -72.65 -79.19
N SER GF 5 78.99 -73.00 -79.45
CA SER GF 5 80.12 -72.15 -79.12
C SER GF 5 80.39 -71.17 -80.25
N ILE GF 6 81.03 -70.05 -79.90
CA ILE GF 6 81.41 -69.03 -80.88
C ILE GF 6 82.87 -68.66 -80.64
N VAL GF 7 83.53 -68.19 -81.69
CA VAL GF 7 84.98 -68.13 -81.74
C VAL GF 7 85.38 -66.67 -82.00
N LEU GF 8 84.66 -65.75 -81.36
CA LEU GF 8 84.98 -64.32 -81.43
C LEU GF 8 86.49 -64.09 -81.42
N THR GF 9 86.97 -63.36 -82.42
CA THR GF 9 88.40 -63.17 -82.62
C THR GF 9 88.67 -61.75 -83.08
N ASP GF 10 89.95 -61.41 -83.15
CA ASP GF 10 90.39 -60.12 -83.68
C ASP GF 10 91.62 -60.30 -84.55
N GLY GF 11 91.80 -61.50 -85.10
CA GLY GF 11 92.89 -61.75 -86.01
C GLY GF 11 94.09 -62.43 -85.37
N THR GF 12 94.32 -62.17 -84.09
CA THR GF 12 95.49 -62.72 -83.42
C THR GF 12 95.17 -63.54 -82.18
N THR GF 13 94.15 -63.17 -81.40
CA THR GF 13 93.81 -63.86 -80.17
C THR GF 13 92.34 -64.23 -80.17
N PRO GF 14 92.00 -65.39 -80.73
CA PRO GF 14 90.60 -65.84 -80.71
C PRO GF 14 90.14 -66.15 -79.30
N VAL GF 15 88.85 -66.01 -79.07
CA VAL GF 15 88.22 -66.28 -77.79
C VAL GF 15 87.05 -67.22 -78.04
N THR GF 16 87.02 -68.35 -77.33
CA THR GF 16 85.93 -69.31 -77.45
C THR GF 16 84.92 -69.05 -76.33
N LEU GF 17 83.68 -68.80 -76.71
CA LEU GF 17 82.60 -68.56 -75.76
C LEU GF 17 81.60 -69.71 -75.82
N THR GF 18 81.00 -70.02 -74.68
CA THR GF 18 80.07 -71.14 -74.57
C THR GF 18 78.79 -70.68 -73.88
N PRO GF 19 77.64 -71.19 -74.30
CA PRO GF 19 76.37 -70.73 -73.71
C PRO GF 19 76.19 -71.23 -72.29
N VAL GF 20 76.19 -70.34 -71.32
CA VAL GF 20 76.14 -70.74 -69.92
C VAL GF 20 74.91 -70.13 -69.23
N GLY GF 21 73.87 -69.87 -69.99
CA GLY GF 21 72.66 -69.33 -69.41
C GLY GF 21 71.78 -68.71 -70.49
N GLY GF 22 70.81 -67.95 -70.03
CA GLY GF 22 69.90 -67.26 -70.93
C GLY GF 22 68.44 -67.45 -70.60
N GLY GF 23 67.63 -67.69 -71.61
CA GLY GF 23 66.20 -67.87 -71.40
C GLY GF 23 65.48 -67.93 -72.72
N VAL GF 24 64.31 -67.30 -72.74
CA VAL GF 24 63.53 -67.16 -73.97
C VAL GF 24 63.86 -65.78 -74.55
N GLY GF 25 64.37 -65.76 -75.77
CA GLY GF 25 64.84 -64.53 -76.36
C GLY GF 25 66.06 -63.96 -75.66
N GLN GF 26 67.01 -64.82 -75.31
CA GLN GF 26 68.24 -64.41 -74.65
C GLN GF 26 69.19 -65.60 -74.61
N THR GF 27 70.49 -65.32 -74.70
CA THR GF 27 71.49 -66.38 -74.65
C THR GF 27 72.80 -65.78 -74.18
N LEU GF 28 73.13 -66.00 -72.90
CA LEU GF 28 74.39 -65.55 -72.36
C LEU GF 28 75.54 -66.40 -72.90
N TYR GF 29 76.73 -65.81 -72.93
CA TYR GF 29 77.95 -66.52 -73.28
C TYR GF 29 79.03 -66.13 -72.29
N ARG GF 30 80.08 -66.94 -72.22
CA ARG GF 30 81.23 -66.62 -71.40
C ARG GF 30 82.42 -67.42 -71.89
N ALA GF 31 83.59 -66.81 -71.87
CA ALA GF 31 84.79 -67.52 -72.31
C ALA GF 31 85.09 -68.66 -71.36
N THR GF 32 85.63 -69.75 -71.92
CA THR GF 32 85.84 -70.97 -71.15
C THR GF 32 86.70 -70.70 -69.92
N ALA GF 33 87.95 -70.30 -70.15
CA ALA GF 33 88.83 -69.87 -69.07
C ALA GF 33 89.99 -69.11 -69.67
N GLU GF 34 90.11 -67.81 -69.36
CA GLU GF 34 91.31 -67.09 -69.76
C GLU GF 34 92.42 -67.28 -68.73
N ALA GF 35 92.24 -66.73 -67.53
CA ALA GF 35 93.13 -67.03 -66.41
C ALA GF 35 92.43 -67.16 -65.07
N LEU GF 36 91.20 -66.69 -64.93
CA LEU GF 36 90.45 -66.73 -63.69
C LEU GF 36 89.02 -66.29 -64.02
N SER GF 37 88.17 -66.19 -63.00
CA SER GF 37 86.85 -65.63 -63.19
C SER GF 37 86.91 -64.11 -63.07
N ALA GF 38 85.88 -63.46 -63.60
CA ALA GF 38 85.75 -62.02 -63.72
C ALA GF 38 86.73 -61.42 -64.72
N ALA GF 39 87.63 -62.22 -65.27
CA ALA GF 39 88.54 -61.80 -66.33
C ALA GF 39 88.24 -62.54 -67.61
N ASN GF 40 86.95 -62.83 -67.84
CA ASN GF 40 86.51 -63.59 -68.99
C ASN GF 40 85.45 -62.80 -69.75
N PRO GF 41 85.60 -62.63 -71.07
CA PRO GF 41 84.60 -61.89 -71.84
C PRO GF 41 83.28 -62.63 -71.92
N SER GF 42 82.21 -61.85 -72.13
CA SER GF 42 80.87 -62.39 -72.24
C SER GF 42 80.18 -61.73 -73.43
N LEU GF 43 79.20 -62.43 -74.01
CA LEU GF 43 78.52 -61.99 -75.22
C LEU GF 43 77.00 -62.16 -75.08
N SER GF 44 76.42 -61.59 -74.03
CA SER GF 44 74.97 -61.54 -73.89
C SER GF 44 74.30 -61.16 -75.20
N PHE GF 45 73.26 -61.91 -75.56
CA PHE GF 45 72.63 -61.75 -76.87
C PHE GF 45 71.13 -62.01 -76.73
N GLY GF 46 70.32 -60.97 -76.87
CA GLY GF 46 68.89 -61.09 -76.84
C GLY GF 46 68.27 -60.93 -78.23
N TYR GF 47 66.96 -61.15 -78.28
CA TYR GF 47 66.18 -61.04 -79.51
C TYR GF 47 64.71 -61.16 -79.15
N ARG GF 48 63.88 -60.36 -79.81
CA ARG GF 48 62.45 -60.38 -79.53
C ARG GF 48 61.70 -59.71 -80.66
N PHE GF 49 60.40 -60.00 -80.74
CA PHE GF 49 59.50 -59.42 -81.73
C PHE GF 49 58.44 -58.62 -81.02
N THR GF 50 58.23 -57.38 -81.44
CA THR GF 50 57.15 -56.56 -80.91
C THR GF 50 55.85 -56.86 -81.63
N ASP GF 51 54.87 -55.96 -81.48
CA ASP GF 51 53.58 -56.08 -82.17
C ASP GF 51 53.75 -56.51 -83.63
N GLY GF 52 54.51 -55.75 -84.39
CA GLY GF 52 54.83 -56.11 -85.76
C GLY GF 52 56.05 -57.02 -85.80
N GLY GF 53 56.52 -57.28 -87.01
CA GLY GF 53 57.67 -58.14 -87.18
C GLY GF 53 58.99 -57.42 -86.97
N THR GF 54 58.99 -56.43 -86.08
CA THR GF 54 60.19 -55.64 -85.80
C THR GF 54 61.18 -56.53 -85.04
N ASN GF 55 62.14 -57.08 -85.77
CA ASN GF 55 63.09 -58.03 -85.20
C ASN GF 55 64.11 -57.32 -84.33
N ARG GF 56 63.70 -56.85 -83.14
CA ARG GF 56 64.56 -56.05 -82.29
C ARG GF 56 65.56 -56.96 -81.57
N GLN GF 57 66.63 -57.29 -82.28
CA GLN GF 57 67.74 -58.00 -81.69
C GLN GF 57 68.63 -57.04 -80.91
N SER GF 58 69.48 -57.59 -80.06
CA SER GF 58 70.39 -56.79 -79.24
C SER GF 58 71.63 -57.62 -78.94
N LEU GF 59 72.70 -56.93 -78.56
CA LEU GF 59 73.95 -57.58 -78.19
C LEU GF 59 74.65 -56.75 -77.13
N SER GF 60 75.62 -57.38 -76.47
CA SER GF 60 76.45 -56.70 -75.49
C SER GF 60 77.68 -57.54 -75.24
N TYR GF 61 78.85 -57.03 -75.61
CA TYR GF 61 80.11 -57.73 -75.40
C TYR GF 61 80.91 -56.97 -74.35
N LYS GF 62 81.26 -57.64 -73.26
CA LYS GF 62 81.95 -57.02 -72.15
C LYS GF 62 83.28 -57.73 -71.94
N GLN GF 63 84.38 -57.05 -72.26
CA GLN GF 63 85.70 -57.58 -72.04
C GLN GF 63 86.34 -56.85 -70.87
N PRO GF 64 86.63 -57.53 -69.76
CA PRO GF 64 87.14 -56.85 -68.57
C PRO GF 64 88.64 -56.61 -68.61
N ILE GF 65 89.03 -55.50 -68.02
CA ILE GF 65 90.42 -55.02 -68.04
C ILE GF 65 91.10 -55.51 -66.78
N THR GF 66 92.06 -56.41 -66.93
CA THR GF 66 92.75 -57.02 -65.81
C THR GF 66 94.18 -56.51 -65.74
N ALA GF 67 94.71 -56.44 -64.52
CA ALA GF 67 96.06 -55.93 -64.29
C ALA GF 67 96.61 -56.53 -63.01
N VAL GF 68 97.93 -56.69 -62.97
CA VAL GF 68 98.57 -57.30 -61.80
C VAL GF 68 98.57 -56.31 -60.63
N ASP GF 69 98.63 -56.87 -59.42
CA ASP GF 69 98.58 -56.12 -58.18
C ASP GF 69 99.80 -56.47 -57.32
N SER GF 70 100.99 -56.30 -57.92
CA SER GF 70 102.27 -56.78 -57.41
C SER GF 70 102.45 -56.64 -55.89
N THR GF 71 101.86 -55.61 -55.29
CA THR GF 71 101.85 -55.54 -53.82
C THR GF 71 101.24 -56.80 -53.21
N THR GF 72 100.29 -57.43 -53.90
CA THR GF 72 99.75 -58.71 -53.50
C THR GF 72 99.88 -59.79 -54.57
N SER GF 73 100.17 -59.41 -55.81
CA SER GF 73 100.37 -60.33 -56.94
C SER GF 73 99.09 -61.07 -57.31
N GLU GF 74 97.93 -60.48 -57.04
CA GLU GF 74 96.65 -61.06 -57.40
C GLU GF 74 96.07 -60.26 -58.57
N THR GF 75 95.67 -60.97 -59.63
CA THR GF 75 95.28 -60.35 -60.90
C THR GF 75 93.88 -59.74 -60.77
N LEU GF 76 93.80 -58.64 -60.04
CA LEU GF 76 92.53 -57.94 -59.88
C LEU GF 76 92.12 -57.29 -61.18
N VAL GF 77 90.80 -57.14 -61.38
CA VAL GF 77 90.24 -56.55 -62.59
C VAL GF 77 89.87 -55.09 -62.29
N ARG GF 78 90.31 -54.19 -63.17
CA ARG GF 78 90.04 -52.76 -63.02
C ARG GF 78 88.66 -52.39 -63.53
N GLY GF 79 88.40 -52.63 -64.82
CA GLY GF 79 87.13 -52.28 -65.43
C GLY GF 79 86.82 -53.14 -66.64
N GLN GF 80 85.83 -52.76 -67.42
CA GLN GF 80 85.41 -53.54 -68.58
C GLN GF 80 85.12 -52.62 -69.76
N CYS GF 81 85.28 -53.15 -70.96
CA CYS GF 81 84.94 -52.45 -72.19
C CYS GF 81 83.64 -53.03 -72.74
N VAL GF 82 82.65 -52.16 -72.97
CA VAL GF 82 81.30 -52.57 -73.32
C VAL GF 82 81.00 -52.13 -74.73
N VAL GF 83 80.54 -53.08 -75.56
CA VAL GF 83 80.10 -52.80 -76.92
C VAL GF 83 78.70 -53.34 -77.09
N ASP GF 84 77.75 -52.46 -77.42
CA ASP GF 84 76.36 -52.84 -77.61
C ASP GF 84 76.00 -52.64 -79.07
N ILE GF 85 75.58 -53.72 -79.73
CA ILE GF 85 75.15 -53.63 -81.12
C ILE GF 85 73.67 -53.93 -81.22
N ASN GF 86 72.83 -52.90 -81.13
CA ASN GF 86 71.40 -53.09 -81.28
C ASN GF 86 71.00 -53.06 -82.74
N ILE GF 87 70.07 -53.94 -83.09
CA ILE GF 87 69.58 -54.06 -84.46
C ILE GF 87 68.06 -54.05 -84.42
N VAL GF 88 67.46 -53.22 -85.27
CA VAL GF 88 66.00 -53.15 -85.40
C VAL GF 88 65.66 -53.21 -86.89
N ILE GF 89 64.92 -54.24 -87.29
CA ILE GF 89 64.49 -54.42 -88.67
C ILE GF 89 62.96 -54.55 -88.66
N PRO GF 90 62.23 -53.69 -89.36
CA PRO GF 90 60.77 -53.74 -89.31
C PRO GF 90 60.23 -54.91 -90.12
N ARG GF 91 58.92 -55.12 -89.99
CA ARG GF 91 58.27 -56.21 -90.71
C ARG GF 91 58.27 -55.96 -92.22
N VAL GF 92 58.23 -54.70 -92.63
CA VAL GF 92 58.11 -54.34 -94.04
C VAL GF 92 59.43 -54.58 -94.77
N ALA GF 93 60.43 -55.06 -94.05
CA ALA GF 93 61.76 -55.25 -94.61
C ALA GF 93 61.81 -56.51 -95.45
N THR GF 94 62.35 -56.39 -96.67
CA THR GF 94 62.60 -57.56 -97.47
C THR GF 94 63.82 -58.30 -96.95
N ALA GF 95 64.08 -59.47 -97.53
CA ALA GF 95 65.22 -60.28 -97.10
C ALA GF 95 66.55 -59.69 -97.54
N THR GF 96 66.56 -58.74 -98.45
CA THR GF 96 67.80 -58.14 -98.93
C THR GF 96 68.14 -56.82 -98.28
N ASP GF 97 67.13 -56.05 -97.86
CA ASP GF 97 67.41 -54.83 -97.10
C ASP GF 97 68.00 -55.16 -95.74
N ARG GF 98 67.52 -56.24 -95.11
CA ARG GF 98 68.08 -56.64 -93.83
C ARG GF 98 69.53 -57.06 -93.95
N ALA GF 99 69.85 -57.84 -94.98
CA ALA GF 99 71.23 -58.23 -95.20
C ALA GF 99 72.10 -57.05 -95.59
N GLU GF 100 71.54 -56.11 -96.35
CA GLU GF 100 72.28 -54.91 -96.74
C GLU GF 100 72.60 -54.04 -95.52
N ALA GF 101 71.63 -53.85 -94.65
CA ALA GF 101 71.81 -52.94 -93.52
C ALA GF 101 72.81 -53.51 -92.51
N ILE GF 102 72.68 -54.80 -92.19
CA ILE GF 102 73.51 -55.39 -91.14
C ILE GF 102 74.97 -55.39 -91.55
N LYS GF 103 75.25 -55.81 -92.79
CA LYS GF 103 76.64 -55.91 -93.22
C LYS GF 103 77.27 -54.52 -93.39
N ARG GF 104 76.48 -53.53 -93.80
CA ARG GF 104 77.02 -52.20 -93.98
C ARG GF 104 77.39 -51.55 -92.65
N ALA GF 105 76.49 -51.61 -91.67
CA ALA GF 105 76.75 -51.00 -90.39
C ALA GF 105 77.90 -51.68 -89.65
N PHE GF 106 78.13 -52.96 -89.91
CA PHE GF 106 79.28 -53.65 -89.35
C PHE GF 106 80.56 -53.34 -90.12
N ASP GF 107 80.45 -52.66 -91.26
CA ASP GF 107 81.61 -52.23 -92.02
C ASP GF 107 82.11 -50.87 -91.59
N VAL GF 108 81.53 -50.30 -90.53
CA VAL GF 108 81.97 -48.98 -90.05
C VAL GF 108 83.44 -49.04 -89.63
N LEU GF 109 83.81 -50.07 -88.86
CA LEU GF 109 85.15 -50.17 -88.33
C LEU GF 109 86.20 -50.16 -89.42
N ASN GF 110 85.88 -50.73 -90.59
CA ASN GF 110 86.82 -50.65 -91.70
C ASN GF 110 86.92 -49.24 -92.25
N ALA GF 111 85.82 -48.50 -92.25
CA ALA GF 111 85.81 -47.15 -92.82
C ALA GF 111 86.09 -46.09 -91.77
N LEU GF 112 85.27 -46.03 -90.72
CA LEU GF 112 85.44 -45.05 -89.66
C LEU GF 112 86.36 -45.63 -88.57
N ASN GF 113 87.58 -45.96 -88.99
CA ASN GF 113 88.46 -46.78 -88.17
C ASN GF 113 89.07 -45.98 -87.03
N ALA GF 114 89.86 -44.95 -87.36
CA ALA GF 114 90.74 -44.32 -86.40
C ALA GF 114 90.00 -43.72 -85.20
N GLU GF 115 88.74 -43.35 -85.36
CA GLU GF 115 88.00 -42.77 -84.25
C GLU GF 115 87.42 -43.81 -83.29
N LEU GF 116 87.39 -45.07 -83.69
CA LEU GF 116 86.91 -46.15 -82.84
C LEU GF 116 88.05 -46.88 -82.14
N ILE GF 117 89.03 -47.35 -82.92
CA ILE GF 117 90.14 -48.11 -82.36
C ILE GF 117 90.94 -47.25 -81.40
N THR GF 118 91.29 -46.04 -81.83
CA THR GF 118 92.22 -45.20 -81.07
C THR GF 118 91.51 -44.32 -80.05
N GLY GF 119 90.25 -44.00 -80.28
CA GLY GF 119 89.49 -43.19 -79.34
C GLY GF 119 89.59 -41.70 -79.55
N GLU GF 120 90.32 -41.24 -80.57
CA GLU GF 120 90.46 -39.82 -80.80
C GLU GF 120 89.14 -39.21 -81.25
N GLY GF 121 88.94 -37.94 -80.88
CA GLY GF 121 87.74 -37.21 -81.24
C GLY GF 121 87.99 -36.39 -82.48
N GLN GF 122 87.23 -36.68 -83.53
CA GLN GF 122 87.41 -36.01 -84.81
C GLN GF 122 87.03 -34.53 -84.70
N TRP GF 123 87.75 -33.70 -85.45
CA TRP GF 123 87.57 -32.26 -85.39
C TRP GF 123 86.93 -31.74 -86.67
N ALA HF 1 82.45 -80.21 -74.73
CA ALA HF 1 81.49 -80.06 -73.66
C ALA HF 1 80.06 -80.07 -74.19
N ALA HF 2 79.85 -80.80 -75.27
CA ALA HF 2 78.52 -80.99 -75.84
C ALA HF 2 77.81 -82.14 -75.12
N ARG HF 3 76.49 -82.18 -75.26
CA ARG HF 3 75.69 -83.18 -74.57
C ARG HF 3 75.79 -84.52 -75.29
N SER HF 4 76.28 -85.53 -74.59
CA SER HF 4 76.36 -86.88 -75.11
C SER HF 4 76.22 -87.85 -73.95
N SER HF 5 76.21 -89.14 -74.27
CA SER HF 5 76.06 -90.17 -73.24
C SER HF 5 77.30 -90.21 -72.34
N ILE HF 6 77.07 -90.37 -71.05
CA ILE HF 6 78.14 -90.49 -70.07
C ILE HF 6 78.07 -91.86 -69.42
N VAL HF 7 79.22 -92.33 -68.92
CA VAL HF 7 79.40 -93.74 -68.59
C VAL HF 7 79.75 -93.90 -67.12
N LEU HF 8 79.10 -93.12 -66.25
CA LEU HF 8 79.25 -93.25 -64.80
C LEU HF 8 79.41 -94.70 -64.38
N THR HF 9 80.46 -94.97 -63.60
CA THR HF 9 80.76 -96.33 -63.19
C THR HF 9 81.40 -96.31 -61.81
N ASP HF 10 81.27 -97.43 -61.11
CA ASP HF 10 81.88 -97.62 -59.81
C ASP HF 10 83.09 -98.54 -59.85
N GLY HF 11 83.37 -99.14 -61.01
CA GLY HF 11 84.47 -100.08 -61.13
C GLY HF 11 83.99 -101.46 -61.52
N THR HF 12 82.82 -101.85 -60.99
CA THR HF 12 82.27 -103.17 -61.26
C THR HF 12 81.27 -103.15 -62.42
N THR HF 13 80.21 -102.36 -62.29
CA THR HF 13 79.14 -102.32 -63.29
C THR HF 13 78.98 -100.89 -63.80
N PRO HF 14 79.36 -100.59 -65.03
CA PRO HF 14 79.12 -99.26 -65.58
C PRO HF 14 77.67 -99.07 -65.98
N VAL HF 15 77.18 -97.84 -65.80
CA VAL HF 15 75.85 -97.46 -66.24
C VAL HF 15 75.98 -96.28 -67.19
N THR HF 16 75.32 -96.38 -68.34
CA THR HF 16 75.42 -95.37 -69.39
C THR HF 16 74.17 -94.49 -69.34
N LEU HF 17 74.36 -93.21 -69.05
CA LEU HF 17 73.27 -92.25 -69.01
C LEU HF 17 73.28 -91.43 -70.29
N THR HF 18 72.10 -91.31 -70.92
CA THR HF 18 71.93 -90.52 -72.12
C THR HF 18 71.05 -89.31 -71.83
N PRO HF 19 71.30 -88.17 -72.47
CA PRO HF 19 70.51 -86.98 -72.17
C PRO HF 19 69.03 -87.20 -72.48
N VAL HF 20 68.17 -86.63 -71.64
CA VAL HF 20 66.74 -86.70 -71.88
C VAL HF 20 66.13 -85.31 -71.76
N GLY HF 21 66.93 -84.28 -71.95
CA GLY HF 21 66.39 -82.94 -72.01
C GLY HF 21 67.13 -81.89 -71.22
N GLY HF 22 66.39 -80.87 -70.78
CA GLY HF 22 66.93 -79.85 -69.91
C GLY HF 22 66.93 -78.44 -70.48
N GLY HF 23 67.34 -78.29 -71.73
CA GLY HF 23 67.45 -76.96 -72.30
C GLY HF 23 68.71 -76.24 -71.86
N VAL HF 24 68.64 -74.91 -71.75
CA VAL HF 24 69.80 -74.10 -71.39
C VAL HF 24 69.87 -73.94 -69.89
N GLY HF 25 71.07 -74.01 -69.34
CA GLY HF 25 71.25 -73.91 -67.91
C GLY HF 25 71.10 -75.20 -67.14
N GLN HF 26 70.82 -76.32 -67.81
CA GLN HF 26 70.71 -77.61 -67.14
C GLN HF 26 70.76 -78.71 -68.18
N THR HF 27 70.85 -79.95 -67.69
CA THR HF 27 70.87 -81.12 -68.56
C THR HF 27 70.42 -82.31 -67.75
N LEU HF 28 69.38 -83.00 -68.21
CA LEU HF 28 68.90 -84.20 -67.57
C LEU HF 28 69.52 -85.42 -68.23
N TYR HF 29 69.80 -86.44 -67.42
CA TYR HF 29 70.30 -87.71 -67.93
C TYR HF 29 69.45 -88.83 -67.37
N ARG HF 30 69.48 -89.97 -68.05
CA ARG HF 30 68.78 -91.15 -67.56
C ARG HF 30 69.22 -92.40 -68.32
N ALA HF 31 69.55 -93.46 -67.60
CA ALA HF 31 69.95 -94.71 -68.25
C ALA HF 31 68.73 -95.37 -68.89
N THR HF 32 68.96 -96.48 -69.58
CA THR HF 32 67.84 -97.19 -70.20
C THR HF 32 67.13 -98.08 -69.19
N ALA HF 33 67.81 -99.15 -68.76
CA ALA HF 33 67.27 -100.15 -67.83
C ALA HF 33 65.78 -100.40 -68.11
N GLU HF 34 65.48 -100.62 -69.39
CA GLU HF 34 64.11 -100.57 -69.88
C GLU HF 34 63.26 -101.63 -69.21
N ALA HF 35 61.96 -101.32 -69.07
CA ALA HF 35 61.00 -102.25 -68.48
C ALA HF 35 61.41 -102.61 -67.05
N LEU HF 36 61.29 -101.62 -66.17
CA LEU HF 36 60.50 -100.41 -66.28
C LEU HF 36 61.34 -99.19 -66.64
N SER HF 37 60.71 -98.17 -67.20
CA SER HF 37 61.41 -96.96 -67.62
C SER HF 37 61.71 -95.98 -66.49
N ALA HF 38 60.99 -96.08 -65.38
CA ALA HF 38 61.21 -95.22 -64.23
C ALA HF 38 62.17 -95.83 -63.21
N ALA HF 39 62.62 -97.06 -63.44
CA ALA HF 39 63.55 -97.73 -62.55
C ALA HF 39 64.98 -97.71 -63.10
N ASN HF 40 65.54 -96.51 -63.24
CA ASN HF 40 66.91 -96.38 -63.71
C ASN HF 40 67.47 -95.04 -63.22
N PRO HF 41 68.78 -94.94 -63.04
CA PRO HF 41 69.37 -93.74 -62.44
C PRO HF 41 69.25 -92.52 -63.34
N SER HF 42 69.41 -91.35 -62.72
CA SER HF 42 69.31 -90.07 -63.41
C SER HF 42 70.36 -89.12 -62.84
N LEU HF 43 70.75 -88.12 -63.64
CA LEU HF 43 71.82 -87.20 -63.28
C LEU HF 43 71.46 -85.75 -63.61
N SER HF 44 70.33 -85.27 -63.09
CA SER HF 44 69.99 -83.86 -63.25
C SER HF 44 71.16 -82.97 -62.88
N PHE HF 45 71.68 -82.24 -63.87
CA PHE HF 45 72.88 -81.42 -63.71
C PHE HF 45 72.59 -80.00 -64.18
N GLY HF 46 72.67 -79.04 -63.25
CA GLY HF 46 72.45 -77.65 -63.57
C GLY HF 46 73.71 -76.82 -63.43
N TYR HF 47 73.60 -75.57 -63.86
CA TYR HF 47 74.70 -74.60 -63.79
C TYR HF 47 74.17 -73.23 -64.19
N ARG HF 48 74.73 -72.20 -63.59
CA ARG HF 48 74.31 -70.82 -63.87
C ARG HF 48 75.38 -69.88 -63.35
N PHE HF 49 75.28 -68.62 -63.76
CA PHE HF 49 76.16 -67.56 -63.28
C PHE HF 49 75.30 -66.44 -62.70
N THR HF 50 75.60 -66.04 -61.47
CA THR HF 50 74.82 -65.01 -60.80
C THR HF 50 75.27 -63.63 -61.26
N ASP HF 51 74.88 -62.60 -60.51
CA ASP HF 51 75.27 -61.22 -60.85
C ASP HF 51 76.78 -61.10 -61.05
N GLY HF 52 77.56 -61.74 -60.18
CA GLY HF 52 78.98 -61.76 -60.37
C GLY HF 52 79.42 -62.88 -61.28
N GLY HF 53 80.57 -63.48 -61.01
CA GLY HF 53 81.02 -64.63 -61.75
C GLY HF 53 80.82 -65.90 -60.95
N THR HF 54 79.94 -65.84 -59.97
CA THR HF 54 79.72 -66.96 -59.05
C THR HF 54 79.07 -68.10 -59.82
N ASN HF 55 79.87 -69.09 -60.19
CA ASN HF 55 79.40 -70.23 -60.97
C ASN HF 55 78.77 -71.24 -60.02
N ARG HF 56 77.44 -71.27 -59.97
CA ARG HF 56 76.71 -72.14 -59.05
C ARG HF 56 76.29 -73.40 -59.79
N GLN HF 57 77.24 -74.32 -59.96
CA GLN HF 57 76.90 -75.61 -60.51
C GLN HF 57 76.13 -76.45 -59.49
N SER HF 58 75.47 -77.49 -59.98
CA SER HF 58 74.61 -78.30 -59.12
C SER HF 58 74.28 -79.63 -59.77
N LEU HF 59 74.52 -80.73 -59.07
CA LEU HF 59 74.23 -82.06 -59.57
C LEU HF 59 73.29 -82.77 -58.63
N SER HF 60 72.67 -83.84 -59.13
CA SER HF 60 71.77 -84.64 -58.32
C SER HF 60 71.64 -86.00 -58.98
N TYR HF 61 72.18 -87.03 -58.35
CA TYR HF 61 72.19 -88.37 -58.90
C TYR HF 61 71.26 -89.24 -58.06
N LYS HF 62 70.15 -89.68 -58.64
CA LYS HF 62 69.19 -90.53 -57.97
C LYS HF 62 69.23 -91.91 -58.60
N GLN HF 63 69.41 -92.93 -57.78
CA GLN HF 63 69.40 -94.31 -58.25
C GLN HF 63 68.27 -95.06 -57.56
N PRO HF 64 67.25 -95.49 -58.26
CA PRO HF 64 66.13 -96.17 -57.61
C PRO HF 64 66.47 -97.62 -57.27
N ILE HF 65 65.86 -98.11 -56.20
CA ILE HF 65 66.08 -99.46 -55.70
C ILE HF 65 64.98 -100.35 -56.27
N THR HF 66 65.35 -101.30 -57.11
CA THR HF 66 64.41 -102.15 -57.81
C THR HF 66 64.26 -103.49 -57.10
N ALA HF 67 63.20 -104.20 -57.45
CA ALA HF 67 62.95 -105.52 -56.90
C ALA HF 67 62.03 -106.27 -57.86
N VAL HF 68 62.57 -107.26 -58.56
CA VAL HF 68 61.79 -107.97 -59.57
C VAL HF 68 60.84 -108.93 -58.85
N ASP HF 69 59.55 -108.66 -58.94
CA ASP HF 69 58.51 -109.44 -58.27
C ASP HF 69 58.26 -110.69 -59.10
N SER HF 70 58.86 -111.81 -58.70
CA SER HF 70 58.78 -113.04 -59.49
C SER HF 70 57.36 -113.57 -59.63
N THR HF 71 56.48 -113.27 -58.67
CA THR HF 71 55.10 -113.74 -58.77
C THR HF 71 54.40 -113.15 -59.98
N THR HF 72 54.49 -111.83 -60.15
CA THR HF 72 53.83 -111.12 -61.23
C THR HF 72 54.77 -110.83 -62.40
N SER HF 73 56.10 -110.88 -62.17
CA SER HF 73 57.12 -110.59 -63.16
C SER HF 73 57.03 -109.13 -63.62
N GLU HF 74 57.08 -108.23 -62.64
CA GLU HF 74 57.14 -106.80 -62.89
C GLU HF 74 58.14 -106.19 -61.93
N THR HF 75 58.79 -105.12 -62.37
CA THR HF 75 59.79 -104.45 -61.56
C THR HF 75 59.12 -103.42 -60.66
N LEU HF 76 59.40 -103.52 -59.36
CA LEU HF 76 58.84 -102.62 -58.37
C LEU HF 76 59.93 -101.70 -57.85
N VAL HF 77 59.58 -100.44 -57.63
CA VAL HF 77 60.52 -99.43 -57.16
C VAL HF 77 60.24 -99.18 -55.69
N ARG HF 78 61.23 -99.46 -54.85
CA ARG HF 78 61.06 -99.34 -53.40
C ARG HF 78 61.54 -98.01 -52.85
N GLY HF 79 62.53 -97.40 -53.49
CA GLY HF 79 63.06 -96.14 -53.03
C GLY HF 79 64.25 -95.76 -53.87
N GLN HF 80 64.83 -94.60 -53.57
CA GLN HF 80 65.95 -94.11 -54.35
C GLN HF 80 67.02 -93.52 -53.45
N CYS HF 81 68.28 -93.78 -53.80
CA CYS HF 81 69.40 -93.15 -53.13
C CYS HF 81 69.75 -91.86 -53.86
N VAL HF 82 69.76 -90.75 -53.13
CA VAL HF 82 69.95 -89.43 -53.70
C VAL HF 82 71.29 -88.88 -53.25
N VAL HF 83 72.08 -88.37 -54.19
CA VAL HF 83 73.37 -87.75 -53.89
C VAL HF 83 73.41 -86.39 -54.57
N ASP HF 84 73.31 -85.33 -53.79
CA ASP HF 84 73.39 -83.97 -54.30
C ASP HF 84 74.81 -83.45 -54.13
N ILE HF 85 75.31 -82.74 -55.13
CA ILE HF 85 76.65 -82.18 -55.11
C ILE HF 85 76.53 -80.74 -55.60
N ASN HF 86 76.38 -79.80 -54.67
CA ASN HF 86 76.37 -78.39 -55.04
C ASN HF 86 77.78 -77.83 -55.03
N ILE HF 87 78.09 -77.05 -56.05
CA ILE HF 87 79.40 -76.43 -56.20
C ILE HF 87 79.22 -74.94 -56.38
N VAL HF 88 79.87 -74.15 -55.53
CA VAL HF 88 79.86 -72.70 -55.64
C VAL HF 88 81.30 -72.25 -55.82
N ILE HF 89 81.53 -71.43 -56.84
CA ILE HF 89 82.87 -70.92 -57.12
C ILE HF 89 82.78 -69.40 -57.22
N PRO HF 90 83.44 -68.65 -56.33
CA PRO HF 90 83.24 -67.20 -56.31
C PRO HF 90 83.80 -66.50 -57.52
N ARG HF 91 83.54 -65.19 -57.62
CA ARG HF 91 83.98 -64.39 -58.74
C ARG HF 91 85.50 -64.26 -58.78
N VAL HF 92 86.18 -64.42 -57.65
CA VAL HF 92 87.60 -64.11 -57.53
C VAL HF 92 88.47 -65.37 -57.61
N ALA HF 93 87.91 -66.50 -58.04
CA ALA HF 93 88.60 -67.77 -57.98
C ALA HF 93 89.46 -67.97 -59.22
N THR HF 94 90.74 -68.27 -59.01
CA THR HF 94 91.63 -68.57 -60.11
C THR HF 94 91.24 -69.90 -60.74
N ALA HF 95 91.64 -70.07 -62.01
CA ALA HF 95 91.31 -71.27 -62.75
C ALA HF 95 91.98 -72.52 -62.20
N THR HF 96 93.05 -72.38 -61.42
CA THR HF 96 93.70 -73.53 -60.81
C THR HF 96 93.23 -73.80 -59.39
N ASP HF 97 92.57 -72.83 -58.75
CA ASP HF 97 91.94 -73.10 -57.47
C ASP HF 97 90.65 -73.87 -57.65
N ARG HF 98 89.98 -73.71 -58.79
CA ARG HF 98 88.80 -74.51 -59.09
C ARG HF 98 89.15 -75.98 -59.13
N ALA HF 99 90.22 -76.33 -59.85
CA ALA HF 99 90.65 -77.72 -59.90
C ALA HF 99 91.07 -78.23 -58.53
N GLU HF 100 91.78 -77.40 -57.76
CA GLU HF 100 92.20 -77.82 -56.42
C GLU HF 100 91.00 -78.08 -55.53
N ALA HF 101 90.01 -77.19 -55.56
CA ALA HF 101 88.86 -77.33 -54.70
C ALA HF 101 88.00 -78.53 -55.11
N ILE HF 102 87.69 -78.64 -56.39
CA ILE HF 102 86.75 -79.66 -56.84
C ILE HF 102 87.34 -81.06 -56.66
N LYS HF 103 88.58 -81.27 -57.12
CA LYS HF 103 89.15 -82.60 -57.02
C LYS HF 103 89.44 -82.99 -55.58
N ARG HF 104 89.66 -82.02 -54.69
CA ARG HF 104 89.83 -82.36 -53.29
C ARG HF 104 88.50 -82.75 -52.65
N ALA HF 105 87.43 -82.03 -52.96
CA ALA HF 105 86.13 -82.37 -52.40
C ALA HF 105 85.67 -83.75 -52.86
N PHE HF 106 85.88 -84.07 -54.13
CA PHE HF 106 85.54 -85.38 -54.64
C PHE HF 106 86.52 -86.46 -54.20
N ASP HF 107 87.61 -86.08 -53.55
CA ASP HF 107 88.53 -87.05 -52.97
C ASP HF 107 88.15 -87.47 -51.56
N VAL HF 108 87.02 -86.96 -51.05
CA VAL HF 108 86.56 -87.37 -49.72
C VAL HF 108 86.30 -88.87 -49.69
N LEU HF 109 85.68 -89.40 -50.76
CA LEU HF 109 85.36 -90.81 -50.81
C LEU HF 109 86.58 -91.69 -50.60
N ASN HF 110 87.76 -91.21 -50.99
CA ASN HF 110 88.98 -91.96 -50.72
C ASN HF 110 89.52 -91.68 -49.32
N ALA HF 111 89.15 -90.56 -48.71
CA ALA HF 111 89.59 -90.26 -47.36
C ALA HF 111 88.57 -90.73 -46.33
N LEU HF 112 87.34 -90.24 -46.43
CA LEU HF 112 86.26 -90.60 -45.52
C LEU HF 112 85.47 -91.78 -46.08
N ASN HF 113 86.20 -92.86 -46.36
CA ASN HF 113 85.63 -93.96 -47.15
C ASN HF 113 84.65 -94.79 -46.34
N ALA HF 114 85.09 -95.32 -45.20
CA ALA HF 114 84.24 -96.25 -44.45
C ALA HF 114 82.99 -95.56 -43.92
N GLU HF 115 83.03 -94.24 -43.72
CA GLU HF 115 81.85 -93.54 -43.25
C GLU HF 115 80.81 -93.32 -44.34
N LEU HF 116 81.13 -93.63 -45.59
CA LEU HF 116 80.21 -93.42 -46.70
C LEU HF 116 79.84 -94.72 -47.40
N ILE HF 117 80.81 -95.57 -47.72
CA ILE HF 117 80.53 -96.79 -48.44
C ILE HF 117 79.71 -97.75 -47.60
N THR HF 118 80.06 -97.91 -46.33
CA THR HF 118 79.35 -98.84 -45.45
C THR HF 118 78.30 -98.17 -44.59
N GLY HF 119 78.42 -96.88 -44.33
CA GLY HF 119 77.43 -96.17 -43.56
C GLY HF 119 77.73 -96.02 -42.09
N GLU HF 120 78.93 -96.34 -41.66
CA GLU HF 120 79.30 -96.24 -40.25
C GLU HF 120 79.29 -94.78 -39.81
N GLY HF 121 79.52 -94.58 -38.52
CA GLY HF 121 79.83 -93.27 -38.00
C GLY HF 121 81.13 -93.36 -37.22
N GLN HF 122 81.91 -92.30 -37.29
CA GLN HF 122 83.20 -92.30 -36.62
C GLN HF 122 83.04 -92.10 -35.13
N TRP HF 123 83.75 -92.91 -34.35
CA TRP HF 123 83.60 -92.90 -32.90
C TRP HF 123 84.74 -92.19 -32.19
N ALA IF 1 86.15 -95.64 -38.96
CA ALA IF 1 87.10 -95.68 -37.86
C ALA IF 1 86.99 -94.40 -37.03
N ALA IF 2 87.86 -94.26 -36.04
CA ALA IF 2 87.80 -93.12 -35.15
C ALA IF 2 88.22 -91.85 -35.88
N ARG IF 3 87.84 -90.70 -35.30
CA ARG IF 3 88.23 -89.41 -35.86
C ARG IF 3 89.74 -89.32 -35.96
N SER IF 4 90.28 -89.23 -37.17
CA SER IF 4 91.72 -89.15 -37.35
C SER IF 4 92.05 -88.05 -38.36
N SER IF 5 93.30 -88.01 -38.81
CA SER IF 5 93.74 -87.02 -39.79
C SER IF 5 93.52 -87.56 -41.20
N ILE IF 6 92.80 -86.80 -42.01
CA ILE IF 6 92.53 -87.17 -43.39
C ILE IF 6 93.48 -86.42 -44.31
N VAL IF 7 93.69 -86.97 -45.50
CA VAL IF 7 94.80 -86.54 -46.36
C VAL IF 7 94.16 -86.09 -47.69
N LEU IF 8 93.03 -85.41 -47.60
CA LEU IF 8 92.35 -84.84 -48.77
C LEU IF 8 93.34 -84.24 -49.75
N THR IF 9 93.37 -84.77 -50.97
CA THR IF 9 94.35 -84.40 -51.97
C THR IF 9 93.66 -84.24 -53.32
N ASP IF 10 94.47 -83.95 -54.35
CA ASP IF 10 93.95 -83.87 -55.71
C ASP IF 10 94.89 -84.52 -56.73
N GLY IF 11 95.92 -85.24 -56.29
CA GLY IF 11 96.90 -85.84 -57.16
C GLY IF 11 98.23 -85.11 -57.17
N THR IF 12 98.24 -83.82 -56.88
CA THR IF 12 99.47 -83.04 -56.85
C THR IF 12 99.76 -82.43 -55.48
N THR IF 13 98.79 -81.74 -54.88
CA THR IF 13 99.01 -80.99 -53.66
C THR IF 13 98.12 -81.51 -52.54
N PRO IF 14 98.58 -82.43 -51.71
CA PRO IF 14 97.77 -82.93 -50.61
C PRO IF 14 97.62 -81.90 -49.49
N VAL IF 15 96.54 -82.07 -48.73
CA VAL IF 15 96.29 -81.25 -47.55
C VAL IF 15 95.82 -82.18 -46.43
N THR IF 16 96.44 -82.06 -45.26
CA THR IF 16 96.10 -82.90 -44.12
C THR IF 16 95.19 -82.12 -43.17
N LEU IF 17 94.07 -82.72 -42.79
CA LEU IF 17 93.08 -82.09 -41.94
C LEU IF 17 92.89 -82.91 -40.68
N THR IF 18 92.90 -82.23 -39.52
CA THR IF 18 92.69 -82.89 -38.24
C THR IF 18 91.44 -82.33 -37.57
N PRO IF 19 90.67 -83.18 -36.89
CA PRO IF 19 89.38 -82.72 -36.34
C PRO IF 19 89.54 -81.57 -35.36
N VAL IF 20 88.64 -80.60 -35.44
CA VAL IF 20 88.72 -79.40 -34.62
C VAL IF 20 87.40 -79.13 -33.91
N GLY IF 21 86.62 -80.16 -33.69
CA GLY IF 21 85.41 -79.99 -32.92
C GLY IF 21 84.32 -80.92 -33.39
N GLY IF 22 83.08 -80.47 -33.25
CA GLY IF 22 81.94 -81.24 -33.67
C GLY IF 22 81.08 -81.74 -32.52
N GLY IF 23 80.79 -83.03 -32.51
CA GLY IF 23 79.94 -83.63 -31.49
C GLY IF 23 79.55 -85.04 -31.85
N VAL IF 24 78.28 -85.37 -31.70
CA VAL IF 24 77.73 -86.66 -32.13
C VAL IF 24 77.03 -86.45 -33.46
N GLY IF 25 77.38 -87.27 -34.45
CA GLY IF 25 76.89 -87.06 -35.79
C GLY IF 25 77.33 -85.72 -36.34
N GLN IF 26 78.58 -85.36 -36.10
CA GLN IF 26 79.16 -84.11 -36.57
C GLN IF 26 80.66 -84.16 -36.35
N THR IF 27 81.42 -83.65 -37.32
CA THR IF 27 82.87 -83.72 -37.25
C THR IF 27 83.45 -82.60 -38.11
N LEU IF 28 84.04 -81.60 -37.46
CA LEU IF 28 84.73 -80.55 -38.20
C LEU IF 28 86.12 -81.02 -38.61
N TYR IF 29 86.76 -80.23 -39.46
CA TYR IF 29 88.12 -80.50 -39.88
C TYR IF 29 88.77 -79.16 -40.22
N ARG IF 30 90.10 -79.16 -40.27
CA ARG IF 30 90.88 -78.00 -40.70
C ARG IF 30 92.33 -78.44 -40.83
N ALA IF 31 93.11 -77.67 -41.57
CA ALA IF 31 94.50 -77.95 -41.83
C ALA IF 31 95.40 -77.18 -40.88
N THR IF 32 96.71 -77.21 -41.13
CA THR IF 32 97.70 -76.71 -40.18
C THR IF 32 98.01 -75.22 -40.32
N ALA IF 33 97.93 -74.68 -41.54
CA ALA IF 33 98.31 -73.28 -41.75
C ALA IF 33 97.38 -72.34 -40.99
N GLU IF 34 97.87 -71.13 -40.68
CA GLU IF 34 97.18 -70.21 -39.78
C GLU IF 34 96.93 -68.88 -40.48
N ALA IF 35 95.72 -68.37 -40.35
CA ALA IF 35 95.35 -67.09 -40.94
C ALA IF 35 94.31 -66.43 -40.03
N LEU IF 36 93.85 -65.24 -40.44
CA LEU IF 36 93.02 -64.40 -39.58
C LEU IF 36 91.53 -64.61 -39.84
N SER IF 37 91.06 -64.40 -41.07
CA SER IF 37 89.64 -64.50 -41.38
C SER IF 37 89.25 -65.92 -41.77
N ALA IF 38 89.85 -66.45 -42.83
CA ALA IF 38 89.61 -67.82 -43.28
C ALA IF 38 90.93 -68.56 -43.24
N ALA IF 39 91.02 -69.56 -42.37
CA ALA IF 39 92.32 -70.21 -42.15
C ALA IF 39 92.64 -71.21 -43.25
N ASN IF 40 91.83 -72.26 -43.36
CA ASN IF 40 92.20 -73.41 -44.18
C ASN IF 40 90.97 -74.10 -44.74
N PRO IF 41 91.14 -75.15 -45.55
CA PRO IF 41 89.99 -76.00 -45.89
C PRO IF 41 89.36 -76.59 -44.64
N SER IF 42 88.03 -76.62 -44.63
CA SER IF 42 87.26 -77.03 -43.45
C SER IF 42 86.13 -77.95 -43.90
N LEU IF 43 86.33 -79.26 -43.74
CA LEU IF 43 85.40 -80.28 -44.22
C LEU IF 43 84.49 -80.70 -43.07
N SER IF 44 83.26 -80.21 -43.05
CA SER IF 44 82.31 -80.64 -42.04
C SER IF 44 81.59 -81.89 -42.50
N PHE IF 45 81.24 -82.75 -41.55
CA PHE IF 45 80.64 -84.06 -41.83
C PHE IF 45 79.47 -84.26 -40.87
N GLY IF 46 78.26 -84.26 -41.39
CA GLY IF 46 77.08 -84.17 -40.55
C GLY IF 46 76.11 -85.34 -40.59
N TYR IF 47 76.62 -86.57 -40.56
CA TYR IF 47 75.78 -87.75 -40.67
C TYR IF 47 74.77 -87.83 -39.52
N ARG IF 48 73.64 -88.49 -39.80
CA ARG IF 48 72.59 -88.71 -38.82
C ARG IF 48 71.65 -89.77 -39.37
N PHE IF 49 70.61 -90.08 -38.61
CA PHE IF 49 69.56 -91.01 -39.02
C PHE IF 49 68.21 -90.32 -38.87
N THR IF 50 67.15 -91.05 -39.21
CA THR IF 50 65.81 -90.45 -39.28
C THR IF 50 64.81 -91.50 -38.82
N ASP IF 51 63.53 -91.30 -39.15
CA ASP IF 51 62.47 -92.22 -38.74
C ASP IF 51 62.78 -93.65 -39.17
N GLY IF 52 63.14 -93.83 -40.44
CA GLY IF 52 63.60 -95.11 -40.93
C GLY IF 52 65.11 -95.23 -40.82
N GLY IF 53 65.66 -96.10 -41.66
CA GLY IF 53 67.10 -96.20 -41.75
C GLY IF 53 67.65 -95.17 -42.71
N THR IF 54 66.97 -94.02 -42.79
CA THR IF 54 67.31 -93.00 -43.76
C THR IF 54 68.60 -92.31 -43.38
N ASN IF 55 69.72 -92.92 -43.75
CA ASN IF 55 71.03 -92.39 -43.40
C ASN IF 55 71.26 -91.09 -44.13
N ARG IF 56 71.01 -89.97 -43.46
CA ARG IF 56 71.00 -88.66 -44.09
C ARG IF 56 72.34 -87.96 -43.87
N GLN IF 57 73.38 -88.51 -44.50
CA GLN IF 57 74.71 -87.91 -44.39
C GLN IF 57 74.75 -86.57 -45.10
N SER IF 58 75.78 -85.79 -44.78
CA SER IF 58 75.91 -84.43 -45.32
C SER IF 58 77.35 -83.98 -45.15
N LEU IF 59 77.85 -83.26 -46.15
CA LEU IF 59 79.23 -82.79 -46.16
C LEU IF 59 79.27 -81.35 -46.63
N SER IF 60 80.42 -80.72 -46.41
CA SER IF 60 80.69 -79.37 -46.92
C SER IF 60 82.18 -79.09 -46.86
N TYR IF 61 82.82 -78.89 -48.01
CA TYR IF 61 84.25 -78.65 -48.09
C TYR IF 61 84.49 -77.25 -48.61
N LYS IF 62 84.87 -76.33 -47.73
CA LYS IF 62 85.17 -74.96 -48.10
C LYS IF 62 86.66 -74.78 -48.20
N GLN IF 63 87.14 -74.25 -49.31
CA GLN IF 63 88.56 -73.93 -49.49
C GLN IF 63 88.70 -72.44 -49.73
N PRO IF 64 89.29 -71.68 -48.82
CA PRO IF 64 89.37 -70.23 -48.99
C PRO IF 64 90.32 -69.84 -50.11
N ILE IF 65 89.95 -68.76 -50.81
CA ILE IF 65 90.76 -68.23 -51.90
C ILE IF 65 91.69 -67.20 -51.28
N THR IF 66 92.98 -67.52 -51.21
CA THR IF 66 93.92 -66.69 -50.47
C THR IF 66 95.12 -66.35 -51.35
N ALA IF 67 95.64 -65.13 -51.16
CA ALA IF 67 96.88 -64.68 -51.77
C ALA IF 67 97.70 -63.99 -50.69
N VAL IF 68 98.99 -64.30 -50.63
CA VAL IF 68 99.84 -63.82 -49.54
C VAL IF 68 100.23 -62.37 -49.80
N ASP IF 69 99.92 -61.49 -48.84
CA ASP IF 69 100.31 -60.10 -48.94
C ASP IF 69 101.81 -59.96 -48.75
N SER IF 70 102.34 -58.83 -49.21
CA SER IF 70 103.75 -58.53 -49.03
C SER IF 70 103.95 -57.74 -47.73
N THR IF 71 105.05 -58.06 -47.04
CA THR IF 71 105.50 -57.44 -45.81
C THR IF 71 104.60 -57.74 -44.61
N THR IF 72 103.48 -58.46 -44.81
CA THR IF 72 102.59 -58.80 -43.72
C THR IF 72 102.29 -60.29 -43.75
N SER IF 73 102.29 -60.92 -42.58
CA SER IF 73 102.06 -62.36 -42.45
C SER IF 73 100.60 -62.67 -42.16
N GLU IF 74 99.71 -62.22 -43.03
CA GLU IF 74 98.28 -62.43 -42.84
C GLU IF 74 97.59 -63.10 -44.01
N THR IF 75 98.32 -63.34 -45.12
CA THR IF 75 97.87 -64.13 -46.27
C THR IF 75 96.40 -63.86 -46.60
N LEU IF 76 96.10 -62.62 -46.99
CA LEU IF 76 94.74 -62.17 -47.28
C LEU IF 76 93.94 -63.19 -48.06
N VAL IF 77 92.72 -63.49 -47.57
CA VAL IF 77 91.81 -64.41 -48.21
C VAL IF 77 90.74 -63.62 -48.95
N ARG IF 78 90.31 -64.14 -50.10
CA ARG IF 78 89.40 -63.42 -50.98
C ARG IF 78 88.02 -64.05 -51.09
N GLY IF 79 87.90 -65.36 -50.94
CA GLY IF 79 86.62 -66.03 -51.04
C GLY IF 79 86.70 -67.44 -50.51
N GLN IF 80 85.82 -68.29 -51.01
CA GLN IF 80 85.81 -69.71 -50.63
C GLN IF 80 85.03 -70.54 -51.63
N CYS IF 81 85.59 -71.68 -52.04
CA CYS IF 81 84.97 -72.57 -53.01
C CYS IF 81 84.17 -73.63 -52.25
N VAL IF 82 82.92 -73.30 -51.93
CA VAL IF 82 82.06 -74.22 -51.20
C VAL IF 82 81.67 -75.39 -52.09
N VAL IF 83 81.75 -76.60 -51.55
CA VAL IF 83 81.31 -77.79 -52.26
C VAL IF 83 80.51 -78.69 -51.32
N ASP IF 84 79.18 -78.63 -51.41
CA ASP IF 84 78.31 -79.41 -50.55
C ASP IF 84 78.01 -80.76 -51.18
N ILE IF 85 78.00 -81.81 -50.37
CA ILE IF 85 77.66 -83.14 -50.84
C ILE IF 85 76.70 -83.80 -49.86
N ASN IF 86 75.42 -83.75 -50.17
CA ASN IF 86 74.39 -84.36 -49.32
C ASN IF 86 73.99 -85.72 -49.86
N ILE IF 87 73.81 -86.67 -48.94
CA ILE IF 87 73.49 -88.05 -49.29
C ILE IF 87 72.27 -88.48 -48.51
N VAL IF 88 71.31 -89.11 -49.19
CA VAL IF 88 70.11 -89.64 -48.57
C VAL IF 88 69.93 -91.07 -49.06
N ILE IF 89 70.11 -92.02 -48.17
CA ILE IF 89 70.04 -93.45 -48.49
C ILE IF 89 68.87 -94.06 -47.74
N PRO IF 90 67.93 -94.73 -48.40
CA PRO IF 90 66.72 -95.17 -47.72
C PRO IF 90 66.96 -96.37 -46.81
N ARG IF 91 65.91 -96.80 -46.11
CA ARG IF 91 66.01 -97.96 -45.24
C ARG IF 91 66.20 -99.25 -46.01
N VAL IF 92 65.64 -99.36 -47.22
CA VAL IF 92 65.59 -100.62 -47.95
C VAL IF 92 66.83 -100.80 -48.80
N ALA IF 93 67.83 -99.94 -48.63
CA ALA IF 93 68.99 -99.92 -49.50
C ALA IF 93 70.01 -100.96 -49.02
N THR IF 94 70.10 -102.06 -49.76
CA THR IF 94 71.13 -103.05 -49.52
C THR IF 94 72.51 -102.41 -49.62
N ALA IF 95 73.43 -102.82 -48.74
CA ALA IF 95 74.75 -102.20 -48.69
C ALA IF 95 75.51 -102.33 -50.00
N THR IF 96 75.17 -103.31 -50.84
CA THR IF 96 75.72 -103.33 -52.19
C THR IF 96 75.16 -102.20 -53.03
N ASP IF 97 73.87 -101.92 -52.91
CA ASP IF 97 73.26 -100.81 -53.65
C ASP IF 97 73.82 -99.47 -53.20
N ARG IF 98 74.03 -99.30 -51.89
CA ARG IF 98 74.57 -98.04 -51.40
C ARG IF 98 75.99 -97.82 -51.90
N ALA IF 99 76.79 -98.88 -51.96
CA ALA IF 99 78.16 -98.74 -52.47
C ALA IF 99 78.14 -98.28 -53.93
N GLU IF 100 77.23 -98.83 -54.73
CA GLU IF 100 77.12 -98.39 -56.11
C GLU IF 100 76.68 -96.93 -56.21
N ALA IF 101 75.68 -96.55 -55.42
CA ALA IF 101 75.14 -95.21 -55.53
C ALA IF 101 76.17 -94.15 -55.16
N ILE IF 102 76.96 -94.40 -54.11
CA ILE IF 102 77.94 -93.42 -53.68
C ILE IF 102 79.10 -93.35 -54.67
N LYS IF 103 79.59 -94.50 -55.10
CA LYS IF 103 80.76 -94.51 -55.98
C LYS IF 103 80.40 -94.01 -57.38
N ARG IF 104 79.19 -94.31 -57.86
CA ARG IF 104 78.77 -93.79 -59.15
C ARG IF 104 78.57 -92.28 -59.12
N ALA IF 105 78.05 -91.75 -58.02
CA ALA IF 105 77.86 -90.30 -57.93
C ALA IF 105 79.20 -89.58 -57.92
N PHE IF 106 80.19 -90.13 -57.23
CA PHE IF 106 81.50 -89.50 -57.16
C PHE IF 106 82.34 -89.76 -58.40
N ASP IF 107 81.84 -90.54 -59.35
CA ASP IF 107 82.49 -90.71 -60.65
C ASP IF 107 82.04 -89.67 -61.66
N VAL IF 108 81.20 -88.72 -61.26
CA VAL IF 108 80.79 -87.66 -62.18
C VAL IF 108 82.00 -86.86 -62.62
N LEU IF 109 82.93 -86.59 -61.70
CA LEU IF 109 84.10 -85.78 -62.02
C LEU IF 109 84.91 -86.38 -63.16
N ASN IF 110 84.88 -87.70 -63.33
CA ASN IF 110 85.59 -88.34 -64.42
C ASN IF 110 84.76 -88.45 -65.69
N ALA IF 111 83.45 -88.23 -65.61
CA ALA IF 111 82.58 -88.28 -66.78
C ALA IF 111 82.16 -86.89 -67.22
N LEU IF 112 81.68 -86.08 -66.29
CA LEU IF 112 81.30 -84.69 -66.55
C LEU IF 112 82.45 -83.76 -66.16
N ASN IF 113 83.62 -84.04 -66.74
CA ASN IF 113 84.86 -83.44 -66.25
C ASN IF 113 84.98 -81.97 -66.62
N ALA IF 114 84.94 -81.67 -67.93
CA ALA IF 114 85.23 -80.31 -68.39
C ALA IF 114 84.24 -79.31 -67.81
N GLU IF 115 82.96 -79.68 -67.71
CA GLU IF 115 81.96 -78.76 -67.21
C GLU IF 115 82.16 -78.40 -65.75
N LEU IF 116 82.80 -79.29 -64.97
CA LEU IF 116 83.01 -79.06 -63.55
C LEU IF 116 84.32 -78.34 -63.27
N ILE IF 117 85.40 -78.77 -63.91
CA ILE IF 117 86.70 -78.14 -63.69
C ILE IF 117 86.74 -76.77 -64.34
N THR IF 118 86.50 -76.72 -65.65
CA THR IF 118 86.58 -75.45 -66.39
C THR IF 118 85.39 -74.54 -66.10
N GLY IF 119 84.18 -75.11 -66.06
CA GLY IF 119 83.01 -74.32 -65.75
C GLY IF 119 82.31 -73.77 -66.97
N GLU IF 120 82.03 -74.63 -67.94
CA GLU IF 120 81.53 -74.20 -69.24
C GLU IF 120 80.79 -75.34 -69.90
N GLY IF 121 80.04 -75.02 -70.94
CA GLY IF 121 79.61 -76.04 -71.88
C GLY IF 121 78.13 -76.36 -71.91
N GLN IF 122 77.82 -77.60 -72.30
CA GLN IF 122 76.46 -78.08 -72.52
C GLN IF 122 75.77 -77.24 -73.60
N TRP IF 123 76.28 -77.40 -74.81
CA TRP IF 123 75.73 -76.71 -75.97
C TRP IF 123 74.53 -77.48 -76.50
N ALA JF 1 51.18 114.61 -36.08
CA ALA JF 1 52.24 115.40 -35.46
C ALA JF 1 52.11 115.33 -33.94
N ALA JF 2 52.87 116.16 -33.24
CA ALA JF 2 52.76 116.22 -31.79
C ALA JF 2 51.40 116.77 -31.39
N ARG JF 3 50.78 116.15 -30.40
CA ARG JF 3 49.45 116.57 -29.97
C ARG JF 3 49.50 117.97 -29.41
N SER JF 4 48.50 118.79 -29.78
CA SER JF 4 48.45 120.18 -29.35
C SER JF 4 46.98 120.58 -29.23
N SER JF 5 46.74 121.88 -29.18
CA SER JF 5 45.38 122.40 -29.11
C SER JF 5 44.84 122.63 -30.52
N ILE JF 6 43.51 122.58 -30.64
CA ILE JF 6 42.83 122.80 -31.91
C ILE JF 6 41.74 123.84 -31.70
N VAL JF 7 41.40 124.55 -32.77
CA VAL JF 7 40.64 125.80 -32.67
C VAL JF 7 39.37 125.64 -33.49
N LEU JF 8 38.75 124.45 -33.43
CA LEU JF 8 37.48 124.20 -34.10
C LEU JF 8 36.55 125.40 -34.02
N THR JF 9 36.06 125.83 -35.17
CA THR JF 9 35.27 127.04 -35.28
C THR JF 9 34.15 126.84 -36.28
N ASP JF 10 33.28 127.85 -36.37
CA ASP JF 10 32.22 127.87 -37.37
C ASP JF 10 32.07 129.27 -37.96
N GLY JF 11 33.10 130.08 -37.82
CA GLY JF 11 33.09 131.41 -38.40
C GLY JF 11 32.80 132.53 -37.41
N THR JF 12 32.09 132.23 -36.33
CA THR JF 12 31.77 133.26 -35.36
C THR JF 12 32.17 132.91 -33.93
N THR JF 13 32.06 131.65 -33.53
CA THR JF 13 32.36 131.23 -32.16
C THR JF 13 33.38 130.10 -32.17
N PRO JF 14 34.67 130.43 -32.20
CA PRO JF 14 35.70 129.39 -32.14
C PRO JF 14 35.70 128.69 -30.80
N VAL JF 15 36.17 127.45 -30.81
CA VAL JF 15 36.26 126.61 -29.62
C VAL JF 15 37.68 126.06 -29.55
N THR JF 16 38.35 126.25 -28.42
CA THR JF 16 39.69 125.73 -28.22
C THR JF 16 39.60 124.41 -27.46
N LEU JF 17 40.13 123.35 -28.05
CA LEU JF 17 40.15 122.04 -27.42
C LEU JF 17 41.58 121.65 -27.09
N THR JF 18 41.75 120.91 -26.01
CA THR JF 18 43.06 120.53 -25.51
C THR JF 18 43.10 119.03 -25.24
N PRO JF 19 44.22 118.37 -25.54
CA PRO JF 19 44.29 116.92 -25.36
C PRO JF 19 44.29 116.51 -23.90
N VAL JF 20 43.23 115.84 -23.45
CA VAL JF 20 43.08 115.54 -22.03
C VAL JF 20 42.99 114.04 -21.81
N GLY JF 21 43.55 113.27 -22.73
CA GLY JF 21 43.55 111.83 -22.58
C GLY JF 21 43.80 111.14 -23.91
N GLY JF 22 43.50 109.86 -23.93
CA GLY JF 22 43.66 109.06 -25.12
C GLY JF 22 44.46 107.79 -24.90
N GLY JF 23 45.38 107.52 -25.83
CA GLY JF 23 46.18 106.31 -25.72
C GLY JF 23 47.00 106.12 -26.98
N VAL JF 24 47.11 104.86 -27.38
CA VAL JF 24 47.77 104.51 -28.64
C VAL JF 24 46.70 104.42 -29.72
N GLY JF 25 46.84 105.22 -30.77
CA GLY JF 25 45.81 105.31 -31.78
C GLY JF 25 44.53 105.92 -31.27
N GLN JF 26 44.64 106.99 -30.48
CA GLN JF 26 43.50 107.69 -29.92
C GLN JF 26 43.98 108.97 -29.26
N THR JF 27 43.13 110.00 -29.32
CA THR JF 27 43.48 111.28 -28.70
C THR JF 27 42.18 112.03 -28.41
N LEU JF 28 41.75 112.00 -27.15
CA LEU JF 28 40.57 112.75 -26.75
C LEU JF 28 40.88 114.23 -26.67
N TYR JF 29 39.84 115.04 -26.83
CA TYR JF 29 39.94 116.49 -26.68
C TYR JF 29 38.75 116.96 -25.84
N ARG JF 30 38.85 118.19 -25.35
CA ARG JF 30 37.74 118.78 -24.61
C ARG JF 30 37.97 120.29 -24.56
N ALA JF 31 36.88 121.05 -24.67
CA ALA JF 31 36.98 122.50 -24.59
C ALA JF 31 37.46 122.91 -23.21
N THR JF 32 38.27 123.97 -23.16
CA THR JF 32 38.90 124.37 -21.91
C THR JF 32 37.85 124.64 -20.84
N ALA JF 33 37.00 125.64 -21.07
CA ALA JF 33 35.86 125.89 -20.19
C ALA JF 33 34.89 126.78 -20.94
N GLU JF 34 33.68 126.28 -21.23
CA GLU JF 34 32.65 127.15 -21.78
C GLU JF 34 31.92 127.89 -20.65
N ALA JF 35 31.16 127.15 -19.85
CA ALA JF 35 30.59 127.71 -18.61
C ALA JF 35 30.58 126.74 -17.45
N LEU JF 36 30.75 125.45 -17.67
CA LEU JF 36 30.72 124.42 -16.64
C LEU JF 36 31.19 123.12 -17.30
N SER JF 37 31.17 122.03 -16.54
CA SER JF 37 31.45 120.72 -17.10
C SER JF 37 30.17 120.11 -17.65
N ALA JF 38 30.33 119.13 -18.53
CA ALA JF 38 29.28 118.47 -19.30
C ALA JF 38 28.64 119.40 -20.33
N ALA JF 39 29.04 120.66 -20.38
CA ALA JF 39 28.61 121.61 -21.40
C ALA JF 39 29.78 122.03 -22.27
N ASN JF 40 30.73 121.11 -22.46
CA ASN JF 40 31.94 121.37 -23.20
C ASN JF 40 32.07 120.37 -24.34
N PRO JF 41 32.32 120.83 -25.57
CA PRO JF 41 32.47 119.90 -26.70
C PRO JF 41 33.75 119.07 -26.58
N SER JF 42 33.72 117.92 -27.25
CA SER JF 42 34.86 117.02 -27.28
C SER JF 42 35.07 116.53 -28.70
N LEU JF 43 36.31 116.14 -29.02
CA LEU JF 43 36.69 115.74 -30.38
C LEU JF 43 37.53 114.46 -30.34
N SER JF 44 36.99 113.42 -29.71
CA SER JF 44 37.62 112.10 -29.75
C SER JF 44 38.08 111.76 -31.16
N PHE JF 45 39.33 111.31 -31.28
CA PHE JF 45 39.94 111.10 -32.58
C PHE JF 45 40.85 109.88 -32.51
N GLY JF 46 40.45 108.80 -33.17
CA GLY JF 46 41.26 107.59 -33.25
C GLY JF 46 41.88 107.42 -34.63
N TYR JF 47 42.73 106.40 -34.72
CA TYR JF 47 43.42 106.06 -35.96
C TYR JF 47 44.12 104.73 -35.75
N ARG JF 48 44.10 103.90 -36.78
CA ARG JF 48 44.73 102.59 -36.70
C ARG JF 48 44.93 102.03 -38.09
N PHE JF 49 45.79 101.03 -38.20
CA PHE JF 49 46.08 100.33 -39.44
C PHE JF 49 45.66 98.88 -39.28
N THR JF 50 44.86 98.38 -40.22
CA THR JF 50 44.48 96.98 -40.24
C THR JF 50 45.61 96.16 -40.87
N ASP JF 51 45.29 94.93 -41.28
CA ASP JF 51 46.27 94.06 -41.92
C ASP JF 51 46.99 94.78 -43.07
N GLY JF 52 46.24 95.45 -43.93
CA GLY JF 52 46.82 96.25 -44.98
C GLY JF 52 47.15 97.64 -44.49
N GLY JF 53 47.52 98.50 -45.43
CA GLY JF 53 47.82 99.89 -45.10
C GLY JF 53 46.57 100.73 -45.06
N THR JF 54 45.44 100.10 -44.75
CA THR JF 54 44.15 100.77 -44.73
C THR JF 54 44.12 101.70 -43.52
N ASN JF 55 44.33 102.98 -43.78
CA ASN JF 55 44.42 103.98 -42.72
C ASN JF 55 43.05 104.31 -42.14
N ARG JF 56 42.48 103.38 -41.36
CA ARG JF 56 41.14 103.55 -40.80
C ARG JF 56 41.15 104.59 -39.68
N GLN JF 57 41.14 105.86 -40.09
CA GLN JF 57 40.96 106.93 -39.12
C GLN JF 57 39.49 107.06 -38.75
N SER JF 58 39.23 107.72 -37.63
CA SER JF 58 37.88 107.92 -37.13
C SER JF 58 37.82 109.21 -36.35
N LEU JF 59 36.61 109.75 -36.21
CA LEU JF 59 36.39 110.97 -35.46
C LEU JF 59 35.02 110.93 -34.80
N SER JF 60 34.82 111.80 -33.82
CA SER JF 60 33.54 111.93 -33.15
C SER JF 60 33.52 113.26 -32.42
N TYR JF 61 32.66 114.18 -32.85
CA TYR JF 61 32.52 115.48 -32.23
C TYR JF 61 31.18 115.54 -31.54
N LYS JF 62 31.18 115.75 -30.23
CA LYS JF 62 29.96 115.75 -29.43
C LYS JF 62 29.81 117.12 -28.78
N GLN JF 63 28.82 117.89 -29.24
CA GLN JF 63 28.52 119.19 -28.66
C GLN JF 63 27.25 119.09 -27.84
N PRO JF 64 27.30 119.25 -26.53
CA PRO JF 64 26.10 119.08 -25.70
C PRO JF 64 25.21 120.31 -25.70
N ILE JF 65 23.92 120.04 -25.48
CA ILE JF 65 22.86 121.04 -25.65
C ILE JF 65 22.43 121.52 -24.28
N THR JF 66 22.68 122.79 -23.99
CA THR JF 66 22.42 123.33 -22.66
C THR JF 66 21.44 124.49 -22.72
N ALA JF 67 20.69 124.65 -21.64
CA ALA JF 67 19.73 125.74 -21.48
C ALA JF 67 19.43 125.89 -19.98
N VAL JF 68 18.84 127.04 -19.64
CA VAL JF 68 18.58 127.34 -18.22
C VAL JF 68 17.46 126.47 -17.68
N ASP JF 69 17.42 126.34 -16.36
CA ASP JF 69 16.42 125.57 -15.63
C ASP JF 69 15.78 126.46 -14.56
N SER JF 70 15.25 127.61 -15.00
CA SER JF 70 14.83 128.72 -14.17
C SER JF 70 14.13 128.34 -12.86
N THR JF 71 13.39 127.23 -12.85
CA THR JF 71 12.83 126.74 -11.59
C THR JF 71 13.92 126.52 -10.54
N THR JF 72 15.13 126.17 -10.97
CA THR JF 72 16.29 126.09 -10.10
C THR JF 72 17.45 126.96 -10.57
N SER JF 73 17.42 127.44 -11.81
CA SER JF 73 18.45 128.31 -12.39
C SER JF 73 19.80 127.61 -12.52
N GLU JF 74 19.80 126.29 -12.66
CA GLU JF 74 21.01 125.51 -12.87
C GLU JF 74 21.06 125.06 -14.33
N THR JF 75 22.20 125.30 -14.99
CA THR JF 75 22.32 125.10 -16.44
C THR JF 75 22.44 123.62 -16.76
N LEU JF 76 21.30 122.94 -16.70
CA LEU JF 76 21.24 121.52 -17.02
C LEU JF 76 21.47 121.29 -18.51
N VAL JF 77 21.96 120.10 -18.84
CA VAL JF 77 22.20 119.68 -20.22
C VAL JF 77 21.15 118.64 -20.60
N ARG JF 78 20.50 118.84 -21.74
CA ARG JF 78 19.48 117.91 -22.23
C ARG JF 78 20.04 116.82 -23.14
N GLY JF 79 20.77 117.21 -24.18
CA GLY JF 79 21.31 116.25 -25.11
C GLY JF 79 22.58 116.71 -25.79
N GLN JF 80 23.05 115.96 -26.79
CA GLN JF 80 24.29 116.30 -27.48
C GLN JF 80 24.12 116.02 -28.97
N CYS JF 81 24.85 116.78 -29.77
CA CYS JF 81 24.90 116.60 -31.21
C CYS JF 81 26.18 115.85 -31.58
N VAL JF 82 26.02 114.73 -32.26
CA VAL JF 82 27.11 113.80 -32.54
C VAL JF 82 27.39 113.82 -34.03
N VAL JF 83 28.65 114.04 -34.39
CA VAL JF 83 29.10 113.98 -35.77
C VAL JF 83 30.28 113.02 -35.83
N ASP JF 84 30.16 111.96 -36.64
CA ASP JF 84 31.21 110.97 -36.79
C ASP JF 84 31.72 111.03 -38.22
N ILE JF 85 33.01 111.35 -38.39
CA ILE JF 85 33.62 111.36 -39.71
C ILE JF 85 34.63 110.23 -39.80
N ASN JF 86 34.19 109.07 -40.27
CA ASN JF 86 35.11 107.95 -40.47
C ASN JF 86 35.78 108.05 -41.83
N ILE JF 87 37.03 107.64 -41.89
CA ILE JF 87 37.84 107.69 -43.10
C ILE JF 87 38.57 106.37 -43.25
N VAL JF 88 38.52 105.79 -44.45
CA VAL JF 88 39.22 104.56 -44.76
C VAL JF 88 39.94 104.73 -46.09
N ILE JF 89 41.27 104.67 -46.07
CA ILE JF 89 42.09 104.80 -47.27
C ILE JF 89 42.98 103.57 -47.36
N PRO JF 90 42.88 102.77 -48.41
CA PRO JF 90 43.65 101.52 -48.48
C PRO JF 90 45.12 101.78 -48.79
N ARG JF 91 45.91 100.72 -48.69
CA ARG JF 91 47.34 100.84 -49.02
C ARG JF 91 47.56 101.24 -50.47
N VAL JF 92 46.71 100.75 -51.38
CA VAL JF 92 46.92 100.92 -52.81
C VAL JF 92 46.65 102.35 -53.24
N ALA JF 93 46.25 103.20 -52.29
CA ALA JF 93 45.90 104.57 -52.60
C ALA JF 93 47.15 105.43 -52.69
N THR JF 94 47.27 106.17 -53.79
CA THR JF 94 48.39 107.08 -53.95
C THR JF 94 48.24 108.28 -53.02
N ALA JF 95 49.27 109.11 -52.97
CA ALA JF 95 49.27 110.27 -52.09
C ALA JF 95 48.28 111.35 -52.53
N THR JF 96 47.88 111.37 -53.80
CA THR JF 96 46.97 112.39 -54.29
C THR JF 96 45.51 111.95 -54.26
N ASP JF 97 45.25 110.65 -54.34
CA ASP JF 97 43.87 110.17 -54.25
C ASP JF 97 43.35 110.28 -52.82
N ARG JF 98 44.24 110.16 -51.84
CA ARG JF 98 43.83 110.38 -50.46
C ARG JF 98 43.45 111.84 -50.22
N ALA JF 99 44.25 112.76 -50.75
CA ALA JF 99 43.95 114.18 -50.59
C ALA JF 99 42.69 114.56 -51.36
N GLU JF 100 42.47 113.94 -52.52
CA GLU JF 100 41.28 114.20 -53.31
C GLU JF 100 40.02 113.75 -52.58
N ALA JF 101 40.06 112.52 -52.03
CA ALA JF 101 38.87 111.97 -51.38
C ALA JF 101 38.52 112.74 -50.12
N ILE JF 102 39.50 113.03 -49.28
CA ILE JF 102 39.23 113.66 -47.99
C ILE JF 102 38.68 115.07 -48.19
N LYS JF 103 39.29 115.84 -49.09
CA LYS JF 103 38.85 117.22 -49.28
C LYS JF 103 37.48 117.28 -49.94
N ARG JF 104 37.19 116.35 -50.86
CA ARG JF 104 35.91 116.37 -51.55
C ARG JF 104 34.76 116.03 -50.60
N ALA JF 105 34.91 114.96 -49.84
CA ALA JF 105 33.85 114.55 -48.93
C ALA JF 105 33.59 115.56 -47.85
N PHE JF 106 34.59 116.36 -47.48
CA PHE JF 106 34.37 117.45 -46.54
C PHE JF 106 33.74 118.67 -47.21
N ASP JF 107 33.66 118.67 -48.55
CA ASP JF 107 33.00 119.73 -49.27
C ASP JF 107 31.50 119.49 -49.43
N VAL JF 108 30.98 118.44 -48.81
CA VAL JF 108 29.56 118.16 -48.90
C VAL JF 108 28.74 119.31 -48.33
N LEU JF 109 29.15 119.81 -47.16
CA LEU JF 109 28.37 120.85 -46.48
C LEU JF 109 28.23 122.09 -47.34
N ASN JF 110 29.23 122.38 -48.17
CA ASN JF 110 29.10 123.53 -49.07
C ASN JF 110 28.11 123.24 -50.19
N ALA JF 111 28.03 121.98 -50.64
CA ALA JF 111 27.13 121.63 -51.74
C ALA JF 111 25.78 121.14 -51.23
N LEU JF 112 25.79 120.05 -50.46
CA LEU JF 112 24.57 119.47 -49.92
C LEU JF 112 24.21 120.14 -48.58
N ASN JF 113 24.02 121.45 -48.65
CA ASN JF 113 23.97 122.26 -47.44
C ASN JF 113 22.64 122.13 -46.73
N ALA JF 114 21.54 122.51 -47.40
CA ALA JF 114 20.28 122.73 -46.72
C ALA JF 114 19.74 121.50 -46.02
N GLU JF 115 20.10 120.30 -46.47
CA GLU JF 115 19.61 119.08 -45.84
C GLU JF 115 20.41 118.69 -44.60
N LEU JF 116 21.58 119.30 -44.39
CA LEU JF 116 22.39 119.04 -43.21
C LEU JF 116 22.20 120.12 -42.14
N ILE JF 117 22.36 121.39 -42.51
CA ILE JF 117 22.26 122.48 -41.55
C ILE JF 117 20.85 122.54 -40.96
N THR JF 118 19.84 122.52 -41.83
CA THR JF 118 18.46 122.74 -41.42
C THR JF 118 17.75 121.46 -40.98
N GLY JF 119 18.17 120.31 -41.49
CA GLY JF 119 17.56 119.05 -41.11
C GLY JF 119 16.38 118.61 -41.95
N GLU JF 120 16.00 119.39 -42.96
CA GLU JF 120 14.86 119.02 -43.80
C GLU JF 120 15.17 117.77 -44.61
N GLY JF 121 14.13 116.97 -44.85
CA GLY JF 121 14.26 115.76 -45.63
C GLY JF 121 13.91 116.01 -47.07
N GLN JF 122 14.88 115.80 -47.95
CA GLN JF 122 14.68 116.08 -49.37
C GLN JF 122 13.65 115.13 -49.97
N TRP JF 123 12.89 115.65 -50.93
CA TRP JF 123 11.81 114.90 -51.55
C TRP JF 123 12.14 114.53 -52.99
N ALA KF 1 49.42 126.36 -21.55
CA ALA KF 1 49.23 125.12 -20.81
C ALA KF 1 50.14 124.02 -21.36
N ALA KF 2 51.18 124.41 -22.08
CA ALA KF 2 52.16 123.48 -22.58
C ALA KF 2 53.15 123.11 -21.49
N ARG KF 3 53.89 122.03 -21.73
CA ARG KF 3 54.83 121.54 -20.73
C ARG KF 3 56.10 122.38 -20.75
N SER KF 4 56.45 122.94 -19.60
CA SER KF 4 57.66 123.74 -19.44
C SER KF 4 58.11 123.64 -18.00
N SER KF 5 59.24 124.28 -17.70
CA SER KF 5 59.80 124.23 -16.36
C SER KF 5 58.93 125.03 -15.40
N ILE KF 6 58.74 124.48 -14.20
CA ILE KF 6 57.99 125.14 -13.14
C ILE KF 6 58.92 125.41 -11.97
N VAL KF 7 58.59 126.44 -11.19
CA VAL KF 7 59.54 127.05 -10.27
C VAL KF 7 58.99 126.99 -8.85
N LEU KF 8 58.38 125.86 -8.49
CA LEU KF 8 57.91 125.60 -7.12
C LEU KF 8 58.86 126.20 -6.08
N THR KF 9 58.29 126.95 -5.15
CA THR KF 9 59.10 127.62 -4.14
C THR KF 9 58.31 127.75 -2.85
N ASP KF 10 59.04 127.82 -1.74
CA ASP KF 10 58.45 128.01 -0.43
C ASP KF 10 58.61 129.43 0.10
N GLY KF 11 59.32 130.28 -0.63
CA GLY KF 11 59.59 131.63 -0.17
C GLY KF 11 61.06 131.88 0.00
N THR KF 12 61.78 130.89 0.51
CA THR KF 12 63.21 131.04 0.77
C THR KF 12 64.06 130.52 -0.39
N THR KF 13 63.91 129.24 -0.72
CA THR KF 13 64.73 128.61 -1.76
C THR KF 13 63.83 128.06 -2.85
N PRO KF 14 63.83 128.65 -4.04
CA PRO KF 14 63.05 128.09 -5.15
C PRO KF 14 63.74 126.87 -5.75
N VAL KF 15 62.94 125.91 -6.19
CA VAL KF 15 63.42 124.74 -6.90
C VAL KF 15 62.74 124.69 -8.26
N THR KF 16 63.54 124.50 -9.30
CA THR KF 16 63.06 124.52 -10.68
C THR KF 16 62.93 123.09 -11.17
N LEU KF 17 61.70 122.67 -11.45
CA LEU KF 17 61.43 121.34 -11.98
C LEU KF 17 61.21 121.42 -13.48
N THR KF 18 61.90 120.55 -14.23
CA THR KF 18 61.76 120.47 -15.67
C THR KF 18 61.13 119.14 -16.05
N PRO KF 19 60.30 119.10 -17.10
CA PRO KF 19 59.63 117.85 -17.45
C PRO KF 19 60.64 116.76 -17.81
N VAL KF 20 60.33 115.53 -17.41
CA VAL KF 20 61.17 114.39 -17.74
C VAL KF 20 60.33 113.27 -18.33
N GLY KF 21 59.16 113.62 -18.87
CA GLY KF 21 58.39 112.61 -19.57
C GLY KF 21 56.92 112.59 -19.25
N GLY KF 22 56.31 111.42 -19.40
CA GLY KF 22 54.92 111.21 -19.02
C GLY KF 22 53.99 110.83 -20.15
N GLY KF 23 54.09 111.51 -21.28
CA GLY KF 23 53.15 111.25 -22.36
C GLY KF 23 51.81 111.90 -22.14
N VAL KF 24 50.75 111.28 -22.64
CA VAL KF 24 49.40 111.84 -22.56
C VAL KF 24 48.75 111.35 -21.27
N GLY KF 25 48.01 112.23 -20.62
CA GLY KF 25 47.36 111.89 -19.37
C GLY KF 25 48.22 112.08 -18.13
N GLN KF 26 49.47 112.49 -18.27
CA GLN KF 26 50.33 112.72 -17.12
C GLN KF 26 51.54 113.52 -17.55
N THR KF 27 52.33 113.93 -16.55
CA THR KF 27 53.56 114.69 -16.79
C THR KF 27 54.44 114.52 -15.58
N LEU KF 28 55.68 114.10 -15.80
CA LEU KF 28 56.65 113.96 -14.72
C LEU KF 28 57.60 115.14 -14.73
N TYR KF 29 57.97 115.60 -13.54
CA TYR KF 29 58.92 116.67 -13.38
C TYR KF 29 60.05 116.19 -12.47
N ARG KF 30 61.18 116.89 -12.55
CA ARG KF 30 62.31 116.59 -11.69
C ARG KF 30 63.35 117.69 -11.76
N ALA KF 31 63.79 118.19 -10.61
CA ALA KF 31 64.82 119.21 -10.59
C ALA KF 31 66.16 118.59 -10.94
N THR KF 32 67.19 119.44 -11.09
CA THR KF 32 68.51 118.90 -11.43
C THR KF 32 69.23 118.38 -10.19
N ALA KF 33 69.60 119.28 -9.28
CA ALA KF 33 70.36 118.94 -8.07
C ALA KF 33 71.39 117.85 -8.36
N GLU KF 34 72.14 118.07 -9.44
CA GLU KF 34 72.92 117.01 -10.06
C GLU KF 34 73.96 116.45 -9.11
N ALA KF 35 74.29 115.17 -9.28
CA ALA KF 35 75.31 114.51 -8.48
C ALA KF 35 74.94 114.56 -7.00
N LEU KF 36 73.91 113.80 -6.65
CA LEU KF 36 73.33 112.67 -7.37
C LEU KF 36 72.10 113.04 -8.19
N SER KF 37 71.72 112.19 -9.13
CA SER KF 37 70.58 112.46 -10.01
C SER KF 37 69.25 112.01 -9.41
N ALA KF 38 69.27 111.08 -8.46
CA ALA KF 38 68.06 110.61 -7.80
C ALA KF 38 67.77 111.36 -6.50
N ALA KF 39 68.63 112.31 -6.12
CA ALA KF 39 68.43 113.09 -4.90
C ALA KF 39 67.91 114.48 -5.23
N ASN KF 40 66.71 114.55 -5.81
CA ASN KF 40 66.09 115.83 -6.13
C ASN KF 40 64.59 115.63 -6.21
N PRO KF 41 63.80 116.68 -5.98
CA PRO KF 41 62.34 116.53 -5.92
C PRO KF 41 61.73 116.23 -7.28
N SER KF 42 60.50 115.73 -7.24
CA SER KF 42 59.76 115.36 -8.43
C SER KF 42 58.29 115.71 -8.24
N LEU KF 43 57.57 115.89 -9.35
CA LEU KF 43 56.17 116.32 -9.32
C LEU KF 43 55.30 115.52 -10.30
N SER KF 44 55.31 114.20 -10.18
CA SER KF 44 54.39 113.38 -10.97
C SER KF 44 52.98 113.92 -10.91
N PHE KF 45 52.46 114.37 -12.05
CA PHE KF 45 51.16 115.03 -12.12
C PHE KF 45 50.32 114.36 -13.20
N GLY KF 46 49.19 113.78 -12.79
CA GLY KF 46 48.29 113.12 -13.72
C GLY KF 46 46.94 113.81 -13.80
N TYR KF 47 46.14 113.35 -14.76
CA TYR KF 47 44.80 113.89 -15.00
C TYR KF 47 44.10 113.03 -16.02
N ARG KF 48 42.79 112.92 -15.90
CA ARG KF 48 41.98 112.14 -16.84
C ARG KF 48 40.53 112.52 -16.67
N PHE KF 49 39.69 112.04 -17.59
CA PHE KF 49 38.25 112.22 -17.53
C PHE KF 49 37.59 110.85 -17.63
N THR KF 50 36.67 110.57 -16.72
CA THR KF 50 36.00 109.28 -16.69
C THR KF 50 34.81 109.29 -17.65
N ASP KF 51 33.92 108.31 -17.49
CA ASP KF 51 32.72 108.23 -18.33
C ASP KF 51 31.96 109.54 -18.35
N GLY KF 52 31.83 110.18 -17.20
CA GLY KF 52 31.21 111.50 -17.15
C GLY KF 52 32.21 112.59 -17.44
N GLY KF 53 32.03 113.75 -16.81
CA GLY KF 53 32.99 114.83 -16.93
C GLY KF 53 33.85 114.91 -15.69
N THR KF 54 33.91 113.81 -14.93
CA THR KF 54 34.60 113.79 -13.66
C THR KF 54 36.10 113.90 -13.92
N ASN KF 55 36.62 115.10 -13.71
CA ASN KF 55 38.04 115.39 -13.92
C ASN KF 55 38.82 114.95 -12.70
N ARG KF 56 39.48 113.80 -12.79
CA ARG KF 56 40.23 113.24 -11.66
C ARG KF 56 41.71 113.60 -11.81
N GLN KF 57 42.04 114.84 -11.45
CA GLN KF 57 43.43 115.24 -11.40
C GLN KF 57 44.12 114.58 -10.21
N SER KF 58 45.45 114.56 -10.24
CA SER KF 58 46.23 113.89 -9.22
C SER KF 58 47.69 114.33 -9.25
N LEU KF 59 48.22 114.75 -8.12
CA LEU KF 59 49.60 115.20 -8.02
C LEU KF 59 50.32 114.37 -6.96
N SER KF 60 51.65 114.42 -7.00
CA SER KF 60 52.46 113.71 -6.03
C SER KF 60 53.84 114.35 -6.03
N TYR KF 61 54.18 115.04 -4.95
CA TYR KF 61 55.44 115.75 -4.84
C TYR KF 61 56.31 115.03 -3.82
N LYS KF 62 57.40 114.43 -4.28
CA LYS KF 62 58.34 113.73 -3.42
C LYS KF 62 59.64 114.50 -3.35
N GLN KF 63 60.09 114.81 -2.14
CA GLN KF 63 61.36 115.48 -1.93
C GLN KF 63 62.28 114.57 -1.12
N PRO KF 64 63.36 114.07 -1.68
CA PRO KF 64 64.24 113.17 -0.92
C PRO KF 64 65.13 113.95 0.04
N ILE KF 65 65.47 113.29 1.14
CA ILE KF 65 66.28 113.88 2.20
C ILE KF 65 67.72 113.47 1.97
N THR KF 66 68.58 114.43 1.68
CA THR KF 66 69.96 114.17 1.33
C THR KF 66 70.87 114.36 2.54
N ALA KF 67 72.08 113.84 2.43
CA ALA KF 67 73.07 113.97 3.49
C ALA KF 67 74.45 113.77 2.87
N VAL KF 68 75.21 114.85 2.73
CA VAL KF 68 76.51 114.77 2.07
C VAL KF 68 77.51 114.12 3.03
N ASP KF 69 77.95 112.91 2.69
CA ASP KF 69 78.85 112.13 3.53
C ASP KF 69 80.27 112.65 3.31
N SER KF 70 80.75 113.48 4.23
CA SER KF 70 82.04 114.13 4.06
C SER KF 70 83.20 113.15 4.00
N THR KF 71 83.05 111.98 4.62
CA THR KF 71 84.12 110.98 4.59
C THR KF 71 84.41 110.53 3.16
N THR KF 72 83.38 110.14 2.43
CA THR KF 72 83.51 109.64 1.07
C THR KF 72 83.22 110.72 0.02
N SER KF 73 82.52 111.79 0.40
CA SER KF 73 82.11 112.87 -0.50
C SER KF 73 81.13 112.35 -1.56
N GLU KF 74 80.07 111.71 -1.07
CA GLU KF 74 78.98 111.26 -1.92
C GLU KF 74 77.66 111.60 -1.24
N THR KF 75 76.64 111.87 -2.04
CA THR KF 75 75.33 112.22 -1.50
C THR KF 75 74.53 110.96 -1.23
N LEU KF 76 74.03 110.84 -0.01
CA LEU KF 76 73.24 109.69 0.41
C LEU KF 76 71.79 110.11 0.61
N VAL KF 77 70.87 109.25 0.20
CA VAL KF 77 69.45 109.52 0.29
C VAL KF 77 68.88 108.72 1.44
N ARG KF 78 68.36 109.43 2.45
CA ARG KF 78 67.86 108.79 3.66
C ARG KF 78 66.38 108.49 3.60
N GLY KF 79 65.61 109.32 2.91
CA GLY KF 79 64.18 109.11 2.78
C GLY KF 79 63.57 110.26 2.02
N GLN KF 80 62.26 110.19 1.81
CA GLN KF 80 61.59 111.21 1.03
C GLN KF 80 60.27 111.61 1.69
N CYS KF 81 59.99 112.91 1.65
CA CYS KF 81 58.70 113.42 2.09
C CYS KF 81 57.75 113.42 0.89
N VAL KF 82 56.59 112.80 1.06
CA VAL KF 82 55.63 112.61 -0.01
C VAL KF 82 54.37 113.41 0.32
N VAL KF 83 53.88 114.17 -0.66
CA VAL KF 83 52.67 114.97 -0.51
C VAL KF 83 51.78 114.69 -1.72
N ASP KF 84 50.73 113.90 -1.51
CA ASP KF 84 49.77 113.59 -2.57
C ASP KF 84 48.58 114.53 -2.48
N ILE KF 85 48.11 115.00 -3.64
CA ILE KF 85 46.99 115.93 -3.72
C ILE KF 85 46.06 115.41 -4.81
N ASN KF 86 45.07 114.62 -4.43
CA ASN KF 86 44.08 114.16 -5.39
C ASN KF 86 42.93 115.15 -5.47
N ILE KF 87 42.47 115.39 -6.69
CA ILE KF 87 41.39 116.34 -6.94
C ILE KF 87 40.33 115.64 -7.79
N VAL KF 88 39.09 115.64 -7.32
CA VAL KF 88 37.97 115.09 -8.06
C VAL KF 88 36.95 116.20 -8.25
N ILE KF 89 36.55 116.43 -9.49
CA ILE KF 89 35.57 117.46 -9.81
C ILE KF 89 34.44 116.81 -10.60
N PRO KF 90 33.22 116.75 -10.07
CA PRO KF 90 32.18 115.99 -10.74
C PRO KF 90 31.71 116.63 -12.04
N ARG KF 91 30.86 115.91 -12.76
CA ARG KF 91 30.36 116.35 -14.06
C ARG KF 91 29.52 117.62 -13.96
N VAL KF 92 28.90 117.86 -12.81
CA VAL KF 92 27.92 118.93 -12.66
C VAL KF 92 28.51 120.19 -12.06
N ALA KF 93 29.84 120.30 -12.01
CA ALA KF 93 30.49 121.38 -11.29
C ALA KF 93 30.68 122.59 -12.20
N THR KF 94 30.21 123.75 -11.74
CA THR KF 94 30.37 124.99 -12.48
C THR KF 94 31.85 125.38 -12.51
N ALA KF 95 32.20 126.22 -13.49
CA ALA KF 95 33.57 126.66 -13.66
C ALA KF 95 34.05 127.57 -12.53
N THR KF 96 33.14 128.11 -11.72
CA THR KF 96 33.53 128.92 -10.58
C THR KF 96 33.52 128.15 -9.26
N ASP KF 97 32.83 127.00 -9.23
CA ASP KF 97 32.95 126.12 -8.07
C ASP KF 97 34.27 125.39 -8.05
N ARG KF 98 34.86 125.16 -9.23
CA ARG KF 98 36.19 124.59 -9.29
C ARG KF 98 37.21 125.51 -8.64
N ALA KF 99 37.19 126.79 -9.01
CA ALA KF 99 38.12 127.74 -8.42
C ALA KF 99 37.88 127.89 -6.93
N GLU KF 100 36.63 127.95 -6.51
CA GLU KF 100 36.32 128.08 -5.09
C GLU KF 100 36.82 126.86 -4.31
N ALA KF 101 36.61 125.66 -4.85
CA ALA KF 101 36.99 124.45 -4.12
C ALA KF 101 38.50 124.30 -4.07
N ILE KF 102 39.18 124.48 -5.20
CA ILE KF 102 40.62 124.21 -5.27
C ILE KF 102 41.39 125.21 -4.41
N LYS KF 103 41.11 126.50 -4.58
CA LYS KF 103 41.87 127.50 -3.83
C LYS KF 103 41.55 127.48 -2.35
N ARG KF 104 40.37 126.97 -1.97
CA ARG KF 104 40.07 126.84 -0.54
C ARG KF 104 40.83 125.67 0.08
N ALA KF 105 40.89 124.54 -0.61
CA ALA KF 105 41.62 123.39 -0.08
C ALA KF 105 43.11 123.69 0.06
N PHE KF 106 43.68 124.36 -0.94
CA PHE KF 106 45.08 124.76 -0.86
C PHE KF 106 45.32 125.89 0.12
N ASP KF 107 44.26 126.50 0.65
CA ASP KF 107 44.39 127.50 1.70
C ASP KF 107 44.43 126.90 3.09
N VAL KF 108 44.39 125.57 3.19
CA VAL KF 108 44.48 124.93 4.50
C VAL KF 108 45.81 125.27 5.16
N LEU KF 109 46.89 125.26 4.39
CA LEU KF 109 48.21 125.55 4.95
C LEU KF 109 48.24 126.90 5.65
N ASN KF 110 47.42 127.85 5.20
CA ASN KF 110 47.32 129.12 5.90
C ASN KF 110 46.39 129.06 7.11
N ALA KF 111 45.46 128.11 7.13
CA ALA KF 111 44.57 127.97 8.26
C ALA KF 111 45.10 126.95 9.27
N LEU KF 112 45.34 125.73 8.80
CA LEU KF 112 45.84 124.64 9.65
C LEU KF 112 47.37 124.59 9.59
N ASN KF 113 47.97 125.75 9.89
CA ASN KF 113 49.39 125.94 9.61
C ASN KF 113 50.27 125.14 10.56
N ALA KF 114 50.12 125.37 11.87
CA ALA KF 114 51.01 124.76 12.84
C ALA KF 114 50.89 123.24 12.85
N GLU KF 115 49.73 122.70 12.48
CA GLU KF 115 49.58 121.25 12.44
C GLU KF 115 50.28 120.62 11.25
N LEU KF 116 50.77 121.41 10.30
CA LEU KF 116 51.43 120.90 9.10
C LEU KF 116 52.88 121.32 9.01
N ILE KF 117 53.17 122.58 9.25
CA ILE KF 117 54.55 123.06 9.13
C ILE KF 117 55.44 122.46 10.22
N THR KF 118 54.96 122.43 11.45
CA THR KF 118 55.74 121.92 12.57
C THR KF 118 55.43 120.48 12.93
N GLY KF 119 54.28 119.97 12.55
CA GLY KF 119 53.93 118.59 12.80
C GLY KF 119 53.17 118.33 14.08
N GLU KF 120 52.70 119.37 14.76
CA GLU KF 120 51.97 119.20 16.00
C GLU KF 120 50.63 118.49 15.74
N GLY KF 121 49.92 118.26 16.82
CA GLY KF 121 48.53 117.82 16.74
C GLY KF 121 47.70 118.71 17.64
N GLN KF 122 46.50 119.02 17.18
CA GLN KF 122 45.65 119.93 17.91
C GLN KF 122 45.06 119.23 19.14
N TRP KF 123 45.09 119.92 20.27
CA TRP KF 123 44.66 119.33 21.54
C TRP KF 123 43.30 119.82 21.98
N ALA LF 1 47.65 124.55 17.63
CA ALA LF 1 46.84 125.02 18.75
C ALA LF 1 45.61 124.14 18.90
N ALA LF 2 44.73 124.52 19.82
CA ALA LF 2 43.55 123.73 20.10
C ALA LF 2 42.55 123.81 18.94
N ARG LF 3 41.61 122.86 18.93
CA ARG LF 3 40.58 122.85 17.90
C ARG LF 3 39.79 124.16 17.95
N SER LF 4 39.87 124.95 16.88
CA SER LF 4 39.16 126.21 16.85
C SER LF 4 38.44 126.39 15.52
N SER LF 5 37.97 127.60 15.24
CA SER LF 5 37.29 127.89 13.98
C SER LF 5 38.30 128.36 12.94
N ILE LF 6 38.33 127.67 11.80
CA ILE LF 6 39.24 128.01 10.72
C ILE LF 6 38.46 128.81 9.66
N VAL LF 7 39.21 129.61 8.89
CA VAL LF 7 38.61 130.65 8.06
C VAL LF 7 39.02 130.36 6.61
N LEU LF 8 39.02 129.08 6.24
CA LEU LF 8 39.31 128.64 4.88
C LEU LF 8 38.67 129.56 3.85
N THR LF 9 39.49 130.17 3.01
CA THR LF 9 39.06 131.18 2.06
C THR LF 9 39.70 130.92 0.71
N ASP LF 10 39.40 131.79 -0.26
CA ASP LF 10 40.05 131.73 -1.55
C ASP LF 10 40.43 133.11 -2.09
N GLY LF 11 40.39 134.14 -1.24
CA GLY LF 11 40.70 135.49 -1.64
C GLY LF 11 39.48 136.38 -1.80
N THR LF 12 38.33 135.79 -2.11
CA THR LF 12 37.08 136.54 -2.28
C THR LF 12 36.00 136.12 -1.30
N THR LF 13 35.71 134.82 -1.21
CA THR LF 13 34.58 134.34 -0.43
C THR LF 13 35.07 133.43 0.69
N PRO LF 14 35.28 133.96 1.89
CA PRO LF 14 35.71 133.12 3.01
C PRO LF 14 34.58 132.23 3.53
N VAL LF 15 34.99 131.14 4.16
CA VAL LF 15 34.06 130.21 4.81
C VAL LF 15 34.66 129.83 6.15
N THR LF 16 33.85 129.92 7.21
CA THR LF 16 34.30 129.60 8.55
C THR LF 16 33.81 128.21 8.96
N LEU LF 17 34.73 127.38 9.41
CA LEU LF 17 34.45 125.99 9.77
C LEU LF 17 34.77 125.77 11.24
N THR LF 18 33.83 125.17 11.97
CA THR LF 18 34.01 124.85 13.38
C THR LF 18 33.93 123.35 13.58
N PRO LF 19 34.74 122.79 14.49
CA PRO LF 19 34.81 121.33 14.63
C PRO LF 19 33.47 120.72 15.00
N VAL LF 20 33.16 119.58 14.39
CA VAL LF 20 31.87 118.93 14.60
C VAL LF 20 32.06 117.48 15.01
N GLY LF 21 33.22 117.13 15.52
CA GLY LF 21 33.40 115.79 16.02
C GLY LF 21 34.85 115.35 15.87
N GLY LF 22 35.02 114.04 15.72
CA GLY LF 22 36.34 113.46 15.57
C GLY LF 22 36.76 112.60 16.73
N GLY LF 23 38.00 112.78 17.19
CA GLY LF 23 38.55 111.98 18.27
C GLY LF 23 40.00 112.33 18.54
N VAL LF 24 40.85 111.32 18.66
CA VAL LF 24 42.29 111.52 18.78
C VAL LF 24 42.93 111.27 17.42
N GLY LF 25 43.73 112.22 16.96
CA GLY LF 25 44.26 112.14 15.62
C GLY LF 25 43.15 112.15 14.58
N GLN LF 26 42.15 113.01 14.80
CA GLN LF 26 41.03 113.16 13.88
C GLN LF 26 40.27 114.41 14.27
N THR LF 27 39.80 115.16 13.27
CA THR LF 27 39.11 116.42 13.54
C THR LF 27 38.22 116.74 12.34
N LEU LF 28 36.92 116.65 12.54
CA LEU LF 28 35.98 117.05 11.51
C LEU LF 28 35.82 118.57 11.51
N TYR LF 29 35.18 119.08 10.46
CA TYR LF 29 34.86 120.49 10.36
C TYR LF 29 33.58 120.63 9.55
N ARG LF 30 32.96 121.80 9.65
CA ARG LF 30 31.79 122.14 8.85
C ARG LF 30 31.47 123.61 9.10
N ALA LF 31 30.69 124.20 8.19
CA ALA LF 31 30.34 125.60 8.22
C ALA LF 31 28.95 125.80 8.85
N THR LF 32 28.45 127.03 8.80
CA THR LF 32 27.26 127.42 9.55
C THR LF 32 25.95 127.13 8.81
N ALA LF 33 25.91 127.28 7.48
CA ALA LF 33 24.68 127.08 6.73
C ALA LF 33 24.19 125.64 6.85
N GLU LF 34 22.89 125.42 6.63
CA GLU LF 34 22.27 124.13 6.87
C GLU LF 34 21.55 123.66 5.60
N ALA LF 35 21.53 122.35 5.41
CA ALA LF 35 20.82 121.73 4.30
C ALA LF 35 20.34 120.36 4.76
N LEU LF 36 19.94 119.52 3.80
CA LEU LF 36 19.38 118.20 4.10
C LEU LF 36 20.36 117.08 3.82
N SER LF 37 20.88 116.99 2.59
CA SER LF 37 21.77 115.90 2.21
C SER LF 37 23.24 116.27 2.42
N ALA LF 38 23.70 117.31 1.74
CA ALA LF 38 25.07 117.81 1.90
C ALA LF 38 25.00 119.23 2.41
N ALA LF 39 25.46 119.44 3.63
CA ALA LF 39 25.28 120.74 4.27
C ALA LF 39 26.31 121.75 3.78
N ASN LF 40 27.58 121.51 4.06
CA ASN LF 40 28.60 122.53 3.88
C ASN LF 40 29.94 121.90 3.54
N PRO LF 41 30.98 122.71 3.30
CA PRO LF 41 32.34 122.15 3.25
C PRO LF 41 32.71 121.44 4.53
N SER LF 42 33.40 120.31 4.40
CA SER LF 42 33.72 119.45 5.54
C SER LF 42 35.16 118.98 5.42
N LEU LF 43 36.05 119.62 6.17
CA LEU LF 43 37.49 119.36 6.09
C LEU LF 43 37.89 118.40 7.21
N SER LF 44 38.10 117.14 6.87
CA SER LF 44 38.58 116.18 7.85
C SER LF 44 40.11 116.21 7.92
N PHE LF 45 40.64 115.97 9.11
CA PHE LF 45 42.08 116.06 9.37
C PHE LF 45 42.48 114.83 10.18
N GLY LF 46 43.25 113.93 9.57
CA GLY LF 46 43.45 112.61 10.16
C GLY LF 46 44.88 112.25 10.53
N TYR LF 47 45.62 113.16 11.14
CA TYR LF 47 47.02 112.93 11.46
C TYR LF 47 47.19 111.75 12.41
N ARG LF 48 48.34 111.11 12.32
CA ARG LF 48 48.71 109.98 13.17
C ARG LF 48 50.21 109.76 13.04
N PHE LF 49 50.72 108.77 13.76
CA PHE LF 49 52.12 108.36 13.69
C PHE LF 49 52.18 106.88 13.35
N THR LF 50 53.39 106.35 13.27
CA THR LF 50 53.60 104.99 12.79
C THR LF 50 54.79 104.39 13.55
N ASP LF 51 55.37 103.31 13.01
CA ASP LF 51 56.47 102.63 13.67
C ASP LF 51 57.63 103.59 13.95
N GLY LF 52 58.03 104.35 12.95
CA GLY LF 52 59.00 105.40 13.13
C GLY LF 52 58.33 106.72 13.43
N GLY LF 53 59.03 107.81 13.12
CA GLY LF 53 58.44 109.12 13.23
C GLY LF 53 57.64 109.47 11.99
N THR LF 54 57.09 108.45 11.35
CA THR LF 54 56.41 108.63 10.07
C THR LF 54 55.09 109.35 10.27
N ASN LF 55 55.14 110.68 10.29
CA ASN LF 55 53.96 111.50 10.53
C ASN LF 55 53.04 111.40 9.32
N ARG LF 56 52.02 110.56 9.42
CA ARG LF 56 51.14 110.26 8.29
C ARG LF 56 49.88 111.11 8.35
N GLN LF 57 50.06 112.41 8.14
CA GLN LF 57 48.92 113.30 8.12
C GLN LF 57 48.05 113.04 6.89
N SER LF 58 46.79 113.46 6.96
CA SER LF 58 45.84 113.20 5.89
C SER LF 58 44.70 114.19 5.99
N LEU LF 59 44.24 114.67 4.84
CA LEU LF 59 43.19 115.67 4.78
C LEU LF 59 42.16 115.28 3.72
N SER LF 60 41.01 115.93 3.78
CA SER LF 60 39.99 115.79 2.75
C SER LF 60 39.01 116.94 2.84
N TYR LF 61 38.94 117.78 1.81
CA TYR LF 61 38.07 118.95 1.82
C TYR LF 61 37.00 118.76 0.75
N LYS LF 62 35.78 118.44 1.17
CA LYS LF 62 34.66 118.26 0.26
C LYS LF 62 33.80 119.51 0.27
N GLN LF 63 33.54 120.06 -0.91
CA GLN LF 63 32.65 121.21 -1.04
C GLN LF 63 31.46 120.82 -1.90
N PRO LF 64 30.25 120.73 -1.36
CA PRO LF 64 29.12 120.29 -2.16
C PRO LF 64 28.69 121.32 -3.18
N ILE LF 65 28.33 120.85 -4.36
CA ILE LF 65 27.83 121.70 -5.43
C ILE LF 65 26.33 121.83 -5.24
N THR LF 66 25.88 123.04 -4.92
CA THR LF 66 24.49 123.27 -4.56
C THR LF 66 23.93 124.47 -5.32
N ALA LF 67 22.66 124.37 -5.69
CA ALA LF 67 21.90 125.48 -6.27
C ALA LF 67 20.57 125.55 -5.55
N VAL LF 68 20.17 126.75 -5.15
CA VAL LF 68 18.99 126.92 -4.31
C VAL LF 68 17.73 126.75 -5.16
N ASP LF 69 16.84 125.87 -4.71
CA ASP LF 69 15.56 125.68 -5.38
C ASP LF 69 14.66 126.89 -5.12
N SER LF 70 13.63 127.03 -5.95
CA SER LF 70 12.63 128.05 -5.76
C SER LF 70 11.49 127.53 -4.90
N THR LF 71 10.99 128.39 -4.03
CA THR LF 71 9.86 128.17 -3.14
C THR LF 71 10.14 127.15 -2.04
N THR LF 72 11.31 126.51 -2.03
CA THR LF 72 11.67 125.53 -1.02
C THR LF 72 13.03 125.88 -0.43
N SER LF 73 13.13 125.76 0.90
CA SER LF 73 14.35 126.09 1.62
C SER LF 73 15.22 124.86 1.85
N GLU LF 74 15.58 124.17 0.78
CA GLU LF 74 16.39 122.97 0.87
C GLU LF 74 17.67 123.02 0.04
N THR LF 75 17.87 124.08 -0.75
CA THR LF 75 19.10 124.37 -1.49
C THR LF 75 19.73 123.11 -2.08
N LEU LF 76 19.01 122.47 -3.00
CA LEU LF 76 19.39 121.20 -3.61
C LEU LF 76 20.88 121.14 -3.94
N VAL LF 77 21.53 120.07 -3.51
CA VAL LF 77 22.95 119.84 -3.76
C VAL LF 77 23.09 118.84 -4.91
N ARG LF 78 24.13 119.02 -5.71
CA ARG LF 78 24.30 118.23 -6.93
C ARG LF 78 25.51 117.32 -6.91
N GLY LF 79 26.55 117.67 -6.18
CA GLY LF 79 27.75 116.84 -6.11
C GLY LF 79 28.67 117.33 -5.01
N GLN LF 80 29.96 117.06 -5.18
CA GLN LF 80 30.97 117.51 -4.22
C GLN LF 80 32.36 117.49 -4.85
N CYS LF 81 33.12 118.56 -4.64
CA CYS LF 81 34.47 118.70 -5.18
C CYS LF 81 35.46 118.19 -4.14
N VAL LF 82 35.71 116.89 -4.16
CA VAL LF 82 36.64 116.28 -3.20
C VAL LF 82 38.07 116.69 -3.51
N VAL LF 83 38.81 117.07 -2.48
CA VAL LF 83 40.23 117.38 -2.63
C VAL LF 83 41.02 116.75 -1.48
N ASP LF 84 41.65 115.61 -1.74
CA ASP LF 84 42.42 114.90 -0.72
C ASP LF 84 43.87 115.38 -0.72
N ILE LF 85 44.43 115.53 0.47
CA ILE LF 85 45.83 115.92 0.61
C ILE LF 85 46.50 115.03 1.66
N ASN LF 86 47.20 113.99 1.23
CA ASN LF 86 47.88 113.09 2.14
C ASN LF 86 49.36 113.44 2.22
N ILE LF 87 49.91 113.37 3.42
CA ILE LF 87 51.28 113.76 3.70
C ILE LF 87 51.97 112.63 4.44
N VAL LF 88 53.18 112.28 4.00
CA VAL LF 88 53.99 111.25 4.65
C VAL LF 88 55.38 111.83 4.84
N ILE LF 89 55.75 112.11 6.09
CA ILE LF 89 57.04 112.70 6.42
C ILE LF 89 57.84 111.68 7.22
N PRO LF 90 59.05 111.34 6.80
CA PRO LF 90 59.78 110.25 7.46
C PRO LF 90 60.31 110.64 8.83
N ARG LF 91 60.92 109.69 9.52
CA ARG LF 91 61.49 109.97 10.83
C ARG LF 91 62.70 110.89 10.76
N VAL LF 92 63.49 110.83 9.68
CA VAL LF 92 64.76 111.52 9.60
C VAL LF 92 64.60 112.92 9.06
N ALA LF 93 63.36 113.38 8.92
CA ALA LF 93 63.08 114.66 8.27
C ALA LF 93 63.24 115.80 9.26
N THR LF 94 64.32 116.55 9.12
CA THR LF 94 64.53 117.75 9.92
C THR LF 94 63.39 118.73 9.68
N ALA LF 95 62.96 119.42 10.74
CA ALA LF 95 61.81 120.31 10.65
C ALA LF 95 62.01 121.42 9.63
N THR LF 96 63.25 121.76 9.30
CA THR LF 96 63.49 122.66 8.18
C THR LF 96 63.15 122.00 6.85
N ASP LF 97 63.51 120.72 6.69
CA ASP LF 97 63.16 120.00 5.47
C ASP LF 97 61.65 119.80 5.35
N ARG LF 98 60.98 119.52 6.46
CA ARG LF 98 59.53 119.31 6.40
C ARG LF 98 58.81 120.59 6.00
N ALA LF 99 59.26 121.74 6.49
CA ALA LF 99 58.65 123.01 6.11
C ALA LF 99 58.79 123.23 4.61
N GLU LF 100 59.96 122.92 4.05
CA GLU LF 100 60.16 123.07 2.62
C GLU LF 100 59.26 122.13 1.83
N ALA LF 101 59.14 120.88 2.29
CA ALA LF 101 58.36 119.89 1.53
C ALA LF 101 56.90 120.28 1.49
N ILE LF 102 56.34 120.74 2.61
CA ILE LF 102 54.92 121.08 2.65
C ILE LF 102 54.65 122.36 1.87
N LYS LF 103 55.47 123.37 2.06
CA LYS LF 103 55.21 124.66 1.42
C LYS LF 103 55.46 124.61 -0.08
N ARG LF 104 56.41 123.77 -0.52
CA ARG LF 104 56.64 123.61 -1.95
C ARG LF 104 55.52 122.83 -2.61
N ALA LF 105 54.96 121.83 -1.92
CA ALA LF 105 53.85 121.07 -2.49
C ALA LF 105 52.61 121.94 -2.64
N PHE LF 106 52.36 122.82 -1.69
CA PHE LF 106 51.20 123.70 -1.75
C PHE LF 106 51.42 124.92 -2.64
N ASP LF 107 52.61 125.07 -3.20
CA ASP LF 107 52.86 126.10 -4.21
C ASP LF 107 52.61 125.61 -5.62
N VAL LF 108 52.12 124.38 -5.78
CA VAL LF 108 51.77 123.89 -7.11
C VAL LF 108 50.68 124.75 -7.71
N LEU LF 109 49.70 125.15 -6.90
CA LEU LF 109 48.58 125.94 -7.41
C LEU LF 109 49.04 127.22 -8.09
N ASN LF 110 50.14 127.80 -7.64
CA ASN LF 110 50.66 129.01 -8.26
C ASN LF 110 51.60 128.73 -9.42
N ALA LF 111 52.03 127.48 -9.61
CA ALA LF 111 52.90 127.12 -10.72
C ALA LF 111 52.17 126.33 -11.79
N LEU LF 112 51.43 125.31 -11.38
CA LEU LF 112 50.60 124.51 -12.28
C LEU LF 112 49.16 125.00 -12.24
N ASN LF 113 48.99 126.30 -12.49
CA ASN LF 113 47.74 126.98 -12.18
C ASN LF 113 46.64 126.61 -13.16
N ALA LF 114 46.88 126.81 -14.45
CA ALA LF 114 45.83 126.64 -15.45
C ALA LF 114 45.29 125.21 -15.47
N GLU LF 115 46.18 124.23 -15.32
CA GLU LF 115 45.74 122.84 -15.36
C GLU LF 115 44.85 122.46 -14.19
N LEU LF 116 44.99 123.14 -13.05
CA LEU LF 116 44.24 122.78 -11.86
C LEU LF 116 42.93 123.55 -11.76
N ILE LF 117 42.95 124.85 -12.04
CA ILE LF 117 41.74 125.66 -11.98
C ILE LF 117 40.83 125.35 -13.15
N THR LF 118 41.34 125.53 -14.37
CA THR LF 118 40.53 125.35 -15.57
C THR LF 118 40.29 123.88 -15.86
N GLY LF 119 41.31 123.04 -15.72
CA GLY LF 119 41.16 121.62 -15.92
C GLY LF 119 41.49 121.16 -17.33
N GLU LF 120 42.64 121.57 -17.84
CA GLU LF 120 42.99 121.34 -19.23
C GLU LF 120 44.51 121.38 -19.38
N GLY LF 121 44.96 120.96 -20.55
CA GLY LF 121 46.32 121.28 -20.95
C GLY LF 121 47.30 120.13 -21.03
N GLN LF 122 48.59 120.46 -20.86
CA GLN LF 122 49.70 119.53 -21.03
C GLN LF 122 49.70 118.95 -22.45
N TRP LF 123 49.97 119.82 -23.40
CA TRP LF 123 50.05 119.42 -24.80
C TRP LF 123 51.42 118.82 -25.08
N ALA MF 1 -104.90 9.84 -77.19
CA ALA MF 1 -106.25 10.22 -76.84
C ALA MF 1 -106.64 9.63 -75.48
N ALA MF 2 -107.91 9.76 -75.11
CA ALA MF 2 -108.38 9.19 -73.86
C ALA MF 2 -108.30 7.67 -73.92
N ARG MF 3 -107.84 7.07 -72.82
CA ARG MF 3 -107.69 5.63 -72.76
C ARG MF 3 -109.04 4.94 -72.90
N SER MF 4 -109.09 3.89 -73.70
CA SER MF 4 -110.32 3.15 -73.95
C SER MF 4 -109.94 1.69 -74.23
N SER MF 5 -110.89 0.95 -74.79
CA SER MF 5 -110.65 -0.45 -75.12
C SER MF 5 -110.09 -0.58 -76.54
N ILE MF 6 -109.38 -1.67 -76.77
CA ILE MF 6 -108.80 -1.97 -78.07
C ILE MF 6 -109.17 -3.39 -78.48
N VAL MF 7 -109.19 -3.63 -79.79
CA VAL MF 7 -109.87 -4.80 -80.35
C VAL MF 7 -108.83 -5.60 -81.14
N LEU MF 8 -107.60 -5.66 -80.62
CA LEU MF 8 -106.53 -6.47 -81.22
C LEU MF 8 -107.07 -7.77 -81.78
N THR MF 9 -106.77 -8.02 -83.06
CA THR MF 9 -107.34 -9.15 -83.78
C THR MF 9 -106.30 -9.71 -84.74
N ASP MF 10 -106.65 -10.85 -85.35
CA ASP MF 10 -105.84 -11.44 -86.40
C ASP MF 10 -106.73 -11.97 -87.52
N GLY MF 11 -107.91 -11.37 -87.68
CA GLY MF 11 -108.79 -11.73 -88.77
C GLY MF 11 -109.87 -12.73 -88.39
N THR MF 12 -109.60 -13.58 -87.41
CA THR MF 12 -110.55 -14.62 -87.04
C THR MF 12 -110.95 -14.60 -85.57
N THR MF 13 -110.03 -14.27 -84.67
CA THR MF 13 -110.31 -14.30 -83.22
C THR MF 13 -109.92 -12.97 -82.61
N PRO MF 14 -110.82 -11.99 -82.62
CA PRO MF 14 -110.53 -10.71 -81.98
C PRO MF 14 -110.39 -10.84 -80.47
N VAL MF 15 -109.60 -9.94 -79.89
CA VAL MF 15 -109.37 -9.89 -78.45
C VAL MF 15 -109.63 -8.47 -78.00
N THR MF 16 -110.53 -8.31 -77.03
CA THR MF 16 -110.83 -6.99 -76.47
C THR MF 16 -110.00 -6.78 -75.21
N LEU MF 17 -109.23 -5.71 -75.20
CA LEU MF 17 -108.39 -5.37 -74.05
C LEU MF 17 -108.90 -4.09 -73.42
N THR MF 18 -108.73 -3.98 -72.10
CA THR MF 18 -109.25 -2.86 -71.34
C THR MF 18 -108.15 -2.32 -70.42
N PRO MF 19 -108.05 -1.00 -70.27
CA PRO MF 19 -106.97 -0.43 -69.46
C PRO MF 19 -107.15 -0.72 -67.97
N VAL MF 20 -106.25 -1.50 -67.39
CA VAL MF 20 -106.41 -1.93 -66.00
C VAL MF 20 -105.23 -1.48 -65.16
N GLY MF 21 -104.59 -0.40 -65.55
CA GLY MF 21 -103.47 0.11 -64.78
C GLY MF 21 -102.61 1.03 -65.62
N GLY MF 22 -101.41 1.28 -65.10
CA GLY MF 22 -100.46 2.11 -65.79
C GLY MF 22 -99.93 3.24 -64.94
N GLY MF 23 -99.80 4.42 -65.53
CA GLY MF 23 -99.28 5.57 -64.82
C GLY MF 23 -99.10 6.74 -65.75
N VAL MF 24 -98.01 7.47 -65.54
CA VAL MF 24 -97.63 8.56 -66.43
C VAL MF 24 -96.66 7.99 -67.47
N GLY MF 25 -97.03 8.12 -68.75
CA GLY MF 25 -96.27 7.51 -69.81
C GLY MF 25 -96.32 5.99 -69.77
N GLN MF 26 -97.50 5.43 -69.53
CA GLN MF 26 -97.68 3.98 -69.46
C GLN MF 26 -99.17 3.69 -69.41
N THR MF 27 -99.57 2.58 -70.02
CA THR MF 27 -100.97 2.17 -70.01
C THR MF 27 -101.03 0.66 -70.23
N LEU MF 28 -101.22 -0.08 -69.15
CA LEU MF 28 -101.38 -1.53 -69.25
C LEU MF 28 -102.75 -1.87 -69.81
N TYR MF 29 -102.84 -3.04 -70.44
CA TYR MF 29 -104.10 -3.58 -70.93
C TYR MF 29 -104.17 -5.04 -70.55
N ARG MF 30 -105.37 -5.60 -70.60
CA ARG MF 30 -105.56 -7.02 -70.36
C ARG MF 30 -106.89 -7.44 -70.96
N ALA MF 31 -106.93 -8.64 -71.54
CA ALA MF 31 -108.16 -9.14 -72.11
C ALA MF 31 -109.19 -9.34 -71.01
N THR MF 32 -110.45 -9.05 -71.33
CA THR MF 32 -111.51 -9.07 -70.32
C THR MF 32 -111.57 -10.42 -69.62
N ALA MF 33 -111.88 -11.47 -70.37
CA ALA MF 33 -111.83 -12.83 -69.84
C ALA MF 33 -111.80 -13.80 -71.02
N GLU MF 34 -110.71 -14.54 -71.17
CA GLU MF 34 -110.70 -15.61 -72.16
C GLU MF 34 -111.31 -16.89 -71.56
N ALA MF 35 -110.61 -17.50 -70.60
CA ALA MF 35 -111.18 -18.58 -69.82
C ALA MF 35 -110.79 -18.57 -68.35
N LEU MF 36 -109.78 -17.83 -67.95
CA LEU MF 36 -109.28 -17.77 -66.58
C LEU MF 36 -108.26 -16.65 -66.52
N SER MF 37 -107.64 -16.48 -65.37
CA SER MF 37 -106.53 -15.54 -65.24
C SER MF 37 -105.23 -16.25 -65.62
N ALA MF 38 -104.23 -15.44 -65.96
CA ALA MF 38 -102.92 -15.84 -66.48
C ALA MF 38 -103.03 -16.44 -67.88
N ALA MF 39 -104.22 -16.60 -68.43
CA ALA MF 39 -104.42 -17.03 -69.80
C ALA MF 39 -105.06 -15.91 -70.62
N ASN MF 40 -104.73 -14.67 -70.27
CA ASN MF 40 -105.27 -13.50 -70.91
C ASN MF 40 -104.14 -12.63 -71.46
N PRO MF 41 -104.20 -12.23 -72.72
CA PRO MF 41 -103.15 -11.38 -73.28
C PRO MF 41 -103.14 -9.98 -72.67
N SER MF 42 -101.98 -9.34 -72.76
CA SER MF 42 -101.81 -7.99 -72.25
C SER MF 42 -101.04 -7.18 -73.27
N LEU MF 43 -101.23 -5.85 -73.24
CA LEU MF 43 -100.66 -4.94 -74.23
C LEU MF 43 -100.05 -3.71 -73.54
N SER MF 44 -99.15 -3.95 -72.58
CA SER MF 44 -98.39 -2.87 -71.97
C SER MF 44 -97.86 -1.90 -73.02
N PHE MF 45 -98.06 -0.61 -72.78
CA PHE MF 45 -97.74 0.42 -73.78
C PHE MF 45 -97.24 1.66 -73.07
N GLY MF 46 -95.95 1.96 -73.24
CA GLY MF 46 -95.35 3.15 -72.69
C GLY MF 46 -95.06 4.19 -73.75
N TYR MF 47 -94.61 5.35 -73.29
CA TYR MF 47 -94.26 6.48 -74.14
C TYR MF 47 -93.60 7.54 -73.29
N ARG MF 48 -92.59 8.21 -73.85
CA ARG MF 48 -91.88 9.25 -73.11
C ARG MF 48 -91.08 10.09 -74.08
N PHE MF 49 -90.69 11.26 -73.62
CA PHE MF 49 -89.86 12.20 -74.37
C PHE MF 49 -88.56 12.42 -73.61
N THR MF 50 -87.44 12.25 -74.29
CA THR MF 50 -86.14 12.52 -73.69
C THR MF 50 -85.80 14.00 -73.82
N ASP MF 51 -84.52 14.34 -73.63
CA ASP MF 51 -84.05 15.71 -73.79
C ASP MF 51 -84.58 16.36 -75.07
N GLY MF 52 -84.41 15.67 -76.19
CA GLY MF 52 -84.96 16.11 -77.45
C GLY MF 52 -86.40 15.64 -77.62
N GLY MF 53 -86.93 15.86 -78.81
CA GLY MF 53 -88.28 15.43 -79.10
C GLY MF 53 -88.35 13.97 -79.50
N THR MF 54 -87.39 13.19 -79.03
CA THR MF 54 -87.32 11.77 -79.38
C THR MF 54 -88.49 11.04 -78.73
N ASN MF 55 -89.54 10.84 -79.50
CA ASN MF 55 -90.77 10.23 -79.00
C ASN MF 55 -90.58 8.73 -78.81
N ARG MF 56 -89.83 8.34 -77.79
CA ARG MF 56 -89.46 6.94 -77.58
C ARG MF 56 -90.66 6.18 -77.02
N GLN MF 57 -91.57 5.82 -77.92
CA GLN MF 57 -92.67 4.94 -77.57
C GLN MF 57 -92.18 3.49 -77.47
N SER MF 58 -92.98 2.66 -76.82
CA SER MF 58 -92.64 1.25 -76.62
C SER MF 58 -93.93 0.46 -76.52
N LEU MF 59 -93.83 -0.84 -76.79
CA LEU MF 59 -94.95 -1.74 -76.70
C LEU MF 59 -94.48 -3.11 -76.25
N SER MF 60 -95.42 -3.92 -75.79
CA SER MF 60 -95.12 -5.29 -75.39
C SER MF 60 -96.43 -6.06 -75.33
N TYR MF 61 -96.59 -7.03 -76.21
CA TYR MF 61 -97.79 -7.86 -76.26
C TYR MF 61 -97.42 -9.27 -75.84
N LYS MF 62 -98.03 -9.76 -74.77
CA LYS MF 62 -97.71 -11.06 -74.19
C LYS MF 62 -98.95 -11.95 -74.23
N GLN MF 63 -98.96 -12.90 -75.14
CA GLN MF 63 -100.04 -13.87 -75.23
C GLN MF 63 -99.57 -15.19 -74.64
N PRO MF 64 -100.16 -15.66 -73.54
CA PRO MF 64 -99.66 -16.87 -72.88
C PRO MF 64 -100.21 -18.14 -73.50
N ILE MF 65 -99.37 -19.17 -73.50
CA ILE MF 65 -99.67 -20.45 -74.13
C ILE MF 65 -100.26 -21.38 -73.07
N THR MF 66 -101.54 -21.69 -73.20
CA THR MF 66 -102.24 -22.52 -72.23
C THR MF 66 -102.50 -23.90 -72.82
N ALA MF 67 -102.58 -24.89 -71.93
CA ALA MF 67 -102.78 -26.27 -72.33
C ALA MF 67 -103.45 -27.03 -71.19
N VAL MF 68 -104.22 -28.05 -71.55
CA VAL MF 68 -104.93 -28.85 -70.55
C VAL MF 68 -103.95 -29.76 -69.82
N ASP MF 69 -104.33 -30.14 -68.60
CA ASP MF 69 -103.51 -30.96 -67.71
C ASP MF 69 -104.31 -32.18 -67.26
N SER MF 70 -104.82 -32.93 -68.24
CA SER MF 70 -105.78 -34.01 -68.08
C SER MF 70 -105.60 -34.86 -66.83
N THR MF 71 -104.36 -35.09 -66.40
CA THR MF 71 -104.13 -35.76 -65.13
C THR MF 71 -104.84 -35.05 -63.97
N THR MF 72 -104.98 -33.72 -64.06
CA THR MF 72 -105.78 -32.95 -63.13
C THR MF 72 -106.89 -32.14 -63.79
N SER MF 73 -106.84 -31.97 -65.11
CA SER MF 73 -107.86 -31.26 -65.89
C SER MF 73 -107.92 -29.77 -65.55
N GLU MF 74 -106.80 -29.20 -65.11
CA GLU MF 74 -106.70 -27.77 -64.82
C GLU MF 74 -105.86 -27.11 -65.92
N THR MF 75 -106.40 -26.05 -66.50
CA THR MF 75 -105.81 -25.42 -67.69
C THR MF 75 -104.58 -24.60 -67.30
N LEU MF 76 -103.49 -25.32 -67.04
CA LEU MF 76 -102.23 -24.68 -66.69
C LEU MF 76 -101.64 -23.96 -67.91
N VAL MF 77 -100.89 -22.90 -67.64
CA VAL MF 77 -100.23 -22.12 -68.68
C VAL MF 77 -98.76 -22.49 -68.73
N ARG MF 78 -98.27 -22.82 -69.92
CA ARG MF 78 -96.88 -23.25 -70.10
C ARG MF 78 -95.94 -22.06 -70.24
N GLY MF 79 -96.19 -21.21 -71.24
CA GLY MF 79 -95.34 -20.06 -71.49
C GLY MF 79 -96.08 -18.95 -72.22
N GLN MF 80 -95.36 -17.93 -72.66
CA GLN MF 80 -95.98 -16.77 -73.31
C GLN MF 80 -95.17 -16.38 -74.54
N CYS MF 81 -95.85 -15.77 -75.50
CA CYS MF 81 -95.23 -15.22 -76.69
C CYS MF 81 -95.15 -13.71 -76.55
N VAL MF 82 -93.94 -13.17 -76.69
CA VAL MF 82 -93.67 -11.77 -76.40
C VAL MF 82 -93.30 -11.06 -77.69
N VAL MF 83 -93.98 -9.96 -77.98
CA VAL MF 83 -93.68 -9.12 -79.14
C VAL MF 83 -93.47 -7.70 -78.64
N ASP MF 84 -92.30 -7.14 -78.89
CA ASP MF 84 -91.95 -5.78 -78.47
C ASP MF 84 -91.76 -4.91 -79.70
N ILE MF 85 -92.59 -3.88 -79.84
CA ILE MF 85 -92.45 -2.95 -80.95
C ILE MF 85 -92.01 -1.60 -80.42
N ASN MF 86 -90.70 -1.37 -80.36
CA ASN MF 86 -90.19 -0.08 -79.93
C ASN MF 86 -90.13 0.88 -81.11
N ILE MF 87 -90.43 2.15 -80.83
CA ILE MF 87 -90.45 3.19 -81.85
C ILE MF 87 -89.69 4.39 -81.31
N VAL MF 88 -88.79 4.94 -82.11
CA VAL MF 88 -88.05 6.15 -81.76
C VAL MF 88 -88.09 7.11 -82.94
N ILE MF 89 -88.64 8.29 -82.71
CA ILE MF 89 -88.74 9.33 -83.73
C ILE MF 89 -88.13 10.61 -83.15
N PRO MF 90 -87.10 11.18 -83.78
CA PRO MF 90 -86.47 12.37 -83.22
C PRO MF 90 -87.31 13.62 -83.44
N ARG MF 91 -86.88 14.72 -82.81
CA ARG MF 91 -87.58 15.98 -82.97
C ARG MF 91 -87.56 16.47 -84.41
N VAL MF 92 -86.46 16.23 -85.12
CA VAL MF 92 -86.25 16.80 -86.46
C VAL MF 92 -87.13 16.12 -87.49
N ALA MF 93 -87.97 15.18 -87.04
CA ALA MF 93 -88.77 14.38 -87.95
C ALA MF 93 -89.98 15.16 -88.44
N THR MF 94 -90.13 15.21 -89.76
CA THR MF 94 -91.35 15.75 -90.34
C THR MF 94 -92.53 14.83 -90.02
N ALA MF 95 -93.70 15.43 -89.84
CA ALA MF 95 -94.89 14.67 -89.50
C ALA MF 95 -95.25 13.63 -90.55
N THR MF 96 -94.80 13.78 -91.79
CA THR MF 96 -94.99 12.77 -92.82
C THR MF 96 -93.92 11.69 -92.81
N ASP MF 97 -92.73 12.01 -92.31
CA ASP MF 97 -91.69 10.99 -92.19
C ASP MF 97 -92.01 10.01 -91.07
N ARG MF 98 -92.72 10.47 -90.03
CA ARG MF 98 -93.14 9.57 -88.97
C ARG MF 98 -94.20 8.59 -89.48
N ALA MF 99 -95.16 9.08 -90.26
CA ALA MF 99 -96.19 8.20 -90.79
C ALA MF 99 -95.60 7.19 -91.76
N GLU MF 100 -94.57 7.59 -92.52
CA GLU MF 100 -93.92 6.67 -93.45
C GLU MF 100 -93.19 5.56 -92.69
N ALA MF 101 -92.42 5.92 -91.67
CA ALA MF 101 -91.60 4.94 -90.96
C ALA MF 101 -92.47 3.94 -90.21
N ILE MF 102 -93.52 4.41 -89.54
CA ILE MF 102 -94.32 3.53 -88.71
C ILE MF 102 -95.09 2.53 -89.57
N LYS MF 103 -95.72 3.01 -90.64
CA LYS MF 103 -96.53 2.13 -91.46
C LYS MF 103 -95.67 1.15 -92.25
N ARG MF 104 -94.48 1.57 -92.67
CA ARG MF 104 -93.60 0.68 -93.43
C ARG MF 104 -93.08 -0.46 -92.55
N ALA MF 105 -92.57 -0.12 -91.36
CA ALA MF 105 -92.03 -1.14 -90.48
C ALA MF 105 -93.09 -2.13 -90.01
N PHE MF 106 -94.34 -1.70 -89.93
CA PHE MF 106 -95.43 -2.61 -89.61
C PHE MF 106 -95.86 -3.43 -90.83
N ASP MF 107 -95.38 -3.08 -92.01
CA ASP MF 107 -95.66 -3.84 -93.22
C ASP MF 107 -94.67 -4.98 -93.43
N VAL MF 108 -93.77 -5.21 -92.48
CA VAL MF 108 -92.81 -6.30 -92.60
C VAL MF 108 -93.53 -7.63 -92.70
N LEU MF 109 -94.51 -7.86 -91.83
CA LEU MF 109 -95.20 -9.14 -91.78
C LEU MF 109 -95.85 -9.49 -93.11
N ASN MF 110 -96.29 -8.48 -93.87
CA ASN MF 110 -96.83 -8.75 -95.20
C ASN MF 110 -95.73 -9.18 -96.16
N ALA MF 111 -94.53 -8.62 -96.02
CA ALA MF 111 -93.45 -8.94 -96.94
C ALA MF 111 -92.55 -10.05 -96.41
N LEU MF 112 -91.94 -9.84 -95.24
CA LEU MF 112 -91.05 -10.82 -94.64
C LEU MF 112 -91.86 -11.82 -93.81
N ASN MF 113 -92.80 -12.48 -94.48
CA ASN MF 113 -93.85 -13.21 -93.77
C ASN MF 113 -93.34 -14.54 -93.22
N ALA MF 114 -92.90 -15.43 -94.11
CA ALA MF 114 -92.68 -16.82 -93.74
C ALA MF 114 -91.65 -17.01 -92.64
N GLU MF 115 -90.72 -16.08 -92.47
CA GLU MF 115 -89.71 -16.21 -91.42
C GLU MF 115 -90.22 -15.75 -90.06
N LEU MF 116 -91.35 -15.05 -90.00
CA LEU MF 116 -91.94 -14.61 -88.74
C LEU MF 116 -93.07 -15.54 -88.29
N ILE MF 117 -94.03 -15.79 -89.16
CA ILE MF 117 -95.17 -16.62 -88.81
C ILE MF 117 -94.72 -18.04 -88.48
N THR MF 118 -93.90 -18.62 -89.35
CA THR MF 118 -93.54 -20.03 -89.24
C THR MF 118 -92.33 -20.27 -88.35
N GLY MF 119 -91.43 -19.30 -88.26
CA GLY MF 119 -90.25 -19.44 -87.42
C GLY MF 119 -89.05 -20.04 -88.09
N GLU MF 120 -89.12 -20.36 -89.38
CA GLU MF 120 -87.99 -20.95 -90.07
C GLU MF 120 -86.85 -19.95 -90.19
N GLY MF 121 -85.62 -20.46 -90.17
CA GLY MF 121 -84.45 -19.64 -90.29
C GLY MF 121 -84.00 -19.58 -91.74
N GLN MF 122 -84.08 -18.40 -92.33
CA GLN MF 122 -83.75 -18.23 -93.73
C GLN MF 122 -82.27 -18.49 -93.98
N TRP MF 123 -81.97 -19.06 -95.15
CA TRP MF 123 -80.62 -19.47 -95.48
C TRP MF 123 -80.00 -18.59 -96.55
N ALA NF 1 -118.27 -1.05 -69.57
CA ALA NF 1 -117.58 -0.79 -68.30
C ALA NF 1 -116.94 0.59 -68.29
N ALA NF 2 -117.55 1.53 -69.01
CA ALA NF 2 -117.13 2.92 -68.98
C ALA NF 2 -117.70 3.60 -67.75
N ARG NF 3 -117.09 4.72 -67.38
CA ARG NF 3 -117.49 5.44 -66.17
C ARG NF 3 -118.78 6.20 -66.41
N SER NF 4 -119.80 5.91 -65.61
CA SER NF 4 -121.07 6.59 -65.69
C SER NF 4 -121.72 6.57 -64.31
N SER NF 5 -122.85 7.26 -64.19
CA SER NF 5 -123.55 7.32 -62.91
C SER NF 5 -124.10 5.97 -62.52
N ILE NF 6 -123.99 5.64 -61.23
CA ILE NF 6 -124.51 4.40 -60.70
C ILE NF 6 -125.59 4.72 -59.67
N VAL NF 7 -126.50 3.76 -59.47
CA VAL NF 7 -127.77 4.04 -58.81
C VAL NF 7 -127.91 3.15 -57.57
N LEU NF 8 -126.82 2.97 -56.83
CA LEU NF 8 -126.84 2.25 -55.55
C LEU NF 8 -128.12 2.52 -54.78
N THR NF 9 -128.77 1.45 -54.34
CA THR NF 9 -130.04 1.56 -53.65
C THR NF 9 -130.17 0.43 -52.64
N ASP NF 10 -130.99 0.68 -51.62
CA ASP NF 10 -131.29 -0.33 -50.60
C ASP NF 10 -132.69 -0.91 -50.76
N GLY NF 11 -133.47 -0.42 -51.70
CA GLY NF 11 -134.83 -0.87 -51.88
C GLY NF 11 -135.83 0.26 -51.67
N THR NF 12 -135.54 1.12 -50.70
CA THR NF 12 -136.46 2.22 -50.37
C THR NF 12 -136.07 3.51 -51.08
N THR NF 13 -134.86 4.00 -50.83
CA THR NF 13 -134.41 5.27 -51.38
C THR NF 13 -133.15 5.05 -52.21
N PRO NF 14 -133.23 5.19 -53.53
CA PRO NF 14 -132.02 5.09 -54.36
C PRO NF 14 -131.18 6.37 -54.27
N VAL NF 15 -129.86 6.19 -54.31
CA VAL NF 15 -128.92 7.30 -54.36
C VAL NF 15 -128.10 7.17 -55.63
N THR NF 16 -127.99 8.26 -56.39
CA THR NF 16 -127.29 8.25 -57.66
C THR NF 16 -125.91 8.87 -57.46
N LEU NF 17 -124.87 8.09 -57.69
CA LEU NF 17 -123.49 8.57 -57.57
C LEU NF 17 -122.94 8.82 -58.97
N THR NF 18 -122.34 9.99 -59.17
CA THR NF 18 -121.72 10.33 -60.44
C THR NF 18 -120.21 10.43 -60.25
N PRO NF 19 -119.41 10.04 -61.25
CA PRO NF 19 -117.96 10.06 -61.07
C PRO NF 19 -117.45 11.47 -60.80
N VAL NF 20 -116.45 11.57 -59.94
CA VAL NF 20 -115.84 12.86 -59.64
C VAL NF 20 -114.33 12.73 -59.72
N GLY NF 21 -113.84 11.76 -60.48
CA GLY NF 21 -112.42 11.69 -60.73
C GLY NF 21 -111.78 10.32 -60.63
N GLY NF 22 -110.50 10.30 -60.32
CA GLY NF 22 -109.78 9.06 -60.07
C GLY NF 22 -108.65 8.76 -61.03
N GLY NF 23 -108.86 8.94 -62.32
CA GLY NF 23 -107.84 8.58 -63.28
C GLY NF 23 -107.78 7.09 -63.55
N VAL NF 24 -106.60 6.58 -63.86
CA VAL NF 24 -106.43 5.16 -64.19
C VAL NF 24 -106.11 4.41 -62.91
N GLY NF 25 -106.68 3.22 -62.78
CA GLY NF 25 -106.50 2.42 -61.59
C GLY NF 25 -107.48 2.69 -60.47
N GLN NF 26 -108.39 3.64 -60.62
CA GLN NF 26 -109.39 3.92 -59.59
C GLN NF 26 -110.49 4.78 -60.19
N THR NF 27 -111.54 4.98 -59.40
CA THR NF 27 -112.66 5.81 -59.81
C THR NF 27 -113.37 6.30 -58.56
N LEU NF 28 -113.54 7.60 -58.44
CA LEU NF 28 -114.26 8.19 -57.33
C LEU NF 28 -115.70 8.48 -57.74
N TYR NF 29 -116.61 8.32 -56.80
CA TYR NF 29 -118.01 8.64 -57.03
C TYR NF 29 -118.50 9.54 -55.90
N ARG NF 30 -119.60 10.25 -56.14
CA ARG NF 30 -120.22 11.07 -55.12
C ARG NF 30 -121.60 11.52 -55.57
N ALA NF 31 -122.60 11.41 -54.69
CA ALA NF 31 -123.93 11.89 -55.02
C ALA NF 31 -123.99 13.40 -54.93
N THR NF 32 -125.14 13.98 -55.28
CA THR NF 32 -125.26 15.43 -55.20
C THR NF 32 -125.59 15.88 -53.77
N ALA NF 33 -126.81 15.56 -53.31
CA ALA NF 33 -127.31 15.99 -52.00
C ALA NF 33 -126.84 17.40 -51.67
N GLU NF 34 -127.01 18.30 -52.65
CA GLU NF 34 -126.32 19.58 -52.65
C GLU NF 34 -126.69 20.40 -51.43
N ALA NF 35 -125.76 21.26 -50.99
CA ALA NF 35 -125.99 22.17 -49.88
C ALA NF 35 -126.35 21.38 -48.61
N LEU NF 36 -125.35 20.68 -48.08
CA LEU NF 36 -123.91 20.85 -48.28
C LEU NF 36 -123.39 19.88 -49.33
N SER NF 37 -122.16 20.09 -49.80
CA SER NF 37 -121.55 19.22 -50.79
C SER NF 37 -120.71 18.10 -50.18
N ALA NF 38 -120.29 18.24 -48.92
CA ALA NF 38 -119.56 17.20 -48.23
C ALA NF 38 -120.46 16.24 -47.48
N ALA NF 39 -121.77 16.48 -47.48
CA ALA NF 39 -122.73 15.62 -46.80
C ALA NF 39 -123.48 14.74 -47.79
N ASN NF 40 -122.75 13.86 -48.48
CA ASN NF 40 -123.37 12.93 -49.41
C ASN NF 40 -122.44 11.73 -49.57
N PRO NF 41 -122.98 10.57 -49.93
CA PRO NF 41 -122.17 9.35 -49.97
C PRO NF 41 -121.17 9.35 -51.10
N SER NF 42 -120.17 8.46 -50.98
CA SER NF 42 -119.10 8.34 -51.94
C SER NF 42 -118.72 6.87 -52.08
N LEU NF 43 -118.11 6.52 -53.23
CA LEU NF 43 -117.80 5.13 -53.55
C LEU NF 43 -116.39 5.00 -54.15
N SER NF 44 -115.37 5.48 -53.44
CA SER NF 44 -114.00 5.28 -53.88
C SER NF 44 -113.76 3.82 -54.25
N PHE NF 45 -113.49 3.56 -55.53
CA PHE NF 45 -113.36 2.21 -56.06
C PHE NF 45 -112.04 2.10 -56.82
N GLY NF 46 -111.14 1.25 -56.34
CA GLY NF 46 -109.87 1.02 -57.00
C GLY NF 46 -109.75 -0.40 -57.52
N TYR NF 47 -108.68 -0.62 -58.28
CA TYR NF 47 -108.39 -1.92 -58.87
C TYR NF 47 -107.00 -1.89 -59.48
N ARG NF 48 -106.29 -3.01 -59.41
CA ARG NF 48 -104.94 -3.10 -59.95
C ARG NF 48 -104.59 -4.57 -60.12
N PHE NF 49 -103.54 -4.82 -60.89
CA PHE NF 49 -102.99 -6.15 -61.08
C PHE NF 49 -101.55 -6.17 -60.61
N THR NF 50 -101.20 -7.11 -59.75
CA THR NF 50 -99.86 -7.18 -59.20
C THR NF 50 -98.93 -7.88 -60.20
N ASP NF 51 -97.76 -8.31 -59.71
CA ASP NF 51 -96.79 -9.00 -60.56
C ASP NF 51 -97.43 -10.17 -61.31
N GLY NF 52 -98.24 -10.95 -60.61
CA GLY NF 52 -98.97 -12.02 -61.27
C GLY NF 52 -100.26 -11.50 -61.87
N GLY NF 53 -101.31 -12.32 -61.83
CA GLY NF 53 -102.61 -11.90 -62.29
C GLY NF 53 -103.52 -11.59 -61.13
N THR NF 54 -102.94 -11.35 -59.97
CA THR NF 54 -103.70 -11.14 -58.74
C THR NF 54 -104.45 -9.82 -58.85
N ASN NF 55 -105.73 -9.91 -59.17
CA ASN NF 55 -106.58 -8.74 -59.32
C ASN NF 55 -107.01 -8.25 -57.95
N ARG NF 56 -106.37 -7.18 -57.48
CA ARG NF 56 -106.64 -6.65 -56.14
C ARG NF 56 -107.62 -5.50 -56.23
N GLN NF 57 -108.90 -5.83 -56.41
CA GLN NF 57 -109.92 -4.81 -56.39
C GLN NF 57 -110.14 -4.32 -54.97
N SER NF 58 -110.78 -3.15 -54.85
CA SER NF 58 -110.99 -2.53 -53.55
C SER NF 58 -112.04 -1.43 -53.62
N LEU NF 59 -113.02 -1.47 -52.73
CA LEU NF 59 -114.08 -0.47 -52.69
C LEU NF 59 -114.11 0.16 -51.31
N SER NF 60 -114.81 1.28 -51.22
CA SER NF 60 -114.98 1.97 -49.94
C SER NF 60 -116.18 2.90 -50.07
N TYR NF 61 -117.26 2.58 -49.38
CA TYR NF 61 -118.49 3.37 -49.45
C TYR NF 61 -118.68 4.07 -48.12
N LYS NF 62 -118.58 5.39 -48.14
CA LYS NF 62 -118.77 6.22 -46.95
C LYS NF 62 -120.05 7.01 -47.10
N GLN NF 63 -120.92 6.94 -46.10
CA GLN NF 63 -122.15 7.71 -46.07
C GLN NF 63 -122.16 8.59 -44.84
N PRO NF 64 -122.09 9.91 -44.96
CA PRO NF 64 -122.07 10.77 -43.79
C PRO NF 64 -123.45 10.93 -43.19
N ILE NF 65 -123.47 11.13 -41.87
CA ILE NF 65 -124.70 11.26 -41.11
C ILE NF 65 -125.00 12.74 -40.95
N THR NF 66 -126.10 13.19 -41.55
CA THR NF 66 -126.45 14.60 -41.59
C THR NF 66 -127.43 14.95 -40.47
N ALA NF 67 -127.57 16.25 -40.23
CA ALA NF 67 -128.50 16.75 -39.22
C ALA NF 67 -128.81 18.20 -39.56
N VAL NF 68 -130.04 18.45 -40.01
CA VAL NF 68 -130.42 19.79 -40.43
C VAL NF 68 -130.69 20.63 -39.18
N ASP NF 69 -129.82 21.61 -38.92
CA ASP NF 69 -129.90 22.45 -37.73
C ASP NF 69 -130.96 23.53 -38.00
N SER NF 70 -132.18 23.29 -37.51
CA SER NF 70 -133.29 24.20 -37.79
C SER NF 70 -133.07 25.60 -37.25
N THR NF 71 -132.24 25.75 -36.21
CA THR NF 71 -131.97 27.08 -35.66
C THR NF 71 -131.27 27.97 -36.68
N THR NF 72 -130.21 27.45 -37.29
CA THR NF 72 -129.41 28.20 -38.25
C THR NF 72 -129.77 27.84 -39.69
N SER NF 73 -130.40 26.70 -39.92
CA SER NF 73 -130.76 26.18 -41.25
C SER NF 73 -129.50 25.88 -42.07
N GLU NF 74 -128.64 25.06 -41.47
CA GLU NF 74 -127.44 24.57 -42.14
C GLU NF 74 -127.30 23.09 -41.84
N THR NF 75 -126.76 22.35 -42.80
CA THR NF 75 -126.57 20.92 -42.64
C THR NF 75 -125.25 20.64 -41.96
N LEU NF 76 -125.29 19.89 -40.87
CA LEU NF 76 -124.10 19.53 -40.11
C LEU NF 76 -123.80 18.05 -40.31
N VAL NF 77 -122.52 17.72 -40.33
CA VAL NF 77 -122.06 16.35 -40.52
C VAL NF 77 -121.56 15.82 -39.19
N ARG NF 78 -122.21 14.78 -38.68
CA ARG NF 78 -121.87 14.23 -37.38
C ARG NF 78 -120.88 13.07 -37.46
N GLY NF 79 -120.96 12.29 -38.52
CA GLY NF 79 -120.04 11.18 -38.70
C GLY NF 79 -120.40 10.43 -39.96
N GLN NF 80 -119.63 9.40 -40.27
CA GLN NF 80 -119.84 8.65 -41.50
C GLN NF 80 -119.75 7.15 -41.24
N CYS NF 81 -120.64 6.40 -41.89
CA CYS NF 81 -120.57 4.95 -41.88
C CYS NF 81 -119.71 4.49 -43.04
N VAL NF 82 -118.68 3.71 -42.73
CA VAL NF 82 -117.69 3.28 -43.70
C VAL NF 82 -117.84 1.78 -43.92
N VAL NF 83 -117.87 1.37 -45.19
CA VAL NF 83 -117.95 -0.04 -45.55
C VAL NF 83 -116.86 -0.32 -46.58
N ASP NF 84 -115.81 -1.01 -46.17
CA ASP NF 84 -114.73 -1.40 -47.06
C ASP NF 84 -114.97 -2.81 -47.56
N ILE NF 85 -114.70 -3.04 -48.85
CA ILE NF 85 -114.88 -4.35 -49.47
C ILE NF 85 -113.63 -4.61 -50.31
N ASN NF 86 -112.65 -5.29 -49.72
CA ASN NF 86 -111.47 -5.68 -50.49
C ASN NF 86 -111.68 -7.03 -51.13
N ILE NF 87 -111.24 -7.15 -52.37
CA ILE NF 87 -111.37 -8.39 -53.13
C ILE NF 87 -110.01 -8.75 -53.69
N VAL NF 88 -109.57 -9.98 -53.44
CA VAL NF 88 -108.32 -10.50 -54.00
C VAL NF 88 -108.66 -11.76 -54.78
N ILE NF 89 -108.19 -11.81 -56.02
CA ILE NF 89 -108.43 -12.97 -56.88
C ILE NF 89 -107.09 -13.44 -57.42
N PRO NF 90 -106.64 -14.63 -57.06
CA PRO NF 90 -105.28 -15.04 -57.44
C PRO NF 90 -105.13 -15.29 -58.93
N ARG NF 91 -103.88 -15.50 -59.35
CA ARG NF 91 -103.56 -15.72 -60.75
C ARG NF 91 -104.19 -16.99 -61.31
N VAL NF 92 -104.48 -17.96 -60.46
CA VAL NF 92 -104.89 -19.29 -60.91
C VAL NF 92 -106.42 -19.44 -60.90
N ALA NF 93 -107.16 -18.37 -60.70
CA ALA NF 93 -108.59 -18.44 -60.48
C ALA NF 93 -109.33 -18.48 -61.81
N THR NF 94 -110.19 -19.48 -61.98
CA THR NF 94 -111.02 -19.58 -63.17
C THR NF 94 -112.05 -18.45 -63.20
N ALA NF 95 -112.56 -18.16 -64.38
CA ALA NF 95 -113.54 -17.10 -64.55
C ALA NF 95 -114.88 -17.40 -63.91
N THR NF 96 -115.15 -18.66 -63.55
CA THR NF 96 -116.37 -19.02 -62.85
C THR NF 96 -116.18 -19.13 -61.34
N ASP NF 97 -114.93 -19.27 -60.89
CA ASP NF 97 -114.66 -19.18 -59.45
C ASP NF 97 -114.75 -17.75 -58.96
N ARG NF 98 -114.47 -16.78 -59.85
CA ARG NF 98 -114.65 -15.39 -59.50
C ARG NF 98 -116.11 -15.09 -59.21
N ALA NF 99 -117.01 -15.50 -60.10
CA ALA NF 99 -118.42 -15.27 -59.89
C ALA NF 99 -118.92 -16.01 -58.66
N GLU NF 100 -118.47 -17.25 -58.45
CA GLU NF 100 -118.88 -18.00 -57.28
C GLU NF 100 -118.42 -17.31 -56.00
N ALA NF 101 -117.17 -16.85 -55.98
CA ALA NF 101 -116.63 -16.25 -54.76
C ALA NF 101 -117.28 -14.91 -54.47
N ILE NF 102 -117.39 -14.04 -55.48
CA ILE NF 102 -117.86 -12.68 -55.24
C ILE NF 102 -119.32 -12.70 -54.82
N LYS NF 103 -120.17 -13.41 -55.57
CA LYS NF 103 -121.60 -13.35 -55.27
C LYS NF 103 -121.94 -14.09 -53.99
N ARG NF 104 -121.08 -15.02 -53.55
CA ARG NF 104 -121.31 -15.67 -52.26
C ARG NF 104 -120.97 -14.74 -51.10
N ALA NF 105 -119.84 -14.03 -51.21
CA ALA NF 105 -119.46 -13.10 -50.14
C ALA NF 105 -120.47 -11.98 -50.00
N PHE NF 106 -120.96 -11.45 -51.11
CA PHE NF 106 -121.99 -10.42 -51.07
C PHE NF 106 -123.35 -10.97 -50.67
N ASP NF 107 -123.50 -12.29 -50.58
CA ASP NF 107 -124.72 -12.90 -50.08
C ASP NF 107 -124.73 -13.03 -48.57
N VAL NF 108 -123.68 -12.58 -47.89
CA VAL NF 108 -123.64 -12.64 -46.43
C VAL NF 108 -124.79 -11.82 -45.84
N LEU NF 109 -125.06 -10.65 -46.42
CA LEU NF 109 -126.12 -9.79 -45.90
C LEU NF 109 -127.45 -10.52 -45.87
N ASN NF 110 -127.67 -11.48 -46.75
CA ASN NF 110 -128.88 -12.29 -46.69
C ASN NF 110 -128.77 -13.46 -45.72
N ALA NF 111 -127.55 -13.89 -45.39
CA ALA NF 111 -127.36 -14.97 -44.43
C ALA NF 111 -127.14 -14.42 -43.03
N LEU NF 112 -126.12 -13.59 -42.87
CA LEU NF 112 -125.78 -12.98 -41.58
C LEU NF 112 -126.49 -11.63 -41.43
N ASN NF 113 -127.81 -11.67 -41.64
CA ASN NF 113 -128.57 -10.44 -41.81
C ASN NF 113 -128.70 -9.66 -40.51
N ALA NF 114 -129.26 -10.29 -39.48
CA ALA NF 114 -129.55 -9.56 -38.24
C ALA NF 114 -128.28 -9.07 -37.56
N GLU NF 115 -127.15 -9.72 -37.79
CA GLU NF 115 -125.90 -9.27 -37.19
C GLU NF 115 -125.32 -8.05 -37.90
N LEU NF 116 -125.88 -7.64 -39.03
CA LEU NF 116 -125.37 -6.50 -39.79
C LEU NF 116 -126.38 -5.38 -39.88
N ILE NF 117 -127.63 -5.69 -40.22
CA ILE NF 117 -128.64 -4.64 -40.37
C ILE NF 117 -128.95 -3.98 -39.04
N THR NF 118 -129.10 -4.77 -37.98
CA THR NF 118 -129.47 -4.23 -36.67
C THR NF 118 -128.27 -4.03 -35.76
N GLY NF 119 -127.18 -4.75 -35.95
CA GLY NF 119 -125.99 -4.57 -35.16
C GLY NF 119 -125.81 -5.52 -34.00
N GLU NF 120 -126.65 -6.54 -33.89
CA GLU NF 120 -126.56 -7.49 -32.80
C GLU NF 120 -125.26 -8.27 -32.88
N GLY NF 121 -125.04 -9.10 -31.88
CA GLY NF 121 -124.00 -10.12 -31.93
C GLY NF 121 -124.64 -11.45 -31.63
N GLN NF 122 -124.17 -12.48 -32.33
CA GLN NF 122 -124.74 -13.81 -32.16
C GLN NF 122 -124.32 -14.41 -30.84
N TRP NF 123 -125.28 -15.00 -30.13
CA TRP NF 123 -125.03 -15.52 -28.79
C TRP NF 123 -124.92 -17.04 -28.77
N ALA OF 1 -129.37 -13.85 -34.22
CA ALA OF 1 -129.73 -15.09 -33.55
C ALA OF 1 -128.47 -15.85 -33.14
N ALA OF 2 -128.65 -17.05 -32.61
CA ALA OF 2 -127.52 -17.84 -32.14
C ALA OF 2 -126.70 -18.34 -33.31
N ARG OF 3 -125.47 -18.76 -33.02
CA ARG OF 3 -124.60 -19.33 -34.03
C ARG OF 3 -125.27 -20.54 -34.66
N SER OF 4 -125.57 -20.47 -35.96
CA SER OF 4 -126.25 -21.56 -36.62
C SER OF 4 -125.58 -21.87 -37.96
N SER OF 5 -126.23 -22.66 -38.80
CA SER OF 5 -125.72 -22.99 -40.11
C SER OF 5 -126.23 -21.98 -41.14
N ILE OF 6 -125.31 -21.34 -41.85
CA ILE OF 6 -125.66 -20.37 -42.86
C ILE OF 6 -125.57 -21.03 -44.23
N VAL OF 7 -126.30 -20.47 -45.19
CA VAL OF 7 -126.52 -21.11 -46.49
C VAL OF 7 -125.98 -20.21 -47.59
N LEU OF 8 -124.84 -19.58 -47.35
CA LEU OF 8 -124.18 -18.71 -48.34
C LEU OF 8 -124.24 -19.31 -49.73
N THR OF 9 -124.86 -18.58 -50.65
CA THR OF 9 -125.14 -19.07 -52.00
C THR OF 9 -124.80 -17.98 -53.01
N ASP OF 10 -125.05 -18.29 -54.28
CA ASP OF 10 -124.89 -17.30 -55.34
C ASP OF 10 -126.04 -17.33 -56.35
N GLY OF 11 -127.10 -18.07 -56.08
CA GLY OF 11 -128.22 -18.23 -56.97
C GLY OF 11 -128.27 -19.58 -57.66
N THR OF 12 -127.13 -20.23 -57.84
CA THR OF 12 -127.06 -21.54 -58.47
C THR OF 12 -126.52 -22.62 -57.55
N THR OF 13 -125.37 -22.39 -56.92
CA THR OF 13 -124.68 -23.41 -56.14
C THR OF 13 -124.57 -22.98 -54.69
N PRO OF 14 -125.49 -23.41 -53.81
CA PRO OF 14 -125.40 -23.04 -52.40
C PRO OF 14 -124.29 -23.80 -51.68
N VAL OF 15 -123.84 -23.21 -50.59
CA VAL OF 15 -122.86 -23.82 -49.70
C VAL OF 15 -123.32 -23.60 -48.27
N THR OF 16 -123.32 -24.65 -47.46
CA THR OF 16 -123.75 -24.58 -46.08
C THR OF 16 -122.54 -24.58 -45.16
N LEU OF 17 -122.48 -23.62 -44.25
CA LEU OF 17 -121.35 -23.44 -43.36
C LEU OF 17 -121.82 -23.50 -41.91
N THR OF 18 -121.13 -24.28 -41.08
CA THR OF 18 -121.44 -24.43 -39.68
C THR OF 18 -120.29 -23.95 -38.82
N PRO OF 19 -120.56 -23.32 -37.68
CA PRO OF 19 -119.48 -22.71 -36.90
C PRO OF 19 -118.44 -23.72 -36.46
N VAL OF 20 -117.18 -23.31 -36.49
CA VAL OF 20 -116.05 -24.22 -36.28
C VAL OF 20 -115.17 -23.61 -35.19
N GLY OF 21 -115.73 -22.69 -34.43
CA GLY OF 21 -114.99 -22.19 -33.30
C GLY OF 21 -115.22 -20.69 -33.13
N GLY OF 22 -114.17 -20.01 -32.70
CA GLY OF 22 -114.25 -18.59 -32.46
C GLY OF 22 -114.15 -18.21 -31.00
N GLY OF 23 -115.08 -17.39 -30.53
CA GLY OF 23 -115.07 -16.92 -29.16
C GLY OF 23 -116.14 -15.87 -28.91
N VAL OF 24 -115.78 -14.78 -28.24
CA VAL OF 24 -116.68 -13.65 -28.06
C VAL OF 24 -116.31 -12.58 -29.08
N GLY OF 25 -117.30 -12.11 -29.82
CA GLY OF 25 -117.02 -11.22 -30.92
C GLY OF 25 -116.13 -11.87 -31.96
N GLN OF 26 -116.41 -13.13 -32.28
CA GLN OF 26 -115.66 -13.89 -33.26
C GLN OF 26 -116.44 -15.16 -33.57
N THR OF 27 -116.47 -15.53 -34.85
CA THR OF 27 -117.25 -16.69 -35.26
C THR OF 27 -116.65 -17.23 -36.57
N LEU OF 28 -116.01 -18.40 -36.48
CA LEU OF 28 -115.52 -19.05 -37.68
C LEU OF 28 -116.66 -19.78 -38.39
N TYR OF 29 -116.39 -20.23 -39.60
CA TYR OF 29 -117.32 -21.04 -40.36
C TYR OF 29 -116.53 -21.95 -41.28
N ARG OF 30 -117.20 -22.97 -41.81
CA ARG OF 30 -116.62 -23.85 -42.82
C ARG OF 30 -117.73 -24.79 -43.28
N ALA OF 31 -117.52 -25.39 -44.45
CA ALA OF 31 -118.50 -26.28 -45.07
C ALA OF 31 -118.18 -27.74 -44.75
N THR OF 32 -118.88 -28.65 -45.40
CA THR OF 32 -118.86 -30.07 -45.04
C THR OF 32 -117.74 -30.86 -45.73
N ALA OF 33 -117.39 -30.51 -46.97
CA ALA OF 33 -116.37 -31.28 -47.69
C ALA OF 33 -115.02 -31.18 -47.00
N GLU OF 34 -114.14 -32.15 -47.24
CA GLU OF 34 -112.88 -32.27 -46.52
C GLU OF 34 -111.71 -32.35 -47.50
N ALA OF 35 -110.63 -31.68 -47.13
CA ALA OF 35 -109.40 -31.71 -47.92
C ALA OF 35 -108.22 -31.71 -46.96
N LEU OF 36 -107.02 -31.46 -47.48
CA LEU OF 36 -105.80 -31.52 -46.69
C LEU OF 36 -105.26 -30.14 -46.33
N SER OF 37 -105.02 -29.28 -47.32
CA SER OF 37 -104.44 -27.96 -47.08
C SER OF 37 -105.52 -26.90 -46.87
N ALA OF 38 -106.37 -26.70 -47.87
CA ALA OF 38 -107.48 -25.76 -47.78
C ALA OF 38 -108.76 -26.54 -47.98
N ALA OF 39 -109.59 -26.60 -46.94
CA ALA OF 39 -110.75 -27.47 -46.98
C ALA OF 39 -111.90 -26.84 -47.76
N ASN OF 40 -112.43 -25.72 -47.26
CA ASN OF 40 -113.70 -25.21 -47.75
C ASN OF 40 -113.75 -23.68 -47.61
N PRO OF 41 -114.82 -23.05 -48.06
CA PRO OF 41 -115.03 -21.64 -47.71
C PRO OF 41 -115.08 -21.44 -46.20
N SER OF 42 -114.46 -20.37 -45.73
CA SER OF 42 -114.31 -20.11 -44.29
C SER OF 42 -114.61 -18.64 -44.03
N LEU OF 43 -115.82 -18.35 -43.57
CA LEU OF 43 -116.29 -16.98 -43.35
C LEU OF 43 -116.10 -16.60 -41.89
N SER OF 44 -115.08 -15.81 -41.60
CA SER OF 44 -114.87 -15.32 -40.25
C SER OF 44 -115.68 -14.05 -40.02
N PHE OF 45 -116.13 -13.85 -38.78
CA PHE OF 45 -117.00 -12.72 -38.44
C PHE OF 45 -116.50 -12.13 -37.12
N GLY OF 46 -115.94 -10.93 -37.17
CA GLY OF 46 -115.19 -10.40 -36.05
C GLY OF 46 -115.72 -9.13 -35.40
N TYR OF 47 -117.02 -9.05 -35.18
CA TYR OF 47 -117.63 -7.84 -34.64
C TYR OF 47 -117.10 -7.52 -33.25
N ARG OF 48 -117.09 -6.23 -32.92
CA ARG OF 48 -116.66 -5.73 -31.62
C ARG OF 48 -117.19 -4.32 -31.45
N PHE OF 49 -116.86 -3.70 -30.32
CA PHE OF 49 -117.20 -2.31 -30.04
C PHE OF 49 -115.92 -1.57 -29.67
N THR OF 50 -116.06 -0.27 -29.36
CA THR OF 50 -114.90 0.58 -29.17
C THR OF 50 -115.26 1.61 -28.09
N ASP OF 51 -114.49 2.70 -28.02
CA ASP OF 51 -114.72 3.73 -27.01
C ASP OF 51 -116.16 4.25 -27.05
N GLY OF 52 -116.64 4.59 -28.24
CA GLY OF 52 -118.02 4.95 -28.44
C GLY OF 52 -118.84 3.75 -28.86
N GLY OF 53 -119.95 4.02 -29.53
CA GLY OF 53 -120.75 2.95 -30.10
C GLY OF 53 -120.20 2.52 -31.44
N THR OF 54 -118.89 2.65 -31.62
CA THR OF 54 -118.27 2.40 -32.91
C THR OF 54 -118.27 0.92 -33.21
N ASN OF 55 -119.37 0.43 -33.77
CA ASN OF 55 -119.55 -0.99 -34.06
C ASN OF 55 -118.61 -1.38 -35.19
N ARG OF 56 -117.46 -1.97 -34.84
CA ARG OF 56 -116.41 -2.25 -35.81
C ARG OF 56 -116.50 -3.71 -36.27
N GLN OF 57 -117.56 -4.01 -37.01
CA GLN OF 57 -117.72 -5.33 -37.57
C GLN OF 57 -116.67 -5.58 -38.64
N SER OF 58 -116.42 -6.87 -38.91
CA SER OF 58 -115.36 -7.25 -39.84
C SER OF 58 -115.64 -8.66 -40.33
N LEU OF 59 -115.42 -8.89 -41.62
CA LEU OF 59 -115.70 -10.17 -42.25
C LEU OF 59 -114.52 -10.58 -43.11
N SER OF 60 -114.51 -11.84 -43.50
CA SER OF 60 -113.53 -12.36 -44.45
C SER OF 60 -114.00 -13.70 -44.98
N TYR OF 61 -114.27 -13.78 -46.28
CA TYR OF 61 -114.79 -14.99 -46.91
C TYR OF 61 -113.75 -15.52 -47.89
N LYS OF 62 -113.04 -16.56 -47.50
CA LYS OF 62 -112.03 -17.16 -48.35
C LYS OF 62 -112.61 -18.42 -48.99
N GLN OF 63 -112.53 -18.51 -50.31
CA GLN OF 63 -112.97 -19.69 -51.04
C GLN OF 63 -111.78 -20.28 -51.78
N PRO OF 64 -111.31 -21.48 -51.41
CA PRO OF 64 -110.11 -22.02 -52.06
C PRO OF 64 -110.41 -22.50 -53.47
N ILE OF 65 -109.44 -22.26 -54.36
CA ILE OF 65 -109.53 -22.69 -55.76
C ILE OF 65 -108.98 -24.11 -55.82
N THR OF 66 -109.84 -25.08 -56.12
CA THR OF 66 -109.45 -26.48 -56.05
C THR OF 66 -109.87 -27.21 -57.32
N ALA OF 67 -109.04 -28.15 -57.74
CA ALA OF 67 -109.35 -29.08 -58.82
C ALA OF 67 -109.01 -30.49 -58.35
N VAL OF 68 -109.91 -31.43 -58.63
CA VAL OF 68 -109.77 -32.78 -58.09
C VAL OF 68 -108.74 -33.56 -58.91
N ASP OF 69 -107.70 -34.04 -58.22
CA ASP OF 69 -106.70 -34.86 -58.88
C ASP OF 69 -107.29 -36.22 -59.26
N SER OF 70 -106.63 -36.89 -60.19
CA SER OF 70 -107.03 -38.22 -60.60
C SER OF 70 -106.33 -39.27 -59.74
N THR OF 71 -107.08 -40.32 -59.41
CA THR OF 71 -106.64 -41.48 -58.63
C THR OF 71 -106.33 -41.16 -57.18
N THR OF 72 -106.40 -39.90 -56.76
CA THR OF 72 -106.14 -39.51 -55.38
C THR OF 72 -107.30 -38.67 -54.85
N SER OF 73 -107.69 -38.94 -53.62
CA SER OF 73 -108.82 -38.25 -52.99
C SER OF 73 -108.34 -37.08 -52.13
N GLU OF 74 -107.59 -36.15 -52.73
CA GLU OF 74 -107.06 -35.01 -52.01
C GLU OF 74 -107.44 -33.67 -52.64
N THR OF 75 -108.11 -33.67 -53.79
CA THR OF 75 -108.69 -32.48 -54.43
C THR OF 75 -107.78 -31.27 -54.31
N LEU OF 76 -106.61 -31.34 -54.93
CA LEU OF 76 -105.57 -30.31 -54.85
C LEU OF 76 -106.15 -28.91 -54.97
N VAL OF 77 -105.79 -28.05 -54.02
CA VAL OF 77 -106.22 -26.66 -54.01
C VAL OF 77 -105.10 -25.78 -54.56
N ARG OF 78 -105.48 -24.72 -55.26
CA ARG OF 78 -104.52 -23.89 -55.98
C ARG OF 78 -104.39 -22.48 -55.42
N GLY OF 79 -105.44 -21.93 -54.84
CA GLY OF 79 -105.39 -20.60 -54.28
C GLY OF 79 -106.57 -20.34 -53.38
N GLN OF 80 -106.92 -19.06 -53.24
CA GLN OF 80 -108.08 -18.67 -52.44
C GLN OF 80 -108.54 -17.26 -52.80
N CYS OF 81 -109.85 -17.10 -53.00
CA CYS OF 81 -110.43 -15.80 -53.38
C CYS OF 81 -110.86 -15.07 -52.12
N VAL OF 82 -109.92 -14.35 -51.50
CA VAL OF 82 -110.22 -13.60 -50.29
C VAL OF 82 -111.14 -12.44 -50.60
N VAL OF 83 -112.16 -12.26 -49.76
CA VAL OF 83 -113.08 -11.12 -49.89
C VAL OF 83 -113.35 -10.53 -48.51
N ASP OF 84 -112.66 -9.44 -48.16
CA ASP OF 84 -112.82 -8.82 -46.86
C ASP OF 84 -113.91 -7.77 -46.90
N ILE OF 85 -114.72 -7.70 -45.85
CA ILE OF 85 -115.76 -6.69 -45.74
C ILE OF 85 -115.73 -6.08 -44.34
N ASN OF 86 -115.09 -4.93 -44.19
CA ASN OF 86 -115.01 -4.26 -42.90
C ASN OF 86 -116.04 -3.14 -42.83
N ILE OF 87 -116.67 -3.01 -41.66
CA ILE OF 87 -117.74 -2.05 -41.45
C ILE OF 87 -117.42 -1.24 -40.20
N VAL OF 88 -117.61 0.07 -40.29
CA VAL OF 88 -117.39 0.98 -39.16
C VAL OF 88 -118.61 1.89 -39.08
N ILE OF 89 -119.43 1.71 -38.06
CA ILE OF 89 -120.65 2.48 -37.87
C ILE OF 89 -120.50 3.32 -36.61
N PRO OF 90 -120.68 4.63 -36.68
CA PRO OF 90 -120.39 5.47 -35.52
C PRO OF 90 -121.44 5.36 -34.43
N ARG OF 91 -121.22 6.05 -33.32
CA ARG OF 91 -122.17 6.04 -32.22
C ARG OF 91 -123.47 6.75 -32.57
N VAL OF 92 -123.42 7.78 -33.41
CA VAL OF 92 -124.57 8.65 -33.65
C VAL OF 92 -125.44 8.11 -34.77
N ALA OF 93 -125.14 6.90 -35.25
CA ALA OF 93 -125.79 6.35 -36.42
C ALA OF 93 -127.13 5.73 -36.02
N THR OF 94 -128.21 6.42 -36.37
CA THR OF 94 -129.55 5.87 -36.18
C THR OF 94 -129.69 4.56 -36.95
N ALA OF 95 -130.39 3.59 -36.34
CA ALA OF 95 -130.49 2.26 -36.95
C ALA OF 95 -131.13 2.30 -38.32
N THR OF 96 -131.92 3.32 -38.64
CA THR OF 96 -132.37 3.50 -40.01
C THR OF 96 -131.22 3.87 -40.93
N ASP OF 97 -130.32 4.75 -40.46
CA ASP OF 97 -129.16 5.12 -41.27
C ASP OF 97 -128.21 3.94 -41.46
N ARG OF 98 -128.02 3.13 -40.41
CA ARG OF 98 -127.13 1.98 -40.55
C ARG OF 98 -127.67 0.97 -41.55
N ALA OF 99 -128.99 0.75 -41.55
CA ALA OF 99 -129.58 -0.17 -42.52
C ALA OF 99 -129.34 0.32 -43.94
N GLU OF 100 -129.48 1.63 -44.17
CA GLU OF 100 -129.23 2.18 -45.49
C GLU OF 100 -127.77 2.01 -45.89
N ALA OF 101 -126.85 2.28 -44.96
CA ALA OF 101 -125.43 2.24 -45.29
C ALA OF 101 -124.99 0.82 -45.65
N ILE OF 102 -125.47 -0.18 -44.91
CA ILE OF 102 -125.06 -1.56 -45.18
C ILE OF 102 -125.68 -2.06 -46.47
N LYS OF 103 -126.98 -1.82 -46.66
CA LYS OF 103 -127.66 -2.36 -47.84
C LYS OF 103 -127.21 -1.66 -49.11
N ARG OF 104 -126.87 -0.36 -49.03
CA ARG OF 104 -126.37 0.34 -50.20
C ARG OF 104 -124.96 -0.11 -50.57
N ALA OF 105 -124.13 -0.42 -49.58
CA ALA OF 105 -122.79 -0.90 -49.88
C ALA OF 105 -122.82 -2.25 -50.56
N PHE OF 106 -123.72 -3.13 -50.12
CA PHE OF 106 -123.83 -4.46 -50.71
C PHE OF 106 -124.61 -4.47 -52.01
N ASP OF 107 -125.12 -3.32 -52.44
CA ASP OF 107 -125.74 -3.21 -53.75
C ASP OF 107 -124.75 -2.79 -54.83
N VAL OF 108 -123.47 -2.67 -54.49
CA VAL OF 108 -122.47 -2.34 -55.50
C VAL OF 108 -122.40 -3.44 -56.54
N LEU OF 109 -122.49 -4.70 -56.11
CA LEU OF 109 -122.40 -5.83 -57.02
C LEU OF 109 -123.45 -5.75 -58.13
N ASN OF 110 -124.61 -5.15 -57.85
CA ASN OF 110 -125.65 -5.01 -58.86
C ASN OF 110 -125.49 -3.74 -59.68
N ALA OF 111 -124.62 -2.82 -59.27
CA ALA OF 111 -124.38 -1.58 -60.02
C ALA OF 111 -123.02 -1.58 -60.68
N LEU OF 112 -121.98 -1.93 -59.93
CA LEU OF 112 -120.62 -2.05 -60.47
C LEU OF 112 -120.32 -3.50 -60.80
N ASN OF 113 -121.20 -4.08 -61.63
CA ASN OF 113 -121.24 -5.53 -61.79
C ASN OF 113 -120.08 -6.05 -62.64
N ALA OF 114 -119.94 -5.54 -63.86
CA ALA OF 114 -118.95 -6.10 -64.79
C ALA OF 114 -117.53 -5.95 -64.24
N GLU OF 115 -117.24 -4.83 -63.59
CA GLU OF 115 -115.90 -4.60 -63.07
C GLU OF 115 -115.54 -5.56 -61.95
N LEU OF 116 -116.53 -6.07 -61.21
CA LEU OF 116 -116.27 -6.94 -60.07
C LEU OF 116 -116.28 -8.41 -60.48
N ILE OF 117 -117.24 -8.81 -61.30
CA ILE OF 117 -117.33 -10.20 -61.74
C ILE OF 117 -116.25 -10.50 -62.77
N THR OF 118 -116.23 -9.75 -63.87
CA THR OF 118 -115.29 -10.01 -64.95
C THR OF 118 -113.88 -9.55 -64.58
N GLY OF 119 -113.74 -8.39 -63.94
CA GLY OF 119 -112.45 -7.91 -63.51
C GLY OF 119 -111.77 -7.01 -64.51
N GLU OF 120 -112.48 -6.01 -65.00
CA GLU OF 120 -111.99 -5.19 -66.09
C GLU OF 120 -112.70 -3.86 -66.08
N GLY OF 121 -112.19 -2.92 -66.87
CA GLY OF 121 -112.98 -1.76 -67.22
C GLY OF 121 -112.53 -0.43 -66.66
N GLN OF 122 -113.48 0.49 -66.54
CA GLN OF 122 -113.23 1.88 -66.15
C GLN OF 122 -112.27 2.55 -67.13
N TRP OF 123 -112.77 2.71 -68.35
CA TRP OF 123 -112.02 3.38 -69.39
C TRP OF 123 -112.10 4.89 -69.21
N ALA PF 1 -39.42 124.47 -0.03
CA ALA PF 1 -40.04 125.25 1.03
C ALA PF 1 -41.03 124.41 1.81
N ALA PF 2 -41.76 125.02 2.74
CA ALA PF 2 -42.76 124.29 3.49
C ALA PF 2 -43.87 123.81 2.56
N ARG PF 3 -44.25 122.54 2.73
CA ARG PF 3 -45.26 121.94 1.86
C ARG PF 3 -46.59 122.67 1.99
N SER PF 4 -47.22 122.93 0.86
CA SER PF 4 -48.49 123.65 0.83
C SER PF 4 -49.30 123.14 -0.36
N SER PF 5 -50.32 123.89 -0.74
CA SER PF 5 -51.16 123.54 -1.87
C SER PF 5 -50.58 124.10 -3.15
N ILE PF 6 -50.92 123.47 -4.27
CA ILE PF 6 -50.50 123.91 -5.60
C ILE PF 6 -51.71 123.98 -6.51
N VAL PF 7 -51.62 124.82 -7.53
CA VAL PF 7 -52.80 125.26 -8.27
C VAL PF 7 -52.58 124.90 -9.74
N LEU PF 8 -52.00 123.72 -9.98
CA LEU PF 8 -51.82 123.20 -11.34
C LEU PF 8 -53.00 123.53 -12.23
N THR PF 9 -52.72 124.14 -13.37
CA THR PF 9 -53.76 124.66 -14.24
C THR PF 9 -53.35 124.43 -15.70
N ASP PF 10 -54.28 124.71 -16.60
CA ASP PF 10 -54.01 124.68 -18.03
C ASP PF 10 -54.68 125.85 -18.73
N GLY PF 11 -54.93 126.92 -17.99
CA GLY PF 11 -55.50 128.12 -18.57
C GLY PF 11 -56.99 128.26 -18.37
N THR PF 12 -57.71 127.14 -18.30
CA THR PF 12 -59.16 127.21 -18.19
C THR PF 12 -59.71 126.47 -16.97
N THR PF 13 -59.13 125.34 -16.57
CA THR PF 13 -59.63 124.55 -15.46
C THR PF 13 -58.51 124.30 -14.46
N PRO PF 14 -58.29 125.21 -13.51
CA PRO PF 14 -57.28 124.98 -12.49
C PRO PF 14 -57.65 123.82 -11.58
N VAL PF 15 -56.62 123.19 -11.02
CA VAL PF 15 -56.78 122.06 -10.11
C VAL PF 15 -55.97 122.37 -8.85
N THR PF 16 -56.61 122.30 -7.69
CA THR PF 16 -55.94 122.53 -6.42
C THR PF 16 -55.55 121.19 -5.83
N LEU PF 17 -54.26 121.01 -5.57
CA LEU PF 17 -53.74 119.79 -4.98
C LEU PF 17 -53.21 120.10 -3.57
N THR PF 18 -53.33 119.12 -2.67
CA THR PF 18 -52.95 119.28 -1.29
C THR PF 18 -52.07 118.11 -0.86
N PRO PF 19 -51.06 118.36 -0.03
CA PRO PF 19 -50.15 117.28 0.36
C PRO PF 19 -50.82 116.28 1.30
N VAL PF 20 -51.00 115.05 0.86
CA VAL PF 20 -51.72 114.06 1.64
C VAL PF 20 -50.86 112.85 1.93
N GLY PF 21 -49.54 113.05 1.97
CA GLY PF 21 -48.64 111.95 2.26
C GLY PF 21 -47.24 112.29 1.83
N GLY PF 22 -46.41 111.25 1.79
CA GLY PF 22 -45.04 111.41 1.36
C GLY PF 22 -44.03 110.79 2.31
N GLY PF 23 -42.95 111.51 2.58
CA GLY PF 23 -41.92 111.00 3.45
C GLY PF 23 -40.70 111.90 3.43
N VAL PF 24 -39.53 111.28 3.46
CA VAL PF 24 -38.27 111.99 3.32
C VAL PF 24 -37.86 111.92 1.85
N GLY PF 25 -37.72 113.08 1.22
CA GLY PF 25 -37.46 113.12 -0.20
C GLY PF 25 -38.64 112.63 -1.03
N GLN PF 26 -39.85 113.03 -0.66
CA GLN PF 26 -41.06 112.65 -1.36
C GLN PF 26 -42.22 113.47 -0.80
N THR PF 27 -43.18 113.79 -1.67
CA THR PF 27 -44.35 114.56 -1.24
C THR PF 27 -45.50 114.26 -2.21
N LEU PF 28 -46.42 113.41 -1.78
CA LEU PF 28 -47.59 113.11 -2.59
C LEU PF 28 -48.55 114.31 -2.58
N TYR PF 29 -49.35 114.41 -3.63
CA TYR PF 29 -50.41 115.39 -3.74
C TYR PF 29 -51.66 114.70 -4.26
N ARG PF 30 -52.81 115.35 -4.05
CA ARG PF 30 -54.06 114.85 -4.60
C ARG PF 30 -55.06 116.00 -4.64
N ALA PF 31 -55.86 116.04 -5.69
CA ALA PF 31 -56.86 117.09 -5.81
C ALA PF 31 -57.90 116.94 -4.70
N THR PF 32 -58.40 118.07 -4.22
CA THR PF 32 -59.30 118.06 -3.08
C THR PF 32 -60.51 117.18 -3.33
N ALA PF 33 -61.32 117.55 -4.31
CA ALA PF 33 -62.44 116.71 -4.75
C ALA PF 33 -62.91 117.20 -6.10
N GLU PF 34 -62.75 116.37 -7.13
CA GLU PF 34 -63.35 116.70 -8.42
C GLU PF 34 -64.81 116.27 -8.46
N ALA PF 35 -65.07 114.96 -8.47
CA ALA PF 35 -66.42 114.44 -8.30
C ALA PF 35 -66.51 113.19 -7.45
N LEU PF 36 -65.41 112.49 -7.22
CA LEU PF 36 -65.37 111.24 -6.46
C LEU PF 36 -63.90 110.89 -6.25
N SER PF 37 -63.64 109.75 -5.62
CA SER PF 37 -62.28 109.25 -5.53
C SER PF 37 -61.94 108.45 -6.78
N ALA PF 38 -60.64 108.26 -7.00
CA ALA PF 38 -60.04 107.64 -8.18
C ALA PF 38 -60.22 108.47 -9.44
N ALA PF 39 -60.94 109.59 -9.36
CA ALA PF 39 -61.08 110.53 -10.46
C ALA PF 39 -60.45 111.86 -10.10
N ASN PF 40 -59.36 111.80 -9.33
CA ASN PF 40 -58.68 112.98 -8.84
C ASN PF 40 -57.21 112.94 -9.23
N PRO PF 41 -56.68 113.99 -9.85
CA PRO PF 41 -55.26 113.98 -10.24
C PRO PF 41 -54.33 113.99 -9.03
N SER PF 42 -53.13 113.49 -9.24
CA SER PF 42 -52.10 113.43 -8.21
C SER PF 42 -50.78 113.91 -8.79
N LEU PF 43 -49.91 114.43 -7.93
CA LEU PF 43 -48.63 115.02 -8.34
C LEU PF 43 -47.49 114.54 -7.45
N SER PF 44 -47.34 113.22 -7.34
CA SER PF 44 -46.17 112.65 -6.66
C SER PF 44 -44.90 113.36 -7.06
N PHE PF 45 -44.07 113.70 -6.07
CA PHE PF 45 -42.89 114.54 -6.30
C PHE PF 45 -41.79 114.11 -5.34
N GLY PF 46 -40.74 113.48 -5.87
CA GLY PF 46 -39.59 113.09 -5.09
C GLY PF 46 -38.38 113.97 -5.36
N TYR PF 47 -37.33 113.73 -4.58
CA TYR PF 47 -36.08 114.47 -4.69
C TYR PF 47 -35.05 113.79 -3.79
N ARG PF 48 -33.81 113.72 -4.27
CA ARG PF 48 -32.76 113.07 -3.50
C ARG PF 48 -31.41 113.47 -4.05
N PHE PF 49 -30.38 113.28 -3.23
CA PHE PF 49 -29.00 113.57 -3.59
C PHE PF 49 -28.20 112.27 -3.54
N THR PF 50 -27.46 111.98 -4.60
CA THR PF 50 -26.57 110.83 -4.61
C THR PF 50 -25.23 111.18 -3.97
N ASP PF 51 -24.22 110.35 -4.22
CA ASP PF 51 -22.87 110.60 -3.72
C ASP PF 51 -22.45 112.06 -3.89
N GLY PF 52 -22.50 112.55 -5.12
CA GLY PF 52 -22.25 113.96 -5.39
C GLY PF 52 -23.51 114.78 -5.22
N GLY PF 53 -23.41 116.05 -5.59
CA GLY PF 53 -24.55 116.94 -5.47
C GLY PF 53 -25.52 116.81 -6.61
N THR PF 54 -25.65 115.61 -7.17
CA THR PF 54 -26.55 115.36 -8.29
C THR PF 54 -27.99 115.43 -7.79
N ASN PF 55 -28.61 116.59 -8.00
CA ASN PF 55 -29.95 116.85 -7.48
C ASN PF 55 -31.00 116.09 -8.29
N ARG PF 56 -31.06 114.77 -8.11
CA ARG PF 56 -31.95 113.93 -8.92
C ARG PF 56 -33.38 114.06 -8.41
N GLN PF 57 -34.05 115.13 -8.85
CA GLN PF 57 -35.46 115.30 -8.60
C GLN PF 57 -36.28 114.46 -9.58
N SER PF 58 -37.55 114.28 -9.26
CA SER PF 58 -38.45 113.49 -10.09
C SER PF 58 -39.86 113.99 -9.90
N LEU PF 59 -40.73 113.67 -10.86
CA LEU PF 59 -42.13 114.05 -10.78
C LEU PF 59 -42.97 112.98 -11.46
N SER PF 60 -44.27 113.02 -11.20
CA SER PF 60 -45.22 112.13 -11.86
C SER PF 60 -46.61 112.69 -11.65
N TYR PF 61 -47.26 113.09 -12.73
CA TYR PF 61 -48.61 113.62 -12.68
C TYR PF 61 -49.55 112.64 -13.36
N LYS PF 62 -50.54 112.15 -12.63
CA LYS PF 62 -51.46 111.14 -13.13
C LYS PF 62 -52.88 111.70 -13.10
N GLN PF 63 -53.43 111.96 -14.28
CA GLN PF 63 -54.81 112.43 -14.39
C GLN PF 63 -55.67 111.31 -14.93
N PRO PF 64 -56.63 110.80 -14.16
CA PRO PF 64 -57.39 109.63 -14.59
C PRO PF 64 -58.56 110.00 -15.50
N ILE PF 65 -58.84 109.09 -16.44
CA ILE PF 65 -59.83 109.30 -17.48
C ILE PF 65 -61.14 108.68 -17.01
N THR PF 66 -62.13 109.53 -16.76
CA THR PF 66 -63.41 109.08 -16.24
C THR PF 66 -64.49 109.22 -17.30
N ALA PF 67 -65.48 108.32 -17.24
CA ALA PF 67 -66.55 108.29 -18.22
C ALA PF 67 -67.78 107.68 -17.58
N VAL PF 68 -68.95 108.11 -18.05
CA VAL PF 68 -70.22 107.62 -17.50
C VAL PF 68 -70.47 106.19 -17.95
N ASP PF 69 -71.26 105.47 -17.14
CA ASP PF 69 -71.57 104.06 -17.37
C ASP PF 69 -73.09 103.87 -17.39
N SER PF 70 -73.75 104.64 -18.26
CA SER PF 70 -75.20 104.82 -18.30
C SER PF 70 -76.02 103.57 -18.03
N THR PF 71 -75.50 102.39 -18.43
CA THR PF 71 -76.15 101.15 -18.03
C THR PF 71 -76.31 101.04 -16.52
N THR PF 72 -75.38 101.64 -15.76
CA THR PF 72 -75.50 101.76 -14.32
C THR PF 72 -75.42 103.18 -13.82
N SER PF 73 -74.98 104.12 -14.66
CA SER PF 73 -74.89 105.55 -14.33
C SER PF 73 -73.87 105.84 -13.23
N GLU PF 74 -72.86 104.98 -13.10
CA GLU PF 74 -71.78 105.18 -12.13
C GLU PF 74 -70.52 105.61 -12.88
N THR PF 75 -69.90 106.70 -12.42
CA THR PF 75 -68.80 107.33 -13.15
C THR PF 75 -67.52 106.54 -12.96
N LEU PF 76 -67.47 105.38 -13.61
CA LEU PF 76 -66.28 104.54 -13.55
C LEU PF 76 -65.13 105.19 -14.30
N VAL PF 77 -63.91 104.89 -13.86
CA VAL PF 77 -62.69 105.44 -14.47
C VAL PF 77 -62.08 104.40 -15.40
N ARG PF 78 -61.77 104.83 -16.63
CA ARG PF 78 -61.21 103.95 -17.64
C ARG PF 78 -59.69 103.79 -17.46
N GLY PF 79 -58.95 104.89 -17.53
CA GLY PF 79 -57.51 104.86 -17.42
C GLY PF 79 -56.95 106.18 -16.94
N GLN PF 80 -55.62 106.35 -17.03
CA GLN PF 80 -54.97 107.56 -16.54
C GLN PF 80 -53.91 108.01 -17.53
N CYS PF 81 -53.64 109.31 -17.53
CA CYS PF 81 -52.57 109.90 -18.32
C CYS PF 81 -51.40 110.23 -17.41
N VAL PF 82 -50.23 109.73 -17.74
CA VAL PF 82 -49.05 109.80 -16.88
C VAL PF 82 -48.00 110.69 -17.53
N VAL PF 83 -47.52 111.68 -16.79
CA VAL PF 83 -46.44 112.55 -17.23
C VAL PF 83 -45.35 112.52 -16.18
N ASP PF 84 -44.15 112.11 -16.57
CA ASP PF 84 -43.01 112.02 -15.66
C ASP PF 84 -41.96 113.04 -16.10
N ILE PF 85 -41.63 113.97 -15.22
CA ILE PF 85 -40.60 114.96 -15.52
C ILE PF 85 -39.41 114.74 -14.60
N ASN PF 86 -38.45 113.93 -15.04
CA ASN PF 86 -37.24 113.72 -14.27
C ASN PF 86 -36.21 114.81 -14.54
N ILE PF 87 -35.54 115.24 -13.48
CA ILE PF 87 -34.52 116.28 -13.57
C ILE PF 87 -33.27 115.79 -12.87
N VAL PF 88 -32.12 115.93 -13.53
CA VAL PF 88 -30.84 115.57 -12.95
C VAL PF 88 -29.88 116.73 -13.20
N ILE PF 89 -29.38 117.32 -12.12
CA ILE PF 89 -28.42 118.43 -12.19
C ILE PF 89 -27.20 118.04 -11.38
N PRO PF 90 -26.01 117.99 -11.95
CA PRO PF 90 -24.83 117.54 -11.21
C PRO PF 90 -24.35 118.60 -10.24
N ARG PF 91 -23.38 118.21 -9.42
CA ARG PF 91 -22.81 119.13 -8.43
C ARG PF 91 -22.05 120.26 -9.10
N VAL PF 92 -21.45 120.00 -10.25
CA VAL PF 92 -20.58 120.96 -10.93
C VAL PF 92 -21.41 122.07 -11.57
N ALA PF 93 -22.73 121.99 -11.42
CA ALA PF 93 -23.62 122.94 -12.06
C ALA PF 93 -23.64 124.26 -11.29
N THR PF 94 -23.49 125.36 -12.02
CA THR PF 94 -23.67 126.67 -11.40
C THR PF 94 -25.16 126.94 -11.20
N ALA PF 95 -25.45 128.05 -10.53
CA ALA PF 95 -26.84 128.41 -10.27
C ALA PF 95 -27.57 128.90 -11.50
N THR PF 96 -26.86 129.20 -12.58
CA THR PF 96 -27.49 129.69 -13.80
C THR PF 96 -27.68 128.62 -14.85
N ASP PF 97 -26.81 127.61 -14.90
CA ASP PF 97 -27.03 126.49 -15.80
C ASP PF 97 -28.26 125.69 -15.38
N ARG PF 98 -28.49 125.53 -14.08
CA ARG PF 98 -29.66 124.82 -13.62
C ARG PF 98 -30.94 125.55 -13.98
N ALA PF 99 -30.96 126.87 -13.80
CA ALA PF 99 -32.13 127.65 -14.19
C ALA PF 99 -32.32 127.67 -15.69
N GLU PF 100 -31.21 127.69 -16.44
CA GLU PF 100 -31.30 127.67 -17.90
C GLU PF 100 -31.87 126.35 -18.40
N ALA PF 101 -31.40 125.23 -17.84
CA ALA PF 101 -31.83 123.93 -18.34
C ALA PF 101 -33.29 123.66 -18.02
N ILE PF 102 -33.72 123.96 -16.79
CA ILE PF 102 -35.07 123.61 -16.37
C ILE PF 102 -36.10 124.39 -17.17
N LYS PF 103 -35.88 125.69 -17.34
CA LYS PF 103 -36.86 126.51 -18.04
C LYS PF 103 -36.90 126.19 -19.53
N ARG PF 104 -35.75 125.82 -20.11
CA ARG PF 104 -35.72 125.50 -21.53
C ARG PF 104 -36.46 124.20 -21.82
N ALA PF 105 -36.17 123.15 -21.05
CA ALA PF 105 -36.82 121.87 -21.29
C ALA PF 105 -38.31 121.93 -21.03
N PHE PF 106 -38.77 122.81 -20.15
CA PHE PF 106 -40.20 123.01 -19.96
C PHE PF 106 -40.80 123.88 -21.04
N ASP PF 107 -39.98 124.48 -21.90
CA ASP PF 107 -40.47 125.25 -23.03
C ASP PF 107 -40.68 124.39 -24.27
N VAL PF 108 -40.53 123.08 -24.15
CA VAL PF 108 -40.73 122.19 -25.29
C VAL PF 108 -42.16 122.30 -25.80
N LEU PF 109 -43.13 122.26 -24.88
CA LEU PF 109 -44.53 122.26 -25.27
C LEU PF 109 -44.90 123.48 -26.10
N ASN PF 110 -44.25 124.61 -25.84
CA ASN PF 110 -44.48 125.79 -26.68
C ASN PF 110 -43.90 125.61 -28.07
N ALA PF 111 -42.76 124.92 -28.17
CA ALA PF 111 -42.08 124.76 -29.46
C ALA PF 111 -42.50 123.46 -30.15
N LEU PF 112 -42.29 122.32 -29.49
CA LEU PF 112 -42.64 121.02 -30.06
C LEU PF 112 -44.08 120.66 -29.67
N ASN PF 113 -45.00 121.53 -30.09
CA ASN PF 113 -46.35 121.51 -29.57
C ASN PF 113 -47.17 120.37 -30.18
N ALA PF 114 -47.36 120.39 -31.49
CA ALA PF 114 -48.36 119.54 -32.14
C ALA PF 114 -48.12 118.05 -31.92
N GLU PF 115 -46.88 117.63 -31.68
CA GLU PF 115 -46.61 116.21 -31.49
C GLU PF 115 -46.89 115.74 -30.07
N LEU PF 116 -47.05 116.67 -29.12
CA LEU PF 116 -47.37 116.32 -27.74
C LEU PF 116 -48.86 116.44 -27.45
N ILE PF 117 -49.45 117.59 -27.76
CA ILE PF 117 -50.87 117.82 -27.47
C ILE PF 117 -51.73 116.85 -28.27
N THR PF 118 -51.47 116.74 -29.57
CA THR PF 118 -52.34 115.98 -30.46
C THR PF 118 -51.96 114.51 -30.55
N GLY PF 119 -50.71 114.17 -30.30
CA GLY PF 119 -50.27 112.79 -30.32
C GLY PF 119 -49.82 112.28 -31.67
N GLU PF 120 -49.82 113.13 -32.71
CA GLU PF 120 -49.40 112.69 -34.03
C GLU PF 120 -47.91 112.37 -34.05
N GLY PF 121 -47.54 111.41 -34.89
CA GLY PF 121 -46.17 111.01 -35.05
C GLY PF 121 -45.54 111.72 -36.23
N GLN PF 122 -44.51 112.52 -35.95
CA GLN PF 122 -43.86 113.30 -36.99
C GLN PF 122 -43.16 112.40 -38.00
N TRP PF 123 -43.17 112.84 -39.26
CA TRP PF 123 -42.61 112.06 -40.35
C TRP PF 123 -41.33 112.68 -40.88
N ALA QF 1 -57.54 124.41 5.07
CA ALA QF 1 -57.19 123.17 5.73
C ALA QF 1 -55.76 123.19 6.24
N ALA QF 2 -55.29 124.38 6.62
CA ALA QF 2 -53.98 124.53 7.22
C ALA QF 2 -54.07 124.28 8.72
N ARG QF 3 -52.91 124.01 9.33
CA ARG QF 3 -52.87 123.68 10.74
C ARG QF 3 -53.01 124.94 11.59
N SER QF 4 -54.04 124.99 12.41
CA SER QF 4 -54.28 126.09 13.34
C SER QF 4 -55.00 125.54 14.56
N SER QF 5 -55.22 126.42 15.53
CA SER QF 5 -55.87 126.00 16.77
C SER QF 5 -57.33 125.65 16.51
N ILE QF 6 -57.80 124.59 17.15
CA ILE QF 6 -59.18 124.14 17.04
C ILE QF 6 -59.83 124.24 18.42
N VAL QF 7 -61.15 124.39 18.42
CA VAL QF 7 -61.89 124.83 19.60
C VAL QF 7 -62.92 123.79 20.02
N LEU QF 8 -62.54 122.51 19.95
CA LEU QF 8 -63.38 121.41 20.43
C LEU QF 8 -64.15 121.80 21.69
N THR QF 9 -65.46 121.58 21.66
CA THR QF 9 -66.31 121.98 22.77
C THR QF 9 -67.49 121.02 22.88
N ASP QF 10 -68.03 120.93 24.09
CA ASP QF 10 -69.21 120.12 24.35
C ASP QF 10 -70.46 120.95 24.54
N GLY QF 11 -70.34 122.28 24.55
CA GLY QF 11 -71.47 123.15 24.78
C GLY QF 11 -71.30 123.98 26.03
N THR QF 12 -70.68 123.38 27.06
CA THR QF 12 -70.50 124.08 28.33
C THR QF 12 -69.12 124.73 28.42
N THR QF 13 -68.06 123.93 28.31
CA THR QF 13 -66.70 124.42 28.46
C THR QF 13 -65.90 124.12 27.19
N PRO QF 14 -65.55 125.12 26.39
CA PRO QF 14 -64.70 124.86 25.23
C PRO QF 14 -63.24 124.68 25.63
N VAL QF 15 -62.56 123.81 24.90
CA VAL QF 15 -61.12 123.59 25.08
C VAL QF 15 -60.45 123.87 23.74
N THR QF 16 -59.39 124.66 23.77
CA THR QF 16 -58.68 125.08 22.57
C THR QF 16 -57.40 124.25 22.43
N LEU QF 17 -57.32 123.46 21.37
CA LEU QF 17 -56.15 122.65 21.10
C LEU QF 17 -55.30 123.33 20.03
N THR QF 18 -54.00 123.45 20.29
CA THR QF 18 -53.07 124.02 19.34
C THR QF 18 -52.10 122.94 18.84
N PRO QF 19 -51.67 123.00 17.58
CA PRO QF 19 -50.80 121.95 17.05
C PRO QF 19 -49.49 121.88 17.83
N VAL QF 20 -48.99 120.66 18.02
CA VAL QF 20 -47.71 120.46 18.67
C VAL QF 20 -46.85 119.53 17.84
N GLY QF 21 -47.13 119.44 16.55
CA GLY QF 21 -46.24 118.69 15.68
C GLY QF 21 -46.91 117.76 14.70
N GLY QF 22 -46.21 116.68 14.34
CA GLY QF 22 -46.76 115.64 13.50
C GLY QF 22 -46.08 115.45 12.16
N GLY QF 23 -45.78 116.54 11.46
CA GLY QF 23 -45.22 116.40 10.13
C GLY QF 23 -46.26 116.07 9.08
N VAL QF 24 -45.87 115.33 8.05
CA VAL QF 24 -46.76 115.01 6.94
C VAL QF 24 -47.47 113.71 7.25
N GLY QF 25 -48.74 113.64 6.91
CA GLY QF 25 -49.54 112.46 7.17
C GLY QF 25 -50.15 112.39 8.56
N GLN QF 26 -49.94 113.39 9.41
CA GLN QF 26 -50.55 113.41 10.73
C GLN QF 26 -50.42 114.81 11.31
N THR QF 27 -51.09 115.01 12.43
CA THR QF 27 -51.05 116.30 13.13
C THR QF 27 -51.41 116.06 14.58
N LEU QF 28 -50.53 116.45 15.49
CA LEU QF 28 -50.80 116.35 16.91
C LEU QF 28 -51.35 117.66 17.43
N TYR QF 29 -52.27 117.56 18.39
CA TYR QF 29 -52.83 118.72 19.05
C TYR QF 29 -52.70 118.54 20.55
N ARG QF 30 -52.76 119.66 21.28
CA ARG QF 30 -52.75 119.60 22.73
C ARG QF 30 -53.14 120.95 23.33
N ALA QF 31 -54.06 120.97 24.28
CA ALA QF 31 -54.46 122.20 24.92
C ALA QF 31 -53.35 122.68 25.85
N THR QF 32 -53.54 123.86 26.45
CA THR QF 32 -52.52 124.37 27.37
C THR QF 32 -52.68 123.75 28.76
N ALA QF 33 -53.77 124.10 29.45
CA ALA QF 33 -54.03 123.64 30.83
C ALA QF 33 -52.75 123.55 31.63
N GLU QF 34 -51.95 124.62 31.56
CA GLU QF 34 -50.57 124.60 32.01
C GLU QF 34 -50.49 124.28 33.50
N ALA QF 35 -49.39 123.66 33.90
CA ALA QF 35 -49.14 123.32 35.30
C ALA QF 35 -50.26 122.42 35.84
N LEU QF 36 -50.28 121.18 35.35
CA LEU QF 36 -49.20 120.47 34.68
C LEU QF 36 -49.38 120.44 33.16
N SER QF 37 -48.28 120.23 32.43
CA SER QF 37 -48.30 120.22 30.98
C SER QF 37 -48.79 118.91 30.38
N ALA QF 38 -48.74 117.82 31.14
CA ALA QF 38 -49.21 116.52 30.67
C ALA QF 38 -50.66 116.25 31.04
N ALA QF 39 -51.30 117.15 31.77
CA ALA QF 39 -52.69 117.00 32.16
C ALA QF 39 -53.61 117.88 31.32
N ASN QF 40 -53.66 117.59 30.01
CA ASN QF 40 -54.54 118.32 29.12
C ASN QF 40 -54.84 117.45 27.90
N PRO QF 41 -55.99 117.64 27.26
CA PRO QF 41 -56.40 116.76 26.18
C PRO QF 41 -55.52 116.88 24.94
N SER QF 42 -55.61 115.87 24.09
CA SER QF 42 -54.82 115.80 22.86
C SER QF 42 -55.67 115.19 21.76
N LEU QF 43 -55.32 115.50 20.51
CA LEU QF 43 -56.11 115.08 19.35
C LEU QF 43 -55.22 114.56 18.22
N SER QF 44 -54.39 113.57 18.50
CA SER QF 44 -53.62 112.93 17.45
C SER QF 44 -54.50 112.55 16.27
N PHE QF 45 -54.25 113.17 15.12
CA PHE QF 45 -55.08 113.01 13.93
C PHE QF 45 -54.20 112.64 12.75
N GLY QF 46 -54.42 111.45 12.20
CA GLY QF 46 -53.67 110.98 11.05
C GLY QF 46 -54.54 110.84 9.81
N TYR QF 47 -53.87 110.57 8.69
CA TYR QF 47 -54.53 110.39 7.40
C TYR QF 47 -53.50 109.92 6.40
N ARG QF 48 -53.94 109.09 5.45
CA ARG QF 48 -53.06 108.55 4.42
C ARG QF 48 -53.91 107.99 3.31
N PHE QF 49 -53.27 107.70 2.17
CA PHE QF 49 -53.90 107.06 1.04
C PHE QF 49 -53.12 105.80 0.69
N THR QF 50 -53.82 104.68 0.59
CA THR QF 50 -53.19 103.40 0.30
C THR QF 50 -52.94 103.27 -1.19
N ASP QF 51 -52.66 102.04 -1.63
CA ASP QF 51 -52.42 101.78 -3.06
C ASP QF 51 -53.54 102.33 -3.92
N GLY QF 52 -54.78 102.15 -3.49
CA GLY QF 52 -55.90 102.74 -4.20
C GLY QF 52 -56.17 104.16 -3.75
N GLY QF 53 -57.43 104.55 -3.71
CA GLY QF 53 -57.81 105.85 -3.20
C GLY QF 53 -58.38 105.74 -1.80
N THR QF 54 -58.08 104.63 -1.14
CA THR QF 54 -58.66 104.33 0.18
C THR QF 54 -58.09 105.31 1.19
N ASN QF 55 -58.88 106.32 1.52
CA ASN QF 55 -58.48 107.37 2.44
C ASN QF 55 -58.70 106.88 3.87
N ARG QF 56 -57.62 106.45 4.53
CA ARG QF 56 -57.69 105.89 5.88
C ARG QF 56 -57.38 106.98 6.90
N GLN QF 57 -58.36 107.83 7.16
CA GLN QF 57 -58.20 108.81 8.22
C GLN QF 57 -58.29 108.12 9.58
N SER QF 58 -57.81 108.82 10.60
CA SER QF 58 -57.74 108.24 11.94
C SER QF 58 -57.56 109.32 13.00
N LEU QF 59 -58.41 109.33 14.02
CA LEU QF 59 -58.33 110.29 15.10
C LEU QF 59 -58.20 109.57 16.42
N SER QF 60 -57.76 110.30 17.44
CA SER QF 60 -57.63 109.73 18.77
C SER QF 60 -57.61 110.89 19.76
N TYR QF 61 -58.66 111.02 20.55
CA TYR QF 61 -58.81 112.12 21.50
C TYR QF 61 -58.70 111.55 22.91
N LYS QF 62 -57.62 111.91 23.60
CA LYS QF 62 -57.39 111.47 24.97
C LYS QF 62 -57.54 112.66 25.90
N GLN QF 63 -58.37 112.52 26.92
CA GLN QF 63 -58.56 113.56 27.92
C GLN QF 63 -58.17 113.00 29.28
N PRO QF 64 -57.10 113.49 29.91
CA PRO QF 64 -56.69 112.94 31.19
C PRO QF 64 -57.55 113.45 32.33
N ILE QF 65 -57.68 112.61 33.36
CA ILE QF 65 -58.50 112.90 34.52
C ILE QF 65 -57.59 113.46 35.60
N THR QF 66 -57.79 114.72 35.96
CA THR QF 66 -56.92 115.43 36.89
C THR QF 66 -57.54 115.43 38.28
N ALA QF 67 -56.69 115.75 39.27
CA ALA QF 67 -57.13 115.84 40.65
C ALA QF 67 -56.14 116.71 41.40
N VAL QF 68 -56.56 117.92 41.75
CA VAL QF 68 -55.66 118.88 42.40
C VAL QF 68 -55.48 118.44 43.86
N ASP QF 69 -54.27 118.01 44.21
CA ASP QF 69 -53.96 117.51 45.54
C ASP QF 69 -53.73 118.72 46.45
N SER QF 70 -54.74 119.10 47.22
CA SER QF 70 -54.68 120.31 48.02
C SER QF 70 -53.59 120.25 49.09
N THR QF 71 -53.22 119.06 49.55
CA THR QF 71 -52.16 118.95 50.55
C THR QF 71 -50.84 119.47 50.01
N THR QF 72 -50.44 119.00 48.82
CA THR QF 72 -49.18 119.38 48.22
C THR QF 72 -49.34 120.49 47.18
N SER QF 73 -50.55 120.71 46.68
CA SER QF 73 -50.86 121.71 45.64
C SER QF 73 -50.14 121.37 44.33
N GLU QF 74 -50.36 120.15 43.88
CA GLU QF 74 -49.88 119.69 42.58
C GLU QF 74 -50.98 118.90 41.90
N THR QF 75 -51.00 118.95 40.57
CA THR QF 75 -52.01 118.26 39.80
C THR QF 75 -51.58 116.83 39.54
N LEU QF 76 -52.44 115.87 39.89
CA LEU QF 76 -52.17 114.46 39.71
C LEU QF 76 -53.05 113.91 38.59
N VAL QF 77 -52.48 113.04 37.78
CA VAL QF 77 -53.18 112.45 36.64
C VAL QF 77 -53.56 111.02 37.01
N ARG QF 78 -54.86 110.76 37.05
CA ARG QF 78 -55.37 109.46 37.48
C ARG QF 78 -55.62 108.51 36.32
N GLY QF 79 -55.98 109.04 35.15
CA GLY QF 79 -56.25 108.21 34.00
C GLY QF 79 -56.74 109.08 32.87
N GLN QF 80 -57.01 108.46 31.73
CA GLN QF 80 -57.44 109.21 30.56
C GLN QF 80 -58.58 108.49 29.84
N CYS QF 81 -59.54 109.28 29.37
CA CYS QF 81 -60.61 108.77 28.52
C CYS QF 81 -60.17 108.86 27.07
N VAL QF 82 -60.20 107.73 26.37
CA VAL QF 82 -59.69 107.63 25.00
C VAL QF 82 -60.86 107.40 24.06
N VAL QF 83 -60.92 108.16 22.98
CA VAL QF 83 -61.95 108.02 21.97
C VAL QF 83 -61.27 107.95 20.60
N ASP QF 84 -61.22 106.76 20.02
CA ASP QF 84 -60.66 106.57 18.68
C ASP QF 84 -61.76 106.59 17.65
N ILE QF 85 -61.50 107.24 16.53
CA ILE QF 85 -62.47 107.36 15.43
C ILE QF 85 -61.71 107.04 14.14
N ASN QF 86 -61.75 105.79 13.72
CA ASN QF 86 -61.13 105.43 12.45
C ASN QF 86 -62.15 105.57 11.33
N ILE QF 87 -61.70 106.13 10.22
CA ILE QF 87 -62.53 106.36 9.05
C ILE QF 87 -61.86 105.74 7.85
N VAL QF 88 -62.57 104.86 7.14
CA VAL QF 88 -62.08 104.26 5.91
C VAL QF 88 -63.06 104.61 4.81
N ILE QF 89 -62.54 105.14 3.71
CA ILE QF 89 -63.37 105.53 2.57
C ILE QF 89 -62.80 104.87 1.33
N PRO QF 90 -63.54 103.98 0.67
CA PRO QF 90 -62.95 103.22 -0.43
C PRO QF 90 -62.65 104.05 -1.65
N ARG QF 91 -61.99 103.43 -2.63
CA ARG QF 91 -61.61 104.12 -3.86
C ARG QF 91 -62.82 104.54 -4.69
N VAL QF 92 -63.95 103.88 -4.52
CA VAL QF 92 -65.10 104.06 -5.40
C VAL QF 92 -66.15 104.97 -4.79
N ALA QF 93 -65.82 105.70 -3.73
CA ALA QF 93 -66.81 106.45 -2.97
C ALA QF 93 -67.00 107.84 -3.59
N THR QF 94 -68.25 108.17 -3.88
CA THR QF 94 -68.58 109.50 -4.38
C THR QF 94 -68.34 110.54 -3.29
N ALA QF 95 -68.14 111.79 -3.72
CA ALA QF 95 -67.86 112.88 -2.80
C ALA QF 95 -69.06 113.22 -1.91
N THR QF 96 -70.27 112.82 -2.29
CA THR QF 96 -71.45 113.04 -1.45
C THR QF 96 -71.78 111.86 -0.57
N ASP QF 97 -71.26 110.67 -0.87
CA ASP QF 97 -71.41 109.54 0.04
C ASP QF 97 -70.47 109.68 1.23
N ARG QF 98 -69.33 110.35 1.06
CA ARG QF 98 -68.45 110.62 2.18
C ARG QF 98 -69.16 111.47 3.23
N ALA QF 99 -69.82 112.54 2.79
CA ALA QF 99 -70.56 113.37 3.74
C ALA QF 99 -71.71 112.60 4.37
N GLU QF 100 -72.41 111.79 3.59
CA GLU QF 100 -73.51 111.00 4.16
C GLU QF 100 -73.00 110.02 5.21
N ALA QF 101 -71.89 109.33 4.92
CA ALA QF 101 -71.39 108.34 5.84
C ALA QF 101 -70.83 108.99 7.10
N ILE QF 102 -70.00 110.02 6.95
CA ILE QF 102 -69.32 110.60 8.10
C ILE QF 102 -70.31 111.28 9.03
N LYS QF 103 -71.18 112.13 8.49
CA LYS QF 103 -72.11 112.85 9.36
C LYS QF 103 -73.14 111.93 9.99
N ARG QF 104 -73.44 110.79 9.36
CA ARG QF 104 -74.35 109.83 9.99
C ARG QF 104 -73.66 109.10 11.13
N ALA QF 105 -72.40 108.70 10.94
CA ALA QF 105 -71.68 108.01 12.00
C ALA QF 105 -71.50 108.91 13.21
N PHE QF 106 -71.17 110.18 12.99
CA PHE QF 106 -71.04 111.13 14.08
C PHE QF 106 -72.37 111.55 14.65
N ASP QF 107 -73.48 111.16 14.03
CA ASP QF 107 -74.80 111.43 14.58
C ASP QF 107 -75.27 110.32 15.53
N VAL QF 108 -74.42 109.34 15.81
CA VAL QF 108 -74.77 108.29 16.76
C VAL QF 108 -75.02 108.90 18.14
N LEU QF 109 -74.16 109.84 18.53
CA LEU QF 109 -74.28 110.46 19.85
C LEU QF 109 -75.66 111.07 20.06
N ASN QF 110 -76.31 111.52 19.00
CA ASN QF 110 -77.68 112.00 19.13
C ASN QF 110 -78.71 110.88 19.07
N ALA QF 111 -78.34 109.73 18.51
CA ALA QF 111 -79.27 108.59 18.46
C ALA QF 111 -79.03 107.66 19.65
N LEU QF 112 -77.81 107.15 19.79
CA LEU QF 112 -77.45 106.25 20.87
C LEU QF 112 -76.87 107.04 22.05
N ASN QF 113 -77.67 108.00 22.52
CA ASN QF 113 -77.17 109.00 23.44
C ASN QF 113 -76.96 108.43 24.84
N ALA QF 114 -78.01 107.87 25.43
CA ALA QF 114 -77.94 107.43 26.82
C ALA QF 114 -76.94 106.29 27.00
N GLU QF 115 -76.67 105.52 25.96
CA GLU QF 115 -75.70 104.44 26.06
C GLU QF 115 -74.27 104.93 26.03
N LEU QF 116 -74.04 106.22 25.75
CA LEU QF 116 -72.69 106.77 25.67
C LEU QF 116 -72.44 107.85 26.70
N ILE QF 117 -73.36 108.81 26.85
CA ILE QF 117 -73.14 109.90 27.78
C ILE QF 117 -73.13 109.41 29.22
N THR QF 118 -74.07 108.55 29.58
CA THR QF 118 -74.17 108.04 30.95
C THR QF 118 -73.50 106.71 31.16
N GLY QF 119 -73.33 105.91 30.10
CA GLY QF 119 -72.65 104.63 30.22
C GLY QF 119 -73.55 103.44 30.40
N GLU QF 120 -74.86 103.59 30.24
CA GLU QF 120 -75.79 102.48 30.41
C GLU QF 120 -75.54 101.41 29.34
N GLY QF 121 -76.29 100.34 29.46
CA GLY QF 121 -76.39 99.36 28.39
C GLY QF 121 -77.86 99.15 28.10
N GLN QF 122 -78.17 98.94 26.83
CA GLN QF 122 -79.56 98.77 26.44
C GLN QF 122 -80.06 97.38 26.80
N TRP QF 123 -81.26 97.33 27.38
CA TRP QF 123 -81.81 96.09 27.89
C TRP QF 123 -82.89 95.50 26.98
N ALA RF 1 -81.92 103.17 27.11
CA ALA RF 1 -83.23 102.54 27.03
C ALA RF 1 -83.14 101.22 26.29
N ALA RF 2 -84.29 100.59 26.06
CA ALA RF 2 -84.32 99.29 25.41
C ALA RF 2 -83.95 99.42 23.94
N ARG RF 3 -83.57 98.29 23.35
CA ARG RF 3 -83.24 98.25 21.92
C ARG RF 3 -84.44 98.74 21.11
N SER RF 4 -84.29 99.87 20.42
CA SER RF 4 -85.37 100.40 19.62
C SER RF 4 -84.87 100.81 18.24
N SER RF 5 -85.68 101.55 17.49
CA SER RF 5 -85.28 102.02 16.17
C SER RF 5 -84.62 103.37 16.28
N ILE RF 6 -83.40 103.48 15.74
CA ILE RF 6 -82.65 104.72 15.75
C ILE RF 6 -82.78 105.39 14.40
N VAL RF 7 -82.58 106.71 14.39
CA VAL RF 7 -82.95 107.55 13.26
C VAL RF 7 -81.67 108.25 12.77
N LEU RF 8 -80.57 107.51 12.76
CA LEU RF 8 -79.29 108.01 12.24
C LEU RF 8 -79.49 108.84 10.98
N THR RF 9 -79.08 110.11 11.04
CA THR RF 9 -79.33 111.06 9.97
C THR RF 9 -78.07 111.90 9.74
N ASP RF 10 -78.18 112.86 8.81
CA ASP RF 10 -77.10 113.80 8.57
C ASP RF 10 -77.60 115.22 8.36
N GLY RF 11 -78.87 115.50 8.61
CA GLY RF 11 -79.46 116.80 8.38
C GLY RF 11 -80.35 116.87 7.16
N THR RF 12 -80.11 116.01 6.17
CA THR RF 12 -80.91 115.97 4.95
C THR RF 12 -81.61 114.64 4.74
N THR RF 13 -80.88 113.53 4.80
CA THR RF 13 -81.42 112.22 4.44
C THR RF 13 -81.34 111.27 5.64
N PRO RF 14 -82.40 111.16 6.44
CA PRO RF 14 -82.38 110.24 7.57
C PRO RF 14 -82.47 108.78 7.13
N VAL RF 15 -81.99 107.91 8.00
CA VAL RF 15 -82.07 106.47 7.81
C VAL RF 15 -82.48 105.85 9.14
N THR RF 16 -83.51 105.01 9.12
CA THR RF 16 -84.02 104.35 10.31
C THR RF 16 -83.48 102.93 10.38
N LEU RF 17 -82.90 102.57 11.52
CA LEU RF 17 -82.27 101.26 11.72
C LEU RF 17 -82.95 100.55 12.88
N THR RF 18 -83.30 99.28 12.67
CA THR RF 18 -83.91 98.46 13.70
C THR RF 18 -83.01 97.28 14.04
N PRO RF 19 -82.95 96.87 15.30
CA PRO RF 19 -82.00 95.83 15.69
C PRO RF 19 -82.26 94.51 14.97
N VAL RF 20 -81.17 93.85 14.55
CA VAL RF 20 -81.27 92.63 13.78
C VAL RF 20 -80.42 91.53 14.38
N GLY RF 21 -80.18 91.60 15.68
CA GLY RF 21 -79.48 90.51 16.33
C GLY RF 21 -78.63 91.04 17.47
N GLY RF 22 -77.52 90.32 17.71
CA GLY RF 22 -76.61 90.71 18.77
C GLY RF 22 -76.58 89.73 19.92
N GLY RF 23 -76.73 90.26 21.14
CA GLY RF 23 -76.67 89.43 22.34
C GLY RF 23 -76.59 90.29 23.59
N VAL RF 24 -75.70 89.94 24.50
CA VAL RF 24 -75.43 90.74 25.69
C VAL RF 24 -74.17 91.55 25.44
N GLY RF 25 -74.24 92.85 25.65
CA GLY RF 25 -73.13 93.72 25.30
C GLY RF 25 -72.84 93.67 23.81
N GLN RF 26 -73.90 93.67 23.00
CA GLN RF 26 -73.79 93.63 21.54
C GLN RF 26 -75.15 93.93 20.96
N THR RF 27 -75.18 94.72 19.88
CA THR RF 27 -76.45 95.12 19.28
C THR RF 27 -76.19 95.47 17.82
N LEU RF 28 -76.70 94.64 16.91
CA LEU RF 28 -76.61 94.95 15.49
C LEU RF 28 -77.72 95.93 15.11
N TYR RF 29 -77.62 96.45 13.90
CA TYR RF 29 -78.64 97.33 13.35
C TYR RF 29 -78.63 97.18 11.83
N ARG RF 30 -79.71 97.62 11.20
CA ARG RF 30 -79.81 97.66 9.75
C ARG RF 30 -81.09 98.40 9.39
N ALA RF 31 -81.16 98.87 8.15
CA ALA RF 31 -82.29 99.65 7.66
C ALA RF 31 -83.26 98.75 6.89
N THR RF 32 -84.24 99.36 6.22
CA THR RF 32 -85.36 98.63 5.64
C THR RF 32 -85.10 98.13 4.22
N ALA RF 33 -84.31 98.85 3.43
CA ALA RF 33 -84.11 98.48 2.03
C ALA RF 33 -83.41 97.13 1.91
N GLU RF 34 -83.60 96.45 0.78
CA GLU RF 34 -83.17 95.07 0.63
C GLU RF 34 -82.26 94.95 -0.58
N ALA RF 35 -81.15 94.23 -0.39
CA ALA RF 35 -80.19 94.00 -1.47
C ALA RF 35 -79.54 92.63 -1.25
N LEU RF 36 -78.62 92.26 -2.15
CA LEU RF 36 -78.08 90.91 -2.19
C LEU RF 36 -76.78 90.77 -1.41
N SER RF 37 -75.76 91.57 -1.74
CA SER RF 37 -74.46 91.45 -1.09
C SER RF 37 -74.37 92.34 0.16
N ALA RF 38 -74.54 93.64 -0.01
CA ALA RF 38 -74.53 94.58 1.09
C ALA RF 38 -75.88 95.30 1.11
N ALA RF 39 -76.65 95.08 2.16
CA ALA RF 39 -78.01 95.58 2.17
C ALA RF 39 -78.07 97.06 2.51
N ASN RF 40 -77.65 97.42 3.72
CA ASN RF 40 -77.93 98.75 4.25
C ASN RF 40 -76.84 99.19 5.23
N PRO RF 41 -76.91 100.40 5.76
CA PRO RF 41 -76.06 100.74 6.91
C PRO RF 41 -76.28 99.80 8.07
N SER RF 42 -75.19 99.40 8.72
CA SER RF 42 -75.23 98.40 9.79
C SER RF 42 -74.34 98.87 10.93
N LEU RF 43 -74.97 99.42 11.97
CA LEU RF 43 -74.27 100.01 13.11
C LEU RF 43 -74.19 99.01 14.25
N SER RF 44 -73.03 98.38 14.41
CA SER RF 44 -72.83 97.46 15.52
C SER RF 44 -72.38 98.23 16.76
N PHE RF 45 -72.80 97.75 17.93
CA PHE RF 45 -72.55 98.41 19.21
C PHE RF 45 -72.08 97.37 20.20
N GLY RF 46 -70.82 97.45 20.62
CA GLY RF 46 -70.21 96.35 21.36
C GLY RF 46 -69.73 96.65 22.76
N TYR RF 47 -70.54 97.36 23.55
CA TYR RF 47 -70.13 97.76 24.89
C TYR RF 47 -69.86 96.55 25.78
N ARG RF 48 -68.99 96.76 26.76
CA ARG RF 48 -68.62 95.74 27.74
C ARG RF 48 -67.91 96.42 28.89
N PHE RF 49 -67.48 95.62 29.87
CA PHE RF 49 -66.69 96.09 31.01
C PHE RF 49 -65.43 95.25 31.11
N THR RF 50 -64.61 95.55 32.10
CA THR RF 50 -63.29 94.94 32.20
C THR RF 50 -62.97 94.76 33.70
N ASP RF 51 -61.70 94.57 34.02
CA ASP RF 51 -61.28 94.34 35.39
C ASP RF 51 -61.75 95.46 36.32
N GLY RF 52 -61.53 96.70 35.91
CA GLY RF 52 -62.06 97.85 36.60
C GLY RF 52 -63.40 98.27 36.04
N GLY RF 53 -63.72 99.54 36.24
CA GLY RF 53 -64.91 100.10 35.63
C GLY RF 53 -64.62 100.56 34.22
N THR RF 54 -63.68 99.88 33.56
CA THR RF 54 -63.20 100.31 32.25
C THR RF 54 -64.26 100.04 31.21
N ASN RF 55 -65.18 100.98 31.04
CA ASN RF 55 -66.29 100.83 30.11
C ASN RF 55 -65.74 100.89 28.69
N ARG RF 56 -65.52 99.72 28.11
CA ARG RF 56 -64.82 99.62 26.81
C ARG RF 56 -65.85 99.49 25.69
N GLN RF 57 -66.57 100.58 25.45
CA GLN RF 57 -67.56 100.61 24.38
C GLN RF 57 -66.86 100.57 23.03
N SER RF 58 -67.63 100.25 21.99
CA SER RF 58 -67.10 100.09 20.65
C SER RF 58 -68.22 100.17 19.65
N LEU RF 59 -67.97 100.80 18.51
CA LEU RF 59 -68.97 100.99 17.48
C LEU RF 59 -68.37 100.72 16.11
N SER RF 60 -69.24 100.57 15.13
CA SER RF 60 -68.82 100.44 13.73
C SER RF 60 -70.01 100.68 12.82
N TYR RF 61 -69.94 101.73 12.00
CA TYR RF 61 -71.04 102.12 11.11
C TYR RF 61 -70.57 101.96 9.68
N LYS RF 62 -71.02 100.91 9.01
CA LYS RF 62 -70.68 100.65 7.62
C LYS RF 62 -71.85 101.09 6.74
N GLN RF 63 -71.55 101.90 5.74
CA GLN RF 63 -72.56 102.31 4.75
C GLN RF 63 -72.13 101.85 3.38
N PRO RF 64 -72.82 100.91 2.75
CA PRO RF 64 -72.38 100.39 1.46
C PRO RF 64 -72.52 101.42 0.35
N ILE RF 65 -71.58 101.38 -0.59
CA ILE RF 65 -71.58 102.27 -1.74
C ILE RF 65 -72.34 101.55 -2.84
N THR RF 66 -73.54 102.02 -3.16
CA THR RF 66 -74.43 101.30 -4.06
C THR RF 66 -74.92 102.22 -5.17
N ALA RF 67 -75.07 101.63 -6.36
CA ALA RF 67 -75.69 102.29 -7.50
C ALA RF 67 -76.66 101.31 -8.13
N VAL RF 68 -77.86 101.80 -8.46
CA VAL RF 68 -78.94 100.92 -8.92
C VAL RF 68 -78.70 100.57 -10.38
N ASP RF 69 -78.64 99.27 -10.66
CA ASP RF 69 -78.50 98.80 -12.04
C ASP RF 69 -79.81 99.02 -12.80
N SER RF 70 -79.70 99.02 -14.12
CA SER RF 70 -80.86 99.14 -14.98
C SER RF 70 -81.41 97.76 -15.32
N THR RF 71 -82.73 97.66 -15.36
CA THR RF 71 -83.50 96.47 -15.71
C THR RF 71 -83.39 95.36 -14.67
N THR RF 72 -82.59 95.53 -13.62
CA THR RF 72 -82.45 94.53 -12.57
C THR RF 72 -82.64 95.18 -11.21
N SER RF 73 -83.37 94.49 -10.34
CA SER RF 73 -83.67 95.00 -9.00
C SER RF 73 -82.68 94.48 -7.96
N GLU RF 74 -81.39 94.72 -8.19
CA GLU RF 74 -80.36 94.23 -7.28
C GLU RF 74 -79.44 95.34 -6.76
N THR RF 75 -79.59 96.57 -7.25
CA THR RF 75 -78.91 97.77 -6.74
C THR RF 75 -77.46 97.49 -6.37
N LEU RF 76 -76.66 97.13 -7.37
CA LEU RF 76 -75.26 96.74 -7.21
C LEU RF 76 -74.52 97.64 -6.22
N VAL RF 77 -73.84 97.02 -5.27
CA VAL RF 77 -73.05 97.72 -4.26
C VAL RF 77 -71.57 97.64 -4.64
N ARG RF 78 -70.83 98.71 -4.37
CA ARG RF 78 -69.45 98.82 -4.81
C ARG RF 78 -68.43 98.81 -3.68
N GLY RF 79 -68.80 99.27 -2.49
CA GLY RF 79 -67.88 99.28 -1.38
C GLY RF 79 -68.62 99.53 -0.08
N GLN RF 80 -67.90 100.10 0.90
CA GLN RF 80 -68.49 100.44 2.19
C GLN RF 80 -67.61 101.45 2.94
N CYS RF 81 -68.23 102.48 3.49
CA CYS RF 81 -67.52 103.53 4.22
C CYS RF 81 -67.52 103.16 5.70
N VAL RF 82 -66.53 102.37 6.11
CA VAL RF 82 -66.42 101.95 7.51
C VAL RF 82 -66.04 103.13 8.39
N VAL RF 83 -66.73 103.28 9.51
CA VAL RF 83 -66.38 104.30 10.50
C VAL RF 83 -66.41 103.70 11.90
N ASP RF 84 -65.25 103.35 12.44
CA ASP RF 84 -65.16 102.75 13.76
C ASP RF 84 -65.01 103.83 14.83
N ILE RF 85 -65.70 103.65 15.95
CA ILE RF 85 -65.59 104.58 17.07
C ILE RF 85 -65.44 103.79 18.37
N ASN RF 86 -64.21 103.64 18.84
CA ASN RF 86 -63.94 102.92 20.07
C ASN RF 86 -63.75 103.89 21.23
N ILE RF 87 -64.31 103.53 22.37
CA ILE RF 87 -64.29 104.39 23.56
C ILE RF 87 -63.76 103.57 24.73
N VAL RF 88 -62.85 104.16 25.49
CA VAL RF 88 -62.28 103.53 26.68
C VAL RF 88 -62.33 104.56 27.80
N ILE RF 89 -63.18 104.33 28.79
CA ILE RF 89 -63.39 105.25 29.90
C ILE RF 89 -62.95 104.56 31.18
N PRO RF 90 -62.07 105.16 31.97
CA PRO RF 90 -61.50 104.44 33.11
C PRO RF 90 -62.48 104.33 34.27
N ARG RF 91 -62.06 103.63 35.34
CA ARG RF 91 -62.90 103.50 36.52
C ARG RF 91 -63.08 104.81 37.27
N VAL RF 92 -62.07 105.69 37.24
CA VAL RF 92 -62.07 106.88 38.09
C VAL RF 92 -62.76 108.04 37.40
N ALA RF 93 -63.40 107.78 36.27
CA ALA RF 93 -63.97 108.84 35.44
C ALA RF 93 -65.34 109.24 35.98
N THR RF 94 -65.41 110.40 36.62
CA THR RF 94 -66.68 110.97 37.03
C THR RF 94 -67.58 111.16 35.83
N ALA RF 95 -68.88 110.90 36.02
CA ALA RF 95 -69.81 110.95 34.90
C ALA RF 95 -69.88 112.32 34.24
N THR RF 96 -69.50 113.38 34.96
CA THR RF 96 -69.33 114.68 34.30
C THR RF 96 -68.13 114.67 33.37
N ASP RF 97 -67.03 114.05 33.78
CA ASP RF 97 -65.86 113.97 32.92
C ASP RF 97 -66.13 113.12 31.68
N ARG RF 98 -66.86 112.02 31.84
CA ARG RF 98 -67.17 111.18 30.69
C ARG RF 98 -68.05 111.91 29.69
N ALA RF 99 -69.01 112.70 30.18
CA ALA RF 99 -69.86 113.47 29.26
C ALA RF 99 -69.03 114.44 28.45
N GLU RF 100 -68.07 115.11 29.08
CA GLU RF 100 -67.19 116.01 28.36
C GLU RF 100 -66.35 115.28 27.32
N ALA RF 101 -65.78 114.13 27.71
CA ALA RF 101 -64.87 113.42 26.81
C ALA RF 101 -65.60 112.92 25.57
N ILE RF 102 -66.80 112.41 25.74
CA ILE RF 102 -67.54 111.87 24.59
C ILE RF 102 -68.02 113.01 23.69
N LYS RF 103 -68.58 114.07 24.29
CA LYS RF 103 -69.13 115.15 23.48
C LYS RF 103 -68.03 115.95 22.80
N ARG RF 104 -66.89 116.13 23.46
CA ARG RF 104 -65.78 116.84 22.84
C ARG RF 104 -65.19 116.04 21.69
N ALA RF 105 -65.10 114.72 21.82
CA ALA RF 105 -64.57 113.90 20.74
C ALA RF 105 -65.47 113.94 19.52
N PHE RF 106 -66.78 113.93 19.72
CA PHE RF 106 -67.72 113.97 18.62
C PHE RF 106 -67.91 115.37 18.05
N ASP RF 107 -67.28 116.38 18.65
CA ASP RF 107 -67.27 117.72 18.08
C ASP RF 107 -66.12 117.94 17.12
N VAL RF 108 -65.32 116.91 16.85
CA VAL RF 108 -64.23 117.05 15.88
C VAL RF 108 -64.80 117.39 14.51
N LEU RF 109 -65.92 116.78 14.14
CA LEU RF 109 -66.51 117.00 12.82
C LEU RF 109 -66.83 118.47 12.59
N ASN RF 110 -67.11 119.22 13.64
CA ASN RF 110 -67.39 120.64 13.51
C ASN RF 110 -66.14 121.51 13.60
N ALA RF 111 -65.02 120.94 14.05
CA ALA RF 111 -63.77 121.69 14.14
C ALA RF 111 -62.79 121.27 13.05
N LEU RF 112 -62.60 119.97 12.89
CA LEU RF 112 -61.75 119.42 11.84
C LEU RF 112 -62.60 118.99 10.64
N ASN RF 113 -63.39 119.95 10.16
CA ASN RF 113 -64.48 119.63 9.23
C ASN RF 113 -63.96 119.28 7.84
N ALA RF 114 -63.23 120.21 7.21
CA ALA RF 114 -62.85 120.03 5.81
C ALA RF 114 -62.00 118.78 5.62
N GLU RF 115 -61.09 118.50 6.56
CA GLU RF 115 -60.21 117.35 6.41
C GLU RF 115 -60.97 116.03 6.47
N LEU RF 116 -62.12 115.99 7.14
CA LEU RF 116 -62.89 114.76 7.29
C LEU RF 116 -63.90 114.57 6.16
N ILE RF 117 -64.63 115.63 5.82
CA ILE RF 117 -65.63 115.54 4.76
C ILE RF 117 -64.95 115.43 3.40
N THR RF 118 -64.13 116.43 3.07
CA THR RF 118 -63.48 116.47 1.75
C THR RF 118 -62.34 115.46 1.65
N GLY RF 119 -61.53 115.33 2.69
CA GLY RF 119 -60.46 114.35 2.69
C GLY RF 119 -59.14 114.90 2.18
N GLU RF 120 -58.72 116.03 2.73
CA GLU RF 120 -57.56 116.74 2.21
C GLU RF 120 -56.98 117.62 3.30
N GLY RF 121 -55.77 118.11 3.06
CA GLY RF 121 -55.27 119.23 3.82
C GLY RF 121 -54.12 118.97 4.77
N GLN RF 122 -54.06 119.79 5.82
CA GLN RF 122 -52.96 119.79 6.78
C GLN RF 122 -51.62 120.09 6.09
N TRP RF 123 -51.54 121.33 5.60
CA TRP RF 123 -50.33 121.80 4.94
C TRP RF 123 -49.31 122.25 5.97
N ALA SF 1 -80.62 -83.52 -59.90
CA ALA SF 1 -81.29 -84.70 -59.35
C ALA SF 1 -80.38 -85.44 -58.38
N ALA SF 2 -80.80 -86.60 -57.91
CA ALA SF 2 -79.97 -87.40 -57.03
C ALA SF 2 -78.73 -87.86 -57.76
N ARG SF 3 -77.59 -87.77 -57.08
CA ARG SF 3 -76.32 -88.15 -57.70
C ARG SF 3 -76.33 -89.62 -58.07
N SER SF 4 -75.83 -89.93 -59.26
CA SER SF 4 -75.78 -91.29 -59.77
C SER SF 4 -74.56 -91.43 -60.66
N SER SF 5 -74.53 -92.49 -61.46
CA SER SF 5 -73.44 -92.72 -62.39
C SER SF 5 -73.72 -92.05 -63.73
N ILE SF 6 -72.66 -91.74 -64.46
CA ILE SF 6 -72.75 -91.14 -65.78
C ILE SF 6 -71.91 -91.94 -66.75
N VAL SF 7 -72.29 -91.90 -68.03
CA VAL SF 7 -71.84 -92.87 -69.01
C VAL SF 7 -71.15 -92.10 -70.15
N LEU SF 8 -70.40 -91.05 -69.78
CA LEU SF 8 -69.62 -90.27 -70.74
C LEU SF 8 -69.01 -91.16 -71.82
N THR SF 9 -69.24 -90.79 -73.08
CA THR SF 9 -68.84 -91.60 -74.20
C THR SF 9 -68.36 -90.69 -75.34
N ASP SF 10 -67.81 -91.33 -76.37
CA ASP SF 10 -67.44 -90.62 -77.60
C ASP SF 10 -67.83 -91.45 -78.81
N GLY SF 11 -68.86 -92.29 -78.65
CA GLY SF 11 -69.37 -93.07 -79.76
C GLY SF 11 -68.77 -94.46 -79.85
N THR SF 12 -67.57 -94.64 -79.33
CA THR SF 12 -66.90 -95.95 -79.43
C THR SF 12 -66.47 -96.53 -78.09
N THR SF 13 -65.97 -95.70 -77.16
CA THR SF 13 -65.46 -96.19 -75.88
C THR SF 13 -66.14 -95.44 -74.74
N PRO SF 14 -67.29 -95.93 -74.27
CA PRO SF 14 -67.95 -95.29 -73.13
C PRO SF 14 -67.13 -95.42 -71.86
N VAL SF 15 -67.34 -94.47 -70.96
CA VAL SF 15 -66.68 -94.45 -69.66
C VAL SF 15 -67.76 -94.25 -68.60
N THR SF 16 -67.78 -95.12 -67.60
CA THR SF 16 -68.73 -95.01 -66.50
C THR SF 16 -68.05 -94.34 -65.31
N LEU SF 17 -68.62 -93.24 -64.86
CA LEU SF 17 -68.09 -92.49 -63.72
C LEU SF 17 -69.07 -92.59 -62.56
N THR SF 18 -68.53 -92.59 -61.35
CA THR SF 18 -69.32 -92.76 -60.14
C THR SF 18 -68.96 -91.71 -59.12
N PRO SF 19 -69.95 -91.16 -58.41
CA PRO SF 19 -69.66 -90.05 -57.48
C PRO SF 19 -68.85 -90.50 -56.27
N VAL SF 20 -67.60 -90.04 -56.17
CA VAL SF 20 -66.71 -90.52 -55.12
C VAL SF 20 -66.25 -89.37 -54.24
N GLY SF 21 -67.10 -88.37 -54.09
CA GLY SF 21 -66.77 -87.25 -53.22
C GLY SF 21 -67.58 -86.03 -53.59
N GLY SF 22 -67.13 -84.90 -53.07
CA GLY SF 22 -67.77 -83.63 -53.36
C GLY SF 22 -68.11 -82.81 -52.13
N GLY SF 23 -69.28 -82.20 -52.13
CA GLY SF 23 -69.69 -81.36 -51.02
C GLY SF 23 -70.98 -80.65 -51.34
N VAL SF 24 -71.04 -79.38 -50.90
CA VAL SF 24 -72.17 -78.53 -51.20
C VAL SF 24 -71.84 -77.73 -52.45
N GLY SF 25 -72.63 -77.92 -53.50
CA GLY SF 25 -72.33 -77.31 -54.78
C GLY SF 25 -71.07 -77.87 -55.41
N GLN SF 26 -70.93 -79.20 -55.37
CA GLN SF 26 -69.77 -79.88 -55.95
C GLN SF 26 -70.06 -81.37 -55.96
N THR SF 27 -69.56 -82.06 -56.99
CA THR SF 27 -69.77 -83.50 -57.11
C THR SF 27 -68.64 -84.08 -57.95
N LEU SF 28 -67.64 -84.65 -57.30
CA LEU SF 28 -66.56 -85.30 -58.02
C LEU SF 28 -67.03 -86.61 -58.62
N TYR SF 29 -66.35 -87.04 -59.67
CA TYR SF 29 -66.59 -88.32 -60.32
C TYR SF 29 -65.24 -88.96 -60.62
N ARG SF 30 -65.27 -90.26 -60.91
CA ARG SF 30 -64.07 -90.96 -61.33
C ARG SF 30 -64.49 -92.26 -61.99
N ALA SF 31 -63.75 -92.65 -63.03
CA ALA SF 31 -64.04 -93.91 -63.71
C ALA SF 31 -63.79 -95.07 -62.76
N THR SF 32 -64.64 -96.09 -62.86
CA THR SF 32 -64.59 -97.21 -61.92
C THR SF 32 -63.20 -97.83 -61.90
N ALA SF 33 -62.78 -98.40 -63.03
CA ALA SF 33 -61.42 -98.89 -63.17
C ALA SF 33 -61.13 -99.07 -64.65
N GLU SF 34 -60.18 -98.29 -65.18
CA GLU SF 34 -59.73 -98.54 -66.55
C GLU SF 34 -58.65 -99.63 -66.57
N ALA SF 35 -57.48 -99.33 -66.02
CA ALA SF 35 -56.46 -100.34 -65.80
C ALA SF 35 -55.68 -100.17 -64.49
N LEU SF 36 -55.74 -99.00 -63.87
CA LEU SF 36 -55.01 -98.70 -62.63
C LEU SF 36 -55.53 -97.36 -62.13
N SER SF 37 -54.96 -96.87 -61.05
CA SER SF 37 -55.27 -95.53 -60.58
C SER SF 37 -54.36 -94.52 -61.29
N ALA SF 38 -54.80 -93.25 -61.26
CA ALA SF 38 -54.20 -92.12 -61.96
C ALA SF 38 -54.34 -92.23 -63.47
N ALA SF 39 -54.92 -93.32 -63.98
CA ALA SF 39 -55.23 -93.47 -65.39
C ALA SF 39 -56.73 -93.55 -65.58
N ASN SF 40 -57.47 -92.86 -64.72
CA ASN SF 40 -58.92 -92.87 -64.73
C ASN SF 40 -59.45 -91.45 -64.89
N PRO SF 41 -60.36 -91.21 -65.83
CA PRO SF 41 -60.91 -89.87 -66.00
C PRO SF 41 -61.79 -89.45 -64.82
N SER SF 42 -61.90 -88.14 -64.65
CA SER SF 42 -62.72 -87.57 -63.59
C SER SF 42 -63.57 -86.44 -64.17
N LEU SF 43 -64.69 -86.15 -63.51
CA LEU SF 43 -65.66 -85.17 -64.01
C LEU SF 43 -66.11 -84.24 -62.89
N SER SF 44 -65.15 -83.61 -62.20
CA SER SF 44 -65.48 -82.59 -61.22
C SER SF 44 -66.54 -81.63 -61.73
N PHE SF 45 -67.55 -81.37 -60.90
CA PHE SF 45 -68.73 -80.61 -61.35
C PHE SF 45 -69.27 -79.81 -60.16
N GLY SF 46 -69.13 -78.48 -60.24
CA GLY SF 46 -69.66 -77.60 -59.23
C GLY SF 46 -70.87 -76.83 -59.73
N TYR SF 47 -71.45 -76.05 -58.82
CA TYR SF 47 -72.60 -75.21 -59.10
C TYR SF 47 -72.86 -74.32 -57.90
N ARG SF 48 -73.23 -73.07 -58.15
CA ARG SF 48 -73.45 -72.14 -57.06
C ARG SF 48 -74.30 -70.98 -57.57
N PHE SF 49 -74.87 -70.23 -56.64
CA PHE SF 49 -75.66 -69.03 -56.91
C PHE SF 49 -75.04 -67.86 -56.17
N THR SF 50 -74.80 -66.77 -56.87
CA THR SF 50 -74.36 -65.54 -56.23
C THR SF 50 -75.57 -64.73 -55.77
N ASP SF 51 -75.35 -63.44 -55.49
CA ASP SF 51 -76.41 -62.53 -55.06
C ASP SF 51 -77.70 -62.74 -55.84
N GLY SF 52 -77.64 -62.60 -57.16
CA GLY SF 52 -78.78 -62.87 -58.01
C GLY SF 52 -78.86 -64.33 -58.37
N GLY SF 53 -79.78 -64.64 -59.27
CA GLY SF 53 -79.97 -66.02 -59.70
C GLY SF 53 -78.95 -66.45 -60.74
N THR SF 54 -77.74 -65.90 -60.67
CA THR SF 54 -76.67 -66.24 -61.61
C THR SF 54 -76.24 -67.67 -61.35
N ASN SF 55 -76.75 -68.60 -62.16
CA ASN SF 55 -76.53 -70.01 -61.94
C ASN SF 55 -75.17 -70.42 -62.50
N ARG SF 56 -74.09 -70.05 -61.80
CA ARG SF 56 -72.73 -70.29 -62.29
C ARG SF 56 -72.35 -71.75 -62.09
N GLN SF 57 -72.77 -72.58 -63.02
CA GLN SF 57 -72.30 -73.97 -63.05
C GLN SF 57 -70.88 -74.01 -63.60
N SER SF 58 -70.19 -75.11 -63.30
CA SER SF 58 -68.82 -75.28 -63.75
C SER SF 58 -68.56 -76.76 -63.97
N LEU SF 59 -67.57 -77.07 -64.80
CA LEU SF 59 -67.20 -78.44 -65.08
C LEU SF 59 -65.70 -78.52 -65.30
N SER SF 60 -65.16 -79.73 -65.19
CA SER SF 60 -63.76 -79.98 -65.48
C SER SF 60 -63.60 -81.47 -65.71
N TYR SF 61 -63.27 -81.87 -66.94
CA TYR SF 61 -63.06 -83.26 -67.28
C TYR SF 61 -61.59 -83.47 -67.57
N LYS SF 62 -60.94 -84.34 -66.81
CA LYS SF 62 -59.51 -84.57 -66.92
C LYS SF 62 -59.27 -86.03 -67.30
N GLN SF 63 -58.84 -86.26 -68.52
CA GLN SF 63 -58.49 -87.61 -68.98
C GLN SF 63 -56.98 -87.72 -69.07
N PRO SF 64 -56.35 -88.56 -68.26
CA PRO SF 64 -54.88 -88.63 -68.26
C PRO SF 64 -54.32 -89.52 -69.36
N ILE SF 65 -53.13 -89.14 -69.82
CA ILE SF 65 -52.50 -89.78 -70.99
C ILE SF 65 -51.51 -90.81 -70.47
N THR SF 66 -51.77 -92.07 -70.76
CA THR SF 66 -50.95 -93.17 -70.26
C THR SF 66 -50.28 -93.91 -71.42
N ALA SF 67 -49.11 -94.48 -71.12
CA ALA SF 67 -48.34 -95.23 -72.10
C ALA SF 67 -47.42 -96.18 -71.34
N VAL SF 68 -46.91 -97.18 -72.06
CA VAL SF 68 -46.05 -98.18 -71.44
C VAL SF 68 -44.65 -97.61 -71.21
N ASP SF 69 -43.93 -98.23 -70.27
CA ASP SF 69 -42.57 -97.84 -69.88
C ASP SF 69 -41.65 -99.06 -69.98
N SER SF 70 -41.64 -99.67 -71.17
CA SER SF 70 -41.04 -100.98 -71.44
C SER SF 70 -39.72 -101.26 -70.72
N THR SF 71 -38.90 -100.22 -70.48
CA THR SF 71 -37.72 -100.41 -69.66
C THR SF 71 -38.07 -100.98 -68.29
N THR SF 72 -39.26 -100.65 -67.77
CA THR SF 72 -39.78 -101.25 -66.55
C THR SF 72 -41.14 -101.92 -66.75
N SER SF 73 -41.83 -101.64 -67.86
CA SER SF 73 -43.12 -102.22 -68.20
C SER SF 73 -44.22 -101.80 -67.22
N GLU SF 74 -44.08 -100.62 -66.61
CA GLU SF 74 -45.09 -100.07 -65.71
C GLU SF 74 -45.79 -98.92 -66.42
N THR SF 75 -47.13 -98.95 -66.43
CA THR SF 75 -47.93 -98.03 -67.23
C THR SF 75 -47.96 -96.65 -66.56
N LEU SF 76 -46.86 -95.92 -66.71
CA LEU SF 76 -46.76 -94.59 -66.16
C LEU SF 76 -47.68 -93.62 -66.93
N VAL SF 77 -48.10 -92.56 -66.24
CA VAL SF 77 -48.93 -91.52 -66.84
C VAL SF 77 -48.09 -90.28 -67.08
N ARG SF 78 -48.16 -89.75 -68.30
CA ARG SF 78 -47.38 -88.58 -68.69
C ARG SF 78 -48.10 -87.27 -68.42
N GLY SF 79 -49.33 -87.12 -68.91
CA GLY SF 79 -50.08 -85.90 -68.70
C GLY SF 79 -51.58 -86.11 -68.81
N GLN SF 80 -52.35 -85.02 -68.76
CA GLN SF 80 -53.81 -85.11 -68.77
C GLN SF 80 -54.37 -84.05 -69.71
N CYS SF 81 -55.53 -84.36 -70.29
CA CYS SF 81 -56.26 -83.43 -71.12
C CYS SF 81 -57.40 -82.83 -70.32
N VAL SF 82 -57.44 -81.50 -70.24
CA VAL SF 82 -58.34 -80.78 -69.35
C VAL SF 82 -59.34 -80.02 -70.20
N VAL SF 83 -60.63 -80.23 -69.92
CA VAL SF 83 -61.71 -79.52 -70.60
C VAL SF 83 -62.58 -78.88 -69.53
N ASP SF 84 -62.71 -77.56 -69.57
CA ASP SF 84 -63.51 -76.82 -68.60
C ASP SF 84 -64.70 -76.20 -69.32
N ILE SF 85 -65.91 -76.59 -68.94
CA ILE SF 85 -67.10 -75.99 -69.51
C ILE SF 85 -67.82 -75.18 -68.45
N ASN SF 86 -67.49 -73.89 -68.35
CA ASN SF 86 -68.18 -73.02 -67.42
C ASN SF 86 -69.45 -72.47 -68.04
N ILE SF 87 -70.48 -72.32 -67.22
CA ILE SF 87 -71.77 -71.83 -67.65
C ILE SF 87 -72.23 -70.77 -66.67
N VAL SF 88 -72.68 -69.63 -67.18
CA VAL SF 88 -73.24 -68.56 -66.36
C VAL SF 88 -74.54 -68.11 -66.98
N ILE SF 89 -75.63 -68.23 -66.22
CA ILE SF 89 -76.96 -67.83 -66.67
C ILE SF 89 -77.54 -66.87 -65.64
N PRO SF 90 -77.89 -65.65 -66.02
CA PRO SF 90 -78.38 -64.69 -65.02
C PRO SF 90 -79.81 -65.01 -64.59
N ARG SF 91 -80.25 -64.30 -63.55
CA ARG SF 91 -81.60 -64.51 -63.05
C ARG SF 91 -82.67 -64.10 -64.06
N VAL SF 92 -82.38 -63.09 -64.87
CA VAL SF 92 -83.35 -62.53 -65.80
C VAL SF 92 -83.57 -63.46 -66.99
N ALA SF 93 -82.90 -64.60 -66.98
CA ALA SF 93 -82.93 -65.50 -68.12
C ALA SF 93 -84.23 -66.30 -68.15
N THR SF 94 -84.89 -66.29 -69.31
CA THR SF 94 -86.06 -67.14 -69.51
C THR SF 94 -85.63 -68.59 -69.52
N ALA SF 95 -86.54 -69.48 -69.14
CA ALA SF 95 -86.27 -70.90 -69.15
C ALA SF 95 -85.97 -71.45 -70.54
N THR SF 96 -86.37 -70.74 -71.59
CA THR SF 96 -86.05 -71.14 -72.96
C THR SF 96 -84.77 -70.51 -73.48
N ASP SF 97 -84.41 -69.34 -72.97
CA ASP SF 97 -83.13 -68.74 -73.35
C ASP SF 97 -81.96 -69.54 -72.80
N ARG SF 98 -82.11 -70.08 -71.59
CA ARG SF 98 -81.05 -70.91 -71.02
C ARG SF 98 -80.86 -72.19 -71.81
N ALA SF 99 -81.96 -72.84 -72.19
CA ALA SF 99 -81.85 -74.07 -72.99
C ALA SF 99 -81.28 -73.78 -74.37
N GLU SF 100 -81.58 -72.61 -74.92
CA GLU SF 100 -81.03 -72.23 -76.22
C GLU SF 100 -79.51 -72.05 -76.13
N ALA SF 101 -79.05 -71.37 -75.08
CA ALA SF 101 -77.63 -71.06 -74.96
C ALA SF 101 -76.80 -72.32 -74.72
N ILE SF 102 -77.29 -73.21 -73.85
CA ILE SF 102 -76.51 -74.38 -73.48
C ILE SF 102 -76.33 -75.31 -74.67
N LYS SF 103 -77.42 -75.61 -75.37
CA LYS SF 103 -77.33 -76.57 -76.47
C LYS SF 103 -76.55 -76.00 -77.65
N ARG SF 104 -76.63 -74.69 -77.87
CA ARG SF 104 -75.90 -74.09 -78.99
C ARG SF 104 -74.40 -74.12 -78.74
N ALA SF 105 -73.96 -73.70 -77.56
CA ALA SF 105 -72.54 -73.67 -77.26
C ALA SF 105 -71.94 -75.07 -77.24
N PHE SF 106 -72.71 -76.08 -76.90
CA PHE SF 106 -72.24 -77.45 -76.98
C PHE SF 106 -72.26 -77.99 -78.40
N ASP SF 107 -72.87 -77.26 -79.33
CA ASP SF 107 -72.87 -77.64 -80.73
C ASP SF 107 -71.66 -77.09 -81.48
N VAL SF 108 -70.72 -76.47 -80.77
CA VAL SF 108 -69.53 -75.94 -81.41
C VAL SF 108 -68.74 -77.07 -82.06
N LEU SF 109 -68.55 -78.18 -81.34
CA LEU SF 109 -67.72 -79.27 -81.84
C LEU SF 109 -68.24 -79.82 -83.15
N ASN SF 110 -69.56 -79.79 -83.36
CA ASN SF 110 -70.10 -80.22 -84.65
C ASN SF 110 -69.79 -79.20 -85.74
N ALA SF 111 -69.75 -77.92 -85.39
CA ALA SF 111 -69.54 -76.88 -86.38
C ALA SF 111 -68.06 -76.51 -86.49
N LEU SF 112 -67.47 -76.05 -85.39
CA LEU SF 112 -66.06 -75.65 -85.38
C LEU SF 112 -65.20 -76.86 -85.03
N ASN SF 113 -65.28 -77.87 -85.89
CA ASN SF 113 -64.77 -79.20 -85.54
C ASN SF 113 -63.25 -79.27 -85.66
N ALA SF 114 -62.73 -79.04 -86.87
CA ALA SF 114 -61.35 -79.38 -87.17
C ALA SF 114 -60.34 -78.65 -86.31
N GLU SF 115 -60.68 -77.47 -85.79
CA GLU SF 115 -59.75 -76.73 -84.96
C GLU SF 115 -59.72 -77.21 -83.51
N LEU SF 116 -60.70 -78.01 -83.09
CA LEU SF 116 -60.74 -78.58 -81.75
C LEU SF 116 -60.19 -80.01 -81.71
N ILE SF 117 -60.72 -80.88 -82.57
CA ILE SF 117 -60.31 -82.28 -82.57
C ILE SF 117 -58.83 -82.40 -82.94
N THR SF 118 -58.43 -81.73 -84.02
CA THR SF 118 -57.09 -81.90 -84.57
C THR SF 118 -56.06 -80.99 -83.94
N GLY SF 119 -56.47 -79.83 -83.45
CA GLY SF 119 -55.56 -78.90 -82.82
C GLY SF 119 -54.91 -77.89 -83.74
N GLU SF 120 -55.22 -77.91 -85.03
CA GLU SF 120 -54.64 -76.96 -85.96
C GLU SF 120 -55.12 -75.55 -85.66
N GLY SF 121 -54.26 -74.57 -85.97
CA GLY SF 121 -54.58 -73.19 -85.77
C GLY SF 121 -55.09 -72.57 -87.06
N GLN SF 122 -56.32 -72.06 -87.01
CA GLN SF 122 -56.92 -71.48 -88.20
C GLN SF 122 -56.20 -70.22 -88.62
N TRP SF 123 -56.10 -70.02 -89.94
CA TRP SF 123 -55.37 -68.91 -90.50
C TRP SF 123 -56.31 -67.88 -91.12
N ALA TF 1 -73.42 -100.73 -57.38
CA ALA TF 1 -72.81 -100.18 -56.17
C ALA TF 1 -73.69 -99.09 -55.56
N ALA TF 2 -74.99 -99.22 -55.75
CA ALA TF 2 -75.95 -98.33 -55.10
C ALA TF 2 -76.17 -98.77 -53.66
N ARG TF 3 -76.76 -97.87 -52.87
CA ARG TF 3 -76.98 -98.14 -51.46
C ARG TF 3 -78.19 -99.05 -51.28
N SER TF 4 -77.99 -100.20 -50.64
CA SER TF 4 -79.06 -101.13 -50.35
C SER TF 4 -78.70 -101.91 -49.10
N SER TF 5 -79.60 -102.76 -48.65
CA SER TF 5 -79.37 -103.55 -47.45
C SER TF 5 -78.28 -104.58 -47.70
N ILE TF 6 -77.44 -104.79 -46.69
CA ILE TF 6 -76.37 -105.78 -46.75
C ILE TF 6 -76.60 -106.81 -45.65
N VAL TF 7 -76.07 -108.01 -45.85
CA VAL TF 7 -76.48 -109.18 -45.08
C VAL TF 7 -75.26 -109.77 -44.38
N LEU TF 8 -74.40 -108.91 -43.83
CA LEU TF 8 -73.27 -109.33 -43.01
C LEU TF 8 -73.64 -110.55 -42.15
N THR TF 9 -72.79 -111.57 -42.22
CA THR TF 9 -73.06 -112.81 -41.49
C THR TF 9 -71.75 -113.46 -41.09
N ASP TF 10 -71.82 -114.27 -40.05
CA ASP TF 10 -70.68 -115.04 -39.56
C ASP TF 10 -70.78 -116.52 -39.90
N GLY TF 11 -71.89 -116.95 -40.49
CA GLY TF 11 -72.09 -118.35 -40.80
C GLY TF 11 -73.29 -118.90 -40.07
N THR TF 12 -73.49 -118.47 -38.82
CA THR TF 12 -74.59 -118.97 -38.01
C THR TF 12 -75.81 -118.05 -38.07
N THR TF 13 -75.64 -116.79 -37.68
CA THR TF 13 -76.75 -115.85 -37.59
C THR TF 13 -76.48 -114.66 -38.49
N PRO TF 14 -77.19 -114.51 -39.60
CA PRO TF 14 -77.02 -113.32 -40.45
C PRO TF 14 -77.72 -112.11 -39.84
N VAL TF 15 -77.10 -110.95 -40.01
CA VAL TF 15 -77.68 -109.68 -39.60
C VAL TF 15 -77.80 -108.80 -40.83
N THR TF 16 -78.98 -108.22 -41.04
CA THR TF 16 -79.26 -107.40 -42.21
C THR TF 16 -79.17 -105.93 -41.81
N LEU TF 17 -78.21 -105.22 -42.40
CA LEU TF 17 -78.05 -103.79 -42.14
C LEU TF 17 -78.65 -103.00 -43.29
N THR TF 18 -79.48 -102.01 -42.96
CA THR TF 18 -80.07 -101.13 -43.96
C THR TF 18 -79.51 -99.72 -43.80
N PRO TF 19 -79.35 -98.98 -44.91
CA PRO TF 19 -78.76 -97.64 -44.80
C PRO TF 19 -79.59 -96.73 -43.93
N VAL TF 20 -78.92 -95.88 -43.16
CA VAL TF 20 -79.61 -94.89 -42.34
C VAL TF 20 -78.98 -93.51 -42.56
N GLY TF 21 -78.38 -93.31 -43.72
CA GLY TF 21 -77.91 -91.98 -44.05
C GLY TF 21 -76.50 -91.89 -44.60
N GLY TF 22 -75.85 -90.75 -44.37
CA GLY TF 22 -74.46 -90.57 -44.73
C GLY TF 22 -74.19 -89.50 -45.75
N GLY TF 23 -74.98 -89.43 -46.81
CA GLY TF 23 -74.70 -88.48 -47.87
C GLY TF 23 -73.57 -88.91 -48.77
N VAL TF 24 -72.83 -87.96 -49.34
CA VAL TF 24 -71.76 -88.25 -50.27
C VAL TF 24 -70.46 -88.42 -49.49
N GLY TF 25 -69.64 -89.38 -49.89
CA GLY TF 25 -68.41 -89.65 -49.20
C GLY TF 25 -68.50 -90.61 -48.04
N GLN TF 26 -69.69 -91.09 -47.70
CA GLN TF 26 -69.84 -92.06 -46.61
C GLN TF 26 -71.22 -92.69 -46.70
N THR TF 27 -71.43 -93.69 -45.86
CA THR TF 27 -72.72 -94.38 -45.80
C THR TF 27 -72.83 -95.03 -44.44
N LEU TF 28 -73.94 -94.77 -43.74
CA LEU TF 28 -74.19 -95.40 -42.46
C LEU TF 28 -75.17 -96.54 -42.62
N TYR TF 29 -74.95 -97.59 -41.85
CA TYR TF 29 -75.84 -98.75 -41.84
C TYR TF 29 -76.26 -99.02 -40.40
N ARG TF 30 -77.36 -99.76 -40.26
CA ARG TF 30 -77.81 -100.19 -38.94
C ARG TF 30 -78.90 -101.25 -39.07
N ALA TF 31 -78.80 -102.33 -38.30
CA ALA TF 31 -79.82 -103.36 -38.33
C ALA TF 31 -81.06 -102.89 -37.58
N THR TF 32 -82.10 -103.71 -37.58
CA THR TF 32 -83.31 -103.33 -36.86
C THR TF 32 -83.19 -103.65 -35.38
N ALA TF 33 -83.17 -104.94 -35.04
CA ALA TF 33 -83.14 -105.42 -33.65
C ALA TF 33 -83.96 -104.53 -32.73
N GLU TF 34 -85.18 -104.25 -33.18
CA GLU TF 34 -85.99 -103.16 -32.64
C GLU TF 34 -86.27 -103.38 -31.16
N ALA TF 35 -86.46 -102.28 -30.43
CA ALA TF 35 -86.83 -102.33 -29.02
C ALA TF 35 -85.78 -103.10 -28.22
N LEU TF 36 -84.60 -102.47 -28.08
CA LEU TF 36 -84.29 -101.06 -28.27
C LEU TF 36 -83.73 -100.79 -29.67
N SER TF 37 -83.69 -99.51 -30.05
CA SER TF 37 -83.21 -99.12 -31.37
C SER TF 37 -81.71 -98.83 -31.39
N ALA TF 38 -81.11 -98.57 -30.25
CA ALA TF 38 -79.67 -98.34 -30.15
C ALA TF 38 -78.90 -99.62 -29.83
N ALA TF 39 -79.59 -100.74 -29.67
CA ALA TF 39 -78.95 -102.02 -29.40
C ALA TF 39 -78.91 -102.89 -30.64
N ASN TF 40 -78.21 -102.42 -31.68
CA ASN TF 40 -78.07 -103.20 -32.90
C ASN TF 40 -76.81 -102.73 -33.61
N PRO TF 41 -76.20 -103.59 -34.43
CA PRO TF 41 -74.91 -103.26 -35.05
C PRO TF 41 -75.03 -102.17 -36.11
N SER TF 42 -73.88 -101.57 -36.43
CA SER TF 42 -73.80 -100.50 -37.40
C SER TF 42 -72.51 -100.65 -38.20
N LEU TF 43 -72.49 -100.06 -39.41
CA LEU TF 43 -71.39 -100.21 -40.35
C LEU TF 43 -71.00 -98.89 -41.00
N SER TF 44 -70.72 -97.87 -40.20
CA SER TF 44 -70.23 -96.61 -40.75
C SER TF 44 -69.10 -96.84 -41.73
N PHE TF 45 -69.34 -96.53 -43.00
CA PHE TF 45 -68.41 -96.81 -44.09
C PHE TF 45 -68.13 -95.54 -44.86
N GLY TF 46 -66.87 -95.10 -44.87
CA GLY TF 46 -66.47 -93.91 -45.58
C GLY TF 46 -65.50 -94.22 -46.71
N TYR TF 47 -65.26 -93.20 -47.52
CA TYR TF 47 -64.35 -93.30 -48.66
C TYR TF 47 -64.13 -91.91 -49.23
N ARG TF 48 -62.94 -91.68 -49.76
CA ARG TF 48 -62.60 -90.37 -50.33
C ARG TF 48 -61.35 -90.53 -51.19
N PHE TF 49 -61.07 -89.52 -52.00
CA PHE TF 49 -59.85 -89.45 -52.80
C PHE TF 49 -59.12 -88.16 -52.46
N THR TF 50 -57.83 -88.27 -52.18
CA THR TF 50 -57.03 -87.12 -51.81
C THR TF 50 -56.52 -86.41 -53.06
N ASP TF 51 -55.52 -85.54 -52.89
CA ASP TF 51 -54.95 -84.79 -54.00
C ASP TF 51 -54.55 -85.70 -55.14
N GLY TF 52 -53.92 -86.83 -54.83
CA GLY TF 52 -53.60 -87.80 -55.85
C GLY TF 52 -54.77 -88.72 -56.13
N GLY TF 53 -54.49 -90.01 -56.33
CA GLY TF 53 -55.54 -90.98 -56.48
C GLY TF 53 -55.62 -91.88 -55.27
N THR TF 54 -55.11 -91.41 -54.15
CA THR TF 54 -55.04 -92.20 -52.93
C THR TF 54 -56.45 -92.42 -52.40
N ASN TF 55 -56.99 -93.60 -52.68
CA ASN TF 55 -58.33 -93.96 -52.25
C ASN TF 55 -58.29 -94.38 -50.79
N ARG TF 56 -58.70 -93.49 -49.89
CA ARG TF 56 -58.66 -93.76 -48.46
C ARG TF 56 -60.02 -94.23 -47.97
N GLN TF 57 -60.32 -95.50 -48.24
CA GLN TF 57 -61.53 -96.09 -47.70
C GLN TF 57 -61.39 -96.32 -46.20
N SER TF 58 -62.51 -96.51 -45.54
CA SER TF 58 -62.53 -96.66 -44.09
C SER TF 58 -63.85 -97.23 -43.60
N LEU TF 59 -63.80 -98.28 -42.79
CA LEU TF 59 -64.99 -98.90 -42.25
C LEU TF 59 -64.92 -98.91 -40.73
N SER TF 60 -66.07 -99.16 -40.10
CA SER TF 60 -66.13 -99.25 -38.65
C SER TF 60 -67.40 -100.00 -38.29
N TYR TF 61 -67.26 -101.21 -37.78
CA TYR TF 61 -68.40 -102.06 -37.44
C TYR TF 61 -68.49 -102.15 -35.93
N LYS TF 62 -69.55 -101.57 -35.37
CA LYS TF 62 -69.80 -101.60 -33.94
C LYS TF 62 -70.98 -102.51 -33.65
N GLN TF 63 -70.79 -103.46 -32.75
CA GLN TF 63 -71.87 -104.35 -32.33
C GLN TF 63 -72.07 -104.21 -30.82
N PRO TF 64 -73.20 -103.69 -30.37
CA PRO TF 64 -73.40 -103.52 -28.93
C PRO TF 64 -73.77 -104.83 -28.26
N ILE TF 65 -73.41 -104.92 -26.98
CA ILE TF 65 -73.64 -106.11 -26.17
C ILE TF 65 -74.90 -105.88 -25.35
N THR TF 66 -75.93 -106.67 -25.61
CA THR TF 66 -77.23 -106.50 -25.00
C THR TF 66 -77.41 -107.45 -23.82
N ALA TF 67 -78.41 -107.16 -23.00
CA ALA TF 67 -78.73 -108.00 -21.86
C ALA TF 67 -80.18 -107.73 -21.48
N VAL TF 68 -81.06 -108.68 -21.76
CA VAL TF 68 -82.49 -108.50 -21.50
C VAL TF 68 -82.73 -108.65 -20.01
N ASP TF 69 -83.10 -107.55 -19.36
CA ASP TF 69 -83.31 -107.50 -17.92
C ASP TF 69 -84.69 -108.07 -17.62
N SER TF 70 -84.74 -109.33 -17.20
CA SER TF 70 -86.03 -110.01 -16.98
C SER TF 70 -86.86 -109.36 -15.90
N THR TF 71 -86.23 -108.68 -14.94
CA THR TF 71 -86.98 -108.01 -13.88
C THR TF 71 -87.87 -106.92 -14.44
N THR TF 72 -87.30 -106.04 -15.27
CA THR TF 72 -88.01 -104.90 -15.81
C THR TF 72 -88.47 -105.13 -17.26
N SER TF 73 -87.89 -106.11 -17.94
CA SER TF 73 -88.19 -106.44 -19.34
C SER TF 73 -87.82 -105.28 -20.26
N GLU TF 74 -86.57 -104.84 -20.13
CA GLU TF 74 -85.99 -103.85 -21.02
C GLU TF 74 -84.60 -104.30 -21.42
N THR TF 75 -84.20 -103.94 -22.63
CA THR TF 75 -82.88 -104.29 -23.13
C THR TF 75 -81.86 -103.25 -22.69
N LEU TF 76 -80.79 -103.70 -22.06
CA LEU TF 76 -79.72 -102.82 -21.58
C LEU TF 76 -78.48 -103.02 -22.43
N VAL TF 77 -77.75 -101.94 -22.67
CA VAL TF 77 -76.55 -101.97 -23.49
C VAL TF 77 -75.35 -101.85 -22.56
N ARG TF 78 -74.53 -102.90 -22.52
CA ARG TF 78 -73.38 -102.96 -21.63
C ARG TF 78 -72.10 -102.43 -22.27
N GLY TF 79 -71.95 -102.62 -23.58
CA GLY TF 79 -70.76 -102.15 -24.27
C GLY TF 79 -70.85 -102.54 -25.72
N GLN TF 80 -69.81 -102.21 -26.49
CA GLN TF 80 -69.81 -102.51 -27.90
C GLN TF 80 -68.44 -102.96 -28.37
N CYS TF 81 -68.44 -103.96 -29.25
CA CYS TF 81 -67.21 -104.41 -29.90
C CYS TF 81 -67.01 -103.60 -31.17
N VAL TF 82 -65.84 -103.00 -31.32
CA VAL TF 82 -65.56 -102.10 -32.43
C VAL TF 82 -64.46 -102.71 -33.29
N VAL TF 83 -64.69 -102.74 -34.60
CA VAL TF 83 -63.72 -103.26 -35.55
C VAL TF 83 -63.52 -102.22 -36.65
N ASP TF 84 -62.39 -101.52 -36.63
CA ASP TF 84 -62.06 -100.54 -37.65
C ASP TF 84 -61.18 -101.16 -38.71
N ILE TF 85 -61.49 -100.90 -39.97
CA ILE TF 85 -60.74 -101.44 -41.10
C ILE TF 85 -60.42 -100.28 -42.03
N ASN TF 86 -59.26 -99.67 -41.84
CA ASN TF 86 -58.82 -98.61 -42.74
C ASN TF 86 -58.08 -99.20 -43.92
N ILE TF 87 -58.33 -98.65 -45.10
CA ILE TF 87 -57.71 -99.10 -46.34
C ILE TF 87 -57.14 -97.88 -47.05
N VAL TF 88 -55.85 -97.95 -47.39
CA VAL TF 88 -55.20 -96.91 -48.17
C VAL TF 88 -54.64 -97.54 -49.42
N ILE TF 89 -54.95 -96.96 -50.56
CA ILE TF 89 -54.47 -97.47 -51.85
C ILE TF 89 -53.81 -96.33 -52.61
N PRO TF 90 -52.51 -96.37 -52.83
CA PRO TF 90 -51.83 -95.21 -53.41
C PRO TF 90 -52.22 -94.96 -54.86
N ARG TF 91 -51.75 -93.83 -55.39
CA ARG TF 91 -52.06 -93.43 -56.76
C ARG TF 91 -51.51 -94.39 -57.79
N VAL TF 92 -50.44 -95.11 -57.46
CA VAL TF 92 -49.70 -95.91 -58.44
C VAL TF 92 -50.12 -97.37 -58.42
N ALA TF 93 -51.22 -97.70 -57.76
CA ALA TF 93 -51.60 -99.08 -57.53
C ALA TF 93 -52.43 -99.61 -58.70
N THR TF 94 -52.00 -100.73 -59.25
CA THR TF 94 -52.73 -101.38 -60.33
C THR TF 94 -54.06 -101.92 -59.81
N ALA TF 95 -54.99 -102.17 -60.75
CA ALA TF 95 -56.30 -102.67 -60.39
C ALA TF 95 -56.28 -104.11 -59.88
N THR TF 96 -55.20 -104.84 -60.11
CA THR TF 96 -55.08 -106.21 -59.60
C THR TF 96 -54.26 -106.28 -58.31
N ASP TF 97 -53.48 -105.25 -58.01
CA ASP TF 97 -52.83 -105.19 -56.70
C ASP TF 97 -53.81 -104.82 -55.61
N ARG TF 98 -54.86 -104.09 -55.95
CA ARG TF 98 -55.92 -103.79 -54.99
C ARG TF 98 -56.61 -105.07 -54.53
N ALA TF 99 -57.01 -105.92 -55.48
CA ALA TF 99 -57.65 -107.17 -55.11
C ALA TF 99 -56.71 -108.06 -54.32
N GLU TF 100 -55.44 -108.12 -54.72
CA GLU TF 100 -54.47 -108.93 -53.97
C GLU TF 100 -54.30 -108.39 -52.55
N ALA TF 101 -54.18 -107.07 -52.40
CA ALA TF 101 -53.93 -106.51 -51.09
C ALA TF 101 -55.14 -106.67 -50.18
N ILE TF 102 -56.32 -106.33 -50.68
CA ILE TF 102 -57.51 -106.34 -49.84
C ILE TF 102 -57.88 -107.76 -49.43
N LYS TF 103 -57.93 -108.68 -50.41
CA LYS TF 103 -58.36 -110.04 -50.09
C LYS TF 103 -57.34 -110.76 -49.22
N ARG TF 104 -56.06 -110.38 -49.29
CA ARG TF 104 -55.07 -110.99 -48.41
C ARG TF 104 -55.20 -110.49 -46.98
N ALA TF 105 -55.42 -109.18 -46.82
CA ALA TF 105 -55.57 -108.63 -45.47
C ALA TF 105 -56.81 -109.19 -44.79
N PHE TF 106 -57.91 -109.32 -45.52
CA PHE TF 106 -59.12 -109.92 -44.98
C PHE TF 106 -59.00 -111.42 -44.81
N ASP TF 107 -57.93 -112.03 -45.31
CA ASP TF 107 -57.67 -113.45 -45.09
C ASP TF 107 -56.91 -113.71 -43.81
N VAL TF 108 -56.61 -112.66 -43.04
CA VAL TF 108 -55.92 -112.84 -41.77
C VAL TF 108 -56.75 -113.71 -40.83
N LEU TF 109 -58.06 -113.48 -40.79
CA LEU TF 109 -58.93 -114.24 -39.91
C LEU TF 109 -58.82 -115.74 -40.14
N ASN TF 110 -58.51 -116.16 -41.37
CA ASN TF 110 -58.28 -117.57 -41.63
C ASN TF 110 -56.86 -118.01 -41.28
N ALA TF 111 -55.91 -117.06 -41.21
CA ALA TF 111 -54.54 -117.39 -40.83
C ALA TF 111 -54.31 -117.17 -39.35
N LEU TF 112 -54.54 -115.95 -38.88
CA LEU TF 112 -54.36 -115.60 -37.47
C LEU TF 112 -55.66 -115.80 -36.71
N ASN TF 113 -56.19 -117.01 -36.81
CA ASN TF 113 -57.57 -117.26 -36.39
C ASN TF 113 -57.68 -117.30 -34.87
N ALA TF 114 -56.91 -118.16 -34.21
CA ALA TF 114 -57.07 -118.34 -32.77
C ALA TF 114 -56.71 -117.09 -32.00
N GLU TF 115 -55.89 -116.21 -32.56
CA GLU TF 115 -55.53 -114.98 -31.87
C GLU TF 115 -56.61 -113.91 -31.97
N LEU TF 116 -57.66 -114.14 -32.76
CA LEU TF 116 -58.73 -113.17 -32.93
C LEU TF 116 -60.07 -113.70 -32.46
N ILE TF 117 -60.43 -114.93 -32.84
CA ILE TF 117 -61.73 -115.47 -32.47
C ILE TF 117 -61.80 -115.72 -30.97
N THR TF 118 -60.76 -116.28 -30.38
CA THR TF 118 -60.74 -116.60 -28.96
C THR TF 118 -60.04 -115.55 -28.11
N GLY TF 119 -59.20 -114.72 -28.70
CA GLY TF 119 -58.55 -113.65 -27.98
C GLY TF 119 -57.21 -113.99 -27.37
N GLU TF 120 -56.63 -115.14 -27.71
CA GLU TF 120 -55.34 -115.55 -27.17
C GLU TF 120 -54.24 -114.59 -27.61
N GLY TF 121 -53.06 -114.83 -27.09
CA GLY TF 121 -51.86 -114.21 -27.62
C GLY TF 121 -50.86 -115.30 -27.95
N GLN TF 122 -50.15 -115.13 -29.04
CA GLN TF 122 -49.21 -116.15 -29.48
C GLN TF 122 -47.98 -116.14 -28.58
N TRP TF 123 -47.54 -117.34 -28.18
CA TRP TF 123 -46.43 -117.46 -27.25
C TRP TF 123 -45.13 -117.88 -27.93
N ALA UF 1 -51.79 -120.16 -31.13
CA ALA UF 1 -50.61 -121.02 -31.01
C ALA UF 1 -49.34 -120.19 -31.09
N ALA UF 2 -48.20 -120.85 -31.14
CA ALA UF 2 -46.92 -120.16 -31.14
C ALA UF 2 -46.71 -119.43 -32.46
N ARG UF 3 -45.80 -118.46 -32.44
CA ARG UF 3 -45.46 -117.72 -33.65
C ARG UF 3 -44.98 -118.68 -34.73
N SER UF 4 -45.73 -118.80 -35.81
CA SER UF 4 -45.36 -119.71 -36.88
C SER UF 4 -45.43 -119.01 -38.23
N SER UF 5 -45.38 -119.78 -39.32
CA SER UF 5 -45.47 -119.23 -40.66
C SER UF 5 -46.93 -119.23 -41.11
N ILE UF 6 -47.43 -118.06 -41.50
CA ILE UF 6 -48.80 -117.91 -41.95
C ILE UF 6 -48.82 -117.87 -43.48
N VAL UF 7 -49.98 -118.20 -44.05
CA VAL UF 7 -50.08 -118.52 -45.46
C VAL UF 7 -51.11 -117.55 -46.06
N LEU UF 8 -51.06 -116.30 -45.61
CA LEU UF 8 -51.92 -115.23 -46.13
C LEU UF 8 -52.06 -115.32 -47.65
N THR UF 9 -53.29 -115.49 -48.12
CA THR UF 9 -53.57 -115.74 -49.52
C THR UF 9 -54.78 -114.93 -49.97
N ASP UF 10 -55.15 -115.10 -51.24
CA ASP UF 10 -56.36 -114.47 -51.75
C ASP UF 10 -57.15 -115.41 -52.66
N GLY UF 11 -56.87 -116.71 -52.63
CA GLY UF 11 -57.54 -117.69 -53.46
C GLY UF 11 -56.75 -118.11 -54.68
N THR UF 12 -55.85 -117.25 -55.16
CA THR UF 12 -55.03 -117.55 -56.33
C THR UF 12 -53.54 -117.55 -56.02
N THR UF 13 -53.04 -116.49 -55.40
CA THR UF 13 -51.60 -116.33 -55.20
C THR UF 13 -51.27 -116.25 -53.71
N PRO UF 14 -50.93 -117.37 -53.07
CA PRO UF 14 -50.58 -117.33 -51.65
C PRO UF 14 -49.24 -116.68 -51.41
N VAL UF 15 -49.07 -116.17 -50.19
CA VAL UF 15 -47.82 -115.60 -49.72
C VAL UF 15 -47.56 -116.12 -48.31
N THR UF 16 -46.37 -116.64 -48.07
CA THR UF 16 -46.01 -117.19 -46.77
C THR UF 16 -45.18 -116.18 -46.01
N LEU UF 17 -45.58 -115.91 -44.77
CA LEU UF 17 -44.92 -114.92 -43.93
C LEU UF 17 -44.39 -115.58 -42.67
N THR UF 18 -43.13 -115.28 -42.33
CA THR UF 18 -42.50 -115.83 -41.14
C THR UF 18 -42.09 -114.71 -40.18
N PRO UF 19 -42.24 -114.91 -38.88
CA PRO UF 19 -42.01 -113.81 -37.92
C PRO UF 19 -40.59 -113.27 -38.03
N VAL UF 20 -40.46 -111.95 -37.89
CA VAL UF 20 -39.21 -111.27 -38.21
C VAL UF 20 -38.82 -110.40 -37.01
N GLY UF 21 -39.59 -110.49 -35.94
CA GLY UF 21 -39.23 -109.73 -34.76
C GLY UF 21 -40.44 -109.53 -33.87
N GLY UF 22 -40.45 -108.40 -33.18
CA GLY UF 22 -41.54 -108.06 -32.29
C GLY UF 22 -41.18 -108.04 -30.83
N GLY UF 23 -41.98 -108.69 -30.00
CA GLY UF 23 -41.76 -108.70 -28.57
C GLY UF 23 -42.89 -109.37 -27.83
N VAL UF 24 -43.38 -108.75 -26.76
CA VAL UF 24 -44.56 -109.22 -26.04
C VAL UF 24 -45.75 -108.38 -26.50
N GLY UF 25 -46.81 -109.06 -26.93
CA GLY UF 25 -47.93 -108.37 -27.54
C GLY UF 25 -47.51 -107.62 -28.77
N GLN UF 26 -46.70 -108.25 -29.62
CA GLN UF 26 -46.23 -107.67 -30.86
C GLN UF 26 -45.58 -108.77 -31.68
N THR UF 27 -45.84 -108.76 -32.99
CA THR UF 27 -45.35 -109.83 -33.85
C THR UF 27 -45.26 -109.31 -35.28
N LEU UF 28 -44.04 -109.14 -35.77
CA LEU UF 28 -43.85 -108.76 -37.16
C LEU UF 28 -43.98 -109.98 -38.06
N TYR UF 29 -44.04 -109.74 -39.36
CA TYR UF 29 -44.07 -110.80 -40.35
C TYR UF 29 -43.43 -110.26 -41.62
N ARG UF 30 -43.03 -111.16 -42.51
CA ARG UF 30 -42.54 -110.79 -43.83
C ARG UF 30 -42.40 -112.07 -44.64
N ALA UF 31 -42.34 -111.92 -45.96
CA ALA UF 31 -42.24 -113.03 -46.89
C ALA UF 31 -40.78 -113.29 -47.26
N THR UF 32 -40.56 -114.15 -48.26
CA THR UF 32 -39.24 -114.68 -48.54
C THR UF 32 -38.49 -113.92 -49.62
N ALA UF 33 -39.17 -113.16 -50.48
CA ALA UF 33 -38.49 -112.43 -51.54
C ALA UF 33 -37.67 -111.28 -50.96
N GLU UF 34 -36.67 -110.80 -51.71
CA GLU UF 34 -35.70 -109.84 -51.21
C GLU UF 34 -35.66 -108.61 -52.11
N ALA UF 35 -35.68 -107.44 -51.49
CA ALA UF 35 -35.61 -106.19 -52.23
C ALA UF 35 -34.91 -105.15 -51.35
N LEU UF 36 -34.72 -103.94 -51.91
CA LEU UF 36 -33.88 -102.93 -51.28
C LEU UF 36 -34.67 -101.99 -50.37
N SER UF 37 -35.70 -101.32 -50.88
CA SER UF 37 -36.46 -100.36 -50.10
C SER UF 37 -37.63 -101.03 -49.36
N ALA UF 38 -38.56 -101.61 -50.11
CA ALA UF 38 -39.69 -102.33 -49.54
C ALA UF 38 -39.60 -103.78 -50.00
N ALA UF 39 -39.41 -104.68 -49.04
CA ALA UF 39 -39.15 -106.06 -49.41
C ALA UF 39 -40.43 -106.81 -49.77
N ASN UF 40 -41.33 -106.96 -48.80
CA ASN UF 40 -42.44 -107.90 -48.95
C ASN UF 40 -43.64 -107.44 -48.15
N PRO UF 41 -44.77 -108.14 -48.23
CA PRO UF 41 -45.86 -107.89 -47.28
C PRO UF 41 -45.40 -108.06 -45.84
N SER UF 42 -45.84 -107.16 -44.97
CA SER UF 42 -45.38 -107.12 -43.58
C SER UF 42 -46.58 -106.91 -42.67
N LEU UF 43 -47.07 -108.01 -42.09
CA LEU UF 43 -48.27 -108.00 -41.26
C LEU UF 43 -47.88 -107.88 -39.80
N SER UF 44 -48.00 -106.68 -39.24
CA SER UF 44 -47.74 -106.50 -37.82
C SER UF 44 -48.99 -106.82 -37.01
N PHE UF 45 -48.80 -107.32 -35.79
CA PHE UF 45 -49.88 -107.76 -34.93
C PHE UF 45 -49.60 -107.29 -33.52
N GLY UF 46 -50.39 -106.33 -33.03
CA GLY UF 46 -50.05 -105.62 -31.81
C GLY UF 46 -51.00 -105.73 -30.64
N TYR UF 47 -51.50 -106.93 -30.36
CA TYR UF 47 -52.49 -107.13 -29.32
C TYR UF 47 -51.95 -106.71 -27.95
N ARG UF 48 -52.87 -106.33 -27.07
CA ARG UF 48 -52.55 -105.91 -25.71
C ARG UF 48 -53.85 -105.93 -24.90
N PHE UF 49 -53.73 -105.56 -23.62
CA PHE UF 49 -54.87 -105.42 -22.72
C PHE UF 49 -54.86 -104.02 -22.12
N THR UF 50 -55.85 -103.75 -21.27
CA THR UF 50 -56.05 -102.40 -20.76
C THR UF 50 -56.56 -102.52 -19.33
N ASP UF 51 -57.14 -101.44 -18.79
CA ASP UF 51 -57.61 -101.41 -17.41
C ASP UF 51 -58.61 -102.54 -17.15
N GLY UF 52 -59.58 -102.71 -18.04
CA GLY UF 52 -60.49 -103.84 -17.98
C GLY UF 52 -59.98 -104.99 -18.81
N GLY UF 53 -60.91 -105.83 -19.24
CA GLY UF 53 -60.57 -106.89 -20.16
C GLY UF 53 -60.59 -106.39 -21.59
N THR UF 54 -60.30 -105.11 -21.77
CA THR UF 54 -60.42 -104.46 -23.08
C THR UF 54 -59.33 -104.95 -24.01
N ASN UF 55 -59.57 -106.07 -24.67
CA ASN UF 55 -58.58 -106.67 -25.56
C ASN UF 55 -58.43 -105.78 -26.79
N ARG UF 56 -57.41 -104.94 -26.78
CA ARG UF 56 -57.24 -103.93 -27.82
C ARG UF 56 -56.25 -104.41 -28.87
N GLN UF 57 -56.69 -105.39 -29.65
CA GLN UF 57 -55.86 -105.91 -30.73
C GLN UF 57 -55.70 -104.88 -31.84
N SER UF 58 -54.72 -105.11 -32.70
CA SER UF 58 -54.41 -104.17 -33.77
C SER UF 58 -53.57 -104.88 -34.82
N LEU UF 59 -53.82 -104.54 -36.08
CA LEU UF 59 -53.14 -105.17 -37.21
C LEU UF 59 -52.73 -104.10 -38.21
N SER UF 60 -51.88 -104.50 -39.15
CA SER UF 60 -51.49 -103.65 -40.26
C SER UF 60 -50.82 -104.50 -41.34
N TYR UF 61 -51.42 -104.58 -42.52
CA TYR UF 61 -50.91 -105.40 -43.61
C TYR UF 61 -50.51 -104.48 -44.75
N LYS UF 62 -49.21 -104.26 -44.92
CA LYS UF 62 -48.68 -103.44 -45.99
C LYS UF 62 -48.17 -104.34 -47.11
N GLN UF 63 -48.63 -104.10 -48.32
CA GLN UF 63 -48.14 -104.84 -49.49
C GLN UF 63 -47.52 -103.85 -50.46
N PRO UF 64 -46.21 -103.88 -50.68
CA PRO UF 64 -45.59 -102.89 -51.56
C PRO UF 64 -45.91 -103.13 -53.02
N ILE UF 65 -46.13 -102.04 -53.75
CA ILE UF 65 -46.39 -102.09 -55.17
C ILE UF 65 -45.05 -102.06 -55.89
N THR UF 66 -44.70 -103.16 -56.55
CA THR UF 66 -43.38 -103.31 -57.14
C THR UF 66 -43.48 -103.77 -58.58
N ALA UF 67 -42.56 -103.27 -59.41
CA ALA UF 67 -42.40 -103.73 -60.78
C ALA UF 67 -40.92 -103.98 -61.02
N VAL UF 68 -40.60 -105.11 -61.63
CA VAL UF 68 -39.22 -105.56 -61.76
C VAL UF 68 -38.55 -104.77 -62.88
N ASP UF 69 -37.44 -104.10 -62.55
CA ASP UF 69 -36.68 -103.36 -63.55
C ASP UF 69 -35.96 -104.34 -64.48
N SER UF 70 -35.57 -103.83 -65.65
CA SER UF 70 -34.80 -104.62 -66.59
C SER UF 70 -33.31 -104.43 -66.35
N THR UF 71 -32.58 -105.53 -66.49
CA THR UF 71 -31.12 -105.62 -66.35
C THR UF 71 -30.64 -105.41 -64.91
N THR UF 72 -31.54 -105.11 -63.97
CA THR UF 72 -31.15 -104.92 -62.57
C THR UF 72 -32.06 -105.76 -61.68
N SER UF 73 -31.46 -106.40 -60.69
CA SER UF 73 -32.18 -107.27 -59.77
C SER UF 73 -32.59 -106.54 -58.49
N GLU UF 74 -33.32 -105.43 -58.65
CA GLU UF 74 -33.75 -104.64 -57.50
C GLU UF 74 -35.26 -104.43 -57.43
N THR UF 75 -36.01 -104.90 -58.42
CA THR UF 75 -37.47 -104.93 -58.42
C THR UF 75 -38.09 -103.68 -57.81
N LEU UF 76 -37.85 -102.54 -58.46
CA LEU UF 76 -38.28 -101.23 -57.97
C LEU UF 76 -39.70 -101.25 -57.41
N VAL UF 77 -39.85 -100.73 -56.19
CA VAL UF 77 -41.15 -100.63 -55.52
C VAL UF 77 -41.68 -99.22 -55.68
N ARG UF 78 -43.00 -99.10 -55.82
CA ARG UF 78 -43.63 -97.82 -56.12
C ARG UF 78 -44.49 -97.28 -54.98
N GLY UF 79 -45.06 -98.14 -54.16
CA GLY UF 79 -45.88 -97.69 -53.06
C GLY UF 79 -46.17 -98.82 -52.11
N GLN UF 80 -47.30 -98.72 -51.41
CA GLN UF 80 -47.73 -99.76 -50.48
C GLN UF 80 -49.22 -99.64 -50.17
N CYS UF 81 -49.94 -100.75 -50.24
CA CYS UF 81 -51.39 -100.78 -49.97
C CYS UF 81 -51.59 -101.11 -48.49
N VAL UF 82 -51.56 -100.07 -47.66
CA VAL UF 82 -51.76 -100.24 -46.22
C VAL UF 82 -53.19 -100.66 -45.94
N VAL UF 83 -53.36 -101.65 -45.05
CA VAL UF 83 -54.69 -102.07 -44.61
C VAL UF 83 -54.66 -102.30 -43.10
N ASP UF 84 -55.13 -101.32 -42.32
CA ASP UF 84 -55.15 -101.44 -40.87
C ASP UF 84 -56.45 -102.07 -40.40
N ILE UF 85 -56.35 -102.92 -39.38
CA ILE UF 85 -57.53 -103.54 -38.78
C ILE UF 85 -57.40 -103.50 -37.27
N ASN UF 86 -58.04 -102.52 -36.64
CA ASN UF 86 -58.01 -102.38 -35.19
C ASN UF 86 -59.28 -102.97 -34.58
N ILE UF 87 -59.11 -103.63 -33.45
CA ILE UF 87 -60.20 -104.33 -32.77
C ILE UF 87 -60.21 -103.90 -31.30
N VAL UF 88 -61.40 -103.59 -30.79
CA VAL UF 88 -61.58 -103.23 -29.39
C VAL UF 88 -62.75 -104.05 -28.86
N ILE UF 89 -62.48 -105.01 -28.00
CA ILE UF 89 -63.50 -105.89 -27.44
C ILE UF 89 -63.60 -105.62 -25.95
N PRO UF 90 -64.78 -105.30 -25.42
CA PRO UF 90 -64.87 -104.89 -24.02
C PRO UF 90 -64.69 -106.05 -23.06
N ARG UF 91 -64.66 -105.74 -21.76
CA ARG UF 91 -64.52 -106.79 -20.76
C ARG UF 91 -65.73 -107.70 -20.68
N VAL UF 92 -66.93 -107.16 -20.90
CA VAL UF 92 -68.17 -107.89 -20.67
C VAL UF 92 -68.54 -108.74 -21.88
N ALA UF 93 -67.65 -108.83 -22.85
CA ALA UF 93 -67.97 -109.47 -24.13
C ALA UF 93 -67.79 -110.99 -24.00
N THR UF 94 -68.91 -111.70 -23.97
CA THR UF 94 -68.89 -113.15 -23.99
C THR UF 94 -68.18 -113.64 -25.25
N ALA UF 95 -67.40 -114.71 -25.12
CA ALA UF 95 -66.60 -115.20 -26.24
C ALA UF 95 -67.44 -115.60 -27.43
N THR UF 96 -68.72 -115.92 -27.23
CA THR UF 96 -69.63 -116.11 -28.35
C THR UF 96 -69.91 -114.78 -29.05
N ASP UF 97 -70.08 -113.70 -28.29
CA ASP UF 97 -70.31 -112.40 -28.90
C ASP UF 97 -69.08 -111.91 -29.64
N ARG UF 98 -67.88 -112.15 -29.10
CA ARG UF 98 -66.67 -111.71 -29.77
C ARG UF 98 -66.48 -112.44 -31.10
N ALA UF 99 -66.78 -113.73 -31.14
CA ALA UF 99 -66.68 -114.47 -32.40
C ALA UF 99 -67.63 -113.90 -33.44
N GLU UF 100 -68.84 -113.55 -33.04
CA GLU UF 100 -69.78 -112.93 -33.96
C GLU UF 100 -69.28 -111.59 -34.45
N ALA UF 101 -68.73 -110.77 -33.54
CA ALA UF 101 -68.30 -109.43 -33.92
C ALA UF 101 -67.15 -109.48 -34.91
N ILE UF 102 -66.18 -110.37 -34.68
CA ILE UF 102 -65.01 -110.43 -35.57
C ILE UF 102 -65.40 -111.02 -36.92
N LYS UF 103 -66.15 -112.11 -36.92
CA LYS UF 103 -66.46 -112.79 -38.17
C LYS UF 103 -67.43 -111.95 -39.02
N ARG UF 104 -68.34 -111.22 -38.38
CA ARG UF 104 -69.22 -110.34 -39.14
C ARG UF 104 -68.47 -109.16 -39.73
N ALA UF 105 -67.52 -108.59 -39.01
CA ALA UF 105 -66.76 -107.47 -39.53
C ALA UF 105 -65.93 -107.89 -40.76
N PHE UF 106 -65.36 -109.09 -40.72
CA PHE UF 106 -64.55 -109.57 -41.82
C PHE UF 106 -65.39 -110.12 -42.97
N ASP UF 107 -66.72 -110.14 -42.82
CA ASP UF 107 -67.60 -110.50 -43.92
C ASP UF 107 -68.01 -109.29 -44.75
N VAL UF 108 -67.48 -108.11 -44.44
CA VAL UF 108 -67.79 -106.93 -45.25
C VAL UF 108 -67.32 -107.13 -46.68
N LEU UF 109 -66.14 -107.73 -46.85
CA LEU UF 109 -65.58 -107.92 -48.18
C LEU UF 109 -66.52 -108.71 -49.08
N ASN UF 110 -67.33 -109.60 -48.51
CA ASN UF 110 -68.29 -110.36 -49.30
C ASN UF 110 -69.64 -109.67 -49.43
N ALA UF 111 -69.88 -108.61 -48.67
CA ALA UF 111 -71.12 -107.85 -48.77
C ALA UF 111 -70.92 -106.50 -49.45
N LEU UF 112 -69.91 -105.75 -49.00
CA LEU UF 112 -69.54 -104.47 -49.60
C LEU UF 112 -68.38 -104.68 -50.57
N ASN UF 113 -68.60 -105.56 -51.54
CA ASN UF 113 -67.49 -106.09 -52.34
C ASN UF 113 -67.00 -105.07 -53.36
N ALA UF 114 -67.89 -104.62 -54.25
CA ALA UF 114 -67.46 -103.77 -55.36
C ALA UF 114 -66.82 -102.48 -54.87
N GLU UF 115 -67.35 -101.90 -53.79
CA GLU UF 115 -66.82 -100.64 -53.28
C GLU UF 115 -65.41 -100.79 -52.73
N LEU UF 116 -65.03 -101.99 -52.29
CA LEU UF 116 -63.72 -102.21 -51.69
C LEU UF 116 -62.69 -102.67 -52.70
N ILE UF 117 -63.07 -103.60 -53.58
CA ILE UF 117 -62.14 -104.10 -54.57
C ILE UF 117 -61.93 -103.07 -55.68
N THR UF 118 -63.03 -102.66 -56.33
CA THR UF 118 -62.94 -101.71 -57.44
C THR UF 118 -62.65 -100.29 -56.94
N GLY UF 119 -63.30 -99.87 -55.87
CA GLY UF 119 -63.05 -98.56 -55.30
C GLY UF 119 -63.97 -97.49 -55.83
N GLU UF 120 -65.27 -97.76 -55.81
CA GLU UF 120 -66.23 -96.88 -56.47
C GLU UF 120 -67.60 -97.06 -55.83
N GLY UF 121 -68.49 -96.13 -56.13
CA GLY UF 121 -69.90 -96.37 -55.89
C GLY UF 121 -70.56 -95.56 -54.80
N GLN UF 122 -71.60 -96.14 -54.21
CA GLN UF 122 -72.45 -95.49 -53.21
C GLN UF 122 -73.10 -94.23 -53.82
N TRP UF 123 -73.98 -94.48 -54.78
CA TRP UF 123 -74.70 -93.41 -55.45
C TRP UF 123 -75.91 -92.99 -54.61
N ALA VF 1 126.83 -17.89 -25.21
CA ALA VF 1 127.95 -18.16 -24.31
C ALA VF 1 127.79 -17.39 -23.01
N ALA VF 2 128.82 -17.43 -22.16
CA ALA VF 2 128.77 -16.67 -20.93
C ALA VF 2 128.76 -15.18 -21.24
N ARG VF 3 127.89 -14.45 -20.54
CA ARG VF 3 127.75 -13.01 -20.75
C ARG VF 3 129.05 -12.30 -20.43
N SER VF 4 129.46 -11.39 -21.30
CA SER VF 4 130.70 -10.64 -21.11
C SER VF 4 130.52 -9.26 -21.74
N SER VF 5 131.63 -8.58 -21.96
CA SER VF 5 131.61 -7.26 -22.57
C SER VF 5 131.69 -7.36 -24.09
N ILE VF 6 131.17 -6.35 -24.76
CA ILE VF 6 131.20 -6.28 -26.22
C ILE VF 6 131.76 -4.94 -26.64
N VAL VF 7 132.31 -4.89 -27.85
CA VAL VF 7 133.18 -3.80 -28.28
C VAL VF 7 132.58 -3.16 -29.54
N LEU VF 8 131.24 -3.04 -29.57
CA LEU VF 8 130.55 -2.37 -30.68
C LEU VF 8 131.33 -1.16 -31.16
N THR VF 9 131.59 -1.13 -32.46
CA THR VF 9 132.44 -0.10 -33.05
C THR VF 9 131.88 0.30 -34.41
N ASP VF 10 132.49 1.33 -34.98
CA ASP VF 10 132.16 1.78 -36.33
C ASP VF 10 133.41 2.19 -37.10
N GLY VF 11 134.54 1.62 -36.70
CA GLY VF 11 135.79 1.87 -37.40
C GLY VF 11 136.67 2.90 -36.74
N THR VF 12 136.08 3.89 -36.08
CA THR VF 12 136.87 4.96 -35.49
C THR VF 12 136.62 5.15 -33.99
N THR VF 13 135.40 4.95 -33.51
CA THR VF 13 135.05 5.20 -32.11
C THR VF 13 134.40 3.95 -31.52
N PRO VF 14 135.20 3.01 -31.02
CA PRO VF 14 134.63 1.82 -30.38
C PRO VF 14 133.91 2.17 -29.09
N VAL VF 15 132.93 1.35 -28.76
CA VAL VF 15 132.14 1.51 -27.54
C VAL VF 15 132.15 0.18 -26.80
N THR VF 16 132.54 0.20 -25.53
CA THR VF 16 132.55 -1.02 -24.71
C THR VF 16 131.28 -1.05 -23.87
N LEU VF 17 130.49 -2.10 -24.03
CA LEU VF 17 129.27 -2.30 -23.30
C LEU VF 17 129.43 -3.45 -22.32
N THR VF 18 128.75 -3.35 -21.18
CA THR VF 18 128.87 -4.34 -20.12
C THR VF 18 127.48 -4.77 -19.67
N PRO VF 19 127.30 -6.06 -19.37
CA PRO VF 19 125.96 -6.53 -18.99
C PRO VF 19 125.53 -6.03 -17.62
N VAL VF 20 124.51 -5.18 -17.58
CA VAL VF 20 124.11 -4.54 -16.34
C VAL VF 20 122.67 -4.89 -15.99
N GLY VF 21 122.21 -6.05 -16.45
CA GLY VF 21 120.88 -6.48 -16.13
C GLY VF 21 120.40 -7.54 -17.11
N GLY VF 22 119.09 -7.75 -17.11
CA GLY VF 22 118.49 -8.71 -18.00
C GLY VF 22 117.59 -9.70 -17.30
N GLY VF 23 117.70 -10.96 -17.67
CA GLY VF 23 116.87 -12.00 -17.09
C GLY VF 23 117.06 -13.31 -17.81
N VAL VF 24 115.95 -14.02 -17.99
CA VAL VF 24 115.94 -15.25 -18.78
C VAL VF 24 115.49 -14.89 -20.19
N GLY VF 25 116.34 -15.20 -21.16
CA GLY VF 25 116.07 -14.80 -22.53
C GLY VF 25 116.13 -13.30 -22.73
N GLN VF 26 117.11 -12.64 -22.11
CA GLN VF 26 117.27 -11.20 -22.19
C GLN VF 26 118.60 -10.84 -21.55
N THR VF 27 119.26 -9.81 -22.10
CA THR VF 27 120.53 -9.37 -21.57
C THR VF 27 120.73 -7.90 -21.95
N LEU VF 28 120.49 -7.00 -21.00
CA LEU VF 28 120.74 -5.59 -21.22
C LEU VF 28 122.23 -5.30 -21.24
N TYR VF 29 122.61 -4.23 -21.93
CA TYR VF 29 123.97 -3.74 -21.96
C TYR VF 29 123.95 -2.23 -21.79
N ARG VF 30 125.09 -1.66 -21.43
CA ARG VF 30 125.22 -0.22 -21.35
C ARG VF 30 126.70 0.14 -21.39
N ALA VF 31 127.02 1.22 -22.09
CA ALA VF 31 128.40 1.66 -22.17
C ALA VF 31 128.89 2.07 -20.79
N THR VF 32 130.17 1.82 -20.52
CA THR VF 32 130.72 2.03 -19.19
C THR VF 32 130.51 3.47 -18.75
N ALA VF 33 131.14 4.41 -19.45
CA ALA VF 33 130.89 5.83 -19.21
C ALA VF 33 131.40 6.61 -20.41
N GLU VF 34 130.49 7.28 -21.12
CA GLU VF 34 130.94 8.19 -22.18
C GLU VF 34 131.30 9.56 -21.58
N ALA VF 35 130.28 10.29 -21.10
CA ALA VF 35 130.53 11.51 -20.33
C ALA VF 35 129.58 11.70 -19.16
N LEU VF 36 128.46 11.00 -19.11
CA LEU VF 36 127.45 11.13 -18.06
C LEU VF 36 126.47 9.98 -18.25
N SER VF 37 125.41 9.96 -17.44
CA SER VF 37 124.33 9.02 -17.65
C SER VF 37 123.31 9.60 -18.63
N ALA VF 38 122.52 8.72 -19.22
CA ALA VF 38 121.55 8.98 -20.27
C ALA VF 38 122.20 9.38 -21.58
N ALA VF 39 123.52 9.50 -21.63
CA ALA VF 39 124.27 9.74 -22.85
C ALA VF 39 125.15 8.53 -23.17
N ASN VF 40 124.68 7.33 -22.80
CA ASN VF 40 125.41 6.10 -22.97
C ASN VF 40 124.58 5.12 -23.79
N PRO VF 41 125.15 4.53 -24.84
CA PRO VF 41 124.39 3.57 -25.66
C PRO VF 41 124.09 2.29 -24.90
N SER VF 42 123.04 1.60 -25.35
CA SER VF 42 122.62 0.34 -24.77
C SER VF 42 122.32 -0.65 -25.89
N LEU VF 43 122.44 -1.95 -25.58
CA LEU VF 43 122.28 -3.01 -26.57
C LEU VF 43 121.40 -4.13 -26.01
N SER VF 44 120.20 -3.78 -25.55
CA SER VF 44 119.21 -4.77 -25.15
C SER VF 44 119.15 -5.92 -26.15
N PHE VF 45 119.21 -7.15 -25.63
CA PHE VF 45 119.31 -8.33 -26.49
C PHE VF 45 118.48 -9.45 -25.88
N GLY VF 46 117.38 -9.80 -26.53
CA GLY VF 46 116.54 -10.90 -26.11
C GLY VF 46 116.69 -12.12 -27.03
N TYR VF 47 116.05 -13.20 -26.60
CA TYR VF 47 116.04 -14.45 -27.36
C TYR VF 47 115.05 -15.39 -26.72
N ARG VF 48 114.32 -16.13 -27.55
CA ARG VF 48 113.32 -17.06 -27.04
C ARG VF 48 112.98 -18.06 -28.11
N PHE VF 49 112.37 -19.17 -27.70
CA PHE VF 49 111.90 -20.21 -28.59
C PHE VF 49 110.38 -20.33 -28.44
N THR VF 50 109.67 -20.28 -29.57
CA THR VF 50 108.23 -20.50 -29.55
C THR VF 50 107.92 -21.99 -29.51
N ASP VF 51 106.69 -22.36 -29.84
CA ASP VF 51 106.28 -23.76 -29.87
C ASP VF 51 107.31 -24.64 -30.57
N GLY VF 52 107.69 -24.28 -31.79
CA GLY VF 52 108.72 -24.98 -32.51
C GLY VF 52 110.09 -24.43 -32.16
N GLY VF 53 111.09 -24.88 -32.93
CA GLY VF 53 112.44 -24.42 -32.71
C GLY VF 53 112.73 -23.08 -33.35
N THR VF 54 111.69 -22.25 -33.48
CA THR VF 54 111.81 -20.95 -34.12
C THR VF 54 112.62 -20.03 -33.23
N ASN VF 55 113.90 -19.86 -33.55
CA ASN VF 55 114.83 -19.11 -32.73
C ASN VF 55 114.58 -17.61 -32.85
N ARG VF 56 113.53 -17.12 -32.18
CA ARG VF 56 113.11 -15.73 -32.30
C ARG VF 56 114.02 -14.84 -31.46
N GLN VF 57 115.19 -14.53 -32.00
CA GLN VF 57 116.07 -13.57 -31.37
C GLN VF 57 115.63 -12.14 -31.69
N SER VF 58 116.12 -11.20 -30.90
CA SER VF 58 115.78 -9.80 -31.07
C SER VF 58 116.92 -8.94 -30.57
N LEU VF 59 116.97 -7.70 -31.05
CA LEU VF 59 117.98 -6.76 -30.62
C LEU VF 59 117.40 -5.36 -30.63
N SER VF 60 118.09 -4.44 -29.96
CA SER VF 60 117.69 -3.04 -29.94
C SER VF 60 118.88 -2.22 -29.45
N TYR VF 61 119.43 -1.39 -30.32
CA TYR VF 61 120.56 -0.54 -29.99
C TYR VF 61 120.08 0.90 -29.97
N LYS VF 62 120.23 1.57 -28.84
CA LYS VF 62 119.76 2.94 -28.65
C LYS VF 62 120.93 3.83 -28.32
N GLN VF 63 121.31 4.68 -29.26
CA GLN VF 63 122.37 5.66 -29.04
C GLN VF 63 121.75 7.03 -28.88
N PRO VF 64 121.86 7.66 -27.72
CA PRO VF 64 121.19 8.94 -27.49
C PRO VF 64 121.97 10.12 -28.02
N ILE VF 65 121.23 11.14 -28.45
CA ILE VF 65 121.78 12.31 -29.11
C ILE VF 65 121.95 13.40 -28.06
N THR VF 66 123.19 13.78 -27.80
CA THR VF 66 123.51 14.74 -26.75
C THR VF 66 124.02 16.04 -27.36
N ALA VF 67 123.74 17.15 -26.68
CA ALA VF 67 124.11 18.46 -27.17
C ALA VF 67 124.26 19.41 -25.98
N VAL VF 68 125.19 20.37 -26.14
CA VAL VF 68 125.45 21.33 -25.06
C VAL VF 68 124.28 22.31 -24.94
N ASP VF 69 124.13 22.87 -23.75
CA ASP VF 69 123.04 23.79 -23.41
C ASP VF 69 123.64 25.08 -22.84
N SER VF 70 124.53 25.69 -23.63
CA SER VF 70 125.40 26.80 -23.24
C SER VF 70 124.74 27.83 -22.33
N THR VF 71 123.44 28.07 -22.49
CA THR VF 71 122.73 28.92 -21.54
C THR VF 71 122.89 28.42 -20.11
N THR VF 72 123.04 27.10 -19.93
CA THR VF 72 123.35 26.51 -18.65
C THR VF 72 124.61 25.65 -18.67
N SER VF 73 125.11 25.29 -19.86
CA SER VF 73 126.32 24.49 -20.04
C SER VF 73 126.18 23.08 -19.49
N GLU VF 74 124.97 22.54 -19.47
CA GLU VF 74 124.71 21.17 -19.05
C GLU VF 74 124.39 20.33 -20.27
N THR VF 75 125.08 19.19 -20.40
CA THR VF 75 125.01 18.37 -21.61
C THR VF 75 123.69 17.60 -21.65
N LEU VF 76 122.63 18.32 -21.99
CA LEU VF 76 121.31 17.70 -22.10
C LEU VF 76 121.27 16.77 -23.30
N VAL VF 77 120.40 15.76 -23.21
CA VAL VF 77 120.19 14.80 -24.29
C VAL VF 77 118.87 15.12 -24.98
N ARG VF 78 118.91 15.21 -26.32
CA ARG VF 78 117.74 15.58 -27.10
C ARG VF 78 116.89 14.37 -27.45
N GLY VF 79 117.50 13.39 -28.13
CA GLY VF 79 116.78 12.19 -28.53
C GLY VF 79 117.72 11.00 -28.68
N GLN VF 80 117.23 9.91 -29.27
CA GLN VF 80 118.02 8.71 -29.43
C GLN VF 80 117.78 8.10 -30.80
N CYS VF 81 118.78 7.37 -31.28
CA CYS VF 81 118.67 6.61 -32.53
C CYS VF 81 118.45 5.14 -32.19
N VAL VF 82 117.40 4.56 -32.74
CA VAL VF 82 116.96 3.22 -32.38
C VAL VF 82 117.14 2.31 -33.59
N VAL VF 83 117.84 1.20 -33.40
CA VAL VF 83 118.03 0.19 -34.44
C VAL VF 83 117.59 -1.15 -33.86
N ASP VF 84 116.60 -1.78 -34.49
CA ASP VF 84 116.07 -3.06 -34.04
C ASP VF 84 116.39 -4.11 -35.09
N ILE VF 85 117.15 -5.14 -34.72
CA ILE VF 85 117.45 -6.23 -35.62
C ILE VF 85 116.78 -7.49 -35.13
N ASN VF 86 115.57 -7.77 -35.60
CA ASN VF 86 114.88 -8.99 -35.25
C ASN VF 86 115.30 -10.12 -36.18
N ILE VF 87 115.42 -11.31 -35.60
CA ILE VF 87 115.82 -12.50 -36.34
C ILE VF 87 114.86 -13.63 -36.00
N VAL VF 88 114.36 -14.32 -37.02
CA VAL VF 88 113.49 -15.47 -36.83
C VAL VF 88 113.99 -16.59 -37.74
N ILE VF 89 114.40 -17.71 -37.15
CA ILE VF 89 114.88 -18.87 -37.88
C ILE VF 89 114.04 -20.06 -37.45
N PRO VF 90 113.32 -20.73 -38.36
CA PRO VF 90 112.46 -21.84 -37.96
C PRO VF 90 113.27 -23.08 -37.61
N ARG VF 91 112.57 -24.05 -37.02
CA ARG VF 91 113.20 -25.30 -36.64
C ARG VF 91 113.72 -26.07 -37.84
N VAL VF 92 113.03 -25.97 -38.98
CA VAL VF 92 113.34 -26.76 -40.16
C VAL VF 92 114.59 -26.24 -40.87
N ALA VF 93 115.18 -25.18 -40.33
CA ALA VF 93 116.32 -24.54 -40.97
C ALA VF 93 117.61 -25.29 -40.64
N THR VF 94 118.33 -25.70 -41.68
CA THR VF 94 119.63 -26.32 -41.47
C THR VF 94 120.62 -25.28 -40.94
N ALA VF 95 121.69 -25.76 -40.33
CA ALA VF 95 122.67 -24.88 -39.70
C ALA VF 95 123.34 -23.93 -40.69
N THR VF 96 123.35 -24.25 -41.98
CA THR VF 96 124.00 -23.40 -42.98
C THR VF 96 123.09 -22.34 -43.56
N ASP VF 97 121.77 -22.60 -43.61
CA ASP VF 97 120.84 -21.57 -44.05
C ASP VF 97 120.69 -20.47 -43.01
N ARG VF 98 120.81 -20.83 -41.73
CA ARG VF 98 120.81 -19.80 -40.68
C ARG VF 98 122.03 -18.91 -40.79
N ALA VF 99 123.20 -19.48 -41.06
CA ALA VF 99 124.39 -18.67 -41.23
C ALA VF 99 124.33 -17.87 -42.53
N GLU VF 100 123.70 -18.42 -43.56
CA GLU VF 100 123.55 -17.69 -44.82
C GLU VF 100 122.65 -16.48 -44.65
N ALA VF 101 121.52 -16.65 -43.95
CA ALA VF 101 120.55 -15.57 -43.83
C ALA VF 101 121.08 -14.43 -42.97
N ILE VF 102 121.72 -14.76 -41.85
CA ILE VF 102 122.14 -13.73 -40.90
C ILE VF 102 123.22 -12.85 -41.52
N LYS VF 103 124.23 -13.46 -42.14
CA LYS VF 103 125.32 -12.68 -42.69
C LYS VF 103 124.88 -11.87 -43.91
N ARG VF 104 123.93 -12.40 -44.68
CA ARG VF 104 123.48 -11.67 -45.86
C ARG VF 104 122.68 -10.43 -45.48
N ALA VF 105 121.72 -10.58 -44.57
CA ALA VF 105 120.90 -9.44 -44.16
C ALA VF 105 121.72 -8.38 -43.45
N PHE VF 106 122.81 -8.76 -42.79
CA PHE VF 106 123.70 -7.78 -42.20
C PHE VF 106 124.63 -7.15 -43.23
N ASP VF 107 124.65 -7.68 -44.45
CA ASP VF 107 125.43 -7.09 -45.53
C ASP VF 107 124.65 -6.03 -46.29
N VAL VF 108 123.45 -5.69 -45.83
CA VAL VF 108 122.65 -4.67 -46.50
C VAL VF 108 123.39 -3.34 -46.49
N LEU VF 109 123.95 -2.95 -45.35
CA LEU VF 109 124.57 -1.65 -45.21
C LEU VF 109 125.72 -1.46 -46.20
N ASN VF 110 126.43 -2.53 -46.53
CA ASN VF 110 127.47 -2.42 -47.55
C ASN VF 110 126.87 -2.23 -48.94
N ALA VF 111 125.71 -2.83 -49.20
CA ALA VF 111 125.11 -2.73 -50.53
C ALA VF 111 124.12 -1.58 -50.62
N LEU VF 112 123.08 -1.61 -49.79
CA LEU VF 112 122.08 -0.54 -49.78
C LEU VF 112 122.51 0.56 -48.81
N ASN VF 113 123.62 1.20 -49.17
CA ASN VF 113 124.32 2.05 -48.20
C ASN VF 113 123.68 3.43 -48.09
N ALA VF 114 123.65 4.17 -49.20
CA ALA VF 114 123.34 5.59 -49.15
C ALA VF 114 121.96 5.89 -48.57
N GLU VF 115 121.01 4.97 -48.68
CA GLU VF 115 119.67 5.21 -48.17
C GLU VF 115 119.54 4.98 -46.68
N LEU VF 116 120.52 4.31 -46.06
CA LEU VF 116 120.54 4.10 -44.62
C LEU VF 116 121.39 5.12 -43.89
N ILE VF 117 122.64 5.27 -44.32
CA ILE VF 117 123.56 6.18 -43.65
C ILE VF 117 123.06 7.62 -43.76
N THR VF 118 122.70 8.04 -44.97
CA THR VF 118 122.39 9.45 -45.21
C THR VF 118 120.93 9.78 -44.97
N GLY VF 119 120.03 8.80 -45.08
CA GLY VF 119 118.63 9.03 -44.84
C GLY VF 119 117.83 9.48 -46.04
N GLU VF 120 118.45 9.63 -47.20
CA GLU VF 120 117.73 10.05 -48.39
C GLU VF 120 116.74 8.97 -48.83
N GLY VF 121 115.63 9.42 -49.41
CA GLY VF 121 114.61 8.53 -49.90
C GLY VF 121 114.79 8.25 -51.37
N GLN VF 122 114.94 6.98 -51.70
CA GLN VF 122 115.18 6.59 -53.08
C GLN VF 122 113.94 6.86 -53.93
N TRP VF 123 114.18 7.24 -55.19
CA TRP VF 123 113.11 7.59 -56.10
C TRP VF 123 112.95 6.55 -57.20
N ALA WF 1 136.27 -5.62 -14.67
CA ALA WF 1 135.16 -5.69 -13.74
C ALA WF 1 134.51 -7.07 -13.75
N ALA WF 2 135.32 -8.09 -14.01
CA ALA WF 2 134.89 -9.47 -13.93
C ALA WF 2 134.87 -9.93 -12.48
N ARG WF 3 134.14 -11.01 -12.23
CA ARG WF 3 134.00 -11.53 -10.87
C ARG WF 3 135.26 -12.27 -10.46
N SER WF 4 135.86 -11.84 -9.35
CA SER WF 4 137.05 -12.48 -8.80
C SER WF 4 137.06 -12.25 -7.30
N SER WF 5 138.05 -12.84 -6.64
CA SER WF 5 138.16 -12.70 -5.19
C SER WF 5 138.55 -11.27 -4.83
N ILE WF 6 137.95 -10.77 -3.75
CA ILE WF 6 138.25 -9.45 -3.23
C ILE WF 6 138.80 -9.58 -1.82
N VAL WF 7 139.59 -8.58 -1.41
CA VAL WF 7 140.46 -8.71 -0.25
C VAL WF 7 140.11 -7.63 0.78
N LEU WF 8 138.82 -7.38 0.98
CA LEU WF 8 138.33 -6.48 2.03
C LEU WF 8 139.18 -6.59 3.28
N THR WF 9 139.62 -5.43 3.79
CA THR WF 9 140.49 -5.40 4.96
C THR WF 9 140.24 -4.13 5.74
N ASP WF 10 140.57 -4.19 7.03
CA ASP WF 10 140.47 -3.03 7.92
C ASP WF 10 141.82 -2.44 8.27
N GLY WF 11 142.91 -3.05 7.82
CA GLY WF 11 144.24 -2.58 8.14
C GLY WF 11 145.01 -3.62 8.93
N THR WF 12 144.33 -4.35 9.80
CA THR WF 12 144.97 -5.35 10.65
C THR WF 12 144.88 -6.75 10.04
N THR WF 13 143.66 -7.23 9.82
CA THR WF 13 143.43 -8.58 9.34
C THR WF 13 142.64 -8.53 8.04
N PRO WF 14 143.23 -8.88 6.90
CA PRO WF 14 142.46 -8.95 5.66
C PRO WF 14 141.61 -10.20 5.59
N VAL WF 15 140.45 -10.08 4.96
CA VAL WF 15 139.57 -11.21 4.71
C VAL WF 15 139.34 -11.30 3.21
N THR WF 16 139.50 -12.50 2.65
CA THR WF 16 139.40 -12.72 1.21
C THR WF 16 138.05 -13.34 0.90
N LEU WF 17 137.21 -12.60 0.20
CA LEU WF 17 135.89 -13.09 -0.21
C LEU WF 17 135.95 -13.55 -1.65
N THR WF 18 135.43 -14.75 -1.90
CA THR WF 18 135.36 -15.31 -3.25
C THR WF 18 133.91 -15.43 -3.69
N PRO WF 19 133.61 -15.25 -4.96
CA PRO WF 19 132.21 -15.30 -5.41
C PRO WF 19 131.59 -16.66 -5.13
N VAL WF 20 130.31 -16.66 -4.76
CA VAL WF 20 129.59 -17.90 -4.54
C VAL WF 20 128.25 -17.85 -5.26
N GLY WF 21 128.16 -17.04 -6.31
CA GLY WF 21 126.97 -17.07 -7.13
C GLY WF 21 126.39 -15.72 -7.52
N GLY WF 22 125.09 -15.69 -7.75
CA GLY WF 22 124.39 -14.44 -8.00
C GLY WF 22 123.74 -14.32 -9.36
N GLY WF 23 124.44 -14.71 -10.42
CA GLY WF 23 123.91 -14.52 -11.75
C GLY WF 23 124.00 -13.09 -12.22
N VAL WF 24 123.07 -12.65 -13.07
CA VAL WF 24 123.09 -11.32 -13.64
C VAL WF 24 122.33 -10.38 -12.72
N GLY WF 25 122.84 -9.17 -12.55
CA GLY WF 25 122.22 -8.20 -11.67
C GLY WF 25 122.64 -8.28 -10.22
N GLN WF 26 123.51 -9.21 -9.85
CA GLN WF 26 123.99 -9.28 -8.47
C GLN WF 26 125.21 -10.19 -8.44
N THR WF 27 125.84 -10.24 -7.26
CA THR WF 27 127.01 -11.10 -7.05
C THR WF 27 127.12 -11.37 -5.56
N LEU WF 28 127.22 -12.63 -5.19
CA LEU WF 28 127.39 -13.01 -3.79
C LEU WF 28 128.85 -13.38 -3.53
N TYR WF 29 129.34 -12.97 -2.38
CA TYR WF 29 130.69 -13.29 -1.95
C TYR WF 29 130.62 -13.98 -0.60
N ARG WF 30 131.69 -14.69 -0.26
CA ARG WF 30 131.80 -15.33 1.05
C ARG WF 30 133.22 -15.81 1.30
N ALA WF 31 133.78 -15.48 2.45
CA ALA WF 31 135.12 -15.94 2.80
C ALA WF 31 135.09 -17.43 3.11
N THR WF 32 136.26 -18.02 3.31
CA THR WF 32 136.32 -19.45 3.61
C THR WF 32 136.02 -19.71 5.09
N ALA WF 33 136.95 -19.30 5.96
CA ALA WF 33 136.86 -19.51 7.41
C ALA WF 33 136.23 -20.87 7.72
N GLU WF 34 136.75 -21.89 7.05
CA GLU WF 34 136.10 -23.19 6.98
C GLU WF 34 135.93 -23.79 8.37
N ALA WF 35 134.87 -24.59 8.53
CA ALA WF 35 134.61 -25.31 9.78
C ALA WF 35 134.48 -24.31 10.94
N LEU WF 36 133.37 -23.58 10.92
CA LEU WF 36 132.13 -23.82 10.19
C LEU WF 36 132.04 -22.98 8.92
N SER WF 37 131.18 -23.40 7.99
CA SER WF 37 131.04 -22.71 6.71
C SER WF 37 130.05 -21.55 6.74
N ALA WF 38 129.19 -21.49 7.74
CA ALA WF 38 128.26 -20.38 7.91
C ALA WF 38 128.80 -19.29 8.81
N ALA WF 39 129.98 -19.49 9.38
CA ALA WF 39 130.61 -18.50 10.26
C ALA WF 39 131.71 -17.75 9.53
N ASN WF 40 131.34 -17.02 8.48
CA ASN WF 40 132.31 -16.20 7.75
C ASN WF 40 131.55 -15.09 7.04
N PRO WF 41 132.21 -13.96 6.76
CA PRO WF 41 131.51 -12.80 6.22
C PRO WF 41 131.08 -12.99 4.77
N SER WF 42 130.14 -12.15 4.35
CA SER WF 42 129.58 -12.20 3.01
C SER WF 42 129.38 -10.77 2.50
N LEU WF 43 129.31 -10.63 1.18
CA LEU WF 43 129.19 -9.32 0.54
C LEU WF 43 128.16 -9.32 -0.60
N SER WF 44 126.93 -9.74 -0.30
CA SER WF 44 125.86 -9.64 -1.29
C SER WF 44 125.83 -8.26 -1.92
N PHE WF 45 126.11 -8.20 -3.23
CA PHE WF 45 126.24 -6.93 -3.95
C PHE WF 45 125.34 -6.96 -5.18
N GLY WF 46 124.36 -6.06 -5.23
CA GLY WF 46 123.46 -5.97 -6.35
C GLY WF 46 123.59 -4.66 -7.10
N TYR WF 47 122.91 -4.58 -8.24
CA TYR WF 47 122.92 -3.40 -9.09
C TYR WF 47 121.91 -3.59 -10.21
N ARG WF 48 121.31 -2.49 -10.65
CA ARG WF 48 120.32 -2.53 -11.73
C ARG WF 48 120.12 -1.12 -12.25
N PHE WF 49 119.38 -1.02 -13.36
CA PHE WF 49 119.01 0.24 -13.97
C PHE WF 49 117.50 0.26 -14.17
N THR WF 50 116.85 1.31 -13.71
CA THR WF 50 115.40 1.42 -13.84
C THR WF 50 115.04 1.99 -15.21
N ASP WF 51 113.79 2.44 -15.35
CA ASP WF 51 113.32 3.01 -16.61
C ASP WF 51 114.25 4.09 -17.12
N GLY WF 52 114.73 4.95 -16.23
CA GLY WF 52 115.71 5.95 -16.61
C GLY WF 52 117.11 5.38 -16.57
N GLY WF 53 118.08 6.22 -16.21
CA GLY WF 53 119.45 5.76 -16.04
C GLY WF 53 119.79 5.63 -14.58
N THR WF 54 118.76 5.53 -13.74
CA THR WF 54 118.94 5.52 -12.29
C THR WF 54 119.65 4.24 -11.89
N ASN WF 55 120.95 4.34 -11.66
CA ASN WF 55 121.79 3.20 -11.30
C ASN WF 55 121.64 2.94 -9.81
N ARG WF 56 120.80 1.97 -9.44
CA ARG WF 56 120.54 1.67 -8.04
C ARG WF 56 121.39 0.50 -7.59
N GLN WF 57 122.65 0.80 -7.26
CA GLN WF 57 123.51 -0.20 -6.68
C GLN WF 57 123.12 -0.47 -5.23
N SER WF 58 123.62 -1.58 -4.69
CA SER WF 58 123.26 -1.99 -3.34
C SER WF 58 124.20 -3.04 -2.80
N LEU WF 59 124.74 -2.83 -1.61
CA LEU WF 59 125.65 -3.78 -0.99
C LEU WF 59 125.09 -4.19 0.37
N SER WF 60 125.64 -5.27 0.91
CA SER WF 60 125.25 -5.73 2.24
C SER WF 60 126.35 -6.64 2.76
N TYR WF 61 127.10 -6.18 3.74
CA TYR WF 61 128.22 -6.92 4.30
C TYR WF 61 127.83 -7.42 5.68
N LYS WF 62 127.63 -8.72 5.80
CA LYS WF 62 127.29 -9.36 7.07
C LYS WF 62 128.49 -10.14 7.58
N GLN WF 63 128.89 -9.87 8.82
CA GLN WF 63 129.98 -10.58 9.46
C GLN WF 63 129.46 -11.26 10.71
N PRO WF 64 129.41 -12.59 10.76
CA PRO WF 64 128.89 -13.26 11.95
C PRO WF 64 129.89 -13.27 13.08
N ILE WF 65 129.37 -13.30 14.30
CA ILE WF 65 130.18 -13.28 15.51
C ILE WF 65 130.33 -14.71 15.98
N THR WF 66 131.57 -15.20 16.00
CA THR WF 66 131.87 -16.58 16.31
C THR WF 66 132.30 -16.73 17.76
N ALA WF 67 132.29 -17.98 18.24
CA ALA WF 67 132.70 -18.28 19.60
C ALA WF 67 133.08 -19.76 19.65
N VAL WF 68 134.37 -20.04 19.75
CA VAL WF 68 134.85 -21.42 19.74
C VAL WF 68 134.57 -22.04 21.10
N ASP WF 69 133.65 -23.01 21.14
CA ASP WF 69 133.24 -23.66 22.36
C ASP WF 69 134.29 -24.72 22.71
N SER WF 70 135.19 -24.38 23.62
CA SER WF 70 136.30 -25.28 23.95
C SER WF 70 135.82 -26.60 24.54
N THR WF 71 134.66 -26.63 25.17
CA THR WF 71 134.15 -27.86 25.75
C THR WF 71 133.88 -28.91 24.68
N THR WF 72 133.16 -28.53 23.63
CA THR WF 72 132.79 -29.43 22.56
C THR WF 72 133.71 -29.29 21.34
N SER WF 73 134.42 -28.17 21.22
CA SER WF 73 135.30 -27.86 20.09
C SER WF 73 134.49 -27.72 18.80
N GLU WF 74 133.48 -26.85 18.87
CA GLU WF 74 132.69 -26.49 17.72
C GLU WF 74 132.49 -24.98 17.71
N THR WF 75 132.39 -24.41 16.51
CA THR WF 75 132.21 -22.98 16.37
C THR WF 75 130.73 -22.64 16.39
N LEU WF 76 130.35 -21.75 17.30
CA LEU WF 76 128.97 -21.31 17.44
C LEU WF 76 128.83 -19.90 16.91
N VAL WF 77 127.66 -19.60 16.35
CA VAL WF 77 127.39 -18.29 15.78
C VAL WF 77 126.40 -17.57 16.67
N ARG WF 78 126.83 -16.45 17.25
CA ARG WF 78 126.02 -15.70 18.20
C ARG WF 78 125.19 -14.61 17.55
N GLY WF 79 125.70 -14.02 16.47
CA GLY WF 79 124.97 -12.98 15.79
C GLY WF 79 125.83 -12.43 14.67
N GLN WF 80 125.28 -11.47 13.93
CA GLN WF 80 126.00 -10.90 12.80
C GLN WF 80 125.86 -9.40 12.77
N CYS WF 81 126.95 -8.71 12.44
CA CYS WF 81 126.92 -7.28 12.20
C CYS WF 81 126.63 -7.03 10.73
N VAL WF 82 125.60 -6.25 10.45
CA VAL WF 82 125.13 -6.02 9.09
C VAL WF 82 125.37 -4.56 8.73
N VAL WF 83 125.95 -4.33 7.55
CA VAL WF 83 126.22 -3.00 7.05
C VAL WF 83 125.66 -2.90 5.64
N ASP WF 84 124.55 -2.19 5.47
CA ASP WF 84 123.95 -1.97 4.17
C ASP WF 84 124.40 -0.64 3.60
N ILE WF 85 124.69 -0.61 2.31
CA ILE WF 85 125.15 0.60 1.63
C ILE WF 85 124.36 0.70 0.33
N ASN WF 86 123.24 1.39 0.35
CA ASN WF 86 122.49 1.63 -0.87
C ASN WF 86 122.99 2.87 -1.58
N ILE WF 87 123.06 2.81 -2.90
CA ILE WF 87 123.54 3.90 -3.72
C ILE WF 87 122.53 4.14 -4.83
N VAL WF 88 122.04 5.37 -4.94
CA VAL WF 88 121.14 5.76 -6.02
C VAL WF 88 121.80 6.90 -6.78
N ILE WF 89 121.91 6.75 -8.09
CA ILE WF 89 122.52 7.77 -8.92
C ILE WF 89 121.54 8.13 -10.04
N PRO WF 90 121.04 9.35 -10.08
CA PRO WF 90 119.97 9.66 -11.04
C PRO WF 90 120.44 9.67 -12.48
N ARG WF 91 119.48 9.79 -13.40
CA ARG WF 91 119.76 9.77 -14.82
C ARG WF 91 120.62 10.94 -15.27
N VAL WF 92 120.60 12.06 -14.54
CA VAL WF 92 121.22 13.30 -14.98
C VAL WF 92 122.60 13.51 -14.36
N ALA WF 93 123.17 12.48 -13.74
CA ALA WF 93 124.39 12.65 -12.96
C ALA WF 93 125.60 12.50 -13.86
N THR WF 94 126.49 13.49 -13.80
CA THR WF 94 127.74 13.43 -14.55
C THR WF 94 128.65 12.34 -13.98
N ALA WF 95 129.56 11.86 -14.83
CA ALA WF 95 130.48 10.81 -14.42
C ALA WF 95 131.49 11.25 -13.37
N THR WF 96 131.66 12.56 -13.17
CA THR WF 96 132.53 13.07 -12.12
C THR WF 96 131.79 13.42 -10.85
N ASP WF 97 130.47 13.59 -10.91
CA ASP WF 97 129.68 13.76 -9.70
C ASP WF 97 129.49 12.44 -8.99
N ARG WF 98 129.49 11.33 -9.73
CA ARG WF 98 129.41 10.01 -9.11
C ARG WF 98 130.62 9.77 -8.21
N ALA WF 99 131.81 10.05 -8.72
CA ALA WF 99 133.02 9.87 -7.91
C ALA WF 99 133.01 10.82 -6.71
N GLU WF 100 132.54 12.05 -6.90
CA GLU WF 100 132.47 12.98 -5.79
C GLU WF 100 131.49 12.50 -4.73
N ALA WF 101 130.31 12.05 -5.16
CA ALA WF 101 129.30 11.64 -4.19
C ALA WF 101 129.70 10.38 -3.46
N ILE WF 102 130.15 9.36 -4.20
CA ILE WF 102 130.47 8.07 -3.60
C ILE WF 102 131.65 8.19 -2.65
N LYS WF 103 132.74 8.81 -3.12
CA LYS WF 103 133.94 8.87 -2.28
C LYS WF 103 133.74 9.77 -1.07
N ARG WF 104 132.81 10.73 -1.14
CA ARG WF 104 132.52 11.55 0.02
C ARG WF 104 131.69 10.80 1.05
N ALA WF 105 130.69 10.04 0.60
CA ALA WF 105 129.87 9.28 1.52
C ALA WF 105 130.70 8.21 2.24
N PHE WF 106 131.59 7.55 1.53
CA PHE WF 106 132.47 6.57 2.16
C PHE WF 106 133.58 7.22 2.98
N ASP WF 107 133.70 8.54 2.93
CA ASP WF 107 134.64 9.25 3.80
C ASP WF 107 134.03 9.61 5.14
N VAL WF 108 132.79 9.21 5.40
CA VAL WF 108 132.17 9.49 6.69
C VAL WF 108 132.95 8.82 7.80
N LEU WF 109 133.39 7.59 7.57
CA LEU WF 109 134.14 6.86 8.59
C LEU WF 109 135.36 7.63 9.06
N ASN WF 110 135.94 8.46 8.20
CA ASN WF 110 137.04 9.31 8.62
C ASN WF 110 136.58 10.59 9.27
N ALA WF 111 135.34 11.02 9.01
CA ALA WF 111 134.80 12.22 9.63
C ALA WF 111 134.04 11.89 10.90
N LEU WF 112 133.02 11.03 10.78
CA LEU WF 112 132.19 10.64 11.92
C LEU WF 112 132.72 9.35 12.54
N ASN WF 113 134.01 9.39 12.87
CA ASN WF 113 134.73 8.17 13.21
C ASN WF 113 134.30 7.61 14.56
N ALA WF 114 134.35 8.44 15.61
CA ALA WF 114 134.07 7.94 16.95
C ALA WF 114 132.64 7.47 17.11
N GLU WF 115 131.71 8.03 16.35
CA GLU WF 115 130.31 7.60 16.46
C GLU WF 115 130.05 6.27 15.78
N LEU WF 116 131.01 5.73 15.03
CA LEU WF 116 130.81 4.48 14.32
C LEU WF 116 131.74 3.37 14.80
N ILE WF 117 133.01 3.68 15.00
CA ILE WF 117 133.96 2.65 15.41
C ILE WF 117 133.70 2.19 16.84
N THR WF 118 133.45 3.13 17.74
CA THR WF 118 133.22 2.80 19.15
C THR WF 118 131.75 2.69 19.52
N GLY WF 119 130.87 3.35 18.78
CA GLY WF 119 129.45 3.26 19.02
C GLY WF 119 128.85 4.38 19.85
N GLU WF 120 129.61 5.44 20.11
CA GLU WF 120 129.11 6.55 20.92
C GLU WF 120 127.97 7.26 20.21
N GLY WF 121 127.40 8.22 20.91
CA GLY WF 121 126.50 9.17 20.29
C GLY WF 121 126.98 10.57 20.61
N GLN WF 122 126.89 11.44 19.62
CA GLN WF 122 127.39 12.80 19.81
C GLN WF 122 126.46 13.58 20.73
N TRP WF 123 127.07 14.31 21.66
CA TRP WF 123 126.31 15.02 22.69
C TRP WF 123 126.24 16.52 22.44
N ALA XF 1 132.51 12.74 19.73
CA ALA XF 1 132.53 14.00 20.45
C ALA XF 1 131.25 14.78 20.18
N ALA XF 2 131.24 16.05 20.55
CA ALA XF 2 130.05 16.87 20.39
C ALA XF 2 129.80 17.17 18.93
N ARG XF 3 128.57 17.59 18.63
CA ARG XF 3 128.22 17.99 17.27
C ARG XF 3 129.13 19.11 16.81
N SER XF 4 129.93 18.86 15.78
CA SER XF 4 130.85 19.88 15.28
C SER XF 4 130.80 19.94 13.77
N SER XF 5 131.74 20.65 13.16
CA SER XF 5 131.82 20.76 11.71
C SER XF 5 132.68 19.63 11.16
N ILE XF 6 132.13 18.86 10.22
CA ILE XF 6 132.84 17.76 9.60
C ILE XF 6 133.32 18.19 8.23
N VAL XF 7 134.36 17.51 7.73
CA VAL XF 7 135.11 17.95 6.56
C VAL XF 7 135.05 16.88 5.48
N LEU XF 8 133.89 16.24 5.32
CA LEU XF 8 133.66 15.23 4.28
C LEU XF 8 134.32 15.62 2.97
N THR XF 9 135.24 14.78 2.49
CA THR XF 9 136.05 15.07 1.32
C THR XF 9 136.14 13.84 0.45
N ASP XF 10 136.91 13.96 -0.64
CA ASP XF 10 137.18 12.81 -1.50
C ASP XF 10 138.62 12.77 -1.98
N GLY XF 11 139.52 13.58 -1.40
CA GLY XF 11 140.89 13.66 -1.80
C GLY XF 11 141.23 14.89 -2.61
N THR XF 12 140.26 15.47 -3.31
CA THR XF 12 140.48 16.66 -4.11
C THR XF 12 139.63 17.84 -3.66
N THR XF 13 138.33 17.66 -3.51
CA THR XF 13 137.41 18.76 -3.23
C THR XF 13 136.70 18.54 -1.90
N PRO XF 14 137.20 19.11 -0.81
CA PRO XF 14 136.54 18.96 0.49
C PRO XF 14 135.26 19.78 0.58
N VAL XF 15 134.38 19.35 1.47
CA VAL XF 15 133.14 20.06 1.78
C VAL XF 15 132.97 20.07 3.30
N THR XF 16 132.72 21.23 3.87
CA THR XF 16 132.54 21.37 5.30
C THR XF 16 131.06 21.45 5.62
N LEU XF 17 130.62 20.60 6.56
CA LEU XF 17 129.21 20.49 6.93
C LEU XF 17 129.04 20.83 8.40
N THR XF 18 128.07 21.69 8.72
CA THR XF 18 127.79 22.06 10.08
C THR XF 18 126.36 21.70 10.47
N PRO XF 19 126.14 21.26 11.71
CA PRO XF 19 124.81 20.74 12.07
C PRO XF 19 123.71 21.78 11.90
N VAL XF 20 122.56 21.32 11.43
CA VAL XF 20 121.48 22.22 11.02
C VAL XF 20 120.21 21.78 11.73
N GLY XF 21 120.36 20.97 12.76
CA GLY XF 21 119.21 20.60 13.54
C GLY XF 21 119.30 19.17 14.00
N GLY XF 22 118.13 18.52 14.09
CA GLY XF 22 118.06 17.16 14.55
C GLY XF 22 117.39 17.01 15.90
N GLY XF 23 118.02 16.28 16.81
CA GLY XF 23 117.45 16.02 18.11
C GLY XF 23 118.30 15.07 18.93
N VAL XF 24 117.68 14.09 19.57
CA VAL XF 24 118.40 13.04 20.28
C VAL XF 24 118.44 11.80 19.38
N GLY XF 25 119.65 11.29 19.16
CA GLY XF 25 119.83 10.23 18.20
C GLY XF 25 119.43 10.68 16.81
N GLN XF 26 119.82 11.89 16.44
CA GLN XF 26 119.55 12.47 15.14
C GLN XF 26 120.39 13.72 14.97
N THR XF 27 120.99 13.88 13.79
CA THR XF 27 121.90 15.01 13.57
C THR XF 27 121.92 15.30 12.07
N LEU XF 28 121.33 16.43 11.68
CA LEU XF 28 121.40 16.86 10.30
C LEU XF 28 122.75 17.54 10.04
N TYR XF 29 123.02 17.77 8.76
CA TYR XF 29 124.22 18.50 8.35
C TYR XF 29 123.90 19.22 7.06
N ARG XF 30 124.74 20.19 6.71
CA ARG XF 30 124.66 20.89 5.44
C ARG XF 30 125.90 21.77 5.31
N ALA XF 31 126.18 22.18 4.08
CA ALA XF 31 127.35 23.00 3.78
C ALA XF 31 126.95 24.48 3.69
N THR XF 32 127.88 25.32 3.25
CA THR XF 32 127.75 26.77 3.34
C THR XF 32 127.03 27.40 2.15
N ALA XF 33 127.18 26.84 0.94
CA ALA XF 33 126.60 27.45 -0.25
C ALA XF 33 125.09 27.49 -0.18
N GLU XF 34 124.46 28.41 -0.90
CA GLU XF 34 123.04 28.72 -0.77
C GLU XF 34 122.34 28.55 -2.10
N ALA XF 35 121.22 27.85 -2.08
CA ALA XF 35 120.42 27.63 -3.29
C ALA XF 35 118.95 27.55 -2.87
N LEU XF 36 118.06 27.40 -3.86
CA LEU XF 36 116.63 27.53 -3.65
C LEU XF 36 115.96 26.20 -3.35
N SER XF 37 116.09 25.21 -4.24
CA SER XF 37 115.43 23.93 -4.07
C SER XF 37 116.28 22.94 -3.27
N ALA XF 38 117.47 22.63 -3.78
CA ALA XF 38 118.41 21.74 -3.09
C ALA XF 38 119.69 22.52 -2.84
N ALA XF 39 120.00 22.77 -1.57
CA ALA XF 39 121.10 23.67 -1.26
C ALA XF 39 122.45 22.97 -1.39
N ASN XF 40 122.68 21.96 -0.56
CA ASN XF 40 124.03 21.41 -0.40
C ASN XF 40 123.96 19.94 -0.05
N PRO XF 41 125.11 19.26 0.08
CA PRO XF 41 125.10 17.93 0.69
C PRO XF 41 124.52 17.96 2.10
N SER XF 42 123.75 16.94 2.44
CA SER XF 42 123.02 16.90 3.71
C SER XF 42 123.13 15.49 4.29
N LEU XF 43 124.04 15.32 5.24
CA LEU XF 43 124.35 14.02 5.84
C LEU XF 43 123.56 13.86 7.13
N SER XF 44 122.48 13.08 7.09
CA SER XF 44 121.72 12.79 8.29
C SER XF 44 122.33 11.60 9.01
N PHE XF 45 122.20 11.57 10.33
CA PHE XF 45 122.81 10.55 11.17
C PHE XF 45 121.81 10.17 12.26
N GLY XF 46 121.26 8.96 12.18
CA GLY XF 46 120.11 8.60 12.98
C GLY XF 46 120.27 7.45 13.97
N TYR XF 47 121.38 7.44 14.70
CA TYR XF 47 121.67 6.33 15.60
C TYR XF 47 120.61 6.20 16.69
N ARG XF 48 120.46 4.98 17.19
CA ARG XF 48 119.52 4.66 18.26
C ARG XF 48 119.90 3.30 18.85
N PHE XF 49 119.12 2.85 19.83
CA PHE XF 49 119.28 1.53 20.44
C PHE XF 49 117.94 0.81 20.38
N THR XF 50 117.92 -0.41 20.88
CA THR XF 50 116.75 -1.28 20.72
C THR XF 50 116.62 -2.13 21.99
N ASP XF 51 115.86 -3.21 21.90
CA ASP XF 51 115.62 -4.08 23.06
C ASP XF 51 116.93 -4.56 23.67
N GLY XF 52 117.83 -5.06 22.83
CA GLY XF 52 119.17 -5.41 23.27
C GLY XF 52 120.11 -4.25 23.08
N GLY XF 53 121.39 -4.57 22.94
CA GLY XF 53 122.37 -3.56 22.62
C GLY XF 53 122.44 -3.33 21.13
N THR XF 54 121.32 -3.55 20.44
CA THR XF 54 121.28 -3.51 18.99
C THR XF 54 121.43 -2.08 18.49
N ASN XF 55 122.67 -1.65 18.30
CA ASN XF 55 122.96 -0.28 17.89
C ASN XF 55 122.60 -0.11 16.42
N ARG XF 56 121.42 0.44 16.16
CA ARG XF 56 120.92 0.57 14.79
C ARG XF 56 121.25 1.95 14.24
N GLN XF 57 122.52 2.17 13.97
CA GLN XF 57 122.92 3.42 13.35
C GLN XF 57 122.41 3.48 11.92
N SER XF 58 122.31 4.70 11.39
CA SER XF 58 121.74 4.92 10.07
C SER XF 58 122.24 6.24 9.53
N LEU XF 59 122.57 6.27 8.25
CA LEU XF 59 123.11 7.44 7.59
C LEU XF 59 122.39 7.68 6.27
N SER XF 60 122.58 8.88 5.73
CA SER XF 60 122.09 9.20 4.40
C SER XF 60 122.79 10.46 3.90
N TYR XF 61 123.58 10.35 2.83
CA TYR XF 61 124.35 11.46 2.30
C TYR XF 61 123.81 11.80 0.92
N LYS XF 62 123.04 12.88 0.81
CA LYS XF 62 122.49 13.33 -0.45
C LYS XF 62 123.32 14.49 -0.97
N GLN XF 63 123.82 14.37 -2.20
CA GLN XF 63 124.55 15.45 -2.86
C GLN XF 63 123.77 15.88 -4.09
N PRO XF 64 123.20 17.09 -4.11
CA PRO XF 64 122.40 17.50 -5.25
C PRO XF 64 123.23 17.71 -6.50
N ILE XF 65 122.64 17.39 -7.64
CA ILE XF 65 123.28 17.56 -8.94
C ILE XF 65 122.90 18.95 -9.43
N THR XF 66 123.86 19.86 -9.49
CA THR XF 66 123.59 21.25 -9.78
C THR XF 66 124.51 21.77 -10.86
N ALA XF 67 123.97 22.64 -11.71
CA ALA XF 67 124.73 23.39 -12.70
C ALA XF 67 124.25 24.82 -12.68
N VAL XF 68 125.19 25.76 -12.62
CA VAL XF 68 124.85 27.18 -12.42
C VAL XF 68 124.26 27.75 -13.70
N ASP XF 69 123.13 28.43 -13.57
CA ASP XF 69 122.52 29.10 -14.71
C ASP XF 69 123.29 30.38 -15.05
N SER XF 70 123.05 30.90 -16.25
CA SER XF 70 123.62 32.16 -16.66
C SER XF 70 122.68 33.30 -16.34
N THR XF 71 123.25 34.41 -15.88
CA THR XF 71 122.57 35.67 -15.54
C THR XF 71 121.68 35.55 -14.31
N THR XF 72 121.54 34.37 -13.71
CA THR XF 72 120.72 34.19 -12.51
C THR XF 72 121.54 33.46 -11.45
N SER XF 73 121.43 33.94 -10.22
CA SER XF 73 122.17 33.36 -9.09
C SER XF 73 121.34 32.34 -8.32
N GLU XF 74 120.87 31.31 -9.03
CA GLU XF 74 120.05 30.28 -8.42
C GLU XF 74 120.59 28.87 -8.63
N THR XF 75 121.69 28.71 -9.37
CA THR XF 75 122.43 27.46 -9.53
C THR XF 75 121.52 26.24 -9.62
N LEU XF 76 120.70 26.20 -10.67
CA LEU XF 76 119.69 25.16 -10.88
C LEU XF 76 120.22 23.77 -10.53
N VAL XF 77 119.44 23.05 -9.74
CA VAL XF 77 119.77 21.69 -9.32
C VAL XF 77 118.94 20.71 -10.14
N ARG XF 78 119.53 19.56 -10.46
CA ARG XF 78 118.91 18.60 -11.35
C ARG XF 78 118.53 17.28 -10.69
N GLY XF 79 119.24 16.86 -9.68
CA GLY XF 79 118.94 15.61 -8.99
C GLY XF 79 119.66 15.54 -7.67
N GLN XF 80 119.90 14.30 -7.21
CA GLN XF 80 120.62 14.06 -5.97
C GLN XF 80 121.14 12.64 -5.90
N CYS XF 81 122.41 12.47 -5.54
CA CYS XF 81 123.05 11.15 -5.45
C CYS XF 81 122.91 10.65 -4.02
N VAL XF 82 121.78 9.99 -3.74
CA VAL XF 82 121.53 9.45 -2.41
C VAL XF 82 122.45 8.28 -2.13
N VAL XF 83 123.05 8.25 -0.94
CA VAL XF 83 123.88 7.14 -0.52
C VAL XF 83 123.56 6.78 0.93
N ASP XF 84 122.73 5.76 1.14
CA ASP XF 84 122.33 5.34 2.48
C ASP XF 84 123.33 4.33 3.02
N ILE XF 85 123.62 4.44 4.32
CA ILE XF 85 124.50 3.49 4.99
C ILE XF 85 123.89 3.09 6.33
N ASN XF 86 123.21 1.95 6.38
CA ASN XF 86 122.60 1.48 7.61
C ASN XF 86 123.48 0.43 8.27
N ILE XF 87 123.58 0.51 9.60
CA ILE XF 87 124.44 -0.35 10.38
C ILE XF 87 123.62 -0.98 11.50
N VAL XF 88 123.77 -2.29 11.68
CA VAL XF 88 123.08 -3.03 12.74
C VAL XF 88 124.11 -3.89 13.44
N ILE XF 89 124.46 -3.54 14.67
CA ILE XF 89 125.48 -4.23 15.44
C ILE XF 89 124.80 -4.89 16.64
N PRO XF 90 124.94 -6.19 16.83
CA PRO XF 90 124.17 -6.87 17.88
C PRO XF 90 124.68 -6.55 19.27
N ARG XF 91 124.00 -7.06 20.28
CA ARG XF 91 124.42 -6.84 21.66
C ARG XF 91 125.73 -7.54 21.99
N VAL XF 92 125.98 -8.71 21.41
CA VAL XF 92 127.10 -9.56 21.81
C VAL XF 92 128.37 -9.16 21.07
N ALA XF 93 128.31 -8.07 20.32
CA ALA XF 93 129.42 -7.68 19.44
C ALA XF 93 130.50 -6.98 20.25
N THR XF 94 131.61 -7.67 20.46
CA THR XF 94 132.77 -7.07 21.10
C THR XF 94 133.26 -5.88 20.27
N ALA XF 95 133.69 -4.82 20.96
CA ALA XF 95 134.08 -3.60 20.28
C ALA XF 95 135.22 -3.81 19.29
N THR XF 96 136.04 -4.84 19.49
CA THR XF 96 137.02 -5.21 18.47
C THR XF 96 136.33 -5.76 17.23
N ASP XF 97 135.28 -6.56 17.41
CA ASP XF 97 134.54 -7.08 16.26
C ASP XF 97 133.80 -5.98 15.53
N ARG XF 98 133.23 -5.02 16.27
CA ARG XF 98 132.51 -3.94 15.61
C ARG XF 98 133.45 -3.06 14.78
N ALA XF 99 134.66 -2.80 15.28
CA ALA XF 99 135.62 -2.03 14.50
C ALA XF 99 135.97 -2.73 13.20
N GLU XF 100 136.16 -4.05 13.25
CA GLU XF 100 136.43 -4.80 12.04
C GLU XF 100 135.26 -4.75 11.07
N ALA XF 101 134.03 -4.90 11.59
CA ALA XF 101 132.87 -4.96 10.72
C ALA XF 101 132.66 -3.65 9.98
N ILE XF 102 132.83 -2.52 10.67
CA ILE XF 102 132.61 -1.23 10.03
C ILE XF 102 133.72 -0.91 9.04
N LYS XF 103 134.98 -1.11 9.46
CA LYS XF 103 136.10 -0.74 8.60
C LYS XF 103 136.20 -1.65 7.38
N ARG XF 104 135.83 -2.92 7.53
CA ARG XF 104 135.81 -3.82 6.37
C ARG XF 104 134.70 -3.46 5.41
N ALA XF 105 133.54 -3.04 5.93
CA ALA XF 105 132.44 -2.66 5.05
C ALA XF 105 132.78 -1.42 4.24
N PHE XF 106 133.46 -0.45 4.86
CA PHE XF 106 133.82 0.77 4.17
C PHE XF 106 135.06 0.62 3.31
N ASP XF 107 135.68 -0.56 3.30
CA ASP XF 107 136.78 -0.84 2.38
C ASP XF 107 136.29 -1.43 1.07
N VAL XF 108 134.98 -1.53 0.87
CA VAL XF 108 134.46 -2.03 -0.40
C VAL XF 108 134.87 -1.10 -1.53
N LEU XF 109 134.84 0.21 -1.28
CA LEU XF 109 135.17 1.19 -2.31
C LEU XF 109 136.55 0.96 -2.88
N ASN XF 110 137.48 0.44 -2.08
CA ASN XF 110 138.83 0.16 -2.57
C ASN XF 110 138.98 -1.23 -3.15
N ALA XF 111 137.99 -2.10 -2.97
CA ALA XF 111 138.02 -3.45 -3.53
C ALA XF 111 137.06 -3.60 -4.70
N LEU XF 112 135.81 -3.17 -4.51
CA LEU XF 112 134.80 -3.18 -5.56
C LEU XF 112 134.72 -1.80 -6.21
N ASN XF 113 135.86 -1.34 -6.70
CA ASN XF 113 136.02 0.07 -7.05
C ASN XF 113 135.31 0.42 -8.35
N ALA XF 114 135.67 -0.26 -9.44
CA ALA XF 114 135.16 0.12 -10.75
C ALA XF 114 133.64 0.02 -10.81
N GLU XF 115 133.06 -1.01 -10.20
CA GLU XF 115 131.61 -1.18 -10.24
C GLU XF 115 130.87 -0.08 -9.50
N LEU XF 116 131.50 0.56 -8.52
CA LEU XF 116 130.85 1.60 -7.74
C LEU XF 116 131.05 2.99 -8.32
N ILE XF 117 132.28 3.31 -8.73
CA ILE XF 117 132.57 4.62 -9.30
C ILE XF 117 131.99 4.71 -10.71
N THR XF 118 132.41 3.80 -11.59
CA THR XF 118 131.98 3.85 -12.98
C THR XF 118 130.53 3.41 -13.15
N GLY XF 119 130.13 2.34 -12.46
CA GLY XF 119 128.76 1.87 -12.53
C GLY XF 119 128.53 0.82 -13.59
N GLU XF 120 129.37 -0.21 -13.60
CA GLU XF 120 129.37 -1.18 -14.67
C GLU XF 120 129.97 -2.48 -14.17
N GLY XF 121 129.74 -3.55 -14.93
CA GLY XF 121 130.55 -4.73 -14.77
C GLY XF 121 129.87 -5.97 -14.23
N GLN XF 122 130.66 -6.83 -13.58
CA GLN XF 122 130.24 -8.15 -13.10
C GLN XF 122 129.74 -9.01 -14.27
N TRP XF 123 130.69 -9.37 -15.12
CA TRP XF 123 130.41 -10.20 -16.27
C TRP XF 123 130.39 -11.66 -15.86
#